data_8PRW
#
_entry.id   8PRW
#
_cell.length_a   1.00
_cell.length_b   1.00
_cell.length_c   1.00
_cell.angle_alpha   90.00
_cell.angle_beta   90.00
_cell.angle_gamma   90.00
#
_symmetry.space_group_name_H-M   'P 1'
#
loop_
_entity.id
_entity.type
_entity.pdbx_description
1 polymer 'Fatty acid synthase subunit alpha'
2 polymer 'Fatty acid synthase subunit beta'
3 non-polymer 'NADP NICOTINAMIDE-ADENINE-DINUCLEOTIDE PHOSPHATE'
4 non-polymer 'COENZYME A'
5 non-polymer 1-DEOXY-1-(7,8-DIMETHYL-2,4-DIOXO-3,4-DIHYDRO-2H-BENZO[G]PTERIDIN-1-ID-10(5H)-YL)-5-O-PHOSPHONATO-D-RIBITOL
6 water water
#
loop_
_entity_poly.entity_id
_entity_poly.type
_entity_poly.pdbx_seq_one_letter_code
_entity_poly.pdbx_strand_id
1 'polypeptide(L)'
;MKPEVEQELAHILLTELLAYQFASPVRWIETQDVFLKDFNTERVVEIGPSPTLAGMAQRTLKNKYESYDAALSLHREILC
YSKDAKEIYYTPDPSELAAKEEPAKEEAPAPTPAASAPAPAAAAPAPVAAAAPAAAAAEIADEPVKASLLLHVLVAHKLK
KSLDSIPMSKTIKDLVGGKSTVQNEILGDLGKEFGTTPEKPEETPLEELAETFQDTFSGALGKQSSSLLSRLISSKMPGG
FTITVARKYLQTRWGLPSGRQDGVLLVALSNEPAARLGSEADAKAFLDSMAQKYASIVGVDLSSAASASGAAGAGAAAGA
AMIDAGALEEITKDHKVLARQQLQVLARYLKMDLDNGERKFLKEKDTVAELQAQLDYLNAELGEFFVNGVATSFSRKKAR
TFDSSWNWAKQSLLSLYFEIIHGVLKNVDREVVSEAINIMNRSNDALIKFMEYHISNTDETKGENYQLVKTLGEQLIENC
KQVLDVDPVYKDVAKPTGPKTAIDKNGNITYSEEPREKVRKLSQYVQEMALGGPITKESQPTIEEDLTRVYKAISAQADK
QDISSSTRVEFEKLYSDLMKFLESSKEIDPSQTTQLAGMDVEDALDKDSTKEVASLPNKSTISKTVSSTIPRETIPFLHL
RKKTPAGDWKYDRQLSSLFLDGLEKAAFNGVTFKDKYVLITGAGKGSIGAEVLQGLLQGGAKVVVTTSRFSKQVTDYYQS
IYAKYGAKGSTLIVVPFNQGSKQDVEALIEFIYDTEKNGGLGWDLDAIIPFAAIPEQGIELEHIDSKSEFAHRIMLTNIL
RMMGCVKKQKSARGIETRPAQVILPMSPNHGTFGGDGMYSESKLSLETLFNRWHSESWANQLTVCGAIIGWTRGTGLMSA
NNIIAEGIEKMGVRTFSQKEMAFNLLGLLTPEVVELCQKSPVMADLNGGLQFVPELKEFTAKLRKELVETSEVRKAVSIE
TALEHKVVNGNSADAAYAQVEIQPRANIQLDFPELKPYKQVKQIAPAELEGLLDLERVIVVTGFAEVGPWGSARTRWEME
AFGEFSLEGCVEMAWIMGFISYHNGNLKGRPYTGWVDSKTKEPVDDKDVKAKYETSILEHSGIRLIEPELFNGYNPEKKE
MIQEVIVEEDLEPFEASKETAEQFKHQHGDKVDIFEIPETGEYSVKLLKGATLYIPKALRFDRLVAGQIPTGWNAKTYGI
SDDIISQVDPITLFVLVSVVEAFIASGITDPYEMYKYVHVSEVGNCSGSGMGGVSALRGMFKDRFKDEPVQNDILQESFI
NTMSAWVNMLLISSSGPIKTPVGACATSVESVDIGVETILSGKARICIVGGYDDFQEEGSFEFGNMKATSNTLEEFEHGR
TPAEMSRPATTTRNGFMEAQGAGIQIIMQADLALKMGVPIYGIVAMAATATDKIGRSVPAPGKGILTTAREHHSSVKYAS
PNLNMKYRKRQLVTREAQIKDWVENELEALKLEAEEIPSEDQNEFLLERTREIHNEAESQLRAAQQQWGNDFYKRDPRIA
PLRGALATYGLTIDDLGVASFHGTSTKANDKNESATINEMMKHLGRSEGNPVIGVFQKFLTGHPKGAAGAWMMNGALQIL
NSGIIPGNRNADNVDKILEQFEYVLYPSKTLKTDGVRAVSITSFGFGQKGGQAIVVHPDYLYGAITEDRYNEYVAKVSAR
EKSAYKFFHNGMIYNKLFVSKEHAPYTDELEEDVYLDPLARVSKDKKSGSLTFNSKNIQSKDSYINANTIETAKMIENMT
KEKVSNGGVGVDVELITSINVENDTFIERNFTPQEIEYCSAQPSVQSSFAGTWSAKEAVFKSLGVKSLGGGAALKDIEIV
RVNKNAPAVELHGNAKKAAEEAGVTDVKVSISHDDLQAVAVAVSTKK
;
A,B,C,D,E,F
2 'polypeptide(L)'
;MDAYSTRPLTLSHGSLEHVLLVPTASFFIASQLQEQFNKILPEPTEGFAADDEPTTPAELVGKFLGYVSSLVEPSKVGQF
DQVLNLCLTEFENCYLEGNDIHALAAKLLQENDTTLVKTKELIKNYITARIMAKRPFDKKSNSALFRAVGEGNAQLVAIF
GGQGNTDDYFEELRDLYQTYHVLVGDLIKFSAETLSELIRTTLDAEKVFTQGLNILEWLENPSNTPDKDYLLSIPISCPL
IGVIQLAHYVVTAKLLGFTPGELRSYLKGATGHSQGLVTAVAIAETDSWESFFVSVRKAITVLFFIGVRCYEAYPNTSLP
PSILEDSLENNEGVPSPMLSISNLTQEQVQDYVNKTNSHLPAGKQVEISLVNGAKNLVVSGPPQSLYGLNLTLRKAKAPS
GLDQSRIPFSERKLKFSNRFLPVASPFHSHLLVPASDLINKDLVKNNVSFNAKDIQIPVYDTFDGSDLRVLSGSISERIV
DCIIRLPVKWETTTQFKATHILDFGPGGASGLGVLTHRNKDGTGVRVIVAGTLDINPDDDYGFKQEIFDVTSNGLKKNPN
WLEEYHPKLIKNKSGKIFVETKFSKLIGRPPLLVPGMTPCTVSPDFVAATTNAGYTIELAGGGYFSAAGMTAAIDSVVSQ
IEKGSTFGINLIYVNPFMLQWGIPLIKELRSKGYPIQFLTIGAGVPSLEVASEYIETLGLKYLGLKPGSIDAISQVINIA
KAHPNFPIALQWTGGRGGGHHSFEDAHTPMLQMYSKIRRHPNIMLIFGSGFGSADDTYPYLTGEWSTKFDYPPMPFDGFL
FGSRVMIAKEVKTSPDAKKCIAACTGVPDDKWEQTYKKPTGGIVTVRSEMGEPIHKIATRGVMLWKEFDETIFNLPKNKL
VPTLEAKRDYIISRLNADFQKPWFATVNGQARDLATMTYEEVAKRLVELMFIRSTNSWFDVTWRTFTGDFLRRVEERFTK
SKTLSLIQSYSLLDKPDEAIEKVFNAYPAAREQFLNAQDIDHFLSMCQNPMQKPVPFVPVLDRRFEIFFKKDSLWQSEHL
EAVVDQDVQRTCILHGPVAAQFTKVIDEPIKSIMDGIHDGHIKKLLHQYYGDDESKIPAVEYFGGESPVDVQSQVDSSSV
SEDSAVFKATSSTDEESWFKALAGSEINWRHASFLCSFITQDKMFVSNPIRKVFKPSQGMVVEISNGNTSSKTVVTLSEP
VQGELKPTVILKLLKENIIQMEMIENRTMDGKPVSLPLLYNFNPDNGFAPISEVMEDRNQRIKEMYWKLWIDEPFNLDFD
PRDVIKGKDFEITAKEVYDFTHAVGNNCEDFVSRPDRTMLAPMDFAIVVGWRAIIKAIFPNTVDGDLLKLVHLSNGYKMI
PGAKPLQVGDVVSTTAVIESVVNQPTGKIVDVVGTLSRNGKPVMEVTSSFFYRGNYTDFENTFQKTVEPVYQMHIKTSKD
IAVLRSKEWFQLDDEDFDLLNKTLTFETETEVTFKNANIFSSVKCFGPIKVELPTKETVEIGIVDYEAGASHGNPVVDFL
KRNGSTLEQKVNLENPIPIAVLDSYTPSTNEPYARVSGDLNPIHVSRHFASYANLPGTITHGMFSSASVRALIENWAADS
VSSRVRGYTCQFVDMVLPNTALKTSIQHVGMINGRKLIKFETRNEDDVVVLTGEAEIEQPVTTFVFTGQGSQEQGMGMDL
YKTSKAAQDVWNRADNHFKDTYGFSILDIVINNPVNLTIHFGGEKGKRIRENYSAMIFETIVDGKLKTEKIFKEINEHST
SYTFRSEKGLLSATQFTQPALTLMEKAAFEDLKSKGLIPADATFAGH(J8W)LGEYAALASLADVMSIESLVEVVFYRGM
TMQVAVPRDELGRSNYGMIAINPGRVAASFSQEALQYVVERVGKRTGWLVEIVNYNVENQQYVAAGDLRALDTVTNVLNF
IKLQKIDIIELQKSLSLEEVEGHLFEIIDEASKKSAVKPRPLKLERGFACIPLVGISVPFHSTYLMNGVKPFKSFLKKNI
IKENVKVARLAGKYIPNLTAKPFQVTKEYFQDVYDLTGSEPIKEIIDNWEKYEQS
;
G,J,I,H,K,L
#
loop_
_chem_comp.id
_chem_comp.type
_chem_comp.name
_chem_comp.formula
COA non-polymer 'COENZYME A' 'C21 H36 N7 O16 P3 S'
FNR non-polymer 1-DEOXY-1-(7,8-DIMETHYL-2,4-DIOXO-3,4-DIHYDRO-2H-BENZO[G]PTERIDIN-1-ID-10(5H)-YL)-5-O-PHOSPHONATO-D-RIBITOL 'C17 H23 N4 O9 P'
NAP non-polymer 'NADP NICOTINAMIDE-ADENINE-DINUCLEOTIDE PHOSPHATE' 'C21 H28 N7 O17 P3'
#
# COMPACT_ATOMS: atom_id res chain seq x y z
N MET A 1 40.26 88.65 81.39
CA MET A 1 39.64 89.02 80.08
C MET A 1 38.20 88.51 80.01
N LYS A 2 37.27 89.36 79.57
CA LYS A 2 35.82 89.04 79.50
C LYS A 2 35.58 88.04 78.37
N PRO A 3 34.57 87.14 78.47
CA PRO A 3 34.25 86.21 77.39
C PRO A 3 34.02 86.84 76.01
N GLU A 4 33.29 87.96 75.93
CA GLU A 4 32.93 88.65 74.66
C GLU A 4 34.16 89.35 74.05
N VAL A 5 35.07 89.86 74.87
CA VAL A 5 36.32 90.53 74.41
C VAL A 5 37.26 89.46 73.84
N GLU A 6 37.42 88.35 74.57
CA GLU A 6 38.22 87.16 74.14
C GLU A 6 37.69 86.68 72.79
N GLN A 7 36.36 86.60 72.65
CA GLN A 7 35.68 86.20 71.38
C GLN A 7 36.07 87.18 70.27
N GLU A 8 36.03 88.48 70.54
CA GLU A 8 36.43 89.54 69.57
C GLU A 8 37.89 89.33 69.15
N LEU A 9 38.80 89.13 70.10
CA LEU A 9 40.25 88.97 69.81
C LEU A 9 40.49 87.67 69.03
N ALA A 10 39.79 86.59 69.42
CA ALA A 10 39.83 85.27 68.75
C ALA A 10 39.37 85.41 67.30
N HIS A 11 38.34 86.21 67.05
CA HIS A 11 37.80 86.47 65.70
C HIS A 11 38.88 87.15 64.86
N ILE A 12 39.48 88.22 65.39
CA ILE A 12 40.57 89.00 64.72
C ILE A 12 41.77 88.07 64.46
N LEU A 13 42.17 87.27 65.45
CA LEU A 13 43.33 86.35 65.29
C LEU A 13 43.05 85.34 64.19
N LEU A 14 41.85 84.73 64.21
CA LEU A 14 41.45 83.66 63.26
C LEU A 14 41.40 84.24 61.83
N THR A 15 40.78 85.40 61.65
CA THR A 15 40.71 86.08 60.32
C THR A 15 42.12 86.36 59.81
N GLU A 16 43.01 86.85 60.68
CA GLU A 16 44.42 87.13 60.31
C GLU A 16 45.12 85.81 59.98
N LEU A 17 44.97 84.77 60.79
CA LEU A 17 45.64 83.46 60.56
C LEU A 17 45.28 82.92 59.17
N LEU A 18 44.00 82.97 58.83
CA LEU A 18 43.50 82.38 57.56
C LEU A 18 43.91 83.27 56.39
N ALA A 19 43.81 84.58 56.56
CA ALA A 19 44.14 85.60 55.53
C ALA A 19 45.57 85.41 55.07
N TYR A 20 46.52 85.32 56.01
CA TYR A 20 47.98 85.22 55.72
C TYR A 20 48.37 83.81 55.29
N GLN A 21 47.58 82.81 55.65
CA GLN A 21 47.89 81.38 55.37
C GLN A 21 47.99 81.20 53.85
N PHE A 22 47.09 81.87 53.13
CA PHE A 22 47.06 82.13 51.67
C PHE A 22 48.48 82.22 51.11
N ALA A 23 49.27 83.17 51.63
CA ALA A 23 50.59 83.58 51.10
C ALA A 23 51.69 83.45 52.17
N SER A 24 51.59 82.44 53.02
CA SER A 24 52.64 82.05 54.00
C SER A 24 52.92 80.56 53.86
N PRO A 25 54.13 80.08 54.19
CA PRO A 25 54.43 78.67 54.06
C PRO A 25 53.66 77.80 55.09
N VAL A 26 53.43 76.55 54.70
CA VAL A 26 52.72 75.54 55.52
C VAL A 26 53.77 74.83 56.37
N ARG A 27 53.77 75.14 57.65
CA ARG A 27 54.70 74.57 58.65
C ARG A 27 54.11 73.27 59.19
N TRP A 28 54.08 72.24 58.35
CA TRP A 28 53.48 70.94 58.70
C TRP A 28 54.49 70.04 59.43
N ILE A 29 55.78 70.36 59.35
CA ILE A 29 56.84 69.70 60.19
C ILE A 29 56.50 70.00 61.64
N GLU A 30 56.42 71.28 61.96
CA GLU A 30 56.20 71.77 63.32
C GLU A 30 54.83 71.32 63.82
N THR A 31 53.82 71.27 62.94
CA THR A 31 52.43 70.87 63.26
C THR A 31 52.46 69.40 63.73
N GLN A 32 53.02 68.52 62.92
CA GLN A 32 53.15 67.08 63.25
C GLN A 32 53.91 66.91 64.58
N ASP A 33 54.95 67.69 64.82
CA ASP A 33 55.71 67.64 66.10
C ASP A 33 54.80 68.05 67.25
N VAL A 34 53.94 69.06 67.05
CA VAL A 34 53.03 69.52 68.14
C VAL A 34 52.05 68.38 68.48
N PHE A 35 51.47 67.68 67.50
CA PHE A 35 50.36 66.74 67.83
C PHE A 35 50.91 65.33 68.09
N LEU A 36 52.08 64.97 67.55
CA LEU A 36 52.68 63.64 67.81
C LEU A 36 53.50 63.66 69.12
N LYS A 37 54.17 64.77 69.45
CA LYS A 37 55.08 64.85 70.63
C LYS A 37 54.39 65.57 71.78
N ASP A 38 53.95 66.82 71.59
CA ASP A 38 53.43 67.70 72.69
C ASP A 38 52.06 67.22 73.18
N PHE A 39 51.38 66.33 72.44
CA PHE A 39 50.03 65.79 72.78
C PHE A 39 50.02 64.25 72.84
N ASN A 40 51.07 63.57 72.35
CA ASN A 40 51.23 62.10 72.37
C ASN A 40 49.98 61.45 71.83
N THR A 41 49.56 61.93 70.67
CA THR A 41 48.32 61.51 70.01
C THR A 41 48.45 60.04 69.65
N GLU A 42 47.40 59.28 69.91
CA GLU A 42 47.36 57.81 69.72
C GLU A 42 46.58 57.48 68.46
N ARG A 43 45.60 58.31 68.11
CA ARG A 43 44.80 58.14 66.87
C ARG A 43 45.00 59.40 66.03
N VAL A 44 45.63 59.27 64.87
CA VAL A 44 45.67 60.37 63.87
C VAL A 44 44.68 59.94 62.80
N VAL A 45 43.57 60.68 62.73
CA VAL A 45 42.50 60.42 61.72
C VAL A 45 42.65 61.49 60.64
N GLU A 46 42.99 61.05 59.44
CA GLU A 46 43.13 61.95 58.28
C GLU A 46 41.78 61.98 57.57
N ILE A 47 41.17 63.16 57.54
CA ILE A 47 39.88 63.39 56.81
C ILE A 47 40.27 63.92 55.43
N GLY A 48 40.11 63.09 54.44
CA GLY A 48 40.42 63.48 53.06
C GLY A 48 40.08 62.36 52.11
N PRO A 49 40.14 62.62 50.79
CA PRO A 49 39.82 61.58 49.82
C PRO A 49 40.98 60.59 49.59
N SER A 50 42.21 60.95 49.97
CA SER A 50 43.44 60.11 49.80
C SER A 50 44.33 60.18 51.04
N PRO A 51 45.18 59.15 51.28
CA PRO A 51 46.09 59.14 52.43
C PRO A 51 47.44 59.85 52.24
N THR A 52 47.43 61.18 52.11
CA THR A 52 48.64 62.02 51.88
C THR A 52 49.23 62.37 53.25
N LEU A 53 48.43 62.97 54.14
CA LEU A 53 48.90 63.38 55.50
C LEU A 53 49.11 62.14 56.40
N ALA A 54 48.40 61.04 56.15
CA ALA A 54 48.56 59.75 56.88
C ALA A 54 49.96 59.22 56.56
N GLY A 55 50.25 59.06 55.26
CA GLY A 55 51.60 58.80 54.72
C GLY A 55 52.64 59.69 55.35
N MET A 56 52.38 60.98 55.50
CA MET A 56 53.36 61.94 56.06
C MET A 56 53.60 61.67 57.56
N ALA A 57 52.54 61.41 58.33
CA ALA A 57 52.61 61.11 59.78
C ALA A 57 53.37 59.78 60.00
N GLN A 58 53.05 58.75 59.20
CA GLN A 58 53.68 57.41 59.22
C GLN A 58 55.19 57.50 58.96
N ARG A 59 55.62 58.44 58.11
CA ARG A 59 57.05 58.68 57.79
C ARG A 59 57.69 59.56 58.85
N THR A 60 56.99 60.58 59.37
CA THR A 60 57.52 61.42 60.47
C THR A 60 57.81 60.55 61.69
N LEU A 61 56.92 59.60 62.00
CA LEU A 61 57.01 58.72 63.19
C LEU A 61 58.24 57.82 63.05
N LYS A 62 58.37 57.15 61.90
CA LYS A 62 59.49 56.23 61.56
C LYS A 62 60.83 56.98 61.58
N ASN A 63 60.84 58.29 61.29
CA ASN A 63 62.08 59.10 61.11
C ASN A 63 62.55 59.71 62.42
N LYS A 64 61.66 60.02 63.36
CA LYS A 64 62.09 60.81 64.55
C LYS A 64 61.37 60.42 65.85
N TYR A 65 60.53 59.38 65.87
CA TYR A 65 59.73 59.00 67.07
C TYR A 65 59.77 57.50 67.34
N GLU A 66 60.61 56.74 66.64
CA GLU A 66 60.63 55.25 66.74
C GLU A 66 61.09 54.86 68.15
N SER A 67 62.10 55.55 68.69
CA SER A 67 62.67 55.29 70.03
C SER A 67 61.75 55.89 71.10
N TYR A 68 61.25 57.11 70.88
CA TYR A 68 60.24 57.80 71.72
C TYR A 68 59.00 56.91 71.89
N ASP A 69 58.46 56.38 70.81
CA ASP A 69 57.22 55.56 70.85
C ASP A 69 57.48 54.24 71.57
N ALA A 70 58.67 53.64 71.39
CA ALA A 70 59.09 52.40 72.08
C ALA A 70 59.19 52.69 73.57
N ALA A 71 59.99 53.68 73.95
CA ALA A 71 60.29 54.03 75.36
C ALA A 71 59.00 54.30 76.14
N LEU A 72 58.09 55.12 75.62
CA LEU A 72 56.81 55.46 76.30
C LEU A 72 55.72 54.42 75.98
N SER A 73 56.01 53.39 75.18
CA SER A 73 55.12 52.23 74.88
C SER A 73 53.77 52.69 74.32
N LEU A 74 53.70 53.86 73.67
CA LEU A 74 52.44 54.43 73.14
C LEU A 74 52.26 53.94 71.69
N HIS A 75 51.12 53.28 71.42
CA HIS A 75 50.74 52.71 70.11
C HIS A 75 49.96 53.78 69.33
N ARG A 76 50.52 54.21 68.20
CA ARG A 76 49.92 55.18 67.25
C ARG A 76 49.07 54.39 66.26
N GLU A 77 47.82 54.80 66.05
CA GLU A 77 47.03 54.41 64.87
C GLU A 77 47.01 55.62 63.94
N ILE A 78 47.53 55.47 62.72
CA ILE A 78 47.41 56.50 61.65
C ILE A 78 46.33 56.00 60.70
N LEU A 79 45.15 56.62 60.79
CA LEU A 79 43.95 56.20 60.07
C LEU A 79 43.64 57.28 59.05
N CYS A 80 43.40 56.88 57.81
CA CYS A 80 42.85 57.76 56.76
C CYS A 80 41.38 57.38 56.58
N TYR A 81 40.48 58.36 56.63
CA TYR A 81 39.03 58.18 56.39
C TYR A 81 38.77 57.30 55.15
N SER A 82 39.56 57.45 54.09
CA SER A 82 39.33 56.83 52.76
C SER A 82 39.61 55.32 52.77
N LYS A 83 40.59 54.85 53.55
CA LYS A 83 41.01 53.42 53.62
C LYS A 83 40.53 52.74 54.91
N ASP A 84 40.54 53.44 56.04
CA ASP A 84 40.47 52.85 57.41
C ASP A 84 39.10 53.12 58.05
N ALA A 85 38.02 53.10 57.27
CA ALA A 85 36.65 53.36 57.75
C ALA A 85 36.32 52.39 58.89
N LYS A 86 36.63 51.10 58.73
CA LYS A 86 36.31 50.03 59.72
C LYS A 86 36.95 50.36 61.08
N GLU A 87 38.17 50.88 61.10
CA GLU A 87 38.89 51.22 62.35
C GLU A 87 38.31 52.51 62.95
N ILE A 88 37.83 53.44 62.11
CA ILE A 88 37.36 54.77 62.58
C ILE A 88 35.93 54.64 63.10
N TYR A 89 35.12 53.83 62.40
CA TYR A 89 33.69 53.62 62.74
C TYR A 89 33.49 52.48 63.75
N TYR A 90 34.56 51.74 64.13
CA TYR A 90 34.48 50.54 65.01
C TYR A 90 33.48 49.56 64.39
N THR A 91 33.73 49.15 63.16
CA THR A 91 32.98 48.10 62.43
C THR A 91 33.96 47.04 61.96
N PRO A 92 34.58 46.25 62.87
CA PRO A 92 35.56 45.23 62.46
C PRO A 92 34.86 44.06 61.75
N ASP A 93 35.64 43.29 60.97
CA ASP A 93 35.17 42.06 60.28
C ASP A 93 34.75 41.02 61.32
N PRO A 94 33.58 40.36 61.18
CA PRO A 94 33.21 39.23 62.05
C PRO A 94 34.22 38.06 61.98
N LEU A 328 13.77 -1.01 19.88
CA LEU A 328 13.02 -0.26 20.92
C LEU A 328 12.04 0.70 20.24
N GLU A 329 12.50 1.90 19.86
CA GLU A 329 11.71 2.93 19.12
C GLU A 329 12.28 3.13 17.70
N GLU A 330 13.40 2.49 17.38
CA GLU A 330 14.07 2.60 16.05
C GLU A 330 13.22 1.88 15.00
N ILE A 331 12.64 0.74 15.37
CA ILE A 331 11.75 -0.09 14.49
C ILE A 331 10.49 0.70 14.13
N THR A 332 9.85 1.37 15.11
CA THR A 332 8.62 2.19 14.89
C THR A 332 8.98 3.44 14.08
N LYS A 333 10.16 4.01 14.33
CA LYS A 333 10.72 5.16 13.56
C LYS A 333 10.84 4.77 12.09
N ASP A 334 11.41 3.59 11.80
CA ASP A 334 11.68 3.09 10.43
C ASP A 334 10.36 2.81 9.71
N HIS A 335 9.35 2.34 10.46
CA HIS A 335 7.99 2.08 9.93
C HIS A 335 7.31 3.41 9.61
N LYS A 336 7.47 4.43 10.45
CA LYS A 336 6.87 5.78 10.22
C LYS A 336 7.55 6.42 9.01
N VAL A 337 8.83 6.16 8.80
CA VAL A 337 9.55 6.68 7.61
C VAL A 337 8.90 6.07 6.37
N LEU A 338 8.67 4.77 6.36
CA LEU A 338 8.03 4.07 5.23
C LEU A 338 6.62 4.65 5.01
N ALA A 339 5.85 4.72 6.07
CA ALA A 339 4.47 5.26 5.97
C ALA A 339 4.48 6.68 5.42
N ARG A 340 5.40 7.50 5.89
CA ARG A 340 5.49 8.91 5.42
C ARG A 340 5.83 8.92 3.94
N GLN A 341 6.71 8.01 3.54
CA GLN A 341 7.12 7.92 2.13
C GLN A 341 5.95 7.45 1.28
N GLN A 342 5.17 6.49 1.77
CA GLN A 342 3.97 6.02 1.04
C GLN A 342 2.94 7.13 0.94
N LEU A 343 2.71 7.83 2.03
CA LEU A 343 1.80 9.02 1.98
C LEU A 343 2.32 10.03 0.94
N GLN A 344 3.61 10.31 0.91
CA GLN A 344 4.15 11.26 -0.11
C GLN A 344 3.89 10.76 -1.52
N VAL A 345 4.15 9.47 -1.77
CA VAL A 345 3.92 8.96 -3.14
C VAL A 345 2.47 9.13 -3.51
N LEU A 346 1.55 8.84 -2.57
CA LEU A 346 0.11 8.96 -2.91
C LEU A 346 -0.23 10.43 -3.12
N ALA A 347 0.30 11.32 -2.28
CA ALA A 347 0.06 12.80 -2.40
C ALA A 347 0.42 13.25 -3.79
N ARG A 348 1.57 12.79 -4.30
CA ARG A 348 2.06 13.11 -5.66
C ARG A 348 1.17 12.52 -6.75
N TYR A 349 0.76 11.25 -6.63
CA TYR A 349 -0.22 10.64 -7.58
C TYR A 349 -1.50 11.49 -7.61
N LEU A 350 -2.00 11.87 -6.43
CA LEU A 350 -3.25 12.64 -6.33
C LEU A 350 -3.10 14.12 -6.68
N LYS A 351 -1.86 14.62 -6.90
CA LYS A 351 -1.57 16.06 -7.20
C LYS A 351 -2.09 16.89 -6.03
N MET A 352 -1.86 16.39 -4.83
CA MET A 352 -2.18 17.05 -3.55
C MET A 352 -0.92 17.75 -3.09
N ASP A 353 -1.04 19.06 -2.97
CA ASP A 353 -0.03 19.90 -2.34
C ASP A 353 -0.28 19.91 -0.84
N LEU A 354 0.45 19.11 -0.10
CA LEU A 354 0.22 18.94 1.36
C LEU A 354 0.56 20.23 2.12
N ASP A 355 1.50 21.02 1.60
CA ASP A 355 2.02 22.23 2.29
C ASP A 355 1.25 23.49 1.85
N ASN A 356 0.26 23.37 0.98
CA ASN A 356 -0.50 24.51 0.40
C ASN A 356 -1.08 25.37 1.53
N GLY A 357 -1.59 24.74 2.58
CA GLY A 357 -2.26 25.45 3.69
C GLY A 357 -1.24 26.14 4.59
N GLU A 358 -0.13 25.50 4.91
CA GLU A 358 0.92 26.12 5.74
C GLU A 358 1.55 27.29 4.96
N ARG A 359 1.61 27.19 3.64
CA ARG A 359 2.15 28.24 2.75
C ARG A 359 1.21 29.45 2.73
N LYS A 360 -0.10 29.24 2.58
CA LYS A 360 -1.13 30.31 2.63
C LYS A 360 -1.10 30.95 4.01
N PHE A 361 -0.98 30.15 5.06
CA PHE A 361 -0.94 30.65 6.44
C PHE A 361 0.20 31.65 6.63
N LEU A 362 1.36 31.41 6.04
CA LEU A 362 2.57 32.20 6.33
C LEU A 362 2.52 33.52 5.55
N LYS A 363 1.94 33.51 4.36
CA LYS A 363 1.55 34.73 3.58
C LYS A 363 0.59 35.61 4.40
N GLU A 364 -0.45 35.06 5.01
CA GLU A 364 -1.45 35.83 5.80
C GLU A 364 -0.83 36.34 7.09
N LYS A 365 0.01 35.56 7.74
CA LYS A 365 0.73 35.97 8.96
C LYS A 365 1.61 37.21 8.66
N ASP A 366 2.12 37.33 7.44
CA ASP A 366 2.93 38.49 6.99
C ASP A 366 2.00 39.69 6.71
N THR A 367 0.84 39.44 6.14
CA THR A 367 -0.21 40.46 5.93
C THR A 367 -0.67 41.02 7.28
N VAL A 368 -0.82 40.17 8.29
CA VAL A 368 -1.27 40.57 9.64
C VAL A 368 -0.25 41.52 10.25
N ALA A 369 1.03 41.18 10.14
CA ALA A 369 2.14 41.92 10.76
C ALA A 369 2.27 43.28 10.05
N GLU A 370 2.04 43.33 8.75
CA GLU A 370 2.05 44.59 7.96
C GLU A 370 0.90 45.50 8.41
N LEU A 371 -0.31 44.95 8.59
CA LEU A 371 -1.49 45.73 9.03
C LEU A 371 -1.30 46.15 10.47
N GLN A 372 -0.74 45.28 11.30
CA GLN A 372 -0.56 45.58 12.72
C GLN A 372 0.48 46.70 12.87
N ALA A 373 1.42 46.79 11.97
CA ALA A 373 2.48 47.83 12.00
C ALA A 373 1.81 49.18 11.66
N GLN A 374 0.91 49.20 10.69
CA GLN A 374 0.18 50.40 10.27
C GLN A 374 -0.66 50.87 11.46
N LEU A 375 -1.34 49.98 12.16
CA LEU A 375 -2.18 50.33 13.29
C LEU A 375 -1.31 50.82 14.42
N ASP A 376 -0.22 50.15 14.68
CA ASP A 376 0.71 50.52 15.75
C ASP A 376 1.24 51.95 15.50
N TYR A 377 1.53 52.24 14.27
CA TYR A 377 2.07 53.54 13.83
C TYR A 377 1.01 54.62 14.11
N LEU A 378 -0.23 54.40 13.71
CA LEU A 378 -1.31 55.37 13.99
C LEU A 378 -1.54 55.54 15.46
N ASN A 379 -1.47 54.50 16.27
CA ASN A 379 -1.54 54.60 17.73
C ASN A 379 -0.38 55.44 18.27
N ALA A 380 0.83 55.22 17.80
CA ALA A 380 1.99 56.02 18.25
C ALA A 380 1.79 57.50 17.82
N GLU A 381 1.16 57.78 16.69
CA GLU A 381 0.96 59.17 16.25
C GLU A 381 -0.22 59.83 16.97
N LEU A 382 -1.33 59.14 17.19
CA LEU A 382 -2.56 59.78 17.75
C LEU A 382 -2.70 59.49 19.20
N GLY A 383 -2.17 58.36 19.63
CA GLY A 383 -2.34 57.95 21.01
C GLY A 383 -3.62 57.20 21.15
N GLU A 384 -3.69 56.42 22.22
CA GLU A 384 -4.78 55.48 22.51
C GLU A 384 -6.04 56.30 22.79
N PHE A 385 -5.92 57.34 23.57
CA PHE A 385 -7.10 58.11 23.99
C PHE A 385 -7.89 58.56 22.75
N PHE A 386 -7.18 59.06 21.78
CA PHE A 386 -7.74 59.60 20.54
C PHE A 386 -8.27 58.46 19.69
N VAL A 387 -7.46 57.44 19.46
CA VAL A 387 -7.85 56.32 18.58
C VAL A 387 -9.10 55.68 19.17
N ASN A 388 -9.15 55.43 20.46
CA ASN A 388 -10.34 54.83 21.09
C ASN A 388 -11.49 55.84 21.09
N GLY A 389 -11.14 57.11 21.25
CA GLY A 389 -12.06 58.22 21.40
C GLY A 389 -12.88 58.45 20.18
N VAL A 390 -12.38 58.16 18.99
CA VAL A 390 -13.12 58.50 17.75
C VAL A 390 -14.08 57.37 17.36
N ALA A 391 -14.31 56.40 18.22
CA ALA A 391 -15.28 55.31 17.96
C ALA A 391 -16.69 55.86 17.78
N THR A 392 -17.43 55.40 16.78
CA THR A 392 -18.84 55.80 16.54
C THR A 392 -19.75 55.37 17.69
N SER A 393 -20.74 56.20 17.95
CA SER A 393 -21.81 55.95 18.93
C SER A 393 -23.16 56.04 18.22
N PHE A 394 -23.26 56.89 17.22
CA PHE A 394 -24.53 57.23 16.59
C PHE A 394 -25.04 56.06 15.76
N SER A 395 -26.34 55.83 15.88
CA SER A 395 -27.12 54.96 14.99
C SER A 395 -28.55 55.48 14.99
N ARG A 396 -29.14 55.55 13.83
CA ARG A 396 -30.53 55.97 13.72
C ARG A 396 -31.45 55.14 14.58
N LYS A 397 -31.23 53.84 14.69
CA LYS A 397 -32.22 52.98 15.40
C LYS A 397 -32.23 53.26 16.88
N LYS A 398 -31.15 53.86 17.40
CA LYS A 398 -31.10 54.19 18.82
C LYS A 398 -31.82 55.48 19.15
N ALA A 399 -32.32 56.20 18.19
CA ALA A 399 -32.98 57.49 18.46
C ALA A 399 -34.25 57.23 19.25
N ARG A 400 -34.41 57.93 20.34
CA ARG A 400 -35.58 57.81 21.22
C ARG A 400 -36.37 59.05 21.09
N THR A 401 -37.64 58.92 20.80
CA THR A 401 -38.53 60.05 20.53
C THR A 401 -39.46 60.24 21.70
N PHE A 402 -39.55 61.43 22.25
CA PHE A 402 -40.48 61.81 23.34
C PHE A 402 -41.41 62.88 22.84
N ASP A 403 -42.71 62.58 22.74
CA ASP A 403 -43.74 63.50 22.23
C ASP A 403 -45.09 63.40 22.92
N SER A 404 -45.28 62.60 23.94
CA SER A 404 -46.61 62.29 24.52
C SER A 404 -46.94 63.24 25.63
N SER A 405 -46.75 64.54 25.39
CA SER A 405 -47.00 65.62 26.32
C SER A 405 -48.49 65.64 26.70
N TRP A 406 -49.36 65.22 25.79
CA TRP A 406 -50.81 65.05 26.01
C TRP A 406 -51.04 64.13 27.20
N ASN A 407 -50.19 63.13 27.41
CA ASN A 407 -50.41 62.20 28.52
C ASN A 407 -49.73 62.76 29.74
N TRP A 408 -48.51 63.27 29.58
CA TRP A 408 -47.73 63.76 30.73
C TRP A 408 -48.41 64.91 31.42
N ALA A 409 -49.15 65.75 30.71
CA ALA A 409 -49.86 66.87 31.36
C ALA A 409 -50.80 66.39 32.45
N LYS A 410 -51.55 65.33 32.16
CA LYS A 410 -52.52 64.78 33.12
C LYS A 410 -51.81 64.10 34.26
N GLN A 411 -50.74 63.42 33.98
CA GLN A 411 -49.93 62.83 35.05
C GLN A 411 -49.42 63.96 35.96
N SER A 412 -48.89 65.03 35.38
CA SER A 412 -48.32 66.14 36.16
C SER A 412 -49.40 66.77 37.03
N LEU A 413 -50.59 66.96 36.49
CA LEU A 413 -51.70 67.50 37.28
C LEU A 413 -52.01 66.61 38.44
N LEU A 414 -52.15 65.31 38.19
CA LEU A 414 -52.56 64.39 39.28
C LEU A 414 -51.47 64.32 40.33
N SER A 415 -50.22 64.37 39.96
CA SER A 415 -49.07 64.37 40.91
C SER A 415 -49.13 65.62 41.79
N LEU A 416 -49.39 66.76 41.19
CA LEU A 416 -49.46 68.03 41.93
C LEU A 416 -50.66 67.95 42.88
N TYR A 417 -51.78 67.52 42.36
CA TYR A 417 -53.03 67.33 43.12
C TYR A 417 -52.74 66.51 44.37
N PHE A 418 -52.09 65.35 44.24
CA PHE A 418 -51.90 64.47 45.41
C PHE A 418 -50.80 65.03 46.29
N GLU A 419 -49.78 65.66 45.71
CA GLU A 419 -48.71 66.29 46.53
C GLU A 419 -49.27 67.38 47.44
N ILE A 420 -50.23 68.14 46.96
CA ILE A 420 -50.90 69.16 47.82
C ILE A 420 -51.77 68.47 48.86
N ILE A 421 -52.60 67.54 48.43
CA ILE A 421 -53.49 66.81 49.39
C ILE A 421 -52.65 66.18 50.49
N HIS A 422 -51.51 65.61 50.19
CA HIS A 422 -50.65 64.94 51.19
C HIS A 422 -49.74 65.92 51.93
N GLY A 423 -49.73 67.20 51.56
CA GLY A 423 -48.92 68.23 52.25
C GLY A 423 -47.47 68.19 51.89
N VAL A 424 -47.09 67.55 50.78
CA VAL A 424 -45.68 67.48 50.30
C VAL A 424 -45.31 68.83 49.65
N LEU A 425 -46.28 69.47 49.00
CA LEU A 425 -46.21 70.85 48.44
C LEU A 425 -47.22 71.70 49.19
N LYS A 426 -46.75 72.86 49.68
CA LYS A 426 -47.55 73.84 50.47
C LYS A 426 -47.78 75.07 49.59
N ASN A 427 -48.66 75.97 50.03
CA ASN A 427 -48.97 77.23 49.33
C ASN A 427 -47.79 78.22 49.33
N VAL A 428 -46.66 77.92 49.97
CA VAL A 428 -45.44 78.79 49.98
C VAL A 428 -44.39 78.25 49.01
N ASP A 429 -44.61 77.07 48.40
CA ASP A 429 -43.57 76.38 47.58
C ASP A 429 -43.66 76.94 46.17
N ARG A 430 -42.51 77.27 45.60
CA ARG A 430 -42.37 77.73 44.20
C ARG A 430 -42.62 76.58 43.22
N GLU A 431 -42.38 75.35 43.67
CA GLU A 431 -42.65 74.14 42.86
C GLU A 431 -44.11 74.16 42.40
N VAL A 432 -45.02 74.65 43.22
CA VAL A 432 -46.44 74.79 42.84
C VAL A 432 -46.53 75.67 41.60
N VAL A 433 -45.81 76.78 41.59
CA VAL A 433 -45.93 77.75 40.49
C VAL A 433 -45.26 77.12 39.27
N SER A 434 -44.09 76.49 39.45
CA SER A 434 -43.35 75.89 38.33
C SER A 434 -44.21 74.80 37.69
N GLU A 435 -44.91 74.02 38.50
CA GLU A 435 -45.76 72.93 37.96
C GLU A 435 -46.96 73.55 37.26
N ALA A 436 -47.57 74.59 37.82
CA ALA A 436 -48.62 75.36 37.12
C ALA A 436 -48.16 75.76 35.74
N ILE A 437 -46.95 76.29 35.61
CA ILE A 437 -46.47 76.76 34.29
C ILE A 437 -46.37 75.57 33.32
N ASN A 438 -45.86 74.46 33.78
CA ASN A 438 -45.68 73.29 32.89
C ASN A 438 -47.04 72.70 32.55
N ILE A 439 -47.99 72.79 33.44
CA ILE A 439 -49.35 72.32 33.11
C ILE A 439 -50.01 73.26 32.11
N MET A 440 -49.89 74.57 32.29
CA MET A 440 -50.44 75.56 31.33
C MET A 440 -49.84 75.43 29.97
N ASN A 441 -48.57 75.08 29.92
CA ASN A 441 -47.88 74.90 28.64
C ASN A 441 -48.41 73.73 27.86
N ARG A 442 -49.15 72.85 28.49
CA ARG A 442 -49.71 71.64 27.85
C ARG A 442 -51.23 71.76 27.80
N SER A 443 -51.79 72.92 28.07
CA SER A 443 -53.25 73.16 28.09
C SER A 443 -53.86 72.71 26.76
N ASN A 444 -54.86 71.86 26.86
CA ASN A 444 -55.73 71.41 25.77
C ASN A 444 -57.05 71.02 26.42
N ASP A 445 -58.05 70.76 25.59
CA ASP A 445 -59.45 70.56 26.02
C ASP A 445 -59.55 69.35 26.95
N ALA A 446 -58.85 68.27 26.64
CA ALA A 446 -58.86 67.05 27.45
C ALA A 446 -58.28 67.36 28.83
N LEU A 447 -57.19 68.14 28.87
CA LEU A 447 -56.52 68.44 30.16
C LEU A 447 -57.48 69.23 31.02
N ILE A 448 -58.19 70.17 30.41
CA ILE A 448 -59.14 71.03 31.16
C ILE A 448 -60.30 70.19 31.71
N LYS A 449 -60.88 69.31 30.93
CA LYS A 449 -61.92 68.38 31.45
C LYS A 449 -61.37 67.53 32.59
N PHE A 450 -60.17 67.05 32.44
CA PHE A 450 -59.50 66.25 33.48
C PHE A 450 -59.42 67.05 34.78
N MET A 451 -58.93 68.28 34.68
CA MET A 451 -58.74 69.14 35.87
C MET A 451 -60.09 69.46 36.46
N GLU A 452 -61.06 69.79 35.61
CA GLU A 452 -62.41 70.13 36.08
C GLU A 452 -62.96 68.95 36.85
N TYR A 453 -62.87 67.73 36.32
CA TYR A 453 -63.42 66.58 37.07
C TYR A 453 -62.73 66.48 38.42
N HIS A 454 -61.40 66.44 38.45
CA HIS A 454 -60.62 66.17 39.70
C HIS A 454 -60.88 67.27 40.72
N ILE A 455 -60.84 68.52 40.29
CA ILE A 455 -61.00 69.68 41.22
C ILE A 455 -62.47 69.77 41.65
N SER A 456 -63.43 69.72 40.75
CA SER A 456 -64.88 69.83 41.12
C SER A 456 -65.30 68.70 42.07
N ASN A 457 -64.71 67.50 41.97
CA ASN A 457 -65.11 66.36 42.83
C ASN A 457 -64.23 66.30 44.08
N THR A 458 -63.44 67.34 44.34
CA THR A 458 -62.60 67.44 45.55
C THR A 458 -63.52 67.90 46.69
N ASP A 459 -63.51 67.20 47.80
CA ASP A 459 -64.36 67.54 48.98
C ASP A 459 -63.51 68.43 49.88
N GLU A 460 -63.67 69.75 49.77
CA GLU A 460 -62.90 70.77 50.54
C GLU A 460 -63.08 70.59 52.05
N THR A 461 -64.16 69.93 52.53
CA THR A 461 -64.44 69.74 53.98
C THR A 461 -63.56 68.63 54.60
N LYS A 462 -62.87 67.82 53.79
CA LYS A 462 -62.03 66.68 54.26
C LYS A 462 -60.78 67.19 54.96
N GLY A 463 -60.44 68.48 54.85
CA GLY A 463 -59.21 69.03 55.45
C GLY A 463 -58.77 70.30 54.77
N GLU A 464 -57.77 70.96 55.35
CA GLU A 464 -57.17 72.21 54.83
C GLU A 464 -56.50 71.92 53.48
N ASN A 465 -55.76 70.82 53.37
CA ASN A 465 -55.01 70.50 52.12
C ASN A 465 -56.02 70.35 50.99
N TYR A 466 -57.23 69.86 51.30
CA TYR A 466 -58.26 69.66 50.27
C TYR A 466 -58.78 71.01 49.81
N GLN A 467 -58.91 71.94 50.74
CA GLN A 467 -59.37 73.31 50.41
C GLN A 467 -58.28 73.96 49.57
N LEU A 468 -57.04 73.82 49.98
CA LEU A 468 -55.91 74.34 49.20
C LEU A 468 -55.95 73.79 47.77
N VAL A 469 -56.14 72.47 47.59
CA VAL A 469 -56.01 71.91 46.22
C VAL A 469 -57.17 72.41 45.41
N LYS A 470 -58.33 72.53 46.03
CA LYS A 470 -59.55 72.99 45.36
C LYS A 470 -59.39 74.43 44.85
N THR A 471 -58.86 75.33 45.68
CA THR A 471 -58.62 76.75 45.32
C THR A 471 -57.54 76.84 44.26
N LEU A 472 -56.39 76.19 44.46
CA LEU A 472 -55.31 76.18 43.44
C LEU A 472 -55.86 75.62 42.15
N GLY A 473 -56.51 74.46 42.22
CA GLY A 473 -57.03 73.79 41.03
C GLY A 473 -57.99 74.65 40.27
N GLU A 474 -58.89 75.37 40.96
CA GLU A 474 -59.84 76.29 40.27
C GLU A 474 -59.08 77.41 39.55
N GLN A 475 -58.04 77.93 40.16
CA GLN A 475 -57.21 78.98 39.50
C GLN A 475 -56.48 78.37 38.29
N LEU A 476 -55.94 77.17 38.44
CA LEU A 476 -55.15 76.53 37.35
C LEU A 476 -56.10 76.23 36.20
N ILE A 477 -57.35 75.88 36.49
CA ILE A 477 -58.34 75.68 35.42
C ILE A 477 -58.51 76.99 34.64
N GLU A 478 -58.74 78.09 35.36
CA GLU A 478 -58.93 79.43 34.72
C GLU A 478 -57.69 79.74 33.91
N ASN A 479 -56.50 79.49 34.43
CA ASN A 479 -55.27 79.76 33.63
C ASN A 479 -55.25 78.95 32.36
N CYS A 480 -55.61 77.68 32.45
CA CYS A 480 -55.47 76.75 31.32
C CYS A 480 -56.47 77.11 30.24
N LYS A 481 -57.67 77.55 30.62
CA LYS A 481 -58.66 78.07 29.62
C LYS A 481 -58.11 79.30 28.89
N GLN A 482 -57.49 80.23 29.59
CA GLN A 482 -56.92 81.45 28.96
C GLN A 482 -55.75 81.12 27.99
N VAL A 483 -54.94 80.11 28.27
CA VAL A 483 -53.74 79.82 27.44
C VAL A 483 -53.98 78.66 26.48
N LEU A 484 -55.22 78.23 26.35
CA LEU A 484 -55.60 77.11 25.46
C LEU A 484 -55.01 77.31 24.07
N ASP A 485 -55.04 78.54 23.54
CA ASP A 485 -54.63 78.83 22.14
C ASP A 485 -53.37 79.69 22.11
N VAL A 486 -52.65 79.74 23.22
CA VAL A 486 -51.44 80.58 23.40
C VAL A 486 -50.22 79.65 23.33
N ASP A 487 -49.16 80.14 22.73
CA ASP A 487 -47.88 79.42 22.60
C ASP A 487 -47.29 79.18 23.98
N PRO A 488 -46.67 78.02 24.21
CA PRO A 488 -46.12 77.74 25.52
C PRO A 488 -44.86 78.58 25.73
N VAL A 489 -44.54 78.82 26.98
CA VAL A 489 -43.43 79.71 27.37
C VAL A 489 -42.47 79.00 28.32
N TYR A 490 -41.22 79.22 28.02
CA TYR A 490 -40.12 79.13 28.98
C TYR A 490 -40.26 80.26 29.95
N LYS A 491 -40.36 79.94 31.19
CA LYS A 491 -40.61 80.90 32.29
C LYS A 491 -40.04 80.25 33.54
N ASP A 492 -38.90 80.68 34.01
CA ASP A 492 -38.24 80.09 35.20
C ASP A 492 -38.64 80.91 36.42
N VAL A 493 -39.17 80.27 37.44
CA VAL A 493 -39.58 80.94 38.69
C VAL A 493 -38.79 80.39 39.88
N ALA A 494 -37.73 79.64 39.64
CA ALA A 494 -36.86 79.11 40.73
C ALA A 494 -36.15 80.29 41.41
N LYS A 495 -35.93 80.17 42.71
CA LYS A 495 -35.19 81.16 43.54
C LYS A 495 -33.77 81.23 43.02
N PRO A 496 -33.26 82.41 42.59
CA PRO A 496 -31.84 82.54 42.27
C PRO A 496 -30.94 82.18 43.47
N THR A 497 -29.87 81.42 43.23
CA THR A 497 -28.95 80.91 44.27
C THR A 497 -27.56 81.53 44.08
N GLY A 498 -27.01 82.12 45.15
CA GLY A 498 -25.61 82.55 45.27
C GLY A 498 -24.71 81.46 45.84
N PRO A 499 -23.38 81.58 45.66
CA PRO A 499 -22.44 80.64 46.27
C PRO A 499 -22.21 81.05 47.74
N LYS A 500 -22.05 80.08 48.62
CA LYS A 500 -21.75 80.26 50.07
C LYS A 500 -20.83 79.12 50.51
N THR A 501 -19.56 79.44 50.78
CA THR A 501 -18.56 78.50 51.32
C THR A 501 -18.53 78.67 52.84
N ALA A 502 -18.50 77.55 53.57
CA ALA A 502 -18.43 77.49 55.04
C ALA A 502 -17.29 76.56 55.44
N ILE A 503 -16.46 77.01 56.38
CA ILE A 503 -15.47 76.14 57.10
C ILE A 503 -16.01 75.97 58.52
N ASP A 504 -16.33 74.73 58.91
CA ASP A 504 -16.77 74.40 60.31
C ASP A 504 -15.56 74.48 61.25
N LYS A 505 -15.82 74.34 62.56
CA LYS A 505 -14.78 74.44 63.64
C LYS A 505 -13.66 73.42 63.39
N ASN A 506 -14.01 72.21 62.92
CA ASN A 506 -13.07 71.07 62.68
C ASN A 506 -12.49 71.08 61.26
N GLY A 507 -12.60 72.21 60.53
CA GLY A 507 -11.95 72.43 59.21
C GLY A 507 -12.44 71.51 58.10
N ASN A 508 -13.75 71.27 58.02
CA ASN A 508 -14.45 70.72 56.83
C ASN A 508 -15.00 71.91 56.01
N ILE A 509 -14.82 71.87 54.69
CA ILE A 509 -15.26 72.91 53.72
C ILE A 509 -16.58 72.45 53.08
N THR A 510 -17.69 73.14 53.39
CA THR A 510 -19.04 72.92 52.78
C THR A 510 -19.33 74.01 51.74
N TYR A 511 -19.40 73.64 50.44
CA TYR A 511 -19.92 74.48 49.33
C TYR A 511 -21.44 74.26 49.18
N SER A 512 -22.25 75.30 49.43
CA SER A 512 -23.73 75.28 49.32
C SER A 512 -24.24 76.43 48.41
N GLU A 513 -25.15 76.11 47.48
CA GLU A 513 -25.98 77.09 46.72
C GLU A 513 -27.03 77.65 47.68
N GLU A 514 -26.95 78.94 48.01
CA GLU A 514 -27.78 79.65 49.02
C GLU A 514 -28.63 80.71 48.33
N PRO A 515 -29.94 80.84 48.65
CA PRO A 515 -30.77 81.94 48.13
C PRO A 515 -30.20 83.35 48.34
N ARG A 516 -29.99 84.10 47.24
CA ARG A 516 -29.53 85.50 47.25
C ARG A 516 -30.55 86.37 47.99
N GLU A 517 -30.08 87.38 48.71
CA GLU A 517 -30.93 88.26 49.56
C GLU A 517 -31.67 89.27 48.66
N LYS A 518 -30.95 89.96 47.77
CA LYS A 518 -31.45 91.09 46.96
C LYS A 518 -32.25 90.57 45.74
N VAL A 519 -31.90 89.38 45.25
CA VAL A 519 -32.36 88.80 43.95
C VAL A 519 -33.22 87.56 44.26
N ARG A 520 -34.54 87.70 44.30
CA ARG A 520 -35.45 86.56 44.61
C ARG A 520 -36.29 86.13 43.40
N LYS A 521 -36.17 86.80 42.24
CA LYS A 521 -36.84 86.42 40.98
C LYS A 521 -35.90 86.70 39.81
N LEU A 522 -36.19 86.17 38.63
CA LEU A 522 -35.34 86.41 37.44
C LEU A 522 -35.46 87.88 37.00
N SER A 523 -36.59 88.55 37.20
CA SER A 523 -36.76 89.97 36.81
C SER A 523 -35.75 90.87 37.57
N GLN A 524 -35.48 90.54 38.84
CA GLN A 524 -34.52 91.27 39.70
C GLN A 524 -33.11 90.87 39.33
N TYR A 525 -32.92 89.63 38.90
CA TYR A 525 -31.61 89.19 38.36
C TYR A 525 -31.30 90.04 37.15
N VAL A 526 -32.28 90.28 36.29
CA VAL A 526 -31.99 91.05 35.04
C VAL A 526 -31.59 92.50 35.41
N GLN A 527 -32.33 93.11 36.33
CA GLN A 527 -32.04 94.44 36.91
C GLN A 527 -30.61 94.49 37.47
N GLU A 528 -30.21 93.50 38.26
CA GLU A 528 -28.85 93.40 38.81
C GLU A 528 -27.85 93.29 37.67
N MET A 529 -28.16 92.54 36.61
CA MET A 529 -27.21 92.36 35.49
C MET A 529 -27.04 93.72 34.80
N ALA A 530 -28.15 94.44 34.59
CA ALA A 530 -28.17 95.71 33.84
C ALA A 530 -27.29 96.77 34.56
N LEU A 531 -27.33 96.81 35.89
CA LEU A 531 -26.66 97.88 36.69
C LEU A 531 -25.18 97.61 36.79
N GLY A 532 -24.74 96.39 36.50
CA GLY A 532 -23.32 96.02 36.64
C GLY A 532 -22.89 96.25 38.08
N GLY A 533 -21.61 96.54 38.27
CA GLY A 533 -21.04 96.88 39.58
C GLY A 533 -20.12 98.09 39.45
N PRO A 534 -19.57 98.58 40.58
CA PRO A 534 -18.51 99.60 40.55
C PRO A 534 -17.28 99.12 39.76
N ILE A 535 -17.00 97.82 39.75
CA ILE A 535 -15.89 97.19 38.98
C ILE A 535 -16.14 97.31 37.47
N THR A 536 -17.40 97.35 37.00
CA THR A 536 -17.74 97.41 35.54
C THR A 536 -17.95 98.87 35.11
N LYS A 537 -17.29 99.81 35.79
CA LYS A 537 -17.41 101.28 35.50
C LYS A 537 -16.11 101.70 34.81
N GLU A 538 -16.18 102.02 33.51
CA GLU A 538 -15.05 102.61 32.73
C GLU A 538 -15.10 104.14 32.85
N SER A 539 -14.06 104.83 32.34
CA SER A 539 -13.88 106.30 32.40
C SER A 539 -14.10 106.92 31.02
N GLU A 602 -44.66 93.97 42.52
CA GLU A 602 -45.17 93.13 43.65
C GLU A 602 -45.46 91.70 43.17
N ASP A 603 -45.25 90.72 44.04
CA ASP A 603 -45.42 89.27 43.74
C ASP A 603 -45.71 88.50 45.04
N ALA A 604 -46.37 87.35 44.91
CA ALA A 604 -46.77 86.46 46.03
C ALA A 604 -45.83 85.25 46.16
N LEU A 605 -44.69 85.22 45.44
CA LEU A 605 -43.68 84.11 45.52
C LEU A 605 -43.21 83.96 46.98
N ASP A 606 -43.14 82.71 47.46
CA ASP A 606 -42.68 82.30 48.81
C ASP A 606 -43.71 82.65 49.90
N LYS A 607 -44.89 83.20 49.55
CA LYS A 607 -45.96 83.52 50.53
C LYS A 607 -47.33 82.96 50.09
N ASP A 608 -47.73 83.10 48.82
CA ASP A 608 -49.04 82.59 48.31
C ASP A 608 -48.87 82.12 46.85
N SER A 609 -48.54 80.85 46.66
CA SER A 609 -48.32 80.23 45.33
C SER A 609 -49.60 80.34 44.50
N THR A 610 -50.76 80.19 45.14
CA THR A 610 -52.09 80.33 44.49
C THR A 610 -52.26 81.71 43.86
N LYS A 611 -51.86 82.77 44.56
CA LYS A 611 -51.87 84.14 44.02
C LYS A 611 -50.86 84.24 42.87
N GLU A 612 -49.66 83.69 43.04
CA GLU A 612 -48.64 83.74 41.96
C GLU A 612 -49.17 83.01 40.72
N VAL A 613 -49.92 81.92 40.93
CA VAL A 613 -50.47 81.11 39.81
C VAL A 613 -51.50 81.96 39.09
N ALA A 614 -52.37 82.67 39.82
CA ALA A 614 -53.41 83.54 39.23
C ALA A 614 -52.79 84.62 38.32
N SER A 615 -51.54 85.03 38.59
CA SER A 615 -50.83 86.09 37.82
C SER A 615 -50.23 85.55 36.51
N LEU A 616 -50.08 84.23 36.36
CA LEU A 616 -49.19 83.63 35.32
C LEU A 616 -49.66 83.93 33.91
N PRO A 617 -50.98 83.93 33.60
CA PRO A 617 -51.40 84.21 32.23
C PRO A 617 -51.27 85.70 31.84
N ASN A 618 -51.25 86.60 32.82
CA ASN A 618 -51.32 88.08 32.64
C ASN A 618 -49.99 88.58 32.09
N LYS A 619 -49.97 88.95 30.81
CA LYS A 619 -48.79 89.58 30.16
C LYS A 619 -48.60 90.96 30.80
N SER A 620 -47.67 91.05 31.75
CA SER A 620 -47.28 92.30 32.46
C SER A 620 -46.71 93.31 31.44
N THR A 621 -47.27 94.52 31.39
CA THR A 621 -46.79 95.63 30.54
C THR A 621 -45.55 96.25 31.19
N ILE A 622 -44.48 96.45 30.40
CA ILE A 622 -43.21 97.06 30.86
C ILE A 622 -43.25 98.54 30.43
N SER A 623 -43.63 99.43 31.36
CA SER A 623 -43.67 100.91 31.16
C SER A 623 -42.29 101.39 30.73
N LYS A 624 -41.31 101.30 31.63
CA LYS A 624 -39.90 101.68 31.37
C LYS A 624 -39.02 100.42 31.43
N THR A 625 -38.25 100.20 30.37
CA THR A 625 -37.41 98.99 30.20
C THR A 625 -36.21 99.08 31.14
N VAL A 626 -35.73 97.93 31.58
CA VAL A 626 -34.52 97.78 32.42
C VAL A 626 -33.33 98.47 31.73
N SER A 627 -33.29 98.53 30.38
CA SER A 627 -32.16 99.11 29.61
C SER A 627 -32.00 100.62 29.91
N SER A 628 -33.11 101.32 30.17
CA SER A 628 -33.15 102.75 30.57
C SER A 628 -32.43 102.99 31.90
N THR A 629 -32.37 101.97 32.77
CA THR A 629 -31.72 102.02 34.11
C THR A 629 -30.22 101.76 34.02
N ILE A 630 -29.67 101.39 32.85
CA ILE A 630 -28.21 101.10 32.74
C ILE A 630 -27.50 102.43 32.97
N PRO A 631 -26.69 102.59 34.04
CA PRO A 631 -26.01 103.86 34.26
C PRO A 631 -25.13 104.22 33.06
N ARG A 632 -25.00 105.52 32.77
CA ARG A 632 -23.95 106.05 31.86
C ARG A 632 -22.59 105.56 32.39
N GLU A 633 -21.69 105.14 31.51
CA GLU A 633 -20.28 104.77 31.85
C GLU A 633 -20.23 103.54 32.78
N THR A 634 -21.28 102.71 32.80
CA THR A 634 -21.29 101.38 33.44
C THR A 634 -21.60 100.33 32.35
N ILE A 635 -20.78 99.28 32.29
CA ILE A 635 -21.00 98.12 31.39
C ILE A 635 -21.82 97.11 32.17
N PRO A 636 -23.02 96.72 31.71
CA PRO A 636 -23.74 95.62 32.37
C PRO A 636 -22.92 94.33 32.47
N PHE A 637 -23.28 93.49 33.43
CA PHE A 637 -22.68 92.14 33.63
C PHE A 637 -22.97 91.24 32.42
N LEU A 638 -24.08 91.47 31.74
CA LEU A 638 -24.40 90.80 30.47
C LEU A 638 -24.59 91.89 29.43
N HIS A 639 -23.95 91.76 28.30
CA HIS A 639 -24.03 92.76 27.23
C HIS A 639 -23.67 92.16 25.89
N LEU A 640 -24.06 92.87 24.84
CA LEU A 640 -23.61 92.58 23.47
C LEU A 640 -22.48 93.54 23.09
N ARG A 641 -21.64 93.08 22.18
CA ARG A 641 -20.51 93.83 21.65
C ARG A 641 -20.71 94.08 20.17
N LYS A 642 -20.10 95.15 19.70
CA LYS A 642 -20.17 95.51 18.28
C LYS A 642 -18.74 95.61 17.79
N LYS A 643 -18.50 95.09 16.60
CA LYS A 643 -17.17 95.10 15.98
C LYS A 643 -16.92 96.54 15.48
N THR A 644 -15.84 97.17 15.90
CA THR A 644 -15.47 98.55 15.47
C THR A 644 -14.86 98.48 14.07
N PRO A 645 -14.86 99.58 13.27
CA PRO A 645 -14.14 99.60 11.98
C PRO A 645 -12.68 99.12 12.06
N ALA A 646 -12.00 99.34 13.18
CA ALA A 646 -10.64 98.84 13.51
C ALA A 646 -10.59 97.32 13.66
N GLY A 647 -11.74 96.65 13.89
CA GLY A 647 -11.87 95.19 14.03
C GLY A 647 -11.78 94.70 15.47
N ASP A 648 -12.06 95.58 16.46
CA ASP A 648 -12.13 95.23 17.90
C ASP A 648 -13.62 95.10 18.28
N TRP A 649 -13.93 94.20 19.20
CA TRP A 649 -15.31 94.02 19.71
C TRP A 649 -15.48 94.80 21.00
N LYS A 650 -16.40 95.75 21.02
CA LYS A 650 -16.60 96.66 22.16
C LYS A 650 -18.05 96.62 22.59
N TYR A 651 -18.25 96.84 23.88
CA TYR A 651 -19.58 97.06 24.47
C TYR A 651 -20.36 97.97 23.56
N ASP A 652 -21.61 97.58 23.26
CA ASP A 652 -22.56 98.41 22.51
C ASP A 652 -23.84 98.57 23.31
N ARG A 653 -24.12 99.78 23.75
CA ARG A 653 -25.26 100.09 24.64
C ARG A 653 -26.57 99.73 23.95
N GLN A 654 -26.71 100.05 22.67
CA GLN A 654 -27.98 99.81 21.94
C GLN A 654 -28.25 98.29 21.80
N LEU A 655 -27.26 97.52 21.32
CA LEU A 655 -27.42 96.06 21.19
C LEU A 655 -27.68 95.48 22.58
N SER A 656 -26.91 95.91 23.58
CA SER A 656 -27.01 95.42 24.96
C SER A 656 -28.39 95.72 25.52
N SER A 657 -29.00 96.81 25.11
CA SER A 657 -30.34 97.24 25.58
C SER A 657 -31.40 96.33 24.97
N LEU A 658 -31.20 95.96 23.71
CA LEU A 658 -32.08 94.99 23.04
C LEU A 658 -32.01 93.66 23.80
N PHE A 659 -30.82 93.17 24.09
CA PHE A 659 -30.66 91.86 24.74
C PHE A 659 -31.30 91.88 26.12
N LEU A 660 -30.97 92.88 26.92
CA LEU A 660 -31.45 92.98 28.32
C LEU A 660 -32.95 93.22 28.41
N ASP A 661 -33.53 93.96 27.49
CA ASP A 661 -35.00 94.13 27.44
C ASP A 661 -35.68 92.80 27.10
N GLY A 662 -35.06 92.02 26.22
CA GLY A 662 -35.56 90.67 25.91
C GLY A 662 -35.51 89.82 27.14
N LEU A 663 -34.41 89.90 27.89
CA LEU A 663 -34.29 89.06 29.10
C LEU A 663 -35.36 89.50 30.07
N GLU A 664 -35.59 90.80 30.19
CA GLU A 664 -36.62 91.30 31.13
C GLU A 664 -38.00 90.79 30.73
N LYS A 665 -38.35 90.89 29.45
CA LYS A 665 -39.64 90.35 28.96
C LYS A 665 -39.74 88.85 29.22
N ALA A 666 -38.68 88.09 28.93
CA ALA A 666 -38.60 86.64 29.20
C ALA A 666 -38.91 86.41 30.67
N ALA A 667 -38.32 87.18 31.56
CA ALA A 667 -38.44 86.98 33.02
C ALA A 667 -39.86 87.28 33.50
N PHE A 668 -40.59 88.17 32.85
CA PHE A 668 -41.99 88.52 33.28
C PHE A 668 -43.01 87.65 32.56
N ASN A 669 -42.84 87.50 31.26
CA ASN A 669 -43.90 86.99 30.35
C ASN A 669 -43.58 85.60 29.82
N GLY A 670 -42.32 85.18 29.95
CA GLY A 670 -41.82 83.96 29.33
C GLY A 670 -41.60 84.15 27.88
N VAL A 671 -40.86 83.23 27.28
CA VAL A 671 -40.60 83.29 25.82
C VAL A 671 -40.98 81.95 25.21
N THR A 672 -41.54 81.97 24.02
CA THR A 672 -41.90 80.75 23.31
C THR A 672 -40.78 80.38 22.36
N PHE A 673 -40.64 79.09 22.11
CA PHE A 673 -39.72 78.54 21.10
C PHE A 673 -40.49 77.63 20.18
N LYS A 674 -41.79 77.86 20.09
CA LYS A 674 -42.71 77.03 19.30
C LYS A 674 -42.13 77.00 17.90
N ASP A 675 -42.09 75.88 17.22
CA ASP A 675 -41.58 75.86 15.81
C ASP A 675 -40.07 76.19 15.68
N LYS A 676 -39.29 76.23 16.76
CA LYS A 676 -37.82 76.15 16.69
C LYS A 676 -37.41 74.69 16.72
N TYR A 677 -36.56 74.29 15.78
CA TYR A 677 -35.90 72.98 15.70
C TYR A 677 -34.43 73.19 16.07
N VAL A 678 -34.01 72.50 17.09
CA VAL A 678 -32.72 72.69 17.79
C VAL A 678 -31.98 71.39 17.89
N LEU A 679 -30.71 71.42 17.55
CA LEU A 679 -29.75 70.41 17.93
C LEU A 679 -28.94 70.94 19.09
N ILE A 680 -28.86 70.18 20.13
CA ILE A 680 -28.00 70.50 21.29
C ILE A 680 -27.12 69.33 21.63
N THR A 681 -25.83 69.60 21.72
CA THR A 681 -24.82 68.64 22.19
C THR A 681 -24.37 69.09 23.56
N GLY A 682 -23.91 68.16 24.39
CA GLY A 682 -23.34 68.48 25.70
C GLY A 682 -24.40 68.88 26.69
N ALA A 683 -25.55 68.23 26.70
CA ALA A 683 -26.65 68.57 27.62
C ALA A 683 -26.87 67.49 28.66
N GLY A 684 -25.82 66.91 29.20
CA GLY A 684 -25.97 65.90 30.25
C GLY A 684 -26.38 66.53 31.56
N LYS A 685 -26.83 65.72 32.50
CA LYS A 685 -27.12 66.14 33.90
C LYS A 685 -25.97 66.97 34.46
N GLY A 686 -26.29 68.12 35.09
CA GLY A 686 -25.35 69.08 35.69
C GLY A 686 -24.75 70.08 34.73
N SER A 687 -24.99 69.93 33.44
CA SER A 687 -24.45 70.84 32.43
C SER A 687 -25.32 72.09 32.35
N ILE A 688 -24.76 73.09 31.73
CA ILE A 688 -25.51 74.24 31.23
C ILE A 688 -26.55 73.75 30.22
N GLY A 689 -26.12 72.90 29.31
CA GLY A 689 -26.95 72.43 28.23
C GLY A 689 -28.24 71.83 28.75
N ALA A 690 -28.21 71.14 29.88
CA ALA A 690 -29.37 70.49 30.49
C ALA A 690 -30.42 71.51 30.81
N GLU A 691 -29.99 72.66 31.33
CA GLU A 691 -30.92 73.74 31.71
C GLU A 691 -31.40 74.43 30.47
N VAL A 692 -30.56 74.55 29.46
CA VAL A 692 -30.99 75.09 28.15
C VAL A 692 -32.07 74.18 27.55
N LEU A 693 -31.82 72.87 27.58
CA LEU A 693 -32.79 71.86 27.08
C LEU A 693 -34.12 72.06 27.78
N GLN A 694 -34.13 72.17 29.08
CA GLN A 694 -35.39 72.29 29.84
C GLN A 694 -36.15 73.50 29.39
N GLY A 695 -35.48 74.65 29.20
CA GLY A 695 -36.18 75.81 28.71
C GLY A 695 -36.70 75.67 27.32
N LEU A 696 -35.92 75.10 26.45
CA LEU A 696 -36.40 74.94 25.09
C LEU A 696 -37.65 74.09 25.06
N LEU A 697 -37.68 73.00 25.82
CA LEU A 697 -38.87 72.12 25.80
C LEU A 697 -40.02 72.86 26.39
N GLN A 698 -39.78 73.64 27.43
CA GLN A 698 -40.87 74.42 28.05
C GLN A 698 -41.45 75.44 27.08
N GLY A 699 -40.67 75.92 26.14
CA GLY A 699 -41.13 76.86 25.13
C GLY A 699 -41.61 76.16 23.89
N GLY A 700 -41.72 74.82 23.88
CA GLY A 700 -42.36 74.14 22.76
C GLY A 700 -41.38 73.80 21.68
N ALA A 701 -40.09 73.87 21.90
CA ALA A 701 -39.14 73.53 20.83
C ALA A 701 -39.20 72.06 20.48
N LYS A 702 -38.72 71.78 19.28
CA LYS A 702 -38.36 70.44 18.85
C LYS A 702 -36.86 70.30 18.92
N VAL A 703 -36.41 69.40 19.75
CA VAL A 703 -35.00 69.28 20.11
C VAL A 703 -34.48 67.90 19.87
N VAL A 704 -33.34 67.83 19.21
CA VAL A 704 -32.43 66.69 19.23
C VAL A 704 -31.35 66.95 20.25
N VAL A 705 -31.26 66.04 21.17
CA VAL A 705 -30.24 66.03 22.22
C VAL A 705 -29.37 64.82 22.02
N THR A 706 -28.08 65.05 22.10
CA THR A 706 -27.09 64.00 21.94
C THR A 706 -26.63 63.59 23.32
N THR A 707 -26.10 62.40 23.42
CA THR A 707 -25.45 61.96 24.65
C THR A 707 -24.31 61.07 24.23
N SER A 708 -23.20 61.21 24.92
CA SER A 708 -22.03 60.33 24.72
C SER A 708 -22.16 59.10 25.64
N ARG A 709 -23.15 59.04 26.54
CA ARG A 709 -23.32 57.97 27.56
C ARG A 709 -24.73 57.35 27.46
N PHE A 710 -25.15 57.02 26.27
CA PHE A 710 -26.49 56.45 26.03
C PHE A 710 -26.61 55.15 26.83
N SER A 711 -27.59 55.14 27.68
CA SER A 711 -27.87 54.09 28.68
C SER A 711 -29.31 54.24 29.09
N LYS A 712 -29.79 53.28 29.87
CA LYS A 712 -31.16 53.31 30.35
C LYS A 712 -31.27 54.46 31.33
N GLN A 713 -30.29 54.63 32.20
CA GLN A 713 -30.31 55.72 33.19
C GLN A 713 -30.44 57.08 32.45
N VAL A 714 -29.71 57.28 31.39
CA VAL A 714 -29.74 58.56 30.61
C VAL A 714 -31.07 58.70 29.86
N THR A 715 -31.56 57.67 29.18
CA THR A 715 -32.85 57.78 28.45
C THR A 715 -33.97 58.04 29.49
N ASP A 716 -33.92 57.44 30.65
CA ASP A 716 -34.89 57.69 31.75
C ASP A 716 -34.72 59.08 32.30
N TYR A 717 -33.52 59.60 32.38
CA TYR A 717 -33.31 61.02 32.72
C TYR A 717 -34.04 61.94 31.74
N TYR A 718 -33.82 61.74 30.46
CA TYR A 718 -34.45 62.64 29.45
C TYR A 718 -35.96 62.47 29.41
N GLN A 719 -36.44 61.25 29.63
CA GLN A 719 -37.86 60.97 29.71
C GLN A 719 -38.49 61.76 30.82
N SER A 720 -37.88 61.78 31.98
CA SER A 720 -38.39 62.51 33.13
C SER A 720 -38.33 64.01 32.84
N ILE A 721 -37.34 64.49 32.10
CA ILE A 721 -37.28 65.92 31.70
C ILE A 721 -38.44 66.21 30.76
N TYR A 722 -38.66 65.37 29.76
CA TYR A 722 -39.76 65.58 28.83
C TYR A 722 -41.10 65.57 29.53
N ALA A 723 -41.32 64.61 30.39
CA ALA A 723 -42.59 64.44 31.07
C ALA A 723 -42.87 65.62 31.97
N LYS A 724 -41.86 66.25 32.50
CA LYS A 724 -42.04 67.43 33.38
C LYS A 724 -42.14 68.71 32.55
N TYR A 725 -41.30 68.91 31.55
CA TYR A 725 -41.12 70.24 30.90
C TYR A 725 -41.59 70.31 29.45
N GLY A 726 -41.84 69.18 28.79
CA GLY A 726 -42.20 69.18 27.38
C GLY A 726 -43.56 69.75 27.19
N ALA A 727 -43.61 70.96 26.67
CA ALA A 727 -44.83 71.67 26.32
C ALA A 727 -45.50 71.03 25.13
N LYS A 728 -46.74 71.42 24.94
CA LYS A 728 -47.46 71.09 23.71
C LYS A 728 -46.68 71.53 22.49
N GLY A 729 -46.63 70.66 21.50
CA GLY A 729 -45.85 70.88 20.28
C GLY A 729 -44.39 70.55 20.46
N SER A 730 -43.91 70.33 21.67
CA SER A 730 -42.49 70.02 21.88
C SER A 730 -42.22 68.58 21.49
N THR A 731 -40.99 68.31 21.18
CA THR A 731 -40.52 66.96 20.92
C THR A 731 -39.08 66.92 21.35
N LEU A 732 -38.71 65.83 21.99
CA LEU A 732 -37.32 65.56 22.35
C LEU A 732 -36.93 64.30 21.65
N ILE A 733 -35.87 64.34 20.88
CA ILE A 733 -35.21 63.17 20.31
C ILE A 733 -33.87 63.01 20.99
N VAL A 734 -33.65 61.87 21.59
CA VAL A 734 -32.36 61.56 22.25
C VAL A 734 -31.62 60.61 21.34
N VAL A 735 -30.37 60.88 21.05
CA VAL A 735 -29.52 60.05 20.17
C VAL A 735 -28.19 59.85 20.85
N PRO A 736 -27.61 58.67 20.70
CA PRO A 736 -26.23 58.46 21.10
C PRO A 736 -25.42 59.23 20.08
N PHE A 737 -24.31 59.76 20.54
CA PHE A 737 -23.48 60.60 19.67
C PHE A 737 -22.11 60.82 20.29
N ASN A 738 -21.08 60.70 19.48
CA ASN A 738 -19.70 61.07 19.83
C ASN A 738 -19.31 62.25 18.93
N GLN A 739 -19.27 63.44 19.48
CA GLN A 739 -18.86 64.64 18.76
C GLN A 739 -17.37 64.55 18.35
N GLY A 740 -16.58 63.64 18.93
CA GLY A 740 -15.19 63.38 18.52
C GLY A 740 -15.06 62.55 17.29
N SER A 741 -16.16 62.06 16.75
CA SER A 741 -16.21 61.23 15.54
C SER A 741 -16.76 62.05 14.39
N LYS A 742 -15.98 62.15 13.33
CA LYS A 742 -16.37 62.85 12.11
C LYS A 742 -17.53 62.07 11.47
N GLN A 743 -17.52 60.75 11.59
CA GLN A 743 -18.59 59.91 11.00
C GLN A 743 -19.89 60.12 11.76
N ASP A 744 -19.82 60.22 13.08
CA ASP A 744 -21.03 60.54 13.87
C ASP A 744 -21.59 61.90 13.50
N VAL A 745 -20.73 62.89 13.36
CA VAL A 745 -21.19 64.24 13.03
C VAL A 745 -21.99 64.20 11.75
N GLU A 746 -21.41 63.64 10.70
CA GLU A 746 -22.06 63.62 9.39
C GLU A 746 -23.36 62.79 9.46
N ALA A 747 -23.30 61.63 10.13
CA ALA A 747 -24.45 60.72 10.22
C ALA A 747 -25.59 61.39 10.98
N LEU A 748 -25.27 62.07 12.07
CA LEU A 748 -26.28 62.79 12.85
C LEU A 748 -27.00 63.84 12.01
N ILE A 749 -26.25 64.65 11.33
CA ILE A 749 -26.87 65.70 10.51
C ILE A 749 -27.65 65.12 9.36
N GLU A 750 -27.17 64.08 8.73
CA GLU A 750 -27.92 63.39 7.64
C GLU A 750 -29.25 62.88 8.22
N PHE A 751 -29.22 62.30 9.40
CA PHE A 751 -30.39 61.76 10.10
C PHE A 751 -31.39 62.84 10.32
N ILE A 752 -30.94 63.99 10.77
CA ILE A 752 -31.84 65.10 11.08
C ILE A 752 -32.54 65.56 9.80
N TYR A 753 -31.80 65.62 8.72
CA TYR A 753 -32.31 66.22 7.47
C TYR A 753 -32.99 65.19 6.55
N ASP A 754 -32.70 63.94 6.69
CA ASP A 754 -33.29 62.87 5.86
C ASP A 754 -34.81 62.84 6.07
N THR A 755 -35.53 62.50 5.03
CA THR A 755 -37.00 62.36 5.04
C THR A 755 -37.33 61.22 6.00
N GLU A 756 -38.49 61.33 6.63
CA GLU A 756 -39.09 60.25 7.44
C GLU A 756 -39.12 58.93 6.65
N LYS A 757 -39.43 58.96 5.36
CA LYS A 757 -39.40 57.75 4.48
C LYS A 757 -38.03 57.11 4.54
N ASN A 758 -36.97 57.90 4.44
CA ASN A 758 -35.56 57.41 4.45
C ASN A 758 -35.10 57.10 5.89
N GLY A 759 -35.97 57.22 6.88
CA GLY A 759 -35.64 56.96 8.29
C GLY A 759 -35.03 58.16 9.04
N GLY A 760 -35.11 59.37 8.49
CA GLY A 760 -34.63 60.58 9.17
C GLY A 760 -35.74 61.28 9.92
N LEU A 761 -35.48 62.48 10.44
CA LEU A 761 -36.51 63.26 11.14
C LEU A 761 -37.26 64.13 10.15
N GLY A 762 -36.68 64.40 9.01
CA GLY A 762 -37.25 65.39 8.09
C GLY A 762 -37.28 66.79 8.68
N TRP A 763 -36.27 67.15 9.48
CA TRP A 763 -36.20 68.48 10.09
C TRP A 763 -35.29 69.38 9.30
N ASP A 764 -35.40 70.66 9.59
CA ASP A 764 -34.44 71.69 9.18
C ASP A 764 -34.13 72.50 10.45
N LEU A 765 -32.87 72.60 10.82
CA LEU A 765 -32.47 73.27 12.07
C LEU A 765 -32.56 74.78 12.01
N ASP A 766 -33.09 75.33 13.07
CA ASP A 766 -33.12 76.74 13.43
C ASP A 766 -31.95 77.11 14.33
N ALA A 767 -31.46 76.20 15.14
CA ALA A 767 -30.40 76.49 16.12
C ALA A 767 -29.57 75.27 16.34
N ILE A 768 -28.30 75.52 16.55
CA ILE A 768 -27.31 74.49 16.90
C ILE A 768 -26.58 75.01 18.11
N ILE A 769 -26.53 74.17 19.13
CA ILE A 769 -25.96 74.47 20.45
C ILE A 769 -24.94 73.41 20.78
N PRO A 770 -23.71 73.56 20.27
CA PRO A 770 -22.72 72.50 20.31
C PRO A 770 -21.85 72.59 21.56
N PHE A 771 -22.40 72.19 22.68
CA PHE A 771 -21.75 72.35 24.00
C PHE A 771 -20.99 71.15 24.48
N ALA A 772 -20.84 70.10 23.68
CA ALA A 772 -20.05 68.91 24.03
C ALA A 772 -18.64 69.35 24.37
N ALA A 773 -18.12 68.85 25.47
CA ALA A 773 -16.76 69.15 25.91
C ALA A 773 -16.25 68.03 26.80
N ILE A 774 -14.95 67.88 26.88
CA ILE A 774 -14.38 66.99 27.92
C ILE A 774 -13.41 67.81 28.73
N PRO A 775 -13.27 67.51 30.02
CA PRO A 775 -12.36 68.26 30.87
C PRO A 775 -10.92 67.82 30.61
N GLU A 776 -10.05 68.80 30.57
CA GLU A 776 -8.60 68.66 30.47
C GLU A 776 -8.12 69.37 31.73
N GLN A 777 -7.66 68.64 32.71
CA GLN A 777 -7.20 69.24 33.99
C GLN A 777 -5.78 68.75 34.21
N GLY A 778 -4.91 69.66 34.61
CA GLY A 778 -3.51 69.40 34.95
C GLY A 778 -2.68 69.15 33.71
N ILE A 779 -3.13 69.63 32.55
CA ILE A 779 -2.44 69.40 31.25
C ILE A 779 -1.87 70.73 30.85
N GLU A 780 -0.62 70.93 31.20
CA GLU A 780 0.13 72.12 30.73
C GLU A 780 0.68 71.82 29.34
N LEU A 781 1.27 72.85 28.75
CA LEU A 781 1.87 72.78 27.40
C LEU A 781 2.63 71.48 27.20
N GLU A 782 3.52 71.12 28.13
CA GLU A 782 4.42 69.98 27.89
C GLU A 782 3.67 68.65 27.95
N HIS A 783 2.47 68.63 28.49
CA HIS A 783 1.67 67.40 28.61
C HIS A 783 0.67 67.26 27.48
N ILE A 784 0.52 68.26 26.62
CA ILE A 784 -0.48 68.19 25.52
C ILE A 784 -0.19 66.94 24.73
N ASP A 785 -1.15 66.02 24.71
CA ASP A 785 -0.99 64.71 24.06
C ASP A 785 -2.33 64.25 23.48
N SER A 786 -2.59 62.96 23.52
CA SER A 786 -3.71 62.32 22.84
C SER A 786 -5.01 62.94 23.32
N LYS A 787 -5.20 62.97 24.62
CA LYS A 787 -6.45 63.46 25.17
C LYS A 787 -6.74 64.87 24.68
N SER A 788 -5.79 65.77 24.76
CA SER A 788 -5.96 67.18 24.34
C SER A 788 -6.23 67.29 22.87
N GLU A 789 -5.63 66.47 22.04
CA GLU A 789 -5.90 66.52 20.62
C GLU A 789 -7.34 66.08 20.37
N PHE A 790 -7.78 65.04 21.07
CA PHE A 790 -9.12 64.54 20.96
C PHE A 790 -10.09 65.59 21.46
N ALA A 791 -9.81 66.21 22.59
CA ALA A 791 -10.68 67.24 23.16
C ALA A 791 -10.83 68.40 22.17
N HIS A 792 -9.74 68.75 21.50
CA HIS A 792 -9.71 69.84 20.54
C HIS A 792 -10.51 69.48 19.29
N ARG A 793 -10.52 68.23 18.90
CA ARG A 793 -11.39 67.72 17.84
C ARG A 793 -12.88 67.88 18.18
N ILE A 794 -13.24 67.58 19.39
CA ILE A 794 -14.62 67.70 19.88
C ILE A 794 -15.03 69.18 19.90
N MET A 795 -14.19 69.98 20.48
CA MET A 795 -14.52 71.34 20.89
C MET A 795 -14.21 72.36 19.83
N LEU A 796 -13.51 72.00 18.78
CA LEU A 796 -13.30 72.91 17.66
C LEU A 796 -13.58 72.22 16.35
N THR A 797 -12.72 71.35 15.94
CA THR A 797 -12.73 70.82 14.58
C THR A 797 -14.12 70.29 14.21
N ASN A 798 -14.70 69.48 15.08
CA ASN A 798 -15.96 68.81 14.73
C ASN A 798 -17.14 69.76 14.91
N ILE A 799 -16.99 70.87 15.59
CA ILE A 799 -17.98 71.94 15.55
C ILE A 799 -17.99 72.57 14.17
N LEU A 800 -16.81 72.87 13.64
CA LEU A 800 -16.74 73.38 12.26
C LEU A 800 -17.32 72.35 11.30
N ARG A 801 -17.03 71.08 11.48
CA ARG A 801 -17.57 70.05 10.59
C ARG A 801 -19.09 69.95 10.73
N MET A 802 -19.61 70.06 11.92
CA MET A 802 -21.07 70.01 12.16
C MET A 802 -21.73 71.17 11.45
N MET A 803 -21.15 72.35 11.55
CA MET A 803 -21.69 73.55 10.90
C MET A 803 -21.64 73.34 9.42
N GLY A 804 -20.50 72.86 8.94
CA GLY A 804 -20.34 72.54 7.54
C GLY A 804 -21.38 71.58 7.02
N CYS A 805 -21.66 70.51 7.76
CA CYS A 805 -22.68 69.53 7.40
C CYS A 805 -24.06 70.16 7.30
N VAL A 806 -24.41 71.01 8.24
CA VAL A 806 -25.71 71.70 8.19
C VAL A 806 -25.75 72.61 6.99
N LYS A 807 -24.70 73.37 6.77
CA LYS A 807 -24.60 74.17 5.56
C LYS A 807 -24.79 73.25 4.34
N LYS A 808 -24.10 72.15 4.21
CA LYS A 808 -24.25 71.31 3.00
C LYS A 808 -25.69 70.78 2.84
N GLN A 809 -26.36 70.42 3.94
CA GLN A 809 -27.72 69.89 3.87
C GLN A 809 -28.68 70.96 3.44
N LYS A 810 -28.54 72.15 3.99
CA LYS A 810 -29.44 73.23 3.65
C LYS A 810 -29.21 73.59 2.18
N SER A 811 -27.97 73.75 1.76
CA SER A 811 -27.64 74.17 0.37
C SER A 811 -28.11 73.11 -0.64
N ALA A 812 -28.02 71.83 -0.32
CA ALA A 812 -28.42 70.72 -1.22
C ALA A 812 -29.92 70.79 -1.48
N ARG A 813 -30.69 71.37 -0.55
CA ARG A 813 -32.15 71.47 -0.56
C ARG A 813 -32.61 72.87 -0.92
N GLY A 814 -31.67 73.76 -1.25
CA GLY A 814 -31.96 75.13 -1.68
C GLY A 814 -32.52 76.00 -0.57
N ILE A 815 -32.22 75.69 0.67
CA ILE A 815 -32.76 76.46 1.82
C ILE A 815 -31.83 77.65 2.05
N GLU A 816 -32.22 78.84 1.60
CA GLU A 816 -31.42 80.07 1.73
C GLU A 816 -32.07 81.05 2.70
N THR A 817 -33.24 80.75 3.25
CA THR A 817 -34.03 81.71 4.03
C THR A 817 -34.40 81.13 5.39
N ARG A 818 -33.69 80.11 5.85
CA ARG A 818 -33.94 79.57 7.19
C ARG A 818 -32.59 79.22 7.81
N PRO A 819 -31.78 80.21 8.14
CA PRO A 819 -30.47 79.92 8.71
C PRO A 819 -30.57 79.32 10.12
N ALA A 820 -29.63 78.46 10.43
CA ALA A 820 -29.49 77.89 11.76
C ALA A 820 -28.58 78.82 12.56
N GLN A 821 -29.06 79.31 13.67
CA GLN A 821 -28.25 80.07 14.63
C GLN A 821 -27.33 79.13 15.39
N VAL A 822 -26.05 79.37 15.31
CA VAL A 822 -25.04 78.57 16.03
C VAL A 822 -24.68 79.33 17.27
N ILE A 823 -25.04 78.79 18.41
CA ILE A 823 -24.68 79.40 19.70
C ILE A 823 -23.34 78.84 20.12
N LEU A 824 -22.29 79.59 19.94
CA LEU A 824 -20.94 79.07 20.13
C LEU A 824 -20.55 79.29 21.57
N PRO A 825 -20.08 78.26 22.27
CA PRO A 825 -19.70 78.39 23.65
C PRO A 825 -18.28 78.94 23.75
N MET A 826 -18.19 80.24 23.72
CA MET A 826 -16.91 80.96 23.80
C MET A 826 -16.58 81.17 25.26
N SER A 827 -15.36 81.56 25.50
CA SER A 827 -14.81 81.59 26.88
C SER A 827 -14.04 82.88 27.00
N PRO A 828 -14.02 83.50 28.19
CA PRO A 828 -13.03 84.55 28.50
C PRO A 828 -11.65 83.94 28.81
N ASN A 829 -11.58 82.61 28.96
CA ASN A 829 -10.35 81.83 29.33
C ASN A 829 -9.55 81.55 28.07
N HIS A 830 -8.63 82.44 27.71
CA HIS A 830 -7.69 82.13 26.60
C HIS A 830 -6.30 81.93 27.19
N GLY A 831 -6.12 80.89 27.98
CA GLY A 831 -4.80 80.52 28.52
C GLY A 831 -4.49 81.23 29.83
N THR A 832 -5.50 81.78 30.47
CA THR A 832 -5.39 82.57 31.73
C THR A 832 -5.22 81.63 32.95
N PHE A 833 -5.93 80.52 33.01
CA PHE A 833 -5.84 79.57 34.15
C PHE A 833 -4.68 78.60 34.01
N GLY A 834 -4.43 78.15 32.79
CA GLY A 834 -3.39 77.15 32.52
C GLY A 834 -3.82 75.77 32.93
N GLY A 835 -3.09 74.78 32.47
CA GLY A 835 -3.34 73.41 32.88
C GLY A 835 -4.59 72.83 32.26
N ASP A 836 -5.14 73.44 31.20
CA ASP A 836 -6.38 72.90 30.61
C ASP A 836 -6.17 72.40 29.19
N GLY A 837 -4.96 71.90 28.91
CA GLY A 837 -4.71 71.22 27.65
C GLY A 837 -4.83 72.15 26.46
N MET A 838 -5.69 71.84 25.50
CA MET A 838 -5.94 72.70 24.34
C MET A 838 -7.27 73.41 24.49
N TYR A 839 -7.83 73.45 25.69
CA TYR A 839 -9.12 74.12 25.92
C TYR A 839 -9.12 75.52 25.34
N SER A 840 -8.17 76.30 25.75
CA SER A 840 -8.07 77.74 25.36
C SER A 840 -7.93 77.87 23.87
N GLU A 841 -7.18 76.99 23.23
CA GLU A 841 -7.01 77.02 21.79
C GLU A 841 -8.34 76.71 21.11
N SER A 842 -9.08 75.74 21.59
CA SER A 842 -10.41 75.40 21.07
C SER A 842 -11.31 76.62 21.18
N LYS A 843 -11.32 77.26 22.32
CA LYS A 843 -12.29 78.34 22.54
C LYS A 843 -11.90 79.56 21.74
N LEU A 844 -10.64 79.93 21.75
CA LEU A 844 -10.22 81.12 21.00
C LEU A 844 -10.43 80.90 19.49
N SER A 845 -10.16 79.73 18.95
CA SER A 845 -10.30 79.42 17.51
C SER A 845 -11.73 79.62 17.02
N LEU A 846 -12.74 79.40 17.87
CA LEU A 846 -14.15 79.63 17.49
C LEU A 846 -14.41 81.07 17.09
N GLU A 847 -13.61 81.98 17.60
CA GLU A 847 -13.75 83.43 17.28
C GLU A 847 -13.46 83.73 15.82
N THR A 848 -12.83 82.86 15.08
CA THR A 848 -12.66 83.09 13.64
C THR A 848 -14.02 83.13 12.96
N LEU A 849 -15.00 82.43 13.50
CA LEU A 849 -16.31 82.30 12.82
C LEU A 849 -16.97 83.66 12.63
N PHE A 850 -16.71 84.59 13.51
CA PHE A 850 -17.25 85.96 13.39
C PHE A 850 -16.80 86.59 12.08
N ASN A 851 -15.56 86.37 11.67
CA ASN A 851 -15.07 86.91 10.38
C ASN A 851 -15.44 85.97 9.23
N ARG A 852 -15.41 84.68 9.45
CA ARG A 852 -15.66 83.75 8.33
C ARG A 852 -17.09 83.88 7.82
N TRP A 853 -18.01 84.28 8.68
CA TRP A 853 -19.42 84.49 8.30
C TRP A 853 -19.52 85.47 7.14
N HIS A 854 -18.70 86.52 7.14
CA HIS A 854 -18.63 87.56 6.08
C HIS A 854 -17.82 87.10 4.88
N SER A 855 -16.78 86.30 5.07
CA SER A 855 -15.75 86.05 4.03
C SER A 855 -16.08 84.83 3.19
N GLU A 856 -16.95 83.93 3.65
CA GLU A 856 -17.22 82.67 2.94
C GLU A 856 -18.65 82.72 2.41
N SER A 857 -19.22 81.59 2.06
CA SER A 857 -20.49 81.52 1.30
C SER A 857 -21.55 80.78 2.12
N TRP A 858 -21.48 80.81 3.46
CA TRP A 858 -22.43 80.04 4.30
C TRP A 858 -23.33 80.93 5.14
N ALA A 859 -23.24 82.21 5.01
CA ALA A 859 -23.97 83.15 5.84
C ALA A 859 -25.48 82.97 5.73
N ASN A 860 -26.01 82.49 4.62
CA ASN A 860 -27.47 82.39 4.51
C ASN A 860 -27.94 81.11 5.21
N GLN A 861 -27.03 80.15 5.42
CA GLN A 861 -27.39 78.88 6.06
C GLN A 861 -27.13 78.90 7.57
N LEU A 862 -26.19 79.70 8.03
CA LEU A 862 -25.82 79.65 9.43
C LEU A 862 -25.62 81.07 9.89
N THR A 863 -26.04 81.37 11.09
CA THR A 863 -25.70 82.63 11.75
C THR A 863 -24.85 82.31 12.93
N VAL A 864 -24.08 83.28 13.34
CA VAL A 864 -23.06 83.08 14.39
C VAL A 864 -23.50 83.86 15.59
N CYS A 865 -23.66 83.18 16.70
CA CYS A 865 -23.94 83.83 17.99
C CYS A 865 -22.92 83.34 19.00
N GLY A 866 -21.96 84.20 19.26
CA GLY A 866 -20.85 83.87 20.14
C GLY A 866 -21.29 84.21 21.53
N ALA A 867 -21.50 83.22 22.38
CA ALA A 867 -21.78 83.46 23.78
C ALA A 867 -20.47 83.31 24.53
N ILE A 868 -19.99 84.39 25.12
CA ILE A 868 -18.82 84.36 26.03
C ILE A 868 -19.34 84.00 27.40
N ILE A 869 -19.21 82.75 27.78
CA ILE A 869 -19.92 82.20 28.94
C ILE A 869 -19.08 82.46 30.17
N GLY A 870 -19.71 83.04 31.18
CA GLY A 870 -19.03 83.40 32.41
C GLY A 870 -18.86 82.22 33.32
N TRP A 871 -18.45 82.49 34.54
CA TRP A 871 -18.16 81.51 35.60
C TRP A 871 -19.48 80.86 36.01
N THR A 872 -19.72 79.67 35.48
CA THR A 872 -20.97 78.93 35.75
C THR A 872 -20.66 77.74 36.66
N ARG A 873 -21.09 77.84 37.90
CA ARG A 873 -20.91 76.81 38.96
C ARG A 873 -21.60 75.46 38.60
N GLY A 874 -21.00 74.31 38.95
CA GLY A 874 -21.70 73.01 39.00
C GLY A 874 -21.49 72.13 37.76
N THR A 875 -20.74 72.56 36.75
CA THR A 875 -20.69 71.85 35.45
C THR A 875 -19.50 70.88 35.43
N GLY A 876 -19.49 69.99 34.45
CA GLY A 876 -18.40 69.03 34.21
C GLY A 876 -17.05 69.73 34.14
N LEU A 877 -17.01 70.92 33.56
CA LEU A 877 -15.75 71.68 33.31
C LEU A 877 -15.36 72.51 34.53
N MET A 878 -16.31 73.01 35.32
CA MET A 878 -16.07 74.04 36.35
C MET A 878 -16.39 73.61 37.79
N SER A 879 -16.96 72.42 38.05
CA SER A 879 -17.34 71.99 39.44
C SER A 879 -16.10 72.03 40.36
N ALA A 880 -14.92 71.68 39.84
CA ALA A 880 -13.61 71.75 40.56
C ALA A 880 -13.29 73.17 41.08
N ASN A 881 -14.02 74.23 40.67
CA ASN A 881 -13.73 75.63 41.06
C ASN A 881 -14.83 76.26 41.92
N ASN A 882 -15.78 75.50 42.48
CA ASN A 882 -16.97 76.05 43.19
C ASN A 882 -16.66 76.71 44.53
N ILE A 883 -15.61 76.30 45.24
CA ILE A 883 -15.37 76.66 46.68
C ILE A 883 -15.04 78.16 46.85
N ILE A 884 -14.44 78.79 45.83
CA ILE A 884 -13.92 80.19 45.88
C ILE A 884 -14.95 81.23 45.40
N ALA A 885 -16.09 80.80 44.83
CA ALA A 885 -17.01 81.68 44.10
C ALA A 885 -17.55 82.77 45.01
N GLU A 886 -17.75 82.51 46.30
CA GLU A 886 -18.25 83.57 47.22
C GLU A 886 -17.22 84.71 47.26
N GLY A 887 -15.93 84.35 47.21
CA GLY A 887 -14.79 85.28 47.30
C GLY A 887 -14.71 86.17 46.07
N ILE A 888 -14.74 85.54 44.90
CA ILE A 888 -14.84 86.23 43.57
C ILE A 888 -15.99 87.25 43.63
N GLU A 889 -17.14 86.89 44.14
CA GLU A 889 -18.30 87.82 44.15
C GLU A 889 -18.05 89.02 45.08
N LYS A 890 -17.22 88.89 46.13
CA LYS A 890 -16.84 90.02 47.05
C LYS A 890 -16.16 91.17 46.26
N MET A 891 -15.49 90.88 45.14
CA MET A 891 -14.98 91.88 44.15
C MET A 891 -16.09 92.64 43.40
N GLY A 892 -17.39 92.39 43.67
CA GLY A 892 -18.50 93.05 42.96
C GLY A 892 -18.67 92.51 41.54
N VAL A 893 -18.33 91.23 41.37
CA VAL A 893 -18.36 90.44 40.11
C VAL A 893 -19.46 89.37 40.27
N ARG A 894 -19.86 88.70 39.17
CA ARG A 894 -20.98 87.73 39.19
C ARG A 894 -20.50 86.36 38.70
N THR A 895 -20.79 85.34 39.49
CA THR A 895 -20.78 83.92 39.06
C THR A 895 -22.23 83.54 38.84
N PHE A 896 -22.43 82.51 38.05
CA PHE A 896 -23.80 82.10 37.61
C PHE A 896 -24.07 80.66 38.04
N SER A 897 -25.27 80.43 38.46
CA SER A 897 -25.89 79.08 38.44
C SER A 897 -26.10 78.61 36.99
N GLN A 898 -26.29 77.30 36.80
CA GLN A 898 -26.56 76.75 35.46
C GLN A 898 -27.91 77.30 34.99
N LYS A 899 -28.84 77.48 35.89
CA LYS A 899 -30.17 78.01 35.57
C LYS A 899 -30.06 79.41 35.00
N GLU A 900 -29.33 80.28 35.67
CA GLU A 900 -29.10 81.66 35.20
C GLU A 900 -28.38 81.66 33.89
N MET A 901 -27.32 80.90 33.75
CA MET A 901 -26.58 80.90 32.51
C MET A 901 -27.49 80.42 31.40
N ALA A 902 -28.28 79.38 31.66
CA ALA A 902 -29.22 78.84 30.66
C ALA A 902 -30.18 79.95 30.27
N PHE A 903 -30.69 80.66 31.24
CA PHE A 903 -31.60 81.81 30.98
C PHE A 903 -30.93 82.87 30.11
N ASN A 904 -29.66 83.15 30.39
CA ASN A 904 -28.87 84.09 29.57
C ASN A 904 -28.76 83.59 28.14
N LEU A 905 -28.50 82.31 27.95
CA LEU A 905 -28.27 81.77 26.62
C LEU A 905 -29.60 81.68 25.89
N LEU A 906 -30.67 81.34 26.59
CA LEU A 906 -32.02 81.29 25.99
C LEU A 906 -32.46 82.66 25.49
N GLY A 907 -31.88 83.70 26.06
CA GLY A 907 -32.06 85.08 25.61
C GLY A 907 -31.54 85.32 24.26
N LEU A 908 -30.58 84.52 23.81
CA LEU A 908 -30.00 84.60 22.46
C LEU A 908 -30.89 84.00 21.42
N LEU A 909 -31.94 83.28 21.81
CA LEU A 909 -32.82 82.55 20.89
C LEU A 909 -34.16 83.26 20.80
N THR A 910 -34.30 84.40 21.47
CA THR A 910 -35.48 85.29 21.37
C THR A 910 -35.55 85.85 19.96
N PRO A 911 -36.74 86.22 19.46
CA PRO A 911 -36.89 86.68 18.09
C PRO A 911 -36.00 87.88 17.74
N GLU A 912 -35.77 88.78 18.69
CA GLU A 912 -34.98 90.01 18.46
C GLU A 912 -33.49 89.65 18.28
N VAL A 913 -32.94 88.72 19.05
CA VAL A 913 -31.50 88.36 18.90
C VAL A 913 -31.35 87.52 17.65
N VAL A 914 -32.33 86.66 17.39
CA VAL A 914 -32.32 85.82 16.18
C VAL A 914 -32.22 86.75 14.96
N GLU A 915 -33.00 87.81 14.91
CA GLU A 915 -32.94 88.76 13.79
C GLU A 915 -31.60 89.50 13.76
N LEU A 916 -31.09 89.85 14.91
CA LEU A 916 -29.77 90.52 14.97
C LEU A 916 -28.67 89.64 14.36
N CYS A 917 -28.64 88.32 14.66
CA CYS A 917 -27.57 87.42 14.16
C CYS A 917 -27.72 87.23 12.66
N GLN A 918 -28.94 87.40 12.14
CA GLN A 918 -29.18 87.33 10.69
C GLN A 918 -28.62 88.56 9.99
N LYS A 919 -28.39 89.65 10.70
CA LYS A 919 -27.78 90.86 10.09
C LYS A 919 -26.27 90.75 10.13
N SER A 920 -25.74 90.32 11.27
CA SER A 920 -24.29 90.08 11.40
C SER A 920 -24.03 89.29 12.66
N PRO A 921 -22.85 88.67 12.78
CA PRO A 921 -22.55 87.88 13.95
C PRO A 921 -22.78 88.66 15.21
N VAL A 922 -23.32 87.96 16.18
CA VAL A 922 -23.57 88.49 17.53
C VAL A 922 -22.50 87.97 18.48
N MET A 923 -21.95 88.89 19.27
CA MET A 923 -21.06 88.58 20.37
C MET A 923 -21.73 88.98 21.67
N ALA A 924 -22.07 87.99 22.48
CA ALA A 924 -22.76 88.20 23.76
C ALA A 924 -21.75 87.91 24.85
N ASP A 925 -21.52 88.87 25.70
CA ASP A 925 -20.66 88.75 26.89
C ASP A 925 -21.56 88.38 28.02
N LEU A 926 -21.44 87.14 28.50
CA LEU A 926 -22.25 86.67 29.61
C LEU A 926 -21.28 86.38 30.76
N ASN A 927 -20.31 87.27 30.95
CA ASN A 927 -19.13 87.01 31.81
C ASN A 927 -19.24 87.65 33.18
N GLY A 928 -20.32 88.34 33.51
CA GLY A 928 -20.55 88.77 34.90
C GLY A 928 -19.42 89.67 35.41
N GLY A 929 -18.84 90.47 34.54
CA GLY A 929 -17.82 91.49 34.88
C GLY A 929 -16.50 90.87 35.23
N LEU A 930 -16.33 89.57 35.02
CA LEU A 930 -15.15 88.81 35.50
C LEU A 930 -13.89 89.40 34.89
N GLN A 931 -13.99 89.99 33.71
CA GLN A 931 -12.83 90.45 32.88
C GLN A 931 -12.13 91.64 33.57
N PHE A 932 -12.88 92.43 34.35
CA PHE A 932 -12.41 93.61 35.13
C PHE A 932 -11.61 93.21 36.38
N VAL A 933 -11.62 91.94 36.81
CA VAL A 933 -10.75 91.46 37.92
C VAL A 933 -9.35 91.24 37.33
N PRO A 934 -8.36 92.07 37.74
CA PRO A 934 -7.02 91.97 37.20
C PRO A 934 -6.35 90.73 37.79
N GLU A 935 -5.48 90.06 37.01
CA GLU A 935 -4.62 88.95 37.49
C GLU A 935 -5.51 87.90 38.16
N LEU A 936 -6.45 87.37 37.39
CA LEU A 936 -7.58 86.55 37.88
C LEU A 936 -7.04 85.23 38.43
N LYS A 937 -6.17 84.58 37.68
CA LYS A 937 -5.63 83.29 38.09
C LYS A 937 -5.00 83.40 39.50
N GLU A 938 -4.09 84.36 39.70
CA GLU A 938 -3.44 84.59 41.01
C GLU A 938 -4.51 84.89 42.06
N PHE A 939 -5.52 85.68 41.71
CA PHE A 939 -6.61 86.05 42.62
C PHE A 939 -7.34 84.77 43.07
N THR A 940 -7.59 83.83 42.16
CA THR A 940 -8.33 82.57 42.45
C THR A 940 -7.43 81.64 43.26
N ALA A 941 -6.14 81.53 42.91
CA ALA A 941 -5.16 80.70 43.68
C ALA A 941 -4.99 81.24 45.12
N LYS A 942 -5.03 82.55 45.33
CA LYS A 942 -4.95 83.16 46.68
C LYS A 942 -6.22 82.81 47.47
N LEU A 943 -7.42 82.96 46.88
CA LEU A 943 -8.71 82.64 47.57
C LEU A 943 -8.73 81.16 47.98
N ARG A 944 -8.16 80.30 47.12
CA ARG A 944 -8.11 78.83 47.32
C ARG A 944 -7.20 78.51 48.52
N LYS A 945 -6.00 79.11 48.57
CA LYS A 945 -4.99 78.88 49.64
C LYS A 945 -5.57 79.40 50.96
N GLU A 946 -6.01 80.66 51.01
CA GLU A 946 -6.68 81.26 52.19
C GLU A 946 -7.75 80.33 52.75
N LEU A 947 -8.38 79.48 51.91
CA LEU A 947 -9.49 78.58 52.32
C LEU A 947 -8.94 77.23 52.75
N VAL A 948 -8.10 76.60 51.92
CA VAL A 948 -7.45 75.28 52.19
C VAL A 948 -6.54 75.39 53.43
N GLU A 949 -5.77 76.47 53.55
CA GLU A 949 -4.88 76.73 54.71
C GLU A 949 -5.74 76.80 55.99
N THR A 950 -6.84 77.55 55.95
CA THR A 950 -7.77 77.73 57.10
C THR A 950 -8.41 76.39 57.49
N SER A 951 -8.77 75.58 56.51
CA SER A 951 -9.33 74.21 56.66
C SER A 951 -8.32 73.29 57.36
N GLU A 952 -7.11 73.18 56.79
CA GLU A 952 -6.04 72.26 57.25
C GLU A 952 -5.51 72.68 58.64
N VAL A 953 -5.40 73.99 58.90
CA VAL A 953 -4.97 74.52 60.21
C VAL A 953 -6.01 74.17 61.25
N ARG A 954 -7.29 74.45 60.99
CA ARG A 954 -8.41 74.15 61.93
C ARG A 954 -8.49 72.65 62.20
N LYS A 955 -8.24 71.81 61.20
CA LYS A 955 -8.26 70.33 61.35
C LYS A 955 -7.17 69.91 62.34
N ALA A 956 -5.93 70.34 62.07
CA ALA A 956 -4.70 70.04 62.83
C ALA A 956 -4.82 70.58 64.27
N VAL A 957 -5.21 71.84 64.46
CA VAL A 957 -5.35 72.50 65.79
C VAL A 957 -6.47 71.82 66.61
N SER A 958 -7.54 71.36 65.97
CA SER A 958 -8.69 70.71 66.67
C SER A 958 -8.27 69.29 67.06
N ILE A 959 -7.54 68.58 66.19
CA ILE A 959 -7.06 67.20 66.46
C ILE A 959 -6.09 67.22 67.65
N GLU A 960 -5.20 68.21 67.72
CA GLU A 960 -4.16 68.32 68.77
C GLU A 960 -4.81 68.76 70.09
N THR A 961 -5.79 69.66 70.05
CA THR A 961 -6.54 70.12 71.26
C THR A 961 -7.33 68.94 71.85
N ALA A 962 -7.84 68.04 71.01
CA ALA A 962 -8.56 66.83 71.44
C ALA A 962 -7.58 65.85 72.10
N LEU A 963 -6.40 65.66 71.49
CA LEU A 963 -5.35 64.74 72.00
C LEU A 963 -4.79 65.28 73.33
N GLU A 964 -4.56 66.59 73.45
CA GLU A 964 -4.12 67.23 74.71
C GLU A 964 -5.18 66.95 75.79
N HIS A 965 -6.45 67.26 75.53
CA HIS A 965 -7.57 67.03 76.48
C HIS A 965 -7.62 65.55 76.90
N LYS A 966 -7.48 64.64 75.94
CA LYS A 966 -7.44 63.17 76.15
C LYS A 966 -6.32 62.82 77.15
N VAL A 967 -5.13 63.39 76.99
CA VAL A 967 -3.91 63.08 77.81
C VAL A 967 -4.13 63.61 79.23
N VAL A 968 -4.60 64.84 79.37
CA VAL A 968 -4.80 65.53 80.68
C VAL A 968 -6.00 64.92 81.44
N ASN A 969 -7.02 64.41 80.76
CA ASN A 969 -8.31 64.04 81.42
C ASN A 969 -8.57 62.52 81.31
N GLY A 970 -7.80 61.77 80.51
CA GLY A 970 -7.92 60.30 80.40
C GLY A 970 -9.21 59.86 79.70
N ASN A 971 -9.50 58.55 79.79
CA ASN A 971 -10.61 57.85 79.05
C ASN A 971 -11.97 58.08 79.72
N SER A 972 -12.01 58.23 81.06
CA SER A 972 -13.24 58.39 81.87
C SER A 972 -13.98 59.69 81.51
N ALA A 973 -13.26 60.73 81.07
CA ALA A 973 -13.81 62.05 80.65
C ALA A 973 -14.63 61.91 79.35
N ASP A 974 -14.21 61.02 78.44
CA ASP A 974 -14.79 60.87 77.07
C ASP A 974 -15.65 59.60 76.95
N ALA A 975 -15.58 58.67 77.92
CA ALA A 975 -16.37 57.41 77.95
C ALA A 975 -17.85 57.71 78.21
N ALA A 976 -18.15 58.61 79.15
CA ALA A 976 -19.51 59.07 79.52
C ALA A 976 -20.05 60.07 78.48
N TYR A 977 -19.18 60.71 77.70
CA TYR A 977 -19.53 61.66 76.59
C TYR A 977 -19.92 60.88 75.32
N ALA A 978 -19.18 59.80 74.99
CA ALA A 978 -19.44 58.91 73.84
C ALA A 978 -20.80 58.22 73.99
N GLN A 979 -21.44 57.85 72.87
CA GLN A 979 -22.88 57.45 72.84
C GLN A 979 -23.12 56.31 71.85
N VAL A 980 -24.05 55.41 72.20
CA VAL A 980 -24.27 54.09 71.53
C VAL A 980 -25.22 54.30 70.35
N GLU A 981 -24.84 53.75 69.19
CA GLU A 981 -25.65 53.81 67.96
C GLU A 981 -26.43 52.49 67.79
N ILE A 982 -27.71 52.60 67.45
CA ILE A 982 -28.64 51.48 67.13
C ILE A 982 -28.68 51.35 65.61
N GLN A 983 -28.25 50.22 65.06
CA GLN A 983 -28.40 49.87 63.62
C GLN A 983 -29.69 49.06 63.43
N PRO A 984 -30.51 49.38 62.39
CA PRO A 984 -31.79 48.72 62.20
C PRO A 984 -31.59 47.25 61.85
N ARG A 985 -32.47 46.41 62.35
CA ARG A 985 -32.63 45.01 61.85
C ARG A 985 -33.92 44.94 61.03
N ALA A 986 -33.88 44.17 59.96
CA ALA A 986 -35.06 43.86 59.12
C ALA A 986 -36.13 43.23 59.97
N ASN A 987 -37.30 43.85 60.08
CA ASN A 987 -38.50 43.30 60.70
C ASN A 987 -39.59 43.07 59.60
N ILE A 988 -39.49 42.01 58.83
CA ILE A 988 -40.39 41.77 57.66
C ILE A 988 -41.82 41.66 58.19
N GLN A 989 -42.75 42.42 57.62
CA GLN A 989 -44.17 42.42 58.03
C GLN A 989 -45.00 41.68 56.97
N LEU A 990 -46.12 41.13 57.40
CA LEU A 990 -47.02 40.41 56.47
C LEU A 990 -47.92 41.38 55.70
N ASP A 991 -48.07 42.62 56.19
CA ASP A 991 -48.85 43.69 55.53
C ASP A 991 -50.32 43.25 55.44
N PHE A 992 -50.88 42.79 56.54
CA PHE A 992 -52.31 42.61 56.68
C PHE A 992 -52.95 43.97 56.48
N PRO A 993 -54.17 44.03 55.92
CA PRO A 993 -54.83 45.32 55.78
C PRO A 993 -55.07 45.96 57.15
N GLU A 994 -55.03 47.28 57.14
CA GLU A 994 -55.29 48.11 58.31
C GLU A 994 -56.79 48.18 58.48
N LEU A 995 -57.24 47.91 59.69
CA LEU A 995 -58.64 47.99 60.05
C LEU A 995 -58.85 49.31 60.79
N LYS A 996 -59.73 50.12 60.24
CA LYS A 996 -60.17 51.41 60.80
C LYS A 996 -61.14 51.16 61.95
N PRO A 997 -61.28 52.13 62.88
CA PRO A 997 -62.40 52.09 63.84
C PRO A 997 -63.73 52.00 63.13
N TYR A 998 -64.68 51.31 63.71
CA TYR A 998 -66.01 51.13 63.10
C TYR A 998 -66.60 52.44 62.59
N LYS A 999 -66.47 53.52 63.34
CA LYS A 999 -67.10 54.83 62.99
C LYS A 999 -66.57 55.30 61.63
N GLN A 1000 -65.27 55.19 61.40
CA GLN A 1000 -64.67 55.62 60.12
C GLN A 1000 -65.17 54.70 58.99
N VAL A 1001 -65.18 53.40 59.24
CA VAL A 1001 -65.49 52.42 58.18
C VAL A 1001 -66.96 52.57 57.82
N LYS A 1002 -67.81 52.85 58.81
CA LYS A 1002 -69.26 53.09 58.62
C LYS A 1002 -69.53 54.26 57.67
N GLN A 1003 -68.69 55.29 57.64
CA GLN A 1003 -68.88 56.47 56.76
C GLN A 1003 -68.60 56.17 55.27
N ILE A 1004 -67.85 55.13 54.90
CA ILE A 1004 -67.46 54.94 53.48
C ILE A 1004 -68.65 54.32 52.73
N ALA A 1005 -69.20 53.22 53.22
CA ALA A 1005 -70.36 52.57 52.58
C ALA A 1005 -71.59 53.37 52.91
N PRO A 1006 -72.65 53.32 52.08
CA PRO A 1006 -73.94 53.93 52.42
C PRO A 1006 -74.60 53.25 53.64
N ALA A 1007 -75.39 53.98 54.43
CA ALA A 1007 -75.99 53.47 55.69
C ALA A 1007 -76.92 52.27 55.41
N GLU A 1008 -77.60 52.31 54.27
CA GLU A 1008 -78.58 51.30 53.83
C GLU A 1008 -77.87 49.96 53.64
N LEU A 1009 -76.54 49.93 53.42
CA LEU A 1009 -75.84 48.68 53.14
C LEU A 1009 -75.95 47.72 54.32
N GLU A 1010 -76.08 48.21 55.54
CA GLU A 1010 -76.08 47.30 56.72
C GLU A 1010 -77.26 46.32 56.62
N GLY A 1011 -76.97 45.02 56.69
CA GLY A 1011 -77.99 43.96 56.62
C GLY A 1011 -78.55 43.74 55.22
N LEU A 1012 -78.08 44.45 54.21
CA LEU A 1012 -78.68 44.36 52.85
C LEU A 1012 -78.07 43.19 52.09
N LEU A 1013 -76.81 42.86 52.34
CA LEU A 1013 -76.07 41.85 51.52
C LEU A 1013 -76.15 40.48 52.17
N ASP A 1014 -76.27 39.43 51.36
CA ASP A 1014 -76.06 38.03 51.81
C ASP A 1014 -74.56 37.85 51.78
N LEU A 1015 -73.93 37.80 52.93
CA LEU A 1015 -72.46 37.76 52.99
C LEU A 1015 -71.92 36.39 52.62
N GLU A 1016 -72.77 35.39 52.50
CA GLU A 1016 -72.37 34.12 51.91
C GLU A 1016 -72.17 34.30 50.42
N ARG A 1017 -72.66 35.37 49.83
CA ARG A 1017 -72.56 35.55 48.37
C ARG A 1017 -71.64 36.71 48.05
N VAL A 1018 -70.89 37.18 49.03
CA VAL A 1018 -69.87 38.20 48.78
C VAL A 1018 -68.56 37.43 48.84
N ILE A 1019 -67.81 37.53 47.80
CA ILE A 1019 -66.53 36.81 47.73
C ILE A 1019 -65.40 37.76 48.08
N VAL A 1020 -64.54 37.34 48.98
CA VAL A 1020 -63.38 38.15 49.37
C VAL A 1020 -62.12 37.40 49.07
N VAL A 1021 -61.07 38.14 48.83
CA VAL A 1021 -59.70 37.60 48.81
C VAL A 1021 -59.15 37.73 50.25
N THR A 1022 -58.71 36.64 50.81
CA THR A 1022 -58.15 36.57 52.18
C THR A 1022 -56.67 36.38 52.18
N GLY A 1023 -56.09 36.06 51.06
CA GLY A 1023 -54.66 35.85 51.02
C GLY A 1023 -54.20 35.78 49.63
N PHE A 1024 -52.97 36.11 49.40
CA PHE A 1024 -52.41 36.05 48.06
C PHE A 1024 -50.93 35.95 48.17
N ALA A 1025 -50.35 35.40 47.16
CA ALA A 1025 -48.92 35.24 47.06
C ALA A 1025 -48.55 35.04 45.63
N GLU A 1026 -47.27 35.05 45.42
CA GLU A 1026 -46.70 34.77 44.13
C GLU A 1026 -45.27 34.34 44.26
N VAL A 1027 -44.82 33.75 43.21
CA VAL A 1027 -43.41 33.46 42.95
C VAL A 1027 -43.17 33.99 41.58
N GLY A 1028 -42.30 34.97 41.43
CA GLY A 1028 -42.03 35.52 40.12
C GLY A 1028 -40.65 36.09 40.04
N PRO A 1029 -40.34 36.77 38.94
CA PRO A 1029 -39.01 37.35 38.69
C PRO A 1029 -38.50 38.33 39.73
N TRP A 1030 -39.36 38.85 40.59
CA TRP A 1030 -39.00 39.77 41.68
C TRP A 1030 -39.32 39.19 43.03
N GLY A 1031 -39.31 37.86 43.13
CA GLY A 1031 -39.48 37.15 44.38
C GLY A 1031 -40.92 36.93 44.71
N SER A 1032 -41.32 37.34 45.87
CA SER A 1032 -42.64 37.17 46.45
C SER A 1032 -43.49 38.39 46.12
N ALA A 1033 -44.72 38.39 46.60
CA ALA A 1033 -45.63 39.51 46.37
C ALA A 1033 -45.07 40.76 47.09
N ARG A 1034 -44.41 40.57 48.21
CA ARG A 1034 -43.87 41.68 49.03
C ARG A 1034 -42.73 42.34 48.29
N THR A 1035 -41.79 41.56 47.77
CA THR A 1035 -40.63 42.13 47.10
C THR A 1035 -41.02 42.68 45.74
N ARG A 1036 -41.88 41.99 45.03
CA ARG A 1036 -42.33 42.52 43.72
C ARG A 1036 -43.06 43.84 43.92
N TRP A 1037 -43.88 43.96 44.93
CA TRP A 1037 -44.54 45.24 45.18
C TRP A 1037 -43.56 46.36 45.50
N GLU A 1038 -42.55 46.11 46.31
CA GLU A 1038 -41.55 47.18 46.59
C GLU A 1038 -40.92 47.62 45.30
N MET A 1039 -40.53 46.70 44.46
CA MET A 1039 -39.90 47.05 43.21
C MET A 1039 -40.91 47.77 42.29
N GLU A 1040 -42.14 47.31 42.23
CA GLU A 1040 -43.14 47.91 41.33
C GLU A 1040 -43.47 49.32 41.81
N ALA A 1041 -43.83 49.48 43.06
CA ALA A 1041 -44.33 50.74 43.61
C ALA A 1041 -43.18 51.73 43.79
N PHE A 1042 -42.03 51.30 44.30
CA PHE A 1042 -40.97 52.23 44.78
C PHE A 1042 -39.72 52.17 43.95
N GLY A 1043 -39.52 51.15 43.15
CA GLY A 1043 -38.34 51.04 42.31
C GLY A 1043 -37.09 50.65 43.09
N GLU A 1044 -37.22 50.30 44.35
CA GLU A 1044 -36.05 49.91 45.17
C GLU A 1044 -36.54 49.16 46.38
N PHE A 1045 -35.63 48.43 46.98
CA PHE A 1045 -35.94 47.63 48.16
C PHE A 1045 -35.68 48.42 49.42
N SER A 1046 -36.61 48.32 50.36
CA SER A 1046 -36.39 48.65 51.79
C SER A 1046 -35.35 47.66 52.36
N LEU A 1047 -35.00 47.83 53.62
CA LEU A 1047 -34.16 46.86 54.34
C LEU A 1047 -34.88 45.49 54.37
N GLU A 1048 -36.16 45.47 54.67
CA GLU A 1048 -36.99 44.24 54.69
C GLU A 1048 -36.97 43.56 53.32
N GLY A 1049 -37.08 44.32 52.25
CA GLY A 1049 -37.10 43.77 50.90
C GLY A 1049 -35.78 43.20 50.51
N CYS A 1050 -34.70 43.87 50.87
CA CYS A 1050 -33.35 43.39 50.59
C CYS A 1050 -33.04 42.09 51.33
N VAL A 1051 -33.35 42.03 52.58
CA VAL A 1051 -33.14 40.83 53.39
C VAL A 1051 -34.02 39.71 52.83
N GLU A 1052 -35.26 40.02 52.48
CA GLU A 1052 -36.14 38.95 51.90
C GLU A 1052 -35.53 38.46 50.63
N MET A 1053 -35.06 39.34 49.77
CA MET A 1053 -34.53 38.91 48.49
C MET A 1053 -33.24 38.14 48.72
N ALA A 1054 -32.43 38.57 49.68
CA ALA A 1054 -31.15 37.89 49.92
C ALA A 1054 -31.44 36.47 50.45
N TRP A 1055 -32.43 36.33 51.27
CA TRP A 1055 -32.91 35.01 51.77
C TRP A 1055 -33.47 34.18 50.62
N ILE A 1056 -34.34 34.76 49.80
CA ILE A 1056 -34.94 34.03 48.67
C ILE A 1056 -33.85 33.52 47.78
N MET A 1057 -32.88 34.36 47.48
CA MET A 1057 -31.82 34.03 46.53
C MET A 1057 -30.72 33.20 47.18
N GLY A 1058 -30.83 32.85 48.43
CA GLY A 1058 -29.82 31.97 49.06
C GLY A 1058 -28.49 32.69 49.36
N PHE A 1059 -28.46 34.01 49.34
CA PHE A 1059 -27.24 34.80 49.63
C PHE A 1059 -26.92 34.72 51.11
N ILE A 1060 -27.94 34.83 51.92
CA ILE A 1060 -27.88 34.80 53.40
C ILE A 1060 -28.68 33.61 53.89
N SER A 1061 -28.25 33.08 55.01
CA SER A 1061 -28.91 31.99 55.74
C SER A 1061 -28.83 32.36 57.18
N TYR A 1062 -29.75 31.85 57.93
CA TYR A 1062 -29.75 32.14 59.35
C TYR A 1062 -28.87 31.14 60.09
N HIS A 1063 -28.32 31.58 61.21
CA HIS A 1063 -27.38 30.80 62.03
C HIS A 1063 -27.67 31.10 63.48
N ASN A 1064 -27.94 30.07 64.26
CA ASN A 1064 -28.08 30.21 65.72
C ASN A 1064 -27.19 29.17 66.38
N GLY A 1065 -26.11 29.59 66.99
CA GLY A 1065 -25.18 28.71 67.71
C GLY A 1065 -23.78 29.28 67.68
N ASN A 1066 -22.78 28.46 67.97
CA ASN A 1066 -21.37 28.90 68.00
C ASN A 1066 -20.90 29.11 66.56
N LEU A 1067 -20.19 30.21 66.36
CA LEU A 1067 -19.60 30.57 65.05
C LEU A 1067 -18.21 31.15 65.32
N LYS A 1068 -17.17 30.34 65.04
CA LYS A 1068 -15.74 30.68 65.28
C LYS A 1068 -15.57 31.06 66.76
N GLY A 1069 -16.01 30.16 67.66
CA GLY A 1069 -15.92 30.34 69.13
C GLY A 1069 -17.13 31.06 69.71
N ARG A 1070 -17.29 32.34 69.37
CA ARG A 1070 -18.35 33.23 69.94
C ARG A 1070 -19.73 32.71 69.54
N PRO A 1071 -20.76 32.84 70.42
CA PRO A 1071 -22.12 32.45 70.05
C PRO A 1071 -22.76 33.55 69.17
N TYR A 1072 -23.37 33.16 68.04
CA TYR A 1072 -23.97 34.11 67.07
C TYR A 1072 -25.41 33.68 66.76
N THR A 1073 -26.28 34.67 66.73
CA THR A 1073 -27.67 34.57 66.27
C THR A 1073 -27.84 35.61 65.17
N GLY A 1074 -27.93 35.19 63.91
CA GLY A 1074 -28.33 36.10 62.83
C GLY A 1074 -27.99 35.54 61.48
N TRP A 1075 -27.95 36.44 60.54
CA TRP A 1075 -27.68 36.11 59.16
C TRP A 1075 -26.20 35.87 59.04
N VAL A 1076 -25.87 34.92 58.21
CA VAL A 1076 -24.52 34.68 57.66
C VAL A 1076 -24.61 34.61 56.16
N ASP A 1077 -23.48 34.83 55.52
CA ASP A 1077 -23.26 34.56 54.09
C ASP A 1077 -23.39 33.07 53.90
N SER A 1078 -24.23 32.66 52.96
CA SER A 1078 -24.52 31.23 52.72
C SER A 1078 -23.24 30.50 52.31
N LYS A 1079 -22.38 31.13 51.51
CA LYS A 1079 -21.15 30.50 50.98
C LYS A 1079 -20.08 30.43 52.09
N THR A 1080 -19.67 31.59 52.61
CA THR A 1080 -18.49 31.76 53.52
C THR A 1080 -18.84 31.46 54.99
N LYS A 1081 -20.10 31.65 55.38
CA LYS A 1081 -20.64 31.47 56.74
C LYS A 1081 -20.19 32.59 57.65
N GLU A 1082 -19.74 33.70 57.07
CA GLU A 1082 -19.41 34.94 57.81
C GLU A 1082 -20.67 35.65 58.22
N PRO A 1083 -20.75 36.13 59.47
CA PRO A 1083 -21.84 36.98 59.91
C PRO A 1083 -22.07 38.16 58.98
N VAL A 1084 -23.34 38.50 58.83
CA VAL A 1084 -23.77 39.65 58.00
C VAL A 1084 -24.77 40.38 58.84
N ASP A 1085 -24.56 41.65 59.04
CA ASP A 1085 -25.56 42.48 59.72
C ASP A 1085 -26.59 42.84 58.67
N ASP A 1086 -27.84 43.00 59.10
CA ASP A 1086 -28.97 43.41 58.24
C ASP A 1086 -28.58 44.69 57.50
N LYS A 1087 -28.02 45.69 58.19
CA LYS A 1087 -27.64 47.02 57.62
C LYS A 1087 -26.63 46.88 56.48
N ASP A 1088 -25.89 45.77 56.44
CA ASP A 1088 -24.84 45.52 55.41
C ASP A 1088 -25.38 44.69 54.24
N VAL A 1089 -26.61 44.18 54.34
CA VAL A 1089 -27.15 43.29 53.28
C VAL A 1089 -27.17 44.08 51.99
N LYS A 1090 -27.69 45.29 52.03
CA LYS A 1090 -27.75 46.17 50.83
C LYS A 1090 -26.39 46.34 50.20
N ALA A 1091 -25.39 46.80 50.95
CA ALA A 1091 -24.06 47.06 50.34
C ALA A 1091 -23.48 45.74 49.85
N LYS A 1092 -23.67 44.66 50.60
CA LYS A 1092 -23.03 43.38 50.25
C LYS A 1092 -23.76 42.72 49.06
N TYR A 1093 -25.09 42.78 49.00
CA TYR A 1093 -25.83 41.89 48.04
C TYR A 1093 -26.69 42.63 47.04
N GLU A 1094 -27.05 43.88 47.27
CA GLU A 1094 -28.11 44.52 46.46
C GLU A 1094 -27.73 44.49 44.98
N THR A 1095 -26.50 44.74 44.64
CA THR A 1095 -26.10 44.75 43.23
C THR A 1095 -26.34 43.36 42.64
N SER A 1096 -25.99 42.31 43.36
CA SER A 1096 -26.19 40.93 42.91
C SER A 1096 -27.70 40.63 42.81
N ILE A 1097 -28.46 41.06 43.80
CA ILE A 1097 -29.92 40.82 43.82
C ILE A 1097 -30.51 41.42 42.55
N LEU A 1098 -30.18 42.68 42.25
CA LEU A 1098 -30.75 43.39 41.10
C LEU A 1098 -30.26 42.83 39.79
N GLU A 1099 -29.05 42.34 39.72
CA GLU A 1099 -28.56 41.73 38.48
C GLU A 1099 -29.22 40.37 38.21
N HIS A 1100 -29.61 39.62 39.24
CA HIS A 1100 -30.08 38.23 39.08
C HIS A 1100 -31.57 38.13 39.43
N SER A 1101 -32.31 39.21 39.27
CA SER A 1101 -33.77 39.29 39.45
C SER A 1101 -34.36 39.97 38.24
N GLY A 1102 -35.66 39.79 38.06
CA GLY A 1102 -36.39 40.47 37.01
C GLY A 1102 -36.05 40.00 35.63
N ILE A 1103 -36.35 40.85 34.67
CA ILE A 1103 -36.17 40.54 33.26
C ILE A 1103 -34.68 40.72 32.96
N ARG A 1104 -34.06 39.69 32.43
CA ARG A 1104 -32.59 39.64 32.33
C ARG A 1104 -32.22 38.57 31.33
N LEU A 1105 -30.96 38.55 30.92
CA LEU A 1105 -30.50 37.52 30.03
C LEU A 1105 -30.82 36.13 30.61
N ILE A 1106 -31.19 35.25 29.73
CA ILE A 1106 -31.55 33.87 30.15
C ILE A 1106 -30.32 33.27 30.76
N GLU A 1107 -30.47 32.72 31.95
CA GLU A 1107 -29.37 32.02 32.65
C GLU A 1107 -29.50 30.52 32.39
N PRO A 1108 -28.58 29.90 31.64
CA PRO A 1108 -28.71 28.47 31.28
C PRO A 1108 -28.82 27.52 32.48
N GLU A 1109 -28.20 27.86 33.59
CA GLU A 1109 -28.23 27.04 34.83
C GLU A 1109 -29.65 26.97 35.40
N LEU A 1110 -30.55 27.88 35.03
CA LEU A 1110 -31.93 27.83 35.57
C LEU A 1110 -32.80 26.98 34.68
N PHE A 1111 -32.35 26.66 33.46
CA PHE A 1111 -33.20 26.01 32.42
C PHE A 1111 -32.46 24.81 31.85
N ASN A 1112 -31.84 24.02 32.72
CA ASN A 1112 -31.20 22.73 32.32
C ASN A 1112 -30.20 22.95 31.19
N GLY A 1113 -29.41 24.02 31.28
CA GLY A 1113 -28.34 24.36 30.34
C GLY A 1113 -28.84 24.92 29.03
N TYR A 1114 -30.13 25.18 28.88
CA TYR A 1114 -30.64 25.91 27.71
C TYR A 1114 -29.88 27.21 27.50
N ASN A 1115 -29.38 27.38 26.31
CA ASN A 1115 -28.59 28.54 25.87
C ASN A 1115 -29.18 28.95 24.55
N PRO A 1116 -29.97 30.04 24.51
CA PRO A 1116 -30.58 30.46 23.27
C PRO A 1116 -29.54 30.78 22.19
N GLU A 1117 -28.33 31.11 22.61
CA GLU A 1117 -27.26 31.45 21.63
C GLU A 1117 -26.78 30.17 20.96
N LYS A 1118 -27.09 29.01 21.52
CA LYS A 1118 -26.62 27.71 21.04
C LYS A 1118 -27.71 26.67 21.30
N LYS A 1119 -28.71 26.75 20.48
CA LYS A 1119 -29.85 25.84 20.54
C LYS A 1119 -29.53 24.53 19.80
N GLU A 1120 -29.69 23.41 20.49
CA GLU A 1120 -29.32 22.05 20.00
C GLU A 1120 -30.44 21.48 19.16
N MET A 1121 -30.21 21.30 17.87
CA MET A 1121 -31.05 20.52 16.95
C MET A 1121 -30.27 19.31 16.38
N ILE A 1122 -30.94 18.45 15.64
CA ILE A 1122 -30.26 17.28 15.02
C ILE A 1122 -30.71 17.30 13.59
N GLN A 1123 -29.80 16.88 12.75
CA GLN A 1123 -30.01 16.84 11.31
C GLN A 1123 -29.83 15.39 10.87
N GLU A 1124 -30.80 14.88 10.14
CA GLU A 1124 -30.79 13.51 9.57
C GLU A 1124 -29.77 13.53 8.44
N VAL A 1125 -28.81 12.64 8.44
CA VAL A 1125 -27.85 12.49 7.30
C VAL A 1125 -27.76 11.03 6.86
N ILE A 1126 -27.81 10.79 5.56
CA ILE A 1126 -27.55 9.43 5.01
C ILE A 1126 -26.03 9.23 5.02
N VAL A 1127 -25.56 8.27 5.81
CA VAL A 1127 -24.17 7.72 5.81
C VAL A 1127 -23.76 7.46 4.34
N GLU A 1128 -22.68 8.06 3.85
CA GLU A 1128 -22.20 7.82 2.45
C GLU A 1128 -21.21 6.65 2.46
N GLU A 1129 -20.53 6.44 3.59
CA GLU A 1129 -19.53 5.35 3.76
C GLU A 1129 -19.70 4.68 5.12
N ASP A 1130 -19.44 3.37 5.18
CA ASP A 1130 -19.60 2.56 6.42
C ASP A 1130 -18.82 3.23 7.55
N LEU A 1131 -19.39 3.23 8.74
CA LEU A 1131 -18.74 3.80 9.94
C LEU A 1131 -17.77 2.76 10.49
N GLU A 1132 -16.79 3.23 11.23
CA GLU A 1132 -15.94 2.38 12.09
C GLU A 1132 -16.90 1.64 13.03
N PRO A 1133 -16.82 0.29 13.10
CA PRO A 1133 -17.54 -0.45 14.12
C PRO A 1133 -17.36 0.13 15.52
N PHE A 1134 -18.40 0.01 16.34
CA PHE A 1134 -18.35 0.37 17.77
C PHE A 1134 -19.02 -0.77 18.53
N GLU A 1135 -18.73 -0.85 19.81
CA GLU A 1135 -19.15 -1.95 20.70
C GLU A 1135 -20.45 -1.50 21.36
N ALA A 1136 -21.38 -2.43 21.52
CA ALA A 1136 -22.66 -2.21 22.21
C ALA A 1136 -23.02 -3.54 22.87
N SER A 1137 -23.85 -3.50 23.89
CA SER A 1137 -24.50 -4.70 24.48
C SER A 1137 -25.30 -5.40 23.39
N LYS A 1138 -25.64 -6.66 23.64
CA LYS A 1138 -26.48 -7.48 22.75
C LYS A 1138 -27.83 -6.76 22.56
N GLU A 1139 -28.44 -6.36 23.68
CA GLU A 1139 -29.77 -5.68 23.71
C GLU A 1139 -29.73 -4.49 22.75
N THR A 1140 -28.80 -3.57 22.95
CA THR A 1140 -28.67 -2.33 22.16
C THR A 1140 -28.40 -2.68 20.70
N ALA A 1141 -27.50 -3.64 20.47
CA ALA A 1141 -27.12 -4.03 19.10
C ALA A 1141 -28.37 -4.50 18.38
N GLU A 1142 -29.17 -5.31 19.04
CA GLU A 1142 -30.43 -5.79 18.41
C GLU A 1142 -31.43 -4.66 18.14
N GLN A 1143 -31.42 -3.61 18.96
CA GLN A 1143 -32.29 -2.41 18.71
C GLN A 1143 -31.76 -1.66 17.52
N PHE A 1144 -30.43 -1.61 17.33
CA PHE A 1144 -29.86 -0.98 16.10
C PHE A 1144 -30.23 -1.77 14.89
N LYS A 1145 -30.19 -3.09 15.03
CA LYS A 1145 -30.51 -3.97 13.89
C LYS A 1145 -31.97 -3.88 13.53
N HIS A 1146 -32.83 -3.93 14.53
CA HIS A 1146 -34.28 -3.70 14.32
C HIS A 1146 -34.51 -2.40 13.55
N GLN A 1147 -33.83 -1.31 13.91
CA GLN A 1147 -34.06 -0.04 13.20
C GLN A 1147 -33.53 -0.03 11.78
N HIS A 1148 -32.29 -0.45 11.60
CA HIS A 1148 -31.58 -0.20 10.32
C HIS A 1148 -31.73 -1.39 9.36
N GLY A 1149 -32.02 -2.61 9.86
CA GLY A 1149 -32.18 -3.80 9.00
C GLY A 1149 -30.91 -4.07 8.23
N ASP A 1150 -30.94 -3.98 6.90
CA ASP A 1150 -29.75 -4.33 6.08
C ASP A 1150 -28.67 -3.24 6.19
N LYS A 1151 -28.98 -2.04 6.71
CA LYS A 1151 -28.00 -0.92 6.76
C LYS A 1151 -27.16 -1.03 8.01
N VAL A 1152 -27.20 -2.13 8.72
CA VAL A 1152 -26.31 -2.33 9.88
C VAL A 1152 -25.98 -3.82 9.98
N ASP A 1153 -24.78 -4.07 10.48
CA ASP A 1153 -24.32 -5.45 10.79
C ASP A 1153 -23.88 -5.44 12.21
N ILE A 1154 -24.32 -6.46 12.90
CA ILE A 1154 -23.99 -6.68 14.29
C ILE A 1154 -23.48 -8.10 14.38
N PHE A 1155 -22.47 -8.29 15.23
CA PHE A 1155 -21.76 -9.57 15.38
C PHE A 1155 -21.39 -9.72 16.83
N GLU A 1156 -21.74 -10.84 17.42
CA GLU A 1156 -21.24 -11.18 18.78
C GLU A 1156 -19.70 -11.17 18.71
N ILE A 1157 -19.07 -10.61 19.72
CA ILE A 1157 -17.63 -10.76 20.04
C ILE A 1157 -17.56 -11.89 21.06
N PRO A 1158 -17.14 -13.12 20.67
CA PRO A 1158 -17.37 -14.31 21.50
C PRO A 1158 -16.72 -14.22 22.90
N GLU A 1159 -15.57 -13.56 22.98
CA GLU A 1159 -14.75 -13.43 24.22
C GLU A 1159 -15.58 -12.73 25.32
N THR A 1160 -16.11 -11.55 25.00
CA THR A 1160 -16.72 -10.59 25.97
C THR A 1160 -18.25 -10.74 26.03
N GLY A 1161 -18.89 -11.27 24.97
CA GLY A 1161 -20.37 -11.34 24.85
C GLY A 1161 -20.99 -10.02 24.39
N GLU A 1162 -20.19 -8.96 24.24
CA GLU A 1162 -20.60 -7.67 23.61
C GLU A 1162 -20.76 -7.89 22.11
N TYR A 1163 -21.26 -6.88 21.42
CA TYR A 1163 -21.56 -6.92 19.98
C TYR A 1163 -20.85 -5.79 19.30
N SER A 1164 -20.41 -6.03 18.08
CA SER A 1164 -19.86 -4.97 17.24
C SER A 1164 -21.06 -4.45 16.49
N VAL A 1165 -21.12 -3.14 16.29
CA VAL A 1165 -22.20 -2.55 15.49
C VAL A 1165 -21.54 -1.82 14.36
N LYS A 1166 -21.96 -2.12 13.18
CA LYS A 1166 -21.32 -1.61 11.97
C LYS A 1166 -22.42 -1.02 11.14
N LEU A 1167 -22.53 0.31 11.17
CA LEU A 1167 -23.49 1.07 10.35
C LEU A 1167 -22.93 1.13 8.95
N LEU A 1168 -23.73 0.79 7.96
CA LEU A 1168 -23.30 0.70 6.55
C LEU A 1168 -23.79 1.90 5.78
N LYS A 1169 -23.14 2.17 4.67
CA LYS A 1169 -23.56 3.09 3.61
C LYS A 1169 -25.08 3.00 3.48
N GLY A 1170 -25.74 4.16 3.40
CA GLY A 1170 -27.20 4.25 3.21
C GLY A 1170 -27.96 4.33 4.53
N ALA A 1171 -27.36 3.95 5.66
CA ALA A 1171 -27.96 4.12 7.01
C ALA A 1171 -28.18 5.61 7.34
N THR A 1172 -29.21 5.87 8.14
CA THR A 1172 -29.63 7.21 8.62
C THR A 1172 -28.97 7.46 9.96
N LEU A 1173 -28.32 8.60 10.11
CA LEU A 1173 -27.69 9.06 11.36
C LEU A 1173 -28.34 10.44 11.67
N TYR A 1174 -28.15 10.90 12.86
CA TYR A 1174 -28.51 12.29 13.21
C TYR A 1174 -27.27 12.94 13.78
N ILE A 1175 -27.00 14.12 13.26
CA ILE A 1175 -25.80 14.89 13.66
C ILE A 1175 -26.26 16.16 14.31
N PRO A 1176 -25.89 16.38 15.55
CA PRO A 1176 -26.24 17.57 16.27
C PRO A 1176 -25.74 18.81 15.53
N LYS A 1177 -26.53 19.83 15.55
CA LYS A 1177 -26.21 21.16 15.00
C LYS A 1177 -26.83 22.19 15.95
N ALA A 1178 -26.32 23.41 15.91
CA ALA A 1178 -26.68 24.45 16.89
C ALA A 1178 -27.20 25.60 16.08
N LEU A 1179 -28.26 26.23 16.58
CA LEU A 1179 -28.94 27.37 15.97
C LEU A 1179 -28.77 28.52 16.96
N ARG A 1180 -28.52 29.72 16.47
CA ARG A 1180 -28.54 30.97 17.27
C ARG A 1180 -30.00 31.46 17.29
N PHE A 1181 -30.61 31.47 18.45
CA PHE A 1181 -32.00 31.99 18.54
C PHE A 1181 -31.91 33.44 19.06
N ASP A 1182 -32.86 34.27 18.70
CA ASP A 1182 -32.81 35.73 18.93
C ASP A 1182 -33.71 36.16 20.10
N ARG A 1183 -34.21 35.24 20.93
CA ARG A 1183 -34.86 35.61 22.20
C ARG A 1183 -33.92 35.21 23.32
N LEU A 1184 -33.26 36.19 23.91
CA LEU A 1184 -32.14 35.97 24.81
C LEU A 1184 -32.50 36.34 26.22
N VAL A 1185 -33.66 36.92 26.42
CA VAL A 1185 -34.02 37.56 27.68
C VAL A 1185 -35.39 37.00 28.16
N ALA A 1186 -35.55 36.88 29.47
CA ALA A 1186 -36.82 36.46 30.07
C ALA A 1186 -36.89 36.95 31.50
N GLY A 1187 -38.11 37.04 31.96
CA GLY A 1187 -38.42 37.28 33.36
C GLY A 1187 -38.22 35.99 34.10
N GLN A 1188 -37.17 35.89 34.85
CA GLN A 1188 -36.80 34.59 35.45
C GLN A 1188 -36.93 34.75 36.91
N ILE A 1189 -37.34 33.70 37.58
CA ILE A 1189 -37.33 33.72 39.06
C ILE A 1189 -35.89 34.01 39.52
N PRO A 1190 -35.69 34.76 40.61
CA PRO A 1190 -34.35 35.22 41.00
C PRO A 1190 -33.39 34.04 41.10
N THR A 1191 -32.19 34.22 40.56
CA THR A 1191 -31.14 33.20 40.64
C THR A 1191 -30.87 32.84 42.08
N GLY A 1192 -31.04 31.57 42.41
CA GLY A 1192 -30.80 31.03 43.73
C GLY A 1192 -32.05 30.67 44.44
N TRP A 1193 -33.22 31.07 43.91
CA TRP A 1193 -34.50 30.57 44.41
C TRP A 1193 -34.40 29.05 44.47
N ASN A 1194 -34.88 28.53 45.55
CA ASN A 1194 -34.78 27.07 45.76
C ASN A 1194 -35.93 26.72 46.63
N ALA A 1195 -36.67 25.71 46.23
CA ALA A 1195 -37.84 25.27 46.98
C ALA A 1195 -37.41 24.77 48.36
N LYS A 1196 -36.21 24.27 48.47
CA LYS A 1196 -35.73 23.81 49.80
C LYS A 1196 -35.66 24.97 50.79
N THR A 1197 -35.42 26.20 50.34
CA THR A 1197 -35.37 27.38 51.22
C THR A 1197 -36.71 27.52 51.91
N TYR A 1198 -37.79 27.16 51.20
CA TYR A 1198 -39.15 27.27 51.76
C TYR A 1198 -39.48 26.04 52.59
N GLY A 1199 -38.71 24.98 52.51
CA GLY A 1199 -39.05 23.79 53.31
C GLY A 1199 -39.44 22.59 52.46
N ILE A 1200 -39.44 22.69 51.14
CA ILE A 1200 -39.93 21.55 50.35
C ILE A 1200 -38.81 20.51 50.30
N SER A 1201 -39.16 19.27 50.59
CA SER A 1201 -38.20 18.15 50.68
C SER A 1201 -37.66 17.80 49.32
N ASP A 1202 -36.47 17.18 49.30
CA ASP A 1202 -35.81 16.71 48.06
C ASP A 1202 -36.63 15.63 47.34
N ASP A 1203 -37.36 14.81 48.07
CA ASP A 1203 -38.23 13.79 47.45
C ASP A 1203 -39.31 14.47 46.57
N ILE A 1204 -39.89 15.56 47.05
CA ILE A 1204 -40.92 16.31 46.27
C ILE A 1204 -40.26 16.96 45.09
N ILE A 1205 -39.14 17.62 45.33
CA ILE A 1205 -38.40 18.33 44.28
C ILE A 1205 -38.08 17.35 43.17
N SER A 1206 -37.66 16.15 43.52
CA SER A 1206 -37.23 15.18 42.49
C SER A 1206 -38.45 14.63 41.72
N GLN A 1207 -39.59 14.53 42.37
CA GLN A 1207 -40.80 13.97 41.76
C GLN A 1207 -41.46 14.98 40.80
N VAL A 1208 -41.60 16.23 41.18
CA VAL A 1208 -42.58 17.14 40.49
C VAL A 1208 -41.89 17.96 39.42
N ASP A 1209 -42.65 18.44 38.47
CA ASP A 1209 -42.19 19.48 37.54
C ASP A 1209 -41.86 20.73 38.34
N PRO A 1210 -40.86 21.54 37.94
CA PRO A 1210 -40.58 22.79 38.64
C PRO A 1210 -41.78 23.74 38.82
N ILE A 1211 -42.71 23.74 37.87
CA ILE A 1211 -43.90 24.61 38.02
C ILE A 1211 -44.59 24.27 39.32
N THR A 1212 -44.66 23.00 39.68
CA THR A 1212 -45.35 22.53 40.85
C THR A 1212 -44.71 23.12 42.11
N LEU A 1213 -43.43 23.32 42.10
CA LEU A 1213 -42.77 23.95 43.26
C LEU A 1213 -43.14 25.43 43.37
N PHE A 1214 -43.29 26.10 42.25
CA PHE A 1214 -43.74 27.50 42.33
C PHE A 1214 -45.12 27.58 42.95
N VAL A 1215 -46.00 26.66 42.54
CA VAL A 1215 -47.36 26.61 43.08
C VAL A 1215 -47.33 26.26 44.53
N LEU A 1216 -46.60 25.21 44.90
CA LEU A 1216 -46.64 24.80 46.32
C LEU A 1216 -46.19 25.98 47.19
N VAL A 1217 -45.11 26.65 46.80
CA VAL A 1217 -44.68 27.85 47.56
C VAL A 1217 -45.74 28.95 47.56
N SER A 1218 -46.30 29.27 46.43
CA SER A 1218 -47.34 30.31 46.36
C SER A 1218 -48.52 29.99 47.24
N VAL A 1219 -48.94 28.73 47.25
CA VAL A 1219 -50.09 28.34 48.05
C VAL A 1219 -49.78 28.47 49.52
N VAL A 1220 -48.64 28.01 49.97
CA VAL A 1220 -48.41 28.14 51.42
C VAL A 1220 -48.31 29.62 51.76
N GLU A 1221 -47.61 30.37 50.93
CA GLU A 1221 -47.51 31.81 51.18
C GLU A 1221 -48.85 32.49 51.12
N ALA A 1222 -49.79 32.08 50.26
CA ALA A 1222 -51.13 32.71 50.24
C ALA A 1222 -51.84 32.40 51.53
N PHE A 1223 -51.76 31.18 52.01
CA PHE A 1223 -52.34 30.80 53.31
C PHE A 1223 -51.72 31.61 54.43
N ILE A 1224 -50.43 31.85 54.42
CA ILE A 1224 -49.80 32.70 55.45
C ILE A 1224 -50.34 34.12 55.36
N ALA A 1225 -50.49 34.66 54.16
CA ALA A 1225 -51.07 35.98 53.95
C ALA A 1225 -52.53 36.04 54.40
N SER A 1226 -53.20 34.89 54.51
CA SER A 1226 -54.54 34.72 55.07
C SER A 1226 -54.47 34.44 56.56
N GLY A 1227 -53.29 34.41 57.17
CA GLY A 1227 -53.11 34.01 58.56
C GLY A 1227 -53.49 32.57 58.85
N ILE A 1228 -53.53 31.73 57.85
CA ILE A 1228 -53.83 30.28 58.05
C ILE A 1228 -52.48 29.59 57.92
N THR A 1229 -51.93 29.18 59.02
CA THR A 1229 -50.61 28.54 58.99
C THR A 1229 -50.77 27.02 58.96
N ASP A 1230 -51.86 26.52 59.47
CA ASP A 1230 -52.25 25.09 59.35
C ASP A 1230 -53.51 25.05 58.49
N PRO A 1231 -53.43 24.64 57.24
CA PRO A 1231 -54.64 24.60 56.41
C PRO A 1231 -55.78 23.79 57.02
N TYR A 1232 -55.47 22.84 57.89
CA TYR A 1232 -56.52 22.00 58.49
C TYR A 1232 -57.42 22.78 59.41
N GLU A 1233 -57.02 24.01 59.76
CA GLU A 1233 -57.88 24.90 60.53
C GLU A 1233 -59.17 25.25 59.78
N MET A 1234 -59.11 25.28 58.47
CA MET A 1234 -60.32 25.50 57.67
C MET A 1234 -61.38 24.49 58.08
N TYR A 1235 -60.98 23.26 58.39
CA TYR A 1235 -61.93 22.19 58.70
C TYR A 1235 -62.52 22.32 60.11
N LYS A 1236 -62.18 23.35 60.85
CA LYS A 1236 -62.94 23.73 62.07
C LYS A 1236 -64.19 24.48 61.70
N TYR A 1237 -64.23 25.03 60.49
CA TYR A 1237 -65.28 25.93 60.02
C TYR A 1237 -66.06 25.33 58.87
N VAL A 1238 -65.42 24.56 58.01
CA VAL A 1238 -66.16 24.03 56.83
C VAL A 1238 -65.97 22.54 56.75
N HIS A 1239 -66.83 21.90 55.99
CA HIS A 1239 -66.66 20.49 55.64
C HIS A 1239 -65.45 20.33 54.70
N VAL A 1240 -64.81 19.18 54.70
CA VAL A 1240 -63.75 18.82 53.69
C VAL A 1240 -64.24 18.90 52.26
N SER A 1241 -65.54 18.87 52.03
CA SER A 1241 -66.11 18.98 50.69
C SER A 1241 -66.15 20.44 50.22
N GLU A 1242 -65.77 21.40 51.04
CA GLU A 1242 -66.13 22.82 50.85
C GLU A 1242 -64.89 23.67 50.62
N VAL A 1243 -63.74 23.07 50.44
CA VAL A 1243 -62.50 23.74 50.08
C VAL A 1243 -62.09 23.30 48.68
N GLY A 1244 -62.09 24.23 47.76
CA GLY A 1244 -61.85 23.97 46.34
C GLY A 1244 -60.53 24.47 45.86
N ASN A 1245 -60.10 23.91 44.75
CA ASN A 1245 -58.95 24.43 44.02
C ASN A 1245 -59.41 24.69 42.61
N CYS A 1246 -59.40 25.96 42.19
CA CYS A 1246 -59.80 26.32 40.81
C CYS A 1246 -58.63 26.97 40.07
N SER A 1247 -57.39 26.77 40.53
CA SER A 1247 -56.22 27.36 39.89
C SER A 1247 -55.87 26.57 38.68
N GLY A 1248 -55.20 27.21 37.76
CA GLY A 1248 -54.79 26.53 36.54
C GLY A 1248 -53.55 27.03 35.89
N SER A 1249 -53.36 26.58 34.69
CA SER A 1249 -52.13 26.86 33.94
C SER A 1249 -52.47 26.93 32.47
N GLY A 1250 -51.68 27.62 31.68
CA GLY A 1250 -51.86 27.60 30.23
C GLY A 1250 -51.23 26.39 29.61
N MET A 1251 -50.12 25.94 30.14
CA MET A 1251 -49.33 24.87 29.50
C MET A 1251 -48.90 23.77 30.48
N GLY A 1252 -48.96 23.99 31.76
CA GLY A 1252 -48.61 22.91 32.69
C GLY A 1252 -47.13 22.59 32.72
N GLY A 1253 -46.83 21.34 33.06
CA GLY A 1253 -45.48 20.86 33.40
C GLY A 1253 -44.71 20.64 32.14
N VAL A 1254 -44.23 21.72 31.54
CA VAL A 1254 -43.57 21.69 30.23
C VAL A 1254 -42.22 21.01 30.35
N SER A 1255 -41.61 20.96 31.52
CA SER A 1255 -40.35 20.21 31.71
C SER A 1255 -40.68 18.70 31.61
N ALA A 1256 -41.83 18.29 32.09
CA ALA A 1256 -42.28 16.88 32.00
C ALA A 1256 -42.62 16.59 30.56
N LEU A 1257 -43.19 17.53 29.81
CA LEU A 1257 -43.44 17.30 28.39
C LEU A 1257 -42.13 17.09 27.67
N ARG A 1258 -41.13 17.89 27.98
CA ARG A 1258 -39.82 17.73 27.35
C ARG A 1258 -39.31 16.31 27.63
N GLY A 1259 -39.39 15.87 28.87
CA GLY A 1259 -39.06 14.51 29.32
C GLY A 1259 -39.67 13.49 28.40
N MET A 1260 -40.95 13.56 28.16
CA MET A 1260 -41.64 12.49 27.42
C MET A 1260 -41.49 12.62 25.92
N PHE A 1261 -41.34 13.83 25.37
CA PHE A 1261 -41.22 14.00 23.92
C PHE A 1261 -39.79 14.00 23.46
N LYS A 1262 -38.84 14.37 24.29
CA LYS A 1262 -37.48 14.58 23.79
C LYS A 1262 -36.50 13.72 24.55
N ASP A 1263 -36.51 13.79 25.86
CA ASP A 1263 -35.56 13.03 26.67
C ASP A 1263 -35.81 11.54 26.44
N ARG A 1264 -37.06 11.11 26.38
CA ARG A 1264 -37.37 9.67 26.20
C ARG A 1264 -36.88 9.24 24.82
N PHE A 1265 -37.04 10.08 23.81
CA PHE A 1265 -36.65 9.78 22.43
C PHE A 1265 -35.13 9.61 22.31
N LYS A 1266 -34.35 10.30 23.14
CA LYS A 1266 -32.88 10.22 23.20
C LYS A 1266 -32.45 9.20 24.22
N ASP A 1267 -33.39 8.38 24.67
CA ASP A 1267 -33.15 7.27 25.61
C ASP A 1267 -32.42 7.81 26.83
N GLU A 1268 -32.71 9.05 27.24
CA GLU A 1268 -32.17 9.62 28.49
C GLU A 1268 -32.97 9.09 29.67
N PRO A 1269 -32.38 9.05 30.89
CA PRO A 1269 -33.13 8.62 32.08
C PRO A 1269 -34.26 9.66 32.33
N VAL A 1270 -35.49 9.18 32.36
CA VAL A 1270 -36.71 9.97 32.67
C VAL A 1270 -37.53 9.11 33.62
N GLN A 1271 -38.02 9.68 34.71
CA GLN A 1271 -38.85 8.96 35.68
C GLN A 1271 -40.05 8.33 34.93
N ASN A 1272 -40.47 7.17 35.39
CA ASN A 1272 -41.49 6.37 34.67
C ASN A 1272 -42.85 7.08 34.71
N ASP A 1273 -43.08 7.90 35.70
CA ASP A 1273 -44.37 8.62 35.83
C ASP A 1273 -44.22 10.08 35.40
N ILE A 1274 -43.38 10.37 34.42
CA ILE A 1274 -43.23 11.74 33.92
C ILE A 1274 -44.55 12.30 33.40
N LEU A 1275 -45.37 11.49 32.74
CA LEU A 1275 -46.58 11.99 32.09
C LEU A 1275 -47.49 12.70 33.10
N GLN A 1276 -47.68 12.12 34.25
CA GLN A 1276 -48.57 12.65 35.29
C GLN A 1276 -48.10 14.04 35.73
N GLU A 1277 -46.80 14.29 35.70
CA GLU A 1277 -46.24 15.56 36.19
C GLU A 1277 -46.42 16.61 35.14
N SER A 1278 -46.76 16.26 33.91
CA SER A 1278 -47.02 17.22 32.85
C SER A 1278 -48.41 17.81 32.98
N PHE A 1279 -49.38 17.07 33.50
CA PHE A 1279 -50.80 17.47 33.39
C PHE A 1279 -51.04 18.78 34.10
N ILE A 1280 -51.86 19.61 33.48
CA ILE A 1280 -52.17 20.96 34.02
C ILE A 1280 -52.80 20.84 35.39
N ASN A 1281 -53.52 19.76 35.62
CA ASN A 1281 -54.18 19.57 36.92
C ASN A 1281 -53.33 18.87 37.95
N THR A 1282 -52.14 18.46 37.62
CA THR A 1282 -51.28 17.76 38.59
C THR A 1282 -50.80 18.73 39.63
N MET A 1283 -50.57 20.01 39.31
CA MET A 1283 -50.10 20.96 40.35
C MET A 1283 -51.12 21.05 41.47
N SER A 1284 -52.40 21.14 41.14
CA SER A 1284 -53.49 21.17 42.12
C SER A 1284 -53.61 19.86 42.88
N ALA A 1285 -53.34 18.77 42.21
CA ALA A 1285 -53.35 17.47 42.88
C ALA A 1285 -52.24 17.49 43.96
N TRP A 1286 -51.03 17.90 43.60
CA TRP A 1286 -49.95 17.94 44.62
C TRP A 1286 -50.26 18.85 45.79
N VAL A 1287 -50.88 19.99 45.54
CA VAL A 1287 -51.33 20.90 46.59
C VAL A 1287 -52.26 20.18 47.53
N ASN A 1288 -53.19 19.44 46.98
CA ASN A 1288 -54.17 18.74 47.81
C ASN A 1288 -53.49 17.61 48.56
N MET A 1289 -52.58 16.95 47.92
CA MET A 1289 -51.91 15.74 48.42
C MET A 1289 -50.89 16.08 49.48
N LEU A 1290 -50.29 17.26 49.41
CA LEU A 1290 -49.19 17.69 50.33
C LEU A 1290 -49.65 18.61 51.41
N LEU A 1291 -50.74 19.35 51.24
CA LEU A 1291 -51.09 20.46 52.11
C LEU A 1291 -52.52 20.43 52.52
N ILE A 1292 -53.44 20.33 51.61
CA ILE A 1292 -54.82 20.74 51.95
C ILE A 1292 -55.67 19.57 52.39
N SER A 1293 -55.58 18.46 51.68
CA SER A 1293 -56.39 17.23 51.95
C SER A 1293 -57.88 17.48 51.88
N SER A 1294 -58.34 18.32 51.00
CA SER A 1294 -59.78 18.52 50.85
C SER A 1294 -60.38 17.44 49.97
N SER A 1295 -61.67 17.41 50.01
CA SER A 1295 -62.50 16.66 49.09
C SER A 1295 -63.44 17.58 48.39
N GLY A 1296 -62.96 18.78 48.14
CA GLY A 1296 -63.77 19.82 47.55
C GLY A 1296 -63.59 19.86 46.07
N PRO A 1297 -64.25 20.82 45.44
CA PRO A 1297 -64.22 20.96 44.01
C PRO A 1297 -62.80 21.14 43.51
N ILE A 1298 -62.62 20.66 42.33
CA ILE A 1298 -61.32 20.77 41.66
C ILE A 1298 -61.65 21.05 40.21
N LYS A 1299 -61.55 22.30 39.81
CA LYS A 1299 -61.90 22.72 38.45
C LYS A 1299 -60.67 23.44 37.95
N THR A 1300 -59.90 22.81 37.13
CA THR A 1300 -58.62 23.32 36.66
C THR A 1300 -58.85 23.97 35.31
N PRO A 1301 -58.78 25.31 35.20
CA PRO A 1301 -58.88 25.97 33.93
C PRO A 1301 -57.55 26.01 33.18
N VAL A 1302 -57.73 26.09 31.89
CA VAL A 1302 -56.64 26.36 30.95
C VAL A 1302 -57.11 27.53 30.09
N GLY A 1303 -56.45 28.63 30.19
CA GLY A 1303 -56.89 29.84 29.51
C GLY A 1303 -55.77 30.62 28.97
N ALA A 1304 -54.67 29.97 28.60
CA ALA A 1304 -53.45 30.68 28.15
C ALA A 1304 -53.23 31.87 29.10
N CYS A 1305 -53.05 33.05 28.54
CA CYS A 1305 -52.65 34.26 29.28
C CYS A 1305 -53.77 34.72 30.20
N ALA A 1306 -55.00 34.25 30.03
CA ALA A 1306 -56.13 34.64 30.86
C ALA A 1306 -56.52 33.57 31.87
N THR A 1307 -55.68 32.60 32.09
CA THR A 1307 -55.98 31.49 33.01
C THR A 1307 -56.36 31.98 34.40
N SER A 1308 -55.65 32.97 34.92
CA SER A 1308 -55.79 33.39 36.32
C SER A 1308 -57.12 34.09 36.50
N VAL A 1309 -57.57 34.82 35.51
CA VAL A 1309 -58.91 35.44 35.58
C VAL A 1309 -60.00 34.38 35.39
N GLU A 1310 -59.86 33.49 34.46
CA GLU A 1310 -60.77 32.34 34.36
C GLU A 1310 -60.84 31.58 35.69
N SER A 1311 -59.72 31.41 36.36
CA SER A 1311 -59.65 30.76 37.68
C SER A 1311 -60.55 31.45 38.67
N VAL A 1312 -60.44 32.77 38.72
CA VAL A 1312 -61.23 33.56 39.67
C VAL A 1312 -62.69 33.42 39.30
N ASP A 1313 -63.03 33.55 38.04
CA ASP A 1313 -64.43 33.38 37.63
C ASP A 1313 -64.97 31.99 38.07
N ILE A 1314 -64.22 30.94 37.85
CA ILE A 1314 -64.62 29.57 38.29
C ILE A 1314 -64.73 29.51 39.78
N GLY A 1315 -63.74 30.05 40.52
CA GLY A 1315 -63.77 30.01 41.98
C GLY A 1315 -64.97 30.75 42.52
N VAL A 1316 -65.21 31.91 41.99
CA VAL A 1316 -66.39 32.70 42.39
C VAL A 1316 -67.62 31.86 42.18
N GLU A 1317 -67.83 31.38 40.98
CA GLU A 1317 -69.06 30.62 40.70
C GLU A 1317 -69.15 29.34 41.54
N THR A 1318 -68.05 28.71 41.84
CA THR A 1318 -68.03 27.50 42.68
C THR A 1318 -68.53 27.88 44.08
N ILE A 1319 -68.09 29.03 44.59
CA ILE A 1319 -68.52 29.47 45.92
C ILE A 1319 -69.97 29.91 45.84
N LEU A 1320 -70.37 30.66 44.84
CA LEU A 1320 -71.79 31.10 44.77
C LEU A 1320 -72.76 29.95 44.54
N SER A 1321 -72.35 28.86 43.96
CA SER A 1321 -73.18 27.66 43.72
C SER A 1321 -73.34 26.85 44.99
N GLY A 1322 -72.56 27.13 46.03
CA GLY A 1322 -72.62 26.40 47.30
C GLY A 1322 -71.73 25.17 47.31
N LYS A 1323 -70.90 24.98 46.30
CA LYS A 1323 -70.04 23.80 46.21
C LYS A 1323 -68.81 23.96 47.07
N ALA A 1324 -68.38 25.20 47.29
CA ALA A 1324 -67.23 25.51 48.13
C ALA A 1324 -67.53 26.74 48.96
N ARG A 1325 -66.82 26.89 50.06
CA ARG A 1325 -66.81 28.15 50.82
C ARG A 1325 -65.47 28.84 50.71
N ILE A 1326 -64.43 28.07 50.37
CA ILE A 1326 -63.06 28.62 50.20
C ILE A 1326 -62.51 28.03 48.91
N CYS A 1327 -61.85 28.83 48.08
CA CYS A 1327 -61.34 28.33 46.78
C CYS A 1327 -59.92 28.83 46.54
N ILE A 1328 -59.00 27.92 46.19
CA ILE A 1328 -57.62 28.35 45.82
C ILE A 1328 -57.66 28.74 44.34
N VAL A 1329 -57.43 30.01 44.04
CA VAL A 1329 -57.51 30.48 42.65
C VAL A 1329 -56.16 31.00 42.26
N GLY A 1330 -55.93 31.04 40.97
CA GLY A 1330 -54.70 31.56 40.41
C GLY A 1330 -54.21 30.84 39.22
N GLY A 1331 -52.95 31.04 38.95
CA GLY A 1331 -52.33 30.56 37.74
C GLY A 1331 -50.87 30.42 37.82
N TYR A 1332 -50.33 29.69 36.92
CA TYR A 1332 -48.93 29.30 36.93
C TYR A 1332 -48.53 28.96 35.55
N ASP A 1333 -47.27 29.18 35.28
CA ASP A 1333 -46.64 28.73 34.03
C ASP A 1333 -45.14 28.81 34.21
N ASP A 1334 -44.44 28.01 33.44
CA ASP A 1334 -42.97 27.95 33.42
C ASP A 1334 -42.44 28.51 32.11
N PHE A 1335 -41.14 28.77 32.09
CA PHE A 1335 -40.43 29.23 30.89
C PHE A 1335 -39.56 28.04 30.59
N GLN A 1336 -39.55 27.57 29.36
CA GLN A 1336 -38.55 26.60 28.88
C GLN A 1336 -38.27 26.85 27.43
N GLU A 1337 -37.21 26.21 26.99
CA GLU A 1337 -36.65 26.36 25.64
C GLU A 1337 -37.77 26.28 24.63
N GLU A 1338 -38.54 25.21 24.66
CA GLU A 1338 -39.40 24.91 23.51
C GLU A 1338 -40.48 25.97 23.37
N GLY A 1339 -41.12 26.34 24.45
CA GLY A 1339 -42.15 27.38 24.37
C GLY A 1339 -41.56 28.71 23.93
N SER A 1340 -40.37 29.04 24.41
CA SER A 1340 -39.69 30.28 23.99
C SER A 1340 -39.48 30.23 22.50
N PHE A 1341 -39.07 29.09 21.98
CA PHE A 1341 -38.79 29.02 20.53
C PHE A 1341 -40.06 29.25 19.76
N GLU A 1342 -41.15 28.65 20.24
CA GLU A 1342 -42.42 28.73 19.48
C GLU A 1342 -43.04 30.08 19.62
N PHE A 1343 -42.99 30.69 20.79
CA PHE A 1343 -43.49 32.07 20.86
C PHE A 1343 -42.66 32.96 19.93
N GLY A 1344 -41.38 32.66 19.74
CA GLY A 1344 -40.57 33.41 18.77
C GLY A 1344 -41.02 33.13 17.34
N ASN A 1345 -41.29 31.87 16.99
CA ASN A 1345 -41.76 31.54 15.63
C ASN A 1345 -43.11 32.18 15.36
N MET A 1346 -43.93 32.37 16.37
CA MET A 1346 -45.23 33.08 16.19
C MET A 1346 -45.06 34.60 16.20
N LYS A 1347 -43.84 35.10 16.44
CA LYS A 1347 -43.47 36.53 16.53
C LYS A 1347 -44.31 37.21 17.63
N ALA A 1348 -44.64 36.51 18.69
CA ALA A 1348 -45.43 37.09 19.80
C ALA A 1348 -44.47 37.84 20.77
N THR A 1349 -43.28 37.32 20.95
CA THR A 1349 -42.28 37.84 21.87
C THR A 1349 -41.39 38.84 21.13
N SER A 1350 -40.75 39.68 21.90
CA SER A 1350 -39.83 40.67 21.33
C SER A 1350 -38.57 39.92 20.93
N ASN A 1351 -38.04 40.29 19.80
CA ASN A 1351 -36.74 39.85 19.29
C ASN A 1351 -35.64 40.65 20.00
N THR A 1352 -34.82 39.98 20.77
CA THR A 1352 -33.79 40.63 21.58
C THR A 1352 -32.76 41.33 20.70
N LEU A 1353 -32.41 40.73 19.58
CA LEU A 1353 -31.39 41.32 18.70
C LEU A 1353 -31.90 42.62 18.11
N GLU A 1354 -33.18 42.71 17.75
CA GLU A 1354 -33.78 43.96 17.30
C GLU A 1354 -33.76 44.98 18.46
N GLU A 1355 -34.04 44.54 19.68
CA GLU A 1355 -34.03 45.43 20.86
C GLU A 1355 -32.63 46.01 21.05
N PHE A 1356 -31.61 45.17 20.98
CA PHE A 1356 -30.20 45.58 21.11
C PHE A 1356 -29.83 46.58 20.00
N GLU A 1357 -30.33 46.43 18.79
CA GLU A 1357 -30.13 47.43 17.72
C GLU A 1357 -30.73 48.77 18.09
N HIS A 1358 -31.83 48.80 18.83
CA HIS A 1358 -32.53 50.02 19.27
C HIS A 1358 -31.93 50.53 20.55
N GLY A 1359 -30.87 49.93 21.06
CA GLY A 1359 -30.19 50.32 22.28
C GLY A 1359 -30.97 50.02 23.54
N ARG A 1360 -31.84 49.03 23.50
CA ARG A 1360 -32.65 48.70 24.67
C ARG A 1360 -31.87 47.69 25.47
N THR A 1361 -31.89 47.85 26.78
CA THR A 1361 -31.37 46.87 27.71
C THR A 1361 -32.52 45.96 28.14
N PRO A 1362 -32.23 44.79 28.75
CA PRO A 1362 -33.30 43.87 29.18
C PRO A 1362 -34.41 44.51 30.00
N ALA A 1363 -34.04 45.36 30.97
CA ALA A 1363 -34.96 46.11 31.82
C ALA A 1363 -35.90 47.03 31.05
N GLU A 1364 -35.70 47.32 29.77
CA GLU A 1364 -36.65 48.20 29.05
C GLU A 1364 -37.25 47.45 27.88
N MET A 1365 -37.13 46.15 27.83
CA MET A 1365 -37.69 45.45 26.68
C MET A 1365 -39.21 45.30 26.82
N SER A 1366 -39.74 45.32 28.03
CA SER A 1366 -41.20 45.19 28.25
C SER A 1366 -41.72 46.62 28.47
N ARG A 1367 -42.35 47.20 27.47
CA ARG A 1367 -42.76 48.62 27.52
C ARG A 1367 -44.16 48.77 27.01
N PRO A 1368 -45.12 48.26 27.76
CA PRO A 1368 -46.51 48.33 27.34
C PRO A 1368 -46.96 49.76 27.03
N ALA A 1369 -47.77 49.90 25.99
CA ALA A 1369 -48.51 51.13 25.62
C ALA A 1369 -47.59 52.18 25.04
N THR A 1370 -46.37 51.82 24.74
CA THR A 1370 -45.34 52.71 24.17
C THR A 1370 -45.42 52.66 22.65
N THR A 1371 -44.93 53.72 22.04
CA THR A 1371 -44.83 53.82 20.57
C THR A 1371 -44.05 52.64 19.98
N THR A 1372 -42.97 52.22 20.61
CA THR A 1372 -42.01 51.29 19.98
C THR A 1372 -42.20 49.86 20.55
N ARG A 1373 -43.23 49.59 21.32
CA ARG A 1373 -43.49 48.20 21.82
C ARG A 1373 -43.51 47.23 20.65
N ASN A 1374 -42.91 46.07 20.85
CA ASN A 1374 -42.70 45.15 19.73
C ASN A 1374 -42.72 43.68 20.19
N GLY A 1375 -43.53 43.35 21.14
CA GLY A 1375 -43.69 41.95 21.52
C GLY A 1375 -43.51 41.77 23.00
N PHE A 1376 -44.01 40.66 23.52
CA PHE A 1376 -43.97 40.47 24.98
C PHE A 1376 -42.66 39.86 25.38
N MET A 1377 -42.42 39.99 26.66
CA MET A 1377 -41.26 39.42 27.35
C MET A 1377 -41.77 38.23 28.16
N GLU A 1378 -41.28 37.05 27.86
CA GLU A 1378 -41.77 35.83 28.56
C GLU A 1378 -41.23 35.78 29.97
N ALA A 1379 -42.05 35.36 30.90
CA ALA A 1379 -41.63 35.18 32.27
C ALA A 1379 -42.14 33.82 32.75
N GLN A 1380 -41.95 33.57 33.99
CA GLN A 1380 -42.35 32.34 34.67
C GLN A 1380 -42.82 32.65 36.06
N GLY A 1381 -43.58 31.73 36.62
CA GLY A 1381 -43.93 31.73 38.04
C GLY A 1381 -45.37 31.44 38.26
N ALA A 1382 -45.84 31.77 39.43
CA ALA A 1382 -47.16 31.45 39.90
C ALA A 1382 -47.71 32.59 40.71
N GLY A 1383 -49.01 32.66 40.72
CA GLY A 1383 -49.78 33.49 41.63
C GLY A 1383 -50.99 32.77 42.13
N ILE A 1384 -51.31 32.97 43.38
CA ILE A 1384 -52.38 32.32 44.09
C ILE A 1384 -53.09 33.33 44.94
N GLN A 1385 -54.41 33.25 44.93
CA GLN A 1385 -55.26 33.87 45.93
C GLN A 1385 -56.08 32.81 46.60
N ILE A 1386 -56.43 33.13 47.83
CA ILE A 1386 -57.41 32.41 48.61
C ILE A 1386 -58.63 33.27 48.62
N ILE A 1387 -59.70 32.75 48.11
CA ILE A 1387 -61.01 33.42 48.12
C ILE A 1387 -61.98 32.70 49.00
N MET A 1388 -62.84 33.46 49.62
CA MET A 1388 -63.89 32.84 50.40
C MET A 1388 -65.11 33.70 50.50
N GLN A 1389 -66.12 33.07 50.94
CA GLN A 1389 -67.35 33.76 51.34
C GLN A 1389 -66.97 34.74 52.46
N ALA A 1390 -67.46 35.95 52.35
CA ALA A 1390 -67.20 37.00 53.34
C ALA A 1390 -67.69 36.59 54.71
N ASP A 1391 -68.85 35.96 54.78
CA ASP A 1391 -69.40 35.48 56.07
C ASP A 1391 -68.40 34.60 56.80
N LEU A 1392 -67.73 33.74 56.06
CA LEU A 1392 -66.73 32.84 56.63
C LEU A 1392 -65.44 33.58 56.95
N ALA A 1393 -65.01 34.51 56.13
CA ALA A 1393 -63.81 35.30 56.41
C ALA A 1393 -64.01 36.07 57.72
N LEU A 1394 -65.18 36.60 57.94
CA LEU A 1394 -65.47 37.35 59.19
C LEU A 1394 -65.47 36.41 60.38
N LYS A 1395 -66.07 35.24 60.25
CA LYS A 1395 -66.13 34.27 61.35
C LYS A 1395 -64.75 33.69 61.66
N MET A 1396 -63.93 33.41 60.67
CA MET A 1396 -62.61 32.86 60.88
C MET A 1396 -61.69 33.93 61.45
N GLY A 1397 -61.97 35.19 61.13
CA GLY A 1397 -61.04 36.28 61.44
C GLY A 1397 -59.84 36.28 60.59
N VAL A 1398 -60.01 36.12 59.27
CA VAL A 1398 -58.89 36.19 58.34
C VAL A 1398 -58.89 37.59 57.75
N PRO A 1399 -57.76 38.07 57.32
CA PRO A 1399 -57.66 39.35 56.67
C PRO A 1399 -58.42 39.31 55.36
N ILE A 1400 -59.01 40.44 55.04
CA ILE A 1400 -59.79 40.68 53.81
C ILE A 1400 -59.10 41.76 53.03
N TYR A 1401 -58.51 41.39 51.90
CA TYR A 1401 -57.76 42.30 51.08
C TYR A 1401 -58.61 42.96 50.04
N GLY A 1402 -59.74 42.38 49.70
CA GLY A 1402 -60.56 42.91 48.60
C GLY A 1402 -61.80 42.10 48.44
N ILE A 1403 -62.77 42.68 47.81
CA ILE A 1403 -64.00 42.00 47.41
C ILE A 1403 -63.91 41.70 45.94
N VAL A 1404 -64.16 40.46 45.55
CA VAL A 1404 -64.23 40.14 44.10
C VAL A 1404 -65.64 40.44 43.70
N ALA A 1405 -65.84 41.60 43.12
CA ALA A 1405 -67.19 42.10 42.85
C ALA A 1405 -67.70 41.53 41.55
N MET A 1406 -66.81 41.17 40.65
CA MET A 1406 -67.24 40.63 39.35
C MET A 1406 -66.07 39.87 38.79
N ALA A 1407 -66.36 38.80 38.11
CA ALA A 1407 -65.37 38.13 37.28
C ALA A 1407 -66.10 37.55 36.08
N ALA A 1408 -65.55 37.67 34.90
CA ALA A 1408 -66.23 37.22 33.68
C ALA A 1408 -65.20 36.81 32.68
N THR A 1409 -65.60 35.93 31.76
CA THR A 1409 -64.83 35.48 30.61
C THR A 1409 -65.67 35.72 29.37
N ALA A 1410 -65.04 35.83 28.23
CA ALA A 1410 -65.78 36.13 26.99
C ALA A 1410 -64.88 35.74 25.85
N THR A 1411 -65.45 35.09 24.87
CA THR A 1411 -64.81 34.81 23.59
C THR A 1411 -65.11 35.98 22.69
N ASP A 1412 -64.73 35.91 21.43
CA ASP A 1412 -64.85 37.07 20.54
C ASP A 1412 -65.86 36.75 19.43
N LYS A 1413 -65.41 36.13 18.38
CA LYS A 1413 -66.18 36.11 17.10
C LYS A 1413 -65.47 35.20 16.10
N ILE A 1414 -66.15 34.98 14.99
CA ILE A 1414 -65.58 34.30 13.83
C ILE A 1414 -64.21 34.86 13.51
N GLY A 1415 -63.29 34.01 13.10
CA GLY A 1415 -61.97 34.49 12.69
C GLY A 1415 -61.03 33.36 12.36
N ARG A 1416 -59.79 33.67 12.09
CA ARG A 1416 -58.83 32.64 11.67
C ARG A 1416 -57.52 32.83 12.37
N SER A 1417 -57.46 33.70 13.37
CA SER A 1417 -56.20 34.05 14.07
C SER A 1417 -56.40 33.73 15.54
N VAL A 1418 -55.93 32.59 15.96
CA VAL A 1418 -56.06 32.17 17.37
C VAL A 1418 -55.44 33.20 18.30
N PRO A 1419 -54.23 33.77 18.04
CA PRO A 1419 -53.63 34.71 18.99
C PRO A 1419 -54.25 36.10 19.07
N ALA A 1420 -55.09 36.48 18.11
CA ALA A 1420 -55.57 37.88 17.97
C ALA A 1420 -56.50 38.22 19.14
N PRO A 1421 -56.22 39.30 19.90
CA PRO A 1421 -57.13 39.70 20.97
C PRO A 1421 -58.38 40.29 20.32
N GLY A 1422 -59.48 40.21 21.04
CA GLY A 1422 -60.75 40.75 20.61
C GLY A 1422 -61.42 41.52 21.70
N LYS A 1423 -62.66 41.85 21.43
CA LYS A 1423 -63.47 42.80 22.22
C LYS A 1423 -64.62 42.12 22.92
N GLY A 1424 -64.67 40.82 22.94
CA GLY A 1424 -65.79 40.14 23.60
C GLY A 1424 -66.00 40.49 25.02
N ILE A 1425 -64.95 40.78 25.77
CA ILE A 1425 -65.12 41.16 27.18
C ILE A 1425 -65.85 42.50 27.34
N LEU A 1426 -66.01 43.26 26.28
CA LEU A 1426 -66.84 44.49 26.29
C LEU A 1426 -68.27 44.20 26.69
N THR A 1427 -68.73 42.96 26.57
CA THR A 1427 -70.04 42.47 27.02
C THR A 1427 -70.26 42.68 28.50
N THR A 1428 -69.21 42.82 29.32
CA THR A 1428 -69.42 43.11 30.74
C THR A 1428 -70.06 44.49 30.97
N ALA A 1429 -69.95 45.39 30.03
CA ALA A 1429 -70.57 46.72 30.12
C ALA A 1429 -71.92 46.74 29.41
N ARG A 1430 -72.48 45.61 28.98
CA ARG A 1430 -73.69 45.65 28.14
C ARG A 1430 -74.82 46.24 28.96
N GLU A 1431 -75.57 47.10 28.32
CA GLU A 1431 -76.67 47.80 29.02
C GLU A 1431 -77.58 48.37 27.96
N HIS A 1432 -78.86 48.18 28.18
CA HIS A 1432 -79.90 48.61 27.23
C HIS A 1432 -80.26 50.03 27.53
N HIS A 1433 -80.07 50.92 26.59
CA HIS A 1433 -80.25 52.38 26.78
C HIS A 1433 -81.36 52.99 25.90
N SER A 1434 -82.32 52.21 25.38
CA SER A 1434 -83.46 52.74 24.57
C SER A 1434 -84.37 53.65 25.41
N SER A 1435 -84.47 53.36 26.71
CA SER A 1435 -85.49 53.92 27.64
C SER A 1435 -84.81 54.30 28.95
N VAL A 1436 -84.18 55.48 29.01
CA VAL A 1436 -83.35 55.89 30.18
C VAL A 1436 -83.69 57.32 30.61
N LYS A 1437 -84.90 57.79 30.31
CA LYS A 1437 -85.35 59.16 30.67
C LYS A 1437 -85.40 59.25 32.21
N TYR A 1438 -85.80 58.18 32.89
CA TYR A 1438 -85.98 58.16 34.36
C TYR A 1438 -85.06 57.13 35.00
N ALA A 1439 -84.47 57.49 36.13
CA ALA A 1439 -83.61 56.61 36.94
C ALA A 1439 -84.43 55.38 37.36
N SER A 1440 -83.84 54.19 37.24
CA SER A 1440 -84.42 52.93 37.74
C SER A 1440 -84.37 52.94 39.27
N PRO A 1441 -85.51 52.72 39.97
CA PRO A 1441 -85.47 52.51 41.42
C PRO A 1441 -84.53 51.37 41.85
N ASN A 1442 -84.33 50.40 40.97
CA ASN A 1442 -83.49 49.21 41.23
C ASN A 1442 -82.03 49.62 41.45
N LEU A 1443 -81.61 50.77 40.92
CA LEU A 1443 -80.23 51.29 41.13
C LEU A 1443 -80.10 52.06 42.43
N ASN A 1444 -81.21 52.31 43.10
CA ASN A 1444 -81.26 53.13 44.33
C ASN A 1444 -81.19 52.20 45.53
N MET A 1445 -80.10 52.23 46.27
CA MET A 1445 -79.90 51.32 47.40
C MET A 1445 -81.00 51.55 48.45
N LYS A 1446 -81.51 52.75 48.62
CA LYS A 1446 -82.60 53.00 49.62
C LYS A 1446 -83.88 52.25 49.26
N TYR A 1447 -84.24 52.24 47.98
CA TYR A 1447 -85.40 51.49 47.45
C TYR A 1447 -85.19 50.01 47.77
N ARG A 1448 -84.02 49.48 47.41
CA ARG A 1448 -83.73 48.05 47.57
C ARG A 1448 -83.84 47.71 49.03
N LYS A 1449 -83.28 48.54 49.91
CA LYS A 1449 -83.32 48.26 51.37
C LYS A 1449 -84.76 48.31 51.86
N ARG A 1450 -85.55 49.23 51.37
CA ARG A 1450 -86.99 49.28 51.79
C ARG A 1450 -87.67 47.94 51.43
N GLN A 1451 -87.38 47.40 50.26
CA GLN A 1451 -87.98 46.14 49.78
C GLN A 1451 -87.56 44.98 50.66
N LEU A 1452 -86.29 44.96 51.05
CA LEU A 1452 -85.78 43.91 51.94
C LEU A 1452 -86.48 44.02 53.28
N VAL A 1453 -86.59 45.22 53.81
CA VAL A 1453 -87.25 45.41 55.14
C VAL A 1453 -88.69 44.86 55.11
N THR A 1454 -89.41 45.10 54.03
CA THR A 1454 -90.81 44.59 53.86
C THR A 1454 -90.79 43.07 53.88
N ARG A 1455 -89.83 42.48 53.17
CA ARG A 1455 -89.68 41.01 53.08
C ARG A 1455 -89.31 40.43 54.43
N GLU A 1456 -88.46 41.11 55.21
CA GLU A 1456 -88.04 40.65 56.55
C GLU A 1456 -89.26 40.60 57.47
N ALA A 1457 -90.20 41.54 57.32
CA ALA A 1457 -91.47 41.55 58.10
C ALA A 1457 -92.26 40.28 57.75
N GLN A 1458 -92.29 39.89 56.47
CA GLN A 1458 -93.01 38.69 56.01
C GLN A 1458 -92.34 37.41 56.51
N ILE A 1459 -91.01 37.39 56.59
CA ILE A 1459 -90.27 36.19 57.06
C ILE A 1459 -90.51 36.04 58.56
N LYS A 1460 -90.39 37.11 59.32
CA LYS A 1460 -90.78 37.12 60.77
C LYS A 1460 -92.18 36.48 60.92
N ASP A 1461 -93.16 36.89 60.12
CA ASP A 1461 -94.54 36.34 60.18
C ASP A 1461 -94.52 34.85 59.86
N TRP A 1462 -93.83 34.48 58.78
CA TRP A 1462 -93.69 33.08 58.34
C TRP A 1462 -93.16 32.23 59.50
N VAL A 1463 -92.15 32.70 60.21
CA VAL A 1463 -91.61 31.92 61.35
C VAL A 1463 -92.67 31.82 62.47
N GLU A 1464 -93.38 32.89 62.80
CA GLU A 1464 -94.44 32.86 63.84
C GLU A 1464 -95.45 31.77 63.48
N ASN A 1465 -95.97 31.81 62.25
CA ASN A 1465 -96.93 30.80 61.73
C ASN A 1465 -96.37 29.37 61.83
N GLU A 1466 -95.09 29.14 61.48
CA GLU A 1466 -94.52 27.77 61.47
C GLU A 1466 -94.42 27.27 62.91
N LEU A 1467 -93.99 28.12 63.85
CA LEU A 1467 -93.91 27.78 65.30
C LEU A 1467 -95.31 27.45 65.85
N GLU A 1468 -96.35 28.20 65.47
CA GLU A 1468 -97.75 27.96 65.92
C GLU A 1468 -98.23 26.63 65.36
N ALA A 1469 -98.03 26.39 64.05
CA ALA A 1469 -98.36 25.13 63.37
C ALA A 1469 -97.59 23.98 64.03
N LEU A 1470 -96.34 24.22 64.44
CA LEU A 1470 -95.48 23.18 65.07
C LEU A 1470 -96.01 22.83 66.46
N LYS A 1471 -96.42 23.83 67.25
CA LYS A 1471 -97.03 23.62 68.60
C LYS A 1471 -98.27 22.72 68.46
N LEU A 1472 -99.16 23.00 67.50
CA LEU A 1472 -100.39 22.20 67.25
C LEU A 1472 -100.03 20.76 66.89
N GLU A 1473 -99.07 20.57 65.97
CA GLU A 1473 -98.58 19.23 65.56
C GLU A 1473 -97.99 18.50 66.77
N ALA A 1474 -97.24 19.21 67.62
CA ALA A 1474 -96.56 18.64 68.80
C ALA A 1474 -97.56 18.18 69.88
N GLU A 1475 -98.75 18.83 69.96
CA GLU A 1475 -99.82 18.47 70.92
C GLU A 1475 -100.30 17.02 70.67
N GLU A 1476 -100.28 16.56 69.42
CA GLU A 1476 -100.75 15.21 69.00
C GLU A 1476 -99.62 14.17 69.11
N ILE A 1477 -98.39 14.59 69.41
CA ILE A 1477 -97.22 13.69 69.60
C ILE A 1477 -97.22 13.23 71.05
N PRO A 1478 -97.02 11.91 71.35
CA PRO A 1478 -96.88 11.45 72.73
C PRO A 1478 -95.72 12.14 73.47
N SER A 1479 -95.93 12.47 74.75
CA SER A 1479 -95.13 13.42 75.57
C SER A 1479 -93.64 13.05 75.62
N GLU A 1480 -93.31 11.75 75.61
CA GLU A 1480 -91.91 11.24 75.67
C GLU A 1480 -91.16 11.56 74.37
N ASP A 1481 -91.85 11.55 73.22
CA ASP A 1481 -91.28 11.76 71.86
C ASP A 1481 -91.39 13.23 71.43
N GLN A 1482 -91.99 14.09 72.26
CA GLN A 1482 -92.33 15.50 71.93
C GLN A 1482 -91.06 16.33 71.88
N ASN A 1483 -90.13 16.07 72.80
CA ASN A 1483 -88.81 16.75 72.86
C ASN A 1483 -88.09 16.57 71.52
N GLU A 1484 -87.89 15.33 71.06
CA GLU A 1484 -87.07 15.01 69.86
C GLU A 1484 -87.76 15.63 68.63
N PHE A 1485 -89.08 15.50 68.53
CA PHE A 1485 -89.90 16.06 67.44
C PHE A 1485 -89.68 17.58 67.33
N LEU A 1486 -89.76 18.30 68.45
CA LEU A 1486 -89.64 19.78 68.47
C LEU A 1486 -88.21 20.21 68.14
N LEU A 1487 -87.23 19.50 68.65
CA LEU A 1487 -85.80 19.72 68.33
C LEU A 1487 -85.62 19.64 66.80
N GLU A 1488 -86.08 18.56 66.17
CA GLU A 1488 -85.88 18.32 64.72
C GLU A 1488 -86.62 19.42 63.97
N ARG A 1489 -87.87 19.68 64.35
CA ARG A 1489 -88.72 20.60 63.57
C ARG A 1489 -88.30 22.05 63.80
N THR A 1490 -87.75 22.38 64.95
CA THR A 1490 -87.35 23.76 65.29
C THR A 1490 -86.07 24.08 64.49
N ARG A 1491 -85.11 23.16 64.49
CA ARG A 1491 -83.87 23.28 63.69
C ARG A 1491 -84.25 23.48 62.22
N GLU A 1492 -85.26 22.78 61.73
CA GLU A 1492 -85.69 22.87 60.31
C GLU A 1492 -86.27 24.24 60.03
N ILE A 1493 -87.10 24.76 60.92
CA ILE A 1493 -87.70 26.12 60.74
C ILE A 1493 -86.60 27.19 60.75
N HIS A 1494 -85.62 27.03 61.63
CA HIS A 1494 -84.45 27.93 61.67
C HIS A 1494 -83.75 27.91 60.30
N ASN A 1495 -83.53 26.73 59.72
CA ASN A 1495 -82.83 26.58 58.41
C ASN A 1495 -83.63 27.33 57.37
N GLU A 1496 -84.94 27.12 57.36
CA GLU A 1496 -85.85 27.71 56.36
C GLU A 1496 -85.94 29.23 56.56
N ALA A 1497 -85.87 29.72 57.79
CA ALA A 1497 -85.93 31.18 58.01
C ALA A 1497 -84.63 31.80 57.47
N GLU A 1498 -83.50 31.20 57.80
CA GLU A 1498 -82.19 31.67 57.32
C GLU A 1498 -82.18 31.70 55.79
N SER A 1499 -82.65 30.63 55.16
CA SER A 1499 -82.66 30.51 53.68
C SER A 1499 -83.45 31.66 53.09
N GLN A 1500 -84.60 31.94 53.69
CA GLN A 1500 -85.50 32.97 53.21
C GLN A 1500 -84.88 34.35 53.42
N LEU A 1501 -84.21 34.58 54.53
CA LEU A 1501 -83.58 35.91 54.74
C LEU A 1501 -82.45 36.10 53.72
N ARG A 1502 -81.59 35.09 53.60
CA ARG A 1502 -80.44 35.11 52.66
C ARG A 1502 -80.95 35.28 51.23
N ALA A 1503 -82.06 34.67 50.89
CA ALA A 1503 -82.63 34.79 49.53
C ALA A 1503 -83.12 36.20 49.27
N ALA A 1504 -83.70 36.84 50.28
CA ALA A 1504 -84.19 38.23 50.20
C ALA A 1504 -82.99 39.17 50.08
N GLN A 1505 -81.93 38.94 50.86
CA GLN A 1505 -80.69 39.72 50.74
C GLN A 1505 -80.06 39.49 49.38
N GLN A 1506 -80.15 38.29 48.87
CA GLN A 1506 -79.62 38.03 47.52
C GLN A 1506 -80.44 38.80 46.50
N GLN A 1507 -81.76 38.80 46.61
CA GLN A 1507 -82.65 39.49 45.64
C GLN A 1507 -82.37 41.00 45.63
N TRP A 1508 -82.30 41.63 46.79
CA TRP A 1508 -82.26 43.10 46.92
C TRP A 1508 -80.84 43.63 47.11
N GLY A 1509 -79.92 42.83 47.64
CA GLY A 1509 -78.56 43.28 47.94
C GLY A 1509 -77.57 42.85 46.89
N ASN A 1510 -77.53 41.58 46.55
CA ASN A 1510 -76.40 41.00 45.76
C ASN A 1510 -76.75 40.87 44.29
N ASP A 1511 -77.99 40.53 43.95
CA ASP A 1511 -78.38 40.03 42.59
C ASP A 1511 -79.52 40.84 41.98
N PHE A 1512 -79.73 42.06 42.44
CA PHE A 1512 -80.84 42.94 42.02
C PHE A 1512 -80.78 43.28 40.54
N TYR A 1513 -79.62 43.18 39.90
CA TYR A 1513 -79.41 43.67 38.52
C TYR A 1513 -79.35 42.54 37.48
N LYS A 1514 -79.35 41.30 37.92
CA LYS A 1514 -79.15 40.10 37.06
C LYS A 1514 -80.23 40.01 35.97
N ARG A 1515 -81.46 40.41 36.26
CA ARG A 1515 -82.59 40.34 35.30
C ARG A 1515 -82.89 41.72 34.71
N ASP A 1516 -82.01 42.71 34.93
CA ASP A 1516 -82.29 44.12 34.59
C ASP A 1516 -81.40 44.53 33.43
N PRO A 1517 -81.92 44.53 32.18
CA PRO A 1517 -81.09 44.87 31.03
C PRO A 1517 -80.61 46.33 31.02
N ARG A 1518 -81.11 47.17 31.92
CA ARG A 1518 -80.67 48.56 32.09
C ARG A 1518 -79.49 48.68 33.03
N ILE A 1519 -79.06 47.59 33.66
CA ILE A 1519 -77.87 47.59 34.53
C ILE A 1519 -76.87 46.59 33.98
N ALA A 1520 -75.75 47.11 33.54
CA ALA A 1520 -74.60 46.31 33.13
C ALA A 1520 -74.11 45.49 34.29
N PRO A 1521 -73.59 44.29 34.02
CA PRO A 1521 -72.90 43.51 35.05
C PRO A 1521 -71.82 44.34 35.77
N LEU A 1522 -71.04 45.10 35.01
CA LEU A 1522 -69.99 45.97 35.57
C LEU A 1522 -70.59 46.99 36.51
N ARG A 1523 -71.66 47.65 36.11
CA ARG A 1523 -72.35 48.67 36.94
C ARG A 1523 -72.99 48.05 38.16
N GLY A 1524 -73.65 46.92 37.99
CA GLY A 1524 -74.30 46.22 39.09
C GLY A 1524 -73.32 45.82 40.14
N ALA A 1525 -72.19 45.27 39.71
CA ALA A 1525 -71.12 44.81 40.60
C ALA A 1525 -70.71 45.93 41.57
N LEU A 1526 -70.49 47.14 41.05
CA LEU A 1526 -70.07 48.30 41.83
C LEU A 1526 -71.27 48.83 42.64
N ALA A 1527 -72.44 48.88 42.02
CA ALA A 1527 -73.65 49.44 42.69
C ALA A 1527 -74.04 48.59 43.89
N THR A 1528 -73.67 47.32 43.94
CA THR A 1528 -73.92 46.49 45.14
C THR A 1528 -73.36 47.17 46.40
N TYR A 1529 -72.25 47.89 46.30
CA TYR A 1529 -71.53 48.51 47.44
C TYR A 1529 -71.79 50.02 47.44
N GLY A 1530 -72.66 50.51 46.57
CA GLY A 1530 -72.95 51.94 46.47
C GLY A 1530 -71.91 52.70 45.68
N LEU A 1531 -71.07 51.99 44.92
CA LEU A 1531 -70.10 52.62 44.03
C LEU A 1531 -70.74 52.85 42.69
N THR A 1532 -70.22 53.84 42.00
CA THR A 1532 -70.61 54.18 40.63
C THR A 1532 -69.47 53.83 39.72
N ILE A 1533 -69.71 53.92 38.44
CA ILE A 1533 -68.66 53.64 37.43
C ILE A 1533 -67.49 54.62 37.60
N ASP A 1534 -67.71 55.82 38.15
CA ASP A 1534 -66.62 56.79 38.41
C ASP A 1534 -65.68 56.36 39.55
N ASP A 1535 -66.05 55.36 40.34
CA ASP A 1535 -65.22 54.83 41.46
C ASP A 1535 -64.22 53.77 41.00
N LEU A 1536 -64.31 53.29 39.79
CA LEU A 1536 -63.27 52.43 39.24
C LEU A 1536 -62.06 53.28 38.91
N GLY A 1537 -61.11 53.33 39.81
CA GLY A 1537 -59.95 54.22 39.70
C GLY A 1537 -58.88 53.69 38.82
N VAL A 1538 -58.64 52.39 38.87
CA VAL A 1538 -57.47 51.81 38.21
C VAL A 1538 -57.91 50.65 37.36
N ALA A 1539 -57.25 50.52 36.25
CA ALA A 1539 -57.40 49.38 35.35
C ALA A 1539 -56.01 48.80 35.26
N SER A 1540 -55.87 47.62 35.80
CA SER A 1540 -54.68 46.80 35.64
C SER A 1540 -54.85 46.16 34.27
N PHE A 1541 -54.02 46.57 33.36
CA PHE A 1541 -54.07 46.12 31.96
C PHE A 1541 -53.22 44.90 31.81
N HIS A 1542 -53.71 43.97 31.03
CA HIS A 1542 -52.95 42.81 30.57
C HIS A 1542 -51.62 43.32 30.04
N GLY A 1543 -51.68 44.29 29.14
CA GLY A 1543 -50.55 45.19 28.85
C GLY A 1543 -49.24 44.47 28.59
N THR A 1544 -49.19 43.72 27.52
CA THR A 1544 -48.14 42.73 27.23
C THR A 1544 -47.02 43.33 26.43
N SER A 1545 -47.15 44.55 25.95
CA SER A 1545 -46.11 45.23 25.15
C SER A 1545 -46.16 44.66 23.73
N THR A 1546 -47.31 44.18 23.30
CA THR A 1546 -47.51 43.82 21.87
C THR A 1546 -48.32 44.93 21.23
N LYS A 1547 -48.13 45.13 19.95
CA LYS A 1547 -48.87 46.16 19.21
C LYS A 1547 -50.37 45.95 19.36
N ALA A 1548 -50.81 44.74 19.03
CA ALA A 1548 -52.26 44.46 18.96
C ALA A 1548 -52.85 44.51 20.36
N ASN A 1549 -52.19 43.90 21.33
CA ASN A 1549 -52.79 43.74 22.67
C ASN A 1549 -53.11 45.10 23.25
N ASP A 1550 -52.11 45.97 23.33
CA ASP A 1550 -52.22 47.22 24.14
C ASP A 1550 -53.25 48.14 23.50
N LYS A 1551 -53.34 48.17 22.19
CA LYS A 1551 -54.39 48.96 21.53
C LYS A 1551 -55.80 48.40 21.79
N ASN A 1552 -55.97 47.09 21.62
CA ASN A 1552 -57.29 46.44 21.76
C ASN A 1552 -57.75 46.60 23.19
N GLU A 1553 -56.86 46.44 24.12
CA GLU A 1553 -57.22 46.51 25.53
C GLU A 1553 -57.63 47.93 25.89
N SER A 1554 -56.86 48.91 25.46
CA SER A 1554 -57.23 50.32 25.69
C SER A 1554 -58.59 50.63 25.08
N ALA A 1555 -58.80 50.26 23.84
CA ALA A 1555 -60.07 50.48 23.12
C ALA A 1555 -61.22 49.82 23.86
N THR A 1556 -61.01 48.62 24.40
CA THR A 1556 -62.07 47.88 25.08
C THR A 1556 -62.43 48.60 26.36
N ILE A 1557 -61.45 48.91 27.19
CA ILE A 1557 -61.71 49.63 28.46
C ILE A 1557 -62.37 50.95 28.12
N ASN A 1558 -61.87 51.59 27.09
CA ASN A 1558 -62.40 52.91 26.74
C ASN A 1558 -63.87 52.82 26.35
N GLU A 1559 -64.22 51.83 25.52
CA GLU A 1559 -65.63 51.61 25.14
C GLU A 1559 -66.49 51.21 26.34
N MET A 1560 -65.98 50.42 27.27
CA MET A 1560 -66.78 50.08 28.44
C MET A 1560 -67.13 51.39 29.16
N MET A 1561 -66.11 52.21 29.42
CA MET A 1561 -66.30 53.47 30.18
C MET A 1561 -67.28 54.39 29.45
N LYS A 1562 -67.15 54.55 28.16
CA LYS A 1562 -68.05 55.43 27.38
C LYS A 1562 -69.49 54.95 27.46
N HIS A 1563 -69.70 53.65 27.28
CA HIS A 1563 -71.05 53.08 27.26
C HIS A 1563 -71.69 53.29 28.61
N LEU A 1564 -70.95 53.14 29.69
CA LEU A 1564 -71.52 53.26 31.03
C LEU A 1564 -71.50 54.71 31.53
N GLY A 1565 -71.17 55.69 30.71
CA GLY A 1565 -71.27 57.10 31.12
C GLY A 1565 -70.30 57.50 32.19
N ARG A 1566 -69.11 56.93 32.15
CA ARG A 1566 -67.99 57.42 32.93
C ARG A 1566 -67.85 58.94 32.66
N SER A 1567 -67.64 59.72 33.68
CA SER A 1567 -67.53 61.19 33.53
C SER A 1567 -66.39 61.57 32.62
N GLU A 1568 -66.66 62.50 31.71
CA GLU A 1568 -65.58 63.14 30.94
C GLU A 1568 -64.56 63.72 31.91
N GLY A 1569 -63.29 63.49 31.66
CA GLY A 1569 -62.25 63.99 32.52
C GLY A 1569 -61.90 63.08 33.63
N ASN A 1570 -62.48 61.86 33.65
CA ASN A 1570 -62.17 60.92 34.74
C ASN A 1570 -61.64 59.66 34.12
N PRO A 1571 -60.45 59.67 33.51
CA PRO A 1571 -59.90 58.44 32.93
C PRO A 1571 -59.58 57.42 34.02
N VAL A 1572 -59.66 56.15 33.67
CA VAL A 1572 -59.10 55.09 34.54
C VAL A 1572 -57.59 55.24 34.42
N ILE A 1573 -56.92 55.01 35.49
CA ILE A 1573 -55.45 55.03 35.50
C ILE A 1573 -55.03 53.62 35.19
N GLY A 1574 -54.28 53.47 34.12
CA GLY A 1574 -53.72 52.21 33.70
C GLY A 1574 -52.52 51.83 34.51
N VAL A 1575 -52.48 50.58 34.92
CA VAL A 1575 -51.27 49.93 35.48
C VAL A 1575 -50.84 48.82 34.56
N PHE A 1576 -49.57 48.72 34.33
CA PHE A 1576 -49.00 47.79 33.37
C PHE A 1576 -47.87 47.05 34.04
N GLN A 1577 -48.21 46.18 34.94
CA GLN A 1577 -47.25 45.42 35.79
C GLN A 1577 -46.24 44.65 34.96
N LYS A 1578 -46.59 44.24 33.76
CA LYS A 1578 -45.68 43.40 33.00
C LYS A 1578 -44.46 44.18 32.56
N PHE A 1579 -44.42 45.52 32.68
CA PHE A 1579 -43.17 46.27 32.35
C PHE A 1579 -42.04 45.71 33.20
N LEU A 1580 -42.36 45.35 34.39
CA LEU A 1580 -41.40 44.89 35.39
C LEU A 1580 -41.26 43.37 35.41
N THR A 1581 -42.33 42.62 35.27
CA THR A 1581 -42.33 41.15 35.54
C THR A 1581 -42.14 40.36 34.26
N GLY A 1582 -42.50 40.94 33.12
CA GLY A 1582 -42.83 40.18 31.92
C GLY A 1582 -44.12 39.38 32.04
N HIS A 1583 -44.37 38.60 31.04
CA HIS A 1583 -45.65 37.93 30.85
C HIS A 1583 -45.50 36.47 31.20
N PRO A 1584 -45.98 36.04 32.33
CA PRO A 1584 -45.85 34.65 32.69
C PRO A 1584 -46.99 33.75 32.20
N LYS A 1585 -47.62 34.09 31.10
CA LYS A 1585 -48.71 33.30 30.51
C LYS A 1585 -49.81 33.10 31.55
N GLY A 1586 -50.06 31.86 32.00
CA GLY A 1586 -51.17 31.59 32.90
C GLY A 1586 -51.13 32.33 34.22
N ALA A 1587 -49.96 32.75 34.69
CA ALA A 1587 -49.92 33.45 35.98
C ALA A 1587 -50.26 34.93 35.80
N ALA A 1588 -50.40 35.42 34.59
CA ALA A 1588 -50.44 36.87 34.32
C ALA A 1588 -51.51 37.56 35.18
N GLY A 1589 -52.73 37.09 35.12
CA GLY A 1589 -53.85 37.64 35.87
C GLY A 1589 -53.62 37.58 37.35
N ALA A 1590 -52.94 36.55 37.81
CA ALA A 1590 -52.80 36.34 39.24
C ALA A 1590 -51.84 37.38 39.78
N TRP A 1591 -50.78 37.68 39.05
CA TRP A 1591 -49.85 38.74 39.46
C TRP A 1591 -50.54 40.07 39.42
N MET A 1592 -51.41 40.29 38.44
CA MET A 1592 -52.15 41.54 38.33
C MET A 1592 -53.14 41.69 39.45
N MET A 1593 -53.79 40.59 39.83
CA MET A 1593 -54.73 40.59 40.93
C MET A 1593 -54.02 40.90 42.24
N ASN A 1594 -52.86 40.32 42.44
CA ASN A 1594 -52.07 40.58 43.64
C ASN A 1594 -51.74 42.08 43.67
N GLY A 1595 -51.27 42.62 42.59
CA GLY A 1595 -51.03 44.07 42.42
C GLY A 1595 -52.22 44.89 42.74
N ALA A 1596 -53.36 44.52 42.21
CA ALA A 1596 -54.61 45.23 42.39
C ALA A 1596 -54.92 45.28 43.86
N LEU A 1597 -54.76 44.17 44.56
CA LEU A 1597 -55.02 44.12 45.99
C LEU A 1597 -54.05 45.04 46.71
N GLN A 1598 -52.82 45.06 46.30
CA GLN A 1598 -51.81 45.89 46.98
C GLN A 1598 -52.10 47.37 46.71
N ILE A 1599 -52.64 47.68 45.55
CA ILE A 1599 -53.07 49.06 45.19
C ILE A 1599 -54.23 49.43 46.07
N LEU A 1600 -55.20 48.56 46.20
CA LEU A 1600 -56.38 48.88 46.98
C LEU A 1600 -55.98 49.14 48.42
N ASN A 1601 -55.12 48.35 48.98
CA ASN A 1601 -54.88 48.49 50.42
C ASN A 1601 -53.88 49.62 50.73
N SER A 1602 -53.12 50.10 49.79
CA SER A 1602 -52.11 51.15 49.96
C SER A 1602 -52.57 52.51 49.45
N GLY A 1603 -53.40 52.53 48.43
CA GLY A 1603 -53.68 53.73 47.63
C GLY A 1603 -52.59 54.17 46.72
N ILE A 1604 -51.59 53.32 46.53
CA ILE A 1604 -50.44 53.63 45.70
C ILE A 1604 -50.62 53.02 44.34
N ILE A 1605 -50.53 53.82 43.33
CA ILE A 1605 -50.71 53.36 41.95
C ILE A 1605 -49.35 53.36 41.32
N PRO A 1606 -48.77 52.20 41.07
CA PRO A 1606 -47.44 52.15 40.49
C PRO A 1606 -47.45 52.65 39.07
N GLY A 1607 -46.39 53.33 38.70
CA GLY A 1607 -46.27 53.85 37.34
C GLY A 1607 -45.55 52.88 36.46
N ASN A 1608 -45.81 52.95 35.18
CA ASN A 1608 -45.10 52.16 34.17
C ASN A 1608 -43.81 52.91 33.86
N ARG A 1609 -42.73 52.53 34.51
CA ARG A 1609 -41.44 53.20 34.38
C ARG A 1609 -40.82 52.96 33.02
N ASN A 1610 -41.33 52.02 32.22
CA ASN A 1610 -40.87 51.86 30.84
C ASN A 1610 -41.75 52.57 29.88
N ALA A 1611 -42.68 53.40 30.33
CA ALA A 1611 -43.57 54.14 29.44
C ALA A 1611 -42.80 55.38 28.97
N ASP A 1612 -41.85 55.19 28.09
CA ASP A 1612 -40.98 56.33 27.72
C ASP A 1612 -41.81 57.34 26.96
N ASN A 1613 -42.53 56.84 25.97
CA ASN A 1613 -43.39 57.62 25.11
C ASN A 1613 -44.66 56.82 24.85
N VAL A 1614 -45.76 57.37 25.23
CA VAL A 1614 -47.07 56.72 25.07
C VAL A 1614 -47.44 56.82 23.62
N ASP A 1615 -47.83 55.69 23.08
CA ASP A 1615 -48.23 55.62 21.67
C ASP A 1615 -49.31 56.66 21.39
N LYS A 1616 -49.05 57.51 20.44
CA LYS A 1616 -49.98 58.58 20.02
C LYS A 1616 -51.35 58.02 19.59
N ILE A 1617 -51.39 56.81 19.06
CA ILE A 1617 -52.68 56.13 18.72
C ILE A 1617 -53.57 56.03 19.96
N LEU A 1618 -53.02 56.02 21.16
CA LEU A 1618 -53.79 55.87 22.41
C LEU A 1618 -54.37 57.15 22.93
N GLU A 1619 -54.01 58.28 22.34
CA GLU A 1619 -54.58 59.55 22.76
C GLU A 1619 -56.09 59.57 22.49
N GLN A 1620 -56.57 58.90 21.48
CA GLN A 1620 -58.03 58.79 21.20
C GLN A 1620 -58.80 58.17 22.38
N PHE A 1621 -58.15 57.45 23.29
CA PHE A 1621 -58.84 56.76 24.40
C PHE A 1621 -58.86 57.67 25.63
N GLU A 1622 -59.81 58.57 25.63
CA GLU A 1622 -59.91 59.71 26.58
C GLU A 1622 -60.19 59.19 27.97
N TYR A 1623 -60.68 57.97 28.10
CA TYR A 1623 -60.96 57.40 29.43
C TYR A 1623 -59.82 56.57 29.95
N VAL A 1624 -58.65 56.63 29.34
CA VAL A 1624 -57.45 55.99 29.89
C VAL A 1624 -56.33 57.01 30.08
N LEU A 1625 -55.63 56.87 31.18
CA LEU A 1625 -54.41 57.62 31.51
C LEU A 1625 -53.28 56.65 31.72
N TYR A 1626 -52.13 56.93 31.14
CA TYR A 1626 -50.96 56.03 31.18
C TYR A 1626 -49.85 56.64 32.00
N PRO A 1627 -49.79 56.46 33.32
CA PRO A 1627 -48.72 57.04 34.11
C PRO A 1627 -47.38 56.36 33.93
N SER A 1628 -46.31 57.14 34.03
CA SER A 1628 -44.91 56.66 34.04
C SER A 1628 -44.40 56.61 35.46
N LYS A 1629 -45.11 57.18 36.39
CA LYS A 1629 -44.56 57.19 37.76
C LYS A 1629 -45.63 56.90 38.78
N THR A 1630 -45.16 56.40 39.88
CA THR A 1630 -46.00 56.03 41.02
C THR A 1630 -46.76 57.27 41.48
N LEU A 1631 -48.04 57.10 41.68
CA LEU A 1631 -48.94 58.12 42.28
C LEU A 1631 -49.40 57.61 43.62
N LYS A 1632 -49.15 58.35 44.68
CA LYS A 1632 -49.74 58.11 46.01
C LYS A 1632 -51.06 58.86 46.09
N THR A 1633 -52.15 58.14 45.98
CA THR A 1633 -53.52 58.71 45.93
C THR A 1633 -54.00 58.81 47.36
N ASP A 1634 -55.20 59.36 47.53
CA ASP A 1634 -55.84 59.34 48.85
C ASP A 1634 -56.87 58.19 48.89
N GLY A 1635 -56.78 57.24 47.96
CA GLY A 1635 -57.60 56.03 48.06
C GLY A 1635 -58.04 55.56 46.72
N VAL A 1636 -58.01 54.25 46.58
CA VAL A 1636 -58.55 53.61 45.39
C VAL A 1636 -59.67 52.76 45.90
N ARG A 1637 -60.80 52.82 45.24
CA ARG A 1637 -62.02 52.15 45.67
C ARG A 1637 -62.21 50.84 44.89
N ALA A 1638 -61.79 50.77 43.63
CA ALA A 1638 -62.02 49.59 42.83
C ALA A 1638 -60.96 49.51 41.77
N VAL A 1639 -60.60 48.29 41.41
CA VAL A 1639 -59.60 48.07 40.36
C VAL A 1639 -60.21 47.09 39.39
N SER A 1640 -60.03 47.31 38.13
CA SER A 1640 -60.35 46.38 37.02
C SER A 1640 -59.08 45.64 36.65
N ILE A 1641 -59.21 44.32 36.46
CA ILE A 1641 -58.15 43.45 35.94
C ILE A 1641 -58.68 42.87 34.65
N THR A 1642 -57.98 43.03 33.57
CA THR A 1642 -58.40 42.51 32.26
C THR A 1642 -57.32 41.62 31.73
N SER A 1643 -57.71 40.55 31.07
CA SER A 1643 -56.76 39.58 30.50
C SER A 1643 -57.26 39.18 29.14
N PHE A 1644 -56.36 38.90 28.23
CA PHE A 1644 -56.68 38.49 26.84
C PHE A 1644 -55.72 37.36 26.53
N GLY A 1645 -56.20 36.15 26.60
CA GLY A 1645 -55.39 35.00 26.22
C GLY A 1645 -55.54 34.66 24.77
N PHE A 1646 -54.56 33.91 24.30
CA PHE A 1646 -54.66 33.20 23.02
C PHE A 1646 -55.92 32.34 23.03
N GLY A 1647 -56.59 32.31 21.90
CA GLY A 1647 -57.77 31.47 21.73
C GLY A 1647 -59.00 32.17 22.24
N GLN A 1648 -59.04 33.49 22.08
CA GLN A 1648 -60.19 34.35 22.41
C GLN A 1648 -60.55 34.27 23.89
N LYS A 1649 -59.57 34.06 24.74
CA LYS A 1649 -59.83 34.02 26.18
C LYS A 1649 -59.77 35.47 26.67
N GLY A 1650 -60.90 36.12 26.79
CA GLY A 1650 -61.02 37.44 27.40
C GLY A 1650 -61.51 37.27 28.81
N GLY A 1651 -61.00 38.07 29.72
CA GLY A 1651 -61.48 38.07 31.09
C GLY A 1651 -61.45 39.44 31.72
N GLN A 1652 -62.29 39.61 32.69
CA GLN A 1652 -62.28 40.82 33.49
C GLN A 1652 -62.70 40.48 34.89
N ALA A 1653 -61.96 41.00 35.86
CA ALA A 1653 -62.37 40.94 37.26
C ALA A 1653 -62.35 42.37 37.82
N ILE A 1654 -63.26 42.63 38.72
CA ILE A 1654 -63.34 43.91 39.44
C ILE A 1654 -63.13 43.59 40.91
N VAL A 1655 -62.20 44.26 41.52
CA VAL A 1655 -61.93 44.13 42.97
C VAL A 1655 -62.26 45.47 43.62
N VAL A 1656 -63.01 45.39 44.66
CA VAL A 1656 -63.48 46.52 45.45
C VAL A 1656 -62.78 46.49 46.78
N HIS A 1657 -62.46 47.68 47.22
CA HIS A 1657 -61.79 47.93 48.49
C HIS A 1657 -62.53 47.22 49.60
N PRO A 1658 -61.80 46.54 50.48
CA PRO A 1658 -62.42 45.68 51.46
C PRO A 1658 -63.23 46.46 52.48
N ASP A 1659 -62.97 47.76 52.65
CA ASP A 1659 -63.69 48.52 53.67
C ASP A 1659 -65.15 48.67 53.32
N TYR A 1660 -65.54 48.46 52.08
CA TYR A 1660 -66.96 48.51 51.71
C TYR A 1660 -67.67 47.29 52.27
N LEU A 1661 -66.96 46.22 52.64
CA LEU A 1661 -67.65 45.05 53.21
C LEU A 1661 -68.18 45.47 54.60
N TYR A 1662 -67.41 46.25 55.35
CA TYR A 1662 -67.63 46.42 56.81
C TYR A 1662 -68.88 47.25 57.05
N GLY A 1663 -69.32 48.05 56.09
CA GLY A 1663 -70.62 48.76 56.19
C GLY A 1663 -71.80 47.81 56.17
N ALA A 1664 -71.62 46.57 55.75
CA ALA A 1664 -72.70 45.57 55.68
C ALA A 1664 -72.95 44.95 57.06
N ILE A 1665 -72.05 45.11 58.02
CA ILE A 1665 -72.19 44.39 59.30
C ILE A 1665 -72.33 45.40 60.45
N THR A 1666 -72.68 44.88 61.62
CA THR A 1666 -72.84 45.67 62.87
C THR A 1666 -71.49 45.95 63.51
N GLU A 1667 -71.49 46.91 64.43
CA GLU A 1667 -70.28 47.28 65.18
C GLU A 1667 -69.78 46.09 65.99
N ASP A 1668 -70.64 45.34 66.64
CA ASP A 1668 -70.19 44.20 67.46
C ASP A 1668 -69.54 43.13 66.57
N ARG A 1669 -70.15 42.84 65.42
CA ARG A 1669 -69.59 41.84 64.50
C ARG A 1669 -68.22 42.34 64.06
N TYR A 1670 -68.15 43.62 63.69
CA TYR A 1670 -66.90 44.19 63.21
C TYR A 1670 -65.83 44.11 64.27
N ASN A 1671 -66.18 44.44 65.51
CA ASN A 1671 -65.18 44.49 66.59
C ASN A 1671 -64.73 43.10 66.95
N GLU A 1672 -65.64 42.14 66.95
CA GLU A 1672 -65.27 40.72 67.14
C GLU A 1672 -64.24 40.31 66.05
N TYR A 1673 -64.53 40.61 64.80
CA TYR A 1673 -63.66 40.29 63.64
C TYR A 1673 -62.30 40.95 63.84
N VAL A 1674 -62.28 42.24 64.16
CA VAL A 1674 -61.00 42.98 64.33
C VAL A 1674 -60.10 42.29 65.35
N ALA A 1675 -60.67 41.88 66.45
CA ALA A 1675 -59.92 41.18 67.51
C ALA A 1675 -59.43 39.84 66.98
N LYS A 1676 -60.29 39.09 66.30
CA LYS A 1676 -59.84 37.77 65.80
C LYS A 1676 -58.70 37.96 64.80
N VAL A 1677 -58.85 38.89 63.90
CA VAL A 1677 -57.82 39.11 62.84
C VAL A 1677 -56.52 39.56 63.47
N SER A 1678 -56.62 40.41 64.49
CA SER A 1678 -55.43 40.93 65.18
C SER A 1678 -54.66 39.77 65.79
N ALA A 1679 -55.35 38.87 66.46
CA ALA A 1679 -54.71 37.70 67.06
C ALA A 1679 -54.11 36.81 65.98
N ARG A 1680 -54.82 36.64 64.85
CA ARG A 1680 -54.36 35.74 63.78
C ARG A 1680 -53.12 36.28 63.14
N GLU A 1681 -53.07 37.60 62.98
CA GLU A 1681 -51.95 38.29 62.35
C GLU A 1681 -50.69 38.12 63.19
N LYS A 1682 -50.82 38.25 64.49
CA LYS A 1682 -49.67 38.04 65.41
C LYS A 1682 -49.19 36.62 65.30
N SER A 1683 -50.08 35.64 65.27
CA SER A 1683 -49.70 34.22 65.11
C SER A 1683 -49.06 33.96 63.75
N ALA A 1684 -49.48 34.70 62.72
CA ALA A 1684 -48.95 34.51 61.37
C ALA A 1684 -47.52 35.03 61.30
N TYR A 1685 -47.27 36.19 61.90
CA TYR A 1685 -45.90 36.77 61.97
C TYR A 1685 -44.99 35.75 62.68
N LYS A 1686 -45.46 35.20 63.76
CA LYS A 1686 -44.70 34.20 64.53
C LYS A 1686 -44.33 33.09 63.57
N PHE A 1687 -45.34 32.54 62.88
CA PHE A 1687 -45.15 31.42 61.95
C PHE A 1687 -44.20 31.77 60.84
N PHE A 1688 -44.41 32.94 60.29
CA PHE A 1688 -43.62 33.35 59.14
C PHE A 1688 -42.13 33.44 59.49
N HIS A 1689 -41.78 34.14 60.54
CA HIS A 1689 -40.34 34.34 60.87
C HIS A 1689 -39.70 33.01 61.28
N ASN A 1690 -40.43 32.20 62.03
CA ASN A 1690 -39.90 30.86 62.35
C ASN A 1690 -39.62 30.12 61.07
N GLY A 1691 -40.59 30.15 60.13
CA GLY A 1691 -40.46 29.37 58.93
C GLY A 1691 -39.37 29.88 58.09
N MET A 1692 -39.24 31.21 58.03
CA MET A 1692 -38.24 31.76 57.14
C MET A 1692 -36.86 31.34 57.65
N ILE A 1693 -36.60 31.56 58.91
CA ILE A 1693 -35.20 31.33 59.36
C ILE A 1693 -34.90 29.85 59.47
N TYR A 1694 -35.86 29.00 59.79
CA TYR A 1694 -35.59 27.53 59.76
C TYR A 1694 -35.97 26.81 58.48
N ASN A 1695 -36.30 27.53 57.42
CA ASN A 1695 -36.58 26.89 56.11
C ASN A 1695 -37.74 25.91 56.26
N LYS A 1696 -38.79 26.30 56.92
CA LYS A 1696 -39.96 25.45 57.11
C LYS A 1696 -41.25 26.26 56.97
N LEU A 1697 -41.32 27.16 56.01
CA LEU A 1697 -42.64 27.78 55.73
C LEU A 1697 -43.58 26.69 55.20
N PHE A 1698 -43.06 25.86 54.32
CA PHE A 1698 -43.79 24.73 53.73
C PHE A 1698 -43.60 23.53 54.66
N VAL A 1699 -44.66 23.00 55.20
CA VAL A 1699 -44.61 21.73 55.95
C VAL A 1699 -45.66 20.76 55.36
N SER A 1700 -45.20 19.76 54.65
CA SER A 1700 -46.04 18.70 54.04
C SER A 1700 -46.78 17.98 55.16
N LYS A 1701 -48.04 17.66 54.91
CA LYS A 1701 -48.85 16.86 55.85
C LYS A 1701 -48.47 15.40 55.66
N GLU A 1702 -48.34 14.66 56.74
CA GLU A 1702 -48.05 13.20 56.62
C GLU A 1702 -49.38 12.48 56.49
N HIS A 1703 -50.39 13.03 57.14
CA HIS A 1703 -51.68 12.37 57.37
C HIS A 1703 -52.77 13.36 57.03
N ALA A 1704 -53.80 12.83 56.43
CA ALA A 1704 -55.11 13.46 56.35
C ALA A 1704 -55.56 13.75 57.76
N PRO A 1705 -56.52 14.67 57.94
CA PRO A 1705 -57.06 14.96 59.26
C PRO A 1705 -57.92 13.83 59.85
N TYR A 1706 -58.26 12.86 59.02
CA TYR A 1706 -59.02 11.67 59.42
C TYR A 1706 -58.13 10.48 59.19
N THR A 1707 -58.38 9.44 59.97
CA THR A 1707 -57.78 8.10 59.68
C THR A 1707 -58.52 7.48 58.49
N ASP A 1708 -57.88 6.53 57.83
CA ASP A 1708 -58.54 5.67 56.80
C ASP A 1708 -59.88 5.13 57.33
N GLU A 1709 -59.96 4.72 58.58
CA GLU A 1709 -61.18 4.13 59.18
C GLU A 1709 -62.31 5.17 59.30
N LEU A 1710 -61.98 6.47 59.47
CA LEU A 1710 -63.02 7.52 59.63
C LEU A 1710 -63.29 8.25 58.31
N GLU A 1711 -62.51 8.01 57.27
CA GLU A 1711 -62.60 8.76 55.99
C GLU A 1711 -64.06 8.84 55.53
N GLU A 1712 -64.72 7.70 55.39
CA GLU A 1712 -66.05 7.64 54.75
C GLU A 1712 -67.02 8.34 55.69
N ASP A 1713 -66.87 8.13 56.98
CA ASP A 1713 -67.75 8.78 57.97
C ASP A 1713 -67.62 10.30 57.83
N VAL A 1714 -66.40 10.79 57.70
CA VAL A 1714 -66.18 12.25 57.56
C VAL A 1714 -66.80 12.71 56.24
N TYR A 1715 -66.57 11.97 55.15
CA TYR A 1715 -67.11 12.39 53.86
C TYR A 1715 -68.62 12.46 53.91
N LEU A 1716 -69.23 11.63 54.71
CA LEU A 1716 -70.68 11.47 54.67
C LEU A 1716 -71.38 12.31 55.70
N ASP A 1717 -70.66 13.02 56.56
CA ASP A 1717 -71.33 13.90 57.52
C ASP A 1717 -71.00 15.36 57.22
N PRO A 1718 -71.92 16.17 56.71
CA PRO A 1718 -71.61 17.53 56.29
C PRO A 1718 -71.23 18.43 57.47
N LEU A 1719 -71.54 17.97 58.69
CA LEU A 1719 -71.34 18.77 59.90
C LEU A 1719 -70.08 18.32 60.62
N ALA A 1720 -69.29 17.44 60.05
CA ALA A 1720 -68.06 16.95 60.70
C ALA A 1720 -67.02 18.06 60.69
N ARG A 1721 -66.42 18.34 61.84
CA ARG A 1721 -65.37 19.38 61.96
C ARG A 1721 -64.19 18.79 62.69
N VAL A 1722 -63.02 19.30 62.38
CA VAL A 1722 -61.82 18.88 63.13
C VAL A 1722 -61.81 19.59 64.47
N SER A 1723 -61.03 19.04 65.37
CA SER A 1723 -60.81 19.58 66.73
C SER A 1723 -59.37 19.21 67.11
N LYS A 1724 -58.83 19.96 68.07
CA LYS A 1724 -57.44 19.76 68.55
C LYS A 1724 -57.41 18.44 69.32
N ASP A 1725 -56.59 17.51 68.87
CA ASP A 1725 -56.32 16.24 69.58
C ASP A 1725 -55.45 16.56 70.80
N LYS A 1726 -55.89 16.21 72.02
CA LYS A 1726 -55.15 16.53 73.28
C LYS A 1726 -53.71 15.98 73.25
N LYS A 1727 -53.50 14.77 72.71
CA LYS A 1727 -52.17 14.09 72.69
C LYS A 1727 -51.24 14.78 71.66
N SER A 1728 -51.56 14.68 70.37
CA SER A 1728 -50.74 15.19 69.24
C SER A 1728 -50.69 16.73 69.23
N GLY A 1729 -51.76 17.39 69.68
CA GLY A 1729 -51.99 18.84 69.44
C GLY A 1729 -52.47 19.16 68.02
N SER A 1730 -52.53 18.17 67.13
CA SER A 1730 -52.86 18.36 65.70
C SER A 1730 -54.37 18.41 65.54
N LEU A 1731 -54.84 19.02 64.46
CA LEU A 1731 -56.29 19.07 64.13
C LEU A 1731 -56.66 17.77 63.46
N THR A 1732 -57.61 17.08 64.05
CA THR A 1732 -58.06 15.77 63.56
C THR A 1732 -59.56 15.71 63.70
N PHE A 1733 -60.17 14.81 62.92
CA PHE A 1733 -61.56 14.39 63.15
C PHE A 1733 -61.55 13.28 64.19
N ASN A 1734 -62.43 13.45 65.17
CA ASN A 1734 -62.65 12.54 66.31
C ASN A 1734 -64.02 11.93 66.03
N SER A 1735 -64.16 10.61 66.22
CA SER A 1735 -65.45 9.87 66.06
C SER A 1735 -66.59 10.54 66.83
N LYS A 1736 -66.32 11.15 67.98
CA LYS A 1736 -67.36 11.78 68.83
C LYS A 1736 -68.03 12.95 68.12
N ASN A 1737 -67.36 13.60 67.18
CA ASN A 1737 -67.90 14.78 66.46
C ASN A 1737 -68.45 14.38 65.09
N ILE A 1738 -68.52 13.08 64.78
CA ILE A 1738 -69.05 12.58 63.50
C ILE A 1738 -70.43 12.01 63.74
N GLN A 1739 -71.40 12.48 62.95
CA GLN A 1739 -72.85 12.21 63.08
C GLN A 1739 -73.26 12.47 64.54
N SER A 1740 -72.80 13.59 65.10
CA SER A 1740 -73.10 13.97 66.50
C SER A 1740 -74.32 14.89 66.51
N LYS A 1741 -75.25 14.62 67.41
CA LYS A 1741 -76.45 15.45 67.66
C LYS A 1741 -76.06 16.91 67.99
N ASP A 1742 -74.95 17.14 68.67
CA ASP A 1742 -74.56 18.51 69.12
C ASP A 1742 -74.26 19.40 67.92
N SER A 1743 -73.65 18.84 66.86
CA SER A 1743 -73.38 19.53 65.57
C SER A 1743 -74.68 20.13 65.02
N TYR A 1744 -75.78 19.40 65.08
CA TYR A 1744 -77.04 19.76 64.40
C TYR A 1744 -78.00 20.48 65.36
N ILE A 1745 -78.24 19.89 66.53
CA ILE A 1745 -79.14 20.46 67.58
C ILE A 1745 -78.29 21.33 68.50
N ASN A 1746 -78.24 22.62 68.22
CA ASN A 1746 -77.44 23.64 68.94
C ASN A 1746 -78.24 24.19 70.14
N ALA A 1747 -77.66 25.13 70.90
CA ALA A 1747 -78.23 25.76 72.12
C ALA A 1747 -79.53 26.49 71.80
N ASN A 1748 -79.56 27.21 70.68
CA ASN A 1748 -80.73 27.99 70.24
C ASN A 1748 -81.88 27.03 69.93
N THR A 1749 -81.57 25.90 69.31
CA THR A 1749 -82.60 24.90 68.95
C THR A 1749 -83.19 24.34 70.25
N ILE A 1750 -82.34 23.98 71.21
CA ILE A 1750 -82.74 23.37 72.51
C ILE A 1750 -83.63 24.36 73.29
N GLU A 1751 -83.23 25.63 73.35
CA GLU A 1751 -83.97 26.72 74.02
C GLU A 1751 -85.33 26.91 73.34
N THR A 1752 -85.34 27.15 72.05
CA THR A 1752 -86.58 27.41 71.27
C THR A 1752 -87.54 26.21 71.41
N ALA A 1753 -87.05 24.97 71.28
CA ALA A 1753 -87.92 23.77 71.36
C ALA A 1753 -88.55 23.68 72.76
N LYS A 1754 -87.77 23.91 73.81
CA LYS A 1754 -88.23 23.92 75.23
C LYS A 1754 -89.33 24.98 75.38
N MET A 1755 -89.10 26.19 74.88
CA MET A 1755 -90.06 27.30 74.97
C MET A 1755 -91.40 26.85 74.42
N ILE A 1756 -91.43 26.24 73.24
CA ILE A 1756 -92.71 25.90 72.57
C ILE A 1756 -93.22 24.55 73.11
N GLU A 1757 -92.39 23.76 73.80
CA GLU A 1757 -92.80 22.55 74.57
C GLU A 1757 -93.60 22.99 75.80
N ASN A 1758 -93.26 24.15 76.39
CA ASN A 1758 -93.95 24.81 77.54
C ASN A 1758 -95.14 25.66 77.06
N MET A 1759 -95.60 25.46 75.82
CA MET A 1759 -96.77 26.15 75.21
C MET A 1759 -97.85 25.13 74.84
N THR A 1760 -97.58 23.83 74.95
CA THR A 1760 -98.56 22.75 74.67
C THR A 1760 -99.66 22.80 75.74
N LYS A 1761 -100.91 22.50 75.36
CA LYS A 1761 -102.13 22.60 76.22
C LYS A 1761 -101.92 21.86 77.55
N GLU A 1762 -101.30 20.66 77.50
CA GLU A 1762 -101.07 19.79 78.69
C GLU A 1762 -100.03 20.43 79.63
N LYS A 1763 -98.98 21.07 79.10
CA LYS A 1763 -97.91 21.76 79.89
C LYS A 1763 -98.51 22.98 80.60
N VAL A 1764 -99.18 23.87 79.85
CA VAL A 1764 -99.89 25.06 80.39
C VAL A 1764 -101.06 25.42 79.48
N SER A 1765 -102.22 25.73 80.07
CA SER A 1765 -103.47 26.16 79.39
C SER A 1765 -104.25 27.12 80.31
N ASN A 1766 -105.35 27.69 79.80
CA ASN A 1766 -106.27 28.60 80.55
C ASN A 1766 -105.52 29.89 80.88
N GLY A 1767 -105.10 30.62 79.84
CA GLY A 1767 -104.34 31.88 79.94
C GLY A 1767 -103.88 32.38 78.58
N GLY A 1768 -103.74 33.70 78.42
CA GLY A 1768 -103.25 34.35 77.20
C GLY A 1768 -101.84 33.90 76.84
N VAL A 1769 -101.65 33.44 75.60
CA VAL A 1769 -100.33 32.99 75.05
C VAL A 1769 -99.96 33.90 73.89
N GLY A 1770 -98.80 34.57 73.98
CA GLY A 1770 -98.23 35.42 72.93
C GLY A 1770 -96.88 34.87 72.46
N VAL A 1771 -96.74 34.70 71.14
CA VAL A 1771 -95.49 34.25 70.45
C VAL A 1771 -95.02 35.38 69.56
N ASP A 1772 -93.80 35.86 69.74
CA ASP A 1772 -93.21 36.85 68.80
C ASP A 1772 -91.84 36.36 68.32
N VAL A 1773 -91.56 36.62 67.04
CA VAL A 1773 -90.18 36.44 66.47
C VAL A 1773 -89.74 37.77 65.86
N GLU A 1774 -88.48 38.11 66.09
CA GLU A 1774 -87.81 39.26 65.44
C GLU A 1774 -86.53 38.71 64.82
N LEU A 1775 -86.38 38.93 63.52
CA LEU A 1775 -85.08 38.77 62.82
C LEU A 1775 -84.17 39.84 63.40
N ILE A 1776 -83.01 39.44 63.94
CA ILE A 1776 -82.14 40.41 64.67
C ILE A 1776 -81.68 41.50 63.69
N THR A 1777 -81.62 41.20 62.39
CA THR A 1777 -81.19 42.20 61.36
C THR A 1777 -82.17 43.37 61.28
N SER A 1778 -83.38 43.24 61.85
CA SER A 1778 -84.43 44.30 61.92
C SER A 1778 -84.06 45.39 62.94
N ILE A 1779 -83.28 45.03 63.97
CA ILE A 1779 -82.82 45.95 65.06
C ILE A 1779 -81.64 46.77 64.56
N ASN A 1780 -81.83 48.07 64.43
CA ASN A 1780 -80.73 49.07 64.25
C ASN A 1780 -80.40 49.62 65.64
N VAL A 1781 -79.29 49.18 66.24
CA VAL A 1781 -78.84 49.58 67.61
C VAL A 1781 -78.32 51.03 67.59
N GLU A 1782 -77.94 51.56 66.43
CA GLU A 1782 -77.53 52.97 66.22
C GLU A 1782 -78.76 53.90 66.21
N ASN A 1783 -79.96 53.36 65.95
CA ASN A 1783 -81.24 54.11 65.88
C ASN A 1783 -81.67 54.48 67.30
N ASP A 1784 -81.02 55.51 67.87
CA ASP A 1784 -81.19 56.00 69.28
C ASP A 1784 -82.66 56.38 69.54
N THR A 1785 -83.35 56.93 68.54
CA THR A 1785 -84.80 57.27 68.55
C THR A 1785 -85.63 56.03 68.91
N PHE A 1786 -85.55 54.97 68.09
CA PHE A 1786 -86.28 53.69 68.26
C PHE A 1786 -85.92 53.01 69.59
N ILE A 1787 -84.64 53.03 69.97
CA ILE A 1787 -84.13 52.35 71.20
C ILE A 1787 -84.66 53.10 72.44
N GLU A 1788 -84.54 54.43 72.48
CA GLU A 1788 -84.97 55.27 73.64
C GLU A 1788 -86.49 55.19 73.79
N ARG A 1789 -87.23 55.24 72.67
CA ARG A 1789 -88.71 55.22 72.63
C ARG A 1789 -89.27 53.92 73.22
N ASN A 1790 -88.72 52.76 72.83
CA ASN A 1790 -89.33 51.42 73.06
C ASN A 1790 -88.69 50.69 74.25
N PHE A 1791 -87.51 51.11 74.71
CA PHE A 1791 -86.74 50.41 75.77
C PHE A 1791 -86.49 51.39 76.93
N THR A 1792 -86.52 50.85 78.16
CA THR A 1792 -86.20 51.59 79.41
C THR A 1792 -84.68 51.68 79.53
N PRO A 1793 -84.12 52.67 80.25
CA PRO A 1793 -82.67 52.72 80.50
C PRO A 1793 -82.05 51.46 81.12
N GLN A 1794 -82.81 50.67 81.88
CA GLN A 1794 -82.34 49.39 82.50
C GLN A 1794 -82.15 48.33 81.39
N GLU A 1795 -83.14 48.20 80.49
CA GLU A 1795 -83.12 47.29 79.31
C GLU A 1795 -81.98 47.67 78.35
N ILE A 1796 -81.83 48.98 78.07
CA ILE A 1796 -80.75 49.54 77.21
C ILE A 1796 -79.38 49.19 77.81
N GLU A 1797 -79.24 49.32 79.14
CA GLU A 1797 -77.97 49.04 79.85
C GLU A 1797 -77.64 47.55 79.75
N TYR A 1798 -78.64 46.68 79.96
CA TYR A 1798 -78.46 45.21 79.94
C TYR A 1798 -78.03 44.75 78.54
N CYS A 1799 -78.79 45.15 77.51
CA CYS A 1799 -78.59 44.76 76.09
C CYS A 1799 -77.23 45.28 75.59
N SER A 1800 -76.88 46.54 75.89
CA SER A 1800 -75.59 47.19 75.53
C SER A 1800 -74.39 46.41 76.11
N ALA A 1801 -74.53 45.80 77.28
CA ALA A 1801 -73.46 45.05 78.00
C ALA A 1801 -73.26 43.65 77.42
N GLN A 1802 -74.18 43.14 76.58
CA GLN A 1802 -74.14 41.76 76.06
C GLN A 1802 -73.19 41.66 74.87
N PRO A 1803 -72.63 40.45 74.58
CA PRO A 1803 -71.72 40.25 73.45
C PRO A 1803 -72.30 40.70 72.10
N SER A 1804 -73.46 40.17 71.70
CA SER A 1804 -74.26 40.66 70.55
C SER A 1804 -75.37 41.58 71.07
N VAL A 1805 -75.13 42.88 70.98
CA VAL A 1805 -76.07 43.95 71.39
C VAL A 1805 -77.36 43.75 70.58
N GLN A 1806 -77.22 43.59 69.27
CA GLN A 1806 -78.35 43.51 68.31
C GLN A 1806 -79.24 42.32 68.66
N SER A 1807 -78.65 41.14 68.90
CA SER A 1807 -79.38 39.91 69.27
C SER A 1807 -80.12 40.10 70.61
N SER A 1808 -79.46 40.70 71.61
CA SER A 1808 -80.05 41.00 72.95
C SER A 1808 -81.22 42.00 72.82
N PHE A 1809 -81.07 43.11 72.12
CA PHE A 1809 -82.19 44.04 71.82
C PHE A 1809 -83.33 43.31 71.11
N ALA A 1810 -83.03 42.45 70.13
CA ALA A 1810 -84.05 41.68 69.38
C ALA A 1810 -84.76 40.73 70.36
N GLY A 1811 -84.01 40.07 71.24
CA GLY A 1811 -84.53 39.22 72.32
C GLY A 1811 -85.51 39.97 73.22
N THR A 1812 -85.18 41.21 73.58
CA THR A 1812 -86.00 42.07 74.47
C THR A 1812 -87.21 42.57 73.68
N TRP A 1813 -87.03 43.04 72.44
CA TRP A 1813 -88.14 43.53 71.59
C TRP A 1813 -89.14 42.40 71.40
N SER A 1814 -88.65 41.18 71.15
CA SER A 1814 -89.50 40.00 70.91
C SER A 1814 -90.31 39.69 72.18
N ALA A 1815 -89.67 39.71 73.36
CA ALA A 1815 -90.31 39.54 74.70
C ALA A 1815 -91.46 40.55 74.88
N LYS A 1816 -91.18 41.85 74.72
CA LYS A 1816 -92.18 42.94 74.85
C LYS A 1816 -93.39 42.66 73.95
N GLU A 1817 -93.17 42.33 72.68
CA GLU A 1817 -94.23 42.08 71.67
C GLU A 1817 -94.99 40.78 72.01
N ALA A 1818 -94.33 39.78 72.58
CA ALA A 1818 -94.95 38.50 72.97
C ALA A 1818 -95.88 38.74 74.17
N VAL A 1819 -95.42 39.51 75.15
CA VAL A 1819 -96.21 39.96 76.34
C VAL A 1819 -97.46 40.71 75.85
N PHE A 1820 -97.29 41.73 75.00
CA PHE A 1820 -98.40 42.54 74.43
C PHE A 1820 -99.44 41.62 73.76
N LYS A 1821 -99.02 40.60 73.02
CA LYS A 1821 -99.92 39.62 72.34
C LYS A 1821 -100.63 38.74 73.39
N SER A 1822 -99.97 38.42 74.51
CA SER A 1822 -100.53 37.56 75.60
C SER A 1822 -101.66 38.30 76.34
N LEU A 1823 -101.48 39.60 76.61
CA LEU A 1823 -102.49 40.48 77.25
C LEU A 1823 -103.74 40.53 76.36
N GLY A 1824 -103.57 40.75 75.05
CA GLY A 1824 -104.62 40.65 74.02
C GLY A 1824 -105.46 41.92 73.91
N VAL A 1825 -104.87 43.09 74.19
CA VAL A 1825 -105.56 44.42 74.24
C VAL A 1825 -105.25 45.20 72.96
N ALA A 1833 -96.25 52.55 72.23
CA ALA A 1833 -94.85 52.13 72.52
C ALA A 1833 -94.86 50.96 73.51
N LEU A 1834 -93.82 50.11 73.43
CA LEU A 1834 -93.64 48.89 74.24
C LEU A 1834 -92.86 49.20 75.53
N LYS A 1835 -92.49 50.46 75.78
CA LYS A 1835 -91.69 50.89 76.97
C LYS A 1835 -92.45 50.56 78.27
N ASP A 1836 -93.79 50.62 78.21
CA ASP A 1836 -94.73 50.27 79.31
C ASP A 1836 -94.38 48.86 79.85
N ILE A 1837 -94.06 47.92 78.95
CA ILE A 1837 -93.67 46.52 79.28
C ILE A 1837 -92.14 46.48 79.47
N GLU A 1838 -91.65 46.36 80.70
CA GLU A 1838 -90.21 46.22 81.03
C GLU A 1838 -89.90 44.74 81.25
N ILE A 1839 -88.83 44.26 80.59
CA ILE A 1839 -88.25 42.90 80.76
C ILE A 1839 -86.99 43.07 81.61
N VAL A 1840 -86.98 42.50 82.82
CA VAL A 1840 -85.82 42.49 83.76
C VAL A 1840 -85.05 41.20 83.53
N ARG A 1841 -83.82 41.32 83.02
CA ARG A 1841 -82.98 40.17 82.56
C ARG A 1841 -81.73 40.08 83.45
N VAL A 1842 -81.53 38.92 84.07
CA VAL A 1842 -80.32 38.56 84.86
C VAL A 1842 -79.63 37.40 84.12
N ASN A 1843 -78.29 37.39 84.09
CA ASN A 1843 -77.46 36.39 83.37
C ASN A 1843 -77.82 34.98 83.87
N LYS A 1844 -77.93 34.02 82.94
CA LYS A 1844 -78.31 32.59 83.13
C LYS A 1844 -79.49 32.47 84.13
N ASN A 1845 -80.47 33.37 84.04
CA ASN A 1845 -81.71 33.40 84.87
C ASN A 1845 -82.90 33.76 83.98
N ALA A 1846 -84.09 33.26 84.31
CA ALA A 1846 -85.35 33.48 83.56
C ALA A 1846 -85.73 34.97 83.66
N PRO A 1847 -86.09 35.64 82.54
CA PRO A 1847 -86.45 37.05 82.59
C PRO A 1847 -87.83 37.26 83.22
N ALA A 1848 -88.03 38.42 83.86
CA ALA A 1848 -89.26 38.83 84.58
C ALA A 1848 -89.95 39.96 83.82
N VAL A 1849 -91.29 39.94 83.77
CA VAL A 1849 -92.13 40.99 83.13
C VAL A 1849 -92.68 41.91 84.23
N GLU A 1850 -92.59 43.22 84.00
CA GLU A 1850 -93.10 44.30 84.91
C GLU A 1850 -93.84 45.35 84.07
N LEU A 1851 -95.15 45.47 84.27
CA LEU A 1851 -96.04 46.42 83.54
C LEU A 1851 -96.14 47.72 84.34
N HIS A 1852 -95.87 48.87 83.71
CA HIS A 1852 -95.68 50.18 84.38
C HIS A 1852 -96.87 51.12 84.10
N GLY A 1853 -96.99 51.63 82.87
CA GLY A 1853 -97.99 52.65 82.50
C GLY A 1853 -99.33 52.04 82.14
N ASN A 1854 -99.79 52.25 80.89
CA ASN A 1854 -101.12 51.84 80.38
C ASN A 1854 -101.21 50.32 80.25
N ALA A 1855 -100.07 49.61 80.12
CA ALA A 1855 -99.97 48.14 80.09
C ALA A 1855 -100.43 47.54 81.41
N LYS A 1856 -100.09 48.17 82.54
CA LYS A 1856 -100.51 47.76 83.92
C LYS A 1856 -102.03 47.89 84.03
N LYS A 1857 -102.59 49.02 83.57
CA LYS A 1857 -104.06 49.30 83.56
C LYS A 1857 -104.77 48.27 82.67
N ALA A 1858 -104.25 48.00 81.48
CA ALA A 1858 -104.81 47.07 80.46
C ALA A 1858 -104.83 45.63 81.01
N ALA A 1859 -103.81 45.24 81.79
CA ALA A 1859 -103.68 43.92 82.46
C ALA A 1859 -104.71 43.81 83.61
N GLU A 1860 -104.95 44.92 84.33
CA GLU A 1860 -105.96 45.01 85.42
C GLU A 1860 -107.38 44.87 84.86
N GLU A 1861 -107.66 45.41 83.65
CA GLU A 1861 -108.98 45.32 82.96
C GLU A 1861 -109.34 43.85 82.69
N ALA A 1862 -108.38 43.06 82.19
CA ALA A 1862 -108.53 41.63 81.83
C ALA A 1862 -108.29 40.73 83.06
N GLY A 1863 -107.87 41.30 84.20
CA GLY A 1863 -107.63 40.58 85.47
C GLY A 1863 -106.42 39.67 85.38
N VAL A 1864 -105.37 40.10 84.68
CA VAL A 1864 -104.08 39.36 84.53
C VAL A 1864 -103.26 39.55 85.81
N THR A 1865 -102.97 38.45 86.52
CA THR A 1865 -102.27 38.41 87.83
C THR A 1865 -100.76 38.39 87.59
N ASP A 1866 -100.29 37.42 86.79
CA ASP A 1866 -98.85 37.19 86.48
C ASP A 1866 -98.64 37.14 84.96
N VAL A 1867 -97.51 37.65 84.49
CA VAL A 1867 -97.00 37.49 83.09
C VAL A 1867 -95.57 36.92 83.19
N LYS A 1868 -95.34 35.74 82.61
CA LYS A 1868 -93.99 35.14 82.49
C LYS A 1868 -93.60 35.12 81.01
N VAL A 1869 -92.31 35.26 80.71
CA VAL A 1869 -91.77 35.27 79.31
C VAL A 1869 -90.51 34.40 79.26
N SER A 1870 -90.36 33.63 78.17
CA SER A 1870 -89.13 32.92 77.77
C SER A 1870 -88.59 33.58 76.49
N ILE A 1871 -87.27 33.68 76.37
CA ILE A 1871 -86.57 34.30 75.21
C ILE A 1871 -85.43 33.37 74.77
N SER A 1872 -85.41 33.03 73.47
CA SER A 1872 -84.20 32.52 72.78
C SER A 1872 -83.79 33.56 71.72
N HIS A 1873 -82.49 33.76 71.56
CA HIS A 1873 -81.96 34.65 70.49
C HIS A 1873 -80.59 34.15 70.06
N ASP A 1874 -80.29 34.30 68.77
CA ASP A 1874 -79.01 33.87 68.17
C ASP A 1874 -78.66 34.89 67.07
N ASP A 1875 -77.79 34.52 66.12
CA ASP A 1875 -77.30 35.44 65.06
C ASP A 1875 -78.43 35.70 64.03
N LEU A 1876 -79.52 34.93 64.04
CA LEU A 1876 -80.60 35.08 63.03
C LEU A 1876 -81.84 35.74 63.60
N GLN A 1877 -82.39 35.17 64.69
CA GLN A 1877 -83.76 35.53 65.13
C GLN A 1877 -83.84 35.48 66.67
N ALA A 1878 -84.78 36.24 67.20
CA ALA A 1878 -85.19 36.25 68.62
C ALA A 1878 -86.60 35.71 68.68
N VAL A 1879 -86.81 34.65 69.45
CA VAL A 1879 -88.16 34.09 69.67
C VAL A 1879 -88.49 34.34 71.15
N ALA A 1880 -89.70 34.83 71.42
CA ALA A 1880 -90.22 35.05 72.79
C ALA A 1880 -91.60 34.42 72.90
N VAL A 1881 -91.79 33.62 73.94
CA VAL A 1881 -93.11 33.06 74.33
C VAL A 1881 -93.50 33.68 75.67
N ALA A 1882 -94.61 34.41 75.71
CA ALA A 1882 -95.21 35.02 76.92
C ALA A 1882 -96.51 34.30 77.25
N VAL A 1883 -96.66 33.87 78.50
CA VAL A 1883 -97.92 33.31 79.10
C VAL A 1883 -98.40 34.29 80.17
N SER A 1884 -99.57 34.91 79.97
CA SER A 1884 -100.29 35.78 80.94
C SER A 1884 -101.39 34.94 81.62
N THR A 1885 -101.28 34.74 82.94
CA THR A 1885 -102.22 33.92 83.78
C THR A 1885 -103.03 34.85 84.70
N LYS A 1886 -104.34 34.57 84.83
CA LYS A 1886 -105.30 35.35 85.67
C LYS A 1886 -105.45 34.66 87.04
N SER B 5 49.65 -10.64 124.06
CA SER B 5 50.05 -10.50 122.62
C SER B 5 49.05 -11.26 121.73
N THR B 6 48.56 -10.61 120.67
CA THR B 6 47.54 -11.13 119.71
C THR B 6 47.96 -10.79 118.27
N ARG B 7 47.52 -11.58 117.30
CA ARG B 7 47.67 -11.27 115.85
C ARG B 7 46.29 -11.20 115.18
N PRO B 8 46.01 -10.19 114.33
CA PRO B 8 44.75 -10.13 113.57
C PRO B 8 44.60 -11.30 112.58
N LEU B 9 43.47 -12.00 112.65
CA LEU B 9 43.04 -13.06 111.71
C LEU B 9 41.80 -12.56 110.94
N THR B 10 41.90 -12.46 109.62
CA THR B 10 40.83 -11.96 108.72
C THR B 10 40.08 -13.18 108.18
N LEU B 11 38.78 -13.27 108.47
CA LEU B 11 37.82 -14.22 107.85
C LEU B 11 36.82 -13.41 107.02
N SER B 12 36.73 -13.71 105.72
CA SER B 12 36.08 -12.85 104.69
C SER B 12 35.27 -13.70 103.70
N HIS B 13 34.40 -13.03 102.96
CA HIS B 13 33.58 -13.60 101.86
C HIS B 13 33.20 -12.46 100.91
N GLY B 14 33.97 -12.29 99.83
CA GLY B 14 33.84 -11.14 98.91
C GLY B 14 34.23 -9.85 99.61
N SER B 15 33.39 -8.81 99.47
CA SER B 15 33.61 -7.45 100.04
C SER B 15 33.60 -7.50 101.57
N LEU B 16 32.59 -8.14 102.16
CA LEU B 16 32.39 -8.19 103.64
C LEU B 16 33.49 -9.07 104.27
N GLU B 17 33.97 -8.64 105.45
CA GLU B 17 35.04 -9.32 106.22
C GLU B 17 34.89 -8.99 107.70
N HIS B 18 35.54 -9.76 108.56
CA HIS B 18 35.68 -9.49 110.02
C HIS B 18 37.09 -9.89 110.45
N VAL B 19 37.74 -9.02 111.24
CA VAL B 19 39.10 -9.22 111.79
C VAL B 19 38.95 -9.62 113.27
N LEU B 20 39.59 -10.71 113.67
CA LEU B 20 39.53 -11.28 115.04
C LEU B 20 40.94 -11.25 115.64
N LEU B 21 41.12 -10.54 116.76
CA LEU B 21 42.41 -10.48 117.52
C LEU B 21 42.57 -11.81 118.27
N VAL B 22 43.18 -12.81 117.61
CA VAL B 22 43.43 -14.16 118.17
C VAL B 22 44.69 -14.09 119.02
N PRO B 23 44.69 -14.66 120.25
CA PRO B 23 45.94 -14.83 121.02
C PRO B 23 46.99 -15.61 120.22
N THR B 24 48.27 -15.20 120.30
CA THR B 24 49.41 -15.82 119.58
C THR B 24 49.58 -17.28 120.01
N ALA B 25 49.24 -17.62 121.26
CA ALA B 25 49.34 -18.98 121.85
C ALA B 25 48.48 -20.00 121.09
N SER B 26 47.32 -19.59 120.55
CA SER B 26 46.35 -20.46 119.83
C SER B 26 46.11 -19.98 118.39
N PHE B 27 46.92 -19.03 117.87
CA PHE B 27 46.78 -18.47 116.50
C PHE B 27 47.01 -19.57 115.45
N PHE B 28 47.92 -20.49 115.74
CA PHE B 28 48.29 -21.66 114.89
C PHE B 28 47.03 -22.50 114.59
N ILE B 29 46.28 -22.87 115.64
CA ILE B 29 45.06 -23.73 115.52
C ILE B 29 43.91 -22.91 114.92
N ALA B 30 43.86 -21.60 115.21
CA ALA B 30 42.83 -20.66 114.66
C ALA B 30 43.04 -20.47 113.15
N SER B 31 44.30 -20.42 112.70
CA SER B 31 44.67 -20.29 111.26
C SER B 31 44.31 -21.59 110.52
N GLN B 32 44.54 -22.74 111.17
CA GLN B 32 44.09 -24.08 110.69
C GLN B 32 42.59 -24.01 110.39
N LEU B 33 41.78 -23.70 111.40
CA LEU B 33 40.29 -23.62 111.33
C LEU B 33 39.87 -22.58 110.28
N GLN B 34 40.55 -21.42 110.25
CA GLN B 34 40.34 -20.35 109.23
C GLN B 34 40.47 -20.94 107.82
N GLU B 35 41.54 -21.70 107.57
CA GLU B 35 41.84 -22.33 106.26
C GLU B 35 40.73 -23.33 105.93
N GLN B 36 40.39 -24.22 106.88
CA GLN B 36 39.32 -25.25 106.75
C GLN B 36 37.98 -24.56 106.45
N PHE B 37 37.60 -23.53 107.23
CA PHE B 37 36.31 -22.79 107.09
C PHE B 37 36.25 -22.09 105.73
N ASN B 38 37.34 -21.47 105.29
CA ASN B 38 37.43 -20.73 104.00
C ASN B 38 37.26 -21.72 102.84
N LYS B 39 37.71 -22.97 103.01
CA LYS B 39 37.53 -24.08 102.03
C LYS B 39 36.04 -24.48 101.98
N ILE B 40 35.43 -24.71 103.15
CA ILE B 40 33.99 -25.14 103.34
C ILE B 40 33.06 -24.07 102.75
N LEU B 41 33.34 -22.79 103.01
CA LEU B 41 32.50 -21.64 102.57
C LEU B 41 32.39 -21.66 101.05
N PRO B 42 31.19 -21.40 100.47
CA PRO B 42 31.04 -21.35 99.01
C PRO B 42 31.65 -20.09 98.40
N GLU B 43 31.62 -19.96 97.07
CA GLU B 43 32.26 -18.86 96.31
C GLU B 43 31.40 -17.61 96.45
N PRO B 44 31.99 -16.40 96.67
CA PRO B 44 31.21 -15.16 96.71
C PRO B 44 30.49 -14.87 95.38
N THR B 45 29.32 -14.22 95.47
CA THR B 45 28.53 -13.72 94.32
C THR B 45 28.05 -12.29 94.61
N GLU B 46 27.64 -11.57 93.56
CA GLU B 46 27.01 -10.22 93.62
C GLU B 46 25.81 -10.24 94.57
N GLY B 47 25.77 -9.31 95.54
CA GLY B 47 24.65 -9.10 96.48
C GLY B 47 24.51 -10.19 97.54
N PHE B 48 25.32 -11.25 97.46
CA PHE B 48 25.29 -12.45 98.35
C PHE B 48 23.89 -13.10 98.35
N ALA B 49 23.19 -13.06 97.21
CA ALA B 49 21.78 -13.46 97.04
C ALA B 49 21.64 -14.99 97.12
N ALA B 50 22.67 -15.75 96.73
CA ALA B 50 22.70 -17.23 96.77
C ALA B 50 22.60 -17.72 98.23
N ASP B 51 22.16 -18.97 98.41
CA ASP B 51 21.90 -19.59 99.74
C ASP B 51 23.20 -20.18 100.31
N ASP B 52 23.24 -20.33 101.63
CA ASP B 52 24.37 -20.91 102.43
C ASP B 52 25.64 -20.06 102.28
N GLU B 53 25.52 -18.76 101.96
CA GLU B 53 26.63 -17.78 101.99
C GLU B 53 26.18 -16.51 102.71
N PRO B 54 27.03 -15.94 103.60
CA PRO B 54 26.61 -14.83 104.45
C PRO B 54 26.43 -13.53 103.66
N THR B 55 25.53 -12.66 104.13
CA THR B 55 25.21 -11.32 103.55
C THR B 55 25.85 -10.20 104.39
N THR B 56 26.13 -10.44 105.68
CA THR B 56 26.71 -9.45 106.62
C THR B 56 27.88 -10.09 107.38
N PRO B 57 28.81 -9.28 107.96
CA PRO B 57 29.90 -9.82 108.76
C PRO B 57 29.41 -10.67 109.95
N ALA B 58 28.27 -10.28 110.55
CA ALA B 58 27.60 -11.00 111.67
C ALA B 58 27.28 -12.45 111.24
N GLU B 59 26.67 -12.62 110.07
CA GLU B 59 26.32 -13.95 109.49
C GLU B 59 27.60 -14.76 109.28
N LEU B 60 28.63 -14.14 108.68
CA LEU B 60 29.92 -14.80 108.34
C LEU B 60 30.58 -15.33 109.62
N VAL B 61 30.62 -14.53 110.69
CA VAL B 61 31.20 -14.93 112.00
C VAL B 61 30.31 -16.03 112.62
N GLY B 62 28.99 -15.93 112.42
CA GLY B 62 28.03 -16.98 112.81
C GLY B 62 28.36 -18.33 112.19
N LYS B 63 28.48 -18.35 110.85
CA LYS B 63 28.84 -19.56 110.04
C LYS B 63 30.17 -20.13 110.52
N PHE B 64 31.16 -19.28 110.82
CA PHE B 64 32.49 -19.70 111.33
C PHE B 64 32.31 -20.32 112.71
N LEU B 65 31.55 -19.66 113.58
CA LEU B 65 31.14 -20.17 114.93
C LEU B 65 30.47 -21.53 114.76
N GLY B 66 29.51 -21.62 113.82
CA GLY B 66 28.79 -22.84 113.45
C GLY B 66 29.75 -23.97 113.11
N TYR B 67 30.68 -23.69 112.19
CA TYR B 67 31.68 -24.66 111.67
C TYR B 67 32.55 -25.20 112.82
N VAL B 68 33.12 -24.30 113.63
CA VAL B 68 34.00 -24.67 114.78
C VAL B 68 33.20 -25.51 115.79
N SER B 69 31.96 -25.13 116.09
CA SER B 69 31.05 -25.82 117.04
C SER B 69 30.73 -27.24 116.55
N SER B 70 30.68 -27.44 115.23
CA SER B 70 30.44 -28.76 114.58
C SER B 70 31.58 -29.73 114.92
N LEU B 71 32.83 -29.24 114.91
CA LEU B 71 34.05 -30.06 115.15
C LEU B 71 34.20 -30.35 116.64
N VAL B 72 34.02 -29.35 117.51
CA VAL B 72 34.19 -29.48 118.99
C VAL B 72 33.19 -30.54 119.50
N GLU B 73 33.69 -31.51 120.28
CA GLU B 73 32.88 -32.55 120.93
C GLU B 73 32.53 -32.07 122.35
N PRO B 74 31.28 -32.26 122.82
CA PRO B 74 30.88 -31.82 124.16
C PRO B 74 31.56 -32.64 125.28
N SER B 75 31.68 -33.96 125.10
CA SER B 75 32.27 -34.90 126.10
C SER B 75 33.79 -34.67 126.19
N LYS B 76 34.50 -34.84 125.07
CA LYS B 76 35.99 -34.80 125.00
C LYS B 76 36.46 -33.36 124.87
N VAL B 77 37.42 -32.93 125.71
CA VAL B 77 38.11 -31.61 125.59
C VAL B 77 39.03 -31.68 124.37
N GLY B 78 38.88 -30.72 123.45
CA GLY B 78 39.62 -30.65 122.18
C GLY B 78 40.44 -29.38 122.08
N GLN B 79 41.26 -29.28 121.03
CA GLN B 79 42.15 -28.12 120.75
C GLN B 79 41.31 -26.90 120.33
N PHE B 80 40.17 -27.13 119.66
CA PHE B 80 39.34 -26.09 119.01
C PHE B 80 38.46 -25.36 120.05
N ASP B 81 38.31 -25.94 121.26
CA ASP B 81 37.49 -25.40 122.38
C ASP B 81 37.88 -23.96 122.69
N GLN B 82 39.18 -23.68 122.84
CA GLN B 82 39.70 -22.33 123.23
C GLN B 82 39.40 -21.33 122.12
N VAL B 83 39.53 -21.74 120.85
CA VAL B 83 39.22 -20.89 119.66
C VAL B 83 37.71 -20.65 119.60
N LEU B 84 36.90 -21.66 119.95
CA LEU B 84 35.40 -21.51 119.99
C LEU B 84 35.05 -20.41 120.99
N ASN B 85 35.47 -20.56 122.26
CA ASN B 85 35.20 -19.60 123.37
C ASN B 85 35.66 -18.19 122.97
N LEU B 86 36.82 -18.07 122.31
CA LEU B 86 37.45 -16.79 121.91
C LEU B 86 36.60 -16.09 120.86
N CYS B 87 36.23 -16.78 119.77
CA CYS B 87 35.44 -16.22 118.63
C CYS B 87 33.98 -16.02 119.03
N LEU B 88 33.49 -16.77 120.02
CA LEU B 88 32.14 -16.59 120.63
C LEU B 88 32.12 -15.25 121.37
N THR B 89 33.06 -15.06 122.30
CA THR B 89 33.29 -13.80 123.07
C THR B 89 33.38 -12.63 122.09
N GLU B 90 34.13 -12.76 120.99
CA GLU B 90 34.29 -11.69 119.97
C GLU B 90 32.93 -11.37 119.33
N PHE B 91 32.15 -12.39 118.95
CA PHE B 91 30.80 -12.27 118.33
C PHE B 91 29.86 -11.51 119.27
N GLU B 92 29.83 -11.93 120.54
CA GLU B 92 29.04 -11.29 121.63
C GLU B 92 29.38 -9.80 121.72
N ASN B 93 30.66 -9.46 121.89
CA ASN B 93 31.12 -8.07 122.17
C ASN B 93 31.00 -7.19 120.91
N CYS B 94 30.99 -7.78 119.71
CA CYS B 94 30.98 -7.05 118.42
C CYS B 94 29.55 -6.80 117.92
N TYR B 95 28.63 -7.77 118.07
CA TYR B 95 27.28 -7.77 117.43
C TYR B 95 26.14 -7.83 118.46
N LEU B 96 26.29 -8.58 119.56
CA LEU B 96 25.31 -8.60 120.68
C LEU B 96 25.69 -7.53 121.71
N GLU B 97 25.32 -6.27 121.42
CA GLU B 97 25.51 -5.13 122.36
C GLU B 97 24.63 -5.35 123.60
N GLY B 98 25.01 -6.32 124.45
CA GLY B 98 24.25 -6.77 125.63
C GLY B 98 22.94 -7.47 125.27
N ASN B 99 22.47 -7.33 124.03
CA ASN B 99 21.10 -7.72 123.60
C ASN B 99 21.08 -9.23 123.34
N ASP B 100 19.91 -9.79 123.02
CA ASP B 100 19.72 -11.23 122.71
C ASP B 100 20.00 -11.46 121.22
N ILE B 101 20.38 -12.70 120.88
CA ILE B 101 20.62 -13.16 119.48
C ILE B 101 19.41 -12.87 118.58
N HIS B 102 18.19 -12.97 119.12
CA HIS B 102 16.92 -12.69 118.39
C HIS B 102 16.83 -11.20 118.06
N ALA B 103 17.21 -10.33 119.00
CA ALA B 103 17.23 -8.86 118.82
C ALA B 103 18.16 -8.50 117.65
N LEU B 104 19.34 -9.13 117.61
CA LEU B 104 20.32 -9.01 116.49
C LEU B 104 19.67 -9.49 115.19
N ALA B 105 19.19 -10.73 115.19
CA ALA B 105 18.49 -11.38 114.05
C ALA B 105 17.38 -10.46 113.50
N ALA B 106 16.54 -9.91 114.38
CA ALA B 106 15.44 -8.97 114.04
C ALA B 106 16.02 -7.65 113.48
N LYS B 107 17.16 -7.19 114.02
CA LYS B 107 17.86 -5.95 113.54
C LYS B 107 18.31 -6.18 112.09
N LEU B 108 19.01 -7.28 111.82
CA LEU B 108 19.51 -7.69 110.48
C LEU B 108 18.34 -7.75 109.48
N LEU B 109 17.22 -8.34 109.89
CA LEU B 109 16.03 -8.62 109.03
C LEU B 109 15.52 -7.31 108.40
N GLN B 110 15.43 -6.23 109.17
CA GLN B 110 14.82 -4.93 108.75
C GLN B 110 15.88 -3.97 108.19
N GLU B 111 17.14 -4.05 108.64
CA GLU B 111 18.25 -3.17 108.17
C GLU B 111 18.85 -3.77 106.89
N ASN B 112 19.50 -4.93 107.00
CA ASN B 112 20.34 -5.56 105.93
C ASN B 112 19.43 -6.40 105.02
N ASP B 113 19.97 -6.91 103.91
CA ASP B 113 19.26 -7.76 102.93
C ASP B 113 19.51 -9.23 103.28
N THR B 114 19.16 -9.61 104.52
CA THR B 114 19.23 -10.99 105.05
C THR B 114 17.82 -11.61 104.94
N THR B 115 17.74 -12.85 104.46
CA THR B 115 16.48 -13.63 104.36
C THR B 115 16.18 -14.29 105.72
N LEU B 116 14.96 -14.81 105.86
CA LEU B 116 14.46 -15.42 107.12
C LEU B 116 15.26 -16.68 107.44
N VAL B 117 15.57 -17.50 106.42
CA VAL B 117 16.35 -18.78 106.57
C VAL B 117 17.80 -18.47 107.00
N LYS B 118 18.43 -17.45 106.43
CA LYS B 118 19.83 -17.02 106.77
C LYS B 118 19.86 -16.56 108.24
N THR B 119 18.85 -15.77 108.64
CA THR B 119 18.65 -15.25 110.02
C THR B 119 18.49 -16.40 111.02
N LYS B 120 17.64 -17.38 110.72
CA LYS B 120 17.43 -18.57 111.60
C LYS B 120 18.73 -19.37 111.71
N GLU B 121 19.49 -19.46 110.61
CA GLU B 121 20.78 -20.18 110.56
C GLU B 121 21.76 -19.48 111.52
N LEU B 122 21.79 -18.14 111.50
CA LEU B 122 22.63 -17.30 112.40
C LEU B 122 22.28 -17.60 113.87
N ILE B 123 20.98 -17.62 114.20
CA ILE B 123 20.46 -17.91 115.57
C ILE B 123 20.92 -19.30 115.98
N LYS B 124 20.77 -20.29 115.10
CA LYS B 124 21.13 -21.71 115.36
C LYS B 124 22.64 -21.81 115.64
N ASN B 125 23.46 -21.19 114.78
CA ASN B 125 24.94 -21.16 114.92
C ASN B 125 25.27 -20.61 116.31
N TYR B 126 24.80 -19.40 116.63
CA TYR B 126 25.10 -18.73 117.92
C TYR B 126 24.69 -19.62 119.10
N ILE B 127 23.49 -20.22 119.06
CA ILE B 127 22.91 -20.97 120.21
C ILE B 127 23.66 -22.31 120.34
N THR B 128 24.01 -22.95 119.22
CA THR B 128 24.77 -24.23 119.19
C THR B 128 26.16 -23.98 119.80
N ALA B 129 26.89 -22.99 119.28
CA ALA B 129 28.19 -22.49 119.80
C ALA B 129 28.12 -22.27 121.32
N ARG B 130 27.11 -21.56 121.82
CA ARG B 130 26.93 -21.27 123.27
C ARG B 130 26.93 -22.58 124.07
N ILE B 131 26.23 -23.60 123.59
CA ILE B 131 26.05 -24.90 124.30
C ILE B 131 27.33 -25.73 124.17
N MET B 132 27.95 -25.75 122.98
CA MET B 132 29.20 -26.52 122.70
C MET B 132 30.37 -25.94 123.51
N ALA B 133 30.40 -24.61 123.69
CA ALA B 133 31.44 -23.87 124.44
C ALA B 133 31.25 -23.97 125.96
N LYS B 134 30.36 -24.85 126.45
CA LYS B 134 30.09 -25.10 127.90
C LYS B 134 29.59 -23.81 128.57
N ARG B 135 28.91 -22.94 127.82
CA ARG B 135 28.35 -21.65 128.31
C ARG B 135 26.84 -21.68 128.16
N PRO B 136 26.11 -22.46 129.00
CA PRO B 136 24.64 -22.48 128.96
C PRO B 136 24.06 -21.10 129.27
N PHE B 137 22.73 -20.99 129.25
CA PHE B 137 22.00 -19.74 129.58
C PHE B 137 21.53 -19.83 131.03
N ASP B 138 22.47 -20.03 131.96
CA ASP B 138 22.18 -20.17 133.42
C ASP B 138 21.88 -18.80 134.03
N LYS B 139 22.51 -17.74 133.51
CA LYS B 139 22.23 -16.33 133.90
C LYS B 139 20.82 -15.96 133.42
N LYS B 140 19.97 -15.48 134.34
CA LYS B 140 18.66 -14.88 134.00
C LYS B 140 18.91 -13.68 133.10
N SER B 141 18.14 -13.56 132.01
CA SER B 141 18.28 -12.46 131.01
C SER B 141 17.80 -11.16 131.65
N ASN B 142 18.15 -10.03 131.02
CA ASN B 142 17.69 -8.67 131.41
C ASN B 142 16.60 -8.23 130.41
N SER B 143 15.76 -9.16 129.94
CA SER B 143 14.64 -8.85 129.01
C SER B 143 13.79 -7.76 129.65
N ALA B 144 13.50 -6.69 128.90
CA ALA B 144 12.69 -5.55 129.36
C ALA B 144 11.30 -6.04 129.80
N LEU B 145 10.73 -6.97 129.05
CA LEU B 145 9.35 -7.48 129.29
C LEU B 145 9.28 -8.08 130.69
N PHE B 146 10.21 -8.97 131.02
CA PHE B 146 10.19 -9.74 132.30
C PHE B 146 10.65 -8.84 133.44
N ARG B 147 11.52 -7.86 133.16
CA ARG B 147 11.87 -6.77 134.12
C ARG B 147 10.57 -6.05 134.49
N ALA B 148 9.84 -5.55 133.49
CA ALA B 148 8.54 -4.85 133.65
C ALA B 148 7.53 -5.70 134.43
N VAL B 149 7.55 -7.02 134.29
CA VAL B 149 6.61 -7.94 135.01
C VAL B 149 6.99 -7.98 136.49
N GLY B 150 8.28 -8.16 136.80
CA GLY B 150 8.83 -8.11 138.16
C GLY B 150 8.44 -6.83 138.88
N GLU B 151 8.59 -5.68 138.22
CA GLU B 151 8.30 -4.33 138.78
C GLU B 151 6.80 -4.06 138.90
N GLY B 152 5.94 -4.89 138.27
CA GLY B 152 4.47 -4.72 138.27
C GLY B 152 4.00 -3.73 137.21
N ASN B 153 4.81 -3.45 136.19
CA ASN B 153 4.48 -2.56 135.04
C ASN B 153 3.83 -3.34 133.89
N ALA B 154 3.94 -4.67 133.91
CA ALA B 154 3.35 -5.58 132.89
C ALA B 154 2.74 -6.81 133.57
N GLN B 155 1.63 -7.30 133.01
CA GLN B 155 0.95 -8.56 133.40
C GLN B 155 0.90 -9.45 132.16
N LEU B 156 1.42 -10.67 132.27
CA LEU B 156 1.62 -11.60 131.13
C LEU B 156 0.58 -12.69 131.22
N VAL B 157 -0.11 -13.00 130.11
CA VAL B 157 -0.95 -14.22 130.00
C VAL B 157 -0.41 -15.03 128.81
N ALA B 158 -0.26 -16.33 128.99
CA ALA B 158 0.20 -17.23 127.93
C ALA B 158 -1.04 -17.84 127.28
N ILE B 159 -1.06 -17.89 125.97
CA ILE B 159 -2.16 -18.55 125.23
C ILE B 159 -1.51 -19.57 124.30
N PHE B 160 -2.20 -20.70 124.19
CA PHE B 160 -1.81 -21.83 123.31
C PHE B 160 -2.91 -22.00 122.27
N GLY B 161 -2.49 -22.05 121.02
CA GLY B 161 -3.34 -22.29 119.84
C GLY B 161 -3.82 -23.73 119.82
N GLY B 162 -4.60 -24.08 118.80
CA GLY B 162 -4.99 -25.47 118.56
C GLY B 162 -4.92 -25.79 117.09
N GLN B 163 -5.91 -26.55 116.62
CA GLN B 163 -6.03 -27.00 115.21
C GLN B 163 -6.45 -25.82 114.35
N GLY B 164 -6.12 -25.85 113.05
CA GLY B 164 -6.85 -25.06 112.03
C GLY B 164 -6.31 -23.67 111.82
N ASN B 165 -5.07 -23.40 112.23
CA ASN B 165 -4.39 -22.09 112.05
C ASN B 165 -3.50 -22.16 110.81
N THR B 166 -2.99 -23.35 110.49
CA THR B 166 -2.09 -23.60 109.34
C THR B 166 -2.30 -25.04 108.85
N ASP B 167 -2.10 -25.27 107.56
CA ASP B 167 -2.17 -26.60 106.91
C ASP B 167 -0.79 -27.29 107.01
N ASP B 168 0.28 -26.52 107.29
CA ASP B 168 1.68 -27.00 107.29
C ASP B 168 2.27 -26.84 108.71
N TYR B 169 1.55 -27.27 109.73
CA TYR B 169 1.99 -27.16 111.15
C TYR B 169 3.31 -27.88 111.34
N PHE B 170 3.58 -28.95 110.58
CA PHE B 170 4.76 -29.81 110.79
C PHE B 170 6.06 -29.06 110.51
N GLU B 171 6.06 -28.09 109.59
CA GLU B 171 7.27 -27.27 109.25
C GLU B 171 7.68 -26.40 110.45
N GLU B 172 6.72 -26.03 111.30
CA GLU B 172 6.98 -25.30 112.56
C GLU B 172 7.82 -26.20 113.47
N LEU B 173 7.50 -27.49 113.56
CA LEU B 173 8.26 -28.45 114.39
C LEU B 173 9.63 -28.70 113.74
N ARG B 174 9.68 -28.72 112.41
CA ARG B 174 10.92 -28.92 111.63
C ARG B 174 11.87 -27.77 111.97
N ASP B 175 11.37 -26.53 111.92
CA ASP B 175 12.14 -25.28 112.18
C ASP B 175 12.64 -25.27 113.63
N LEU B 176 11.81 -25.65 114.60
CA LEU B 176 12.21 -25.81 116.02
C LEU B 176 13.36 -26.82 116.15
N TYR B 177 13.29 -27.95 115.45
CA TYR B 177 14.30 -29.05 115.54
C TYR B 177 15.61 -28.60 114.89
N GLN B 178 15.55 -27.86 113.78
CA GLN B 178 16.74 -27.32 113.07
C GLN B 178 17.42 -26.29 113.97
N THR B 179 16.73 -25.19 114.25
CA THR B 179 17.28 -23.97 114.91
C THR B 179 17.66 -24.27 116.36
N TYR B 180 16.79 -24.93 117.12
CA TYR B 180 16.92 -25.05 118.59
C TYR B 180 17.12 -26.51 118.99
N HIS B 181 17.77 -27.31 118.14
CA HIS B 181 18.15 -28.71 118.45
C HIS B 181 18.73 -28.78 119.87
N VAL B 182 19.68 -27.91 120.21
CA VAL B 182 20.46 -28.02 121.48
C VAL B 182 19.58 -27.63 122.67
N LEU B 183 18.47 -26.94 122.44
CA LEU B 183 17.51 -26.51 123.50
C LEU B 183 16.34 -27.49 123.61
N VAL B 184 15.77 -27.95 122.49
CA VAL B 184 14.49 -28.75 122.50
C VAL B 184 14.70 -30.19 121.99
N GLY B 185 15.84 -30.51 121.37
CA GLY B 185 16.17 -31.88 120.91
C GLY B 185 15.76 -32.94 121.91
N ASP B 186 16.05 -32.72 123.19
CA ASP B 186 15.75 -33.69 124.29
C ASP B 186 14.25 -33.76 124.56
N LEU B 187 13.53 -32.64 124.43
CA LEU B 187 12.05 -32.61 124.56
C LEU B 187 11.43 -33.44 123.42
N ILE B 188 11.87 -33.20 122.19
CA ILE B 188 11.27 -33.84 120.98
C ILE B 188 11.58 -35.34 121.00
N LYS B 189 12.79 -35.75 121.43
CA LYS B 189 13.16 -37.19 121.57
C LYS B 189 12.29 -37.82 122.65
N PHE B 190 12.10 -37.14 123.77
CA PHE B 190 11.26 -37.63 124.88
C PHE B 190 9.80 -37.80 124.42
N SER B 191 9.31 -36.82 123.65
CA SER B 191 7.90 -36.76 123.19
C SER B 191 7.67 -37.87 122.16
N ALA B 192 8.60 -38.04 121.20
CA ALA B 192 8.66 -39.14 120.21
C ALA B 192 8.68 -40.52 120.88
N GLU B 193 9.45 -40.70 121.95
CA GLU B 193 9.54 -41.99 122.69
C GLU B 193 8.23 -42.24 123.42
N THR B 194 7.64 -41.19 124.01
CA THR B 194 6.38 -41.29 124.78
C THR B 194 5.24 -41.72 123.85
N LEU B 195 5.20 -41.15 122.64
CA LEU B 195 4.14 -41.42 121.64
C LEU B 195 4.31 -42.84 121.07
N SER B 196 5.54 -43.24 120.73
CA SER B 196 5.89 -44.62 120.30
C SER B 196 5.43 -45.63 121.35
N GLU B 197 5.64 -45.32 122.63
CA GLU B 197 5.25 -46.22 123.74
C GLU B 197 3.73 -46.24 123.89
N LEU B 198 3.04 -45.12 123.67
CA LEU B 198 1.55 -45.06 123.81
C LEU B 198 0.90 -45.86 122.67
N ILE B 199 1.46 -45.83 121.47
CA ILE B 199 1.01 -46.65 120.31
C ILE B 199 1.17 -48.15 120.66
N ARG B 200 2.32 -48.53 121.21
CA ARG B 200 2.68 -49.94 121.55
C ARG B 200 1.70 -50.47 122.61
N THR B 201 1.38 -49.69 123.64
CA THR B 201 0.59 -50.09 124.84
C THR B 201 -0.92 -49.80 124.68
N THR B 202 -1.34 -49.19 123.59
CA THR B 202 -2.78 -48.93 123.29
C THR B 202 -3.22 -49.94 122.23
N LEU B 203 -4.36 -50.59 122.45
CA LEU B 203 -4.75 -51.86 121.78
C LEU B 203 -4.69 -51.71 120.25
N ASP B 204 -5.55 -50.87 119.66
CA ASP B 204 -5.72 -50.79 118.19
C ASP B 204 -5.16 -49.46 117.64
N ALA B 205 -4.26 -48.80 118.38
CA ALA B 205 -3.71 -47.48 118.02
C ALA B 205 -2.94 -47.58 116.69
N GLU B 206 -2.16 -48.64 116.48
CA GLU B 206 -1.40 -48.90 115.21
C GLU B 206 -2.32 -48.83 113.99
N LYS B 207 -3.59 -49.26 114.10
CA LYS B 207 -4.58 -49.25 112.98
C LYS B 207 -4.79 -47.81 112.50
N VAL B 208 -4.81 -46.88 113.45
CA VAL B 208 -5.05 -45.42 113.24
C VAL B 208 -3.77 -44.76 112.70
N PHE B 209 -2.58 -45.28 113.05
CA PHE B 209 -1.25 -44.72 112.64
C PHE B 209 -0.68 -45.54 111.48
N THR B 210 -1.26 -45.38 110.28
CA THR B 210 -1.07 -46.30 109.12
C THR B 210 0.35 -46.15 108.54
N GLN B 211 0.92 -44.94 108.57
CA GLN B 211 2.32 -44.65 108.16
C GLN B 211 3.18 -44.38 109.40
N GLY B 212 2.83 -44.97 110.55
CA GLY B 212 3.58 -44.88 111.82
C GLY B 212 3.59 -43.48 112.41
N LEU B 213 4.40 -43.29 113.46
CA LEU B 213 4.63 -41.99 114.15
C LEU B 213 6.11 -41.90 114.54
N ASN B 214 6.99 -42.11 113.56
CA ASN B 214 8.46 -41.98 113.74
C ASN B 214 8.85 -40.52 113.45
N ILE B 215 8.57 -39.62 114.38
CA ILE B 215 8.74 -38.16 114.14
C ILE B 215 10.22 -37.84 114.00
N LEU B 216 11.09 -38.51 114.75
CA LEU B 216 12.57 -38.31 114.69
C LEU B 216 13.07 -38.63 113.28
N GLU B 217 12.65 -39.76 112.71
CA GLU B 217 12.91 -40.12 111.29
C GLU B 217 12.44 -39.00 110.37
N TRP B 218 11.19 -38.51 110.55
CA TRP B 218 10.60 -37.46 109.68
C TRP B 218 11.42 -36.18 109.76
N LEU B 219 11.86 -35.80 110.97
CA LEU B 219 12.65 -34.57 111.20
C LEU B 219 14.06 -34.71 110.60
N GLU B 220 14.72 -35.86 110.78
CA GLU B 220 16.05 -36.15 110.15
C GLU B 220 15.94 -36.07 108.62
N ASN B 221 14.95 -36.74 108.03
CA ASN B 221 14.78 -36.94 106.55
C ASN B 221 13.43 -36.39 106.09
N PRO B 222 13.36 -35.14 105.58
CA PRO B 222 12.14 -34.62 104.97
C PRO B 222 11.52 -35.49 103.86
N SER B 223 12.33 -36.27 103.15
CA SER B 223 11.91 -37.24 102.10
C SER B 223 11.00 -38.33 102.68
N ASN B 224 11.30 -38.80 103.90
CA ASN B 224 10.57 -39.89 104.59
C ASN B 224 9.37 -39.37 105.40
N THR B 225 9.14 -38.06 105.45
CA THR B 225 7.95 -37.47 106.11
C THR B 225 6.71 -37.84 105.29
N PRO B 226 5.66 -38.42 105.91
CA PRO B 226 4.37 -38.59 105.24
C PRO B 226 3.79 -37.31 104.61
N ASP B 227 2.77 -37.50 103.77
CA ASP B 227 2.03 -36.41 103.05
C ASP B 227 1.29 -35.54 104.08
N LYS B 228 0.92 -34.32 103.69
CA LYS B 228 0.25 -33.34 104.60
C LYS B 228 -1.05 -33.91 105.17
N ASP B 229 -1.82 -34.67 104.39
CA ASP B 229 -3.15 -35.17 104.84
C ASP B 229 -2.97 -36.08 106.06
N TYR B 230 -1.96 -36.93 106.03
CA TYR B 230 -1.63 -37.87 107.13
C TYR B 230 -1.17 -37.08 108.35
N LEU B 231 -0.25 -36.13 108.17
CA LEU B 231 0.25 -35.23 109.25
C LEU B 231 -0.92 -34.49 109.88
N LEU B 232 -1.84 -34.01 109.05
CA LEU B 232 -3.00 -33.23 109.52
C LEU B 232 -3.98 -34.13 110.28
N SER B 233 -3.99 -35.44 110.07
CA SER B 233 -4.98 -36.31 110.76
C SER B 233 -4.75 -36.15 112.26
N ILE B 234 -5.81 -36.19 113.06
CA ILE B 234 -5.69 -35.72 114.46
C ILE B 234 -4.92 -36.67 115.36
N PRO B 235 -4.83 -37.99 115.11
CA PRO B 235 -3.97 -38.84 115.95
C PRO B 235 -2.49 -38.38 115.91
N ILE B 236 -2.07 -37.79 114.80
CA ILE B 236 -0.72 -37.20 114.63
C ILE B 236 -0.76 -35.72 115.04
N SER B 237 -1.70 -34.93 114.53
CA SER B 237 -1.65 -33.45 114.65
C SER B 237 -1.91 -33.03 116.09
N CYS B 238 -2.81 -33.70 116.81
CA CYS B 238 -3.13 -33.31 118.20
C CYS B 238 -1.87 -33.34 119.06
N PRO B 239 -1.19 -34.50 119.28
CA PRO B 239 0.00 -34.51 120.13
C PRO B 239 1.15 -33.67 119.57
N LEU B 240 1.32 -33.60 118.26
CA LEU B 240 2.47 -32.89 117.66
C LEU B 240 2.30 -31.38 117.81
N ILE B 241 1.06 -30.90 117.92
CA ILE B 241 0.80 -29.44 118.11
C ILE B 241 1.09 -29.12 119.57
N GLY B 242 0.74 -30.02 120.49
CA GLY B 242 1.21 -30.02 121.88
C GLY B 242 2.73 -29.84 121.94
N VAL B 243 3.46 -30.66 121.18
CA VAL B 243 4.95 -30.75 121.22
C VAL B 243 5.51 -29.42 120.72
N ILE B 244 4.96 -28.89 119.64
CA ILE B 244 5.39 -27.58 119.08
C ILE B 244 5.27 -26.50 120.18
N GLN B 245 4.16 -26.49 120.89
CA GLN B 245 3.84 -25.44 121.89
C GLN B 245 4.77 -25.58 123.10
N LEU B 246 4.90 -26.80 123.62
CA LEU B 246 5.87 -27.10 124.70
C LEU B 246 7.30 -26.75 124.26
N ALA B 247 7.67 -27.00 123.02
CA ALA B 247 9.01 -26.70 122.48
C ALA B 247 9.24 -25.20 122.49
N HIS B 248 8.23 -24.42 122.05
CA HIS B 248 8.32 -22.93 122.05
C HIS B 248 8.43 -22.44 123.49
N TYR B 249 7.72 -23.07 124.41
CA TYR B 249 7.73 -22.70 125.84
C TYR B 249 9.14 -22.91 126.42
N VAL B 250 9.79 -24.00 126.02
CA VAL B 250 11.14 -24.41 126.48
C VAL B 250 12.19 -23.48 125.86
N VAL B 251 12.16 -23.29 124.55
CA VAL B 251 13.04 -22.29 123.89
C VAL B 251 12.92 -20.95 124.62
N THR B 252 11.70 -20.53 124.96
CA THR B 252 11.46 -19.23 125.64
C THR B 252 12.14 -19.27 127.01
N ALA B 253 11.84 -20.28 127.83
CA ALA B 253 12.33 -20.41 129.22
C ALA B 253 13.87 -20.46 129.22
N LYS B 254 14.48 -21.20 128.29
CA LYS B 254 15.94 -21.47 128.29
C LYS B 254 16.69 -20.21 127.86
N LEU B 255 16.22 -19.52 126.83
CA LEU B 255 16.87 -18.27 126.34
C LEU B 255 16.71 -17.11 127.34
N LEU B 256 15.80 -17.21 128.30
CA LEU B 256 15.62 -16.24 129.42
C LEU B 256 16.38 -16.73 130.66
N GLY B 257 16.97 -17.92 130.60
CA GLY B 257 17.58 -18.60 131.76
C GLY B 257 16.60 -18.87 132.88
N PHE B 258 15.33 -19.12 132.58
CA PHE B 258 14.33 -19.52 133.59
C PHE B 258 14.20 -21.04 133.60
N THR B 259 13.77 -21.57 134.74
CA THR B 259 13.12 -22.91 134.83
C THR B 259 11.71 -22.75 134.28
N PRO B 260 11.05 -23.84 133.86
CA PRO B 260 9.64 -23.78 133.45
C PRO B 260 8.75 -23.09 134.49
N GLY B 261 8.92 -23.46 135.77
CA GLY B 261 8.18 -22.88 136.91
C GLY B 261 8.47 -21.40 137.08
N GLU B 262 9.70 -20.97 136.83
CA GLU B 262 10.07 -19.53 136.93
C GLU B 262 9.29 -18.76 135.87
N LEU B 263 9.35 -19.20 134.61
CA LEU B 263 8.62 -18.59 133.47
C LEU B 263 7.13 -18.58 133.81
N ARG B 264 6.62 -19.70 134.34
CA ARG B 264 5.21 -19.84 134.76
C ARG B 264 4.86 -18.79 135.82
N SER B 265 5.77 -18.49 136.74
CA SER B 265 5.51 -17.61 137.92
C SER B 265 5.39 -16.16 137.46
N TYR B 266 6.05 -15.81 136.36
CA TYR B 266 5.95 -14.49 135.69
C TYR B 266 4.58 -14.33 135.02
N LEU B 267 3.80 -15.39 134.84
CA LEU B 267 2.49 -15.34 134.12
C LEU B 267 1.38 -15.09 135.14
N LYS B 268 0.50 -14.16 134.82
CA LYS B 268 -0.76 -13.94 135.58
C LYS B 268 -1.71 -15.11 135.34
N GLY B 269 -1.63 -15.77 134.17
CA GLY B 269 -2.56 -16.84 133.78
C GLY B 269 -2.16 -17.50 132.48
N ALA B 270 -2.85 -18.58 132.15
CA ALA B 270 -2.67 -19.31 130.89
C ALA B 270 -4.03 -19.73 130.38
N THR B 271 -4.15 -19.83 129.07
CA THR B 271 -5.30 -20.52 128.48
C THR B 271 -4.94 -20.95 127.07
N GLY B 272 -5.86 -21.65 126.46
CA GLY B 272 -5.65 -22.19 125.13
C GLY B 272 -6.95 -22.32 124.42
N HIS B 273 -6.84 -22.30 123.10
CA HIS B 273 -7.96 -22.34 122.15
C HIS B 273 -8.07 -23.78 121.69
N SER B 274 -9.17 -24.45 122.03
CA SER B 274 -9.39 -25.87 121.66
C SER B 274 -8.33 -26.68 122.41
N GLN B 275 -7.44 -27.41 121.73
CA GLN B 275 -6.48 -28.36 122.37
C GLN B 275 -5.31 -27.61 123.02
N GLY B 276 -5.13 -26.31 122.77
CA GLY B 276 -4.13 -25.47 123.45
C GLY B 276 -4.32 -25.49 124.96
N LEU B 277 -5.57 -25.66 125.40
CA LEU B 277 -5.96 -25.69 126.82
C LEU B 277 -5.24 -26.82 127.57
N VAL B 278 -4.81 -27.87 126.87
CA VAL B 278 -4.06 -28.99 127.51
C VAL B 278 -2.65 -28.50 127.83
N THR B 279 -2.01 -27.87 126.86
CA THR B 279 -0.65 -27.28 127.03
C THR B 279 -0.69 -26.22 128.12
N ALA B 280 -1.76 -25.43 128.21
CA ALA B 280 -1.91 -24.35 129.21
C ALA B 280 -1.93 -24.95 130.63
N VAL B 281 -2.69 -26.01 130.86
CA VAL B 281 -2.74 -26.67 132.20
C VAL B 281 -1.40 -27.34 132.49
N ALA B 282 -0.75 -27.93 131.48
CA ALA B 282 0.53 -28.64 131.63
C ALA B 282 1.61 -27.68 132.13
N ILE B 283 1.79 -26.54 131.46
CA ILE B 283 2.81 -25.51 131.84
C ILE B 283 2.44 -24.84 133.17
N ALA B 284 1.16 -24.77 133.52
CA ALA B 284 0.68 -24.27 134.83
C ALA B 284 1.16 -25.16 135.99
N GLU B 285 1.40 -26.46 135.74
CA GLU B 285 1.83 -27.43 136.78
C GLU B 285 3.36 -27.41 136.94
N THR B 286 4.11 -26.90 135.96
CA THR B 286 5.59 -27.10 135.86
C THR B 286 6.30 -26.37 137.01
N ASP B 287 7.44 -26.92 137.47
CA ASP B 287 8.30 -26.32 138.53
C ASP B 287 9.74 -26.27 138.01
N SER B 288 10.43 -27.41 137.96
CA SER B 288 11.87 -27.52 137.66
C SER B 288 12.10 -28.26 136.32
N TRP B 289 13.29 -28.14 135.74
CA TRP B 289 13.68 -28.88 134.50
C TRP B 289 13.64 -30.40 134.72
N GLU B 290 13.81 -30.88 135.96
CA GLU B 290 13.90 -32.32 136.28
C GLU B 290 12.52 -32.94 136.13
N SER B 291 11.49 -32.25 136.63
CA SER B 291 10.08 -32.71 136.70
C SER B 291 9.24 -32.15 135.54
N PHE B 292 9.87 -31.48 134.56
CA PHE B 292 9.19 -30.86 133.41
C PHE B 292 8.61 -31.94 132.49
N PHE B 293 9.38 -33.01 132.29
CA PHE B 293 9.01 -34.17 131.45
C PHE B 293 7.82 -34.92 132.05
N VAL B 294 7.50 -34.70 133.32
CA VAL B 294 6.25 -35.25 133.94
C VAL B 294 5.05 -34.52 133.32
N SER B 295 5.10 -33.18 133.29
CA SER B 295 4.06 -32.31 132.70
C SER B 295 3.98 -32.55 131.18
N VAL B 296 5.12 -32.68 130.50
CA VAL B 296 5.16 -32.96 129.04
C VAL B 296 4.42 -34.28 128.76
N ARG B 297 4.73 -35.34 129.51
CA ARG B 297 4.10 -36.67 129.36
C ARG B 297 2.57 -36.52 129.47
N LYS B 298 2.08 -35.89 130.54
CA LYS B 298 0.63 -35.72 130.78
C LYS B 298 -0.02 -35.04 129.56
N ALA B 299 0.59 -33.98 129.04
CA ALA B 299 0.04 -33.18 127.92
C ALA B 299 0.01 -34.05 126.66
N ILE B 300 1.15 -34.62 126.27
CA ILE B 300 1.29 -35.54 125.10
C ILE B 300 0.28 -36.68 125.22
N THR B 301 0.07 -37.21 126.42
CA THR B 301 -0.83 -38.36 126.65
C THR B 301 -2.29 -37.93 126.48
N VAL B 302 -2.68 -36.79 127.03
CA VAL B 302 -4.07 -36.29 126.84
C VAL B 302 -4.30 -36.12 125.34
N LEU B 303 -3.36 -35.50 124.65
CA LEU B 303 -3.55 -35.12 123.23
C LEU B 303 -3.52 -36.37 122.37
N PHE B 304 -2.75 -37.38 122.76
CA PHE B 304 -2.67 -38.67 122.05
C PHE B 304 -4.07 -39.31 122.06
N PHE B 305 -4.70 -39.36 123.23
CA PHE B 305 -6.01 -40.05 123.42
C PHE B 305 -7.13 -39.23 122.81
N ILE B 306 -7.05 -37.90 122.84
CA ILE B 306 -8.04 -37.05 122.14
C ILE B 306 -7.93 -37.37 120.64
N GLY B 307 -6.74 -37.29 120.07
CA GLY B 307 -6.48 -37.54 118.65
C GLY B 307 -7.01 -38.91 118.23
N VAL B 308 -6.63 -39.93 118.97
CA VAL B 308 -6.91 -41.35 118.64
C VAL B 308 -8.40 -41.62 118.80
N ARG B 309 -9.00 -41.24 119.92
CA ARG B 309 -10.41 -41.59 120.19
C ARG B 309 -11.35 -40.80 119.29
N CYS B 310 -11.06 -39.51 119.10
CA CYS B 310 -11.88 -38.59 118.27
C CYS B 310 -11.83 -39.05 116.82
N TYR B 311 -10.66 -39.48 116.36
CA TYR B 311 -10.50 -40.02 114.99
C TYR B 311 -11.34 -41.30 114.83
N GLU B 312 -11.34 -42.16 115.84
CA GLU B 312 -12.10 -43.45 115.85
C GLU B 312 -13.61 -43.15 115.88
N ALA B 313 -14.03 -42.08 116.55
CA ALA B 313 -15.46 -41.69 116.68
C ALA B 313 -15.95 -41.08 115.36
N TYR B 314 -15.08 -40.40 114.62
CA TYR B 314 -15.46 -39.72 113.36
C TYR B 314 -14.29 -39.66 112.39
N PRO B 315 -13.96 -40.80 111.76
CA PRO B 315 -12.92 -40.79 110.73
C PRO B 315 -13.39 -40.03 109.49
N ASN B 316 -12.45 -39.38 108.82
CA ASN B 316 -12.72 -38.70 107.55
C ASN B 316 -12.93 -39.78 106.49
N THR B 317 -13.91 -39.55 105.61
CA THR B 317 -14.20 -40.41 104.44
C THR B 317 -14.02 -39.58 103.18
N SER B 318 -13.87 -40.25 102.03
CA SER B 318 -13.77 -39.59 100.72
C SER B 318 -15.02 -38.72 100.51
N LEU B 319 -14.81 -37.51 100.03
CA LEU B 319 -15.91 -36.59 99.68
C LEU B 319 -16.19 -36.74 98.19
N PRO B 320 -17.47 -36.79 97.77
CA PRO B 320 -17.82 -36.87 96.36
C PRO B 320 -17.03 -35.89 95.51
N PRO B 321 -16.32 -36.33 94.45
CA PRO B 321 -15.55 -35.42 93.61
C PRO B 321 -16.33 -34.24 93.00
N SER B 322 -17.64 -34.40 92.83
CA SER B 322 -18.54 -33.35 92.29
C SER B 322 -18.59 -32.18 93.29
N ILE B 323 -18.70 -32.51 94.57
CA ILE B 323 -18.64 -31.54 95.71
C ILE B 323 -17.26 -30.87 95.75
N LEU B 324 -16.16 -31.62 95.60
CA LEU B 324 -14.79 -31.05 95.62
C LEU B 324 -14.63 -30.09 94.44
N GLU B 325 -15.07 -30.51 93.25
CA GLU B 325 -14.94 -29.73 91.98
C GLU B 325 -15.72 -28.42 92.12
N ASP B 326 -16.94 -28.49 92.65
CA ASP B 326 -17.84 -27.31 92.85
C ASP B 326 -17.18 -26.34 93.84
N SER B 327 -16.69 -26.83 94.99
CA SER B 327 -16.03 -26.01 96.04
C SER B 327 -14.79 -25.30 95.46
N LEU B 328 -14.00 -25.95 94.61
CA LEU B 328 -12.77 -25.37 94.02
C LEU B 328 -13.12 -24.34 92.93
N GLU B 329 -14.17 -24.60 92.14
CA GLU B 329 -14.60 -23.71 91.01
C GLU B 329 -15.30 -22.45 91.57
N ASN B 330 -15.87 -22.54 92.78
CA ASN B 330 -16.54 -21.41 93.48
C ASN B 330 -15.59 -20.77 94.51
N ASN B 331 -14.27 -20.97 94.36
CA ASN B 331 -13.21 -20.35 95.20
C ASN B 331 -13.55 -20.49 96.70
N GLU B 332 -14.16 -21.61 97.09
CA GLU B 332 -14.24 -22.07 98.50
C GLU B 332 -13.08 -23.05 98.73
N GLY B 333 -12.82 -23.40 99.98
CA GLY B 333 -11.74 -24.34 100.30
C GLY B 333 -12.08 -25.74 99.83
N VAL B 334 -11.10 -26.64 99.93
CA VAL B 334 -11.34 -28.10 100.04
C VAL B 334 -12.18 -28.32 101.29
N PRO B 335 -13.41 -28.85 101.20
CA PRO B 335 -14.24 -29.03 102.38
C PRO B 335 -13.55 -29.82 103.49
N SER B 336 -13.96 -29.54 104.72
CA SER B 336 -13.38 -30.06 105.96
C SER B 336 -14.46 -29.99 107.00
N PRO B 337 -14.28 -30.62 108.16
CA PRO B 337 -15.30 -30.59 109.19
C PRO B 337 -15.44 -29.29 110.00
N MET B 338 -14.78 -28.22 109.61
CA MET B 338 -14.86 -26.95 110.36
C MET B 338 -14.80 -25.79 109.36
N LEU B 339 -15.87 -25.02 109.32
CA LEU B 339 -16.00 -23.90 108.36
C LEU B 339 -15.91 -22.60 109.17
N SER B 340 -15.02 -21.70 108.78
CA SER B 340 -14.87 -20.35 109.41
C SER B 340 -15.69 -19.34 108.63
N ILE B 341 -16.54 -18.59 109.33
CA ILE B 341 -17.39 -17.52 108.74
C ILE B 341 -16.99 -16.18 109.38
N SER B 342 -16.36 -15.30 108.60
CA SER B 342 -15.93 -13.93 108.97
C SER B 342 -16.92 -12.87 108.46
N ASN B 343 -17.35 -11.96 109.35
CA ASN B 343 -18.03 -10.68 109.06
C ASN B 343 -19.54 -10.86 109.18
N LEU B 344 -19.97 -11.96 109.77
CA LEU B 344 -21.37 -12.19 110.18
C LEU B 344 -21.41 -12.32 111.69
N THR B 345 -22.51 -11.89 112.27
CA THR B 345 -22.79 -12.01 113.71
C THR B 345 -23.09 -13.48 114.01
N GLN B 346 -22.96 -13.88 115.28
CA GLN B 346 -23.32 -15.23 115.79
C GLN B 346 -24.80 -15.50 115.52
N GLU B 347 -25.68 -14.50 115.64
CA GLU B 347 -27.14 -14.68 115.44
C GLU B 347 -27.38 -15.04 113.96
N GLN B 348 -26.72 -14.30 113.07
CA GLN B 348 -26.83 -14.47 111.61
C GLN B 348 -26.35 -15.87 111.21
N VAL B 349 -25.16 -16.26 111.67
CA VAL B 349 -24.59 -17.62 111.42
C VAL B 349 -25.56 -18.65 112.01
N GLN B 350 -26.05 -18.44 113.23
CA GLN B 350 -26.95 -19.42 113.91
C GLN B 350 -28.29 -19.56 113.17
N ASP B 351 -28.71 -18.51 112.45
CA ASP B 351 -29.96 -18.53 111.62
C ASP B 351 -29.72 -19.45 110.42
N TYR B 352 -28.61 -19.28 109.72
CA TYR B 352 -28.20 -20.12 108.57
C TYR B 352 -27.96 -21.56 108.99
N VAL B 353 -27.40 -21.84 110.18
CA VAL B 353 -27.18 -23.25 110.61
C VAL B 353 -28.53 -23.83 111.02
N ASN B 354 -29.46 -23.00 111.52
CA ASN B 354 -30.81 -23.48 111.91
C ASN B 354 -31.55 -23.94 110.64
N LYS B 355 -31.47 -23.15 109.57
CA LYS B 355 -32.10 -23.45 108.24
C LYS B 355 -31.56 -24.77 107.71
N THR B 356 -30.23 -24.90 107.63
CA THR B 356 -29.52 -26.12 107.18
C THR B 356 -29.90 -27.33 108.06
N ASN B 357 -29.94 -27.15 109.38
CA ASN B 357 -30.14 -28.26 110.35
C ASN B 357 -31.58 -28.76 110.31
N SER B 358 -32.55 -27.91 109.93
CA SER B 358 -33.99 -28.26 109.84
C SER B 358 -34.16 -29.42 108.85
N HIS B 359 -33.54 -29.31 107.67
CA HIS B 359 -33.54 -30.34 106.60
C HIS B 359 -32.75 -31.59 107.01
N LEU B 360 -31.55 -31.42 107.58
CA LEU B 360 -30.63 -32.54 107.91
C LEU B 360 -31.17 -33.34 109.09
N PRO B 361 -30.88 -34.67 109.14
CA PRO B 361 -31.12 -35.49 110.33
C PRO B 361 -30.03 -35.23 111.38
N ALA B 362 -30.25 -35.69 112.63
CA ALA B 362 -29.49 -35.33 113.86
C ALA B 362 -27.97 -35.57 113.70
N GLY B 363 -27.59 -36.74 113.20
CA GLY B 363 -26.18 -37.16 113.08
C GLY B 363 -25.43 -36.40 112.00
N LYS B 364 -26.11 -35.58 111.20
CA LYS B 364 -25.48 -34.82 110.10
C LYS B 364 -25.55 -33.32 110.40
N GLN B 365 -26.14 -32.93 111.54
CA GLN B 365 -26.36 -31.52 111.89
C GLN B 365 -25.03 -30.86 112.26
N VAL B 366 -24.88 -29.61 111.84
CA VAL B 366 -23.73 -28.71 112.12
C VAL B 366 -24.03 -27.84 113.35
N GLU B 367 -22.99 -27.29 113.98
CA GLU B 367 -23.18 -26.42 115.18
C GLU B 367 -22.04 -25.43 115.25
N ILE B 368 -22.31 -24.28 115.87
CA ILE B 368 -21.24 -23.27 116.09
C ILE B 368 -20.29 -23.88 117.12
N SER B 369 -19.03 -24.04 116.72
CA SER B 369 -17.98 -24.75 117.49
C SER B 369 -17.06 -23.72 118.19
N LEU B 370 -16.64 -22.69 117.46
CA LEU B 370 -15.77 -21.60 117.99
C LEU B 370 -16.45 -20.26 117.74
N VAL B 371 -16.71 -19.52 118.82
CA VAL B 371 -17.00 -18.06 118.78
C VAL B 371 -15.68 -17.34 119.09
N ASN B 372 -14.93 -17.03 118.05
CA ASN B 372 -13.57 -16.48 118.10
C ASN B 372 -13.59 -14.96 118.29
N GLY B 373 -14.75 -14.33 118.05
CA GLY B 373 -14.92 -12.88 117.96
C GLY B 373 -16.37 -12.57 117.64
N ALA B 374 -16.76 -11.31 117.68
CA ALA B 374 -18.16 -10.86 117.44
C ALA B 374 -18.60 -11.30 116.03
N LYS B 375 -17.68 -11.24 115.05
CA LYS B 375 -17.94 -11.58 113.62
C LYS B 375 -16.85 -12.53 113.10
N ASN B 376 -16.53 -13.55 113.88
CA ASN B 376 -15.49 -14.56 113.55
C ASN B 376 -15.94 -15.88 114.18
N LEU B 377 -16.66 -16.69 113.41
CA LEU B 377 -17.34 -17.90 113.93
C LEU B 377 -16.80 -19.10 113.19
N VAL B 378 -16.87 -20.25 113.85
CA VAL B 378 -16.48 -21.54 113.22
C VAL B 378 -17.60 -22.53 113.48
N VAL B 379 -17.98 -23.22 112.41
CA VAL B 379 -19.07 -24.22 112.42
C VAL B 379 -18.42 -25.57 112.17
N SER B 380 -18.76 -26.51 113.03
CA SER B 380 -18.30 -27.91 112.98
C SER B 380 -19.44 -28.82 112.55
N GLY B 381 -19.10 -29.84 111.78
CA GLY B 381 -20.00 -30.96 111.47
C GLY B 381 -19.49 -31.67 110.24
N PRO B 382 -20.31 -32.58 109.65
CA PRO B 382 -19.85 -33.34 108.50
C PRO B 382 -19.40 -32.40 107.39
N PRO B 383 -18.27 -32.65 106.73
CA PRO B 383 -17.85 -31.80 105.62
C PRO B 383 -18.97 -31.61 104.59
N GLN B 384 -19.76 -32.65 104.29
CA GLN B 384 -20.87 -32.55 103.31
C GLN B 384 -21.97 -31.63 103.86
N SER B 385 -22.33 -31.77 105.14
CA SER B 385 -23.33 -30.89 105.80
C SER B 385 -22.84 -29.44 105.73
N LEU B 386 -21.53 -29.19 105.88
CA LEU B 386 -20.97 -27.81 105.89
C LEU B 386 -20.87 -27.32 104.45
N TYR B 387 -20.74 -28.22 103.48
CA TYR B 387 -20.77 -27.83 102.05
C TYR B 387 -22.19 -27.37 101.73
N GLY B 388 -23.18 -28.01 102.33
CA GLY B 388 -24.60 -27.66 102.30
C GLY B 388 -24.88 -26.29 102.87
N LEU B 389 -24.40 -26.03 104.08
CA LEU B 389 -24.39 -24.67 104.69
C LEU B 389 -23.74 -23.69 103.72
N ASN B 390 -22.58 -24.02 103.17
CA ASN B 390 -21.82 -23.13 102.26
C ASN B 390 -22.63 -22.78 101.01
N LEU B 391 -23.46 -23.71 100.49
CA LEU B 391 -24.32 -23.47 99.28
C LEU B 391 -25.37 -22.41 99.66
N THR B 392 -26.02 -22.57 100.81
CA THR B 392 -26.96 -21.58 101.39
C THR B 392 -26.28 -20.22 101.55
N LEU B 393 -25.03 -20.18 102.03
CA LEU B 393 -24.29 -18.91 102.29
C LEU B 393 -23.92 -18.23 100.97
N ARG B 394 -23.56 -18.99 99.92
CA ARG B 394 -22.96 -18.40 98.69
C ARG B 394 -24.04 -17.67 97.89
N LYS B 395 -25.32 -17.99 98.13
CA LYS B 395 -26.50 -17.25 97.61
C LYS B 395 -26.62 -15.91 98.35
N ALA B 396 -26.56 -15.94 99.69
CA ALA B 396 -26.78 -14.79 100.58
C ALA B 396 -25.62 -13.78 100.50
N LYS B 397 -24.43 -14.20 100.06
CA LYS B 397 -23.23 -13.31 100.05
C LYS B 397 -23.20 -12.57 98.72
N ALA B 398 -22.91 -11.26 98.76
CA ALA B 398 -22.70 -10.40 97.59
C ALA B 398 -21.30 -10.68 97.03
N PRO B 399 -21.09 -10.57 95.69
CA PRO B 399 -19.74 -10.67 95.12
C PRO B 399 -18.73 -9.74 95.82
N SER B 400 -17.47 -10.17 95.89
CA SER B 400 -16.35 -9.44 96.56
C SER B 400 -16.08 -8.10 95.85
N GLY B 401 -16.11 -8.09 94.51
CA GLY B 401 -15.89 -6.91 93.66
C GLY B 401 -17.18 -6.23 93.24
N LEU B 402 -18.21 -6.21 94.11
CA LEU B 402 -19.47 -5.45 93.91
C LEU B 402 -19.31 -4.07 94.56
N ASP B 403 -19.56 -3.00 93.80
CA ASP B 403 -19.61 -1.60 94.29
C ASP B 403 -21.03 -1.37 94.83
N GLN B 404 -21.13 -1.05 96.13
CA GLN B 404 -22.41 -0.71 96.81
C GLN B 404 -22.33 0.70 97.40
N SER B 405 -21.31 1.48 97.02
CA SER B 405 -21.07 2.87 97.49
C SER B 405 -22.27 3.77 97.16
N ARG B 406 -22.94 3.54 96.02
CA ARG B 406 -24.09 4.34 95.52
C ARG B 406 -25.42 3.73 95.98
N ILE B 407 -25.39 2.75 96.87
CA ILE B 407 -26.61 2.13 97.48
C ILE B 407 -26.70 2.64 98.91
N PRO B 408 -27.89 3.05 99.41
CA PRO B 408 -28.05 3.40 100.82
C PRO B 408 -27.61 2.25 101.74
N PHE B 409 -26.97 2.61 102.86
CA PHE B 409 -26.24 1.69 103.76
C PHE B 409 -27.11 0.45 104.10
N SER B 410 -28.32 0.67 104.60
CA SER B 410 -29.26 -0.36 105.12
C SER B 410 -29.76 -1.30 104.01
N GLU B 411 -29.72 -0.86 102.75
CA GLU B 411 -30.20 -1.64 101.58
C GLU B 411 -29.05 -2.46 100.96
N ARG B 412 -27.83 -2.38 101.51
CA ARG B 412 -26.66 -3.10 100.93
C ARG B 412 -26.78 -4.60 101.23
N LYS B 413 -26.31 -5.42 100.31
CA LYS B 413 -26.25 -6.88 100.50
C LYS B 413 -25.04 -7.18 101.38
N LEU B 414 -25.26 -7.84 102.54
CA LEU B 414 -24.19 -8.17 103.51
C LEU B 414 -23.10 -8.96 102.78
N LYS B 415 -21.85 -8.56 102.96
CA LYS B 415 -20.67 -9.26 102.38
C LYS B 415 -19.86 -9.86 103.53
N PHE B 416 -19.40 -11.09 103.33
CA PHE B 416 -18.70 -11.89 104.35
C PHE B 416 -17.81 -12.93 103.67
N SER B 417 -17.01 -13.59 104.49
CA SER B 417 -16.01 -14.61 104.07
C SER B 417 -16.38 -15.95 104.71
N ASN B 418 -16.10 -17.03 104.00
CA ASN B 418 -16.27 -18.41 104.48
C ASN B 418 -15.15 -19.22 103.84
N ARG B 419 -14.36 -19.89 104.68
CA ARG B 419 -13.31 -20.81 104.22
C ARG B 419 -13.35 -22.02 105.15
N PHE B 420 -13.13 -23.19 104.59
CA PHE B 420 -12.90 -24.41 105.36
C PHE B 420 -11.54 -24.28 106.06
N LEU B 421 -11.49 -24.65 107.33
CA LEU B 421 -10.22 -24.66 108.08
C LEU B 421 -9.38 -25.88 107.70
N PRO B 422 -8.05 -25.74 107.69
CA PRO B 422 -7.15 -26.89 107.51
C PRO B 422 -7.08 -27.76 108.77
N VAL B 423 -8.12 -28.53 108.99
CA VAL B 423 -8.32 -29.45 110.14
C VAL B 423 -8.97 -30.71 109.58
N ALA B 424 -8.94 -31.82 110.31
CA ALA B 424 -9.38 -33.14 109.81
C ALA B 424 -10.44 -33.78 110.71
N SER B 425 -10.87 -33.09 111.76
CA SER B 425 -11.89 -33.60 112.69
C SER B 425 -12.81 -32.47 113.10
N PRO B 426 -14.09 -32.76 113.37
CA PRO B 426 -15.04 -31.74 113.83
C PRO B 426 -14.95 -31.52 115.34
N PHE B 427 -13.96 -30.76 115.80
CA PHE B 427 -13.84 -30.44 117.25
C PHE B 427 -15.06 -29.68 117.71
N HIS B 428 -15.40 -29.82 118.99
CA HIS B 428 -16.46 -29.05 119.68
C HIS B 428 -17.82 -29.38 119.04
N SER B 429 -18.08 -30.66 118.78
CA SER B 429 -19.29 -31.15 118.06
C SER B 429 -19.82 -32.44 118.67
N HIS B 430 -21.14 -32.64 118.54
CA HIS B 430 -21.91 -33.84 118.93
C HIS B 430 -21.28 -35.09 118.32
N LEU B 431 -20.64 -34.93 117.15
CA LEU B 431 -19.97 -36.06 116.43
C LEU B 431 -18.88 -36.72 117.27
N LEU B 432 -18.21 -35.98 118.16
CA LEU B 432 -17.03 -36.49 118.90
C LEU B 432 -17.41 -36.92 120.30
N VAL B 433 -18.66 -36.67 120.72
CA VAL B 433 -19.17 -36.94 122.10
C VAL B 433 -18.98 -38.41 122.50
N PRO B 434 -19.21 -39.40 121.61
CA PRO B 434 -18.97 -40.81 121.96
C PRO B 434 -17.54 -41.10 122.47
N ALA B 435 -16.55 -40.36 121.96
CA ALA B 435 -15.12 -40.49 122.34
C ALA B 435 -14.87 -40.04 123.79
N SER B 436 -15.76 -39.24 124.39
CA SER B 436 -15.58 -38.63 125.74
C SER B 436 -15.20 -39.70 126.77
N ASP B 437 -16.08 -40.68 126.98
CA ASP B 437 -15.93 -41.75 128.01
C ASP B 437 -14.65 -42.53 127.75
N LEU B 438 -14.32 -42.79 126.49
CA LEU B 438 -13.13 -43.60 126.10
C LEU B 438 -11.86 -42.83 126.45
N ILE B 439 -11.82 -41.51 126.21
CA ILE B 439 -10.66 -40.65 126.56
C ILE B 439 -10.50 -40.62 128.08
N ASN B 440 -11.59 -40.45 128.83
CA ASN B 440 -11.55 -40.37 130.32
C ASN B 440 -10.94 -41.66 130.85
N LYS B 441 -11.44 -42.82 130.41
CA LYS B 441 -10.95 -44.17 130.83
C LYS B 441 -9.48 -44.36 130.46
N ASP B 442 -9.04 -43.88 129.29
CA ASP B 442 -7.64 -44.00 128.83
C ASP B 442 -6.74 -43.16 129.74
N LEU B 443 -7.21 -42.01 130.21
CA LEU B 443 -6.44 -41.11 131.09
C LEU B 443 -6.30 -41.77 132.48
N VAL B 444 -7.36 -42.35 133.05
CA VAL B 444 -7.27 -43.02 134.39
C VAL B 444 -6.32 -44.23 134.26
N LYS B 445 -6.33 -44.92 133.11
CA LYS B 445 -5.47 -46.10 132.83
C LYS B 445 -4.01 -45.67 132.74
N ASN B 446 -3.69 -44.58 132.04
CA ASN B 446 -2.29 -44.08 131.84
C ASN B 446 -1.89 -43.07 132.93
N ASN B 447 -2.66 -42.96 134.02
CA ASN B 447 -2.33 -42.20 135.26
C ASN B 447 -2.04 -40.73 134.89
N VAL B 448 -2.98 -40.11 134.18
CA VAL B 448 -2.93 -38.67 133.82
C VAL B 448 -4.12 -37.99 134.49
N SER B 449 -3.82 -37.19 135.52
CA SER B 449 -4.76 -36.27 136.18
C SER B 449 -4.08 -34.91 136.32
N PHE B 450 -4.89 -33.87 136.52
CA PHE B 450 -4.45 -32.50 136.84
C PHE B 450 -5.16 -32.10 138.14
N ASN B 451 -4.38 -31.89 139.20
CA ASN B 451 -4.87 -31.49 140.54
C ASN B 451 -4.83 -29.96 140.65
N ALA B 452 -5.91 -29.37 141.18
CA ALA B 452 -6.07 -27.90 141.37
C ALA B 452 -4.88 -27.34 142.18
N LYS B 453 -4.47 -28.05 143.24
CA LYS B 453 -3.35 -27.64 144.13
C LYS B 453 -2.00 -27.68 143.42
N ASP B 454 -1.84 -28.46 142.33
CA ASP B 454 -0.60 -28.52 141.52
C ASP B 454 -0.58 -27.40 140.46
N ILE B 455 -1.74 -26.80 140.15
CA ILE B 455 -1.89 -25.75 139.11
C ILE B 455 -1.68 -24.40 139.78
N GLN B 456 -0.55 -23.74 139.49
CA GLN B 456 0.01 -22.63 140.29
C GLN B 456 -0.54 -21.29 139.81
N ILE B 457 -0.89 -21.18 138.53
CA ILE B 457 -1.55 -19.98 137.94
C ILE B 457 -2.96 -20.35 137.51
N PRO B 458 -3.88 -19.37 137.43
CA PRO B 458 -5.20 -19.61 136.85
C PRO B 458 -5.07 -20.12 135.39
N VAL B 459 -5.91 -21.09 135.05
CA VAL B 459 -6.09 -21.60 133.67
C VAL B 459 -7.57 -21.44 133.35
N TYR B 460 -7.87 -20.62 132.35
CA TYR B 460 -9.26 -20.20 132.05
C TYR B 460 -9.89 -21.25 131.13
N ASP B 461 -11.07 -21.73 131.54
CA ASP B 461 -12.01 -22.59 130.76
C ASP B 461 -12.35 -21.91 129.44
N THR B 462 -12.38 -22.65 128.33
CA THR B 462 -12.68 -22.09 126.99
C THR B 462 -14.20 -21.94 126.78
N PHE B 463 -15.05 -22.38 127.69
CA PHE B 463 -16.53 -22.25 127.54
C PHE B 463 -17.06 -21.06 128.34
N ASP B 464 -16.74 -20.97 129.64
CA ASP B 464 -17.31 -19.95 130.56
C ASP B 464 -16.22 -19.00 131.11
N GLY B 465 -14.94 -19.20 130.77
CA GLY B 465 -13.83 -18.32 131.20
C GLY B 465 -13.53 -18.40 132.68
N SER B 466 -14.09 -19.38 133.40
CA SER B 466 -13.84 -19.62 134.84
C SER B 466 -12.46 -20.24 135.00
N ASP B 467 -11.85 -20.07 136.17
CA ASP B 467 -10.57 -20.74 136.52
C ASP B 467 -10.86 -22.23 136.67
N LEU B 468 -10.07 -23.09 136.03
CA LEU B 468 -10.21 -24.57 136.12
C LEU B 468 -9.89 -25.06 137.54
N ARG B 469 -9.09 -24.30 138.30
CA ARG B 469 -8.66 -24.66 139.68
C ARG B 469 -9.84 -24.66 140.66
N VAL B 470 -10.91 -23.92 140.39
CA VAL B 470 -12.13 -23.84 141.27
C VAL B 470 -13.17 -24.90 140.87
N LEU B 471 -12.83 -25.87 139.99
CA LEU B 471 -13.74 -27.00 139.62
C LEU B 471 -13.86 -27.96 140.79
N SER B 472 -15.09 -28.42 141.07
CA SER B 472 -15.40 -29.54 141.99
C SER B 472 -14.83 -30.85 141.39
N GLY B 473 -15.19 -31.15 140.14
CA GLY B 473 -14.89 -32.45 139.48
C GLY B 473 -13.49 -32.52 138.90
N SER B 474 -13.23 -33.53 138.06
CA SER B 474 -11.96 -33.78 137.35
C SER B 474 -11.70 -32.64 136.36
N ILE B 475 -10.49 -32.08 136.40
CA ILE B 475 -10.06 -30.99 135.48
C ILE B 475 -9.80 -31.62 134.12
N SER B 476 -9.17 -32.80 134.07
CA SER B 476 -8.88 -33.59 132.84
C SER B 476 -10.17 -33.87 132.08
N GLU B 477 -11.26 -34.23 132.78
CA GLU B 477 -12.60 -34.51 132.19
C GLU B 477 -13.18 -33.21 131.62
N ARG B 478 -13.06 -32.12 132.36
CA ARG B 478 -13.57 -30.80 131.91
C ARG B 478 -12.78 -30.35 130.67
N ILE B 479 -11.47 -30.54 130.66
CA ILE B 479 -10.60 -30.06 129.55
C ILE B 479 -10.98 -30.84 128.28
N VAL B 480 -11.14 -32.15 128.42
CA VAL B 480 -11.59 -33.05 127.32
C VAL B 480 -12.94 -32.54 126.81
N ASP B 481 -13.87 -32.31 127.73
CA ASP B 481 -15.22 -31.81 127.39
C ASP B 481 -15.07 -30.50 126.58
N CYS B 482 -14.20 -29.59 127.01
CA CYS B 482 -14.02 -28.28 126.35
C CYS B 482 -13.51 -28.46 124.93
N ILE B 483 -12.69 -29.49 124.68
CA ILE B 483 -12.08 -29.71 123.33
C ILE B 483 -13.09 -30.44 122.41
N ILE B 484 -13.73 -31.48 122.89
CA ILE B 484 -14.47 -32.41 121.99
C ILE B 484 -15.93 -31.96 121.87
N ARG B 485 -16.53 -31.43 122.94
CA ARG B 485 -17.99 -31.17 122.96
C ARG B 485 -18.29 -29.67 123.02
N LEU B 486 -17.89 -28.99 124.09
CA LEU B 486 -18.36 -27.60 124.37
C LEU B 486 -17.73 -26.63 123.39
N PRO B 487 -18.48 -25.60 122.95
CA PRO B 487 -17.91 -24.58 122.08
C PRO B 487 -16.88 -23.69 122.81
N VAL B 488 -15.97 -23.12 122.05
CA VAL B 488 -14.94 -22.17 122.54
C VAL B 488 -15.55 -20.77 122.41
N LYS B 489 -15.79 -20.12 123.54
CA LYS B 489 -16.23 -18.71 123.60
C LYS B 489 -15.00 -17.87 123.92
N TRP B 490 -14.26 -17.48 122.89
CA TRP B 490 -12.89 -16.96 123.01
C TRP B 490 -12.89 -15.62 123.74
N GLU B 491 -13.88 -14.74 123.48
CA GLU B 491 -13.95 -13.41 124.13
C GLU B 491 -14.34 -13.58 125.59
N THR B 492 -15.09 -14.64 125.92
CA THR B 492 -15.48 -14.93 127.32
C THR B 492 -14.25 -15.41 128.11
N THR B 493 -13.43 -16.28 127.51
CA THR B 493 -12.26 -16.90 128.19
C THR B 493 -11.13 -15.86 128.32
N THR B 494 -11.01 -14.94 127.37
CA THR B 494 -10.00 -13.85 127.39
C THR B 494 -10.51 -12.59 128.11
N GLN B 495 -11.47 -12.68 129.03
CA GLN B 495 -11.97 -11.53 129.85
C GLN B 495 -10.94 -11.06 130.90
N PHE B 496 -9.85 -11.79 131.09
CA PHE B 496 -8.72 -11.44 132.00
C PHE B 496 -8.12 -10.10 131.59
N LYS B 497 -7.57 -9.37 132.57
CA LYS B 497 -6.84 -8.08 132.39
C LYS B 497 -5.35 -8.41 132.27
N ALA B 498 -4.72 -8.00 131.18
CA ALA B 498 -3.28 -8.23 130.91
C ALA B 498 -2.79 -7.14 129.99
N THR B 499 -1.51 -6.78 130.08
CA THR B 499 -0.90 -5.79 129.18
C THR B 499 -0.27 -6.55 128.02
N HIS B 500 0.13 -7.79 128.28
CA HIS B 500 0.91 -8.61 127.33
C HIS B 500 0.30 -10.00 127.28
N ILE B 501 0.23 -10.55 126.07
CA ILE B 501 -0.24 -11.94 125.79
C ILE B 501 0.85 -12.59 124.94
N LEU B 502 1.41 -13.70 125.43
CA LEU B 502 2.41 -14.51 124.71
C LEU B 502 1.65 -15.64 124.01
N ASP B 503 1.73 -15.68 122.69
CA ASP B 503 1.09 -16.73 121.87
C ASP B 503 2.18 -17.74 121.50
N PHE B 504 2.14 -18.89 122.14
CA PHE B 504 3.09 -19.98 121.87
C PHE B 504 2.56 -20.85 120.72
N GLY B 505 1.24 -20.89 120.53
CA GLY B 505 0.51 -21.87 119.68
C GLY B 505 1.13 -21.88 118.31
N PRO B 506 0.70 -22.78 117.41
CA PRO B 506 1.29 -22.86 116.08
C PRO B 506 0.63 -21.78 115.19
N GLY B 507 1.24 -21.50 114.04
CA GLY B 507 0.64 -20.67 112.98
C GLY B 507 1.27 -19.30 112.86
N GLY B 508 2.19 -18.93 113.76
CA GLY B 508 2.83 -17.60 113.78
C GLY B 508 1.79 -16.50 113.68
N ALA B 509 1.85 -15.70 112.62
CA ALA B 509 0.97 -14.52 112.40
C ALA B 509 -0.45 -14.96 112.03
N SER B 510 -0.64 -16.23 111.61
CA SER B 510 -1.97 -16.82 111.27
C SER B 510 -2.59 -17.46 112.52
N GLY B 511 -1.91 -17.39 113.65
CA GLY B 511 -2.30 -18.11 114.88
C GLY B 511 -3.32 -17.36 115.72
N LEU B 512 -3.47 -17.82 116.95
CA LEU B 512 -4.43 -17.32 117.96
C LEU B 512 -4.05 -15.92 118.43
N GLY B 513 -2.76 -15.58 118.41
CA GLY B 513 -2.27 -14.28 118.89
C GLY B 513 -2.90 -13.16 118.08
N VAL B 514 -2.75 -13.22 116.75
CA VAL B 514 -3.25 -12.15 115.85
C VAL B 514 -4.78 -12.08 115.96
N LEU B 515 -5.48 -13.20 116.01
CA LEU B 515 -6.94 -13.22 116.27
C LEU B 515 -7.22 -12.43 117.56
N THR B 516 -6.48 -12.71 118.64
CA THR B 516 -6.72 -12.13 119.98
C THR B 516 -6.42 -10.64 119.93
N HIS B 517 -5.35 -10.24 119.23
CA HIS B 517 -5.04 -8.82 118.96
C HIS B 517 -6.27 -8.13 118.38
N ARG B 518 -6.81 -8.64 117.27
CA ARG B 518 -8.00 -8.06 116.59
C ARG B 518 -9.13 -7.84 117.60
N ASN B 519 -9.39 -8.80 118.49
CA ASN B 519 -10.50 -8.68 119.47
C ASN B 519 -10.22 -7.61 120.51
N LYS B 520 -8.95 -7.38 120.83
CA LYS B 520 -8.54 -6.58 122.01
C LYS B 520 -7.92 -5.23 121.58
N ASP B 521 -7.88 -4.94 120.28
CA ASP B 521 -7.31 -3.67 119.75
C ASP B 521 -7.92 -2.47 120.49
N GLY B 522 -7.10 -1.54 120.98
CA GLY B 522 -7.56 -0.31 121.62
C GLY B 522 -7.91 -0.44 123.09
N THR B 523 -7.62 -1.59 123.73
CA THR B 523 -7.78 -1.83 125.17
C THR B 523 -6.42 -1.79 125.90
N GLY B 524 -5.32 -1.65 125.19
CA GLY B 524 -3.97 -1.52 125.79
C GLY B 524 -3.37 -2.88 126.08
N VAL B 525 -3.58 -3.84 125.17
CA VAL B 525 -3.02 -5.22 125.25
C VAL B 525 -2.09 -5.38 124.06
N ARG B 526 -0.90 -5.86 124.34
CA ARG B 526 0.13 -6.16 123.32
C ARG B 526 0.23 -7.69 123.24
N VAL B 527 -0.03 -8.24 122.07
CA VAL B 527 0.17 -9.68 121.81
C VAL B 527 1.60 -9.88 121.33
N ILE B 528 2.27 -10.92 121.81
CA ILE B 528 3.59 -11.33 121.25
C ILE B 528 3.44 -12.76 120.73
N VAL B 529 3.79 -12.94 119.47
CA VAL B 529 3.82 -14.26 118.80
C VAL B 529 5.17 -14.88 119.14
N ALA B 530 5.19 -15.67 120.21
CA ALA B 530 6.38 -16.25 120.87
C ALA B 530 7.07 -17.33 120.02
N GLY B 531 6.42 -17.84 118.98
CA GLY B 531 6.89 -19.03 118.23
C GLY B 531 7.53 -18.67 116.91
N THR B 532 7.45 -17.40 116.50
CA THR B 532 7.88 -16.95 115.15
C THR B 532 8.76 -15.72 115.33
N LEU B 533 9.96 -15.76 114.76
CA LEU B 533 10.80 -14.57 114.52
C LEU B 533 10.42 -14.01 113.15
N ASP B 534 9.89 -12.78 113.12
CA ASP B 534 9.52 -12.05 111.88
C ASP B 534 9.47 -10.56 112.22
N ILE B 535 9.21 -9.71 111.23
CA ILE B 535 9.07 -8.23 111.37
C ILE B 535 7.63 -7.86 111.01
N ASN B 536 6.93 -7.21 111.95
CA ASN B 536 5.60 -6.62 111.70
C ASN B 536 5.81 -5.19 111.22
N PRO B 537 5.43 -4.84 109.96
CA PRO B 537 5.57 -3.46 109.48
C PRO B 537 4.72 -2.45 110.26
N ASP B 538 3.48 -2.82 110.61
CA ASP B 538 2.53 -1.98 111.39
C ASP B 538 2.94 -1.91 112.87
N ASP B 539 3.69 -2.91 113.35
CA ASP B 539 4.20 -3.01 114.75
C ASP B 539 3.03 -2.94 115.75
N ASP B 540 1.86 -3.50 115.40
CA ASP B 540 0.66 -3.53 116.26
C ASP B 540 0.65 -4.79 117.15
N TYR B 541 1.50 -5.78 116.85
CA TYR B 541 1.80 -6.94 117.73
C TYR B 541 3.26 -7.31 117.56
N GLY B 542 3.80 -8.07 118.51
CA GLY B 542 5.23 -8.43 118.53
C GLY B 542 5.49 -9.82 118.00
N PHE B 543 6.76 -10.10 117.73
CA PHE B 543 7.31 -11.44 117.42
C PHE B 543 8.30 -11.83 118.52
N LYS B 544 8.84 -13.04 118.40
CA LYS B 544 9.81 -13.70 119.33
C LYS B 544 10.77 -12.67 119.94
N GLN B 545 11.42 -11.86 119.10
CA GLN B 545 12.54 -10.94 119.49
C GLN B 545 12.13 -10.03 120.65
N GLU B 546 10.86 -9.63 120.71
CA GLU B 546 10.30 -8.72 121.73
C GLU B 546 10.36 -9.35 123.14
N ILE B 547 10.35 -10.67 123.24
CA ILE B 547 10.36 -11.40 124.54
C ILE B 547 11.75 -11.26 125.16
N PHE B 548 12.80 -11.27 124.33
CA PHE B 548 14.21 -11.41 124.77
C PHE B 548 14.92 -10.06 124.79
N ASP B 549 14.38 -9.05 124.09
CA ASP B 549 15.02 -7.72 123.93
C ASP B 549 15.21 -7.10 125.32
N VAL B 550 16.43 -6.63 125.60
CA VAL B 550 16.84 -6.08 126.93
C VAL B 550 16.72 -4.54 126.91
N THR B 551 16.70 -3.93 125.72
CA THR B 551 16.52 -2.46 125.55
C THR B 551 15.03 -2.13 125.76
N SER B 552 14.63 -0.87 125.54
CA SER B 552 13.23 -0.38 125.64
C SER B 552 12.32 -1.08 124.63
N ASN B 553 12.85 -1.59 123.51
CA ASN B 553 12.09 -2.25 122.41
C ASN B 553 11.35 -3.50 122.93
N GLY B 554 11.82 -4.11 124.02
CA GLY B 554 11.18 -5.26 124.68
C GLY B 554 9.87 -4.90 125.38
N LEU B 555 9.73 -3.67 125.87
CA LEU B 555 8.52 -3.20 126.60
C LEU B 555 7.75 -2.19 125.72
N LYS B 556 7.22 -2.66 124.61
CA LYS B 556 6.24 -1.91 123.78
C LYS B 556 4.84 -2.12 124.36
N LYS B 557 4.15 -1.05 124.74
CA LYS B 557 2.72 -1.08 125.13
C LYS B 557 1.88 -0.66 123.93
N ASN B 558 0.77 -1.36 123.70
CA ASN B 558 -0.23 -1.00 122.68
C ASN B 558 -1.17 0.06 123.24
N PRO B 559 -1.70 0.94 122.36
CA PRO B 559 -2.52 2.06 122.81
C PRO B 559 -3.84 1.59 123.41
N ASN B 560 -4.20 2.12 124.57
CA ASN B 560 -5.57 2.13 125.13
C ASN B 560 -6.23 3.47 124.75
N TRP B 561 -7.21 3.45 123.85
CA TRP B 561 -7.77 4.71 123.25
C TRP B 561 -8.47 5.50 124.34
N LEU B 562 -9.14 4.86 125.27
CA LEU B 562 -9.84 5.60 126.34
C LEU B 562 -8.84 6.46 127.13
N GLU B 563 -7.61 5.98 127.34
CA GLU B 563 -6.59 6.67 128.18
C GLU B 563 -5.85 7.67 127.31
N GLU B 564 -5.41 7.24 126.12
CA GLU B 564 -4.57 8.05 125.22
C GLU B 564 -5.33 9.28 124.67
N TYR B 565 -6.64 9.21 124.44
CA TYR B 565 -7.44 10.27 123.78
C TYR B 565 -8.54 10.71 124.71
N HIS B 566 -8.35 10.48 126.00
CA HIS B 566 -9.23 10.97 127.07
C HIS B 566 -9.40 12.48 126.91
N PRO B 567 -10.62 13.01 126.84
CA PRO B 567 -10.83 14.46 126.91
C PRO B 567 -10.45 14.98 128.29
N LYS B 568 -9.85 16.17 128.35
CA LYS B 568 -9.41 16.83 129.59
C LYS B 568 -9.95 18.23 129.62
N LEU B 569 -9.97 18.82 130.80
CA LEU B 569 -10.17 20.28 130.98
C LEU B 569 -8.81 20.90 131.24
N ILE B 570 -8.62 22.09 130.70
CA ILE B 570 -7.41 22.93 130.96
C ILE B 570 -7.91 24.36 131.06
N LYS B 571 -7.22 25.19 131.81
CA LYS B 571 -7.56 26.63 131.87
C LYS B 571 -6.32 27.46 131.61
N ASN B 572 -6.52 28.66 131.09
CA ASN B 572 -5.40 29.59 130.80
C ASN B 572 -5.30 30.57 131.96
N LYS B 573 -4.30 31.46 131.90
CA LYS B 573 -4.01 32.50 132.92
C LYS B 573 -5.28 33.28 133.26
N SER B 574 -6.11 33.64 132.27
CA SER B 574 -7.36 34.43 132.44
C SER B 574 -8.46 33.62 133.13
N GLY B 575 -8.31 32.30 133.24
CA GLY B 575 -9.27 31.42 133.93
C GLY B 575 -10.32 30.89 132.98
N LYS B 576 -10.10 31.03 131.67
CA LYS B 576 -10.98 30.46 130.63
C LYS B 576 -10.74 28.95 130.60
N ILE B 577 -11.80 28.16 130.73
CA ILE B 577 -11.69 26.67 130.65
C ILE B 577 -11.87 26.23 129.19
N PHE B 578 -11.05 25.30 128.73
CA PHE B 578 -11.14 24.64 127.41
C PHE B 578 -11.28 23.14 127.61
N VAL B 579 -12.17 22.55 126.84
CA VAL B 579 -12.08 21.10 126.52
C VAL B 579 -10.80 20.89 125.75
N GLU B 580 -9.95 20.00 126.25
CA GLU B 580 -8.59 19.75 125.73
C GLU B 580 -8.63 18.42 125.00
N THR B 581 -8.38 18.47 123.70
CA THR B 581 -8.26 17.33 122.79
C THR B 581 -7.09 17.63 121.89
N LYS B 582 -6.66 16.64 121.13
CA LYS B 582 -5.64 16.79 120.08
C LYS B 582 -5.95 18.03 119.23
N PHE B 583 -7.22 18.29 118.93
CA PHE B 583 -7.64 19.40 118.04
C PHE B 583 -7.51 20.72 118.79
N SER B 584 -8.15 20.86 119.95
CA SER B 584 -8.17 22.12 120.73
C SER B 584 -6.74 22.50 121.13
N LYS B 585 -5.87 21.53 121.40
CA LYS B 585 -4.47 21.80 121.78
C LYS B 585 -3.74 22.44 120.61
N LEU B 586 -4.03 22.04 119.37
CA LEU B 586 -3.43 22.66 118.17
C LEU B 586 -3.92 24.11 118.04
N ILE B 587 -5.22 24.32 118.05
CA ILE B 587 -5.80 25.61 117.56
C ILE B 587 -6.03 26.58 118.71
N GLY B 588 -5.99 26.14 119.97
CA GLY B 588 -6.15 27.05 121.11
C GLY B 588 -7.54 27.60 121.23
N ARG B 589 -8.53 26.84 120.79
CA ARG B 589 -9.96 27.21 120.81
C ARG B 589 -10.73 25.94 121.11
N PRO B 590 -12.01 26.02 121.51
CA PRO B 590 -12.80 24.82 121.71
C PRO B 590 -12.79 23.91 120.48
N PRO B 591 -12.81 22.58 120.66
CA PRO B 591 -12.68 21.67 119.52
C PRO B 591 -14.01 21.51 118.75
N LEU B 592 -14.62 22.62 118.36
CA LEU B 592 -15.98 22.71 117.78
C LEU B 592 -15.83 23.58 116.56
N LEU B 593 -16.20 23.08 115.39
CA LEU B 593 -16.07 23.92 114.19
C LEU B 593 -17.38 23.98 113.41
N VAL B 594 -17.55 25.13 112.77
CA VAL B 594 -18.61 25.37 111.76
C VAL B 594 -17.94 25.05 110.44
N PRO B 595 -18.38 23.98 109.76
CA PRO B 595 -17.79 23.59 108.50
C PRO B 595 -18.23 24.56 107.40
N GLY B 596 -17.53 24.51 106.27
CA GLY B 596 -17.88 25.29 105.08
C GLY B 596 -19.26 24.87 104.62
N MET B 597 -20.14 25.84 104.44
CA MET B 597 -21.51 25.62 103.89
C MET B 597 -21.81 26.68 102.85
N THR B 598 -22.05 26.25 101.62
CA THR B 598 -22.71 27.08 100.59
C THR B 598 -24.21 26.93 100.78
N PRO B 599 -24.98 27.96 101.14
CA PRO B 599 -24.49 29.34 101.24
C PRO B 599 -24.16 29.95 102.62
N CYS B 600 -24.44 29.24 103.71
CA CYS B 600 -24.40 29.79 105.11
C CYS B 600 -23.07 30.42 105.50
N THR B 601 -21.93 29.85 105.11
CA THR B 601 -20.61 30.42 105.51
C THR B 601 -19.94 31.07 104.30
N VAL B 602 -20.72 31.44 103.28
CA VAL B 602 -20.12 32.28 102.21
C VAL B 602 -20.08 33.70 102.76
N SER B 603 -21.03 34.07 103.61
CA SER B 603 -21.15 35.42 104.18
C SER B 603 -19.91 35.78 105.01
N PRO B 604 -19.13 36.82 104.64
CA PRO B 604 -18.05 37.30 105.51
C PRO B 604 -18.52 37.68 106.92
N ASP B 605 -19.74 38.16 107.06
CA ASP B 605 -20.31 38.60 108.36
C ASP B 605 -20.50 37.40 109.31
N PHE B 606 -20.92 36.25 108.79
CA PHE B 606 -21.13 35.04 109.63
C PHE B 606 -19.77 34.44 109.98
N VAL B 607 -18.85 34.42 109.03
CA VAL B 607 -17.47 33.90 109.24
C VAL B 607 -16.78 34.75 110.32
N ALA B 608 -16.94 36.06 110.26
CA ALA B 608 -16.38 37.02 111.25
C ALA B 608 -17.07 36.85 112.59
N ALA B 609 -18.40 36.76 112.64
CA ALA B 609 -19.16 36.63 113.91
C ALA B 609 -18.74 35.37 114.66
N THR B 610 -18.49 34.27 113.93
CA THR B 610 -18.16 32.95 114.53
C THR B 610 -16.70 32.98 115.00
N THR B 611 -15.81 33.52 114.19
CA THR B 611 -14.38 33.77 114.57
C THR B 611 -14.33 34.63 115.83
N ASN B 612 -15.08 35.72 115.87
CA ASN B 612 -15.12 36.66 117.03
C ASN B 612 -15.77 35.99 118.25
N ALA B 613 -16.66 35.00 118.04
CA ALA B 613 -17.28 34.21 119.14
C ALA B 613 -16.23 33.28 119.77
N GLY B 614 -15.15 33.01 119.05
CA GLY B 614 -14.01 32.20 119.50
C GLY B 614 -14.02 30.79 118.92
N TYR B 615 -14.64 30.58 117.75
CA TYR B 615 -14.82 29.23 117.14
C TYR B 615 -14.27 29.21 115.72
N THR B 616 -13.78 28.05 115.29
CA THR B 616 -13.23 27.86 113.93
C THR B 616 -14.38 27.72 112.94
N ILE B 617 -14.24 28.42 111.83
CA ILE B 617 -15.25 28.43 110.72
C ILE B 617 -14.47 28.52 109.43
N GLU B 618 -15.01 27.86 108.41
CA GLU B 618 -14.48 27.81 107.02
C GLU B 618 -15.33 28.80 106.21
N LEU B 619 -14.69 29.73 105.51
CA LEU B 619 -15.34 30.52 104.43
C LEU B 619 -15.58 29.57 103.26
N ALA B 620 -16.81 29.44 102.80
CA ALA B 620 -17.22 28.50 101.73
C ALA B 620 -16.88 29.08 100.36
N GLY B 621 -15.91 28.52 99.67
CA GLY B 621 -15.55 28.84 98.28
C GLY B 621 -16.68 28.57 97.28
N GLY B 622 -17.58 27.64 97.60
CA GLY B 622 -18.79 27.34 96.81
C GLY B 622 -19.63 28.56 96.49
N GLY B 623 -19.54 29.63 97.28
CA GLY B 623 -20.29 30.89 97.05
C GLY B 623 -19.52 31.89 96.20
N TYR B 624 -18.36 31.52 95.65
CA TYR B 624 -17.44 32.46 94.95
C TYR B 624 -17.07 31.86 93.60
N PHE B 625 -16.85 32.72 92.59
CA PHE B 625 -16.65 32.26 91.19
C PHE B 625 -15.32 32.73 90.62
N SER B 626 -14.59 33.58 91.34
CA SER B 626 -13.25 34.07 90.91
C SER B 626 -12.39 34.39 92.14
N ALA B 627 -11.09 34.56 91.91
CA ALA B 627 -10.12 34.98 92.94
C ALA B 627 -10.47 36.38 93.45
N ALA B 628 -10.94 37.26 92.58
CA ALA B 628 -11.28 38.65 92.94
C ALA B 628 -12.45 38.67 93.91
N GLY B 629 -13.50 37.89 93.62
CA GLY B 629 -14.71 37.82 94.46
C GLY B 629 -14.40 37.20 95.81
N MET B 630 -13.57 36.15 95.84
CA MET B 630 -13.18 35.48 97.11
C MET B 630 -12.22 36.41 97.88
N THR B 631 -11.32 37.12 97.19
CA THR B 631 -10.38 38.10 97.82
C THR B 631 -11.14 39.19 98.56
N ALA B 632 -12.20 39.74 97.96
CA ALA B 632 -13.05 40.79 98.57
C ALA B 632 -13.74 40.26 99.83
N ALA B 633 -14.16 38.99 99.80
CA ALA B 633 -14.85 38.33 100.94
C ALA B 633 -13.83 38.12 102.06
N ILE B 634 -12.67 37.58 101.72
CA ILE B 634 -11.56 37.37 102.71
C ILE B 634 -11.20 38.71 103.34
N ASP B 635 -10.97 39.75 102.53
CA ASP B 635 -10.62 41.11 103.03
C ASP B 635 -11.73 41.63 103.93
N SER B 636 -12.99 41.32 103.62
CA SER B 636 -14.14 41.71 104.46
C SER B 636 -14.08 40.94 105.79
N VAL B 637 -13.71 39.65 105.76
CA VAL B 637 -13.59 38.87 107.03
C VAL B 637 -12.46 39.53 107.84
N VAL B 638 -11.29 39.68 107.23
CA VAL B 638 -10.08 40.22 107.93
C VAL B 638 -10.41 41.58 108.55
N SER B 639 -11.13 42.47 107.87
CA SER B 639 -11.53 43.78 108.42
C SER B 639 -12.42 43.65 109.68
N GLN B 640 -13.22 42.59 109.79
CA GLN B 640 -14.24 42.46 110.86
C GLN B 640 -13.73 41.61 112.03
N ILE B 641 -12.67 40.82 111.85
CA ILE B 641 -12.12 39.98 112.97
C ILE B 641 -11.03 40.74 113.71
N GLU B 642 -10.84 40.40 114.98
CA GLU B 642 -9.81 41.01 115.87
C GLU B 642 -8.43 40.57 115.40
N LYS B 643 -7.43 41.42 115.59
CA LYS B 643 -5.99 41.09 115.41
C LYS B 643 -5.68 39.78 116.14
N GLY B 644 -4.99 38.88 115.46
CA GLY B 644 -4.60 37.57 115.99
C GLY B 644 -5.63 36.48 115.74
N SER B 645 -6.86 36.81 115.33
CA SER B 645 -7.89 35.81 114.93
C SER B 645 -7.55 35.25 113.54
N THR B 646 -8.02 34.03 113.29
CA THR B 646 -7.82 33.28 112.03
C THR B 646 -9.14 32.62 111.63
N PHE B 647 -9.17 32.08 110.43
CA PHE B 647 -10.33 31.39 109.86
C PHE B 647 -9.81 30.52 108.77
N GLY B 648 -10.62 29.57 108.32
CA GLY B 648 -10.24 28.66 107.23
C GLY B 648 -11.03 28.91 105.96
N ILE B 649 -10.65 28.20 104.92
CA ILE B 649 -11.34 28.23 103.61
C ILE B 649 -11.72 26.81 103.25
N ASN B 650 -12.97 26.63 102.82
CA ASN B 650 -13.51 25.36 102.30
C ASN B 650 -13.56 25.47 100.77
N LEU B 651 -12.84 24.62 100.07
CA LEU B 651 -12.93 24.48 98.60
C LEU B 651 -13.47 23.09 98.26
N ILE B 652 -14.09 22.96 97.09
CA ILE B 652 -14.84 21.75 96.63
C ILE B 652 -13.96 21.05 95.61
N TYR B 653 -13.60 19.80 95.86
CA TYR B 653 -12.61 19.06 95.04
C TYR B 653 -13.21 18.70 93.66
N VAL B 654 -14.53 18.56 93.57
CA VAL B 654 -15.26 18.19 92.31
C VAL B 654 -15.65 19.46 91.55
N ASN B 655 -15.02 20.59 91.86
CA ASN B 655 -15.17 21.87 91.14
C ASN B 655 -13.77 22.28 90.69
N PRO B 656 -13.22 21.64 89.64
CA PRO B 656 -11.84 21.87 89.21
C PRO B 656 -11.53 23.35 88.93
N PHE B 657 -12.56 24.11 88.52
CA PHE B 657 -12.44 25.56 88.23
C PHE B 657 -12.14 26.29 89.55
N MET B 658 -12.95 26.03 90.59
CA MET B 658 -12.75 26.61 91.93
C MET B 658 -11.32 26.31 92.40
N LEU B 659 -10.85 25.07 92.30
CA LEU B 659 -9.48 24.71 92.73
C LEU B 659 -8.47 25.52 91.92
N GLN B 660 -8.73 25.71 90.63
CA GLN B 660 -7.73 26.29 89.69
C GLN B 660 -7.45 27.75 90.08
N TRP B 661 -8.46 28.52 90.48
CA TRP B 661 -8.24 29.90 91.01
C TRP B 661 -8.08 29.89 92.54
N GLY B 662 -8.60 28.86 93.23
CA GLY B 662 -8.73 28.83 94.70
C GLY B 662 -7.41 28.58 95.38
N ILE B 663 -6.64 27.60 94.90
CA ILE B 663 -5.35 27.14 95.49
C ILE B 663 -4.29 28.23 95.26
N PRO B 664 -4.08 28.75 94.01
CA PRO B 664 -3.19 29.89 93.83
C PRO B 664 -3.55 31.10 94.66
N LEU B 665 -4.85 31.36 94.87
CA LEU B 665 -5.26 32.50 95.71
C LEU B 665 -4.77 32.28 97.14
N ILE B 666 -5.00 31.09 97.71
CA ILE B 666 -4.62 30.82 99.12
C ILE B 666 -3.10 30.96 99.25
N LYS B 667 -2.35 30.34 98.34
CA LYS B 667 -0.87 30.44 98.29
C LYS B 667 -0.45 31.90 98.36
N GLU B 668 -1.06 32.74 97.52
CA GLU B 668 -0.71 34.16 97.34
C GLU B 668 -1.09 34.94 98.61
N LEU B 669 -2.30 34.74 99.12
CA LEU B 669 -2.74 35.43 100.36
C LEU B 669 -1.87 34.97 101.53
N ARG B 670 -1.52 33.68 101.63
CA ARG B 670 -0.70 33.19 102.76
C ARG B 670 0.68 33.85 102.68
N SER B 671 1.27 33.91 101.49
CA SER B 671 2.57 34.60 101.21
C SER B 671 2.50 36.07 101.66
N LYS B 672 1.34 36.72 101.58
CA LYS B 672 1.16 38.11 102.08
C LYS B 672 0.84 38.10 103.58
N GLY B 673 0.78 36.91 104.19
CA GLY B 673 0.54 36.71 105.63
C GLY B 673 -0.91 36.82 106.02
N TYR B 674 -1.87 36.50 105.14
CA TYR B 674 -3.30 36.58 105.51
C TYR B 674 -3.61 35.50 106.53
N PRO B 675 -4.50 35.78 107.49
CA PRO B 675 -4.78 34.88 108.60
C PRO B 675 -5.71 33.74 108.20
N ILE B 676 -5.23 32.91 107.29
CA ILE B 676 -5.91 31.69 106.82
C ILE B 676 -5.21 30.53 107.50
N GLN B 677 -5.87 29.96 108.49
CA GLN B 677 -5.24 28.94 109.36
C GLN B 677 -5.21 27.62 108.63
N PHE B 678 -6.24 27.33 107.86
CA PHE B 678 -6.35 26.00 107.24
C PHE B 678 -7.22 26.09 105.99
N LEU B 679 -7.15 25.02 105.23
CA LEU B 679 -7.95 24.73 104.04
C LEU B 679 -8.67 23.42 104.30
N THR B 680 -9.99 23.40 104.15
CA THR B 680 -10.75 22.13 104.11
C THR B 680 -11.14 21.87 102.66
N ILE B 681 -10.84 20.68 102.18
CA ILE B 681 -11.30 20.19 100.85
C ILE B 681 -12.55 19.37 101.08
N GLY B 682 -13.70 19.84 100.56
CA GLY B 682 -14.98 19.13 100.62
C GLY B 682 -15.19 18.26 99.39
N ALA B 683 -16.08 17.29 99.49
CA ALA B 683 -16.69 16.55 98.36
C ALA B 683 -15.61 15.81 97.56
N GLY B 684 -14.69 15.15 98.26
CA GLY B 684 -13.61 14.37 97.65
C GLY B 684 -12.32 14.60 98.38
N VAL B 685 -11.41 13.64 98.30
CA VAL B 685 -10.06 13.68 98.93
C VAL B 685 -9.04 13.78 97.81
N PRO B 686 -8.11 14.74 97.85
CA PRO B 686 -7.11 14.85 96.79
C PRO B 686 -6.23 13.61 96.74
N SER B 687 -5.55 13.44 95.60
CA SER B 687 -4.46 12.46 95.41
C SER B 687 -3.30 12.84 96.34
N LEU B 688 -2.38 11.90 96.54
CA LEU B 688 -1.12 12.12 97.31
C LEU B 688 -0.33 13.31 96.74
N GLU B 689 -0.28 13.46 95.41
CA GLU B 689 0.58 14.48 94.75
C GLU B 689 -0.03 15.85 95.03
N VAL B 690 -1.35 15.96 94.86
CA VAL B 690 -2.11 17.23 95.06
C VAL B 690 -2.04 17.59 96.54
N ALA B 691 -2.33 16.64 97.44
CA ALA B 691 -2.32 16.85 98.90
C ALA B 691 -0.94 17.36 99.32
N SER B 692 0.14 16.79 98.75
CA SER B 692 1.54 17.20 99.03
C SER B 692 1.71 18.68 98.65
N GLU B 693 1.27 19.04 97.44
CA GLU B 693 1.28 20.44 96.95
C GLU B 693 0.58 21.35 97.97
N TYR B 694 -0.61 20.97 98.46
CA TYR B 694 -1.40 21.76 99.43
C TYR B 694 -0.64 21.88 100.75
N ILE B 695 -0.08 20.77 101.24
CA ILE B 695 0.65 20.73 102.54
C ILE B 695 1.91 21.59 102.44
N GLU B 696 2.70 21.46 101.37
CA GLU B 696 4.07 22.02 101.29
C GLU B 696 4.07 23.48 100.82
N THR B 697 3.12 23.91 99.98
CA THR B 697 3.17 25.22 99.28
C THR B 697 2.21 26.25 99.87
N LEU B 698 1.13 25.87 100.55
CA LEU B 698 0.06 26.85 100.87
C LEU B 698 0.32 27.57 102.19
N GLY B 699 1.35 27.18 102.95
CA GLY B 699 1.67 27.83 104.23
C GLY B 699 0.53 27.73 105.23
N LEU B 700 -0.13 26.57 105.30
CA LEU B 700 -1.27 26.35 106.22
C LEU B 700 -0.80 25.69 107.51
N LYS B 701 -1.51 25.93 108.61
CA LYS B 701 -1.30 25.21 109.89
C LYS B 701 -1.74 23.75 109.71
N TYR B 702 -2.93 23.53 109.17
CA TYR B 702 -3.44 22.16 108.94
C TYR B 702 -4.34 22.10 107.72
N LEU B 703 -4.61 20.86 107.31
CA LEU B 703 -5.41 20.53 106.12
C LEU B 703 -6.60 19.71 106.58
N GLY B 704 -7.80 20.21 106.30
CA GLY B 704 -9.08 19.55 106.54
C GLY B 704 -9.44 18.68 105.36
N LEU B 705 -9.71 17.41 105.60
CA LEU B 705 -10.17 16.45 104.58
C LEU B 705 -11.50 15.87 105.04
N LYS B 706 -12.41 15.61 104.12
CA LYS B 706 -13.80 15.16 104.41
C LYS B 706 -14.03 13.86 103.66
N PRO B 707 -13.47 12.73 104.13
CA PRO B 707 -13.66 11.47 103.43
C PRO B 707 -15.15 11.08 103.54
N GLY B 708 -15.70 10.55 102.46
CA GLY B 708 -17.10 10.08 102.42
C GLY B 708 -17.24 8.61 102.81
N SER B 709 -16.22 7.79 102.59
CA SER B 709 -16.27 6.30 102.70
C SER B 709 -14.99 5.75 103.31
N ILE B 710 -14.92 4.43 103.50
CA ILE B 710 -13.70 3.67 103.90
C ILE B 710 -12.52 4.03 102.98
N ASP B 711 -12.71 3.95 101.67
CA ASP B 711 -11.60 4.15 100.67
C ASP B 711 -11.02 5.55 100.82
N ALA B 712 -11.89 6.55 101.03
CA ALA B 712 -11.47 7.96 101.17
C ALA B 712 -10.73 8.11 102.51
N ILE B 713 -11.18 7.43 103.56
CA ILE B 713 -10.53 7.42 104.91
C ILE B 713 -9.12 6.83 104.75
N SER B 714 -9.00 5.73 104.01
CA SER B 714 -7.69 5.14 103.63
C SER B 714 -6.81 6.17 102.89
N GLN B 715 -7.39 6.98 102.01
CA GLN B 715 -6.61 7.99 101.23
C GLN B 715 -6.15 9.11 102.17
N VAL B 716 -6.98 9.50 103.13
CA VAL B 716 -6.61 10.50 104.16
C VAL B 716 -5.43 9.93 104.95
N ILE B 717 -5.54 8.67 105.37
CA ILE B 717 -4.45 8.00 106.15
C ILE B 717 -3.17 8.06 105.30
N ASN B 718 -3.25 7.73 104.01
CA ASN B 718 -2.05 7.70 103.13
C ASN B 718 -1.41 9.09 103.10
N ILE B 719 -2.22 10.15 103.06
CA ILE B 719 -1.71 11.56 103.05
C ILE B 719 -1.05 11.86 104.39
N ALA B 720 -1.67 11.46 105.50
CA ALA B 720 -1.12 11.65 106.87
C ALA B 720 0.22 10.90 106.98
N LYS B 721 0.31 9.68 106.46
CA LYS B 721 1.54 8.85 106.47
C LYS B 721 2.67 9.57 105.74
N ALA B 722 2.36 10.22 104.60
CA ALA B 722 3.32 10.87 103.69
C ALA B 722 3.85 12.18 104.28
N HIS B 723 3.10 12.79 105.22
CA HIS B 723 3.42 14.09 105.86
C HIS B 723 3.20 13.94 107.36
N PRO B 724 4.03 13.12 108.04
CA PRO B 724 3.74 12.67 109.39
C PRO B 724 3.79 13.78 110.43
N ASN B 725 4.42 14.92 110.11
CA ASN B 725 4.51 16.08 111.03
C ASN B 725 3.41 17.11 110.75
N PHE B 726 2.64 16.97 109.68
CA PHE B 726 1.63 17.99 109.30
C PHE B 726 0.27 17.59 109.84
N PRO B 727 -0.40 18.47 110.62
CA PRO B 727 -1.71 18.13 111.15
C PRO B 727 -2.78 17.97 110.07
N ILE B 728 -3.44 16.82 110.02
CA ILE B 728 -4.58 16.55 109.12
C ILE B 728 -5.84 16.48 109.97
N ALA B 729 -6.81 17.36 109.73
CA ALA B 729 -8.15 17.30 110.35
C ALA B 729 -9.02 16.40 109.47
N LEU B 730 -9.21 15.15 109.88
CA LEU B 730 -10.12 14.21 109.22
C LEU B 730 -11.52 14.50 109.74
N GLN B 731 -12.33 15.15 108.92
CA GLN B 731 -13.71 15.54 109.30
C GLN B 731 -14.60 14.45 108.76
N TRP B 732 -15.05 13.57 109.63
CA TRP B 732 -15.85 12.40 109.22
C TRP B 732 -17.32 12.78 109.38
N THR B 733 -18.10 12.59 108.32
CA THR B 733 -19.56 12.78 108.33
C THR B 733 -20.20 11.54 107.72
N GLY B 734 -21.34 11.15 108.22
CA GLY B 734 -22.17 10.12 107.60
C GLY B 734 -23.14 10.76 106.61
N GLY B 735 -23.87 9.92 105.90
CA GLY B 735 -24.86 10.32 104.89
C GLY B 735 -25.97 11.17 105.50
N ARG B 736 -26.16 11.11 106.80
CA ARG B 736 -27.20 11.83 107.53
C ARG B 736 -26.93 13.34 107.60
N GLY B 737 -25.77 13.81 107.15
CA GLY B 737 -25.43 15.25 107.20
C GLY B 737 -26.30 16.06 106.23
N GLY B 738 -26.52 17.32 106.54
CA GLY B 738 -27.09 18.31 105.60
C GLY B 738 -26.28 18.46 104.33
N GLY B 739 -26.91 18.96 103.26
CA GLY B 739 -26.22 19.30 102.02
C GLY B 739 -25.92 18.05 101.23
N HIS B 740 -24.87 18.11 100.41
CA HIS B 740 -24.41 16.96 99.61
C HIS B 740 -23.98 15.90 100.61
N HIS B 741 -24.48 14.68 100.44
CA HIS B 741 -24.32 13.59 101.44
C HIS B 741 -24.02 12.29 100.75
N SER B 742 -23.38 11.38 101.50
CA SER B 742 -23.01 10.03 101.05
C SER B 742 -24.17 9.08 101.36
N PHE B 743 -23.98 7.81 101.05
CA PHE B 743 -24.90 6.71 101.42
C PHE B 743 -24.44 6.04 102.72
N GLU B 744 -23.40 6.58 103.38
CA GLU B 744 -22.64 5.87 104.44
C GLU B 744 -23.35 6.04 105.78
N ASP B 745 -23.32 4.99 106.58
CA ASP B 745 -23.64 5.04 108.03
C ASP B 745 -22.60 5.97 108.71
N ALA B 746 -22.99 6.63 109.79
CA ALA B 746 -22.08 7.50 110.57
C ALA B 746 -21.08 6.63 111.37
N HIS B 747 -21.51 5.49 111.91
CA HIS B 747 -20.78 4.72 112.94
C HIS B 747 -19.89 3.65 112.33
N THR B 748 -20.45 2.82 111.47
CA THR B 748 -19.81 1.59 110.97
C THR B 748 -18.42 1.91 110.42
N PRO B 749 -18.25 2.88 109.52
CA PRO B 749 -16.92 3.16 108.96
C PRO B 749 -15.90 3.64 110.02
N MET B 750 -16.36 4.30 111.09
CA MET B 750 -15.48 4.74 112.20
C MET B 750 -15.06 3.51 113.00
N LEU B 751 -16.01 2.64 113.34
CA LEU B 751 -15.70 1.35 114.01
C LEU B 751 -14.67 0.57 113.23
N GLN B 752 -14.71 0.59 111.91
CA GLN B 752 -13.75 -0.19 111.07
C GLN B 752 -12.41 0.53 110.99
N MET B 753 -12.38 1.86 111.03
CA MET B 753 -11.16 2.60 110.61
C MET B 753 -10.50 3.32 111.79
N TYR B 754 -11.20 3.44 112.92
CA TYR B 754 -10.71 4.20 114.08
C TYR B 754 -9.29 3.77 114.46
N SER B 755 -9.06 2.47 114.60
CA SER B 755 -7.72 1.93 114.96
C SER B 755 -6.68 2.41 113.95
N LYS B 756 -6.93 2.29 112.66
CA LYS B 756 -5.96 2.65 111.61
C LYS B 756 -5.73 4.16 111.63
N ILE B 757 -6.78 4.95 111.87
CA ILE B 757 -6.63 6.43 111.95
C ILE B 757 -5.70 6.71 113.13
N ARG B 758 -5.99 6.14 114.31
CA ARG B 758 -5.26 6.47 115.56
C ARG B 758 -3.81 5.98 115.55
N ARG B 759 -3.36 5.31 114.50
CA ARG B 759 -1.94 4.92 114.31
C ARG B 759 -1.17 6.13 113.80
N HIS B 760 -1.87 7.18 113.37
CA HIS B 760 -1.27 8.41 112.79
C HIS B 760 -1.54 9.58 113.73
N PRO B 761 -0.56 9.95 114.58
CA PRO B 761 -0.83 10.95 115.61
C PRO B 761 -1.12 12.34 115.01
N ASN B 762 -0.70 12.60 113.77
CA ASN B 762 -0.97 13.88 113.08
C ASN B 762 -2.43 13.98 112.64
N ILE B 763 -3.22 12.90 112.66
CA ILE B 763 -4.65 12.99 112.27
C ILE B 763 -5.48 13.40 113.48
N MET B 764 -6.17 14.52 113.35
CA MET B 764 -7.12 15.02 114.35
C MET B 764 -8.51 14.62 113.84
N LEU B 765 -9.18 13.78 114.61
CA LEU B 765 -10.40 13.09 114.15
C LEU B 765 -11.63 13.88 114.60
N ILE B 766 -12.29 14.51 113.64
CA ILE B 766 -13.49 15.34 113.88
C ILE B 766 -14.72 14.54 113.43
N PHE B 767 -15.70 14.44 114.29
CA PHE B 767 -17.01 13.79 113.99
C PHE B 767 -18.03 14.90 113.70
N GLY B 768 -18.64 14.81 112.53
CA GLY B 768 -19.80 15.64 112.19
C GLY B 768 -20.95 14.81 111.69
N SER B 769 -22.02 15.51 111.33
CA SER B 769 -23.30 14.97 110.82
C SER B 769 -24.16 14.65 112.02
N GLY B 770 -25.34 15.24 112.06
CA GLY B 770 -26.40 14.83 112.97
C GLY B 770 -26.28 15.48 114.32
N PHE B 771 -25.27 16.32 114.56
CA PHE B 771 -25.02 16.84 115.94
C PHE B 771 -25.64 18.21 116.08
N GLY B 772 -26.24 18.47 117.24
CA GLY B 772 -26.69 19.83 117.57
C GLY B 772 -26.50 20.25 119.02
N SER B 773 -25.91 19.43 119.89
CA SER B 773 -25.78 19.81 121.32
C SER B 773 -24.60 19.11 122.00
N ALA B 774 -24.36 19.49 123.26
CA ALA B 774 -23.36 18.85 124.15
C ALA B 774 -23.80 17.40 124.43
N ASP B 775 -25.09 17.22 124.73
CA ASP B 775 -25.68 15.92 125.15
C ASP B 775 -25.40 14.87 124.08
N ASP B 776 -25.65 15.19 122.81
CA ASP B 776 -25.56 14.18 121.72
C ASP B 776 -24.11 13.99 121.29
N THR B 777 -23.22 14.95 121.53
CA THR B 777 -21.79 14.82 121.15
C THR B 777 -20.96 14.22 122.29
N TYR B 778 -21.38 14.37 123.54
CA TYR B 778 -20.56 13.96 124.70
C TYR B 778 -20.10 12.51 124.58
N PRO B 779 -20.98 11.53 124.26
CA PRO B 779 -20.50 10.16 124.10
C PRO B 779 -19.41 9.95 123.04
N TYR B 780 -19.26 10.87 122.09
CA TYR B 780 -18.23 10.77 121.02
C TYR B 780 -16.94 11.34 121.58
N LEU B 781 -17.06 12.35 122.41
CA LEU B 781 -15.92 12.98 123.10
C LEU B 781 -15.30 11.98 124.10
N THR B 782 -16.11 11.34 124.94
CA THR B 782 -15.61 10.38 125.98
C THR B 782 -15.25 9.03 125.35
N GLY B 783 -15.78 8.73 124.16
CA GLY B 783 -15.53 7.45 123.48
C GLY B 783 -16.55 6.40 123.86
N GLU B 784 -17.49 6.68 124.75
CA GLU B 784 -18.47 5.67 125.23
C GLU B 784 -19.42 5.24 124.10
N TRP B 785 -19.60 6.04 123.05
CA TRP B 785 -20.46 5.77 121.88
C TRP B 785 -20.18 4.38 121.34
N SER B 786 -18.91 4.01 121.23
CA SER B 786 -18.48 2.78 120.54
C SER B 786 -18.79 1.53 121.40
N THR B 787 -19.08 1.70 122.69
CA THR B 787 -19.35 0.61 123.66
C THR B 787 -20.70 -0.04 123.39
N LYS B 788 -21.68 0.73 122.87
CA LYS B 788 -23.03 0.20 122.46
C LYS B 788 -22.87 -0.87 121.38
N PHE B 789 -21.80 -0.81 120.60
CA PHE B 789 -21.47 -1.74 119.50
C PHE B 789 -20.45 -2.82 119.94
N ASP B 790 -20.20 -2.98 121.26
CA ASP B 790 -19.26 -3.98 121.84
C ASP B 790 -17.82 -3.74 121.33
N TYR B 791 -17.44 -2.49 121.13
CA TYR B 791 -16.05 -2.07 120.82
C TYR B 791 -15.50 -1.34 122.04
N PRO B 792 -14.17 -1.24 122.17
CA PRO B 792 -13.60 -0.41 123.24
C PRO B 792 -13.94 1.07 123.00
N PRO B 793 -13.91 1.93 124.03
CA PRO B 793 -14.18 3.34 123.82
C PRO B 793 -13.29 3.98 122.75
N MET B 794 -13.87 4.90 121.96
CA MET B 794 -13.21 5.50 120.78
C MET B 794 -13.40 7.01 120.82
N PRO B 795 -12.67 7.75 121.68
CA PRO B 795 -12.90 9.19 121.79
C PRO B 795 -12.52 9.92 120.49
N PHE B 796 -13.24 11.00 120.21
CA PHE B 796 -12.97 11.90 119.07
C PHE B 796 -12.36 13.22 119.55
N ASP B 797 -11.64 13.85 118.64
CA ASP B 797 -10.88 15.09 118.89
C ASP B 797 -11.75 16.33 118.75
N GLY B 798 -12.90 16.25 118.08
CA GLY B 798 -13.83 17.39 118.02
C GLY B 798 -15.01 17.17 117.12
N PHE B 799 -15.82 18.19 116.98
CA PHE B 799 -17.17 18.10 116.36
C PHE B 799 -17.35 19.20 115.35
N LEU B 800 -18.08 18.89 114.30
CA LEU B 800 -18.55 19.98 113.41
C LEU B 800 -20.06 20.01 113.42
N PHE B 801 -20.59 21.22 113.24
CA PHE B 801 -22.03 21.59 113.33
C PHE B 801 -22.38 22.42 112.09
N GLY B 802 -22.91 21.75 111.08
CA GLY B 802 -23.41 22.40 109.85
C GLY B 802 -24.82 22.88 110.07
N SER B 803 -25.78 21.95 109.93
CA SER B 803 -27.24 22.21 109.98
C SER B 803 -27.58 23.04 111.21
N ARG B 804 -27.02 22.67 112.36
CA ARG B 804 -27.35 23.26 113.69
C ARG B 804 -27.30 24.79 113.66
N VAL B 805 -26.37 25.39 112.94
CA VAL B 805 -26.10 26.86 113.04
C VAL B 805 -26.85 27.63 111.96
N MET B 806 -27.67 26.97 111.14
CA MET B 806 -28.32 27.62 109.97
C MET B 806 -29.40 28.62 110.39
N ILE B 807 -29.88 28.58 111.63
CA ILE B 807 -30.90 29.54 112.15
C ILE B 807 -30.29 30.48 113.19
N ALA B 808 -28.96 30.54 113.29
CA ALA B 808 -28.28 31.51 114.16
C ALA B 808 -28.58 32.92 113.67
N LYS B 809 -28.46 33.90 114.57
CA LYS B 809 -28.74 35.32 114.28
C LYS B 809 -27.91 35.79 113.09
N GLU B 810 -26.61 35.51 113.09
CA GLU B 810 -25.66 36.16 112.16
C GLU B 810 -25.65 35.44 110.81
N VAL B 811 -26.35 34.30 110.67
CA VAL B 811 -26.44 33.61 109.34
C VAL B 811 -27.41 34.42 108.51
N LYS B 812 -27.15 34.51 107.20
CA LYS B 812 -27.94 35.35 106.25
C LYS B 812 -29.25 34.67 105.84
N THR B 813 -29.47 33.40 106.18
CA THR B 813 -30.74 32.66 105.99
C THR B 813 -31.92 33.62 106.24
N SER B 814 -32.80 33.78 105.27
CA SER B 814 -34.00 34.69 105.34
C SER B 814 -34.86 34.27 106.52
N PRO B 815 -35.53 35.22 107.21
CA PRO B 815 -36.41 34.87 108.33
C PRO B 815 -37.35 33.68 108.09
N ASP B 816 -37.99 33.62 106.93
CA ASP B 816 -39.00 32.57 106.64
C ASP B 816 -38.30 31.24 106.37
N ALA B 817 -37.09 31.25 105.84
CA ALA B 817 -36.25 30.04 105.70
C ALA B 817 -35.88 29.52 107.11
N LYS B 818 -35.58 30.41 108.05
CA LYS B 818 -35.30 30.02 109.47
C LYS B 818 -36.54 29.39 110.09
N LYS B 819 -37.72 29.98 109.85
CA LYS B 819 -38.99 29.39 110.34
C LYS B 819 -39.20 28.01 109.72
N CYS B 820 -38.87 27.85 108.44
CA CYS B 820 -39.03 26.58 107.70
C CYS B 820 -38.08 25.52 108.28
N ILE B 821 -36.82 25.88 108.51
CA ILE B 821 -35.77 25.02 109.17
C ILE B 821 -36.28 24.61 110.56
N ALA B 822 -36.67 25.58 111.38
CA ALA B 822 -37.09 25.36 112.79
C ALA B 822 -38.26 24.37 112.85
N ALA B 823 -39.18 24.42 111.87
CA ALA B 823 -40.41 23.59 111.82
C ALA B 823 -40.09 22.15 111.41
N CYS B 824 -38.96 21.90 110.75
CA CYS B 824 -38.48 20.51 110.47
C CYS B 824 -38.25 19.78 111.80
N THR B 825 -38.94 18.65 112.01
CA THR B 825 -38.89 17.89 113.27
C THR B 825 -37.58 17.10 113.33
N GLY B 826 -37.07 16.71 112.17
CA GLY B 826 -35.96 15.78 112.03
C GLY B 826 -36.37 14.38 112.46
N VAL B 827 -35.47 13.43 112.28
CA VAL B 827 -35.63 12.04 112.75
C VAL B 827 -34.36 11.60 113.45
N PRO B 828 -34.44 10.58 114.34
CA PRO B 828 -33.24 9.92 114.86
C PRO B 828 -32.42 9.25 113.75
N ASP B 829 -31.17 8.95 114.06
CA ASP B 829 -30.23 8.30 113.13
C ASP B 829 -30.82 7.02 112.49
N ASP B 830 -31.64 6.23 113.20
CA ASP B 830 -32.12 4.92 112.66
C ASP B 830 -32.98 5.14 111.40
N LYS B 831 -33.68 6.28 111.29
CA LYS B 831 -34.68 6.56 110.22
C LYS B 831 -34.13 7.45 109.10
N TRP B 832 -32.87 7.86 109.11
CA TRP B 832 -32.43 8.96 108.21
C TRP B 832 -32.52 8.49 106.76
N GLU B 833 -32.34 7.21 106.48
CA GLU B 833 -32.26 6.68 105.10
C GLU B 833 -33.62 6.73 104.40
N GLN B 834 -34.69 7.06 105.10
CA GLN B 834 -36.02 7.27 104.49
C GLN B 834 -36.03 8.54 103.62
N THR B 835 -35.04 9.43 103.77
CA THR B 835 -34.95 10.68 102.96
C THR B 835 -34.83 10.33 101.48
N TYR B 836 -34.20 9.20 101.14
CA TYR B 836 -34.06 8.72 99.74
C TYR B 836 -35.42 8.43 99.09
N LYS B 837 -36.48 8.17 99.86
CA LYS B 837 -37.79 7.72 99.34
C LYS B 837 -38.84 8.83 99.45
N LYS B 838 -38.96 9.45 100.63
CA LYS B 838 -40.06 10.37 100.96
C LYS B 838 -39.57 11.39 102.00
N PRO B 839 -40.30 12.50 102.21
CA PRO B 839 -39.98 13.44 103.29
C PRO B 839 -39.93 12.73 104.65
N THR B 840 -38.78 12.86 105.30
CA THR B 840 -38.45 12.27 106.62
C THR B 840 -38.01 13.40 107.54
N GLY B 841 -38.85 13.78 108.50
CA GLY B 841 -38.59 14.87 109.46
C GLY B 841 -38.62 16.23 108.78
N GLY B 842 -39.26 16.31 107.60
CA GLY B 842 -39.35 17.53 106.79
C GLY B 842 -38.22 17.65 105.79
N ILE B 843 -37.44 16.58 105.61
CA ILE B 843 -36.21 16.60 104.78
C ILE B 843 -36.30 15.46 103.78
N VAL B 844 -35.72 15.67 102.61
CA VAL B 844 -35.74 14.67 101.53
C VAL B 844 -34.40 14.74 100.84
N THR B 845 -34.02 13.67 100.17
CA THR B 845 -32.86 13.60 99.29
C THR B 845 -33.32 13.82 97.86
N VAL B 846 -32.63 14.74 97.17
CA VAL B 846 -32.77 14.98 95.72
C VAL B 846 -31.39 14.90 95.10
N ARG B 847 -31.32 14.89 93.78
CA ARG B 847 -30.06 14.71 93.04
C ARG B 847 -29.66 16.07 92.51
N SER B 848 -28.38 16.40 92.63
CA SER B 848 -27.75 17.57 92.00
C SER B 848 -27.75 17.40 90.47
N GLU B 849 -27.32 18.41 89.73
CA GLU B 849 -27.06 18.36 88.26
C GLU B 849 -26.19 17.15 87.93
N MET B 850 -25.21 16.84 88.79
CA MET B 850 -24.18 15.78 88.60
C MET B 850 -24.62 14.43 89.20
N GLY B 851 -25.85 14.32 89.70
CA GLY B 851 -26.42 13.04 90.20
C GLY B 851 -26.09 12.80 91.66
N GLU B 852 -25.55 13.79 92.37
CA GLU B 852 -25.07 13.66 93.77
C GLU B 852 -26.24 13.88 94.71
N PRO B 853 -26.42 13.05 95.74
CA PRO B 853 -27.51 13.26 96.68
C PRO B 853 -27.26 14.52 97.50
N ILE B 854 -28.37 15.21 97.78
CA ILE B 854 -28.39 16.43 98.59
C ILE B 854 -29.58 16.30 99.51
N HIS B 855 -29.40 16.67 100.78
CA HIS B 855 -30.45 16.70 101.81
C HIS B 855 -30.99 18.12 101.83
N LYS B 856 -32.27 18.26 101.50
CA LYS B 856 -32.90 19.59 101.40
C LYS B 856 -34.16 19.52 102.20
N ILE B 857 -34.63 20.65 102.70
CA ILE B 857 -35.98 20.69 103.31
C ILE B 857 -36.99 20.39 102.20
N ALA B 858 -37.99 19.56 102.49
CA ALA B 858 -39.06 19.08 101.58
C ALA B 858 -40.08 20.22 101.36
N THR B 859 -39.65 21.32 100.74
CA THR B 859 -40.54 22.44 100.32
C THR B 859 -41.24 22.02 99.02
N ARG B 860 -42.25 22.75 98.59
CA ARG B 860 -42.95 22.48 97.30
C ARG B 860 -41.90 22.45 96.19
N GLY B 861 -41.00 23.44 96.21
CA GLY B 861 -39.91 23.53 95.24
C GLY B 861 -39.11 22.25 95.17
N VAL B 862 -38.74 21.73 96.35
CA VAL B 862 -37.83 20.56 96.42
C VAL B 862 -38.63 19.32 96.07
N MET B 863 -39.87 19.26 96.51
CA MET B 863 -40.78 18.13 96.14
C MET B 863 -41.05 18.10 94.64
N LEU B 864 -41.08 19.26 93.99
CA LEU B 864 -41.12 19.30 92.51
C LEU B 864 -39.82 18.77 91.93
N TRP B 865 -38.70 19.20 92.48
CA TRP B 865 -37.37 18.71 92.07
C TRP B 865 -37.32 17.19 92.21
N LYS B 866 -37.78 16.68 93.34
CA LYS B 866 -37.76 15.22 93.56
C LYS B 866 -38.57 14.53 92.45
N GLU B 867 -39.80 14.99 92.22
CA GLU B 867 -40.70 14.42 91.19
C GLU B 867 -40.03 14.41 89.81
N PHE B 868 -39.38 15.50 89.42
CA PHE B 868 -38.73 15.61 88.10
C PHE B 868 -37.49 14.73 88.00
N ASP B 869 -36.80 14.48 89.11
CA ASP B 869 -35.66 13.53 89.18
C ASP B 869 -36.15 12.12 88.81
N GLU B 870 -37.33 11.76 89.31
CA GLU B 870 -37.93 10.40 89.13
C GLU B 870 -38.55 10.27 87.72
N THR B 871 -39.10 11.35 87.13
CA THR B 871 -40.00 11.29 85.94
C THR B 871 -39.43 11.99 84.70
N ILE B 872 -38.41 12.83 84.81
CA ILE B 872 -37.87 13.63 83.66
C ILE B 872 -36.35 13.47 83.57
N PHE B 873 -35.62 13.78 84.65
CA PHE B 873 -34.14 13.90 84.59
C PHE B 873 -33.50 12.52 84.47
N ASN B 874 -34.18 11.47 84.93
CA ASN B 874 -33.68 10.08 84.83
C ASN B 874 -33.84 9.50 83.41
N LEU B 875 -34.77 10.04 82.60
CA LEU B 875 -35.04 9.52 81.23
C LEU B 875 -33.77 9.63 80.39
N PRO B 876 -33.55 8.71 79.42
CA PRO B 876 -32.49 8.89 78.42
C PRO B 876 -32.77 10.09 77.51
N LYS B 877 -31.74 10.59 76.82
CA LYS B 877 -31.75 11.86 76.04
C LYS B 877 -32.82 11.79 74.93
N ASN B 878 -32.94 10.65 74.24
CA ASN B 878 -33.89 10.44 73.13
C ASN B 878 -35.35 10.61 73.61
N LYS B 879 -35.66 10.30 74.88
CA LYS B 879 -37.04 10.36 75.45
C LYS B 879 -37.29 11.64 76.24
N LEU B 880 -36.28 12.49 76.45
CA LEU B 880 -36.40 13.71 77.30
C LEU B 880 -37.31 14.74 76.61
N VAL B 881 -36.91 15.21 75.42
CA VAL B 881 -37.63 16.29 74.68
C VAL B 881 -39.08 15.87 74.40
N PRO B 882 -39.36 14.63 73.92
CA PRO B 882 -40.74 14.16 73.80
C PRO B 882 -41.55 14.21 75.11
N THR B 883 -40.95 13.82 76.24
CA THR B 883 -41.63 13.85 77.56
C THR B 883 -41.92 15.31 77.96
N LEU B 884 -40.98 16.22 77.71
CA LEU B 884 -41.20 17.66 78.02
C LEU B 884 -42.37 18.17 77.20
N GLU B 885 -42.35 17.94 75.89
CA GLU B 885 -43.46 18.35 74.96
C GLU B 885 -44.80 17.82 75.51
N ALA B 886 -44.87 16.54 75.87
CA ALA B 886 -46.10 15.86 76.33
C ALA B 886 -46.58 16.46 77.66
N LYS B 887 -45.68 16.67 78.61
CA LYS B 887 -46.03 17.15 79.98
C LYS B 887 -45.92 18.67 80.07
N ARG B 888 -45.66 19.35 78.94
CA ARG B 888 -45.38 20.80 78.86
C ARG B 888 -46.30 21.60 79.77
N ASP B 889 -47.60 21.48 79.64
CA ASP B 889 -48.55 22.35 80.37
C ASP B 889 -48.45 22.04 81.86
N TYR B 890 -48.25 20.77 82.21
CA TYR B 890 -48.13 20.33 83.62
C TYR B 890 -46.85 20.94 84.21
N ILE B 891 -45.73 20.73 83.54
CA ILE B 891 -44.41 21.26 83.95
C ILE B 891 -44.51 22.78 84.16
N ILE B 892 -45.14 23.49 83.23
CA ILE B 892 -45.25 24.97 83.34
C ILE B 892 -46.06 25.30 84.58
N SER B 893 -47.18 24.63 84.81
CA SER B 893 -48.06 24.96 85.97
C SER B 893 -47.31 24.74 87.29
N ARG B 894 -46.51 23.67 87.37
CA ARG B 894 -45.74 23.30 88.60
C ARG B 894 -44.62 24.32 88.84
N LEU B 895 -43.90 24.69 87.79
CA LEU B 895 -42.84 25.73 87.88
C LEU B 895 -43.44 26.98 88.46
N ASN B 896 -44.59 27.39 87.95
CA ASN B 896 -45.22 28.67 88.34
C ASN B 896 -45.78 28.59 89.75
N ALA B 897 -46.33 27.44 90.13
CA ALA B 897 -46.95 27.27 91.46
C ALA B 897 -45.87 27.10 92.55
N ASP B 898 -44.83 26.31 92.28
CA ASP B 898 -44.06 25.60 93.34
C ASP B 898 -42.56 25.92 93.32
N PHE B 899 -41.99 26.41 92.23
CA PHE B 899 -40.53 26.50 92.05
C PHE B 899 -40.00 27.93 92.10
N GLN B 900 -38.71 28.05 92.39
CA GLN B 900 -37.98 29.32 92.59
C GLN B 900 -37.58 29.91 91.24
N LYS B 901 -37.49 29.09 90.21
CA LYS B 901 -37.35 29.50 88.80
C LYS B 901 -38.71 29.28 88.13
N PRO B 902 -39.61 30.28 88.09
CA PRO B 902 -40.88 30.10 87.37
C PRO B 902 -40.69 30.02 85.85
N TRP B 903 -41.78 29.74 85.16
CA TRP B 903 -41.81 29.74 83.68
C TRP B 903 -41.71 31.19 83.22
N PHE B 904 -40.69 31.54 82.46
CA PHE B 904 -40.53 32.97 82.09
C PHE B 904 -41.81 33.50 81.40
N ALA B 905 -42.28 32.79 80.38
CA ALA B 905 -43.34 33.26 79.46
C ALA B 905 -44.69 33.03 80.10
N THR B 906 -44.96 33.78 81.14
CA THR B 906 -46.21 33.78 81.92
C THR B 906 -46.59 35.25 82.08
N VAL B 907 -47.73 35.65 81.52
CA VAL B 907 -48.20 37.06 81.47
C VAL B 907 -49.53 37.10 82.19
N ASN B 908 -49.60 37.81 83.34
CA ASN B 908 -50.81 37.94 84.20
C ASN B 908 -51.36 36.55 84.55
N GLY B 909 -50.49 35.59 84.88
CA GLY B 909 -50.89 34.24 85.32
C GLY B 909 -51.20 33.30 84.16
N GLN B 910 -51.07 33.74 82.91
CA GLN B 910 -51.40 32.93 81.71
C GLN B 910 -50.09 32.42 81.12
N ALA B 911 -49.93 31.11 81.07
CA ALA B 911 -48.81 30.43 80.43
C ALA B 911 -48.79 30.78 78.94
N ARG B 912 -47.65 31.21 78.45
CA ARG B 912 -47.37 31.50 77.04
C ARG B 912 -46.12 30.75 76.67
N ASP B 913 -45.50 31.18 75.60
CA ASP B 913 -44.16 30.79 75.17
C ASP B 913 -43.47 32.11 74.85
N LEU B 914 -42.16 32.10 74.72
CA LEU B 914 -41.48 33.33 74.24
C LEU B 914 -42.09 33.73 72.89
N ALA B 915 -42.42 32.75 72.04
CA ALA B 915 -42.89 33.03 70.66
C ALA B 915 -44.23 33.77 70.68
N THR B 916 -44.97 33.74 71.78
CA THR B 916 -46.30 34.35 71.90
C THR B 916 -46.27 35.41 72.96
N MET B 917 -45.12 36.03 73.17
CA MET B 917 -45.06 37.25 73.99
C MET B 917 -44.68 38.42 73.12
N THR B 918 -45.21 39.57 73.46
CA THR B 918 -44.76 40.84 72.85
C THR B 918 -43.42 41.24 73.45
N TYR B 919 -42.67 42.06 72.72
CA TYR B 919 -41.42 42.67 73.23
C TYR B 919 -41.67 43.36 74.56
N GLU B 920 -42.77 44.07 74.69
CA GLU B 920 -43.07 44.81 75.94
C GLU B 920 -43.34 43.82 77.07
N GLU B 921 -44.07 42.75 76.80
CA GLU B 921 -44.36 41.71 77.82
C GLU B 921 -43.03 41.07 78.29
N VAL B 922 -42.10 40.86 77.40
CA VAL B 922 -40.78 40.28 77.72
C VAL B 922 -40.05 41.25 78.63
N ALA B 923 -39.98 42.54 78.26
CA ALA B 923 -39.23 43.58 79.00
C ALA B 923 -39.79 43.64 80.43
N LYS B 924 -41.10 43.70 80.56
CA LYS B 924 -41.82 43.83 81.87
C LYS B 924 -41.65 42.57 82.71
N ARG B 925 -41.57 41.41 82.09
CA ARG B 925 -41.42 40.14 82.83
C ARG B 925 -39.97 40.13 83.36
N LEU B 926 -39.00 40.57 82.56
CA LEU B 926 -37.59 40.66 83.01
C LEU B 926 -37.48 41.52 84.27
N VAL B 927 -38.17 42.65 84.30
CA VAL B 927 -38.15 43.60 85.45
C VAL B 927 -38.88 42.96 86.65
N GLU B 928 -39.97 42.25 86.41
CA GLU B 928 -40.78 41.60 87.46
C GLU B 928 -39.93 40.53 88.19
N LEU B 929 -39.04 39.86 87.49
CA LEU B 929 -38.33 38.68 88.03
C LEU B 929 -36.92 39.06 88.50
N MET B 930 -36.33 40.12 87.96
CA MET B 930 -34.91 40.45 88.17
C MET B 930 -34.74 41.77 88.96
N PHE B 931 -35.77 42.59 89.09
CA PHE B 931 -35.69 43.89 89.79
C PHE B 931 -36.53 43.79 91.05
N ILE B 932 -35.92 44.13 92.17
CA ILE B 932 -36.54 43.95 93.51
C ILE B 932 -37.16 45.29 93.88
N ARG B 933 -38.48 45.33 93.99
CA ARG B 933 -39.24 46.57 94.30
C ARG B 933 -38.96 47.01 95.74
N SER B 934 -38.88 46.05 96.68
CA SER B 934 -38.70 46.30 98.15
C SER B 934 -37.39 47.08 98.41
N THR B 935 -36.29 46.75 97.70
CA THR B 935 -34.96 47.40 97.81
C THR B 935 -34.72 48.39 96.66
N ASN B 936 -35.66 48.49 95.71
CA ASN B 936 -35.61 49.40 94.54
C ASN B 936 -34.29 49.23 93.76
N SER B 937 -33.84 48.00 93.56
CA SER B 937 -32.57 47.72 92.84
C SER B 937 -32.67 46.42 92.04
N TRP B 938 -31.75 46.27 91.10
CA TRP B 938 -31.49 45.01 90.39
C TRP B 938 -30.77 44.05 91.33
N PHE B 939 -31.28 42.84 91.46
CA PHE B 939 -30.70 41.84 92.37
C PHE B 939 -29.26 41.54 91.99
N ASP B 940 -28.95 41.55 90.70
CA ASP B 940 -27.57 41.37 90.17
C ASP B 940 -27.42 42.34 89.01
N VAL B 941 -26.25 42.96 88.90
CA VAL B 941 -25.98 43.94 87.81
C VAL B 941 -26.07 43.23 86.46
N THR B 942 -25.69 41.96 86.38
CA THR B 942 -25.66 41.20 85.10
C THR B 942 -27.09 40.98 84.58
N TRP B 943 -28.07 40.98 85.50
CA TRP B 943 -29.51 40.91 85.18
C TRP B 943 -29.98 42.25 84.63
N ARG B 944 -29.46 43.35 85.17
CA ARG B 944 -29.71 44.68 84.59
C ARG B 944 -29.15 44.73 83.17
N THR B 945 -28.00 44.13 82.94
CA THR B 945 -27.33 44.15 81.62
C THR B 945 -28.12 43.28 80.63
N PHE B 946 -28.65 42.16 81.12
CA PHE B 946 -29.53 41.29 80.33
C PHE B 946 -30.67 42.16 79.79
N THR B 947 -31.37 42.84 80.69
CA THR B 947 -32.57 43.64 80.37
C THR B 947 -32.21 44.83 79.46
N GLY B 948 -31.09 45.50 79.69
CA GLY B 948 -30.64 46.60 78.82
C GLY B 948 -30.28 46.09 77.43
N ASP B 949 -29.60 44.95 77.34
CA ASP B 949 -29.25 44.29 76.07
C ASP B 949 -30.51 43.88 75.28
N PHE B 950 -31.58 43.53 76.00
CA PHE B 950 -32.89 43.19 75.41
C PHE B 950 -33.53 44.47 74.87
N LEU B 951 -33.56 45.52 75.67
CA LEU B 951 -34.15 46.81 75.23
C LEU B 951 -33.41 47.39 74.03
N ARG B 952 -32.12 47.16 73.88
CA ARG B 952 -31.38 47.62 72.69
C ARG B 952 -31.82 46.81 71.47
N ARG B 953 -32.09 45.53 71.66
CA ARG B 953 -32.53 44.62 70.59
C ARG B 953 -33.89 45.12 70.09
N VAL B 954 -34.76 45.50 70.99
CA VAL B 954 -36.07 46.09 70.67
C VAL B 954 -35.87 47.29 69.75
N GLU B 955 -34.97 48.20 70.12
CA GLU B 955 -34.76 49.42 69.32
C GLU B 955 -34.24 49.00 67.95
N GLU B 956 -33.32 48.06 67.91
CA GLU B 956 -32.70 47.61 66.66
C GLU B 956 -33.80 47.01 65.75
N ARG B 957 -34.74 46.26 66.33
CA ARG B 957 -35.74 45.51 65.55
C ARG B 957 -36.75 46.53 64.99
N PHE B 958 -37.04 47.61 65.72
CA PHE B 958 -38.19 48.48 65.43
C PHE B 958 -37.77 49.83 64.83
N THR B 959 -36.49 50.17 64.79
CA THR B 959 -36.02 51.43 64.19
C THR B 959 -35.90 51.26 62.67
N LYS B 960 -36.22 52.32 61.93
CA LYS B 960 -36.21 52.35 60.45
C LYS B 960 -34.81 52.77 59.98
N SER B 961 -34.09 53.51 60.82
CA SER B 961 -32.78 54.09 60.47
C SER B 961 -31.85 54.05 61.69
N LYS B 962 -30.55 54.08 61.41
CA LYS B 962 -29.46 54.34 62.39
C LYS B 962 -29.89 55.51 63.27
N THR B 963 -29.99 55.27 64.58
CA THR B 963 -30.37 56.29 65.61
C THR B 963 -29.53 56.08 66.86
N LEU B 964 -29.66 56.98 67.82
CA LEU B 964 -29.06 56.88 69.18
C LEU B 964 -29.94 55.98 70.03
N SER B 965 -29.34 55.07 70.78
CA SER B 965 -30.06 54.30 71.82
C SER B 965 -30.71 55.28 72.79
N LEU B 966 -31.97 55.04 73.15
CA LEU B 966 -32.68 55.75 74.25
C LEU B 966 -32.19 55.26 75.61
N ILE B 967 -31.39 54.20 75.66
CA ILE B 967 -30.70 53.72 76.89
C ILE B 967 -29.21 53.80 76.59
N GLN B 968 -28.60 54.93 76.88
CA GLN B 968 -27.15 55.18 76.62
C GLN B 968 -26.32 54.42 77.65
N SER B 969 -26.78 54.40 78.89
CA SER B 969 -26.12 53.63 79.97
C SER B 969 -27.18 52.78 80.66
N TYR B 970 -26.83 51.55 81.06
CA TYR B 970 -27.77 50.67 81.76
C TYR B 970 -28.13 51.23 83.14
N SER B 971 -27.38 52.20 83.67
CA SER B 971 -27.73 52.92 84.92
C SER B 971 -29.14 53.51 84.85
N LEU B 972 -29.61 53.90 83.66
CA LEU B 972 -31.02 54.36 83.42
C LEU B 972 -32.03 53.29 83.86
N LEU B 973 -31.64 52.01 83.85
CA LEU B 973 -32.56 50.92 84.26
C LEU B 973 -32.79 50.90 85.77
N ASP B 974 -32.05 51.68 86.57
CA ASP B 974 -32.29 51.79 88.04
C ASP B 974 -33.66 52.43 88.32
N LYS B 975 -34.33 53.00 87.31
CA LYS B 975 -35.80 53.31 87.30
C LYS B 975 -36.45 52.52 86.15
N PRO B 976 -36.66 51.20 86.30
CA PRO B 976 -36.90 50.33 85.15
C PRO B 976 -38.21 50.61 84.38
N ASP B 977 -39.28 50.98 85.07
CA ASP B 977 -40.60 51.28 84.44
C ASP B 977 -40.44 52.46 83.48
N GLU B 978 -39.71 53.50 83.88
CA GLU B 978 -39.48 54.73 83.09
C GLU B 978 -38.66 54.42 81.83
N ALA B 979 -37.69 53.51 81.94
CA ALA B 979 -36.84 53.09 80.80
C ALA B 979 -37.69 52.29 79.81
N ILE B 980 -38.49 51.37 80.32
CA ILE B 980 -39.41 50.55 79.49
C ILE B 980 -40.38 51.51 78.78
N GLU B 981 -41.04 52.40 79.51
CA GLU B 981 -42.01 53.38 78.95
C GLU B 981 -41.31 54.18 77.84
N LYS B 982 -40.07 54.58 78.06
CA LYS B 982 -39.31 55.42 77.10
C LYS B 982 -39.02 54.64 75.81
N VAL B 983 -38.66 53.37 75.90
CA VAL B 983 -38.30 52.56 74.71
C VAL B 983 -39.58 52.21 73.95
N PHE B 984 -40.64 51.82 74.65
CA PHE B 984 -41.88 51.35 74.00
C PHE B 984 -42.75 52.53 73.54
N ASN B 985 -42.41 53.77 73.91
CA ASN B 985 -43.09 54.98 73.40
C ASN B 985 -42.46 55.35 72.08
N ALA B 986 -41.15 55.16 71.96
CA ALA B 986 -40.40 55.36 70.71
C ALA B 986 -40.77 54.29 69.68
N TYR B 987 -41.07 53.07 70.13
CA TYR B 987 -41.28 51.89 69.25
C TYR B 987 -42.56 51.21 69.68
N PRO B 988 -43.72 51.88 69.51
CA PRO B 988 -44.96 51.34 70.02
C PRO B 988 -45.45 50.07 69.29
N ALA B 989 -44.89 49.76 68.11
CA ALA B 989 -45.19 48.51 67.38
C ALA B 989 -44.71 47.33 68.22
N ALA B 990 -43.69 47.55 69.05
CA ALA B 990 -43.11 46.51 69.91
C ALA B 990 -44.06 46.13 71.03
N ARG B 991 -45.09 46.92 71.28
CA ARG B 991 -46.14 46.55 72.27
C ARG B 991 -47.12 45.53 71.69
N GLU B 992 -47.17 45.39 70.38
CA GLU B 992 -48.26 44.61 69.72
C GLU B 992 -47.70 43.39 68.99
N GLN B 993 -46.40 43.35 68.72
CA GLN B 993 -45.81 42.28 67.91
C GLN B 993 -45.17 41.21 68.81
N PHE B 994 -45.32 39.94 68.48
CA PHE B 994 -44.62 38.86 69.20
C PHE B 994 -43.16 38.93 68.77
N LEU B 995 -42.31 38.39 69.62
CA LEU B 995 -40.88 38.32 69.33
C LEU B 995 -40.66 37.77 67.92
N ASN B 996 -39.92 38.48 67.11
CA ASN B 996 -39.30 37.90 65.93
C ASN B 996 -38.60 36.60 66.38
N ALA B 997 -38.69 35.52 65.61
CA ALA B 997 -38.06 34.23 65.89
C ALA B 997 -36.55 34.43 66.14
N GLN B 998 -35.94 35.39 65.47
CA GLN B 998 -34.50 35.72 65.68
C GLN B 998 -34.25 36.24 67.10
N ASP B 999 -35.16 37.02 67.62
CA ASP B 999 -35.08 37.64 68.95
C ASP B 999 -35.40 36.60 70.03
N ILE B 1000 -36.11 35.53 69.70
CA ILE B 1000 -36.34 34.41 70.65
C ILE B 1000 -34.99 33.73 70.85
N ASP B 1001 -34.34 33.39 69.76
CA ASP B 1001 -33.03 32.72 69.74
C ASP B 1001 -31.98 33.58 70.47
N HIS B 1002 -31.96 34.86 70.20
CA HIS B 1002 -31.03 35.80 70.85
C HIS B 1002 -31.30 35.82 72.35
N PHE B 1003 -32.55 35.96 72.76
CA PHE B 1003 -32.94 35.92 74.17
C PHE B 1003 -32.45 34.61 74.83
N LEU B 1004 -32.65 33.48 74.18
CA LEU B 1004 -32.24 32.18 74.78
C LEU B 1004 -30.70 32.09 74.79
N SER B 1005 -30.02 32.67 73.82
CA SER B 1005 -28.53 32.71 73.77
C SER B 1005 -27.99 33.54 74.94
N MET B 1006 -28.70 34.62 75.28
CA MET B 1006 -28.37 35.53 76.40
C MET B 1006 -28.62 34.83 77.73
N CYS B 1007 -29.54 33.87 77.80
CA CYS B 1007 -29.87 33.13 79.04
C CYS B 1007 -28.74 32.14 79.38
N GLN B 1008 -27.89 31.81 78.41
CA GLN B 1008 -26.76 30.84 78.51
C GLN B 1008 -25.42 31.59 78.55
N ASN B 1009 -25.43 32.90 78.66
CA ASN B 1009 -24.20 33.73 78.81
C ASN B 1009 -23.51 33.26 80.09
N PRO B 1010 -22.30 32.67 80.03
CA PRO B 1010 -21.65 32.14 81.23
C PRO B 1010 -21.13 33.23 82.19
N MET B 1011 -20.87 34.44 81.69
CA MET B 1011 -20.35 35.61 82.47
C MET B 1011 -21.51 36.42 83.05
N GLN B 1012 -22.45 35.75 83.70
CA GLN B 1012 -23.75 36.34 84.10
C GLN B 1012 -24.34 35.44 85.18
N LYS B 1013 -25.02 36.01 86.15
CA LYS B 1013 -25.71 35.17 87.13
C LYS B 1013 -26.83 34.42 86.39
N PRO B 1014 -27.00 33.09 86.58
CA PRO B 1014 -28.07 32.35 85.91
C PRO B 1014 -29.42 33.03 86.07
N VAL B 1015 -30.14 33.11 84.96
CA VAL B 1015 -31.45 33.81 84.96
C VAL B 1015 -32.34 33.10 85.96
N PRO B 1016 -33.15 33.84 86.72
CA PRO B 1016 -34.03 33.25 87.72
C PRO B 1016 -35.38 32.82 87.14
N PHE B 1017 -35.33 32.06 86.04
CA PHE B 1017 -36.55 31.53 85.42
C PHE B 1017 -36.17 30.45 84.46
N VAL B 1018 -37.20 29.70 84.02
CA VAL B 1018 -37.01 28.71 82.93
C VAL B 1018 -37.59 29.33 81.67
N PRO B 1019 -36.79 29.66 80.65
CA PRO B 1019 -37.30 30.34 79.45
C PRO B 1019 -37.75 29.43 78.29
N VAL B 1020 -37.46 28.14 78.39
CA VAL B 1020 -37.77 27.15 77.33
C VAL B 1020 -37.77 25.75 77.96
N LEU B 1021 -38.53 24.81 77.41
CA LEU B 1021 -38.42 23.34 77.72
C LEU B 1021 -37.72 22.67 76.56
N ASP B 1022 -36.46 22.34 76.72
CA ASP B 1022 -35.63 21.68 75.69
C ASP B 1022 -34.60 20.82 76.42
N ARG B 1023 -33.52 20.44 75.72
CA ARG B 1023 -32.54 19.45 76.23
C ARG B 1023 -31.82 20.00 77.48
N ARG B 1024 -31.75 21.32 77.64
CA ARG B 1024 -31.04 22.03 78.74
C ARG B 1024 -31.95 22.28 79.94
N PHE B 1025 -33.13 21.68 80.00
CA PHE B 1025 -34.12 21.94 81.06
C PHE B 1025 -33.54 21.63 82.46
N GLU B 1026 -32.76 20.56 82.60
CA GLU B 1026 -32.20 20.13 83.90
C GLU B 1026 -31.27 21.24 84.41
N ILE B 1027 -30.43 21.76 83.52
CA ILE B 1027 -29.50 22.89 83.81
C ILE B 1027 -30.29 24.15 84.17
N PHE B 1028 -31.34 24.51 83.42
CA PHE B 1028 -32.15 25.71 83.76
C PHE B 1028 -32.80 25.51 85.11
N PHE B 1029 -33.25 24.28 85.38
CA PHE B 1029 -34.06 23.98 86.58
C PHE B 1029 -33.15 24.01 87.83
N LYS B 1030 -31.99 23.36 87.76
CA LYS B 1030 -31.15 23.02 88.95
C LYS B 1030 -30.03 24.04 89.17
N LYS B 1031 -29.55 24.72 88.14
CA LYS B 1031 -28.34 25.56 88.30
C LYS B 1031 -28.65 26.69 89.29
N ASP B 1032 -27.65 27.07 90.09
CA ASP B 1032 -27.67 28.25 91.00
C ASP B 1032 -28.93 28.25 91.83
N SER B 1033 -29.14 27.15 92.54
CA SER B 1033 -30.39 26.88 93.29
C SER B 1033 -30.26 27.20 94.78
N LEU B 1034 -29.13 27.71 95.27
CA LEU B 1034 -28.88 27.78 96.76
C LEU B 1034 -29.01 29.18 97.35
N TRP B 1035 -28.91 30.25 96.56
CA TRP B 1035 -28.87 31.64 97.09
C TRP B 1035 -30.27 32.12 97.50
N GLN B 1036 -31.32 31.50 96.99
CA GLN B 1036 -32.69 32.03 97.11
C GLN B 1036 -33.14 32.01 98.57
N SER B 1037 -32.72 31.00 99.35
CA SER B 1037 -33.11 30.82 100.78
C SER B 1037 -32.55 31.96 101.64
N GLU B 1038 -31.50 32.64 101.20
CA GLU B 1038 -30.91 33.84 101.87
C GLU B 1038 -31.44 35.16 101.30
N HIS B 1039 -32.21 35.12 100.21
CA HIS B 1039 -32.64 36.34 99.46
C HIS B 1039 -34.08 36.14 99.01
N LEU B 1040 -34.99 35.88 99.94
CA LEU B 1040 -36.40 35.58 99.63
C LEU B 1040 -37.05 36.81 99.00
N GLU B 1041 -36.51 38.01 99.19
CA GLU B 1041 -37.01 39.24 98.52
C GLU B 1041 -36.93 39.12 96.98
N ALA B 1042 -36.04 38.29 96.43
CA ALA B 1042 -35.83 38.10 94.98
C ALA B 1042 -36.52 36.83 94.46
N VAL B 1043 -37.43 36.26 95.23
CA VAL B 1043 -38.17 35.02 94.86
C VAL B 1043 -39.63 35.44 94.68
N VAL B 1044 -40.33 34.78 93.75
CA VAL B 1044 -41.60 35.27 93.15
C VAL B 1044 -42.49 35.91 94.22
N ASP B 1045 -43.00 35.13 95.18
CA ASP B 1045 -43.98 35.64 96.17
C ASP B 1045 -43.26 35.85 97.52
N GLN B 1046 -41.95 36.09 97.50
CA GLN B 1046 -41.05 35.99 98.68
C GLN B 1046 -41.31 34.65 99.40
N ASP B 1047 -41.68 33.62 98.64
CA ASP B 1047 -42.26 32.36 99.16
C ASP B 1047 -41.13 31.36 99.40
N VAL B 1048 -40.89 31.05 100.67
CA VAL B 1048 -39.82 30.10 101.10
C VAL B 1048 -40.08 28.74 100.47
N GLN B 1049 -41.35 28.35 100.32
CA GLN B 1049 -41.75 27.00 99.84
C GLN B 1049 -41.31 26.73 98.40
N ARG B 1050 -40.83 27.74 97.69
CA ARG B 1050 -40.30 27.58 96.31
C ARG B 1050 -38.82 27.18 96.34
N THR B 1051 -38.16 27.29 97.51
CA THR B 1051 -36.67 27.37 97.58
C THR B 1051 -36.07 26.05 98.08
N CYS B 1052 -34.76 25.92 97.82
CA CYS B 1052 -33.89 24.80 98.20
C CYS B 1052 -33.10 25.22 99.44
N ILE B 1053 -33.43 24.65 100.60
CA ILE B 1053 -32.69 24.86 101.89
C ILE B 1053 -31.98 23.55 102.24
N LEU B 1054 -30.65 23.57 102.29
CA LEU B 1054 -29.85 22.37 102.62
C LEU B 1054 -29.90 22.21 104.13
N HIS B 1055 -30.25 21.02 104.60
CA HIS B 1055 -30.42 20.73 106.04
C HIS B 1055 -30.43 19.24 106.25
N GLY B 1056 -29.88 18.81 107.37
CA GLY B 1056 -29.67 17.37 107.61
C GLY B 1056 -30.82 16.83 108.42
N PRO B 1057 -31.28 15.60 108.15
CA PRO B 1057 -32.45 15.05 108.80
C PRO B 1057 -32.27 14.77 110.29
N VAL B 1058 -31.04 14.46 110.71
CA VAL B 1058 -30.77 14.10 112.14
C VAL B 1058 -30.49 15.38 112.91
N ALA B 1059 -29.60 16.22 112.39
CA ALA B 1059 -29.32 17.57 112.95
C ALA B 1059 -30.61 18.38 113.12
N ALA B 1060 -31.61 18.19 112.25
CA ALA B 1060 -32.89 18.94 112.28
C ALA B 1060 -33.64 18.75 113.62
N GLN B 1061 -33.38 17.67 114.37
CA GLN B 1061 -34.03 17.42 115.71
C GLN B 1061 -33.70 18.53 116.70
N PHE B 1062 -32.58 19.25 116.52
CA PHE B 1062 -31.99 20.22 117.49
C PHE B 1062 -32.10 21.68 117.02
N THR B 1063 -32.42 21.94 115.75
CA THR B 1063 -32.60 23.33 115.21
C THR B 1063 -34.02 23.78 115.53
N LYS B 1064 -34.21 24.46 116.67
CA LYS B 1064 -35.53 24.80 117.25
C LYS B 1064 -35.66 26.30 117.49
N VAL B 1065 -34.62 26.93 118.06
CA VAL B 1065 -34.64 28.34 118.52
C VAL B 1065 -34.05 29.22 117.42
N ILE B 1066 -34.90 30.06 116.82
CA ILE B 1066 -34.53 30.97 115.70
C ILE B 1066 -33.78 32.17 116.29
N ASP B 1067 -32.67 32.54 115.67
CA ASP B 1067 -31.88 33.79 115.90
C ASP B 1067 -31.17 33.74 117.26
N GLU B 1068 -30.90 32.55 117.79
CA GLU B 1068 -29.86 32.33 118.84
C GLU B 1068 -28.52 32.84 118.28
N PRO B 1069 -27.80 33.74 118.98
CA PRO B 1069 -26.47 34.17 118.55
C PRO B 1069 -25.49 33.00 118.40
N ILE B 1070 -24.63 33.02 117.40
CA ILE B 1070 -23.72 31.87 117.10
C ILE B 1070 -22.89 31.59 118.35
N LYS B 1071 -22.53 32.65 119.09
CA LYS B 1071 -21.75 32.54 120.34
C LYS B 1071 -22.53 31.72 121.37
N SER B 1072 -23.82 31.97 121.56
CA SER B 1072 -24.67 31.21 122.50
C SER B 1072 -24.74 29.74 122.08
N ILE B 1073 -24.74 29.46 120.78
CA ILE B 1073 -24.90 28.07 120.29
C ILE B 1073 -23.58 27.34 120.58
N MET B 1074 -22.46 27.91 120.14
CA MET B 1074 -21.15 27.24 120.23
C MET B 1074 -20.75 27.17 121.71
N ASP B 1075 -20.83 28.27 122.46
CA ASP B 1075 -20.59 28.31 123.94
C ASP B 1075 -21.47 27.27 124.64
N GLY B 1076 -22.75 27.23 124.32
CA GLY B 1076 -23.72 26.29 124.90
C GLY B 1076 -23.23 24.87 124.76
N ILE B 1077 -22.62 24.53 123.63
CA ILE B 1077 -22.10 23.16 123.38
C ILE B 1077 -20.82 22.97 124.21
N HIS B 1078 -19.90 23.90 124.12
CA HIS B 1078 -18.61 23.82 124.83
C HIS B 1078 -18.83 23.80 126.34
N ASP B 1079 -19.67 24.70 126.85
CA ASP B 1079 -20.01 24.81 128.30
C ASP B 1079 -20.72 23.54 128.78
N GLY B 1080 -21.52 22.92 127.91
CA GLY B 1080 -22.17 21.63 128.17
C GLY B 1080 -21.14 20.55 128.33
N HIS B 1081 -20.16 20.50 127.43
CA HIS B 1081 -19.04 19.53 127.51
C HIS B 1081 -18.25 19.76 128.79
N ILE B 1082 -17.91 21.02 129.09
CA ILE B 1082 -17.11 21.37 130.30
C ILE B 1082 -17.83 20.83 131.53
N LYS B 1083 -19.08 21.25 131.75
CA LYS B 1083 -19.95 20.81 132.87
C LYS B 1083 -19.92 19.28 133.03
N LYS B 1084 -20.02 18.53 131.94
CA LYS B 1084 -20.15 17.05 132.00
C LYS B 1084 -18.78 16.44 132.33
N LEU B 1085 -17.71 16.97 131.76
CA LEU B 1085 -16.34 16.49 132.06
C LEU B 1085 -16.01 16.86 133.51
N LEU B 1086 -16.44 18.03 133.96
CA LEU B 1086 -16.12 18.50 135.33
C LEU B 1086 -16.74 17.52 136.31
N HIS B 1087 -18.00 17.13 136.09
CA HIS B 1087 -18.75 16.17 136.93
C HIS B 1087 -18.08 14.79 136.87
N GLN B 1088 -17.83 14.27 135.67
CA GLN B 1088 -17.37 12.87 135.46
C GLN B 1088 -15.92 12.70 135.91
N TYR B 1089 -15.03 13.66 135.62
CA TYR B 1089 -13.56 13.45 135.72
C TYR B 1089 -12.85 14.41 136.67
N TYR B 1090 -13.52 15.41 137.23
CA TYR B 1090 -12.85 16.42 138.09
C TYR B 1090 -13.67 16.67 139.37
N GLY B 1091 -14.52 15.72 139.77
CA GLY B 1091 -15.35 15.77 141.00
C GLY B 1091 -16.02 17.12 141.23
N ASP B 1092 -16.62 17.71 140.18
CA ASP B 1092 -17.39 18.99 140.22
C ASP B 1092 -16.52 20.16 140.74
N ASP B 1093 -15.19 20.04 140.72
CA ASP B 1093 -14.26 21.03 141.33
C ASP B 1093 -13.38 21.67 140.25
N GLU B 1094 -13.56 22.96 139.99
CA GLU B 1094 -12.79 23.75 138.98
C GLU B 1094 -11.33 23.90 139.40
N SER B 1095 -11.02 23.80 140.70
CA SER B 1095 -9.64 23.92 141.27
C SER B 1095 -8.75 22.77 140.80
N LYS B 1096 -9.33 21.63 140.45
CA LYS B 1096 -8.56 20.44 139.96
C LYS B 1096 -8.21 20.58 138.47
N ILE B 1097 -8.78 21.57 137.76
CA ILE B 1097 -8.45 21.80 136.33
C ILE B 1097 -7.04 22.38 136.29
N PRO B 1098 -6.06 21.72 135.65
CA PRO B 1098 -4.72 22.28 135.48
C PRO B 1098 -4.76 23.63 134.75
N ALA B 1099 -3.87 24.56 135.13
CA ALA B 1099 -3.70 25.88 134.51
C ALA B 1099 -2.44 25.86 133.66
N VAL B 1100 -2.47 26.55 132.52
CA VAL B 1100 -1.29 26.89 131.69
C VAL B 1100 -1.39 28.39 131.40
N GLU B 1101 -0.31 29.03 130.98
CA GLU B 1101 -0.37 30.51 130.73
C GLU B 1101 -1.28 30.73 129.53
N TYR B 1102 -1.02 30.02 128.44
CA TYR B 1102 -1.85 30.08 127.22
C TYR B 1102 -2.10 28.65 126.75
N PHE B 1103 -3.25 28.48 126.13
CA PHE B 1103 -3.69 27.18 125.61
C PHE B 1103 -3.61 27.23 124.09
N GLY B 1104 -2.88 26.32 123.47
CA GLY B 1104 -2.77 26.27 122.01
C GLY B 1104 -1.33 26.12 121.56
N GLY B 1105 -1.17 25.86 120.27
CA GLY B 1105 0.12 25.85 119.56
C GLY B 1105 0.84 24.53 119.70
N GLU B 1106 0.20 23.52 120.28
CA GLU B 1106 0.78 22.17 120.49
C GLU B 1106 0.47 21.32 119.25
N SER B 1107 1.47 21.01 118.44
CA SER B 1107 1.35 20.06 117.30
C SER B 1107 0.88 18.70 117.83
N PRO B 1108 -0.06 18.01 117.14
CA PRO B 1108 -0.53 16.70 117.58
C PRO B 1108 0.52 15.57 117.59
N VAL B 1109 1.69 15.76 116.97
CA VAL B 1109 2.85 14.83 117.00
C VAL B 1109 3.78 15.21 118.18
N GLU B 1122 16.28 23.74 134.71
CA GLU B 1122 17.57 24.36 135.12
C GLU B 1122 17.48 25.90 135.01
N ASP B 1123 18.07 26.62 135.95
CA ASP B 1123 18.00 28.11 136.08
C ASP B 1123 19.01 28.76 135.12
N SER B 1124 20.29 28.44 135.28
CA SER B 1124 21.42 28.88 134.43
C SER B 1124 21.84 27.73 133.52
N ALA B 1125 21.67 27.89 132.20
CA ALA B 1125 22.04 26.91 131.16
C ALA B 1125 22.79 27.61 130.02
N VAL B 1126 23.51 26.81 129.24
CA VAL B 1126 24.34 27.23 128.07
C VAL B 1126 24.19 26.15 127.01
N PHE B 1127 23.84 26.56 125.79
CA PHE B 1127 23.63 25.67 124.61
C PHE B 1127 24.59 26.13 123.53
N LYS B 1128 25.23 25.18 122.86
CA LYS B 1128 26.22 25.41 121.80
C LYS B 1128 25.69 24.72 120.55
N ALA B 1129 25.42 25.50 119.52
CA ALA B 1129 25.00 25.00 118.20
C ALA B 1129 26.24 24.47 117.49
N THR B 1130 26.05 23.38 116.73
CA THR B 1130 27.04 22.79 115.80
C THR B 1130 26.36 22.66 114.43
N SER B 1131 27.09 22.17 113.42
CA SER B 1131 26.56 21.90 112.06
C SER B 1131 25.47 20.82 112.11
N SER B 1132 25.59 19.85 113.03
CA SER B 1132 24.70 18.66 113.15
C SER B 1132 23.57 18.89 114.16
N THR B 1133 23.54 20.03 114.87
CA THR B 1133 22.49 20.36 115.88
C THR B 1133 21.11 20.21 115.22
N ASP B 1134 20.21 19.47 115.88
CA ASP B 1134 18.81 19.26 115.43
C ASP B 1134 18.00 20.51 115.80
N GLU B 1135 17.25 21.04 114.82
CA GLU B 1135 16.52 22.34 114.92
C GLU B 1135 15.38 22.23 115.94
N GLU B 1136 14.59 21.15 115.89
CA GLU B 1136 13.41 20.92 116.78
C GLU B 1136 13.90 20.76 118.23
N SER B 1137 14.97 19.98 118.46
CA SER B 1137 15.56 19.74 119.79
C SER B 1137 16.17 21.04 120.34
N TRP B 1138 16.82 21.81 119.46
CA TRP B 1138 17.41 23.12 119.79
C TRP B 1138 16.33 24.08 120.32
N PHE B 1139 15.21 24.20 119.62
CA PHE B 1139 14.13 25.15 119.98
C PHE B 1139 13.38 24.66 121.22
N LYS B 1140 13.17 23.36 121.37
CA LYS B 1140 12.59 22.76 122.60
C LYS B 1140 13.45 23.17 123.80
N ALA B 1141 14.76 22.99 123.68
CA ALA B 1141 15.74 23.34 124.74
C ALA B 1141 15.66 24.83 125.07
N LEU B 1142 15.66 25.72 124.05
CA LEU B 1142 15.58 27.18 124.30
C LEU B 1142 14.21 27.54 124.87
N ALA B 1143 13.14 26.93 124.36
CA ALA B 1143 11.75 27.13 124.81
C ALA B 1143 11.62 26.87 126.32
N GLY B 1144 12.26 25.81 126.81
CA GLY B 1144 12.01 25.29 128.18
C GLY B 1144 10.77 24.41 128.21
N SER B 1145 10.40 23.96 129.42
CA SER B 1145 9.29 23.02 129.68
C SER B 1145 8.00 23.81 129.95
N GLU B 1146 8.11 24.87 130.76
CA GLU B 1146 6.96 25.67 131.23
C GLU B 1146 6.36 26.45 130.05
N ILE B 1147 5.03 26.59 130.03
CA ILE B 1147 4.28 27.38 129.02
C ILE B 1147 4.32 28.84 129.49
N ASN B 1148 5.05 29.69 128.79
CA ASN B 1148 5.25 31.12 129.17
C ASN B 1148 5.70 31.86 127.91
N TRP B 1149 6.04 33.14 128.03
CA TRP B 1149 6.52 33.99 126.90
C TRP B 1149 7.66 33.30 126.15
N ARG B 1150 8.53 32.58 126.85
CA ARG B 1150 9.76 32.02 126.24
C ARG B 1150 9.43 30.78 125.44
N HIS B 1151 8.46 30.01 125.90
CA HIS B 1151 7.94 28.83 125.17
C HIS B 1151 7.31 29.31 123.84
N ALA B 1152 6.44 30.30 123.92
CA ALA B 1152 5.81 30.95 122.74
C ALA B 1152 6.91 31.49 121.83
N SER B 1153 7.89 32.20 122.36
CA SER B 1153 8.96 32.85 121.57
C SER B 1153 9.65 31.83 120.68
N PHE B 1154 9.91 30.62 121.19
CA PHE B 1154 10.79 29.64 120.52
C PHE B 1154 9.97 28.58 119.79
N LEU B 1155 8.66 28.46 120.03
CA LEU B 1155 7.87 27.33 119.45
C LEU B 1155 6.71 27.78 118.57
N CYS B 1156 6.14 28.98 118.78
CA CYS B 1156 5.17 29.56 117.80
C CYS B 1156 5.85 29.61 116.44
N SER B 1157 5.24 29.01 115.43
CA SER B 1157 5.73 29.05 114.03
C SER B 1157 5.48 30.46 113.48
N PHE B 1158 4.42 31.10 113.94
CA PHE B 1158 3.95 32.41 113.44
C PHE B 1158 3.91 33.42 114.57
N ILE B 1159 4.10 34.67 114.21
CA ILE B 1159 3.65 35.83 115.03
C ILE B 1159 2.72 36.67 114.18
N THR B 1160 2.06 37.61 114.84
CA THR B 1160 1.09 38.56 114.28
C THR B 1160 1.80 39.90 114.02
N GLN B 1161 1.54 40.51 112.86
CA GLN B 1161 1.87 41.92 112.49
C GLN B 1161 0.56 42.57 112.06
N ASP B 1162 -0.09 43.30 112.97
CA ASP B 1162 -1.48 43.78 112.83
C ASP B 1162 -2.38 42.54 112.70
N LYS B 1163 -2.91 42.23 111.52
CA LYS B 1163 -3.81 41.06 111.34
C LYS B 1163 -3.11 39.97 110.55
N MET B 1164 -1.91 40.27 110.07
CA MET B 1164 -1.14 39.30 109.27
C MET B 1164 -0.43 38.33 110.24
N PHE B 1165 -0.10 37.17 109.71
CA PHE B 1165 0.57 36.05 110.40
C PHE B 1165 1.84 35.77 109.61
N VAL B 1166 2.98 36.18 110.14
CA VAL B 1166 4.31 36.03 109.49
C VAL B 1166 5.11 35.01 110.29
N SER B 1167 6.18 34.52 109.69
CA SER B 1167 7.11 33.56 110.31
C SER B 1167 7.69 34.19 111.58
N ASN B 1168 7.77 33.40 112.65
CA ASN B 1168 8.36 33.82 113.95
C ASN B 1168 9.79 34.28 113.71
N PRO B 1169 10.10 35.58 113.89
CA PRO B 1169 11.46 36.10 113.67
C PRO B 1169 12.47 35.62 114.73
N ILE B 1170 11.98 35.36 115.95
CA ILE B 1170 12.81 34.83 117.06
C ILE B 1170 13.38 33.47 116.64
N ARG B 1171 12.58 32.60 116.04
CA ARG B 1171 13.08 31.30 115.54
C ARG B 1171 14.09 31.51 114.42
N LYS B 1172 13.87 32.47 113.51
CA LYS B 1172 14.81 32.75 112.39
C LYS B 1172 16.18 33.16 112.95
N VAL B 1173 16.17 34.06 113.93
CA VAL B 1173 17.40 34.67 114.53
C VAL B 1173 18.18 33.62 115.32
N PHE B 1174 17.49 32.74 116.04
CA PHE B 1174 18.09 31.66 116.87
C PHE B 1174 18.15 30.34 116.11
N LYS B 1175 17.89 30.31 114.81
CA LYS B 1175 18.16 29.13 113.96
C LYS B 1175 19.63 28.73 114.18
N PRO B 1176 19.91 27.47 114.61
CA PRO B 1176 21.24 27.08 115.05
C PRO B 1176 22.23 26.87 113.91
N SER B 1177 23.46 27.34 114.13
CA SER B 1177 24.63 27.22 113.21
C SER B 1177 25.89 27.28 114.07
N GLN B 1178 26.97 26.66 113.57
CA GLN B 1178 28.29 26.56 114.28
C GLN B 1178 28.73 27.94 114.78
N GLY B 1179 29.01 28.06 116.07
CA GLY B 1179 29.58 29.27 116.70
C GLY B 1179 28.59 29.96 117.61
N MET B 1180 27.30 29.65 117.44
CA MET B 1180 26.21 30.25 118.26
C MET B 1180 26.23 29.62 119.65
N VAL B 1181 26.20 30.48 120.66
CA VAL B 1181 26.17 30.11 122.10
C VAL B 1181 25.00 30.84 122.73
N VAL B 1182 24.01 30.09 123.22
CA VAL B 1182 22.84 30.67 123.92
C VAL B 1182 22.96 30.38 125.41
N GLU B 1183 23.07 31.44 126.20
CA GLU B 1183 23.04 31.41 127.67
C GLU B 1183 21.63 31.78 128.13
N ILE B 1184 20.95 30.88 128.82
CA ILE B 1184 19.67 31.19 129.52
C ILE B 1184 19.99 31.43 130.98
N SER B 1185 19.55 32.57 131.51
CA SER B 1185 19.73 33.00 132.92
C SER B 1185 18.35 33.21 133.53
N ASN B 1186 18.17 32.78 134.78
CA ASN B 1186 16.89 32.79 135.52
C ASN B 1186 15.83 31.99 134.75
N GLY B 1187 16.22 30.89 134.12
CA GLY B 1187 15.33 30.02 133.32
C GLY B 1187 14.05 29.59 134.03
N ASN B 1188 14.06 29.53 135.37
CA ASN B 1188 12.93 29.01 136.20
C ASN B 1188 11.93 30.11 136.55
N THR B 1189 12.36 31.37 136.60
CA THR B 1189 11.49 32.55 136.83
C THR B 1189 11.27 33.28 135.51
N SER B 1190 10.10 33.13 134.89
CA SER B 1190 9.77 33.62 133.54
C SER B 1190 9.95 35.15 133.49
N SER B 1191 9.46 35.88 134.49
CA SER B 1191 9.51 37.37 134.57
C SER B 1191 10.94 37.91 134.44
N LYS B 1192 11.96 37.11 134.79
CA LYS B 1192 13.38 37.53 134.90
C LYS B 1192 14.24 36.79 133.89
N THR B 1193 13.71 35.77 133.21
CA THR B 1193 14.52 34.95 132.28
C THR B 1193 15.13 35.88 131.24
N VAL B 1194 16.40 35.66 130.92
CA VAL B 1194 17.11 36.39 129.84
C VAL B 1194 17.77 35.34 128.96
N VAL B 1195 17.47 35.35 127.67
CA VAL B 1195 18.12 34.47 126.67
C VAL B 1195 19.09 35.35 125.90
N THR B 1196 20.37 35.01 125.94
CA THR B 1196 21.46 35.81 125.36
C THR B 1196 22.16 34.94 124.34
N LEU B 1197 22.08 35.33 123.07
CA LEU B 1197 22.81 34.70 121.96
C LEU B 1197 24.13 35.43 121.83
N SER B 1198 25.20 34.68 121.77
CA SER B 1198 26.58 35.18 121.55
C SER B 1198 27.12 34.43 120.35
N GLU B 1199 27.82 35.14 119.48
CA GLU B 1199 28.40 34.59 118.24
C GLU B 1199 29.81 35.14 118.14
N PRO B 1200 30.68 34.51 117.33
CA PRO B 1200 31.96 35.09 116.97
C PRO B 1200 31.81 36.40 116.17
N VAL B 1201 32.44 37.47 116.64
CA VAL B 1201 32.53 38.79 115.96
C VAL B 1201 34.00 39.22 115.96
N GLN B 1202 34.66 39.13 114.79
CA GLN B 1202 36.09 39.49 114.56
C GLN B 1202 36.94 38.61 115.50
N GLY B 1203 36.76 37.29 115.41
CA GLY B 1203 37.45 36.28 116.24
C GLY B 1203 36.70 35.99 117.53
N GLU B 1204 36.60 36.99 118.42
CA GLU B 1204 36.11 36.80 119.81
C GLU B 1204 34.57 36.69 119.84
N LEU B 1205 34.02 36.16 120.94
CA LEU B 1205 32.58 35.84 121.12
C LEU B 1205 31.89 36.99 121.85
N LYS B 1206 30.88 37.60 121.23
CA LYS B 1206 30.17 38.79 121.75
C LYS B 1206 28.67 38.53 121.72
N PRO B 1207 27.88 39.20 122.60
CA PRO B 1207 26.42 39.13 122.57
C PRO B 1207 25.84 39.74 121.29
N THR B 1208 25.06 38.96 120.53
CA THR B 1208 24.40 39.44 119.28
C THR B 1208 22.91 39.69 119.54
N VAL B 1209 22.23 38.84 120.31
CA VAL B 1209 20.78 39.01 120.60
C VAL B 1209 20.55 38.84 122.10
N ILE B 1210 19.70 39.68 122.68
CA ILE B 1210 19.22 39.52 124.07
C ILE B 1210 17.69 39.55 124.06
N LEU B 1211 17.12 38.41 124.44
CA LEU B 1211 15.65 38.19 124.50
C LEU B 1211 15.25 38.19 125.96
N LYS B 1212 14.41 39.11 126.37
CA LYS B 1212 13.80 39.10 127.72
C LYS B 1212 12.41 39.74 127.69
N LEU B 1213 11.73 39.73 128.85
CA LEU B 1213 10.46 40.44 129.12
C LEU B 1213 10.82 41.82 129.64
N LEU B 1214 10.41 42.85 128.92
CA LEU B 1214 10.67 44.25 129.32
C LEU B 1214 9.70 44.58 130.46
N LYS B 1215 8.41 44.39 130.19
CA LYS B 1215 7.26 44.58 131.11
C LYS B 1215 6.55 43.21 131.16
N GLU B 1216 5.44 43.08 131.89
CA GLU B 1216 4.64 41.83 132.02
C GLU B 1216 4.34 41.19 130.65
N ASN B 1217 4.00 42.00 129.63
CA ASN B 1217 3.41 41.51 128.36
C ASN B 1217 4.28 41.89 127.16
N ILE B 1218 5.47 42.46 127.38
CA ILE B 1218 6.30 43.01 126.27
C ILE B 1218 7.60 42.22 126.20
N ILE B 1219 7.75 41.45 125.14
CA ILE B 1219 8.99 40.71 124.83
C ILE B 1219 9.90 41.65 124.04
N GLN B 1220 11.13 41.83 124.50
CA GLN B 1220 12.15 42.61 123.77
C GLN B 1220 13.19 41.67 123.22
N MET B 1221 13.33 41.63 121.89
CA MET B 1221 14.46 40.99 121.22
C MET B 1221 15.42 42.09 120.78
N GLU B 1222 16.48 42.29 121.57
CA GLU B 1222 17.51 43.32 121.32
C GLU B 1222 18.51 42.73 120.32
N MET B 1223 18.51 43.24 119.10
CA MET B 1223 19.46 42.82 118.04
C MET B 1223 20.64 43.76 118.18
N ILE B 1224 21.85 43.23 118.34
CA ILE B 1224 23.05 44.04 118.65
C ILE B 1224 23.98 44.00 117.44
N GLU B 1225 24.42 45.16 116.99
CA GLU B 1225 25.51 45.27 116.01
C GLU B 1225 26.78 45.68 116.77
N ASN B 1226 27.85 44.93 116.58
CA ASN B 1226 29.15 45.11 117.27
C ASN B 1226 30.11 45.90 116.37
N ARG B 1227 29.99 45.76 115.05
CA ARG B 1227 30.82 46.48 114.04
C ARG B 1227 30.20 47.85 113.80
N THR B 1228 30.65 48.86 114.53
CA THR B 1228 30.07 50.22 114.55
C THR B 1228 31.12 51.28 114.17
N MET B 1229 30.73 52.55 114.18
CA MET B 1229 31.61 53.70 113.83
C MET B 1229 32.64 53.92 114.94
N ASP B 1230 32.20 53.94 116.20
CA ASP B 1230 33.02 54.30 117.39
C ASP B 1230 33.46 53.06 118.19
N GLY B 1231 33.03 51.85 117.80
CA GLY B 1231 33.38 50.60 118.50
C GLY B 1231 32.37 50.20 119.58
N LYS B 1232 31.58 51.16 120.11
CA LYS B 1232 30.47 50.88 121.06
C LYS B 1232 29.39 50.08 120.33
N PRO B 1233 28.83 48.98 120.91
CA PRO B 1233 27.75 48.26 120.24
C PRO B 1233 26.49 49.11 120.09
N VAL B 1234 25.74 48.87 119.02
CA VAL B 1234 24.45 49.55 118.71
C VAL B 1234 23.37 48.47 118.80
N SER B 1235 22.27 48.77 119.47
CA SER B 1235 21.16 47.82 119.76
C SER B 1235 19.86 48.31 119.11
N LEU B 1236 19.21 47.42 118.36
CA LEU B 1236 17.84 47.58 117.81
C LEU B 1236 16.86 46.82 118.70
N PRO B 1237 16.04 47.51 119.52
CA PRO B 1237 15.00 46.83 120.29
C PRO B 1237 13.75 46.52 119.46
N LEU B 1238 13.64 45.30 118.99
CA LEU B 1238 12.38 44.75 118.43
C LEU B 1238 11.47 44.34 119.58
N LEU B 1239 10.25 44.86 119.60
CA LEU B 1239 9.26 44.66 120.68
C LEU B 1239 8.10 43.81 120.18
N TYR B 1240 7.63 42.91 121.05
CA TYR B 1240 6.50 41.99 120.76
C TYR B 1240 5.57 41.98 121.96
N ASN B 1241 4.27 42.09 121.71
CA ASN B 1241 3.23 41.87 122.74
C ASN B 1241 3.15 40.37 122.95
N PHE B 1242 2.99 39.98 124.20
CA PHE B 1242 2.68 38.60 124.63
C PHE B 1242 1.27 38.66 125.20
N ASN B 1243 0.34 37.99 124.52
CA ASN B 1243 -1.09 37.95 124.90
C ASN B 1243 -1.47 36.47 125.04
N PRO B 1244 -1.44 35.93 126.28
CA PRO B 1244 -1.68 34.50 126.48
C PRO B 1244 -3.16 34.10 126.32
N ASP B 1245 -4.07 35.06 126.17
CA ASP B 1245 -5.48 34.79 125.78
C ASP B 1245 -5.58 34.30 124.33
N ASN B 1246 -4.60 34.59 123.49
CA ASN B 1246 -4.60 34.09 122.10
C ASN B 1246 -3.56 32.98 122.00
N GLY B 1247 -3.94 31.77 122.39
CA GLY B 1247 -3.02 30.64 122.50
C GLY B 1247 -2.42 30.22 121.19
N PHE B 1248 -3.14 30.42 120.10
CA PHE B 1248 -2.66 29.97 118.77
C PHE B 1248 -1.53 30.90 118.30
N ALA B 1249 -1.63 32.20 118.58
CA ALA B 1249 -0.59 33.18 118.18
C ALA B 1249 -0.49 34.23 119.27
N PRO B 1250 0.12 33.89 120.41
CA PRO B 1250 0.17 34.80 121.55
C PRO B 1250 1.12 35.98 121.34
N ILE B 1251 2.03 35.90 120.37
CA ILE B 1251 3.05 36.97 120.14
C ILE B 1251 2.64 37.79 118.91
N SER B 1252 2.55 39.10 119.10
CA SER B 1252 2.28 40.10 118.05
C SER B 1252 3.37 41.16 118.10
N GLU B 1253 3.91 41.54 116.94
CA GLU B 1253 4.94 42.60 116.86
C GLU B 1253 4.31 43.96 117.18
N VAL B 1254 5.03 44.78 117.91
CA VAL B 1254 4.67 46.20 118.19
C VAL B 1254 5.12 47.00 116.96
N MET B 1255 4.17 47.36 116.10
CA MET B 1255 4.44 47.95 114.76
C MET B 1255 4.55 49.47 114.90
N GLU B 1256 4.02 50.03 115.98
CA GLU B 1256 4.09 51.49 116.27
C GLU B 1256 5.57 51.85 116.49
N ASP B 1257 6.08 52.80 115.70
CA ASP B 1257 7.44 53.38 115.87
C ASP B 1257 8.50 52.36 115.42
N ARG B 1258 8.12 51.25 114.79
CA ARG B 1258 9.07 50.17 114.43
C ARG B 1258 10.04 50.69 113.36
N ASN B 1259 9.57 51.45 112.37
CA ASN B 1259 10.45 52.00 111.30
C ASN B 1259 11.37 53.06 111.90
N GLN B 1260 10.90 53.81 112.88
CA GLN B 1260 11.70 54.82 113.64
C GLN B 1260 12.82 54.10 114.41
N ARG B 1261 12.52 52.97 115.04
CA ARG B 1261 13.52 52.25 115.87
C ARG B 1261 14.63 51.74 114.95
N ILE B 1262 14.23 51.16 113.82
CA ILE B 1262 15.19 50.66 112.81
C ILE B 1262 16.03 51.84 112.30
N LYS B 1263 15.40 52.96 111.97
CA LYS B 1263 16.13 54.13 111.44
C LYS B 1263 17.14 54.64 112.46
N GLU B 1264 16.76 54.67 113.73
CA GLU B 1264 17.65 55.13 114.82
C GLU B 1264 18.92 54.26 114.85
N MET B 1265 18.79 52.95 114.64
CA MET B 1265 19.97 52.05 114.60
C MET B 1265 20.81 52.44 113.41
N TYR B 1266 20.19 52.48 112.23
CA TYR B 1266 20.92 52.73 110.97
C TYR B 1266 21.54 54.12 111.04
N TRP B 1267 20.87 55.06 111.69
CA TRP B 1267 21.45 56.42 111.84
C TRP B 1267 22.80 56.35 112.56
N LYS B 1268 22.85 55.63 113.69
CA LYS B 1268 24.07 55.48 114.51
C LYS B 1268 25.16 54.81 113.68
N LEU B 1269 24.79 53.88 112.80
CA LEU B 1269 25.78 53.11 112.02
C LEU B 1269 26.29 53.91 110.84
N TRP B 1270 25.47 54.81 110.28
CA TRP B 1270 25.78 55.44 108.98
C TRP B 1270 26.12 56.92 109.13
N ILE B 1271 25.40 57.64 109.98
CA ILE B 1271 25.48 59.13 110.05
C ILE B 1271 26.19 59.51 111.35
N ASP B 1272 27.07 60.51 111.29
CA ASP B 1272 27.87 61.02 112.44
C ASP B 1272 27.27 62.37 112.88
N GLU B 1273 25.94 62.40 113.05
CA GLU B 1273 25.16 63.62 113.38
C GLU B 1273 24.14 63.28 114.46
N PRO B 1274 23.50 64.27 115.11
CA PRO B 1274 22.36 64.01 115.99
C PRO B 1274 21.16 63.42 115.23
N PHE B 1275 20.54 62.38 115.80
CA PHE B 1275 19.38 61.66 115.21
C PHE B 1275 18.18 62.60 115.15
N ASN B 1276 17.81 63.01 113.92
CA ASN B 1276 16.63 63.86 113.64
C ASN B 1276 16.09 63.52 112.25
N LEU B 1277 14.93 62.87 112.21
CA LEU B 1277 14.22 62.43 110.99
C LEU B 1277 13.27 63.53 110.48
N ASP B 1278 13.12 64.62 111.23
CA ASP B 1278 12.27 65.79 110.87
C ASP B 1278 13.11 66.77 110.03
N PHE B 1279 13.33 66.43 108.77
CA PHE B 1279 13.85 67.33 107.72
C PHE B 1279 13.07 67.05 106.42
N ASP B 1280 13.09 67.99 105.49
CA ASP B 1280 12.23 67.95 104.27
C ASP B 1280 12.99 67.16 103.20
N PRO B 1281 12.39 66.10 102.62
CA PRO B 1281 12.99 65.40 101.49
C PRO B 1281 13.23 66.22 100.21
N ARG B 1282 12.65 67.43 100.13
CA ARG B 1282 12.86 68.40 99.03
C ARG B 1282 14.17 69.17 99.24
N ASP B 1283 14.59 69.34 100.50
CA ASP B 1283 15.77 70.17 100.86
C ASP B 1283 17.06 69.46 100.41
N VAL B 1284 18.10 70.25 100.16
CA VAL B 1284 19.46 69.77 99.82
C VAL B 1284 20.07 69.18 101.09
N ILE B 1285 20.76 68.04 100.97
CA ILE B 1285 21.53 67.46 102.10
C ILE B 1285 22.99 67.84 101.90
N LYS B 1286 23.57 68.54 102.87
CA LYS B 1286 24.98 69.01 102.85
C LYS B 1286 25.83 67.98 103.60
N GLY B 1287 26.63 67.20 102.88
CA GLY B 1287 27.67 66.34 103.47
C GLY B 1287 28.87 67.15 103.90
N LYS B 1288 29.62 66.66 104.89
CA LYS B 1288 30.83 67.35 105.43
C LYS B 1288 32.00 67.16 104.46
N ASP B 1289 32.92 68.13 104.45
CA ASP B 1289 34.13 68.11 103.57
C ASP B 1289 34.94 66.85 103.87
N PHE B 1290 35.45 66.22 102.83
CA PHE B 1290 36.23 64.96 102.88
C PHE B 1290 37.60 65.24 102.25
N GLU B 1291 38.67 64.95 102.98
CA GLU B 1291 40.05 65.01 102.46
C GLU B 1291 40.44 63.60 102.00
N ILE B 1292 40.82 63.47 100.74
CA ILE B 1292 41.26 62.18 100.13
C ILE B 1292 42.73 61.99 100.52
N THR B 1293 42.98 61.01 101.40
CA THR B 1293 44.34 60.64 101.89
C THR B 1293 44.81 59.40 101.11
N ALA B 1294 46.12 59.25 100.94
CA ALA B 1294 46.75 58.06 100.34
C ALA B 1294 46.25 56.80 101.07
N LYS B 1295 46.14 56.87 102.39
CA LYS B 1295 45.77 55.69 103.22
C LYS B 1295 44.36 55.20 102.85
N GLU B 1296 43.39 56.11 102.71
CA GLU B 1296 42.00 55.75 102.32
C GLU B 1296 42.01 55.14 100.91
N VAL B 1297 42.81 55.68 100.00
CA VAL B 1297 42.82 55.16 98.60
C VAL B 1297 43.39 53.74 98.60
N TYR B 1298 44.52 53.56 99.26
CA TYR B 1298 45.17 52.23 99.49
C TYR B 1298 44.13 51.24 100.00
N ASP B 1299 43.49 51.57 101.12
CA ASP B 1299 42.54 50.66 101.82
C ASP B 1299 41.36 50.36 100.87
N PHE B 1300 40.84 51.39 100.21
CA PHE B 1300 39.66 51.26 99.32
C PHE B 1300 40.03 50.34 98.16
N THR B 1301 41.14 50.63 97.47
CA THR B 1301 41.55 49.88 96.25
C THR B 1301 41.81 48.41 96.61
N HIS B 1302 42.38 48.15 97.78
CA HIS B 1302 42.63 46.75 98.25
C HIS B 1302 41.30 46.08 98.53
N ALA B 1303 40.39 46.76 99.26
CA ALA B 1303 39.05 46.24 99.60
C ALA B 1303 38.29 45.83 98.34
N VAL B 1304 38.44 46.55 97.22
CA VAL B 1304 37.62 46.28 96.00
C VAL B 1304 38.44 45.53 94.95
N GLY B 1305 39.73 45.31 95.19
CA GLY B 1305 40.57 44.56 94.24
C GLY B 1305 40.86 45.36 92.98
N ASN B 1306 41.13 46.66 93.13
CA ASN B 1306 41.49 47.57 92.01
C ASN B 1306 43.01 47.78 92.04
N ASN B 1307 43.72 47.12 91.13
CA ASN B 1307 45.21 47.10 91.07
C ASN B 1307 45.74 48.09 90.03
N CYS B 1308 44.92 49.02 89.55
CA CYS B 1308 45.30 50.06 88.56
C CYS B 1308 46.39 50.95 89.16
N GLU B 1309 47.46 51.19 88.40
CA GLU B 1309 48.68 51.91 88.84
C GLU B 1309 48.36 53.36 89.19
N ASP B 1310 47.32 53.98 88.61
CA ASP B 1310 46.99 55.41 88.88
C ASP B 1310 46.67 55.62 90.36
N PHE B 1311 46.21 54.58 91.06
CA PHE B 1311 45.78 54.69 92.48
C PHE B 1311 46.88 54.26 93.45
N VAL B 1312 48.05 53.93 92.93
CA VAL B 1312 49.19 53.38 93.72
C VAL B 1312 50.25 54.47 93.80
N SER B 1313 50.75 54.73 95.00
CA SER B 1313 51.88 55.67 95.22
C SER B 1313 53.06 55.21 94.36
N ARG B 1314 53.55 56.09 93.51
CA ARG B 1314 54.74 55.90 92.64
C ARG B 1314 55.57 57.16 92.75
N PRO B 1315 56.92 57.08 92.64
CA PRO B 1315 57.78 58.26 92.78
C PRO B 1315 57.52 59.29 91.67
N ASP B 1316 57.56 60.58 92.01
CA ASP B 1316 57.53 61.73 91.07
C ASP B 1316 56.21 61.70 90.29
N ARG B 1317 55.09 61.47 90.98
CA ARG B 1317 53.78 61.17 90.33
C ARG B 1317 52.65 61.25 91.36
N THR B 1318 51.54 61.91 91.02
CA THR B 1318 50.41 62.20 91.93
C THR B 1318 49.42 61.03 91.91
N MET B 1319 49.02 60.57 93.09
CA MET B 1319 48.13 59.41 93.28
C MET B 1319 46.67 59.86 93.06
N LEU B 1320 45.94 59.17 92.18
CA LEU B 1320 44.51 59.44 91.91
C LEU B 1320 43.66 58.62 92.86
N ALA B 1321 42.39 59.01 93.00
CA ALA B 1321 41.37 58.16 93.63
C ALA B 1321 40.51 57.59 92.52
N PRO B 1322 40.04 56.34 92.64
CA PRO B 1322 39.08 55.79 91.67
C PRO B 1322 37.73 56.52 91.79
N MET B 1323 36.95 56.57 90.71
CA MET B 1323 35.64 57.28 90.74
C MET B 1323 34.69 56.61 91.75
N ASP B 1324 34.82 55.29 91.96
CA ASP B 1324 34.11 54.52 93.02
C ASP B 1324 34.27 55.17 94.38
N PHE B 1325 35.42 55.80 94.60
CA PHE B 1325 35.74 56.52 95.86
C PHE B 1325 34.71 57.61 96.12
N ALA B 1326 33.96 58.05 95.10
CA ALA B 1326 32.86 59.05 95.22
C ALA B 1326 31.79 58.57 96.19
N ILE B 1327 31.51 57.26 96.23
CA ILE B 1327 30.46 56.70 97.14
C ILE B 1327 30.96 56.81 98.58
N VAL B 1328 32.27 56.76 98.80
CA VAL B 1328 32.87 56.84 100.16
C VAL B 1328 32.69 58.27 100.65
N VAL B 1329 32.99 59.22 99.78
CA VAL B 1329 32.91 60.68 100.10
C VAL B 1329 31.44 61.05 100.30
N GLY B 1330 30.55 60.48 99.48
CA GLY B 1330 29.17 60.96 99.36
C GLY B 1330 28.15 60.09 100.08
N TRP B 1331 28.53 58.92 100.58
CA TRP B 1331 27.61 57.93 101.19
C TRP B 1331 26.72 58.61 102.23
N ARG B 1332 27.29 59.39 103.13
CA ARG B 1332 26.56 59.95 104.30
C ARG B 1332 25.50 60.92 103.82
N ALA B 1333 25.83 61.79 102.87
CA ALA B 1333 24.89 62.75 102.25
C ALA B 1333 23.80 61.96 101.52
N ILE B 1334 24.21 61.06 100.63
CA ILE B 1334 23.29 60.27 99.77
C ILE B 1334 22.34 59.45 100.65
N ILE B 1335 22.87 58.68 101.59
CA ILE B 1335 22.04 57.71 102.35
C ILE B 1335 21.10 58.48 103.27
N LYS B 1336 21.46 59.67 103.71
CA LYS B 1336 20.61 60.50 104.59
C LYS B 1336 19.27 60.82 103.92
N ALA B 1337 19.21 60.72 102.60
CA ALA B 1337 18.00 61.02 101.79
C ALA B 1337 16.89 60.02 102.06
N ILE B 1338 17.20 58.75 102.33
CA ILE B 1338 16.14 57.73 102.58
C ILE B 1338 15.62 57.79 104.03
N PHE B 1339 16.05 58.74 104.86
CA PHE B 1339 15.70 58.77 106.32
C PHE B 1339 14.55 59.67 106.74
N PRO B 1340 14.20 60.78 106.04
CA PRO B 1340 13.20 61.69 106.58
C PRO B 1340 11.92 60.95 106.96
N ASN B 1341 11.22 61.48 107.97
CA ASN B 1341 9.92 60.97 108.46
C ASN B 1341 8.96 60.71 107.30
N THR B 1342 8.87 61.64 106.34
CA THR B 1342 7.91 61.58 105.20
C THR B 1342 8.32 60.50 104.19
N VAL B 1343 9.58 60.05 104.21
CA VAL B 1343 10.05 58.87 103.43
C VAL B 1343 10.05 57.67 104.40
N ASP B 1344 8.86 57.28 104.84
CA ASP B 1344 8.67 56.24 105.89
C ASP B 1344 8.78 54.87 105.22
N GLY B 1345 9.82 54.13 105.56
CA GLY B 1345 10.03 52.75 105.11
C GLY B 1345 10.86 51.97 106.11
N ASP B 1346 10.90 50.66 105.95
CA ASP B 1346 11.65 49.72 106.82
C ASP B 1346 13.04 49.52 106.20
N LEU B 1347 14.09 50.05 106.84
CA LEU B 1347 15.47 49.96 106.30
C LEU B 1347 15.97 48.52 106.22
N LEU B 1348 15.43 47.59 107.02
CA LEU B 1348 15.81 46.16 106.89
C LEU B 1348 15.33 45.58 105.55
N LYS B 1349 14.32 46.21 104.92
CA LYS B 1349 13.79 45.78 103.59
C LYS B 1349 14.30 46.73 102.50
N LEU B 1350 15.28 47.58 102.79
CA LEU B 1350 15.85 48.52 101.81
C LEU B 1350 16.64 47.72 100.78
N VAL B 1351 16.32 47.92 99.51
CA VAL B 1351 17.11 47.39 98.36
C VAL B 1351 17.78 48.59 97.68
N HIS B 1352 19.07 48.49 97.42
CA HIS B 1352 19.86 49.40 96.53
C HIS B 1352 19.66 48.92 95.08
N LEU B 1353 18.93 49.65 94.26
CA LEU B 1353 18.55 49.18 92.89
C LEU B 1353 19.69 49.44 91.91
N SER B 1354 20.35 50.56 92.07
CA SER B 1354 21.25 51.08 91.01
C SER B 1354 22.13 52.17 91.59
N ASN B 1355 23.31 52.24 91.04
CA ASN B 1355 24.27 53.31 91.35
C ASN B 1355 24.90 53.72 90.02
N GLY B 1356 25.34 54.96 89.96
CA GLY B 1356 25.93 55.51 88.73
C GLY B 1356 26.78 56.68 89.06
N TYR B 1357 27.88 56.82 88.34
CA TYR B 1357 28.79 57.98 88.45
C TYR B 1357 28.83 58.66 87.09
N LYS B 1358 29.02 59.98 87.10
CA LYS B 1358 29.15 60.77 85.86
C LYS B 1358 30.14 61.88 86.13
N MET B 1359 31.27 61.85 85.44
CA MET B 1359 32.25 62.94 85.53
C MET B 1359 31.63 64.13 84.79
N ILE B 1360 31.70 65.28 85.42
CA ILE B 1360 31.31 66.55 84.75
C ILE B 1360 32.35 66.86 83.68
N PRO B 1361 31.93 67.11 82.42
CA PRO B 1361 32.87 67.44 81.33
C PRO B 1361 33.88 68.53 81.75
N GLY B 1362 35.16 68.29 81.45
CA GLY B 1362 36.27 69.18 81.82
C GLY B 1362 36.90 68.82 83.15
N ALA B 1363 36.15 68.20 84.07
CA ALA B 1363 36.61 67.94 85.46
C ALA B 1363 37.63 66.80 85.46
N LYS B 1364 38.76 67.02 86.13
CA LYS B 1364 39.84 66.01 86.27
C LYS B 1364 39.42 65.03 87.36
N PRO B 1365 39.89 63.76 87.31
CA PRO B 1365 39.56 62.78 88.34
C PRO B 1365 40.02 63.21 89.74
N LEU B 1366 39.38 62.65 90.78
CA LEU B 1366 39.74 62.90 92.20
C LEU B 1366 41.18 62.47 92.44
N GLN B 1367 41.91 63.23 93.26
CA GLN B 1367 43.34 63.01 93.59
C GLN B 1367 43.49 62.97 95.11
N VAL B 1368 44.54 62.29 95.57
CA VAL B 1368 45.02 62.42 96.96
C VAL B 1368 45.27 63.92 97.20
N GLY B 1369 44.82 64.44 98.35
CA GLY B 1369 44.99 65.84 98.77
C GLY B 1369 43.72 66.65 98.55
N ASP B 1370 42.93 66.32 97.53
CA ASP B 1370 41.66 67.01 97.17
C ASP B 1370 40.73 67.06 98.39
N VAL B 1371 40.24 68.25 98.72
CA VAL B 1371 39.13 68.45 99.68
C VAL B 1371 37.84 68.49 98.88
N VAL B 1372 37.01 67.46 99.04
CA VAL B 1372 35.78 67.24 98.24
C VAL B 1372 34.58 67.51 99.15
N SER B 1373 33.71 68.42 98.73
CA SER B 1373 32.41 68.71 99.36
C SER B 1373 31.35 67.92 98.58
N THR B 1374 30.29 67.51 99.27
CA THR B 1374 29.20 66.70 98.69
C THR B 1374 27.87 67.37 99.05
N THR B 1375 26.99 67.39 98.07
CA THR B 1375 25.57 67.79 98.21
C THR B 1375 24.78 66.61 97.69
N ALA B 1376 23.61 66.36 98.24
CA ALA B 1376 22.69 65.33 97.73
C ALA B 1376 21.28 65.90 97.72
N VAL B 1377 20.54 65.53 96.70
CA VAL B 1377 19.11 65.94 96.60
C VAL B 1377 18.30 64.70 96.23
N ILE B 1378 17.09 64.58 96.76
CA ILE B 1378 16.14 63.54 96.27
C ILE B 1378 15.54 64.06 94.96
N GLU B 1379 15.86 63.40 93.86
CA GLU B 1379 15.31 63.69 92.51
C GLU B 1379 13.82 63.32 92.55
N SER B 1380 13.53 62.09 92.98
CA SER B 1380 12.20 61.45 92.93
C SER B 1380 11.99 60.55 94.16
N VAL B 1381 10.77 60.57 94.72
CA VAL B 1381 10.28 59.49 95.64
C VAL B 1381 8.86 59.16 95.20
N VAL B 1382 8.63 57.95 94.70
CA VAL B 1382 7.34 57.54 94.11
C VAL B 1382 6.93 56.18 94.69
N ASN B 1383 5.66 56.08 95.05
CA ASN B 1383 4.98 54.85 95.51
C ASN B 1383 4.63 54.02 94.29
N GLN B 1384 5.27 52.87 94.16
CA GLN B 1384 4.97 51.85 93.15
C GLN B 1384 4.14 50.79 93.82
N PRO B 1385 3.44 49.92 93.06
CA PRO B 1385 2.70 48.81 93.67
C PRO B 1385 3.48 48.00 94.72
N THR B 1386 4.76 47.69 94.47
CA THR B 1386 5.59 46.75 95.26
C THR B 1386 6.46 47.47 96.31
N GLY B 1387 6.43 48.79 96.38
CA GLY B 1387 7.34 49.57 97.24
C GLY B 1387 7.59 50.98 96.76
N LYS B 1388 8.32 51.74 97.56
CA LYS B 1388 8.65 53.17 97.36
C LYS B 1388 10.07 53.26 96.77
N ILE B 1389 10.22 53.88 95.59
CA ILE B 1389 11.54 54.14 94.98
C ILE B 1389 12.00 55.52 95.43
N VAL B 1390 13.25 55.64 95.83
CA VAL B 1390 13.90 56.93 96.15
C VAL B 1390 15.10 57.06 95.23
N ASP B 1391 15.12 58.14 94.43
CA ASP B 1391 16.19 58.44 93.46
C ASP B 1391 16.95 59.63 94.03
N VAL B 1392 18.24 59.46 94.26
CA VAL B 1392 19.09 60.47 94.96
C VAL B 1392 20.17 60.86 93.98
N VAL B 1393 20.52 62.13 93.95
CA VAL B 1393 21.61 62.66 93.09
C VAL B 1393 22.58 63.36 94.02
N GLY B 1394 23.80 62.85 94.08
CA GLY B 1394 24.89 63.48 94.84
C GLY B 1394 25.74 64.26 93.89
N THR B 1395 26.25 65.39 94.33
CA THR B 1395 27.21 66.21 93.53
C THR B 1395 28.45 66.38 94.39
N LEU B 1396 29.57 65.88 93.90
CA LEU B 1396 30.89 66.07 94.51
C LEU B 1396 31.52 67.29 93.85
N SER B 1397 32.04 68.18 94.66
CA SER B 1397 32.65 69.46 94.26
C SER B 1397 34.02 69.58 94.92
N ARG B 1398 34.90 70.31 94.27
CA ARG B 1398 36.28 70.56 94.71
C ARG B 1398 36.66 71.96 94.23
N ASN B 1399 37.17 72.80 95.14
CA ASN B 1399 37.55 74.21 94.85
C ASN B 1399 36.34 74.96 94.27
N GLY B 1400 35.15 74.71 94.80
CA GLY B 1400 33.89 75.35 94.35
C GLY B 1400 33.27 74.70 93.11
N LYS B 1401 34.06 74.08 92.23
CA LYS B 1401 33.61 73.53 90.92
C LYS B 1401 33.10 72.11 91.12
N PRO B 1402 31.98 71.70 90.48
CA PRO B 1402 31.50 70.32 90.58
C PRO B 1402 32.38 69.36 89.76
N VAL B 1403 32.71 68.20 90.35
CA VAL B 1403 33.60 67.17 89.76
C VAL B 1403 32.75 66.07 89.17
N MET B 1404 31.80 65.54 89.93
CA MET B 1404 31.04 64.36 89.46
C MET B 1404 29.68 64.26 90.14
N GLU B 1405 28.75 63.59 89.45
CA GLU B 1405 27.40 63.29 89.99
C GLU B 1405 27.32 61.79 90.31
N VAL B 1406 26.90 61.46 91.53
CA VAL B 1406 26.57 60.07 91.96
C VAL B 1406 25.06 59.94 91.95
N THR B 1407 24.51 58.99 91.20
CA THR B 1407 23.05 58.68 91.14
C THR B 1407 22.82 57.35 91.84
N SER B 1408 21.99 57.35 92.87
CA SER B 1408 21.62 56.12 93.63
C SER B 1408 20.11 55.99 93.63
N SER B 1409 19.62 54.81 93.26
CA SER B 1409 18.20 54.44 93.39
C SER B 1409 18.02 53.40 94.50
N PHE B 1410 17.20 53.72 95.50
CA PHE B 1410 16.85 52.88 96.66
C PHE B 1410 15.37 52.54 96.63
N PHE B 1411 15.05 51.35 97.11
CA PHE B 1411 13.70 50.75 97.08
C PHE B 1411 13.33 50.26 98.48
N TYR B 1412 12.39 50.94 99.12
CA TYR B 1412 11.70 50.44 100.32
C TYR B 1412 10.58 49.49 99.89
N ARG B 1413 10.87 48.18 99.91
CA ARG B 1413 9.85 47.12 99.67
C ARG B 1413 8.73 47.30 100.69
N GLY B 1414 7.49 47.29 100.23
CA GLY B 1414 6.33 47.50 101.12
C GLY B 1414 5.12 48.00 100.37
N ASN B 1415 4.08 48.30 101.12
CA ASN B 1415 2.81 48.87 100.63
C ASN B 1415 2.73 50.28 101.18
N TYR B 1416 2.87 51.28 100.31
CA TYR B 1416 2.90 52.72 100.67
C TYR B 1416 1.79 53.41 99.86
N THR B 1417 1.00 54.26 100.55
CA THR B 1417 -0.19 54.94 100.00
C THR B 1417 -0.19 56.42 100.41
N ASP B 1418 0.99 56.94 100.82
CA ASP B 1418 1.20 58.31 101.33
C ASP B 1418 1.61 59.17 100.13
N PHE B 1419 0.70 59.36 99.18
CA PHE B 1419 0.99 60.00 97.87
C PHE B 1419 1.31 61.49 98.04
N GLU B 1420 0.92 62.12 99.14
CA GLU B 1420 1.20 63.55 99.42
C GLU B 1420 2.70 63.79 99.64
N ASN B 1421 3.46 62.73 99.91
CA ASN B 1421 4.92 62.83 100.20
C ASN B 1421 5.73 62.47 98.98
N THR B 1422 5.07 62.06 97.89
CA THR B 1422 5.75 61.60 96.67
C THR B 1422 5.90 62.77 95.67
N PHE B 1423 6.84 62.62 94.75
CA PHE B 1423 7.17 63.60 93.70
C PHE B 1423 8.18 62.96 92.77
N GLN B 1424 8.23 63.44 91.54
CA GLN B 1424 9.12 62.88 90.51
C GLN B 1424 9.57 64.02 89.61
N LYS B 1425 10.89 64.18 89.49
CA LYS B 1425 11.52 65.07 88.50
C LYS B 1425 12.13 64.16 87.43
N THR B 1426 11.77 64.39 86.17
CA THR B 1426 12.33 63.69 84.99
C THR B 1426 13.00 64.75 84.10
N VAL B 1427 14.24 64.51 83.69
CA VAL B 1427 14.87 65.23 82.54
C VAL B 1427 14.42 64.49 81.29
N GLU B 1428 13.61 65.14 80.46
CA GLU B 1428 12.99 64.49 79.28
C GLU B 1428 14.07 64.35 78.23
N PRO B 1429 13.96 63.38 77.30
CA PRO B 1429 14.83 63.35 76.14
C PRO B 1429 14.62 64.64 75.33
N VAL B 1430 15.67 65.12 74.67
CA VAL B 1430 15.57 66.32 73.78
C VAL B 1430 14.72 65.92 72.57
N TYR B 1431 13.64 66.67 72.32
CA TYR B 1431 12.77 66.50 71.14
C TYR B 1431 13.13 67.57 70.11
N GLN B 1432 13.15 67.17 68.85
CA GLN B 1432 13.46 68.04 67.68
C GLN B 1432 12.24 68.09 66.76
N MET B 1433 11.83 69.29 66.37
CA MET B 1433 10.83 69.51 65.29
C MET B 1433 11.47 70.31 64.15
N HIS B 1434 11.41 69.78 62.94
CA HIS B 1434 11.64 70.52 61.67
C HIS B 1434 10.33 71.20 61.28
N ILE B 1435 10.22 72.53 61.42
CA ILE B 1435 9.01 73.31 61.04
C ILE B 1435 9.06 73.53 59.52
N LYS B 1436 8.34 72.72 58.75
CA LYS B 1436 8.36 72.70 57.26
C LYS B 1436 7.28 73.63 56.70
N THR B 1437 6.08 73.63 57.30
CA THR B 1437 4.86 74.33 56.79
C THR B 1437 4.35 75.35 57.83
N SER B 1438 3.39 76.17 57.43
CA SER B 1438 2.70 77.19 58.27
C SER B 1438 1.62 76.54 59.13
N LYS B 1439 1.23 75.31 58.84
CA LYS B 1439 0.28 74.50 59.64
C LYS B 1439 0.97 74.12 60.96
N ASP B 1440 2.19 73.57 60.87
CA ASP B 1440 3.09 73.24 62.01
C ASP B 1440 3.24 74.45 62.93
N ILE B 1441 3.43 75.65 62.38
CA ILE B 1441 3.57 76.92 63.15
C ILE B 1441 2.28 77.20 63.90
N ALA B 1442 1.13 77.04 63.24
CA ALA B 1442 -0.21 77.34 63.81
C ALA B 1442 -0.50 76.36 64.95
N VAL B 1443 -0.19 75.08 64.74
CA VAL B 1443 -0.35 73.99 65.75
C VAL B 1443 0.52 74.31 66.98
N LEU B 1444 1.73 74.84 66.80
CA LEU B 1444 2.61 75.23 67.93
C LEU B 1444 2.05 76.46 68.63
N ARG B 1445 1.59 77.47 67.89
CA ARG B 1445 1.03 78.71 68.49
C ARG B 1445 -0.29 78.41 69.21
N SER B 1446 -0.97 77.31 68.87
CA SER B 1446 -2.23 76.89 69.55
C SER B 1446 -1.94 76.40 70.99
N LYS B 1447 -0.70 75.98 71.27
CA LYS B 1447 -0.23 75.51 72.60
C LYS B 1447 0.18 76.71 73.46
N GLU B 1448 -0.48 76.90 74.60
CA GLU B 1448 -0.19 77.99 75.56
C GLU B 1448 1.26 77.87 76.08
N TRP B 1449 1.70 76.63 76.30
CA TRP B 1449 3.04 76.31 76.87
C TRP B 1449 4.17 76.75 75.96
N PHE B 1450 3.95 76.80 74.64
CA PHE B 1450 4.93 77.28 73.64
C PHE B 1450 5.05 78.80 73.69
N GLN B 1451 6.16 79.32 74.22
CA GLN B 1451 6.30 80.75 74.60
C GLN B 1451 7.58 81.34 74.04
N LEU B 1452 7.51 81.86 72.83
CA LEU B 1452 8.67 82.54 72.18
C LEU B 1452 8.96 83.82 72.95
N ASP B 1453 10.25 84.17 73.03
CA ASP B 1453 10.75 85.45 73.60
C ASP B 1453 10.28 86.59 72.69
N ASP B 1454 10.55 86.45 71.39
CA ASP B 1454 10.10 87.35 70.30
C ASP B 1454 8.92 86.67 69.58
N GLU B 1455 7.69 87.13 69.82
CA GLU B 1455 6.44 86.55 69.26
C GLU B 1455 6.49 86.56 67.71
N ASP B 1456 7.15 87.54 67.10
CA ASP B 1456 7.22 87.68 65.61
C ASP B 1456 8.40 86.89 65.03
N PHE B 1457 9.03 85.99 65.81
CA PHE B 1457 10.13 85.09 65.35
C PHE B 1457 9.59 84.25 64.18
N ASP B 1458 10.41 84.06 63.14
CA ASP B 1458 10.03 83.30 61.92
C ASP B 1458 10.46 81.84 62.09
N LEU B 1459 9.49 80.96 62.32
CA LEU B 1459 9.74 79.52 62.61
C LEU B 1459 9.90 78.72 61.31
N LEU B 1460 9.45 79.26 60.17
CA LEU B 1460 9.37 78.47 58.91
C LEU B 1460 10.78 78.03 58.49
N ASN B 1461 10.94 76.73 58.19
CA ASN B 1461 12.19 76.07 57.71
C ASN B 1461 13.21 75.90 58.86
N LYS B 1462 12.88 76.31 60.08
CA LYS B 1462 13.78 76.19 61.26
C LYS B 1462 13.63 74.81 61.91
N THR B 1463 14.71 74.33 62.51
CA THR B 1463 14.75 73.13 63.36
C THR B 1463 14.73 73.59 64.81
N LEU B 1464 13.72 73.18 65.56
CA LEU B 1464 13.57 73.55 66.98
C LEU B 1464 13.96 72.34 67.81
N THR B 1465 14.56 72.60 68.96
CA THR B 1465 14.82 71.55 69.99
C THR B 1465 14.19 72.00 71.29
N PHE B 1466 13.54 71.06 71.96
CA PHE B 1466 12.85 71.25 73.25
C PHE B 1466 13.61 70.45 74.30
N GLU B 1467 14.22 71.14 75.26
CA GLU B 1467 14.98 70.54 76.39
C GLU B 1467 14.16 70.75 77.66
N THR B 1468 13.23 69.84 77.91
CA THR B 1468 12.20 69.96 78.96
C THR B 1468 12.59 69.08 80.17
N GLU B 1469 12.14 69.50 81.34
CA GLU B 1469 12.12 68.75 82.62
C GLU B 1469 10.68 68.74 83.11
N THR B 1470 10.20 67.58 83.56
CA THR B 1470 8.84 67.38 84.10
C THR B 1470 8.94 67.16 85.61
N GLU B 1471 8.37 68.08 86.40
CA GLU B 1471 8.11 67.92 87.85
C GLU B 1471 6.66 67.50 88.03
N VAL B 1472 6.45 66.39 88.73
CA VAL B 1472 5.11 65.80 89.01
C VAL B 1472 4.96 65.62 90.52
N THR B 1473 3.74 65.82 91.05
CA THR B 1473 3.30 65.39 92.39
C THR B 1473 2.07 64.51 92.21
N PHE B 1474 1.91 63.49 93.06
CA PHE B 1474 0.89 62.43 92.89
C PHE B 1474 -0.29 62.70 93.83
N LYS B 1475 -1.50 62.41 93.33
CA LYS B 1475 -2.74 62.33 94.14
C LYS B 1475 -2.91 60.87 94.52
N ASN B 1476 -2.70 59.97 93.56
CA ASN B 1476 -2.73 58.51 93.74
C ASN B 1476 -1.80 57.88 92.69
N ALA B 1477 -1.83 56.55 92.55
CA ALA B 1477 -0.91 55.76 91.69
C ALA B 1477 -0.92 56.29 90.24
N ASN B 1478 -2.09 56.59 89.67
CA ASN B 1478 -2.30 56.85 88.22
C ASN B 1478 -2.46 58.34 87.92
N ILE B 1479 -3.14 59.09 88.79
CA ILE B 1479 -3.45 60.54 88.59
C ILE B 1479 -2.39 61.39 89.28
N PHE B 1480 -1.80 62.34 88.55
CA PHE B 1480 -0.92 63.39 89.09
C PHE B 1480 -1.79 64.46 89.72
N SER B 1481 -1.33 65.06 90.82
CA SER B 1481 -1.96 66.20 91.51
C SER B 1481 -1.40 67.51 90.95
N SER B 1482 -0.29 67.43 90.25
CA SER B 1482 0.37 68.60 89.62
C SER B 1482 1.32 68.11 88.53
N VAL B 1483 1.41 68.87 87.44
CA VAL B 1483 2.40 68.64 86.36
C VAL B 1483 3.02 69.99 86.05
N LYS B 1484 4.34 70.05 86.06
CA LYS B 1484 5.16 71.17 85.56
C LYS B 1484 6.04 70.58 84.46
N CYS B 1485 6.05 71.21 83.29
CA CYS B 1485 6.96 70.88 82.17
C CYS B 1485 7.52 72.21 81.71
N PHE B 1486 8.83 72.39 81.81
CA PHE B 1486 9.52 73.69 81.58
C PHE B 1486 10.89 73.38 80.97
N GLY B 1487 11.49 74.40 80.37
CA GLY B 1487 12.82 74.27 79.75
C GLY B 1487 12.91 75.09 78.47
N PRO B 1488 14.14 75.32 77.99
CA PRO B 1488 14.36 76.12 76.79
C PRO B 1488 13.89 75.46 75.48
N ILE B 1489 13.41 76.31 74.58
CA ILE B 1489 13.19 76.00 73.14
C ILE B 1489 14.36 76.67 72.42
N LYS B 1490 15.03 75.91 71.58
CA LYS B 1490 16.26 76.39 70.92
C LYS B 1490 16.06 76.24 69.42
N VAL B 1491 16.52 77.22 68.66
CA VAL B 1491 16.54 77.11 67.17
C VAL B 1491 17.96 76.72 66.76
N GLU B 1492 18.08 75.83 65.79
CA GLU B 1492 19.37 75.51 65.13
C GLU B 1492 19.76 76.66 64.18
N LEU B 1493 20.94 77.25 64.37
CA LEU B 1493 21.54 78.29 63.50
C LEU B 1493 22.19 77.61 62.30
N PRO B 1494 22.59 78.36 61.24
CA PRO B 1494 23.28 77.77 60.09
C PRO B 1494 24.58 77.00 60.41
N THR B 1495 25.28 77.37 61.48
CA THR B 1495 26.52 76.69 61.98
C THR B 1495 26.18 75.40 62.76
N LYS B 1496 24.91 75.01 62.86
CA LYS B 1496 24.40 73.83 63.63
C LYS B 1496 24.48 74.09 65.16
N GLU B 1497 24.95 75.26 65.59
CA GLU B 1497 24.80 75.71 67.00
C GLU B 1497 23.31 75.89 67.28
N THR B 1498 22.87 75.64 68.51
CA THR B 1498 21.47 75.88 68.96
C THR B 1498 21.50 77.02 69.97
N VAL B 1499 20.56 77.97 69.83
CA VAL B 1499 20.40 79.15 70.71
C VAL B 1499 18.93 79.21 71.17
N GLU B 1500 18.71 79.74 72.36
CA GLU B 1500 17.40 79.82 73.02
C GLU B 1500 16.58 80.91 72.34
N ILE B 1501 15.38 80.55 71.87
CA ILE B 1501 14.38 81.51 71.31
C ILE B 1501 13.10 81.56 72.16
N GLY B 1502 12.96 80.71 73.17
CA GLY B 1502 11.79 80.75 74.06
C GLY B 1502 11.83 79.66 75.12
N ILE B 1503 10.70 79.45 75.79
CA ILE B 1503 10.59 78.39 76.82
C ILE B 1503 9.34 77.55 76.55
N VAL B 1504 9.41 76.26 76.88
CA VAL B 1504 8.22 75.48 77.30
C VAL B 1504 7.89 75.95 78.71
N ASP B 1505 6.61 76.23 79.00
CA ASP B 1505 6.13 76.57 80.37
C ASP B 1505 4.70 76.07 80.54
N TYR B 1506 4.58 74.79 80.88
CA TYR B 1506 3.31 74.09 81.18
C TYR B 1506 3.17 73.84 82.67
N GLU B 1507 1.99 74.14 83.21
CA GLU B 1507 1.64 74.04 84.65
C GLU B 1507 0.17 73.64 84.73
N ALA B 1508 -0.11 72.43 85.21
CA ALA B 1508 -1.47 71.87 85.42
C ALA B 1508 -1.62 71.36 86.86
N GLY B 1509 -2.84 71.35 87.38
CA GLY B 1509 -3.23 70.56 88.56
C GLY B 1509 -3.49 69.12 88.18
N ALA B 1510 -4.57 68.53 88.70
CA ALA B 1510 -4.93 67.11 88.52
C ALA B 1510 -4.91 66.75 87.03
N SER B 1511 -4.22 65.67 86.67
CA SER B 1511 -3.95 65.26 85.27
C SER B 1511 -3.59 63.78 85.24
N HIS B 1512 -3.72 63.14 84.08
CA HIS B 1512 -3.39 61.72 83.84
C HIS B 1512 -2.12 61.63 83.01
N GLY B 1513 -1.48 62.76 82.70
CA GLY B 1513 -0.40 62.77 81.70
C GLY B 1513 0.18 64.14 81.47
N ASN B 1514 1.29 64.16 80.74
CA ASN B 1514 2.00 65.38 80.33
C ASN B 1514 1.67 65.56 78.85
N PRO B 1515 0.85 66.57 78.48
CA PRO B 1515 0.51 66.80 77.08
C PRO B 1515 1.68 67.36 76.28
N VAL B 1516 2.55 68.18 76.91
CA VAL B 1516 3.77 68.72 76.24
C VAL B 1516 4.57 67.58 75.60
N VAL B 1517 4.96 66.59 76.40
CA VAL B 1517 5.85 65.48 75.96
C VAL B 1517 5.06 64.61 74.97
N ASP B 1518 3.76 64.43 75.20
CA ASP B 1518 2.92 63.62 74.29
C ASP B 1518 2.94 64.26 72.90
N PHE B 1519 2.71 65.57 72.85
CA PHE B 1519 2.81 66.40 71.61
C PHE B 1519 4.19 66.19 70.96
N LEU B 1520 5.26 66.46 71.71
CA LEU B 1520 6.64 66.40 71.14
C LEU B 1520 6.98 64.98 70.68
N LYS B 1521 6.49 63.93 71.35
CA LYS B 1521 6.75 62.54 70.92
C LYS B 1521 6.09 62.29 69.56
N ARG B 1522 4.82 62.68 69.41
CA ARG B 1522 3.99 62.42 68.21
C ARG B 1522 4.57 63.21 67.02
N ASN B 1523 4.87 64.50 67.24
CA ASN B 1523 5.18 65.49 66.18
C ASN B 1523 6.67 65.61 65.92
N GLY B 1524 7.48 65.65 66.97
CA GLY B 1524 8.95 65.77 66.86
C GLY B 1524 9.61 64.41 66.77
N SER B 1525 10.94 64.41 66.68
CA SER B 1525 11.81 63.21 66.80
C SER B 1525 12.62 63.34 68.10
N THR B 1526 12.92 62.21 68.73
CA THR B 1526 13.80 62.12 69.93
C THR B 1526 15.25 62.23 69.46
N LEU B 1527 16.03 63.17 70.01
CA LEU B 1527 17.50 63.22 69.79
C LEU B 1527 18.16 62.28 70.80
N GLU B 1528 18.73 61.17 70.30
CA GLU B 1528 19.43 60.16 71.15
C GLU B 1528 20.93 60.48 71.08
N GLN B 1529 21.55 60.81 72.23
CA GLN B 1529 23.01 61.01 72.36
C GLN B 1529 23.75 59.69 72.10
N LYS B 1530 23.20 58.54 72.54
CA LYS B 1530 23.82 57.21 72.36
C LYS B 1530 23.52 56.68 70.98
N VAL B 1531 24.54 56.21 70.28
CA VAL B 1531 24.45 55.66 68.90
C VAL B 1531 25.07 54.28 68.93
N ASN B 1532 24.30 53.26 68.55
CA ASN B 1532 24.76 51.86 68.60
C ASN B 1532 25.69 51.63 67.42
N LEU B 1533 26.74 50.86 67.64
CA LEU B 1533 27.58 50.34 66.55
C LEU B 1533 26.72 49.38 65.74
N GLU B 1534 27.15 49.12 64.51
CA GLU B 1534 26.55 48.10 63.60
C GLU B 1534 26.44 46.78 64.36
N ASN B 1535 27.53 46.34 65.00
CA ASN B 1535 27.61 45.09 65.80
C ASN B 1535 28.39 45.35 67.08
N PRO B 1536 27.97 44.80 68.25
CA PRO B 1536 28.75 44.94 69.47
C PRO B 1536 30.12 44.27 69.30
N ILE B 1537 31.17 44.90 69.81
CA ILE B 1537 32.56 44.37 69.79
C ILE B 1537 32.85 43.77 71.17
N PRO B 1538 32.90 42.42 71.31
CA PRO B 1538 33.36 41.79 72.53
C PRO B 1538 34.72 42.35 72.96
N ILE B 1539 34.85 42.73 74.23
CA ILE B 1539 36.11 43.22 74.85
C ILE B 1539 36.73 42.10 75.68
N ALA B 1540 35.97 41.47 76.60
CA ALA B 1540 36.50 40.46 77.54
C ALA B 1540 35.38 39.73 78.26
N VAL B 1541 35.66 38.48 78.64
CA VAL B 1541 34.83 37.71 79.62
C VAL B 1541 35.73 37.41 80.81
N LEU B 1542 35.49 38.08 81.94
CA LEU B 1542 36.43 38.14 83.08
C LEU B 1542 35.81 37.50 84.33
N ASP B 1543 36.58 36.63 84.98
CA ASP B 1543 36.20 36.01 86.28
C ASP B 1543 36.65 36.97 87.38
N SER B 1544 35.82 37.09 88.40
CA SER B 1544 36.13 37.79 89.67
C SER B 1544 35.48 37.03 90.83
N TYR B 1545 35.86 37.36 92.04
CA TYR B 1545 35.37 36.72 93.27
C TYR B 1545 34.89 37.81 94.23
N THR B 1546 33.83 37.54 94.95
CA THR B 1546 33.43 38.35 96.12
C THR B 1546 34.25 37.87 97.31
N PRO B 1547 34.67 38.77 98.20
CA PRO B 1547 35.53 38.39 99.32
C PRO B 1547 34.77 37.48 100.29
N SER B 1548 35.50 36.73 101.12
CA SER B 1548 34.99 35.79 102.15
C SER B 1548 34.26 36.57 103.25
N THR B 1549 34.64 37.83 103.44
CA THR B 1549 34.14 38.74 104.50
C THR B 1549 33.80 40.09 103.85
N ASN B 1550 32.76 40.75 104.37
CA ASN B 1550 32.30 42.08 103.90
C ASN B 1550 32.75 43.16 104.87
N GLU B 1551 33.57 42.83 105.87
CA GLU B 1551 34.03 43.83 106.87
C GLU B 1551 35.06 44.80 106.26
N PRO B 1552 36.02 44.34 105.42
CA PRO B 1552 36.97 45.28 104.81
C PRO B 1552 36.24 46.35 103.99
N TYR B 1553 35.31 45.96 103.10
CA TYR B 1553 34.56 46.93 102.27
C TYR B 1553 33.73 47.81 103.20
N ALA B 1554 33.07 47.22 104.20
CA ALA B 1554 32.27 47.95 105.20
C ALA B 1554 33.13 49.04 105.83
N ARG B 1555 34.39 48.75 106.14
CA ARG B 1555 35.26 49.70 106.89
C ARG B 1555 35.63 50.90 106.01
N VAL B 1556 36.08 50.64 104.79
CA VAL B 1556 36.56 51.71 103.87
C VAL B 1556 35.36 52.54 103.37
N SER B 1557 34.24 51.89 103.05
CA SER B 1557 33.01 52.55 102.50
C SER B 1557 32.20 53.31 103.55
N GLY B 1558 32.26 52.92 104.82
CA GLY B 1558 31.37 53.45 105.87
C GLY B 1558 29.98 52.85 105.81
N ASP B 1559 29.77 51.82 104.98
CA ASP B 1559 28.48 51.12 104.85
C ASP B 1559 28.46 49.96 105.87
N LEU B 1560 28.14 50.30 107.11
CA LEU B 1560 28.09 49.38 108.27
C LEU B 1560 26.71 48.74 108.35
N ASN B 1561 26.05 48.51 107.22
CA ASN B 1561 24.72 47.86 107.21
C ASN B 1561 24.89 46.45 107.80
N PRO B 1562 24.21 46.10 108.91
CA PRO B 1562 24.40 44.79 109.53
C PRO B 1562 24.15 43.58 108.64
N ILE B 1563 23.34 43.72 107.59
CA ILE B 1563 22.94 42.58 106.73
C ILE B 1563 24.17 42.02 106.01
N HIS B 1564 25.24 42.80 105.87
CA HIS B 1564 26.45 42.34 105.13
C HIS B 1564 27.40 41.60 106.06
N VAL B 1565 27.32 41.81 107.38
CA VAL B 1565 28.34 41.33 108.35
C VAL B 1565 27.74 40.42 109.45
N SER B 1566 26.48 40.60 109.84
CA SER B 1566 25.85 39.96 111.03
C SER B 1566 24.80 38.96 110.58
N ARG B 1567 25.08 37.67 110.72
CA ARG B 1567 24.17 36.53 110.43
C ARG B 1567 22.76 36.83 110.95
N HIS B 1568 22.63 37.36 112.16
CA HIS B 1568 21.28 37.50 112.80
C HIS B 1568 20.43 38.52 112.04
N PHE B 1569 20.99 39.67 111.67
CA PHE B 1569 20.27 40.72 110.90
C PHE B 1569 19.93 40.20 109.52
N ALA B 1570 20.87 39.53 108.87
CA ALA B 1570 20.62 38.98 107.53
C ALA B 1570 19.45 37.99 107.61
N SER B 1571 19.40 37.14 108.64
CA SER B 1571 18.32 36.15 108.90
C SER B 1571 17.01 36.90 109.16
N TYR B 1572 17.02 37.90 110.03
CA TYR B 1572 15.81 38.66 110.37
C TYR B 1572 15.24 39.34 109.11
N ALA B 1573 16.11 39.78 108.21
CA ALA B 1573 15.78 40.53 106.97
C ALA B 1573 15.43 39.55 105.83
N ASN B 1574 15.47 38.24 106.10
CA ASN B 1574 15.02 37.16 105.21
C ASN B 1574 15.96 37.04 104.02
N LEU B 1575 17.24 37.38 104.21
CA LEU B 1575 18.25 37.27 103.13
C LEU B 1575 18.84 35.86 103.14
N PRO B 1576 19.45 35.42 102.01
CA PRO B 1576 20.09 34.10 101.95
C PRO B 1576 21.39 33.96 102.76
N GLY B 1577 21.82 35.03 103.44
CA GLY B 1577 23.04 35.07 104.24
C GLY B 1577 23.56 36.49 104.30
N THR B 1578 24.79 36.68 104.76
CA THR B 1578 25.45 38.00 104.88
C THR B 1578 25.95 38.42 103.50
N ILE B 1579 25.05 39.01 102.72
CA ILE B 1579 25.24 39.28 101.27
C ILE B 1579 26.39 40.27 101.06
N THR B 1580 27.12 40.10 99.97
CA THR B 1580 28.12 41.08 99.48
C THR B 1580 27.44 42.43 99.28
N HIS B 1581 28.06 43.52 99.76
CA HIS B 1581 27.73 44.91 99.38
C HIS B 1581 27.57 44.99 97.85
N GLY B 1582 26.43 45.45 97.36
CA GLY B 1582 26.24 45.76 95.93
C GLY B 1582 27.36 46.67 95.44
N MET B 1583 27.74 47.65 96.26
CA MET B 1583 28.77 48.64 95.93
C MET B 1583 30.17 48.02 95.85
N PHE B 1584 30.39 46.86 96.46
CA PHE B 1584 31.65 46.11 96.30
C PHE B 1584 31.66 45.57 94.87
N SER B 1585 30.58 44.90 94.48
CA SER B 1585 30.44 44.32 93.12
C SER B 1585 30.56 45.42 92.06
N SER B 1586 30.04 46.61 92.33
CA SER B 1586 30.11 47.81 91.45
C SER B 1586 31.58 48.17 91.24
N ALA B 1587 32.28 48.44 92.34
CA ALA B 1587 33.69 48.86 92.33
C ALA B 1587 34.57 47.78 91.70
N SER B 1588 34.20 46.52 91.91
CA SER B 1588 34.98 45.35 91.46
C SER B 1588 34.85 45.22 89.95
N VAL B 1589 33.62 45.29 89.43
CA VAL B 1589 33.38 45.18 87.97
C VAL B 1589 33.91 46.45 87.30
N ARG B 1590 33.80 47.60 87.95
CA ARG B 1590 34.35 48.85 87.38
C ARG B 1590 35.87 48.74 87.20
N ALA B 1591 36.58 48.04 88.10
CA ALA B 1591 38.05 47.86 88.05
C ALA B 1591 38.41 47.02 86.83
N LEU B 1592 37.60 46.03 86.51
CA LEU B 1592 37.74 45.20 85.30
C LEU B 1592 37.54 46.05 84.05
N ILE B 1593 36.50 46.89 84.01
CA ILE B 1593 36.19 47.77 82.85
C ILE B 1593 37.40 48.66 82.62
N GLU B 1594 37.79 49.39 83.66
CA GLU B 1594 38.95 50.29 83.70
C GLU B 1594 40.19 49.59 83.15
N ASN B 1595 40.43 48.34 83.55
CA ASN B 1595 41.62 47.56 83.13
C ASN B 1595 41.50 47.22 81.65
N TRP B 1596 40.39 46.59 81.25
CA TRP B 1596 40.21 46.04 79.89
C TRP B 1596 39.77 47.13 78.91
N ALA B 1597 38.63 47.77 79.13
CA ALA B 1597 38.03 48.72 78.18
C ALA B 1597 38.87 50.00 78.07
N ALA B 1598 39.34 50.51 79.21
CA ALA B 1598 40.14 51.75 79.29
C ALA B 1598 41.64 51.47 79.26
N ASP B 1599 42.09 50.22 79.09
CA ASP B 1599 43.53 49.84 79.05
C ASP B 1599 44.27 50.40 80.29
N SER B 1600 43.60 50.39 81.45
CA SER B 1600 44.13 50.80 82.76
C SER B 1600 44.53 52.28 82.78
N VAL B 1601 43.98 53.12 81.91
CA VAL B 1601 44.07 54.60 82.03
C VAL B 1601 42.79 55.07 82.72
N SER B 1602 42.84 55.25 84.04
CA SER B 1602 41.63 55.47 84.87
C SER B 1602 40.90 56.73 84.40
N SER B 1603 41.62 57.77 83.95
CA SER B 1603 41.07 59.08 83.52
C SER B 1603 40.06 58.89 82.38
N ARG B 1604 40.23 57.86 81.55
CA ARG B 1604 39.35 57.60 80.40
C ARG B 1604 37.94 57.26 80.85
N VAL B 1605 37.72 56.78 82.08
CA VAL B 1605 36.36 56.32 82.50
C VAL B 1605 35.60 57.55 82.97
N ARG B 1606 34.54 57.92 82.26
CA ARG B 1606 33.89 59.23 82.48
C ARG B 1606 32.51 59.02 83.07
N GLY B 1607 31.91 57.87 82.81
CA GLY B 1607 30.65 57.49 83.44
C GLY B 1607 30.62 56.00 83.63
N TYR B 1608 29.87 55.58 84.64
CA TYR B 1608 29.71 54.16 85.01
C TYR B 1608 28.38 54.08 85.71
N THR B 1609 27.50 53.20 85.24
CA THR B 1609 26.21 52.90 85.91
C THR B 1609 26.13 51.39 86.11
N CYS B 1610 25.58 50.96 87.24
CA CYS B 1610 25.33 49.52 87.49
C CYS B 1610 23.92 49.36 88.05
N GLN B 1611 23.21 48.33 87.57
CA GLN B 1611 21.91 47.87 88.09
C GLN B 1611 22.19 46.60 88.89
N PHE B 1612 21.84 46.63 90.16
CA PHE B 1612 21.96 45.49 91.11
C PHE B 1612 20.74 44.61 90.89
N VAL B 1613 20.92 43.58 90.08
CA VAL B 1613 19.79 42.75 89.60
C VAL B 1613 19.47 41.71 90.68
N ASP B 1614 20.48 41.16 91.33
CA ASP B 1614 20.32 40.04 92.30
C ASP B 1614 21.46 40.06 93.31
N MET B 1615 21.20 39.51 94.49
CA MET B 1615 22.11 39.55 95.65
C MET B 1615 23.25 38.57 95.44
N VAL B 1616 24.41 38.88 96.01
CA VAL B 1616 25.62 38.03 95.88
C VAL B 1616 26.02 37.60 97.29
N LEU B 1617 26.37 36.33 97.45
CA LEU B 1617 26.92 35.80 98.72
C LEU B 1617 28.43 35.90 98.67
N PRO B 1618 29.10 36.00 99.84
CA PRO B 1618 30.57 35.91 99.90
C PRO B 1618 31.08 34.62 99.23
N ASN B 1619 32.32 34.66 98.71
CA ASN B 1619 32.99 33.52 98.04
C ASN B 1619 32.15 33.07 96.84
N THR B 1620 31.64 34.02 96.07
CA THR B 1620 30.97 33.77 94.77
C THR B 1620 31.99 34.07 93.66
N ALA B 1621 32.03 33.22 92.65
CA ALA B 1621 32.76 33.40 91.37
C ALA B 1621 31.82 34.08 90.37
N LEU B 1622 32.11 35.34 90.04
CA LEU B 1622 31.31 36.17 89.09
C LEU B 1622 32.03 36.16 87.74
N LYS B 1623 31.26 36.01 86.65
CA LYS B 1623 31.73 36.12 85.25
C LYS B 1623 31.14 37.38 84.60
N THR B 1624 31.97 38.37 84.27
CA THR B 1624 31.57 39.67 83.65
C THR B 1624 31.93 39.66 82.16
N SER B 1625 30.92 39.68 81.29
CA SER B 1625 31.05 39.91 79.82
C SER B 1625 31.01 41.41 79.58
N ILE B 1626 32.06 41.95 78.96
CA ILE B 1626 32.21 43.40 78.63
C ILE B 1626 32.18 43.52 77.10
N GLN B 1627 31.35 44.44 76.59
CA GLN B 1627 31.18 44.68 75.13
C GLN B 1627 31.21 46.18 74.84
N HIS B 1628 31.84 46.59 73.74
CA HIS B 1628 31.67 47.93 73.12
C HIS B 1628 30.41 47.90 72.26
N VAL B 1629 29.37 48.63 72.65
CA VAL B 1629 28.04 48.53 71.98
C VAL B 1629 27.71 49.81 71.21
N GLY B 1630 28.35 50.92 71.53
CA GLY B 1630 28.02 52.20 70.86
C GLY B 1630 28.95 53.33 71.20
N MET B 1631 28.55 54.54 70.84
CA MET B 1631 29.31 55.77 71.12
C MET B 1631 28.35 56.78 71.74
N ILE B 1632 28.89 57.68 72.54
CA ILE B 1632 28.12 58.86 72.99
C ILE B 1632 29.14 60.00 73.10
N ASN B 1633 29.04 61.00 72.21
CA ASN B 1633 29.81 62.26 72.28
C ASN B 1633 31.31 61.94 72.28
N GLY B 1634 31.74 61.05 71.41
CA GLY B 1634 33.16 60.69 71.30
C GLY B 1634 33.61 59.61 72.28
N ARG B 1635 32.81 59.30 73.29
CA ARG B 1635 33.12 58.25 74.29
C ARG B 1635 32.57 56.92 73.80
N LYS B 1636 33.28 55.84 74.07
CA LYS B 1636 32.79 54.48 73.80
C LYS B 1636 31.75 54.12 74.85
N LEU B 1637 30.72 53.42 74.43
CA LEU B 1637 29.66 52.94 75.34
C LEU B 1637 29.89 51.45 75.56
N ILE B 1638 30.32 51.11 76.76
CA ILE B 1638 30.65 49.71 77.16
C ILE B 1638 29.43 49.18 77.90
N LYS B 1639 28.91 48.03 77.51
CA LYS B 1639 27.86 47.31 78.29
C LYS B 1639 28.55 46.14 78.99
N PHE B 1640 28.15 45.85 80.22
CA PHE B 1640 28.62 44.65 80.96
C PHE B 1640 27.43 43.94 81.58
N GLU B 1641 27.61 42.64 81.76
CA GLU B 1641 26.63 41.75 82.43
C GLU B 1641 27.44 40.76 83.28
N THR B 1642 27.30 40.84 84.59
CA THR B 1642 27.95 39.93 85.55
C THR B 1642 26.96 38.83 85.93
N ARG B 1643 27.35 37.58 85.71
CA ARG B 1643 26.58 36.38 86.12
C ARG B 1643 27.30 35.66 87.27
N ASN B 1644 26.54 34.97 88.12
CA ASN B 1644 27.07 34.09 89.20
C ASN B 1644 27.28 32.68 88.62
N GLU B 1645 27.73 31.74 89.47
CA GLU B 1645 28.05 30.32 89.13
C GLU B 1645 26.81 29.62 88.55
N ASP B 1646 25.61 30.00 89.00
CA ASP B 1646 24.31 29.45 88.51
C ASP B 1646 23.88 30.12 87.20
N ASP B 1647 24.76 30.93 86.57
CA ASP B 1647 24.51 31.64 85.29
C ASP B 1647 23.35 32.65 85.46
N VAL B 1648 23.11 33.15 86.69
CA VAL B 1648 22.04 34.13 87.03
C VAL B 1648 22.65 35.53 86.93
N VAL B 1649 21.97 36.46 86.26
CA VAL B 1649 22.48 37.85 86.11
C VAL B 1649 22.33 38.55 87.47
N VAL B 1650 23.44 39.06 87.95
CA VAL B 1650 23.61 39.64 89.30
C VAL B 1650 23.84 41.14 89.18
N LEU B 1651 24.47 41.57 88.09
CA LEU B 1651 24.87 42.97 87.86
C LEU B 1651 24.88 43.24 86.36
N THR B 1652 24.19 44.28 85.93
CA THR B 1652 24.28 44.82 84.55
C THR B 1652 24.66 46.28 84.64
N GLY B 1653 25.27 46.78 83.59
CA GLY B 1653 25.45 48.25 83.52
C GLY B 1653 26.15 48.68 82.27
N GLU B 1654 26.71 49.87 82.34
CA GLU B 1654 27.41 50.45 81.18
C GLU B 1654 28.41 51.47 81.68
N ALA B 1655 29.47 51.64 80.91
CA ALA B 1655 30.47 52.68 81.16
C ALA B 1655 30.63 53.48 79.88
N GLU B 1656 31.12 54.69 80.05
CA GLU B 1656 31.43 55.65 78.96
C GLU B 1656 32.93 55.89 79.09
N ILE B 1657 33.67 55.39 78.12
CA ILE B 1657 35.15 55.44 78.11
C ILE B 1657 35.61 56.42 77.03
N GLU B 1658 36.41 57.39 77.41
CA GLU B 1658 37.10 58.34 76.49
C GLU B 1658 37.88 57.50 75.47
N GLN B 1659 37.81 57.84 74.18
CA GLN B 1659 38.68 57.26 73.13
C GLN B 1659 40.12 57.67 73.40
N PRO B 1660 41.11 56.93 72.86
CA PRO B 1660 42.50 57.38 72.86
C PRO B 1660 42.64 58.81 72.34
N VAL B 1661 43.63 59.55 72.83
CA VAL B 1661 43.86 60.98 72.42
C VAL B 1661 43.93 60.98 70.88
N THR B 1662 43.13 61.86 70.27
CA THR B 1662 42.87 61.86 68.83
C THR B 1662 43.23 63.22 68.26
N THR B 1663 43.77 63.21 67.05
CA THR B 1663 43.94 64.42 66.21
C THR B 1663 43.23 64.15 64.90
N PHE B 1664 42.49 65.14 64.43
CA PHE B 1664 41.96 65.13 63.04
C PHE B 1664 42.83 66.03 62.18
N VAL B 1665 43.25 65.49 61.06
CA VAL B 1665 44.05 66.27 60.08
C VAL B 1665 43.30 66.24 58.76
N PHE B 1666 43.12 67.41 58.19
CA PHE B 1666 42.29 67.64 56.98
C PHE B 1666 43.24 67.90 55.81
N THR B 1667 43.21 67.03 54.82
CA THR B 1667 43.98 67.13 53.56
C THR B 1667 43.64 68.43 52.84
N GLY B 1668 44.59 68.95 52.05
CA GLY B 1668 44.43 70.13 51.19
C GLY B 1668 44.35 69.70 49.73
N GLN B 1669 44.67 70.62 48.82
CA GLN B 1669 44.52 70.43 47.36
C GLN B 1669 45.59 69.45 46.87
N GLY B 1670 45.30 68.78 45.77
CA GLY B 1670 46.14 67.75 45.13
C GLY B 1670 45.48 66.40 45.26
N SER B 1671 44.73 66.22 46.36
CA SER B 1671 44.11 64.95 46.78
C SER B 1671 42.80 64.67 46.04
N GLN B 1672 42.14 65.69 45.48
CA GLN B 1672 40.78 65.57 44.87
C GLN B 1672 40.79 64.60 43.70
N GLU B 1673 39.73 63.81 43.57
CA GLU B 1673 39.45 62.98 42.36
C GLU B 1673 37.94 63.00 42.10
N GLN B 1674 37.57 62.73 40.86
CA GLN B 1674 36.17 62.57 40.42
C GLN B 1674 35.49 61.52 41.30
N GLY B 1675 34.30 61.84 41.81
CA GLY B 1675 33.45 60.91 42.57
C GLY B 1675 33.75 60.93 44.06
N MET B 1676 34.69 61.75 44.52
CA MET B 1676 35.08 61.76 45.95
C MET B 1676 33.87 62.14 46.82
N GLY B 1677 33.61 61.35 47.86
CA GLY B 1677 32.53 61.58 48.83
C GLY B 1677 31.17 61.11 48.35
N MET B 1678 31.08 60.55 47.15
CA MET B 1678 29.76 60.28 46.52
C MET B 1678 29.15 58.96 47.04
N ASP B 1679 29.97 58.02 47.50
CA ASP B 1679 29.50 56.81 48.23
C ASP B 1679 28.86 57.25 49.55
N LEU B 1680 29.56 58.10 50.30
CA LEU B 1680 29.04 58.60 51.58
C LEU B 1680 27.75 59.38 51.34
N TYR B 1681 27.70 60.20 50.29
CA TYR B 1681 26.52 61.03 49.94
C TYR B 1681 25.29 60.13 49.72
N LYS B 1682 25.45 58.98 49.07
CA LYS B 1682 24.35 58.01 48.88
C LYS B 1682 23.81 57.51 50.23
N THR B 1683 24.69 57.16 51.18
CA THR B 1683 24.34 56.38 52.40
C THR B 1683 23.96 57.30 53.57
N SER B 1684 24.71 58.38 53.79
CA SER B 1684 24.68 59.18 55.03
C SER B 1684 23.73 60.39 54.91
N LYS B 1685 22.84 60.57 55.86
CA LYS B 1685 21.94 61.75 55.96
C LYS B 1685 22.76 62.98 56.30
N ALA B 1686 23.79 62.85 57.13
CA ALA B 1686 24.66 63.98 57.53
C ALA B 1686 25.41 64.53 56.31
N ALA B 1687 25.99 63.65 55.50
CA ALA B 1687 26.75 63.98 54.29
C ALA B 1687 25.80 64.60 53.25
N GLN B 1688 24.61 64.03 53.10
CA GLN B 1688 23.55 64.56 52.18
C GLN B 1688 23.23 66.00 52.55
N ASP B 1689 23.00 66.29 53.83
CA ASP B 1689 22.68 67.67 54.28
C ASP B 1689 23.82 68.64 53.93
N VAL B 1690 25.07 68.21 54.03
CA VAL B 1690 26.24 69.09 53.75
C VAL B 1690 26.23 69.40 52.25
N TRP B 1691 26.30 68.38 51.43
CA TRP B 1691 26.37 68.51 49.96
C TRP B 1691 25.14 69.29 49.45
N ASN B 1692 23.95 68.93 49.90
CA ASN B 1692 22.69 69.49 49.34
C ASN B 1692 22.65 70.98 49.68
N ARG B 1693 22.98 71.34 50.91
CA ARG B 1693 23.04 72.75 51.30
C ARG B 1693 24.05 73.54 50.45
N ALA B 1694 25.19 72.96 50.16
CA ALA B 1694 26.24 73.63 49.36
C ALA B 1694 25.79 73.65 47.89
N ASP B 1695 25.27 72.54 47.39
CA ASP B 1695 24.83 72.45 45.98
C ASP B 1695 23.72 73.48 45.72
N ASN B 1696 22.78 73.60 46.65
CA ASN B 1696 21.67 74.57 46.53
C ASN B 1696 22.22 75.98 46.51
N HIS B 1697 23.16 76.28 47.39
CA HIS B 1697 23.76 77.62 47.48
C HIS B 1697 24.46 77.98 46.17
N PHE B 1698 25.25 77.06 45.64
CA PHE B 1698 25.95 77.23 44.34
C PHE B 1698 24.97 77.36 43.16
N LYS B 1699 24.01 76.45 43.03
CA LYS B 1699 22.96 76.50 41.97
C LYS B 1699 22.26 77.86 42.04
N ASP B 1700 21.79 78.25 43.23
CA ASP B 1700 20.96 79.47 43.40
C ASP B 1700 21.79 80.73 43.19
N THR B 1701 23.09 80.71 43.52
CA THR B 1701 23.92 81.93 43.56
C THR B 1701 24.77 82.04 42.30
N TYR B 1702 25.42 80.98 41.89
CA TYR B 1702 26.39 81.01 40.77
C TYR B 1702 25.94 80.14 39.58
N GLY B 1703 24.77 79.50 39.68
CA GLY B 1703 24.21 78.74 38.55
C GLY B 1703 24.99 77.50 38.23
N PHE B 1704 25.73 76.90 39.16
CA PHE B 1704 26.35 75.58 38.87
C PHE B 1704 26.18 74.69 40.08
N SER B 1705 26.26 73.40 39.84
CA SER B 1705 26.16 72.34 40.88
C SER B 1705 27.58 71.90 41.20
N ILE B 1706 28.02 72.07 42.43
CA ILE B 1706 29.31 71.52 42.91
C ILE B 1706 29.25 69.99 42.86
N LEU B 1707 28.08 69.40 43.13
CA LEU B 1707 27.87 67.94 42.98
C LEU B 1707 28.11 67.51 41.54
N ASP B 1708 27.61 68.27 40.57
CA ASP B 1708 27.78 67.92 39.12
C ASP B 1708 29.27 67.88 38.78
N ILE B 1709 30.02 68.86 39.25
CA ILE B 1709 31.48 68.98 38.99
C ILE B 1709 32.21 67.79 39.64
N VAL B 1710 31.84 67.43 40.87
CA VAL B 1710 32.47 66.27 41.57
C VAL B 1710 32.16 64.99 40.80
N ILE B 1711 30.90 64.78 40.41
CA ILE B 1711 30.46 63.49 39.80
C ILE B 1711 30.98 63.36 38.36
N ASN B 1712 30.93 64.43 37.56
CA ASN B 1712 31.12 64.36 36.09
C ASN B 1712 32.43 65.02 35.67
N ASN B 1713 33.03 65.85 36.52
CA ASN B 1713 34.32 66.57 36.24
C ASN B 1713 34.30 67.08 34.81
N PRO B 1714 33.38 68.01 34.45
CA PRO B 1714 33.31 68.51 33.08
C PRO B 1714 34.57 69.32 32.78
N VAL B 1715 34.97 69.34 31.51
CA VAL B 1715 36.16 70.09 31.02
C VAL B 1715 35.80 71.58 31.02
N ASN B 1716 34.62 71.93 30.51
CA ASN B 1716 34.13 73.33 30.55
C ASN B 1716 32.74 73.37 31.18
N LEU B 1717 32.39 74.54 31.67
CA LEU B 1717 31.08 74.78 32.29
C LEU B 1717 30.65 76.16 31.88
N THR B 1718 29.54 76.23 31.14
CA THR B 1718 28.94 77.52 30.77
C THR B 1718 27.79 77.78 31.72
N ILE B 1719 27.80 78.96 32.27
CA ILE B 1719 26.76 79.57 33.11
C ILE B 1719 25.95 80.50 32.22
N HIS B 1720 24.63 80.31 32.16
CA HIS B 1720 23.73 81.14 31.33
C HIS B 1720 23.00 82.14 32.21
N PHE B 1721 22.92 83.38 31.76
CA PHE B 1721 22.35 84.53 32.49
C PHE B 1721 21.00 84.92 31.91
N GLY B 1722 20.27 83.96 31.37
CA GLY B 1722 18.96 84.21 30.75
C GLY B 1722 17.86 84.22 31.78
N GLY B 1723 16.86 85.05 31.54
CA GLY B 1723 15.66 85.09 32.39
C GLY B 1723 15.95 85.81 33.66
N GLU B 1724 14.95 85.92 34.54
CA GLU B 1724 15.05 86.66 35.82
C GLU B 1724 16.10 85.98 36.71
N LYS B 1725 16.02 84.66 36.84
CA LYS B 1725 16.97 83.91 37.70
C LYS B 1725 18.40 84.13 37.20
N GLY B 1726 18.58 84.13 35.87
CA GLY B 1726 19.90 84.30 35.24
C GLY B 1726 20.48 85.65 35.48
N LYS B 1727 19.64 86.69 35.54
CA LYS B 1727 20.09 88.08 35.78
C LYS B 1727 20.56 88.20 37.22
N ARG B 1728 19.84 87.54 38.14
CA ARG B 1728 20.19 87.49 39.59
C ARG B 1728 21.54 86.79 39.76
N ILE B 1729 21.74 85.67 39.08
CA ILE B 1729 23.04 84.94 39.12
C ILE B 1729 24.12 85.81 38.49
N ARG B 1730 23.81 86.53 37.41
CA ARG B 1730 24.82 87.40 36.78
C ARG B 1730 25.22 88.50 37.76
N GLU B 1731 24.26 89.13 38.42
CA GLU B 1731 24.51 90.16 39.46
C GLU B 1731 25.50 89.57 40.49
N ASN B 1732 25.22 88.38 41.01
CA ASN B 1732 26.11 87.74 42.02
C ASN B 1732 27.53 87.66 41.48
N TYR B 1733 27.74 87.30 40.21
CA TYR B 1733 29.11 87.21 39.62
C TYR B 1733 29.75 88.61 39.52
N SER B 1734 28.93 89.64 39.28
CA SER B 1734 29.37 91.05 39.09
C SER B 1734 29.69 91.67 40.45
N ALA B 1735 28.78 91.48 41.43
CA ALA B 1735 28.91 91.89 42.85
C ALA B 1735 30.06 91.18 43.57
N MET B 1736 30.58 90.08 43.00
CA MET B 1736 31.83 89.41 43.43
C MET B 1736 33.02 90.34 43.13
N ILE B 1737 33.56 91.00 44.15
CA ILE B 1737 34.54 92.13 44.03
C ILE B 1737 35.69 91.95 45.03
N PHE B 1738 36.90 92.37 44.64
CA PHE B 1738 38.05 92.58 45.56
C PHE B 1738 37.90 93.94 46.24
N GLU B 1739 37.87 93.96 47.58
CA GLU B 1739 37.75 95.18 48.42
C GLU B 1739 39.10 95.47 49.07
N THR B 1740 39.92 96.30 48.41
CA THR B 1740 41.28 96.73 48.87
C THR B 1740 41.19 98.16 49.43
N ILE B 1741 42.05 98.49 50.40
CA ILE B 1741 42.25 99.87 50.95
C ILE B 1741 43.61 100.38 50.43
N VAL B 1742 43.59 101.43 49.59
CA VAL B 1742 44.80 102.11 49.03
C VAL B 1742 44.72 103.61 49.39
N ASP B 1743 45.64 104.08 50.24
CA ASP B 1743 45.78 105.50 50.69
C ASP B 1743 44.48 105.95 51.39
N GLY B 1744 43.93 105.11 52.27
CA GLY B 1744 42.67 105.35 53.02
C GLY B 1744 41.47 105.52 52.10
N LYS B 1745 41.44 104.79 50.97
CA LYS B 1745 40.37 104.84 49.94
C LYS B 1745 40.00 103.41 49.52
N LEU B 1746 38.69 103.08 49.51
CA LEU B 1746 38.15 101.75 49.10
C LEU B 1746 38.19 101.65 47.57
N LYS B 1747 39.13 100.87 47.03
CA LYS B 1747 39.29 100.63 45.57
C LYS B 1747 38.74 99.23 45.26
N THR B 1748 37.43 99.13 44.98
CA THR B 1748 36.72 97.87 44.63
C THR B 1748 37.06 97.48 43.19
N GLU B 1749 37.68 96.32 43.00
CA GLU B 1749 37.99 95.71 41.68
C GLU B 1749 37.01 94.54 41.46
N LYS B 1750 36.85 94.09 40.20
CA LYS B 1750 35.92 92.99 39.80
C LYS B 1750 36.72 91.73 39.48
N ILE B 1751 36.34 90.60 40.10
CA ILE B 1751 36.65 89.24 39.57
C ILE B 1751 35.63 89.00 38.45
N PHE B 1752 36.01 88.29 37.40
CA PHE B 1752 35.16 88.15 36.19
C PHE B 1752 34.98 89.55 35.59
N LYS B 1753 36.04 90.03 34.94
CA LYS B 1753 36.04 91.32 34.19
C LYS B 1753 35.13 91.19 32.97
N GLU B 1754 35.20 90.03 32.28
CA GLU B 1754 34.44 89.74 31.03
C GLU B 1754 32.92 89.68 31.29
N ILE B 1755 32.46 89.60 32.54
CA ILE B 1755 31.01 89.59 32.89
C ILE B 1755 30.56 91.02 33.14
N ASN B 1756 29.70 91.52 32.25
CA ASN B 1756 29.03 92.85 32.34
C ASN B 1756 27.51 92.63 32.23
N GLU B 1757 26.72 93.69 32.26
CA GLU B 1757 25.23 93.71 32.16
C GLU B 1757 24.72 93.22 30.78
N HIS B 1758 25.57 93.06 29.76
CA HIS B 1758 25.20 92.56 28.41
C HIS B 1758 25.70 91.12 28.18
N SER B 1759 26.26 90.48 29.20
CA SER B 1759 26.78 89.10 29.08
C SER B 1759 25.58 88.16 29.18
N THR B 1760 25.55 87.16 28.33
CA THR B 1760 24.46 86.17 28.33
C THR B 1760 24.98 84.87 28.91
N SER B 1761 26.29 84.71 28.94
CA SER B 1761 26.93 83.51 29.48
C SER B 1761 28.35 83.80 29.96
N TYR B 1762 28.89 82.86 30.73
CA TYR B 1762 30.30 82.83 31.16
C TYR B 1762 30.73 81.38 31.17
N THR B 1763 31.82 81.05 30.49
CA THR B 1763 32.41 79.71 30.45
C THR B 1763 33.66 79.68 31.34
N PHE B 1764 33.63 78.85 32.36
CA PHE B 1764 34.81 78.32 33.10
C PHE B 1764 35.50 77.29 32.21
N ARG B 1765 36.83 77.37 32.13
CA ARG B 1765 37.65 76.56 31.19
C ARG B 1765 38.68 75.76 31.99
N SER B 1766 38.96 74.55 31.53
CA SER B 1766 40.04 73.67 32.04
C SER B 1766 40.54 72.80 30.89
N GLU B 1767 41.78 72.33 31.01
CA GLU B 1767 42.41 71.43 30.02
C GLU B 1767 41.80 70.03 30.18
N LYS B 1768 41.69 69.53 31.42
CA LYS B 1768 41.40 68.10 31.74
C LYS B 1768 40.06 67.94 32.46
N GLY B 1769 39.70 68.88 33.34
CA GLY B 1769 38.45 68.83 34.12
C GLY B 1769 38.44 69.91 35.18
N LEU B 1770 37.26 70.45 35.48
CA LEU B 1770 37.13 71.63 36.37
C LEU B 1770 37.34 71.24 37.84
N LEU B 1771 37.29 69.96 38.19
CA LEU B 1771 37.63 69.54 39.58
C LEU B 1771 39.09 69.90 39.87
N SER B 1772 39.94 70.01 38.84
CA SER B 1772 41.38 70.43 38.97
C SER B 1772 41.53 71.95 39.06
N ALA B 1773 40.53 72.75 38.63
CA ALA B 1773 40.57 74.24 38.73
C ALA B 1773 40.28 74.62 40.17
N THR B 1774 41.10 75.49 40.75
CA THR B 1774 41.16 75.66 42.22
C THR B 1774 39.88 76.29 42.75
N GLN B 1775 39.08 76.98 41.95
CA GLN B 1775 37.84 77.63 42.48
C GLN B 1775 36.79 76.53 42.72
N PHE B 1776 36.91 75.39 42.04
CA PHE B 1776 36.02 74.22 42.19
C PHE B 1776 36.64 73.17 43.14
N THR B 1777 37.95 72.94 43.02
CA THR B 1777 38.70 72.00 43.88
C THR B 1777 38.44 72.36 45.34
N GLN B 1778 38.55 73.65 45.68
CA GLN B 1778 38.52 74.11 47.08
C GLN B 1778 37.18 73.78 47.70
N PRO B 1779 36.03 74.26 47.16
CA PRO B 1779 34.73 73.87 47.67
C PRO B 1779 34.52 72.35 47.69
N ALA B 1780 34.88 71.66 46.63
CA ALA B 1780 34.66 70.21 46.48
C ALA B 1780 35.38 69.45 47.62
N LEU B 1781 36.66 69.76 47.85
CA LEU B 1781 37.48 69.08 48.89
C LEU B 1781 36.92 69.45 50.24
N THR B 1782 36.65 70.72 50.45
CA THR B 1782 36.12 71.20 51.73
C THR B 1782 34.81 70.50 52.07
N LEU B 1783 34.00 70.18 51.06
CA LEU B 1783 32.67 69.56 51.29
C LEU B 1783 32.85 68.08 51.57
N MET B 1784 33.70 67.40 50.80
CA MET B 1784 33.98 65.96 50.98
C MET B 1784 34.46 65.75 52.43
N GLU B 1785 35.27 66.68 52.94
CA GLU B 1785 35.86 66.59 54.29
C GLU B 1785 34.83 66.89 55.36
N LYS B 1786 34.06 67.96 55.16
CA LYS B 1786 32.99 68.35 56.09
C LYS B 1786 31.87 67.29 56.10
N ALA B 1787 31.59 66.64 54.97
CA ALA B 1787 30.55 65.61 54.90
C ALA B 1787 31.02 64.36 55.66
N ALA B 1788 32.27 63.95 55.44
CA ALA B 1788 32.92 62.83 56.18
C ALA B 1788 32.83 63.12 57.68
N PHE B 1789 33.26 64.31 58.08
CA PHE B 1789 33.28 64.68 59.50
C PHE B 1789 31.87 64.73 60.09
N GLU B 1790 30.91 65.29 59.37
CA GLU B 1790 29.51 65.36 59.88
C GLU B 1790 28.97 63.93 60.03
N ASP B 1791 29.39 62.99 59.20
CA ASP B 1791 28.92 61.59 59.32
C ASP B 1791 29.51 60.98 60.62
N LEU B 1792 30.81 61.17 60.84
CA LEU B 1792 31.50 60.74 62.08
C LEU B 1792 30.76 61.31 63.30
N LYS B 1793 30.49 62.61 63.28
CA LYS B 1793 29.81 63.33 64.38
C LYS B 1793 28.43 62.72 64.62
N SER B 1794 27.72 62.35 63.57
CA SER B 1794 26.36 61.76 63.66
C SER B 1794 26.42 60.40 64.39
N LYS B 1795 27.54 59.69 64.23
CA LYS B 1795 27.77 58.32 64.76
C LYS B 1795 28.35 58.38 66.17
N GLY B 1796 28.54 59.58 66.73
CA GLY B 1796 29.11 59.85 68.07
C GLY B 1796 30.61 59.65 68.16
N LEU B 1797 31.34 59.72 67.03
CA LEU B 1797 32.77 59.31 66.95
C LEU B 1797 33.76 60.41 67.26
N ILE B 1798 33.35 61.62 67.59
CA ILE B 1798 34.26 62.77 67.71
C ILE B 1798 34.48 63.06 69.20
N PRO B 1799 35.71 62.83 69.71
CA PRO B 1799 36.05 63.18 71.08
C PRO B 1799 35.88 64.68 71.30
N ALA B 1800 35.26 65.04 72.43
CA ALA B 1800 34.97 66.43 72.84
C ALA B 1800 36.24 67.31 72.87
N ASP B 1801 37.43 66.72 73.07
CA ASP B 1801 38.71 67.48 73.27
C ASP B 1801 39.75 67.11 72.20
N ALA B 1802 39.31 66.60 71.05
CA ALA B 1802 40.18 66.27 69.90
C ALA B 1802 40.92 67.54 69.45
N THR B 1803 42.16 67.36 69.03
CA THR B 1803 42.94 68.44 68.41
C THR B 1803 42.74 68.32 66.91
N PHE B 1804 43.09 69.38 66.17
CA PHE B 1804 42.91 69.34 64.71
C PHE B 1804 43.79 70.38 64.04
N ALA B 1805 44.13 70.03 62.82
CA ALA B 1805 44.89 70.89 61.90
C ALA B 1805 44.46 70.51 60.50
N GLY B 1806 44.55 71.47 59.60
CA GLY B 1806 44.39 71.15 58.18
C GLY B 1806 45.58 71.64 57.42
N HIS B 1807 45.96 70.86 56.43
CA HIS B 1807 47.08 71.17 55.53
C HIS B 1807 46.54 72.09 54.44
N J8W B 1808 46.85 73.38 54.54
CA J8W B 1808 46.53 74.36 53.51
CB J8W B 1808 47.27 73.88 52.22
OG J8W B 1808 46.74 74.59 51.12
C J8W B 1808 45.02 74.61 53.45
O J8W B 1808 44.45 75.22 54.34
C1 J8W B 1808 46.31 74.94 48.68
C2 J8W B 1808 46.34 73.99 49.84
C3 J8W B 1808 45.41 76.03 49.22
O7 J8W B 1808 46.02 72.82 49.72
O8 J8W B 1808 44.18 75.99 48.95
O9 J8W B 1808 45.89 76.93 49.95
N LEU B 1809 44.36 74.10 52.40
CA LEU B 1809 42.92 74.27 52.23
C LEU B 1809 42.21 73.55 53.38
N GLY B 1810 42.74 72.37 53.73
CA GLY B 1810 42.29 71.54 54.87
C GLY B 1810 41.97 72.35 56.09
N GLU B 1811 42.69 73.42 56.34
CA GLU B 1811 42.44 74.29 57.52
C GLU B 1811 40.99 74.78 57.56
N TYR B 1812 40.36 75.01 56.40
CA TYR B 1812 38.99 75.59 56.33
C TYR B 1812 37.97 74.53 56.75
N ALA B 1813 38.10 73.33 56.19
CA ALA B 1813 37.25 72.17 56.53
C ALA B 1813 37.39 71.85 58.02
N ALA B 1814 38.63 71.83 58.50
CA ALA B 1814 38.97 71.55 59.92
C ALA B 1814 38.21 72.51 60.83
N LEU B 1815 38.24 73.79 60.50
CA LEU B 1815 37.64 74.85 61.34
C LEU B 1815 36.11 74.79 61.31
N ALA B 1816 35.53 74.52 60.14
CA ALA B 1816 34.07 74.36 59.98
C ALA B 1816 33.65 73.07 60.70
N SER B 1817 34.46 72.02 60.59
CA SER B 1817 34.18 70.67 61.13
C SER B 1817 34.24 70.72 62.66
N LEU B 1818 35.40 71.01 63.23
CA LEU B 1818 35.67 70.85 64.68
C LEU B 1818 35.17 72.07 65.45
N ALA B 1819 35.12 73.26 64.86
CA ALA B 1819 34.79 74.50 65.59
C ALA B 1819 33.49 75.17 65.12
N ASP B 1820 32.89 74.75 63.98
CA ASP B 1820 31.64 75.32 63.41
C ASP B 1820 31.75 76.86 63.40
N VAL B 1821 32.83 77.36 62.83
CA VAL B 1821 33.17 78.80 62.72
C VAL B 1821 32.33 79.39 61.58
N MET B 1822 32.06 78.58 60.56
CA MET B 1822 31.28 78.96 59.35
C MET B 1822 30.18 77.92 59.15
N SER B 1823 29.03 78.37 58.68
CA SER B 1823 27.99 77.49 58.06
C SER B 1823 28.57 76.84 56.80
N ILE B 1824 27.97 75.75 56.34
CA ILE B 1824 28.28 75.13 55.01
C ILE B 1824 28.32 76.25 53.94
N GLU B 1825 27.36 77.17 53.97
CA GLU B 1825 27.14 78.13 52.87
C GLU B 1825 28.31 79.12 52.88
N SER B 1826 28.56 79.72 54.05
CA SER B 1826 29.71 80.60 54.35
C SER B 1826 31.02 79.92 53.95
N LEU B 1827 31.17 78.65 54.28
CA LEU B 1827 32.40 77.87 54.04
C LEU B 1827 32.67 77.82 52.54
N VAL B 1828 31.73 77.31 51.77
CA VAL B 1828 31.92 77.07 50.32
C VAL B 1828 32.08 78.42 49.61
N GLU B 1829 31.37 79.45 50.05
CA GLU B 1829 31.51 80.82 49.53
C GLU B 1829 32.96 81.30 49.77
N VAL B 1830 33.44 81.17 51.00
CA VAL B 1830 34.78 81.64 51.42
C VAL B 1830 35.80 80.94 50.54
N VAL B 1831 35.72 79.62 50.39
CA VAL B 1831 36.78 78.87 49.65
C VAL B 1831 36.61 79.06 48.15
N PHE B 1832 35.40 79.33 47.68
CA PHE B 1832 35.17 79.62 46.24
C PHE B 1832 35.90 80.91 45.88
N TYR B 1833 35.71 81.93 46.70
CA TYR B 1833 36.36 83.26 46.62
C TYR B 1833 37.88 83.12 46.71
N ARG B 1834 38.35 82.39 47.72
CA ARG B 1834 39.78 82.10 47.95
C ARG B 1834 40.35 81.51 46.66
N GLY B 1835 39.66 80.54 46.07
CA GLY B 1835 40.08 79.90 44.82
C GLY B 1835 40.05 80.89 43.67
N MET B 1836 39.05 81.78 43.62
CA MET B 1836 38.92 82.76 42.49
C MET B 1836 40.07 83.77 42.61
N THR B 1837 40.33 84.28 43.82
CA THR B 1837 41.47 85.17 44.17
C THR B 1837 42.79 84.60 43.62
N MET B 1838 42.99 83.29 43.78
CA MET B 1838 44.22 82.59 43.33
C MET B 1838 44.23 82.48 41.80
N GLN B 1839 43.08 82.17 41.18
CA GLN B 1839 42.93 82.05 39.71
C GLN B 1839 43.19 83.40 39.00
N VAL B 1840 42.70 84.50 39.56
CA VAL B 1840 42.89 85.90 39.06
C VAL B 1840 44.37 86.28 39.10
N ALA B 1841 45.08 85.92 40.17
CA ALA B 1841 46.49 86.24 40.41
C ALA B 1841 47.42 85.59 39.36
N VAL B 1842 46.96 84.53 38.67
CA VAL B 1842 47.80 83.71 37.75
C VAL B 1842 47.30 83.86 36.31
N PRO B 1843 48.14 84.37 35.36
CA PRO B 1843 47.82 84.33 33.92
C PRO B 1843 47.54 82.91 33.40
N ARG B 1844 46.53 82.78 32.54
CA ARG B 1844 46.09 81.49 31.96
C ARG B 1844 45.99 81.63 30.44
N ASP B 1845 46.10 80.53 29.71
CA ASP B 1845 45.96 80.46 28.23
C ASP B 1845 44.48 80.16 27.91
N GLU B 1846 44.17 79.84 26.65
CA GLU B 1846 42.80 79.58 26.14
C GLU B 1846 42.23 78.32 26.81
N LEU B 1847 43.07 77.30 27.01
CA LEU B 1847 42.69 75.97 27.56
C LEU B 1847 42.64 75.98 29.10
N GLY B 1848 43.09 77.06 29.75
CA GLY B 1848 43.06 77.23 31.21
C GLY B 1848 44.35 76.78 31.91
N ARG B 1849 45.45 76.65 31.17
CA ARG B 1849 46.79 76.20 31.66
C ARG B 1849 47.62 77.42 32.06
N SER B 1850 48.30 77.37 33.21
CA SER B 1850 49.20 78.42 33.73
C SER B 1850 50.67 78.04 33.49
N ASN B 1851 51.59 78.95 33.82
CA ASN B 1851 53.05 78.70 33.81
C ASN B 1851 53.58 78.55 35.25
N TYR B 1852 52.82 77.84 36.10
CA TYR B 1852 53.14 77.71 37.54
C TYR B 1852 52.72 76.31 38.00
N GLY B 1853 53.38 75.83 39.05
CA GLY B 1853 53.25 74.44 39.50
C GLY B 1853 53.89 74.24 40.85
N MET B 1854 54.01 72.97 41.25
CA MET B 1854 54.63 72.57 42.53
C MET B 1854 55.36 71.24 42.35
N ILE B 1855 56.53 71.10 42.99
CA ILE B 1855 57.29 69.82 43.05
C ILE B 1855 57.53 69.47 44.53
N ALA B 1856 57.27 68.21 44.88
CA ALA B 1856 57.68 67.60 46.16
C ALA B 1856 59.14 67.16 46.01
N ILE B 1857 60.04 67.75 46.79
CA ILE B 1857 61.51 67.45 46.80
C ILE B 1857 61.84 66.63 48.05
N ASN B 1858 62.44 65.45 47.87
CA ASN B 1858 63.01 64.58 48.93
C ASN B 1858 64.52 64.84 48.97
N PRO B 1859 65.06 65.66 49.91
CA PRO B 1859 66.49 65.91 50.00
C PRO B 1859 67.34 64.66 50.31
N GLY B 1860 66.73 63.60 50.84
CA GLY B 1860 67.39 62.29 51.10
C GLY B 1860 67.57 61.46 49.84
N ARG B 1861 66.85 61.78 48.76
CA ARG B 1861 66.87 61.01 47.47
C ARG B 1861 67.98 61.52 46.54
N VAL B 1862 68.60 62.67 46.87
CA VAL B 1862 69.72 63.28 46.07
C VAL B 1862 71.05 62.81 46.65
N ALA B 1863 71.26 63.01 47.96
CA ALA B 1863 72.48 62.62 48.70
C ALA B 1863 72.17 62.58 50.21
N ALA B 1864 72.74 61.60 50.92
CA ALA B 1864 72.53 61.38 52.38
C ALA B 1864 72.97 62.61 53.19
N SER B 1865 73.98 63.34 52.69
CA SER B 1865 74.53 64.57 53.33
C SER B 1865 73.74 65.83 52.91
N PHE B 1866 72.92 65.75 51.86
CA PHE B 1866 72.07 66.86 51.34
C PHE B 1866 70.92 67.10 52.33
N SER B 1867 71.05 68.13 53.16
CA SER B 1867 70.11 68.50 54.25
C SER B 1867 69.06 69.49 53.71
N GLN B 1868 68.13 69.93 54.55
CA GLN B 1868 67.08 70.92 54.19
C GLN B 1868 67.72 72.32 54.07
N GLU B 1869 68.85 72.58 54.75
CA GLU B 1869 69.62 73.85 54.63
C GLU B 1869 70.31 73.91 53.26
N ALA B 1870 70.80 72.77 52.76
CA ALA B 1870 71.36 72.59 51.41
C ALA B 1870 70.27 72.85 50.36
N LEU B 1871 69.08 72.27 50.55
CA LEU B 1871 67.91 72.47 49.64
C LEU B 1871 67.52 73.95 49.63
N GLN B 1872 67.38 74.55 50.82
CA GLN B 1872 67.01 75.99 50.98
C GLN B 1872 68.00 76.84 50.17
N TYR B 1873 69.31 76.62 50.39
CA TYR B 1873 70.44 77.28 49.68
C TYR B 1873 70.24 77.14 48.16
N VAL B 1874 70.18 75.91 47.63
CA VAL B 1874 70.08 75.60 46.18
C VAL B 1874 68.85 76.34 45.59
N VAL B 1875 67.67 76.16 46.18
CA VAL B 1875 66.38 76.74 45.70
C VAL B 1875 66.48 78.27 45.65
N GLU B 1876 67.02 78.90 46.70
CA GLU B 1876 67.20 80.38 46.79
C GLU B 1876 68.15 80.86 45.68
N ARG B 1877 69.21 80.11 45.39
CA ARG B 1877 70.22 80.43 44.33
C ARG B 1877 69.58 80.29 42.94
N VAL B 1878 68.79 79.23 42.69
CA VAL B 1878 68.11 78.99 41.38
C VAL B 1878 67.07 80.11 41.15
N GLY B 1879 66.44 80.60 42.23
CA GLY B 1879 65.51 81.74 42.20
C GLY B 1879 66.21 83.04 41.79
N LYS B 1880 67.34 83.36 42.42
CA LYS B 1880 68.10 84.63 42.26
C LYS B 1880 68.77 84.68 40.88
N ARG B 1881 69.39 83.57 40.45
CA ARG B 1881 70.14 83.46 39.18
C ARG B 1881 69.21 83.69 37.99
N THR B 1882 68.16 82.86 37.87
CA THR B 1882 67.19 82.88 36.73
C THR B 1882 66.28 84.11 36.81
N GLY B 1883 66.03 84.64 38.01
CA GLY B 1883 65.07 85.74 38.25
C GLY B 1883 63.62 85.25 38.26
N TRP B 1884 63.38 83.98 37.92
CA TRP B 1884 62.07 83.29 37.95
C TRP B 1884 61.62 83.08 39.41
N LEU B 1885 60.36 82.70 39.62
CA LEU B 1885 59.78 82.39 40.95
C LEU B 1885 60.03 80.92 41.29
N VAL B 1886 60.68 80.66 42.42
CA VAL B 1886 60.71 79.33 43.10
C VAL B 1886 61.01 79.56 44.59
N GLU B 1887 60.15 79.03 45.46
CA GLU B 1887 60.27 79.09 46.94
C GLU B 1887 59.87 77.74 47.53
N ILE B 1888 60.46 77.37 48.66
CA ILE B 1888 60.00 76.23 49.50
C ILE B 1888 58.77 76.76 50.26
N VAL B 1889 57.62 76.11 50.09
CA VAL B 1889 56.34 76.66 50.61
C VAL B 1889 55.70 75.69 51.60
N ASN B 1890 55.72 74.37 51.32
CA ASN B 1890 55.24 73.33 52.27
C ASN B 1890 56.45 72.56 52.82
N TYR B 1891 56.61 72.62 54.15
CA TYR B 1891 57.50 71.76 54.98
C TYR B 1891 56.67 70.58 55.50
N ASN B 1892 56.73 69.43 54.81
CA ASN B 1892 55.79 68.29 55.00
C ASN B 1892 56.38 67.18 55.87
N VAL B 1893 57.55 66.64 55.52
CA VAL B 1893 58.25 65.56 56.29
C VAL B 1893 59.71 65.95 56.39
N GLU B 1894 60.23 66.07 57.62
CA GLU B 1894 61.60 66.59 57.88
C GLU B 1894 62.58 65.69 57.13
N ASN B 1895 63.42 66.31 56.29
CA ASN B 1895 64.48 65.69 55.45
C ASN B 1895 63.90 64.64 54.49
N GLN B 1896 62.61 64.70 54.14
CA GLN B 1896 61.97 63.70 53.24
C GLN B 1896 60.94 64.33 52.26
N GLN B 1897 60.35 65.49 52.56
CA GLN B 1897 59.33 66.11 51.67
C GLN B 1897 59.17 67.58 51.99
N TYR B 1898 59.69 68.40 51.08
CA TYR B 1898 59.54 69.87 51.00
C TYR B 1898 58.94 70.16 49.64
N VAL B 1899 57.98 71.08 49.57
CA VAL B 1899 57.28 71.41 48.30
C VAL B 1899 57.80 72.76 47.82
N ALA B 1900 58.34 72.79 46.62
CA ALA B 1900 58.76 74.04 45.93
C ALA B 1900 57.61 74.45 45.01
N ALA B 1901 57.15 75.69 45.18
CA ALA B 1901 56.14 76.34 44.32
C ALA B 1901 56.82 77.42 43.48
N GLY B 1902 56.41 77.52 42.21
CA GLY B 1902 56.61 78.75 41.43
C GLY B 1902 56.64 78.44 39.95
N ASP B 1903 57.34 79.30 39.21
CA ASP B 1903 57.50 79.24 37.75
C ASP B 1903 57.85 77.82 37.33
N LEU B 1904 57.12 77.26 36.38
CA LEU B 1904 57.27 75.89 35.87
C LEU B 1904 58.70 75.68 35.32
N ARG B 1905 59.32 76.73 34.76
CA ARG B 1905 60.71 76.71 34.24
C ARG B 1905 61.68 76.59 35.43
N ALA B 1906 61.54 77.46 36.45
CA ALA B 1906 62.35 77.43 37.70
C ALA B 1906 62.27 76.05 38.39
N LEU B 1907 61.09 75.42 38.36
CA LEU B 1907 60.86 74.08 38.96
C LEU B 1907 61.56 72.99 38.13
N ASP B 1908 61.58 73.13 36.80
CA ASP B 1908 62.27 72.17 35.88
C ASP B 1908 63.79 72.35 36.05
N THR B 1909 64.26 73.59 36.18
CA THR B 1909 65.68 73.93 36.46
C THR B 1909 66.12 73.27 37.78
N VAL B 1910 65.37 73.50 38.87
CA VAL B 1910 65.64 72.90 40.22
C VAL B 1910 65.69 71.37 40.08
N THR B 1911 64.75 70.74 39.36
CA THR B 1911 64.71 69.27 39.15
C THR B 1911 66.00 68.81 38.47
N ASN B 1912 66.47 69.53 37.44
CA ASN B 1912 67.66 69.19 36.60
C ASN B 1912 68.94 69.41 37.40
N VAL B 1913 69.03 70.52 38.16
CA VAL B 1913 70.17 70.83 39.07
C VAL B 1913 70.34 69.70 40.10
N LEU B 1914 69.25 69.28 40.75
CA LEU B 1914 69.27 68.20 41.79
C LEU B 1914 69.58 66.85 41.14
N ASN B 1915 69.07 66.61 39.92
CA ASN B 1915 69.42 65.39 39.10
C ASN B 1915 70.93 65.37 38.84
N PHE B 1916 71.52 66.52 38.48
CA PHE B 1916 72.97 66.70 38.20
C PHE B 1916 73.78 66.48 39.49
N ILE B 1917 73.37 67.12 40.60
CA ILE B 1917 74.06 67.02 41.92
C ILE B 1917 74.09 65.56 42.41
N LYS B 1918 72.98 64.81 42.22
CA LYS B 1918 72.86 63.38 42.60
C LYS B 1918 73.84 62.52 41.78
N LEU B 1919 73.91 62.76 40.46
CA LEU B 1919 74.76 61.97 39.51
C LEU B 1919 76.25 62.28 39.73
N GLN B 1920 76.60 63.53 40.10
CA GLN B 1920 78.00 63.95 40.39
C GLN B 1920 78.42 63.56 41.81
N LYS B 1921 77.46 63.29 42.72
CA LYS B 1921 77.69 62.87 44.12
C LYS B 1921 78.50 63.94 44.88
N ILE B 1922 78.23 65.22 44.56
CA ILE B 1922 78.98 66.40 45.09
C ILE B 1922 78.13 67.08 46.18
N ASP B 1923 78.71 67.27 47.36
CA ASP B 1923 78.07 67.92 48.53
C ASP B 1923 78.28 69.44 48.42
N ILE B 1924 77.32 70.24 48.91
CA ILE B 1924 77.39 71.74 48.94
C ILE B 1924 77.92 72.18 50.32
N ILE B 1925 77.44 71.58 51.42
CA ILE B 1925 77.75 72.01 52.83
C ILE B 1925 79.21 71.68 53.17
N GLU B 1926 79.72 70.54 52.71
CA GLU B 1926 81.13 70.09 52.93
C GLU B 1926 82.08 71.06 52.21
N LEU B 1927 81.79 71.41 50.96
CA LEU B 1927 82.60 72.34 50.13
C LEU B 1927 82.57 73.77 50.71
N GLN B 1928 81.40 74.25 51.17
CA GLN B 1928 81.21 75.66 51.61
C GLN B 1928 81.93 75.92 52.95
N LYS B 1929 82.16 74.87 53.77
CA LYS B 1929 82.73 74.97 55.14
C LYS B 1929 84.21 74.52 55.15
N SER B 1930 84.53 73.37 54.55
CA SER B 1930 85.82 72.66 54.69
C SER B 1930 86.77 72.89 53.50
N LEU B 1931 86.28 73.38 52.35
CA LEU B 1931 87.08 73.54 51.10
C LEU B 1931 87.24 75.02 50.74
N SER B 1932 86.13 75.75 50.51
CA SER B 1932 86.14 77.13 49.95
C SER B 1932 84.98 77.97 50.50
N LEU B 1933 85.20 79.28 50.66
CA LEU B 1933 84.24 80.28 51.21
C LEU B 1933 83.67 81.12 50.06
N GLU B 1934 82.37 80.95 49.75
CA GLU B 1934 81.58 81.69 48.72
C GLU B 1934 81.94 81.29 47.29
N GLU B 1935 82.89 80.36 47.08
CA GLU B 1935 83.22 79.76 45.76
C GLU B 1935 82.08 78.84 45.31
N VAL B 1936 81.49 78.11 46.25
CA VAL B 1936 80.31 77.20 46.04
C VAL B 1936 79.17 77.98 45.37
N GLU B 1937 78.97 79.25 45.75
CA GLU B 1937 77.91 80.16 45.21
C GLU B 1937 78.14 80.32 43.70
N GLY B 1938 79.35 80.75 43.32
CA GLY B 1938 79.79 80.87 41.92
C GLY B 1938 79.76 79.54 41.19
N HIS B 1939 80.19 78.45 41.85
CA HIS B 1939 80.23 77.07 41.29
C HIS B 1939 78.80 76.58 40.97
N LEU B 1940 77.82 76.91 41.83
CA LEU B 1940 76.40 76.50 41.66
C LEU B 1940 75.74 77.32 40.54
N PHE B 1941 76.18 78.58 40.34
CA PHE B 1941 75.63 79.50 39.31
C PHE B 1941 75.72 78.87 37.91
N GLU B 1942 76.84 78.23 37.54
CA GLU B 1942 77.03 77.65 36.18
C GLU B 1942 76.20 76.36 36.03
N ILE B 1943 75.98 75.62 37.11
CA ILE B 1943 75.12 74.39 37.14
C ILE B 1943 73.66 74.80 36.93
N ILE B 1944 73.24 75.90 37.56
CA ILE B 1944 71.89 76.54 37.41
C ILE B 1944 71.71 77.00 35.96
N ASP B 1945 72.74 77.64 35.39
CA ASP B 1945 72.74 78.22 34.01
C ASP B 1945 72.57 77.11 32.97
N GLU B 1946 73.27 75.99 33.13
CA GLU B 1946 73.16 74.79 32.24
C GLU B 1946 71.69 74.37 32.17
N ALA B 1947 71.03 74.22 33.32
CA ALA B 1947 69.64 73.75 33.46
C ALA B 1947 68.67 74.85 32.97
N SER B 1948 68.93 76.13 33.27
CA SER B 1948 68.06 77.30 32.91
C SER B 1948 67.99 77.48 31.38
N LYS B 1949 69.11 77.31 30.68
CA LYS B 1949 69.21 77.41 29.19
C LYS B 1949 68.31 76.35 28.53
N LYS B 1950 68.31 75.12 29.05
CA LYS B 1950 67.51 73.98 28.51
C LYS B 1950 66.02 74.14 28.87
N SER B 1951 65.71 74.78 30.01
CA SER B 1951 64.33 75.02 30.51
C SER B 1951 63.64 76.14 29.71
N ALA B 1952 64.36 77.25 29.44
CA ALA B 1952 63.84 78.44 28.73
C ALA B 1952 63.47 78.10 27.27
N VAL B 1953 64.23 77.21 26.62
CA VAL B 1953 64.02 76.73 25.22
C VAL B 1953 62.66 76.01 25.13
N LYS B 1954 62.34 75.15 26.12
CA LYS B 1954 61.09 74.34 26.16
C LYS B 1954 59.87 75.27 26.03
N PRO B 1955 58.76 74.84 25.39
CA PRO B 1955 57.57 75.69 25.24
C PRO B 1955 56.95 76.07 26.60
N ARG B 1956 56.10 77.10 26.63
CA ARG B 1956 55.62 77.74 27.90
C ARG B 1956 54.84 76.74 28.76
N PRO B 1957 53.88 75.96 28.21
CA PRO B 1957 53.21 74.93 29.00
C PRO B 1957 54.01 73.62 29.09
N LEU B 1958 55.23 73.67 29.64
CA LEU B 1958 56.19 72.53 29.66
C LEU B 1958 55.74 71.51 30.71
N LYS B 1959 55.72 70.22 30.35
CA LYS B 1959 55.36 69.11 31.26
C LYS B 1959 56.55 68.84 32.19
N LEU B 1960 56.38 69.16 33.48
CA LEU B 1960 57.37 68.89 34.56
C LEU B 1960 57.63 67.38 34.62
N GLU B 1961 58.91 66.99 34.63
CA GLU B 1961 59.34 65.57 34.59
C GLU B 1961 59.72 65.12 36.00
N ARG B 1962 59.46 63.85 36.31
CA ARG B 1962 59.80 63.20 37.60
C ARG B 1962 61.31 62.94 37.66
N GLY B 1963 62.02 63.69 38.52
CA GLY B 1963 63.47 63.52 38.75
C GLY B 1963 63.76 62.33 39.65
N PHE B 1964 64.96 62.30 40.23
CA PHE B 1964 65.38 61.32 41.26
C PHE B 1964 64.91 61.80 42.65
N ALA B 1965 65.05 63.11 42.91
CA ALA B 1965 64.73 63.77 44.19
C ALA B 1965 63.51 64.70 44.08
N CYS B 1966 62.81 64.71 42.93
CA CYS B 1966 61.66 65.63 42.65
C CYS B 1966 60.52 64.87 41.96
N ILE B 1967 59.29 65.14 42.40
CA ILE B 1967 58.04 64.64 41.73
C ILE B 1967 57.09 65.83 41.62
N PRO B 1968 56.53 66.11 40.42
CA PRO B 1968 55.58 67.21 40.26
C PRO B 1968 54.21 66.86 40.85
N LEU B 1969 53.56 67.82 41.52
CA LEU B 1969 52.21 67.63 42.10
C LEU B 1969 51.18 67.76 40.96
N VAL B 1970 50.52 66.66 40.61
CA VAL B 1970 49.48 66.59 39.53
C VAL B 1970 48.27 67.43 39.96
N GLY B 1971 47.69 68.17 39.00
CA GLY B 1971 46.47 68.97 39.19
C GLY B 1971 46.69 70.20 40.06
N ILE B 1972 47.93 70.71 40.10
CA ILE B 1972 48.32 71.98 40.78
C ILE B 1972 48.90 72.91 39.70
N SER B 1973 48.36 74.13 39.61
CA SER B 1973 48.66 75.14 38.56
C SER B 1973 48.94 76.52 39.17
N VAL B 1974 48.66 76.70 40.46
CA VAL B 1974 48.91 77.97 41.19
C VAL B 1974 50.15 77.73 42.07
N PRO B 1975 51.01 78.75 42.28
CA PRO B 1975 52.09 78.67 43.25
C PRO B 1975 51.58 78.95 44.68
N PHE B 1976 50.85 77.99 45.25
CA PHE B 1976 50.19 78.12 46.58
C PHE B 1976 51.26 78.41 47.64
N HIS B 1977 51.00 79.37 48.54
CA HIS B 1977 51.80 79.63 49.76
C HIS B 1977 53.13 80.34 49.45
N SER B 1978 53.33 80.77 48.19
CA SER B 1978 54.48 81.62 47.78
C SER B 1978 54.13 83.09 48.02
N THR B 1979 55.11 83.98 47.91
CA THR B 1979 54.97 85.45 48.13
C THR B 1979 54.25 86.08 46.94
N TYR B 1980 54.23 85.39 45.79
CA TYR B 1980 53.45 85.73 44.57
C TYR B 1980 51.98 86.02 44.93
N LEU B 1981 51.41 85.35 45.94
CA LEU B 1981 49.98 85.48 46.30
C LEU B 1981 49.76 86.54 47.40
N MET B 1982 50.79 87.32 47.78
CA MET B 1982 50.71 88.27 48.92
C MET B 1982 49.74 89.42 48.63
N ASN B 1983 49.56 89.80 47.35
CA ASN B 1983 48.62 90.87 46.92
C ASN B 1983 47.18 90.42 47.23
N GLY B 1984 46.90 89.12 47.11
CA GLY B 1984 45.61 88.49 47.41
C GLY B 1984 45.20 88.60 48.88
N VAL B 1985 46.14 88.84 49.80
CA VAL B 1985 45.89 88.76 51.27
C VAL B 1985 44.89 89.84 51.71
N LYS B 1986 45.09 91.09 51.30
CA LYS B 1986 44.26 92.24 51.75
C LYS B 1986 42.80 92.10 51.32
N PRO B 1987 42.49 91.82 50.03
CA PRO B 1987 41.11 91.61 49.62
C PRO B 1987 40.52 90.37 50.33
N PHE B 1988 41.27 89.28 50.39
CA PHE B 1988 40.82 88.03 51.06
C PHE B 1988 40.56 88.30 52.54
N LYS B 1989 41.44 89.02 53.22
CA LYS B 1989 41.25 89.42 54.64
C LYS B 1989 39.91 90.16 54.80
N SER B 1990 39.61 91.14 53.94
CA SER B 1990 38.36 91.95 54.00
C SER B 1990 37.15 91.04 53.79
N PHE B 1991 37.27 90.08 52.88
CA PHE B 1991 36.21 89.09 52.58
C PHE B 1991 36.03 88.16 53.79
N LEU B 1992 37.12 87.65 54.38
CA LEU B 1992 37.04 86.79 55.59
C LEU B 1992 36.35 87.56 56.72
N LYS B 1993 36.73 88.83 56.95
CA LYS B 1993 36.16 89.67 58.04
C LYS B 1993 34.63 89.80 57.88
N LYS B 1994 34.11 89.74 56.64
CA LYS B 1994 32.66 89.89 56.34
C LYS B 1994 31.92 88.55 56.55
N ASN B 1995 32.56 87.41 56.25
CA ASN B 1995 31.91 86.07 56.15
C ASN B 1995 32.17 85.20 57.38
N ILE B 1996 33.22 85.48 58.17
CA ILE B 1996 33.42 84.86 59.52
C ILE B 1996 32.86 85.84 60.55
N ILE B 1997 31.66 85.56 61.05
CA ILE B 1997 30.96 86.42 62.06
C ILE B 1997 31.57 86.08 63.42
N LYS B 1998 31.84 87.09 64.26
CA LYS B 1998 32.57 86.89 65.55
C LYS B 1998 31.73 86.08 66.54
N GLU B 1999 30.39 86.10 66.43
CA GLU B 1999 29.46 85.36 67.32
C GLU B 1999 29.57 83.84 67.10
N ASN B 2000 30.10 83.40 65.96
CA ASN B 2000 30.30 81.97 65.59
C ASN B 2000 31.69 81.47 66.03
N VAL B 2001 32.57 82.36 66.49
CA VAL B 2001 33.94 81.98 66.98
C VAL B 2001 33.83 81.62 68.46
N LYS B 2002 33.82 80.32 68.77
CA LYS B 2002 33.79 79.76 70.14
C LYS B 2002 35.22 79.46 70.55
N VAL B 2003 35.80 80.28 71.43
CA VAL B 2003 37.24 80.17 71.83
C VAL B 2003 37.50 78.78 72.39
N ALA B 2004 36.59 78.24 73.23
CA ALA B 2004 36.68 76.89 73.83
C ALA B 2004 36.90 75.81 72.76
N ARG B 2005 36.34 75.99 71.56
CA ARG B 2005 36.43 74.99 70.45
C ARG B 2005 37.75 75.16 69.69
N LEU B 2006 38.43 76.29 69.84
CA LEU B 2006 39.73 76.57 69.17
C LEU B 2006 40.89 76.45 70.16
N ALA B 2007 40.80 77.14 71.31
CA ALA B 2007 41.89 77.30 72.32
C ALA B 2007 42.49 75.95 72.68
N GLY B 2008 43.75 75.75 72.29
CA GLY B 2008 44.55 74.57 72.61
C GLY B 2008 44.35 73.42 71.65
N LYS B 2009 43.41 73.55 70.70
CA LYS B 2009 42.92 72.40 69.91
C LYS B 2009 43.31 72.60 68.45
N TYR B 2010 43.09 73.81 67.94
CA TYR B 2010 43.37 74.19 66.53
C TYR B 2010 44.84 74.57 66.39
N ILE B 2011 45.57 73.87 65.53
CA ILE B 2011 46.98 74.21 65.19
C ILE B 2011 47.00 74.87 63.80
N PRO B 2012 47.06 76.21 63.70
CA PRO B 2012 47.14 76.87 62.39
C PRO B 2012 48.43 76.52 61.61
N ASN B 2013 48.35 76.53 60.28
CA ASN B 2013 49.50 76.35 59.36
C ASN B 2013 50.49 77.51 59.48
N LEU B 2014 50.03 78.72 59.78
CA LEU B 2014 50.90 79.93 59.76
C LEU B 2014 51.84 79.85 60.96
N THR B 2015 51.25 79.86 62.15
CA THR B 2015 51.88 79.71 63.48
C THR B 2015 51.69 78.26 63.89
N ALA B 2016 52.66 77.35 63.70
CA ALA B 2016 52.40 75.90 63.89
C ALA B 2016 52.26 75.55 65.38
N LYS B 2017 51.57 76.40 66.14
CA LYS B 2017 51.39 76.32 67.61
C LYS B 2017 49.90 76.28 67.95
N PRO B 2018 49.45 75.47 68.94
CA PRO B 2018 48.04 75.40 69.29
C PRO B 2018 47.47 76.79 69.56
N PHE B 2019 46.33 77.08 68.94
CA PHE B 2019 45.65 78.39 68.99
C PHE B 2019 45.47 78.78 70.45
N GLN B 2020 45.84 80.01 70.79
CA GLN B 2020 45.57 80.62 72.10
C GLN B 2020 45.35 82.12 71.89
N VAL B 2021 44.49 82.72 72.71
CA VAL B 2021 44.21 84.18 72.72
C VAL B 2021 45.08 84.81 73.82
N THR B 2022 46.40 84.85 73.58
CA THR B 2022 47.44 85.42 74.48
C THR B 2022 48.32 86.40 73.70
N LYS B 2023 48.85 87.42 74.38
CA LYS B 2023 49.82 88.42 73.84
C LYS B 2023 50.97 87.69 73.14
N GLU B 2024 51.43 86.57 73.70
CA GLU B 2024 52.57 85.77 73.16
C GLU B 2024 52.19 85.25 71.77
N TYR B 2025 50.97 84.74 71.62
CA TYR B 2025 50.45 84.16 70.36
C TYR B 2025 50.35 85.27 69.31
N PHE B 2026 49.68 86.38 69.64
CA PHE B 2026 49.52 87.58 68.79
C PHE B 2026 50.88 88.10 68.33
N GLN B 2027 51.82 88.25 69.28
CA GLN B 2027 53.20 88.73 69.01
C GLN B 2027 53.86 87.79 68.00
N ASP B 2028 53.72 86.47 68.15
CA ASP B 2028 54.35 85.48 67.25
C ASP B 2028 53.72 85.59 65.85
N VAL B 2029 52.41 85.82 65.76
CA VAL B 2029 51.69 85.98 64.46
C VAL B 2029 52.20 87.26 63.79
N TYR B 2030 52.35 88.36 64.55
CA TYR B 2030 52.87 89.65 64.05
C TYR B 2030 54.30 89.49 63.50
N ASP B 2031 55.16 88.74 64.18
CA ASP B 2031 56.56 88.45 63.75
C ASP B 2031 56.57 87.69 62.41
N LEU B 2032 55.62 86.77 62.21
CA LEU B 2032 55.52 85.94 60.98
C LEU B 2032 55.00 86.80 59.82
N THR B 2033 53.95 87.59 60.07
CA THR B 2033 53.25 88.43 59.07
C THR B 2033 52.76 89.70 59.72
N GLY B 2034 53.53 90.79 59.58
CA GLY B 2034 53.23 92.12 60.15
C GLY B 2034 51.89 92.61 59.67
N SER B 2035 50.97 92.89 60.60
CA SER B 2035 49.58 93.33 60.33
C SER B 2035 49.16 94.38 61.36
N GLU B 2036 48.58 95.49 60.90
CA GLU B 2036 48.21 96.66 61.73
C GLU B 2036 47.19 96.25 62.79
N PRO B 2037 46.14 95.46 62.46
CA PRO B 2037 45.14 95.07 63.47
C PRO B 2037 45.76 94.27 64.64
N ILE B 2038 46.66 93.33 64.35
CA ILE B 2038 47.33 92.49 65.38
C ILE B 2038 48.29 93.37 66.21
N LYS B 2039 49.09 94.23 65.56
CA LYS B 2039 50.03 95.14 66.25
C LYS B 2039 49.24 96.04 67.21
N GLU B 2040 48.10 96.59 66.75
CA GLU B 2040 47.19 97.44 67.56
C GLU B 2040 46.69 96.65 68.77
N ILE B 2041 46.33 95.37 68.58
CA ILE B 2041 45.85 94.48 69.68
C ILE B 2041 46.98 94.29 70.71
N ILE B 2042 48.21 94.01 70.26
CA ILE B 2042 49.40 93.78 71.14
C ILE B 2042 49.65 95.04 72.00
N ASP B 2043 49.74 96.20 71.35
CA ASP B 2043 50.05 97.52 71.98
C ASP B 2043 48.98 97.84 73.05
N ASN B 2044 47.71 97.60 72.71
CA ASN B 2044 46.52 98.01 73.52
C ASN B 2044 46.00 96.80 74.31
N TRP B 2045 46.82 95.76 74.54
CA TRP B 2045 46.41 94.48 75.17
C TRP B 2045 45.85 94.72 76.58
N GLU B 2046 46.38 95.74 77.27
CA GLU B 2046 46.08 96.04 78.70
C GLU B 2046 44.60 96.46 78.84
N LYS B 2047 44.06 97.25 77.93
CA LYS B 2047 42.65 97.76 78.04
C LYS B 2047 41.67 96.61 77.77
N TYR B 2048 42.06 95.61 76.96
CA TYR B 2048 41.24 94.41 76.64
C TYR B 2048 41.15 93.49 77.86
N GLU B 2049 42.23 93.40 78.66
CA GLU B 2049 42.29 92.60 79.91
C GLU B 2049 41.32 93.16 80.96
N GLN B 2050 41.04 94.48 80.95
CA GLN B 2050 40.09 95.16 81.88
C GLN B 2050 39.23 96.16 81.08
N MET C 1 -51.92 -61.45 98.13
CA MET C 1 -52.68 -61.26 96.85
C MET C 1 -51.91 -61.96 95.71
N LYS C 2 -52.64 -62.72 94.88
CA LYS C 2 -52.06 -63.49 93.75
C LYS C 2 -51.61 -62.53 92.64
N PRO C 3 -50.56 -62.85 91.87
CA PRO C 3 -50.12 -62.01 90.75
C PRO C 3 -51.21 -61.65 89.73
N GLU C 4 -52.06 -62.61 89.33
CA GLU C 4 -53.12 -62.42 88.30
C GLU C 4 -54.28 -61.58 88.86
N VAL C 5 -54.59 -61.68 90.15
CA VAL C 5 -55.65 -60.88 90.83
C VAL C 5 -55.18 -59.43 90.93
N GLU C 6 -53.93 -59.23 91.37
CA GLU C 6 -53.26 -57.90 91.46
C GLU C 6 -53.30 -57.24 90.08
N GLN C 7 -52.99 -58.01 89.03
CA GLN C 7 -53.02 -57.55 87.63
C GLN C 7 -54.44 -57.08 87.28
N GLU C 8 -55.46 -57.87 87.63
CA GLU C 8 -56.88 -57.52 87.40
C GLU C 8 -57.22 -56.20 88.11
N LEU C 9 -56.85 -56.06 89.39
CA LEU C 9 -57.17 -54.85 90.19
C LEU C 9 -56.41 -53.64 89.62
N ALA C 10 -55.15 -53.83 89.23
CA ALA C 10 -54.29 -52.80 88.60
C ALA C 10 -54.92 -52.32 87.29
N HIS C 11 -55.50 -53.24 86.53
CA HIS C 11 -56.18 -52.93 85.23
C HIS C 11 -57.38 -52.04 85.52
N ILE C 12 -58.22 -52.44 86.48
CA ILE C 12 -59.44 -51.67 86.90
C ILE C 12 -59.01 -50.30 87.43
N LEU C 13 -57.99 -50.23 88.28
CA LEU C 13 -57.52 -48.94 88.85
C LEU C 13 -57.03 -48.03 87.73
N LEU C 14 -56.21 -48.55 86.81
CA LEU C 14 -55.60 -47.77 85.70
C LEU C 14 -56.71 -47.23 84.78
N THR C 15 -57.66 -48.08 84.38
CA THR C 15 -58.80 -47.67 83.52
C THR C 15 -59.59 -46.55 84.21
N GLU C 16 -59.86 -46.70 85.51
CA GLU C 16 -60.58 -45.66 86.30
C GLU C 16 -59.73 -44.39 86.37
N LEU C 17 -58.43 -44.50 86.66
CA LEU C 17 -57.54 -43.30 86.79
C LEU C 17 -57.58 -42.49 85.48
N LEU C 18 -57.48 -43.16 84.35
CA LEU C 18 -57.39 -42.49 83.02
C LEU C 18 -58.76 -41.93 82.65
N ALA C 19 -59.81 -42.71 82.89
CA ALA C 19 -61.22 -42.36 82.57
C ALA C 19 -61.57 -41.04 83.24
N TYR C 20 -61.30 -40.92 84.55
CA TYR C 20 -61.68 -39.73 85.36
C TYR C 20 -60.72 -38.57 85.13
N GLN C 21 -59.50 -38.84 84.67
CA GLN C 21 -58.45 -37.81 84.47
C GLN C 21 -58.96 -36.78 83.46
N PHE C 22 -59.66 -37.28 82.43
CA PHE C 22 -60.51 -36.56 81.44
C PHE C 22 -61.14 -35.31 82.07
N ALA C 23 -61.93 -35.53 83.14
CA ALA C 23 -62.83 -34.54 83.77
C ALA C 23 -62.50 -34.35 85.26
N SER C 24 -61.22 -34.45 85.64
CA SER C 24 -60.71 -34.15 86.99
C SER C 24 -59.54 -33.19 86.85
N PRO C 25 -59.26 -32.35 87.86
CA PRO C 25 -58.14 -31.42 87.78
C PRO C 25 -56.77 -32.13 87.81
N VAL C 26 -55.79 -31.49 87.20
CA VAL C 26 -54.40 -31.98 87.11
C VAL C 26 -53.64 -31.44 88.33
N ARG C 27 -53.37 -32.34 89.26
CA ARG C 27 -52.66 -32.04 90.52
C ARG C 27 -51.16 -32.14 90.27
N TRP C 28 -50.61 -31.19 89.52
CA TRP C 28 -49.18 -31.21 89.14
C TRP C 28 -48.31 -30.54 90.23
N ILE C 29 -48.93 -29.78 91.14
CA ILE C 29 -48.24 -29.25 92.36
C ILE C 29 -47.81 -30.46 93.16
N GLU C 30 -48.77 -31.30 93.52
CA GLU C 30 -48.55 -32.47 94.39
C GLU C 30 -47.64 -33.46 93.68
N THR C 31 -47.75 -33.60 92.35
CA THR C 31 -46.92 -34.54 91.54
C THR C 31 -45.45 -34.11 91.65
N GLN C 32 -45.15 -32.86 91.36
CA GLN C 32 -43.79 -32.30 91.47
C GLN C 32 -43.24 -32.49 92.89
N ASP C 33 -44.07 -32.30 93.91
CA ASP C 33 -43.64 -32.51 95.32
C ASP C 33 -43.31 -33.98 95.53
N VAL C 34 -44.07 -34.90 94.95
CA VAL C 34 -43.80 -36.36 95.11
C VAL C 34 -42.44 -36.68 94.48
N PHE C 35 -42.11 -36.18 93.29
CA PHE C 35 -40.90 -36.68 92.59
C PHE C 35 -39.68 -35.82 92.95
N LEU C 36 -39.86 -34.56 93.34
CA LEU C 36 -38.72 -33.68 93.76
C LEU C 36 -38.37 -33.92 95.23
N LYS C 37 -39.35 -34.17 96.11
CA LYS C 37 -39.12 -34.29 97.58
C LYS C 37 -39.11 -35.75 97.99
N ASP C 38 -40.19 -36.51 97.74
CA ASP C 38 -40.35 -37.90 98.26
C ASP C 38 -39.41 -38.89 97.56
N PHE C 39 -38.79 -38.51 96.43
CA PHE C 39 -37.87 -39.35 95.62
C PHE C 39 -36.50 -38.68 95.43
N ASN C 40 -36.36 -37.38 95.73
CA ASN C 40 -35.09 -36.61 95.65
C ASN C 40 -34.48 -36.84 94.28
N THR C 41 -35.29 -36.67 93.26
CA THR C 41 -34.92 -36.91 91.85
C THR C 41 -33.82 -35.93 91.47
N GLU C 42 -32.79 -36.44 90.80
CA GLU C 42 -31.59 -35.68 90.42
C GLU C 42 -31.66 -35.31 88.95
N ARG C 43 -32.31 -36.14 88.13
CA ARG C 43 -32.51 -35.87 86.69
C ARG C 43 -34.02 -35.83 86.45
N VAL C 44 -34.54 -34.68 86.06
CA VAL C 44 -35.94 -34.57 85.57
C VAL C 44 -35.80 -34.41 84.07
N VAL C 45 -36.21 -35.45 83.34
CA VAL C 45 -36.18 -35.46 81.86
C VAL C 45 -37.60 -35.21 81.38
N GLU C 46 -37.81 -34.09 80.72
CA GLU C 46 -39.14 -33.74 80.16
C GLU C 46 -39.15 -34.24 78.73
N ILE C 47 -40.05 -35.17 78.44
CA ILE C 47 -40.28 -35.71 77.07
C ILE C 47 -41.42 -34.90 76.47
N GLY C 48 -41.08 -34.03 75.55
CA GLY C 48 -42.08 -33.19 74.87
C GLY C 48 -41.43 -32.37 73.80
N PRO C 49 -42.23 -31.67 72.98
CA PRO C 49 -41.66 -30.83 71.92
C PRO C 49 -41.17 -29.47 72.43
N SER C 50 -41.60 -29.04 73.63
CA SER C 50 -41.22 -27.73 74.25
C SER C 50 -40.95 -27.89 75.75
N PRO C 51 -40.15 -26.99 76.35
CA PRO C 51 -39.85 -27.05 77.80
C PRO C 51 -40.87 -26.37 78.73
N THR C 52 -42.09 -26.91 78.82
CA THR C 52 -43.20 -26.35 79.65
C THR C 52 -43.04 -26.91 81.07
N LEU C 53 -43.01 -28.24 81.21
CA LEU C 53 -42.89 -28.91 82.54
C LEU C 53 -41.47 -28.72 83.12
N ALA C 54 -40.45 -28.55 82.28
CA ALA C 54 -39.05 -28.27 82.70
C ALA C 54 -39.04 -26.91 83.39
N GLY C 55 -39.53 -25.88 82.67
CA GLY C 55 -39.85 -24.54 83.21
C GLY C 55 -40.59 -24.62 84.53
N MET C 56 -41.59 -25.49 84.63
CA MET C 56 -42.41 -25.60 85.87
C MET C 56 -41.59 -26.17 87.02
N ALA C 57 -40.80 -27.22 86.77
CA ALA C 57 -39.92 -27.87 87.78
C ALA C 57 -38.84 -26.89 88.26
N GLN C 58 -38.21 -26.17 87.33
CA GLN C 58 -37.17 -25.13 87.58
C GLN C 58 -37.70 -24.02 88.48
N ARG C 59 -38.99 -23.65 88.34
CA ARG C 59 -39.67 -22.62 89.17
C ARG C 59 -40.13 -23.24 90.49
N THR C 60 -40.63 -24.47 90.50
CA THR C 60 -41.03 -25.14 91.77
C THR C 60 -39.81 -25.26 92.69
N LEU C 61 -38.64 -25.60 92.12
CA LEU C 61 -37.38 -25.83 92.88
C LEU C 61 -36.94 -24.50 93.52
N LYS C 62 -36.88 -23.44 92.71
CA LYS C 62 -36.49 -22.07 93.14
C LYS C 62 -37.44 -21.54 94.21
N ASN C 63 -38.71 -21.96 94.22
CA ASN C 63 -39.78 -21.40 95.09
C ASN C 63 -39.86 -22.13 96.42
N LYS C 64 -39.53 -23.44 96.49
CA LYS C 64 -39.80 -24.20 97.74
C LYS C 64 -38.74 -25.26 98.06
N TYR C 65 -37.63 -25.35 97.32
CA TYR C 65 -36.60 -26.41 97.52
C TYR C 65 -35.18 -25.84 97.51
N GLU C 66 -35.00 -24.52 97.51
CA GLU C 66 -33.68 -23.89 97.36
C GLU C 66 -32.83 -24.22 98.60
N SER C 67 -33.43 -24.18 99.78
CA SER C 67 -32.75 -24.46 101.08
C SER C 67 -32.62 -25.97 101.26
N TYR C 68 -33.67 -26.74 100.94
CA TYR C 68 -33.68 -28.22 100.91
C TYR C 68 -32.54 -28.75 100.01
N ASP C 69 -32.42 -28.23 98.80
CA ASP C 69 -31.39 -28.71 97.83
C ASP C 69 -29.99 -28.35 98.32
N ALA C 70 -29.82 -27.17 98.94
CA ALA C 70 -28.55 -26.72 99.52
C ALA C 70 -28.17 -27.65 100.67
N ALA C 71 -29.06 -27.80 101.65
CA ALA C 71 -28.85 -28.57 102.89
C ALA C 71 -28.44 -30.02 102.55
N LEU C 72 -29.17 -30.70 101.68
CA LEU C 72 -28.88 -32.11 101.30
C LEU C 72 -27.87 -32.18 100.14
N SER C 73 -27.36 -31.04 99.64
CA SER C 73 -26.29 -30.92 98.63
C SER C 73 -26.62 -31.72 97.35
N LEU C 74 -27.91 -31.92 97.04
CA LEU C 74 -28.33 -32.71 95.85
C LEU C 74 -28.48 -31.77 94.65
N HIS C 75 -27.76 -32.08 93.57
CA HIS C 75 -27.74 -31.30 92.30
C HIS C 75 -28.83 -31.85 91.37
N ARG C 76 -29.81 -31.02 91.06
CA ARG C 76 -30.93 -31.31 90.12
C ARG C 76 -30.47 -30.94 88.73
N GLU C 77 -30.63 -31.84 87.75
CA GLU C 77 -30.61 -31.51 86.31
C GLU C 77 -32.07 -31.53 85.85
N ILE C 78 -32.58 -30.41 85.35
CA ILE C 78 -33.91 -30.33 84.69
C ILE C 78 -33.62 -30.27 83.19
N LEU C 79 -33.85 -31.39 82.53
CA LEU C 79 -33.52 -31.59 81.10
C LEU C 79 -34.83 -31.70 80.33
N CYS C 80 -34.97 -30.94 79.25
CA CYS C 80 -36.05 -31.10 78.27
C CYS C 80 -35.46 -31.81 77.05
N TYR C 81 -36.09 -32.88 76.60
CA TYR C 81 -35.70 -33.64 75.38
C TYR C 81 -35.40 -32.68 74.21
N SER C 82 -36.17 -31.60 74.07
CA SER C 82 -36.14 -30.69 72.89
C SER C 82 -34.88 -29.81 72.86
N LYS C 83 -34.37 -29.39 74.02
CA LYS C 83 -33.18 -28.50 74.14
C LYS C 83 -31.92 -29.27 74.59
N ASP C 84 -32.06 -30.25 75.49
CA ASP C 84 -30.93 -30.82 76.28
C ASP C 84 -30.59 -32.23 75.81
N ALA C 85 -30.66 -32.48 74.50
CA ALA C 85 -30.36 -33.80 73.90
C ALA C 85 -28.96 -34.25 74.31
N LYS C 86 -27.97 -33.35 74.22
CA LYS C 86 -26.53 -33.65 74.52
C LYS C 86 -26.38 -34.17 75.95
N GLU C 87 -27.11 -33.59 76.91
CA GLU C 87 -27.04 -34.01 78.34
C GLU C 87 -27.77 -35.34 78.54
N ILE C 88 -28.84 -35.60 77.76
CA ILE C 88 -29.70 -36.79 77.96
C ILE C 88 -29.02 -37.99 77.27
N TYR C 89 -28.44 -37.76 76.11
CA TYR C 89 -27.77 -38.81 75.29
C TYR C 89 -26.29 -39.01 75.69
N TYR C 90 -25.75 -38.18 76.58
CA TYR C 90 -24.30 -38.19 76.95
C TYR C 90 -23.47 -38.05 75.68
N THR C 91 -23.70 -36.97 74.93
CA THR C 91 -22.92 -36.57 73.74
C THR C 91 -22.42 -35.14 73.94
N PRO C 92 -21.48 -34.89 74.89
CA PRO C 92 -21.00 -33.53 75.15
C PRO C 92 -20.12 -33.03 73.99
N ASP C 93 -19.97 -31.70 73.88
CA ASP C 93 -19.09 -31.03 72.88
C ASP C 93 -17.64 -31.44 73.13
N PRO C 94 -16.85 -31.84 72.09
CA PRO C 94 -15.41 -32.06 72.26
C PRO C 94 -14.65 -30.82 72.75
N LEU C 328 6.22 -1.90 23.31
CA LEU C 328 6.20 -3.36 23.62
C LEU C 328 5.32 -4.08 22.60
N GLU C 329 4.00 -4.11 22.83
CA GLU C 329 2.97 -4.69 21.91
C GLU C 329 2.05 -3.58 21.38
N GLU C 330 2.22 -2.33 21.85
CA GLU C 330 1.39 -1.17 21.42
C GLU C 330 1.76 -0.80 19.98
N ILE C 331 3.05 -0.86 19.65
CA ILE C 331 3.60 -0.57 18.29
C ILE C 331 3.04 -1.57 17.27
N THR C 332 3.02 -2.87 17.59
CA THR C 332 2.50 -3.94 16.70
C THR C 332 0.98 -3.82 16.59
N LYS C 333 0.32 -3.43 17.68
CA LYS C 333 -1.14 -3.15 17.73
C LYS C 333 -1.46 -2.02 16.73
N ASP C 334 -0.68 -0.93 16.76
CA ASP C 334 -0.91 0.28 15.93
C ASP C 334 -0.67 -0.05 14.45
N HIS C 335 0.29 -0.94 14.18
CA HIS C 335 0.61 -1.42 12.82
C HIS C 335 -0.54 -2.31 12.31
N LYS C 336 -1.11 -3.16 13.17
CA LYS C 336 -2.24 -4.05 12.80
C LYS C 336 -3.47 -3.18 12.54
N VAL C 337 -3.64 -2.09 13.27
CA VAL C 337 -4.76 -1.16 13.03
C VAL C 337 -4.62 -0.57 11.62
N LEU C 338 -3.43 -0.12 11.27
CA LEU C 338 -3.16 0.43 9.91
C LEU C 338 -3.44 -0.64 8.85
N ALA C 339 -2.86 -1.82 9.04
CA ALA C 339 -3.07 -2.93 8.08
C ALA C 339 -4.55 -3.25 7.92
N ARG C 340 -5.28 -3.29 9.03
CA ARG C 340 -6.73 -3.61 8.98
C ARG C 340 -7.44 -2.52 8.21
N GLN C 341 -7.02 -1.28 8.41
CA GLN C 341 -7.65 -0.14 7.72
C GLN C 341 -7.33 -0.19 6.24
N GLN C 342 -6.10 -0.57 5.88
CA GLN C 342 -5.72 -0.72 4.45
C GLN C 342 -6.51 -1.86 3.82
N LEU C 343 -6.60 -2.99 4.51
CA LEU C 343 -7.46 -4.10 4.01
C LEU C 343 -8.90 -3.62 3.82
N GLN C 344 -9.45 -2.87 4.76
CA GLN C 344 -10.84 -2.35 4.57
C GLN C 344 -10.94 -1.48 3.34
N VAL C 345 -10.00 -0.56 3.15
CA VAL C 345 -10.08 0.33 1.97
C VAL C 345 -10.05 -0.52 0.72
N LEU C 346 -9.18 -1.54 0.67
CA LEU C 346 -9.10 -2.36 -0.57
C LEU C 346 -10.39 -3.14 -0.73
N ALA C 347 -10.94 -3.68 0.37
CA ALA C 347 -12.23 -4.46 0.33
C ALA C 347 -13.30 -3.61 -0.31
N ARG C 348 -13.39 -2.35 0.09
CA ARG C 348 -14.36 -1.36 -0.46
C ARG C 348 -14.10 -1.05 -1.92
N TYR C 349 -12.85 -0.81 -2.33
CA TYR C 349 -12.49 -0.63 -3.77
C TYR C 349 -12.96 -1.85 -4.56
N LEU C 350 -12.66 -3.05 -4.05
CA LEU C 350 -13.01 -4.31 -4.75
C LEU C 350 -14.50 -4.67 -4.66
N LYS C 351 -15.31 -3.96 -3.86
CA LYS C 351 -16.75 -4.24 -3.64
C LYS C 351 -16.87 -5.67 -3.07
N MET C 352 -15.97 -5.98 -2.16
CA MET C 352 -15.93 -7.23 -1.40
C MET C 352 -16.63 -6.99 -0.08
N ASP C 353 -17.70 -7.74 0.11
CA ASP C 353 -18.40 -7.82 1.40
C ASP C 353 -17.70 -8.87 2.25
N LEU C 354 -16.85 -8.45 3.16
CA LEU C 354 -16.03 -9.37 3.98
C LEU C 354 -16.91 -10.18 4.94
N ASP C 355 -18.04 -9.62 5.36
CA ASP C 355 -18.92 -10.23 6.39
C ASP C 355 -20.03 -11.07 5.73
N ASN C 356 -20.08 -11.17 4.41
CA ASN C 356 -21.14 -11.87 3.65
C ASN C 356 -21.29 -13.31 4.16
N GLY C 357 -20.16 -13.98 4.42
CA GLY C 357 -20.16 -15.39 4.82
C GLY C 357 -20.61 -15.55 6.27
N GLU C 358 -20.16 -14.70 7.17
CA GLU C 358 -20.59 -14.78 8.59
C GLU C 358 -22.10 -14.42 8.67
N ARG C 359 -22.58 -13.58 7.79
CA ARG C 359 -24.01 -13.17 7.70
C ARG C 359 -24.86 -14.37 7.22
N LYS C 360 -24.44 -15.04 6.16
CA LYS C 360 -25.12 -16.26 5.63
C LYS C 360 -25.10 -17.35 6.70
N PHE C 361 -23.97 -17.51 7.38
CA PHE C 361 -23.83 -18.50 8.44
C PHE C 361 -24.89 -18.32 9.53
N LEU C 362 -25.19 -17.09 9.90
CA LEU C 362 -26.04 -16.83 11.09
C LEU C 362 -27.51 -17.00 10.71
N LYS C 363 -27.89 -16.70 9.46
CA LYS C 363 -29.18 -17.06 8.85
C LYS C 363 -29.39 -18.59 8.87
N GLU C 364 -28.40 -19.40 8.46
CA GLU C 364 -28.53 -20.88 8.41
C GLU C 364 -28.56 -21.44 9.83
N LYS C 365 -27.78 -20.89 10.75
CA LYS C 365 -27.79 -21.32 12.17
C LYS C 365 -29.20 -21.13 12.77
N ASP C 366 -29.94 -20.13 12.31
CA ASP C 366 -31.34 -19.86 12.75
C ASP C 366 -32.29 -20.87 12.09
N THR C 367 -32.05 -21.21 10.83
CA THR C 367 -32.80 -22.25 10.10
C THR C 367 -32.59 -23.61 10.78
N VAL C 368 -31.39 -23.90 11.25
CA VAL C 368 -31.06 -25.18 11.92
C VAL C 368 -31.85 -25.29 13.21
N ALA C 369 -31.90 -24.21 13.99
CA ALA C 369 -32.53 -24.17 15.32
C ALA C 369 -34.05 -24.29 15.12
N GLU C 370 -34.60 -23.72 14.08
CA GLU C 370 -36.04 -23.82 13.72
C GLU C 370 -36.39 -25.28 13.35
N LEU C 371 -35.57 -25.94 12.55
CA LEU C 371 -35.78 -27.34 12.13
C LEU C 371 -35.57 -28.26 13.33
N GLN C 372 -34.59 -27.96 14.16
CA GLN C 372 -34.28 -28.81 15.32
C GLN C 372 -35.43 -28.72 16.33
N ALA C 373 -36.12 -27.60 16.39
CA ALA C 373 -37.25 -27.39 17.31
C ALA C 373 -38.43 -28.25 16.81
N GLN C 374 -38.64 -28.30 15.50
CA GLN C 374 -39.71 -29.10 14.87
C GLN C 374 -39.43 -30.58 15.18
N LEU C 375 -38.19 -31.02 15.04
CA LEU C 375 -37.83 -32.41 15.28
C LEU C 375 -37.97 -32.72 16.75
N ASP C 376 -37.53 -31.83 17.60
CA ASP C 376 -37.60 -32.01 19.05
C ASP C 376 -39.07 -32.16 19.47
N TYR C 377 -39.93 -31.37 18.87
CA TYR C 377 -41.37 -31.37 19.15
C TYR C 377 -41.95 -32.74 18.76
N LEU C 378 -41.65 -33.23 17.58
CA LEU C 378 -42.13 -34.56 17.15
C LEU C 378 -41.59 -35.66 18.03
N ASN C 379 -40.35 -35.60 18.48
CA ASN C 379 -39.80 -36.54 19.45
C ASN C 379 -40.57 -36.47 20.77
N ALA C 380 -40.85 -35.29 21.27
CA ALA C 380 -41.63 -35.14 22.52
C ALA C 380 -43.06 -35.70 22.31
N GLU C 381 -43.64 -35.59 21.13
CA GLU C 381 -45.00 -36.12 20.88
C GLU C 381 -45.00 -37.63 20.65
N LEU C 382 -44.06 -38.18 19.91
CA LEU C 382 -44.09 -39.62 19.53
C LEU C 382 -43.19 -40.43 20.39
N GLY C 383 -42.14 -39.81 20.89
CA GLY C 383 -41.15 -40.53 21.66
C GLY C 383 -40.13 -41.12 20.73
N GLU C 384 -38.99 -41.43 21.30
CA GLU C 384 -37.78 -41.90 20.59
C GLU C 384 -38.08 -43.29 20.01
N PHE C 385 -38.69 -44.14 20.80
CA PHE C 385 -38.92 -45.53 20.37
C PHE C 385 -39.66 -45.55 19.03
N PHE C 386 -40.69 -44.74 18.94
CA PHE C 386 -41.55 -44.63 17.76
C PHE C 386 -40.79 -43.96 16.63
N VAL C 387 -40.19 -42.82 16.89
CA VAL C 387 -39.50 -42.05 15.83
C VAL C 387 -38.39 -42.94 15.26
N ASN C 388 -37.62 -43.61 16.09
CA ASN C 388 -36.54 -44.49 15.58
C ASN C 388 -37.16 -45.73 14.92
N GLY C 389 -38.29 -46.16 15.48
CA GLY C 389 -38.98 -47.39 15.09
C GLY C 389 -39.51 -47.32 13.70
N VAL C 390 -39.89 -46.16 13.19
CA VAL C 390 -40.55 -46.09 11.86
C VAL C 390 -39.51 -45.99 10.75
N ALA C 391 -38.24 -46.20 11.03
CA ALA C 391 -37.18 -46.19 10.00
C ALA C 391 -37.42 -47.28 8.96
N THR C 392 -37.27 -46.98 7.67
CA THR C 392 -37.40 -47.97 6.58
C THR C 392 -36.32 -49.05 6.66
N SER C 393 -36.71 -50.24 6.26
CA SER C 393 -35.83 -51.42 6.14
C SER C 393 -35.89 -51.94 4.71
N PHE C 394 -37.04 -51.83 4.08
CA PHE C 394 -37.32 -52.46 2.79
C PHE C 394 -36.53 -51.78 1.69
N SER C 395 -35.99 -52.61 0.82
CA SER C 395 -35.43 -52.22 -0.49
C SER C 395 -35.55 -53.40 -1.41
N ARG C 396 -35.97 -53.16 -2.62
CA ARG C 396 -36.08 -54.20 -3.61
C ARG C 396 -34.76 -54.94 -3.81
N LYS C 397 -33.63 -54.27 -3.77
CA LYS C 397 -32.36 -54.94 -4.11
C LYS C 397 -31.95 -55.93 -3.04
N LYS C 398 -32.50 -55.80 -1.84
CA LYS C 398 -32.19 -56.75 -0.78
C LYS C 398 -33.02 -58.02 -0.86
N ALA C 399 -33.94 -58.12 -1.76
CA ALA C 399 -34.81 -59.31 -1.85
C ALA C 399 -33.96 -60.51 -2.24
N ARG C 400 -34.05 -61.58 -1.48
CA ARG C 400 -33.30 -62.82 -1.73
C ARG C 400 -34.27 -63.85 -2.19
N THR C 401 -33.99 -64.46 -3.32
CA THR C 401 -34.89 -65.41 -3.96
C THR C 401 -34.34 -66.81 -3.78
N PHE C 402 -35.13 -67.74 -3.28
CA PHE C 402 -34.77 -69.16 -3.13
C PHE C 402 -35.72 -70.00 -3.97
N ASP C 403 -35.19 -70.67 -5.00
CA ASP C 403 -35.98 -71.48 -5.94
C ASP C 403 -35.30 -72.74 -6.44
N SER C 404 -34.10 -73.09 -5.98
CA SER C 404 -33.29 -74.17 -6.58
C SER C 404 -33.56 -75.49 -5.90
N SER C 405 -34.85 -75.81 -5.74
CA SER C 405 -35.34 -77.03 -5.11
C SER C 405 -34.86 -78.26 -5.90
N TRP C 406 -34.68 -78.09 -7.20
CA TRP C 406 -34.10 -79.13 -8.10
C TRP C 406 -32.74 -79.55 -7.58
N ASN C 407 -31.96 -78.64 -6.99
CA ASN C 407 -30.63 -79.01 -6.51
C ASN C 407 -30.75 -79.53 -5.11
N TRP C 408 -31.54 -78.86 -4.29
CA TRP C 408 -31.67 -79.22 -2.86
C TRP C 408 -32.22 -80.61 -2.69
N ALA C 409 -33.08 -81.08 -3.58
CA ALA C 409 -33.62 -82.45 -3.44
C ALA C 409 -32.52 -83.50 -3.45
N LYS C 410 -31.54 -83.34 -4.34
CA LYS C 410 -30.42 -84.29 -4.44
C LYS C 410 -29.51 -84.18 -3.26
N GLN C 411 -29.27 -82.98 -2.79
CA GLN C 411 -28.50 -82.79 -1.58
C GLN C 411 -29.21 -83.50 -0.41
N SER C 412 -30.51 -83.30 -0.28
CA SER C 412 -31.29 -83.89 0.83
C SER C 412 -31.21 -85.41 0.77
N LEU C 413 -31.33 -85.97 -0.41
CA LEU C 413 -31.21 -87.43 -0.58
C LEU C 413 -29.86 -87.90 -0.14
N LEU C 414 -28.81 -87.26 -0.60
CA LEU C 414 -27.45 -87.72 -0.27
C LEU C 414 -27.18 -87.59 1.21
N SER C 415 -27.67 -86.55 1.85
CA SER C 415 -27.54 -86.35 3.31
C SER C 415 -28.23 -87.48 4.08
N LEU C 416 -29.44 -87.82 3.65
CA LEU C 416 -30.21 -88.90 4.29
C LEU C 416 -29.46 -90.20 4.09
N TYR C 417 -29.04 -90.46 2.87
CA TYR C 417 -28.26 -91.65 2.48
C TYR C 417 -27.08 -91.81 3.43
N PHE C 418 -26.27 -90.76 3.63
CA PHE C 418 -25.04 -90.91 4.43
C PHE C 418 -25.41 -90.95 5.90
N GLU C 419 -26.45 -90.22 6.32
CA GLU C 419 -26.89 -90.27 7.74
C GLU C 419 -27.33 -91.68 8.13
N ILE C 420 -27.96 -92.40 7.23
CA ILE C 420 -28.35 -93.81 7.51
C ILE C 420 -27.11 -94.68 7.51
N ILE C 421 -26.27 -94.57 6.48
CA ILE C 421 -25.02 -95.38 6.40
C ILE C 421 -24.20 -95.17 7.66
N HIS C 422 -24.09 -93.97 8.18
CA HIS C 422 -23.26 -93.67 9.38
C HIS C 422 -24.03 -93.94 10.68
N GLY C 423 -25.30 -94.31 10.63
CA GLY C 423 -26.09 -94.65 11.83
C GLY C 423 -26.54 -93.44 12.60
N VAL C 424 -26.55 -92.25 12.01
CA VAL C 424 -27.01 -90.99 12.66
C VAL C 424 -28.56 -90.99 12.68
N LEU C 425 -29.18 -91.56 11.65
CA LEU C 425 -30.63 -91.83 11.52
C LEU C 425 -30.82 -93.33 11.45
N LYS C 426 -31.73 -93.83 12.30
CA LYS C 426 -32.08 -95.28 12.42
C LYS C 426 -33.47 -95.48 11.84
N ASN C 427 -33.87 -96.74 11.66
CA ASN C 427 -35.21 -97.13 11.14
C ASN C 427 -36.34 -96.80 12.14
N VAL C 428 -36.06 -96.28 13.33
CA VAL C 428 -37.10 -95.87 14.32
C VAL C 428 -37.28 -94.33 14.31
N ASP C 429 -36.45 -93.59 13.57
CA ASP C 429 -36.45 -92.11 13.62
C ASP C 429 -37.53 -91.60 12.67
N ARG C 430 -38.31 -90.65 13.15
CA ARG C 430 -39.34 -89.95 12.35
C ARG C 430 -38.70 -89.01 11.34
N GLU C 431 -37.49 -88.54 11.62
CA GLU C 431 -36.70 -87.69 10.69
C GLU C 431 -36.60 -88.40 9.34
N VAL C 432 -36.46 -89.73 9.34
CA VAL C 432 -36.42 -90.52 8.10
C VAL C 432 -37.71 -90.25 7.31
N VAL C 433 -38.84 -90.28 7.98
CA VAL C 433 -40.13 -90.17 7.28
C VAL C 433 -40.27 -88.72 6.81
N SER C 434 -39.90 -87.76 7.66
CA SER C 434 -40.03 -86.33 7.32
C SER C 434 -39.15 -86.01 6.11
N GLU C 435 -37.95 -86.60 6.06
CA GLU C 435 -37.04 -86.36 4.92
C GLU C 435 -37.61 -87.04 3.68
N ALA C 436 -38.13 -88.25 3.80
CA ALA C 436 -38.86 -88.90 2.68
C ALA C 436 -39.91 -87.96 2.11
N ILE C 437 -40.71 -87.34 2.97
CA ILE C 437 -41.79 -86.45 2.47
C ILE C 437 -41.19 -85.27 1.69
N ASN C 438 -40.14 -84.69 2.19
CA ASN C 438 -39.54 -83.52 1.53
C ASN C 438 -38.85 -83.95 0.24
N ILE C 439 -38.33 -85.15 0.19
CA ILE C 439 -37.75 -85.65 -1.07
C ILE C 439 -38.84 -85.94 -2.08
N MET C 440 -39.95 -86.57 -1.67
CA MET C 440 -41.09 -86.83 -2.57
C MET C 440 -41.70 -85.57 -3.11
N ASN C 441 -41.71 -84.54 -2.30
CA ASN C 441 -42.26 -83.25 -2.71
C ASN C 441 -41.44 -82.60 -3.81
N ARG C 442 -40.23 -83.05 -4.03
CA ARG C 442 -39.32 -82.50 -5.05
C ARG C 442 -39.10 -83.54 -6.15
N SER C 443 -39.87 -84.61 -6.17
CA SER C 443 -39.74 -85.71 -7.15
C SER C 443 -39.77 -85.14 -8.58
N ASN C 444 -38.75 -85.47 -9.34
CA ASN C 444 -38.63 -85.20 -10.78
C ASN C 444 -37.72 -86.29 -11.32
N ASP C 445 -37.61 -86.35 -12.64
CA ASP C 445 -36.92 -87.44 -13.37
C ASP C 445 -35.46 -87.50 -12.98
N ALA C 446 -34.80 -86.36 -12.86
CA ALA C 446 -33.38 -86.27 -12.49
C ALA C 446 -33.20 -86.84 -11.08
N LEU C 447 -34.11 -86.48 -10.17
CA LEU C 447 -33.98 -86.93 -8.77
C LEU C 447 -34.08 -88.44 -8.73
N ILE C 448 -35.00 -88.98 -9.50
CA ILE C 448 -35.21 -90.46 -9.53
C ILE C 448 -33.99 -91.17 -10.10
N LYS C 449 -33.41 -90.70 -11.18
CA LYS C 449 -32.15 -91.27 -11.70
C LYS C 449 -31.04 -91.17 -10.66
N PHE C 450 -30.95 -90.06 -9.98
CA PHE C 450 -29.96 -89.85 -8.91
C PHE C 450 -30.12 -90.92 -7.84
N MET C 451 -31.34 -91.10 -7.38
CA MET C 451 -31.64 -92.07 -6.29
C MET C 451 -31.37 -93.46 -6.78
N GLU C 452 -31.78 -93.76 -8.01
CA GLU C 452 -31.57 -95.10 -8.59
C GLU C 452 -30.08 -95.38 -8.62
N TYR C 453 -29.26 -94.44 -9.11
CA TYR C 453 -27.81 -94.71 -9.15
C TYR C 453 -27.31 -94.99 -7.75
N HIS C 454 -27.55 -94.11 -6.79
CA HIS C 454 -26.98 -94.19 -5.43
C HIS C 454 -27.44 -95.46 -4.73
N ILE C 455 -28.73 -95.77 -4.81
CA ILE C 455 -29.30 -96.95 -4.11
C ILE C 455 -28.86 -98.23 -4.83
N SER C 456 -28.99 -98.33 -6.15
CA SER C 456 -28.58 -99.55 -6.90
C SER C 456 -27.11 -99.87 -6.71
N ASN C 457 -26.23 -98.87 -6.54
CA ASN C 457 -24.76 -99.10 -6.41
C ASN C 457 -24.39 -99.22 -4.93
N THR C 458 -25.36 -99.32 -4.04
CA THR C 458 -25.13 -99.51 -2.59
C THR C 458 -24.83 -101.01 -2.39
N ASP C 459 -23.75 -101.33 -1.72
CA ASP C 459 -23.35 -102.74 -1.45
C ASP C 459 -23.93 -103.11 -0.09
N GLU C 460 -25.10 -103.76 -0.09
CA GLU C 460 -25.83 -104.17 1.15
C GLU C 460 -24.99 -105.10 2.04
N THR C 461 -23.96 -105.78 1.51
CA THR C 461 -23.10 -106.73 2.29
C THR C 461 -22.07 -105.99 3.16
N LYS C 462 -21.87 -104.68 2.96
CA LYS C 462 -20.88 -103.87 3.71
C LYS C 462 -21.31 -103.67 5.17
N GLY C 463 -22.56 -103.98 5.52
CA GLY C 463 -23.06 -103.77 6.89
C GLY C 463 -24.57 -103.65 6.92
N GLU C 464 -25.13 -103.63 8.13
CA GLU C 464 -26.58 -103.51 8.38
C GLU C 464 -27.06 -102.13 7.88
N ASN C 465 -26.31 -101.06 8.17
CA ASN C 465 -26.74 -99.69 7.78
C ASN C 465 -26.85 -99.64 6.26
N TYR C 466 -26.02 -100.39 5.54
CA TYR C 466 -26.05 -100.40 4.07
C TYR C 466 -27.31 -101.09 3.59
N GLN C 467 -27.70 -102.15 4.29
CA GLN C 467 -28.93 -102.90 3.94
C GLN C 467 -30.10 -101.98 4.22
N LEU C 468 -30.08 -101.33 5.37
CA LEU C 468 -31.13 -100.35 5.71
C LEU C 468 -31.25 -99.29 4.61
N VAL C 469 -30.14 -98.71 4.14
CA VAL C 469 -30.27 -97.56 3.21
C VAL C 469 -30.78 -98.10 1.91
N LYS C 470 -30.34 -99.29 1.53
CA LYS C 470 -30.76 -99.93 0.28
C LYS C 470 -32.28 -100.18 0.26
N THR C 471 -32.82 -100.72 1.34
CA THR C 471 -34.28 -101.01 1.48
C THR C 471 -35.06 -99.71 1.52
N LEU C 472 -34.66 -98.77 2.37
CA LEU C 472 -35.34 -97.44 2.44
C LEU C 472 -35.27 -96.79 1.08
N GLY C 473 -34.08 -96.73 0.49
CA GLY C 473 -33.89 -96.08 -0.81
C GLY C 473 -34.76 -96.68 -1.88
N GLU C 474 -34.87 -98.01 -1.93
CA GLU C 474 -35.75 -98.67 -2.94
C GLU C 474 -37.22 -98.26 -2.73
N GLN C 475 -37.65 -98.16 -1.50
CA GLN C 475 -39.03 -97.70 -1.20
C GLN C 475 -39.19 -96.22 -1.61
N LEU C 476 -38.20 -95.40 -1.31
CA LEU C 476 -38.30 -93.94 -1.60
C LEU C 476 -38.30 -93.76 -3.11
N ILE C 477 -37.58 -94.61 -3.85
CA ILE C 477 -37.64 -94.55 -5.31
C ILE C 477 -39.08 -94.82 -5.78
N GLU C 478 -39.68 -95.90 -5.29
CA GLU C 478 -41.09 -96.27 -5.65
C GLU C 478 -42.00 -95.10 -5.29
N ASN C 479 -41.82 -94.50 -4.12
CA ASN C 479 -42.68 -93.34 -3.77
C ASN C 479 -42.52 -92.20 -4.75
N CYS C 480 -41.28 -91.91 -5.13
CA CYS C 480 -40.98 -90.73 -5.96
C CYS C 480 -41.53 -90.94 -7.36
N LYS C 481 -41.48 -92.16 -7.88
CA LYS C 481 -42.14 -92.48 -9.18
C LYS C 481 -43.66 -92.25 -9.11
N GLN C 482 -44.31 -92.68 -8.05
CA GLN C 482 -45.78 -92.48 -7.89
C GLN C 482 -46.16 -90.99 -7.79
N VAL C 483 -45.34 -90.14 -7.17
CA VAL C 483 -45.72 -88.72 -6.95
C VAL C 483 -45.07 -87.79 -7.95
N LEU C 484 -44.47 -88.34 -8.98
CA LEU C 484 -43.78 -87.57 -10.03
C LEU C 484 -44.69 -86.46 -10.54
N ASP C 485 -45.98 -86.73 -10.75
CA ASP C 485 -46.92 -85.77 -11.39
C ASP C 485 -47.97 -85.30 -10.38
N VAL C 486 -47.71 -85.49 -9.09
CA VAL C 486 -48.64 -85.18 -7.99
C VAL C 486 -48.15 -83.90 -7.31
N ASP C 487 -49.07 -83.07 -6.91
CA ASP C 487 -48.80 -81.81 -6.19
C ASP C 487 -48.13 -82.10 -4.87
N PRO C 488 -47.15 -81.28 -4.44
CA PRO C 488 -46.47 -81.55 -3.19
C PRO C 488 -47.41 -81.22 -2.03
N VAL C 489 -47.16 -81.85 -0.91
CA VAL C 489 -48.03 -81.74 0.29
C VAL C 489 -47.21 -81.33 1.50
N TYR C 490 -47.82 -80.42 2.23
CA TYR C 490 -47.58 -80.20 3.65
C TYR C 490 -48.14 -81.38 4.39
N LYS C 491 -47.29 -82.03 5.13
CA LYS C 491 -47.61 -83.28 5.85
C LYS C 491 -46.64 -83.33 7.02
N ASP C 492 -47.08 -83.04 8.22
CA ASP C 492 -46.19 -83.02 9.42
C ASP C 492 -46.31 -84.38 10.11
N VAL C 493 -45.19 -85.04 10.34
CA VAL C 493 -45.15 -86.35 11.01
C VAL C 493 -44.34 -86.26 12.31
N ALA C 494 -44.02 -85.06 12.78
CA ALA C 494 -43.30 -84.88 14.05
C ALA C 494 -44.20 -85.34 15.21
N LYS C 495 -43.58 -85.89 16.24
CA LYS C 495 -44.25 -86.36 17.50
C LYS C 495 -44.87 -85.13 18.16
N PRO C 496 -46.19 -85.09 18.40
CA PRO C 496 -46.78 -84.01 19.21
C PRO C 496 -46.16 -83.94 20.61
N THR C 497 -45.84 -82.73 21.08
CA THR C 497 -45.16 -82.49 22.38
C THR C 497 -46.11 -81.72 23.32
N GLY C 498 -46.28 -82.27 24.53
CA GLY C 498 -46.94 -81.60 25.68
C GLY C 498 -45.96 -80.82 26.55
N PRO C 499 -46.44 -79.89 27.39
CA PRO C 499 -45.57 -79.18 28.33
C PRO C 499 -45.36 -80.07 29.57
N LYS C 500 -44.16 -80.03 30.13
CA LYS C 500 -43.76 -80.76 31.38
C LYS C 500 -42.80 -79.88 32.16
N THR C 501 -43.26 -79.34 33.28
CA THR C 501 -42.43 -78.54 34.24
C THR C 501 -41.93 -79.50 35.33
N ALA C 502 -40.65 -79.38 35.67
CA ALA C 502 -39.98 -80.17 36.74
C ALA C 502 -39.26 -79.20 37.68
N ILE C 503 -39.44 -79.41 38.98
CA ILE C 503 -38.60 -78.77 40.04
C ILE C 503 -37.72 -79.88 40.63
N ASP C 504 -36.40 -79.75 40.47
CA ASP C 504 -35.41 -80.71 41.07
C ASP C 504 -35.35 -80.48 42.59
N LYS C 505 -34.60 -81.35 43.30
CA LYS C 505 -34.46 -81.34 44.78
C LYS C 505 -33.93 -79.97 45.24
N ASN C 506 -33.00 -79.36 44.49
CA ASN C 506 -32.32 -78.08 44.83
C ASN C 506 -33.08 -76.87 44.25
N GLY C 507 -34.36 -77.03 43.84
CA GLY C 507 -35.26 -75.93 43.44
C GLY C 507 -34.82 -75.18 42.17
N ASN C 508 -34.35 -75.91 41.17
CA ASN C 508 -34.23 -75.41 39.76
C ASN C 508 -35.48 -75.86 38.99
N ILE C 509 -36.04 -74.95 38.20
CA ILE C 509 -37.27 -75.16 37.37
C ILE C 509 -36.84 -75.46 35.93
N THR C 510 -37.05 -76.69 35.45
CA THR C 510 -36.82 -77.14 34.05
C THR C 510 -38.15 -77.23 33.29
N TYR C 511 -38.36 -76.35 32.29
CA TYR C 511 -39.45 -76.45 31.27
C TYR C 511 -38.98 -77.27 30.07
N SER C 512 -39.59 -78.44 29.83
CA SER C 512 -39.29 -79.35 28.70
C SER C 512 -40.56 -79.70 27.89
N GLU C 513 -40.47 -79.60 26.55
CA GLU C 513 -41.46 -80.17 25.60
C GLU C 513 -41.30 -81.69 25.60
N GLU C 514 -42.31 -82.43 26.09
CA GLU C 514 -42.30 -83.89 26.29
C GLU C 514 -43.34 -84.55 25.37
N PRO C 515 -43.01 -85.68 24.70
CA PRO C 515 -44.00 -86.43 23.92
C PRO C 515 -45.27 -86.81 24.68
N ARG C 516 -46.44 -86.38 24.18
CA ARG C 516 -47.78 -86.73 24.72
C ARG C 516 -47.99 -88.24 24.64
N GLU C 517 -48.67 -88.81 25.63
CA GLU C 517 -48.89 -90.28 25.75
C GLU C 517 -49.97 -90.72 24.76
N LYS C 518 -51.12 -90.03 24.77
CA LYS C 518 -52.35 -90.41 24.02
C LYS C 518 -52.22 -89.99 22.54
N VAL C 519 -51.48 -88.93 22.25
CA VAL C 519 -51.42 -88.22 20.94
C VAL C 519 -50.01 -88.40 20.36
N ARG C 520 -49.82 -89.36 19.47
CA ARG C 520 -48.47 -89.63 18.88
C ARG C 520 -48.42 -89.29 17.37
N LYS C 521 -49.53 -88.84 16.77
CA LYS C 521 -49.59 -88.38 15.36
C LYS C 521 -50.55 -87.19 15.27
N LEU C 522 -50.51 -86.45 14.16
CA LEU C 522 -51.44 -85.31 13.98
C LEU C 522 -52.88 -85.80 13.81
N SER C 523 -53.12 -86.98 13.25
CA SER C 523 -54.50 -87.53 13.08
C SER C 523 -55.18 -87.71 14.45
N GLN C 524 -54.42 -88.12 15.47
CA GLN C 524 -54.90 -88.31 16.86
C GLN C 524 -55.04 -86.97 17.54
N TYR C 525 -54.18 -86.02 17.19
CA TYR C 525 -54.31 -84.63 17.67
C TYR C 525 -55.66 -84.11 17.20
N VAL C 526 -56.01 -84.37 15.95
CA VAL C 526 -57.28 -83.80 15.40
C VAL C 526 -58.48 -84.41 16.15
N GLN C 527 -58.46 -85.72 16.36
CA GLN C 527 -59.44 -86.49 17.17
C GLN C 527 -59.57 -85.88 18.57
N GLU C 528 -58.46 -85.62 19.24
CA GLU C 528 -58.45 -84.98 20.58
C GLU C 528 -59.06 -83.60 20.48
N MET C 529 -58.79 -82.84 19.41
CA MET C 529 -59.33 -81.47 19.29
C MET C 529 -60.85 -81.58 19.14
N ALA C 530 -61.32 -82.52 18.33
CA ALA C 530 -62.75 -82.69 17.98
C ALA C 530 -63.57 -83.01 19.26
N LEU C 531 -63.03 -83.83 20.16
CA LEU C 531 -63.76 -84.35 21.34
C LEU C 531 -63.83 -83.29 22.42
N GLY C 532 -62.99 -82.26 22.35
CA GLY C 532 -62.94 -81.23 23.39
C GLY C 532 -62.62 -81.89 24.72
N GLY C 533 -63.07 -81.28 25.80
CA GLY C 533 -62.95 -81.82 27.16
C GLY C 533 -64.26 -81.68 27.91
N PRO C 534 -64.33 -82.20 29.16
CA PRO C 534 -65.48 -81.94 30.04
C PRO C 534 -65.69 -80.44 30.29
N ILE C 535 -64.61 -79.65 30.29
CA ILE C 535 -64.65 -78.17 30.44
C ILE C 535 -65.35 -77.51 29.24
N THR C 536 -65.29 -78.09 28.03
CA THR C 536 -65.90 -77.50 26.79
C THR C 536 -67.31 -78.06 26.58
N LYS C 537 -68.00 -78.45 27.65
CA LYS C 537 -69.37 -79.03 27.60
C LYS C 537 -70.34 -77.95 28.11
N GLU C 538 -71.16 -77.39 27.21
CA GLU C 538 -72.25 -76.45 27.55
C GLU C 538 -73.53 -77.25 27.84
N SER C 539 -74.59 -76.58 28.32
CA SER C 539 -75.89 -77.18 28.72
C SER C 539 -76.98 -76.80 27.70
N GLU C 602 -53.74 -97.98 12.03
CA GLU C 602 -52.40 -98.59 12.32
C GLU C 602 -51.30 -97.84 11.57
N ASP C 603 -50.11 -97.76 12.17
CA ASP C 603 -48.92 -97.03 11.63
C ASP C 603 -47.64 -97.62 12.21
N ALA C 604 -46.54 -97.47 11.48
CA ALA C 604 -45.19 -97.98 11.82
C ALA C 604 -44.29 -96.87 12.40
N LEU C 605 -44.83 -95.67 12.70
CA LEU C 605 -44.06 -94.54 13.31
C LEU C 605 -43.41 -95.01 14.61
N ASP C 606 -42.14 -94.67 14.81
CA ASP C 606 -41.30 -94.95 16.01
C ASP C 606 -40.90 -96.44 16.07
N LYS C 607 -41.26 -97.28 15.09
CA LYS C 607 -40.88 -98.72 15.07
C LYS C 607 -40.26 -99.11 13.71
N ASP C 608 -40.83 -98.70 12.56
CA ASP C 608 -40.30 -99.04 11.21
C ASP C 608 -40.57 -97.87 10.26
N SER C 609 -39.61 -96.95 10.17
CA SER C 609 -39.68 -95.73 9.30
C SER C 609 -39.84 -96.16 7.84
N THR C 610 -39.17 -97.24 7.42
CA THR C 610 -39.26 -97.81 6.06
C THR C 610 -40.70 -98.19 5.72
N LYS C 611 -41.42 -98.82 6.66
CA LYS C 611 -42.86 -99.14 6.48
C LYS C 611 -43.65 -97.85 6.42
N GLU C 612 -43.37 -96.88 7.29
CA GLU C 612 -44.12 -95.60 7.29
C GLU C 612 -43.88 -94.89 5.94
N VAL C 613 -42.67 -95.01 5.39
CA VAL C 613 -42.31 -94.35 4.10
C VAL C 613 -43.14 -95.01 3.01
N ALA C 614 -43.24 -96.35 3.00
CA ALA C 614 -44.02 -97.11 1.99
C ALA C 614 -45.50 -96.66 1.97
N SER C 615 -46.03 -96.18 3.09
CA SER C 615 -47.43 -95.73 3.23
C SER C 615 -47.65 -94.32 2.67
N LEU C 616 -46.61 -93.52 2.47
CA LEU C 616 -46.73 -92.04 2.30
C LEU C 616 -47.49 -91.67 1.03
N PRO C 617 -47.32 -92.36 -0.11
CA PRO C 617 -48.06 -91.98 -1.32
C PRO C 617 -49.56 -92.35 -1.26
N ASN C 618 -49.93 -93.33 -0.43
CA ASN C 618 -51.28 -93.95 -0.38
C ASN C 618 -52.26 -92.96 0.25
N LYS C 619 -53.13 -92.37 -0.56
CA LYS C 619 -54.24 -91.50 -0.08
C LYS C 619 -55.22 -92.39 0.71
N SER C 620 -55.10 -92.37 2.04
CA SER C 620 -55.98 -93.10 3.00
C SER C 620 -57.42 -92.58 2.85
N THR C 621 -58.37 -93.49 2.62
CA THR C 621 -59.83 -93.19 2.53
C THR C 621 -60.37 -93.02 3.95
N ILE C 622 -61.11 -91.94 4.20
CA ILE C 622 -61.76 -91.63 5.52
C ILE C 622 -63.22 -92.10 5.41
N SER C 623 -63.50 -93.31 5.92
CA SER C 623 -64.87 -93.90 5.98
C SER C 623 -65.81 -92.94 6.73
N LYS C 624 -65.56 -92.76 8.03
CA LYS C 624 -66.33 -91.84 8.90
C LYS C 624 -65.41 -90.71 9.36
N THR C 625 -65.84 -89.48 9.14
CA THR C 625 -65.06 -88.26 9.43
C THR C 625 -65.01 -88.04 10.95
N VAL C 626 -63.92 -87.45 11.41
CA VAL C 626 -63.71 -87.05 12.83
C VAL C 626 -64.88 -86.17 13.31
N SER C 627 -65.51 -85.39 12.41
CA SER C 627 -66.62 -84.46 12.77
C SER C 627 -67.84 -85.22 13.32
N SER C 628 -68.09 -86.44 12.82
CA SER C 628 -69.17 -87.36 13.28
C SER C 628 -68.96 -87.77 14.75
N THR C 629 -67.70 -87.76 15.24
CA THR C 629 -67.33 -88.13 16.62
C THR C 629 -67.48 -86.95 17.58
N ILE C 630 -67.79 -85.74 17.10
CA ILE C 630 -67.92 -84.57 18.02
C ILE C 630 -69.15 -84.85 18.89
N PRO C 631 -69.02 -85.00 20.22
CA PRO C 631 -70.18 -85.26 21.06
C PRO C 631 -71.22 -84.14 20.91
N ARG C 632 -72.49 -84.48 21.00
CA ARG C 632 -73.59 -83.49 21.20
C ARG C 632 -73.25 -82.66 22.45
N GLU C 633 -73.47 -81.34 22.41
CA GLU C 633 -73.32 -80.44 23.58
C GLU C 633 -71.86 -80.38 24.07
N THR C 634 -70.89 -80.71 23.21
CA THR C 634 -69.44 -80.47 23.44
C THR C 634 -68.91 -79.56 22.31
N ILE C 635 -68.22 -78.50 22.69
CA ILE C 635 -67.55 -77.58 21.74
C ILE C 635 -66.14 -78.12 21.54
N PRO C 636 -65.72 -78.47 20.31
CA PRO C 636 -64.32 -78.83 20.09
C PRO C 636 -63.33 -77.74 20.54
N PHE C 637 -62.10 -78.15 20.83
CA PHE C 637 -60.97 -77.26 21.17
C PHE C 637 -60.64 -76.32 20.00
N LEU C 638 -60.87 -76.78 18.79
CA LEU C 638 -60.77 -75.95 17.58
C LEU C 638 -62.11 -75.97 16.89
N HIS C 639 -62.63 -74.82 16.55
CA HIS C 639 -63.95 -74.71 15.90
C HIS C 639 -64.08 -73.41 15.15
N LEU C 640 -65.05 -73.39 14.25
CA LEU C 640 -65.49 -72.15 13.58
C LEU C 640 -66.75 -71.61 14.26
N ARG C 641 -66.93 -70.31 14.15
CA ARG C 641 -68.07 -69.58 14.70
C ARG C 641 -68.88 -68.97 13.58
N LYS C 642 -70.15 -68.78 13.84
CA LYS C 642 -71.07 -68.17 12.87
C LYS C 642 -71.68 -66.98 13.55
N LYS C 643 -71.79 -65.88 12.82
CA LYS C 643 -72.37 -64.64 13.34
C LYS C 643 -73.90 -64.85 13.38
N THR C 644 -74.52 -64.67 14.54
CA THR C 644 -76.00 -64.78 14.71
C THR C 644 -76.67 -63.53 14.15
N PRO C 645 -77.98 -63.56 13.78
CA PRO C 645 -78.70 -62.36 13.39
C PRO C 645 -78.60 -61.19 14.40
N ALA C 646 -78.47 -61.50 15.70
CA ALA C 646 -78.21 -60.54 16.81
C ALA C 646 -76.82 -59.90 16.71
N GLY C 647 -75.87 -60.50 15.96
CA GLY C 647 -74.50 -59.98 15.75
C GLY C 647 -73.48 -60.55 16.73
N ASP C 648 -73.76 -61.70 17.35
CA ASP C 648 -72.83 -62.45 18.24
C ASP C 648 -72.21 -63.60 17.45
N TRP C 649 -70.96 -63.93 17.72
CA TRP C 649 -70.26 -65.07 17.07
C TRP C 649 -70.36 -66.29 17.96
N LYS C 650 -70.96 -67.36 17.46
CA LYS C 650 -71.21 -68.58 18.26
C LYS C 650 -70.68 -69.79 17.53
N TYR C 651 -70.28 -70.77 18.30
CA TYR C 651 -69.90 -72.09 17.79
C TYR C 651 -70.91 -72.52 16.75
N ASP C 652 -70.42 -72.98 15.62
CA ASP C 652 -71.24 -73.56 14.54
C ASP C 652 -70.74 -74.97 14.21
N ARG C 653 -71.55 -75.97 14.51
CA ARG C 653 -71.18 -77.39 14.37
C ARG C 653 -70.85 -77.70 12.91
N GLN C 654 -71.66 -77.19 11.98
CA GLN C 654 -71.46 -77.51 10.54
C GLN C 654 -70.13 -76.90 10.02
N LEU C 655 -69.90 -75.61 10.26
CA LEU C 655 -68.64 -74.98 9.83
C LEU C 655 -67.48 -75.68 10.53
N SER C 656 -67.60 -75.95 11.82
CA SER C 656 -66.57 -76.60 12.63
C SER C 656 -66.26 -77.98 12.08
N SER C 657 -67.25 -78.66 11.53
CA SER C 657 -67.13 -80.03 10.98
C SER C 657 -66.34 -79.95 9.68
N LEU C 658 -66.60 -78.92 8.88
CA LEU C 658 -65.85 -78.67 7.65
C LEU C 658 -64.37 -78.46 8.03
N PHE C 659 -64.09 -77.60 8.99
CA PHE C 659 -62.70 -77.27 9.37
C PHE C 659 -61.99 -78.52 9.86
N LEU C 660 -62.59 -79.22 10.79
CA LEU C 660 -61.98 -80.40 11.44
C LEU C 660 -61.79 -81.56 10.48
N ASP C 661 -62.71 -81.76 9.54
CA ASP C 661 -62.54 -82.80 8.49
C ASP C 661 -61.37 -82.43 7.59
N GLY C 662 -61.20 -81.15 7.28
CA GLY C 662 -60.05 -80.68 6.52
C GLY C 662 -58.79 -80.98 7.28
N LEU C 663 -58.78 -80.72 8.58
CA LEU C 663 -57.57 -80.96 9.37
C LEU C 663 -57.28 -82.44 9.35
N GLU C 664 -58.32 -83.26 9.47
CA GLU C 664 -58.11 -84.73 9.46
C GLU C 664 -57.53 -85.18 8.14
N LYS C 665 -58.07 -84.72 7.02
CA LYS C 665 -57.53 -85.04 5.68
C LYS C 665 -56.07 -84.57 5.56
N ALA C 666 -55.77 -83.34 5.99
CA ALA C 666 -54.41 -82.77 6.01
C ALA C 666 -53.51 -83.74 6.77
N ALA C 667 -53.94 -84.21 7.94
CA ALA C 667 -53.11 -85.05 8.83
C ALA C 667 -52.85 -86.42 8.20
N PHE C 668 -53.74 -86.96 7.37
CA PHE C 668 -53.54 -88.29 6.74
C PHE C 668 -52.85 -88.15 5.38
N ASN C 669 -53.31 -87.22 4.57
CA ASN C 669 -53.01 -87.15 3.13
C ASN C 669 -52.09 -85.99 2.77
N GLY C 670 -51.95 -85.03 3.68
CA GLY C 670 -51.28 -83.77 3.43
C GLY C 670 -52.12 -82.86 2.61
N VAL C 671 -51.73 -81.60 2.58
CA VAL C 671 -52.47 -80.61 1.76
C VAL C 671 -51.48 -79.87 0.87
N THR C 672 -51.88 -79.56 -0.34
CA THR C 672 -51.03 -78.83 -1.28
C THR C 672 -51.37 -77.36 -1.19
N PHE C 673 -50.36 -76.52 -1.47
CA PHE C 673 -50.54 -75.07 -1.59
C PHE C 673 -49.94 -74.63 -2.91
N LYS C 674 -49.90 -75.55 -3.85
CA LYS C 674 -49.29 -75.31 -5.18
C LYS C 674 -50.01 -74.10 -5.74
N ASP C 675 -49.33 -73.16 -6.34
CA ASP C 675 -50.04 -71.99 -6.96
C ASP C 675 -50.73 -71.06 -5.94
N LYS C 676 -50.47 -71.18 -4.64
CA LYS C 676 -50.77 -70.11 -3.66
C LYS C 676 -49.57 -69.19 -3.57
N TYR C 677 -49.82 -67.89 -3.67
CA TYR C 677 -48.87 -66.80 -3.46
C TYR C 677 -49.22 -66.13 -2.14
N VAL C 678 -48.29 -66.12 -1.23
CA VAL C 678 -48.44 -65.76 0.18
C VAL C 678 -47.43 -64.73 0.58
N LEU C 679 -47.90 -63.68 1.25
CA LEU C 679 -47.08 -62.80 2.04
C LEU C 679 -47.23 -63.18 3.49
N ILE C 680 -46.12 -63.39 4.16
CA ILE C 680 -46.12 -63.63 5.61
C ILE C 680 -45.15 -62.71 6.29
N THR C 681 -45.64 -62.01 7.30
CA THR C 681 -44.83 -61.17 8.20
C THR C 681 -44.74 -61.88 9.53
N GLY C 682 -43.68 -61.64 10.28
CA GLY C 682 -43.52 -62.16 11.64
C GLY C 682 -43.21 -63.63 11.63
N ALA C 683 -42.38 -64.11 10.73
CA ALA C 683 -42.02 -65.54 10.64
C ALA C 683 -40.58 -65.79 11.04
N GLY C 684 -40.10 -65.14 12.06
CA GLY C 684 -38.73 -65.39 12.53
C GLY C 684 -38.62 -66.72 13.24
N LYS C 685 -37.40 -67.19 13.44
CA LYS C 685 -37.11 -68.40 14.26
C LYS C 685 -37.85 -68.34 15.60
N GLY C 686 -38.51 -69.45 15.98
CA GLY C 686 -39.32 -69.61 17.22
C GLY C 686 -40.75 -69.12 17.11
N SER C 687 -41.12 -68.45 16.04
CA SER C 687 -42.46 -67.92 15.86
C SER C 687 -43.38 -69.03 15.38
N ILE C 688 -44.65 -68.75 15.49
CA ILE C 688 -45.71 -69.50 14.80
C ILE C 688 -45.46 -69.37 13.29
N GLY C 689 -45.21 -68.17 12.84
CA GLY C 689 -45.07 -67.88 11.43
C GLY C 689 -44.04 -68.77 10.79
N ALA C 690 -42.96 -69.08 11.48
CA ALA C 690 -41.85 -69.92 10.98
C ALA C 690 -42.38 -71.27 10.62
N GLU C 691 -43.25 -71.82 11.46
CA GLU C 691 -43.82 -73.16 11.22
C GLU C 691 -44.84 -73.07 10.13
N VAL C 692 -45.57 -71.98 10.05
CA VAL C 692 -46.52 -71.76 8.92
C VAL C 692 -45.70 -71.70 7.61
N LEU C 693 -44.62 -70.95 7.60
CA LEU C 693 -43.73 -70.84 6.43
C LEU C 693 -43.30 -72.23 5.99
N GLN C 694 -42.83 -73.06 6.90
CA GLN C 694 -42.33 -74.38 6.56
C GLN C 694 -43.40 -75.20 5.88
N GLY C 695 -44.64 -75.16 6.40
CA GLY C 695 -45.71 -75.89 5.75
C GLY C 695 -46.06 -75.36 4.40
N LEU C 696 -46.11 -74.06 4.26
CA LEU C 696 -46.45 -73.51 2.97
C LEU C 696 -45.44 -73.95 1.93
N LEU C 697 -44.15 -73.91 2.26
CA LEU C 697 -43.11 -74.29 1.27
C LEU C 697 -43.24 -75.74 0.99
N GLN C 698 -43.54 -76.54 1.99
CA GLN C 698 -43.69 -77.99 1.77
C GLN C 698 -44.87 -78.28 0.84
N GLY C 699 -45.86 -77.42 0.82
CA GLY C 699 -47.02 -77.59 -0.07
C GLY C 699 -46.83 -76.87 -1.36
N GLY C 700 -45.64 -76.31 -1.66
CA GLY C 700 -45.37 -75.77 -2.98
C GLY C 700 -45.77 -74.33 -3.09
N ALA C 701 -46.02 -73.63 -2.01
CA ALA C 701 -46.40 -72.21 -2.13
C ALA C 701 -45.26 -71.36 -2.64
N LYS C 702 -45.64 -70.22 -3.17
CA LYS C 702 -44.72 -69.11 -3.41
C LYS C 702 -44.93 -68.08 -2.32
N VAL C 703 -43.89 -67.84 -1.57
CA VAL C 703 -43.95 -67.07 -0.34
C VAL C 703 -42.96 -65.94 -0.35
N VAL C 704 -43.45 -64.76 -0.02
CA VAL C 704 -42.64 -63.63 0.47
C VAL C 704 -42.68 -63.62 1.98
N VAL C 705 -41.52 -63.68 2.54
CA VAL C 705 -41.30 -63.61 3.98
C VAL C 705 -40.52 -62.35 4.28
N THR C 706 -40.99 -61.64 5.28
CA THR C 706 -40.36 -60.40 5.71
C THR C 706 -39.52 -60.72 6.93
N THR C 707 -38.56 -59.88 7.19
CA THR C 707 -37.79 -59.96 8.43
C THR C 707 -37.46 -58.54 8.82
N SER C 708 -37.53 -58.26 10.11
CA SER C 708 -37.12 -56.96 10.65
C SER C 708 -35.63 -57.01 11.01
N ARG C 709 -34.97 -58.17 10.92
CA ARG C 709 -33.55 -58.38 11.34
C ARG C 709 -32.73 -58.98 10.19
N PHE C 710 -32.85 -58.43 9.01
CA PHE C 710 -32.14 -58.92 7.82
C PHE C 710 -30.63 -58.86 8.08
N SER C 711 -30.05 -60.01 7.97
CA SER C 711 -28.64 -60.30 8.30
C SER C 711 -28.26 -61.58 7.59
N LYS C 712 -26.98 -61.90 7.65
CA LYS C 712 -26.48 -63.12 7.01
C LYS C 712 -27.05 -64.29 7.79
N GLN C 713 -27.05 -64.22 9.10
CA GLN C 713 -27.57 -65.32 9.94
C GLN C 713 -29.04 -65.60 9.54
N VAL C 714 -29.85 -64.59 9.36
CA VAL C 714 -31.29 -64.74 8.99
C VAL C 714 -31.43 -65.26 7.55
N THR C 715 -30.71 -64.70 6.58
CA THR C 715 -30.82 -65.20 5.19
C THR C 715 -30.34 -66.67 5.14
N ASP C 716 -29.33 -67.04 5.89
CA ASP C 716 -28.87 -68.44 6.00
C ASP C 716 -29.89 -69.30 6.72
N TYR C 717 -30.58 -68.77 7.70
CA TYR C 717 -31.72 -69.49 8.30
C TYR C 717 -32.77 -69.83 7.24
N TYR C 718 -33.20 -68.85 6.48
CA TYR C 718 -34.26 -69.09 5.49
C TYR C 718 -33.80 -69.99 4.36
N GLN C 719 -32.53 -69.88 3.99
CA GLN C 719 -31.92 -70.75 2.99
C GLN C 719 -31.99 -72.19 3.44
N SER C 720 -31.65 -72.46 4.67
CA SER C 720 -31.68 -73.82 5.22
C SER C 720 -33.13 -74.29 5.28
N ILE C 721 -34.10 -73.42 5.55
CA ILE C 721 -35.53 -73.80 5.54
C ILE C 721 -35.91 -74.17 4.12
N TYR C 722 -35.57 -73.34 3.14
CA TYR C 722 -35.90 -73.62 1.75
C TYR C 722 -35.28 -74.93 1.27
N ALA C 723 -34.02 -75.14 1.56
CA ALA C 723 -33.29 -76.30 1.12
C ALA C 723 -33.86 -77.57 1.71
N LYS C 724 -34.42 -77.48 2.89
CA LYS C 724 -35.03 -78.67 3.55
C LYS C 724 -36.50 -78.84 3.11
N TYR C 725 -37.28 -77.79 3.03
CA TYR C 725 -38.77 -77.89 2.90
C TYR C 725 -39.34 -77.39 1.59
N GLY C 726 -38.58 -76.65 0.80
CA GLY C 726 -39.10 -76.07 -0.44
C GLY C 726 -39.37 -77.14 -1.44
N ALA C 727 -40.64 -77.42 -1.65
CA ALA C 727 -41.13 -78.36 -2.65
C ALA C 727 -40.92 -77.82 -4.05
N LYS C 728 -41.07 -78.72 -4.98
CA LYS C 728 -41.13 -78.34 -6.40
C LYS C 728 -42.22 -77.30 -6.64
N GLY C 729 -41.89 -76.29 -7.41
CA GLY C 729 -42.79 -75.16 -7.66
C GLY C 729 -42.75 -74.13 -6.55
N SER C 730 -42.16 -74.42 -5.41
CA SER C 730 -42.12 -73.45 -4.31
C SER C 730 -41.09 -72.37 -4.61
N THR C 731 -41.26 -71.23 -3.99
CA THR C 731 -40.30 -70.16 -4.05
C THR C 731 -40.42 -69.43 -2.73
N LEU C 732 -39.28 -69.05 -2.20
CA LEU C 732 -39.19 -68.21 -1.01
C LEU C 732 -38.48 -66.96 -1.41
N ILE C 733 -39.10 -65.82 -1.18
CA ILE C 733 -38.47 -64.50 -1.29
C ILE C 733 -38.34 -63.94 0.11
N VAL C 734 -37.14 -63.60 0.52
CA VAL C 734 -36.88 -62.99 1.83
C VAL C 734 -36.61 -61.53 1.58
N VAL C 735 -37.26 -60.65 2.30
CA VAL C 735 -37.11 -59.19 2.17
C VAL C 735 -36.95 -58.60 3.55
N PRO C 736 -36.12 -57.58 3.68
CA PRO C 736 -36.07 -56.79 4.90
C PRO C 736 -37.37 -56.01 4.88
N PHE C 737 -37.89 -55.79 6.07
CA PHE C 737 -39.19 -55.11 6.19
C PHE C 737 -39.43 -54.65 7.61
N ASN C 738 -39.91 -53.44 7.76
CA ASN C 738 -40.40 -52.89 9.03
C ASN C 738 -41.91 -52.65 8.87
N GLN C 739 -42.72 -53.49 9.46
CA GLN C 739 -44.17 -53.34 9.44
C GLN C 739 -44.60 -52.07 10.19
N GLY C 740 -43.75 -51.47 11.01
CA GLY C 740 -44.01 -50.18 11.67
C GLY C 740 -43.84 -48.99 10.79
N SER C 741 -43.39 -49.18 9.56
CA SER C 741 -43.17 -48.13 8.57
C SER C 741 -44.26 -48.19 7.52
N LYS C 742 -44.98 -47.11 7.35
CA LYS C 742 -46.03 -46.98 6.33
C LYS C 742 -45.34 -47.02 4.95
N GLN C 743 -44.14 -46.47 4.84
CA GLN C 743 -43.41 -46.45 3.57
C GLN C 743 -42.98 -47.87 3.19
N ASP C 744 -42.52 -48.65 4.17
CA ASP C 744 -42.17 -50.06 3.92
C ASP C 744 -43.39 -50.84 3.46
N VAL C 745 -44.52 -50.65 4.12
CA VAL C 745 -45.74 -51.39 3.77
C VAL C 745 -46.06 -51.15 2.32
N GLU C 746 -46.16 -49.90 1.92
CA GLU C 746 -46.55 -49.56 0.55
C GLU C 746 -45.50 -50.07 -0.45
N ALA C 747 -44.21 -49.89 -0.12
CA ALA C 747 -43.11 -50.29 -1.01
C ALA C 747 -43.11 -51.81 -1.18
N LEU C 748 -43.31 -52.54 -0.11
CA LEU C 748 -43.37 -54.00 -0.18
C LEU C 748 -44.48 -54.48 -1.10
N ILE C 749 -45.66 -53.96 -0.92
CA ILE C 749 -46.78 -54.37 -1.76
C ILE C 749 -46.59 -53.96 -3.20
N GLU C 750 -46.06 -52.79 -3.46
CA GLU C 750 -45.75 -52.34 -4.84
C GLU C 750 -44.75 -53.33 -5.46
N PHE C 751 -43.75 -53.73 -4.71
CA PHE C 751 -42.71 -54.67 -5.14
C PHE C 751 -43.32 -55.97 -5.53
N ILE C 752 -44.25 -56.46 -4.72
CA ILE C 752 -44.88 -57.76 -4.98
C ILE C 752 -45.65 -57.68 -6.28
N TYR C 753 -46.35 -56.58 -6.50
CA TYR C 753 -47.29 -56.48 -7.64
C TYR C 753 -46.64 -55.93 -8.91
N ASP C 754 -45.55 -55.23 -8.79
CA ASP C 754 -44.83 -54.66 -9.95
C ASP C 754 -44.35 -55.77 -10.89
N THR C 755 -44.34 -55.48 -12.17
CA THR C 755 -43.88 -56.41 -13.21
C THR C 755 -42.40 -56.67 -12.96
N GLU C 756 -41.95 -57.85 -13.33
CA GLU C 756 -40.52 -58.23 -13.36
C GLU C 756 -39.70 -57.19 -14.13
N LYS C 757 -40.21 -56.65 -15.23
CA LYS C 757 -39.53 -55.57 -16.00
C LYS C 757 -39.25 -54.39 -15.08
N ASN C 758 -40.24 -53.98 -14.27
CA ASN C 758 -40.12 -52.83 -13.35
C ASN C 758 -39.35 -53.22 -12.08
N GLY C 759 -38.83 -54.44 -11.99
CA GLY C 759 -38.07 -54.91 -10.82
C GLY C 759 -38.94 -55.49 -9.69
N GLY C 760 -40.22 -55.79 -9.95
CA GLY C 760 -41.10 -56.42 -8.96
C GLY C 760 -41.14 -57.93 -9.12
N LEU C 761 -42.02 -58.61 -8.39
CA LEU C 761 -42.17 -60.06 -8.52
C LEU C 761 -43.18 -60.39 -9.60
N GLY C 762 -44.04 -59.46 -9.94
CA GLY C 762 -45.18 -59.75 -10.82
C GLY C 762 -46.13 -60.76 -10.23
N TRP C 763 -46.34 -60.72 -8.91
CA TRP C 763 -47.26 -61.65 -8.22
C TRP C 763 -48.59 -60.99 -7.99
N ASP C 764 -49.56 -61.83 -7.68
CA ASP C 764 -50.86 -61.43 -7.13
C ASP C 764 -51.09 -62.32 -5.91
N LEU C 765 -51.31 -61.74 -4.75
CA LEU C 765 -51.45 -62.51 -3.49
C LEU C 765 -52.78 -63.23 -3.37
N ASP C 766 -52.68 -64.46 -2.94
CA ASP C 766 -53.76 -65.34 -2.49
C ASP C 766 -53.97 -65.27 -0.99
N ALA C 767 -52.92 -64.98 -0.22
CA ALA C 767 -53.01 -64.99 1.25
C ALA C 767 -52.05 -63.99 1.81
N ILE C 768 -52.46 -63.38 2.88
CA ILE C 768 -51.64 -62.45 3.67
C ILE C 768 -51.74 -62.91 5.10
N ILE C 769 -50.59 -63.08 5.71
CA ILE C 769 -50.42 -63.61 7.07
C ILE C 769 -49.58 -62.64 7.86
N PRO C 770 -50.22 -61.58 8.39
CA PRO C 770 -49.50 -60.45 8.97
C PRO C 770 -49.23 -60.64 10.46
N PHE C 771 -48.28 -61.48 10.79
CA PHE C 771 -48.01 -61.90 12.18
C PHE C 771 -46.92 -61.11 12.87
N ALA C 772 -46.39 -60.07 12.26
CA ALA C 772 -45.37 -59.20 12.88
C ALA C 772 -45.95 -58.65 14.18
N ALA C 773 -45.15 -58.71 15.23
CA ALA C 773 -45.54 -58.20 16.54
C ALA C 773 -44.29 -57.86 17.34
N ILE C 774 -44.43 -56.97 18.30
CA ILE C 774 -43.33 -56.79 19.28
C ILE C 774 -43.93 -57.00 20.65
N PRO C 775 -43.15 -57.51 21.60
CA PRO C 775 -43.64 -57.74 22.95
C PRO C 775 -43.70 -56.42 23.71
N GLU C 776 -44.77 -56.27 24.45
CA GLU C 776 -45.02 -55.17 25.39
C GLU C 776 -45.21 -55.92 26.70
N GLN C 777 -44.27 -55.84 27.60
CA GLN C 777 -44.35 -56.56 28.90
C GLN C 777 -44.16 -55.52 29.98
N GLY C 778 -44.97 -55.59 31.01
CA GLY C 778 -44.92 -54.73 32.19
C GLY C 778 -45.42 -53.32 31.88
N ILE C 779 -46.24 -53.18 30.84
CA ILE C 779 -46.75 -51.86 30.39
C ILE C 779 -48.22 -51.86 30.72
N GLU C 780 -48.53 -51.31 31.88
CA GLU C 780 -49.93 -51.08 32.27
C GLU C 780 -50.41 -49.78 31.65
N LEU C 781 -51.69 -49.51 31.82
CA LEU C 781 -52.35 -48.29 31.31
C LEU C 781 -51.47 -47.06 31.50
N GLU C 782 -50.96 -46.84 32.71
CA GLU C 782 -50.27 -45.56 33.02
C GLU C 782 -48.91 -45.50 32.33
N HIS C 783 -48.39 -46.60 31.85
CA HIS C 783 -47.07 -46.65 31.18
C HIS C 783 -47.21 -46.58 29.67
N ILE C 784 -48.42 -46.66 29.12
CA ILE C 784 -48.59 -46.64 27.65
C ILE C 784 -47.91 -45.41 27.11
N ASP C 785 -46.89 -45.63 26.28
CA ASP C 785 -46.07 -44.53 25.75
C ASP C 785 -45.61 -44.88 24.33
N SER C 786 -44.40 -44.46 23.97
CA SER C 786 -43.89 -44.53 22.61
C SER C 786 -43.91 -45.97 22.11
N LYS C 787 -43.34 -46.87 22.89
CA LYS C 787 -43.24 -48.26 22.46
C LYS C 787 -44.62 -48.82 22.12
N SER C 788 -45.58 -48.63 22.99
CA SER C 788 -46.96 -49.15 22.80
C SER C 788 -47.63 -48.53 21.61
N GLU C 789 -47.40 -47.26 21.34
CA GLU C 789 -48.00 -46.63 20.17
C GLU C 789 -47.39 -47.25 18.91
N PHE C 790 -46.09 -47.47 18.93
CA PHE C 790 -45.37 -48.07 17.83
C PHE C 790 -45.85 -49.50 17.65
N ALA C 791 -45.98 -50.25 18.72
CA ALA C 791 -46.44 -51.64 18.65
C ALA C 791 -47.84 -51.70 18.04
N HIS C 792 -48.68 -50.74 18.40
CA HIS C 792 -50.06 -50.67 17.93
C HIS C 792 -50.08 -50.31 16.45
N ARG C 793 -49.15 -49.50 15.98
CA ARG C 793 -48.98 -49.24 14.55
C ARG C 793 -48.62 -50.51 13.76
N ILE C 794 -47.76 -51.32 14.29
CA ILE C 794 -47.35 -52.58 13.67
C ILE C 794 -48.52 -53.54 13.63
N MET C 795 -49.18 -53.69 14.74
CA MET C 795 -50.11 -54.78 15.00
C MET C 795 -51.53 -54.42 14.64
N LEU C 796 -51.82 -53.18 14.35
CA LEU C 796 -53.14 -52.79 13.87
C LEU C 796 -53.04 -51.91 12.66
N THR C 797 -52.66 -50.68 12.86
CA THR C 797 -52.75 -49.66 11.82
C THR C 797 -52.13 -50.12 10.52
N ASN C 798 -50.92 -50.65 10.57
CA ASN C 798 -50.20 -50.98 9.34
C ASN C 798 -50.69 -52.32 8.77
N ILE C 799 -51.40 -53.12 9.51
CA ILE C 799 -52.13 -54.26 8.95
C ILE C 799 -53.27 -53.74 8.09
N LEU C 800 -54.02 -52.78 8.60
CA LEU C 800 -55.08 -52.16 7.78
C LEU C 800 -54.46 -51.53 6.54
N ARG C 801 -53.33 -50.84 6.68
CA ARG C 801 -52.69 -50.21 5.52
C ARG C 801 -52.20 -51.26 4.54
N MET C 802 -51.67 -52.36 5.01
CA MET C 802 -51.18 -53.44 4.13
C MET C 802 -52.35 -54.01 3.35
N MET C 803 -53.47 -54.22 4.01
CA MET C 803 -54.67 -54.76 3.37
C MET C 803 -55.14 -53.76 2.34
N GLY C 804 -55.18 -52.50 2.75
CA GLY C 804 -55.53 -51.43 1.84
C GLY C 804 -54.68 -51.37 0.61
N CYS C 805 -53.37 -51.50 0.75
CA CYS C 805 -52.43 -51.53 -0.36
C CYS C 805 -52.70 -52.68 -1.32
N VAL C 806 -52.96 -53.85 -0.79
CA VAL C 806 -53.29 -55.01 -1.64
C VAL C 806 -54.60 -54.75 -2.35
N LYS C 807 -55.59 -54.28 -1.64
CA LYS C 807 -56.83 -53.88 -2.29
C LYS C 807 -56.50 -52.86 -3.41
N LYS C 808 -55.76 -51.81 -3.17
CA LYS C 808 -55.50 -50.83 -4.25
C LYS C 808 -54.78 -51.46 -5.45
N GLN C 809 -53.84 -52.38 -5.22
CA GLN C 809 -53.09 -53.00 -6.32
C GLN C 809 -54.00 -53.88 -7.12
N LYS C 810 -54.83 -54.66 -6.47
CA LYS C 810 -55.71 -55.57 -7.17
C LYS C 810 -56.70 -54.71 -7.97
N SER C 811 -57.31 -53.71 -7.37
CA SER C 811 -58.35 -52.89 -8.02
C SER C 811 -57.75 -52.11 -9.21
N ALA C 812 -56.51 -51.65 -9.12
CA ALA C 812 -55.84 -50.88 -10.19
C ALA C 812 -55.67 -51.76 -11.42
N ARG C 813 -55.59 -53.09 -11.24
CA ARG C 813 -55.36 -54.10 -12.26
C ARG C 813 -56.63 -54.84 -12.62
N GLY C 814 -57.76 -54.45 -12.05
CA GLY C 814 -59.08 -55.01 -12.34
C GLY C 814 -59.24 -56.43 -11.84
N ILE C 815 -58.50 -56.81 -10.82
CA ILE C 815 -58.56 -58.20 -10.29
C ILE C 815 -59.72 -58.26 -9.30
N GLU C 816 -60.85 -58.81 -9.70
CA GLU C 816 -62.06 -58.92 -8.86
C GLU C 816 -62.36 -60.37 -8.50
N THR C 817 -61.59 -61.33 -9.00
CA THR C 817 -61.90 -62.76 -8.87
C THR C 817 -60.74 -63.53 -8.28
N ARG C 818 -59.81 -62.86 -7.62
CA ARG C 818 -58.71 -63.55 -6.95
C ARG C 818 -58.45 -62.86 -5.62
N PRO C 819 -59.37 -62.97 -4.66
CA PRO C 819 -59.16 -62.30 -3.39
C PRO C 819 -58.01 -62.90 -2.58
N ALA C 820 -57.35 -62.05 -1.83
CA ALA C 820 -56.31 -62.47 -0.90
C ALA C 820 -56.99 -62.76 0.44
N GLN C 821 -56.83 -63.95 0.94
CA GLN C 821 -57.27 -64.33 2.29
C GLN C 821 -56.34 -63.72 3.32
N VAL C 822 -56.87 -62.93 4.20
CA VAL C 822 -56.09 -62.31 5.29
C VAL C 822 -56.31 -63.14 6.52
N ILE C 823 -55.27 -63.79 6.99
CA ILE C 823 -55.34 -64.60 8.21
C ILE C 823 -54.97 -63.67 9.36
N LEU C 824 -55.95 -63.22 10.10
CA LEU C 824 -55.72 -62.19 11.11
C LEU C 824 -55.39 -62.88 12.41
N PRO C 825 -54.29 -62.49 13.07
CA PRO C 825 -53.90 -63.10 14.30
C PRO C 825 -54.67 -62.46 15.46
N MET C 826 -55.85 -62.99 15.71
CA MET C 826 -56.73 -62.52 16.77
C MET C 826 -56.37 -63.24 18.05
N SER C 827 -56.88 -62.75 19.15
CA SER C 827 -56.45 -63.19 20.48
C SER C 827 -57.70 -63.34 21.31
N PRO C 828 -57.73 -64.31 22.23
CA PRO C 828 -58.75 -64.31 23.30
C PRO C 828 -58.39 -63.30 24.41
N ASN C 829 -57.17 -62.71 24.37
CA ASN C 829 -56.63 -61.76 25.36
C ASN C 829 -57.09 -60.35 25.01
N HIS C 830 -58.24 -59.93 25.55
CA HIS C 830 -58.66 -58.52 25.41
C HIS C 830 -58.56 -57.85 26.77
N GLY C 831 -57.35 -57.71 27.28
CA GLY C 831 -57.11 -56.97 28.53
C GLY C 831 -57.24 -57.85 29.76
N THR C 832 -57.22 -59.15 29.58
CA THR C 832 -57.38 -60.17 30.65
C THR C 832 -56.08 -60.33 31.46
N PHE C 833 -54.92 -60.34 30.83
CA PHE C 833 -53.63 -60.50 31.54
C PHE C 833 -53.11 -59.20 32.11
N GLY C 834 -53.29 -58.11 31.38
CA GLY C 834 -52.77 -56.80 31.78
C GLY C 834 -51.29 -56.70 31.54
N GLY C 835 -50.78 -55.48 31.59
CA GLY C 835 -49.35 -55.25 31.50
C GLY C 835 -48.83 -55.45 30.09
N ASP C 836 -49.69 -55.49 29.07
CA ASP C 836 -49.18 -55.73 27.69
C ASP C 836 -49.41 -54.53 26.80
N GLY C 837 -49.36 -53.33 27.37
CA GLY C 837 -49.37 -52.10 26.58
C GLY C 837 -50.66 -51.92 25.82
N MET C 838 -50.59 -51.79 24.50
CA MET C 838 -51.79 -51.68 23.65
C MET C 838 -52.05 -52.99 22.91
N TYR C 839 -51.43 -54.08 23.35
CA TYR C 839 -51.64 -55.38 22.71
C TYR C 839 -53.10 -55.69 22.52
N SER C 840 -53.83 -55.65 23.60
CA SER C 840 -55.27 -56.02 23.62
C SER C 840 -56.06 -55.12 22.71
N GLU C 841 -55.73 -53.85 22.66
CA GLU C 841 -56.41 -52.90 21.80
C GLU C 841 -56.13 -53.25 20.33
N SER C 842 -54.90 -53.57 19.99
CA SER C 842 -54.52 -54.01 18.64
C SER C 842 -55.33 -55.23 18.27
N LYS C 843 -55.41 -56.20 19.15
CA LYS C 843 -56.03 -57.47 18.78
C LYS C 843 -57.54 -57.31 18.69
N LEU C 844 -58.15 -56.64 19.65
CA LEU C 844 -59.60 -56.47 19.60
C LEU C 844 -60.00 -55.63 18.37
N SER C 845 -59.27 -54.59 18.02
CA SER C 845 -59.59 -53.70 16.88
C SER C 845 -59.64 -54.48 15.56
N LEU C 846 -58.86 -55.53 15.40
CA LEU C 846 -58.90 -56.38 14.17
C LEU C 846 -60.27 -56.97 13.94
N GLU C 847 -61.04 -57.15 14.98
CA GLU C 847 -62.40 -57.72 14.89
C GLU C 847 -63.35 -56.82 14.12
N THR C 848 -63.05 -55.57 13.94
CA THR C 848 -63.91 -54.71 13.10
C THR C 848 -63.93 -55.24 11.67
N LEU C 849 -62.86 -55.89 11.24
CA LEU C 849 -62.74 -56.32 9.83
C LEU C 849 -63.84 -57.27 9.44
N PHE C 850 -64.36 -58.05 10.37
CA PHE C 850 -65.48 -58.97 10.11
C PHE C 850 -66.69 -58.18 9.62
N ASN C 851 -66.96 -57.02 10.17
CA ASN C 851 -68.09 -56.19 9.72
C ASN C 851 -67.68 -55.34 8.53
N ARG C 852 -66.45 -54.84 8.50
CA ARG C 852 -66.08 -53.93 7.42
C ARG C 852 -66.08 -54.64 6.08
N TRP C 853 -65.84 -55.94 6.06
CA TRP C 853 -65.87 -56.76 4.84
C TRP C 853 -67.21 -56.60 4.12
N HIS C 854 -68.30 -56.54 4.85
CA HIS C 854 -69.68 -56.35 4.33
C HIS C 854 -69.99 -54.90 4.01
N SER C 855 -69.44 -53.95 4.75
CA SER C 855 -69.90 -52.54 4.72
C SER C 855 -69.12 -51.71 3.72
N GLU C 856 -67.94 -52.14 3.30
CA GLU C 856 -67.08 -51.33 2.42
C GLU C 856 -67.02 -52.00 1.04
N SER C 857 -66.05 -51.65 0.23
CA SER C 857 -66.02 -52.03 -1.20
C SER C 857 -64.78 -52.88 -1.50
N TRP C 858 -64.25 -53.62 -0.53
CA TRP C 858 -63.00 -54.39 -0.73
C TRP C 858 -63.21 -55.90 -0.65
N ALA C 859 -64.41 -56.35 -0.48
CA ALA C 859 -64.71 -57.76 -0.29
C ALA C 859 -64.24 -58.62 -1.46
N ASN C 860 -64.19 -58.10 -2.67
CA ASN C 860 -63.81 -58.97 -3.80
C ASN C 860 -62.29 -59.10 -3.83
N GLN C 861 -61.56 -58.18 -3.20
CA GLN C 861 -60.10 -58.20 -3.20
C GLN C 861 -59.53 -58.91 -1.98
N LEU C 862 -60.24 -58.93 -0.88
CA LEU C 862 -59.68 -59.48 0.36
C LEU C 862 -60.78 -60.27 1.03
N THR C 863 -60.43 -61.37 1.60
CA THR C 863 -61.32 -62.12 2.48
C THR C 863 -60.73 -62.10 3.86
N VAL C 864 -61.59 -62.26 4.83
CA VAL C 864 -61.19 -62.11 6.24
C VAL C 864 -61.27 -63.46 6.89
N CYS C 865 -60.15 -63.91 7.43
CA CYS C 865 -60.11 -65.14 8.22
C CYS C 865 -59.48 -64.81 9.57
N GLY C 866 -60.34 -64.74 10.56
CA GLY C 866 -59.93 -64.35 11.90
C GLY C 866 -59.54 -65.61 12.60
N ALA C 867 -58.26 -65.78 12.89
CA ALA C 867 -57.81 -66.90 13.69
C ALA C 867 -57.66 -66.40 15.12
N ILE C 868 -58.46 -66.92 16.04
CA ILE C 868 -58.31 -66.66 17.48
C ILE C 868 -57.29 -67.64 18.01
N ILE C 869 -56.07 -67.19 18.17
CA ILE C 869 -54.93 -68.09 18.38
C ILE C 869 -54.82 -68.37 19.86
N GLY C 870 -54.76 -69.64 20.21
CA GLY C 870 -54.70 -70.08 21.60
C GLY C 870 -53.30 -69.95 22.16
N TRP C 871 -53.13 -70.52 23.34
CA TRP C 871 -51.88 -70.48 24.12
C TRP C 871 -50.83 -71.31 23.36
N THR C 872 -49.97 -70.61 22.65
CA THR C 872 -48.91 -71.28 21.85
C THR C 872 -47.56 -71.04 22.51
N ARG C 873 -47.00 -72.10 23.08
CA ARG C 873 -45.70 -72.12 23.78
C ARG C 873 -44.52 -71.73 22.84
N GLY C 874 -43.51 -71.02 23.33
CA GLY C 874 -42.18 -70.91 22.67
C GLY C 874 -41.98 -69.64 21.84
N THR C 875 -42.97 -68.76 21.74
CA THR C 875 -42.91 -67.63 20.76
C THR C 875 -42.34 -66.39 21.44
N GLY C 876 -41.99 -65.40 20.64
CA GLY C 876 -41.50 -64.08 21.10
C GLY C 876 -42.45 -63.46 22.12
N LEU C 877 -43.76 -63.65 21.92
CA LEU C 877 -44.81 -63.01 22.76
C LEU C 877 -45.10 -63.84 24.01
N MET C 878 -44.98 -65.17 23.94
CA MET C 878 -45.50 -66.08 24.99
C MET C 878 -44.42 -66.94 25.69
N SER C 879 -43.14 -66.93 25.29
CA SER C 879 -42.09 -67.79 25.91
C SER C 879 -42.01 -67.52 27.42
N ALA C 880 -42.20 -66.27 27.85
CA ALA C 880 -42.25 -65.85 29.28
C ALA C 880 -43.34 -66.59 30.09
N ASN C 881 -44.27 -67.32 29.46
CA ASN C 881 -45.41 -68.00 30.14
C ASN C 881 -45.34 -69.54 30.04
N ASN C 882 -44.22 -70.15 29.64
CA ASN C 882 -44.12 -71.61 29.37
C ASN C 882 -44.21 -72.50 30.62
N ILE C 883 -43.78 -72.01 31.79
CA ILE C 883 -43.53 -72.86 33.01
C ILE C 883 -44.85 -73.43 33.58
N ILE C 884 -45.97 -72.72 33.41
CA ILE C 884 -47.30 -73.04 34.01
C ILE C 884 -48.17 -73.93 33.11
N ALA C 885 -47.78 -74.17 31.86
CA ALA C 885 -48.66 -74.76 30.82
C ALA C 885 -49.09 -76.15 31.23
N GLU C 886 -48.26 -76.92 31.94
CA GLU C 886 -48.68 -78.28 32.39
C GLU C 886 -49.89 -78.14 33.32
N GLY C 887 -49.90 -77.09 34.14
CA GLY C 887 -50.94 -76.80 35.15
C GLY C 887 -52.25 -76.44 34.50
N ILE C 888 -52.21 -75.48 33.57
CA ILE C 888 -53.35 -75.10 32.68
C ILE C 888 -53.96 -76.37 32.08
N GLU C 889 -53.16 -77.27 31.55
CA GLU C 889 -53.70 -78.47 30.88
C GLU C 889 -54.41 -79.40 31.89
N LYS C 890 -54.03 -79.41 33.18
CA LYS C 890 -54.72 -80.21 34.25
C LYS C 890 -56.21 -79.83 34.36
N MET C 891 -56.59 -78.59 34.02
CA MET C 891 -58.01 -78.12 33.85
C MET C 891 -58.74 -78.78 32.65
N GLY C 892 -58.11 -79.69 31.90
CA GLY C 892 -58.74 -80.32 30.71
C GLY C 892 -58.83 -79.36 29.54
N VAL C 893 -57.86 -78.44 29.46
CA VAL C 893 -57.71 -77.36 28.44
C VAL C 893 -56.45 -77.70 27.61
N ARG C 894 -56.25 -77.01 26.48
CA ARG C 894 -55.13 -77.33 25.55
C ARG C 894 -54.26 -76.09 25.33
N THR C 895 -52.96 -76.28 25.52
CA THR C 895 -51.90 -75.38 25.03
C THR C 895 -51.33 -76.03 23.79
N PHE C 896 -50.72 -75.23 22.94
CA PHE C 896 -50.24 -75.70 21.61
C PHE C 896 -48.74 -75.46 21.49
N SER C 897 -48.08 -76.42 20.89
CA SER C 897 -46.76 -76.18 20.24
C SER C 897 -46.92 -75.27 19.02
N GLN C 898 -45.82 -74.69 18.55
CA GLN C 898 -45.85 -73.82 17.36
C GLN C 898 -46.22 -74.70 16.16
N LYS C 899 -45.79 -75.94 16.15
CA LYS C 899 -46.08 -76.89 15.07
C LYS C 899 -47.57 -77.13 14.97
N GLU C 900 -48.21 -77.42 16.09
CA GLU C 900 -49.67 -77.63 16.13
C GLU C 900 -50.40 -76.39 15.73
N MET C 901 -50.03 -75.25 16.27
CA MET C 901 -50.74 -74.03 15.94
C MET C 901 -50.57 -73.77 14.45
N ALA C 902 -49.37 -73.97 13.91
CA ALA C 902 -49.11 -73.76 12.47
C ALA C 902 -50.03 -74.68 11.70
N PHE C 903 -50.13 -75.92 12.12
CA PHE C 903 -51.03 -76.91 11.48
C PHE C 903 -52.49 -76.44 11.51
N ASN C 904 -52.91 -75.89 12.64
CA ASN C 904 -54.25 -75.31 12.78
C ASN C 904 -54.46 -74.18 11.80
N LEU C 905 -53.47 -73.30 11.66
CA LEU C 905 -53.63 -72.12 10.82
C LEU C 905 -53.55 -72.54 9.35
N LEU C 906 -52.71 -73.50 9.02
CA LEU C 906 -52.62 -74.03 7.65
C LEU C 906 -53.92 -74.67 7.21
N GLY C 907 -54.72 -75.10 8.16
CA GLY C 907 -56.09 -75.59 7.93
C GLY C 907 -57.00 -74.55 7.41
N LEU C 908 -56.70 -73.29 7.66
CA LEU C 908 -57.48 -72.17 7.15
C LEU C 908 -57.19 -71.86 5.70
N LEU C 909 -56.16 -72.46 5.12
CA LEU C 909 -55.71 -72.18 3.74
C LEU C 909 -56.07 -73.36 2.86
N THR C 910 -56.74 -74.36 3.39
CA THR C 910 -57.29 -75.50 2.62
C THR C 910 -58.38 -74.98 1.68
N PRO C 911 -58.65 -75.65 0.55
CA PRO C 911 -59.59 -75.16 -0.43
C PRO C 911 -61.00 -74.93 0.14
N GLU C 912 -61.43 -75.74 1.09
CA GLU C 912 -62.78 -75.63 1.69
C GLU C 912 -62.89 -74.38 2.56
N VAL C 913 -61.88 -74.02 3.34
CA VAL C 913 -61.96 -72.81 4.20
C VAL C 913 -61.79 -71.59 3.31
N VAL C 914 -60.93 -71.70 2.31
CA VAL C 914 -60.72 -70.59 1.36
C VAL C 914 -62.06 -70.25 0.73
N GLU C 915 -62.83 -71.23 0.29
CA GLU C 915 -64.16 -70.98 -0.29
C GLU C 915 -65.12 -70.42 0.74
N LEU C 916 -65.06 -70.90 1.96
CA LEU C 916 -65.92 -70.36 3.04
C LEU C 916 -65.65 -68.86 3.26
N CYS C 917 -64.38 -68.40 3.29
CA CYS C 917 -64.06 -66.98 3.56
C CYS C 917 -64.50 -66.12 2.39
N GLN C 918 -64.59 -66.71 1.20
CA GLN C 918 -65.09 -65.98 0.01
C GLN C 918 -66.60 -65.79 0.12
N LYS C 919 -67.31 -66.54 0.92
CA LYS C 919 -68.77 -66.33 1.13
C LYS C 919 -68.99 -65.30 2.21
N SER C 920 -68.24 -65.41 3.30
CA SER C 920 -68.31 -64.40 4.38
C SER C 920 -67.13 -64.60 5.32
N PRO C 921 -66.81 -63.60 6.14
CA PRO C 921 -65.70 -63.71 7.05
C PRO C 921 -65.79 -64.97 7.86
N VAL C 922 -64.63 -65.58 8.04
CA VAL C 922 -64.47 -66.77 8.88
C VAL C 922 -63.85 -66.37 10.21
N MET C 923 -64.45 -66.89 11.29
CA MET C 923 -63.91 -66.78 12.63
C MET C 923 -63.54 -68.18 13.11
N ALA C 924 -62.25 -68.43 13.28
CA ALA C 924 -61.73 -69.73 13.71
C ALA C 924 -61.25 -69.57 15.13
N ASP C 925 -61.77 -70.35 16.03
CA ASP C 925 -61.35 -70.41 17.45
C ASP C 925 -60.34 -71.50 17.53
N LEU C 926 -59.08 -71.13 17.75
CA LEU C 926 -58.01 -72.10 17.89
C LEU C 926 -57.49 -71.98 19.31
N ASN C 927 -58.41 -71.86 20.27
CA ASN C 927 -58.09 -71.45 21.66
C ASN C 927 -58.02 -72.63 22.62
N GLY C 928 -58.25 -73.85 22.19
CA GLY C 928 -57.97 -75.01 23.06
C GLY C 928 -58.79 -74.97 24.34
N GLY C 929 -60.01 -74.45 24.27
CA GLY C 929 -60.98 -74.44 25.38
C GLY C 929 -60.60 -73.48 26.46
N LEU C 930 -59.59 -72.64 26.23
CA LEU C 930 -58.99 -71.78 27.29
C LEU C 930 -60.06 -70.85 27.85
N GLN C 931 -61.06 -70.50 27.05
CA GLN C 931 -62.07 -69.46 27.37
C GLN C 931 -62.98 -69.95 28.52
N PHE C 932 -63.17 -71.26 28.65
CA PHE C 932 -63.98 -71.93 29.70
C PHE C 932 -63.27 -71.95 31.07
N VAL C 933 -61.98 -71.63 31.16
CA VAL C 933 -61.27 -71.46 32.47
C VAL C 933 -61.66 -70.09 33.02
N PRO C 934 -62.43 -70.04 34.13
CA PRO C 934 -62.89 -68.78 34.70
C PRO C 934 -61.71 -68.10 35.39
N GLU C 935 -61.66 -66.77 35.36
CA GLU C 935 -60.68 -65.97 36.13
C GLU C 935 -59.27 -66.47 35.80
N LEU C 936 -58.92 -66.40 34.52
CA LEU C 936 -57.72 -67.06 33.95
C LEU C 936 -56.47 -66.42 34.51
N LYS C 937 -56.42 -65.09 34.50
CA LYS C 937 -55.23 -64.38 34.99
C LYS C 937 -54.88 -64.84 36.42
N GLU C 938 -55.84 -64.78 37.33
CA GLU C 938 -55.64 -65.22 38.74
C GLU C 938 -55.20 -66.68 38.75
N PHE C 939 -55.81 -67.51 37.91
CA PHE C 939 -55.49 -68.95 37.83
C PHE C 939 -54.01 -69.12 37.43
N THR C 940 -53.53 -68.30 36.48
CA THR C 940 -52.13 -68.40 35.96
C THR C 940 -51.17 -67.84 37.01
N ALA C 941 -51.52 -66.73 37.68
CA ALA C 941 -50.70 -66.14 38.78
C ALA C 941 -50.58 -67.12 39.97
N LYS C 942 -51.64 -67.87 40.28
CA LYS C 942 -51.62 -68.89 41.37
C LYS C 942 -50.68 -70.05 40.96
N LEU C 943 -50.78 -70.56 39.72
CA LEU C 943 -49.91 -71.69 39.24
C LEU C 943 -48.44 -71.25 39.28
N ARG C 944 -48.18 -69.98 38.97
CA ARG C 944 -46.83 -69.38 38.93
C ARG C 944 -46.25 -69.33 40.34
N LYS C 945 -47.02 -68.83 41.32
CA LYS C 945 -46.60 -68.68 42.74
C LYS C 945 -46.36 -70.08 43.30
N GLU C 946 -47.34 -70.98 43.23
CA GLU C 946 -47.21 -72.39 43.66
C GLU C 946 -45.90 -73.00 43.14
N LEU C 947 -45.38 -72.55 41.99
CA LEU C 947 -44.17 -73.11 41.35
C LEU C 947 -42.92 -72.36 41.84
N VAL C 948 -42.92 -71.03 41.77
CA VAL C 948 -41.80 -70.15 42.21
C VAL C 948 -41.57 -70.32 43.73
N GLU C 949 -42.64 -70.36 44.52
CA GLU C 949 -42.57 -70.57 45.99
C GLU C 949 -41.89 -71.92 46.27
N THR C 950 -42.31 -72.99 45.58
CA THR C 950 -41.76 -74.36 45.74
C THR C 950 -40.28 -74.39 45.36
N SER C 951 -39.90 -73.69 44.29
CA SER C 951 -38.51 -73.53 43.80
C SER C 951 -37.65 -72.83 44.86
N GLU C 952 -38.07 -71.64 45.31
CA GLU C 952 -37.31 -70.77 46.24
C GLU C 952 -37.22 -71.42 47.64
N VAL C 953 -38.27 -72.09 48.09
CA VAL C 953 -38.27 -72.82 49.39
C VAL C 953 -37.27 -73.97 49.31
N ARG C 954 -37.34 -74.81 48.27
CA ARG C 954 -36.42 -75.96 48.07
C ARG C 954 -34.97 -75.48 47.99
N LYS C 955 -34.72 -74.34 47.34
CA LYS C 955 -33.37 -73.75 47.20
C LYS C 955 -32.82 -73.41 48.59
N ALA C 956 -33.60 -72.62 49.34
CA ALA C 956 -33.28 -72.11 50.70
C ALA C 956 -33.11 -73.27 51.69
N VAL C 957 -34.05 -74.23 51.72
CA VAL C 957 -34.01 -75.41 52.65
C VAL C 957 -32.83 -76.31 52.31
N SER C 958 -32.44 -76.44 51.05
CA SER C 958 -31.31 -77.31 50.63
C SER C 958 -30.00 -76.61 50.98
N ILE C 959 -29.93 -75.29 50.78
CA ILE C 959 -28.71 -74.48 51.10
C ILE C 959 -28.45 -74.54 52.61
N GLU C 960 -29.49 -74.44 53.44
CA GLU C 960 -29.36 -74.42 54.92
C GLU C 960 -29.03 -75.82 55.43
N THR C 961 -29.62 -76.87 54.86
CA THR C 961 -29.34 -78.28 55.22
C THR C 961 -27.87 -78.61 54.89
N ALA C 962 -27.32 -78.05 53.81
CA ALA C 962 -25.91 -78.23 53.41
C ALA C 962 -25.00 -77.50 54.43
N LEU C 963 -25.36 -76.28 54.81
CA LEU C 963 -24.57 -75.45 55.76
C LEU C 963 -24.61 -76.10 57.16
N GLU C 964 -25.75 -76.62 57.60
CA GLU C 964 -25.89 -77.35 58.88
C GLU C 964 -24.94 -78.56 58.84
N HIS C 965 -25.03 -79.40 57.81
CA HIS C 965 -24.16 -80.61 57.63
C HIS C 965 -22.67 -80.20 57.66
N LYS C 966 -22.32 -79.12 56.96
CA LYS C 966 -20.95 -78.54 56.91
C LYS C 966 -20.48 -78.22 58.35
N VAL C 967 -21.32 -77.58 59.16
CA VAL C 967 -20.99 -77.12 60.54
C VAL C 967 -20.79 -78.33 61.45
N VAL C 968 -21.71 -79.29 61.40
CA VAL C 968 -21.71 -80.51 62.26
C VAL C 968 -20.58 -81.47 61.85
N ASN C 969 -20.18 -81.53 60.57
CA ASN C 969 -19.27 -82.60 60.06
C ASN C 969 -17.93 -82.02 59.58
N GLY C 970 -17.80 -80.69 59.47
CA GLY C 970 -16.53 -80.03 59.08
C GLY C 970 -16.15 -80.27 57.63
N ASN C 971 -14.89 -79.92 57.27
CA ASN C 971 -14.32 -79.90 55.89
C ASN C 971 -13.94 -81.30 55.42
N SER C 972 -13.49 -82.19 56.33
CA SER C 972 -13.00 -83.57 56.05
C SER C 972 -14.13 -84.44 55.46
N ALA C 973 -15.39 -84.17 55.82
CA ALA C 973 -16.59 -84.90 55.34
C ALA C 973 -16.85 -84.63 53.85
N ASP C 974 -16.55 -83.40 53.38
CA ASP C 974 -16.86 -82.91 52.01
C ASP C 974 -15.60 -82.83 51.12
N ALA C 975 -14.39 -82.92 51.70
CA ALA C 975 -13.09 -82.89 50.97
C ALA C 975 -12.91 -84.16 50.14
N ALA C 976 -13.23 -85.33 50.72
CA ALA C 976 -13.16 -86.67 50.07
C ALA C 976 -14.36 -86.89 49.13
N TYR C 977 -15.45 -86.13 49.30
CA TYR C 977 -16.66 -86.16 48.43
C TYR C 977 -16.44 -85.31 47.17
N ALA C 978 -15.81 -84.13 47.29
CA ALA C 978 -15.47 -83.21 46.18
C ALA C 978 -14.48 -83.90 45.22
N GLN C 979 -14.50 -83.51 43.94
CA GLN C 979 -13.83 -84.27 42.84
C GLN C 979 -13.20 -83.33 41.81
N VAL C 980 -12.06 -83.74 41.25
CA VAL C 980 -11.15 -82.90 40.43
C VAL C 980 -11.61 -82.94 38.97
N GLU C 981 -11.71 -81.77 38.36
CA GLU C 981 -12.09 -81.63 36.94
C GLU C 981 -10.83 -81.44 36.08
N ILE C 982 -10.78 -82.15 34.96
CA ILE C 982 -9.73 -82.07 33.90
C ILE C 982 -10.25 -81.16 32.80
N GLN C 983 -9.60 -80.02 32.56
CA GLN C 983 -9.87 -79.12 31.40
C GLN C 983 -8.96 -79.49 30.23
N PRO C 984 -9.49 -79.56 29.00
CA PRO C 984 -8.70 -80.01 27.86
C PRO C 984 -7.62 -78.99 27.52
N ARG C 985 -6.46 -79.48 27.12
CA ARG C 985 -5.42 -78.65 26.45
C ARG C 985 -5.41 -79.00 24.97
N ALA C 986 -5.21 -78.00 24.13
CA ALA C 986 -5.03 -78.16 22.67
C ALA C 986 -3.85 -79.09 22.40
N ASN C 987 -4.10 -80.21 21.75
CA ASN C 987 -3.06 -81.12 21.24
C ASN C 987 -3.09 -81.10 19.68
N ILE C 988 -2.51 -80.09 19.06
CA ILE C 988 -2.60 -79.92 17.57
C ILE C 988 -1.94 -81.12 16.91
N GLN C 989 -2.64 -81.76 15.98
CA GLN C 989 -2.13 -82.94 15.26
C GLN C 989 -1.76 -82.54 13.82
N LEU C 990 -0.84 -83.29 13.24
CA LEU C 990 -0.39 -83.02 11.85
C LEU C 990 -1.36 -83.62 10.84
N ASP C 991 -2.21 -84.57 11.25
CA ASP C 991 -3.24 -85.21 10.41
C ASP C 991 -2.57 -85.93 9.24
N PHE C 992 -1.56 -86.74 9.55
CA PHE C 992 -1.01 -87.70 8.59
C PHE C 992 -2.14 -88.64 8.21
N PRO C 993 -2.16 -89.14 6.97
CA PRO C 993 -3.19 -90.09 6.60
C PRO C 993 -3.11 -91.36 7.47
N GLU C 994 -4.29 -91.93 7.69
CA GLU C 994 -4.45 -93.17 8.46
C GLU C 994 -4.08 -94.30 7.51
N LEU C 995 -3.24 -95.18 8.00
CA LEU C 995 -2.84 -96.37 7.26
C LEU C 995 -3.61 -97.55 7.82
N LYS C 996 -4.37 -98.18 6.96
CA LYS C 996 -5.15 -99.40 7.22
C LYS C 996 -4.22 -100.60 7.29
N PRO C 997 -4.63 -101.70 7.97
CA PRO C 997 -3.93 -102.98 7.84
C PRO C 997 -3.85 -103.41 6.38
N TYR C 998 -2.78 -104.08 6.02
CA TYR C 998 -2.58 -104.52 4.62
C TYR C 998 -3.81 -105.21 4.05
N LYS C 999 -4.48 -106.07 4.83
CA LYS C 999 -5.62 -106.88 4.33
C LYS C 999 -6.73 -105.96 3.86
N GLN C 1000 -7.04 -104.91 4.60
CA GLN C 1000 -8.09 -103.94 4.20
C GLN C 1000 -7.66 -103.20 2.93
N VAL C 1001 -6.41 -102.76 2.90
CA VAL C 1001 -5.94 -101.89 1.79
C VAL C 1001 -5.89 -102.75 0.53
N LYS C 1002 -5.51 -104.01 0.65
CA LYS C 1002 -5.46 -104.97 -0.48
C LYS C 1002 -6.84 -105.15 -1.13
N GLN C 1003 -7.94 -105.04 -0.41
CA GLN C 1003 -9.30 -105.21 -0.98
C GLN C 1003 -9.75 -104.02 -1.84
N ILE C 1004 -9.15 -102.82 -1.73
CA ILE C 1004 -9.70 -101.63 -2.46
C ILE C 1004 -9.20 -101.70 -3.91
N ALA C 1005 -7.89 -101.85 -4.13
CA ALA C 1005 -7.34 -101.94 -5.49
C ALA C 1005 -7.62 -103.34 -6.01
N PRO C 1006 -7.67 -103.54 -7.35
CA PRO C 1006 -7.77 -104.88 -7.93
C PRO C 1006 -6.51 -105.72 -7.66
N ALA C 1007 -6.62 -107.05 -7.56
CA ALA C 1007 -5.50 -107.96 -7.19
C ALA C 1007 -4.36 -107.85 -8.23
N GLU C 1008 -4.72 -107.66 -9.48
CA GLU C 1008 -3.80 -107.59 -10.64
C GLU C 1008 -2.87 -106.39 -10.46
N LEU C 1009 -3.26 -105.37 -9.67
CA LEU C 1009 -2.44 -104.15 -9.57
C LEU C 1009 -1.07 -104.47 -8.98
N GLU C 1010 -0.94 -105.50 -8.15
CA GLU C 1010 0.35 -105.77 -7.48
C GLU C 1010 1.43 -106.04 -8.53
N GLY C 1011 2.54 -105.29 -8.48
CA GLY C 1011 3.67 -105.45 -9.41
C GLY C 1011 3.39 -104.90 -10.79
N LEU C 1012 2.23 -104.32 -11.07
CA LEU C 1012 1.85 -103.89 -12.44
C LEU C 1012 2.42 -102.49 -12.71
N LEU C 1013 2.52 -101.65 -11.70
CA LEU C 1013 2.89 -100.22 -11.90
C LEU C 1013 4.39 -100.01 -11.71
N ASP C 1014 4.98 -99.14 -12.52
CA ASP C 1014 6.36 -98.62 -12.27
C ASP C 1014 6.14 -97.50 -11.25
N LEU C 1015 6.54 -97.74 -10.02
CA LEU C 1015 6.27 -96.77 -8.95
C LEU C 1015 7.19 -95.56 -9.04
N GLU C 1016 8.20 -95.60 -9.86
CA GLU C 1016 8.97 -94.40 -10.18
C GLU C 1016 8.12 -93.48 -11.04
N ARG C 1017 7.05 -93.96 -11.63
CA ARG C 1017 6.23 -93.13 -12.55
C ARG C 1017 4.89 -92.87 -11.94
N VAL C 1018 4.72 -93.14 -10.67
CA VAL C 1018 3.48 -92.78 -9.95
C VAL C 1018 3.88 -91.59 -9.11
N ILE C 1019 3.17 -90.52 -9.27
CA ILE C 1019 3.49 -89.30 -8.53
C ILE C 1019 2.55 -89.18 -7.34
N VAL C 1020 3.10 -88.94 -6.17
CA VAL C 1020 2.29 -88.77 -4.96
C VAL C 1020 2.53 -87.41 -4.39
N VAL C 1021 1.54 -86.90 -3.70
CA VAL C 1021 1.70 -85.73 -2.82
C VAL C 1021 2.07 -86.26 -1.43
N THR C 1022 3.16 -85.79 -0.89
CA THR C 1022 3.69 -86.18 0.44
C THR C 1022 3.50 -85.11 1.45
N GLY C 1023 3.17 -83.91 1.05
CA GLY C 1023 3.02 -82.84 2.00
C GLY C 1023 2.38 -81.69 1.35
N PHE C 1024 1.70 -80.89 2.11
CA PHE C 1024 1.05 -79.71 1.58
C PHE C 1024 0.85 -78.72 2.69
N ALA C 1025 0.76 -77.50 2.31
CA ALA C 1025 0.54 -76.40 3.23
C ALA C 1025 0.01 -75.24 2.47
N GLU C 1026 -0.38 -74.26 3.24
CA GLU C 1026 -0.82 -73.00 2.71
C GLU C 1026 -0.71 -71.93 3.75
N VAL C 1027 -0.74 -70.75 3.24
CA VAL C 1027 -0.93 -69.51 4.03
C VAL C 1027 -2.03 -68.79 3.32
N GLY C 1028 -3.16 -68.59 3.99
CA GLY C 1028 -4.26 -67.88 3.36
C GLY C 1028 -5.11 -67.18 4.37
N PRO C 1029 -6.24 -66.65 3.93
CA PRO C 1029 -7.16 -65.86 4.79
C PRO C 1029 -7.68 -66.60 6.01
N TRP C 1030 -7.58 -67.90 6.08
CA TRP C 1030 -7.99 -68.73 7.22
C TRP C 1030 -6.83 -69.46 7.84
N GLY C 1031 -5.64 -68.90 7.71
CA GLY C 1031 -4.45 -69.42 8.35
C GLY C 1031 -3.78 -70.47 7.53
N SER C 1032 -3.55 -71.60 8.11
CA SER C 1032 -2.85 -72.74 7.55
C SER C 1032 -3.86 -73.69 6.90
N ALA C 1033 -3.37 -74.79 6.36
CA ALA C 1033 -4.24 -75.78 5.74
C ALA C 1033 -5.16 -76.40 6.82
N ARG C 1034 -4.67 -76.53 8.03
CA ARG C 1034 -5.42 -77.16 9.15
C ARG C 1034 -6.57 -76.26 9.54
N THR C 1035 -6.32 -74.97 9.73
CA THR C 1035 -7.37 -74.07 10.17
C THR C 1035 -8.35 -73.79 9.05
N ARG C 1036 -7.84 -73.64 7.83
CA ARG C 1036 -8.76 -73.41 6.70
C ARG C 1036 -9.68 -74.62 6.52
N TRP C 1037 -9.16 -75.82 6.65
CA TRP C 1037 -10.01 -77.00 6.55
C TRP C 1037 -11.09 -77.05 7.64
N GLU C 1038 -10.76 -76.73 8.87
CA GLU C 1038 -11.80 -76.71 9.94
C GLU C 1038 -12.88 -75.74 9.56
N MET C 1039 -12.52 -74.57 9.12
CA MET C 1039 -13.51 -73.58 8.75
C MET C 1039 -14.30 -74.05 7.51
N GLU C 1040 -13.64 -74.62 6.53
CA GLU C 1040 -14.32 -75.04 5.29
C GLU C 1040 -15.27 -76.19 5.60
N ALA C 1041 -14.78 -77.24 6.24
CA ALA C 1041 -15.55 -78.47 6.45
C ALA C 1041 -16.60 -78.26 7.54
N PHE C 1042 -16.27 -77.60 8.64
CA PHE C 1042 -17.13 -77.60 9.87
C PHE C 1042 -17.71 -76.25 10.17
N GLY C 1043 -17.20 -75.18 9.60
CA GLY C 1043 -17.74 -73.85 9.85
C GLY C 1043 -17.34 -73.28 11.20
N GLU C 1044 -16.48 -73.95 11.93
CA GLU C 1044 -16.06 -73.47 13.26
C GLU C 1044 -14.77 -74.15 13.64
N PHE C 1045 -14.07 -73.56 14.58
CA PHE C 1045 -12.80 -74.09 15.06
C PHE C 1045 -13.01 -75.02 16.23
N SER C 1046 -12.31 -76.14 16.21
CA SER C 1046 -12.04 -76.97 17.40
C SER C 1046 -11.17 -76.16 18.38
N LEU C 1047 -10.86 -76.74 19.52
CA LEU C 1047 -9.89 -76.14 20.46
C LEU C 1047 -8.52 -76.01 19.77
N GLU C 1048 -8.08 -77.04 19.07
CA GLU C 1048 -6.81 -77.04 18.31
C GLU C 1048 -6.80 -75.91 17.27
N GLY C 1049 -7.89 -75.71 16.56
CA GLY C 1049 -7.99 -74.68 15.54
C GLY C 1049 -7.96 -73.31 16.12
N CYS C 1050 -8.65 -73.11 17.24
CA CYS C 1050 -8.65 -71.81 17.92
C CYS C 1050 -7.27 -71.44 18.45
N VAL C 1051 -6.62 -72.35 19.09
CA VAL C 1051 -5.26 -72.14 19.62
C VAL C 1051 -4.33 -71.88 18.43
N GLU C 1052 -4.46 -72.65 17.36
CA GLU C 1052 -3.57 -72.41 16.18
C GLU C 1052 -3.82 -71.03 15.66
N MET C 1053 -5.07 -70.62 15.53
CA MET C 1053 -5.37 -69.31 14.96
C MET C 1053 -4.88 -68.24 15.91
N ALA C 1054 -5.03 -68.46 17.21
CA ALA C 1054 -4.64 -67.42 18.19
C ALA C 1054 -3.10 -67.27 18.12
N TRP C 1055 -2.40 -68.35 17.97
CA TRP C 1055 -0.92 -68.34 17.77
C TRP C 1055 -0.56 -67.67 16.45
N ILE C 1056 -1.22 -68.04 15.37
CA ILE C 1056 -0.92 -67.45 14.04
C ILE C 1056 -1.11 -65.97 14.13
N MET C 1057 -2.20 -65.53 14.74
CA MET C 1057 -2.55 -64.11 14.77
C MET C 1057 -1.80 -63.37 15.88
N GLY C 1058 -0.93 -64.01 16.61
CA GLY C 1058 -0.13 -63.30 17.63
C GLY C 1058 -0.94 -62.93 18.88
N PHE C 1059 -2.11 -63.50 19.09
CA PHE C 1059 -2.95 -63.21 20.28
C PHE C 1059 -2.33 -63.83 21.51
N ILE C 1060 -1.84 -65.03 21.36
CA ILE C 1060 -1.18 -65.83 22.42
C ILE C 1060 0.25 -66.12 22.01
N SER C 1061 1.09 -66.24 23.01
CA SER C 1061 2.50 -66.60 22.88
C SER C 1061 2.77 -67.56 23.99
N TYR C 1062 3.75 -68.38 23.78
CA TYR C 1062 4.11 -69.34 24.80
C TYR C 1062 5.09 -68.72 25.78
N HIS C 1063 5.07 -69.21 27.01
CA HIS C 1063 5.89 -68.71 28.14
C HIS C 1063 6.31 -69.88 28.97
N ASN C 1064 7.60 -70.04 29.17
CA ASN C 1064 8.13 -71.06 30.09
C ASN C 1064 9.12 -70.37 31.02
N GLY C 1065 8.76 -70.19 32.27
CA GLY C 1065 9.63 -69.58 33.29
C GLY C 1065 8.79 -68.91 34.35
N ASN C 1066 9.40 -68.01 35.13
CA ASN C 1066 8.72 -67.30 36.21
C ASN C 1066 7.80 -66.24 35.58
N LEU C 1067 6.59 -66.15 36.11
CA LEU C 1067 5.59 -65.17 35.69
C LEU C 1067 4.87 -64.65 36.94
N LYS C 1068 5.22 -63.43 37.37
CA LYS C 1068 4.70 -62.78 38.60
C LYS C 1068 4.96 -63.71 39.79
N GLY C 1069 6.24 -64.11 39.97
CA GLY C 1069 6.68 -64.99 41.07
C GLY C 1069 6.57 -66.45 40.72
N ARG C 1070 5.35 -66.97 40.56
CA ARG C 1070 5.06 -68.41 40.35
C ARG C 1070 5.66 -68.87 39.02
N PRO C 1071 6.16 -70.11 38.91
CA PRO C 1071 6.65 -70.64 37.64
C PRO C 1071 5.47 -71.05 36.74
N TYR C 1072 5.46 -70.62 35.48
CA TYR C 1072 4.35 -70.90 34.52
C TYR C 1072 4.93 -71.48 33.22
N THR C 1073 4.25 -72.51 32.74
CA THR C 1073 4.46 -73.12 31.41
C THR C 1073 3.12 -73.07 30.70
N GLY C 1074 2.97 -72.19 29.70
CA GLY C 1074 1.81 -72.24 28.81
C GLY C 1074 1.64 -70.97 28.04
N TRP C 1075 0.45 -70.81 27.55
CA TRP C 1075 0.08 -69.68 26.74
C TRP C 1075 -0.11 -68.50 27.67
N VAL C 1076 0.30 -67.35 27.18
CA VAL C 1076 -0.04 -66.03 27.73
C VAL C 1076 -0.59 -65.18 26.61
N ASP C 1077 -1.32 -64.15 27.01
CA ASP C 1077 -1.75 -63.05 26.13
C ASP C 1077 -0.49 -62.34 25.69
N SER C 1078 -0.34 -62.16 24.38
CA SER C 1078 0.87 -61.56 23.79
C SER C 1078 1.03 -60.11 24.30
N LYS C 1079 -0.05 -59.38 24.45
CA LYS C 1079 -0.03 -57.94 24.86
C LYS C 1079 0.27 -57.85 26.37
N THR C 1080 -0.61 -58.41 27.21
CA THR C 1080 -0.65 -58.25 28.69
C THR C 1080 0.33 -59.19 29.41
N LYS C 1081 0.62 -60.34 28.82
CA LYS C 1081 1.48 -61.42 29.34
C LYS C 1081 0.79 -62.16 30.46
N GLU C 1082 -0.54 -62.04 30.54
CA GLU C 1082 -1.37 -62.82 31.49
C GLU C 1082 -1.52 -64.24 30.97
N PRO C 1083 -1.40 -65.24 31.87
CA PRO C 1083 -1.70 -66.61 31.53
C PRO C 1083 -3.08 -66.77 30.90
N VAL C 1084 -3.15 -67.68 29.95
CA VAL C 1084 -4.41 -68.01 29.24
C VAL C 1084 -4.44 -69.52 29.22
N ASP C 1085 -5.53 -70.07 29.70
CA ASP C 1085 -5.73 -71.52 29.61
C ASP C 1085 -6.26 -71.77 28.20
N ASP C 1086 -5.94 -72.92 27.63
CA ASP C 1086 -6.40 -73.36 26.30
C ASP C 1086 -7.93 -73.26 26.26
N LYS C 1087 -8.63 -73.75 27.28
CA LYS C 1087 -10.13 -73.78 27.38
C LYS C 1087 -10.71 -72.37 27.28
N ASP C 1088 -9.94 -71.33 27.60
CA ASP C 1088 -10.41 -69.92 27.59
C ASP C 1088 -10.06 -69.22 26.28
N VAL C 1089 -9.28 -69.87 25.40
CA VAL C 1089 -8.83 -69.20 24.15
C VAL C 1089 -10.07 -68.82 23.36
N LYS C 1090 -11.00 -69.76 23.21
CA LYS C 1090 -12.26 -69.50 22.46
C LYS C 1090 -13.00 -68.30 23.03
N ALA C 1091 -13.30 -68.27 24.32
CA ALA C 1091 -14.09 -67.16 24.89
C ALA C 1091 -13.28 -65.88 24.75
N LYS C 1092 -11.97 -65.94 24.97
CA LYS C 1092 -11.16 -64.72 24.99
C LYS C 1092 -10.93 -64.20 23.55
N TYR C 1093 -10.69 -65.08 22.58
CA TYR C 1093 -10.15 -64.62 21.26
C TYR C 1093 -11.03 -64.95 20.07
N GLU C 1094 -11.94 -65.90 20.16
CA GLU C 1094 -12.61 -66.43 18.95
C GLU C 1094 -13.30 -65.30 18.19
N THR C 1095 -13.96 -64.40 18.87
CA THR C 1095 -14.66 -63.31 18.18
C THR C 1095 -13.64 -62.48 17.39
N SER C 1096 -12.49 -62.19 17.98
CA SER C 1096 -11.42 -61.42 17.31
C SER C 1096 -10.87 -62.23 16.14
N ILE C 1097 -10.65 -63.51 16.34
CA ILE C 1097 -10.09 -64.39 15.29
C ILE C 1097 -11.02 -64.33 14.08
N LEU C 1098 -12.33 -64.50 14.30
CA LEU C 1098 -13.31 -64.54 13.21
C LEU C 1098 -13.49 -63.19 12.57
N GLU C 1099 -13.38 -62.11 13.30
CA GLU C 1099 -13.48 -60.78 12.71
C GLU C 1099 -12.25 -60.43 11.83
N HIS C 1100 -11.07 -60.95 12.16
CA HIS C 1100 -9.81 -60.54 11.50
C HIS C 1100 -9.24 -61.68 10.68
N SER C 1101 -10.08 -62.59 10.21
CA SER C 1101 -9.74 -63.70 9.32
C SER C 1101 -10.71 -63.71 8.16
N GLY C 1102 -10.33 -64.39 7.09
CA GLY C 1102 -11.20 -64.58 5.96
C GLY C 1102 -11.46 -63.33 5.16
N ILE C 1103 -12.55 -63.37 4.43
CA ILE C 1103 -12.93 -62.28 3.53
C ILE C 1103 -13.55 -61.18 4.40
N ARG C 1104 -13.02 -60.00 4.32
CA ARG C 1104 -13.35 -58.92 5.28
C ARG C 1104 -12.94 -57.60 4.69
N LEU C 1105 -13.39 -56.52 5.31
CA LEU C 1105 -12.96 -55.20 4.85
C LEU C 1105 -11.44 -55.12 4.82
N ILE C 1106 -10.95 -54.45 3.81
CA ILE C 1106 -9.49 -54.30 3.65
C ILE C 1106 -8.98 -53.56 4.84
N GLU C 1107 -7.96 -54.09 5.47
CA GLU C 1107 -7.29 -53.45 6.63
C GLU C 1107 -6.06 -52.70 6.12
N PRO C 1108 -6.05 -51.34 6.17
CA PRO C 1108 -4.93 -50.57 5.61
C PRO C 1108 -3.55 -50.90 6.21
N GLU C 1109 -3.52 -51.30 7.46
CA GLU C 1109 -2.26 -51.66 8.18
C GLU C 1109 -1.63 -52.91 7.55
N LEU C 1110 -2.39 -53.72 6.80
CA LEU C 1110 -1.80 -54.94 6.20
C LEU C 1110 -1.23 -54.61 4.83
N PHE C 1111 -1.57 -53.45 4.26
CA PHE C 1111 -1.26 -53.11 2.85
C PHE C 1111 -0.63 -51.73 2.80
N ASN C 1112 0.29 -51.45 3.71
CA ASN C 1112 1.10 -50.20 3.70
C ASN C 1112 0.20 -48.97 3.65
N GLY C 1113 -0.88 -48.98 4.43
CA GLY C 1113 -1.82 -47.88 4.59
C GLY C 1113 -2.76 -47.71 3.42
N TYR C 1114 -2.75 -48.61 2.44
CA TYR C 1114 -3.78 -48.60 1.39
C TYR C 1114 -5.19 -48.57 1.99
N ASN C 1115 -5.95 -47.61 1.52
CA ASN C 1115 -7.33 -47.36 1.97
C ASN C 1115 -8.12 -47.18 0.70
N PRO C 1116 -8.90 -48.18 0.28
CA PRO C 1116 -9.66 -48.06 -0.94
C PRO C 1116 -10.65 -46.88 -0.90
N GLU C 1117 -11.03 -46.46 0.29
CA GLU C 1117 -12.00 -45.35 0.43
C GLU C 1117 -11.27 -44.03 0.11
N LYS C 1118 -9.95 -44.05 0.10
CA LYS C 1118 -9.12 -42.86 -0.10
C LYS C 1118 -7.86 -43.25 -0.84
N LYS C 1119 -8.04 -43.49 -2.11
CA LYS C 1119 -6.97 -43.86 -3.01
C LYS C 1119 -6.21 -42.61 -3.49
N GLU C 1120 -4.89 -42.60 -3.30
CA GLU C 1120 -4.01 -41.43 -3.58
C GLU C 1120 -3.60 -41.44 -5.04
N MET C 1121 -4.05 -40.43 -5.80
CA MET C 1121 -3.57 -40.11 -7.16
C MET C 1121 -2.94 -38.69 -7.16
N ILE C 1122 -2.35 -38.31 -8.29
CA ILE C 1122 -1.75 -36.96 -8.42
C ILE C 1122 -2.27 -36.43 -9.71
N GLN C 1123 -2.47 -35.13 -9.72
CA GLN C 1123 -3.00 -34.43 -10.86
C GLN C 1123 -1.96 -33.37 -11.26
N GLU C 1124 -1.61 -33.36 -12.52
CA GLU C 1124 -0.65 -32.40 -13.12
C GLU C 1124 -1.40 -31.07 -13.17
N VAL C 1125 -0.83 -30.01 -12.63
CA VAL C 1125 -1.41 -28.63 -12.77
C VAL C 1125 -0.33 -27.65 -13.22
N ILE C 1126 -0.67 -26.81 -14.18
CA ILE C 1126 0.22 -25.69 -14.58
C ILE C 1126 0.05 -24.59 -13.54
N VAL C 1127 1.12 -24.28 -12.80
CA VAL C 1127 1.28 -23.09 -11.91
C VAL C 1127 0.78 -21.86 -12.68
N GLU C 1128 -0.20 -21.12 -12.17
CA GLU C 1128 -0.70 -19.88 -12.82
C GLU C 1128 0.09 -18.68 -12.30
N GLU C 1129 0.61 -18.79 -11.07
CA GLU C 1129 1.41 -17.72 -10.43
C GLU C 1129 2.61 -18.30 -9.69
N ASP C 1130 3.72 -17.58 -9.68
CA ASP C 1130 5.00 -18.03 -9.05
C ASP C 1130 4.72 -18.48 -7.62
N LEU C 1131 5.35 -19.55 -7.20
CA LEU C 1131 5.22 -20.08 -5.83
C LEU C 1131 6.15 -19.28 -4.92
N GLU C 1132 5.82 -19.27 -3.63
CA GLU C 1132 6.74 -18.82 -2.57
C GLU C 1132 8.00 -19.65 -2.72
N PRO C 1133 9.20 -19.03 -2.81
CA PRO C 1133 10.46 -19.76 -2.73
C PRO C 1133 10.50 -20.72 -1.56
N PHE C 1134 11.20 -21.84 -1.73
CA PHE C 1134 11.49 -22.81 -0.66
C PHE C 1134 12.96 -23.17 -0.79
N GLU C 1135 13.52 -23.69 0.29
CA GLU C 1135 14.96 -23.98 0.43
C GLU C 1135 15.13 -25.44 0.04
N ALA C 1136 16.22 -25.74 -0.64
CA ALA C 1136 16.64 -27.09 -1.04
C ALA C 1136 18.15 -27.11 -1.04
N SER C 1137 18.75 -28.28 -0.92
CA SER C 1137 20.20 -28.50 -1.16
C SER C 1137 20.54 -28.09 -2.58
N LYS C 1138 21.81 -27.86 -2.83
CA LYS C 1138 22.33 -27.53 -4.17
C LYS C 1138 21.94 -28.66 -5.14
N GLU C 1139 22.21 -29.91 -4.75
CA GLU C 1139 21.93 -31.12 -5.56
C GLU C 1139 20.48 -31.08 -6.02
N THR C 1140 19.55 -31.01 -5.08
CA THR C 1140 18.09 -31.03 -5.35
C THR C 1140 17.71 -29.83 -6.21
N ALA C 1141 18.25 -28.66 -5.88
CA ALA C 1141 17.92 -27.42 -6.62
C ALA C 1141 18.30 -27.62 -8.07
N GLU C 1142 19.48 -28.17 -8.30
CA GLU C 1142 19.92 -28.42 -9.70
C GLU C 1142 19.03 -29.45 -10.42
N GLN C 1143 18.47 -30.40 -9.69
CA GLN C 1143 17.52 -31.39 -10.30
C GLN C 1143 16.22 -30.69 -10.63
N PHE C 1144 15.80 -29.72 -9.81
CA PHE C 1144 14.60 -28.91 -10.16
C PHE C 1144 14.86 -28.08 -11.38
N LYS C 1145 16.05 -27.54 -11.46
CA LYS C 1145 16.41 -26.67 -12.60
C LYS C 1145 16.50 -27.49 -13.88
N HIS C 1146 17.18 -28.61 -13.79
CA HIS C 1146 17.22 -29.56 -14.93
C HIS C 1146 15.81 -29.87 -15.42
N GLN C 1147 14.85 -30.13 -14.53
CA GLN C 1147 13.49 -30.46 -14.99
C GLN C 1147 12.76 -29.28 -15.59
N HIS C 1148 12.76 -28.15 -14.90
CA HIS C 1148 11.84 -27.04 -15.25
C HIS C 1148 12.50 -26.03 -16.20
N GLY C 1149 13.83 -25.96 -16.24
CA GLY C 1149 14.56 -25.02 -17.14
C GLY C 1149 14.17 -23.60 -16.81
N ASP C 1150 13.53 -22.88 -17.73
CA ASP C 1150 13.20 -21.45 -17.50
C ASP C 1150 12.05 -21.30 -16.51
N LYS C 1151 11.30 -22.36 -16.18
CA LYS C 1151 10.12 -22.24 -15.28
C LYS C 1151 10.56 -22.36 -13.84
N VAL C 1152 11.84 -22.28 -13.55
CA VAL C 1152 12.30 -22.27 -12.15
C VAL C 1152 13.56 -21.43 -12.08
N ASP C 1153 13.73 -20.80 -10.92
CA ASP C 1153 14.95 -20.05 -10.59
C ASP C 1153 15.45 -20.59 -9.29
N ILE C 1154 16.74 -20.81 -9.29
CA ILE C 1154 17.46 -21.31 -8.13
C ILE C 1154 18.62 -20.35 -7.91
N PHE C 1155 18.91 -20.09 -6.64
CA PHE C 1155 19.93 -19.10 -6.23
C PHE C 1155 20.59 -19.65 -4.99
N GLU C 1156 21.92 -19.70 -5.00
CA GLU C 1156 22.67 -20.00 -3.76
C GLU C 1156 22.27 -18.93 -2.73
N ILE C 1157 22.07 -19.37 -1.49
CA ILE C 1157 21.99 -18.52 -0.27
C ILE C 1157 23.40 -18.55 0.31
N PRO C 1158 24.22 -17.46 0.16
CA PRO C 1158 25.67 -17.55 0.38
C PRO C 1158 26.06 -17.97 1.81
N GLU C 1159 25.25 -17.57 2.79
CA GLU C 1159 25.48 -17.81 4.24
C GLU C 1159 25.53 -19.32 4.51
N THR C 1160 24.49 -20.04 4.10
CA THR C 1160 24.21 -21.45 4.48
C THR C 1160 24.71 -22.43 3.41
N GLY C 1161 24.86 -22.01 2.15
CA GLY C 1161 25.21 -22.89 1.01
C GLY C 1161 24.01 -23.64 0.45
N GLU C 1162 22.83 -23.52 1.08
CA GLU C 1162 21.54 -24.02 0.55
C GLU C 1162 21.12 -23.15 -0.63
N TYR C 1163 20.05 -23.54 -1.30
CA TYR C 1163 19.54 -22.89 -2.52
C TYR C 1163 18.09 -22.54 -2.32
N SER C 1164 17.68 -21.42 -2.87
CA SER C 1164 16.27 -21.04 -2.92
C SER C 1164 15.77 -21.66 -4.19
N VAL C 1165 14.55 -22.18 -4.18
CA VAL C 1165 13.95 -22.71 -5.40
C VAL C 1165 12.67 -21.95 -5.60
N LYS C 1166 12.52 -21.40 -6.77
CA LYS C 1166 11.41 -20.50 -7.06
C LYS C 1166 10.80 -21.02 -8.34
N LEU C 1167 9.67 -21.72 -8.19
CA LEU C 1167 8.88 -22.23 -9.31
C LEU C 1167 8.10 -21.07 -9.88
N LEU C 1168 8.15 -20.88 -11.18
CA LEU C 1168 7.54 -19.72 -11.85
C LEU C 1168 6.28 -20.15 -12.55
N LYS C 1169 5.41 -19.18 -12.82
CA LYS C 1169 4.24 -19.28 -13.71
C LYS C 1169 4.61 -20.18 -14.89
N GLY C 1170 3.71 -21.11 -15.23
CA GLY C 1170 3.88 -22.03 -16.38
C GLY C 1170 4.56 -23.34 -15.99
N ALA C 1171 5.24 -23.42 -14.85
CA ALA C 1171 5.81 -24.68 -14.32
C ALA C 1171 4.70 -25.71 -14.02
N THR C 1172 5.05 -26.99 -14.15
CA THR C 1172 4.16 -28.17 -13.91
C THR C 1172 4.38 -28.62 -12.48
N LEU C 1173 3.30 -28.80 -11.76
CA LEU C 1173 3.28 -29.32 -10.37
C LEU C 1173 2.37 -30.58 -10.41
N TYR C 1174 2.42 -31.35 -9.37
CA TYR C 1174 1.45 -32.44 -9.18
C TYR C 1174 0.83 -32.23 -7.81
N ILE C 1175 -0.48 -32.28 -7.80
CA ILE C 1175 -1.26 -32.08 -6.56
C ILE C 1175 -1.99 -33.36 -6.24
N PRO C 1176 -1.73 -33.94 -5.09
CA PRO C 1176 -2.38 -35.13 -4.66
C PRO C 1176 -3.90 -34.93 -4.63
N LYS C 1177 -4.60 -35.96 -5.02
CA LYS C 1177 -6.08 -36.04 -4.98
C LYS C 1177 -6.42 -37.48 -4.60
N ALA C 1178 -7.62 -37.68 -4.09
CA ALA C 1178 -8.04 -38.97 -3.50
C ALA C 1178 -9.27 -39.37 -4.25
N LEU C 1179 -9.36 -40.66 -4.56
CA LEU C 1179 -10.47 -41.29 -5.29
C LEU C 1179 -11.08 -42.27 -4.31
N ARG C 1180 -12.40 -42.37 -4.29
CA ARG C 1180 -13.14 -43.44 -3.56
C ARG C 1180 -13.23 -44.65 -4.49
N PHE C 1181 -12.60 -45.74 -4.14
CA PHE C 1181 -12.70 -46.95 -4.97
C PHE C 1181 -13.77 -47.87 -4.34
N ASP C 1182 -14.43 -48.67 -5.13
CA ASP C 1182 -15.63 -49.44 -4.71
C ASP C 1182 -15.28 -50.94 -4.47
N ARG C 1183 -14.02 -51.32 -4.40
CA ARG C 1183 -13.64 -52.67 -3.92
C ARG C 1183 -13.03 -52.51 -2.54
N LEU C 1184 -13.79 -52.87 -1.53
CA LEU C 1184 -13.48 -52.54 -0.14
C LEU C 1184 -13.12 -53.78 0.62
N VAL C 1185 -13.27 -54.94 0.03
CA VAL C 1185 -13.21 -56.22 0.75
C VAL C 1185 -12.19 -57.14 0.03
N ALA C 1186 -11.50 -57.96 0.80
CA ALA C 1186 -10.57 -58.96 0.25
C ALA C 1186 -10.37 -60.08 1.26
N GLY C 1187 -9.97 -61.21 0.73
CA GLY C 1187 -9.52 -62.34 1.52
C GLY C 1187 -8.12 -62.04 1.98
N GLN C 1188 -7.94 -61.72 3.22
CA GLN C 1188 -6.64 -61.25 3.69
C GLN C 1188 -6.13 -62.25 4.64
N ILE C 1189 -4.83 -62.42 4.65
CA ILE C 1189 -4.22 -63.29 5.68
C ILE C 1189 -4.61 -62.74 7.05
N PRO C 1190 -4.84 -63.58 8.07
CA PRO C 1190 -5.39 -63.12 9.35
C PRO C 1190 -4.54 -62.00 9.93
N THR C 1191 -5.19 -60.97 10.43
CA THR C 1191 -4.51 -59.83 11.07
C THR C 1191 -3.62 -60.33 12.20
N GLY C 1192 -2.35 -60.06 12.11
CA GLY C 1192 -1.37 -60.41 13.12
C GLY C 1192 -0.45 -61.49 12.66
N TRP C 1193 -0.77 -62.16 11.53
CA TRP C 1193 0.18 -63.07 10.90
C TRP C 1193 1.51 -62.34 10.78
N ASN C 1194 2.54 -63.04 11.10
CA ASN C 1194 3.88 -62.43 11.09
C ASN C 1194 4.82 -63.55 10.83
N ALA C 1195 5.70 -63.34 9.88
CA ALA C 1195 6.67 -64.37 9.50
C ALA C 1195 7.60 -64.65 10.68
N LYS C 1196 7.82 -63.69 11.53
CA LYS C 1196 8.67 -63.93 12.72
C LYS C 1196 8.07 -64.99 13.62
N THR C 1197 6.75 -65.14 13.66
CA THR C 1197 6.08 -66.16 14.49
C THR C 1197 6.55 -67.52 14.04
N TYR C 1198 6.82 -67.67 12.74
CA TYR C 1198 7.28 -68.94 12.17
C TYR C 1198 8.79 -69.09 12.32
N GLY C 1199 9.50 -68.04 12.66
CA GLY C 1199 10.96 -68.19 12.79
C GLY C 1199 11.74 -67.40 11.74
N ILE C 1200 11.09 -66.67 10.85
CA ILE C 1200 11.85 -66.01 9.78
C ILE C 1200 12.48 -64.75 10.38
N SER C 1201 13.76 -64.59 10.15
CA SER C 1201 14.57 -63.48 10.72
C SER C 1201 14.16 -62.16 10.11
N ASP C 1202 14.43 -61.07 10.84
CA ASP C 1202 14.16 -59.69 10.38
C ASP C 1202 14.98 -59.32 9.13
N ASP C 1203 16.18 -59.85 9.00
CA ASP C 1203 17.01 -59.60 7.80
C ASP C 1203 16.28 -60.12 6.54
N ILE C 1204 15.66 -61.31 6.62
CA ILE C 1204 14.92 -61.88 5.47
C ILE C 1204 13.68 -61.05 5.22
N ILE C 1205 12.96 -60.74 6.28
CA ILE C 1205 11.72 -59.97 6.18
C ILE C 1205 12.02 -58.65 5.50
N SER C 1206 13.12 -58.02 5.85
CA SER C 1206 13.44 -56.68 5.29
C SER C 1206 13.88 -56.80 3.83
N GLN C 1207 14.50 -57.90 3.46
CA GLN C 1207 15.00 -58.09 2.08
C GLN C 1207 13.85 -58.43 1.11
N VAL C 1208 12.96 -59.33 1.46
CA VAL C 1208 12.10 -60.00 0.42
C VAL C 1208 10.76 -59.29 0.31
N ASP C 1209 10.11 -59.47 -0.81
CA ASP C 1209 8.70 -59.08 -0.98
C ASP C 1209 7.87 -59.92 0.00
N PRO C 1210 6.76 -59.39 0.54
CA PRO C 1210 5.89 -60.19 1.42
C PRO C 1210 5.44 -61.53 0.84
N ILE C 1211 5.23 -61.60 -0.46
CA ILE C 1211 4.82 -62.88 -1.08
C ILE C 1211 5.83 -63.94 -0.72
N THR C 1212 7.11 -63.61 -0.71
CA THR C 1212 8.18 -64.54 -0.46
C THR C 1212 8.04 -65.12 0.95
N LEU C 1213 7.58 -64.36 1.88
CA LEU C 1213 7.36 -64.89 3.25
C LEU C 1213 6.21 -65.87 3.28
N PHE C 1214 5.18 -65.63 2.50
CA PHE C 1214 4.09 -66.63 2.45
C PHE C 1214 4.61 -67.94 1.92
N VAL C 1215 5.43 -67.87 0.88
CA VAL C 1215 6.02 -69.07 0.28
C VAL C 1215 6.94 -69.74 1.25
N LEU C 1216 7.85 -68.98 1.86
CA LEU C 1216 8.82 -69.65 2.75
C LEU C 1216 8.07 -70.39 3.84
N VAL C 1217 7.06 -69.75 4.44
CA VAL C 1217 6.24 -70.46 5.46
C VAL C 1217 5.52 -71.68 4.87
N SER C 1218 4.88 -71.55 3.74
CA SER C 1218 4.19 -72.68 3.12
C SER C 1218 5.12 -73.84 2.83
N VAL C 1219 6.31 -73.54 2.36
CA VAL C 1219 7.26 -74.59 2.04
C VAL C 1219 7.71 -75.30 3.29
N VAL C 1220 8.03 -74.59 4.35
CA VAL C 1220 8.50 -75.34 5.52
C VAL C 1220 7.32 -76.16 6.05
N GLU C 1221 6.14 -75.55 6.08
CA GLU C 1221 4.98 -76.29 6.55
C GLU C 1221 4.66 -77.47 5.67
N ALA C 1222 4.87 -77.40 4.35
CA ALA C 1222 4.62 -78.57 3.48
C ALA C 1222 5.60 -79.66 3.82
N PHE C 1223 6.86 -79.33 4.02
CA PHE C 1223 7.87 -80.30 4.45
C PHE C 1223 7.50 -80.92 5.79
N ILE C 1224 7.00 -80.16 6.72
CA ILE C 1224 6.55 -80.73 8.01
C ILE C 1224 5.39 -81.70 7.78
N ALA C 1225 4.43 -81.33 6.94
CA ALA C 1225 3.32 -82.22 6.58
C ALA C 1225 3.80 -83.48 5.86
N SER C 1226 5.01 -83.46 5.29
CA SER C 1226 5.71 -84.61 4.70
C SER C 1226 6.57 -85.30 5.74
N GLY C 1227 6.58 -84.84 6.99
CA GLY C 1227 7.49 -85.36 8.02
C GLY C 1227 8.96 -85.12 7.73
N ILE C 1228 9.28 -84.18 6.88
CA ILE C 1228 10.69 -83.82 6.59
C ILE C 1228 10.94 -82.53 7.35
N THR C 1229 11.65 -82.61 8.43
CA THR C 1229 11.88 -81.41 9.25
C THR C 1229 13.23 -80.80 8.89
N ASP C 1230 14.15 -81.60 8.39
CA ASP C 1230 15.43 -81.13 7.82
C ASP C 1230 15.39 -81.46 6.33
N PRO C 1231 15.20 -80.48 5.45
CA PRO C 1231 15.14 -80.80 4.02
C PRO C 1231 16.38 -81.54 3.51
N TYR C 1232 17.51 -81.39 4.19
CA TYR C 1232 18.75 -82.06 3.73
C TYR C 1232 18.65 -83.55 3.85
N GLU C 1233 17.65 -84.06 4.55
CA GLU C 1233 17.40 -85.50 4.61
C GLU C 1233 17.06 -86.09 3.25
N MET C 1234 16.46 -85.29 2.38
CA MET C 1234 16.21 -85.72 1.01
C MET C 1234 17.51 -86.22 0.39
N TYR C 1235 18.62 -85.57 0.70
CA TYR C 1235 19.91 -85.89 0.08
C TYR C 1235 20.53 -87.17 0.65
N LYS C 1236 19.87 -87.84 1.56
CA LYS C 1236 20.23 -89.24 1.92
C LYS C 1236 19.71 -90.21 0.90
N TYR C 1237 18.72 -89.79 0.12
CA TYR C 1237 17.97 -90.62 -0.81
C TYR C 1237 18.19 -90.20 -2.25
N VAL C 1238 18.34 -88.92 -2.51
CA VAL C 1238 18.46 -88.48 -3.92
C VAL C 1238 19.69 -87.61 -4.07
N HIS C 1239 20.12 -87.44 -5.30
CA HIS C 1239 21.17 -86.48 -5.64
C HIS C 1239 20.63 -85.04 -5.45
N VAL C 1240 21.48 -84.09 -5.17
CA VAL C 1240 21.13 -82.63 -5.18
C VAL C 1240 20.56 -82.16 -6.50
N SER C 1241 20.79 -82.88 -7.59
CA SER C 1241 20.25 -82.53 -8.89
C SER C 1241 18.78 -82.96 -9.03
N GLU C 1242 18.20 -83.62 -8.05
CA GLU C 1242 16.96 -84.40 -8.21
C GLU C 1242 15.83 -83.83 -7.37
N VAL C 1243 16.03 -82.69 -6.76
CA VAL C 1243 14.99 -81.95 -6.04
C VAL C 1243 14.68 -80.66 -6.78
N GLY C 1244 13.48 -80.55 -7.28
CA GLY C 1244 13.04 -79.44 -8.12
C GLY C 1244 12.11 -78.51 -7.45
N ASN C 1245 12.02 -77.32 -8.00
CA ASN C 1245 10.99 -76.36 -7.60
C ASN C 1245 10.26 -75.96 -8.87
N CYS C 1246 8.97 -76.30 -8.95
CA CYS C 1246 8.16 -75.93 -10.14
C CYS C 1246 7.00 -75.01 -9.72
N SER C 1247 7.09 -74.36 -8.56
CA SER C 1247 6.03 -73.48 -8.08
C SER C 1247 6.13 -72.16 -8.79
N GLY C 1248 5.02 -71.47 -8.85
CA GLY C 1248 5.00 -70.18 -9.51
C GLY C 1248 4.00 -69.21 -9.00
N SER C 1249 3.83 -68.17 -9.76
CA SER C 1249 2.99 -67.03 -9.37
C SER C 1249 2.38 -66.43 -10.61
N GLY C 1250 1.25 -65.77 -10.49
CA GLY C 1250 0.69 -65.03 -11.63
C GLY C 1250 1.34 -63.69 -11.80
N MET C 1251 1.71 -63.05 -10.71
CA MET C 1251 2.19 -61.65 -10.75
C MET C 1251 3.47 -61.43 -9.94
N GLY C 1252 3.84 -62.32 -9.07
CA GLY C 1252 5.11 -62.13 -8.35
C GLY C 1252 5.06 -61.02 -7.32
N GLY C 1253 6.22 -60.44 -7.07
CA GLY C 1253 6.48 -59.51 -5.95
C GLY C 1253 5.96 -58.16 -6.31
N VAL C 1254 4.65 -58.00 -6.21
CA VAL C 1254 3.96 -56.77 -6.66
C VAL C 1254 4.30 -55.62 -5.73
N SER C 1255 4.70 -55.87 -4.49
CA SER C 1255 5.15 -54.80 -3.58
C SER C 1255 6.50 -54.26 -4.11
N ALA C 1256 7.33 -55.13 -4.67
CA ALA C 1256 8.63 -54.73 -5.26
C ALA C 1256 8.34 -53.97 -6.53
N LEU C 1257 7.33 -54.35 -7.31
CA LEU C 1257 6.98 -53.59 -8.51
C LEU C 1257 6.55 -52.19 -8.11
N ARG C 1258 5.76 -52.07 -7.07
CA ARG C 1258 5.33 -50.76 -6.59
C ARG C 1258 6.57 -49.92 -6.26
N GLY C 1259 7.51 -50.49 -5.53
CA GLY C 1259 8.81 -49.92 -5.19
C GLY C 1259 9.44 -49.31 -6.41
N MET C 1260 9.59 -50.06 -7.48
CA MET C 1260 10.36 -49.58 -8.63
C MET C 1260 9.56 -48.67 -9.54
N PHE C 1261 8.24 -48.82 -9.63
CA PHE C 1261 7.44 -47.98 -10.52
C PHE C 1261 6.91 -46.74 -9.83
N LYS C 1262 6.74 -46.75 -8.54
CA LYS C 1262 6.03 -45.66 -7.88
C LYS C 1262 6.87 -45.06 -6.79
N ASP C 1263 7.37 -45.85 -5.88
CA ASP C 1263 8.17 -45.35 -4.78
C ASP C 1263 9.43 -44.69 -5.33
N ARG C 1264 10.06 -45.28 -6.32
CA ARG C 1264 11.32 -44.73 -6.89
C ARG C 1264 11.00 -43.40 -7.56
N PHE C 1265 9.87 -43.31 -8.24
CA PHE C 1265 9.44 -42.10 -8.96
C PHE C 1265 9.20 -40.93 -7.99
N LYS C 1266 8.77 -41.22 -6.76
CA LYS C 1266 8.52 -40.23 -5.69
C LYS C 1266 9.75 -40.07 -4.84
N ASP C 1267 10.88 -40.58 -5.32
CA ASP C 1267 12.20 -40.46 -4.67
C ASP C 1267 12.08 -40.94 -3.23
N GLU C 1268 11.24 -41.94 -2.96
CA GLU C 1268 11.15 -42.56 -1.62
C GLU C 1268 12.31 -43.54 -1.46
N PRO C 1269 12.73 -43.85 -0.22
CA PRO C 1269 13.78 -44.84 0.02
C PRO C 1269 13.24 -46.22 -0.45
N VAL C 1270 13.95 -46.84 -1.37
CA VAL C 1270 13.67 -48.21 -1.90
C VAL C 1270 15.03 -48.91 -1.96
N GLN C 1271 15.10 -50.14 -1.47
CA GLN C 1271 16.34 -50.93 -1.50
C GLN C 1271 16.85 -51.01 -2.95
N ASN C 1272 18.14 -51.01 -3.12
CA ASN C 1272 18.77 -50.92 -4.46
C ASN C 1272 18.48 -52.16 -5.28
N ASP C 1273 18.25 -53.28 -4.63
CA ASP C 1273 17.96 -54.54 -5.34
C ASP C 1273 16.46 -54.87 -5.31
N ILE C 1274 15.61 -53.87 -5.36
CA ILE C 1274 14.15 -54.11 -5.38
C ILE C 1274 13.75 -54.94 -6.60
N LEU C 1275 14.37 -54.73 -7.74
CA LEU C 1275 13.93 -55.39 -8.98
C LEU C 1275 13.94 -56.92 -8.82
N GLN C 1276 14.99 -57.44 -8.24
CA GLN C 1276 15.17 -58.89 -8.08
C GLN C 1276 14.03 -59.48 -7.23
N GLU C 1277 13.50 -58.70 -6.30
CA GLU C 1277 12.48 -59.20 -5.37
C GLU C 1277 11.15 -59.20 -6.06
N SER C 1278 11.01 -58.54 -7.20
CA SER C 1278 9.78 -58.55 -7.97
C SER C 1278 9.64 -59.84 -8.78
N PHE C 1279 10.73 -60.43 -9.22
CA PHE C 1279 10.66 -61.49 -10.24
C PHE C 1279 9.86 -62.68 -9.72
N ILE C 1280 9.07 -63.25 -10.59
CA ILE C 1280 8.19 -64.39 -10.24
C ILE C 1280 9.02 -65.55 -9.76
N ASN C 1281 10.23 -65.68 -10.28
CA ASN C 1281 11.10 -66.79 -9.87
C ASN C 1281 11.96 -66.50 -8.67
N THR C 1282 11.90 -65.33 -8.11
CA THR C 1282 12.74 -64.99 -6.95
C THR C 1282 12.23 -65.73 -5.74
N MET C 1283 10.92 -65.98 -5.61
CA MET C 1283 10.42 -66.71 -4.41
C MET C 1283 11.05 -68.09 -4.35
N SER C 1284 11.13 -68.79 -5.47
CA SER C 1284 11.78 -70.11 -5.55
C SER C 1284 13.27 -70.01 -5.30
N ALA C 1285 13.88 -68.95 -5.75
CA ALA C 1285 15.30 -68.74 -5.49
C ALA C 1285 15.49 -68.63 -3.96
N TRP C 1286 14.70 -67.81 -3.28
CA TRP C 1286 14.85 -67.71 -1.81
C TRP C 1286 14.64 -69.01 -1.08
N VAL C 1287 13.66 -69.80 -1.53
CA VAL C 1287 13.43 -71.14 -0.98
C VAL C 1287 14.67 -71.97 -1.10
N ASN C 1288 15.30 -71.94 -2.25
CA ASN C 1288 16.48 -72.75 -2.47
C ASN C 1288 17.65 -72.22 -1.65
N MET C 1289 17.74 -70.93 -1.55
CA MET C 1289 18.86 -70.22 -0.91
C MET C 1289 18.78 -70.30 0.59
N LEU C 1290 17.58 -70.41 1.15
CA LEU C 1290 17.34 -70.41 2.63
C LEU C 1290 17.10 -71.78 3.19
N LEU C 1291 16.64 -72.74 2.41
CA LEU C 1291 16.11 -73.99 2.93
C LEU C 1291 16.64 -75.19 2.21
N ILE C 1292 16.56 -75.23 0.91
CA ILE C 1292 16.65 -76.53 0.23
C ILE C 1292 18.07 -76.81 -0.25
N SER C 1293 18.72 -75.83 -0.84
CA SER C 1293 20.08 -75.96 -1.41
C SER C 1293 20.18 -77.03 -2.48
N SER C 1294 19.16 -77.22 -3.29
CA SER C 1294 19.26 -78.18 -4.38
C SER C 1294 19.98 -77.57 -5.57
N SER C 1295 20.31 -78.44 -6.46
CA SER C 1295 20.77 -78.10 -7.80
C SER C 1295 19.87 -78.76 -8.81
N GLY C 1296 18.61 -78.85 -8.47
CA GLY C 1296 17.64 -79.52 -9.28
C GLY C 1296 16.93 -78.55 -10.17
N PRO C 1297 15.96 -79.07 -10.92
CA PRO C 1297 15.22 -78.28 -11.87
C PRO C 1297 14.53 -77.12 -11.18
N ILE C 1298 14.40 -76.08 -11.94
CA ILE C 1298 13.72 -74.88 -11.46
C ILE C 1298 12.93 -74.39 -12.66
N LYS C 1299 11.64 -74.66 -12.67
CA LYS C 1299 10.78 -74.29 -13.79
C LYS C 1299 9.66 -73.52 -13.16
N THR C 1300 9.67 -72.22 -13.29
CA THR C 1300 8.74 -71.34 -12.62
C THR C 1300 7.64 -71.00 -13.62
N PRO C 1301 6.41 -71.52 -13.44
CA PRO C 1301 5.30 -71.14 -14.28
C PRO C 1301 4.66 -69.83 -13.86
N VAL C 1302 4.06 -69.22 -14.86
CA VAL C 1302 3.18 -68.08 -14.70
C VAL C 1302 1.90 -68.44 -15.45
N GLY C 1303 0.83 -68.55 -14.74
CA GLY C 1303 -0.42 -69.01 -15.35
C GLY C 1303 -1.59 -68.30 -14.80
N ALA C 1304 -1.44 -67.05 -14.38
CA ALA C 1304 -2.53 -66.31 -13.73
C ALA C 1304 -3.22 -67.26 -12.73
N CYS C 1305 -4.53 -67.35 -12.80
CA CYS C 1305 -5.35 -68.07 -11.83
C CYS C 1305 -5.12 -69.57 -11.91
N ALA C 1306 -4.49 -70.08 -12.98
CA ALA C 1306 -4.22 -71.50 -13.14
C ALA C 1306 -2.76 -71.86 -12.88
N THR C 1307 -2.01 -70.98 -12.28
CA THR C 1307 -0.58 -71.21 -12.03
C THR C 1307 -0.32 -72.49 -11.26
N SER C 1308 -1.13 -72.78 -10.25
CA SER C 1308 -0.87 -73.88 -9.32
C SER C 1308 -1.09 -75.20 -10.04
N VAL C 1309 -2.05 -75.26 -10.93
CA VAL C 1309 -2.25 -76.48 -11.73
C VAL C 1309 -1.17 -76.61 -12.80
N GLU C 1310 -0.82 -75.56 -13.47
CA GLU C 1310 0.36 -75.59 -14.36
C GLU C 1310 1.61 -76.07 -13.61
N SER C 1311 1.79 -75.62 -12.37
CA SER C 1311 2.90 -76.05 -11.51
C SER C 1311 2.92 -77.55 -11.36
N VAL C 1312 1.77 -78.11 -11.04
CA VAL C 1312 1.67 -79.55 -10.83
C VAL C 1312 1.97 -80.24 -12.14
N ASP C 1313 1.39 -79.80 -13.23
CA ASP C 1313 1.69 -80.42 -14.54
C ASP C 1313 3.21 -80.40 -14.83
N ILE C 1314 3.87 -79.29 -14.60
CA ILE C 1314 5.34 -79.17 -14.80
C ILE C 1314 6.05 -80.09 -13.85
N GLY C 1315 5.67 -80.11 -12.56
CA GLY C 1315 6.34 -80.95 -11.57
C GLY C 1315 6.20 -82.42 -11.94
N VAL C 1316 5.01 -82.81 -12.30
CA VAL C 1316 4.76 -84.19 -12.73
C VAL C 1316 5.68 -84.50 -13.88
N GLU C 1317 5.65 -83.72 -14.93
CA GLU C 1317 6.47 -84.03 -16.11
C GLU C 1317 7.98 -84.00 -15.79
N THR C 1318 8.40 -83.15 -14.90
CA THR C 1318 9.81 -83.07 -14.49
C THR C 1318 10.18 -84.39 -13.82
N ILE C 1319 9.31 -84.91 -12.98
CA ILE C 1319 9.59 -86.18 -12.30
C ILE C 1319 9.50 -87.31 -13.31
N LEU C 1320 8.51 -87.34 -14.17
CA LEU C 1320 8.41 -88.45 -15.16
C LEU C 1320 9.55 -88.45 -16.17
N SER C 1321 10.16 -87.32 -16.46
CA SER C 1321 11.30 -87.18 -17.39
C SER C 1321 12.59 -87.66 -16.74
N GLY C 1322 12.61 -87.87 -15.44
CA GLY C 1322 13.81 -88.32 -14.71
C GLY C 1322 14.68 -87.17 -14.26
N LYS C 1323 14.22 -85.94 -14.40
CA LYS C 1323 15.02 -84.76 -14.03
C LYS C 1323 14.97 -84.52 -12.55
N ALA C 1324 13.87 -84.94 -11.90
CA ALA C 1324 13.71 -84.78 -10.46
C ALA C 1324 13.04 -86.05 -9.92
N ARG C 1325 13.22 -86.29 -8.64
CA ARG C 1325 12.45 -87.31 -7.91
C ARG C 1325 11.49 -86.66 -6.94
N ILE C 1326 11.78 -85.41 -6.56
CA ILE C 1326 10.91 -84.65 -5.61
C ILE C 1326 10.75 -83.25 -6.20
N CYS C 1327 9.53 -82.70 -6.18
CA CYS C 1327 9.30 -81.37 -6.80
C CYS C 1327 8.44 -80.50 -5.88
N ILE C 1328 8.88 -79.27 -5.62
CA ILE C 1328 8.03 -78.33 -4.83
C ILE C 1328 7.06 -77.67 -5.82
N VAL C 1329 5.76 -77.92 -5.66
CA VAL C 1329 4.78 -77.39 -6.61
C VAL C 1329 3.85 -76.49 -5.85
N GLY C 1330 3.20 -75.61 -6.57
CA GLY C 1330 2.23 -74.70 -6.01
C GLY C 1330 2.24 -73.35 -6.59
N GLY C 1331 1.67 -72.44 -5.86
CA GLY C 1331 1.42 -71.10 -6.34
C GLY C 1331 1.24 -70.10 -5.26
N TYR C 1332 1.38 -68.87 -5.61
CA TYR C 1332 1.39 -67.77 -4.67
C TYR C 1332 1.02 -66.55 -5.39
N ASP C 1333 0.41 -65.64 -4.66
CA ASP C 1333 0.13 -64.28 -5.14
C ASP C 1333 -0.21 -63.42 -3.93
N ASP C 1334 0.00 -62.14 -4.11
CA ASP C 1334 -0.29 -61.11 -3.08
C ASP C 1334 -1.46 -60.25 -3.53
N PHE C 1335 -1.99 -59.49 -2.58
CA PHE C 1335 -3.07 -58.53 -2.84
C PHE C 1335 -2.36 -57.22 -2.62
N GLN C 1336 -2.48 -56.28 -3.52
CA GLN C 1336 -2.06 -54.90 -3.30
C GLN C 1336 -2.98 -53.97 -4.06
N GLU C 1337 -2.85 -52.70 -3.71
CA GLU C 1337 -3.68 -51.62 -4.22
C GLU C 1337 -3.78 -51.74 -5.73
N GLU C 1338 -2.66 -51.78 -6.41
CA GLU C 1338 -2.69 -51.54 -7.86
C GLU C 1338 -3.44 -52.67 -8.55
N GLY C 1339 -3.14 -53.90 -8.21
CA GLY C 1339 -3.85 -55.02 -8.84
C GLY C 1339 -5.33 -54.98 -8.53
N SER C 1340 -5.68 -54.62 -7.29
CA SER C 1340 -7.12 -54.49 -6.91
C SER C 1340 -7.76 -53.46 -7.80
N PHE C 1341 -7.08 -52.36 -8.05
CA PHE C 1341 -7.70 -51.29 -8.86
C PHE C 1341 -7.93 -51.80 -10.26
N GLU C 1342 -6.96 -52.53 -10.79
CA GLU C 1342 -7.06 -52.96 -12.20
C GLU C 1342 -8.04 -54.09 -12.34
N PHE C 1343 -8.08 -55.01 -11.40
CA PHE C 1343 -9.13 -56.04 -11.50
C PHE C 1343 -10.51 -55.34 -11.41
N GLY C 1344 -10.63 -54.24 -10.68
CA GLY C 1344 -11.88 -53.47 -10.67
C GLY C 1344 -12.14 -52.82 -12.02
N ASN C 1345 -11.12 -52.21 -12.64
CA ASN C 1345 -11.32 -51.57 -13.96
C ASN C 1345 -11.68 -52.62 -15.00
N MET C 1346 -11.23 -53.84 -14.86
CA MET C 1346 -11.62 -54.94 -15.79
C MET C 1346 -12.99 -55.52 -15.43
N LYS C 1347 -13.60 -55.08 -14.33
CA LYS C 1347 -14.90 -55.55 -13.79
C LYS C 1347 -14.83 -57.07 -13.53
N ALA C 1348 -13.69 -57.58 -13.13
CA ALA C 1348 -13.55 -59.03 -12.83
C ALA C 1348 -14.00 -59.30 -11.38
N THR C 1349 -13.75 -58.36 -10.48
CA THR C 1349 -14.03 -58.46 -9.06
C THR C 1349 -15.43 -57.90 -8.79
N SER C 1350 -15.98 -58.32 -7.68
CA SER C 1350 -17.31 -57.82 -7.27
C SER C 1350 -17.11 -56.39 -6.77
N ASN C 1351 -18.04 -55.57 -7.12
CA ASN C 1351 -18.18 -54.19 -6.63
C ASN C 1351 -18.81 -54.22 -5.23
N THR C 1352 -18.09 -53.82 -4.22
CA THR C 1352 -18.55 -53.92 -2.83
C THR C 1352 -19.76 -53.03 -2.61
N LEU C 1353 -19.80 -51.86 -3.22
CA LEU C 1353 -20.93 -50.94 -3.01
C LEU C 1353 -22.20 -51.54 -3.58
N GLU C 1354 -22.14 -52.22 -4.73
CA GLU C 1354 -23.30 -52.94 -5.27
C GLU C 1354 -23.68 -54.08 -4.31
N GLU C 1355 -22.72 -54.78 -3.72
CA GLU C 1355 -22.99 -55.86 -2.77
C GLU C 1355 -23.73 -55.31 -1.56
N PHE C 1356 -23.26 -54.19 -1.01
CA PHE C 1356 -23.91 -53.51 0.14
C PHE C 1356 -25.33 -53.09 -0.22
N GLU C 1357 -25.60 -52.65 -1.43
CA GLU C 1357 -26.97 -52.34 -1.88
C GLU C 1357 -27.86 -53.58 -1.84
N HIS C 1358 -27.31 -54.76 -2.10
CA HIS C 1358 -28.02 -56.05 -2.11
C HIS C 1358 -28.06 -56.62 -0.72
N GLY C 1359 -27.57 -55.94 0.29
CA GLY C 1359 -27.54 -56.37 1.67
C GLY C 1359 -26.57 -57.50 1.94
N ARG C 1360 -25.52 -57.60 1.15
CA ARG C 1360 -24.54 -58.67 1.33
C ARG C 1360 -23.49 -58.16 2.28
N THR C 1361 -23.06 -59.00 3.20
CA THR C 1361 -21.93 -58.75 4.06
C THR C 1361 -20.68 -59.34 3.40
N PRO C 1362 -19.48 -58.97 3.85
CA PRO C 1362 -18.24 -59.51 3.25
C PRO C 1362 -18.19 -61.03 3.13
N ALA C 1363 -18.60 -61.72 4.19
CA ALA C 1363 -18.68 -63.19 4.24
C ALA C 1363 -19.61 -63.80 3.19
N GLU C 1364 -20.46 -63.05 2.49
CA GLU C 1364 -21.31 -63.66 1.46
C GLU C 1364 -21.02 -63.05 0.11
N MET C 1365 -19.93 -62.33 -0.05
CA MET C 1365 -19.68 -61.72 -1.34
C MET C 1365 -19.14 -62.75 -2.34
N SER C 1366 -18.52 -63.81 -1.88
CA SER C 1366 -17.98 -64.85 -2.78
C SER C 1366 -19.02 -65.99 -2.77
N ARG C 1367 -19.81 -66.09 -3.82
CA ARG C 1367 -20.93 -67.06 -3.86
C ARG C 1367 -20.96 -67.76 -5.19
N PRO C 1368 -19.97 -68.61 -5.42
CA PRO C 1368 -19.89 -69.32 -6.69
C PRO C 1368 -21.17 -70.10 -7.00
N ALA C 1369 -21.56 -70.10 -8.27
CA ALA C 1369 -22.61 -70.95 -8.86
C ALA C 1369 -24.01 -70.47 -8.46
N THR C 1370 -24.09 -69.32 -7.85
CA THR C 1370 -25.35 -68.72 -7.38
C THR C 1370 -25.94 -67.86 -8.49
N THR C 1371 -27.23 -67.64 -8.40
CA THR C 1371 -27.97 -66.78 -9.34
C THR C 1371 -27.37 -65.37 -9.37
N THR C 1372 -26.98 -64.83 -8.24
CA THR C 1372 -26.67 -63.39 -8.13
C THR C 1372 -25.13 -63.18 -8.08
N ARG C 1373 -24.33 -64.20 -8.32
CA ARG C 1373 -22.84 -64.02 -8.37
C ARG C 1373 -22.48 -62.91 -9.34
N ASN C 1374 -21.52 -62.08 -8.95
CA ASN C 1374 -21.24 -60.87 -9.73
C ASN C 1374 -19.77 -60.47 -9.65
N GLY C 1375 -18.87 -61.41 -9.61
CA GLY C 1375 -17.45 -61.11 -9.68
C GLY C 1375 -16.71 -61.76 -8.55
N PHE C 1376 -15.40 -61.89 -8.72
CA PHE C 1376 -14.62 -62.62 -7.72
C PHE C 1376 -14.21 -61.70 -6.60
N MET C 1377 -13.83 -62.35 -5.53
CA MET C 1377 -13.31 -61.72 -4.32
C MET C 1377 -11.80 -61.97 -4.30
N GLU C 1378 -11.01 -60.93 -4.34
CA GLU C 1378 -9.54 -61.10 -4.39
C GLU C 1378 -9.00 -61.55 -3.04
N ALA C 1379 -8.06 -62.44 -3.04
CA ALA C 1379 -7.41 -62.88 -1.83
C ALA C 1379 -5.90 -62.87 -2.06
N GLN C 1380 -5.18 -63.35 -1.11
CA GLN C 1380 -3.73 -63.45 -1.11
C GLN C 1380 -3.30 -64.73 -0.44
N GLY C 1381 -2.09 -65.13 -0.73
CA GLY C 1381 -1.40 -66.18 0.01
C GLY C 1381 -0.71 -67.16 -0.91
N ALA C 1382 -0.41 -68.30 -0.38
CA ALA C 1382 0.39 -69.32 -1.05
C ALA C 1382 -0.15 -70.68 -0.70
N GLY C 1383 0.10 -71.59 -1.60
CA GLY C 1383 -0.05 -73.01 -1.38
C GLY C 1383 1.06 -73.78 -2.02
N ILE C 1384 1.48 -74.81 -1.35
CA ILE C 1384 2.61 -75.64 -1.71
C ILE C 1384 2.26 -77.08 -1.47
N GLN C 1385 2.62 -77.92 -2.42
CA GLN C 1385 2.71 -79.36 -2.24
C GLN C 1385 4.10 -79.81 -2.52
N ILE C 1386 4.43 -80.91 -1.87
CA ILE C 1386 5.62 -81.69 -2.13
C ILE C 1386 5.15 -82.91 -2.86
N ILE C 1387 5.64 -83.09 -4.05
CA ILE C 1387 5.35 -84.27 -4.87
C ILE C 1387 6.58 -85.10 -5.04
N MET C 1388 6.39 -86.40 -5.12
CA MET C 1388 7.50 -87.25 -5.42
C MET C 1388 7.07 -88.53 -6.08
N GLN C 1389 8.04 -89.18 -6.58
CA GLN C 1389 7.88 -90.55 -7.08
C GLN C 1389 7.42 -91.41 -5.89
N ALA C 1390 6.43 -92.22 -6.13
CA ALA C 1390 5.87 -93.11 -5.10
C ALA C 1390 6.94 -94.05 -4.57
N ASP C 1391 7.78 -94.58 -5.44
CA ASP C 1391 8.88 -95.48 -5.01
C ASP C 1391 9.73 -94.82 -3.93
N LEU C 1392 10.01 -93.55 -4.09
CA LEU C 1392 10.81 -92.79 -3.13
C LEU C 1392 10.01 -92.47 -1.89
N ALA C 1393 8.74 -92.13 -2.00
CA ALA C 1393 7.89 -91.86 -0.84
C ALA C 1393 7.83 -93.11 0.04
N LEU C 1394 7.72 -94.25 -0.57
CA LEU C 1394 7.67 -95.53 0.22
C LEU C 1394 9.01 -95.79 0.89
N LYS C 1395 10.11 -95.57 0.20
CA LYS C 1395 11.45 -95.80 0.77
C LYS C 1395 11.76 -94.81 1.88
N MET C 1396 11.40 -93.54 1.73
CA MET C 1396 11.67 -92.52 2.73
C MET C 1396 10.75 -92.75 3.93
N GLY C 1397 9.59 -93.33 3.71
CA GLY C 1397 8.56 -93.39 4.74
C GLY C 1397 7.92 -92.08 5.00
N VAL C 1398 7.53 -91.36 3.94
CA VAL C 1398 6.82 -90.10 4.11
C VAL C 1398 5.35 -90.41 3.91
N PRO C 1399 4.48 -89.62 4.49
CA PRO C 1399 3.06 -89.75 4.31
C PRO C 1399 2.69 -89.49 2.86
N ILE C 1400 1.71 -90.22 2.39
CA ILE C 1400 1.17 -90.12 1.03
C ILE C 1400 -0.28 -89.71 1.14
N TYR C 1401 -0.57 -88.48 0.72
CA TYR C 1401 -1.90 -87.92 0.83
C TYR C 1401 -2.72 -88.20 -0.39
N GLY C 1402 -2.09 -88.48 -1.52
CA GLY C 1402 -2.84 -88.63 -2.77
C GLY C 1402 -1.91 -88.98 -3.87
N ILE C 1403 -2.47 -89.53 -4.92
CA ILE C 1403 -1.77 -89.81 -6.17
C ILE C 1403 -2.16 -88.76 -7.16
N VAL C 1404 -1.19 -88.13 -7.80
CA VAL C 1404 -1.51 -87.17 -8.89
C VAL C 1404 -1.62 -88.02 -10.13
N ALA C 1405 -2.83 -88.35 -10.50
CA ALA C 1405 -3.08 -89.34 -11.55
C ALA C 1405 -3.02 -88.65 -12.89
N MET C 1406 -3.29 -87.36 -12.95
CA MET C 1406 -3.28 -86.64 -14.22
C MET C 1406 -3.12 -85.19 -13.90
N ALA C 1407 -2.41 -84.49 -14.74
CA ALA C 1407 -2.41 -83.03 -14.71
C ALA C 1407 -2.24 -82.55 -16.14
N ALA C 1408 -2.97 -81.56 -16.56
CA ALA C 1408 -2.95 -81.09 -17.96
C ALA C 1408 -3.25 -79.62 -17.97
N THR C 1409 -2.79 -78.96 -19.03
CA THR C 1409 -3.06 -77.56 -19.35
C THR C 1409 -3.60 -77.51 -20.76
N ALA C 1410 -4.34 -76.47 -21.08
CA ALA C 1410 -4.96 -76.38 -22.42
C ALA C 1410 -5.32 -74.94 -22.63
N THR C 1411 -5.03 -74.43 -23.82
CA THR C 1411 -5.49 -73.14 -24.27
C THR C 1411 -6.83 -73.35 -24.93
N ASP C 1412 -7.39 -72.33 -25.55
CA ASP C 1412 -8.75 -72.42 -26.07
C ASP C 1412 -8.72 -72.31 -27.59
N LYS C 1413 -8.73 -71.10 -28.10
CA LYS C 1413 -9.08 -70.86 -29.52
C LYS C 1413 -8.87 -69.39 -29.85
N ILE C 1414 -8.99 -69.10 -31.12
CA ILE C 1414 -9.04 -67.72 -31.64
C ILE C 1414 -9.98 -66.87 -30.80
N GLY C 1415 -9.62 -65.64 -30.57
CA GLY C 1415 -10.51 -64.73 -29.83
C GLY C 1415 -9.88 -63.39 -29.57
N ARG C 1416 -10.55 -62.55 -28.83
CA ARG C 1416 -10.06 -61.18 -28.60
C ARG C 1416 -10.22 -60.79 -27.15
N SER C 1417 -10.56 -61.74 -26.30
CA SER C 1417 -10.86 -61.47 -24.87
C SER C 1417 -9.91 -62.31 -24.04
N VAL C 1418 -8.84 -61.71 -23.59
CA VAL C 1418 -7.84 -62.44 -22.78
C VAL C 1418 -8.48 -63.03 -21.54
N PRO C 1419 -9.37 -62.35 -20.78
CA PRO C 1419 -9.93 -62.92 -19.55
C PRO C 1419 -10.96 -64.03 -19.73
N ALA C 1420 -11.51 -64.21 -20.93
CA ALA C 1420 -12.68 -65.09 -21.16
C ALA C 1420 -12.28 -66.55 -20.94
N PRO C 1421 -12.96 -67.32 -20.07
CA PRO C 1421 -12.64 -68.74 -19.91
C PRO C 1421 -13.15 -69.46 -21.14
N GLY C 1422 -12.51 -70.58 -21.45
CA GLY C 1422 -12.89 -71.43 -22.55
C GLY C 1422 -12.93 -72.87 -22.17
N LYS C 1423 -13.05 -73.68 -23.18
CA LYS C 1423 -13.36 -75.12 -23.07
C LYS C 1423 -12.21 -75.99 -23.49
N GLY C 1424 -11.04 -75.43 -23.71
CA GLY C 1424 -9.92 -76.25 -24.15
C GLY C 1424 -9.56 -77.39 -23.27
N ILE C 1425 -9.74 -77.26 -21.96
CA ILE C 1425 -9.43 -78.38 -21.05
C ILE C 1425 -10.37 -79.57 -21.25
N LEU C 1426 -11.45 -79.41 -21.98
CA LEU C 1426 -12.32 -80.53 -22.38
C LEU C 1426 -11.57 -81.59 -23.15
N THR C 1427 -10.43 -81.25 -23.74
CA THR C 1427 -9.52 -82.17 -24.44
C THR C 1427 -9.01 -83.28 -23.54
N THR C 1428 -9.03 -83.11 -22.22
CA THR C 1428 -8.62 -84.22 -21.33
C THR C 1428 -9.59 -85.41 -21.42
N ALA C 1429 -10.80 -85.21 -21.86
CA ALA C 1429 -11.78 -86.29 -22.03
C ALA C 1429 -11.79 -86.79 -23.47
N ARG C 1430 -10.87 -86.39 -24.33
CA ARG C 1430 -10.97 -86.73 -25.77
C ARG C 1430 -10.88 -88.24 -25.91
N GLU C 1431 -11.73 -88.77 -26.76
CA GLU C 1431 -11.80 -90.23 -26.93
C GLU C 1431 -12.54 -90.48 -28.23
N HIS C 1432 -11.99 -91.37 -29.02
CA HIS C 1432 -12.52 -91.70 -30.34
C HIS C 1432 -13.56 -92.78 -30.17
N HIS C 1433 -14.78 -92.51 -30.56
CA HIS C 1433 -15.94 -93.42 -30.32
C HIS C 1433 -16.59 -93.92 -31.63
N SER C 1434 -15.92 -93.91 -32.77
CA SER C 1434 -16.47 -94.44 -34.07
C SER C 1434 -16.70 -95.95 -33.99
N SER C 1435 -15.87 -96.65 -33.22
CA SER C 1435 -15.73 -98.12 -33.21
C SER C 1435 -15.65 -98.62 -31.76
N VAL C 1436 -16.80 -98.77 -31.09
CA VAL C 1436 -16.85 -99.09 -29.63
C VAL C 1436 -17.83 -100.24 -29.36
N LYS C 1437 -18.10 -101.07 -30.36
CA LYS C 1437 -19.03 -102.22 -30.21
C LYS C 1437 -18.45 -103.20 -29.18
N TYR C 1438 -17.13 -103.37 -29.17
CA TYR C 1438 -16.43 -104.34 -28.28
C TYR C 1438 -15.46 -103.63 -27.35
N ALA C 1439 -15.43 -104.06 -26.09
CA ALA C 1439 -14.52 -103.55 -25.05
C ALA C 1439 -13.08 -103.77 -25.52
N SER C 1440 -12.22 -102.76 -25.38
CA SER C 1440 -10.77 -102.85 -25.63
C SER C 1440 -10.14 -103.72 -24.54
N PRO C 1441 -9.39 -104.80 -24.89
CA PRO C 1441 -8.59 -105.51 -23.89
C PRO C 1441 -7.63 -104.61 -23.11
N ASN C 1442 -7.20 -103.51 -23.72
CA ASN C 1442 -6.24 -102.56 -23.12
C ASN C 1442 -6.84 -101.90 -21.88
N LEU C 1443 -8.17 -101.83 -21.76
CA LEU C 1443 -8.85 -101.27 -20.57
C LEU C 1443 -9.00 -102.31 -19.47
N ASN C 1444 -8.67 -103.55 -19.75
CA ASN C 1444 -8.87 -104.68 -18.81
C ASN C 1444 -7.55 -104.91 -18.07
N MET C 1445 -7.50 -104.63 -16.79
CA MET C 1445 -6.26 -104.74 -16.02
C MET C 1445 -5.77 -106.18 -16.02
N LYS C 1446 -6.64 -107.18 -16.08
CA LYS C 1446 -6.18 -108.60 -16.13
C LYS C 1446 -5.38 -108.91 -17.40
N TYR C 1447 -5.83 -108.41 -18.54
CA TYR C 1447 -5.14 -108.52 -19.83
C TYR C 1447 -3.76 -107.89 -19.69
N ARG C 1448 -3.72 -106.64 -19.19
CA ARG C 1448 -2.46 -105.89 -19.09
C ARG C 1448 -1.51 -106.66 -18.20
N LYS C 1449 -1.99 -107.18 -17.09
CA LYS C 1449 -1.11 -107.93 -16.15
C LYS C 1449 -0.62 -109.21 -16.82
N ARG C 1450 -1.45 -109.87 -17.58
CA ARG C 1450 -0.98 -111.10 -18.31
C ARG C 1450 0.18 -110.73 -19.23
N GLN C 1451 0.10 -109.58 -19.92
CA GLN C 1451 1.13 -109.13 -20.87
C GLN C 1451 2.43 -108.84 -20.13
N LEU C 1452 2.33 -108.20 -18.97
CA LEU C 1452 3.49 -107.89 -18.15
C LEU C 1452 4.13 -109.20 -17.72
N VAL C 1453 3.33 -110.14 -17.24
CA VAL C 1453 3.89 -111.44 -16.75
C VAL C 1453 4.69 -112.13 -17.88
N THR C 1454 4.19 -112.10 -19.11
CA THR C 1454 4.86 -112.70 -20.28
C THR C 1454 6.21 -111.99 -20.49
N ARG C 1455 6.20 -110.66 -20.39
CA ARG C 1455 7.40 -109.84 -20.57
C ARG C 1455 8.41 -110.11 -19.46
N GLU C 1456 7.95 -110.30 -18.22
CA GLU C 1456 8.84 -110.60 -17.07
C GLU C 1456 9.56 -111.93 -17.31
N ALA C 1457 8.88 -112.90 -17.93
CA ALA C 1457 9.50 -114.21 -18.29
C ALA C 1457 10.64 -113.95 -19.28
N GLN C 1458 10.44 -113.05 -20.25
CA GLN C 1458 11.46 -112.71 -21.26
C GLN C 1458 12.64 -111.96 -20.64
N ILE C 1459 12.38 -111.11 -19.64
CA ILE C 1459 13.46 -110.33 -18.97
C ILE C 1459 14.28 -111.30 -18.12
N LYS C 1460 13.64 -112.16 -17.36
CA LYS C 1460 14.35 -113.27 -16.64
C LYS C 1460 15.31 -113.99 -17.62
N ASP C 1461 14.83 -114.36 -18.81
CA ASP C 1461 15.66 -115.09 -19.81
C ASP C 1461 16.81 -114.18 -20.25
N TRP C 1462 16.51 -112.92 -20.57
CA TRP C 1462 17.51 -111.94 -20.98
C TRP C 1462 18.63 -111.86 -19.94
N VAL C 1463 18.30 -111.81 -18.66
CA VAL C 1463 19.34 -111.77 -17.60
C VAL C 1463 20.16 -113.07 -17.61
N GLU C 1464 19.51 -114.23 -17.71
CA GLU C 1464 20.24 -115.55 -17.75
C GLU C 1464 21.26 -115.50 -18.88
N ASN C 1465 20.83 -115.15 -20.08
CA ASN C 1465 21.70 -115.03 -21.27
C ASN C 1465 22.86 -114.05 -21.03
N GLU C 1466 22.63 -112.89 -20.40
CA GLU C 1466 23.69 -111.87 -20.21
C GLU C 1466 24.72 -112.41 -19.22
N LEU C 1467 24.28 -113.06 -18.15
CA LEU C 1467 25.17 -113.70 -17.14
C LEU C 1467 26.03 -114.79 -17.80
N GLU C 1468 25.44 -115.62 -18.67
CA GLU C 1468 26.17 -116.71 -19.40
C GLU C 1468 27.21 -116.09 -20.34
N ALA C 1469 26.80 -115.10 -21.13
CA ALA C 1469 27.69 -114.33 -22.02
C ALA C 1469 28.80 -113.67 -21.20
N LEU C 1470 28.48 -113.18 -19.99
CA LEU C 1470 29.46 -112.49 -19.12
C LEU C 1470 30.48 -113.49 -18.58
N LYS C 1471 30.04 -114.69 -18.18
CA LYS C 1471 30.94 -115.79 -17.72
C LYS C 1471 31.96 -116.12 -18.83
N LEU C 1472 31.51 -116.27 -20.08
CA LEU C 1472 32.38 -116.59 -21.25
C LEU C 1472 33.40 -115.47 -21.45
N GLU C 1473 32.95 -114.21 -21.44
CA GLU C 1473 33.83 -113.02 -21.57
C GLU C 1473 34.85 -113.00 -20.44
N ALA C 1474 34.43 -113.33 -19.21
CA ALA C 1474 35.29 -113.29 -17.99
C ALA C 1474 36.36 -114.39 -18.03
N GLU C 1475 36.11 -115.51 -18.72
CA GLU C 1475 37.09 -116.63 -18.87
C GLU C 1475 38.35 -116.14 -19.60
N GLU C 1476 38.22 -115.18 -20.53
CA GLU C 1476 39.33 -114.63 -21.35
C GLU C 1476 40.02 -113.45 -20.63
N ILE C 1477 39.50 -113.01 -19.48
CA ILE C 1477 40.10 -111.92 -18.66
C ILE C 1477 41.13 -112.56 -17.73
N PRO C 1478 42.36 -111.99 -17.58
CA PRO C 1478 43.32 -112.48 -16.59
C PRO C 1478 42.76 -112.46 -15.16
N SER C 1479 43.07 -113.51 -14.38
CA SER C 1479 42.40 -113.89 -13.11
C SER C 1479 42.40 -112.75 -12.07
N GLU C 1480 43.47 -111.92 -12.05
CA GLU C 1480 43.62 -110.79 -11.09
C GLU C 1480 42.60 -109.69 -11.40
N ASP C 1481 42.29 -109.46 -12.68
CA ASP C 1481 41.38 -108.39 -13.19
C ASP C 1481 39.93 -108.89 -13.34
N GLN C 1482 39.68 -110.18 -13.07
CA GLN C 1482 38.39 -110.86 -13.32
C GLN C 1482 37.34 -110.36 -12.32
N ASN C 1483 37.75 -110.15 -11.06
CA ASN C 1483 36.88 -109.63 -9.99
C ASN C 1483 36.29 -108.28 -10.44
N GLU C 1484 37.14 -107.31 -10.80
CA GLU C 1484 36.73 -105.91 -11.10
C GLU C 1484 35.81 -105.92 -12.34
N PHE C 1485 36.18 -106.69 -13.36
CA PHE C 1485 35.41 -106.86 -14.61
C PHE C 1485 34.00 -107.36 -14.30
N LEU C 1486 33.86 -108.39 -13.47
CA LEU C 1486 32.54 -109.02 -13.16
C LEU C 1486 31.70 -108.06 -12.30
N LEU C 1487 32.32 -107.36 -11.36
CA LEU C 1487 31.66 -106.34 -10.54
C LEU C 1487 31.04 -105.28 -11.49
N GLU C 1488 31.82 -104.72 -12.40
CA GLU C 1488 31.35 -103.63 -13.30
C GLU C 1488 30.24 -104.19 -14.17
N ARG C 1489 30.46 -105.38 -14.75
CA ARG C 1489 29.52 -105.91 -15.76
C ARG C 1489 28.25 -106.43 -15.08
N THR C 1490 28.35 -106.88 -13.85
CA THR C 1490 27.18 -107.44 -13.11
C THR C 1490 26.26 -106.29 -12.71
N ARG C 1491 26.85 -105.22 -12.18
CA ARG C 1491 26.12 -103.97 -11.83
C ARG C 1491 25.40 -103.45 -13.09
N GLU C 1492 26.04 -103.52 -14.25
CA GLU C 1492 25.45 -103.02 -15.52
C GLU C 1492 24.26 -103.88 -15.91
N ILE C 1493 24.37 -105.20 -15.80
CA ILE C 1493 23.25 -106.11 -16.15
C ILE C 1493 22.08 -105.88 -15.20
N HIS C 1494 22.36 -105.67 -13.93
CA HIS C 1494 21.32 -105.32 -12.93
C HIS C 1494 20.59 -104.05 -13.39
N ASN C 1495 21.33 -103.01 -13.81
CA ASN C 1495 20.73 -101.72 -14.24
C ASN C 1495 19.82 -101.99 -15.42
N GLU C 1496 20.30 -102.76 -16.38
CA GLU C 1496 19.56 -103.06 -17.62
C GLU C 1496 18.35 -103.93 -17.31
N ALA C 1497 18.43 -104.83 -16.34
CA ALA C 1497 17.26 -105.67 -16.01
C ALA C 1497 16.19 -104.78 -15.37
N GLU C 1498 16.59 -103.94 -14.43
CA GLU C 1498 15.68 -103.00 -13.77
C GLU C 1498 15.00 -102.11 -14.81
N SER C 1499 15.77 -101.57 -15.74
CA SER C 1499 15.24 -100.65 -16.79
C SER C 1499 14.17 -101.36 -17.58
N GLN C 1500 14.44 -102.62 -17.94
CA GLN C 1500 13.53 -103.41 -18.75
C GLN C 1500 12.27 -103.76 -17.95
N LEU C 1501 12.40 -104.07 -16.68
CA LEU C 1501 11.18 -104.38 -15.89
C LEU C 1501 10.32 -103.11 -15.76
N ARG C 1502 10.95 -101.99 -15.39
CA ARG C 1502 10.28 -100.69 -15.22
C ARG C 1502 9.63 -100.28 -16.54
N ALA C 1503 10.27 -100.54 -17.66
CA ALA C 1503 9.72 -100.19 -18.98
C ALA C 1503 8.49 -101.01 -19.30
N ALA C 1504 8.49 -102.28 -18.91
CA ALA C 1504 7.36 -103.20 -19.10
C ALA C 1504 6.20 -102.76 -18.19
N GLN C 1505 6.50 -102.41 -16.94
CA GLN C 1505 5.48 -101.87 -16.02
C GLN C 1505 4.95 -100.55 -16.55
N GLN C 1506 5.80 -99.75 -17.15
CA GLN C 1506 5.33 -98.48 -17.75
C GLN C 1506 4.41 -98.80 -18.92
N GLN C 1507 4.76 -99.75 -19.77
CA GLN C 1507 3.94 -100.10 -20.96
C GLN C 1507 2.55 -100.59 -20.54
N TRP C 1508 2.48 -101.51 -19.59
CA TRP C 1508 1.24 -102.24 -19.25
C TRP C 1508 0.54 -101.64 -18.04
N GLY C 1509 1.26 -100.97 -17.15
CA GLY C 1509 0.69 -100.44 -15.91
C GLY C 1509 0.38 -98.97 -15.99
N ASN C 1510 1.33 -98.16 -16.39
CA ASN C 1510 1.25 -96.69 -16.23
C ASN C 1510 0.82 -95.99 -17.51
N ASP C 1511 1.25 -96.46 -18.68
CA ASP C 1511 1.19 -95.70 -19.97
C ASP C 1511 0.49 -96.49 -21.07
N PHE C 1512 -0.34 -97.46 -20.72
CA PHE C 1512 -1.02 -98.36 -21.66
C PHE C 1512 -1.97 -97.61 -22.59
N TYR C 1513 -2.43 -96.41 -22.22
CA TYR C 1513 -3.49 -95.69 -22.95
C TYR C 1513 -2.97 -94.54 -23.79
N LYS C 1514 -1.70 -94.21 -23.68
CA LYS C 1514 -1.07 -93.02 -24.32
C LYS C 1514 -1.20 -93.07 -25.85
N ARG C 1515 -1.14 -94.25 -26.45
CA ARG C 1515 -1.24 -94.42 -27.92
C ARG C 1515 -2.63 -94.90 -28.34
N ASP C 1516 -3.59 -94.90 -27.41
CA ASP C 1516 -4.91 -95.54 -27.64
C ASP C 1516 -5.97 -94.45 -27.74
N PRO C 1517 -6.39 -94.07 -28.96
CA PRO C 1517 -7.37 -93.00 -29.12
C PRO C 1517 -8.75 -93.35 -28.57
N ARG C 1518 -8.99 -94.59 -28.18
CA ARG C 1518 -10.22 -95.04 -27.55
C ARG C 1518 -10.21 -94.85 -26.04
N ILE C 1519 -9.09 -94.43 -25.46
CA ILE C 1519 -8.98 -94.14 -24.03
C ILE C 1519 -8.58 -92.70 -23.84
N ALA C 1520 -9.47 -91.93 -23.28
CA ALA C 1520 -9.21 -90.55 -22.87
C ALA C 1520 -8.11 -90.52 -21.84
N PRO C 1521 -7.29 -89.47 -21.85
CA PRO C 1521 -6.34 -89.24 -20.77
C PRO C 1521 -7.00 -89.32 -19.38
N LEU C 1522 -8.17 -88.71 -19.24
CA LEU C 1522 -8.93 -88.73 -17.97
C LEU C 1522 -9.28 -90.16 -17.59
N ARG C 1523 -9.78 -90.95 -18.53
CA ARG C 1523 -10.17 -92.35 -18.28
C ARG C 1523 -8.95 -93.21 -17.99
N GLY C 1524 -7.89 -93.03 -18.74
CA GLY C 1524 -6.65 -93.79 -18.56
C GLY C 1524 -6.08 -93.56 -17.20
N ALA C 1525 -6.04 -92.30 -16.77
CA ALA C 1525 -5.49 -91.90 -15.48
C ALA C 1525 -6.16 -92.70 -14.35
N LEU C 1526 -7.49 -92.81 -14.37
CA LEU C 1526 -8.27 -93.53 -13.35
C LEU C 1526 -8.11 -95.03 -13.57
N ALA C 1527 -8.16 -95.49 -14.82
CA ALA C 1527 -8.07 -96.94 -15.12
C ALA C 1527 -6.73 -97.51 -14.70
N THR C 1528 -5.69 -96.71 -14.60
CA THR C 1528 -4.38 -97.18 -14.07
C THR C 1528 -4.57 -97.86 -12.70
N TYR C 1529 -5.50 -97.40 -11.87
CA TYR C 1529 -5.72 -97.88 -10.48
C TYR C 1529 -6.98 -98.73 -10.44
N GLY C 1530 -7.57 -99.04 -11.59
CA GLY C 1530 -8.81 -99.83 -11.63
C GLY C 1530 -10.04 -99.02 -11.34
N LEU C 1531 -9.94 -97.69 -11.37
CA LEU C 1531 -11.10 -96.81 -11.20
C LEU C 1531 -11.72 -96.56 -12.55
N THR C 1532 -13.01 -96.26 -12.50
CA THR C 1532 -13.80 -95.89 -13.67
C THR C 1532 -14.14 -94.42 -13.55
N ILE C 1533 -14.72 -93.89 -14.58
CA ILE C 1533 -15.14 -92.47 -14.59
C ILE C 1533 -16.19 -92.24 -13.49
N ASP C 1534 -16.96 -93.26 -13.08
CA ASP C 1534 -17.95 -93.13 -11.98
C ASP C 1534 -17.29 -92.97 -10.60
N ASP C 1535 -16.00 -93.22 -10.46
CA ASP C 1535 -15.25 -93.07 -9.19
C ASP C 1535 -14.74 -91.65 -8.96
N LEU C 1536 -14.83 -90.78 -9.93
CA LEU C 1536 -14.55 -89.36 -9.70
C LEU C 1536 -15.71 -88.75 -8.95
N GLY C 1537 -15.59 -88.66 -7.64
CA GLY C 1537 -16.68 -88.24 -6.77
C GLY C 1537 -16.83 -86.76 -6.69
N VAL C 1538 -15.73 -86.04 -6.70
CA VAL C 1538 -15.78 -84.60 -6.40
C VAL C 1538 -15.02 -83.86 -7.48
N ALA C 1539 -15.53 -82.71 -7.80
CA ALA C 1539 -14.89 -81.76 -8.70
C ALA C 1539 -14.74 -80.51 -7.87
N SER C 1540 -13.51 -80.19 -7.57
CA SER C 1540 -13.14 -78.92 -6.97
C SER C 1540 -13.13 -77.95 -8.13
N PHE C 1541 -14.06 -77.04 -8.12
CA PHE C 1541 -14.25 -76.05 -9.18
C PHE C 1541 -13.45 -74.83 -8.86
N HIS C 1542 -12.86 -74.28 -9.89
CA HIS C 1542 -12.21 -72.98 -9.86
C HIS C 1542 -13.19 -72.00 -9.20
N GLY C 1543 -14.41 -71.96 -9.72
CA GLY C 1543 -15.58 -71.46 -8.97
C GLY C 1543 -15.36 -70.10 -8.34
N THR C 1544 -15.17 -69.09 -9.17
CA THR C 1544 -14.68 -67.78 -8.76
C THR C 1544 -15.80 -66.82 -8.43
N SER C 1545 -17.04 -67.19 -8.67
CA SER C 1545 -18.21 -66.36 -8.39
C SER C 1545 -18.31 -65.30 -9.49
N THR C 1546 -17.82 -65.59 -10.67
CA THR C 1546 -18.06 -64.72 -11.86
C THR C 1546 -19.12 -65.40 -12.70
N LYS C 1547 -19.89 -64.61 -13.41
CA LYS C 1547 -20.94 -65.16 -14.29
C LYS C 1547 -20.34 -66.15 -15.29
N ALA C 1548 -19.32 -65.70 -16.01
CA ALA C 1548 -18.77 -66.49 -17.13
C ALA C 1548 -18.09 -67.72 -16.58
N ASN C 1549 -17.29 -67.58 -15.53
CA ASN C 1549 -16.44 -68.69 -15.06
C ASN C 1549 -17.31 -69.87 -14.67
N ASP C 1550 -18.28 -69.64 -13.78
CA ASP C 1550 -18.98 -70.76 -13.10
C ASP C 1550 -19.83 -71.51 -14.13
N LYS C 1551 -20.39 -70.82 -15.09
CA LYS C 1551 -21.14 -71.49 -16.18
C LYS C 1551 -20.20 -72.32 -17.08
N ASN C 1552 -19.09 -71.74 -17.51
CA ASN C 1552 -18.16 -72.41 -18.45
C ASN C 1552 -17.58 -73.62 -17.76
N GLU C 1553 -17.25 -73.48 -16.52
CA GLU C 1553 -16.62 -74.59 -15.79
C GLU C 1553 -17.62 -75.73 -15.61
N SER C 1554 -18.83 -75.41 -15.21
CA SER C 1554 -19.89 -76.44 -15.11
C SER C 1554 -20.11 -77.14 -16.44
N ALA C 1555 -20.26 -76.38 -17.50
CA ALA C 1555 -20.47 -76.91 -18.87
C ALA C 1555 -19.31 -77.82 -19.27
N THR C 1556 -18.08 -77.43 -18.92
CA THR C 1556 -16.89 -78.20 -19.33
C THR C 1556 -16.90 -79.53 -18.59
N ILE C 1557 -17.03 -79.49 -17.27
CA ILE C 1557 -17.07 -80.74 -16.47
C ILE C 1557 -18.22 -81.58 -16.96
N ASN C 1558 -19.33 -80.95 -17.23
CA ASN C 1558 -20.51 -81.71 -17.64
C ASN C 1558 -20.27 -82.42 -18.96
N GLU C 1559 -19.67 -81.72 -19.93
CA GLU C 1559 -19.32 -82.33 -21.23
C GLU C 1559 -18.26 -83.43 -21.07
N MET C 1560 -17.29 -83.26 -20.19
CA MET C 1560 -16.31 -84.33 -20.00
C MET C 1560 -17.06 -85.58 -19.55
N MET C 1561 -17.90 -85.43 -18.53
CA MET C 1561 -18.63 -86.58 -17.94
C MET C 1561 -19.53 -87.23 -19.00
N LYS C 1562 -20.24 -86.47 -19.78
CA LYS C 1562 -21.15 -87.02 -20.80
C LYS C 1562 -20.36 -87.81 -21.84
N HIS C 1563 -19.25 -87.24 -22.32
CA HIS C 1563 -18.46 -87.88 -23.38
C HIS C 1563 -17.92 -89.19 -22.86
N LEU C 1564 -17.48 -89.24 -21.62
CA LEU C 1564 -16.89 -90.47 -21.07
C LEU C 1564 -17.95 -91.42 -20.50
N GLY C 1565 -19.23 -91.17 -20.68
CA GLY C 1565 -20.27 -92.13 -20.26
C GLY C 1565 -20.38 -92.28 -18.77
N ARG C 1566 -20.18 -91.21 -18.04
CA ARG C 1566 -20.53 -91.14 -16.64
C ARG C 1566 -22.00 -91.59 -16.50
N SER C 1567 -22.30 -92.40 -15.52
CA SER C 1567 -23.67 -92.93 -15.33
C SER C 1567 -24.65 -91.80 -15.09
N GLU C 1568 -25.79 -91.88 -15.76
CA GLU C 1568 -26.93 -91.00 -15.44
C GLU C 1568 -27.27 -91.16 -13.96
N GLY C 1569 -27.44 -90.05 -13.28
CA GLY C 1569 -27.76 -90.08 -11.86
C GLY C 1569 -26.57 -90.08 -10.99
N ASN C 1570 -25.37 -89.92 -11.57
CA ASN C 1570 -24.15 -89.92 -10.74
C ASN C 1570 -23.44 -88.62 -10.99
N PRO C 1571 -23.97 -87.47 -10.56
CA PRO C 1571 -23.28 -86.21 -10.76
C PRO C 1571 -21.99 -86.16 -9.94
N VAL C 1572 -21.01 -85.41 -10.43
CA VAL C 1572 -19.85 -85.07 -9.60
C VAL C 1572 -20.37 -84.04 -8.59
N ILE C 1573 -19.86 -84.12 -7.41
CA ILE C 1573 -20.21 -83.14 -6.36
C ILE C 1573 -19.21 -82.04 -6.49
N GLY C 1574 -19.71 -80.85 -6.72
CA GLY C 1574 -18.92 -79.65 -6.80
C GLY C 1574 -18.51 -79.14 -5.44
N VAL C 1575 -17.25 -78.77 -5.33
CA VAL C 1575 -16.73 -78.00 -4.19
C VAL C 1575 -16.25 -76.66 -4.69
N PHE C 1576 -16.56 -75.63 -3.96
CA PHE C 1576 -16.28 -74.26 -4.37
C PHE C 1576 -15.60 -73.55 -3.21
N GLN C 1577 -14.37 -73.91 -2.97
CA GLN C 1577 -13.57 -73.41 -1.82
C GLN C 1577 -13.49 -71.90 -1.79
N LYS C 1578 -13.56 -71.24 -2.93
CA LYS C 1578 -13.36 -69.79 -2.94
C LYS C 1578 -14.51 -69.08 -2.26
N PHE C 1579 -15.64 -69.75 -1.95
CA PHE C 1579 -16.72 -69.06 -1.18
C PHE C 1579 -16.13 -68.54 0.12
N LEU C 1580 -15.22 -69.29 0.67
CA LEU C 1580 -14.61 -69.03 1.96
C LEU C 1580 -13.31 -68.23 1.85
N THR C 1581 -12.47 -68.53 0.87
CA THR C 1581 -11.08 -68.00 0.84
C THR C 1581 -10.98 -66.78 -0.03
N GLY C 1582 -11.88 -66.61 -0.98
CA GLY C 1582 -11.66 -65.78 -2.16
C GLY C 1582 -10.62 -66.34 -3.10
N HIS C 1583 -10.30 -65.57 -4.09
CA HIS C 1583 -9.50 -66.00 -5.24
C HIS C 1583 -8.11 -65.43 -5.11
N PRO C 1584 -7.13 -66.21 -4.74
CA PRO C 1584 -5.80 -65.70 -4.60
C PRO C 1584 -4.97 -65.76 -5.88
N LYS C 1585 -5.59 -65.70 -7.04
CA LYS C 1585 -4.89 -65.72 -8.34
C LYS C 1585 -4.03 -66.96 -8.43
N GLY C 1586 -2.70 -66.83 -8.48
CA GLY C 1586 -1.81 -67.97 -8.69
C GLY C 1586 -1.90 -69.04 -7.64
N ALA C 1587 -2.34 -68.74 -6.42
CA ALA C 1587 -2.40 -69.78 -5.40
C ALA C 1587 -3.70 -70.59 -5.53
N ALA C 1588 -4.62 -70.20 -6.40
CA ALA C 1588 -5.99 -70.74 -6.39
C ALA C 1588 -5.99 -72.27 -6.45
N GLY C 1589 -5.31 -72.84 -7.43
CA GLY C 1589 -5.23 -74.28 -7.61
C GLY C 1589 -4.58 -74.95 -6.44
N ALA C 1590 -3.64 -74.31 -5.80
CA ALA C 1590 -2.88 -74.95 -4.74
C ALA C 1590 -3.78 -75.10 -3.53
N TRP C 1591 -4.60 -74.10 -3.24
CA TRP C 1591 -5.56 -74.20 -2.13
C TRP C 1591 -6.58 -75.26 -2.46
N MET C 1592 -7.00 -75.37 -3.71
CA MET C 1592 -7.97 -76.37 -4.12
C MET C 1592 -7.40 -77.76 -4.03
N MET C 1593 -6.12 -77.92 -4.38
CA MET C 1593 -5.44 -79.19 -4.30
C MET C 1593 -5.31 -79.61 -2.84
N ASN C 1594 -4.97 -78.70 -1.97
CA ASN C 1594 -4.87 -78.98 -0.55
C ASN C 1594 -6.24 -79.47 -0.06
N GLY C 1595 -7.30 -78.77 -0.40
CA GLY C 1595 -8.68 -79.18 -0.13
C GLY C 1595 -8.99 -80.54 -0.62
N ALA C 1596 -8.63 -80.82 -1.85
CA ALA C 1596 -8.88 -82.10 -2.50
C ALA C 1596 -8.24 -83.19 -1.69
N LEU C 1597 -7.00 -82.98 -1.27
CA LEU C 1597 -6.29 -83.96 -0.47
C LEU C 1597 -7.00 -84.15 0.87
N GLN C 1598 -7.47 -83.11 1.45
CA GLN C 1598 -8.15 -83.21 2.75
C GLN C 1598 -9.49 -83.92 2.59
N ILE C 1599 -10.14 -83.75 1.45
CA ILE C 1599 -11.39 -84.46 1.11
C ILE C 1599 -11.07 -85.92 0.96
N LEU C 1600 -10.04 -86.24 0.22
CA LEU C 1600 -9.73 -87.64 -0.04
C LEU C 1600 -9.42 -88.33 1.29
N ASN C 1601 -8.69 -87.72 2.16
CA ASN C 1601 -8.25 -88.47 3.35
C ASN C 1601 -9.34 -88.50 4.45
N SER C 1602 -10.32 -87.66 4.40
CA SER C 1602 -11.40 -87.57 5.40
C SER C 1602 -12.71 -88.21 4.93
N GLY C 1603 -12.97 -88.17 3.64
CA GLY C 1603 -14.30 -88.45 3.07
C GLY C 1603 -15.32 -87.39 3.28
N ILE C 1604 -14.89 -86.22 3.73
CA ILE C 1604 -15.78 -85.11 4.02
C ILE C 1604 -15.79 -84.16 2.85
N ILE C 1605 -16.93 -83.88 2.34
CA ILE C 1605 -17.07 -82.98 1.19
C ILE C 1605 -17.67 -81.70 1.72
N PRO C 1606 -16.89 -80.63 1.79
CA PRO C 1606 -17.40 -79.38 2.31
C PRO C 1606 -18.44 -78.80 1.40
N GLY C 1607 -19.44 -78.18 2.01
CA GLY C 1607 -20.50 -77.55 1.23
C GLY C 1607 -20.20 -76.10 0.99
N ASN C 1608 -20.75 -75.57 -0.08
CA ASN C 1608 -20.66 -74.13 -0.38
C ASN C 1608 -21.73 -73.44 0.43
N ARG C 1609 -21.37 -72.92 1.57
CA ARG C 1609 -22.31 -72.29 2.50
C ARG C 1609 -22.81 -70.97 1.96
N ASN C 1610 -22.24 -70.41 0.91
CA ASN C 1610 -22.78 -69.22 0.26
C ASN C 1610 -23.61 -69.58 -0.92
N ALA C 1611 -23.93 -70.85 -1.14
CA ALA C 1611 -24.76 -71.26 -2.27
C ALA C 1611 -26.21 -71.05 -1.87
N ASP C 1612 -26.65 -69.81 -1.83
CA ASP C 1612 -27.99 -69.53 -1.29
C ASP C 1612 -29.01 -70.11 -2.26
N ASN C 1613 -28.84 -69.79 -3.52
CA ASN C 1613 -29.69 -70.22 -4.60
C ASN C 1613 -28.81 -70.55 -5.79
N VAL C 1614 -28.87 -71.76 -6.24
CA VAL C 1614 -28.08 -72.24 -7.37
C VAL C 1614 -28.69 -71.69 -8.62
N ASP C 1615 -27.84 -71.11 -9.44
CA ASP C 1615 -28.30 -70.52 -10.71
C ASP C 1615 -29.08 -71.56 -11.50
N LYS C 1616 -30.30 -71.22 -11.85
CA LYS C 1616 -31.19 -72.10 -12.62
C LYS C 1616 -30.58 -72.50 -13.98
N ILE C 1617 -29.74 -71.67 -14.56
CA ILE C 1617 -29.00 -72.01 -15.81
C ILE C 1617 -28.17 -73.28 -15.60
N LEU C 1618 -27.77 -73.62 -14.38
CA LEU C 1618 -26.92 -74.78 -14.09
C LEU C 1618 -27.70 -76.07 -13.95
N GLU C 1619 -29.01 -76.00 -13.92
CA GLU C 1619 -29.81 -77.22 -13.85
C GLU C 1619 -29.60 -78.08 -15.10
N GLN C 1620 -29.34 -77.49 -16.24
CA GLN C 1620 -29.02 -78.26 -17.48
C GLN C 1620 -27.81 -79.18 -17.31
N PHE C 1621 -26.93 -78.95 -16.32
CA PHE C 1621 -25.70 -79.74 -16.16
C PHE C 1621 -25.95 -80.88 -15.19
N GLU C 1622 -26.54 -81.94 -15.72
CA GLU C 1622 -27.10 -83.08 -14.96
C GLU C 1622 -25.98 -83.84 -14.26
N TYR C 1623 -24.75 -83.69 -14.71
CA TYR C 1623 -23.63 -84.38 -14.08
C TYR C 1623 -22.93 -83.54 -13.05
N VAL C 1624 -23.52 -82.43 -12.63
CA VAL C 1624 -22.99 -81.66 -11.50
C VAL C 1624 -24.05 -81.49 -10.42
N LEU C 1625 -23.64 -81.60 -9.18
CA LEU C 1625 -24.43 -81.33 -7.98
C LEU C 1625 -23.75 -80.24 -7.19
N TYR C 1626 -24.50 -79.27 -6.73
CA TYR C 1626 -23.97 -78.09 -6.01
C TYR C 1626 -24.40 -78.11 -4.57
N PRO C 1627 -23.69 -78.75 -3.64
CA PRO C 1627 -24.11 -78.77 -2.25
C PRO C 1627 -23.90 -77.45 -1.52
N SER C 1628 -24.79 -77.15 -0.58
CA SER C 1628 -24.69 -76.01 0.34
C SER C 1628 -24.16 -76.47 1.67
N LYS C 1629 -24.09 -77.76 1.90
CA LYS C 1629 -23.63 -78.19 3.23
C LYS C 1629 -22.70 -79.37 3.14
N THR C 1630 -21.90 -79.47 4.15
CA THR C 1630 -20.90 -80.52 4.29
C THR C 1630 -21.60 -81.86 4.26
N LEU C 1631 -21.08 -82.77 3.47
CA LEU C 1631 -21.51 -84.18 3.40
C LEU C 1631 -20.38 -85.03 3.91
N LYS C 1632 -20.63 -85.83 4.94
CA LYS C 1632 -19.74 -86.88 5.41
C LYS C 1632 -20.04 -88.17 4.64
N THR C 1633 -19.21 -88.50 3.68
CA THR C 1633 -19.42 -89.64 2.77
C THR C 1633 -18.78 -90.85 3.43
N ASP C 1634 -18.91 -92.00 2.78
CA ASP C 1634 -18.18 -93.19 3.24
C ASP C 1634 -16.93 -93.37 2.36
N GLY C 1635 -16.51 -92.33 1.64
CA GLY C 1635 -15.23 -92.38 0.94
C GLY C 1635 -15.28 -91.67 -0.37
N VAL C 1636 -14.21 -90.97 -0.63
CA VAL C 1636 -14.03 -90.33 -1.94
C VAL C 1636 -12.82 -90.99 -2.52
N ARG C 1637 -12.89 -91.39 -3.75
CA ARG C 1637 -11.84 -92.14 -4.42
C ARG C 1637 -10.98 -91.22 -5.30
N ALA C 1638 -11.55 -90.18 -5.88
CA ALA C 1638 -10.81 -89.32 -6.77
C ALA C 1638 -11.45 -87.96 -6.76
N VAL C 1639 -10.62 -86.94 -6.94
CA VAL C 1639 -11.10 -85.55 -7.00
C VAL C 1639 -10.52 -84.95 -8.24
N SER C 1640 -11.29 -84.18 -8.96
CA SER C 1640 -10.88 -83.33 -10.09
C SER C 1640 -10.68 -81.93 -9.56
N ILE C 1641 -9.58 -81.28 -9.98
CA ILE C 1641 -9.27 -79.87 -9.72
C ILE C 1641 -9.20 -79.21 -11.09
N THR C 1642 -9.97 -78.18 -11.31
CA THR C 1642 -9.98 -77.46 -12.59
C THR C 1642 -9.67 -76.02 -12.33
N SER C 1643 -8.93 -75.40 -13.22
CA SER C 1643 -8.55 -73.99 -13.08
C SER C 1643 -8.66 -73.34 -14.45
N PHE C 1644 -9.01 -72.07 -14.47
CA PHE C 1644 -9.17 -71.30 -15.72
C PHE C 1644 -8.53 -69.96 -15.42
N GLY C 1645 -7.35 -69.75 -15.90
CA GLY C 1645 -6.69 -68.47 -15.77
C GLY C 1645 -6.97 -67.56 -16.92
N PHE C 1646 -6.74 -66.29 -16.67
CA PHE C 1646 -6.65 -65.27 -17.73
C PHE C 1646 -5.60 -65.73 -18.75
N GLY C 1647 -5.91 -65.50 -20.00
CA GLY C 1647 -4.98 -65.80 -21.09
C GLY C 1647 -5.09 -67.26 -21.50
N GLN C 1648 -6.30 -67.79 -21.44
CA GLN C 1648 -6.65 -69.15 -21.89
C GLN C 1648 -5.86 -70.21 -21.13
N LYS C 1649 -5.54 -69.96 -19.89
CA LYS C 1649 -4.83 -70.96 -19.08
C LYS C 1649 -5.90 -71.87 -18.48
N GLY C 1650 -6.16 -73.00 -19.10
CA GLY C 1650 -7.02 -74.04 -18.57
C GLY C 1650 -6.16 -75.12 -17.96
N GLY C 1651 -6.59 -75.68 -16.85
CA GLY C 1651 -5.89 -76.80 -16.25
C GLY C 1651 -6.82 -77.76 -15.59
N GLN C 1652 -6.37 -78.96 -15.48
CA GLN C 1652 -7.09 -79.99 -14.73
C GLN C 1652 -6.09 -80.93 -14.12
N ALA C 1653 -6.30 -81.23 -12.85
CA ALA C 1653 -5.57 -82.30 -12.18
C ALA C 1653 -6.56 -83.28 -11.57
N ILE C 1654 -6.21 -84.54 -11.55
CA ILE C 1654 -7.00 -85.60 -10.92
C ILE C 1654 -6.14 -86.17 -9.80
N VAL C 1655 -6.68 -86.21 -8.61
CA VAL C 1655 -6.00 -86.82 -7.45
C VAL C 1655 -6.83 -88.03 -7.03
N VAL C 1656 -6.13 -89.10 -6.84
CA VAL C 1656 -6.68 -90.41 -6.46
C VAL C 1656 -6.24 -90.69 -5.05
N HIS C 1657 -7.17 -91.29 -4.34
CA HIS C 1657 -7.00 -91.70 -2.95
C HIS C 1657 -5.74 -92.51 -2.82
N PRO C 1658 -4.93 -92.22 -1.80
CA PRO C 1658 -3.62 -92.82 -1.69
C PRO C 1658 -3.67 -94.31 -1.44
N ASP C 1659 -4.80 -94.84 -0.94
CA ASP C 1659 -4.87 -96.26 -0.63
C ASP C 1659 -4.80 -97.10 -1.89
N TYR C 1660 -5.07 -96.54 -3.05
CA TYR C 1660 -4.94 -97.30 -4.31
C TYR C 1660 -3.46 -97.53 -4.60
N LEU C 1661 -2.55 -96.78 -4.01
CA LEU C 1661 -1.12 -97.05 -4.28
C LEU C 1661 -0.77 -98.40 -3.64
N TYR C 1662 -1.31 -98.68 -2.45
CA TYR C 1662 -0.77 -99.76 -1.58
C TYR C 1662 -1.11 -101.12 -2.17
N GLY C 1663 -2.13 -101.23 -3.01
CA GLY C 1663 -2.40 -102.48 -3.76
C GLY C 1663 -1.32 -102.82 -4.76
N ALA C 1664 -0.45 -101.88 -5.10
CA ALA C 1664 0.65 -102.11 -6.06
C ALA C 1664 1.83 -102.79 -5.39
N ILE C 1665 1.90 -102.82 -4.07
CA ILE C 1665 3.11 -103.33 -3.38
C ILE C 1665 2.75 -104.56 -2.53
N THR C 1666 3.78 -105.24 -2.06
CA THR C 1666 3.66 -106.44 -1.19
C THR C 1666 3.38 -106.04 0.25
N GLU C 1667 2.94 -107.02 1.03
CA GLU C 1667 2.66 -106.82 2.46
C GLU C 1667 3.92 -106.40 3.20
N ASP C 1668 5.05 -107.02 2.92
CA ASP C 1668 6.30 -106.68 3.63
C ASP C 1668 6.71 -105.23 3.31
N ARG C 1669 6.61 -104.83 2.04
CA ARG C 1669 6.96 -103.45 1.65
C ARG C 1669 6.01 -102.51 2.39
N TYR C 1670 4.74 -102.83 2.38
CA TYR C 1670 3.74 -101.98 3.03
C TYR C 1670 4.02 -101.85 4.49
N ASN C 1671 4.34 -102.96 5.15
CA ASN C 1671 4.53 -102.94 6.62
C ASN C 1671 5.80 -102.21 6.97
N GLU C 1672 6.85 -102.37 6.18
CA GLU C 1672 8.08 -101.58 6.37
C GLU C 1672 7.74 -100.08 6.27
N TYR C 1673 7.01 -99.68 5.25
CA TYR C 1673 6.59 -98.27 5.02
C TYR C 1673 5.79 -97.78 6.22
N VAL C 1674 4.79 -98.55 6.64
CA VAL C 1674 3.93 -98.13 7.78
C VAL C 1674 4.76 -97.80 9.01
N ALA C 1675 5.71 -98.64 9.32
CA ALA C 1675 6.61 -98.43 10.47
C ALA C 1675 7.44 -97.18 10.24
N LYS C 1676 8.01 -97.02 9.06
CA LYS C 1676 8.83 -95.81 8.82
C LYS C 1676 7.98 -94.57 8.98
N VAL C 1677 6.81 -94.56 8.39
CA VAL C 1677 5.95 -93.35 8.42
C VAL C 1677 5.52 -93.06 9.84
N SER C 1678 5.23 -94.12 10.60
CA SER C 1678 4.79 -93.96 12.00
C SER C 1678 5.89 -93.26 12.79
N ALA C 1679 7.14 -93.70 12.62
CA ALA C 1679 8.26 -93.09 13.32
C ALA C 1679 8.44 -91.65 12.85
N ARG C 1680 8.27 -91.39 11.56
CA ARG C 1680 8.50 -90.03 11.00
C ARG C 1680 7.46 -89.08 11.52
N GLU C 1681 6.23 -89.56 11.64
CA GLU C 1681 5.10 -88.77 12.11
C GLU C 1681 5.31 -88.33 13.56
N LYS C 1682 5.79 -89.23 14.38
CA LYS C 1682 6.11 -88.92 15.79
C LYS C 1682 7.19 -87.87 15.84
N SER C 1683 8.23 -88.01 15.04
CA SER C 1683 9.33 -87.00 14.98
C SER C 1683 8.82 -85.66 14.44
N ALA C 1684 7.84 -85.68 13.56
CA ALA C 1684 7.30 -84.44 12.98
C ALA C 1684 6.49 -83.69 14.02
N TYR C 1685 5.67 -84.41 14.79
CA TYR C 1685 4.89 -83.80 15.89
C TYR C 1685 5.85 -83.14 16.88
N LYS C 1686 6.91 -83.84 17.20
CA LYS C 1686 7.95 -83.32 18.11
C LYS C 1686 8.43 -81.99 17.54
N PHE C 1687 8.85 -82.00 16.27
CA PHE C 1687 9.39 -80.82 15.59
C PHE C 1687 8.37 -79.71 15.56
N PHE C 1688 7.17 -80.06 15.21
CA PHE C 1688 6.14 -79.05 15.04
C PHE C 1688 5.88 -78.30 16.34
N HIS C 1689 5.63 -79.01 17.42
CA HIS C 1689 5.27 -78.32 18.69
C HIS C 1689 6.45 -77.53 19.23
N ASN C 1690 7.64 -78.07 19.11
CA ASN C 1690 8.83 -77.29 19.51
C ASN C 1690 8.87 -76.01 18.69
N GLY C 1691 8.67 -76.13 17.38
CA GLY C 1691 8.81 -74.97 16.51
C GLY C 1691 7.75 -74.00 16.80
N MET C 1692 6.53 -74.49 17.04
CA MET C 1692 5.43 -73.56 17.21
C MET C 1692 5.72 -72.74 18.47
N ILE C 1693 6.00 -73.39 19.57
CA ILE C 1693 6.06 -72.62 20.83
C ILE C 1693 7.33 -71.80 20.90
N TYR C 1694 8.45 -72.24 20.30
CA TYR C 1694 9.65 -71.36 20.26
C TYR C 1694 9.82 -70.54 18.99
N ASN C 1695 8.82 -70.47 18.14
CA ASN C 1695 8.87 -69.60 16.94
C ASN C 1695 10.07 -70.00 16.07
N LYS C 1696 10.25 -71.28 15.84
CA LYS C 1696 11.34 -71.78 15.02
C LYS C 1696 10.87 -72.93 14.14
N LEU C 1697 9.69 -72.83 13.55
CA LEU C 1697 9.34 -73.84 12.53
C LEU C 1697 10.27 -73.66 11.33
N PHE C 1698 10.49 -72.41 10.97
CA PHE C 1698 11.40 -72.03 9.87
C PHE C 1698 12.80 -71.89 10.46
N VAL C 1699 13.74 -72.68 10.01
CA VAL C 1699 15.17 -72.50 10.36
C VAL C 1699 16.00 -72.41 9.07
N SER C 1700 16.47 -71.22 8.75
CA SER C 1700 17.33 -70.94 7.57
C SER C 1700 18.60 -71.75 7.71
N LYS C 1701 19.07 -72.30 6.60
CA LYS C 1701 20.35 -73.02 6.56
C LYS C 1701 21.46 -71.99 6.48
N GLU C 1702 22.54 -72.19 7.19
CA GLU C 1702 23.70 -71.25 7.10
C GLU C 1702 24.58 -71.74 5.95
N HIS C 1703 24.61 -73.04 5.78
CA HIS C 1703 25.58 -73.74 4.91
C HIS C 1703 24.82 -74.71 4.06
N ALA C 1704 25.26 -74.81 2.83
CA ALA C 1704 24.96 -75.93 1.96
C ALA C 1704 25.42 -77.19 2.64
N PRO C 1705 24.92 -78.36 2.23
CA PRO C 1705 25.36 -79.62 2.81
C PRO C 1705 26.79 -80.03 2.43
N TYR C 1706 27.36 -79.33 1.48
CA TYR C 1706 28.75 -79.52 1.04
C TYR C 1706 29.48 -78.24 1.33
N THR C 1707 30.78 -78.38 1.53
CA THR C 1707 31.69 -77.20 1.55
C THR C 1707 31.90 -76.71 0.12
N ASP C 1708 32.30 -75.45 -0.04
CA ASP C 1708 32.76 -74.91 -1.35
C ASP C 1708 33.77 -75.85 -2.02
N GLU C 1709 34.68 -76.44 -1.27
CA GLU C 1709 35.73 -77.34 -1.81
C GLU C 1709 35.13 -78.65 -2.36
N LEU C 1710 33.99 -79.12 -1.82
CA LEU C 1710 33.38 -80.39 -2.28
C LEU C 1710 32.24 -80.14 -3.28
N GLU C 1711 31.82 -78.91 -3.47
CA GLU C 1711 30.64 -78.58 -4.31
C GLU C 1711 30.71 -79.31 -5.64
N GLU C 1712 31.79 -79.14 -6.40
CA GLU C 1712 31.89 -79.64 -7.78
C GLU C 1712 31.90 -81.15 -7.71
N ASP C 1713 32.60 -81.71 -6.74
CA ASP C 1713 32.66 -83.17 -6.58
C ASP C 1713 31.24 -83.71 -6.35
N VAL C 1714 30.47 -83.05 -5.51
CA VAL C 1714 29.08 -83.48 -5.23
C VAL C 1714 28.25 -83.34 -6.50
N TYR C 1715 28.39 -82.20 -7.20
CA TYR C 1715 27.59 -82.00 -8.42
C TYR C 1715 27.89 -83.08 -9.44
N LEU C 1716 29.12 -83.58 -9.45
CA LEU C 1716 29.56 -84.44 -10.53
C LEU C 1716 29.44 -85.90 -10.18
N ASP C 1717 29.02 -86.24 -8.98
CA ASP C 1717 28.80 -87.67 -8.65
C ASP C 1717 27.32 -87.93 -8.40
N PRO C 1718 26.61 -88.63 -9.28
CA PRO C 1718 25.17 -88.81 -9.14
C PRO C 1718 24.80 -89.66 -7.92
N LEU C 1719 25.80 -90.35 -7.37
CA LEU C 1719 25.57 -91.31 -6.26
C LEU C 1719 25.98 -90.68 -4.95
N ALA C 1720 26.33 -89.40 -4.92
CA ALA C 1720 26.75 -88.74 -3.68
C ALA C 1720 25.54 -88.55 -2.78
N ARG C 1721 25.64 -88.94 -1.52
CA ARG C 1721 24.54 -88.80 -0.54
C ARG C 1721 25.10 -88.17 0.72
N VAL C 1722 24.25 -87.44 1.41
CA VAL C 1722 24.66 -86.87 2.71
C VAL C 1722 24.62 -87.98 3.75
N SER C 1723 25.31 -87.72 4.84
CA SER C 1723 25.37 -88.63 6.01
C SER C 1723 25.52 -87.72 7.24
N LYS C 1724 25.14 -88.25 8.40
CA LYS C 1724 25.21 -87.52 9.68
C LYS C 1724 26.68 -87.34 10.03
N ASP C 1725 27.13 -86.10 10.16
CA ASP C 1725 28.48 -85.75 10.64
C ASP C 1725 28.51 -86.03 12.16
N LYS C 1726 29.44 -86.87 12.63
CA LYS C 1726 29.53 -87.26 14.08
C LYS C 1726 29.68 -86.01 14.99
N LYS C 1727 30.46 -85.02 14.58
CA LYS C 1727 30.74 -83.80 15.40
C LYS C 1727 29.48 -82.89 15.46
N SER C 1728 29.08 -82.31 14.32
CA SER C 1728 27.97 -81.33 14.20
C SER C 1728 26.61 -82.00 14.46
N GLY C 1729 26.47 -83.28 14.12
CA GLY C 1729 25.15 -83.95 14.02
C GLY C 1729 24.38 -83.60 12.74
N SER C 1730 24.88 -82.67 11.93
CA SER C 1730 24.17 -82.14 10.74
C SER C 1730 24.40 -83.08 9.57
N LEU C 1731 23.51 -83.05 8.59
CA LEU C 1731 23.66 -83.86 7.35
C LEU C 1731 24.60 -83.11 6.42
N THR C 1732 25.67 -83.78 6.04
CA THR C 1732 26.71 -83.18 5.19
C THR C 1732 27.17 -84.24 4.21
N PHE C 1733 27.76 -83.78 3.12
CA PHE C 1733 28.56 -84.64 2.22
C PHE C 1733 29.96 -84.75 2.78
N ASN C 1734 30.43 -85.97 2.86
CA ASN C 1734 31.77 -86.37 3.35
C ASN C 1734 32.50 -86.83 2.10
N SER C 1735 33.76 -86.45 1.92
CA SER C 1735 34.64 -86.88 0.80
C SER C 1735 34.64 -88.39 0.63
N LYS C 1736 34.52 -89.16 1.70
CA LYS C 1736 34.58 -90.65 1.66
C LYS C 1736 33.40 -91.22 0.86
N ASN C 1737 32.28 -90.52 0.79
CA ASN C 1737 31.07 -90.99 0.08
C ASN C 1737 30.96 -90.38 -1.31
N ILE C 1738 31.98 -89.66 -1.76
CA ILE C 1738 32.00 -89.02 -3.11
C ILE C 1738 32.92 -89.83 -4.01
N GLN C 1739 32.39 -90.22 -5.17
CA GLN C 1739 33.02 -91.14 -6.15
C GLN C 1739 33.50 -92.39 -5.39
N SER C 1740 32.66 -92.93 -4.50
CA SER C 1740 32.98 -94.13 -3.69
C SER C 1740 32.46 -95.37 -4.41
N LYS C 1741 33.31 -96.39 -4.49
CA LYS C 1741 32.96 -97.73 -5.04
C LYS C 1741 31.74 -98.32 -4.31
N ASP C 1742 31.57 -98.08 -3.02
CA ASP C 1742 30.49 -98.72 -2.23
C ASP C 1742 29.12 -98.22 -2.71
N SER C 1743 29.02 -96.95 -3.09
CA SER C 1743 27.80 -96.33 -3.69
C SER C 1743 27.34 -97.16 -4.90
N TYR C 1744 28.26 -97.58 -5.74
CA TYR C 1744 27.95 -98.19 -7.05
C TYR C 1744 27.94 -99.73 -6.96
N ILE C 1745 29.01 -100.30 -6.40
CA ILE C 1745 29.17 -101.78 -6.23
C ILE C 1745 28.62 -102.15 -4.85
N ASN C 1746 27.34 -102.55 -4.83
CA ASN C 1746 26.58 -102.89 -3.60
C ASN C 1746 26.80 -104.39 -3.26
N ALA C 1747 26.16 -104.88 -2.19
CA ALA C 1747 26.27 -106.26 -1.65
C ALA C 1747 25.78 -107.28 -2.68
N ASN C 1748 24.68 -106.98 -3.36
CA ASN C 1748 24.07 -107.86 -4.38
C ASN C 1748 25.05 -108.00 -5.54
N THR C 1749 25.71 -106.93 -5.93
CA THR C 1749 26.66 -106.94 -7.06
C THR C 1749 27.85 -107.84 -6.67
N ILE C 1750 28.37 -107.66 -5.45
CA ILE C 1750 29.55 -108.40 -4.93
C ILE C 1750 29.22 -109.91 -4.87
N GLU C 1751 28.05 -110.25 -4.36
CA GLU C 1751 27.55 -111.66 -4.25
C GLU C 1751 27.41 -112.26 -5.64
N THR C 1752 26.65 -111.61 -6.52
CA THR C 1752 26.37 -112.11 -7.89
C THR C 1752 27.69 -112.28 -8.65
N ALA C 1753 28.61 -111.31 -8.58
CA ALA C 1753 29.90 -111.38 -9.33
C ALA C 1753 30.73 -112.57 -8.83
N LYS C 1754 30.79 -112.77 -7.52
CA LYS C 1754 31.50 -113.92 -6.87
C LYS C 1754 30.89 -115.23 -7.37
N MET C 1755 29.56 -115.34 -7.36
CA MET C 1755 28.85 -116.55 -7.81
C MET C 1755 29.31 -116.92 -9.21
N ILE C 1756 29.34 -115.96 -10.14
CA ILE C 1756 29.64 -116.28 -11.57
C ILE C 1756 31.17 -116.32 -11.75
N GLU C 1757 31.97 -115.78 -10.81
CA GLU C 1757 33.45 -115.95 -10.76
C GLU C 1757 33.78 -117.42 -10.41
N ASN C 1758 32.94 -118.06 -9.59
CA ASN C 1758 33.01 -119.49 -9.19
C ASN C 1758 32.33 -120.40 -10.22
N MET C 1759 32.08 -119.90 -11.43
CA MET C 1759 31.47 -120.63 -12.58
C MET C 1759 32.45 -120.70 -13.76
N THR C 1760 33.58 -119.97 -13.70
CA THR C 1760 34.63 -119.96 -14.76
C THR C 1760 35.29 -121.35 -14.78
N LYS C 1761 35.67 -121.82 -15.98
CA LYS C 1761 36.23 -123.19 -16.24
C LYS C 1761 37.40 -123.49 -15.28
N GLU C 1762 38.28 -122.50 -15.06
CA GLU C 1762 39.50 -122.63 -14.22
C GLU C 1762 39.11 -122.78 -12.73
N LYS C 1763 38.08 -122.05 -12.26
CA LYS C 1763 37.59 -122.13 -10.85
C LYS C 1763 36.96 -123.51 -10.61
N VAL C 1764 36.01 -123.91 -11.45
CA VAL C 1764 35.36 -125.26 -11.39
C VAL C 1764 34.91 -125.67 -12.80
N SER C 1765 35.16 -126.94 -13.16
CA SER C 1765 34.78 -127.58 -14.44
C SER C 1765 34.52 -129.08 -14.21
N ASN C 1766 34.08 -129.79 -15.24
CA ASN C 1766 33.81 -131.26 -15.23
C ASN C 1766 32.64 -131.55 -14.28
N GLY C 1767 31.46 -130.99 -14.59
CA GLY C 1767 30.23 -131.13 -13.80
C GLY C 1767 29.11 -130.23 -14.33
N GLY C 1768 27.86 -130.66 -14.13
CA GLY C 1768 26.65 -129.91 -14.54
C GLY C 1768 26.58 -128.55 -13.86
N VAL C 1769 26.40 -127.49 -14.65
CA VAL C 1769 26.26 -126.08 -14.15
C VAL C 1769 24.87 -125.57 -14.57
N GLY C 1770 24.08 -125.17 -13.58
CA GLY C 1770 22.75 -124.55 -13.76
C GLY C 1770 22.72 -123.13 -13.22
N VAL C 1771 22.25 -122.19 -14.05
CA VAL C 1771 22.09 -120.75 -13.72
C VAL C 1771 20.60 -120.43 -13.84
N ASP C 1772 19.98 -119.94 -12.77
CA ASP C 1772 18.58 -119.45 -12.85
C ASP C 1772 18.48 -118.03 -12.29
N VAL C 1773 17.64 -117.21 -12.93
CA VAL C 1773 17.25 -115.88 -12.37
C VAL C 1773 15.73 -115.85 -12.28
N GLU C 1774 15.24 -115.29 -11.18
CA GLU C 1774 13.80 -114.99 -10.98
C GLU C 1774 13.72 -113.52 -10.59
N LEU C 1775 12.93 -112.76 -11.35
CA LEU C 1775 12.48 -111.41 -10.93
C LEU C 1775 11.59 -111.64 -9.73
N ILE C 1776 11.89 -110.98 -8.60
CA ILE C 1776 11.16 -111.29 -7.33
C ILE C 1776 9.69 -110.91 -7.51
N THR C 1777 9.37 -109.97 -8.41
CA THR C 1777 7.97 -109.53 -8.66
C THR C 1777 7.13 -110.69 -9.24
N SER C 1778 7.76 -111.77 -9.72
CA SER C 1778 7.11 -113.00 -10.25
C SER C 1778 6.52 -113.84 -9.12
N ILE C 1779 7.09 -113.76 -7.92
CA ILE C 1779 6.65 -114.52 -6.70
C ILE C 1779 5.45 -113.81 -6.08
N ASN C 1780 4.28 -114.47 -6.11
CA ASN C 1780 3.10 -114.09 -5.31
C ASN C 1780 3.11 -114.93 -4.02
N VAL C 1781 3.51 -114.34 -2.90
CA VAL C 1781 3.65 -115.03 -1.57
C VAL C 1781 2.25 -115.34 -1.00
N GLU C 1782 1.21 -114.64 -1.45
CA GLU C 1782 -0.22 -114.89 -1.08
C GLU C 1782 -0.74 -116.15 -1.82
N ASN C 1783 -0.11 -116.54 -2.94
CA ASN C 1783 -0.51 -117.70 -3.78
C ASN C 1783 -0.12 -119.00 -3.04
N ASP C 1784 -0.92 -119.37 -2.02
CA ASP C 1784 -0.71 -120.52 -1.11
C ASP C 1784 -0.59 -121.84 -1.91
N THR C 1785 -1.34 -121.97 -3.01
CA THR C 1785 -1.30 -123.11 -3.97
C THR C 1785 0.13 -123.30 -4.49
N PHE C 1786 0.68 -122.27 -5.16
CA PHE C 1786 2.04 -122.27 -5.77
C PHE C 1786 3.13 -122.49 -4.69
N ILE C 1787 2.98 -121.87 -3.52
CA ILE C 1787 3.97 -121.93 -2.42
C ILE C 1787 3.97 -123.35 -1.82
N GLU C 1788 2.80 -123.91 -1.51
CA GLU C 1788 2.67 -125.26 -0.88
C GLU C 1788 3.14 -126.34 -1.86
N ARG C 1789 2.79 -126.19 -3.15
CA ARG C 1789 3.12 -127.15 -4.24
C ARG C 1789 4.64 -127.27 -4.42
N ASN C 1790 5.37 -126.15 -4.47
CA ASN C 1790 6.78 -126.07 -4.95
C ASN C 1790 7.78 -125.99 -3.79
N PHE C 1791 7.34 -125.66 -2.56
CA PHE C 1791 8.22 -125.46 -1.39
C PHE C 1791 7.82 -126.41 -0.27
N THR C 1792 8.81 -126.90 0.47
CA THR C 1792 8.63 -127.76 1.68
C THR C 1792 8.25 -126.84 2.85
N PRO C 1793 7.57 -127.35 3.90
CA PRO C 1793 7.30 -126.55 5.11
C PRO C 1793 8.53 -125.91 5.78
N GLN C 1794 9.72 -126.50 5.64
CA GLN C 1794 11.00 -125.96 6.20
C GLN C 1794 11.39 -124.70 5.41
N GLU C 1795 11.35 -124.77 4.07
CA GLU C 1795 11.64 -123.66 3.13
C GLU C 1795 10.63 -122.51 3.33
N ILE C 1796 9.34 -122.85 3.45
CA ILE C 1796 8.23 -121.87 3.69
C ILE C 1796 8.47 -121.17 5.03
N GLU C 1797 8.89 -121.89 6.07
CA GLU C 1797 9.16 -121.33 7.42
C GLU C 1797 10.34 -120.36 7.35
N TYR C 1798 11.42 -120.75 6.66
CA TYR C 1798 12.66 -119.95 6.54
C TYR C 1798 12.37 -118.63 5.81
N CYS C 1799 11.75 -118.72 4.63
CA CYS C 1799 11.42 -117.58 3.72
C CYS C 1799 10.45 -116.62 4.42
N SER C 1800 9.40 -117.14 5.08
CA SER C 1800 8.38 -116.37 5.84
C SER C 1800 9.03 -115.54 6.96
N ALA C 1801 10.11 -116.04 7.58
CA ALA C 1801 10.81 -115.40 8.72
C ALA C 1801 11.76 -114.28 8.25
N GLN C 1802 12.04 -114.17 6.94
CA GLN C 1802 13.03 -113.20 6.39
C GLN C 1802 12.38 -111.83 6.24
N PRO C 1803 13.19 -110.73 6.25
CA PRO C 1803 12.66 -109.37 6.08
C PRO C 1803 11.84 -109.17 4.80
N SER C 1804 12.40 -109.48 3.63
CA SER C 1804 11.65 -109.56 2.34
C SER C 1804 11.33 -111.03 2.05
N VAL C 1805 10.09 -111.41 2.37
CA VAL C 1805 9.56 -112.77 2.14
C VAL C 1805 9.67 -113.07 0.64
N GLN C 1806 9.22 -112.14 -0.19
CA GLN C 1806 9.14 -112.30 -1.66
C GLN C 1806 10.54 -112.56 -2.23
N SER C 1807 11.54 -111.76 -1.83
CA SER C 1807 12.94 -111.89 -2.28
C SER C 1807 13.50 -113.26 -1.84
N SER C 1808 13.26 -113.68 -0.60
CA SER C 1808 13.70 -114.99 -0.05
C SER C 1808 13.06 -116.16 -0.82
N PHE C 1809 11.74 -116.15 -1.02
CA PHE C 1809 11.06 -117.16 -1.87
C PHE C 1809 11.65 -117.17 -3.29
N ALA C 1810 11.92 -116.00 -3.88
CA ALA C 1810 12.51 -115.90 -5.24
C ALA C 1810 13.91 -116.50 -5.20
N GLY C 1811 14.69 -116.22 -4.16
CA GLY C 1811 16.02 -116.79 -3.92
C GLY C 1811 15.98 -118.32 -3.88
N THR C 1812 14.97 -118.88 -3.20
CA THR C 1812 14.78 -120.34 -3.04
C THR C 1812 14.29 -120.92 -4.37
N TRP C 1813 13.31 -120.29 -5.01
CA TRP C 1813 12.78 -120.77 -6.31
C TRP C 1813 13.91 -120.81 -7.33
N SER C 1814 14.75 -119.78 -7.34
CA SER C 1814 15.88 -119.65 -8.29
C SER C 1814 16.88 -120.79 -8.03
N ALA C 1815 17.22 -121.06 -6.77
CA ALA C 1815 18.08 -122.19 -6.31
C ALA C 1815 17.53 -123.53 -6.85
N LYS C 1816 16.28 -123.85 -6.56
CA LYS C 1816 15.60 -125.11 -7.02
C LYS C 1816 15.75 -125.26 -8.53
N GLU C 1817 15.43 -124.22 -9.31
CA GLU C 1817 15.48 -124.22 -10.79
C GLU C 1817 16.92 -124.32 -11.29
N ALA C 1818 17.89 -123.75 -10.57
CA ALA C 1818 19.32 -123.81 -10.95
C ALA C 1818 19.83 -125.25 -10.75
N VAL C 1819 19.47 -125.87 -9.61
CA VAL C 1819 19.78 -127.29 -9.30
C VAL C 1819 19.19 -128.19 -10.40
N PHE C 1820 17.90 -128.05 -10.71
CA PHE C 1820 17.20 -128.83 -11.77
C PHE C 1820 17.95 -128.72 -13.11
N LYS C 1821 18.44 -127.53 -13.47
CA LYS C 1821 19.21 -127.29 -14.73
C LYS C 1821 20.58 -127.97 -14.64
N SER C 1822 21.20 -128.03 -13.45
CA SER C 1822 22.53 -128.64 -13.22
C SER C 1822 22.47 -130.16 -13.39
N LEU C 1823 21.41 -130.80 -12.89
CA LEU C 1823 21.14 -132.27 -13.03
C LEU C 1823 21.01 -132.61 -14.52
N GLY C 1824 20.22 -131.83 -15.27
CA GLY C 1824 20.11 -131.88 -16.74
C GLY C 1824 19.14 -132.96 -17.22
N VAL C 1825 18.10 -133.26 -16.43
CA VAL C 1825 17.11 -134.37 -16.68
C VAL C 1825 15.82 -133.76 -17.22
N ALA C 1833 7.04 -130.70 -10.27
CA ALA C 1833 7.19 -129.76 -9.13
C ALA C 1833 8.64 -129.80 -8.62
N LEU C 1834 9.10 -128.67 -8.07
CA LEU C 1834 10.49 -128.47 -7.56
C LEU C 1834 10.58 -128.84 -6.07
N LYS C 1835 9.50 -129.31 -5.45
CA LYS C 1835 9.46 -129.68 -3.99
C LYS C 1835 10.48 -130.79 -3.69
N ASP C 1836 10.69 -131.69 -4.66
CA ASP C 1836 11.70 -132.78 -4.62
C ASP C 1836 13.07 -132.22 -4.23
N ILE C 1837 13.44 -131.04 -4.76
CA ILE C 1837 14.72 -130.33 -4.46
C ILE C 1837 14.48 -129.39 -3.27
N GLU C 1838 15.01 -129.75 -2.09
CA GLU C 1838 14.93 -128.91 -0.86
C GLU C 1838 16.25 -128.14 -0.71
N ILE C 1839 16.14 -126.83 -0.49
CA ILE C 1839 17.27 -125.91 -0.16
C ILE C 1839 17.19 -125.65 1.35
N VAL C 1840 18.22 -126.08 2.10
CA VAL C 1840 18.35 -125.84 3.57
C VAL C 1840 19.21 -124.59 3.76
N ARG C 1841 18.61 -123.53 4.29
CA ARG C 1841 19.23 -122.17 4.39
C ARG C 1841 19.40 -121.80 5.87
N VAL C 1842 20.63 -121.51 6.26
CA VAL C 1842 21.01 -120.99 7.61
C VAL C 1842 21.55 -119.57 7.41
N ASN C 1843 21.24 -118.65 8.33
CA ASN C 1843 21.61 -117.21 8.27
C ASN C 1843 23.14 -117.09 8.15
N LYS C 1844 23.61 -116.18 7.28
CA LYS C 1844 25.03 -115.89 6.92
C LYS C 1844 25.84 -117.20 6.76
N ASN C 1845 25.23 -118.22 6.15
CA ASN C 1845 25.84 -119.56 5.85
C ASN C 1845 25.42 -119.99 4.45
N ALA C 1846 26.28 -120.75 3.75
CA ALA C 1846 26.04 -121.27 2.38
C ALA C 1846 24.88 -122.25 2.41
N PRO C 1847 23.89 -122.15 1.48
CA PRO C 1847 22.76 -123.07 1.48
C PRO C 1847 23.15 -124.47 0.97
N ALA C 1848 22.45 -125.50 1.45
CA ALA C 1848 22.71 -126.93 1.14
C ALA C 1848 21.55 -127.47 0.30
N VAL C 1849 21.85 -128.32 -0.68
CA VAL C 1849 20.86 -129.00 -1.57
C VAL C 1849 20.64 -130.43 -1.05
N GLU C 1850 19.38 -130.85 -0.95
CA GLU C 1850 18.94 -132.21 -0.51
C GLU C 1850 17.83 -132.70 -1.46
N LEU C 1851 18.11 -133.76 -2.23
CA LEU C 1851 17.18 -134.35 -3.22
C LEU C 1851 16.40 -135.49 -2.54
N HIS C 1852 15.07 -135.48 -2.61
CA HIS C 1852 14.16 -136.35 -1.81
C HIS C 1852 13.50 -137.41 -2.69
N GLY C 1853 12.55 -137.00 -3.55
CA GLY C 1853 11.73 -137.92 -4.37
C GLY C 1853 12.42 -138.32 -5.67
N ASN C 1854 11.80 -138.00 -6.81
CA ASN C 1854 12.24 -138.40 -8.18
C ASN C 1854 13.55 -137.69 -8.56
N ALA C 1855 13.85 -136.53 -7.94
CA ALA C 1855 15.09 -135.76 -8.12
C ALA C 1855 16.30 -136.57 -7.62
N LYS C 1856 16.14 -137.28 -6.50
CA LYS C 1856 17.17 -138.19 -5.92
C LYS C 1856 17.47 -139.32 -6.90
N LYS C 1857 16.41 -139.95 -7.44
CA LYS C 1857 16.50 -141.05 -8.44
C LYS C 1857 17.19 -140.54 -9.72
N ALA C 1858 16.78 -139.37 -10.22
CA ALA C 1858 17.30 -138.71 -11.45
C ALA C 1858 18.79 -138.38 -11.31
N ALA C 1859 19.23 -137.97 -10.11
CA ALA C 1859 20.64 -137.68 -9.75
C ALA C 1859 21.46 -138.99 -9.71
N GLU C 1860 20.87 -140.08 -9.22
CA GLU C 1860 21.47 -141.44 -9.17
C GLU C 1860 21.69 -141.98 -10.59
N GLU C 1861 20.77 -141.71 -11.53
CA GLU C 1861 20.85 -142.15 -12.95
C GLU C 1861 22.10 -141.56 -13.62
N ALA C 1862 22.36 -140.26 -13.40
CA ALA C 1862 23.50 -139.49 -13.98
C ALA C 1862 24.75 -139.64 -13.10
N GLY C 1863 24.64 -140.28 -11.93
CA GLY C 1863 25.76 -140.54 -10.99
C GLY C 1863 26.25 -139.25 -10.34
N VAL C 1864 25.32 -138.35 -10.00
CA VAL C 1864 25.61 -137.05 -9.31
C VAL C 1864 25.81 -137.34 -7.81
N THR C 1865 27.00 -137.06 -7.29
CA THR C 1865 27.43 -137.34 -5.89
C THR C 1865 27.01 -136.17 -4.99
N ASP C 1866 27.41 -134.95 -5.35
CA ASP C 1866 27.15 -133.69 -4.59
C ASP C 1866 26.50 -132.65 -5.50
N VAL C 1867 25.58 -131.85 -4.94
CA VAL C 1867 25.00 -130.62 -5.57
C VAL C 1867 25.22 -129.46 -4.59
N LYS C 1868 25.96 -128.42 -5.00
CA LYS C 1868 26.12 -127.17 -4.22
C LYS C 1868 25.41 -126.04 -4.96
N VAL C 1869 24.86 -125.06 -4.23
CA VAL C 1869 24.13 -123.90 -4.82
C VAL C 1869 24.57 -122.61 -4.09
N SER C 1870 24.74 -121.53 -4.86
CA SER C 1870 24.91 -120.15 -4.36
C SER C 1870 23.66 -119.35 -4.77
N ILE C 1871 23.23 -118.43 -3.90
CA ILE C 1871 22.03 -117.58 -4.11
C ILE C 1871 22.38 -116.13 -3.75
N SER C 1872 22.13 -115.21 -4.68
CA SER C 1872 22.00 -113.75 -4.39
C SER C 1872 20.55 -113.34 -4.66
N HIS C 1873 20.01 -112.46 -3.83
CA HIS C 1873 18.65 -111.90 -4.06
C HIS C 1873 18.59 -110.51 -3.46
N ASP C 1874 17.83 -109.62 -4.12
CA ASP C 1874 17.66 -108.21 -3.69
C ASP C 1874 16.22 -107.80 -4.04
N ASP C 1875 15.94 -106.51 -4.15
CA ASP C 1875 14.57 -105.98 -4.40
C ASP C 1875 14.17 -106.25 -5.86
N LEU C 1876 15.09 -106.63 -6.74
CA LEU C 1876 14.77 -106.83 -8.18
C LEU C 1876 14.73 -108.31 -8.57
N GLN C 1877 15.81 -109.04 -8.29
CA GLN C 1877 16.00 -110.38 -8.90
C GLN C 1877 16.72 -111.31 -7.90
N ALA C 1878 16.50 -112.60 -8.09
CA ALA C 1878 17.18 -113.71 -7.39
C ALA C 1878 18.01 -114.43 -8.44
N VAL C 1879 19.31 -114.54 -8.21
CA VAL C 1879 20.22 -115.31 -9.10
C VAL C 1879 20.71 -116.51 -8.28
N ALA C 1880 20.66 -117.69 -8.86
CA ALA C 1880 21.17 -118.95 -8.26
C ALA C 1880 22.09 -119.64 -9.25
N VAL C 1881 23.27 -120.00 -8.79
CA VAL C 1881 24.23 -120.87 -9.54
C VAL C 1881 24.36 -122.19 -8.79
N ALA C 1882 23.99 -123.30 -9.45
CA ALA C 1882 24.11 -124.69 -8.95
C ALA C 1882 25.19 -125.41 -9.75
N VAL C 1883 26.13 -126.05 -9.05
CA VAL C 1883 27.16 -126.98 -9.62
C VAL C 1883 26.87 -128.38 -9.06
N SER C 1884 26.51 -129.33 -9.93
CA SER C 1884 26.34 -130.78 -9.64
C SER C 1884 27.62 -131.52 -10.08
N THR C 1885 28.33 -132.13 -9.12
CA THR C 1885 29.62 -132.87 -9.33
C THR C 1885 29.39 -134.37 -9.13
N LYS C 1886 29.99 -135.19 -10.01
CA LYS C 1886 29.89 -136.68 -10.00
C LYS C 1886 31.11 -137.27 -9.27
N MET D 1 107.62 -63.66 21.65
CA MET D 1 107.09 -63.50 20.25
C MET D 1 107.02 -62.01 19.90
N LYS D 2 107.49 -61.65 18.70
CA LYS D 2 107.56 -60.25 18.21
C LYS D 2 106.14 -59.75 17.92
N PRO D 3 105.84 -58.45 18.08
CA PRO D 3 104.52 -57.89 17.74
C PRO D 3 104.01 -58.20 16.32
N GLU D 4 104.88 -58.09 15.31
CA GLU D 4 104.52 -58.28 13.87
C GLU D 4 104.29 -59.77 13.57
N VAL D 5 105.00 -60.69 14.23
CA VAL D 5 104.84 -62.16 14.05
C VAL D 5 103.50 -62.57 14.68
N GLU D 6 103.24 -62.09 15.91
CA GLU D 6 101.97 -62.31 16.64
C GLU D 6 100.81 -61.84 15.76
N GLN D 7 100.95 -60.65 15.14
CA GLN D 7 99.95 -60.06 14.23
C GLN D 7 99.72 -61.03 13.05
N GLU D 8 100.79 -61.56 12.45
CA GLU D 8 100.72 -62.53 11.34
C GLU D 8 99.95 -63.78 11.79
N LEU D 9 100.28 -64.34 12.95
CA LEU D 9 99.63 -65.58 13.47
C LEU D 9 98.15 -65.31 13.79
N ALA D 10 97.87 -64.15 14.39
CA ALA D 10 96.51 -63.67 14.72
C ALA D 10 95.68 -63.55 13.44
N HIS D 11 96.28 -63.05 12.36
CA HIS D 11 95.62 -62.91 11.04
C HIS D 11 95.23 -64.29 10.52
N ILE D 12 96.18 -65.23 10.53
CA ILE D 12 95.97 -66.64 10.08
C ILE D 12 94.91 -67.30 10.95
N LEU D 13 94.97 -67.14 12.27
CA LEU D 13 93.98 -67.75 13.20
C LEU D 13 92.59 -67.20 12.90
N LEU D 14 92.47 -65.87 12.76
CA LEU D 14 91.17 -65.18 12.56
C LEU D 14 90.56 -65.62 11.22
N THR D 15 91.34 -65.64 10.15
CA THR D 15 90.89 -66.08 8.80
C THR D 15 90.39 -67.53 8.89
N GLU D 16 91.12 -68.40 9.58
CA GLU D 16 90.72 -69.82 9.77
C GLU D 16 89.44 -69.88 10.61
N LEU D 17 89.37 -69.14 11.72
CA LEU D 17 88.17 -69.17 12.61
C LEU D 17 86.91 -68.81 11.81
N LEU D 18 86.99 -67.76 11.00
CA LEU D 18 85.82 -67.24 10.25
C LEU D 18 85.49 -68.20 9.09
N ALA D 19 86.51 -68.68 8.41
CA ALA D 19 86.39 -69.59 7.24
C ALA D 19 85.60 -70.84 7.65
N TYR D 20 85.99 -71.48 8.75
CA TYR D 20 85.39 -72.75 9.24
C TYR D 20 84.06 -72.50 9.93
N GLN D 21 83.81 -71.31 10.44
CA GLN D 21 82.59 -70.95 11.20
C GLN D 21 81.38 -71.19 10.30
N PHE D 22 81.52 -70.83 9.03
CA PHE D 22 80.68 -71.13 7.85
C PHE D 22 80.00 -72.51 8.02
N ALA D 23 80.82 -73.56 8.17
CA ALA D 23 80.43 -74.98 8.12
C ALA D 23 80.84 -75.73 9.41
N SER D 24 80.79 -75.04 10.56
CA SER D 24 80.99 -75.63 11.90
C SER D 24 79.82 -75.20 12.78
N PRO D 25 79.46 -75.99 13.81
CA PRO D 25 78.35 -75.62 14.68
C PRO D 25 78.67 -74.40 15.57
N VAL D 26 77.62 -73.68 15.93
CA VAL D 26 77.69 -72.47 16.77
C VAL D 26 77.57 -72.93 18.23
N ARG D 27 78.68 -72.87 18.94
CA ARG D 27 78.80 -73.27 20.35
C ARG D 27 78.44 -72.08 21.22
N TRP D 28 77.17 -71.70 21.24
CA TRP D 28 76.68 -70.52 21.99
C TRP D 28 76.37 -70.88 23.45
N ILE D 29 76.24 -72.17 23.76
CA ILE D 29 76.14 -72.67 25.17
C ILE D 29 77.44 -72.29 25.85
N GLU D 30 78.54 -72.76 25.30
CA GLU D 30 79.90 -72.59 25.86
C GLU D 30 80.26 -71.09 25.87
N THR D 31 79.83 -70.33 24.86
CA THR D 31 80.11 -68.88 24.74
C THR D 31 79.45 -68.15 25.92
N GLN D 32 78.17 -68.37 26.12
CA GLN D 32 77.40 -67.77 27.24
C GLN D 32 78.06 -68.14 28.58
N ASP D 33 78.51 -69.39 28.73
CA ASP D 33 79.21 -69.83 29.97
C ASP D 33 80.51 -69.05 30.13
N VAL D 34 81.24 -68.79 29.04
CA VAL D 34 82.52 -68.04 29.13
C VAL D 34 82.22 -66.60 29.61
N PHE D 35 81.20 -65.93 29.10
CA PHE D 35 81.05 -64.48 29.41
C PHE D 35 80.18 -64.27 30.64
N LEU D 36 79.28 -65.20 30.98
CA LEU D 36 78.44 -65.09 32.20
C LEU D 36 79.19 -65.60 33.43
N LYS D 37 80.01 -66.65 33.30
CA LYS D 37 80.69 -67.30 34.46
C LYS D 37 82.15 -66.86 34.53
N ASP D 38 82.95 -67.08 33.48
CA ASP D 38 84.42 -66.85 33.51
C ASP D 38 84.77 -65.37 33.54
N PHE D 39 83.81 -64.47 33.26
CA PHE D 39 83.99 -62.99 33.23
C PHE D 39 83.01 -62.27 34.16
N ASN D 40 81.97 -62.95 34.67
CA ASN D 40 80.96 -62.41 35.63
C ASN D 40 80.44 -61.09 35.08
N THR D 41 80.04 -61.12 33.82
CA THR D 41 79.57 -59.95 33.08
C THR D 41 78.29 -59.44 33.75
N GLU D 42 78.22 -58.13 33.93
CA GLU D 42 77.12 -57.45 34.64
C GLU D 42 76.18 -56.81 33.63
N ARG D 43 76.71 -56.39 32.48
CA ARG D 43 75.90 -55.80 31.37
C ARG D 43 76.11 -56.68 30.15
N VAL D 44 75.05 -57.35 29.69
CA VAL D 44 75.07 -58.04 28.38
C VAL D 44 74.26 -57.13 27.47
N VAL D 45 74.95 -56.51 26.51
CA VAL D 45 74.30 -55.61 25.51
C VAL D 45 74.22 -56.40 24.21
N GLU D 46 73.00 -56.69 23.78
CA GLU D 46 72.75 -57.41 22.51
C GLU D 46 72.58 -56.33 21.43
N ILE D 47 73.47 -56.35 20.45
CA ILE D 47 73.42 -55.45 19.27
C ILE D 47 72.72 -56.23 18.17
N GLY D 48 71.48 -55.87 17.91
CA GLY D 48 70.70 -56.53 16.86
C GLY D 48 69.36 -55.86 16.71
N PRO D 49 68.58 -56.23 15.68
CA PRO D 49 67.28 -55.63 15.48
C PRO D 49 66.18 -56.22 16.39
N SER D 50 66.42 -57.41 16.98
CA SER D 50 65.45 -58.11 17.87
C SER D 50 66.17 -58.73 19.07
N PRO D 51 65.46 -58.97 20.20
CA PRO D 51 66.07 -59.59 21.39
C PRO D 51 66.11 -61.12 21.42
N THR D 52 66.89 -61.74 20.54
CA THR D 52 67.01 -63.22 20.41
C THR D 52 68.08 -63.69 21.40
N LEU D 53 69.29 -63.14 21.33
CA LEU D 53 70.42 -63.52 22.22
C LEU D 53 70.18 -63.00 23.66
N ALA D 54 69.43 -61.90 23.83
CA ALA D 54 69.05 -61.34 25.15
C ALA D 54 68.15 -62.37 25.84
N GLY D 55 67.06 -62.76 25.16
CA GLY D 55 66.19 -63.89 25.51
C GLY D 55 66.99 -65.12 25.88
N MET D 56 68.03 -65.46 25.11
CA MET D 56 68.84 -66.68 25.37
C MET D 56 69.65 -66.53 26.66
N ALA D 57 70.27 -65.38 26.89
CA ALA D 57 71.08 -65.08 28.10
C ALA D 57 70.17 -65.09 29.34
N GLN D 58 69.00 -64.47 29.26
CA GLN D 58 67.96 -64.39 30.33
C GLN D 58 67.49 -65.79 30.73
N ARG D 59 67.41 -66.72 29.78
CA ARG D 59 67.03 -68.14 30.04
C ARG D 59 68.23 -68.95 30.53
N THR D 60 69.43 -68.72 29.99
CA THR D 60 70.65 -69.41 30.49
C THR D 60 70.87 -69.07 31.97
N LEU D 61 70.66 -67.81 32.35
CA LEU D 61 70.89 -67.30 33.73
C LEU D 61 69.90 -67.98 34.69
N LYS D 62 68.60 -67.97 34.33
CA LYS D 62 67.50 -68.59 35.12
C LYS D 62 67.72 -70.09 35.26
N ASN D 63 68.38 -70.75 34.30
CA ASN D 63 68.51 -72.23 34.23
C ASN D 63 69.74 -72.73 34.99
N LYS D 64 70.83 -71.94 35.06
CA LYS D 64 72.09 -72.50 35.62
C LYS D 64 72.91 -71.49 36.43
N TYR D 65 72.42 -70.27 36.70
CA TYR D 65 73.20 -69.22 37.40
C TYR D 65 72.37 -68.52 38.49
N GLU D 66 71.17 -69.02 38.81
CA GLU D 66 70.25 -68.33 39.75
C GLU D 66 70.88 -68.33 41.14
N SER D 67 71.48 -69.45 41.55
CA SER D 67 72.13 -69.62 42.87
C SER D 67 73.51 -68.93 42.86
N TYR D 68 74.27 -69.10 41.78
CA TYR D 68 75.56 -68.40 41.53
C TYR D 68 75.37 -66.89 41.64
N ASP D 69 74.38 -66.32 40.97
CA ASP D 69 74.14 -64.85 40.94
C ASP D 69 73.71 -64.37 42.33
N ALA D 70 72.91 -65.16 43.05
CA ALA D 70 72.47 -64.86 44.44
C ALA D 70 73.70 -64.84 45.34
N ALA D 71 74.44 -65.95 45.37
CA ALA D 71 75.61 -66.16 46.26
C ALA D 71 76.64 -65.04 46.10
N LEU D 72 77.02 -64.69 44.88
CA LEU D 72 78.02 -63.63 44.60
C LEU D 72 77.36 -62.25 44.51
N SER D 73 76.03 -62.15 44.70
CA SER D 73 75.24 -60.89 44.77
C SER D 73 75.47 -60.00 43.53
N LEU D 74 75.81 -60.59 42.38
CA LEU D 74 76.10 -59.82 41.14
C LEU D 74 74.79 -59.65 40.35
N HIS D 75 74.43 -58.39 40.07
CA HIS D 75 73.21 -57.99 39.32
C HIS D 75 73.54 -57.92 37.83
N ARG D 76 72.91 -58.79 37.04
CA ARG D 76 73.02 -58.84 35.56
C ARG D 76 71.99 -57.90 34.98
N GLU D 77 72.39 -57.02 34.06
CA GLU D 77 71.48 -56.33 33.13
C GLU D 77 71.64 -57.02 31.77
N ILE D 78 70.57 -57.59 31.23
CA ILE D 78 70.51 -58.12 29.85
C ILE D 78 69.77 -57.09 29.04
N LEU D 79 70.50 -56.33 28.24
CA LEU D 79 69.99 -55.19 27.46
C LEU D 79 70.07 -55.56 25.98
N CYS D 80 68.98 -55.37 25.27
CA CYS D 80 68.94 -55.46 23.79
C CYS D 80 68.90 -54.02 23.26
N TYR D 81 69.79 -53.68 22.33
CA TYR D 81 69.84 -52.36 21.65
C TYR D 81 68.43 -51.93 21.20
N SER D 82 67.60 -52.85 20.73
CA SER D 82 66.29 -52.56 20.07
C SER D 82 65.23 -52.11 21.08
N LYS D 83 65.25 -52.63 22.31
CA LYS D 83 64.24 -52.32 23.37
C LYS D 83 64.81 -51.39 24.45
N ASP D 84 66.08 -51.56 24.82
CA ASP D 84 66.66 -51.01 26.09
C ASP D 84 67.61 -49.84 25.78
N ALA D 85 67.29 -49.01 24.80
CA ALA D 85 68.12 -47.86 24.39
C ALA D 85 68.36 -46.95 25.59
N LYS D 86 67.32 -46.64 26.37
CA LYS D 86 67.37 -45.73 27.54
C LYS D 86 68.41 -46.23 28.56
N GLU D 87 68.48 -47.54 28.80
CA GLU D 87 69.44 -48.13 29.77
C GLU D 87 70.85 -48.12 29.18
N ILE D 88 70.99 -48.26 27.86
CA ILE D 88 72.33 -48.39 27.20
C ILE D 88 72.92 -46.99 27.03
N TYR D 89 72.08 -46.03 26.67
CA TYR D 89 72.51 -44.63 26.42
C TYR D 89 72.50 -43.77 27.70
N TYR D 90 72.04 -44.31 28.84
CA TYR D 90 71.87 -43.56 30.11
C TYR D 90 71.01 -42.32 29.84
N THR D 91 69.80 -42.55 29.33
CA THR D 91 68.76 -41.51 29.12
C THR D 91 67.49 -41.96 29.83
N PRO D 92 67.46 -42.00 31.19
CA PRO D 92 66.28 -42.45 31.92
C PRO D 92 65.14 -41.41 31.82
N ASP D 93 63.90 -41.85 32.06
CA ASP D 93 62.68 -40.99 32.08
C ASP D 93 62.83 -39.97 33.22
N PRO D 94 62.54 -38.67 33.00
CA PRO D 94 62.47 -37.69 34.10
C PRO D 94 61.43 -38.04 35.16
N LEU D 328 10.20 -8.59 20.21
CA LEU D 328 11.61 -8.12 20.18
C LEU D 328 12.00 -7.78 18.74
N GLU D 329 12.43 -8.78 17.96
CA GLU D 329 12.78 -8.66 16.52
C GLU D 329 11.79 -9.48 15.66
N GLU D 330 10.87 -10.21 16.28
CA GLU D 330 9.86 -11.06 15.59
C GLU D 330 8.83 -10.14 14.91
N ILE D 331 8.45 -9.04 15.59
CA ILE D 331 7.49 -8.02 15.08
C ILE D 331 8.07 -7.33 13.83
N THR D 332 9.34 -6.93 13.85
CA THR D 332 10.01 -6.27 12.69
C THR D 332 10.20 -7.29 11.56
N LYS D 333 10.49 -8.54 11.91
CA LYS D 333 10.59 -9.68 10.94
C LYS D 333 9.26 -9.82 10.21
N ASP D 334 8.14 -9.82 10.94
CA ASP D 334 6.77 -10.04 10.38
C ASP D 334 6.37 -8.86 9.50
N HIS D 335 6.81 -7.65 9.86
CA HIS D 335 6.58 -6.43 9.07
C HIS D 335 7.41 -6.49 7.76
N LYS D 336 8.64 -6.98 7.83
CA LYS D 336 9.52 -7.10 6.63
C LYS D 336 8.95 -8.18 5.71
N VAL D 337 8.33 -9.21 6.27
CA VAL D 337 7.67 -10.26 5.44
C VAL D 337 6.53 -9.61 4.67
N LEU D 338 5.71 -8.81 5.32
CA LEU D 338 4.59 -8.09 4.67
C LEU D 338 5.13 -7.17 3.57
N ALA D 339 6.11 -6.36 3.94
CA ALA D 339 6.73 -5.42 2.97
C ALA D 339 7.27 -6.17 1.76
N ARG D 340 7.95 -7.28 2.00
CA ARG D 340 8.53 -8.08 0.89
C ARG D 340 7.42 -8.61 0.02
N GLN D 341 6.32 -9.01 0.65
CA GLN D 341 5.17 -9.55 -0.10
C GLN D 341 4.52 -8.45 -0.91
N GLN D 342 4.41 -7.26 -0.34
CA GLN D 342 3.85 -6.09 -1.09
C GLN D 342 4.76 -5.72 -2.25
N LEU D 343 6.05 -5.68 -2.01
CA LEU D 343 7.01 -5.43 -3.13
C LEU D 343 6.85 -6.51 -4.21
N GLN D 344 6.72 -7.77 -3.84
CA GLN D 344 6.51 -8.83 -4.87
C GLN D 344 5.24 -8.58 -5.66
N VAL D 345 4.13 -8.26 -4.99
CA VAL D 345 2.87 -8.03 -5.72
C VAL D 345 3.06 -6.90 -6.68
N LEU D 346 3.74 -5.82 -6.26
CA LEU D 346 3.90 -4.66 -7.19
C LEU D 346 4.82 -5.08 -8.34
N ALA D 347 5.89 -5.83 -8.04
CA ALA D 347 6.84 -6.31 -9.10
C ALA D 347 6.08 -7.06 -10.17
N ARG D 348 5.16 -7.92 -9.76
CA ARG D 348 4.29 -8.71 -10.67
C ARG D 348 3.32 -7.82 -11.45
N TYR D 349 2.65 -6.86 -10.82
CA TYR D 349 1.80 -5.87 -11.52
C TYR D 349 2.63 -5.15 -12.60
N LEU D 350 3.84 -4.71 -12.22
CA LEU D 350 4.72 -3.95 -13.14
C LEU D 350 5.41 -4.82 -14.18
N LYS D 351 5.32 -6.16 -14.09
CA LYS D 351 6.00 -7.13 -15.01
C LYS D 351 7.51 -6.88 -14.92
N MET D 352 7.96 -6.66 -13.69
CA MET D 352 9.38 -6.49 -13.34
C MET D 352 9.89 -7.85 -12.89
N ASP D 353 10.88 -8.33 -13.62
CA ASP D 353 11.65 -9.51 -13.24
C ASP D 353 12.78 -9.05 -12.32
N LEU D 354 12.60 -9.21 -11.03
CA LEU D 354 13.58 -8.72 -10.02
C LEU D 354 14.89 -9.49 -10.10
N ASP D 355 14.84 -10.76 -10.52
CA ASP D 355 16.02 -11.66 -10.53
C ASP D 355 16.73 -11.63 -11.89
N ASN D 356 16.26 -10.84 -12.85
CA ASN D 356 16.78 -10.79 -14.24
C ASN D 356 18.29 -10.51 -14.21
N GLY D 357 18.73 -9.62 -13.34
CA GLY D 357 20.14 -9.19 -13.27
C GLY D 357 21.00 -10.26 -12.62
N GLU D 358 20.55 -10.89 -11.55
CA GLU D 358 21.31 -11.97 -10.89
C GLU D 358 21.39 -13.18 -11.84
N ARG D 359 20.38 -13.39 -12.66
CA ARG D 359 20.33 -14.47 -13.66
C ARG D 359 21.35 -14.22 -14.79
N LYS D 360 21.39 -13.00 -15.33
CA LYS D 360 22.38 -12.58 -16.35
C LYS D 360 23.79 -12.69 -15.77
N PHE D 361 23.97 -12.27 -14.53
CA PHE D 361 25.26 -12.33 -13.85
C PHE D 361 25.81 -13.76 -13.81
N LEU D 362 24.96 -14.74 -13.59
CA LEU D 362 25.42 -16.13 -13.33
C LEU D 362 25.76 -16.81 -14.66
N LYS D 363 25.04 -16.47 -15.73
CA LYS D 363 25.39 -16.82 -17.13
C LYS D 363 26.79 -16.26 -17.50
N GLU D 364 27.09 -14.99 -17.21
CA GLU D 364 28.39 -14.36 -17.55
C GLU D 364 29.50 -14.95 -16.68
N LYS D 365 29.24 -15.22 -15.41
CA LYS D 365 30.22 -15.85 -14.50
C LYS D 365 30.63 -17.24 -15.06
N ASP D 366 29.73 -17.93 -15.76
CA ASP D 366 30.00 -19.24 -16.39
C ASP D 366 30.82 -19.02 -17.68
N THR D 367 30.53 -17.98 -18.42
CA THR D 367 31.30 -17.56 -19.61
C THR D 367 32.72 -17.20 -19.21
N VAL D 368 32.91 -16.53 -18.08
CA VAL D 368 34.24 -16.12 -17.58
C VAL D 368 35.07 -17.35 -17.27
N ALA D 369 34.47 -18.33 -16.59
CA ALA D 369 35.14 -19.55 -16.13
C ALA D 369 35.52 -20.41 -17.35
N GLU D 370 34.69 -20.42 -18.38
CA GLU D 370 34.96 -21.13 -19.65
C GLU D 370 36.16 -20.46 -20.37
N LEU D 371 36.20 -19.14 -20.44
CA LEU D 371 37.30 -18.39 -21.10
C LEU D 371 38.56 -18.53 -20.27
N GLN D 372 38.44 -18.50 -18.95
CA GLN D 372 39.60 -18.58 -18.06
C GLN D 372 40.21 -19.98 -18.16
N ALA D 373 39.42 -20.99 -18.44
CA ALA D 373 39.90 -22.37 -18.57
C ALA D 373 40.70 -22.48 -19.88
N GLN D 374 40.23 -21.84 -20.95
CA GLN D 374 40.91 -21.82 -22.25
C GLN D 374 42.26 -21.13 -22.07
N LEU D 375 42.32 -20.02 -21.35
CA LEU D 375 43.56 -19.27 -21.14
C LEU D 375 44.48 -20.08 -20.27
N ASP D 376 43.97 -20.70 -19.24
CA ASP D 376 44.75 -21.51 -18.32
C ASP D 376 45.41 -22.67 -19.10
N TYR D 377 44.67 -23.25 -19.99
CA TYR D 377 45.10 -24.38 -20.82
C TYR D 377 46.27 -23.91 -21.71
N LEU D 378 46.12 -22.80 -22.39
CA LEU D 378 47.21 -22.25 -23.23
C LEU D 378 48.43 -21.89 -22.40
N ASN D 379 48.28 -21.35 -21.20
CA ASN D 379 49.40 -21.13 -20.28
C ASN D 379 50.07 -22.44 -19.91
N ALA D 380 49.32 -23.46 -19.59
CA ALA D 380 49.90 -24.78 -19.25
C ALA D 380 50.63 -25.35 -20.49
N GLU D 381 50.17 -25.10 -21.71
CA GLU D 381 50.83 -25.63 -22.91
C GLU D 381 52.06 -24.80 -23.31
N LEU D 382 52.00 -23.48 -23.23
CA LEU D 382 53.11 -22.62 -23.74
C LEU D 382 53.97 -22.13 -22.62
N GLY D 383 53.40 -22.03 -21.44
CA GLY D 383 54.14 -21.47 -20.33
C GLY D 383 54.03 -19.97 -20.34
N GLU D 384 54.28 -19.40 -19.17
CA GLU D 384 54.11 -17.96 -18.89
C GLU D 384 55.14 -17.19 -19.71
N PHE D 385 56.37 -17.66 -19.73
CA PHE D 385 57.45 -16.93 -20.39
C PHE D 385 57.06 -16.63 -21.85
N PHE D 386 56.54 -17.63 -22.52
CA PHE D 386 56.15 -17.58 -23.92
C PHE D 386 54.91 -16.72 -24.06
N VAL D 387 53.88 -16.99 -23.29
CA VAL D 387 52.60 -16.27 -23.41
C VAL D 387 52.87 -14.78 -23.16
N ASN D 388 53.64 -14.44 -22.15
CA ASN D 388 53.94 -13.01 -21.87
C ASN D 388 54.89 -12.48 -22.95
N GLY D 389 55.76 -13.35 -23.43
CA GLY D 389 56.82 -13.03 -24.36
C GLY D 389 56.30 -12.60 -25.70
N VAL D 390 55.15 -13.10 -26.14
CA VAL D 390 54.67 -12.79 -27.50
C VAL D 390 53.86 -11.49 -27.53
N ALA D 391 53.88 -10.71 -26.47
CA ALA D 391 53.18 -9.40 -26.42
C ALA D 391 53.76 -8.45 -27.48
N THR D 392 52.91 -7.73 -28.21
CA THR D 392 53.34 -6.73 -29.21
C THR D 392 54.07 -5.56 -28.55
N SER D 393 55.03 -5.04 -29.29
CA SER D 393 55.80 -3.83 -28.92
C SER D 393 55.67 -2.81 -30.04
N PHE D 394 55.56 -3.25 -31.27
CA PHE D 394 55.62 -2.40 -32.45
C PHE D 394 54.37 -1.55 -32.55
N SER D 395 54.60 -0.29 -32.89
CA SER D 395 53.58 0.66 -33.34
C SER D 395 54.23 1.66 -34.24
N ARG D 396 53.61 1.98 -35.34
CA ARG D 396 54.12 2.97 -36.26
C ARG D 396 54.39 4.30 -35.58
N LYS D 397 53.56 4.73 -34.65
CA LYS D 397 53.70 6.10 -34.08
C LYS D 397 54.93 6.20 -33.21
N LYS D 398 55.46 5.07 -32.75
CA LYS D 398 56.67 5.08 -31.94
C LYS D 398 57.93 5.17 -32.77
N ALA D 399 57.86 5.12 -34.07
CA ALA D 399 59.05 5.14 -34.92
C ALA D 399 59.74 6.50 -34.77
N ARG D 400 61.01 6.48 -34.48
CA ARG D 400 61.82 7.70 -34.32
C ARG D 400 62.74 7.79 -35.47
N THR D 401 62.74 8.92 -36.14
CA THR D 401 63.49 9.14 -37.36
C THR D 401 64.67 10.04 -37.06
N PHE D 402 65.88 9.65 -37.41
CA PHE D 402 67.11 10.46 -37.28
C PHE D 402 67.70 10.70 -38.65
N ASP D 403 67.72 11.96 -39.09
CA ASP D 403 68.21 12.36 -40.42
C ASP D 403 68.95 13.69 -40.48
N SER D 404 69.17 14.37 -39.37
CA SER D 404 69.68 15.76 -39.37
C SER D 404 71.18 15.80 -39.30
N SER D 405 71.83 14.99 -40.15
CA SER D 405 73.27 14.85 -40.24
C SER D 405 73.89 16.21 -40.63
N TRP D 406 73.15 17.01 -41.38
CA TRP D 406 73.55 18.40 -41.75
C TRP D 406 73.82 19.20 -40.49
N ASN D 407 73.10 18.95 -39.39
CA ASN D 407 73.31 19.74 -38.17
C ASN D 407 74.40 19.08 -37.38
N TRP D 408 74.35 17.76 -37.26
CA TRP D 408 75.31 17.01 -36.42
C TRP D 408 76.72 17.19 -36.91
N ALA D 409 76.95 17.35 -38.20
CA ALA D 409 78.33 17.53 -38.70
C ALA D 409 78.99 18.75 -38.09
N LYS D 410 78.25 19.86 -37.98
CA LYS D 410 78.79 21.10 -37.40
C LYS D 410 78.98 20.97 -35.93
N GLN D 411 78.07 20.30 -35.26
CA GLN D 411 78.25 20.02 -33.84
C GLN D 411 79.53 19.20 -33.65
N SER D 412 79.71 18.15 -34.44
CA SER D 412 80.89 17.26 -34.32
C SER D 412 82.17 18.04 -34.54
N LEU D 413 82.18 18.91 -35.53
CA LEU D 413 83.35 19.77 -35.78
C LEU D 413 83.65 20.63 -34.59
N LEU D 414 82.64 21.30 -34.06
CA LEU D 414 82.88 22.24 -32.94
C LEU D 414 83.34 21.49 -31.72
N SER D 415 82.81 20.31 -31.46
CA SER D 415 83.24 19.45 -30.33
C SER D 415 84.71 19.07 -30.46
N LEU D 416 85.11 18.66 -31.65
CA LEU D 416 86.49 18.27 -31.93
C LEU D 416 87.38 19.49 -31.74
N TYR D 417 86.98 20.60 -32.32
CA TYR D 417 87.68 21.90 -32.22
C TYR D 417 87.95 22.21 -30.75
N PHE D 418 86.94 22.15 -29.89
CA PHE D 418 87.13 22.57 -28.49
C PHE D 418 87.87 21.48 -27.74
N GLU D 419 87.65 20.21 -28.07
CA GLU D 419 88.41 19.11 -27.40
C GLU D 419 89.91 19.24 -27.66
N ILE D 420 90.30 19.67 -28.84
CA ILE D 420 91.74 19.90 -29.14
C ILE D 420 92.22 21.14 -28.39
N ILE D 421 91.48 22.24 -28.49
CA ILE D 421 91.88 23.49 -27.79
C ILE D 421 92.04 23.22 -26.30
N HIS D 422 91.19 22.43 -25.69
CA HIS D 422 91.25 22.15 -24.23
C HIS D 422 92.21 21.00 -23.90
N GLY D 423 92.81 20.35 -24.91
CA GLY D 423 93.80 19.28 -24.69
C GLY D 423 93.18 17.97 -24.29
N VAL D 424 91.88 17.76 -24.52
CA VAL D 424 91.17 16.49 -24.21
C VAL D 424 91.54 15.44 -25.28
N LEU D 425 91.72 15.89 -26.52
CA LEU D 425 92.24 15.12 -27.68
C LEU D 425 93.58 15.72 -28.09
N LYS D 426 94.58 14.86 -28.23
CA LYS D 426 95.97 15.22 -28.60
C LYS D 426 96.22 14.72 -30.03
N ASN D 427 97.34 15.14 -30.63
CA ASN D 427 97.76 14.72 -31.98
C ASN D 427 98.16 13.23 -32.05
N VAL D 428 98.15 12.48 -30.94
CA VAL D 428 98.46 11.01 -30.93
C VAL D 428 97.16 10.20 -30.83
N ASP D 429 95.99 10.84 -30.65
CA ASP D 429 94.72 10.14 -30.38
C ASP D 429 94.12 9.74 -31.72
N ARG D 430 93.67 8.50 -31.81
CA ARG D 430 92.95 7.95 -32.98
C ARG D 430 91.55 8.54 -33.08
N GLU D 431 90.99 8.96 -31.96
CA GLU D 431 89.67 9.64 -31.92
C GLU D 431 89.68 10.83 -32.89
N VAL D 432 90.80 11.52 -32.99
CA VAL D 432 90.96 12.65 -33.94
C VAL D 432 90.69 12.13 -35.36
N VAL D 433 91.25 10.99 -35.70
CA VAL D 433 91.15 10.49 -37.08
C VAL D 433 89.72 10.00 -37.27
N SER D 434 89.16 9.30 -36.29
CA SER D 434 87.79 8.75 -36.39
C SER D 434 86.80 9.90 -36.55
N GLU D 435 87.02 11.00 -35.84
CA GLU D 435 86.11 12.17 -35.94
C GLU D 435 86.30 12.83 -37.30
N ALA D 436 87.53 12.97 -37.77
CA ALA D 436 87.79 13.43 -39.16
C ALA D 436 86.97 12.63 -40.15
N ILE D 437 86.96 11.30 -40.03
CA ILE D 437 86.22 10.47 -41.00
C ILE D 437 84.73 10.78 -40.94
N ASN D 438 84.20 10.92 -39.76
CA ASN D 438 82.75 11.17 -39.61
C ASN D 438 82.42 12.58 -40.08
N ILE D 439 83.33 13.50 -39.94
CA ILE D 439 83.09 14.86 -40.46
C ILE D 439 83.16 14.85 -41.98
N MET D 440 84.14 14.17 -42.57
CA MET D 440 84.25 14.05 -44.05
C MET D 440 83.06 13.37 -44.66
N ASN D 441 82.50 12.42 -43.95
CA ASN D 441 81.32 11.70 -44.43
C ASN D 441 80.10 12.59 -44.50
N ARG D 442 80.13 13.74 -43.88
CA ARG D 442 78.99 14.69 -43.85
C ARG D 442 79.38 15.95 -44.61
N SER D 443 80.48 15.94 -45.33
CA SER D 443 81.00 17.11 -46.09
C SER D 443 79.89 17.65 -47.01
N ASN D 444 79.64 18.94 -46.86
CA ASN D 444 78.75 19.73 -47.73
C ASN D 444 79.26 21.17 -47.62
N ASP D 445 78.72 22.03 -48.46
CA ASP D 445 79.22 23.42 -48.64
C ASP D 445 79.09 24.20 -47.34
N ALA D 446 77.99 24.04 -46.63
CA ALA D 446 77.75 24.74 -45.35
C ALA D 446 78.80 24.29 -44.34
N LEU D 447 79.09 22.99 -44.30
CA LEU D 447 80.05 22.46 -43.31
C LEU D 447 81.41 23.07 -43.59
N ILE D 448 81.77 23.15 -44.86
CA ILE D 448 83.09 23.71 -45.25
C ILE D 448 83.19 25.19 -44.88
N LYS D 449 82.18 25.99 -45.14
CA LYS D 449 82.17 27.41 -44.69
C LYS D 449 82.28 27.50 -43.18
N PHE D 450 81.58 26.64 -42.47
CA PHE D 450 81.63 26.58 -41.01
C PHE D 450 83.06 26.35 -40.54
N MET D 451 83.69 25.34 -41.12
CA MET D 451 85.07 24.95 -40.72
C MET D 451 86.01 26.07 -41.08
N GLU D 452 85.85 26.64 -42.27
CA GLU D 452 86.72 27.74 -42.72
C GLU D 452 86.61 28.88 -41.73
N TYR D 453 85.39 29.28 -41.35
CA TYR D 453 85.28 30.39 -40.40
C TYR D 453 86.00 30.05 -39.11
N HIS D 454 85.69 28.91 -38.49
CA HIS D 454 86.23 28.55 -37.16
C HIS D 454 87.74 28.42 -37.19
N ILE D 455 88.27 27.75 -38.21
CA ILE D 455 89.73 27.49 -38.31
C ILE D 455 90.44 28.80 -38.69
N SER D 456 89.99 29.53 -39.70
CA SER D 456 90.65 30.80 -40.12
C SER D 456 90.66 31.83 -38.99
N ASN D 457 89.67 31.85 -38.11
CA ASN D 457 89.59 32.86 -37.01
C ASN D 457 90.24 32.30 -35.75
N THR D 458 90.93 31.18 -35.83
CA THR D 458 91.67 30.58 -34.70
C THR D 458 92.99 31.34 -34.57
N ASP D 459 93.30 31.83 -33.39
CA ASP D 459 94.56 32.58 -33.15
C ASP D 459 95.60 31.57 -32.67
N GLU D 460 96.44 31.09 -33.59
CA GLU D 460 97.49 30.06 -33.33
C GLU D 460 98.49 30.54 -32.26
N THR D 461 98.63 31.86 -32.00
CA THR D 461 99.59 32.41 -31.01
C THR D 461 99.09 32.25 -29.56
N LYS D 462 97.81 31.90 -29.35
CA LYS D 462 97.20 31.75 -28.01
C LYS D 462 97.75 30.53 -27.28
N GLY D 463 98.45 29.63 -27.96
CA GLY D 463 98.97 28.39 -27.34
C GLY D 463 99.22 27.31 -28.36
N GLU D 464 99.84 26.22 -27.93
CA GLU D 464 100.17 25.05 -28.76
C GLU D 464 98.88 24.39 -29.24
N ASN D 465 97.89 24.22 -28.35
CA ASN D 465 96.63 23.53 -28.71
C ASN D 465 95.95 24.32 -29.83
N TYR D 466 96.12 25.64 -29.85
CA TYR D 466 95.49 26.48 -30.88
C TYR D 466 96.19 26.24 -32.21
N GLN D 467 97.50 26.06 -32.17
CA GLN D 467 98.29 25.79 -33.39
C GLN D 467 97.87 24.41 -33.88
N LEU D 468 97.79 23.46 -32.98
CA LEU D 468 97.34 22.10 -33.35
C LEU D 468 95.96 22.18 -34.02
N VAL D 469 94.99 22.93 -33.46
CA VAL D 469 93.61 22.86 -34.03
C VAL D 469 93.65 23.52 -35.38
N LYS D 470 94.43 24.59 -35.51
CA LYS D 470 94.54 25.33 -36.76
C LYS D 470 95.11 24.45 -37.89
N THR D 471 96.18 23.70 -37.61
CA THR D 471 96.82 22.78 -38.59
C THR D 471 95.87 21.63 -38.91
N LEU D 472 95.32 20.96 -37.91
CA LEU D 472 94.35 19.86 -38.14
C LEU D 472 93.18 20.40 -38.93
N GLY D 473 92.61 21.52 -38.48
CA GLY D 473 91.43 22.10 -39.15
C GLY D 473 91.70 22.42 -40.59
N GLU D 474 92.87 22.98 -40.90
CA GLU D 474 93.22 23.29 -42.33
C GLU D 474 93.28 22.00 -43.15
N GLN D 475 93.82 20.94 -42.60
CA GLN D 475 93.86 19.64 -43.30
C GLN D 475 92.43 19.09 -43.47
N LEU D 476 91.61 19.19 -42.44
CA LEU D 476 90.24 18.63 -42.49
C LEU D 476 89.44 19.42 -43.51
N ILE D 477 89.70 20.73 -43.63
CA ILE D 477 89.03 21.52 -44.67
C ILE D 477 89.40 20.94 -46.04
N GLU D 478 90.69 20.75 -46.30
CA GLU D 478 91.18 20.20 -47.60
C GLU D 478 90.54 18.84 -47.82
N ASN D 479 90.45 18.00 -46.80
CA ASN D 479 89.79 16.68 -46.98
C ASN D 479 88.34 16.85 -47.38
N CYS D 480 87.64 17.76 -46.72
CA CYS D 480 86.19 17.89 -46.90
C CYS D 480 85.90 18.44 -48.29
N LYS D 481 86.72 19.34 -48.79
CA LYS D 481 86.60 19.81 -50.21
C LYS D 481 86.78 18.65 -51.20
N GLN D 482 87.76 17.79 -50.99
CA GLN D 482 87.99 16.62 -51.90
C GLN D 482 86.82 15.63 -51.87
N VAL D 483 86.16 15.42 -50.74
CA VAL D 483 85.09 14.38 -50.63
C VAL D 483 83.69 14.98 -50.71
N LEU D 484 83.61 16.23 -51.09
CA LEU D 484 82.32 16.95 -51.21
C LEU D 484 81.34 16.13 -52.04
N ASP D 485 81.78 15.51 -53.14
CA ASP D 485 80.90 14.81 -54.10
C ASP D 485 81.15 13.30 -54.08
N VAL D 486 81.80 12.81 -53.03
CA VAL D 486 82.22 11.40 -52.88
C VAL D 486 81.28 10.75 -51.86
N ASP D 487 80.93 9.51 -52.11
CA ASP D 487 80.07 8.70 -51.23
C ASP D 487 80.74 8.51 -49.89
N PRO D 488 79.98 8.54 -48.79
CA PRO D 488 80.60 8.38 -47.48
C PRO D 488 81.03 6.93 -47.30
N VAL D 489 82.00 6.72 -46.44
CA VAL D 489 82.61 5.40 -46.21
C VAL D 489 82.59 5.04 -44.72
N TYR D 490 82.23 3.79 -44.52
CA TYR D 490 82.60 3.02 -43.34
C TYR D 490 84.07 2.77 -43.40
N LYS D 491 84.77 3.20 -42.38
CA LYS D 491 86.24 3.14 -42.30
C LYS D 491 86.56 3.14 -40.82
N ASP D 492 86.93 1.99 -40.26
CA ASP D 492 87.22 1.88 -38.79
C ASP D 492 88.73 2.03 -38.62
N VAL D 493 89.14 2.94 -37.76
CA VAL D 493 90.57 3.18 -37.47
C VAL D 493 90.85 2.93 -35.99
N ALA D 494 89.94 2.32 -35.26
CA ALA D 494 90.16 1.97 -33.84
C ALA D 494 91.26 0.90 -33.74
N LYS D 495 92.05 0.96 -32.67
CA LYS D 495 93.13 -0.01 -32.37
C LYS D 495 92.48 -1.37 -32.16
N PRO D 496 92.85 -2.42 -32.93
CA PRO D 496 92.39 -3.77 -32.62
C PRO D 496 92.79 -4.21 -31.19
N THR D 497 91.86 -4.83 -30.47
CA THR D 497 92.04 -5.24 -29.05
C THR D 497 92.00 -6.77 -28.95
N GLY D 498 93.03 -7.35 -28.32
CA GLY D 498 93.09 -8.76 -27.89
C GLY D 498 92.56 -8.97 -26.48
N PRO D 499 92.21 -10.21 -26.10
CA PRO D 499 91.79 -10.51 -24.73
C PRO D 499 93.06 -10.67 -23.86
N LYS D 500 92.98 -10.23 -22.61
CA LYS D 500 94.07 -10.35 -21.59
C LYS D 500 93.41 -10.56 -20.22
N THR D 501 93.52 -11.78 -19.69
CA THR D 501 93.03 -12.15 -18.33
C THR D 501 94.22 -12.01 -17.37
N ALA D 502 93.98 -11.41 -16.20
CA ALA D 502 94.98 -11.23 -15.12
C ALA D 502 94.36 -11.73 -13.82
N ILE D 503 95.14 -12.52 -13.06
CA ILE D 503 94.84 -12.87 -11.65
C ILE D 503 95.85 -12.11 -10.79
N ASP D 504 95.38 -11.20 -9.94
CA ASP D 504 96.24 -10.45 -8.97
C ASP D 504 96.69 -11.39 -7.85
N LYS D 505 97.57 -10.92 -6.97
CA LYS D 505 98.17 -11.68 -5.84
C LYS D 505 97.05 -12.24 -4.94
N ASN D 506 95.99 -11.46 -4.71
CA ASN D 506 94.84 -11.78 -3.81
C ASN D 506 93.71 -12.52 -4.55
N GLY D 507 93.97 -13.05 -5.75
CA GLY D 507 93.05 -13.93 -6.51
C GLY D 507 91.76 -13.24 -6.96
N ASN D 508 91.84 -12.00 -7.43
CA ASN D 508 90.78 -11.33 -8.24
C ASN D 508 91.13 -11.50 -9.72
N ILE D 509 90.13 -11.84 -10.54
CA ILE D 509 90.24 -12.09 -12.01
C ILE D 509 89.79 -10.82 -12.74
N THR D 510 90.72 -10.12 -13.40
CA THR D 510 90.45 -8.93 -14.27
C THR D 510 90.51 -9.33 -15.76
N TYR D 511 89.36 -9.30 -16.46
CA TYR D 511 89.26 -9.39 -17.94
C TYR D 511 89.35 -7.99 -18.56
N SER D 512 90.41 -7.72 -19.35
CA SER D 512 90.66 -6.44 -20.05
C SER D 512 90.90 -6.65 -21.56
N GLU D 513 90.24 -5.87 -22.41
CA GLU D 513 90.55 -5.70 -23.86
C GLU D 513 91.85 -4.90 -23.97
N GLU D 514 92.92 -5.51 -24.46
CA GLU D 514 94.30 -4.95 -24.55
C GLU D 514 94.70 -4.80 -26.00
N PRO D 515 95.33 -3.68 -26.42
CA PRO D 515 95.88 -3.54 -27.76
C PRO D 515 96.84 -4.66 -28.20
N ARG D 516 96.52 -5.34 -29.30
CA ARG D 516 97.36 -6.40 -29.93
C ARG D 516 98.70 -5.79 -30.36
N GLU D 517 99.78 -6.56 -30.24
CA GLU D 517 101.16 -6.10 -30.54
C GLU D 517 101.36 -6.05 -32.06
N LYS D 518 101.03 -7.14 -32.75
CA LYS D 518 101.32 -7.35 -34.20
C LYS D 518 100.31 -6.59 -35.08
N VAL D 519 99.08 -6.42 -34.58
CA VAL D 519 97.88 -5.94 -35.33
C VAL D 519 97.46 -4.59 -34.77
N ARG D 520 97.88 -3.48 -35.39
CA ARG D 520 97.55 -2.12 -34.89
C ARG D 520 96.60 -1.37 -35.84
N LYS D 521 96.21 -1.95 -36.97
CA LYS D 521 95.21 -1.38 -37.92
C LYS D 521 94.36 -2.52 -38.48
N LEU D 522 93.23 -2.19 -39.11
CA LEU D 522 92.36 -3.22 -39.71
C LEU D 522 93.06 -3.88 -40.92
N SER D 523 93.90 -3.17 -41.66
CA SER D 523 94.62 -3.73 -42.83
C SER D 523 95.52 -4.90 -42.40
N GLN D 524 96.14 -4.79 -41.22
CA GLN D 524 97.02 -5.84 -40.64
C GLN D 524 96.17 -6.95 -40.06
N TYR D 525 94.99 -6.60 -39.55
CA TYR D 525 94.02 -7.62 -39.10
C TYR D 525 93.65 -8.48 -40.29
N VAL D 526 93.43 -7.87 -41.45
CA VAL D 526 92.99 -8.67 -42.64
C VAL D 526 94.13 -9.62 -43.06
N GLN D 527 95.36 -9.12 -43.10
CA GLN D 527 96.60 -9.90 -43.35
C GLN D 527 96.70 -11.08 -42.38
N GLU D 528 96.50 -10.86 -41.10
CA GLU D 528 96.51 -11.92 -40.07
C GLU D 528 95.40 -12.92 -40.36
N MET D 529 94.22 -12.46 -40.79
CA MET D 529 93.09 -13.38 -41.05
C MET D 529 93.47 -14.26 -42.24
N ALA D 530 94.06 -13.66 -43.28
CA ALA D 530 94.39 -14.34 -44.56
C ALA D 530 95.40 -15.48 -44.30
N LEU D 531 96.38 -15.26 -43.42
CA LEU D 531 97.51 -16.21 -43.21
C LEU D 531 97.05 -17.37 -42.35
N GLY D 532 95.93 -17.24 -41.64
CA GLY D 532 95.47 -18.29 -40.73
C GLY D 532 96.54 -18.55 -39.69
N GLY D 533 96.56 -19.78 -39.17
CA GLY D 533 97.60 -20.23 -38.23
C GLY D 533 98.10 -21.61 -38.62
N PRO D 534 99.10 -22.15 -37.89
CA PRO D 534 99.51 -23.55 -38.06
C PRO D 534 98.36 -24.53 -37.80
N ILE D 535 97.41 -24.16 -36.91
CA ILE D 535 96.20 -24.97 -36.62
C ILE D 535 95.27 -25.04 -37.85
N THR D 536 95.24 -24.02 -38.73
CA THR D 536 94.33 -23.97 -39.91
C THR D 536 95.05 -24.54 -41.14
N LYS D 537 96.01 -25.44 -40.95
CA LYS D 537 96.81 -26.06 -42.04
C LYS D 537 96.31 -27.51 -42.22
N GLU D 538 95.62 -27.78 -43.33
CA GLU D 538 95.19 -29.15 -43.72
C GLU D 538 96.31 -29.81 -44.55
N SER D 539 96.17 -31.10 -44.86
CA SER D 539 97.15 -31.94 -45.61
C SER D 539 96.63 -32.24 -47.03
N GLU D 602 103.14 2.21 -44.60
CA GLU D 602 103.49 3.21 -43.56
C GLU D 602 102.25 4.04 -43.18
N ASP D 603 102.17 4.45 -41.91
CA ASP D 603 101.03 5.22 -41.34
C ASP D 603 101.50 6.02 -40.12
N ALA D 604 100.80 7.12 -39.82
CA ALA D 604 101.09 8.04 -38.70
C ALA D 604 100.15 7.80 -37.50
N LEU D 605 99.36 6.71 -37.48
CA LEU D 605 98.45 6.34 -36.36
C LEU D 605 99.27 6.23 -35.06
N ASP D 606 98.76 6.82 -33.97
CA ASP D 606 99.34 6.80 -32.60
C ASP D 606 100.58 7.72 -32.50
N LYS D 607 100.97 8.44 -33.56
CA LYS D 607 102.13 9.38 -33.53
C LYS D 607 101.74 10.76 -34.08
N ASP D 608 101.04 10.86 -35.22
CA ASP D 608 100.63 12.16 -35.84
C ASP D 608 99.26 12.00 -36.50
N SER D 609 98.19 12.27 -35.74
CA SER D 609 96.78 12.17 -36.21
C SER D 609 96.57 13.12 -37.40
N THR D 610 97.19 14.29 -37.37
CA THR D 610 97.12 15.30 -38.46
C THR D 610 97.64 14.71 -39.77
N LYS D 611 98.76 13.97 -39.73
CA LYS D 611 99.30 13.26 -40.92
C LYS D 611 98.31 12.17 -41.33
N GLU D 612 97.78 11.40 -40.37
CA GLU D 612 96.83 10.32 -40.72
C GLU D 612 95.58 10.93 -41.37
N VAL D 613 95.16 12.11 -40.92
CA VAL D 613 93.96 12.81 -41.45
C VAL D 613 94.25 13.20 -42.89
N ALA D 614 95.44 13.74 -43.17
CA ALA D 614 95.85 14.16 -44.53
C ALA D 614 95.79 12.98 -45.51
N SER D 615 95.97 11.75 -45.04
CA SER D 615 95.97 10.52 -45.88
C SER D 615 94.54 10.05 -46.21
N LEU D 616 93.51 10.50 -45.48
CA LEU D 616 92.17 9.84 -45.47
C LEU D 616 91.49 9.90 -46.83
N PRO D 617 91.57 11.01 -47.60
CA PRO D 617 90.88 11.03 -48.89
C PRO D 617 91.57 10.18 -49.97
N ASN D 618 92.87 9.89 -49.81
CA ASN D 618 93.75 9.24 -50.82
C ASN D 618 93.38 7.76 -50.93
N LYS D 619 92.71 7.38 -52.01
CA LYS D 619 92.41 5.96 -52.33
C LYS D 619 93.74 5.26 -52.62
N SER D 620 94.27 4.54 -51.62
CA SER D 620 95.52 3.74 -51.69
C SER D 620 95.33 2.62 -52.73
N THR D 621 96.25 2.54 -53.70
CA THR D 621 96.28 1.47 -54.75
C THR D 621 96.87 0.21 -54.13
N ILE D 622 96.20 -0.93 -54.32
CA ILE D 622 96.64 -2.27 -53.81
C ILE D 622 97.34 -2.97 -54.99
N SER D 623 98.68 -2.91 -55.03
CA SER D 623 99.54 -3.58 -56.04
C SER D 623 99.23 -5.07 -56.03
N LYS D 624 99.58 -5.76 -54.94
CA LYS D 624 99.33 -7.21 -54.75
C LYS D 624 98.31 -7.38 -53.60
N THR D 625 97.24 -8.12 -53.87
CA THR D 625 96.12 -8.33 -52.94
C THR D 625 96.57 -9.27 -51.82
N VAL D 626 96.01 -9.09 -50.64
CA VAL D 626 96.22 -9.97 -49.46
C VAL D 626 95.92 -11.42 -49.82
N SER D 627 95.00 -11.67 -50.76
CA SER D 627 94.59 -13.06 -51.17
C SER D 627 95.77 -13.85 -51.76
N SER D 628 96.68 -13.17 -52.47
CA SER D 628 97.93 -13.73 -53.06
C SER D 628 98.86 -14.25 -51.95
N THR D 629 98.78 -13.72 -50.74
CA THR D 629 99.61 -14.10 -49.57
C THR D 629 99.03 -15.31 -48.83
N ILE D 630 97.83 -15.79 -49.19
CA ILE D 630 97.23 -16.94 -48.48
C ILE D 630 98.12 -18.15 -48.79
N PRO D 631 98.79 -18.77 -47.80
CA PRO D 631 99.65 -19.92 -48.09
C PRO D 631 98.83 -21.04 -48.75
N ARG D 632 99.46 -21.79 -49.64
CA ARG D 632 98.94 -23.10 -50.13
C ARG D 632 98.66 -23.98 -48.91
N GLU D 633 97.55 -24.71 -48.89
CA GLU D 633 97.22 -25.71 -47.84
C GLU D 633 97.05 -25.05 -46.46
N THR D 634 96.76 -23.75 -46.40
CA THR D 634 96.31 -23.02 -45.19
C THR D 634 94.92 -22.43 -45.46
N ILE D 635 93.98 -22.67 -44.54
CA ILE D 635 92.62 -22.08 -44.59
C ILE D 635 92.68 -20.78 -43.81
N PRO D 636 92.37 -19.63 -44.41
CA PRO D 636 92.27 -18.40 -43.62
C PRO D 636 91.28 -18.49 -42.45
N PHE D 637 91.48 -17.66 -41.44
CA PHE D 637 90.59 -17.52 -40.27
C PHE D 637 89.19 -17.04 -40.69
N LEU D 638 89.12 -16.28 -41.77
CA LEU D 638 87.86 -15.88 -42.41
C LEU D 638 87.89 -16.36 -43.84
N HIS D 639 86.86 -17.05 -44.26
CA HIS D 639 86.79 -17.60 -45.62
C HIS D 639 85.37 -17.84 -46.04
N LEU D 640 85.18 -17.98 -47.35
CA LEU D 640 83.91 -18.45 -47.93
C LEU D 640 84.02 -19.94 -48.27
N ARG D 641 82.87 -20.60 -48.27
CA ARG D 641 82.74 -22.02 -48.59
C ARG D 641 81.92 -22.19 -49.84
N LYS D 642 82.15 -23.27 -50.54
CA LYS D 642 81.42 -23.61 -51.76
C LYS D 642 80.80 -24.97 -51.55
N LYS D 643 79.56 -25.12 -51.96
CA LYS D 643 78.82 -26.38 -51.82
C LYS D 643 79.37 -27.33 -52.90
N THR D 644 79.85 -28.51 -52.52
CA THR D 644 80.36 -29.54 -53.47
C THR D 644 79.18 -30.25 -54.12
N PRO D 645 79.36 -30.88 -55.31
CA PRO D 645 78.29 -31.70 -55.91
C PRO D 645 77.69 -32.75 -54.96
N ALA D 646 78.48 -33.27 -54.02
CA ALA D 646 78.06 -34.20 -52.92
C ALA D 646 77.13 -33.51 -51.91
N GLY D 647 77.12 -32.17 -51.85
CA GLY D 647 76.27 -31.36 -50.96
C GLY D 647 76.95 -30.99 -49.63
N ASP D 648 78.29 -31.00 -49.59
CA ASP D 648 79.10 -30.56 -48.41
C ASP D 648 79.63 -29.16 -48.72
N TRP D 649 79.76 -28.32 -47.69
CA TRP D 649 80.31 -26.94 -47.82
C TRP D 649 81.79 -26.97 -47.46
N LYS D 650 82.64 -26.58 -48.39
CA LYS D 650 84.11 -26.66 -48.21
C LYS D 650 84.73 -25.32 -48.52
N TYR D 651 85.82 -25.05 -47.85
CA TYR D 651 86.68 -23.89 -48.14
C TYR D 651 86.84 -23.77 -49.64
N ASP D 652 86.65 -22.55 -50.14
CA ASP D 652 86.88 -22.20 -51.55
C ASP D 652 87.85 -21.04 -51.64
N ARG D 653 89.04 -21.28 -52.16
CA ARG D 653 90.13 -20.30 -52.22
C ARG D 653 89.71 -19.09 -53.03
N GLN D 654 89.06 -19.31 -54.17
CA GLN D 654 88.67 -18.20 -55.07
C GLN D 654 87.62 -17.29 -54.39
N LEU D 655 86.54 -17.87 -53.87
CA LEU D 655 85.50 -17.07 -53.17
C LEU D 655 86.15 -16.38 -51.98
N SER D 656 86.96 -17.09 -51.22
CA SER D 656 87.65 -16.57 -50.02
C SER D 656 88.55 -15.40 -50.40
N SER D 657 89.13 -15.44 -51.58
CA SER D 657 90.06 -14.40 -52.08
C SER D 657 89.26 -13.15 -52.41
N LEU D 658 88.08 -13.34 -52.99
CA LEU D 658 87.16 -12.22 -53.26
C LEU D 658 86.80 -11.55 -51.93
N PHE D 659 86.40 -12.33 -50.93
CA PHE D 659 85.95 -11.76 -49.64
C PHE D 659 87.08 -11.01 -48.99
N LEU D 660 88.24 -11.64 -48.88
CA LEU D 660 89.41 -11.05 -48.18
C LEU D 660 89.97 -9.84 -48.89
N ASP D 661 89.94 -9.81 -50.20
CA ASP D 661 90.37 -8.61 -50.97
C ASP D 661 89.40 -7.46 -50.71
N GLY D 662 88.10 -7.77 -50.61
CA GLY D 662 87.12 -6.76 -50.26
C GLY D 662 87.40 -6.22 -48.88
N LEU D 663 87.73 -7.10 -47.94
CA LEU D 663 88.00 -6.65 -46.57
C LEU D 663 89.22 -5.77 -46.60
N GLU D 664 90.22 -6.14 -47.38
CA GLU D 664 91.46 -5.32 -47.46
C GLU D 664 91.15 -3.95 -48.03
N LYS D 665 90.39 -3.87 -49.12
CA LYS D 665 89.98 -2.59 -49.71
C LYS D 665 89.18 -1.75 -48.68
N ALA D 666 88.22 -2.38 -47.99
CA ALA D 666 87.42 -1.74 -46.92
C ALA D 666 88.38 -1.13 -45.91
N ALA D 667 89.39 -1.88 -45.48
CA ALA D 667 90.33 -1.46 -44.42
C ALA D 667 91.19 -0.28 -44.87
N PHE D 668 91.50 -0.15 -46.15
CA PHE D 668 92.36 0.97 -46.65
C PHE D 668 91.50 2.16 -47.08
N ASN D 669 90.44 1.89 -47.83
CA ASN D 669 89.70 2.89 -48.59
C ASN D 669 88.31 3.18 -48.01
N GLY D 670 87.83 2.31 -47.14
CA GLY D 670 86.47 2.32 -46.65
C GLY D 670 85.52 1.82 -47.67
N VAL D 671 84.32 1.52 -47.23
CA VAL D 671 83.26 1.04 -48.16
C VAL D 671 82.01 1.89 -47.97
N THR D 672 81.32 2.19 -49.04
CA THR D 672 80.08 2.96 -48.97
C THR D 672 78.91 2.01 -48.93
N PHE D 673 77.84 2.45 -48.28
CA PHE D 673 76.54 1.73 -48.26
C PHE D 673 75.46 2.71 -48.69
N LYS D 674 75.85 3.71 -49.44
CA LYS D 674 74.94 4.79 -49.90
C LYS D 674 73.79 4.06 -50.61
N ASP D 675 72.57 4.45 -50.40
CA ASP D 675 71.44 3.79 -51.15
C ASP D 675 71.23 2.31 -50.79
N LYS D 676 71.83 1.77 -49.73
CA LYS D 676 71.38 0.52 -49.10
C LYS D 676 70.34 0.83 -48.05
N TYR D 677 69.22 0.13 -48.10
CA TYR D 677 68.13 0.15 -47.11
C TYR D 677 68.19 -1.18 -46.35
N VAL D 678 68.35 -1.09 -45.06
CA VAL D 678 68.69 -2.18 -44.14
C VAL D 678 67.72 -2.21 -43.00
N LEU D 679 67.20 -3.40 -42.71
CA LEU D 679 66.57 -3.72 -41.45
C LEU D 679 67.57 -4.49 -40.61
N ILE D 680 67.78 -4.05 -39.40
CA ILE D 680 68.61 -4.77 -38.43
C ILE D 680 67.88 -4.95 -37.13
N THR D 681 67.81 -6.19 -36.68
CA THR D 681 67.27 -6.56 -35.36
C THR D 681 68.44 -6.95 -34.48
N GLY D 682 68.30 -6.80 -33.18
CA GLY D 682 69.31 -7.25 -32.21
C GLY D 682 70.52 -6.35 -32.22
N ALA D 683 70.37 -5.04 -32.32
CA ALA D 683 71.49 -4.10 -32.35
C ALA D 683 71.55 -3.25 -31.10
N GLY D 684 71.31 -3.83 -29.95
CA GLY D 684 71.41 -3.07 -28.69
C GLY D 684 72.86 -2.80 -28.34
N LYS D 685 73.08 -1.89 -27.40
CA LYS D 685 74.42 -1.61 -26.81
C LYS D 685 75.11 -2.92 -26.41
N GLY D 686 76.39 -3.08 -26.78
CA GLY D 686 77.24 -4.25 -26.51
C GLY D 686 77.10 -5.39 -27.52
N SER D 687 76.14 -5.30 -28.43
CA SER D 687 75.91 -6.34 -29.42
C SER D 687 76.89 -6.17 -30.58
N ILE D 688 76.98 -7.21 -31.35
CA ILE D 688 77.58 -7.16 -32.69
C ILE D 688 76.77 -6.18 -33.54
N GLY D 689 75.46 -6.30 -33.49
CA GLY D 689 74.58 -5.52 -34.32
C GLY D 689 74.84 -4.04 -34.16
N ALA D 690 75.16 -3.58 -32.97
CA ALA D 690 75.43 -2.17 -32.66
C ALA D 690 76.58 -1.68 -33.49
N GLU D 691 77.61 -2.50 -33.61
CA GLU D 691 78.82 -2.13 -34.38
C GLU D 691 78.51 -2.22 -35.84
N VAL D 692 77.69 -3.16 -36.25
CA VAL D 692 77.22 -3.23 -37.66
C VAL D 692 76.44 -1.95 -37.99
N LEU D 693 75.52 -1.57 -37.11
CA LEU D 693 74.73 -0.34 -37.28
C LEU D 693 75.65 0.84 -37.48
N GLN D 694 76.65 1.01 -36.65
CA GLN D 694 77.55 2.16 -36.72
C GLN D 694 78.22 2.20 -38.08
N GLY D 695 78.69 1.06 -38.59
CA GLY D 695 79.30 1.06 -39.91
C GLY D 695 78.33 1.37 -41.01
N LEU D 696 77.16 0.82 -40.95
CA LEU D 696 76.20 1.10 -41.99
C LEU D 696 75.90 2.59 -42.06
N LEU D 697 75.72 3.23 -40.91
CA LEU D 697 75.39 4.67 -40.92
C LEU D 697 76.57 5.43 -41.42
N GLN D 698 77.76 5.02 -41.07
CA GLN D 698 78.97 5.71 -41.55
C GLN D 698 79.10 5.59 -43.07
N GLY D 699 78.57 4.54 -43.66
CA GLY D 699 78.59 4.35 -45.11
C GLY D 699 77.36 4.91 -45.75
N GLY D 700 76.48 5.63 -45.04
CA GLY D 700 75.38 6.33 -45.68
C GLY D 700 74.16 5.47 -45.81
N ALA D 701 74.08 4.34 -45.15
CA ALA D 701 72.86 3.50 -45.28
C ALA D 701 71.65 4.17 -44.69
N LYS D 702 70.50 3.70 -45.15
CA LYS D 702 69.22 3.94 -44.51
C LYS D 702 68.84 2.70 -43.74
N VAL D 703 68.72 2.85 -42.44
CA VAL D 703 68.58 1.73 -41.53
C VAL D 703 67.36 1.88 -40.66
N VAL D 704 66.58 0.81 -40.59
CA VAL D 704 65.62 0.54 -39.52
C VAL D 704 66.27 -0.36 -38.51
N VAL D 705 66.29 0.12 -37.30
CA VAL D 705 66.79 -0.62 -36.14
C VAL D 705 65.64 -0.85 -35.20
N THR D 706 65.56 -2.07 -34.73
CA THR D 706 64.51 -2.48 -33.80
C THR D 706 65.12 -2.47 -32.41
N THR D 707 64.27 -2.38 -31.42
CA THR D 707 64.69 -2.55 -30.03
C THR D 707 63.55 -3.21 -29.31
N SER D 708 63.88 -4.14 -28.44
CA SER D 708 62.87 -4.78 -27.57
C SER D 708 62.72 -3.97 -26.27
N ARG D 709 63.55 -2.94 -26.05
CA ARG D 709 63.59 -2.13 -24.78
C ARG D 709 63.43 -0.64 -25.10
N PHE D 710 62.47 -0.29 -25.90
CA PHE D 710 62.23 1.10 -26.31
C PHE D 710 61.95 1.93 -25.05
N SER D 711 62.77 2.92 -24.88
CA SER D 711 62.84 3.81 -23.70
C SER D 711 63.57 5.05 -24.12
N LYS D 712 63.59 6.03 -23.22
CA LYS D 712 64.26 7.30 -23.50
C LYS D 712 65.75 7.01 -23.54
N GLN D 713 66.25 6.20 -22.62
CA GLN D 713 67.69 5.87 -22.57
C GLN D 713 68.10 5.24 -23.93
N VAL D 714 67.32 4.34 -24.48
CA VAL D 714 67.62 3.67 -25.78
C VAL D 714 67.49 4.66 -26.94
N THR D 715 66.43 5.45 -27.02
CA THR D 715 66.30 6.42 -28.13
C THR D 715 67.45 7.44 -28.05
N ASP D 716 67.87 7.85 -26.88
CA ASP D 716 69.03 8.74 -26.69
C ASP D 716 70.32 8.05 -27.05
N TYR D 717 70.45 6.76 -26.78
CA TYR D 717 71.59 5.98 -27.27
C TYR D 717 71.67 6.04 -28.80
N TYR D 718 70.58 5.75 -29.48
CA TYR D 718 70.61 5.73 -30.97
C TYR D 718 70.81 7.12 -31.55
N GLN D 719 70.27 8.14 -30.89
CA GLN D 719 70.45 9.52 -31.28
C GLN D 719 71.92 9.88 -31.24
N SER D 720 72.62 9.51 -30.19
CA SER D 720 74.04 9.79 -30.03
C SER D 720 74.81 9.01 -31.09
N ILE D 721 74.39 7.81 -31.46
CA ILE D 721 75.05 7.03 -32.54
C ILE D 721 74.84 7.77 -33.84
N TYR D 722 73.62 8.19 -34.15
CA TYR D 722 73.36 8.92 -35.39
C TYR D 722 74.15 10.20 -35.48
N ALA D 723 74.17 10.97 -34.41
CA ALA D 723 74.83 12.26 -34.38
C ALA D 723 76.32 12.11 -34.57
N LYS D 724 76.88 11.00 -34.14
CA LYS D 724 78.33 10.76 -34.29
C LYS D 724 78.63 10.12 -35.66
N TYR D 725 77.86 9.15 -36.11
CA TYR D 725 78.24 8.28 -37.26
C TYR D 725 77.37 8.45 -38.50
N GLY D 726 76.21 9.07 -38.40
CA GLY D 726 75.29 9.18 -39.53
C GLY D 726 75.86 10.08 -40.58
N ALA D 727 76.30 9.48 -41.66
CA ALA D 727 76.81 10.17 -42.83
C ALA D 727 75.70 10.87 -43.58
N LYS D 728 76.12 11.74 -44.47
CA LYS D 728 75.19 12.35 -45.42
C LYS D 728 74.44 11.27 -46.19
N GLY D 729 73.14 11.47 -46.35
CA GLY D 729 72.25 10.51 -46.98
C GLY D 729 71.82 9.41 -46.03
N SER D 730 72.42 9.28 -44.88
CA SER D 730 72.03 8.21 -43.94
C SER D 730 70.73 8.57 -43.26
N THR D 731 70.05 7.58 -42.78
CA THR D 731 68.86 7.75 -41.97
C THR D 731 68.81 6.57 -41.03
N LEU D 732 68.45 6.85 -39.81
CA LEU D 732 68.20 5.82 -38.80
C LEU D 732 66.77 5.95 -38.39
N ILE D 733 66.01 4.88 -38.49
CA ILE D 733 64.67 4.76 -37.90
C ILE D 733 64.74 3.77 -36.77
N VAL D 734 64.36 4.18 -35.59
CA VAL D 734 64.32 3.31 -34.40
C VAL D 734 62.87 2.96 -34.17
N VAL D 735 62.56 1.70 -33.99
CA VAL D 735 61.19 1.19 -33.75
C VAL D 735 61.23 0.23 -32.61
N PRO D 736 60.20 0.24 -31.76
CA PRO D 736 60.03 -0.79 -30.78
C PRO D 736 59.62 -2.02 -31.58
N PHE D 737 60.07 -3.16 -31.10
CA PHE D 737 59.83 -4.42 -31.83
C PHE D 737 60.08 -5.62 -30.95
N ASN D 738 59.20 -6.58 -31.01
CA ASN D 738 59.37 -7.90 -30.39
C ASN D 738 59.44 -8.92 -31.53
N GLN D 739 60.61 -9.43 -31.82
CA GLN D 739 60.81 -10.44 -32.85
C GLN D 739 60.11 -11.77 -32.44
N GLY D 740 59.74 -11.95 -31.17
CA GLY D 740 58.95 -13.11 -30.70
C GLY D 740 57.51 -13.03 -31.02
N SER D 741 57.04 -11.93 -31.58
CA SER D 741 55.65 -11.67 -31.94
C SER D 741 55.51 -11.76 -33.45
N LYS D 742 54.65 -12.64 -33.91
CA LYS D 742 54.34 -12.81 -35.33
C LYS D 742 53.62 -11.53 -35.81
N GLN D 743 52.83 -10.92 -34.95
CA GLN D 743 52.10 -9.69 -35.31
C GLN D 743 53.08 -8.53 -35.48
N ASP D 744 54.06 -8.43 -34.60
CA ASP D 744 55.11 -7.41 -34.74
C ASP D 744 55.88 -7.60 -36.04
N VAL D 745 56.26 -8.82 -36.35
CA VAL D 745 57.04 -9.10 -37.57
C VAL D 745 56.27 -8.58 -38.77
N GLU D 746 55.03 -8.98 -38.92
CA GLU D 746 54.25 -8.59 -40.09
C GLU D 746 54.02 -7.08 -40.11
N ALA D 747 53.71 -6.50 -38.95
CA ALA D 747 53.43 -5.05 -38.84
C ALA D 747 54.68 -4.25 -39.20
N LEU D 748 55.83 -4.68 -38.71
CA LEU D 748 57.09 -4.00 -39.02
C LEU D 748 57.37 -3.98 -40.52
N ILE D 749 57.26 -5.12 -41.14
CA ILE D 749 57.51 -5.19 -42.58
C ILE D 749 56.50 -4.40 -43.38
N GLU D 750 55.24 -4.45 -43.00
CA GLU D 750 54.19 -3.64 -43.67
C GLU D 750 54.56 -2.15 -43.54
N PHE D 751 55.01 -1.72 -42.37
CA PHE D 751 55.40 -0.35 -42.07
C PHE D 751 56.51 0.06 -42.98
N ILE D 752 57.50 -0.81 -43.15
CA ILE D 752 58.66 -0.47 -43.97
C ILE D 752 58.21 -0.27 -45.41
N TYR D 753 57.33 -1.12 -45.88
CA TYR D 753 56.96 -1.14 -47.32
C TYR D 753 55.79 -0.21 -47.65
N ASP D 754 54.98 0.13 -46.69
CA ASP D 754 53.81 1.03 -46.89
C ASP D 754 54.28 2.40 -47.37
N THR D 755 53.48 3.03 -48.20
CA THR D 755 53.73 4.38 -48.74
C THR D 755 53.74 5.34 -47.56
N GLU D 756 54.51 6.39 -47.68
CA GLU D 756 54.49 7.55 -46.75
C GLU D 756 53.06 8.07 -46.54
N LYS D 757 52.24 8.11 -47.59
CA LYS D 757 50.81 8.51 -47.46
C LYS D 757 50.11 7.62 -46.45
N ASN D 758 50.32 6.30 -46.54
CA ASN D 758 49.68 5.32 -45.64
C ASN D 758 50.39 5.27 -44.27
N GLY D 759 51.38 6.12 -44.02
CA GLY D 759 52.12 6.17 -42.75
C GLY D 759 53.31 5.20 -42.68
N GLY D 760 53.75 4.63 -43.81
CA GLY D 760 54.92 3.75 -43.84
C GLY D 760 56.18 4.51 -44.20
N LEU D 761 57.29 3.82 -44.43
CA LEU D 761 58.55 4.47 -44.85
C LEU D 761 58.60 4.56 -46.36
N GLY D 762 57.83 3.76 -47.06
CA GLY D 762 57.98 3.65 -48.52
C GLY D 762 59.33 3.14 -48.93
N TRP D 763 59.91 2.20 -48.16
CA TRP D 763 61.23 1.62 -48.48
C TRP D 763 61.06 0.29 -49.17
N ASP D 764 62.14 -0.15 -49.77
CA ASP D 764 62.33 -1.53 -50.24
C ASP D 764 63.68 -1.99 -49.70
N LEU D 765 63.72 -3.08 -48.96
CA LEU D 765 64.97 -3.54 -48.32
C LEU D 765 65.95 -4.17 -49.28
N ASP D 766 67.20 -3.79 -49.10
CA ASP D 766 68.40 -4.37 -49.69
C ASP D 766 69.02 -5.42 -48.77
N ALA D 767 68.86 -5.30 -47.47
CA ALA D 767 69.51 -6.22 -46.52
C ALA D 767 68.66 -6.35 -45.30
N ILE D 768 68.68 -7.54 -44.75
CA ILE D 768 68.02 -7.88 -43.50
C ILE D 768 69.05 -8.58 -42.64
N ILE D 769 69.20 -8.08 -41.44
CA ILE D 769 70.20 -8.52 -40.46
C ILE D 769 69.50 -8.87 -39.17
N PRO D 770 68.96 -10.09 -39.09
CA PRO D 770 68.05 -10.46 -38.02
C PRO D 770 68.79 -11.07 -36.83
N PHE D 771 69.44 -10.24 -36.06
CA PHE D 771 70.34 -10.68 -34.97
C PHE D 771 69.70 -10.72 -33.61
N ALA D 772 68.40 -10.49 -33.49
CA ALA D 772 67.68 -10.57 -32.21
C ALA D 772 67.88 -11.97 -31.63
N ALA D 773 68.20 -12.02 -30.36
CA ALA D 773 68.41 -13.28 -29.65
C ALA D 773 68.17 -13.08 -28.17
N ILE D 774 67.82 -14.13 -27.46
CA ILE D 774 67.84 -14.05 -25.98
C ILE D 774 68.73 -15.15 -25.49
N PRO D 775 69.42 -14.94 -24.36
CA PRO D 775 70.30 -15.96 -23.82
C PRO D 775 69.50 -17.05 -23.13
N GLU D 776 69.92 -18.26 -23.35
CA GLU D 776 69.43 -19.49 -22.72
C GLU D 776 70.68 -20.05 -22.06
N GLN D 777 70.79 -19.96 -20.76
CA GLN D 777 71.99 -20.45 -20.03
C GLN D 777 71.50 -21.44 -18.99
N GLY D 778 72.18 -22.55 -18.87
CA GLY D 778 71.92 -23.60 -17.89
C GLY D 778 70.68 -24.40 -18.24
N ILE D 779 70.29 -24.41 -19.51
CA ILE D 779 69.06 -25.09 -19.98
C ILE D 779 69.54 -26.27 -20.79
N GLU D 780 69.63 -27.41 -20.14
CA GLU D 780 69.92 -28.67 -20.82
C GLU D 780 68.61 -29.23 -21.38
N LEU D 781 68.74 -30.31 -22.14
CA LEU D 781 67.61 -31.02 -22.76
C LEU D 781 66.42 -31.11 -21.82
N GLU D 782 66.64 -31.57 -20.61
CA GLU D 782 65.49 -31.88 -19.71
C GLU D 782 64.82 -30.60 -19.20
N HIS D 783 65.46 -29.45 -19.35
CA HIS D 783 64.92 -28.16 -18.88
C HIS D 783 64.25 -27.41 -20.00
N ILE D 784 64.35 -27.86 -21.25
CA ILE D 784 63.75 -27.12 -22.39
C ILE D 784 62.29 -26.93 -22.09
N ASP D 785 61.88 -25.67 -21.97
CA ASP D 785 60.51 -25.30 -21.59
C ASP D 785 60.09 -24.01 -22.30
N SER D 786 59.31 -23.18 -21.63
CA SER D 786 58.66 -22.01 -22.21
C SER D 786 59.72 -21.08 -22.79
N LYS D 787 60.70 -20.74 -21.99
CA LYS D 787 61.71 -19.78 -22.43
C LYS D 787 62.38 -20.25 -23.72
N SER D 788 62.81 -21.48 -23.78
CA SER D 788 63.49 -22.05 -24.96
C SER D 788 62.60 -22.09 -26.15
N GLU D 789 61.32 -22.36 -25.99
CA GLU D 789 60.41 -22.37 -27.11
C GLU D 789 60.27 -20.94 -27.66
N PHE D 790 60.17 -19.98 -26.75
CA PHE D 790 60.06 -18.59 -27.11
C PHE D 790 61.34 -18.15 -27.78
N ALA D 791 62.49 -18.50 -27.25
CA ALA D 791 63.79 -18.13 -27.83
C ALA D 791 63.89 -18.69 -29.26
N HIS D 792 63.40 -19.90 -29.45
CA HIS D 792 63.45 -20.58 -30.75
C HIS D 792 62.52 -19.90 -31.74
N ARG D 793 61.40 -19.37 -31.27
CA ARG D 793 60.51 -18.54 -32.09
C ARG D 793 61.19 -17.26 -32.58
N ILE D 794 61.93 -16.62 -31.73
CA ILE D 794 62.68 -15.39 -32.05
C ILE D 794 63.77 -15.72 -33.06
N MET D 795 64.52 -16.73 -32.78
CA MET D 795 65.80 -17.01 -33.43
C MET D 795 65.66 -17.90 -34.63
N LEU D 796 64.51 -18.51 -34.84
CA LEU D 796 64.28 -19.29 -36.05
C LEU D 796 62.96 -18.92 -36.68
N THR D 797 61.89 -19.34 -36.08
CA THR D 797 60.57 -19.28 -36.71
C THR D 797 60.27 -17.89 -37.25
N ASN D 798 60.49 -16.87 -36.44
CA ASN D 798 60.09 -15.51 -36.82
C ASN D 798 61.11 -14.89 -37.76
N ILE D 799 62.30 -15.43 -37.87
CA ILE D 799 63.23 -15.07 -38.95
C ILE D 799 62.67 -15.56 -40.27
N LEU D 800 62.22 -16.81 -40.31
CA LEU D 800 61.57 -17.32 -41.53
C LEU D 800 60.34 -16.48 -41.84
N ARG D 801 59.55 -16.11 -40.85
CA ARG D 801 58.35 -15.30 -41.10
C ARG D 801 58.73 -13.92 -41.59
N MET D 802 59.77 -13.33 -41.06
CA MET D 802 60.24 -12.00 -41.49
C MET D 802 60.66 -12.06 -42.94
N MET D 803 61.40 -13.10 -43.31
CA MET D 803 61.86 -13.28 -44.68
C MET D 803 60.65 -13.45 -45.56
N GLY D 804 59.72 -14.30 -45.12
CA GLY D 804 58.49 -14.50 -45.83
C GLY D 804 57.71 -13.23 -46.08
N CYS D 805 57.60 -12.38 -45.07
CA CYS D 805 56.92 -11.08 -45.17
C CYS D 805 57.59 -10.19 -46.20
N VAL D 806 58.90 -10.12 -46.20
CA VAL D 806 59.62 -9.32 -47.20
C VAL D 806 59.39 -9.89 -48.57
N LYS D 807 59.51 -11.19 -48.72
CA LYS D 807 59.16 -11.83 -49.98
C LYS D 807 57.73 -11.42 -50.37
N LYS D 808 56.73 -11.55 -49.51
CA LYS D 808 55.35 -11.19 -49.92
C LYS D 808 55.23 -9.73 -50.34
N GLN D 809 55.91 -8.81 -49.66
CA GLN D 809 55.81 -7.37 -49.98
C GLN D 809 56.45 -7.11 -51.31
N LYS D 810 57.61 -7.69 -51.56
CA LYS D 810 58.29 -7.45 -52.81
C LYS D 810 57.44 -8.04 -53.94
N SER D 811 56.96 -9.26 -53.80
CA SER D 811 56.19 -9.95 -54.86
C SER D 811 54.87 -9.22 -55.14
N ALA D 812 54.22 -8.66 -54.13
CA ALA D 812 52.93 -7.93 -54.27
C ALA D 812 53.14 -6.69 -55.14
N ARG D 813 54.36 -6.14 -55.16
CA ARG D 813 54.76 -4.91 -55.85
C ARG D 813 55.54 -5.22 -57.11
N GLY D 814 55.69 -6.49 -57.46
CA GLY D 814 56.37 -6.94 -58.67
C GLY D 814 57.86 -6.68 -58.66
N ILE D 815 58.47 -6.60 -57.49
CA ILE D 815 59.92 -6.32 -57.38
C ILE D 815 60.66 -7.65 -57.53
N GLU D 816 61.22 -7.91 -58.69
CA GLU D 816 61.95 -9.16 -58.98
C GLU D 816 63.45 -8.90 -59.16
N THR D 817 63.90 -7.66 -59.11
CA THR D 817 65.28 -7.28 -59.46
C THR D 817 65.93 -6.49 -58.34
N ARG D 818 65.41 -6.57 -57.13
CA ARG D 818 66.06 -5.90 -55.99
C ARG D 818 65.96 -6.82 -54.79
N PRO D 819 66.68 -7.94 -54.79
CA PRO D 819 66.59 -8.86 -53.67
C PRO D 819 67.20 -8.29 -52.39
N ALA D 820 66.62 -8.66 -51.27
CA ALA D 820 67.15 -8.32 -49.96
C ALA D 820 68.13 -9.42 -49.55
N GLN D 821 69.36 -9.07 -49.28
CA GLN D 821 70.35 -9.97 -48.72
C GLN D 821 70.05 -10.23 -47.25
N VAL D 822 69.86 -11.48 -46.90
CA VAL D 822 69.60 -11.87 -45.50
C VAL D 822 70.92 -12.35 -44.94
N ILE D 823 71.45 -11.62 -43.98
CA ILE D 823 72.69 -12.02 -43.31
C ILE D 823 72.29 -12.86 -42.11
N LEU D 824 72.43 -14.16 -42.23
CA LEU D 824 71.90 -15.07 -41.21
C LEU D 824 72.99 -15.29 -40.18
N PRO D 825 72.68 -15.12 -38.89
CA PRO D 825 73.66 -15.30 -37.86
C PRO D 825 73.77 -16.79 -37.51
N MET D 826 74.60 -17.48 -38.25
CA MET D 826 74.84 -18.90 -38.06
C MET D 826 75.94 -19.07 -37.03
N SER D 827 76.10 -20.29 -36.57
CA SER D 827 76.96 -20.57 -35.41
C SER D 827 77.73 -21.82 -35.75
N PRO D 828 78.98 -21.94 -35.27
CA PRO D 828 79.67 -23.24 -35.26
C PRO D 828 79.17 -24.11 -34.09
N ASN D 829 78.37 -23.54 -33.18
CA ASN D 829 77.83 -24.21 -31.95
C ASN D 829 76.56 -24.95 -32.31
N HIS D 830 76.69 -26.23 -32.68
CA HIS D 830 75.49 -27.08 -32.86
C HIS D 830 75.45 -28.11 -31.75
N GLY D 831 75.28 -27.67 -30.52
CA GLY D 831 75.12 -28.57 -29.36
C GLY D 831 76.44 -28.98 -28.75
N THR D 832 77.50 -28.25 -29.06
CA THR D 832 78.88 -28.51 -28.59
C THR D 832 79.07 -28.05 -27.13
N PHE D 833 78.54 -26.90 -26.75
CA PHE D 833 78.70 -26.37 -25.37
C PHE D 833 77.68 -26.97 -24.41
N GLY D 834 76.45 -27.16 -24.88
CA GLY D 834 75.36 -27.66 -24.04
C GLY D 834 74.82 -26.57 -23.13
N GLY D 835 73.67 -26.83 -22.56
CA GLY D 835 73.10 -25.92 -21.57
C GLY D 835 72.56 -24.65 -22.21
N ASP D 836 72.35 -24.61 -23.53
CA ASP D 836 71.85 -23.36 -24.15
C ASP D 836 70.47 -23.55 -24.75
N GLY D 837 69.66 -24.40 -24.14
CA GLY D 837 68.24 -24.50 -24.50
C GLY D 837 68.06 -25.02 -25.91
N MET D 838 67.37 -24.26 -26.76
CA MET D 838 67.18 -24.62 -28.18
C MET D 838 68.06 -23.75 -29.06
N TYR D 839 69.07 -23.09 -28.49
CA TYR D 839 69.98 -22.24 -29.28
C TYR D 839 70.50 -22.98 -30.50
N SER D 840 71.11 -24.11 -30.26
CA SER D 840 71.76 -24.91 -31.31
C SER D 840 70.77 -25.32 -32.37
N GLU D 841 69.56 -25.67 -31.98
CA GLU D 841 68.51 -26.05 -32.92
C GLU D 841 68.13 -24.85 -33.77
N SER D 842 67.99 -23.68 -33.19
CA SER D 842 67.70 -22.43 -33.92
C SER D 842 68.79 -22.21 -34.94
N LYS D 843 70.03 -22.32 -34.52
CA LYS D 843 71.14 -21.93 -35.42
C LYS D 843 71.30 -22.96 -36.52
N LEU D 844 71.26 -24.23 -36.19
CA LEU D 844 71.43 -25.25 -37.23
C LEU D 844 70.26 -25.20 -38.23
N SER D 845 69.03 -24.98 -37.80
CA SER D 845 67.84 -24.93 -38.68
C SER D 845 67.96 -23.84 -39.74
N LEU D 846 68.64 -22.74 -39.46
CA LEU D 846 68.86 -21.66 -40.46
C LEU D 846 69.59 -22.17 -41.68
N GLU D 847 70.38 -23.21 -41.53
CA GLU D 847 71.15 -23.80 -42.65
C GLU D 847 70.26 -24.41 -43.71
N THR D 848 69.00 -24.69 -43.44
CA THR D 848 68.10 -25.15 -44.50
C THR D 848 67.95 -24.08 -45.57
N LEU D 849 68.09 -22.81 -45.21
CA LEU D 849 67.83 -21.71 -46.16
C LEU D 849 68.76 -21.79 -47.37
N PHE D 850 69.94 -22.33 -47.20
CA PHE D 850 70.90 -22.50 -48.31
C PHE D 850 70.28 -23.39 -49.39
N ASN D 851 69.56 -24.42 -49.02
CA ASN D 851 68.90 -25.29 -50.00
C ASN D 851 67.55 -24.72 -50.41
N ARG D 852 66.83 -24.11 -49.49
CA ARG D 852 65.48 -23.64 -49.83
C ARG D 852 65.53 -22.53 -50.86
N TRP D 853 66.61 -21.78 -50.90
CA TRP D 853 66.81 -20.70 -51.89
C TRP D 853 66.66 -21.25 -53.31
N HIS D 854 67.18 -22.43 -53.57
CA HIS D 854 67.11 -23.14 -54.88
C HIS D 854 65.77 -23.82 -55.09
N SER D 855 65.13 -24.33 -54.05
CA SER D 855 63.99 -25.27 -54.18
C SER D 855 62.65 -24.54 -54.19
N GLU D 856 62.57 -23.30 -53.72
CA GLU D 856 61.29 -22.60 -53.59
C GLU D 856 61.28 -21.45 -54.60
N SER D 857 60.40 -20.48 -54.42
CA SER D 857 60.12 -19.46 -55.43
C SER D 857 60.45 -18.07 -54.90
N TRP D 858 61.39 -17.93 -53.97
CA TRP D 858 61.69 -16.62 -53.35
C TRP D 858 63.09 -16.11 -53.66
N ALA D 859 63.83 -16.80 -54.47
CA ALA D 859 65.22 -16.46 -54.75
C ALA D 859 65.37 -15.08 -55.37
N ASN D 860 64.39 -14.57 -56.09
CA ASN D 860 64.57 -13.26 -56.72
C ASN D 860 64.31 -12.16 -55.70
N GLN D 861 63.62 -12.48 -54.60
CA GLN D 861 63.30 -11.48 -53.57
C GLN D 861 64.32 -11.49 -52.44
N LEU D 862 64.97 -12.60 -52.18
CA LEU D 862 65.84 -12.70 -51.01
C LEU D 862 67.07 -13.45 -51.45
N THR D 863 68.21 -13.05 -50.98
CA THR D 863 69.44 -13.82 -51.11
C THR D 863 69.88 -14.24 -49.74
N VAL D 864 70.63 -15.30 -49.70
CA VAL D 864 71.01 -15.94 -48.43
C VAL D 864 72.49 -15.73 -48.24
N CYS D 865 72.86 -15.10 -47.15
CA CYS D 865 74.26 -14.97 -46.76
C CYS D 865 74.41 -15.48 -45.33
N GLY D 866 74.95 -16.67 -45.24
CA GLY D 866 75.11 -17.36 -43.97
C GLY D 866 76.41 -16.92 -43.40
N ALA D 867 76.39 -16.16 -42.32
CA ALA D 867 77.61 -15.81 -41.61
C ALA D 867 77.74 -16.77 -40.45
N ILE D 868 78.78 -17.61 -40.47
CA ILE D 868 79.13 -18.47 -39.32
C ILE D 868 79.98 -17.64 -38.39
N ILE D 869 79.37 -17.12 -37.34
CA ILE D 869 80.00 -16.07 -36.53
C ILE D 869 80.84 -16.74 -35.47
N GLY D 870 82.09 -16.31 -35.38
CA GLY D 870 83.05 -16.88 -34.45
C GLY D 870 82.86 -16.34 -33.05
N TRP D 871 83.82 -16.64 -32.20
CA TRP D 871 83.84 -16.28 -30.77
C TRP D 871 84.00 -14.76 -30.68
N THR D 872 82.88 -14.09 -30.45
CA THR D 872 82.88 -12.61 -30.36
C THR D 872 82.65 -12.19 -28.91
N ARG D 873 83.68 -11.67 -28.29
CA ARG D 873 83.71 -11.20 -26.88
C ARG D 873 82.70 -10.03 -26.64
N GLY D 874 82.05 -9.97 -25.47
CA GLY D 874 81.37 -8.75 -24.98
C GLY D 874 79.86 -8.72 -25.22
N THR D 875 79.27 -9.72 -25.84
CA THR D 875 77.86 -9.64 -26.31
C THR D 875 76.93 -10.23 -25.25
N GLY D 876 75.63 -9.98 -25.42
CA GLY D 876 74.57 -10.52 -24.55
C GLY D 876 74.68 -12.04 -24.42
N LEU D 877 75.06 -12.72 -25.51
CA LEU D 877 75.11 -14.20 -25.57
C LEU D 877 76.44 -14.75 -25.05
N MET D 878 77.54 -14.00 -25.20
CA MET D 878 78.91 -14.56 -24.99
C MET D 878 79.71 -13.84 -23.87
N SER D 879 79.23 -12.76 -23.25
CA SER D 879 80.01 -12.02 -22.20
C SER D 879 80.41 -12.98 -21.06
N ALA D 880 79.53 -13.93 -20.72
CA ALA D 880 79.79 -14.99 -19.70
C ALA D 880 81.03 -15.85 -20.02
N ASN D 881 81.61 -15.76 -21.23
CA ASN D 881 82.76 -16.61 -21.67
C ASN D 881 84.04 -15.80 -21.91
N ASN D 882 84.15 -14.54 -21.49
CA ASN D 882 85.30 -13.64 -21.83
C ASN D 882 86.63 -14.01 -21.16
N ILE D 883 86.59 -14.63 -19.98
CA ILE D 883 87.80 -14.79 -19.10
C ILE D 883 88.85 -15.75 -19.72
N ILE D 884 88.41 -16.71 -20.52
CA ILE D 884 89.25 -17.81 -21.09
C ILE D 884 89.85 -17.46 -22.47
N ALA D 885 89.43 -16.36 -23.10
CA ALA D 885 89.70 -16.07 -24.52
C ALA D 885 91.21 -15.95 -24.75
N GLU D 886 91.98 -15.45 -23.80
CA GLU D 886 93.45 -15.37 -23.99
C GLU D 886 94.01 -16.79 -24.19
N GLY D 887 93.44 -17.77 -23.45
CA GLY D 887 93.87 -19.18 -23.46
C GLY D 887 93.57 -19.84 -24.78
N ILE D 888 92.33 -19.71 -25.24
CA ILE D 888 91.88 -20.14 -26.61
C ILE D 888 92.87 -19.60 -27.64
N GLU D 889 93.24 -18.33 -27.58
CA GLU D 889 94.14 -17.76 -28.61
C GLU D 889 95.54 -18.39 -28.57
N LYS D 890 96.02 -18.89 -27.40
CA LYS D 890 97.33 -19.59 -27.27
C LYS D 890 97.39 -20.84 -28.19
N MET D 891 96.24 -21.46 -28.51
CA MET D 891 96.10 -22.53 -29.56
C MET D 891 96.33 -22.01 -31.00
N GLY D 892 96.65 -20.73 -31.21
CA GLY D 892 96.85 -20.17 -32.57
C GLY D 892 95.51 -20.00 -33.30
N VAL D 893 94.46 -19.72 -32.53
CA VAL D 893 93.05 -19.53 -32.96
C VAL D 893 92.69 -18.05 -32.69
N ARG D 894 91.57 -17.57 -33.23
CA ARG D 894 91.18 -16.13 -33.12
C ARG D 894 89.81 -15.99 -32.47
N THR D 895 89.76 -15.15 -31.45
CA THR D 895 88.50 -14.57 -30.92
C THR D 895 88.42 -13.16 -31.46
N PHE D 896 87.22 -12.62 -31.49
CA PHE D 896 86.95 -11.32 -32.14
C PHE D 896 86.35 -10.35 -31.12
N SER D 897 86.77 -9.12 -31.21
CA SER D 897 85.99 -7.97 -30.70
C SER D 897 84.70 -7.78 -31.51
N GLN D 898 83.75 -7.04 -30.97
CA GLN D 898 82.49 -6.75 -31.68
C GLN D 898 82.82 -5.90 -32.90
N LYS D 899 83.81 -5.03 -32.80
CA LYS D 899 84.24 -4.16 -33.89
C LYS D 899 84.75 -4.99 -35.05
N GLU D 900 85.63 -5.94 -34.77
CA GLU D 900 86.17 -6.84 -35.81
C GLU D 900 85.08 -7.67 -36.42
N MET D 901 84.22 -8.27 -35.61
CA MET D 901 83.18 -9.11 -36.15
C MET D 901 82.28 -8.25 -37.03
N ALA D 902 81.94 -7.04 -36.57
CA ALA D 902 81.09 -6.12 -37.36
C ALA D 902 81.78 -5.86 -38.68
N PHE D 903 83.06 -5.59 -38.65
CA PHE D 903 83.86 -5.36 -39.87
C PHE D 903 83.80 -6.57 -40.82
N ASN D 904 83.89 -7.77 -40.24
CA ASN D 904 83.76 -9.02 -41.01
C ASN D 904 82.40 -9.10 -41.66
N LEU D 905 81.34 -8.76 -40.93
CA LEU D 905 79.98 -8.92 -41.44
C LEU D 905 79.71 -7.82 -42.46
N LEU D 906 80.22 -6.62 -42.24
CA LEU D 906 80.07 -5.51 -43.20
C LEU D 906 80.74 -5.84 -44.52
N GLY D 907 81.70 -6.74 -44.51
CA GLY D 907 82.34 -7.28 -45.70
C GLY D 907 81.43 -8.07 -46.55
N LEU D 908 80.36 -8.59 -45.97
CA LEU D 908 79.34 -9.34 -46.70
C LEU D 908 78.39 -8.45 -47.46
N LEU D 909 78.43 -7.14 -47.22
CA LEU D 909 77.49 -6.16 -47.80
C LEU D 909 78.22 -5.35 -48.85
N THR D 910 79.48 -5.64 -49.12
CA THR D 910 80.27 -5.03 -50.21
C THR D 910 79.66 -5.45 -51.54
N PRO D 911 79.84 -4.66 -52.61
CA PRO D 911 79.20 -4.95 -53.89
C PRO D 911 79.56 -6.33 -54.45
N GLU D 912 80.78 -6.80 -54.22
CA GLU D 912 81.25 -8.10 -54.75
C GLU D 912 80.56 -9.26 -54.04
N VAL D 913 80.35 -9.20 -52.72
CA VAL D 913 79.67 -10.31 -52.01
C VAL D 913 78.18 -10.24 -52.31
N VAL D 914 77.65 -9.02 -52.41
CA VAL D 914 76.23 -8.84 -52.75
C VAL D 914 75.97 -9.53 -54.09
N GLU D 915 76.81 -9.35 -55.07
CA GLU D 915 76.65 -10.01 -56.39
C GLU D 915 76.81 -11.51 -56.26
N LEU D 916 77.74 -11.96 -55.45
CA LEU D 916 77.93 -13.41 -55.23
C LEU D 916 76.66 -14.07 -54.67
N CYS D 917 75.98 -13.44 -53.68
CA CYS D 917 74.78 -14.04 -53.05
C CYS D 917 73.62 -14.04 -54.03
N GLN D 918 73.66 -13.13 -55.01
CA GLN D 918 72.62 -13.11 -56.07
C GLN D 918 72.85 -14.28 -57.03
N LYS D 919 74.02 -14.87 -57.09
CA LYS D 919 74.25 -16.06 -57.95
C LYS D 919 73.88 -17.31 -57.21
N SER D 920 74.26 -17.40 -55.94
CA SER D 920 73.85 -18.54 -55.09
C SER D 920 74.16 -18.22 -53.64
N PRO D 921 73.56 -18.94 -52.70
CA PRO D 921 73.79 -18.66 -51.30
C PRO D 921 75.26 -18.63 -51.00
N VAL D 922 75.60 -17.68 -50.15
CA VAL D 922 76.97 -17.51 -49.63
C VAL D 922 77.04 -18.06 -48.22
N MET D 923 78.09 -18.85 -47.98
CA MET D 923 78.46 -19.32 -46.65
C MET D 923 79.79 -18.72 -46.27
N ALA D 924 79.79 -17.83 -45.28
CA ALA D 924 80.99 -17.14 -44.82
C ALA D 924 81.34 -17.72 -43.46
N ASP D 925 82.54 -18.23 -43.34
CA ASP D 925 83.10 -18.75 -42.07
C ASP D 925 83.85 -17.62 -41.46
N LEU D 926 83.33 -17.08 -40.36
CA LEU D 926 83.99 -15.98 -39.65
C LEU D 926 84.39 -16.53 -38.29
N ASN D 927 84.90 -17.76 -38.26
CA ASN D 927 85.05 -18.55 -37.01
C ASN D 927 86.48 -18.52 -36.48
N GLY D 928 87.42 -17.85 -37.12
CA GLY D 928 88.74 -17.64 -36.50
C GLY D 928 89.45 -18.96 -36.19
N GLY D 929 89.23 -19.98 -37.03
CA GLY D 929 89.93 -21.27 -36.94
C GLY D 929 89.46 -22.10 -35.78
N LEU D 930 88.40 -21.67 -35.09
CA LEU D 930 87.96 -22.28 -33.81
C LEU D 930 87.64 -23.76 -34.04
N GLN D 931 87.22 -24.12 -35.24
CA GLN D 931 86.67 -25.46 -35.59
C GLN D 931 87.80 -26.52 -35.51
N PHE D 932 89.05 -26.11 -35.75
CA PHE D 932 90.27 -26.95 -35.70
C PHE D 932 90.71 -27.27 -34.26
N VAL D 933 90.17 -26.61 -33.23
CA VAL D 933 90.43 -26.98 -31.81
C VAL D 933 89.55 -28.19 -31.49
N PRO D 934 90.17 -29.38 -31.26
CA PRO D 934 89.40 -30.60 -31.01
C PRO D 934 88.84 -30.53 -29.59
N GLU D 935 87.64 -31.08 -29.37
CA GLU D 935 87.04 -31.25 -28.02
C GLU D 935 87.01 -29.89 -27.32
N LEU D 936 86.34 -28.94 -27.95
CA LEU D 936 86.39 -27.49 -27.61
C LEU D 936 85.78 -27.28 -26.23
N LYS D 937 84.61 -27.84 -26.00
CA LYS D 937 83.93 -27.67 -24.72
C LYS D 937 84.85 -28.06 -23.56
N GLU D 938 85.42 -29.26 -23.59
CA GLU D 938 86.35 -29.75 -22.54
C GLU D 938 87.54 -28.79 -22.44
N PHE D 939 88.05 -28.32 -23.58
CA PHE D 939 89.20 -27.39 -23.64
C PHE D 939 88.83 -26.10 -22.89
N THR D 940 87.60 -25.59 -23.08
CA THR D 940 87.15 -24.32 -22.46
C THR D 940 86.88 -24.54 -20.97
N ALA D 941 86.28 -25.68 -20.58
CA ALA D 941 86.05 -26.03 -19.16
C ALA D 941 87.39 -26.22 -18.42
N LYS D 942 88.42 -26.75 -19.05
CA LYS D 942 89.77 -26.91 -18.44
C LYS D 942 90.38 -25.51 -18.24
N LEU D 943 90.33 -24.61 -19.24
CA LEU D 943 90.91 -23.23 -19.13
C LEU D 943 90.20 -22.47 -17.99
N ARG D 944 88.90 -22.70 -17.83
CA ARG D 944 88.05 -22.05 -16.81
C ARG D 944 88.48 -22.52 -15.42
N LYS D 945 88.64 -23.83 -15.22
CA LYS D 945 89.01 -24.45 -13.92
C LYS D 945 90.42 -23.97 -13.56
N GLU D 946 91.40 -24.18 -14.45
CA GLU D 946 92.79 -23.68 -14.27
C GLU D 946 92.80 -22.22 -13.80
N LEU D 947 91.80 -21.41 -14.15
CA LEU D 947 91.73 -19.96 -13.82
C LEU D 947 91.01 -19.76 -12.48
N VAL D 948 89.81 -20.34 -12.33
CA VAL D 948 88.97 -20.25 -11.11
C VAL D 948 89.71 -20.89 -9.92
N GLU D 949 90.34 -22.06 -10.13
CA GLU D 949 91.12 -22.77 -9.10
C GLU D 949 92.26 -21.86 -8.64
N THR D 950 93.00 -21.25 -9.56
CA THR D 950 94.15 -20.34 -9.27
C THR D 950 93.68 -19.11 -8.50
N SER D 951 92.52 -18.57 -8.85
CA SER D 951 91.84 -17.42 -8.19
C SER D 951 91.49 -17.78 -6.74
N GLU D 952 90.73 -18.87 -6.55
CA GLU D 952 90.20 -19.31 -5.24
C GLU D 952 91.34 -19.76 -4.31
N VAL D 953 92.37 -20.42 -4.84
CA VAL D 953 93.56 -20.85 -4.05
C VAL D 953 94.29 -19.59 -3.57
N ARG D 954 94.60 -18.66 -4.48
CA ARG D 954 95.32 -17.40 -4.13
C ARG D 954 94.53 -16.60 -3.09
N LYS D 955 93.20 -16.58 -3.19
CA LYS D 955 92.30 -15.86 -2.25
C LYS D 955 92.48 -16.47 -0.84
N ALA D 956 92.29 -17.79 -0.75
CA ALA D 956 92.35 -18.61 0.48
C ALA D 956 93.75 -18.53 1.11
N VAL D 957 94.82 -18.74 0.33
CA VAL D 957 96.24 -18.72 0.82
C VAL D 957 96.61 -17.31 1.29
N SER D 958 96.09 -16.25 0.66
CA SER D 958 96.43 -14.85 1.04
C SER D 958 95.65 -14.50 2.31
N ILE D 959 94.40 -14.93 2.43
CA ILE D 959 93.54 -14.68 3.64
C ILE D 959 94.19 -15.36 4.86
N GLU D 960 94.69 -16.59 4.71
CA GLU D 960 95.28 -17.39 5.83
C GLU D 960 96.64 -16.82 6.20
N THR D 961 97.44 -16.38 5.22
CA THR D 961 98.77 -15.76 5.46
C THR D 961 98.58 -14.44 6.22
N ALA D 962 97.51 -13.70 5.95
CA ALA D 962 97.17 -12.44 6.65
C ALA D 962 96.76 -12.75 8.09
N LEU D 963 95.93 -13.78 8.29
CA LEU D 963 95.43 -14.20 9.63
C LEU D 963 96.61 -14.74 10.47
N GLU D 964 97.51 -15.52 9.88
CA GLU D 964 98.73 -16.01 10.57
C GLU D 964 99.56 -14.80 11.02
N HIS D 965 99.87 -13.87 10.12
CA HIS D 965 100.65 -12.63 10.42
C HIS D 965 99.96 -11.84 11.56
N LYS D 966 98.64 -11.69 11.50
CA LYS D 966 97.80 -11.02 12.51
C LYS D 966 98.03 -11.68 13.89
N VAL D 967 98.01 -13.01 13.95
CA VAL D 967 98.12 -13.81 15.21
C VAL D 967 99.53 -13.66 15.79
N VAL D 968 100.55 -13.79 14.96
CA VAL D 968 101.98 -13.73 15.38
C VAL D 968 102.39 -12.29 15.74
N ASN D 969 101.81 -11.26 15.13
CA ASN D 969 102.31 -9.86 15.26
C ASN D 969 101.30 -8.96 15.97
N GLY D 970 100.05 -9.39 16.18
CA GLY D 970 99.02 -8.63 16.91
C GLY D 970 98.53 -7.41 16.13
N ASN D 971 97.79 -6.53 16.83
CA ASN D 971 97.05 -5.35 16.28
C ASN D 971 98.00 -4.17 16.01
N SER D 972 99.04 -4.01 16.83
CA SER D 972 100.02 -2.88 16.76
C SER D 972 100.80 -2.88 15.43
N ALA D 973 101.01 -4.06 14.83
CA ALA D 973 101.71 -4.25 13.54
C ALA D 973 100.89 -3.67 12.37
N ASP D 974 99.56 -3.76 12.44
CA ASP D 974 98.61 -3.39 11.34
C ASP D 974 97.88 -2.07 11.64
N ALA D 975 97.93 -1.55 12.88
CA ALA D 975 97.28 -0.28 13.29
C ALA D 975 98.01 0.91 12.66
N ALA D 976 99.36 0.91 12.65
CA ALA D 976 100.23 1.94 12.05
C ALA D 976 100.28 1.80 10.52
N TYR D 977 99.95 0.61 9.98
CA TYR D 977 99.88 0.32 8.52
C TYR D 977 98.55 0.82 7.94
N ALA D 978 97.43 0.62 8.65
CA ALA D 978 96.06 1.08 8.27
C ALA D 978 96.03 2.61 8.20
N GLN D 979 95.14 3.16 7.36
CA GLN D 979 95.17 4.60 6.97
C GLN D 979 93.76 5.18 6.85
N VAL D 980 93.64 6.46 7.21
CA VAL D 980 92.33 7.17 7.42
C VAL D 980 91.85 7.71 6.07
N GLU D 981 90.57 7.47 5.76
CA GLU D 981 89.94 7.96 4.53
C GLU D 981 89.11 9.23 4.85
N ILE D 982 89.25 10.25 4.00
CA ILE D 982 88.49 11.53 4.04
C ILE D 982 87.33 11.39 3.04
N GLN D 983 86.08 11.45 3.51
CA GLN D 983 84.86 11.53 2.66
C GLN D 983 84.49 13.00 2.44
N PRO D 984 84.14 13.40 1.19
CA PRO D 984 83.86 14.80 0.89
C PRO D 984 82.58 15.26 1.60
N ARG D 985 82.58 16.48 2.06
CA ARG D 985 81.33 17.18 2.47
C ARG D 985 80.99 18.23 1.39
N ALA D 986 79.72 18.39 1.11
CA ALA D 986 79.19 19.44 0.20
C ALA D 986 79.62 20.80 0.71
N ASN D 987 80.38 21.54 -0.08
CA ASN D 987 80.72 22.94 0.15
C ASN D 987 80.04 23.82 -0.93
N ILE D 988 78.76 24.11 -0.80
CA ILE D 988 77.99 24.84 -1.86
C ILE D 988 78.61 26.21 -2.03
N GLN D 989 78.93 26.58 -3.27
CA GLN D 989 79.53 27.90 -3.59
C GLN D 989 78.49 28.80 -4.25
N LEU D 990 78.69 30.10 -4.12
CA LEU D 990 77.74 31.08 -4.72
C LEU D 990 78.07 31.31 -6.20
N ASP D 991 79.26 30.92 -6.66
CA ASP D 991 79.70 31.03 -8.07
C ASP D 991 79.67 32.50 -8.50
N PHE D 992 80.28 33.36 -7.71
CA PHE D 992 80.59 34.72 -8.12
C PHE D 992 81.50 34.63 -9.32
N PRO D 993 81.42 35.58 -10.27
CA PRO D 993 82.33 35.54 -11.40
C PRO D 993 83.79 35.66 -10.94
N GLU D 994 84.66 35.01 -11.69
CA GLU D 994 86.10 35.04 -11.48
C GLU D 994 86.60 36.35 -12.05
N LEU D 995 87.39 37.03 -11.25
CA LEU D 995 88.01 38.29 -11.64
C LEU D 995 89.47 37.99 -11.99
N LYS D 996 89.82 38.28 -13.21
CA LYS D 996 91.18 38.16 -13.77
C LYS D 996 92.05 39.30 -13.25
N PRO D 997 93.39 39.12 -13.24
CA PRO D 997 94.29 40.26 -13.02
C PRO D 997 94.03 41.35 -14.05
N TYR D 998 94.21 42.60 -13.64
CA TYR D 998 93.95 43.75 -14.53
C TYR D 998 94.59 43.58 -15.90
N LYS D 999 95.83 43.07 -15.96
CA LYS D 999 96.59 42.98 -17.24
C LYS D 999 95.84 42.08 -18.21
N GLN D 1000 95.30 40.97 -17.76
CA GLN D 1000 94.54 40.05 -18.63
C GLN D 1000 93.25 40.74 -19.08
N VAL D 1001 92.56 41.38 -18.16
CA VAL D 1001 91.22 41.94 -18.46
C VAL D 1001 91.42 43.11 -19.42
N LYS D 1002 92.49 43.87 -19.26
CA LYS D 1002 92.83 45.01 -20.15
C LYS D 1002 93.02 44.55 -21.61
N GLN D 1003 93.49 43.33 -21.87
CA GLN D 1003 93.70 42.82 -23.26
C GLN D 1003 92.39 42.49 -23.98
N ILE D 1004 91.25 42.27 -23.30
CA ILE D 1004 90.04 41.79 -24.02
C ILE D 1004 89.36 43.00 -24.67
N ALA D 1005 89.09 44.06 -23.92
CA ALA D 1005 88.47 45.29 -24.48
C ALA D 1005 89.53 46.04 -25.25
N PRO D 1006 89.15 46.87 -26.25
CA PRO D 1006 90.09 47.76 -26.91
C PRO D 1006 90.65 48.84 -25.95
N ALA D 1007 91.88 49.32 -26.18
CA ALA D 1007 92.57 50.27 -25.27
C ALA D 1007 91.78 51.58 -25.16
N GLU D 1008 91.16 51.99 -26.26
CA GLU D 1008 90.39 53.24 -26.39
C GLU D 1008 89.20 53.21 -25.43
N LEU D 1009 88.73 52.03 -25.01
CA LEU D 1009 87.52 51.95 -24.17
C LEU D 1009 87.75 52.68 -22.84
N GLU D 1010 88.97 52.75 -22.33
CA GLU D 1010 89.20 53.34 -21.00
C GLU D 1010 88.74 54.81 -20.99
N GLY D 1011 87.85 55.17 -20.07
CA GLY D 1011 87.33 56.54 -19.93
C GLY D 1011 86.33 56.92 -21.00
N LEU D 1012 85.97 56.02 -21.92
CA LEU D 1012 85.09 56.38 -23.07
C LEU D 1012 83.63 56.28 -22.65
N LEU D 1013 83.30 55.36 -21.75
CA LEU D 1013 81.88 55.07 -21.40
C LEU D 1013 81.43 55.86 -20.18
N ASP D 1014 80.18 56.33 -20.19
CA ASP D 1014 79.52 56.86 -18.98
C ASP D 1014 79.03 55.62 -18.24
N LEU D 1015 79.67 55.26 -17.15
CA LEU D 1015 79.34 54.01 -16.46
C LEU D 1015 78.05 54.11 -15.69
N GLU D 1016 77.49 55.29 -15.54
CA GLU D 1016 76.13 55.44 -15.03
C GLU D 1016 75.15 54.96 -16.08
N ARG D 1017 75.56 54.80 -17.33
CA ARG D 1017 74.63 54.42 -18.41
C ARG D 1017 74.96 53.03 -18.90
N VAL D 1018 75.80 52.31 -18.18
CA VAL D 1018 76.06 50.90 -18.51
C VAL D 1018 75.30 50.12 -17.47
N ILE D 1019 74.45 49.25 -17.92
CA ILE D 1019 73.63 48.47 -17.00
C ILE D 1019 74.26 47.09 -16.83
N VAL D 1020 74.42 46.67 -15.58
CA VAL D 1020 74.96 45.34 -15.30
C VAL D 1020 73.96 44.55 -14.53
N VAL D 1021 74.05 43.24 -14.67
CA VAL D 1021 73.36 42.30 -13.79
C VAL D 1021 74.34 41.97 -12.64
N THR D 1022 73.90 42.16 -11.42
CA THR D 1022 74.69 41.92 -10.20
C THR D 1022 74.23 40.71 -9.46
N GLY D 1023 73.09 40.19 -9.80
CA GLY D 1023 72.60 39.03 -9.09
C GLY D 1023 71.46 38.45 -9.80
N PHE D 1024 71.23 37.18 -9.64
CA PHE D 1024 70.12 36.51 -10.28
C PHE D 1024 69.79 35.28 -9.52
N ALA D 1025 68.58 34.87 -9.65
CA ALA D 1025 68.07 33.69 -9.01
C ALA D 1025 66.84 33.25 -9.73
N GLU D 1026 66.40 32.08 -9.32
CA GLU D 1026 65.18 31.52 -9.81
C GLU D 1026 64.66 30.48 -8.85
N VAL D 1027 63.41 30.22 -9.04
CA VAL D 1027 62.71 29.07 -8.45
C VAL D 1027 62.03 28.40 -9.60
N GLY D 1028 62.40 27.18 -9.91
CA GLY D 1028 61.77 26.48 -11.02
C GLY D 1028 61.78 24.99 -10.82
N PRO D 1029 61.39 24.25 -11.84
CA PRO D 1029 61.29 22.77 -11.78
C PRO D 1029 62.57 22.05 -11.41
N TRP D 1030 63.71 22.68 -11.49
CA TRP D 1030 65.01 22.11 -11.12
C TRP D 1030 65.65 22.87 -9.99
N GLY D 1031 64.84 23.49 -9.15
CA GLY D 1031 65.29 24.15 -7.94
C GLY D 1031 65.71 25.55 -8.20
N SER D 1032 66.89 25.89 -7.81
CA SER D 1032 67.49 27.22 -7.87
C SER D 1032 68.27 27.35 -9.17
N ALA D 1033 68.89 28.50 -9.37
CA ALA D 1033 69.68 28.74 -10.57
C ALA D 1033 70.90 27.78 -10.56
N ARG D 1034 71.41 27.46 -9.39
CA ARG D 1034 72.61 26.60 -9.25
C ARG D 1034 72.27 25.19 -9.66
N THR D 1035 71.16 24.65 -9.16
CA THR D 1035 70.80 23.27 -9.46
C THR D 1035 70.30 23.14 -10.88
N ARG D 1036 69.54 24.12 -11.34
CA ARG D 1036 69.06 24.06 -12.74
C ARG D 1036 70.25 24.12 -13.69
N TRP D 1037 71.23 24.94 -13.42
CA TRP D 1037 72.42 24.97 -14.27
C TRP D 1037 73.18 23.64 -14.29
N GLU D 1038 73.35 22.99 -13.15
CA GLU D 1038 74.02 21.67 -13.15
C GLU D 1038 73.27 20.72 -14.03
N MET D 1039 71.97 20.66 -13.90
CA MET D 1039 71.18 19.77 -14.71
C MET D 1039 71.23 20.18 -16.19
N GLU D 1040 71.17 21.46 -16.49
CA GLU D 1040 71.16 21.93 -17.89
C GLU D 1040 72.52 21.64 -18.52
N ALA D 1041 73.59 22.07 -17.90
CA ALA D 1041 74.94 22.01 -18.48
C ALA D 1041 75.46 20.57 -18.44
N PHE D 1042 75.28 19.85 -17.34
CA PHE D 1042 76.00 18.55 -17.10
C PHE D 1042 75.08 17.36 -17.11
N GLY D 1043 73.78 17.54 -16.97
CA GLY D 1043 72.84 16.44 -16.98
C GLY D 1043 72.85 15.64 -15.68
N GLU D 1044 73.53 16.11 -14.67
CA GLU D 1044 73.59 15.38 -13.38
C GLU D 1044 74.04 16.34 -12.31
N PHE D 1045 73.78 15.99 -11.08
CA PHE D 1045 74.16 16.80 -9.93
C PHE D 1045 75.53 16.40 -9.41
N SER D 1046 76.33 17.40 -9.10
CA SER D 1046 77.51 17.27 -8.21
C SER D 1046 77.01 16.91 -6.79
N LEU D 1047 77.94 16.72 -5.88
CA LEU D 1047 77.59 16.54 -4.46
C LEU D 1047 76.87 17.80 -3.94
N GLU D 1048 77.37 18.97 -4.27
CA GLU D 1048 76.76 20.26 -3.89
C GLU D 1048 75.32 20.36 -4.43
N GLY D 1049 75.09 19.94 -5.67
CA GLY D 1049 73.78 20.01 -6.28
C GLY D 1049 72.82 19.06 -5.65
N CYS D 1050 73.28 17.86 -5.34
CA CYS D 1050 72.44 16.85 -4.67
C CYS D 1050 72.03 17.30 -3.27
N VAL D 1051 72.94 17.78 -2.51
CA VAL D 1051 72.67 18.28 -1.15
C VAL D 1051 71.73 19.48 -1.27
N GLU D 1052 71.96 20.37 -2.22
CA GLU D 1052 71.05 21.55 -2.37
C GLU D 1052 69.68 21.04 -2.69
N MET D 1053 69.55 20.10 -3.60
CA MET D 1053 68.23 19.63 -4.01
C MET D 1053 67.59 18.89 -2.85
N ALA D 1054 68.37 18.14 -2.09
CA ALA D 1054 67.80 17.36 -0.98
C ALA D 1054 67.28 18.35 0.08
N TRP D 1055 68.00 19.40 0.31
CA TRP D 1055 67.57 20.51 1.22
C TRP D 1055 66.33 21.21 0.67
N ILE D 1056 66.35 21.57 -0.60
CA ILE D 1056 65.19 22.27 -1.22
C ILE D 1056 63.97 21.41 -1.06
N MET D 1057 64.10 20.13 -1.34
CA MET D 1057 62.95 19.21 -1.35
C MET D 1057 62.62 18.74 0.04
N GLY D 1058 63.29 19.18 1.07
CA GLY D 1058 62.92 18.80 2.44
C GLY D 1058 63.30 17.34 2.80
N PHE D 1059 64.17 16.71 2.03
CA PHE D 1059 64.62 15.32 2.29
C PHE D 1059 65.54 15.30 3.49
N ILE D 1060 66.43 16.28 3.56
CA ILE D 1060 67.43 16.46 4.62
C ILE D 1060 67.17 17.78 5.31
N SER D 1061 67.51 17.82 6.58
CA SER D 1061 67.44 19.01 7.43
C SER D 1061 68.70 18.99 8.25
N TYR D 1062 69.10 20.14 8.67
CA TYR D 1062 70.30 20.23 9.48
C TYR D 1062 69.95 20.03 10.95
N HIS D 1063 70.90 19.52 11.70
CA HIS D 1063 70.76 19.18 13.14
C HIS D 1063 72.05 19.52 13.83
N ASN D 1064 71.97 20.33 14.85
CA ASN D 1064 73.13 20.62 15.71
C ASN D 1064 72.70 20.43 17.16
N GLY D 1065 73.17 19.38 17.79
CA GLY D 1065 72.88 19.08 19.20
C GLY D 1065 72.92 17.59 19.45
N ASN D 1066 72.34 17.14 20.55
CA ASN D 1066 72.33 15.70 20.93
C ASN D 1066 71.35 14.97 20.00
N LEU D 1067 71.78 13.82 19.53
CA LEU D 1067 70.95 12.94 18.67
C LEU D 1067 71.21 11.50 19.12
N LYS D 1068 70.25 10.92 19.84
CA LYS D 1068 70.31 9.55 20.41
C LYS D 1068 71.58 9.46 21.29
N GLY D 1069 71.71 10.38 22.26
CA GLY D 1069 72.84 10.44 23.20
C GLY D 1069 74.01 11.25 22.65
N ARG D 1070 74.67 10.76 21.60
CA ARG D 1070 75.92 11.36 21.02
C ARG D 1070 75.60 12.75 20.46
N PRO D 1071 76.54 13.72 20.55
CA PRO D 1071 76.33 15.04 19.94
C PRO D 1071 76.59 14.96 18.42
N TYR D 1072 75.67 15.50 17.61
CA TYR D 1072 75.76 15.44 16.12
C TYR D 1072 75.57 16.84 15.55
N THR D 1073 76.42 17.15 14.58
CA THR D 1073 76.34 18.34 13.71
C THR D 1073 76.31 17.84 12.28
N GLY D 1074 75.15 17.93 11.62
CA GLY D 1074 75.08 17.69 10.18
C GLY D 1074 73.68 17.44 9.72
N TRP D 1075 73.60 16.86 8.56
CA TRP D 1075 72.34 16.56 7.92
C TRP D 1075 71.75 15.35 8.61
N VAL D 1076 70.45 15.38 8.73
CA VAL D 1076 69.60 14.22 9.07
C VAL D 1076 68.50 14.11 8.04
N ASP D 1077 67.94 12.93 7.95
CA ASP D 1077 66.71 12.64 7.21
C ASP D 1077 65.60 13.40 7.90
N SER D 1078 64.86 14.19 7.13
CA SER D 1078 63.81 15.08 7.68
C SER D 1078 62.73 14.23 8.37
N LYS D 1079 62.39 13.07 7.82
CA LYS D 1079 61.31 12.19 8.35
C LYS D 1079 61.80 11.47 9.61
N THR D 1080 62.85 10.64 9.47
CA THR D 1080 63.34 9.68 10.49
C THR D 1080 64.25 10.34 11.54
N LYS D 1081 64.94 11.40 11.15
CA LYS D 1081 65.91 12.17 11.96
C LYS D 1081 67.20 11.39 12.13
N GLU D 1082 67.43 10.41 11.28
CA GLU D 1082 68.70 9.66 11.21
C GLU D 1082 69.76 10.50 10.53
N PRO D 1083 70.99 10.52 11.09
CA PRO D 1083 72.11 11.16 10.43
C PRO D 1083 72.31 10.68 8.99
N VAL D 1084 72.70 11.61 8.15
CA VAL D 1084 72.98 11.33 6.72
C VAL D 1084 74.30 12.00 6.45
N ASP D 1085 75.25 11.25 5.93
CA ASP D 1085 76.51 11.84 5.50
C ASP D 1085 76.25 12.43 4.12
N ASP D 1086 76.94 13.51 3.78
CA ASP D 1086 76.86 14.18 2.47
C ASP D 1086 77.11 13.13 1.38
N LYS D 1087 78.14 12.29 1.52
CA LYS D 1087 78.54 11.27 0.50
C LYS D 1087 77.41 10.28 0.23
N ASP D 1088 76.46 10.13 1.17
CA ASP D 1088 75.33 9.17 1.05
C ASP D 1088 74.08 9.84 0.50
N VAL D 1089 74.09 11.17 0.34
CA VAL D 1089 72.86 11.89 -0.10
C VAL D 1089 72.48 11.35 -1.46
N LYS D 1090 73.44 11.24 -2.37
CA LYS D 1090 73.19 10.72 -3.74
C LYS D 1090 72.54 9.35 -3.69
N ALA D 1091 73.15 8.37 -3.01
CA ALA D 1091 72.59 7.00 -3.00
C ALA D 1091 71.23 7.03 -2.33
N LYS D 1092 71.08 7.81 -1.25
CA LYS D 1092 69.84 7.79 -0.49
C LYS D 1092 68.73 8.54 -1.24
N TYR D 1093 69.02 9.67 -1.88
CA TYR D 1093 67.92 10.58 -2.34
C TYR D 1093 67.90 10.85 -3.83
N GLU D 1094 68.98 10.62 -4.56
CA GLU D 1094 69.08 11.13 -5.94
C GLU D 1094 67.93 10.59 -6.78
N THR D 1095 67.57 9.33 -6.64
CA THR D 1095 66.49 8.77 -7.44
C THR D 1095 65.20 9.53 -7.15
N SER D 1096 64.93 9.82 -5.89
CA SER D 1096 63.73 10.56 -5.47
C SER D 1096 63.80 12.00 -6.01
N ILE D 1097 64.95 12.62 -5.91
CA ILE D 1097 65.16 14.01 -6.38
C ILE D 1097 64.79 14.07 -7.86
N LEU D 1098 65.34 13.14 -8.66
CA LEU D 1098 65.14 13.14 -10.11
C LEU D 1098 63.73 12.78 -10.48
N GLU D 1099 63.06 11.93 -9.72
CA GLU D 1099 61.67 11.58 -10.01
C GLU D 1099 60.71 12.75 -9.69
N HIS D 1100 61.04 13.60 -8.70
CA HIS D 1100 60.11 14.63 -8.21
C HIS D 1100 60.62 16.03 -8.54
N SER D 1101 61.41 16.15 -9.60
CA SER D 1101 61.92 17.41 -10.15
C SER D 1101 61.65 17.44 -11.63
N GLY D 1102 61.70 18.63 -12.20
CA GLY D 1102 61.58 18.79 -13.63
C GLY D 1102 60.22 18.52 -14.18
N ILE D 1103 60.17 18.23 -15.45
CA ILE D 1103 58.93 18.00 -16.18
C ILE D 1103 58.49 16.56 -15.85
N ARG D 1104 57.30 16.42 -15.35
CA ARG D 1104 56.84 15.15 -14.76
C ARG D 1104 55.35 15.15 -14.68
N LEU D 1105 54.76 14.00 -14.40
CA LEU D 1105 53.32 13.94 -14.22
C LEU D 1105 52.88 14.95 -13.14
N ILE D 1106 51.75 15.55 -13.40
CA ILE D 1106 51.22 16.56 -12.45
C ILE D 1106 50.96 15.85 -11.15
N GLU D 1107 51.46 16.42 -10.08
CA GLU D 1107 51.24 15.89 -8.71
C GLU D 1107 50.08 16.66 -8.07
N PRO D 1108 48.92 16.03 -7.83
CA PRO D 1108 47.75 16.73 -7.30
C PRO D 1108 47.98 17.46 -5.97
N GLU D 1109 48.85 16.93 -5.14
CA GLU D 1109 49.19 17.51 -3.81
C GLU D 1109 49.87 18.89 -3.99
N LEU D 1110 50.43 19.19 -5.16
CA LEU D 1110 51.10 20.51 -5.35
C LEU D 1110 50.09 21.53 -5.84
N PHE D 1111 48.91 21.09 -6.30
CA PHE D 1111 47.94 21.96 -7.00
C PHE D 1111 46.57 21.79 -6.38
N ASN D 1112 46.51 21.75 -5.05
CA ASN D 1112 45.22 21.71 -4.30
C ASN D 1112 44.33 20.58 -4.78
N GLY D 1113 44.93 19.40 -5.01
CA GLY D 1113 44.24 18.17 -5.40
C GLY D 1113 43.80 18.15 -6.84
N TYR D 1114 44.18 19.14 -7.65
CA TYR D 1114 43.95 19.07 -9.10
C TYR D 1114 44.50 17.76 -9.68
N ASN D 1115 43.65 17.07 -10.39
CA ASN D 1115 43.94 15.78 -11.03
C ASN D 1115 43.41 15.91 -12.43
N PRO D 1116 44.29 16.09 -13.43
CA PRO D 1116 43.84 16.25 -14.79
C PRO D 1116 43.05 15.02 -15.28
N GLU D 1117 43.28 13.86 -14.67
CA GLU D 1117 42.58 12.63 -15.09
C GLU D 1117 41.13 12.70 -14.60
N LYS D 1118 40.84 13.58 -13.67
CA LYS D 1118 39.52 13.71 -13.04
C LYS D 1118 39.26 15.17 -12.71
N LYS D 1119 38.96 15.89 -13.76
CA LYS D 1119 38.66 17.32 -13.68
C LYS D 1119 37.18 17.52 -13.28
N GLU D 1120 36.95 18.29 -12.22
CA GLU D 1120 35.62 18.51 -11.61
C GLU D 1120 34.90 19.63 -12.34
N MET D 1121 33.80 19.32 -13.02
CA MET D 1121 32.82 20.27 -13.56
C MET D 1121 31.45 20.05 -12.91
N ILE D 1122 30.50 20.92 -13.21
CA ILE D 1122 29.12 20.77 -12.67
C ILE D 1122 28.22 20.94 -13.85
N GLN D 1123 27.13 20.21 -13.80
CA GLN D 1123 26.14 20.20 -14.85
C GLN D 1123 24.82 20.64 -14.23
N GLU D 1124 24.18 21.61 -14.85
CA GLU D 1124 22.87 22.15 -14.44
C GLU D 1124 21.85 21.08 -14.80
N VAL D 1125 21.03 20.65 -13.87
CA VAL D 1125 19.90 19.71 -14.17
C VAL D 1125 18.60 20.23 -13.56
N ILE D 1126 17.53 20.19 -14.34
CA ILE D 1126 16.18 20.49 -13.82
C ILE D 1126 15.69 19.26 -13.05
N VAL D 1127 15.51 19.41 -11.74
CA VAL D 1127 14.81 18.45 -10.83
C VAL D 1127 13.51 17.99 -11.52
N GLU D 1128 13.31 16.70 -11.75
CA GLU D 1128 12.05 16.18 -12.38
C GLU D 1128 11.05 15.85 -11.27
N GLU D 1129 11.55 15.53 -10.07
CA GLU D 1129 10.71 15.20 -8.89
C GLU D 1129 11.26 15.84 -7.63
N ASP D 1130 10.38 16.24 -6.71
CA ASP D 1130 10.75 16.93 -5.46
C ASP D 1130 11.82 16.11 -4.74
N LEU D 1131 12.79 16.80 -4.15
CA LEU D 1131 13.87 16.14 -3.39
C LEU D 1131 13.35 15.86 -1.99
N GLU D 1132 13.97 14.89 -1.32
CA GLU D 1132 13.82 14.68 0.12
C GLU D 1132 14.19 16.00 0.79
N PRO D 1133 13.33 16.56 1.67
CA PRO D 1133 13.72 17.69 2.50
C PRO D 1133 15.05 17.48 3.20
N PHE D 1134 15.79 18.57 3.40
CA PHE D 1134 17.03 18.58 4.21
C PHE D 1134 16.96 19.80 5.11
N GLU D 1135 17.73 19.78 6.17
CA GLU D 1135 17.73 20.80 7.24
C GLU D 1135 18.79 21.82 6.86
N ALA D 1136 18.51 23.09 7.12
CA ALA D 1136 19.43 24.22 6.93
C ALA D 1136 19.09 25.24 8.00
N SER D 1137 20.03 26.11 8.33
CA SER D 1137 19.78 27.31 9.16
C SER D 1137 18.74 28.18 8.48
N LYS D 1138 18.14 29.08 9.24
CA LYS D 1138 17.16 30.06 8.74
C LYS D 1138 17.82 30.88 7.62
N GLU D 1139 19.02 31.40 7.88
CA GLU D 1139 19.80 32.25 6.95
C GLU D 1139 19.91 31.53 5.60
N THR D 1140 20.45 30.32 5.61
CA THR D 1140 20.70 29.52 4.38
C THR D 1140 19.37 29.22 3.71
N ALA D 1141 18.36 28.84 4.49
CA ALA D 1141 17.04 28.48 3.93
C ALA D 1141 16.51 29.68 3.18
N GLU D 1142 16.61 30.85 3.77
CA GLU D 1142 16.13 32.08 3.07
C GLU D 1142 16.93 32.38 1.79
N GLN D 1143 18.20 32.01 1.75
CA GLN D 1143 19.03 32.19 0.51
C GLN D 1143 18.56 31.19 -0.52
N PHE D 1144 18.16 29.98 -0.11
CA PHE D 1144 17.58 29.01 -1.08
C PHE D 1144 16.28 29.51 -1.62
N LYS D 1145 15.49 30.11 -0.74
CA LYS D 1145 14.16 30.61 -1.15
C LYS D 1145 14.32 31.80 -2.08
N HIS D 1146 15.18 32.72 -1.72
CA HIS D 1146 15.52 33.85 -2.62
C HIS D 1146 15.90 33.35 -4.00
N GLN D 1147 16.72 32.29 -4.11
CA GLN D 1147 17.13 31.80 -5.44
C GLN D 1147 16.00 31.12 -6.19
N HIS D 1148 15.31 30.20 -5.54
CA HIS D 1148 14.41 29.28 -6.27
C HIS D 1148 12.97 29.81 -6.30
N GLY D 1149 12.58 30.69 -5.37
CA GLY D 1149 11.22 31.27 -5.34
C GLY D 1149 10.19 30.15 -5.16
N ASP D 1150 9.33 29.94 -6.15
CA ASP D 1150 8.24 28.93 -6.00
C ASP D 1150 8.80 27.50 -6.10
N LYS D 1151 10.04 27.30 -6.57
CA LYS D 1151 10.59 25.93 -6.77
C LYS D 1151 11.21 25.44 -5.48
N VAL D 1152 10.97 26.09 -4.36
CA VAL D 1152 11.47 25.58 -3.07
C VAL D 1152 10.46 25.98 -2.00
N ASP D 1153 10.37 25.14 -0.98
CA ASP D 1153 9.58 25.41 0.22
C ASP D 1153 10.48 25.24 1.39
N ILE D 1154 10.38 26.20 2.27
CA ILE D 1154 11.15 26.24 3.50
C ILE D 1154 10.14 26.44 4.62
N PHE D 1155 10.39 25.78 5.74
CA PHE D 1155 9.46 25.77 6.90
C PHE D 1155 10.31 25.74 8.14
N GLU D 1156 10.06 26.64 9.06
CA GLU D 1156 10.68 26.57 10.40
C GLU D 1156 10.29 25.21 11.01
N ILE D 1157 11.24 24.56 11.64
CA ILE D 1157 11.04 23.41 12.56
C ILE D 1157 10.99 24.02 13.95
N PRO D 1158 9.80 24.15 14.59
CA PRO D 1158 9.64 25.04 15.76
C PRO D 1158 10.53 24.66 16.95
N GLU D 1159 10.78 23.35 17.12
CA GLU D 1159 11.57 22.77 18.25
C GLU D 1159 12.98 23.35 18.24
N THR D 1160 13.67 23.23 17.10
CA THR D 1160 15.14 23.47 16.95
C THR D 1160 15.43 24.88 16.42
N GLY D 1161 14.47 25.52 15.73
CA GLY D 1161 14.67 26.82 15.05
C GLY D 1161 15.37 26.70 13.70
N GLU D 1162 15.80 25.49 13.32
CA GLU D 1162 16.31 25.16 11.96
C GLU D 1162 15.13 25.16 10.99
N TYR D 1163 15.44 25.02 9.70
CA TYR D 1163 14.45 25.09 8.61
C TYR D 1163 14.56 23.84 7.77
N SER D 1164 13.44 23.37 7.27
CA SER D 1164 13.43 22.27 6.30
C SER D 1164 13.53 22.98 4.97
N VAL D 1165 14.26 22.40 4.04
CA VAL D 1165 14.35 22.94 2.69
C VAL D 1165 13.89 21.86 1.76
N LYS D 1166 12.94 22.18 0.94
CA LYS D 1166 12.29 21.20 0.08
C LYS D 1166 12.33 21.77 -1.30
N LEU D 1167 13.27 21.25 -2.10
CA LEU D 1167 13.42 21.61 -3.52
C LEU D 1167 12.34 20.88 -4.29
N LEU D 1168 11.61 21.59 -5.12
CA LEU D 1168 10.44 21.05 -5.84
C LEU D 1168 10.81 20.81 -7.29
N LYS D 1169 10.05 19.95 -7.93
CA LYS D 1169 10.02 19.73 -9.40
C LYS D 1169 10.22 21.06 -10.08
N GLY D 1170 11.09 21.10 -11.09
CA GLY D 1170 11.36 22.31 -11.90
C GLY D 1170 12.51 23.15 -11.36
N ALA D 1171 12.93 22.97 -10.10
CA ALA D 1171 14.12 23.62 -9.52
C ALA D 1171 15.41 23.17 -10.27
N THR D 1172 16.39 24.06 -10.30
CA THR D 1172 17.72 23.89 -10.93
C THR D 1172 18.67 23.40 -9.87
N LEU D 1173 19.40 22.34 -10.16
CA LEU D 1173 20.45 21.77 -9.30
C LEU D 1173 21.73 21.75 -10.16
N TYR D 1174 22.84 21.54 -9.53
CA TYR D 1174 24.10 21.28 -10.25
C TYR D 1174 24.66 19.97 -9.71
N ILE D 1175 25.01 19.11 -10.64
CA ILE D 1175 25.53 17.77 -10.30
C ILE D 1175 26.95 17.69 -10.79
N PRO D 1176 27.89 17.46 -9.90
CA PRO D 1176 29.27 17.31 -10.25
C PRO D 1176 29.46 16.19 -11.27
N LYS D 1177 30.35 16.43 -12.19
CA LYS D 1177 30.77 15.45 -13.21
C LYS D 1177 32.27 15.66 -13.41
N ALA D 1178 32.94 14.65 -13.94
CA ALA D 1178 34.42 14.62 -14.03
C ALA D 1178 34.72 14.43 -15.49
N LEU D 1179 35.74 15.13 -15.95
CA LEU D 1179 36.24 15.12 -17.33
C LEU D 1179 37.67 14.59 -17.25
N ARG D 1180 38.07 13.75 -18.17
CA ARG D 1180 39.47 13.31 -18.36
C ARG D 1180 40.15 14.35 -19.25
N PHE D 1181 41.11 15.07 -18.73
CA PHE D 1181 41.84 16.05 -19.56
C PHE D 1181 43.16 15.38 -20.01
N ASP D 1182 43.67 15.78 -21.15
CA ASP D 1182 44.80 15.09 -21.83
C ASP D 1182 46.12 15.86 -21.64
N ARG D 1183 46.21 16.85 -20.76
CA ARG D 1183 47.51 17.44 -20.37
C ARG D 1183 47.82 16.97 -18.96
N LEU D 1184 48.73 16.04 -18.85
CA LEU D 1184 48.97 15.29 -17.61
C LEU D 1184 50.30 15.65 -17.02
N VAL D 1185 51.08 16.43 -17.72
CA VAL D 1185 52.50 16.64 -17.37
C VAL D 1185 52.77 18.17 -17.29
N ALA D 1186 53.67 18.56 -16.40
CA ALA D 1186 54.09 19.97 -16.27
C ALA D 1186 55.45 20.02 -15.61
N GLY D 1187 56.11 21.11 -15.86
CA GLY D 1187 57.34 21.48 -15.17
C GLY D 1187 56.96 22.01 -13.82
N GLN D 1188 57.17 21.26 -12.79
CA GLN D 1188 56.65 21.64 -11.46
C GLN D 1188 57.82 21.89 -10.60
N ILE D 1189 57.68 22.82 -9.71
CA ILE D 1189 58.74 23.04 -8.69
C ILE D 1189 58.93 21.72 -7.93
N PRO D 1190 60.15 21.35 -7.52
CA PRO D 1190 60.43 20.03 -6.95
C PRO D 1190 59.49 19.75 -5.78
N THR D 1191 58.96 18.55 -5.75
CA THR D 1191 58.08 18.10 -4.64
C THR D 1191 58.80 18.27 -3.32
N GLY D 1192 58.22 19.03 -2.43
CA GLY D 1192 58.75 19.28 -1.10
C GLY D 1192 59.28 20.65 -0.93
N TRP D 1193 59.46 21.40 -2.03
CA TRP D 1193 59.77 22.82 -1.95
C TRP D 1193 58.78 23.45 -0.98
N ASN D 1194 59.29 24.28 -0.13
CA ASN D 1194 58.45 24.89 0.91
C ASN D 1194 59.10 26.19 1.23
N ALA D 1195 58.30 27.24 1.22
CA ALA D 1195 58.81 28.58 1.49
C ALA D 1195 59.35 28.65 2.91
N LYS D 1196 58.82 27.84 3.81
CA LYS D 1196 59.35 27.84 5.19
C LYS D 1196 60.80 27.39 5.23
N THR D 1197 61.24 26.55 4.30
CA THR D 1197 62.65 26.09 4.25
C THR D 1197 63.54 27.30 4.07
N TYR D 1198 63.05 28.31 3.32
CA TYR D 1198 63.81 29.53 3.07
C TYR D 1198 63.67 30.52 4.22
N GLY D 1199 62.73 30.33 5.11
CA GLY D 1199 62.58 31.28 6.21
C GLY D 1199 61.26 32.06 6.16
N ILE D 1200 60.40 31.81 5.20
CA ILE D 1200 59.17 32.63 5.10
C ILE D 1200 58.20 32.13 6.15
N SER D 1201 57.65 33.05 6.92
CA SER D 1201 56.75 32.74 8.05
C SER D 1201 55.42 32.22 7.55
N ASP D 1202 54.72 31.47 8.41
CA ASP D 1202 53.38 30.92 8.10
C ASP D 1202 52.34 32.03 7.88
N ASP D 1203 52.47 33.15 8.56
CA ASP D 1203 51.56 34.29 8.35
C ASP D 1203 51.63 34.79 6.89
N ILE D 1204 52.83 34.86 6.32
CA ILE D 1204 53.02 35.30 4.92
C ILE D 1204 52.47 34.24 4.00
N ILE D 1205 52.82 32.99 4.27
CA ILE D 1205 52.38 31.87 3.44
C ILE D 1205 50.88 31.86 3.39
N SER D 1206 50.22 32.10 4.50
CA SER D 1206 48.74 32.01 4.54
C SER D 1206 48.12 33.22 3.82
N GLN D 1207 48.78 34.36 3.84
CA GLN D 1207 48.24 35.59 3.22
C GLN D 1207 48.38 35.54 1.68
N VAL D 1208 49.53 35.16 1.16
CA VAL D 1208 49.87 35.50 -0.27
C VAL D 1208 49.51 34.34 -1.18
N ASP D 1209 49.33 34.64 -2.45
CA ASP D 1209 49.25 33.61 -3.51
C ASP D 1209 50.59 32.88 -3.55
N PRO D 1210 50.61 31.57 -3.86
CA PRO D 1210 51.88 30.85 -3.99
C PRO D 1210 52.91 31.50 -4.93
N ILE D 1211 52.46 32.16 -5.98
CA ILE D 1211 53.41 32.82 -6.90
C ILE D 1211 54.27 33.79 -6.10
N THR D 1212 53.68 34.48 -5.13
CA THR D 1212 54.36 35.48 -4.35
C THR D 1212 55.50 34.84 -3.56
N LEU D 1213 55.34 33.63 -3.13
CA LEU D 1213 56.43 32.93 -2.41
C LEU D 1213 57.58 32.60 -3.36
N PHE D 1214 57.27 32.24 -4.59
CA PHE D 1214 58.37 32.01 -5.55
C PHE D 1214 59.17 33.28 -5.75
N VAL D 1215 58.47 34.39 -5.87
CA VAL D 1215 59.13 35.70 -6.05
C VAL D 1215 59.91 36.05 -4.84
N LEU D 1216 59.31 35.95 -3.66
CA LEU D 1216 60.05 36.40 -2.46
C LEU D 1216 61.35 35.59 -2.35
N VAL D 1217 61.27 34.29 -2.55
CA VAL D 1217 62.52 33.47 -2.54
C VAL D 1217 63.49 33.89 -3.63
N SER D 1218 63.04 34.06 -4.85
CA SER D 1218 63.92 34.47 -5.93
C SER D 1218 64.60 35.79 -5.66
N VAL D 1219 63.86 36.73 -5.09
CA VAL D 1219 64.43 38.05 -4.80
C VAL D 1219 65.48 37.94 -3.72
N VAL D 1220 65.24 37.21 -2.66
CA VAL D 1220 66.30 37.18 -1.64
C VAL D 1220 67.49 36.46 -2.22
N GLU D 1221 67.26 35.38 -2.94
CA GLU D 1221 68.37 34.66 -3.56
C GLU D 1221 69.10 35.51 -4.57
N ALA D 1222 68.42 36.39 -5.33
CA ALA D 1222 69.13 37.27 -6.28
C ALA D 1222 70.00 38.23 -5.51
N PHE D 1223 69.51 38.79 -4.44
CA PHE D 1223 70.31 39.68 -3.57
C PHE D 1223 71.51 38.94 -3.00
N ILE D 1224 71.36 37.69 -2.60
CA ILE D 1224 72.51 36.91 -2.11
C ILE D 1224 73.52 36.71 -3.24
N ALA D 1225 73.06 36.40 -4.44
CA ALA D 1225 73.93 36.28 -5.61
C ALA D 1225 74.63 37.59 -5.96
N SER D 1226 74.09 38.73 -5.49
CA SER D 1226 74.68 40.06 -5.58
C SER D 1226 75.53 40.36 -4.36
N GLY D 1227 75.66 39.42 -3.42
CA GLY D 1227 76.35 39.66 -2.15
C GLY D 1227 75.68 40.70 -1.27
N ILE D 1228 74.42 40.99 -1.48
CA ILE D 1228 73.66 41.93 -0.63
C ILE D 1228 72.79 41.06 0.26
N THR D 1229 73.17 40.94 1.50
CA THR D 1229 72.43 40.06 2.42
C THR D 1229 71.42 40.90 3.21
N ASP D 1230 71.69 42.18 3.39
CA ASP D 1230 70.74 43.14 3.97
C ASP D 1230 70.40 44.13 2.87
N PRO D 1231 69.22 44.08 2.27
CA PRO D 1231 68.88 45.01 1.20
C PRO D 1231 69.03 46.47 1.61
N TYR D 1232 68.95 46.78 2.91
CA TYR D 1232 69.04 48.17 3.36
C TYR D 1232 70.42 48.73 3.15
N GLU D 1233 71.40 47.88 2.84
CA GLU D 1233 72.75 48.34 2.49
C GLU D 1233 72.74 49.18 1.22
N MET D 1234 71.82 48.93 0.32
CA MET D 1234 71.68 49.76 -0.88
C MET D 1234 71.54 51.22 -0.46
N TYR D 1235 70.84 51.48 0.64
CA TYR D 1235 70.56 52.86 1.07
C TYR D 1235 71.78 53.52 1.71
N LYS D 1236 72.92 52.86 1.78
CA LYS D 1236 74.21 53.53 2.07
C LYS D 1236 74.74 54.23 0.84
N TYR D 1237 74.27 53.82 -0.33
CA TYR D 1237 74.77 54.26 -1.62
C TYR D 1237 73.74 55.04 -2.40
N VAL D 1238 72.46 54.71 -2.27
CA VAL D 1238 71.45 55.42 -3.10
C VAL D 1238 70.34 55.92 -2.20
N HIS D 1239 69.58 56.85 -2.72
CA HIS D 1239 68.35 57.30 -2.06
C HIS D 1239 67.30 56.17 -2.09
N VAL D 1240 66.38 56.13 -1.15
CA VAL D 1240 65.20 55.23 -1.19
C VAL D 1240 64.34 55.41 -2.44
N SER D 1241 64.46 56.52 -3.13
CA SER D 1241 63.71 56.76 -4.36
C SER D 1241 64.36 56.05 -5.56
N GLU D 1242 65.50 55.41 -5.39
CA GLU D 1242 66.39 55.03 -6.51
C GLU D 1242 66.51 53.52 -6.63
N VAL D 1243 65.74 52.77 -5.91
CA VAL D 1243 65.64 51.32 -6.02
C VAL D 1243 64.26 50.95 -6.55
N GLY D 1244 64.23 50.38 -7.74
CA GLY D 1244 63.00 50.08 -8.46
C GLY D 1244 62.69 48.62 -8.51
N ASN D 1245 61.42 48.34 -8.77
CA ASN D 1245 60.99 46.98 -9.08
C ASN D 1245 60.28 47.04 -10.41
N CYS D 1246 60.83 46.39 -11.44
CA CYS D 1246 60.18 46.36 -12.77
C CYS D 1246 59.82 44.92 -13.16
N SER D 1247 59.73 44.01 -12.20
CA SER D 1247 59.41 42.61 -12.49
C SER D 1247 57.93 42.48 -12.70
N GLY D 1248 57.55 41.46 -13.43
CA GLY D 1248 56.15 41.23 -13.70
C GLY D 1248 55.74 39.82 -13.90
N SER D 1249 54.55 39.68 -14.39
CA SER D 1249 53.92 38.36 -14.55
C SER D 1249 53.01 38.41 -15.74
N GLY D 1250 52.73 37.28 -16.35
CA GLY D 1250 51.73 37.21 -17.43
C GLY D 1250 50.34 37.14 -16.88
N MET D 1251 50.15 36.46 -15.77
CA MET D 1251 48.81 36.16 -15.25
C MET D 1251 48.67 36.43 -13.75
N GLY D 1252 49.73 36.58 -13.02
CA GLY D 1252 49.59 36.92 -11.60
C GLY D 1252 49.06 35.77 -10.76
N GLY D 1253 48.40 36.14 -9.67
CA GLY D 1253 48.00 35.23 -8.58
C GLY D 1253 46.78 34.47 -8.99
N VAL D 1254 46.98 33.46 -9.82
CA VAL D 1254 45.88 32.70 -10.43
C VAL D 1254 45.20 31.84 -9.37
N SER D 1255 45.86 31.51 -8.27
CA SER D 1255 45.19 30.79 -7.17
C SER D 1255 44.20 31.75 -6.50
N ALA D 1256 44.52 33.03 -6.42
CA ALA D 1256 43.62 34.06 -5.85
C ALA D 1256 42.48 34.26 -6.82
N LEU D 1257 42.71 34.22 -8.12
CA LEU D 1257 41.61 34.33 -9.08
C LEU D 1257 40.66 33.16 -8.91
N ARG D 1258 41.19 31.97 -8.72
CA ARG D 1258 40.33 30.80 -8.50
C ARG D 1258 39.47 31.05 -7.26
N GLY D 1259 40.06 31.52 -6.18
CA GLY D 1259 39.41 31.92 -4.94
C GLY D 1259 38.20 32.78 -5.23
N MET D 1260 38.39 33.85 -5.99
CA MET D 1260 37.29 34.82 -6.17
C MET D 1260 36.29 34.39 -7.22
N PHE D 1261 36.68 33.63 -8.24
CA PHE D 1261 35.74 33.23 -9.29
C PHE D 1261 35.08 31.90 -9.00
N LYS D 1262 35.69 31.03 -8.24
CA LYS D 1262 35.17 29.66 -8.11
C LYS D 1262 34.92 29.33 -6.68
N ASP D 1263 35.88 29.50 -5.81
CA ASP D 1263 35.74 29.15 -4.42
C ASP D 1263 34.63 30.02 -3.79
N ARG D 1264 34.58 31.29 -4.13
CA ARG D 1264 33.57 32.20 -3.55
C ARG D 1264 32.18 31.77 -4.04
N PHE D 1265 32.07 31.36 -5.29
CA PHE D 1265 30.81 30.95 -5.92
C PHE D 1265 30.25 29.68 -5.23
N LYS D 1266 31.13 28.80 -4.73
CA LYS D 1266 30.79 27.56 -4.02
C LYS D 1266 30.73 27.82 -2.54
N ASP D 1267 30.72 29.09 -2.14
CA ASP D 1267 30.59 29.53 -0.75
C ASP D 1267 31.64 28.83 0.10
N GLU D 1268 32.82 28.58 -0.47
CA GLU D 1268 33.96 28.02 0.29
C GLU D 1268 34.62 29.15 1.08
N PRO D 1269 35.33 28.84 2.19
CA PRO D 1269 36.06 29.88 2.94
C PRO D 1269 37.19 30.41 2.03
N VAL D 1270 37.16 31.71 1.80
CA VAL D 1270 38.20 32.48 1.03
C VAL D 1270 38.48 33.73 1.84
N GLN D 1271 39.74 34.07 2.04
CA GLN D 1271 40.15 35.27 2.78
C GLN D 1271 39.47 36.49 2.12
N ASN D 1272 39.11 37.46 2.93
CA ASN D 1272 38.30 38.62 2.47
C ASN D 1272 39.11 39.49 1.50
N ASP D 1273 40.43 39.45 1.61
CA ASP D 1273 41.29 40.26 0.72
C ASP D 1273 41.93 39.40 -0.37
N ILE D 1274 41.23 38.39 -0.85
CA ILE D 1274 41.76 37.53 -1.93
C ILE D 1274 42.06 38.36 -3.19
N LEU D 1275 41.25 39.35 -3.51
CA LEU D 1275 41.40 40.09 -4.77
C LEU D 1275 42.80 40.70 -4.88
N GLN D 1276 43.26 41.30 -3.82
CA GLN D 1276 44.56 42.00 -3.80
C GLN D 1276 45.70 41.02 -4.11
N GLU D 1277 45.54 39.76 -3.72
CA GLU D 1277 46.61 38.76 -3.88
C GLU D 1277 46.61 38.27 -5.30
N SER D 1278 45.58 38.55 -6.08
CA SER D 1278 45.54 38.17 -7.49
C SER D 1278 46.35 39.14 -8.34
N PHE D 1279 46.44 40.40 -7.96
CA PHE D 1279 46.95 41.44 -8.88
C PHE D 1279 48.39 41.15 -9.26
N ILE D 1280 48.69 41.40 -10.52
CA ILE D 1280 50.05 41.12 -11.07
C ILE D 1280 51.07 41.94 -10.32
N ASN D 1281 50.68 43.11 -9.84
CA ASN D 1281 51.62 43.97 -9.11
C ASN D 1281 51.69 43.71 -7.63
N THR D 1282 50.91 42.80 -7.11
CA THR D 1282 50.93 42.53 -5.66
C THR D 1282 52.21 41.82 -5.30
N MET D 1283 52.78 40.98 -6.18
CA MET D 1283 54.05 40.29 -5.82
C MET D 1283 55.13 41.30 -5.53
N SER D 1284 55.25 42.33 -6.36
CA SER D 1284 56.23 43.42 -6.17
C SER D 1284 55.91 44.23 -4.92
N ALA D 1285 54.64 44.41 -4.63
CA ALA D 1285 54.25 45.11 -3.42
C ALA D 1285 54.76 44.29 -2.21
N TRP D 1286 54.51 42.99 -2.18
CA TRP D 1286 55.02 42.19 -1.04
C TRP D 1286 56.52 42.22 -0.89
N VAL D 1287 57.24 42.20 -2.00
CA VAL D 1287 58.70 42.33 -2.00
C VAL D 1287 59.10 43.62 -1.32
N ASN D 1288 58.43 44.69 -1.67
CA ASN D 1288 58.77 45.99 -1.11
C ASN D 1288 58.39 46.04 0.36
N MET D 1289 57.28 45.45 0.69
CA MET D 1289 56.68 45.50 2.04
C MET D 1289 57.42 44.61 3.00
N LEU D 1290 58.02 43.53 2.52
CA LEU D 1290 58.71 42.51 3.37
C LEU D 1290 60.20 42.65 3.38
N LEU D 1291 60.81 43.24 2.37
CA LEU D 1291 62.26 43.16 2.17
C LEU D 1291 62.87 44.48 1.86
N ILE D 1292 62.36 45.21 0.90
CA ILE D 1292 63.20 46.27 0.30
C ILE D 1292 62.91 47.62 0.93
N SER D 1293 61.65 47.95 1.13
CA SER D 1293 61.21 49.26 1.68
C SER D 1293 61.67 50.44 0.84
N SER D 1294 61.71 50.32 -0.46
CA SER D 1294 62.07 51.46 -1.28
C SER D 1294 60.85 52.36 -1.51
N SER D 1295 61.16 53.50 -2.02
CA SER D 1295 60.19 54.43 -2.57
C SER D 1295 60.54 54.72 -3.99
N GLY D 1296 61.05 53.72 -4.67
CA GLY D 1296 61.52 53.85 -6.02
C GLY D 1296 60.45 53.45 -6.99
N PRO D 1297 60.81 53.49 -8.27
CA PRO D 1297 59.88 53.19 -9.32
C PRO D 1297 59.31 51.78 -9.16
N ILE D 1298 58.12 51.67 -9.62
CA ILE D 1298 57.42 50.37 -9.59
C ILE D 1298 56.66 50.32 -10.91
N LYS D 1299 57.19 49.59 -11.86
CA LYS D 1299 56.58 49.50 -13.19
C LYS D 1299 56.43 48.02 -13.43
N THR D 1300 55.24 47.51 -13.31
CA THR D 1300 54.97 46.09 -13.38
C THR D 1300 54.50 45.78 -14.79
N PRO D 1301 55.30 45.10 -15.61
CA PRO D 1301 54.87 44.67 -16.92
C PRO D 1301 54.07 43.38 -16.90
N VAL D 1302 53.23 43.30 -17.91
CA VAL D 1302 52.51 42.08 -18.25
C VAL D 1302 52.79 41.83 -19.72
N GLY D 1303 53.44 40.75 -20.02
CA GLY D 1303 53.87 40.48 -21.38
C GLY D 1303 53.75 39.05 -21.73
N ALA D 1304 52.81 38.33 -21.14
CA ALA D 1304 52.68 36.89 -21.34
C ALA D 1304 54.09 36.27 -21.28
N CYS D 1305 54.45 35.49 -22.28
CA CYS D 1305 55.69 34.70 -22.31
C CYS D 1305 56.91 35.60 -22.42
N ALA D 1306 56.76 36.87 -22.79
CA ALA D 1306 57.86 37.81 -22.93
C ALA D 1306 57.95 38.79 -21.77
N THR D 1307 57.27 38.54 -20.69
CA THR D 1307 57.25 39.45 -19.54
C THR D 1307 58.64 39.77 -19.02
N SER D 1308 59.50 38.77 -18.94
CA SER D 1308 60.81 38.91 -18.28
C SER D 1308 61.71 39.78 -19.14
N VAL D 1309 61.60 39.69 -20.44
CA VAL D 1309 62.37 40.59 -21.32
C VAL D 1309 61.78 42.00 -21.31
N GLU D 1310 60.50 42.14 -21.37
CA GLU D 1310 59.87 43.46 -21.15
C GLU D 1310 60.31 44.07 -19.82
N SER D 1311 60.42 43.27 -18.78
CA SER D 1311 60.90 43.71 -17.45
C SER D 1311 62.27 44.33 -17.56
N VAL D 1312 63.17 43.63 -18.25
CA VAL D 1312 64.54 44.10 -18.39
C VAL D 1312 64.52 45.38 -19.19
N ASP D 1313 63.79 45.42 -20.29
CA ASP D 1313 63.72 46.67 -21.08
C ASP D 1313 63.22 47.85 -20.19
N ILE D 1314 62.19 47.65 -19.40
CA ILE D 1314 61.67 48.70 -18.48
C ILE D 1314 62.72 49.04 -17.46
N GLY D 1315 63.37 48.04 -16.84
CA GLY D 1315 64.39 48.30 -15.82
C GLY D 1315 65.54 49.10 -16.39
N VAL D 1316 66.00 48.69 -17.54
CA VAL D 1316 67.07 49.42 -18.22
C VAL D 1316 66.65 50.85 -18.41
N GLU D 1317 65.52 51.07 -19.04
CA GLU D 1317 65.09 52.46 -19.32
C GLU D 1317 64.86 53.26 -18.03
N THR D 1318 64.40 52.64 -16.98
CA THR D 1318 64.19 53.29 -15.69
C THR D 1318 65.54 53.77 -15.16
N ILE D 1319 66.57 52.93 -15.29
CA ILE D 1319 67.90 53.31 -14.81
C ILE D 1319 68.47 54.36 -15.74
N LEU D 1320 68.35 54.22 -17.04
CA LEU D 1320 68.93 55.24 -17.96
C LEU D 1320 68.22 56.58 -17.85
N SER D 1321 66.98 56.64 -17.45
CA SER D 1321 66.19 57.89 -17.26
C SER D 1321 66.60 58.59 -15.98
N GLY D 1322 67.33 57.94 -15.09
CA GLY D 1322 67.76 58.51 -13.81
C GLY D 1322 66.76 58.31 -12.72
N LYS D 1323 65.72 57.52 -12.95
CA LYS D 1323 64.66 57.30 -11.95
C LYS D 1323 65.10 56.28 -10.92
N ALA D 1324 65.99 55.37 -11.31
CA ALA D 1324 66.52 54.34 -10.42
C ALA D 1324 68.00 54.17 -10.70
N ARG D 1325 68.71 53.65 -9.73
CA ARG D 1325 70.09 53.17 -9.93
C ARG D 1325 70.17 51.66 -9.83
N ILE D 1326 69.17 51.06 -9.18
CA ILE D 1326 69.11 49.58 -9.02
C ILE D 1326 67.66 49.17 -9.33
N CYS D 1327 67.48 48.10 -10.10
CA CYS D 1327 66.10 47.69 -10.48
C CYS D 1327 65.94 46.17 -10.33
N ILE D 1328 64.87 45.74 -9.65
CA ILE D 1328 64.58 44.28 -9.57
C ILE D 1328 63.81 43.91 -10.84
N VAL D 1329 64.39 43.07 -11.68
CA VAL D 1329 63.74 42.72 -12.95
C VAL D 1329 63.50 41.24 -12.95
N GLY D 1330 62.56 40.82 -13.77
CA GLY D 1330 62.23 39.43 -13.93
C GLY D 1330 60.80 39.15 -14.12
N GLY D 1331 60.45 37.92 -13.88
CA GLY D 1331 59.13 37.42 -14.17
C GLY D 1331 58.76 36.20 -13.41
N TYR D 1332 57.50 35.93 -13.37
CA TYR D 1332 56.94 34.89 -12.54
C TYR D 1332 55.65 34.50 -13.12
N ASP D 1333 55.30 33.25 -12.90
CA ASP D 1333 53.98 32.72 -13.23
C ASP D 1333 53.82 31.39 -12.50
N ASP D 1334 52.58 31.03 -12.28
CA ASP D 1334 52.17 29.77 -11.62
C ASP D 1334 51.51 28.85 -12.63
N PHE D 1335 51.36 27.60 -12.24
CA PHE D 1335 50.66 26.58 -13.03
C PHE D 1335 49.45 26.32 -12.18
N GLN D 1336 48.27 26.34 -12.74
CA GLN D 1336 47.06 25.85 -12.09
C GLN D 1336 46.14 25.25 -13.11
N GLU D 1337 45.14 24.56 -12.58
CA GLU D 1337 44.17 23.80 -13.37
C GLU D 1337 43.66 24.66 -14.50
N GLU D 1338 43.13 25.83 -14.18
CA GLU D 1338 42.32 26.54 -15.17
C GLU D 1338 43.18 26.97 -16.34
N GLY D 1339 44.35 27.53 -16.08
CA GLY D 1339 45.20 27.93 -17.19
C GLY D 1339 45.65 26.75 -18.02
N SER D 1340 45.94 25.62 -17.36
CA SER D 1340 46.32 24.39 -18.09
C SER D 1340 45.18 24.01 -19.00
N PHE D 1341 43.96 24.10 -18.53
CA PHE D 1341 42.82 23.66 -19.36
C PHE D 1341 42.72 24.55 -20.57
N GLU D 1342 42.91 25.86 -20.35
CA GLU D 1342 42.71 26.81 -21.47
C GLU D 1342 43.86 26.75 -22.43
N PHE D 1343 45.08 26.61 -21.95
CA PHE D 1343 46.18 26.43 -22.92
C PHE D 1343 45.92 25.14 -23.73
N GLY D 1344 45.29 24.13 -23.14
CA GLY D 1344 44.91 22.93 -23.89
C GLY D 1344 43.83 23.23 -24.92
N ASN D 1345 42.79 24.00 -24.53
CA ASN D 1345 41.72 24.36 -25.48
C ASN D 1345 42.27 25.20 -26.62
N MET D 1346 43.30 25.99 -26.39
CA MET D 1346 43.94 26.76 -27.47
C MET D 1346 44.92 25.91 -28.29
N LYS D 1347 45.14 24.66 -27.89
CA LYS D 1347 46.09 23.69 -28.50
C LYS D 1347 47.52 24.28 -28.51
N ALA D 1348 47.87 25.05 -27.50
CA ALA D 1348 49.23 25.63 -27.42
C ALA D 1348 50.19 24.61 -26.78
N THR D 1349 49.69 23.82 -25.83
CA THR D 1349 50.45 22.85 -25.07
C THR D 1349 50.40 21.50 -25.78
N SER D 1350 51.36 20.67 -25.47
CA SER D 1350 51.41 19.33 -26.05
C SER D 1350 50.33 18.50 -25.35
N ASN D 1351 49.68 17.70 -26.13
CA ASN D 1351 48.72 16.69 -25.66
C ASN D 1351 49.49 15.47 -25.16
N THR D 1352 49.40 15.17 -23.89
CA THR D 1352 50.18 14.10 -23.27
C THR D 1352 49.78 12.75 -23.84
N LEU D 1353 48.51 12.54 -24.11
CA LEU D 1353 48.05 11.24 -24.64
C LEU D 1353 48.62 11.00 -26.02
N GLU D 1354 48.72 12.03 -26.86
CA GLU D 1354 49.38 11.90 -28.17
C GLU D 1354 50.88 11.60 -27.95
N GLU D 1355 51.52 12.23 -26.98
CA GLU D 1355 52.93 11.99 -26.67
C GLU D 1355 53.13 10.53 -26.28
N PHE D 1356 52.28 10.02 -25.40
CA PHE D 1356 52.33 8.60 -24.96
C PHE D 1356 52.13 7.66 -26.14
N GLU D 1357 51.28 7.98 -27.11
CA GLU D 1357 51.15 7.18 -28.34
C GLU D 1357 52.45 7.14 -29.13
N HIS D 1358 53.24 8.21 -29.10
CA HIS D 1358 54.53 8.32 -29.80
C HIS D 1358 55.64 7.76 -28.97
N GLY D 1359 55.36 7.18 -27.81
CA GLY D 1359 56.33 6.60 -26.90
C GLY D 1359 57.20 7.60 -26.20
N ARG D 1360 56.71 8.81 -26.02
CA ARG D 1360 57.50 9.86 -25.36
C ARG D 1360 57.21 9.77 -23.88
N THR D 1361 58.24 9.90 -23.08
CA THR D 1361 58.13 10.05 -21.65
C THR D 1361 58.08 11.53 -21.31
N PRO D 1362 57.67 11.91 -20.09
CA PRO D 1362 57.61 13.34 -19.71
C PRO D 1362 58.87 14.14 -19.99
N ALA D 1363 60.03 13.57 -19.65
CA ALA D 1363 61.35 14.15 -19.90
C ALA D 1363 61.64 14.43 -21.38
N GLU D 1364 60.87 13.92 -22.34
CA GLU D 1364 61.18 14.24 -23.75
C GLU D 1364 59.99 14.94 -24.38
N MET D 1365 59.05 15.42 -23.61
CA MET D 1365 57.90 16.07 -24.24
C MET D 1365 58.25 17.49 -24.70
N SER D 1366 59.24 18.12 -24.10
CA SER D 1366 59.64 19.50 -24.50
C SER D 1366 60.87 19.32 -25.40
N ARG D 1367 60.70 19.45 -26.70
CA ARG D 1367 61.77 19.17 -27.67
C ARG D 1367 61.84 20.24 -28.71
N PRO D 1368 62.25 21.44 -28.30
CA PRO D 1368 62.32 22.56 -29.23
C PRO D 1368 63.15 22.24 -30.47
N ALA D 1369 62.70 22.72 -31.62
CA ALA D 1369 63.42 22.75 -32.91
C ALA D 1369 63.50 21.37 -33.54
N THR D 1370 62.77 20.43 -33.00
CA THR D 1370 62.75 19.02 -33.48
C THR D 1370 61.65 18.89 -34.53
N THR D 1371 61.80 17.88 -35.35
CA THR D 1371 60.81 17.53 -36.38
C THR D 1371 59.43 17.29 -35.78
N THR D 1372 59.34 16.65 -34.63
CA THR D 1372 58.06 16.14 -34.11
C THR D 1372 57.55 17.04 -32.96
N ARG D 1373 58.15 18.18 -32.72
CA ARG D 1373 57.64 19.12 -31.68
C ARG D 1373 56.17 19.42 -31.92
N ASN D 1374 55.40 19.45 -30.85
CA ASN D 1374 53.93 19.53 -31.00
C ASN D 1374 53.28 20.28 -29.84
N GLY D 1375 53.92 21.30 -29.33
CA GLY D 1375 53.29 22.14 -28.31
C GLY D 1375 54.16 22.29 -27.11
N PHE D 1376 53.91 23.32 -26.32
CA PHE D 1376 54.81 23.59 -25.19
C PHE D 1376 54.39 22.80 -23.99
N MET D 1377 55.32 22.71 -23.08
CA MET D 1377 55.17 22.06 -21.78
C MET D 1377 55.05 23.18 -20.74
N GLU D 1378 53.95 23.25 -20.05
CA GLU D 1378 53.74 24.35 -19.07
C GLU D 1378 54.57 24.12 -17.82
N ALA D 1379 55.14 25.17 -17.30
CA ALA D 1379 55.90 25.09 -16.07
C ALA D 1379 55.45 26.24 -15.16
N GLN D 1380 56.11 26.38 -14.07
CA GLN D 1380 55.85 27.40 -13.06
C GLN D 1380 57.17 27.88 -12.49
N GLY D 1381 57.12 29.05 -11.88
CA GLY D 1381 58.20 29.56 -11.06
C GLY D 1381 58.49 31.00 -11.35
N ALA D 1382 59.65 31.43 -10.94
CA ALA D 1382 60.07 32.82 -11.00
C ALA D 1382 61.54 32.89 -11.34
N GLY D 1383 61.88 33.99 -11.92
CA GLY D 1383 63.25 34.42 -12.09
C GLY D 1383 63.40 35.89 -11.86
N ILE D 1384 64.49 36.26 -11.25
CA ILE D 1384 64.81 37.61 -10.84
C ILE D 1384 66.25 37.89 -11.14
N GLN D 1385 66.49 39.08 -11.67
CA GLN D 1385 67.81 39.69 -11.70
C GLN D 1385 67.76 40.99 -10.97
N ILE D 1386 68.93 41.34 -10.47
CA ILE D 1386 69.22 42.65 -9.92
C ILE D 1386 70.08 43.32 -10.94
N ILE D 1387 69.62 44.43 -11.44
CA ILE D 1387 70.38 45.26 -12.39
C ILE D 1387 70.74 46.56 -11.76
N MET D 1388 71.88 47.07 -12.16
CA MET D 1388 72.25 48.39 -11.70
C MET D 1388 73.19 49.08 -12.65
N GLN D 1389 73.31 50.32 -12.42
CA GLN D 1389 74.34 51.12 -13.08
C GLN D 1389 75.70 50.52 -12.71
N ALA D 1390 76.54 50.37 -13.70
CA ALA D 1390 77.89 49.82 -13.53
C ALA D 1390 78.69 50.65 -12.54
N ASP D 1391 78.59 51.96 -12.63
CA ASP D 1391 79.31 52.86 -11.70
C ASP D 1391 79.00 52.49 -10.25
N LEU D 1392 77.75 52.21 -9.96
CA LEU D 1392 77.32 51.82 -8.63
C LEU D 1392 77.75 50.41 -8.28
N ALA D 1393 77.69 49.48 -9.21
CA ALA D 1393 78.14 48.11 -8.96
C ALA D 1393 79.63 48.12 -8.59
N LEU D 1394 80.40 48.94 -9.25
CA LEU D 1394 81.86 49.03 -8.95
C LEU D 1394 82.07 49.65 -7.58
N LYS D 1395 81.33 50.69 -7.24
CA LYS D 1395 81.47 51.36 -5.94
C LYS D 1395 80.99 50.46 -4.80
N MET D 1396 79.91 49.73 -4.96
CA MET D 1396 79.40 48.86 -3.93
C MET D 1396 80.31 47.64 -3.78
N GLY D 1397 80.99 47.26 -4.85
CA GLY D 1397 81.72 46.00 -4.88
C GLY D 1397 80.83 44.82 -4.95
N VAL D 1398 79.84 44.84 -5.84
CA VAL D 1398 78.97 43.68 -6.04
C VAL D 1398 79.49 42.96 -7.26
N PRO D 1399 79.25 41.67 -7.35
CA PRO D 1399 79.63 40.90 -8.52
C PRO D 1399 78.85 41.38 -9.72
N ILE D 1400 79.51 41.32 -10.86
CA ILE D 1400 78.97 41.71 -12.17
C ILE D 1400 78.99 40.49 -13.05
N TYR D 1401 77.80 39.97 -13.36
CA TYR D 1401 77.65 38.77 -14.14
C TYR D 1401 77.57 39.07 -15.60
N GLY D 1402 77.19 40.27 -15.98
CA GLY D 1402 76.96 40.56 -17.40
C GLY D 1402 76.59 42.00 -17.56
N ILE D 1403 76.75 42.48 -18.76
CA ILE D 1403 76.29 43.81 -19.15
C ILE D 1403 75.04 43.64 -19.97
N VAL D 1404 73.99 44.37 -19.62
CA VAL D 1404 72.77 44.36 -20.46
C VAL D 1404 73.00 45.40 -21.51
N ALA D 1405 73.41 44.95 -22.68
CA ALA D 1405 73.87 45.86 -23.74
C ALA D 1405 72.68 46.37 -24.51
N MET D 1406 71.60 45.63 -24.55
CA MET D 1406 70.42 46.05 -25.31
C MET D 1406 69.26 45.29 -24.76
N ALA D 1407 68.11 45.93 -24.73
CA ALA D 1407 66.85 45.25 -24.48
C ALA D 1407 65.79 45.97 -25.28
N ALA D 1408 64.91 45.26 -25.93
CA ALA D 1408 63.90 45.87 -26.81
C ALA D 1408 62.68 45.01 -26.81
N THR D 1409 61.54 45.63 -27.11
CA THR D 1409 60.24 44.99 -27.32
C THR D 1409 59.72 45.44 -28.66
N ALA D 1410 58.85 44.66 -29.25
CA ALA D 1410 58.33 44.97 -30.60
C ALA D 1410 57.06 44.18 -30.77
N THR D 1411 56.06 44.84 -31.31
CA THR D 1411 54.82 44.21 -31.75
C THR D 1411 55.05 43.79 -33.20
N ASP D 1412 54.01 43.30 -33.86
CA ASP D 1412 54.19 42.74 -35.20
C ASP D 1412 53.42 43.60 -36.21
N LYS D 1413 52.15 43.33 -36.38
CA LYS D 1413 51.41 43.82 -37.58
C LYS D 1413 49.95 43.47 -37.43
N ILE D 1414 49.16 44.00 -38.35
CA ILE D 1414 47.75 43.64 -38.52
C ILE D 1414 47.59 42.14 -38.48
N GLY D 1415 46.52 41.66 -37.88
CA GLY D 1415 46.25 40.21 -37.87
C GLY D 1415 45.05 39.87 -37.04
N ARG D 1416 44.78 38.60 -36.88
CA ARG D 1416 43.57 38.17 -36.16
C ARG D 1416 43.89 37.03 -35.22
N SER D 1417 45.16 36.74 -35.01
CA SER D 1417 45.60 35.59 -34.20
C SER D 1417 46.48 36.13 -33.08
N VAL D 1418 45.90 36.30 -31.92
CA VAL D 1418 46.65 36.83 -30.77
C VAL D 1418 47.86 35.94 -30.45
N PRO D 1419 47.78 34.60 -30.45
CA PRO D 1419 48.93 33.77 -30.09
C PRO D 1419 50.07 33.70 -31.11
N ALA D 1420 49.83 34.11 -32.35
CA ALA D 1420 50.77 33.86 -33.47
C ALA D 1420 52.05 34.69 -33.26
N PRO D 1421 53.25 34.08 -33.25
CA PRO D 1421 54.48 34.85 -33.13
C PRO D 1421 54.71 35.56 -34.46
N GLY D 1422 55.40 36.68 -34.38
CA GLY D 1422 55.76 37.46 -35.55
C GLY D 1422 57.20 37.87 -35.53
N LYS D 1423 57.51 38.76 -36.44
CA LYS D 1423 58.88 39.14 -36.79
C LYS D 1423 59.20 40.57 -36.41
N GLY D 1424 58.34 41.22 -35.65
CA GLY D 1424 58.62 42.61 -35.28
C GLY D 1424 59.91 42.85 -34.60
N ILE D 1425 60.39 41.90 -33.80
CA ILE D 1425 61.68 42.11 -33.12
C ILE D 1425 62.86 42.15 -34.09
N LEU D 1426 62.66 41.77 -35.35
CA LEU D 1426 63.67 41.94 -36.41
C LEU D 1426 64.09 43.38 -36.57
N THR D 1427 63.28 44.33 -36.12
CA THR D 1427 63.57 45.78 -36.09
C THR D 1427 64.81 46.10 -35.29
N THR D 1428 65.24 45.23 -34.36
CA THR D 1428 66.50 45.50 -33.63
C THR D 1428 67.71 45.46 -34.56
N ALA D 1429 67.63 44.81 -35.69
CA ALA D 1429 68.73 44.75 -36.66
C ALA D 1429 68.55 45.81 -37.74
N ARG D 1430 67.62 46.76 -37.62
CA ARG D 1430 67.32 47.68 -38.74
C ARG D 1430 68.57 48.51 -39.00
N GLU D 1431 68.86 48.68 -40.27
CA GLU D 1431 70.06 49.42 -40.66
C GLU D 1431 69.91 49.80 -42.12
N HIS D 1432 70.23 51.03 -42.40
CA HIS D 1432 70.08 51.60 -43.74
C HIS D 1432 71.33 51.30 -44.53
N HIS D 1433 71.21 50.59 -45.61
CA HIS D 1433 72.37 50.10 -46.41
C HIS D 1433 72.40 50.65 -47.85
N SER D 1434 71.74 51.77 -48.16
CA SER D 1434 71.79 52.39 -49.52
C SER D 1434 73.18 52.90 -49.86
N SER D 1435 73.94 53.33 -48.85
CA SER D 1435 75.20 54.09 -48.96
C SER D 1435 76.23 53.52 -48.00
N VAL D 1436 76.91 52.44 -48.36
CA VAL D 1436 77.83 51.70 -47.44
C VAL D 1436 79.17 51.42 -48.12
N LYS D 1437 79.54 52.20 -49.12
CA LYS D 1437 80.83 52.03 -49.85
C LYS D 1437 81.98 52.26 -48.88
N TYR D 1438 81.84 53.22 -47.96
CA TYR D 1438 82.91 53.61 -47.00
C TYR D 1438 82.45 53.38 -45.57
N ALA D 1439 83.37 52.86 -44.74
CA ALA D 1439 83.15 52.64 -43.30
C ALA D 1439 82.81 53.98 -42.65
N SER D 1440 81.79 54.00 -41.79
CA SER D 1440 81.43 55.17 -40.94
C SER D 1440 82.52 55.35 -39.88
N PRO D 1441 83.13 56.55 -39.75
CA PRO D 1441 84.01 56.82 -38.62
C PRO D 1441 83.33 56.60 -37.25
N ASN D 1442 82.01 56.73 -37.21
CA ASN D 1442 81.21 56.59 -35.97
C ASN D 1442 81.30 55.16 -35.44
N LEU D 1443 81.60 54.17 -36.28
CA LEU D 1443 81.78 52.77 -35.86
C LEU D 1443 83.19 52.49 -35.36
N ASN D 1444 84.09 53.46 -35.52
CA ASN D 1444 85.52 53.30 -35.18
C ASN D 1444 85.72 53.86 -33.76
N MET D 1445 86.02 53.00 -32.81
CA MET D 1445 86.16 53.42 -31.41
C MET D 1445 87.31 54.43 -31.28
N LYS D 1446 88.36 54.35 -32.09
CA LYS D 1446 89.47 55.34 -32.02
C LYS D 1446 89.01 56.76 -32.37
N TYR D 1447 88.20 56.88 -33.41
CA TYR D 1447 87.58 58.15 -33.82
C TYR D 1447 86.76 58.70 -32.65
N ARG D 1448 85.89 57.86 -32.09
CA ARG D 1448 84.98 58.30 -31.02
C ARG D 1448 85.81 58.77 -29.86
N LYS D 1449 86.86 58.05 -29.50
CA LYS D 1449 87.71 58.43 -28.35
C LYS D 1449 88.43 59.73 -28.66
N ARG D 1450 88.87 59.93 -29.87
CA ARG D 1450 89.54 61.23 -30.23
C ARG D 1450 88.55 62.38 -29.98
N GLN D 1451 87.28 62.20 -30.34
CA GLN D 1451 86.24 63.23 -30.20
C GLN D 1451 85.99 63.53 -28.72
N LEU D 1452 85.96 62.50 -27.91
CA LEU D 1452 85.77 62.66 -26.46
C LEU D 1452 86.96 63.43 -25.92
N VAL D 1453 88.17 63.05 -26.29
CA VAL D 1453 89.38 63.75 -25.76
C VAL D 1453 89.31 65.25 -26.08
N THR D 1454 88.88 65.61 -27.28
CA THR D 1454 88.74 67.03 -27.69
C THR D 1454 87.73 67.72 -26.78
N ARG D 1455 86.62 67.05 -26.51
CA ARG D 1455 85.53 67.58 -25.66
C ARG D 1455 86.03 67.73 -24.23
N GLU D 1456 86.82 66.79 -23.72
CA GLU D 1456 87.37 66.85 -22.35
C GLU D 1456 88.27 68.07 -22.21
N ALA D 1457 89.01 68.44 -23.26
CA ALA D 1457 89.85 69.66 -23.27
C ALA D 1457 88.94 70.89 -23.11
N GLN D 1458 87.79 70.89 -23.78
CA GLN D 1458 86.82 72.02 -23.71
C GLN D 1458 86.17 72.08 -22.33
N ILE D 1459 85.91 70.94 -21.69
CA ILE D 1459 85.27 70.92 -20.35
C ILE D 1459 86.28 71.42 -19.32
N LYS D 1460 87.52 70.95 -19.38
CA LYS D 1460 88.63 71.51 -18.55
C LYS D 1460 88.63 73.05 -18.67
N ASP D 1461 88.55 73.60 -19.88
CA ASP D 1461 88.56 75.07 -20.11
C ASP D 1461 87.32 75.67 -19.46
N TRP D 1462 86.16 75.08 -19.69
CA TRP D 1462 84.88 75.55 -19.11
C TRP D 1462 85.00 75.64 -17.60
N VAL D 1463 85.58 74.66 -16.95
CA VAL D 1463 85.75 74.71 -15.47
C VAL D 1463 86.71 75.86 -15.09
N GLU D 1464 87.83 76.03 -15.80
CA GLU D 1464 88.79 77.14 -15.51
C GLU D 1464 88.04 78.47 -15.55
N ASN D 1465 87.31 78.72 -16.64
CA ASN D 1465 86.49 79.93 -16.83
C ASN D 1465 85.49 80.12 -15.69
N GLU D 1466 84.78 79.07 -15.25
CA GLU D 1466 83.73 79.19 -14.21
C GLU D 1466 84.39 79.55 -12.88
N LEU D 1467 85.52 78.92 -12.54
CA LEU D 1467 86.30 79.24 -11.31
C LEU D 1467 86.79 80.69 -11.33
N GLU D 1468 87.28 81.18 -12.48
CA GLU D 1468 87.76 82.60 -12.62
C GLU D 1468 86.57 83.56 -12.45
N ALA D 1469 85.46 83.28 -13.12
CA ALA D 1469 84.19 84.06 -13.00
C ALA D 1469 83.72 84.01 -11.54
N LEU D 1470 83.89 82.87 -10.86
CA LEU D 1470 83.43 82.69 -9.45
C LEU D 1470 84.31 83.53 -8.52
N LYS D 1471 85.63 83.54 -8.73
CA LYS D 1471 86.58 84.38 -7.95
C LYS D 1471 86.16 85.87 -8.04
N LEU D 1472 85.87 86.36 -9.24
CA LEU D 1472 85.45 87.77 -9.47
C LEU D 1472 84.14 88.06 -8.73
N GLU D 1473 83.15 87.17 -8.85
CA GLU D 1473 81.85 87.30 -8.14
C GLU D 1473 82.08 87.31 -6.63
N ALA D 1474 82.99 86.45 -6.13
CA ALA D 1474 83.28 86.30 -4.68
C ALA D 1474 83.98 87.54 -4.11
N GLU D 1475 84.73 88.30 -4.94
CA GLU D 1475 85.43 89.56 -4.52
C GLU D 1475 84.39 90.60 -4.05
N GLU D 1476 83.19 90.61 -4.65
CA GLU D 1476 82.09 91.58 -4.34
C GLU D 1476 81.23 91.08 -3.18
N ILE D 1477 81.44 89.86 -2.68
CA ILE D 1477 80.69 89.27 -1.53
C ILE D 1477 81.42 89.71 -0.25
N PRO D 1478 80.70 90.19 0.80
CA PRO D 1478 81.33 90.49 2.09
C PRO D 1478 82.05 89.26 2.67
N SER D 1479 83.22 89.49 3.28
CA SER D 1479 84.25 88.48 3.64
C SER D 1479 83.70 87.36 4.53
N GLU D 1480 82.75 87.67 5.42
CA GLU D 1480 82.13 86.69 6.36
C GLU D 1480 81.25 85.69 5.60
N ASP D 1481 80.59 86.12 4.52
CA ASP D 1481 79.63 85.31 3.70
C ASP D 1481 80.35 84.67 2.49
N GLN D 1482 81.64 84.93 2.30
CA GLN D 1482 82.43 84.53 1.11
C GLN D 1482 82.66 83.01 1.13
N ASN D 1483 82.92 82.45 2.32
CA ASN D 1483 83.11 81.00 2.52
C ASN D 1483 81.88 80.25 2.01
N GLU D 1484 80.69 80.59 2.51
CA GLU D 1484 79.43 79.84 2.22
C GLU D 1484 79.12 79.96 0.71
N PHE D 1485 79.27 81.16 0.15
CA PHE D 1485 79.07 81.45 -1.28
C PHE D 1485 79.95 80.55 -2.15
N LEU D 1486 81.24 80.45 -1.82
CA LEU D 1486 82.23 79.67 -2.63
C LEU D 1486 81.95 78.17 -2.50
N LEU D 1487 81.60 77.72 -1.30
CA LEU D 1487 81.20 76.32 -1.05
C LEU D 1487 80.03 75.97 -1.98
N GLU D 1488 78.95 76.78 -1.97
CA GLU D 1488 77.72 76.48 -2.75
C GLU D 1488 78.10 76.51 -4.23
N ARG D 1489 78.84 77.54 -4.65
CA ARG D 1489 79.09 77.75 -6.10
C ARG D 1489 80.13 76.74 -6.60
N THR D 1490 81.03 76.29 -5.76
CA THR D 1490 82.10 75.35 -6.16
C THR D 1490 81.47 73.96 -6.35
N ARG D 1491 80.63 73.55 -5.41
CA ARG D 1491 79.86 72.28 -5.50
C ARG D 1491 79.03 72.30 -6.80
N GLU D 1492 78.45 73.44 -7.15
CA GLU D 1492 77.61 73.55 -8.37
C GLU D 1492 78.46 73.38 -9.62
N ILE D 1493 79.63 74.01 -9.65
CA ILE D 1493 80.54 73.88 -10.83
C ILE D 1493 81.01 72.43 -10.97
N HIS D 1494 81.31 71.78 -9.86
CA HIS D 1494 81.67 70.34 -9.86
C HIS D 1494 80.52 69.53 -10.49
N ASN D 1495 79.27 69.79 -10.11
CA ASN D 1495 78.09 69.05 -10.63
C ASN D 1495 78.03 69.25 -12.13
N GLU D 1496 78.19 70.49 -12.57
CA GLU D 1496 78.09 70.86 -13.99
C GLU D 1496 79.25 70.27 -14.77
N ALA D 1497 80.44 70.17 -14.19
CA ALA D 1497 81.59 69.58 -14.91
C ALA D 1497 81.33 68.08 -15.09
N GLU D 1498 80.90 67.43 -14.03
CA GLU D 1498 80.57 65.99 -14.07
C GLU D 1498 79.51 65.74 -15.15
N SER D 1499 78.45 66.54 -15.15
CA SER D 1499 77.33 66.38 -16.12
C SER D 1499 77.87 66.45 -17.53
N GLN D 1500 78.74 67.41 -17.77
CA GLN D 1500 79.30 67.66 -19.09
C GLN D 1500 80.23 66.51 -19.49
N LEU D 1501 81.02 65.98 -18.57
CA LEU D 1501 81.91 64.85 -18.93
C LEU D 1501 81.04 63.62 -19.25
N ARG D 1502 80.08 63.31 -18.38
CA ARG D 1502 79.17 62.16 -18.55
C ARG D 1502 78.40 62.31 -19.86
N ALA D 1503 78.00 63.51 -20.21
CA ALA D 1503 77.24 63.75 -21.46
C ALA D 1503 78.12 63.49 -22.67
N ALA D 1504 79.39 63.85 -22.60
CA ALA D 1504 80.38 63.64 -23.67
C ALA D 1504 80.64 62.12 -23.79
N GLN D 1505 80.80 61.43 -22.68
CA GLN D 1505 80.97 59.95 -22.68
C GLN D 1505 79.70 59.31 -23.21
N GLN D 1506 78.56 59.87 -22.90
CA GLN D 1506 77.30 59.32 -23.46
C GLN D 1506 77.29 59.53 -24.96
N GLN D 1507 77.66 60.70 -25.44
CA GLN D 1507 77.65 61.00 -26.90
C GLN D 1507 78.59 60.05 -27.67
N TRP D 1508 79.81 59.88 -27.20
CA TRP D 1508 80.88 59.19 -27.96
C TRP D 1508 81.03 57.74 -27.52
N GLY D 1509 80.66 57.39 -26.30
CA GLY D 1509 80.86 56.03 -25.77
C GLY D 1509 79.61 55.20 -25.82
N ASN D 1510 78.51 55.70 -25.30
CA ASN D 1510 77.31 54.87 -25.02
C ASN D 1510 76.25 55.01 -26.11
N ASP D 1511 76.06 56.19 -26.68
CA ASP D 1511 74.86 56.56 -27.49
C ASP D 1511 75.25 57.10 -28.87
N PHE D 1512 76.42 56.78 -29.36
CA PHE D 1512 76.97 57.28 -30.63
C PHE D 1512 76.14 56.85 -31.83
N TYR D 1513 75.36 55.78 -31.71
CA TYR D 1513 74.65 55.16 -32.86
C TYR D 1513 73.17 55.47 -32.89
N LYS D 1514 72.63 56.10 -31.87
CA LYS D 1514 71.18 56.36 -31.68
C LYS D 1514 70.59 57.18 -32.84
N ARG D 1515 71.36 58.10 -33.40
CA ARG D 1515 70.89 58.99 -34.50
C ARG D 1515 71.45 58.52 -35.84
N ASP D 1516 72.07 57.33 -35.90
CA ASP D 1516 72.83 56.88 -37.08
C ASP D 1516 72.08 55.73 -37.73
N PRO D 1517 71.33 55.99 -38.82
CA PRO D 1517 70.55 54.94 -39.46
C PRO D 1517 71.40 53.84 -40.10
N ARG D 1518 72.72 54.04 -40.19
CA ARG D 1518 73.66 53.04 -40.70
C ARG D 1518 74.14 52.09 -39.62
N ILE D 1519 73.75 52.31 -38.36
CA ILE D 1519 74.10 51.40 -37.25
C ILE D 1519 72.81 50.91 -36.63
N ALA D 1520 72.59 49.62 -36.74
CA ALA D 1520 71.51 48.92 -36.07
C ALA D 1520 71.66 49.05 -34.58
N PRO D 1521 70.55 49.11 -33.84
CA PRO D 1521 70.60 49.02 -32.38
C PRO D 1521 71.42 47.80 -31.91
N LEU D 1522 71.21 46.65 -32.55
CA LEU D 1522 71.95 45.41 -32.22
C LEU D 1522 73.43 45.62 -32.41
N ARG D 1523 73.83 46.19 -33.54
CA ARG D 1523 75.26 46.44 -33.86
C ARG D 1523 75.86 47.48 -32.92
N GLY D 1524 75.13 48.55 -32.66
CA GLY D 1524 75.59 49.61 -31.78
C GLY D 1524 75.84 49.10 -30.38
N ALA D 1525 74.91 48.29 -29.88
CA ALA D 1525 75.00 47.71 -28.55
C ALA D 1525 76.32 46.98 -28.36
N LEU D 1526 76.72 46.15 -29.33
CA LEU D 1526 77.97 45.37 -29.29
C LEU D 1526 79.15 46.29 -29.55
N ALA D 1527 79.02 47.20 -30.52
CA ALA D 1527 80.14 48.11 -30.89
C ALA D 1527 80.51 49.02 -29.73
N THR D 1528 79.62 49.29 -28.81
CA THR D 1528 79.96 50.07 -27.59
C THR D 1528 81.18 49.47 -26.88
N TYR D 1529 81.34 48.15 -26.89
CA TYR D 1529 82.40 47.41 -26.17
C TYR D 1529 83.46 46.93 -27.16
N GLY D 1530 83.38 47.34 -28.42
CA GLY D 1530 84.34 46.91 -29.44
C GLY D 1530 84.03 45.54 -29.98
N LEU D 1531 82.84 45.02 -29.74
CA LEU D 1531 82.40 43.73 -30.30
C LEU D 1531 81.75 43.98 -31.64
N THR D 1532 81.81 42.97 -32.47
CA THR D 1532 81.17 42.95 -33.78
C THR D 1532 80.01 41.97 -33.71
N ILE D 1533 79.23 41.94 -34.76
CA ILE D 1533 78.08 41.01 -34.84
C ILE D 1533 78.59 39.56 -34.79
N ASP D 1534 79.84 39.28 -35.20
CA ASP D 1534 80.43 37.91 -35.13
C ASP D 1534 80.73 37.47 -33.69
N ASP D 1535 80.70 38.37 -32.71
CA ASP D 1535 80.95 38.07 -31.28
C ASP D 1535 79.69 37.60 -30.55
N LEU D 1536 78.53 37.72 -31.15
CA LEU D 1536 77.32 37.13 -30.58
C LEU D 1536 77.38 35.62 -30.79
N GLY D 1537 77.83 34.90 -29.79
CA GLY D 1537 78.09 33.47 -29.89
C GLY D 1537 76.85 32.64 -29.72
N VAL D 1538 75.97 33.05 -28.83
CA VAL D 1538 74.84 32.18 -28.44
C VAL D 1538 73.57 32.98 -28.54
N ALA D 1539 72.55 32.29 -28.95
CA ALA D 1539 71.18 32.81 -28.97
C ALA D 1539 70.41 31.84 -28.11
N SER D 1540 69.98 32.35 -26.98
CA SER D 1540 69.03 31.66 -26.10
C SER D 1540 67.68 31.89 -26.75
N PHE D 1541 67.12 30.83 -27.27
CA PHE D 1541 65.83 30.89 -27.98
C PHE D 1541 64.73 30.67 -27.01
N HIS D 1542 63.67 31.41 -27.23
CA HIS D 1542 62.40 31.22 -26.54
C HIS D 1542 62.05 29.74 -26.63
N GLY D 1543 62.07 29.20 -27.84
CA GLY D 1543 62.22 27.75 -28.08
C GLY D 1543 61.24 26.91 -27.28
N THR D 1544 59.98 27.05 -27.56
CA THR D 1544 58.88 26.54 -26.73
C THR D 1544 58.44 25.16 -27.16
N SER D 1545 58.95 24.64 -28.26
CA SER D 1545 58.61 23.30 -28.77
C SER D 1545 57.24 23.39 -29.43
N THR D 1546 56.87 24.55 -29.94
CA THR D 1546 55.66 24.69 -30.80
C THR D 1546 56.14 24.76 -32.24
N LYS D 1547 55.32 24.32 -33.15
CA LYS D 1547 55.66 24.37 -34.58
C LYS D 1547 55.97 25.81 -35.00
N ALA D 1548 55.02 26.70 -34.72
CA ALA D 1548 55.12 28.08 -35.21
C ALA D 1548 56.28 28.79 -34.54
N ASN D 1549 56.41 28.65 -33.22
CA ASN D 1549 57.38 29.45 -32.46
C ASN D 1549 58.79 29.19 -32.99
N ASP D 1550 59.19 27.92 -33.03
CA ASP D 1550 60.62 27.57 -33.23
C ASP D 1550 61.02 27.96 -34.65
N LYS D 1551 60.14 27.82 -35.61
CA LYS D 1551 60.44 28.27 -36.98
C LYS D 1551 60.56 29.79 -37.07
N ASN D 1552 59.62 30.52 -36.50
CA ASN D 1552 59.58 32.00 -36.59
C ASN D 1552 60.81 32.54 -35.89
N GLU D 1553 61.15 31.97 -34.78
CA GLU D 1553 62.28 32.48 -34.00
C GLU D 1553 63.57 32.23 -34.75
N SER D 1554 63.75 31.04 -35.29
CA SER D 1554 64.95 30.75 -36.13
C SER D 1554 65.03 31.71 -37.31
N ALA D 1555 63.95 31.86 -38.03
CA ALA D 1555 63.88 32.78 -39.20
C ALA D 1555 64.23 34.20 -38.80
N THR D 1556 63.76 34.64 -37.63
CA THR D 1556 63.98 36.02 -37.18
C THR D 1556 65.47 36.20 -36.88
N ILE D 1557 66.03 35.33 -36.06
CA ILE D 1557 67.47 35.41 -35.72
C ILE D 1557 68.26 35.32 -37.00
N ASN D 1558 67.84 34.44 -37.88
CA ASN D 1558 68.59 34.25 -39.12
C ASN D 1558 68.60 35.51 -39.96
N GLU D 1559 67.43 36.14 -40.11
CA GLU D 1559 67.34 37.42 -40.84
C GLU D 1559 68.12 38.54 -40.15
N MET D 1560 68.13 38.60 -38.83
CA MET D 1560 68.92 39.64 -38.16
C MET D 1560 70.38 39.44 -38.58
N MET D 1561 70.88 38.22 -38.44
CA MET D 1561 72.30 37.92 -38.73
C MET D 1561 72.62 38.24 -40.19
N LYS D 1562 71.79 37.87 -41.12
CA LYS D 1562 72.04 38.11 -42.55
C LYS D 1562 72.10 39.61 -42.83
N HIS D 1563 71.15 40.36 -42.29
CA HIS D 1563 71.07 41.81 -42.54
C HIS D 1563 72.32 42.47 -42.02
N LEU D 1564 72.80 42.06 -40.86
CA LEU D 1564 73.96 42.70 -40.25
C LEU D 1564 75.28 42.10 -40.75
N GLY D 1565 75.28 41.23 -41.74
CA GLY D 1565 76.53 40.74 -42.33
C GLY D 1565 77.33 39.87 -41.40
N ARG D 1566 76.66 39.08 -40.60
CA ARG D 1566 77.28 38.00 -39.86
C ARG D 1566 78.07 37.13 -40.88
N SER D 1567 79.26 36.74 -40.53
CA SER D 1567 80.13 35.94 -41.46
C SER D 1567 79.46 34.63 -41.82
N GLU D 1568 79.51 34.30 -43.09
CA GLU D 1568 79.13 32.94 -43.55
C GLU D 1568 79.99 31.93 -42.78
N GLY D 1569 79.36 30.91 -42.27
CA GLY D 1569 80.06 29.88 -41.53
C GLY D 1569 80.15 30.17 -40.08
N ASN D 1570 79.49 31.24 -39.61
CA ASN D 1570 79.57 31.57 -38.17
C ASN D 1570 78.16 31.58 -37.64
N PRO D 1571 77.46 30.44 -37.55
CA PRO D 1571 76.11 30.46 -37.00
C PRO D 1571 76.12 30.81 -35.52
N VAL D 1572 75.03 31.41 -35.05
CA VAL D 1572 74.82 31.54 -33.60
C VAL D 1572 74.49 30.13 -33.12
N ILE D 1573 74.94 29.81 -31.95
CA ILE D 1573 74.61 28.52 -31.32
C ILE D 1573 73.36 28.75 -30.54
N GLY D 1574 72.34 28.00 -30.88
CA GLY D 1574 71.07 28.03 -30.19
C GLY D 1574 71.11 27.27 -28.89
N VAL D 1575 70.55 27.88 -27.86
CA VAL D 1575 70.24 27.22 -26.59
C VAL D 1575 68.75 27.21 -26.39
N PHE D 1576 68.22 26.10 -25.95
CA PHE D 1576 66.79 25.89 -25.82
C PHE D 1576 66.52 25.34 -24.44
N GLN D 1577 66.65 26.19 -23.45
CA GLN D 1577 66.52 25.83 -22.02
C GLN D 1577 65.19 25.16 -21.71
N LYS D 1578 64.15 25.48 -22.45
CA LYS D 1578 62.83 24.95 -22.09
C LYS D 1578 62.76 23.46 -22.33
N PHE D 1579 63.74 22.83 -23.01
CA PHE D 1579 63.72 21.35 -23.15
C PHE D 1579 63.69 20.74 -21.75
N LEU D 1580 64.37 21.37 -20.85
CA LEU D 1580 64.54 20.89 -19.48
C LEU D 1580 63.51 21.46 -18.51
N THR D 1581 63.15 22.73 -18.64
CA THR D 1581 62.36 23.44 -17.60
C THR D 1581 60.89 23.46 -17.94
N GLY D 1582 60.55 23.32 -19.20
CA GLY D 1582 59.27 23.79 -19.74
C GLY D 1582 59.11 25.30 -19.74
N HIS D 1583 57.94 25.72 -20.08
CA HIS D 1583 57.65 27.13 -20.37
C HIS D 1583 56.89 27.72 -19.22
N PRO D 1584 57.51 28.51 -18.39
CA PRO D 1584 56.81 29.09 -17.27
C PRO D 1584 56.12 30.43 -17.58
N LYS D 1585 55.72 30.65 -18.80
CA LYS D 1585 55.02 31.89 -19.21
C LYS D 1585 55.88 33.09 -18.85
N GLY D 1586 55.43 33.95 -17.93
CA GLY D 1586 56.12 35.18 -17.61
C GLY D 1586 57.54 35.01 -17.12
N ALA D 1587 57.89 33.87 -16.54
CA ALA D 1587 59.26 33.71 -16.04
C ALA D 1587 60.21 33.29 -17.17
N ALA D 1588 59.71 33.01 -18.36
CA ALA D 1588 60.49 32.32 -19.41
C ALA D 1588 61.80 33.07 -19.68
N GLY D 1589 61.72 34.36 -19.96
CA GLY D 1589 62.89 35.18 -20.24
C GLY D 1589 63.83 35.25 -19.10
N ALA D 1590 63.33 35.20 -17.88
CA ALA D 1590 64.16 35.38 -16.71
C ALA D 1590 65.02 34.15 -16.53
N TRP D 1591 64.46 32.97 -16.76
CA TRP D 1591 65.24 31.72 -16.69
C TRP D 1591 66.26 31.72 -17.80
N MET D 1592 65.92 32.22 -18.97
CA MET D 1592 66.84 32.29 -20.09
C MET D 1592 67.96 33.25 -19.84
N MET D 1593 67.65 34.38 -19.20
CA MET D 1593 68.65 35.38 -18.85
C MET D 1593 69.61 34.80 -17.82
N ASN D 1594 69.10 34.09 -16.85
CA ASN D 1594 69.95 33.46 -15.84
C ASN D 1594 70.89 32.49 -16.54
N GLY D 1595 70.38 31.67 -17.41
CA GLY D 1595 71.16 30.76 -18.27
C GLY D 1595 72.22 31.47 -19.04
N ALA D 1596 71.86 32.56 -19.67
CA ALA D 1596 72.75 33.35 -20.49
C ALA D 1596 73.90 33.82 -19.64
N LEU D 1597 73.62 34.31 -18.45
CA LEU D 1597 74.65 34.76 -17.54
C LEU D 1597 75.55 33.60 -17.15
N GLN D 1598 75.00 32.45 -16.93
CA GLN D 1598 75.80 31.30 -16.52
C GLN D 1598 76.66 30.83 -17.69
N ILE D 1599 76.17 30.97 -18.91
CA ILE D 1599 76.94 30.66 -20.14
C ILE D 1599 78.08 31.63 -20.24
N LEU D 1600 77.81 32.92 -20.07
CA LEU D 1600 78.85 33.91 -20.22
C LEU D 1600 79.95 33.66 -19.21
N ASN D 1601 79.62 33.36 -17.99
CA ASN D 1601 80.67 33.31 -16.97
C ASN D 1601 81.42 31.96 -16.99
N SER D 1602 80.90 30.93 -17.60
CA SER D 1602 81.49 29.58 -17.66
C SER D 1602 82.14 29.27 -19.00
N GLY D 1603 81.62 29.84 -20.07
CA GLY D 1603 81.93 29.41 -21.44
C GLY D 1603 81.32 28.12 -21.86
N ILE D 1604 80.39 27.61 -21.07
CA ILE D 1604 79.76 26.33 -21.34
C ILE D 1604 78.42 26.57 -21.99
N ILE D 1605 78.23 25.96 -23.12
CA ILE D 1605 76.97 26.13 -23.87
C ILE D 1605 76.22 24.84 -23.74
N PRO D 1606 75.13 24.83 -22.97
CA PRO D 1606 74.38 23.60 -22.78
C PRO D 1606 73.73 23.17 -24.06
N GLY D 1607 73.68 21.87 -24.26
CA GLY D 1607 73.03 21.32 -25.45
C GLY D 1607 71.60 21.00 -25.18
N ASN D 1608 70.79 21.00 -26.23
CA ASN D 1608 69.39 20.59 -26.15
C ASN D 1608 69.38 19.07 -26.25
N ARG D 1609 69.33 18.41 -25.12
CA ARG D 1609 69.39 16.95 -25.04
C ARG D 1609 68.13 16.31 -25.58
N ASN D 1610 67.06 17.05 -25.80
CA ASN D 1610 65.87 16.53 -26.45
C ASN D 1610 65.86 16.82 -27.92
N ALA D 1611 66.95 17.33 -28.49
CA ALA D 1611 67.01 17.61 -29.92
C ALA D 1611 67.34 16.31 -30.64
N ASP D 1612 66.37 15.43 -30.73
CA ASP D 1612 66.66 14.08 -31.27
C ASP D 1612 66.99 14.23 -32.74
N ASN D 1613 66.13 14.94 -33.44
CA ASN D 1613 66.23 15.20 -34.86
C ASN D 1613 65.81 16.64 -35.10
N VAL D 1614 66.70 17.41 -35.64
CA VAL D 1614 66.45 18.82 -35.93
C VAL D 1614 65.57 18.89 -37.15
N ASP D 1615 64.52 19.66 -37.03
CA ASP D 1615 63.57 19.84 -38.14
C ASP D 1615 64.32 20.25 -39.39
N LYS D 1616 64.16 19.48 -40.44
CA LYS D 1616 64.79 19.74 -41.75
C LYS D 1616 64.42 21.14 -42.30
N ILE D 1617 63.25 21.65 -41.99
CA ILE D 1617 62.84 23.03 -42.37
C ILE D 1617 63.87 24.05 -41.85
N LEU D 1618 64.58 23.77 -40.77
CA LEU D 1618 65.54 24.69 -40.15
C LEU D 1618 66.90 24.68 -40.79
N GLU D 1619 67.15 23.76 -41.69
CA GLU D 1619 68.43 23.74 -42.39
C GLU D 1619 68.60 25.01 -43.23
N GLN D 1620 67.54 25.58 -43.75
CA GLN D 1620 67.61 26.87 -44.50
C GLN D 1620 68.20 28.00 -43.66
N PHE D 1621 68.22 27.91 -42.32
CA PHE D 1621 68.70 29.00 -41.46
C PHE D 1621 70.17 28.79 -41.14
N GLU D 1622 71.01 29.20 -42.08
CA GLU D 1622 72.45 28.91 -42.13
C GLU D 1622 73.17 29.60 -40.97
N TYR D 1623 72.56 30.61 -40.39
CA TYR D 1623 73.18 31.31 -39.26
C TYR D 1623 72.73 30.78 -37.93
N VAL D 1624 72.07 29.64 -37.90
CA VAL D 1624 71.76 28.98 -36.62
C VAL D 1624 72.30 27.55 -36.60
N LEU D 1625 72.84 27.18 -35.46
CA LEU D 1625 73.30 25.81 -35.16
C LEU D 1625 72.53 25.30 -33.96
N TYR D 1626 72.04 24.08 -34.03
CA TYR D 1626 71.21 23.47 -32.98
C TYR D 1626 71.94 22.35 -32.29
N PRO D 1627 72.73 22.58 -31.25
CA PRO D 1627 73.44 21.50 -30.58
C PRO D 1627 72.55 20.60 -29.74
N SER D 1628 72.89 19.32 -29.67
CA SER D 1628 72.26 18.33 -28.79
C SER D 1628 73.11 18.12 -27.56
N LYS D 1629 74.32 18.62 -27.55
CA LYS D 1629 75.16 18.35 -26.38
C LYS D 1629 75.95 19.57 -25.97
N THR D 1630 76.28 19.57 -24.71
CA THR D 1630 77.02 20.63 -24.07
C THR D 1630 78.35 20.80 -24.79
N LEU D 1631 78.69 22.03 -25.11
CA LEU D 1631 79.98 22.43 -25.66
C LEU D 1631 80.70 23.29 -24.65
N LYS D 1632 81.89 22.87 -24.24
CA LYS D 1632 82.80 23.69 -23.44
C LYS D 1632 83.66 24.52 -24.38
N THR D 1633 83.35 25.80 -24.51
CA THR D 1633 84.02 26.72 -25.46
C THR D 1633 85.21 27.32 -24.73
N ASP D 1634 85.96 28.14 -25.45
CA ASP D 1634 87.03 28.90 -24.80
C ASP D 1634 86.53 30.33 -24.55
N GLY D 1635 85.21 30.55 -24.59
CA GLY D 1635 84.67 31.85 -24.17
C GLY D 1635 83.51 32.24 -25.01
N VAL D 1636 82.53 32.80 -24.33
CA VAL D 1636 81.37 33.38 -25.00
C VAL D 1636 81.42 34.84 -24.64
N ARG D 1637 81.26 35.69 -25.61
CA ARG D 1637 81.39 37.14 -25.44
C ARG D 1637 80.02 37.79 -25.30
N ALA D 1638 78.98 37.26 -25.95
CA ALA D 1638 77.68 37.89 -25.90
C ALA D 1638 76.64 36.84 -26.14
N VAL D 1639 75.48 37.03 -25.52
CA VAL D 1639 74.35 36.08 -25.69
C VAL D 1639 73.16 36.93 -26.05
N SER D 1640 72.37 36.48 -26.98
CA SER D 1640 71.03 37.01 -27.33
C SER D 1640 69.99 36.20 -26.61
N ILE D 1641 69.00 36.89 -26.03
CA ILE D 1641 67.81 36.29 -25.42
C ILE D 1641 66.62 36.82 -26.21
N THR D 1642 65.81 35.96 -26.75
CA THR D 1642 64.63 36.38 -27.52
C THR D 1642 63.41 35.77 -26.91
N SER D 1643 62.32 36.50 -26.91
CA SER D 1643 61.06 36.02 -26.31
C SER D 1643 59.94 36.44 -27.24
N PHE D 1644 58.90 35.64 -27.33
CA PHE D 1644 57.72 35.90 -28.18
C PHE D 1644 56.53 35.53 -27.33
N GLY D 1645 55.87 36.52 -26.78
CA GLY D 1645 54.65 36.28 -26.03
C GLY D 1645 53.44 36.35 -26.89
N PHE D 1646 52.37 35.77 -26.36
CA PHE D 1646 51.02 35.99 -26.86
C PHE D 1646 50.73 37.49 -26.89
N GLY D 1647 50.07 37.91 -27.95
CA GLY D 1647 49.66 39.31 -28.08
C GLY D 1647 50.78 40.14 -28.67
N GLN D 1648 51.55 39.54 -29.56
CA GLN D 1648 52.63 40.20 -30.32
C GLN D 1648 53.69 40.78 -29.40
N LYS D 1649 53.93 40.15 -28.28
CA LYS D 1649 54.98 40.61 -27.38
C LYS D 1649 56.29 39.97 -27.86
N GLY D 1650 57.07 40.68 -28.64
CA GLY D 1650 58.41 40.27 -29.04
C GLY D 1650 59.41 40.99 -28.17
N GLY D 1651 60.47 40.31 -27.80
CA GLY D 1651 61.54 40.94 -27.07
C GLY D 1651 62.89 40.37 -27.41
N GLN D 1652 63.89 41.17 -27.20
CA GLN D 1652 65.26 40.73 -27.34
C GLN D 1652 66.12 41.46 -26.36
N ALA D 1653 66.98 40.73 -25.68
CA ALA D 1653 68.03 41.33 -24.86
C ALA D 1653 69.37 40.74 -25.29
N ILE D 1654 70.40 41.56 -25.22
CA ILE D 1654 71.79 41.15 -25.49
C ILE D 1654 72.56 41.33 -24.21
N VAL D 1655 73.23 40.29 -23.78
CA VAL D 1655 74.11 40.34 -22.59
C VAL D 1655 75.53 40.11 -23.07
N VAL D 1656 76.39 40.96 -22.61
CA VAL D 1656 77.82 40.97 -22.93
C VAL D 1656 78.57 40.57 -21.69
N HIS D 1657 79.60 39.82 -21.95
CA HIS D 1657 80.52 39.31 -20.93
C HIS D 1657 80.99 40.45 -20.07
N PRO D 1658 80.99 40.26 -18.75
CA PRO D 1658 81.26 41.34 -17.84
C PRO D 1658 82.69 41.85 -17.93
N ASP D 1659 83.62 41.06 -18.47
CA ASP D 1659 85.02 41.48 -18.52
C ASP D 1659 85.20 42.64 -19.47
N TYR D 1660 84.28 42.89 -20.38
CA TYR D 1660 84.37 44.06 -21.26
C TYR D 1660 84.11 45.32 -20.46
N LEU D 1661 83.49 45.24 -19.28
CA LEU D 1661 83.28 46.48 -18.50
C LEU D 1661 84.65 46.97 -18.01
N TYR D 1662 85.54 46.05 -17.62
CA TYR D 1662 86.73 46.38 -16.80
C TYR D 1662 87.74 47.13 -17.66
N GLY D 1663 87.71 46.99 -18.98
CA GLY D 1663 88.54 47.81 -19.88
C GLY D 1663 88.16 49.28 -19.86
N ALA D 1664 87.00 49.63 -19.33
CA ALA D 1664 86.54 51.03 -19.25
C ALA D 1664 87.15 51.74 -18.05
N ILE D 1665 87.72 51.03 -17.10
CA ILE D 1665 88.19 51.68 -15.85
C ILE D 1665 89.70 51.51 -15.70
N THR D 1666 90.27 52.23 -14.75
CA THR D 1666 91.72 52.19 -14.41
C THR D 1666 92.04 50.98 -13.57
N GLU D 1667 93.34 50.69 -13.48
CA GLU D 1667 93.83 49.57 -12.67
C GLU D 1667 93.50 49.80 -11.20
N ASP D 1668 93.66 51.00 -10.68
CA ASP D 1668 93.37 51.26 -9.26
C ASP D 1668 91.87 51.05 -8.97
N ARG D 1669 91.02 51.54 -9.85
CA ARG D 1669 89.57 51.37 -9.66
C ARG D 1669 89.27 49.87 -9.68
N TYR D 1670 89.85 49.17 -10.65
CA TYR D 1670 89.60 47.73 -10.77
C TYR D 1670 90.05 47.01 -9.54
N ASN D 1671 91.24 47.35 -9.04
CA ASN D 1671 91.80 46.61 -7.88
C ASN D 1671 91.02 46.92 -6.63
N GLU D 1672 90.59 48.15 -6.45
CA GLU D 1672 89.69 48.50 -5.34
C GLU D 1672 88.41 47.63 -5.41
N TYR D 1673 87.79 47.56 -6.58
CA TYR D 1673 86.55 46.77 -6.82
C TYR D 1673 86.83 45.31 -6.48
N VAL D 1674 87.91 44.74 -7.01
CA VAL D 1674 88.24 43.31 -6.78
C VAL D 1674 88.28 43.00 -5.28
N ALA D 1675 88.93 43.85 -4.53
CA ALA D 1675 89.03 43.68 -3.07
C ALA D 1675 87.65 43.79 -2.45
N LYS D 1676 86.86 44.79 -2.83
CA LYS D 1676 85.51 44.92 -2.23
C LYS D 1676 84.69 43.68 -2.54
N VAL D 1677 84.69 43.24 -3.76
CA VAL D 1677 83.86 42.09 -4.17
C VAL D 1677 84.31 40.83 -3.45
N SER D 1678 85.62 40.69 -3.29
CA SER D 1678 86.19 39.51 -2.61
C SER D 1678 85.66 39.46 -1.18
N ALA D 1679 85.69 40.59 -0.49
CA ALA D 1679 85.19 40.66 0.88
C ALA D 1679 83.69 40.37 0.91
N ARG D 1680 82.95 40.91 -0.06
CA ARG D 1680 81.48 40.76 -0.09
C ARG D 1680 81.11 39.33 -0.32
N GLU D 1681 81.85 38.66 -1.17
CA GLU D 1681 81.62 37.25 -1.53
C GLU D 1681 81.81 36.35 -0.31
N LYS D 1682 82.85 36.60 0.45
CA LYS D 1682 83.10 35.85 1.70
C LYS D 1682 81.96 36.05 2.66
N SER D 1683 81.49 37.28 2.82
CA SER D 1683 80.33 37.59 3.71
C SER D 1683 79.06 36.94 3.19
N ALA D 1684 78.91 36.80 1.88
CA ALA D 1684 77.71 36.23 1.28
C ALA D 1684 77.69 34.73 1.54
N TYR D 1685 78.83 34.06 1.38
CA TYR D 1685 78.94 32.62 1.68
C TYR D 1685 78.56 32.38 3.15
N LYS D 1686 79.07 33.22 4.02
CA LYS D 1686 78.76 33.14 5.45
C LYS D 1686 77.27 33.19 5.60
N PHE D 1687 76.63 34.21 5.02
CA PHE D 1687 75.18 34.41 5.11
C PHE D 1687 74.42 33.25 4.54
N PHE D 1688 74.86 32.81 3.39
CA PHE D 1688 74.14 31.76 2.69
C PHE D 1688 74.10 30.47 3.52
N HIS D 1689 75.24 30.01 3.99
CA HIS D 1689 75.27 28.70 4.72
C HIS D 1689 74.53 28.82 6.05
N ASN D 1690 74.69 29.94 6.72
CA ASN D 1690 73.90 30.14 7.96
C ASN D 1690 72.43 30.05 7.62
N GLY D 1691 72.01 30.74 6.55
CA GLY D 1691 70.60 30.80 6.23
C GLY D 1691 70.11 29.48 5.82
N MET D 1692 70.92 28.76 5.05
CA MET D 1692 70.43 27.48 4.54
C MET D 1692 70.19 26.55 5.73
N ILE D 1693 71.17 26.41 6.58
CA ILE D 1693 71.01 25.35 7.62
C ILE D 1693 70.03 25.79 8.70
N TYR D 1694 69.91 27.08 9.00
CA TYR D 1694 68.85 27.52 9.96
C TYR D 1694 67.54 27.99 9.33
N ASN D 1695 67.35 27.78 8.04
CA ASN D 1695 66.07 28.12 7.39
C ASN D 1695 65.77 29.61 7.57
N LYS D 1696 66.75 30.45 7.35
CA LYS D 1696 66.58 31.90 7.48
C LYS D 1696 67.32 32.62 6.36
N LEU D 1697 67.25 32.13 5.13
CA LEU D 1697 67.77 32.96 4.02
C LEU D 1697 66.90 34.20 3.88
N PHE D 1698 65.60 33.99 3.98
CA PHE D 1698 64.58 35.06 3.93
C PHE D 1698 64.40 35.58 5.34
N VAL D 1699 64.67 36.84 5.58
CA VAL D 1699 64.34 37.50 6.86
C VAL D 1699 63.52 38.77 6.56
N SER D 1700 62.24 38.73 6.86
CA SER D 1700 61.30 39.85 6.69
C SER D 1700 61.76 41.00 7.58
N LYS D 1701 61.67 42.21 7.05
CA LYS D 1701 61.98 43.43 7.82
C LYS D 1701 60.78 43.75 8.70
N GLU D 1702 61.02 44.14 9.94
CA GLU D 1702 59.90 44.54 10.82
C GLU D 1702 59.64 46.01 10.59
N HIS D 1703 60.70 46.74 10.29
CA HIS D 1703 60.70 48.21 10.27
C HIS D 1703 61.37 48.65 9.00
N ALA D 1704 60.83 49.71 8.45
CA ALA D 1704 61.50 50.54 7.47
C ALA D 1704 62.79 51.02 8.08
N PRO D 1705 63.75 51.46 7.25
CA PRO D 1705 65.00 52.00 7.77
C PRO D 1705 64.87 53.38 8.46
N TYR D 1706 63.72 53.99 8.31
CA TYR D 1706 63.39 55.26 8.96
C TYR D 1706 62.22 54.99 9.87
N THR D 1707 62.13 55.81 10.92
CA THR D 1707 60.89 55.87 11.75
C THR D 1707 59.80 56.61 10.99
N ASP D 1708 58.55 56.39 11.35
CA ASP D 1708 57.40 57.22 10.86
C ASP D 1708 57.71 58.71 10.97
N GLU D 1709 58.34 59.16 12.04
CA GLU D 1709 58.66 60.59 12.27
C GLU D 1709 59.70 61.11 11.26
N LEU D 1710 60.60 60.25 10.76
CA LEU D 1710 61.66 60.70 9.82
C LEU D 1710 61.28 60.40 8.36
N GLU D 1711 60.21 59.67 8.12
CA GLU D 1711 59.83 59.21 6.76
C GLU D 1711 59.89 60.38 5.77
N GLU D 1712 59.17 61.46 6.04
CA GLU D 1712 58.99 62.55 5.09
C GLU D 1712 60.34 63.22 4.90
N ASP D 1713 61.09 63.38 5.98
CA ASP D 1713 62.42 64.00 5.91
C ASP D 1713 63.31 63.17 4.99
N VAL D 1714 63.27 61.85 5.13
CA VAL D 1714 64.09 60.97 4.27
C VAL D 1714 63.61 61.09 2.83
N TYR D 1715 62.28 61.07 2.61
CA TYR D 1715 61.77 61.16 1.24
C TYR D 1715 62.20 62.44 0.59
N LEU D 1716 62.36 63.50 1.37
CA LEU D 1716 62.55 64.82 0.81
C LEU D 1716 64.01 65.21 0.73
N ASP D 1717 64.91 64.38 1.22
CA ASP D 1717 66.34 64.71 1.08
C ASP D 1717 67.03 63.69 0.16
N PRO D 1718 67.42 64.05 -1.06
CA PRO D 1718 67.96 63.09 -2.01
C PRO D 1718 69.32 62.53 -1.55
N LEU D 1719 69.94 63.19 -0.58
CA LEU D 1719 71.29 62.82 -0.13
C LEU D 1719 71.20 62.05 1.17
N ALA D 1720 70.03 61.68 1.64
CA ALA D 1720 69.88 60.92 2.89
C ALA D 1720 70.38 59.51 2.68
N ARG D 1721 71.24 59.02 3.56
CA ARG D 1721 71.78 57.64 3.49
C ARG D 1721 71.63 56.99 4.85
N VAL D 1722 71.49 55.69 4.83
CA VAL D 1722 71.46 54.94 6.11
C VAL D 1722 72.89 54.82 6.63
N SER D 1723 72.97 54.53 7.91
CA SER D 1723 74.25 54.29 8.62
C SER D 1723 73.95 53.26 9.71
N LYS D 1724 74.99 52.58 10.17
CA LYS D 1724 74.88 51.53 11.21
C LYS D 1724 74.54 52.23 12.52
N ASP D 1725 73.41 51.88 13.11
CA ASP D 1725 73.00 52.34 14.45
C ASP D 1725 73.88 51.61 15.49
N LYS D 1726 74.61 52.34 16.34
CA LYS D 1726 75.55 51.74 17.34
C LYS D 1726 74.82 50.74 18.26
N LYS D 1727 73.59 51.03 18.68
CA LYS D 1727 72.81 50.17 19.63
C LYS D 1727 72.33 48.89 18.92
N SER D 1728 71.43 49.02 17.95
CA SER D 1728 70.77 47.89 17.22
C SER D 1728 71.77 47.14 16.34
N GLY D 1729 72.79 47.84 15.80
CA GLY D 1729 73.63 47.32 14.70
C GLY D 1729 72.95 47.39 13.33
N SER D 1730 71.68 47.77 13.27
CA SER D 1730 70.86 47.74 12.02
C SER D 1730 71.14 49.02 11.24
N LEU D 1731 70.89 48.99 9.93
CA LEU D 1731 71.04 50.17 9.06
C LEU D 1731 69.77 51.00 9.19
N THR D 1732 69.94 52.24 9.60
CA THR D 1732 68.83 53.17 9.83
C THR D 1732 69.23 54.53 9.32
N PHE D 1733 68.22 55.35 9.05
CA PHE D 1733 68.42 56.80 8.86
C PHE D 1733 68.41 57.46 10.23
N ASN D 1734 69.41 58.29 10.43
CA ASN D 1734 69.66 59.08 11.65
C ASN D 1734 69.37 60.52 11.24
N SER D 1735 68.66 61.28 12.07
CA SER D 1735 68.35 62.72 11.84
C SER D 1735 69.59 63.53 11.50
N LYS D 1736 70.75 63.18 12.05
CA LYS D 1736 72.03 63.93 11.83
C LYS D 1736 72.45 63.87 10.36
N ASN D 1737 72.07 62.84 9.63
CA ASN D 1737 72.46 62.66 8.21
C ASN D 1737 71.35 63.12 7.26
N ILE D 1738 70.30 63.73 7.78
CA ILE D 1738 69.16 64.23 6.96
C ILE D 1738 69.27 65.74 6.86
N GLN D 1739 69.25 66.24 5.63
CA GLN D 1739 69.49 67.66 5.26
C GLN D 1739 70.80 68.12 5.94
N SER D 1740 71.83 67.30 5.87
CA SER D 1740 73.16 67.59 6.48
C SER D 1740 74.05 68.24 5.43
N LYS D 1741 74.72 69.31 5.81
CA LYS D 1741 75.72 70.01 4.99
C LYS D 1741 76.84 69.06 4.53
N ASP D 1742 77.23 68.08 5.33
CA ASP D 1742 78.37 67.17 5.02
C ASP D 1742 78.04 66.31 3.79
N SER D 1743 76.78 65.88 3.66
CA SER D 1743 76.26 65.14 2.48
C SER D 1743 76.58 65.91 1.19
N TYR D 1744 76.38 67.22 1.19
CA TYR D 1744 76.43 68.05 -0.03
C TYR D 1744 77.81 68.70 -0.20
N ILE D 1745 78.31 69.35 0.85
CA ILE D 1745 79.64 70.05 0.86
C ILE D 1745 80.68 69.04 1.36
N ASN D 1746 81.33 68.36 0.42
CA ASN D 1746 82.33 67.28 0.67
C ASN D 1746 83.73 67.92 0.84
N ALA D 1747 84.76 67.09 1.05
CA ALA D 1747 86.18 67.49 1.29
C ALA D 1747 86.74 68.25 0.08
N ASN D 1748 86.44 67.76 -1.12
CA ASN D 1748 86.91 68.36 -2.39
C ASN D 1748 86.32 69.76 -2.53
N THR D 1749 85.05 69.92 -2.16
CA THR D 1749 84.36 71.23 -2.27
C THR D 1749 85.04 72.20 -1.29
N ILE D 1750 85.29 71.76 -0.07
CA ILE D 1750 85.89 72.59 1.02
C ILE D 1750 87.31 73.03 0.61
N GLU D 1751 88.11 72.10 0.08
CA GLU D 1751 89.49 72.36 -0.41
C GLU D 1751 89.45 73.35 -1.57
N THR D 1752 88.69 73.06 -2.62
CA THR D 1752 88.60 73.91 -3.84
C THR D 1752 88.11 75.30 -3.45
N ALA D 1753 87.08 75.44 -2.60
CA ALA D 1753 86.53 76.76 -2.21
C ALA D 1753 87.61 77.58 -1.47
N LYS D 1754 88.33 76.94 -0.54
CA LYS D 1754 89.45 77.56 0.22
C LYS D 1754 90.51 78.05 -0.76
N MET D 1755 90.92 77.21 -1.70
CA MET D 1755 91.94 77.56 -2.70
C MET D 1755 91.56 78.85 -3.40
N ILE D 1756 90.32 78.96 -3.87
CA ILE D 1756 89.92 80.15 -4.68
C ILE D 1756 89.52 81.31 -3.74
N GLU D 1757 89.28 81.04 -2.44
CA GLU D 1757 89.12 82.09 -1.39
C GLU D 1757 90.48 82.76 -1.15
N ASN D 1758 91.57 82.01 -1.27
CA ASN D 1758 92.99 82.49 -1.15
C ASN D 1758 93.50 83.06 -2.49
N MET D 1759 92.60 83.36 -3.43
CA MET D 1759 92.89 83.98 -4.75
C MET D 1759 92.21 85.34 -4.89
N THR D 1760 91.35 85.72 -3.94
CA THR D 1760 90.65 87.04 -3.91
C THR D 1760 91.70 88.13 -3.68
N LYS D 1761 91.52 89.31 -4.30
CA LYS D 1761 92.47 90.47 -4.29
C LYS D 1761 92.86 90.82 -2.85
N GLU D 1762 91.90 90.82 -1.92
CA GLU D 1762 92.10 91.21 -0.48
C GLU D 1762 92.96 90.15 0.23
N LYS D 1763 92.76 88.85 -0.06
CA LYS D 1763 93.54 87.73 0.54
C LYS D 1763 95.00 87.79 0.06
N VAL D 1764 95.20 87.86 -1.26
CA VAL D 1764 96.56 88.01 -1.89
C VAL D 1764 96.41 88.73 -3.24
N SER D 1765 97.31 89.68 -3.50
CA SER D 1765 97.41 90.47 -4.75
C SER D 1765 98.87 90.85 -5.01
N ASN D 1766 99.15 91.49 -6.15
CA ASN D 1766 100.50 91.99 -6.56
C ASN D 1766 101.43 90.79 -6.77
N GLY D 1767 101.08 89.93 -7.74
CA GLY D 1767 101.82 88.69 -8.08
C GLY D 1767 101.08 87.86 -9.10
N GLY D 1768 101.83 87.10 -9.92
CA GLY D 1768 101.27 86.19 -10.94
C GLY D 1768 100.39 85.11 -10.31
N VAL D 1769 99.16 84.96 -10.82
CA VAL D 1769 98.17 83.94 -10.36
C VAL D 1769 97.87 83.02 -11.56
N GLY D 1770 98.12 81.71 -11.37
CA GLY D 1770 97.81 80.65 -12.35
C GLY D 1770 96.80 79.66 -11.79
N VAL D 1771 95.73 79.40 -12.55
CA VAL D 1771 94.65 78.43 -12.22
C VAL D 1771 94.66 77.36 -13.30
N ASP D 1772 94.83 76.09 -12.93
CA ASP D 1772 94.68 74.98 -13.90
C ASP D 1772 93.71 73.93 -13.36
N VAL D 1773 92.93 73.36 -14.26
CA VAL D 1773 92.07 72.17 -13.99
C VAL D 1773 92.44 71.07 -14.97
N GLU D 1774 92.52 69.85 -14.48
CA GLU D 1774 92.67 68.64 -15.31
C GLU D 1774 91.58 67.67 -14.88
N LEU D 1775 90.77 67.24 -15.84
CA LEU D 1775 89.88 66.08 -15.67
C LEU D 1775 90.79 64.88 -15.49
N ILE D 1776 90.65 64.13 -14.40
CA ILE D 1776 91.60 63.04 -14.09
C ILE D 1776 91.54 61.98 -15.19
N THR D 1777 90.40 61.86 -15.89
CA THR D 1777 90.24 60.86 -17.00
C THR D 1777 91.20 61.17 -18.16
N SER D 1778 91.78 62.38 -18.22
CA SER D 1778 92.79 62.81 -19.23
C SER D 1778 94.15 62.16 -19.00
N ILE D 1779 94.46 61.79 -17.75
CA ILE D 1779 95.73 61.14 -17.33
C ILE D 1779 95.66 59.64 -17.66
N ASN D 1780 96.49 59.18 -18.59
CA ASN D 1780 96.77 57.75 -18.82
C ASN D 1780 98.05 57.40 -18.05
N VAL D 1781 97.92 56.73 -16.90
CA VAL D 1781 99.06 56.37 -15.99
C VAL D 1781 99.90 55.25 -16.63
N GLU D 1782 99.33 54.48 -17.57
CA GLU D 1782 100.05 53.44 -18.37
C GLU D 1782 100.94 54.10 -19.44
N ASN D 1783 100.66 55.35 -19.82
CA ASN D 1783 101.41 56.12 -20.86
C ASN D 1783 102.77 56.53 -20.28
N ASP D 1784 103.72 55.58 -20.20
CA ASP D 1784 105.06 55.72 -19.59
C ASP D 1784 105.85 56.86 -20.26
N THR D 1785 105.66 57.07 -21.57
CA THR D 1785 106.24 58.18 -22.38
C THR D 1785 105.85 59.53 -21.76
N PHE D 1786 104.55 59.81 -21.68
CA PHE D 1786 103.98 61.08 -21.13
C PHE D 1786 104.38 61.27 -19.66
N ILE D 1787 104.37 60.21 -18.86
CA ILE D 1787 104.66 60.26 -17.40
C ILE D 1787 106.16 60.56 -17.20
N GLU D 1788 107.05 59.86 -17.90
CA GLU D 1788 108.52 60.02 -17.77
C GLU D 1788 108.95 61.41 -18.28
N ARG D 1789 108.35 61.86 -19.38
CA ARG D 1789 108.64 63.16 -20.05
C ARG D 1789 108.33 64.34 -19.11
N ASN D 1790 107.15 64.34 -18.47
CA ASN D 1790 106.56 65.52 -17.80
C ASN D 1790 106.76 65.47 -16.27
N PHE D 1791 107.09 64.31 -15.68
CA PHE D 1791 107.20 64.14 -14.22
C PHE D 1791 108.62 63.64 -13.88
N THR D 1792 109.13 64.09 -12.74
CA THR D 1792 110.44 63.67 -12.16
C THR D 1792 110.23 62.32 -11.48
N PRO D 1793 111.28 61.47 -11.32
CA PRO D 1793 111.16 60.23 -10.55
C PRO D 1793 110.60 60.35 -9.12
N GLN D 1794 110.79 61.51 -8.46
CA GLN D 1794 110.26 61.79 -7.10
C GLN D 1794 108.73 61.93 -7.17
N GLU D 1795 108.24 62.71 -8.14
CA GLU D 1795 106.78 62.94 -8.41
C GLU D 1795 106.11 61.63 -8.81
N ILE D 1796 106.74 60.84 -9.69
CA ILE D 1796 106.26 59.51 -10.16
C ILE D 1796 106.14 58.57 -8.95
N GLU D 1797 107.13 58.59 -8.05
CA GLU D 1797 107.16 57.71 -6.85
C GLU D 1797 106.00 58.10 -5.91
N TYR D 1798 105.80 59.40 -5.69
CA TYR D 1798 104.76 59.93 -4.76
C TYR D 1798 103.37 59.55 -5.28
N CYS D 1799 103.08 59.88 -6.55
CA CYS D 1799 101.77 59.65 -7.22
C CYS D 1799 101.45 58.15 -7.29
N SER D 1800 102.44 57.32 -7.66
CA SER D 1800 102.32 55.83 -7.74
C SER D 1800 101.92 55.23 -6.37
N ALA D 1801 102.38 55.81 -5.26
CA ALA D 1801 102.15 55.33 -3.88
C ALA D 1801 100.75 55.71 -3.38
N GLN D 1802 100.03 56.62 -4.05
CA GLN D 1802 98.72 57.15 -3.59
C GLN D 1802 97.60 56.17 -3.95
N PRO D 1803 96.46 56.20 -3.20
CA PRO D 1803 95.32 55.32 -3.47
C PRO D 1803 94.79 55.42 -4.92
N SER D 1804 94.42 56.63 -5.37
CA SER D 1804 94.12 56.92 -6.80
C SER D 1804 95.35 57.54 -7.45
N VAL D 1805 96.11 56.72 -8.17
CA VAL D 1805 97.33 57.12 -8.91
C VAL D 1805 96.92 58.21 -9.91
N GLN D 1806 95.85 57.96 -10.66
CA GLN D 1806 95.38 58.84 -11.76
C GLN D 1806 95.04 60.22 -11.21
N SER D 1807 94.28 60.28 -10.10
CA SER D 1807 93.89 61.55 -9.44
C SER D 1807 95.14 62.31 -8.95
N SER D 1808 96.10 61.61 -8.32
CA SER D 1808 97.37 62.19 -7.83
C SER D 1808 98.21 62.74 -9.00
N PHE D 1809 98.43 61.97 -10.06
CA PHE D 1809 99.10 62.49 -11.29
C PHE D 1809 98.37 63.71 -11.85
N ALA D 1810 97.04 63.70 -11.89
CA ALA D 1810 96.22 64.83 -12.39
C ALA D 1810 96.44 66.03 -11.46
N GLY D 1811 96.45 65.81 -10.15
CA GLY D 1811 96.76 66.83 -9.13
C GLY D 1811 98.12 67.48 -9.38
N THR D 1812 99.13 66.68 -9.70
CA THR D 1812 100.53 67.13 -9.94
C THR D 1812 100.58 67.84 -11.29
N TRP D 1813 99.98 67.27 -12.34
CA TRP D 1813 99.96 67.88 -13.69
C TRP D 1813 99.30 69.26 -13.60
N SER D 1814 98.20 69.35 -12.85
CA SER D 1814 97.43 70.61 -12.69
C SER D 1814 98.30 71.65 -11.97
N ALA D 1815 99.01 71.26 -10.90
CA ALA D 1815 99.98 72.09 -10.16
C ALA D 1815 101.06 72.66 -11.11
N LYS D 1816 101.75 71.79 -11.85
CA LYS D 1816 102.80 72.19 -12.83
C LYS D 1816 102.26 73.24 -13.79
N GLU D 1817 101.10 73.00 -14.39
CA GLU D 1817 100.45 73.89 -15.40
C GLU D 1817 99.99 75.20 -14.74
N ALA D 1818 99.58 75.17 -13.47
CA ALA D 1818 99.14 76.38 -12.72
C ALA D 1818 100.37 77.25 -12.44
N VAL D 1819 101.47 76.64 -12.00
CA VAL D 1819 102.79 77.31 -11.78
C VAL D 1819 103.23 77.98 -13.10
N PHE D 1820 103.28 77.24 -14.21
CA PHE D 1820 103.66 77.74 -15.55
C PHE D 1820 102.82 78.98 -15.92
N LYS D 1821 101.52 78.97 -15.65
CA LYS D 1821 100.59 80.10 -15.93
C LYS D 1821 100.91 81.29 -15.01
N SER D 1822 101.33 81.03 -13.76
CA SER D 1822 101.65 82.08 -12.74
C SER D 1822 102.93 82.83 -13.14
N LEU D 1823 103.96 82.12 -13.65
CA LEU D 1823 105.23 82.70 -14.15
C LEU D 1823 104.93 83.64 -15.33
N GLY D 1824 104.10 83.19 -16.28
CA GLY D 1824 103.55 83.99 -17.39
C GLY D 1824 104.51 84.13 -18.56
N VAL D 1825 105.35 83.11 -18.80
CA VAL D 1825 106.43 83.10 -19.83
C VAL D 1825 105.98 82.27 -21.04
N ALA D 1833 108.31 70.91 -21.99
CA ALA D 1833 107.92 69.94 -20.94
C ALA D 1833 107.83 70.63 -19.58
N LEU D 1834 106.97 70.10 -18.70
CA LEU D 1834 106.68 70.63 -17.33
C LEU D 1834 107.62 69.99 -16.30
N LYS D 1835 108.56 69.13 -16.70
CA LYS D 1835 109.50 68.42 -15.78
C LYS D 1835 110.37 69.43 -15.03
N ASP D 1836 110.70 70.56 -15.68
CA ASP D 1836 111.44 71.72 -15.10
C ASP D 1836 110.80 72.15 -13.78
N ILE D 1837 109.46 72.15 -13.70
CA ILE D 1837 108.67 72.51 -12.48
C ILE D 1837 108.41 71.22 -11.69
N GLU D 1838 109.11 71.04 -10.56
CA GLU D 1838 108.91 69.89 -9.64
C GLU D 1838 108.00 70.33 -8.48
N ILE D 1839 106.97 69.53 -8.21
CA ILE D 1839 106.05 69.67 -7.04
C ILE D 1839 106.48 68.62 -6.01
N VAL D 1840 106.95 69.06 -4.84
CA VAL D 1840 107.35 68.18 -3.70
C VAL D 1840 106.14 68.07 -2.76
N ARG D 1841 105.56 66.87 -2.66
CA ARG D 1841 104.29 66.60 -1.94
C ARG D 1841 104.56 65.68 -0.76
N VAL D 1842 104.19 66.14 0.44
CA VAL D 1842 104.23 65.37 1.72
C VAL D 1842 102.78 65.19 2.18
N ASN D 1843 102.45 64.01 2.74
CA ASN D 1843 101.07 63.64 3.18
C ASN D 1843 100.57 64.67 4.19
N LYS D 1844 99.29 65.07 4.07
CA LYS D 1844 98.56 66.10 4.87
C LYS D 1844 99.45 67.33 5.13
N ASN D 1845 100.22 67.76 4.12
CA ASN D 1845 101.11 68.95 4.14
C ASN D 1845 100.99 69.70 2.80
N ALA D 1846 101.15 71.03 2.81
CA ALA D 1846 101.08 71.91 1.63
C ALA D 1846 102.22 71.56 0.67
N PRO D 1847 101.96 71.40 -0.65
CA PRO D 1847 103.02 71.06 -1.61
C PRO D 1847 103.93 72.27 -1.89
N ALA D 1848 105.20 72.01 -2.20
CA ALA D 1848 106.26 73.01 -2.46
C ALA D 1848 106.64 72.98 -3.94
N VAL D 1849 106.89 74.15 -4.54
CA VAL D 1849 107.34 74.31 -5.95
C VAL D 1849 108.86 74.52 -5.97
N GLU D 1850 109.56 73.81 -6.86
CA GLU D 1850 111.02 73.89 -7.07
C GLU D 1850 111.31 73.94 -8.58
N LEU D 1851 111.85 75.05 -9.07
CA LEU D 1851 112.16 75.28 -10.50
C LEU D 1851 113.62 74.89 -10.75
N HIS D 1852 113.88 74.03 -11.75
CA HIS D 1852 115.20 73.35 -11.96
C HIS D 1852 115.89 73.92 -13.21
N GLY D 1853 115.39 73.60 -14.41
CA GLY D 1853 116.03 73.95 -15.70
C GLY D 1853 115.68 75.35 -16.16
N ASN D 1854 115.05 75.46 -17.34
CA ASN D 1854 114.71 76.74 -18.03
C ASN D 1854 113.63 77.50 -17.26
N ALA D 1855 112.81 76.81 -16.45
CA ALA D 1855 111.76 77.40 -15.58
C ALA D 1855 112.42 78.29 -14.50
N LYS D 1856 113.56 77.85 -13.95
CA LYS D 1856 114.36 78.62 -12.94
C LYS D 1856 114.87 79.91 -13.59
N LYS D 1857 115.42 79.81 -14.81
CA LYS D 1857 115.94 80.96 -15.60
C LYS D 1857 114.80 81.92 -15.92
N ALA D 1858 113.64 81.41 -16.37
CA ALA D 1858 112.44 82.18 -16.76
C ALA D 1858 111.87 82.94 -15.55
N ALA D 1859 111.93 82.35 -14.35
CA ALA D 1859 111.50 82.95 -13.06
C ALA D 1859 112.47 84.07 -12.65
N GLU D 1860 113.77 83.88 -12.90
CA GLU D 1860 114.84 84.89 -12.63
C GLU D 1860 114.66 86.11 -13.55
N GLU D 1861 114.24 85.91 -14.81
CA GLU D 1861 114.00 87.01 -15.80
C GLU D 1861 112.91 87.96 -15.28
N ALA D 1862 111.80 87.41 -14.76
CA ALA D 1862 110.63 88.15 -14.23
C ALA D 1862 110.83 88.55 -12.75
N GLY D 1863 111.93 88.09 -12.12
CA GLY D 1863 112.29 88.40 -10.73
C GLY D 1863 111.34 87.75 -9.73
N VAL D 1864 110.90 86.52 -10.02
CA VAL D 1864 109.99 85.71 -9.15
C VAL D 1864 110.84 85.10 -8.02
N THR D 1865 110.54 85.46 -6.77
CA THR D 1865 111.28 85.07 -5.55
C THR D 1865 110.75 83.72 -5.04
N ASP D 1866 109.43 83.63 -4.82
CA ASP D 1866 108.71 82.43 -4.28
C ASP D 1866 107.56 82.06 -5.23
N VAL D 1867 107.30 80.75 -5.36
CA VAL D 1867 106.09 80.16 -6.02
C VAL D 1867 105.46 79.19 -5.01
N LYS D 1868 104.20 79.45 -4.62
CA LYS D 1868 103.40 78.52 -3.77
C LYS D 1868 102.25 77.97 -4.62
N VAL D 1869 101.83 76.73 -4.36
CA VAL D 1869 100.73 76.05 -5.10
C VAL D 1869 99.82 75.33 -4.09
N SER D 1870 98.51 75.40 -4.34
CA SER D 1870 97.47 74.58 -3.67
C SER D 1870 96.88 73.62 -4.71
N ILE D 1871 96.55 72.40 -4.28
CA ILE D 1871 95.99 71.32 -5.15
C ILE D 1871 94.80 70.68 -4.43
N SER D 1872 93.66 70.63 -5.10
CA SER D 1872 92.53 69.70 -4.77
C SER D 1872 92.39 68.70 -5.91
N HIS D 1873 92.11 67.44 -5.61
CA HIS D 1873 91.84 66.42 -6.63
C HIS D 1873 90.88 65.37 -6.04
N ASP D 1874 90.00 64.86 -6.90
CA ASP D 1874 88.99 63.83 -6.51
C ASP D 1874 88.81 62.89 -7.71
N ASP D 1875 87.70 62.16 -7.78
CA ASP D 1875 87.44 61.15 -8.84
C ASP D 1875 87.15 61.86 -10.18
N LEU D 1876 86.90 63.17 -10.19
CA LEU D 1876 86.52 63.89 -11.44
C LEU D 1876 87.66 64.77 -11.96
N GLN D 1877 88.17 65.67 -11.12
CA GLN D 1877 89.04 66.77 -11.61
C GLN D 1877 90.10 67.10 -10.56
N ALA D 1878 91.21 67.65 -11.04
CA ALA D 1878 92.32 68.22 -10.24
C ALA D 1878 92.31 69.72 -10.49
N VAL D 1879 92.21 70.50 -9.43
CA VAL D 1879 92.29 71.97 -9.52
C VAL D 1879 93.58 72.38 -8.79
N ALA D 1880 94.37 73.24 -9.42
CA ALA D 1880 95.61 73.80 -8.82
C ALA D 1880 95.59 75.31 -8.96
N VAL D 1881 95.83 76.00 -7.86
CA VAL D 1881 96.03 77.48 -7.82
C VAL D 1881 97.48 77.74 -7.42
N ALA D 1882 98.26 78.38 -8.31
CA ALA D 1882 99.67 78.80 -8.08
C ALA D 1882 99.72 80.33 -7.99
N VAL D 1883 100.35 80.84 -6.92
CA VAL D 1883 100.69 82.29 -6.74
C VAL D 1883 102.22 82.42 -6.77
N SER D 1884 102.75 83.13 -7.77
CA SER D 1884 104.19 83.52 -7.91
C SER D 1884 104.36 84.96 -7.43
N THR D 1885 105.13 85.17 -6.34
CA THR D 1885 105.40 86.48 -5.70
C THR D 1885 106.85 86.91 -5.95
N LYS D 1886 107.07 88.19 -6.25
CA LYS D 1886 108.39 88.81 -6.53
C LYS D 1886 108.93 89.46 -5.26
N MET E 1 58.11 -3.07 -112.78
CA MET E 1 58.87 -3.32 -111.51
C MET E 1 58.29 -4.55 -110.80
N LYS E 2 59.16 -5.45 -110.34
CA LYS E 2 58.78 -6.74 -109.68
C LYS E 2 58.22 -6.42 -108.30
N PRO E 3 57.26 -7.23 -107.76
CA PRO E 3 56.73 -7.03 -106.41
C PRO E 3 57.78 -6.95 -105.29
N GLU E 4 58.80 -7.82 -105.31
CA GLU E 4 59.85 -7.90 -104.26
C GLU E 4 60.81 -6.70 -104.35
N VAL E 5 61.09 -6.19 -105.56
CA VAL E 5 61.96 -5.01 -105.77
C VAL E 5 61.22 -3.76 -105.26
N GLU E 6 59.95 -3.61 -105.64
CA GLU E 6 59.05 -2.52 -105.18
C GLU E 6 59.02 -2.53 -103.65
N GLN E 7 58.89 -3.71 -103.04
CA GLN E 7 58.89 -3.89 -101.57
C GLN E 7 60.22 -3.37 -101.00
N GLU E 8 61.35 -3.73 -101.61
CA GLU E 8 62.70 -3.27 -101.20
C GLU E 8 62.77 -1.74 -101.27
N LEU E 9 62.32 -1.13 -102.37
CA LEU E 9 62.38 0.35 -102.55
C LEU E 9 61.45 1.04 -101.55
N ALA E 10 60.26 0.48 -101.34
CA ALA E 10 59.25 0.95 -100.37
C ALA E 10 59.84 0.93 -98.96
N HIS E 11 60.60 -0.11 -98.62
CA HIS E 11 61.27 -0.27 -97.31
C HIS E 11 62.27 0.87 -97.13
N ILE E 12 63.13 1.08 -98.13
CA ILE E 12 64.17 2.15 -98.14
C ILE E 12 63.49 3.52 -98.05
N LEU E 13 62.43 3.76 -98.82
CA LEU E 13 61.71 5.06 -98.81
C LEU E 13 61.12 5.31 -97.43
N LEU E 14 60.45 4.30 -96.85
CA LEU E 14 59.75 4.41 -95.54
C LEU E 14 60.77 4.69 -94.43
N THR E 15 61.88 3.95 -94.40
CA THR E 15 62.96 4.14 -93.40
C THR E 15 63.51 5.57 -93.51
N GLU E 16 63.73 6.05 -94.73
CA GLU E 16 64.23 7.43 -94.98
C GLU E 16 63.17 8.43 -94.53
N LEU E 17 61.90 8.23 -94.90
CA LEU E 17 60.80 9.18 -94.53
C LEU E 17 60.75 9.36 -93.00
N LEU E 18 60.81 8.25 -92.27
CA LEU E 18 60.66 8.26 -90.79
C LEU E 18 61.93 8.84 -90.16
N ALA E 19 63.09 8.45 -90.67
CA ALA E 19 64.42 8.87 -90.17
C ALA E 19 64.51 10.39 -90.19
N TYR E 20 64.17 11.02 -91.33
CA TYR E 20 64.29 12.48 -91.54
C TYR E 20 63.14 13.23 -90.88
N GLN E 21 62.02 12.59 -90.63
CA GLN E 21 60.81 13.21 -90.05
C GLN E 21 61.17 13.79 -88.68
N PHE E 22 61.98 13.05 -87.93
CA PHE E 22 62.73 13.40 -86.70
C PHE E 22 63.10 14.89 -86.72
N ALA E 23 63.87 15.30 -87.73
CA ALA E 23 64.54 16.61 -87.84
C ALA E 23 64.14 17.35 -89.13
N SER E 24 62.88 17.19 -89.55
CA SER E 24 62.26 17.95 -90.67
C SER E 24 60.94 18.52 -90.18
N PRO E 25 60.47 19.65 -90.76
CA PRO E 25 59.21 20.23 -90.32
C PRO E 25 57.99 19.38 -90.71
N VAL E 26 56.94 19.50 -89.92
CA VAL E 26 55.66 18.77 -90.10
C VAL E 26 54.78 19.64 -91.01
N ARG E 27 54.62 19.20 -92.24
CA ARG E 27 53.82 19.87 -93.28
C ARG E 27 52.38 19.40 -93.16
N TRP E 28 51.69 19.82 -92.10
CA TRP E 28 50.31 19.39 -91.82
C TRP E 28 49.30 20.28 -92.54
N ILE E 29 49.72 21.45 -93.03
CA ILE E 29 48.90 22.32 -93.93
C ILE E 29 48.66 21.52 -95.19
N GLU E 30 49.74 21.11 -95.83
CA GLU E 30 49.70 20.41 -97.12
C GLU E 30 49.01 19.06 -96.95
N THR E 31 49.20 18.39 -95.80
CA THR E 31 48.59 17.06 -95.51
C THR E 31 47.07 17.22 -95.48
N GLN E 32 46.56 18.14 -94.70
CA GLN E 32 45.12 18.44 -94.60
C GLN E 32 44.56 18.78 -96.00
N ASP E 33 45.28 19.54 -96.80
CA ASP E 33 44.85 19.88 -98.19
C ASP E 33 44.78 18.60 -99.02
N VAL E 34 45.72 17.68 -98.85
CA VAL E 34 45.70 16.41 -99.64
C VAL E 34 44.46 15.61 -99.27
N PHE E 35 44.09 15.48 -97.99
CA PHE E 35 43.01 14.53 -97.63
C PHE E 35 41.65 15.22 -97.63
N LEU E 36 41.58 16.54 -97.43
CA LEU E 36 40.29 17.28 -97.47
C LEU E 36 39.92 17.64 -98.92
N LYS E 37 40.90 17.98 -99.78
CA LYS E 37 40.63 18.46 -101.17
C LYS E 37 40.88 17.33 -102.18
N ASP E 38 42.07 16.75 -102.22
CA ASP E 38 42.47 15.77 -103.29
C ASP E 38 41.76 14.42 -103.11
N PHE E 39 41.12 14.17 -101.95
CA PHE E 39 40.40 12.91 -101.63
C PHE E 39 38.94 13.17 -101.22
N ASN E 40 38.56 14.42 -100.94
CA ASN E 40 37.17 14.85 -100.59
C ASN E 40 36.67 13.95 -99.48
N THR E 41 37.48 13.81 -98.44
CA THR E 41 37.22 12.93 -97.30
C THR E 41 35.97 13.43 -96.58
N GLU E 42 35.09 12.51 -96.24
CA GLU E 42 33.78 12.80 -95.62
C GLU E 42 33.84 12.51 -94.13
N ARG E 43 34.67 11.54 -93.72
CA ARG E 43 34.88 11.19 -92.29
C ARG E 43 36.36 11.40 -91.99
N VAL E 44 36.68 12.36 -91.13
CA VAL E 44 38.06 12.49 -90.58
C VAL E 44 37.94 11.96 -89.17
N VAL E 45 38.57 10.80 -88.93
CA VAL E 45 38.60 10.15 -87.59
C VAL E 45 39.98 10.42 -87.00
N GLU E 46 40.01 11.18 -85.92
CA GLU E 46 41.26 11.50 -85.21
C GLU E 46 41.42 10.43 -84.12
N ILE E 47 42.50 9.66 -84.22
CA ILE E 47 42.86 8.63 -83.21
C ILE E 47 43.86 9.29 -82.28
N GLY E 48 43.42 9.61 -81.08
CA GLY E 48 44.28 10.23 -80.08
C GLY E 48 43.53 10.40 -78.79
N PRO E 49 44.22 10.80 -77.71
CA PRO E 49 43.56 10.99 -76.43
C PRO E 49 42.81 12.33 -76.32
N SER E 50 43.11 13.31 -77.19
CA SER E 50 42.47 14.66 -77.21
C SER E 50 42.18 15.11 -78.65
N PRO E 51 41.19 16.03 -78.84
CA PRO E 51 40.86 16.52 -80.19
C PRO E 51 41.70 17.71 -80.70
N THR E 52 42.98 17.50 -80.95
CA THR E 52 43.94 18.55 -81.42
C THR E 52 43.84 18.63 -82.94
N LEU E 53 44.04 17.51 -83.64
CA LEU E 53 43.98 17.45 -85.13
C LEU E 53 42.54 17.62 -85.64
N ALA E 54 41.54 17.23 -84.84
CA ALA E 54 40.09 17.40 -85.16
C ALA E 54 39.81 18.90 -85.20
N GLY E 55 40.14 19.60 -84.10
CA GLY E 55 40.18 21.07 -84.00
C GLY E 55 40.87 21.70 -85.18
N MET E 56 42.01 21.15 -85.62
CA MET E 56 42.78 21.74 -86.74
C MET E 56 42.03 21.57 -88.07
N ALA E 57 41.45 20.39 -88.32
CA ALA E 57 40.68 20.08 -89.55
C ALA E 57 39.41 20.97 -89.60
N GLN E 58 38.70 21.10 -88.47
CA GLN E 58 37.48 21.93 -88.30
C GLN E 58 37.77 23.40 -88.61
N ARG E 59 38.97 23.89 -88.28
CA ARG E 59 39.42 25.28 -88.56
C ARG E 59 39.93 25.40 -89.99
N THR E 60 40.65 24.40 -90.51
CA THR E 60 41.10 24.41 -91.93
C THR E 60 39.89 24.48 -92.86
N LEU E 61 38.83 23.73 -92.55
CA LEU E 61 37.60 23.62 -93.38
C LEU E 61 36.90 24.98 -93.40
N LYS E 62 36.67 25.57 -92.22
CA LYS E 62 36.02 26.90 -92.03
C LYS E 62 36.81 27.99 -92.75
N ASN E 63 38.13 27.85 -92.86
CA ASN E 63 39.05 28.92 -93.36
C ASN E 63 39.22 28.86 -94.89
N LYS E 64 39.13 27.68 -95.51
CA LYS E 64 39.48 27.58 -96.95
C LYS E 64 38.61 26.59 -97.74
N TYR E 65 37.56 25.99 -97.17
CA TYR E 65 36.74 24.95 -97.85
C TYR E 65 35.24 25.20 -97.66
N GLU E 66 34.84 26.33 -97.09
CA GLU E 66 33.41 26.59 -96.74
C GLU E 66 32.59 26.67 -98.03
N SER E 67 33.13 27.33 -99.06
CA SER E 67 32.46 27.52 -100.38
C SER E 67 32.59 26.22 -101.20
N TYR E 68 33.77 25.59 -101.19
CA TYR E 68 34.06 24.27 -101.81
C TYR E 68 33.07 23.22 -101.27
N ASP E 69 32.91 23.14 -99.95
CA ASP E 69 32.03 22.11 -99.32
C ASP E 69 30.56 22.38 -99.66
N ALA E 70 30.16 23.66 -99.73
CA ALA E 70 28.79 24.08 -100.12
C ALA E 70 28.55 23.67 -101.57
N ALA E 71 29.41 24.13 -102.48
CA ALA E 71 29.29 23.93 -103.94
C ALA E 71 29.17 22.44 -104.28
N LEU E 72 30.04 21.59 -103.74
CA LEU E 72 30.03 20.12 -104.01
C LEU E 72 29.09 19.39 -103.04
N SER E 73 28.41 20.09 -102.13
CA SER E 73 27.37 19.57 -101.20
C SER E 73 27.89 18.38 -100.37
N LEU E 74 29.21 18.30 -100.13
CA LEU E 74 29.82 17.17 -99.38
C LEU E 74 29.84 17.52 -97.89
N HIS E 75 29.23 16.66 -97.07
CA HIS E 75 29.13 16.79 -95.59
C HIS E 75 30.33 16.10 -94.95
N ARG E 76 31.17 16.88 -94.27
CA ARG E 76 32.35 16.42 -93.51
C ARG E 76 31.90 16.07 -92.09
N GLU E 77 32.25 14.89 -91.60
CA GLU E 77 32.24 14.56 -90.16
C GLU E 77 33.70 14.61 -89.69
N ILE E 78 34.02 15.48 -88.74
CA ILE E 78 35.33 15.50 -88.05
C ILE E 78 35.10 14.86 -86.69
N LEU E 79 35.56 13.63 -86.56
CA LEU E 79 35.31 12.78 -85.37
C LEU E 79 36.66 12.59 -84.67
N CYS E 80 36.70 12.82 -83.36
CA CYS E 80 37.84 12.46 -82.50
C CYS E 80 37.44 11.21 -81.73
N TYR E 81 38.26 10.17 -81.75
CA TYR E 81 38.07 8.91 -80.99
C TYR E 81 37.65 9.20 -79.53
N SER E 82 38.22 10.23 -78.91
CA SER E 82 38.07 10.54 -77.46
C SER E 82 36.68 11.08 -77.11
N LYS E 83 36.05 11.85 -78.01
CA LYS E 83 34.71 12.48 -77.78
C LYS E 83 33.59 11.77 -78.56
N ASP E 84 33.87 11.31 -79.79
CA ASP E 84 32.83 10.95 -80.79
C ASP E 84 32.77 9.42 -80.98
N ALA E 85 32.93 8.66 -79.91
CA ALA E 85 32.91 7.17 -79.94
C ALA E 85 31.59 6.70 -80.56
N LYS E 86 30.46 7.27 -80.14
CA LYS E 86 29.10 6.89 -80.59
C LYS E 86 28.98 7.00 -82.12
N GLU E 87 29.55 8.05 -82.71
CA GLU E 87 29.50 8.29 -84.18
C GLU E 87 30.46 7.33 -84.89
N ILE E 88 31.57 6.96 -84.26
CA ILE E 88 32.63 6.13 -84.92
C ILE E 88 32.21 4.66 -84.83
N TYR E 89 31.64 4.26 -83.70
CA TYR E 89 31.21 2.86 -83.45
C TYR E 89 29.78 2.59 -83.95
N TYR E 90 29.05 3.61 -84.43
CA TYR E 90 27.62 3.50 -84.82
C TYR E 90 26.83 2.93 -83.64
N THR E 91 26.89 3.61 -82.50
CA THR E 91 26.10 3.31 -81.28
C THR E 91 25.34 4.58 -80.88
N PRO E 92 24.34 5.03 -81.67
CA PRO E 92 23.61 6.25 -81.34
C PRO E 92 22.70 6.05 -80.12
N ASP E 93 22.31 7.13 -79.45
CA ASP E 93 21.37 7.14 -78.30
C ASP E 93 20.01 6.62 -78.76
N PRO E 94 19.35 5.69 -78.03
CA PRO E 94 17.97 5.30 -78.33
C PRO E 94 16.98 6.47 -78.27
N LEU E 328 -6.71 7.19 -22.11
CA LEU E 328 -6.45 6.03 -23.02
C LEU E 328 -5.40 5.11 -22.37
N GLU E 329 -4.11 5.43 -22.54
CA GLU E 329 -2.96 4.70 -21.92
C GLU E 329 -2.23 5.62 -20.92
N GLU E 330 -2.64 6.90 -20.81
CA GLU E 330 -2.02 7.89 -19.89
C GLU E 330 -2.39 7.54 -18.45
N ILE E 331 -3.63 7.10 -18.23
CA ILE E 331 -4.17 6.68 -16.90
C ILE E 331 -3.40 5.46 -16.39
N THR E 332 -3.16 4.45 -17.24
CA THR E 332 -2.42 3.21 -16.86
C THR E 332 -0.94 3.55 -16.66
N LYS E 333 -0.41 4.48 -17.45
CA LYS E 333 0.98 5.02 -17.30
C LYS E 333 1.12 5.64 -15.91
N ASP E 334 0.16 6.48 -15.50
CA ASP E 334 0.20 7.24 -14.22
C ASP E 334 0.07 6.27 -13.04
N HIS E 335 -0.70 5.19 -13.22
CA HIS E 335 -0.86 4.13 -12.21
C HIS E 335 0.44 3.33 -12.08
N LYS E 336 1.12 3.04 -13.20
CA LYS E 336 2.41 2.30 -13.19
C LYS E 336 3.48 3.18 -12.55
N VAL E 337 3.41 4.49 -12.72
CA VAL E 337 4.36 5.42 -12.06
C VAL E 337 4.17 5.30 -10.55
N LEU E 338 2.94 5.33 -10.08
CA LEU E 338 2.62 5.19 -8.63
C LEU E 338 3.13 3.84 -8.12
N ALA E 339 2.77 2.78 -8.82
CA ALA E 339 3.21 1.42 -8.43
C ALA E 339 4.73 1.34 -8.36
N ARG E 340 5.41 1.90 -9.34
CA ARG E 340 6.90 1.87 -9.37
C ARG E 340 7.44 2.62 -8.18
N GLN E 341 6.78 3.74 -7.86
CA GLN E 341 7.22 4.56 -6.71
C GLN E 341 6.98 3.82 -5.41
N GLN E 342 5.86 3.12 -5.29
CA GLN E 342 5.57 2.30 -4.09
C GLN E 342 6.58 1.16 -3.98
N LEU E 343 6.84 0.48 -5.07
CA LEU E 343 7.91 -0.57 -5.08
C LEU E 343 9.25 0.03 -4.64
N GLN E 344 9.62 1.20 -5.13
CA GLN E 344 10.89 1.83 -4.69
C GLN E 344 10.89 2.10 -3.19
N VAL E 345 9.79 2.66 -2.67
CA VAL E 345 9.76 2.95 -1.22
C VAL E 345 9.93 1.67 -0.46
N LEU E 346 9.27 0.59 -0.88
CA LEU E 346 9.39 -0.68 -0.12
C LEU E 346 10.82 -1.22 -0.26
N ALA E 347 11.40 -1.13 -1.46
CA ALA E 347 12.81 -1.60 -1.70
C ALA E 347 13.74 -0.92 -0.72
N ARG E 348 13.57 0.37 -0.53
CA ARG E 348 14.38 1.19 0.42
C ARG E 348 14.13 0.80 1.87
N TYR E 349 12.87 0.61 2.28
CA TYR E 349 12.54 0.09 3.64
C TYR E 349 13.26 -1.25 3.86
N LEU E 350 13.16 -2.15 2.86
CA LEU E 350 13.76 -3.50 2.98
C LEU E 350 15.28 -3.51 2.80
N LYS E 351 15.92 -2.39 2.42
CA LYS E 351 17.38 -2.29 2.15
C LYS E 351 17.73 -3.28 1.04
N MET E 352 16.86 -3.34 0.04
CA MET E 352 17.02 -4.13 -1.17
C MET E 352 17.61 -3.22 -2.24
N ASP E 353 18.79 -3.61 -2.69
CA ASP E 353 19.43 -3.01 -3.85
C ASP E 353 18.90 -3.70 -5.10
N LEU E 354 17.95 -3.09 -5.78
CA LEU E 354 17.28 -3.71 -6.95
C LEU E 354 18.26 -3.86 -8.13
N ASP E 355 19.24 -2.96 -8.22
CA ASP E 355 20.18 -2.91 -9.37
C ASP E 355 21.45 -3.74 -9.10
N ASN E 356 21.56 -4.38 -7.94
CA ASN E 356 22.76 -5.13 -7.51
C ASN E 356 23.14 -6.17 -8.57
N GLY E 357 22.15 -6.85 -9.15
CA GLY E 357 22.38 -7.93 -10.11
C GLY E 357 22.80 -7.37 -11.47
N GLU E 358 22.17 -6.31 -11.94
CA GLU E 358 22.55 -5.70 -13.23
C GLU E 358 23.96 -5.08 -13.10
N ARG E 359 24.32 -4.61 -11.92
CA ARG E 359 25.65 -4.04 -11.62
C ARG E 359 26.73 -5.14 -11.65
N LYS E 360 26.49 -6.27 -11.00
CA LYS E 360 27.38 -7.46 -11.01
C LYS E 360 27.51 -7.97 -12.44
N PHE E 361 26.43 -8.01 -13.18
CA PHE E 361 26.42 -8.48 -14.56
C PHE E 361 27.38 -7.66 -15.42
N LEU E 362 27.44 -6.36 -15.23
CA LEU E 362 28.17 -5.45 -16.14
C LEU E 362 29.67 -5.51 -15.82
N LYS E 363 30.03 -5.70 -14.55
CA LYS E 363 31.40 -6.05 -14.09
C LYS E 363 31.88 -7.37 -14.76
N GLU E 364 31.07 -8.42 -14.77
CA GLU E 364 31.45 -9.73 -15.36
C GLU E 364 31.53 -9.62 -16.88
N LYS E 365 30.64 -8.89 -17.51
CA LYS E 365 30.66 -8.66 -18.98
C LYS E 365 31.98 -7.97 -19.38
N ASP E 366 32.56 -7.15 -18.50
CA ASP E 366 33.86 -6.48 -18.72
C ASP E 366 35.00 -7.49 -18.52
N THR E 367 34.88 -8.36 -17.55
CA THR E 367 35.83 -9.47 -17.30
C THR E 367 35.85 -10.41 -18.50
N VAL E 368 34.70 -10.68 -19.10
CA VAL E 368 34.58 -11.59 -20.27
C VAL E 368 35.33 -10.99 -21.45
N ALA E 369 35.14 -9.70 -21.68
CA ALA E 369 35.71 -8.98 -22.83
C ALA E 369 37.23 -8.90 -22.66
N GLU E 370 37.72 -8.73 -21.43
CA GLU E 370 39.16 -8.71 -21.11
C GLU E 370 39.78 -10.10 -21.39
N LEU E 371 39.11 -11.18 -20.97
CA LEU E 371 39.60 -12.57 -21.19
C LEU E 371 39.51 -12.90 -22.67
N GLN E 372 38.46 -12.46 -23.33
CA GLN E 372 38.26 -12.77 -24.76
C GLN E 372 39.33 -12.05 -25.58
N ALA E 373 39.81 -10.91 -25.13
CA ALA E 373 40.84 -10.13 -25.82
C ALA E 373 42.17 -10.89 -25.69
N GLN E 374 42.45 -11.45 -24.52
CA GLN E 374 43.67 -12.24 -24.26
C GLN E 374 43.64 -13.46 -25.17
N LEU E 375 42.51 -14.14 -25.30
CA LEU E 375 42.40 -15.34 -26.12
C LEU E 375 42.53 -14.95 -27.57
N ASP E 376 41.91 -13.88 -27.98
CA ASP E 376 41.95 -13.40 -29.36
C ASP E 376 43.41 -13.09 -29.74
N TYR E 377 44.12 -12.51 -28.83
CA TYR E 377 45.53 -12.11 -29.02
C TYR E 377 46.37 -13.38 -29.23
N LEU E 378 46.21 -14.38 -28.38
CA LEU E 378 46.94 -15.66 -28.55
C LEU E 378 46.57 -16.35 -29.83
N ASN E 379 45.31 -16.33 -30.26
CA ASN E 379 44.91 -16.85 -31.58
C ASN E 379 45.60 -16.08 -32.70
N ALA E 380 45.64 -14.77 -32.64
CA ALA E 380 46.33 -13.97 -33.66
C ALA E 380 47.84 -14.30 -33.66
N GLU E 381 48.45 -14.61 -32.52
CA GLU E 381 49.89 -14.92 -32.47
C GLU E 381 50.18 -16.36 -32.91
N LEU E 382 49.37 -17.34 -32.51
CA LEU E 382 49.68 -18.77 -32.79
C LEU E 382 48.90 -19.29 -33.95
N GLY E 383 47.74 -18.70 -34.17
CA GLY E 383 46.87 -19.20 -35.22
C GLY E 383 46.01 -20.31 -34.67
N GLU E 384 44.92 -20.54 -35.36
CA GLU E 384 43.85 -21.48 -34.97
C GLU E 384 44.42 -22.89 -35.03
N PHE E 385 45.14 -23.21 -36.09
CA PHE E 385 45.63 -24.57 -36.29
C PHE E 385 46.42 -25.03 -35.05
N PHE E 386 47.28 -24.17 -34.57
CA PHE E 386 48.16 -24.42 -33.44
C PHE E 386 47.34 -24.45 -32.16
N VAL E 387 46.53 -23.44 -31.93
CA VAL E 387 45.75 -23.33 -30.67
C VAL E 387 44.85 -24.57 -30.58
N ASN E 388 44.18 -24.95 -31.64
CA ASN E 388 43.30 -26.14 -31.60
C ASN E 388 44.17 -27.40 -31.52
N GLY E 389 45.32 -27.35 -32.15
CA GLY E 389 46.24 -28.47 -32.31
C GLY E 389 46.81 -28.91 -31.00
N VAL E 390 47.00 -28.03 -30.03
CA VAL E 390 47.69 -28.42 -28.78
C VAL E 390 46.68 -29.00 -27.77
N ALA E 391 45.47 -29.29 -28.16
CA ALA E 391 44.46 -29.92 -27.27
C ALA E 391 44.94 -31.29 -26.79
N THR E 392 44.78 -31.60 -25.50
CA THR E 392 45.14 -32.92 -24.95
C THR E 392 44.27 -34.03 -25.52
N SER E 393 44.88 -35.19 -25.66
CA SER E 393 44.24 -36.44 -26.09
C SER E 393 44.46 -37.51 -25.02
N PHE E 394 45.58 -37.46 -24.36
CA PHE E 394 46.03 -38.53 -23.45
C PHE E 394 45.18 -38.53 -22.19
N SER E 395 44.82 -39.74 -21.78
CA SER E 395 44.26 -40.06 -20.46
C SER E 395 44.63 -41.47 -20.12
N ARG E 396 45.05 -41.70 -18.92
CA ARG E 396 45.39 -43.04 -18.46
C ARG E 396 44.24 -44.02 -18.66
N LYS E 397 43.01 -43.61 -18.45
CA LYS E 397 41.87 -44.58 -18.48
C LYS E 397 41.62 -45.07 -19.88
N LYS E 398 42.08 -44.34 -20.89
CA LYS E 398 41.91 -44.78 -22.27
C LYS E 398 42.95 -45.79 -22.70
N ALA E 399 43.93 -46.10 -21.90
CA ALA E 399 44.98 -47.03 -22.29
C ALA E 399 44.38 -48.42 -22.48
N ARG E 400 44.64 -49.02 -23.61
CA ARG E 400 44.14 -50.36 -23.96
C ARG E 400 45.29 -51.30 -23.94
N THR E 401 45.17 -52.37 -23.20
CA THR E 401 46.24 -53.32 -22.99
C THR E 401 45.96 -54.58 -23.77
N PHE E 402 46.88 -55.05 -24.59
CA PHE E 402 46.78 -56.32 -25.35
C PHE E 402 47.89 -57.24 -24.91
N ASP E 403 47.54 -58.37 -24.28
CA ASP E 403 48.50 -59.35 -23.75
C ASP E 403 48.08 -60.81 -23.87
N SER E 404 46.95 -61.13 -24.48
CA SER E 404 46.38 -62.49 -24.44
C SER E 404 46.85 -63.33 -25.61
N SER E 405 48.17 -63.30 -25.84
CA SER E 405 48.84 -64.02 -26.91
C SER E 405 48.62 -65.54 -26.74
N TRP E 406 48.46 -65.99 -25.51
CA TRP E 406 48.12 -67.39 -25.16
C TRP E 406 46.84 -67.78 -25.86
N ASN E 407 45.89 -66.87 -26.04
CA ASN E 407 44.62 -67.24 -26.68
C ASN E 407 44.79 -67.07 -28.16
N TRP E 408 45.40 -65.98 -28.59
CA TRP E 408 45.53 -65.67 -30.03
C TRP E 408 46.32 -66.73 -30.75
N ALA E 409 47.28 -67.37 -30.12
CA ALA E 409 48.06 -68.43 -30.80
C ALA E 409 47.17 -69.55 -31.29
N LYS E 410 46.22 -69.97 -30.46
CA LYS E 410 45.30 -71.06 -30.83
C LYS E 410 44.33 -70.62 -31.88
N GLN E 411 43.86 -69.40 -31.79
CA GLN E 411 43.02 -68.86 -32.84
C GLN E 411 43.79 -68.85 -34.16
N SER E 412 45.03 -68.38 -34.15
CA SER E 412 45.86 -68.30 -35.37
C SER E 412 46.06 -69.68 -35.97
N LEU E 413 46.33 -70.66 -35.14
CA LEU E 413 46.48 -72.05 -35.61
C LEU E 413 45.22 -72.52 -36.27
N LEU E 414 44.09 -72.33 -35.62
CA LEU E 414 42.82 -72.85 -36.18
C LEU E 414 42.47 -72.14 -37.46
N SER E 415 42.74 -70.86 -37.58
CA SER E 415 42.52 -70.09 -38.82
C SER E 415 43.36 -70.64 -39.96
N LEU E 416 44.63 -70.90 -39.67
CA LEU E 416 45.56 -71.44 -40.68
C LEU E 416 45.07 -72.82 -41.09
N TYR E 417 44.75 -73.64 -40.12
CA TYR E 417 44.22 -75.01 -40.31
C TYR E 417 43.04 -74.95 -41.28
N PHE E 418 42.05 -74.09 -41.04
CA PHE E 418 40.84 -74.09 -41.88
C PHE E 418 41.15 -73.43 -43.21
N GLU E 419 42.01 -72.42 -43.24
CA GLU E 419 42.40 -71.78 -44.53
C GLU E 419 43.07 -72.78 -45.46
N ILE E 420 43.86 -73.69 -44.93
CA ILE E 420 44.49 -74.75 -45.77
C ILE E 420 43.42 -75.75 -46.19
N ILE E 421 42.62 -76.23 -45.25
CA ILE E 421 41.54 -77.22 -45.58
C ILE E 421 40.64 -76.64 -46.66
N HIS E 422 40.30 -75.37 -46.61
CA HIS E 422 39.38 -74.75 -47.60
C HIS E 422 40.12 -74.29 -48.87
N GLY E 423 41.45 -74.41 -48.92
CA GLY E 423 42.23 -74.05 -50.12
C GLY E 423 42.44 -72.57 -50.28
N VAL E 424 42.25 -71.77 -49.24
CA VAL E 424 42.45 -70.29 -49.27
C VAL E 424 43.97 -70.00 -49.22
N LEU E 425 44.72 -70.83 -48.50
CA LEU E 425 46.21 -70.86 -48.44
C LEU E 425 46.67 -72.19 -49.02
N LYS E 426 47.61 -72.11 -49.96
CA LYS E 426 48.21 -73.27 -50.68
C LYS E 426 49.64 -73.45 -50.18
N ASN E 427 50.26 -74.57 -50.54
CA ASN E 427 51.67 -74.89 -50.19
C ASN E 427 52.68 -73.97 -50.89
N VAL E 428 52.26 -73.04 -51.76
CA VAL E 428 53.18 -72.07 -52.45
C VAL E 428 53.08 -70.69 -51.77
N ASP E 429 52.16 -70.49 -50.81
CA ASP E 429 51.88 -69.16 -50.22
C ASP E 429 52.88 -68.93 -49.11
N ARG E 430 53.47 -67.74 -49.10
CA ARG E 430 54.38 -67.28 -48.03
C ARG E 430 53.62 -67.00 -46.74
N GLU E 431 52.34 -66.67 -46.85
CA GLU E 431 51.46 -66.46 -45.68
C GLU E 431 51.54 -67.69 -44.77
N VAL E 432 51.64 -68.87 -45.34
CA VAL E 432 51.80 -70.13 -44.56
C VAL E 432 53.04 -70.00 -43.68
N VAL E 433 54.13 -69.52 -44.25
CA VAL E 433 55.41 -69.50 -43.51
C VAL E 433 55.30 -68.39 -42.48
N SER E 434 54.74 -67.24 -42.84
CA SER E 434 54.62 -66.09 -41.91
C SER E 434 53.74 -66.50 -40.73
N GLU E 435 52.68 -67.25 -40.98
CA GLU E 435 51.79 -67.69 -39.89
C GLU E 435 52.51 -68.72 -39.03
N ALA E 436 53.24 -69.65 -39.64
CA ALA E 436 54.12 -70.57 -38.88
C ALA E 436 55.01 -69.79 -37.92
N ILE E 437 55.65 -68.72 -38.39
CA ILE E 437 56.57 -67.96 -37.51
C ILE E 437 55.80 -67.36 -36.33
N ASN E 438 54.65 -66.82 -36.58
CA ASN E 438 53.86 -66.18 -35.51
C ASN E 438 53.32 -67.23 -34.55
N ILE E 439 53.04 -68.41 -35.05
CA ILE E 439 52.60 -69.49 -34.15
C ILE E 439 53.77 -69.99 -33.31
N MET E 440 54.95 -70.17 -33.91
CA MET E 440 56.16 -70.58 -33.16
C MET E 440 56.56 -69.59 -32.11
N ASN E 441 56.34 -68.32 -32.40
CA ASN E 441 56.66 -67.26 -31.45
C ASN E 441 55.79 -67.30 -30.22
N ARG E 442 54.70 -68.02 -30.26
CA ARG E 442 53.74 -68.13 -29.13
C ARG E 442 53.76 -69.55 -28.60
N SER E 443 54.71 -70.38 -29.01
CA SER E 443 54.82 -71.80 -28.60
C SER E 443 54.81 -71.89 -27.06
N ASN E 444 53.90 -72.70 -26.57
CA ASN E 444 53.79 -73.10 -25.15
C ASN E 444 53.10 -74.46 -25.16
N ASP E 445 53.06 -75.10 -24.00
CA ASP E 445 52.62 -76.50 -23.85
C ASP E 445 51.16 -76.64 -24.28
N ALA E 446 50.31 -75.70 -23.92
CA ALA E 446 48.88 -75.73 -24.28
C ALA E 446 48.76 -75.65 -25.80
N LEU E 447 49.55 -74.78 -26.44
CA LEU E 447 49.44 -74.60 -27.90
C LEU E 447 49.81 -75.91 -28.57
N ILE E 448 50.85 -76.55 -28.07
CA ILE E 448 51.32 -77.83 -28.66
C ILE E 448 50.26 -78.93 -28.51
N LYS E 449 49.66 -79.07 -27.35
CA LYS E 449 48.54 -80.04 -27.18
C LYS E 449 47.39 -79.71 -28.13
N PHE E 450 47.08 -78.44 -28.28
CA PHE E 450 46.03 -77.98 -29.18
C PHE E 450 46.33 -78.44 -30.60
N MET E 451 47.55 -78.18 -31.05
CA MET E 451 47.97 -78.52 -32.43
C MET E 451 47.97 -80.02 -32.59
N GLU E 452 48.49 -80.72 -31.60
CA GLU E 452 48.54 -82.20 -31.65
C GLU E 452 47.13 -82.72 -31.80
N TYR E 453 46.18 -82.25 -31.00
CA TYR E 453 44.81 -82.77 -31.13
C TYR E 453 44.29 -82.52 -32.54
N HIS E 454 44.34 -81.27 -33.02
CA HIS E 454 43.74 -80.88 -34.31
C HIS E 454 44.39 -81.62 -35.46
N ILE E 455 45.71 -81.69 -35.47
CA ILE E 455 46.47 -82.33 -36.58
C ILE E 455 46.29 -83.85 -36.49
N SER E 456 46.49 -84.48 -35.34
CA SER E 456 46.34 -85.96 -35.20
C SER E 456 44.94 -86.42 -35.57
N ASN E 457 43.89 -85.63 -35.33
CA ASN E 457 42.49 -86.04 -35.62
C ASN E 457 42.08 -85.58 -37.01
N THR E 458 43.02 -85.11 -37.82
CA THR E 458 42.76 -84.71 -39.22
C THR E 458 42.73 -85.98 -40.05
N ASP E 459 41.69 -86.19 -40.84
CA ASP E 459 41.55 -87.39 -41.70
C ASP E 459 42.13 -87.03 -43.07
N GLU E 460 43.39 -87.39 -43.30
CA GLU E 460 44.14 -87.10 -44.56
C GLU E 460 43.44 -87.69 -45.80
N THR E 461 42.58 -88.71 -45.64
CA THR E 461 41.88 -89.37 -46.78
C THR E 461 40.69 -88.54 -47.30
N LYS E 462 40.27 -87.49 -46.57
CA LYS E 462 39.12 -86.64 -46.95
C LYS E 462 39.44 -85.76 -48.17
N GLY E 463 40.70 -85.66 -48.56
CA GLY E 463 41.11 -84.79 -49.69
C GLY E 463 42.57 -84.39 -49.60
N GLU E 464 43.06 -83.76 -50.65
CA GLU E 464 44.46 -83.27 -50.77
C GLU E 464 44.70 -82.20 -49.72
N ASN E 465 43.76 -81.25 -49.55
CA ASN E 465 43.95 -80.14 -48.59
C ASN E 465 44.11 -80.72 -47.19
N TYR E 466 43.46 -81.84 -46.91
CA TYR E 466 43.55 -82.46 -45.58
C TYR E 466 44.93 -83.06 -45.39
N GLN E 467 45.48 -83.63 -46.45
CA GLN E 467 46.83 -84.22 -46.41
C GLN E 467 47.81 -83.07 -46.23
N LEU E 468 47.63 -82.02 -46.98
CA LEU E 468 48.48 -80.82 -46.83
C LEU E 468 48.44 -80.32 -45.38
N VAL E 469 47.26 -80.20 -44.76
CA VAL E 469 47.21 -79.56 -43.41
C VAL E 469 47.88 -80.51 -42.45
N LYS E 470 47.68 -81.81 -42.63
CA LYS E 470 48.25 -82.82 -41.75
C LYS E 470 49.79 -82.79 -41.79
N THR E 471 50.38 -82.71 -42.98
CA THR E 471 51.86 -82.64 -43.16
C THR E 471 52.39 -81.32 -42.61
N LEU E 472 51.80 -80.20 -42.99
CA LEU E 472 52.22 -78.88 -42.46
C LEU E 472 52.09 -78.90 -40.95
N GLY E 473 50.93 -79.31 -40.44
CA GLY E 473 50.68 -79.32 -39.00
C GLY E 473 51.68 -80.15 -38.26
N GLU E 474 52.05 -81.33 -38.78
CA GLU E 474 53.07 -82.19 -38.11
C GLU E 474 54.42 -81.47 -38.06
N GLN E 475 54.78 -80.77 -39.12
CA GLN E 475 56.05 -79.99 -39.13
C GLN E 475 55.94 -78.84 -38.12
N LEU E 476 54.82 -78.15 -38.08
CA LEU E 476 54.66 -76.97 -37.19
C LEU E 476 54.69 -77.46 -35.75
N ILE E 477 54.18 -78.65 -35.48
CA ILE E 477 54.27 -79.21 -34.13
C ILE E 477 55.75 -79.39 -33.77
N GLU E 478 56.52 -80.02 -34.65
CA GLU E 478 57.98 -80.26 -34.41
C GLU E 478 58.66 -78.91 -34.21
N ASN E 479 58.32 -77.90 -35.01
CA ASN E 479 58.94 -76.57 -34.80
C ASN E 479 58.62 -76.02 -33.43
N CYS E 480 57.37 -76.14 -33.01
CA CYS E 480 56.90 -75.50 -31.78
C CYS E 480 57.54 -76.19 -30.58
N LYS E 481 57.72 -77.50 -30.63
CA LYS E 481 58.48 -78.22 -29.58
C LYS E 481 59.93 -77.72 -29.47
N GLN E 482 60.61 -77.52 -30.59
CA GLN E 482 62.01 -77.02 -30.58
C GLN E 482 62.10 -75.59 -30.02
N VAL E 483 61.13 -74.72 -30.25
CA VAL E 483 61.23 -73.29 -29.83
C VAL E 483 60.45 -73.02 -28.55
N LEU E 484 60.01 -74.06 -27.88
CA LEU E 484 59.24 -73.95 -26.62
C LEU E 484 59.95 -73.02 -25.65
N ASP E 485 61.28 -73.11 -25.53
CA ASP E 485 62.06 -72.37 -24.51
C ASP E 485 62.97 -71.33 -25.17
N VAL E 486 62.69 -70.99 -26.42
CA VAL E 486 63.50 -70.07 -27.25
C VAL E 486 62.75 -68.74 -27.34
N ASP E 487 63.50 -67.66 -27.30
CA ASP E 487 62.97 -66.29 -27.42
C ASP E 487 62.31 -66.12 -28.77
N PRO E 488 61.19 -65.38 -28.84
CA PRO E 488 60.52 -65.20 -30.12
C PRO E 488 61.34 -64.25 -30.99
N VAL E 489 61.16 -64.36 -32.28
CA VAL E 489 61.93 -63.60 -33.28
C VAL E 489 61.01 -62.86 -34.24
N TYR E 490 61.42 -61.63 -34.47
CA TYR E 490 61.09 -60.88 -35.67
C TYR E 490 61.81 -61.51 -36.82
N LYS E 491 61.06 -61.92 -37.81
CA LYS E 491 61.57 -62.66 -38.98
C LYS E 491 60.58 -62.38 -40.09
N ASP E 492 60.92 -61.52 -41.04
CA ASP E 492 59.99 -61.15 -42.14
C ASP E 492 60.33 -62.05 -43.34
N VAL E 493 59.33 -62.72 -43.89
CA VAL E 493 59.51 -63.61 -45.05
C VAL E 493 58.63 -63.12 -46.21
N ALA E 494 58.08 -61.92 -46.13
CA ALA E 494 57.29 -61.34 -47.25
C ALA E 494 58.21 -61.09 -48.45
N LYS E 495 57.67 -61.25 -49.65
CA LYS E 495 58.37 -60.99 -50.94
C LYS E 495 58.72 -59.50 -50.98
N PRO E 496 60.01 -59.12 -51.12
CA PRO E 496 60.35 -57.73 -51.37
C PRO E 496 59.67 -57.17 -52.64
N THR E 497 59.13 -55.97 -52.56
CA THR E 497 58.35 -55.31 -53.65
C THR E 497 59.10 -54.07 -54.14
N GLY E 498 59.33 -53.99 -55.46
CA GLY E 498 59.81 -52.80 -56.18
C GLY E 498 58.66 -51.92 -56.67
N PRO E 499 58.93 -50.64 -57.01
CA PRO E 499 57.91 -49.78 -57.59
C PRO E 499 57.81 -50.07 -59.10
N LYS E 500 56.60 -50.00 -59.64
CA LYS E 500 56.30 -50.20 -61.09
C LYS E 500 55.15 -49.26 -61.47
N THR E 501 55.46 -48.21 -62.23
CA THR E 501 54.47 -47.25 -62.78
C THR E 501 54.11 -47.72 -64.19
N ALA E 502 52.81 -47.70 -64.51
CA ALA E 502 52.26 -48.06 -65.84
C ALA E 502 51.33 -46.93 -66.31
N ILE E 503 51.49 -46.52 -67.57
CA ILE E 503 50.51 -45.65 -68.28
C ILE E 503 49.82 -46.54 -69.31
N ASP E 504 48.50 -46.73 -69.18
CA ASP E 504 47.68 -47.50 -70.17
C ASP E 504 47.51 -46.66 -71.44
N LYS E 505 46.92 -47.26 -72.48
CA LYS E 505 46.71 -46.64 -73.83
C LYS E 505 45.93 -45.33 -73.68
N ASN E 506 44.94 -45.28 -72.78
CA ASN E 506 44.03 -44.13 -72.55
C ASN E 506 44.56 -43.16 -71.49
N GLY E 507 45.86 -43.25 -71.14
CA GLY E 507 46.57 -42.29 -70.27
C GLY E 507 46.06 -42.25 -68.83
N ASN E 508 45.77 -43.41 -68.24
CA ASN E 508 45.62 -43.59 -66.77
C ASN E 508 46.96 -44.10 -66.21
N ILE E 509 47.39 -43.53 -65.08
CA ILE E 509 48.66 -43.84 -64.37
C ILE E 509 48.34 -44.80 -63.22
N THR E 510 48.80 -46.06 -63.31
CA THR E 510 48.70 -47.10 -62.24
C THR E 510 50.06 -47.27 -61.54
N TYR E 511 50.15 -46.87 -60.26
CA TYR E 511 51.28 -47.20 -59.34
C TYR E 511 51.01 -48.52 -58.62
N SER E 512 51.83 -49.55 -58.87
CA SER E 512 51.75 -50.90 -58.26
C SER E 512 53.09 -51.32 -57.62
N GLU E 513 53.05 -51.82 -56.38
CA GLU E 513 54.16 -52.56 -55.71
C GLU E 513 54.28 -53.94 -56.38
N GLU E 514 55.38 -54.20 -57.08
CA GLU E 514 55.64 -55.42 -57.90
C GLU E 514 56.81 -56.20 -57.31
N PRO E 515 56.72 -57.54 -57.18
CA PRO E 515 57.87 -58.36 -56.77
C PRO E 515 59.15 -58.15 -57.58
N ARG E 516 60.24 -57.77 -56.89
CA ARG E 516 61.60 -57.60 -57.48
C ARG E 516 62.07 -58.94 -58.05
N GLU E 517 62.80 -58.90 -59.16
CA GLU E 517 63.28 -60.11 -59.88
C GLU E 517 64.47 -60.72 -59.13
N LYS E 518 65.46 -59.90 -58.79
CA LYS E 518 66.77 -60.34 -58.23
C LYS E 518 66.64 -60.63 -56.73
N VAL E 519 65.72 -59.94 -56.04
CA VAL E 519 65.59 -59.88 -54.55
C VAL E 519 64.27 -60.53 -54.16
N ARG E 520 64.28 -61.81 -53.78
CA ARG E 520 63.04 -62.54 -53.41
C ARG E 520 62.99 -62.89 -51.91
N LYS E 521 64.02 -62.56 -51.13
CA LYS E 521 64.05 -62.74 -49.66
C LYS E 521 64.79 -61.56 -49.03
N LEU E 522 64.66 -61.39 -47.72
CA LEU E 522 65.37 -60.29 -47.02
C LEU E 522 66.89 -60.53 -47.03
N SER E 523 67.36 -61.77 -47.03
CA SER E 523 68.81 -62.08 -47.04
C SER E 523 69.46 -61.53 -48.32
N GLN E 524 68.74 -61.60 -49.45
CA GLN E 524 69.20 -61.09 -50.77
C GLN E 524 69.06 -59.58 -50.81
N TYR E 525 68.06 -59.05 -50.11
CA TYR E 525 67.93 -57.58 -49.95
C TYR E 525 69.17 -57.08 -49.24
N VAL E 526 69.62 -57.78 -48.21
CA VAL E 526 70.79 -57.28 -47.42
C VAL E 526 72.05 -57.29 -48.31
N GLN E 527 72.25 -58.37 -49.07
CA GLN E 527 73.32 -58.52 -50.09
C GLN E 527 73.28 -57.36 -51.08
N GLU E 528 72.12 -57.04 -51.63
CA GLU E 528 71.93 -55.91 -52.56
C GLU E 528 72.30 -54.60 -51.85
N MET E 529 71.94 -54.44 -50.58
CA MET E 529 72.22 -53.19 -49.86
C MET E 529 73.74 -53.07 -49.71
N ALA E 530 74.40 -54.18 -49.35
CA ALA E 530 75.86 -54.21 -49.06
C ALA E 530 76.66 -53.80 -50.31
N LEU E 531 76.24 -54.24 -51.50
CA LEU E 531 77.02 -54.06 -52.76
C LEU E 531 76.84 -52.65 -53.27
N GLY E 532 75.83 -51.92 -52.81
CA GLY E 532 75.55 -50.57 -53.30
C GLY E 532 75.31 -50.64 -54.80
N GLY E 533 75.60 -49.54 -55.50
CA GLY E 533 75.52 -49.47 -56.96
C GLY E 533 76.75 -48.79 -57.53
N PRO E 534 76.88 -48.70 -58.87
CA PRO E 534 77.92 -47.90 -59.50
C PRO E 534 77.84 -46.42 -59.08
N ILE E 535 76.63 -45.91 -58.79
CA ILE E 535 76.41 -44.53 -58.29
C ILE E 535 77.02 -44.33 -56.89
N THR E 536 77.11 -45.38 -56.05
CA THR E 536 77.65 -45.27 -54.66
C THR E 536 79.15 -45.60 -54.63
N LYS E 537 79.85 -45.37 -55.75
CA LYS E 537 81.30 -45.65 -55.89
C LYS E 537 82.04 -44.31 -55.86
N GLU E 538 82.77 -44.05 -54.77
CA GLU E 538 83.68 -42.87 -54.63
C GLU E 538 85.07 -43.22 -55.18
N SER E 539 85.96 -42.24 -55.27
CA SER E 539 87.33 -42.36 -55.84
C SER E 539 88.37 -42.26 -54.70
N GLU E 602 69.99 -71.92 -50.61
CA GLU E 602 68.78 -72.58 -51.17
C GLU E 602 67.59 -72.42 -50.22
N ASP E 603 66.39 -72.31 -50.78
CA ASP E 603 65.12 -72.11 -50.02
C ASP E 603 63.93 -72.63 -50.85
N ALA E 604 62.85 -73.01 -50.17
CA ALA E 604 61.60 -73.54 -50.76
C ALA E 604 60.49 -72.48 -50.83
N LEU E 605 60.79 -71.19 -50.58
CA LEU E 605 59.81 -70.06 -50.67
C LEU E 605 59.20 -70.04 -52.08
N ASP E 606 57.88 -69.89 -52.16
CA ASP E 606 57.07 -69.78 -53.41
C ASP E 606 56.93 -71.14 -54.11
N LYS E 607 57.48 -72.24 -53.56
CA LYS E 607 57.37 -73.60 -54.17
C LYS E 607 56.88 -74.63 -53.14
N ASP E 608 57.42 -74.66 -51.92
CA ASP E 608 57.02 -75.64 -50.85
C ASP E 608 57.10 -74.96 -49.48
N SER E 609 56.00 -74.36 -49.04
CA SER E 609 55.89 -73.64 -47.74
C SER E 609 56.18 -74.62 -46.60
N THR E 610 55.74 -75.87 -46.72
CA THR E 610 55.98 -76.95 -45.73
C THR E 610 57.48 -77.17 -45.52
N LYS E 611 58.27 -77.20 -46.61
CA LYS E 611 59.74 -77.30 -46.54
C LYS E 611 60.29 -76.04 -45.88
N GLU E 612 59.81 -74.85 -46.28
CA GLU E 612 60.31 -73.58 -45.69
C GLU E 612 60.01 -73.57 -44.18
N VAL E 613 58.87 -74.13 -43.78
CA VAL E 613 58.45 -74.17 -42.35
C VAL E 613 59.41 -75.07 -41.61
N ALA E 614 59.76 -76.24 -42.17
CA ALA E 614 60.71 -77.20 -41.55
C ALA E 614 62.06 -76.54 -41.29
N SER E 615 62.45 -75.54 -42.08
CA SER E 615 63.76 -74.83 -41.95
C SER E 615 63.75 -73.79 -40.83
N LEU E 616 62.57 -73.35 -40.34
CA LEU E 616 62.43 -72.09 -39.55
C LEU E 616 63.18 -72.17 -38.23
N PRO E 617 63.17 -73.31 -37.49
CA PRO E 617 63.88 -73.35 -36.21
C PRO E 617 65.42 -73.38 -36.35
N ASN E 618 65.92 -73.83 -37.50
CA ASN E 618 67.36 -74.11 -37.77
C ASN E 618 68.12 -72.79 -37.88
N LYS E 619 68.90 -72.46 -36.86
CA LYS E 619 69.82 -71.27 -36.88
C LYS E 619 70.90 -71.55 -37.91
N SER E 620 70.74 -70.98 -39.11
CA SER E 620 71.68 -71.06 -40.25
C SER E 620 73.01 -70.40 -39.84
N THR E 621 74.13 -71.14 -39.98
CA THR E 621 75.51 -70.64 -39.71
C THR E 621 75.95 -69.80 -40.90
N ILE E 622 76.48 -68.59 -40.63
CA ILE E 622 76.99 -67.64 -41.66
C ILE E 622 78.52 -67.84 -41.71
N SER E 623 79.00 -68.64 -42.68
CA SER E 623 80.45 -68.89 -42.93
C SER E 623 81.16 -67.55 -43.15
N LYS E 624 80.84 -66.88 -44.27
CA LYS E 624 81.39 -65.56 -44.63
C LYS E 624 80.26 -64.52 -44.59
N THR E 625 80.47 -63.45 -43.85
CA THR E 625 79.48 -62.37 -43.62
C THR E 625 79.32 -61.55 -44.90
N VAL E 626 78.14 -61.02 -45.11
CA VAL E 626 77.80 -60.11 -46.24
C VAL E 626 78.77 -58.92 -46.24
N SER E 627 79.28 -58.50 -45.07
CA SER E 627 80.19 -57.32 -44.94
C SER E 627 81.51 -57.53 -45.72
N SER E 628 81.99 -58.78 -45.78
CA SER E 628 83.21 -59.20 -46.54
C SER E 628 83.00 -58.97 -48.05
N THR E 629 81.76 -58.98 -48.54
CA THR E 629 81.41 -58.78 -49.96
C THR E 629 81.30 -57.30 -50.33
N ILE E 630 81.40 -56.37 -49.36
CA ILE E 630 81.28 -54.93 -49.67
C ILE E 630 82.50 -54.57 -50.53
N PRO E 631 82.34 -54.16 -51.80
CA PRO E 631 83.50 -53.83 -52.62
C PRO E 631 84.31 -52.71 -51.96
N ARG E 632 85.63 -52.73 -52.14
CA ARG E 632 86.53 -51.58 -51.85
C ARG E 632 85.99 -50.38 -52.63
N GLU E 633 85.96 -49.19 -52.02
CA GLU E 633 85.61 -47.91 -52.70
C GLU E 633 84.15 -47.91 -53.18
N THR E 634 83.29 -48.75 -52.59
CA THR E 634 81.81 -48.70 -52.76
C THR E 634 81.17 -48.48 -51.37
N ILE E 635 80.28 -47.49 -51.28
CA ILE E 635 79.49 -47.22 -50.05
C ILE E 635 78.21 -48.03 -50.17
N PRO E 636 77.92 -48.94 -49.23
CA PRO E 636 76.61 -49.60 -49.25
C PRO E 636 75.42 -48.63 -49.22
N PHE E 637 74.28 -49.09 -49.71
CA PHE E 637 72.99 -48.35 -49.68
C PHE E 637 72.54 -48.08 -48.24
N LEU E 638 72.91 -48.96 -47.33
CA LEU E 638 72.70 -48.77 -45.88
C LEU E 638 74.06 -48.85 -45.22
N HIS E 639 74.38 -47.87 -44.40
CA HIS E 639 75.67 -47.81 -43.71
C HIS E 639 75.61 -46.97 -42.46
N LEU E 640 76.59 -47.15 -41.60
CA LEU E 640 76.83 -46.27 -40.46
C LEU E 640 77.94 -45.27 -40.78
N ARG E 641 77.88 -44.12 -40.12
CA ARG E 641 78.85 -43.05 -40.27
C ARG E 641 79.58 -42.84 -38.96
N LYS E 642 80.79 -42.33 -39.06
CA LYS E 642 81.62 -42.04 -37.89
C LYS E 642 81.99 -40.57 -37.97
N LYS E 643 81.92 -39.90 -36.84
CA LYS E 643 82.25 -38.47 -36.74
C LYS E 643 83.78 -38.36 -36.81
N THR E 644 84.31 -37.59 -37.75
CA THR E 644 85.78 -37.36 -37.89
C THR E 644 86.23 -36.35 -36.84
N PRO E 645 87.54 -36.32 -36.46
CA PRO E 645 88.05 -35.28 -35.55
C PRO E 645 87.69 -33.84 -35.98
N ALA E 646 87.56 -33.58 -37.28
CA ALA E 646 87.09 -32.30 -37.89
C ALA E 646 85.61 -32.02 -37.58
N GLY E 647 84.82 -33.04 -37.20
CA GLY E 647 83.40 -32.93 -36.84
C GLY E 647 82.45 -33.19 -38.02
N ASP E 648 82.91 -33.91 -39.05
CA ASP E 648 82.08 -34.34 -40.22
C ASP E 648 81.73 -35.83 -40.02
N TRP E 649 80.55 -36.23 -40.46
CA TRP E 649 80.10 -37.64 -40.38
C TRP E 649 80.37 -38.32 -41.72
N LYS E 650 81.18 -39.38 -41.68
CA LYS E 650 81.61 -40.07 -42.92
C LYS E 650 81.34 -41.55 -42.80
N TYR E 651 81.08 -42.16 -43.93
CA TYR E 651 80.98 -43.62 -44.06
C TYR E 651 82.10 -44.26 -43.26
N ASP E 652 81.74 -45.25 -42.46
CA ASP E 652 82.70 -46.07 -41.69
C ASP E 652 82.47 -47.54 -42.02
N ARG E 653 83.43 -48.16 -42.68
CA ARG E 653 83.33 -49.55 -43.17
C ARG E 653 83.13 -50.50 -42.01
N GLN E 654 83.86 -50.32 -40.92
CA GLN E 654 83.79 -51.24 -39.76
C GLN E 654 82.39 -51.16 -39.09
N LEU E 655 81.92 -49.96 -38.76
CA LEU E 655 80.58 -49.80 -38.15
C LEU E 655 79.54 -50.34 -39.13
N SER E 656 79.66 -50.00 -40.41
CA SER E 656 78.72 -50.42 -41.46
C SER E 656 78.70 -51.94 -41.57
N SER E 657 79.81 -52.58 -41.32
CA SER E 657 79.96 -54.06 -41.41
C SER E 657 79.23 -54.69 -40.24
N LEU E 658 79.34 -54.07 -39.07
CA LEU E 658 78.59 -54.51 -37.88
C LEU E 658 77.08 -54.43 -38.19
N PHE E 659 76.62 -53.31 -38.71
CA PHE E 659 75.17 -53.11 -38.96
C PHE E 659 74.68 -54.13 -39.96
N LEU E 660 75.37 -54.24 -41.09
CA LEU E 660 74.95 -55.12 -42.20
C LEU E 660 75.02 -56.59 -41.84
N ASP E 661 75.98 -57.00 -41.04
CA ASP E 661 76.05 -58.40 -40.55
C ASP E 661 74.87 -58.69 -39.62
N GLY E 662 74.49 -57.70 -38.80
CA GLY E 662 73.30 -57.83 -37.95
C GLY E 662 72.09 -57.99 -38.82
N LEU E 663 71.98 -57.21 -39.88
CA LEU E 663 70.81 -57.30 -40.75
C LEU E 663 70.80 -58.66 -41.38
N GLU E 664 71.94 -59.16 -41.79
CA GLU E 664 72.01 -60.50 -42.42
C GLU E 664 71.57 -61.57 -41.44
N LYS E 665 72.07 -61.54 -40.22
CA LYS E 665 71.65 -62.49 -39.17
C LYS E 665 70.14 -62.39 -38.92
N ALA E 666 69.61 -61.17 -38.80
CA ALA E 666 68.16 -60.92 -38.63
C ALA E 666 67.42 -61.60 -39.76
N ALA E 667 67.88 -61.45 -40.99
CA ALA E 667 67.19 -61.96 -42.20
C ALA E 667 67.20 -63.49 -42.22
N PHE E 668 68.20 -64.15 -41.66
CA PHE E 668 68.27 -65.65 -41.67
C PHE E 668 67.63 -66.23 -40.42
N ASN E 669 67.95 -65.66 -39.27
CA ASN E 669 67.69 -66.28 -37.95
C ASN E 669 66.59 -65.55 -37.18
N GLY E 670 66.25 -64.35 -37.58
CA GLY E 670 65.37 -63.47 -36.85
C GLY E 670 66.07 -62.86 -35.68
N VAL E 671 65.47 -61.82 -35.13
CA VAL E 671 66.04 -61.15 -33.94
C VAL E 671 64.97 -61.07 -32.85
N THR E 672 65.35 -61.25 -31.62
CA THR E 672 64.43 -61.15 -30.49
C THR E 672 64.49 -59.75 -29.92
N PHE E 673 63.37 -59.31 -29.36
CA PHE E 673 63.28 -58.03 -28.62
C PHE E 673 62.67 -58.31 -27.27
N LYS E 674 62.83 -59.54 -26.81
CA LYS E 674 62.25 -60.01 -25.54
C LYS E 674 62.75 -59.04 -24.48
N ASP E 675 61.94 -58.61 -23.56
CA ASP E 675 62.45 -57.70 -22.47
C ASP E 675 62.92 -56.32 -22.97
N LYS E 676 62.63 -55.91 -24.21
CA LYS E 676 62.69 -54.50 -24.62
C LYS E 676 61.35 -53.85 -24.36
N TYR E 677 61.36 -52.70 -23.71
CA TYR E 677 60.21 -51.82 -23.46
C TYR E 677 60.39 -50.59 -24.35
N VAL E 678 59.43 -50.37 -25.20
CA VAL E 678 59.46 -49.42 -26.33
C VAL E 678 58.26 -48.51 -26.29
N LEU E 679 58.52 -47.22 -26.42
CA LEU E 679 57.51 -46.25 -26.78
C LEU E 679 57.67 -45.94 -28.25
N ILE E 680 56.60 -46.03 -28.99
CA ILE E 680 56.58 -45.64 -30.40
C ILE E 680 55.43 -44.70 -30.67
N THR E 681 55.74 -43.56 -31.26
CA THR E 681 54.76 -42.58 -31.75
C THR E 681 54.75 -42.65 -33.26
N GLY E 682 53.63 -42.30 -33.87
CA GLY E 682 53.52 -42.21 -35.33
C GLY E 682 53.48 -43.58 -35.96
N ALA E 683 52.78 -44.54 -35.39
CA ALA E 683 52.69 -45.90 -35.93
C ALA E 683 51.31 -46.22 -36.46
N GLY E 684 50.67 -45.29 -37.13
CA GLY E 684 49.35 -45.55 -37.71
C GLY E 684 49.46 -46.46 -38.92
N LYS E 685 48.34 -47.00 -39.37
CA LYS E 685 48.23 -47.77 -40.63
C LYS E 685 48.91 -47.02 -41.78
N GLY E 686 49.74 -47.71 -42.57
CA GLY E 686 50.49 -47.18 -43.73
C GLY E 686 51.82 -46.52 -43.37
N SER E 687 52.11 -46.33 -42.10
CA SER E 687 53.33 -45.70 -41.65
C SER E 687 54.47 -46.72 -41.65
N ILE E 688 55.66 -46.19 -41.59
CA ILE E 688 56.85 -46.97 -41.23
C ILE E 688 56.65 -47.54 -39.82
N GLY E 689 56.21 -46.71 -38.91
CA GLY E 689 56.08 -47.09 -37.53
C GLY E 689 55.24 -48.34 -37.36
N ALA E 690 54.21 -48.51 -38.17
CA ALA E 690 53.30 -49.66 -38.13
C ALA E 690 54.08 -50.93 -38.36
N GLU E 691 55.00 -50.89 -39.31
CA GLU E 691 55.81 -52.08 -39.65
C GLU E 691 56.84 -52.28 -38.59
N VAL E 692 57.37 -51.22 -38.01
CA VAL E 692 58.29 -51.34 -36.86
C VAL E 692 57.55 -52.00 -35.69
N LEU E 693 56.34 -51.53 -35.40
CA LEU E 693 55.51 -52.10 -34.33
C LEU E 693 55.34 -53.59 -34.55
N GLN E 694 55.00 -54.02 -35.74
CA GLN E 694 54.75 -55.43 -36.01
C GLN E 694 55.99 -56.24 -35.72
N GLY E 695 57.17 -55.77 -36.12
CA GLY E 695 58.39 -56.50 -35.80
C GLY E 695 58.69 -56.54 -34.33
N LEU E 696 58.51 -55.44 -33.66
CA LEU E 696 58.79 -55.45 -32.24
C LEU E 696 57.92 -56.47 -31.53
N LEU E 697 56.63 -56.52 -31.87
CA LEU E 697 55.72 -57.46 -31.18
C LEU E 697 56.12 -58.85 -31.54
N GLN E 698 56.52 -59.09 -32.77
CA GLN E 698 56.94 -60.43 -33.18
C GLN E 698 58.19 -60.87 -32.42
N GLY E 699 59.02 -59.94 -32.00
CA GLY E 699 60.22 -60.24 -31.22
C GLY E 699 59.95 -60.20 -29.75
N GLY E 700 58.69 -60.05 -29.29
CA GLY E 700 58.39 -60.19 -27.88
C GLY E 700 58.52 -58.89 -27.14
N ALA E 701 58.60 -57.76 -27.81
CA ALA E 701 58.72 -56.48 -27.07
C ALA E 701 57.48 -56.15 -26.31
N LYS E 702 57.65 -55.30 -25.32
CA LYS E 702 56.57 -54.59 -24.66
C LYS E 702 56.53 -53.18 -25.20
N VAL E 703 55.43 -52.84 -25.82
CA VAL E 703 55.31 -51.61 -26.60
C VAL E 703 54.13 -50.79 -26.14
N VAL E 704 54.38 -49.51 -25.92
CA VAL E 704 53.37 -48.46 -25.91
C VAL E 704 53.35 -47.80 -27.27
N VAL E 705 52.19 -47.83 -27.84
CA VAL E 705 51.90 -47.18 -29.13
C VAL E 705 50.90 -46.08 -28.89
N THR E 706 51.19 -44.94 -29.47
CA THR E 706 50.33 -43.76 -29.35
C THR E 706 49.50 -43.68 -30.62
N THR E 707 48.41 -42.99 -30.54
CA THR E 707 47.61 -42.67 -31.72
C THR E 707 47.01 -41.31 -31.48
N SER E 708 46.99 -40.50 -32.52
CA SER E 708 46.32 -39.18 -32.47
C SER E 708 44.85 -39.34 -32.88
N ARG E 709 44.42 -40.53 -33.32
CA ARG E 709 43.04 -40.80 -33.85
C ARG E 709 42.39 -41.97 -33.09
N PHE E 710 42.46 -41.95 -31.79
CA PHE E 710 41.90 -43.03 -30.96
C PHE E 710 40.40 -43.14 -31.23
N SER E 711 40.03 -44.31 -31.65
CA SER E 711 38.68 -44.68 -32.13
C SER E 711 38.58 -46.18 -32.05
N LYS E 712 37.37 -46.68 -32.29
CA LYS E 712 37.13 -48.12 -32.26
C LYS E 712 37.87 -48.73 -33.44
N GLN E 713 37.80 -48.10 -34.60
CA GLN E 713 38.48 -48.62 -35.81
C GLN E 713 39.99 -48.76 -35.50
N VAL E 714 40.61 -47.80 -34.87
CA VAL E 714 42.07 -47.84 -34.54
C VAL E 714 42.35 -48.89 -33.46
N THR E 715 41.59 -48.94 -32.38
CA THR E 715 41.84 -49.96 -31.32
C THR E 715 41.64 -51.36 -31.93
N ASP E 716 40.68 -51.56 -32.81
CA ASP E 716 40.47 -52.84 -33.53
C ASP E 716 41.59 -53.11 -34.51
N TYR E 717 42.15 -52.10 -35.14
CA TYR E 717 43.37 -52.27 -35.94
C TYR E 717 44.51 -52.82 -35.08
N TYR E 718 44.79 -52.20 -33.96
CA TYR E 718 45.92 -52.65 -33.12
C TYR E 718 45.67 -54.02 -32.50
N GLN E 719 44.41 -54.32 -32.17
CA GLN E 719 44.01 -55.61 -31.67
C GLN E 719 44.33 -56.69 -32.68
N SER E 720 44.00 -56.46 -33.93
CA SER E 720 44.25 -57.42 -35.00
C SER E 720 45.75 -57.55 -35.20
N ILE E 721 46.53 -56.50 -35.04
CA ILE E 721 48.01 -56.58 -35.13
C ILE E 721 48.51 -57.44 -33.99
N TYR E 722 48.06 -57.19 -32.76
CA TYR E 722 48.49 -57.98 -31.62
C TYR E 722 48.14 -59.45 -31.77
N ALA E 723 46.93 -59.73 -32.18
CA ALA E 723 46.44 -61.09 -32.30
C ALA E 723 47.21 -61.84 -33.35
N LYS E 724 47.70 -61.16 -34.36
CA LYS E 724 48.48 -61.82 -35.44
C LYS E 724 49.97 -61.90 -35.05
N TYR E 725 50.55 -60.86 -34.50
CA TYR E 725 52.04 -60.74 -34.38
C TYR E 725 52.56 -60.76 -32.95
N GLY E 726 51.71 -60.58 -31.94
CA GLY E 726 52.16 -60.50 -30.56
C GLY E 726 52.67 -61.83 -30.10
N ALA E 727 53.97 -61.93 -29.97
CA ALA E 727 54.66 -63.11 -29.46
C ALA E 727 54.43 -63.26 -27.98
N LYS E 728 54.77 -64.44 -27.51
CA LYS E 728 54.81 -64.69 -26.06
C LYS E 728 55.71 -63.67 -25.37
N GLY E 729 55.25 -63.16 -24.25
CA GLY E 729 55.92 -62.12 -23.49
C GLY E 729 55.66 -60.74 -24.06
N SER E 730 55.08 -60.61 -25.23
CA SER E 730 54.82 -59.29 -25.81
C SER E 730 53.63 -58.65 -25.13
N THR E 731 53.57 -57.35 -25.19
CA THR E 731 52.43 -56.59 -24.72
C THR E 731 52.36 -55.36 -25.60
N LEU E 732 51.16 -55.00 -25.96
CA LEU E 732 50.87 -53.77 -26.68
C LEU E 732 49.97 -52.96 -25.81
N ILE E 733 50.35 -51.74 -25.50
CA ILE E 733 49.50 -50.72 -24.87
C ILE E 733 49.21 -49.65 -25.89
N VAL E 734 47.96 -49.40 -26.17
CA VAL E 734 47.53 -48.35 -27.10
C VAL E 734 47.02 -47.21 -26.26
N VAL E 735 47.47 -46.00 -26.51
CA VAL E 735 47.06 -44.78 -25.77
C VAL E 735 46.75 -43.71 -26.77
N PRO E 736 45.73 -42.89 -26.50
CA PRO E 736 45.50 -41.69 -27.25
C PRO E 736 46.63 -40.76 -26.84
N PHE E 737 47.06 -39.97 -27.80
CA PHE E 737 48.21 -39.08 -27.57
C PHE E 737 48.30 -38.02 -28.65
N ASN E 738 48.55 -36.81 -28.24
CA ASN E 738 48.88 -35.68 -29.14
C ASN E 738 50.32 -35.27 -28.82
N GLN E 739 51.24 -35.62 -29.68
CA GLN E 739 52.65 -35.24 -29.54
C GLN E 739 52.81 -33.70 -29.66
N GLY E 740 51.83 -32.97 -30.18
CA GLY E 740 51.82 -31.49 -30.21
C GLY E 740 51.49 -30.85 -28.91
N SER E 741 51.13 -31.63 -27.90
CA SER E 741 50.75 -31.17 -26.56
C SER E 741 51.88 -31.48 -25.60
N LYS E 742 52.40 -30.46 -24.95
CA LYS E 742 53.45 -30.59 -23.94
C LYS E 742 52.84 -31.34 -22.73
N GLN E 743 51.57 -31.11 -22.45
CA GLN E 743 50.90 -31.78 -21.32
C GLN E 743 50.74 -33.27 -21.61
N ASP E 744 50.39 -33.62 -22.84
CA ASP E 744 50.32 -35.04 -23.22
C ASP E 744 51.67 -35.71 -23.10
N VAL E 745 52.72 -35.06 -23.57
CA VAL E 745 54.07 -35.64 -23.53
C VAL E 745 54.41 -35.98 -22.09
N GLU E 746 54.28 -35.03 -21.19
CA GLU E 746 54.67 -35.26 -19.80
C GLU E 746 53.77 -36.32 -19.16
N ALA E 747 52.46 -36.26 -19.43
CA ALA E 747 51.48 -37.19 -18.84
C ALA E 747 51.77 -38.61 -19.34
N LEU E 748 52.06 -38.76 -20.62
CA LEU E 748 52.38 -40.08 -21.18
C LEU E 748 53.59 -40.69 -20.50
N ILE E 749 54.65 -39.94 -20.39
CA ILE E 749 55.86 -40.46 -19.76
C ILE E 749 55.65 -40.75 -18.29
N GLU E 750 54.94 -39.91 -17.59
CA GLU E 750 54.61 -40.17 -16.16
C GLU E 750 53.83 -41.49 -16.06
N PHE E 751 52.88 -41.72 -16.95
CA PHE E 751 52.04 -42.91 -17.01
C PHE E 751 52.90 -44.11 -17.18
N ILE E 752 53.87 -44.04 -18.09
CA ILE E 752 54.73 -45.18 -18.38
C ILE E 752 55.54 -45.53 -17.15
N TYR E 753 56.03 -44.53 -16.45
CA TYR E 753 56.99 -44.75 -15.34
C TYR E 753 56.29 -44.93 -13.99
N ASP E 754 55.09 -44.45 -13.83
CA ASP E 754 54.33 -44.57 -12.57
C ASP E 754 54.10 -46.04 -12.22
N THR E 755 54.09 -46.34 -10.95
CA THR E 755 53.84 -47.69 -10.42
C THR E 755 52.43 -48.08 -10.82
N GLU E 756 52.22 -49.37 -11.01
CA GLU E 756 50.88 -49.98 -11.20
C GLU E 756 49.92 -49.53 -10.09
N LYS E 757 50.38 -49.43 -8.84
CA LYS E 757 49.54 -48.93 -7.72
C LYS E 757 49.02 -47.53 -8.06
N ASN E 758 49.88 -46.65 -8.56
CA ASN E 758 49.51 -45.26 -8.91
C ASN E 758 48.77 -45.20 -10.26
N GLY E 759 48.48 -46.33 -10.88
CA GLY E 759 47.77 -46.39 -12.17
C GLY E 759 48.68 -46.27 -13.41
N GLY E 760 50.01 -46.41 -13.24
CA GLY E 760 50.95 -46.38 -14.37
C GLY E 760 51.26 -47.78 -14.87
N LEU E 761 52.22 -47.91 -15.78
CA LEU E 761 52.63 -49.23 -16.29
C LEU E 761 53.73 -49.79 -15.41
N GLY E 762 54.42 -48.96 -14.66
CA GLY E 762 55.63 -49.39 -13.95
C GLY E 762 56.72 -49.86 -14.88
N TRP E 763 56.87 -49.22 -16.05
CA TRP E 763 57.91 -49.59 -17.02
C TRP E 763 59.09 -48.66 -16.90
N ASP E 764 60.18 -49.10 -17.49
CA ASP E 764 61.36 -48.27 -17.77
C ASP E 764 61.70 -48.50 -19.25
N LEU E 765 61.76 -47.45 -20.05
CA LEU E 765 61.99 -47.57 -21.49
C LEU E 765 63.42 -47.92 -21.86
N ASP E 766 63.53 -48.84 -22.78
CA ASP E 766 64.73 -49.23 -23.51
C ASP E 766 64.84 -48.48 -24.84
N ALA E 767 63.75 -48.09 -25.45
CA ALA E 767 63.78 -47.45 -26.77
C ALA E 767 62.62 -46.50 -26.89
N ILE E 768 62.87 -45.43 -27.59
CA ILE E 768 61.87 -44.42 -27.92
C ILE E 768 61.99 -44.19 -29.41
N ILE E 769 60.86 -44.29 -30.08
CA ILE E 769 60.74 -44.20 -31.55
C ILE E 769 59.71 -43.16 -31.87
N PRO E 770 60.12 -41.88 -31.88
CA PRO E 770 59.19 -40.76 -31.95
C PRO E 770 58.90 -40.34 -33.38
N PHE E 771 58.10 -41.12 -34.07
CA PHE E 771 57.86 -40.94 -35.52
C PHE E 771 56.62 -40.14 -35.85
N ALA E 772 55.92 -39.58 -34.88
CA ALA E 772 54.75 -38.72 -35.11
C ALA E 772 55.16 -37.57 -36.02
N ALA E 773 54.35 -37.32 -37.03
CA ALA E 773 54.58 -36.24 -37.98
C ALA E 773 53.27 -35.82 -38.61
N ILE E 774 53.20 -34.60 -39.08
CA ILE E 774 52.05 -34.22 -39.94
C ILE E 774 52.61 -33.70 -41.23
N PRO E 775 51.89 -33.90 -42.34
CA PRO E 775 52.38 -33.43 -43.63
C PRO E 775 52.16 -31.93 -43.76
N GLU E 776 53.15 -31.29 -44.32
CA GLU E 776 53.17 -29.87 -44.69
C GLU E 776 53.43 -29.93 -46.19
N GLN E 777 52.45 -29.66 -47.01
CA GLN E 777 52.61 -29.72 -48.48
C GLN E 777 52.19 -28.36 -49.03
N GLY E 778 52.96 -27.84 -49.94
CA GLY E 778 52.71 -26.58 -50.64
C GLY E 778 52.96 -25.38 -49.75
N ILE E 779 53.78 -25.55 -48.71
CA ILE E 779 54.06 -24.49 -47.72
C ILE E 779 55.48 -24.08 -47.96
N GLU E 780 55.66 -23.04 -48.76
CA GLU E 780 56.97 -22.42 -48.95
C GLU E 780 57.22 -21.45 -47.80
N LEU E 781 58.43 -20.90 -47.79
CA LEU E 781 58.88 -19.92 -46.79
C LEU E 781 57.79 -18.90 -46.48
N GLU E 782 57.20 -18.29 -47.50
CA GLU E 782 56.28 -17.15 -47.25
C GLU E 782 54.96 -17.63 -46.66
N HIS E 783 54.67 -18.91 -46.71
CA HIS E 783 53.41 -19.48 -46.19
C HIS E 783 53.59 -20.04 -44.79
N ILE E 784 54.81 -20.12 -44.28
CA ILE E 784 55.04 -20.71 -42.93
C ILE E 784 54.17 -19.97 -41.95
N ASP E 785 53.24 -20.69 -41.33
CA ASP E 785 52.25 -20.10 -40.42
C ASP E 785 51.92 -21.09 -39.30
N SER E 786 50.67 -21.11 -38.85
CA SER E 786 50.23 -21.84 -37.67
C SER E 786 50.54 -23.32 -37.84
N LYS E 787 50.11 -23.88 -38.95
CA LYS E 787 50.28 -25.31 -39.15
C LYS E 787 51.76 -25.71 -39.04
N SER E 788 52.63 -25.00 -39.70
CA SER E 788 54.08 -25.29 -39.69
C SER E 788 54.68 -25.12 -38.33
N GLU E 789 54.24 -24.16 -37.55
CA GLU E 789 54.75 -24.00 -36.21
C GLU E 789 54.32 -25.20 -35.36
N PHE E 790 53.07 -25.62 -35.52
CA PHE E 790 52.54 -26.75 -34.81
C PHE E 790 53.27 -28.00 -35.24
N ALA E 791 53.49 -28.20 -36.53
CA ALA E 791 54.20 -29.37 -37.04
C ALA E 791 55.61 -29.43 -36.46
N HIS E 792 56.24 -28.28 -36.34
CA HIS E 792 57.61 -28.16 -35.82
C HIS E 792 57.63 -28.48 -34.33
N ARG E 793 56.59 -28.13 -33.60
CA ARG E 793 56.42 -28.54 -32.20
C ARG E 793 56.33 -30.06 -32.04
N ILE E 794 55.61 -30.71 -32.91
CA ILE E 794 55.45 -32.17 -32.91
C ILE E 794 56.79 -32.83 -33.24
N MET E 795 57.41 -32.36 -34.27
CA MET E 795 58.52 -33.05 -34.93
C MET E 795 59.86 -32.64 -34.39
N LEU E 796 59.93 -31.60 -33.59
CA LEU E 796 61.19 -31.23 -32.94
C LEU E 796 60.97 -30.97 -31.47
N THR E 797 60.36 -29.88 -31.14
CA THR E 797 60.32 -29.39 -29.76
C THR E 797 59.85 -30.48 -28.80
N ASN E 798 58.76 -31.14 -29.13
CA ASN E 798 58.15 -32.10 -28.19
C ASN E 798 58.89 -33.43 -28.23
N ILE E 799 59.70 -33.70 -29.21
CA ILE E 799 60.66 -34.81 -29.17
C ILE E 799 61.71 -34.52 -28.13
N LEU E 800 62.26 -33.32 -28.14
CA LEU E 800 63.22 -32.93 -27.09
C LEU E 800 62.55 -33.00 -25.73
N ARG E 801 61.31 -32.55 -25.61
CA ARG E 801 60.61 -32.59 -24.32
C ARG E 801 60.36 -34.03 -23.90
N MET E 802 60.02 -34.90 -24.81
CA MET E 802 59.78 -36.32 -24.51
C MET E 802 61.06 -36.95 -23.99
N MET E 803 62.18 -36.65 -24.64
CA MET E 803 63.48 -37.19 -24.24
C MET E 803 63.79 -36.66 -22.87
N GLY E 804 63.58 -35.36 -22.69
CA GLY E 804 63.78 -34.73 -21.40
C GLY E 804 62.98 -35.37 -20.29
N CYS E 805 61.71 -35.66 -20.54
CA CYS E 805 60.83 -36.33 -19.58
C CYS E 805 61.35 -37.70 -19.21
N VAL E 806 61.80 -38.47 -20.17
CA VAL E 806 62.36 -39.80 -19.88
C VAL E 806 63.63 -39.64 -19.08
N LYS E 807 64.49 -38.74 -19.47
CA LYS E 807 65.67 -38.43 -18.66
C LYS E 807 65.21 -38.08 -17.23
N LYS E 808 64.28 -37.18 -17.03
CA LYS E 808 63.89 -36.82 -15.64
C LYS E 808 63.35 -38.02 -14.86
N GLN E 809 62.58 -38.90 -15.50
CA GLN E 809 62.00 -40.05 -14.80
C GLN E 809 63.09 -41.02 -14.42
N LYS E 810 64.02 -41.28 -15.31
CA LYS E 810 65.07 -42.21 -15.02
C LYS E 810 65.92 -41.63 -13.89
N SER E 811 66.32 -40.37 -13.99
CA SER E 811 67.22 -39.73 -13.00
C SER E 811 66.54 -39.67 -11.62
N ALA E 812 65.24 -39.44 -11.55
CA ALA E 812 64.47 -39.34 -10.29
C ALA E 812 64.51 -40.69 -9.56
N ARG E 813 64.68 -41.79 -10.30
CA ARG E 813 64.67 -43.17 -9.81
C ARG E 813 66.07 -43.75 -9.75
N GLY E 814 67.08 -42.95 -10.05
CA GLY E 814 68.49 -43.34 -9.98
C GLY E 814 68.88 -44.35 -11.03
N ILE E 815 68.18 -44.38 -12.15
CA ILE E 815 68.47 -45.38 -13.22
C ILE E 815 69.59 -44.80 -14.09
N GLU E 816 70.81 -45.25 -13.92
CA GLU E 816 71.98 -44.76 -14.68
C GLU E 816 72.52 -45.85 -15.60
N THR E 817 71.96 -47.05 -15.60
CA THR E 817 72.52 -48.20 -16.31
C THR E 817 71.49 -48.84 -17.24
N ARG E 818 70.43 -48.12 -17.58
CA ARG E 818 69.45 -48.67 -18.53
C ARG E 818 69.01 -47.52 -19.43
N PRO E 819 69.90 -47.04 -20.31
CA PRO E 819 69.53 -45.94 -21.18
C PRO E 819 68.47 -46.34 -22.22
N ALA E 820 67.62 -45.39 -22.55
CA ALA E 820 66.65 -45.55 -23.62
C ALA E 820 67.31 -45.10 -24.92
N GLN E 821 67.35 -45.98 -25.89
CA GLN E 821 67.79 -45.65 -27.25
C GLN E 821 66.73 -44.83 -27.96
N VAL E 822 67.08 -43.66 -28.40
CA VAL E 822 66.15 -42.79 -29.14
C VAL E 822 66.47 -42.97 -30.61
N ILE E 823 65.54 -43.54 -31.35
CA ILE E 823 65.71 -43.70 -32.79
C ILE E 823 65.13 -42.47 -33.45
N LEU E 824 65.98 -41.57 -33.88
CA LEU E 824 65.52 -40.26 -34.36
C LEU E 824 65.27 -40.38 -35.84
N PRO E 825 64.10 -39.95 -36.32
CA PRO E 825 63.77 -40.04 -37.73
C PRO E 825 64.38 -38.83 -38.46
N MET E 826 65.61 -38.98 -38.85
CA MET E 826 66.35 -37.94 -39.57
C MET E 826 66.06 -38.10 -41.05
N SER E 827 66.44 -37.11 -41.81
CA SER E 827 66.05 -37.01 -43.22
C SER E 827 67.26 -36.56 -43.98
N PRO E 828 67.43 -37.01 -45.23
CA PRO E 828 68.39 -36.38 -46.16
C PRO E 828 67.80 -35.07 -46.73
N ASN E 829 66.51 -34.80 -46.50
CA ASN E 829 65.77 -33.61 -47.01
C ASN E 829 65.98 -32.44 -46.07
N HIS E 830 67.01 -31.63 -46.33
CA HIS E 830 67.17 -30.36 -45.59
C HIS E 830 66.89 -29.20 -46.52
N GLY E 831 65.66 -29.08 -46.98
CA GLY E 831 65.23 -27.94 -47.81
C GLY E 831 65.48 -28.17 -49.29
N THR E 832 65.69 -29.41 -49.68
CA THR E 832 66.00 -29.82 -51.07
C THR E 832 64.71 -29.84 -51.93
N PHE E 833 63.60 -30.33 -51.41
CA PHE E 833 62.33 -30.40 -52.18
C PHE E 833 61.56 -29.10 -52.16
N GLY E 834 61.57 -28.41 -51.01
CA GLY E 834 60.81 -27.18 -50.85
C GLY E 834 59.34 -27.45 -50.64
N GLY E 835 58.63 -26.44 -50.19
CA GLY E 835 57.18 -26.55 -50.06
C GLY E 835 56.76 -27.42 -48.90
N ASP E 836 57.66 -27.74 -47.96
CA ASP E 836 57.26 -28.62 -46.84
C ASP E 836 57.30 -27.90 -45.51
N GLY E 837 57.02 -26.61 -45.52
CA GLY E 837 56.83 -25.86 -44.27
C GLY E 837 58.10 -25.78 -43.46
N MET E 838 58.07 -26.25 -42.22
CA MET E 838 59.27 -26.29 -41.35
C MET E 838 59.77 -27.72 -41.23
N TYR E 839 59.35 -28.61 -42.12
CA TYR E 839 59.81 -30.01 -42.09
C TYR E 839 61.32 -30.10 -41.98
N SER E 840 61.98 -29.48 -42.92
CA SER E 840 63.45 -29.53 -43.03
C SER E 840 64.11 -28.99 -41.80
N GLU E 841 63.56 -27.94 -41.22
CA GLU E 841 64.10 -27.34 -40.00
C GLU E 841 63.94 -28.33 -38.85
N SER E 842 62.81 -28.98 -38.73
CA SER E 842 62.56 -30.02 -37.71
C SER E 842 63.60 -31.10 -37.87
N LYS E 843 63.80 -31.57 -39.07
CA LYS E 843 64.67 -32.75 -39.26
C LYS E 843 66.12 -32.37 -39.04
N LEU E 844 66.56 -31.26 -39.60
CA LEU E 844 67.96 -30.87 -39.42
C LEU E 844 68.25 -30.57 -37.93
N SER E 845 67.36 -29.93 -37.20
CA SER E 845 67.56 -29.59 -35.78
C SER E 845 67.81 -30.82 -34.91
N LEU E 846 67.24 -31.97 -35.26
CA LEU E 846 67.47 -33.24 -34.51
C LEU E 846 68.94 -33.60 -34.50
N GLU E 847 69.68 -33.19 -35.49
CA GLU E 847 71.13 -33.49 -35.59
C GLU E 847 71.94 -32.84 -34.48
N THR E 848 71.43 -31.86 -33.78
CA THR E 848 72.15 -31.32 -32.62
C THR E 848 72.31 -32.39 -31.56
N LEU E 849 71.39 -33.35 -31.49
CA LEU E 849 71.41 -34.35 -30.40
C LEU E 849 72.70 -35.16 -30.41
N PHE E 850 73.30 -35.35 -31.56
CA PHE E 850 74.58 -36.07 -31.69
C PHE E 850 75.65 -35.37 -30.86
N ASN E 851 75.67 -34.06 -30.85
CA ASN E 851 76.65 -33.31 -30.03
C ASN E 851 76.15 -33.14 -28.60
N ARG E 852 74.86 -32.93 -28.42
CA ARG E 852 74.36 -32.67 -27.07
C ARG E 852 74.55 -33.87 -26.17
N TRP E 853 74.56 -35.07 -26.72
CA TRP E 853 74.78 -36.31 -25.96
C TRP E 853 76.09 -36.23 -25.19
N HIS E 854 77.13 -35.67 -25.78
CA HIS E 854 78.47 -35.48 -25.17
C HIS E 854 78.52 -34.28 -24.25
N SER E 855 77.79 -33.21 -24.54
CA SER E 855 77.98 -31.89 -23.88
C SER E 855 77.11 -31.72 -22.66
N GLU E 856 76.04 -32.51 -22.50
CA GLU E 856 75.08 -32.31 -21.40
C GLU E 856 75.21 -33.51 -20.45
N SER E 857 74.21 -33.72 -19.60
CA SER E 857 74.31 -34.67 -18.48
C SER E 857 73.27 -35.78 -18.63
N TRP E 858 72.84 -36.12 -19.84
CA TRP E 858 71.76 -37.11 -20.04
C TRP E 858 72.23 -38.37 -20.75
N ALA E 859 73.49 -38.49 -21.04
CA ALA E 859 74.02 -39.60 -21.81
C ALA E 859 73.77 -40.95 -21.14
N ASN E 860 73.67 -41.01 -19.82
CA ASN E 860 73.50 -42.33 -19.19
C ASN E 860 72.03 -42.74 -19.28
N GLN E 861 71.13 -41.78 -19.49
CA GLN E 861 69.69 -42.07 -19.55
C GLN E 861 69.21 -42.27 -20.99
N LEU E 862 69.87 -41.70 -21.96
CA LEU E 862 69.36 -41.74 -23.34
C LEU E 862 70.56 -41.97 -24.23
N THR E 863 70.40 -42.76 -25.24
CA THR E 863 71.37 -42.88 -26.32
C THR E 863 70.73 -42.38 -27.58
N VAL E 864 71.57 -41.95 -28.49
CA VAL E 864 71.09 -41.28 -29.71
C VAL E 864 71.38 -42.20 -30.87
N CYS E 865 70.35 -42.56 -31.60
CA CYS E 865 70.50 -43.32 -32.84
C CYS E 865 69.76 -42.57 -33.95
N GLY E 866 70.55 -41.91 -34.77
CA GLY E 866 70.03 -41.08 -35.84
C GLY E 866 69.84 -41.96 -37.02
N ALA E 867 68.60 -42.22 -37.40
CA ALA E 867 68.32 -42.95 -38.64
C ALA E 867 68.03 -41.92 -39.70
N ILE E 868 68.87 -41.85 -40.72
CA ILE E 868 68.62 -41.02 -41.92
C ILE E 868 67.77 -41.85 -42.86
N ILE E 869 66.48 -41.61 -42.86
CA ILE E 869 65.52 -42.52 -43.49
C ILE E 869 65.40 -42.15 -44.95
N GLY E 870 65.55 -43.14 -45.80
CA GLY E 870 65.52 -42.94 -47.25
C GLY E 870 64.10 -42.83 -47.76
N TRP E 871 63.98 -42.87 -49.07
CA TRP E 871 62.72 -42.73 -49.82
C TRP E 871 61.87 -43.97 -49.53
N THR E 872 60.92 -43.81 -48.62
CA THR E 872 60.04 -44.94 -48.23
C THR E 872 58.64 -44.70 -48.78
N ARG E 873 58.26 -45.48 -49.77
CA ARG E 873 56.95 -45.44 -50.46
C ARG E 873 55.76 -45.72 -49.50
N GLY E 874 54.61 -45.06 -49.68
CA GLY E 874 53.32 -45.49 -49.09
C GLY E 874 52.93 -44.75 -47.80
N THR E 875 53.74 -43.83 -47.29
CA THR E 875 53.53 -43.26 -45.93
C THR E 875 52.72 -41.97 -46.04
N GLY E 876 52.23 -41.50 -44.89
CA GLY E 876 51.49 -40.24 -44.77
C GLY E 876 52.27 -39.07 -45.38
N LEU E 877 53.60 -39.09 -45.24
CA LEU E 877 54.48 -37.97 -45.68
C LEU E 877 54.87 -38.12 -47.16
N MET E 878 54.98 -39.34 -47.67
CA MET E 878 55.62 -39.61 -48.99
C MET E 878 54.69 -40.27 -50.03
N SER E 879 53.44 -40.67 -49.71
CA SER E 879 52.54 -41.35 -50.68
C SER E 879 52.35 -40.48 -51.94
N ALA E 880 52.30 -39.15 -51.78
CA ALA E 880 52.21 -38.16 -52.89
C ALA E 880 53.38 -38.27 -53.89
N ASN E 881 54.46 -39.03 -53.60
CA ASN E 881 55.67 -39.13 -54.45
C ASN E 881 55.87 -40.54 -55.02
N ASN E 882 54.90 -41.45 -54.97
CA ASN E 882 55.08 -42.88 -55.36
C ASN E 882 55.27 -43.12 -56.87
N ILE E 883 54.72 -42.26 -57.73
CA ILE E 883 54.58 -42.55 -59.20
C ILE E 883 55.96 -42.56 -59.91
N ILE E 884 56.93 -41.81 -59.39
CA ILE E 884 58.27 -41.59 -60.02
C ILE E 884 59.33 -42.61 -59.56
N ALA E 885 59.04 -43.42 -58.55
CA ALA E 885 60.04 -44.23 -57.83
C ALA E 885 60.71 -45.22 -58.78
N GLU E 886 60.00 -45.74 -59.77
CA GLU E 886 60.64 -46.67 -60.74
C GLU E 886 61.77 -45.93 -61.47
N GLY E 887 61.55 -44.64 -61.77
CA GLY E 887 62.49 -43.78 -62.52
C GLY E 887 63.73 -43.50 -61.72
N ILE E 888 63.55 -43.06 -60.48
CA ILE E 888 64.65 -42.88 -59.46
C ILE E 888 65.49 -44.17 -59.44
N GLU E 889 64.89 -45.34 -59.37
CA GLU E 889 65.68 -46.58 -59.27
C GLU E 889 66.50 -46.86 -60.54
N LYS E 890 66.08 -46.38 -61.73
CA LYS E 890 66.84 -46.51 -63.01
C LYS E 890 68.24 -45.85 -62.88
N MET E 891 68.40 -44.83 -62.03
CA MET E 891 69.73 -44.24 -61.63
C MET E 891 70.61 -45.20 -60.79
N GLY E 892 70.19 -46.44 -60.52
CA GLY E 892 70.97 -47.40 -59.70
C GLY E 892 70.93 -47.02 -58.22
N VAL E 893 69.82 -46.42 -57.80
CA VAL E 893 69.51 -45.92 -56.43
C VAL E 893 68.37 -46.80 -55.87
N ARG E 894 68.10 -46.72 -54.56
CA ARG E 894 67.08 -47.59 -53.90
C ARG E 894 66.01 -46.75 -53.21
N THR E 895 64.77 -47.07 -53.52
CA THR E 895 63.59 -46.67 -52.72
C THR E 895 63.19 -47.89 -51.91
N PHE E 896 62.48 -47.65 -50.83
CA PHE E 896 62.15 -48.72 -49.85
C PHE E 896 60.64 -48.84 -49.70
N SER E 897 60.18 -50.05 -49.60
CA SER E 897 58.88 -50.36 -48.96
C SER E 897 58.91 -50.05 -47.46
N GLN E 898 57.75 -49.93 -46.84
CA GLN E 898 57.67 -49.68 -45.39
C GLN E 898 58.23 -50.89 -44.67
N LYS E 899 58.04 -52.08 -45.21
CA LYS E 899 58.54 -53.33 -44.62
C LYS E 899 60.06 -53.32 -44.57
N GLU E 900 60.69 -52.98 -45.69
CA GLU E 900 62.16 -52.88 -45.75
C GLU E 900 62.67 -51.82 -44.83
N MET E 901 62.09 -50.64 -44.84
CA MET E 901 62.57 -49.58 -43.99
C MET E 901 62.43 -50.02 -42.54
N ALA E 902 61.29 -50.64 -42.19
CA ALA E 902 61.07 -51.12 -40.82
C ALA E 902 62.17 -52.10 -40.48
N PHE E 903 62.47 -53.00 -41.38
CA PHE E 903 63.56 -53.99 -41.19
C PHE E 903 64.91 -53.30 -40.95
N ASN E 904 65.16 -52.25 -41.73
CA ASN E 904 66.38 -51.44 -41.55
C ASN E 904 66.42 -50.82 -40.17
N LEU E 905 65.30 -50.28 -39.71
CA LEU E 905 65.27 -49.56 -38.43
C LEU E 905 65.33 -50.58 -37.29
N LEU E 906 64.69 -51.72 -37.44
CA LEU E 906 64.76 -52.79 -36.43
C LEU E 906 66.17 -53.31 -36.26
N GLY E 907 67.00 -53.14 -37.26
CA GLY E 907 68.43 -53.42 -37.21
C GLY E 907 69.16 -52.57 -36.26
N LEU E 908 68.63 -51.40 -35.95
CA LEU E 908 69.22 -50.48 -34.99
C LEU E 908 68.95 -50.88 -33.56
N LEU E 909 68.05 -51.84 -33.33
CA LEU E 909 67.62 -52.26 -31.99
C LEU E 909 68.22 -53.62 -31.68
N THR E 910 69.05 -54.17 -32.55
CA THR E 910 69.82 -55.40 -32.33
C THR E 910 70.83 -55.14 -31.21
N PRO E 911 71.26 -56.19 -30.48
CA PRO E 911 72.15 -55.99 -29.34
C PRO E 911 73.46 -55.29 -29.69
N GLU E 912 73.99 -55.52 -30.88
CA GLU E 912 75.28 -54.93 -31.32
C GLU E 912 75.13 -53.43 -31.57
N VAL E 913 74.03 -52.96 -32.16
CA VAL E 913 73.85 -51.51 -32.41
C VAL E 913 73.50 -50.84 -31.10
N VAL E 914 72.71 -51.51 -30.27
CA VAL E 914 72.35 -50.98 -28.95
C VAL E 914 73.63 -50.70 -28.18
N GLU E 915 74.58 -51.62 -28.18
CA GLU E 915 75.87 -51.41 -27.48
C GLU E 915 76.67 -50.29 -28.13
N LEU E 916 76.65 -50.20 -29.44
CA LEU E 916 77.35 -49.11 -30.15
C LEU E 916 76.82 -47.74 -29.73
N CYS E 917 75.49 -47.55 -29.61
CA CYS E 917 74.90 -46.23 -29.26
C CYS E 917 75.22 -45.89 -27.81
N GLN E 918 75.46 -46.91 -26.99
CA GLN E 918 75.87 -46.68 -25.58
C GLN E 918 77.31 -46.18 -25.54
N LYS E 919 78.11 -46.38 -26.56
CA LYS E 919 79.50 -45.85 -26.59
C LYS E 919 79.49 -44.44 -27.13
N SER E 920 78.73 -44.20 -28.18
CA SER E 920 78.57 -42.84 -28.72
C SER E 920 77.42 -42.82 -29.71
N PRO E 921 76.89 -41.64 -30.02
CA PRO E 921 75.77 -41.56 -30.93
C PRO E 921 76.06 -42.30 -32.22
N VAL E 922 75.03 -42.97 -32.68
CA VAL E 922 75.05 -43.70 -33.95
C VAL E 922 74.31 -42.88 -35.01
N MET E 923 74.95 -42.77 -36.18
CA MET E 923 74.35 -42.21 -37.37
C MET E 923 74.22 -43.30 -38.42
N ALA E 924 72.98 -43.68 -38.73
CA ALA E 924 72.69 -44.74 -39.69
C ALA E 924 72.12 -44.08 -40.93
N ASP E 925 72.75 -44.29 -42.05
CA ASP E 925 72.29 -43.82 -43.37
C ASP E 925 71.49 -44.92 -43.95
N LEU E 926 70.17 -44.73 -44.04
CA LEU E 926 69.28 -45.73 -44.63
C LEU E 926 68.70 -45.11 -45.89
N ASN E 927 69.54 -44.42 -46.66
CA ASN E 927 69.09 -43.52 -47.75
C ASN E 927 69.21 -44.17 -49.13
N GLY E 928 69.66 -45.40 -49.25
CA GLY E 928 69.57 -46.10 -50.55
C GLY E 928 70.32 -45.36 -51.65
N GLY E 929 71.42 -44.71 -51.31
CA GLY E 929 72.33 -44.06 -52.28
C GLY E 929 71.73 -42.80 -52.86
N LEU E 930 70.59 -42.35 -52.33
CA LEU E 930 69.81 -41.24 -52.94
C LEU E 930 70.67 -39.98 -53.01
N GLN E 931 71.62 -39.84 -52.10
CA GLN E 931 72.42 -38.59 -51.89
C GLN E 931 73.35 -38.37 -53.11
N PHE E 932 73.77 -39.45 -53.78
CA PHE E 932 74.63 -39.45 -54.98
C PHE E 932 73.89 -39.01 -56.25
N VAL E 933 72.56 -38.91 -56.25
CA VAL E 933 71.79 -38.34 -57.40
C VAL E 933 71.90 -36.82 -57.28
N PRO E 934 72.60 -36.16 -58.24
CA PRO E 934 72.81 -34.71 -58.19
C PRO E 934 71.49 -34.03 -58.57
N GLU E 935 71.19 -32.87 -57.97
CA GLU E 935 70.06 -32.00 -58.36
C GLU E 935 68.77 -32.84 -58.34
N LEU E 936 68.47 -33.40 -57.17
CA LEU E 936 67.44 -34.45 -56.98
C LEU E 936 66.07 -33.86 -57.27
N LYS E 937 65.77 -32.70 -56.69
CA LYS E 937 64.47 -32.08 -56.88
C LYS E 937 64.15 -31.93 -58.37
N GLU E 938 65.04 -31.33 -59.15
CA GLU E 938 64.85 -31.14 -60.61
C GLU E 938 64.69 -32.51 -61.26
N PHE E 939 65.48 -33.50 -60.84
CA PHE E 939 65.43 -34.87 -61.39
C PHE E 939 64.02 -35.45 -61.16
N THR E 940 63.43 -35.23 -59.98
CA THR E 940 62.10 -35.78 -59.61
C THR E 940 61.01 -35.01 -60.35
N ALA E 941 61.12 -33.68 -60.47
CA ALA E 941 60.17 -32.84 -61.23
C ALA E 941 60.20 -33.21 -62.74
N LYS E 942 61.35 -33.55 -63.30
CA LYS E 942 61.47 -33.99 -64.72
C LYS E 942 60.77 -35.35 -64.88
N LEU E 943 61.01 -36.33 -63.98
CA LEU E 943 60.38 -37.68 -64.06
C LEU E 943 58.85 -37.55 -63.97
N ARG E 944 58.38 -36.60 -63.16
CA ARG E 944 56.94 -36.33 -62.92
C ARG E 944 56.31 -35.78 -64.20
N LYS E 945 56.95 -34.78 -64.83
CA LYS E 945 56.44 -34.12 -66.06
C LYS E 945 56.43 -35.16 -67.20
N GLU E 946 57.57 -35.81 -67.47
CA GLU E 946 57.67 -36.90 -68.46
C GLU E 946 56.51 -37.90 -68.31
N LEU E 947 55.97 -38.08 -67.10
CA LEU E 947 54.90 -39.08 -66.81
C LEU E 947 53.52 -38.43 -66.99
N VAL E 948 53.28 -37.28 -66.35
CA VAL E 948 52.01 -36.51 -66.41
C VAL E 948 51.74 -36.06 -67.86
N GLU E 949 52.77 -35.56 -68.56
CA GLU E 949 52.68 -35.13 -69.97
C GLU E 949 52.25 -36.32 -70.83
N THR E 950 52.88 -37.49 -70.65
CA THR E 950 52.57 -38.74 -71.41
C THR E 950 51.15 -39.20 -71.14
N SER E 951 50.69 -39.09 -69.89
CA SER E 951 49.31 -39.42 -69.43
C SER E 951 48.30 -38.50 -70.12
N GLU E 952 48.47 -37.18 -69.99
CA GLU E 952 47.53 -36.14 -70.50
C GLU E 952 47.50 -36.14 -72.03
N VAL E 953 48.64 -36.36 -72.69
CA VAL E 953 48.72 -36.44 -74.18
C VAL E 953 47.94 -37.67 -74.64
N ARG E 954 48.21 -38.83 -74.05
CA ARG E 954 47.52 -40.11 -74.41
C ARG E 954 46.02 -39.98 -74.19
N LYS E 955 45.59 -39.30 -73.13
CA LYS E 955 44.16 -39.10 -72.80
C LYS E 955 43.51 -38.28 -73.93
N ALA E 956 44.09 -37.12 -74.24
CA ALA E 956 43.64 -36.15 -75.26
C ALA E 956 43.64 -36.79 -76.66
N VAL E 957 44.73 -37.45 -77.07
CA VAL E 957 44.86 -38.10 -78.40
C VAL E 957 43.88 -39.26 -78.54
N SER E 958 43.58 -39.99 -77.46
CA SER E 958 42.64 -41.15 -77.52
C SER E 958 41.21 -40.61 -77.57
N ILE E 959 40.90 -39.54 -76.83
CA ILE E 959 39.55 -38.91 -76.83
C ILE E 959 39.24 -38.37 -78.23
N GLU E 960 40.21 -37.73 -78.89
CA GLU E 960 40.03 -37.09 -80.22
C GLU E 960 39.93 -38.17 -81.30
N THR E 961 40.72 -39.25 -81.19
CA THR E 961 40.68 -40.39 -82.15
C THR E 961 39.32 -41.09 -82.05
N ALA E 962 38.72 -41.15 -80.86
CA ALA E 962 37.38 -41.73 -80.64
C ALA E 962 36.31 -40.83 -81.27
N LEU E 963 36.43 -39.51 -81.07
CA LEU E 963 35.47 -38.52 -81.61
C LEU E 963 35.57 -38.49 -83.15
N GLU E 964 36.77 -38.55 -83.72
CA GLU E 964 36.97 -38.63 -85.19
C GLU E 964 36.26 -39.89 -85.71
N HIS E 965 36.54 -41.05 -85.13
CA HIS E 965 35.92 -42.36 -85.52
C HIS E 965 34.39 -42.26 -85.44
N LYS E 966 33.87 -41.66 -84.36
CA LYS E 966 32.43 -41.42 -84.12
C LYS E 966 31.84 -40.61 -85.30
N VAL E 967 32.52 -39.54 -85.72
CA VAL E 967 32.04 -38.61 -86.79
C VAL E 967 32.04 -39.33 -88.14
N VAL E 968 33.12 -40.03 -88.47
CA VAL E 968 33.29 -40.73 -89.77
C VAL E 968 32.38 -41.98 -89.85
N ASN E 969 32.05 -42.64 -88.75
CA ASN E 969 31.38 -43.97 -88.78
C ASN E 969 29.97 -43.91 -88.14
N GLY E 970 29.61 -42.81 -87.48
CA GLY E 970 28.26 -42.63 -86.89
C GLY E 970 27.99 -43.53 -85.70
N ASN E 971 26.72 -43.61 -85.29
CA ASN E 971 26.22 -44.29 -84.05
C ASN E 971 26.11 -45.81 -84.25
N SER E 972 25.79 -46.27 -85.46
CA SER E 972 25.59 -47.71 -85.82
C SER E 972 26.86 -48.53 -85.62
N ALA E 973 28.05 -47.90 -85.78
CA ALA E 973 29.37 -48.53 -85.62
C ALA E 973 29.63 -48.88 -84.14
N ASP E 974 29.14 -48.07 -83.20
CA ASP E 974 29.41 -48.16 -81.74
C ASP E 974 28.20 -48.71 -80.96
N ALA E 975 27.01 -48.75 -81.57
CA ALA E 975 25.76 -49.27 -80.95
C ALA E 975 25.84 -50.79 -80.76
N ALA E 976 26.34 -51.52 -81.76
CA ALA E 976 26.54 -52.98 -81.75
C ALA E 976 27.79 -53.37 -80.95
N TYR E 977 28.73 -52.42 -80.73
CA TYR E 977 29.96 -52.61 -79.91
C TYR E 977 29.64 -52.44 -78.42
N ALA E 978 28.79 -51.45 -78.06
CA ALA E 978 28.33 -51.17 -76.67
C ALA E 978 27.53 -52.37 -76.14
N GLN E 979 27.52 -52.56 -74.81
CA GLN E 979 27.05 -53.82 -74.16
C GLN E 979 26.29 -53.53 -72.86
N VAL E 980 25.27 -54.34 -72.59
CA VAL E 980 24.25 -54.11 -71.52
C VAL E 980 24.78 -54.67 -70.21
N GLU E 981 24.69 -53.88 -69.14
CA GLU E 981 25.11 -54.29 -67.78
C GLU E 981 23.87 -54.73 -66.98
N ILE E 982 23.99 -55.84 -66.27
CA ILE E 982 22.99 -56.41 -65.33
C ILE E 982 23.39 -55.97 -63.92
N GLN E 983 22.55 -55.19 -63.24
CA GLN E 983 22.70 -54.84 -61.80
C GLN E 983 21.92 -55.83 -60.94
N PRO E 984 22.51 -56.34 -59.84
CA PRO E 984 21.86 -57.36 -59.03
C PRO E 984 20.61 -56.81 -58.34
N ARG E 985 19.59 -57.63 -58.24
CA ARG E 985 18.44 -57.36 -57.33
C ARG E 985 18.55 -58.30 -56.13
N ALA E 986 18.21 -57.81 -54.95
CA ALA E 986 18.12 -58.62 -53.71
C ALA E 986 17.15 -59.76 -53.91
N ASN E 987 17.61 -60.99 -53.80
CA ASN E 987 16.79 -62.20 -53.77
C ASN E 987 16.87 -62.85 -52.36
N ILE E 988 16.14 -62.32 -51.38
CA ILE E 988 16.26 -62.79 -49.97
C ILE E 988 15.86 -64.25 -49.91
N GLN E 989 16.70 -65.09 -49.31
CA GLN E 989 16.44 -66.54 -49.18
C GLN E 989 16.06 -66.87 -47.74
N LEU E 990 15.32 -67.95 -47.57
CA LEU E 990 14.87 -68.38 -46.21
C LEU E 990 15.99 -69.18 -45.52
N ASP E 991 16.98 -69.67 -46.26
CA ASP E 991 18.14 -70.42 -45.73
C ASP E 991 17.65 -71.68 -45.01
N PHE E 992 16.80 -72.45 -45.68
CA PHE E 992 16.47 -73.80 -45.25
C PHE E 992 17.76 -74.59 -45.26
N PRO E 993 17.93 -75.57 -44.36
CA PRO E 993 19.13 -76.39 -44.39
C PRO E 993 19.24 -77.14 -45.72
N GLU E 994 20.49 -77.34 -46.12
CA GLU E 994 20.84 -78.10 -47.33
C GLU E 994 20.73 -79.57 -46.97
N LEU E 995 20.04 -80.29 -47.82
CA LEU E 995 19.87 -81.73 -47.68
C LEU E 995 20.83 -82.40 -48.66
N LYS E 996 21.72 -83.19 -48.11
CA LYS E 996 22.70 -84.02 -48.85
C LYS E 996 22.00 -85.22 -49.46
N PRO E 997 22.58 -85.81 -50.53
CA PRO E 997 22.12 -87.13 -50.99
C PRO E 997 22.19 -88.16 -49.86
N TYR E 998 21.26 -89.09 -49.86
CA TYR E 998 21.21 -90.12 -48.79
C TYR E 998 22.56 -90.75 -48.53
N LYS E 999 23.34 -91.06 -49.57
CA LYS E 999 24.63 -91.79 -49.42
C LYS E 999 25.58 -90.97 -48.55
N GLN E 1000 25.66 -89.67 -48.76
CA GLN E 1000 26.54 -88.80 -47.94
C GLN E 1000 26.03 -88.76 -46.50
N VAL E 1001 24.73 -88.61 -46.34
CA VAL E 1001 24.16 -88.39 -44.98
C VAL E 1001 24.30 -89.71 -44.21
N LYS E 1002 24.16 -90.84 -44.88
CA LYS E 1002 24.33 -92.18 -44.27
C LYS E 1002 25.74 -92.37 -43.70
N GLN E 1003 26.78 -91.76 -44.27
CA GLN E 1003 28.17 -91.90 -43.76
C GLN E 1003 28.42 -91.14 -42.45
N ILE E 1004 27.62 -90.14 -42.07
CA ILE E 1004 27.98 -89.31 -40.88
C ILE E 1004 27.55 -90.08 -39.62
N ALA E 1005 26.31 -90.53 -39.54
CA ALA E 1005 25.83 -91.31 -38.37
C ALA E 1005 26.39 -92.71 -38.49
N PRO E 1006 26.54 -93.45 -37.37
CA PRO E 1006 26.89 -94.86 -37.41
C PRO E 1006 25.78 -95.72 -38.07
N ALA E 1007 26.14 -96.84 -38.71
CA ALA E 1007 25.19 -97.68 -39.48
C ALA E 1007 24.09 -98.24 -38.55
N GLU E 1008 24.46 -98.55 -37.32
CA GLU E 1008 23.59 -99.14 -36.29
C GLU E 1008 22.46 -98.17 -35.96
N LEU E 1009 22.61 -96.86 -36.22
CA LEU E 1009 21.59 -95.88 -35.83
C LEU E 1009 20.27 -96.17 -36.56
N GLU E 1010 20.30 -96.74 -37.75
CA GLU E 1010 19.05 -96.93 -38.53
C GLU E 1010 18.08 -97.82 -37.74
N GLY E 1011 16.86 -97.33 -37.51
CA GLY E 1011 15.81 -98.07 -36.78
C GLY E 1011 16.04 -98.14 -35.29
N LEU E 1012 17.09 -97.52 -34.75
CA LEU E 1012 17.44 -97.67 -33.31
C LEU E 1012 16.64 -96.64 -32.49
N LEU E 1013 16.34 -95.48 -33.04
CA LEU E 1013 15.73 -94.37 -32.27
C LEU E 1013 14.21 -94.37 -32.41
N ASP E 1014 13.51 -94.05 -31.33
CA ASP E 1014 12.06 -93.74 -31.38
C ASP E 1014 12.01 -92.28 -31.82
N LEU E 1015 11.62 -92.02 -33.05
CA LEU E 1015 11.67 -90.66 -33.59
C LEU E 1015 10.57 -89.79 -33.04
N GLU E 1016 9.60 -90.36 -32.35
CA GLU E 1016 8.65 -89.58 -31.58
C GLU E 1016 9.33 -88.98 -30.37
N ARG E 1017 10.51 -89.46 -30.00
CA ARG E 1017 11.19 -88.97 -28.78
C ARG E 1017 12.45 -88.23 -29.16
N VAL E 1018 12.61 -87.90 -30.43
CA VAL E 1018 13.73 -87.05 -30.86
C VAL E 1018 13.08 -85.71 -31.14
N ILE E 1019 13.60 -84.71 -30.50
CA ILE E 1019 13.04 -83.36 -30.66
C ILE E 1019 13.90 -82.58 -31.65
N VAL E 1020 13.25 -81.97 -32.63
CA VAL E 1020 13.97 -81.14 -33.60
C VAL E 1020 13.46 -79.75 -33.54
N VAL E 1021 14.32 -78.82 -33.92
CA VAL E 1021 13.92 -77.44 -34.21
C VAL E 1021 13.60 -77.38 -35.72
N THR E 1022 12.42 -76.92 -36.04
CA THR E 1022 11.92 -76.80 -37.43
C THR E 1022 11.86 -75.38 -37.88
N GLY E 1023 11.99 -74.44 -36.99
CA GLY E 1023 11.91 -73.06 -37.38
C GLY E 1023 12.35 -72.19 -36.29
N PHE E 1024 12.84 -71.03 -36.59
CA PHE E 1024 13.29 -70.09 -35.58
C PHE E 1024 13.27 -68.72 -36.16
N ALA E 1025 13.15 -67.78 -35.29
CA ALA E 1025 13.13 -66.38 -35.64
C ALA E 1025 13.47 -65.57 -34.43
N GLU E 1026 13.64 -64.31 -34.69
CA GLU E 1026 13.87 -63.34 -33.66
C GLU E 1026 13.53 -61.97 -34.14
N VAL E 1027 13.36 -61.13 -33.17
CA VAL E 1027 13.29 -59.67 -33.35
C VAL E 1027 14.27 -59.13 -32.36
N GLY E 1028 15.31 -58.47 -32.82
CA GLY E 1028 16.30 -57.91 -31.91
C GLY E 1028 16.97 -56.70 -32.49
N PRO E 1029 18.01 -56.21 -31.81
CA PRO E 1029 18.74 -54.99 -32.22
C PRO E 1029 19.33 -55.01 -33.62
N TRP E 1030 19.46 -56.17 -34.24
CA TRP E 1030 19.97 -56.33 -35.61
C TRP E 1030 18.93 -56.92 -36.53
N GLY E 1031 17.67 -56.71 -36.21
CA GLY E 1031 16.55 -57.10 -37.06
C GLY E 1031 16.13 -58.51 -36.80
N SER E 1032 16.09 -59.30 -37.82
CA SER E 1032 15.62 -60.69 -37.83
C SER E 1032 16.81 -61.61 -37.61
N ALA E 1033 16.55 -62.91 -37.61
CA ALA E 1033 17.61 -63.89 -37.44
C ALA E 1033 18.58 -63.81 -38.64
N ARG E 1034 18.06 -63.49 -39.81
CA ARG E 1034 18.87 -63.44 -41.05
C ARG E 1034 19.83 -62.27 -40.99
N THR E 1035 19.34 -61.09 -40.61
CA THR E 1035 20.20 -59.91 -40.58
C THR E 1035 21.16 -59.97 -39.41
N ARG E 1036 20.68 -60.44 -38.27
CA ARG E 1036 21.59 -60.56 -37.11
C ARG E 1036 22.71 -61.55 -37.43
N TRP E 1037 22.41 -62.65 -38.08
CA TRP E 1037 23.47 -63.58 -38.46
C TRP E 1037 24.49 -62.97 -39.42
N GLU E 1038 24.06 -62.21 -40.41
CA GLU E 1038 25.03 -61.56 -41.32
C GLU E 1038 25.94 -60.66 -40.52
N MET E 1039 25.39 -59.87 -39.63
CA MET E 1039 26.20 -58.98 -38.84
C MET E 1039 27.10 -59.78 -37.89
N GLU E 1040 26.60 -60.82 -37.28
CA GLU E 1040 27.40 -61.60 -36.30
C GLU E 1040 28.53 -62.33 -37.04
N ALA E 1041 28.21 -63.07 -38.08
CA ALA E 1041 29.17 -63.94 -38.78
C ALA E 1041 30.13 -63.09 -39.63
N PHE E 1042 29.64 -62.09 -40.34
CA PHE E 1042 30.43 -61.40 -41.42
C PHE E 1042 30.76 -59.98 -41.08
N GLY E 1043 30.08 -59.36 -40.14
CA GLY E 1043 30.35 -57.98 -39.76
C GLY E 1043 29.82 -56.98 -40.77
N GLU E 1044 29.05 -57.41 -41.74
CA GLU E 1044 28.49 -56.48 -42.75
C GLU E 1044 27.33 -57.16 -43.44
N PHE E 1045 26.51 -56.36 -44.07
CA PHE E 1045 25.33 -56.86 -44.78
C PHE E 1045 25.67 -57.14 -46.23
N SER E 1046 25.18 -58.27 -46.72
CA SER E 1046 25.01 -58.55 -48.16
C SER E 1046 23.97 -57.57 -48.73
N LEU E 1047 23.72 -57.65 -50.02
CA LEU E 1047 22.63 -56.89 -50.65
C LEU E 1047 21.28 -57.32 -50.03
N GLU E 1048 21.06 -58.61 -49.86
CA GLU E 1048 19.84 -59.17 -49.23
C GLU E 1048 19.68 -58.61 -47.81
N GLY E 1049 20.75 -58.53 -47.03
CA GLY E 1049 20.69 -58.05 -45.66
C GLY E 1049 20.39 -56.59 -45.60
N CYS E 1050 20.99 -55.81 -46.50
CA CYS E 1050 20.73 -54.37 -46.56
C CYS E 1050 19.28 -54.06 -46.94
N VAL E 1051 18.78 -54.71 -47.93
CA VAL E 1051 17.39 -54.54 -48.37
C VAL E 1051 16.47 -54.99 -47.23
N GLU E 1052 16.78 -56.10 -46.58
CA GLU E 1052 15.91 -56.56 -45.45
C GLU E 1052 15.93 -55.51 -44.38
N MET E 1053 17.08 -54.98 -44.04
CA MET E 1053 17.16 -54.01 -42.95
C MET E 1053 16.47 -52.74 -43.37
N ALA E 1054 16.60 -52.35 -44.63
CA ALA E 1054 15.98 -51.10 -45.08
C ALA E 1054 14.45 -51.26 -45.02
N TRP E 1055 13.96 -52.40 -45.38
CA TRP E 1055 12.52 -52.75 -45.26
C TRP E 1055 12.09 -52.79 -43.79
N ILE E 1056 12.85 -53.46 -42.94
CA ILE E 1056 12.50 -53.56 -41.50
C ILE E 1056 12.42 -52.16 -40.94
N MET E 1057 13.38 -51.33 -41.26
CA MET E 1057 13.47 -49.98 -40.67
C MET E 1057 12.56 -49.01 -41.38
N GLY E 1058 11.79 -49.41 -42.36
CA GLY E 1058 10.84 -48.49 -43.00
C GLY E 1058 11.51 -47.47 -43.94
N PHE E 1059 12.75 -47.68 -44.33
CA PHE E 1059 13.48 -46.77 -45.24
C PHE E 1059 12.93 -46.89 -46.64
N ILE E 1060 12.67 -48.13 -47.04
CA ILE E 1060 12.13 -48.50 -48.37
C ILE E 1060 10.80 -49.18 -48.18
N SER E 1061 9.95 -49.01 -49.16
CA SER E 1061 8.63 -49.64 -49.26
C SER E 1061 8.48 -50.07 -50.69
N TYR E 1062 7.69 -51.05 -50.89
CA TYR E 1062 7.46 -51.54 -52.24
C TYR E 1062 6.34 -50.75 -52.90
N HIS E 1063 6.42 -50.65 -54.22
CA HIS E 1063 5.46 -49.87 -55.05
C HIS E 1063 5.23 -50.64 -56.32
N ASN E 1064 3.97 -50.92 -56.62
CA ASN E 1064 3.60 -51.52 -57.91
C ASN E 1064 2.46 -50.70 -58.49
N GLY E 1065 2.74 -49.94 -59.53
CA GLY E 1065 1.73 -49.12 -60.23
C GLY E 1065 2.39 -47.91 -60.86
N ASN E 1066 1.59 -46.90 -61.21
CA ASN E 1066 2.09 -45.67 -61.85
C ASN E 1066 2.83 -44.84 -60.79
N LEU E 1067 3.98 -44.33 -61.18
CA LEU E 1067 4.80 -43.44 -60.34
C LEU E 1067 5.36 -42.32 -61.22
N LYS E 1068 4.79 -41.13 -61.10
CA LYS E 1068 5.13 -39.92 -61.91
C LYS E 1068 4.98 -40.29 -63.39
N GLY E 1069 3.80 -40.78 -63.78
CA GLY E 1069 3.47 -41.18 -65.16
C GLY E 1069 3.86 -42.61 -65.48
N ARG E 1070 5.17 -42.91 -65.50
CA ARG E 1070 5.72 -44.23 -65.91
C ARG E 1070 5.27 -45.31 -64.93
N PRO E 1071 5.01 -46.56 -65.39
CA PRO E 1071 4.67 -47.65 -64.48
C PRO E 1071 5.94 -48.20 -63.81
N TYR E 1072 5.92 -48.35 -62.48
CA TYR E 1072 7.11 -48.80 -61.69
C TYR E 1072 6.70 -49.97 -60.79
N THR E 1073 7.57 -50.97 -60.76
CA THR E 1073 7.53 -52.11 -59.83
C THR E 1073 8.87 -52.13 -59.12
N GLY E 1074 8.89 -51.76 -57.84
CA GLY E 1074 10.09 -51.99 -57.01
C GLY E 1074 10.05 -51.15 -55.76
N TRP E 1075 11.21 -51.01 -55.20
CA TRP E 1075 11.40 -50.27 -53.97
C TRP E 1075 11.33 -48.81 -54.30
N VAL E 1076 10.75 -48.07 -53.38
CA VAL E 1076 10.82 -46.60 -53.29
C VAL E 1076 11.25 -46.23 -51.90
N ASP E 1077 11.76 -45.02 -51.79
CA ASP E 1077 12.03 -44.34 -50.51
C ASP E 1077 10.68 -44.12 -49.85
N SER E 1078 10.56 -44.55 -48.60
CA SER E 1078 9.27 -44.50 -47.87
C SER E 1078 8.83 -43.04 -47.72
N LYS E 1079 9.75 -42.12 -47.49
CA LYS E 1079 9.44 -40.68 -47.25
C LYS E 1079 9.08 -40.01 -48.59
N THR E 1080 10.02 -39.98 -49.54
CA THR E 1080 9.96 -39.19 -50.80
C THR E 1080 9.15 -39.89 -51.90
N LYS E 1081 9.10 -41.22 -51.87
CA LYS E 1081 8.42 -42.11 -52.84
C LYS E 1081 9.20 -42.16 -54.14
N GLU E 1082 10.46 -41.77 -54.11
CA GLU E 1082 11.39 -41.91 -55.25
C GLU E 1082 11.82 -43.35 -55.41
N PRO E 1083 11.84 -43.88 -56.63
CA PRO E 1083 12.40 -45.19 -56.90
C PRO E 1083 13.81 -45.36 -56.35
N VAL E 1084 14.08 -46.56 -55.87
CA VAL E 1084 15.41 -46.92 -55.33
C VAL E 1084 15.72 -48.25 -55.95
N ASP E 1085 16.87 -48.34 -56.59
CA ASP E 1085 17.33 -49.63 -57.10
C ASP E 1085 17.95 -50.36 -55.92
N ASP E 1086 17.86 -51.68 -55.91
CA ASP E 1086 18.45 -52.56 -54.88
C ASP E 1086 19.94 -52.21 -54.74
N LYS E 1087 20.67 -52.08 -55.85
CA LYS E 1087 22.14 -51.81 -55.87
C LYS E 1087 22.48 -50.50 -55.16
N ASP E 1088 21.51 -49.57 -55.04
CA ASP E 1088 21.71 -48.25 -54.41
C ASP E 1088 21.30 -48.24 -52.94
N VAL E 1089 20.69 -49.33 -52.46
CA VAL E 1089 20.18 -49.35 -51.06
C VAL E 1089 21.36 -49.14 -50.14
N LYS E 1090 22.45 -49.85 -50.36
CA LYS E 1090 23.67 -49.72 -49.53
C LYS E 1090 24.15 -48.28 -49.48
N ALA E 1091 24.40 -47.65 -50.64
CA ALA E 1091 24.95 -46.28 -50.63
C ALA E 1091 23.93 -45.35 -50.00
N LYS E 1092 22.65 -45.55 -50.28
CA LYS E 1092 21.62 -44.62 -49.80
C LYS E 1092 21.36 -44.82 -48.30
N TYR E 1093 21.33 -46.05 -47.80
CA TYR E 1093 20.78 -46.29 -46.43
C TYR E 1093 21.74 -46.94 -45.46
N GLU E 1094 22.81 -47.58 -45.92
CA GLU E 1094 23.60 -48.45 -45.02
C GLU E 1094 24.11 -47.65 -43.82
N THR E 1095 24.56 -46.43 -44.02
CA THR E 1095 25.08 -45.64 -42.91
C THR E 1095 23.96 -45.43 -41.88
N SER E 1096 22.77 -45.12 -42.33
CA SER E 1096 21.60 -44.92 -41.45
C SER E 1096 21.24 -46.25 -40.76
N ILE E 1097 21.25 -47.33 -41.49
CA ILE E 1097 20.91 -48.67 -40.95
C ILE E 1097 21.86 -48.96 -39.79
N LEU E 1098 23.16 -48.78 -40.01
CA LEU E 1098 24.19 -49.10 -39.01
C LEU E 1098 24.15 -48.15 -37.84
N GLU E 1099 23.80 -46.91 -38.04
CA GLU E 1099 23.70 -45.95 -36.94
C GLU E 1099 22.46 -46.25 -36.05
N HIS E 1100 21.38 -46.78 -36.62
CA HIS E 1100 20.10 -46.92 -35.90
C HIS E 1100 19.77 -48.39 -35.66
N SER E 1101 20.78 -49.25 -35.59
CA SER E 1101 20.68 -50.67 -35.28
C SER E 1101 21.69 -51.01 -34.20
N GLY E 1102 21.48 -52.12 -33.54
CA GLY E 1102 22.42 -52.62 -32.56
C GLY E 1102 22.48 -51.81 -31.30
N ILE E 1103 23.58 -51.96 -30.60
CA ILE E 1103 23.80 -51.31 -29.31
C ILE E 1103 24.18 -49.85 -29.61
N ARG E 1104 23.45 -48.93 -29.05
CA ARG E 1104 23.54 -47.50 -29.44
C ARG E 1104 22.93 -46.67 -28.36
N LEU E 1105 23.14 -45.37 -28.43
CA LEU E 1105 22.51 -44.47 -27.48
C LEU E 1105 20.98 -44.68 -27.47
N ILE E 1106 20.43 -44.62 -26.30
CA ILE E 1106 18.97 -44.82 -26.14
C ILE E 1106 18.29 -43.74 -26.92
N GLU E 1107 17.36 -44.13 -27.76
CA GLU E 1107 16.54 -43.18 -28.56
C GLU E 1107 15.22 -42.95 -27.83
N PRO E 1108 14.95 -41.74 -27.30
CA PRO E 1108 13.74 -41.49 -26.52
C PRO E 1108 12.43 -41.78 -27.24
N GLU E 1109 12.41 -41.59 -28.55
CA GLU E 1109 11.22 -41.84 -29.40
C GLU E 1109 10.85 -43.33 -29.40
N LEU E 1110 11.76 -44.23 -29.04
CA LEU E 1110 11.43 -45.67 -29.03
C LEU E 1110 10.86 -46.07 -27.68
N PHE E 1111 11.02 -45.22 -26.65
CA PHE E 1111 10.71 -45.58 -25.25
C PHE E 1111 9.84 -44.50 -24.64
N ASN E 1112 8.84 -44.03 -25.38
CA ASN E 1112 7.83 -43.07 -24.87
C ASN E 1112 8.49 -41.84 -24.26
N GLY E 1113 9.52 -41.33 -24.93
CA GLY E 1113 10.24 -40.11 -24.56
C GLY E 1113 11.18 -40.28 -23.39
N TYR E 1114 11.37 -41.50 -22.90
CA TYR E 1114 12.42 -41.77 -21.89
C TYR E 1114 13.78 -41.22 -22.36
N ASN E 1115 14.38 -40.43 -21.52
CA ASN E 1115 15.68 -39.78 -21.75
C ASN E 1115 16.46 -40.02 -20.49
N PRO E 1116 17.44 -40.94 -20.51
CA PRO E 1116 18.20 -41.23 -19.32
C PRO E 1116 18.96 -39.98 -18.82
N GLU E 1117 19.22 -39.03 -19.70
CA GLU E 1117 19.95 -37.81 -19.30
C GLU E 1117 19.02 -36.92 -18.48
N LYS E 1118 17.73 -37.17 -18.54
CA LYS E 1118 16.70 -36.34 -17.88
C LYS E 1118 15.56 -37.24 -17.43
N LYS E 1119 15.84 -37.96 -16.39
CA LYS E 1119 14.89 -38.87 -15.77
C LYS E 1119 13.94 -38.10 -14.82
N GLU E 1120 12.63 -38.25 -15.05
CA GLU E 1120 11.56 -37.51 -14.34
C GLU E 1120 11.23 -38.20 -13.02
N MET E 1121 11.51 -37.56 -11.90
CA MET E 1121 11.04 -37.93 -10.56
C MET E 1121 10.17 -36.81 -9.97
N ILE E 1122 9.56 -37.05 -8.82
CA ILE E 1122 8.74 -36.02 -8.15
C ILE E 1122 9.20 -36.01 -6.73
N GLN E 1123 9.16 -34.83 -6.16
CA GLN E 1123 9.61 -34.59 -4.80
C GLN E 1123 8.41 -34.03 -4.04
N GLU E 1124 8.11 -34.62 -2.90
CA GLU E 1124 7.03 -34.19 -2.00
C GLU E 1124 7.52 -32.90 -1.34
N VAL E 1125 6.75 -31.84 -1.40
CA VAL E 1125 7.08 -30.56 -0.67
C VAL E 1125 5.86 -30.08 0.11
N ILE E 1126 6.08 -29.69 1.36
CA ILE E 1126 5.03 -29.03 2.16
C ILE E 1126 4.95 -27.57 1.70
N VAL E 1127 3.81 -27.19 1.12
CA VAL E 1127 3.41 -25.78 0.82
C VAL E 1127 3.70 -24.92 2.06
N GLU E 1128 4.51 -23.87 1.95
CA GLU E 1128 4.80 -22.97 3.10
C GLU E 1128 3.78 -21.83 3.11
N GLU E 1129 3.24 -21.49 1.93
CA GLU E 1129 2.24 -20.41 1.78
C GLU E 1129 1.14 -20.83 0.81
N ASP E 1130 -0.10 -20.38 1.06
CA ASP E 1130 -1.28 -20.75 0.25
C ASP E 1130 -0.99 -20.48 -1.22
N LEU E 1131 -1.44 -21.37 -2.09
CA LEU E 1131 -1.26 -21.22 -3.55
C LEU E 1131 -2.35 -20.29 -4.06
N GLU E 1132 -2.09 -19.67 -5.21
CA GLU E 1132 -3.12 -18.99 -6.01
C GLU E 1132 -4.21 -20.02 -6.28
N PRO E 1133 -5.48 -19.72 -5.99
CA PRO E 1133 -6.59 -20.56 -6.42
C PRO E 1133 -6.51 -20.92 -7.90
N PHE E 1134 -6.99 -22.11 -8.24
CA PHE E 1134 -7.15 -22.56 -9.64
C PHE E 1134 -8.53 -23.20 -9.75
N GLU E 1135 -9.02 -23.29 -10.96
CA GLU E 1135 -10.39 -23.75 -11.27
C GLU E 1135 -10.28 -25.25 -11.54
N ALA E 1136 -11.27 -26.00 -11.10
CA ALA E 1136 -11.42 -27.44 -11.34
C ALA E 1136 -12.91 -27.73 -11.40
N SER E 1137 -13.29 -28.83 -12.04
CA SER E 1137 -14.66 -29.38 -11.98
C SER E 1137 -15.01 -29.68 -10.53
N LYS E 1138 -16.29 -29.82 -10.26
CA LYS E 1138 -16.81 -30.19 -8.93
C LYS E 1138 -16.19 -31.54 -8.52
N GLU E 1139 -16.23 -32.53 -9.42
CA GLU E 1139 -15.71 -33.90 -9.19
C GLU E 1139 -14.26 -33.80 -8.71
N THR E 1140 -13.41 -33.16 -9.48
CA THR E 1140 -11.96 -33.04 -9.19
C THR E 1140 -11.77 -32.28 -7.89
N ALA E 1141 -12.52 -31.19 -7.70
CA ALA E 1141 -12.38 -30.36 -6.49
C ALA E 1141 -12.67 -31.22 -5.29
N GLU E 1142 -13.72 -32.02 -5.36
CA GLU E 1142 -14.04 -32.91 -4.21
C GLU E 1142 -12.96 -33.98 -3.98
N GLN E 1143 -12.27 -34.40 -5.01
CA GLN E 1143 -11.13 -35.37 -4.86
C GLN E 1143 -9.97 -34.65 -4.20
N PHE E 1144 -9.76 -33.36 -4.50
CA PHE E 1144 -8.71 -32.58 -3.80
C PHE E 1144 -9.06 -32.42 -2.36
N LYS E 1145 -10.34 -32.19 -2.10
CA LYS E 1145 -10.79 -31.97 -0.71
C LYS E 1145 -10.69 -33.27 0.08
N HIS E 1146 -11.15 -34.35 -0.50
CA HIS E 1146 -10.97 -35.68 0.12
C HIS E 1146 -9.52 -35.91 0.50
N GLN E 1147 -8.56 -35.58 -0.38
CA GLN E 1147 -7.14 -35.82 -0.06
C GLN E 1147 -6.62 -34.90 1.02
N HIS E 1148 -6.85 -33.60 0.89
CA HIS E 1148 -6.13 -32.61 1.71
C HIS E 1148 -6.92 -32.24 2.98
N GLY E 1149 -8.25 -32.44 2.99
CA GLY E 1149 -9.08 -32.12 4.16
C GLY E 1149 -8.98 -30.64 4.50
N ASP E 1150 -8.43 -30.29 5.66
CA ASP E 1150 -8.39 -28.87 6.08
C ASP E 1150 -7.32 -28.09 5.29
N LYS E 1151 -6.40 -28.77 4.57
CA LYS E 1151 -5.30 -28.06 3.86
C LYS E 1151 -5.77 -27.62 2.49
N VAL E 1152 -7.06 -27.67 2.21
CA VAL E 1152 -7.56 -27.15 0.93
C VAL E 1152 -8.96 -26.58 1.17
N ASP E 1153 -9.30 -25.57 0.39
CA ASP E 1153 -10.64 -24.98 0.37
C ASP E 1153 -11.09 -25.00 -1.05
N ILE E 1154 -12.31 -25.42 -1.21
CA ILE E 1154 -12.98 -25.50 -2.50
C ILE E 1154 -14.30 -24.77 -2.33
N PHE E 1155 -14.69 -24.05 -3.38
CA PHE E 1155 -15.88 -23.19 -3.37
C PHE E 1155 -16.49 -23.25 -4.74
N GLU E 1156 -17.78 -23.53 -4.82
CA GLU E 1156 -18.51 -23.41 -6.09
C GLU E 1156 -18.37 -21.96 -6.56
N ILE E 1157 -18.13 -21.78 -7.85
CA ILE E 1157 -18.26 -20.50 -8.59
C ILE E 1157 -19.67 -20.52 -9.18
N PRO E 1158 -20.66 -19.78 -8.62
CA PRO E 1158 -22.08 -20.03 -8.92
C PRO E 1158 -22.43 -19.86 -10.41
N GLU E 1159 -21.76 -18.93 -11.09
CA GLU E 1159 -21.99 -18.56 -12.51
C GLU E 1159 -21.79 -19.80 -13.40
N THR E 1160 -20.61 -20.43 -13.28
CA THR E 1160 -20.10 -21.47 -14.22
C THR E 1160 -20.37 -22.89 -13.70
N GLY E 1161 -20.56 -23.07 -12.39
CA GLY E 1161 -20.69 -24.40 -11.75
C GLY E 1161 -19.35 -25.09 -11.51
N GLU E 1162 -18.24 -24.51 -11.98
CA GLU E 1162 -16.85 -24.94 -11.66
C GLU E 1162 -16.55 -24.58 -10.21
N TYR E 1163 -15.40 -25.04 -9.72
CA TYR E 1163 -14.97 -24.87 -8.31
C TYR E 1163 -13.62 -24.22 -8.29
N SER E 1164 -13.39 -23.39 -7.30
CA SER E 1164 -12.07 -22.82 -7.05
C SER E 1164 -11.41 -23.83 -6.13
N VAL E 1165 -10.13 -24.05 -6.32
CA VAL E 1165 -9.39 -24.94 -5.41
C VAL E 1165 -8.27 -24.12 -4.85
N LYS E 1166 -8.17 -24.11 -3.56
CA LYS E 1166 -7.23 -23.24 -2.87
C LYS E 1166 -6.48 -24.13 -1.91
N LEU E 1167 -5.25 -24.48 -2.30
CA LEU E 1167 -4.33 -25.27 -1.47
C LEU E 1167 -3.75 -24.34 -0.44
N LEU E 1168 -3.78 -24.74 0.82
CA LEU E 1168 -3.37 -23.89 1.95
C LEU E 1168 -2.02 -24.35 2.45
N LYS E 1169 -1.34 -23.45 3.14
CA LYS E 1169 -0.13 -23.71 3.95
C LYS E 1169 -0.27 -25.07 4.61
N GLY E 1170 0.78 -25.88 4.57
CA GLY E 1170 0.82 -27.21 5.20
C GLY E 1170 0.38 -28.34 4.27
N ALA E 1171 -0.32 -28.05 3.17
CA ALA E 1171 -0.67 -29.03 2.13
C ALA E 1171 0.60 -29.62 1.46
N THR E 1172 0.50 -30.86 1.01
CA THR E 1172 1.55 -31.65 0.34
C THR E 1172 1.37 -31.47 -1.15
N LEU E 1173 2.44 -31.13 -1.85
CA LEU E 1173 2.49 -31.00 -3.32
C LEU E 1173 3.62 -31.95 -3.78
N TYR E 1174 3.67 -32.21 -5.05
CA TYR E 1174 4.81 -32.92 -5.65
C TYR E 1174 5.32 -32.04 -6.78
N ILE E 1175 6.63 -31.84 -6.76
CA ILE E 1175 7.30 -30.99 -7.76
C ILE E 1175 8.23 -31.86 -8.56
N PRO E 1176 8.03 -31.92 -9.85
CA PRO E 1176 8.88 -32.67 -10.73
C PRO E 1176 10.34 -32.21 -10.61
N LYS E 1177 11.22 -33.16 -10.67
CA LYS E 1177 12.68 -32.95 -10.68
C LYS E 1177 13.26 -34.00 -11.62
N ALA E 1178 14.46 -33.73 -12.12
CA ALA E 1178 15.08 -34.55 -13.19
C ALA E 1178 16.39 -35.01 -12.62
N LEU E 1179 16.73 -36.26 -12.90
CA LEU E 1179 17.96 -36.94 -12.46
C LEU E 1179 18.71 -37.28 -13.75
N ARG E 1180 20.01 -37.13 -13.76
CA ARG E 1180 20.90 -37.62 -14.84
C ARG E 1180 21.25 -39.07 -14.51
N PHE E 1181 20.81 -40.00 -15.33
CA PHE E 1181 21.16 -41.42 -15.09
C PHE E 1181 22.35 -41.76 -16.01
N ASP E 1182 23.18 -42.70 -15.61
CA ASP E 1182 24.48 -42.99 -16.27
C ASP E 1182 24.40 -44.25 -17.13
N ARG E 1183 23.22 -44.81 -17.42
CA ARG E 1183 23.08 -45.86 -18.45
C ARG E 1183 22.39 -45.24 -19.64
N LEU E 1184 23.16 -44.99 -20.67
CA LEU E 1184 22.73 -44.16 -21.81
C LEU E 1184 22.57 -44.99 -23.05
N VAL E 1185 22.95 -46.24 -23.00
CA VAL E 1185 23.09 -47.08 -24.20
C VAL E 1185 22.29 -48.39 -23.99
N ALA E 1186 21.73 -48.92 -25.06
CA ALA E 1186 21.02 -50.20 -25.03
C ALA E 1186 20.99 -50.80 -26.43
N GLY E 1187 20.82 -52.09 -26.45
CA GLY E 1187 20.55 -52.84 -27.66
C GLY E 1187 19.10 -52.63 -28.00
N GLN E 1188 18.82 -51.85 -29.00
CA GLN E 1188 17.42 -51.46 -29.27
C GLN E 1188 17.07 -52.04 -30.57
N ILE E 1189 15.83 -52.42 -30.72
CA ILE E 1189 15.34 -52.86 -32.04
C ILE E 1189 15.56 -51.71 -33.03
N PRO E 1190 15.90 -51.98 -34.30
CA PRO E 1190 16.30 -50.93 -35.24
C PRO E 1190 15.24 -49.84 -35.31
N THR E 1191 15.68 -48.60 -35.29
CA THR E 1191 14.77 -47.43 -35.41
C THR E 1191 13.95 -47.56 -36.68
N GLY E 1192 12.65 -47.57 -36.54
CA GLY E 1192 11.71 -47.64 -37.64
C GLY E 1192 11.02 -48.95 -37.73
N TRP E 1193 11.50 -49.98 -36.99
CA TRP E 1193 10.77 -51.22 -36.84
C TRP E 1193 9.33 -50.87 -36.47
N ASN E 1194 8.42 -51.54 -37.11
CA ASN E 1194 7.00 -51.24 -36.90
C ASN E 1194 6.28 -52.52 -37.18
N ALA E 1195 5.42 -52.90 -36.26
CA ALA E 1195 4.67 -54.14 -36.39
C ALA E 1195 3.77 -54.05 -37.62
N LYS E 1196 3.34 -52.87 -37.99
CA LYS E 1196 2.49 -52.74 -39.20
C LYS E 1196 3.24 -53.18 -40.44
N THR E 1197 4.56 -53.05 -40.49
CA THR E 1197 5.38 -53.48 -41.65
C THR E 1197 5.17 -54.97 -41.84
N TYR E 1198 4.99 -55.71 -40.74
CA TYR E 1198 4.79 -57.15 -40.79
C TYR E 1198 3.33 -57.49 -41.06
N GLY E 1199 2.43 -56.55 -40.94
CA GLY E 1199 1.02 -56.88 -41.18
C GLY E 1199 0.15 -56.78 -39.94
N ILE E 1200 0.69 -56.41 -38.79
CA ILE E 1200 -0.14 -56.40 -37.56
C ILE E 1200 -1.00 -55.16 -37.60
N SER E 1201 -2.29 -55.34 -37.37
CA SER E 1201 -3.30 -54.26 -37.44
C SER E 1201 -3.12 -53.28 -36.31
N ASP E 1202 -3.61 -52.05 -36.51
CA ASP E 1202 -3.57 -50.97 -35.49
C ASP E 1202 -4.39 -51.33 -34.25
N ASP E 1203 -5.47 -52.07 -34.41
CA ASP E 1203 -6.27 -52.53 -33.25
C ASP E 1203 -5.42 -53.39 -32.30
N ILE E 1204 -4.60 -54.28 -32.85
CA ILE E 1204 -3.71 -55.15 -32.03
C ILE E 1204 -2.64 -54.30 -31.40
N ILE E 1205 -2.03 -53.44 -32.19
CA ILE E 1205 -0.95 -52.58 -31.72
C ILE E 1205 -1.46 -51.76 -30.56
N SER E 1206 -2.67 -51.25 -30.65
CA SER E 1206 -3.19 -50.35 -29.59
C SER E 1206 -3.55 -51.17 -28.33
N GLN E 1207 -3.94 -52.41 -28.49
CA GLN E 1207 -4.35 -53.26 -27.35
C GLN E 1207 -3.12 -53.77 -26.57
N VAL E 1208 -2.09 -54.26 -27.24
CA VAL E 1208 -1.08 -55.14 -26.56
C VAL E 1208 0.11 -54.32 -26.09
N ASP E 1209 0.83 -54.83 -25.13
CA ASP E 1209 2.16 -54.31 -24.77
C ASP E 1209 3.08 -54.49 -25.96
N PRO E 1210 4.04 -53.58 -26.19
CA PRO E 1210 5.00 -53.76 -27.29
C PRO E 1210 5.73 -55.11 -27.32
N ILE E 1211 5.99 -55.70 -26.16
CA ILE E 1211 6.66 -57.01 -26.13
C ILE E 1211 5.85 -58.00 -26.94
N THR E 1212 4.52 -57.92 -26.87
CA THR E 1212 3.63 -58.83 -27.54
C THR E 1212 3.81 -58.72 -29.06
N LEU E 1213 4.09 -57.56 -29.55
CA LEU E 1213 4.34 -57.40 -31.00
C LEU E 1213 5.65 -58.05 -31.41
N PHE E 1214 6.66 -57.98 -30.56
CA PHE E 1214 7.91 -58.70 -30.89
C PHE E 1214 7.65 -60.18 -31.00
N VAL E 1215 6.88 -60.70 -30.06
CA VAL E 1215 6.53 -62.14 -30.05
C VAL E 1215 5.71 -62.48 -31.25
N LEU E 1216 4.67 -61.71 -31.52
CA LEU E 1216 3.80 -62.09 -32.65
C LEU E 1216 4.63 -62.15 -33.93
N VAL E 1217 5.46 -61.16 -34.15
CA VAL E 1217 6.36 -61.20 -35.33
C VAL E 1217 7.31 -62.39 -35.31
N SER E 1218 7.96 -62.64 -34.20
CA SER E 1218 8.88 -63.78 -34.10
C SER E 1218 8.19 -65.09 -34.37
N VAL E 1219 6.97 -65.25 -33.86
CA VAL E 1219 6.24 -66.49 -34.06
C VAL E 1219 5.88 -66.67 -35.52
N VAL E 1220 5.39 -65.65 -36.18
CA VAL E 1220 5.03 -65.90 -37.59
C VAL E 1220 6.30 -66.17 -38.35
N GLU E 1221 7.35 -65.41 -38.09
CA GLU E 1221 8.62 -65.66 -38.77
C GLU E 1221 9.17 -67.03 -38.46
N ALA E 1222 9.01 -67.57 -37.25
CA ALA E 1222 9.51 -68.92 -36.96
C ALA E 1222 8.71 -69.93 -37.77
N PHE E 1223 7.42 -69.77 -37.87
CA PHE E 1223 6.58 -70.62 -38.71
C PHE E 1223 6.99 -70.54 -40.16
N ILE E 1224 7.32 -69.38 -40.67
CA ILE E 1224 7.81 -69.25 -42.05
C ILE E 1224 9.13 -69.99 -42.21
N ALA E 1225 10.04 -69.86 -41.25
CA ALA E 1225 11.30 -70.60 -41.26
C ALA E 1225 11.09 -72.11 -41.18
N SER E 1226 9.92 -72.55 -40.70
CA SER E 1226 9.47 -73.95 -40.69
C SER E 1226 8.71 -74.27 -41.96
N GLY E 1227 8.56 -73.33 -42.89
CA GLY E 1227 7.72 -73.51 -44.08
C GLY E 1227 6.25 -73.69 -43.78
N ILE E 1228 5.79 -73.28 -42.62
CA ILE E 1228 4.35 -73.34 -42.26
C ILE E 1228 3.84 -71.91 -42.40
N THR E 1229 3.12 -71.66 -43.44
CA THR E 1229 2.64 -70.28 -43.70
C THR E 1229 1.22 -70.14 -43.15
N ASP E 1230 0.48 -71.24 -43.07
CA ASP E 1230 -0.84 -71.29 -42.41
C ASP E 1230 -0.67 -72.20 -41.21
N PRO E 1231 -0.63 -71.69 -39.99
CA PRO E 1231 -0.46 -72.56 -38.82
C PRO E 1231 -1.52 -73.66 -38.73
N TYR E 1232 -2.69 -73.45 -39.34
CA TYR E 1232 -3.76 -74.46 -39.26
C TYR E 1232 -3.41 -75.71 -40.00
N GLU E 1233 -2.35 -75.68 -40.81
CA GLU E 1233 -1.85 -76.88 -41.47
C GLU E 1233 -1.36 -77.92 -40.48
N MET E 1234 -0.88 -77.49 -39.33
CA MET E 1234 -0.49 -78.42 -38.27
C MET E 1234 -1.66 -79.35 -37.97
N TYR E 1235 -2.89 -78.84 -38.01
CA TYR E 1235 -4.07 -79.63 -37.63
C TYR E 1235 -4.47 -80.62 -38.72
N LYS E 1236 -3.74 -80.71 -39.82
CA LYS E 1236 -3.85 -81.86 -40.76
C LYS E 1236 -3.12 -83.06 -40.22
N TYR E 1237 -2.19 -82.84 -39.30
CA TYR E 1237 -1.27 -83.85 -38.79
C TYR E 1237 -1.50 -84.13 -37.32
N VAL E 1238 -1.88 -83.13 -36.54
CA VAL E 1238 -2.02 -83.37 -35.08
C VAL E 1238 -3.38 -82.88 -34.63
N HIS E 1239 -3.77 -83.35 -33.47
CA HIS E 1239 -4.97 -82.82 -32.79
C HIS E 1239 -4.71 -81.37 -32.32
N VAL E 1240 -5.73 -80.56 -32.20
CA VAL E 1240 -5.63 -79.21 -31.56
C VAL E 1240 -5.11 -79.26 -30.13
N SER E 1241 -5.16 -80.40 -29.47
CA SER E 1241 -4.64 -80.55 -28.12
C SER E 1241 -3.11 -80.71 -28.12
N GLU E 1242 -2.47 -80.79 -29.27
CA GLU E 1242 -1.10 -81.32 -29.40
C GLU E 1242 -0.13 -80.25 -29.88
N VAL E 1243 -0.54 -79.02 -29.94
CA VAL E 1243 0.30 -77.87 -30.24
C VAL E 1243 0.41 -76.99 -29.01
N GLY E 1244 1.60 -76.89 -28.45
CA GLY E 1244 1.85 -76.19 -27.20
C GLY E 1244 2.58 -74.90 -27.37
N ASN E 1245 2.47 -74.06 -26.36
CA ASN E 1245 3.29 -72.86 -26.27
C ASN E 1245 4.00 -72.91 -24.93
N CYS E 1246 5.33 -73.02 -24.94
CA CYS E 1246 6.10 -73.05 -23.68
C CYS E 1246 7.06 -71.85 -23.61
N SER E 1247 6.80 -70.80 -24.39
CA SER E 1247 7.67 -69.62 -24.40
C SER E 1247 7.37 -68.77 -23.20
N GLY E 1248 8.33 -67.99 -22.80
CA GLY E 1248 8.14 -67.12 -21.66
C GLY E 1248 8.93 -65.86 -21.66
N SER E 1249 8.93 -65.24 -20.51
CA SER E 1249 9.55 -63.91 -20.35
C SER E 1249 10.09 -63.81 -18.95
N GLY E 1250 11.07 -62.97 -18.73
CA GLY E 1250 11.54 -62.69 -17.36
C GLY E 1250 10.66 -61.70 -16.66
N MET E 1251 10.14 -60.73 -17.38
CA MET E 1251 9.42 -59.60 -16.77
C MET E 1251 8.09 -59.28 -17.46
N GLY E 1252 7.85 -59.77 -18.64
CA GLY E 1252 6.54 -59.52 -19.27
C GLY E 1252 6.34 -58.09 -19.72
N GLY E 1253 5.08 -57.67 -19.74
CA GLY E 1253 4.62 -56.43 -20.36
C GLY E 1253 4.90 -55.27 -19.43
N VAL E 1254 6.15 -54.86 -19.39
CA VAL E 1254 6.62 -53.84 -18.45
C VAL E 1254 6.05 -52.48 -18.81
N SER E 1255 5.65 -52.25 -20.05
CA SER E 1255 4.98 -50.99 -20.42
C SER E 1255 3.58 -50.99 -19.78
N ALA E 1256 2.94 -52.14 -19.68
CA ALA E 1256 1.61 -52.27 -19.03
C ALA E 1256 1.81 -52.09 -17.54
N LEU E 1257 2.90 -52.59 -16.96
CA LEU E 1257 3.16 -52.35 -15.54
C LEU E 1257 3.32 -50.86 -15.28
N ARG E 1258 4.03 -50.18 -16.14
CA ARG E 1258 4.19 -48.73 -15.99
C ARG E 1258 2.81 -48.07 -15.98
N GLY E 1259 1.95 -48.44 -16.92
CA GLY E 1259 0.57 -48.02 -17.04
C GLY E 1259 -0.12 -48.11 -15.70
N MET E 1260 -0.08 -49.27 -15.07
CA MET E 1260 -0.88 -49.48 -13.85
C MET E 1260 -0.22 -48.91 -12.61
N PHE E 1261 1.10 -48.84 -12.54
CA PHE E 1261 1.77 -48.33 -11.34
C PHE E 1261 2.04 -46.85 -11.41
N LYS E 1262 2.17 -46.27 -12.58
CA LYS E 1262 2.64 -44.89 -12.68
C LYS E 1262 1.66 -44.04 -13.44
N ASP E 1263 1.27 -44.46 -14.62
CA ASP E 1263 0.35 -43.68 -15.44
C ASP E 1263 -1.00 -43.56 -14.71
N ARG E 1264 -1.46 -44.62 -14.09
CA ARG E 1264 -2.77 -44.60 -13.39
C ARG E 1264 -2.67 -43.66 -12.19
N PHE E 1265 -1.55 -43.65 -11.50
CA PHE E 1265 -1.31 -42.82 -10.32
C PHE E 1265 -1.32 -41.33 -10.68
N LYS E 1266 -0.90 -40.97 -11.89
CA LYS E 1266 -0.88 -39.60 -12.43
C LYS E 1266 -2.16 -39.33 -13.18
N ASP E 1267 -3.15 -40.19 -13.01
CA ASP E 1267 -4.49 -40.03 -13.60
C ASP E 1267 -4.36 -39.82 -15.10
N GLU E 1268 -3.36 -40.44 -15.73
CA GLU E 1268 -3.21 -40.40 -17.21
C GLU E 1268 -4.18 -41.41 -17.82
N PRO E 1269 -4.59 -41.23 -19.09
CA PRO E 1269 -5.45 -42.20 -19.77
C PRO E 1269 -4.65 -43.51 -19.92
N VAL E 1270 -5.20 -44.59 -19.38
CA VAL E 1270 -4.67 -45.98 -19.47
C VAL E 1270 -5.86 -46.87 -19.78
N GLN E 1271 -5.73 -47.76 -20.75
CA GLN E 1271 -6.80 -48.70 -21.11
C GLN E 1271 -7.22 -49.47 -19.85
N ASN E 1272 -8.50 -49.78 -19.76
CA ASN E 1272 -9.08 -50.39 -18.53
C ASN E 1272 -8.54 -51.80 -18.31
N ASP E 1273 -8.12 -52.46 -19.37
CA ASP E 1273 -7.59 -53.83 -19.25
C ASP E 1273 -6.05 -53.84 -19.36
N ILE E 1274 -5.40 -52.82 -18.86
CA ILE E 1274 -3.93 -52.78 -18.88
C ILE E 1274 -3.33 -53.96 -18.12
N LEU E 1275 -3.92 -54.38 -17.03
CA LEU E 1275 -3.32 -55.42 -16.17
C LEU E 1275 -3.07 -56.70 -16.97
N GLN E 1276 -4.02 -57.10 -17.75
CA GLN E 1276 -3.95 -58.35 -18.53
C GLN E 1276 -2.76 -58.31 -19.50
N GLU E 1277 -2.42 -57.12 -19.99
CA GLU E 1277 -1.36 -56.98 -21.00
C GLU E 1277 -0.02 -57.03 -20.32
N SER E 1278 0.03 -56.92 -19.00
CA SER E 1278 1.28 -57.02 -18.26
C SER E 1278 1.69 -58.49 -18.07
N PHE E 1279 0.74 -59.40 -17.98
CA PHE E 1279 1.05 -60.76 -17.51
C PHE E 1279 2.02 -61.45 -18.45
N ILE E 1280 2.94 -62.19 -17.87
CA ILE E 1280 4.00 -62.88 -18.65
C ILE E 1280 3.36 -63.86 -19.62
N ASN E 1281 2.22 -64.41 -19.25
CA ASN E 1281 1.54 -65.37 -20.12
C ASN E 1281 0.60 -64.76 -21.12
N THR E 1282 0.42 -63.47 -21.12
CA THR E 1282 -0.51 -62.83 -22.06
C THR E 1282 0.08 -62.87 -23.45
N MET E 1283 1.41 -62.80 -23.62
CA MET E 1283 1.98 -62.84 -24.99
C MET E 1283 1.60 -64.14 -25.67
N SER E 1284 1.70 -65.26 -24.96
CA SER E 1284 1.32 -66.59 -25.48
C SER E 1284 -0.18 -66.67 -25.72
N ALA E 1285 -0.96 -66.02 -24.88
CA ALA E 1285 -2.40 -65.99 -25.09
C ALA E 1285 -2.67 -65.27 -26.43
N TRP E 1286 -2.07 -64.11 -26.66
CA TRP E 1286 -2.30 -63.42 -27.95
C TRP E 1286 -1.88 -64.22 -29.16
N VAL E 1287 -0.77 -64.94 -29.05
CA VAL E 1287 -0.31 -65.84 -30.11
C VAL E 1287 -1.38 -66.86 -30.41
N ASN E 1288 -1.95 -67.43 -29.38
CA ASN E 1288 -2.96 -68.46 -29.58
C ASN E 1288 -4.24 -67.85 -30.14
N MET E 1289 -4.56 -66.67 -29.68
CA MET E 1289 -5.82 -65.97 -30.00
C MET E 1289 -5.79 -65.39 -31.39
N LEU E 1290 -4.61 -65.04 -31.89
CA LEU E 1290 -4.44 -64.36 -33.22
C LEU E 1290 -3.98 -65.29 -34.30
N LEU E 1291 -3.32 -66.39 -33.99
CA LEU E 1291 -2.60 -67.18 -34.98
C LEU E 1291 -2.87 -68.64 -34.85
N ILE E 1292 -2.73 -69.22 -33.69
CA ILE E 1292 -2.56 -70.69 -33.64
C ILE E 1292 -3.88 -71.39 -33.39
N SER E 1293 -4.68 -70.89 -32.46
CA SER E 1293 -5.97 -71.50 -32.05
C SER E 1293 -5.82 -72.93 -31.55
N SER E 1294 -4.76 -73.25 -30.86
CA SER E 1294 -4.64 -74.58 -30.30
C SER E 1294 -5.41 -74.68 -28.98
N SER E 1295 -5.54 -75.90 -28.57
CA SER E 1295 -6.00 -76.25 -27.23
C SER E 1295 -4.96 -77.10 -26.57
N GLY E 1296 -3.71 -76.81 -26.87
CA GLY E 1296 -2.60 -77.58 -26.38
C GLY E 1296 -2.04 -76.97 -25.13
N PRO E 1297 -0.97 -77.59 -24.63
CA PRO E 1297 -0.35 -77.16 -23.41
C PRO E 1297 0.10 -75.70 -23.51
N ILE E 1298 0.07 -75.10 -22.37
CA ILE E 1298 0.50 -73.70 -22.26
C ILE E 1298 1.24 -73.62 -20.93
N LYS E 1299 2.55 -73.64 -20.99
CA LYS E 1299 3.38 -73.64 -19.78
C LYS E 1299 4.32 -72.48 -19.97
N THR E 1300 4.07 -71.39 -19.31
CA THR E 1300 4.81 -70.15 -19.49
C THR E 1300 5.86 -70.08 -18.40
N PRO E 1301 7.15 -70.24 -18.73
CA PRO E 1301 8.21 -70.07 -17.77
C PRO E 1301 8.60 -68.61 -17.57
N VAL E 1302 9.10 -68.40 -16.37
CA VAL E 1302 9.76 -67.16 -15.99
C VAL E 1302 11.12 -67.56 -15.42
N GLY E 1303 12.17 -67.17 -16.06
CA GLY E 1303 13.49 -67.61 -15.66
C GLY E 1303 14.50 -66.53 -15.80
N ALA E 1304 14.11 -65.28 -15.66
CA ALA E 1304 15.01 -64.14 -15.88
C ALA E 1304 15.82 -64.42 -17.16
N CYS E 1305 17.13 -64.31 -17.08
CA CYS E 1305 18.03 -64.39 -18.23
C CYS E 1305 18.07 -65.79 -18.81
N ALA E 1306 17.60 -66.81 -18.08
CA ALA E 1306 17.58 -68.18 -18.56
C ALA E 1306 16.21 -68.65 -19.01
N THR E 1307 15.28 -67.76 -19.20
CA THR E 1307 13.91 -68.11 -19.59
C THR E 1307 13.86 -68.96 -20.84
N SER E 1308 14.67 -68.63 -21.84
CA SER E 1308 14.57 -69.26 -23.17
C SER E 1308 15.06 -70.69 -23.08
N VAL E 1309 16.05 -70.95 -22.26
CA VAL E 1309 16.50 -72.34 -22.05
C VAL E 1309 15.50 -73.11 -21.19
N GLU E 1310 15.00 -72.54 -20.15
CA GLU E 1310 13.88 -73.15 -19.40
C GLU E 1310 12.70 -73.47 -20.33
N SER E 1311 12.40 -72.59 -21.26
CA SER E 1311 11.34 -72.79 -22.27
C SER E 1311 11.58 -74.07 -23.05
N VAL E 1312 12.81 -74.22 -23.53
CA VAL E 1312 13.17 -75.39 -24.34
C VAL E 1312 13.05 -76.61 -23.46
N ASP E 1313 13.58 -76.58 -22.26
CA ASP E 1313 13.46 -77.75 -21.36
C ASP E 1313 11.96 -78.13 -21.15
N ILE E 1314 11.11 -77.16 -20.90
CA ILE E 1314 9.65 -77.41 -20.74
C ILE E 1314 9.07 -77.94 -22.03
N GLY E 1315 9.40 -77.34 -23.18
CA GLY E 1315 8.86 -77.79 -24.46
C GLY E 1315 9.28 -79.22 -24.75
N VAL E 1316 10.53 -79.51 -24.55
CA VAL E 1316 11.03 -80.87 -24.73
C VAL E 1316 10.24 -81.80 -23.87
N GLU E 1317 10.17 -81.55 -22.58
CA GLU E 1317 9.46 -82.49 -21.68
C GLU E 1317 7.96 -82.58 -22.02
N THR E 1318 7.36 -81.53 -22.48
CA THR E 1318 5.95 -81.53 -22.88
C THR E 1318 5.79 -82.49 -24.06
N ILE E 1319 6.71 -82.43 -25.01
CA ILE E 1319 6.63 -83.32 -26.18
C ILE E 1319 6.96 -84.74 -25.73
N LEU E 1320 7.98 -84.95 -24.92
CA LEU E 1320 8.32 -86.34 -24.52
C LEU E 1320 7.24 -86.97 -23.64
N SER E 1321 6.45 -86.21 -22.93
CA SER E 1321 5.33 -86.69 -22.07
C SER E 1321 4.14 -87.07 -22.91
N GLY E 1322 4.09 -86.70 -24.18
CA GLY E 1322 2.97 -87.00 -25.08
C GLY E 1322 1.90 -85.94 -25.03
N LYS E 1323 2.13 -84.83 -24.36
CA LYS E 1323 1.11 -83.78 -24.22
C LYS E 1323 1.06 -82.92 -25.45
N ALA E 1324 2.18 -82.82 -26.17
CA ALA E 1324 2.26 -82.04 -27.41
C ALA E 1324 3.11 -82.81 -28.41
N ARG E 1325 2.93 -82.50 -29.67
CA ARG E 1325 3.85 -82.95 -30.73
C ARG E 1325 4.63 -81.78 -31.30
N ILE E 1326 4.11 -80.57 -31.12
CA ILE E 1326 4.78 -79.33 -31.61
C ILE E 1326 4.71 -78.31 -30.47
N CYS E 1327 5.80 -77.61 -30.20
CA CYS E 1327 5.82 -76.65 -29.07
C CYS E 1327 6.48 -75.33 -29.49
N ILE E 1328 5.82 -74.20 -29.22
CA ILE E 1328 6.45 -72.88 -29.49
C ILE E 1328 7.32 -72.55 -28.28
N VAL E 1329 8.63 -72.47 -28.47
CA VAL E 1329 9.54 -72.22 -27.35
C VAL E 1329 10.26 -70.94 -27.61
N GLY E 1330 10.77 -70.35 -26.56
CA GLY E 1330 11.53 -69.13 -26.63
C GLY E 1330 11.30 -68.19 -25.53
N GLY E 1331 11.68 -66.96 -25.78
CA GLY E 1331 11.69 -65.93 -24.77
C GLY E 1331 11.65 -64.55 -25.31
N TYR E 1332 11.31 -63.63 -24.46
CA TYR E 1332 11.05 -62.27 -24.85
C TYR E 1332 11.23 -61.43 -23.66
N ASP E 1333 11.63 -60.20 -23.90
CA ASP E 1333 11.68 -59.15 -22.88
C ASP E 1333 11.81 -57.81 -23.58
N ASP E 1334 11.38 -56.79 -22.89
CA ASP E 1334 11.44 -55.38 -23.35
C ASP E 1334 12.45 -54.60 -22.54
N PHE E 1335 12.79 -53.43 -23.04
CA PHE E 1335 13.69 -52.49 -22.36
C PHE E 1335 12.75 -51.37 -22.03
N GLN E 1336 12.73 -50.90 -20.80
CA GLN E 1336 12.07 -49.66 -20.43
C GLN E 1336 12.83 -48.99 -19.31
N GLU E 1337 12.45 -47.75 -19.09
CA GLU E 1337 13.11 -46.86 -18.13
C GLU E 1337 13.29 -47.59 -16.82
N GLU E 1338 12.22 -48.12 -16.26
CA GLU E 1338 12.27 -48.52 -14.85
C GLU E 1338 13.23 -49.68 -14.68
N GLY E 1339 13.16 -50.68 -15.53
CA GLY E 1339 14.08 -51.80 -15.41
C GLY E 1339 15.51 -51.38 -15.61
N SER E 1340 15.75 -50.46 -16.56
CA SER E 1340 17.11 -49.93 -16.79
C SER E 1340 17.59 -49.28 -15.52
N PHE E 1341 16.74 -48.54 -14.85
CA PHE E 1341 17.19 -47.82 -13.63
C PHE E 1341 17.57 -48.83 -12.58
N GLU E 1342 16.75 -49.88 -12.45
CA GLU E 1342 17.00 -50.85 -11.37
C GLU E 1342 18.17 -51.73 -11.68
N PHE E 1343 18.34 -52.14 -12.92
CA PHE E 1343 19.57 -52.90 -13.23
C PHE E 1343 20.78 -51.99 -12.95
N GLY E 1344 20.67 -50.69 -13.13
CA GLY E 1344 21.76 -49.77 -12.77
C GLY E 1344 21.96 -49.72 -11.27
N ASN E 1345 20.87 -49.63 -10.49
CA ASN E 1345 21.00 -49.61 -9.01
C ASN E 1345 21.59 -50.91 -8.49
N MET E 1346 21.36 -52.02 -9.17
CA MET E 1346 21.98 -53.31 -8.78
C MET E 1346 23.41 -53.43 -9.30
N LYS E 1347 23.89 -52.45 -10.07
CA LYS E 1347 25.23 -52.41 -10.71
C LYS E 1347 25.43 -53.65 -11.61
N ALA E 1348 24.38 -54.14 -12.23
CA ALA E 1348 24.50 -55.31 -13.12
C ALA E 1348 24.93 -54.85 -14.53
N THR E 1349 24.47 -53.68 -14.95
CA THR E 1349 24.71 -53.11 -16.26
C THR E 1349 25.97 -52.25 -16.21
N SER E 1350 26.54 -52.04 -17.37
CA SER E 1350 27.74 -51.19 -17.47
C SER E 1350 27.26 -49.75 -17.32
N ASN E 1351 28.05 -49.00 -16.61
CA ASN E 1351 27.91 -47.54 -16.48
C ASN E 1351 28.48 -46.87 -17.71
N THR E 1352 27.66 -46.20 -18.48
CA THR E 1352 28.07 -45.61 -19.76
C THR E 1352 29.10 -44.51 -19.53
N LEU E 1353 28.95 -43.73 -18.47
CA LEU E 1353 29.89 -42.62 -18.22
C LEU E 1353 31.27 -43.16 -17.91
N GLU E 1354 31.37 -44.27 -17.18
CA GLU E 1354 32.66 -44.94 -16.94
C GLU E 1354 33.21 -45.46 -18.29
N GLU E 1355 32.37 -46.00 -19.15
CA GLU E 1355 32.79 -46.50 -20.48
C GLU E 1355 33.37 -45.36 -21.29
N PHE E 1356 32.68 -44.23 -21.32
CA PHE E 1356 33.15 -43.02 -22.05
C PHE E 1356 34.48 -42.54 -21.49
N GLU E 1357 34.72 -42.61 -20.19
CA GLU E 1357 36.03 -42.29 -19.60
C GLU E 1357 37.12 -43.21 -20.13
N HIS E 1358 36.81 -44.46 -20.42
CA HIS E 1358 37.74 -45.47 -20.93
C HIS E 1358 37.83 -45.39 -22.43
N GLY E 1359 37.18 -44.44 -23.07
CA GLY E 1359 37.17 -44.24 -24.51
C GLY E 1359 36.41 -45.29 -25.27
N ARG E 1360 35.43 -45.91 -24.65
CA ARG E 1360 34.64 -46.96 -25.30
C ARG E 1360 33.49 -46.29 -25.99
N THR E 1361 33.18 -46.72 -27.19
CA THR E 1361 31.99 -46.33 -27.91
C THR E 1361 30.90 -47.36 -27.62
N PRO E 1362 29.62 -47.06 -27.91
CA PRO E 1362 28.53 -48.02 -27.66
C PRO E 1362 28.77 -49.42 -28.20
N ALA E 1363 29.25 -49.52 -29.44
CA ALA E 1363 29.60 -50.77 -30.11
C ALA E 1363 30.66 -51.60 -29.38
N GLU E 1364 31.38 -51.08 -28.39
CA GLU E 1364 32.38 -51.91 -27.69
C GLU E 1364 32.03 -52.00 -26.22
N MET E 1365 30.84 -51.62 -25.82
CA MET E 1365 30.54 -51.68 -24.39
C MET E 1365 30.23 -53.11 -23.96
N SER E 1366 29.79 -53.97 -24.86
CA SER E 1366 29.49 -55.38 -24.51
C SER E 1366 30.71 -56.19 -24.96
N ARG E 1367 31.55 -56.60 -24.03
CA ARG E 1367 32.82 -57.26 -24.35
C ARG E 1367 33.04 -58.45 -23.46
N PRO E 1368 32.23 -59.48 -23.65
CA PRO E 1368 32.33 -60.67 -22.82
C PRO E 1368 33.75 -61.25 -22.81
N ALA E 1369 34.18 -61.73 -21.65
CA ALA E 1369 35.39 -62.54 -21.43
C ALA E 1369 36.65 -61.70 -21.54
N THR E 1370 36.50 -60.40 -21.59
CA THR E 1370 37.62 -59.44 -21.71
C THR E 1370 38.08 -59.05 -20.31
N THR E 1371 39.31 -58.59 -20.24
CA THR E 1371 39.92 -58.09 -19.01
C THR E 1371 39.09 -56.96 -18.39
N THR E 1372 38.55 -56.06 -19.20
CA THR E 1372 37.98 -54.81 -18.70
C THR E 1372 36.43 -54.88 -18.71
N ARG E 1373 35.84 -56.02 -18.96
CA ARG E 1373 34.35 -56.16 -18.91
C ARG E 1373 33.83 -55.66 -17.57
N ASN E 1374 32.72 -54.93 -17.61
CA ASN E 1374 32.26 -54.23 -16.39
C ASN E 1374 30.73 -54.12 -16.36
N GLY E 1375 30.02 -55.10 -16.83
CA GLY E 1375 28.57 -55.10 -16.70
C GLY E 1375 27.91 -55.33 -18.02
N PHE E 1376 26.65 -55.76 -17.98
CA PHE E 1376 25.99 -56.12 -19.24
C PHE E 1376 25.37 -54.91 -19.87
N MET E 1377 25.07 -55.08 -21.12
CA MET E 1377 24.39 -54.10 -21.97
C MET E 1377 22.95 -54.59 -22.17
N GLU E 1378 21.99 -53.83 -21.71
CA GLU E 1378 20.58 -54.27 -21.80
C GLU E 1378 20.08 -54.18 -23.23
N ALA E 1379 19.31 -55.15 -23.64
CA ALA E 1379 18.71 -55.13 -24.96
C ALA E 1379 17.23 -55.50 -24.81
N GLN E 1380 16.58 -55.65 -25.90
CA GLN E 1380 15.16 -55.99 -25.99
C GLN E 1380 14.95 -56.92 -27.17
N GLY E 1381 13.83 -57.61 -27.14
CA GLY E 1381 13.33 -58.36 -28.28
C GLY E 1381 12.86 -59.73 -27.89
N ALA E 1382 12.74 -60.57 -28.87
CA ALA E 1382 12.18 -61.91 -28.73
C ALA E 1382 12.93 -62.87 -29.61
N GLY E 1383 12.88 -64.10 -29.20
CA GLY E 1383 13.28 -65.23 -30.00
C GLY E 1383 12.36 -66.39 -29.80
N ILE E 1384 12.09 -67.09 -30.86
CA ILE E 1384 11.16 -68.20 -30.94
C ILE E 1384 11.75 -69.30 -31.76
N GLN E 1385 11.58 -70.52 -31.27
CA GLN E 1385 11.75 -71.72 -32.05
C GLN E 1385 10.48 -72.50 -32.05
N ILE E 1386 10.33 -73.26 -33.12
CA ILE E 1386 9.31 -74.26 -33.26
C ILE E 1386 10.02 -75.57 -33.11
N ILE E 1387 9.62 -76.33 -32.14
CA ILE E 1387 10.15 -77.68 -31.89
C ILE E 1387 9.10 -78.71 -32.14
N MET E 1388 9.53 -79.85 -32.61
CA MET E 1388 8.60 -80.95 -32.75
C MET E 1388 9.28 -82.28 -32.69
N GLN E 1389 8.46 -83.25 -32.55
CA GLN E 1389 8.89 -84.64 -32.69
C GLN E 1389 9.45 -84.80 -34.11
N ALA E 1390 10.58 -85.45 -34.20
CA ALA E 1390 11.24 -85.70 -35.48
C ALA E 1390 10.34 -86.49 -36.41
N ASP E 1391 9.65 -87.48 -35.89
CA ASP E 1391 8.72 -88.30 -36.70
C ASP E 1391 7.72 -87.41 -37.44
N LEU E 1392 7.20 -86.41 -36.75
CA LEU E 1392 6.26 -85.47 -37.33
C LEU E 1392 6.93 -84.51 -38.29
N ALA E 1393 8.12 -84.02 -37.98
CA ALA E 1393 8.85 -83.13 -38.87
C ALA E 1393 9.11 -83.85 -40.20
N LEU E 1394 9.44 -85.11 -40.15
CA LEU E 1394 9.70 -85.89 -41.39
C LEU E 1394 8.40 -86.07 -42.17
N LYS E 1395 7.30 -86.38 -41.50
CA LYS E 1395 6.01 -86.58 -42.16
C LYS E 1395 5.47 -85.28 -42.75
N MET E 1396 5.60 -84.16 -42.06
CA MET E 1396 5.12 -82.89 -42.54
C MET E 1396 6.01 -82.40 -43.68
N GLY E 1397 7.27 -82.79 -43.68
CA GLY E 1397 8.25 -82.22 -44.60
C GLY E 1397 8.63 -80.84 -44.24
N VAL E 1398 8.92 -80.58 -42.97
CA VAL E 1398 9.40 -79.26 -42.55
C VAL E 1398 10.90 -79.35 -42.44
N PRO E 1399 11.58 -78.25 -42.59
CA PRO E 1399 13.02 -78.20 -42.43
C PRO E 1399 13.38 -78.52 -40.99
N ILE E 1400 14.51 -79.18 -40.84
CA ILE E 1400 15.08 -79.58 -39.55
C ILE E 1400 16.42 -78.91 -39.41
N TYR E 1401 16.50 -77.94 -38.49
CA TYR E 1401 17.69 -77.16 -38.29
C TYR E 1401 18.60 -77.79 -37.28
N GLY E 1402 18.09 -78.63 -36.41
CA GLY E 1402 18.90 -79.16 -35.31
C GLY E 1402 18.09 -80.12 -34.51
N ILE E 1403 18.79 -80.94 -33.78
CA ILE E 1403 18.19 -81.85 -32.80
C ILE E 1403 18.44 -81.28 -31.43
N VAL E 1404 17.39 -81.17 -30.62
CA VAL E 1404 17.58 -80.74 -29.22
C VAL E 1404 17.88 -81.99 -28.46
N ALA E 1405 19.16 -82.23 -28.22
CA ALA E 1405 19.62 -83.50 -27.67
C ALA E 1405 19.49 -83.48 -26.17
N MET E 1406 19.53 -82.32 -25.56
CA MET E 1406 19.44 -82.23 -24.10
C MET E 1406 19.01 -80.83 -23.78
N ALA E 1407 18.22 -80.70 -22.75
CA ALA E 1407 17.95 -79.39 -22.15
C ALA E 1407 17.77 -79.62 -20.66
N ALA E 1408 18.32 -78.78 -19.83
CA ALA E 1408 18.27 -78.97 -18.37
C ALA E 1408 18.30 -77.62 -17.72
N THR E 1409 17.77 -77.56 -16.50
CA THR E 1409 17.80 -76.41 -15.60
C THR E 1409 18.37 -76.88 -14.28
N ALA E 1410 18.93 -75.97 -13.52
CA ALA E 1410 19.57 -76.34 -12.25
C ALA E 1410 19.68 -75.08 -11.42
N THR E 1411 19.35 -75.21 -10.16
CA THR E 1411 19.58 -74.17 -9.16
C THR E 1411 20.98 -74.40 -8.61
N ASP E 1412 21.37 -73.65 -7.59
CA ASP E 1412 22.74 -73.71 -7.10
C ASP E 1412 22.75 -74.27 -5.68
N LYS E 1413 22.56 -73.42 -4.71
CA LYS E 1413 22.92 -73.75 -3.30
C LYS E 1413 22.47 -72.63 -2.39
N ILE E 1414 22.58 -72.89 -1.10
CA ILE E 1414 22.39 -71.88 -0.05
C ILE E 1414 23.13 -70.60 -0.40
N GLY E 1415 22.55 -69.47 -0.10
CA GLY E 1415 23.23 -68.19 -0.34
C GLY E 1415 22.37 -67.01 -0.03
N ARG E 1416 22.85 -65.82 -0.31
CA ARG E 1416 22.09 -64.61 0.05
C ARG E 1416 22.13 -63.61 -1.07
N SER E 1417 22.60 -64.02 -2.25
CA SER E 1417 22.78 -63.12 -3.40
C SER E 1417 21.97 -63.69 -4.56
N VAL E 1418 20.79 -63.15 -4.75
CA VAL E 1418 19.91 -63.63 -5.83
C VAL E 1418 20.60 -63.51 -7.19
N PRO E 1419 21.31 -62.41 -7.54
CA PRO E 1419 21.92 -62.30 -8.87
C PRO E 1419 23.13 -63.18 -9.14
N ALA E 1420 23.76 -63.74 -8.12
CA ALA E 1420 25.08 -64.41 -8.24
C ALA E 1420 24.93 -65.69 -9.07
N PRO E 1421 25.70 -65.86 -10.17
CA PRO E 1421 25.64 -67.11 -10.92
C PRO E 1421 26.32 -68.19 -10.10
N GLY E 1422 25.91 -69.42 -10.33
CA GLY E 1422 26.49 -70.58 -9.68
C GLY E 1422 26.78 -71.68 -10.64
N LYS E 1423 27.08 -72.82 -10.07
CA LYS E 1423 27.63 -73.98 -10.79
C LYS E 1423 26.68 -75.15 -10.80
N GLY E 1424 25.44 -74.95 -10.42
CA GLY E 1424 24.49 -76.07 -10.42
C GLY E 1424 24.32 -76.77 -11.73
N ILE E 1425 24.42 -76.05 -12.84
CA ILE E 1425 24.27 -76.72 -14.15
C ILE E 1425 25.41 -77.69 -14.45
N LEU E 1426 26.49 -77.66 -13.67
CA LEU E 1426 27.56 -78.67 -13.76
C LEU E 1426 27.04 -80.07 -13.54
N THR E 1427 25.89 -80.23 -12.90
CA THR E 1427 25.18 -81.51 -12.71
C THR E 1427 24.85 -82.20 -14.01
N THR E 1428 24.78 -81.48 -15.14
CA THR E 1428 24.55 -82.16 -16.43
C THR E 1428 25.71 -83.08 -16.82
N ALA E 1429 26.89 -82.87 -16.29
CA ALA E 1429 28.05 -83.72 -16.56
C ALA E 1429 28.21 -84.78 -15.47
N ARG E 1430 27.26 -84.96 -14.55
CA ARG E 1430 27.49 -85.86 -13.40
C ARG E 1430 27.69 -87.26 -13.93
N GLU E 1431 28.65 -87.94 -13.35
CA GLU E 1431 28.98 -89.30 -13.80
C GLU E 1431 29.81 -89.95 -12.72
N HIS E 1432 29.46 -91.17 -12.42
CA HIS E 1432 30.10 -91.94 -11.35
C HIS E 1432 31.31 -92.63 -11.91
N HIS E 1433 32.48 -92.34 -11.40
CA HIS E 1433 33.77 -92.83 -11.95
C HIS E 1433 34.56 -93.72 -10.96
N SER E 1434 33.93 -94.31 -9.94
CA SER E 1434 34.63 -95.25 -8.99
C SER E 1434 35.12 -96.50 -9.69
N SER E 1435 34.40 -96.95 -10.72
CA SER E 1435 34.52 -98.27 -11.37
C SER E 1435 34.48 -98.10 -12.89
N VAL E 1436 35.60 -97.74 -13.51
CA VAL E 1436 35.66 -97.40 -14.96
C VAL E 1436 36.81 -98.12 -15.66
N LYS E 1437 37.27 -99.24 -15.10
CA LYS E 1437 38.38 -100.03 -15.69
C LYS E 1437 37.95 -100.55 -17.07
N TYR E 1438 36.68 -100.93 -17.21
CA TYR E 1438 36.14 -101.54 -18.46
C TYR E 1438 35.02 -100.68 -19.02
N ALA E 1439 35.02 -100.53 -20.35
CA ALA E 1439 33.98 -99.80 -21.11
C ALA E 1439 32.63 -100.46 -20.83
N SER E 1440 31.60 -99.65 -20.56
CA SER E 1440 30.19 -100.11 -20.44
C SER E 1440 29.69 -100.53 -21.82
N PRO E 1441 29.15 -101.76 -21.99
CA PRO E 1441 28.47 -102.11 -23.24
C PRO E 1441 27.32 -101.15 -23.59
N ASN E 1442 26.73 -100.52 -22.59
CA ASN E 1442 25.59 -99.59 -22.75
C ASN E 1442 26.01 -98.37 -23.57
N LEU E 1443 27.30 -98.02 -23.59
CA LEU E 1443 27.82 -96.89 -24.40
C LEU E 1443 28.11 -97.31 -25.84
N ASN E 1444 28.03 -98.59 -26.14
CA ASN E 1444 28.38 -99.16 -27.45
C ASN E 1444 27.09 -99.28 -28.27
N MET E 1445 26.95 -98.49 -29.30
CA MET E 1445 25.72 -98.47 -30.11
C MET E 1445 25.49 -99.85 -30.74
N LYS E 1446 26.52 -100.60 -31.08
CA LYS E 1446 26.33 -101.97 -31.66
C LYS E 1446 25.65 -102.91 -30.68
N TYR E 1447 26.06 -102.88 -29.42
CA TYR E 1447 25.45 -103.66 -28.33
C TYR E 1447 23.97 -103.29 -28.24
N ARG E 1448 23.69 -101.98 -28.16
CA ARG E 1448 22.31 -101.50 -27.98
C ARG E 1448 21.48 -101.97 -29.14
N LYS E 1449 22.00 -101.88 -30.36
CA LYS E 1449 21.23 -102.29 -31.56
C LYS E 1449 21.01 -103.80 -31.52
N ARG E 1450 21.97 -104.56 -31.09
CA ARG E 1450 21.77 -106.04 -30.98
C ARG E 1450 20.60 -106.32 -30.03
N GLN E 1451 20.50 -105.59 -28.92
CA GLN E 1451 19.45 -105.78 -27.92
C GLN E 1451 18.08 -105.44 -28.50
N LEU E 1452 18.03 -104.37 -29.27
CA LEU E 1452 16.78 -103.95 -29.93
C LEU E 1452 16.38 -105.04 -30.91
N VAL E 1453 17.31 -105.52 -31.71
CA VAL E 1453 16.97 -106.57 -32.73
C VAL E 1453 16.36 -107.80 -32.03
N THR E 1454 16.91 -108.21 -30.89
CA THR E 1454 16.39 -109.36 -30.11
C THR E 1454 14.95 -109.07 -29.68
N ARG E 1455 14.71 -107.85 -29.21
CA ARG E 1455 13.38 -107.41 -28.73
C ARG E 1455 12.41 -107.37 -29.90
N GLU E 1456 12.84 -106.91 -31.08
CA GLU E 1456 11.97 -106.85 -32.28
C GLU E 1456 11.52 -108.25 -32.67
N ALA E 1457 12.38 -109.26 -32.50
CA ALA E 1457 12.02 -110.68 -32.75
C ALA E 1457 10.90 -111.09 -31.78
N GLN E 1458 10.98 -110.66 -30.53
CA GLN E 1458 9.95 -110.98 -29.50
C GLN E 1458 8.64 -110.26 -29.81
N ILE E 1459 8.69 -109.03 -30.33
CA ILE E 1459 7.46 -108.26 -30.64
C ILE E 1459 6.79 -108.89 -31.85
N LYS E 1460 7.55 -109.22 -32.89
CA LYS E 1460 7.01 -110.02 -34.04
C LYS E 1460 6.27 -111.25 -33.51
N ASP E 1461 6.84 -112.01 -32.57
CA ASP E 1461 6.21 -113.22 -32.00
C ASP E 1461 4.93 -112.82 -31.27
N TRP E 1462 5.01 -111.79 -30.44
CA TRP E 1462 3.85 -111.28 -29.68
C TRP E 1462 2.71 -110.96 -30.63
N VAL E 1463 2.97 -110.31 -31.75
CA VAL E 1463 1.89 -110.01 -32.72
C VAL E 1463 1.33 -111.30 -33.32
N GLU E 1464 2.18 -112.26 -33.70
CA GLU E 1464 1.70 -113.57 -34.25
C GLU E 1464 0.72 -114.21 -33.26
N ASN E 1465 1.14 -114.33 -32.00
CA ASN E 1465 0.30 -114.89 -30.90
C ASN E 1465 -1.02 -114.13 -30.76
N GLU E 1466 -1.02 -112.79 -30.81
CA GLU E 1466 -2.26 -112.00 -30.59
C GLU E 1466 -3.22 -112.24 -31.76
N LEU E 1467 -2.71 -112.27 -33.00
CA LEU E 1467 -3.52 -112.57 -34.21
C LEU E 1467 -4.12 -113.98 -34.12
N GLU E 1468 -3.36 -114.98 -33.67
CA GLU E 1468 -3.85 -116.38 -33.51
C GLU E 1468 -4.95 -116.42 -32.45
N ALA E 1469 -4.69 -115.80 -31.29
CA ALA E 1469 -5.67 -115.67 -30.18
C ALA E 1469 -6.91 -114.94 -30.69
N LEU E 1470 -6.74 -113.93 -31.57
CA LEU E 1470 -7.86 -113.12 -32.09
C LEU E 1470 -8.70 -113.97 -33.05
N LYS E 1471 -8.07 -114.77 -33.91
CA LYS E 1471 -8.77 -115.71 -34.84
C LYS E 1471 -9.67 -116.66 -34.02
N LEU E 1472 -9.15 -117.26 -32.94
CA LEU E 1472 -9.90 -118.19 -32.07
C LEU E 1472 -11.10 -117.47 -31.43
N GLU E 1473 -10.88 -116.27 -30.89
CA GLU E 1473 -11.96 -115.44 -30.29
C GLU E 1473 -13.02 -115.12 -31.35
N ALA E 1474 -12.59 -114.80 -32.58
CA ALA E 1474 -13.49 -114.40 -33.70
C ALA E 1474 -14.34 -115.58 -34.18
N GLU E 1475 -13.86 -116.83 -34.03
CA GLU E 1475 -14.61 -118.07 -34.42
C GLU E 1475 -15.92 -118.17 -33.60
N GLU E 1476 -15.91 -117.70 -32.34
CA GLU E 1476 -17.08 -117.76 -31.41
C GLU E 1476 -17.99 -116.54 -31.59
N ILE E 1477 -17.61 -115.56 -32.40
CA ILE E 1477 -18.43 -114.34 -32.70
C ILE E 1477 -19.37 -114.70 -33.86
N PRO E 1478 -20.69 -114.36 -33.79
CA PRO E 1478 -21.58 -114.54 -34.94
C PRO E 1478 -21.09 -113.80 -36.19
N SER E 1479 -21.24 -114.44 -37.36
CA SER E 1479 -20.58 -114.12 -38.65
C SER E 1479 -20.84 -112.67 -39.10
N GLU E 1480 -22.03 -112.12 -38.81
CA GLU E 1480 -22.41 -110.73 -39.20
C GLU E 1480 -21.61 -109.70 -38.39
N ASP E 1481 -21.28 -110.00 -37.12
CA ASP E 1481 -20.57 -109.09 -36.18
C ASP E 1481 -19.05 -109.36 -36.19
N GLN E 1482 -18.58 -110.33 -36.98
CA GLN E 1482 -17.17 -110.81 -37.00
C GLN E 1482 -16.27 -109.74 -37.64
N ASN E 1483 -16.77 -109.09 -38.69
CA ASN E 1483 -16.05 -108.01 -39.40
C ASN E 1483 -15.70 -106.90 -38.40
N GLU E 1484 -16.70 -106.35 -37.69
CA GLU E 1484 -16.52 -105.17 -36.80
C GLU E 1484 -15.57 -105.55 -35.66
N PHE E 1485 -15.76 -106.74 -35.08
CA PHE E 1485 -14.91 -107.28 -34.00
C PHE E 1485 -13.45 -107.33 -34.42
N LEU E 1486 -13.16 -107.86 -35.61
CA LEU E 1486 -11.77 -108.04 -36.11
C LEU E 1486 -11.15 -106.69 -36.44
N LEU E 1487 -11.92 -105.77 -37.01
CA LEU E 1487 -11.49 -104.39 -37.28
C LEU E 1487 -11.03 -103.75 -35.96
N GLU E 1488 -11.87 -103.78 -34.92
CA GLU E 1488 -11.57 -103.12 -33.62
C GLU E 1488 -10.34 -103.80 -33.03
N ARG E 1489 -10.32 -105.13 -33.03
CA ARG E 1489 -9.25 -105.87 -32.31
C ARG E 1489 -7.94 -105.81 -33.09
N THR E 1490 -8.00 -105.70 -34.40
CA THR E 1490 -6.79 -105.67 -35.26
C THR E 1490 -6.11 -104.30 -35.09
N ARG E 1491 -6.90 -103.24 -35.13
CA ARG E 1491 -6.42 -101.85 -34.89
C ARG E 1491 -5.75 -101.81 -33.50
N GLU E 1492 -6.32 -102.47 -32.51
CA GLU E 1492 -5.78 -102.46 -31.13
C GLU E 1492 -4.44 -103.19 -31.09
N ILE E 1493 -4.33 -104.33 -31.75
CA ILE E 1493 -3.04 -105.09 -31.78
C ILE E 1493 -1.97 -104.26 -32.49
N HIS E 1494 -2.33 -103.58 -33.57
CA HIS E 1494 -1.41 -102.66 -34.27
C HIS E 1494 -0.91 -101.59 -33.29
N ASN E 1495 -1.80 -100.98 -32.50
CA ASN E 1495 -1.44 -99.92 -31.52
C ASN E 1495 -0.44 -100.49 -30.54
N GLU E 1496 -0.73 -101.68 -30.02
CA GLU E 1496 0.10 -102.34 -29.00
C GLU E 1496 1.43 -102.76 -29.60
N ALA E 1497 1.48 -103.16 -30.86
CA ALA E 1497 2.77 -103.54 -31.48
C ALA E 1497 3.64 -102.29 -31.63
N GLU E 1498 3.03 -101.22 -32.14
CA GLU E 1498 3.75 -99.94 -32.29
C GLU E 1498 4.30 -99.49 -30.93
N SER E 1499 3.47 -99.53 -29.90
CA SER E 1499 3.88 -99.08 -28.54
C SER E 1499 5.10 -99.86 -28.09
N GLN E 1500 5.06 -101.16 -28.31
CA GLN E 1500 6.13 -102.05 -27.88
C GLN E 1500 7.40 -101.79 -28.70
N LEU E 1501 7.28 -101.54 -29.99
CA LEU E 1501 8.51 -101.26 -30.79
C LEU E 1501 9.11 -99.92 -30.32
N ARG E 1502 8.27 -98.89 -30.20
CA ARG E 1502 8.70 -97.54 -29.77
C ARG E 1502 9.31 -97.63 -28.37
N ALA E 1503 8.78 -98.45 -27.51
CA ALA E 1503 9.31 -98.60 -26.13
C ALA E 1503 10.68 -99.24 -26.15
N ALA E 1504 10.89 -100.21 -27.05
CA ALA E 1504 12.17 -100.90 -27.22
C ALA E 1504 13.20 -99.90 -27.81
N GLN E 1505 12.79 -99.11 -28.80
CA GLN E 1505 13.66 -98.06 -29.37
C GLN E 1505 13.96 -97.02 -28.29
N GLN E 1506 13.00 -96.73 -27.45
CA GLN E 1506 13.26 -95.78 -26.34
C GLN E 1506 14.27 -96.39 -25.38
N GLN E 1507 14.13 -97.66 -25.03
CA GLN E 1507 15.05 -98.33 -24.07
C GLN E 1507 16.49 -98.33 -24.62
N TRP E 1508 16.69 -98.73 -25.86
CA TRP E 1508 18.02 -99.01 -26.42
C TRP E 1508 18.55 -97.83 -27.23
N GLY E 1509 17.69 -96.99 -27.78
CA GLY E 1509 18.11 -95.88 -28.65
C GLY E 1509 18.15 -94.56 -27.93
N ASN E 1510 17.08 -94.19 -27.27
CA ASN E 1510 16.89 -92.80 -26.78
C ASN E 1510 17.24 -92.65 -25.30
N ASP E 1511 16.95 -93.64 -24.47
CA ASP E 1511 16.91 -93.52 -22.98
C ASP E 1511 17.80 -94.56 -22.29
N PHE E 1512 18.77 -95.11 -22.99
CA PHE E 1512 19.64 -96.19 -22.50
C PHE E 1512 20.48 -95.75 -21.30
N TYR E 1513 20.70 -94.46 -21.10
CA TYR E 1513 21.65 -93.93 -20.09
C TYR E 1513 20.96 -93.37 -18.85
N LYS E 1514 19.64 -93.25 -18.87
CA LYS E 1514 18.83 -92.60 -17.81
C LYS E 1514 19.03 -93.26 -16.44
N ARG E 1515 19.22 -94.57 -16.41
CA ARG E 1515 19.40 -95.34 -15.14
C ARG E 1515 20.88 -95.69 -14.92
N ASP E 1516 21.78 -95.12 -15.71
CA ASP E 1516 23.20 -95.55 -15.73
C ASP E 1516 24.04 -94.43 -15.13
N PRO E 1517 24.44 -94.55 -13.85
CA PRO E 1517 25.22 -93.50 -13.21
C PRO E 1517 26.62 -93.32 -13.79
N ARG E 1518 27.06 -94.21 -14.67
CA ARG E 1518 28.33 -94.11 -15.38
C ARG E 1518 28.21 -93.30 -16.67
N ILE E 1519 27.01 -92.88 -17.05
CA ILE E 1519 26.80 -92.03 -18.23
C ILE E 1519 26.14 -90.75 -17.78
N ALA E 1520 26.85 -89.66 -17.94
CA ALA E 1520 26.33 -88.32 -17.73
C ALA E 1520 25.20 -88.05 -18.69
N PRO E 1521 24.21 -87.26 -18.26
CA PRO E 1521 23.18 -86.77 -19.19
C PRO E 1521 23.79 -86.14 -20.44
N LEU E 1522 24.83 -85.32 -20.26
CA LEU E 1522 25.53 -84.66 -21.38
C LEU E 1522 26.11 -85.70 -22.32
N ARG E 1523 26.78 -86.70 -21.79
CA ARG E 1523 27.41 -87.78 -22.60
C ARG E 1523 26.36 -88.63 -23.29
N GLY E 1524 25.30 -88.98 -22.57
CA GLY E 1524 24.22 -89.80 -23.12
C GLY E 1524 23.55 -89.12 -24.27
N ALA E 1525 23.27 -87.83 -24.11
CA ALA E 1525 22.63 -87.02 -25.13
C ALA E 1525 23.37 -87.12 -26.46
N LEU E 1526 24.70 -86.99 -26.44
CA LEU E 1526 25.56 -87.04 -27.64
C LEU E 1526 25.68 -88.50 -28.09
N ALA E 1527 25.86 -89.43 -27.15
CA ALA E 1527 26.05 -90.86 -27.50
C ALA E 1527 24.82 -91.42 -28.19
N THR E 1528 23.64 -90.87 -27.97
CA THR E 1528 22.42 -91.30 -28.71
C THR E 1528 22.67 -91.28 -30.23
N TYR E 1529 23.46 -90.34 -30.73
CA TYR E 1529 23.71 -90.13 -32.19
C TYR E 1529 25.10 -90.65 -32.54
N GLY E 1530 25.80 -91.30 -31.62
CA GLY E 1530 27.15 -91.80 -31.86
C GLY E 1530 28.20 -90.73 -31.73
N LEU E 1531 27.87 -89.59 -31.14
CA LEU E 1531 28.84 -88.52 -30.87
C LEU E 1531 29.47 -88.76 -29.52
N THR E 1532 30.67 -88.26 -29.38
CA THR E 1532 31.43 -88.28 -28.13
C THR E 1532 31.49 -86.87 -27.60
N ILE E 1533 32.01 -86.73 -26.41
CA ILE E 1533 32.17 -85.40 -25.78
C ILE E 1533 33.11 -84.54 -26.63
N ASP E 1534 34.03 -85.13 -27.41
CA ASP E 1534 34.94 -84.37 -28.31
C ASP E 1534 34.21 -83.75 -29.52
N ASP E 1535 32.97 -84.14 -29.79
CA ASP E 1535 32.16 -83.61 -30.91
C ASP E 1535 31.41 -82.33 -30.53
N LEU E 1536 31.36 -81.97 -29.28
CA LEU E 1536 30.82 -80.66 -28.89
C LEU E 1536 31.83 -79.59 -29.26
N GLY E 1537 31.64 -78.98 -30.41
CA GLY E 1537 32.60 -78.03 -30.97
C GLY E 1537 32.47 -76.66 -30.40
N VAL E 1538 31.26 -76.22 -30.13
CA VAL E 1538 31.03 -74.81 -29.78
C VAL E 1538 30.20 -74.76 -28.52
N ALA E 1539 30.52 -73.78 -27.72
CA ALA E 1539 29.75 -73.45 -26.53
C ALA E 1539 29.34 -72.01 -26.75
N SER E 1540 28.06 -71.82 -26.94
CA SER E 1540 27.43 -70.51 -26.94
C SER E 1540 27.30 -70.14 -25.48
N PHE E 1541 28.06 -69.16 -25.08
CA PHE E 1541 28.10 -68.71 -23.67
C PHE E 1541 27.09 -67.64 -23.48
N HIS E 1542 26.45 -67.70 -22.33
CA HIS E 1542 25.58 -66.64 -21.83
C HIS E 1542 26.34 -65.32 -21.97
N GLY E 1543 27.54 -65.28 -21.44
CA GLY E 1543 28.58 -64.31 -21.84
C GLY E 1543 28.08 -62.87 -21.84
N THR E 1544 27.75 -62.38 -20.68
CA THR E 1544 27.01 -61.12 -20.50
C THR E 1544 27.93 -59.94 -20.34
N SER E 1545 29.22 -60.14 -20.23
CA SER E 1545 30.22 -59.06 -20.08
C SER E 1545 30.17 -58.59 -18.63
N THR E 1546 29.78 -59.44 -17.70
CA THR E 1546 29.91 -59.14 -16.25
C THR E 1546 31.12 -59.90 -15.74
N LYS E 1547 31.76 -59.37 -14.74
CA LYS E 1547 32.92 -60.04 -14.13
C LYS E 1547 32.55 -61.45 -13.68
N ALA E 1548 31.51 -61.55 -12.87
CA ALA E 1548 31.15 -62.82 -12.23
C ALA E 1548 30.68 -63.81 -13.28
N ASN E 1549 29.82 -63.37 -14.20
CA ASN E 1549 29.17 -64.30 -15.13
C ASN E 1549 30.22 -65.03 -15.95
N ASP E 1550 31.09 -64.28 -16.61
CA ASP E 1550 31.96 -64.84 -17.69
C ASP E 1550 32.96 -65.80 -17.03
N LYS E 1551 33.44 -65.49 -15.84
CA LYS E 1551 34.33 -66.42 -15.13
C LYS E 1551 33.60 -67.71 -14.71
N ASN E 1552 32.43 -67.59 -14.11
CA ASN E 1552 31.66 -68.74 -13.59
C ASN E 1552 31.30 -69.63 -14.75
N GLU E 1553 30.89 -69.03 -15.83
CA GLU E 1553 30.44 -69.81 -16.98
C GLU E 1553 31.62 -70.56 -17.59
N SER E 1554 32.75 -69.89 -17.77
CA SER E 1554 33.97 -70.58 -18.26
C SER E 1554 34.36 -71.73 -17.35
N ALA E 1555 34.42 -71.48 -16.06
CA ALA E 1555 34.77 -72.50 -15.04
C ALA E 1555 33.81 -73.68 -15.11
N THR E 1556 32.52 -73.41 -15.32
CA THR E 1556 31.51 -74.47 -15.33
C THR E 1556 31.73 -75.33 -16.56
N ILE E 1557 31.80 -74.71 -17.73
CA ILE E 1557 32.02 -75.47 -18.99
C ILE E 1557 33.33 -76.23 -18.86
N ASN E 1558 34.31 -75.57 -18.30
CA ASN E 1558 35.62 -76.21 -18.20
C ASN E 1558 35.57 -77.45 -17.32
N GLU E 1559 34.90 -77.35 -16.16
CA GLU E 1559 34.71 -78.51 -15.28
C GLU E 1559 33.87 -79.60 -15.93
N MET E 1560 32.85 -79.26 -16.70
CA MET E 1560 32.06 -80.30 -17.37
C MET E 1560 33.02 -81.07 -18.28
N MET E 1561 33.77 -80.36 -19.10
CA MET E 1561 34.67 -80.99 -20.10
C MET E 1561 35.71 -81.86 -19.38
N LYS E 1562 36.31 -81.39 -18.32
CA LYS E 1562 37.34 -82.15 -17.59
C LYS E 1562 36.74 -83.44 -17.02
N HIS E 1563 35.58 -83.34 -16.40
CA HIS E 1563 34.95 -84.49 -15.75
C HIS E 1563 34.64 -85.54 -16.80
N LEU E 1564 34.18 -85.14 -17.96
CA LEU E 1564 33.79 -86.09 -19.00
C LEU E 1564 34.97 -86.49 -19.88
N GLY E 1565 36.20 -86.11 -19.56
CA GLY E 1565 37.37 -86.60 -20.30
C GLY E 1565 37.46 -86.08 -21.72
N ARG E 1566 37.03 -84.85 -21.92
CA ARG E 1566 37.30 -84.13 -23.14
C ARG E 1566 38.83 -84.20 -23.40
N SER E 1567 39.22 -84.44 -24.61
CA SER E 1567 40.67 -84.58 -24.96
C SER E 1567 41.41 -83.30 -24.65
N GLU E 1568 42.58 -83.46 -24.03
CA GLU E 1568 43.53 -82.33 -23.90
C GLU E 1568 43.82 -81.78 -25.29
N GLY E 1569 43.77 -80.48 -25.43
CA GLY E 1569 44.04 -79.84 -26.71
C GLY E 1569 42.82 -79.68 -27.54
N ASN E 1570 41.63 -80.01 -27.00
CA ASN E 1570 40.40 -79.87 -27.80
C ASN E 1570 39.48 -78.95 -27.05
N PRO E 1571 39.78 -77.65 -26.92
CA PRO E 1571 38.87 -76.75 -26.22
C PRO E 1571 37.56 -76.58 -27.00
N VAL E 1572 36.49 -76.31 -26.27
CA VAL E 1572 35.25 -75.85 -26.93
C VAL E 1572 35.55 -74.43 -27.38
N ILE E 1573 35.00 -74.08 -28.51
CA ILE E 1573 35.13 -72.70 -29.01
C ILE E 1573 33.95 -71.96 -28.46
N GLY E 1574 34.24 -70.92 -27.73
CA GLY E 1574 33.25 -70.03 -27.17
C GLY E 1574 32.70 -69.07 -28.19
N VAL E 1575 31.39 -68.92 -28.19
CA VAL E 1575 30.68 -67.86 -28.91
C VAL E 1575 30.00 -66.97 -27.91
N PHE E 1576 30.09 -65.68 -28.11
CA PHE E 1576 29.58 -64.69 -27.17
C PHE E 1576 28.74 -63.69 -27.94
N GLN E 1577 27.58 -64.13 -28.36
CA GLN E 1577 26.66 -63.34 -29.22
C GLN E 1577 26.30 -62.00 -28.60
N LYS E 1578 26.30 -61.90 -27.29
CA LYS E 1578 25.84 -60.66 -26.68
C LYS E 1578 26.81 -59.53 -26.94
N PHE E 1579 28.03 -59.78 -27.45
CA PHE E 1579 28.94 -58.66 -27.81
C PHE E 1579 28.22 -57.74 -28.79
N LEU E 1580 27.44 -58.34 -29.64
CA LEU E 1580 26.73 -57.66 -30.71
C LEU E 1580 25.32 -57.23 -30.33
N THR E 1581 24.59 -58.06 -29.61
CA THR E 1581 23.13 -57.87 -29.41
C THR E 1581 22.83 -57.17 -28.10
N GLY E 1582 23.74 -57.26 -27.14
CA GLY E 1582 23.42 -57.08 -25.73
C GLY E 1582 22.53 -58.17 -25.15
N HIS E 1583 22.13 -57.96 -23.95
CA HIS E 1583 21.47 -58.97 -23.13
C HIS E 1583 19.99 -58.67 -23.06
N PRO E 1584 19.16 -59.38 -23.77
CA PRO E 1584 17.74 -59.11 -23.73
C PRO E 1584 16.99 -59.87 -22.63
N LYS E 1585 17.64 -60.19 -21.54
CA LYS E 1585 17.01 -60.89 -20.40
C LYS E 1585 16.39 -62.19 -20.89
N GLY E 1586 15.06 -62.33 -20.83
CA GLY E 1586 14.40 -63.58 -21.17
C GLY E 1586 14.65 -64.08 -22.58
N ALA E 1587 14.96 -63.20 -23.52
CA ALA E 1587 15.18 -63.68 -24.89
C ALA E 1587 16.61 -64.22 -25.07
N ALA E 1588 17.47 -64.08 -24.08
CA ALA E 1588 18.92 -64.30 -24.26
C ALA E 1588 19.20 -65.68 -24.86
N GLY E 1589 18.67 -66.72 -24.24
CA GLY E 1589 18.85 -68.09 -24.71
C GLY E 1589 18.30 -68.32 -26.07
N ALA E 1590 17.23 -67.63 -26.42
CA ALA E 1590 16.55 -67.88 -27.68
C ALA E 1590 17.41 -67.34 -28.80
N TRP E 1591 18.02 -66.18 -28.60
CA TRP E 1591 18.95 -65.62 -29.60
C TRP E 1591 20.16 -66.51 -29.72
N MET E 1592 20.63 -67.07 -28.62
CA MET E 1592 21.78 -67.97 -28.64
C MET E 1592 21.46 -69.26 -29.34
N MET E 1593 20.25 -69.78 -29.14
CA MET E 1593 19.81 -70.99 -29.78
C MET E 1593 19.70 -70.76 -31.29
N ASN E 1594 19.17 -69.64 -31.69
CA ASN E 1594 19.07 -69.31 -33.11
C ASN E 1594 20.48 -69.28 -33.70
N GLY E 1595 21.40 -68.62 -33.05
CA GLY E 1595 22.82 -68.61 -33.42
C GLY E 1595 23.40 -69.97 -33.55
N ALA E 1596 23.14 -70.81 -32.56
CA ALA E 1596 23.65 -72.18 -32.51
C ALA E 1596 23.18 -72.91 -33.74
N LEU E 1597 21.91 -72.77 -34.08
CA LEU E 1597 21.35 -73.42 -35.25
C LEU E 1597 22.03 -72.89 -36.51
N GLN E 1598 22.29 -71.63 -36.57
CA GLN E 1598 22.91 -71.05 -37.76
C GLN E 1598 24.36 -71.51 -37.87
N ILE E 1599 25.02 -71.72 -36.74
CA ILE E 1599 26.40 -72.27 -36.68
C ILE E 1599 26.35 -73.68 -37.19
N LEU E 1600 25.42 -74.48 -36.70
CA LEU E 1600 25.37 -75.87 -37.08
C LEU E 1600 25.15 -75.98 -38.58
N ASN E 1601 24.28 -75.20 -39.14
CA ASN E 1601 23.93 -75.42 -40.54
C ASN E 1601 24.96 -74.79 -41.51
N SER E 1602 25.79 -73.89 -41.07
CA SER E 1602 26.79 -73.18 -41.89
C SER E 1602 28.21 -73.70 -41.68
N GLY E 1603 28.51 -74.18 -40.49
CA GLY E 1603 29.89 -74.44 -40.04
C GLY E 1603 30.68 -73.22 -39.73
N ILE E 1604 30.04 -72.07 -39.65
CA ILE E 1604 30.71 -70.81 -39.41
C ILE E 1604 30.58 -70.46 -37.94
N ILE E 1605 31.69 -70.22 -37.32
CA ILE E 1605 31.71 -69.89 -35.89
C ILE E 1605 32.03 -68.43 -35.79
N PRO E 1606 31.07 -67.59 -35.42
CA PRO E 1606 31.33 -66.16 -35.34
C PRO E 1606 32.29 -65.85 -34.23
N GLY E 1607 33.14 -64.87 -34.47
CA GLY E 1607 34.09 -64.45 -33.46
C GLY E 1607 33.54 -63.33 -32.63
N ASN E 1608 34.04 -63.20 -31.42
CA ASN E 1608 33.69 -62.09 -30.53
C ASN E 1608 34.59 -60.93 -30.92
N ARG E 1609 34.09 -60.05 -31.75
CA ARG E 1609 34.86 -58.92 -32.28
C ARG E 1609 35.15 -57.90 -31.21
N ASN E 1610 34.52 -57.96 -30.05
CA ASN E 1610 34.87 -57.08 -28.93
C ASN E 1610 35.80 -57.75 -27.98
N ALA E 1611 36.35 -58.92 -28.31
CA ALA E 1611 37.29 -59.61 -27.43
C ALA E 1611 38.66 -58.99 -27.65
N ASP E 1612 38.86 -57.79 -27.14
CA ASP E 1612 40.11 -57.08 -27.45
C ASP E 1612 41.26 -57.82 -26.78
N ASN E 1613 41.08 -58.11 -25.51
CA ASN E 1613 42.03 -58.80 -24.68
C ASN E 1613 41.27 -59.75 -23.78
N VAL E 1614 41.58 -61.02 -23.90
CA VAL E 1614 40.93 -62.06 -23.11
C VAL E 1614 41.49 -62.00 -21.72
N ASP E 1615 40.59 -61.99 -20.77
CA ASP E 1615 40.98 -61.94 -19.35
C ASP E 1615 41.96 -63.05 -19.05
N LYS E 1616 43.12 -62.67 -18.54
CA LYS E 1616 44.19 -63.62 -18.17
C LYS E 1616 43.70 -64.67 -17.15
N ILE E 1617 42.75 -64.33 -16.30
CA ILE E 1617 42.13 -65.30 -15.35
C ILE E 1617 41.56 -66.50 -16.12
N LEU E 1618 41.16 -66.34 -17.39
CA LEU E 1618 40.53 -67.40 -18.18
C LEU E 1618 41.52 -68.34 -18.83
N GLU E 1619 42.80 -68.03 -18.77
CA GLU E 1619 43.80 -68.93 -19.32
C GLU E 1619 43.80 -70.26 -18.57
N GLN E 1620 43.49 -70.28 -17.30
CA GLN E 1620 43.37 -71.55 -16.52
C GLN E 1620 42.33 -72.51 -17.12
N PHE E 1621 41.39 -72.03 -17.95
CA PHE E 1621 40.31 -72.89 -18.48
C PHE E 1621 40.72 -73.44 -19.84
N GLU E 1622 41.51 -74.51 -19.79
CA GLU E 1622 42.24 -75.09 -20.94
C GLU E 1622 41.25 -75.67 -21.94
N TYR E 1623 40.02 -75.94 -21.52
CA TYR E 1623 39.02 -76.49 -22.43
C TYR E 1623 38.15 -75.43 -23.04
N VAL E 1624 38.51 -74.16 -22.91
CA VAL E 1624 37.80 -73.10 -23.62
C VAL E 1624 38.77 -72.27 -24.48
N LEU E 1625 38.33 -71.92 -25.66
CA LEU E 1625 39.01 -71.03 -26.60
C LEU E 1625 38.11 -69.85 -26.89
N TYR E 1626 38.66 -68.65 -26.84
CA TYR E 1626 37.90 -67.41 -27.02
C TYR E 1626 38.26 -66.72 -28.30
N PRO E 1627 37.65 -67.03 -29.44
CA PRO E 1627 38.00 -66.37 -30.69
C PRO E 1627 37.53 -64.92 -30.79
N SER E 1628 38.31 -64.10 -31.48
CA SER E 1628 37.96 -62.71 -31.82
C SER E 1628 37.47 -62.65 -33.25
N LYS E 1629 37.63 -63.70 -34.01
CA LYS E 1629 37.20 -63.59 -35.41
C LYS E 1629 36.50 -64.85 -35.87
N THR E 1630 35.69 -64.65 -36.87
CA THR E 1630 34.89 -65.70 -37.48
C THR E 1630 35.83 -66.77 -38.00
N LEU E 1631 35.51 -68.01 -37.69
CA LEU E 1631 36.18 -69.21 -38.21
C LEU E 1631 35.22 -69.96 -39.09
N LYS E 1632 35.57 -70.16 -40.35
CA LYS E 1632 34.85 -71.06 -41.26
C LYS E 1632 35.42 -72.47 -41.10
N THR E 1633 34.70 -73.33 -40.41
CA THR E 1633 35.15 -74.70 -40.07
C THR E 1633 34.71 -75.60 -41.21
N ASP E 1634 35.07 -76.87 -41.10
CA ASP E 1634 34.56 -77.86 -42.06
C ASP E 1634 33.39 -78.62 -41.39
N GLY E 1635 32.82 -78.08 -40.32
CA GLY E 1635 31.59 -78.66 -39.77
C GLY E 1635 31.59 -78.58 -38.28
N VAL E 1636 30.41 -78.27 -37.78
CA VAL E 1636 30.17 -78.29 -36.33
C VAL E 1636 29.11 -79.34 -36.15
N ARG E 1637 29.32 -80.22 -35.20
CA ARG E 1637 28.45 -81.36 -34.95
C ARG E 1637 27.47 -81.07 -33.81
N ALA E 1638 27.88 -80.29 -32.81
CA ALA E 1638 27.02 -80.05 -31.67
C ALA E 1638 27.40 -78.73 -31.07
N VAL E 1639 26.40 -78.06 -30.51
CA VAL E 1639 26.64 -76.75 -29.84
C VAL E 1639 26.00 -76.86 -28.48
N SER E 1640 26.66 -76.35 -27.48
CA SER E 1640 26.14 -76.14 -26.11
C SER E 1640 25.67 -74.71 -25.99
N ILE E 1641 24.49 -74.53 -25.38
CA ILE E 1641 23.93 -73.23 -25.03
C ILE E 1641 23.79 -73.23 -23.51
N THR E 1642 24.37 -72.28 -22.85
CA THR E 1642 24.30 -72.19 -21.38
C THR E 1642 23.72 -70.85 -21.00
N SER E 1643 22.92 -70.83 -19.97
CA SER E 1643 22.28 -69.58 -19.51
C SER E 1643 22.34 -69.56 -18.00
N PHE E 1644 22.46 -68.40 -17.41
CA PHE E 1644 22.52 -68.21 -15.95
C PHE E 1644 21.66 -67.01 -15.66
N GLY E 1645 20.46 -67.25 -15.19
CA GLY E 1645 19.58 -66.17 -14.79
C GLY E 1645 19.74 -65.81 -13.36
N PHE E 1646 19.27 -64.62 -13.04
CA PHE E 1646 19.04 -64.19 -11.66
C PHE E 1646 18.14 -65.22 -10.98
N GLY E 1647 18.45 -65.50 -9.73
CA GLY E 1647 17.63 -66.41 -8.92
C GLY E 1647 18.03 -67.84 -9.16
N GLN E 1648 19.30 -68.07 -9.40
CA GLN E 1648 19.91 -69.41 -9.56
C GLN E 1648 19.29 -70.16 -10.73
N LYS E 1649 18.88 -69.47 -11.76
CA LYS E 1649 18.33 -70.13 -12.94
C LYS E 1649 19.52 -70.50 -13.83
N GLY E 1650 20.01 -71.71 -13.74
CA GLY E 1650 21.02 -72.24 -14.64
C GLY E 1650 20.35 -73.10 -15.68
N GLY E 1651 20.82 -73.04 -16.90
CA GLY E 1651 20.31 -73.90 -17.95
C GLY E 1651 21.38 -74.30 -18.93
N GLN E 1652 21.14 -75.41 -19.56
CA GLN E 1652 22.00 -75.87 -20.64
C GLN E 1652 21.17 -76.61 -21.64
N ALA E 1653 21.38 -76.31 -22.91
CA ALA E 1653 20.82 -77.10 -24.00
C ALA E 1653 21.96 -77.51 -24.93
N ILE E 1654 21.83 -78.69 -25.50
CA ILE E 1654 22.76 -79.22 -26.50
C ILE E 1654 21.99 -79.40 -27.78
N VAL E 1655 22.48 -78.83 -28.85
CA VAL E 1655 21.88 -78.99 -30.19
C VAL E 1655 22.88 -79.74 -31.05
N VAL E 1656 22.39 -80.73 -31.70
CA VAL E 1656 23.14 -81.63 -32.58
C VAL E 1656 22.71 -81.35 -34.00
N HIS E 1657 23.69 -81.41 -34.85
CA HIS E 1657 23.55 -81.21 -36.29
C HIS E 1657 22.45 -82.10 -36.81
N PRO E 1658 21.56 -81.55 -37.64
CA PRO E 1658 20.38 -82.27 -38.05
C PRO E 1658 20.69 -83.48 -38.91
N ASP E 1659 21.87 -83.52 -39.54
CA ASP E 1659 22.19 -84.64 -40.43
C ASP E 1659 22.33 -85.93 -39.66
N TYR E 1660 22.54 -85.90 -38.36
CA TYR E 1660 22.60 -87.12 -37.55
C TYR E 1660 21.20 -87.72 -37.44
N LEU E 1661 20.13 -86.97 -37.70
CA LEU E 1661 18.79 -87.57 -37.63
C LEU E 1661 18.65 -88.56 -38.80
N TYR E 1662 19.20 -88.21 -39.97
CA TYR E 1662 18.83 -88.88 -41.24
C TYR E 1662 19.43 -90.28 -41.27
N GLY E 1663 20.49 -90.56 -40.52
CA GLY E 1663 21.01 -91.93 -40.36
C GLY E 1663 20.05 -92.85 -39.66
N ALA E 1664 19.04 -92.32 -38.98
CA ALA E 1664 18.04 -93.14 -38.26
C ALA E 1664 16.97 -93.67 -39.20
N ILE E 1665 16.86 -93.14 -40.41
CA ILE E 1665 15.73 -93.52 -41.30
C ILE E 1665 16.27 -94.18 -42.57
N THR E 1666 15.37 -94.76 -43.34
CA THR E 1666 15.66 -95.43 -44.63
C THR E 1666 15.81 -94.41 -45.74
N GLU E 1667 16.38 -94.86 -46.85
CA GLU E 1667 16.57 -94.02 -48.04
C GLU E 1667 15.21 -93.57 -48.58
N ASP E 1668 14.23 -94.44 -48.64
CA ASP E 1668 12.91 -94.05 -49.19
C ASP E 1668 12.26 -92.98 -48.29
N ARG E 1669 12.34 -93.16 -46.98
CA ARG E 1669 11.76 -92.16 -46.06
C ARG E 1669 12.50 -90.85 -46.28
N TYR E 1670 13.81 -90.91 -46.35
CA TYR E 1670 14.61 -89.69 -46.52
C TYR E 1670 14.25 -89.01 -47.81
N ASN E 1671 14.12 -89.76 -48.90
CA ASN E 1671 13.86 -89.15 -50.21
C ASN E 1671 12.46 -88.57 -50.27
N GLU E 1672 11.49 -89.25 -49.69
CA GLU E 1672 10.13 -88.70 -49.55
C GLU E 1672 10.20 -87.34 -48.81
N TYR E 1673 10.90 -87.29 -47.68
CA TYR E 1673 11.05 -86.07 -46.85
C TYR E 1673 11.70 -84.99 -47.70
N VAL E 1674 12.81 -85.29 -48.37
CA VAL E 1674 13.54 -84.29 -49.19
C VAL E 1674 12.60 -83.62 -50.19
N ALA E 1675 11.80 -84.41 -50.86
CA ALA E 1675 10.84 -83.89 -51.85
C ALA E 1675 9.81 -83.03 -51.14
N LYS E 1676 9.26 -83.49 -50.02
CA LYS E 1676 8.25 -82.67 -49.32
C LYS E 1676 8.85 -81.35 -48.90
N VAL E 1677 10.02 -81.38 -48.32
CA VAL E 1677 10.65 -80.15 -47.80
C VAL E 1677 10.97 -79.20 -48.94
N SER E 1678 11.41 -79.76 -50.07
CA SER E 1678 11.75 -78.95 -51.24
C SER E 1678 10.51 -78.19 -51.70
N ALA E 1679 9.38 -78.87 -51.79
CA ALA E 1679 8.13 -78.23 -52.20
C ALA E 1679 7.72 -77.18 -51.17
N ARG E 1680 7.89 -77.48 -49.87
CA ARG E 1680 7.45 -76.57 -48.81
C ARG E 1680 8.27 -75.31 -48.83
N GLU E 1681 9.55 -75.46 -49.10
CA GLU E 1681 10.52 -74.35 -49.13
C GLU E 1681 10.16 -73.39 -50.26
N LYS E 1682 9.83 -73.92 -51.41
CA LYS E 1682 9.40 -73.09 -52.56
C LYS E 1682 8.15 -72.33 -52.21
N SER E 1683 7.17 -72.99 -51.58
CA SER E 1683 5.92 -72.32 -51.14
C SER E 1683 6.20 -71.27 -50.08
N ALA E 1684 7.20 -71.49 -49.23
CA ALA E 1684 7.53 -70.56 -48.16
C ALA E 1684 8.15 -69.29 -48.74
N TYR E 1685 9.06 -69.45 -49.71
CA TYR E 1685 9.67 -68.30 -50.41
C TYR E 1685 8.55 -67.46 -51.06
N LYS E 1686 7.63 -68.13 -51.69
CA LYS E 1686 6.48 -67.46 -52.33
C LYS E 1686 5.80 -66.63 -51.28
N PHE E 1687 5.44 -67.25 -50.15
CA PHE E 1687 4.73 -66.59 -49.05
C PHE E 1687 5.52 -65.44 -48.50
N PHE E 1688 6.78 -65.69 -48.28
CA PHE E 1688 7.62 -64.68 -47.66
C PHE E 1688 7.69 -63.40 -48.50
N HIS E 1689 8.01 -63.53 -49.77
CA HIS E 1689 8.20 -62.32 -50.62
C HIS E 1689 6.86 -61.60 -50.80
N ASN E 1690 5.80 -62.35 -50.98
CA ASN E 1690 4.47 -61.69 -51.05
C ASN E 1690 4.24 -60.92 -49.78
N GLY E 1691 4.51 -61.55 -48.63
CA GLY E 1691 4.20 -60.92 -47.36
C GLY E 1691 5.05 -59.75 -47.16
N MET E 1692 6.33 -59.86 -47.53
CA MET E 1692 7.23 -58.75 -47.24
C MET E 1692 6.76 -57.54 -48.04
N ILE E 1693 6.56 -57.70 -49.32
CA ILE E 1693 6.30 -56.48 -50.14
C ILE E 1693 4.89 -55.96 -49.90
N TYR E 1694 3.91 -56.81 -49.60
CA TYR E 1694 2.56 -56.28 -49.23
C TYR E 1694 2.30 -56.11 -47.74
N ASN E 1695 3.31 -56.23 -46.90
CA ASN E 1695 3.15 -55.99 -45.44
C ASN E 1695 2.08 -56.94 -44.88
N LYS E 1696 2.15 -58.20 -45.23
CA LYS E 1696 1.19 -59.19 -44.74
C LYS E 1696 1.91 -60.49 -44.42
N LEU E 1697 3.07 -60.45 -43.80
CA LEU E 1697 3.64 -61.71 -43.29
C LEU E 1697 2.74 -62.24 -42.18
N PHE E 1698 2.31 -61.33 -41.32
CA PHE E 1698 1.40 -61.62 -40.21
C PHE E 1698 -0.03 -61.50 -40.74
N VAL E 1699 -0.80 -62.56 -40.70
CA VAL E 1699 -2.25 -62.50 -41.00
C VAL E 1699 -3.02 -63.13 -39.83
N SER E 1700 -3.69 -62.30 -39.06
CA SER E 1700 -4.53 -62.71 -37.91
C SER E 1700 -5.65 -63.59 -38.43
N LYS E 1701 -5.95 -64.64 -37.69
CA LYS E 1701 -7.09 -65.53 -37.99
C LYS E 1701 -8.36 -64.85 -37.52
N GLU E 1702 -9.42 -64.91 -38.31
CA GLU E 1702 -10.71 -64.34 -37.87
C GLU E 1702 -11.44 -65.42 -37.09
N HIS E 1703 -11.23 -66.66 -37.49
CA HIS E 1703 -12.03 -67.81 -37.04
C HIS E 1703 -11.07 -68.90 -36.66
N ALA E 1704 -11.43 -69.60 -35.61
CA ALA E 1704 -10.91 -70.91 -35.28
C ALA E 1704 -11.16 -71.81 -36.47
N PRO E 1705 -10.44 -72.93 -36.58
CA PRO E 1705 -10.66 -73.88 -37.65
C PRO E 1705 -11.98 -74.67 -37.54
N TYR E 1706 -12.63 -74.56 -36.40
CA TYR E 1706 -13.94 -75.17 -36.15
C TYR E 1706 -14.90 -74.04 -35.89
N THR E 1707 -16.17 -74.32 -36.19
CA THR E 1707 -17.28 -73.43 -35.73
C THR E 1707 -17.51 -73.64 -34.25
N ASP E 1708 -18.12 -72.67 -33.58
CA ASP E 1708 -18.63 -72.82 -32.18
C ASP E 1708 -19.42 -74.13 -32.02
N GLU E 1709 -20.23 -74.50 -32.99
CA GLU E 1709 -21.08 -75.72 -32.93
C GLU E 1709 -20.23 -77.00 -32.96
N LEU E 1710 -19.06 -76.99 -33.61
CA LEU E 1710 -18.21 -78.20 -33.71
C LEU E 1710 -17.09 -78.20 -32.66
N GLU E 1711 -16.89 -77.11 -31.94
CA GLU E 1711 -15.76 -76.96 -30.99
C GLU E 1711 -15.63 -78.20 -30.11
N GLU E 1712 -16.70 -78.56 -29.40
CA GLU E 1712 -16.65 -79.60 -28.37
C GLU E 1712 -16.38 -80.92 -29.08
N ASP E 1713 -17.01 -81.13 -30.22
CA ASP E 1713 -16.81 -82.37 -30.99
C ASP E 1713 -15.33 -82.49 -31.37
N VAL E 1714 -14.73 -81.40 -31.82
CA VAL E 1714 -13.29 -81.42 -32.20
C VAL E 1714 -12.46 -81.69 -30.95
N TYR E 1715 -12.77 -81.01 -29.84
CA TYR E 1715 -11.98 -81.21 -28.63
C TYR E 1715 -12.03 -82.64 -28.18
N LEU E 1716 -13.14 -83.31 -28.43
CA LEU E 1716 -13.38 -84.62 -27.85
C LEU E 1716 -13.01 -85.75 -28.78
N ASP E 1717 -12.59 -85.45 -29.99
CA ASP E 1717 -12.13 -86.53 -30.89
C ASP E 1717 -10.64 -86.40 -31.17
N PRO E 1718 -9.77 -87.26 -30.64
CA PRO E 1718 -8.33 -87.10 -30.78
C PRO E 1718 -7.87 -87.27 -32.23
N LEU E 1719 -8.74 -87.83 -33.08
CA LEU E 1719 -8.38 -88.15 -34.46
C LEU E 1719 -8.96 -87.11 -35.40
N ALA E 1720 -9.54 -86.04 -34.90
CA ALA E 1720 -10.12 -84.99 -35.75
C ALA E 1720 -9.00 -84.22 -36.43
N ARG E 1721 -9.08 -84.05 -37.74
CA ARG E 1721 -8.07 -83.30 -38.52
C ARG E 1721 -8.78 -82.30 -39.41
N VAL E 1722 -8.11 -81.21 -39.69
CA VAL E 1722 -8.67 -80.22 -40.63
C VAL E 1722 -8.47 -80.75 -42.06
N SER E 1723 -9.24 -80.19 -42.96
CA SER E 1723 -9.19 -80.49 -44.41
C SER E 1723 -9.54 -79.19 -45.13
N LYS E 1724 -9.13 -79.10 -46.38
CA LYS E 1724 -9.37 -77.91 -47.23
C LYS E 1724 -10.86 -77.87 -47.53
N ASP E 1725 -11.53 -76.80 -47.13
CA ASP E 1725 -12.94 -76.52 -47.48
C ASP E 1725 -12.99 -76.13 -48.96
N LYS E 1726 -13.77 -76.84 -49.79
CA LYS E 1726 -13.84 -76.59 -51.27
C LYS E 1726 -14.25 -75.12 -51.56
N LYS E 1727 -15.18 -74.54 -50.80
CA LYS E 1727 -15.71 -73.16 -51.03
C LYS E 1727 -14.65 -72.12 -50.64
N SER E 1728 -14.31 -72.01 -49.35
CA SER E 1728 -13.39 -71.00 -48.78
C SER E 1728 -11.95 -71.23 -49.24
N GLY E 1729 -11.55 -72.49 -49.47
CA GLY E 1729 -10.14 -72.90 -49.62
C GLY E 1729 -9.39 -72.98 -48.28
N SER E 1730 -10.02 -72.59 -47.17
CA SER E 1730 -9.37 -72.50 -45.85
C SER E 1730 -9.38 -73.89 -45.20
N LEU E 1731 -8.47 -74.12 -44.26
CA LEU E 1731 -8.42 -75.39 -43.49
C LEU E 1731 -9.44 -75.29 -42.37
N THR E 1732 -10.36 -76.23 -42.36
CA THR E 1732 -11.45 -76.27 -41.38
C THR E 1732 -11.67 -77.71 -40.97
N PHE E 1733 -12.28 -77.87 -39.81
CA PHE E 1733 -12.87 -79.16 -39.40
C PHE E 1733 -14.26 -79.26 -40.00
N ASN E 1734 -14.51 -80.40 -40.62
CA ASN E 1734 -15.77 -80.78 -41.29
C ASN E 1734 -16.35 -81.87 -40.39
N SER E 1735 -17.66 -81.82 -40.12
CA SER E 1735 -18.39 -82.83 -39.32
C SER E 1735 -18.12 -84.26 -39.80
N LYS E 1736 -17.92 -84.46 -41.10
CA LYS E 1736 -17.70 -85.81 -41.70
C LYS E 1736 -16.41 -86.44 -41.18
N ASN E 1737 -15.43 -85.65 -40.77
CA ASN E 1737 -14.12 -86.15 -40.29
C ASN E 1737 -14.07 -86.18 -38.76
N ILE E 1738 -15.18 -85.92 -38.09
CA ILE E 1738 -15.25 -85.94 -36.60
C ILE E 1738 -15.97 -87.20 -36.17
N GLN E 1739 -15.33 -87.97 -35.28
CA GLN E 1739 -15.74 -89.30 -34.81
C GLN E 1739 -16.03 -90.17 -36.05
N SER E 1740 -15.15 -90.12 -37.04
CA SER E 1740 -15.28 -90.89 -38.30
C SER E 1740 -14.52 -92.21 -38.16
N LYS E 1741 -15.16 -93.29 -38.56
CA LYS E 1741 -14.56 -94.64 -38.62
C LYS E 1741 -13.28 -94.65 -39.48
N ASP E 1742 -13.20 -93.86 -40.54
CA ASP E 1742 -12.06 -93.87 -41.48
C ASP E 1742 -10.78 -93.40 -40.79
N SER E 1743 -10.90 -92.41 -39.88
CA SER E 1743 -9.79 -91.90 -39.03
C SER E 1743 -9.13 -93.06 -38.27
N TYR E 1744 -9.93 -93.98 -37.73
CA TYR E 1744 -9.45 -95.02 -36.80
C TYR E 1744 -9.17 -96.33 -37.54
N ILE E 1745 -10.14 -96.80 -38.34
CA ILE E 1745 -10.04 -98.07 -39.13
C ILE E 1745 -9.48 -97.71 -40.51
N ASN E 1746 -8.16 -97.82 -40.65
CA ASN E 1746 -7.40 -97.45 -41.87
C ASN E 1746 -7.36 -98.67 -42.83
N ALA E 1747 -6.69 -98.53 -43.98
CA ALA E 1747 -6.57 -99.55 -45.06
C ALA E 1747 -5.87 -100.81 -44.54
N ASN E 1748 -4.81 -100.63 -43.76
CA ASN E 1748 -4.02 -101.74 -43.20
C ASN E 1748 -4.90 -102.54 -42.25
N THR E 1749 -5.72 -101.86 -41.46
CA THR E 1749 -6.62 -102.53 -40.48
C THR E 1749 -7.63 -103.37 -41.27
N ILE E 1750 -8.22 -102.79 -42.31
CA ILE E 1750 -9.28 -103.44 -43.16
C ILE E 1750 -8.69 -104.69 -43.84
N GLU E 1751 -7.49 -104.56 -44.41
CA GLU E 1751 -6.76 -105.67 -45.08
C GLU E 1751 -6.45 -106.77 -44.07
N THR E 1752 -5.77 -106.44 -42.97
CA THR E 1752 -5.36 -107.43 -41.94
C THR E 1752 -6.60 -108.13 -41.37
N ALA E 1753 -7.69 -107.41 -41.06
CA ALA E 1753 -8.91 -108.01 -40.47
C ALA E 1753 -9.52 -109.02 -41.47
N LYS E 1754 -9.60 -108.64 -42.75
CA LYS E 1754 -10.11 -109.50 -43.85
C LYS E 1754 -9.26 -110.78 -43.93
N MET E 1755 -7.93 -110.63 -43.93
CA MET E 1755 -7.00 -111.76 -44.01
C MET E 1755 -7.32 -112.77 -42.91
N ILE E 1756 -7.48 -112.31 -41.67
CA ILE E 1756 -7.68 -113.26 -40.54
C ILE E 1756 -9.16 -113.66 -40.44
N GLU E 1757 -10.08 -112.93 -41.10
CA GLU E 1757 -11.50 -113.33 -41.29
C GLU E 1757 -11.57 -114.54 -42.24
N ASN E 1758 -10.66 -114.59 -43.22
CA ASN E 1758 -10.49 -115.71 -44.21
C ASN E 1758 -9.61 -116.84 -43.64
N MET E 1759 -9.40 -116.86 -42.31
CA MET E 1759 -8.64 -117.90 -41.57
C MET E 1759 -9.55 -118.62 -40.56
N THR E 1760 -10.79 -118.17 -40.36
CA THR E 1760 -11.78 -118.80 -39.45
C THR E 1760 -12.18 -120.15 -40.05
N LYS E 1761 -12.42 -121.16 -39.20
CA LYS E 1761 -12.71 -122.58 -39.57
C LYS E 1761 -13.85 -122.64 -40.61
N GLU E 1762 -14.90 -121.83 -40.42
CA GLU E 1762 -16.11 -121.80 -41.30
C GLU E 1762 -15.75 -121.23 -42.68
N LYS E 1763 -14.90 -120.20 -42.76
CA LYS E 1763 -14.44 -119.57 -44.04
C LYS E 1763 -13.59 -120.57 -44.83
N VAL E 1764 -12.55 -121.13 -44.19
CA VAL E 1764 -11.67 -122.19 -44.79
C VAL E 1764 -11.11 -123.07 -43.67
N SER E 1765 -11.10 -124.39 -43.90
CA SER E 1765 -10.57 -125.44 -43.00
C SER E 1765 -10.04 -126.62 -43.83
N ASN E 1766 -9.43 -127.60 -43.17
CA ASN E 1766 -8.91 -128.86 -43.79
C ASN E 1766 -7.75 -128.51 -44.73
N GLY E 1767 -6.67 -127.93 -44.16
CA GLY E 1767 -5.47 -127.49 -44.90
C GLY E 1767 -4.51 -126.74 -43.99
N GLY E 1768 -3.21 -126.80 -44.30
CA GLY E 1768 -2.14 -126.10 -43.57
C GLY E 1768 -2.35 -124.59 -43.59
N VAL E 1769 -2.33 -123.95 -42.41
CA VAL E 1769 -2.47 -122.47 -42.24
C VAL E 1769 -1.19 -121.95 -41.61
N GLY E 1770 -0.51 -121.02 -42.29
CA GLY E 1770 0.69 -120.31 -41.81
C GLY E 1770 0.44 -118.82 -41.68
N VAL E 1771 0.77 -118.26 -40.51
CA VAL E 1771 0.66 -116.80 -40.19
C VAL E 1771 2.07 -116.30 -39.89
N ASP E 1772 2.54 -115.30 -40.62
CA ASP E 1772 3.83 -114.64 -40.27
C ASP E 1772 3.65 -113.13 -40.18
N VAL E 1773 4.36 -112.53 -39.22
CA VAL E 1773 4.48 -111.05 -39.10
C VAL E 1773 5.96 -110.69 -39.14
N GLU E 1774 6.30 -109.64 -39.86
CA GLU E 1774 7.64 -109.03 -39.85
C GLU E 1774 7.45 -107.54 -39.58
N LEU E 1775 8.11 -107.05 -38.54
CA LEU E 1775 8.29 -105.61 -38.32
C LEU E 1775 9.16 -105.12 -39.47
N ILE E 1776 8.70 -104.13 -40.23
CA ILE E 1776 9.41 -103.71 -41.46
C ILE E 1776 10.80 -103.18 -41.08
N THR E 1777 10.98 -102.67 -39.85
CA THR E 1777 12.29 -102.15 -39.38
C THR E 1777 13.35 -103.27 -39.33
N SER E 1778 12.95 -104.55 -39.37
CA SER E 1778 13.83 -105.74 -39.39
C SER E 1778 14.52 -105.90 -40.75
N ILE E 1779 13.89 -105.42 -41.83
CA ILE E 1779 14.40 -105.49 -43.23
C ILE E 1779 15.45 -104.38 -43.44
N ASN E 1780 16.70 -104.76 -43.65
CA ASN E 1780 17.77 -103.86 -44.15
C ASN E 1780 17.84 -104.06 -45.68
N VAL E 1781 17.30 -103.13 -46.46
CA VAL E 1781 17.24 -103.20 -47.95
C VAL E 1781 18.63 -102.97 -48.55
N GLU E 1782 19.56 -102.36 -47.79
CA GLU E 1782 21.00 -102.18 -48.18
C GLU E 1782 21.76 -103.50 -48.03
N ASN E 1783 21.26 -104.44 -47.22
CA ASN E 1783 21.90 -105.75 -46.94
C ASN E 1783 21.72 -106.65 -48.17
N ASP E 1784 22.53 -106.40 -49.21
CA ASP E 1784 22.49 -107.08 -50.55
C ASP E 1784 22.65 -108.60 -50.40
N THR E 1785 23.45 -109.05 -49.42
CA THR E 1785 23.66 -110.48 -49.05
C THR E 1785 22.32 -111.14 -48.71
N PHE E 1786 21.62 -110.61 -47.70
CA PHE E 1786 20.30 -111.12 -47.21
C PHE E 1786 19.24 -111.05 -48.32
N ILE E 1787 19.21 -109.96 -49.09
CA ILE E 1787 18.20 -109.72 -50.16
C ILE E 1787 18.43 -110.73 -51.31
N GLU E 1788 19.67 -110.88 -51.78
CA GLU E 1788 20.02 -111.78 -52.92
C GLU E 1788 19.80 -113.24 -52.52
N ARG E 1789 20.16 -113.61 -51.28
CA ARG E 1789 20.05 -114.98 -50.72
C ARG E 1789 18.59 -115.44 -50.67
N ASN E 1790 17.68 -114.60 -50.17
CA ASN E 1790 16.30 -114.99 -49.76
C ASN E 1790 15.26 -114.60 -50.82
N PHE E 1791 15.59 -113.70 -51.76
CA PHE E 1791 14.61 -113.18 -52.76
C PHE E 1791 15.15 -113.47 -54.17
N THR E 1792 14.22 -113.77 -55.10
CA THR E 1792 14.51 -113.98 -56.54
C THR E 1792 14.67 -112.61 -57.18
N PRO E 1793 15.40 -112.48 -58.33
CA PRO E 1793 15.46 -111.21 -59.06
C PRO E 1793 14.11 -110.57 -59.45
N GLN E 1794 13.05 -111.37 -59.62
CA GLN E 1794 11.68 -110.88 -59.95
C GLN E 1794 11.08 -110.18 -58.72
N GLU E 1795 11.20 -110.81 -57.54
CA GLU E 1795 10.75 -110.27 -56.22
C GLU E 1795 11.53 -108.99 -55.88
N ILE E 1796 12.85 -109.00 -56.06
CA ILE E 1796 13.76 -107.83 -55.83
C ILE E 1796 13.33 -106.68 -56.74
N GLU E 1797 13.00 -106.96 -58.01
CA GLU E 1797 12.60 -105.93 -58.99
C GLU E 1797 11.25 -105.31 -58.57
N TYR E 1798 10.30 -106.15 -58.15
CA TYR E 1798 8.93 -105.70 -57.75
C TYR E 1798 9.02 -104.80 -56.51
N CYS E 1799 9.68 -105.28 -55.46
CA CYS E 1799 9.83 -104.60 -54.15
C CYS E 1799 10.60 -103.27 -54.32
N SER E 1800 11.70 -103.27 -55.10
CA SER E 1800 12.53 -102.08 -55.41
C SER E 1800 11.69 -100.97 -56.09
N ALA E 1801 10.70 -101.35 -56.91
CA ALA E 1801 9.84 -100.42 -57.70
C ALA E 1801 8.74 -99.79 -56.84
N GLN E 1802 8.48 -100.32 -55.62
CA GLN E 1802 7.36 -99.87 -54.75
C GLN E 1802 7.76 -98.60 -53.99
N PRO E 1803 6.77 -97.77 -53.57
CA PRO E 1803 7.05 -96.54 -52.81
C PRO E 1803 7.88 -96.76 -51.53
N SER E 1804 7.42 -97.63 -50.63
CA SER E 1804 8.22 -98.14 -49.48
C SER E 1804 8.82 -99.49 -49.83
N VAL E 1805 10.09 -99.48 -50.23
CA VAL E 1805 10.87 -100.69 -50.59
C VAL E 1805 10.87 -101.61 -49.36
N GLN E 1806 11.18 -101.06 -48.20
CA GLN E 1806 11.35 -101.82 -46.93
C GLN E 1806 10.06 -102.54 -46.58
N SER E 1807 8.91 -101.84 -46.64
CA SER E 1807 7.57 -102.41 -46.35
C SER E 1807 7.24 -103.53 -47.35
N SER E 1808 7.51 -103.33 -48.65
CA SER E 1808 7.29 -104.33 -49.72
C SER E 1808 8.17 -105.58 -49.50
N PHE E 1809 9.47 -105.42 -49.27
CA PHE E 1809 10.35 -106.56 -48.90
C PHE E 1809 9.83 -107.28 -47.65
N ALA E 1810 9.38 -106.55 -46.62
CA ALA E 1810 8.84 -107.13 -45.38
C ALA E 1810 7.56 -107.91 -45.73
N GLY E 1811 6.71 -107.35 -46.57
CA GLY E 1811 5.49 -108.01 -47.09
C GLY E 1811 5.81 -109.33 -47.78
N THR E 1812 6.87 -109.36 -48.59
CA THR E 1812 7.31 -110.55 -49.36
C THR E 1812 7.95 -111.54 -48.39
N TRP E 1813 8.84 -111.08 -47.49
CA TRP E 1813 9.51 -111.96 -46.50
C TRP E 1813 8.44 -112.64 -45.64
N SER E 1814 7.42 -111.87 -45.23
CA SER E 1814 6.33 -112.39 -44.37
C SER E 1814 5.54 -113.46 -45.13
N ALA E 1815 5.21 -113.22 -46.40
CA ALA E 1815 4.55 -114.18 -47.32
C ALA E 1815 5.34 -115.50 -47.40
N LYS E 1816 6.63 -115.43 -47.74
CA LYS E 1816 7.53 -116.62 -47.84
C LYS E 1816 7.48 -117.43 -46.54
N GLU E 1817 7.63 -116.78 -45.39
CA GLU E 1817 7.66 -117.43 -44.05
C GLU E 1817 6.28 -117.99 -43.70
N ALA E 1818 5.19 -117.36 -44.14
CA ALA E 1818 3.80 -117.83 -43.89
C ALA E 1818 3.57 -119.11 -44.71
N VAL E 1819 3.97 -119.10 -45.98
CA VAL E 1819 3.92 -120.28 -46.90
C VAL E 1819 4.70 -121.44 -46.26
N PHE E 1820 5.96 -121.22 -45.86
CA PHE E 1820 6.83 -122.23 -45.21
C PHE E 1820 6.12 -122.84 -43.99
N LYS E 1821 5.45 -122.04 -43.17
CA LYS E 1821 4.70 -122.51 -41.96
C LYS E 1821 3.47 -123.32 -42.38
N SER E 1822 2.83 -122.97 -43.51
CA SER E 1822 1.62 -123.66 -44.03
C SER E 1822 1.96 -125.07 -44.53
N LEU E 1823 3.11 -125.22 -45.22
CA LEU E 1823 3.63 -126.53 -45.71
C LEU E 1823 3.89 -127.45 -44.50
N GLY E 1824 4.56 -126.93 -43.47
CA GLY E 1824 4.74 -127.59 -42.15
C GLY E 1824 5.89 -128.58 -42.14
N VAL E 1825 6.95 -128.33 -42.94
CA VAL E 1825 8.12 -129.23 -43.14
C VAL E 1825 9.31 -128.70 -42.34
N ALA E 1833 17.12 -121.42 -46.98
CA ALA E 1833 16.73 -120.13 -47.60
C ALA E 1833 15.30 -120.20 -48.13
N LEU E 1834 14.61 -119.05 -48.15
CA LEU E 1834 13.19 -118.90 -48.57
C LEU E 1834 13.11 -118.60 -50.08
N LYS E 1835 14.23 -118.57 -50.82
CA LYS E 1835 14.27 -118.25 -52.27
C LYS E 1835 13.46 -119.30 -53.06
N ASP E 1836 13.46 -120.55 -52.58
CA ASP E 1836 12.66 -121.69 -53.13
C ASP E 1836 11.19 -121.26 -53.30
N ILE E 1837 10.64 -120.51 -52.34
CA ILE E 1837 9.24 -119.98 -52.35
C ILE E 1837 9.26 -118.60 -53.02
N GLU E 1838 8.76 -118.50 -54.26
CA GLU E 1838 8.63 -117.22 -55.00
C GLU E 1838 7.19 -116.72 -54.86
N ILE E 1839 7.05 -115.44 -54.49
CA ILE E 1839 5.76 -114.69 -54.44
C ILE E 1839 5.72 -113.79 -55.68
N VAL E 1840 4.77 -114.05 -56.59
CA VAL E 1840 4.54 -113.24 -57.82
C VAL E 1840 3.45 -112.21 -57.49
N ARG E 1841 3.83 -110.91 -57.49
CA ARG E 1841 2.98 -109.78 -57.03
C ARG E 1841 2.69 -108.86 -58.22
N VAL E 1842 1.40 -108.65 -58.50
CA VAL E 1842 0.88 -107.69 -59.52
C VAL E 1842 0.10 -106.61 -58.75
N ASN E 1843 0.21 -105.35 -59.19
CA ASN E 1843 -0.42 -104.17 -58.53
C ASN E 1843 -1.94 -104.39 -58.43
N LYS E 1844 -2.53 -104.03 -57.28
CA LYS E 1844 -3.96 -104.19 -56.89
C LYS E 1844 -4.50 -105.56 -57.33
N ASN E 1845 -3.71 -106.63 -57.19
CA ASN E 1845 -4.05 -108.04 -57.51
C ASN E 1845 -3.50 -108.96 -56.40
N ALA E 1846 -4.18 -110.07 -56.13
CA ALA E 1846 -3.80 -111.08 -55.11
C ALA E 1846 -2.48 -111.72 -55.52
N PRO E 1847 -1.49 -111.86 -54.60
CA PRO E 1847 -0.21 -112.47 -54.93
C PRO E 1847 -0.32 -114.00 -55.08
N ALA E 1848 0.53 -114.58 -55.93
CA ALA E 1848 0.55 -116.02 -56.27
C ALA E 1848 1.82 -116.65 -55.70
N VAL E 1849 1.72 -117.88 -55.19
CA VAL E 1849 2.86 -118.68 -54.64
C VAL E 1849 3.31 -119.69 -55.71
N GLU E 1850 4.62 -119.78 -55.93
CA GLU E 1850 5.28 -120.72 -56.89
C GLU E 1850 6.49 -121.37 -56.20
N LEU E 1851 6.44 -122.68 -55.96
CA LEU E 1851 7.50 -123.46 -55.29
C LEU E 1851 8.45 -124.04 -56.36
N HIS E 1852 9.76 -123.81 -56.24
CA HIS E 1852 10.78 -124.07 -57.30
C HIS E 1852 11.65 -125.28 -56.91
N GLY E 1853 12.55 -125.12 -55.93
CA GLY E 1853 13.55 -126.13 -55.56
C GLY E 1853 13.00 -127.17 -54.59
N ASN E 1854 13.60 -127.26 -53.39
CA ASN E 1854 13.29 -128.28 -52.35
C ASN E 1854 11.90 -128.05 -51.75
N ALA E 1855 11.37 -126.82 -51.82
CA ALA E 1855 10.00 -126.43 -51.38
C ALA E 1855 8.96 -127.16 -52.23
N LYS E 1856 9.19 -127.27 -53.54
CA LYS E 1856 8.31 -128.01 -54.50
C LYS E 1856 8.27 -129.50 -54.11
N LYS E 1857 9.44 -130.09 -53.85
CA LYS E 1857 9.60 -131.50 -53.42
C LYS E 1857 8.88 -131.72 -52.08
N ALA E 1858 9.09 -130.83 -51.10
CA ALA E 1858 8.51 -130.88 -49.74
C ALA E 1858 6.98 -130.80 -49.79
N ALA E 1859 6.43 -130.00 -50.72
CA ALA E 1859 4.97 -129.85 -50.97
C ALA E 1859 4.40 -131.12 -51.60
N GLU E 1860 5.16 -131.77 -52.49
CA GLU E 1860 4.80 -133.06 -53.15
C GLU E 1860 4.75 -134.19 -52.10
N GLU E 1861 5.65 -134.19 -51.11
CA GLU E 1861 5.71 -135.21 -50.02
C GLU E 1861 4.40 -135.19 -49.20
N ALA E 1862 3.91 -134.00 -48.85
CA ALA E 1862 2.67 -133.77 -48.06
C ALA E 1862 1.42 -133.74 -48.96
N GLY E 1863 1.60 -133.80 -50.29
CA GLY E 1863 0.51 -133.82 -51.28
C GLY E 1863 -0.23 -132.49 -51.35
N VAL E 1864 0.50 -131.37 -51.23
CA VAL E 1864 -0.04 -129.99 -51.30
C VAL E 1864 -0.24 -129.64 -52.78
N THR E 1865 -1.49 -129.38 -53.18
CA THR E 1865 -1.92 -129.10 -54.59
C THR E 1865 -1.75 -127.61 -54.88
N ASP E 1866 -2.35 -126.75 -54.05
CA ASP E 1866 -2.35 -125.27 -54.19
C ASP E 1866 -1.87 -124.61 -52.89
N VAL E 1867 -1.14 -123.49 -53.02
CA VAL E 1867 -0.77 -122.58 -51.90
C VAL E 1867 -1.22 -121.17 -52.30
N LYS E 1868 -2.12 -120.56 -51.52
CA LYS E 1868 -2.54 -119.14 -51.69
C LYS E 1868 -2.01 -118.33 -50.49
N VAL E 1869 -1.68 -117.06 -50.71
CA VAL E 1869 -1.16 -116.15 -49.65
C VAL E 1869 -1.85 -114.79 -49.78
N SER E 1870 -2.18 -114.18 -48.63
CA SER E 1870 -2.62 -112.77 -48.49
C SER E 1870 -1.52 -112.02 -47.73
N ILE E 1871 -1.29 -110.75 -48.10
CA ILE E 1871 -0.26 -109.87 -47.51
C ILE E 1871 -0.88 -108.50 -47.22
N SER E 1872 -0.76 -108.03 -45.98
CA SER E 1872 -0.90 -106.59 -45.62
C SER E 1872 0.44 -106.08 -45.13
N HIS E 1873 0.80 -104.86 -45.49
CA HIS E 1873 2.04 -104.22 -44.99
C HIS E 1873 1.82 -102.70 -44.93
N ASP E 1874 2.42 -102.07 -43.92
CA ASP E 1874 2.33 -100.60 -43.70
C ASP E 1874 3.69 -100.13 -43.15
N ASP E 1875 3.73 -98.97 -42.49
CA ASP E 1875 4.99 -98.37 -41.98
C ASP E 1875 5.50 -99.17 -40.76
N LEU E 1876 4.70 -100.05 -40.16
CA LEU E 1876 5.10 -100.78 -38.94
C LEU E 1876 5.42 -102.24 -39.22
N GLN E 1877 4.49 -102.97 -39.82
CA GLN E 1877 4.56 -104.46 -39.86
C GLN E 1877 3.98 -104.98 -41.18
N ALA E 1878 4.45 -106.17 -41.56
CA ALA E 1878 3.94 -106.97 -42.68
C ALA E 1878 3.30 -108.20 -42.08
N VAL E 1879 2.03 -108.44 -42.39
CA VAL E 1879 1.31 -109.67 -41.96
C VAL E 1879 1.02 -110.47 -43.23
N ALA E 1880 1.30 -111.77 -43.19
CA ALA E 1880 1.00 -112.70 -44.31
C ALA E 1880 0.27 -113.91 -43.75
N VAL E 1881 -0.85 -114.25 -44.37
CA VAL E 1881 -1.62 -115.50 -44.10
C VAL E 1881 -1.53 -116.37 -45.34
N ALA E 1882 -0.93 -117.57 -45.21
CA ALA E 1882 -0.82 -118.60 -46.27
C ALA E 1882 -1.71 -119.79 -45.91
N VAL E 1883 -2.56 -120.23 -46.85
CA VAL E 1883 -3.36 -121.48 -46.77
C VAL E 1883 -2.86 -122.43 -47.87
N SER E 1884 -2.30 -123.58 -47.46
CA SER E 1884 -1.89 -124.71 -48.34
C SER E 1884 -2.98 -125.78 -48.32
N THR E 1885 -3.62 -126.04 -49.46
CA THR E 1885 -4.73 -127.02 -49.65
C THR E 1885 -4.25 -128.22 -50.47
N LYS E 1886 -4.65 -129.43 -50.06
CA LYS E 1886 -4.29 -130.72 -50.70
C LYS E 1886 -5.41 -131.15 -51.66
N MET F 1 -95.14 -66.55 -51.21
CA MET F 1 -94.58 -66.90 -49.87
C MET F 1 -94.78 -65.73 -48.91
N LYS F 2 -95.26 -66.00 -47.69
CA LYS F 2 -95.57 -64.99 -46.65
C LYS F 2 -94.25 -64.42 -46.11
N PRO F 3 -94.20 -63.13 -45.68
CA PRO F 3 -93.00 -62.55 -45.08
C PRO F 3 -92.39 -63.33 -43.91
N GLU F 4 -93.22 -63.84 -42.98
CA GLU F 4 -92.77 -64.55 -41.75
C GLU F 4 -92.25 -65.96 -42.11
N VAL F 5 -92.82 -66.61 -43.12
CA VAL F 5 -92.38 -67.96 -43.60
C VAL F 5 -91.02 -67.81 -44.29
N GLU F 6 -90.90 -66.81 -45.16
CA GLU F 6 -89.63 -66.46 -45.87
C GLU F 6 -88.54 -66.21 -44.83
N GLN F 7 -88.88 -65.46 -43.77
CA GLN F 7 -87.96 -65.15 -42.65
C GLN F 7 -87.52 -66.46 -41.98
N GLU F 8 -88.45 -67.38 -41.72
CA GLU F 8 -88.16 -68.71 -41.12
C GLU F 8 -87.19 -69.48 -42.04
N LEU F 9 -87.47 -69.54 -43.34
CA LEU F 9 -86.63 -70.30 -44.31
C LEU F 9 -85.24 -69.65 -44.42
N ALA F 10 -85.19 -68.31 -44.45
CA ALA F 10 -83.95 -67.50 -44.49
C ALA F 10 -83.10 -67.80 -43.25
N HIS F 11 -83.74 -67.93 -42.09
CA HIS F 11 -83.06 -68.25 -40.81
C HIS F 11 -82.41 -69.63 -40.92
N ILE F 12 -83.18 -70.63 -41.36
CA ILE F 12 -82.70 -72.03 -41.55
C ILE F 12 -81.56 -72.04 -42.58
N LEU F 13 -81.71 -71.35 -43.70
CA LEU F 13 -80.67 -71.32 -44.76
C LEU F 13 -79.39 -70.71 -44.21
N LEU F 14 -79.50 -69.57 -43.51
CA LEU F 14 -78.35 -68.80 -42.96
C LEU F 14 -77.61 -69.66 -41.92
N THR F 15 -78.34 -70.28 -40.99
CA THR F 15 -77.75 -71.17 -39.95
C THR F 15 -77.00 -72.32 -40.63
N GLU F 16 -77.60 -72.93 -41.66
CA GLU F 16 -76.96 -74.03 -42.42
C GLU F 16 -75.73 -73.49 -43.15
N LEU F 17 -75.82 -72.35 -43.82
CA LEU F 17 -74.68 -71.77 -44.59
C LEU F 17 -73.48 -71.57 -43.67
N LEU F 18 -73.71 -71.00 -42.48
CA LEU F 18 -72.62 -70.66 -41.54
C LEU F 18 -72.07 -71.93 -40.90
N ALA F 19 -72.96 -72.84 -40.53
CA ALA F 19 -72.63 -74.12 -39.87
C ALA F 19 -71.65 -74.91 -40.73
N TYR F 20 -71.95 -75.07 -42.02
CA TYR F 20 -71.16 -75.89 -42.96
C TYR F 20 -69.92 -75.13 -43.44
N GLN F 21 -69.93 -73.81 -43.37
CA GLN F 21 -68.81 -72.94 -43.86
C GLN F 21 -67.54 -73.31 -43.10
N PHE F 22 -67.70 -73.56 -41.80
CA PHE F 22 -66.76 -74.19 -40.83
C PHE F 22 -65.86 -75.22 -41.55
N ALA F 23 -66.49 -76.22 -42.17
CA ALA F 23 -65.83 -77.43 -42.71
C ALA F 23 -66.15 -77.62 -44.21
N SER F 24 -66.28 -76.51 -44.94
CA SER F 24 -66.42 -76.50 -46.42
C SER F 24 -65.38 -75.53 -46.99
N PRO F 25 -64.93 -75.73 -48.24
CA PRO F 25 -63.95 -74.82 -48.83
C PRO F 25 -64.52 -73.42 -49.12
N VAL F 26 -63.63 -72.44 -49.09
CA VAL F 26 -63.96 -71.01 -49.34
C VAL F 26 -63.82 -70.78 -50.85
N ARG F 27 -64.95 -70.64 -51.51
CA ARG F 27 -65.05 -70.41 -52.97
C ARG F 27 -64.95 -68.91 -53.22
N TRP F 28 -63.76 -68.33 -53.02
CA TRP F 28 -63.53 -66.89 -53.18
C TRP F 28 -63.21 -66.52 -54.63
N ILE F 29 -62.87 -67.50 -55.47
CA ILE F 29 -62.74 -67.32 -56.94
C ILE F 29 -64.12 -66.93 -57.45
N GLU F 30 -65.09 -67.79 -57.19
CA GLU F 30 -66.46 -67.63 -57.68
C GLU F 30 -67.09 -66.38 -57.08
N THR F 31 -66.77 -66.05 -55.81
CA THR F 31 -67.30 -64.88 -55.09
C THR F 31 -66.84 -63.60 -55.82
N GLN F 32 -65.54 -63.48 -56.03
CA GLN F 32 -64.95 -62.33 -56.76
C GLN F 32 -65.58 -62.21 -58.17
N ASP F 33 -65.81 -63.32 -58.85
CA ASP F 33 -66.46 -63.31 -60.19
C ASP F 33 -67.89 -62.78 -60.05
N VAL F 34 -68.60 -63.15 -58.99
CA VAL F 34 -70.00 -62.67 -58.80
C VAL F 34 -69.99 -61.16 -58.61
N PHE F 35 -69.09 -60.58 -57.81
CA PHE F 35 -69.22 -59.15 -57.47
C PHE F 35 -68.44 -58.27 -58.45
N LEU F 36 -67.41 -58.80 -59.12
CA LEU F 36 -66.65 -58.01 -60.13
C LEU F 36 -67.35 -58.08 -61.50
N LYS F 37 -67.96 -59.22 -61.87
CA LYS F 37 -68.55 -59.42 -63.22
C LYS F 37 -70.07 -59.26 -63.15
N ASP F 38 -70.77 -60.05 -62.33
CA ASP F 38 -72.27 -60.11 -62.33
C ASP F 38 -72.88 -58.83 -61.73
N PHE F 39 -72.08 -57.99 -61.06
CA PHE F 39 -72.53 -56.73 -60.40
C PHE F 39 -71.74 -55.51 -60.90
N ASN F 40 -70.62 -55.70 -61.60
CA ASN F 40 -69.76 -54.64 -62.19
C ASN F 40 -69.46 -53.61 -61.12
N THR F 41 -69.01 -54.10 -59.98
CA THR F 41 -68.73 -53.29 -58.78
C THR F 41 -67.60 -52.33 -59.11
N GLU F 42 -67.76 -51.08 -58.72
CA GLU F 42 -66.83 -49.98 -59.02
C GLU F 42 -65.99 -49.67 -57.80
N ARG F 43 -66.54 -49.88 -56.59
CA ARG F 43 -65.80 -49.69 -55.32
C ARG F 43 -65.79 -51.03 -54.60
N VAL F 44 -64.62 -51.62 -54.42
CA VAL F 44 -64.46 -52.80 -53.54
C VAL F 44 -63.78 -52.25 -52.30
N VAL F 45 -64.53 -52.22 -51.19
CA VAL F 45 -64.03 -51.75 -49.88
C VAL F 45 -63.76 -52.99 -49.04
N GLU F 46 -62.49 -53.20 -48.72
CA GLU F 46 -62.07 -54.33 -47.87
C GLU F 46 -62.04 -53.82 -46.43
N ILE F 47 -62.88 -54.41 -45.60
CA ILE F 47 -62.94 -54.11 -44.14
C ILE F 47 -62.05 -55.15 -43.46
N GLY F 48 -60.90 -54.72 -43.01
CA GLY F 48 -59.97 -55.61 -42.31
C GLY F 48 -58.77 -54.84 -41.83
N PRO F 49 -57.89 -55.47 -41.03
CA PRO F 49 -56.71 -54.78 -40.53
C PRO F 49 -55.57 -54.72 -41.56
N SER F 50 -55.60 -55.55 -42.61
CA SER F 50 -54.56 -55.63 -43.68
C SER F 50 -55.21 -55.80 -45.06
N PRO F 51 -54.52 -55.39 -46.15
CA PRO F 51 -55.05 -55.54 -47.52
C PRO F 51 -54.81 -56.90 -48.19
N THR F 52 -55.43 -57.96 -47.71
CA THR F 52 -55.28 -59.35 -48.23
C THR F 52 -56.28 -59.53 -49.37
N LEU F 53 -57.57 -59.29 -49.12
CA LEU F 53 -58.65 -59.45 -50.14
C LEU F 53 -58.56 -58.33 -51.20
N ALA F 54 -58.03 -57.16 -50.85
CA ALA F 54 -57.82 -56.03 -51.79
C ALA F 54 -56.77 -56.48 -52.82
N GLY F 55 -55.61 -56.92 -52.32
CA GLY F 55 -54.55 -57.61 -53.08
C GLY F 55 -55.14 -58.69 -53.97
N MET F 56 -56.07 -59.50 -53.47
CA MET F 56 -56.65 -60.62 -54.25
C MET F 56 -57.53 -60.08 -55.40
N ALA F 57 -58.36 -59.07 -55.13
CA ALA F 57 -59.26 -58.43 -56.13
C ALA F 57 -58.41 -57.75 -57.23
N GLN F 58 -57.37 -57.02 -56.83
CA GLN F 58 -56.41 -56.31 -57.72
C GLN F 58 -55.71 -57.29 -58.67
N ARG F 59 -55.42 -58.51 -58.21
CA ARG F 59 -54.80 -59.59 -59.02
C ARG F 59 -55.85 -60.30 -59.85
N THR F 60 -57.06 -60.55 -59.34
CA THR F 60 -58.16 -61.16 -60.12
C THR F 60 -58.49 -60.28 -61.33
N LEU F 61 -58.52 -58.95 -61.12
CA LEU F 61 -58.89 -57.96 -62.15
C LEU F 61 -57.84 -57.98 -63.26
N LYS F 62 -56.56 -57.87 -62.89
CA LYS F 62 -55.39 -57.88 -63.81
C LYS F 62 -55.34 -59.19 -64.60
N ASN F 63 -55.83 -60.31 -64.04
CA ASN F 63 -55.68 -61.67 -64.63
C ASN F 63 -56.84 -62.01 -65.57
N LYS F 64 -58.04 -61.48 -65.35
CA LYS F 64 -59.21 -61.97 -66.13
C LYS F 64 -60.23 -60.88 -66.48
N TYR F 65 -59.98 -59.60 -66.17
CA TYR F 65 -60.97 -58.51 -66.39
C TYR F 65 -60.33 -57.27 -67.03
N GLU F 66 -59.07 -57.35 -67.48
CA GLU F 66 -58.33 -56.18 -67.99
C GLU F 66 -59.00 -55.70 -69.29
N SER F 67 -59.42 -56.63 -70.16
CA SER F 67 -60.07 -56.33 -71.46
C SER F 67 -61.55 -55.97 -71.21
N TYR F 68 -62.23 -56.71 -70.34
CA TYR F 68 -63.61 -56.44 -69.87
C TYR F 68 -63.71 -55.02 -69.30
N ASP F 69 -62.80 -54.63 -68.42
CA ASP F 69 -62.83 -53.30 -67.76
C ASP F 69 -62.55 -52.19 -68.78
N ALA F 70 -61.66 -52.44 -69.75
CA ALA F 70 -61.33 -51.50 -70.85
C ALA F 70 -62.58 -51.32 -71.71
N ALA F 71 -63.11 -52.42 -72.24
CA ALA F 71 -64.25 -52.44 -73.18
C ALA F 71 -65.46 -51.70 -72.60
N LEU F 72 -65.84 -51.99 -71.35
CA LEU F 72 -67.02 -51.34 -70.69
C LEU F 72 -66.60 -50.04 -70.00
N SER F 73 -65.33 -49.63 -70.06
CA SER F 73 -64.78 -48.34 -69.57
C SER F 73 -65.12 -48.12 -68.08
N LEU F 74 -65.30 -49.19 -67.30
CA LEU F 74 -65.67 -49.09 -65.86
C LEU F 74 -64.39 -49.05 -65.02
N HIS F 75 -64.24 -47.99 -64.21
CA HIS F 75 -63.08 -47.74 -63.32
C HIS F 75 -63.36 -48.38 -61.96
N ARG F 76 -62.55 -49.36 -61.59
CA ARG F 76 -62.59 -50.07 -60.28
C ARG F 76 -61.73 -49.30 -59.30
N GLU F 77 -62.25 -48.99 -58.12
CA GLU F 77 -61.44 -48.61 -56.94
C GLU F 77 -61.41 -49.84 -56.02
N ILE F 78 -60.23 -50.37 -55.74
CA ILE F 78 -60.02 -51.42 -54.71
C ILE F 78 -59.44 -50.72 -53.50
N LEU F 79 -60.28 -50.53 -52.49
CA LEU F 79 -59.94 -49.76 -51.27
C LEU F 79 -59.89 -50.74 -50.11
N CYS F 80 -58.82 -50.67 -49.33
CA CYS F 80 -58.71 -51.37 -48.03
C CYS F 80 -58.91 -50.32 -46.94
N TYR F 81 -59.82 -50.58 -45.99
CA TYR F 81 -60.06 -49.71 -44.82
C TYR F 81 -58.75 -49.26 -44.16
N SER F 82 -57.74 -50.13 -44.10
CA SER F 82 -56.48 -49.92 -43.32
C SER F 82 -55.56 -48.90 -44.00
N LYS F 83 -55.53 -48.84 -45.33
CA LYS F 83 -54.64 -47.93 -46.12
C LYS F 83 -55.42 -46.74 -46.72
N ASP F 84 -56.65 -46.95 -47.18
CA ASP F 84 -57.37 -46.04 -48.11
C ASP F 84 -58.51 -45.31 -47.38
N ALA F 85 -58.30 -44.93 -46.12
CA ALA F 85 -59.31 -44.23 -45.29
C ALA F 85 -59.75 -42.95 -46.00
N LYS F 86 -58.81 -42.17 -46.53
CA LYS F 86 -59.08 -40.86 -47.20
C LYS F 86 -60.05 -41.06 -48.38
N GLU F 87 -59.90 -42.12 -49.15
CA GLU F 87 -60.77 -42.41 -50.32
C GLU F 87 -62.13 -42.91 -49.84
N ILE F 88 -62.19 -43.63 -48.72
CA ILE F 88 -63.45 -44.26 -48.23
C ILE F 88 -64.28 -43.21 -47.50
N TYR F 89 -63.62 -42.35 -46.73
CA TYR F 89 -64.28 -41.30 -45.92
C TYR F 89 -64.48 -40.00 -46.71
N TYR F 90 -63.98 -39.90 -47.95
CA TYR F 90 -64.00 -38.66 -48.78
C TYR F 90 -63.36 -37.53 -47.96
N THR F 91 -62.12 -37.72 -47.54
CA THR F 91 -61.27 -36.71 -46.87
C THR F 91 -59.97 -36.56 -47.66
N PRO F 92 -60.00 -36.01 -48.89
CA PRO F 92 -58.78 -35.88 -49.70
C PRO F 92 -57.85 -34.80 -49.11
N ASP F 93 -56.57 -34.86 -49.46
CA ASP F 93 -55.53 -33.86 -49.07
C ASP F 93 -55.90 -32.51 -49.68
N PRO F 94 -55.85 -31.39 -48.92
CA PRO F 94 -56.01 -30.05 -49.50
C PRO F 94 -54.96 -29.71 -50.57
N LEU F 328 -9.34 -0.78 -22.32
CA LEU F 328 -10.81 -0.63 -22.14
C LEU F 328 -11.18 -1.04 -20.71
N GLU F 329 -11.39 -2.35 -20.47
CA GLU F 329 -11.69 -2.94 -19.13
C GLU F 329 -10.54 -3.83 -18.67
N GLU F 330 -9.52 -4.05 -19.51
CA GLU F 330 -8.34 -4.92 -19.20
C GLU F 330 -7.47 -4.21 -18.16
N ILE F 331 -7.32 -2.88 -18.28
CA ILE F 331 -6.53 -2.01 -17.36
C ILE F 331 -7.17 -2.05 -15.96
N THR F 332 -8.50 -1.92 -15.85
CA THR F 332 -9.23 -1.94 -14.55
C THR F 332 -9.19 -3.36 -13.96
N LYS F 333 -9.25 -4.39 -14.83
CA LYS F 333 -9.11 -5.81 -14.45
C LYS F 333 -7.74 -6.01 -13.79
N ASP F 334 -6.67 -5.50 -14.41
CA ASP F 334 -5.26 -5.68 -13.96
C ASP F 334 -5.05 -4.94 -12.63
N HIS F 335 -5.73 -3.80 -12.45
CA HIS F 335 -5.68 -3.01 -11.19
C HIS F 335 -6.43 -3.77 -10.09
N LYS F 336 -7.56 -4.40 -10.40
CA LYS F 336 -8.34 -5.18 -9.41
C LYS F 336 -7.55 -6.43 -9.02
N VAL F 337 -6.78 -6.99 -9.94
CA VAL F 337 -5.91 -8.15 -9.62
C VAL F 337 -4.87 -7.70 -8.58
N LEU F 338 -4.24 -6.56 -8.81
CA LEU F 338 -3.23 -6.00 -7.87
C LEU F 338 -3.89 -5.75 -6.50
N ALA F 339 -5.01 -5.06 -6.52
CA ALA F 339 -5.74 -4.74 -5.27
C ALA F 339 -6.10 -6.03 -4.53
N ARG F 340 -6.58 -7.04 -5.25
CA ARG F 340 -6.96 -8.32 -4.60
C ARG F 340 -5.73 -8.96 -4.00
N GLN F 341 -4.61 -8.85 -4.69
CA GLN F 341 -3.35 -9.44 -4.20
C GLN F 341 -2.88 -8.68 -2.97
N GLN F 342 -3.00 -7.37 -2.97
CA GLN F 342 -2.63 -6.55 -1.77
C GLN F 342 -3.54 -6.89 -0.60
N LEU F 343 -4.84 -6.97 -0.85
CA LEU F 343 -5.78 -7.43 0.22
C LEU F 343 -5.37 -8.80 0.74
N GLN F 344 -5.03 -9.74 -0.13
CA GLN F 344 -4.59 -11.08 0.36
C GLN F 344 -3.36 -10.98 1.23
N VAL F 345 -2.36 -10.19 0.79
CA VAL F 345 -1.13 -10.08 1.61
C VAL F 345 -1.48 -9.52 2.96
N LEU F 346 -2.36 -8.52 3.02
CA LEU F 346 -2.70 -7.92 4.33
C LEU F 346 -3.47 -8.94 5.16
N ALA F 347 -4.40 -9.67 4.53
CA ALA F 347 -5.21 -10.72 5.23
C ALA F 347 -4.29 -11.70 5.92
N ARG F 348 -3.24 -12.12 5.22
CA ARG F 348 -2.21 -13.05 5.75
C ARG F 348 -1.39 -12.44 6.87
N TYR F 349 -0.92 -11.18 6.73
CA TYR F 349 -0.24 -10.45 7.83
C TYR F 349 -1.15 -10.42 9.06
N LEU F 350 -2.43 -10.09 8.87
CA LEU F 350 -3.39 -9.96 9.98
C LEU F 350 -3.88 -11.32 10.52
N LYS F 351 -3.54 -12.45 9.87
CA LYS F 351 -4.00 -13.82 10.26
C LYS F 351 -5.53 -13.84 10.22
N MET F 352 -6.07 -13.20 9.19
CA MET F 352 -7.50 -13.16 8.88
C MET F 352 -7.78 -14.25 7.87
N ASP F 353 -8.62 -15.17 8.29
CA ASP F 353 -9.19 -16.20 7.41
C ASP F 353 -10.42 -15.60 6.72
N LEU F 354 -10.27 -15.15 5.49
CA LEU F 354 -11.35 -14.46 4.76
C LEU F 354 -12.50 -15.43 4.45
N ASP F 355 -12.20 -16.71 4.28
CA ASP F 355 -13.20 -17.72 3.87
C ASP F 355 -13.85 -18.42 5.07
N ASN F 356 -13.49 -18.04 6.30
CA ASN F 356 -13.96 -18.68 7.55
C ASN F 356 -15.50 -18.70 7.58
N GLY F 357 -16.13 -17.61 7.16
CA GLY F 357 -17.59 -17.46 7.22
C GLY F 357 -18.28 -18.28 6.14
N GLU F 358 -17.76 -18.30 4.92
CA GLU F 358 -18.34 -19.10 3.83
C GLU F 358 -18.16 -20.60 4.17
N ARG F 359 -17.10 -20.95 4.87
CA ARG F 359 -16.81 -22.34 5.31
C ARG F 359 -17.81 -22.77 6.40
N LYS F 360 -18.05 -21.93 7.40
CA LYS F 360 -19.05 -22.18 8.46
C LYS F 360 -20.44 -22.28 7.83
N PHE F 361 -20.74 -21.41 6.88
CA PHE F 361 -22.03 -21.40 6.19
C PHE F 361 -22.31 -22.75 5.53
N LEU F 362 -21.31 -23.38 4.93
CA LEU F 362 -21.52 -24.57 4.09
C LEU F 362 -21.68 -25.81 4.98
N LYS F 363 -20.99 -25.84 6.13
CA LYS F 363 -21.22 -26.81 7.23
C LYS F 363 -22.68 -26.72 7.74
N GLU F 364 -23.22 -25.52 8.00
CA GLU F 364 -24.59 -25.35 8.52
C GLU F 364 -25.61 -25.69 7.45
N LYS F 365 -25.36 -25.35 6.21
CA LYS F 365 -26.25 -25.71 5.07
C LYS F 365 -26.38 -27.24 4.96
N ASP F 366 -25.34 -27.98 5.33
CA ASP F 366 -25.34 -29.47 5.34
C ASP F 366 -26.14 -29.97 6.56
N THR F 367 -26.00 -29.31 7.69
CA THR F 367 -26.78 -29.60 8.91
C THR F 367 -28.26 -29.35 8.64
N VAL F 368 -28.61 -28.32 7.89
CA VAL F 368 -30.01 -27.98 7.57
C VAL F 368 -30.62 -29.09 6.72
N ALA F 369 -29.88 -29.56 5.72
CA ALA F 369 -30.35 -30.56 4.75
C ALA F 369 -30.52 -31.91 5.48
N GLU F 370 -29.65 -32.21 6.44
CA GLU F 370 -29.75 -33.43 7.27
C GLU F 370 -31.01 -33.37 8.15
N LEU F 371 -31.28 -32.23 8.78
CA LEU F 371 -32.47 -32.05 9.65
C LEU F 371 -33.72 -32.04 8.78
N GLN F 372 -33.65 -31.43 7.62
CA GLN F 372 -34.83 -31.33 6.73
C GLN F 372 -35.17 -32.73 6.19
N ALA F 373 -34.20 -33.60 6.05
CA ALA F 373 -34.41 -34.97 5.55
C ALA F 373 -35.13 -35.75 6.66
N GLN F 374 -34.74 -35.56 7.92
CA GLN F 374 -35.36 -36.23 9.08
C GLN F 374 -36.82 -35.78 9.15
N LEU F 375 -37.10 -34.50 8.98
CA LEU F 375 -38.45 -33.97 9.06
C LEU F 375 -39.26 -34.49 7.89
N ASP F 376 -38.68 -34.49 6.71
CA ASP F 376 -39.35 -34.97 5.50
C ASP F 376 -39.75 -36.44 5.68
N TYR F 377 -38.88 -37.20 6.27
CA TYR F 377 -39.07 -38.64 6.52
C TYR F 377 -40.26 -38.82 7.47
N LEU F 378 -40.29 -38.08 8.57
CA LEU F 378 -41.43 -38.16 9.51
C LEU F 378 -42.72 -37.72 8.87
N ASN F 379 -42.72 -36.70 8.03
CA ASN F 379 -43.91 -36.30 7.25
C ASN F 379 -44.34 -37.43 6.32
N ALA F 380 -43.43 -38.07 5.62
CA ALA F 380 -43.78 -39.19 4.73
C ALA F 380 -44.35 -40.36 5.58
N GLU F 381 -43.88 -40.58 6.80
CA GLU F 381 -44.39 -41.68 7.64
C GLU F 381 -45.72 -41.33 8.29
N LEU F 382 -45.92 -40.12 8.79
CA LEU F 382 -47.14 -39.77 9.58
C LEU F 382 -48.12 -39.03 8.74
N GLY F 383 -47.63 -38.31 7.75
CA GLY F 383 -48.50 -37.48 6.95
C GLY F 383 -48.66 -36.15 7.60
N GLU F 384 -49.06 -35.18 6.79
CA GLU F 384 -49.16 -33.76 7.15
C GLU F 384 -50.28 -33.62 8.18
N PHE F 385 -51.40 -34.26 7.95
CA PHE F 385 -52.57 -34.09 8.82
C PHE F 385 -52.17 -34.38 10.27
N PHE F 386 -51.46 -35.46 10.46
CA PHE F 386 -51.03 -35.94 11.78
C PHE F 386 -49.96 -35.01 12.32
N VAL F 387 -48.93 -34.74 11.54
CA VAL F 387 -47.80 -33.92 12.02
C VAL F 387 -48.34 -32.54 12.41
N ASN F 388 -49.20 -31.95 11.61
CA ASN F 388 -49.77 -30.62 11.96
C ASN F 388 -50.75 -30.78 13.13
N GLY F 389 -51.43 -31.91 13.15
CA GLY F 389 -52.49 -32.22 14.09
C GLY F 389 -52.00 -32.32 15.50
N VAL F 390 -50.77 -32.73 15.74
CA VAL F 390 -50.29 -32.97 17.12
C VAL F 390 -49.73 -31.68 17.72
N ALA F 391 -49.93 -30.54 17.10
CA ALA F 391 -49.49 -29.23 17.66
C ALA F 391 -50.17 -28.94 18.99
N THR F 392 -49.43 -28.47 19.99
CA THR F 392 -50.00 -28.09 21.31
C THR F 392 -50.95 -26.90 21.18
N SER F 393 -51.96 -26.93 22.03
CA SER F 393 -52.96 -25.85 22.18
C SER F 393 -52.96 -25.39 23.64
N PHE F 394 -52.72 -26.30 24.56
CA PHE F 394 -52.90 -26.05 25.99
C PHE F 394 -51.82 -25.11 26.50
N SER F 395 -52.26 -24.19 27.34
CA SER F 395 -51.40 -23.35 28.19
C SER F 395 -52.20 -22.96 29.41
N ARG F 396 -51.59 -23.05 30.56
CA ARG F 396 -52.24 -22.66 31.80
C ARG F 396 -52.77 -21.22 31.73
N LYS F 397 -52.06 -20.30 31.11
CA LYS F 397 -52.48 -18.88 31.18
C LYS F 397 -53.75 -18.64 30.39
N LYS F 398 -54.07 -19.54 29.46
CA LYS F 398 -55.30 -19.40 28.69
C LYS F 398 -56.53 -19.91 29.43
N ALA F 399 -56.38 -20.48 30.58
CA ALA F 399 -57.54 -21.04 31.31
C ALA F 399 -58.45 -19.91 31.73
N ARG F 400 -59.71 -20.03 31.41
CA ARG F 400 -60.74 -19.03 31.73
C ARG F 400 -61.61 -19.60 32.79
N THR F 401 -61.78 -18.89 33.87
CA THR F 401 -62.52 -19.36 35.04
C THR F 401 -63.85 -18.65 35.11
N PHE F 402 -64.95 -19.36 35.21
CA PHE F 402 -66.31 -18.80 35.39
C PHE F 402 -66.87 -19.28 36.70
N ASP F 403 -67.11 -18.36 37.64
CA ASP F 403 -67.61 -18.67 38.99
C ASP F 403 -68.56 -17.64 39.58
N SER F 404 -68.96 -16.60 38.87
CA SER F 404 -69.70 -15.46 39.44
C SER F 404 -71.19 -15.68 39.32
N SER F 405 -71.65 -16.87 39.72
CA SER F 405 -73.03 -17.29 39.69
C SER F 405 -73.87 -16.38 40.59
N TRP F 406 -73.27 -15.84 41.64
CA TRP F 406 -73.88 -14.84 42.55
C TRP F 406 -74.35 -13.65 41.75
N ASN F 407 -73.65 -13.27 40.68
CA ASN F 407 -74.06 -12.09 39.91
C ASN F 407 -75.03 -12.53 38.86
N TRP F 408 -74.74 -13.64 38.20
CA TRP F 408 -75.59 -14.11 37.08
C TRP F 408 -76.99 -14.42 37.54
N ALA F 409 -77.18 -14.88 38.76
CA ALA F 409 -78.56 -15.17 39.25
C ALA F 409 -79.45 -13.94 39.17
N LYS F 410 -78.93 -12.79 39.58
CA LYS F 410 -79.70 -11.55 39.57
C LYS F 410 -79.92 -11.06 38.17
N GLN F 411 -78.94 -11.20 37.33
CA GLN F 411 -79.13 -10.87 35.92
C GLN F 411 -80.25 -11.75 35.34
N SER F 412 -80.20 -13.05 35.60
CA SER F 412 -81.20 -13.99 35.06
C SER F 412 -82.59 -13.63 35.54
N LEU F 413 -82.72 -13.29 36.81
CA LEU F 413 -84.01 -12.85 37.35
C LEU F 413 -84.51 -11.64 36.63
N LEU F 414 -83.66 -10.62 36.50
CA LEU F 414 -84.12 -9.36 35.88
C LEU F 414 -84.48 -9.58 34.43
N SER F 415 -83.77 -10.42 33.71
CA SER F 415 -84.06 -10.76 32.30
C SER F 415 -85.44 -11.44 32.19
N LEU F 416 -85.70 -12.37 33.09
CA LEU F 416 -86.98 -13.10 33.11
C LEU F 416 -88.08 -12.08 33.41
N TYR F 417 -87.87 -11.29 34.43
CA TYR F 417 -88.80 -10.22 34.87
C TYR F 417 -89.18 -9.36 33.66
N PHE F 418 -88.21 -8.86 32.90
CA PHE F 418 -88.53 -7.94 31.81
C PHE F 418 -89.10 -8.70 30.64
N GLU F 419 -88.63 -9.93 30.40
CA GLU F 419 -89.20 -10.76 29.31
C GLU F 419 -90.69 -11.02 29.53
N ILE F 420 -91.10 -11.23 30.75
CA ILE F 420 -92.55 -11.40 31.07
C ILE F 420 -93.27 -10.07 30.90
N ILE F 421 -92.75 -9.02 31.49
CA ILE F 421 -93.38 -7.67 31.38
C ILE F 421 -93.56 -7.31 29.91
N HIS F 422 -92.60 -7.59 29.05
CA HIS F 422 -92.67 -7.23 27.61
C HIS F 422 -93.44 -8.28 26.79
N GLY F 423 -93.85 -9.39 27.39
CA GLY F 423 -94.64 -10.42 26.70
C GLY F 423 -93.82 -11.31 25.80
N VAL F 424 -92.50 -11.35 25.97
CA VAL F 424 -91.58 -12.22 25.18
C VAL F 424 -91.70 -13.67 25.69
N LEU F 425 -91.92 -13.83 26.99
CA LEU F 425 -92.24 -15.11 27.68
C LEU F 425 -93.64 -14.99 28.26
N LYS F 426 -94.47 -15.99 27.97
CA LYS F 426 -95.89 -16.08 28.41
C LYS F 426 -95.99 -17.18 29.47
N ASN F 427 -97.14 -17.27 30.15
CA ASN F 427 -97.41 -18.29 31.18
C ASN F 427 -97.53 -19.71 30.58
N VAL F 428 -97.44 -19.90 29.26
CA VAL F 428 -97.47 -21.25 28.61
C VAL F 428 -96.06 -21.70 28.22
N ASP F 429 -95.04 -20.84 28.39
CA ASP F 429 -93.66 -21.13 27.89
C ASP F 429 -92.95 -21.94 28.95
N ARG F 430 -92.28 -22.99 28.52
CA ARG F 430 -91.43 -23.85 29.37
C ARG F 430 -90.15 -23.12 29.79
N GLU F 431 -89.72 -22.16 28.97
CA GLU F 431 -88.55 -21.31 29.28
C GLU F 431 -88.75 -20.67 30.66
N VAL F 432 -89.97 -20.30 31.01
CA VAL F 432 -90.28 -19.74 32.34
C VAL F 432 -89.87 -20.76 33.40
N VAL F 433 -90.21 -22.01 33.20
CA VAL F 433 -89.95 -23.03 34.23
C VAL F 433 -88.45 -23.30 34.25
N SER F 434 -87.81 -23.38 33.08
CA SER F 434 -86.37 -23.66 33.00
C SER F 434 -85.59 -22.53 33.69
N GLU F 435 -86.03 -21.29 33.50
CA GLU F 435 -85.35 -20.14 34.13
C GLU F 435 -85.59 -20.17 35.63
N ALA F 436 -86.81 -20.48 36.07
CA ALA F 436 -87.09 -20.71 37.51
C ALA F 436 -86.11 -21.70 38.09
N ILE F 437 -85.86 -22.81 37.41
CA ILE F 437 -84.95 -23.84 37.97
C ILE F 437 -83.53 -23.26 38.11
N ASN F 438 -83.08 -22.55 37.12
CA ASN F 438 -81.71 -21.99 37.15
C ASN F 438 -81.62 -20.89 38.20
N ILE F 439 -82.68 -20.17 38.42
CA ILE F 439 -82.68 -19.16 39.49
C ILE F 439 -82.68 -19.83 40.85
N MET F 440 -83.50 -20.86 41.05
CA MET F 440 -83.52 -21.62 42.33
C MET F 440 -82.21 -22.26 42.64
N ASN F 441 -81.51 -22.70 41.61
CA ASN F 441 -80.20 -23.33 41.78
C ASN F 441 -79.16 -22.36 42.28
N ARG F 442 -79.42 -21.07 42.21
CA ARG F 442 -78.49 -20.02 42.64
C ARG F 442 -79.07 -19.30 43.85
N SER F 443 -80.11 -19.81 44.46
CA SER F 443 -80.80 -19.18 45.62
C SER F 443 -79.77 -18.91 46.73
N ASN F 444 -79.75 -17.66 47.15
CA ASN F 444 -79.00 -17.17 48.31
C ASN F 444 -79.76 -15.93 48.81
N ASP F 445 -79.36 -15.44 49.96
CA ASP F 445 -80.09 -14.38 50.69
C ASP F 445 -80.15 -13.10 49.87
N ALA F 446 -79.07 -12.74 49.19
CA ALA F 446 -79.00 -11.53 48.36
C ALA F 446 -80.00 -11.69 47.21
N LEU F 447 -80.06 -12.87 46.60
CA LEU F 447 -80.95 -13.09 45.43
C LEU F 447 -82.38 -12.91 45.89
N ILE F 448 -82.70 -13.44 47.06
CA ILE F 448 -84.08 -13.36 47.60
C ILE F 448 -84.46 -11.91 47.89
N LYS F 449 -83.60 -11.13 48.51
CA LYS F 449 -83.86 -9.68 48.71
C LYS F 449 -84.05 -8.98 47.38
N PHE F 450 -83.23 -9.31 46.41
CA PHE F 450 -83.34 -8.74 45.06
C PHE F 450 -84.71 -9.02 44.48
N MET F 451 -85.13 -10.27 44.54
CA MET F 451 -86.43 -10.68 43.96
C MET F 451 -87.54 -10.02 44.72
N GLU F 452 -87.44 -9.99 46.05
CA GLU F 452 -88.48 -9.37 46.89
C GLU F 452 -88.61 -7.92 46.49
N TYR F 453 -87.51 -7.18 46.37
CA TYR F 453 -87.64 -5.76 45.99
C TYR F 453 -88.34 -5.64 44.65
N HIS F 454 -87.86 -6.34 43.62
CA HIS F 454 -88.36 -6.18 42.23
C HIS F 454 -89.83 -6.59 42.15
N ILE F 455 -90.18 -7.71 42.75
CA ILE F 455 -91.57 -8.25 42.68
C ILE F 455 -92.49 -7.38 43.55
N SER F 456 -92.14 -7.08 44.80
CA SER F 456 -93.00 -6.26 45.69
C SER F 456 -93.24 -4.86 45.11
N ASN F 457 -92.30 -4.29 44.36
CA ASN F 457 -92.46 -2.90 43.81
C ASN F 457 -93.04 -2.97 42.40
N THR F 458 -93.52 -4.14 41.97
CA THR F 458 -94.18 -4.32 40.66
C THR F 458 -95.62 -3.82 40.82
N ASP F 459 -96.07 -2.94 39.95
CA ASP F 459 -97.45 -2.39 40.00
C ASP F 459 -98.30 -3.27 39.10
N GLU F 460 -99.01 -4.25 39.68
CA GLU F 460 -99.87 -5.24 38.96
C GLU F 460 -100.98 -4.53 38.16
N THR F 461 -101.36 -3.28 38.49
CA THR F 461 -102.45 -2.54 37.78
C THR F 461 -101.98 -1.97 36.43
N LYS F 462 -100.67 -1.97 36.14
CA LYS F 462 -100.09 -1.42 34.89
C LYS F 462 -100.44 -2.29 33.67
N GLY F 463 -100.95 -3.50 33.89
CA GLY F 463 -101.25 -4.43 32.78
C GLY F 463 -101.28 -5.86 33.23
N GLU F 464 -101.70 -6.76 32.34
CA GLU F 464 -101.79 -8.22 32.58
C GLU F 464 -100.37 -8.77 32.78
N ASN F 465 -99.41 -8.35 31.95
CA ASN F 465 -98.03 -8.89 32.03
C ASN F 465 -97.46 -8.55 33.41
N TYR F 466 -97.86 -7.42 33.98
CA TYR F 466 -97.36 -7.00 35.30
C TYR F 466 -97.94 -7.91 36.37
N GLN F 467 -99.21 -8.29 36.21
CA GLN F 467 -99.88 -9.19 37.16
C GLN F 467 -99.20 -10.54 37.03
N LEU F 468 -98.99 -11.00 35.81
CA LEU F 468 -98.27 -12.26 35.58
C LEU F 468 -96.91 -12.24 36.28
N VAL F 469 -96.12 -11.17 36.13
CA VAL F 469 -94.73 -11.22 36.67
C VAL F 469 -94.82 -11.21 38.17
N LYS F 470 -95.78 -10.47 38.71
CA LYS F 470 -95.98 -10.37 40.16
C LYS F 470 -96.32 -11.73 40.78
N THR F 471 -97.25 -12.47 40.16
CA THR F 471 -97.67 -13.81 40.62
C THR F 471 -96.52 -14.81 40.47
N LEU F 472 -95.90 -14.86 39.29
CA LEU F 472 -94.74 -15.77 39.06
C LEU F 472 -93.66 -15.41 40.06
N GLY F 473 -93.32 -14.13 40.16
CA GLY F 473 -92.24 -13.69 41.05
C GLY F 473 -92.50 -14.06 42.48
N GLU F 474 -93.74 -13.92 42.96
CA GLU F 474 -94.07 -14.32 44.36
C GLU F 474 -93.87 -15.82 44.56
N GLN F 475 -94.24 -16.62 43.57
CA GLN F 475 -94.01 -18.09 43.65
C GLN F 475 -92.51 -18.38 43.63
N LEU F 476 -91.76 -17.70 42.78
CA LEU F 476 -90.30 -17.97 42.63
C LEU F 476 -89.61 -17.55 43.93
N ILE F 477 -90.10 -16.51 44.59
CA ILE F 477 -89.54 -16.13 45.89
C ILE F 477 -89.75 -17.29 46.88
N GLU F 478 -90.97 -17.80 46.97
CA GLU F 478 -91.30 -18.94 47.88
C GLU F 478 -90.40 -20.11 47.53
N ASN F 479 -90.22 -20.41 46.25
CA ASN F 479 -89.32 -21.54 45.88
C ASN F 479 -87.92 -21.31 46.37
N CYS F 480 -87.41 -20.09 46.19
CA CYS F 480 -86.00 -19.79 46.47
C CYS F 480 -85.76 -19.84 47.97
N LYS F 481 -86.72 -19.41 48.78
CA LYS F 481 -86.63 -19.57 50.27
C LYS F 481 -86.55 -21.05 50.66
N GLN F 482 -87.36 -21.90 50.06
CA GLN F 482 -87.34 -23.36 50.37
C GLN F 482 -86.01 -24.04 49.96
N VAL F 483 -85.37 -23.61 48.88
CA VAL F 483 -84.14 -24.30 48.38
C VAL F 483 -82.88 -23.55 48.77
N LEU F 484 -83.00 -22.58 49.65
CA LEU F 484 -81.85 -21.76 50.12
C LEU F 484 -80.71 -22.67 50.55
N ASP F 485 -80.99 -23.76 51.26
CA ASP F 485 -79.94 -24.64 51.86
C ASP F 485 -79.94 -26.01 51.19
N VAL F 486 -80.54 -26.11 50.02
CA VAL F 486 -80.69 -27.38 49.25
C VAL F 486 -79.68 -27.35 48.09
N ASP F 487 -79.12 -28.49 47.81
CA ASP F 487 -78.16 -28.68 46.70
C ASP F 487 -78.84 -28.39 45.38
N PRO F 488 -78.15 -27.76 44.43
CA PRO F 488 -78.78 -27.45 43.15
C PRO F 488 -78.94 -28.74 42.35
N VAL F 489 -79.89 -28.72 41.44
CA VAL F 489 -80.27 -29.90 40.65
C VAL F 489 -80.24 -29.59 39.16
N TYR F 490 -79.68 -30.54 38.45
CA TYR F 490 -79.94 -30.78 37.04
C TYR F 490 -81.34 -31.30 36.92
N LYS F 491 -82.14 -30.61 36.16
CA LYS F 491 -83.59 -30.89 36.00
C LYS F 491 -83.96 -30.32 34.65
N ASP F 492 -84.13 -31.15 33.64
CA ASP F 492 -84.45 -30.67 32.26
C ASP F 492 -85.97 -30.74 32.10
N VAL F 493 -86.59 -29.64 31.69
CA VAL F 493 -88.04 -29.55 31.48
C VAL F 493 -88.33 -29.20 30.03
N ALA F 494 -87.36 -29.27 29.14
CA ALA F 494 -87.56 -29.01 27.70
C ALA F 494 -88.46 -30.11 27.11
N LYS F 495 -89.30 -29.74 26.14
CA LYS F 495 -90.20 -30.67 25.40
C LYS F 495 -89.32 -31.67 24.66
N PRO F 496 -89.46 -32.99 24.89
CA PRO F 496 -88.77 -33.97 24.05
C PRO F 496 -89.15 -33.82 22.56
N THR F 497 -88.16 -33.89 21.67
CA THR F 497 -88.32 -33.69 20.21
C THR F 497 -88.01 -34.99 19.47
N GLY F 498 -88.94 -35.43 18.61
CA GLY F 498 -88.75 -36.50 17.62
C GLY F 498 -88.25 -35.98 16.27
N PRO F 499 -87.70 -36.85 15.41
CA PRO F 499 -87.30 -36.45 14.07
C PRO F 499 -88.54 -36.46 13.16
N LYS F 500 -88.61 -35.52 12.23
CA LYS F 500 -89.69 -35.39 11.21
C LYS F 500 -89.06 -34.87 9.91
N THR F 501 -88.97 -35.74 8.90
CA THR F 501 -88.49 -35.40 7.54
C THR F 501 -89.72 -35.08 6.68
N ALA F 502 -89.63 -34.00 5.89
CA ALA F 502 -90.68 -33.56 4.96
C ALA F 502 -90.05 -33.34 3.59
N ILE F 503 -90.70 -33.86 2.55
CA ILE F 503 -90.40 -33.51 1.12
C ILE F 503 -91.57 -32.65 0.63
N ASP F 504 -91.31 -31.39 0.27
CA ASP F 504 -92.33 -30.47 -0.30
C ASP F 504 -92.64 -30.91 -1.75
N LYS F 505 -93.64 -30.27 -2.37
CA LYS F 505 -94.13 -30.58 -3.76
C LYS F 505 -92.97 -30.48 -4.75
N ASN F 506 -92.07 -29.49 -4.58
CA ASN F 506 -90.93 -29.19 -5.49
C ASN F 506 -89.66 -29.95 -5.09
N GLY F 507 -89.76 -30.99 -4.24
CA GLY F 507 -88.66 -31.92 -3.89
C GLY F 507 -87.50 -31.27 -3.15
N ASN F 508 -87.79 -30.39 -2.19
CA ASN F 508 -86.84 -29.94 -1.12
C ASN F 508 -87.09 -30.80 0.12
N ILE F 509 -86.00 -31.26 0.76
CA ILE F 509 -86.01 -32.13 1.97
C ILE F 509 -85.76 -31.24 3.19
N THR F 510 -86.77 -31.07 4.06
CA THR F 510 -86.69 -30.35 5.36
C THR F 510 -86.62 -31.34 6.52
N TYR F 511 -85.46 -31.41 7.22
CA TYR F 511 -85.28 -32.11 8.52
C TYR F 511 -85.61 -31.16 9.68
N SER F 512 -86.66 -31.44 10.46
CA SER F 512 -87.11 -30.65 11.63
C SER F 512 -87.25 -31.53 12.90
N GLU F 513 -86.70 -31.07 14.02
CA GLU F 513 -86.98 -31.61 15.39
C GLU F 513 -88.39 -31.18 15.79
N GLU F 514 -89.32 -32.13 15.92
CA GLU F 514 -90.77 -31.91 16.17
C GLU F 514 -91.14 -32.48 17.53
N PRO F 515 -91.93 -31.77 18.36
CA PRO F 515 -92.45 -32.32 19.62
C PRO F 515 -93.17 -33.67 19.50
N ARG F 516 -92.69 -34.70 20.21
CA ARG F 516 -93.30 -36.05 20.30
C ARG F 516 -94.70 -35.94 20.89
N GLU F 517 -95.63 -36.76 20.42
CA GLU F 517 -97.07 -36.73 20.82
C GLU F 517 -97.21 -37.37 22.21
N LYS F 518 -96.66 -38.58 22.39
CA LYS F 518 -96.86 -39.42 23.59
C LYS F 518 -95.95 -38.95 24.75
N VAL F 519 -94.79 -38.37 24.42
CA VAL F 519 -93.67 -38.05 25.35
C VAL F 519 -93.52 -36.53 25.45
N ARG F 520 -94.12 -35.89 26.45
CA ARG F 520 -94.06 -34.41 26.60
C ARG F 520 -93.22 -33.98 27.82
N LYS F 521 -92.67 -34.91 28.61
CA LYS F 521 -91.77 -34.64 29.74
C LYS F 521 -90.70 -35.73 29.80
N LEU F 522 -89.63 -35.51 30.55
CA LEU F 522 -88.56 -36.52 30.69
C LEU F 522 -89.07 -37.74 31.48
N SER F 523 -90.01 -37.58 32.41
CA SER F 523 -90.56 -38.71 33.20
C SER F 523 -91.25 -39.73 32.27
N GLN F 524 -91.93 -39.25 31.22
CA GLN F 524 -92.62 -40.08 30.21
C GLN F 524 -91.60 -40.65 29.25
N TYR F 525 -90.53 -39.92 28.99
CA TYR F 525 -89.41 -40.46 28.18
C TYR F 525 -88.85 -41.66 28.92
N VAL F 526 -88.70 -41.57 30.23
CA VAL F 526 -88.08 -42.71 30.98
C VAL F 526 -89.00 -43.94 30.91
N GLN F 527 -90.30 -43.74 31.10
CA GLN F 527 -91.37 -44.75 30.94
C GLN F 527 -91.29 -45.40 29.56
N GLU F 528 -91.20 -44.62 28.51
CA GLU F 528 -91.05 -45.12 27.12
C GLU F 528 -89.77 -45.93 27.01
N MET F 529 -88.68 -45.50 27.64
CA MET F 529 -87.39 -46.22 27.52
C MET F 529 -87.56 -47.58 28.21
N ALA F 530 -88.20 -47.59 29.39
CA ALA F 530 -88.35 -48.80 30.23
C ALA F 530 -89.14 -49.88 29.47
N LEU F 531 -90.18 -49.50 28.73
CA LEU F 531 -91.12 -50.44 28.08
C LEU F 531 -90.51 -51.03 26.82
N GLY F 532 -89.46 -50.41 26.30
CA GLY F 532 -88.84 -50.86 25.04
C GLY F 532 -89.89 -50.84 23.94
N GLY F 533 -89.73 -51.71 22.95
CA GLY F 533 -90.69 -51.89 21.86
C GLY F 533 -90.92 -53.38 21.61
N PRO F 534 -91.84 -53.72 20.67
CA PRO F 534 -91.99 -55.10 20.21
C PRO F 534 -90.68 -55.65 19.61
N ILE F 535 -89.86 -54.79 19.01
CA ILE F 535 -88.52 -55.15 18.44
C ILE F 535 -87.56 -55.56 19.55
N THR F 536 -87.68 -55.04 20.78
CA THR F 536 -86.74 -55.34 21.91
C THR F 536 -87.30 -56.50 22.76
N LYS F 537 -88.09 -57.38 22.16
CA LYS F 537 -88.71 -58.55 22.85
C LYS F 537 -87.96 -59.80 22.41
N GLU F 538 -87.18 -60.40 23.31
CA GLU F 538 -86.51 -61.72 23.11
C GLU F 538 -87.46 -62.84 23.53
N SER F 539 -87.07 -64.10 23.28
CA SER F 539 -87.87 -65.33 23.54
C SER F 539 -87.26 -66.12 24.70
N GLU F 602 -99.94 -35.75 36.99
CA GLU F 602 -100.51 -34.47 36.46
C GLU F 602 -99.46 -33.35 36.52
N ASP F 603 -99.50 -32.43 35.55
CA ASP F 603 -98.54 -31.30 35.42
C ASP F 603 -99.20 -30.15 34.64
N ALA F 604 -98.72 -28.93 34.87
CA ALA F 604 -99.21 -27.68 34.24
C ALA F 604 -98.29 -27.22 33.09
N LEU F 605 -97.32 -28.04 32.64
CA LEU F 605 -96.41 -27.71 31.51
C LEU F 605 -97.25 -27.41 30.26
N ASP F 606 -96.89 -26.33 29.54
CA ASP F 606 -97.52 -25.85 28.28
C ASP F 606 -98.90 -25.22 28.52
N LYS F 607 -99.37 -25.11 29.78
CA LYS F 607 -100.68 -24.48 30.10
C LYS F 607 -100.54 -23.42 31.21
N ASP F 608 -99.80 -23.69 32.31
CA ASP F 608 -99.62 -22.73 33.44
C ASP F 608 -98.21 -22.91 34.02
N SER F 609 -97.25 -22.15 33.50
CA SER F 609 -95.83 -22.19 33.94
C SER F 609 -95.73 -21.82 35.42
N THR F 610 -96.55 -20.88 35.88
CA THR F 610 -96.63 -20.44 37.29
C THR F 610 -96.98 -21.62 38.20
N LYS F 611 -97.94 -22.45 37.81
CA LYS F 611 -98.29 -23.68 38.55
C LYS F 611 -97.12 -24.65 38.50
N GLU F 612 -96.50 -24.83 37.33
CA GLU F 612 -95.34 -25.77 37.21
C GLU F 612 -94.20 -25.28 38.11
N VAL F 613 -94.03 -23.96 38.23
CA VAL F 613 -92.95 -23.36 39.06
C VAL F 613 -93.25 -23.68 40.51
N ALA F 614 -94.51 -23.53 40.95
CA ALA F 614 -94.93 -23.81 42.34
C ALA F 614 -94.61 -25.27 42.73
N SER F 615 -94.59 -26.19 41.76
CA SER F 615 -94.32 -27.64 42.00
C SER F 615 -92.83 -27.95 42.15
N LEU F 616 -91.93 -27.05 41.73
CA LEU F 616 -90.49 -27.38 41.49
C LEU F 616 -89.77 -27.79 42.77
N PRO F 617 -90.02 -27.15 43.93
CA PRO F 617 -89.30 -27.56 45.14
C PRO F 617 -89.78 -28.90 45.72
N ASN F 618 -91.01 -29.32 45.40
CA ASN F 618 -91.71 -30.49 46.01
C ASN F 618 -91.08 -31.78 45.49
N LYS F 619 -90.31 -32.46 46.33
CA LYS F 619 -89.74 -33.80 46.02
C LYS F 619 -90.92 -34.79 45.92
N SER F 620 -91.34 -35.08 44.68
CA SER F 620 -92.42 -36.05 44.36
C SER F 620 -92.00 -37.46 44.84
N THR F 621 -92.83 -38.11 45.64
CA THR F 621 -92.62 -39.50 46.13
C THR F 621 -93.00 -40.46 45.01
N ILE F 622 -92.13 -41.44 44.72
CA ILE F 622 -92.35 -42.48 43.68
C ILE F 622 -92.85 -43.74 44.41
N SER F 623 -94.17 -43.94 44.42
CA SER F 623 -94.85 -45.12 45.01
C SER F 623 -94.29 -46.40 44.37
N LYS F 624 -94.56 -46.59 43.09
CA LYS F 624 -94.05 -47.74 42.29
C LYS F 624 -93.09 -47.22 41.22
N THR F 625 -91.89 -47.79 41.19
CA THR F 625 -90.79 -47.37 40.30
C THR F 625 -91.11 -47.82 38.87
N VAL F 626 -90.63 -47.04 37.90
CA VAL F 626 -90.74 -47.35 36.46
C VAL F 626 -90.16 -48.74 36.18
N SER F 627 -89.17 -49.21 36.95
CA SER F 627 -88.50 -50.53 36.73
C SER F 627 -89.49 -51.70 36.89
N SER F 628 -90.48 -51.56 37.78
CA SER F 628 -91.58 -52.53 38.02
C SER F 628 -92.45 -52.70 36.76
N THR F 629 -92.51 -51.68 35.90
CA THR F 629 -93.32 -51.68 34.65
C THR F 629 -92.55 -52.32 33.49
N ILE F 630 -91.28 -52.69 33.66
CA ILE F 630 -90.49 -53.30 32.54
C ILE F 630 -91.14 -54.66 32.28
N PRO F 631 -91.74 -54.91 31.08
CA PRO F 631 -92.36 -56.20 30.83
C PRO F 631 -91.33 -57.33 30.98
N ARG F 632 -91.77 -58.49 31.44
CA ARG F 632 -91.00 -59.76 31.34
C ARG F 632 -90.63 -59.97 29.86
N GLU F 633 -89.41 -60.41 29.58
CA GLU F 633 -88.94 -60.79 28.21
C GLU F 633 -88.95 -59.58 27.26
N THR F 634 -88.89 -58.35 27.78
CA THR F 634 -88.64 -57.11 27.01
C THR F 634 -87.36 -56.45 27.56
N ILE F 635 -86.44 -56.11 26.67
CA ILE F 635 -85.20 -55.36 27.01
C ILE F 635 -85.53 -53.88 26.86
N PRO F 636 -85.41 -53.06 27.91
CA PRO F 636 -85.57 -51.61 27.73
C PRO F 636 -84.63 -51.02 26.67
N PHE F 637 -85.02 -49.88 26.12
CA PHE F 637 -84.21 -49.10 25.16
C PHE F 637 -82.92 -48.60 25.80
N LEU F 638 -82.93 -48.38 27.10
CA LEU F 638 -81.73 -48.07 27.89
C LEU F 638 -81.62 -49.12 28.97
N HIS F 639 -80.47 -49.71 29.11
CA HIS F 639 -80.24 -50.78 30.10
C HIS F 639 -78.78 -50.91 30.44
N LEU F 640 -78.52 -51.56 31.56
CA LEU F 640 -77.17 -52.00 31.95
C LEU F 640 -76.99 -53.49 31.62
N ARG F 641 -75.75 -53.86 31.37
CA ARG F 641 -75.35 -55.23 31.06
C ARG F 641 -74.45 -55.76 32.15
N LYS F 642 -74.46 -57.07 32.30
CA LYS F 642 -73.62 -57.75 33.29
C LYS F 642 -72.78 -58.76 32.54
N LYS F 643 -71.52 -58.84 32.90
CA LYS F 643 -70.58 -59.78 32.26
C LYS F 643 -70.90 -61.17 32.81
N THR F 644 -71.17 -62.14 31.94
CA THR F 644 -71.46 -63.55 32.33
C THR F 644 -70.14 -64.25 32.68
N PRO F 645 -70.15 -65.35 33.47
CA PRO F 645 -68.94 -66.14 33.70
C PRO F 645 -68.20 -66.56 32.42
N ALA F 646 -68.91 -66.76 31.31
CA ALA F 646 -68.39 -67.02 29.95
C ALA F 646 -67.64 -65.81 29.36
N GLY F 647 -67.87 -64.60 29.88
CA GLY F 647 -67.21 -63.35 29.46
C GLY F 647 -68.00 -62.58 28.40
N ASP F 648 -69.32 -62.81 28.29
CA ASP F 648 -70.24 -62.06 27.39
C ASP F 648 -71.00 -61.03 28.25
N TRP F 649 -71.31 -59.88 27.67
CA TRP F 649 -72.10 -58.82 28.35
C TRP F 649 -73.57 -58.95 27.95
N LYS F 650 -74.44 -59.17 28.93
CA LYS F 650 -75.86 -59.42 28.68
C LYS F 650 -76.70 -58.47 29.51
N TYR F 651 -77.86 -58.15 28.96
CA TYR F 651 -78.90 -57.40 29.69
C TYR F 651 -79.01 -57.96 31.09
N ASP F 652 -79.03 -57.06 32.08
CA ASP F 652 -79.26 -57.41 33.48
C ASP F 652 -80.43 -56.59 34.02
N ARG F 653 -81.52 -57.25 34.34
CA ARG F 653 -82.78 -56.59 34.77
C ARG F 653 -82.54 -55.79 36.05
N GLN F 654 -81.81 -56.36 37.00
CA GLN F 654 -81.59 -55.69 38.31
C GLN F 654 -80.75 -54.40 38.13
N LEU F 655 -79.60 -54.49 37.44
CA LEU F 655 -78.76 -53.30 37.20
C LEU F 655 -79.58 -52.29 36.39
N SER F 656 -80.28 -52.75 35.37
CA SER F 656 -81.09 -51.89 34.48
C SER F 656 -82.17 -51.20 35.28
N SER F 657 -82.68 -51.84 36.32
CA SER F 657 -83.77 -51.29 37.17
C SER F 657 -83.20 -50.18 38.04
N LEU F 658 -81.98 -50.39 38.52
CA LEU F 658 -81.26 -49.34 39.29
C LEU F 658 -81.08 -48.11 38.38
N PHE F 659 -80.59 -48.31 37.17
CA PHE F 659 -80.30 -47.18 36.27
C PHE F 659 -81.58 -46.43 35.95
N LEU F 660 -82.61 -47.14 35.54
CA LEU F 660 -83.89 -46.54 35.10
C LEU F 660 -84.64 -45.87 36.25
N ASP F 661 -84.57 -46.40 37.45
CA ASP F 661 -85.17 -45.75 38.64
C ASP F 661 -84.42 -44.44 38.94
N GLY F 662 -83.11 -44.44 38.76
CA GLY F 662 -82.32 -43.21 38.91
C GLY F 662 -82.76 -42.20 37.89
N LEU F 663 -82.96 -42.64 36.65
CA LEU F 663 -83.36 -41.69 35.60
C LEU F 663 -84.72 -41.15 35.96
N GLU F 664 -85.61 -41.99 36.46
CA GLU F 664 -86.97 -41.54 36.83
C GLU F 664 -86.90 -40.50 37.94
N LYS F 665 -86.12 -40.77 38.98
CA LYS F 665 -85.93 -39.79 40.09
C LYS F 665 -85.33 -38.48 39.55
N ALA F 666 -84.31 -38.57 38.70
CA ALA F 666 -83.68 -37.40 38.04
C ALA F 666 -84.77 -36.61 37.35
N ALA F 667 -85.65 -37.26 36.60
CA ALA F 667 -86.68 -36.60 35.78
C ALA F 667 -87.73 -35.91 36.66
N PHE F 668 -88.00 -36.39 37.86
CA PHE F 668 -89.03 -35.78 38.75
C PHE F 668 -88.38 -34.75 39.68
N ASN F 669 -87.25 -35.12 40.28
CA ASN F 669 -86.68 -34.41 41.45
C ASN F 669 -85.39 -33.66 41.10
N GLY F 670 -84.80 -33.99 39.96
CA GLY F 670 -83.48 -33.50 39.57
C GLY F 670 -82.42 -34.21 40.32
N VAL F 671 -81.19 -34.09 39.83
CA VAL F 671 -80.04 -34.72 40.52
C VAL F 671 -78.97 -33.65 40.75
N THR F 672 -78.30 -33.73 41.88
CA THR F 672 -77.23 -32.79 42.20
C THR F 672 -75.90 -33.40 41.80
N PHE F 673 -74.96 -32.54 41.45
CA PHE F 673 -73.56 -32.93 41.19
C PHE F 673 -72.65 -32.07 42.03
N LYS F 674 -73.19 -31.57 43.13
CA LYS F 674 -72.47 -30.65 44.03
C LYS F 674 -71.18 -31.37 44.41
N ASP F 675 -70.05 -30.73 44.44
CA ASP F 675 -68.79 -31.42 44.88
C ASP F 675 -68.33 -32.55 43.92
N LYS F 676 -68.87 -32.67 42.71
CA LYS F 676 -68.23 -33.45 41.64
C LYS F 676 -67.31 -32.53 40.86
N TYR F 677 -66.07 -32.97 40.65
CA TYR F 677 -65.05 -32.34 39.81
C TYR F 677 -64.90 -33.19 38.55
N VAL F 678 -65.14 -32.58 37.42
CA VAL F 678 -65.30 -33.23 36.10
C VAL F 678 -64.38 -32.59 35.10
N LEU F 679 -63.68 -33.41 34.35
CA LEU F 679 -63.06 -33.04 33.11
C LEU F 679 -63.92 -33.55 31.98
N ILE F 680 -64.26 -32.68 31.07
CA ILE F 680 -64.99 -33.06 29.85
C ILE F 680 -64.28 -32.52 28.63
N THR F 681 -64.02 -33.42 27.70
CA THR F 681 -63.48 -33.08 26.36
C THR F 681 -64.60 -33.27 25.36
N GLY F 682 -64.54 -32.54 24.25
CA GLY F 682 -65.49 -32.71 23.14
C GLY F 682 -66.84 -32.14 23.49
N ALA F 683 -66.91 -31.00 24.14
CA ALA F 683 -68.20 -30.38 24.53
C ALA F 683 -68.46 -29.10 23.75
N GLY F 684 -68.16 -29.07 22.48
CA GLY F 684 -68.45 -27.89 21.67
C GLY F 684 -69.93 -27.75 21.40
N LYS F 685 -70.35 -26.59 20.94
CA LYS F 685 -71.74 -26.33 20.47
C LYS F 685 -72.20 -27.44 19.52
N GLY F 686 -73.42 -27.97 19.73
CA GLY F 686 -74.06 -29.06 18.97
C GLY F 686 -73.67 -30.46 19.39
N SER F 687 -72.70 -30.60 20.28
CA SER F 687 -72.25 -31.90 20.74
C SER F 687 -73.19 -32.42 21.82
N ILE F 688 -73.07 -33.70 22.06
CA ILE F 688 -73.60 -34.34 23.27
C ILE F 688 -72.95 -33.68 24.50
N GLY F 689 -71.64 -33.53 24.45
CA GLY F 689 -70.89 -33.04 25.57
C GLY F 689 -71.41 -31.71 26.05
N ALA F 690 -71.87 -30.84 25.16
CA ALA F 690 -72.40 -29.51 25.47
C ALA F 690 -73.58 -29.64 26.38
N GLU F 691 -74.44 -30.61 26.10
CA GLU F 691 -75.66 -30.83 26.90
C GLU F 691 -75.28 -31.47 28.20
N VAL F 692 -74.29 -32.33 28.19
CA VAL F 692 -73.76 -32.92 29.45
C VAL F 692 -73.20 -31.79 30.34
N LEU F 693 -72.41 -30.90 29.74
CA LEU F 693 -71.84 -29.73 30.45
C LEU F 693 -72.96 -28.95 31.10
N GLN F 694 -74.00 -28.63 30.38
CA GLN F 694 -75.09 -27.80 30.91
C GLN F 694 -75.70 -28.46 32.12
N GLY F 695 -75.95 -29.79 32.07
CA GLY F 695 -76.48 -30.46 33.24
C GLY F 695 -75.55 -30.48 34.41
N LEU F 696 -74.29 -30.72 34.16
CA LEU F 696 -73.36 -30.75 35.26
C LEU F 696 -73.33 -29.41 35.97
N LEU F 697 -73.32 -28.31 35.22
CA LEU F 697 -73.25 -26.98 35.85
C LEU F 697 -74.53 -26.74 36.58
N GLN F 698 -75.64 -27.16 36.04
CA GLN F 698 -76.93 -26.99 36.72
C GLN F 698 -76.98 -27.75 38.04
N GLY F 699 -76.24 -28.84 38.15
CA GLY F 699 -76.17 -29.62 39.37
C GLY F 699 -75.03 -29.19 40.25
N GLY F 700 -74.33 -28.09 39.94
CA GLY F 700 -73.35 -27.55 40.86
C GLY F 700 -71.99 -28.15 40.67
N ALA F 701 -71.73 -28.85 39.58
CA ALA F 701 -70.38 -29.43 39.40
C ALA F 701 -69.34 -28.37 39.20
N LYS F 702 -68.11 -28.77 39.46
CA LYS F 702 -66.91 -28.05 39.04
C LYS F 702 -66.35 -28.75 37.83
N VAL F 703 -66.31 -28.04 36.73
CA VAL F 703 -66.00 -28.62 35.42
C VAL F 703 -64.87 -27.90 34.75
N VAL F 704 -63.92 -28.67 34.27
CA VAL F 704 -62.97 -28.28 33.23
C VAL F 704 -63.48 -28.76 31.89
N VAL F 705 -63.64 -27.83 31.01
CA VAL F 705 -64.05 -28.06 29.63
C VAL F 705 -62.92 -27.66 28.73
N THR F 706 -62.63 -28.52 27.78
CA THR F 706 -61.57 -28.30 26.81
C THR F 706 -62.22 -27.82 25.53
N THR F 707 -61.44 -27.15 24.71
CA THR F 707 -61.89 -26.78 23.38
C THR F 707 -60.67 -26.85 22.50
N SER F 708 -60.85 -27.36 21.30
CA SER F 708 -59.79 -27.38 20.27
C SER F 708 -59.85 -26.08 19.46
N ARG F 709 -60.86 -25.22 19.66
CA ARG F 709 -61.10 -23.98 18.86
C ARG F 709 -61.19 -22.75 19.79
N PHE F 710 -60.28 -22.62 20.70
CA PHE F 710 -60.28 -21.52 21.68
C PHE F 710 -60.21 -20.20 20.91
N SER F 711 -61.19 -19.39 21.14
CA SER F 711 -61.47 -18.11 20.45
C SER F 711 -62.39 -17.32 21.34
N LYS F 712 -62.62 -16.07 20.94
CA LYS F 712 -63.50 -15.19 21.70
C LYS F 712 -64.91 -15.73 21.56
N GLN F 713 -65.30 -16.14 20.36
CA GLN F 713 -66.65 -16.68 20.13
C GLN F 713 -66.89 -17.89 21.06
N VAL F 714 -65.93 -18.77 21.20
CA VAL F 714 -66.06 -19.99 22.07
C VAL F 714 -66.06 -19.59 23.55
N THR F 715 -65.16 -18.73 24.01
CA THR F 715 -65.15 -18.32 25.43
C THR F 715 -66.48 -17.59 25.75
N ASP F 716 -67.01 -16.80 24.84
CA ASP F 716 -68.32 -16.13 25.01
C ASP F 716 -69.44 -17.14 24.98
N TYR F 717 -69.35 -18.19 24.18
CA TYR F 717 -70.31 -19.30 24.26
C TYR F 717 -70.34 -19.91 25.66
N TYR F 718 -69.19 -20.27 26.19
CA TYR F 718 -69.16 -20.93 27.52
C TYR F 718 -69.58 -19.97 28.63
N GLN F 719 -69.25 -18.69 28.49
CA GLN F 719 -69.68 -17.67 29.43
C GLN F 719 -71.18 -17.61 29.48
N SER F 720 -71.84 -17.60 28.35
CA SER F 720 -73.30 -17.55 28.28
C SER F 720 -73.87 -18.83 28.87
N ILE F 721 -73.22 -19.97 28.69
CA ILE F 721 -73.68 -21.24 29.31
C ILE F 721 -73.56 -21.11 30.83
N TYR F 722 -72.43 -20.64 31.33
CA TYR F 722 -72.25 -20.48 32.76
C TYR F 722 -73.26 -19.52 33.36
N ALA F 723 -73.46 -18.39 32.73
CA ALA F 723 -74.34 -17.36 33.22
C ALA F 723 -75.77 -17.85 33.27
N LYS F 724 -76.14 -18.74 32.38
CA LYS F 724 -77.52 -19.29 32.36
C LYS F 724 -77.63 -20.48 33.31
N TYR F 725 -76.68 -21.40 33.33
CA TYR F 725 -76.86 -22.73 33.98
C TYR F 725 -75.98 -22.96 35.20
N GLY F 726 -74.96 -22.15 35.43
CA GLY F 726 -74.03 -22.37 36.53
C GLY F 726 -74.70 -22.13 37.84
N ALA F 727 -74.99 -23.20 38.55
CA ALA F 727 -75.57 -23.19 39.88
C ALA F 727 -74.56 -22.69 40.90
N LYS F 728 -75.10 -22.37 42.05
CA LYS F 728 -74.25 -22.08 43.22
C LYS F 728 -73.29 -23.22 43.48
N GLY F 729 -72.05 -22.89 43.76
CA GLY F 729 -70.97 -23.84 43.96
C GLY F 729 -70.39 -24.33 42.65
N SER F 730 -71.00 -24.07 41.52
CA SER F 730 -70.47 -24.54 40.24
C SER F 730 -69.28 -23.69 39.83
N THR F 731 -68.45 -24.24 39.00
CA THR F 731 -67.35 -23.52 38.39
C THR F 731 -67.12 -24.16 37.05
N LEU F 732 -66.87 -23.33 36.06
CA LEU F 732 -66.48 -23.76 34.73
C LEU F 732 -65.12 -23.21 34.47
N ILE F 733 -64.18 -24.06 34.13
CA ILE F 733 -62.86 -23.68 33.62
C ILE F 733 -62.79 -24.09 32.17
N VAL F 734 -62.54 -23.14 31.29
CA VAL F 734 -62.39 -23.41 29.85
C VAL F 734 -60.91 -23.35 29.54
N VAL F 735 -60.39 -24.34 28.86
CA VAL F 735 -58.96 -24.42 28.48
C VAL F 735 -58.88 -24.80 27.03
N PRO F 736 -57.90 -24.24 26.32
CA PRO F 736 -57.58 -24.71 24.99
C PRO F 736 -56.94 -26.07 25.21
N PHE F 737 -57.18 -26.95 24.27
CA PHE F 737 -56.68 -28.33 24.40
C PHE F 737 -56.76 -29.06 23.08
N ASN F 738 -55.72 -29.78 22.75
CA ASN F 738 -55.68 -30.72 21.62
C ASN F 738 -55.51 -32.13 22.21
N GLN F 739 -56.56 -32.91 22.22
CA GLN F 739 -56.53 -34.28 22.70
C GLN F 739 -55.62 -35.15 21.79
N GLY F 740 -55.28 -34.71 20.58
CA GLY F 740 -54.32 -35.39 19.70
C GLY F 740 -52.88 -35.19 20.07
N SER F 741 -52.61 -34.37 21.07
CA SER F 741 -51.26 -34.05 21.56
C SER F 741 -51.05 -34.75 22.90
N LYS F 742 -50.03 -35.57 22.96
CA LYS F 742 -49.64 -36.28 24.19
C LYS F 742 -49.15 -35.21 25.20
N GLN F 743 -48.51 -34.16 24.72
CA GLN F 743 -48.00 -33.09 25.60
C GLN F 743 -49.16 -32.32 26.21
N ASP F 744 -50.19 -32.03 25.41
CA ASP F 744 -51.39 -31.38 25.95
C ASP F 744 -52.07 -32.24 27.00
N VAL F 745 -52.20 -33.52 26.74
CA VAL F 745 -52.86 -34.43 27.69
C VAL F 745 -52.17 -34.34 29.02
N GLU F 746 -50.87 -34.54 29.04
CA GLU F 746 -50.12 -34.56 30.30
C GLU F 746 -50.17 -33.19 30.97
N ALA F 747 -50.02 -32.12 30.19
CA ALA F 747 -50.00 -30.74 30.72
C ALA F 747 -51.36 -30.41 31.33
N LEU F 748 -52.44 -30.78 30.66
CA LEU F 748 -53.79 -30.54 31.18
C LEU F 748 -54.00 -31.22 32.53
N ILE F 749 -53.65 -32.47 32.61
CA ILE F 749 -53.85 -33.20 33.87
C ILE F 749 -52.95 -32.66 34.96
N GLU F 750 -51.73 -32.31 34.66
CA GLU F 750 -50.80 -31.69 35.64
C GLU F 750 -51.44 -30.38 36.15
N PHE F 751 -52.00 -29.59 35.26
CA PHE F 751 -52.65 -28.32 35.57
C PHE F 751 -53.78 -28.54 36.52
N ILE F 752 -54.59 -29.55 36.26
CA ILE F 752 -55.76 -29.82 37.09
C ILE F 752 -55.31 -30.19 38.49
N TYR F 753 -54.26 -30.97 38.60
CA TYR F 753 -53.84 -31.53 39.91
C TYR F 753 -52.83 -30.64 40.64
N ASP F 754 -52.13 -29.78 39.96
CA ASP F 754 -51.14 -28.88 40.57
C ASP F 754 -51.84 -27.95 41.58
N THR F 755 -51.13 -27.60 42.63
CA THR F 755 -51.61 -26.69 43.67
C THR F 755 -51.83 -25.32 43.02
N GLU F 756 -52.78 -24.59 43.55
CA GLU F 756 -53.01 -23.16 43.21
C GLU F 756 -51.71 -22.35 43.29
N LYS F 757 -50.86 -22.61 44.29
CA LYS F 757 -49.53 -21.94 44.42
C LYS F 757 -48.72 -22.18 43.15
N ASN F 758 -48.69 -23.42 42.66
CA ASN F 758 -47.91 -23.79 41.45
C ASN F 758 -48.65 -23.37 40.17
N GLY F 759 -49.79 -22.69 40.27
CA GLY F 759 -50.58 -22.25 39.12
C GLY F 759 -51.57 -23.29 38.58
N GLY F 760 -51.87 -24.35 39.33
CA GLY F 760 -52.86 -25.35 38.94
C GLY F 760 -54.22 -25.06 39.54
N LEU F 761 -55.17 -25.98 39.40
CA LEU F 761 -56.50 -25.81 40.00
C LEU F 761 -56.52 -26.38 41.41
N GLY F 762 -55.59 -27.25 41.73
CA GLY F 762 -55.65 -27.99 42.99
C GLY F 762 -56.88 -28.88 43.09
N TRP F 763 -57.30 -29.47 41.98
CA TRP F 763 -58.47 -30.36 41.97
C TRP F 763 -58.04 -31.80 42.02
N ASP F 764 -59.00 -32.65 42.32
CA ASP F 764 -58.91 -34.10 42.15
C ASP F 764 -60.19 -34.53 41.42
N LEU F 765 -60.07 -35.18 40.27
CA LEU F 765 -61.22 -35.54 39.44
C LEU F 765 -62.04 -36.69 40.01
N ASP F 766 -63.34 -36.50 39.95
CA ASP F 766 -64.39 -37.48 40.19
C ASP F 766 -64.85 -38.14 38.89
N ALA F 767 -64.77 -37.44 37.77
CA ALA F 767 -65.28 -37.97 36.49
C ALA F 767 -64.47 -37.40 35.37
N ILE F 768 -64.30 -38.23 34.37
CA ILE F 768 -63.64 -37.87 33.11
C ILE F 768 -64.57 -38.31 32.00
N ILE F 769 -64.86 -37.37 31.12
CA ILE F 769 -65.80 -37.52 30.01
C ILE F 769 -65.09 -37.16 28.73
N PRO F 770 -64.34 -38.11 28.16
CA PRO F 770 -63.42 -37.82 27.06
C PRO F 770 -64.09 -37.98 25.70
N PHE F 771 -64.92 -37.03 25.33
CA PHE F 771 -65.76 -37.12 24.12
C PHE F 771 -65.18 -36.45 22.90
N ALA F 772 -63.96 -35.97 22.95
CA ALA F 772 -63.27 -35.36 21.79
C ALA F 772 -63.25 -36.38 20.66
N ALA F 773 -63.61 -35.94 19.47
CA ALA F 773 -63.61 -36.79 18.28
C ALA F 773 -63.48 -35.93 17.04
N ILE F 774 -62.98 -36.51 15.97
CA ILE F 774 -63.06 -35.81 14.67
C ILE F 774 -63.77 -36.74 13.71
N PRO F 775 -64.52 -36.19 12.75
CA PRO F 775 -65.23 -37.02 11.80
C PRO F 775 -64.27 -37.54 10.74
N GLU F 776 -64.46 -38.79 10.40
CA GLU F 776 -63.78 -39.51 9.33
C GLU F 776 -64.94 -39.95 8.45
N GLN F 777 -65.11 -39.34 7.30
CA GLN F 777 -66.23 -39.67 6.38
C GLN F 777 -65.61 -40.00 5.04
N GLY F 778 -66.10 -41.07 4.44
CA GLY F 778 -65.69 -41.54 3.10
C GLY F 778 -64.32 -42.17 3.13
N ILE F 779 -63.87 -42.65 4.29
CA ILE F 779 -62.52 -43.24 4.47
C ILE F 779 -62.75 -44.71 4.68
N GLU F 780 -62.66 -45.45 3.60
CA GLU F 780 -62.69 -46.93 3.66
C GLU F 780 -61.28 -47.42 3.99
N LEU F 781 -61.18 -48.73 4.20
CA LEU F 781 -59.92 -49.41 4.51
C LEU F 781 -58.77 -48.88 3.67
N GLU F 782 -58.95 -48.81 2.35
CA GLU F 782 -57.80 -48.48 1.46
C GLU F 782 -57.40 -47.02 1.59
N HIS F 783 -58.23 -46.18 2.17
CA HIS F 783 -57.94 -44.74 2.33
C HIS F 783 -57.37 -44.43 3.70
N ILE F 784 -57.34 -45.38 4.62
CA ILE F 784 -56.84 -45.11 5.99
C ILE F 784 -55.45 -44.54 5.87
N ASP F 785 -55.28 -43.30 6.32
CA ASP F 785 -54.01 -42.57 6.18
C ASP F 785 -53.81 -41.65 7.39
N SER F 786 -53.22 -40.48 7.17
CA SER F 786 -52.78 -39.58 8.22
C SER F 786 -53.96 -39.20 9.10
N LYS F 787 -55.01 -38.73 8.49
CA LYS F 787 -56.15 -38.26 9.26
C LYS F 787 -56.67 -39.34 10.19
N SER F 788 -56.87 -40.53 9.70
CA SER F 788 -57.40 -41.67 10.50
C SER F 788 -56.46 -42.05 11.60
N GLU F 789 -55.16 -41.99 11.38
CA GLU F 789 -54.22 -42.31 12.44
C GLU F 789 -54.32 -41.25 13.54
N PHE F 790 -54.43 -40.00 13.14
CA PHE F 790 -54.56 -38.90 14.06
C PHE F 790 -55.87 -39.03 14.81
N ALA F 791 -56.96 -39.33 14.13
CA ALA F 791 -58.27 -39.48 14.76
C ALA F 791 -58.22 -40.60 15.80
N HIS F 792 -57.51 -41.67 15.48
CA HIS F 792 -57.38 -42.83 16.35
C HIS F 792 -56.54 -42.49 17.57
N ARG F 793 -55.56 -41.62 17.43
CA ARG F 793 -54.80 -41.07 18.56
C ARG F 793 -55.69 -40.27 19.52
N ILE F 794 -56.56 -39.47 19.00
CA ILE F 794 -57.50 -38.66 19.78
C ILE F 794 -58.49 -39.58 20.51
N MET F 795 -59.04 -40.49 19.79
CA MET F 795 -60.23 -41.24 20.21
C MET F 795 -59.88 -42.53 20.91
N LEU F 796 -58.63 -42.95 20.89
CA LEU F 796 -58.21 -44.11 21.66
C LEU F 796 -56.96 -43.82 22.44
N THR F 797 -55.85 -43.74 21.77
CA THR F 797 -54.55 -43.72 22.42
C THR F 797 -54.48 -42.66 23.51
N ASN F 798 -54.91 -41.45 23.20
CA ASN F 798 -54.74 -40.34 24.14
C ASN F 798 -55.82 -40.38 25.21
N ILE F 799 -56.89 -41.12 25.04
CA ILE F 799 -57.81 -41.43 26.13
C ILE F 799 -57.12 -42.32 27.13
N LEU F 800 -56.46 -43.37 26.65
CA LEU F 800 -55.68 -44.22 27.56
C LEU F 800 -54.61 -43.39 28.26
N ARG F 801 -53.94 -42.50 27.55
CA ARG F 801 -52.89 -41.67 28.16
C ARG F 801 -53.50 -40.73 29.19
N MET F 802 -54.65 -40.16 28.91
CA MET F 802 -55.33 -39.25 29.86
C MET F 802 -55.68 -40.00 31.12
N MET F 803 -56.19 -41.21 30.98
CA MET F 803 -56.56 -42.04 32.13
C MET F 803 -55.31 -42.35 32.90
N GLY F 804 -54.27 -42.75 32.17
CA GLY F 804 -52.99 -43.01 32.78
C GLY F 804 -52.45 -41.85 33.58
N CYS F 805 -52.51 -40.64 33.03
CA CYS F 805 -52.08 -39.42 33.71
C CYS F 805 -52.86 -39.19 35.00
N VAL F 806 -54.16 -39.37 34.96
CA VAL F 806 -54.97 -39.21 36.18
C VAL F 806 -54.59 -40.27 37.19
N LYS F 807 -54.46 -41.49 36.76
CA LYS F 807 -53.95 -42.54 37.64
C LYS F 807 -52.60 -42.08 38.22
N LYS F 808 -51.65 -41.65 37.44
CA LYS F 808 -50.33 -41.28 38.01
C LYS F 808 -50.45 -40.12 39.02
N GLN F 809 -51.32 -39.14 38.79
CA GLN F 809 -51.47 -38.00 39.68
C GLN F 809 -52.09 -38.44 40.97
N LYS F 810 -53.11 -39.28 40.90
CA LYS F 810 -53.77 -39.72 42.10
C LYS F 810 -52.78 -40.57 42.90
N SER F 811 -52.10 -41.51 42.27
CA SER F 811 -51.18 -42.44 42.97
C SER F 811 -50.00 -41.66 43.59
N ALA F 812 -49.51 -40.62 42.95
CA ALA F 812 -48.37 -39.81 43.44
C ALA F 812 -48.76 -39.11 44.74
N ARG F 813 -50.06 -38.85 44.95
CA ARG F 813 -50.63 -38.13 46.08
C ARG F 813 -51.30 -39.08 47.06
N GLY F 814 -51.21 -40.39 46.82
CA GLY F 814 -51.74 -41.43 47.69
C GLY F 814 -53.25 -41.46 47.74
N ILE F 815 -53.91 -41.01 46.69
CA ILE F 815 -55.39 -40.96 46.65
C ILE F 815 -55.88 -42.34 46.18
N GLU F 816 -56.33 -43.18 47.09
CA GLU F 816 -56.82 -44.54 46.79
C GLU F 816 -58.31 -44.65 47.01
N THR F 817 -58.99 -43.60 47.47
CA THR F 817 -60.40 -43.68 47.89
C THR F 817 -61.24 -42.62 47.20
N ARG F 818 -60.76 -42.07 46.09
CA ARG F 818 -61.57 -41.11 45.32
C ARG F 818 -61.34 -41.39 43.84
N PRO F 819 -61.84 -42.52 43.34
CA PRO F 819 -61.63 -42.84 41.94
C PRO F 819 -62.40 -41.90 41.00
N ALA F 820 -61.81 -41.64 39.85
CA ALA F 820 -62.45 -40.87 38.79
C ALA F 820 -63.22 -41.85 37.92
N GLN F 821 -64.50 -41.63 37.77
CA GLN F 821 -65.34 -42.37 36.83
C GLN F 821 -65.06 -41.93 35.41
N VAL F 822 -64.67 -42.84 34.57
CA VAL F 822 -64.40 -42.55 33.15
C VAL F 822 -65.62 -42.97 32.38
N ILE F 823 -66.31 -42.01 31.81
CA ILE F 823 -67.49 -42.30 30.98
C ILE F 823 -66.99 -42.47 29.56
N LEU F 824 -66.89 -43.68 29.10
CA LEU F 824 -66.26 -43.96 27.81
C LEU F 824 -67.32 -43.91 26.74
N PRO F 825 -67.10 -43.16 25.67
CA PRO F 825 -68.07 -43.05 24.61
C PRO F 825 -67.93 -44.23 23.65
N MET F 826 -68.59 -45.30 24.00
CA MET F 826 -68.58 -46.54 23.21
C MET F 826 -69.67 -46.45 22.16
N SER F 827 -69.62 -47.35 21.22
CA SER F 827 -70.47 -47.26 20.02
C SER F 827 -70.99 -48.64 19.75
N PRO F 828 -72.21 -48.77 19.23
CA PRO F 828 -72.65 -50.05 18.63
C PRO F 828 -72.05 -50.23 17.21
N ASN F 829 -71.41 -49.19 16.66
CA ASN F 829 -70.81 -49.15 15.30
C ASN F 829 -69.41 -49.75 15.36
N HIS F 830 -69.29 -51.06 15.14
CA HIS F 830 -67.95 -51.67 15.00
C HIS F 830 -67.77 -52.11 13.54
N GLY F 831 -67.73 -51.15 12.63
CA GLY F 831 -67.45 -51.43 11.21
C GLY F 831 -68.71 -51.76 10.42
N THR F 832 -69.86 -51.44 10.97
CA THR F 832 -71.20 -51.73 10.38
C THR F 832 -71.53 -50.72 9.26
N PHE F 833 -71.23 -49.45 9.42
CA PHE F 833 -71.54 -48.41 8.39
C PHE F 833 -70.47 -48.34 7.31
N GLY F 834 -69.21 -48.50 7.71
CA GLY F 834 -68.09 -48.37 6.78
C GLY F 834 -67.79 -46.94 6.45
N GLY F 835 -66.63 -46.71 5.87
CA GLY F 835 -66.27 -45.37 5.39
C GLY F 835 -65.95 -44.43 6.53
N ASP F 836 -65.70 -44.92 7.75
CA ASP F 836 -65.41 -43.99 8.87
C ASP F 836 -63.99 -44.16 9.38
N GLY F 837 -63.06 -44.51 8.50
CA GLY F 837 -61.64 -44.50 8.84
C GLY F 837 -61.31 -45.52 9.90
N MET F 838 -60.73 -45.09 11.02
CA MET F 838 -60.43 -45.98 12.16
C MET F 838 -61.41 -45.75 13.28
N TYR F 839 -62.54 -45.11 13.01
CA TYR F 839 -63.56 -44.86 14.05
C TYR F 839 -63.89 -46.12 14.81
N SER F 840 -64.28 -47.13 14.09
CA SER F 840 -64.74 -48.41 14.67
C SER F 840 -63.65 -49.05 15.48
N GLU F 841 -62.41 -48.97 15.03
CA GLU F 841 -61.28 -49.52 15.75
C GLU F 841 -61.09 -48.76 17.07
N SER F 842 -61.18 -47.45 17.04
CA SER F 842 -61.09 -46.60 18.25
C SER F 842 -62.17 -47.03 19.22
N LYS F 843 -63.38 -47.18 18.75
CA LYS F 843 -64.50 -47.42 19.68
C LYS F 843 -64.42 -48.83 20.23
N LEU F 844 -64.18 -49.81 19.38
CA LEU F 844 -64.11 -51.19 19.88
C LEU F 844 -62.93 -51.36 20.85
N SER F 845 -61.79 -50.76 20.61
CA SER F 845 -60.59 -50.88 21.46
C SER F 845 -60.85 -50.39 22.89
N LEU F 846 -61.73 -49.41 23.08
CA LEU F 846 -62.10 -48.92 24.44
C LEU F 846 -62.69 -50.03 25.29
N GLU F 847 -63.27 -51.03 24.68
CA GLU F 847 -63.88 -52.17 25.40
C GLU F 847 -62.84 -53.01 26.14
N THR F 848 -61.58 -52.90 25.83
CA THR F 848 -60.56 -53.61 26.62
C THR F 848 -60.57 -53.10 28.06
N LEU F 849 -60.95 -51.85 28.26
CA LEU F 849 -60.85 -51.23 29.61
C LEU F 849 -61.69 -51.98 30.63
N PHE F 850 -62.77 -52.59 30.20
CA PHE F 850 -63.63 -53.39 31.08
C PHE F 850 -62.83 -54.53 31.70
N ASN F 851 -61.95 -55.16 30.95
CA ASN F 851 -61.10 -56.24 31.50
C ASN F 851 -59.86 -55.66 32.17
N ARG F 852 -59.29 -54.60 31.62
CA ARG F 852 -58.03 -54.08 32.19
C ARG F 852 -58.25 -53.56 33.60
N TRP F 853 -59.45 -53.09 33.91
CA TRP F 853 -59.79 -52.59 35.26
C TRP F 853 -59.49 -53.66 36.31
N HIS F 854 -59.77 -54.92 36.01
CA HIS F 854 -59.52 -56.09 36.90
C HIS F 854 -58.07 -56.55 36.85
N SER F 855 -57.40 -56.44 35.72
CA SER F 855 -56.10 -57.12 35.48
C SER F 855 -54.92 -56.24 35.85
N GLU F 856 -55.09 -54.92 35.96
CA GLU F 856 -53.96 -54.01 36.20
C GLU F 856 -54.11 -53.42 37.61
N SER F 857 -53.43 -52.33 37.89
CA SER F 857 -53.29 -51.81 39.27
C SER F 857 -53.90 -50.41 39.36
N TRP F 858 -54.89 -50.06 38.54
CA TRP F 858 -55.44 -48.69 38.52
C TRP F 858 -56.89 -48.62 38.97
N ALA F 859 -57.46 -49.72 39.37
CA ALA F 859 -58.88 -49.78 39.72
C ALA F 859 -59.25 -48.85 40.86
N ASN F 860 -58.34 -48.53 41.77
CA ASN F 860 -58.73 -47.68 42.89
C ASN F 860 -58.72 -46.22 42.44
N GLN F 861 -58.03 -45.90 41.35
CA GLN F 861 -57.94 -44.52 40.86
C GLN F 861 -58.99 -44.22 39.79
N LEU F 862 -59.43 -45.21 39.06
CA LEU F 862 -60.32 -44.97 37.93
C LEU F 862 -61.37 -46.04 37.95
N THR F 863 -62.59 -45.68 37.65
CA THR F 863 -63.66 -46.65 37.39
C THR F 863 -64.06 -46.51 35.96
N VAL F 864 -64.62 -47.57 35.44
CA VAL F 864 -64.92 -47.65 33.99
C VAL F 864 -66.42 -47.65 33.85
N CYS F 865 -66.93 -46.70 33.12
CA CYS F 865 -68.36 -46.66 32.77
C CYS F 865 -68.48 -46.54 31.25
N GLY F 866 -68.80 -47.65 30.64
CA GLY F 866 -68.87 -47.74 29.19
C GLY F 866 -70.25 -47.35 28.81
N ALA F 867 -70.42 -46.20 28.17
CA ALA F 867 -71.71 -45.81 27.63
C ALA F 867 -71.72 -46.19 26.16
N ILE F 868 -72.58 -47.12 25.78
CA ILE F 868 -72.82 -47.46 24.36
C ILE F 868 -73.84 -46.48 23.83
N ILE F 869 -73.39 -45.46 23.14
CA ILE F 869 -74.22 -44.30 22.82
C ILE F 869 -74.97 -44.59 21.55
N GLY F 870 -76.28 -44.39 21.60
CA GLY F 870 -77.16 -44.68 20.48
C GLY F 870 -77.13 -43.57 19.46
N TRP F 871 -78.05 -43.64 18.52
CA TRP F 871 -78.19 -42.72 17.38
C TRP F 871 -78.62 -41.36 17.94
N THR F 872 -77.67 -40.46 18.07
CA THR F 872 -77.92 -39.11 18.63
C THR F 872 -77.83 -38.09 17.51
N ARG F 873 -78.98 -37.54 17.12
CA ARG F 873 -79.14 -36.52 16.05
C ARG F 873 -78.37 -35.21 16.37
N GLY F 874 -77.79 -34.53 15.38
CA GLY F 874 -77.36 -33.12 15.47
C GLY F 874 -75.87 -32.92 15.77
N THR F 875 -75.08 -33.98 15.94
CA THR F 875 -73.69 -33.85 16.45
C THR F 875 -72.71 -33.74 15.28
N GLY F 876 -71.49 -33.36 15.58
CA GLY F 876 -70.38 -33.28 14.61
C GLY F 876 -70.21 -34.58 13.85
N LEU F 877 -70.42 -35.72 14.52
CA LEU F 877 -70.19 -37.08 13.95
C LEU F 877 -71.41 -37.57 13.19
N MET F 878 -72.63 -37.18 13.59
CA MET F 878 -73.88 -37.82 13.10
C MET F 878 -74.85 -36.87 12.38
N SER F 879 -74.60 -35.55 12.30
CA SER F 879 -75.54 -34.59 11.63
C SER F 879 -75.80 -35.02 10.17
N ALA F 880 -74.79 -35.56 9.49
CA ALA F 880 -74.89 -36.11 8.10
C ALA F 880 -75.94 -37.24 7.98
N ASN F 881 -76.48 -37.79 9.08
CA ASN F 881 -77.45 -38.92 9.07
C ASN F 881 -78.84 -38.55 9.59
N ASN F 882 -79.18 -37.27 9.74
CA ASN F 882 -80.45 -36.82 10.38
C ASN F 882 -81.72 -37.10 9.57
N ILE F 883 -81.63 -37.14 8.24
CA ILE F 883 -82.83 -37.12 7.32
C ILE F 883 -83.66 -38.42 7.42
N ILE F 884 -83.02 -39.54 7.76
CA ILE F 884 -83.63 -40.90 7.77
C ILE F 884 -84.22 -41.29 9.14
N ALA F 885 -83.98 -40.51 10.19
CA ALA F 885 -84.25 -40.91 11.58
C ALA F 885 -85.73 -41.19 11.78
N GLU F 886 -86.63 -40.48 11.10
CA GLU F 886 -88.08 -40.75 11.25
C GLU F 886 -88.37 -42.19 10.80
N GLY F 887 -87.66 -42.64 9.75
CA GLY F 887 -87.82 -43.96 9.12
C GLY F 887 -87.36 -45.07 10.06
N ILE F 888 -86.14 -44.92 10.57
CA ILE F 888 -85.56 -45.81 11.64
C ILE F 888 -86.59 -45.95 12.78
N GLU F 889 -87.19 -44.88 13.23
CA GLU F 889 -88.13 -44.97 14.38
C GLU F 889 -89.41 -45.75 14.01
N LYS F 890 -89.82 -45.79 12.73
CA LYS F 890 -90.99 -46.60 12.24
C LYS F 890 -90.78 -48.10 12.54
N MET F 891 -89.53 -48.58 12.61
CA MET F 891 -89.15 -49.95 13.11
C MET F 891 -89.42 -50.16 14.62
N GLY F 892 -89.96 -49.17 15.36
CA GLY F 892 -90.19 -49.28 16.81
C GLY F 892 -88.89 -49.20 17.59
N VAL F 893 -87.94 -48.44 17.06
CA VAL F 893 -86.56 -48.19 17.59
C VAL F 893 -86.50 -46.71 17.99
N ARG F 894 -85.45 -46.30 18.74
CA ARG F 894 -85.34 -44.92 19.27
C ARG F 894 -84.04 -44.26 18.79
N THR F 895 -84.18 -43.07 18.23
CA THR F 895 -83.07 -42.10 18.05
C THR F 895 -83.23 -41.08 19.15
N PHE F 896 -82.15 -40.40 19.45
CA PHE F 896 -82.09 -39.46 20.62
C PHE F 896 -81.72 -38.07 20.14
N SER F 897 -82.35 -37.10 20.72
CA SER F 897 -81.82 -35.72 20.79
C SER F 897 -80.55 -35.66 21.65
N GLN F 898 -79.76 -34.60 21.51
CA GLN F 898 -78.55 -34.43 22.33
C GLN F 898 -78.99 -34.26 23.79
N LYS F 899 -80.10 -33.62 24.02
CA LYS F 899 -80.64 -33.39 25.36
C LYS F 899 -80.95 -34.72 26.04
N GLU F 900 -81.66 -35.60 25.35
CA GLU F 900 -81.98 -36.93 25.87
C GLU F 900 -80.73 -37.73 26.11
N MET F 901 -79.82 -37.75 25.17
CA MET F 901 -78.62 -38.55 25.34
C MET F 901 -77.85 -38.00 26.53
N ALA F 902 -77.76 -36.67 26.65
CA ALA F 902 -77.06 -36.04 27.79
C ALA F 902 -77.73 -36.50 29.07
N PHE F 903 -79.03 -36.48 29.10
CA PHE F 903 -79.81 -36.95 30.28
C PHE F 903 -79.49 -38.41 30.60
N ASN F 904 -79.39 -39.24 29.58
CA ASN F 904 -79.00 -40.66 29.74
C ASN F 904 -77.62 -40.76 30.35
N LEU F 905 -76.67 -39.96 29.88
CA LEU F 905 -75.29 -40.07 30.32
C LEU F 905 -75.18 -39.49 31.72
N LEU F 906 -75.91 -38.42 32.02
CA LEU F 906 -75.92 -37.82 33.36
C LEU F 906 -76.47 -38.79 34.39
N GLY F 907 -77.25 -39.76 33.95
CA GLY F 907 -77.74 -40.87 34.77
C GLY F 907 -76.66 -41.76 35.24
N LEU F 908 -75.54 -41.79 34.54
CA LEU F 908 -74.36 -42.58 34.92
C LEU F 908 -73.57 -41.94 36.02
N LEU F 909 -73.85 -40.68 36.36
CA LEU F 909 -73.08 -39.90 37.35
C LEU F 909 -73.90 -39.75 38.61
N THR F 910 -75.07 -40.36 38.67
CA THR F 910 -75.92 -40.43 39.89
C THR F 910 -75.20 -41.27 40.94
N PRO F 911 -75.46 -41.05 42.24
CA PRO F 911 -74.73 -41.73 43.29
C PRO F 911 -74.81 -43.27 43.20
N GLU F 912 -75.93 -43.80 42.74
CA GLU F 912 -76.15 -45.27 42.64
C GLU F 912 -75.27 -45.86 41.52
N VAL F 913 -75.14 -45.20 40.38
CA VAL F 913 -74.30 -45.77 39.28
C VAL F 913 -72.85 -45.56 39.64
N VAL F 914 -72.53 -44.43 40.27
CA VAL F 914 -71.16 -44.16 40.72
C VAL F 914 -70.72 -45.30 41.64
N GLU F 915 -71.55 -45.71 42.58
CA GLU F 915 -71.21 -46.83 43.48
C GLU F 915 -71.10 -48.15 42.72
N LEU F 916 -71.97 -48.36 41.76
CA LEU F 916 -71.90 -49.59 40.94
C LEU F 916 -70.56 -49.69 40.20
N CYS F 917 -70.04 -48.58 39.60
CA CYS F 917 -68.78 -48.63 38.82
C CYS F 917 -67.61 -48.85 39.76
N GLN F 918 -67.76 -48.47 41.03
CA GLN F 918 -66.71 -48.72 42.04
C GLN F 918 -66.67 -50.19 42.40
N LYS F 919 -67.72 -50.96 42.15
CA LYS F 919 -67.70 -52.42 42.41
C LYS F 919 -67.12 -53.15 41.22
N SER F 920 -67.54 -52.76 40.02
CA SER F 920 -66.97 -53.33 38.78
C SER F 920 -67.39 -52.47 37.61
N PRO F 921 -66.71 -52.60 36.46
CA PRO F 921 -67.04 -51.81 35.32
C PRO F 921 -68.50 -51.91 34.98
N VAL F 922 -69.05 -50.77 34.61
CA VAL F 922 -70.44 -50.65 34.16
C VAL F 922 -70.48 -50.54 32.65
N MET F 923 -71.37 -51.31 32.05
CA MET F 923 -71.70 -51.23 30.64
C MET F 923 -73.15 -50.77 30.50
N ALA F 924 -73.34 -49.57 29.98
CA ALA F 924 -74.66 -48.97 29.81
C ALA F 924 -74.96 -48.97 28.33
N ASP F 925 -76.04 -49.59 27.94
CA ASP F 925 -76.55 -49.60 26.57
C ASP F 925 -77.52 -48.48 26.46
N LEU F 926 -77.16 -47.44 25.72
CA LEU F 926 -78.03 -46.29 25.53
C LEU F 926 -78.38 -46.26 24.04
N ASN F 927 -78.66 -47.42 23.46
CA ASN F 927 -78.73 -47.61 21.99
C ASN F 927 -80.15 -47.63 21.47
N GLY F 928 -81.17 -47.48 22.30
CA GLY F 928 -82.53 -47.26 21.78
C GLY F 928 -83.00 -48.43 20.91
N GLY F 929 -82.57 -49.64 21.23
CA GLY F 929 -83.03 -50.88 20.58
C GLY F 929 -82.46 -51.03 19.18
N LEU F 930 -81.52 -50.17 18.79
CA LEU F 930 -81.03 -50.08 17.39
C LEU F 930 -80.44 -51.42 16.98
N GLN F 931 -79.91 -52.18 17.93
CA GLN F 931 -79.12 -53.42 17.68
C GLN F 931 -80.05 -54.52 17.11
N PHE F 932 -81.33 -54.49 17.45
CA PHE F 932 -82.39 -55.44 17.00
C PHE F 932 -82.82 -55.19 15.55
N VAL F 933 -82.45 -54.06 14.92
CA VAL F 933 -82.70 -53.83 13.46
C VAL F 933 -81.62 -54.61 12.70
N PRO F 934 -82.03 -55.67 11.96
CA PRO F 934 -81.07 -56.50 11.24
C PRO F 934 -80.59 -55.72 10.01
N GLU F 935 -79.32 -55.92 9.62
CA GLU F 935 -78.75 -55.38 8.36
C GLU F 935 -79.01 -53.87 8.32
N LEU F 936 -78.48 -53.17 9.32
CA LEU F 936 -78.81 -51.76 9.63
C LEU F 936 -78.30 -50.87 8.49
N LYS F 937 -77.05 -51.07 8.10
CA LYS F 937 -76.46 -50.23 7.04
C LYS F 937 -77.35 -50.24 5.78
N GLU F 938 -77.70 -51.42 5.27
CA GLU F 938 -78.57 -51.57 4.08
C GLU F 938 -79.91 -50.90 4.36
N PHE F 939 -80.45 -51.07 5.56
CA PHE F 939 -81.74 -50.48 5.96
C PHE F 939 -81.64 -48.95 5.85
N THR F 940 -80.53 -48.35 6.30
CA THR F 940 -80.33 -46.87 6.30
C THR F 940 -80.09 -46.40 4.87
N ALA F 941 -79.30 -47.13 4.07
CA ALA F 941 -79.06 -46.79 2.63
C ALA F 941 -80.38 -46.87 1.82
N LYS F 942 -81.27 -47.80 2.12
CA LYS F 942 -82.60 -47.91 1.45
C LYS F 942 -83.46 -46.70 1.84
N LEU F 943 -83.53 -46.32 3.13
CA LEU F 943 -84.35 -45.16 3.60
C LEU F 943 -83.85 -43.87 2.93
N ARG F 944 -82.52 -43.79 2.74
CA ARG F 944 -81.85 -42.61 2.14
C ARG F 944 -82.24 -42.50 0.66
N LYS F 945 -82.16 -43.60 -0.08
CA LYS F 945 -82.48 -43.66 -1.54
C LYS F 945 -83.97 -43.35 -1.72
N GLU F 946 -84.85 -44.08 -1.05
CA GLU F 946 -86.32 -43.82 -1.06
C GLU F 946 -86.62 -42.33 -0.86
N LEU F 947 -85.75 -41.58 -0.15
CA LEU F 947 -85.97 -40.15 0.17
C LEU F 947 -85.34 -39.27 -0.91
N VAL F 948 -84.07 -39.49 -1.24
CA VAL F 948 -83.32 -38.74 -2.29
C VAL F 948 -83.97 -38.94 -3.66
N GLU F 949 -84.37 -40.17 -3.99
CA GLU F 949 -85.06 -40.50 -5.26
C GLU F 949 -86.37 -39.71 -5.34
N THR F 950 -87.16 -39.70 -4.26
CA THR F 950 -88.47 -38.98 -4.19
C THR F 950 -88.25 -37.47 -4.34
N SER F 951 -87.20 -36.93 -3.73
CA SER F 951 -86.77 -35.51 -3.82
C SER F 951 -86.41 -35.15 -5.27
N GLU F 952 -85.49 -35.89 -5.88
CA GLU F 952 -84.94 -35.63 -7.22
C GLU F 952 -86.01 -35.83 -8.31
N VAL F 953 -86.89 -36.83 -8.15
CA VAL F 953 -88.01 -37.09 -9.09
C VAL F 953 -88.98 -35.91 -9.02
N ARG F 954 -89.41 -35.52 -7.82
CA ARG F 954 -90.36 -34.39 -7.62
C ARG F 954 -89.76 -33.09 -8.18
N LYS F 955 -88.46 -32.87 -8.03
CA LYS F 955 -87.76 -31.67 -8.55
C LYS F 955 -87.87 -31.64 -10.07
N ALA F 956 -87.46 -32.74 -10.72
CA ALA F 956 -87.42 -32.95 -12.18
C ALA F 956 -88.83 -32.86 -12.77
N VAL F 957 -89.81 -33.58 -12.20
CA VAL F 957 -91.22 -33.60 -12.68
C VAL F 957 -91.88 -32.22 -12.52
N SER F 958 -91.53 -31.46 -11.49
CA SER F 958 -92.13 -30.12 -11.24
C SER F 958 -91.48 -29.12 -12.21
N ILE F 959 -90.18 -29.24 -12.46
CA ILE F 959 -89.44 -28.34 -13.40
C ILE F 959 -90.00 -28.53 -14.82
N GLU F 960 -90.26 -29.77 -15.23
CA GLU F 960 -90.74 -30.11 -16.59
C GLU F 960 -92.20 -29.69 -16.75
N THR F 961 -93.03 -29.87 -15.72
CA THR F 961 -94.46 -29.45 -15.72
C THR F 961 -94.54 -27.93 -15.83
N ALA F 962 -93.60 -27.20 -15.23
CA ALA F 962 -93.53 -25.72 -15.31
C ALA F 962 -93.13 -25.30 -16.72
N LEU F 963 -92.13 -25.99 -17.31
CA LEU F 963 -91.63 -25.69 -18.68
C LEU F 963 -92.71 -26.02 -19.71
N GLU F 964 -93.44 -27.13 -19.56
CA GLU F 964 -94.58 -27.49 -20.44
C GLU F 964 -95.62 -26.36 -20.36
N HIS F 965 -96.06 -25.98 -19.16
CA HIS F 965 -97.06 -24.91 -18.94
C HIS F 965 -96.58 -23.60 -19.60
N LYS F 966 -95.30 -23.25 -19.42
CA LYS F 966 -94.64 -22.07 -20.02
C LYS F 966 -94.79 -22.11 -21.55
N VAL F 967 -94.54 -23.25 -22.18
CA VAL F 967 -94.55 -23.44 -23.67
C VAL F 967 -95.99 -23.30 -24.18
N VAL F 968 -96.94 -23.96 -23.53
CA VAL F 968 -98.37 -23.98 -23.94
C VAL F 968 -99.05 -22.63 -23.68
N ASN F 969 -98.63 -21.87 -22.66
CA ASN F 969 -99.39 -20.67 -22.19
C ASN F 969 -98.57 -19.38 -22.39
N GLY F 970 -97.28 -19.46 -22.73
CA GLY F 970 -96.43 -18.29 -23.02
C GLY F 970 -96.13 -17.44 -21.77
N ASN F 971 -95.59 -16.24 -21.99
CA ASN F 971 -95.05 -15.30 -20.96
C ASN F 971 -96.18 -14.53 -20.25
N SER F 972 -97.29 -14.23 -20.96
CA SER F 972 -98.43 -13.44 -20.46
C SER F 972 -99.14 -14.14 -19.30
N ALA F 973 -99.11 -15.49 -19.28
CA ALA F 973 -99.73 -16.33 -18.21
C ALA F 973 -98.98 -16.17 -16.88
N ASP F 974 -97.66 -15.99 -16.92
CA ASP F 974 -96.75 -15.96 -15.74
C ASP F 974 -96.28 -14.53 -15.40
N ALA F 975 -96.47 -13.55 -16.30
CA ALA F 975 -96.09 -12.13 -16.10
C ALA F 975 -96.99 -11.47 -15.05
N ALA F 976 -98.30 -11.72 -15.12
CA ALA F 976 -99.33 -11.22 -14.17
C ALA F 976 -99.30 -12.01 -12.85
N TYR F 977 -98.73 -13.23 -12.85
CA TYR F 977 -98.56 -14.11 -11.65
C TYR F 977 -97.32 -13.68 -10.85
N ALA F 978 -96.21 -13.34 -11.54
CA ALA F 978 -94.94 -12.85 -10.93
C ALA F 978 -95.18 -11.52 -10.21
N GLN F 979 -94.38 -11.22 -9.19
CA GLN F 979 -94.66 -10.12 -8.21
C GLN F 979 -93.36 -9.41 -7.79
N VAL F 980 -93.49 -8.08 -7.57
CA VAL F 980 -92.34 -7.14 -7.41
C VAL F 980 -91.90 -7.14 -5.95
N GLU F 981 -90.60 -7.27 -5.71
CA GLU F 981 -90.00 -7.24 -4.37
C GLU F 981 -89.44 -5.83 -4.08
N ILE F 982 -89.71 -5.33 -2.89
CA ILE F 982 -89.19 -4.03 -2.33
C ILE F 982 -87.99 -4.37 -1.45
N GLN F 983 -86.80 -3.90 -1.80
CA GLN F 983 -85.58 -3.97 -0.94
C GLN F 983 -85.46 -2.69 -0.10
N PRO F 984 -85.16 -2.81 1.21
CA PRO F 984 -85.12 -1.65 2.09
C PRO F 984 -83.98 -0.71 1.70
N ARG F 985 -84.22 0.58 1.82
CA ARG F 985 -83.13 1.60 1.80
C ARG F 985 -82.94 2.12 3.23
N ALA F 986 -81.70 2.37 3.60
CA ALA F 986 -81.33 3.01 4.89
C ALA F 986 -82.03 4.35 5.00
N ASN F 987 -82.87 4.53 6.00
CA ASN F 987 -83.47 5.82 6.37
C ASN F 987 -82.92 6.26 7.76
N ILE F 988 -81.72 6.79 7.81
CA ILE F 988 -81.04 7.12 9.11
C ILE F 988 -81.90 8.16 9.84
N GLN F 989 -82.23 7.90 11.10
CA GLN F 989 -83.05 8.81 11.92
C GLN F 989 -82.16 9.52 12.95
N LEU F 990 -82.59 10.69 13.38
CA LEU F 990 -81.82 11.48 14.38
C LEU F 990 -82.11 10.97 15.80
N ASP F 991 -83.21 10.24 15.99
CA ASP F 991 -83.60 9.63 17.30
C ASP F 991 -83.81 10.76 18.32
N PHE F 992 -84.60 11.76 17.94
CA PHE F 992 -85.13 12.73 18.89
C PHE F 992 -85.96 11.96 19.90
N PRO F 993 -86.01 12.41 21.16
CA PRO F 993 -86.86 11.73 22.13
C PRO F 993 -88.33 11.78 21.70
N GLU F 994 -89.03 10.72 22.08
CA GLU F 994 -90.46 10.57 21.83
C GLU F 994 -91.17 11.41 22.88
N LEU F 995 -92.10 12.22 22.42
CA LEU F 995 -92.93 13.04 23.29
C LEU F 995 -94.28 12.35 23.41
N LYS F 996 -94.63 12.03 24.64
CA LYS F 996 -95.93 11.44 25.03
C LYS F 996 -97.01 12.52 25.01
N PRO F 997 -98.30 12.12 24.87
CA PRO F 997 -99.40 13.06 25.13
C PRO F 997 -99.30 13.65 26.52
N TYR F 998 -99.71 14.88 26.68
CA TYR F 998 -99.64 15.57 27.99
C TYR F 998 -100.19 14.72 29.13
N LYS F 999 -101.30 14.03 28.91
CA LYS F 999 -101.99 13.25 29.99
C LYS F 999 -101.04 12.19 30.53
N GLN F 1000 -100.32 11.48 29.66
CA GLN F 1000 -99.37 10.43 30.09
C GLN F 1000 -98.21 11.08 30.85
N VAL F 1001 -97.69 12.18 30.31
CA VAL F 1001 -96.46 12.79 30.87
C VAL F 1001 -96.82 13.37 32.24
N LYS F 1002 -98.02 13.92 32.37
CA LYS F 1002 -98.54 14.48 33.65
C LYS F 1002 -98.57 13.42 34.76
N GLN F 1003 -98.81 12.15 34.46
CA GLN F 1003 -98.86 11.07 35.48
C GLN F 1003 -97.48 10.70 36.05
N ILE F 1004 -96.36 10.99 35.39
CA ILE F 1004 -95.04 10.49 35.88
C ILE F 1004 -94.57 11.40 37.02
N ALA F 1005 -94.53 12.71 36.81
CA ALA F 1005 -94.12 13.66 37.86
C ALA F 1005 -95.26 13.81 38.84
N PRO F 1006 -94.99 14.19 40.10
CA PRO F 1006 -96.06 14.52 41.05
C PRO F 1006 -96.84 15.78 40.63
N ALA F 1007 -98.12 15.88 40.98
CA ALA F 1007 -99.01 16.99 40.54
C ALA F 1007 -98.48 18.35 41.04
N GLU F 1008 -97.90 18.35 42.23
CA GLU F 1008 -97.37 19.55 42.91
C GLU F 1008 -96.23 20.14 42.09
N LEU F 1009 -95.57 19.37 41.21
CA LEU F 1009 -94.40 19.87 40.47
C LEU F 1009 -94.80 21.04 39.57
N GLU F 1010 -96.04 21.10 39.10
CA GLU F 1010 -96.43 22.16 38.13
C GLU F 1010 -96.24 23.54 38.78
N GLY F 1011 -95.47 24.41 38.13
CA GLY F 1011 -95.21 25.78 38.62
C GLY F 1011 -94.24 25.83 39.79
N LEU F 1012 -93.70 24.72 40.25
CA LEU F 1012 -92.85 24.70 41.47
C LEU F 1012 -91.41 25.05 41.11
N LEU F 1013 -90.96 24.69 39.91
CA LEU F 1013 -89.52 24.82 39.54
C LEU F 1013 -89.28 26.13 38.79
N ASP F 1014 -88.14 26.77 39.05
CA ASP F 1014 -87.63 27.88 38.20
C ASP F 1014 -86.96 27.18 37.03
N LEU F 1015 -87.57 27.22 35.87
CA LEU F 1015 -87.05 26.47 34.73
C LEU F 1015 -85.82 27.13 34.12
N GLU F 1016 -85.49 28.33 34.52
CA GLU F 1016 -84.21 28.93 34.18
C GLU F 1016 -83.12 28.22 34.96
N ARG F 1017 -83.44 27.48 36.00
CA ARG F 1017 -82.41 26.85 36.85
C ARG F 1017 -82.47 25.34 36.69
N VAL F 1018 -83.19 24.86 35.69
CA VAL F 1018 -83.18 23.43 35.38
C VAL F 1018 -82.33 23.33 34.13
N ILE F 1019 -81.33 22.52 34.21
CA ILE F 1019 -80.41 22.36 33.07
C ILE F 1019 -80.78 21.10 32.30
N VAL F 1020 -80.91 21.23 31.00
CA VAL F 1020 -81.23 20.08 30.15
C VAL F 1020 -80.13 19.88 29.15
N VAL F 1021 -79.97 18.65 28.72
CA VAL F 1021 -79.16 18.31 27.54
C VAL F 1021 -80.12 18.34 26.33
N THR F 1022 -79.77 19.11 25.33
CA THR F 1022 -80.55 19.28 24.09
C THR F 1022 -79.91 18.61 22.92
N GLY F 1023 -78.68 18.21 23.05
CA GLY F 1023 -78.01 17.58 21.93
C GLY F 1023 -76.76 16.95 22.38
N PHE F 1024 -76.32 15.95 21.69
CA PHE F 1024 -75.08 15.28 22.04
C PHE F 1024 -74.56 14.58 20.83
N ALA F 1025 -73.29 14.37 20.83
CA ALA F 1025 -72.60 13.69 19.76
C ALA F 1025 -71.28 13.22 20.27
N GLU F 1026 -70.67 12.44 19.43
CA GLU F 1026 -69.34 11.95 19.67
C GLU F 1026 -68.68 11.54 18.40
N VAL F 1027 -67.39 11.44 18.50
CA VAL F 1027 -66.53 10.80 17.50
C VAL F 1027 -65.70 9.84 18.28
N GLY F 1028 -65.81 8.56 18.02
CA GLY F 1028 -65.03 7.59 18.75
C GLY F 1028 -64.78 6.35 17.93
N PRO F 1029 -64.21 5.33 18.55
CA PRO F 1029 -63.85 4.07 17.87
C PRO F 1029 -64.99 3.34 17.17
N TRP F 1030 -66.23 3.67 17.47
CA TRP F 1030 -67.43 3.09 16.84
C TRP F 1030 -68.24 4.12 16.11
N GLY F 1031 -67.58 5.18 15.66
CA GLY F 1031 -68.20 6.21 14.83
C GLY F 1031 -68.85 7.27 15.65
N SER F 1032 -70.09 7.52 15.39
CA SER F 1032 -70.91 8.55 15.99
C SER F 1032 -71.65 7.97 17.19
N ALA F 1033 -72.45 8.79 17.83
CA ALA F 1033 -73.23 8.35 18.98
C ALA F 1033 -74.25 7.29 18.52
N ARG F 1034 -74.75 7.41 17.31
CA ARG F 1034 -75.78 6.50 16.76
C ARG F 1034 -75.17 5.13 16.54
N THR F 1035 -74.01 5.07 15.90
CA THR F 1035 -73.39 3.78 15.60
C THR F 1035 -72.82 3.15 16.85
N ARG F 1036 -72.22 3.95 17.71
CA ARG F 1036 -71.69 3.39 18.97
C ARG F 1036 -72.83 2.83 19.81
N TRP F 1037 -73.95 3.49 19.87
CA TRP F 1037 -75.09 2.94 20.60
C TRP F 1037 -75.59 1.61 20.02
N GLU F 1038 -75.69 1.50 18.71
CA GLU F 1038 -76.12 0.20 18.12
C GLU F 1038 -75.17 -0.88 18.53
N MET F 1039 -73.89 -0.63 18.45
CA MET F 1039 -72.91 -1.63 18.82
C MET F 1039 -72.98 -1.91 20.33
N GLU F 1040 -73.14 -0.89 21.15
CA GLU F 1040 -73.15 -1.08 22.62
C GLU F 1040 -74.41 -1.85 23.01
N ALA F 1041 -75.57 -1.40 22.59
CA ALA F 1041 -76.86 -1.95 23.03
C ALA F 1041 -77.12 -3.29 22.36
N PHE F 1042 -76.84 -3.43 21.07
CA PHE F 1042 -77.33 -4.60 20.27
C PHE F 1042 -76.22 -5.49 19.80
N GLY F 1043 -74.98 -5.05 19.81
CA GLY F 1043 -73.86 -5.86 19.38
C GLY F 1043 -73.77 -6.01 17.87
N GLU F 1044 -74.57 -5.29 17.12
CA GLU F 1044 -74.55 -5.38 15.65
C GLU F 1044 -75.22 -4.16 15.08
N PHE F 1045 -74.94 -3.91 13.82
CA PHE F 1045 -75.50 -2.76 13.12
C PHE F 1045 -76.80 -3.14 12.42
N SER F 1046 -77.78 -2.26 12.53
CA SER F 1046 -78.95 -2.21 11.63
C SER F 1046 -78.46 -1.84 10.21
N LEU F 1047 -79.36 -1.78 9.27
CA LEU F 1047 -79.06 -1.27 7.92
C LEU F 1047 -78.60 0.20 8.02
N GLU F 1048 -79.28 1.01 8.80
CA GLU F 1048 -78.93 2.44 9.04
C GLU F 1048 -77.51 2.54 9.63
N GLY F 1049 -77.16 1.69 10.58
CA GLY F 1049 -75.86 1.71 11.21
C GLY F 1049 -74.77 1.31 10.27
N CYS F 1050 -75.02 0.31 9.46
CA CYS F 1050 -74.04 -0.15 8.46
C CYS F 1050 -73.77 0.92 7.40
N VAL F 1051 -74.79 1.51 6.88
CA VAL F 1051 -74.66 2.58 5.89
C VAL F 1051 -73.95 3.75 6.54
N GLU F 1052 -74.31 4.10 7.78
CA GLU F 1052 -73.61 5.25 8.45
C GLU F 1052 -72.16 4.90 8.58
N MET F 1053 -71.83 3.70 9.00
CA MET F 1053 -70.43 3.35 9.23
C MET F 1053 -69.72 3.32 7.89
N ALA F 1054 -70.38 2.83 6.85
CA ALA F 1054 -69.71 2.73 5.54
C ALA F 1054 -69.44 4.15 5.02
N TRP F 1055 -70.34 5.05 5.23
CA TRP F 1055 -70.16 6.49 4.90
C TRP F 1055 -69.04 7.10 5.75
N ILE F 1056 -69.07 6.87 7.06
CA ILE F 1056 -68.03 7.44 7.96
C ILE F 1056 -66.69 6.96 7.50
N MET F 1057 -66.58 5.69 7.21
CA MET F 1057 -65.29 5.08 6.87
C MET F 1057 -64.92 5.31 5.41
N GLY F 1058 -65.70 6.02 4.65
CA GLY F 1058 -65.32 6.34 3.26
C GLY F 1058 -65.46 5.14 2.31
N PHE F 1059 -66.16 4.08 2.69
CA PHE F 1059 -66.36 2.89 1.83
C PHE F 1059 -67.31 3.22 0.71
N ILE F 1060 -68.36 3.94 1.04
CA ILE F 1060 -69.43 4.38 0.11
C ILE F 1060 -69.44 5.89 0.06
N SER F 1061 -69.83 6.41 -1.07
CA SER F 1061 -70.02 7.85 -1.34
C SER F 1061 -71.28 7.94 -2.13
N TYR F 1062 -71.89 9.07 -2.04
CA TYR F 1062 -73.12 9.29 -2.78
C TYR F 1062 -72.80 9.80 -4.18
N HIS F 1063 -73.68 9.49 -5.12
CA HIS F 1063 -73.53 9.84 -6.54
C HIS F 1063 -74.89 10.20 -7.08
N ASN F 1064 -75.01 11.38 -7.66
CA ASN F 1064 -76.23 11.79 -8.36
C ASN F 1064 -75.83 12.33 -9.73
N GLY F 1065 -76.13 11.57 -10.77
CA GLY F 1065 -75.84 11.96 -12.16
C GLY F 1065 -75.62 10.74 -13.01
N ASN F 1066 -75.02 10.92 -14.19
CA ASN F 1066 -74.77 9.81 -15.14
C ASN F 1066 -73.63 8.96 -14.58
N LEU F 1067 -73.83 7.65 -14.66
CA LEU F 1067 -72.82 6.65 -14.23
C LEU F 1067 -72.84 5.51 -15.26
N LYS F 1068 -71.81 5.48 -16.11
CA LYS F 1068 -71.66 4.51 -17.24
C LYS F 1068 -72.92 4.57 -18.10
N GLY F 1069 -73.25 5.78 -18.59
CA GLY F 1069 -74.42 6.03 -19.46
C GLY F 1069 -75.69 6.31 -18.67
N ARG F 1070 -76.21 5.30 -17.95
CA ARG F 1070 -77.51 5.36 -17.23
C ARG F 1070 -77.43 6.41 -16.12
N PRO F 1071 -78.53 7.15 -15.82
CA PRO F 1071 -78.54 8.08 -14.70
C PRO F 1071 -78.71 7.32 -13.37
N TYR F 1072 -77.87 7.61 -12.37
CA TYR F 1072 -77.89 6.91 -11.06
C TYR F 1072 -77.94 7.94 -9.92
N THR F 1073 -78.79 7.64 -8.96
CA THR F 1073 -78.89 8.34 -7.66
C THR F 1073 -78.70 7.29 -6.58
N GLY F 1074 -77.56 7.29 -5.90
CA GLY F 1074 -77.39 6.47 -4.69
C GLY F 1074 -75.95 6.31 -4.33
N TRP F 1075 -75.72 5.31 -3.53
CA TRP F 1075 -74.41 4.99 -3.03
C TRP F 1075 -73.64 4.32 -4.14
N VAL F 1076 -72.37 4.64 -4.19
CA VAL F 1076 -71.34 3.92 -4.96
C VAL F 1076 -70.20 3.57 -4.02
N ASP F 1077 -69.43 2.58 -4.43
CA ASP F 1077 -68.13 2.24 -3.84
C ASP F 1077 -67.21 3.41 -4.08
N SER F 1078 -66.59 3.91 -3.02
CA SER F 1078 -65.73 5.11 -3.09
C SER F 1078 -64.55 4.85 -4.04
N LYS F 1079 -63.99 3.65 -4.02
CA LYS F 1079 -62.79 3.29 -4.82
C LYS F 1079 -63.19 3.10 -6.29
N THR F 1080 -64.08 2.13 -6.58
CA THR F 1080 -64.42 1.62 -7.93
C THR F 1080 -65.48 2.49 -8.62
N LYS F 1081 -66.34 3.15 -7.85
CA LYS F 1081 -67.46 4.00 -8.29
C LYS F 1081 -68.59 3.16 -8.83
N GLU F 1082 -68.61 1.88 -8.49
CA GLU F 1082 -69.72 0.95 -8.80
C GLU F 1082 -70.89 1.22 -7.88
N PRO F 1083 -72.12 1.25 -8.41
CA PRO F 1083 -73.31 1.33 -7.59
C PRO F 1083 -73.35 0.26 -6.51
N VAL F 1084 -73.89 0.64 -5.37
CA VAL F 1084 -74.05 -0.26 -4.21
C VAL F 1084 -75.45 -0.02 -3.73
N ASP F 1085 -76.22 -1.08 -3.62
CA ASP F 1085 -77.56 -0.96 -3.03
C ASP F 1085 -77.34 -0.99 -1.52
N ASP F 1086 -78.21 -0.30 -0.78
CA ASP F 1086 -78.19 -0.26 0.69
C ASP F 1086 -78.20 -1.69 1.22
N LYS F 1087 -79.07 -2.57 0.70
CA LYS F 1087 -79.23 -3.98 1.15
C LYS F 1087 -77.93 -4.77 1.01
N ASP F 1088 -77.02 -4.34 0.15
CA ASP F 1088 -75.72 -5.03 -0.11
C ASP F 1088 -74.59 -4.44 0.73
N VAL F 1089 -74.83 -3.33 1.44
CA VAL F 1089 -73.75 -2.66 2.20
C VAL F 1089 -73.21 -3.66 3.21
N LYS F 1090 -74.10 -4.31 3.94
CA LYS F 1090 -73.70 -5.31 4.96
C LYS F 1090 -72.82 -6.39 4.36
N ALA F 1091 -73.28 -7.07 3.31
CA ALA F 1091 -72.48 -8.19 2.73
C ALA F 1091 -71.17 -7.63 2.19
N LYS F 1092 -71.21 -6.45 1.57
CA LYS F 1092 -70.01 -5.91 0.91
C LYS F 1092 -69.02 -5.36 1.96
N TYR F 1093 -69.49 -4.69 3.01
CA TYR F 1093 -68.56 -3.88 3.85
C TYR F 1093 -68.53 -4.29 5.32
N GLU F 1094 -69.52 -4.99 5.83
CA GLU F 1094 -69.64 -5.16 7.30
C GLU F 1094 -68.39 -5.79 7.87
N THR F 1095 -67.82 -6.77 7.22
CA THR F 1095 -66.61 -7.42 7.75
C THR F 1095 -65.50 -6.38 7.86
N SER F 1096 -65.33 -5.54 6.86
CA SER F 1096 -64.31 -4.48 6.85
C SER F 1096 -64.62 -3.46 7.95
N ILE F 1097 -65.87 -3.08 8.08
CA ILE F 1097 -66.30 -2.08 9.09
C ILE F 1097 -65.89 -2.61 10.46
N LEU F 1098 -66.23 -3.86 10.77
CA LEU F 1098 -65.97 -4.45 12.08
C LEU F 1098 -64.50 -4.67 12.32
N GLU F 1099 -63.73 -4.98 11.30
CA GLU F 1099 -62.29 -5.15 11.47
C GLU F 1099 -61.57 -3.81 11.72
N HIS F 1100 -62.08 -2.70 11.18
CA HIS F 1100 -61.37 -1.41 11.21
C HIS F 1100 -62.12 -0.40 12.09
N SER F 1101 -62.86 -0.88 13.07
CA SER F 1101 -63.58 -0.10 14.08
C SER F 1101 -63.26 -0.66 15.44
N GLY F 1102 -63.50 0.15 16.46
CA GLY F 1102 -63.35 -0.31 17.84
C GLY F 1102 -61.93 -0.53 18.25
N ILE F 1103 -61.79 -1.33 19.29
CA ILE F 1103 -60.49 -1.62 19.90
C ILE F 1103 -59.82 -2.67 19.01
N ARG F 1104 -58.64 -2.37 18.54
CA ARG F 1104 -57.99 -3.16 17.48
C ARG F 1104 -56.52 -2.85 17.46
N LEU F 1105 -55.75 -3.64 16.74
CA LEU F 1105 -54.33 -3.36 16.62
C LEU F 1105 -54.13 -1.94 16.10
N ILE F 1106 -53.11 -1.30 16.63
CA ILE F 1106 -52.81 0.09 16.23
C ILE F 1106 -52.48 0.07 14.77
N GLU F 1107 -53.12 0.94 14.02
CA GLU F 1107 -52.87 1.10 12.57
C GLU F 1107 -51.89 2.26 12.37
N PRO F 1108 -50.65 2.01 11.92
CA PRO F 1108 -49.64 3.08 11.80
C PRO F 1108 -50.06 4.25 10.90
N GLU F 1109 -50.85 3.97 9.88
CA GLU F 1109 -51.35 5.00 8.92
C GLU F 1109 -52.25 6.01 9.64
N LEU F 1110 -52.81 5.68 10.81
CA LEU F 1110 -53.69 6.65 11.51
C LEU F 1110 -52.87 7.52 12.43
N PHE F 1111 -51.62 7.15 12.71
CA PHE F 1111 -50.79 7.80 13.76
C PHE F 1111 -49.43 8.16 13.18
N ASN F 1112 -49.42 8.70 11.97
CA ASN F 1112 -48.18 9.22 11.32
C ASN F 1112 -47.08 8.17 11.30
N GLY F 1113 -47.45 6.93 10.99
CA GLY F 1113 -46.54 5.80 10.84
C GLY F 1113 -46.04 5.23 12.15
N TYR F 1114 -46.55 5.70 13.29
CA TYR F 1114 -46.26 5.06 14.58
C TYR F 1114 -46.54 3.56 14.52
N ASN F 1115 -45.55 2.79 14.90
CA ASN F 1115 -45.57 1.32 14.91
C ASN F 1115 -45.02 0.93 16.25
N PRO F 1116 -45.88 0.51 17.20
CA PRO F 1116 -45.40 0.15 18.51
C PRO F 1116 -44.39 -1.01 18.46
N GLU F 1117 -44.44 -1.81 17.41
CA GLU F 1117 -43.51 -2.96 17.28
C GLU F 1117 -42.12 -2.42 16.93
N LYS F 1118 -42.02 -1.18 16.48
CA LYS F 1118 -40.77 -0.57 16.02
C LYS F 1118 -40.80 0.91 16.36
N LYS F 1119 -40.59 1.15 17.61
CA LYS F 1119 -40.55 2.51 18.17
C LYS F 1119 -39.16 3.12 17.96
N GLU F 1120 -39.11 4.29 17.34
CA GLU F 1120 -37.86 5.00 16.94
C GLU F 1120 -37.33 5.81 18.10
N MET F 1121 -36.18 5.43 18.64
CA MET F 1121 -35.36 6.23 19.58
C MET F 1121 -33.99 6.55 18.95
N ILE F 1122 -33.20 7.38 19.63
CA ILE F 1122 -31.85 7.72 19.13
C ILE F 1122 -30.95 7.53 20.31
N GLN F 1123 -29.75 7.10 20.00
CA GLN F 1123 -28.73 6.81 20.98
C GLN F 1123 -27.53 7.71 20.67
N GLU F 1124 -27.06 8.42 21.67
CA GLU F 1124 -25.88 9.31 21.58
C GLU F 1124 -24.67 8.39 21.49
N VAL F 1125 -23.82 8.56 20.50
CA VAL F 1125 -22.53 7.80 20.41
C VAL F 1125 -21.37 8.75 20.15
N ILE F 1126 -20.28 8.57 20.88
CA ILE F 1126 -19.03 9.32 20.60
C ILE F 1126 -18.36 8.64 19.39
N VAL F 1127 -18.25 9.37 18.28
CA VAL F 1127 -17.44 9.04 17.07
C VAL F 1127 -16.05 8.57 17.56
N GLU F 1128 -15.61 7.36 17.21
CA GLU F 1128 -14.26 6.86 17.60
C GLU F 1128 -13.26 7.23 16.49
N GLU F 1129 -13.75 7.36 15.25
CA GLU F 1129 -12.92 7.71 14.08
C GLU F 1129 -13.62 8.74 13.20
N ASP F 1130 -12.85 9.63 12.58
CA ASP F 1130 -13.40 10.73 11.73
C ASP F 1130 -14.33 10.12 10.68
N LEU F 1131 -15.43 10.79 10.40
CA LEU F 1131 -16.41 10.36 9.39
C LEU F 1131 -15.89 10.80 8.02
N GLU F 1132 -16.35 10.11 6.99
CA GLU F 1132 -16.22 10.57 5.60
C GLU F 1132 -16.86 11.96 5.54
N PRO F 1133 -16.15 12.98 5.03
CA PRO F 1133 -16.77 14.27 4.75
C PRO F 1133 -18.07 14.14 3.96
N PHE F 1134 -19.00 15.05 4.22
CA PHE F 1134 -20.26 15.17 3.45
C PHE F 1134 -20.45 16.66 3.16
N GLU F 1135 -21.26 16.95 2.18
CA GLU F 1135 -21.48 18.30 1.64
C GLU F 1135 -22.69 18.87 2.36
N ALA F 1136 -22.65 20.15 2.69
CA ALA F 1136 -23.75 20.90 3.30
C ALA F 1136 -23.65 22.33 2.80
N SER F 1137 -24.74 23.08 2.82
CA SER F 1137 -24.75 24.53 2.60
C SER F 1137 -23.85 25.19 3.64
N LYS F 1138 -23.46 26.43 3.36
CA LYS F 1138 -22.65 27.26 4.27
C LYS F 1138 -23.40 27.39 5.61
N GLU F 1139 -24.69 27.75 5.53
CA GLU F 1139 -25.56 27.96 6.72
C GLU F 1139 -25.49 26.72 7.61
N THR F 1140 -25.80 25.56 7.07
CA THR F 1140 -25.85 24.28 7.82
C THR F 1140 -24.46 23.96 8.36
N ALA F 1141 -23.44 24.15 7.53
CA ALA F 1141 -22.04 23.82 7.94
C ALA F 1141 -21.70 24.67 9.15
N GLU F 1142 -22.05 25.93 9.12
CA GLU F 1142 -21.76 26.81 10.29
C GLU F 1142 -22.55 26.39 11.54
N GLN F 1143 -23.74 25.82 11.38
CA GLN F 1143 -24.53 25.29 12.53
C GLN F 1143 -23.85 24.05 13.06
N PHE F 1144 -23.25 23.22 12.19
CA PHE F 1144 -22.47 22.05 12.67
C PHE F 1144 -21.27 22.50 13.42
N LYS F 1145 -20.63 23.55 12.92
CA LYS F 1145 -19.40 24.07 13.56
C LYS F 1145 -19.72 24.69 14.89
N HIS F 1146 -20.76 25.50 14.93
CA HIS F 1146 -21.25 26.06 16.22
C HIS F 1146 -21.47 24.94 17.23
N GLN F 1147 -22.09 23.83 16.84
CA GLN F 1147 -22.35 22.75 17.81
C GLN F 1147 -21.09 22.02 18.25
N HIS F 1148 -20.27 21.61 17.30
CA HIS F 1148 -19.18 20.66 17.60
C HIS F 1148 -17.86 21.36 17.92
N GLY F 1149 -17.68 22.62 17.47
CA GLY F 1149 -16.44 23.38 17.73
C GLY F 1149 -15.25 22.66 17.15
N ASP F 1150 -14.31 22.20 17.98
CA ASP F 1150 -13.06 21.57 17.46
C ASP F 1150 -13.35 20.16 16.92
N LYS F 1151 -14.53 19.55 17.21
CA LYS F 1151 -14.81 18.16 16.78
C LYS F 1151 -15.38 18.16 15.38
N VAL F 1152 -15.32 19.26 14.66
CA VAL F 1152 -15.75 19.27 13.25
C VAL F 1152 -14.89 20.27 12.50
N ASP F 1153 -14.69 19.97 11.22
CA ASP F 1153 -14.00 20.88 10.28
C ASP F 1153 -14.91 21.06 9.12
N ILE F 1154 -15.03 22.31 8.74
CA ILE F 1154 -15.84 22.72 7.61
C ILE F 1154 -14.93 23.57 6.73
N PHE F 1155 -15.09 23.41 5.43
CA PHE F 1155 -14.24 24.07 4.42
C PHE F 1155 -15.11 24.42 3.25
N GLU F 1156 -15.07 25.66 2.81
CA GLU F 1156 -15.72 26.06 1.54
C GLU F 1156 -15.11 25.19 0.43
N ILE F 1157 -15.95 24.72 -0.46
CA ILE F 1157 -15.58 24.13 -1.78
C ILE F 1157 -15.70 25.27 -2.77
N PRO F 1158 -14.57 25.89 -3.23
CA PRO F 1158 -14.63 27.19 -3.91
C PRO F 1158 -15.49 27.19 -5.19
N GLU F 1159 -15.50 26.07 -5.90
CA GLU F 1159 -16.20 25.89 -7.20
C GLU F 1159 -17.71 26.14 -7.01
N THR F 1160 -18.31 25.42 -6.07
CA THR F 1160 -19.79 25.29 -5.89
C THR F 1160 -20.31 26.27 -4.83
N GLY F 1161 -19.47 26.71 -3.88
CA GLY F 1161 -19.88 27.54 -2.73
C GLY F 1161 -20.48 26.71 -1.59
N GLU F 1162 -20.66 25.41 -1.77
CA GLU F 1162 -21.05 24.44 -0.71
C GLU F 1162 -19.85 24.24 0.22
N TYR F 1163 -20.07 23.52 1.31
CA TYR F 1163 -19.08 23.29 2.36
C TYR F 1163 -18.93 21.81 2.58
N SER F 1164 -17.72 21.38 2.89
CA SER F 1164 -17.48 20.00 3.29
C SER F 1164 -17.64 20.03 4.79
N VAL F 1165 -18.23 18.98 5.34
CA VAL F 1165 -18.35 18.89 6.81
C VAL F 1165 -17.66 17.61 7.19
N LYS F 1166 -16.76 17.71 8.12
CA LYS F 1166 -15.90 16.59 8.49
C LYS F 1166 -16.00 16.49 9.99
N LEU F 1167 -16.80 15.53 10.46
CA LEU F 1167 -16.95 15.21 11.89
C LEU F 1167 -15.73 14.44 12.31
N LEU F 1168 -15.09 14.83 13.39
CA LEU F 1168 -13.82 14.25 13.86
C LEU F 1168 -14.09 13.35 15.04
N LYS F 1169 -13.16 12.45 15.29
CA LYS F 1169 -13.03 11.64 16.51
C LYS F 1169 -13.43 12.50 17.70
N GLY F 1170 -14.25 11.94 18.59
CA GLY F 1170 -14.70 12.61 19.83
C GLY F 1170 -16.01 13.37 19.65
N ALA F 1171 -16.43 13.68 18.42
CA ALA F 1171 -17.75 14.29 18.13
C ALA F 1171 -18.90 13.35 18.55
N THR F 1172 -20.03 13.96 18.93
CA THR F 1172 -21.28 13.27 19.37
C THR F 1172 -22.17 13.13 18.16
N LEU F 1173 -22.68 11.93 17.94
CA LEU F 1173 -23.64 11.60 16.87
C LEU F 1173 -24.87 10.98 17.59
N TYR F 1174 -25.95 10.88 16.88
CA TYR F 1174 -27.10 10.10 17.37
C TYR F 1174 -27.43 9.09 16.30
N ILE F 1175 -27.59 7.86 16.76
CA ILE F 1175 -27.88 6.72 15.86
C ILE F 1175 -29.23 6.19 16.21
N PRO F 1176 -30.15 6.19 15.26
CA PRO F 1176 -31.47 5.67 15.46
C PRO F 1176 -31.41 4.20 15.90
N LYS F 1177 -32.29 3.85 16.79
CA LYS F 1177 -32.49 2.47 17.28
C LYS F 1177 -33.99 2.30 17.49
N ALA F 1178 -34.45 1.06 17.50
CA ALA F 1178 -35.89 0.74 17.52
C ALA F 1178 -36.09 -0.12 18.74
N LEU F 1179 -37.21 0.13 19.42
CA LEU F 1179 -37.63 -0.56 20.64
C LEU F 1179 -38.94 -1.26 20.27
N ARG F 1180 -39.14 -2.48 20.73
CA ARG F 1180 -40.44 -3.19 20.66
C ARG F 1180 -41.25 -2.77 21.89
N PHE F 1181 -42.35 -2.09 21.67
CA PHE F 1181 -43.21 -1.70 22.81
C PHE F 1181 -44.36 -2.73 22.88
N ASP F 1182 -44.90 -2.96 24.06
CA ASP F 1182 -45.86 -4.06 24.33
C ASP F 1182 -47.31 -3.54 24.44
N ARG F 1183 -47.60 -2.30 24.06
CA ARG F 1183 -49.00 -1.84 23.91
C ARG F 1183 -49.28 -1.71 22.42
N LEU F 1184 -50.02 -2.66 21.89
CA LEU F 1184 -50.17 -2.84 20.44
C LEU F 1184 -51.56 -2.50 20.00
N VAL F 1185 -52.45 -2.25 20.93
CA VAL F 1185 -53.88 -2.17 20.65
C VAL F 1185 -54.44 -0.83 21.23
N ALA F 1186 -55.41 -0.26 20.55
CA ALA F 1186 -56.09 0.96 21.02
C ALA F 1186 -57.46 1.04 20.38
N GLY F 1187 -58.31 1.78 21.05
CA GLY F 1187 -59.60 2.19 20.53
C GLY F 1187 -59.37 3.30 19.56
N GLN F 1188 -59.49 3.04 18.30
CA GLN F 1188 -59.10 4.03 17.28
C GLN F 1188 -60.33 4.41 16.57
N ILE F 1189 -60.40 5.65 16.17
CA ILE F 1189 -61.52 6.08 15.30
C ILE F 1189 -61.50 5.20 14.04
N PRO F 1190 -62.66 4.84 13.47
CA PRO F 1190 -62.71 3.86 12.37
C PRO F 1190 -61.79 4.28 11.24
N THR F 1191 -61.05 3.32 10.71
CA THR F 1191 -60.16 3.56 9.56
C THR F 1191 -60.95 4.14 8.41
N GLY F 1192 -60.55 5.31 7.96
CA GLY F 1192 -61.17 6.00 6.84
C GLY F 1192 -61.95 7.19 7.25
N TRP F 1193 -62.21 7.35 8.56
CA TRP F 1193 -62.77 8.59 9.07
C TRP F 1193 -61.95 9.75 8.51
N ASN F 1194 -62.65 10.74 8.08
CA ASN F 1194 -61.97 11.89 7.43
C ASN F 1194 -62.85 13.06 7.68
N ALA F 1195 -62.26 14.13 8.17
CA ALA F 1195 -63.01 15.33 8.48
C ALA F 1195 -63.61 15.91 7.20
N LYS F 1196 -62.99 15.67 6.07
CA LYS F 1196 -63.56 16.17 4.79
C LYS F 1196 -64.91 15.53 4.51
N THR F 1197 -65.16 14.30 4.97
CA THR F 1197 -66.45 13.62 4.77
C THR F 1197 -67.54 14.45 5.42
N TYR F 1198 -67.20 15.11 6.53
CA TYR F 1198 -68.18 15.95 7.26
C TYR F 1198 -68.24 17.34 6.64
N GLY F 1199 -67.32 17.72 5.79
CA GLY F 1199 -67.40 19.07 5.22
C GLY F 1199 -66.24 19.97 5.65
N ILE F 1200 -65.30 19.49 6.45
CA ILE F 1200 -64.26 20.40 6.94
C ILE F 1200 -63.24 20.58 5.81
N SER F 1201 -62.91 21.82 5.53
CA SER F 1201 -62.01 22.20 4.42
C SER F 1201 -60.60 21.76 4.71
N ASP F 1202 -59.80 21.58 3.64
CA ASP F 1202 -58.36 21.22 3.73
C ASP F 1202 -57.54 22.29 4.45
N ASP F 1203 -57.90 23.54 4.31
CA ASP F 1203 -57.19 24.64 5.02
C ASP F 1203 -57.30 24.43 6.55
N ILE F 1204 -58.48 24.04 7.04
CA ILE F 1204 -58.67 23.79 8.49
C ILE F 1204 -57.91 22.56 8.89
N ILE F 1205 -58.04 21.51 8.10
CA ILE F 1205 -57.37 20.24 8.38
C ILE F 1205 -55.89 20.49 8.50
N SER F 1206 -55.33 21.29 7.62
CA SER F 1206 -53.86 21.50 7.60
C SER F 1206 -53.44 22.37 8.80
N GLN F 1207 -54.28 23.27 9.25
CA GLN F 1207 -53.96 24.19 10.35
C GLN F 1207 -54.03 23.47 11.71
N VAL F 1208 -55.06 22.69 11.97
CA VAL F 1208 -55.40 22.31 13.39
C VAL F 1208 -54.79 20.97 13.74
N ASP F 1209 -54.63 20.73 15.01
CA ASP F 1209 -54.33 19.39 15.53
C ASP F 1209 -55.50 18.47 15.20
N PRO F 1210 -55.27 17.17 14.92
CA PRO F 1210 -56.39 16.25 14.68
C PRO F 1210 -57.48 16.24 15.76
N ILE F 1211 -57.11 16.45 17.02
CA ILE F 1211 -58.13 16.49 18.09
C ILE F 1211 -59.18 17.51 17.74
N THR F 1212 -58.77 18.65 17.19
CA THR F 1212 -59.65 19.75 16.88
C THR F 1212 -60.68 19.31 15.85
N LEU F 1213 -60.32 18.45 14.95
CA LEU F 1213 -61.30 17.95 13.96
C LEU F 1213 -62.33 17.04 14.63
N PHE F 1214 -61.91 16.26 15.60
CA PHE F 1214 -62.90 15.44 16.32
C PHE F 1214 -63.92 16.33 17.01
N VAL F 1215 -63.43 17.39 17.63
CA VAL F 1215 -64.30 18.35 18.32
C VAL F 1215 -65.19 19.04 17.34
N LEU F 1216 -64.62 19.57 16.26
CA LEU F 1216 -65.48 20.33 15.33
C LEU F 1216 -66.62 19.44 14.84
N VAL F 1217 -66.29 18.21 14.46
CA VAL F 1217 -67.37 17.27 14.05
C VAL F 1217 -68.36 16.99 15.18
N SER F 1218 -67.89 16.71 16.37
CA SER F 1218 -68.80 16.45 17.49
C SER F 1218 -69.71 17.61 17.78
N VAL F 1219 -69.17 18.83 17.70
CA VAL F 1219 -69.98 20.01 17.97
C VAL F 1219 -71.05 20.19 16.92
N VAL F 1220 -70.72 20.04 15.66
CA VAL F 1220 -71.79 20.26 14.67
C VAL F 1220 -72.83 19.15 14.85
N GLU F 1221 -72.36 17.94 15.03
CA GLU F 1221 -73.30 16.84 15.25
C GLU F 1221 -74.12 17.03 16.50
N ALA F 1222 -73.59 17.60 17.58
CA ALA F 1222 -74.41 17.84 18.79
C ALA F 1222 -75.47 18.86 18.47
N PHE F 1223 -75.13 19.91 17.76
CA PHE F 1223 -76.11 20.92 17.32
C PHE F 1223 -77.17 20.28 16.44
N ILE F 1224 -76.82 19.39 15.55
CA ILE F 1224 -77.83 18.69 14.73
C ILE F 1224 -78.75 17.86 15.62
N ALA F 1225 -78.19 17.15 16.60
CA ALA F 1225 -78.97 16.38 17.56
C ALA F 1225 -79.88 17.28 18.41
N SER F 1226 -79.57 18.58 18.50
CA SER F 1226 -80.40 19.61 19.13
C SER F 1226 -81.33 20.24 18.11
N GLY F 1227 -81.34 19.79 16.86
CA GLY F 1227 -82.10 20.43 15.79
C GLY F 1227 -81.66 21.85 15.47
N ILE F 1228 -80.47 22.22 15.83
CA ILE F 1228 -79.92 23.58 15.50
C ILE F 1228 -78.96 23.33 14.36
N THR F 1229 -79.35 23.69 13.17
CA THR F 1229 -78.50 23.44 12.00
C THR F 1229 -77.70 24.70 11.68
N ASP F 1230 -78.20 25.86 12.05
CA ASP F 1230 -77.47 27.14 11.98
C ASP F 1230 -77.27 27.60 13.42
N PRO F 1231 -76.07 27.51 13.97
CA PRO F 1231 -75.87 27.95 15.36
C PRO F 1231 -76.30 29.39 15.61
N TYR F 1232 -76.32 30.23 14.57
CA TYR F 1232 -76.69 31.64 14.76
C TYR F 1232 -78.14 31.80 15.13
N GLU F 1233 -78.93 30.73 15.00
CA GLU F 1233 -80.31 30.75 15.46
C GLU F 1233 -80.42 30.96 16.96
N MET F 1234 -79.42 30.50 17.71
CA MET F 1234 -79.38 30.75 19.15
C MET F 1234 -79.53 32.25 19.40
N TYR F 1235 -78.93 33.08 18.55
CA TYR F 1235 -78.93 34.53 18.75
C TYR F 1235 -80.27 35.17 18.42
N LYS F 1236 -81.27 34.41 18.03
CA LYS F 1236 -82.68 34.90 18.00
C LYS F 1236 -83.26 34.90 19.38
N TYR F 1237 -82.68 34.12 20.29
CA TYR F 1237 -83.20 33.86 21.62
C TYR F 1237 -82.30 34.41 22.71
N VAL F 1238 -80.99 34.39 22.50
CA VAL F 1238 -80.09 34.85 23.58
C VAL F 1238 -79.13 35.89 23.04
N HIS F 1239 -78.53 36.62 23.94
CA HIS F 1239 -77.42 37.53 23.58
C HIS F 1239 -76.19 36.70 23.18
N VAL F 1240 -75.32 37.24 22.35
CA VAL F 1240 -73.98 36.64 22.04
C VAL F 1240 -73.13 36.42 23.28
N SER F 1241 -73.42 37.08 24.38
CA SER F 1241 -72.68 36.90 25.63
C SER F 1241 -73.14 35.65 26.38
N GLU F 1242 -74.14 34.94 25.90
CA GLU F 1242 -74.91 33.97 26.70
C GLU F 1242 -74.76 32.56 26.17
N VAL F 1243 -73.88 32.34 25.22
CA VAL F 1243 -73.52 31.03 24.71
C VAL F 1243 -72.08 30.72 25.09
N GLY F 1244 -71.89 29.71 25.92
CA GLY F 1244 -70.60 29.36 26.48
C GLY F 1244 -70.03 28.10 25.93
N ASN F 1245 -68.73 27.96 26.09
CA ASN F 1245 -68.04 26.71 25.81
C ASN F 1245 -67.30 26.33 27.07
N CYS F 1246 -67.68 25.21 27.68
CA CYS F 1246 -66.99 24.73 28.91
C CYS F 1246 -66.36 23.35 28.66
N SER F 1247 -66.14 22.97 27.40
CA SER F 1247 -65.56 21.67 27.08
C SER F 1247 -64.08 21.73 27.28
N GLY F 1248 -63.50 20.59 27.51
CA GLY F 1248 -62.06 20.52 27.71
C GLY F 1248 -61.40 19.25 27.31
N SER F 1249 -60.18 19.14 27.74
CA SER F 1249 -59.31 18.01 27.34
C SER F 1249 -58.38 17.71 28.48
N GLY F 1250 -57.88 16.50 28.56
CA GLY F 1250 -56.84 16.17 29.54
C GLY F 1250 -55.48 16.58 29.07
N MET F 1251 -55.22 16.49 27.78
CA MET F 1251 -53.86 16.69 27.24
C MET F 1251 -53.83 17.60 26.01
N GLY F 1252 -54.94 17.85 25.37
CA GLY F 1252 -54.91 18.79 24.24
C GLY F 1252 -54.23 18.23 23.01
N GLY F 1253 -53.69 19.13 22.21
CA GLY F 1253 -53.18 18.87 20.86
C GLY F 1253 -51.83 18.23 20.95
N VAL F 1254 -51.81 16.95 21.27
CA VAL F 1254 -50.56 16.22 21.53
C VAL F 1254 -49.78 16.04 20.24
N SER F 1255 -50.41 16.09 19.08
CA SER F 1255 -49.68 16.04 17.79
C SER F 1255 -48.90 17.37 17.64
N ALA F 1256 -49.45 18.47 18.10
CA ALA F 1256 -48.78 19.78 18.07
C ALA F 1256 -47.65 19.76 19.08
N LEU F 1257 -47.82 19.12 20.23
CA LEU F 1257 -46.71 19.00 21.19
C LEU F 1257 -45.58 18.23 20.56
N ARG F 1258 -45.88 17.15 19.87
CA ARG F 1258 -44.85 16.37 19.20
C ARG F 1258 -44.09 17.27 18.23
N GLY F 1259 -44.81 18.04 17.43
CA GLY F 1259 -44.28 19.04 16.51
C GLY F 1259 -43.25 19.90 17.19
N MET F 1260 -43.58 20.48 18.32
CA MET F 1260 -42.68 21.46 18.95
C MET F 1260 -41.58 20.83 19.75
N PHE F 1261 -41.77 19.64 20.33
CA PHE F 1261 -40.74 19.00 21.14
C PHE F 1261 -39.87 18.07 20.35
N LYS F 1262 -40.34 17.52 19.26
CA LYS F 1262 -39.59 16.45 18.58
C LYS F 1262 -39.33 16.81 17.14
N ASP F 1263 -40.36 17.16 16.41
CA ASP F 1263 -40.20 17.47 14.98
C ASP F 1263 -39.30 18.70 14.84
N ARG F 1264 -39.46 19.70 15.70
CA ARG F 1264 -38.65 20.94 15.61
C ARG F 1264 -37.21 20.59 15.92
N PHE F 1265 -36.97 19.72 16.88
CA PHE F 1265 -35.62 19.32 17.31
C PHE F 1265 -34.88 18.58 16.19
N LYS F 1266 -35.61 17.86 15.32
CA LYS F 1266 -35.07 17.13 14.16
C LYS F 1266 -35.11 18.00 12.93
N ASP F 1267 -35.35 19.29 13.12
CA ASP F 1267 -35.36 20.31 12.05
C ASP F 1267 -36.30 19.86 10.95
N GLU F 1268 -37.40 19.18 11.31
CA GLU F 1268 -38.45 18.81 10.33
C GLU F 1268 -39.34 20.02 10.08
N PRO F 1269 -40.01 20.10 8.92
CA PRO F 1269 -40.94 21.20 8.65
C PRO F 1269 -42.11 21.09 9.66
N VAL F 1270 -42.33 22.14 10.42
CA VAL F 1270 -43.44 22.31 11.40
C VAL F 1270 -43.98 23.71 11.20
N GLN F 1271 -45.29 23.87 11.11
CA GLN F 1271 -45.93 25.17 10.94
C GLN F 1271 -45.46 26.10 12.08
N ASN F 1272 -45.32 27.37 11.79
CA ASN F 1272 -44.71 28.34 12.73
C ASN F 1272 -45.63 28.56 13.95
N ASP F 1273 -46.91 28.33 13.78
CA ASP F 1273 -47.87 28.52 14.89
C ASP F 1273 -48.30 27.17 15.47
N ILE F 1274 -47.41 26.19 15.50
CA ILE F 1274 -47.74 24.88 16.10
C ILE F 1274 -48.13 25.02 17.57
N LEU F 1275 -47.50 25.91 18.31
CA LEU F 1275 -47.72 25.98 19.77
C LEU F 1275 -49.21 26.23 20.07
N GLN F 1276 -49.82 27.14 19.36
CA GLN F 1276 -51.22 27.53 19.58
C GLN F 1276 -52.14 26.32 19.39
N GLU F 1277 -51.78 25.40 18.51
CA GLU F 1277 -52.64 24.26 18.18
C GLU F 1277 -52.49 23.22 19.25
N SER F 1278 -51.51 23.31 20.12
CA SER F 1278 -51.33 22.38 21.23
C SER F 1278 -52.27 22.72 22.38
N PHE F 1279 -52.60 23.99 22.58
CA PHE F 1279 -53.25 24.43 23.83
C PHE F 1279 -54.59 23.75 24.00
N ILE F 1280 -54.89 23.37 25.21
CA ILE F 1280 -56.15 22.65 25.54
C ILE F 1280 -57.34 23.51 25.17
N ASN F 1281 -57.19 24.81 25.26
CA ASN F 1281 -58.30 25.72 24.93
C ASN F 1281 -58.37 26.11 23.48
N THR F 1282 -57.47 25.67 22.65
CA THR F 1282 -57.49 26.04 21.23
C THR F 1282 -58.64 25.34 20.54
N MET F 1283 -59.01 24.12 20.95
CA MET F 1283 -60.14 23.43 20.28
C MET F 1283 -61.41 24.26 20.41
N SER F 1284 -61.68 24.80 21.59
CA SER F 1284 -62.84 25.67 21.84
C SER F 1284 -62.72 26.98 21.09
N ALA F 1285 -61.52 27.48 20.95
CA ALA F 1285 -61.31 28.70 20.17
C ALA F 1285 -61.73 28.40 18.71
N TRP F 1286 -61.24 27.30 18.13
CA TRP F 1286 -61.64 26.99 16.74
C TRP F 1286 -63.13 26.81 16.56
N VAL F 1287 -63.80 26.18 17.52
CA VAL F 1287 -65.25 26.04 17.52
C VAL F 1287 -65.89 27.40 17.44
N ASN F 1288 -65.42 28.32 18.25
CA ASN F 1288 -66.02 29.65 18.28
C ASN F 1288 -65.71 30.39 16.99
N MET F 1289 -64.53 30.20 16.48
CA MET F 1289 -64.00 30.93 15.31
C MET F 1289 -64.60 30.43 14.03
N LEU F 1290 -64.98 29.16 13.98
CA LEU F 1290 -65.52 28.50 12.74
C LEU F 1290 -67.00 28.35 12.73
N LEU F 1291 -67.67 28.33 13.88
CA LEU F 1291 -69.06 27.92 13.96
C LEU F 1291 -69.88 28.85 14.78
N ILE F 1292 -69.48 29.17 15.98
CA ILE F 1292 -70.47 29.70 16.94
C ILE F 1292 -70.46 31.22 16.97
N SER F 1293 -69.28 31.82 16.97
CA SER F 1293 -69.11 33.30 17.06
C SER F 1293 -69.74 33.90 18.30
N SER F 1294 -69.71 33.24 19.41
CA SER F 1294 -70.22 33.83 20.64
C SER F 1294 -69.19 34.74 21.28
N SER F 1295 -69.68 35.48 22.22
CA SER F 1295 -68.87 36.24 23.15
C SER F 1295 -69.21 35.82 24.54
N GLY F 1296 -69.50 34.55 24.69
CA GLY F 1296 -69.93 34.01 25.96
C GLY F 1296 -68.77 33.44 26.71
N PRO F 1297 -69.07 32.86 27.87
CA PRO F 1297 -68.06 32.30 28.73
C PRO F 1297 -67.27 31.23 28.01
N ILE F 1298 -66.04 31.14 28.42
CA ILE F 1298 -65.13 30.14 27.87
C ILE F 1298 -64.31 29.67 29.06
N LYS F 1299 -64.67 28.52 29.59
CA LYS F 1299 -64.00 27.97 30.78
C LYS F 1299 -63.57 26.59 30.37
N THR F 1300 -62.33 26.41 30.09
CA THR F 1300 -61.79 25.17 29.55
C THR F 1300 -61.21 24.38 30.71
N PRO F 1301 -61.85 23.26 31.13
CA PRO F 1301 -61.30 22.42 32.15
C PRO F 1301 -60.27 21.44 31.61
N VAL F 1302 -59.40 21.07 32.52
CA VAL F 1302 -58.45 19.98 32.34
C VAL F 1302 -58.62 19.07 33.55
N GLY F 1303 -59.06 17.88 33.32
CA GLY F 1303 -59.37 16.98 34.42
C GLY F 1303 -58.99 15.59 34.13
N ALA F 1304 -57.95 15.36 33.33
CA ALA F 1304 -57.56 14.01 32.89
C ALA F 1304 -58.84 13.25 32.53
N CYS F 1305 -59.00 12.06 33.07
CA CYS F 1305 -60.08 11.13 32.71
C CYS F 1305 -61.43 11.66 33.15
N ALA F 1306 -61.49 12.65 34.03
CA ALA F 1306 -62.75 13.22 34.51
C ALA F 1306 -63.06 14.58 33.88
N THR F 1307 -62.39 14.94 32.83
CA THR F 1307 -62.59 16.25 32.19
C THR F 1307 -64.02 16.49 31.79
N SER F 1308 -64.70 15.48 31.26
CA SER F 1308 -66.04 15.66 30.67
C SER F 1308 -67.04 15.91 31.78
N VAL F 1309 -66.86 15.29 32.91
CA VAL F 1309 -67.75 15.56 34.06
C VAL F 1309 -67.42 16.92 34.68
N GLU F 1310 -66.18 17.26 34.84
CA GLU F 1310 -65.81 18.63 35.24
C GLU F 1310 -66.41 19.66 34.28
N SER F 1311 -66.42 19.38 32.99
CA SER F 1311 -67.03 20.24 31.97
C SER F 1311 -68.48 20.50 32.27
N VAL F 1312 -69.20 19.43 32.56
CA VAL F 1312 -70.64 19.53 32.84
C VAL F 1312 -70.82 20.34 34.10
N ASP F 1313 -70.06 20.03 35.15
CA ASP F 1313 -70.18 20.82 36.39
C ASP F 1313 -69.94 22.33 36.11
N ILE F 1314 -68.92 22.67 35.36
CA ILE F 1314 -68.63 24.08 35.00
C ILE F 1314 -69.77 24.65 34.17
N GLY F 1315 -70.26 23.90 33.17
CA GLY F 1315 -71.34 24.39 32.31
C GLY F 1315 -72.60 24.64 33.13
N VAL F 1316 -72.92 23.70 33.97
CA VAL F 1316 -74.09 23.86 34.85
C VAL F 1316 -73.92 25.12 35.65
N GLU F 1317 -72.83 25.26 36.37
CA GLU F 1317 -72.65 26.45 37.23
C GLU F 1317 -72.61 27.74 36.41
N THR F 1318 -72.09 27.72 35.22
CA THR F 1318 -72.05 28.90 34.35
C THR F 1318 -73.49 29.30 34.01
N ILE F 1319 -74.34 28.32 33.73
CA ILE F 1319 -75.75 28.62 33.40
C ILE F 1319 -76.45 29.05 34.68
N LEU F 1320 -76.26 28.38 35.79
CA LEU F 1320 -76.97 28.79 37.03
C LEU F 1320 -76.52 30.16 37.55
N SER F 1321 -75.33 30.61 37.25
CA SER F 1321 -74.80 31.93 37.65
C SER F 1321 -75.37 33.03 36.78
N GLY F 1322 -76.02 32.70 35.67
CA GLY F 1322 -76.59 33.68 34.74
C GLY F 1322 -75.60 34.15 33.70
N LYS F 1323 -74.43 33.54 33.62
CA LYS F 1323 -73.40 33.96 32.66
C LYS F 1323 -73.68 33.41 31.28
N ALA F 1324 -74.38 32.28 31.21
CA ALA F 1324 -74.75 31.66 29.94
C ALA F 1324 -76.17 31.12 30.05
N ARG F 1325 -76.81 30.94 28.92
CA ARG F 1325 -78.07 30.19 28.85
C ARG F 1325 -77.88 28.88 28.12
N ILE F 1326 -76.82 28.80 27.31
CA ILE F 1326 -76.49 27.57 26.53
C ILE F 1326 -75.00 27.34 26.70
N CYS F 1327 -74.58 26.10 26.94
CA CYS F 1327 -73.14 25.82 27.16
C CYS F 1327 -72.71 24.58 26.39
N ILE F 1328 -71.61 24.67 25.63
CA ILE F 1328 -71.06 23.47 24.94
C ILE F 1328 -70.19 22.74 25.96
N VAL F 1329 -70.57 21.53 26.34
CA VAL F 1329 -69.82 20.79 27.36
C VAL F 1329 -69.31 19.52 26.74
N GLY F 1330 -68.29 18.97 27.34
CA GLY F 1330 -67.70 17.72 26.90
C GLY F 1330 -66.24 17.66 27.01
N GLY F 1331 -65.68 16.73 26.28
CA GLY F 1331 -64.28 16.40 26.38
C GLY F 1331 -63.73 15.72 25.19
N TYR F 1332 -62.45 15.72 25.10
CA TYR F 1332 -61.74 15.26 23.92
C TYR F 1332 -60.37 14.89 24.32
N ASP F 1333 -59.82 13.94 23.61
CA ASP F 1333 -58.41 13.57 23.73
C ASP F 1333 -58.04 12.73 22.52
N ASP F 1334 -56.76 12.74 22.22
CA ASP F 1334 -56.18 11.97 21.10
C ASP F 1334 -55.31 10.85 21.64
N PHE F 1335 -54.96 9.93 20.76
CA PHE F 1335 -54.05 8.82 21.06
C PHE F 1335 -52.86 9.17 20.22
N GLN F 1336 -51.67 9.16 20.80
CA GLN F 1336 -50.41 9.22 20.04
C GLN F 1336 -49.36 8.43 20.75
N GLU F 1337 -48.28 8.21 20.02
CA GLU F 1337 -47.15 7.38 20.44
C GLU F 1337 -46.76 7.75 21.85
N GLU F 1338 -46.47 9.02 22.09
CA GLU F 1338 -45.76 9.38 23.32
C GLU F 1338 -46.63 9.10 24.53
N GLY F 1339 -47.88 9.49 24.49
CA GLY F 1339 -48.77 9.23 25.62
C GLY F 1339 -48.95 7.73 25.85
N SER F 1340 -49.06 6.97 24.76
CA SER F 1340 -49.18 5.50 24.87
C SER F 1340 -47.96 4.98 25.58
N PHE F 1341 -46.79 5.48 25.23
CA PHE F 1341 -45.56 4.94 25.85
C PHE F 1341 -45.57 5.24 27.33
N GLU F 1342 -46.00 6.44 27.68
CA GLU F 1342 -45.92 6.85 29.10
C GLU F 1342 -47.01 6.18 29.90
N PHE F 1343 -48.20 6.03 29.36
CA PHE F 1343 -49.21 5.25 30.11
C PHE F 1343 -48.69 3.82 30.30
N GLY F 1344 -47.91 3.29 29.36
CA GLY F 1344 -47.30 1.97 29.55
C GLY F 1344 -46.25 2.01 30.64
N ASN F 1345 -45.38 3.03 30.66
CA ASN F 1345 -44.36 3.13 31.72
C ASN F 1345 -44.99 3.29 33.09
N MET F 1346 -46.15 3.90 33.17
CA MET F 1346 -46.89 4.01 34.46
C MET F 1346 -47.67 2.73 34.79
N LYS F 1347 -47.67 1.75 33.88
CA LYS F 1347 -48.40 0.47 33.99
C LYS F 1347 -49.91 0.72 34.18
N ALA F 1348 -50.44 1.77 33.59
CA ALA F 1348 -51.88 2.09 33.71
C ALA F 1348 -52.67 1.27 32.64
N THR F 1349 -52.08 1.07 31.49
CA THR F 1349 -52.69 0.40 30.35
C THR F 1349 -52.36 -1.09 30.42
N SER F 1350 -53.17 -1.87 29.74
CA SER F 1350 -52.95 -3.31 29.69
C SER F 1350 -51.77 -3.54 28.75
N ASN F 1351 -50.94 -4.46 29.13
CA ASN F 1351 -49.84 -4.99 28.32
C ASN F 1351 -50.40 -6.00 27.31
N THR F 1352 -50.31 -5.71 26.04
CA THR F 1352 -50.91 -6.52 24.99
C THR F 1352 -50.25 -7.90 24.94
N LEU F 1353 -48.95 -7.97 25.15
CA LEU F 1353 -48.24 -9.26 25.09
C LEU F 1353 -48.70 -10.17 26.21
N GLU F 1354 -48.95 -9.64 27.40
CA GLU F 1354 -49.52 -10.43 28.50
C GLU F 1354 -50.94 -10.87 28.11
N GLU F 1355 -51.72 -10.01 27.47
CA GLU F 1355 -53.09 -10.35 27.03
C GLU F 1355 -53.04 -11.51 26.06
N PHE F 1356 -52.15 -11.44 25.07
CA PHE F 1356 -51.96 -12.51 24.07
C PHE F 1356 -51.54 -13.82 24.75
N GLU F 1357 -50.73 -13.79 25.79
CA GLU F 1357 -50.40 -15.00 26.57
C GLU F 1357 -51.64 -15.61 27.21
N HIS F 1358 -52.61 -14.80 27.60
CA HIS F 1358 -53.87 -15.23 28.24
C HIS F 1358 -54.90 -15.57 27.19
N GLY F 1359 -54.56 -15.53 25.92
CA GLY F 1359 -55.44 -15.84 24.80
C GLY F 1359 -56.51 -14.80 24.56
N ARG F 1360 -56.25 -13.57 24.94
CA ARG F 1360 -57.24 -12.51 24.76
C ARG F 1360 -57.01 -11.90 23.40
N THR F 1361 -58.08 -11.62 22.69
CA THR F 1361 -58.06 -10.86 21.46
C THR F 1361 -58.29 -9.39 21.80
N PRO F 1362 -58.00 -8.46 20.87
CA PRO F 1362 -58.21 -7.03 21.14
C PRO F 1362 -59.59 -6.66 21.69
N ALA F 1363 -60.63 -7.24 21.09
CA ALA F 1363 -62.03 -7.05 21.51
C ALA F 1363 -62.30 -7.49 22.95
N GLU F 1364 -61.43 -8.21 23.64
CA GLU F 1364 -61.72 -8.59 25.03
C GLU F 1364 -60.65 -8.03 25.95
N MET F 1365 -59.85 -7.10 25.50
CA MET F 1365 -58.81 -6.59 26.39
C MET F 1365 -59.39 -5.60 27.39
N SER F 1366 -60.50 -4.96 27.09
CA SER F 1366 -61.13 -3.99 28.02
C SER F 1366 -62.27 -4.75 28.71
N ARG F 1367 -62.07 -5.16 29.94
CA ARG F 1367 -63.04 -6.01 30.65
C ARG F 1367 -63.25 -5.52 32.05
N PRO F 1368 -63.89 -4.36 32.18
CA PRO F 1368 -64.10 -3.78 33.49
C PRO F 1368 -64.83 -4.74 34.44
N ALA F 1369 -64.43 -4.72 35.70
CA ALA F 1369 -65.09 -5.38 36.85
C ALA F 1369 -64.90 -6.89 36.81
N THR F 1370 -64.03 -7.36 35.97
CA THR F 1370 -63.72 -8.80 35.79
C THR F 1370 -62.58 -9.17 36.73
N THR F 1371 -62.51 -10.45 37.04
CA THR F 1371 -61.43 -11.03 37.86
C THR F 1371 -60.05 -10.72 37.27
N THR F 1372 -59.90 -10.79 35.96
CA THR F 1372 -58.57 -10.79 35.33
C THR F 1372 -58.28 -9.40 34.70
N ARG F 1373 -59.09 -8.39 34.94
CA ARG F 1373 -58.79 -7.02 34.42
C ARG F 1373 -57.39 -6.60 34.82
N ASN F 1374 -56.68 -5.97 33.91
CA ASN F 1374 -55.25 -5.71 34.14
C ASN F 1374 -54.80 -4.42 33.44
N GLY F 1375 -55.63 -3.42 33.38
CA GLY F 1375 -55.21 -2.13 32.86
C GLY F 1375 -56.15 -1.64 31.80
N PHE F 1376 -56.11 -0.35 31.53
CA PHE F 1376 -57.09 0.22 30.59
C PHE F 1376 -56.58 0.10 29.19
N MET F 1377 -57.52 0.25 28.29
CA MET F 1377 -57.30 0.27 26.85
C MET F 1377 -57.45 1.72 26.38
N GLU F 1378 -56.39 2.28 25.84
CA GLU F 1378 -56.42 3.71 25.43
C GLU F 1378 -57.26 3.88 24.18
N ALA F 1379 -58.02 4.93 24.13
CA ALA F 1379 -58.80 5.26 22.95
C ALA F 1379 -58.60 6.75 22.65
N GLN F 1380 -59.33 7.21 21.69
CA GLN F 1380 -59.30 8.60 21.23
C GLN F 1380 -60.70 9.03 20.86
N GLY F 1381 -60.89 10.33 20.82
CA GLY F 1381 -62.08 10.95 20.25
C GLY F 1381 -62.61 12.04 21.12
N ALA F 1382 -63.85 12.39 20.88
CA ALA F 1382 -64.51 13.51 21.50
C ALA F 1382 -65.94 13.17 21.79
N GLY F 1383 -66.46 13.84 22.77
CA GLY F 1383 -67.88 13.89 23.06
C GLY F 1383 -68.30 15.26 23.46
N ILE F 1384 -69.47 15.66 23.03
CA ILE F 1384 -70.04 16.96 23.23
C ILE F 1384 -71.49 16.83 23.56
N GLN F 1385 -71.92 17.62 24.54
CA GLN F 1385 -73.32 17.91 24.77
C GLN F 1385 -73.54 19.38 24.67
N ILE F 1386 -74.77 19.70 24.32
CA ILE F 1386 -75.32 21.03 24.37
C ILE F 1386 -76.24 21.04 25.54
N ILE F 1387 -75.97 21.88 26.49
CA ILE F 1387 -76.83 22.07 27.67
C ILE F 1387 -77.44 23.44 27.66
N MET F 1388 -78.64 23.51 28.18
CA MET F 1388 -79.25 24.81 28.31
C MET F 1388 -80.26 24.83 29.44
N GLN F 1389 -80.62 26.02 29.74
CA GLN F 1389 -81.74 26.27 30.64
C GLN F 1389 -82.99 25.64 30.00
N ALA F 1390 -83.74 24.94 30.79
CA ALA F 1390 -84.98 24.27 30.34
C ALA F 1390 -85.96 25.28 29.78
N ASP F 1391 -86.09 26.43 30.42
CA ASP F 1391 -86.99 27.49 29.93
C ASP F 1391 -86.69 27.84 28.48
N LEU F 1392 -85.42 27.93 28.15
CA LEU F 1392 -84.98 28.25 26.80
C LEU F 1392 -85.16 27.06 25.86
N ALA F 1393 -84.90 25.85 26.30
CA ALA F 1393 -85.11 24.66 25.48
C ALA F 1393 -86.58 24.57 25.09
N LEU F 1394 -87.47 24.86 26.00
CA LEU F 1394 -88.92 24.81 25.71
C LEU F 1394 -89.30 25.91 24.73
N LYS F 1395 -88.78 27.12 24.90
CA LYS F 1395 -89.09 28.23 24.01
C LYS F 1395 -88.51 28.01 22.61
N MET F 1396 -87.31 27.49 22.49
CA MET F 1396 -86.68 27.25 21.21
C MET F 1396 -87.36 26.08 20.51
N GLY F 1397 -87.92 25.16 21.28
CA GLY F 1397 -88.41 23.90 20.74
C GLY F 1397 -87.33 22.98 20.34
N VAL F 1398 -86.31 22.80 21.19
CA VAL F 1398 -85.24 21.84 20.91
C VAL F 1398 -85.57 20.58 21.68
N PRO F 1399 -85.10 19.45 21.23
CA PRO F 1399 -85.28 18.21 21.93
C PRO F 1399 -84.55 18.25 23.25
N ILE F 1400 -85.15 17.61 24.23
CA ILE F 1400 -84.64 17.48 25.60
C ILE F 1400 -84.40 16.02 25.87
N TYR F 1401 -83.12 15.64 25.98
CA TYR F 1401 -82.73 14.27 26.18
C TYR F 1401 -82.64 13.91 27.63
N GLY F 1402 -82.47 14.88 28.50
CA GLY F 1402 -82.23 14.59 29.92
C GLY F 1402 -82.12 15.85 30.69
N ILE F 1403 -82.32 15.74 31.97
CA ILE F 1403 -82.10 16.83 32.92
C ILE F 1403 -80.80 16.57 33.63
N VAL F 1404 -79.92 17.55 33.68
CA VAL F 1404 -78.68 17.40 34.48
C VAL F 1404 -79.05 17.82 35.87
N ALA F 1405 -79.33 16.86 36.71
CA ALA F 1405 -79.90 17.13 38.03
C ALA F 1405 -78.80 17.45 39.00
N MET F 1406 -77.60 16.97 38.76
CA MET F 1406 -76.48 17.23 39.67
C MET F 1406 -75.22 17.01 38.90
N ALA F 1407 -74.22 17.80 39.19
CA ALA F 1407 -72.86 17.53 38.73
C ALA F 1407 -71.91 18.02 39.81
N ALA F 1408 -70.89 17.27 40.13
CA ALA F 1408 -69.98 17.62 41.22
C ALA F 1408 -68.62 17.08 40.90
N THR F 1409 -67.59 17.69 41.48
CA THR F 1409 -66.21 17.28 41.44
C THR F 1409 -65.71 17.18 42.87
N ALA F 1410 -64.69 16.40 43.11
CA ALA F 1410 -64.19 16.20 44.47
C ALA F 1410 -62.79 15.67 44.36
N THR F 1411 -61.90 16.19 45.16
CA THR F 1411 -60.55 15.67 45.34
C THR F 1411 -60.63 14.64 46.45
N ASP F 1412 -59.50 14.11 46.89
CA ASP F 1412 -59.52 13.01 47.85
C ASP F 1412 -58.88 13.48 49.16
N LYS F 1413 -57.59 13.39 49.25
CA LYS F 1413 -56.90 13.45 50.57
C LYS F 1413 -55.39 13.46 50.35
N ILE F 1414 -54.68 13.67 51.44
CA ILE F 1414 -53.22 13.55 51.50
C ILE F 1414 -52.80 12.25 50.83
N GLY F 1415 -51.68 12.29 50.12
CA GLY F 1415 -51.16 11.06 49.51
C GLY F 1415 -49.95 11.32 48.66
N ARG F 1416 -49.46 10.32 47.99
CA ARG F 1416 -48.23 10.47 47.20
C ARG F 1416 -48.38 9.80 45.85
N SER F 1417 -49.58 9.41 45.49
CA SER F 1417 -49.84 8.65 44.24
C SER F 1417 -50.84 9.45 43.43
N VAL F 1418 -50.36 10.21 42.48
CA VAL F 1418 -51.23 11.03 41.63
C VAL F 1418 -52.27 10.17 40.92
N PRO F 1419 -51.95 8.98 40.35
CA PRO F 1419 -52.96 8.20 39.62
C PRO F 1419 -54.01 7.49 40.46
N ALA F 1420 -53.80 7.37 41.77
CA ALA F 1420 -54.63 6.50 42.63
C ALA F 1420 -56.05 7.10 42.74
N PRO F 1421 -57.12 6.33 42.42
CA PRO F 1421 -58.47 6.85 42.60
C PRO F 1421 -58.77 6.87 44.09
N GLY F 1422 -59.66 7.76 44.47
CA GLY F 1422 -60.10 7.90 45.84
C GLY F 1422 -61.58 8.01 45.94
N LYS F 1423 -62.01 8.35 47.13
CA LYS F 1423 -63.43 8.30 47.56
C LYS F 1423 -64.00 9.67 47.82
N GLY F 1424 -63.31 10.72 47.44
CA GLY F 1424 -63.85 12.06 47.69
C GLY F 1424 -65.19 12.33 47.12
N ILE F 1425 -65.53 11.76 45.98
CA ILE F 1425 -66.86 11.98 45.39
C ILE F 1425 -67.98 11.39 46.25
N LEU F 1426 -67.66 10.56 47.22
CA LEU F 1426 -68.65 10.07 48.21
C LEU F 1426 -69.31 11.20 48.96
N THR F 1427 -68.71 12.38 49.00
CA THR F 1427 -69.26 13.62 49.58
C THR F 1427 -70.56 14.02 48.93
N THR F 1428 -70.87 13.58 47.71
CA THR F 1428 -72.18 13.91 47.12
C THR F 1428 -73.34 13.26 47.88
N ALA F 1429 -73.09 12.20 48.63
CA ALA F 1429 -74.12 11.54 49.44
C ALA F 1429 -74.09 12.05 50.88
N ARG F 1430 -73.35 13.10 51.21
CA ARG F 1430 -73.18 13.49 52.62
C ARG F 1430 -74.54 13.89 53.16
N GLU F 1431 -74.80 13.45 54.37
CA GLU F 1431 -76.11 13.72 54.99
C GLU F 1431 -75.97 13.46 56.47
N HIS F 1432 -76.49 14.37 57.25
CA HIS F 1432 -76.39 14.33 58.71
C HIS F 1432 -77.54 13.50 59.24
N HIS F 1433 -77.25 12.43 59.91
CA HIS F 1433 -78.26 11.44 60.38
C HIS F 1433 -78.34 11.32 61.92
N SER F 1434 -77.87 12.29 62.70
CA SER F 1434 -77.97 12.26 64.19
C SER F 1434 -79.43 12.30 64.66
N SER F 1435 -80.28 12.98 63.89
CA SER F 1435 -81.66 13.39 64.27
C SER F 1435 -82.61 13.11 63.11
N VAL F 1436 -83.07 11.86 62.96
CA VAL F 1436 -83.88 11.43 61.78
C VAL F 1436 -85.11 10.65 62.21
N LYS F 1437 -85.57 10.85 63.44
CA LYS F 1437 -86.78 10.15 63.97
C LYS F 1437 -88.00 10.56 63.14
N TYR F 1438 -88.06 11.82 62.72
CA TYR F 1438 -89.22 12.40 61.98
C TYR F 1438 -88.80 12.88 60.60
N ALA F 1439 -89.64 12.62 59.60
CA ALA F 1439 -89.44 13.07 58.21
C ALA F 1439 -89.38 14.60 58.21
N SER F 1440 -88.42 15.17 57.48
CA SER F 1440 -88.32 16.63 57.23
C SER F 1440 -89.45 17.05 56.31
N PRO F 1441 -90.27 18.06 56.68
CA PRO F 1441 -91.23 18.64 55.74
C PRO F 1441 -90.58 19.14 54.45
N ASN F 1442 -89.31 19.52 54.52
CA ASN F 1442 -88.55 20.07 53.37
C ASN F 1442 -88.41 19.01 52.27
N LEU F 1443 -88.49 17.72 52.61
CA LEU F 1443 -88.42 16.62 51.61
C LEU F 1443 -89.78 16.34 50.98
N ASN F 1444 -90.83 16.96 51.50
CA ASN F 1444 -92.23 16.71 51.06
C ASN F 1444 -92.59 17.77 50.02
N MET F 1445 -92.76 17.37 48.77
CA MET F 1445 -93.03 18.31 47.70
C MET F 1445 -94.35 19.06 47.96
N LYS F 1446 -95.33 18.45 48.61
CA LYS F 1446 -96.61 19.16 48.93
C LYS F 1446 -96.39 20.34 49.87
N TYR F 1447 -95.57 20.16 50.89
CA TYR F 1447 -95.18 21.22 51.84
C TYR F 1447 -94.52 22.35 51.05
N ARG F 1448 -93.53 22.01 50.22
CA ARG F 1448 -92.76 23.01 49.47
C ARG F 1448 -93.71 23.78 48.60
N LYS F 1449 -94.63 23.09 47.92
CA LYS F 1449 -95.58 23.78 47.00
C LYS F 1449 -96.50 24.68 47.81
N ARG F 1450 -96.93 24.25 48.97
CA ARG F 1450 -97.80 25.13 49.82
C ARG F 1450 -97.05 26.43 50.14
N GLN F 1451 -95.76 26.34 50.44
CA GLN F 1451 -94.92 27.51 50.79
C GLN F 1451 -94.80 28.45 49.60
N LEU F 1452 -94.61 27.89 48.42
CA LEU F 1452 -94.51 28.68 47.20
C LEU F 1452 -95.84 29.39 46.98
N VAL F 1453 -96.94 28.68 47.10
CA VAL F 1453 -98.28 29.30 46.88
C VAL F 1453 -98.48 30.50 47.81
N THR F 1454 -98.06 30.39 49.06
CA THR F 1454 -98.18 31.49 50.06
C THR F 1454 -97.34 32.68 49.57
N ARG F 1455 -96.13 32.40 49.08
CA ARG F 1455 -95.20 33.44 48.59
C ARG F 1455 -95.77 34.09 47.34
N GLU F 1456 -96.41 33.33 46.45
CA GLU F 1456 -97.01 33.86 45.20
C GLU F 1456 -98.12 34.85 45.57
N ALA F 1457 -98.87 34.59 46.64
CA ALA F 1457 -99.92 35.52 47.14
C ALA F 1457 -99.25 36.84 47.56
N GLN F 1458 -98.09 36.77 48.21
CA GLN F 1458 -97.34 37.96 48.67
C GLN F 1458 -96.77 38.73 47.48
N ILE F 1459 -96.34 38.05 46.43
CA ILE F 1459 -95.76 38.71 45.23
C ILE F 1459 -96.89 39.41 44.48
N LYS F 1460 -98.01 38.74 44.28
CA LYS F 1460 -99.24 39.39 43.72
C LYS F 1460 -99.52 40.70 44.49
N ASP F 1461 -99.49 40.68 45.82
CA ASP F 1461 -99.75 41.89 46.65
C ASP F 1461 -98.68 42.94 46.38
N TRP F 1462 -97.41 42.52 46.38
CA TRP F 1462 -96.26 43.41 46.11
C TRP F 1462 -96.47 44.12 44.77
N VAL F 1463 -96.89 43.42 43.74
CA VAL F 1463 -97.12 44.07 42.43
C VAL F 1463 -98.29 45.08 42.54
N GLU F 1464 -99.39 44.72 43.20
CA GLU F 1464 -100.54 45.65 43.38
C GLU F 1464 -100.04 46.95 44.02
N ASN F 1465 -99.33 46.83 45.14
CA ASN F 1465 -98.73 47.98 45.86
C ASN F 1465 -97.82 48.82 44.95
N GLU F 1466 -96.96 48.19 44.13
CA GLU F 1466 -96.00 48.94 43.29
C GLU F 1466 -96.77 49.70 42.21
N LEU F 1467 -97.78 49.10 41.60
CA LEU F 1467 -98.66 49.76 40.59
C LEU F 1467 -99.39 50.95 41.21
N GLU F 1468 -99.91 50.81 42.44
CA GLU F 1468 -100.62 51.92 43.16
C GLU F 1468 -99.64 53.05 43.45
N ALA F 1469 -98.47 52.72 44.00
CA ALA F 1469 -97.37 53.68 44.26
C ALA F 1469 -96.95 54.35 42.94
N LEU F 1470 -96.94 53.60 41.84
CA LEU F 1470 -96.52 54.13 40.52
C LEU F 1470 -97.58 55.11 39.99
N LYS F 1471 -98.86 54.80 40.13
CA LYS F 1471 -99.98 55.70 39.75
C LYS F 1471 -99.84 57.05 40.47
N LEU F 1472 -99.59 57.03 41.79
CA LEU F 1472 -99.41 58.26 42.62
C LEU F 1472 -98.22 59.07 42.13
N GLU F 1473 -97.08 58.41 41.89
CA GLU F 1473 -95.86 59.06 41.35
C GLU F 1473 -96.15 59.67 39.99
N ALA F 1474 -96.91 58.96 39.13
CA ALA F 1474 -97.22 59.39 37.74
C ALA F 1474 -98.15 60.61 37.73
N GLU F 1475 -99.00 60.79 38.78
CA GLU F 1475 -99.92 61.96 38.91
C GLU F 1475 -99.11 63.27 38.98
N GLU F 1476 -97.91 63.24 39.57
CA GLU F 1476 -97.02 64.43 39.75
C GLU F 1476 -96.12 64.64 38.52
N ILE F 1477 -96.14 63.73 37.55
CA ILE F 1477 -95.34 63.84 36.28
C ILE F 1477 -96.18 64.65 35.29
N PRO F 1478 -95.61 65.65 34.57
CA PRO F 1478 -96.34 66.35 33.51
C PRO F 1478 -96.85 65.39 32.42
N SER F 1479 -98.07 65.64 31.92
CA SER F 1479 -98.91 64.71 31.13
C SER F 1479 -98.20 64.20 29.87
N GLU F 1480 -97.36 65.02 29.23
CA GLU F 1480 -96.61 64.67 27.99
C GLU F 1480 -95.54 63.61 28.29
N ASP F 1481 -94.92 63.65 29.48
CA ASP F 1481 -93.81 62.76 29.91
C ASP F 1481 -94.34 61.55 30.70
N GLN F 1482 -95.65 61.46 30.92
CA GLN F 1482 -96.30 60.46 31.79
C GLN F 1482 -96.26 59.09 31.12
N ASN F 1483 -96.46 59.06 29.80
CA ASN F 1483 -96.40 57.82 28.98
C ASN F 1483 -95.03 57.16 29.17
N GLU F 1484 -93.94 57.88 28.92
CA GLU F 1484 -92.55 57.31 28.92
C GLU F 1484 -92.22 56.84 30.34
N PHE F 1485 -92.55 57.64 31.35
CA PHE F 1485 -92.35 57.31 32.77
C PHE F 1485 -93.02 55.99 33.14
N LEU F 1486 -94.28 55.81 32.75
CA LEU F 1486 -95.07 54.60 33.10
C LEU F 1486 -94.54 53.38 32.35
N LEU F 1487 -94.17 53.54 31.10
CA LEU F 1487 -93.53 52.48 30.28
C LEU F 1487 -92.27 51.99 31.02
N GLU F 1488 -91.37 52.89 31.40
CA GLU F 1488 -90.08 52.53 32.04
C GLU F 1488 -90.38 51.86 33.36
N ARG F 1489 -91.28 52.45 34.17
CA ARG F 1489 -91.50 51.97 35.53
C ARG F 1489 -92.32 50.68 35.52
N THR F 1490 -93.16 50.48 34.53
CA THR F 1490 -94.03 49.28 34.44
C THR F 1490 -93.15 48.08 34.05
N ARG F 1491 -92.29 48.27 33.06
CA ARG F 1491 -91.30 47.25 32.63
C ARG F 1491 -90.44 46.86 33.84
N GLU F 1492 -90.06 47.81 34.67
CA GLU F 1492 -89.20 47.55 35.86
C GLU F 1492 -89.95 46.72 36.87
N ILE F 1493 -91.21 47.03 37.13
CA ILE F 1493 -92.04 46.25 38.10
C ILE F 1493 -92.23 44.82 37.59
N HIS F 1494 -92.45 44.67 36.29
CA HIS F 1494 -92.55 43.35 35.66
C HIS F 1494 -91.25 42.55 35.93
N ASN F 1495 -90.09 43.17 35.75
CA ASN F 1495 -88.77 42.51 35.95
C ASN F 1495 -88.69 42.06 37.39
N GLU F 1496 -89.05 42.93 38.32
CA GLU F 1496 -88.95 42.67 39.76
C GLU F 1496 -89.96 41.60 40.16
N ALA F 1497 -91.14 41.55 39.54
CA ALA F 1497 -92.13 40.51 39.90
C ALA F 1497 -91.59 39.16 39.43
N GLU F 1498 -91.11 39.10 38.20
CA GLU F 1498 -90.51 37.87 37.65
C GLU F 1498 -89.38 37.38 38.54
N SER F 1499 -88.48 38.29 38.94
CA SER F 1499 -87.31 37.93 39.79
C SER F 1499 -87.80 37.29 41.07
N GLN F 1500 -88.82 37.89 41.67
CA GLN F 1500 -89.35 37.43 42.94
C GLN F 1500 -90.04 36.08 42.77
N LEU F 1501 -90.76 35.87 41.68
CA LEU F 1501 -91.42 34.55 41.49
C LEU F 1501 -90.34 33.47 41.29
N ARG F 1502 -89.38 33.75 40.41
CA ARG F 1502 -88.27 32.82 40.10
C ARG F 1502 -87.47 32.54 41.38
N ALA F 1503 -87.29 33.52 42.23
CA ALA F 1503 -86.54 33.32 43.49
C ALA F 1503 -87.30 32.42 44.44
N ALA F 1504 -88.62 32.55 44.48
CA ALA F 1504 -89.50 31.71 45.31
C ALA F 1504 -89.49 30.28 44.76
N GLN F 1505 -89.56 30.12 43.44
CA GLN F 1505 -89.46 28.79 42.80
C GLN F 1505 -88.08 28.21 43.07
N GLN F 1506 -87.06 29.04 43.08
CA GLN F 1506 -85.71 28.55 43.40
C GLN F 1506 -85.67 28.08 44.84
N GLN F 1507 -86.23 28.84 45.77
CA GLN F 1507 -86.22 28.50 47.21
C GLN F 1507 -86.93 27.17 47.46
N TRP F 1508 -88.13 26.99 46.92
CA TRP F 1508 -89.01 25.86 47.26
C TRP F 1508 -88.93 24.73 46.24
N GLY F 1509 -88.55 25.01 45.00
CA GLY F 1509 -88.52 24.00 43.94
C GLY F 1509 -87.14 23.47 43.68
N ASN F 1510 -86.17 24.33 43.46
CA ASN F 1510 -84.85 23.93 42.90
C ASN F 1510 -83.79 23.79 43.99
N ASP F 1511 -83.81 24.62 45.02
CA ASP F 1511 -82.66 24.81 45.96
C ASP F 1511 -83.06 24.63 47.42
N PHE F 1512 -84.15 23.93 47.68
CA PHE F 1512 -84.73 23.73 49.02
C PHE F 1512 -83.78 22.98 49.94
N TYR F 1513 -82.82 22.23 49.42
CA TYR F 1513 -81.98 21.31 50.22
C TYR F 1513 -80.56 21.84 50.45
N LYS F 1514 -80.20 22.94 49.81
CA LYS F 1514 -78.82 23.51 49.81
C LYS F 1514 -78.35 23.84 51.23
N ARG F 1515 -79.23 24.29 52.10
CA ARG F 1515 -78.89 24.68 53.49
C ARG F 1515 -79.32 23.59 54.48
N ASP F 1516 -79.70 22.41 53.99
CA ASP F 1516 -80.33 21.36 54.83
C ASP F 1516 -79.35 20.19 54.96
N PRO F 1517 -78.61 20.10 56.08
CA PRO F 1517 -77.63 19.04 56.24
C PRO F 1517 -78.25 17.64 56.33
N ARG F 1518 -79.56 17.53 56.43
CA ARG F 1518 -80.30 16.26 56.43
C ARG F 1518 -80.64 15.79 55.01
N ILE F 1519 -80.36 16.59 54.00
CA ILE F 1519 -80.57 16.21 52.60
C ILE F 1519 -79.24 16.26 51.86
N ALA F 1520 -78.79 15.12 51.44
CA ALA F 1520 -77.62 14.99 50.58
C ALA F 1520 -77.87 15.70 49.28
N PRO F 1521 -76.81 16.27 48.68
CA PRO F 1521 -76.90 16.81 47.32
C PRO F 1521 -77.50 15.78 46.34
N LEU F 1522 -77.07 14.53 46.44
CA LEU F 1522 -77.58 13.45 45.57
C LEU F 1522 -79.07 13.27 45.78
N ARG F 1523 -79.52 13.22 47.02
CA ARG F 1523 -80.96 13.05 47.36
C ARG F 1523 -81.77 14.27 46.93
N GLY F 1524 -81.26 15.45 47.19
CA GLY F 1524 -81.94 16.69 46.83
C GLY F 1524 -82.15 16.78 45.35
N ALA F 1525 -81.11 16.46 44.58
CA ALA F 1525 -81.14 16.50 43.12
C ALA F 1525 -82.33 15.69 42.59
N LEU F 1526 -82.53 14.47 43.09
CA LEU F 1526 -83.60 13.57 42.66
C LEU F 1526 -84.93 14.06 43.25
N ALA F 1527 -84.92 14.48 44.51
CA ALA F 1527 -86.18 14.92 45.19
C ALA F 1527 -86.75 16.15 44.52
N THR F 1528 -85.96 16.95 43.84
CA THR F 1528 -86.49 18.10 43.07
C THR F 1528 -87.61 17.65 42.11
N TYR F 1529 -87.53 16.45 41.55
CA TYR F 1529 -88.46 15.91 40.53
C TYR F 1529 -89.38 14.88 41.19
N GLY F 1530 -89.31 14.71 42.50
CA GLY F 1530 -90.14 13.72 43.20
C GLY F 1530 -89.57 12.32 43.13
N LEU F 1531 -88.31 12.19 42.72
CA LEU F 1531 -87.63 10.89 42.70
C LEU F 1531 -86.98 10.65 44.04
N THR F 1532 -86.82 9.39 44.35
CA THR F 1532 -86.13 8.93 45.55
C THR F 1532 -84.83 8.30 45.12
N ILE F 1533 -84.01 7.97 46.09
CA ILE F 1533 -82.71 7.31 45.81
C ILE F 1533 -82.95 5.96 45.13
N ASP F 1534 -84.10 5.31 45.32
CA ASP F 1534 -84.44 4.03 44.64
C ASP F 1534 -84.71 4.20 43.14
N ASP F 1535 -84.89 5.42 42.65
CA ASP F 1535 -85.14 5.71 41.22
C ASP F 1535 -83.84 5.85 40.41
N LEU F 1536 -82.70 5.90 41.04
CA LEU F 1536 -81.43 5.84 40.33
C LEU F 1536 -81.21 4.41 39.87
N GLY F 1537 -81.57 4.12 38.64
CA GLY F 1537 -81.55 2.76 38.11
C GLY F 1537 -80.21 2.32 37.66
N VAL F 1538 -79.44 3.21 37.06
CA VAL F 1538 -78.20 2.82 36.39
C VAL F 1538 -77.08 3.71 36.87
N ALA F 1539 -75.94 3.11 36.99
CA ALA F 1539 -74.69 3.80 37.29
C ALA F 1539 -73.79 3.47 36.12
N SER F 1540 -73.50 4.47 35.33
CA SER F 1540 -72.49 4.41 34.29
C SER F 1540 -71.17 4.58 35.03
N PHE F 1541 -70.41 3.53 35.06
CA PHE F 1541 -69.13 3.49 35.79
C PHE F 1541 -68.04 3.92 34.86
N HIS F 1542 -67.12 4.68 35.41
CA HIS F 1542 -65.86 5.03 34.76
C HIS F 1542 -65.25 3.74 34.23
N GLY F 1543 -65.13 2.74 35.09
CA GLY F 1543 -65.00 1.33 34.69
C GLY F 1543 -63.93 1.10 33.64
N THR F 1544 -62.69 1.33 34.00
CA THR F 1544 -61.55 1.43 33.08
C THR F 1544 -60.87 0.11 32.90
N SER F 1545 -61.22 -0.91 33.64
CA SER F 1545 -60.62 -2.25 33.54
C SER F 1545 -59.26 -2.21 34.24
N THR F 1546 -59.09 -1.34 35.21
CA THR F 1546 -57.89 -1.37 36.09
C THR F 1546 -58.31 -1.99 37.40
N LYS F 1547 -57.40 -2.64 38.06
CA LYS F 1547 -57.68 -3.26 39.38
C LYS F 1547 -58.22 -2.22 40.35
N ALA F 1548 -57.47 -1.14 40.51
CA ALA F 1548 -57.78 -0.15 41.55
C ALA F 1548 -59.09 0.56 41.19
N ASN F 1549 -59.25 0.97 39.95
CA ASN F 1549 -60.38 1.83 39.56
C ASN F 1549 -61.68 1.12 39.87
N ASP F 1550 -61.86 -0.08 39.34
CA ASP F 1550 -63.19 -0.75 39.31
C ASP F 1550 -63.59 -1.09 40.75
N LYS F 1551 -62.66 -1.46 41.59
CA LYS F 1551 -62.98 -1.70 43.02
C LYS F 1551 -63.38 -0.41 43.74
N ASN F 1552 -62.60 0.65 43.57
CA ASN F 1552 -62.83 1.93 44.29
C ASN F 1552 -64.15 2.48 43.84
N GLU F 1553 -64.44 2.39 42.58
CA GLU F 1553 -65.67 2.97 42.05
C GLU F 1553 -66.87 2.20 42.57
N SER F 1554 -66.81 0.88 42.54
CA SER F 1554 -67.89 0.06 43.12
C SER F 1554 -68.10 0.38 44.59
N ALA F 1555 -67.04 0.40 45.36
CA ALA F 1555 -67.09 0.72 46.80
C ALA F 1555 -67.70 2.09 47.03
N THR F 1556 -67.37 3.07 46.19
CA THR F 1556 -67.86 4.44 46.37
C THR F 1556 -69.35 4.46 46.10
N ILE F 1557 -69.78 3.94 44.97
CA ILE F 1557 -71.23 3.90 44.64
C ILE F 1557 -71.94 3.13 45.73
N ASN F 1558 -71.34 2.05 46.15
CA ASN F 1558 -71.99 1.21 47.16
C ASN F 1558 -72.18 1.96 48.46
N GLU F 1559 -71.15 2.67 48.92
CA GLU F 1559 -71.26 3.51 50.13
C GLU F 1559 -72.25 4.65 49.95
N MET F 1560 -72.33 5.27 48.78
CA MET F 1560 -73.32 6.33 48.59
C MET F 1560 -74.70 5.72 48.83
N MET F 1561 -74.98 4.60 48.16
CA MET F 1561 -76.31 3.96 48.24
C MET F 1561 -76.62 3.56 49.68
N LYS F 1562 -75.70 2.97 50.39
CA LYS F 1562 -75.92 2.53 51.79
C LYS F 1562 -76.25 3.73 52.67
N HIS F 1563 -75.47 4.80 52.54
CA HIS F 1563 -75.64 5.98 53.40
C HIS F 1563 -77.00 6.58 53.15
N LEU F 1564 -77.46 6.62 51.91
CA LEU F 1564 -78.74 7.25 51.59
C LEU F 1564 -79.90 6.26 51.72
N GLY F 1565 -79.71 5.06 52.24
CA GLY F 1565 -80.82 4.14 52.52
C GLY F 1565 -81.50 3.63 51.28
N ARG F 1566 -80.72 3.40 50.23
CA ARG F 1566 -81.17 2.64 49.08
C ARG F 1566 -81.75 1.30 49.60
N SER F 1567 -82.86 0.88 49.08
CA SER F 1567 -83.52 -0.37 49.53
C SER F 1567 -82.63 -1.57 49.33
N GLU F 1568 -82.56 -2.42 50.34
CA GLU F 1568 -81.93 -3.75 50.18
C GLU F 1568 -82.61 -4.46 49.01
N GLY F 1569 -81.83 -5.05 48.14
CA GLY F 1569 -82.38 -5.77 47.00
C GLY F 1569 -82.57 -4.90 45.82
N ASN F 1570 -82.13 -3.64 45.87
CA ASN F 1570 -82.32 -2.74 44.71
C ASN F 1570 -80.97 -2.24 44.30
N PRO F 1571 -80.08 -3.08 43.76
CA PRO F 1571 -78.77 -2.61 43.32
C PRO F 1571 -78.91 -1.66 42.13
N VAL F 1572 -77.97 -0.73 42.01
CA VAL F 1572 -77.84 0.04 40.76
C VAL F 1572 -77.28 -0.94 39.75
N ILE F 1573 -77.71 -0.80 38.54
CA ILE F 1573 -77.19 -1.62 37.44
C ILE F 1573 -76.03 -0.85 36.88
N GLY F 1574 -74.87 -1.47 36.90
CA GLY F 1574 -73.67 -0.92 36.34
C GLY F 1574 -73.62 -1.04 34.85
N VAL F 1575 -73.23 0.04 34.20
CA VAL F 1575 -72.85 0.04 32.77
C VAL F 1575 -71.39 0.39 32.65
N PHE F 1576 -70.70 -0.30 31.81
CA PHE F 1576 -69.25 -0.18 31.66
C PHE F 1576 -68.94 -0.02 30.19
N GLN F 1577 -69.26 1.12 29.65
CA GLN F 1577 -69.13 1.45 28.21
C GLN F 1577 -67.71 1.23 27.70
N LYS F 1578 -66.72 1.38 28.54
CA LYS F 1578 -65.35 1.31 28.04
C LYS F 1578 -65.00 -0.11 27.63
N PHE F 1579 -65.81 -1.13 27.93
CA PHE F 1579 -65.52 -2.50 27.42
C PHE F 1579 -65.43 -2.43 25.90
N LEU F 1580 -66.25 -1.62 25.33
CA LEU F 1580 -66.40 -1.48 23.89
C LEU F 1580 -65.53 -0.37 23.30
N THR F 1581 -65.40 0.76 23.97
CA THR F 1581 -64.80 1.98 23.37
C THR F 1581 -63.33 2.10 23.74
N GLY F 1582 -62.92 1.51 24.85
CA GLY F 1582 -61.72 1.92 25.57
C GLY F 1582 -61.85 3.29 26.23
N HIS F 1583 -60.76 3.73 26.76
CA HIS F 1583 -60.72 4.90 27.64
C HIS F 1583 -60.12 6.06 26.88
N PRO F 1584 -60.91 7.00 26.45
CA PRO F 1584 -60.37 8.12 25.71
C PRO F 1584 -59.92 9.30 26.59
N LYS F 1585 -59.52 9.05 27.81
CA LYS F 1585 -59.04 10.08 28.74
C LYS F 1585 -60.11 11.16 28.89
N GLY F 1586 -59.86 12.40 28.44
CA GLY F 1586 -60.79 13.49 28.66
C GLY F 1586 -62.16 13.29 28.08
N ALA F 1587 -62.32 12.47 27.05
CA ALA F 1587 -63.66 12.29 26.48
C ALA F 1587 -64.47 11.26 27.29
N ALA F 1588 -63.88 10.60 28.25
CA ALA F 1588 -64.49 9.40 28.88
C ALA F 1588 -65.90 9.72 29.38
N GLY F 1589 -66.04 10.75 30.20
CA GLY F 1589 -67.33 11.15 30.76
C GLY F 1589 -68.31 11.52 29.70
N ALA F 1590 -67.85 12.09 28.61
CA ALA F 1590 -68.76 12.61 27.60
C ALA F 1590 -69.39 11.43 26.87
N TRP F 1591 -68.61 10.40 26.60
CA TRP F 1591 -69.16 9.18 25.98
C TRP F 1591 -70.12 8.51 26.93
N MET F 1592 -69.82 8.51 28.22
CA MET F 1592 -70.69 7.92 29.22
C MET F 1592 -71.98 8.69 29.36
N MET F 1593 -71.90 10.02 29.28
CA MET F 1593 -73.07 10.87 29.35
C MET F 1593 -73.96 10.63 28.14
N ASN F 1594 -73.37 10.51 26.97
CA ASN F 1594 -74.12 10.24 25.75
C ASN F 1594 -74.86 8.89 25.94
N GLY F 1595 -74.16 7.89 26.39
CA GLY F 1595 -74.74 6.58 26.74
C GLY F 1595 -75.88 6.69 27.70
N ALA F 1596 -75.69 7.45 28.76
CA ALA F 1596 -76.67 7.65 29.80
C ALA F 1596 -77.92 8.20 29.18
N LEU F 1597 -77.78 9.20 28.32
CA LEU F 1597 -78.92 9.80 27.66
C LEU F 1597 -79.61 8.78 26.77
N GLN F 1598 -78.87 7.96 26.10
CA GLN F 1598 -79.46 6.96 25.20
C GLN F 1598 -80.18 5.89 26.02
N ILE F 1599 -79.67 5.59 27.21
CA ILE F 1599 -80.32 4.65 28.15
C ILE F 1599 -81.61 5.27 28.61
N LEU F 1600 -81.58 6.51 29.01
CA LEU F 1600 -82.77 7.15 29.54
C LEU F 1600 -83.85 7.17 28.47
N ASN F 1601 -83.53 7.47 27.25
CA ASN F 1601 -84.59 7.67 26.27
C ASN F 1601 -85.08 6.33 25.68
N SER F 1602 -84.36 5.26 25.81
CA SER F 1602 -84.70 3.94 25.26
C SER F 1602 -85.23 2.97 26.32
N GLY F 1603 -84.78 3.11 27.55
CA GLY F 1603 -84.95 2.08 28.59
C GLY F 1603 -84.10 0.87 28.44
N ILE F 1604 -83.12 0.92 27.55
CA ILE F 1604 -82.25 -0.20 27.26
C ILE F 1604 -80.96 -0.03 28.02
N ILE F 1605 -80.61 -1.02 28.78
CA ILE F 1605 -79.38 -0.96 29.59
C ILE F 1605 -78.41 -1.91 28.94
N PRO F 1606 -77.38 -1.40 28.29
CA PRO F 1606 -76.43 -2.27 27.62
C PRO F 1606 -75.64 -3.08 28.62
N GLY F 1607 -75.35 -4.31 28.23
CA GLY F 1607 -74.57 -5.19 29.11
C GLY F 1607 -73.11 -5.10 28.79
N ASN F 1608 -72.29 -5.40 29.76
CA ASN F 1608 -70.84 -5.48 29.58
C ASN F 1608 -70.54 -6.86 29.01
N ARG F 1609 -70.42 -6.97 27.72
CA ARG F 1609 -70.23 -8.23 27.02
C ARG F 1609 -68.85 -8.80 27.28
N ASN F 1610 -67.91 -8.04 27.85
CA ASN F 1610 -66.62 -8.58 28.26
C ASN F 1610 -66.61 -8.94 29.71
N ALA F 1611 -67.75 -8.93 30.39
CA ALA F 1611 -67.81 -9.30 31.81
C ALA F 1611 -67.86 -10.81 31.88
N ASP F 1612 -66.75 -11.46 31.62
CA ASP F 1612 -66.77 -12.94 31.53
C ASP F 1612 -67.06 -13.50 32.91
N ASN F 1613 -66.31 -13.02 33.88
CA ASN F 1613 -66.40 -13.41 35.26
C ASN F 1613 -66.24 -12.17 36.13
N VAL F 1614 -67.23 -11.87 36.90
CA VAL F 1614 -67.23 -10.70 37.78
C VAL F 1614 -66.33 -11.01 38.94
N ASP F 1615 -65.44 -10.08 39.20
CA ASP F 1615 -64.49 -10.23 40.32
C ASP F 1615 -65.25 -10.53 41.60
N LYS F 1616 -64.91 -11.63 42.22
CA LYS F 1616 -65.52 -12.08 43.49
C LYS F 1616 -65.39 -11.01 44.60
N ILE F 1617 -64.34 -10.21 44.58
CA ILE F 1617 -64.18 -9.07 45.54
C ILE F 1617 -65.39 -8.14 45.46
N LEU F 1618 -66.09 -8.06 44.32
CA LEU F 1618 -67.22 -7.14 44.13
C LEU F 1618 -68.53 -7.67 44.65
N GLU F 1619 -68.57 -8.92 45.06
CA GLU F 1619 -69.80 -9.47 45.63
C GLU F 1619 -70.16 -8.74 46.93
N GLN F 1620 -69.20 -8.26 47.68
CA GLN F 1620 -69.47 -7.46 48.91
C GLN F 1620 -70.29 -6.19 48.61
N PHE F 1621 -70.35 -5.71 47.36
CA PHE F 1621 -71.05 -4.47 47.02
C PHE F 1621 -72.47 -4.77 46.59
N GLU F 1622 -73.32 -4.96 47.58
CA GLU F 1622 -74.70 -5.51 47.44
C GLU F 1622 -75.57 -4.53 46.66
N TYR F 1623 -75.17 -3.27 46.60
CA TYR F 1623 -75.95 -2.28 45.85
C TYR F 1623 -75.47 -2.09 44.44
N VAL F 1624 -74.61 -2.97 43.96
CA VAL F 1624 -74.25 -2.96 42.52
C VAL F 1624 -74.53 -4.32 41.88
N LEU F 1625 -75.03 -4.26 40.66
CA LEU F 1625 -75.24 -5.42 39.78
C LEU F 1625 -74.45 -5.22 38.52
N TYR F 1626 -73.75 -6.24 38.08
CA TYR F 1626 -72.86 -6.18 36.90
C TYR F 1626 -73.40 -7.01 35.78
N PRO F 1627 -74.27 -6.50 34.90
CA PRO F 1627 -74.80 -7.30 33.81
C PRO F 1627 -73.80 -7.57 32.70
N SER F 1628 -73.91 -8.74 32.08
CA SER F 1628 -73.14 -9.13 30.88
C SER F 1628 -73.99 -8.94 29.65
N LYS F 1629 -75.27 -8.71 29.80
CA LYS F 1629 -76.10 -8.61 28.59
C LYS F 1629 -77.10 -7.49 28.71
N THR F 1630 -77.48 -7.02 27.55
CA THR F 1630 -78.43 -5.93 27.40
C THR F 1630 -79.74 -6.33 28.07
N LEU F 1631 -80.27 -5.44 28.87
CA LEU F 1631 -81.61 -5.56 29.50
C LEU F 1631 -82.50 -4.50 28.90
N LYS F 1632 -83.61 -4.90 28.32
CA LYS F 1632 -84.69 -3.99 27.91
C LYS F 1632 -85.65 -3.81 29.08
N THR F 1633 -85.56 -2.69 29.75
CA THR F 1633 -86.35 -2.40 30.98
C THR F 1633 -87.65 -1.78 30.53
N ASP F 1634 -88.52 -1.49 31.49
CA ASP F 1634 -89.73 -0.72 31.19
C ASP F 1634 -89.51 0.75 31.60
N GLY F 1635 -88.26 1.16 31.79
CA GLY F 1635 -87.97 2.58 31.98
C GLY F 1635 -86.86 2.79 32.96
N VAL F 1636 -86.02 3.74 32.62
CA VAL F 1636 -84.97 4.18 33.53
C VAL F 1636 -85.29 5.61 33.81
N ARG F 1637 -85.25 5.98 35.07
CA ARG F 1637 -85.64 7.30 35.53
C ARG F 1637 -84.42 8.20 35.73
N ALA F 1638 -83.28 7.64 36.14
CA ALA F 1638 -82.11 8.45 36.42
C ALA F 1638 -80.89 7.60 36.22
N VAL F 1639 -79.81 8.25 35.79
CA VAL F 1639 -78.53 7.54 35.60
C VAL F 1639 -77.49 8.35 36.32
N SER F 1640 -76.60 7.70 37.00
CA SER F 1640 -75.37 8.26 37.61
C SER F 1640 -74.22 8.04 36.65
N ILE F 1641 -73.40 9.07 36.46
CA ILE F 1641 -72.15 9.02 35.70
C ILE F 1641 -71.05 9.37 36.69
N THR F 1642 -70.07 8.52 36.85
CA THR F 1642 -68.95 8.77 37.77
C THR F 1642 -67.67 8.71 37.00
N SER F 1643 -66.73 9.56 37.36
CA SER F 1643 -65.43 9.61 36.67
C SER F 1643 -64.36 9.79 37.73
N PHE F 1644 -63.20 9.24 37.51
CA PHE F 1644 -62.05 9.32 38.44
C PHE F 1644 -60.84 9.57 37.56
N GLY F 1645 -60.40 10.79 37.52
CA GLY F 1645 -59.19 11.14 36.79
C GLY F 1645 -57.97 11.04 37.64
N PHE F 1646 -56.84 10.95 36.96
CA PHE F 1646 -55.53 11.17 37.56
C PHE F 1646 -55.52 12.53 38.25
N GLY F 1647 -54.90 12.58 39.41
CA GLY F 1647 -54.75 13.83 40.14
C GLY F 1647 -55.96 14.12 40.98
N GLN F 1648 -56.58 13.07 41.50
CA GLN F 1648 -57.73 13.13 42.43
C GLN F 1648 -58.92 13.84 41.80
N LYS F 1649 -59.09 13.72 40.51
CA LYS F 1649 -60.24 14.32 39.84
C LYS F 1649 -61.39 13.32 39.95
N GLY F 1650 -62.25 13.47 40.93
CA GLY F 1650 -63.48 12.68 41.06
C GLY F 1650 -64.62 13.51 40.54
N GLY F 1651 -65.56 12.89 39.87
CA GLY F 1651 -66.76 13.57 39.43
C GLY F 1651 -67.97 12.67 39.45
N GLN F 1652 -69.10 13.30 39.56
CA GLN F 1652 -70.37 12.59 39.44
C GLN F 1652 -71.39 13.51 38.84
N ALA F 1653 -72.13 12.99 37.87
CA ALA F 1653 -73.30 13.68 37.34
C ALA F 1653 -74.49 12.73 37.43
N ILE F 1654 -75.65 13.30 37.67
CA ILE F 1654 -76.92 12.57 37.69
C ILE F 1654 -77.77 13.15 36.57
N VAL F 1655 -78.26 12.29 35.71
CA VAL F 1655 -79.18 12.69 34.62
C VAL F 1655 -80.53 12.02 34.90
N VAL F 1656 -81.54 12.81 34.82
CA VAL F 1656 -82.93 12.43 35.05
C VAL F 1656 -83.65 12.47 33.73
N HIS F 1657 -84.51 11.50 33.60
CA HIS F 1657 -85.37 11.32 32.42
C HIS F 1657 -86.08 12.62 32.12
N PRO F 1658 -86.09 13.02 30.84
CA PRO F 1658 -86.59 14.31 30.47
C PRO F 1658 -88.08 14.47 30.71
N ASP F 1659 -88.83 13.37 30.82
CA ASP F 1659 -90.28 13.47 30.99
C ASP F 1659 -90.63 14.05 32.34
N TYR F 1660 -89.72 14.06 33.30
CA TYR F 1660 -89.99 14.69 34.60
C TYR F 1660 -90.00 16.20 34.43
N LEU F 1661 -89.43 16.75 33.36
CA LEU F 1661 -89.47 18.22 33.18
C LEU F 1661 -90.94 18.60 32.90
N TYR F 1662 -91.65 17.79 32.11
CA TYR F 1662 -92.91 18.23 31.47
C TYR F 1662 -94.01 18.34 32.52
N GLY F 1663 -93.90 17.67 33.65
CA GLY F 1663 -94.83 17.86 34.79
C GLY F 1663 -94.73 19.23 35.40
N ALA F 1664 -93.67 19.98 35.13
CA ALA F 1664 -93.46 21.33 35.67
C ALA F 1664 -94.24 22.37 34.87
N ILE F 1665 -94.72 22.04 33.68
CA ILE F 1665 -95.34 23.07 32.82
C ILE F 1665 -96.81 22.71 32.54
N THR F 1666 -97.53 23.64 31.97
CA THR F 1666 -98.96 23.51 31.59
C THR F 1666 -99.10 22.73 30.30
N GLU F 1667 -100.32 22.27 30.04
CA GLU F 1667 -100.64 21.54 28.81
C GLU F 1667 -100.41 22.44 27.59
N ASP F 1668 -100.81 23.69 27.64
CA ASP F 1668 -100.63 24.58 26.47
C ASP F 1668 -99.13 24.79 26.18
N ARG F 1669 -98.34 25.00 27.22
CA ARG F 1669 -96.89 25.20 27.04
C ARG F 1669 -96.33 23.92 26.43
N TYR F 1670 -96.73 22.78 26.98
CA TYR F 1670 -96.22 21.49 26.49
C TYR F 1670 -96.59 21.29 25.04
N ASN F 1671 -97.83 21.60 24.68
CA ASN F 1671 -98.30 21.34 23.31
C ASN F 1671 -97.64 22.28 22.34
N GLU F 1672 -97.45 23.53 22.73
CA GLU F 1672 -96.68 24.49 21.90
C GLU F 1672 -95.26 23.91 21.65
N TYR F 1673 -94.59 23.46 22.70
CA TYR F 1673 -93.22 22.88 22.63
C TYR F 1673 -93.25 21.68 21.69
N VAL F 1674 -94.18 20.76 21.88
CA VAL F 1674 -94.25 19.53 21.04
C VAL F 1674 -94.30 19.89 19.56
N ALA F 1675 -95.11 20.85 19.21
CA ALA F 1675 -95.25 21.30 17.82
C ALA F 1675 -93.93 21.91 17.36
N LYS F 1676 -93.33 22.77 18.17
CA LYS F 1676 -92.06 23.39 17.74
C LYS F 1676 -91.00 22.32 17.51
N VAL F 1677 -90.89 21.40 18.44
CA VAL F 1677 -89.84 20.36 18.35
C VAL F 1677 -90.09 19.47 17.14
N SER F 1678 -91.36 19.17 16.88
CA SER F 1678 -91.72 18.32 15.74
C SER F 1678 -91.26 18.98 14.45
N ALA F 1679 -91.52 20.27 14.30
CA ALA F 1679 -91.09 21.01 13.11
C ALA F 1679 -89.57 21.05 13.03
N ARG F 1680 -88.89 21.23 14.18
CA ARG F 1680 -87.42 21.35 14.18
C ARG F 1680 -86.79 20.05 13.79
N GLU F 1681 -87.37 18.95 14.25
CA GLU F 1681 -86.88 17.60 13.98
C GLU F 1681 -86.95 17.30 12.49
N LYS F 1682 -88.04 17.66 11.87
CA LYS F 1682 -88.20 17.47 10.40
C LYS F 1682 -87.16 18.28 9.67
N SER F 1683 -86.92 19.53 10.07
CA SER F 1683 -85.88 20.38 9.44
C SER F 1683 -84.49 19.81 9.69
N ALA F 1684 -84.27 19.16 10.82
CA ALA F 1684 -82.96 18.60 11.17
C ALA F 1684 -82.67 17.39 10.29
N TYR F 1685 -83.67 16.53 10.10
CA TYR F 1685 -83.54 15.36 9.20
C TYR F 1685 -83.18 15.84 7.79
N LYS F 1686 -83.86 16.87 7.35
CA LYS F 1686 -83.61 17.46 6.03
C LYS F 1686 -82.14 17.84 5.98
N PHE F 1687 -81.69 18.61 6.97
CA PHE F 1687 -80.31 19.09 7.03
C PHE F 1687 -79.32 17.96 7.08
N PHE F 1688 -79.63 17.00 7.91
CA PHE F 1688 -78.70 15.90 8.11
C PHE F 1688 -78.46 15.12 6.83
N HIS F 1689 -79.51 14.70 6.15
CA HIS F 1689 -79.35 13.85 4.94
C HIS F 1689 -78.69 14.66 3.82
N ASN F 1690 -79.07 15.92 3.68
CA ASN F 1690 -78.38 16.76 2.69
C ASN F 1690 -76.91 16.80 3.01
N GLY F 1691 -76.58 17.03 4.29
CA GLY F 1691 -75.19 17.20 4.67
C GLY F 1691 -74.46 15.95 4.48
N MET F 1692 -75.09 14.83 4.84
CA MET F 1692 -74.35 13.57 4.78
C MET F 1692 -74.00 13.30 3.31
N ILE F 1693 -74.97 13.37 2.44
CA ILE F 1693 -74.67 12.91 1.06
C ILE F 1693 -73.83 13.93 0.32
N TYR F 1694 -73.96 15.22 0.60
CA TYR F 1694 -73.03 16.20 -0.04
C TYR F 1694 -71.81 16.59 0.79
N ASN F 1695 -71.53 15.89 1.88
CA ASN F 1695 -70.30 16.14 2.66
C ASN F 1695 -70.29 17.60 3.14
N LYS F 1696 -71.39 18.07 3.66
CA LYS F 1696 -71.50 19.43 4.17
C LYS F 1696 -72.31 19.46 5.47
N LEU F 1697 -72.10 18.51 6.36
CA LEU F 1697 -72.72 18.67 7.70
C LEU F 1697 -72.07 19.88 8.39
N PHE F 1698 -70.76 19.96 8.26
CA PHE F 1698 -69.96 21.07 8.82
C PHE F 1698 -69.93 22.18 7.76
N VAL F 1699 -70.43 23.34 8.08
CA VAL F 1699 -70.28 24.53 7.22
C VAL F 1699 -69.68 25.68 8.07
N SER F 1700 -68.43 26.00 7.83
CA SER F 1700 -67.70 27.10 8.50
C SER F 1700 -68.41 28.41 8.18
N LYS F 1701 -68.51 29.27 9.17
CA LYS F 1701 -69.07 30.62 8.99
C LYS F 1701 -67.99 31.49 8.38
N GLU F 1702 -68.34 32.33 7.42
CA GLU F 1702 -67.34 33.26 6.83
C GLU F 1702 -67.34 34.52 7.69
N HIS F 1703 -68.50 34.85 8.24
CA HIS F 1703 -68.78 36.14 8.87
C HIS F 1703 -69.47 35.86 10.18
N ALA F 1704 -69.10 36.66 11.15
CA ALA F 1704 -69.87 36.86 12.37
C ALA F 1704 -71.25 37.31 11.98
N PRO F 1705 -72.24 37.18 12.87
CA PRO F 1705 -73.58 37.66 12.58
C PRO F 1705 -73.73 39.18 12.55
N TYR F 1706 -72.70 39.87 12.99
CA TYR F 1706 -72.62 41.34 12.96
C TYR F 1706 -71.47 41.70 12.07
N THR F 1707 -71.57 42.89 11.48
CA THR F 1707 -70.40 43.51 10.80
C THR F 1707 -69.44 44.03 11.85
N ASP F 1708 -68.17 44.23 11.49
CA ASP F 1708 -67.17 44.95 12.33
C ASP F 1708 -67.77 46.27 12.87
N GLU F 1709 -68.51 47.01 12.06
CA GLU F 1709 -69.08 48.32 12.45
C GLU F 1709 -70.16 48.16 13.54
N LEU F 1710 -70.88 47.03 13.59
CA LEU F 1710 -71.95 46.83 14.59
C LEU F 1710 -71.46 46.01 15.79
N GLU F 1711 -70.27 45.45 15.74
CA GLU F 1711 -69.76 44.53 16.79
C GLU F 1711 -69.99 45.13 18.17
N GLU F 1712 -69.49 46.34 18.42
CA GLU F 1712 -69.47 46.93 19.76
C GLU F 1712 -70.91 47.20 20.16
N ASP F 1713 -71.71 47.67 19.21
CA ASP F 1713 -73.14 47.95 19.50
C ASP F 1713 -73.82 46.65 19.94
N VAL F 1714 -73.55 45.56 19.25
CA VAL F 1714 -74.16 44.26 19.61
C VAL F 1714 -73.65 43.84 20.99
N TYR F 1715 -72.34 43.96 21.23
CA TYR F 1715 -71.80 43.54 22.52
C TYR F 1715 -72.42 44.33 23.65
N LEU F 1716 -72.80 45.56 23.39
CA LEU F 1716 -73.20 46.47 24.45
C LEU F 1716 -74.70 46.51 24.62
N ASP F 1717 -75.47 45.83 23.79
CA ASP F 1717 -76.92 45.79 24.00
C ASP F 1717 -77.38 44.38 24.37
N PRO F 1718 -77.77 44.11 25.61
CA PRO F 1718 -78.09 42.74 26.03
C PRO F 1718 -79.34 42.20 25.32
N LEU F 1719 -80.11 43.09 24.70
CA LEU F 1719 -81.39 42.72 24.08
C LEU F 1719 -81.22 42.60 22.58
N ALA F 1720 -80.02 42.68 22.06
CA ALA F 1720 -79.79 42.58 20.60
C ALA F 1720 -80.01 41.14 20.17
N ARG F 1721 -80.80 40.94 19.12
CA ARG F 1721 -81.09 39.59 18.58
C ARG F 1721 -80.88 39.62 17.08
N VAL F 1722 -80.50 38.49 16.54
CA VAL F 1722 -80.40 38.38 15.07
C VAL F 1722 -81.79 38.23 14.48
N SER F 1723 -81.88 38.50 13.20
CA SER F 1723 -83.12 38.37 12.40
C SER F 1723 -82.68 37.98 11.00
N LYS F 1724 -83.60 37.39 10.25
CA LYS F 1724 -83.35 36.93 8.87
C LYS F 1724 -83.20 38.16 8.00
N ASP F 1725 -82.04 38.31 7.36
CA ASP F 1725 -81.77 39.37 6.36
C ASP F 1725 -82.55 39.00 5.08
N LYS F 1726 -83.43 39.88 4.59
CA LYS F 1726 -84.29 39.61 3.39
C LYS F 1726 -83.43 39.24 2.16
N LYS F 1727 -82.29 39.90 1.95
CA LYS F 1727 -81.41 39.69 0.77
C LYS F 1727 -80.68 38.34 0.88
N SER F 1728 -79.77 38.20 1.85
CA SER F 1728 -78.90 37.01 2.05
C SER F 1728 -79.72 35.78 2.48
N GLY F 1729 -80.81 35.99 3.22
CA GLY F 1729 -81.51 34.92 3.97
C GLY F 1729 -80.80 34.51 5.26
N SER F 1730 -79.61 35.03 5.53
CA SER F 1730 -78.75 34.63 6.67
C SER F 1730 -79.22 35.38 7.92
N LEU F 1731 -78.91 34.83 9.09
CA LEU F 1731 -79.23 35.49 10.39
C LEU F 1731 -78.15 36.51 10.67
N THR F 1732 -78.55 37.75 10.83
CA THR F 1732 -77.64 38.87 11.05
C THR F 1732 -78.25 39.78 12.09
N PHE F 1733 -77.40 40.58 12.72
CA PHE F 1733 -77.84 41.75 13.50
C PHE F 1733 -78.01 42.92 12.55
N ASN F 1734 -79.16 43.56 12.69
CA ASN F 1734 -79.59 44.74 11.92
C ASN F 1734 -79.55 45.88 12.91
N SER F 1735 -79.03 47.05 12.52
CA SER F 1735 -78.97 48.28 13.35
C SER F 1735 -80.33 48.62 13.96
N LYS F 1736 -81.43 48.34 13.27
CA LYS F 1736 -82.80 48.68 13.74
C LYS F 1736 -83.17 47.92 15.02
N ASN F 1737 -82.56 46.76 15.26
CA ASN F 1737 -82.86 45.92 16.44
C ASN F 1737 -81.81 46.12 17.54
N ILE F 1738 -80.90 47.08 17.38
CA ILE F 1738 -79.85 47.38 18.38
C ILE F 1738 -80.22 48.65 19.10
N GLN F 1739 -80.25 48.58 20.44
CA GLN F 1739 -80.72 49.62 21.37
C GLN F 1739 -82.11 50.09 20.89
N SER F 1740 -82.98 49.14 20.56
CA SER F 1740 -84.36 49.43 20.08
C SER F 1740 -85.31 49.38 21.27
N LYS F 1741 -86.18 50.38 21.36
CA LYS F 1741 -87.26 50.47 22.36
C LYS F 1741 -88.16 49.23 22.32
N ASP F 1742 -88.40 48.63 21.16
CA ASP F 1742 -89.35 47.49 21.01
C ASP F 1742 -88.82 46.27 21.76
N SER F 1743 -87.50 46.05 21.75
CA SER F 1743 -86.81 44.98 22.52
C SER F 1743 -87.20 45.05 24.00
N TYR F 1744 -87.25 46.26 24.57
CA TYR F 1744 -87.40 46.46 26.02
C TYR F 1744 -88.87 46.71 26.40
N ILE F 1745 -89.51 47.65 25.71
CA ILE F 1745 -90.94 48.03 25.94
C ILE F 1745 -91.81 47.16 25.02
N ASN F 1746 -92.28 46.04 25.54
CA ASN F 1746 -93.08 45.02 24.82
C ASN F 1746 -94.58 45.40 24.89
N ALA F 1747 -95.46 44.58 24.29
CA ALA F 1747 -96.92 44.76 24.19
C ALA F 1747 -97.57 44.82 25.59
N ASN F 1748 -97.13 43.93 26.48
CA ASN F 1748 -97.66 43.84 27.86
C ASN F 1748 -97.32 45.12 28.60
N THR F 1749 -96.12 45.65 28.40
CA THR F 1749 -95.67 46.89 29.08
C THR F 1749 -96.56 48.04 28.59
N ILE F 1750 -96.76 48.14 27.28
CA ILE F 1750 -97.55 49.22 26.63
C ILE F 1750 -99.01 49.18 27.14
N GLU F 1751 -99.61 47.99 27.19
CA GLU F 1751 -100.98 47.75 27.68
C GLU F 1751 -101.07 48.15 29.16
N THR F 1752 -100.24 47.57 30.00
CA THR F 1752 -100.25 47.82 31.47
C THR F 1752 -100.04 49.32 31.74
N ALA F 1753 -99.09 49.98 31.07
CA ALA F 1753 -98.80 51.42 31.31
C ALA F 1753 -100.03 52.26 30.94
N LYS F 1754 -100.67 51.96 29.81
CA LYS F 1754 -101.91 52.64 29.32
C LYS F 1754 -103.01 52.47 30.38
N MET F 1755 -103.21 51.24 30.87
CA MET F 1755 -104.24 50.94 31.87
C MET F 1755 -104.07 51.86 33.07
N ILE F 1756 -102.86 51.99 33.60
CA ILE F 1756 -102.64 52.76 34.85
C ILE F 1756 -102.49 54.26 34.51
N GLU F 1757 -102.26 54.62 33.24
CA GLU F 1757 -102.33 56.02 32.73
C GLU F 1757 -103.80 56.48 32.74
N ASN F 1758 -104.75 55.57 32.49
CA ASN F 1758 -106.23 55.79 32.53
C ASN F 1758 -106.77 55.63 33.96
N MET F 1759 -105.90 55.66 34.97
CA MET F 1759 -106.25 55.60 36.42
C MET F 1759 -105.80 56.87 37.15
N THR F 1760 -105.07 57.76 36.49
CA THR F 1760 -104.62 59.06 37.06
C THR F 1760 -105.85 59.95 37.27
N LYS F 1761 -105.87 60.76 38.34
CA LYS F 1761 -107.01 61.61 38.78
C LYS F 1761 -107.52 62.48 37.61
N GLU F 1762 -106.61 63.05 36.81
CA GLU F 1762 -106.93 63.95 35.68
C GLU F 1762 -107.62 63.17 34.54
N LYS F 1763 -107.17 61.94 34.26
CA LYS F 1763 -107.76 61.06 33.20
C LYS F 1763 -109.18 60.65 33.60
N VAL F 1764 -109.35 60.10 34.82
CA VAL F 1764 -110.68 59.73 35.39
C VAL F 1764 -110.62 59.82 36.92
N SER F 1765 -111.66 60.39 37.54
CA SER F 1765 -111.84 60.53 39.00
C SER F 1765 -113.34 60.49 39.34
N ASN F 1766 -113.67 60.50 40.64
CA ASN F 1766 -115.06 60.52 41.17
C ASN F 1766 -115.76 59.20 40.80
N GLY F 1767 -115.22 58.09 41.31
CA GLY F 1767 -115.72 56.72 41.06
C GLY F 1767 -114.80 55.68 41.67
N GLY F 1768 -115.36 54.52 42.05
CA GLY F 1768 -114.62 53.37 42.60
C GLY F 1768 -113.58 52.84 41.62
N VAL F 1769 -112.33 52.71 42.06
CA VAL F 1769 -111.18 52.18 41.25
C VAL F 1769 -110.67 50.91 41.94
N GLY F 1770 -110.69 49.79 41.21
CA GLY F 1770 -110.16 48.49 41.66
C GLY F 1770 -109.01 48.04 40.76
N VAL F 1771 -107.88 47.69 41.38
CA VAL F 1771 -106.66 47.14 40.71
C VAL F 1771 -106.44 45.73 41.22
N ASP F 1772 -106.40 44.74 40.34
CA ASP F 1772 -106.01 43.36 40.74
C ASP F 1772 -104.88 42.84 39.85
N VAL F 1773 -103.96 42.10 40.47
CA VAL F 1773 -102.93 41.31 39.72
C VAL F 1773 -103.04 39.85 40.14
N GLU F 1774 -102.94 38.96 39.17
CA GLU F 1774 -102.84 37.51 39.40
C GLU F 1774 -101.60 37.04 38.63
N LEU F 1775 -100.69 36.39 39.35
CA LEU F 1775 -99.60 35.59 38.74
C LEU F 1775 -100.30 34.44 38.03
N ILE F 1776 -100.06 34.27 36.73
CA ILE F 1776 -100.82 33.26 35.94
C ILE F 1776 -100.51 31.86 36.49
N THR F 1777 -99.35 31.66 37.12
CA THR F 1777 -98.97 30.35 37.70
C THR F 1777 -99.92 29.95 38.84
N SER F 1778 -100.71 30.88 39.38
CA SER F 1778 -101.73 30.66 40.44
C SER F 1778 -102.96 29.92 39.89
N ILE F 1779 -103.25 30.08 38.60
CA ILE F 1779 -104.41 29.44 37.89
C ILE F 1779 -104.06 28.00 37.54
N ASN F 1780 -104.74 27.04 38.16
CA ASN F 1780 -104.75 25.62 37.74
C ASN F 1780 -105.97 25.42 36.85
N VAL F 1781 -105.78 25.34 35.52
CA VAL F 1781 -106.87 25.19 34.50
C VAL F 1781 -107.46 23.77 34.56
N GLU F 1782 -106.73 22.80 35.12
CA GLU F 1782 -107.21 21.41 35.36
C GLU F 1782 -108.16 21.37 36.57
N ASN F 1783 -108.10 22.36 37.46
CA ASN F 1783 -108.93 22.47 38.70
C ASN F 1783 -110.36 22.84 38.29
N ASP F 1784 -111.12 21.86 37.78
CA ASP F 1784 -112.50 22.00 37.23
C ASP F 1784 -113.45 22.59 38.29
N THR F 1785 -113.25 22.23 39.57
CA THR F 1785 -113.98 22.77 40.76
C THR F 1785 -113.87 24.30 40.79
N PHE F 1786 -112.64 24.83 40.88
CA PHE F 1786 -112.33 26.28 40.96
C PHE F 1786 -112.83 27.02 39.70
N ILE F 1787 -112.65 26.41 38.52
CA ILE F 1787 -113.02 27.03 37.21
C ILE F 1787 -114.55 27.11 37.10
N GLU F 1788 -115.27 26.02 37.39
CA GLU F 1788 -116.76 25.96 37.28
C GLU F 1788 -117.39 26.90 38.31
N ARG F 1789 -116.85 26.93 39.54
CA ARG F 1789 -117.35 27.74 40.68
C ARG F 1789 -117.28 29.25 40.36
N ASN F 1790 -116.15 29.73 39.82
CA ASN F 1790 -115.81 31.18 39.74
C ASN F 1790 -116.06 31.75 38.34
N PHE F 1791 -116.20 30.91 37.31
CA PHE F 1791 -116.34 31.36 35.89
C PHE F 1791 -117.65 30.81 35.32
N THR F 1792 -118.30 31.62 34.46
CA THR F 1792 -119.52 31.25 33.71
C THR F 1792 -119.11 30.37 32.53
N PRO F 1793 -119.99 29.51 31.98
CA PRO F 1793 -119.67 28.75 30.76
C PRO F 1793 -119.21 29.58 29.54
N GLN F 1794 -119.63 30.84 29.43
CA GLN F 1794 -119.22 31.77 28.34
C GLN F 1794 -117.74 32.15 28.52
N GLU F 1795 -117.35 32.52 29.75
CA GLU F 1795 -115.96 32.87 30.16
C GLU F 1795 -115.03 31.66 29.98
N ILE F 1796 -115.48 30.47 30.43
CA ILE F 1796 -114.74 29.18 30.29
C ILE F 1796 -114.51 28.88 28.80
N GLU F 1797 -115.53 29.10 27.96
CA GLU F 1797 -115.44 28.84 26.50
C GLU F 1797 -114.42 29.79 25.86
N TYR F 1798 -114.46 31.07 26.22
CA TYR F 1798 -113.58 32.12 25.66
C TYR F 1798 -112.12 31.82 26.02
N CYS F 1799 -111.84 31.61 27.32
CA CYS F 1799 -110.49 31.37 27.89
C CYS F 1799 -109.90 30.07 27.31
N SER F 1800 -110.70 28.99 27.25
CA SER F 1800 -110.31 27.66 26.69
C SER F 1800 -109.87 27.78 25.22
N ALA F 1801 -110.47 28.69 24.45
CA ALA F 1801 -110.21 28.90 23.00
C ALA F 1801 -108.93 29.72 22.76
N GLN F 1802 -108.36 30.36 23.79
CA GLN F 1802 -107.19 31.26 23.65
C GLN F 1802 -105.89 30.45 23.61
N PRO F 1803 -104.81 31.00 22.99
CA PRO F 1803 -103.51 30.31 22.91
C PRO F 1803 -102.96 29.87 24.28
N SER F 1804 -102.80 30.80 25.21
CA SER F 1804 -102.49 30.51 26.64
C SER F 1804 -103.79 30.56 27.45
N VAL F 1805 -104.35 29.39 27.71
CA VAL F 1805 -105.59 29.20 28.50
C VAL F 1805 -105.34 29.81 29.89
N GLN F 1806 -104.22 29.47 30.50
CA GLN F 1806 -103.87 29.86 31.89
C GLN F 1806 -103.81 31.38 31.99
N SER F 1807 -103.12 32.05 31.05
CA SER F 1807 -102.99 33.53 31.01
C SER F 1807 -104.37 34.18 30.83
N SER F 1808 -105.21 33.66 29.94
CA SER F 1808 -106.60 34.15 29.69
C SER F 1808 -107.48 33.99 30.94
N PHE F 1809 -107.50 32.82 31.57
CA PHE F 1809 -108.20 32.62 32.87
C PHE F 1809 -107.69 33.60 33.93
N ALA F 1810 -106.37 33.81 34.02
CA ALA F 1810 -105.76 34.75 34.99
C ALA F 1810 -106.23 36.17 34.66
N GLY F 1811 -106.25 36.53 33.38
CA GLY F 1811 -106.78 37.82 32.88
C GLY F 1811 -108.23 38.04 33.33
N THR F 1812 -109.06 37.00 33.22
CA THR F 1812 -110.50 37.05 33.58
C THR F 1812 -110.63 37.09 35.11
N TRP F 1813 -109.89 36.25 35.84
CA TRP F 1813 -109.93 36.22 37.32
C TRP F 1813 -109.53 37.59 37.84
N SER F 1814 -108.49 38.20 37.25
CA SER F 1814 -107.97 39.51 37.68
C SER F 1814 -109.05 40.59 37.45
N ALA F 1815 -109.71 40.57 36.28
CA ALA F 1815 -110.86 41.45 35.92
C ALA F 1815 -111.97 41.36 36.98
N LYS F 1816 -112.46 40.15 37.26
CA LYS F 1816 -113.53 39.89 38.27
C LYS F 1816 -113.14 40.51 39.62
N GLU F 1817 -111.93 40.25 40.09
CA GLU F 1817 -111.42 40.72 41.41
C GLU F 1817 -111.23 42.25 41.38
N ALA F 1818 -110.87 42.84 40.24
CA ALA F 1818 -110.69 44.31 40.10
C ALA F 1818 -112.07 44.99 40.18
N VAL F 1819 -113.06 44.43 39.47
CA VAL F 1819 -114.49 44.88 39.52
C VAL F 1819 -114.99 44.83 40.97
N PHE F 1820 -114.85 43.68 41.65
CA PHE F 1820 -115.26 43.49 43.06
C PHE F 1820 -114.64 44.58 43.96
N LYS F 1821 -113.37 44.92 43.76
CA LYS F 1821 -112.65 45.96 44.54
C LYS F 1821 -113.22 47.36 44.20
N SER F 1822 -113.63 47.59 42.95
CA SER F 1822 -114.18 48.89 42.47
C SER F 1822 -115.56 49.16 43.09
N LEU F 1823 -116.41 48.13 43.20
CA LEU F 1823 -117.75 48.19 43.85
C LEU F 1823 -117.57 48.58 45.33
N GLY F 1824 -116.64 47.92 46.03
CA GLY F 1824 -116.19 48.26 47.40
C GLY F 1824 -117.12 47.70 48.48
N VAL F 1825 -117.75 46.55 48.22
CA VAL F 1825 -118.77 45.91 49.11
C VAL F 1825 -118.13 44.74 49.86
N ALA F 1833 -118.34 33.85 45.76
CA ALA F 1833 -117.82 33.50 44.42
C ALA F 1833 -117.91 34.71 43.48
N LEU F 1834 -117.01 34.78 42.50
CA LEU F 1834 -116.88 35.88 41.52
C LEU F 1834 -117.73 35.58 40.26
N LYS F 1835 -118.48 34.47 40.22
CA LYS F 1835 -119.31 34.07 39.05
C LYS F 1835 -120.38 35.14 38.76
N ASP F 1836 -120.87 35.81 39.83
CA ASP F 1836 -121.84 36.93 39.77
C ASP F 1836 -121.34 38.00 38.78
N ILE F 1837 -120.03 38.28 38.77
CA ILE F 1837 -119.37 39.26 37.85
C ILE F 1837 -118.92 38.50 36.59
N GLU F 1838 -119.61 38.71 35.46
CA GLU F 1838 -119.25 38.12 34.15
C GLU F 1838 -118.49 39.16 33.34
N ILE F 1839 -117.34 38.75 32.78
CA ILE F 1839 -116.50 39.54 31.83
C ILE F 1839 -116.78 38.98 30.44
N VAL F 1840 -117.37 39.78 29.55
CA VAL F 1840 -117.64 39.43 28.12
C VAL F 1840 -116.48 39.95 27.28
N ARG F 1841 -115.70 39.03 26.70
CA ARG F 1841 -114.43 39.32 25.99
C ARG F 1841 -114.58 38.96 24.50
N VAL F 1842 -114.35 39.95 23.64
CA VAL F 1842 -114.30 39.80 22.15
C VAL F 1842 -112.86 40.11 21.72
N ASN F 1843 -112.34 39.37 20.73
CA ASN F 1843 -110.94 39.47 20.23
C ASN F 1843 -110.67 40.91 19.78
N LYS F 1844 -109.48 41.44 20.12
CA LYS F 1844 -108.98 42.82 19.86
C LYS F 1844 -110.09 43.87 20.12
N ASN F 1845 -110.89 43.68 21.17
CA ASN F 1845 -111.99 44.58 21.63
C ASN F 1845 -111.94 44.69 23.16
N ALA F 1846 -112.35 45.84 23.71
CA ALA F 1846 -112.37 46.13 25.16
C ALA F 1846 -113.40 45.21 25.84
N PRO F 1847 -113.06 44.55 26.97
CA PRO F 1847 -114.00 43.66 27.64
C PRO F 1847 -115.10 44.45 28.37
N ALA F 1848 -116.29 43.84 28.49
CA ALA F 1848 -117.49 44.43 29.11
C ALA F 1848 -117.81 43.69 30.41
N VAL F 1849 -118.25 44.43 31.44
CA VAL F 1849 -118.65 43.88 32.78
C VAL F 1849 -120.18 43.79 32.82
N GLU F 1850 -120.70 42.66 33.29
CA GLU F 1850 -122.16 42.37 33.46
C GLU F 1850 -122.38 41.71 34.83
N LEU F 1851 -123.08 42.40 35.72
CA LEU F 1851 -123.37 41.93 37.11
C LEU F 1851 -124.73 41.22 37.10
N HIS F 1852 -124.79 39.99 37.63
CA HIS F 1852 -125.95 39.06 37.48
C HIS F 1852 -126.69 38.90 38.82
N GLY F 1853 -126.09 38.20 39.79
CA GLY F 1853 -126.74 37.84 41.07
C GLY F 1853 -126.62 38.94 42.10
N ASN F 1854 -125.97 38.65 43.24
CA ASN F 1854 -125.84 39.55 44.42
C ASN F 1854 -124.94 40.75 44.10
N ALA F 1855 -124.05 40.63 43.10
CA ALA F 1855 -123.17 41.71 42.61
C ALA F 1855 -124.01 42.83 41.99
N LYS F 1856 -125.08 42.49 41.26
CA LYS F 1856 -126.04 43.46 40.66
C LYS F 1856 -126.75 44.22 41.77
N LYS F 1857 -127.23 43.52 42.80
CA LYS F 1857 -127.91 44.10 43.99
C LYS F 1857 -126.94 45.02 44.73
N ALA F 1858 -125.70 44.59 44.97
CA ALA F 1858 -124.63 45.32 45.69
C ALA F 1858 -124.26 46.62 44.95
N ALA F 1859 -124.26 46.59 43.62
CA ALA F 1859 -124.00 47.76 42.72
C ALA F 1859 -125.16 48.74 42.79
N GLU F 1860 -126.41 48.24 42.88
CA GLU F 1860 -127.64 49.05 43.03
C GLU F 1860 -127.66 49.77 44.39
N GLU F 1861 -127.16 49.14 45.46
CA GLU F 1861 -127.07 49.72 46.83
C GLU F 1861 -126.19 50.98 46.82
N ALA F 1862 -125.03 50.92 46.16
CA ALA F 1862 -124.03 52.02 46.04
C ALA F 1862 -124.37 52.96 44.87
N GLY F 1863 -125.38 52.62 44.06
CA GLY F 1863 -125.85 53.44 42.92
C GLY F 1863 -124.83 53.46 41.79
N VAL F 1864 -124.18 52.32 41.52
CA VAL F 1864 -123.18 52.14 40.43
C VAL F 1864 -123.95 51.93 39.12
N THR F 1865 -123.77 52.85 38.16
CA THR F 1865 -124.47 52.89 36.85
C THR F 1865 -123.73 52.00 35.85
N ASP F 1866 -122.43 52.26 35.66
CA ASP F 1866 -121.54 51.55 34.69
C ASP F 1866 -120.29 51.02 35.43
N VAL F 1867 -119.80 49.85 35.01
CA VAL F 1867 -118.48 49.26 35.39
C VAL F 1867 -117.72 48.96 34.10
N LYS F 1868 -116.55 49.58 33.90
CA LYS F 1868 -115.63 49.27 32.77
C LYS F 1868 -114.37 48.62 33.35
N VAL F 1869 -113.75 47.71 32.59
CA VAL F 1869 -112.51 46.99 33.02
C VAL F 1869 -111.53 46.95 31.84
N SER F 1870 -110.24 47.14 32.14
CA SER F 1870 -109.10 46.89 31.23
C SER F 1870 -108.30 45.70 31.78
N ILE F 1871 -107.78 44.86 30.88
CA ILE F 1871 -106.99 43.63 31.23
C ILE F 1871 -105.74 43.60 30.35
N SER F 1872 -104.57 43.46 30.99
CA SER F 1872 -103.33 42.98 30.34
C SER F 1872 -102.95 41.63 30.96
N HIS F 1873 -102.46 40.71 30.14
CA HIS F 1873 -101.96 39.41 30.64
C HIS F 1873 -100.86 38.91 29.71
N ASP F 1874 -99.86 38.24 30.30
CA ASP F 1874 -98.71 37.68 29.55
C ASP F 1874 -98.31 36.37 30.24
N ASP F 1875 -97.08 35.89 30.04
CA ASP F 1875 -96.61 34.59 30.57
C ASP F 1875 -96.39 34.70 32.10
N LEU F 1876 -96.38 35.89 32.68
CA LEU F 1876 -96.09 36.07 34.13
C LEU F 1876 -97.34 36.41 34.92
N GLN F 1877 -98.04 37.48 34.53
CA GLN F 1877 -99.08 38.09 35.40
C GLN F 1877 -100.23 38.63 34.55
N ALA F 1878 -101.39 38.72 35.18
CA ALA F 1878 -102.62 39.37 34.65
C ALA F 1878 -102.87 40.59 35.51
N VAL F 1879 -102.95 41.75 34.90
CA VAL F 1879 -103.29 43.02 35.61
C VAL F 1879 -104.67 43.44 35.07
N ALA F 1880 -105.58 43.80 35.96
CA ALA F 1880 -106.92 44.33 35.62
C ALA F 1880 -107.17 45.61 36.40
N VAL F 1881 -107.57 46.66 35.69
CA VAL F 1881 -108.04 47.93 36.29
C VAL F 1881 -109.53 48.07 35.97
N ALA F 1882 -110.37 48.13 37.01
CA ALA F 1882 -111.84 48.34 36.93
C ALA F 1882 -112.16 49.72 37.49
N VAL F 1883 -112.92 50.52 36.74
CA VAL F 1883 -113.52 51.82 37.17
C VAL F 1883 -115.04 51.65 37.19
N SER F 1884 -115.66 51.75 38.38
CA SER F 1884 -117.13 51.78 38.61
C SER F 1884 -117.58 53.23 38.78
N THR F 1885 -118.42 53.73 37.87
CA THR F 1885 -118.94 55.13 37.83
C THR F 1885 -120.44 55.14 38.19
N LYS F 1886 -120.87 56.11 39.00
CA LYS F 1886 -122.28 56.29 39.46
C LYS F 1886 -122.98 57.32 38.57
N MET G 1 -58.89 106.05 -37.21
CA MET G 1 -58.30 105.94 -35.84
C MET G 1 -56.79 105.72 -35.94
N LYS G 2 -56.00 106.46 -35.14
CA LYS G 2 -54.52 106.41 -35.14
C LYS G 2 -54.06 105.09 -34.54
N PRO G 3 -52.90 104.52 -34.98
CA PRO G 3 -52.38 103.28 -34.39
C PRO G 3 -52.21 103.29 -32.85
N GLU G 4 -51.69 104.38 -32.28
CA GLU G 4 -51.41 104.51 -30.82
C GLU G 4 -52.71 104.66 -30.02
N VAL G 5 -53.74 105.30 -30.58
CA VAL G 5 -55.08 105.47 -29.94
C VAL G 5 -55.78 104.10 -29.92
N GLU G 6 -55.76 103.40 -31.06
CA GLU G 6 -56.32 102.03 -31.20
C GLU G 6 -55.65 101.11 -30.17
N GLN G 7 -54.33 101.22 -30.02
CA GLN G 7 -53.55 100.45 -29.03
C GLN G 7 -54.05 100.76 -27.62
N GLU G 8 -54.26 102.05 -27.30
CA GLU G 8 -54.80 102.50 -25.98
C GLU G 8 -56.19 101.87 -25.75
N LEU G 9 -57.08 101.93 -26.74
CA LEU G 9 -58.47 101.40 -26.60
C LEU G 9 -58.43 99.88 -26.47
N ALA G 10 -57.57 99.22 -27.24
CA ALA G 10 -57.35 97.75 -27.21
C ALA G 10 -56.86 97.34 -25.82
N HIS G 11 -55.99 98.13 -25.22
CA HIS G 11 -55.44 97.87 -23.86
C HIS G 11 -56.59 97.93 -22.85
N ILE G 12 -57.40 98.99 -22.90
CA ILE G 12 -58.58 99.19 -22.01
C ILE G 12 -59.58 98.05 -22.22
N LEU G 13 -59.88 97.69 -23.47
CA LEU G 13 -60.84 96.60 -23.77
C LEU G 13 -60.33 95.28 -23.20
N LEU G 14 -59.05 94.96 -23.44
CA LEU G 14 -58.42 93.68 -23.01
C LEU G 14 -58.43 93.59 -21.47
N THR G 15 -58.01 94.65 -20.78
CA THR G 15 -58.01 94.70 -19.29
C THR G 15 -59.43 94.48 -18.76
N GLU G 16 -60.42 95.12 -19.38
CA GLU G 16 -61.85 94.96 -18.98
C GLU G 16 -62.29 93.52 -19.27
N LEU G 17 -61.97 92.98 -20.45
CA LEU G 17 -62.40 91.59 -20.84
C LEU G 17 -61.89 90.59 -19.79
N LEU G 18 -60.62 90.72 -19.41
CA LEU G 18 -59.97 89.74 -18.49
C LEU G 18 -60.49 89.95 -17.07
N ALA G 19 -60.63 91.21 -16.66
CA ALA G 19 -61.10 91.61 -15.31
C ALA G 19 -62.46 90.98 -15.04
N TYR G 20 -63.41 91.13 -15.97
CA TYR G 20 -64.81 90.66 -15.80
C TYR G 20 -64.92 89.16 -16.05
N GLN G 21 -63.99 88.56 -16.77
CA GLN G 21 -64.01 87.12 -17.13
C GLN G 21 -64.02 86.29 -15.84
N PHE G 22 -63.22 86.74 -14.87
CA PHE G 22 -63.18 86.36 -13.43
C PHE G 22 -64.58 85.93 -12.95
N ALA G 23 -65.54 86.85 -13.05
CA ALA G 23 -66.89 86.77 -12.44
C ALA G 23 -67.99 86.90 -13.51
N SER G 24 -67.75 86.38 -14.72
CA SER G 24 -68.75 86.28 -15.80
C SER G 24 -68.74 84.85 -16.31
N PRO G 25 -69.86 84.34 -16.86
CA PRO G 25 -69.90 82.98 -17.37
C PRO G 25 -69.04 82.78 -18.64
N VAL G 26 -68.57 81.56 -18.81
CA VAL G 26 -67.72 81.15 -19.96
C VAL G 26 -68.66 80.68 -21.08
N ARG G 27 -68.76 81.51 -22.10
CA ARG G 27 -69.62 81.27 -23.28
C ARG G 27 -68.82 80.45 -24.29
N TRP G 28 -68.58 79.18 -23.98
CA TRP G 28 -67.76 78.29 -24.83
C TRP G 28 -68.62 77.63 -25.91
N ILE G 29 -69.95 77.65 -25.77
CA ILE G 29 -70.91 77.23 -26.83
C ILE G 29 -70.69 78.17 -28.00
N GLU G 30 -70.85 79.46 -27.74
CA GLU G 30 -70.78 80.51 -28.77
C GLU G 30 -69.37 80.57 -29.34
N THR G 31 -68.34 80.34 -28.52
CA THR G 31 -66.91 80.37 -28.95
C THR G 31 -66.68 79.26 -29.99
N GLN G 32 -67.05 78.03 -29.67
CA GLN G 32 -66.93 76.88 -30.57
C GLN G 32 -67.70 77.16 -31.88
N ASP G 33 -68.88 77.77 -31.81
CA ASP G 33 -69.66 78.13 -33.02
C ASP G 33 -68.89 79.16 -33.84
N VAL G 34 -68.22 80.12 -33.20
CA VAL G 34 -67.45 81.15 -33.94
C VAL G 34 -66.30 80.47 -34.69
N PHE G 35 -65.56 79.53 -34.09
CA PHE G 35 -64.33 79.05 -34.74
C PHE G 35 -64.62 77.81 -35.60
N LEU G 36 -65.67 77.05 -35.32
CA LEU G 36 -66.04 75.87 -36.15
C LEU G 36 -66.89 76.30 -37.35
N LYS G 37 -67.77 77.30 -37.20
CA LYS G 37 -68.73 77.70 -38.27
C LYS G 37 -68.23 78.97 -38.97
N ASP G 38 -68.01 80.08 -38.24
CA ASP G 38 -67.71 81.40 -38.85
C ASP G 38 -66.29 81.45 -39.43
N PHE G 39 -65.43 80.47 -39.13
CA PHE G 39 -64.02 80.38 -39.60
C PHE G 39 -63.74 79.04 -40.31
N ASN G 40 -64.63 78.05 -40.20
CA ASN G 40 -64.53 76.72 -40.87
C ASN G 40 -63.15 76.14 -40.60
N THR G 41 -62.77 76.15 -39.33
CA THR G 41 -61.45 75.72 -38.86
C THR G 41 -61.30 74.23 -39.17
N GLU G 42 -60.14 73.86 -39.70
CA GLU G 42 -59.84 72.49 -40.15
C GLU G 42 -58.96 71.79 -39.12
N ARG G 43 -58.12 72.56 -38.41
CA ARG G 43 -57.26 72.02 -37.33
C ARG G 43 -57.65 72.74 -36.04
N VAL G 44 -58.19 72.02 -35.07
CA VAL G 44 -58.39 72.55 -33.70
C VAL G 44 -57.30 71.90 -32.88
N VAL G 45 -56.33 72.72 -32.45
CA VAL G 45 -55.20 72.25 -31.61
C VAL G 45 -55.49 72.71 -30.19
N GLU G 46 -55.70 71.74 -29.30
CA GLU G 46 -55.96 72.03 -27.87
C GLU G 46 -54.60 71.99 -27.17
N ILE G 47 -54.21 73.12 -26.61
CA ILE G 47 -52.97 73.26 -25.80
C ILE G 47 -53.38 73.07 -24.34
N GLY G 48 -53.04 71.93 -23.79
CA GLY G 48 -53.36 71.62 -22.39
C GLY G 48 -52.77 70.30 -22.00
N PRO G 49 -52.83 69.94 -20.71
CA PRO G 49 -52.29 68.67 -20.26
C PRO G 49 -53.25 67.48 -20.52
N SER G 50 -54.54 67.75 -20.77
CA SER G 50 -55.58 66.71 -21.02
C SER G 50 -56.52 67.14 -22.15
N PRO G 51 -57.18 66.18 -22.84
CA PRO G 51 -58.12 66.50 -23.93
C PRO G 51 -59.57 66.81 -23.50
N THR G 52 -59.78 67.92 -22.80
CA THR G 52 -61.12 68.35 -22.29
C THR G 52 -61.82 69.14 -23.40
N LEU G 53 -61.19 70.19 -23.91
CA LEU G 53 -61.77 71.05 -24.98
C LEU G 53 -61.78 70.30 -26.34
N ALA G 54 -60.88 69.35 -26.56
CA ALA G 54 -60.83 68.49 -27.77
C ALA G 54 -62.10 67.63 -27.77
N GLY G 55 -62.31 66.88 -26.67
CA GLY G 55 -63.56 66.18 -26.35
C GLY G 55 -64.78 67.05 -26.59
N MET G 56 -64.74 68.31 -26.16
CA MET G 56 -65.92 69.22 -26.30
C MET G 56 -66.17 69.56 -27.77
N ALA G 57 -65.11 69.86 -28.54
CA ALA G 57 -65.19 70.20 -29.99
C ALA G 57 -65.70 68.98 -30.78
N GLN G 58 -65.16 67.79 -30.49
CA GLN G 58 -65.54 66.49 -31.10
C GLN G 58 -67.02 66.19 -30.89
N ARG G 59 -67.59 66.57 -29.74
CA ARG G 59 -69.03 66.39 -29.40
C ARG G 59 -69.85 67.52 -30.01
N THR G 60 -69.37 68.76 -30.02
CA THR G 60 -70.10 69.88 -30.67
C THR G 60 -70.27 69.59 -32.16
N LEU G 61 -69.23 69.04 -32.81
CA LEU G 61 -69.21 68.75 -34.26
C LEU G 61 -70.26 67.67 -34.57
N LYS G 62 -70.21 66.56 -33.82
CA LYS G 62 -71.15 65.41 -33.95
C LYS G 62 -72.60 65.85 -33.71
N ASN G 63 -72.83 66.87 -32.88
CA ASN G 63 -74.19 67.29 -32.42
C ASN G 63 -74.81 68.31 -33.36
N LYS G 64 -74.04 69.15 -34.04
CA LYS G 64 -74.64 70.28 -34.79
C LYS G 64 -73.91 70.61 -36.11
N TYR G 65 -72.91 69.84 -36.54
CA TYR G 65 -72.10 70.18 -37.75
C TYR G 65 -71.88 68.94 -38.64
N GLU G 66 -72.54 67.82 -38.36
CA GLU G 66 -72.30 66.54 -39.09
C GLU G 66 -72.72 66.72 -40.55
N SER G 67 -73.86 67.38 -40.79
CA SER G 67 -74.43 67.62 -42.13
C SER G 67 -73.68 68.78 -42.81
N TYR G 68 -73.41 69.85 -42.06
CA TYR G 68 -72.57 71.01 -42.48
C TYR G 68 -71.20 70.52 -42.97
N ASP G 69 -70.53 69.68 -42.20
CA ASP G 69 -69.15 69.19 -42.53
C ASP G 69 -69.21 68.28 -43.76
N ALA G 70 -70.26 67.47 -43.90
CA ALA G 70 -70.49 66.58 -45.07
C ALA G 70 -70.69 67.46 -46.30
N ALA G 71 -71.68 68.36 -46.25
CA ALA G 71 -72.10 69.22 -47.38
C ALA G 71 -70.90 70.02 -47.93
N LEU G 72 -70.14 70.68 -47.06
CA LEU G 72 -68.96 71.51 -47.48
C LEU G 72 -67.70 70.65 -47.59
N SER G 73 -67.76 69.34 -47.34
CA SER G 73 -66.67 68.35 -47.51
C SER G 73 -65.40 68.76 -46.75
N LEU G 74 -65.52 69.53 -45.66
CA LEU G 74 -64.35 70.03 -44.89
C LEU G 74 -64.02 69.01 -43.79
N HIS G 75 -62.78 68.52 -43.79
CA HIS G 75 -62.25 67.53 -42.82
C HIS G 75 -61.64 68.28 -41.62
N ARG G 76 -62.22 68.08 -40.45
CA ARG G 76 -61.77 68.64 -39.15
C ARG G 76 -60.75 67.67 -38.55
N GLU G 77 -59.59 68.17 -38.14
CA GLU G 77 -58.68 67.46 -37.21
C GLU G 77 -58.86 68.14 -35.85
N ILE G 78 -59.29 67.40 -34.83
CA ILE G 78 -59.32 67.86 -33.42
C ILE G 78 -58.12 67.21 -32.74
N LEU G 79 -57.09 68.01 -32.52
CA LEU G 79 -55.79 67.55 -32.00
C LEU G 79 -55.63 68.12 -30.59
N CYS G 80 -55.29 67.28 -29.62
CA CYS G 80 -54.86 67.70 -28.28
C CYS G 80 -53.34 67.56 -28.22
N TYR G 81 -52.64 68.61 -27.81
CA TYR G 81 -51.16 68.62 -27.61
C TYR G 81 -50.70 67.35 -26.86
N SER G 82 -51.47 66.89 -25.87
CA SER G 82 -51.07 65.81 -24.93
C SER G 82 -51.07 64.42 -25.59
N LYS G 83 -51.98 64.16 -26.53
CA LYS G 83 -52.13 62.85 -27.23
C LYS G 83 -51.59 62.89 -28.67
N ASP G 84 -51.78 64.00 -29.39
CA ASP G 84 -51.65 64.07 -30.87
C ASP G 84 -50.39 64.84 -31.28
N ALA G 85 -49.30 64.68 -30.54
CA ALA G 85 -48.01 65.35 -30.81
C ALA G 85 -47.56 65.06 -32.23
N LYS G 86 -47.62 63.79 -32.65
CA LYS G 86 -47.16 63.32 -33.99
C LYS G 86 -47.90 64.07 -35.11
N GLU G 87 -49.20 64.32 -34.95
CA GLU G 87 -50.01 65.03 -35.97
C GLU G 87 -49.70 66.53 -35.93
N ILE G 88 -49.37 67.09 -34.76
CA ILE G 88 -49.16 68.56 -34.59
C ILE G 88 -47.75 68.90 -35.06
N TYR G 89 -46.79 68.05 -34.75
CA TYR G 89 -45.36 68.26 -35.08
C TYR G 89 -45.00 67.72 -36.48
N TYR G 90 -45.92 67.04 -37.18
CA TYR G 90 -45.67 66.36 -38.47
C TYR G 90 -44.49 65.41 -38.31
N THR G 91 -44.61 64.47 -37.37
CA THR G 91 -43.65 63.37 -37.13
C THR G 91 -44.40 62.05 -37.20
N PRO G 92 -44.91 61.62 -38.38
CA PRO G 92 -45.67 60.38 -38.49
C PRO G 92 -44.76 59.16 -38.32
N ASP G 93 -45.35 58.00 -37.97
CA ASP G 93 -44.65 56.69 -37.83
C ASP G 93 -44.08 56.29 -39.20
N PRO G 94 -42.79 55.85 -39.29
CA PRO G 94 -42.27 55.28 -40.54
C PRO G 94 -43.04 54.05 -41.02
N LEU G 328 -14.20 5.09 -18.95
CA LEU G 328 -13.64 6.33 -19.55
C LEU G 328 -12.79 7.07 -18.49
N GLU G 329 -13.44 7.89 -17.65
CA GLU G 329 -12.81 8.63 -16.52
C GLU G 329 -13.35 8.10 -15.17
N GLU G 330 -14.32 7.19 -15.18
CA GLU G 330 -14.95 6.61 -13.97
C GLU G 330 -13.94 5.68 -13.28
N ILE G 331 -13.17 4.92 -14.08
CA ILE G 331 -12.11 3.98 -13.61
C ILE G 331 -10.99 4.76 -12.89
N THR G 332 -10.53 5.89 -13.47
CA THR G 332 -9.46 6.73 -12.87
C THR G 332 -10.02 7.44 -11.62
N LYS G 333 -11.29 7.84 -11.65
CA LYS G 333 -12.01 8.43 -10.50
C LYS G 333 -11.99 7.43 -9.34
N ASP G 334 -12.34 6.16 -9.60
CA ASP G 334 -12.46 5.09 -8.57
C ASP G 334 -11.07 4.76 -8.00
N HIS G 335 -10.03 4.85 -8.83
CA HIS G 335 -8.63 4.64 -8.41
C HIS G 335 -8.18 5.81 -7.52
N LYS G 336 -8.56 7.04 -7.85
CA LYS G 336 -8.21 8.24 -7.05
C LYS G 336 -8.95 8.17 -5.71
N VAL G 337 -10.15 7.63 -5.69
CA VAL G 337 -10.90 7.45 -4.42
C VAL G 337 -10.10 6.50 -3.52
N LEU G 338 -9.65 5.38 -4.07
CA LEU G 338 -8.84 4.39 -3.31
C LEU G 338 -7.55 5.06 -2.80
N ALA G 339 -6.84 5.72 -3.71
CA ALA G 339 -5.59 6.40 -3.34
C ALA G 339 -5.82 7.41 -2.22
N ARG G 340 -6.90 8.18 -2.33
CA ARG G 340 -7.23 9.22 -1.32
C ARG G 340 -7.50 8.54 0.00
N GLN G 341 -8.19 7.40 -0.06
CA GLN G 341 -8.51 6.65 1.16
C GLN G 341 -7.25 6.07 1.78
N GLN G 342 -6.33 5.57 0.95
CA GLN G 342 -5.04 5.05 1.47
C GLN G 342 -4.22 6.19 2.08
N LEU G 343 -4.16 7.31 1.40
CA LEU G 343 -3.48 8.50 2.00
C LEU G 343 -4.13 8.87 3.34
N GLN G 344 -5.45 8.87 3.43
CA GLN G 344 -6.10 9.19 4.73
C GLN G 344 -5.70 8.19 5.80
N VAL G 345 -5.72 6.90 5.48
CA VAL G 345 -5.35 5.89 6.50
C VAL G 345 -3.93 6.15 6.96
N LEU G 346 -3.02 6.45 6.04
CA LEU G 346 -1.61 6.67 6.45
C LEU G 346 -1.52 7.94 7.28
N ALA G 347 -2.25 8.99 6.88
CA ALA G 347 -2.27 10.30 7.63
C ALA G 347 -2.65 10.03 9.07
N ARG G 348 -3.67 9.22 9.28
CA ARG G 348 -4.16 8.83 10.64
C ARG G 348 -3.14 7.99 11.39
N TYR G 349 -2.52 6.99 10.77
CA TYR G 349 -1.41 6.22 11.40
C TYR G 349 -0.30 7.18 11.84
N LEU G 350 0.08 8.11 10.97
CA LEU G 350 1.17 9.07 11.25
C LEU G 350 0.75 10.20 12.21
N LYS G 351 -0.54 10.34 12.56
CA LYS G 351 -1.07 11.42 13.43
C LYS G 351 -0.76 12.77 12.76
N MET G 352 -0.94 12.79 11.44
CA MET G 352 -0.80 13.97 10.59
C MET G 352 -2.18 14.56 10.42
N ASP G 353 -2.30 15.80 10.89
CA ASP G 353 -3.48 16.63 10.64
C ASP G 353 -3.29 17.32 9.29
N LEU G 354 -3.89 16.81 8.24
CA LEU G 354 -3.69 17.32 6.86
C LEU G 354 -4.29 18.72 6.72
N ASP G 355 -5.33 19.03 7.49
CA ASP G 355 -6.09 20.30 7.36
C ASP G 355 -5.54 21.37 8.32
N ASN G 356 -4.51 21.08 9.11
CA ASN G 356 -3.95 21.97 10.14
C ASN G 356 -3.59 23.33 9.52
N GLY G 357 -3.01 23.31 8.32
CA GLY G 357 -2.53 24.53 7.65
C GLY G 357 -3.69 25.34 7.09
N GLU G 358 -4.68 24.70 6.48
CA GLU G 358 -5.85 25.42 5.95
C GLU G 358 -6.66 26.00 7.14
N ARG G 359 -6.64 25.35 8.28
CA ARG G 359 -7.33 25.79 9.52
C ARG G 359 -6.61 27.03 10.09
N LYS G 360 -5.29 27.01 10.19
CA LYS G 360 -4.47 28.16 10.64
C LYS G 360 -4.67 29.33 9.67
N PHE G 361 -4.68 29.05 8.38
CA PHE G 361 -4.88 30.07 7.34
C PHE G 361 -6.18 30.83 7.55
N LEU G 362 -7.25 30.15 7.94
CA LEU G 362 -8.60 30.77 7.96
C LEU G 362 -8.75 31.60 9.23
N LYS G 363 -8.12 31.20 10.34
CA LYS G 363 -7.94 32.00 11.56
C LYS G 363 -7.18 33.32 11.24
N GLU G 364 -6.07 33.28 10.50
CA GLU G 364 -5.27 34.48 10.17
C GLU G 364 -6.03 35.37 9.19
N LYS G 365 -6.74 34.80 8.23
CA LYS G 365 -7.58 35.56 7.28
C LYS G 365 -8.65 36.37 8.04
N ASP G 366 -9.13 35.86 9.17
CA ASP G 366 -10.11 36.55 10.05
C ASP G 366 -9.41 37.67 10.83
N THR G 367 -8.19 37.41 11.30
CA THR G 367 -7.34 38.41 11.97
C THR G 367 -7.03 39.55 11.01
N VAL G 368 -6.79 39.27 9.74
CA VAL G 368 -6.46 40.28 8.71
C VAL G 368 -7.66 41.20 8.52
N ALA G 369 -8.86 40.62 8.42
CA ALA G 369 -10.11 41.34 8.13
C ALA G 369 -10.45 42.21 9.35
N GLU G 370 -10.18 41.75 10.55
CA GLU G 370 -10.39 42.52 11.80
C GLU G 370 -9.44 43.73 11.85
N LEU G 371 -8.17 43.54 11.50
CA LEU G 371 -7.16 44.63 11.48
C LEU G 371 -7.48 45.59 10.34
N GLN G 372 -7.90 45.07 9.20
CA GLN G 372 -8.20 45.91 8.03
C GLN G 372 -9.43 46.78 8.33
N ALA G 373 -10.34 46.30 9.15
CA ALA G 373 -11.56 47.04 9.53
C ALA G 373 -11.14 48.21 10.45
N GLN G 374 -10.21 47.97 11.37
CA GLN G 374 -9.69 48.99 12.29
C GLN G 374 -9.01 50.08 11.46
N LEU G 375 -8.20 49.70 10.46
CA LEU G 375 -7.49 50.66 9.63
C LEU G 375 -8.47 51.42 8.78
N ASP G 376 -9.44 50.74 8.22
CA ASP G 376 -10.46 51.36 7.37
C ASP G 376 -11.22 52.41 8.19
N TYR G 377 -11.52 52.09 9.42
CA TYR G 377 -12.26 52.96 10.33
C TYR G 377 -11.43 54.23 10.59
N LEU G 378 -10.16 54.09 10.91
CA LEU G 378 -9.28 55.26 11.12
C LEU G 378 -9.14 56.09 9.87
N ASN G 379 -9.05 55.49 8.69
CA ASN G 379 -9.07 56.22 7.41
C ASN G 379 -10.38 56.99 7.24
N ALA G 380 -11.50 56.37 7.52
CA ALA G 380 -12.81 57.06 7.42
C ALA G 380 -12.87 58.22 8.44
N GLU G 381 -12.25 58.10 9.61
CA GLU G 381 -12.28 59.18 10.61
C GLU G 381 -11.27 60.28 10.29
N LEU G 382 -10.07 59.97 9.85
CA LEU G 382 -9.01 61.00 9.66
C LEU G 382 -8.87 61.39 8.23
N GLY G 383 -9.21 60.48 7.34
CA GLY G 383 -9.03 60.73 5.93
C GLY G 383 -7.63 60.35 5.53
N GLU G 384 -7.47 60.14 4.24
CA GLU G 384 -6.24 59.62 3.62
C GLU G 384 -5.15 60.70 3.76
N PHE G 385 -5.50 61.93 3.50
CA PHE G 385 -4.50 63.01 3.50
C PHE G 385 -3.74 63.02 4.84
N PHE G 386 -4.50 62.93 5.91
CA PHE G 386 -3.98 62.97 7.28
C PHE G 386 -3.23 61.69 7.58
N VAL G 387 -3.83 60.55 7.32
CA VAL G 387 -3.21 59.25 7.65
C VAL G 387 -1.88 59.16 6.89
N ASN G 388 -1.86 59.50 5.62
CA ASN G 388 -0.59 59.44 4.84
C ASN G 388 0.36 60.55 5.32
N GLY G 389 -0.24 61.68 5.71
CA GLY G 389 0.47 62.89 6.08
C GLY G 389 1.29 62.71 7.32
N VAL G 390 0.89 61.86 8.26
CA VAL G 390 1.61 61.77 9.55
C VAL G 390 2.77 60.78 9.45
N ALA G 391 3.14 60.33 8.28
CA ALA G 391 4.29 59.43 8.09
C ALA G 391 5.59 60.10 8.55
N THR G 392 6.45 59.39 9.28
CA THR G 392 7.77 59.90 9.72
C THR G 392 8.69 60.17 8.53
N SER G 393 9.50 61.19 8.70
CA SER G 393 10.56 61.59 7.75
C SER G 393 11.90 61.61 8.48
N PHE G 394 11.89 61.95 9.75
CA PHE G 394 13.10 62.21 10.52
C PHE G 394 13.84 60.92 10.79
N SER G 395 15.15 61.00 10.64
CA SER G 395 16.12 59.99 11.10
C SER G 395 17.42 60.70 11.38
N ARG G 396 18.04 60.38 12.48
CA ARG G 396 19.32 60.95 12.83
C ARG G 396 20.36 60.74 11.72
N LYS G 397 20.38 59.61 11.06
CA LYS G 397 21.47 59.33 10.10
C LYS G 397 21.36 60.20 8.87
N LYS G 398 20.19 60.76 8.61
CA LYS G 398 20.02 61.66 7.47
C LYS G 398 20.48 63.07 7.76
N ALA G 399 20.86 63.39 8.95
CA ALA G 399 21.27 64.76 9.29
C ALA G 399 22.54 65.11 8.52
N ARG G 400 22.52 66.22 7.82
CA ARG G 400 23.67 66.70 7.03
C ARG G 400 24.23 67.90 7.72
N THR G 401 25.51 67.87 7.98
CA THR G 401 26.18 68.92 8.75
C THR G 401 27.02 69.76 7.80
N PHE G 402 26.87 71.07 7.82
CA PHE G 402 27.67 72.02 7.04
C PHE G 402 28.41 72.94 7.98
N ASP G 403 29.75 72.86 7.99
CA ASP G 403 30.61 73.63 8.89
C ASP G 403 31.93 74.09 8.29
N SER G 404 32.22 73.85 7.02
CA SER G 404 33.55 74.07 6.43
C SER G 404 33.67 75.44 5.84
N SER G 405 33.25 76.46 6.62
CA SER G 405 33.27 77.87 6.24
C SER G 405 34.71 78.32 5.98
N TRP G 406 35.67 77.69 6.65
CA TRP G 406 37.12 77.91 6.44
C TRP G 406 37.46 77.64 4.98
N ASN G 407 36.80 76.69 4.33
CA ASN G 407 37.14 76.39 2.93
C ASN G 407 36.32 77.29 2.05
N TRP G 408 35.05 77.45 2.36
CA TRP G 408 34.14 78.24 1.50
C TRP G 408 34.57 79.67 1.40
N ALA G 409 35.17 80.23 2.42
CA ALA G 409 35.63 81.64 2.34
C ALA G 409 36.61 81.84 1.20
N LYS G 410 37.55 80.92 1.03
CA LYS G 410 38.56 81.02 -0.04
C LYS G 410 37.94 80.79 -1.38
N GLN G 411 37.02 79.86 -1.47
CA GLN G 411 36.29 79.66 -2.70
C GLN G 411 35.54 80.95 -3.07
N SER G 412 34.85 81.55 -2.12
CA SER G 412 34.07 82.77 -2.36
C SER G 412 34.98 83.89 -2.84
N LEU G 413 36.13 84.04 -2.22
CA LEU G 413 37.10 85.06 -2.66
C LEU G 413 37.52 84.82 -4.07
N LEU G 414 37.90 83.60 -4.40
CA LEU G 414 38.40 83.31 -5.76
C LEU G 414 37.31 83.51 -6.78
N SER G 415 36.09 83.16 -6.47
CA SER G 415 34.93 83.38 -7.37
C SER G 415 34.72 84.87 -7.65
N LEU G 416 34.79 85.67 -6.59
CA LEU G 416 34.61 87.13 -6.70
C LEU G 416 35.76 87.68 -7.55
N TYR G 417 36.97 87.27 -7.23
CA TYR G 417 38.20 87.65 -7.95
C TYR G 417 38.01 87.41 -9.44
N PHE G 418 37.59 86.21 -9.85
CA PHE G 418 37.51 85.89 -11.28
C PHE G 418 36.29 86.57 -11.88
N GLU G 419 35.19 86.71 -11.13
CA GLU G 419 33.99 87.41 -11.64
C GLU G 419 34.32 88.87 -11.97
N ILE G 420 35.15 89.50 -11.19
CA ILE G 420 35.58 90.90 -11.49
C ILE G 420 36.52 90.89 -12.69
N ILE G 421 37.53 90.04 -12.67
CA ILE G 421 38.49 89.96 -13.81
C ILE G 421 37.73 89.72 -15.11
N HIS G 422 36.72 88.89 -15.12
CA HIS G 422 35.96 88.56 -16.36
C HIS G 422 34.84 89.58 -16.64
N GLY G 423 34.62 90.55 -15.75
CA GLY G 423 33.63 91.62 -15.97
C GLY G 423 32.21 91.16 -15.72
N VAL G 424 32.00 90.05 -15.01
CA VAL G 424 30.65 89.52 -14.66
C VAL G 424 30.07 90.39 -13.51
N LEU G 425 30.93 90.86 -12.61
CA LEU G 425 30.64 91.82 -11.53
C LEU G 425 31.45 93.08 -11.79
N LYS G 426 30.77 94.22 -11.77
CA LYS G 426 31.33 95.57 -12.01
C LYS G 426 31.37 96.33 -10.69
N ASN G 427 32.05 97.47 -10.66
CA ASN G 427 32.17 98.35 -9.46
C ASN G 427 30.82 99.01 -9.10
N VAL G 428 29.74 98.81 -9.86
CA VAL G 428 28.39 99.37 -9.54
C VAL G 428 27.49 98.27 -8.93
N ASP G 429 27.94 97.02 -8.89
CA ASP G 429 27.09 95.87 -8.48
C ASP G 429 27.13 95.78 -6.95
N ARG G 430 25.97 95.62 -6.35
CA ARG G 430 25.80 95.40 -4.91
C ARG G 430 26.28 94.01 -4.51
N GLU G 431 26.25 93.07 -5.44
CA GLU G 431 26.77 91.69 -5.22
C GLU G 431 28.22 91.78 -4.73
N VAL G 432 28.99 92.73 -5.23
CA VAL G 432 30.38 92.95 -4.76
C VAL G 432 30.35 93.21 -3.26
N VAL G 433 29.45 94.06 -2.82
CA VAL G 433 29.44 94.47 -1.40
C VAL G 433 28.94 93.28 -0.59
N SER G 434 27.92 92.58 -1.07
CA SER G 434 27.34 91.44 -0.34
C SER G 434 28.39 90.35 -0.20
N GLU G 435 29.19 90.13 -1.24
CA GLU G 435 30.25 89.09 -1.19
C GLU G 435 31.34 89.56 -0.24
N ALA G 436 31.73 90.82 -0.28
CA ALA G 436 32.66 91.40 0.73
C ALA G 436 32.19 91.07 2.13
N ILE G 437 30.91 91.28 2.42
CA ILE G 437 30.40 91.03 3.79
C ILE G 437 30.56 89.55 4.16
N ASN G 438 30.25 88.68 3.25
CA ASN G 438 30.32 87.23 3.54
C ASN G 438 31.78 86.79 3.65
N ILE G 439 32.66 87.44 2.93
CA ILE G 439 34.10 87.12 3.07
C ILE G 439 34.61 87.64 4.40
N MET G 440 34.25 88.87 4.80
CA MET G 440 34.65 89.43 6.11
C MET G 440 34.14 88.63 7.27
N ASN G 441 32.96 88.05 7.11
CA ASN G 441 32.36 87.23 8.15
C ASN G 441 33.13 85.95 8.38
N ARG G 442 33.99 85.57 7.47
CA ARG G 442 34.78 84.33 7.55
C ARG G 442 36.26 84.69 7.71
N SER G 443 36.58 85.94 7.98
CA SER G 443 37.97 86.42 8.13
C SER G 443 38.72 85.56 9.16
N ASN G 444 39.84 85.04 8.73
CA ASN G 444 40.82 84.32 9.58
C ASN G 444 42.16 84.50 8.88
N ASP G 445 43.22 84.09 9.56
CA ASP G 445 44.62 84.34 9.14
C ASP G 445 44.89 83.70 7.78
N ALA G 446 44.42 82.48 7.57
CA ALA G 446 44.62 81.75 6.31
C ALA G 446 43.93 82.51 5.18
N LEU G 447 42.72 83.01 5.44
CA LEU G 447 41.96 83.72 4.38
C LEU G 447 42.72 84.96 3.98
N ILE G 448 43.27 85.65 4.96
CA ILE G 448 44.02 86.91 4.69
C ILE G 448 45.29 86.62 3.89
N LYS G 449 46.05 85.61 4.23
CA LYS G 449 47.22 85.20 3.42
C LYS G 449 46.79 84.83 2.00
N PHE G 450 45.69 84.12 1.86
CA PHE G 450 45.15 83.74 0.56
C PHE G 450 44.86 84.98 -0.27
N MET G 451 44.17 85.93 0.32
CA MET G 451 43.78 87.18 -0.39
C MET G 451 45.02 87.97 -0.72
N GLU G 452 45.95 88.06 0.22
CA GLU G 452 47.20 88.82 0.00
C GLU G 452 47.92 88.20 -1.19
N TYR G 453 48.07 86.87 -1.23
CA TYR G 453 48.79 86.27 -2.38
C TYR G 453 48.07 86.63 -3.67
N HIS G 454 46.77 86.37 -3.78
CA HIS G 454 46.00 86.54 -5.03
C HIS G 454 46.01 87.98 -5.48
N ILE G 455 45.77 88.91 -4.56
CA ILE G 455 45.68 90.36 -4.90
C ILE G 455 47.08 90.89 -5.19
N SER G 456 48.08 90.64 -4.35
CA SER G 456 49.47 91.14 -4.59
C SER G 456 50.05 90.64 -5.90
N ASN G 457 49.69 89.43 -6.36
CA ASN G 457 50.25 88.84 -7.61
C ASN G 457 49.34 89.17 -8.79
N THR G 458 48.37 90.05 -8.61
CA THR G 458 47.48 90.52 -9.70
C THR G 458 48.25 91.58 -10.49
N ASP G 459 48.32 91.43 -11.80
CA ASP G 459 49.05 92.39 -12.68
C ASP G 459 48.01 93.42 -13.15
N GLU G 460 47.94 94.56 -12.47
CA GLU G 460 46.97 95.66 -12.78
C GLU G 460 47.12 96.19 -14.21
N THR G 461 48.27 95.99 -14.88
CA THR G 461 48.52 96.49 -16.26
C THR G 461 47.84 95.62 -17.33
N LYS G 462 47.34 94.43 -16.96
CA LYS G 462 46.69 93.47 -17.90
C LYS G 462 45.34 94.00 -18.38
N GLY G 463 44.78 95.03 -17.74
CA GLY G 463 43.45 95.56 -18.10
C GLY G 463 42.81 96.30 -16.95
N GLU G 464 41.69 96.96 -17.23
CA GLU G 464 40.90 97.74 -16.25
C GLU G 464 40.35 96.78 -15.19
N ASN G 465 39.82 95.63 -15.59
CA ASN G 465 39.20 94.67 -14.63
C ASN G 465 40.27 94.23 -13.64
N TYR G 466 41.53 94.15 -14.07
CA TYR G 466 42.62 93.71 -13.19
C TYR G 466 42.91 94.81 -12.17
N GLN G 467 42.82 96.06 -12.60
CA GLN G 467 43.04 97.22 -11.70
C GLN G 467 41.90 97.23 -10.71
N LEU G 468 40.69 97.06 -11.20
CA LEU G 468 39.51 96.99 -10.32
C LEU G 468 39.71 95.88 -9.26
N VAL G 469 40.15 94.68 -9.65
CA VAL G 469 40.17 93.57 -8.65
C VAL G 469 41.26 93.88 -7.67
N LYS G 470 42.36 94.46 -8.13
CA LYS G 470 43.49 94.80 -7.28
C LYS G 470 43.09 95.83 -6.20
N THR G 471 42.38 96.89 -6.59
CA THR G 471 41.90 97.95 -5.67
C THR G 471 40.86 97.37 -4.71
N LEU G 472 39.85 96.68 -5.22
CA LEU G 472 38.83 96.04 -4.36
C LEU G 472 39.52 95.08 -3.41
N GLY G 473 40.36 94.20 -3.94
CA GLY G 473 41.05 93.20 -3.12
C GLY G 473 41.86 93.82 -2.03
N GLU G 474 42.59 94.90 -2.32
CA GLU G 474 43.39 95.59 -1.26
C GLU G 474 42.47 96.14 -0.16
N GLN G 475 41.33 96.68 -0.53
CA GLN G 475 40.36 97.17 0.47
C GLN G 475 39.79 95.98 1.28
N LEU G 476 39.48 94.89 0.61
CA LEU G 476 38.85 93.72 1.30
C LEU G 476 39.89 93.12 2.24
N ILE G 477 41.17 93.17 1.87
CA ILE G 477 42.22 92.71 2.80
C ILE G 477 42.19 93.57 4.07
N GLU G 478 42.20 94.89 3.91
CA GLU G 478 42.16 95.84 5.06
C GLU G 478 40.91 95.54 5.89
N ASN G 479 39.77 95.33 5.25
CA ASN G 479 38.55 95.00 6.04
C ASN G 479 38.72 93.73 6.84
N CYS G 480 39.30 92.71 6.22
CA CYS G 480 39.37 91.39 6.84
C CYS G 480 40.34 91.42 8.01
N LYS G 481 41.43 92.18 7.90
CA LYS G 481 42.34 92.40 9.07
C LYS G 481 41.61 93.08 10.24
N GLN G 482 40.80 94.09 9.97
CA GLN G 482 40.04 94.80 11.05
C GLN G 482 39.01 93.88 11.72
N VAL G 483 38.37 92.96 11.01
CA VAL G 483 37.28 92.12 11.59
C VAL G 483 37.76 90.73 11.96
N LEU G 484 39.06 90.52 11.95
CA LEU G 484 39.68 89.22 12.29
C LEU G 484 39.12 88.70 13.61
N ASP G 485 38.96 89.56 14.61
CA ASP G 485 38.56 89.14 15.98
C ASP G 485 37.16 89.65 16.33
N VAL G 486 36.39 90.05 15.32
CA VAL G 486 35.05 90.65 15.46
C VAL G 486 34.02 89.59 15.08
N ASP G 487 32.92 89.57 15.79
CA ASP G 487 31.79 88.65 15.54
C ASP G 487 31.21 88.92 14.17
N PRO G 488 30.79 87.87 13.44
CA PRO G 488 30.25 88.09 12.11
C PRO G 488 28.85 88.70 12.24
N VAL G 489 28.45 89.39 11.20
CA VAL G 489 27.17 90.14 11.18
C VAL G 489 26.33 89.74 9.98
N TYR G 490 25.06 89.59 10.29
CA TYR G 490 23.97 89.71 9.34
C TYR G 490 23.84 91.16 8.96
N LYS G 491 23.96 91.42 7.70
CA LYS G 491 23.99 92.79 7.13
C LYS G 491 23.50 92.65 5.71
N ASP G 492 22.27 93.02 5.42
CA ASP G 492 21.69 92.89 4.05
C ASP G 492 21.87 94.22 3.33
N VAL G 493 22.47 94.19 2.15
CA VAL G 493 22.70 95.39 1.33
C VAL G 493 21.98 95.27 -0.01
N ALA G 494 21.08 94.30 -0.16
CA ALA G 494 20.29 94.14 -1.40
C ALA G 494 19.34 95.35 -1.54
N LYS G 495 19.10 95.75 -2.78
CA LYS G 495 18.17 96.86 -3.16
C LYS G 495 16.77 96.45 -2.71
N PRO G 496 16.07 97.22 -1.84
CA PRO G 496 14.67 96.94 -1.55
C PRO G 496 13.80 96.97 -2.82
N THR G 497 12.90 95.99 -2.97
CA THR G 497 12.04 95.82 -4.17
C THR G 497 10.56 96.04 -3.78
N GLY G 498 9.89 96.92 -4.53
CA GLY G 498 8.42 97.11 -4.49
C GLY G 498 7.70 96.22 -5.51
N PRO G 499 6.38 96.02 -5.36
CA PRO G 499 5.60 95.27 -6.36
C PRO G 499 5.24 96.23 -7.50
N LYS G 500 5.23 95.70 -8.74
CA LYS G 500 4.84 96.43 -9.97
C LYS G 500 4.12 95.45 -10.90
N THR G 501 2.81 95.62 -11.05
CA THR G 501 1.96 94.84 -11.98
C THR G 501 1.85 95.63 -13.29
N ALA G 502 1.99 94.94 -14.42
CA ALA G 502 1.87 95.52 -15.78
C ALA G 502 0.90 94.65 -16.59
N ILE G 503 -0.03 95.30 -17.28
CA ILE G 503 -0.87 94.66 -18.34
C ILE G 503 -0.37 95.22 -19.67
N ASP G 504 0.15 94.34 -20.54
CA ASP G 504 0.58 94.72 -21.92
C ASP G 504 -0.65 94.98 -22.80
N LYS G 505 -0.43 95.46 -24.03
CA LYS G 505 -1.50 95.81 -25.01
C LYS G 505 -2.41 94.60 -25.26
N ASN G 506 -1.84 93.39 -25.33
CA ASN G 506 -2.55 92.12 -25.65
C ASN G 506 -3.06 91.42 -24.38
N GLY G 507 -3.13 92.12 -23.23
CA GLY G 507 -3.76 91.65 -21.98
C GLY G 507 -3.06 90.44 -21.34
N ASN G 508 -1.73 90.44 -21.33
CA ASN G 508 -0.91 89.56 -20.44
C ASN G 508 -0.53 90.36 -19.18
N ILE G 509 -0.65 89.72 -18.02
CA ILE G 509 -0.36 90.32 -16.67
C ILE G 509 1.04 89.87 -16.24
N THR G 510 2.00 90.81 -16.18
CA THR G 510 3.38 90.60 -15.67
C THR G 510 3.52 91.17 -14.25
N TYR G 511 3.71 90.31 -13.23
CA TYR G 511 4.13 90.67 -11.85
C TYR G 511 5.66 90.69 -11.75
N SER G 512 6.26 91.86 -11.50
CA SER G 512 7.72 92.06 -11.34
C SER G 512 8.05 92.78 -10.02
N GLU G 513 9.03 92.26 -9.27
CA GLU G 513 9.71 92.96 -8.14
C GLU G 513 10.59 94.05 -8.72
N GLU G 514 10.26 95.33 -8.47
CA GLU G 514 10.92 96.53 -9.03
C GLU G 514 11.59 97.33 -7.92
N PRO G 515 12.83 97.83 -8.11
CA PRO G 515 13.47 98.72 -7.14
C PRO G 515 12.65 99.95 -6.75
N ARG G 516 12.36 100.11 -5.45
CA ARG G 516 11.65 101.27 -4.85
C ARG G 516 12.47 102.54 -5.11
N GLU G 517 11.80 103.66 -5.35
CA GLU G 517 12.43 104.96 -5.70
C GLU G 517 13.02 105.60 -4.44
N LYS G 518 12.21 105.69 -3.38
CA LYS G 518 12.53 106.44 -2.13
C LYS G 518 13.47 105.60 -1.23
N VAL G 519 13.37 104.27 -1.30
CA VAL G 519 13.98 103.28 -0.36
C VAL G 519 15.03 102.48 -1.12
N ARG G 520 16.30 102.86 -1.04
CA ARG G 520 17.39 102.15 -1.78
C ARG G 520 18.34 101.40 -0.84
N LYS G 521 18.15 101.48 0.49
CA LYS G 521 18.93 100.72 1.50
C LYS G 521 17.99 100.30 2.63
N LEU G 522 18.43 99.37 3.48
CA LEU G 522 17.61 98.93 4.63
C LEU G 522 17.47 100.06 5.66
N SER G 523 18.45 100.94 5.80
CA SER G 523 18.38 102.06 6.78
C SER G 523 17.20 103.00 6.43
N GLN G 524 16.93 103.21 5.14
CA GLN G 524 15.83 104.05 4.63
C GLN G 524 14.52 103.28 4.73
N TYR G 525 14.58 101.96 4.59
CA TYR G 525 13.41 101.10 4.82
C TYR G 525 12.99 101.29 6.27
N VAL G 526 13.93 101.31 7.19
CA VAL G 526 13.57 101.40 8.64
C VAL G 526 12.90 102.77 8.91
N GLN G 527 13.47 103.84 8.37
CA GLN G 527 12.92 105.22 8.40
C GLN G 527 11.49 105.23 7.86
N GLU G 528 11.26 104.63 6.71
CA GLU G 528 9.91 104.53 6.11
C GLU G 528 8.99 103.76 7.05
N MET G 529 9.48 102.70 7.70
CA MET G 529 8.61 101.89 8.60
C MET G 529 8.23 102.77 9.79
N ALA G 530 9.19 103.51 10.33
CA ALA G 530 9.02 104.32 11.56
C ALA G 530 7.94 105.41 11.33
N LEU G 531 7.91 106.02 10.14
CA LEU G 531 7.04 107.18 9.85
C LEU G 531 5.62 106.72 9.59
N GLY G 532 5.42 105.45 9.31
CA GLY G 532 4.09 104.93 8.97
C GLY G 532 3.57 105.66 7.75
N GLY G 533 2.25 105.77 7.64
CA GLY G 533 1.57 106.53 6.59
C GLY G 533 0.45 107.37 7.17
N PRO G 534 -0.22 108.19 6.34
CA PRO G 534 -1.44 108.89 6.76
C PRO G 534 -2.53 107.91 7.22
N ILE G 535 -2.57 106.70 6.65
CA ILE G 535 -3.52 105.62 7.04
C ILE G 535 -3.23 105.13 8.48
N THR G 536 -1.98 105.18 8.97
CA THR G 536 -1.60 104.68 10.32
C THR G 536 -1.65 105.82 11.34
N LYS G 537 -2.49 106.83 11.11
CA LYS G 537 -2.64 108.02 11.99
C LYS G 537 -3.95 107.87 12.74
N GLU G 538 -3.89 107.61 14.06
CA GLU G 538 -5.08 107.58 14.97
C GLU G 538 -5.32 109.00 15.51
N SER G 539 -6.43 109.20 16.22
CA SER G 539 -6.88 110.50 16.79
C SER G 539 -6.72 110.50 18.31
N GLU G 602 25.20 109.47 3.67
CA GLU G 602 25.80 109.31 2.31
C GLU G 602 26.35 107.88 2.15
N ASP G 603 26.29 107.35 0.92
CA ASP G 603 26.73 105.96 0.57
C ASP G 603 27.09 105.89 -0.91
N ALA G 604 27.96 104.95 -1.26
CA ALA G 604 28.48 104.70 -2.63
C ALA G 604 27.76 103.52 -3.31
N LEU G 605 26.68 102.98 -2.72
CA LEU G 605 25.88 101.86 -3.31
C LEU G 605 25.40 102.26 -4.71
N ASP G 606 25.54 101.35 -5.68
CA ASP G 606 25.09 101.48 -7.09
C ASP G 606 26.01 102.44 -7.88
N LYS G 607 27.06 102.99 -7.29
CA LYS G 607 28.02 103.89 -8.00
C LYS G 607 29.48 103.44 -7.79
N ASP G 608 29.91 103.10 -6.56
CA ASP G 608 31.31 102.66 -6.26
C ASP G 608 31.28 101.60 -5.15
N SER G 609 31.19 100.34 -5.54
CA SER G 609 31.15 99.17 -4.61
C SER G 609 32.42 99.15 -3.76
N THR G 610 33.57 99.50 -4.34
CA THR G 610 34.88 99.58 -3.65
C THR G 610 34.81 100.56 -2.49
N LYS G 611 34.19 101.73 -2.69
CA LYS G 611 33.98 102.72 -1.60
C LYS G 611 33.02 102.13 -0.58
N GLU G 612 31.94 101.49 -1.00
CA GLU G 612 30.97 100.89 -0.04
C GLU G 612 31.67 99.80 0.77
N VAL G 613 32.59 99.07 0.15
CA VAL G 613 33.34 97.98 0.83
C VAL G 613 34.21 98.61 1.90
N ALA G 614 34.91 99.70 1.58
CA ALA G 614 35.81 100.42 2.52
C ALA G 614 35.03 100.87 3.78
N SER G 615 33.73 101.13 3.67
CA SER G 615 32.87 101.60 4.78
C SER G 615 32.43 100.45 5.70
N LEU G 616 32.53 99.19 5.27
CA LEU G 616 31.80 98.05 5.92
C LEU G 616 32.27 97.80 7.34
N PRO G 617 33.57 97.90 7.67
CA PRO G 617 33.99 97.64 9.05
C PRO G 617 33.61 98.77 10.03
N ASN G 618 33.39 99.99 9.53
CA ASN G 618 33.20 101.23 10.33
C ASN G 618 31.82 101.20 10.99
N LYS G 619 31.78 100.96 12.30
CA LYS G 619 30.54 101.05 13.10
C LYS G 619 30.08 102.51 13.11
N SER G 620 29.11 102.84 12.25
CA SER G 620 28.48 104.17 12.12
C SER G 620 27.77 104.52 13.45
N THR G 621 28.09 105.68 14.03
CA THR G 621 27.47 106.22 15.27
C THR G 621 26.10 106.82 14.89
N ILE G 622 25.05 106.46 15.63
CA ILE G 622 23.66 106.97 15.43
C ILE G 622 23.47 108.10 16.45
N SER G 623 23.65 109.36 16.01
CA SER G 623 23.42 110.59 16.81
C SER G 623 21.99 110.59 17.37
N LYS G 624 21.00 110.70 16.47
CA LYS G 624 19.56 110.68 16.81
C LYS G 624 18.93 109.43 16.19
N THR G 625 18.26 108.64 17.02
CA THR G 625 17.66 107.34 16.63
C THR G 625 16.42 107.60 15.77
N VAL G 626 16.14 106.69 14.86
CA VAL G 626 14.93 106.70 13.99
C VAL G 626 13.67 106.80 14.86
N SER G 627 13.68 106.26 16.09
CA SER G 627 12.49 106.26 16.99
C SER G 627 12.05 107.69 17.36
N SER G 628 13.01 108.62 17.47
CA SER G 628 12.78 110.07 17.73
C SER G 628 11.97 110.71 16.59
N THR G 629 12.06 110.16 15.36
CA THR G 629 11.36 110.67 14.16
C THR G 629 9.94 110.13 14.06
N ILE G 630 9.51 109.20 14.94
CA ILE G 630 8.13 108.64 14.86
C ILE G 630 7.19 109.80 15.19
N PRO G 631 6.32 110.24 14.26
CA PRO G 631 5.41 111.34 14.56
C PRO G 631 4.52 110.99 15.77
N ARG G 632 4.16 111.99 16.57
CA ARG G 632 3.09 111.87 17.58
C ARG G 632 1.81 111.43 16.84
N GLU G 633 1.04 110.51 17.42
CA GLU G 633 -0.29 110.07 16.90
C GLU G 633 -0.16 109.38 15.53
N THR G 634 1.03 108.84 15.20
CA THR G 634 1.25 107.93 14.05
C THR G 634 1.79 106.59 14.60
N ILE G 635 1.19 105.49 14.17
CA ILE G 635 1.64 104.12 14.51
C ILE G 635 2.60 103.71 13.40
N PRO G 636 3.86 103.38 13.70
CA PRO G 636 4.74 102.82 12.67
C PRO G 636 4.17 101.57 11.99
N PHE G 637 4.62 101.30 10.77
CA PHE G 637 4.29 100.08 10.00
C PHE G 637 4.78 98.82 10.71
N LEU G 638 5.85 98.93 11.47
CA LEU G 638 6.34 97.86 12.35
C LEU G 638 6.38 98.41 13.76
N HIS G 639 5.81 97.69 14.70
CA HIS G 639 5.76 98.14 16.09
C HIS G 639 5.56 96.97 17.04
N LEU G 640 5.87 97.22 18.30
CA LEU G 640 5.53 96.30 19.39
C LEU G 640 4.26 96.77 20.10
N ARG G 641 3.56 95.82 20.69
CA ARG G 641 2.33 96.05 21.45
C ARG G 641 2.54 95.69 22.90
N LYS G 642 1.78 96.31 23.76
CA LYS G 642 1.84 96.05 25.20
C LYS G 642 0.44 95.66 25.62
N LYS G 643 0.35 94.65 26.46
CA LYS G 643 -0.94 94.16 26.97
C LYS G 643 -1.42 95.17 28.02
N THR G 644 -2.61 95.72 27.87
CA THR G 644 -3.21 96.68 28.85
C THR G 644 -3.73 95.91 30.06
N PRO G 645 -3.91 96.54 31.25
CA PRO G 645 -4.55 95.87 32.38
C PRO G 645 -5.91 95.22 32.06
N ALA G 646 -6.66 95.78 31.11
CA ALA G 646 -7.93 95.22 30.56
C ALA G 646 -7.70 93.93 29.76
N GLY G 647 -6.48 93.66 29.31
CA GLY G 647 -6.08 92.44 28.56
C GLY G 647 -6.14 92.61 27.05
N ASP G 648 -6.08 93.85 26.55
CA ASP G 648 -5.99 94.18 25.10
C ASP G 648 -4.54 94.50 24.75
N TRP G 649 -4.10 94.16 23.55
CA TRP G 649 -2.73 94.46 23.07
C TRP G 649 -2.76 95.74 22.24
N LYS G 650 -2.02 96.75 22.67
CA LYS G 650 -2.04 98.07 22.02
C LYS G 650 -0.63 98.50 21.69
N TYR G 651 -0.53 99.28 20.63
CA TYR G 651 0.72 99.95 20.25
C TYR G 651 1.37 100.52 21.49
N ASP G 652 2.66 100.27 21.64
CA ASP G 652 3.48 100.84 22.72
C ASP G 652 4.68 101.56 22.11
N ARG G 653 4.72 102.88 22.24
CA ARG G 653 5.74 103.74 21.62
C ARG G 653 7.13 103.36 22.14
N GLN G 654 7.25 103.13 23.44
CA GLN G 654 8.58 102.83 24.04
C GLN G 654 9.11 101.47 23.53
N LEU G 655 8.31 100.41 23.61
CA LEU G 655 8.75 99.09 23.10
C LEU G 655 9.04 99.21 21.61
N SER G 656 8.17 99.88 20.86
CA SER G 656 8.29 100.06 19.41
C SER G 656 9.58 100.81 19.09
N SER G 657 10.00 101.71 19.95
CA SER G 657 11.22 102.54 19.77
C SER G 657 12.44 101.67 19.96
N LEU G 658 12.37 100.76 20.94
CA LEU G 658 13.44 99.77 21.17
C LEU G 658 13.58 98.90 19.90
N PHE G 659 12.48 98.39 19.38
CA PHE G 659 12.53 97.47 18.23
C PHE G 659 13.11 98.20 17.02
N LEU G 660 12.57 99.37 16.72
CA LEU G 660 12.96 100.14 15.51
C LEU G 660 14.39 100.65 15.59
N ASP G 661 14.86 101.03 16.77
CA ASP G 661 16.28 101.42 16.95
C ASP G 661 17.19 100.22 16.70
N GLY G 662 16.77 99.04 17.14
CA GLY G 662 17.51 97.81 16.87
C GLY G 662 17.57 97.57 15.39
N LEU G 663 16.45 97.76 14.70
CA LEU G 663 16.43 97.52 13.25
C LEU G 663 17.37 98.51 12.60
N GLU G 664 17.35 99.75 13.06
CA GLU G 664 18.23 100.78 12.46
C GLU G 664 19.70 100.42 12.67
N LYS G 665 20.08 100.02 13.87
CA LYS G 665 21.46 99.56 14.15
C LYS G 665 21.82 98.36 13.27
N ALA G 666 20.93 97.37 13.16
CA ALA G 666 21.11 96.18 12.30
C ALA G 666 21.39 96.66 10.88
N ALA G 667 20.62 97.62 10.38
CA ALA G 667 20.72 98.10 8.98
C ALA G 667 22.04 98.83 8.74
N PHE G 668 22.63 99.48 9.74
CA PHE G 668 23.91 100.22 9.55
C PHE G 668 25.11 99.33 9.88
N ASN G 669 25.03 98.60 10.98
CA ASN G 669 26.19 97.95 11.62
C ASN G 669 26.16 96.43 11.49
N GLY G 670 25.00 95.88 11.15
CA GLY G 670 24.74 94.46 11.17
C GLY G 670 24.55 93.96 12.55
N VAL G 671 24.02 92.76 12.66
CA VAL G 671 23.82 92.15 14.00
C VAL G 671 24.44 90.76 14.00
N THR G 672 25.04 90.37 15.10
CA THR G 672 25.65 89.05 15.23
C THR G 672 24.64 88.12 15.88
N PHE G 673 24.76 86.83 15.54
CA PHE G 673 23.99 85.76 16.19
C PHE G 673 24.96 84.69 16.65
N LYS G 674 26.18 85.10 16.89
CA LYS G 674 27.28 84.18 17.29
C LYS G 674 26.77 83.45 18.52
N ASP G 675 26.95 82.17 18.65
CA ASP G 675 26.52 81.46 19.90
C ASP G 675 24.98 81.42 20.09
N LYS G 676 24.17 81.77 19.10
CA LYS G 676 22.74 81.39 19.07
C LYS G 676 22.60 80.05 18.40
N TYR G 677 21.87 79.15 19.03
CA TYR G 677 21.47 77.84 18.53
C TYR G 677 19.97 77.90 18.22
N VAL G 678 19.63 77.66 16.99
CA VAL G 678 18.31 77.90 16.38
C VAL G 678 17.81 76.65 15.70
N LEU G 679 16.57 76.30 15.98
CA LEU G 679 15.79 75.40 15.17
C LEU G 679 14.85 76.22 14.31
N ILE G 680 14.87 75.97 13.03
CA ILE G 680 13.91 76.60 12.10
C ILE G 680 13.25 75.56 11.25
N THR G 681 11.93 75.59 11.24
CA THR G 681 11.09 74.76 10.36
C THR G 681 10.51 75.66 9.29
N GLY G 682 10.20 75.11 8.13
CA GLY G 682 9.53 75.85 7.05
C GLY G 682 10.46 76.82 6.38
N ALA G 683 11.70 76.46 6.14
CA ALA G 683 12.69 77.36 5.49
C ALA G 683 13.05 76.88 4.10
N GLY G 684 12.10 76.41 3.34
CA GLY G 684 12.39 75.99 1.96
C GLY G 684 12.62 77.18 1.06
N LYS G 685 13.17 76.94 -0.12
CA LYS G 685 13.33 77.97 -1.19
C LYS G 685 12.02 78.74 -1.40
N GLY G 686 12.11 80.08 -1.46
CA GLY G 686 10.97 81.03 -1.63
C GLY G 686 10.26 81.40 -0.35
N SER G 687 10.56 80.76 0.76
CA SER G 687 9.92 81.02 2.04
C SER G 687 10.55 82.25 2.68
N ILE G 688 9.84 82.77 3.64
CA ILE G 688 10.39 83.72 4.62
C ILE G 688 11.55 83.03 5.36
N GLY G 689 11.31 81.81 5.80
CA GLY G 689 12.26 81.09 6.61
C GLY G 689 13.61 81.02 5.94
N ALA G 690 13.66 80.88 4.63
CA ALA G 690 14.89 80.77 3.84
C ALA G 690 15.72 82.00 4.04
N GLU G 691 15.07 83.17 4.04
CA GLU G 691 15.77 84.45 4.20
C GLU G 691 16.17 84.61 5.63
N VAL G 692 15.37 84.13 6.56
CA VAL G 692 15.75 84.15 8.00
C VAL G 692 17.00 83.26 8.17
N LEU G 693 16.99 82.08 7.59
CA LEU G 693 18.14 81.15 7.65
C LEU G 693 19.39 81.86 7.16
N GLN G 694 19.33 82.52 6.02
CA GLN G 694 20.50 83.17 5.44
C GLN G 694 21.06 84.19 6.40
N GLY G 695 20.20 85.00 7.04
CA GLY G 695 20.70 85.96 8.00
C GLY G 695 21.29 85.33 9.23
N LEU G 696 20.66 84.30 9.73
CA LEU G 696 21.21 83.68 10.91
C LEU G 696 22.60 83.14 10.63
N LEU G 697 22.80 82.51 9.48
CA LEU G 697 24.13 81.93 9.16
C LEU G 697 25.09 83.05 8.99
N GLN G 698 24.68 84.14 8.38
CA GLN G 698 25.58 85.28 8.19
C GLN G 698 26.01 85.88 9.53
N GLY G 699 25.19 85.75 10.55
CA GLY G 699 25.52 86.24 11.89
C GLY G 699 26.17 85.18 12.72
N GLY G 700 26.52 84.01 12.17
CA GLY G 700 27.31 83.04 12.91
C GLY G 700 26.46 82.11 13.71
N ALA G 701 25.17 82.03 13.48
CA ALA G 701 24.34 81.09 14.27
C ALA G 701 24.67 79.66 13.96
N LYS G 702 24.30 78.81 14.90
CA LYS G 702 24.21 77.37 14.69
C LYS G 702 22.75 77.01 14.52
N VAL G 703 22.44 76.48 13.36
CA VAL G 703 21.06 76.28 12.92
C VAL G 703 20.82 74.86 12.53
N VAL G 704 19.73 74.31 13.06
CA VAL G 704 19.04 73.13 12.51
C VAL G 704 17.89 73.61 11.65
N VAL G 705 17.93 73.18 10.43
CA VAL G 705 16.89 73.44 9.44
C VAL G 705 16.26 72.12 9.06
N THR G 706 14.94 72.13 9.04
CA THR G 706 14.17 70.95 8.69
C THR G 706 13.74 71.10 7.25
N THR G 707 13.42 70.00 6.63
CA THR G 707 12.82 70.02 5.30
C THR G 707 11.87 68.84 5.25
N SER G 708 10.73 69.06 4.64
CA SER G 708 9.75 67.98 4.40
C SER G 708 10.06 67.31 3.05
N ARG G 709 10.99 67.82 2.26
CA ARG G 709 11.32 67.34 0.88
C ARG G 709 12.81 67.00 0.76
N PHE G 710 13.35 66.28 1.71
CA PHE G 710 14.77 65.92 1.73
C PHE G 710 15.10 65.12 0.46
N SER G 711 16.02 65.66 -0.26
CA SER G 711 16.46 65.21 -1.60
C SER G 711 17.83 65.78 -1.85
N LYS G 712 18.43 65.34 -2.95
CA LYS G 712 19.76 65.83 -3.31
C LYS G 712 19.62 67.29 -3.70
N GLN G 713 18.59 67.63 -4.45
CA GLN G 713 18.37 69.02 -4.88
C GLN G 713 18.28 69.93 -3.63
N VAL G 714 17.57 69.52 -2.61
CA VAL G 714 17.41 70.33 -1.35
C VAL G 714 18.71 70.37 -0.57
N THR G 715 19.40 69.25 -0.37
CA THR G 715 20.69 69.28 0.38
C THR G 715 21.70 70.15 -0.39
N ASP G 716 21.71 70.11 -1.71
CA ASP G 716 22.57 70.97 -2.54
C ASP G 716 22.14 72.42 -2.45
N TYR G 717 20.85 72.69 -2.35
CA TYR G 717 20.38 74.06 -2.06
C TYR G 717 20.97 74.58 -0.76
N TYR G 718 20.85 73.82 0.31
CA TYR G 718 21.34 74.29 1.62
C TYR G 718 22.86 74.40 1.66
N GLN G 719 23.54 73.50 0.96
CA GLN G 719 24.98 73.54 0.83
C GLN G 719 25.42 74.84 0.18
N SER G 720 24.76 75.23 -0.88
CA SER G 720 25.09 76.47 -1.59
C SER G 720 24.77 77.66 -0.68
N ILE G 721 23.74 77.60 0.15
CA ILE G 721 23.43 78.67 1.12
C ILE G 721 24.56 78.74 2.13
N TYR G 722 24.96 77.61 2.70
CA TYR G 722 26.05 77.59 3.67
C TYR G 722 27.35 78.12 3.09
N ALA G 723 27.70 77.68 1.91
CA ALA G 723 28.94 78.05 1.27
C ALA G 723 28.99 79.53 0.97
N LYS G 724 27.85 80.13 0.72
CA LYS G 724 27.78 81.59 0.44
C LYS G 724 27.67 82.39 1.74
N TYR G 725 26.87 81.98 2.69
CA TYR G 725 26.47 82.84 3.85
C TYR G 725 26.97 82.37 5.20
N GLY G 726 27.44 81.14 5.33
CA GLY G 726 27.86 80.60 6.62
C GLY G 726 29.11 81.28 7.09
N ALA G 727 28.95 82.12 8.08
CA ALA G 727 30.04 82.83 8.74
C ALA G 727 30.87 81.87 9.58
N LYS G 728 32.01 82.36 9.96
CA LYS G 728 32.84 81.66 10.96
C LYS G 728 32.05 81.40 12.23
N GLY G 729 32.18 80.20 12.74
CA GLY G 729 31.43 79.73 13.90
C GLY G 729 30.05 79.24 13.53
N SER G 730 29.57 79.49 12.34
CA SER G 730 28.22 79.04 11.95
C SER G 730 28.23 77.55 11.68
N THR G 731 27.08 76.94 11.79
CA THR G 731 26.88 75.56 11.42
C THR G 731 25.45 75.46 10.97
N LEU G 732 25.25 74.70 9.91
CA LEU G 732 23.94 74.36 9.40
C LEU G 732 23.81 72.87 9.48
N ILE G 733 22.79 72.39 10.15
CA ILE G 733 22.37 70.98 10.14
C ILE G 733 21.05 70.90 9.39
N VAL G 734 21.00 70.10 8.36
CA VAL G 734 19.78 69.88 7.57
C VAL G 734 19.26 68.52 7.96
N VAL G 735 18.00 68.41 8.29
CA VAL G 735 17.35 67.15 8.70
C VAL G 735 16.05 67.02 7.95
N PRO G 736 15.69 65.80 7.55
CA PRO G 736 14.36 65.53 7.04
C PRO G 736 13.47 65.63 8.26
N PHE G 737 12.26 66.11 8.03
CA PHE G 737 11.32 66.33 9.13
C PHE G 737 9.91 66.53 8.62
N ASN G 738 8.97 65.90 9.25
CA ASN G 738 7.53 66.13 9.04
C ASN G 738 6.97 66.72 10.35
N GLN G 739 6.69 68.00 10.35
CA GLN G 739 6.10 68.67 11.50
C GLN G 739 4.67 68.15 11.77
N GLY G 740 4.03 67.46 10.82
CA GLY G 740 2.74 66.80 11.02
C GLY G 740 2.80 65.51 11.78
N SER G 741 3.99 65.03 12.10
CA SER G 741 4.24 63.80 12.83
C SER G 741 4.67 64.13 14.25
N LYS G 742 3.94 63.63 15.22
CA LYS G 742 4.25 63.80 16.64
C LYS G 742 5.56 63.04 16.92
N GLN G 743 5.78 61.92 16.25
CA GLN G 743 6.99 61.12 16.46
C GLN G 743 8.21 61.87 15.93
N ASP G 744 8.07 62.51 14.77
CA ASP G 744 9.17 63.34 14.23
C ASP G 744 9.50 64.49 15.18
N VAL G 745 8.48 65.16 15.70
CA VAL G 745 8.70 66.30 16.60
C VAL G 745 9.54 65.85 17.76
N GLU G 746 9.12 64.81 18.45
CA GLU G 746 9.81 64.35 19.65
C GLU G 746 11.23 63.87 19.29
N ALA G 747 11.36 63.12 18.19
CA ALA G 747 12.65 62.56 17.76
C ALA G 747 13.61 63.69 17.41
N LEU G 748 13.14 64.69 16.70
CA LEU G 748 13.97 65.84 16.35
C LEU G 748 14.52 66.55 17.58
N ILE G 749 13.67 66.84 18.51
CA ILE G 749 14.11 67.53 19.73
C ILE G 749 15.04 66.67 20.55
N GLU G 750 14.78 65.38 20.67
CA GLU G 750 15.69 64.45 21.37
C GLU G 750 17.06 64.47 20.68
N PHE G 751 17.09 64.47 19.37
CA PHE G 751 18.30 64.50 18.56
C PHE G 751 19.09 65.73 18.86
N ILE G 752 18.40 66.86 18.93
CA ILE G 752 19.09 68.14 19.16
C ILE G 752 19.74 68.11 20.53
N TYR G 753 19.05 67.58 21.51
CA TYR G 753 19.50 67.67 22.92
C TYR G 753 20.39 66.50 23.34
N ASP G 754 20.32 65.39 22.67
CA ASP G 754 21.13 64.19 22.98
C ASP G 754 22.62 64.52 22.84
N THR G 755 23.42 63.91 23.67
CA THR G 755 24.89 64.05 23.66
C THR G 755 25.39 63.52 22.31
N GLU G 756 26.47 64.09 21.84
CA GLU G 756 27.24 63.59 20.67
C GLU G 756 27.54 62.09 20.82
N LYS G 757 27.89 61.61 22.02
CA LYS G 757 28.11 60.17 22.28
C LYS G 757 26.87 59.38 21.89
N ASN G 758 25.69 59.84 22.29
CA ASN G 758 24.40 59.16 22.00
C ASN G 758 23.95 59.42 20.55
N GLY G 759 24.73 60.11 19.74
CA GLY G 759 24.40 60.43 18.34
C GLY G 759 23.55 61.69 18.15
N GLY G 760 23.45 62.55 19.18
CA GLY G 760 22.73 63.82 19.07
C GLY G 760 23.66 64.97 18.73
N LEU G 761 23.17 66.21 18.76
CA LEU G 761 24.01 67.38 18.51
C LEU G 761 24.62 67.86 19.80
N GLY G 762 24.06 67.51 20.93
CA GLY G 762 24.46 68.10 22.22
C GLY G 762 24.23 69.58 22.27
N TRP G 763 23.13 70.06 21.67
CA TRP G 763 22.80 71.50 21.67
C TRP G 763 21.77 71.79 22.74
N ASP G 764 21.65 73.07 23.03
CA ASP G 764 20.53 73.64 23.80
C ASP G 764 20.02 74.83 22.99
N LEU G 765 18.75 74.85 22.64
CA LEU G 765 18.18 75.91 21.79
C LEU G 765 18.01 77.24 22.49
N ASP G 766 18.39 78.27 21.79
CA ASP G 766 18.14 79.69 22.07
C ASP G 766 16.90 80.20 21.37
N ALA G 767 16.55 79.63 20.22
CA ALA G 767 15.41 80.13 19.43
C ALA G 767 14.79 78.99 18.67
N ILE G 768 13.51 79.07 18.54
CA ILE G 768 12.70 78.13 17.74
C ILE G 768 11.84 78.97 16.83
N ILE G 769 11.90 78.66 15.56
CA ILE G 769 11.23 79.39 14.47
C ILE G 769 10.41 78.41 13.68
N PRO G 770 9.20 78.10 14.16
CA PRO G 770 8.40 77.00 13.63
C PRO G 770 7.49 77.45 12.49
N PHE G 771 8.05 77.68 11.33
CA PHE G 771 7.34 78.28 10.19
C PHE G 771 6.78 77.27 9.21
N ALA G 772 6.86 75.99 9.47
CA ALA G 772 6.29 74.94 8.61
C ALA G 772 4.80 75.22 8.44
N ALA G 773 4.33 75.14 7.21
CA ALA G 773 2.92 75.36 6.89
C ALA G 773 2.60 74.65 5.58
N ILE G 774 1.34 74.32 5.39
CA ILE G 774 0.91 73.88 4.05
C ILE G 774 -0.23 74.78 3.63
N PRO G 775 -0.37 75.03 2.33
CA PRO G 775 -1.44 75.89 1.84
C PRO G 775 -2.76 75.12 1.84
N GLU G 776 -3.79 75.82 2.25
CA GLU G 776 -5.19 75.39 2.22
C GLU G 776 -5.84 76.47 1.37
N GLN G 777 -6.20 76.17 0.15
CA GLN G 777 -6.82 77.17 -0.76
C GLN G 777 -8.13 76.58 -1.23
N GLY G 778 -9.17 77.39 -1.24
CA GLY G 778 -10.51 77.05 -1.71
C GLY G 778 -11.23 76.14 -0.73
N ILE G 779 -10.83 76.16 0.54
CA ILE G 779 -11.40 75.28 1.59
C ILE G 779 -12.19 76.18 2.49
N GLU G 780 -13.47 76.28 2.22
CA GLU G 780 -14.41 76.99 3.10
C GLU G 780 -14.82 76.05 4.22
N LEU G 781 -15.57 76.59 5.17
CA LEU G 781 -16.10 75.85 6.33
C LEU G 781 -16.60 74.47 5.93
N GLU G 782 -17.44 74.38 4.90
CA GLU G 782 -18.13 73.11 4.59
C GLU G 782 -17.15 72.09 3.99
N HIS G 783 -15.98 72.52 3.55
CA HIS G 783 -14.97 71.63 2.94
C HIS G 783 -13.93 71.20 3.95
N ILE G 784 -13.91 71.75 5.15
CA ILE G 784 -12.88 71.40 6.16
C ILE G 784 -12.91 69.90 6.33
N ASP G 785 -11.79 69.26 5.99
CA ASP G 785 -11.69 67.79 6.01
C ASP G 785 -10.27 67.38 6.39
N SER G 786 -9.78 66.28 5.82
CA SER G 786 -8.53 65.64 6.20
C SER G 786 -7.39 66.63 6.09
N LYS G 787 -7.27 67.24 4.94
CA LYS G 787 -6.14 68.14 4.70
C LYS G 787 -6.09 69.24 5.76
N SER G 788 -7.19 69.88 6.03
CA SER G 788 -7.26 70.99 7.02
C SER G 788 -6.96 70.51 8.40
N GLU G 789 -7.37 69.31 8.77
CA GLU G 789 -7.06 68.80 10.09
C GLU G 789 -5.55 68.56 10.19
N PHE G 790 -4.97 68.02 9.14
CA PHE G 790 -3.55 67.77 9.07
C PHE G 790 -2.80 69.09 9.10
N ALA G 791 -3.24 70.07 8.34
CA ALA G 791 -2.59 71.39 8.31
C ALA G 791 -2.61 72.02 9.70
N HIS G 792 -3.71 71.84 10.41
CA HIS G 792 -3.90 72.40 11.74
C HIS G 792 -3.00 71.68 12.74
N ARG G 793 -2.76 70.40 12.56
CA ARG G 793 -1.76 69.67 13.35
C ARG G 793 -0.34 70.22 13.16
N ILE G 794 0.03 70.54 11.96
CA ILE G 794 1.34 71.11 11.63
C ILE G 794 1.46 72.48 12.24
N MET G 795 0.47 73.30 12.04
CA MET G 795 0.53 74.74 12.26
C MET G 795 0.09 75.13 13.65
N LEU G 796 -0.49 74.24 14.41
CA LEU G 796 -0.82 74.52 15.80
C LEU G 796 -0.36 73.41 16.70
N THR G 797 -1.04 72.30 16.67
CA THR G 797 -0.86 71.25 17.66
C THR G 797 0.61 70.87 17.83
N ASN G 798 1.30 70.63 16.72
CA ASN G 798 2.67 70.12 16.80
C ASN G 798 3.65 71.26 17.10
N ILE G 799 3.27 72.49 16.95
CA ILE G 799 4.06 73.62 17.49
C ILE G 799 4.00 73.58 18.99
N LEU G 800 2.81 73.40 19.56
CA LEU G 800 2.70 73.25 21.02
C LEU G 800 3.51 72.04 21.47
N ARG G 801 3.44 70.94 20.75
CA ARG G 801 4.20 69.74 21.14
C ARG G 801 5.69 69.98 21.03
N MET G 802 6.14 70.69 20.03
CA MET G 802 7.57 71.00 19.85
C MET G 802 8.04 71.85 21.01
N MET G 803 7.25 72.83 21.40
CA MET G 803 7.59 73.72 22.52
C MET G 803 7.64 72.88 23.77
N GLY G 804 6.62 72.05 23.95
CA GLY G 804 6.59 71.13 25.07
C GLY G 804 7.80 70.26 25.17
N CYS G 805 8.24 69.67 24.06
CA CYS G 805 9.44 68.84 24.00
C CYS G 805 10.68 69.60 24.41
N VAL G 806 10.84 70.81 23.95
CA VAL G 806 11.99 71.64 24.35
C VAL G 806 11.91 71.94 25.82
N LYS G 807 10.75 72.33 26.30
CA LYS G 807 10.57 72.50 27.73
C LYS G 807 10.97 71.21 28.45
N LYS G 808 10.48 70.04 28.07
CA LYS G 808 10.84 68.81 28.80
C LYS G 808 12.35 68.54 28.78
N GLN G 809 13.04 68.81 27.67
CA GLN G 809 14.47 68.55 27.55
C GLN G 809 15.23 69.49 28.44
N LYS G 810 14.87 70.75 28.44
CA LYS G 810 15.57 71.73 29.25
C LYS G 810 15.34 71.37 30.72
N SER G 811 14.11 71.11 31.12
CA SER G 811 13.77 70.84 32.54
C SER G 811 14.45 69.55 33.02
N ALA G 812 14.59 68.53 32.18
CA ALA G 812 15.22 67.24 32.53
C ALA G 812 16.68 67.46 32.86
N ARG G 813 17.30 68.50 32.29
CA ARG G 813 18.72 68.86 32.41
C ARG G 813 18.93 70.02 33.35
N GLY G 814 17.87 70.51 33.99
CA GLY G 814 17.91 71.59 34.97
C GLY G 814 18.26 72.93 34.38
N ILE G 815 17.97 73.13 33.10
CA ILE G 815 18.32 74.41 32.42
C ILE G 815 17.18 75.39 32.69
N GLU G 816 17.37 76.32 33.61
CA GLU G 816 16.36 77.32 33.98
C GLU G 816 16.78 78.72 33.56
N THR G 817 17.95 78.90 32.98
CA THR G 817 18.54 80.22 32.72
C THR G 817 18.94 80.36 31.26
N ARG G 818 18.41 79.53 30.38
CA ARG G 818 18.70 79.66 28.95
C ARG G 818 17.41 79.38 28.18
N PRO G 819 16.42 80.26 28.28
CA PRO G 819 15.17 80.01 27.58
C PRO G 819 15.31 80.09 26.06
N ALA G 820 14.53 79.29 25.38
CA ALA G 820 14.44 79.34 23.93
C ALA G 820 13.34 80.34 23.56
N GLN G 821 13.68 81.33 22.78
CA GLN G 821 12.71 82.27 22.21
C GLN G 821 11.95 81.59 21.09
N VAL G 822 10.65 81.54 21.21
CA VAL G 822 9.78 80.95 20.17
C VAL G 822 9.23 82.10 19.37
N ILE G 823 9.63 82.18 18.11
CA ILE G 823 9.12 83.21 17.21
C ILE G 823 7.89 82.63 16.53
N LEU G 824 6.72 83.05 16.97
CA LEU G 824 5.48 82.42 16.52
C LEU G 824 5.00 83.17 15.30
N PRO G 825 4.70 82.46 14.21
CA PRO G 825 4.25 83.10 13.00
C PRO G 825 2.74 83.37 13.09
N MET G 826 2.42 84.50 13.67
CA MET G 826 1.04 84.95 13.85
C MET G 826 0.61 85.69 12.61
N SER G 827 -0.67 85.92 12.50
CA SER G 827 -1.28 86.43 11.26
C SER G 827 -2.28 87.49 11.66
N PRO G 828 -2.44 88.54 10.85
CA PRO G 828 -3.62 89.43 10.99
C PRO G 828 -4.89 88.76 10.39
N ASN G 829 -4.72 87.64 9.67
CA ASN G 829 -5.79 86.89 8.96
C ASN G 829 -6.47 85.94 9.95
N HIS G 830 -7.53 86.42 10.62
CA HIS G 830 -8.35 85.50 11.44
C HIS G 830 -9.71 85.34 10.77
N GLY G 831 -9.72 84.72 9.60
CA GLY G 831 -10.99 84.39 8.90
C GLY G 831 -11.46 85.52 8.02
N THR G 832 -10.61 86.46 7.71
CA THR G 832 -10.91 87.67 6.90
C THR G 832 -10.95 87.33 5.40
N PHE G 833 -10.06 86.50 4.90
CA PHE G 833 -10.03 86.13 3.46
C PHE G 833 -10.98 85.00 3.13
N GLY G 834 -11.10 84.03 4.03
CA GLY G 834 -11.93 82.86 3.79
C GLY G 834 -11.27 81.88 2.85
N GLY G 835 -11.79 80.67 2.81
CA GLY G 835 -11.32 79.68 1.86
C GLY G 835 -9.96 79.12 2.23
N ASP G 836 -9.49 79.32 3.47
CA ASP G 836 -8.14 78.81 3.82
C ASP G 836 -8.21 77.72 4.88
N GLY G 837 -9.28 76.94 4.87
CA GLY G 837 -9.36 75.75 5.72
C GLY G 837 -9.37 76.09 7.18
N MET G 838 -8.42 75.55 7.95
CA MET G 838 -8.28 75.87 9.39
C MET G 838 -7.10 76.81 9.60
N TYR G 839 -6.61 77.45 8.56
CA TYR G 839 -5.48 78.38 8.70
C TYR G 839 -5.70 79.36 9.81
N SER G 840 -6.80 80.07 9.75
CA SER G 840 -7.14 81.15 10.70
C SER G 840 -7.24 80.61 12.10
N GLU G 841 -7.78 79.43 12.26
CA GLU G 841 -7.91 78.80 13.57
C GLU G 841 -6.51 78.47 14.11
N SER G 842 -5.63 77.94 13.29
CA SER G 842 -4.23 77.67 13.67
C SER G 842 -3.58 78.95 14.13
N LYS G 843 -3.74 80.01 13.37
CA LYS G 843 -2.99 81.23 13.67
C LYS G 843 -3.56 81.91 14.91
N LEU G 844 -4.87 82.01 15.00
CA LEU G 844 -5.46 82.67 16.18
C LEU G 844 -5.14 81.86 17.45
N SER G 845 -5.18 80.55 17.42
CA SER G 845 -4.93 79.68 18.60
C SER G 845 -3.54 79.92 19.19
N LEU G 846 -2.55 80.26 18.37
CA LEU G 846 -1.18 80.57 18.86
C LEU G 846 -1.18 81.72 19.85
N GLU G 847 -2.14 82.59 19.76
CA GLU G 847 -2.26 83.76 20.66
C GLU G 847 -2.53 83.35 22.10
N THR G 848 -2.97 82.15 22.36
CA THR G 848 -3.12 81.71 23.76
C THR G 848 -1.77 81.69 24.45
N LEU G 849 -0.69 81.48 23.70
CA LEU G 849 0.65 81.32 24.32
C LEU G 849 1.06 82.55 25.08
N PHE G 850 0.60 83.71 24.69
CA PHE G 850 0.89 84.98 25.40
C PHE G 850 0.38 84.88 26.84
N ASN G 851 -0.77 84.29 27.07
CA ASN G 851 -1.30 84.13 28.44
C ASN G 851 -0.72 82.88 29.08
N ARG G 852 -0.53 81.81 28.33
CA ARG G 852 -0.08 80.57 28.96
C ARG G 852 1.32 80.72 29.53
N TRP G 853 2.13 81.60 28.97
CA TRP G 853 3.49 81.88 29.46
C TRP G 853 3.45 82.27 30.94
N HIS G 854 2.47 83.04 31.35
CA HIS G 854 2.26 83.51 32.75
C HIS G 854 1.59 82.44 33.60
N SER G 855 0.71 81.63 33.04
CA SER G 855 -0.21 80.77 33.83
C SER G 855 0.37 79.39 34.08
N GLU G 856 1.35 78.95 33.32
CA GLU G 856 1.88 77.58 33.43
C GLU G 856 3.31 77.65 33.99
N SER G 857 4.08 76.60 33.85
CA SER G 857 5.36 76.45 34.54
C SER G 857 6.51 76.34 33.54
N TRP G 858 6.39 76.92 32.34
CA TRP G 858 7.42 76.77 31.30
C TRP G 858 8.11 78.08 30.95
N ALA G 859 7.79 79.15 31.62
CA ALA G 859 8.32 80.47 31.29
C ALA G 859 9.84 80.53 31.37
N ASN G 860 10.48 79.73 32.20
CA ASN G 860 11.94 79.85 32.31
C ASN G 860 12.60 79.11 31.16
N GLN G 861 11.88 78.18 30.51
CA GLN G 861 12.43 77.39 29.41
C GLN G 861 12.11 78.00 28.05
N LEU G 862 11.04 78.74 27.93
CA LEU G 862 10.61 79.23 26.62
C LEU G 862 10.14 80.66 26.82
N THR G 863 10.45 81.50 25.88
CA THR G 863 9.87 82.84 25.80
C THR G 863 9.03 82.91 24.56
N VAL G 864 8.09 83.80 24.58
CA VAL G 864 7.09 83.89 23.51
C VAL G 864 7.32 85.18 22.78
N CYS G 865 7.57 85.08 21.49
CA CYS G 865 7.67 86.25 20.62
C CYS G 865 6.70 86.08 19.45
N GLY G 866 5.60 86.78 19.54
CA GLY G 866 4.54 86.66 18.56
C GLY G 866 4.84 87.63 17.48
N ALA G 867 5.19 87.15 16.29
CA ALA G 867 5.37 88.02 15.14
C ALA G 867 4.08 87.97 14.34
N ILE G 868 3.38 89.10 14.25
CA ILE G 868 2.20 89.25 13.37
C ILE G 868 2.72 89.61 12.00
N ILE G 869 2.80 88.64 11.12
CA ILE G 869 3.55 88.78 9.87
C ILE G 869 2.63 89.38 8.83
N GLY G 870 3.10 90.44 8.20
CA GLY G 870 2.31 91.18 7.21
C GLY G 870 2.33 90.47 5.86
N TRP G 871 1.83 91.18 4.87
CA TRP G 871 1.67 90.70 3.49
C TRP G 871 3.08 90.53 2.89
N THR G 872 3.54 89.30 2.87
CA THR G 872 4.90 89.00 2.35
C THR G 872 4.77 88.27 1.02
N ARG G 873 5.13 88.96 -0.05
CA ARG G 873 5.09 88.47 -1.45
C ARG G 873 6.01 87.24 -1.67
N GLY G 874 5.62 86.28 -2.51
CA GLY G 874 6.55 85.26 -3.08
C GLY G 874 6.55 83.91 -2.35
N THR G 875 5.77 83.73 -1.29
CA THR G 875 5.91 82.53 -0.41
C THR G 875 4.92 81.46 -0.87
N GLY G 876 5.11 80.25 -0.36
CA GLY G 876 4.22 79.10 -0.60
C GLY G 876 2.77 79.44 -0.30
N LEU G 877 2.54 80.25 0.74
CA LEU G 877 1.17 80.58 1.24
C LEU G 877 0.58 81.77 0.47
N MET G 878 1.41 82.71 0.01
CA MET G 878 0.93 84.03 -0.49
C MET G 878 1.27 84.31 -1.97
N SER G 879 2.04 83.47 -2.69
CA SER G 879 2.44 83.76 -4.10
C SER G 879 1.17 83.96 -4.97
N ALA G 880 0.09 83.22 -4.70
CA ALA G 880 -1.23 83.35 -5.37
C ALA G 880 -1.83 84.78 -5.25
N ASN G 881 -1.29 85.67 -4.40
CA ASN G 881 -1.84 87.03 -4.16
C ASN G 881 -0.90 88.16 -4.61
N ASN G 882 0.14 87.90 -5.40
CA ASN G 882 1.19 88.90 -5.76
C ASN G 882 0.71 90.02 -6.70
N ILE G 883 -0.28 89.75 -7.56
CA ILE G 883 -0.64 90.65 -8.72
C ILE G 883 -1.24 91.99 -8.23
N ILE G 884 -1.91 91.99 -7.08
CA ILE G 884 -2.67 93.16 -6.53
C ILE G 884 -1.82 94.06 -5.62
N ALA G 885 -0.61 93.66 -5.25
CA ALA G 885 0.17 94.28 -4.16
C ALA G 885 0.47 95.73 -4.50
N GLU G 886 0.67 96.08 -5.76
CA GLU G 886 0.92 97.51 -6.13
C GLU G 886 -0.30 98.35 -5.72
N GLY G 887 -1.50 97.78 -5.88
CA GLY G 887 -2.79 98.44 -5.61
C GLY G 887 -2.98 98.68 -4.13
N ILE G 888 -2.79 97.63 -3.33
CA ILE G 888 -2.76 97.68 -1.83
C ILE G 888 -1.82 98.83 -1.41
N GLU G 889 -0.64 98.93 -1.97
CA GLU G 889 0.32 99.97 -1.53
C GLU G 889 -0.18 101.38 -1.87
N LYS G 890 -1.00 101.57 -2.92
CA LYS G 890 -1.62 102.90 -3.27
C LYS G 890 -2.46 103.45 -2.10
N MET G 891 -3.02 102.59 -1.24
CA MET G 891 -3.67 102.96 0.07
C MET G 891 -2.68 103.51 1.12
N GLY G 892 -1.38 103.65 0.82
CA GLY G 892 -0.37 104.13 1.79
C GLY G 892 -0.05 103.07 2.84
N VAL G 893 -0.14 101.80 2.44
CA VAL G 893 0.08 100.57 3.24
C VAL G 893 1.35 99.89 2.68
N ARG G 894 1.90 98.90 3.41
CA ARG G 894 3.17 98.25 3.02
C ARG G 894 2.98 96.74 2.86
N THR G 895 3.41 96.23 1.72
CA THR G 895 3.68 94.79 1.49
C THR G 895 5.17 94.62 1.59
N PHE G 896 5.60 93.40 1.87
CA PHE G 896 7.03 93.10 2.16
C PHE G 896 7.53 92.05 1.16
N SER G 897 8.75 92.25 0.73
CA SER G 897 9.60 91.16 0.20
C SER G 897 9.95 90.15 1.31
N GLN G 898 10.38 88.96 0.93
CA GLN G 898 10.80 87.94 1.92
C GLN G 898 12.04 88.46 2.63
N LYS G 899 12.88 89.19 1.94
CA LYS G 899 14.11 89.76 2.51
C LYS G 899 13.78 90.74 3.62
N GLU G 900 12.86 91.65 3.35
CA GLU G 900 12.42 92.63 4.35
C GLU G 900 11.76 91.94 5.52
N MET G 901 10.87 91.02 5.27
CA MET G 901 10.19 90.36 6.36
C MET G 901 11.22 89.61 7.19
N ALA G 902 12.17 88.95 6.54
CA ALA G 902 13.24 88.21 7.26
C ALA G 902 13.99 89.20 8.12
N PHE G 903 14.32 90.34 7.58
CA PHE G 903 15.02 91.42 8.33
C PHE G 903 14.20 91.86 9.55
N ASN G 904 12.89 92.00 9.36
CA ASN G 904 11.98 92.33 10.47
C ASN G 904 12.02 91.27 11.54
N LEU G 905 12.00 90.00 11.14
CA LEU G 905 11.92 88.91 12.12
C LEU G 905 13.28 88.75 12.79
N LEU G 906 14.37 88.94 12.06
CA LEU G 906 15.73 88.89 12.64
C LEU G 906 15.93 89.97 13.68
N GLY G 907 15.16 91.03 13.60
CA GLY G 907 15.10 92.09 14.61
C GLY G 907 14.59 91.64 15.91
N LEU G 908 13.82 90.56 15.93
CA LEU G 908 13.29 89.96 17.15
C LEU G 908 14.32 89.12 17.87
N LEU G 909 15.47 88.85 17.25
CA LEU G 909 16.51 87.96 17.81
C LEU G 909 17.69 88.81 18.24
N THR G 910 17.59 90.13 18.13
CA THR G 910 18.60 91.08 18.66
C THR G 910 18.62 90.99 20.18
N PRO G 911 19.74 91.32 20.84
CA PRO G 911 19.86 91.15 22.28
C PRO G 911 18.79 91.92 23.07
N GLU G 912 18.37 93.07 22.59
CA GLU G 912 17.37 93.92 23.29
C GLU G 912 15.98 93.27 23.24
N VAL G 913 15.58 92.67 22.12
CA VAL G 913 14.23 92.03 22.05
C VAL G 913 14.29 90.72 22.80
N VAL G 914 15.42 90.02 22.71
CA VAL G 914 15.60 88.76 23.45
C VAL G 914 15.39 89.04 24.94
N GLU G 915 15.97 90.09 25.47
CA GLU G 915 15.79 90.46 26.89
C GLU G 915 14.35 90.85 27.18
N LEU G 916 13.73 91.56 26.27
CA LEU G 916 12.31 91.95 26.44
C LEU G 916 11.41 90.70 26.56
N CYS G 917 11.60 89.65 25.74
CA CYS G 917 10.73 88.46 25.76
C CYS G 917 10.97 87.67 27.04
N GLN G 918 12.16 87.82 27.62
CA GLN G 918 12.47 87.17 28.92
C GLN G 918 11.73 87.87 30.05
N LYS G 919 11.28 89.10 29.87
CA LYS G 919 10.48 89.80 30.92
C LYS G 919 9.02 89.45 30.77
N SER G 920 8.53 89.45 29.53
CA SER G 920 7.14 89.03 29.25
C SER G 920 6.98 88.83 27.76
N PRO G 921 5.93 88.11 27.34
CA PRO G 921 5.72 87.86 25.93
C PRO G 921 5.76 89.14 25.15
N VAL G 922 6.38 89.03 23.99
CA VAL G 922 6.47 90.12 23.01
C VAL G 922 5.48 89.88 21.89
N MET G 923 4.74 90.94 21.55
CA MET G 923 3.87 90.96 20.38
C MET G 923 4.41 91.99 19.40
N ALA G 924 4.89 91.53 18.26
CA ALA G 924 5.48 92.38 17.23
C ALA G 924 4.49 92.42 16.07
N ASP G 925 4.06 93.59 15.71
CA ASP G 925 3.18 93.83 14.55
C ASP G 925 4.09 94.15 13.41
N LEU G 926 4.18 93.23 12.44
CA LEU G 926 5.00 93.44 11.26
C LEU G 926 4.06 93.51 10.07
N ASN G 927 2.93 94.20 10.24
CA ASN G 927 1.78 94.12 9.30
C ASN G 927 1.73 95.29 8.33
N GLY G 928 2.65 96.24 8.38
CA GLY G 928 2.74 97.25 7.31
C GLY G 928 1.45 98.07 7.19
N GLY G 929 0.77 98.30 8.31
CA GLY G 929 -0.42 99.16 8.38
C GLY G 929 -1.63 98.53 7.75
N LEU G 930 -1.55 97.26 7.38
CA LEU G 930 -2.59 96.58 6.58
C LEU G 930 -3.92 96.61 7.33
N GLN G 931 -3.88 96.64 8.65
CA GLN G 931 -5.06 96.49 9.55
C GLN G 931 -5.98 97.72 9.40
N PHE G 932 -5.43 98.88 9.07
CA PHE G 932 -6.15 100.17 8.86
C PHE G 932 -6.90 100.21 7.52
N VAL G 933 -6.68 99.27 6.59
CA VAL G 933 -7.49 99.15 5.34
C VAL G 933 -8.80 98.46 5.73
N PRO G 934 -9.94 99.18 5.66
CA PRO G 934 -11.23 98.62 6.06
C PRO G 934 -11.70 97.66 4.98
N GLU G 935 -12.38 96.58 5.35
CA GLU G 935 -13.05 95.65 4.41
C GLU G 935 -12.01 95.17 3.39
N LEU G 936 -10.96 94.54 3.90
CA LEU G 936 -9.72 94.22 3.14
C LEU G 936 -10.04 93.20 2.06
N LYS G 937 -10.75 92.14 2.43
CA LYS G 937 -11.07 91.07 1.47
C LYS G 937 -11.76 91.67 0.23
N GLU G 938 -12.83 92.43 0.43
CA GLU G 938 -13.58 93.09 -0.69
C GLU G 938 -12.61 93.99 -1.46
N PHE G 939 -11.75 94.72 -0.76
CA PHE G 939 -10.78 95.64 -1.38
C PHE G 939 -9.85 94.83 -2.31
N THR G 940 -9.41 93.65 -1.88
CA THR G 940 -8.46 92.80 -2.65
C THR G 940 -9.20 92.15 -3.81
N ALA G 941 -10.44 91.67 -3.61
CA ALA G 941 -11.29 91.10 -4.69
C ALA G 941 -11.61 92.16 -5.78
N LYS G 942 -11.81 93.42 -5.40
CA LYS G 942 -12.06 94.53 -6.35
C LYS G 942 -10.77 94.79 -7.17
N LEU G 943 -9.59 94.87 -6.52
CA LEU G 943 -8.30 95.13 -7.23
C LEU G 943 -8.03 93.99 -8.23
N ARG G 944 -8.40 92.76 -7.86
CA ARG G 944 -8.21 91.54 -8.67
C ARG G 944 -9.08 91.61 -9.92
N LYS G 945 -10.38 91.94 -9.76
CA LYS G 945 -11.37 92.03 -10.86
C LYS G 945 -10.94 93.15 -11.81
N GLU G 946 -10.75 94.37 -11.29
CA GLU G 946 -10.24 95.53 -12.07
C GLU G 946 -9.03 95.12 -12.93
N LEU G 947 -8.24 94.13 -12.51
CA LEU G 947 -7.00 93.71 -13.21
C LEU G 947 -7.32 92.59 -14.22
N VAL G 948 -8.01 91.53 -13.77
CA VAL G 948 -8.41 90.36 -14.61
C VAL G 948 -9.37 90.83 -15.72
N GLU G 949 -10.33 91.69 -15.39
CA GLU G 949 -11.29 92.26 -16.37
C GLU G 949 -10.52 93.02 -17.45
N THR G 950 -9.57 93.87 -17.06
CA THR G 950 -8.73 94.69 -17.98
C THR G 950 -7.88 93.79 -18.88
N SER G 951 -7.34 92.70 -18.32
CA SER G 951 -6.54 91.66 -19.02
C SER G 951 -7.41 90.96 -20.09
N GLU G 952 -8.55 90.41 -19.67
CA GLU G 952 -9.46 89.60 -20.52
C GLU G 952 -10.11 90.48 -21.61
N VAL G 953 -10.47 91.72 -21.30
CA VAL G 953 -11.04 92.68 -22.27
C VAL G 953 -9.98 92.99 -23.33
N ARG G 954 -8.77 93.37 -22.92
CA ARG G 954 -7.65 93.71 -23.84
C ARG G 954 -7.32 92.50 -24.73
N LYS G 955 -7.37 91.29 -24.20
CA LYS G 955 -7.09 90.04 -24.95
C LYS G 955 -8.13 89.89 -26.08
N ALA G 956 -9.41 89.93 -25.70
CA ALA G 956 -10.59 89.77 -26.57
C ALA G 956 -10.63 90.89 -27.63
N VAL G 957 -10.48 92.15 -27.24
CA VAL G 957 -10.51 93.33 -28.17
C VAL G 957 -9.33 93.29 -29.13
N SER G 958 -8.16 92.79 -28.72
CA SER G 958 -6.96 92.73 -29.59
C SER G 958 -7.12 91.56 -30.57
N ILE G 959 -7.67 90.43 -30.10
CA ILE G 959 -7.91 89.23 -30.96
C ILE G 959 -8.92 89.59 -32.07
N GLU G 960 -9.98 90.34 -31.74
CA GLU G 960 -11.06 90.69 -32.69
C GLU G 960 -10.56 91.75 -33.67
N THR G 961 -9.75 92.72 -33.21
CA THR G 961 -9.15 93.78 -34.06
C THR G 961 -8.19 93.13 -35.06
N ALA G 962 -7.48 92.06 -34.67
CA ALA G 962 -6.57 91.30 -35.56
C ALA G 962 -7.39 90.55 -36.61
N LEU G 963 -8.49 89.91 -36.20
CA LEU G 963 -9.37 89.11 -37.10
C LEU G 963 -10.08 90.06 -38.08
N GLU G 964 -10.54 91.23 -37.64
CA GLU G 964 -11.15 92.26 -38.52
C GLU G 964 -10.10 92.67 -39.57
N HIS G 965 -8.90 93.06 -39.15
CA HIS G 965 -7.79 93.47 -40.06
C HIS G 965 -7.49 92.34 -41.07
N LYS G 966 -7.43 91.10 -40.61
CA LYS G 966 -7.21 89.88 -41.43
C LYS G 966 -8.29 89.80 -42.53
N VAL G 967 -9.56 90.02 -42.17
CA VAL G 967 -10.73 89.89 -43.10
C VAL G 967 -10.68 91.00 -44.15
N VAL G 968 -10.44 92.24 -43.72
CA VAL G 968 -10.41 93.44 -44.60
C VAL G 968 -9.17 93.45 -45.49
N ASN G 969 -8.03 92.89 -45.06
CA ASN G 969 -6.73 93.07 -45.77
C ASN G 969 -6.20 91.73 -46.32
N GLY G 970 -6.80 90.60 -45.95
CA GLY G 970 -6.41 89.26 -46.47
C GLY G 970 -5.04 88.80 -45.98
N ASN G 971 -4.51 87.73 -46.61
CA ASN G 971 -3.27 86.98 -46.21
C ASN G 971 -2.01 87.73 -46.65
N SER G 972 -2.05 88.43 -47.79
CA SER G 972 -0.89 89.15 -48.40
C SER G 972 -0.38 90.28 -47.48
N ALA G 973 -1.27 90.88 -46.66
CA ALA G 973 -0.94 91.96 -45.70
C ALA G 973 -0.06 91.44 -44.55
N ASP G 974 -0.27 90.18 -44.13
CA ASP G 974 0.37 89.55 -42.93
C ASP G 974 1.45 88.53 -43.34
N ALA G 975 1.52 88.11 -44.62
CA ALA G 975 2.51 87.13 -45.15
C ALA G 975 3.91 87.79 -45.19
N ALA G 976 4.00 89.04 -45.64
CA ALA G 976 5.24 89.85 -45.72
C ALA G 976 5.64 90.39 -44.34
N TYR G 977 4.69 90.46 -43.38
CA TYR G 977 4.91 90.89 -41.97
C TYR G 977 5.48 89.72 -41.14
N ALA G 978 4.97 88.49 -41.33
CA ALA G 978 5.42 87.25 -40.66
C ALA G 978 6.88 86.96 -41.04
N GLN G 979 7.62 86.27 -40.16
CA GLN G 979 9.10 86.17 -40.25
C GLN G 979 9.60 84.78 -39.82
N VAL G 980 10.66 84.31 -40.48
CA VAL G 980 11.15 82.90 -40.43
C VAL G 980 12.09 82.75 -39.24
N GLU G 981 11.88 81.70 -38.45
CA GLU G 981 12.72 81.37 -37.28
C GLU G 981 13.73 80.27 -37.66
N ILE G 982 14.98 80.46 -37.27
CA ILE G 982 16.11 79.51 -37.41
C ILE G 982 16.25 78.74 -36.10
N GLN G 983 16.04 77.42 -36.10
CA GLN G 983 16.32 76.53 -34.95
C GLN G 983 17.73 75.95 -35.05
N PRO G 984 18.51 75.95 -33.95
CA PRO G 984 19.89 75.50 -34.01
C PRO G 984 19.98 74.01 -34.32
N ARG G 985 20.98 73.64 -35.10
CA ARG G 985 21.40 72.22 -35.25
C ARG G 985 22.72 72.04 -34.48
N ALA G 986 22.86 70.90 -33.84
CA ALA G 986 24.12 70.48 -33.16
C ALA G 986 25.26 70.47 -34.17
N ASN G 987 26.28 71.28 -33.95
CA ASN G 987 27.54 71.28 -34.70
C ASN G 987 28.69 70.80 -33.76
N ILE G 988 28.81 69.50 -33.52
CA ILE G 988 29.80 68.97 -32.53
C ILE G 988 31.20 69.34 -33.00
N GLN G 989 31.99 69.94 -32.12
CA GLN G 989 33.37 70.37 -32.43
C GLN G 989 34.37 69.42 -31.75
N LEU G 990 35.55 69.32 -32.33
CA LEU G 990 36.60 68.43 -31.76
C LEU G 990 37.34 69.13 -30.62
N ASP G 991 37.25 70.46 -30.51
CA ASP G 991 37.86 71.28 -29.43
C ASP G 991 39.37 71.11 -29.48
N PHE G 992 39.96 71.28 -30.65
CA PHE G 992 41.40 71.43 -30.80
C PHE G 992 41.79 72.67 -30.01
N PRO G 993 42.99 72.71 -29.42
CA PRO G 993 43.41 73.89 -28.72
C PRO G 993 43.49 75.10 -29.67
N GLU G 994 43.20 76.25 -29.09
CA GLU G 994 43.26 77.55 -29.79
C GLU G 994 44.72 77.94 -29.86
N LEU G 995 45.15 78.30 -31.04
CA LEU G 995 46.50 78.79 -31.27
C LEU G 995 46.45 80.30 -31.38
N LYS G 996 47.17 80.95 -30.49
CA LYS G 996 47.35 82.40 -30.43
C LYS G 996 48.30 82.86 -31.53
N PRO G 997 48.24 84.14 -31.95
CA PRO G 997 49.30 84.71 -32.79
C PRO G 997 50.66 84.56 -32.12
N TYR G 998 51.70 84.38 -32.92
CA TYR G 998 53.06 84.20 -32.37
C TYR G 998 53.42 85.24 -31.34
N LYS G 999 53.06 86.50 -31.54
CA LYS G 999 53.46 87.61 -30.64
C LYS G 999 52.91 87.37 -29.25
N GLN G 1000 51.66 86.94 -29.13
CA GLN G 1000 51.05 86.65 -27.82
C GLN G 1000 51.75 85.45 -27.18
N VAL G 1001 51.99 84.41 -27.96
CA VAL G 1001 52.51 83.13 -27.40
C VAL G 1001 53.95 83.39 -26.96
N LYS G 1002 54.69 84.21 -27.70
CA LYS G 1002 56.09 84.59 -27.36
C LYS G 1002 56.17 85.28 -25.99
N GLN G 1003 55.16 86.03 -25.57
CA GLN G 1003 55.18 86.73 -24.25
C GLN G 1003 55.01 85.79 -23.05
N ILE G 1004 54.49 84.57 -23.20
CA ILE G 1004 54.19 83.72 -22.00
C ILE G 1004 55.49 83.06 -21.55
N ALA G 1005 56.22 82.39 -22.44
CA ALA G 1005 57.49 81.74 -22.09
C ALA G 1005 58.55 82.83 -22.00
N PRO G 1006 59.65 82.62 -21.23
CA PRO G 1006 60.78 83.53 -21.23
C PRO G 1006 61.50 83.58 -22.59
N ALA G 1007 62.12 84.71 -22.95
CA ALA G 1007 62.75 84.91 -24.29
C ALA G 1007 63.89 83.88 -24.51
N GLU G 1008 64.60 83.56 -23.44
CA GLU G 1008 65.75 82.64 -23.44
C GLU G 1008 65.30 81.25 -23.87
N LEU G 1009 64.01 80.91 -23.74
CA LEU G 1009 63.56 79.54 -24.04
C LEU G 1009 63.80 79.20 -25.51
N GLU G 1010 63.79 80.19 -26.41
CA GLU G 1010 63.91 79.90 -27.85
C GLU G 1010 65.24 79.19 -28.13
N GLY G 1011 65.19 78.02 -28.76
CA GLY G 1011 66.39 77.24 -29.12
C GLY G 1011 67.03 76.54 -27.93
N LEU G 1012 66.49 76.65 -26.72
CA LEU G 1012 67.14 76.11 -25.50
C LEU G 1012 66.80 74.63 -25.35
N LEU G 1013 65.60 74.22 -25.76
CA LEU G 1013 65.10 72.84 -25.49
C LEU G 1013 65.39 71.92 -26.66
N ASP G 1014 65.74 70.67 -26.37
CA ASP G 1014 65.77 69.58 -27.39
C ASP G 1014 64.31 69.14 -27.49
N LEU G 1015 63.65 69.47 -28.58
CA LEU G 1015 62.22 69.19 -28.71
C LEU G 1015 61.96 67.72 -28.99
N GLU G 1016 62.98 66.94 -29.28
CA GLU G 1016 62.84 65.49 -29.31
C GLU G 1016 62.66 64.98 -27.89
N ARG G 1017 62.98 65.77 -26.87
CA ARG G 1017 62.91 65.29 -25.48
C ARG G 1017 61.82 66.01 -24.74
N VAL G 1018 60.95 66.70 -25.46
CA VAL G 1018 59.76 67.31 -24.83
C VAL G 1018 58.62 66.42 -25.26
N ILE G 1019 57.90 65.94 -24.31
CA ILE G 1019 56.78 65.03 -24.62
C ILE G 1019 55.48 65.82 -24.57
N VAL G 1020 54.67 65.68 -25.60
CA VAL G 1020 53.37 66.36 -25.65
C VAL G 1020 52.29 65.34 -25.75
N VAL G 1021 51.13 65.69 -25.27
CA VAL G 1021 49.88 64.96 -25.55
C VAL G 1021 49.26 65.59 -26.80
N THR G 1022 49.00 64.79 -27.79
CA THR G 1022 48.41 65.21 -29.09
C THR G 1022 46.99 64.78 -29.22
N GLY G 1023 46.51 63.91 -28.36
CA GLY G 1023 45.16 63.45 -28.49
C GLY G 1023 44.77 62.71 -27.28
N PHE G 1024 43.52 62.68 -26.98
CA PHE G 1024 43.03 61.96 -25.82
C PHE G 1024 41.58 61.64 -26.02
N ALA G 1025 41.15 60.62 -25.36
CA ALA G 1025 39.78 60.17 -25.41
C ALA G 1025 39.52 59.32 -24.21
N GLU G 1026 38.26 59.01 -24.07
CA GLU G 1026 37.81 58.11 -23.05
C GLU G 1026 36.48 57.53 -23.41
N VAL G 1027 36.19 56.46 -22.74
CA VAL G 1027 34.86 55.85 -22.68
C VAL G 1027 34.59 55.68 -21.23
N GLY G 1028 33.56 56.34 -20.71
CA GLY G 1028 33.25 56.21 -19.30
C GLY G 1028 31.79 56.44 -19.04
N PRO G 1029 31.42 56.51 -17.77
CA PRO G 1029 30.00 56.67 -17.35
C PRO G 1029 29.30 57.89 -17.90
N TRP G 1030 30.01 58.87 -18.41
CA TRP G 1030 29.45 60.09 -19.02
C TRP G 1030 29.81 60.21 -20.47
N GLY G 1031 30.04 59.08 -21.11
CA GLY G 1031 30.28 59.02 -22.55
C GLY G 1031 31.71 59.22 -22.89
N SER G 1032 31.98 60.15 -23.74
CA SER G 1032 33.30 60.50 -24.29
C SER G 1032 33.93 61.59 -23.43
N ALA G 1033 35.12 62.00 -23.81
CA ALA G 1033 35.81 63.07 -23.10
C ALA G 1033 35.00 64.38 -23.23
N ARG G 1034 34.35 64.58 -24.35
CA ARG G 1034 33.58 65.82 -24.63
C ARG G 1034 32.37 65.88 -23.73
N THR G 1035 31.61 64.79 -23.63
CA THR G 1035 30.39 64.80 -22.83
C THR G 1035 30.73 64.77 -21.35
N ARG G 1036 31.74 64.02 -20.97
CA ARG G 1036 32.13 64.00 -19.55
C ARG G 1036 32.60 65.39 -19.12
N TRP G 1037 33.35 66.08 -19.95
CA TRP G 1037 33.76 67.43 -19.61
C TRP G 1037 32.58 68.40 -19.45
N GLU G 1038 31.60 68.34 -20.33
CA GLU G 1038 30.41 69.22 -20.17
C GLU G 1038 29.76 68.95 -18.84
N MET G 1039 29.58 67.70 -18.50
CA MET G 1039 28.95 67.37 -17.24
C MET G 1039 29.85 67.78 -16.06
N GLU G 1040 31.14 67.57 -16.16
CA GLU G 1040 32.05 67.89 -15.04
C GLU G 1040 32.11 69.41 -14.86
N ALA G 1041 32.39 70.15 -15.91
CA ALA G 1041 32.62 71.60 -15.84
C ALA G 1041 31.30 72.34 -15.63
N PHE G 1042 30.23 71.98 -16.32
CA PHE G 1042 29.00 72.82 -16.40
C PHE G 1042 27.81 72.18 -15.72
N GLY G 1043 27.84 70.89 -15.45
CA GLY G 1043 26.73 70.23 -14.80
C GLY G 1043 25.54 69.98 -15.71
N GLU G 1044 25.68 70.24 -16.99
CA GLU G 1044 24.57 70.04 -17.94
C GLU G 1044 25.13 69.98 -19.34
N PHE G 1045 24.35 69.42 -20.23
CA PHE G 1045 24.75 69.28 -21.63
C PHE G 1045 24.30 70.47 -22.44
N SER G 1046 25.19 70.95 -23.29
CA SER G 1046 24.85 71.81 -24.45
C SER G 1046 24.00 71.00 -25.43
N LEU G 1047 23.57 71.63 -26.51
CA LEU G 1047 22.89 70.91 -27.60
C LEU G 1047 23.84 69.85 -28.19
N GLU G 1048 25.08 70.19 -28.42
CA GLU G 1048 26.13 69.26 -28.93
C GLU G 1048 26.28 68.07 -27.99
N GLY G 1049 26.31 68.30 -26.69
CA GLY G 1049 26.47 67.24 -25.70
C GLY G 1049 25.30 66.33 -25.65
N CYS G 1050 24.10 66.89 -25.73
CA CYS G 1050 22.86 66.09 -25.74
C CYS G 1050 22.77 65.20 -26.98
N VAL G 1051 23.03 65.75 -28.11
CA VAL G 1051 23.01 64.99 -29.38
C VAL G 1051 24.10 63.92 -29.30
N GLU G 1052 25.28 64.26 -28.81
CA GLU G 1052 26.36 63.23 -28.71
C GLU G 1052 25.90 62.14 -27.80
N MET G 1053 25.31 62.47 -26.67
CA MET G 1053 24.92 61.44 -25.71
C MET G 1053 23.79 60.63 -26.31
N ALA G 1054 22.88 61.27 -27.02
CA ALA G 1054 21.72 60.54 -27.58
C ALA G 1054 22.25 59.56 -28.65
N TRP G 1055 23.21 59.97 -29.42
CA TRP G 1055 23.90 59.10 -30.41
C TRP G 1055 24.65 57.97 -29.70
N ILE G 1056 25.43 58.29 -28.68
CA ILE G 1056 26.21 57.27 -27.95
C ILE G 1056 25.25 56.23 -27.41
N MET G 1057 24.16 56.68 -26.82
CA MET G 1057 23.23 55.78 -26.14
C MET G 1057 22.27 55.13 -27.13
N GLY G 1058 22.38 55.38 -28.42
CA GLY G 1058 21.52 54.69 -29.39
C GLY G 1058 20.08 55.22 -29.40
N PHE G 1059 19.81 56.38 -28.83
CA PHE G 1059 18.45 56.97 -28.80
C PHE G 1059 18.09 57.48 -30.18
N ILE G 1060 19.05 58.11 -30.82
CA ILE G 1060 18.94 58.70 -32.18
C ILE G 1060 19.92 58.01 -33.10
N SER G 1061 19.54 57.93 -34.35
CA SER G 1061 20.35 57.39 -35.45
C SER G 1061 20.15 58.33 -36.59
N TYR G 1062 21.11 58.37 -37.45
CA TYR G 1062 21.01 59.23 -38.62
C TYR G 1062 20.29 58.50 -39.74
N HIS G 1063 19.63 59.27 -40.59
CA HIS G 1063 18.81 58.77 -41.71
C HIS G 1063 18.98 59.70 -42.87
N ASN G 1064 19.39 59.17 -44.01
CA ASN G 1064 19.45 59.95 -45.25
C ASN G 1064 18.75 59.15 -46.34
N GLY G 1065 17.57 59.59 -46.74
CA GLY G 1065 16.78 58.95 -47.81
C GLY G 1065 15.31 59.20 -47.60
N ASN G 1066 14.47 58.40 -48.25
CA ASN G 1066 13.00 58.55 -48.15
C ASN G 1066 12.56 58.04 -46.78
N LEU G 1067 11.67 58.80 -46.15
CA LEU G 1067 11.07 58.46 -44.85
C LEU G 1067 9.60 58.82 -44.90
N LYS G 1068 8.72 57.81 -45.04
CA LYS G 1068 7.26 57.96 -45.18
C LYS G 1068 6.97 58.90 -46.35
N GLY G 1069 7.51 58.56 -47.53
CA GLY G 1069 7.33 59.33 -48.78
C GLY G 1069 8.37 60.44 -48.94
N ARG G 1070 8.32 61.45 -48.08
CA ARG G 1070 9.17 62.68 -48.17
C ARG G 1070 10.64 62.30 -47.98
N PRO G 1071 11.59 62.97 -48.67
CA PRO G 1071 13.01 62.71 -48.45
C PRO G 1071 13.48 63.42 -47.17
N TYR G 1072 14.19 62.71 -46.28
CA TYR G 1072 14.65 63.24 -44.97
C TYR G 1072 16.16 62.99 -44.82
N THR G 1073 16.84 64.01 -44.34
CA THR G 1073 18.25 63.96 -43.89
C THR G 1073 18.27 64.46 -42.46
N GLY G 1074 18.48 63.56 -41.50
CA GLY G 1074 18.75 63.97 -40.12
C GLY G 1074 18.57 62.83 -39.16
N TRP G 1075 18.41 63.23 -37.92
CA TRP G 1075 18.26 62.29 -36.83
C TRP G 1075 16.85 61.76 -36.88
N VAL G 1076 16.74 60.49 -36.55
CA VAL G 1076 15.47 59.82 -36.22
C VAL G 1076 15.65 59.12 -34.89
N ASP G 1077 14.51 58.84 -34.26
CA ASP G 1077 14.41 57.96 -33.09
C ASP G 1077 14.81 56.57 -33.56
N SER G 1078 15.75 55.96 -32.85
CA SER G 1078 16.30 54.64 -33.23
C SER G 1078 15.18 53.59 -33.22
N LYS G 1079 14.27 53.66 -32.27
CA LYS G 1079 13.18 52.65 -32.09
C LYS G 1079 12.11 52.87 -33.18
N THR G 1080 11.46 54.04 -33.19
CA THR G 1080 10.25 54.38 -33.97
C THR G 1080 10.58 54.80 -35.41
N LYS G 1081 11.76 55.36 -35.63
CA LYS G 1081 12.28 55.88 -36.91
C LYS G 1081 11.59 57.18 -37.27
N GLU G 1082 10.98 57.84 -36.29
CA GLU G 1082 10.39 59.18 -36.45
C GLU G 1082 11.50 60.22 -36.47
N PRO G 1083 11.43 61.20 -37.38
CA PRO G 1083 12.33 62.33 -37.37
C PRO G 1083 12.39 63.03 -36.02
N VAL G 1084 13.58 63.48 -35.68
CA VAL G 1084 13.83 64.22 -34.41
C VAL G 1084 14.66 65.40 -34.84
N ASP G 1085 14.20 66.58 -34.48
CA ASP G 1085 15.00 67.79 -34.70
C ASP G 1085 16.00 67.85 -33.55
N ASP G 1086 17.18 68.39 -33.81
CA ASP G 1086 18.25 68.59 -32.82
C ASP G 1086 17.66 69.34 -31.62
N LYS G 1087 16.91 70.42 -31.84
CA LYS G 1087 16.31 71.29 -30.77
C LYS G 1087 15.40 70.49 -29.84
N ASP G 1088 14.87 69.35 -30.30
CA ASP G 1088 13.93 68.51 -29.53
C ASP G 1088 14.65 67.37 -28.81
N VAL G 1089 15.96 67.19 -29.07
CA VAL G 1089 16.69 66.04 -28.47
C VAL G 1089 16.62 66.19 -26.96
N LYS G 1090 16.90 67.38 -26.46
CA LYS G 1090 16.87 67.64 -25.00
C LYS G 1090 15.51 67.28 -24.41
N ALA G 1091 14.41 67.83 -24.94
CA ALA G 1091 13.08 67.56 -24.33
C ALA G 1091 12.78 66.08 -24.48
N LYS G 1092 13.13 65.48 -25.61
CA LYS G 1092 12.74 64.08 -25.86
C LYS G 1092 13.62 63.12 -25.04
N TYR G 1093 14.92 63.38 -24.90
CA TYR G 1093 15.85 62.33 -24.39
C TYR G 1093 16.61 62.70 -23.14
N GLU G 1094 16.73 63.97 -22.80
CA GLU G 1094 17.69 64.38 -21.74
C GLU G 1094 17.38 63.66 -20.43
N THR G 1095 16.14 63.52 -20.07
CA THR G 1095 15.80 62.85 -18.80
C THR G 1095 16.31 61.40 -18.86
N SER G 1096 16.13 60.72 -19.98
CA SER G 1096 16.59 59.33 -20.16
C SER G 1096 18.12 59.31 -20.13
N ILE G 1097 18.76 60.24 -20.80
CA ILE G 1097 20.24 60.31 -20.87
C ILE G 1097 20.77 60.40 -19.44
N LEU G 1098 20.23 61.32 -18.64
CA LEU G 1098 20.70 61.57 -17.28
C LEU G 1098 20.38 60.42 -16.36
N GLU G 1099 19.28 59.74 -16.55
CA GLU G 1099 18.95 58.58 -15.72
C GLU G 1099 19.87 57.37 -16.02
N HIS G 1100 20.34 57.22 -17.26
CA HIS G 1100 21.07 56.01 -17.69
C HIS G 1100 22.52 56.33 -17.98
N SER G 1101 23.07 57.36 -17.35
CA SER G 1101 24.47 57.77 -17.41
C SER G 1101 24.99 57.96 -16.01
N GLY G 1102 26.31 57.96 -15.88
CA GLY G 1102 26.94 58.24 -14.61
C GLY G 1102 26.76 57.17 -13.58
N ILE G 1103 26.93 57.58 -12.34
CA ILE G 1103 26.86 56.67 -11.19
C ILE G 1103 25.38 56.42 -10.91
N ARG G 1104 24.98 55.18 -10.90
CA ARG G 1104 23.55 54.81 -10.89
C ARG G 1104 23.42 53.38 -10.46
N LEU G 1105 22.19 52.97 -10.16
CA LEU G 1105 21.97 51.58 -9.80
C LEU G 1105 22.51 50.66 -10.91
N ILE G 1106 23.08 49.57 -10.48
CA ILE G 1106 23.65 48.60 -11.44
C ILE G 1106 22.53 48.10 -12.29
N GLU G 1107 22.73 48.14 -13.59
CA GLU G 1107 21.76 47.63 -14.57
C GLU G 1107 22.16 46.21 -14.97
N PRO G 1108 21.39 45.17 -14.60
CA PRO G 1108 21.79 43.78 -14.88
C PRO G 1108 22.02 43.46 -16.36
N GLU G 1109 21.31 44.13 -17.25
CA GLU G 1109 21.43 43.95 -18.72
C GLU G 1109 22.82 44.38 -19.20
N LEU G 1110 23.56 45.20 -18.44
CA LEU G 1110 24.90 45.64 -18.90
C LEU G 1110 25.95 44.65 -18.42
N PHE G 1111 25.62 43.76 -17.48
CA PHE G 1111 26.60 42.90 -16.78
C PHE G 1111 26.12 41.47 -16.81
N ASN G 1112 25.61 41.02 -17.95
CA ASN G 1112 25.23 39.61 -18.18
C ASN G 1112 24.26 39.12 -17.10
N GLY G 1113 23.29 39.96 -16.76
CA GLY G 1113 22.21 39.66 -15.81
C GLY G 1113 22.66 39.69 -14.36
N TYR G 1114 23.89 40.10 -14.07
CA TYR G 1114 24.30 40.33 -12.67
C TYR G 1114 23.32 41.26 -11.96
N ASN G 1115 22.86 40.81 -10.82
CA ASN G 1115 21.89 41.50 -9.97
C ASN G 1115 22.45 41.41 -8.58
N PRO G 1116 23.03 42.49 -8.05
CA PRO G 1116 23.61 42.45 -6.73
C PRO G 1116 22.56 42.09 -5.65
N GLU G 1117 21.30 42.33 -5.94
CA GLU G 1117 20.23 42.03 -4.95
C GLU G 1117 20.01 40.51 -4.91
N LYS G 1118 20.51 39.80 -5.91
CA LYS G 1118 20.31 38.35 -6.05
C LYS G 1118 21.54 37.74 -6.68
N LYS G 1119 22.55 37.65 -5.88
CA LYS G 1119 23.83 37.07 -6.26
C LYS G 1119 23.78 35.54 -6.17
N GLU G 1120 24.11 34.86 -7.27
CA GLU G 1120 24.01 33.38 -7.42
C GLU G 1120 25.25 32.72 -6.86
N MET G 1121 25.11 31.96 -5.78
CA MET G 1121 26.13 31.03 -5.25
C MET G 1121 25.58 29.58 -5.29
N ILE G 1122 26.43 28.62 -4.96
CA ILE G 1122 26.01 27.19 -4.92
C ILE G 1122 26.50 26.68 -3.61
N GLN G 1123 25.71 25.78 -3.06
CA GLN G 1123 25.99 25.17 -1.78
C GLN G 1123 26.09 23.66 -2.01
N GLU G 1124 27.16 23.07 -1.53
CA GLU G 1124 27.43 21.62 -1.60
C GLU G 1124 26.47 20.98 -0.61
N VAL G 1125 25.69 20.00 -1.03
CA VAL G 1125 24.81 19.21 -0.10
C VAL G 1125 25.00 17.72 -0.35
N ILE G 1126 25.14 16.96 0.73
CA ILE G 1126 25.16 15.48 0.63
C ILE G 1126 23.70 15.02 0.48
N VAL G 1127 23.38 14.42 -0.66
CA VAL G 1127 22.11 13.68 -0.95
C VAL G 1127 21.83 12.76 0.25
N GLU G 1128 20.68 12.87 0.91
CA GLU G 1128 20.30 11.99 2.04
C GLU G 1128 19.54 10.78 1.50
N GLU G 1129 18.87 10.94 0.36
CA GLU G 1129 18.09 9.86 -0.29
C GLU G 1129 18.30 9.88 -1.80
N ASP G 1130 18.29 8.71 -2.43
CA ASP G 1130 18.54 8.55 -3.89
C ASP G 1130 17.61 9.49 -4.66
N LEU G 1131 18.12 10.10 -5.71
CA LEU G 1131 17.32 11.00 -6.57
C LEU G 1131 16.54 10.14 -7.56
N GLU G 1132 15.45 10.70 -8.06
CA GLU G 1132 14.74 10.17 -9.24
C GLU G 1132 15.78 10.08 -10.36
N PRO G 1133 15.94 8.91 -11.01
CA PRO G 1133 16.74 8.81 -12.23
C PRO G 1133 16.41 9.89 -13.24
N PHE G 1134 17.41 10.32 -14.00
CA PHE G 1134 17.24 11.25 -15.14
C PHE G 1134 18.07 10.68 -16.28
N GLU G 1135 17.75 11.10 -17.49
CA GLU G 1135 18.33 10.58 -18.73
C GLU G 1135 19.49 11.50 -19.08
N ALA G 1136 20.57 10.93 -19.59
CA ALA G 1136 21.76 11.63 -20.08
C ALA G 1136 22.33 10.81 -21.21
N SER G 1137 23.10 11.43 -22.09
CA SER G 1137 23.93 10.73 -23.10
C SER G 1137 24.89 9.79 -22.40
N LYS G 1138 25.42 8.84 -23.14
CA LYS G 1138 26.44 7.90 -22.65
C LYS G 1138 27.64 8.69 -22.12
N GLU G 1139 28.14 9.64 -22.93
CA GLU G 1139 29.30 10.49 -22.61
C GLU G 1139 29.10 11.12 -21.25
N THR G 1140 28.00 11.86 -21.07
CA THR G 1140 27.70 12.59 -19.83
C THR G 1140 27.54 11.61 -18.67
N ALA G 1141 26.85 10.50 -18.92
CA ALA G 1141 26.61 9.50 -17.86
C ALA G 1141 27.94 9.00 -17.36
N GLU G 1142 28.84 8.71 -18.27
CA GLU G 1142 30.19 8.24 -17.85
C GLU G 1142 30.98 9.31 -17.08
N GLN G 1143 30.75 10.58 -17.37
CA GLN G 1143 31.40 11.70 -16.60
C GLN G 1143 30.78 11.76 -15.22
N PHE G 1144 29.48 11.47 -15.09
CA PHE G 1144 28.87 11.41 -13.74
C PHE G 1144 29.42 10.26 -12.97
N LYS G 1145 29.61 9.14 -13.65
CA LYS G 1145 30.13 7.93 -12.99
C LYS G 1145 31.57 8.13 -12.56
N HIS G 1146 32.37 8.66 -13.45
CA HIS G 1146 33.76 9.03 -13.11
C HIS G 1146 33.79 9.90 -11.85
N GLN G 1147 32.91 10.90 -11.73
CA GLN G 1147 32.94 11.77 -10.54
C GLN G 1147 32.47 11.06 -9.28
N HIS G 1148 31.34 10.40 -9.34
CA HIS G 1148 30.65 9.93 -8.11
C HIS G 1148 31.05 8.50 -7.74
N GLY G 1149 31.53 7.70 -8.70
CA GLY G 1149 31.95 6.30 -8.44
C GLY G 1149 30.78 5.50 -7.91
N ASP G 1150 30.85 5.02 -6.67
CA ASP G 1150 29.77 4.15 -6.11
C ASP G 1150 28.51 4.97 -5.80
N LYS G 1151 28.58 6.30 -5.75
CA LYS G 1151 27.40 7.13 -5.35
C LYS G 1151 26.55 7.42 -6.56
N VAL G 1152 26.75 6.75 -7.67
CA VAL G 1152 25.87 6.90 -8.84
C VAL G 1152 25.81 5.58 -9.57
N ASP G 1153 24.66 5.34 -10.19
CA ASP G 1153 24.45 4.19 -11.08
C ASP G 1153 23.95 4.72 -12.37
N ILE G 1154 24.54 4.19 -13.41
CA ILE G 1154 24.20 4.54 -14.78
C ILE G 1154 23.94 3.21 -15.49
N PHE G 1155 22.95 3.23 -16.38
CA PHE G 1155 22.47 2.03 -17.09
C PHE G 1155 22.08 2.46 -18.47
N GLU G 1156 22.60 1.77 -19.48
CA GLU G 1156 22.11 1.97 -20.87
C GLU G 1156 20.60 1.67 -20.85
N ILE G 1157 19.85 2.49 -21.56
CA ILE G 1157 18.43 2.24 -21.96
C ILE G 1157 18.53 1.66 -23.36
N PRO G 1158 18.34 0.33 -23.56
CA PRO G 1158 18.75 -0.33 -24.81
C PRO G 1158 18.05 0.21 -26.06
N GLU G 1159 16.80 0.64 -25.91
CA GLU G 1159 15.92 1.13 -27.01
C GLU G 1159 16.58 2.36 -27.66
N THR G 1160 16.90 3.38 -26.85
CA THR G 1160 17.28 4.75 -27.29
C THR G 1160 18.81 4.92 -27.34
N GLY G 1161 19.58 4.11 -26.59
CA GLY G 1161 21.04 4.26 -26.45
C GLY G 1161 21.44 5.34 -25.44
N GLU G 1162 20.47 6.09 -24.89
CA GLU G 1162 20.67 7.03 -23.76
C GLU G 1162 20.91 6.22 -22.49
N TYR G 1163 21.25 6.91 -21.41
CA TYR G 1163 21.62 6.31 -20.12
C TYR G 1163 20.75 6.90 -19.04
N SER G 1164 20.40 6.09 -18.07
CA SER G 1164 19.71 6.56 -16.87
C SER G 1164 20.82 6.93 -15.93
N VAL G 1165 20.65 8.00 -15.18
CA VAL G 1165 21.65 8.38 -14.17
C VAL G 1165 20.91 8.43 -12.87
N LYS G 1166 21.43 7.73 -11.89
CA LYS G 1166 20.75 7.55 -10.62
C LYS G 1166 21.77 7.91 -9.58
N LEU G 1167 21.63 9.12 -9.02
CA LEU G 1167 22.46 9.61 -7.92
C LEU G 1167 21.96 8.96 -6.66
N LEU G 1168 22.85 8.40 -5.87
CA LEU G 1168 22.50 7.62 -4.67
C LEU G 1168 22.81 8.44 -3.44
N LYS G 1169 22.15 8.08 -2.34
CA LYS G 1169 22.45 8.54 -0.96
C LYS G 1169 23.97 8.68 -0.82
N GLY G 1170 24.40 9.79 -0.23
CA GLY G 1170 25.83 10.06 0.04
C GLY G 1170 26.51 10.83 -1.09
N ALA G 1171 25.95 10.87 -2.30
CA ALA G 1171 26.45 11.69 -3.42
C ALA G 1171 26.39 13.19 -3.07
N THR G 1172 27.30 13.97 -3.64
CA THR G 1172 27.45 15.44 -3.48
C THR G 1172 26.71 16.10 -4.61
N LEU G 1173 25.87 17.06 -4.28
CA LEU G 1173 25.11 17.89 -5.24
C LEU G 1173 25.50 19.36 -4.91
N TYR G 1174 25.16 20.24 -5.80
CA TYR G 1174 25.26 21.68 -5.51
C TYR G 1174 23.89 22.28 -5.78
N ILE G 1175 23.44 23.04 -4.82
CA ILE G 1175 22.10 23.69 -4.90
C ILE G 1175 22.30 25.18 -4.93
N PRO G 1176 21.86 25.83 -5.97
CA PRO G 1176 21.95 27.25 -6.10
C PRO G 1176 21.26 27.94 -4.91
N LYS G 1177 21.86 29.01 -4.47
CA LYS G 1177 21.33 29.90 -3.41
C LYS G 1177 21.71 31.32 -3.81
N ALA G 1178 21.00 32.29 -3.27
CA ALA G 1178 21.11 33.71 -3.70
C ALA G 1178 21.45 34.46 -2.44
N LEU G 1179 22.35 35.43 -2.59
CA LEU G 1179 22.85 36.30 -1.52
C LEU G 1179 22.43 37.70 -1.93
N ARG G 1180 21.98 38.51 -0.99
CA ARG G 1180 21.75 39.97 -1.17
C ARG G 1180 23.08 40.67 -0.93
N PHE G 1181 23.65 41.29 -1.94
CA PHE G 1181 24.91 42.04 -1.74
C PHE G 1181 24.54 43.53 -1.59
N ASP G 1182 25.34 44.28 -0.87
CA ASP G 1182 25.01 45.67 -0.45
C ASP G 1182 25.78 46.71 -1.30
N ARG G 1183 26.40 46.34 -2.41
CA ARG G 1183 26.92 47.33 -3.38
C ARG G 1183 26.02 47.28 -4.60
N LEU G 1184 25.18 48.29 -4.72
CA LEU G 1184 24.07 48.28 -5.69
C LEU G 1184 24.30 49.27 -6.79
N VAL G 1185 25.34 50.08 -6.66
CA VAL G 1185 25.52 51.26 -7.52
C VAL G 1185 26.94 51.21 -8.14
N ALA G 1186 27.07 51.69 -9.36
CA ALA G 1186 28.37 51.79 -10.04
C ALA G 1186 28.30 52.86 -11.12
N GLY G 1187 29.46 53.36 -11.45
CA GLY G 1187 29.65 54.23 -12.59
C GLY G 1187 29.66 53.37 -13.82
N GLN G 1188 28.62 53.40 -14.59
CA GLN G 1188 28.48 52.46 -15.70
C GLN G 1188 28.51 53.24 -16.94
N ILE G 1189 29.07 52.66 -17.98
CA ILE G 1189 29.00 53.31 -19.31
C ILE G 1189 27.52 53.52 -19.65
N PRO G 1190 27.13 54.60 -20.33
CA PRO G 1190 25.71 54.94 -20.53
C PRO G 1190 24.98 53.77 -21.17
N THR G 1191 23.80 53.48 -20.66
CA THR G 1191 22.94 52.41 -21.20
C THR G 1191 22.69 52.66 -22.68
N GLY G 1192 23.07 51.71 -23.51
CA GLY G 1192 22.87 51.76 -24.94
C GLY G 1192 24.14 51.96 -25.69
N TRP G 1193 25.23 52.31 -24.99
CA TRP G 1193 26.56 52.31 -25.60
C TRP G 1193 26.74 50.97 -26.31
N ASN G 1194 27.26 51.04 -27.49
CA ASN G 1194 27.42 49.83 -28.30
C ASN G 1194 28.58 50.11 -29.20
N ALA G 1195 29.50 49.17 -29.23
CA ALA G 1195 30.70 49.32 -30.05
C ALA G 1195 30.31 49.39 -31.52
N LYS G 1196 29.22 48.77 -31.90
CA LYS G 1196 28.78 48.85 -33.31
C LYS G 1196 28.46 50.29 -33.71
N THR G 1197 28.02 51.14 -32.79
CA THR G 1197 27.72 52.55 -33.08
C THR G 1197 28.98 53.21 -33.58
N TYR G 1198 30.14 52.79 -33.06
CA TYR G 1198 31.43 53.36 -33.46
C TYR G 1198 31.95 52.69 -34.73
N GLY G 1199 31.38 51.58 -35.14
CA GLY G 1199 31.90 50.93 -36.35
C GLY G 1199 32.54 49.57 -36.09
N ILE G 1200 32.57 49.09 -34.86
CA ILE G 1200 33.28 47.83 -34.60
C ILE G 1200 32.37 46.69 -35.05
N SER G 1201 32.93 45.79 -35.83
CA SER G 1201 32.19 44.66 -36.43
C SER G 1201 31.77 43.67 -35.36
N ASP G 1202 30.72 42.89 -35.67
CA ASP G 1202 30.21 41.82 -34.78
C ASP G 1202 31.24 40.71 -34.55
N ASP G 1203 32.07 40.43 -35.53
CA ASP G 1203 33.14 39.41 -35.37
C ASP G 1203 34.11 39.83 -34.24
N ILE G 1204 34.47 41.12 -34.18
CA ILE G 1204 35.38 41.63 -33.12
C ILE G 1204 34.66 41.58 -31.80
N ILE G 1205 33.43 42.06 -31.79
CA ILE G 1205 32.62 42.11 -30.56
C ILE G 1205 32.52 40.72 -29.99
N SER G 1206 32.31 39.73 -30.84
CA SER G 1206 32.10 38.34 -30.34
C SER G 1206 33.43 37.76 -29.84
N GLN G 1207 34.54 38.15 -30.42
CA GLN G 1207 35.87 37.61 -30.05
C GLN G 1207 36.36 38.21 -28.72
N VAL G 1208 36.27 39.51 -28.53
CA VAL G 1208 37.10 40.19 -27.48
C VAL G 1208 36.30 40.34 -26.20
N ASP G 1209 37.01 40.50 -25.10
CA ASP G 1209 36.40 40.92 -23.83
C ASP G 1209 35.83 42.32 -24.03
N PRO G 1210 34.72 42.69 -23.36
CA PRO G 1210 34.18 44.05 -23.47
C PRO G 1210 35.19 45.17 -23.18
N ILE G 1211 36.14 44.95 -22.28
CA ILE G 1211 37.15 45.98 -21.99
C ILE G 1211 37.84 46.36 -23.29
N THR G 1212 38.11 45.41 -24.15
CA THR G 1212 38.83 45.62 -25.39
C THR G 1212 38.04 46.57 -26.29
N LEU G 1213 36.75 46.51 -26.26
CA LEU G 1213 35.94 47.45 -27.06
C LEU G 1213 36.03 48.86 -26.51
N PHE G 1214 36.10 49.01 -25.20
CA PHE G 1214 36.30 50.37 -24.66
C PHE G 1214 37.60 50.94 -25.13
N VAL G 1215 38.65 50.13 -25.11
CA VAL G 1215 39.97 50.55 -25.57
C VAL G 1215 39.95 50.86 -27.03
N LEU G 1216 39.40 49.95 -27.84
CA LEU G 1216 39.46 50.21 -29.29
C LEU G 1216 38.77 51.54 -29.60
N VAL G 1217 37.61 51.77 -29.00
CA VAL G 1217 36.93 53.09 -29.19
C VAL G 1217 37.78 54.24 -28.68
N SER G 1218 38.32 54.15 -27.49
CA SER G 1218 39.15 55.23 -26.95
C SER G 1218 40.35 55.53 -27.83
N VAL G 1219 40.97 54.50 -28.36
CA VAL G 1219 42.14 54.70 -29.20
C VAL G 1219 41.76 55.39 -30.49
N VAL G 1220 40.69 54.98 -31.14
CA VAL G 1220 40.39 55.66 -32.41
C VAL G 1220 40.01 57.10 -32.08
N GLU G 1221 39.22 57.29 -31.04
CA GLU G 1221 38.85 58.64 -30.65
C GLU G 1221 40.05 59.47 -30.25
N ALA G 1222 41.08 58.90 -29.61
CA ALA G 1222 42.28 59.69 -29.27
C ALA G 1222 42.98 60.10 -30.54
N PHE G 1223 43.11 59.21 -31.50
CA PHE G 1223 43.69 59.54 -32.81
C PHE G 1223 42.89 60.63 -33.50
N ILE G 1224 41.59 60.60 -33.44
CA ILE G 1224 40.77 61.68 -34.03
C ILE G 1224 41.04 62.99 -33.32
N ALA G 1225 41.13 62.99 -31.99
CA ALA G 1225 41.48 64.18 -31.22
C ALA G 1225 42.89 64.68 -31.54
N SER G 1226 43.76 63.82 -32.11
CA SER G 1226 45.08 64.16 -32.63
C SER G 1226 45.00 64.54 -34.09
N GLY G 1227 43.81 64.56 -34.70
CA GLY G 1227 43.66 64.76 -36.14
C GLY G 1227 44.27 63.68 -37.00
N ILE G 1228 44.51 62.52 -36.46
CA ILE G 1228 45.05 61.38 -37.24
C ILE G 1228 43.86 60.46 -37.48
N THR G 1229 43.35 60.46 -38.67
CA THR G 1229 42.16 59.65 -38.97
C THR G 1229 42.60 58.32 -39.59
N ASP G 1230 43.75 58.29 -40.22
CA ASP G 1230 44.38 57.04 -40.71
C ASP G 1230 45.66 56.87 -39.90
N PRO G 1231 45.72 55.96 -38.95
CA PRO G 1231 46.95 55.80 -38.16
C PRO G 1231 48.19 55.54 -39.01
N TYR G 1232 48.01 55.01 -40.22
CA TYR G 1232 49.17 54.71 -41.09
C TYR G 1232 49.87 55.97 -41.53
N GLU G 1233 49.25 57.12 -41.34
CA GLU G 1233 49.91 58.40 -41.63
C GLU G 1233 51.13 58.63 -40.75
N MET G 1234 51.13 58.08 -39.55
CA MET G 1234 52.31 58.14 -38.69
C MET G 1234 53.52 57.62 -39.45
N TYR G 1235 53.33 56.60 -40.27
CA TYR G 1235 54.46 55.95 -40.97
C TYR G 1235 54.95 56.77 -42.15
N LYS G 1236 54.40 57.94 -42.40
CA LYS G 1236 55.03 58.94 -43.31
C LYS G 1236 56.13 59.67 -42.60
N TYR G 1237 56.13 59.65 -41.28
CA TYR G 1237 57.01 60.43 -40.42
C TYR G 1237 57.93 59.55 -39.62
N VAL G 1238 57.48 58.38 -39.19
CA VAL G 1238 58.35 57.55 -38.32
C VAL G 1238 58.43 56.16 -38.89
N HIS G 1239 59.42 55.42 -38.44
CA HIS G 1239 59.53 53.99 -38.74
C HIS G 1239 58.40 53.22 -38.01
N VAL G 1240 57.98 52.09 -38.52
CA VAL G 1240 57.06 51.15 -37.81
C VAL G 1240 57.58 50.70 -36.46
N SER G 1241 58.87 50.81 -36.22
CA SER G 1241 59.46 50.43 -34.94
C SER G 1241 59.26 51.53 -33.88
N GLU G 1242 58.68 52.67 -34.23
CA GLU G 1242 58.78 53.90 -33.43
C GLU G 1242 57.42 54.34 -32.92
N VAL G 1243 56.41 53.53 -33.07
CA VAL G 1243 55.08 53.74 -32.50
C VAL G 1243 54.81 52.68 -31.44
N GLY G 1244 54.69 53.10 -30.20
CA GLY G 1244 54.55 52.22 -29.05
C GLY G 1244 53.19 52.22 -28.46
N ASN G 1245 52.92 51.17 -27.71
CA ASN G 1245 51.71 51.11 -26.88
C ASN G 1245 52.18 50.82 -25.47
N CYS G 1246 51.96 51.76 -24.55
CA CYS G 1246 52.35 51.57 -23.13
C CYS G 1246 51.11 51.62 -22.23
N SER G 1247 49.91 51.41 -22.79
CA SER G 1247 48.68 51.46 -22.00
C SER G 1247 48.52 50.16 -21.26
N GLY G 1248 47.78 50.21 -20.18
CA GLY G 1248 47.56 49.02 -19.39
C GLY G 1248 46.28 48.96 -18.65
N SER G 1249 46.21 48.02 -17.75
CA SER G 1249 44.99 47.71 -17.01
C SER G 1249 45.37 47.22 -15.65
N GLY G 1250 44.50 47.35 -14.67
CA GLY G 1250 44.74 46.74 -13.36
C GLY G 1250 44.37 45.29 -13.34
N MET G 1251 43.34 44.91 -14.06
CA MET G 1251 42.78 43.54 -13.97
C MET G 1251 42.51 42.91 -15.34
N GLY G 1252 42.48 43.67 -16.40
CA GLY G 1252 42.30 43.04 -17.72
C GLY G 1252 40.91 42.52 -17.95
N GLY G 1253 40.82 41.50 -18.80
CA GLY G 1253 39.57 40.97 -19.36
C GLY G 1253 38.90 40.10 -18.35
N VAL G 1254 38.26 40.71 -17.37
CA VAL G 1254 37.67 40.01 -16.23
C VAL G 1254 36.46 39.21 -16.69
N SER G 1255 35.81 39.56 -17.78
CA SER G 1255 34.70 38.75 -18.32
C SER G 1255 35.30 37.43 -18.87
N ALA G 1256 36.49 37.48 -19.44
CA ALA G 1256 37.20 36.28 -19.94
C ALA G 1256 37.64 35.46 -18.75
N LEU G 1257 38.06 36.08 -17.65
CA LEU G 1257 38.41 35.31 -16.45
C LEU G 1257 37.18 34.58 -15.94
N ARG G 1258 36.04 35.24 -15.92
CA ARG G 1258 34.81 34.60 -15.48
C ARG G 1258 34.55 33.36 -16.35
N GLY G 1259 34.66 33.51 -17.66
CA GLY G 1259 34.57 32.45 -18.66
C GLY G 1259 35.38 31.26 -18.24
N MET G 1260 36.65 31.45 -17.95
CA MET G 1260 37.54 30.30 -17.70
C MET G 1260 37.42 29.75 -16.30
N PHE G 1261 37.09 30.56 -15.30
CA PHE G 1261 37.00 30.08 -13.92
C PHE G 1261 35.61 29.62 -13.55
N LYS G 1262 34.58 30.12 -14.18
CA LYS G 1262 33.22 29.85 -13.71
C LYS G 1262 32.38 29.25 -14.80
N ASP G 1263 32.33 29.87 -15.95
CA ASP G 1263 31.51 29.38 -17.05
C ASP G 1263 32.02 28.00 -17.48
N ARG G 1264 33.32 27.81 -17.54
CA ARG G 1264 33.91 26.52 -17.99
C ARG G 1264 33.57 25.46 -16.94
N PHE G 1265 33.61 25.80 -15.67
CA PHE G 1265 33.33 24.88 -14.56
C PHE G 1265 31.87 24.39 -14.59
N LYS G 1266 30.95 25.23 -15.08
CA LYS G 1266 29.51 24.92 -15.22
C LYS G 1266 29.23 24.37 -16.60
N ASP G 1267 30.29 24.01 -17.32
CA ASP G 1267 30.21 23.38 -18.65
C ASP G 1267 29.35 24.25 -19.56
N GLU G 1268 29.40 25.58 -19.38
CA GLU G 1268 28.71 26.51 -20.29
C GLU G 1268 29.54 26.69 -21.55
N PRO G 1269 28.93 27.07 -22.70
CA PRO G 1269 29.69 27.34 -23.92
C PRO G 1269 30.59 28.57 -23.65
N VAL G 1270 31.88 28.39 -23.83
CA VAL G 1270 32.94 29.44 -23.73
C VAL G 1270 33.86 29.23 -24.92
N GLN G 1271 34.20 30.29 -25.63
CA GLN G 1271 35.11 30.22 -26.79
C GLN G 1271 36.42 29.56 -26.34
N ASN G 1272 37.02 28.80 -27.22
CA ASN G 1272 38.21 27.97 -26.88
C ASN G 1272 39.41 28.85 -26.55
N ASP G 1273 39.44 30.05 -27.10
CA ASP G 1273 40.57 30.97 -26.84
C ASP G 1273 40.18 32.06 -25.83
N ILE G 1274 39.36 31.74 -24.87
CA ILE G 1274 38.97 32.72 -23.83
C ILE G 1274 40.19 33.22 -23.07
N LEU G 1275 41.16 32.38 -22.80
CA LEU G 1275 42.30 32.75 -21.93
C LEU G 1275 43.02 33.98 -22.50
N GLN G 1276 43.26 34.00 -23.78
CA GLN G 1276 44.00 35.08 -24.46
C GLN G 1276 43.27 36.41 -24.28
N GLU G 1277 41.95 36.38 -24.19
CA GLU G 1277 41.15 37.61 -24.12
C GLU G 1277 41.18 38.13 -22.71
N SER G 1278 41.62 37.35 -21.75
CA SER G 1278 41.75 37.79 -20.37
C SER G 1278 43.02 38.63 -20.18
N PHE G 1279 44.07 38.37 -20.92
CA PHE G 1279 45.40 38.92 -20.59
C PHE G 1279 45.37 40.44 -20.66
N ILE G 1280 46.05 41.06 -19.71
CA ILE G 1280 46.09 42.54 -19.61
C ILE G 1280 46.67 43.13 -20.87
N ASN G 1281 47.58 42.41 -21.51
CA ASN G 1281 48.20 42.91 -22.74
C ASN G 1281 47.45 42.57 -24.00
N THR G 1282 46.37 41.86 -23.93
CA THR G 1282 45.61 41.49 -25.14
C THR G 1282 44.92 42.72 -25.69
N MET G 1283 44.48 43.66 -24.86
CA MET G 1283 43.80 44.87 -25.40
C MET G 1283 44.74 45.62 -26.33
N SER G 1284 46.00 45.78 -25.95
CA SER G 1284 47.03 46.43 -26.78
C SER G 1284 47.33 45.61 -28.02
N ALA G 1285 47.30 44.31 -27.89
CA ALA G 1285 47.52 43.45 -29.05
C ALA G 1285 46.37 43.73 -30.06
N TRP G 1286 45.13 43.72 -29.61
CA TRP G 1286 44.02 44.00 -30.56
C TRP G 1286 44.12 45.36 -31.22
N VAL G 1287 44.53 46.37 -30.47
CA VAL G 1287 44.76 47.71 -31.02
C VAL G 1287 45.76 47.63 -32.14
N ASN G 1288 46.84 46.91 -31.92
CA ASN G 1288 47.89 46.83 -32.92
C ASN G 1288 47.40 46.03 -34.12
N MET G 1289 46.65 45.00 -33.86
CA MET G 1289 46.19 44.03 -34.86
C MET G 1289 45.08 44.59 -35.71
N LEU G 1290 44.28 45.51 -35.16
CA LEU G 1290 43.08 46.08 -35.85
C LEU G 1290 43.32 47.45 -36.42
N LEU G 1291 44.28 48.21 -35.90
CA LEU G 1291 44.37 49.64 -36.20
C LEU G 1291 45.77 50.06 -36.53
N ILE G 1292 46.74 49.74 -35.71
CA ILE G 1292 48.00 50.50 -35.78
C ILE G 1292 49.03 49.79 -36.65
N SER G 1293 49.17 48.49 -36.49
CA SER G 1293 50.17 47.67 -37.22
C SER G 1293 51.61 48.13 -36.99
N SER G 1294 51.94 48.59 -35.80
CA SER G 1294 53.32 48.96 -35.53
C SER G 1294 54.15 47.73 -35.18
N SER G 1295 55.42 47.95 -35.18
CA SER G 1295 56.40 47.03 -34.63
C SER G 1295 57.19 47.73 -33.57
N GLY G 1296 56.52 48.60 -32.86
CA GLY G 1296 57.15 49.41 -31.84
C GLY G 1296 57.02 48.78 -30.49
N PRO G 1297 57.52 49.49 -29.48
CA PRO G 1297 57.53 48.99 -28.14
C PRO G 1297 56.11 48.68 -27.66
N ILE G 1298 56.07 47.71 -26.81
CA ILE G 1298 54.80 47.29 -26.21
C ILE G 1298 55.14 46.98 -24.77
N LYS G 1299 54.83 47.90 -23.88
CA LYS G 1299 55.15 47.75 -22.46
C LYS G 1299 53.84 47.96 -21.75
N THR G 1300 53.23 46.90 -21.30
CA THR G 1300 51.90 46.92 -20.72
C THR G 1300 52.07 46.96 -19.21
N PRO G 1301 51.76 48.08 -18.55
CA PRO G 1301 51.78 48.15 -17.11
C PRO G 1301 50.51 47.62 -16.47
N VAL G 1302 50.71 47.17 -15.26
CA VAL G 1302 49.64 46.81 -14.34
C VAL G 1302 49.93 47.57 -13.05
N GLY G 1303 49.07 48.46 -12.69
CA GLY G 1303 49.32 49.32 -11.54
C GLY G 1303 48.09 49.58 -10.77
N ALA G 1304 47.14 48.65 -10.75
CA ALA G 1304 45.84 48.86 -10.09
C ALA G 1304 45.36 50.29 -10.45
N CYS G 1305 44.99 51.06 -9.45
CA CYS G 1305 44.36 52.37 -9.61
C CYS G 1305 45.33 53.38 -10.20
N ALA G 1306 46.64 53.11 -10.20
CA ALA G 1306 47.65 54.02 -10.74
C ALA G 1306 48.18 53.57 -12.09
N THR G 1307 47.52 52.65 -12.74
CA THR G 1307 47.98 52.12 -14.03
C THR G 1307 48.20 53.21 -15.07
N SER G 1308 47.31 54.19 -15.14
CA SER G 1308 47.31 55.19 -16.21
C SER G 1308 48.49 56.11 -16.02
N VAL G 1309 48.84 56.42 -14.80
CA VAL G 1309 50.04 57.24 -14.55
C VAL G 1309 51.31 56.42 -14.78
N GLU G 1310 51.36 55.21 -14.32
CA GLU G 1310 52.48 54.31 -14.69
C GLU G 1310 52.63 54.22 -16.22
N SER G 1311 51.52 54.15 -16.95
CA SER G 1311 51.52 54.13 -18.41
C SER G 1311 52.24 55.34 -18.98
N VAL G 1312 51.89 56.50 -18.46
CA VAL G 1312 52.49 57.75 -18.95
C VAL G 1312 53.96 57.73 -18.62
N ASP G 1313 54.32 57.36 -17.40
CA ASP G 1313 55.76 57.30 -17.05
C ASP G 1313 56.52 56.35 -18.01
N ILE G 1314 55.98 55.19 -18.30
CA ILE G 1314 56.60 54.22 -19.26
C ILE G 1314 56.65 54.84 -20.64
N GLY G 1315 55.56 55.45 -21.11
CA GLY G 1315 55.52 56.05 -22.44
C GLY G 1315 56.55 57.15 -22.57
N VAL G 1316 56.60 58.00 -21.58
CA VAL G 1316 57.60 59.08 -21.56
C VAL G 1316 58.97 58.47 -21.67
N GLU G 1317 59.32 57.56 -20.79
CA GLU G 1317 60.67 56.99 -20.81
C GLU G 1317 60.97 56.24 -22.12
N THR G 1318 59.98 55.62 -22.71
CA THR G 1318 60.15 54.90 -23.98
C THR G 1318 60.50 55.93 -25.05
N ILE G 1319 59.84 57.07 -25.05
CA ILE G 1319 60.13 58.11 -26.05
C ILE G 1319 61.48 58.73 -25.72
N LEU G 1320 61.78 59.04 -24.48
CA LEU G 1320 63.10 59.66 -24.17
C LEU G 1320 64.27 58.73 -24.42
N SER G 1321 64.09 57.42 -24.37
CA SER G 1321 65.13 56.40 -24.64
C SER G 1321 65.38 56.27 -26.14
N GLY G 1322 64.52 56.82 -26.98
CA GLY G 1322 64.65 56.73 -28.44
C GLY G 1322 64.01 55.49 -29.01
N LYS G 1323 63.27 54.73 -28.21
CA LYS G 1323 62.64 53.49 -28.67
C LYS G 1323 61.37 53.78 -29.43
N ALA G 1324 60.71 54.90 -29.11
CA ALA G 1324 59.49 55.32 -29.79
C ALA G 1324 59.54 56.83 -30.00
N ARG G 1325 58.77 57.30 -30.95
CA ARG G 1325 58.50 58.74 -31.10
C ARG G 1325 57.06 59.06 -30.76
N ILE G 1326 56.20 58.04 -30.82
CA ILE G 1326 54.75 58.21 -30.50
C ILE G 1326 54.36 57.03 -29.61
N CYS G 1327 53.60 57.28 -28.53
CA CYS G 1327 53.25 56.19 -27.60
C CYS G 1327 51.77 56.26 -27.23
N ILE G 1328 51.05 55.14 -27.34
CA ILE G 1328 49.63 55.11 -26.88
C ILE G 1328 49.67 54.83 -25.37
N VAL G 1329 49.21 55.79 -24.56
CA VAL G 1329 49.26 55.63 -23.11
C VAL G 1329 47.86 55.67 -22.59
N GLY G 1330 47.68 55.12 -21.41
CA GLY G 1330 46.40 55.11 -20.73
C GLY G 1330 46.10 53.89 -19.99
N GLY G 1331 44.84 53.71 -19.72
CA GLY G 1331 44.37 52.66 -18.84
C GLY G 1331 42.95 52.31 -19.05
N TYR G 1332 42.58 51.17 -18.56
CA TYR G 1332 41.28 50.59 -18.80
C TYR G 1332 41.01 49.62 -17.72
N ASP G 1333 39.75 49.47 -17.43
CA ASP G 1333 39.26 48.43 -16.52
C ASP G 1333 37.75 48.31 -16.71
N ASP G 1334 37.25 47.14 -16.38
CA ASP G 1334 35.81 46.81 -16.45
C ASP G 1334 35.24 46.65 -15.05
N PHE G 1335 33.92 46.64 -14.97
CA PHE G 1335 33.20 46.40 -13.73
C PHE G 1335 32.57 45.05 -14.00
N GLN G 1336 32.69 44.12 -13.09
CA GLN G 1336 31.91 42.88 -13.11
C GLN G 1336 31.63 42.43 -11.70
N GLU G 1337 30.73 41.48 -11.62
CA GLU G 1337 30.21 40.94 -10.36
C GLU G 1337 31.36 40.63 -9.44
N GLU G 1338 32.31 39.84 -9.89
CA GLU G 1338 33.26 39.23 -8.95
C GLU G 1338 34.12 40.30 -8.32
N GLY G 1339 34.66 41.22 -9.12
CA GLY G 1339 35.48 42.28 -8.56
C GLY G 1339 34.69 43.17 -7.61
N SER G 1340 33.44 43.46 -7.96
CA SER G 1340 32.55 44.25 -7.07
C SER G 1340 32.42 43.53 -5.76
N PHE G 1341 32.25 42.22 -5.79
CA PHE G 1341 32.04 41.49 -4.52
C PHE G 1341 33.29 41.59 -3.68
N GLU G 1342 34.44 41.46 -4.33
CA GLU G 1342 35.70 41.43 -3.55
C GLU G 1342 36.07 42.80 -3.07
N PHE G 1343 35.86 43.83 -3.88
CA PHE G 1343 36.11 45.18 -3.33
C PHE G 1343 35.15 45.42 -2.14
N GLY G 1344 33.96 44.84 -2.15
CA GLY G 1344 33.07 44.94 -0.99
C GLY G 1344 33.62 44.17 0.19
N ASN G 1345 34.13 42.95 -0.02
CA ASN G 1345 34.71 42.15 1.09
C ASN G 1345 35.93 42.86 1.67
N MET G 1346 36.66 43.60 0.87
CA MET G 1346 37.82 44.39 1.39
C MET G 1346 37.37 45.71 2.03
N LYS G 1347 36.07 46.02 1.98
CA LYS G 1347 35.46 47.27 2.49
C LYS G 1347 36.11 48.50 1.83
N ALA G 1348 36.52 48.39 0.58
CA ALA G 1348 37.14 49.53 -0.14
C ALA G 1348 36.03 50.43 -0.73
N THR G 1349 34.93 49.83 -1.17
CA THR G 1349 33.82 50.49 -1.82
C THR G 1349 32.80 50.91 -0.76
N SER G 1350 31.99 51.87 -1.13
CA SER G 1350 30.92 52.33 -0.22
C SER G 1350 29.84 51.27 -0.23
N ASN G 1351 29.31 51.03 0.92
CA ASN G 1351 28.13 50.19 1.15
C ASN G 1351 26.86 50.99 0.80
N THR G 1352 26.15 50.57 -0.21
CA THR G 1352 24.99 51.32 -0.71
C THR G 1352 23.90 51.37 0.34
N LEU G 1353 23.70 50.29 1.07
CA LEU G 1353 22.62 50.26 2.09
C LEU G 1353 22.92 51.26 3.19
N GLU G 1354 24.17 51.41 3.60
CA GLU G 1354 24.55 52.44 4.58
C GLU G 1354 24.31 53.82 3.96
N GLU G 1355 24.61 54.02 2.69
CA GLU G 1355 24.39 55.30 2.00
C GLU G 1355 22.91 55.64 2.02
N PHE G 1356 22.05 54.68 1.68
CA PHE G 1356 20.58 54.85 1.69
C PHE G 1356 20.09 55.20 3.10
N GLU G 1357 20.66 54.63 4.15
CA GLU G 1357 20.33 55.02 5.53
C GLU G 1357 20.66 56.48 5.80
N HIS G 1358 21.71 57.02 5.19
CA HIS G 1358 22.16 58.41 5.34
C HIS G 1358 21.42 59.31 4.38
N GLY G 1359 20.46 58.80 3.62
CA GLY G 1359 19.67 59.54 2.65
C GLY G 1359 20.44 59.97 1.43
N ARG G 1360 21.47 59.23 1.07
CA ARG G 1360 22.29 59.57 -0.10
C ARG G 1360 21.67 58.89 -1.29
N THR G 1361 21.61 59.59 -2.40
CA THR G 1361 21.24 59.03 -3.68
C THR G 1361 22.52 58.61 -4.41
N PRO G 1362 22.41 57.79 -5.46
CA PRO G 1362 23.61 57.35 -6.21
C PRO G 1362 24.55 58.46 -6.63
N ALA G 1363 23.99 59.56 -7.15
CA ALA G 1363 24.73 60.75 -7.57
C ALA G 1363 25.52 61.42 -6.43
N GLU G 1364 25.32 61.09 -5.16
CA GLU G 1364 26.12 61.73 -4.10
C GLU G 1364 26.90 60.68 -3.34
N MET G 1365 27.02 59.48 -3.85
CA MET G 1365 27.75 58.47 -3.09
C MET G 1365 29.26 58.68 -3.22
N SER G 1366 29.72 59.30 -4.29
CA SER G 1366 31.17 59.54 -4.47
C SER G 1366 31.41 61.00 -4.04
N ARG G 1367 31.97 61.20 -2.87
CA ARG G 1367 32.12 62.55 -2.29
C ARG G 1367 33.49 62.72 -1.70
N PRO G 1368 34.50 62.76 -2.57
CA PRO G 1368 35.87 62.89 -2.10
C PRO G 1368 36.06 64.10 -1.18
N ALA G 1369 36.88 63.94 -0.15
CA ALA G 1369 37.40 64.99 0.73
C ALA G 1369 36.32 65.51 1.69
N THR G 1370 35.21 64.84 1.74
CA THR G 1370 34.06 65.21 2.59
C THR G 1370 34.20 64.53 3.94
N THR G 1371 33.55 65.10 4.93
CA THR G 1371 33.50 64.55 6.29
C THR G 1371 32.98 63.11 6.29
N THR G 1372 31.97 62.82 5.50
CA THR G 1372 31.21 61.56 5.63
C THR G 1372 31.62 60.57 4.51
N ARG G 1373 32.66 60.85 3.74
CA ARG G 1373 33.14 59.87 2.71
C ARG G 1373 33.39 58.52 3.34
N ASN G 1374 32.99 57.47 2.65
CA ASN G 1374 33.01 56.13 3.26
C ASN G 1374 33.27 55.04 2.23
N GLY G 1375 34.09 55.28 1.24
CA GLY G 1375 34.49 54.25 0.31
C GLY G 1375 34.27 54.69 -1.11
N PHE G 1376 34.95 54.02 -2.03
CA PHE G 1376 34.88 54.47 -3.42
C PHE G 1376 33.69 53.86 -4.11
N MET G 1377 33.38 54.48 -5.22
CA MET G 1377 32.31 54.07 -6.13
C MET G 1377 32.99 53.44 -7.35
N GLU G 1378 32.74 52.18 -7.61
CA GLU G 1378 33.41 51.50 -8.74
C GLU G 1378 32.83 51.95 -10.07
N ALA G 1379 33.67 52.12 -11.04
CA ALA G 1379 33.24 52.48 -12.38
C ALA G 1379 33.96 51.57 -13.37
N GLN G 1380 33.78 51.84 -14.61
CA GLN G 1380 34.36 51.12 -15.73
C GLN G 1380 34.72 52.08 -16.83
N GLY G 1381 35.60 51.64 -17.71
CA GLY G 1381 35.88 52.30 -18.96
C GLY G 1381 37.35 52.40 -19.23
N ALA G 1382 37.69 53.29 -20.12
CA ALA G 1382 39.04 53.44 -20.64
C ALA G 1382 39.34 54.90 -20.85
N GLY G 1383 40.60 55.20 -20.78
CA GLY G 1383 41.17 56.45 -21.23
C GLY G 1383 42.47 56.25 -21.92
N ILE G 1384 42.69 57.03 -22.95
CA ILE G 1384 43.83 56.94 -23.82
C ILE G 1384 44.32 58.33 -24.14
N GLN G 1385 45.62 58.50 -24.10
CA GLN G 1385 46.31 59.62 -24.71
C GLN G 1385 47.28 59.12 -25.73
N ILE G 1386 47.52 59.99 -26.69
CA ILE G 1386 48.57 59.87 -27.67
C ILE G 1386 49.62 60.85 -27.26
N ILE G 1387 50.79 60.37 -26.98
CA ILE G 1387 51.95 61.21 -26.64
C ILE G 1387 52.98 61.11 -27.71
N MET G 1388 53.69 62.21 -27.92
CA MET G 1388 54.79 62.17 -28.83
C MET G 1388 55.83 63.20 -28.51
N GLN G 1389 56.92 63.02 -29.14
CA GLN G 1389 57.99 64.03 -29.15
C GLN G 1389 57.40 65.31 -29.75
N ALA G 1390 57.66 66.42 -29.12
CA ALA G 1390 57.18 67.73 -29.57
C ALA G 1390 57.68 68.03 -30.97
N ASP G 1391 58.93 67.71 -31.25
CA ASP G 1391 59.51 67.95 -32.60
C ASP G 1391 58.64 67.29 -33.67
N LEU G 1392 58.17 66.09 -33.41
CA LEU G 1392 57.33 65.36 -34.34
C LEU G 1392 55.93 65.92 -34.37
N ALA G 1393 55.36 66.32 -33.25
CA ALA G 1393 54.03 66.93 -33.21
C ALA G 1393 54.03 68.20 -34.06
N LEU G 1394 55.08 68.97 -33.97
CA LEU G 1394 55.17 70.23 -34.77
C LEU G 1394 55.30 69.90 -36.25
N LYS G 1395 56.10 68.92 -36.61
CA LYS G 1395 56.29 68.53 -38.02
C LYS G 1395 55.02 67.91 -38.60
N MET G 1396 54.31 67.09 -37.86
CA MET G 1396 53.10 66.45 -38.34
C MET G 1396 51.98 67.49 -38.43
N GLY G 1397 52.04 68.52 -37.60
CA GLY G 1397 50.92 69.44 -37.45
C GLY G 1397 49.77 68.85 -36.72
N VAL G 1398 50.03 68.19 -35.60
CA VAL G 1398 48.95 67.64 -34.77
C VAL G 1398 48.73 68.63 -33.65
N PRO G 1399 47.54 68.67 -33.10
CA PRO G 1399 47.24 69.51 -31.96
C PRO G 1399 48.04 69.06 -30.76
N ILE G 1400 48.44 70.03 -29.97
CA ILE G 1400 49.21 69.84 -28.73
C ILE G 1400 48.37 70.35 -27.59
N TYR G 1401 47.90 69.42 -26.75
CA TYR G 1401 47.03 69.74 -25.64
C TYR G 1401 47.80 70.05 -24.40
N GLY G 1402 49.03 69.58 -24.29
CA GLY G 1402 49.78 69.73 -23.04
C GLY G 1402 51.14 69.16 -23.20
N ILE G 1403 52.02 69.58 -22.33
CA ILE G 1403 53.36 69.04 -22.21
C ILE G 1403 53.39 68.13 -21.01
N VAL G 1404 53.89 66.91 -21.18
CA VAL G 1404 54.06 66.01 -20.01
C VAL G 1404 55.41 66.36 -19.46
N ALA G 1405 55.43 67.17 -18.43
CA ALA G 1405 56.68 67.76 -17.92
C ALA G 1405 57.33 66.78 -16.97
N MET G 1406 56.56 65.92 -16.34
CA MET G 1406 57.13 64.96 -15.38
C MET G 1406 56.14 63.84 -15.25
N ALA G 1407 56.65 62.65 -15.08
CA ALA G 1407 55.83 61.52 -14.66
C ALA G 1407 56.70 60.63 -13.80
N ALA G 1408 56.20 60.12 -12.71
CA ALA G 1408 56.99 59.33 -11.76
C ALA G 1408 56.09 58.35 -11.08
N THR G 1409 56.68 57.26 -10.61
CA THR G 1409 56.06 56.22 -9.80
C THR G 1409 56.90 56.05 -8.55
N ALA G 1410 56.30 55.55 -7.49
CA ALA G 1410 57.02 55.42 -6.21
C ALA G 1410 56.25 54.43 -5.38
N THR G 1411 56.97 53.52 -4.75
CA THR G 1411 56.44 52.62 -3.74
C THR G 1411 56.56 53.33 -2.42
N ASP G 1412 56.26 52.65 -1.33
CA ASP G 1412 56.20 53.32 -0.02
C ASP G 1412 57.29 52.75 0.88
N LYS G 1413 57.00 51.67 1.55
CA LYS G 1413 57.82 51.24 2.72
C LYS G 1413 57.33 49.88 3.20
N ILE G 1414 58.08 49.34 4.13
CA ILE G 1414 57.69 48.13 4.88
C ILE G 1414 56.25 48.24 5.35
N GLY G 1415 55.53 47.15 5.32
CA GLY G 1415 54.15 47.17 5.83
C GLY G 1415 53.45 45.85 5.61
N ARG G 1416 52.18 45.79 5.94
CA ARG G 1416 51.44 44.52 5.85
C ARG G 1416 50.08 44.74 5.23
N SER G 1417 49.83 45.93 4.70
CA SER G 1417 48.51 46.31 4.17
C SER G 1417 48.70 46.70 2.71
N VAL G 1418 48.42 45.78 1.83
CA VAL G 1418 48.58 46.04 0.38
C VAL G 1418 47.73 47.23 -0.04
N PRO G 1419 46.46 47.42 0.39
CA PRO G 1419 45.65 48.54 -0.09
C PRO G 1419 46.02 49.92 0.46
N ALA G 1420 46.81 50.00 1.52
CA ALA G 1420 47.04 51.26 2.26
C ALA G 1420 47.83 52.24 1.39
N PRO G 1421 47.35 53.47 1.15
CA PRO G 1421 48.12 54.45 0.40
C PRO G 1421 49.26 54.92 1.29
N GLY G 1422 50.34 55.35 0.65
CA GLY G 1422 51.50 55.88 1.32
C GLY G 1422 51.99 57.14 0.69
N LYS G 1423 53.15 57.54 1.13
CA LYS G 1423 53.74 58.86 0.86
C LYS G 1423 54.96 58.77 -0.02
N GLY G 1424 55.25 57.63 -0.60
CA GLY G 1424 56.44 57.52 -1.43
C GLY G 1424 56.53 58.48 -2.56
N ILE G 1425 55.41 58.87 -3.15
CA ILE G 1425 55.46 59.84 -4.26
C ILE G 1425 55.91 61.23 -3.81
N LEU G 1426 55.99 61.48 -2.51
CA LEU G 1426 56.58 62.71 -1.96
C LEU G 1426 58.02 62.89 -2.39
N THR G 1427 58.69 61.82 -2.79
CA THR G 1427 60.06 61.82 -3.35
C THR G 1427 60.18 62.68 -4.59
N THR G 1428 59.08 62.95 -5.31
CA THR G 1428 59.18 63.86 -6.46
C THR G 1428 59.55 65.29 -6.05
N ALA G 1429 59.32 65.67 -4.82
CA ALA G 1429 59.69 67.00 -4.31
C ALA G 1429 61.04 66.96 -3.61
N ARG G 1430 61.80 65.88 -3.67
CA ARG G 1430 63.03 65.76 -2.85
C ARG G 1430 64.00 66.85 -3.30
N GLU G 1431 64.62 67.47 -2.32
CA GLU G 1431 65.53 68.59 -2.61
C GLU G 1431 66.37 68.81 -1.37
N HIS G 1432 67.65 68.96 -1.59
CA HIS G 1432 68.63 69.12 -0.52
C HIS G 1432 68.71 70.58 -0.16
N HIS G 1433 68.41 70.92 1.07
CA HIS G 1433 68.31 72.33 1.52
C HIS G 1433 69.33 72.69 2.63
N SER G 1434 70.43 71.96 2.80
CA SER G 1434 71.49 72.29 3.81
C SER G 1434 72.18 73.61 3.48
N SER G 1435 72.29 73.93 2.19
CA SER G 1435 73.14 75.01 1.63
C SER G 1435 72.35 75.78 0.58
N VAL G 1436 71.52 76.73 1.00
CA VAL G 1436 70.59 77.45 0.09
C VAL G 1436 70.65 78.97 0.32
N LYS G 1437 71.76 79.47 0.86
CA LYS G 1437 71.93 80.92 1.12
C LYS G 1437 71.91 81.67 -0.22
N TYR G 1438 72.48 81.08 -1.27
CA TYR G 1438 72.60 81.72 -2.61
C TYR G 1438 71.87 80.92 -3.67
N ALA G 1439 71.17 81.61 -4.56
CA ALA G 1439 70.45 81.03 -5.70
C ALA G 1439 71.46 80.27 -6.58
N SER G 1440 71.09 79.06 -6.99
CA SER G 1440 71.87 78.25 -7.97
C SER G 1440 71.75 78.92 -9.34
N PRO G 1441 72.88 79.23 -10.03
CA PRO G 1441 72.82 79.65 -11.42
C PRO G 1441 72.09 78.65 -12.34
N ASN G 1442 72.10 77.38 -11.97
CA ASN G 1442 71.48 76.29 -12.74
C ASN G 1442 69.97 76.48 -12.83
N LEU G 1443 69.35 77.20 -11.88
CA LEU G 1443 67.90 77.49 -11.90
C LEU G 1443 67.59 78.72 -12.75
N ASN G 1444 68.60 79.43 -13.20
CA ASN G 1444 68.44 80.69 -13.95
C ASN G 1444 68.50 80.37 -15.44
N MET G 1445 67.40 80.51 -16.14
CA MET G 1445 67.33 80.15 -17.56
C MET G 1445 68.31 81.00 -18.37
N LYS G 1446 68.58 82.24 -17.98
CA LYS G 1446 69.57 83.08 -18.73
C LYS G 1446 70.99 82.49 -18.68
N TYR G 1447 71.40 82.01 -17.52
CA TYR G 1447 72.69 81.32 -17.31
C TYR G 1447 72.74 80.11 -18.24
N ARG G 1448 71.69 79.27 -18.19
CA ARG G 1448 71.66 78.03 -18.96
C ARG G 1448 71.77 78.37 -20.43
N LYS G 1449 71.04 79.38 -20.88
CA LYS G 1449 71.07 79.76 -22.31
C LYS G 1449 72.46 80.28 -22.68
N ARG G 1450 73.09 81.03 -21.81
CA ARG G 1450 74.48 81.51 -22.11
C ARG G 1450 75.40 80.30 -22.33
N GLN G 1451 75.25 79.25 -21.51
CA GLN G 1451 76.10 78.04 -21.60
C GLN G 1451 75.85 77.31 -22.92
N LEU G 1452 74.59 77.23 -23.32
CA LEU G 1452 74.24 76.60 -24.59
C LEU G 1452 74.87 77.40 -25.72
N VAL G 1453 74.72 78.71 -25.68
CA VAL G 1453 75.29 79.56 -26.78
C VAL G 1453 76.80 79.31 -26.93
N THR G 1454 77.52 79.20 -25.82
CA THR G 1454 78.98 78.94 -25.82
C THR G 1454 79.24 77.58 -26.49
N ARG G 1455 78.43 76.58 -26.15
CA ARG G 1455 78.55 75.23 -26.69
C ARG G 1455 78.24 75.22 -28.18
N GLU G 1456 77.25 76.00 -28.62
CA GLU G 1456 76.87 76.09 -30.06
C GLU G 1456 78.04 76.66 -30.86
N ALA G 1457 78.79 77.60 -30.28
CA ALA G 1457 80.01 78.16 -30.93
C ALA G 1457 81.03 77.04 -31.13
N GLN G 1458 81.18 76.15 -30.14
CA GLN G 1458 82.13 75.02 -30.20
C GLN G 1458 81.68 73.99 -31.23
N ILE G 1459 80.37 73.77 -31.36
CA ILE G 1459 79.83 72.77 -32.33
C ILE G 1459 80.03 73.32 -33.74
N LYS G 1460 79.70 74.58 -33.97
CA LYS G 1460 80.03 75.27 -35.26
C LYS G 1460 81.51 75.01 -35.62
N ASP G 1461 82.43 75.20 -34.68
CA ASP G 1461 83.88 75.01 -34.92
C ASP G 1461 84.14 73.54 -35.26
N TRP G 1462 83.58 72.62 -34.47
CA TRP G 1462 83.71 71.18 -34.68
C TRP G 1462 83.29 70.82 -36.11
N VAL G 1463 82.19 71.35 -36.59
CA VAL G 1463 81.75 71.06 -37.99
C VAL G 1463 82.77 71.63 -38.99
N GLU G 1464 83.25 72.86 -38.79
CA GLU G 1464 84.26 73.47 -39.71
C GLU G 1464 85.47 72.53 -39.81
N ASN G 1465 86.02 72.12 -38.66
CA ASN G 1465 87.16 71.20 -38.59
C ASN G 1465 86.86 69.88 -39.31
N GLU G 1466 85.67 69.29 -39.15
CA GLU G 1466 85.36 67.96 -39.74
C GLU G 1466 85.29 68.12 -41.26
N LEU G 1467 84.68 69.19 -41.77
CA LEU G 1467 84.60 69.50 -43.22
C LEU G 1467 86.01 69.68 -43.80
N GLU G 1468 86.91 70.39 -43.11
CA GLU G 1468 88.32 70.62 -43.55
C GLU G 1468 89.06 69.28 -43.59
N ALA G 1469 88.96 68.49 -42.52
CA ALA G 1469 89.53 67.13 -42.43
C ALA G 1469 88.95 66.25 -43.55
N LEU G 1470 87.67 66.42 -43.87
CA LEU G 1470 86.99 65.60 -44.91
C LEU G 1470 87.52 65.99 -46.30
N LYS G 1471 87.70 67.29 -46.56
CA LYS G 1471 88.28 67.77 -47.84
C LYS G 1471 89.68 67.14 -48.06
N LEU G 1472 90.54 67.13 -47.03
CA LEU G 1472 91.90 66.55 -47.09
C LEU G 1472 91.82 65.05 -47.40
N GLU G 1473 90.95 64.32 -46.69
CA GLU G 1473 90.73 62.87 -46.92
C GLU G 1473 90.23 62.64 -48.34
N ALA G 1474 89.33 63.50 -48.85
CA ALA G 1474 88.71 63.37 -50.19
C ALA G 1474 89.74 63.62 -51.31
N GLU G 1475 90.78 64.42 -51.05
CA GLU G 1475 91.87 64.71 -52.04
C GLU G 1475 92.61 63.41 -52.41
N GLU G 1476 92.73 62.46 -51.47
CA GLU G 1476 93.45 61.17 -51.66
C GLU G 1476 92.51 60.09 -52.25
N ILE G 1477 91.21 60.38 -52.40
CA ILE G 1477 90.21 59.44 -53.00
C ILE G 1477 90.24 59.66 -54.51
N PRO G 1478 90.27 58.59 -55.35
CA PRO G 1478 90.15 58.74 -56.80
C PRO G 1478 88.86 59.47 -57.21
N SER G 1479 88.96 60.35 -58.22
CA SER G 1479 87.98 61.39 -58.58
C SER G 1479 86.58 60.82 -58.85
N GLU G 1480 86.48 59.60 -59.41
CA GLU G 1480 85.20 58.92 -59.75
C GLU G 1480 84.46 58.53 -58.47
N ASP G 1481 85.17 58.14 -57.41
CA ASP G 1481 84.64 57.65 -56.11
C ASP G 1481 84.50 58.79 -55.08
N GLN G 1482 84.90 60.02 -55.45
CA GLN G 1482 85.00 61.18 -54.53
C GLN G 1482 83.59 61.67 -54.17
N ASN G 1483 82.68 61.66 -55.16
CA ASN G 1483 81.27 62.06 -54.97
C ASN G 1483 80.65 61.19 -53.87
N GLU G 1484 80.70 59.86 -54.00
CA GLU G 1484 80.00 58.91 -53.09
C GLU G 1484 80.60 59.05 -51.68
N PHE G 1485 81.93 59.13 -51.59
CA PHE G 1485 82.69 59.32 -50.33
C PHE G 1485 82.20 60.57 -49.59
N LEU G 1486 82.10 61.70 -50.29
CA LEU G 1486 81.72 63.01 -49.68
C LEU G 1486 80.25 62.98 -49.26
N LEU G 1487 79.39 62.39 -50.06
CA LEU G 1487 77.97 62.20 -49.73
C LEU G 1487 77.87 61.43 -48.40
N GLU G 1488 78.53 60.29 -48.28
CA GLU G 1488 78.43 59.42 -47.07
C GLU G 1488 79.00 60.21 -45.90
N ARG G 1489 80.17 60.84 -46.08
CA ARG G 1489 80.86 61.46 -44.94
C ARG G 1489 80.18 62.77 -44.55
N THR G 1490 79.54 63.45 -45.48
CA THR G 1490 78.87 64.74 -45.20
C THR G 1490 77.59 64.47 -44.40
N ARG G 1491 76.82 63.47 -44.83
CA ARG G 1491 75.61 63.01 -44.11
C ARG G 1491 76.01 62.62 -42.67
N GLU G 1492 77.15 61.97 -42.49
CA GLU G 1492 77.60 61.52 -41.16
C GLU G 1492 77.94 62.73 -40.29
N ILE G 1493 78.62 63.73 -40.83
CA ILE G 1493 78.98 64.95 -40.07
C ILE G 1493 77.71 65.70 -39.66
N HIS G 1494 76.74 65.77 -40.56
CA HIS G 1494 75.42 66.37 -40.27
C HIS G 1494 74.80 65.64 -39.07
N ASN G 1495 74.81 64.30 -39.06
CA ASN G 1495 74.21 63.49 -37.97
C ASN G 1495 74.91 63.85 -36.67
N GLU G 1496 76.23 63.89 -36.70
CA GLU G 1496 77.05 64.16 -35.51
C GLU G 1496 76.86 65.60 -35.04
N ALA G 1497 76.65 66.54 -35.94
CA ALA G 1497 76.43 67.95 -35.51
C ALA G 1497 75.07 68.03 -34.81
N GLU G 1498 74.05 67.44 -35.42
CA GLU G 1498 72.71 67.41 -34.83
C GLU G 1498 72.76 66.78 -33.44
N SER G 1499 73.44 65.65 -33.31
CA SER G 1499 73.53 64.91 -32.03
C SER G 1499 74.12 65.82 -30.97
N GLN G 1500 75.17 66.53 -31.34
CA GLN G 1500 75.89 67.41 -30.42
C GLN G 1500 75.02 68.61 -30.05
N LEU G 1501 74.28 69.16 -30.99
CA LEU G 1501 73.42 70.32 -30.63
C LEU G 1501 72.31 69.84 -29.68
N ARG G 1502 71.65 68.74 -30.03
CA ARG G 1502 70.56 68.14 -29.23
C ARG G 1502 71.09 67.78 -27.84
N ALA G 1503 72.30 67.30 -27.74
CA ALA G 1503 72.90 66.92 -26.45
C ALA G 1503 73.14 68.15 -25.59
N ALA G 1504 73.55 69.25 -26.20
CA ALA G 1504 73.78 70.53 -25.52
C ALA G 1504 72.43 71.10 -25.05
N GLN G 1505 71.41 71.04 -25.90
CA GLN G 1505 70.05 71.47 -25.52
C GLN G 1505 69.53 70.56 -24.41
N GLN G 1506 69.86 69.29 -24.45
CA GLN G 1506 69.44 68.39 -23.36
C GLN G 1506 70.15 68.79 -22.08
N GLN G 1507 71.44 69.07 -22.13
CA GLN G 1507 72.23 69.43 -20.92
C GLN G 1507 71.67 70.70 -20.28
N TRP G 1508 71.44 71.75 -21.06
CA TRP G 1508 71.13 73.10 -20.54
C TRP G 1508 69.63 73.38 -20.55
N GLY G 1509 68.86 72.74 -21.42
CA GLY G 1509 67.43 73.01 -21.55
C GLY G 1509 66.57 72.02 -20.82
N ASN G 1510 66.77 70.74 -21.06
CA ASN G 1510 65.81 69.69 -20.64
C ASN G 1510 66.23 68.99 -19.36
N ASP G 1511 67.52 68.77 -19.14
CA ASP G 1511 68.05 67.82 -18.11
C ASP G 1511 69.06 68.49 -17.17
N PHE G 1512 69.02 69.79 -17.05
CA PHE G 1512 69.97 70.59 -16.26
C PHE G 1512 69.91 70.25 -14.77
N TYR G 1513 68.81 69.68 -14.29
CA TYR G 1513 68.58 69.49 -12.84
C TYR G 1513 68.77 68.05 -12.38
N LYS G 1514 68.96 67.12 -13.31
CA LYS G 1514 69.03 65.66 -13.05
C LYS G 1514 70.16 65.30 -12.07
N ARG G 1515 71.27 66.01 -12.11
CA ARG G 1515 72.44 65.75 -11.23
C ARG G 1515 72.50 66.77 -10.09
N ASP G 1516 71.45 67.57 -9.90
CA ASP G 1516 71.49 68.73 -8.98
C ASP G 1516 70.59 68.43 -7.79
N PRO G 1517 71.14 67.99 -6.64
CA PRO G 1517 70.32 67.65 -5.49
C PRO G 1517 69.59 68.85 -4.88
N ARG G 1518 69.89 70.06 -5.31
CA ARG G 1518 69.21 71.29 -4.89
C ARG G 1518 67.97 71.59 -5.73
N ILE G 1519 67.72 70.82 -6.78
CA ILE G 1519 66.53 70.97 -7.62
C ILE G 1519 65.74 69.68 -7.59
N ALA G 1520 64.57 69.74 -7.02
CA ALA G 1520 63.60 68.66 -7.04
C ALA G 1520 63.21 68.34 -8.46
N PRO G 1521 62.94 67.06 -8.75
CA PRO G 1521 62.35 66.69 -10.03
C PRO G 1521 61.11 67.53 -10.37
N LEU G 1522 60.24 67.74 -9.39
CA LEU G 1522 59.02 68.56 -9.57
C LEU G 1522 59.39 69.98 -9.96
N ARG G 1523 60.35 70.59 -9.28
CA ARG G 1523 60.79 71.97 -9.55
C ARG G 1523 61.49 72.06 -10.90
N GLY G 1524 62.34 71.10 -11.20
CA GLY G 1524 63.07 71.07 -12.48
C GLY G 1524 62.14 70.99 -13.63
N ALA G 1525 61.14 70.12 -13.52
CA ALA G 1525 60.14 69.89 -14.57
C ALA G 1525 59.50 71.22 -14.97
N LEU G 1526 59.09 72.04 -14.00
CA LEU G 1526 58.43 73.33 -14.23
C LEU G 1526 59.47 74.34 -14.68
N ALA G 1527 60.65 74.36 -14.05
CA ALA G 1527 61.70 75.34 -14.37
C ALA G 1527 62.19 75.18 -15.80
N THR G 1528 62.06 74.01 -16.40
CA THR G 1528 62.41 73.82 -17.83
C THR G 1528 61.68 74.86 -18.70
N TYR G 1529 60.46 75.27 -18.35
CA TYR G 1529 59.60 76.18 -19.14
C TYR G 1529 59.58 77.55 -18.48
N GLY G 1530 60.39 77.78 -17.46
CA GLY G 1530 60.41 79.06 -16.74
C GLY G 1530 59.29 79.19 -15.74
N LEU G 1531 58.62 78.09 -15.40
CA LEU G 1531 57.59 78.09 -14.37
C LEU G 1531 58.22 77.84 -13.02
N THR G 1532 57.57 78.33 -12.00
CA THR G 1532 57.95 78.12 -10.61
C THR G 1532 56.93 77.20 -9.98
N ILE G 1533 57.20 76.79 -8.77
CA ILE G 1533 56.26 75.92 -8.02
C ILE G 1533 54.93 76.64 -7.81
N ASP G 1534 54.90 77.98 -7.79
CA ASP G 1534 53.64 78.76 -7.65
C ASP G 1534 52.76 78.69 -8.90
N ASP G 1535 53.27 78.21 -10.03
CA ASP G 1535 52.50 78.07 -11.30
C ASP G 1535 51.73 76.75 -11.38
N LEU G 1536 51.95 75.83 -10.48
CA LEU G 1536 51.11 74.64 -10.40
C LEU G 1536 49.78 75.04 -9.78
N GLY G 1537 48.80 75.30 -10.61
CA GLY G 1537 47.50 75.83 -10.18
C GLY G 1537 46.58 74.78 -9.66
N VAL G 1538 46.59 73.61 -10.27
CA VAL G 1538 45.56 72.60 -9.97
C VAL G 1538 46.24 71.29 -9.68
N ALA G 1539 45.66 70.58 -8.76
CA ALA G 1539 46.05 69.22 -8.43
C ALA G 1539 44.79 68.41 -8.65
N SER G 1540 44.84 67.57 -9.66
CA SER G 1540 43.83 66.57 -9.91
C SER G 1540 44.17 65.45 -8.94
N PHE G 1541 43.31 65.26 -7.97
CA PHE G 1541 43.51 64.28 -6.90
C PHE G 1541 42.88 62.98 -7.32
N HIS G 1542 43.57 61.91 -6.99
CA HIS G 1542 43.07 60.55 -7.11
C HIS G 1542 41.68 60.53 -6.46
N GLY G 1543 41.60 61.01 -5.23
CA GLY G 1543 40.34 61.49 -4.64
C GLY G 1543 39.19 60.50 -4.77
N THR G 1544 39.33 59.37 -4.13
CA THR G 1544 38.48 58.19 -4.33
C THR G 1544 37.30 58.17 -3.39
N SER G 1545 37.23 59.06 -2.43
CA SER G 1545 36.13 59.14 -1.46
C SER G 1545 36.34 58.04 -0.43
N THR G 1546 37.56 57.64 -0.19
CA THR G 1546 37.89 56.74 0.95
C THR G 1546 38.51 57.60 2.04
N LYS G 1547 38.33 57.20 3.26
CA LYS G 1547 38.90 57.93 4.41
C LYS G 1547 40.42 58.07 4.24
N ALA G 1548 41.09 56.94 4.04
CA ALA G 1548 42.56 56.91 4.05
C ALA G 1548 43.08 57.67 2.84
N ASN G 1549 42.50 57.43 1.67
CA ASN G 1549 43.06 57.96 0.42
C ASN G 1549 43.11 59.48 0.48
N ASP G 1550 41.96 60.10 0.76
CA ASP G 1550 41.81 61.57 0.55
C ASP G 1550 42.68 62.31 1.56
N LYS G 1551 42.82 61.78 2.76
CA LYS G 1551 43.73 62.39 3.75
C LYS G 1551 45.21 62.26 3.33
N ASN G 1552 45.62 61.06 2.92
CA ASN G 1552 47.03 60.78 2.57
C ASN G 1552 47.39 61.62 1.37
N GLU G 1553 46.50 61.70 0.43
CA GLU G 1553 46.80 62.44 -0.80
C GLU G 1553 46.92 63.93 -0.50
N SER G 1554 46.00 64.47 0.27
CA SER G 1554 46.10 65.89 0.69
C SER G 1554 47.41 66.15 1.43
N ALA G 1555 47.73 65.32 2.40
CA ALA G 1555 48.98 65.43 3.19
C ALA G 1555 50.20 65.38 2.29
N THR G 1556 50.18 64.51 1.27
CA THR G 1556 51.34 64.33 0.39
C THR G 1556 51.51 65.59 -0.44
N ILE G 1557 50.45 66.04 -1.11
CA ILE G 1557 50.52 67.27 -1.93
C ILE G 1557 50.94 68.41 -1.03
N ASN G 1558 50.38 68.45 0.15
CA ASN G 1558 50.68 69.56 1.05
C ASN G 1558 52.15 69.58 1.43
N GLU G 1559 52.71 68.42 1.76
CA GLU G 1559 54.15 68.31 2.08
C GLU G 1559 55.02 68.63 0.86
N MET G 1560 54.62 68.23 -0.34
CA MET G 1560 55.43 68.58 -1.51
C MET G 1560 55.50 70.11 -1.59
N MET G 1561 54.35 70.76 -1.51
CA MET G 1561 54.27 72.23 -1.65
C MET G 1561 55.09 72.91 -0.56
N LYS G 1562 55.00 72.48 0.67
CA LYS G 1562 55.74 73.10 1.78
C LYS G 1562 57.24 72.96 1.56
N HIS G 1563 57.69 71.76 1.18
CA HIS G 1563 59.13 71.50 1.01
C HIS G 1563 59.66 72.38 -0.09
N LEU G 1564 58.92 72.56 -1.16
CA LEU G 1564 59.39 73.35 -2.30
C LEU G 1564 59.10 74.85 -2.13
N GLY G 1565 58.63 75.30 -0.99
CA GLY G 1565 58.46 76.75 -0.74
C GLY G 1565 57.39 77.39 -1.58
N ARG G 1566 56.32 76.65 -1.83
CA ARG G 1566 55.10 77.22 -2.37
C ARG G 1566 54.71 78.42 -1.49
N SER G 1567 54.31 79.51 -2.08
CA SER G 1567 53.95 80.74 -1.32
C SER G 1567 52.80 80.47 -0.38
N GLU G 1568 52.93 80.97 0.83
CA GLU G 1568 51.79 81.00 1.78
C GLU G 1568 50.64 81.75 1.11
N GLY G 1569 49.46 81.20 1.17
CA GLY G 1569 48.29 81.83 0.57
C GLY G 1569 48.07 81.42 -0.83
N ASN G 1570 48.85 80.46 -1.34
CA ASN G 1570 48.68 80.04 -2.74
C ASN G 1570 48.41 78.57 -2.74
N PRO G 1571 47.26 78.09 -2.25
CA PRO G 1571 46.98 76.67 -2.27
C PRO G 1571 46.80 76.17 -3.70
N VAL G 1572 47.12 74.91 -3.93
CA VAL G 1572 46.72 74.25 -5.18
C VAL G 1572 45.21 74.04 -5.07
N ILE G 1573 44.55 74.18 -6.18
CA ILE G 1573 43.11 73.93 -6.23
C ILE G 1573 42.96 72.48 -6.57
N GLY G 1574 42.29 71.76 -5.70
CA GLY G 1574 41.99 70.36 -5.88
C GLY G 1574 40.84 70.15 -6.82
N VAL G 1575 41.00 69.21 -7.73
CA VAL G 1575 39.91 68.66 -8.57
C VAL G 1575 39.74 67.21 -8.22
N PHE G 1576 38.51 66.79 -8.10
CA PHE G 1576 38.16 65.45 -7.67
C PHE G 1576 37.15 64.87 -8.64
N GLN G 1577 37.61 64.55 -9.81
CA GLN G 1577 36.77 64.07 -10.94
C GLN G 1577 35.95 62.85 -10.56
N LYS G 1578 36.41 62.04 -9.64
CA LYS G 1578 35.70 60.80 -9.35
C LYS G 1578 34.38 61.08 -8.66
N PHE G 1579 34.10 62.32 -8.20
CA PHE G 1579 32.75 62.61 -7.63
C PHE G 1579 31.70 62.28 -8.69
N LEU G 1580 32.04 62.53 -9.91
CA LEU G 1580 31.14 62.37 -11.05
C LEU G 1580 31.26 61.01 -11.73
N THR G 1581 32.47 60.48 -11.87
CA THR G 1581 32.71 59.29 -12.74
C THR G 1581 32.73 58.02 -11.93
N GLY G 1582 33.02 58.10 -10.64
CA GLY G 1582 33.53 56.98 -9.87
C GLY G 1582 34.94 56.55 -10.27
N HIS G 1583 35.37 55.48 -9.69
CA HIS G 1583 36.75 55.03 -9.75
C HIS G 1583 36.85 53.86 -10.69
N PRO G 1584 37.36 54.04 -11.88
CA PRO G 1584 37.46 52.95 -12.81
C PRO G 1584 38.76 52.15 -12.70
N LYS G 1585 39.37 52.10 -11.54
CA LYS G 1585 40.61 51.34 -11.30
C LYS G 1585 41.68 51.81 -12.28
N GLY G 1586 42.13 50.95 -13.20
CA GLY G 1586 43.24 51.29 -14.09
C GLY G 1586 43.01 52.50 -14.96
N ALA G 1587 41.77 52.86 -15.26
CA ALA G 1587 41.56 54.03 -16.13
C ALA G 1587 41.62 55.32 -15.31
N ALA G 1588 41.72 55.26 -14.01
CA ALA G 1588 41.51 56.44 -13.14
C ALA G 1588 42.39 57.60 -13.57
N GLY G 1589 43.69 57.39 -13.67
CA GLY G 1589 44.65 58.41 -14.07
C GLY G 1589 44.38 58.94 -15.44
N ALA G 1590 43.88 58.10 -16.33
CA ALA G 1590 43.72 58.50 -17.72
C ALA G 1590 42.56 59.48 -17.80
N TRP G 1591 41.50 59.24 -17.05
CA TRP G 1591 40.37 60.19 -17.00
C TRP G 1591 40.83 61.47 -16.37
N MET G 1592 41.67 61.41 -15.36
CA MET G 1592 42.18 62.60 -14.69
C MET G 1592 43.08 63.39 -15.59
N MET G 1593 43.90 62.70 -16.39
CA MET G 1593 44.79 63.34 -17.34
C MET G 1593 43.97 64.05 -18.41
N ASN G 1594 42.94 63.41 -18.90
CA ASN G 1594 42.06 64.01 -19.90
C ASN G 1594 41.46 65.29 -19.31
N GLY G 1595 40.94 65.22 -18.11
CA GLY G 1595 40.46 66.38 -17.35
C GLY G 1595 41.47 67.47 -17.24
N ALA G 1596 42.68 67.12 -16.87
CA ALA G 1596 43.77 68.05 -16.68
C ALA G 1596 44.00 68.79 -17.97
N LEU G 1597 44.02 68.07 -19.09
CA LEU G 1597 44.22 68.69 -20.39
C LEU G 1597 43.06 69.63 -20.70
N GLN G 1598 41.88 69.25 -20.37
CA GLN G 1598 40.71 70.10 -20.66
C GLN G 1598 40.74 71.34 -19.77
N ILE G 1599 41.26 71.22 -18.56
CA ILE G 1599 41.44 72.36 -17.63
C ILE G 1599 42.47 73.28 -18.23
N LEU G 1600 43.59 72.73 -18.67
CA LEU G 1600 44.66 73.57 -19.17
C LEU G 1600 44.16 74.34 -20.39
N ASN G 1601 43.44 73.73 -21.27
CA ASN G 1601 43.12 74.43 -22.52
C ASN G 1601 41.91 75.38 -22.36
N SER G 1602 41.13 75.26 -21.33
CA SER G 1602 39.93 76.09 -21.09
C SER G 1602 40.16 77.15 -20.02
N GLY G 1603 41.00 76.88 -19.05
CA GLY G 1603 41.10 77.66 -17.81
C GLY G 1603 39.99 77.45 -16.85
N ILE G 1604 39.17 76.44 -17.08
CA ILE G 1604 38.01 76.16 -16.24
C ILE G 1604 38.36 75.07 -15.27
N ILE G 1605 38.17 75.33 -14.02
CA ILE G 1605 38.49 74.36 -12.97
C ILE G 1605 37.17 73.84 -12.44
N PRO G 1606 36.82 72.60 -12.75
CA PRO G 1606 35.55 72.07 -12.29
C PRO G 1606 35.53 71.92 -10.80
N GLY G 1607 34.38 72.16 -10.21
CA GLY G 1607 34.22 72.02 -8.77
C GLY G 1607 33.72 70.66 -8.42
N ASN G 1608 34.02 70.22 -7.22
CA ASN G 1608 33.50 68.96 -6.68
C ASN G 1608 32.11 69.26 -6.13
N ARG G 1609 31.10 69.00 -6.92
CA ARG G 1609 29.71 69.31 -6.58
C ARG G 1609 29.21 68.40 -5.48
N ASN G 1610 29.90 67.33 -5.14
CA ASN G 1610 29.53 66.50 -3.99
C ASN G 1610 30.31 66.88 -2.76
N ALA G 1611 31.07 67.97 -2.78
CA ALA G 1611 31.83 68.41 -1.62
C ALA G 1611 30.87 69.17 -0.71
N ASP G 1612 30.02 68.45 -0.03
CA ASP G 1612 28.97 69.14 0.75
C ASP G 1612 29.63 69.86 1.92
N ASN G 1613 30.47 69.13 2.62
CA ASN G 1613 31.21 69.60 3.77
C ASN G 1613 32.61 69.02 3.70
N VAL G 1614 33.59 69.86 3.64
CA VAL G 1614 34.99 69.46 3.57
C VAL G 1614 35.40 68.99 4.93
N ASP G 1615 36.01 67.82 4.95
CA ASP G 1615 36.48 67.23 6.21
C ASP G 1615 37.36 68.23 6.95
N LYS G 1616 36.97 68.53 8.17
CA LYS G 1616 37.72 69.47 9.03
C LYS G 1616 39.19 69.04 9.24
N ILE G 1617 39.47 67.75 9.21
CA ILE G 1617 40.87 67.23 9.28
C ILE G 1617 41.71 67.84 8.16
N LEU G 1618 41.13 68.24 7.03
CA LEU G 1618 41.86 68.77 5.88
C LEU G 1618 42.17 70.24 5.98
N GLU G 1619 41.64 70.92 6.98
CA GLU G 1619 41.96 72.33 7.17
C GLU G 1619 43.45 72.50 7.48
N GLN G 1620 44.08 71.56 8.13
CA GLN G 1620 45.55 71.61 8.39
C GLN G 1620 46.37 71.71 7.10
N PHE G 1621 45.82 71.34 5.94
CA PHE G 1621 46.59 71.33 4.67
C PHE G 1621 46.39 72.65 3.95
N GLU G 1622 47.16 73.64 4.38
CA GLU G 1622 47.01 75.06 4.01
C GLU G 1622 47.32 75.26 2.53
N TYR G 1623 48.02 74.32 1.92
CA TYR G 1623 48.33 74.43 0.49
C TYR G 1623 47.34 73.71 -0.38
N VAL G 1624 46.21 73.29 0.16
CA VAL G 1624 45.14 72.75 -0.68
C VAL G 1624 43.84 73.52 -0.46
N LEU G 1625 43.12 73.75 -1.53
CA LEU G 1625 41.78 74.34 -1.56
C LEU G 1625 40.83 73.35 -2.21
N TYR G 1626 39.68 73.15 -1.62
CA TYR G 1626 38.69 72.16 -2.09
C TYR G 1626 37.46 72.84 -2.61
N PRO G 1627 37.38 73.24 -3.88
CA PRO G 1627 36.18 73.90 -4.39
C PRO G 1627 34.99 72.98 -4.58
N SER G 1628 33.80 73.52 -4.37
CA SER G 1628 32.51 72.85 -4.64
C SER G 1628 31.96 73.33 -5.96
N LYS G 1629 32.52 74.37 -6.54
CA LYS G 1629 31.93 74.85 -7.79
C LYS G 1629 32.98 75.23 -8.79
N THR G 1630 32.57 75.17 -10.03
CA THR G 1630 33.41 75.48 -11.17
C THR G 1630 33.92 76.91 -11.03
N LEU G 1631 35.20 77.08 -11.23
CA LEU G 1631 35.87 78.40 -11.30
C LEU G 1631 36.37 78.59 -12.70
N LYS G 1632 35.94 79.67 -13.36
CA LYS G 1632 36.50 80.13 -14.63
C LYS G 1632 37.67 81.07 -14.33
N THR G 1633 38.88 80.58 -14.49
CA THR G 1633 40.11 81.31 -14.15
C THR G 1633 40.51 82.10 -15.38
N ASP G 1634 41.59 82.87 -15.25
CA ASP G 1634 42.16 83.53 -16.42
C ASP G 1634 43.39 82.72 -16.90
N GLY G 1635 43.50 81.47 -16.48
CA GLY G 1635 44.53 80.59 -17.05
C GLY G 1635 45.10 79.67 -16.03
N VAL G 1636 45.30 78.45 -16.46
CA VAL G 1636 46.01 77.46 -15.64
C VAL G 1636 47.23 77.12 -16.42
N ARG G 1637 48.36 77.11 -15.75
CA ARG G 1637 49.67 76.91 -16.37
C ARG G 1637 50.12 75.46 -16.22
N ALA G 1638 49.78 74.79 -15.14
CA ALA G 1638 50.25 73.44 -14.91
C ALA G 1638 49.26 72.73 -14.03
N VAL G 1639 49.14 71.43 -14.24
CA VAL G 1639 48.24 70.59 -13.42
C VAL G 1639 49.06 69.43 -12.95
N SER G 1640 48.89 69.05 -11.72
CA SER G 1640 49.42 67.81 -11.10
C SER G 1640 48.33 66.77 -11.14
N ILE G 1641 48.69 65.54 -11.52
CA ILE G 1641 47.83 64.35 -11.48
C ILE G 1641 48.52 63.38 -10.53
N THR G 1642 47.84 62.94 -9.51
CA THR G 1642 48.40 61.99 -8.54
C THR G 1642 47.52 60.78 -8.49
N SER G 1643 48.12 59.62 -8.33
CA SER G 1643 47.38 58.35 -8.29
C SER G 1643 48.01 57.50 -7.19
N PHE G 1644 47.21 56.69 -6.53
CA PHE G 1644 47.66 55.80 -5.45
C PHE G 1644 46.93 54.51 -5.68
N GLY G 1645 47.61 53.54 -6.24
CA GLY G 1645 47.05 52.22 -6.42
C GLY G 1645 47.30 51.32 -5.26
N PHE G 1646 46.51 50.28 -5.19
CA PHE G 1646 46.77 49.11 -4.34
C PHE G 1646 48.17 48.59 -4.66
N GLY G 1647 48.88 48.20 -3.62
CA GLY G 1647 50.20 47.59 -3.78
C GLY G 1647 51.27 48.66 -3.89
N GLN G 1648 51.07 49.76 -3.18
CA GLN G 1648 52.03 50.88 -3.07
C GLN G 1648 52.33 51.50 -4.43
N LYS G 1649 51.38 51.50 -5.32
CA LYS G 1649 51.58 52.13 -6.63
C LYS G 1649 51.25 53.61 -6.45
N GLY G 1650 52.23 54.45 -6.23
CA GLY G 1650 52.09 55.89 -6.22
C GLY G 1650 52.54 56.45 -7.54
N GLY G 1651 51.86 57.45 -8.04
CA GLY G 1651 52.28 58.12 -9.26
C GLY G 1651 51.97 59.59 -9.24
N GLN G 1652 52.71 60.31 -10.00
CA GLN G 1652 52.45 61.72 -10.22
C GLN G 1652 52.88 62.09 -11.61
N ALA G 1653 52.02 62.84 -12.29
CA ALA G 1653 52.37 63.46 -13.56
C ALA G 1653 52.08 64.95 -13.46
N ILE G 1654 52.88 65.75 -14.12
CA ILE G 1654 52.71 67.19 -14.22
C ILE G 1654 52.50 67.50 -15.69
N VAL G 1655 51.43 68.19 -16.00
CA VAL G 1655 51.14 68.64 -17.37
C VAL G 1655 51.19 70.17 -17.37
N VAL G 1656 51.89 70.68 -18.32
CA VAL G 1656 52.13 72.11 -18.53
C VAL G 1656 51.38 72.52 -19.77
N HIS G 1657 50.83 73.70 -19.67
CA HIS G 1657 50.08 74.35 -20.74
C HIS G 1657 50.89 74.33 -22.01
N PRO G 1658 50.26 73.97 -23.13
CA PRO G 1658 50.98 73.75 -24.36
C PRO G 1658 51.60 75.01 -24.91
N ASP G 1659 51.10 76.19 -24.52
CA ASP G 1659 51.62 77.44 -25.08
C ASP G 1659 53.06 77.67 -24.65
N TYR G 1660 53.53 77.03 -23.59
CA TYR G 1660 54.93 77.17 -23.18
C TYR G 1660 55.82 76.45 -24.19
N LEU G 1661 55.30 75.54 -25.00
CA LEU G 1661 56.17 74.89 -25.99
C LEU G 1661 56.56 75.94 -27.04
N TYR G 1662 55.63 76.81 -27.42
CA TYR G 1662 55.76 77.62 -28.66
C TYR G 1662 56.82 78.68 -28.47
N GLY G 1663 57.15 79.08 -27.24
CA GLY G 1663 58.30 79.97 -26.97
C GLY G 1663 59.63 79.34 -27.31
N ALA G 1664 59.68 78.03 -27.47
CA ALA G 1664 60.93 77.31 -27.80
C ALA G 1664 61.24 77.39 -29.29
N ILE G 1665 60.29 77.78 -30.13
CA ILE G 1665 60.50 77.72 -31.60
C ILE G 1665 60.40 79.13 -32.19
N THR G 1666 60.79 79.24 -33.45
CA THR G 1666 60.76 80.49 -34.24
C THR G 1666 59.36 80.78 -34.74
N GLU G 1667 59.15 82.02 -35.17
CA GLU G 1667 57.86 82.45 -35.74
C GLU G 1667 57.54 81.65 -36.99
N ASP G 1668 58.51 81.42 -37.87
CA ASP G 1668 58.24 80.69 -39.12
C ASP G 1668 57.83 79.24 -38.79
N ARG G 1669 58.52 78.61 -37.86
CA ARG G 1669 58.19 77.21 -37.48
C ARG G 1669 56.77 77.23 -36.91
N TYR G 1670 56.49 78.18 -36.05
CA TYR G 1670 55.17 78.25 -35.43
C TYR G 1670 54.10 78.45 -36.45
N ASN G 1671 54.34 79.34 -37.41
CA ASN G 1671 53.29 79.66 -38.42
C ASN G 1671 53.09 78.50 -39.35
N GLU G 1672 54.15 77.81 -39.73
CA GLU G 1672 54.03 76.57 -40.53
C GLU G 1672 53.15 75.56 -39.75
N TYR G 1673 53.43 75.34 -38.48
CA TYR G 1673 52.68 74.41 -37.61
C TYR G 1673 51.22 74.83 -37.56
N VAL G 1674 50.95 76.10 -37.30
CA VAL G 1674 49.56 76.61 -37.19
C VAL G 1674 48.75 76.26 -38.44
N ALA G 1675 49.34 76.48 -39.59
CA ALA G 1675 48.69 76.18 -40.87
C ALA G 1675 48.47 74.67 -40.98
N LYS G 1676 49.47 73.87 -40.67
CA LYS G 1676 49.29 72.41 -40.79
C LYS G 1676 48.17 71.95 -39.86
N VAL G 1677 48.19 72.41 -38.63
CA VAL G 1677 47.19 71.96 -37.63
C VAL G 1677 45.80 72.40 -38.06
N SER G 1678 45.71 73.60 -38.62
CA SER G 1678 44.41 74.15 -39.05
C SER G 1678 43.83 73.24 -40.13
N ALA G 1679 44.66 72.85 -41.10
CA ALA G 1679 44.21 71.96 -42.17
C ALA G 1679 43.83 70.60 -41.60
N ARG G 1680 44.60 70.10 -40.62
CA ARG G 1680 44.35 68.75 -40.06
C ARG G 1680 43.07 68.74 -39.29
N GLU G 1681 42.78 69.82 -38.59
CA GLU G 1681 41.58 69.97 -37.78
C GLU G 1681 40.33 69.95 -38.66
N LYS G 1682 40.39 70.64 -39.77
CA LYS G 1682 39.27 70.65 -40.74
C LYS G 1682 39.05 69.26 -41.27
N SER G 1683 40.11 68.54 -41.62
CA SER G 1683 40.00 67.14 -42.11
C SER G 1683 39.48 66.21 -41.01
N ALA G 1684 39.79 66.50 -39.75
CA ALA G 1684 39.37 65.66 -38.64
C ALA G 1684 37.87 65.83 -38.41
N TYR G 1685 37.38 67.07 -38.47
CA TYR G 1685 35.93 67.36 -38.34
C TYR G 1685 35.18 66.61 -39.44
N LYS G 1686 35.72 66.67 -40.64
CA LYS G 1686 35.12 65.97 -41.80
C LYS G 1686 35.00 64.51 -41.42
N PHE G 1687 36.11 63.91 -40.99
CA PHE G 1687 36.16 62.48 -40.64
C PHE G 1687 35.21 62.16 -39.52
N PHE G 1688 35.22 62.99 -38.52
CA PHE G 1688 34.42 62.72 -37.34
C PHE G 1688 32.93 62.67 -37.68
N HIS G 1689 32.41 63.69 -38.35
CA HIS G 1689 30.96 63.74 -38.61
C HIS G 1689 30.55 62.63 -39.57
N ASN G 1690 31.38 62.36 -40.57
CA ASN G 1690 31.08 61.22 -41.46
C ASN G 1690 31.01 59.96 -40.62
N GLY G 1691 31.98 59.76 -39.73
CA GLY G 1691 32.05 58.52 -38.98
C GLY G 1691 30.91 58.44 -38.06
N MET G 1692 30.56 59.56 -37.43
CA MET G 1692 29.51 59.49 -36.42
C MET G 1692 28.21 59.07 -37.13
N ILE G 1693 27.85 59.76 -38.18
CA ILE G 1693 26.50 59.51 -38.74
C ILE G 1693 26.47 58.19 -39.49
N TYR G 1694 27.56 57.74 -40.10
CA TYR G 1694 27.55 56.38 -40.72
C TYR G 1694 28.12 55.27 -39.85
N ASN G 1695 28.35 55.51 -38.58
CA ASN G 1695 28.79 54.44 -37.65
C ASN G 1695 30.11 53.82 -38.16
N LYS G 1696 31.05 54.65 -38.55
CA LYS G 1696 32.34 54.19 -39.04
C LYS G 1696 33.46 55.08 -38.51
N LEU G 1697 33.41 55.48 -37.25
CA LEU G 1697 34.61 56.15 -36.69
C LEU G 1697 35.76 55.13 -36.64
N PHE G 1698 35.42 53.92 -36.21
CA PHE G 1698 36.36 52.81 -36.14
C PHE G 1698 36.35 52.10 -37.49
N VAL G 1699 37.47 52.05 -38.17
CA VAL G 1699 37.63 51.24 -39.39
C VAL G 1699 38.86 50.32 -39.22
N SER G 1700 38.62 49.04 -39.04
CA SER G 1700 39.66 47.99 -38.90
C SER G 1700 40.46 47.96 -40.19
N LYS G 1701 41.77 47.80 -40.06
CA LYS G 1701 42.67 47.65 -41.21
C LYS G 1701 42.57 46.21 -41.68
N GLU G 1702 42.53 45.99 -42.97
CA GLU G 1702 42.51 44.59 -43.51
C GLU G 1702 43.96 44.14 -43.64
N HIS G 1703 44.82 45.09 -43.96
CA HIS G 1703 46.21 44.83 -44.39
C HIS G 1703 47.11 45.75 -43.61
N ALA G 1704 48.25 45.22 -43.26
CA ALA G 1704 49.41 45.98 -42.85
C ALA G 1704 49.76 46.92 -43.98
N PRO G 1705 50.53 47.99 -43.72
CA PRO G 1705 50.95 48.90 -44.76
C PRO G 1705 51.98 48.32 -45.74
N TYR G 1706 52.52 47.17 -45.40
CA TYR G 1706 53.46 46.42 -46.24
C TYR G 1706 52.81 45.11 -46.57
N THR G 1707 53.21 44.56 -47.72
CA THR G 1707 52.88 43.15 -48.05
C THR G 1707 53.75 42.22 -47.22
N ASP G 1708 53.33 40.98 -47.04
CA ASP G 1708 54.19 39.90 -46.46
C ASP G 1708 55.57 39.88 -47.11
N GLU G 1709 55.67 40.07 -48.41
CA GLU G 1709 56.95 40.02 -49.16
C GLU G 1709 57.87 41.20 -48.77
N LEU G 1710 57.30 42.36 -48.38
CA LEU G 1710 58.13 43.55 -48.03
C LEU G 1710 58.32 43.68 -46.52
N GLU G 1711 57.64 42.89 -45.72
CA GLU G 1711 57.65 43.03 -44.24
C GLU G 1711 59.08 43.16 -43.73
N GLU G 1712 59.95 42.20 -44.05
CA GLU G 1712 61.29 42.12 -43.47
C GLU G 1712 62.07 43.31 -43.96
N ASP G 1713 61.91 43.66 -45.24
CA ASP G 1713 62.62 44.81 -45.81
C ASP G 1713 62.22 46.08 -45.04
N VAL G 1714 60.94 46.24 -44.76
CA VAL G 1714 60.46 47.43 -44.01
C VAL G 1714 61.04 47.38 -42.60
N TYR G 1715 60.99 46.22 -41.94
CA TYR G 1715 61.50 46.13 -40.58
C TYR G 1715 62.97 46.49 -40.53
N LEU G 1716 63.70 46.21 -41.59
CA LEU G 1716 65.15 46.31 -41.56
C LEU G 1716 65.64 47.61 -42.10
N ASP G 1717 64.77 48.48 -42.61
CA ASP G 1717 65.23 49.80 -43.06
C ASP G 1717 64.65 50.90 -42.18
N PRO G 1718 65.44 51.56 -41.33
CA PRO G 1718 64.90 52.54 -40.38
C PRO G 1718 64.32 53.78 -41.09
N LEU G 1719 64.66 53.94 -42.37
CA LEU G 1719 64.26 55.14 -43.13
C LEU G 1719 63.08 54.82 -44.02
N ALA G 1720 62.49 53.65 -43.92
CA ALA G 1720 61.34 53.27 -44.76
C ALA G 1720 60.12 54.06 -44.32
N ARG G 1721 59.42 54.69 -45.25
CA ARG G 1721 58.21 55.48 -44.97
C ARG G 1721 57.12 55.06 -45.93
N VAL G 1722 55.89 55.17 -45.48
CA VAL G 1722 54.75 54.89 -46.38
C VAL G 1722 54.56 56.10 -47.30
N SER G 1723 53.85 55.85 -48.38
CA SER G 1723 53.49 56.88 -49.39
C SER G 1723 52.13 56.46 -49.94
N LYS G 1724 51.41 57.43 -50.50
CA LYS G 1724 50.07 57.21 -51.08
C LYS G 1724 50.25 56.36 -52.34
N ASP G 1725 49.64 55.19 -52.37
CA ASP G 1725 49.57 54.32 -53.57
C ASP G 1725 48.60 54.98 -54.56
N LYS G 1726 49.04 55.26 -55.79
CA LYS G 1726 48.21 55.96 -56.83
C LYS G 1726 46.90 55.18 -57.10
N LYS G 1727 46.94 53.85 -57.14
CA LYS G 1727 45.75 53.00 -57.46
C LYS G 1727 44.76 52.99 -56.28
N SER G 1728 45.15 52.42 -55.13
CA SER G 1728 44.28 52.24 -53.93
C SER G 1728 43.97 53.58 -53.27
N GLY G 1729 44.88 54.56 -53.35
CA GLY G 1729 44.83 55.77 -52.51
C GLY G 1729 45.32 55.54 -51.07
N SER G 1730 45.59 54.29 -50.68
CA SER G 1730 45.94 53.91 -49.29
C SER G 1730 47.42 54.16 -49.07
N LEU G 1731 47.82 54.33 -47.81
CA LEU G 1731 49.24 54.50 -47.44
C LEU G 1731 49.87 53.12 -47.37
N THR G 1732 50.91 52.94 -48.16
CA THR G 1732 51.61 51.65 -48.25
C THR G 1732 53.10 51.92 -48.35
N PHE G 1733 53.88 50.91 -48.01
CA PHE G 1733 55.32 50.87 -48.34
C PHE G 1733 55.47 50.35 -49.75
N ASN G 1734 56.25 51.07 -50.53
CA ASN G 1734 56.59 50.79 -51.94
C ASN G 1734 58.05 50.37 -51.89
N SER G 1735 58.44 49.33 -52.62
CA SER G 1735 59.84 48.83 -52.75
C SER G 1735 60.80 49.96 -53.11
N LYS G 1736 60.38 50.95 -53.88
CA LYS G 1736 61.24 52.07 -54.35
C LYS G 1736 61.73 52.92 -53.17
N ASN G 1737 60.99 52.97 -52.07
CA ASN G 1737 61.33 53.79 -50.89
C ASN G 1737 62.00 52.95 -49.81
N ILE G 1738 62.32 51.69 -50.09
CA ILE G 1738 62.98 50.77 -49.12
C ILE G 1738 64.44 50.63 -49.53
N GLN G 1739 65.33 50.88 -48.57
CA GLN G 1739 66.81 50.95 -48.74
C GLN G 1739 67.10 51.88 -49.93
N SER G 1740 66.42 53.04 -49.98
CA SER G 1740 66.59 54.04 -51.07
C SER G 1740 67.62 55.07 -50.63
N LYS G 1741 68.55 55.38 -51.52
CA LYS G 1741 69.57 56.44 -51.34
C LYS G 1741 68.91 57.80 -51.03
N ASP G 1742 67.76 58.10 -51.59
CA ASP G 1742 67.10 59.43 -51.44
C ASP G 1742 66.69 59.65 -49.98
N SER G 1743 66.24 58.59 -49.29
CA SER G 1743 65.90 58.60 -47.85
C SER G 1743 67.09 59.14 -47.02
N TYR G 1744 68.31 58.71 -47.36
CA TYR G 1744 69.51 58.95 -46.54
C TYR G 1744 70.28 60.18 -47.05
N ILE G 1745 70.57 60.22 -48.35
CA ILE G 1745 71.31 61.32 -49.02
C ILE G 1745 70.28 62.34 -49.53
N ASN G 1746 70.01 63.35 -48.71
CA ASN G 1746 69.00 64.41 -48.95
C ASN G 1746 69.65 65.55 -49.77
N ALA G 1747 68.88 66.61 -50.07
CA ALA G 1747 69.27 67.79 -50.89
C ALA G 1747 70.44 68.54 -50.23
N ASN G 1748 70.38 68.70 -48.91
CA ASN G 1748 71.40 69.42 -48.12
C ASN G 1748 72.71 68.64 -48.21
N THR G 1749 72.65 67.32 -48.16
CA THR G 1749 73.85 66.47 -48.21
C THR G 1749 74.49 66.63 -49.61
N ILE G 1750 73.67 66.57 -50.65
CA ILE G 1750 74.12 66.66 -52.08
C ILE G 1750 74.78 68.03 -52.32
N GLU G 1751 74.16 69.11 -51.84
CA GLU G 1751 74.66 70.50 -51.96
C GLU G 1751 75.99 70.63 -51.22
N THR G 1752 76.02 70.28 -49.93
CA THR G 1752 77.22 70.40 -49.07
C THR G 1752 78.36 69.58 -49.66
N ALA G 1753 78.12 68.34 -50.11
CA ALA G 1753 79.19 67.45 -50.66
C ALA G 1753 79.77 68.08 -51.93
N LYS G 1754 78.91 68.60 -52.81
CA LYS G 1754 79.31 69.30 -54.07
C LYS G 1754 80.19 70.51 -53.71
N MET G 1755 79.77 71.32 -52.74
CA MET G 1755 80.51 72.52 -52.32
C MET G 1755 81.93 72.13 -51.95
N ILE G 1756 82.10 71.09 -51.14
CA ILE G 1756 83.46 70.73 -50.63
C ILE G 1756 84.18 69.87 -51.68
N GLU G 1757 83.47 69.30 -52.67
CA GLU G 1757 84.07 68.64 -53.86
C GLU G 1757 84.74 69.71 -54.76
N ASN G 1758 84.17 70.91 -54.81
CA ASN G 1758 84.68 72.11 -55.53
C ASN G 1758 85.71 72.89 -54.69
N MET G 1759 86.25 72.26 -53.63
CA MET G 1759 87.29 72.81 -52.73
C MET G 1759 88.57 71.97 -52.79
N THR G 1760 88.54 70.80 -53.44
CA THR G 1760 89.71 69.90 -53.61
C THR G 1760 90.73 70.61 -54.51
N LYS G 1761 92.03 70.40 -54.24
CA LYS G 1761 93.18 71.08 -54.92
C LYS G 1761 93.06 70.96 -56.45
N GLU G 1762 92.66 69.78 -56.94
CA GLU G 1762 92.55 69.46 -58.39
C GLU G 1762 91.39 70.25 -59.02
N LYS G 1763 90.25 70.38 -58.31
CA LYS G 1763 89.05 71.14 -58.79
C LYS G 1763 89.39 72.63 -58.87
N VAL G 1764 89.91 73.21 -57.79
CA VAL G 1764 90.37 74.64 -57.74
C VAL G 1764 91.49 74.78 -56.70
N SER G 1765 92.54 75.53 -57.06
CA SER G 1765 93.72 75.84 -56.21
C SER G 1765 94.27 77.22 -56.62
N ASN G 1766 95.28 77.71 -55.88
CA ASN G 1766 95.98 79.00 -56.13
C ASN G 1766 95.00 80.16 -55.89
N GLY G 1767 94.50 80.27 -54.67
CA GLY G 1767 93.52 81.30 -54.25
C GLY G 1767 93.03 81.05 -52.84
N GLY G 1768 92.65 82.14 -52.13
CA GLY G 1768 92.10 82.10 -50.75
C GLY G 1768 90.82 81.28 -50.70
N VAL G 1769 90.76 80.31 -49.78
CA VAL G 1769 89.57 79.45 -49.52
C VAL G 1769 89.08 79.69 -48.09
N GLY G 1770 87.83 80.11 -47.96
CA GLY G 1770 87.14 80.31 -46.66
C GLY G 1770 85.94 79.37 -46.53
N VAL G 1771 85.88 78.65 -45.41
CA VAL G 1771 84.78 77.72 -45.04
C VAL G 1771 84.15 78.26 -43.75
N ASP G 1772 82.85 78.54 -43.78
CA ASP G 1772 82.13 78.89 -42.53
C ASP G 1772 80.89 78.02 -42.36
N VAL G 1773 80.61 77.65 -41.10
CA VAL G 1773 79.32 77.00 -40.73
C VAL G 1773 78.68 77.84 -39.63
N GLU G 1774 77.36 78.00 -39.73
CA GLU G 1774 76.52 78.63 -38.68
C GLU G 1774 75.39 77.64 -38.41
N LEU G 1775 75.25 77.25 -37.15
CA LEU G 1775 74.04 76.58 -36.64
C LEU G 1775 72.93 77.61 -36.76
N ILE G 1776 71.84 77.28 -37.44
CA ILE G 1776 70.78 78.29 -37.73
C ILE G 1776 70.17 78.75 -36.40
N THR G 1777 70.21 77.93 -35.35
CA THR G 1777 69.64 78.28 -34.02
C THR G 1777 70.41 79.47 -33.40
N SER G 1778 71.60 79.82 -33.92
CA SER G 1778 72.44 80.97 -33.49
C SER G 1778 71.84 82.30 -33.96
N ILE G 1779 71.09 82.28 -35.07
CA ILE G 1779 70.43 83.48 -35.68
C ILE G 1779 69.14 83.78 -34.93
N ASN G 1780 69.10 84.92 -34.24
CA ASN G 1780 67.85 85.52 -33.70
C ASN G 1780 67.36 86.56 -34.73
N VAL G 1781 66.33 86.22 -35.51
CA VAL G 1781 65.76 87.08 -36.60
C VAL G 1781 64.99 88.26 -35.98
N GLU G 1782 64.57 88.15 -34.72
CA GLU G 1782 63.92 89.26 -33.94
C GLU G 1782 64.96 90.29 -33.50
N ASN G 1783 66.25 89.91 -33.43
CA ASN G 1783 67.37 90.78 -32.99
C ASN G 1783 67.67 91.80 -34.10
N ASP G 1784 66.82 92.83 -34.22
CA ASP G 1784 66.85 93.90 -35.26
C ASP G 1784 68.21 94.61 -35.28
N THR G 1785 68.84 94.79 -34.11
CA THR G 1785 70.20 95.37 -33.92
C THR G 1785 71.22 94.57 -34.73
N PHE G 1786 71.36 93.27 -34.45
CA PHE G 1786 72.31 92.33 -35.12
C PHE G 1786 72.03 92.24 -36.63
N ILE G 1787 70.75 92.19 -37.02
CA ILE G 1787 70.31 92.02 -38.44
C ILE G 1787 70.65 93.31 -39.21
N GLU G 1788 70.30 94.48 -38.69
CA GLU G 1788 70.51 95.79 -39.36
C GLU G 1788 72.02 96.07 -39.47
N ARG G 1789 72.78 95.77 -38.40
CA ARG G 1789 74.25 96.00 -38.31
C ARG G 1789 75.01 95.20 -39.38
N ASN G 1790 74.69 93.91 -39.55
CA ASN G 1790 75.52 92.93 -40.30
C ASN G 1790 74.97 92.67 -41.71
N PHE G 1791 73.71 93.03 -41.99
CA PHE G 1791 73.04 92.74 -43.30
C PHE G 1791 72.57 94.04 -43.94
N THR G 1792 72.65 94.10 -45.26
CA THR G 1792 72.15 95.23 -46.10
C THR G 1792 70.63 95.08 -46.22
N PRO G 1793 69.87 96.18 -46.48
CA PRO G 1793 68.42 96.06 -46.75
C PRO G 1793 68.01 95.10 -47.87
N GLN G 1794 68.88 94.85 -48.87
CA GLN G 1794 68.63 93.90 -49.98
C GLN G 1794 68.68 92.46 -49.44
N GLU G 1795 69.70 92.15 -48.64
CA GLU G 1795 69.90 90.83 -47.97
C GLU G 1795 68.75 90.55 -46.98
N ILE G 1796 68.37 91.56 -46.18
CA ILE G 1796 67.25 91.48 -45.20
C ILE G 1796 65.95 91.20 -45.95
N GLU G 1797 65.72 91.85 -47.10
CA GLU G 1797 64.50 91.68 -47.92
C GLU G 1797 64.44 90.25 -48.47
N TYR G 1798 65.58 89.75 -49.00
CA TYR G 1798 65.67 88.40 -49.62
C TYR G 1798 65.39 87.32 -48.57
N CYS G 1799 66.10 87.37 -47.44
CA CYS G 1799 66.04 86.39 -46.32
C CYS G 1799 64.63 86.39 -45.70
N SER G 1800 64.04 87.57 -45.46
CA SER G 1800 62.67 87.75 -44.91
C SER G 1800 61.60 87.10 -45.80
N ALA G 1801 61.81 87.08 -47.13
CA ALA G 1801 60.86 86.54 -48.13
C ALA G 1801 60.95 85.01 -48.23
N GLN G 1802 61.98 84.37 -47.64
CA GLN G 1802 62.22 82.91 -47.76
C GLN G 1802 61.33 82.15 -46.77
N PRO G 1803 61.02 80.85 -47.05
CA PRO G 1803 60.20 80.03 -46.15
C PRO G 1803 60.75 79.94 -44.72
N SER G 1804 62.01 79.52 -44.54
CA SER G 1804 62.75 79.60 -43.25
C SER G 1804 63.65 80.83 -43.28
N VAL G 1805 63.17 81.91 -42.65
CA VAL G 1805 63.90 83.20 -42.53
C VAL G 1805 65.23 82.92 -41.83
N GLN G 1806 65.18 82.19 -40.72
CA GLN G 1806 66.34 81.91 -39.84
C GLN G 1806 67.42 81.17 -40.64
N SER G 1807 67.05 80.11 -41.38
CA SER G 1807 67.97 79.31 -42.21
C SER G 1807 68.60 80.20 -43.31
N SER G 1808 67.81 81.04 -43.98
CA SER G 1808 68.28 81.98 -45.03
C SER G 1808 69.26 83.02 -44.45
N PHE G 1809 68.93 83.67 -43.34
CA PHE G 1809 69.88 84.57 -42.63
C PHE G 1809 71.16 83.83 -42.25
N ALA G 1810 71.07 82.60 -41.75
CA ALA G 1810 72.24 81.77 -41.37
C ALA G 1810 73.05 81.48 -42.62
N GLY G 1811 72.40 81.15 -43.73
CA GLY G 1811 73.02 80.93 -45.05
C GLY G 1811 73.82 82.16 -45.50
N THR G 1812 73.24 83.35 -45.31
CA THR G 1812 73.86 84.65 -45.71
C THR G 1812 75.00 84.97 -44.73
N TRP G 1813 74.78 84.82 -43.43
CA TRP G 1813 75.82 85.09 -42.41
C TRP G 1813 77.02 84.19 -42.67
N SER G 1814 76.77 82.92 -42.98
CA SER G 1814 77.83 81.92 -43.24
C SER G 1814 78.62 82.34 -44.49
N ALA G 1815 77.95 82.75 -45.56
CA ALA G 1815 78.54 83.30 -46.81
C ALA G 1815 79.49 84.46 -46.50
N LYS G 1816 78.99 85.50 -45.82
CA LYS G 1816 79.77 86.70 -45.42
C LYS G 1816 81.05 86.29 -44.69
N GLU G 1817 80.94 85.42 -43.69
CA GLU G 1817 82.07 84.94 -42.84
C GLU G 1817 83.03 84.08 -43.67
N ALA G 1818 82.53 83.32 -44.65
CA ALA G 1818 83.37 82.46 -45.52
C ALA G 1818 84.19 83.36 -46.45
N VAL G 1819 83.55 84.39 -47.04
CA VAL G 1819 84.21 85.42 -47.88
C VAL G 1819 85.31 86.11 -47.06
N PHE G 1820 85.00 86.62 -45.88
CA PHE G 1820 85.96 87.29 -44.96
C PHE G 1820 87.19 86.38 -44.71
N LYS G 1821 86.98 85.08 -44.50
CA LYS G 1821 88.08 84.09 -44.27
C LYS G 1821 88.89 83.89 -45.55
N SER G 1822 88.26 83.96 -46.73
CA SER G 1822 88.91 83.76 -48.06
C SER G 1822 89.85 84.94 -48.37
N LEU G 1823 89.43 86.17 -48.06
CA LEU G 1823 90.25 87.42 -48.22
C LEU G 1823 91.50 87.30 -47.35
N GLY G 1824 91.35 86.90 -46.08
CA GLY G 1824 92.44 86.56 -45.15
C GLY G 1824 93.04 87.78 -44.47
N VAL G 1825 92.24 88.83 -44.25
CA VAL G 1825 92.67 90.15 -43.68
C VAL G 1825 92.27 90.24 -42.20
N ALA G 1833 82.16 94.79 -38.77
CA ALA G 1833 80.84 94.32 -39.28
C ALA G 1833 81.00 93.70 -40.68
N LEU G 1834 80.14 92.74 -41.00
CA LEU G 1834 80.16 91.97 -42.28
C LEU G 1834 79.28 92.66 -43.33
N LYS G 1835 78.67 93.81 -43.04
CA LYS G 1835 77.76 94.55 -43.97
C LYS G 1835 78.53 94.95 -45.24
N ASP G 1836 79.82 95.24 -45.11
CA ASP G 1836 80.76 95.55 -46.22
C ASP G 1836 80.67 94.48 -47.31
N ILE G 1837 80.54 93.20 -46.93
CA ILE G 1837 80.40 92.03 -47.85
C ILE G 1837 78.90 91.80 -48.08
N GLU G 1838 78.40 92.14 -49.27
CA GLU G 1838 76.99 91.90 -49.69
C GLU G 1838 76.94 90.62 -50.54
N ILE G 1839 76.01 89.72 -50.19
CA ILE G 1839 75.67 88.48 -50.95
C ILE G 1839 74.36 88.77 -51.70
N VAL G 1840 74.42 88.78 -53.03
CA VAL G 1840 73.23 88.96 -53.93
C VAL G 1840 72.72 87.59 -54.30
N ARG G 1841 71.51 87.24 -53.85
CA ARG G 1841 70.91 85.88 -53.95
C ARG G 1841 69.66 85.94 -54.84
N VAL G 1842 69.65 85.15 -55.91
CA VAL G 1842 68.50 84.95 -56.83
C VAL G 1842 68.07 83.48 -56.69
N ASN G 1843 66.75 83.22 -56.72
CA ASN G 1843 66.14 81.87 -56.53
C ASN G 1843 66.73 80.90 -57.57
N LYS G 1844 67.06 79.67 -57.13
CA LYS G 1844 67.68 78.56 -57.91
C LYS G 1844 68.81 79.09 -58.81
N ASN G 1845 69.62 80.03 -58.30
CA ASN G 1845 70.80 80.64 -58.99
C ASN G 1845 71.94 80.79 -57.98
N ALA G 1846 73.19 80.70 -58.45
CA ALA G 1846 74.41 80.81 -57.62
C ALA G 1846 74.52 82.24 -57.06
N PRO G 1847 74.79 82.42 -55.75
CA PRO G 1847 74.88 83.76 -55.17
C PRO G 1847 76.18 84.47 -55.59
N ALA G 1848 76.13 85.81 -55.66
CA ALA G 1848 77.25 86.68 -56.10
C ALA G 1848 77.75 87.49 -54.90
N VAL G 1849 79.06 87.69 -54.81
CA VAL G 1849 79.74 88.50 -53.75
C VAL G 1849 80.06 89.88 -54.32
N GLU G 1850 79.75 90.94 -53.56
CA GLU G 1850 80.01 92.37 -53.89
C GLU G 1850 80.59 93.07 -52.66
N LEU G 1851 81.85 93.51 -52.74
CA LEU G 1851 82.58 94.19 -51.63
C LEU G 1851 82.42 95.70 -51.80
N HIS G 1852 81.97 96.41 -50.75
CA HIS G 1852 81.51 97.83 -50.80
C HIS G 1852 82.52 98.74 -50.10
N GLY G 1853 82.60 98.69 -48.76
CA GLY G 1853 83.41 99.61 -47.95
C GLY G 1853 84.86 99.16 -47.82
N ASN G 1854 85.31 98.90 -46.59
CA ASN G 1854 86.73 98.55 -46.24
C ASN G 1854 87.10 97.17 -46.78
N ALA G 1855 86.11 96.29 -47.02
CA ALA G 1855 86.28 94.95 -47.61
C ALA G 1855 86.79 95.06 -49.05
N LYS G 1856 86.27 96.05 -49.82
CA LYS G 1856 86.72 96.35 -51.21
C LYS G 1856 88.19 96.78 -51.19
N LYS G 1857 88.55 97.69 -50.28
CA LYS G 1857 89.93 98.19 -50.08
C LYS G 1857 90.86 97.03 -49.69
N ALA G 1858 90.44 96.18 -48.74
CA ALA G 1858 91.20 95.03 -48.21
C ALA G 1858 91.47 93.99 -49.32
N ALA G 1859 90.50 93.79 -50.23
CA ALA G 1859 90.59 92.90 -51.41
C ALA G 1859 91.57 93.48 -52.44
N GLU G 1860 91.58 94.80 -52.61
CA GLU G 1860 92.52 95.54 -53.51
C GLU G 1860 93.96 95.41 -53.00
N GLU G 1861 94.18 95.43 -51.68
CA GLU G 1861 95.53 95.29 -51.03
C GLU G 1861 96.15 93.94 -51.39
N ALA G 1862 95.37 92.86 -51.33
CA ALA G 1862 95.79 91.46 -51.62
C ALA G 1862 95.66 91.14 -53.12
N GLY G 1863 95.12 92.06 -53.92
CA GLY G 1863 94.96 91.92 -55.38
C GLY G 1863 93.93 90.86 -55.75
N VAL G 1864 92.84 90.76 -54.98
CA VAL G 1864 91.72 89.81 -55.20
C VAL G 1864 90.83 90.38 -56.31
N THR G 1865 90.72 89.66 -57.44
CA THR G 1865 89.98 90.06 -58.66
C THR G 1865 88.50 89.66 -58.52
N ASP G 1866 88.25 88.38 -58.24
CA ASP G 1866 86.89 87.78 -58.12
C ASP G 1866 86.76 87.04 -56.78
N VAL G 1867 85.56 87.10 -56.17
CA VAL G 1867 85.15 86.27 -55.00
C VAL G 1867 83.85 85.54 -55.39
N LYS G 1868 83.86 84.21 -55.39
CA LYS G 1868 82.64 83.38 -55.59
C LYS G 1868 82.33 82.66 -54.27
N VAL G 1869 81.04 82.42 -54.00
CA VAL G 1869 80.57 81.74 -52.75
C VAL G 1869 79.48 80.72 -53.13
N SER G 1870 79.53 79.56 -52.47
CA SER G 1870 78.45 78.54 -52.47
C SER G 1870 77.86 78.47 -51.06
N ILE G 1871 76.54 78.25 -50.96
CA ILE G 1871 75.80 78.19 -49.67
C ILE G 1871 74.86 76.98 -49.72
N SER G 1872 74.95 76.12 -48.70
CA SER G 1872 73.89 75.15 -48.34
C SER G 1872 73.34 75.54 -46.96
N HIS G 1873 72.03 75.40 -46.78
CA HIS G 1873 71.41 75.65 -45.46
C HIS G 1873 70.16 74.77 -45.34
N ASP G 1874 69.89 74.30 -44.12
CA ASP G 1874 68.73 73.43 -43.81
C ASP G 1874 68.25 73.79 -42.40
N ASP G 1875 67.51 72.91 -41.74
CA ASP G 1875 66.91 73.18 -40.41
C ASP G 1875 68.00 73.16 -39.33
N LEU G 1876 69.21 72.69 -39.62
CA LEU G 1876 70.29 72.58 -38.59
C LEU G 1876 71.38 73.64 -38.78
N GLN G 1877 71.97 73.70 -39.97
CA GLN G 1877 73.23 74.46 -40.17
C GLN G 1877 73.25 75.08 -41.57
N ALA G 1878 74.02 76.15 -41.69
CA ALA G 1878 74.36 76.86 -42.94
C ALA G 1878 75.84 76.64 -43.17
N VAL G 1879 76.21 76.08 -44.32
CA VAL G 1879 77.64 75.91 -44.71
C VAL G 1879 77.86 76.83 -45.92
N ALA G 1880 78.93 77.60 -45.90
CA ALA G 1880 79.35 78.47 -47.02
C ALA G 1880 80.81 78.21 -47.33
N VAL G 1881 81.10 77.98 -48.61
CA VAL G 1881 82.49 77.89 -49.15
C VAL G 1881 82.70 79.08 -50.08
N ALA G 1882 83.67 79.95 -49.74
CA ALA G 1882 84.09 81.12 -50.55
C ALA G 1882 85.49 80.85 -51.11
N VAL G 1883 85.66 81.03 -52.42
CA VAL G 1883 86.98 81.03 -53.14
C VAL G 1883 87.23 82.44 -53.68
N SER G 1884 88.27 83.12 -53.18
CA SER G 1884 88.79 84.42 -53.66
C SER G 1884 89.99 84.16 -54.58
N THR G 1885 89.87 84.54 -55.87
CA THR G 1885 90.90 84.34 -56.94
C THR G 1885 91.49 85.70 -57.33
N LYS G 1886 92.82 85.75 -57.52
CA LYS G 1886 93.60 86.96 -57.91
C LYS G 1886 93.82 86.97 -59.43
N SER H 5 -51.95 34.72 -118.59
CA SER H 5 -52.31 34.16 -117.24
C SER H 5 -51.15 33.29 -116.71
N THR H 6 -50.75 33.49 -115.46
CA THR H 6 -49.62 32.81 -114.78
C THR H 6 -50.03 32.43 -113.35
N ARG H 7 -49.40 31.39 -112.78
CA ARG H 7 -49.55 31.02 -111.35
C ARG H 7 -48.18 31.04 -110.67
N PRO H 8 -48.05 31.62 -109.44
CA PRO H 8 -46.80 31.57 -108.69
C PRO H 8 -46.39 30.14 -108.29
N LEU H 9 -45.16 29.75 -108.62
CA LEU H 9 -44.51 28.49 -108.19
C LEU H 9 -43.35 28.82 -107.25
N THR H 10 -43.42 28.33 -106.01
CA THR H 10 -42.42 28.56 -104.94
C THR H 10 -41.43 27.40 -104.94
N LEU H 11 -40.15 27.68 -105.19
CA LEU H 11 -39.01 26.74 -105.01
C LEU H 11 -38.15 27.28 -103.86
N SER H 12 -37.95 26.48 -102.81
CA SER H 12 -37.42 26.92 -101.49
C SER H 12 -36.43 25.88 -100.93
N HIS H 13 -35.67 26.32 -99.93
CA HIS H 13 -34.71 25.48 -99.15
C HIS H 13 -34.50 26.15 -97.79
N GLY H 14 -35.25 25.71 -96.77
CA GLY H 14 -35.29 26.35 -95.45
C GLY H 14 -35.92 27.73 -95.54
N SER H 15 -35.29 28.74 -94.94
CA SER H 15 -35.78 30.14 -94.87
C SER H 15 -35.83 30.75 -96.28
N LEU H 16 -34.74 30.62 -97.05
CA LEU H 16 -34.60 31.26 -98.39
C LEU H 16 -35.54 30.56 -99.38
N GLU H 17 -36.13 31.33 -100.29
CA GLU H 17 -37.10 30.87 -101.32
C GLU H 17 -37.06 31.84 -102.51
N HIS H 18 -37.60 31.41 -103.64
CA HIS H 18 -37.85 32.24 -104.85
C HIS H 18 -39.19 31.83 -105.46
N VAL H 19 -40.00 32.82 -105.83
CA VAL H 19 -41.33 32.63 -106.47
C VAL H 19 -41.18 32.93 -107.96
N LEU H 20 -41.62 32.02 -108.82
CA LEU H 20 -41.52 32.11 -110.29
C LEU H 20 -42.94 32.15 -110.88
N LEU H 21 -43.29 33.22 -111.61
CA LEU H 21 -44.59 33.37 -112.31
C LEU H 21 -44.55 32.48 -113.56
N VAL H 22 -44.93 31.21 -113.41
CA VAL H 22 -44.95 30.19 -114.52
C VAL H 22 -46.25 30.41 -115.31
N PRO H 23 -46.21 30.43 -116.66
CA PRO H 23 -47.43 30.38 -117.47
C PRO H 23 -48.30 29.16 -117.13
N THR H 24 -49.62 29.33 -117.08
CA THR H 24 -50.61 28.26 -116.73
C THR H 24 -50.52 27.11 -117.75
N ALA H 25 -50.18 27.41 -119.02
CA ALA H 25 -50.06 26.44 -120.14
C ALA H 25 -49.00 25.38 -119.86
N SER H 26 -47.92 25.72 -119.14
CA SER H 26 -46.78 24.80 -118.82
C SER H 26 -46.58 24.66 -117.31
N PHE H 27 -47.51 25.13 -116.46
CA PHE H 27 -47.42 25.07 -114.98
C PHE H 27 -47.40 23.61 -114.51
N PHE H 28 -48.15 22.75 -115.20
CA PHE H 28 -48.27 21.28 -114.94
C PHE H 28 -46.87 20.65 -114.99
N ILE H 29 -46.11 20.89 -116.06
CA ILE H 29 -44.75 20.30 -116.27
C ILE H 29 -43.73 20.98 -115.34
N ALA H 30 -43.92 22.27 -115.04
CA ALA H 30 -43.07 23.04 -114.11
C ALA H 30 -43.25 22.53 -112.67
N SER H 31 -44.47 22.16 -112.28
CA SER H 31 -44.81 21.60 -110.95
C SER H 31 -44.18 20.20 -110.81
N GLN H 32 -44.23 19.41 -111.90
CA GLN H 32 -43.53 18.10 -112.03
C GLN H 32 -42.05 18.29 -111.67
N LEU H 33 -41.35 19.15 -112.42
CA LEU H 33 -39.90 19.46 -112.26
C LEU H 33 -39.63 20.01 -110.85
N GLN H 34 -40.50 20.90 -110.34
CA GLN H 34 -40.45 21.45 -108.97
C GLN H 34 -40.40 20.30 -107.95
N GLU H 35 -41.32 19.33 -108.09
CA GLU H 35 -41.44 18.16 -107.18
C GLU H 35 -40.15 17.32 -107.27
N GLN H 36 -39.71 17.01 -108.50
CA GLN H 36 -38.46 16.24 -108.78
C GLN H 36 -37.25 16.96 -108.17
N PHE H 37 -37.10 18.27 -108.41
CA PHE H 37 -35.96 19.09 -107.92
C PHE H 37 -35.97 19.15 -106.39
N ASN H 38 -37.13 19.31 -105.77
CA ASN H 38 -37.29 19.40 -104.30
C ASN H 38 -36.90 18.05 -103.66
N LYS H 39 -37.14 16.94 -104.37
CA LYS H 39 -36.71 15.57 -103.96
C LYS H 39 -35.17 15.46 -104.03
N ILE H 40 -34.58 15.86 -105.16
CA ILE H 40 -33.10 15.83 -105.45
C ILE H 40 -32.35 16.69 -104.42
N LEU H 41 -32.87 17.88 -104.11
CA LEU H 41 -32.23 18.87 -103.20
C LEU H 41 -32.05 18.22 -101.82
N PRO H 42 -30.89 18.41 -101.14
CA PRO H 42 -30.69 17.87 -99.80
C PRO H 42 -31.50 18.61 -98.74
N GLU H 43 -31.42 18.16 -97.48
CA GLU H 43 -32.22 18.69 -96.35
C GLU H 43 -31.61 20.02 -95.91
N PRO H 44 -32.41 21.08 -95.61
CA PRO H 44 -31.86 22.33 -95.07
C PRO H 44 -31.16 22.15 -93.72
N THR H 45 -30.13 22.97 -93.47
CA THR H 45 -29.41 23.05 -92.17
C THR H 45 -29.21 24.53 -91.82
N GLU H 46 -28.89 24.80 -90.54
CA GLU H 46 -28.52 26.14 -89.99
C GLU H 46 -27.37 26.74 -90.83
N GLY H 47 -27.54 27.98 -91.31
CA GLY H 47 -26.51 28.77 -92.02
C GLY H 47 -26.23 28.28 -93.44
N PHE H 48 -26.84 27.16 -93.86
CA PHE H 48 -26.65 26.48 -95.17
C PHE H 48 -25.17 26.13 -95.40
N ALA H 49 -24.43 25.82 -94.32
CA ALA H 49 -22.96 25.66 -94.32
C ALA H 49 -22.55 24.37 -95.03
N ALA H 50 -23.41 23.33 -95.03
CA ALA H 50 -23.17 22.03 -95.69
C ALA H 50 -23.07 22.22 -97.21
N ASP H 51 -22.41 21.29 -97.90
CA ASP H 51 -22.09 21.36 -99.34
C ASP H 51 -23.26 20.85 -100.17
N ASP H 52 -23.33 21.30 -101.43
CA ASP H 52 -24.36 20.93 -102.44
C ASP H 52 -25.77 21.38 -101.98
N GLU H 53 -25.86 22.42 -101.12
CA GLU H 53 -27.13 23.11 -100.76
C GLU H 53 -26.94 24.62 -100.89
N PRO H 54 -27.92 25.34 -101.47
CA PRO H 54 -27.76 26.77 -101.74
C PRO H 54 -27.78 27.62 -100.45
N THR H 55 -27.06 28.75 -100.46
CA THR H 55 -26.98 29.74 -99.36
C THR H 55 -27.83 30.97 -99.66
N THR H 56 -28.13 31.26 -100.94
CA THR H 56 -28.91 32.44 -101.40
C THR H 56 -29.97 31.99 -102.40
N PRO H 57 -31.04 32.79 -102.60
CA PRO H 57 -32.06 32.46 -103.62
C PRO H 57 -31.47 32.31 -105.04
N ALA H 58 -30.45 33.11 -105.37
CA ALA H 58 -29.71 33.07 -106.65
C ALA H 58 -29.11 31.67 -106.87
N GLU H 59 -28.43 31.12 -105.86
CA GLU H 59 -27.83 29.76 -105.89
C GLU H 59 -28.93 28.72 -106.10
N LEU H 60 -30.02 28.83 -105.34
CA LEU H 60 -31.17 27.86 -105.37
C LEU H 60 -31.77 27.82 -106.78
N VAL H 61 -31.99 28.98 -107.40
CA VAL H 61 -32.55 29.07 -108.78
C VAL H 61 -31.51 28.53 -109.77
N GLY H 62 -30.21 28.77 -109.50
CA GLY H 62 -29.08 28.19 -110.26
C GLY H 62 -29.16 26.67 -110.28
N LYS H 63 -29.21 26.05 -109.09
CA LYS H 63 -29.32 24.57 -108.89
C LYS H 63 -30.54 24.03 -109.63
N PHE H 64 -31.68 24.74 -109.58
CA PHE H 64 -32.94 24.34 -110.27
C PHE H 64 -32.70 24.41 -111.78
N LEU H 65 -32.10 25.52 -112.25
CA LEU H 65 -31.66 25.71 -113.66
C LEU H 65 -30.75 24.54 -114.06
N GLY H 66 -29.76 24.24 -113.22
CA GLY H 66 -28.82 23.12 -113.38
C GLY H 66 -29.54 21.80 -113.59
N TYR H 67 -30.47 21.50 -112.68
CA TYR H 67 -31.25 20.23 -112.67
C TYR H 67 -32.06 20.09 -113.97
N VAL H 68 -32.81 21.13 -114.34
CA VAL H 68 -33.67 21.14 -115.57
C VAL H 68 -32.77 20.97 -116.81
N SER H 69 -31.63 21.66 -116.86
CA SER H 69 -30.65 21.63 -117.99
C SER H 69 -30.05 20.21 -118.13
N SER H 70 -29.91 19.48 -117.03
CA SER H 70 -29.41 18.08 -117.00
C SER H 70 -30.38 17.15 -117.76
N LEU H 71 -31.69 17.36 -117.61
CA LEU H 71 -32.75 16.51 -118.21
C LEU H 71 -32.91 16.86 -119.69
N VAL H 72 -32.96 18.16 -120.04
CA VAL H 72 -33.19 18.64 -121.44
C VAL H 72 -32.03 18.15 -122.30
N GLU H 73 -32.36 17.54 -123.45
CA GLU H 73 -31.38 17.11 -124.48
C GLU H 73 -31.22 18.23 -125.50
N PRO H 74 -29.99 18.55 -125.96
CA PRO H 74 -29.80 19.62 -126.94
C PRO H 74 -30.34 19.26 -128.33
N SER H 75 -30.14 18.01 -128.77
CA SER H 75 -30.58 17.51 -130.10
C SER H 75 -32.12 17.41 -130.15
N LYS H 76 -32.72 16.61 -129.26
CA LYS H 76 -34.17 16.29 -129.25
C LYS H 76 -34.93 17.41 -128.51
N VAL H 77 -36.00 17.94 -129.11
CA VAL H 77 -36.93 18.91 -128.48
C VAL H 77 -37.75 18.14 -127.43
N GLY H 78 -37.73 18.62 -126.19
CA GLY H 78 -38.42 18.00 -125.03
C GLY H 78 -39.45 18.94 -124.44
N GLN H 79 -40.23 18.43 -123.47
CA GLN H 79 -41.30 19.18 -122.76
C GLN H 79 -40.68 20.22 -121.83
N PHE H 80 -39.49 19.93 -121.28
CA PHE H 80 -38.83 20.73 -120.21
C PHE H 80 -38.14 21.97 -120.81
N ASP H 81 -37.94 22.01 -122.13
CA ASP H 81 -37.28 23.12 -122.88
C ASP H 81 -37.94 24.46 -122.55
N GLN H 82 -39.26 24.53 -122.62
CA GLN H 82 -40.04 25.79 -122.42
C GLN H 82 -39.87 26.27 -120.97
N VAL H 83 -39.87 25.34 -120.01
CA VAL H 83 -39.67 25.63 -118.56
C VAL H 83 -38.23 26.10 -118.34
N LEU H 84 -37.26 25.50 -119.06
CA LEU H 84 -35.83 25.91 -118.98
C LEU H 84 -35.72 27.38 -119.39
N ASN H 85 -36.15 27.71 -120.61
CA ASN H 85 -36.12 29.08 -121.20
C ASN H 85 -36.79 30.08 -120.26
N LEU H 86 -37.93 29.69 -119.66
CA LEU H 86 -38.77 30.55 -118.78
C LEU H 86 -38.01 30.87 -117.48
N CYS H 87 -37.48 29.86 -116.78
CA CYS H 87 -36.76 30.01 -115.48
C CYS H 87 -35.37 30.63 -115.70
N LEU H 88 -34.80 30.47 -116.90
CA LEU H 88 -33.54 31.13 -117.32
C LEU H 88 -33.79 32.64 -117.41
N THR H 89 -34.78 33.03 -118.21
CA THR H 89 -35.26 34.44 -118.37
C THR H 89 -35.52 35.05 -116.99
N GLU H 90 -36.19 34.32 -116.08
CA GLU H 90 -36.50 34.80 -114.70
C GLU H 90 -35.19 35.05 -113.94
N PHE H 91 -34.23 34.13 -114.01
CA PHE H 91 -32.90 34.22 -113.33
C PHE H 91 -32.15 35.47 -113.83
N GLU H 92 -32.10 35.64 -115.15
CA GLU H 92 -31.48 36.81 -115.82
C GLU H 92 -32.09 38.11 -115.28
N ASN H 93 -33.42 38.25 -115.33
CA ASN H 93 -34.14 39.52 -115.01
C ASN H 93 -34.12 39.79 -113.50
N CYS H 94 -33.95 38.75 -112.67
CA CYS H 94 -34.01 38.85 -111.18
C CYS H 94 -32.63 39.12 -110.57
N TYR H 95 -31.56 38.49 -111.09
CA TYR H 95 -30.21 38.46 -110.45
C TYR H 95 -29.12 39.04 -111.37
N LEU H 96 -29.18 38.83 -112.68
CA LEU H 96 -28.26 39.45 -113.67
C LEU H 96 -28.87 40.79 -114.15
N GLU H 97 -28.72 41.85 -113.34
CA GLU H 97 -29.16 43.22 -113.70
C GLU H 97 -28.30 43.71 -114.88
N GLY H 98 -28.54 43.15 -116.08
CA GLY H 98 -27.76 43.39 -117.31
C GLY H 98 -26.34 42.85 -117.24
N ASN H 99 -25.83 42.53 -116.04
CA ASN H 99 -24.39 42.26 -115.76
C ASN H 99 -24.10 40.80 -116.16
N ASP H 100 -22.84 40.39 -116.07
CA ASP H 100 -22.37 39.01 -116.40
C ASP H 100 -22.54 38.11 -115.17
N ILE H 101 -22.68 36.81 -115.40
CA ILE H 101 -22.78 35.76 -114.34
C ILE H 101 -21.61 35.85 -113.37
N HIS H 102 -20.42 36.21 -113.84
CA HIS H 102 -19.19 36.39 -113.02
C HIS H 102 -19.36 37.57 -112.07
N ALA H 103 -19.93 38.68 -112.56
CA ALA H 103 -20.20 39.90 -111.77
C ALA H 103 -21.13 39.54 -110.60
N LEU H 104 -22.18 38.75 -110.87
CA LEU H 104 -23.11 38.21 -109.85
C LEU H 104 -22.33 37.34 -108.86
N ALA H 105 -21.64 36.33 -109.37
CA ALA H 105 -20.78 35.39 -108.59
C ALA H 105 -19.84 36.17 -107.66
N ALA H 106 -19.15 37.20 -108.19
CA ALA H 106 -18.23 38.08 -107.43
C ALA H 106 -19.00 38.89 -106.39
N LYS H 107 -20.22 39.34 -106.71
CA LYS H 107 -21.13 40.08 -105.79
C LYS H 107 -21.46 39.19 -104.59
N LEU H 108 -21.95 37.97 -104.85
CA LEU H 108 -22.30 36.94 -103.82
C LEU H 108 -21.10 36.67 -102.90
N LEU H 109 -19.91 36.53 -103.49
CA LEU H 109 -18.65 36.13 -102.78
C LEU H 109 -18.36 37.11 -101.63
N GLN H 110 -18.51 38.42 -101.86
CA GLN H 110 -18.11 39.49 -100.90
C GLN H 110 -19.30 39.91 -100.03
N GLU H 111 -20.55 39.81 -100.52
CA GLU H 111 -21.79 40.18 -99.76
C GLU H 111 -22.21 39.00 -98.89
N ASN H 112 -22.65 37.90 -99.51
CA ASN H 112 -23.30 36.75 -98.84
C ASN H 112 -22.23 35.76 -98.35
N ASP H 113 -22.63 34.74 -97.58
CA ASP H 113 -21.73 33.69 -97.04
C ASP H 113 -21.74 32.50 -98.01
N THR H 114 -21.38 32.77 -99.27
CA THR H 114 -21.21 31.77 -100.35
C THR H 114 -19.73 31.42 -100.46
N THR H 115 -19.39 30.14 -100.56
CA THR H 115 -18.00 29.63 -100.73
C THR H 115 -17.64 29.68 -102.22
N LEU H 116 -16.35 29.49 -102.53
CA LEU H 116 -15.80 29.58 -103.90
C LEU H 116 -16.37 28.46 -104.76
N VAL H 117 -16.49 27.24 -104.22
CA VAL H 117 -17.03 26.03 -104.92
C VAL H 117 -18.53 26.22 -105.24
N LYS H 118 -19.32 26.77 -104.30
CA LYS H 118 -20.77 27.05 -104.49
C LYS H 118 -20.95 28.08 -105.62
N THR H 119 -20.12 29.13 -105.61
CA THR H 119 -20.07 30.21 -106.62
C THR H 119 -19.75 29.66 -108.02
N LYS H 120 -18.73 28.81 -108.13
CA LYS H 120 -18.33 28.16 -109.42
C LYS H 120 -19.47 27.27 -109.91
N GLU H 121 -20.15 26.59 -108.99
CA GLU H 121 -21.31 25.69 -109.30
C GLU H 121 -22.43 26.54 -109.91
N LEU H 122 -22.70 27.72 -109.32
CA LEU H 122 -23.70 28.70 -109.81
C LEU H 122 -23.37 29.12 -111.25
N ILE H 123 -22.11 29.48 -111.49
CA ILE H 123 -21.60 29.91 -112.84
C ILE H 123 -21.82 28.76 -113.83
N LYS H 124 -21.46 27.53 -113.45
CA LYS H 124 -21.58 26.33 -114.31
C LYS H 124 -23.05 26.10 -114.66
N ASN H 125 -23.93 26.12 -113.65
CA ASN H 125 -25.39 25.94 -113.83
C ASN H 125 -25.88 26.96 -114.86
N TYR H 126 -25.64 28.25 -114.61
CA TYR H 126 -26.11 29.35 -115.50
C TYR H 126 -25.60 29.13 -116.94
N ILE H 127 -24.31 28.81 -117.10
CA ILE H 127 -23.65 28.73 -118.44
C ILE H 127 -24.15 27.47 -119.16
N THR H 128 -24.34 26.37 -118.43
CA THR H 128 -24.85 25.08 -118.99
C THR H 128 -26.29 25.31 -119.49
N ALA H 129 -27.16 25.83 -118.62
CA ALA H 129 -28.55 26.26 -118.93
C ALA H 129 -28.58 27.12 -120.21
N ARG H 130 -27.73 28.14 -120.32
CA ARG H 130 -27.68 29.05 -121.49
C ARG H 130 -27.47 28.23 -122.77
N ILE H 131 -26.58 27.26 -122.74
CA ILE H 131 -26.20 26.44 -123.94
C ILE H 131 -27.30 25.41 -124.23
N MET H 132 -27.86 24.78 -123.19
CA MET H 132 -28.92 23.75 -123.32
C MET H 132 -30.22 24.40 -123.84
N ALA H 133 -30.50 25.65 -123.43
CA ALA H 133 -31.69 26.44 -123.84
C ALA H 133 -31.55 27.03 -125.25
N LYS H 134 -30.54 26.62 -126.04
CA LYS H 134 -30.28 27.07 -127.44
C LYS H 134 -30.04 28.59 -127.47
N ARG H 135 -29.50 29.16 -126.39
CA ARG H 135 -29.21 30.62 -126.26
C ARG H 135 -27.71 30.80 -126.08
N PRO H 136 -26.89 30.60 -127.14
CA PRO H 136 -25.45 30.82 -127.05
C PRO H 136 -25.13 32.29 -126.72
N PHE H 137 -23.85 32.63 -126.61
CA PHE H 137 -23.37 34.00 -126.33
C PHE H 137 -22.94 34.63 -127.67
N ASP H 138 -23.88 34.68 -128.64
CA ASP H 138 -23.63 35.21 -130.01
C ASP H 138 -23.60 36.75 -129.95
N LYS H 139 -24.39 37.35 -129.06
CA LYS H 139 -24.38 38.83 -128.80
C LYS H 139 -23.05 39.19 -128.15
N LYS H 140 -22.34 40.16 -128.73
CA LYS H 140 -21.14 40.80 -128.11
C LYS H 140 -21.57 41.42 -126.78
N SER H 141 -20.79 41.21 -125.73
CA SER H 141 -21.08 41.73 -124.37
C SER H 141 -20.87 43.25 -124.36
N ASN H 142 -21.40 43.91 -123.33
CA ASN H 142 -21.21 45.36 -123.08
C ASN H 142 -20.18 45.52 -121.95
N SER H 143 -19.16 44.65 -121.88
CA SER H 143 -18.08 44.74 -120.87
C SER H 143 -17.46 46.13 -120.94
N ALA H 144 -17.33 46.80 -119.79
CA ALA H 144 -16.77 48.15 -119.69
C ALA H 144 -15.35 48.16 -120.25
N LEU H 145 -14.57 47.12 -119.94
CA LEU H 145 -13.14 47.02 -120.32
C LEU H 145 -13.02 47.11 -121.84
N PHE H 146 -13.78 46.28 -122.56
CA PHE H 146 -13.67 46.16 -124.03
C PHE H 146 -14.35 47.36 -124.71
N ARG H 147 -15.37 47.95 -124.06
CA ARG H 147 -15.94 49.26 -124.48
C ARG H 147 -14.81 50.29 -124.45
N ALA H 148 -14.14 50.44 -123.30
CA ALA H 148 -12.99 51.36 -123.09
C ALA H 148 -11.88 51.12 -124.12
N VAL H 149 -11.66 49.89 -124.57
CA VAL H 149 -10.60 49.56 -125.57
C VAL H 149 -11.03 50.09 -126.94
N GLY H 150 -12.28 49.82 -127.34
CA GLY H 150 -12.88 50.35 -128.58
C GLY H 150 -12.75 51.87 -128.67
N GLU H 151 -13.08 52.58 -127.58
CA GLU H 151 -13.08 54.07 -127.50
C GLU H 151 -11.64 54.63 -127.43
N GLY H 152 -10.63 53.77 -127.18
CA GLY H 152 -9.21 54.18 -127.04
C GLY H 152 -8.86 54.69 -125.65
N ASN H 153 -9.68 54.35 -124.63
CA ASN H 153 -9.47 54.72 -123.21
C ASN H 153 -8.64 53.65 -122.48
N ALA H 154 -8.51 52.46 -123.05
CA ALA H 154 -7.73 51.32 -122.51
C ALA H 154 -6.94 50.62 -123.62
N GLN H 155 -5.74 50.15 -123.28
CA GLN H 155 -4.88 49.31 -124.14
C GLN H 155 -4.62 48.00 -123.39
N LEU H 156 -4.95 46.87 -124.02
CA LEU H 156 -4.87 45.52 -123.41
C LEU H 156 -3.63 44.82 -123.93
N VAL H 157 -2.87 44.19 -123.03
CA VAL H 157 -1.82 43.20 -123.41
C VAL H 157 -2.15 41.90 -122.71
N ALA H 158 -2.08 40.79 -123.44
CA ALA H 158 -2.32 39.45 -122.88
C ALA H 158 -0.97 38.86 -122.51
N ILE H 159 -0.89 38.26 -121.35
CA ILE H 159 0.34 37.55 -120.92
C ILE H 159 -0.07 36.13 -120.54
N PHE H 160 0.81 35.21 -120.89
CA PHE H 160 0.67 33.77 -120.60
C PHE H 160 1.83 33.37 -119.69
N GLY H 161 1.47 32.71 -118.60
CA GLY H 161 2.39 32.14 -117.60
C GLY H 161 3.14 30.96 -118.18
N GLY H 162 4.00 30.35 -117.38
CA GLY H 162 4.66 29.08 -117.74
C GLY H 162 4.70 28.16 -116.55
N GLN H 163 5.82 27.46 -116.41
CA GLN H 163 6.08 26.48 -115.34
C GLN H 163 6.32 27.24 -114.03
N GLY H 164 6.06 26.60 -112.89
CA GLY H 164 6.68 26.99 -111.61
C GLY H 164 5.89 28.04 -110.83
N ASN H 165 4.61 28.23 -111.15
CA ASN H 165 3.72 29.19 -110.44
C ASN H 165 2.91 28.43 -109.39
N THR H 166 2.63 27.15 -109.64
CA THR H 166 1.84 26.28 -108.75
C THR H 166 2.32 24.84 -108.91
N ASP H 167 2.22 24.05 -107.84
CA ASP H 167 2.55 22.59 -107.82
C ASP H 167 1.31 21.79 -108.24
N ASP H 168 0.12 22.38 -108.21
CA ASP H 168 -1.17 21.70 -108.50
C ASP H 168 -1.83 22.35 -109.71
N TYR H 169 -1.09 22.53 -110.80
CA TYR H 169 -1.59 23.16 -112.05
C TYR H 169 -2.79 22.36 -112.59
N PHE H 170 -2.82 21.04 -112.38
CA PHE H 170 -3.83 20.15 -112.99
C PHE H 170 -5.24 20.46 -112.45
N GLU H 171 -5.37 20.93 -111.21
CA GLU H 171 -6.69 21.29 -110.61
C GLU H 171 -7.30 22.51 -111.34
N GLU H 172 -6.46 23.37 -111.89
CA GLU H 172 -6.90 24.50 -112.74
C GLU H 172 -7.61 23.94 -113.98
N LEU H 173 -7.06 22.90 -114.60
CA LEU H 173 -7.67 22.27 -115.78
C LEU H 173 -8.94 21.51 -115.36
N ARG H 174 -8.92 20.93 -114.17
CA ARG H 174 -10.09 20.19 -113.61
C ARG H 174 -11.24 21.19 -113.47
N ASP H 175 -10.97 22.34 -112.86
CA ASP H 175 -11.96 23.43 -112.59
C ASP H 175 -12.51 23.97 -113.93
N LEU H 176 -11.66 24.19 -114.92
CA LEU H 176 -12.10 24.59 -116.29
C LEU H 176 -13.05 23.54 -116.89
N TYR H 177 -12.75 22.25 -116.73
CA TYR H 177 -13.54 21.14 -117.31
C TYR H 177 -14.89 21.03 -116.60
N GLN H 178 -14.91 21.20 -115.27
CA GLN H 178 -16.15 21.17 -114.45
C GLN H 178 -17.05 22.35 -114.87
N THR H 179 -16.58 23.57 -114.62
CA THR H 179 -17.35 24.83 -114.71
C THR H 179 -17.75 25.12 -116.16
N TYR H 180 -16.80 25.02 -117.10
CA TYR H 180 -16.97 25.51 -118.48
C TYR H 180 -16.91 24.35 -119.47
N HIS H 181 -17.37 23.17 -119.07
CA HIS H 181 -17.52 21.99 -119.97
C HIS H 181 -18.13 22.43 -121.31
N VAL H 182 -19.23 23.17 -121.27
CA VAL H 182 -20.04 23.48 -122.50
C VAL H 182 -19.28 24.49 -123.38
N LEU H 183 -18.31 25.21 -122.82
CA LEU H 183 -17.49 26.21 -123.56
C LEU H 183 -16.17 25.61 -124.03
N VAL H 184 -15.47 24.82 -123.20
CA VAL H 184 -14.07 24.35 -123.50
C VAL H 184 -13.99 22.82 -123.66
N GLY H 185 -15.03 22.06 -123.28
CA GLY H 185 -15.09 20.59 -123.47
C GLY H 185 -14.54 20.15 -124.81
N ASP H 186 -14.91 20.84 -125.89
CA ASP H 186 -14.50 20.52 -127.28
C ASP H 186 -13.01 20.84 -127.48
N LEU H 187 -12.51 21.91 -126.87
CA LEU H 187 -11.06 22.26 -126.91
C LEU H 187 -10.25 21.15 -126.21
N ILE H 188 -10.68 20.75 -125.02
CA ILE H 188 -9.93 19.78 -124.17
C ILE H 188 -9.97 18.40 -124.84
N LYS H 189 -11.08 18.00 -125.46
CA LYS H 189 -11.20 16.72 -126.22
C LYS H 189 -10.27 16.78 -127.43
N PHE H 190 -10.26 17.90 -128.14
CA PHE H 190 -9.38 18.08 -129.32
C PHE H 190 -7.91 18.01 -128.91
N SER H 191 -7.57 18.63 -127.78
CA SER H 191 -6.17 18.74 -127.28
C SER H 191 -5.71 17.35 -126.81
N ALA H 192 -6.55 16.63 -126.06
CA ALA H 192 -6.37 15.22 -125.64
C ALA H 192 -6.16 14.28 -126.84
N GLU H 193 -6.94 14.44 -127.91
CA GLU H 193 -6.83 13.59 -129.13
C GLU H 193 -5.52 13.93 -129.85
N THR H 194 -5.15 15.21 -129.91
CA THR H 194 -3.93 15.69 -130.59
C THR H 194 -2.69 15.11 -129.89
N LEU H 195 -2.70 15.11 -128.56
CA LEU H 195 -1.57 14.63 -127.72
C LEU H 195 -1.46 13.11 -127.82
N SER H 196 -2.59 12.38 -127.73
CA SER H 196 -2.67 10.91 -127.95
C SER H 196 -2.08 10.55 -129.31
N GLU H 197 -2.38 11.33 -130.35
CA GLU H 197 -1.88 11.08 -131.72
C GLU H 197 -0.39 11.40 -131.80
N LEU H 198 0.09 12.43 -131.09
CA LEU H 198 1.53 12.80 -131.13
C LEU H 198 2.37 11.73 -130.42
N ILE H 199 1.86 11.14 -129.34
CA ILE H 199 2.50 9.98 -128.63
C ILE H 199 2.59 8.79 -129.59
N ARG H 200 1.51 8.48 -130.30
CA ARG H 200 1.39 7.32 -131.22
C ARG H 200 2.41 7.47 -132.38
N THR H 201 2.54 8.67 -132.95
CA THR H 201 3.34 8.96 -134.18
C THR H 201 4.78 9.42 -133.85
N THR H 202 5.13 9.57 -132.58
CA THR H 202 6.51 9.94 -132.15
C THR H 202 7.16 8.66 -131.60
N LEU H 203 8.40 8.39 -132.02
CA LEU H 203 9.03 7.04 -131.95
C LEU H 203 9.01 6.51 -130.51
N ASP H 204 9.73 7.16 -129.58
CA ASP H 204 9.94 6.64 -128.20
C ASP H 204 9.18 7.48 -127.17
N ALA H 205 8.14 8.21 -127.59
CA ALA H 205 7.37 9.12 -126.73
C ALA H 205 6.70 8.34 -125.60
N GLU H 206 6.13 7.16 -125.90
CA GLU H 206 5.48 6.25 -124.90
C GLU H 206 6.43 5.96 -123.72
N LYS H 207 7.75 5.85 -123.96
CA LYS H 207 8.76 5.55 -122.90
C LYS H 207 8.73 6.67 -121.84
N VAL H 208 8.55 7.90 -122.31
CA VAL H 208 8.52 9.14 -121.47
C VAL H 208 7.16 9.27 -120.75
N PHE H 209 6.08 8.75 -121.34
CA PHE H 209 4.70 8.83 -120.79
C PHE H 209 4.33 7.51 -120.12
N THR H 210 4.90 7.24 -118.95
CA THR H 210 4.94 5.89 -118.30
C THR H 210 3.54 5.52 -117.77
N GLN H 211 2.76 6.50 -117.30
CA GLN H 211 1.35 6.33 -116.86
C GLN H 211 0.40 6.95 -117.90
N GLY H 212 0.81 6.98 -119.18
CA GLY H 212 0.00 7.47 -120.30
C GLY H 212 -0.29 8.96 -120.25
N LEU H 213 -1.15 9.43 -121.15
CA LEU H 213 -1.64 10.83 -121.22
C LEU H 213 -3.13 10.81 -121.58
N ASN H 214 -3.93 10.04 -120.84
CA ASN H 214 -5.40 9.98 -121.00
C ASN H 214 -6.03 11.06 -120.14
N ILE H 215 -5.96 12.32 -120.58
CA ILE H 215 -6.37 13.48 -119.75
C ILE H 215 -7.90 13.44 -119.54
N LEU H 216 -8.65 13.00 -120.55
CA LEU H 216 -10.14 12.89 -120.46
C LEU H 216 -10.51 11.91 -119.35
N GLU H 217 -9.86 10.74 -119.30
CA GLU H 217 -10.00 9.76 -118.18
C GLU H 217 -9.70 10.46 -116.85
N TRP H 218 -8.58 11.19 -116.75
CA TRP H 218 -8.15 11.85 -115.49
C TRP H 218 -9.19 12.88 -115.05
N LEU H 219 -9.74 13.65 -116.00
CA LEU H 219 -10.75 14.70 -115.71
C LEU H 219 -12.08 14.05 -115.29
N GLU H 220 -12.53 12.98 -115.97
CA GLU H 220 -13.76 12.23 -115.58
C GLU H 220 -13.60 11.66 -114.16
N ASN H 221 -12.48 11.00 -113.87
CA ASN H 221 -12.22 10.22 -112.62
C ASN H 221 -10.97 10.75 -111.92
N PRO H 222 -11.11 11.65 -110.91
CA PRO H 222 -9.98 12.07 -110.09
C PRO H 222 -9.17 10.93 -109.43
N SER H 223 -9.80 9.79 -109.16
CA SER H 223 -9.16 8.56 -108.61
C SER H 223 -8.10 8.02 -109.57
N ASN H 224 -8.36 8.06 -110.88
CA ASN H 224 -7.47 7.52 -111.95
C ASN H 224 -6.43 8.55 -112.41
N THR H 225 -6.43 9.77 -111.87
CA THR H 225 -5.39 10.80 -112.17
C THR H 225 -4.07 10.34 -111.53
N PRO H 226 -2.96 10.27 -112.30
CA PRO H 226 -1.63 10.07 -111.71
C PRO H 226 -1.27 11.03 -110.58
N ASP H 227 -0.21 10.70 -109.85
CA ASP H 227 0.35 11.49 -108.72
C ASP H 227 0.88 12.84 -109.23
N LYS H 228 1.05 13.82 -108.35
CA LYS H 228 1.49 15.19 -108.71
C LYS H 228 2.85 15.16 -109.42
N ASP H 229 3.78 14.29 -109.01
CA ASP H 229 5.15 14.28 -109.58
C ASP H 229 5.08 13.98 -111.07
N TYR H 230 4.24 13.03 -111.45
CA TYR H 230 4.05 12.61 -112.86
C TYR H 230 3.40 13.74 -113.65
N LEU H 231 2.34 14.34 -113.11
CA LEU H 231 1.64 15.51 -113.73
C LEU H 231 2.63 16.64 -113.92
N LEU H 232 3.48 16.88 -112.94
CA LEU H 232 4.47 17.98 -112.99
C LEU H 232 5.56 17.69 -114.02
N SER H 233 5.82 16.44 -114.38
CA SER H 233 6.91 16.14 -115.34
C SER H 233 6.60 16.88 -116.63
N ILE H 234 7.61 17.39 -117.32
CA ILE H 234 7.36 18.38 -118.40
C ILE H 234 6.73 17.78 -119.65
N PRO H 235 6.88 16.49 -119.99
CA PRO H 235 6.16 15.95 -121.14
C PRO H 235 4.63 16.07 -120.98
N ILE H 236 4.15 16.04 -119.73
CA ILE H 236 2.72 16.24 -119.37
C ILE H 236 2.49 17.74 -119.12
N SER H 237 3.28 18.39 -118.28
CA SER H 237 2.97 19.75 -117.76
C SER H 237 3.09 20.78 -118.87
N CYS H 238 4.06 20.65 -119.77
CA CYS H 238 4.24 21.65 -120.84
C CYS H 238 2.98 21.77 -121.69
N PRO H 239 2.51 20.72 -122.41
CA PRO H 239 1.31 20.84 -123.23
C PRO H 239 0.05 21.15 -122.42
N LEU H 240 -0.08 20.62 -121.21
CA LEU H 240 -1.31 20.78 -120.41
C LEU H 240 -1.43 22.21 -119.89
N ILE H 241 -0.30 22.91 -119.73
CA ILE H 241 -0.30 24.33 -119.27
C ILE H 241 -0.71 25.18 -120.47
N GLY H 242 -0.24 24.84 -121.67
CA GLY H 242 -0.78 25.36 -122.93
C GLY H 242 -2.29 25.26 -122.98
N VAL H 243 -2.83 24.08 -122.68
CA VAL H 243 -4.28 23.75 -122.81
C VAL H 243 -5.05 24.61 -121.82
N ILE H 244 -4.57 24.72 -120.59
CA ILE H 244 -5.19 25.57 -119.53
C ILE H 244 -5.32 27.01 -120.05
N GLN H 245 -4.26 27.53 -120.67
CA GLN H 245 -4.17 28.94 -121.10
C GLN H 245 -5.11 29.16 -122.29
N LEU H 246 -5.04 28.29 -123.29
CA LEU H 246 -5.99 28.30 -124.43
C LEU H 246 -7.44 28.18 -123.94
N ALA H 247 -7.70 27.34 -122.94
CA ALA H 247 -9.05 27.14 -122.38
C ALA H 247 -9.54 28.44 -121.75
N HIS H 248 -8.68 29.12 -120.98
CA HIS H 248 -9.03 30.42 -120.35
C HIS H 248 -9.29 31.46 -121.45
N TYR H 249 -8.52 31.41 -122.52
CA TYR H 249 -8.66 32.36 -123.65
C TYR H 249 -10.03 32.16 -124.31
N VAL H 250 -10.45 30.91 -124.45
CA VAL H 250 -11.73 30.50 -125.10
C VAL H 250 -12.89 30.87 -124.18
N VAL H 251 -12.85 30.49 -122.91
CA VAL H 251 -13.87 30.92 -121.92
C VAL H 251 -14.02 32.45 -122.01
N THR H 252 -12.92 33.19 -122.09
CA THR H 252 -12.94 34.67 -122.14
C THR H 252 -13.65 35.10 -123.42
N ALA H 253 -13.21 34.61 -124.57
CA ALA H 253 -13.74 34.99 -125.90
C ALA H 253 -15.24 34.67 -125.99
N LYS H 254 -15.66 33.51 -125.48
CA LYS H 254 -17.04 33.02 -125.66
C LYS H 254 -17.99 33.81 -124.77
N LEU H 255 -17.62 34.07 -123.52
CA LEU H 255 -18.46 34.84 -122.57
C LEU H 255 -18.56 36.32 -122.97
N LEU H 256 -17.67 36.81 -123.86
CA LEU H 256 -17.73 38.18 -124.44
C LEU H 256 -18.43 38.15 -125.80
N GLY H 257 -18.78 36.96 -126.28
CA GLY H 257 -19.32 36.74 -127.64
C GLY H 257 -18.36 37.15 -128.73
N PHE H 258 -17.05 37.03 -128.51
CA PHE H 258 -16.03 37.30 -129.56
C PHE H 258 -15.63 35.98 -130.21
N THR H 259 -15.16 36.07 -131.44
CA THR H 259 -14.28 35.05 -132.08
C THR H 259 -12.90 35.20 -131.44
N PRO H 260 -12.03 34.18 -131.51
CA PRO H 260 -10.65 34.31 -131.06
C PRO H 260 -9.94 35.53 -131.67
N GLY H 261 -10.08 35.72 -132.98
CA GLY H 261 -9.52 36.85 -133.74
C GLY H 261 -10.07 38.18 -133.27
N GLU H 262 -11.35 38.23 -132.91
CA GLU H 262 -11.98 39.49 -132.40
C GLU H 262 -11.31 39.86 -131.08
N LEU H 263 -11.24 38.91 -130.14
CA LEU H 263 -10.59 39.11 -128.82
C LEU H 263 -9.13 39.52 -129.06
N ARG H 264 -8.45 38.86 -129.99
CA ARG H 264 -7.05 39.16 -130.38
C ARG H 264 -6.94 40.61 -130.86
N SER H 265 -7.94 41.11 -131.60
CA SER H 265 -7.89 42.43 -132.28
C SER H 265 -8.02 43.55 -131.25
N TYR H 266 -8.68 43.26 -130.13
CA TYR H 266 -8.79 44.17 -128.96
C TYR H 266 -7.44 44.27 -128.22
N LEU H 267 -6.48 43.38 -128.47
CA LEU H 267 -5.18 43.35 -127.76
C LEU H 267 -4.18 44.23 -128.52
N LYS H 268 -3.45 45.08 -127.80
CA LYS H 268 -2.29 45.82 -128.35
C LYS H 268 -1.14 44.84 -128.59
N GLY H 269 -1.06 43.75 -127.82
CA GLY H 269 0.07 42.80 -127.89
C GLY H 269 -0.14 41.58 -127.02
N ALA H 270 0.74 40.62 -127.16
CA ALA H 270 0.75 39.38 -126.34
C ALA H 270 2.18 39.05 -125.99
N THR H 271 2.37 38.43 -124.85
CA THR H 271 3.65 37.77 -124.57
C THR H 271 3.43 36.72 -123.49
N GLY H 272 4.49 36.01 -123.21
CA GLY H 272 4.43 34.92 -122.25
C GLY H 272 5.76 34.73 -121.60
N HIS H 273 5.71 34.17 -120.41
CA HIS H 273 6.85 33.93 -119.52
C HIS H 273 7.24 32.47 -119.72
N SER H 274 8.43 32.22 -120.27
CA SER H 274 8.91 30.86 -120.53
C SER H 274 7.99 30.27 -121.60
N GLN H 275 7.28 29.16 -121.34
CA GLN H 275 6.47 28.42 -122.35
C GLN H 275 5.15 29.16 -122.68
N GLY H 276 4.76 30.17 -121.89
CA GLY H 276 3.60 31.03 -122.19
C GLY H 276 3.73 31.69 -123.55
N LEU H 277 4.97 31.94 -123.97
CA LEU H 277 5.30 32.61 -125.25
C LEU H 277 4.77 31.80 -126.44
N VAL H 278 4.56 30.48 -126.27
CA VAL H 278 4.00 29.63 -127.37
C VAL H 278 2.51 29.94 -127.51
N THR H 279 1.80 29.98 -126.38
CA THR H 279 0.36 30.31 -126.34
C THR H 279 0.16 31.73 -126.87
N ALA H 280 1.06 32.67 -126.57
CA ALA H 280 0.98 34.08 -127.00
C ALA H 280 1.04 34.17 -128.54
N VAL H 281 1.98 33.45 -129.18
CA VAL H 281 2.09 33.45 -130.66
C VAL H 281 0.88 32.74 -131.26
N ALA H 282 0.39 31.67 -130.63
CA ALA H 282 -0.75 30.86 -131.12
C ALA H 282 -1.99 31.75 -131.21
N ILE H 283 -2.35 32.44 -130.12
CA ILE H 283 -3.56 33.33 -130.06
C ILE H 283 -3.37 34.55 -130.96
N ALA H 284 -2.14 34.99 -131.20
CA ALA H 284 -1.81 36.09 -132.15
C ALA H 284 -2.16 35.70 -133.60
N GLU H 285 -2.16 34.42 -133.93
CA GLU H 285 -2.46 33.92 -135.30
C GLU H 285 -3.96 33.72 -135.51
N THR H 286 -4.76 33.62 -134.43
CA THR H 286 -6.17 33.13 -134.49
C THR H 286 -7.05 34.14 -135.24
N ASP H 287 -8.08 33.66 -135.94
CA ASP H 287 -9.07 34.49 -136.67
C ASP H 287 -10.49 34.04 -136.25
N SER H 288 -10.95 32.89 -136.71
CA SER H 288 -12.34 32.40 -136.55
C SER H 288 -12.38 31.14 -135.67
N TRP H 289 -13.54 30.77 -135.14
CA TRP H 289 -13.75 29.51 -134.36
C TRP H 289 -13.44 28.27 -135.20
N GLU H 290 -13.57 28.35 -136.53
CA GLU H 290 -13.41 27.18 -137.45
C GLU H 290 -11.92 26.82 -137.51
N SER H 291 -11.06 27.84 -137.63
CA SER H 291 -9.59 27.72 -137.83
C SER H 291 -8.83 27.86 -136.51
N PHE H 292 -9.53 27.92 -135.37
CA PHE H 292 -8.92 28.11 -134.03
C PHE H 292 -8.13 26.86 -133.64
N PHE H 293 -8.67 25.70 -133.96
CA PHE H 293 -8.07 24.37 -133.68
C PHE H 293 -6.79 24.18 -134.49
N VAL H 294 -6.56 24.97 -135.54
CA VAL H 294 -5.26 24.99 -136.27
C VAL H 294 -4.20 25.58 -135.35
N SER H 295 -4.48 26.74 -134.76
CA SER H 295 -3.60 27.45 -133.80
C SER H 295 -3.41 26.59 -132.54
N VAL H 296 -4.48 25.98 -132.02
CA VAL H 296 -4.41 25.10 -130.82
C VAL H 296 -3.43 23.95 -131.11
N ARG H 297 -3.57 23.28 -132.25
CA ARG H 297 -2.71 22.15 -132.65
C ARG H 297 -1.24 22.60 -132.63
N LYS H 298 -0.92 23.70 -133.30
CA LYS H 298 0.47 24.22 -133.39
C LYS H 298 1.04 24.42 -131.97
N ALA H 299 0.27 25.02 -131.07
CA ALA H 299 0.71 25.36 -129.70
C ALA H 299 0.94 24.05 -128.93
N ILE H 300 -0.06 23.17 -128.87
CA ILE H 300 0.02 21.83 -128.22
C ILE H 300 1.22 21.06 -128.77
N THR H 301 1.47 21.14 -130.07
CA THR H 301 2.55 20.37 -130.73
C THR H 301 3.91 20.96 -130.33
N VAL H 302 4.07 22.27 -130.33
CA VAL H 302 5.35 22.88 -129.89
C VAL H 302 5.61 22.44 -128.45
N LEU H 303 4.59 22.51 -127.59
CA LEU H 303 4.77 22.28 -126.15
C LEU H 303 5.02 20.79 -125.91
N PHE H 304 4.42 19.93 -126.72
CA PHE H 304 4.61 18.47 -126.64
C PHE H 304 6.09 18.16 -126.86
N PHE H 305 6.68 18.72 -127.91
CA PHE H 305 8.07 18.43 -128.32
C PHE H 305 9.06 19.10 -127.38
N ILE H 306 8.75 20.28 -126.85
CA ILE H 306 9.59 20.92 -125.81
C ILE H 306 9.60 19.98 -124.59
N GLY H 307 8.43 19.58 -124.09
CA GLY H 307 8.28 18.70 -122.92
C GLY H 307 9.07 17.40 -123.11
N VAL H 308 8.85 16.75 -124.23
CA VAL H 308 9.39 15.40 -124.52
C VAL H 308 10.91 15.51 -124.73
N ARG H 309 11.38 16.43 -125.56
CA ARG H 309 12.82 16.49 -125.89
C ARG H 309 13.63 16.97 -124.70
N CYS H 310 13.13 17.96 -123.99
CA CYS H 310 13.80 18.58 -122.82
C CYS H 310 13.88 17.55 -121.70
N TYR H 311 12.83 16.75 -121.52
CA TYR H 311 12.83 15.66 -120.51
C TYR H 311 13.89 14.62 -120.90
N GLU H 312 14.01 14.28 -122.17
CA GLU H 312 14.98 13.29 -122.69
C GLU H 312 16.42 13.84 -122.53
N ALA H 313 16.61 15.15 -122.67
CA ALA H 313 17.94 15.80 -122.55
C ALA H 313 18.36 15.87 -121.08
N TYR H 314 17.42 15.99 -120.16
CA TYR H 314 17.71 16.13 -118.71
C TYR H 314 16.60 15.55 -117.86
N PRO H 315 16.50 14.21 -117.79
CA PRO H 315 15.53 13.59 -116.91
C PRO H 315 15.90 13.83 -115.44
N ASN H 316 14.88 13.93 -114.60
CA ASN H 316 15.07 14.05 -113.14
C ASN H 316 15.53 12.68 -112.64
N THR H 317 16.48 12.68 -111.71
CA THR H 317 16.97 11.47 -111.01
C THR H 317 16.69 11.63 -109.53
N SER H 318 16.71 10.52 -108.78
CA SER H 318 16.55 10.52 -107.31
C SER H 318 17.63 11.43 -106.71
N LEU H 319 17.23 12.27 -105.76
CA LEU H 319 18.16 13.13 -105.00
C LEU H 319 18.52 12.41 -103.71
N PRO H 320 19.81 12.41 -103.30
CA PRO H 320 20.22 11.80 -102.05
C PRO H 320 19.31 12.17 -100.90
N PRO H 321 18.73 11.19 -100.16
CA PRO H 321 17.84 11.50 -99.04
C PRO H 321 18.41 12.42 -97.96
N SER H 322 19.74 12.45 -97.81
CA SER H 322 20.46 13.31 -96.84
C SER H 322 20.25 14.78 -97.24
N ILE H 323 20.38 15.06 -98.54
CA ILE H 323 20.09 16.39 -99.16
C ILE H 323 18.60 16.75 -98.97
N LEU H 324 17.67 15.82 -99.19
CA LEU H 324 16.21 16.09 -99.03
C LEU H 324 15.94 16.40 -97.56
N GLU H 325 16.48 15.60 -96.64
CA GLU H 325 16.27 15.72 -95.17
C GLU H 325 16.79 17.09 -94.70
N ASP H 326 18.00 17.48 -95.15
CA ASP H 326 18.64 18.76 -94.79
C ASP H 326 17.78 19.93 -95.30
N SER H 327 17.35 19.89 -96.57
CA SER H 327 16.51 20.95 -97.18
C SER H 327 15.18 21.12 -96.42
N LEU H 328 14.56 20.03 -95.95
CA LEU H 328 13.26 20.07 -95.22
C LEU H 328 13.47 20.57 -93.78
N GLU H 329 14.58 20.20 -93.14
CA GLU H 329 14.88 20.58 -91.73
C GLU H 329 15.32 22.05 -91.67
N ASN H 330 15.85 22.60 -92.77
CA ASN H 330 16.27 24.03 -92.89
C ASN H 330 15.19 24.85 -93.58
N ASN H 331 13.93 24.38 -93.58
CA ASN H 331 12.74 25.10 -94.13
C ASN H 331 13.05 25.68 -95.52
N GLU H 332 13.82 24.96 -96.33
CA GLU H 332 13.93 25.18 -97.79
C GLU H 332 12.97 24.20 -98.47
N GLY H 333 12.73 24.38 -99.76
CA GLY H 333 11.81 23.49 -100.49
C GLY H 333 12.42 22.10 -100.66
N VAL H 334 11.62 21.18 -101.18
CA VAL H 334 12.11 19.98 -101.89
C VAL H 334 12.93 20.47 -103.08
N PRO H 335 14.24 20.17 -103.17
CA PRO H 335 15.04 20.68 -104.28
C PRO H 335 14.46 20.32 -105.65
N SER H 336 14.76 21.17 -106.62
CA SER H 336 14.22 21.14 -107.99
C SER H 336 15.24 21.85 -108.85
N PRO H 337 15.12 21.76 -110.18
CA PRO H 337 16.08 22.40 -111.05
C PRO H 337 15.95 23.92 -111.23
N MET H 338 15.12 24.58 -110.44
CA MET H 338 14.95 26.05 -110.56
C MET H 338 14.72 26.63 -109.17
N LEU H 339 15.63 27.50 -108.76
CA LEU H 339 15.60 28.11 -107.41
C LEU H 339 15.25 29.57 -107.58
N SER H 340 14.22 30.04 -106.88
CA SER H 340 13.80 31.48 -106.88
C SER H 340 14.46 32.19 -105.71
N ILE H 341 15.13 33.30 -105.98
CA ILE H 341 15.78 34.16 -104.96
C ILE H 341 15.14 35.55 -105.00
N SER H 342 14.40 35.88 -103.93
CA SER H 342 13.70 37.17 -103.69
C SER H 342 14.51 38.07 -102.75
N ASN H 343 14.72 39.33 -103.14
CA ASN H 343 15.18 40.46 -102.30
C ASN H 343 16.69 40.63 -102.42
N LEU H 344 17.28 39.98 -103.41
CA LEU H 344 18.68 40.22 -103.82
C LEU H 344 18.68 40.74 -105.24
N THR H 345 19.66 41.58 -105.53
CA THR H 345 19.91 42.15 -106.87
C THR H 345 20.45 41.02 -107.76
N GLN H 346 20.35 41.19 -109.07
CA GLN H 346 20.92 40.28 -110.10
C GLN H 346 22.43 40.18 -109.91
N GLU H 347 23.12 41.28 -109.56
CA GLU H 347 24.59 41.31 -109.38
C GLU H 347 24.95 40.40 -108.20
N GLN H 348 24.21 40.54 -107.12
CA GLN H 348 24.41 39.79 -105.85
C GLN H 348 24.21 38.29 -106.11
N VAL H 349 23.09 37.93 -106.74
CA VAL H 349 22.78 36.52 -107.13
C VAL H 349 23.89 36.03 -108.06
N GLN H 350 24.28 36.82 -109.06
CA GLN H 350 25.32 36.42 -110.05
C GLN H 350 26.68 36.22 -109.38
N ASP H 351 26.95 36.91 -108.27
CA ASP H 351 28.21 36.77 -107.48
C ASP H 351 28.19 35.40 -106.80
N TYR H 352 27.09 35.05 -106.14
CA TYR H 352 26.89 33.74 -105.47
C TYR H 352 26.90 32.59 -106.48
N VAL H 353 26.35 32.76 -107.70
CA VAL H 353 26.37 31.66 -108.70
C VAL H 353 27.79 31.56 -109.26
N ASN H 354 28.53 32.67 -109.32
CA ASN H 354 29.93 32.65 -109.83
C ASN H 354 30.79 31.84 -108.85
N LYS H 355 30.62 32.06 -107.54
CA LYS H 355 31.35 31.35 -106.45
C LYS H 355 31.07 29.85 -106.56
N THR H 356 29.79 29.46 -106.59
CA THR H 356 29.34 28.06 -106.74
C THR H 356 29.89 27.44 -108.04
N ASN H 357 29.84 28.17 -109.15
CA ASN H 357 30.20 27.63 -110.48
C ASN H 357 31.71 27.44 -110.61
N SER H 358 32.51 28.20 -109.86
CA SER H 358 34.00 28.12 -109.87
C SER H 358 34.42 26.69 -109.47
N HIS H 359 33.84 26.17 -108.38
CA HIS H 359 34.07 24.81 -107.86
C HIS H 359 33.50 23.74 -108.79
N LEU H 360 32.27 23.91 -109.28
CA LEU H 360 31.55 22.89 -110.10
C LEU H 360 32.18 22.78 -111.49
N PRO H 361 32.13 21.58 -112.11
CA PRO H 361 32.47 21.41 -113.52
C PRO H 361 31.32 21.89 -114.41
N ALA H 362 31.56 22.06 -115.72
CA ALA H 362 30.69 22.76 -116.71
C ALA H 362 29.26 22.20 -116.72
N GLY H 363 29.10 20.88 -116.80
CA GLY H 363 27.80 20.22 -116.92
C GLY H 363 26.96 20.28 -115.66
N LYS H 364 27.52 20.79 -114.56
CA LYS H 364 26.82 20.88 -113.26
C LYS H 364 26.61 22.35 -112.88
N GLN H 365 27.06 23.29 -113.73
CA GLN H 365 27.01 24.73 -113.43
C GLN H 365 25.56 25.22 -113.54
N VAL H 366 25.21 26.14 -112.63
CA VAL H 366 23.91 26.84 -112.55
C VAL H 366 23.99 28.19 -113.27
N GLU H 367 22.85 28.76 -113.64
CA GLU H 367 22.83 30.08 -114.34
C GLU H 367 21.53 30.79 -114.04
N ILE H 368 21.56 32.11 -114.09
CA ILE H 368 20.31 32.92 -113.90
C ILE H 368 19.45 32.64 -115.13
N SER H 369 18.25 32.09 -114.89
CA SER H 369 17.32 31.61 -115.93
C SER H 369 16.21 32.65 -116.16
N LEU H 370 15.63 33.18 -115.08
CA LEU H 370 14.57 34.20 -115.13
C LEU H 370 14.99 35.42 -114.30
N VAL H 371 15.08 36.58 -114.95
CA VAL H 371 15.10 37.91 -114.27
C VAL H 371 13.66 38.43 -114.30
N ASN H 372 12.91 38.14 -113.25
CA ASN H 372 11.47 38.39 -113.13
C ASN H 372 11.22 39.83 -112.65
N GLY H 373 12.24 40.49 -112.12
CA GLY H 373 12.16 41.78 -111.41
C GLY H 373 13.54 42.17 -110.93
N ALA H 374 13.70 43.38 -110.40
CA ALA H 374 14.99 43.92 -109.93
C ALA H 374 15.57 43.01 -108.84
N LYS H 375 14.69 42.47 -107.97
CA LYS H 375 15.07 41.61 -106.81
C LYS H 375 14.18 40.35 -106.78
N ASN H 376 14.02 39.71 -107.94
CA ASN H 376 13.20 38.49 -108.12
C ASN H 376 13.85 37.67 -109.23
N LEU H 377 14.74 36.75 -108.85
CA LEU H 377 15.60 36.03 -109.81
C LEU H 377 15.32 34.55 -109.69
N VAL H 378 15.56 33.83 -110.76
CA VAL H 378 15.45 32.35 -110.77
C VAL H 378 16.71 31.79 -111.38
N VAL H 379 17.26 30.79 -110.69
CA VAL H 379 18.51 30.11 -111.08
C VAL H 379 18.12 28.69 -111.47
N SER H 380 18.59 28.28 -112.63
CA SER H 380 18.39 26.93 -113.21
C SER H 380 19.70 26.16 -113.15
N GLY H 381 19.59 24.86 -112.92
CA GLY H 381 20.67 23.90 -113.07
C GLY H 381 20.36 22.65 -112.29
N PRO H 382 21.33 21.74 -112.12
CA PRO H 382 21.08 20.49 -111.41
C PRO H 382 20.51 20.76 -110.03
N PRO H 383 19.47 20.06 -109.59
CA PRO H 383 18.96 20.25 -108.24
C PRO H 383 20.06 20.19 -107.18
N GLN H 384 21.04 19.28 -107.33
CA GLN H 384 22.15 19.15 -106.35
C GLN H 384 23.05 20.40 -106.41
N SER H 385 23.37 20.90 -107.60
CA SER H 385 24.16 22.13 -107.78
C SER H 385 23.43 23.30 -107.12
N LEU H 386 22.09 23.34 -107.20
CA LEU H 386 21.29 24.46 -106.65
C LEU H 386 21.16 24.27 -105.15
N TYR H 387 21.24 23.04 -104.66
CA TYR H 387 21.25 22.78 -103.20
C TYR H 387 22.57 23.30 -102.65
N GLY H 388 23.64 23.17 -103.43
CA GLY H 388 24.97 23.73 -103.19
C GLY H 388 24.97 25.23 -103.10
N LEU H 389 24.40 25.89 -104.10
CA LEU H 389 24.14 27.36 -104.07
C LEU H 389 23.35 27.70 -102.79
N ASN H 390 22.30 26.95 -102.49
CA ASN H 390 21.42 27.22 -101.33
C ASN H 390 22.22 27.13 -100.02
N LEU H 391 23.22 26.24 -99.91
CA LEU H 391 24.06 26.10 -98.68
C LEU H 391 24.89 27.38 -98.53
N THR H 392 25.51 27.85 -99.61
CA THR H 392 26.24 29.14 -99.66
C THR H 392 25.31 30.30 -99.26
N LEU H 393 24.06 30.31 -99.73
CA LEU H 393 23.10 31.40 -99.44
C LEU H 393 22.66 31.37 -97.98
N ARG H 394 22.47 30.20 -97.38
CA ARG H 394 21.84 30.08 -96.03
C ARG H 394 22.81 30.59 -94.95
N LYS H 395 24.10 30.63 -95.26
CA LYS H 395 25.15 31.28 -94.42
C LYS H 395 25.00 32.80 -94.51
N ALA H 396 24.89 33.33 -95.74
CA ALA H 396 24.86 34.78 -96.04
C ALA H 396 23.54 35.43 -95.59
N LYS H 397 22.46 34.66 -95.41
CA LYS H 397 21.13 35.23 -95.07
C LYS H 397 21.02 35.30 -93.55
N ALA H 398 20.50 36.42 -93.05
CA ALA H 398 20.18 36.65 -91.62
C ALA H 398 18.89 35.90 -91.29
N PRO H 399 18.72 35.40 -90.04
CA PRO H 399 17.44 34.83 -89.61
C PRO H 399 16.24 35.75 -89.89
N SER H 400 15.08 35.18 -90.18
CA SER H 400 13.83 35.90 -90.52
C SER H 400 13.35 36.75 -89.32
N GLY H 401 13.43 36.18 -88.10
CA GLY H 401 13.03 36.84 -86.84
C GLY H 401 14.20 37.49 -86.12
N LEU H 402 15.16 38.06 -86.85
CA LEU H 402 16.27 38.88 -86.30
C LEU H 402 15.84 40.36 -86.29
N ASP H 403 15.92 41.01 -85.14
CA ASP H 403 15.72 42.48 -84.99
C ASP H 403 17.03 43.17 -85.32
N GLN H 404 17.03 44.02 -86.37
CA GLN H 404 18.19 44.85 -86.78
C GLN H 404 17.82 46.34 -86.72
N SER H 405 16.70 46.68 -86.08
CA SER H 405 16.20 48.06 -85.93
C SER H 405 17.22 48.94 -85.20
N ARG H 406 17.96 48.36 -84.24
CA ARG H 406 18.98 49.07 -83.40
C ARG H 406 20.37 48.97 -84.02
N ILE H 407 20.49 48.47 -85.25
CA ILE H 407 21.78 48.40 -86.01
C ILE H 407 21.71 49.50 -87.08
N PRO H 408 22.79 50.28 -87.30
CA PRO H 408 22.83 51.22 -88.42
C PRO H 408 22.56 50.52 -89.77
N PHE H 409 21.81 51.19 -90.65
CA PHE H 409 21.23 50.63 -91.89
C PHE H 409 22.28 49.85 -92.68
N SER H 410 23.42 50.48 -92.99
CA SER H 410 24.51 49.95 -93.86
C SER H 410 25.22 48.74 -93.24
N GLU H 411 25.15 48.57 -91.92
CA GLU H 411 25.81 47.47 -91.17
C GLU H 411 24.86 46.27 -91.02
N ARG H 412 23.62 46.35 -91.52
CA ARG H 412 22.62 45.27 -91.36
C ARG H 412 23.00 44.09 -92.27
N LYS H 413 22.72 42.88 -91.80
CA LYS H 413 22.92 41.65 -92.60
C LYS H 413 21.75 41.54 -93.58
N LEU H 414 22.03 41.50 -94.89
CA LEU H 414 20.99 41.42 -95.96
C LEU H 414 20.10 40.21 -95.67
N LYS H 415 18.78 40.41 -95.72
CA LYS H 415 17.80 39.32 -95.55
C LYS H 415 17.04 39.14 -96.86
N PHE H 416 16.82 37.89 -97.25
CA PHE H 416 16.23 37.50 -98.54
C PHE H 416 15.57 36.13 -98.41
N SER H 417 14.87 35.74 -99.46
CA SER H 417 14.10 34.49 -99.57
C SER H 417 14.68 33.65 -100.70
N ASN H 418 14.63 32.33 -100.52
CA ASN H 418 15.03 31.35 -101.54
C ASN H 418 14.10 30.15 -101.36
N ARG H 419 13.42 29.78 -102.43
CA ARG H 419 12.57 28.56 -102.46
C ARG H 419 12.79 27.91 -103.81
N PHE H 420 12.81 26.61 -103.81
CA PHE H 420 12.77 25.79 -105.05
C PHE H 420 11.38 25.97 -105.67
N LEU H 421 11.34 26.17 -106.98
CA LEU H 421 10.06 26.27 -107.73
C LEU H 421 9.49 24.87 -107.93
N PRO H 422 8.14 24.74 -107.92
CA PRO H 422 7.47 23.49 -108.28
C PRO H 422 7.50 23.25 -109.79
N VAL H 423 8.67 22.84 -110.28
CA VAL H 423 8.98 22.55 -111.70
C VAL H 423 9.88 21.32 -111.71
N ALA H 424 10.00 20.64 -112.85
CA ALA H 424 10.70 19.33 -112.94
C ALA H 424 11.81 19.36 -113.98
N SER H 425 12.07 20.49 -114.62
CA SER H 425 13.13 20.62 -115.64
C SER H 425 13.81 21.96 -115.48
N PRO H 426 15.12 22.05 -115.80
CA PRO H 426 15.85 23.31 -115.74
C PRO H 426 15.65 24.14 -117.01
N PHE H 427 14.53 24.84 -117.15
CA PHE H 427 14.29 25.72 -118.32
C PHE H 427 15.34 26.82 -118.37
N HIS H 428 15.64 27.29 -119.56
CA HIS H 428 16.52 28.46 -119.81
C HIS H 428 17.93 28.15 -119.31
N SER H 429 18.44 26.94 -119.62
CA SER H 429 19.74 26.43 -119.13
C SER H 429 20.47 25.64 -120.22
N HIS H 430 21.81 25.64 -120.12
CA HIS H 430 22.77 24.89 -120.97
C HIS H 430 22.39 23.41 -120.96
N LEU H 431 21.79 22.93 -119.88
CA LEU H 431 21.37 21.50 -119.73
C LEU H 431 20.38 21.08 -120.82
N LEU H 432 19.55 22.00 -121.34
CA LEU H 432 18.46 21.64 -122.27
C LEU H 432 18.85 21.93 -123.71
N VAL H 433 20.01 22.56 -123.93
CA VAL H 433 20.51 23.00 -125.27
C VAL H 433 20.58 21.84 -126.27
N PRO H 434 21.01 20.61 -125.88
CA PRO H 434 21.01 19.47 -126.80
C PRO H 434 19.64 19.18 -127.45
N ALA H 435 18.55 19.44 -126.71
CA ALA H 435 17.15 19.23 -127.17
C ALA H 435 16.77 20.21 -128.29
N SER H 436 17.48 21.34 -128.46
CA SER H 436 17.14 22.42 -129.43
C SER H 436 16.91 21.85 -130.82
N ASP H 437 17.94 21.22 -131.40
CA ASP H 437 17.95 20.68 -132.79
C ASP H 437 16.84 19.65 -132.95
N LEU H 438 16.61 18.82 -131.93
CA LEU H 438 15.60 17.73 -131.97
C LEU H 438 14.21 18.34 -132.01
N ILE H 439 13.94 19.40 -131.24
CA ILE H 439 12.62 20.09 -131.22
C ILE H 439 12.41 20.74 -132.59
N ASN H 440 13.41 21.41 -133.15
CA ASN H 440 13.30 22.11 -134.46
C ASN H 440 12.90 21.08 -135.53
N LYS H 441 13.63 19.95 -135.60
CA LYS H 441 13.38 18.85 -136.58
C LYS H 441 11.97 18.25 -136.38
N ASP H 442 11.52 18.10 -135.14
CA ASP H 442 10.17 17.55 -134.83
C ASP H 442 9.10 18.52 -135.34
N LEU H 443 9.35 19.83 -135.24
CA LEU H 443 8.38 20.85 -135.69
C LEU H 443 8.30 20.85 -137.23
N VAL H 444 9.43 20.76 -137.96
CA VAL H 444 9.41 20.73 -139.45
C VAL H 444 8.70 19.42 -139.89
N LYS H 445 8.88 18.33 -139.15
CA LYS H 445 8.26 17.02 -139.43
C LYS H 445 6.74 17.08 -139.23
N ASN H 446 6.25 17.70 -138.15
CA ASN H 446 4.80 17.79 -137.81
C ASN H 446 4.19 19.09 -138.37
N ASN H 447 4.87 19.79 -139.29
CA ASN H 447 4.36 20.94 -140.08
C ASN H 447 3.83 22.03 -139.14
N VAL H 448 4.68 22.45 -138.20
CA VAL H 448 4.38 23.55 -137.25
C VAL H 448 5.40 24.66 -137.52
N SER H 449 4.92 25.75 -138.11
CA SER H 449 5.65 27.02 -138.28
C SER H 449 4.73 28.16 -137.86
N PHE H 450 5.32 29.31 -137.55
CA PHE H 450 4.64 30.58 -137.27
C PHE H 450 5.20 31.62 -138.24
N ASN H 451 4.36 32.12 -139.15
CA ASN H 451 4.72 33.14 -140.17
C ASN H 451 4.39 34.54 -139.62
N ALA H 452 5.32 35.48 -139.79
CA ALA H 452 5.21 36.88 -139.33
C ALA H 452 3.91 37.52 -139.87
N LYS H 453 3.59 37.27 -141.14
CA LYS H 453 2.38 37.82 -141.83
C LYS H 453 1.08 37.23 -141.26
N ASP H 454 1.12 36.05 -140.61
CA ASP H 454 -0.06 35.41 -139.95
C ASP H 454 -0.24 35.95 -138.52
N ILE H 455 0.81 36.56 -137.94
CA ILE H 455 0.80 37.07 -136.54
C ILE H 455 0.33 38.53 -136.57
N GLN H 456 -0.88 38.78 -136.08
CA GLN H 456 -1.67 39.99 -136.35
C GLN H 456 -1.35 41.08 -135.32
N ILE H 457 -0.97 40.69 -134.10
CA ILE H 457 -0.53 41.62 -133.02
C ILE H 457 0.95 41.36 -132.74
N PRO H 458 1.68 42.36 -132.21
CA PRO H 458 3.04 42.13 -131.74
C PRO H 458 3.07 41.05 -130.64
N VAL H 459 4.07 40.19 -130.72
CA VAL H 459 4.41 39.18 -129.68
C VAL H 459 5.84 39.44 -129.26
N TYR H 460 6.04 39.79 -128.00
CA TYR H 460 7.34 40.29 -127.50
C TYR H 460 8.19 39.09 -127.09
N ASP H 461 9.41 39.04 -127.61
CA ASP H 461 10.52 38.12 -127.24
C ASP H 461 10.79 38.22 -125.73
N THR H 462 11.00 37.09 -125.05
CA THR H 462 11.25 37.08 -123.59
C THR H 462 12.72 37.40 -123.27
N PHE H 463 13.60 37.55 -124.24
CA PHE H 463 15.04 37.86 -124.00
C PHE H 463 15.31 39.35 -124.19
N ASP H 464 14.92 39.93 -125.34
CA ASP H 464 15.26 41.34 -125.70
C ASP H 464 14.00 42.22 -125.84
N GLY H 465 12.80 41.65 -125.68
CA GLY H 465 11.53 42.42 -125.73
C GLY H 465 11.19 42.93 -127.11
N SER H 466 11.88 42.47 -128.16
CA SER H 466 11.62 42.83 -129.57
C SER H 466 10.36 42.10 -130.04
N ASP H 467 9.69 42.64 -131.04
CA ASP H 467 8.54 41.97 -131.70
C ASP H 467 9.09 40.77 -132.47
N LEU H 468 8.50 39.58 -132.29
CA LEU H 468 8.89 38.34 -132.99
C LEU H 468 8.61 38.46 -134.50
N ARG H 469 7.65 39.31 -134.90
CA ARG H 469 7.24 39.50 -136.32
C ARG H 469 8.36 40.14 -137.15
N VAL H 470 9.29 40.87 -136.54
CA VAL H 470 10.44 41.54 -137.26
C VAL H 470 11.66 40.62 -137.30
N LEU H 471 11.55 39.33 -136.93
CA LEU H 471 12.65 38.33 -137.04
C LEU H 471 12.90 37.99 -138.51
N SER H 472 14.18 37.92 -138.90
CA SER H 472 14.65 37.38 -140.20
C SER H 472 14.36 35.87 -140.26
N GLY H 473 14.81 35.13 -139.23
CA GLY H 473 14.77 33.66 -139.20
C GLY H 473 13.43 33.09 -138.77
N SER H 474 13.41 31.79 -138.47
CA SER H 474 12.22 31.03 -137.97
C SER H 474 11.80 31.57 -136.61
N ILE H 475 10.51 31.85 -136.45
CA ILE H 475 9.93 32.35 -135.18
C ILE H 475 9.85 31.16 -134.22
N SER H 476 9.44 29.99 -134.71
CA SER H 476 9.35 28.72 -133.96
C SER H 476 10.70 28.36 -133.33
N GLU H 477 11.80 28.56 -134.07
CA GLU H 477 13.20 28.29 -133.60
C GLU H 477 13.56 29.29 -132.51
N ARG H 478 13.21 30.57 -132.71
CA ARG H 478 13.49 31.63 -131.72
C ARG H 478 12.69 31.36 -130.44
N ILE H 479 11.43 30.95 -130.57
CA ILE H 479 10.54 30.72 -129.40
C ILE H 479 11.10 29.57 -128.58
N VAL H 480 11.50 28.50 -129.25
CA VAL H 480 12.14 27.31 -128.63
C VAL H 480 13.40 27.79 -127.89
N ASP H 481 14.23 28.56 -128.59
CA ASP H 481 15.48 29.10 -128.01
C ASP H 481 15.14 29.87 -126.73
N CYS H 482 14.10 30.71 -126.76
CA CYS H 482 13.71 31.57 -125.61
C CYS H 482 13.30 30.70 -124.42
N ILE H 483 12.69 29.54 -124.66
CA ILE H 483 12.19 28.65 -123.58
C ILE H 483 13.33 27.80 -123.02
N ILE H 484 14.14 27.19 -123.86
CA ILE H 484 15.07 26.12 -123.41
C ILE H 484 16.43 26.73 -123.05
N ARG H 485 16.88 27.76 -123.77
CA ARG H 485 18.27 28.27 -123.62
C ARG H 485 18.29 29.67 -123.02
N LEU H 486 17.73 30.67 -123.71
CA LEU H 486 17.93 32.10 -123.36
C LEU H 486 17.18 32.43 -122.08
N PRO H 487 17.75 33.29 -121.20
CA PRO H 487 17.04 33.72 -120.01
C PRO H 487 15.84 34.62 -120.33
N VAL H 488 14.87 34.64 -119.44
CA VAL H 488 13.67 35.50 -119.52
C VAL H 488 14.02 36.79 -118.78
N LYS H 489 14.09 37.90 -119.51
CA LYS H 489 14.27 39.26 -118.94
C LYS H 489 12.89 39.92 -118.92
N TRP H 490 12.14 39.70 -117.85
CA TRP H 490 10.69 39.96 -117.79
C TRP H 490 10.42 41.46 -117.88
N GLU H 491 11.24 42.30 -117.23
CA GLU H 491 11.04 43.77 -117.24
C GLU H 491 11.41 44.31 -118.62
N THR H 492 12.31 43.66 -119.33
CA THR H 492 12.70 44.06 -120.71
C THR H 492 11.54 43.75 -121.68
N THR H 493 10.92 42.59 -121.55
CA THR H 493 9.85 42.12 -122.47
C THR H 493 8.55 42.88 -122.19
N THR H 494 8.30 43.27 -120.94
CA THR H 494 7.11 44.06 -120.53
C THR H 494 7.35 45.58 -120.63
N GLN H 495 8.28 46.07 -121.46
CA GLN H 495 8.53 47.53 -121.68
C GLN H 495 7.39 48.20 -122.47
N PHE H 496 6.44 47.43 -123.00
CA PHE H 496 5.23 47.93 -123.71
C PHE H 496 4.41 48.85 -122.80
N LYS H 497 3.70 49.80 -123.41
CA LYS H 497 2.76 50.73 -122.72
C LYS H 497 1.36 50.12 -122.82
N ALA H 498 0.70 49.89 -121.69
CA ALA H 498 -0.65 49.32 -121.60
C ALA H 498 -1.31 49.80 -120.31
N THR H 499 -2.62 49.94 -120.30
CA THR H 499 -3.37 50.31 -119.08
C THR H 499 -3.80 49.03 -118.38
N HIS H 500 -3.97 47.97 -119.16
CA HIS H 500 -4.56 46.70 -118.67
C HIS H 500 -3.70 45.55 -119.21
N ILE H 501 -3.49 44.56 -118.35
CA ILE H 501 -2.76 43.31 -118.66
C ILE H 501 -3.68 42.17 -118.23
N LEU H 502 -4.05 41.30 -119.17
CA LEU H 502 -4.85 40.09 -118.90
C LEU H 502 -3.88 38.92 -118.73
N ASP H 503 -3.90 38.30 -117.56
CA ASP H 503 -3.04 37.14 -117.24
C ASP H 503 -3.91 35.90 -117.38
N PHE H 504 -3.70 35.16 -118.45
CA PHE H 504 -4.42 33.90 -118.71
C PHE H 504 -3.70 32.74 -118.02
N GLY H 505 -2.39 32.86 -117.82
CA GLY H 505 -1.46 31.76 -117.44
C GLY H 505 -2.01 31.05 -116.23
N PRO H 506 -1.39 29.95 -115.78
CA PRO H 506 -1.90 29.21 -114.64
C PRO H 506 -1.42 29.89 -113.35
N GLY H 507 -2.01 29.54 -112.21
CA GLY H 507 -1.53 29.94 -110.88
C GLY H 507 -2.39 30.99 -110.21
N GLY H 508 -3.39 31.52 -110.90
CA GLY H 508 -4.27 32.60 -110.38
C GLY H 508 -3.44 33.72 -109.77
N ALA H 509 -3.59 33.96 -108.48
CA ALA H 509 -2.94 35.07 -107.74
C ALA H 509 -1.44 34.77 -107.54
N SER H 510 -1.02 33.52 -107.69
CA SER H 510 0.41 33.09 -107.58
C SER H 510 1.09 33.16 -108.96
N GLY H 511 0.36 33.58 -109.98
CA GLY H 511 0.82 33.54 -111.38
C GLY H 511 1.66 34.74 -111.77
N LEU H 512 1.84 34.89 -113.08
CA LEU H 512 2.65 35.94 -113.73
C LEU H 512 2.00 37.32 -113.58
N GLY H 513 0.68 37.38 -113.46
CA GLY H 513 -0.05 38.65 -113.36
C GLY H 513 0.38 39.40 -112.12
N VAL H 514 0.31 38.75 -110.96
CA VAL H 514 0.65 39.41 -109.67
C VAL H 514 2.13 39.80 -109.67
N LEU H 515 3.02 38.95 -110.16
CA LEU H 515 4.44 39.32 -110.35
C LEU H 515 4.53 40.61 -111.17
N THR H 516 3.80 40.68 -112.29
CA THR H 516 3.87 41.81 -113.24
C THR H 516 3.31 43.06 -112.57
N HIS H 517 2.22 42.93 -111.81
CA HIS H 517 1.67 44.01 -110.97
C HIS H 517 2.78 44.60 -110.11
N ARG H 518 3.45 43.77 -109.29
CA ARG H 518 4.54 44.20 -108.39
C ARG H 518 5.57 45.03 -109.16
N ASN H 519 5.97 44.62 -110.36
CA ASN H 519 6.99 45.33 -111.15
C ASN H 519 6.49 46.68 -111.65
N LYS H 520 5.18 46.79 -111.88
CA LYS H 520 4.59 47.94 -112.63
C LYS H 520 3.76 48.82 -111.69
N ASP H 521 3.71 48.53 -110.39
CA ASP H 521 2.94 49.32 -109.39
C ASP H 521 3.29 50.80 -109.52
N GLY H 522 2.30 51.68 -109.60
CA GLY H 522 2.51 53.15 -109.62
C GLY H 522 2.81 53.72 -111.00
N THR H 523 2.70 52.92 -112.07
CA THR H 523 2.85 53.36 -113.49
C THR H 523 1.49 53.46 -114.18
N GLY H 524 0.39 53.09 -113.52
CA GLY H 524 -0.97 53.21 -114.06
C GLY H 524 -1.34 52.01 -114.93
N VAL H 525 -0.91 50.82 -114.53
CA VAL H 525 -1.23 49.54 -115.20
C VAL H 525 -2.05 48.70 -114.24
N ARG H 526 -3.16 48.18 -114.73
CA ARG H 526 -4.07 47.30 -113.99
C ARG H 526 -3.89 45.89 -114.57
N VAL H 527 -3.48 44.95 -113.74
CA VAL H 527 -3.41 43.52 -114.13
C VAL H 527 -4.76 42.90 -113.84
N ILE H 528 -5.25 42.05 -114.74
CA ILE H 528 -6.45 41.22 -114.47
C ILE H 528 -6.02 39.75 -114.60
N VAL H 529 -6.28 38.98 -113.56
CA VAL H 529 -6.05 37.52 -113.52
C VAL H 529 -7.28 36.88 -114.15
N ALA H 530 -7.19 36.63 -115.46
CA ALA H 530 -8.28 36.18 -116.34
C ALA H 530 -8.74 34.74 -116.07
N GLY H 531 -7.96 33.96 -115.32
CA GLY H 531 -8.18 32.50 -115.18
C GLY H 531 -8.82 32.14 -113.85
N THR H 532 -8.94 33.10 -112.93
CA THR H 532 -9.40 32.85 -111.55
C THR H 532 -10.49 33.86 -111.21
N LEU H 533 -11.65 33.35 -110.77
CA LEU H 533 -12.68 34.15 -110.06
C LEU H 533 -12.34 34.13 -108.57
N ASP H 534 -12.05 35.30 -108.01
CA ASP H 534 -11.76 35.49 -106.56
C ASP H 534 -11.99 36.97 -106.23
N ILE H 535 -11.84 37.34 -104.95
CA ILE H 535 -11.99 38.74 -104.44
C ILE H 535 -10.63 39.17 -103.91
N ASN H 536 -10.09 40.27 -104.45
CA ASN H 536 -8.87 40.94 -103.92
C ASN H 536 -9.33 41.95 -102.88
N PRO H 537 -8.97 41.79 -101.58
CA PRO H 537 -9.33 42.78 -100.56
C PRO H 537 -8.71 44.17 -100.80
N ASP H 538 -7.44 44.22 -101.21
CA ASP H 538 -6.68 45.47 -101.53
C ASP H 538 -7.17 46.08 -102.84
N ASP H 539 -7.74 45.28 -103.74
CA ASP H 539 -8.28 45.68 -105.07
C ASP H 539 -7.19 46.38 -105.88
N ASP H 540 -5.93 45.95 -105.76
CA ASP H 540 -4.77 46.51 -106.51
C ASP H 540 -4.57 45.78 -107.84
N TYR H 541 -5.22 44.62 -108.04
CA TYR H 541 -5.33 43.92 -109.33
C TYR H 541 -6.70 43.25 -109.40
N GLY H 542 -7.13 42.89 -110.60
CA GLY H 542 -8.47 42.32 -110.84
C GLY H 542 -8.46 40.81 -110.96
N PHE H 543 -9.63 40.22 -110.88
CA PHE H 543 -9.93 38.81 -111.21
C PHE H 543 -10.87 38.74 -112.42
N LYS H 544 -11.18 37.52 -112.85
CA LYS H 544 -12.05 37.16 -114.00
C LYS H 544 -13.20 38.17 -114.16
N GLN H 545 -13.96 38.41 -113.07
CA GLN H 545 -15.24 39.18 -113.08
C GLN H 545 -15.06 40.56 -113.71
N GLU H 546 -13.89 41.17 -113.54
CA GLU H 546 -13.54 42.52 -114.06
C GLU H 546 -13.54 42.56 -115.60
N ILE H 547 -13.28 41.42 -116.27
CA ILE H 547 -13.23 41.34 -117.75
C ILE H 547 -14.65 41.47 -118.30
N PHE H 548 -15.64 40.92 -117.60
CA PHE H 548 -17.02 40.72 -118.12
C PHE H 548 -17.96 41.80 -117.58
N ASP H 549 -17.58 42.49 -116.50
CA ASP H 549 -18.44 43.49 -115.81
C ASP H 549 -18.79 44.59 -116.81
N VAL H 550 -20.09 44.91 -116.91
CA VAL H 550 -20.65 45.89 -117.89
C VAL H 550 -20.79 47.27 -117.22
N THR H 551 -20.85 47.31 -115.88
CA THR H 551 -20.92 48.57 -115.08
C THR H 551 -19.55 49.22 -115.08
N SER H 552 -19.37 50.31 -114.31
CA SER H 552 -18.08 51.05 -114.14
C SER H 552 -17.01 50.15 -113.49
N ASN H 553 -17.41 49.12 -112.72
CA ASN H 553 -16.50 48.21 -111.99
C ASN H 553 -15.56 47.46 -112.95
N GLY H 554 -15.95 47.30 -114.22
CA GLY H 554 -15.14 46.68 -115.28
C GLY H 554 -13.96 47.53 -115.71
N LEU H 555 -14.06 48.86 -115.62
CA LEU H 555 -12.97 49.81 -116.03
C LEU H 555 -12.38 50.46 -114.78
N LYS H 556 -11.72 49.67 -113.93
CA LYS H 556 -10.86 50.15 -112.83
C LYS H 556 -9.47 50.46 -113.39
N LYS H 557 -9.01 51.71 -113.24
CA LYS H 557 -7.60 52.11 -113.55
C LYS H 557 -6.81 52.12 -112.25
N ASN H 558 -5.58 51.60 -112.30
CA ASN H 558 -4.61 51.65 -111.18
C ASN H 558 -3.91 53.00 -111.19
N PRO H 559 -3.51 53.51 -110.01
CA PRO H 559 -2.92 54.85 -109.89
C PRO H 559 -1.57 54.93 -110.58
N ASN H 560 -1.37 55.96 -111.40
CA ASN H 560 -0.03 56.44 -111.84
C ASN H 560 0.39 57.59 -110.90
N TRP H 561 1.39 57.37 -110.04
CA TRP H 561 1.74 58.32 -108.95
C TRP H 561 2.23 59.62 -109.56
N LEU H 562 2.98 59.56 -110.65
CA LEU H 562 3.47 60.80 -111.27
C LEU H 562 2.32 61.72 -111.65
N GLU H 563 1.18 61.17 -112.10
CA GLU H 563 0.03 61.96 -112.61
C GLU H 563 -0.85 62.33 -111.42
N GLU H 564 -1.15 61.37 -110.55
CA GLU H 564 -2.09 61.55 -109.43
C GLU H 564 -1.54 62.53 -108.37
N TYR H 565 -0.24 62.61 -108.15
CA TYR H 565 0.38 63.41 -107.05
C TYR H 565 1.35 64.40 -107.66
N HIS H 566 1.15 64.71 -108.94
CA HIS H 566 1.89 65.76 -109.66
C HIS H 566 1.78 67.05 -108.85
N PRO H 567 2.90 67.73 -108.52
CA PRO H 567 2.84 69.07 -107.94
C PRO H 567 2.31 70.06 -108.99
N LYS H 568 1.51 71.03 -108.56
CA LYS H 568 0.90 72.06 -109.41
C LYS H 568 1.18 73.42 -108.82
N LEU H 569 1.05 74.45 -109.63
CA LEU H 569 0.97 75.84 -109.17
C LEU H 569 -0.49 76.27 -109.19
N ILE H 570 -0.88 77.06 -108.20
CA ILE H 570 -2.21 77.69 -108.12
C ILE H 570 -1.99 79.09 -107.58
N LYS H 571 -2.85 80.03 -107.93
CA LYS H 571 -2.77 81.38 -107.35
C LYS H 571 -4.13 81.78 -106.81
N ASN H 572 -4.13 82.67 -105.82
CA ASN H 572 -5.39 83.15 -105.21
C ASN H 572 -5.72 84.51 -105.84
N LYS H 573 -6.86 85.08 -105.45
CA LYS H 573 -7.36 86.39 -105.94
C LYS H 573 -6.27 87.46 -105.85
N SER H 574 -5.49 87.50 -104.77
CA SER H 574 -4.40 88.50 -104.55
C SER H 574 -3.20 88.28 -105.46
N GLY H 575 -3.12 87.13 -106.14
CA GLY H 575 -2.05 86.81 -107.10
C GLY H 575 -0.87 86.13 -106.41
N LYS H 576 -1.07 85.65 -105.18
CA LYS H 576 -0.06 84.86 -104.45
C LYS H 576 -0.02 83.47 -105.09
N ILE H 577 1.15 83.01 -105.50
CA ILE H 577 1.32 81.64 -106.07
C ILE H 577 1.64 80.66 -104.93
N PHE H 578 1.00 79.49 -104.95
CA PHE H 578 1.29 78.36 -104.03
C PHE H 578 1.68 77.14 -104.85
N VAL H 579 2.69 76.44 -104.38
CA VAL H 579 2.88 75.01 -104.71
C VAL H 579 1.69 74.26 -104.15
N GLU H 580 0.99 73.54 -105.01
CA GLU H 580 -0.27 72.84 -104.72
C GLU H 580 0.04 71.36 -104.62
N THR H 581 -0.16 70.82 -103.43
CA THR H 581 -0.04 69.39 -103.11
C THR H 581 -1.21 69.06 -102.22
N LYS H 582 -1.42 67.78 -101.97
CA LYS H 582 -2.41 67.28 -101.00
C LYS H 582 -2.30 68.06 -99.69
N PHE H 583 -1.08 68.40 -99.26
CA PHE H 583 -0.82 69.07 -97.96
C PHE H 583 -1.23 70.54 -98.08
N SER H 584 -0.67 71.27 -99.04
CA SER H 584 -0.90 72.72 -99.20
C SER H 584 -2.39 72.99 -99.46
N LYS H 585 -3.08 72.08 -100.16
CA LYS H 585 -4.53 72.23 -100.45
C LYS H 585 -5.32 72.16 -99.13
N LEU H 586 -4.91 71.33 -98.18
CA LEU H 586 -5.57 71.26 -96.86
C LEU H 586 -5.34 72.57 -96.10
N ILE H 587 -4.09 73.01 -95.96
CA ILE H 587 -3.75 74.04 -94.94
C ILE H 587 -3.74 75.43 -95.56
N GLY H 588 -3.75 75.57 -96.88
CA GLY H 588 -3.81 76.89 -97.52
C GLY H 588 -2.53 77.69 -97.34
N ARG H 589 -1.41 77.00 -97.22
CA ARG H 589 -0.07 77.60 -97.02
C ARG H 589 0.91 76.74 -97.80
N PRO H 590 2.12 77.21 -98.07
CA PRO H 590 3.12 76.38 -98.74
C PRO H 590 3.31 75.05 -98.03
N PRO H 591 3.58 73.94 -98.76
CA PRO H 591 3.66 72.63 -98.12
C PRO H 591 5.02 72.39 -97.43
N LEU H 592 5.43 73.32 -96.58
CA LEU H 592 6.78 73.40 -95.97
C LEU H 592 6.52 73.63 -94.49
N LEU H 593 7.03 72.74 -93.65
CA LEU H 593 6.79 72.95 -92.21
C LEU H 593 8.10 72.90 -91.42
N VAL H 594 8.09 73.68 -90.34
CA VAL H 594 9.13 73.65 -89.29
C VAL H 594 8.58 72.69 -88.26
N PRO H 595 9.24 71.52 -88.08
CA PRO H 595 8.78 70.53 -87.15
C PRO H 595 9.08 71.00 -85.71
N GLY H 596 8.45 70.36 -84.74
CA GLY H 596 8.70 70.59 -83.31
C GLY H 596 10.15 70.28 -83.02
N MET H 597 10.86 71.22 -82.41
CA MET H 597 12.25 71.03 -81.95
C MET H 597 12.40 71.59 -80.54
N THR H 598 12.77 70.72 -79.61
CA THR H 598 13.30 71.13 -78.29
C THR H 598 14.80 71.35 -78.48
N PRO H 599 15.36 72.56 -78.33
CA PRO H 599 14.62 73.74 -77.84
C PRO H 599 14.13 74.80 -78.85
N CYS H 600 14.49 74.69 -80.13
CA CYS H 600 14.30 75.78 -81.15
C CYS H 600 12.85 76.26 -81.29
N THR H 601 11.86 75.37 -81.23
CA THR H 601 10.44 75.81 -81.40
C THR H 601 9.71 75.75 -80.06
N VAL H 602 10.45 75.79 -78.94
CA VAL H 602 9.76 75.96 -77.64
C VAL H 602 9.44 77.44 -77.53
N SER H 603 10.27 78.30 -78.11
CA SER H 603 10.12 79.78 -78.04
C SER H 603 8.82 80.21 -78.68
N PRO H 604 7.87 80.85 -77.94
CA PRO H 604 6.69 81.45 -78.56
C PRO H 604 7.02 82.48 -79.65
N ASP H 605 8.13 83.18 -79.53
CA ASP H 605 8.55 84.23 -80.48
C ASP H 605 8.91 83.61 -81.84
N PHE H 606 9.56 82.44 -81.85
CA PHE H 606 9.95 81.77 -83.12
C PHE H 606 8.72 81.14 -83.75
N VAL H 607 7.85 80.54 -82.93
CA VAL H 607 6.57 79.93 -83.40
C VAL H 607 5.71 81.01 -84.05
N ALA H 608 5.62 82.18 -83.44
CA ALA H 608 4.86 83.34 -83.93
C ALA H 608 5.52 83.91 -85.19
N ALA H 609 6.83 84.08 -85.22
CA ALA H 609 7.55 84.64 -86.38
C ALA H 609 7.33 83.77 -87.62
N THR H 610 7.32 82.44 -87.44
CA THR H 610 7.20 81.47 -88.55
C THR H 610 5.75 81.44 -89.03
N THR H 611 4.80 81.40 -88.12
CA THR H 611 3.34 81.53 -88.40
C THR H 611 3.10 82.83 -89.18
N ASN H 612 3.63 83.95 -88.71
CA ASN H 612 3.45 85.28 -89.35
C ASN H 612 4.16 85.33 -90.72
N ALA H 613 5.21 84.52 -90.92
CA ALA H 613 5.92 84.41 -92.21
C ALA H 613 5.04 83.67 -93.23
N GLY H 614 4.05 82.91 -92.74
CA GLY H 614 3.07 82.19 -93.54
C GLY H 614 3.35 80.70 -93.62
N TYR H 615 4.05 80.11 -92.63
CA TYR H 615 4.49 78.69 -92.64
C TYR H 615 4.01 77.97 -91.39
N THR H 616 3.77 76.66 -91.52
CA THR H 616 3.30 75.83 -90.40
C THR H 616 4.50 75.48 -89.52
N ILE H 617 4.29 75.60 -88.22
CA ILE H 617 5.31 75.32 -87.17
C ILE H 617 4.59 74.70 -86.00
N GLU H 618 5.28 73.77 -85.34
CA GLU H 618 4.82 73.04 -84.13
C GLU H 618 5.52 73.71 -82.94
N LEU H 619 4.75 74.13 -81.93
CA LEU H 619 5.28 74.49 -80.59
C LEU H 619 5.74 73.19 -79.94
N ALA H 620 7.01 73.11 -79.52
CA ALA H 620 7.60 71.89 -78.95
C ALA H 620 7.23 71.76 -77.47
N GLY H 621 6.40 70.77 -77.13
CA GLY H 621 6.05 70.41 -75.75
C GLY H 621 7.24 69.94 -74.92
N GLY H 622 8.29 69.41 -75.57
CA GLY H 622 9.56 69.04 -74.94
C GLY H 622 10.18 70.14 -74.09
N GLY H 623 9.87 71.40 -74.35
CA GLY H 623 10.38 72.55 -73.57
C GLY H 623 9.48 72.94 -72.41
N TYR H 624 8.44 72.17 -72.12
CA TYR H 624 7.39 72.53 -71.13
C TYR H 624 7.20 71.36 -70.18
N PHE H 625 6.86 71.64 -68.91
CA PHE H 625 6.81 70.61 -67.84
C PHE H 625 5.43 70.53 -67.18
N SER H 626 4.54 71.46 -67.49
CA SER H 626 3.15 71.47 -66.96
C SER H 626 2.20 72.13 -67.96
N ALA H 627 0.90 71.94 -67.74
CA ALA H 627 -0.18 72.58 -68.53
C ALA H 627 -0.10 74.10 -68.38
N ALA H 628 0.23 74.60 -67.19
CA ALA H 628 0.31 76.04 -66.90
C ALA H 628 1.41 76.68 -67.73
N GLY H 629 2.59 76.06 -67.76
CA GLY H 629 3.75 76.59 -68.49
C GLY H 629 3.52 76.55 -69.99
N MET H 630 2.89 75.48 -70.51
CA MET H 630 2.56 75.36 -71.96
C MET H 630 1.42 76.34 -72.29
N THR H 631 0.44 76.51 -71.40
CA THR H 631 -0.68 77.47 -71.59
C THR H 631 -0.16 78.90 -71.76
N ALA H 632 0.80 79.32 -70.95
CA ALA H 632 1.42 80.66 -71.00
C ALA H 632 2.14 80.85 -72.34
N ALA H 633 2.78 79.81 -72.84
CA ALA H 633 3.54 79.83 -74.12
C ALA H 633 2.54 79.94 -75.27
N ILE H 634 1.50 79.10 -75.24
CA ILE H 634 0.41 79.15 -76.26
C ILE H 634 -0.22 80.53 -76.28
N ASP H 635 -0.60 81.07 -75.12
CA ASP H 635 -1.20 82.42 -74.99
C ASP H 635 -0.24 83.46 -75.54
N SER H 636 1.06 83.28 -75.34
CA SER H 636 2.10 84.20 -75.89
C SER H 636 2.11 84.07 -77.41
N VAL H 637 1.98 82.85 -77.95
CA VAL H 637 1.95 82.69 -79.44
C VAL H 637 0.69 83.40 -79.93
N VAL H 638 -0.47 83.07 -79.37
CA VAL H 638 -1.77 83.63 -79.82
C VAL H 638 -1.72 85.16 -79.79
N SER H 639 -1.15 85.78 -78.76
CA SER H 639 -1.01 87.26 -78.68
C SER H 639 -0.17 87.83 -79.83
N GLN H 640 0.80 87.09 -80.35
CA GLN H 640 1.79 87.62 -81.34
C GLN H 640 1.40 87.27 -82.78
N ILE H 641 0.49 86.30 -83.01
CA ILE H 641 0.07 85.93 -84.39
C ILE H 641 -1.16 86.74 -84.78
N GLU H 642 -1.35 86.95 -86.08
CA GLU H 642 -2.51 87.67 -86.66
C GLU H 642 -3.77 86.83 -86.48
N LYS H 643 -4.92 87.50 -86.34
CA LYS H 643 -6.26 86.86 -86.37
C LYS H 643 -6.37 85.96 -87.60
N GLY H 644 -6.85 84.75 -87.41
CA GLY H 644 -7.01 83.73 -88.46
C GLY H 644 -5.79 82.86 -88.66
N SER H 645 -4.63 83.20 -88.09
CA SER H 645 -3.42 82.33 -88.11
C SER H 645 -3.58 81.17 -87.12
N THR H 646 -2.89 80.07 -87.39
CA THR H 646 -2.91 78.83 -86.59
C THR H 646 -1.48 78.32 -86.45
N PHE H 647 -1.31 77.34 -85.60
CA PHE H 647 -0.01 76.68 -85.33
C PHE H 647 -0.33 75.34 -84.74
N GLY H 648 0.66 74.46 -84.71
CA GLY H 648 0.50 73.12 -84.13
C GLY H 648 1.28 72.95 -82.85
N ILE H 649 1.08 71.79 -82.23
CA ILE H 649 1.81 71.39 -81.01
C ILE H 649 2.45 70.04 -81.27
N ASN H 650 3.72 69.93 -80.90
CA ASN H 650 4.50 68.67 -80.96
C ASN H 650 4.60 68.13 -79.53
N LEU H 651 4.08 66.95 -79.29
CA LEU H 651 4.25 66.21 -78.01
C LEU H 651 5.05 64.93 -78.29
N ILE H 652 5.73 64.43 -77.26
CA ILE H 652 6.70 63.30 -77.33
C ILE H 652 6.01 62.08 -76.75
N TYR H 653 5.86 61.01 -77.52
CA TYR H 653 5.06 59.84 -77.13
C TYR H 653 5.77 59.02 -76.02
N VAL H 654 7.10 59.10 -75.95
CA VAL H 654 7.93 58.37 -74.94
C VAL H 654 8.12 59.24 -73.69
N ASN H 655 7.28 60.25 -73.51
CA ASN H 655 7.22 61.10 -72.31
C ASN H 655 5.80 61.04 -71.79
N PRO H 656 5.41 59.91 -71.13
CA PRO H 656 4.04 59.68 -70.70
C PRO H 656 3.48 60.82 -69.83
N PHE H 657 4.36 61.51 -69.08
CA PHE H 657 3.99 62.64 -68.21
C PHE H 657 3.52 63.80 -69.10
N MET H 658 4.31 64.15 -70.12
CA MET H 658 3.96 65.21 -71.10
C MET H 658 2.59 64.89 -71.70
N LEU H 659 2.36 63.65 -72.15
CA LEU H 659 1.07 63.27 -72.76
C LEU H 659 -0.04 63.46 -71.73
N GLN H 660 0.22 63.14 -70.46
CA GLN H 660 -0.81 63.07 -69.40
C GLN H 660 -1.38 64.47 -69.14
N TRP H 661 -0.54 65.51 -69.14
CA TRP H 661 -1.02 66.91 -69.04
C TRP H 661 -1.24 67.52 -70.43
N GLY H 662 -0.58 67.01 -71.47
CA GLY H 662 -0.50 67.63 -72.81
C GLY H 662 -1.78 67.46 -73.59
N ILE H 663 -2.35 66.26 -73.60
CA ILE H 663 -3.56 65.87 -74.37
C ILE H 663 -4.78 66.55 -73.75
N PRO H 664 -5.03 66.43 -72.41
CA PRO H 664 -6.10 67.20 -71.80
C PRO H 664 -6.01 68.71 -72.02
N LEU H 665 -4.79 69.25 -72.03
CA LEU H 665 -4.62 70.69 -72.29
C LEU H 665 -5.12 71.02 -73.70
N ILE H 666 -4.71 70.25 -74.70
CA ILE H 666 -5.08 70.55 -76.11
C ILE H 666 -6.61 70.45 -76.23
N LYS H 667 -7.19 69.38 -75.71
CA LYS H 667 -8.66 69.18 -75.68
C LYS H 667 -9.34 70.44 -75.13
N GLU H 668 -8.87 70.91 -73.99
CA GLU H 668 -9.46 72.04 -73.24
C GLU H 668 -9.27 73.34 -74.03
N LEU H 669 -8.06 73.61 -74.53
CA LEU H 669 -7.81 74.82 -75.34
C LEU H 669 -8.63 74.76 -76.63
N ARG H 670 -8.75 73.60 -77.28
CA ARG H 670 -9.51 73.50 -78.55
C ARG H 670 -10.98 73.79 -78.25
N SER H 671 -11.53 73.24 -77.17
CA SER H 671 -12.91 73.49 -76.68
C SER H 671 -13.13 75.00 -76.45
N LYS H 672 -12.10 75.75 -76.05
CA LYS H 672 -12.19 77.23 -75.90
C LYS H 672 -11.95 77.91 -77.26
N GLY H 673 -11.69 77.13 -78.31
CA GLY H 673 -11.50 77.62 -79.68
C GLY H 673 -10.10 78.15 -79.92
N TYR H 674 -9.06 77.65 -79.23
CA TYR H 674 -7.68 78.15 -79.47
C TYR H 674 -7.22 77.68 -80.85
N PRO H 675 -6.43 78.50 -81.56
CA PRO H 675 -6.05 78.22 -82.94
C PRO H 675 -4.91 77.21 -83.02
N ILE H 676 -5.20 76.00 -82.57
CA ILE H 676 -4.28 74.85 -82.64
C ILE H 676 -4.79 73.98 -83.78
N GLN H 677 -4.10 74.02 -84.90
CA GLN H 677 -4.56 73.38 -86.14
C GLN H 677 -4.32 71.89 -86.04
N PHE H 678 -3.22 71.49 -85.44
CA PHE H 678 -2.83 70.06 -85.44
C PHE H 678 -1.95 69.77 -84.23
N LEU H 679 -1.80 68.48 -84.02
CA LEU H 679 -0.91 67.87 -83.03
C LEU H 679 0.02 66.94 -83.79
N THR H 680 1.32 67.10 -83.62
CA THR H 680 2.30 66.09 -84.09
C THR H 680 2.80 65.30 -82.87
N ILE H 681 2.74 63.99 -82.96
CA ILE H 681 3.33 63.08 -81.95
C ILE H 681 4.71 62.69 -82.46
N GLY H 682 5.76 63.08 -81.74
CA GLY H 682 7.14 62.71 -82.05
C GLY H 682 7.56 61.45 -81.30
N ALA H 683 8.61 60.78 -81.77
CA ALA H 683 9.38 59.76 -81.03
C ALA H 683 8.49 58.57 -80.68
N GLY H 684 7.68 58.12 -81.63
CA GLY H 684 6.78 56.97 -81.46
C GLY H 684 5.43 57.26 -82.07
N VAL H 685 4.73 56.21 -82.46
CA VAL H 685 3.37 56.27 -83.05
C VAL H 685 2.40 55.70 -82.04
N PRO H 686 1.29 56.40 -81.71
CA PRO H 686 0.35 55.87 -80.74
C PRO H 686 -0.30 54.58 -81.26
N SER H 687 -0.88 53.82 -80.34
CA SER H 687 -1.78 52.67 -80.62
C SER H 687 -3.03 53.19 -81.35
N LEU H 688 -3.78 52.29 -81.97
CA LEU H 688 -5.08 52.59 -82.62
C LEU H 688 -6.03 53.25 -81.63
N GLU H 689 -6.06 52.80 -80.37
CA GLU H 689 -7.06 53.26 -79.37
C GLU H 689 -6.73 54.72 -79.02
N VAL H 690 -5.44 54.98 -78.76
CA VAL H 690 -4.93 56.32 -78.37
C VAL H 690 -5.11 57.27 -79.56
N ALA H 691 -4.71 56.86 -80.76
CA ALA H 691 -4.82 57.67 -82.00
C ALA H 691 -6.28 58.04 -82.21
N SER H 692 -7.21 57.10 -81.98
CA SER H 692 -8.67 57.34 -82.12
C SER H 692 -9.09 58.45 -81.15
N GLU H 693 -8.68 58.34 -79.89
CA GLU H 693 -8.92 59.37 -78.83
C GLU H 693 -8.43 60.73 -79.35
N TYR H 694 -7.22 60.82 -79.90
CA TYR H 694 -6.62 62.08 -80.40
C TYR H 694 -7.45 62.61 -81.57
N ILE H 695 -7.81 61.74 -82.51
CA ILE H 695 -8.58 62.12 -83.74
C ILE H 695 -9.97 62.61 -83.33
N GLU H 696 -10.68 61.90 -82.45
CA GLU H 696 -12.13 62.11 -82.19
C GLU H 696 -12.37 63.21 -81.14
N THR H 697 -11.47 63.40 -80.16
CA THR H 697 -11.75 64.25 -78.97
C THR H 697 -11.01 65.59 -79.03
N LEU H 698 -9.90 65.74 -79.77
CA LEU H 698 -9.03 66.93 -79.59
C LEU H 698 -9.48 68.09 -80.48
N GLY H 699 -10.45 67.89 -81.37
CA GLY H 699 -10.94 68.95 -82.26
C GLY H 699 -9.83 69.50 -83.16
N LEU H 700 -8.99 68.61 -83.69
CA LEU H 700 -7.86 69.03 -84.57
C LEU H 700 -8.26 68.91 -86.04
N LYS H 701 -7.65 69.72 -86.90
CA LYS H 701 -7.78 69.59 -88.37
C LYS H 701 -7.07 68.30 -88.82
N TYR H 702 -5.83 68.09 -88.38
CA TYR H 702 -5.07 66.87 -88.74
C TYR H 702 -4.14 66.44 -87.62
N LEU H 703 -3.63 65.23 -87.77
CA LEU H 703 -2.73 64.58 -86.80
C LEU H 703 -1.44 64.26 -87.52
N GLY H 704 -0.34 64.81 -87.00
CA GLY H 704 1.03 64.55 -87.45
C GLY H 704 1.58 63.33 -86.75
N LEU H 705 2.08 62.36 -87.50
CA LEU H 705 2.74 61.17 -86.96
C LEU H 705 4.13 61.09 -87.57
N LYS H 706 5.12 60.61 -86.82
CA LYS H 706 6.55 60.60 -87.22
C LYS H 706 7.05 59.17 -87.09
N PRO H 707 6.67 58.27 -88.02
CA PRO H 707 7.13 56.89 -87.92
C PRO H 707 8.64 56.86 -88.12
N GLY H 708 9.33 56.03 -87.36
CA GLY H 708 10.79 55.84 -87.45
C GLY H 708 11.18 54.74 -88.44
N SER H 709 10.33 53.73 -88.63
CA SER H 709 10.65 52.47 -89.36
C SER H 709 9.45 52.01 -90.20
N ILE H 710 9.62 50.92 -90.94
CA ILE H 710 8.54 50.19 -91.67
C ILE H 710 7.35 49.90 -90.75
N ASP H 711 7.61 49.30 -89.58
CA ASP H 711 6.53 48.85 -88.65
C ASP H 711 5.71 50.06 -88.20
N ALA H 712 6.36 51.19 -87.93
CA ALA H 712 5.70 52.42 -87.47
C ALA H 712 4.88 52.99 -88.65
N ILE H 713 5.41 52.91 -89.87
CA ILE H 713 4.71 53.38 -91.11
C ILE H 713 3.45 52.53 -91.28
N SER H 714 3.55 51.21 -91.08
CA SER H 714 2.38 50.30 -91.04
C SER H 714 1.37 50.72 -89.98
N GLN H 715 1.83 51.18 -88.82
CA GLN H 715 0.92 51.60 -87.72
C GLN H 715 0.21 52.91 -88.10
N VAL H 716 0.93 53.80 -88.77
CA VAL H 716 0.34 55.08 -89.29
C VAL H 716 -0.76 54.69 -90.28
N ILE H 717 -0.44 53.78 -91.20
CA ILE H 717 -1.41 53.32 -92.23
C ILE H 717 -2.65 52.77 -91.50
N ASN H 718 -2.46 51.94 -90.47
CA ASN H 718 -3.60 51.32 -89.75
C ASN H 718 -4.48 52.43 -89.15
N ILE H 719 -3.88 53.50 -88.61
CA ILE H 719 -4.62 54.65 -88.03
C ILE H 719 -5.38 55.38 -89.14
N ALA H 720 -4.75 55.60 -90.28
CA ALA H 720 -5.37 56.26 -91.46
C ALA H 720 -6.57 55.40 -91.93
N LYS H 721 -6.41 54.08 -91.99
CA LYS H 721 -7.48 53.11 -92.41
C LYS H 721 -8.69 53.26 -91.48
N ALA H 722 -8.44 53.39 -90.17
CA ALA H 722 -9.47 53.40 -89.11
C ALA H 722 -10.25 54.72 -89.10
N HIS H 723 -9.67 55.80 -89.65
CA HIS H 723 -10.24 57.17 -89.69
C HIS H 723 -10.06 57.71 -91.10
N PRO H 724 -10.76 57.12 -92.09
CA PRO H 724 -10.44 57.36 -93.49
C PRO H 724 -10.74 58.79 -93.96
N ASN H 725 -11.55 59.54 -93.21
CA ASN H 725 -11.89 60.94 -93.54
C ASN H 725 -10.97 61.94 -92.81
N PHE H 726 -10.15 61.49 -91.87
CA PHE H 726 -9.34 62.41 -91.05
C PHE H 726 -7.95 62.54 -91.65
N PRO H 727 -7.47 63.76 -91.95
CA PRO H 727 -6.14 63.93 -92.53
C PRO H 727 -5.02 63.52 -91.57
N ILE H 728 -4.16 62.61 -92.00
CA ILE H 728 -2.95 62.18 -91.25
C ILE H 728 -1.75 62.72 -92.00
N ALA H 729 -0.94 63.57 -91.36
CA ALA H 729 0.36 64.01 -91.89
C ALA H 729 1.42 63.00 -91.44
N LEU H 730 1.81 62.11 -92.34
CA LEU H 730 2.91 61.15 -92.11
C LEU H 730 4.21 61.88 -92.41
N GLN H 731 4.92 62.26 -91.35
CA GLN H 731 6.18 63.01 -91.48
C GLN H 731 7.28 61.97 -91.42
N TRP H 732 7.85 61.64 -92.56
CA TRP H 732 8.87 60.59 -92.66
C TRP H 732 10.23 61.25 -92.58
N THR H 733 11.07 60.77 -91.67
CA THR H 733 12.48 61.21 -91.53
C THR H 733 13.36 59.96 -91.49
N GLY H 734 14.53 60.04 -92.06
CA GLY H 734 15.56 59.01 -91.91
C GLY H 734 16.43 59.33 -90.70
N GLY H 735 17.32 58.41 -90.39
CA GLY H 735 18.28 58.52 -89.27
C GLY H 735 19.18 59.73 -89.41
N ARG H 736 19.32 60.27 -90.60
CA ARG H 736 20.20 61.41 -90.90
C ARG H 736 19.65 62.72 -90.33
N GLY H 737 18.45 62.74 -89.78
CA GLY H 737 17.86 63.97 -89.22
C GLY H 737 18.59 64.42 -87.96
N GLY H 738 18.57 65.72 -87.68
CA GLY H 738 18.99 66.30 -86.40
C GLY H 738 18.22 65.73 -85.22
N GLY H 739 18.79 65.84 -84.02
CA GLY H 739 18.11 65.48 -82.78
C GLY H 739 18.06 63.98 -82.61
N HIS H 740 17.06 63.49 -81.89
CA HIS H 740 16.85 62.06 -81.68
C HIS H 740 16.57 61.46 -83.05
N HIS H 741 17.28 60.41 -83.40
CA HIS H 741 17.29 59.84 -84.77
C HIS H 741 17.26 58.33 -84.72
N SER H 742 16.77 57.74 -85.81
CA SER H 742 16.67 56.27 -86.01
C SER H 742 17.96 55.78 -86.63
N PHE H 743 18.02 54.49 -86.92
CA PHE H 743 19.10 53.83 -87.68
C PHE H 743 18.72 53.73 -89.15
N GLU H 744 17.57 54.29 -89.56
CA GLU H 744 16.91 53.98 -90.86
C GLU H 744 17.52 54.84 -91.96
N ASP H 745 17.65 54.24 -93.15
CA ASP H 745 17.91 54.96 -94.41
C ASP H 745 16.69 55.89 -94.67
N ALA H 746 16.90 57.00 -95.35
CA ALA H 746 15.82 57.94 -95.72
C ALA H 746 14.96 57.34 -96.85
N HIS H 747 15.56 56.63 -97.81
CA HIS H 747 14.94 56.26 -99.11
C HIS H 747 14.29 54.90 -99.04
N THR H 748 15.02 53.90 -98.60
CA THR H 748 14.63 52.47 -98.70
C THR H 748 13.24 52.27 -98.13
N PRO H 749 12.93 52.72 -96.90
CA PRO H 749 11.60 52.47 -96.34
C PRO H 749 10.46 53.18 -97.12
N MET H 750 10.76 54.30 -97.79
CA MET H 750 9.76 55.01 -98.63
C MET H 750 9.54 54.18 -99.90
N LEU H 751 10.62 53.73 -100.54
CA LEU H 751 10.52 52.82 -101.72
C LEU H 751 9.67 51.62 -101.38
N GLN H 752 9.77 51.07 -100.18
CA GLN H 752 9.00 49.85 -99.80
C GLN H 752 7.56 50.20 -99.48
N MET H 753 7.28 51.40 -98.94
CA MET H 753 5.97 51.66 -98.30
C MET H 753 5.14 52.68 -99.08
N TYR H 754 5.76 53.39 -100.02
CA TYR H 754 5.10 54.48 -100.76
C TYR H 754 3.76 54.00 -101.35
N SER H 755 3.76 52.86 -102.05
CA SER H 755 2.54 52.30 -102.65
C SER H 755 1.46 52.10 -101.58
N LYS H 756 1.79 51.50 -100.46
CA LYS H 756 0.81 51.19 -99.39
C LYS H 756 0.31 52.49 -98.77
N ILE H 757 1.19 53.49 -98.61
CA ILE H 757 0.77 54.80 -98.06
C ILE H 757 -0.24 55.39 -99.04
N ARG H 758 0.09 55.44 -100.33
CA ARG H 758 -0.73 56.14 -101.35
C ARG H 758 -2.07 55.44 -101.62
N ARG H 759 -2.35 54.31 -100.97
CA ARG H 759 -3.67 53.63 -101.03
C ARG H 759 -4.63 54.34 -100.08
N HIS H 760 -4.11 55.22 -99.21
CA HIS H 760 -4.89 55.95 -98.18
C HIS H 760 -4.88 57.43 -98.52
N PRO H 761 -5.93 57.95 -99.17
CA PRO H 761 -5.89 59.33 -99.66
C PRO H 761 -5.84 60.35 -98.51
N ASN H 762 -6.24 59.97 -97.30
CA ASN H 762 -6.19 60.86 -96.12
C ASN H 762 -4.76 61.02 -95.62
N ILE H 763 -3.78 60.22 -96.06
CA ILE H 763 -2.37 60.39 -95.61
C ILE H 763 -1.68 61.42 -96.50
N MET H 764 -1.21 62.48 -95.87
CA MET H 764 -0.40 63.53 -96.52
C MET H 764 1.05 63.21 -96.17
N LEU H 765 1.85 62.91 -97.20
CA LEU H 765 3.19 62.32 -97.04
C LEU H 765 4.23 63.43 -97.05
N ILE H 766 4.81 63.69 -95.89
CA ILE H 766 5.82 64.76 -95.70
C ILE H 766 7.19 64.07 -95.59
N PHE H 767 8.15 64.53 -96.36
CA PHE H 767 9.55 64.07 -96.32
C PHE H 767 10.38 65.11 -95.54
N GLY H 768 11.03 64.64 -94.50
CA GLY H 768 12.03 65.44 -93.78
C GLY H 768 13.34 64.70 -93.65
N SER H 769 14.28 65.35 -92.97
CA SER H 769 15.66 64.89 -92.70
C SER H 769 16.51 65.28 -93.87
N GLY H 770 17.57 66.03 -93.61
CA GLY H 770 18.64 66.24 -94.57
C GLY H 770 18.35 67.38 -95.51
N PHE H 771 17.20 68.04 -95.42
CA PHE H 771 16.80 69.05 -96.45
C PHE H 771 17.16 70.43 -95.97
N GLY H 772 17.65 71.27 -96.88
CA GLY H 772 17.84 72.69 -96.58
C GLY H 772 17.52 73.66 -97.71
N SER H 773 17.04 73.19 -98.87
CA SER H 773 16.78 74.11 -100.00
C SER H 773 15.73 73.58 -100.96
N ALA H 774 15.37 74.41 -101.95
CA ALA H 774 14.48 74.05 -103.07
C ALA H 774 15.15 72.97 -103.92
N ASP H 775 16.44 73.16 -104.22
CA ASP H 775 17.24 72.30 -105.13
C ASP H 775 17.19 70.85 -104.62
N ASP H 776 17.43 70.64 -103.33
CA ASP H 776 17.57 69.26 -102.78
C ASP H 776 16.21 68.65 -102.54
N THR H 777 15.14 69.44 -102.38
CA THR H 777 13.78 68.91 -102.14
C THR H 777 13.03 68.71 -103.47
N TYR H 778 13.36 69.45 -104.51
CA TYR H 778 12.58 69.44 -105.77
C TYR H 778 12.40 68.02 -106.30
N PRO H 779 13.44 67.18 -106.39
CA PRO H 779 13.24 65.80 -106.86
C PRO H 779 12.24 64.98 -106.03
N TYR H 780 11.96 65.36 -104.79
CA TYR H 780 11.02 64.62 -103.91
C TYR H 780 9.62 65.13 -104.21
N LEU H 781 9.53 66.40 -104.54
CA LEU H 781 8.26 67.05 -104.94
C LEU H 781 7.79 66.49 -106.29
N THR H 782 8.67 66.42 -107.30
CA THR H 782 8.30 65.92 -108.66
C THR H 782 8.22 64.39 -108.68
N GLY H 783 8.84 63.71 -107.72
CA GLY H 783 8.86 62.25 -107.66
C GLY H 783 10.04 61.66 -108.42
N GLU H 784 10.88 62.46 -109.05
CA GLU H 784 11.99 61.94 -109.88
C GLU H 784 13.07 61.25 -109.01
N TRP H 785 13.13 61.55 -107.71
CA TRP H 785 14.08 60.97 -106.73
C TRP H 785 14.08 59.45 -106.86
N SER H 786 12.89 58.84 -106.97
CA SER H 786 12.73 57.38 -106.88
C SER H 786 13.22 56.70 -108.18
N THR H 787 13.41 57.47 -109.26
CA THR H 787 13.84 56.96 -110.60
C THR H 787 15.31 56.52 -110.56
N LYS H 788 16.15 57.14 -109.73
CA LYS H 788 17.58 56.75 -109.52
C LYS H 788 17.66 55.30 -109.03
N PHE H 789 16.62 54.83 -108.34
CA PHE H 789 16.51 53.47 -107.76
C PHE H 789 15.69 52.53 -108.67
N ASP H 790 15.42 52.90 -109.92
CA ASP H 790 14.66 52.09 -110.92
C ASP H 790 13.23 51.83 -110.42
N TYR H 791 12.62 52.78 -109.71
CA TYR H 791 11.19 52.76 -109.31
C TYR H 791 10.47 53.84 -110.12
N PRO H 792 9.14 53.75 -110.26
CA PRO H 792 8.39 54.83 -110.89
C PRO H 792 8.46 56.09 -110.02
N PRO H 793 8.24 57.31 -110.58
CA PRO H 793 8.26 58.51 -109.78
C PRO H 793 7.32 58.46 -108.58
N MET H 794 7.75 59.03 -107.46
CA MET H 794 7.05 58.95 -106.17
C MET H 794 6.96 60.34 -105.54
N PRO H 795 6.07 61.23 -106.02
CA PRO H 795 6.03 62.59 -105.49
C PRO H 795 5.58 62.61 -104.03
N PHE H 796 6.10 63.58 -103.29
CA PHE H 796 5.72 63.83 -101.88
C PHE H 796 4.87 65.10 -101.78
N ASP H 797 4.08 65.14 -100.71
CA ASP H 797 3.10 66.21 -100.44
C ASP H 797 3.74 67.40 -99.75
N GLY H 798 4.91 67.26 -99.13
CA GLY H 798 5.61 68.41 -98.55
C GLY H 798 6.85 68.03 -97.78
N PHE H 799 7.48 69.03 -97.18
CA PHE H 799 8.84 68.92 -96.61
C PHE H 799 8.86 69.50 -95.22
N LEU H 800 9.68 68.91 -94.37
CA LEU H 800 9.97 69.57 -93.09
C LEU H 800 11.46 69.88 -93.02
N PHE H 801 11.77 70.97 -92.32
CA PHE H 801 13.10 71.60 -92.18
C PHE H 801 13.36 71.86 -90.69
N GLY H 802 14.04 70.93 -90.04
CA GLY H 802 14.47 71.07 -88.64
C GLY H 802 15.75 71.84 -88.57
N SER H 803 16.87 71.14 -88.80
CA SER H 803 18.26 71.64 -88.67
C SER H 803 18.39 72.97 -89.42
N ARG H 804 17.86 73.04 -90.64
CA ARG H 804 18.03 74.20 -91.58
C ARG H 804 17.70 75.52 -90.90
N VAL H 805 16.70 75.57 -90.02
CA VAL H 805 16.18 76.87 -89.50
C VAL H 805 16.82 77.22 -88.16
N MET H 806 17.78 76.45 -87.67
CA MET H 806 18.33 76.64 -86.30
C MET H 806 19.20 77.90 -86.21
N ILE H 807 19.63 78.48 -87.33
CA ILE H 807 20.44 79.73 -87.33
C ILE H 807 19.62 80.90 -87.90
N ALA H 808 18.31 80.76 -88.02
CA ALA H 808 17.42 81.87 -88.43
C ALA H 808 17.48 82.97 -87.37
N LYS H 809 17.16 84.19 -87.77
CA LYS H 809 17.19 85.39 -86.88
C LYS H 809 16.33 85.14 -85.64
N GLU H 810 15.12 84.66 -85.82
CA GLU H 810 14.09 84.67 -84.75
C GLU H 810 14.27 83.45 -83.83
N VAL H 811 15.16 82.50 -84.16
CA VAL H 811 15.44 81.33 -83.27
C VAL H 811 16.29 81.87 -82.11
N LYS H 812 16.07 81.34 -80.92
CA LYS H 812 16.72 81.82 -79.67
C LYS H 812 18.15 81.28 -79.52
N THR H 813 18.58 80.35 -80.37
CA THR H 813 19.97 79.83 -80.46
C THR H 813 20.94 81.01 -80.22
N SER H 814 21.83 80.89 -79.24
CA SER H 814 22.83 81.94 -78.87
C SER H 814 23.71 82.23 -80.08
N PRO H 815 24.16 83.48 -80.27
CA PRO H 815 25.04 83.81 -81.39
C PRO H 815 26.19 82.84 -81.64
N ASP H 816 26.89 82.39 -80.60
CA ASP H 816 28.08 81.52 -80.75
C ASP H 816 27.65 80.10 -81.11
N ALA H 817 26.46 79.67 -80.66
CA ALA H 817 25.88 78.38 -81.09
C ALA H 817 25.54 78.46 -82.60
N LYS H 818 25.05 79.60 -83.08
CA LYS H 818 24.78 79.81 -84.54
C LYS H 818 26.09 79.74 -85.32
N LYS H 819 27.15 80.37 -84.81
CA LYS H 819 28.49 80.28 -85.45
C LYS H 819 28.98 78.83 -85.47
N CYS H 820 28.73 78.09 -84.39
CA CYS H 820 29.14 76.67 -84.26
C CYS H 820 28.38 75.82 -85.29
N ILE H 821 27.06 76.00 -85.39
CA ILE H 821 26.17 75.34 -86.39
C ILE H 821 26.67 75.65 -87.80
N ALA H 822 26.86 76.94 -88.12
CA ALA H 822 27.26 77.43 -89.45
C ALA H 822 28.57 76.78 -89.89
N ALA H 823 29.50 76.57 -88.95
CA ALA H 823 30.87 76.05 -89.20
C ALA H 823 30.83 74.53 -89.46
N CYS H 824 29.79 73.82 -89.03
CA CYS H 824 29.59 72.39 -89.38
C CYS H 824 29.45 72.26 -90.90
N THR H 825 30.32 71.49 -91.54
CA THR H 825 30.35 71.33 -93.02
C THR H 825 29.20 70.43 -93.46
N GLY H 826 28.82 69.50 -92.60
CA GLY H 826 27.91 68.40 -92.91
C GLY H 826 28.54 67.43 -93.89
N VAL H 827 27.84 66.35 -94.16
CA VAL H 827 28.23 65.34 -95.19
C VAL H 827 27.02 65.02 -96.06
N PRO H 828 27.25 64.53 -97.29
CA PRO H 828 26.18 63.94 -98.10
C PRO H 828 25.53 62.73 -97.41
N ASP H 829 24.34 62.36 -97.88
CA ASP H 829 23.58 61.22 -97.35
C ASP H 829 24.42 59.91 -97.29
N ASP H 830 25.33 59.67 -98.23
CA ASP H 830 26.06 58.37 -98.30
C ASP H 830 26.92 58.18 -97.03
N LYS H 831 27.40 59.26 -96.41
CA LYS H 831 28.38 59.24 -95.29
C LYS H 831 27.73 59.44 -93.92
N TRP H 832 26.41 59.58 -93.80
CA TRP H 832 25.82 60.10 -92.54
C TRP H 832 26.06 59.07 -91.42
N GLU H 833 26.12 57.79 -91.73
CA GLU H 833 26.19 56.71 -90.71
C GLU H 833 27.55 56.71 -89.99
N GLN H 834 28.51 57.49 -90.45
CA GLN H 834 29.81 57.65 -89.75
C GLN H 834 29.62 58.41 -88.43
N THR H 835 28.49 59.09 -88.21
CA THR H 835 28.20 59.83 -86.95
C THR H 835 28.21 58.86 -85.77
N TYR H 836 27.81 57.60 -85.97
CA TYR H 836 27.81 56.55 -84.92
C TYR H 836 29.23 56.27 -84.41
N LYS H 837 30.28 56.56 -85.17
CA LYS H 837 31.68 56.18 -84.84
C LYS H 837 32.49 57.39 -84.41
N LYS H 838 32.46 58.46 -85.21
CA LYS H 838 33.36 59.62 -85.07
C LYS H 838 32.66 60.88 -85.59
N PRO H 839 33.16 62.09 -85.27
CA PRO H 839 32.65 63.32 -85.86
C PRO H 839 32.65 63.27 -87.40
N THR H 840 31.47 63.45 -87.98
CA THR H 840 31.21 63.42 -89.43
C THR H 840 30.52 64.75 -89.80
N GLY H 841 31.24 65.65 -90.47
CA GLY H 841 30.75 66.97 -90.87
C GLY H 841 30.56 67.90 -89.68
N GLY H 842 31.23 67.59 -88.56
CA GLY H 842 31.13 68.34 -87.30
C GLY H 842 30.04 67.80 -86.40
N ILE H 843 29.47 66.64 -86.71
CA ILE H 843 28.30 66.08 -86.01
C ILE H 843 28.64 64.66 -85.59
N VAL H 844 28.07 64.24 -84.48
CA VAL H 844 28.32 62.89 -83.93
C VAL H 844 27.01 62.42 -83.32
N THR H 845 26.87 61.12 -83.20
CA THR H 845 25.77 60.46 -82.48
C THR H 845 26.24 60.13 -81.07
N VAL H 846 25.43 60.52 -80.09
CA VAL H 846 25.59 60.15 -78.66
C VAL H 846 24.26 59.57 -78.20
N ARG H 847 24.25 58.97 -77.02
CA ARG H 847 23.07 58.27 -76.47
C ARG H 847 22.46 59.18 -75.43
N SER H 848 21.14 59.29 -75.44
CA SER H 848 20.32 59.94 -74.41
C SER H 848 20.43 59.14 -73.10
N GLU H 849 19.85 59.64 -72.01
CA GLU H 849 19.66 58.92 -70.72
C GLU H 849 19.05 57.54 -70.97
N MET H 850 18.10 57.46 -71.92
CA MET H 850 17.29 56.25 -72.25
C MET H 850 17.94 55.40 -73.35
N GLY H 851 19.14 55.73 -73.80
CA GLY H 851 19.92 54.93 -74.78
C GLY H 851 19.58 55.27 -76.21
N GLU H 852 18.82 56.35 -76.44
CA GLU H 852 18.33 56.74 -77.79
C GLU H 852 19.40 57.56 -78.50
N PRO H 853 19.69 57.30 -79.77
CA PRO H 853 20.68 58.08 -80.48
C PRO H 853 20.18 59.50 -80.69
N ILE H 854 21.12 60.43 -80.60
CA ILE H 854 20.90 61.87 -80.82
C ILE H 854 22.05 62.35 -81.66
N HIS H 855 21.76 63.19 -82.65
CA HIS H 855 22.74 63.86 -83.52
C HIS H 855 23.01 65.21 -82.92
N LYS H 856 24.25 65.45 -82.50
CA LYS H 856 24.65 66.68 -81.82
C LYS H 856 25.86 67.19 -82.52
N ILE H 857 26.10 68.49 -82.47
CA ILE H 857 27.40 69.03 -82.95
C ILE H 857 28.49 68.47 -82.02
N ALA H 858 29.60 68.04 -82.61
CA ALA H 858 30.78 67.43 -81.94
C ALA H 858 31.59 68.52 -81.22
N THR H 859 30.99 69.14 -80.21
CA THR H 859 31.68 70.13 -79.31
C THR H 859 32.50 69.32 -78.29
N ARG H 860 33.37 69.97 -77.54
CA ARG H 860 34.16 69.30 -76.47
C ARG H 860 33.18 68.61 -75.52
N GLY H 861 32.12 69.33 -75.15
CA GLY H 861 31.07 68.79 -74.28
C GLY H 861 30.53 67.50 -74.81
N VAL H 862 30.20 67.48 -76.10
CA VAL H 862 29.50 66.30 -76.70
C VAL H 862 30.54 65.20 -76.89
N MET H 863 31.76 65.56 -77.26
CA MET H 863 32.86 64.56 -77.37
C MET H 863 33.20 63.94 -76.02
N LEU H 864 33.04 64.69 -74.93
CA LEU H 864 33.14 64.10 -73.58
C LEU H 864 31.97 63.15 -73.33
N TRP H 865 30.78 63.57 -73.70
CA TRP H 865 29.57 62.72 -73.59
C TRP H 865 29.79 61.44 -74.38
N LYS H 866 30.29 61.54 -75.58
CA LYS H 866 30.53 60.33 -76.41
C LYS H 866 31.49 59.39 -75.67
N GLU H 867 32.62 59.92 -75.23
CA GLU H 867 33.65 59.13 -74.49
C GLU H 867 33.05 58.43 -73.29
N PHE H 868 32.23 59.10 -72.49
CA PHE H 868 31.63 58.52 -71.27
C PHE H 868 30.59 57.47 -71.61
N ASP H 869 29.90 57.61 -72.75
CA ASP H 869 28.95 56.58 -73.26
C ASP H 869 29.69 55.27 -73.52
N GLU H 870 30.90 55.37 -74.07
CA GLU H 870 31.75 54.21 -74.46
C GLU H 870 32.43 53.59 -73.23
N THR H 871 32.80 54.39 -72.22
CA THR H 871 33.75 54.00 -71.13
C THR H 871 33.12 53.98 -69.73
N ILE H 872 31.95 54.59 -69.51
CA ILE H 872 31.32 54.70 -68.15
C ILE H 872 29.87 54.26 -68.20
N PHE H 873 29.05 54.87 -69.07
CA PHE H 873 27.57 54.68 -69.02
C PHE H 873 27.20 53.28 -69.53
N ASN H 874 28.04 52.67 -70.37
CA ASN H 874 27.80 51.30 -70.91
C ASN H 874 28.12 50.22 -69.85
N LEU H 875 28.96 50.51 -68.87
CA LEU H 875 29.39 49.52 -67.83
C LEU H 875 28.15 49.03 -67.08
N PRO H 876 28.13 47.76 -66.60
CA PRO H 876 27.10 47.32 -65.66
C PRO H 876 27.21 48.04 -64.31
N LYS H 877 26.13 48.01 -63.52
CA LYS H 877 25.96 48.79 -62.26
C LYS H 877 27.06 48.44 -61.25
N ASN H 878 27.41 47.16 -61.12
CA ASN H 878 28.44 46.66 -60.17
C ASN H 878 29.82 47.28 -60.48
N LYS H 879 30.12 47.60 -61.74
CA LYS H 879 31.45 48.15 -62.17
C LYS H 879 31.43 49.68 -62.32
N LEU H 880 30.27 50.34 -62.19
CA LEU H 880 30.14 51.80 -62.44
C LEU H 880 30.88 52.57 -61.32
N VAL H 881 30.45 52.40 -60.07
CA VAL H 881 30.99 53.18 -58.92
C VAL H 881 32.50 52.94 -58.78
N PRO H 882 33.02 51.69 -58.86
CA PRO H 882 34.46 51.47 -58.91
C PRO H 882 35.19 52.23 -60.03
N THR H 883 34.64 52.26 -61.24
CA THR H 883 35.23 52.98 -62.40
C THR H 883 35.24 54.48 -62.12
N LEU H 884 34.17 55.02 -61.54
CA LEU H 884 34.10 56.46 -61.20
C LEU H 884 35.20 56.79 -60.18
N GLU H 885 35.29 56.01 -59.11
CA GLU H 885 36.33 56.17 -58.05
C GLU H 885 37.72 56.19 -58.71
N ALA H 886 37.99 55.22 -59.59
CA ALA H 886 39.31 55.03 -60.24
C ALA H 886 39.62 56.22 -61.16
N LYS H 887 38.65 56.66 -61.98
CA LYS H 887 38.86 57.72 -62.99
C LYS H 887 38.48 59.09 -62.42
N ARG H 888 38.15 59.16 -61.13
CA ARG H 888 37.61 60.36 -60.44
C ARG H 888 38.33 61.63 -60.88
N ASP H 889 39.65 61.70 -60.75
CA ASP H 889 40.39 62.96 -61.01
C ASP H 889 40.29 63.31 -62.49
N TYR H 890 40.31 62.29 -63.36
CA TYR H 890 40.21 62.48 -64.83
C TYR H 890 38.81 63.05 -65.15
N ILE H 891 37.77 62.37 -64.68
CA ILE H 891 36.36 62.77 -64.87
C ILE H 891 36.18 64.22 -64.41
N ILE H 892 36.70 64.57 -63.24
CA ILE H 892 36.55 65.95 -62.70
C ILE H 892 37.23 66.92 -63.65
N SER H 893 38.45 66.62 -64.10
CA SER H 893 39.20 67.57 -64.96
C SER H 893 38.46 67.80 -66.29
N ARG H 894 37.85 66.75 -66.85
CA ARG H 894 37.11 66.81 -68.15
C ARG H 894 35.81 67.62 -67.97
N LEU H 895 35.08 67.37 -66.90
CA LEU H 895 33.86 68.13 -66.58
C LEU H 895 34.19 69.60 -66.54
N ASN H 896 35.28 69.95 -65.86
CA ASN H 896 35.64 71.36 -65.63
C ASN H 896 36.15 71.99 -66.92
N ALA H 897 36.89 71.24 -67.73
CA ALA H 897 37.47 71.77 -68.98
C ALA H 897 36.39 71.89 -70.08
N ASP H 898 35.54 70.88 -70.22
CA ASP H 898 34.86 70.57 -71.51
C ASP H 898 33.33 70.57 -71.42
N PHE H 899 32.72 70.43 -70.24
CA PHE H 899 31.28 70.17 -70.10
C PHE H 899 30.50 71.38 -69.56
N GLN H 900 29.19 71.36 -69.83
CA GLN H 900 28.24 72.44 -69.50
C GLN H 900 27.79 72.33 -68.03
N LYS H 901 27.91 71.13 -67.47
CA LYS H 901 27.74 70.88 -66.02
C LYS H 901 29.14 70.63 -65.45
N PRO H 902 29.86 71.66 -64.95
CA PRO H 902 31.16 71.43 -64.32
C PRO H 902 31.05 70.67 -63.00
N TRP H 903 32.21 70.33 -62.44
CA TRP H 903 32.29 69.70 -61.11
C TRP H 903 31.96 70.77 -60.08
N PHE H 904 30.92 70.57 -59.28
CA PHE H 904 30.51 71.64 -58.34
C PHE H 904 31.70 72.04 -57.45
N ALA H 905 32.34 71.07 -56.81
CA ALA H 905 33.34 71.29 -55.73
C ALA H 905 34.68 71.59 -56.34
N THR H 906 34.76 72.76 -56.96
CA THR H 906 35.96 73.32 -57.62
C THR H 906 36.06 74.76 -57.11
N VAL H 907 37.13 75.07 -56.38
CA VAL H 907 37.34 76.38 -55.72
C VAL H 907 38.62 76.98 -56.30
N ASN H 908 38.51 78.09 -57.02
CA ASN H 908 39.63 78.80 -57.70
C ASN H 908 40.42 77.82 -58.59
N GLY H 909 39.72 76.97 -59.33
CA GLY H 909 40.33 76.01 -60.29
C GLY H 909 40.85 74.75 -59.65
N GLN H 910 40.70 74.58 -58.33
CA GLN H 910 41.22 73.41 -57.58
C GLN H 910 40.05 72.47 -57.31
N ALA H 911 40.13 71.26 -57.83
CA ALA H 911 39.17 70.18 -57.60
C ALA H 911 39.16 69.85 -56.10
N ARG H 912 37.98 69.81 -55.52
CA ARG H 912 37.72 69.42 -54.13
C ARG H 912 36.63 68.37 -54.18
N ASP H 913 35.99 68.18 -53.05
CA ASP H 913 34.76 67.41 -52.88
C ASP H 913 33.86 68.32 -52.05
N LEU H 914 32.58 68.02 -51.99
CA LEU H 914 31.71 68.77 -51.07
C LEU H 914 32.28 68.66 -49.65
N ALA H 915 32.82 67.49 -49.28
CA ALA H 915 33.29 67.23 -47.91
C ALA H 915 34.47 68.14 -47.55
N THR H 916 35.16 68.71 -48.53
CA THR H 916 36.35 69.54 -48.31
C THR H 916 36.08 70.93 -48.82
N MET H 917 34.84 71.35 -48.79
CA MET H 917 34.53 72.79 -49.02
C MET H 917 33.98 73.37 -47.75
N THR H 918 34.27 74.64 -47.52
CA THR H 918 33.62 75.42 -46.46
C THR H 918 32.21 75.79 -46.88
N TYR H 919 31.37 76.07 -45.91
CA TYR H 919 30.00 76.59 -46.15
C TYR H 919 30.08 77.83 -47.06
N GLU H 920 31.01 78.71 -46.82
CA GLU H 920 31.12 79.96 -47.62
C GLU H 920 31.52 79.61 -49.06
N GLU H 921 32.45 78.68 -49.24
CA GLU H 921 32.87 78.24 -50.59
C GLU H 921 31.67 77.65 -51.35
N VAL H 922 30.83 76.90 -50.67
CA VAL H 922 29.62 76.28 -51.26
C VAL H 922 28.69 77.41 -51.69
N ALA H 923 28.40 78.38 -50.82
CA ALA H 923 27.46 79.48 -51.07
C ALA H 923 27.93 80.25 -52.31
N LYS H 924 29.21 80.60 -52.34
CA LYS H 924 29.83 81.39 -53.43
C LYS H 924 29.86 80.62 -54.75
N ARG H 925 30.01 79.32 -54.69
CA ARG H 925 30.06 78.48 -55.91
C ARG H 925 28.62 78.44 -56.44
N LEU H 926 27.63 78.30 -55.58
CA LEU H 926 26.20 78.32 -56.01
C LEU H 926 25.90 79.60 -56.77
N VAL H 927 26.36 80.74 -56.30
CA VAL H 927 26.13 82.07 -56.93
C VAL H 927 26.90 82.15 -58.24
N GLU H 928 28.12 81.61 -58.29
CA GLU H 928 28.98 81.63 -59.49
C GLU H 928 28.31 80.85 -60.64
N LEU H 929 27.58 79.78 -60.33
CA LEU H 929 27.08 78.85 -61.36
C LEU H 929 25.61 79.13 -61.68
N MET H 930 24.86 79.73 -60.75
CA MET H 930 23.39 79.87 -60.86
C MET H 930 22.95 81.33 -61.02
N PHE H 931 23.81 82.29 -60.75
CA PHE H 931 23.47 83.74 -60.82
C PHE H 931 24.27 84.34 -61.97
N ILE H 932 23.56 85.01 -62.86
CA ILE H 932 24.14 85.54 -64.12
C ILE H 932 24.50 86.99 -63.85
N ARG H 933 25.78 87.31 -63.88
CA ARG H 933 26.29 88.69 -63.60
C ARG H 933 25.88 89.64 -64.72
N SER H 934 25.93 89.18 -65.99
CA SER H 934 25.65 89.99 -67.21
C SER H 934 24.22 90.56 -67.17
N THR H 935 23.23 89.77 -66.71
CA THR H 935 21.79 90.15 -66.59
C THR H 935 21.42 90.48 -65.14
N ASN H 936 22.37 90.34 -64.20
CA ASN H 936 22.20 90.64 -62.75
C ASN H 936 20.98 89.92 -62.18
N SER H 937 20.76 88.66 -62.54
CA SER H 937 19.59 87.87 -62.07
C SER H 937 19.96 86.39 -61.89
N TRP H 938 19.13 85.69 -61.15
CA TRP H 938 19.12 84.22 -61.06
C TRP H 938 18.54 83.64 -62.35
N PHE H 939 19.26 82.73 -62.96
CA PHE H 939 18.84 82.12 -64.23
C PHE H 939 17.49 81.43 -64.07
N ASP H 940 17.23 80.84 -62.92
CA ASP H 940 15.94 80.20 -62.58
C ASP H 940 15.66 80.54 -61.12
N VAL H 941 14.41 80.83 -60.81
CA VAL H 941 14.00 81.18 -59.41
C VAL H 941 14.27 80.00 -58.49
N THR H 942 14.13 78.76 -58.97
CA THR H 942 14.29 77.54 -58.15
C THR H 942 15.76 77.39 -57.72
N TRP H 943 16.69 77.95 -58.51
CA TRP H 943 18.12 78.00 -58.18
C TRP H 943 18.36 79.05 -57.10
N ARG H 944 17.64 80.15 -57.14
CA ARG H 944 17.66 81.13 -56.03
C ARG H 944 17.16 80.47 -54.75
N THR H 945 16.15 79.62 -54.85
CA THR H 945 15.54 78.97 -53.68
C THR H 945 16.52 77.92 -53.13
N PHE H 946 17.22 77.22 -54.01
CA PHE H 946 18.28 76.27 -53.64
C PHE H 946 19.27 77.02 -52.74
N THR H 947 19.79 78.14 -53.23
CA THR H 947 20.83 78.92 -52.55
C THR H 947 20.31 79.52 -51.24
N GLY H 948 19.08 80.02 -51.20
CA GLY H 948 18.47 80.53 -49.97
C GLY H 948 18.27 79.42 -48.95
N ASP H 949 17.81 78.25 -49.38
CA ASP H 949 17.63 77.05 -48.52
C ASP H 949 18.98 76.58 -47.94
N PHE H 950 20.06 76.78 -48.69
CA PHE H 950 21.43 76.46 -48.26
C PHE H 950 21.85 77.47 -47.19
N LEU H 951 21.66 78.76 -47.46
CA LEU H 951 22.03 79.82 -46.49
C LEU H 951 21.25 79.68 -45.19
N ARG H 952 20.03 79.19 -45.20
CA ARG H 952 19.27 78.95 -43.96
C ARG H 952 19.89 77.78 -43.19
N ARG H 953 20.39 76.78 -43.90
CA ARG H 953 21.02 75.59 -43.31
C ARG H 953 22.28 76.06 -42.58
N VAL H 954 23.04 76.95 -43.20
CA VAL H 954 24.23 77.58 -42.61
C VAL H 954 23.85 78.20 -41.27
N GLU H 955 22.80 79.01 -41.25
CA GLU H 955 22.40 79.70 -40.01
C GLU H 955 22.01 78.65 -38.97
N GLU H 956 21.28 77.64 -39.38
CA GLU H 956 20.80 76.59 -38.47
C GLU H 956 22.04 75.87 -37.86
N ARG H 957 23.07 75.63 -38.67
CA ARG H 957 24.23 74.80 -38.25
C ARG H 957 25.05 75.65 -37.26
N PHE H 958 25.11 76.97 -37.45
CA PHE H 958 26.10 77.83 -36.76
C PHE H 958 25.47 78.68 -35.66
N THR H 959 24.16 78.74 -35.54
CA THR H 959 23.47 79.52 -34.46
C THR H 959 23.47 78.69 -33.17
N LYS H 960 23.61 79.38 -32.04
CA LYS H 960 23.66 78.76 -30.69
C LYS H 960 22.23 78.68 -30.15
N SER H 961 21.36 79.56 -30.62
CA SER H 961 19.97 79.70 -30.11
C SER H 961 19.01 80.02 -31.26
N LYS H 962 17.74 79.69 -31.04
CA LYS H 962 16.58 80.13 -31.87
C LYS H 962 16.76 81.63 -32.15
N THR H 963 16.86 82.01 -33.43
CA THR H 963 17.01 83.41 -33.89
C THR H 963 16.16 83.61 -35.16
N LEU H 964 16.10 84.85 -35.63
CA LEU H 964 15.45 85.23 -36.92
C LEU H 964 16.46 84.95 -38.04
N SER H 965 15.99 84.35 -39.13
CA SER H 965 16.80 84.26 -40.37
C SER H 965 17.21 85.65 -40.81
N LEU H 966 18.48 85.82 -41.18
CA LEU H 966 19.01 87.04 -41.84
C LEU H 966 18.57 87.10 -43.30
N ILE H 967 17.96 86.04 -43.83
CA ILE H 967 17.32 86.02 -45.17
C ILE H 967 15.86 85.69 -44.93
N GLN H 968 15.03 86.71 -44.72
CA GLN H 968 13.58 86.56 -44.44
C GLN H 968 12.86 86.18 -45.73
N SER H 969 13.27 86.77 -46.85
CA SER H 969 12.72 86.44 -48.18
C SER H 969 13.88 86.16 -49.12
N TYR H 970 13.73 85.19 -50.02
CA TYR H 970 14.80 84.86 -51.00
C TYR H 970 14.99 86.02 -51.98
N SER H 971 14.06 86.98 -52.07
CA SER H 971 14.22 88.21 -52.89
C SER H 971 15.51 88.96 -52.52
N LEU H 972 15.94 88.88 -51.25
CA LEU H 972 17.25 89.43 -50.78
C LEU H 972 18.41 88.86 -51.59
N LEU H 973 18.27 87.65 -52.15
CA LEU H 973 19.36 87.03 -52.95
C LEU H 973 19.52 87.69 -54.31
N ASP H 974 18.62 88.59 -54.73
CA ASP H 974 18.79 89.37 -55.99
C ASP H 974 20.00 90.31 -55.93
N LYS H 975 20.60 90.50 -54.74
CA LYS H 975 21.98 91.03 -54.54
C LYS H 975 22.81 89.96 -53.81
N PRO H 976 23.25 88.89 -54.50
CA PRO H 976 23.69 87.67 -53.82
C PRO H 976 24.96 87.83 -52.96
N ASP H 977 25.92 88.64 -53.38
CA ASP H 977 27.18 88.89 -52.63
C ASP H 977 26.85 89.49 -51.26
N GLU H 978 25.93 90.44 -51.21
CA GLU H 978 25.52 91.16 -49.96
C GLU H 978 24.82 90.19 -49.01
N ALA H 979 24.02 89.26 -49.53
CA ALA H 979 23.31 88.24 -48.72
C ALA H 979 24.33 87.27 -48.13
N ILE H 980 25.26 86.81 -48.96
CA ILE H 980 26.35 85.91 -48.52
C ILE H 980 27.16 86.63 -47.43
N GLU H 981 27.62 87.84 -47.68
CA GLU H 981 28.41 88.64 -46.71
C GLU H 981 27.63 88.75 -45.40
N LYS H 982 26.32 88.98 -45.48
CA LYS H 982 25.47 89.17 -44.28
C LYS H 982 25.38 87.87 -43.45
N VAL H 983 25.26 86.72 -44.11
CA VAL H 983 25.10 85.43 -43.39
C VAL H 983 26.44 85.03 -42.80
N PHE H 984 27.52 85.17 -43.55
CA PHE H 984 28.86 84.70 -43.12
C PHE H 984 29.51 85.70 -42.16
N ASN H 985 28.94 86.90 -41.98
CA ASN H 985 29.42 87.88 -40.98
C ASN H 985 28.77 87.53 -39.65
N ALA H 986 27.53 87.07 -39.67
CA ALA H 986 26.81 86.57 -38.49
C ALA H 986 27.41 85.26 -38.00
N TYR H 987 27.91 84.42 -38.92
CA TYR H 987 28.36 83.04 -38.63
C TYR H 987 29.73 82.85 -39.26
N PRO H 988 30.74 83.57 -38.76
CA PRO H 988 32.04 83.55 -39.41
C PRO H 988 32.79 82.20 -39.27
N ALA H 989 32.33 81.32 -38.36
CA ALA H 989 32.90 79.95 -38.23
C ALA H 989 32.60 79.17 -39.51
N ALA H 990 31.52 79.54 -40.20
CA ALA H 990 31.10 78.88 -41.45
C ALA H 990 32.05 79.21 -42.58
N ARG H 991 32.92 80.19 -42.43
CA ARG H 991 33.97 80.47 -43.44
C ARG H 991 35.15 79.50 -43.31
N GLU H 992 35.28 78.82 -42.19
CA GLU H 992 36.52 78.05 -41.88
C GLU H 992 36.21 76.56 -41.77
N GLN H 993 34.96 76.18 -41.59
CA GLN H 993 34.60 74.77 -41.34
C GLN H 993 34.13 74.10 -42.64
N PHE H 994 34.52 72.86 -42.88
CA PHE H 994 34.00 72.07 -44.01
C PHE H 994 32.57 71.70 -43.66
N LEU H 995 31.80 71.42 -44.69
CA LEU H 995 30.41 70.99 -44.52
C LEU H 995 30.36 69.85 -43.50
N ASN H 996 29.54 70.01 -42.49
CA ASN H 996 29.07 68.86 -41.70
C ASN H 996 28.60 67.79 -42.69
N ALA H 997 28.92 66.52 -42.45
CA ALA H 997 28.52 65.38 -43.28
C ALA H 997 26.99 65.38 -43.49
N GLN H 998 26.23 65.85 -42.50
CA GLN H 998 24.77 65.98 -42.60
C GLN H 998 24.37 66.99 -43.67
N ASP H 999 25.11 68.06 -43.77
CA ASP H 999 24.85 69.18 -44.71
C ASP H 999 25.32 68.77 -46.11
N ILE H 1000 26.21 67.81 -46.24
CA ILE H 1000 26.60 67.27 -47.57
C ILE H 1000 25.39 66.50 -48.10
N ASP H 1001 24.86 65.62 -47.28
CA ASP H 1001 23.70 64.79 -47.61
C ASP H 1001 22.49 65.66 -47.94
N HIS H 1002 22.24 66.69 -47.14
CA HIS H 1002 21.13 67.63 -47.37
C HIS H 1002 21.32 68.34 -48.72
N PHE H 1003 22.51 68.86 -48.97
CA PHE H 1003 22.84 69.50 -50.24
C PHE H 1003 22.58 68.54 -51.42
N LEU H 1004 23.01 67.28 -51.31
CA LEU H 1004 22.81 66.33 -52.42
C LEU H 1004 21.32 65.96 -52.54
N SER H 1005 20.58 65.94 -51.44
CA SER H 1005 19.12 65.68 -51.44
C SER H 1005 18.39 66.83 -52.16
N MET H 1006 18.87 68.05 -51.98
CA MET H 1006 18.34 69.28 -52.62
C MET H 1006 18.66 69.28 -54.10
N CYS H 1007 19.73 68.62 -54.55
CA CYS H 1007 20.15 68.55 -55.97
C CYS H 1007 19.19 67.62 -56.74
N GLN H 1008 18.45 66.76 -56.05
CA GLN H 1008 17.52 65.75 -56.60
C GLN H 1008 16.07 66.18 -56.36
N ASN H 1009 15.84 67.39 -55.90
CA ASN H 1009 14.47 67.96 -55.74
C ASN H 1009 13.82 67.98 -57.12
N PRO H 1010 12.74 67.20 -57.38
CA PRO H 1010 12.15 67.14 -58.71
C PRO H 1010 11.40 68.42 -59.12
N MET H 1011 10.95 69.23 -58.16
CA MET H 1011 10.19 70.50 -58.40
C MET H 1011 11.16 71.68 -58.51
N GLN H 1012 12.18 71.53 -59.35
CA GLN H 1012 13.33 72.46 -59.42
C GLN H 1012 14.03 72.23 -60.74
N LYS H 1013 14.55 73.27 -61.35
CA LYS H 1013 15.35 73.07 -62.56
C LYS H 1013 16.61 72.30 -62.17
N PRO H 1014 17.01 71.24 -62.90
CA PRO H 1014 18.22 70.48 -62.57
C PRO H 1014 19.42 71.39 -62.37
N VAL H 1015 20.17 71.12 -61.30
CA VAL H 1015 21.33 71.98 -60.95
C VAL H 1015 22.29 71.94 -62.12
N PRO H 1016 22.92 73.06 -62.46
CA PRO H 1016 23.85 73.13 -63.57
C PRO H 1016 25.28 72.75 -63.18
N PHE H 1017 25.41 71.60 -62.52
CA PHE H 1017 26.74 71.09 -62.12
C PHE H 1017 26.59 69.64 -61.74
N VAL H 1018 27.75 68.98 -61.62
CA VAL H 1018 27.79 67.61 -61.07
C VAL H 1018 28.29 67.71 -59.64
N PRO H 1019 27.49 67.41 -58.61
CA PRO H 1019 27.92 67.60 -57.22
C PRO H 1019 28.57 66.38 -56.54
N VAL H 1020 28.53 65.23 -57.19
CA VAL H 1020 29.04 63.95 -56.65
C VAL H 1020 29.27 62.98 -57.81
N LEU H 1021 30.22 62.05 -57.69
CA LEU H 1021 30.36 60.87 -58.60
C LEU H 1021 29.85 59.64 -57.88
N ASP H 1022 28.65 59.19 -58.21
CA ASP H 1022 28.01 58.02 -57.60
C ASP H 1022 27.11 57.38 -58.67
N ARG H 1023 26.16 56.56 -58.25
CA ARG H 1023 25.35 55.72 -59.17
C ARG H 1023 24.48 56.61 -60.09
N ARG H 1024 24.17 57.85 -59.67
CA ARG H 1024 23.30 58.81 -60.40
C ARG H 1024 24.11 59.72 -61.33
N PHE H 1025 25.36 59.41 -61.60
CA PHE H 1025 26.25 60.28 -62.40
C PHE H 1025 25.68 60.49 -63.82
N GLU H 1026 25.10 59.46 -64.42
CA GLU H 1026 24.57 59.55 -65.82
C GLU H 1026 23.44 60.57 -65.84
N ILE H 1027 22.55 60.51 -64.85
CA ILE H 1027 21.43 61.47 -64.67
C ILE H 1027 21.96 62.87 -64.42
N PHE H 1028 22.95 63.07 -63.55
CA PHE H 1028 23.51 64.42 -63.30
C PHE H 1028 24.14 64.93 -64.58
N PHE H 1029 24.79 64.04 -65.33
CA PHE H 1029 25.59 64.42 -66.51
C PHE H 1029 24.64 64.84 -67.66
N LYS H 1030 23.62 64.02 -67.92
CA LYS H 1030 22.81 64.08 -69.18
C LYS H 1030 21.51 64.87 -69.00
N LYS H 1031 20.97 64.95 -67.79
CA LYS H 1031 19.62 65.54 -67.62
C LYS H 1031 19.68 67.02 -68.02
N ASP H 1032 18.60 67.52 -68.62
CA ASP H 1032 18.36 68.96 -68.93
C ASP H 1032 19.56 69.54 -69.63
N SER H 1033 19.95 68.90 -70.74
CA SER H 1033 21.19 69.21 -71.48
C SER H 1033 20.94 70.12 -72.69
N LEU H 1034 19.71 70.57 -72.96
CA LEU H 1034 19.39 71.23 -74.29
C LEU H 1034 19.26 72.74 -74.22
N TRP H 1035 18.99 73.33 -73.05
CA TRP H 1035 18.69 74.78 -72.94
C TRP H 1035 19.95 75.63 -73.05
N GLN H 1036 21.12 75.06 -72.80
CA GLN H 1036 22.36 75.83 -72.62
C GLN H 1036 22.75 76.51 -73.94
N SER H 1037 22.48 75.88 -75.09
CA SER H 1037 22.85 76.41 -76.44
C SER H 1037 22.06 77.68 -76.76
N GLU H 1038 20.91 77.90 -76.10
CA GLU H 1038 20.09 79.14 -76.23
C GLU H 1038 20.40 80.16 -75.12
N HIS H 1039 21.20 79.81 -74.12
CA HIS H 1039 21.44 80.64 -72.90
C HIS H 1039 22.91 80.53 -72.53
N LEU H 1040 23.81 80.86 -73.44
CA LEU H 1040 25.27 80.71 -73.24
C LEU H 1040 25.72 81.65 -72.10
N GLU H 1041 24.96 82.70 -71.80
CA GLU H 1041 25.24 83.60 -70.64
C GLU H 1041 25.25 82.82 -69.30
N ALA H 1042 24.56 81.68 -69.20
CA ALA H 1042 24.44 80.85 -67.97
C ALA H 1042 25.37 79.63 -68.03
N VAL H 1043 26.34 79.63 -68.93
CA VAL H 1043 27.30 78.51 -69.09
C VAL H 1043 28.66 79.06 -68.69
N VAL H 1044 29.51 78.20 -68.12
CA VAL H 1044 30.69 78.61 -67.30
C VAL H 1044 31.42 79.80 -67.96
N ASP H 1045 32.02 79.61 -69.13
CA ASP H 1045 32.85 80.66 -69.79
C ASP H 1045 32.05 81.29 -70.93
N GLN H 1046 30.71 81.26 -70.86
CA GLN H 1046 29.79 81.51 -72.01
C GLN H 1046 30.26 80.69 -73.22
N ASP H 1047 30.84 79.52 -72.96
CA ASP H 1047 31.63 78.73 -73.95
C ASP H 1047 30.69 77.74 -74.64
N VAL H 1048 30.45 77.96 -75.92
CA VAL H 1048 29.56 77.12 -76.75
C VAL H 1048 30.08 75.68 -76.77
N GLN H 1049 31.40 75.50 -76.75
CA GLN H 1049 32.07 74.18 -76.88
C GLN H 1049 31.74 73.24 -75.71
N ARG H 1050 31.12 73.75 -74.65
CA ARG H 1050 30.67 72.92 -73.50
C ARG H 1050 29.30 72.30 -73.76
N THR H 1051 28.58 72.79 -74.79
CA THR H 1051 27.10 72.62 -74.88
C THR H 1051 26.72 71.56 -75.93
N CYS H 1052 25.49 71.09 -75.80
CA CYS H 1052 24.80 70.11 -76.66
C CYS H 1052 23.91 70.86 -77.63
N ILE H 1053 24.28 70.92 -78.91
CA ILE H 1053 23.45 71.52 -80.01
C ILE H 1053 22.99 70.38 -80.92
N LEU H 1054 21.68 70.18 -81.02
CA LEU H 1054 21.10 69.12 -81.86
C LEU H 1054 21.11 69.63 -83.29
N HIS H 1055 21.65 68.83 -84.21
CA HIS H 1055 21.80 69.24 -85.62
C HIS H 1055 22.08 68.01 -86.45
N GLY H 1056 21.56 67.99 -87.66
CA GLY H 1056 21.61 66.79 -88.51
C GLY H 1056 22.81 66.87 -89.42
N PRO H 1057 23.49 65.74 -89.69
CA PRO H 1057 24.72 65.75 -90.46
C PRO H 1057 24.53 66.09 -91.94
N VAL H 1058 23.37 65.79 -92.50
CA VAL H 1058 23.10 66.03 -93.95
C VAL H 1058 22.57 67.45 -94.10
N ALA H 1059 21.56 67.81 -93.32
CA ALA H 1059 21.02 69.19 -93.26
C ALA H 1059 22.14 70.21 -93.00
N ALA H 1060 23.19 69.85 -92.26
CA ALA H 1060 24.31 70.76 -91.92
C ALA H 1060 25.02 71.29 -93.18
N GLN H 1061 24.93 70.62 -94.33
CA GLN H 1061 25.56 71.09 -95.61
C GLN H 1061 24.99 72.44 -96.05
N PHE H 1062 23.77 72.79 -95.62
CA PHE H 1062 22.98 73.96 -96.11
C PHE H 1062 22.84 75.07 -95.06
N THR H 1063 23.15 74.82 -93.78
CA THR H 1063 23.11 75.85 -92.70
C THR H 1063 24.41 76.64 -92.74
N LYS H 1064 24.42 77.77 -93.46
CA LYS H 1064 25.64 78.55 -93.79
C LYS H 1064 25.48 80.01 -93.36
N VAL H 1065 24.32 80.62 -93.65
CA VAL H 1065 24.06 82.08 -93.45
C VAL H 1065 23.37 82.27 -92.11
N ILE H 1066 24.08 82.91 -91.18
CA ILE H 1066 23.60 83.17 -89.79
C ILE H 1066 22.63 84.36 -89.84
N ASP H 1067 21.49 84.22 -89.16
CA ASP H 1067 20.49 85.28 -88.88
C ASP H 1067 19.74 85.69 -90.15
N GLU H 1068 19.66 84.81 -91.15
CA GLU H 1068 18.64 84.88 -92.23
C GLU H 1068 17.26 84.85 -91.57
N PRO H 1069 16.36 85.81 -91.85
CA PRO H 1069 14.98 85.77 -91.33
C PRO H 1069 14.25 84.49 -91.74
N ILE H 1070 13.43 83.93 -90.85
CA ILE H 1070 12.76 82.62 -91.12
C ILE H 1070 11.94 82.76 -92.40
N LYS H 1071 11.36 83.94 -92.63
CA LYS H 1071 10.57 84.25 -93.83
C LYS H 1071 11.44 84.09 -95.08
N SER H 1072 12.66 84.63 -95.09
CA SER H 1072 13.59 84.52 -96.23
C SER H 1072 13.94 83.04 -96.48
N ILE H 1073 14.06 82.24 -95.42
CA ILE H 1073 14.47 80.83 -95.57
C ILE H 1073 13.31 80.06 -96.20
N MET H 1074 12.12 80.18 -95.61
CA MET H 1074 10.94 79.39 -96.02
C MET H 1074 10.50 79.89 -97.41
N ASP H 1075 10.36 81.20 -97.60
CA ASP H 1075 10.05 81.83 -98.94
C ASP H 1075 11.07 81.37 -99.98
N GLY H 1076 12.36 81.42 -99.65
CA GLY H 1076 13.44 81.01 -100.55
C GLY H 1076 13.24 79.61 -101.05
N ILE H 1077 12.73 78.72 -100.20
CA ILE H 1077 12.48 77.31 -100.58
C ILE H 1077 11.24 77.26 -101.46
N HIS H 1078 10.16 77.87 -101.01
CA HIS H 1078 8.87 77.87 -101.74
C HIS H 1078 9.04 78.54 -103.11
N ASP H 1079 9.67 79.71 -103.15
CA ASP H 1079 9.93 80.50 -104.40
C ASP H 1079 10.84 79.71 -105.35
N GLY H 1080 11.77 78.93 -104.80
CA GLY H 1080 12.64 78.02 -105.56
C GLY H 1080 11.81 76.94 -106.20
N HIS H 1081 10.89 76.32 -105.45
CA HIS H 1081 9.97 75.30 -105.99
C HIS H 1081 9.09 75.92 -107.07
N ILE H 1082 8.52 77.09 -106.83
CA ILE H 1082 7.62 77.78 -107.80
C ILE H 1082 8.38 77.96 -109.10
N LYS H 1083 9.52 78.64 -109.07
CA LYS H 1083 10.41 78.90 -110.23
C LYS H 1083 10.65 77.60 -111.04
N LYS H 1084 10.93 76.50 -110.37
CA LYS H 1084 11.32 75.23 -111.05
C LYS H 1084 10.07 74.59 -111.67
N LEU H 1085 8.95 74.61 -110.97
CA LEU H 1085 7.67 74.08 -111.50
C LEU H 1085 7.22 74.95 -112.66
N LEU H 1086 7.42 76.26 -112.56
CA LEU H 1086 6.96 77.21 -113.60
C LEU H 1086 7.71 76.87 -114.90
N HIS H 1087 9.02 76.66 -114.80
CA HIS H 1087 9.90 76.30 -115.95
C HIS H 1087 9.49 74.94 -116.51
N GLN H 1088 9.39 73.92 -115.65
CA GLN H 1088 9.20 72.52 -116.08
C GLN H 1088 7.79 72.29 -116.62
N TYR H 1089 6.75 72.85 -115.99
CA TYR H 1089 5.34 72.44 -116.22
C TYR H 1089 4.43 73.57 -116.70
N TYR H 1090 4.88 74.81 -116.75
CA TYR H 1090 4.00 75.97 -117.12
C TYR H 1090 4.71 76.87 -118.14
N GLY H 1091 5.71 76.36 -118.88
CA GLY H 1091 6.47 77.08 -119.93
C GLY H 1091 6.87 78.49 -119.53
N ASP H 1092 7.39 78.67 -118.31
CA ASP H 1092 7.92 79.96 -117.76
C ASP H 1092 6.84 81.06 -117.77
N ASP H 1093 5.55 80.71 -117.85
CA ASP H 1093 4.43 81.68 -118.02
C ASP H 1093 3.49 81.62 -116.81
N GLU H 1094 3.45 82.69 -116.01
CA GLU H 1094 2.59 82.81 -114.79
C GLU H 1094 1.10 82.86 -115.17
N SER H 1095 0.77 83.29 -116.40
CA SER H 1095 -0.63 83.39 -116.92
C SER H 1095 -1.28 82.00 -117.02
N LYS H 1096 -0.49 80.93 -117.17
CA LYS H 1096 -1.00 79.54 -117.27
C LYS H 1096 -1.32 78.96 -115.87
N ILE H 1097 -0.91 79.64 -114.79
CA ILE H 1097 -1.22 79.17 -113.41
C ILE H 1097 -2.71 79.41 -113.19
N PRO H 1098 -3.52 78.37 -112.93
CA PRO H 1098 -4.93 78.57 -112.60
C PRO H 1098 -5.11 79.45 -111.35
N ALA H 1099 -6.16 80.27 -111.34
CA ALA H 1099 -6.55 81.15 -110.21
C ALA H 1099 -7.75 80.54 -109.51
N VAL H 1100 -7.79 80.68 -108.19
CA VAL H 1100 -8.98 80.41 -107.34
C VAL H 1100 -9.14 81.62 -106.43
N GLU H 1101 -10.30 81.83 -105.81
CA GLU H 1101 -10.50 83.04 -104.97
C GLU H 1101 -9.59 82.89 -103.74
N TYR H 1102 -9.68 81.74 -103.07
CA TYR H 1102 -8.82 81.41 -101.91
C TYR H 1102 -8.30 80.00 -102.09
N PHE H 1103 -7.12 79.79 -101.55
CA PHE H 1103 -6.43 78.49 -101.62
C PHE H 1103 -6.44 77.88 -100.23
N GLY H 1104 -6.97 76.67 -100.10
CA GLY H 1104 -7.02 75.98 -98.81
C GLY H 1104 -8.38 75.40 -98.52
N GLY H 1105 -8.44 74.58 -97.47
CA GLY H 1105 -9.68 74.04 -96.89
C GLY H 1105 -10.15 72.80 -97.61
N GLU H 1106 -9.37 72.26 -98.54
CA GLU H 1106 -9.71 71.06 -99.33
C GLU H 1106 -9.19 69.83 -98.57
N SER H 1107 -10.09 69.02 -98.00
CA SER H 1107 -9.75 67.72 -97.38
C SER H 1107 -9.07 66.83 -98.41
N PRO H 1108 -7.99 66.09 -98.06
CA PRO H 1108 -7.32 65.21 -99.00
C PRO H 1108 -8.13 64.01 -99.52
N VAL H 1109 -9.29 63.72 -98.93
CA VAL H 1109 -10.28 62.69 -99.42
C VAL H 1109 -11.30 63.36 -100.35
N GLU H 1122 -25.80 75.74 -112.13
CA GLU H 1122 -27.21 76.22 -112.29
C GLU H 1122 -27.38 77.56 -111.53
N ASP H 1123 -28.13 78.50 -112.10
CA ASP H 1123 -28.33 79.87 -111.56
C ASP H 1123 -29.40 79.86 -110.47
N SER H 1124 -30.61 79.41 -110.80
CA SER H 1124 -31.76 79.24 -109.89
C SER H 1124 -31.94 77.75 -109.58
N ALA H 1125 -31.74 77.37 -108.31
CA ALA H 1125 -31.88 75.98 -107.81
C ALA H 1125 -32.70 75.98 -106.51
N VAL H 1126 -33.24 74.81 -106.17
CA VAL H 1126 -34.08 74.53 -104.97
C VAL H 1126 -33.69 73.14 -104.47
N PHE H 1127 -33.38 73.04 -103.18
CA PHE H 1127 -32.96 71.80 -102.49
C PHE H 1127 -33.94 71.57 -101.34
N LYS H 1128 -34.37 70.33 -101.18
CA LYS H 1128 -35.35 69.89 -100.16
C LYS H 1128 -34.65 68.84 -99.31
N ALA H 1129 -34.47 69.15 -98.04
CA ALA H 1129 -33.92 68.22 -97.04
C ALA H 1129 -35.02 67.21 -96.68
N THR H 1130 -34.61 65.97 -96.45
CA THR H 1130 -35.43 64.86 -95.91
C THR H 1130 -34.69 64.28 -94.70
N SER H 1131 -35.27 63.28 -94.03
CA SER H 1131 -34.65 62.56 -92.88
C SER H 1131 -33.38 61.82 -93.35
N SER H 1132 -33.36 61.34 -94.60
CA SER H 1132 -32.28 60.50 -95.19
C SER H 1132 -31.25 61.33 -95.95
N THR H 1133 -31.46 62.65 -96.11
CA THR H 1133 -30.52 63.56 -96.84
C THR H 1133 -29.12 63.41 -96.24
N ASP H 1134 -28.12 63.19 -97.10
CA ASP H 1134 -26.69 63.06 -96.73
C ASP H 1134 -26.13 64.46 -96.50
N GLU H 1135 -25.45 64.67 -95.37
CA GLU H 1135 -24.98 65.98 -94.86
C GLU H 1135 -23.87 66.53 -95.79
N GLU H 1136 -22.91 65.69 -96.16
CA GLU H 1136 -21.74 66.08 -97.02
C GLU H 1136 -22.26 66.48 -98.42
N SER H 1137 -23.17 65.69 -98.99
CA SER H 1137 -23.76 65.93 -100.34
C SER H 1137 -24.60 67.21 -100.30
N TRP H 1138 -25.35 67.40 -99.20
CA TRP H 1138 -26.20 68.60 -98.97
C TRP H 1138 -25.32 69.87 -99.00
N PHE H 1139 -24.21 69.88 -98.26
CA PHE H 1139 -23.33 71.08 -98.13
C PHE H 1139 -22.57 71.31 -99.44
N LYS H 1140 -22.13 70.25 -100.11
CA LYS H 1140 -21.51 70.36 -101.46
C LYS H 1140 -22.47 71.07 -102.40
N ALA H 1141 -23.73 70.63 -102.43
CA ALA H 1141 -24.79 71.20 -103.28
C ALA H 1141 -25.00 72.69 -102.93
N LEU H 1142 -25.11 73.04 -101.64
CA LEU H 1142 -25.30 74.46 -101.22
C LEU H 1142 -24.05 75.26 -101.54
N ALA H 1143 -22.87 74.70 -101.29
CA ALA H 1143 -21.56 75.32 -101.56
C ALA H 1143 -21.44 75.76 -103.02
N GLY H 1144 -21.90 74.91 -103.95
CA GLY H 1144 -21.62 75.08 -105.39
C GLY H 1144 -20.25 74.54 -105.75
N SER H 1145 -19.85 74.73 -107.01
CA SER H 1145 -18.58 74.21 -107.61
C SER H 1145 -17.49 75.26 -107.46
N GLU H 1146 -17.82 76.52 -107.74
CA GLU H 1146 -16.85 77.64 -107.78
C GLU H 1146 -16.34 77.93 -106.36
N ILE H 1147 -15.07 78.29 -106.23
CA ILE H 1147 -14.43 78.69 -104.94
C ILE H 1147 -14.76 80.18 -104.74
N ASN H 1148 -15.60 80.49 -103.78
CA ASN H 1148 -16.07 81.89 -103.51
C ASN H 1148 -16.58 81.93 -102.08
N TRP H 1149 -17.17 83.06 -101.66
CA TRP H 1149 -17.74 83.23 -100.30
C TRP H 1149 -18.71 82.09 -99.96
N ARG H 1150 -19.46 81.60 -100.94
CA ARG H 1150 -20.55 80.63 -100.68
C ARG H 1150 -19.96 79.24 -100.47
N HIS H 1151 -18.89 78.93 -101.18
CA HIS H 1151 -18.13 77.67 -101.00
C HIS H 1151 -17.55 77.63 -99.57
N ALA H 1152 -16.87 78.71 -99.17
CA ALA H 1152 -16.33 78.89 -97.81
C ALA H 1152 -17.47 78.77 -96.80
N SER H 1153 -18.59 79.46 -97.03
CA SER H 1153 -19.71 79.50 -96.07
C SER H 1153 -20.17 78.09 -95.74
N PHE H 1154 -20.23 77.20 -96.72
CA PHE H 1154 -20.89 75.89 -96.57
C PHE H 1154 -19.87 74.78 -96.32
N LEU H 1155 -18.57 75.00 -96.54
CA LEU H 1155 -17.56 73.91 -96.47
C LEU H 1155 -16.46 74.14 -95.44
N CYS H 1156 -16.14 75.38 -95.09
CA CYS H 1156 -15.24 75.66 -93.92
C CYS H 1156 -15.87 75.01 -92.69
N SER H 1157 -15.12 74.14 -92.01
CA SER H 1157 -15.56 73.49 -90.76
C SER H 1157 -15.53 74.54 -89.65
N PHE H 1158 -14.63 75.51 -89.75
CA PHE H 1158 -14.38 76.54 -88.71
C PHE H 1158 -14.56 77.92 -89.30
N ILE H 1159 -14.97 78.85 -88.44
CA ILE H 1159 -14.77 80.30 -88.67
C ILE H 1159 -13.96 80.86 -87.51
N THR H 1160 -13.53 82.08 -87.67
CA THR H 1160 -12.71 82.86 -86.73
C THR H 1160 -13.64 83.81 -85.94
N GLN H 1161 -13.45 83.91 -84.63
CA GLN H 1161 -14.01 84.92 -83.70
C GLN H 1161 -12.83 85.56 -82.97
N ASP H 1162 -12.37 86.71 -83.46
CA ASP H 1162 -11.07 87.33 -83.07
C ASP H 1162 -9.96 86.33 -83.45
N LYS H 1163 -9.34 85.65 -82.49
CA LYS H 1163 -8.22 84.69 -82.80
C LYS H 1163 -8.70 83.27 -82.58
N MET H 1164 -9.90 83.11 -82.06
CA MET H 1164 -10.44 81.77 -81.79
C MET H 1164 -11.02 81.20 -83.10
N PHE H 1165 -11.10 79.89 -83.15
CA PHE H 1165 -11.59 79.07 -84.27
C PHE H 1165 -12.74 78.25 -83.73
N VAL H 1166 -13.96 78.64 -84.08
CA VAL H 1166 -15.23 77.99 -83.62
C VAL H 1166 -15.86 77.28 -84.81
N SER H 1167 -16.80 76.40 -84.52
CA SER H 1167 -17.57 75.64 -85.53
C SER H 1167 -18.30 76.63 -86.43
N ASN H 1168 -18.28 76.39 -87.74
CA ASN H 1168 -18.98 77.21 -88.75
C ASN H 1168 -20.47 77.25 -88.39
N PRO H 1169 -21.01 78.43 -88.01
CA PRO H 1169 -22.43 78.54 -87.65
C PRO H 1169 -23.38 78.40 -88.85
N ILE H 1170 -22.91 78.77 -90.04
CA ILE H 1170 -23.68 78.63 -91.31
C ILE H 1170 -23.97 77.14 -91.54
N ARG H 1171 -23.00 76.26 -91.33
CA ARG H 1171 -23.24 74.81 -91.45
C ARG H 1171 -24.23 74.33 -90.40
N LYS H 1172 -24.14 74.83 -89.16
CA LYS H 1172 -25.06 74.43 -88.06
C LYS H 1172 -26.51 74.79 -88.45
N VAL H 1173 -26.71 76.01 -88.94
CA VAL H 1173 -28.05 76.58 -89.28
C VAL H 1173 -28.66 75.85 -90.48
N PHE H 1174 -27.85 75.50 -91.48
CA PHE H 1174 -28.29 74.80 -92.71
C PHE H 1174 -28.06 73.29 -92.60
N LYS H 1175 -27.75 72.75 -91.42
CA LYS H 1175 -27.78 71.29 -91.16
C LYS H 1175 -29.15 70.77 -91.60
N PRO H 1176 -29.21 69.78 -92.54
CA PRO H 1176 -30.47 69.39 -93.15
C PRO H 1176 -31.37 68.53 -92.24
N SER H 1177 -32.66 68.82 -92.29
CA SER H 1177 -33.75 68.11 -91.58
C SER H 1177 -35.05 68.30 -92.37
N GLN H 1178 -35.98 67.35 -92.23
CA GLN H 1178 -37.27 67.33 -92.97
C GLN H 1178 -37.97 68.68 -92.84
N GLY H 1179 -38.32 69.28 -93.98
CA GLY H 1179 -39.14 70.52 -94.05
C GLY H 1179 -38.32 71.70 -94.54
N MET H 1180 -36.99 71.59 -94.46
CA MET H 1180 -36.07 72.66 -94.90
C MET H 1180 -36.03 72.71 -96.42
N VAL H 1181 -36.20 73.90 -96.97
CA VAL H 1181 -36.16 74.19 -98.43
C VAL H 1181 -35.16 75.32 -98.63
N VAL H 1182 -34.07 75.05 -99.36
CA VAL H 1182 -33.05 76.07 -99.69
C VAL H 1182 -33.18 76.43 -101.17
N GLU H 1183 -33.51 77.69 -101.44
CA GLU H 1183 -33.55 78.29 -102.77
C GLU H 1183 -32.25 79.07 -102.97
N ILE H 1184 -31.43 78.69 -103.95
CA ILE H 1184 -30.26 79.50 -104.40
C ILE H 1184 -30.67 80.28 -105.63
N SER H 1185 -30.48 81.59 -105.60
CA SER H 1185 -30.79 82.54 -106.69
C SER H 1185 -29.50 83.24 -107.10
N ASN H 1186 -29.30 83.43 -108.40
CA ASN H 1186 -28.07 83.99 -109.02
C ASN H 1186 -26.85 83.14 -108.62
N GLY H 1187 -27.00 81.82 -108.54
CA GLY H 1187 -25.95 80.87 -108.14
C GLY H 1187 -24.64 81.03 -108.92
N ASN H 1188 -24.69 81.55 -110.16
CA ASN H 1188 -23.53 81.64 -111.08
C ASN H 1188 -22.76 82.95 -110.89
N THR H 1189 -23.41 84.01 -110.41
CA THR H 1189 -22.77 85.31 -110.08
C THR H 1189 -22.63 85.43 -108.56
N SER H 1190 -21.43 85.24 -108.03
CA SER H 1190 -21.14 85.16 -106.58
C SER H 1190 -21.60 86.46 -105.89
N SER H 1191 -21.28 87.63 -106.45
CA SER H 1191 -21.61 88.98 -105.90
C SER H 1191 -23.11 89.13 -105.61
N LYS H 1192 -23.97 88.38 -106.30
CA LYS H 1192 -25.44 88.55 -106.29
C LYS H 1192 -26.12 87.31 -105.73
N THR H 1193 -25.39 86.21 -105.52
CA THR H 1193 -25.99 84.95 -105.07
C THR H 1193 -26.72 85.22 -103.76
N VAL H 1194 -27.92 84.65 -103.62
CA VAL H 1194 -28.70 84.70 -102.36
C VAL H 1194 -29.12 83.28 -102.04
N VAL H 1195 -28.77 82.79 -100.86
CA VAL H 1195 -29.22 81.46 -100.36
C VAL H 1195 -30.30 81.74 -99.33
N THR H 1196 -31.49 81.22 -99.56
CA THR H 1196 -32.70 81.49 -98.73
C THR H 1196 -33.18 80.15 -98.22
N LEU H 1197 -33.11 79.97 -96.90
CA LEU H 1197 -33.67 78.80 -96.20
C LEU H 1197 -35.09 79.17 -95.82
N SER H 1198 -36.02 78.27 -96.13
CA SER H 1198 -37.45 78.38 -95.77
C SER H 1198 -37.80 77.10 -95.03
N GLU H 1199 -38.58 77.23 -93.97
CA GLU H 1199 -39.00 76.11 -93.11
C GLU H 1199 -40.47 76.30 -92.85
N PRO H 1200 -41.18 75.24 -92.42
CA PRO H 1200 -42.54 75.37 -91.90
C PRO H 1200 -42.59 76.21 -90.61
N VAL H 1201 -43.43 77.25 -90.60
CA VAL H 1201 -43.73 78.13 -89.44
C VAL H 1201 -45.25 78.23 -89.30
N GLN H 1202 -45.83 77.53 -88.31
CA GLN H 1202 -47.29 77.49 -88.02
C GLN H 1202 -48.00 76.97 -89.28
N GLY H 1203 -47.59 75.79 -89.75
CA GLY H 1203 -48.12 75.12 -90.95
C GLY H 1203 -47.39 75.56 -92.21
N GLU H 1204 -47.49 76.84 -92.59
CA GLU H 1204 -47.03 77.35 -93.91
C GLU H 1204 -45.51 77.54 -93.91
N LEU H 1205 -44.92 77.64 -95.11
CA LEU H 1205 -43.44 77.69 -95.35
C LEU H 1205 -43.00 79.15 -95.49
N LYS H 1206 -42.09 79.60 -94.63
CA LYS H 1206 -41.63 81.01 -94.56
C LYS H 1206 -40.11 81.04 -94.58
N PRO H 1207 -39.50 82.15 -95.07
CA PRO H 1207 -38.05 82.34 -95.01
C PRO H 1207 -37.53 82.44 -93.56
N THR H 1208 -36.60 81.57 -93.17
CA THR H 1208 -35.98 81.58 -91.82
C THR H 1208 -34.57 82.18 -91.89
N VAL H 1209 -33.79 81.87 -92.91
CA VAL H 1209 -32.41 82.41 -93.05
C VAL H 1209 -32.21 82.95 -94.46
N ILE H 1210 -31.55 84.09 -94.59
CA ILE H 1210 -31.11 84.63 -95.89
C ILE H 1210 -29.61 84.93 -95.81
N LEU H 1211 -28.86 84.18 -96.61
CA LEU H 1211 -27.38 84.28 -96.70
C LEU H 1211 -27.04 84.97 -98.01
N LYS H 1212 -26.39 86.13 -97.95
CA LYS H 1212 -25.85 86.80 -99.15
C LYS H 1212 -24.60 87.61 -98.79
N LEU H 1213 -23.99 88.21 -99.81
CA LEU H 1213 -22.88 89.19 -99.70
C LEU H 1213 -23.50 90.57 -99.59
N LEU H 1214 -23.25 91.25 -98.48
CA LEU H 1214 -23.77 92.61 -98.26
C LEU H 1214 -22.92 93.56 -99.11
N LYS H 1215 -21.61 93.51 -98.89
CA LYS H 1215 -20.54 94.28 -99.59
C LYS H 1215 -19.62 93.22 -100.19
N GLU H 1216 -18.53 93.62 -100.86
CA GLU H 1216 -17.52 92.71 -101.49
C GLU H 1216 -17.05 91.61 -100.51
N ASN H 1217 -16.82 91.95 -99.24
CA ASN H 1217 -16.11 91.08 -98.27
C ASN H 1217 -16.97 90.75 -97.05
N ILE H 1218 -18.26 91.12 -97.06
CA ILE H 1218 -19.12 90.99 -95.86
C ILE H 1218 -20.25 90.02 -96.18
N ILE H 1219 -20.22 88.86 -95.57
CA ILE H 1219 -21.29 87.85 -95.65
C ILE H 1219 -22.32 88.18 -94.58
N GLN H 1220 -23.59 88.31 -94.96
CA GLN H 1220 -24.69 88.52 -94.01
C GLN H 1220 -25.54 87.25 -93.95
N MET H 1221 -25.61 86.63 -92.78
CA MET H 1221 -26.58 85.57 -92.49
C MET H 1221 -27.71 86.19 -91.67
N GLU H 1222 -28.81 86.51 -92.33
CA GLU H 1222 -30.00 87.13 -91.71
C GLU H 1222 -30.83 86.00 -91.11
N MET H 1223 -30.88 85.92 -89.78
CA MET H 1223 -31.70 84.93 -89.04
C MET H 1223 -33.03 85.61 -88.81
N ILE H 1224 -34.12 84.98 -89.24
CA ILE H 1224 -35.46 85.62 -89.22
C ILE H 1224 -36.31 84.89 -88.19
N GLU H 1225 -36.94 85.66 -87.30
CA GLU H 1225 -38.00 85.13 -86.41
C GLU H 1225 -39.33 85.59 -86.98
N ASN H 1226 -40.25 84.65 -87.17
CA ASN H 1226 -41.59 84.89 -87.77
C ASN H 1226 -42.64 85.01 -86.67
N ARG H 1227 -42.43 84.35 -85.52
CA ARG H 1227 -43.34 84.41 -84.34
C ARG H 1227 -42.96 85.63 -83.51
N THR H 1228 -43.64 86.76 -83.76
CA THR H 1228 -43.30 88.07 -83.16
C THR H 1228 -44.51 88.65 -82.42
N MET H 1229 -44.37 89.85 -81.86
CA MET H 1229 -45.42 90.56 -81.09
C MET H 1229 -46.51 91.04 -82.04
N ASP H 1230 -46.14 91.69 -83.15
CA ASP H 1230 -47.06 92.37 -84.10
C ASP H 1230 -47.30 91.54 -85.37
N GLY H 1231 -46.64 90.38 -85.52
CA GLY H 1231 -46.79 89.51 -86.71
C GLY H 1231 -45.77 89.79 -87.81
N LYS H 1232 -45.18 91.00 -87.84
CA LYS H 1232 -44.08 91.37 -88.77
C LYS H 1232 -42.85 90.54 -88.42
N PRO H 1233 -42.13 89.92 -89.38
CA PRO H 1233 -40.91 89.18 -89.06
C PRO H 1233 -39.81 90.11 -88.49
N VAL H 1234 -38.99 89.57 -87.60
CA VAL H 1234 -37.83 90.28 -86.98
C VAL H 1234 -36.58 89.55 -87.47
N SER H 1235 -35.57 90.31 -87.90
CA SER H 1235 -34.33 89.79 -88.52
C SER H 1235 -33.12 90.17 -87.67
N LEU H 1236 -32.29 89.18 -87.35
CA LEU H 1236 -30.95 89.34 -86.74
C LEU H 1236 -29.89 89.22 -87.82
N PRO H 1237 -29.24 90.32 -88.24
CA PRO H 1237 -28.13 90.25 -89.19
C PRO H 1237 -26.81 89.85 -88.51
N LEU H 1238 -26.45 88.58 -88.60
CA LEU H 1238 -25.10 88.07 -88.29
C LEU H 1238 -24.17 88.38 -89.46
N LEU H 1239 -23.06 89.06 -89.20
CA LEU H 1239 -22.10 89.52 -90.23
C LEU H 1239 -20.79 88.76 -90.09
N TYR H 1240 -20.19 88.43 -91.25
CA TYR H 1240 -18.91 87.70 -91.33
C TYR H 1240 -18.05 88.36 -92.38
N ASN H 1241 -16.78 88.59 -92.05
CA ASN H 1241 -15.77 89.02 -93.02
C ASN H 1241 -15.41 87.80 -93.86
N PHE H 1242 -15.24 88.02 -95.15
CA PHE H 1242 -14.70 87.03 -96.12
C PHE H 1242 -13.35 87.59 -96.55
N ASN H 1243 -12.29 86.87 -96.19
CA ASN H 1243 -10.89 87.25 -96.48
C ASN H 1243 -10.26 86.08 -97.23
N PRO H 1244 -10.24 86.13 -98.58
CA PRO H 1244 -9.76 85.00 -99.36
C PRO H 1244 -8.23 84.83 -99.32
N ASP H 1245 -7.50 85.79 -98.75
CA ASP H 1245 -6.04 85.63 -98.45
C ASP H 1245 -5.79 84.60 -97.35
N ASN H 1246 -6.78 84.31 -96.51
CA ASN H 1246 -6.63 83.27 -95.46
C ASN H 1246 -7.45 82.07 -95.89
N GLY H 1247 -6.88 81.23 -96.75
CA GLY H 1247 -7.58 80.11 -97.36
C GLY H 1247 -8.04 79.06 -96.39
N PHE H 1248 -7.32 78.90 -95.28
CA PHE H 1248 -7.67 77.85 -94.30
C PHE H 1248 -8.91 78.27 -93.53
N ALA H 1249 -9.07 79.55 -93.21
CA ALA H 1249 -10.25 80.06 -92.48
C ALA H 1249 -10.58 81.45 -93.01
N PRO H 1250 -11.16 81.52 -94.21
CA PRO H 1250 -11.42 82.81 -94.85
C PRO H 1250 -12.57 83.60 -94.20
N ILE H 1251 -13.41 82.94 -93.40
CA ILE H 1251 -14.59 83.60 -92.77
C ILE H 1251 -14.29 83.87 -91.30
N SER H 1252 -14.44 85.13 -90.91
CA SER H 1252 -14.31 85.62 -89.52
C SER H 1252 -15.58 86.39 -89.15
N GLU H 1253 -16.13 86.14 -87.96
CA GLU H 1253 -17.34 86.85 -87.47
C GLU H 1253 -16.97 88.29 -87.16
N VAL H 1254 -17.85 89.22 -87.50
CA VAL H 1254 -17.76 90.66 -87.13
C VAL H 1254 -18.30 90.75 -85.70
N MET H 1255 -17.40 90.87 -84.73
CA MET H 1255 -17.72 90.77 -83.28
C MET H 1255 -18.10 92.16 -82.75
N GLU H 1256 -17.73 93.22 -83.47
CA GLU H 1256 -18.08 94.62 -83.11
C GLU H 1256 -19.60 94.77 -83.22
N ASP H 1257 -20.24 95.18 -82.12
CA ASP H 1257 -21.69 95.51 -82.07
C ASP H 1257 -22.53 94.23 -82.16
N ARG H 1258 -21.93 93.04 -82.05
CA ARG H 1258 -22.66 91.77 -82.21
C ARG H 1258 -23.67 91.60 -81.07
N ASN H 1259 -23.29 91.92 -79.83
CA ASN H 1259 -24.21 91.79 -78.66
C ASN H 1259 -25.34 92.82 -78.79
N GLN H 1260 -25.04 93.99 -79.34
CA GLN H 1260 -26.04 95.06 -79.62
C GLN H 1260 -27.05 94.56 -80.65
N ARG H 1261 -26.59 93.89 -81.71
CA ARG H 1261 -27.46 93.42 -82.81
C ARG H 1261 -28.42 92.38 -82.24
N ILE H 1262 -27.88 91.45 -81.45
CA ILE H 1262 -28.69 90.41 -80.79
C ILE H 1262 -29.71 91.07 -79.87
N LYS H 1263 -29.28 92.04 -79.06
CA LYS H 1263 -30.18 92.72 -78.11
C LYS H 1263 -31.31 93.43 -78.85
N GLU H 1264 -31.00 94.06 -79.98
CA GLU H 1264 -32.00 94.77 -80.81
C GLU H 1264 -33.08 93.78 -81.26
N MET H 1265 -32.72 92.56 -81.62
CA MET H 1265 -33.72 91.54 -82.02
C MET H 1265 -34.56 91.22 -80.80
N TYR H 1266 -33.91 90.86 -79.70
CA TYR H 1266 -34.63 90.41 -78.49
C TYR H 1266 -35.48 91.56 -77.98
N TRP H 1267 -35.03 92.79 -78.14
CA TRP H 1267 -35.84 93.95 -77.71
C TRP H 1267 -37.18 93.95 -78.45
N LYS H 1268 -37.15 93.80 -79.78
CA LYS H 1268 -38.36 93.80 -80.64
C LYS H 1268 -39.28 92.64 -80.22
N LEU H 1269 -38.71 91.52 -79.80
CA LEU H 1269 -39.51 90.32 -79.47
C LEU H 1269 -40.10 90.44 -78.08
N TRP H 1270 -39.43 91.14 -77.16
CA TRP H 1270 -39.81 91.08 -75.73
C TRP H 1270 -40.42 92.40 -75.25
N ILE H 1271 -39.87 93.53 -75.68
CA ILE H 1271 -40.22 94.86 -75.09
C ILE H 1271 -41.04 95.63 -76.14
N ASP H 1272 -42.09 96.32 -75.70
CA ASP H 1272 -43.01 97.13 -76.56
C ASP H 1272 -42.68 98.61 -76.34
N GLU H 1273 -41.39 98.97 -76.43
CA GLU H 1273 -40.85 100.33 -76.17
C GLU H 1273 -39.83 100.67 -77.26
N PRO H 1274 -39.41 101.94 -77.40
CA PRO H 1274 -38.27 102.30 -78.25
C PRO H 1274 -36.96 101.65 -77.76
N PHE H 1275 -36.18 101.10 -78.70
CA PHE H 1275 -34.89 100.42 -78.43
C PHE H 1275 -33.88 101.44 -77.92
N ASN H 1276 -33.54 101.34 -76.62
CA ASN H 1276 -32.53 102.19 -75.95
C ASN H 1276 -31.88 101.38 -74.82
N LEU H 1277 -30.61 101.01 -75.01
CA LEU H 1277 -29.79 100.22 -74.07
C LEU H 1277 -29.04 101.16 -73.11
N ASP H 1278 -29.12 102.47 -73.31
CA ASP H 1278 -28.48 103.50 -72.45
C ASP H 1278 -29.45 103.86 -71.30
N PHE H 1279 -29.54 102.97 -70.32
CA PHE H 1279 -30.18 103.23 -69.00
C PHE H 1279 -29.31 102.57 -67.92
N ASP H 1280 -29.45 103.00 -66.68
CA ASP H 1280 -28.55 102.60 -65.56
C ASP H 1280 -29.11 101.31 -64.97
N PRO H 1281 -28.31 100.21 -64.87
CA PRO H 1281 -28.73 99.00 -64.18
C PRO H 1281 -29.06 99.15 -62.68
N ARG H 1282 -28.71 100.28 -62.07
CA ARG H 1282 -29.04 100.64 -60.66
C ARG H 1282 -30.47 101.17 -60.58
N ASP H 1283 -30.97 101.78 -61.66
CA ASP H 1283 -32.30 102.46 -61.67
C ASP H 1283 -33.41 101.41 -61.63
N VAL H 1284 -34.56 101.81 -61.10
CA VAL H 1284 -35.80 100.99 -61.06
C VAL H 1284 -36.34 100.90 -62.49
N ILE H 1285 -36.82 99.73 -62.89
CA ILE H 1285 -37.51 99.55 -64.20
C ILE H 1285 -39.01 99.54 -63.91
N LYS H 1286 -39.75 100.47 -64.51
CA LYS H 1286 -41.22 100.61 -64.34
C LYS H 1286 -41.90 99.88 -65.51
N GLY H 1287 -42.51 98.73 -65.23
CA GLY H 1287 -43.40 98.04 -66.19
C GLY H 1287 -44.75 98.74 -66.27
N LYS H 1288 -45.43 98.59 -67.40
CA LYS H 1288 -46.78 99.20 -67.65
C LYS H 1288 -47.85 98.41 -66.89
N ASP H 1289 -48.93 99.09 -66.49
CA ASP H 1289 -50.07 98.48 -65.76
C ASP H 1289 -50.65 97.35 -66.61
N PHE H 1290 -50.99 96.24 -65.95
CA PHE H 1290 -51.54 95.02 -66.56
C PHE H 1290 -52.91 94.74 -65.94
N GLU H 1291 -53.94 94.61 -66.77
CA GLU H 1291 -55.29 94.19 -66.33
C GLU H 1291 -55.41 92.68 -66.53
N ILE H 1292 -55.69 91.95 -65.46
CA ILE H 1292 -55.87 90.48 -65.48
C ILE H 1292 -57.29 90.20 -65.99
N THR H 1293 -57.41 89.67 -67.21
CA THR H 1293 -58.69 89.30 -67.86
C THR H 1293 -58.90 87.79 -67.70
N ALA H 1294 -60.16 87.36 -67.67
CA ALA H 1294 -60.54 85.93 -67.67
C ALA H 1294 -59.84 85.22 -68.83
N LYS H 1295 -59.80 85.86 -70.01
CA LYS H 1295 -59.25 85.23 -71.25
C LYS H 1295 -57.77 84.89 -71.05
N GLU H 1296 -56.98 85.82 -70.49
CA GLU H 1296 -55.53 85.58 -70.24
C GLU H 1296 -55.37 84.44 -69.23
N VAL H 1297 -56.22 84.39 -68.21
CA VAL H 1297 -56.08 83.33 -67.18
C VAL H 1297 -56.38 81.96 -67.80
N TYR H 1298 -57.49 81.88 -68.53
CA TYR H 1298 -57.90 80.68 -69.32
C TYR H 1298 -56.71 80.22 -70.17
N ASP H 1299 -56.19 81.10 -71.01
CA ASP H 1299 -55.12 80.76 -71.98
C ASP H 1299 -53.87 80.31 -71.21
N PHE H 1300 -53.52 81.03 -70.15
CA PHE H 1300 -52.30 80.74 -69.36
C PHE H 1300 -52.44 79.37 -68.72
N THR H 1301 -53.56 79.13 -68.02
CA THR H 1301 -53.77 77.87 -67.26
C THR H 1301 -53.78 76.68 -68.22
N HIS H 1302 -54.34 76.85 -69.42
CA HIS H 1302 -54.36 75.77 -70.45
C HIS H 1302 -52.94 75.53 -70.94
N ALA H 1303 -52.20 76.61 -71.25
CA ALA H 1303 -50.80 76.54 -71.73
C ALA H 1303 -49.93 75.77 -70.74
N VAL H 1304 -50.17 75.90 -69.43
CA VAL H 1304 -49.25 75.28 -68.41
C VAL H 1304 -49.89 74.02 -67.81
N GLY H 1305 -51.12 73.69 -68.18
CA GLY H 1305 -51.77 72.47 -67.69
C GLY H 1305 -52.15 72.59 -66.21
N ASN H 1306 -52.65 73.75 -65.80
CA ASN H 1306 -53.12 74.03 -64.41
C ASN H 1306 -54.66 73.95 -64.42
N ASN H 1307 -55.21 72.85 -63.91
CA ASN H 1307 -56.66 72.52 -63.93
C ASN H 1307 -57.33 72.86 -62.58
N CYS H 1308 -56.65 73.62 -61.71
CA CYS H 1308 -57.18 74.05 -60.39
C CYS H 1308 -58.43 74.90 -60.59
N GLU H 1309 -59.50 74.59 -59.85
CA GLU H 1309 -60.84 75.20 -59.98
C GLU H 1309 -60.81 76.69 -59.67
N ASP H 1310 -59.87 77.18 -58.84
CA ASP H 1310 -59.82 78.63 -58.46
C ASP H 1310 -59.60 79.50 -59.69
N PHE H 1311 -59.00 78.96 -60.75
CA PHE H 1311 -58.64 79.74 -61.97
C PHE H 1311 -59.69 79.59 -63.07
N VAL H 1312 -60.77 78.86 -62.79
CA VAL H 1312 -61.82 78.50 -63.78
C VAL H 1312 -63.06 79.31 -63.43
N SER H 1313 -63.65 79.97 -64.42
CA SER H 1313 -64.94 80.69 -64.26
C SER H 1313 -65.98 79.70 -63.73
N ARG H 1314 -66.58 80.03 -62.60
CA ARG H 1314 -67.68 79.28 -61.95
C ARG H 1314 -68.73 80.31 -61.55
N PRO H 1315 -70.04 79.94 -61.54
CA PRO H 1315 -71.10 80.88 -61.19
C PRO H 1315 -70.96 81.36 -59.73
N ASP H 1316 -71.26 82.64 -59.48
CA ASP H 1316 -71.39 83.25 -58.13
C ASP H 1316 -70.06 83.12 -57.37
N ARG H 1317 -68.94 83.40 -58.06
CA ARG H 1317 -67.57 83.13 -57.57
C ARG H 1317 -66.56 83.90 -58.43
N THR H 1318 -65.55 84.49 -57.79
CA THR H 1318 -64.52 85.34 -58.44
C THR H 1318 -63.35 84.45 -58.89
N MET H 1319 -62.92 84.63 -60.13
CA MET H 1319 -61.84 83.85 -60.77
C MET H 1319 -60.48 84.42 -60.31
N LEU H 1320 -59.61 83.56 -59.78
CA LEU H 1320 -58.24 83.94 -59.37
C LEU H 1320 -57.30 83.77 -60.54
N ALA H 1321 -56.12 84.40 -60.45
CA ALA H 1321 -54.98 84.11 -61.34
C ALA H 1321 -54.00 83.29 -60.54
N PRO H 1322 -53.32 82.31 -61.17
CA PRO H 1322 -52.23 81.58 -60.49
C PRO H 1322 -51.04 82.52 -60.23
N MET H 1323 -50.24 82.25 -59.20
CA MET H 1323 -49.07 83.13 -58.87
C MET H 1323 -48.07 83.14 -60.03
N ASP H 1324 -47.96 82.04 -60.79
CA ASP H 1324 -47.17 81.94 -62.05
C ASP H 1324 -47.51 83.06 -63.00
N PHE H 1325 -48.76 83.52 -62.98
CA PHE H 1325 -49.26 84.62 -63.82
C PHE H 1325 -48.45 85.90 -63.55
N ALA H 1326 -47.74 85.98 -62.41
CA ALA H 1326 -46.86 87.11 -62.04
C ALA H 1326 -45.74 87.30 -63.09
N ILE H 1327 -45.23 86.21 -63.67
CA ILE H 1327 -44.15 86.29 -64.69
C ILE H 1327 -44.71 86.91 -65.97
N VAL H 1328 -46.00 86.72 -66.24
CA VAL H 1328 -46.67 87.28 -67.44
C VAL H 1328 -46.76 88.78 -67.28
N VAL H 1329 -47.20 89.20 -66.09
CA VAL H 1329 -47.39 90.63 -65.74
C VAL H 1329 -46.02 91.31 -65.71
N GLY H 1330 -45.01 90.62 -65.18
CA GLY H 1330 -43.73 91.23 -64.81
C GLY H 1330 -42.60 90.97 -65.80
N TRP H 1331 -42.79 90.07 -66.77
CA TRP H 1331 -41.72 89.62 -67.71
C TRP H 1331 -41.02 90.83 -68.32
N ARG H 1332 -41.77 91.80 -68.82
CA ARG H 1332 -41.19 92.92 -69.61
C ARG H 1332 -40.30 93.77 -68.70
N ALA H 1333 -40.75 94.08 -67.49
CA ALA H 1333 -39.97 94.83 -66.48
C ALA H 1333 -38.73 94.02 -66.12
N ILE H 1334 -38.92 92.77 -65.72
CA ILE H 1334 -37.85 91.87 -65.24
C ILE H 1334 -36.81 91.68 -66.34
N ILE H 1335 -37.22 91.32 -67.55
CA ILE H 1335 -36.27 90.93 -68.61
C ILE H 1335 -35.52 92.18 -69.08
N LYS H 1336 -36.11 93.35 -68.98
CA LYS H 1336 -35.46 94.63 -69.38
C LYS H 1336 -34.17 94.86 -68.58
N ALA H 1337 -34.03 94.21 -67.43
CA ALA H 1337 -32.87 94.35 -66.52
C ALA H 1337 -31.61 93.79 -67.15
N ILE H 1338 -31.70 92.72 -67.96
CA ILE H 1338 -30.49 92.12 -68.58
C ILE H 1338 -30.05 92.88 -69.84
N PHE H 1339 -30.67 94.00 -70.20
CA PHE H 1339 -30.39 94.71 -71.48
C PHE H 1339 -29.44 95.89 -71.43
N PRO H 1340 -29.26 96.64 -70.31
CA PRO H 1340 -28.47 97.86 -70.37
C PRO H 1340 -27.09 97.60 -70.98
N ASN H 1341 -26.55 98.63 -71.63
CA ASN H 1341 -25.20 98.62 -72.24
C ASN H 1341 -24.16 98.07 -71.26
N THR H 1342 -24.19 98.50 -70.00
CA THR H 1342 -23.20 98.14 -68.96
C THR H 1342 -23.37 96.67 -68.51
N VAL H 1343 -24.51 96.05 -68.79
CA VAL H 1343 -24.74 94.59 -68.61
C VAL H 1343 -24.57 93.95 -69.98
N ASP H 1344 -23.34 93.99 -70.51
CA ASP H 1344 -23.01 93.56 -71.89
C ASP H 1344 -22.85 92.04 -71.88
N GLY H 1345 -23.75 91.34 -72.54
CA GLY H 1345 -23.69 89.88 -72.74
C GLY H 1345 -24.40 89.48 -74.01
N ASP H 1346 -24.20 88.24 -74.43
CA ASP H 1346 -24.80 87.64 -75.64
C ASP H 1346 -26.11 86.96 -75.23
N LEU H 1347 -27.26 87.51 -75.62
CA LEU H 1347 -28.58 86.94 -75.23
C LEU H 1347 -28.81 85.55 -75.79
N LEU H 1348 -28.14 85.16 -76.89
CA LEU H 1348 -28.25 83.77 -77.41
C LEU H 1348 -27.61 82.78 -76.42
N LYS H 1349 -26.71 83.23 -75.54
CA LYS H 1349 -26.05 82.39 -74.50
C LYS H 1349 -26.68 82.67 -73.13
N LEU H 1350 -27.82 83.37 -73.08
CA LEU H 1350 -28.50 83.68 -71.80
C LEU H 1350 -29.09 82.39 -71.25
N VAL H 1351 -28.76 82.08 -70.00
CA VAL H 1351 -29.40 80.97 -69.22
C VAL H 1351 -30.24 81.62 -68.12
N HIS H 1352 -31.49 81.20 -67.98
CA HIS H 1352 -32.38 81.47 -66.83
C HIS H 1352 -32.05 80.47 -65.72
N LEU H 1353 -31.42 80.90 -64.62
CA LEU H 1353 -30.91 79.96 -63.58
C LEU H 1353 -32.04 79.57 -62.63
N SER H 1354 -32.90 80.51 -62.32
CA SER H 1354 -33.83 80.36 -61.18
C SER H 1354 -34.91 81.41 -61.26
N ASN H 1355 -36.07 81.02 -60.79
CA ASN H 1355 -37.21 81.93 -60.65
C ASN H 1355 -37.86 81.61 -59.31
N GLY H 1356 -38.51 82.60 -58.73
CA GLY H 1356 -39.14 82.45 -57.42
C GLY H 1356 -40.20 83.47 -57.24
N TYR H 1357 -41.27 83.09 -56.59
CA TYR H 1357 -42.38 84.01 -56.23
C TYR H 1357 -42.49 84.03 -54.71
N LYS H 1358 -42.91 85.15 -54.16
CA LYS H 1358 -43.13 85.30 -52.71
C LYS H 1358 -44.32 86.23 -52.51
N MET H 1359 -45.39 85.69 -51.95
CA MET H 1359 -46.56 86.52 -51.61
C MET H 1359 -46.12 87.37 -50.41
N ILE H 1360 -46.42 88.64 -50.48
CA ILE H 1360 -46.25 89.56 -49.31
C ILE H 1360 -47.28 89.19 -48.26
N PRO H 1361 -46.87 88.95 -47.00
CA PRO H 1361 -47.81 88.60 -45.92
C PRO H 1361 -49.00 89.56 -45.87
N GLY H 1362 -50.21 88.99 -45.76
CA GLY H 1362 -51.48 89.73 -45.75
C GLY H 1362 -52.09 89.87 -47.14
N ALA H 1363 -51.28 89.85 -48.20
CA ALA H 1363 -51.73 90.14 -49.58
C ALA H 1363 -52.54 88.94 -50.10
N LYS H 1364 -53.71 89.21 -50.66
CA LYS H 1364 -54.60 88.19 -51.27
C LYS H 1364 -54.06 87.86 -52.67
N PRO H 1365 -54.29 86.63 -53.18
CA PRO H 1365 -53.82 86.27 -54.52
C PRO H 1365 -54.42 87.16 -55.62
N LEU H 1366 -53.73 87.22 -56.76
CA LEU H 1366 -54.18 88.00 -57.95
C LEU H 1366 -55.54 87.45 -58.41
N GLN H 1367 -56.42 88.35 -58.85
CA GLN H 1367 -57.80 88.03 -59.31
C GLN H 1367 -58.01 88.62 -60.70
N VAL H 1368 -58.92 88.03 -61.46
CA VAL H 1368 -59.48 88.66 -62.68
C VAL H 1368 -60.02 90.03 -62.26
N GLY H 1369 -59.71 91.06 -63.05
CA GLY H 1369 -60.14 92.46 -62.85
C GLY H 1369 -59.03 93.32 -62.25
N ASP H 1370 -58.15 92.72 -61.43
CA ASP H 1370 -57.02 93.41 -60.76
C ASP H 1370 -56.16 94.14 -61.80
N VAL H 1371 -55.92 95.43 -61.57
CA VAL H 1371 -54.89 96.21 -62.31
C VAL H 1371 -53.60 96.14 -61.51
N VAL H 1372 -52.61 95.45 -62.07
CA VAL H 1372 -51.32 95.13 -61.39
C VAL H 1372 -50.24 95.98 -62.03
N SER H 1373 -49.54 96.77 -61.23
CA SER H 1373 -48.33 97.53 -61.61
C SER H 1373 -47.11 96.70 -61.21
N THR H 1374 -46.03 96.83 -61.96
CA THR H 1374 -44.79 96.04 -61.75
C THR H 1374 -43.61 97.01 -61.75
N THR H 1375 -42.71 96.77 -60.82
CA THR H 1375 -41.40 97.45 -60.71
C THR H 1375 -40.38 96.32 -60.71
N ALA H 1376 -39.20 96.55 -61.27
CA ALA H 1376 -38.09 95.58 -61.21
C ALA H 1376 -36.81 96.33 -60.90
N VAL H 1377 -35.97 95.72 -60.11
CA VAL H 1377 -34.64 96.29 -59.78
C VAL H 1377 -33.61 95.18 -59.95
N ILE H 1378 -32.42 95.52 -60.43
CA ILE H 1378 -31.28 94.57 -60.39
C ILE H 1378 -30.72 94.57 -58.97
N GLU H 1379 -30.88 93.46 -58.25
CA GLU H 1379 -30.33 93.24 -56.89
C GLU H 1379 -28.81 93.19 -57.03
N SER H 1380 -28.32 92.34 -57.93
CA SER H 1380 -26.88 92.00 -58.11
C SER H 1380 -26.56 91.76 -59.60
N VAL H 1381 -25.40 92.23 -60.05
CA VAL H 1381 -24.76 91.76 -61.31
C VAL H 1381 -23.28 91.54 -61.00
N VAL H 1382 -22.82 90.29 -61.05
CA VAL H 1382 -21.45 89.91 -60.64
C VAL H 1382 -20.84 89.03 -61.73
N ASN H 1383 -19.58 89.33 -62.05
CA ASN H 1383 -18.71 88.55 -62.96
C ASN H 1383 -18.16 87.35 -62.20
N GLN H 1384 -18.59 86.17 -62.60
CA GLN H 1384 -18.08 84.88 -62.11
C GLN H 1384 -17.08 84.38 -63.14
N PRO H 1385 -16.21 83.41 -62.80
CA PRO H 1385 -15.30 82.82 -63.78
C PRO H 1385 -15.97 82.43 -65.11
N THR H 1386 -17.16 81.80 -65.07
CA THR H 1386 -17.83 81.16 -66.23
C THR H 1386 -18.86 82.09 -66.91
N GLY H 1387 -19.08 83.30 -66.39
CA GLY H 1387 -20.15 84.18 -66.88
C GLY H 1387 -20.62 85.19 -65.85
N LYS H 1388 -21.51 86.08 -66.28
CA LYS H 1388 -22.09 87.19 -65.50
C LYS H 1388 -23.47 86.76 -64.99
N ILE H 1389 -23.69 86.79 -63.67
CA ILE H 1389 -25.01 86.51 -63.05
C ILE H 1389 -25.71 87.84 -62.89
N VAL H 1390 -26.99 87.89 -63.26
CA VAL H 1390 -27.88 89.07 -63.01
C VAL H 1390 -29.04 88.56 -62.17
N ASP H 1391 -29.22 89.17 -61.00
CA ASP H 1391 -30.29 88.83 -60.03
C ASP H 1391 -31.27 89.99 -60.07
N VAL H 1392 -32.53 89.70 -60.40
CA VAL H 1392 -33.56 90.74 -60.64
C VAL H 1392 -34.66 90.47 -59.63
N VAL H 1393 -35.23 91.53 -59.08
CA VAL H 1393 -36.36 91.43 -58.12
C VAL H 1393 -37.48 92.27 -58.70
N GLY H 1394 -38.58 91.63 -59.02
CA GLY H 1394 -39.80 92.30 -59.48
C GLY H 1394 -40.75 92.44 -58.32
N THR H 1395 -41.46 93.55 -58.25
CA THR H 1395 -42.52 93.75 -57.23
C THR H 1395 -43.81 94.05 -57.97
N LEU H 1396 -44.80 93.19 -57.79
CA LEU H 1396 -46.16 93.39 -58.32
C LEU H 1396 -46.97 94.07 -57.22
N SER H 1397 -47.68 95.11 -57.60
CA SER H 1397 -48.50 95.96 -56.70
C SER H 1397 -49.88 96.11 -57.31
N ARG H 1398 -50.86 96.31 -56.43
CA ARG H 1398 -52.28 96.47 -56.80
C ARG H 1398 -52.87 97.44 -55.77
N ASN H 1399 -53.57 98.48 -56.24
CA ASN H 1399 -54.19 99.54 -55.39
C ASN H 1399 -53.10 100.17 -54.50
N GLY H 1400 -51.91 100.40 -55.05
CA GLY H 1400 -50.77 101.00 -54.33
C GLY H 1400 -49.98 99.99 -53.49
N LYS H 1401 -50.61 98.93 -52.97
CA LYS H 1401 -50.02 97.97 -52.00
C LYS H 1401 -49.28 96.88 -52.76
N PRO H 1402 -48.08 96.45 -52.31
CA PRO H 1402 -47.36 95.36 -52.98
C PRO H 1402 -48.02 94.00 -52.68
N VAL H 1403 -48.15 93.17 -53.72
CA VAL H 1403 -48.83 91.84 -53.67
C VAL H 1403 -47.76 90.76 -53.58
N MET H 1404 -46.77 90.78 -54.45
CA MET H 1404 -45.79 89.68 -54.50
C MET H 1404 -44.46 90.13 -55.10
N GLU H 1405 -43.39 89.41 -54.72
CA GLU H 1405 -42.04 89.61 -55.29
C GLU H 1405 -41.70 88.44 -56.21
N VAL H 1406 -41.28 88.75 -57.44
CA VAL H 1406 -40.72 87.75 -58.41
C VAL H 1406 -39.21 87.91 -58.39
N THR H 1407 -38.48 86.84 -58.10
CA THR H 1407 -36.98 86.81 -58.12
C THR H 1407 -36.54 85.98 -59.31
N SER H 1408 -35.76 86.57 -60.20
CA SER H 1408 -35.21 85.87 -61.40
C SER H 1408 -33.71 86.02 -61.39
N SER H 1409 -32.99 84.92 -61.55
CA SER H 1409 -31.54 84.90 -61.77
C SER H 1409 -31.21 84.49 -63.21
N PHE H 1410 -30.50 85.35 -63.94
CA PHE H 1410 -30.06 85.15 -65.33
C PHE H 1410 -28.55 85.11 -65.39
N PHE H 1411 -28.04 84.32 -66.32
CA PHE H 1411 -26.60 84.02 -66.49
C PHE H 1411 -26.21 84.25 -67.95
N TYR H 1412 -25.43 85.30 -68.20
CA TYR H 1412 -24.71 85.49 -69.47
C TYR H 1412 -23.43 84.67 -69.44
N ARG H 1413 -23.47 83.47 -70.02
CA ARG H 1413 -22.27 82.61 -70.23
C ARG H 1413 -21.24 83.41 -71.02
N GLY H 1414 -20.00 83.43 -70.55
CA GLY H 1414 -18.94 84.19 -71.23
C GLY H 1414 -17.81 84.55 -70.29
N ASN H 1415 -16.87 85.32 -70.80
CA ASN H 1415 -15.70 85.83 -70.05
C ASN H 1415 -15.90 87.34 -69.95
N TYR H 1416 -16.18 87.82 -68.74
CA TYR H 1416 -16.48 89.25 -68.45
C TYR H 1416 -15.48 89.72 -67.38
N THR H 1417 -14.90 90.90 -67.60
CA THR H 1417 -13.82 91.49 -66.76
C THR H 1417 -14.12 92.97 -66.50
N ASP H 1418 -15.37 93.39 -66.70
CA ASP H 1418 -15.85 94.79 -66.59
C ASP H 1418 -16.37 94.97 -65.15
N PHE H 1419 -15.46 94.89 -64.17
CA PHE H 1419 -15.81 94.85 -62.73
C PHE H 1419 -16.42 96.17 -62.27
N GLU H 1420 -16.17 97.27 -62.97
CA GLU H 1420 -16.72 98.61 -62.62
C GLU H 1420 -18.24 98.65 -62.78
N ASN H 1421 -18.82 97.70 -63.51
CA ASN H 1421 -20.29 97.65 -63.79
C ASN H 1421 -20.96 96.65 -62.86
N THR H 1422 -20.20 95.93 -62.04
CA THR H 1422 -20.73 94.89 -61.15
C THR H 1422 -21.04 95.47 -59.76
N PHE H 1423 -21.91 94.77 -59.04
CA PHE H 1423 -22.37 95.13 -57.67
C PHE H 1423 -23.20 93.99 -57.14
N GLN H 1424 -23.30 93.88 -55.84
CA GLN H 1424 -24.03 92.78 -55.19
C GLN H 1424 -24.63 93.32 -53.90
N LYS H 1425 -25.95 93.18 -53.77
CA LYS H 1425 -26.69 93.42 -52.53
C LYS H 1425 -27.09 92.05 -51.98
N THR H 1426 -26.72 91.78 -50.73
CA THR H 1426 -27.10 90.56 -49.98
C THR H 1426 -27.91 90.99 -48.76
N VAL H 1427 -29.06 90.38 -48.54
CA VAL H 1427 -29.77 90.41 -47.22
C VAL H 1427 -29.13 89.30 -46.39
N GLU H 1428 -28.42 89.67 -45.32
CA GLU H 1428 -27.65 88.72 -44.52
C GLU H 1428 -28.65 87.94 -43.67
N PRO H 1429 -28.32 86.70 -43.24
CA PRO H 1429 -29.12 86.02 -42.24
C PRO H 1429 -29.11 86.85 -40.95
N VAL H 1430 -30.20 86.81 -40.19
CA VAL H 1430 -30.30 87.49 -38.87
C VAL H 1430 -29.34 86.78 -37.91
N TYR H 1431 -28.41 87.53 -37.32
CA TYR H 1431 -27.46 87.04 -36.29
C TYR H 1431 -27.97 87.48 -34.92
N GLN H 1432 -27.86 86.57 -33.95
CA GLN H 1432 -28.28 86.80 -32.54
C GLN H 1432 -27.05 86.66 -31.64
N MET H 1433 -26.85 87.63 -30.75
CA MET H 1433 -25.86 87.54 -29.64
C MET H 1433 -26.58 87.65 -28.30
N HIS H 1434 -26.39 86.67 -27.43
CA HIS H 1434 -26.70 86.75 -25.99
C HIS H 1434 -25.52 87.41 -25.28
N ILE H 1435 -25.65 88.67 -24.85
CA ILE H 1435 -24.58 89.41 -24.11
C ILE H 1435 -24.62 88.95 -22.64
N LYS H 1436 -23.72 88.03 -22.27
CA LYS H 1436 -23.69 87.37 -20.93
C LYS H 1436 -22.76 88.15 -19.99
N THR H 1437 -21.62 88.63 -20.47
CA THR H 1437 -20.51 89.25 -19.67
C THR H 1437 -20.24 90.68 -20.15
N SER H 1438 -19.43 91.41 -19.39
CA SER H 1438 -18.97 92.80 -19.68
C SER H 1438 -17.83 92.79 -20.70
N LYS H 1439 -17.22 91.63 -20.94
CA LYS H 1439 -16.17 91.43 -21.97
C LYS H 1439 -16.83 91.54 -23.36
N ASP H 1440 -17.92 90.79 -23.57
CA ASP H 1440 -18.80 90.83 -24.77
C ASP H 1440 -19.19 92.27 -25.09
N ILE H 1441 -19.57 93.06 -24.09
CA ILE H 1441 -19.98 94.49 -24.24
C ILE H 1441 -18.79 95.30 -24.75
N ALA H 1442 -17.60 95.08 -24.18
CA ALA H 1442 -16.37 95.82 -24.51
C ALA H 1442 -15.95 95.50 -25.94
N VAL H 1443 -16.02 94.22 -26.31
CA VAL H 1443 -15.71 93.72 -27.69
C VAL H 1443 -16.66 94.37 -28.69
N LEU H 1444 -17.94 94.55 -28.35
CA LEU H 1444 -18.92 95.22 -29.25
C LEU H 1444 -18.63 96.71 -29.32
N ARG H 1445 -18.33 97.37 -28.21
CA ARG H 1445 -18.03 98.82 -28.19
C ARG H 1445 -16.70 99.11 -28.92
N SER H 1446 -15.83 98.11 -29.05
CA SER H 1446 -14.54 98.26 -29.80
C SER H 1446 -14.80 98.39 -31.31
N LYS H 1447 -15.95 97.91 -31.79
CA LYS H 1447 -16.38 97.97 -33.23
C LYS H 1447 -17.03 99.34 -33.50
N GLU H 1448 -16.47 100.12 -34.41
CA GLU H 1448 -16.99 101.44 -34.82
C GLU H 1448 -18.40 101.29 -35.41
N TRP H 1449 -18.62 100.21 -36.16
CA TRP H 1449 -19.90 99.93 -36.87
C TRP H 1449 -21.07 99.72 -35.92
N PHE H 1450 -20.80 99.26 -34.69
CA PHE H 1450 -21.81 99.07 -33.62
C PHE H 1450 -22.20 100.41 -33.02
N GLN H 1451 -23.40 100.91 -33.32
CA GLN H 1451 -23.82 102.30 -33.05
C GLN H 1451 -25.17 102.35 -32.35
N LEU H 1452 -25.14 102.31 -31.02
CA LEU H 1452 -26.37 102.42 -30.21
C LEU H 1452 -26.92 103.83 -30.36
N ASP H 1453 -28.25 103.95 -30.33
CA ASP H 1453 -29.00 105.24 -30.33
C ASP H 1453 -28.71 105.93 -28.99
N ASP H 1454 -28.90 105.21 -27.88
CA ASP H 1454 -28.57 105.63 -26.50
C ASP H 1454 -27.26 104.92 -26.09
N GLU H 1455 -26.14 105.65 -26.07
CA GLU H 1455 -24.79 105.12 -25.77
C GLU H 1455 -24.76 104.46 -24.37
N ASP H 1456 -25.56 104.94 -23.42
CA ASP H 1456 -25.61 104.43 -22.02
C ASP H 1456 -26.59 103.25 -21.88
N PHE H 1457 -27.09 102.69 -22.99
CA PHE H 1457 -27.99 101.50 -23.00
C PHE H 1457 -27.25 100.35 -22.29
N ASP H 1458 -27.98 99.58 -21.47
CA ASP H 1458 -27.43 98.46 -20.66
C ASP H 1458 -27.60 97.16 -21.46
N LEU H 1459 -26.49 96.65 -22.01
CA LEU H 1459 -26.49 95.45 -22.89
C LEU H 1459 -26.45 94.17 -22.07
N LEU H 1460 -26.06 94.23 -20.79
CA LEU H 1460 -25.79 93.01 -19.98
C LEU H 1460 -27.07 92.18 -19.86
N ASN H 1461 -26.99 90.88 -20.15
CA ASN H 1461 -28.08 89.87 -20.06
C ASN H 1461 -29.09 90.01 -21.20
N LYS H 1462 -28.89 90.97 -22.12
CA LYS H 1462 -29.80 91.20 -23.26
C LYS H 1462 -29.43 90.28 -24.43
N THR H 1463 -30.44 89.92 -25.22
CA THR H 1463 -30.29 89.21 -26.51
C THR H 1463 -30.41 90.25 -27.62
N LEU H 1464 -29.38 90.39 -28.44
CA LEU H 1464 -29.36 91.35 -29.55
C LEU H 1464 -29.55 90.57 -30.84
N THR H 1465 -30.23 91.17 -31.80
CA THR H 1465 -30.35 90.64 -33.17
C THR H 1465 -29.86 91.71 -34.13
N PHE H 1466 -29.08 91.28 -35.11
CA PHE H 1466 -28.49 92.12 -36.17
C PHE H 1466 -29.13 91.73 -37.49
N GLU H 1467 -29.89 92.65 -38.09
CA GLU H 1467 -30.59 92.46 -39.40
C GLU H 1467 -29.86 93.34 -40.41
N THR H 1468 -28.80 92.81 -40.99
CA THR H 1468 -27.85 93.55 -41.86
C THR H 1468 -28.12 93.22 -43.33
N GLU H 1469 -27.81 94.17 -44.20
CA GLU H 1469 -27.71 94.07 -45.68
C GLU H 1469 -26.31 94.52 -46.06
N THR H 1470 -25.65 93.77 -46.95
CA THR H 1470 -24.29 94.08 -47.46
C THR H 1470 -24.41 94.51 -48.92
N GLU H 1471 -24.05 95.76 -49.21
CA GLU H 1471 -23.83 96.28 -50.59
C GLU H 1471 -22.33 96.25 -50.86
N VAL H 1472 -21.95 95.62 -51.97
CA VAL H 1472 -20.55 95.44 -52.41
C VAL H 1472 -20.43 95.97 -53.85
N THR H 1473 -19.29 96.59 -54.18
CA THR H 1473 -18.83 96.85 -55.57
C THR H 1473 -17.46 96.22 -55.73
N PHE H 1474 -17.15 95.71 -56.92
CA PHE H 1474 -15.94 94.88 -57.19
C PHE H 1474 -14.88 95.73 -57.87
N LYS H 1475 -13.62 95.50 -57.50
CA LYS H 1475 -12.41 95.99 -58.20
C LYS H 1475 -11.99 94.89 -59.18
N ASN H 1476 -12.00 93.65 -58.70
CA ASN H 1476 -11.71 92.42 -59.48
C ASN H 1476 -12.48 91.25 -58.85
N ALA H 1477 -12.20 90.02 -59.28
CA ALA H 1477 -12.93 88.80 -58.87
C ALA H 1477 -12.97 88.64 -57.35
N ASN H 1478 -11.84 88.86 -56.65
CA ASN H 1478 -11.62 88.51 -55.23
C ASN H 1478 -11.72 89.74 -54.31
N ILE H 1479 -11.22 90.89 -54.74
CA ILE H 1479 -11.17 92.15 -53.93
C ILE H 1479 -12.39 93.01 -54.24
N PHE H 1480 -13.10 93.44 -53.19
CA PHE H 1480 -14.19 94.45 -53.26
C PHE H 1480 -13.55 95.81 -53.36
N SER H 1481 -14.16 96.73 -54.10
CA SER H 1481 -13.76 98.15 -54.21
C SER H 1481 -14.52 98.97 -53.17
N SER H 1482 -15.59 98.40 -52.62
CA SER H 1482 -16.41 99.05 -51.58
C SER H 1482 -17.22 97.97 -50.85
N VAL H 1483 -17.40 98.16 -49.54
CA VAL H 1483 -18.29 97.32 -48.69
C VAL H 1483 -19.13 98.28 -47.87
N LYS H 1484 -20.44 98.09 -47.91
CA LYS H 1484 -21.42 98.72 -47.00
C LYS H 1484 -22.13 97.57 -46.30
N CYS H 1485 -22.21 97.61 -44.97
CA CYS H 1485 -23.00 96.68 -44.14
C CYS H 1485 -23.77 97.57 -43.18
N PHE H 1486 -25.10 97.53 -43.24
CA PHE H 1486 -25.99 98.45 -42.51
C PHE H 1486 -27.26 97.69 -42.15
N GLY H 1487 -28.02 98.21 -41.20
CA GLY H 1487 -29.26 97.60 -40.75
C GLY H 1487 -29.45 97.75 -39.25
N PRO H 1488 -30.69 97.53 -38.75
CA PRO H 1488 -31.00 97.69 -37.34
C PRO H 1488 -30.36 96.63 -36.42
N ILE H 1489 -30.00 97.08 -35.23
CA ILE H 1489 -29.68 96.23 -34.05
C ILE H 1489 -30.92 96.29 -33.17
N LYS H 1490 -31.40 95.14 -32.76
CA LYS H 1490 -32.67 95.07 -32.00
C LYS H 1490 -32.39 94.32 -30.70
N VAL H 1491 -32.99 94.79 -29.61
CA VAL H 1491 -32.93 94.05 -28.33
C VAL H 1491 -34.23 93.28 -28.18
N GLU H 1492 -34.16 92.05 -27.69
CA GLU H 1492 -35.34 91.25 -27.28
C GLU H 1492 -35.89 91.80 -25.94
N LEU H 1493 -37.16 92.18 -25.93
CA LEU H 1493 -37.89 92.62 -24.71
C LEU H 1493 -38.37 91.38 -23.95
N PRO H 1494 -38.85 91.51 -22.69
CA PRO H 1494 -39.38 90.38 -21.93
C PRO H 1494 -40.53 89.60 -22.60
N THR H 1495 -41.33 90.27 -23.43
CA THR H 1495 -42.44 89.66 -24.23
C THR H 1495 -41.91 88.91 -25.47
N LYS H 1496 -40.59 88.84 -25.68
CA LYS H 1496 -39.91 88.21 -26.85
C LYS H 1496 -40.10 89.08 -28.12
N GLU H 1497 -40.78 90.22 -28.04
CA GLU H 1497 -40.78 91.24 -29.11
C GLU H 1497 -39.36 91.80 -29.22
N THR H 1498 -38.93 92.18 -30.42
CA THR H 1498 -37.63 92.85 -30.67
C THR H 1498 -37.89 94.28 -31.09
N VAL H 1499 -37.14 95.22 -30.53
CA VAL H 1499 -37.22 96.68 -30.82
C VAL H 1499 -35.82 97.19 -31.14
N GLU H 1500 -35.75 98.21 -31.97
CA GLU H 1500 -34.50 98.80 -32.48
C GLU H 1500 -33.86 99.63 -31.37
N ILE H 1501 -32.59 99.32 -31.05
CA ILE H 1501 -31.76 100.11 -30.09
C ILE H 1501 -30.56 100.75 -30.79
N GLY H 1502 -30.30 100.44 -32.06
CA GLY H 1502 -29.20 101.09 -32.79
C GLY H 1502 -29.08 100.57 -34.21
N ILE H 1503 -27.97 100.87 -34.87
CA ILE H 1503 -27.70 100.40 -36.25
C ILE H 1503 -26.31 99.76 -36.31
N VAL H 1504 -26.16 98.74 -37.16
CA VAL H 1504 -24.86 98.45 -37.83
C VAL H 1504 -24.68 99.53 -38.90
N ASP H 1505 -23.50 100.13 -38.98
CA ASP H 1505 -23.14 101.11 -40.04
C ASP H 1505 -21.64 100.99 -40.35
N TYR H 1506 -21.31 100.03 -41.20
CA TYR H 1506 -19.95 99.75 -41.72
C TYR H 1506 -19.83 100.21 -43.17
N GLU H 1507 -18.74 100.91 -43.47
CA GLU H 1507 -18.43 101.50 -44.80
C GLU H 1507 -16.93 101.45 -44.99
N ALA H 1508 -16.45 100.64 -45.93
CA ALA H 1508 -15.03 100.48 -46.30
C ALA H 1508 -14.85 100.67 -47.81
N GLY H 1509 -13.67 101.10 -48.24
CA GLY H 1509 -13.19 100.99 -49.64
C GLY H 1509 -12.66 99.59 -49.90
N ALA H 1510 -11.51 99.48 -50.57
CA ALA H 1510 -10.89 98.21 -51.00
C ALA H 1510 -10.79 97.26 -49.82
N SER H 1511 -11.25 96.01 -49.98
CA SER H 1511 -11.39 95.00 -48.90
C SER H 1511 -11.47 93.62 -49.52
N HIS H 1512 -11.18 92.59 -48.74
CA HIS H 1512 -11.24 91.16 -49.14
C HIS H 1512 -12.44 90.50 -48.48
N GLY H 1513 -13.26 91.25 -47.75
CA GLY H 1513 -14.28 90.64 -46.89
C GLY H 1513 -15.10 91.65 -46.12
N ASN H 1514 -16.15 91.15 -45.49
CA ASN H 1514 -17.06 91.92 -44.63
C ASN H 1514 -16.70 91.52 -43.20
N PRO H 1515 -16.07 92.40 -42.40
CA PRO H 1515 -15.72 92.05 -41.03
C PRO H 1515 -16.94 92.00 -40.10
N VAL H 1516 -17.96 92.83 -40.36
CA VAL H 1516 -19.24 92.80 -39.58
C VAL H 1516 -19.78 91.37 -39.53
N VAL H 1517 -20.02 90.78 -40.69
CA VAL H 1517 -20.68 89.45 -40.80
C VAL H 1517 -19.70 88.40 -40.26
N ASP H 1518 -18.41 88.57 -40.49
CA ASP H 1518 -17.39 87.61 -39.97
C ASP H 1518 -17.48 87.58 -38.44
N PHE H 1519 -17.48 88.76 -37.82
CA PHE H 1519 -17.68 88.95 -36.37
C PHE H 1519 -18.96 88.24 -35.92
N LEU H 1520 -20.11 88.60 -36.52
CA LEU H 1520 -21.43 88.05 -36.10
C LEU H 1520 -21.48 86.54 -36.29
N LYS H 1521 -20.84 85.99 -37.33
CA LYS H 1521 -20.82 84.52 -37.55
C LYS H 1521 -20.08 83.83 -36.39
N ARG H 1522 -18.90 84.35 -36.05
CA ARG H 1522 -17.98 83.74 -35.03
C ARG H 1522 -18.64 83.84 -33.65
N ASN H 1523 -19.18 85.02 -33.31
CA ASN H 1523 -19.62 85.39 -31.93
C ASN H 1523 -21.11 85.11 -31.71
N GLY H 1524 -21.95 85.46 -32.68
CA GLY H 1524 -23.40 85.24 -32.59
C GLY H 1524 -23.80 83.88 -33.12
N SER H 1525 -25.10 83.60 -33.09
CA SER H 1525 -25.75 82.44 -33.75
C SER H 1525 -26.62 82.96 -34.90
N THR H 1526 -26.74 82.18 -35.97
CA THR H 1526 -27.63 82.45 -37.12
C THR H 1526 -29.07 82.08 -36.71
N LEU H 1527 -30.02 83.01 -36.83
CA LEU H 1527 -31.47 82.69 -36.68
C LEU H 1527 -31.98 82.17 -38.03
N GLU H 1528 -32.31 80.88 -38.10
CA GLU H 1528 -32.87 80.23 -39.30
C GLU H 1528 -34.40 80.21 -39.16
N GLN H 1529 -35.10 80.88 -40.07
CA GLN H 1529 -36.59 80.85 -40.18
C GLN H 1529 -37.07 79.42 -40.52
N LYS H 1530 -36.34 78.70 -41.39
CA LYS H 1530 -36.70 77.34 -41.84
C LYS H 1530 -36.25 76.33 -40.79
N VAL H 1531 -37.14 75.43 -40.40
CA VAL H 1531 -36.89 74.37 -39.39
C VAL H 1531 -37.26 73.04 -40.03
N ASN H 1532 -36.31 72.12 -40.10
CA ASN H 1532 -36.49 70.83 -40.76
C ASN H 1532 -37.32 69.95 -39.83
N LEU H 1533 -38.22 69.17 -40.41
CA LEU H 1533 -38.91 68.08 -39.68
C LEU H 1533 -37.87 67.04 -39.32
N GLU H 1534 -38.17 66.21 -38.33
CA GLU H 1534 -37.38 65.03 -37.93
C GLU H 1534 -37.06 64.20 -39.18
N ASN H 1535 -38.08 63.88 -39.99
CA ASN H 1535 -37.96 63.11 -41.25
C ASN H 1535 -38.84 63.74 -42.32
N PRO H 1536 -38.38 63.82 -43.59
CA PRO H 1536 -39.22 64.34 -44.67
C PRO H 1536 -40.43 63.42 -44.85
N ILE H 1537 -41.60 64.02 -45.10
CA ILE H 1537 -42.87 63.28 -45.36
C ILE H 1537 -43.10 63.30 -46.87
N PRO H 1538 -42.91 62.15 -47.57
CA PRO H 1538 -43.30 62.04 -48.98
C PRO H 1538 -44.76 62.46 -49.18
N ILE H 1539 -45.00 63.32 -50.16
CA ILE H 1539 -46.35 63.78 -50.56
C ILE H 1539 -46.80 63.04 -51.83
N ALA H 1540 -45.98 63.01 -52.88
CA ALA H 1540 -46.35 62.42 -54.19
C ALA H 1540 -45.15 62.29 -55.11
N VAL H 1541 -45.21 61.30 -56.00
CA VAL H 1541 -44.30 61.18 -57.18
C VAL H 1541 -45.17 61.27 -58.42
N LEU H 1542 -45.10 62.38 -59.14
CA LEU H 1542 -46.08 62.75 -60.18
C LEU H 1542 -45.42 62.83 -61.55
N ASP H 1543 -46.04 62.19 -62.55
CA ASP H 1543 -45.62 62.28 -63.98
C ASP H 1543 -46.27 63.53 -64.57
N SER H 1544 -45.51 64.23 -65.41
CA SER H 1544 -46.01 65.33 -66.26
C SER H 1544 -45.28 65.26 -67.61
N TYR H 1545 -45.76 66.01 -68.58
CA TYR H 1545 -45.21 66.05 -69.96
C TYR H 1545 -44.98 67.51 -70.32
N THR H 1546 -43.91 67.77 -71.04
CA THR H 1546 -43.71 69.07 -71.74
C THR H 1546 -44.48 69.00 -73.05
N PRO H 1547 -45.10 70.11 -73.49
CA PRO H 1547 -45.90 70.09 -74.70
C PRO H 1547 -45.04 69.84 -75.94
N SER H 1548 -45.66 69.40 -77.04
CA SER H 1548 -45.02 69.10 -78.34
C SER H 1548 -44.50 70.39 -78.97
N THR H 1549 -45.12 71.52 -78.62
CA THR H 1549 -44.83 72.87 -79.18
C THR H 1549 -44.70 73.85 -78.00
N ASN H 1550 -43.83 74.84 -78.14
CA ASN H 1550 -43.59 75.90 -77.13
C ASN H 1550 -44.26 77.19 -77.55
N GLU H 1551 -45.05 77.18 -78.63
CA GLU H 1551 -45.74 78.41 -79.12
C GLU H 1551 -46.88 78.82 -78.21
N PRO H 1552 -47.72 77.89 -77.68
CA PRO H 1552 -48.80 78.28 -76.76
C PRO H 1552 -48.24 79.02 -75.54
N TYR H 1553 -47.22 78.45 -74.87
CA TYR H 1553 -46.62 79.10 -73.67
C TYR H 1553 -46.01 80.42 -74.09
N ALA H 1554 -45.29 80.44 -75.23
CA ALA H 1554 -44.68 81.66 -75.79
C ALA H 1554 -45.74 82.74 -75.92
N ARG H 1555 -46.95 82.38 -76.37
CA ARG H 1555 -47.99 83.39 -76.68
C ARG H 1555 -48.55 84.01 -75.39
N VAL H 1556 -48.89 83.19 -74.41
CA VAL H 1556 -49.52 83.65 -73.14
C VAL H 1556 -48.47 84.39 -72.29
N SER H 1557 -47.23 83.88 -72.24
CA SER H 1557 -46.12 84.44 -71.41
C SER H 1557 -45.51 85.72 -72.01
N GLY H 1558 -45.54 85.90 -73.32
CA GLY H 1558 -44.82 86.99 -73.99
C GLY H 1558 -43.33 86.67 -74.15
N ASP H 1559 -42.92 85.45 -73.82
CA ASP H 1559 -41.50 85.00 -73.96
C ASP H 1559 -41.33 84.42 -75.37
N LEU H 1560 -41.12 85.30 -76.33
CA LEU H 1560 -40.95 84.99 -77.77
C LEU H 1560 -39.49 84.71 -78.07
N ASN H 1561 -38.74 84.15 -77.12
CA ASN H 1561 -37.32 83.81 -77.33
C ASN H 1561 -37.26 82.77 -78.46
N PRO H 1562 -36.58 83.07 -79.59
CA PRO H 1562 -36.55 82.15 -80.72
C PRO H 1562 -36.04 80.73 -80.43
N ILE H 1563 -35.24 80.55 -79.38
CA ILE H 1563 -34.59 79.25 -79.08
C ILE H 1563 -35.67 78.22 -78.72
N HIS H 1564 -36.86 78.65 -78.30
CA HIS H 1564 -37.94 77.72 -77.89
C HIS H 1564 -38.79 77.28 -79.08
N VAL H 1565 -38.78 78.06 -80.18
CA VAL H 1565 -39.75 77.86 -81.30
C VAL H 1565 -39.03 77.64 -82.66
N SER H 1566 -37.85 78.19 -82.88
CA SER H 1566 -37.16 78.24 -84.20
C SER H 1566 -35.93 77.36 -84.18
N ARG H 1567 -35.98 76.22 -84.87
CA ARG H 1567 -34.87 75.25 -85.05
C ARG H 1567 -33.56 75.99 -85.34
N HIS H 1568 -33.57 77.02 -86.20
CA HIS H 1568 -32.31 77.64 -86.66
C HIS H 1568 -31.63 78.38 -85.51
N PHE H 1569 -32.37 79.13 -84.70
CA PHE H 1569 -31.82 79.87 -83.54
C PHE H 1569 -31.33 78.88 -82.49
N ALA H 1570 -32.10 77.83 -82.23
CA ALA H 1570 -31.70 76.82 -81.25
C ALA H 1570 -30.38 76.18 -81.69
N SER H 1571 -30.23 75.89 -82.99
CA SER H 1571 -29.00 75.33 -83.60
C SER H 1571 -27.84 76.32 -83.46
N TYR H 1572 -28.08 77.58 -83.82
CA TYR H 1572 -27.04 78.63 -83.75
C TYR H 1572 -26.55 78.80 -82.30
N ALA H 1573 -27.45 78.64 -81.33
CA ALA H 1573 -27.20 78.82 -79.88
C ALA H 1573 -26.64 77.54 -79.26
N ASN H 1574 -26.45 76.50 -80.06
CA ASN H 1574 -25.77 75.23 -79.70
C ASN H 1574 -26.64 74.44 -78.72
N LEU H 1575 -27.95 74.59 -78.80
CA LEU H 1575 -28.89 73.85 -77.91
C LEU H 1575 -29.20 72.49 -78.55
N PRO H 1576 -29.68 71.52 -77.74
CA PRO H 1576 -30.07 70.21 -78.28
C PRO H 1576 -31.35 70.20 -79.13
N GLY H 1577 -32.00 71.35 -79.30
CA GLY H 1577 -33.25 71.50 -80.05
C GLY H 1577 -34.01 72.70 -79.52
N THR H 1578 -35.27 72.84 -79.90
CA THR H 1578 -36.17 73.95 -79.47
C THR H 1578 -36.68 73.64 -78.06
N ILE H 1579 -35.87 73.99 -77.07
CA ILE H 1579 -36.05 73.57 -75.66
C ILE H 1579 -37.35 74.15 -75.09
N THR H 1580 -37.99 73.40 -74.21
CA THR H 1580 -39.12 73.88 -73.40
C THR H 1580 -38.68 75.12 -72.61
N HIS H 1581 -39.52 76.16 -72.59
CA HIS H 1581 -39.43 77.30 -71.64
C HIS H 1581 -39.23 76.74 -70.22
N GLY H 1582 -38.16 77.15 -69.53
CA GLY H 1582 -37.98 76.84 -68.11
C GLY H 1582 -39.22 77.25 -67.32
N MET H 1583 -39.80 78.39 -67.65
CA MET H 1583 -40.98 78.95 -66.98
C MET H 1583 -42.25 78.10 -67.22
N PHE H 1584 -42.27 77.29 -68.28
CA PHE H 1584 -43.37 76.34 -68.51
C PHE H 1584 -43.23 75.25 -67.45
N SER H 1585 -42.03 74.68 -67.34
CA SER H 1585 -41.73 73.61 -66.35
C SER H 1585 -42.01 74.11 -64.93
N SER H 1586 -41.72 75.38 -64.65
CA SER H 1586 -41.96 76.04 -63.34
C SER H 1586 -43.46 76.00 -63.06
N ALA H 1587 -44.24 76.59 -63.96
CA ALA H 1587 -45.71 76.71 -63.83
C ALA H 1587 -46.34 75.32 -63.76
N SER H 1588 -45.77 74.36 -64.47
CA SER H 1588 -46.31 72.99 -64.60
C SER H 1588 -46.09 72.25 -63.28
N VAL H 1589 -44.89 72.31 -62.73
CA VAL H 1589 -44.57 71.64 -61.45
C VAL H 1589 -45.29 72.37 -60.33
N ARG H 1590 -45.41 73.69 -60.42
CA ARG H 1590 -46.16 74.46 -59.39
C ARG H 1590 -47.62 74.01 -59.35
N ALA H 1591 -48.23 73.66 -60.48
CA ALA H 1591 -49.64 73.20 -60.58
C ALA H 1591 -49.80 71.87 -59.85
N LEU H 1592 -48.80 71.01 -59.95
CA LEU H 1592 -48.75 69.72 -59.22
C LEU H 1592 -48.66 69.98 -57.71
N ILE H 1593 -47.78 70.89 -57.28
CA ILE H 1593 -47.58 71.23 -55.85
C ILE H 1593 -48.93 71.71 -55.31
N GLU H 1594 -49.48 72.72 -55.96
CA GLU H 1594 -50.79 73.33 -55.65
C GLU H 1594 -51.86 72.25 -55.51
N ASN H 1595 -51.87 71.27 -56.40
CA ASN H 1595 -52.88 70.19 -56.41
C ASN H 1595 -52.65 69.27 -55.21
N TRP H 1596 -51.44 68.74 -55.08
CA TRP H 1596 -51.11 67.70 -54.07
C TRP H 1596 -50.83 68.33 -52.70
N ALA H 1597 -49.82 69.20 -52.58
CA ALA H 1597 -49.36 69.74 -51.29
C ALA H 1597 -50.42 70.68 -50.70
N ALA H 1598 -51.03 71.53 -51.51
CA ALA H 1598 -52.03 72.52 -51.09
C ALA H 1598 -53.47 71.99 -51.25
N ASP H 1599 -53.66 70.73 -51.65
CA ASP H 1599 -55.01 70.12 -51.83
C ASP H 1599 -55.88 71.00 -52.73
N SER H 1600 -55.28 71.62 -53.75
CA SER H 1600 -55.93 72.45 -54.78
C SER H 1600 -56.59 73.69 -54.19
N VAL H 1601 -56.16 74.16 -53.02
CA VAL H 1601 -56.52 75.51 -52.50
C VAL H 1601 -55.37 76.45 -52.88
N SER H 1602 -55.51 77.17 -53.98
CA SER H 1602 -54.39 77.93 -54.59
C SER H 1602 -53.89 78.99 -53.59
N SER H 1603 -54.77 79.58 -52.79
CA SER H 1603 -54.45 80.66 -51.80
C SER H 1603 -53.38 80.17 -50.82
N ARG H 1604 -53.33 78.88 -50.51
CA ARG H 1604 -52.36 78.32 -49.55
C ARG H 1604 -50.93 78.46 -50.05
N VAL H 1605 -50.68 78.61 -51.35
CA VAL H 1605 -49.28 78.63 -51.87
C VAL H 1605 -48.77 80.05 -51.73
N ARG H 1606 -47.77 80.26 -50.90
CA ARG H 1606 -47.37 81.64 -50.51
C ARG H 1606 -46.00 81.95 -51.07
N GLY H 1607 -45.20 80.93 -51.30
CA GLY H 1607 -43.92 81.08 -51.99
C GLY H 1607 -43.62 79.86 -52.80
N TYR H 1608 -42.85 80.06 -53.85
CA TYR H 1608 -42.46 78.99 -54.79
C TYR H 1608 -41.15 79.45 -55.41
N THR H 1609 -40.13 78.63 -55.33
CA THR H 1609 -38.83 78.88 -56.00
C THR H 1609 -38.48 77.65 -56.82
N CYS H 1610 -37.91 77.84 -58.00
CA CYS H 1610 -37.41 76.73 -58.84
C CYS H 1610 -36.02 77.09 -59.35
N GLN H 1611 -35.13 76.10 -59.34
CA GLN H 1611 -33.78 76.14 -59.94
C GLN H 1611 -33.86 75.30 -61.22
N PHE H 1612 -33.57 75.94 -62.34
CA PHE H 1612 -33.52 75.32 -63.69
C PHE H 1612 -32.16 74.66 -63.82
N VAL H 1613 -32.11 73.38 -63.54
CA VAL H 1613 -30.84 72.64 -63.41
C VAL H 1613 -30.37 72.23 -64.82
N ASP H 1614 -31.31 71.84 -65.68
CA ASP H 1614 -30.98 71.30 -67.02
C ASP H 1614 -32.15 71.54 -67.98
N MET H 1615 -31.83 71.59 -69.27
CA MET H 1615 -32.79 71.97 -70.34
C MET H 1615 -33.73 70.80 -70.61
N VAL H 1616 -34.94 71.11 -71.04
CA VAL H 1616 -35.96 70.09 -71.35
C VAL H 1616 -36.34 70.25 -72.81
N LEU H 1617 -36.47 69.12 -73.51
CA LEU H 1617 -36.97 69.10 -74.91
C LEU H 1617 -38.47 68.88 -74.89
N PRO H 1618 -39.19 69.35 -75.92
CA PRO H 1618 -40.61 69.03 -76.08
C PRO H 1618 -40.86 67.52 -76.04
N ASN H 1619 -42.06 67.11 -75.61
CA ASN H 1619 -42.49 65.69 -75.52
C ASN H 1619 -41.53 64.92 -74.60
N THR H 1620 -41.17 65.53 -73.47
CA THR H 1620 -40.42 64.86 -72.38
C THR H 1620 -41.42 64.49 -71.30
N ALA H 1621 -41.28 63.28 -70.74
CA ALA H 1621 -41.96 62.77 -69.54
C ALA H 1621 -41.13 63.13 -68.31
N LEU H 1622 -41.62 64.04 -67.49
CA LEU H 1622 -40.96 64.51 -66.24
C LEU H 1622 -41.60 63.79 -65.05
N LYS H 1623 -40.77 63.33 -64.10
CA LYS H 1623 -41.19 62.75 -62.81
C LYS H 1623 -40.81 63.69 -61.66
N THR H 1624 -41.80 64.27 -60.97
CA THR H 1624 -41.62 65.22 -59.84
C THR H 1624 -41.91 64.52 -58.51
N SER H 1625 -40.87 64.35 -57.67
CA SER H 1625 -40.98 63.90 -56.26
C SER H 1625 -41.22 65.15 -55.40
N ILE H 1626 -42.32 65.17 -54.65
CA ILE H 1626 -42.70 66.27 -53.74
C ILE H 1626 -42.64 65.74 -52.30
N GLN H 1627 -41.97 66.47 -51.41
CA GLN H 1627 -41.79 66.10 -49.98
C GLN H 1627 -42.07 67.30 -49.09
N HIS H 1628 -42.72 67.08 -47.93
CA HIS H 1628 -42.78 68.02 -46.79
C HIS H 1628 -41.50 67.85 -45.99
N VAL H 1629 -40.62 68.85 -45.99
CA VAL H 1629 -39.26 68.72 -45.38
C VAL H 1629 -39.14 69.58 -44.11
N GLY H 1630 -39.97 70.60 -43.95
CA GLY H 1630 -39.86 71.49 -42.78
C GLY H 1630 -41.00 72.46 -42.65
N MET H 1631 -40.80 73.46 -41.79
CA MET H 1631 -41.78 74.54 -41.55
C MET H 1631 -41.04 75.87 -41.64
N ILE H 1632 -41.77 76.91 -41.99
CA ILE H 1632 -41.26 78.29 -41.86
C ILE H 1632 -42.46 79.16 -41.51
N ASN H 1633 -42.50 79.68 -40.29
CA ASN H 1633 -43.50 80.68 -39.83
C ASN H 1633 -44.91 80.15 -40.03
N GLY H 1634 -45.13 78.90 -39.65
CA GLY H 1634 -46.47 78.28 -39.75
C GLY H 1634 -46.74 77.66 -41.12
N ARG H 1635 -45.95 77.96 -42.13
CA ARG H 1635 -46.11 77.41 -43.50
C ARG H 1635 -45.30 76.12 -43.60
N LYS H 1636 -45.82 75.15 -44.35
CA LYS H 1636 -45.08 73.91 -44.66
C LYS H 1636 -44.03 74.23 -45.72
N LEU H 1637 -42.88 73.62 -45.60
CA LEU H 1637 -41.79 73.77 -46.58
C LEU H 1637 -41.76 72.50 -47.42
N ILE H 1638 -42.16 72.64 -48.68
CA ILE H 1638 -42.25 71.51 -49.64
C ILE H 1638 -40.99 71.57 -50.49
N LYS H 1639 -40.25 70.48 -50.62
CA LYS H 1639 -39.13 70.37 -51.58
C LYS H 1639 -39.62 69.52 -52.75
N PHE H 1640 -39.22 69.86 -53.96
CA PHE H 1640 -39.50 69.03 -55.15
C PHE H 1640 -38.24 68.87 -55.97
N GLU H 1641 -38.18 67.77 -56.70
CA GLU H 1641 -37.09 67.44 -57.65
C GLU H 1641 -37.73 66.78 -58.87
N THR H 1642 -37.66 67.45 -60.01
CA THR H 1642 -38.18 66.93 -61.31
C THR H 1642 -37.02 66.29 -62.06
N ARG H 1643 -37.18 65.03 -62.43
CA ARG H 1643 -36.21 64.28 -63.28
C ARG H 1643 -36.84 64.00 -64.64
N ASN H 1644 -36.01 63.89 -65.68
CA ASN H 1644 -36.41 63.47 -67.05
C ASN H 1644 -36.33 61.94 -67.15
N GLU H 1645 -36.65 61.40 -68.33
CA GLU H 1645 -36.69 59.94 -68.64
C GLU H 1645 -35.33 59.29 -68.38
N ASP H 1646 -34.23 60.04 -68.56
CA ASP H 1646 -32.83 59.58 -68.31
C ASP H 1646 -32.48 59.68 -66.82
N ASP H 1647 -33.46 59.98 -65.94
CA ASP H 1647 -33.30 60.11 -64.47
C ASP H 1647 -32.34 61.28 -64.14
N VAL H 1648 -32.25 62.28 -65.03
CA VAL H 1648 -31.38 63.49 -64.87
C VAL H 1648 -32.23 64.58 -64.21
N VAL H 1649 -31.71 65.23 -63.18
CA VAL H 1649 -32.44 66.32 -62.47
C VAL H 1649 -32.48 67.54 -63.39
N VAL H 1650 -33.69 68.00 -63.65
CA VAL H 1650 -34.01 69.07 -64.63
C VAL H 1650 -34.51 70.30 -63.88
N LEU H 1651 -35.15 70.10 -62.75
CA LEU H 1651 -35.80 71.17 -61.96
C LEU H 1651 -35.79 70.75 -60.49
N THR H 1652 -35.29 71.63 -59.62
CA THR H 1652 -35.41 71.49 -58.16
C THR H 1652 -36.05 72.76 -57.62
N GLY H 1653 -36.70 72.65 -56.49
CA GLY H 1653 -37.14 73.87 -55.81
C GLY H 1653 -37.86 73.60 -54.52
N GLU H 1654 -38.62 74.58 -54.10
CA GLU H 1654 -39.37 74.47 -52.83
C GLU H 1654 -40.55 75.41 -52.88
N ALA H 1655 -41.60 75.04 -52.16
CA ALA H 1655 -42.78 75.88 -51.98
C ALA H 1655 -43.03 76.02 -50.49
N GLU H 1656 -43.74 77.07 -50.15
CA GLU H 1656 -44.18 77.41 -48.77
C GLU H 1656 -45.69 77.40 -48.83
N ILE H 1657 -46.29 76.41 -48.20
CA ILE H 1657 -47.75 76.19 -48.24
C ILE H 1657 -48.33 76.51 -46.86
N GLU H 1658 -49.32 77.39 -46.81
CA GLU H 1658 -50.12 77.71 -45.61
C GLU H 1658 -50.70 76.38 -45.08
N GLN H 1659 -50.64 76.15 -43.77
CA GLN H 1659 -51.34 75.02 -43.10
C GLN H 1659 -52.84 75.24 -43.24
N PRO H 1660 -53.66 74.17 -43.11
CA PRO H 1660 -55.10 74.33 -42.96
C PRO H 1660 -55.49 75.34 -41.88
N VAL H 1661 -56.61 76.03 -42.06
CA VAL H 1661 -57.07 77.07 -41.09
C VAL H 1661 -57.08 76.42 -39.71
N THR H 1662 -56.43 77.08 -38.75
CA THR H 1662 -56.11 76.50 -37.43
C THR H 1662 -56.69 77.40 -36.35
N THR H 1663 -57.16 76.77 -35.28
CA THR H 1663 -57.52 77.46 -34.01
C THR H 1663 -56.72 76.79 -32.91
N PHE H 1664 -56.15 77.59 -32.04
CA PHE H 1664 -55.57 77.08 -30.76
C PHE H 1664 -56.56 77.37 -29.65
N VAL H 1665 -56.83 76.33 -28.86
CA VAL H 1665 -57.71 76.46 -27.69
C VAL H 1665 -56.91 76.00 -26.48
N PHE H 1666 -56.92 76.82 -25.45
CA PHE H 1666 -56.10 76.65 -24.24
C PHE H 1666 -57.04 76.21 -23.11
N THR H 1667 -56.81 75.02 -22.58
CA THR H 1667 -57.53 74.43 -21.43
C THR H 1667 -57.40 75.35 -20.21
N GLY H 1668 -58.40 75.29 -19.31
CA GLY H 1668 -58.41 75.99 -18.02
C GLY H 1668 -58.20 75.01 -16.89
N GLN H 1669 -58.64 75.39 -15.69
CA GLN H 1669 -58.41 74.60 -14.45
C GLN H 1669 -59.26 73.34 -14.46
N GLY H 1670 -58.80 72.32 -13.74
CA GLY H 1670 -59.42 70.99 -13.64
C GLY H 1670 -58.53 69.97 -14.32
N SER H 1671 -57.82 70.41 -15.34
CA SER H 1671 -56.99 69.58 -16.26
C SER H 1671 -55.62 69.25 -15.65
N GLN H 1672 -55.13 70.04 -14.67
CA GLN H 1672 -53.75 69.92 -14.13
C GLN H 1672 -53.54 68.54 -13.48
N GLU H 1673 -52.35 67.98 -13.66
CA GLU H 1673 -51.86 66.79 -12.92
C GLU H 1673 -50.38 66.96 -12.60
N GLN H 1674 -49.92 66.25 -11.58
CA GLN H 1674 -48.50 66.18 -11.20
C GLN H 1674 -47.68 65.76 -12.41
N GLY H 1675 -46.59 66.47 -12.68
CA GLY H 1675 -45.61 66.13 -13.74
C GLY H 1675 -45.97 66.72 -15.09
N MET H 1676 -47.06 67.49 -15.19
CA MET H 1676 -47.50 68.03 -16.50
C MET H 1676 -46.43 68.95 -17.07
N GLY H 1677 -46.07 68.74 -18.33
CA GLY H 1677 -45.09 69.56 -19.06
C GLY H 1677 -43.65 69.19 -18.77
N MET H 1678 -43.40 68.19 -17.93
CA MET H 1678 -42.03 67.92 -17.42
C MET H 1678 -41.22 67.09 -18.43
N ASP H 1679 -41.87 66.30 -19.28
CA ASP H 1679 -41.22 65.62 -20.43
C ASP H 1679 -40.73 66.69 -21.41
N LEU H 1680 -41.60 67.64 -21.76
CA LEU H 1680 -41.24 68.72 -22.68
C LEU H 1680 -40.09 69.55 -22.08
N TYR H 1681 -40.16 69.84 -20.77
CA TYR H 1681 -39.13 70.63 -20.05
C TYR H 1681 -37.75 69.97 -20.20
N LYS H 1682 -37.67 68.65 -20.11
CA LYS H 1682 -36.40 67.90 -20.30
C LYS H 1682 -35.84 68.12 -21.71
N THR H 1683 -36.68 68.06 -22.75
CA THR H 1683 -36.25 67.95 -24.18
C THR H 1683 -36.09 69.34 -24.82
N SER H 1684 -37.02 70.26 -24.59
CA SER H 1684 -37.20 71.51 -25.37
C SER H 1684 -36.49 72.68 -24.70
N LYS H 1685 -35.67 73.40 -25.45
CA LYS H 1685 -35.00 74.65 -25.00
C LYS H 1685 -36.04 75.75 -24.82
N ALA H 1686 -37.07 75.80 -25.66
CA ALA H 1686 -38.14 76.82 -25.59
C ALA H 1686 -38.92 76.66 -24.27
N ALA H 1687 -39.31 75.43 -23.94
CA ALA H 1687 -40.07 75.07 -22.73
C ALA H 1687 -39.20 75.34 -21.49
N GLN H 1688 -37.92 74.98 -21.55
CA GLN H 1688 -36.94 75.26 -20.46
C GLN H 1688 -36.89 76.74 -20.16
N ASP H 1689 -36.78 77.58 -21.18
CA ASP H 1689 -36.71 79.06 -20.98
C ASP H 1689 -38.01 79.57 -20.29
N VAL H 1690 -39.15 79.00 -20.62
CA VAL H 1690 -40.46 79.45 -20.04
C VAL H 1690 -40.44 79.10 -18.55
N TRP H 1691 -40.29 77.82 -18.26
CA TRP H 1691 -40.32 77.30 -16.88
C TRP H 1691 -39.24 77.98 -16.04
N ASN H 1692 -38.02 78.09 -16.55
CA ASN H 1692 -36.87 78.57 -15.74
C ASN H 1692 -37.11 80.03 -15.41
N ARG H 1693 -37.54 80.81 -16.38
CA ARG H 1693 -37.87 82.23 -16.14
C ARG H 1693 -38.98 82.37 -15.06
N ALA H 1694 -39.99 81.53 -15.10
CA ALA H 1694 -41.09 81.59 -14.14
C ALA H 1694 -40.59 81.07 -12.78
N ASP H 1695 -39.86 79.96 -12.78
CA ASP H 1695 -39.36 79.36 -11.52
C ASP H 1695 -38.45 80.36 -10.81
N ASN H 1696 -37.58 81.03 -11.55
CA ASN H 1696 -36.66 82.05 -11.00
C ASN H 1696 -37.45 83.18 -10.39
N HIS H 1697 -38.48 83.65 -11.09
CA HIS H 1697 -39.31 84.77 -10.63
C HIS H 1697 -40.01 84.40 -9.32
N PHE H 1698 -40.59 83.21 -9.26
CA PHE H 1698 -41.26 82.69 -8.05
C PHE H 1698 -40.27 82.48 -6.88
N LYS H 1699 -39.16 81.78 -7.11
CA LYS H 1699 -38.10 81.56 -6.10
C LYS H 1699 -37.65 82.93 -5.55
N ASP H 1700 -37.31 83.86 -6.44
CA ASP H 1700 -36.72 85.16 -6.05
C ASP H 1700 -37.76 86.04 -5.35
N THR H 1701 -39.04 85.93 -5.70
CA THR H 1701 -40.08 86.88 -5.25
C THR H 1701 -40.88 86.29 -4.10
N TYR H 1702 -41.31 85.06 -4.20
CA TYR H 1702 -42.22 84.42 -3.22
C TYR H 1702 -41.58 83.24 -2.51
N GLY H 1703 -40.32 82.91 -2.82
CA GLY H 1703 -39.59 81.87 -2.11
C GLY H 1703 -40.11 80.48 -2.37
N PHE H 1704 -40.76 80.21 -3.50
CA PHE H 1704 -41.13 78.82 -3.83
C PHE H 1704 -40.85 78.58 -5.31
N SER H 1705 -40.69 77.31 -5.65
CA SER H 1705 -40.44 76.85 -7.03
C SER H 1705 -41.77 76.33 -7.55
N ILE H 1706 -42.28 76.93 -8.62
CA ILE H 1706 -43.48 76.41 -9.33
C ILE H 1706 -43.14 75.05 -9.94
N LEU H 1707 -41.88 74.85 -10.40
CA LEU H 1707 -41.41 73.53 -10.87
C LEU H 1707 -41.52 72.50 -9.77
N ASP H 1708 -41.12 72.83 -8.54
CA ASP H 1708 -41.16 71.88 -7.39
C ASP H 1708 -42.60 71.43 -7.16
N ILE H 1709 -43.55 72.37 -7.20
CA ILE H 1709 -44.99 72.08 -6.97
C ILE H 1709 -45.52 71.18 -8.09
N VAL H 1710 -45.14 71.46 -9.34
CA VAL H 1710 -45.58 70.62 -10.50
C VAL H 1710 -45.01 69.21 -10.34
N ILE H 1711 -43.72 69.07 -10.03
CA ILE H 1711 -43.02 67.77 -10.01
C ILE H 1711 -43.45 66.93 -8.79
N ASN H 1712 -43.56 67.55 -7.62
CA ASN H 1712 -43.68 66.83 -6.31
C ASN H 1712 -45.08 66.99 -5.72
N ASN H 1713 -45.85 67.99 -6.16
CA ASN H 1713 -47.22 68.27 -5.64
C ASN H 1713 -47.23 68.11 -4.12
N PRO H 1714 -46.50 68.95 -3.37
CA PRO H 1714 -46.46 68.82 -1.91
C PRO H 1714 -47.83 69.18 -1.35
N VAL H 1715 -48.17 68.58 -0.21
CA VAL H 1715 -49.46 68.82 0.50
C VAL H 1715 -49.37 70.20 1.16
N ASN H 1716 -48.26 70.51 1.81
CA ASN H 1716 -48.02 71.86 2.40
C ASN H 1716 -46.69 72.41 1.91
N LEU H 1717 -46.58 73.73 1.98
CA LEU H 1717 -45.37 74.44 1.58
C LEU H 1717 -45.17 75.56 2.56
N THR H 1718 -44.07 75.51 3.28
CA THR H 1718 -43.69 76.59 4.21
C THR H 1718 -42.64 77.45 3.51
N ILE H 1719 -42.90 78.72 3.51
CA ILE H 1719 -42.01 79.81 3.06
C ILE H 1719 -41.35 80.38 4.30
N HIS H 1720 -40.02 80.44 4.32
CA HIS H 1720 -39.26 80.98 5.47
C HIS H 1720 -38.75 82.37 5.13
N PHE H 1721 -38.87 83.30 6.07
CA PHE H 1721 -38.54 84.73 5.92
C PHE H 1721 -37.27 85.07 6.67
N GLY H 1722 -36.36 84.11 6.78
CA GLY H 1722 -35.09 84.31 7.50
C GLY H 1722 -34.06 84.96 6.62
N GLY H 1723 -33.20 85.76 7.22
CA GLY H 1723 -32.07 86.39 6.52
C GLY H 1723 -32.54 87.52 5.67
N GLU H 1724 -31.61 88.17 4.97
CA GLU H 1724 -31.90 89.35 4.13
C GLU H 1724 -32.84 88.94 2.99
N LYS H 1725 -32.53 87.85 2.31
CA LYS H 1725 -33.37 87.38 1.18
C LYS H 1725 -34.79 87.09 1.67
N GLY H 1726 -34.92 86.51 2.85
CA GLY H 1726 -36.21 86.15 3.44
C GLY H 1726 -37.04 87.34 3.79
N LYS H 1727 -36.41 88.44 4.21
CA LYS H 1727 -37.11 89.69 4.57
C LYS H 1727 -37.64 90.32 3.29
N ARG H 1728 -36.87 90.26 2.21
CA ARG H 1728 -37.25 90.78 0.87
C ARG H 1728 -38.45 89.99 0.36
N ILE H 1729 -38.43 88.67 0.49
CA ILE H 1729 -39.57 87.81 0.09
C ILE H 1729 -40.76 88.12 0.99
N ARG H 1730 -40.55 88.34 2.27
CA ARG H 1730 -41.67 88.66 3.18
C ARG H 1730 -42.30 89.97 2.74
N GLU H 1731 -41.50 91.00 2.47
CA GLU H 1731 -41.98 92.31 1.95
C GLU H 1731 -42.89 92.05 0.74
N ASN H 1732 -42.42 91.27 -0.25
CA ASN H 1732 -43.22 90.97 -1.47
C ASN H 1732 -44.57 90.43 -1.06
N TYR H 1733 -44.67 89.51 -0.08
CA TYR H 1733 -45.97 88.94 0.36
C TYR H 1733 -46.85 90.01 1.01
N SER H 1734 -46.22 90.98 1.70
CA SER H 1734 -46.89 92.06 2.47
C SER H 1734 -47.38 93.15 1.49
N ALA H 1735 -46.50 93.56 0.56
CA ALA H 1735 -46.74 94.51 -0.55
C ALA H 1735 -47.79 93.97 -1.54
N MET H 1736 -48.06 92.67 -1.52
CA MET H 1736 -49.20 92.03 -2.26
C MET H 1736 -50.51 92.51 -1.63
N ILE H 1737 -51.21 93.44 -2.30
CA ILE H 1737 -52.36 94.22 -1.75
C ILE H 1737 -53.51 94.27 -2.78
N PHE H 1738 -54.75 94.25 -2.29
CA PHE H 1738 -55.96 94.62 -3.07
C PHE H 1738 -56.09 96.14 -3.10
N GLU H 1739 -56.12 96.74 -4.30
CA GLU H 1739 -56.24 98.20 -4.53
C GLU H 1739 -57.66 98.50 -5.06
N THR H 1740 -58.60 98.80 -4.14
CA THR H 1740 -60.02 99.14 -4.43
C THR H 1740 -60.21 100.66 -4.31
N ILE H 1741 -61.15 101.22 -5.08
CA ILE H 1741 -61.62 102.65 -5.00
C ILE H 1741 -63.02 102.63 -4.36
N VAL H 1742 -63.16 103.20 -3.16
CA VAL H 1742 -64.45 103.35 -2.40
C VAL H 1742 -64.65 104.84 -2.08
N ASP H 1743 -65.67 105.46 -2.68
CA ASP H 1743 -66.08 106.89 -2.49
C ASP H 1743 -64.92 107.82 -2.87
N GLY H 1744 -64.26 107.55 -4.01
CA GLY H 1744 -63.10 108.31 -4.53
C GLY H 1744 -61.91 108.27 -3.59
N LYS H 1745 -61.71 107.15 -2.87
CA LYS H 1745 -60.62 106.95 -1.88
C LYS H 1745 -59.98 105.57 -2.10
N LEU H 1746 -58.64 105.51 -2.18
CA LEU H 1746 -57.85 104.26 -2.36
C LEU H 1746 -57.80 103.51 -1.02
N LYS H 1747 -58.58 102.42 -0.90
CA LYS H 1747 -58.63 101.53 0.30
C LYS H 1747 -57.82 100.26 0.00
N THR H 1748 -56.52 100.29 0.28
CA THR H 1748 -55.58 99.15 0.07
C THR H 1748 -55.77 98.13 1.20
N GLU H 1749 -56.18 96.91 0.85
CA GLU H 1749 -56.31 95.75 1.77
C GLU H 1749 -55.13 94.79 1.50
N LYS H 1750 -54.84 93.88 2.46
CA LYS H 1750 -53.70 92.92 2.39
C LYS H 1750 -54.26 91.51 2.11
N ILE H 1751 -53.70 90.85 1.08
CA ILE H 1751 -53.74 89.35 0.95
C ILE H 1751 -52.65 88.84 1.92
N PHE H 1752 -52.86 87.69 2.54
CA PHE H 1752 -51.94 87.22 3.61
C PHE H 1752 -51.99 88.23 4.76
N LYS H 1753 -53.09 88.19 5.51
CA LYS H 1753 -53.29 89.01 6.73
C LYS H 1753 -52.33 88.52 7.82
N GLU H 1754 -52.16 87.20 7.94
CA GLU H 1754 -51.31 86.55 8.98
C GLU H 1754 -49.81 86.88 8.78
N ILE H 1755 -49.39 87.41 7.63
CA ILE H 1755 -47.98 87.82 7.37
C ILE H 1755 -47.82 89.27 7.78
N ASN H 1756 -47.02 89.50 8.84
CA ASN H 1756 -46.61 90.83 9.35
C ASN H 1756 -45.07 90.85 9.42
N GLU H 1757 -44.50 91.96 9.91
CA GLU H 1757 -43.03 92.19 10.04
C GLU H 1757 -42.37 91.27 11.09
N HIS H 1758 -43.14 90.53 11.91
CA HIS H 1758 -42.64 89.57 12.93
C HIS H 1758 -42.85 88.11 12.50
N SER H 1759 -43.34 87.88 11.29
CA SER H 1759 -43.60 86.52 10.77
C SER H 1759 -42.25 85.94 10.34
N THR H 1760 -42.00 84.69 10.68
CA THR H 1760 -40.75 84.02 10.29
C THR H 1760 -41.05 83.02 9.19
N SER H 1761 -42.31 82.66 9.04
CA SER H 1761 -42.74 81.70 8.01
C SER H 1761 -44.22 81.92 7.65
N TYR H 1762 -44.61 81.32 6.54
CA TYR H 1762 -46.00 81.23 6.07
C TYR H 1762 -46.16 79.87 5.43
N THR H 1763 -47.14 79.09 5.86
CA THR H 1763 -47.48 77.77 5.29
C THR H 1763 -48.75 77.90 4.42
N PHE H 1764 -48.61 77.61 3.14
CA PHE H 1764 -49.70 77.24 2.21
C PHE H 1764 -50.15 75.82 2.53
N ARG H 1765 -51.47 75.62 2.59
CA ARG H 1765 -52.10 74.36 3.05
C ARG H 1765 -53.00 73.81 1.96
N SER H 1766 -53.03 72.48 1.84
CA SER H 1766 -53.96 71.74 0.96
C SER H 1766 -54.24 70.38 1.60
N GLU H 1767 -55.38 69.80 1.24
CA GLU H 1767 -55.80 68.45 1.72
C GLU H 1767 -54.96 67.40 1.00
N LYS H 1768 -54.80 67.51 -0.32
CA LYS H 1768 -54.28 66.42 -1.21
C LYS H 1768 -52.96 66.83 -1.89
N GLY H 1769 -52.82 68.10 -2.25
CA GLY H 1769 -51.61 68.62 -2.92
C GLY H 1769 -51.83 70.03 -3.41
N LEU H 1770 -50.78 70.86 -3.41
CA LEU H 1770 -50.90 72.30 -3.72
C LEU H 1770 -51.10 72.55 -5.20
N LEU H 1771 -50.84 71.58 -6.07
CA LEU H 1771 -51.15 71.73 -7.52
C LEU H 1771 -52.66 71.91 -7.69
N SER H 1772 -53.48 71.42 -6.75
CA SER H 1772 -54.97 71.59 -6.74
C SER H 1772 -55.40 72.95 -6.17
N ALA H 1773 -54.55 73.65 -5.41
CA ALA H 1773 -54.86 75.00 -4.86
C ALA H 1773 -54.70 76.01 -5.98
N THR H 1774 -55.69 76.87 -6.17
CA THR H 1774 -55.84 77.65 -7.43
C THR H 1774 -54.71 78.67 -7.60
N GLN H 1775 -54.02 79.08 -6.54
CA GLN H 1775 -52.94 80.09 -6.70
C GLN H 1775 -51.72 79.42 -7.32
N PHE H 1776 -51.60 78.10 -7.21
CA PHE H 1776 -50.53 77.29 -7.82
C PHE H 1776 -50.98 76.64 -9.13
N THR H 1777 -52.22 76.16 -9.19
CA THR H 1777 -52.82 75.56 -10.41
C THR H 1777 -52.70 76.55 -11.55
N GLN H 1778 -53.05 77.81 -11.30
CA GLN H 1778 -53.16 78.83 -12.37
C GLN H 1778 -51.81 79.05 -13.02
N PRO H 1779 -50.75 79.44 -12.27
CA PRO H 1779 -49.41 79.55 -12.85
C PRO H 1779 -48.93 78.26 -13.51
N ALA H 1780 -49.12 77.12 -12.87
CA ALA H 1780 -48.64 75.82 -13.35
C ALA H 1780 -49.26 75.49 -14.72
N LEU H 1781 -50.57 75.65 -14.85
CA LEU H 1781 -51.30 75.34 -16.11
C LEU H 1781 -50.87 76.35 -17.16
N THR H 1782 -50.85 77.60 -16.79
CA THR H 1782 -50.47 78.68 -17.72
C THR H 1782 -49.06 78.43 -18.27
N LEU H 1783 -48.16 77.86 -17.46
CA LEU H 1783 -46.77 77.66 -17.88
C LEU H 1783 -46.67 76.43 -18.77
N MET H 1784 -47.36 75.35 -18.40
CA MET H 1784 -47.38 74.10 -19.19
C MET H 1784 -47.89 74.45 -20.60
N GLU H 1785 -48.86 75.35 -20.71
CA GLU H 1785 -49.49 75.74 -22.00
C GLU H 1785 -48.57 76.65 -22.78
N LYS H 1786 -48.00 77.64 -22.12
CA LYS H 1786 -47.06 78.58 -22.74
C LYS H 1786 -45.77 77.84 -23.15
N ALA H 1787 -45.33 76.83 -22.40
CA ALA H 1787 -44.11 76.09 -22.74
C ALA H 1787 -44.38 75.21 -23.98
N ALA H 1788 -45.53 74.53 -24.01
CA ALA H 1788 -45.98 73.74 -25.19
C ALA H 1788 -46.02 74.65 -26.41
N PHE H 1789 -46.68 75.80 -26.28
CA PHE H 1789 -46.82 76.74 -27.40
C PHE H 1789 -45.47 77.28 -27.86
N GLU H 1790 -44.59 77.65 -26.93
CA GLU H 1790 -43.26 78.18 -27.31
C GLU H 1790 -42.47 77.09 -28.03
N ASP H 1791 -42.68 75.81 -27.70
CA ASP H 1791 -41.97 74.71 -28.39
C ASP H 1791 -42.48 74.61 -29.84
N LEU H 1792 -43.81 74.65 -30.02
CA LEU H 1792 -44.46 74.67 -31.35
C LEU H 1792 -43.89 75.83 -32.17
N LYS H 1793 -43.85 77.03 -31.59
CA LYS H 1793 -43.37 78.26 -32.25
C LYS H 1793 -41.92 78.08 -32.67
N SER H 1794 -41.10 77.42 -31.85
CA SER H 1794 -39.66 77.19 -32.12
C SER H 1794 -39.51 76.28 -33.36
N LYS H 1795 -40.46 75.37 -33.57
CA LYS H 1795 -40.47 74.34 -34.65
C LYS H 1795 -41.11 74.91 -35.92
N GLY H 1796 -41.53 76.17 -35.92
CA GLY H 1796 -42.19 76.87 -37.04
C GLY H 1796 -43.64 76.47 -37.26
N LEU H 1797 -44.33 75.92 -36.25
CA LEU H 1797 -45.64 75.26 -36.41
C LEU H 1797 -46.84 76.19 -36.26
N ILE H 1798 -46.65 77.47 -36.02
CA ILE H 1798 -47.77 78.39 -35.67
C ILE H 1798 -48.10 79.23 -36.90
N PRO H 1799 -49.29 79.03 -37.52
CA PRO H 1799 -49.74 79.86 -38.62
C PRO H 1799 -49.85 81.32 -38.17
N ALA H 1800 -49.36 82.24 -39.00
CA ALA H 1800 -49.33 83.69 -38.76
C ALA H 1800 -50.74 84.24 -38.46
N ASP H 1801 -51.81 83.61 -38.95
CA ASP H 1801 -53.21 84.12 -38.88
C ASP H 1801 -54.12 83.16 -38.10
N ALA H 1802 -53.55 82.28 -37.26
CA ALA H 1802 -54.31 81.36 -36.40
C ALA H 1802 -55.24 82.15 -35.48
N THR H 1803 -56.41 81.60 -35.23
CA THR H 1803 -57.35 82.14 -34.23
C THR H 1803 -57.08 81.42 -32.92
N PHE H 1804 -57.57 81.98 -31.83
CA PHE H 1804 -57.33 81.35 -30.51
C PHE H 1804 -58.36 81.83 -29.49
N ALA H 1805 -58.58 80.95 -28.55
CA ALA H 1805 -59.45 81.17 -27.40
C ALA H 1805 -58.90 80.31 -26.27
N GLY H 1806 -59.12 80.76 -25.05
CA GLY H 1806 -58.85 79.91 -23.91
C GLY H 1806 -60.07 79.79 -23.05
N HIS H 1807 -60.26 78.60 -22.52
CA HIS H 1807 -61.38 78.29 -21.61
C HIS H 1807 -60.98 78.73 -20.20
N J8W H 1808 -61.52 79.88 -19.77
CA J8W H 1808 -61.35 80.35 -18.39
CB J8W H 1808 -61.93 79.25 -17.47
OG J8W H 1808 -61.48 79.50 -16.15
C J8W H 1808 -59.90 80.82 -18.17
O J8W H 1808 -59.49 81.85 -18.69
C1 J8W H 1808 -61.03 78.85 -13.79
C2 J8W H 1808 -60.94 78.49 -15.23
C3 J8W H 1808 -60.36 80.20 -13.76
O7 J8W H 1808 -60.40 77.46 -15.62
O8 J8W H 1808 -61.03 81.23 -14.05
O9 J8W H 1808 -59.13 80.26 -13.49
N LEU H 1809 -59.11 80.04 -17.42
CA LEU H 1809 -57.71 80.38 -17.13
C LEU H 1809 -56.94 80.37 -18.46
N GLY H 1810 -57.26 79.38 -19.29
CA GLY H 1810 -56.71 79.19 -20.65
C GLY H 1810 -56.59 80.51 -21.39
N GLU H 1811 -57.52 81.42 -21.19
CA GLU H 1811 -57.48 82.75 -21.88
C GLU H 1811 -56.15 83.46 -21.64
N TYR H 1812 -55.51 83.28 -20.48
CA TYR H 1812 -54.27 84.02 -20.11
C TYR H 1812 -53.09 83.43 -20.89
N ALA H 1813 -52.98 82.12 -20.91
CA ALA H 1813 -51.94 81.39 -21.68
C ALA H 1813 -52.09 81.71 -23.17
N ALA H 1814 -53.32 81.68 -23.66
CA ALA H 1814 -53.66 81.98 -25.08
C ALA H 1814 -53.13 83.36 -25.46
N LEU H 1815 -53.38 84.35 -24.62
CA LEU H 1815 -53.02 85.75 -24.89
C LEU H 1815 -51.50 85.95 -24.82
N ALA H 1816 -50.83 85.33 -23.86
CA ALA H 1816 -49.36 85.37 -23.73
C ALA H 1816 -48.74 84.62 -24.91
N SER H 1817 -49.35 83.49 -25.30
CA SER H 1817 -48.85 82.59 -26.35
C SER H 1817 -48.98 83.27 -27.71
N LEU H 1818 -50.20 83.55 -28.15
CA LEU H 1818 -50.49 83.99 -29.53
C LEU H 1818 -50.24 85.49 -29.69
N ALA H 1819 -50.39 86.30 -28.64
CA ALA H 1819 -50.32 87.78 -28.76
C ALA H 1819 -49.15 88.39 -28.00
N ASP H 1820 -48.44 87.64 -27.12
CA ASP H 1820 -47.28 88.14 -26.31
C ASP H 1820 -47.66 89.48 -25.65
N VAL H 1821 -48.80 89.47 -24.97
CA VAL H 1821 -49.38 90.65 -24.26
C VAL H 1821 -48.63 90.83 -22.95
N MET H 1822 -48.17 89.73 -22.36
CA MET H 1822 -47.42 89.69 -21.07
C MET H 1822 -46.14 88.88 -21.29
N SER H 1823 -45.07 89.27 -20.63
CA SER H 1823 -43.87 88.42 -20.40
C SER H 1823 -44.27 87.21 -19.57
N ILE H 1824 -43.47 86.15 -19.59
CA ILE H 1824 -43.60 84.98 -18.67
C ILE H 1824 -43.80 85.49 -17.24
N GLU H 1825 -43.02 86.50 -16.82
CA GLU H 1825 -42.93 86.93 -15.41
C GLU H 1825 -44.26 87.59 -15.05
N SER H 1826 -44.67 88.57 -15.85
CA SER H 1826 -45.98 89.28 -15.80
C SER H 1826 -47.12 88.27 -15.78
N LEU H 1827 -47.05 87.26 -16.63
CA LEU H 1827 -48.10 86.24 -16.79
C LEU H 1827 -48.30 85.51 -15.47
N VAL H 1828 -47.25 84.89 -14.96
CA VAL H 1828 -47.34 84.03 -13.75
C VAL H 1828 -47.71 84.88 -12.54
N GLU H 1829 -47.23 86.11 -12.48
CA GLU H 1829 -47.58 87.09 -11.42
C GLU H 1829 -49.10 87.35 -11.49
N VAL H 1830 -49.59 87.68 -12.68
CA VAL H 1830 -51.03 88.03 -12.91
C VAL H 1830 -51.86 86.85 -12.46
N VAL H 1831 -51.54 85.63 -12.88
CA VAL H 1831 -52.41 84.46 -12.58
C VAL H 1831 -52.21 84.02 -11.14
N PHE H 1832 -51.05 84.27 -10.55
CA PHE H 1832 -50.83 83.95 -9.12
C PHE H 1832 -51.77 84.81 -8.27
N TYR H 1833 -51.80 86.10 -8.57
CA TYR H 1833 -52.66 87.13 -7.95
C TYR H 1833 -54.14 86.76 -8.16
N ARG H 1834 -54.51 86.47 -9.41
CA ARG H 1834 -55.87 86.04 -9.79
C ARG H 1834 -56.28 84.87 -8.91
N GLY H 1835 -55.40 83.88 -8.76
CA GLY H 1835 -55.64 82.71 -7.92
C GLY H 1835 -55.75 83.10 -6.45
N MET H 1836 -54.92 84.04 -5.98
CA MET H 1836 -54.93 84.44 -4.55
C MET H 1836 -56.24 85.20 -4.28
N THR H 1837 -56.63 86.12 -5.16
CA THR H 1837 -57.94 86.85 -5.13
C THR H 1837 -59.11 85.87 -4.94
N MET H 1838 -59.08 84.75 -5.65
CA MET H 1838 -60.13 83.71 -5.59
C MET H 1838 -60.06 82.96 -4.25
N GLN H 1839 -58.86 82.62 -3.79
CA GLN H 1839 -58.62 81.91 -2.49
C GLN H 1839 -59.09 82.76 -1.30
N VAL H 1840 -58.83 84.07 -1.31
CA VAL H 1840 -59.24 85.05 -0.27
C VAL H 1840 -60.77 85.14 -0.19
N ALA H 1841 -61.45 85.15 -1.35
CA ALA H 1841 -62.92 85.28 -1.49
C ALA H 1841 -63.65 84.09 -0.85
N VAL H 1842 -62.98 82.94 -0.66
CA VAL H 1842 -63.63 81.66 -0.22
C VAL H 1842 -63.11 81.27 1.17
N PRO H 1843 -63.98 81.16 2.21
CA PRO H 1843 -63.60 80.57 3.49
C PRO H 1843 -63.04 79.14 3.38
N ARG H 1844 -61.99 78.84 4.14
CA ARG H 1844 -61.30 77.53 4.14
C ARG H 1844 -61.17 77.03 5.57
N ASP H 1845 -61.06 75.71 5.75
CA ASP H 1845 -60.84 75.04 7.06
C ASP H 1845 -59.32 74.90 7.28
N GLU H 1846 -58.91 74.14 8.30
CA GLU H 1846 -57.50 73.94 8.71
C GLU H 1846 -56.74 73.21 7.58
N LEU H 1847 -57.38 72.24 6.93
CA LEU H 1847 -56.79 71.36 5.88
C LEU H 1847 -56.81 72.05 4.50
N GLY H 1848 -57.47 73.21 4.35
CA GLY H 1848 -57.53 73.99 3.11
C GLY H 1848 -58.73 73.65 2.23
N ARG H 1849 -59.78 73.01 2.80
CA ARG H 1849 -61.02 72.60 2.11
C ARG H 1849 -62.08 73.70 2.24
N SER H 1850 -62.78 74.01 1.15
CA SER H 1850 -63.88 75.01 1.09
C SER H 1850 -65.25 74.30 1.08
N ASN H 1851 -66.32 75.09 1.13
CA ASN H 1851 -67.72 74.59 0.98
C ASN H 1851 -68.26 74.98 -0.41
N TYR H 1852 -67.44 74.86 -1.45
CA TYR H 1852 -67.78 75.29 -2.82
C TYR H 1852 -67.13 74.33 -3.82
N GLY H 1853 -67.74 74.23 -4.99
CA GLY H 1853 -67.37 73.21 -5.99
C GLY H 1853 -68.03 73.50 -7.32
N MET H 1854 -67.93 72.53 -8.23
CA MET H 1854 -68.52 72.61 -9.58
C MET H 1854 -68.99 71.22 -10.03
N ILE H 1855 -70.13 71.17 -10.70
CA ILE H 1855 -70.67 69.92 -11.34
C ILE H 1855 -70.89 70.20 -12.83
N ALA H 1856 -70.43 69.29 -13.69
CA ALA H 1856 -70.78 69.21 -15.12
C ALA H 1856 -72.13 68.49 -15.22
N ILE H 1857 -73.15 69.19 -15.72
CA ILE H 1857 -74.53 68.66 -15.91
C ILE H 1857 -74.77 68.42 -17.41
N ASN H 1858 -75.13 67.18 -17.77
CA ASN H 1858 -75.59 66.78 -19.12
C ASN H 1858 -77.12 66.74 -19.11
N PRO H 1859 -77.82 67.78 -19.63
CA PRO H 1859 -79.29 67.78 -19.66
C PRO H 1859 -79.91 66.65 -20.51
N GLY H 1860 -79.15 66.04 -21.42
CA GLY H 1860 -79.57 64.89 -22.23
C GLY H 1860 -79.55 63.57 -21.47
N ARG H 1861 -78.85 63.52 -20.32
CA ARG H 1861 -78.68 62.29 -19.50
C ARG H 1861 -79.83 62.14 -18.48
N VAL H 1862 -80.66 63.18 -18.31
CA VAL H 1862 -81.82 63.18 -17.37
C VAL H 1862 -83.08 62.78 -18.15
N ALA H 1863 -83.38 63.48 -19.25
CA ALA H 1863 -84.54 63.22 -20.14
C ALA H 1863 -84.28 63.89 -21.50
N ALA H 1864 -84.69 63.23 -22.59
CA ALA H 1864 -84.50 63.69 -23.99
C ALA H 1864 -85.19 65.05 -24.21
N SER H 1865 -86.29 65.31 -23.49
CA SER H 1865 -87.08 66.58 -23.57
C SER H 1865 -86.52 67.65 -22.62
N PHE H 1866 -85.66 67.27 -21.67
CA PHE H 1866 -84.99 68.19 -20.69
C PHE H 1866 -83.95 69.04 -21.43
N SER H 1867 -84.30 70.28 -21.76
CA SER H 1867 -83.47 71.24 -22.53
C SER H 1867 -82.60 72.07 -21.58
N GLN H 1868 -81.79 72.99 -22.12
CA GLN H 1868 -80.93 73.92 -21.32
C GLN H 1868 -81.82 74.97 -20.63
N GLU H 1869 -83.00 75.28 -21.18
CA GLU H 1869 -83.98 76.23 -20.56
C GLU H 1869 -84.63 75.57 -19.34
N ALA H 1870 -84.88 74.26 -19.40
CA ALA H 1870 -85.34 73.42 -18.27
C ALA H 1870 -84.27 73.39 -17.18
N LEU H 1871 -83.01 73.17 -17.54
CA LEU H 1871 -81.85 73.18 -16.58
C LEU H 1871 -81.74 74.56 -15.94
N GLN H 1872 -81.76 75.63 -16.73
CA GLN H 1872 -81.68 77.04 -16.25
C GLN H 1872 -82.76 77.25 -15.19
N TYR H 1873 -84.01 76.92 -15.54
CA TYR H 1873 -85.21 76.98 -14.67
C TYR H 1873 -84.93 76.26 -13.34
N VAL H 1874 -84.62 74.96 -13.40
CA VAL H 1874 -84.41 74.08 -12.20
C VAL H 1874 -83.32 74.70 -11.31
N VAL H 1875 -82.14 75.02 -11.88
CA VAL H 1875 -80.95 75.55 -11.15
C VAL H 1875 -81.33 76.87 -10.45
N GLU H 1876 -82.02 77.78 -11.14
CA GLU H 1876 -82.47 79.09 -10.60
C GLU H 1876 -83.44 78.87 -9.43
N ARG H 1877 -84.34 77.87 -9.53
CA ARG H 1877 -85.34 77.54 -8.48
C ARG H 1877 -84.63 76.93 -7.26
N VAL H 1878 -83.64 76.03 -7.45
CA VAL H 1878 -82.88 75.38 -6.34
C VAL H 1878 -82.06 76.46 -5.63
N GLY H 1879 -81.58 77.47 -6.36
CA GLY H 1879 -80.86 78.64 -5.80
C GLY H 1879 -81.76 79.48 -4.91
N LYS H 1880 -82.96 79.83 -5.40
CA LYS H 1880 -83.92 80.75 -4.72
C LYS H 1880 -84.54 80.08 -3.49
N ARG H 1881 -84.93 78.80 -3.60
CA ARG H 1881 -85.60 78.03 -2.52
C ARG H 1881 -84.67 77.88 -1.32
N THR H 1882 -83.49 77.29 -1.52
CA THR H 1882 -82.49 76.99 -0.44
C THR H 1882 -81.82 78.28 0.05
N GLY H 1883 -81.71 79.31 -0.80
CA GLY H 1883 -80.98 80.56 -0.51
C GLY H 1883 -79.47 80.39 -0.67
N TRP H 1884 -79.00 79.16 -0.90
CA TRP H 1884 -77.58 78.80 -1.15
C TRP H 1884 -77.16 79.32 -2.55
N LEU H 1885 -75.86 79.29 -2.85
CA LEU H 1885 -75.29 79.70 -4.16
C LEU H 1885 -75.29 78.50 -5.11
N VAL H 1886 -75.93 78.64 -6.27
CA VAL H 1886 -75.74 77.75 -7.45
C VAL H 1886 -76.13 78.54 -8.70
N GLU H 1887 -75.24 78.60 -9.68
CA GLU H 1887 -75.42 79.26 -11.00
C GLU H 1887 -74.81 78.38 -12.09
N ILE H 1888 -75.37 78.44 -13.30
CA ILE H 1888 -74.75 77.88 -14.53
C ILE H 1888 -73.67 78.89 -14.94
N VAL H 1889 -72.41 78.45 -15.01
CA VAL H 1889 -71.27 79.38 -15.19
C VAL H 1889 -70.51 79.06 -16.48
N ASN H 1890 -70.29 77.77 -16.79
CA ASN H 1890 -69.67 77.36 -18.06
C ASN H 1890 -70.74 76.69 -18.95
N TYR H 1891 -70.97 77.27 -20.13
CA TYR H 1891 -71.71 76.72 -21.29
C TYR H 1891 -70.71 76.03 -22.23
N ASN H 1892 -70.53 74.72 -22.11
CA ASN H 1892 -69.41 73.96 -22.72
C ASN H 1892 -69.83 73.24 -24.01
N VAL H 1893 -70.87 72.41 -23.97
CA VAL H 1893 -71.39 71.65 -25.15
C VAL H 1893 -72.90 71.77 -25.14
N GLU H 1894 -73.48 72.30 -26.22
CA GLU H 1894 -74.93 72.62 -26.30
C GLU H 1894 -75.71 71.33 -26.04
N ASN H 1895 -76.61 71.37 -25.05
CA ASN H 1895 -77.50 70.28 -24.59
C ASN H 1895 -76.71 69.04 -24.15
N GLN H 1896 -75.44 69.18 -23.76
CA GLN H 1896 -74.59 68.02 -23.34
C GLN H 1896 -73.65 68.35 -22.16
N GLN H 1897 -73.29 69.61 -21.91
CA GLN H 1897 -72.35 69.96 -20.80
C GLN H 1897 -72.48 71.44 -20.45
N TYR H 1898 -73.10 71.67 -19.29
CA TYR H 1898 -73.22 72.96 -18.59
C TYR H 1898 -72.62 72.75 -17.20
N VAL H 1899 -71.84 73.70 -16.72
CA VAL H 1899 -71.16 73.58 -15.39
C VAL H 1899 -71.89 74.48 -14.42
N ALA H 1900 -72.37 73.89 -13.33
CA ALA H 1900 -72.98 74.61 -12.20
C ALA H 1900 -71.90 74.80 -11.13
N ALA H 1901 -71.66 76.05 -10.74
CA ALA H 1901 -70.76 76.45 -9.64
C ALA H 1901 -71.60 76.91 -8.45
N GLY H 1902 -71.16 76.54 -7.25
CA GLY H 1902 -71.54 77.25 -6.02
C GLY H 1902 -71.44 76.34 -4.82
N ASP H 1903 -72.27 76.66 -3.83
CA ASP H 1903 -72.36 75.95 -2.52
C ASP H 1903 -72.43 74.45 -2.78
N LEU H 1904 -71.56 73.69 -2.12
CA LEU H 1904 -71.45 72.21 -2.25
C LEU H 1904 -72.78 71.54 -1.90
N ARG H 1905 -73.56 72.13 -0.98
CA ARG H 1905 -74.91 71.63 -0.57
C ARG H 1905 -75.88 71.86 -1.74
N ALA H 1906 -75.95 73.09 -2.28
CA ALA H 1906 -76.79 73.45 -3.46
C ALA H 1906 -76.49 72.53 -4.65
N LEU H 1907 -75.22 72.17 -4.86
CA LEU H 1907 -74.77 71.29 -5.97
C LEU H 1907 -75.23 69.85 -5.72
N ASP H 1908 -75.22 69.40 -4.46
CA ASP H 1908 -75.69 68.04 -4.08
C ASP H 1908 -77.22 67.98 -4.20
N THR H 1909 -77.91 69.06 -3.81
CA THR H 1909 -79.38 69.22 -3.97
C THR H 1909 -79.74 69.13 -5.47
N VAL H 1910 -79.09 69.92 -6.32
CA VAL H 1910 -79.30 69.92 -7.80
C VAL H 1910 -79.07 68.50 -8.34
N THR H 1911 -78.00 67.81 -7.92
CA THR H 1911 -77.69 66.42 -8.35
C THR H 1911 -78.86 65.49 -8.00
N ASN H 1912 -79.40 65.60 -6.78
CA ASN H 1912 -80.46 64.72 -6.22
C ASN H 1912 -81.81 65.04 -6.90
N VAL H 1913 -82.12 66.32 -7.10
CA VAL H 1913 -83.34 66.79 -7.84
C VAL H 1913 -83.34 66.20 -9.26
N LEU H 1914 -82.23 66.30 -9.98
CA LEU H 1914 -82.10 65.79 -11.38
C LEU H 1914 -82.12 64.25 -11.38
N ASN H 1915 -81.54 63.60 -10.37
CA ASN H 1915 -81.63 62.13 -10.17
C ASN H 1915 -83.09 61.72 -10.00
N PHE H 1916 -83.87 62.48 -9.20
CA PHE H 1916 -85.31 62.25 -8.93
C PHE H 1916 -86.12 62.46 -10.22
N ILE H 1917 -85.88 63.57 -10.94
CA ILE H 1917 -86.60 63.94 -12.20
C ILE H 1917 -86.38 62.84 -13.27
N LYS H 1918 -85.16 62.30 -13.38
CA LYS H 1918 -84.79 61.21 -14.33
C LYS H 1918 -85.56 59.93 -13.98
N LEU H 1919 -85.62 59.55 -12.70
CA LEU H 1919 -86.27 58.31 -12.21
C LEU H 1919 -87.80 58.41 -12.35
N GLN H 1920 -88.38 59.60 -12.16
CA GLN H 1920 -89.85 59.85 -12.29
C GLN H 1920 -90.25 60.04 -13.76
N LYS H 1921 -89.30 60.37 -14.65
CA LYS H 1921 -89.51 60.54 -16.11
C LYS H 1921 -90.53 61.67 -16.36
N ILE H 1922 -90.49 62.72 -15.52
CA ILE H 1922 -91.45 63.86 -15.53
C ILE H 1922 -90.78 65.07 -16.19
N ASP H 1923 -91.43 65.65 -17.21
CA ASP H 1923 -90.96 66.84 -17.95
C ASP H 1923 -91.44 68.10 -17.21
N ILE H 1924 -90.67 69.19 -17.27
CA ILE H 1924 -91.00 70.52 -16.66
C ILE H 1924 -91.66 71.41 -17.73
N ILE H 1925 -91.14 71.43 -18.96
CA ILE H 1925 -91.56 72.36 -20.06
C ILE H 1925 -92.95 71.95 -20.57
N GLU H 1926 -93.24 70.64 -20.66
CA GLU H 1926 -94.55 70.08 -21.12
C GLU H 1926 -95.63 70.46 -20.09
N LEU H 1927 -95.35 70.29 -18.80
CA LEU H 1927 -96.29 70.61 -17.68
C LEU H 1927 -96.53 72.13 -17.60
N GLN H 1928 -95.50 72.97 -17.76
CA GLN H 1928 -95.58 74.45 -17.55
C GLN H 1928 -96.39 75.11 -18.67
N LYS H 1929 -96.46 74.49 -19.86
CA LYS H 1929 -97.10 75.06 -21.08
C LYS H 1929 -98.47 74.41 -21.34
N SER H 1930 -98.55 73.07 -21.32
CA SER H 1930 -99.70 72.27 -21.80
C SER H 1930 -100.62 71.78 -20.66
N LEU H 1931 -100.18 71.82 -19.39
CA LEU H 1931 -100.94 71.29 -18.23
C LEU H 1931 -101.36 72.42 -17.28
N SER H 1932 -100.40 73.16 -16.71
CA SER H 1932 -100.63 74.15 -15.61
C SER H 1932 -99.66 75.33 -15.71
N LEU H 1933 -100.11 76.53 -15.29
CA LEU H 1933 -99.37 77.81 -15.33
C LEU H 1933 -98.91 78.16 -13.90
N GLU H 1934 -97.59 78.11 -13.64
CA GLU H 1934 -96.90 78.47 -12.37
C GLU H 1934 -97.14 77.43 -11.25
N GLU H 1935 -97.90 76.35 -11.51
CA GLU H 1935 -98.06 75.20 -10.57
C GLU H 1935 -96.75 74.40 -10.53
N VAL H 1936 -96.08 74.26 -11.67
CA VAL H 1936 -94.75 73.58 -11.82
C VAL H 1936 -93.74 74.19 -10.83
N GLU H 1937 -93.79 75.51 -10.62
CA GLU H 1937 -92.89 76.27 -9.70
C GLU H 1937 -93.08 75.73 -8.28
N GLY H 1938 -94.33 75.73 -7.79
CA GLY H 1938 -94.73 75.16 -6.50
C GLY H 1938 -94.43 73.67 -6.41
N HIS H 1939 -94.68 72.91 -7.48
CA HIS H 1939 -94.43 71.44 -7.58
C HIS H 1939 -92.94 71.13 -7.45
N LEU H 1940 -92.07 71.96 -8.05
CA LEU H 1940 -90.59 71.80 -8.01
C LEU H 1940 -90.05 72.16 -6.61
N PHE H 1941 -90.69 73.10 -5.91
CA PHE H 1941 -90.28 73.58 -4.56
C PHE H 1941 -90.19 72.41 -3.57
N GLU H 1942 -91.17 71.48 -3.56
CA GLU H 1942 -91.19 70.35 -2.60
C GLU H 1942 -90.14 69.29 -2.97
N ILE H 1943 -89.82 69.14 -4.26
CA ILE H 1943 -88.77 68.21 -4.78
C ILE H 1943 -87.39 68.76 -4.35
N ILE H 1944 -87.20 70.08 -4.43
CA ILE H 1944 -85.98 70.82 -3.97
C ILE H 1944 -85.84 70.64 -2.46
N ASP H 1945 -86.94 70.77 -1.70
CA ASP H 1945 -86.99 70.70 -0.21
C ASP H 1945 -86.57 69.31 0.25
N GLU H 1946 -87.07 68.25 -0.39
CA GLU H 1946 -86.71 66.84 -0.10
C GLU H 1946 -85.18 66.68 -0.16
N ALA H 1947 -84.56 67.17 -1.25
CA ALA H 1947 -83.10 67.08 -1.50
C ALA H 1947 -82.32 68.03 -0.57
N SER H 1948 -82.84 69.24 -0.28
CA SER H 1948 -82.18 70.26 0.57
C SER H 1948 -82.07 69.78 2.03
N LYS H 1949 -83.12 69.13 2.55
CA LYS H 1949 -83.17 68.56 3.93
C LYS H 1949 -82.07 67.51 4.10
N LYS H 1950 -81.87 66.63 3.11
CA LYS H 1950 -80.86 65.54 3.14
C LYS H 1950 -79.44 66.11 2.95
N SER H 1951 -79.29 67.21 2.21
CA SER H 1951 -78.00 67.88 1.92
C SER H 1951 -77.50 68.66 3.16
N ALA H 1952 -78.39 69.40 3.85
CA ALA H 1952 -78.07 70.25 5.01
C ALA H 1952 -77.58 69.39 6.20
N VAL H 1953 -78.15 68.18 6.38
CA VAL H 1953 -77.79 67.19 7.44
C VAL H 1953 -76.32 66.75 7.27
N LYS H 1954 -75.89 66.47 6.02
CA LYS H 1954 -74.51 66.01 5.69
C LYS H 1954 -73.49 66.99 6.26
N PRO H 1955 -72.29 66.54 6.70
CA PRO H 1955 -71.26 67.44 7.24
C PRO H 1955 -70.77 68.46 6.20
N ARG H 1956 -70.12 69.55 6.65
CA ARG H 1956 -69.82 70.74 5.80
C ARG H 1956 -68.91 70.37 4.62
N PRO H 1957 -67.81 69.62 4.83
CA PRO H 1957 -66.98 69.16 3.70
C PRO H 1957 -67.55 67.90 3.02
N LEU H 1958 -68.79 67.95 2.51
CA LEU H 1958 -69.51 66.78 1.96
C LEU H 1958 -68.94 66.42 0.58
N LYS H 1959 -68.67 65.12 0.36
CA LYS H 1959 -68.16 64.59 -0.93
C LYS H 1959 -69.31 64.54 -1.93
N LEU H 1960 -69.26 65.40 -2.95
CA LEU H 1960 -70.22 65.44 -4.08
C LEU H 1960 -70.20 64.10 -4.79
N GLU H 1961 -71.39 63.51 -5.02
CA GLU H 1961 -71.55 62.16 -5.61
C GLU H 1961 -71.90 62.30 -7.10
N ARG H 1962 -71.44 61.35 -7.91
CA ARG H 1962 -71.71 61.27 -9.37
C ARG H 1962 -73.15 60.79 -9.58
N GLY H 1963 -74.01 61.68 -10.07
CA GLY H 1963 -75.43 61.38 -10.41
C GLY H 1963 -75.54 60.67 -11.75
N PHE H 1964 -76.73 60.68 -12.33
CA PHE H 1964 -77.00 60.16 -13.70
C PHE H 1964 -76.69 61.27 -14.72
N ALA H 1965 -77.07 62.52 -14.39
CA ALA H 1965 -76.93 63.71 -15.27
C ALA H 1965 -75.89 64.70 -14.71
N CYS H 1966 -75.16 64.35 -13.65
CA CYS H 1966 -74.19 65.25 -12.94
C CYS H 1966 -72.90 64.49 -12.61
N ILE H 1967 -71.76 65.13 -12.84
CA ILE H 1967 -70.41 64.63 -12.41
C ILE H 1967 -69.69 65.81 -11.75
N PRO H 1968 -69.15 65.65 -10.52
CA PRO H 1968 -68.40 66.73 -9.87
C PRO H 1968 -67.00 66.91 -10.50
N LEU H 1969 -66.58 68.16 -10.66
CA LEU H 1969 -65.23 68.49 -11.21
C LEU H 1969 -64.21 68.31 -10.09
N VAL H 1970 -63.34 67.29 -10.22
CA VAL H 1970 -62.26 66.96 -9.24
C VAL H 1970 -61.24 68.10 -9.20
N GLY H 1971 -60.76 68.46 -8.01
CA GLY H 1971 -59.71 69.46 -7.78
C GLY H 1971 -60.19 70.88 -8.04
N ILE H 1972 -61.50 71.13 -7.91
CA ILE H 1972 -62.14 72.47 -7.99
C ILE H 1972 -62.83 72.74 -6.65
N SER H 1973 -62.52 73.87 -6.02
CA SER H 1973 -62.96 74.26 -4.65
C SER H 1973 -63.51 75.68 -4.62
N VAL H 1974 -63.33 76.45 -5.69
CA VAL H 1974 -63.82 77.85 -5.83
C VAL H 1974 -65.03 77.80 -6.77
N PRO H 1975 -66.07 78.64 -6.56
CA PRO H 1975 -67.17 78.77 -7.53
C PRO H 1975 -66.76 79.73 -8.67
N PHE H 1976 -65.90 79.26 -9.56
CA PHE H 1976 -65.33 80.06 -10.68
C PHE H 1976 -66.47 80.58 -11.56
N HIS H 1977 -66.44 81.86 -11.94
CA HIS H 1977 -67.32 82.47 -12.97
C HIS H 1977 -68.73 82.72 -12.44
N SER H 1978 -68.97 82.53 -11.14
CA SER H 1978 -70.23 82.89 -10.44
C SER H 1978 -70.15 84.36 -10.02
N THR H 1979 -71.28 84.93 -9.57
CA THR H 1979 -71.41 86.36 -9.14
C THR H 1979 -70.76 86.52 -7.75
N TYR H 1980 -70.58 85.42 -7.02
CA TYR H 1980 -69.82 85.34 -5.75
C TYR H 1980 -68.44 86.02 -5.87
N LEU H 1981 -67.81 85.97 -7.06
CA LEU H 1981 -66.44 86.50 -7.27
C LEU H 1981 -66.46 87.94 -7.79
N MET H 1982 -67.62 88.61 -7.85
CA MET H 1982 -67.77 89.96 -8.47
C MET H 1982 -67.00 91.02 -7.66
N ASN H 1983 -66.85 90.84 -6.35
CA ASN H 1983 -66.09 91.77 -5.46
C ASN H 1983 -64.61 91.77 -5.87
N GLY H 1984 -64.10 90.62 -6.31
CA GLY H 1984 -62.73 90.43 -6.81
C GLY H 1984 -62.41 91.22 -8.07
N VAL H 1985 -63.42 91.66 -8.83
CA VAL H 1985 -63.23 92.27 -10.18
C VAL H 1985 -62.45 93.59 -10.07
N LYS H 1986 -62.86 94.49 -9.18
CA LYS H 1986 -62.27 95.86 -9.07
C LYS H 1986 -60.79 95.79 -8.67
N PRO H 1987 -60.38 95.06 -7.62
CA PRO H 1987 -58.96 94.95 -7.29
C PRO H 1987 -58.19 94.27 -8.43
N PHE H 1988 -58.74 93.19 -8.98
CA PHE H 1988 -58.09 92.44 -10.10
C PHE H 1988 -57.94 93.37 -11.31
N LYS H 1989 -58.98 94.13 -11.66
CA LYS H 1989 -58.91 95.13 -12.75
C LYS H 1989 -57.74 96.08 -12.52
N SER H 1990 -57.59 96.65 -11.32
CA SER H 1990 -56.51 97.62 -10.99
C SER H 1990 -55.15 96.95 -11.13
N PHE H 1991 -55.06 95.68 -10.72
CA PHE H 1991 -53.83 94.87 -10.84
C PHE H 1991 -53.53 94.60 -12.32
N LEU H 1992 -54.52 94.20 -13.11
CA LEU H 1992 -54.34 93.96 -14.57
C LEU H 1992 -53.85 95.26 -15.23
N LYS H 1993 -54.46 96.41 -14.92
CA LYS H 1993 -54.09 97.73 -15.52
C LYS H 1993 -52.61 98.05 -15.25
N LYS H 1994 -52.04 97.56 -14.14
CA LYS H 1994 -50.63 97.82 -13.74
C LYS H 1994 -49.68 96.86 -14.47
N ASN H 1995 -50.08 95.61 -14.71
CA ASN H 1995 -49.19 94.50 -15.17
C ASN H 1995 -49.34 94.20 -16.68
N ILE H 1996 -50.46 94.59 -17.31
CA ILE H 1996 -50.61 94.59 -18.80
C ILE H 1996 -50.27 96.00 -19.28
N ILE H 1997 -49.06 96.20 -19.81
CA ILE H 1997 -48.56 97.51 -20.32
C ILE H 1997 -49.16 97.68 -21.72
N LYS H 1998 -49.64 98.89 -22.06
CA LYS H 1998 -50.38 99.12 -23.33
C LYS H 1998 -49.44 98.98 -24.55
N GLU H 1999 -48.13 99.20 -24.38
CA GLU H 1999 -47.10 99.08 -25.46
C GLU H 1999 -46.94 97.63 -25.92
N ASN H 2000 -47.33 96.66 -25.09
CA ASN H 2000 -47.26 95.20 -25.39
C ASN H 2000 -48.55 94.69 -26.05
N VAL H 2001 -49.60 95.51 -26.13
CA VAL H 2001 -50.90 95.15 -26.78
C VAL H 2001 -50.78 95.48 -28.28
N LYS H 2002 -50.55 94.45 -29.10
CA LYS H 2002 -50.47 94.56 -30.59
C LYS H 2002 -51.85 94.21 -31.14
N VAL H 2003 -52.59 95.20 -31.61
CA VAL H 2003 -54.00 95.02 -32.07
C VAL H 2003 -54.04 93.97 -33.19
N ALA H 2004 -53.08 94.03 -34.13
CA ALA H 2004 -52.95 93.07 -35.26
C ALA H 2004 -52.92 91.61 -34.76
N ARG H 2005 -52.36 91.37 -33.58
CA ARG H 2005 -52.22 89.99 -33.02
C ARG H 2005 -53.51 89.57 -32.31
N LEU H 2006 -54.40 90.51 -31.99
CA LEU H 2006 -55.69 90.25 -31.32
C LEU H 2006 -56.85 90.35 -32.31
N ALA H 2007 -56.94 91.47 -33.04
CA ALA H 2007 -58.07 91.85 -33.93
C ALA H 2007 -58.44 90.70 -34.85
N GLY H 2008 -59.63 90.13 -34.65
CA GLY H 2008 -60.21 89.07 -35.47
C GLY H 2008 -59.77 87.68 -35.08
N LYS H 2009 -58.84 87.57 -34.14
CA LYS H 2009 -58.11 86.30 -33.89
C LYS H 2009 -58.46 85.77 -32.50
N TYR H 2010 -58.46 86.66 -31.52
CA TYR H 2010 -58.73 86.34 -30.09
C TYR H 2010 -60.24 86.37 -29.86
N ILE H 2011 -60.80 85.25 -29.42
CA ILE H 2011 -62.24 85.14 -29.02
C ILE H 2011 -62.32 85.13 -27.49
N PRO H 2012 -62.61 86.27 -26.82
CA PRO H 2012 -62.76 86.27 -25.37
C PRO H 2012 -63.92 85.41 -24.86
N ASN H 2013 -63.79 84.86 -23.65
CA ASN H 2013 -64.85 84.08 -22.95
C ASN H 2013 -66.05 84.98 -22.59
N LEU H 2014 -65.82 86.27 -22.33
CA LEU H 2014 -66.89 87.18 -21.83
C LEU H 2014 -67.85 87.46 -22.98
N THR H 2015 -67.32 88.08 -24.03
CA THR H 2015 -67.97 88.40 -25.33
C THR H 2015 -67.53 87.33 -26.31
N ALA H 2016 -68.31 86.27 -26.57
CA ALA H 2016 -67.81 85.11 -27.34
C ALA H 2016 -67.67 85.46 -28.83
N LYS H 2017 -67.18 86.67 -29.13
CA LYS H 2017 -67.04 87.26 -30.49
C LYS H 2017 -65.59 87.63 -30.76
N PRO H 2018 -65.05 87.42 -31.97
CA PRO H 2018 -63.65 87.76 -32.26
C PRO H 2018 -63.36 89.21 -31.89
N PHE H 2019 -62.26 89.41 -31.16
CA PHE H 2019 -61.83 90.72 -30.61
C PHE H 2019 -61.79 91.71 -31.76
N GLN H 2020 -62.37 92.88 -31.55
CA GLN H 2020 -62.29 94.05 -32.47
C GLN H 2020 -62.33 95.31 -31.62
N VAL H 2021 -61.63 96.35 -32.07
CA VAL H 2021 -61.62 97.69 -31.45
C VAL H 2021 -62.63 98.57 -32.20
N THR H 2022 -63.93 98.26 -32.02
CA THR H 2022 -65.09 98.96 -32.63
C THR H 2022 -66.10 99.34 -31.53
N LYS H 2023 -66.83 100.44 -31.75
CA LYS H 2023 -67.94 100.92 -30.88
C LYS H 2023 -68.92 99.76 -30.59
N GLU H 2024 -69.19 98.92 -31.59
CA GLU H 2024 -70.13 97.78 -31.51
C GLU H 2024 -69.62 96.80 -30.45
N TYR H 2025 -68.31 96.49 -30.49
CA TYR H 2025 -67.64 95.53 -29.56
C TYR H 2025 -67.71 96.09 -28.13
N PHE H 2026 -67.27 97.34 -27.94
CA PHE H 2026 -67.28 98.07 -26.65
C PHE H 2026 -68.70 98.09 -26.07
N GLN H 2027 -69.69 98.45 -26.90
CA GLN H 2027 -71.12 98.52 -26.51
C GLN H 2027 -71.56 97.12 -26.03
N ASP H 2028 -71.19 96.05 -26.73
CA ASP H 2028 -71.59 94.68 -26.36
C ASP H 2028 -70.94 94.29 -25.02
N VAL H 2029 -69.69 94.70 -24.79
CA VAL H 2029 -68.95 94.41 -23.52
C VAL H 2029 -69.66 95.16 -22.39
N TYR H 2030 -70.03 96.43 -22.61
CA TYR H 2030 -70.76 97.26 -21.62
C TYR H 2030 -72.10 96.62 -21.26
N ASP H 2031 -72.85 96.10 -22.23
CA ASP H 2031 -74.16 95.40 -22.01
C ASP H 2031 -73.97 94.15 -21.14
N LEU H 2032 -72.87 93.42 -21.32
CA LEU H 2032 -72.57 92.19 -20.55
C LEU H 2032 -72.17 92.55 -19.12
N THR H 2033 -71.29 93.53 -18.96
CA THR H 2033 -70.71 93.97 -17.67
C THR H 2033 -70.48 95.48 -17.69
N GLY H 2034 -71.43 96.24 -17.14
CA GLY H 2034 -71.41 97.71 -17.07
C GLY H 2034 -70.15 98.19 -16.37
N SER H 2035 -69.34 99.00 -17.06
CA SER H 2035 -68.04 99.53 -16.57
C SER H 2035 -67.87 100.97 -17.03
N GLU H 2036 -67.47 101.85 -16.11
CA GLU H 2036 -67.35 103.32 -16.34
C GLU H 2036 -66.32 103.59 -17.43
N PRO H 2037 -65.13 102.95 -17.43
CA PRO H 2037 -64.12 103.20 -18.47
C PRO H 2037 -64.63 102.90 -19.89
N ILE H 2038 -65.33 101.78 -20.07
CA ILE H 2038 -65.89 101.35 -21.40
C ILE H 2038 -67.02 102.31 -21.80
N LYS H 2039 -67.93 102.65 -20.88
CA LYS H 2039 -69.05 103.60 -21.15
C LYS H 2039 -68.46 104.95 -21.59
N GLU H 2040 -67.43 105.43 -20.90
CA GLU H 2040 -66.73 106.70 -21.22
C GLU H 2040 -66.15 106.60 -22.64
N ILE H 2041 -65.55 105.46 -23.01
CA ILE H 2041 -64.97 105.21 -24.36
C ILE H 2041 -66.08 105.29 -25.41
N ILE H 2042 -67.23 104.64 -25.17
CA ILE H 2042 -68.39 104.59 -26.12
C ILE H 2042 -68.89 106.03 -26.36
N ASP H 2043 -69.16 106.77 -25.28
CA ASP H 2043 -69.72 108.15 -25.30
C ASP H 2043 -68.78 109.07 -26.07
N ASN H 2044 -67.47 108.95 -25.83
CA ASN H 2044 -66.41 109.86 -26.35
C ASN H 2044 -65.73 109.22 -27.56
N TRP H 2045 -66.36 108.25 -28.23
CA TRP H 2045 -65.75 107.46 -29.34
C TRP H 2045 -65.31 108.39 -30.48
N GLU H 2046 -66.04 109.48 -30.70
CA GLU H 2046 -65.85 110.41 -31.84
C GLU H 2046 -64.48 111.10 -31.75
N LYS H 2047 -64.04 111.52 -30.56
CA LYS H 2047 -62.76 112.26 -30.39
C LYS H 2047 -61.57 111.29 -30.61
N TYR H 2048 -61.75 110.00 -30.31
CA TYR H 2048 -60.71 108.94 -30.52
C TYR H 2048 -60.53 108.66 -32.00
N GLU H 2049 -61.61 108.72 -32.80
CA GLU H 2049 -61.58 108.54 -34.28
C GLU H 2049 -60.76 109.66 -34.94
N GLN H 2050 -60.73 110.87 -34.37
CA GLN H 2050 -59.94 112.03 -34.87
C GLN H 2050 -59.24 112.73 -33.70
N SER I 5 50.98 -34.31 119.14
CA SER I 5 50.15 -33.27 118.44
C SER I 5 50.66 -33.07 117.01
N THR I 6 49.75 -33.08 116.03
CA THR I 6 50.02 -32.96 114.57
C THR I 6 49.01 -32.01 113.93
N ARG I 7 49.39 -31.37 112.81
CA ARG I 7 48.46 -30.56 111.96
C ARG I 7 48.43 -31.13 110.54
N PRO I 8 47.24 -31.28 109.90
CA PRO I 8 47.16 -31.70 108.51
C PRO I 8 47.79 -30.69 107.54
N LEU I 9 48.70 -31.18 106.68
CA LEU I 9 49.31 -30.42 105.56
C LEU I 9 48.84 -31.03 104.24
N THR I 10 48.15 -30.23 103.41
CA THR I 10 47.58 -30.65 102.10
C THR I 10 48.59 -30.28 101.01
N LEU I 11 49.08 -31.29 100.28
CA LEU I 11 49.88 -31.12 99.03
C LEU I 11 49.03 -31.69 97.89
N SER I 12 48.76 -30.84 96.87
CA SER I 12 47.72 -31.08 95.84
C SER I 12 48.22 -30.65 94.45
N HIS I 13 47.52 -31.11 93.41
CA HIS I 13 47.74 -30.76 91.99
C HIS I 13 46.41 -30.97 91.24
N GLY I 14 45.63 -29.91 91.06
CA GLY I 14 44.26 -29.99 90.51
C GLY I 14 43.34 -30.75 91.47
N SER I 15 42.57 -31.70 90.94
CA SER I 15 41.57 -32.50 91.70
C SER I 15 42.28 -33.38 92.74
N LEU I 16 43.32 -34.11 92.33
CA LEU I 16 44.04 -35.08 93.21
C LEU I 16 44.82 -34.31 94.29
N GLU I 17 44.85 -34.87 95.50
CA GLU I 17 45.53 -34.29 96.69
C GLU I 17 45.90 -35.42 97.66
N HIS I 18 46.80 -35.12 98.60
CA HIS I 18 47.16 -36.00 99.74
C HIS I 18 47.36 -35.13 100.98
N VAL I 19 46.80 -35.55 102.11
CA VAL I 19 46.90 -34.87 103.42
C VAL I 19 47.91 -35.65 104.27
N LEU I 20 48.89 -34.94 104.83
CA LEU I 20 49.98 -35.52 105.65
C LEU I 20 49.89 -34.94 107.08
N LEU I 21 49.72 -35.80 108.08
CA LEU I 21 49.69 -35.41 109.52
C LEU I 21 51.14 -35.12 109.96
N VAL I 22 51.58 -33.88 109.77
CA VAL I 22 52.96 -33.42 110.13
C VAL I 22 52.97 -33.11 111.62
N PRO I 23 53.99 -33.55 112.39
CA PRO I 23 54.18 -33.09 113.77
C PRO I 23 54.28 -31.55 113.84
N THR I 24 53.67 -30.94 114.86
CA THR I 24 53.63 -29.46 115.08
C THR I 24 55.06 -28.92 115.26
N ALA I 25 55.97 -29.72 115.83
CA ALA I 25 57.39 -29.38 116.12
C ALA I 25 58.16 -29.05 114.83
N SER I 26 57.82 -29.69 113.69
CA SER I 26 58.50 -29.51 112.38
C SER I 26 57.52 -29.05 111.28
N PHE I 27 56.28 -28.65 111.64
CA PHE I 27 55.23 -28.20 110.68
C PHE I 27 55.69 -26.94 109.94
N PHE I 28 56.41 -26.07 110.65
CA PHE I 28 56.97 -24.79 110.15
C PHE I 28 57.87 -25.07 108.93
N ILE I 29 58.82 -26.00 109.06
CA ILE I 29 59.80 -26.36 107.99
C ILE I 29 59.09 -27.17 106.89
N ALA I 30 58.09 -27.97 107.24
CA ALA I 30 57.27 -28.77 106.29
C ALA I 30 56.41 -27.84 105.41
N SER I 31 55.87 -26.76 106.00
CA SER I 31 55.07 -25.73 105.29
C SER I 31 55.97 -24.94 104.33
N GLN I 32 57.19 -24.64 104.76
CA GLN I 32 58.27 -24.04 103.92
C GLN I 32 58.42 -24.90 102.65
N LEU I 33 58.78 -26.18 102.82
CA LEU I 33 59.01 -27.18 101.74
C LEU I 33 57.75 -27.32 100.88
N GLN I 34 56.57 -27.38 101.51
CA GLN I 34 55.24 -27.43 100.82
C GLN I 34 55.13 -26.24 99.85
N GLU I 35 55.44 -25.03 100.31
CA GLU I 35 55.36 -23.77 99.53
C GLU I 35 56.35 -23.86 98.35
N GLN I 36 57.60 -24.23 98.64
CA GLN I 36 58.69 -24.39 97.64
C GLN I 36 58.28 -25.43 96.59
N PHE I 37 57.79 -26.61 97.01
CA PHE I 37 57.39 -27.73 96.12
C PHE I 37 56.21 -27.31 95.24
N ASN I 38 55.23 -26.60 95.82
CA ASN I 38 54.01 -26.15 95.09
C ASN I 38 54.41 -25.12 94.02
N LYS I 39 55.48 -24.34 94.27
CA LYS I 39 56.06 -23.39 93.29
C LYS I 39 56.75 -24.16 92.15
N ILE I 40 57.59 -25.15 92.49
CA ILE I 40 58.36 -26.02 91.54
C ILE I 40 57.39 -26.79 90.62
N LEU I 41 56.32 -27.35 91.20
CA LEU I 41 55.32 -28.18 90.49
C LEU I 41 54.71 -27.37 89.35
N PRO I 42 54.51 -27.94 88.14
CA PRO I 42 53.87 -27.21 87.04
C PRO I 42 52.36 -27.03 87.25
N GLU I 43 51.70 -26.34 86.32
CA GLU I 43 50.26 -25.98 86.43
C GLU I 43 49.43 -27.21 86.11
N PRO I 44 48.33 -27.50 86.86
CA PRO I 44 47.43 -28.61 86.52
C PRO I 44 46.77 -28.46 85.15
N THR I 45 46.52 -29.59 84.48
CA THR I 45 45.76 -29.68 83.19
C THR I 45 44.75 -30.83 83.29
N GLU I 46 43.76 -30.82 82.38
CA GLU I 46 42.75 -31.90 82.18
C GLU I 46 43.46 -33.25 81.99
N GLY I 47 43.07 -34.27 82.77
CA GLY I 47 43.54 -35.67 82.66
C GLY I 47 44.98 -35.87 83.12
N PHE I 48 45.70 -34.80 83.48
CA PHE I 48 47.13 -34.78 83.89
C PHE I 48 48.01 -35.42 82.80
N ALA I 49 47.64 -35.23 81.53
CA ALA I 49 48.25 -35.90 80.34
C ALA I 49 49.65 -35.34 80.06
N ALA I 50 49.91 -34.07 80.42
CA ALA I 50 51.23 -33.38 80.23
C ALA I 50 52.29 -34.06 81.09
N ASP I 51 53.57 -33.90 80.72
CA ASP I 51 54.73 -34.56 81.35
C ASP I 51 55.19 -33.75 82.57
N ASP I 52 55.89 -34.43 83.50
CA ASP I 52 56.47 -33.88 84.75
C ASP I 52 55.38 -33.33 85.68
N GLU I 53 54.14 -33.82 85.57
CA GLU I 53 53.03 -33.55 86.52
C GLU I 53 52.34 -34.85 86.91
N PRO I 54 52.02 -35.07 88.20
CA PRO I 54 51.51 -36.36 88.66
C PRO I 54 50.08 -36.62 88.18
N THR I 55 49.74 -37.90 88.00
CA THR I 55 48.38 -38.38 87.60
C THR I 55 47.62 -38.97 88.79
N THR I 56 48.32 -39.42 89.84
CA THR I 56 47.73 -40.04 91.06
C THR I 56 48.34 -39.39 92.31
N PRO I 57 47.67 -39.48 93.48
CA PRO I 57 48.23 -38.97 94.73
C PRO I 57 49.60 -39.61 95.08
N ALA I 58 49.78 -40.89 94.74
CA ALA I 58 51.03 -41.67 94.91
C ALA I 58 52.19 -40.97 94.18
N GLU I 59 51.98 -40.61 92.91
CA GLU I 59 52.97 -39.89 92.06
C GLU I 59 53.30 -38.54 92.70
N LEU I 60 52.27 -37.79 93.11
CA LEU I 60 52.40 -36.42 93.69
C LEU I 60 53.26 -36.48 94.96
N VAL I 61 53.01 -37.45 95.84
CA VAL I 61 53.80 -37.64 97.10
C VAL I 61 55.22 -38.09 96.73
N GLY I 62 55.35 -38.90 95.67
CA GLY I 62 56.65 -39.30 95.09
C GLY I 62 57.48 -38.08 94.71
N LYS I 63 56.91 -37.21 93.86
CA LYS I 63 57.54 -35.95 93.37
C LYS I 63 57.94 -35.07 94.56
N PHE I 64 57.09 -34.98 95.59
CA PHE I 64 57.37 -34.19 96.82
C PHE I 64 58.56 -34.84 97.56
N LEU I 65 58.52 -36.16 97.71
CA LEU I 65 59.64 -36.97 98.28
C LEU I 65 60.91 -36.70 97.48
N GLY I 66 60.81 -36.75 96.15
CA GLY I 66 61.88 -36.45 95.19
C GLY I 66 62.50 -35.09 95.46
N TYR I 67 61.65 -34.06 95.53
CA TYR I 67 62.05 -32.65 95.73
C TYR I 67 62.80 -32.48 97.05
N VAL I 68 62.24 -32.99 98.15
CA VAL I 68 62.84 -32.90 99.51
C VAL I 68 64.20 -33.63 99.52
N SER I 69 64.27 -34.82 98.90
CA SER I 69 65.50 -35.66 98.81
C SER I 69 66.60 -34.93 98.04
N SER I 70 66.23 -34.11 97.05
CA SER I 70 67.17 -33.29 96.23
C SER I 70 67.89 -32.27 97.13
N LEU I 71 67.18 -31.66 98.08
CA LEU I 71 67.72 -30.59 98.98
C LEU I 71 68.58 -31.24 100.07
N VAL I 72 68.10 -32.31 100.71
CA VAL I 72 68.80 -32.98 101.84
C VAL I 72 70.15 -33.50 101.34
N GLU I 73 71.22 -33.20 102.07
CA GLU I 73 72.59 -33.70 101.81
C GLU I 73 72.80 -34.97 102.64
N PRO I 74 73.41 -36.04 102.08
CA PRO I 74 73.63 -37.28 102.83
C PRO I 74 74.68 -37.12 103.96
N SER I 75 75.76 -36.39 103.70
CA SER I 75 76.88 -36.16 104.65
C SER I 75 76.42 -35.25 105.80
N LYS I 76 75.97 -34.03 105.48
CA LYS I 76 75.60 -32.98 106.48
C LYS I 76 74.16 -33.20 106.95
N VAL I 77 73.93 -33.21 108.27
CA VAL I 77 72.57 -33.27 108.88
C VAL I 77 71.91 -31.90 108.65
N GLY I 78 70.71 -31.90 108.05
CA GLY I 78 69.94 -30.70 107.70
C GLY I 78 68.60 -30.68 108.40
N GLN I 79 67.87 -29.56 108.26
CA GLN I 79 66.54 -29.34 108.88
C GLN I 79 65.49 -30.21 108.18
N PHE I 80 65.67 -30.48 106.88
CA PHE I 80 64.67 -31.14 105.99
C PHE I 80 64.69 -32.66 106.19
N ASP I 81 65.74 -33.20 106.84
CA ASP I 81 65.93 -34.65 107.12
C ASP I 81 64.71 -35.24 107.83
N GLN I 82 64.24 -34.59 108.89
CA GLN I 82 63.11 -35.08 109.73
C GLN I 82 61.82 -35.10 108.91
N VAL I 83 61.61 -34.09 108.06
CA VAL I 83 60.43 -33.99 107.14
C VAL I 83 60.54 -35.08 106.07
N LEU I 84 61.76 -35.36 105.59
CA LEU I 84 62.00 -36.45 104.59
C LEU I 84 61.54 -37.78 105.20
N ASN I 85 62.11 -38.17 106.33
CA ASN I 85 61.81 -39.44 107.07
C ASN I 85 60.31 -39.55 107.33
N LEU I 86 59.66 -38.45 107.71
CA LEU I 86 58.22 -38.38 108.08
C LEU I 86 57.35 -38.66 106.85
N CYS I 87 57.58 -37.95 105.73
CA CYS I 87 56.77 -38.07 104.48
C CYS I 87 57.11 -39.38 103.75
N LEU I 88 58.31 -39.93 103.98
CA LEU I 88 58.72 -41.28 103.47
C LEU I 88 57.86 -42.34 104.17
N THR I 89 57.88 -42.35 105.51
CA THR I 89 57.06 -43.22 106.38
C THR I 89 55.59 -43.13 105.95
N GLU I 90 55.06 -41.92 105.70
CA GLU I 90 53.66 -41.71 105.28
C GLU I 90 53.41 -42.40 103.93
N PHE I 91 54.33 -42.22 102.96
CA PHE I 91 54.26 -42.82 101.59
C PHE I 91 54.22 -44.35 101.69
N GLU I 92 55.14 -44.92 102.49
CA GLU I 92 55.23 -46.38 102.77
C GLU I 92 53.88 -46.88 103.31
N ASN I 93 53.35 -46.29 104.38
CA ASN I 93 52.15 -46.78 105.11
C ASN I 93 50.87 -46.54 104.28
N CYS I 94 50.89 -45.57 103.35
CA CYS I 94 49.70 -45.16 102.57
C CYS I 94 49.59 -45.95 101.25
N TYR I 95 50.71 -46.21 100.56
CA TYR I 95 50.75 -46.73 99.17
C TYR I 95 51.51 -48.07 99.05
N LEU I 96 52.60 -48.26 99.80
CA LEU I 96 53.33 -49.56 99.89
C LEU I 96 52.73 -50.40 101.02
N GLU I 97 51.60 -51.06 100.76
CA GLU I 97 50.95 -52.01 101.72
C GLU I 97 51.88 -53.22 101.91
N GLY I 98 53.00 -53.01 102.63
CA GLY I 98 54.08 -53.99 102.83
C GLY I 98 54.84 -54.34 101.56
N ASN I 99 54.31 -53.99 100.38
CA ASN I 99 54.77 -54.49 99.05
C ASN I 99 55.98 -53.64 98.63
N ASP I 100 56.60 -53.99 97.51
CA ASP I 100 57.77 -53.27 96.93
C ASP I 100 57.28 -52.10 96.06
N ILE I 101 58.13 -51.08 95.90
CA ILE I 101 57.87 -49.89 95.04
C ILE I 101 57.52 -50.31 93.62
N HIS I 102 58.11 -51.40 93.11
CA HIS I 102 57.84 -51.95 91.76
C HIS I 102 56.42 -52.49 91.69
N ALA I 103 55.98 -53.19 92.74
CA ALA I 103 54.61 -53.75 92.85
C ALA I 103 53.59 -52.61 92.75
N LEU I 104 53.84 -51.50 93.46
CA LEU I 104 53.03 -50.26 93.40
C LEU I 104 53.05 -49.71 91.97
N ALA I 105 54.24 -49.46 91.44
CA ALA I 105 54.48 -48.96 90.06
C ALA I 105 53.69 -49.81 89.04
N ALA I 106 53.79 -51.14 89.14
CA ALA I 106 53.07 -52.10 88.27
C ALA I 106 51.56 -52.01 88.49
N LYS I 107 51.11 -51.77 89.73
CA LYS I 107 49.67 -51.58 90.09
C LYS I 107 49.15 -50.33 89.37
N LEU I 108 49.83 -49.20 89.52
CA LEU I 108 49.50 -47.89 88.87
C LEU I 108 49.40 -48.07 87.35
N LEU I 109 50.35 -48.78 86.75
CA LEU I 109 50.49 -48.95 85.27
C LEU I 109 49.20 -49.53 84.67
N GLN I 110 48.60 -50.53 85.31
CA GLN I 110 47.42 -51.30 84.78
C GLN I 110 46.10 -50.70 85.29
N GLU I 111 46.08 -50.09 86.49
CA GLU I 111 44.86 -49.47 87.09
C GLU I 111 44.69 -48.05 86.54
N ASN I 112 45.60 -47.14 86.90
CA ASN I 112 45.50 -45.67 86.65
C ASN I 112 46.06 -45.36 85.25
N ASP I 113 45.90 -44.12 84.79
CA ASP I 113 46.39 -43.62 83.48
C ASP I 113 47.77 -43.00 83.68
N THR I 114 48.71 -43.77 84.24
CA THR I 114 50.13 -43.41 84.45
C THR I 114 50.94 -44.00 83.28
N THR I 115 51.85 -43.20 82.70
CA THR I 115 52.76 -43.63 81.62
C THR I 115 53.98 -44.32 82.23
N LEU I 116 54.79 -44.97 81.39
CA LEU I 116 55.98 -45.76 81.81
C LEU I 116 57.04 -44.83 82.40
N VAL I 117 57.25 -43.65 81.80
CA VAL I 117 58.24 -42.62 82.26
C VAL I 117 57.83 -42.06 83.63
N LYS I 118 56.54 -41.76 83.84
CA LYS I 118 55.99 -41.23 85.12
C LYS I 118 56.21 -42.27 86.23
N THR I 119 55.94 -43.55 85.92
CA THR I 119 56.11 -44.73 86.80
C THR I 119 57.58 -44.90 87.22
N LYS I 120 58.51 -44.83 86.26
CA LYS I 120 59.98 -44.93 86.52
C LYS I 120 60.41 -43.76 87.40
N GLU I 121 59.85 -42.57 87.16
CA GLU I 121 60.16 -41.34 87.93
C GLU I 121 59.73 -41.57 89.40
N LEU I 122 58.55 -42.15 89.61
CA LEU I 122 58.00 -42.52 90.95
C LEU I 122 58.98 -43.46 91.67
N ILE I 123 59.43 -44.51 90.97
CA ILE I 123 60.39 -45.53 91.51
C ILE I 123 61.68 -44.81 91.91
N LYS I 124 62.21 -43.95 91.04
CA LYS I 124 63.47 -43.19 91.26
C LYS I 124 63.32 -42.32 92.51
N ASN I 125 62.23 -41.55 92.59
CA ASN I 125 61.93 -40.66 93.74
C ASN I 125 61.96 -41.50 95.02
N TYR I 126 61.15 -42.55 95.09
CA TYR I 126 61.05 -43.42 96.29
C TYR I 126 62.43 -43.97 96.68
N ILE I 127 63.20 -44.47 95.72
CA ILE I 127 64.49 -45.18 95.98
C ILE I 127 65.54 -44.15 96.40
N THR I 128 65.53 -42.97 95.77
CA THR I 128 66.47 -41.84 96.10
C THR I 128 66.20 -41.39 97.54
N ALA I 129 64.94 -41.05 97.84
CA ALA I 129 64.43 -40.72 99.20
C ALA I 129 64.91 -41.74 100.23
N ARG I 130 64.74 -43.04 99.97
CA ARG I 130 65.13 -44.14 100.90
C ARG I 130 66.62 -44.01 101.24
N ILE I 131 67.47 -43.72 100.26
CA ILE I 131 68.95 -43.65 100.43
C ILE I 131 69.33 -42.33 101.12
N MET I 132 68.70 -41.22 100.73
CA MET I 132 68.96 -39.87 101.30
C MET I 132 68.53 -39.83 102.77
N ALA I 133 67.44 -40.52 103.12
CA ALA I 133 66.86 -40.60 104.49
C ALA I 133 67.65 -41.58 105.39
N LYS I 134 68.84 -42.04 104.98
CA LYS I 134 69.73 -42.96 105.73
C LYS I 134 69.01 -44.28 106.05
N ARG I 135 68.09 -44.70 105.17
CA ARG I 135 67.29 -45.95 105.32
C ARG I 135 67.61 -46.86 104.14
N PRO I 136 68.82 -47.48 104.09
CA PRO I 136 69.15 -48.41 103.02
C PRO I 136 68.22 -49.63 103.03
N PHE I 137 68.41 -50.56 102.11
CA PHE I 137 67.63 -51.82 101.99
C PHE I 137 68.45 -52.95 102.66
N ASP I 138 68.81 -52.77 103.93
CA ASP I 138 69.62 -53.73 104.71
C ASP I 138 68.75 -54.93 105.12
N LYS I 139 67.46 -54.69 105.38
CA LYS I 139 66.46 -55.77 105.66
C LYS I 139 66.25 -56.59 104.39
N LYS I 140 66.41 -57.91 104.49
CA LYS I 140 66.04 -58.88 103.42
C LYS I 140 64.54 -58.72 103.16
N SER I 141 64.15 -58.67 101.88
CA SER I 141 62.74 -58.50 101.46
C SER I 141 61.98 -59.80 101.76
N ASN I 142 60.65 -59.71 101.75
CA ASN I 142 59.73 -60.87 101.90
C ASN I 142 59.17 -61.22 100.52
N SER I 143 59.97 -61.08 99.44
CA SER I 143 59.56 -61.44 98.06
C SER I 143 59.07 -62.88 98.06
N ALA I 144 57.89 -63.12 97.49
CA ALA I 144 57.27 -64.46 97.42
C ALA I 144 58.20 -65.42 96.67
N LEU I 145 58.83 -64.94 95.60
CA LEU I 145 59.69 -65.76 94.72
C LEU I 145 60.83 -66.36 95.55
N PHE I 146 61.54 -65.52 96.29
CA PHE I 146 62.76 -65.93 97.04
C PHE I 146 62.36 -66.69 98.31
N ARG I 147 61.18 -66.39 98.87
CA ARG I 147 60.56 -67.22 99.94
C ARG I 147 60.39 -68.65 99.39
N ALA I 148 59.69 -68.78 98.25
CA ALA I 148 59.45 -70.06 97.55
C ALA I 148 60.75 -70.80 97.25
N VAL I 149 61.85 -70.10 96.97
CA VAL I 149 63.17 -70.72 96.66
C VAL I 149 63.75 -71.32 97.95
N GLY I 150 63.74 -70.54 99.04
CA GLY I 150 64.16 -71.00 100.38
C GLY I 150 63.44 -72.28 100.80
N GLU I 151 62.11 -72.32 100.62
CA GLU I 151 61.23 -73.46 101.02
C GLU I 151 61.40 -74.66 100.06
N GLY I 152 62.05 -74.48 98.91
CA GLY I 152 62.24 -75.53 97.88
C GLY I 152 61.04 -75.70 96.96
N ASN I 153 60.17 -74.68 96.87
CA ASN I 153 58.97 -74.65 95.99
C ASN I 153 59.31 -74.05 94.61
N ALA I 154 60.46 -73.37 94.50
CA ALA I 154 60.95 -72.75 93.25
C ALA I 154 62.45 -72.98 93.09
N GLN I 155 62.90 -73.17 91.84
CA GLN I 155 64.32 -73.25 91.45
C GLN I 155 64.58 -72.14 90.42
N LEU I 156 65.55 -71.27 90.69
CA LEU I 156 65.86 -70.07 89.87
C LEU I 156 67.09 -70.37 89.03
N VAL I 157 67.04 -70.03 87.74
CA VAL I 157 68.25 -69.96 86.88
C VAL I 157 68.32 -68.54 86.32
N ALA I 158 69.51 -67.94 86.36
CA ALA I 158 69.74 -66.59 85.81
C ALA I 158 70.28 -66.77 84.40
N ILE I 159 69.76 -65.99 83.48
CA ILE I 159 70.28 -65.98 82.09
C ILE I 159 70.63 -64.54 81.74
N PHE I 160 71.72 -64.41 81.01
CA PHE I 160 72.24 -63.13 80.51
C PHE I 160 72.20 -63.18 78.99
N GLY I 161 71.61 -62.14 78.41
CA GLY I 161 71.51 -61.90 76.96
C GLY I 161 72.87 -61.56 76.39
N GLY I 162 72.92 -61.32 75.08
CA GLY I 162 74.13 -60.81 74.42
C GLY I 162 73.75 -59.75 73.41
N GLN I 163 74.45 -59.78 72.27
CA GLN I 163 74.27 -58.84 71.15
C GLN I 163 72.96 -59.16 70.44
N GLY I 164 72.36 -58.18 69.77
CA GLY I 164 71.41 -58.43 68.67
C GLY I 164 69.97 -58.58 69.12
N ASN I 165 69.63 -58.12 70.33
CA ASN I 165 68.24 -58.16 70.87
C ASN I 165 67.58 -56.81 70.63
N THR I 166 68.37 -55.74 70.60
CA THR I 166 67.89 -54.35 70.40
C THR I 166 68.98 -53.54 69.71
N ASP I 167 68.57 -52.55 68.91
CA ASP I 167 69.48 -51.59 68.22
C ASP I 167 69.78 -50.41 69.15
N ASP I 168 69.00 -50.21 70.21
CA ASP I 168 69.11 -49.06 71.14
C ASP I 168 69.43 -49.57 72.55
N TYR I 169 70.42 -50.45 72.69
CA TYR I 169 70.83 -51.04 73.98
C TYR I 169 71.23 -49.92 74.96
N PHE I 170 71.79 -48.81 74.45
CA PHE I 170 72.37 -47.75 75.30
C PHE I 170 71.28 -47.05 76.14
N GLU I 171 70.04 -46.97 75.65
CA GLU I 171 68.91 -46.35 76.40
C GLU I 171 68.56 -47.17 77.64
N GLU I 172 68.82 -48.47 77.61
CA GLU I 172 68.66 -49.37 78.77
C GLU I 172 69.65 -48.92 79.87
N LEU I 173 70.88 -48.61 79.50
CA LEU I 173 71.90 -48.12 80.47
C LEU I 173 71.53 -46.71 80.94
N ARG I 174 70.97 -45.91 80.05
CA ARG I 174 70.53 -44.52 80.38
C ARG I 174 69.45 -44.62 81.46
N ASP I 175 68.45 -45.50 81.25
CA ASP I 175 67.29 -45.71 82.17
C ASP I 175 67.80 -46.23 83.53
N LEU I 176 68.73 -47.17 83.54
CA LEU I 176 69.38 -47.66 84.79
C LEU I 176 70.06 -46.50 85.54
N TYR I 177 70.76 -45.61 84.83
CA TYR I 177 71.51 -44.49 85.43
C TYR I 177 70.55 -43.44 85.99
N GLN I 178 69.44 -43.16 85.29
CA GLN I 178 68.39 -42.21 85.72
C GLN I 178 67.74 -42.75 86.99
N THR I 179 67.05 -43.89 86.87
CA THR I 179 66.14 -44.47 87.88
C THR I 179 66.93 -44.92 89.12
N TYR I 180 68.03 -45.64 88.92
CA TYR I 180 68.74 -46.36 90.01
C TYR I 180 70.14 -45.78 90.20
N HIS I 181 70.32 -44.49 89.95
CA HIS I 181 71.59 -43.77 90.24
C HIS I 181 72.14 -44.18 91.61
N VAL I 182 71.29 -44.13 92.65
CA VAL I 182 71.75 -44.31 94.06
C VAL I 182 72.14 -45.77 94.32
N LEU I 183 71.67 -46.70 93.47
CA LEU I 183 71.98 -48.15 93.60
C LEU I 183 73.15 -48.55 92.70
N VAL I 184 73.21 -48.07 91.45
CA VAL I 184 74.21 -48.56 90.43
C VAL I 184 75.19 -47.46 90.00
N GLY I 185 74.95 -46.19 90.33
CA GLY I 185 75.87 -45.06 90.05
C GLY I 185 77.33 -45.43 90.29
N ASP I 186 77.62 -46.10 91.41
CA ASP I 186 78.99 -46.48 91.82
C ASP I 186 79.52 -47.61 90.91
N LEU I 187 78.65 -48.54 90.50
CA LEU I 187 79.02 -49.62 89.54
C LEU I 187 79.40 -48.99 88.19
N ILE I 188 78.57 -48.08 87.69
CA ILE I 188 78.74 -47.48 86.33
C ILE I 188 79.99 -46.59 86.34
N LYS I 189 80.26 -45.85 87.42
CA LYS I 189 81.49 -45.02 87.57
C LYS I 189 82.71 -45.94 87.59
N PHE I 190 82.63 -47.04 88.34
CA PHE I 190 83.74 -48.02 88.43
C PHE I 190 84.01 -48.65 87.06
N SER I 191 82.95 -48.99 86.33
CA SER I 191 83.02 -49.68 85.03
C SER I 191 83.60 -48.72 83.98
N ALA I 192 83.13 -47.46 83.95
CA ALA I 192 83.65 -46.33 83.14
C ALA I 192 85.14 -46.09 83.41
N GLU I 193 85.57 -46.11 84.67
CA GLU I 193 87.00 -45.87 85.04
C GLU I 193 87.84 -47.07 84.58
N THR I 194 87.30 -48.29 84.73
CA THR I 194 88.00 -49.54 84.36
C THR I 194 88.25 -49.56 82.85
N LEU I 195 87.25 -49.14 82.06
CA LEU I 195 87.30 -49.14 80.58
C LEU I 195 88.25 -48.05 80.10
N SER I 196 88.17 -46.84 80.68
CA SER I 196 89.11 -45.71 80.42
C SER I 196 90.54 -46.17 80.66
N GLU I 197 90.78 -46.92 81.74
CA GLU I 197 92.14 -47.42 82.09
C GLU I 197 92.56 -48.51 81.12
N LEU I 198 91.65 -49.36 80.65
CA LEU I 198 91.99 -50.46 79.70
C LEU I 198 92.36 -49.87 78.33
N ILE I 199 91.69 -48.79 77.90
CA ILE I 199 92.02 -48.04 76.66
C ILE I 199 93.43 -47.45 76.79
N ARG I 200 93.74 -46.83 77.93
CA ARG I 200 95.02 -46.14 78.20
C ARG I 200 96.19 -47.17 78.16
N THR I 201 96.00 -48.35 78.76
CA THR I 201 97.06 -49.39 78.97
C THR I 201 97.08 -50.43 77.84
N THR I 202 96.17 -50.36 76.87
CA THR I 202 96.16 -51.27 75.69
C THR I 202 96.68 -50.47 74.50
N LEU I 203 97.60 -51.07 73.74
CA LEU I 203 98.52 -50.35 72.81
C LEU I 203 97.72 -49.49 71.82
N ASP I 204 96.93 -50.10 70.93
CA ASP I 204 96.26 -49.40 69.81
C ASP I 204 94.75 -49.31 70.03
N ALA I 205 94.28 -49.45 71.27
CA ALA I 205 92.84 -49.48 71.61
C ALA I 205 92.18 -48.15 71.23
N GLU I 206 92.85 -47.01 71.47
CA GLU I 206 92.36 -45.65 71.10
C GLU I 206 91.98 -45.59 69.61
N LYS I 207 92.70 -46.30 68.72
CA LYS I 207 92.44 -46.29 67.25
C LYS I 207 91.02 -46.83 66.99
N VAL I 208 90.63 -47.83 67.77
CA VAL I 208 89.30 -48.53 67.68
C VAL I 208 88.20 -47.67 68.32
N PHE I 209 88.54 -46.84 69.32
CA PHE I 209 87.57 -45.98 70.06
C PHE I 209 87.66 -44.54 69.54
N THR I 210 87.13 -44.29 68.33
CA THR I 210 87.40 -43.07 67.52
C THR I 210 86.70 -41.85 68.15
N GLN I 211 85.52 -42.04 68.75
CA GLN I 211 84.77 -41.00 69.50
C GLN I 211 84.86 -41.28 71.01
N GLY I 212 85.95 -41.91 71.46
CA GLY I 212 86.23 -42.20 72.89
C GLY I 212 85.27 -43.17 73.52
N LEU I 213 85.37 -43.34 74.84
CA LEU I 213 84.48 -44.18 75.68
C LEU I 213 84.22 -43.46 77.01
N ASN I 214 83.78 -42.20 76.93
CA ASN I 214 83.40 -41.39 78.11
C ASN I 214 81.93 -41.62 78.40
N ILE I 215 81.60 -42.77 78.99
CA ILE I 215 80.18 -43.20 79.16
C ILE I 215 79.50 -42.27 80.17
N LEU I 216 80.21 -41.82 81.20
CA LEU I 216 79.67 -40.88 82.23
C LEU I 216 79.23 -39.58 81.56
N GLU I 217 80.07 -39.01 80.69
CA GLU I 217 79.73 -37.84 79.84
C GLU I 217 78.45 -38.14 79.05
N TRP I 218 78.39 -39.29 78.37
CA TRP I 218 77.23 -39.67 77.50
C TRP I 218 75.96 -39.76 78.34
N LEU I 219 76.04 -40.34 79.54
CA LEU I 219 74.88 -40.52 80.45
C LEU I 219 74.43 -39.16 81.00
N GLU I 220 75.37 -38.28 81.42
CA GLU I 220 75.04 -36.90 81.89
C GLU I 220 74.34 -36.11 80.76
N ASN I 221 74.90 -36.13 79.55
CA ASN I 221 74.48 -35.29 78.39
C ASN I 221 74.12 -36.18 77.19
N PRO I 222 72.82 -36.50 76.98
CA PRO I 222 72.38 -37.20 75.77
C PRO I 222 72.81 -36.57 74.44
N SER I 223 73.01 -35.24 74.40
CA SER I 223 73.49 -34.46 73.23
C SER I 223 74.91 -34.92 72.84
N ASN I 224 75.77 -35.20 73.81
CA ASN I 224 77.20 -35.60 73.61
C ASN I 224 77.36 -37.11 73.40
N THR I 225 76.29 -37.90 73.46
CA THR I 225 76.32 -39.36 73.16
C THR I 225 76.57 -39.53 71.67
N PRO I 226 77.60 -40.32 71.26
CA PRO I 226 77.76 -40.72 69.85
C PRO I 226 76.50 -41.32 69.21
N ASP I 227 76.53 -41.43 67.88
CA ASP I 227 75.45 -42.01 67.03
C ASP I 227 75.29 -43.51 67.35
N LYS I 228 74.15 -44.10 67.00
CA LYS I 228 73.83 -45.52 67.30
C LYS I 228 74.87 -46.45 66.69
N ASP I 229 75.39 -46.16 65.48
CA ASP I 229 76.32 -47.08 64.78
C ASP I 229 77.58 -47.26 65.62
N TYR I 230 78.08 -46.17 66.18
CA TYR I 230 79.30 -46.17 67.03
C TYR I 230 79.03 -46.93 68.32
N LEU I 231 77.91 -46.66 68.98
CA LEU I 231 77.48 -47.36 70.23
C LEU I 231 77.36 -48.85 69.94
N LEU I 232 76.79 -49.20 68.80
CA LEU I 232 76.58 -50.62 68.42
C LEU I 232 77.92 -51.31 68.11
N SER I 233 78.98 -50.58 67.75
CA SER I 233 80.27 -51.24 67.40
C SER I 233 80.72 -52.04 68.62
N ILE I 234 81.32 -53.19 68.42
CA ILE I 234 81.49 -54.16 69.54
C ILE I 234 82.53 -53.72 70.56
N PRO I 235 83.55 -52.90 70.26
CA PRO I 235 84.46 -52.43 71.32
C PRO I 235 83.71 -51.63 72.40
N ILE I 236 82.61 -50.98 72.02
CA ILE I 236 81.71 -50.23 72.94
C ILE I 236 80.61 -51.20 73.43
N SER I 237 79.91 -51.89 72.54
CA SER I 237 78.66 -52.61 72.88
C SER I 237 78.97 -53.82 73.75
N CYS I 238 80.07 -54.52 73.51
CA CYS I 238 80.39 -55.72 74.31
C CYS I 238 80.50 -55.38 75.79
N PRO I 239 81.45 -54.52 76.24
CA PRO I 239 81.56 -54.21 77.66
C PRO I 239 80.32 -53.51 78.22
N LEU I 240 79.65 -52.66 77.45
CA LEU I 240 78.51 -51.87 77.96
C LEU I 240 77.30 -52.76 78.16
N ILE I 241 77.20 -53.88 77.44
CA ILE I 241 76.08 -54.84 77.60
C ILE I 241 76.36 -55.64 78.87
N GLY I 242 77.62 -56.00 79.12
CA GLY I 242 78.09 -56.49 80.42
C GLY I 242 77.62 -55.59 81.56
N VAL I 243 77.85 -54.28 81.43
CA VAL I 243 77.60 -53.27 82.50
C VAL I 243 76.09 -53.21 82.75
N ILE I 244 75.29 -53.20 81.70
CA ILE I 244 73.81 -53.20 81.80
C ILE I 244 73.36 -54.40 82.64
N GLN I 245 73.91 -55.57 82.35
CA GLN I 245 73.50 -56.86 82.98
C GLN I 245 73.93 -56.86 84.45
N LEU I 246 75.18 -56.53 84.72
CA LEU I 246 75.68 -56.36 86.10
C LEU I 246 74.85 -55.32 86.87
N ALA I 247 74.47 -54.22 86.23
CA ALA I 247 73.66 -53.15 86.85
C ALA I 247 72.31 -53.71 87.24
N HIS I 248 71.66 -54.48 86.35
CA HIS I 248 70.34 -55.11 86.63
C HIS I 248 70.50 -56.11 87.79
N TYR I 249 71.62 -56.82 87.82
CA TYR I 249 71.90 -57.82 88.88
C TYR I 249 72.00 -57.11 90.24
N VAL I 250 72.64 -55.95 90.26
CA VAL I 250 72.88 -55.12 91.47
C VAL I 250 71.56 -54.49 91.92
N VAL I 251 70.84 -53.84 91.03
CA VAL I 251 69.49 -53.32 91.35
C VAL I 251 68.66 -54.44 91.97
N THR I 252 68.71 -55.65 91.41
CA THR I 252 67.92 -56.81 91.90
C THR I 252 68.39 -57.14 93.32
N ALA I 253 69.69 -57.35 93.52
CA ALA I 253 70.28 -57.76 94.81
C ALA I 253 69.97 -56.71 95.89
N LYS I 254 70.08 -55.43 95.56
CA LYS I 254 69.98 -54.33 96.56
C LYS I 254 68.53 -54.16 96.98
N LEU I 255 67.58 -54.18 96.04
CA LEU I 255 66.14 -54.04 96.35
C LEU I 255 65.59 -55.26 97.11
N LEU I 256 66.31 -56.39 97.11
CA LEU I 256 65.97 -57.61 97.91
C LEU I 256 66.75 -57.61 99.23
N GLY I 257 67.64 -56.63 99.42
CA GLY I 257 68.59 -56.57 100.55
C GLY I 257 69.52 -57.76 100.60
N PHE I 258 69.90 -58.32 99.45
CA PHE I 258 70.91 -59.40 99.37
C PHE I 258 72.28 -58.79 99.06
N THR I 259 73.33 -59.49 99.45
CA THR I 259 74.69 -59.37 98.86
C THR I 259 74.63 -60.06 97.50
N PRO I 260 75.56 -59.76 96.58
CA PRO I 260 75.66 -60.49 95.31
C PRO I 260 75.70 -62.01 95.51
N GLY I 261 76.53 -62.47 96.45
CA GLY I 261 76.69 -63.90 96.81
C GLY I 261 75.40 -64.49 97.35
N GLU I 262 74.63 -63.72 98.11
CA GLU I 262 73.33 -64.19 98.67
C GLU I 262 72.38 -64.45 97.50
N LEU I 263 72.22 -63.47 96.60
CA LEU I 263 71.35 -63.58 95.40
C LEU I 263 71.85 -64.78 94.57
N ARG I 264 73.16 -64.91 94.41
CA ARG I 264 73.80 -66.03 93.68
C ARG I 264 73.40 -67.37 94.32
N SER I 265 73.32 -67.43 95.65
CA SER I 265 73.12 -68.69 96.42
C SER I 265 71.68 -69.18 96.24
N TYR I 266 70.76 -68.26 95.99
CA TYR I 266 69.34 -68.55 95.66
C TYR I 266 69.22 -69.15 94.25
N LEU I 267 70.25 -69.06 93.41
CA LEU I 267 70.21 -69.55 92.00
C LEU I 267 70.66 -71.00 91.96
N LYS I 268 69.92 -71.84 91.25
CA LYS I 268 70.35 -73.22 90.92
C LYS I 268 71.49 -73.17 89.90
N GLY I 269 71.54 -72.13 89.06
CA GLY I 269 72.53 -72.03 87.96
C GLY I 269 72.46 -70.70 87.25
N ALA I 270 73.43 -70.48 86.37
CA ALA I 270 73.49 -69.27 85.51
C ALA I 270 73.94 -69.70 84.13
N THR I 271 73.49 -68.97 83.13
CA THR I 271 74.11 -69.08 81.81
C THR I 271 73.80 -67.82 81.03
N GLY I 272 74.36 -67.75 79.85
CA GLY I 272 74.22 -66.58 79.00
C GLY I 272 74.33 -66.97 77.56
N HIS I 273 73.72 -66.15 76.73
CA HIS I 273 73.60 -66.33 75.28
C HIS I 273 74.70 -65.46 74.66
N SER I 274 75.68 -66.09 74.02
CA SER I 274 76.80 -65.37 73.40
C SER I 274 77.59 -64.72 74.55
N GLN I 275 77.75 -63.40 74.58
CA GLN I 275 78.62 -62.68 75.56
C GLN I 275 77.98 -62.63 76.97
N GLY I 276 76.68 -62.96 77.11
CA GLY I 276 76.01 -63.08 78.42
C GLY I 276 76.72 -64.08 79.31
N LEU I 277 77.35 -65.09 78.71
CA LEU I 277 78.06 -66.17 79.42
C LEU I 277 79.21 -65.60 80.26
N VAL I 278 79.73 -64.42 79.93
CA VAL I 278 80.81 -63.78 80.73
C VAL I 278 80.21 -63.25 82.02
N THR I 279 79.08 -62.54 81.90
CA THR I 279 78.34 -62.00 83.06
C THR I 279 77.88 -63.16 83.96
N ALA I 280 77.47 -64.29 83.39
CA ALA I 280 76.99 -65.47 84.13
C ALA I 280 78.12 -66.04 85.01
N VAL I 281 79.33 -66.19 84.47
CA VAL I 281 80.49 -66.70 85.25
C VAL I 281 80.89 -65.67 86.30
N ALA I 282 80.82 -64.37 85.97
CA ALA I 282 81.22 -63.26 86.87
C ALA I 282 80.35 -63.29 88.12
N ILE I 283 79.02 -63.31 87.97
CA ILE I 283 78.04 -63.32 89.10
C ILE I 283 78.12 -64.64 89.86
N ALA I 284 78.51 -65.74 89.21
CA ALA I 284 78.73 -67.06 89.85
C ALA I 284 79.90 -67.00 90.85
N GLU I 285 80.86 -66.10 90.66
CA GLU I 285 82.05 -65.97 91.54
C GLU I 285 81.76 -65.05 92.73
N THR I 286 80.73 -64.21 92.66
CA THR I 286 80.52 -63.07 93.60
C THR I 286 80.21 -63.60 95.01
N ASP I 287 80.62 -62.86 96.05
CA ASP I 287 80.35 -63.19 97.48
C ASP I 287 79.77 -61.93 98.15
N SER I 288 80.58 -60.92 98.43
CA SER I 288 80.22 -59.73 99.23
C SER I 288 80.24 -58.46 98.36
N TRP I 289 79.61 -57.37 98.81
CA TRP I 289 79.64 -56.04 98.13
C TRP I 289 81.07 -55.50 98.02
N GLU I 290 81.98 -55.89 98.92
CA GLU I 290 83.37 -55.35 98.98
C GLU I 290 84.15 -55.90 97.80
N SER I 291 84.00 -57.21 97.52
CA SER I 291 84.76 -57.98 96.50
C SER I 291 83.96 -58.11 95.20
N PHE I 292 82.81 -57.43 95.07
CA PHE I 292 81.93 -57.51 93.88
C PHE I 292 82.61 -56.85 92.68
N PHE I 293 83.29 -55.74 92.93
CA PHE I 293 84.03 -54.96 91.91
C PHE I 293 85.21 -55.75 91.37
N VAL I 294 85.65 -56.82 92.04
CA VAL I 294 86.67 -57.77 91.51
C VAL I 294 86.04 -58.53 90.35
N SER I 295 84.85 -59.10 90.56
CA SER I 295 84.07 -59.85 89.55
C SER I 295 83.65 -58.90 88.41
N VAL I 296 83.22 -57.68 88.73
CA VAL I 296 82.83 -56.68 87.70
C VAL I 296 84.03 -56.41 86.78
N ARG I 297 85.20 -56.15 87.36
CA ARG I 297 86.45 -55.87 86.61
C ARG I 297 86.72 -57.01 85.63
N LYS I 298 86.73 -58.25 86.12
CA LYS I 298 87.01 -59.45 85.28
C LYS I 298 86.06 -59.49 84.08
N ALA I 299 84.76 -59.26 84.31
CA ALA I 299 83.71 -59.35 83.28
C ALA I 299 83.94 -58.23 82.25
N ILE I 300 84.01 -56.97 82.70
CA ILE I 300 84.28 -55.78 81.86
C ILE I 300 85.56 -56.00 81.05
N THR I 301 86.58 -56.60 81.65
CA THR I 301 87.90 -56.79 80.99
C THR I 301 87.78 -57.87 79.91
N VAL I 302 87.11 -58.98 80.19
CA VAL I 302 86.91 -60.03 79.15
C VAL I 302 86.17 -59.39 77.98
N LEU I 303 85.11 -58.64 78.26
CA LEU I 303 84.22 -58.12 77.21
C LEU I 303 84.95 -57.01 76.43
N PHE I 304 85.81 -56.26 77.11
CA PHE I 304 86.63 -55.21 76.47
C PHE I 304 87.51 -55.85 75.39
N PHE I 305 88.20 -56.93 75.74
CA PHE I 305 89.17 -57.59 74.84
C PHE I 305 88.46 -58.37 73.75
N ILE I 306 87.31 -58.95 74.03
CA ILE I 306 86.48 -59.60 72.98
C ILE I 306 86.09 -58.50 71.97
N GLY I 307 85.50 -57.41 72.44
CA GLY I 307 85.05 -56.28 71.60
C GLY I 307 86.19 -55.76 70.73
N VAL I 308 87.32 -55.47 71.35
CA VAL I 308 88.48 -54.81 70.71
C VAL I 308 89.13 -55.78 69.73
N ARG I 309 89.41 -57.01 70.13
CA ARG I 309 90.16 -57.95 69.27
C ARG I 309 89.30 -58.42 68.10
N CYS I 310 88.03 -58.70 68.36
CA CYS I 310 87.06 -59.19 67.36
C CYS I 310 86.82 -58.09 66.32
N TYR I 311 86.74 -56.84 66.77
CA TYR I 311 86.58 -55.69 65.85
C TYR I 311 87.82 -55.57 64.95
N GLU I 312 89.02 -55.76 65.52
CA GLU I 312 90.31 -55.68 64.79
C GLU I 312 90.41 -56.85 63.79
N ALA I 313 89.86 -58.02 64.12
CA ALA I 313 89.90 -59.22 63.26
C ALA I 313 88.91 -59.07 62.09
N TYR I 314 87.81 -58.36 62.30
CA TYR I 314 86.75 -58.19 61.27
C TYR I 314 86.03 -56.87 61.43
N PRO I 315 86.68 -55.75 61.06
CA PRO I 315 85.99 -54.47 61.08
C PRO I 315 84.90 -54.42 60.01
N ASN I 316 83.84 -53.69 60.31
CA ASN I 316 82.75 -53.44 59.35
C ASN I 316 83.30 -52.47 58.30
N THR I 317 82.95 -52.71 57.04
CA THR I 317 83.27 -51.82 55.90
C THR I 317 81.96 -51.35 55.28
N SER I 318 82.02 -50.27 54.49
CA SER I 318 80.85 -49.74 53.76
C SER I 318 80.29 -50.86 52.86
N LEU I 319 78.98 -51.01 52.85
CA LEU I 319 78.27 -51.96 51.98
C LEU I 319 77.83 -51.20 50.73
N PRO I 320 77.99 -51.79 49.52
CA PRO I 320 77.54 -51.16 48.30
C PRO I 320 76.14 -50.60 48.41
N PRO I 321 75.91 -49.30 48.12
CA PRO I 321 74.58 -48.71 48.22
C PRO I 321 73.46 -49.43 47.44
N SER I 322 73.82 -50.12 46.36
CA SER I 322 72.88 -50.89 45.51
C SER I 322 72.30 -52.04 46.35
N ILE I 323 73.16 -52.72 47.10
CA ILE I 323 72.78 -53.79 48.08
C ILE I 323 71.91 -53.20 49.19
N LEU I 324 72.25 -52.02 49.74
CA LEU I 324 71.45 -51.38 50.82
C LEU I 324 70.07 -51.03 50.26
N GLU I 325 70.02 -50.43 49.07
CA GLU I 325 68.77 -49.96 48.41
C GLU I 325 67.86 -51.17 48.15
N ASP I 326 68.41 -52.27 47.63
CA ASP I 326 67.68 -53.52 47.33
C ASP I 326 67.11 -54.10 48.63
N SER I 327 67.91 -54.23 49.68
CA SER I 327 67.49 -54.77 51.00
C SER I 327 66.35 -53.94 51.59
N LEU I 328 66.37 -52.61 51.45
CA LEU I 328 65.33 -51.70 52.01
C LEU I 328 64.04 -51.78 51.16
N GLU I 329 64.17 -51.91 49.83
CA GLU I 329 63.01 -51.95 48.90
C GLU I 329 62.32 -53.31 48.98
N ASN I 330 63.03 -54.36 49.39
CA ASN I 330 62.49 -55.74 49.58
C ASN I 330 62.16 -55.99 51.05
N ASN I 331 61.96 -54.94 51.85
CA ASN I 331 61.55 -55.00 53.28
C ASN I 331 62.39 -56.05 54.05
N GLU I 332 63.67 -56.16 53.72
CA GLU I 332 64.69 -56.83 54.56
C GLU I 332 65.38 -55.74 55.38
N GLY I 333 66.17 -56.14 56.37
CA GLY I 333 66.87 -55.17 57.23
C GLY I 333 67.98 -54.48 56.45
N VAL I 334 68.58 -53.47 57.07
CA VAL I 334 69.96 -53.02 56.76
C VAL I 334 70.88 -54.21 56.99
N PRO I 335 71.59 -54.73 55.98
CA PRO I 335 72.44 -55.90 56.18
C PRO I 335 73.45 -55.72 57.31
N SER I 336 73.82 -56.84 57.91
CA SER I 336 74.67 -56.93 59.11
C SER I 336 75.30 -58.30 59.07
N PRO I 337 76.31 -58.56 59.90
CA PRO I 337 76.96 -59.86 59.89
C PRO I 337 76.21 -61.02 60.56
N MET I 338 74.95 -60.85 60.91
CA MET I 338 74.16 -61.93 61.56
C MET I 338 72.72 -61.83 61.08
N LEU I 339 72.26 -62.88 60.43
CA LEU I 339 70.91 -62.93 59.84
C LEU I 339 70.10 -63.94 60.66
N SER I 340 68.94 -63.53 61.15
CA SER I 340 68.00 -64.42 61.90
C SER I 340 66.97 -64.98 60.93
N ILE I 341 66.81 -66.30 60.93
CA ILE I 341 65.81 -67.01 60.10
C ILE I 341 64.83 -67.75 61.01
N SER I 342 63.58 -67.28 61.06
CA SER I 342 62.44 -67.83 61.83
C SER I 342 61.53 -68.68 60.93
N ASN I 343 61.21 -69.90 61.39
CA ASN I 343 60.12 -70.78 60.89
C ASN I 343 60.68 -71.77 59.88
N LEU I 344 61.99 -71.90 59.82
CA LEU I 344 62.68 -72.98 59.07
C LEU I 344 63.46 -73.82 60.07
N THR I 345 63.57 -75.09 59.77
CA THR I 345 64.36 -76.08 60.54
C THR I 345 65.85 -75.77 60.31
N GLN I 346 66.70 -76.24 61.21
CA GLN I 346 68.17 -76.16 61.10
C GLN I 346 68.65 -76.85 59.83
N GLU I 347 68.03 -77.98 59.44
CA GLU I 347 68.42 -78.76 58.24
C GLU I 347 68.16 -77.89 57.00
N GLN I 348 67.00 -77.27 56.96
CA GLN I 348 66.54 -76.41 55.84
C GLN I 348 67.48 -75.21 55.69
N VAL I 349 67.75 -74.51 56.79
CA VAL I 349 68.69 -73.36 56.83
C VAL I 349 70.07 -73.86 56.40
N GLN I 350 70.53 -75.00 56.92
CA GLN I 350 71.87 -75.56 56.61
C GLN I 350 71.98 -75.94 55.13
N ASP I 351 70.87 -76.30 54.48
CA ASP I 351 70.81 -76.63 53.04
C ASP I 351 71.05 -75.35 52.23
N TYR I 352 70.34 -74.28 52.57
CA TYR I 352 70.49 -72.95 51.93
C TYR I 352 71.88 -72.36 52.17
N VAL I 353 72.49 -72.56 53.34
CA VAL I 353 73.86 -72.02 53.58
C VAL I 353 74.86 -72.89 52.82
N ASN I 354 74.56 -74.18 52.63
CA ASN I 354 75.46 -75.09 51.87
C ASN I 354 75.49 -74.63 50.40
N LYS I 355 74.32 -74.32 49.83
CA LYS I 355 74.16 -73.84 48.43
C LYS I 355 74.96 -72.55 48.25
N THR I 356 74.74 -71.55 49.11
CA THR I 356 75.46 -70.26 49.12
C THR I 356 76.97 -70.47 49.27
N ASN I 357 77.39 -71.34 50.19
CA ASN I 357 78.82 -71.52 50.54
C ASN I 357 79.57 -72.25 49.42
N SER I 358 78.88 -73.06 48.61
CA SER I 358 79.48 -73.81 47.47
C SER I 358 80.11 -72.81 46.49
N HIS I 359 79.37 -71.76 46.13
CA HIS I 359 79.81 -70.67 45.23
C HIS I 359 80.90 -69.79 45.89
N LEU I 360 80.72 -69.41 47.15
CA LEU I 360 81.63 -68.46 47.87
C LEU I 360 82.96 -69.14 48.17
N PRO I 361 84.07 -68.37 48.21
CA PRO I 361 85.35 -68.85 48.74
C PRO I 361 85.33 -68.86 50.27
N ALA I 362 86.31 -69.51 50.91
CA ALA I 362 86.35 -69.88 52.34
C ALA I 362 86.15 -68.67 53.27
N GLY I 363 86.87 -67.58 53.03
CA GLY I 363 86.85 -66.38 53.88
C GLY I 363 85.56 -65.59 53.78
N LYS I 364 84.66 -65.96 52.87
CA LYS I 364 83.38 -65.25 52.67
C LYS I 364 82.21 -66.16 53.05
N GLN I 365 82.49 -67.40 53.48
CA GLN I 365 81.45 -68.41 53.79
C GLN I 365 80.73 -68.02 55.09
N VAL I 366 79.42 -68.27 55.09
CA VAL I 366 78.50 -68.07 56.23
C VAL I 366 78.33 -69.39 57.01
N GLU I 367 77.88 -69.32 58.25
CA GLU I 367 77.67 -70.54 59.08
C GLU I 367 76.58 -70.29 60.09
N ILE I 368 75.90 -71.35 60.50
CA ILE I 368 74.86 -71.24 61.57
C ILE I 368 75.62 -70.92 62.85
N SER I 369 75.30 -69.76 63.44
CA SER I 369 76.01 -69.19 64.62
C SER I 369 75.20 -69.45 65.89
N LEU I 370 73.89 -69.22 65.85
CA LEU I 370 72.97 -69.45 66.99
C LEU I 370 71.84 -70.38 66.56
N VAL I 371 71.72 -71.52 67.22
CA VAL I 371 70.49 -72.37 67.21
C VAL I 371 69.70 -72.00 68.46
N ASN I 372 68.80 -71.04 68.33
CA ASN I 372 68.04 -70.40 69.41
C ASN I 372 66.79 -71.24 69.75
N GLY I 373 66.41 -72.16 68.87
CA GLY I 373 65.13 -72.90 68.90
C GLY I 373 65.06 -73.82 67.71
N ALA I 374 64.06 -74.69 67.64
CA ALA I 374 63.89 -75.68 66.56
C ALA I 374 63.77 -74.95 65.21
N LYS I 375 63.10 -73.79 65.19
CA LYS I 375 62.84 -72.98 63.97
C LYS I 375 63.18 -71.50 64.24
N ASN I 376 64.35 -71.27 64.85
CA ASN I 376 64.86 -69.92 65.20
C ASN I 376 66.37 -69.97 65.12
N LEU I 377 66.92 -69.63 63.95
CA LEU I 377 68.35 -69.84 63.65
C LEU I 377 68.97 -68.49 63.34
N VAL I 378 70.26 -68.39 63.57
CA VAL I 378 71.04 -67.17 63.21
C VAL I 378 72.27 -67.62 62.45
N VAL I 379 72.50 -66.93 61.33
CA VAL I 379 73.63 -67.21 60.42
C VAL I 379 74.56 -66.00 60.51
N SER I 380 75.83 -66.29 60.71
CA SER I 380 76.92 -65.31 60.80
C SER I 380 77.79 -65.41 59.54
N GLY I 381 78.29 -64.27 59.10
CA GLY I 381 79.33 -64.17 58.08
C GLY I 381 79.32 -62.78 57.49
N PRO I 382 80.04 -62.56 56.36
CA PRO I 382 80.10 -61.23 55.78
C PRO I 382 78.71 -60.71 55.47
N PRO I 383 78.38 -59.46 55.78
CA PRO I 383 77.08 -58.92 55.44
C PRO I 383 76.72 -59.16 53.96
N GLN I 384 77.69 -59.04 53.04
CA GLN I 384 77.43 -59.25 51.58
C GLN I 384 77.12 -60.73 51.33
N SER I 385 77.86 -61.65 51.94
CA SER I 385 77.61 -63.10 51.82
C SER I 385 76.20 -63.41 52.34
N LEU I 386 75.75 -62.74 53.40
CA LEU I 386 74.42 -63.00 54.01
C LEU I 386 73.35 -62.32 53.17
N TYR I 387 73.69 -61.26 52.46
CA TYR I 387 72.74 -60.62 51.52
C TYR I 387 72.52 -61.59 50.36
N GLY I 388 73.57 -62.31 49.97
CA GLY I 388 73.57 -63.41 49.00
C GLY I 388 72.68 -64.55 49.41
N LEU I 389 72.86 -65.06 50.62
CA LEU I 389 71.93 -66.04 51.24
C LEU I 389 70.50 -65.49 51.19
N ASN I 390 70.30 -64.24 51.58
CA ASN I 390 68.96 -63.61 51.63
C ASN I 390 68.32 -63.58 50.24
N LEU I 391 69.09 -63.40 49.15
CA LEU I 391 68.55 -63.39 47.76
C LEU I 391 68.03 -64.80 47.44
N THR I 392 68.82 -65.83 47.74
CA THR I 392 68.41 -67.25 47.62
C THR I 392 67.14 -67.52 48.42
N LEU I 393 67.02 -66.98 49.64
CA LEU I 393 65.85 -67.22 50.53
C LEU I 393 64.61 -66.52 49.99
N ARG I 394 64.74 -65.31 49.42
CA ARG I 394 63.55 -64.47 49.07
C ARG I 394 62.82 -65.07 47.87
N LYS I 395 63.50 -65.90 47.08
CA LYS I 395 62.91 -66.73 46.01
C LYS I 395 62.08 -67.86 46.63
N ALA I 396 62.67 -68.58 47.59
CA ALA I 396 62.09 -69.79 48.23
C ALA I 396 60.91 -69.43 49.15
N LYS I 397 60.80 -68.19 49.63
CA LYS I 397 59.75 -67.79 50.60
C LYS I 397 58.52 -67.33 49.81
N ALA I 398 57.34 -67.76 50.25
CA ALA I 398 56.03 -67.33 49.72
C ALA I 398 55.71 -65.94 50.26
N PRO I 399 55.00 -65.07 49.52
CA PRO I 399 54.53 -63.79 50.05
C PRO I 399 53.78 -63.95 51.39
N SER I 400 53.89 -62.95 52.26
CA SER I 400 53.29 -62.93 53.62
C SER I 400 51.75 -62.96 53.52
N GLY I 401 51.18 -62.19 52.59
CA GLY I 401 49.73 -62.10 52.34
C GLY I 401 49.24 -63.03 51.24
N LEU I 402 49.84 -64.23 51.12
CA LEU I 402 49.37 -65.31 50.20
C LEU I 402 48.40 -66.22 50.97
N ASP I 403 47.21 -66.43 50.43
CA ASP I 403 46.21 -67.42 50.94
C ASP I 403 46.57 -68.78 50.36
N GLN I 404 46.88 -69.75 51.23
CA GLN I 404 47.16 -71.15 50.85
C GLN I 404 46.16 -72.09 51.54
N SER I 405 45.08 -71.55 52.11
CA SER I 405 44.03 -72.31 52.82
C SER I 405 43.36 -73.34 51.88
N ARG I 406 43.23 -73.01 50.59
CA ARG I 406 42.58 -73.85 49.55
C ARG I 406 43.62 -74.73 48.83
N ILE I 407 44.86 -74.78 49.31
CA ILE I 407 45.93 -75.67 48.77
C ILE I 407 46.11 -76.81 49.78
N PRO I 408 46.25 -78.07 49.35
CA PRO I 408 46.59 -79.16 50.25
C PRO I 408 47.87 -78.87 51.04
N PHE I 409 47.90 -79.26 52.32
CA PHE I 409 48.93 -78.88 53.31
C PHE I 409 50.34 -79.09 52.75
N SER I 410 50.64 -80.30 52.27
CA SER I 410 51.98 -80.75 51.81
C SER I 410 52.44 -80.01 50.54
N GLU I 411 51.52 -79.44 49.76
CA GLU I 411 51.80 -78.72 48.50
C GLU I 411 51.99 -77.22 48.76
N ARG I 412 51.88 -76.75 50.01
CA ARG I 412 51.98 -75.31 50.33
C ARG I 412 53.45 -74.87 50.22
N LYS I 413 53.67 -73.63 49.80
CA LYS I 413 55.02 -73.03 49.75
C LYS I 413 55.38 -72.59 51.17
N LEU I 414 56.49 -73.12 51.71
CA LEU I 414 56.95 -72.81 53.10
C LEU I 414 57.08 -71.28 53.23
N LYS I 415 56.53 -70.73 54.31
CA LYS I 415 56.64 -69.29 54.62
C LYS I 415 57.45 -69.13 55.91
N PHE I 416 58.34 -68.16 55.92
CA PHE I 416 59.32 -67.92 57.00
C PHE I 416 59.72 -66.46 57.00
N SER I 417 60.48 -66.08 58.02
CA SER I 417 60.96 -64.71 58.29
C SER I 417 62.48 -64.71 58.26
N ASN I 418 63.05 -63.61 57.81
CA ASN I 418 64.51 -63.37 57.80
C ASN I 418 64.70 -61.87 58.03
N ARG I 419 65.45 -61.53 59.06
CA ARG I 419 65.83 -60.13 59.35
C ARG I 419 67.28 -60.15 59.78
N PHE I 420 68.01 -59.14 59.37
CA PHE I 420 69.37 -58.86 59.89
C PHE I 420 69.24 -58.43 61.34
N LEU I 421 70.09 -58.96 62.21
CA LEU I 421 70.13 -58.55 63.63
C LEU I 421 70.85 -57.21 63.76
N PRO I 422 70.41 -56.37 64.73
CA PRO I 422 71.13 -55.14 65.06
C PRO I 422 72.41 -55.43 65.85
N VAL I 423 73.42 -55.89 65.14
CA VAL I 423 74.76 -56.27 65.66
C VAL I 423 75.78 -55.81 64.61
N ALA I 424 77.06 -55.69 64.98
CA ALA I 424 78.09 -55.09 64.11
C ALA I 424 79.27 -56.03 63.90
N SER I 425 79.22 -57.25 64.42
CA SER I 425 80.30 -58.24 64.26
C SER I 425 79.70 -59.61 64.07
N PRO I 426 80.37 -60.50 63.29
CA PRO I 426 79.89 -61.86 63.10
C PRO I 426 80.32 -62.79 64.24
N PHE I 427 79.62 -62.75 65.37
CA PHE I 427 79.93 -63.66 66.51
C PHE I 427 79.75 -65.11 66.07
N HIS I 428 80.50 -66.00 66.70
CA HIS I 428 80.36 -67.47 66.53
C HIS I 428 80.68 -67.85 65.09
N SER I 429 81.76 -67.29 64.52
CA SER I 429 82.15 -67.45 63.10
C SER I 429 83.66 -67.57 62.95
N HIS I 430 84.08 -68.27 61.90
CA HIS I 430 85.48 -68.47 61.44
C HIS I 430 86.15 -67.11 61.28
N LEU I 431 85.39 -66.07 60.94
CA LEU I 431 85.90 -64.69 60.75
C LEU I 431 86.59 -64.15 62.00
N LEU I 432 86.17 -64.56 63.20
CA LEU I 432 86.67 -63.97 64.46
C LEU I 432 87.73 -64.85 65.10
N VAL I 433 87.97 -66.04 64.54
CA VAL I 433 88.92 -67.06 65.10
C VAL I 433 90.33 -66.49 65.28
N PRO I 434 90.87 -65.66 64.35
CA PRO I 434 92.20 -65.06 64.55
C PRO I 434 92.34 -64.27 65.87
N ALA I 435 91.26 -63.65 66.34
CA ALA I 435 91.20 -62.86 67.59
C ALA I 435 91.36 -63.74 68.83
N SER I 436 91.12 -65.06 68.74
CA SER I 436 91.13 -66.01 69.89
C SER I 436 92.42 -65.87 70.72
N ASP I 437 93.57 -66.11 70.08
CA ASP I 437 94.91 -66.13 70.73
C ASP I 437 95.20 -64.75 71.35
N LEU I 438 94.79 -63.68 70.67
CA LEU I 438 95.06 -62.29 71.12
C LEU I 438 94.24 -62.01 72.38
N ILE I 439 92.98 -62.45 72.44
CA ILE I 439 92.11 -62.26 73.63
C ILE I 439 92.70 -63.06 74.80
N ASN I 440 93.12 -64.31 74.57
CA ASN I 440 93.68 -65.18 75.64
C ASN I 440 94.90 -64.48 76.25
N LYS I 441 95.84 -64.03 75.40
CA LYS I 441 97.09 -63.32 75.83
C LYS I 441 96.76 -62.03 76.60
N ASP I 442 95.74 -61.29 76.16
CA ASP I 442 95.32 -60.03 76.83
C ASP I 442 94.77 -60.34 78.22
N LEU I 443 94.08 -61.47 78.38
CA LEU I 443 93.49 -61.87 79.68
C LEU I 443 94.62 -62.29 80.63
N VAL I 444 95.63 -63.06 80.19
CA VAL I 444 96.77 -63.47 81.08
C VAL I 444 97.55 -62.20 81.46
N LYS I 445 97.66 -61.23 80.57
CA LYS I 445 98.37 -59.94 80.80
C LYS I 445 97.63 -59.11 81.84
N ASN I 446 96.30 -58.99 81.76
CA ASN I 446 95.45 -58.16 82.68
C ASN I 446 94.93 -59.01 83.87
N ASN I 447 95.50 -60.20 84.10
CA ASN I 447 95.27 -61.06 85.30
C ASN I 447 93.77 -61.33 85.47
N VAL I 448 93.15 -61.83 84.41
CA VAL I 448 91.72 -62.24 84.40
C VAL I 448 91.68 -63.75 84.14
N SER I 449 91.35 -64.51 85.17
CA SER I 449 91.05 -65.95 85.11
C SER I 449 89.77 -66.21 85.90
N PHE I 450 89.13 -67.34 85.62
CA PHE I 450 87.96 -67.87 86.36
C PHE I 450 88.32 -69.28 86.81
N ASN I 451 88.42 -69.48 88.13
CA ASN I 451 88.76 -70.78 88.77
C ASN I 451 87.46 -71.52 89.11
N ALA I 452 87.41 -72.82 88.80
CA ALA I 452 86.25 -73.71 89.04
C ALA I 452 85.83 -73.65 90.52
N LYS I 453 86.81 -73.67 91.43
CA LYS I 453 86.58 -73.64 92.91
C LYS I 453 85.99 -72.29 93.36
N ASP I 454 86.18 -71.20 92.61
CA ASP I 454 85.60 -69.86 92.91
C ASP I 454 84.17 -69.74 92.37
N ILE I 455 83.78 -70.62 91.42
CA ILE I 455 82.44 -70.59 90.76
C ILE I 455 81.50 -71.47 91.58
N GLN I 456 80.54 -70.85 92.27
CA GLN I 456 79.79 -71.45 93.40
C GLN I 456 78.53 -72.16 92.88
N ILE I 457 77.97 -71.69 91.75
CA ILE I 457 76.81 -72.34 91.07
C ILE I 457 77.29 -72.86 89.72
N PRO I 458 76.61 -73.88 89.16
CA PRO I 458 76.87 -74.30 87.80
C PRO I 458 76.66 -73.15 86.80
N VAL I 459 77.55 -73.05 85.83
CA VAL I 459 77.45 -72.13 84.67
C VAL I 459 77.51 -73.00 83.43
N TYR I 460 76.45 -73.00 82.64
CA TYR I 460 76.27 -73.96 81.52
C TYR I 460 76.94 -73.37 80.28
N ASP I 461 77.80 -74.16 79.65
CA ASP I 461 78.43 -73.94 78.33
C ASP I 461 77.35 -73.71 77.27
N THR I 462 77.53 -72.74 76.37
CA THR I 462 76.54 -72.42 75.32
C THR I 462 76.65 -73.39 74.12
N PHE I 463 77.63 -74.28 74.08
CA PHE I 463 77.79 -75.24 72.95
C PHE I 463 77.22 -76.61 73.31
N ASP I 464 77.63 -77.19 74.45
CA ASP I 464 77.24 -78.59 74.84
C ASP I 464 76.40 -78.62 76.13
N GLY I 465 76.15 -77.47 76.77
CA GLY I 465 75.31 -77.38 77.98
C GLY I 465 75.94 -78.01 79.20
N SER I 466 77.23 -78.35 79.16
CA SER I 466 78.00 -78.92 80.29
C SER I 466 78.29 -77.80 81.29
N ASP I 467 78.50 -78.15 82.55
CA ASP I 467 78.94 -77.20 83.60
C ASP I 467 80.38 -76.79 83.27
N LEU I 468 80.68 -75.49 83.25
CA LEU I 468 82.04 -74.95 82.99
C LEU I 468 83.00 -75.34 84.12
N ARG I 469 82.48 -75.60 85.33
CA ARG I 469 83.28 -75.95 86.54
C ARG I 469 83.98 -77.32 86.38
N VAL I 470 83.46 -78.21 85.54
CA VAL I 470 84.05 -79.57 85.30
C VAL I 470 85.03 -79.55 84.12
N LEU I 471 85.43 -78.38 83.61
CA LEU I 471 86.46 -78.24 82.54
C LEU I 471 87.84 -78.56 83.12
N SER I 472 88.64 -79.32 82.37
CA SER I 472 90.09 -79.55 82.62
C SER I 472 90.85 -78.23 82.42
N GLY I 473 90.66 -77.59 81.25
CA GLY I 473 91.43 -76.41 80.81
C GLY I 473 90.92 -75.11 81.39
N SER I 474 91.40 -73.99 80.83
CA SER I 474 91.02 -72.60 81.20
C SER I 474 89.54 -72.37 80.88
N ILE I 475 88.80 -71.84 81.85
CA ILE I 475 87.36 -71.52 81.68
C ILE I 475 87.26 -70.26 80.82
N SER I 476 88.12 -69.27 81.06
CA SER I 476 88.22 -68.00 80.30
C SER I 476 88.44 -68.28 78.81
N GLU I 477 89.29 -69.26 78.48
CA GLU I 477 89.60 -69.68 77.07
C GLU I 477 88.36 -70.33 76.47
N ARG I 478 87.68 -71.19 77.23
CA ARG I 478 86.45 -71.87 76.76
C ARG I 478 85.36 -70.83 76.53
N ILE I 479 85.21 -69.86 77.43
CA ILE I 479 84.13 -68.84 77.34
C ILE I 479 84.35 -68.01 76.08
N VAL I 480 85.59 -67.60 75.86
CA VAL I 480 86.01 -66.83 74.65
C VAL I 480 85.66 -67.68 73.42
N ASP I 481 86.06 -68.94 73.44
CA ASP I 481 85.79 -69.87 72.33
C ASP I 481 84.27 -69.90 72.06
N CYS I 482 83.46 -69.99 73.11
CA CYS I 482 81.98 -70.10 72.99
C CYS I 482 81.42 -68.84 72.34
N ILE I 483 82.01 -67.67 72.59
CA ILE I 483 81.50 -66.38 72.06
C ILE I 483 81.96 -66.16 70.61
N ILE I 484 83.23 -66.40 70.32
CA ILE I 484 83.83 -65.94 69.03
C ILE I 484 83.72 -67.06 67.98
N ARG I 485 83.85 -68.32 68.39
CA ARG I 485 83.97 -69.42 67.40
C ARG I 485 82.76 -70.36 67.46
N LEU I 486 82.52 -71.03 68.59
CA LEU I 486 81.54 -72.15 68.66
C LEU I 486 80.12 -71.60 68.56
N PRO I 487 79.20 -72.32 67.89
CA PRO I 487 77.81 -71.91 67.86
C PRO I 487 77.11 -72.05 69.22
N VAL I 488 76.08 -71.26 69.43
CA VAL I 488 75.23 -71.30 70.63
C VAL I 488 74.09 -72.27 70.33
N LYS I 489 74.05 -73.39 71.04
CA LYS I 489 72.94 -74.38 70.98
C LYS I 489 72.06 -74.12 72.20
N TRP I 490 71.11 -73.21 72.07
CA TRP I 490 70.39 -72.60 73.21
C TRP I 490 69.53 -73.65 73.91
N GLU I 491 68.88 -74.56 73.17
CA GLU I 491 68.01 -75.60 73.77
C GLU I 491 68.88 -76.64 74.47
N THR I 492 70.11 -76.84 74.01
CA THR I 492 71.06 -77.79 74.65
C THR I 492 71.54 -77.20 75.99
N THR I 493 71.85 -75.91 76.03
CA THR I 493 72.41 -75.24 77.24
C THR I 493 71.31 -75.03 78.28
N THR I 494 70.06 -74.82 77.85
CA THR I 494 68.88 -74.66 78.74
C THR I 494 68.21 -76.01 79.08
N GLN I 495 68.90 -77.15 79.02
CA GLN I 495 68.35 -78.49 79.40
C GLN I 495 68.17 -78.63 80.92
N PHE I 496 68.64 -77.67 81.71
CA PHE I 496 68.46 -77.60 83.19
C PHE I 496 66.97 -77.59 83.55
N LYS I 497 66.64 -78.12 84.73
CA LYS I 497 65.27 -78.12 85.32
C LYS I 497 65.17 -76.90 86.24
N ALA I 498 64.20 -76.02 85.99
CA ALA I 498 63.96 -74.80 86.79
C ALA I 498 62.49 -74.43 86.67
N THR I 499 61.92 -73.81 87.69
CA THR I 499 60.53 -73.32 87.65
C THR I 499 60.54 -71.89 87.17
N HIS I 500 61.65 -71.20 87.44
CA HIS I 500 61.77 -69.74 87.21
C HIS I 500 63.11 -69.47 86.53
N ILE I 501 63.10 -68.56 85.57
CA ILE I 501 64.29 -68.08 84.83
C ILE I 501 64.25 -66.56 84.92
N LEU I 502 65.30 -65.96 85.49
CA LEU I 502 65.47 -64.50 85.57
C LEU I 502 66.34 -64.07 84.39
N ASP I 503 65.79 -63.22 83.52
CA ASP I 503 66.50 -62.69 82.34
C ASP I 503 66.98 -61.29 82.70
N PHE I 504 68.27 -61.16 82.94
CA PHE I 504 68.89 -59.86 83.26
C PHE I 504 69.27 -59.14 81.97
N GLY I 505 69.54 -59.89 80.89
CA GLY I 505 70.19 -59.43 79.64
C GLY I 505 69.47 -58.21 79.13
N PRO I 506 69.97 -57.56 78.07
CA PRO I 506 69.33 -56.36 77.56
C PRO I 506 68.17 -56.77 76.65
N GLY I 507 67.29 -55.82 76.32
CA GLY I 507 66.24 -55.99 75.29
C GLY I 507 64.85 -56.13 75.86
N GLY I 508 64.70 -56.21 77.19
CA GLY I 508 63.40 -56.41 77.86
C GLY I 508 62.64 -57.55 77.22
N ALA I 509 61.47 -57.27 76.65
CA ALA I 509 60.55 -58.26 76.06
C ALA I 509 61.11 -58.80 74.73
N SER I 510 62.07 -58.10 74.12
CA SER I 510 62.74 -58.51 72.86
C SER I 510 63.99 -59.37 73.17
N GLY I 511 64.26 -59.60 74.45
CA GLY I 511 65.50 -60.24 74.91
C GLY I 511 65.44 -61.76 74.88
N LEU I 512 66.40 -62.37 75.55
CA LEU I 512 66.62 -63.82 75.65
C LEU I 512 65.50 -64.50 76.46
N GLY I 513 64.90 -63.78 77.40
CA GLY I 513 63.86 -64.34 78.27
C GLY I 513 62.67 -64.79 77.45
N VAL I 514 62.13 -63.90 76.63
CA VAL I 514 60.92 -64.20 75.82
C VAL I 514 61.25 -65.32 74.81
N LEU I 515 62.41 -65.29 74.19
CA LEU I 515 62.87 -66.42 73.34
C LEU I 515 62.80 -67.72 74.14
N THR I 516 63.35 -67.71 75.37
CA THR I 516 63.47 -68.93 76.21
C THR I 516 62.06 -69.40 76.62
N HIS I 517 61.17 -68.46 76.95
CA HIS I 517 59.74 -68.74 77.20
C HIS I 517 59.18 -69.55 76.04
N ARG I 518 59.27 -69.02 74.81
CA ARG I 518 58.75 -69.70 73.58
C ARG I 518 59.25 -71.14 73.51
N ASN I 519 60.52 -71.39 73.80
CA ASN I 519 61.10 -72.75 73.70
C ASN I 519 60.55 -73.67 74.79
N LYS I 520 60.18 -73.11 75.94
CA LYS I 520 59.90 -73.90 77.17
C LYS I 520 58.40 -73.86 77.51
N ASP I 521 57.57 -73.20 76.69
CA ASP I 521 56.10 -73.09 76.93
C ASP I 521 55.51 -74.48 77.18
N GLY I 522 54.72 -74.64 78.25
CA GLY I 522 54.01 -75.91 78.54
C GLY I 522 54.85 -76.93 79.30
N THR I 523 56.06 -76.58 79.76
CA THR I 523 56.93 -77.43 80.62
C THR I 523 56.89 -76.97 82.08
N GLY I 524 56.20 -75.87 82.40
CA GLY I 524 56.04 -75.38 83.78
C GLY I 524 57.22 -74.51 84.21
N VAL I 525 57.73 -73.70 83.28
CA VAL I 525 58.82 -72.73 83.53
C VAL I 525 58.26 -71.33 83.33
N ARG I 526 58.51 -70.47 84.29
CA ARG I 526 58.10 -69.06 84.27
C ARG I 526 59.38 -68.24 84.06
N VAL I 527 59.43 -67.48 82.98
CA VAL I 527 60.53 -66.52 82.72
C VAL I 527 60.16 -65.20 83.37
N ILE I 528 61.12 -64.55 84.02
CA ILE I 528 60.94 -63.16 84.50
C ILE I 528 62.00 -62.29 83.82
N VAL I 529 61.55 -61.24 83.17
CA VAL I 529 62.40 -60.22 82.53
C VAL I 529 62.78 -59.23 83.63
N ALA I 530 63.93 -59.47 84.26
CA ALA I 530 64.44 -58.80 85.46
C ALA I 530 64.86 -57.34 85.20
N GLY I 531 65.01 -56.93 83.95
CA GLY I 531 65.63 -55.63 83.59
C GLY I 531 64.59 -54.60 83.18
N THR I 532 63.34 -55.00 83.03
CA THR I 532 62.26 -54.13 82.48
C THR I 532 61.06 -54.22 83.40
N LEU I 533 60.58 -53.06 83.86
CA LEU I 533 59.23 -52.90 84.46
C LEU I 533 58.25 -52.62 83.33
N ASP I 534 57.30 -53.52 83.13
CA ASP I 534 56.20 -53.38 82.12
C ASP I 534 55.06 -54.31 82.55
N ILE I 535 53.95 -54.30 81.80
CA ILE I 535 52.74 -55.15 82.03
C ILE I 535 52.61 -56.07 80.83
N ASN I 536 52.60 -57.38 81.07
CA ASN I 536 52.29 -58.42 80.05
C ASN I 536 50.78 -58.64 80.09
N PRO I 537 50.02 -58.33 79.00
CA PRO I 537 48.58 -58.59 78.98
C PRO I 537 48.22 -60.09 79.07
N ASP I 538 48.97 -60.94 78.38
CA ASP I 538 48.79 -62.42 78.37
C ASP I 538 49.26 -63.04 79.70
N ASP I 539 50.18 -62.36 80.40
CA ASP I 539 50.75 -62.79 81.72
C ASP I 539 51.38 -64.18 81.59
N ASP I 540 51.99 -64.49 80.44
CA ASP I 540 52.66 -65.80 80.17
C ASP I 540 54.14 -65.74 80.59
N TYR I 541 54.68 -64.54 80.84
CA TYR I 541 56.00 -64.32 81.47
C TYR I 541 55.92 -63.07 82.33
N GLY I 542 56.86 -62.91 83.26
CA GLY I 542 56.86 -61.81 84.23
C GLY I 542 57.79 -60.67 83.84
N PHE I 543 57.63 -59.55 84.49
CA PHE I 543 58.55 -58.38 84.48
C PHE I 543 59.14 -58.18 85.87
N LYS I 544 60.02 -57.18 85.99
CA LYS I 544 60.77 -56.78 87.21
C LYS I 544 59.91 -56.98 88.47
N GLN I 545 58.68 -56.42 88.47
CA GLN I 545 57.80 -56.32 89.68
C GLN I 545 57.58 -57.68 90.33
N GLU I 546 57.55 -58.75 89.53
CA GLU I 546 57.32 -60.15 89.99
C GLU I 546 58.46 -60.64 90.90
N ILE I 547 59.67 -60.10 90.76
CA ILE I 547 60.86 -60.51 91.56
C ILE I 547 60.68 -60.00 92.99
N PHE I 548 60.10 -58.82 93.16
CA PHE I 548 60.09 -58.06 94.43
C PHE I 548 58.75 -58.22 95.15
N ASP I 549 57.69 -58.64 94.45
CA ASP I 549 56.31 -58.74 94.99
C ASP I 549 56.33 -59.71 96.17
N VAL I 550 55.75 -59.27 97.30
CA VAL I 550 55.74 -60.02 98.60
C VAL I 550 54.43 -60.81 98.72
N THR I 551 53.38 -60.41 97.99
CA THR I 551 52.06 -61.10 97.96
C THR I 551 52.20 -62.38 97.12
N SER I 552 51.10 -63.09 96.87
CA SER I 552 51.03 -64.32 96.02
C SER I 552 51.43 -64.01 94.56
N ASN I 553 51.27 -62.77 94.10
CA ASN I 553 51.56 -62.32 92.70
C ASN I 553 53.03 -62.55 92.35
N GLY I 554 53.93 -62.60 93.34
CA GLY I 554 55.37 -62.88 93.16
C GLY I 554 55.65 -64.32 92.78
N LEU I 555 54.82 -65.28 93.20
CA LEU I 555 55.00 -66.73 92.92
C LEU I 555 53.91 -67.19 91.94
N LYS I 556 53.96 -66.68 90.71
CA LYS I 556 53.18 -67.20 89.56
C LYS I 556 53.94 -68.37 88.94
N LYS I 557 53.31 -69.55 88.88
CA LYS I 557 53.83 -70.73 88.13
C LYS I 557 53.15 -70.78 86.77
N ASN I 558 53.92 -71.06 85.72
CA ASN I 558 53.40 -71.30 84.35
C ASN I 558 52.93 -72.74 84.24
N PRO I 559 51.90 -72.99 83.40
CA PRO I 559 51.30 -74.32 83.29
C PRO I 559 52.26 -75.34 82.71
N ASN I 560 52.39 -76.50 83.35
CA ASN I 560 52.93 -77.75 82.75
C ASN I 560 51.75 -78.58 82.22
N TRP I 561 51.60 -78.70 80.91
CA TRP I 561 50.38 -79.31 80.29
C TRP I 561 50.31 -80.78 80.66
N LEU I 562 51.43 -81.47 80.73
CA LEU I 562 51.39 -82.89 81.10
C LEU I 562 50.75 -83.09 82.47
N GLU I 563 50.98 -82.17 83.42
CA GLU I 563 50.51 -82.30 84.82
C GLU I 563 49.09 -81.75 84.90
N GLU I 564 48.85 -80.57 84.33
CA GLU I 564 47.57 -79.86 84.42
C GLU I 564 46.43 -80.61 83.69
N TYR I 565 46.69 -81.31 82.59
CA TYR I 565 45.66 -81.95 81.73
C TYR I 565 45.93 -83.44 81.66
N HIS I 566 46.65 -83.95 82.65
CA HIS I 566 46.88 -85.40 82.84
C HIS I 566 45.52 -86.10 82.85
N PRO I 567 45.31 -87.14 82.01
CA PRO I 567 44.12 -87.98 82.13
C PRO I 567 44.17 -88.77 83.43
N LYS I 568 43.02 -88.95 84.07
CA LYS I 568 42.87 -89.68 85.35
C LYS I 568 41.77 -90.72 85.20
N LEU I 569 41.77 -91.69 86.09
CA LEU I 569 40.63 -92.59 86.29
C LEU I 569 39.87 -92.13 87.53
N ILE I 570 38.56 -92.23 87.48
CA ILE I 570 37.66 -91.96 88.63
C ILE I 570 36.57 -93.01 88.57
N LYS I 571 36.00 -93.38 89.70
CA LYS I 571 34.85 -94.30 89.71
C LYS I 571 33.73 -93.69 90.54
N ASN I 572 32.49 -94.09 90.22
CA ASN I 572 31.31 -93.59 90.96
C ASN I 572 30.92 -94.66 91.98
N LYS I 573 29.90 -94.36 92.78
CA LYS I 573 29.36 -95.24 93.84
C LYS I 573 29.10 -96.66 93.29
N SER I 574 28.56 -96.79 92.08
CA SER I 574 28.23 -98.10 91.44
C SER I 574 29.49 -98.86 91.01
N GLY I 575 30.65 -98.21 91.00
CA GLY I 575 31.94 -98.86 90.66
C GLY I 575 32.23 -98.76 89.17
N LYS I 576 31.50 -97.90 88.45
CA LYS I 576 31.75 -97.62 87.02
C LYS I 576 33.01 -96.75 86.95
N ILE I 577 34.00 -97.16 86.17
CA ILE I 577 35.24 -96.36 85.97
C ILE I 577 35.05 -95.43 84.76
N PHE I 578 35.46 -94.18 84.89
CA PHE I 578 35.50 -93.18 83.80
C PHE I 578 36.93 -92.69 83.62
N VAL I 579 37.33 -92.56 82.36
CA VAL I 579 38.44 -91.65 81.99
C VAL I 579 37.99 -90.24 82.33
N GLU I 580 38.79 -89.56 83.14
CA GLU I 580 38.48 -88.23 83.71
C GLU I 580 39.34 -87.22 82.96
N THR I 581 38.67 -86.32 82.26
CA THR I 581 39.26 -85.18 81.54
C THR I 581 38.35 -84.00 81.80
N LYS I 582 38.78 -82.82 81.42
CA LYS I 582 37.97 -81.60 81.45
C LYS I 582 36.59 -81.87 80.83
N PHE I 583 36.53 -82.67 79.76
CA PHE I 583 35.28 -82.95 79.02
C PHE I 583 34.41 -83.91 79.83
N SER I 584 34.94 -85.07 80.20
CA SER I 584 34.18 -86.12 80.91
C SER I 584 33.68 -85.58 82.26
N LYS I 585 34.45 -84.71 82.91
CA LYS I 585 34.06 -84.12 84.21
C LYS I 585 32.82 -83.24 84.01
N LEU I 586 32.71 -82.52 82.89
CA LEU I 586 31.51 -81.71 82.59
C LEU I 586 30.31 -82.63 82.37
N ILE I 587 30.42 -83.61 81.48
CA ILE I 587 29.21 -84.29 80.94
C ILE I 587 28.91 -85.57 81.71
N GLY I 588 29.83 -86.07 82.54
CA GLY I 588 29.56 -87.26 83.37
C GLY I 588 29.45 -88.53 82.54
N ARG I 589 30.15 -88.57 81.42
CA ARG I 589 30.17 -89.72 80.48
C ARG I 589 31.58 -89.82 79.94
N PRO I 590 31.97 -90.94 79.33
CA PRO I 590 33.29 -91.04 78.72
C PRO I 590 33.56 -89.89 77.75
N PRO I 591 34.81 -89.40 77.64
CA PRO I 591 35.08 -88.22 76.82
C PRO I 591 35.19 -88.58 75.32
N LEU I 592 34.20 -89.28 74.79
CA LEU I 592 34.19 -89.90 73.44
C LEU I 592 32.86 -89.48 72.83
N LEU I 593 32.90 -88.82 71.69
CA LEU I 593 31.61 -88.41 71.09
C LEU I 593 31.53 -88.86 69.63
N VAL I 594 30.28 -89.13 69.24
CA VAL I 594 29.88 -89.36 67.83
C VAL I 594 29.45 -88.00 67.34
N PRO I 595 30.19 -87.40 66.40
CA PRO I 595 29.87 -86.09 65.90
C PRO I 595 28.65 -86.19 64.97
N GLY I 596 28.04 -85.05 64.68
CA GLY I 596 26.93 -84.94 63.72
C GLY I 596 27.41 -85.40 62.36
N MET I 597 26.69 -86.34 61.76
CA MET I 597 26.96 -86.82 60.39
C MET I 597 25.65 -86.91 59.62
N THR I 598 25.56 -86.15 58.53
CA THR I 598 24.55 -86.37 57.48
C THR I 598 25.11 -87.42 56.53
N PRO I 599 24.54 -88.62 56.39
CA PRO I 599 23.26 -88.99 57.02
C PRO I 599 23.25 -89.85 58.30
N CYS I 600 24.40 -90.35 58.75
CA CYS I 600 24.50 -91.40 59.81
C CYS I 600 23.81 -91.02 61.13
N THR I 601 23.89 -89.77 61.58
CA THR I 601 23.26 -89.37 62.87
C THR I 601 22.02 -88.53 62.61
N VAL I 602 21.43 -88.62 61.41
CA VAL I 602 20.10 -87.98 61.22
C VAL I 602 19.08 -88.94 61.84
N SER I 603 19.35 -90.23 61.82
CA SER I 603 18.43 -91.28 62.33
C SER I 603 18.21 -91.09 63.83
N PRO I 604 16.95 -90.84 64.29
CA PRO I 604 16.65 -90.84 65.72
C PRO I 604 17.03 -92.16 66.43
N ASP I 605 16.96 -93.28 65.73
CA ASP I 605 17.25 -94.62 66.29
C ASP I 605 18.74 -94.74 66.64
N PHE I 606 19.63 -94.19 65.81
CA PHE I 606 21.09 -94.26 66.05
C PHE I 606 21.47 -93.28 67.16
N VAL I 607 20.87 -92.10 67.16
CA VAL I 607 21.08 -91.07 68.20
C VAL I 607 20.65 -91.63 69.55
N ALA I 608 19.52 -92.31 69.61
CA ALA I 608 18.97 -92.94 70.82
C ALA I 608 19.85 -94.12 71.24
N ALA I 609 20.26 -94.98 70.32
CA ALA I 609 21.09 -96.17 70.63
C ALA I 609 22.41 -95.75 71.26
N THR I 610 23.01 -94.65 70.77
CA THR I 610 24.33 -94.16 71.21
C THR I 610 24.18 -93.49 72.58
N THR I 611 23.16 -92.66 72.73
CA THR I 611 22.77 -92.04 74.04
C THR I 611 22.55 -93.15 75.07
N ASN I 612 21.79 -94.18 74.74
CA ASN I 612 21.47 -95.31 75.65
C ASN I 612 22.73 -96.15 75.93
N ALA I 613 23.71 -96.17 75.02
CA ALA I 613 25.00 -96.86 75.21
C ALA I 613 25.85 -96.10 76.25
N GLY I 614 25.53 -94.82 76.47
CA GLY I 614 26.17 -93.96 77.46
C GLY I 614 27.15 -92.98 76.84
N TYR I 615 26.99 -92.60 75.56
CA TYR I 615 27.94 -91.75 74.81
C TYR I 615 27.23 -90.54 74.22
N THR I 616 27.95 -89.43 74.08
CA THR I 616 27.39 -88.18 73.52
C THR I 616 27.36 -88.31 72.00
N ILE I 617 26.25 -87.90 71.43
CA ILE I 617 25.99 -87.92 69.96
C ILE I 617 25.18 -86.69 69.63
N GLU I 618 25.46 -86.14 68.44
CA GLU I 618 24.78 -84.96 67.86
C GLU I 618 23.77 -85.51 66.83
N LEU I 619 22.50 -85.11 66.95
CA LEU I 619 21.49 -85.27 65.87
C LEU I 619 21.88 -84.31 64.75
N ALA I 620 22.08 -84.82 63.53
CA ALA I 620 22.53 -84.02 62.37
C ALA I 620 21.36 -83.27 61.75
N GLY I 621 21.35 -81.95 61.87
CA GLY I 621 20.38 -81.05 61.22
C GLY I 621 20.45 -81.09 59.69
N GLY I 622 21.61 -81.45 59.13
CA GLY I 622 21.81 -81.67 57.69
C GLY I 622 20.79 -82.61 57.06
N GLY I 623 20.18 -83.50 57.83
CA GLY I 623 19.15 -84.44 57.33
C GLY I 623 17.74 -83.90 57.44
N TYR I 624 17.56 -82.63 57.82
CA TYR I 624 16.23 -82.04 58.14
C TYR I 624 16.09 -80.73 57.37
N PHE I 625 14.86 -80.39 56.97
CA PHE I 625 14.61 -79.23 56.06
C PHE I 625 13.65 -78.22 56.69
N SER I 626 13.05 -78.54 57.82
CA SER I 626 12.14 -77.62 58.55
C SER I 626 12.18 -77.92 60.05
N ALA I 627 11.64 -77.00 60.85
CA ALA I 627 11.48 -77.14 62.31
C ALA I 627 10.57 -78.31 62.62
N ALA I 628 9.52 -78.52 61.83
CA ALA I 628 8.54 -79.60 62.04
C ALA I 628 9.21 -80.96 61.89
N GLY I 629 10.00 -81.13 60.83
CA GLY I 629 10.69 -82.40 60.55
C GLY I 629 11.76 -82.70 61.60
N MET I 630 12.50 -81.67 62.05
CA MET I 630 13.53 -81.84 63.10
C MET I 630 12.83 -82.08 64.46
N THR I 631 11.71 -81.40 64.72
CA THR I 631 10.91 -81.59 65.96
C THR I 631 10.44 -83.04 66.10
N ALA I 632 9.96 -83.65 65.03
CA ALA I 632 9.48 -85.06 65.00
C ALA I 632 10.65 -86.00 65.31
N ALA I 633 11.83 -85.69 64.80
CA ALA I 633 13.05 -86.51 64.99
C ALA I 633 13.49 -86.39 66.45
N ILE I 634 13.55 -85.16 66.96
CA ILE I 634 13.90 -84.90 68.39
C ILE I 634 12.92 -85.65 69.29
N ASP I 635 11.61 -85.50 69.06
CA ASP I 635 10.55 -86.18 69.85
C ASP I 635 10.75 -87.69 69.76
N SER I 636 11.17 -88.21 68.61
CA SER I 636 11.46 -89.66 68.44
C SER I 636 12.68 -90.03 69.28
N VAL I 637 13.71 -89.16 69.33
CA VAL I 637 14.90 -89.47 70.17
C VAL I 637 14.42 -89.48 71.63
N VAL I 638 13.76 -88.42 72.07
CA VAL I 638 13.31 -88.27 73.48
C VAL I 638 12.47 -89.48 73.89
N SER I 639 11.56 -89.97 73.04
CA SER I 639 10.73 -91.18 73.34
C SER I 639 11.59 -92.43 73.55
N GLN I 640 12.75 -92.54 72.90
CA GLN I 640 13.56 -93.80 72.89
C GLN I 640 14.68 -93.75 73.94
N ILE I 641 15.06 -92.57 74.46
CA ILE I 641 16.14 -92.46 75.47
C ILE I 641 15.54 -92.52 76.87
N GLU I 642 16.34 -92.98 77.83
CA GLU I 642 15.95 -93.08 79.27
C GLU I 642 15.82 -91.68 79.86
N LYS I 643 14.92 -91.52 80.84
CA LYS I 643 14.81 -90.30 81.67
C LYS I 643 16.19 -89.91 82.20
N GLY I 644 16.54 -88.64 82.08
CA GLY I 644 17.82 -88.09 82.52
C GLY I 644 18.90 -88.13 81.45
N SER I 645 18.71 -88.87 80.35
CA SER I 645 19.65 -88.86 79.19
C SER I 645 19.48 -87.57 78.38
N THR I 646 20.54 -87.18 77.69
CA THR I 646 20.61 -85.95 76.86
C THR I 646 21.31 -86.31 75.55
N PHE I 647 21.27 -85.37 74.61
CA PHE I 647 21.91 -85.50 73.29
C PHE I 647 22.08 -84.10 72.78
N GLY I 648 22.91 -83.95 71.75
CA GLY I 648 23.15 -82.64 71.13
C GLY I 648 22.57 -82.55 69.73
N ILE I 649 22.67 -81.36 69.18
CA ILE I 649 22.24 -81.07 67.78
C ILE I 649 23.41 -80.45 67.04
N ASN I 650 23.66 -80.95 65.84
CA ASN I 650 24.68 -80.42 64.91
C ASN I 650 23.94 -79.63 63.83
N LEU I 651 24.22 -78.34 63.73
CA LEU I 651 23.73 -77.48 62.63
C LEU I 651 24.93 -77.00 61.80
N ILE I 652 24.68 -76.68 60.53
CA ILE I 652 25.71 -76.35 59.51
C ILE I 652 25.69 -74.84 59.32
N TYR I 653 26.81 -74.17 59.56
CA TYR I 653 26.87 -72.69 59.57
C TYR I 653 26.74 -72.11 58.14
N VAL I 654 27.13 -72.88 57.12
CA VAL I 654 27.08 -72.46 55.69
C VAL I 654 25.73 -72.87 55.08
N ASN I 655 24.73 -73.14 55.91
CA ASN I 655 23.34 -73.41 55.50
C ASN I 655 22.47 -72.41 56.24
N PRO I 656 22.45 -71.13 55.81
CA PRO I 656 21.75 -70.06 56.52
C PRO I 656 20.27 -70.38 56.77
N PHE I 657 19.66 -71.16 55.88
CA PHE I 657 18.24 -71.59 55.99
C PHE I 657 18.10 -72.50 57.21
N MET I 658 18.95 -73.52 57.31
CA MET I 658 18.98 -74.45 58.48
C MET I 658 19.11 -73.63 59.77
N LEU I 659 20.05 -72.68 59.84
CA LEU I 659 20.24 -71.85 61.05
C LEU I 659 18.95 -71.07 61.33
N GLN I 660 18.27 -70.59 60.29
CA GLN I 660 17.14 -69.64 60.42
C GLN I 660 15.97 -70.34 61.12
N TRP I 661 15.70 -71.61 60.81
CA TRP I 661 14.67 -72.41 61.52
C TRP I 661 15.30 -73.20 62.70
N GLY I 662 16.61 -73.47 62.65
CA GLY I 662 17.31 -74.39 63.57
C GLY I 662 17.51 -73.80 64.93
N ILE I 663 17.98 -72.55 65.00
CA ILE I 663 18.33 -71.82 66.25
C ILE I 663 17.04 -71.48 67.00
N PRO I 664 16.01 -70.85 66.38
CA PRO I 664 14.73 -70.67 67.05
C PRO I 664 14.10 -71.97 67.56
N LEU I 665 14.26 -73.07 66.82
CA LEU I 665 13.72 -74.36 67.28
C LEU I 665 14.42 -74.76 68.58
N ILE I 666 15.75 -74.70 68.63
CA ILE I 666 16.50 -75.15 69.83
C ILE I 666 16.09 -74.27 71.02
N LYS I 667 16.07 -72.96 70.83
CA LYS I 667 15.62 -71.99 71.86
C LYS I 667 14.27 -72.42 72.42
N GLU I 668 13.33 -72.71 71.54
CA GLU I 668 11.92 -73.03 71.88
C GLU I 668 11.88 -74.39 72.60
N LEU I 669 12.54 -75.41 72.06
CA LEU I 669 12.57 -76.74 72.72
C LEU I 669 13.28 -76.63 74.07
N ARG I 670 14.37 -75.86 74.19
CA ARG I 670 15.09 -75.75 75.48
C ARG I 670 14.17 -75.07 76.50
N SER I 671 13.46 -74.02 76.11
CA SER I 671 12.45 -73.31 76.93
C SER I 671 11.36 -74.29 77.42
N LYS I 672 11.03 -75.32 76.64
CA LYS I 672 10.07 -76.37 77.06
C LYS I 672 10.81 -77.46 77.89
N GLY I 673 12.12 -77.30 78.07
CA GLY I 673 12.95 -78.20 78.88
C GLY I 673 13.35 -79.46 78.13
N TYR I 674 13.49 -79.44 76.80
CA TYR I 674 13.89 -80.65 76.05
C TYR I 674 15.35 -80.96 76.37
N PRO I 675 15.72 -82.24 76.45
CA PRO I 675 17.06 -82.65 76.88
C PRO I 675 18.10 -82.52 75.77
N ILE I 676 18.31 -81.28 75.36
CA ILE I 676 19.33 -80.91 74.36
C ILE I 676 20.48 -80.29 75.15
N GLN I 677 21.55 -81.04 75.30
CA GLN I 677 22.67 -80.67 76.18
C GLN I 677 23.51 -79.61 75.49
N PHE I 678 23.67 -79.72 74.19
CA PHE I 678 24.60 -78.83 73.47
C PHE I 678 24.18 -78.72 72.01
N LEU I 679 24.78 -77.73 71.39
CA LEU I 679 24.70 -77.44 69.95
C LEU I 679 26.12 -77.47 69.41
N THR I 680 26.38 -78.25 68.39
CA THR I 680 27.64 -78.15 67.62
C THR I 680 27.35 -77.44 66.30
N ILE I 681 28.11 -76.42 65.99
CA ILE I 681 28.07 -75.72 64.68
C ILE I 681 29.17 -76.33 63.83
N GLY I 682 28.80 -77.00 62.74
CA GLY I 682 29.75 -77.55 61.76
C GLY I 682 30.02 -76.58 60.63
N ALA I 683 31.13 -76.79 59.92
CA ALA I 683 31.42 -76.19 58.60
C ALA I 683 31.49 -74.67 58.70
N GLY I 684 32.15 -74.16 59.73
CA GLY I 684 32.32 -72.72 59.95
C GLY I 684 32.13 -72.38 61.41
N VAL I 685 32.74 -71.29 61.84
CA VAL I 685 32.66 -70.78 63.24
C VAL I 685 31.86 -69.49 63.21
N PRO I 686 30.82 -69.33 64.05
CA PRO I 686 30.04 -68.10 64.03
C PRO I 686 30.91 -66.90 64.43
N SER I 687 30.42 -65.70 64.10
CA SER I 687 30.93 -64.41 64.59
C SER I 687 30.74 -64.35 66.11
N LEU I 688 31.43 -63.42 66.77
CA LEU I 688 31.27 -63.13 68.22
C LEU I 688 29.82 -62.82 68.56
N GLU I 689 29.10 -62.08 67.71
CA GLU I 689 27.74 -61.59 68.01
C GLU I 689 26.79 -62.79 67.98
N VAL I 690 26.92 -63.63 66.95
CA VAL I 690 26.08 -64.84 66.74
C VAL I 690 26.38 -65.83 67.86
N ALA I 691 27.66 -66.10 68.14
CA ALA I 691 28.10 -67.04 69.19
C ALA I 691 27.52 -66.59 70.53
N SER I 692 27.52 -65.28 70.81
CA SER I 692 26.97 -64.70 72.06
C SER I 692 25.47 -65.04 72.14
N GLU I 693 24.74 -64.80 71.05
CA GLU I 693 23.30 -65.15 70.93
C GLU I 693 23.11 -66.64 71.28
N TYR I 694 23.92 -67.54 70.72
CA TYR I 694 23.82 -69.01 70.94
C TYR I 694 24.11 -69.32 72.42
N ILE I 695 25.16 -68.72 72.97
CA ILE I 695 25.59 -68.97 74.39
C ILE I 695 24.50 -68.46 75.34
N GLU I 696 23.97 -67.25 75.14
CA GLU I 696 23.13 -66.54 76.14
C GLU I 696 21.65 -66.95 76.03
N THR I 697 21.14 -67.29 74.85
CA THR I 697 19.68 -67.44 74.61
C THR I 697 19.26 -68.91 74.50
N LEU I 698 20.13 -69.85 74.14
CA LEU I 698 19.66 -71.21 73.74
C LEU I 698 19.53 -72.14 74.95
N GLY I 699 19.95 -71.71 76.15
CA GLY I 699 19.86 -72.54 77.36
C GLY I 699 20.64 -73.85 77.22
N LEU I 700 21.83 -73.78 76.63
CA LEU I 700 22.67 -74.99 76.42
C LEU I 700 23.70 -75.12 77.55
N LYS I 701 24.13 -76.35 77.84
CA LYS I 701 25.25 -76.62 78.76
C LYS I 701 26.56 -76.14 78.10
N TYR I 702 26.79 -76.53 76.85
CA TYR I 702 28.01 -76.11 76.12
C TYR I 702 27.74 -75.95 74.64
N LEU I 703 28.72 -75.33 73.97
CA LEU I 703 28.68 -75.02 72.53
C LEU I 703 29.86 -75.71 71.89
N GLY I 704 29.57 -76.58 70.93
CA GLY I 704 30.55 -77.27 70.09
C GLY I 704 30.89 -76.41 68.89
N LEU I 705 32.18 -76.16 68.67
CA LEU I 705 32.67 -75.43 67.49
C LEU I 705 33.69 -76.31 66.79
N LYS I 706 33.74 -76.26 65.45
CA LYS I 706 34.57 -77.16 64.61
C LYS I 706 35.44 -76.28 63.73
N PRO I 707 36.50 -75.64 64.28
CA PRO I 707 37.35 -74.79 63.47
C PRO I 707 38.06 -75.67 62.44
N GLY I 708 38.20 -75.16 61.22
CA GLY I 708 38.91 -75.85 60.13
C GLY I 708 40.40 -75.51 60.07
N SER I 709 40.79 -74.32 60.52
CA SER I 709 42.14 -73.73 60.33
C SER I 709 42.59 -72.97 61.58
N ILE I 710 43.81 -72.42 61.56
CA ILE I 710 44.36 -71.49 62.58
C ILE I 710 43.40 -70.33 62.84
N ASP I 711 42.95 -69.65 61.79
CA ASP I 711 42.09 -68.43 61.91
C ASP I 711 40.80 -68.78 62.63
N ALA I 712 40.21 -69.94 62.32
CA ALA I 712 38.94 -70.40 62.92
C ALA I 712 39.22 -70.74 64.40
N ILE I 713 40.37 -71.35 64.70
CA ILE I 713 40.79 -71.69 66.09
C ILE I 713 40.93 -70.39 66.88
N SER I 714 41.53 -69.36 66.30
CA SER I 714 41.58 -68.00 66.87
C SER I 714 40.18 -67.45 67.13
N GLN I 715 39.21 -67.70 66.24
CA GLN I 715 37.82 -67.20 66.40
C GLN I 715 37.14 -67.95 67.56
N VAL I 716 37.41 -69.24 67.69
CA VAL I 716 36.89 -70.07 68.81
C VAL I 716 37.45 -69.46 70.10
N ILE I 717 38.75 -69.20 70.13
CA ILE I 717 39.43 -68.62 71.33
C ILE I 717 38.72 -67.29 71.66
N ASN I 718 38.47 -66.44 70.66
CA ASN I 718 37.85 -65.12 70.90
C ASN I 718 36.47 -65.31 71.54
N ILE I 719 35.71 -66.32 71.11
CA ILE I 719 34.36 -66.62 71.67
C ILE I 719 34.52 -67.11 73.11
N ALA I 720 35.49 -67.98 73.38
CA ALA I 720 35.78 -68.50 74.74
C ALA I 720 36.17 -67.32 75.66
N LYS I 721 37.00 -66.40 75.17
CA LYS I 721 37.45 -65.18 75.92
C LYS I 721 36.24 -64.35 76.33
N ALA I 722 35.27 -64.19 75.42
CA ALA I 722 34.08 -63.31 75.57
C ALA I 722 33.07 -63.91 76.55
N HIS I 723 33.11 -65.23 76.77
CA HIS I 723 32.17 -66.00 77.63
C HIS I 723 33.00 -66.95 78.49
N PRO I 724 33.81 -66.41 79.42
CA PRO I 724 34.85 -67.19 80.07
C PRO I 724 34.30 -68.28 81.00
N ASN I 725 33.03 -68.19 81.39
CA ASN I 725 32.39 -69.19 82.27
C ASN I 725 31.63 -70.26 81.45
N PHE I 726 31.47 -70.07 80.15
CA PHE I 726 30.64 -70.99 79.33
C PHE I 726 31.53 -72.04 78.69
N PRO I 727 31.26 -73.34 78.87
CA PRO I 727 32.09 -74.37 78.27
C PRO I 727 32.00 -74.39 76.73
N ILE I 728 33.14 -74.27 76.07
CA ILE I 728 33.25 -74.38 74.59
C ILE I 728 33.96 -75.69 74.28
N ALA I 729 33.31 -76.60 73.56
CA ALA I 729 33.94 -77.82 73.03
C ALA I 729 34.54 -77.48 71.67
N LEU I 730 35.85 -77.27 71.63
CA LEU I 730 36.61 -77.06 70.38
C LEU I 730 36.90 -78.44 69.80
N GLN I 731 36.17 -78.80 68.76
CA GLN I 731 36.30 -80.12 68.11
C GLN I 731 37.24 -79.90 66.94
N TRP I 732 38.48 -80.29 67.08
CA TRP I 732 39.51 -80.07 66.06
C TRP I 732 39.58 -81.31 65.18
N THR I 733 39.47 -81.11 63.87
CA THR I 733 39.64 -82.20 62.87
C THR I 733 40.62 -81.70 61.81
N GLY I 734 41.43 -82.57 61.29
CA GLY I 734 42.25 -82.29 60.11
C GLY I 734 41.50 -82.65 58.85
N GLY I 735 42.09 -82.33 57.72
CA GLY I 735 41.55 -82.61 56.38
C GLY I 735 41.31 -84.09 56.14
N ARG I 736 41.96 -84.94 56.90
CA ARG I 736 41.88 -86.40 56.77
C ARG I 736 40.53 -86.95 57.24
N GLY I 737 39.66 -86.14 57.83
CA GLY I 737 38.35 -86.60 58.31
C GLY I 737 37.42 -86.98 57.16
N GLY I 738 36.50 -87.90 57.41
CA GLY I 738 35.37 -88.19 56.51
C GLY I 738 34.51 -86.97 56.21
N GLY I 739 33.76 -87.00 55.12
CA GLY I 739 32.78 -85.97 54.80
C GLY I 739 33.46 -84.72 54.28
N HIS I 740 32.82 -83.57 54.46
CA HIS I 740 33.37 -82.28 54.06
C HIS I 740 34.63 -82.07 54.90
N HIS I 741 35.73 -81.75 54.24
CA HIS I 741 37.07 -81.73 54.88
C HIS I 741 37.86 -80.52 54.42
N SER I 742 38.82 -80.12 55.24
CA SER I 742 39.74 -78.98 54.99
C SER I 742 40.95 -79.50 54.24
N PHE I 743 41.89 -78.61 53.97
CA PHE I 743 43.22 -78.93 53.41
C PHE I 743 44.25 -79.08 54.53
N GLU I 744 43.83 -79.01 55.80
CA GLU I 744 44.73 -78.80 56.96
C GLU I 744 45.31 -80.14 57.41
N ASP I 745 46.58 -80.10 57.82
CA ASP I 745 47.22 -81.19 58.60
C ASP I 745 46.46 -81.31 59.95
N ALA I 746 46.43 -82.50 60.52
CA ALA I 746 45.81 -82.75 61.83
C ALA I 746 46.67 -82.16 62.96
N HIS I 747 48.00 -82.22 62.86
CA HIS I 747 48.95 -81.99 63.97
C HIS I 747 49.41 -80.55 64.01
N THR I 748 49.89 -80.04 62.90
CA THR I 748 50.62 -78.75 62.82
C THR I 748 49.79 -77.65 63.47
N PRO I 749 48.50 -77.45 63.12
CA PRO I 749 47.72 -76.36 63.71
C PRO I 749 47.52 -76.52 65.24
N MET I 750 47.51 -77.77 65.75
CA MET I 750 47.39 -78.02 67.21
C MET I 750 48.72 -77.64 67.87
N LEU I 751 49.84 -78.08 67.30
CA LEU I 751 51.19 -77.67 67.79
C LEU I 751 51.28 -76.16 67.87
N GLN I 752 50.72 -75.43 66.92
CA GLN I 752 50.83 -73.94 66.91
C GLN I 752 49.86 -73.32 67.91
N MET I 753 48.69 -73.94 68.16
CA MET I 753 47.59 -73.23 68.85
C MET I 753 47.31 -73.81 70.23
N TYR I 754 47.85 -74.98 70.54
CA TYR I 754 47.57 -75.68 71.80
C TYR I 754 47.79 -74.76 73.00
N SER I 755 48.94 -74.08 73.07
CA SER I 755 49.26 -73.16 74.17
C SER I 755 48.16 -72.10 74.29
N LYS I 756 47.77 -71.46 73.20
CA LYS I 756 46.79 -70.35 73.22
C LYS I 756 45.42 -70.90 73.63
N ILE I 757 45.07 -72.11 73.17
CA ILE I 757 43.78 -72.74 73.56
C ILE I 757 43.83 -72.94 75.07
N ARG I 758 44.89 -73.55 75.60
CA ARG I 758 44.97 -73.96 77.02
C ARG I 758 45.07 -72.75 77.97
N ARG I 759 45.10 -71.52 77.46
CA ARG I 759 45.03 -70.29 78.28
C ARG I 759 43.58 -70.02 78.66
N HIS I 760 42.64 -70.73 78.03
CA HIS I 760 41.17 -70.56 78.23
C HIS I 760 40.62 -71.83 78.87
N PRO I 761 40.43 -71.84 80.20
CA PRO I 761 40.06 -73.09 80.88
C PRO I 761 38.66 -73.57 80.47
N ASN I 762 37.81 -72.68 79.94
CA ASN I 762 36.45 -73.04 79.48
C ASN I 762 36.51 -73.81 78.16
N ILE I 763 37.64 -73.86 77.44
CA ILE I 763 37.72 -74.62 76.17
C ILE I 763 38.07 -76.07 76.48
N MET I 764 37.20 -76.97 76.08
CA MET I 764 37.40 -78.43 76.17
C MET I 764 37.85 -78.87 74.78
N LEU I 765 39.07 -79.39 74.70
CA LEU I 765 39.77 -79.61 73.42
C LEU I 765 39.55 -81.06 72.98
N ILE I 766 38.74 -81.23 71.94
CA ILE I 766 38.39 -82.56 71.39
C ILE I 766 39.18 -82.74 70.09
N PHE I 767 39.86 -83.86 69.96
CA PHE I 767 40.59 -84.26 68.75
C PHE I 767 39.73 -85.29 67.98
N GLY I 768 39.45 -84.97 66.74
CA GLY I 768 38.84 -85.92 65.81
C GLY I 768 39.63 -86.03 64.52
N SER I 769 39.10 -86.85 63.62
CA SER I 769 39.65 -87.16 62.28
C SER I 769 40.64 -88.29 62.45
N GLY I 770 40.41 -89.37 61.73
CA GLY I 770 41.40 -90.42 61.55
C GLY I 770 41.38 -91.43 62.67
N PHE I 771 40.53 -91.28 63.67
CA PHE I 771 40.60 -92.16 64.89
C PHE I 771 39.61 -93.28 64.75
N GLY I 772 40.01 -94.48 65.17
CA GLY I 772 39.07 -95.60 65.28
C GLY I 772 39.28 -96.52 66.47
N SER I 773 40.23 -96.25 67.38
CA SER I 773 40.48 -97.17 68.51
C SER I 773 41.11 -96.46 69.71
N ALA I 774 41.26 -97.21 70.80
CA ALA I 774 41.98 -96.78 72.02
C ALA I 774 43.45 -96.57 71.70
N ASP I 775 44.05 -97.51 70.96
CA ASP I 775 45.50 -97.56 70.63
C ASP I 775 45.89 -96.25 69.93
N ASP I 776 45.12 -95.83 68.93
CA ASP I 776 45.52 -94.67 68.09
C ASP I 776 45.18 -93.36 68.78
N THR I 777 44.23 -93.34 69.73
CA THR I 777 43.85 -92.11 70.45
C THR I 777 44.68 -91.95 71.73
N TYR I 778 45.18 -93.02 72.32
CA TYR I 778 45.84 -92.96 73.65
C TYR I 778 46.96 -91.92 73.66
N PRO I 779 47.87 -91.86 72.68
CA PRO I 779 48.90 -90.82 72.69
C PRO I 779 48.37 -89.38 72.71
N TYR I 780 47.12 -89.15 72.30
CA TYR I 780 46.53 -87.79 72.27
C TYR I 780 45.96 -87.51 73.65
N LEU I 781 45.47 -88.55 74.30
CA LEU I 781 44.96 -88.47 75.68
C LEU I 781 46.11 -88.19 76.65
N THR I 782 47.22 -88.92 76.56
CA THR I 782 48.38 -88.74 77.48
C THR I 782 49.21 -87.52 77.10
N GLY I 783 49.09 -87.04 75.87
CA GLY I 783 49.86 -85.89 75.37
C GLY I 783 51.18 -86.31 74.76
N GLU I 784 51.52 -87.58 74.73
CA GLU I 784 52.84 -88.05 74.23
C GLU I 784 52.96 -87.84 72.71
N TRP I 785 51.84 -87.71 71.99
CA TRP I 785 51.78 -87.48 70.52
C TRP I 785 52.71 -86.34 70.14
N SER I 786 52.68 -85.25 70.91
CA SER I 786 53.36 -83.99 70.54
C SER I 786 54.89 -84.13 70.73
N THR I 787 55.36 -85.16 71.44
CA THR I 787 56.79 -85.40 71.76
C THR I 787 57.54 -85.85 70.50
N LYS I 788 56.88 -86.54 69.57
CA LYS I 788 57.47 -86.97 68.26
C LYS I 788 57.91 -85.73 67.46
N PHE I 789 57.29 -84.59 67.70
CA PHE I 789 57.56 -83.29 67.03
C PHE I 789 58.45 -82.38 67.90
N ASP I 790 59.10 -82.91 68.95
CA ASP I 790 60.01 -82.16 69.86
C ASP I 790 59.26 -81.01 70.56
N TYR I 791 57.98 -81.21 70.89
CA TYR I 791 57.16 -80.29 71.72
C TYR I 791 56.92 -80.97 73.06
N PRO I 792 56.58 -80.22 74.11
CA PRO I 792 56.19 -80.84 75.38
C PRO I 792 54.88 -81.60 75.19
N PRO I 793 54.54 -82.59 76.06
CA PRO I 793 53.29 -83.29 75.94
C PRO I 793 52.07 -82.37 75.92
N MET I 794 51.07 -82.72 75.11
CA MET I 794 49.88 -81.87 74.85
C MET I 794 48.62 -82.71 74.98
N PRO I 795 48.17 -83.07 76.19
CA PRO I 795 47.01 -83.94 76.33
C PRO I 795 45.74 -83.27 75.81
N PHE I 796 44.83 -84.09 75.28
CA PHE I 796 43.49 -83.66 74.81
C PHE I 796 42.42 -84.13 75.78
N ASP I 797 41.30 -83.41 75.76
CA ASP I 797 40.15 -83.62 76.66
C ASP I 797 39.21 -84.70 76.13
N GLY I 798 39.25 -85.04 74.85
CA GLY I 798 38.44 -86.15 74.33
C GLY I 798 38.52 -86.30 72.83
N PHE I 799 37.76 -87.24 72.31
CA PHE I 799 37.89 -87.73 70.92
C PHE I 799 36.52 -87.78 70.26
N LEU I 800 36.52 -87.50 68.97
CA LEU I 800 35.29 -87.80 68.20
C LEU I 800 35.62 -88.83 67.13
N PHE I 801 34.61 -89.64 66.82
CA PHE I 801 34.64 -90.82 65.93
C PHE I 801 33.48 -90.72 64.94
N GLY I 802 33.75 -90.17 63.76
CA GLY I 802 32.77 -90.09 62.66
C GLY I 802 32.77 -91.38 61.89
N SER I 803 33.74 -91.51 60.98
CA SER I 803 33.87 -92.63 60.02
C SER I 803 33.75 -93.97 60.75
N ARG I 804 34.42 -94.09 61.89
CA ARG I 804 34.56 -95.37 62.66
C ARG I 804 33.21 -96.01 62.91
N VAL I 805 32.15 -95.24 63.16
CA VAL I 805 30.86 -95.81 63.64
C VAL I 805 29.89 -96.03 62.48
N MET I 806 30.30 -95.81 61.23
CA MET I 806 29.37 -95.85 60.08
C MET I 806 28.93 -97.27 59.75
N ILE I 807 29.60 -98.30 60.26
CA ILE I 807 29.22 -99.72 60.04
C ILE I 807 28.70 -100.36 61.33
N ALA I 808 28.38 -99.55 62.34
CA ALA I 808 27.76 -100.06 63.58
C ALA I 808 26.38 -100.63 63.25
N LYS I 809 25.89 -101.53 64.10
CA LYS I 809 24.58 -102.20 63.91
C LYS I 809 23.48 -101.16 63.75
N GLU I 810 23.42 -100.18 64.63
CA GLU I 810 22.24 -99.29 64.77
C GLU I 810 22.28 -98.17 63.73
N VAL I 811 23.38 -98.02 62.97
CA VAL I 811 23.45 -96.99 61.88
C VAL I 811 22.60 -97.53 60.73
N LYS I 812 21.91 -96.63 60.03
CA LYS I 812 20.95 -96.99 58.96
C LYS I 812 21.66 -97.31 57.63
N THR I 813 22.97 -97.07 57.53
CA THR I 813 23.82 -97.47 56.38
C THR I 813 23.35 -98.84 55.87
N SER I 814 23.01 -98.94 54.59
CA SER I 814 22.52 -100.20 53.93
C SER I 814 23.59 -101.28 54.07
N PRO I 815 23.20 -102.56 54.22
CA PRO I 815 24.19 -103.64 54.32
C PRO I 815 25.34 -103.58 53.31
N ASP I 816 25.05 -103.31 52.04
CA ASP I 816 26.08 -103.33 50.97
C ASP I 816 26.97 -102.09 51.07
N ALA I 817 26.44 -100.97 51.57
CA ALA I 817 27.26 -99.78 51.87
C ALA I 817 28.22 -100.11 53.04
N LYS I 818 27.77 -100.87 54.03
CA LYS I 818 28.66 -101.33 55.15
C LYS I 818 29.77 -102.24 54.61
N LYS I 819 29.42 -103.14 53.70
CA LYS I 819 30.44 -104.01 53.04
C LYS I 819 31.43 -103.16 52.26
N CYS I 820 30.94 -102.12 51.59
CA CYS I 820 31.77 -101.20 50.76
C CYS I 820 32.73 -100.43 51.68
N ILE I 821 32.21 -99.87 52.79
CA ILE I 821 33.02 -99.17 53.85
C ILE I 821 34.08 -100.11 54.39
N ALA I 822 33.68 -101.32 54.83
CA ALA I 822 34.57 -102.32 55.47
C ALA I 822 35.73 -102.67 54.53
N ALA I 823 35.48 -102.74 53.22
CA ALA I 823 36.46 -103.16 52.18
C ALA I 823 37.47 -102.03 51.90
N CYS I 824 37.16 -100.77 52.21
CA CYS I 824 38.14 -99.66 52.14
C CYS I 824 39.29 -99.94 53.11
N THR I 825 40.52 -100.01 52.60
CA THR I 825 41.72 -100.35 53.39
C THR I 825 42.13 -99.15 54.24
N GLY I 826 41.86 -97.96 53.73
CA GLY I 826 42.37 -96.70 54.28
C GLY I 826 43.86 -96.58 54.07
N VAL I 827 44.41 -95.44 54.45
CA VAL I 827 45.87 -95.18 54.44
C VAL I 827 46.26 -94.53 55.76
N PRO I 828 47.54 -94.63 56.17
CA PRO I 828 48.08 -93.83 57.27
C PRO I 828 48.00 -92.33 56.98
N ASP I 829 48.11 -91.53 58.04
CA ASP I 829 48.07 -90.06 57.96
C ASP I 829 49.04 -89.49 56.90
N ASP I 830 50.22 -90.09 56.70
CA ASP I 830 51.25 -89.50 55.79
C ASP I 830 50.72 -89.44 54.33
N LYS I 831 49.83 -90.36 53.94
CA LYS I 831 49.36 -90.54 52.54
C LYS I 831 47.98 -89.93 52.29
N TRP I 832 47.33 -89.27 53.25
CA TRP I 832 45.89 -88.97 53.11
C TRP I 832 45.70 -87.97 51.96
N GLU I 833 46.66 -87.09 51.71
CA GLU I 833 46.51 -85.99 50.74
C GLU I 833 46.47 -86.51 49.29
N GLN I 834 46.74 -87.79 49.08
CA GLN I 834 46.60 -88.41 47.74
C GLN I 834 45.11 -88.51 47.33
N THR I 835 44.16 -88.35 48.26
CA THR I 835 42.71 -88.38 47.96
C THR I 835 42.36 -87.27 46.97
N TYR I 836 43.05 -86.14 47.00
CA TYR I 836 42.85 -85.00 46.07
C TYR I 836 43.13 -85.40 44.62
N LYS I 837 43.93 -86.44 44.36
CA LYS I 837 44.40 -86.82 43.00
C LYS I 837 43.71 -88.07 42.51
N LYS I 838 43.71 -89.13 43.33
CA LYS I 838 43.29 -90.49 42.92
C LYS I 838 42.74 -91.24 44.13
N PRO I 839 42.02 -92.36 43.93
CA PRO I 839 41.59 -93.21 45.04
C PRO I 839 42.78 -93.64 45.92
N THR I 840 42.69 -93.31 47.20
CA THR I 840 43.70 -93.58 48.25
C THR I 840 42.99 -94.35 49.37
N GLY I 841 43.26 -95.65 49.50
CA GLY I 841 42.66 -96.53 50.50
C GLY I 841 41.18 -96.79 50.23
N GLY I 842 40.76 -96.57 48.98
CA GLY I 842 39.37 -96.72 48.54
C GLY I 842 38.58 -95.43 48.66
N ILE I 843 39.25 -94.30 48.92
CA ILE I 843 38.60 -93.01 49.23
C ILE I 843 39.19 -91.97 48.29
N VAL I 844 38.38 -91.00 47.94
CA VAL I 844 38.80 -89.91 47.02
C VAL I 844 38.12 -88.65 47.51
N THR I 845 38.70 -87.51 47.15
CA THR I 845 38.12 -86.18 47.35
C THR I 845 37.41 -85.76 46.07
N VAL I 846 36.16 -85.32 46.22
CA VAL I 846 35.35 -84.68 45.15
C VAL I 846 34.84 -83.36 45.70
N ARG I 847 34.28 -82.54 44.83
CA ARG I 847 33.82 -81.18 45.19
C ARG I 847 32.31 -81.23 45.30
N SER I 848 31.78 -80.60 46.35
CA SER I 848 30.35 -80.34 46.55
C SER I 848 29.85 -79.38 45.46
N GLU I 849 28.54 -79.13 45.41
CA GLU I 849 27.90 -78.07 44.57
C GLU I 849 28.62 -76.73 44.77
N MET I 850 29.04 -76.43 46.01
CA MET I 850 29.65 -75.15 46.44
C MET I 850 31.18 -75.18 46.34
N GLY I 851 31.77 -76.23 45.80
CA GLY I 851 33.23 -76.33 45.55
C GLY I 851 34.00 -76.84 46.75
N GLU I 852 33.30 -77.34 47.78
CA GLU I 852 33.91 -77.79 49.06
C GLU I 852 34.39 -79.22 48.92
N PRO I 853 35.60 -79.56 49.37
CA PRO I 853 36.06 -80.92 49.28
C PRO I 853 35.25 -81.82 50.21
N ILE I 854 35.02 -83.04 49.73
CA ILE I 854 34.31 -84.11 50.46
C ILE I 854 35.10 -85.37 50.23
N HIS I 855 35.27 -86.15 51.30
CA HIS I 855 35.91 -87.48 51.26
C HIS I 855 34.82 -88.50 51.12
N LYS I 856 34.83 -89.23 50.01
CA LYS I 856 33.79 -90.21 49.68
C LYS I 856 34.48 -91.49 49.34
N ILE I 857 33.81 -92.61 49.53
CA ILE I 857 34.35 -93.89 49.00
C ILE I 857 34.37 -93.77 47.47
N ALA I 858 35.45 -94.23 46.84
CA ALA I 858 35.71 -94.20 45.38
C ALA I 858 34.87 -95.28 44.68
N THR I 859 33.54 -95.13 44.72
CA THR I 859 32.58 -96.00 43.98
C THR I 859 32.55 -95.52 42.52
N ARG I 860 31.96 -96.28 41.62
CA ARG I 860 31.81 -95.86 40.19
C ARG I 860 31.11 -94.50 40.17
N GLY I 861 30.06 -94.36 40.97
CA GLY I 861 29.32 -93.11 41.08
C GLY I 861 30.22 -91.96 41.40
N VAL I 862 31.09 -92.15 42.40
CA VAL I 862 31.93 -91.03 42.92
C VAL I 862 33.06 -90.80 41.92
N MET I 863 33.59 -91.87 41.33
CA MET I 863 34.62 -91.73 40.27
C MET I 863 34.07 -91.02 39.03
N LEU I 864 32.78 -91.19 38.74
CA LEU I 864 32.12 -90.38 37.69
C LEU I 864 32.04 -88.92 38.13
N TRP I 865 31.64 -88.70 39.37
CA TRP I 865 31.58 -87.34 39.96
C TRP I 865 32.96 -86.70 39.86
N LYS I 866 34.00 -87.42 40.23
CA LYS I 866 35.37 -86.86 40.18
C LYS I 866 35.68 -86.44 38.73
N GLU I 867 35.47 -87.34 37.78
CA GLU I 867 35.73 -87.07 36.34
C GLU I 867 35.00 -85.81 35.87
N PHE I 868 33.73 -85.66 36.22
CA PHE I 868 32.91 -84.51 35.78
C PHE I 868 33.36 -83.22 36.45
N ASP I 869 33.89 -83.29 37.68
CA ASP I 869 34.49 -82.13 38.38
C ASP I 869 35.67 -81.59 37.57
N GLU I 870 36.48 -82.50 37.02
CA GLU I 870 37.72 -82.18 36.27
C GLU I 870 37.38 -81.70 34.84
N THR I 871 36.32 -82.22 34.21
CA THR I 871 36.06 -82.11 32.75
C THR I 871 34.79 -81.33 32.38
N ILE I 872 33.86 -81.09 33.32
CA ILE I 872 32.55 -80.42 33.03
C ILE I 872 32.31 -79.29 34.02
N PHE I 873 32.32 -79.58 35.33
CA PHE I 873 31.84 -78.60 36.35
C PHE I 873 32.86 -77.47 36.51
N ASN I 874 34.13 -77.71 36.18
CA ASN I 874 35.20 -76.67 36.26
C ASN I 874 35.12 -75.69 35.08
N LEU I 875 34.53 -76.08 33.95
CA LEU I 875 34.46 -75.23 32.73
C LEU I 875 33.71 -73.94 33.06
N PRO I 876 34.04 -72.79 32.41
CA PRO I 876 33.20 -71.60 32.50
C PRO I 876 31.83 -71.81 31.85
N LYS I 877 30.86 -70.96 32.19
CA LYS I 877 29.42 -71.09 31.81
C LYS I 877 29.26 -71.12 30.28
N ASN I 878 29.99 -70.27 29.56
CA ASN I 878 29.93 -70.16 28.07
C ASN I 878 30.32 -71.50 27.41
N LYS I 879 31.21 -72.29 28.02
CA LYS I 879 31.72 -73.58 27.44
C LYS I 879 30.98 -74.80 28.01
N LEU I 880 30.09 -74.64 29.00
CA LEU I 880 29.42 -75.78 29.68
C LEU I 880 28.44 -76.45 28.71
N VAL I 881 27.43 -75.71 28.25
CA VAL I 881 26.34 -76.26 27.40
C VAL I 881 26.91 -76.87 26.11
N PRO I 882 27.85 -76.20 25.39
CA PRO I 882 28.54 -76.84 24.27
C PRO I 882 29.23 -78.17 24.61
N THR I 883 29.92 -78.25 25.74
CA THR I 883 30.61 -79.49 26.19
C THR I 883 29.57 -80.58 26.47
N LEU I 884 28.45 -80.24 27.11
CA LEU I 884 27.38 -81.22 27.39
C LEU I 884 26.84 -81.77 26.07
N GLU I 885 26.49 -80.88 25.13
CA GLU I 885 25.99 -81.27 23.78
C GLU I 885 26.98 -82.24 23.13
N ALA I 886 28.28 -81.90 23.15
CA ALA I 886 29.35 -82.68 22.49
C ALA I 886 29.50 -84.05 23.15
N LYS I 887 29.52 -84.11 24.49
CA LYS I 887 29.77 -85.35 25.24
C LYS I 887 28.45 -86.04 25.61
N ARG I 888 27.33 -85.52 25.12
CA ARG I 888 25.95 -85.95 25.49
C ARG I 888 25.84 -87.47 25.59
N ASP I 889 26.20 -88.21 24.56
CA ASP I 889 25.97 -89.68 24.52
C ASP I 889 26.85 -90.34 25.58
N TYR I 890 28.06 -89.82 25.76
CA TYR I 890 29.02 -90.36 26.76
C TYR I 890 28.45 -90.13 28.16
N ILE I 891 28.09 -88.88 28.46
CA ILE I 891 27.50 -88.48 29.76
C ILE I 891 26.29 -89.37 30.06
N ILE I 892 25.40 -89.58 29.09
CA ILE I 892 24.19 -90.40 29.30
C ILE I 892 24.61 -91.82 29.64
N SER I 893 25.56 -92.40 28.91
CA SER I 893 25.96 -93.81 29.13
C SER I 893 26.56 -93.97 30.53
N ARG I 894 27.33 -93.00 31.01
CA ARG I 894 28.00 -93.04 32.34
C ARG I 894 26.95 -92.89 33.45
N LEU I 895 26.02 -91.97 33.30
CA LEU I 895 24.91 -91.79 34.26
C LEU I 895 24.20 -93.11 34.43
N ASN I 896 23.90 -93.77 33.32
CA ASN I 896 23.08 -95.01 33.34
C ASN I 896 23.89 -96.17 33.90
N ALA I 897 25.18 -96.23 33.60
CA ALA I 897 26.03 -97.34 34.06
C ALA I 897 26.40 -97.17 35.55
N ASP I 898 26.75 -95.96 35.97
CA ASP I 898 27.64 -95.74 37.14
C ASP I 898 27.01 -94.86 38.24
N PHE I 899 25.98 -94.07 37.97
CA PHE I 899 25.50 -93.03 38.89
C PHE I 899 24.14 -93.38 39.52
N GLN I 900 23.87 -92.72 40.64
CA GLN I 900 22.68 -92.94 41.50
C GLN I 900 21.48 -92.17 40.94
N LYS I 901 21.75 -91.13 40.15
CA LYS I 901 20.75 -90.39 39.35
C LYS I 901 20.97 -90.80 37.90
N PRO I 902 20.29 -91.85 37.38
CA PRO I 902 20.42 -92.20 35.96
C PRO I 902 19.80 -91.15 35.03
N TRP I 903 20.00 -91.35 33.74
CA TRP I 903 19.37 -90.50 32.71
C TRP I 903 17.89 -90.84 32.67
N PHE I 904 17.02 -89.88 32.92
CA PHE I 904 15.58 -90.20 33.00
C PHE I 904 15.12 -90.90 31.70
N ALA I 905 15.41 -90.29 30.56
CA ALA I 905 14.84 -90.69 29.24
C ALA I 905 15.63 -91.85 28.69
N THR I 906 15.48 -92.99 29.33
CA THR I 906 16.10 -94.28 28.99
C THR I 906 14.97 -95.30 29.05
N VAL I 907 14.64 -95.91 27.92
CA VAL I 907 13.50 -96.85 27.77
C VAL I 907 14.07 -98.18 27.33
N ASN I 908 13.97 -99.22 28.18
CA ASN I 908 14.49 -100.59 27.94
C ASN I 908 15.99 -100.53 27.57
N GLY I 909 16.76 -99.70 28.28
CA GLY I 909 18.22 -99.59 28.09
C GLY I 909 18.63 -98.69 26.94
N GLN I 910 17.68 -98.08 26.23
CA GLN I 910 17.95 -97.23 25.05
C GLN I 910 17.83 -95.77 25.49
N ALA I 911 18.92 -95.04 25.36
CA ALA I 911 18.99 -93.60 25.62
C ALA I 911 18.04 -92.88 24.65
N ARG I 912 17.19 -92.02 25.18
CA ARG I 912 16.26 -91.16 24.45
C ARG I 912 16.48 -89.75 24.97
N ASP I 913 15.51 -88.91 24.73
CA ASP I 913 15.35 -87.59 25.33
C ASP I 913 13.90 -87.55 25.79
N LEU I 914 13.55 -86.59 26.63
CA LEU I 914 12.13 -86.42 26.96
C LEU I 914 11.33 -86.22 25.66
N ALA I 915 11.90 -85.50 24.69
CA ALA I 915 11.18 -85.14 23.45
C ALA I 915 10.84 -86.39 22.63
N THR I 916 11.51 -87.50 22.86
CA THR I 916 11.33 -88.74 22.10
C THR I 916 10.85 -89.83 23.01
N MET I 917 10.15 -89.47 24.06
CA MET I 917 9.41 -90.48 24.85
C MET I 917 7.93 -90.25 24.70
N THR I 918 7.18 -91.33 24.73
CA THR I 918 5.71 -91.26 24.83
C THR I 918 5.31 -90.89 26.25
N TYR I 919 4.12 -90.36 26.40
CA TYR I 919 3.51 -90.09 27.72
C TYR I 919 3.54 -91.36 28.57
N GLU I 920 3.22 -92.49 28.00
CA GLU I 920 3.17 -93.77 28.76
C GLU I 920 4.59 -94.15 29.20
N GLU I 921 5.58 -94.00 28.33
CA GLU I 921 6.99 -94.29 28.67
C GLU I 921 7.45 -93.40 29.84
N VAL I 922 7.03 -92.15 29.85
CA VAL I 922 7.38 -91.18 30.91
C VAL I 922 6.75 -91.68 32.22
N ALA I 923 5.45 -92.00 32.20
CA ALA I 923 4.69 -92.42 33.40
C ALA I 923 5.37 -93.66 34.00
N LYS I 924 5.67 -94.65 33.17
CA LYS I 924 6.28 -95.93 33.58
C LYS I 924 7.70 -95.75 34.10
N ARG I 925 8.43 -94.79 33.55
CA ARG I 925 9.82 -94.54 33.98
C ARG I 925 9.72 -93.87 35.36
N LEU I 926 8.78 -92.96 35.56
CA LEU I 926 8.57 -92.32 36.89
C LEU I 926 8.33 -93.38 37.95
N VAL I 927 7.52 -94.38 37.67
CA VAL I 927 7.18 -95.48 38.62
C VAL I 927 8.40 -96.36 38.83
N GLU I 928 9.18 -96.63 37.78
CA GLU I 928 10.39 -97.48 37.85
C GLU I 928 11.44 -96.85 38.79
N LEU I 929 11.52 -95.53 38.83
CA LEU I 929 12.62 -94.83 39.53
C LEU I 929 12.17 -94.34 40.90
N MET I 930 10.87 -94.12 41.10
CA MET I 930 10.34 -93.45 42.32
C MET I 930 9.49 -94.39 43.18
N PHE I 931 9.07 -95.54 42.66
CA PHE I 931 8.21 -96.50 43.40
C PHE I 931 9.03 -97.75 43.65
N ILE I 932 9.08 -98.15 44.92
CA ILE I 932 9.94 -99.26 45.38
C ILE I 932 9.08 -100.51 45.40
N ARG I 933 9.38 -101.48 44.54
CA ARG I 933 8.61 -102.74 44.41
C ARG I 933 8.78 -103.59 45.67
N SER I 934 10.00 -103.64 46.23
CA SER I 934 10.37 -104.49 47.41
C SER I 934 9.50 -104.13 48.63
N THR I 935 9.23 -102.84 48.87
CA THR I 935 8.40 -102.31 49.99
C THR I 935 6.99 -101.93 49.52
N ASN I 936 6.72 -102.05 48.21
CA ASN I 936 5.40 -101.75 47.58
C ASN I 936 4.92 -100.35 47.94
N SER I 937 5.80 -99.35 47.93
CA SER I 937 5.46 -97.96 48.29
C SER I 937 6.27 -96.95 47.47
N TRP I 938 5.80 -95.73 47.45
CA TRP I 938 6.53 -94.55 46.95
C TRP I 938 7.60 -94.17 47.97
N PHE I 939 8.83 -94.04 47.51
CA PHE I 939 9.97 -93.72 48.39
C PHE I 939 9.73 -92.39 49.11
N ASP I 940 9.10 -91.44 48.45
CA ASP I 940 8.72 -90.13 49.02
C ASP I 940 7.33 -89.80 48.48
N VAL I 941 6.48 -89.24 49.32
CA VAL I 941 5.09 -88.87 48.92
C VAL I 941 5.15 -87.81 47.80
N THR I 942 6.14 -86.93 47.82
CA THR I 942 6.25 -85.81 46.85
C THR I 942 6.55 -86.37 45.45
N TRP I 943 7.18 -87.55 45.39
CA TRP I 943 7.43 -88.29 44.13
C TRP I 943 6.12 -88.91 43.62
N ARG I 944 5.28 -89.38 44.53
CA ARG I 944 3.92 -89.82 44.16
C ARG I 944 3.15 -88.65 43.59
N THR I 945 3.32 -87.46 44.15
CA THR I 945 2.57 -86.26 43.72
C THR I 945 3.09 -85.82 42.34
N PHE I 946 4.39 -85.93 42.13
CA PHE I 946 5.03 -85.65 40.83
C PHE I 946 4.30 -86.51 39.79
N THR I 947 4.24 -87.81 40.02
CA THR I 947 3.68 -88.79 39.07
C THR I 947 2.18 -88.58 38.87
N GLY I 948 1.43 -88.27 39.93
CA GLY I 948 -0.01 -87.96 39.81
C GLY I 948 -0.24 -86.68 39.03
N ASP I 949 0.57 -85.65 39.28
CA ASP I 949 0.52 -84.36 38.54
C ASP I 949 0.83 -84.56 37.04
N PHE I 950 1.68 -85.53 36.74
CA PHE I 950 2.03 -85.91 35.35
C PHE I 950 0.83 -86.60 34.72
N LEU I 951 0.25 -87.59 35.41
CA LEU I 951 -0.92 -88.32 34.89
C LEU I 951 -2.11 -87.38 34.67
N ARG I 952 -2.28 -86.34 35.44
CA ARG I 952 -3.35 -85.36 35.21
C ARG I 952 -3.06 -84.56 33.95
N ARG I 953 -1.80 -84.27 33.68
CA ARG I 953 -1.35 -83.51 32.50
C ARG I 953 -1.71 -84.35 31.27
N VAL I 954 -1.44 -85.64 31.32
CA VAL I 954 -1.80 -86.61 30.27
C VAL I 954 -3.29 -86.48 29.96
N GLU I 955 -4.13 -86.53 30.98
CA GLU I 955 -5.59 -86.47 30.77
C GLU I 955 -5.93 -85.13 30.13
N GLU I 956 -5.33 -84.06 30.61
CA GLU I 956 -5.62 -82.70 30.12
C GLU I 956 -5.23 -82.64 28.62
N ARG I 957 -4.11 -83.26 28.24
CA ARG I 957 -3.55 -83.13 26.88
C ARG I 957 -4.46 -83.94 25.94
N PHE I 958 -5.02 -85.06 26.40
CA PHE I 958 -5.64 -86.07 25.51
C PHE I 958 -7.18 -86.06 25.60
N THR I 959 -7.78 -85.34 26.53
CA THR I 959 -9.26 -85.24 26.65
C THR I 959 -9.78 -84.20 25.65
N LYS I 960 -10.95 -84.47 25.08
CA LYS I 960 -11.61 -83.61 24.07
C LYS I 960 -12.50 -82.60 24.80
N SER I 961 -12.95 -82.95 25.99
CA SER I 961 -13.92 -82.14 26.78
C SER I 961 -13.58 -82.21 28.27
N LYS I 962 -14.02 -81.18 29.00
CA LYS I 962 -14.07 -81.14 30.49
C LYS I 962 -14.61 -82.49 30.97
N THR I 963 -13.83 -83.23 31.76
CA THR I 963 -14.20 -84.54 32.35
C THR I 963 -13.66 -84.61 33.79
N LEU I 964 -14.01 -85.69 34.49
CA LEU I 964 -13.49 -86.03 35.84
C LEU I 964 -12.13 -86.69 35.65
N SER I 965 -11.15 -86.30 36.47
CA SER I 965 -9.87 -87.04 36.56
C SER I 965 -10.16 -88.49 36.93
N LEU I 966 -9.51 -89.43 36.24
CA LEU I 966 -9.49 -90.88 36.60
C LEU I 966 -8.59 -91.12 37.81
N ILE I 967 -7.83 -90.11 38.26
CA ILE I 967 -7.04 -90.16 39.52
C ILE I 967 -7.58 -89.02 40.38
N GLN I 968 -8.60 -89.30 41.19
CA GLN I 968 -9.25 -88.30 42.06
C GLN I 968 -8.35 -87.99 43.25
N SER I 969 -7.68 -89.02 43.78
CA SER I 969 -6.70 -88.86 44.87
C SER I 969 -5.42 -89.57 44.47
N TYR I 970 -4.26 -89.00 44.81
CA TYR I 970 -2.95 -89.63 44.49
C TYR I 970 -2.78 -90.93 45.27
N SER I 971 -3.58 -91.20 46.32
CA SER I 971 -3.59 -92.49 47.04
C SER I 971 -3.81 -93.66 46.08
N LEU I 972 -4.55 -93.46 44.99
CA LEU I 972 -4.74 -94.47 43.90
C LEU I 972 -3.38 -94.91 43.33
N LEU I 973 -2.35 -94.06 43.40
CA LEU I 973 -1.01 -94.41 42.86
C LEU I 973 -0.30 -95.43 43.74
N ASP I 974 -0.80 -95.76 44.93
CA ASP I 974 -0.23 -96.84 45.79
C ASP I 974 -0.35 -98.21 45.11
N LYS I 975 -1.13 -98.34 44.03
CA LYS I 975 -1.06 -99.45 43.04
C LYS I 975 -0.72 -98.87 41.66
N PRO I 976 0.55 -98.47 41.41
CA PRO I 976 0.87 -97.56 40.32
C PRO I 976 0.60 -98.12 38.91
N ASP I 977 0.82 -99.42 38.68
CA ASP I 977 0.58 -100.07 37.36
C ASP I 977 -0.90 -99.93 36.99
N GLU I 978 -1.80 -100.16 37.94
CA GLU I 978 -3.27 -100.11 37.73
C GLU I 978 -3.72 -98.69 37.40
N ALA I 979 -3.10 -97.68 38.02
CA ALA I 979 -3.41 -96.26 37.78
C ALA I 979 -2.95 -95.88 36.37
N ILE I 980 -1.73 -96.28 36.02
CA ILE I 980 -1.17 -96.05 34.67
C ILE I 980 -2.09 -96.72 33.64
N GLU I 981 -2.40 -98.00 33.81
CA GLU I 981 -3.27 -98.76 32.89
C GLU I 981 -4.61 -98.02 32.74
N LYS I 982 -5.15 -97.50 33.84
CA LYS I 982 -6.46 -96.82 33.83
C LYS I 982 -6.41 -95.51 33.02
N VAL I 983 -5.33 -94.75 33.15
CA VAL I 983 -5.21 -93.43 32.46
C VAL I 983 -4.94 -93.68 30.98
N PHE I 984 -4.07 -94.61 30.65
CA PHE I 984 -3.64 -94.86 29.25
C PHE I 984 -4.67 -95.70 28.50
N ASN I 985 -5.67 -96.27 29.19
CA ASN I 985 -6.79 -96.99 28.54
C ASN I 985 -7.83 -95.96 28.13
N ALA I 986 -8.02 -94.93 28.95
CA ALA I 986 -8.90 -93.79 28.64
C ALA I 986 -8.32 -92.95 27.51
N TYR I 987 -6.99 -92.84 27.42
CA TYR I 987 -6.28 -91.93 26.48
C TYR I 987 -5.21 -92.73 25.77
N PRO I 988 -5.60 -93.70 24.94
CA PRO I 988 -4.63 -94.58 24.33
C PRO I 988 -3.72 -93.90 23.28
N ALA I 989 -4.09 -92.69 22.83
CA ALA I 989 -3.23 -91.90 21.91
C ALA I 989 -1.94 -91.51 22.65
N ALA I 990 -2.02 -91.42 23.98
CA ALA I 990 -0.87 -91.05 24.83
C ALA I 990 0.14 -92.17 24.88
N ARG I 991 -0.20 -93.37 24.43
CA ARG I 991 0.79 -94.47 24.32
C ARG I 991 1.66 -94.32 23.07
N GLU I 992 1.24 -93.53 22.10
CA GLU I 992 1.89 -93.52 20.76
C GLU I 992 2.51 -92.15 20.48
N GLN I 993 2.13 -91.11 21.20
CA GLN I 993 2.57 -89.74 20.89
C GLN I 993 3.75 -89.34 21.81
N PHE I 994 4.76 -88.68 21.28
CA PHE I 994 5.85 -88.12 22.10
C PHE I 994 5.28 -86.94 22.85
N LEU I 995 5.91 -86.61 23.95
CA LEU I 995 5.52 -85.45 24.76
C LEU I 995 5.35 -84.23 23.86
N ASN I 996 4.21 -83.60 23.93
CA ASN I 996 4.08 -82.21 23.47
C ASN I 996 5.25 -81.41 24.08
N ALA I 997 5.87 -80.53 23.32
CA ALA I 997 6.98 -79.67 23.76
C ALA I 997 6.57 -78.90 25.03
N GLN I 998 5.30 -78.54 25.16
CA GLN I 998 4.77 -77.86 26.36
C GLN I 998 4.86 -78.75 27.60
N ASP I 999 4.62 -80.04 27.42
CA ASP I 999 4.62 -81.04 28.50
C ASP I 999 6.07 -81.41 28.85
N ILE I 1000 7.02 -81.19 27.97
CA ILE I 1000 8.46 -81.39 28.29
C ILE I 1000 8.83 -80.29 29.28
N ASP I 1001 8.51 -79.06 28.94
CA ASP I 1001 8.79 -77.87 29.75
C ASP I 1001 8.12 -77.99 31.11
N HIS I 1002 6.86 -78.41 31.14
CA HIS I 1002 6.12 -78.60 32.41
C HIS I 1002 6.81 -79.66 33.25
N PHE I 1003 7.14 -80.80 32.67
CA PHE I 1003 7.87 -81.86 33.36
C PHE I 1003 9.18 -81.33 33.95
N LEU I 1004 9.95 -80.55 33.20
CA LEU I 1004 11.24 -80.03 33.70
C LEU I 1004 10.98 -78.96 34.78
N SER I 1005 9.89 -78.21 34.68
CA SER I 1005 9.50 -77.21 35.70
C SER I 1005 9.15 -77.92 37.02
N MET I 1006 8.50 -79.08 36.93
CA MET I 1006 8.12 -79.93 38.06
C MET I 1006 9.36 -80.56 38.70
N CYS I 1007 10.44 -80.77 37.94
CA CYS I 1007 11.70 -81.37 38.46
C CYS I 1007 12.44 -80.36 39.34
N GLN I 1008 12.12 -79.07 39.23
CA GLN I 1008 12.75 -77.94 39.95
C GLN I 1008 11.81 -77.40 41.03
N ASN I 1009 10.71 -78.08 41.30
CA ASN I 1009 9.78 -77.72 42.41
C ASN I 1009 10.57 -77.80 43.71
N PRO I 1010 10.79 -76.69 44.43
CA PRO I 1010 11.61 -76.70 45.65
C PRO I 1010 10.94 -77.42 46.83
N MET I 1011 9.61 -77.51 46.86
CA MET I 1011 8.81 -78.15 47.94
C MET I 1011 8.61 -79.63 47.65
N GLN I 1012 9.69 -80.34 47.33
CA GLN I 1012 9.65 -81.72 46.78
C GLN I 1012 11.02 -82.32 46.96
N LYS I 1013 11.10 -83.60 47.24
CA LYS I 1013 12.41 -84.25 47.29
C LYS I 1013 13.01 -84.22 45.88
N PRO I 1014 14.29 -83.84 45.69
CA PRO I 1014 14.90 -83.81 44.36
C PRO I 1014 14.69 -85.12 43.62
N VAL I 1015 14.30 -85.00 42.34
CA VAL I 1015 13.99 -86.20 41.53
C VAL I 1015 15.24 -87.05 41.49
N PRO I 1016 15.11 -88.38 41.55
CA PRO I 1016 16.25 -89.27 41.53
C PRO I 1016 16.69 -89.64 40.10
N PHE I 1017 16.87 -88.62 39.27
CA PHE I 1017 17.34 -88.83 37.89
C PHE I 1017 17.80 -87.51 37.33
N VAL I 1018 18.49 -87.59 36.19
CA VAL I 1018 18.85 -86.39 35.42
C VAL I 1018 17.90 -86.31 34.24
N PRO I 1019 17.00 -85.33 34.15
CA PRO I 1019 16.01 -85.29 33.07
C PRO I 1019 16.41 -84.49 31.81
N VAL I 1020 17.52 -83.77 31.88
CA VAL I 1020 17.99 -82.89 30.78
C VAL I 1020 19.49 -82.61 31.01
N LEU I 1021 20.25 -82.37 29.93
CA LEU I 1021 21.63 -81.80 30.01
C LEU I 1021 21.58 -80.34 29.60
N ASP I 1022 21.64 -79.44 30.55
CA ASP I 1022 21.59 -77.99 30.32
C ASP I 1022 22.42 -77.32 31.43
N ARG I 1023 22.20 -76.03 31.66
CA ARG I 1023 23.06 -75.21 32.55
C ARG I 1023 22.95 -75.71 34.01
N ARG I 1024 21.84 -76.37 34.37
CA ARG I 1024 21.54 -76.86 35.74
C ARG I 1024 22.04 -78.30 35.96
N PHE I 1025 22.86 -78.83 35.08
CA PHE I 1025 23.31 -80.23 35.15
C PHE I 1025 24.05 -80.52 36.47
N GLU I 1026 24.86 -79.58 36.95
CA GLU I 1026 25.67 -79.78 38.19
C GLU I 1026 24.70 -79.97 39.37
N ILE I 1027 23.67 -79.12 39.43
CA ILE I 1027 22.60 -79.19 40.46
C ILE I 1027 21.84 -80.51 40.34
N PHE I 1028 21.44 -80.94 39.14
CA PHE I 1028 20.71 -82.22 38.98
C PHE I 1028 21.62 -83.36 39.42
N PHE I 1029 22.91 -83.25 39.10
CA PHE I 1029 23.88 -84.34 39.31
C PHE I 1029 24.17 -84.49 40.83
N LYS I 1030 24.44 -83.37 41.49
CA LYS I 1030 25.05 -83.35 42.86
C LYS I 1030 24.00 -83.20 43.96
N LYS I 1031 22.86 -82.60 43.69
CA LYS I 1031 21.91 -82.26 44.79
C LYS I 1031 21.42 -83.57 45.42
N ASP I 1032 21.20 -83.55 46.74
CA ASP I 1032 20.56 -84.63 47.53
C ASP I 1032 21.21 -85.96 47.22
N SER I 1033 22.53 -86.01 47.39
CA SER I 1033 23.37 -87.14 46.98
C SER I 1033 23.68 -88.09 48.15
N LEU I 1034 23.19 -87.85 49.37
CA LEU I 1034 23.72 -88.58 50.58
C LEU I 1034 22.77 -89.67 51.11
N TRP I 1035 21.48 -89.63 50.80
CA TRP I 1035 20.48 -90.55 51.40
C TRP I 1035 20.56 -91.94 50.77
N GLN I 1036 21.12 -92.07 49.57
CA GLN I 1036 21.02 -93.29 48.77
C GLN I 1036 21.77 -94.44 49.46
N SER I 1037 22.88 -94.14 50.14
CA SER I 1037 23.74 -95.17 50.82
C SER I 1037 22.99 -95.82 51.98
N GLU I 1038 21.96 -95.16 52.53
CA GLU I 1038 21.07 -95.72 53.59
C GLU I 1038 19.79 -96.34 53.02
N HIS I 1039 19.53 -96.21 51.72
CA HIS I 1039 18.24 -96.62 51.08
C HIS I 1039 18.56 -97.23 49.72
N LEU I 1040 19.39 -98.26 49.69
CA LEU I 1040 19.85 -98.88 48.43
C LEU I 1040 18.66 -99.52 47.71
N GLU I 1041 17.57 -99.82 48.41
CA GLU I 1041 16.31 -100.33 47.79
C GLU I 1041 15.73 -99.32 46.76
N ALA I 1042 16.03 -98.02 46.88
CA ALA I 1042 15.52 -96.94 45.99
C ALA I 1042 16.57 -96.52 44.96
N VAL I 1043 17.61 -97.32 44.76
CA VAL I 1043 18.70 -97.03 43.80
C VAL I 1043 18.59 -98.08 42.71
N VAL I 1044 18.94 -97.71 41.47
CA VAL I 1044 18.54 -98.43 40.23
C VAL I 1044 18.64 -99.95 40.43
N ASP I 1045 19.84 -100.49 40.62
CA ASP I 1045 20.05 -101.97 40.69
C ASP I 1045 20.29 -102.37 42.15
N GLN I 1046 19.76 -101.58 43.11
CA GLN I 1046 20.15 -101.62 44.54
C GLN I 1046 21.68 -101.60 44.66
N ASP I 1047 22.34 -100.93 43.71
CA ASP I 1047 23.80 -101.05 43.47
C ASP I 1047 24.53 -99.97 44.28
N VAL I 1048 25.28 -100.40 45.28
CA VAL I 1048 26.04 -99.50 46.19
C VAL I 1048 27.04 -98.68 45.36
N GLN I 1049 27.60 -99.26 44.30
CA GLN I 1049 28.67 -98.63 43.48
C GLN I 1049 28.19 -97.37 42.76
N ARG I 1050 26.89 -97.11 42.75
CA ARG I 1050 26.31 -95.87 42.16
C ARG I 1050 26.35 -94.71 43.17
N THR I 1051 26.59 -95.00 44.46
CA THR I 1051 26.21 -94.09 45.57
C THR I 1051 27.44 -93.36 46.14
N CYS I 1052 27.15 -92.29 46.86
CA CYS I 1052 28.08 -91.40 47.57
C CYS I 1052 28.07 -91.79 49.05
N ILE I 1053 29.14 -92.43 49.54
CA ILE I 1053 29.34 -92.78 50.98
C ILE I 1053 30.47 -91.91 51.52
N LEU I 1054 30.18 -91.06 52.50
CA LEU I 1054 31.18 -90.16 53.11
C LEU I 1054 31.98 -91.00 54.10
N HIS I 1055 33.30 -90.96 53.99
CA HIS I 1055 34.19 -91.78 54.83
C HIS I 1055 35.60 -91.23 54.73
N GLY I 1056 36.33 -91.30 55.83
CA GLY I 1056 37.64 -90.65 55.93
C GLY I 1056 38.72 -91.64 55.59
N PRO I 1057 39.79 -91.22 54.89
CA PRO I 1057 40.81 -92.14 54.43
C PRO I 1057 41.66 -92.75 55.54
N VAL I 1058 41.83 -92.04 56.65
CA VAL I 1058 42.69 -92.52 57.77
C VAL I 1058 41.84 -93.38 58.70
N ALA I 1059 40.67 -92.86 59.10
CA ALA I 1059 39.68 -93.63 59.88
C ALA I 1059 39.33 -94.96 59.20
N ALA I 1060 39.35 -95.03 57.88
CA ALA I 1060 39.01 -96.25 57.10
C ALA I 1060 39.92 -97.44 57.47
N GLN I 1061 41.12 -97.21 58.01
CA GLN I 1061 42.05 -98.31 58.43
C GLN I 1061 41.43 -99.18 59.52
N PHE I 1062 40.47 -98.66 60.30
CA PHE I 1062 39.91 -99.28 61.53
C PHE I 1062 38.46 -99.75 61.35
N THR I 1063 37.75 -99.34 60.29
CA THR I 1063 36.35 -99.80 60.00
C THR I 1063 36.43 -101.13 59.29
N LYS I 1064 36.35 -102.23 60.04
CA LYS I 1064 36.61 -103.62 59.56
C LYS I 1064 35.43 -104.53 59.87
N VAL I 1065 34.89 -104.46 61.09
CA VAL I 1065 33.85 -105.39 61.61
C VAL I 1065 32.48 -104.75 61.40
N ILE I 1066 31.68 -105.36 60.51
CA ILE I 1066 30.32 -104.89 60.14
C ILE I 1066 29.36 -105.29 61.25
N ASP I 1067 28.51 -104.34 61.67
CA ASP I 1067 27.34 -104.54 62.58
C ASP I 1067 27.80 -104.83 64.01
N GLU I 1068 29.01 -104.40 64.39
CA GLU I 1068 29.40 -104.23 65.81
C GLU I 1068 28.42 -103.25 66.45
N PRO I 1069 27.77 -103.58 67.59
CA PRO I 1069 26.90 -102.64 68.30
C PRO I 1069 27.64 -101.36 68.70
N ILE I 1070 26.98 -100.20 68.63
CA ILE I 1070 27.66 -98.90 68.89
C ILE I 1070 28.24 -98.94 70.30
N LYS I 1071 27.56 -99.61 71.23
CA LYS I 1071 28.00 -99.78 72.62
C LYS I 1071 29.35 -100.52 72.66
N SER I 1072 29.50 -101.61 71.90
CA SER I 1072 30.75 -102.38 71.85
C SER I 1072 31.88 -101.50 71.28
N ILE I 1073 31.57 -100.62 70.33
CA ILE I 1073 32.61 -99.79 69.68
C ILE I 1073 33.08 -98.74 70.69
N MET I 1074 32.14 -98.00 71.27
CA MET I 1074 32.46 -96.86 72.16
C MET I 1074 33.06 -97.43 73.45
N ASP I 1075 32.43 -98.43 74.08
CA ASP I 1075 32.99 -99.15 75.28
C ASP I 1075 34.38 -99.67 74.99
N GLY I 1076 34.58 -100.32 73.84
CA GLY I 1076 35.87 -100.87 73.43
C GLY I 1076 36.95 -99.81 73.45
N ILE I 1077 36.62 -98.59 73.06
CA ILE I 1077 37.58 -97.46 73.05
C ILE I 1077 37.82 -97.01 74.48
N HIS I 1078 36.75 -96.76 75.22
CA HIS I 1078 36.83 -96.27 76.62
C HIS I 1078 37.55 -97.30 77.50
N ASP I 1079 37.16 -98.57 77.40
CA ASP I 1079 37.77 -99.70 78.17
C ASP I 1079 39.24 -99.87 77.81
N GLY I 1080 39.60 -99.61 76.55
CA GLY I 1080 40.99 -99.61 76.07
C GLY I 1080 41.76 -98.51 76.74
N HIS I 1081 41.20 -97.30 76.80
CA HIS I 1081 41.82 -96.15 77.50
C HIS I 1081 41.98 -96.47 78.99
N ILE I 1082 40.95 -97.00 79.63
CA ILE I 1082 40.96 -97.34 81.07
C ILE I 1082 42.13 -98.30 81.33
N LYS I 1083 42.15 -99.44 80.67
CA LYS I 1083 43.20 -100.48 80.75
C LYS I 1083 44.60 -99.85 80.66
N LYS I 1084 44.82 -98.94 79.72
CA LYS I 1084 46.16 -98.37 79.44
C LYS I 1084 46.53 -97.38 80.54
N LEU I 1085 45.58 -96.56 80.99
CA LEU I 1085 45.81 -95.61 82.10
C LEU I 1085 46.03 -96.39 83.38
N LEU I 1086 45.30 -97.49 83.57
CA LEU I 1086 45.40 -98.29 84.81
C LEU I 1086 46.83 -98.83 84.90
N HIS I 1087 47.35 -99.36 83.80
CA HIS I 1087 48.74 -99.91 83.70
C HIS I 1087 49.75 -98.79 83.93
N GLN I 1088 49.63 -97.68 83.20
CA GLN I 1088 50.66 -96.62 83.16
C GLN I 1088 50.67 -95.83 84.48
N TYR I 1089 49.51 -95.50 85.05
CA TYR I 1089 49.40 -94.48 86.12
C TYR I 1089 48.80 -95.01 87.43
N TYR I 1090 48.32 -96.23 87.50
CA TYR I 1090 47.64 -96.76 88.72
C TYR I 1090 48.17 -98.16 89.06
N GLY I 1091 49.37 -98.54 88.59
CA GLY I 1091 50.04 -99.83 88.86
C GLY I 1091 49.11 -101.03 88.75
N ASP I 1092 48.28 -101.09 87.69
CA ASP I 1092 47.36 -102.21 87.36
C ASP I 1092 46.36 -102.48 88.51
N ASP I 1093 46.15 -101.53 89.43
CA ASP I 1093 45.33 -101.71 90.66
C ASP I 1093 44.11 -100.78 90.63
N GLU I 1094 42.91 -101.35 90.52
CA GLU I 1094 41.62 -100.61 90.48
C GLU I 1094 41.32 -99.94 91.84
N SER I 1095 41.90 -100.47 92.94
CA SER I 1095 41.71 -99.93 94.32
C SER I 1095 42.32 -98.52 94.46
N LYS I 1096 43.31 -98.18 93.62
CA LYS I 1096 43.96 -96.83 93.65
C LYS I 1096 43.11 -95.79 92.89
N ILE I 1097 42.08 -96.22 92.15
CA ILE I 1097 41.18 -95.26 91.44
C ILE I 1097 40.34 -94.56 92.49
N PRO I 1098 40.42 -93.23 92.64
CA PRO I 1098 39.55 -92.51 93.56
C PRO I 1098 38.06 -92.73 93.23
N ALA I 1099 37.21 -92.78 94.26
CA ALA I 1099 35.75 -92.91 94.15
C ALA I 1099 35.12 -91.55 94.46
N VAL I 1100 34.03 -91.25 93.76
CA VAL I 1100 33.11 -90.12 94.07
C VAL I 1100 31.70 -90.70 94.02
N GLU I 1101 30.71 -90.04 94.60
CA GLU I 1101 29.33 -90.62 94.62
C GLU I 1101 28.81 -90.63 93.17
N TYR I 1102 28.92 -89.49 92.50
CA TYR I 1102 28.54 -89.35 91.07
C TYR I 1102 29.64 -88.59 90.36
N PHE I 1103 29.78 -88.92 89.09
CA PHE I 1103 30.80 -88.31 88.22
C PHE I 1103 30.09 -87.40 87.23
N GLY I 1104 30.46 -86.12 87.18
CA GLY I 1104 29.86 -85.17 86.25
C GLY I 1104 29.46 -83.89 86.93
N GLY I 1105 29.10 -82.90 86.12
CA GLY I 1105 28.51 -81.62 86.54
C GLY I 1105 29.56 -80.61 86.95
N GLU I 1106 30.84 -80.91 86.74
CA GLU I 1106 31.97 -80.02 87.09
C GLU I 1106 32.27 -79.12 85.89
N SER I 1107 31.95 -77.83 85.98
CA SER I 1107 32.32 -76.81 84.96
C SER I 1107 33.84 -76.80 84.79
N PRO I 1108 34.37 -76.71 83.56
CA PRO I 1108 35.81 -76.68 83.33
C PRO I 1108 36.56 -75.46 83.89
N VAL I 1109 35.85 -74.41 84.32
CA VAL I 1109 36.42 -73.22 85.03
C VAL I 1109 36.38 -73.46 86.55
N GLU I 1122 33.12 -78.69 108.11
CA GLU I 1122 32.46 -78.35 109.40
C GLU I 1122 31.09 -79.05 109.48
N ASP I 1123 30.72 -79.54 110.67
CA ASP I 1123 29.50 -80.35 110.93
C ASP I 1123 28.28 -79.42 111.08
N SER I 1124 28.35 -78.50 112.05
CA SER I 1124 27.34 -77.46 112.33
C SER I 1124 27.85 -76.11 111.82
N ALA I 1125 27.18 -75.54 110.82
CA ALA I 1125 27.52 -74.23 110.21
C ALA I 1125 26.24 -73.38 110.06
N VAL I 1126 26.44 -72.07 109.91
CA VAL I 1126 25.38 -71.03 109.75
C VAL I 1126 25.91 -70.01 108.75
N PHE I 1127 25.11 -69.72 107.73
CA PHE I 1127 25.43 -68.77 106.63
C PHE I 1127 24.34 -67.70 106.62
N LYS I 1128 24.74 -66.45 106.48
CA LYS I 1128 23.86 -65.26 106.47
C LYS I 1128 24.05 -64.58 105.14
N ALA I 1129 22.99 -64.53 104.35
CA ALA I 1129 22.96 -63.80 103.07
C ALA I 1129 22.85 -62.31 103.37
N THR I 1130 23.50 -61.49 102.55
CA THR I 1130 23.41 -60.02 102.52
C THR I 1130 23.08 -59.61 101.08
N SER I 1131 22.92 -58.31 100.82
CA SER I 1131 22.68 -57.74 99.46
C SER I 1131 23.91 -58.01 98.56
N SER I 1132 25.11 -58.02 99.14
CA SER I 1132 26.41 -58.12 98.41
C SER I 1132 26.90 -59.58 98.34
N THR I 1133 26.23 -60.54 98.98
CA THR I 1133 26.61 -61.98 98.99
C THR I 1133 26.77 -62.46 97.54
N ASP I 1134 27.89 -63.09 97.23
CA ASP I 1134 28.21 -63.67 95.91
C ASP I 1134 27.47 -65.00 95.76
N GLU I 1135 26.76 -65.19 94.65
CA GLU I 1135 25.83 -66.32 94.40
C GLU I 1135 26.62 -67.64 94.28
N GLU I 1136 27.72 -67.63 93.51
CA GLU I 1136 28.57 -68.83 93.26
C GLU I 1136 29.22 -69.28 94.59
N SER I 1137 29.75 -68.34 95.38
CA SER I 1137 30.40 -68.61 96.68
C SER I 1137 29.36 -69.13 97.68
N TRP I 1138 28.16 -68.54 97.66
CA TRP I 1138 27.02 -68.93 98.52
C TRP I 1138 26.67 -70.40 98.26
N PHE I 1139 26.51 -70.81 97.00
CA PHE I 1139 26.07 -72.18 96.62
C PHE I 1139 27.21 -73.18 96.88
N LYS I 1140 28.46 -72.79 96.63
CA LYS I 1140 29.64 -73.64 96.99
C LYS I 1140 29.60 -73.94 98.48
N ALA I 1141 29.41 -72.91 99.31
CA ALA I 1141 29.33 -73.04 100.78
C ALA I 1141 28.19 -73.97 101.18
N LEU I 1142 26.98 -73.79 100.61
CA LEU I 1142 25.82 -74.67 100.94
C LEU I 1142 26.07 -76.07 100.43
N ALA I 1143 26.63 -76.21 99.23
CA ALA I 1143 26.96 -77.50 98.59
C ALA I 1143 27.87 -78.35 99.49
N GLY I 1144 28.86 -77.71 100.13
CA GLY I 1144 29.95 -78.43 100.81
C GLY I 1144 31.02 -78.88 99.83
N SER I 1145 32.01 -79.62 100.32
CA SER I 1145 33.21 -80.10 99.57
C SER I 1145 32.92 -81.47 98.98
N GLU I 1146 32.31 -82.35 99.77
CA GLU I 1146 32.08 -83.77 99.40
C GLU I 1146 31.04 -83.85 98.28
N ILE I 1147 31.21 -84.79 97.35
CA ILE I 1147 30.26 -85.06 96.24
C ILE I 1147 29.17 -85.98 96.82
N ASN I 1148 27.97 -85.47 96.98
CA ASN I 1148 26.83 -86.23 97.60
C ASN I 1148 25.54 -85.54 97.16
N TRP I 1149 24.39 -85.97 97.68
CA TRP I 1149 23.06 -85.38 97.37
C TRP I 1149 23.09 -83.86 97.55
N ARG I 1150 23.82 -83.35 98.54
CA ARG I 1150 23.76 -81.93 98.92
C ARG I 1150 24.57 -81.10 97.93
N HIS I 1151 25.67 -81.66 97.45
CA HIS I 1151 26.51 -81.04 96.39
C HIS I 1151 25.67 -80.90 95.11
N ALA I 1152 25.02 -81.99 94.69
CA ALA I 1152 24.09 -82.02 93.53
C ALA I 1152 22.99 -81.00 93.76
N SER I 1153 22.37 -80.99 94.94
CA SER I 1153 21.22 -80.11 95.24
C SER I 1153 21.58 -78.66 94.96
N PHE I 1154 22.79 -78.23 95.32
CA PHE I 1154 23.15 -76.80 95.32
C PHE I 1154 23.95 -76.42 94.08
N LEU I 1155 24.47 -77.38 93.30
CA LEU I 1155 25.38 -77.05 92.17
C LEU I 1155 24.88 -77.53 90.81
N CYS I 1156 24.05 -78.57 90.73
CA CYS I 1156 23.35 -78.93 89.46
C CYS I 1156 22.56 -77.70 89.01
N SER I 1157 22.81 -77.24 87.80
CA SER I 1157 22.06 -76.11 87.19
C SER I 1157 20.65 -76.61 86.83
N PHE I 1158 20.53 -77.88 86.51
CA PHE I 1158 19.27 -78.51 86.02
C PHE I 1158 18.88 -79.66 86.93
N ILE I 1159 17.58 -79.90 87.01
CA ILE I 1159 17.03 -81.21 87.43
C ILE I 1159 16.14 -81.74 86.31
N THR I 1160 15.76 -82.98 86.45
CA THR I 1160 14.92 -83.75 85.51
C THR I 1160 13.46 -83.74 86.04
N GLN I 1161 12.49 -83.51 85.15
CA GLN I 1161 11.04 -83.73 85.34
C GLN I 1161 10.57 -84.65 84.22
N ASP I 1162 10.47 -85.94 84.50
CA ASP I 1162 10.31 -87.03 83.49
C ASP I 1162 11.55 -86.97 82.58
N LYS I 1163 11.44 -86.49 81.34
CA LYS I 1163 12.60 -86.46 80.39
C LYS I 1163 13.04 -85.03 80.19
N MET I 1164 12.30 -84.08 80.74
CA MET I 1164 12.64 -82.65 80.58
C MET I 1164 13.73 -82.29 81.61
N PHE I 1165 14.46 -81.24 81.31
CA PHE I 1165 15.57 -80.67 82.08
C PHE I 1165 15.19 -79.24 82.39
N VAL I 1166 14.79 -78.97 83.63
CA VAL I 1166 14.33 -77.63 84.10
C VAL I 1166 15.39 -77.09 85.06
N SER I 1167 15.31 -75.80 85.33
CA SER I 1167 16.21 -75.09 86.28
C SER I 1167 16.07 -75.73 87.65
N ASN I 1168 17.20 -75.95 88.33
CA ASN I 1168 17.25 -76.51 89.70
C ASN I 1168 16.41 -75.62 90.63
N PRO I 1169 15.28 -76.12 91.17
CA PRO I 1169 14.43 -75.32 92.05
C PRO I 1169 15.07 -75.05 93.42
N ILE I 1170 15.92 -75.95 93.88
CA ILE I 1170 16.67 -75.81 95.16
C ILE I 1170 17.56 -74.56 95.06
N ARG I 1171 18.24 -74.35 93.95
CA ARG I 1171 19.04 -73.12 93.76
C ARG I 1171 18.15 -71.88 93.74
N LYS I 1172 16.98 -71.95 93.09
CA LYS I 1172 16.04 -70.80 93.02
C LYS I 1172 15.60 -70.40 94.45
N VAL I 1173 15.23 -71.38 95.26
CA VAL I 1173 14.68 -71.20 96.63
C VAL I 1173 15.76 -70.65 97.57
N PHE I 1174 16.99 -71.13 97.45
CA PHE I 1174 18.14 -70.71 98.29
C PHE I 1174 18.97 -69.63 97.59
N LYS I 1175 18.50 -69.02 96.51
CA LYS I 1175 19.10 -67.79 95.93
C LYS I 1175 19.22 -66.77 97.06
N PRO I 1176 20.44 -66.24 97.35
CA PRO I 1176 20.66 -65.43 98.55
C PRO I 1176 20.11 -64.00 98.43
N SER I 1177 19.53 -63.53 99.53
CA SER I 1177 18.97 -62.17 99.70
C SER I 1177 19.00 -61.83 101.20
N GLN I 1178 19.07 -60.55 101.53
CA GLN I 1178 19.16 -60.03 102.93
C GLN I 1178 18.07 -60.67 103.78
N GLY I 1179 18.46 -61.29 104.90
CA GLY I 1179 17.54 -61.82 105.93
C GLY I 1179 17.56 -63.34 105.95
N MET I 1180 18.05 -63.96 104.88
CA MET I 1180 18.12 -65.44 104.77
C MET I 1180 19.25 -65.96 105.65
N VAL I 1181 18.94 -66.96 106.46
CA VAL I 1181 19.90 -67.64 107.37
C VAL I 1181 19.79 -69.13 107.08
N VAL I 1182 20.88 -69.74 106.61
CA VAL I 1182 20.95 -71.19 106.35
C VAL I 1182 21.81 -71.86 107.42
N GLU I 1183 21.20 -72.73 108.21
CA GLU I 1183 21.86 -73.58 109.20
C GLU I 1183 22.05 -74.97 108.57
N ILE I 1184 23.30 -75.42 108.42
CA ILE I 1184 23.62 -76.82 108.05
C ILE I 1184 23.96 -77.58 109.32
N SER I 1185 23.29 -78.70 109.55
CA SER I 1185 23.47 -79.60 110.72
C SER I 1185 23.86 -80.98 110.20
N ASN I 1186 24.82 -81.62 110.86
CA ASN I 1186 25.42 -82.92 110.47
C ASN I 1186 26.03 -82.81 109.07
N GLY I 1187 26.64 -81.68 108.74
CA GLY I 1187 27.25 -81.40 107.43
C GLY I 1187 28.23 -82.47 106.95
N ASN I 1188 28.86 -83.22 107.87
CA ASN I 1188 29.92 -84.21 107.57
C ASN I 1188 29.34 -85.59 107.27
N THR I 1189 28.16 -85.92 107.80
CA THR I 1189 27.43 -87.19 107.52
C THR I 1189 26.27 -86.90 106.56
N SER I 1190 26.42 -87.25 105.29
CA SER I 1190 25.47 -86.91 104.19
C SER I 1190 24.07 -87.46 104.52
N SER I 1191 23.98 -88.71 104.97
CA SER I 1191 22.70 -89.41 105.30
C SER I 1191 21.85 -88.63 106.31
N LYS I 1192 22.46 -87.79 107.13
CA LYS I 1192 21.82 -87.09 108.28
C LYS I 1192 21.84 -85.58 108.08
N THR I 1193 22.55 -85.07 107.09
CA THR I 1193 22.68 -83.62 106.88
C THR I 1193 21.29 -83.03 106.75
N VAL I 1194 21.06 -81.89 107.39
CA VAL I 1194 19.79 -81.12 107.26
C VAL I 1194 20.18 -79.68 106.96
N VAL I 1195 19.70 -79.14 105.85
CA VAL I 1195 19.89 -77.70 105.50
C VAL I 1195 18.56 -77.01 105.78
N THR I 1196 18.59 -76.02 106.66
CA THR I 1196 17.38 -75.32 107.16
C THR I 1196 17.55 -73.86 106.81
N LEU I 1197 16.68 -73.36 105.93
CA LEU I 1197 16.60 -71.93 105.59
C LEU I 1197 15.60 -71.31 106.55
N SER I 1198 15.98 -70.20 107.15
CA SER I 1198 15.12 -69.39 108.05
C SER I 1198 15.15 -67.98 107.48
N GLU I 1199 13.99 -67.33 107.49
CA GLU I 1199 13.81 -65.97 106.96
C GLU I 1199 12.97 -65.23 107.97
N PRO I 1200 12.97 -63.88 107.93
CA PRO I 1200 12.01 -63.08 108.68
C PRO I 1200 10.56 -63.31 108.22
N VAL I 1201 9.68 -63.66 109.16
CA VAL I 1201 8.21 -63.83 108.96
C VAL I 1201 7.50 -63.03 110.06
N GLN I 1202 6.92 -61.86 109.70
CA GLN I 1202 6.20 -60.94 110.61
C GLN I 1202 7.16 -60.52 111.73
N GLY I 1203 8.32 -59.98 111.34
CA GLY I 1203 9.40 -59.53 112.24
C GLY I 1203 10.37 -60.65 112.56
N GLU I 1204 9.91 -61.71 113.25
CA GLU I 1204 10.79 -62.75 113.84
C GLU I 1204 11.25 -63.74 112.75
N LEU I 1205 12.31 -64.51 113.04
CA LEU I 1205 13.00 -65.43 112.09
C LEU I 1205 12.46 -66.85 112.28
N LYS I 1206 11.90 -67.45 111.23
CA LYS I 1206 11.24 -68.78 111.27
C LYS I 1206 11.80 -69.64 110.15
N PRO I 1207 11.77 -70.99 110.31
CA PRO I 1207 12.15 -71.91 109.25
C PRO I 1207 11.20 -71.84 108.04
N THR I 1208 11.73 -71.55 106.85
CA THR I 1208 10.94 -71.49 105.59
C THR I 1208 11.17 -72.76 104.76
N VAL I 1209 12.40 -73.26 104.67
CA VAL I 1209 12.71 -74.47 103.88
C VAL I 1209 13.55 -75.43 104.72
N ILE I 1210 13.26 -76.72 104.65
CA ILE I 1210 14.10 -77.78 105.24
C ILE I 1210 14.42 -78.81 104.16
N LEU I 1211 15.70 -78.89 103.84
CA LEU I 1211 16.26 -79.80 102.81
C LEU I 1211 16.99 -80.93 103.53
N LYS I 1212 16.54 -82.16 103.36
CA LYS I 1212 17.27 -83.35 103.87
C LYS I 1212 17.01 -84.56 102.96
N LEU I 1213 17.67 -85.67 103.28
CA LEU I 1213 17.46 -87.01 102.68
C LEU I 1213 16.39 -87.71 103.50
N LEU I 1214 15.28 -88.04 102.86
CA LEU I 1214 14.17 -88.75 103.54
C LEU I 1214 14.59 -90.21 103.69
N LYS I 1215 14.94 -90.83 102.55
CA LYS I 1215 15.44 -92.22 102.40
C LYS I 1215 16.81 -92.08 101.74
N GLU I 1216 17.49 -93.20 101.43
CA GLU I 1216 18.83 -93.23 100.77
C GLU I 1216 18.87 -92.34 99.51
N ASN I 1217 17.81 -92.35 98.70
CA ASN I 1217 17.82 -91.78 97.32
C ASN I 1217 16.78 -90.67 97.16
N ILE I 1218 16.10 -90.25 98.25
CA ILE I 1218 14.96 -89.31 98.15
C ILE I 1218 15.32 -88.04 98.89
N ILE I 1219 15.51 -86.97 98.16
CA ILE I 1219 15.74 -85.61 98.71
C ILE I 1219 14.37 -84.98 98.95
N GLN I 1220 14.12 -84.50 100.16
CA GLN I 1220 12.89 -83.77 100.50
C GLN I 1220 13.24 -82.30 100.71
N MET I 1221 12.67 -81.42 99.90
CA MET I 1221 12.68 -79.97 100.13
C MET I 1221 11.31 -79.58 100.68
N GLU I 1222 11.23 -79.43 102.00
CA GLU I 1222 9.99 -79.07 102.72
C GLU I 1222 9.85 -77.56 102.64
N MET I 1223 8.88 -77.07 101.88
CA MET I 1223 8.57 -75.62 101.76
C MET I 1223 7.54 -75.34 102.83
N ILE I 1224 7.81 -74.39 103.71
CA ILE I 1224 6.95 -74.14 104.90
C ILE I 1224 6.27 -72.79 104.71
N GLU I 1225 4.95 -72.77 104.89
CA GLU I 1225 4.18 -71.51 105.00
C GLU I 1225 3.87 -71.31 106.48
N ASN I 1226 4.19 -70.13 107.00
CA ASN I 1226 4.02 -69.76 108.43
C ASN I 1226 2.75 -68.95 108.61
N ARG I 1227 2.32 -68.20 107.58
CA ARG I 1227 1.07 -67.39 107.58
C ARG I 1227 -0.09 -68.30 107.18
N THR I 1228 -0.77 -68.88 108.18
CA THR I 1228 -1.81 -69.91 107.97
C THR I 1228 -3.14 -69.47 108.62
N MET I 1229 -4.16 -70.32 108.54
CA MET I 1229 -5.51 -70.05 109.09
C MET I 1229 -5.47 -70.12 110.62
N ASP I 1230 -4.85 -71.16 111.18
CA ASP I 1230 -4.85 -71.48 112.64
C ASP I 1230 -3.53 -71.09 113.31
N GLY I 1231 -2.53 -70.58 112.56
CA GLY I 1231 -1.22 -70.18 113.11
C GLY I 1231 -0.18 -71.30 113.07
N LYS I 1232 -0.60 -72.58 113.02
CA LYS I 1232 0.30 -73.74 112.85
C LYS I 1232 0.94 -73.67 111.47
N PRO I 1233 2.27 -73.87 111.30
CA PRO I 1233 2.88 -73.88 109.97
C PRO I 1233 2.34 -75.03 109.09
N VAL I 1234 2.27 -74.78 107.79
CA VAL I 1234 1.84 -75.78 106.77
C VAL I 1234 3.07 -76.05 105.90
N SER I 1235 3.35 -77.33 105.63
CA SER I 1235 4.55 -77.79 104.90
C SER I 1235 4.15 -78.50 103.61
N LEU I 1236 4.75 -78.09 102.49
CA LEU I 1236 4.69 -78.76 101.18
C LEU I 1236 5.96 -79.58 100.97
N PRO I 1237 5.90 -80.93 101.07
CA PRO I 1237 7.06 -81.77 100.77
C PRO I 1237 7.26 -81.98 99.26
N LEU I 1238 8.16 -81.21 98.66
CA LEU I 1238 8.69 -81.46 97.31
C LEU I 1238 9.74 -82.57 97.39
N LEU I 1239 9.58 -83.63 96.62
CA LEU I 1239 10.45 -84.84 96.64
C LEU I 1239 11.24 -84.93 95.34
N TYR I 1240 12.51 -85.34 95.47
CA TYR I 1240 13.44 -85.49 94.33
C TYR I 1240 14.18 -86.81 94.51
N ASN I 1241 14.27 -87.58 93.43
CA ASN I 1241 15.14 -88.77 93.37
C ASN I 1241 16.57 -88.26 93.23
N PHE I 1242 17.49 -88.92 93.92
CA PHE I 1242 18.95 -88.74 93.78
C PHE I 1242 19.46 -90.05 93.19
N ASN I 1243 19.97 -89.96 91.96
CA ASN I 1243 20.49 -91.12 91.20
C ASN I 1243 21.93 -90.78 90.82
N PRO I 1244 22.92 -91.23 91.60
CA PRO I 1244 24.31 -90.85 91.36
C PRO I 1244 24.93 -91.55 90.14
N ASP I 1245 24.24 -92.53 89.54
CA ASP I 1245 24.63 -93.12 88.22
C ASP I 1245 24.47 -92.11 87.08
N ASN I 1246 23.63 -91.09 87.24
CA ASN I 1246 23.47 -90.05 86.20
C ASN I 1246 24.16 -88.80 86.71
N GLY I 1247 25.47 -88.72 86.52
CA GLY I 1247 26.29 -87.64 87.08
C GLY I 1247 25.97 -86.28 86.53
N PHE I 1248 25.49 -86.22 85.29
CA PHE I 1248 25.20 -84.92 84.66
C PHE I 1248 23.94 -84.32 85.27
N ALA I 1249 22.94 -85.13 85.58
CA ALA I 1249 21.67 -84.66 86.20
C ALA I 1249 21.19 -85.72 87.18
N PRO I 1250 21.84 -85.82 88.35
CA PRO I 1250 21.52 -86.87 89.30
C PRO I 1250 20.17 -86.66 90.02
N ILE I 1251 19.63 -85.44 89.98
CA ILE I 1251 18.36 -85.12 90.70
C ILE I 1251 17.21 -85.05 89.69
N SER I 1252 16.17 -85.83 89.95
CA SER I 1252 14.91 -85.86 89.19
C SER I 1252 13.75 -85.65 90.16
N GLU I 1253 12.79 -84.80 89.80
CA GLU I 1253 11.59 -84.54 90.63
C GLU I 1253 10.70 -85.77 90.61
N VAL I 1254 10.12 -86.11 91.76
CA VAL I 1254 9.08 -87.17 91.90
C VAL I 1254 7.76 -86.50 91.50
N MET I 1255 7.30 -86.80 90.28
CA MET I 1255 6.15 -86.11 89.64
C MET I 1255 4.85 -86.82 90.04
N GLU I 1256 4.94 -88.07 90.50
CA GLU I 1256 3.77 -88.86 90.97
C GLU I 1256 3.21 -88.17 92.23
N ASP I 1257 1.93 -87.80 92.19
CA ASP I 1257 1.18 -87.25 93.35
C ASP I 1257 1.64 -85.82 93.64
N ARG I 1258 2.43 -85.19 92.77
CA ARG I 1258 2.99 -83.85 93.03
C ARG I 1258 1.85 -82.82 93.06
N ASN I 1259 0.88 -82.90 92.15
CA ASN I 1259 -0.26 -81.94 92.12
C ASN I 1259 -1.14 -82.16 93.35
N GLN I 1260 -1.27 -83.40 93.80
CA GLN I 1260 -2.00 -83.77 95.04
C GLN I 1260 -1.32 -83.15 96.27
N ARG I 1261 0.02 -83.19 96.32
CA ARG I 1261 0.77 -82.67 97.49
C ARG I 1261 0.57 -81.17 97.55
N ILE I 1262 0.68 -80.50 96.41
CA ILE I 1262 0.47 -79.04 96.32
C ILE I 1262 -0.97 -78.72 96.73
N LYS I 1263 -1.95 -79.47 96.24
CA LYS I 1263 -3.37 -79.21 96.55
C LYS I 1263 -3.61 -79.37 98.05
N GLU I 1264 -3.00 -80.37 98.67
CA GLU I 1264 -3.13 -80.62 100.13
C GLU I 1264 -2.65 -79.40 100.90
N MET I 1265 -1.57 -78.75 100.47
CA MET I 1265 -1.07 -77.54 101.15
C MET I 1265 -2.13 -76.45 100.97
N TYR I 1266 -2.52 -76.20 99.72
CA TYR I 1266 -3.43 -75.08 99.42
C TYR I 1266 -4.76 -75.35 100.11
N TRP I 1267 -5.16 -76.61 100.24
CA TRP I 1267 -6.42 -76.94 100.94
C TRP I 1267 -6.35 -76.43 102.39
N LYS I 1268 -5.25 -76.73 103.10
CA LYS I 1268 -5.05 -76.32 104.51
C LYS I 1268 -5.07 -74.80 104.60
N LEU I 1269 -4.55 -74.10 103.59
CA LEU I 1269 -4.43 -72.62 103.63
C LEU I 1269 -5.76 -71.97 103.30
N TRP I 1270 -6.59 -72.60 102.47
CA TRP I 1270 -7.77 -71.92 101.89
C TRP I 1270 -9.08 -72.47 102.46
N ILE I 1271 -9.18 -73.78 102.65
CA ILE I 1271 -10.48 -74.44 102.97
C ILE I 1271 -10.41 -74.92 104.43
N ASP I 1272 -11.51 -74.75 105.17
CA ASP I 1272 -11.65 -75.13 106.61
C ASP I 1272 -12.50 -76.39 106.69
N GLU I 1273 -12.16 -77.41 105.88
CA GLU I 1273 -12.91 -78.68 105.73
C GLU I 1273 -11.90 -79.84 105.71
N PRO I 1274 -12.35 -81.11 105.86
CA PRO I 1274 -11.49 -82.26 105.61
C PRO I 1274 -11.02 -82.34 104.15
N PHE I 1275 -9.73 -82.61 103.94
CA PHE I 1275 -9.08 -82.71 102.61
C PHE I 1275 -9.66 -83.91 101.86
N ASN I 1276 -10.45 -83.62 100.81
CA ASN I 1276 -11.05 -84.64 99.92
C ASN I 1276 -11.22 -84.03 98.52
N LEU I 1277 -10.41 -84.50 97.57
CA LEU I 1277 -10.37 -84.05 96.15
C LEU I 1277 -11.34 -84.90 95.31
N ASP I 1278 -11.94 -85.94 95.88
CA ASP I 1278 -12.92 -86.83 95.21
C ASP I 1278 -14.32 -86.24 95.37
N PHE I 1279 -14.62 -85.19 94.60
CA PHE I 1279 -15.98 -84.64 94.39
C PHE I 1279 -16.10 -84.27 92.90
N ASP I 1280 -17.34 -84.16 92.40
CA ASP I 1280 -17.62 -84.00 90.95
C ASP I 1280 -17.56 -82.51 90.63
N PRO I 1281 -16.74 -82.07 89.65
CA PRO I 1281 -16.75 -80.70 89.18
C PRO I 1281 -18.08 -80.17 88.60
N ARG I 1282 -19.03 -81.05 88.32
CA ARG I 1282 -20.40 -80.73 87.85
C ARG I 1282 -21.27 -80.33 89.04
N ASP I 1283 -20.99 -80.86 90.23
CA ASP I 1283 -21.84 -80.66 91.45
C ASP I 1283 -21.70 -79.22 91.94
N VAL I 1284 -22.73 -78.74 92.61
CA VAL I 1284 -22.77 -77.41 93.27
C VAL I 1284 -21.85 -77.47 94.49
N ILE I 1285 -21.08 -76.42 94.73
CA ILE I 1285 -20.25 -76.29 95.96
C ILE I 1285 -21.01 -75.37 96.92
N LYS I 1286 -21.33 -75.87 98.10
CA LYS I 1286 -22.08 -75.12 99.15
C LYS I 1286 -21.05 -74.53 100.12
N GLY I 1287 -20.85 -73.21 100.07
CA GLY I 1287 -20.08 -72.48 101.09
C GLY I 1287 -20.89 -72.31 102.37
N LYS I 1288 -20.21 -72.16 103.50
CA LYS I 1288 -20.85 -71.97 104.83
C LYS I 1288 -21.38 -70.54 104.95
N ASP I 1289 -22.45 -70.35 105.74
CA ASP I 1289 -23.08 -69.03 105.98
C ASP I 1289 -22.03 -68.08 106.57
N PHE I 1290 -22.05 -66.84 106.11
CA PHE I 1290 -21.11 -65.77 106.51
C PHE I 1290 -21.93 -64.61 107.09
N GLU I 1291 -21.61 -64.19 108.31
CA GLU I 1291 -22.20 -62.99 108.94
C GLU I 1291 -21.26 -61.82 108.69
N ILE I 1292 -21.77 -60.76 108.06
CA ILE I 1292 -21.01 -59.52 107.76
C ILE I 1292 -20.99 -58.68 109.04
N THR I 1293 -19.83 -58.57 109.68
CA THR I 1293 -19.61 -57.77 110.91
C THR I 1293 -18.98 -56.44 110.52
N ALA I 1294 -19.22 -55.40 111.32
CA ALA I 1294 -18.57 -54.07 111.17
C ALA I 1294 -17.05 -54.26 111.12
N LYS I 1295 -16.51 -55.14 111.97
CA LYS I 1295 -15.03 -55.32 112.09
C LYS I 1295 -14.45 -55.81 110.76
N GLU I 1296 -15.09 -56.80 110.12
CA GLU I 1296 -14.62 -57.33 108.82
C GLU I 1296 -14.69 -56.23 107.76
N VAL I 1297 -15.74 -55.41 107.78
CA VAL I 1297 -15.88 -54.35 106.75
C VAL I 1297 -14.77 -53.32 106.92
N TYR I 1298 -14.58 -52.86 108.16
CA TYR I 1298 -13.48 -51.94 108.57
C TYR I 1298 -12.15 -52.49 108.04
N ASP I 1299 -11.82 -53.72 108.40
CA ASP I 1299 -10.51 -54.34 108.07
C ASP I 1299 -10.38 -54.43 106.55
N PHE I 1300 -11.45 -54.87 105.87
CA PHE I 1300 -11.44 -55.07 104.41
C PHE I 1300 -11.22 -53.74 103.72
N THR I 1301 -12.01 -52.73 104.09
CA THR I 1301 -11.97 -51.39 103.41
C THR I 1301 -10.59 -50.76 103.62
N HIS I 1302 -10.00 -50.94 104.80
CA HIS I 1302 -8.64 -50.40 105.09
C HIS I 1302 -7.62 -51.15 104.24
N ALA I 1303 -7.70 -52.48 104.20
CA ALA I 1303 -6.79 -53.35 103.40
C ALA I 1303 -6.80 -52.93 101.94
N VAL I 1304 -7.94 -52.50 101.38
CA VAL I 1304 -8.03 -52.22 99.91
C VAL I 1304 -8.02 -50.72 99.66
N GLY I 1305 -8.01 -49.88 100.70
CA GLY I 1305 -7.95 -48.42 100.53
C GLY I 1305 -9.26 -47.86 99.98
N ASN I 1306 -10.40 -48.36 100.47
CA ASN I 1306 -11.76 -47.90 100.09
C ASN I 1306 -12.28 -47.00 101.22
N ASN I 1307 -12.25 -45.68 101.01
CA ASN I 1307 -12.60 -44.64 102.01
C ASN I 1307 -14.04 -44.13 101.82
N CYS I 1308 -14.86 -44.83 101.04
CA CYS I 1308 -16.28 -44.48 100.78
C CYS I 1308 -17.05 -44.51 102.10
N GLU I 1309 -17.83 -43.45 102.38
CA GLU I 1309 -18.55 -43.23 103.64
C GLU I 1309 -19.60 -44.33 103.88
N ASP I 1310 -20.15 -44.96 102.84
CA ASP I 1310 -21.21 -46.00 103.01
C ASP I 1310 -20.68 -47.17 103.84
N PHE I 1311 -19.37 -47.41 103.84
CA PHE I 1311 -18.75 -48.58 104.53
C PHE I 1311 -18.23 -48.21 105.92
N VAL I 1312 -18.43 -46.97 106.34
CA VAL I 1312 -17.87 -46.42 107.61
C VAL I 1312 -19.04 -46.25 108.58
N SER I 1313 -18.87 -46.73 109.80
CA SER I 1313 -19.86 -46.54 110.89
C SER I 1313 -20.09 -45.04 111.06
N ARG I 1314 -21.34 -44.63 110.95
CA ARG I 1314 -21.82 -43.24 111.18
C ARG I 1314 -23.07 -43.34 112.03
N PRO I 1315 -23.36 -42.33 112.88
CA PRO I 1315 -24.53 -42.38 113.77
C PRO I 1315 -25.83 -42.38 112.96
N ASP I 1316 -26.84 -43.14 113.42
CA ASP I 1316 -28.23 -43.14 112.91
C ASP I 1316 -28.24 -43.55 111.42
N ARG I 1317 -27.47 -44.58 111.07
CA ARG I 1317 -27.18 -44.98 109.67
C ARG I 1317 -26.60 -46.39 109.65
N THR I 1318 -27.03 -47.21 108.70
CA THR I 1318 -26.64 -48.64 108.57
C THR I 1318 -25.38 -48.73 107.68
N MET I 1319 -24.39 -49.48 108.14
CA MET I 1319 -23.09 -49.65 107.47
C MET I 1319 -23.24 -50.70 106.35
N LEU I 1320 -22.85 -50.35 105.13
CA LEU I 1320 -22.87 -51.28 103.97
C LEU I 1320 -21.55 -52.02 103.90
N ALA I 1321 -21.54 -53.13 103.15
CA ALA I 1321 -20.30 -53.80 102.73
C ALA I 1321 -20.08 -53.46 101.28
N PRO I 1322 -18.82 -53.26 100.84
CA PRO I 1322 -18.53 -53.09 99.41
C PRO I 1322 -18.82 -54.40 98.64
N MET I 1323 -19.14 -54.32 97.35
CA MET I 1323 -19.45 -55.54 96.55
C MET I 1323 -18.22 -56.45 96.48
N ASP I 1324 -17.00 -55.88 96.51
CA ASP I 1324 -15.71 -56.61 96.62
C ASP I 1324 -15.74 -57.60 97.78
N PHE I 1325 -16.46 -57.26 98.84
CA PHE I 1325 -16.62 -58.10 100.04
C PHE I 1325 -17.23 -59.45 99.66
N ALA I 1326 -17.87 -59.56 98.49
CA ALA I 1326 -18.44 -60.81 97.95
C ALA I 1326 -17.35 -61.89 97.79
N ILE I 1327 -16.13 -61.50 97.41
CA ILE I 1327 -15.02 -62.47 97.22
C ILE I 1327 -14.60 -63.02 98.58
N VAL I 1328 -14.77 -62.25 99.65
CA VAL I 1328 -14.41 -62.68 101.03
C VAL I 1328 -15.40 -63.75 101.45
N VAL I 1329 -16.68 -63.48 101.22
CA VAL I 1329 -17.79 -64.39 101.58
C VAL I 1329 -17.69 -65.66 100.74
N GLY I 1330 -17.34 -65.52 99.47
CA GLY I 1330 -17.49 -66.58 98.47
C GLY I 1330 -16.19 -67.30 98.12
N TRP I 1331 -15.03 -66.78 98.57
CA TRP I 1331 -13.69 -67.31 98.18
C TRP I 1331 -13.65 -68.82 98.38
N ARG I 1332 -14.08 -69.32 99.52
CA ARG I 1332 -13.89 -70.74 99.89
C ARG I 1332 -14.70 -71.62 98.95
N ALA I 1333 -15.95 -71.25 98.67
CA ALA I 1333 -16.83 -71.96 97.72
C ALA I 1333 -16.21 -71.91 96.32
N ILE I 1334 -15.90 -70.70 95.86
CA ILE I 1334 -15.37 -70.44 94.50
C ILE I 1334 -14.06 -71.20 94.31
N ILE I 1335 -13.10 -71.06 95.22
CA ILE I 1335 -11.74 -71.60 95.01
C ILE I 1335 -11.80 -73.12 95.10
N LYS I 1336 -12.74 -73.68 95.84
CA LYS I 1336 -12.90 -75.16 95.97
C LYS I 1336 -13.16 -75.81 94.61
N ALA I 1337 -13.61 -75.03 93.63
CA ALA I 1337 -13.95 -75.50 92.27
C ALA I 1337 -12.70 -75.95 91.51
N ILE I 1338 -11.55 -75.31 91.74
CA ILE I 1338 -10.30 -75.69 91.01
C ILE I 1338 -9.61 -76.91 91.65
N PHE I 1339 -10.19 -77.55 92.66
CA PHE I 1339 -9.52 -78.64 93.43
C PHE I 1339 -9.86 -80.07 93.04
N PRO I 1340 -11.04 -80.41 92.47
CA PRO I 1340 -11.38 -81.82 92.28
C PRO I 1340 -10.27 -82.56 91.53
N ASN I 1341 -10.16 -83.85 91.81
CA ASN I 1341 -9.20 -84.77 91.15
C ASN I 1341 -9.24 -84.62 89.63
N THR I 1342 -10.45 -84.55 89.05
CA THR I 1342 -10.66 -84.50 87.58
C THR I 1342 -10.25 -83.14 87.00
N VAL I 1343 -10.13 -82.11 87.83
CA VAL I 1343 -9.54 -80.79 87.45
C VAL I 1343 -8.09 -80.80 87.94
N ASP I 1344 -7.27 -81.67 87.34
CA ASP I 1344 -5.88 -81.93 87.77
C ASP I 1344 -4.99 -80.83 87.18
N GLY I 1345 -4.43 -79.99 88.04
CA GLY I 1345 -3.47 -78.95 87.67
C GLY I 1345 -2.55 -78.62 88.84
N ASP I 1346 -1.48 -77.90 88.55
CA ASP I 1346 -0.45 -77.47 89.53
C ASP I 1346 -0.87 -76.10 90.06
N LEU I 1347 -1.30 -76.01 91.32
CA LEU I 1347 -1.77 -74.73 91.91
C LEU I 1347 -0.66 -73.69 92.00
N LEU I 1348 0.62 -74.08 92.02
CA LEU I 1348 1.74 -73.09 91.98
C LEU I 1348 1.78 -72.38 90.62
N LYS I 1349 1.19 -72.96 89.57
CA LYS I 1349 1.12 -72.35 88.22
C LYS I 1349 -0.30 -71.81 87.97
N LEU I 1350 -1.14 -71.71 89.00
CA LEU I 1350 -2.52 -71.20 88.86
C LEU I 1350 -2.44 -69.69 88.59
N VAL I 1351 -3.08 -69.25 87.51
CA VAL I 1351 -3.29 -67.81 87.20
C VAL I 1351 -4.78 -67.52 87.38
N HIS I 1352 -5.11 -66.46 88.11
CA HIS I 1352 -6.46 -65.84 88.18
C HIS I 1352 -6.62 -64.90 86.98
N LEU I 1353 -7.45 -65.25 86.00
CA LEU I 1353 -7.53 -64.48 84.72
C LEU I 1353 -8.44 -63.27 84.89
N SER I 1354 -9.50 -63.43 85.64
CA SER I 1354 -10.61 -62.46 85.62
C SER I 1354 -11.52 -62.71 86.81
N ASN I 1355 -12.09 -61.63 87.27
CA ASN I 1355 -13.11 -61.67 88.33
C ASN I 1355 -14.18 -60.66 87.93
N GLY I 1356 -15.40 -60.90 88.38
CA GLY I 1356 -16.53 -60.03 88.03
C GLY I 1356 -17.61 -60.20 89.03
N TYR I 1357 -18.29 -59.11 89.34
CA TYR I 1357 -19.46 -59.10 90.24
C TYR I 1357 -20.66 -58.60 89.43
N LYS I 1358 -21.84 -59.08 89.77
CA LYS I 1358 -23.09 -58.64 89.12
C LYS I 1358 -24.19 -58.65 90.18
N MET I 1359 -24.70 -57.47 90.49
CA MET I 1359 -25.85 -57.37 91.42
C MET I 1359 -27.05 -57.90 90.65
N ILE I 1360 -27.82 -58.75 91.30
CA ILE I 1360 -29.13 -59.20 90.76
C ILE I 1360 -30.09 -58.02 90.81
N PRO I 1361 -30.75 -57.68 89.68
CA PRO I 1361 -31.72 -56.57 89.65
C PRO I 1361 -32.73 -56.64 90.81
N GLY I 1362 -32.93 -55.51 91.48
CA GLY I 1362 -33.81 -55.39 92.66
C GLY I 1362 -33.07 -55.58 93.96
N ALA I 1363 -31.97 -56.34 93.97
CA ALA I 1363 -31.25 -56.73 95.21
C ALA I 1363 -30.49 -55.51 95.77
N LYS I 1364 -30.65 -55.24 97.06
CA LYS I 1364 -29.95 -54.14 97.77
C LYS I 1364 -28.54 -54.61 98.09
N PRO I 1365 -27.55 -53.68 98.18
CA PRO I 1365 -26.18 -54.06 98.51
C PRO I 1365 -26.06 -54.75 99.87
N LEU I 1366 -24.99 -55.53 100.04
CA LEU I 1366 -24.68 -56.24 101.32
C LEU I 1366 -24.53 -55.21 102.44
N GLN I 1367 -25.02 -55.55 103.63
CA GLN I 1367 -25.00 -54.69 104.84
C GLN I 1367 -24.36 -55.45 105.99
N VAL I 1368 -23.80 -54.72 106.94
CA VAL I 1368 -23.43 -55.27 108.27
C VAL I 1368 -24.70 -55.92 108.85
N GLY I 1369 -24.56 -57.13 109.39
CA GLY I 1369 -25.64 -57.92 110.01
C GLY I 1369 -26.15 -59.02 109.08
N ASP I 1370 -26.12 -58.78 107.77
CA ASP I 1370 -26.59 -59.75 106.73
C ASP I 1370 -25.89 -61.10 106.92
N VAL I 1371 -26.68 -62.17 106.99
CA VAL I 1371 -26.19 -63.57 106.89
C VAL I 1371 -26.27 -63.98 105.43
N VAL I 1372 -25.12 -64.16 104.80
CA VAL I 1372 -24.98 -64.41 103.35
C VAL I 1372 -24.56 -65.87 103.16
N SER I 1373 -25.35 -66.62 102.40
CA SER I 1373 -25.04 -67.99 101.95
C SER I 1373 -24.44 -67.90 100.55
N THR I 1374 -23.55 -68.81 100.21
CA THR I 1374 -22.82 -68.81 98.92
C THR I 1374 -22.91 -70.22 98.33
N THR I 1375 -23.15 -70.25 97.04
CA THR I 1375 -23.14 -71.47 96.19
C THR I 1375 -22.14 -71.15 95.09
N ALA I 1376 -21.42 -72.14 94.60
CA ALA I 1376 -20.53 -71.98 93.44
C ALA I 1376 -20.70 -73.18 92.52
N VAL I 1377 -20.65 -72.92 91.24
CA VAL I 1377 -20.72 -74.00 90.23
C VAL I 1377 -19.61 -73.76 89.21
N ILE I 1378 -19.00 -74.81 88.70
CA ILE I 1378 -18.09 -74.69 87.53
C ILE I 1378 -18.96 -74.57 86.28
N GLU I 1379 -18.94 -73.40 85.64
CA GLU I 1379 -19.64 -73.13 84.37
C GLU I 1379 -18.95 -73.96 83.29
N SER I 1380 -17.63 -73.84 83.20
CA SER I 1380 -16.78 -74.42 82.12
C SER I 1380 -15.42 -74.86 82.68
N VAL I 1381 -14.91 -76.00 82.21
CA VAL I 1381 -13.47 -76.37 82.33
C VAL I 1381 -13.04 -76.91 80.97
N VAL I 1382 -12.15 -76.21 80.28
CA VAL I 1382 -11.75 -76.54 78.90
C VAL I 1382 -10.22 -76.53 78.81
N ASN I 1383 -9.68 -77.54 78.14
CA ASN I 1383 -8.26 -77.69 77.79
C ASN I 1383 -7.97 -76.83 76.57
N GLN I 1384 -7.17 -75.80 76.77
CA GLN I 1384 -6.65 -74.93 75.70
C GLN I 1384 -5.23 -75.40 75.41
N PRO I 1385 -4.63 -75.02 74.26
CA PRO I 1385 -3.24 -75.35 73.98
C PRO I 1385 -2.26 -75.09 75.14
N THR I 1386 -2.39 -73.93 75.82
CA THR I 1386 -1.41 -73.42 76.81
C THR I 1386 -1.79 -73.78 78.26
N GLY I 1387 -2.92 -74.44 78.49
CA GLY I 1387 -3.44 -74.69 79.85
C GLY I 1387 -4.93 -74.90 79.90
N LYS I 1388 -5.43 -75.23 81.09
CA LYS I 1388 -6.82 -75.54 81.40
C LYS I 1388 -7.49 -74.29 82.01
N ILE I 1389 -8.57 -73.80 81.41
CA ILE I 1389 -9.37 -72.66 81.95
C ILE I 1389 -10.48 -73.27 82.79
N VAL I 1390 -10.69 -72.72 83.98
CA VAL I 1390 -11.85 -73.07 84.86
C VAL I 1390 -12.63 -71.78 85.08
N ASP I 1391 -13.91 -71.80 84.72
CA ASP I 1391 -14.84 -70.65 84.85
C ASP I 1391 -15.81 -71.04 85.96
N VAL I 1392 -15.86 -70.22 87.01
CA VAL I 1392 -16.63 -70.53 88.24
C VAL I 1392 -17.65 -69.41 88.39
N VAL I 1393 -18.85 -69.76 88.81
CA VAL I 1393 -19.93 -68.77 89.07
C VAL I 1393 -20.37 -68.99 90.50
N GLY I 1394 -20.17 -67.96 91.33
CA GLY I 1394 -20.64 -67.97 92.72
C GLY I 1394 -21.94 -67.20 92.79
N THR I 1395 -22.86 -67.65 93.62
CA THR I 1395 -24.13 -66.91 93.88
C THR I 1395 -24.20 -66.67 95.37
N LEU I 1396 -24.23 -65.39 95.75
CA LEU I 1396 -24.44 -64.96 97.14
C LEU I 1396 -25.93 -64.71 97.30
N SER I 1397 -26.48 -65.25 98.37
CA SER I 1397 -27.92 -65.19 98.72
C SER I 1397 -28.06 -64.73 100.16
N ARG I 1398 -29.18 -64.08 100.45
CA ARG I 1398 -29.51 -63.54 101.77
C ARG I 1398 -31.03 -63.66 101.92
N ASN I 1399 -31.51 -64.23 103.02
CA ASN I 1399 -32.95 -64.46 103.31
C ASN I 1399 -33.57 -65.27 102.17
N GLY I 1400 -32.85 -66.27 101.65
CA GLY I 1400 -33.30 -67.15 100.55
C GLY I 1400 -33.09 -66.55 99.17
N LYS I 1401 -33.13 -65.22 99.02
CA LYS I 1401 -33.12 -64.51 97.71
C LYS I 1401 -31.68 -64.28 97.28
N PRO I 1402 -31.33 -64.47 95.98
CA PRO I 1402 -29.97 -64.22 95.50
C PRO I 1402 -29.69 -62.71 95.41
N VAL I 1403 -28.50 -62.31 95.87
CA VAL I 1403 -28.05 -60.88 95.94
C VAL I 1403 -27.14 -60.60 94.76
N MET I 1404 -26.13 -61.43 94.53
CA MET I 1404 -25.13 -61.13 93.49
C MET I 1404 -24.44 -62.38 92.98
N GLU I 1405 -23.94 -62.30 91.75
CA GLU I 1405 -23.13 -63.37 91.12
C GLU I 1405 -21.66 -62.92 91.05
N VAL I 1406 -20.76 -63.76 91.55
CA VAL I 1406 -19.29 -63.60 91.40
C VAL I 1406 -18.83 -64.54 90.31
N THR I 1407 -18.19 -64.02 89.26
CA THR I 1407 -17.62 -64.83 88.14
C THR I 1407 -16.10 -64.79 88.26
N SER I 1408 -15.47 -65.94 88.37
CA SER I 1408 -13.99 -66.07 88.45
C SER I 1408 -13.52 -67.00 87.37
N SER I 1409 -12.54 -66.58 86.59
CA SER I 1409 -11.83 -67.43 85.61
C SER I 1409 -10.40 -67.73 86.09
N PHE I 1410 -10.07 -69.01 86.25
CA PHE I 1410 -8.76 -69.52 86.68
C PHE I 1410 -8.14 -70.34 85.56
N PHE I 1411 -6.82 -70.28 85.48
CA PHE I 1411 -5.99 -70.90 84.41
C PHE I 1411 -4.88 -71.73 85.05
N TYR I 1412 -4.99 -73.05 84.93
CA TYR I 1412 -3.88 -73.98 85.19
C TYR I 1412 -2.98 -74.03 83.96
N ARG I 1413 -1.90 -73.25 83.97
CA ARG I 1413 -0.83 -73.31 82.93
C ARG I 1413 -0.30 -74.74 82.87
N GLY I 1414 -0.21 -75.29 81.67
CA GLY I 1414 0.26 -76.67 81.49
C GLY I 1414 -0.22 -77.28 80.20
N ASN I 1415 0.08 -78.56 80.03
CA ASN I 1415 -0.33 -79.38 78.86
C ASN I 1415 -1.32 -80.41 79.42
N TYR I 1416 -2.59 -80.26 79.06
CA TYR I 1416 -3.70 -81.13 79.55
C TYR I 1416 -4.40 -81.71 78.31
N THR I 1417 -4.67 -83.02 78.36
CA THR I 1417 -5.23 -83.82 77.24
C THR I 1417 -6.35 -84.73 77.76
N ASP I 1418 -6.89 -84.43 78.94
CA ASP I 1418 -7.91 -85.22 79.66
C ASP I 1418 -9.28 -84.64 79.25
N PHE I 1419 -9.64 -84.78 77.98
CA PHE I 1419 -10.83 -84.12 77.38
C PHE I 1419 -12.13 -84.68 77.96
N GLU I 1420 -12.11 -85.88 78.52
CA GLU I 1420 -13.31 -86.52 79.13
C GLU I 1420 -13.77 -85.76 80.38
N ASN I 1421 -12.91 -84.92 80.96
CA ASN I 1421 -13.21 -84.17 82.21
C ASN I 1421 -13.61 -82.73 81.87
N THR I 1422 -13.55 -82.35 80.60
CA THR I 1422 -13.84 -80.97 80.16
C THR I 1422 -15.32 -80.83 79.75
N PHE I 1423 -15.79 -79.59 79.76
CA PHE I 1423 -17.18 -79.21 79.43
C PHE I 1423 -17.25 -77.70 79.39
N GLN I 1424 -18.21 -77.17 78.67
CA GLN I 1424 -18.36 -75.71 78.50
C GLN I 1424 -19.84 -75.41 78.36
N LYS I 1425 -20.34 -74.54 79.23
CA LYS I 1425 -21.68 -73.94 79.13
C LYS I 1425 -21.49 -72.50 78.69
N THR I 1426 -22.15 -72.10 77.61
CA THR I 1426 -22.17 -70.72 77.07
C THR I 1426 -23.62 -70.24 77.09
N VAL I 1427 -23.88 -69.07 77.65
CA VAL I 1427 -25.14 -68.30 77.41
C VAL I 1427 -24.92 -67.53 76.11
N GLU I 1428 -25.67 -67.90 75.07
CA GLU I 1428 -25.47 -67.33 73.72
C GLU I 1428 -26.04 -65.92 73.74
N PRO I 1429 -25.56 -65.01 72.87
CA PRO I 1429 -26.23 -63.73 72.68
C PRO I 1429 -27.66 -63.99 72.16
N VAL I 1430 -28.60 -63.13 72.52
CA VAL I 1430 -30.00 -63.21 72.03
C VAL I 1430 -29.98 -62.90 70.53
N TYR I 1431 -30.50 -63.82 69.71
CA TYR I 1431 -30.65 -63.64 68.24
C TYR I 1431 -32.11 -63.29 67.95
N GLN I 1432 -32.30 -62.35 67.03
CA GLN I 1432 -33.63 -61.87 66.59
C GLN I 1432 -33.78 -62.16 65.09
N MET I 1433 -34.91 -62.76 64.71
CA MET I 1433 -35.33 -62.90 63.29
C MET I 1433 -36.67 -62.19 63.08
N HIS I 1434 -36.71 -61.26 62.12
CA HIS I 1434 -37.95 -60.72 61.54
C HIS I 1434 -38.41 -61.67 60.44
N ILE I 1435 -39.48 -62.44 60.66
CA ILE I 1435 -40.05 -63.39 59.65
C ILE I 1435 -40.91 -62.57 58.67
N LYS I 1436 -40.35 -62.23 57.50
CA LYS I 1436 -40.98 -61.33 56.49
C LYS I 1436 -41.79 -62.16 55.48
N THR I 1437 -41.27 -63.31 55.05
CA THR I 1437 -41.80 -64.16 53.95
C THR I 1437 -42.13 -65.56 54.44
N SER I 1438 -42.81 -66.35 53.61
CA SER I 1438 -43.19 -67.77 53.86
C SER I 1438 -42.00 -68.70 53.60
N LYS I 1439 -40.96 -68.20 52.92
CA LYS I 1439 -39.69 -68.94 52.69
C LYS I 1439 -38.95 -69.08 54.03
N ASP I 1440 -38.78 -67.97 54.75
CA ASP I 1440 -38.22 -67.87 56.12
C ASP I 1440 -38.91 -68.88 57.05
N ILE I 1441 -40.24 -68.97 56.98
CA ILE I 1441 -41.06 -69.91 57.80
C ILE I 1441 -40.69 -71.35 57.46
N ALA I 1442 -40.57 -71.66 56.16
CA ALA I 1442 -40.27 -73.02 55.65
C ALA I 1442 -38.86 -73.42 56.09
N VAL I 1443 -37.91 -72.50 55.96
CA VAL I 1443 -36.48 -72.70 56.38
C VAL I 1443 -36.44 -72.99 57.89
N LEU I 1444 -37.26 -72.32 58.71
CA LEU I 1444 -37.32 -72.57 60.18
C LEU I 1444 -37.98 -73.92 60.44
N ARG I 1445 -39.06 -74.26 59.77
CA ARG I 1445 -39.76 -75.55 59.97
C ARG I 1445 -38.89 -76.72 59.49
N SER I 1446 -37.92 -76.47 58.61
CA SER I 1446 -36.97 -77.52 58.12
C SER I 1446 -36.00 -77.94 59.25
N LYS I 1447 -35.80 -77.08 60.25
CA LYS I 1447 -34.91 -77.32 61.43
C LYS I 1447 -35.69 -78.11 62.49
N GLU I 1448 -35.23 -79.30 62.84
CA GLU I 1448 -35.84 -80.17 63.87
C GLU I 1448 -35.83 -79.45 65.23
N TRP I 1449 -34.76 -78.71 65.52
CA TRP I 1449 -34.54 -78.01 66.81
C TRP I 1449 -35.57 -76.91 67.05
N PHE I 1450 -36.14 -76.33 65.99
CA PHE I 1450 -37.21 -75.30 66.07
C PHE I 1450 -38.54 -75.95 66.42
N GLN I 1451 -39.02 -75.77 67.65
CA GLN I 1451 -40.14 -76.55 68.22
C GLN I 1451 -41.19 -75.63 68.84
N LEU I 1452 -42.15 -75.21 68.03
CA LEU I 1452 -43.28 -74.38 68.50
C LEU I 1452 -44.14 -75.22 69.44
N ASP I 1453 -44.71 -74.57 70.45
CA ASP I 1453 -45.70 -75.15 71.40
C ASP I 1453 -46.98 -75.45 70.61
N ASP I 1454 -47.48 -74.45 69.89
CA ASP I 1454 -48.63 -74.54 68.94
C ASP I 1454 -48.07 -74.59 67.51
N GLU I 1455 -48.08 -75.77 66.88
CA GLU I 1455 -47.52 -76.00 65.52
C GLU I 1455 -48.20 -75.08 64.49
N ASP I 1456 -49.47 -74.73 64.68
CA ASP I 1456 -50.25 -73.89 63.73
C ASP I 1456 -50.07 -72.38 64.03
N PHE I 1457 -49.11 -72.01 64.89
CA PHE I 1457 -48.78 -70.59 65.21
C PHE I 1457 -48.41 -69.88 63.89
N ASP I 1458 -48.87 -68.64 63.72
CA ASP I 1458 -48.66 -67.83 62.50
C ASP I 1458 -47.40 -66.96 62.70
N LEU I 1459 -46.30 -67.33 62.04
CA LEU I 1459 -44.99 -66.67 62.19
C LEU I 1459 -44.88 -65.45 61.29
N LEU I 1460 -45.73 -65.33 60.27
CA LEU I 1460 -45.57 -64.27 59.22
C LEU I 1460 -45.68 -62.89 59.86
N ASN I 1461 -44.71 -62.00 59.58
CA ASN I 1461 -44.62 -60.59 60.03
C ASN I 1461 -44.22 -60.50 61.51
N LYS I 1462 -43.98 -61.63 62.19
CA LYS I 1462 -43.58 -61.66 63.61
C LYS I 1462 -42.06 -61.50 63.75
N THR I 1463 -41.64 -60.90 64.85
CA THR I 1463 -40.23 -60.81 65.29
C THR I 1463 -40.01 -61.89 66.34
N LEU I 1464 -39.09 -62.82 66.09
CA LEU I 1464 -38.78 -63.92 67.02
C LEU I 1464 -37.45 -63.59 67.68
N THR I 1465 -37.31 -63.98 68.94
CA THR I 1465 -36.02 -63.91 69.67
C THR I 1465 -35.72 -65.30 70.19
N PHE I 1466 -34.46 -65.69 70.05
CA PHE I 1466 -33.91 -67.00 70.48
C PHE I 1466 -32.94 -66.74 71.63
N GLU I 1467 -33.28 -67.22 72.82
CA GLU I 1467 -32.45 -67.09 74.06
C GLU I 1467 -31.90 -68.48 74.37
N THR I 1468 -30.78 -68.83 73.76
CA THR I 1468 -30.19 -70.18 73.78
C THR I 1468 -29.00 -70.22 74.74
N GLU I 1469 -28.76 -71.41 75.31
CA GLU I 1469 -27.57 -71.81 76.07
C GLU I 1469 -27.01 -73.05 75.38
N THR I 1470 -25.69 -73.10 75.18
CA THR I 1470 -24.98 -74.24 74.55
C THR I 1470 -24.16 -74.96 75.64
N GLU I 1471 -24.49 -76.22 75.90
CA GLU I 1471 -23.67 -77.15 76.71
C GLU I 1471 -22.90 -78.04 75.73
N VAL I 1472 -21.58 -78.09 75.90
CA VAL I 1472 -20.63 -78.85 75.06
C VAL I 1472 -19.80 -79.77 75.97
N THR I 1473 -19.48 -80.98 75.50
CA THR I 1473 -18.42 -81.86 76.05
C THR I 1473 -17.44 -82.17 74.92
N PHE I 1474 -16.15 -82.30 75.24
CA PHE I 1474 -15.06 -82.40 74.24
C PHE I 1474 -14.62 -83.86 74.10
N LYS I 1475 -14.31 -84.25 72.86
CA LYS I 1475 -13.61 -85.50 72.51
C LYS I 1475 -12.12 -85.18 72.43
N ASN I 1476 -11.80 -84.06 71.79
CA ASN I 1476 -10.43 -83.50 71.66
C ASN I 1476 -10.56 -81.98 71.50
N ALA I 1477 -9.45 -81.30 71.19
CA ALA I 1477 -9.34 -79.82 71.12
C ALA I 1477 -10.42 -79.22 70.21
N ASN I 1478 -10.65 -79.81 69.02
CA ASN I 1478 -11.45 -79.22 67.91
C ASN I 1478 -12.85 -79.85 67.82
N ILE I 1479 -12.97 -81.15 68.05
CA ILE I 1479 -14.25 -81.91 67.91
C ILE I 1479 -14.94 -82.00 69.27
N PHE I 1480 -16.23 -81.63 69.32
CA PHE I 1480 -17.13 -81.84 70.49
C PHE I 1480 -17.57 -83.28 70.47
N SER I 1481 -17.74 -83.89 71.64
CA SER I 1481 -18.29 -85.25 71.85
C SER I 1481 -19.80 -85.15 72.05
N SER I 1482 -20.29 -83.95 72.35
CA SER I 1482 -21.73 -83.69 72.56
C SER I 1482 -21.99 -82.19 72.40
N VAL I 1483 -23.14 -81.84 71.83
CA VAL I 1483 -23.64 -80.44 71.75
C VAL I 1483 -25.10 -80.47 72.18
N LYS I 1484 -25.44 -79.61 73.13
CA LYS I 1484 -26.82 -79.30 73.53
C LYS I 1484 -26.97 -77.80 73.30
N CYS I 1485 -28.02 -77.39 72.59
CA CYS I 1485 -28.43 -75.97 72.42
C CYS I 1485 -29.92 -75.95 72.70
N PHE I 1486 -30.33 -75.21 73.72
CA PHE I 1486 -31.72 -75.22 74.24
C PHE I 1486 -32.04 -73.81 74.75
N GLY I 1487 -33.32 -73.52 74.91
CA GLY I 1487 -33.77 -72.22 75.41
C GLY I 1487 -35.05 -71.78 74.72
N PRO I 1488 -35.75 -70.78 75.29
CA PRO I 1488 -37.01 -70.30 74.74
C PRO I 1488 -36.89 -69.56 73.40
N ILE I 1489 -37.90 -69.74 72.56
CA ILE I 1489 -38.20 -68.90 71.37
C ILE I 1489 -39.35 -68.00 71.81
N LYS I 1490 -39.20 -66.71 71.58
CA LYS I 1490 -40.19 -65.73 72.07
C LYS I 1490 -40.66 -64.91 70.87
N VAL I 1491 -41.95 -64.61 70.82
CA VAL I 1491 -42.49 -63.69 69.79
C VAL I 1491 -42.65 -62.32 70.46
N GLU I 1492 -42.31 -61.26 69.74
CA GLU I 1492 -42.62 -59.86 70.15
C GLU I 1492 -44.12 -59.58 69.94
N LEU I 1493 -44.82 -59.19 70.99
CA LEU I 1493 -46.23 -58.74 70.97
C LEU I 1493 -46.30 -57.29 70.50
N PRO I 1494 -47.49 -56.75 70.17
CA PRO I 1494 -47.63 -55.34 69.78
C PRO I 1494 -47.12 -54.31 70.80
N THR I 1495 -47.15 -54.64 72.09
CA THR I 1495 -46.63 -53.80 73.20
C THR I 1495 -45.09 -53.88 73.31
N LYS I 1496 -44.41 -54.61 72.41
CA LYS I 1496 -42.94 -54.85 72.41
C LYS I 1496 -42.53 -55.81 73.56
N GLU I 1497 -43.47 -56.29 74.36
CA GLU I 1497 -43.22 -57.42 75.30
C GLU I 1497 -42.93 -58.67 74.46
N THR I 1498 -42.08 -59.56 74.96
CA THR I 1498 -41.78 -60.87 74.34
C THR I 1498 -42.35 -61.97 75.21
N VAL I 1499 -43.02 -62.95 74.60
CA VAL I 1499 -43.63 -64.12 75.28
C VAL I 1499 -43.16 -65.39 74.57
N GLU I 1500 -43.07 -66.48 75.31
CA GLU I 1500 -42.55 -67.77 74.84
C GLU I 1500 -43.60 -68.44 73.97
N ILE I 1501 -43.22 -68.80 72.73
CA ILE I 1501 -44.07 -69.57 71.78
C ILE I 1501 -43.46 -70.95 71.48
N GLY I 1502 -42.24 -71.24 71.94
CA GLY I 1502 -41.64 -72.57 71.74
C GLY I 1502 -40.25 -72.65 72.33
N ILE I 1503 -39.51 -73.70 71.98
CA ILE I 1503 -38.11 -73.90 72.44
C ILE I 1503 -37.21 -74.18 71.23
N VAL I 1504 -35.96 -73.73 71.32
CA VAL I 1504 -34.82 -74.42 70.65
C VAL I 1504 -34.54 -75.68 71.46
N ASP I 1505 -34.38 -76.83 70.81
CA ASP I 1505 -33.99 -78.11 71.46
C ASP I 1505 -33.14 -78.93 70.48
N TYR I 1506 -31.86 -78.62 70.44
CA TYR I 1506 -30.82 -79.31 69.64
C TYR I 1506 -29.94 -80.17 70.53
N GLU I 1507 -29.70 -81.41 70.10
CA GLU I 1507 -28.91 -82.44 70.83
C GLU I 1507 -28.19 -83.28 69.80
N ALA I 1508 -26.86 -83.20 69.75
CA ALA I 1508 -25.97 -83.97 68.85
C ALA I 1508 -24.88 -84.68 69.66
N GLY I 1509 -24.36 -85.79 69.16
CA GLY I 1509 -23.07 -86.39 69.58
C GLY I 1509 -21.92 -85.67 68.91
N ALA I 1510 -20.94 -86.42 68.41
CA ALA I 1510 -19.68 -85.90 67.81
C ALA I 1510 -20.01 -84.85 66.76
N SER I 1511 -19.38 -83.68 66.83
CA SER I 1511 -19.68 -82.49 65.98
C SER I 1511 -18.49 -81.56 66.00
N HIS I 1512 -18.41 -80.67 65.01
CA HIS I 1512 -17.34 -79.66 64.85
C HIS I 1512 -17.90 -78.27 65.17
N GLY I 1513 -19.17 -78.19 65.58
CA GLY I 1513 -19.85 -76.90 65.65
C GLY I 1513 -21.29 -77.00 66.13
N ASN I 1514 -21.86 -75.84 66.39
CA ASN I 1514 -23.27 -75.69 66.81
C ASN I 1514 -23.99 -75.13 65.58
N PRO I 1515 -24.85 -75.93 64.90
CA PRO I 1515 -25.55 -75.43 63.72
C PRO I 1515 -26.67 -74.44 64.09
N VAL I 1516 -27.30 -74.60 65.26
CA VAL I 1516 -28.34 -73.64 65.75
C VAL I 1516 -27.80 -72.22 65.69
N VAL I 1517 -26.68 -71.97 66.37
CA VAL I 1517 -26.11 -70.61 66.52
C VAL I 1517 -25.58 -70.16 65.16
N ASP I 1518 -25.03 -71.08 64.37
CA ASP I 1518 -24.52 -70.73 63.01
C ASP I 1518 -25.69 -70.20 62.17
N PHE I 1519 -26.80 -70.94 62.17
CA PHE I 1519 -28.07 -70.53 61.52
C PHE I 1519 -28.48 -69.13 62.01
N LEU I 1520 -28.65 -68.97 63.33
CA LEU I 1520 -29.14 -67.69 63.91
C LEU I 1520 -28.19 -66.55 63.60
N LYS I 1521 -26.87 -66.78 63.56
CA LYS I 1521 -25.89 -65.71 63.23
C LYS I 1521 -26.12 -65.23 61.79
N ARG I 1522 -26.22 -66.18 60.86
CA ARG I 1522 -26.31 -65.91 59.39
C ARG I 1522 -27.65 -65.20 59.10
N ASN I 1523 -28.75 -65.72 59.66
CA ASN I 1523 -30.15 -65.35 59.30
C ASN I 1523 -30.70 -64.25 60.20
N GLY I 1524 -30.47 -64.34 61.51
CA GLY I 1524 -30.96 -63.36 62.48
C GLY I 1524 -29.96 -62.23 62.68
N SER I 1525 -30.30 -61.29 63.55
CA SER I 1525 -29.40 -60.24 64.08
C SER I 1525 -29.15 -60.51 65.56
N THR I 1526 -27.96 -60.16 66.04
CA THR I 1526 -27.57 -60.23 67.47
C THR I 1526 -28.19 -59.02 68.20
N LEU I 1527 -28.96 -59.26 69.27
CA LEU I 1527 -29.43 -58.17 70.17
C LEU I 1527 -28.32 -57.89 71.19
N GLU I 1528 -27.68 -56.73 71.09
CA GLU I 1528 -26.62 -56.27 72.02
C GLU I 1528 -27.28 -55.38 73.07
N GLN I 1529 -27.22 -55.79 74.34
CA GLN I 1529 -27.67 -54.97 75.51
C GLN I 1529 -26.80 -53.72 75.64
N LYS I 1530 -25.49 -53.81 75.38
CA LYS I 1530 -24.53 -52.68 75.51
C LYS I 1530 -24.60 -51.83 74.25
N VAL I 1531 -24.72 -50.52 74.42
CA VAL I 1531 -24.80 -49.52 73.31
C VAL I 1531 -23.73 -48.49 73.56
N ASN I 1532 -22.82 -48.31 72.61
CA ASN I 1532 -21.68 -47.40 72.75
C ASN I 1532 -22.20 -45.98 72.56
N LEU I 1533 -21.67 -45.05 73.34
CA LEU I 1533 -21.87 -43.61 73.10
C LEU I 1533 -21.18 -43.27 71.79
N GLU I 1534 -21.58 -42.15 71.20
CA GLU I 1534 -20.95 -41.54 69.99
C GLU I 1534 -19.43 -41.45 70.24
N ASN I 1535 -19.02 -40.89 71.38
CA ASN I 1535 -17.60 -40.73 71.80
C ASN I 1535 -17.47 -41.07 73.28
N PRO I 1536 -16.39 -41.77 73.71
CA PRO I 1536 -16.18 -42.04 75.13
C PRO I 1536 -15.98 -40.71 75.87
N ILE I 1537 -16.55 -40.61 77.07
CA ILE I 1537 -16.41 -39.41 77.96
C ILE I 1537 -15.37 -39.75 79.02
N PRO I 1538 -14.14 -39.18 78.94
CA PRO I 1538 -13.17 -39.30 80.03
C PRO I 1538 -13.78 -38.89 81.37
N ILE I 1539 -13.61 -39.73 82.38
CA ILE I 1539 -14.05 -39.46 83.78
C ILE I 1539 -12.86 -39.01 84.63
N ALA I 1540 -11.75 -39.77 84.62
CA ALA I 1540 -10.58 -39.50 85.49
C ALA I 1540 -9.38 -40.33 85.08
N VAL I 1541 -8.19 -39.80 85.35
CA VAL I 1541 -6.90 -40.56 85.33
C VAL I 1541 -6.34 -40.52 86.74
N LEU I 1542 -6.38 -41.65 87.45
CA LEU I 1542 -6.16 -41.71 88.91
C LEU I 1542 -4.93 -42.55 89.24
N ASP I 1543 -4.06 -42.02 90.10
CA ASP I 1543 -2.88 -42.75 90.65
C ASP I 1543 -3.36 -43.54 91.86
N SER I 1544 -2.84 -44.76 92.00
CA SER I 1544 -2.99 -45.60 93.21
C SER I 1544 -1.67 -46.35 93.43
N TYR I 1545 -1.54 -46.97 94.59
CA TYR I 1545 -0.32 -47.72 94.99
C TYR I 1545 -0.77 -49.10 95.47
N THR I 1546 0.03 -50.10 95.17
CA THR I 1546 -0.09 -51.43 95.83
C THR I 1546 0.65 -51.35 97.15
N PRO I 1547 0.14 -52.01 98.21
CA PRO I 1547 0.77 -51.91 99.52
C PRO I 1547 2.15 -52.57 99.52
N SER I 1548 2.99 -52.22 100.50
CA SER I 1548 4.37 -52.73 100.70
C SER I 1548 4.33 -54.22 101.06
N THR I 1549 3.22 -54.66 101.66
CA THR I 1549 3.00 -56.03 102.18
C THR I 1549 1.62 -56.51 101.69
N ASN I 1550 1.50 -57.80 101.41
CA ASN I 1550 0.25 -58.44 100.96
C ASN I 1550 -0.39 -59.21 102.11
N GLU I 1551 0.13 -59.10 103.33
CA GLU I 1551 -0.42 -59.82 104.50
C GLU I 1551 -1.76 -59.24 104.95
N PRO I 1552 -1.95 -57.90 104.98
CA PRO I 1552 -3.24 -57.33 105.38
C PRO I 1552 -4.36 -57.84 104.46
N TYR I 1553 -4.18 -57.76 103.13
CA TYR I 1553 -5.22 -58.22 102.17
C TYR I 1553 -5.41 -59.72 102.36
N ALA I 1554 -4.31 -60.48 102.50
CA ALA I 1554 -4.33 -61.93 102.73
C ALA I 1554 -5.21 -62.23 103.94
N ARG I 1555 -5.11 -61.42 105.00
CA ARG I 1555 -5.81 -61.72 106.28
C ARG I 1555 -7.33 -61.51 106.12
N VAL I 1556 -7.74 -60.39 105.56
CA VAL I 1556 -9.18 -60.01 105.42
C VAL I 1556 -9.84 -60.90 104.35
N SER I 1557 -9.15 -61.18 103.24
CA SER I 1557 -9.67 -61.97 102.09
C SER I 1557 -9.70 -63.49 102.37
N GLY I 1558 -8.83 -64.01 103.22
CA GLY I 1558 -8.66 -65.46 103.40
C GLY I 1558 -7.82 -66.08 102.27
N ASP I 1559 -7.24 -65.25 101.40
CA ASP I 1559 -6.38 -65.72 100.29
C ASP I 1559 -4.93 -65.79 100.81
N LEU I 1560 -4.62 -66.89 101.49
CA LEU I 1560 -3.31 -67.17 102.11
C LEU I 1560 -2.39 -67.85 101.10
N ASN I 1561 -2.53 -67.53 99.81
CA ASN I 1561 -1.66 -68.11 98.76
C ASN I 1561 -0.22 -67.69 99.07
N PRO I 1562 0.71 -68.63 99.31
CA PRO I 1562 2.08 -68.27 99.68
C PRO I 1562 2.82 -67.35 98.69
N ILE I 1563 2.43 -67.35 97.42
CA ILE I 1563 3.16 -66.59 96.37
C ILE I 1563 3.06 -65.09 96.65
N HIS I 1564 2.07 -64.64 97.43
CA HIS I 1564 1.88 -63.20 97.71
C HIS I 1564 2.70 -62.76 98.92
N VAL I 1565 3.10 -63.69 99.80
CA VAL I 1565 3.70 -63.35 101.12
C VAL I 1565 5.11 -63.98 101.31
N SER I 1566 5.40 -65.12 100.72
CA SER I 1566 6.62 -65.94 101.00
C SER I 1566 7.54 -65.93 99.79
N ARG I 1567 8.66 -65.22 99.90
CA ARG I 1567 9.74 -65.13 98.87
C ARG I 1567 10.03 -66.51 98.28
N HIS I 1568 10.11 -67.57 99.11
CA HIS I 1568 10.57 -68.89 98.61
C HIS I 1568 9.55 -69.49 97.65
N PHE I 1569 8.26 -69.43 97.96
CA PHE I 1569 7.18 -69.95 97.09
C PHE I 1569 7.12 -69.13 95.81
N ALA I 1570 7.21 -67.81 95.92
CA ALA I 1570 7.18 -66.94 94.74
C ALA I 1570 8.35 -67.31 93.81
N SER I 1571 9.54 -67.55 94.36
CA SER I 1571 10.75 -67.98 93.63
C SER I 1571 10.53 -69.35 92.98
N TYR I 1572 10.02 -70.30 93.75
CA TYR I 1572 9.77 -71.67 93.25
C TYR I 1572 8.77 -71.63 92.07
N ALA I 1573 7.80 -70.72 92.14
CA ALA I 1573 6.69 -70.56 91.16
C ALA I 1573 7.14 -69.68 89.98
N ASN I 1574 8.39 -69.21 90.00
CA ASN I 1574 9.06 -68.50 88.89
C ASN I 1574 8.44 -67.11 88.73
N LEU I 1575 7.94 -66.53 89.80
CA LEU I 1575 7.34 -65.17 89.76
C LEU I 1575 8.44 -64.13 89.96
N PRO I 1576 8.20 -62.87 89.55
CA PRO I 1576 9.18 -61.80 89.76
C PRO I 1576 9.36 -61.34 91.22
N GLY I 1577 8.61 -61.93 92.15
CA GLY I 1577 8.64 -61.60 93.58
C GLY I 1577 7.30 -61.94 94.20
N THR I 1578 7.05 -61.47 95.42
CA THR I 1578 5.79 -61.72 96.18
C THR I 1578 4.72 -60.77 95.64
N ILE I 1579 4.07 -61.19 94.55
CA ILE I 1579 3.17 -60.33 93.72
C ILE I 1579 1.96 -59.90 94.55
N THR I 1580 1.48 -58.70 94.29
CA THR I 1580 0.19 -58.20 94.81
C THR I 1580 -0.93 -59.17 94.39
N HIS I 1581 -1.82 -59.52 95.32
CA HIS I 1581 -3.13 -60.16 95.04
C HIS I 1581 -3.81 -59.42 93.89
N GLY I 1582 -4.16 -60.10 92.81
CA GLY I 1582 -4.99 -59.53 91.73
C GLY I 1582 -6.27 -58.94 92.33
N MET I 1583 -6.86 -59.61 93.31
CA MET I 1583 -8.10 -59.18 93.97
C MET I 1583 -7.91 -57.90 94.80
N PHE I 1584 -6.68 -57.58 95.20
CA PHE I 1584 -6.39 -56.31 95.87
C PHE I 1584 -6.53 -55.21 94.81
N SER I 1585 -5.86 -55.39 93.68
CA SER I 1585 -5.90 -54.43 92.55
C SER I 1585 -7.36 -54.23 92.07
N SER I 1586 -8.16 -55.30 92.07
CA SER I 1586 -9.59 -55.28 91.69
C SER I 1586 -10.33 -54.34 92.64
N ALA I 1587 -10.26 -54.64 93.93
CA ALA I 1587 -10.96 -53.89 94.99
C ALA I 1587 -10.48 -52.44 95.01
N SER I 1588 -9.21 -52.22 94.70
CA SER I 1588 -8.56 -50.90 94.77
C SER I 1588 -9.06 -50.04 93.61
N VAL I 1589 -9.07 -50.59 92.40
CA VAL I 1589 -9.54 -49.85 91.20
C VAL I 1589 -11.05 -49.69 91.31
N ARG I 1590 -11.76 -50.67 91.85
CA ARG I 1590 -13.22 -50.55 92.05
C ARG I 1590 -13.54 -49.38 92.98
N ALA I 1591 -12.72 -49.12 94.00
CA ALA I 1591 -12.91 -48.01 94.97
C ALA I 1591 -12.79 -46.68 94.27
N LEU I 1592 -11.87 -46.58 93.31
CA LEU I 1592 -11.69 -45.39 92.45
C LEU I 1592 -12.94 -45.18 91.58
N ILE I 1593 -13.44 -46.24 90.94
CA ILE I 1593 -14.63 -46.19 90.05
C ILE I 1593 -15.79 -45.65 90.89
N GLU I 1594 -16.06 -46.33 92.00
CA GLU I 1594 -17.10 -46.00 92.98
C GLU I 1594 -17.01 -44.51 93.37
N ASN I 1595 -15.80 -44.02 93.62
CA ASN I 1595 -15.57 -42.63 94.05
C ASN I 1595 -15.88 -41.67 92.89
N TRP I 1596 -15.25 -41.89 91.74
CA TRP I 1596 -15.31 -40.96 90.59
C TRP I 1596 -16.58 -41.18 89.77
N ALA I 1597 -16.78 -42.38 89.21
CA ALA I 1597 -17.89 -42.67 88.27
C ALA I 1597 -19.23 -42.63 88.98
N ALA I 1598 -19.31 -43.20 90.18
CA ALA I 1598 -20.54 -43.30 90.99
C ALA I 1598 -20.65 -42.15 92.01
N ASP I 1599 -19.73 -41.18 92.00
CA ASP I 1599 -19.75 -40.01 92.94
C ASP I 1599 -19.88 -40.50 94.39
N SER I 1600 -19.23 -41.62 94.72
CA SER I 1600 -19.15 -42.22 96.07
C SER I 1600 -20.52 -42.64 96.59
N VAL I 1601 -21.50 -42.89 95.72
CA VAL I 1601 -22.77 -43.58 96.10
C VAL I 1601 -22.58 -45.06 95.74
N SER I 1602 -22.19 -45.88 96.71
CA SER I 1602 -21.75 -47.27 96.46
C SER I 1602 -22.89 -48.07 95.82
N SER I 1603 -24.15 -47.80 96.18
CA SER I 1603 -25.36 -48.52 95.70
C SER I 1603 -25.44 -48.44 94.16
N ARG I 1604 -24.94 -47.36 93.55
CA ARG I 1604 -25.00 -47.17 92.09
C ARG I 1604 -24.18 -48.22 91.35
N VAL I 1605 -23.19 -48.86 91.98
CA VAL I 1605 -22.30 -49.81 91.23
C VAL I 1605 -23.00 -51.15 91.20
N ARG I 1606 -23.38 -51.62 90.02
CA ARG I 1606 -24.28 -52.79 89.91
C ARG I 1606 -23.53 -53.95 89.30
N GLY I 1607 -22.51 -53.67 88.53
CA GLY I 1607 -21.61 -54.70 88.02
C GLY I 1607 -20.21 -54.16 87.90
N TYR I 1608 -19.25 -55.04 88.00
CA TYR I 1608 -17.81 -54.72 87.93
C TYR I 1608 -17.12 -55.98 87.45
N THR I 1609 -16.36 -55.88 86.39
CA THR I 1609 -15.51 -57.00 85.88
C THR I 1609 -14.10 -56.47 85.73
N CYS I 1610 -13.11 -57.30 86.05
CA CYS I 1610 -11.69 -56.96 85.84
C CYS I 1610 -10.99 -58.16 85.20
N GLN I 1611 -10.13 -57.87 84.23
CA GLN I 1611 -9.21 -58.83 83.58
C GLN I 1611 -7.81 -58.52 84.13
N PHE I 1612 -7.22 -59.52 84.77
CA PHE I 1612 -5.84 -59.46 85.34
C PHE I 1612 -4.89 -59.74 84.19
N VAL I 1613 -4.38 -58.68 83.60
CA VAL I 1613 -3.60 -58.77 82.35
C VAL I 1613 -2.15 -59.14 82.71
N ASP I 1614 -1.63 -58.58 83.79
CA ASP I 1614 -0.20 -58.74 84.17
C ASP I 1614 -0.05 -58.58 85.69
N MET I 1615 1.01 -59.19 86.22
CA MET I 1615 1.26 -59.28 87.68
C MET I 1615 1.77 -57.94 88.18
N VAL I 1616 1.48 -57.64 89.44
CA VAL I 1616 1.89 -56.36 90.08
C VAL I 1616 2.76 -56.72 91.28
N LEU I 1617 3.86 -55.99 91.44
CA LEU I 1617 4.75 -56.13 92.63
C LEU I 1617 4.29 -55.12 93.68
N PRO I 1618 4.55 -55.40 94.97
CA PRO I 1618 4.32 -54.42 96.03
C PRO I 1618 5.03 -53.09 95.74
N ASN I 1619 4.50 -51.98 96.27
CA ASN I 1619 5.06 -50.61 96.10
C ASN I 1619 5.13 -50.28 94.61
N THR I 1620 4.08 -50.60 93.86
CA THR I 1620 3.91 -50.16 92.46
C THR I 1620 2.93 -48.99 92.45
N ALA I 1621 3.23 -47.97 91.66
CA ALA I 1621 2.36 -46.83 91.32
C ALA I 1621 1.55 -47.19 90.07
N LEU I 1622 0.24 -47.38 90.24
CA LEU I 1622 -0.71 -47.73 89.15
C LEU I 1622 -1.44 -46.46 88.72
N LYS I 1623 -1.60 -46.27 87.40
CA LYS I 1623 -2.40 -45.19 86.78
C LYS I 1623 -3.64 -45.80 86.10
N THR I 1624 -4.84 -45.50 86.62
CA THR I 1624 -6.14 -45.99 86.11
C THR I 1624 -6.86 -44.88 85.33
N SER I 1625 -7.02 -45.07 84.01
CA SER I 1625 -7.88 -44.23 83.12
C SER I 1625 -9.30 -44.80 83.18
N ILE I 1626 -10.26 -44.00 83.56
CA ILE I 1626 -11.70 -44.36 83.65
C ILE I 1626 -12.46 -43.55 82.60
N GLN I 1627 -13.29 -44.22 81.80
CA GLN I 1627 -14.09 -43.60 80.71
C GLN I 1627 -15.53 -44.11 80.76
N HIS I 1628 -16.51 -43.23 80.50
CA HIS I 1628 -17.91 -43.59 80.16
C HIS I 1628 -17.95 -43.92 78.68
N VAL I 1629 -18.18 -45.17 78.32
CA VAL I 1629 -18.07 -45.64 76.90
C VAL I 1629 -19.45 -45.99 76.33
N GLY I 1630 -20.43 -46.28 77.16
CA GLY I 1630 -21.76 -46.68 76.67
C GLY I 1630 -22.81 -46.77 77.74
N MET I 1631 -23.93 -47.39 77.38
CA MET I 1631 -25.07 -47.62 78.31
C MET I 1631 -25.46 -49.09 78.21
N ILE I 1632 -26.03 -49.61 79.27
CA ILE I 1632 -26.70 -50.92 79.23
C ILE I 1632 -27.88 -50.84 80.19
N ASN I 1633 -29.11 -50.85 79.66
CA ASN I 1633 -30.36 -50.94 80.44
C ASN I 1633 -30.43 -49.81 81.46
N GLY I 1634 -30.12 -48.60 81.03
CA GLY I 1634 -30.18 -47.42 81.90
C GLY I 1634 -28.91 -47.19 82.73
N ARG I 1635 -28.03 -48.17 82.81
CA ARG I 1635 -26.76 -48.07 83.57
C ARG I 1635 -25.68 -47.54 82.64
N LYS I 1636 -24.77 -46.73 83.17
CA LYS I 1636 -23.59 -46.26 82.42
C LYS I 1636 -22.58 -47.40 82.35
N LEU I 1637 -21.92 -47.53 81.23
CA LEU I 1637 -20.86 -48.54 81.03
C LEU I 1637 -19.52 -47.82 81.12
N ILE I 1638 -18.81 -48.09 82.20
CA ILE I 1638 -17.49 -47.45 82.50
C ILE I 1638 -16.43 -48.46 82.06
N LYS I 1639 -15.46 -48.05 81.25
CA LYS I 1639 -14.27 -48.87 80.94
C LYS I 1639 -13.10 -48.29 81.73
N PHE I 1640 -12.24 -49.14 82.26
CA PHE I 1640 -10.98 -48.70 82.92
C PHE I 1640 -9.82 -49.52 82.39
N GLU I 1641 -8.64 -48.91 82.45
CA GLU I 1641 -7.35 -49.55 82.09
C GLU I 1641 -6.31 -49.05 83.08
N THR I 1642 -5.79 -49.95 83.91
CA THR I 1642 -4.72 -49.66 84.90
C THR I 1642 -3.38 -50.02 84.28
N ARG I 1643 -2.47 -49.06 84.23
CA ARG I 1643 -1.07 -49.27 83.78
C ARG I 1643 -0.13 -49.12 84.97
N ASN I 1644 1.02 -49.80 84.92
CA ASN I 1644 2.14 -49.67 85.90
C ASN I 1644 3.08 -48.55 85.43
N GLU I 1645 4.14 -48.31 86.20
CA GLU I 1645 5.17 -47.25 85.97
C GLU I 1645 5.82 -47.41 84.59
N ASP I 1646 5.96 -48.65 84.11
CA ASP I 1646 6.54 -48.99 82.77
C ASP I 1646 5.49 -48.81 81.66
N ASP I 1647 4.31 -48.24 81.97
CA ASP I 1647 3.19 -47.98 81.03
C ASP I 1647 2.64 -49.32 80.47
N VAL I 1648 2.79 -50.42 81.22
CA VAL I 1648 2.33 -51.79 80.85
C VAL I 1648 0.93 -51.98 81.43
N VAL I 1649 -0.02 -52.46 80.62
CA VAL I 1649 -1.42 -52.68 81.09
C VAL I 1649 -1.42 -53.89 82.03
N VAL I 1650 -1.91 -53.66 83.22
CA VAL I 1650 -1.88 -54.61 84.36
C VAL I 1650 -3.30 -55.08 84.68
N LEU I 1651 -4.28 -54.22 84.43
CA LEU I 1651 -5.70 -54.46 84.77
C LEU I 1651 -6.57 -53.70 83.78
N THR I 1652 -7.52 -54.39 83.16
CA THR I 1652 -8.59 -53.78 82.35
C THR I 1652 -9.92 -54.24 82.90
N GLY I 1653 -10.95 -53.46 82.69
CA GLY I 1653 -12.29 -53.97 82.99
C GLY I 1653 -13.38 -52.97 82.69
N GLU I 1654 -14.51 -53.19 83.31
CA GLU I 1654 -15.68 -52.31 83.10
C GLU I 1654 -16.58 -52.40 84.30
N ALA I 1655 -17.31 -51.33 84.55
CA ALA I 1655 -18.34 -51.27 85.59
C ALA I 1655 -19.62 -50.80 84.94
N GLU I 1656 -20.72 -51.12 85.59
CA GLU I 1656 -22.10 -50.73 85.21
C GLU I 1656 -22.60 -49.90 86.38
N ILE I 1657 -22.74 -48.61 86.16
CA ILE I 1657 -23.13 -47.65 87.22
C ILE I 1657 -24.55 -47.16 86.95
N GLU I 1658 -25.43 -47.29 87.92
CA GLU I 1658 -26.81 -46.73 87.91
C GLU I 1658 -26.69 -45.22 87.64
N GLN I 1659 -27.52 -44.68 86.75
CA GLN I 1659 -27.66 -43.22 86.54
C GLN I 1659 -28.23 -42.60 87.81
N PRO I 1660 -28.05 -41.28 88.03
CA PRO I 1660 -28.75 -40.56 89.08
C PRO I 1660 -30.27 -40.81 89.04
N VAL I 1661 -30.93 -40.79 90.19
CA VAL I 1661 -32.40 -41.05 90.28
C VAL I 1661 -33.08 -40.12 89.28
N THR I 1662 -33.92 -40.70 88.43
CA THR I 1662 -34.47 -40.02 87.24
C THR I 1662 -36.00 -40.09 87.31
N THR I 1663 -36.63 -39.01 86.85
CA THR I 1663 -38.08 -38.97 86.59
C THR I 1663 -38.26 -38.55 85.13
N PHE I 1664 -39.14 -39.22 84.43
CA PHE I 1664 -39.61 -38.76 83.10
C PHE I 1664 -40.96 -38.10 83.27
N VAL I 1665 -41.08 -36.91 82.70
CA VAL I 1665 -42.36 -36.17 82.71
C VAL I 1665 -42.71 -35.88 81.26
N PHE I 1666 -43.94 -36.21 80.92
CA PHE I 1666 -44.48 -36.15 79.53
C PHE I 1666 -45.41 -34.96 79.44
N THR I 1667 -45.07 -34.00 78.60
CA THR I 1667 -45.87 -32.80 78.29
C THR I 1667 -47.24 -33.20 77.75
N GLY I 1668 -48.25 -32.35 77.96
CA GLY I 1668 -49.61 -32.49 77.42
C GLY I 1668 -49.85 -31.50 76.30
N GLN I 1669 -51.12 -31.19 76.04
CA GLN I 1669 -51.53 -30.34 74.90
C GLN I 1669 -51.14 -28.89 75.17
N GLY I 1670 -50.95 -28.13 74.09
CA GLY I 1670 -50.52 -26.72 74.10
C GLY I 1670 -49.12 -26.62 73.52
N SER I 1671 -48.34 -27.67 73.71
CA SER I 1671 -46.89 -27.75 73.38
C SER I 1671 -46.67 -28.07 71.89
N GLN I 1672 -47.65 -28.65 71.19
CA GLN I 1672 -47.50 -29.16 69.79
C GLN I 1672 -47.15 -28.00 68.85
N GLU I 1673 -46.27 -28.27 67.88
CA GLU I 1673 -45.99 -27.39 66.73
C GLU I 1673 -45.78 -28.24 65.47
N GLN I 1674 -45.98 -27.63 64.32
CA GLN I 1674 -45.72 -28.24 63.00
C GLN I 1674 -44.27 -28.73 62.97
N GLY I 1675 -44.06 -29.97 62.53
CA GLY I 1675 -42.72 -30.55 62.31
C GLY I 1675 -42.17 -31.23 63.55
N MET I 1676 -42.91 -31.26 64.66
CA MET I 1676 -42.39 -31.83 65.92
C MET I 1676 -42.08 -33.32 65.73
N GLY I 1677 -40.88 -33.74 66.14
CA GLY I 1677 -40.42 -35.13 66.08
C GLY I 1677 -39.91 -35.54 64.72
N MET I 1678 -39.91 -34.65 63.74
CA MET I 1678 -39.63 -35.04 62.32
C MET I 1678 -38.13 -35.15 62.06
N ASP I 1679 -37.29 -34.43 62.81
CA ASP I 1679 -35.81 -34.61 62.79
C ASP I 1679 -35.49 -36.00 63.33
N LEU I 1680 -36.06 -36.37 64.47
CA LEU I 1680 -35.84 -37.69 65.06
C LEU I 1680 -36.33 -38.78 64.10
N TYR I 1681 -37.49 -38.57 63.47
CA TYR I 1681 -38.09 -39.54 62.51
C TYR I 1681 -37.11 -39.83 61.36
N LYS I 1682 -36.42 -38.81 60.85
CA LYS I 1682 -35.40 -38.98 59.78
C LYS I 1682 -34.26 -39.90 60.26
N THR I 1683 -33.75 -39.70 61.48
CA THR I 1683 -32.47 -40.28 61.96
C THR I 1683 -32.68 -41.65 62.64
N SER I 1684 -33.70 -41.78 63.48
CA SER I 1684 -33.87 -42.89 64.45
C SER I 1684 -34.76 -43.99 63.88
N LYS I 1685 -34.29 -45.24 63.92
CA LYS I 1685 -35.07 -46.43 63.53
C LYS I 1685 -36.20 -46.67 64.54
N ALA I 1686 -35.96 -46.39 65.82
CA ALA I 1686 -36.97 -46.57 66.89
C ALA I 1686 -38.16 -45.62 66.65
N ALA I 1687 -37.87 -44.35 66.37
CA ALA I 1687 -38.86 -43.29 66.13
C ALA I 1687 -39.62 -43.60 64.83
N GLN I 1688 -38.91 -44.04 63.79
CA GLN I 1688 -39.53 -44.47 62.51
C GLN I 1688 -40.55 -45.55 62.74
N ASP I 1689 -40.20 -46.59 63.51
CA ASP I 1689 -41.14 -47.71 63.79
C ASP I 1689 -42.41 -47.19 64.51
N VAL I 1690 -42.27 -46.21 65.40
CA VAL I 1690 -43.43 -45.67 66.17
C VAL I 1690 -44.35 -44.95 65.18
N TRP I 1691 -43.81 -43.95 64.51
CA TRP I 1691 -44.57 -43.11 63.56
C TRP I 1691 -45.18 -43.99 62.46
N ASN I 1692 -44.42 -44.89 61.87
CA ASN I 1692 -44.87 -45.66 60.69
C ASN I 1692 -46.00 -46.56 61.12
N ARG I 1693 -45.87 -47.23 62.24
CA ARG I 1693 -46.95 -48.07 62.78
C ARG I 1693 -48.24 -47.26 63.02
N ALA I 1694 -48.11 -46.06 63.55
CA ALA I 1694 -49.27 -45.20 63.83
C ALA I 1694 -49.82 -44.66 62.50
N ASP I 1695 -48.95 -44.21 61.61
CA ASP I 1695 -49.37 -43.62 60.31
C ASP I 1695 -50.13 -44.69 59.52
N ASN I 1696 -49.62 -45.92 59.50
CA ASN I 1696 -50.26 -47.05 58.79
C ASN I 1696 -51.63 -47.32 59.37
N HIS I 1697 -51.74 -47.33 60.70
CA HIS I 1697 -53.01 -47.60 61.39
C HIS I 1697 -54.04 -46.53 61.04
N PHE I 1698 -53.64 -45.26 61.08
CA PHE I 1698 -54.51 -44.12 60.71
C PHE I 1698 -54.91 -44.15 59.22
N LYS I 1699 -53.95 -44.29 58.31
CA LYS I 1699 -54.21 -44.41 56.85
C LYS I 1699 -55.20 -45.54 56.60
N ASP I 1700 -54.92 -46.72 57.16
CA ASP I 1700 -55.72 -47.94 56.87
C ASP I 1700 -57.10 -47.84 57.51
N THR I 1701 -57.25 -47.16 58.65
CA THR I 1701 -58.49 -47.19 59.45
C THR I 1701 -59.32 -45.95 59.19
N TYR I 1702 -58.72 -44.78 59.21
CA TYR I 1702 -59.44 -43.49 59.12
C TYR I 1702 -59.09 -42.70 57.86
N GLY I 1703 -58.21 -43.23 57.00
CA GLY I 1703 -57.90 -42.60 55.72
C GLY I 1703 -57.14 -41.32 55.85
N PHE I 1704 -56.38 -41.10 56.93
CA PHE I 1704 -55.50 -39.91 56.96
C PHE I 1704 -54.16 -40.32 57.55
N SER I 1705 -53.15 -39.53 57.25
CA SER I 1705 -51.76 -39.72 57.73
C SER I 1705 -51.57 -38.74 58.88
N ILE I 1706 -51.29 -39.25 60.07
CA ILE I 1706 -50.91 -38.41 61.23
C ILE I 1706 -49.58 -37.72 60.92
N LEU I 1707 -48.68 -38.39 60.19
CA LEU I 1707 -47.41 -37.77 59.71
C LEU I 1707 -47.71 -36.57 58.83
N ASP I 1708 -48.68 -36.68 57.92
CA ASP I 1708 -49.02 -35.57 56.98
C ASP I 1708 -49.48 -34.36 57.79
N ILE I 1709 -50.31 -34.58 58.81
CA ILE I 1709 -50.85 -33.49 59.67
C ILE I 1709 -49.71 -32.84 60.45
N VAL I 1710 -48.78 -33.64 60.99
CA VAL I 1710 -47.61 -33.09 61.74
C VAL I 1710 -46.75 -32.26 60.80
N ILE I 1711 -46.45 -32.77 59.61
CA ILE I 1711 -45.48 -32.13 58.68
C ILE I 1711 -46.10 -30.88 58.03
N ASN I 1712 -47.36 -30.94 57.60
CA ASN I 1712 -47.99 -29.92 56.72
C ASN I 1712 -49.04 -29.10 57.47
N ASN I 1713 -49.54 -29.58 58.61
CA ASN I 1713 -50.57 -28.89 59.43
C ASN I 1713 -51.63 -28.29 58.49
N PRO I 1714 -52.38 -29.13 57.74
CA PRO I 1714 -53.39 -28.62 56.83
C PRO I 1714 -54.53 -27.97 57.63
N VAL I 1715 -55.18 -26.97 57.04
CA VAL I 1715 -56.32 -26.23 57.66
C VAL I 1715 -57.53 -27.16 57.64
N ASN I 1716 -57.78 -27.81 56.49
CA ASN I 1716 -58.88 -28.81 56.39
C ASN I 1716 -58.33 -30.13 55.84
N LEU I 1717 -59.05 -31.18 56.12
CA LEU I 1717 -58.70 -32.53 55.65
C LEU I 1717 -59.99 -33.22 55.26
N THR I 1718 -60.10 -33.56 54.00
CA THR I 1718 -61.25 -34.34 53.51
C THR I 1718 -60.81 -35.79 53.38
N ILE I 1719 -61.61 -36.64 53.96
CA ILE I 1719 -61.54 -38.11 53.88
C ILE I 1719 -62.55 -38.55 52.84
N HIS I 1720 -62.11 -39.31 51.85
CA HIS I 1720 -62.99 -39.81 50.75
C HIS I 1720 -63.31 -41.27 51.00
N PHE I 1721 -64.57 -41.65 50.82
CA PHE I 1721 -65.14 -42.98 51.09
C PHE I 1721 -65.41 -43.72 49.80
N GLY I 1722 -64.64 -43.45 48.75
CA GLY I 1722 -64.83 -44.08 47.44
C GLY I 1722 -64.14 -45.42 47.38
N GLY I 1723 -64.74 -46.34 46.63
CA GLY I 1723 -64.14 -47.66 46.38
C GLY I 1723 -64.29 -48.54 47.57
N GLU I 1724 -63.79 -49.77 47.49
CA GLU I 1724 -63.91 -50.79 48.55
C GLU I 1724 -63.17 -50.28 49.80
N LYS I 1725 -61.94 -49.81 49.64
CA LYS I 1725 -61.13 -49.33 50.80
C LYS I 1725 -61.86 -48.18 51.48
N GLY I 1726 -62.48 -47.29 50.70
CA GLY I 1726 -63.20 -46.12 51.22
C GLY I 1726 -64.41 -46.49 52.00
N LYS I 1727 -65.10 -47.56 51.61
CA LYS I 1727 -66.32 -48.04 52.30
C LYS I 1727 -65.91 -48.64 53.65
N ARG I 1728 -64.78 -49.34 53.68
CA ARG I 1728 -64.19 -49.93 54.91
C ARG I 1728 -63.81 -48.81 55.88
N ILE I 1729 -63.18 -47.76 55.38
CA ILE I 1729 -62.83 -46.58 56.21
C ILE I 1729 -64.10 -45.90 56.68
N ARG I 1730 -65.11 -45.79 55.83
CA ARG I 1730 -66.38 -45.15 56.24
C ARG I 1730 -67.00 -45.96 57.37
N GLU I 1731 -67.06 -47.28 57.23
CA GLU I 1731 -67.58 -48.20 58.30
C GLU I 1731 -66.85 -47.87 59.61
N ASN I 1732 -65.51 -47.81 59.60
CA ASN I 1732 -64.72 -47.51 60.82
C ASN I 1732 -65.23 -46.21 61.43
N TYR I 1733 -65.49 -45.16 60.66
CA TYR I 1733 -65.98 -43.86 61.20
C TYR I 1733 -67.39 -44.03 61.80
N SER I 1734 -68.21 -44.90 61.22
CA SER I 1734 -69.62 -45.14 61.60
C SER I 1734 -69.66 -46.02 62.87
N ALA I 1735 -68.88 -47.11 62.88
CA ALA I 1735 -68.65 -48.05 64.00
C ALA I 1735 -67.99 -47.35 65.21
N MET I 1736 -67.39 -46.18 65.01
CA MET I 1736 -66.90 -45.28 66.10
C MET I 1736 -68.11 -44.74 66.86
N ILE I 1737 -68.38 -45.29 68.06
CA ILE I 1737 -69.64 -45.10 68.85
C ILE I 1737 -69.31 -44.80 70.32
N PHE I 1738 -70.13 -43.97 70.96
CA PHE I 1738 -70.19 -43.82 72.44
C PHE I 1738 -71.04 -44.94 73.01
N GLU I 1739 -70.49 -45.75 73.92
CA GLU I 1739 -71.17 -46.89 74.59
C GLU I 1739 -71.45 -46.50 76.04
N THR I 1740 -72.64 -45.96 76.31
CA THR I 1740 -73.14 -45.51 77.65
C THR I 1740 -74.14 -46.55 78.18
N ILE I 1741 -74.21 -46.71 79.51
CA ILE I 1741 -75.22 -47.52 80.24
C ILE I 1741 -76.22 -46.55 80.92
N VAL I 1742 -77.48 -46.56 80.47
CA VAL I 1742 -78.61 -45.74 81.03
C VAL I 1742 -79.73 -46.70 81.45
N ASP I 1743 -80.02 -46.79 82.76
CA ASP I 1743 -81.09 -47.63 83.38
C ASP I 1743 -80.88 -49.10 83.02
N GLY I 1744 -79.64 -49.59 83.13
CA GLY I 1744 -79.24 -50.97 82.80
C GLY I 1744 -79.49 -51.34 81.34
N LYS I 1745 -79.33 -50.37 80.43
CA LYS I 1745 -79.56 -50.51 78.96
C LYS I 1745 -78.39 -49.85 78.20
N LEU I 1746 -77.81 -50.57 77.22
CA LEU I 1746 -76.70 -50.07 76.36
C LEU I 1746 -77.27 -49.11 75.31
N LYS I 1747 -77.05 -47.81 75.48
CA LYS I 1747 -77.49 -46.72 74.55
C LYS I 1747 -76.27 -46.27 73.74
N THR I 1748 -76.02 -46.93 72.60
CA THR I 1748 -74.89 -46.62 71.67
C THR I 1748 -75.25 -45.37 70.85
N GLU I 1749 -74.47 -44.31 70.99
CA GLU I 1749 -74.57 -43.05 70.20
C GLU I 1749 -73.41 -43.03 69.18
N LYS I 1750 -73.52 -42.20 68.13
CA LYS I 1750 -72.53 -42.09 67.02
C LYS I 1750 -71.74 -40.77 67.18
N ILE I 1751 -70.41 -40.87 67.16
CA ILE I 1751 -69.50 -39.73 66.81
C ILE I 1751 -69.55 -39.64 65.28
N PHE I 1752 -69.46 -38.44 64.71
CA PHE I 1752 -69.67 -38.25 63.25
C PHE I 1752 -71.10 -38.67 62.93
N LYS I 1753 -72.05 -37.80 63.30
CA LYS I 1753 -73.48 -37.96 62.98
C LYS I 1753 -73.69 -37.79 61.47
N GLU I 1754 -72.98 -36.81 60.87
CA GLU I 1754 -73.10 -36.46 59.43
C GLU I 1754 -72.58 -37.60 58.52
N ILE I 1755 -71.86 -38.59 59.04
CA ILE I 1755 -71.37 -39.76 58.26
C ILE I 1755 -72.42 -40.86 58.33
N ASN I 1756 -73.04 -41.16 57.19
CA ASN I 1756 -74.01 -42.26 56.97
C ASN I 1756 -73.52 -43.10 55.79
N GLU I 1757 -74.28 -44.14 55.41
CA GLU I 1757 -73.97 -45.08 54.29
C GLU I 1757 -74.01 -44.41 52.90
N HIS I 1758 -74.50 -43.16 52.78
CA HIS I 1758 -74.55 -42.38 51.51
C HIS I 1758 -73.51 -41.26 51.48
N SER I 1759 -72.64 -41.17 52.49
CA SER I 1759 -71.61 -40.13 52.58
C SER I 1759 -70.46 -40.55 51.64
N THR I 1760 -69.95 -39.61 50.88
CA THR I 1760 -68.83 -39.90 49.96
C THR I 1760 -67.56 -39.29 50.53
N SER I 1761 -67.71 -38.36 51.47
CA SER I 1761 -66.57 -37.69 52.10
C SER I 1761 -66.96 -37.15 53.48
N TYR I 1762 -65.94 -36.81 54.25
CA TYR I 1762 -66.05 -36.11 55.54
C TYR I 1762 -64.88 -35.16 55.63
N THR I 1763 -65.13 -33.89 55.87
CA THR I 1763 -64.10 -32.85 56.06
C THR I 1763 -63.98 -32.51 57.56
N PHE I 1764 -62.81 -32.75 58.13
CA PHE I 1764 -62.30 -32.14 59.38
C PHE I 1764 -61.94 -30.69 59.11
N ARG I 1765 -62.36 -29.80 60.00
CA ARG I 1765 -62.24 -28.33 59.81
C ARG I 1765 -61.44 -27.74 60.97
N SER I 1766 -60.63 -26.72 60.67
CA SER I 1766 -59.89 -25.89 61.65
C SER I 1766 -59.75 -24.49 61.08
N GLU I 1767 -59.57 -23.51 61.97
CA GLU I 1767 -59.36 -22.09 61.60
C GLU I 1767 -57.92 -21.95 61.07
N LYS I 1768 -56.93 -22.52 61.77
CA LYS I 1768 -55.48 -22.24 61.57
C LYS I 1768 -54.71 -23.47 61.09
N GLY I 1769 -55.08 -24.66 61.58
CA GLY I 1769 -54.42 -25.93 61.22
C GLY I 1769 -54.90 -27.05 62.10
N LEU I 1770 -54.97 -28.27 61.56
CA LEU I 1770 -55.58 -29.43 62.27
C LEU I 1770 -54.67 -29.95 63.36
N LEU I 1771 -53.39 -29.61 63.39
CA LEU I 1771 -52.50 -30.00 64.51
C LEU I 1771 -53.02 -29.36 65.81
N SER I 1772 -53.76 -28.24 65.72
CA SER I 1772 -54.40 -27.55 66.88
C SER I 1772 -55.74 -28.20 67.28
N ALA I 1773 -56.38 -28.99 66.41
CA ALA I 1773 -57.65 -29.69 66.73
C ALA I 1773 -57.30 -30.91 67.57
N THR I 1774 -58.00 -31.10 68.69
CA THR I 1774 -57.53 -32.00 69.77
C THR I 1774 -57.56 -33.46 69.32
N GLN I 1775 -58.33 -33.83 68.31
CA GLN I 1775 -58.38 -35.27 67.91
C GLN I 1775 -57.09 -35.61 67.15
N PHE I 1776 -56.40 -34.61 66.60
CA PHE I 1776 -55.11 -34.76 65.90
C PHE I 1776 -53.93 -34.40 66.82
N THR I 1777 -54.07 -33.36 67.64
CA THR I 1777 -53.05 -32.93 68.62
C THR I 1777 -52.69 -34.11 69.50
N GLN I 1778 -53.69 -34.82 70.00
CA GLN I 1778 -53.50 -35.87 71.02
C GLN I 1778 -52.64 -36.99 70.45
N PRO I 1779 -53.02 -37.66 69.33
CA PRO I 1779 -52.16 -38.65 68.70
C PRO I 1779 -50.78 -38.11 68.34
N ALA I 1780 -50.70 -36.93 67.75
CA ALA I 1780 -49.45 -36.32 67.28
C ALA I 1780 -48.47 -36.14 68.46
N LEU I 1781 -48.94 -35.58 69.57
CA LEU I 1781 -48.09 -35.32 70.76
C LEU I 1781 -47.69 -36.66 71.36
N THR I 1782 -48.66 -37.54 71.51
CA THR I 1782 -48.41 -38.87 72.09
C THR I 1782 -47.35 -39.61 71.28
N LEU I 1783 -47.31 -39.42 69.96
CA LEU I 1783 -46.38 -40.16 69.10
C LEU I 1783 -45.00 -39.52 69.18
N MET I 1784 -44.94 -38.19 69.15
CA MET I 1784 -43.66 -37.44 69.25
C MET I 1784 -42.97 -37.86 70.57
N GLU I 1785 -43.75 -38.06 71.63
CA GLU I 1785 -43.22 -38.41 72.98
C GLU I 1785 -42.80 -39.85 73.02
N LYS I 1786 -43.64 -40.74 72.51
CA LYS I 1786 -43.34 -42.18 72.45
C LYS I 1786 -42.15 -42.44 71.50
N ALA I 1787 -42.00 -41.67 70.42
CA ALA I 1787 -40.89 -41.86 69.48
C ALA I 1787 -39.58 -41.41 70.15
N ALA I 1788 -39.59 -40.26 70.83
CA ALA I 1788 -38.45 -39.74 71.62
C ALA I 1788 -38.05 -40.80 72.64
N PHE I 1789 -39.01 -41.29 73.40
CA PHE I 1789 -38.74 -42.29 74.45
C PHE I 1789 -38.21 -43.59 73.87
N GLU I 1790 -38.79 -44.08 72.77
CA GLU I 1790 -38.30 -45.34 72.16
C GLU I 1790 -36.88 -45.14 71.65
N ASP I 1791 -36.49 -43.93 71.24
CA ASP I 1791 -35.11 -43.68 70.77
C ASP I 1791 -34.15 -43.76 71.98
N LEU I 1792 -34.52 -43.11 73.10
CA LEU I 1792 -33.78 -43.17 74.37
C LEU I 1792 -33.59 -44.64 74.78
N LYS I 1793 -34.68 -45.41 74.77
CA LYS I 1793 -34.69 -46.83 75.16
C LYS I 1793 -33.73 -47.62 74.27
N SER I 1794 -33.68 -47.31 72.97
CA SER I 1794 -32.82 -48.00 71.98
C SER I 1794 -31.34 -47.75 72.32
N LYS I 1795 -31.03 -46.59 72.90
CA LYS I 1795 -29.66 -46.11 73.21
C LYS I 1795 -29.24 -46.57 74.61
N GLY I 1796 -30.10 -47.32 75.31
CA GLY I 1796 -29.89 -47.86 76.67
C GLY I 1796 -30.02 -46.81 77.77
N LEU I 1797 -30.74 -45.69 77.52
CA LEU I 1797 -30.73 -44.52 78.41
C LEU I 1797 -31.79 -44.53 79.51
N ILE I 1798 -32.62 -45.55 79.61
CA ILE I 1798 -33.79 -45.55 80.52
C ILE I 1798 -33.44 -46.40 81.74
N PRO I 1799 -33.31 -45.78 82.94
CA PRO I 1799 -33.10 -46.50 84.17
C PRO I 1799 -34.28 -47.44 84.43
N ALA I 1800 -33.98 -48.68 84.83
CA ALA I 1800 -34.95 -49.75 85.11
C ALA I 1800 -36.00 -49.33 86.15
N ASP I 1801 -35.68 -48.38 87.05
CA ASP I 1801 -36.53 -48.00 88.21
C ASP I 1801 -36.92 -46.50 88.15
N ALA I 1802 -36.86 -45.88 86.98
CA ALA I 1802 -37.26 -44.48 86.75
C ALA I 1802 -38.73 -44.32 87.15
N THR I 1803 -39.05 -43.16 87.72
CA THR I 1803 -40.44 -42.77 88.00
C THR I 1803 -40.92 -41.96 86.81
N PHE I 1804 -42.23 -41.80 86.71
CA PHE I 1804 -42.79 -41.04 85.56
C PHE I 1804 -44.19 -40.54 85.88
N ALA I 1805 -44.49 -39.44 85.23
CA ALA I 1805 -45.80 -38.79 85.26
C ALA I 1805 -45.97 -38.08 83.94
N GLY I 1806 -47.21 -37.95 83.52
CA GLY I 1806 -47.50 -37.09 82.39
C GLY I 1806 -48.53 -36.06 82.77
N HIS I 1807 -48.35 -34.87 82.24
CA HIS I 1807 -49.26 -33.74 82.45
C HIS I 1807 -50.42 -33.88 81.46
N J8W I 1808 -51.58 -34.34 81.96
CA J8W I 1808 -52.80 -34.38 81.16
CB J8W I 1808 -53.10 -32.94 80.72
OG J8W I 1808 -54.07 -32.97 79.69
C J8W I 1808 -52.70 -35.48 80.08
O J8W I 1808 -52.73 -36.67 80.40
C1 J8W I 1808 -55.32 -32.00 77.76
C2 J8W I 1808 -54.00 -32.21 78.44
C3 J8W I 1808 -55.84 -33.41 77.65
O7 J8W I 1808 -52.95 -31.81 77.95
O8 J8W I 1808 -55.63 -34.05 76.60
O9 J8W I 1808 -56.43 -33.93 78.64
N LEU I 1809 -52.55 -35.09 78.81
CA LEU I 1809 -52.44 -36.02 77.70
C LEU I 1809 -51.16 -36.84 77.90
N GLY I 1810 -50.10 -36.15 78.33
CA GLY I 1810 -48.78 -36.72 78.66
C GLY I 1810 -48.90 -38.03 79.40
N GLU I 1811 -49.90 -38.19 80.25
CA GLU I 1811 -50.09 -39.44 81.03
C GLU I 1811 -50.17 -40.65 80.10
N TYR I 1812 -50.71 -40.51 78.88
CA TYR I 1812 -50.94 -41.65 77.96
C TYR I 1812 -49.61 -42.09 77.36
N ALA I 1813 -48.83 -41.13 76.89
CA ALA I 1813 -47.47 -41.36 76.34
C ALA I 1813 -46.58 -41.98 77.42
N ALA I 1814 -46.65 -41.43 78.63
CA ALA I 1814 -45.86 -41.89 79.80
C ALA I 1814 -46.15 -43.38 80.05
N LEU I 1815 -47.41 -43.76 80.04
CA LEU I 1815 -47.85 -45.14 80.35
C LEU I 1815 -47.46 -46.11 79.24
N ALA I 1816 -47.59 -45.70 77.98
CA ALA I 1816 -47.17 -46.50 76.81
C ALA I 1816 -45.64 -46.61 76.81
N SER I 1817 -44.96 -45.52 77.15
CA SER I 1817 -43.49 -45.41 77.12
C SER I 1817 -42.89 -46.28 78.23
N LEU I 1818 -43.16 -45.96 79.48
CA LEU I 1818 -42.47 -46.56 80.65
C LEU I 1818 -43.08 -47.91 81.01
N ALA I 1819 -44.37 -48.14 80.75
CA ALA I 1819 -45.07 -49.37 81.21
C ALA I 1819 -45.55 -50.26 80.07
N ASP I 1820 -45.54 -49.80 78.80
CA ASP I 1820 -45.99 -50.58 77.60
C ASP I 1820 -47.37 -51.21 77.91
N VAL I 1821 -48.29 -50.38 78.36
CA VAL I 1821 -49.68 -50.76 78.73
C VAL I 1821 -50.50 -50.92 77.46
N MET I 1822 -50.16 -50.13 76.43
CA MET I 1822 -50.83 -50.13 75.10
C MET I 1822 -49.76 -50.26 74.02
N SER I 1823 -50.08 -50.96 72.95
CA SER I 1823 -49.34 -50.89 71.66
C SER I 1823 -49.45 -49.47 71.10
N ILE I 1824 -48.55 -49.10 70.19
CA ILE I 1824 -48.66 -47.83 69.40
C ILE I 1824 -50.08 -47.69 68.86
N GLU I 1825 -50.67 -48.78 68.34
CA GLU I 1825 -51.93 -48.73 67.57
C GLU I 1825 -53.05 -48.41 68.55
N SER I 1826 -53.14 -49.19 69.63
CA SER I 1826 -54.04 -49.01 70.80
C SER I 1826 -53.92 -47.58 71.34
N LEU I 1827 -52.70 -47.09 71.48
CA LEU I 1827 -52.40 -45.77 72.06
C LEU I 1827 -53.07 -44.70 71.21
N VAL I 1828 -52.72 -44.64 69.93
CA VAL I 1828 -53.19 -43.55 69.03
C VAL I 1828 -54.71 -43.64 68.86
N GLU I 1829 -55.25 -44.85 68.83
CA GLU I 1829 -56.71 -45.10 68.76
C GLU I 1829 -57.35 -44.49 70.03
N VAL I 1830 -56.82 -44.83 71.20
CA VAL I 1830 -57.37 -44.38 72.51
C VAL I 1830 -57.36 -42.87 72.52
N VAL I 1831 -56.26 -42.22 72.16
CA VAL I 1831 -56.17 -40.74 72.28
C VAL I 1831 -56.93 -40.07 71.15
N PHE I 1832 -57.09 -40.73 70.01
CA PHE I 1832 -57.90 -40.18 68.90
C PHE I 1832 -59.35 -40.07 69.38
N TYR I 1833 -59.85 -41.15 69.97
CA TYR I 1833 -61.19 -41.27 70.55
C TYR I 1833 -61.38 -40.24 71.68
N ARG I 1834 -60.42 -40.20 72.60
CA ARG I 1834 -60.39 -39.23 73.73
C ARG I 1834 -60.56 -37.82 73.16
N GLY I 1835 -59.81 -37.50 72.11
CA GLY I 1835 -59.88 -36.19 71.44
C GLY I 1835 -61.24 -35.99 70.78
N MET I 1836 -61.81 -37.04 70.16
CA MET I 1836 -63.10 -36.92 69.46
C MET I 1836 -64.20 -36.70 70.51
N THR I 1837 -64.20 -37.46 71.60
CA THR I 1837 -65.09 -37.30 72.79
C THR I 1837 -65.12 -35.85 73.25
N MET I 1838 -63.96 -35.20 73.31
CA MET I 1838 -63.82 -33.80 73.75
C MET I 1838 -64.39 -32.85 72.68
N GLN I 1839 -64.11 -33.11 71.41
CA GLN I 1839 -64.61 -32.30 70.25
C GLN I 1839 -66.14 -32.32 70.16
N VAL I 1840 -66.75 -33.50 70.37
CA VAL I 1840 -68.24 -33.72 70.36
C VAL I 1840 -68.89 -32.93 71.50
N ALA I 1841 -68.28 -32.91 72.69
CA ALA I 1841 -68.79 -32.26 73.92
C ALA I 1841 -68.88 -30.73 73.74
N VAL I 1842 -68.15 -30.14 72.78
CA VAL I 1842 -68.01 -28.66 72.61
C VAL I 1842 -68.66 -28.22 71.29
N PRO I 1843 -69.69 -27.35 71.31
CA PRO I 1843 -70.20 -26.70 70.08
C PRO I 1843 -69.13 -25.94 69.29
N ARG I 1844 -69.14 -26.07 67.98
CA ARG I 1844 -68.16 -25.43 67.05
C ARG I 1844 -68.92 -24.69 65.95
N ASP I 1845 -68.29 -23.67 65.37
CA ASP I 1845 -68.84 -22.88 64.23
C ASP I 1845 -68.37 -23.53 62.92
N GLU I 1846 -68.56 -22.85 61.79
CA GLU I 1846 -68.23 -23.35 60.42
C GLU I 1846 -66.72 -23.54 60.28
N LEU I 1847 -65.93 -22.62 60.86
CA LEU I 1847 -64.44 -22.58 60.77
C LEU I 1847 -63.79 -23.51 61.80
N GLY I 1848 -64.55 -24.10 62.73
CA GLY I 1848 -64.07 -25.04 63.75
C GLY I 1848 -63.66 -24.38 65.06
N ARG I 1849 -64.13 -23.14 65.32
CA ARG I 1849 -63.83 -22.34 66.54
C ARG I 1849 -64.93 -22.58 67.59
N SER I 1850 -64.53 -22.76 68.86
CA SER I 1850 -65.44 -22.95 70.02
C SER I 1850 -65.55 -21.65 70.82
N ASN I 1851 -66.40 -21.65 71.85
CA ASN I 1851 -66.52 -20.55 72.83
C ASN I 1851 -65.88 -20.96 74.17
N TYR I 1852 -64.74 -21.63 74.12
CA TYR I 1852 -64.07 -22.20 75.33
C TYR I 1852 -62.56 -22.11 75.13
N GLY I 1853 -61.84 -22.05 76.25
CA GLY I 1853 -60.40 -21.76 76.25
C GLY I 1853 -59.79 -22.03 77.61
N MET I 1854 -58.54 -21.60 77.77
CA MET I 1854 -57.79 -21.75 79.04
C MET I 1854 -56.86 -20.55 79.23
N ILE I 1855 -56.75 -20.08 80.47
CA ILE I 1855 -55.77 -19.01 80.87
C ILE I 1855 -54.89 -19.55 81.99
N ALA I 1856 -53.58 -19.36 81.88
CA ALA I 1856 -52.59 -19.54 82.95
C ALA I 1856 -52.60 -18.28 83.82
N ILE I 1857 -52.99 -18.40 85.08
CA ILE I 1857 -53.06 -17.29 86.08
C ILE I 1857 -51.90 -17.42 87.06
N ASN I 1858 -51.08 -16.37 87.16
CA ASN I 1858 -50.01 -16.20 88.19
C ASN I 1858 -50.55 -15.34 89.32
N PRO I 1859 -50.99 -15.91 90.46
CA PRO I 1859 -51.50 -15.12 91.59
C PRO I 1859 -50.47 -14.16 92.20
N GLY I 1860 -49.17 -14.38 91.98
CA GLY I 1860 -48.08 -13.49 92.43
C GLY I 1860 -47.93 -12.24 91.56
N ARG I 1861 -48.50 -12.24 90.35
CA ARG I 1861 -48.38 -11.13 89.38
C ARG I 1861 -49.49 -10.08 89.60
N VAL I 1862 -50.49 -10.37 90.43
CA VAL I 1862 -51.62 -9.46 90.75
C VAL I 1862 -51.28 -8.69 92.04
N ALA I 1863 -50.94 -9.40 93.11
CA ALA I 1863 -50.56 -8.84 94.43
C ALA I 1863 -49.81 -9.90 95.24
N ALA I 1864 -48.78 -9.50 95.99
CA ALA I 1864 -47.91 -10.39 96.81
C ALA I 1864 -48.74 -11.13 97.86
N SER I 1865 -49.83 -10.52 98.35
CA SER I 1865 -50.76 -11.08 99.37
C SER I 1865 -51.86 -11.95 98.71
N PHE I 1866 -52.05 -11.84 97.40
CA PHE I 1866 -53.04 -12.62 96.61
C PHE I 1866 -52.56 -14.07 96.50
N SER I 1867 -53.14 -14.95 97.33
CA SER I 1867 -52.78 -16.39 97.46
C SER I 1867 -53.63 -17.23 96.49
N GLN I 1868 -53.44 -18.55 96.48
CA GLN I 1868 -54.24 -19.50 95.65
C GLN I 1868 -55.65 -19.63 96.23
N GLU I 1869 -55.85 -19.39 97.54
CA GLU I 1869 -57.19 -19.40 98.19
C GLU I 1869 -57.98 -18.16 97.75
N ALA I 1870 -57.30 -17.02 97.58
CA ALA I 1870 -57.87 -15.77 97.02
C ALA I 1870 -58.28 -15.99 95.56
N LEU I 1871 -57.42 -16.63 94.75
CA LEU I 1871 -57.71 -16.98 93.34
C LEU I 1871 -58.92 -17.92 93.28
N GLN I 1872 -58.92 -18.99 94.09
CA GLN I 1872 -60.03 -19.99 94.17
C GLN I 1872 -61.34 -19.24 94.43
N TYR I 1873 -61.35 -18.40 95.46
CA TYR I 1873 -62.48 -17.52 95.88
C TYR I 1873 -62.97 -16.71 94.67
N VAL I 1874 -62.10 -15.88 94.08
CA VAL I 1874 -62.44 -14.96 92.95
C VAL I 1874 -63.05 -15.77 91.80
N VAL I 1875 -62.38 -16.83 91.35
CA VAL I 1875 -62.79 -17.69 90.19
C VAL I 1875 -64.17 -18.29 90.45
N GLU I 1876 -64.40 -18.83 91.66
CA GLU I 1876 -65.69 -19.44 92.07
C GLU I 1876 -66.80 -18.38 92.04
N ARG I 1877 -66.51 -17.15 92.47
CA ARG I 1877 -67.47 -16.01 92.51
C ARG I 1877 -67.80 -15.56 91.07
N VAL I 1878 -66.81 -15.45 90.18
CA VAL I 1878 -67.00 -15.03 88.76
C VAL I 1878 -67.82 -16.11 88.04
N GLY I 1879 -67.66 -17.38 88.42
CA GLY I 1879 -68.45 -18.52 87.92
C GLY I 1879 -69.92 -18.41 88.31
N LYS I 1880 -70.19 -18.17 89.61
CA LYS I 1880 -71.54 -18.15 90.21
C LYS I 1880 -72.33 -16.92 89.75
N ARG I 1881 -71.69 -15.75 89.72
CA ARG I 1881 -72.31 -14.44 89.36
C ARG I 1881 -72.80 -14.49 87.91
N THR I 1882 -71.89 -14.73 86.96
CA THR I 1882 -72.17 -14.73 85.49
C THR I 1882 -73.00 -15.95 85.09
N GLY I 1883 -72.89 -17.06 85.81
CA GLY I 1883 -73.53 -18.35 85.47
C GLY I 1883 -72.77 -19.09 84.38
N TRP I 1884 -71.75 -18.47 83.78
CA TRP I 1884 -70.83 -19.05 82.77
C TRP I 1884 -69.92 -20.09 83.43
N LEU I 1885 -69.20 -20.88 82.61
CA LEU I 1885 -68.23 -21.91 83.08
C LEU I 1885 -66.86 -21.26 83.27
N VAL I 1886 -66.30 -21.38 84.48
CA VAL I 1886 -64.85 -21.14 84.76
C VAL I 1886 -64.49 -21.92 86.03
N GLU I 1887 -63.46 -22.75 85.95
CA GLU I 1887 -62.90 -23.57 87.06
C GLU I 1887 -61.37 -23.55 86.98
N ILE I 1888 -60.71 -23.65 88.12
CA ILE I 1888 -59.25 -23.92 88.21
C ILE I 1888 -59.10 -25.43 87.94
N VAL I 1889 -58.35 -25.80 86.91
CA VAL I 1889 -58.30 -27.21 86.44
C VAL I 1889 -56.88 -27.77 86.53
N ASN I 1890 -55.86 -26.98 86.15
CA ASN I 1890 -54.45 -27.38 86.31
C ASN I 1890 -53.81 -26.55 87.44
N TYR I 1891 -53.33 -27.24 88.48
CA TYR I 1891 -52.42 -26.74 89.55
C TYR I 1891 -50.97 -27.04 89.14
N ASN I 1892 -50.28 -26.07 88.54
CA ASN I 1892 -48.99 -26.29 87.83
C ASN I 1892 -47.77 -25.88 88.68
N VAL I 1893 -47.73 -24.66 89.18
CA VAL I 1893 -46.61 -24.14 90.04
C VAL I 1893 -47.24 -23.39 91.21
N GLU I 1894 -46.94 -23.81 92.44
CA GLU I 1894 -47.59 -23.30 93.68
C GLU I 1894 -47.36 -21.79 93.70
N ASN I 1895 -48.46 -21.02 93.82
CA ASN I 1895 -48.51 -19.54 93.90
C ASN I 1895 -47.88 -18.87 92.66
N GLN I 1896 -47.79 -19.57 91.51
CA GLN I 1896 -47.14 -19.00 90.29
C GLN I 1896 -47.88 -19.41 88.98
N GLN I 1897 -48.63 -20.52 88.95
CA GLN I 1897 -49.31 -20.97 87.71
C GLN I 1897 -50.43 -21.95 88.03
N TYR I 1898 -51.65 -21.44 87.90
CA TYR I 1898 -52.93 -22.18 87.96
C TYR I 1898 -53.64 -21.91 86.63
N VAL I 1899 -54.24 -22.93 86.05
CA VAL I 1899 -54.92 -22.81 84.72
C VAL I 1899 -56.42 -22.82 84.97
N ALA I 1900 -57.09 -21.76 84.52
CA ALA I 1900 -58.57 -21.65 84.53
C ALA I 1900 -59.06 -22.07 83.14
N ALA I 1901 -59.96 -23.06 83.11
CA ALA I 1901 -60.68 -23.53 81.91
C ALA I 1901 -62.14 -23.07 81.98
N GLY I 1902 -62.66 -22.66 80.84
CA GLY I 1902 -64.11 -22.63 80.61
C GLY I 1902 -64.49 -21.61 79.56
N ASP I 1903 -65.71 -21.10 79.70
CA ASP I 1903 -66.34 -20.12 78.78
C ASP I 1903 -65.34 -18.98 78.54
N LEU I 1904 -65.10 -18.66 77.27
CA LEU I 1904 -64.14 -17.62 76.82
C LEU I 1904 -64.52 -16.26 77.41
N ARG I 1905 -65.82 -16.00 77.62
CA ARG I 1905 -66.35 -14.76 78.25
C ARG I 1905 -65.96 -14.75 79.74
N ALA I 1906 -66.25 -15.83 80.47
CA ALA I 1906 -65.87 -16.01 81.90
C ALA I 1906 -64.36 -15.83 82.11
N LEU I 1907 -63.55 -16.30 81.17
CA LEU I 1907 -62.06 -16.20 81.22
C LEU I 1907 -61.63 -14.75 80.97
N ASP I 1908 -62.32 -14.02 80.08
CA ASP I 1908 -62.03 -12.59 79.80
C ASP I 1908 -62.47 -11.74 81.01
N THR I 1909 -63.60 -12.08 81.63
CA THR I 1909 -64.11 -11.45 82.89
C THR I 1909 -63.07 -11.62 84.00
N VAL I 1910 -62.63 -12.86 84.25
CA VAL I 1910 -61.59 -13.20 85.28
C VAL I 1910 -60.32 -12.39 84.99
N THR I 1911 -59.86 -12.30 83.73
CA THR I 1911 -58.67 -11.52 83.33
C THR I 1911 -58.84 -10.05 83.72
N ASN I 1912 -60.02 -9.47 83.44
CA ASN I 1912 -60.35 -8.03 83.66
C ASN I 1912 -60.50 -7.74 85.15
N VAL I 1913 -61.16 -8.63 85.90
CA VAL I 1913 -61.32 -8.55 87.38
C VAL I 1913 -59.93 -8.51 88.04
N LEU I 1914 -59.03 -9.42 87.66
CA LEU I 1914 -57.65 -9.52 88.23
C LEU I 1914 -56.81 -8.31 87.79
N ASN I 1915 -57.00 -7.82 86.55
CA ASN I 1915 -56.37 -6.56 86.05
C ASN I 1915 -56.82 -5.39 86.93
N PHE I 1916 -58.11 -5.31 87.28
CA PHE I 1916 -58.72 -4.26 88.13
C PHE I 1916 -58.17 -4.38 89.57
N ILE I 1917 -58.15 -5.59 90.14
CA ILE I 1917 -57.66 -5.85 91.53
C ILE I 1917 -56.18 -5.45 91.66
N LYS I 1918 -55.36 -5.73 90.64
CA LYS I 1918 -53.91 -5.37 90.60
C LYS I 1918 -53.74 -3.85 90.59
N LEU I 1919 -54.52 -3.14 89.77
CA LEU I 1919 -54.44 -1.65 89.60
C LEU I 1919 -54.95 -0.93 90.85
N GLN I 1920 -55.97 -1.48 91.54
CA GLN I 1920 -56.54 -0.92 92.79
C GLN I 1920 -55.69 -1.28 94.01
N LYS I 1921 -54.86 -2.33 93.91
CA LYS I 1921 -53.93 -2.80 94.99
C LYS I 1921 -54.74 -3.19 96.24
N ILE I 1922 -55.92 -3.77 96.03
CA ILE I 1922 -56.90 -4.13 97.11
C ILE I 1922 -56.83 -5.64 97.35
N ASP I 1923 -56.62 -6.04 98.62
CA ASP I 1923 -56.55 -7.46 99.07
C ASP I 1923 -57.97 -7.95 99.37
N ILE I 1924 -58.25 -9.24 99.15
CA ILE I 1924 -59.55 -9.91 99.45
C ILE I 1924 -59.49 -10.56 100.84
N ILE I 1925 -58.37 -11.24 101.17
CA ILE I 1925 -58.22 -12.06 102.42
C ILE I 1925 -58.11 -11.14 103.65
N GLU I 1926 -57.43 -9.99 103.52
CA GLU I 1926 -57.26 -8.97 104.59
C GLU I 1926 -58.64 -8.35 104.92
N LEU I 1927 -59.42 -7.99 103.90
CA LEU I 1927 -60.77 -7.38 104.05
C LEU I 1927 -61.75 -8.41 104.64
N GLN I 1928 -61.72 -9.67 104.21
CA GLN I 1928 -62.71 -10.72 104.59
C GLN I 1928 -62.53 -11.13 106.06
N LYS I 1929 -61.33 -10.96 106.63
CA LYS I 1929 -60.96 -11.43 107.99
C LYS I 1929 -60.90 -10.25 108.98
N SER I 1930 -60.22 -9.16 108.62
CA SER I 1930 -59.84 -8.04 109.53
C SER I 1930 -60.76 -6.82 109.40
N LEU I 1931 -61.57 -6.71 108.33
CA LEU I 1931 -62.43 -5.51 108.06
C LEU I 1931 -63.91 -5.88 108.15
N SER I 1932 -64.39 -6.82 107.33
CA SER I 1932 -65.85 -7.12 107.15
C SER I 1932 -66.07 -8.61 106.84
N LEU I 1933 -67.21 -9.16 107.30
CA LEU I 1933 -67.62 -10.58 107.15
C LEU I 1933 -68.72 -10.67 106.07
N GLU I 1934 -68.40 -11.28 104.92
CA GLU I 1934 -69.31 -11.56 103.76
C GLU I 1934 -69.66 -10.28 102.98
N GLU I 1935 -69.15 -9.10 103.36
CA GLU I 1935 -69.28 -7.83 102.60
C GLU I 1935 -68.40 -7.91 101.33
N VAL I 1936 -67.21 -8.52 101.45
CA VAL I 1936 -66.25 -8.77 100.34
C VAL I 1936 -66.95 -9.50 99.19
N GLU I 1937 -67.84 -10.44 99.50
CA GLU I 1937 -68.62 -11.25 98.52
C GLU I 1937 -69.46 -10.30 97.66
N GLY I 1938 -70.28 -9.46 98.31
CA GLY I 1938 -71.10 -8.40 97.68
C GLY I 1938 -70.23 -7.38 96.95
N HIS I 1939 -69.10 -6.98 97.55
CA HIS I 1939 -68.13 -6.00 96.98
C HIS I 1939 -67.51 -6.54 95.68
N LEU I 1940 -67.21 -7.84 95.63
CA LEU I 1940 -66.59 -8.51 94.45
C LEU I 1940 -67.64 -8.67 93.34
N PHE I 1941 -68.92 -8.84 93.68
CA PHE I 1941 -70.05 -9.04 92.72
C PHE I 1941 -70.11 -7.87 91.73
N GLU I 1942 -69.97 -6.61 92.16
CA GLU I 1942 -70.08 -5.41 91.27
C GLU I 1942 -68.83 -5.28 90.39
N ILE I 1943 -67.67 -5.73 90.87
CA ILE I 1943 -66.38 -5.75 90.10
C ILE I 1943 -66.50 -6.80 88.98
N ILE I 1944 -67.10 -7.96 89.28
CA ILE I 1944 -67.40 -9.07 88.32
C ILE I 1944 -68.39 -8.55 87.26
N ASP I 1945 -69.43 -7.82 87.70
CA ASP I 1945 -70.52 -7.29 86.84
C ASP I 1945 -69.96 -6.28 85.82
N GLU I 1946 -69.07 -5.39 86.26
CA GLU I 1946 -68.38 -4.39 85.40
C GLU I 1946 -67.70 -5.14 84.24
N ALA I 1947 -66.92 -6.18 84.54
CA ALA I 1947 -66.15 -6.99 83.57
C ALA I 1947 -67.09 -7.87 82.72
N SER I 1948 -68.15 -8.44 83.31
CA SER I 1948 -69.12 -9.34 82.63
C SER I 1948 -69.91 -8.59 81.54
N LYS I 1949 -70.32 -7.35 81.82
CA LYS I 1949 -71.06 -6.46 80.88
C LYS I 1949 -70.21 -6.19 79.63
N LYS I 1950 -68.91 -5.92 79.81
CA LYS I 1950 -67.96 -5.62 78.70
C LYS I 1950 -67.62 -6.89 77.92
N SER I 1951 -67.62 -8.06 78.58
CA SER I 1951 -67.29 -9.38 77.98
C SER I 1951 -68.46 -9.89 77.12
N ALA I 1952 -69.71 -9.77 77.60
CA ALA I 1952 -70.94 -10.25 76.92
C ALA I 1952 -71.18 -9.49 75.60
N VAL I 1953 -70.85 -8.19 75.57
CA VAL I 1953 -70.98 -7.29 74.37
C VAL I 1953 -70.07 -7.81 73.24
N LYS I 1954 -68.83 -8.20 73.56
CA LYS I 1954 -67.83 -8.70 72.57
C LYS I 1954 -68.41 -9.86 71.78
N PRO I 1955 -68.05 -10.03 70.48
CA PRO I 1955 -68.58 -11.13 69.66
C PRO I 1955 -68.19 -12.51 70.21
N ARG I 1956 -68.88 -13.58 69.79
CA ARG I 1956 -68.79 -14.93 70.42
C ARG I 1956 -67.37 -15.49 70.30
N PRO I 1957 -66.70 -15.45 69.13
CA PRO I 1957 -65.30 -15.89 69.03
C PRO I 1957 -64.30 -14.80 69.47
N LEU I 1958 -64.40 -14.33 70.73
CA LEU I 1958 -63.61 -13.17 71.24
C LEU I 1958 -62.16 -13.62 71.51
N LYS I 1959 -61.19 -12.82 71.05
CA LYS I 1959 -59.74 -13.09 71.26
C LYS I 1959 -59.39 -12.72 72.70
N LEU I 1960 -59.08 -13.73 73.52
CA LEU I 1960 -58.61 -13.58 74.93
C LEU I 1960 -57.32 -12.75 74.91
N GLU I 1961 -57.25 -11.71 75.76
CA GLU I 1961 -56.13 -10.75 75.83
C GLU I 1961 -55.22 -11.11 77.00
N ARG I 1962 -53.91 -10.88 76.85
CA ARG I 1962 -52.87 -11.10 77.87
C ARG I 1962 -52.98 -10.01 78.94
N GLY I 1963 -53.42 -10.38 80.15
CA GLY I 1963 -53.52 -9.47 81.31
C GLY I 1963 -52.16 -9.25 81.97
N PHE I 1964 -52.16 -8.78 83.22
CA PHE I 1964 -50.94 -8.64 84.07
C PHE I 1964 -50.69 -9.98 84.77
N ALA I 1965 -51.75 -10.65 85.24
CA ALA I 1965 -51.70 -11.92 86.00
C ALA I 1965 -52.28 -13.10 85.20
N CYS I 1966 -52.62 -12.91 83.91
CA CYS I 1966 -53.28 -13.92 83.04
C CYS I 1966 -52.65 -13.94 81.65
N ILE I 1967 -52.41 -15.14 81.12
CA ILE I 1967 -51.97 -15.37 79.71
C ILE I 1967 -52.84 -16.48 79.13
N PRO I 1968 -53.48 -16.27 77.95
CA PRO I 1968 -54.29 -17.32 77.33
C PRO I 1968 -53.41 -18.43 76.72
N LEU I 1969 -53.82 -19.68 76.87
CA LEU I 1969 -53.10 -20.84 76.28
C LEU I 1969 -53.46 -20.93 74.79
N VAL I 1970 -52.50 -20.65 73.91
CA VAL I 1970 -52.66 -20.69 72.43
C VAL I 1970 -52.93 -22.13 71.98
N GLY I 1971 -53.86 -22.31 71.03
CA GLY I 1971 -54.19 -23.60 70.41
C GLY I 1971 -54.95 -24.52 71.35
N ILE I 1972 -55.67 -23.96 72.34
CA ILE I 1972 -56.57 -24.67 73.27
C ILE I 1972 -57.99 -24.09 73.08
N SER I 1973 -58.96 -24.95 72.82
CA SER I 1973 -60.36 -24.60 72.46
C SER I 1973 -61.38 -25.40 73.29
N VAL I 1974 -60.92 -26.43 74.01
CA VAL I 1974 -61.77 -27.28 74.89
C VAL I 1974 -61.48 -26.85 76.33
N PRO I 1975 -62.47 -26.88 77.24
CA PRO I 1975 -62.22 -26.67 78.68
C PRO I 1975 -61.74 -27.98 79.33
N PHE I 1976 -60.50 -28.37 79.06
CA PHE I 1976 -59.89 -29.64 79.54
C PHE I 1976 -59.94 -29.68 81.07
N HIS I 1977 -60.34 -30.82 81.65
CA HIS I 1977 -60.23 -31.12 83.11
C HIS I 1977 -61.28 -30.37 83.93
N SER I 1978 -62.24 -29.70 83.28
CA SER I 1978 -63.42 -29.08 83.93
C SER I 1978 -64.52 -30.14 84.07
N THR I 1979 -65.58 -29.83 84.83
CA THR I 1979 -66.74 -30.73 85.10
C THR I 1979 -67.63 -30.80 83.85
N TYR I 1980 -67.51 -29.82 82.95
CA TYR I 1980 -68.15 -29.79 81.61
C TYR I 1980 -67.92 -31.12 80.86
N LEU I 1981 -66.76 -31.78 81.06
CA LEU I 1981 -66.40 -33.02 80.32
C LEU I 1981 -66.81 -34.28 81.08
N MET I 1982 -67.56 -34.18 82.18
CA MET I 1982 -67.89 -35.34 83.06
C MET I 1982 -68.80 -36.34 82.34
N ASN I 1983 -69.63 -35.89 81.39
CA ASN I 1983 -70.53 -36.76 80.59
C ASN I 1983 -69.68 -37.70 79.72
N GLY I 1984 -68.52 -37.21 79.24
CA GLY I 1984 -67.55 -37.97 78.45
C GLY I 1984 -66.93 -39.15 79.19
N VAL I 1985 -66.96 -39.17 80.53
CA VAL I 1985 -66.21 -40.16 81.36
C VAL I 1985 -66.74 -41.57 81.11
N LYS I 1986 -68.05 -41.78 81.16
CA LYS I 1986 -68.67 -43.13 81.06
C LYS I 1986 -68.39 -43.78 79.71
N PRO I 1987 -68.63 -43.11 78.56
CA PRO I 1987 -68.30 -43.71 77.26
C PRO I 1987 -66.78 -43.94 77.15
N PHE I 1988 -65.98 -42.97 77.56
CA PHE I 1988 -64.49 -43.08 77.50
C PHE I 1988 -64.03 -44.26 78.38
N LYS I 1989 -64.58 -44.38 79.59
CA LYS I 1989 -64.28 -45.53 80.49
C LYS I 1989 -64.54 -46.85 79.76
N SER I 1990 -65.70 -47.01 79.12
CA SER I 1990 -66.10 -48.25 78.41
C SER I 1990 -65.12 -48.52 77.26
N PHE I 1991 -64.69 -47.46 76.57
CA PHE I 1991 -63.71 -47.54 75.47
C PHE I 1991 -62.34 -47.95 76.03
N LEU I 1992 -61.89 -47.32 77.12
CA LEU I 1992 -60.60 -47.68 77.77
C LEU I 1992 -60.64 -49.16 78.18
N LYS I 1993 -61.72 -49.62 78.80
CA LYS I 1993 -61.86 -51.04 79.27
C LYS I 1993 -61.71 -52.01 78.10
N LYS I 1994 -62.06 -51.62 76.88
CA LYS I 1994 -61.98 -52.48 75.67
C LYS I 1994 -60.56 -52.49 75.09
N ASN I 1995 -59.84 -51.35 75.15
CA ASN I 1995 -58.57 -51.11 74.42
C ASN I 1995 -57.33 -51.26 75.33
N ILE I 1996 -57.46 -51.13 76.65
CA ILE I 1996 -56.40 -51.51 77.64
C ILE I 1996 -56.69 -52.94 78.09
N ILE I 1997 -55.96 -53.91 77.56
CA ILE I 1997 -56.12 -55.35 77.87
C ILE I 1997 -55.39 -55.59 79.20
N LYS I 1998 -55.97 -56.36 80.12
CA LYS I 1998 -55.41 -56.54 81.50
C LYS I 1998 -54.07 -57.30 81.46
N GLU I 1999 -53.84 -58.14 80.45
CA GLU I 1999 -52.60 -58.94 80.28
C GLU I 1999 -51.38 -58.04 79.98
N ASN I 2000 -51.61 -56.82 79.50
CA ASN I 2000 -50.56 -55.81 79.17
C ASN I 2000 -50.26 -54.91 80.38
N VAL I 2001 -51.03 -54.99 81.46
CA VAL I 2001 -50.82 -54.19 82.71
C VAL I 2001 -49.84 -54.96 83.59
N LYS I 2002 -48.57 -54.54 83.61
CA LYS I 2002 -47.48 -55.13 84.45
C LYS I 2002 -47.38 -54.25 85.69
N VAL I 2003 -47.85 -54.76 86.84
CA VAL I 2003 -47.92 -53.99 88.11
C VAL I 2003 -46.51 -53.50 88.48
N ALA I 2004 -45.48 -54.34 88.33
CA ALA I 2004 -44.06 -54.01 88.60
C ALA I 2004 -43.63 -52.75 87.85
N ARG I 2005 -44.17 -52.50 86.66
CA ARG I 2005 -43.78 -51.34 85.81
C ARG I 2005 -44.55 -50.08 86.24
N LEU I 2006 -45.64 -50.23 87.00
CA LEU I 2006 -46.47 -49.11 87.50
C LEU I 2006 -46.21 -48.86 88.98
N ALA I 2007 -46.31 -49.90 89.81
CA ALA I 2007 -46.26 -49.85 91.30
C ALA I 2007 -45.07 -49.02 91.77
N GLY I 2008 -45.35 -47.86 92.37
CA GLY I 2008 -44.36 -46.97 92.97
C GLY I 2008 -43.72 -46.01 91.99
N LYS I 2009 -44.03 -46.15 90.70
CA LYS I 2009 -43.25 -45.49 89.62
C LYS I 2009 -44.14 -44.46 88.92
N TYR I 2010 -45.36 -44.86 88.60
CA TYR I 2010 -46.36 -44.04 87.88
C TYR I 2010 -47.10 -43.15 88.89
N ILE I 2011 -47.02 -41.83 88.70
CA ILE I 2011 -47.78 -40.84 89.52
C ILE I 2011 -48.96 -40.33 88.68
N PRO I 2012 -50.19 -40.85 88.84
CA PRO I 2012 -51.34 -40.32 88.11
C PRO I 2012 -51.67 -38.86 88.42
N ASN I 2013 -52.23 -38.14 87.45
CA ASN I 2013 -52.72 -36.74 87.60
C ASN I 2013 -53.92 -36.69 88.56
N LEU I 2014 -54.74 -37.73 88.63
CA LEU I 2014 -56.01 -37.70 89.41
C LEU I 2014 -55.64 -37.74 90.89
N THR I 2015 -55.00 -38.83 91.29
CA THR I 2015 -54.45 -39.11 92.64
C THR I 2015 -52.95 -38.81 92.56
N ALA I 2016 -52.47 -37.63 92.99
CA ALA I 2016 -51.06 -37.24 92.71
C ALA I 2016 -50.09 -38.05 93.58
N LYS I 2017 -50.35 -39.35 93.75
CA LYS I 2017 -49.60 -40.29 94.63
C LYS I 2017 -49.08 -41.47 93.80
N PRO I 2018 -47.85 -41.96 94.05
CA PRO I 2018 -47.31 -43.08 93.27
C PRO I 2018 -48.28 -44.26 93.28
N PHE I 2019 -48.53 -44.80 92.08
CA PHE I 2019 -49.51 -45.88 91.83
C PHE I 2019 -49.18 -47.04 92.77
N GLN I 2020 -50.19 -47.56 93.44
CA GLN I 2020 -50.11 -48.79 94.27
C GLN I 2020 -51.46 -49.50 94.19
N VAL I 2021 -51.43 -50.83 94.24
CA VAL I 2021 -52.64 -51.69 94.27
C VAL I 2021 -52.92 -52.04 95.74
N THR I 2022 -53.36 -51.04 96.52
CA THR I 2022 -53.72 -51.13 97.96
C THR I 2022 -55.11 -50.53 98.19
N LYS I 2023 -55.83 -51.06 99.19
CA LYS I 2023 -57.15 -50.55 99.67
C LYS I 2023 -57.08 -49.03 99.88
N GLU I 2024 -55.97 -48.53 100.41
CA GLU I 2024 -55.75 -47.09 100.73
C GLU I 2024 -55.82 -46.29 99.42
N TYR I 2025 -55.14 -46.78 98.37
CA TYR I 2025 -55.07 -46.13 97.04
C TYR I 2025 -56.47 -46.09 96.42
N PHE I 2026 -57.14 -47.24 96.36
CA PHE I 2026 -58.52 -47.42 95.83
C PHE I 2026 -59.48 -46.48 96.56
N GLN I 2027 -59.42 -46.47 97.90
CA GLN I 2027 -60.27 -45.61 98.76
C GLN I 2027 -60.03 -44.15 98.38
N ASP I 2028 -58.78 -43.72 98.19
CA ASP I 2028 -58.44 -42.32 97.86
C ASP I 2028 -59.00 -41.97 96.47
N VAL I 2029 -58.94 -42.91 95.52
CA VAL I 2029 -59.46 -42.71 94.13
C VAL I 2029 -60.98 -42.56 94.23
N TYR I 2030 -61.65 -43.40 95.03
CA TYR I 2030 -63.12 -43.36 95.24
C TYR I 2030 -63.54 -42.01 95.84
N ASP I 2031 -62.79 -41.48 96.81
CA ASP I 2031 -63.05 -40.17 97.46
C ASP I 2031 -62.95 -39.03 96.44
N LEU I 2032 -62.01 -39.12 95.48
CA LEU I 2032 -61.80 -38.09 94.43
C LEU I 2032 -62.92 -38.15 93.40
N THR I 2033 -63.26 -39.37 92.95
CA THR I 2033 -64.27 -39.63 91.88
C THR I 2033 -64.99 -40.95 92.18
N GLY I 2034 -66.18 -40.83 92.80
CA GLY I 2034 -67.03 -41.98 93.19
C GLY I 2034 -67.36 -42.82 91.98
N SER I 2035 -66.99 -44.11 92.02
CA SER I 2035 -67.17 -45.08 90.92
C SER I 2035 -67.55 -46.45 91.50
N GLU I 2036 -68.59 -47.07 90.92
CA GLU I 2036 -69.18 -48.35 91.41
C GLU I 2036 -68.13 -49.47 91.36
N PRO I 2037 -67.33 -49.61 90.27
CA PRO I 2037 -66.32 -50.68 90.20
C PRO I 2037 -65.27 -50.59 91.32
N ILE I 2038 -64.78 -49.39 91.62
CA ILE I 2038 -63.76 -49.15 92.69
C ILE I 2038 -64.40 -49.39 94.06
N LYS I 2039 -65.61 -48.88 94.30
CA LYS I 2039 -66.34 -49.09 95.58
C LYS I 2039 -66.53 -50.59 95.81
N GLU I 2040 -66.94 -51.33 94.78
CA GLU I 2040 -67.13 -52.81 94.82
C GLU I 2040 -65.80 -53.47 95.19
N ILE I 2041 -64.68 -53.01 94.62
CA ILE I 2041 -63.31 -53.56 94.90
C ILE I 2041 -62.98 -53.33 96.38
N ILE I 2042 -63.22 -52.12 96.90
CA ILE I 2042 -62.91 -51.73 98.32
C ILE I 2042 -63.70 -52.65 99.27
N ASP I 2043 -65.02 -52.74 99.06
CA ASP I 2043 -65.96 -53.52 99.91
C ASP I 2043 -65.55 -54.99 99.94
N ASN I 2044 -65.19 -55.54 98.78
CA ASN I 2044 -64.91 -56.98 98.56
C ASN I 2044 -63.40 -57.24 98.56
N TRP I 2045 -62.59 -56.34 99.14
CA TRP I 2045 -61.10 -56.39 99.09
C TRP I 2045 -60.58 -57.70 99.71
N GLU I 2046 -61.29 -58.21 100.71
CA GLU I 2046 -60.88 -59.38 101.53
C GLU I 2046 -60.83 -60.65 100.66
N LYS I 2047 -61.78 -60.86 99.75
CA LYS I 2047 -61.85 -62.08 98.91
C LYS I 2047 -60.73 -62.05 97.85
N TYR I 2048 -60.30 -60.86 97.43
CA TYR I 2048 -59.19 -60.66 96.44
C TYR I 2048 -57.85 -60.99 97.08
N GLU I 2049 -57.69 -60.70 98.39
CA GLU I 2049 -56.47 -61.02 99.17
C GLU I 2049 -56.27 -62.53 99.29
N GLN I 2050 -57.36 -63.33 99.29
CA GLN I 2050 -57.34 -64.81 99.35
C GLN I 2050 -58.34 -65.40 98.35
N SER J 5 69.28 -19.62 113.12
CA SER J 5 68.28 -20.25 112.20
C SER J 5 67.37 -19.17 111.60
N THR J 6 67.17 -19.21 110.27
CA THR J 6 66.38 -18.23 109.48
C THR J 6 65.50 -18.97 108.46
N ARG J 7 64.39 -18.37 108.03
CA ARG J 7 63.57 -18.86 106.90
C ARG J 7 63.44 -17.79 105.83
N PRO J 8 63.60 -18.12 104.52
CA PRO J 8 63.34 -17.19 103.44
C PRO J 8 61.88 -16.68 103.38
N LEU J 9 61.72 -15.35 103.36
CA LEU J 9 60.44 -14.64 103.14
C LEU J 9 60.51 -13.91 101.80
N THR J 10 59.62 -14.25 100.86
CA THR J 10 59.55 -13.67 99.49
C THR J 10 58.54 -12.52 99.51
N LEU J 11 58.98 -11.30 99.21
CA LEU J 11 58.12 -10.12 98.93
C LEU J 11 58.31 -9.76 97.45
N SER J 12 57.21 -9.72 96.69
CA SER J 12 57.20 -9.71 95.20
C SER J 12 56.13 -8.76 94.66
N HIS J 13 56.25 -8.43 93.39
CA HIS J 13 55.28 -7.61 92.61
C HIS J 13 55.44 -7.96 91.13
N GLY J 14 54.62 -8.87 90.61
CA GLY J 14 54.76 -9.42 89.26
C GLY J 14 56.04 -10.25 89.15
N SER J 15 56.83 -10.02 88.09
CA SER J 15 58.08 -10.76 87.78
C SER J 15 59.14 -10.49 88.86
N LEU J 16 59.36 -9.22 89.21
CA LEU J 16 60.42 -8.80 90.17
C LEU J 16 60.03 -9.25 91.59
N GLU J 17 61.03 -9.69 92.37
CA GLU J 17 60.87 -10.19 93.76
C GLU J 17 62.19 -9.98 94.51
N HIS J 18 62.13 -10.07 95.84
CA HIS J 18 63.31 -10.09 96.75
C HIS J 18 63.02 -11.08 97.88
N VAL J 19 64.02 -11.92 98.20
CA VAL J 19 63.96 -12.94 99.27
C VAL J 19 64.78 -12.40 100.45
N LEU J 20 64.17 -12.40 101.65
CA LEU J 20 64.77 -11.88 102.91
C LEU J 20 64.91 -13.04 103.90
N LEU J 21 66.13 -13.34 104.34
CA LEU J 21 66.41 -14.38 105.38
C LEU J 21 66.02 -13.80 106.75
N VAL J 22 64.74 -13.97 107.12
CA VAL J 22 64.17 -13.47 108.41
C VAL J 22 64.54 -14.48 109.49
N PRO J 23 65.02 -14.04 110.68
CA PRO J 23 65.16 -14.92 111.85
C PRO J 23 63.83 -15.61 112.20
N THR J 24 63.88 -16.89 112.56
CA THR J 24 62.69 -17.73 112.91
C THR J 24 61.98 -17.13 114.14
N ALA J 25 62.72 -16.49 115.05
CA ALA J 25 62.22 -15.86 116.30
C ALA J 25 61.19 -14.75 116.01
N SER J 26 61.34 -14.01 114.89
CA SER J 26 60.47 -12.87 114.49
C SER J 26 59.82 -13.11 113.12
N PHE J 27 59.90 -14.33 112.54
CA PHE J 27 59.33 -14.68 111.21
C PHE J 27 57.82 -14.52 111.22
N PHE J 28 57.19 -14.85 112.36
CA PHE J 28 55.72 -14.77 112.61
C PHE J 28 55.25 -13.33 112.35
N ILE J 29 55.90 -12.34 112.97
CA ILE J 29 55.54 -10.89 112.87
C ILE J 29 55.92 -10.36 111.48
N ALA J 30 57.01 -10.87 110.89
CA ALA J 30 57.48 -10.50 109.53
C ALA J 30 56.50 -11.00 108.46
N SER J 31 55.92 -12.19 108.66
CA SER J 31 54.90 -12.79 107.75
C SER J 31 53.60 -11.99 107.84
N GLN J 32 53.24 -11.56 109.06
CA GLN J 32 52.11 -10.62 109.32
C GLN J 32 52.28 -9.38 108.43
N LEU J 33 53.40 -8.66 108.60
CA LEU J 33 53.74 -7.41 107.87
C LEU J 33 53.79 -7.70 106.36
N GLN J 34 54.38 -8.82 105.95
CA GLN J 34 54.43 -9.29 104.53
C GLN J 34 53.00 -9.34 103.95
N GLU J 35 52.07 -9.97 104.68
CA GLU J 35 50.65 -10.14 104.28
C GLU J 35 50.00 -8.75 104.16
N GLN J 36 50.16 -7.91 105.18
CA GLN J 36 49.63 -6.51 105.23
C GLN J 36 50.18 -5.70 104.06
N PHE J 37 51.50 -5.73 103.83
CA PHE J 37 52.20 -4.97 102.75
C PHE J 37 51.73 -5.43 101.37
N ASN J 38 51.58 -6.75 101.18
CA ASN J 38 51.15 -7.36 99.90
C ASN J 38 49.69 -6.94 99.60
N LYS J 39 48.88 -6.73 100.63
CA LYS J 39 47.48 -6.20 100.53
C LYS J 39 47.52 -4.73 100.10
N ILE J 40 48.34 -3.91 100.78
CA ILE J 40 48.51 -2.43 100.54
C ILE J 40 49.02 -2.19 99.11
N LEU J 41 49.99 -2.98 98.67
CA LEU J 41 50.65 -2.86 97.33
C LEU J 41 49.59 -2.98 96.24
N PRO J 42 49.61 -2.13 95.18
CA PRO J 42 48.66 -2.24 94.07
C PRO J 42 48.93 -3.46 93.19
N GLU J 43 48.08 -3.68 92.18
CA GLU J 43 48.14 -4.88 91.29
C GLU J 43 49.27 -4.68 90.29
N PRO J 44 50.09 -5.71 89.99
CA PRO J 44 51.12 -5.61 88.96
C PRO J 44 50.55 -5.31 87.56
N THR J 45 51.31 -4.58 86.74
CA THR J 45 51.01 -4.29 85.31
C THR J 45 52.28 -4.49 84.47
N GLU J 46 52.12 -4.63 83.16
CA GLU J 46 53.20 -4.69 82.14
C GLU J 46 54.14 -3.48 82.29
N GLY J 47 55.45 -3.73 82.40
CA GLY J 47 56.52 -2.70 82.45
C GLY J 47 56.57 -1.92 83.75
N PHE J 48 55.62 -2.14 84.68
CA PHE J 48 55.45 -1.43 85.96
C PHE J 48 55.34 0.09 85.74
N ALA J 49 54.72 0.50 84.63
CA ALA J 49 54.66 1.90 84.15
C ALA J 49 53.73 2.75 85.03
N ALA J 50 52.71 2.13 85.65
CA ALA J 50 51.74 2.80 86.56
C ALA J 50 52.46 3.33 87.80
N ASP J 51 51.87 4.32 88.47
CA ASP J 51 52.44 5.04 89.64
C ASP J 51 52.16 4.26 90.92
N ASP J 52 52.99 4.50 91.95
CA ASP J 52 52.91 3.91 93.31
C ASP J 52 53.06 2.38 93.26
N GLU J 53 53.73 1.84 92.24
CA GLU J 53 54.16 0.41 92.16
C GLU J 53 55.62 0.33 91.73
N PRO J 54 56.44 -0.54 92.37
CA PRO J 54 57.89 -0.56 92.12
C PRO J 54 58.23 -1.12 90.74
N THR J 55 59.35 -0.66 90.17
CA THR J 55 59.90 -1.10 88.86
C THR J 55 61.11 -2.04 89.05
N THR J 56 61.79 -1.98 90.21
CA THR J 56 62.99 -2.80 90.53
C THR J 56 62.84 -3.40 91.92
N PRO J 57 63.57 -4.50 92.25
CA PRO J 57 63.53 -5.08 93.60
C PRO J 57 63.92 -4.08 94.69
N ALA J 58 64.85 -3.17 94.40
CA ALA J 58 65.31 -2.08 95.30
C ALA J 58 64.12 -1.19 95.70
N GLU J 59 63.32 -0.76 94.73
CA GLU J 59 62.09 0.06 94.96
C GLU J 59 61.11 -0.72 95.84
N LEU J 60 60.87 -1.99 95.51
CA LEU J 60 59.90 -2.86 96.21
C LEU J 60 60.29 -3.00 97.69
N VAL J 61 61.57 -3.24 97.97
CA VAL J 61 62.10 -3.36 99.36
C VAL J 61 62.00 -1.98 100.04
N GLY J 62 62.23 -0.91 99.29
CA GLY J 62 62.03 0.49 99.76
C GLY J 62 60.60 0.70 100.25
N LYS J 63 59.61 0.42 99.39
CA LYS J 63 58.16 0.54 99.70
C LYS J 63 57.81 -0.29 100.94
N PHE J 64 58.37 -1.50 101.06
CA PHE J 64 58.14 -2.40 102.23
C PHE J 64 58.75 -1.74 103.47
N LEU J 65 59.98 -1.24 103.36
CA LEU J 65 60.68 -0.45 104.41
C LEU J 65 59.80 0.74 104.80
N GLY J 66 59.30 1.47 103.80
CA GLY J 66 58.38 2.62 103.95
C GLY J 66 57.17 2.24 104.77
N TYR J 67 56.49 1.15 104.38
CA TYR J 67 55.25 0.65 105.02
C TYR J 67 55.50 0.32 106.49
N VAL J 68 56.54 -0.47 106.78
CA VAL J 68 56.91 -0.91 108.16
C VAL J 68 57.24 0.33 109.00
N SER J 69 58.00 1.29 108.45
CA SER J 69 58.42 2.55 109.13
C SER J 69 57.20 3.41 109.48
N SER J 70 56.14 3.35 108.66
CA SER J 70 54.85 4.08 108.88
C SER J 70 54.18 3.58 110.18
N LEU J 71 54.22 2.26 110.42
CA LEU J 71 53.55 1.60 111.58
C LEU J 71 54.38 1.83 112.85
N VAL J 72 55.70 1.64 112.78
CA VAL J 72 56.61 1.76 113.97
C VAL J 72 56.54 3.20 114.48
N GLU J 73 56.33 3.35 115.80
CA GLU J 73 56.35 4.65 116.52
C GLU J 73 57.77 4.89 117.03
N PRO J 74 58.31 6.12 116.93
CA PRO J 74 59.66 6.41 117.42
C PRO J 74 59.76 6.38 118.96
N SER J 75 58.76 6.91 119.65
CA SER J 75 58.72 7.00 121.14
C SER J 75 58.52 5.59 121.74
N LYS J 76 57.42 4.91 121.39
CA LYS J 76 57.04 3.59 121.98
C LYS J 76 57.76 2.47 121.24
N VAL J 77 58.39 1.56 121.99
CA VAL J 77 59.02 0.31 121.45
C VAL J 77 57.88 -0.62 121.02
N GLY J 78 57.89 -1.07 119.77
CA GLY J 78 56.86 -1.94 119.16
C GLY J 78 57.46 -3.26 118.70
N GLN J 79 56.60 -4.17 118.26
CA GLN J 79 56.96 -5.53 117.78
C GLN J 79 57.66 -5.43 116.41
N PHE J 80 57.30 -4.42 115.61
CA PHE J 80 57.73 -4.27 114.19
C PHE J 80 59.15 -3.67 114.11
N ASP J 81 59.66 -3.10 115.21
CA ASP J 81 60.99 -2.46 115.32
C ASP J 81 62.09 -3.43 114.86
N GLN J 82 62.08 -4.67 115.35
CA GLN J 82 63.14 -5.68 115.06
C GLN J 82 63.09 -6.05 113.58
N VAL J 83 61.89 -6.16 113.00
CA VAL J 83 61.68 -6.47 111.55
C VAL J 83 62.15 -5.26 110.72
N LEU J 84 61.92 -4.04 111.20
CA LEU J 84 62.38 -2.80 110.52
C LEU J 84 63.91 -2.85 110.41
N ASN J 85 64.61 -2.94 111.55
CA ASN J 85 66.09 -2.98 111.64
C ASN J 85 66.65 -4.10 110.74
N LEU J 86 66.00 -5.26 110.72
CA LEU J 86 66.43 -6.47 109.97
C LEU J 86 66.34 -6.21 108.45
N CYS J 87 65.20 -5.73 107.95
CA CYS J 87 64.95 -5.48 106.50
C CYS J 87 65.70 -4.22 106.03
N LEU J 88 66.02 -3.30 106.96
CA LEU J 88 66.87 -2.12 106.70
C LEU J 88 68.30 -2.60 106.41
N THR J 89 68.87 -3.37 107.34
CA THR J 89 70.20 -4.03 107.23
C THR J 89 70.28 -4.80 105.91
N GLU J 90 69.23 -5.56 105.55
CA GLU J 90 69.19 -6.36 104.29
C GLU J 90 69.27 -5.41 103.08
N PHE J 91 68.49 -4.31 103.09
CA PHE J 91 68.44 -3.29 102.01
C PHE J 91 69.84 -2.67 101.81
N GLU J 92 70.46 -2.25 102.92
CA GLU J 92 71.83 -1.69 102.96
C GLU J 92 72.82 -2.67 102.29
N ASN J 93 72.87 -3.92 102.76
CA ASN J 93 73.90 -4.92 102.33
C ASN J 93 73.63 -5.40 100.90
N CYS J 94 72.38 -5.31 100.41
CA CYS J 94 71.96 -5.83 99.08
C CYS J 94 72.10 -4.77 97.99
N TYR J 95 71.77 -3.49 98.27
CA TYR J 95 71.63 -2.42 97.24
C TYR J 95 72.57 -1.23 97.51
N LEU J 96 72.82 -0.86 98.77
CA LEU J 96 73.82 0.19 99.14
C LEU J 96 75.18 -0.48 99.37
N GLU J 97 75.90 -0.79 98.29
CA GLU J 97 77.28 -1.34 98.35
C GLU J 97 78.21 -0.27 98.95
N GLY J 98 78.08 -0.03 100.27
CA GLY J 98 78.79 1.01 101.03
C GLY J 98 78.36 2.43 100.64
N ASN J 99 77.68 2.59 99.50
CA ASN J 99 77.44 3.91 98.83
C ASN J 99 76.25 4.57 99.53
N ASP J 100 75.92 5.81 99.14
CA ASP J 100 74.78 6.60 99.68
C ASP J 100 73.50 6.23 98.91
N ILE J 101 72.35 6.41 99.55
CA ILE J 101 70.99 6.20 98.95
C ILE J 101 70.84 6.99 97.65
N HIS J 102 71.43 8.18 97.57
CA HIS J 102 71.39 9.05 96.36
C HIS J 102 72.17 8.39 95.22
N ALA J 103 73.34 7.81 95.52
CA ALA J 103 74.18 7.09 94.55
C ALA J 103 73.37 5.93 93.93
N LEU J 104 72.65 5.18 94.77
CA LEU J 104 71.73 4.10 94.34
C LEU J 104 70.63 4.69 93.45
N ALA J 105 69.91 5.68 93.97
CA ALA J 105 68.83 6.42 93.25
C ALA J 105 69.32 6.88 91.87
N ALA J 106 70.50 7.49 91.80
CA ALA J 106 71.14 7.97 90.55
C ALA J 106 71.48 6.78 89.64
N LYS J 107 71.93 5.65 90.22
CA LYS J 107 72.24 4.39 89.47
C LYS J 107 70.97 3.89 88.79
N LEU J 108 69.88 3.74 89.55
CA LEU J 108 68.54 3.29 89.08
C LEU J 108 68.07 4.19 87.93
N LEU J 109 68.21 5.51 88.08
CA LEU J 109 67.69 6.54 87.13
C LEU J 109 68.24 6.29 85.71
N GLN J 110 69.54 6.00 85.58
CA GLN J 110 70.24 5.88 84.27
C GLN J 110 70.25 4.42 83.78
N GLU J 111 70.24 3.42 84.67
CA GLU J 111 70.23 1.97 84.30
C GLU J 111 68.79 1.52 84.01
N ASN J 112 67.94 1.50 85.05
CA ASN J 112 66.59 0.88 85.06
C ASN J 112 65.57 1.91 84.55
N ASP J 113 64.33 1.49 84.31
CA ASP J 113 63.21 2.36 83.83
C ASP J 113 62.43 2.89 85.03
N THR J 114 63.13 3.55 85.96
CA THR J 114 62.57 4.22 87.16
C THR J 114 62.41 5.70 86.83
N THR J 115 61.26 6.28 87.20
CA THR J 115 60.96 7.72 87.03
C THR J 115 61.54 8.50 88.22
N LEU J 116 61.56 9.83 88.10
CA LEU J 116 62.16 10.75 89.10
C LEU J 116 61.36 10.68 90.41
N VAL J 117 60.02 10.62 90.32
CA VAL J 117 59.09 10.56 91.50
C VAL J 117 59.27 9.21 92.24
N LYS J 118 59.41 8.10 91.52
CA LYS J 118 59.62 6.74 92.10
C LYS J 118 60.95 6.72 92.86
N THR J 119 61.99 7.30 92.25
CA THR J 119 63.37 7.45 92.81
C THR J 119 63.34 8.27 94.11
N LYS J 120 62.66 9.42 94.11
CA LYS J 120 62.53 10.30 95.31
C LYS J 120 61.78 9.55 96.41
N GLU J 121 60.77 8.76 96.03
CA GLU J 121 59.96 7.94 96.98
C GLU J 121 60.88 6.91 97.64
N LEU J 122 61.75 6.28 96.87
CA LEU J 122 62.77 5.28 97.34
C LEU J 122 63.68 5.95 98.38
N ILE J 123 64.19 7.14 98.07
CA ILE J 123 65.09 7.93 98.96
C ILE J 123 64.34 8.24 100.26
N LYS J 124 63.09 8.69 100.16
CA LYS J 124 62.25 9.06 101.33
C LYS J 124 62.04 7.84 102.23
N ASN J 125 61.65 6.71 101.61
CA ASN J 125 61.43 5.42 102.34
C ASN J 125 62.70 5.09 103.11
N TYR J 126 63.85 4.99 102.42
CA TYR J 126 65.14 4.62 103.05
C TYR J 126 65.47 5.56 104.21
N ILE J 127 65.33 6.88 104.01
CA ILE J 127 65.76 7.91 105.01
C ILE J 127 64.79 7.90 106.19
N THR J 128 63.49 7.71 105.94
CA THR J 128 62.44 7.63 107.00
C THR J 128 62.72 6.39 107.86
N ALA J 129 62.84 5.22 107.23
CA ALA J 129 63.25 3.94 107.86
C ALA J 129 64.48 4.13 108.76
N ARG J 130 65.55 4.76 108.25
CA ARG J 130 66.81 5.00 109.02
C ARG J 130 66.50 5.73 110.33
N ILE J 131 65.63 6.74 110.29
CA ILE J 131 65.31 7.60 111.46
C ILE J 131 64.36 6.84 112.40
N MET J 132 63.37 6.13 111.86
CA MET J 132 62.37 5.35 112.65
C MET J 132 63.06 4.18 113.36
N ALA J 133 64.06 3.57 112.73
CA ALA J 133 64.85 2.42 113.26
C ALA J 133 65.90 2.88 114.28
N LYS J 134 65.86 4.13 114.77
CA LYS J 134 66.79 4.71 115.79
C LYS J 134 68.23 4.66 115.29
N ARG J 135 68.45 4.73 113.97
CA ARG J 135 69.78 4.69 113.31
C ARG J 135 70.00 6.02 112.58
N PRO J 136 70.26 7.14 113.32
CA PRO J 136 70.53 8.42 112.66
C PRO J 136 71.82 8.33 111.83
N PHE J 137 72.19 9.44 111.19
CA PHE J 137 73.42 9.56 110.36
C PHE J 137 74.50 10.23 111.22
N ASP J 138 74.82 9.64 112.38
CA ASP J 138 75.81 10.17 113.35
C ASP J 138 77.23 9.89 112.83
N LYS J 139 77.42 8.79 112.12
CA LYS J 139 78.71 8.43 111.45
C LYS J 139 78.94 9.43 110.31
N LYS J 140 80.10 10.10 110.30
CA LYS J 140 80.57 10.92 109.15
C LYS J 140 80.67 10.00 107.93
N SER J 141 80.16 10.46 106.78
CA SER J 141 80.16 9.69 105.52
C SER J 141 81.60 9.59 104.99
N ASN J 142 81.81 8.67 104.05
CA ASN J 142 83.10 8.51 103.33
C ASN J 142 82.94 9.10 101.92
N SER J 143 82.19 10.19 101.77
CA SER J 143 82.00 10.89 100.47
C SER J 143 83.37 11.23 99.90
N ALA J 144 83.61 10.88 98.64
CA ALA J 144 84.89 11.13 97.95
C ALA J 144 85.20 12.63 97.95
N LEU J 145 84.17 13.46 97.73
CA LEU J 145 84.32 14.93 97.60
C LEU J 145 84.94 15.48 98.89
N PHE J 146 84.35 15.13 100.04
CA PHE J 146 84.75 15.69 101.35
C PHE J 146 86.05 15.04 101.82
N ARG J 147 86.30 13.79 101.43
CA ARG J 147 87.64 13.14 101.60
C ARG J 147 88.68 14.00 100.88
N ALA J 148 88.46 14.25 99.58
CA ALA J 148 89.35 15.09 98.73
C ALA J 148 89.57 16.48 99.34
N VAL J 149 88.58 17.05 100.02
CA VAL J 149 88.69 18.40 100.65
C VAL J 149 89.62 18.32 101.86
N GLY J 150 89.42 17.31 102.72
CA GLY J 150 90.31 17.02 103.88
C GLY J 150 91.76 16.88 103.46
N GLU J 151 92.02 16.12 102.39
CA GLU J 151 93.39 15.82 101.86
C GLU J 151 93.99 17.05 101.14
N GLY J 152 93.19 18.08 100.83
CA GLY J 152 93.63 19.28 100.11
C GLY J 152 93.65 19.10 98.59
N ASN J 153 92.93 18.10 98.07
CA ASN J 153 92.80 17.80 96.62
C ASN J 153 91.60 18.55 96.00
N ALA J 154 90.70 19.08 96.83
CA ALA J 154 89.50 19.84 96.41
C ALA J 154 89.30 21.05 97.34
N GLN J 155 88.83 22.16 96.77
CA GLN J 155 88.41 23.38 97.49
C GLN J 155 86.95 23.64 97.12
N LEU J 156 86.07 23.74 98.12
CA LEU J 156 84.60 23.86 97.97
C LEU J 156 84.22 25.32 98.21
N VAL J 157 83.38 25.87 97.34
CA VAL J 157 82.67 27.16 97.61
C VAL J 157 81.18 26.88 97.49
N ALA J 158 80.40 27.36 98.45
CA ALA J 158 78.93 27.22 98.44
C ALA J 158 78.35 28.49 97.82
N ILE J 159 77.40 28.32 96.93
CA ILE J 159 76.68 29.47 96.34
C ILE J 159 75.20 29.25 96.57
N PHE J 160 74.52 30.35 96.85
CA PHE J 160 73.06 30.39 97.08
C PHE J 160 72.46 31.28 95.99
N GLY J 161 71.44 30.74 95.33
CA GLY J 161 70.64 31.41 94.30
C GLY J 161 69.78 32.51 94.92
N GLY J 162 69.00 33.18 94.08
CA GLY J 162 67.99 34.13 94.56
C GLY J 162 66.73 33.99 93.76
N GLN J 163 66.11 35.13 93.46
CA GLN J 163 64.84 35.24 92.71
C GLN J 163 65.12 34.93 91.24
N GLY J 164 64.11 34.46 90.50
CA GLY J 164 64.07 34.58 89.02
C GLY J 164 64.73 33.43 88.30
N ASN J 165 64.92 32.28 88.95
CA ASN J 165 65.51 31.07 88.35
C ASN J 165 64.39 30.13 87.92
N THR J 166 63.24 30.18 88.61
CA THR J 166 62.05 29.33 88.35
C THR J 166 60.80 30.10 88.76
N ASP J 167 59.68 29.83 88.09
CA ASP J 167 58.34 30.41 88.39
C ASP J 167 57.64 29.54 89.45
N ASP J 168 58.11 28.30 89.64
CA ASP J 168 57.47 27.29 90.54
C ASP J 168 58.44 26.91 91.66
N TYR J 169 59.05 27.90 92.32
CA TYR J 169 60.03 27.68 93.41
C TYR J 169 59.37 26.88 94.54
N PHE J 170 58.06 27.02 94.75
CA PHE J 170 57.36 26.43 95.91
C PHE J 170 57.37 24.90 95.83
N GLU J 171 57.36 24.31 94.63
CA GLU J 171 57.39 22.83 94.43
C GLU J 171 58.72 22.26 94.92
N GLU J 172 59.80 23.05 94.89
CA GLU J 172 61.11 22.67 95.44
C GLU J 172 60.97 22.49 96.96
N LEU J 173 60.25 23.39 97.63
CA LEU J 173 60.00 23.28 99.09
C LEU J 173 59.06 22.10 99.37
N ARG J 174 58.10 21.87 98.48
CA ARG J 174 57.13 20.75 98.60
C ARG J 174 57.93 19.44 98.57
N ASP J 175 58.83 19.30 97.59
CA ASP J 175 59.68 18.09 97.37
C ASP J 175 60.59 17.87 98.58
N LEU J 176 61.21 18.93 99.11
CA LEU J 176 62.02 18.85 100.36
C LEU J 176 61.17 18.34 101.54
N TYR J 177 59.94 18.81 101.67
CA TYR J 177 59.03 18.45 102.80
C TYR J 177 58.58 16.99 102.65
N GLN J 178 58.28 16.54 101.43
CA GLN J 178 57.88 15.14 101.13
C GLN J 178 59.06 14.21 101.46
N THR J 179 60.15 14.35 100.72
CA THR J 179 61.30 13.42 100.69
C THR J 179 62.04 13.43 102.03
N TYR J 180 62.34 14.61 102.56
CA TYR J 180 63.27 14.78 103.71
C TYR J 180 62.53 15.34 104.92
N HIS J 181 61.24 15.02 105.07
CA HIS J 181 60.44 15.37 106.28
C HIS J 181 61.26 15.12 107.54
N VAL J 182 61.86 13.93 107.67
CA VAL J 182 62.52 13.49 108.94
C VAL J 182 63.81 14.26 109.17
N LEU J 183 64.37 14.88 108.12
CA LEU J 183 65.62 15.68 108.21
C LEU J 183 65.32 17.18 108.35
N VAL J 184 64.36 17.73 107.60
CA VAL J 184 64.12 19.21 107.53
C VAL J 184 62.74 19.61 108.10
N GLY J 185 61.83 18.66 108.35
CA GLY J 185 60.51 18.93 108.97
C GLY J 185 60.61 19.93 110.11
N ASP J 186 61.59 19.78 111.00
CA ASP J 186 61.80 20.65 112.19
C ASP J 186 62.28 22.03 111.76
N LEU J 187 63.10 22.13 110.72
CA LEU J 187 63.56 23.43 110.16
C LEU J 187 62.34 24.18 109.60
N ILE J 188 61.53 23.51 108.79
CA ILE J 188 60.38 24.13 108.07
C ILE J 188 59.32 24.55 109.09
N LYS J 189 59.07 23.76 110.15
CA LYS J 189 58.12 24.11 111.24
C LYS J 189 58.67 25.33 111.98
N PHE J 190 59.96 25.35 112.28
CA PHE J 190 60.61 26.49 112.97
C PHE J 190 60.51 27.77 112.13
N SER J 191 60.73 27.63 110.81
CA SER J 191 60.76 28.77 109.86
C SER J 191 59.35 29.32 109.70
N ALA J 192 58.35 28.44 109.53
CA ALA J 192 56.89 28.74 109.52
C ALA J 192 56.44 29.47 110.80
N GLU J 193 56.90 29.03 111.97
CA GLU J 193 56.53 29.66 113.27
C GLU J 193 57.19 31.04 113.36
N THR J 194 58.44 31.16 112.90
CA THR J 194 59.21 32.42 112.95
C THR J 194 58.52 33.48 112.08
N LEU J 195 58.06 33.07 110.89
CA LEU J 195 57.41 33.96 109.90
C LEU J 195 56.03 34.38 110.41
N SER J 196 55.23 33.43 110.94
CA SER J 196 53.92 33.70 111.60
C SER J 196 54.11 34.73 112.71
N GLU J 197 55.16 34.60 113.51
CA GLU J 197 55.44 35.53 114.63
C GLU J 197 55.88 36.89 114.09
N LEU J 198 56.64 36.94 112.99
CA LEU J 198 57.11 38.23 112.42
C LEU J 198 55.92 39.01 111.82
N ILE J 199 54.95 38.31 111.21
CA ILE J 199 53.68 38.91 110.70
C ILE J 199 52.90 39.51 111.88
N ARG J 200 52.78 38.76 112.98
CA ARG J 200 52.00 39.15 114.19
C ARG J 200 52.62 40.41 114.82
N THR J 201 53.94 40.49 114.93
CA THR J 201 54.70 41.55 115.66
C THR J 201 55.13 42.71 114.73
N THR J 202 54.85 42.63 113.44
CA THR J 202 55.15 43.72 112.47
C THR J 202 53.82 44.41 112.14
N LEU J 203 53.80 45.74 112.18
CA LEU J 203 52.56 46.56 112.30
C LEU J 203 51.57 46.20 111.18
N ASP J 204 51.91 46.49 109.92
CA ASP J 204 50.96 46.37 108.77
C ASP J 204 51.33 45.19 107.87
N ALA J 205 52.09 44.22 108.37
CA ALA J 205 52.59 43.06 107.59
C ALA J 205 51.42 42.24 107.05
N GLU J 206 50.38 42.01 107.87
CA GLU J 206 49.13 41.27 107.46
C GLU J 206 48.53 41.87 106.19
N LYS J 207 48.61 43.19 105.98
CA LYS J 207 48.04 43.88 104.77
C LYS J 207 48.72 43.33 103.51
N VAL J 208 50.02 43.07 103.62
CA VAL J 208 50.89 42.57 102.51
C VAL J 208 50.67 41.06 102.30
N PHE J 209 50.30 40.31 103.35
CA PHE J 209 50.08 38.84 103.31
C PHE J 209 48.58 38.54 103.24
N THR J 210 47.97 38.78 102.07
CA THR J 210 46.49 38.86 101.89
C THR J 210 45.86 37.46 102.00
N GLN J 211 46.55 36.42 101.55
CA GLN J 211 46.13 34.99 101.71
C GLN J 211 46.99 34.30 102.77
N GLY J 212 47.50 35.06 103.76
CA GLY J 212 48.29 34.55 104.90
C GLY J 212 49.64 33.99 104.50
N LEU J 213 50.32 33.37 105.46
CA LEU J 213 51.62 32.67 105.28
C LEU J 213 51.61 31.38 106.12
N ASN J 214 50.58 30.56 105.95
CA ASN J 214 50.46 29.24 106.62
C ASN J 214 51.13 28.19 105.73
N ILE J 215 52.47 28.16 105.74
CA ILE J 215 53.24 27.31 104.79
C ILE J 215 53.01 25.83 105.14
N LEU J 216 52.89 25.50 106.43
CA LEU J 216 52.64 24.10 106.90
C LEU J 216 51.31 23.61 106.32
N GLU J 217 50.25 24.41 106.41
CA GLU J 217 48.95 24.12 105.75
C GLU J 217 49.16 23.88 104.25
N TRP J 218 49.90 24.77 103.57
CA TRP J 218 50.11 24.67 102.10
C TRP J 218 50.86 23.37 101.76
N LEU J 219 51.85 23.00 102.56
CA LEU J 219 52.66 21.78 102.34
C LEU J 219 51.81 20.52 102.61
N GLU J 220 51.01 20.51 103.69
CA GLU J 220 50.07 19.38 103.99
C GLU J 220 49.07 19.21 102.84
N ASN J 221 48.43 20.30 102.40
CA ASN J 221 47.29 20.30 101.43
C ASN J 221 47.65 21.16 100.21
N PRO J 222 48.14 20.57 99.10
CA PRO J 222 48.33 21.31 97.85
C PRO J 222 47.11 22.08 97.33
N SER J 223 45.89 21.62 97.64
CA SER J 223 44.59 22.28 97.29
C SER J 223 44.51 23.66 97.94
N ASN J 224 44.97 23.80 99.20
CA ASN J 224 44.90 25.05 100.00
C ASN J 224 46.10 25.98 99.74
N THR J 225 47.06 25.58 98.90
CA THR J 225 48.20 26.46 98.51
C THR J 225 47.65 27.58 97.63
N PRO J 226 47.93 28.86 97.94
CA PRO J 226 47.65 29.97 97.03
C PRO J 226 48.19 29.79 95.60
N ASP J 227 47.72 30.63 94.69
CA ASP J 227 48.10 30.67 93.25
C ASP J 227 49.58 31.07 93.13
N LYS J 228 50.20 30.79 91.99
CA LYS J 228 51.64 31.06 91.75
C LYS J 228 51.97 32.54 91.93
N ASP J 229 51.08 33.45 91.51
CA ASP J 229 51.37 34.91 91.55
C ASP J 229 51.60 35.35 92.99
N TYR J 230 50.77 34.85 93.90
CA TYR J 230 50.84 35.16 95.35
C TYR J 230 52.13 34.59 95.93
N LEU J 231 52.43 33.32 95.64
CA LEU J 231 53.68 32.63 96.08
C LEU J 231 54.88 33.41 95.57
N LEU J 232 54.83 33.86 94.33
CA LEU J 232 55.95 34.60 93.71
C LEU J 232 56.12 35.97 94.34
N SER J 233 55.08 36.56 94.95
CA SER J 233 55.22 37.93 95.51
C SER J 233 56.33 37.89 96.55
N ILE J 234 57.12 38.95 96.67
CA ILE J 234 58.41 38.84 97.41
C ILE J 234 58.22 38.74 98.92
N PRO J 235 57.14 39.23 99.56
CA PRO J 235 56.97 38.99 101.00
C PRO J 235 56.91 37.49 101.34
N ILE J 236 56.42 36.68 100.40
CA ILE J 236 56.39 35.20 100.52
C ILE J 236 57.68 34.62 99.92
N SER J 237 58.06 35.00 98.71
CA SER J 237 59.13 34.30 97.95
C SER J 237 60.49 34.55 98.59
N CYS J 238 60.75 35.75 99.09
CA CYS J 238 62.06 36.06 99.69
C CYS J 238 62.37 35.10 100.84
N PRO J 239 61.59 35.07 101.96
CA PRO J 239 61.91 34.17 103.06
C PRO J 239 61.82 32.70 102.68
N LEU J 240 60.89 32.32 101.80
CA LEU J 240 60.68 30.89 101.47
C LEU J 240 61.84 30.37 100.61
N ILE J 241 62.52 31.24 99.88
CA ILE J 241 63.69 30.83 99.04
C ILE J 241 64.87 30.65 100.00
N GLY J 242 65.01 31.51 101.00
CA GLY J 242 65.88 31.30 102.16
C GLY J 242 65.69 29.91 102.75
N VAL J 243 64.44 29.53 103.02
CA VAL J 243 64.07 28.27 103.73
C VAL J 243 64.47 27.09 102.86
N ILE J 244 64.19 27.17 101.57
CA ILE J 244 64.57 26.11 100.58
C ILE J 244 66.09 25.88 100.67
N GLN J 245 66.87 26.96 100.68
CA GLN J 245 68.34 26.91 100.63
C GLN J 245 68.88 26.34 101.94
N LEU J 246 68.42 26.87 103.06
CA LEU J 246 68.76 26.32 104.40
C LEU J 246 68.36 24.84 104.50
N ALA J 247 67.21 24.44 103.95
CA ALA J 247 66.72 23.05 103.98
C ALA J 247 67.69 22.16 103.20
N HIS J 248 68.13 22.61 102.02
CA HIS J 248 69.10 21.85 101.19
C HIS J 248 70.44 21.75 101.94
N TYR J 249 70.81 22.80 102.64
CA TYR J 249 72.07 22.83 103.42
C TYR J 249 72.02 21.79 104.54
N VAL J 250 70.86 21.67 105.18
CA VAL J 250 70.60 20.73 106.31
C VAL J 250 70.54 19.30 105.79
N VAL J 251 69.76 19.04 104.76
CA VAL J 251 69.75 17.70 104.10
C VAL J 251 71.19 17.31 103.77
N THR J 252 72.00 18.22 103.24
CA THR J 252 73.40 17.94 102.84
C THR J 252 74.19 17.58 104.11
N ALA J 253 74.16 18.43 105.13
CA ALA J 253 74.94 18.26 106.38
C ALA J 253 74.55 16.95 107.06
N LYS J 254 73.26 16.61 107.10
CA LYS J 254 72.75 15.46 107.89
C LYS J 254 73.12 14.16 107.18
N LEU J 255 72.96 14.09 105.87
CA LEU J 255 73.29 12.88 105.08
C LEU J 255 74.81 12.63 105.03
N LEU J 256 75.63 13.63 105.36
CA LEU J 256 77.11 13.49 105.49
C LEU J 256 77.50 13.26 106.95
N GLY J 257 76.52 13.29 107.86
CA GLY J 257 76.74 13.23 109.32
C GLY J 257 77.58 14.39 109.84
N PHE J 258 77.49 15.56 109.23
CA PHE J 258 78.18 16.78 109.73
C PHE J 258 77.19 17.59 110.57
N THR J 259 77.73 18.40 111.48
CA THR J 259 77.06 19.59 112.05
C THR J 259 77.10 20.66 110.96
N PRO J 260 76.22 21.69 111.03
CA PRO J 260 76.30 22.82 110.11
C PRO J 260 77.70 23.44 110.05
N GLY J 261 78.32 23.66 111.21
CA GLY J 261 79.69 24.21 111.34
C GLY J 261 80.73 23.30 110.73
N GLU J 262 80.55 21.98 110.83
CA GLU J 262 81.51 21.01 110.22
C GLU J 262 81.46 21.18 108.70
N LEU J 263 80.25 21.14 108.12
CA LEU J 263 80.03 21.32 106.66
C LEU J 263 80.60 22.68 106.25
N ARG J 264 80.36 23.72 107.05
CA ARG J 264 80.88 25.09 106.82
C ARG J 264 82.41 25.06 106.78
N SER J 265 83.06 24.27 107.64
CA SER J 265 84.53 24.26 107.83
C SER J 265 85.21 23.62 106.61
N TYR J 266 84.51 22.72 105.93
CA TYR J 266 84.94 22.10 104.66
C TYR J 266 84.89 23.12 103.51
N LEU J 267 84.22 24.27 103.68
CA LEU J 267 84.05 25.28 102.60
C LEU J 267 85.20 26.29 102.67
N LYS J 268 85.80 26.59 101.53
CA LYS J 268 86.77 27.70 101.39
C LYS J 268 86.02 29.04 101.51
N GLY J 269 84.75 29.09 101.11
CA GLY J 269 83.96 30.34 101.07
C GLY J 269 82.51 30.10 100.73
N ALA J 270 81.72 31.16 100.84
CA ALA J 270 80.29 31.14 100.48
C ALA J 270 79.97 32.44 99.78
N THR J 271 79.01 32.39 98.88
CA THR J 271 78.39 33.62 98.39
C THR J 271 77.03 33.29 97.82
N GLY J 272 76.34 34.33 97.42
CA GLY J 272 74.98 34.19 96.91
C GLY J 272 74.69 35.29 95.93
N HIS J 273 73.75 34.99 95.06
CA HIS J 273 73.31 35.83 93.94
C HIS J 273 72.05 36.52 94.42
N SER J 274 72.09 37.84 94.58
CA SER J 274 70.93 38.63 95.05
C SER J 274 70.68 38.19 96.50
N GLN J 275 69.50 37.65 96.84
CA GLN J 275 69.09 37.34 98.24
C GLN J 275 69.79 36.07 98.77
N GLY J 276 70.43 35.28 97.90
CA GLY J 276 71.26 34.11 98.31
C GLY J 276 72.35 34.54 99.27
N LEU J 277 72.83 35.77 99.15
CA LEU J 277 73.91 36.33 99.98
C LEU J 277 73.52 36.34 101.46
N VAL J 278 72.23 36.34 101.77
CA VAL J 278 71.76 36.30 103.19
C VAL J 278 71.99 34.89 103.74
N THR J 279 71.57 33.89 102.97
CA THR J 279 71.77 32.46 103.32
C THR J 279 73.27 32.16 103.44
N ALA J 280 74.11 32.75 102.58
CA ALA J 280 75.57 32.54 102.58
C ALA J 280 76.17 33.04 103.90
N VAL J 281 75.81 34.24 104.36
CA VAL J 281 76.32 34.80 105.64
C VAL J 281 75.77 33.97 106.81
N ALA J 282 74.52 33.52 106.73
CA ALA J 282 73.84 32.76 107.80
C ALA J 282 74.60 31.44 108.04
N ILE J 283 74.85 30.66 106.99
CA ILE J 283 75.57 29.35 107.09
C ILE J 283 77.03 29.57 107.46
N ALA J 284 77.63 30.71 107.11
CA ALA J 284 79.00 31.09 107.52
C ALA J 284 79.12 31.27 109.04
N GLU J 285 78.02 31.60 109.73
CA GLU J 285 78.00 31.83 111.20
C GLU J 285 77.78 30.51 111.96
N THR J 286 77.25 29.47 111.30
CA THR J 286 76.72 28.26 111.98
C THR J 286 77.85 27.47 112.65
N ASP J 287 77.55 26.80 113.77
CA ASP J 287 78.51 25.94 114.52
C ASP J 287 77.84 24.57 114.76
N SER J 288 76.88 24.49 115.69
CA SER J 288 76.26 23.23 116.15
C SER J 288 74.78 23.17 115.76
N TRP J 289 74.16 21.99 115.80
CA TRP J 289 72.70 21.80 115.55
C TRP J 289 71.85 22.57 116.57
N GLU J 290 72.37 22.82 117.77
CA GLU J 290 71.61 23.46 118.88
C GLU J 290 71.41 24.94 118.53
N SER J 291 72.46 25.59 118.04
CA SER J 291 72.53 27.05 117.75
C SER J 291 72.27 27.34 116.27
N PHE J 292 71.88 26.34 115.48
CA PHE J 292 71.64 26.48 114.02
C PHE J 292 70.40 27.33 113.76
N PHE J 293 69.37 27.13 114.59
CA PHE J 293 68.08 27.86 114.53
C PHE J 293 68.28 29.33 114.87
N VAL J 294 69.40 29.71 115.48
CA VAL J 294 69.76 31.15 115.70
C VAL J 294 70.08 31.76 114.33
N SER J 295 70.95 31.11 113.55
CA SER J 295 71.35 31.52 112.18
C SER J 295 70.13 31.47 111.25
N VAL J 296 69.30 30.43 111.34
CA VAL J 296 68.07 30.30 110.51
C VAL J 296 67.16 31.51 110.77
N ARG J 297 66.91 31.85 112.04
CA ARG J 297 66.06 32.99 112.44
C ARG J 297 66.59 34.27 111.78
N LYS J 298 67.88 34.56 111.94
CA LYS J 298 68.50 35.80 111.38
C LYS J 298 68.24 35.87 109.87
N ALA J 299 68.44 34.77 109.15
CA ALA J 299 68.31 34.70 107.68
C ALA J 299 66.85 34.94 107.30
N ILE J 300 65.92 34.16 107.86
CA ILE J 300 64.45 34.27 107.65
C ILE J 300 64.01 35.70 107.96
N THR J 301 64.55 36.30 109.00
CA THR J 301 64.14 37.66 109.44
C THR J 301 64.65 38.71 108.46
N VAL J 302 65.89 38.61 108.01
CA VAL J 302 66.41 39.57 106.99
C VAL J 302 65.52 39.45 105.75
N LEU J 303 65.22 38.24 105.31
CA LEU J 303 64.52 38.03 104.03
C LEU J 303 63.06 38.45 104.18
N PHE J 304 62.49 38.30 105.37
CA PHE J 304 61.10 38.72 105.67
C PHE J 304 61.01 40.23 105.45
N PHE J 305 61.94 40.99 106.02
CA PHE J 305 61.91 42.47 105.99
C PHE J 305 62.28 42.99 104.61
N ILE J 306 63.18 42.32 103.90
CA ILE J 306 63.49 42.68 102.49
C ILE J 306 62.18 42.50 101.69
N GLY J 307 61.56 41.34 101.76
CA GLY J 307 60.33 41.01 101.03
C GLY J 307 59.24 42.03 101.31
N VAL J 308 58.99 42.29 102.59
CA VAL J 308 57.86 43.13 103.07
C VAL J 308 58.15 44.59 102.70
N ARG J 309 59.33 45.11 102.99
CA ARG J 309 59.61 46.55 102.78
C ARG J 309 59.72 46.87 101.30
N CYS J 310 60.37 46.00 100.54
CA CYS J 310 60.59 46.16 99.08
C CYS J 310 59.25 46.09 98.36
N TYR J 311 58.36 45.20 98.80
CA TYR J 311 56.99 45.11 98.24
C TYR J 311 56.23 46.41 98.51
N GLU J 312 56.36 46.96 99.72
CA GLU J 312 55.68 48.21 100.14
C GLU J 312 56.25 49.41 99.35
N ALA J 313 57.54 49.38 99.01
CA ALA J 313 58.22 50.47 98.25
C ALA J 313 57.81 50.42 96.78
N TYR J 314 57.54 49.23 96.24
CA TYR J 314 57.19 49.06 94.82
C TYR J 314 56.27 47.87 94.61
N PRO J 315 54.98 48.00 94.98
CA PRO J 315 54.02 46.94 94.71
C PRO J 315 53.78 46.81 93.21
N ASN J 316 53.51 45.59 92.78
CA ASN J 316 53.13 45.30 91.38
C ASN J 316 51.71 45.83 91.19
N THR J 317 51.46 46.44 90.03
CA THR J 317 50.12 46.92 89.61
C THR J 317 49.75 46.19 88.32
N SER J 318 48.46 46.19 87.98
CA SER J 318 47.95 45.60 86.73
C SER J 318 48.67 46.26 85.55
N LEU J 319 49.09 45.45 84.60
CA LEU J 319 49.72 45.93 83.34
C LEU J 319 48.61 46.01 82.29
N PRO J 320 48.58 47.10 81.48
CA PRO J 320 47.60 47.22 80.40
C PRO J 320 47.48 45.95 79.58
N PRO J 321 46.27 45.37 79.42
CA PRO J 321 46.11 44.15 78.63
C PRO J 321 46.65 44.19 77.19
N SER J 322 46.72 45.38 76.60
CA SER J 322 47.23 45.61 75.23
C SER J 322 48.73 45.26 75.22
N ILE J 323 49.45 45.72 76.25
CA ILE J 323 50.90 45.38 76.50
C ILE J 323 51.06 43.87 76.73
N LEU J 324 50.19 43.24 77.53
CA LEU J 324 50.28 41.78 77.80
C LEU J 324 50.05 41.02 76.49
N GLU J 325 49.02 41.41 75.73
CA GLU J 325 48.62 40.74 74.46
C GLU J 325 49.77 40.84 73.45
N ASP J 326 50.38 42.03 73.33
CA ASP J 326 51.51 42.28 72.40
C ASP J 326 52.71 41.42 72.80
N SER J 327 53.08 41.40 74.09
CA SER J 327 54.22 40.60 74.62
C SER J 327 54.02 39.10 74.33
N LEU J 328 52.79 38.58 74.46
CA LEU J 328 52.47 37.14 74.24
C LEU J 328 52.47 36.82 72.75
N GLU J 329 51.98 37.73 71.90
CA GLU J 329 51.89 37.53 70.42
C GLU J 329 53.27 37.65 69.77
N ASN J 330 54.21 38.37 70.41
CA ASN J 330 55.61 38.53 69.94
C ASN J 330 56.54 37.57 70.69
N ASN J 331 56.01 36.49 71.27
CA ASN J 331 56.77 35.40 71.95
C ASN J 331 57.81 35.99 72.91
N GLU J 332 57.48 37.10 73.57
CA GLU J 332 58.19 37.60 74.78
C GLU J 332 57.43 37.07 76.00
N GLY J 333 58.02 37.20 77.18
CA GLY J 333 57.39 36.73 78.41
C GLY J 333 56.19 37.60 78.77
N VAL J 334 55.44 37.19 79.77
CA VAL J 334 54.59 38.08 80.60
C VAL J 334 55.52 39.10 81.23
N PRO J 335 55.38 40.42 80.96
CA PRO J 335 56.29 41.40 81.52
C PRO J 335 56.39 41.32 83.04
N SER J 336 57.53 41.74 83.55
CA SER J 336 57.94 41.66 84.96
C SER J 336 58.97 42.74 85.17
N PRO J 337 59.32 43.04 86.42
CA PRO J 337 60.31 44.08 86.68
C PRO J 337 61.78 43.73 86.42
N MET J 338 62.07 42.59 85.81
CA MET J 338 63.47 42.19 85.54
C MET J 338 63.51 41.46 84.20
N LEU J 339 64.26 42.02 83.27
CA LEU J 339 64.36 41.48 81.90
C LEU J 339 65.77 40.93 81.74
N SER J 340 65.89 39.67 81.32
CA SER J 340 67.20 39.02 81.04
C SER J 340 67.52 39.16 79.54
N ILE J 341 68.70 39.65 79.24
CA ILE J 341 69.20 39.81 77.85
C ILE J 341 70.46 38.95 77.68
N SER J 342 70.36 37.87 76.89
CA SER J 342 71.43 36.92 76.53
C SER J 342 72.00 37.22 75.14
N ASN J 343 73.33 37.30 75.04
CA ASN J 343 74.15 37.27 73.79
C ASN J 343 74.45 38.69 73.33
N LEU J 344 74.23 39.66 74.21
CA LEU J 344 74.69 41.05 74.02
C LEU J 344 75.69 41.38 75.13
N THR J 345 76.64 42.22 74.81
CA THR J 345 77.64 42.76 75.75
C THR J 345 76.94 43.74 76.69
N GLN J 346 77.54 44.00 77.84
CA GLN J 346 77.09 45.02 78.82
C GLN J 346 77.04 46.39 78.17
N GLU J 347 77.99 46.72 77.30
CA GLU J 347 78.07 48.05 76.63
C GLU J 347 76.85 48.20 75.72
N GLN J 348 76.55 47.15 74.96
CA GLN J 348 75.43 47.10 74.00
C GLN J 348 74.11 47.27 74.74
N VAL J 349 73.90 46.48 75.80
CA VAL J 349 72.69 46.57 76.67
C VAL J 349 72.63 47.96 77.26
N GLN J 350 73.74 48.49 77.77
CA GLN J 350 73.79 49.82 78.43
C GLN J 350 73.47 50.94 77.43
N ASP J 351 73.76 50.73 76.14
CA ASP J 351 73.45 51.70 75.05
C ASP J 351 71.93 51.74 74.86
N TYR J 352 71.29 50.57 74.75
CA TYR J 352 69.83 50.42 74.61
C TYR J 352 69.10 50.96 75.85
N VAL J 353 69.63 50.77 77.07
CA VAL J 353 68.94 51.29 78.29
C VAL J 353 69.15 52.80 78.33
N ASN J 354 70.27 53.31 77.80
CA ASN J 354 70.54 54.77 77.77
C ASN J 354 69.50 55.44 76.84
N LYS J 355 69.25 54.86 75.67
CA LYS J 355 68.27 55.34 74.66
C LYS J 355 66.88 55.39 75.30
N THR J 356 66.43 54.27 75.89
CA THR J 356 65.12 54.15 76.60
C THR J 356 65.04 55.17 77.75
N ASN J 357 66.09 55.32 78.54
CA ASN J 357 66.07 56.16 79.77
C ASN J 357 66.06 57.65 79.42
N SER J 358 66.58 58.03 78.25
CA SER J 358 66.61 59.45 77.77
C SER J 358 65.17 59.97 77.69
N HIS J 359 64.27 59.20 77.08
CA HIS J 359 62.83 59.52 76.94
C HIS J 359 62.10 59.47 78.29
N LEU J 360 62.34 58.43 79.10
CA LEU J 360 61.61 58.19 80.38
C LEU J 360 62.03 59.21 81.43
N PRO J 361 61.12 59.57 82.36
CA PRO J 361 61.47 60.35 83.55
C PRO J 361 62.14 59.43 84.59
N ALA J 362 62.76 60.02 85.63
CA ALA J 362 63.69 59.38 86.58
C ALA J 362 63.06 58.15 87.27
N GLY J 363 61.84 58.27 87.77
CA GLY J 363 61.16 57.21 88.54
C GLY J 363 60.73 56.04 87.67
N LYS J 364 60.87 56.13 86.35
CA LYS J 364 60.45 55.07 85.42
C LYS J 364 61.69 54.48 84.71
N GLN J 365 62.88 55.00 85.03
CA GLN J 365 64.14 54.59 84.35
C GLN J 365 64.52 53.17 84.79
N VAL J 366 65.04 52.41 83.84
CA VAL J 366 65.56 51.03 84.00
C VAL J 366 67.09 51.07 84.21
N GLU J 367 67.66 50.00 84.76
CA GLU J 367 69.14 49.96 84.99
C GLU J 367 69.59 48.51 84.96
N ILE J 368 70.85 48.31 84.61
CA ILE J 368 71.45 46.94 84.63
C ILE J 368 71.54 46.55 86.09
N SER J 369 70.87 45.46 86.45
CA SER J 369 70.70 44.99 87.85
C SER J 369 71.67 43.82 88.12
N LEU J 370 71.75 42.87 87.20
CA LEU J 370 72.65 41.69 87.30
C LEU J 370 73.53 41.62 86.06
N VAL J 371 74.84 41.67 86.26
CA VAL J 371 75.86 41.26 85.25
C VAL J 371 76.25 39.81 85.61
N ASN J 372 75.56 38.86 85.03
CA ASN J 372 75.65 37.41 85.33
C ASN J 372 76.80 36.76 84.56
N GLY J 373 77.31 37.44 83.54
CA GLY J 373 78.28 36.92 82.55
C GLY J 373 78.58 38.00 81.54
N ALA J 374 79.54 37.76 80.65
CA ALA J 374 79.98 38.74 79.63
C ALA J 374 78.80 39.12 78.72
N LYS J 375 77.93 38.15 78.40
CA LYS J 375 76.75 38.30 77.51
C LYS J 375 75.50 37.69 78.17
N ASN J 376 75.29 38.01 79.44
CA ASN J 376 74.14 37.52 80.25
C ASN J 376 73.81 38.61 81.26
N LEU J 377 72.89 39.50 80.89
CA LEU J 377 72.61 40.73 81.67
C LEU J 377 71.16 40.70 82.09
N VAL J 378 70.87 41.38 83.19
CA VAL J 378 69.47 41.56 83.67
C VAL J 378 69.26 43.02 83.95
N VAL J 379 68.12 43.51 83.44
CA VAL J 379 67.71 44.94 83.57
C VAL J 379 66.49 44.95 84.48
N SER J 380 66.54 45.81 85.47
CA SER J 380 65.46 46.04 86.45
C SER J 380 64.82 47.40 86.18
N GLY J 381 63.51 47.46 86.40
CA GLY J 381 62.75 48.71 86.46
C GLY J 381 61.28 48.40 86.25
N PRO J 382 60.45 49.44 86.01
CA PRO J 382 59.03 49.22 85.85
C PRO J 382 58.76 48.23 84.73
N PRO J 383 57.87 47.24 84.90
CA PRO J 383 57.55 46.34 83.82
C PRO J 383 57.20 47.06 82.53
N GLN J 384 56.49 48.19 82.60
CA GLN J 384 56.11 48.96 81.38
C GLN J 384 57.36 49.58 80.75
N SER J 385 58.26 50.14 81.56
CA SER J 385 59.54 50.72 81.07
C SER J 385 60.36 49.61 80.39
N LEU J 386 60.33 48.38 80.91
CA LEU J 386 61.12 47.25 80.35
C LEU J 386 60.41 46.73 79.11
N TYR J 387 59.10 46.87 79.03
CA TYR J 387 58.35 46.50 77.80
C TYR J 387 58.76 47.47 76.70
N GLY J 388 58.98 48.73 77.07
CA GLY J 388 59.52 49.81 76.23
C GLY J 388 60.91 49.50 75.70
N LEU J 389 61.82 49.15 76.59
CA LEU J 389 63.16 48.61 76.22
C LEU J 389 62.98 47.44 75.25
N ASN J 390 62.10 46.51 75.56
CA ASN J 390 61.89 45.28 74.75
C ASN J 390 61.41 45.65 73.33
N LEU J 391 60.61 46.72 73.16
CA LEU J 391 60.13 47.17 71.82
C LEU J 391 61.34 47.66 71.02
N THR J 392 62.19 48.49 71.63
CA THR J 392 63.48 48.94 71.05
C THR J 392 64.35 47.74 70.65
N LEU J 393 64.42 46.70 71.50
CA LEU J 393 65.28 45.51 71.24
C LEU J 393 64.73 44.68 70.10
N ARG J 394 63.39 44.54 69.98
CA ARG J 394 62.78 43.56 69.03
C ARG J 394 62.95 44.06 67.59
N LYS J 395 63.20 45.36 67.40
CA LYS J 395 63.61 45.96 66.11
C LYS J 395 65.05 45.57 65.78
N ALA J 396 65.95 45.73 66.75
CA ALA J 396 67.42 45.52 66.60
C ALA J 396 67.77 44.04 66.46
N LYS J 397 66.90 43.11 66.90
CA LYS J 397 67.21 41.66 66.87
C LYS J 397 66.75 41.09 65.54
N ALA J 398 67.59 40.24 64.93
CA ALA J 398 67.29 39.47 63.71
C ALA J 398 66.38 38.31 64.08
N PRO J 399 65.46 37.87 63.19
CA PRO J 399 64.68 36.64 63.42
C PRO J 399 65.57 35.44 63.80
N SER J 400 65.04 34.54 64.63
CA SER J 400 65.75 33.33 65.15
C SER J 400 66.08 32.37 63.99
N GLY J 401 65.14 32.19 63.05
CA GLY J 401 65.29 31.32 61.86
C GLY J 401 65.73 32.08 60.62
N LEU J 402 66.59 33.09 60.77
CA LEU J 402 67.25 33.81 59.65
C LEU J 402 68.60 33.13 59.36
N ASP J 403 68.82 32.74 58.10
CA ASP J 403 70.12 32.23 57.60
C ASP J 403 70.99 33.44 57.24
N GLN J 404 72.14 33.59 57.92
CA GLN J 404 73.15 34.65 57.64
C GLN J 404 74.49 34.01 57.27
N SER J 405 74.51 32.70 56.98
CA SER J 405 75.72 31.93 56.60
C SER J 405 76.36 32.50 55.34
N ARG J 406 75.55 33.02 54.39
CA ARG J 406 76.00 33.59 53.09
C ARG J 406 76.22 35.09 53.19
N ILE J 407 76.19 35.67 54.40
CA ILE J 407 76.48 37.11 54.65
C ILE J 407 77.87 37.17 55.31
N PRO J 408 78.76 38.10 54.90
CA PRO J 408 80.02 38.29 55.61
C PRO J 408 79.81 38.56 57.11
N PHE J 409 80.69 38.01 57.94
CA PHE J 409 80.55 37.93 59.41
C PHE J 409 80.16 39.31 59.99
N SER J 410 80.95 40.35 59.69
CA SER J 410 80.84 41.72 60.25
C SER J 410 79.54 42.43 59.82
N GLU J 411 78.93 42.00 58.71
CA GLU J 411 77.69 42.60 58.15
C GLU J 411 76.44 41.89 58.70
N ARG J 412 76.60 40.87 59.55
CA ARG J 412 75.45 40.08 60.06
C ARG J 412 74.68 40.93 61.09
N LYS J 413 73.37 40.75 61.13
CA LYS J 413 72.51 41.40 62.16
C LYS J 413 72.66 40.61 63.46
N LEU J 414 73.09 41.28 64.54
CA LEU J 414 73.31 40.63 65.87
C LEU J 414 72.01 39.95 66.29
N LYS J 415 72.10 38.69 66.71
CA LYS J 415 70.94 37.93 67.23
C LYS J 415 71.18 37.64 68.71
N PHE J 416 70.12 37.78 69.50
CA PHE J 416 70.16 37.69 70.98
C PHE J 416 68.78 37.28 71.49
N SER J 417 68.72 37.02 72.79
CA SER J 417 67.52 36.55 73.52
C SER J 417 67.17 37.60 74.58
N ASN J 418 65.88 37.73 74.83
CA ASN J 418 65.34 38.60 75.90
C ASN J 418 64.08 37.90 76.42
N ARG J 419 64.05 37.64 77.71
CA ARG J 419 62.86 37.08 78.39
C ARG J 419 62.74 37.81 79.71
N PHE J 420 61.51 38.08 80.10
CA PHE J 420 61.18 38.55 81.46
C PHE J 420 61.45 37.41 82.44
N LEU J 421 62.08 37.73 83.56
CA LEU J 421 62.31 36.73 84.63
C LEU J 421 61.05 36.51 85.43
N PRO J 422 60.82 35.28 85.92
CA PRO J 422 59.72 34.99 86.84
C PRO J 422 60.02 35.51 88.25
N VAL J 423 59.89 36.82 88.40
CA VAL J 423 60.13 37.58 89.65
C VAL J 423 59.05 38.66 89.72
N ALA J 424 58.81 39.25 90.89
CA ALA J 424 57.68 40.17 91.12
C ALA J 424 58.14 41.52 91.66
N SER J 425 59.44 41.75 91.80
CA SER J 425 59.98 43.02 92.31
C SER J 425 61.24 43.36 91.54
N PRO J 426 61.54 44.66 91.34
CA PRO J 426 62.76 45.10 90.66
C PRO J 426 63.95 45.13 91.61
N PHE J 427 64.56 43.99 91.90
CA PHE J 427 65.77 43.96 92.77
C PHE J 427 66.90 44.75 92.12
N HIS J 428 67.78 45.30 92.95
CA HIS J 428 69.02 45.98 92.51
C HIS J 428 68.66 47.21 91.68
N SER J 429 67.67 48.01 92.14
CA SER J 429 67.13 49.18 91.41
C SER J 429 66.82 50.33 92.36
N HIS J 430 66.89 51.54 91.82
CA HIS J 430 66.54 52.84 92.47
C HIS J 430 65.12 52.76 93.04
N LEU J 431 64.25 51.96 92.42
CA LEU J 431 62.85 51.78 92.86
C LEU J 431 62.75 51.26 94.29
N LEU J 432 63.72 50.47 94.76
CA LEU J 432 63.62 49.79 96.08
C LEU J 432 64.42 50.54 97.14
N VAL J 433 65.17 51.57 96.75
CA VAL J 433 66.08 52.36 97.64
C VAL J 433 65.34 52.93 98.85
N PRO J 434 64.09 53.45 98.72
CA PRO J 434 63.34 53.94 99.89
C PRO J 434 63.19 52.91 101.02
N ALA J 435 63.09 51.61 100.66
CA ALA J 435 62.95 50.48 101.61
C ALA J 435 64.23 50.28 102.45
N SER J 436 65.39 50.78 102.02
CA SER J 436 66.71 50.55 102.67
C SER J 436 66.64 50.87 104.17
N ASP J 437 66.32 52.11 104.51
CA ASP J 437 66.30 52.64 105.91
C ASP J 437 65.30 51.84 106.73
N LEU J 438 64.16 51.47 106.15
CA LEU J 438 63.08 50.75 106.87
C LEU J 438 63.55 49.33 107.20
N ILE J 439 64.26 48.67 106.29
CA ILE J 439 64.81 47.30 106.51
C ILE J 439 65.86 47.38 107.62
N ASN J 440 66.77 48.37 107.57
CA ASN J 440 67.86 48.51 108.57
C ASN J 440 67.22 48.66 109.95
N LYS J 441 66.25 49.56 110.11
CA LYS J 441 65.53 49.83 111.40
C LYS J 441 64.81 48.57 111.88
N ASP J 442 64.21 47.79 110.98
CA ASP J 442 63.48 46.54 111.33
C ASP J 442 64.48 45.52 111.86
N LEU J 443 65.69 45.47 111.30
CA LEU J 443 66.73 44.51 111.72
C LEU J 443 67.25 44.90 113.12
N VAL J 444 67.50 46.19 113.40
CA VAL J 444 67.97 46.62 114.76
C VAL J 444 66.86 46.33 115.78
N LYS J 445 65.60 46.48 115.39
CA LYS J 445 64.41 46.23 116.25
C LYS J 445 64.30 44.73 116.57
N ASN J 446 64.45 43.83 115.58
CA ASN J 446 64.32 42.36 115.75
C ASN J 446 65.69 41.71 116.07
N ASN J 447 66.71 42.50 116.45
CA ASN J 447 68.02 42.04 116.99
C ASN J 447 68.67 41.07 116.00
N VAL J 448 68.80 41.50 114.75
CA VAL J 448 69.49 40.74 113.67
C VAL J 448 70.69 41.57 113.24
N SER J 449 71.88 41.09 113.60
CA SER J 449 73.19 41.59 113.12
C SER J 449 74.05 40.39 112.72
N PHE J 450 75.06 40.65 111.91
CA PHE J 450 76.10 39.67 111.51
C PHE J 450 77.45 40.31 111.87
N ASN J 451 78.17 39.69 112.82
CA ASN J 451 79.50 40.14 113.30
C ASN J 451 80.59 39.42 112.50
N ALA J 452 81.60 40.17 112.05
CA ALA J 452 82.75 39.66 111.27
C ALA J 452 83.42 38.49 112.01
N LYS J 453 83.61 38.61 113.32
CA LYS J 453 84.26 37.59 114.18
C LYS J 453 83.42 36.31 114.28
N ASP J 454 82.10 36.37 114.06
CA ASP J 454 81.18 35.18 114.07
C ASP J 454 81.18 34.49 112.70
N ILE J 455 81.62 35.18 111.63
CA ILE J 455 81.63 34.67 110.24
C ILE J 455 82.97 33.96 110.00
N GLN J 456 82.93 32.64 109.89
CA GLN J 456 84.12 31.75 110.05
C GLN J 456 84.81 31.55 108.70
N ILE J 457 84.04 31.60 107.60
CA ILE J 457 84.58 31.54 106.21
C ILE J 457 84.36 32.88 105.52
N PRO J 458 85.17 33.22 104.50
CA PRO J 458 84.89 34.40 103.68
C PRO J 458 83.50 34.30 103.01
N VAL J 459 82.79 35.42 103.00
CA VAL J 459 81.52 35.60 102.26
C VAL J 459 81.74 36.77 101.32
N TYR J 460 81.65 36.52 100.02
CA TYR J 460 82.04 37.48 98.98
C TYR J 460 80.84 38.39 98.68
N ASP J 461 81.07 39.69 98.74
CA ASP J 461 80.16 40.79 98.31
C ASP J 461 79.75 40.58 96.83
N THR J 462 78.48 40.77 96.50
CA THR J 462 77.98 40.58 95.11
C THR J 462 78.28 41.80 94.23
N PHE J 463 78.82 42.89 94.75
CA PHE J 463 79.15 44.10 93.95
C PHE J 463 80.63 44.13 93.58
N ASP J 464 81.53 44.01 94.56
CA ASP J 464 83.00 44.17 94.35
C ASP J 464 83.78 42.88 94.64
N GLY J 465 83.10 41.80 95.08
CA GLY J 465 83.73 40.49 95.33
C GLY J 465 84.66 40.48 96.53
N SER J 466 84.65 41.53 97.36
CA SER J 466 85.45 41.65 98.59
C SER J 466 84.83 40.74 99.66
N ASP J 467 85.64 40.31 100.63
CA ASP J 467 85.14 39.55 101.80
C ASP J 467 84.31 40.52 102.66
N LEU J 468 83.10 40.14 103.06
CA LEU J 468 82.21 40.94 103.92
C LEU J 468 82.82 41.11 105.32
N ARG J 469 83.68 40.18 105.75
CA ARG J 469 84.32 40.17 107.10
C ARG J 469 85.28 41.35 107.27
N VAL J 470 85.83 41.91 106.19
CA VAL J 470 86.78 43.07 106.24
C VAL J 470 86.03 44.41 106.13
N LEU J 471 84.69 44.43 106.23
CA LEU J 471 83.88 45.68 106.24
C LEU J 471 84.08 46.42 107.57
N SER J 472 84.26 47.73 107.49
CA SER J 472 84.23 48.67 108.65
C SER J 472 82.81 48.69 109.25
N GLY J 473 81.80 48.95 108.41
CA GLY J 473 80.40 49.19 108.83
C GLY J 473 79.62 47.89 109.08
N SER J 474 78.30 48.02 109.21
CA SER J 474 77.33 46.91 109.40
C SER J 474 77.33 46.01 108.17
N ILE J 475 77.45 44.70 108.39
CA ILE J 475 77.44 43.68 107.30
C ILE J 475 75.99 43.54 106.83
N SER J 476 75.02 43.52 107.76
CA SER J 476 73.57 43.44 107.50
C SER J 476 73.13 44.59 106.58
N GLU J 477 73.64 45.81 106.80
CA GLU J 477 73.34 47.02 105.99
C GLU J 477 73.93 46.85 104.60
N ARG J 478 75.16 46.35 104.51
CA ARG J 478 75.84 46.11 103.22
C ARG J 478 75.08 45.04 102.44
N ILE J 479 74.65 43.97 103.10
CA ILE J 479 73.98 42.83 102.43
C ILE J 479 72.66 43.32 101.85
N VAL J 480 71.91 44.09 102.63
CA VAL J 480 70.63 44.73 102.22
C VAL J 480 70.93 45.60 100.99
N ASP J 481 71.95 46.43 101.09
CA ASP J 481 72.36 47.34 99.98
C ASP J 481 72.61 46.48 98.73
N CYS J 482 73.33 45.37 98.86
CA CYS J 482 73.70 44.50 97.71
C CYS J 482 72.45 43.93 97.06
N ILE J 483 71.41 43.65 97.83
CA ILE J 483 70.16 43.01 97.30
C ILE J 483 69.25 44.08 96.66
N ILE J 484 69.04 45.20 97.32
CA ILE J 484 67.95 46.14 96.92
C ILE J 484 68.51 47.19 95.95
N ARG J 485 69.75 47.63 96.13
CA ARG J 485 70.27 48.79 95.37
C ARG J 485 71.39 48.37 94.41
N LEU J 486 72.51 47.87 94.92
CA LEU J 486 73.74 47.68 94.11
C LEU J 486 73.55 46.55 93.12
N PRO J 487 74.10 46.65 91.90
CA PRO J 487 74.05 45.54 90.95
C PRO J 487 74.91 44.35 91.37
N VAL J 488 74.55 43.18 90.90
CA VAL J 488 75.29 41.92 91.13
C VAL J 488 76.28 41.79 89.96
N LYS J 489 77.57 41.86 90.26
CA LYS J 489 78.66 41.61 89.29
C LYS J 489 79.17 40.19 89.54
N TRP J 490 78.53 39.21 88.92
CA TRP J 490 78.64 37.79 89.29
C TRP J 490 80.06 37.28 89.00
N GLU J 491 80.68 37.70 87.90
CA GLU J 491 82.06 37.25 87.53
C GLU J 491 83.06 37.90 88.48
N THR J 492 82.76 39.08 89.00
CA THR J 492 83.64 39.78 89.97
C THR J 492 83.59 39.05 91.31
N THR J 493 82.41 38.63 91.76
CA THR J 493 82.21 38.00 93.09
C THR J 493 82.73 36.55 93.07
N THR J 494 82.65 35.88 91.92
CA THR J 494 83.15 34.49 91.73
C THR J 494 84.63 34.47 91.27
N GLN J 495 85.44 35.50 91.55
CA GLN J 495 86.90 35.52 91.23
C GLN J 495 87.72 34.57 92.12
N PHE J 496 87.11 33.98 93.15
CA PHE J 496 87.73 32.98 94.05
C PHE J 496 88.21 31.76 93.25
N LYS J 497 89.26 31.10 93.75
CA LYS J 497 89.83 29.84 93.18
C LYS J 497 89.18 28.66 93.93
N ALA J 498 88.54 27.76 93.22
CA ALA J 498 87.86 26.57 93.78
C ALA J 498 87.82 25.49 92.71
N THR J 499 87.84 24.23 93.11
CA THR J 499 87.72 23.10 92.17
C THR J 499 86.25 22.72 92.07
N HIS J 500 85.51 22.98 93.14
CA HIS J 500 84.11 22.53 93.29
C HIS J 500 83.28 23.70 93.81
N ILE J 501 82.08 23.83 93.27
CA ILE J 501 81.06 24.84 93.68
C ILE J 501 79.78 24.06 93.95
N LEU J 502 79.25 24.16 95.17
CA LEU J 502 77.97 23.54 95.57
C LEU J 502 76.90 24.61 95.43
N ASP J 503 75.91 24.36 94.58
CA ASP J 503 74.78 25.28 94.34
C ASP J 503 73.60 24.75 95.15
N PHE J 504 73.29 25.41 96.24
CA PHE J 504 72.15 25.04 97.10
C PHE J 504 70.88 25.73 96.59
N GLY J 505 71.02 26.87 95.92
CA GLY J 505 69.93 27.83 95.59
C GLY J 505 68.81 27.08 94.91
N PRO J 506 67.67 27.74 94.63
CA PRO J 506 66.54 27.05 94.01
C PRO J 506 66.79 27.00 92.49
N GLY J 507 66.01 26.17 91.79
CA GLY J 507 65.97 26.15 90.32
C GLY J 507 66.65 24.94 89.70
N GLY J 508 67.32 24.11 90.51
CA GLY J 508 68.08 22.94 90.02
C GLY J 508 68.99 23.32 88.86
N ALA J 509 68.76 22.74 87.68
CA ALA J 509 69.59 22.94 86.47
C ALA J 509 69.35 24.33 85.87
N SER J 510 68.26 25.01 86.23
CA SER J 510 67.93 26.39 85.77
C SER J 510 68.52 27.42 86.74
N GLY J 511 69.21 26.97 87.79
CA GLY J 511 69.69 27.82 88.88
C GLY J 511 71.02 28.51 88.58
N LEU J 512 71.61 29.02 89.64
CA LEU J 512 72.88 29.80 89.63
C LEU J 512 74.07 28.88 89.31
N GLY J 513 73.99 27.61 89.64
CA GLY J 513 75.09 26.65 89.42
C GLY J 513 75.40 26.55 87.95
N VAL J 514 74.39 26.25 87.13
CA VAL J 514 74.59 26.06 85.66
C VAL J 514 75.06 27.37 85.03
N LEU J 515 74.50 28.51 85.43
CA LEU J 515 75.02 29.84 85.00
C LEU J 515 76.52 29.92 85.31
N THR J 516 76.91 29.57 86.53
CA THR J 516 78.30 29.71 87.02
C THR J 516 79.21 28.75 86.24
N HIS J 517 78.73 27.53 85.98
CA HIS J 517 79.42 26.56 85.10
C HIS J 517 79.75 27.23 83.76
N ARG J 518 78.75 27.77 83.07
CA ARG J 518 78.92 28.44 81.75
C ARG J 518 80.04 29.48 81.84
N ASN J 519 80.10 30.28 82.90
CA ASN J 519 81.12 31.35 83.04
C ASN J 519 82.52 30.77 83.25
N LYS J 520 82.59 29.60 83.88
CA LYS J 520 83.88 29.06 84.40
C LYS J 520 84.34 27.84 83.58
N ASP J 521 83.60 27.45 82.53
CA ASP J 521 83.94 26.29 81.67
C ASP J 521 85.41 26.39 81.21
N GLY J 522 86.18 25.31 81.37
CA GLY J 522 87.57 25.25 80.88
C GLY J 522 88.61 25.83 81.83
N THR J 523 88.21 26.21 83.06
CA THR J 523 89.11 26.68 84.14
C THR J 523 89.35 25.59 85.19
N GLY J 524 88.69 24.44 85.09
CA GLY J 524 88.88 23.30 86.01
C GLY J 524 88.04 23.44 87.27
N VAL J 525 86.82 23.94 87.11
CA VAL J 525 85.82 24.09 88.21
C VAL J 525 84.65 23.17 87.88
N ARG J 526 84.25 22.40 88.86
CA ARG J 526 83.09 21.49 88.77
C ARG J 526 81.99 22.08 89.65
N VAL J 527 80.85 22.38 89.06
CA VAL J 527 79.66 22.84 89.80
C VAL J 527 78.86 21.60 90.19
N ILE J 528 78.35 21.58 91.42
CA ILE J 528 77.39 20.52 91.83
C ILE J 528 76.09 21.23 92.24
N VAL J 529 75.00 20.82 91.63
CA VAL J 529 73.64 21.30 91.95
C VAL J 529 73.16 20.45 93.13
N ALA J 530 73.38 20.97 94.34
CA ALA J 530 73.18 20.29 95.64
C ALA J 530 71.70 20.05 95.97
N GLY J 531 70.77 20.70 95.28
CA GLY J 531 69.34 20.72 95.66
C GLY J 531 68.50 19.80 94.81
N THR J 532 69.07 19.23 93.76
CA THR J 532 68.33 18.43 92.74
C THR J 532 69.07 17.12 92.52
N LEU J 533 68.36 16.00 92.67
CA LEU J 533 68.79 14.68 92.16
C LEU J 533 68.29 14.56 90.72
N ASP J 534 69.20 14.44 89.77
CA ASP J 534 68.91 14.24 88.33
C ASP J 534 70.16 13.65 87.67
N ILE J 535 70.08 13.34 86.37
CA ILE J 535 71.20 12.80 85.55
C ILE J 535 71.53 13.84 84.48
N ASN J 536 72.77 14.29 84.45
CA ASN J 536 73.32 15.15 83.36
C ASN J 536 73.88 14.23 82.28
N PRO J 537 73.31 14.21 81.04
CA PRO J 537 73.86 13.37 79.97
C PRO J 537 75.29 13.77 79.55
N ASP J 538 75.57 15.08 79.47
CA ASP J 538 76.90 15.65 79.12
C ASP J 538 77.90 15.46 80.28
N ASP J 539 77.40 15.35 81.52
CA ASP J 539 78.20 15.17 82.76
C ASP J 539 79.23 16.31 82.91
N ASP J 540 78.87 17.53 82.49
CA ASP J 540 79.74 18.73 82.58
C ASP J 540 79.53 19.45 83.93
N TYR J 541 78.46 19.11 84.66
CA TYR J 541 78.24 19.53 86.07
C TYR J 541 77.53 18.39 86.80
N GLY J 542 77.57 18.41 88.13
CA GLY J 542 77.02 17.34 88.97
C GLY J 542 75.65 17.66 89.53
N PHE J 543 74.98 16.64 90.03
CA PHE J 543 73.75 16.74 90.85
C PHE J 543 74.04 16.23 92.26
N LYS J 544 73.01 16.28 93.12
CA LYS J 544 73.01 15.89 94.55
C LYS J 544 73.91 14.66 94.78
N GLN J 545 73.71 13.59 94.00
CA GLN J 545 74.34 12.25 94.22
C GLN J 545 75.86 12.36 94.31
N GLU J 546 76.46 13.30 93.58
CA GLU J 546 77.93 13.52 93.51
C GLU J 546 78.49 13.96 94.88
N ILE J 547 77.67 14.62 95.71
CA ILE J 547 78.11 15.14 97.05
C ILE J 547 78.32 13.94 97.98
N PHE J 548 77.48 12.91 97.87
CA PHE J 548 77.37 11.80 98.86
C PHE J 548 78.13 10.56 98.39
N ASP J 549 78.44 10.46 97.09
CA ASP J 549 79.07 9.27 96.47
C ASP J 549 80.41 9.03 97.15
N VAL J 550 80.65 7.79 97.59
CA VAL J 550 81.87 7.37 98.35
C VAL J 550 82.91 6.78 97.40
N THR J 551 82.49 6.32 96.21
CA THR J 551 83.38 5.79 95.15
C THR J 551 84.10 6.96 94.47
N SER J 552 84.87 6.69 93.41
CA SER J 552 85.59 7.72 92.60
C SER J 552 84.62 8.69 91.92
N ASN J 553 83.36 8.27 91.68
CA ASN J 553 82.32 9.08 90.98
C ASN J 553 82.02 10.38 91.75
N GLY J 554 82.29 10.41 93.05
CA GLY J 554 82.12 11.61 93.91
C GLY J 554 83.15 12.69 93.63
N LEU J 555 84.36 12.32 93.18
CA LEU J 555 85.47 13.28 92.89
C LEU J 555 85.70 13.35 91.39
N LYS J 556 84.71 13.86 90.65
CA LYS J 556 84.86 14.24 89.22
C LYS J 556 85.45 15.66 89.15
N LYS J 557 86.59 15.82 88.49
CA LYS J 557 87.18 17.14 88.16
C LYS J 557 86.81 17.51 86.73
N ASN J 558 86.43 18.76 86.51
CA ASN J 558 86.17 19.32 85.16
C ASN J 558 87.49 19.73 84.53
N PRO J 559 87.59 19.66 83.18
CA PRO J 559 88.83 19.92 82.48
C PRO J 559 89.25 21.38 82.61
N ASN J 560 90.52 21.64 82.94
CA ASN J 560 91.23 22.92 82.74
C ASN J 560 92.00 22.82 81.42
N TRP J 561 91.58 23.54 80.38
CA TRP J 561 92.12 23.37 79.00
C TRP J 561 93.58 23.77 78.99
N LEU J 562 93.96 24.80 79.72
CA LEU J 562 95.38 25.23 79.73
C LEU J 562 96.28 24.08 80.19
N GLU J 563 95.83 23.25 81.14
CA GLU J 563 96.65 22.19 81.76
C GLU J 563 96.53 20.94 80.89
N GLU J 564 95.31 20.58 80.51
CA GLU J 564 95.02 19.32 79.77
C GLU J 564 95.62 19.34 78.35
N TYR J 565 95.71 20.48 77.68
CA TYR J 565 96.14 20.59 76.26
C TYR J 565 97.35 21.50 76.17
N HIS J 566 98.06 21.62 77.28
CA HIS J 566 99.35 22.35 77.36
C HIS J 566 100.27 21.76 76.29
N PRO J 567 100.87 22.57 75.40
CA PRO J 567 101.92 22.11 74.51
C PRO J 567 103.17 21.73 75.33
N LYS J 568 103.87 20.68 74.93
CA LYS J 568 105.08 20.18 75.60
C LYS J 568 106.18 20.00 74.56
N LEU J 569 107.41 19.94 75.03
CA LEU J 569 108.54 19.47 74.22
C LEU J 569 108.84 18.03 74.62
N ILE J 570 109.20 17.22 73.64
CA ILE J 570 109.67 15.83 73.83
C ILE J 570 110.82 15.61 72.86
N LYS J 571 111.75 14.74 73.19
CA LYS J 571 112.83 14.39 72.24
C LYS J 571 112.91 12.88 72.11
N ASN J 572 113.40 12.42 70.96
CA ASN J 572 113.55 10.97 70.70
C ASN J 572 115.01 10.60 70.97
N LYS J 573 115.33 9.31 70.84
CA LYS J 573 116.68 8.73 71.06
C LYS J 573 117.73 9.55 70.29
N SER J 574 117.45 9.95 69.05
CA SER J 574 118.40 10.70 68.17
C SER J 574 118.60 12.15 68.65
N GLY J 575 117.75 12.64 69.56
CA GLY J 575 117.87 13.99 70.14
C GLY J 575 117.10 15.01 69.34
N LYS J 576 116.21 14.55 68.45
CA LYS J 576 115.29 15.42 67.69
C LYS J 576 114.22 15.90 68.66
N ILE J 577 114.01 17.22 68.75
CA ILE J 577 112.93 17.79 69.62
C ILE J 577 111.66 17.95 68.78
N PHE J 578 110.52 17.57 69.37
CA PHE J 578 109.17 17.76 68.79
C PHE J 578 108.33 18.60 69.74
N VAL J 579 107.59 19.54 69.18
CA VAL J 579 106.38 20.08 69.84
C VAL J 579 105.40 18.93 69.98
N GLU J 580 104.97 18.67 71.21
CA GLU J 580 104.12 17.53 71.58
C GLU J 580 102.72 18.07 71.83
N THR J 581 101.79 17.63 71.01
CA THR J 581 100.35 17.91 71.10
C THR J 581 99.65 16.61 70.81
N LYS J 582 98.35 16.58 71.04
CA LYS J 582 97.47 15.45 70.67
C LYS J 582 97.76 15.02 69.23
N PHE J 583 98.02 15.96 68.32
CA PHE J 583 98.23 15.69 66.88
C PHE J 583 99.61 15.08 66.69
N SER J 584 100.67 15.76 67.14
CA SER J 584 102.07 15.31 66.93
C SER J 584 102.28 13.95 67.59
N LYS J 585 101.63 13.67 68.71
CA LYS J 585 101.74 12.38 69.42
C LYS J 585 101.18 11.27 68.55
N LEU J 586 100.10 11.51 67.80
CA LEU J 586 99.54 10.51 66.87
C LEU J 586 100.52 10.27 65.73
N ILE J 587 100.97 11.31 65.05
CA ILE J 587 101.62 11.13 63.71
C ILE J 587 103.13 11.07 63.84
N GLY J 588 103.71 11.43 64.99
CA GLY J 588 105.17 11.32 65.17
C GLY J 588 105.95 12.31 64.34
N ARG J 589 105.35 13.45 64.06
CA ARG J 589 105.94 14.53 63.24
C ARG J 589 105.48 15.84 63.86
N PRO J 590 106.11 16.98 63.54
CA PRO J 590 105.63 18.26 64.04
C PRO J 590 104.16 18.48 63.73
N PRO J 591 103.39 19.15 64.62
CA PRO J 591 101.95 19.28 64.42
C PRO J 591 101.59 20.39 63.42
N LEU J 592 102.21 20.35 62.24
CA LEU J 592 102.17 21.42 61.20
C LEU J 592 101.86 20.70 59.91
N LEU J 593 100.78 21.08 59.25
CA LEU J 593 100.46 20.39 57.98
C LEU J 593 100.25 21.39 56.85
N VAL J 594 100.61 20.91 55.66
CA VAL J 594 100.29 21.57 54.37
C VAL J 594 98.99 20.93 53.93
N PRO J 595 97.89 21.71 53.90
CA PRO J 595 96.60 21.18 53.51
C PRO J 595 96.58 20.95 51.99
N GLY J 596 95.59 20.19 51.55
CA GLY J 596 95.35 19.95 50.11
C GLY J 596 95.06 21.29 49.45
N MET J 597 95.78 21.58 48.39
CA MET J 597 95.56 22.80 47.56
C MET J 597 95.60 22.40 46.08
N THR J 598 94.49 22.63 45.38
CA THR J 598 94.48 22.67 43.90
C THR J 598 94.85 24.09 43.49
N PRO J 599 95.98 24.33 42.80
CA PRO J 599 96.86 23.28 42.28
C PRO J 599 98.16 22.93 43.01
N CYS J 600 98.53 23.66 44.06
CA CYS J 600 99.88 23.59 44.72
C CYS J 600 100.26 22.18 45.20
N THR J 601 99.35 21.40 45.74
CA THR J 601 99.70 20.04 46.26
C THR J 601 99.13 18.98 45.33
N VAL J 602 98.84 19.32 44.07
CA VAL J 602 98.50 18.25 43.09
C VAL J 602 99.84 17.65 42.66
N SER J 603 100.90 18.43 42.63
CA SER J 603 102.24 18.01 42.19
C SER J 603 102.77 16.89 43.08
N PRO J 604 103.04 15.68 42.55
CA PRO J 604 103.72 14.64 43.33
C PRO J 604 105.08 15.08 43.88
N ASP J 605 105.78 15.96 43.18
CA ASP J 605 107.12 16.45 43.57
C ASP J 605 107.03 17.30 44.85
N PHE J 606 106.00 18.12 44.98
CA PHE J 606 105.83 18.99 46.18
C PHE J 606 105.37 18.14 47.35
N VAL J 607 104.46 17.19 47.11
CA VAL J 607 103.95 16.25 48.14
C VAL J 607 105.12 15.44 48.69
N ALA J 608 106.00 14.96 47.81
CA ALA J 608 107.20 14.17 48.17
C ALA J 608 108.21 15.06 48.90
N ALA J 609 108.48 16.27 48.43
CA ALA J 609 109.46 17.19 49.05
C ALA J 609 109.05 17.51 50.48
N THR J 610 107.75 17.70 50.73
CA THR J 610 107.21 18.10 52.05
C THR J 610 107.24 16.89 52.98
N THR J 611 106.82 15.73 52.49
CA THR J 611 106.92 14.44 53.22
C THR J 611 108.38 14.19 53.61
N ASN J 612 109.31 14.34 52.68
CA ASN J 612 110.77 14.13 52.91
C ASN J 612 111.33 15.18 53.86
N ALA J 613 110.73 16.38 53.92
CA ALA J 613 111.12 17.46 54.87
C ALA J 613 110.71 17.07 56.30
N GLY J 614 109.76 16.14 56.43
CA GLY J 614 109.28 15.59 57.69
C GLY J 614 107.93 16.15 58.11
N TYR J 615 107.10 16.61 57.16
CA TYR J 615 105.81 17.29 57.45
C TYR J 615 104.67 16.61 56.72
N THR J 616 103.48 16.66 57.30
CA THR J 616 102.27 16.05 56.71
C THR J 616 101.74 16.97 55.62
N ILE J 617 101.38 16.36 54.50
CA ILE J 617 100.84 17.05 53.30
C ILE J 617 99.80 16.15 52.69
N GLU J 618 98.75 16.76 52.15
CA GLU J 618 97.63 16.12 51.44
C GLU J 618 97.90 16.29 49.94
N LEU J 619 97.88 15.19 49.19
CA LEU J 619 97.80 15.22 47.71
C LEU J 619 96.39 15.68 47.35
N ALA J 620 96.27 16.77 46.57
CA ALA J 620 94.96 17.38 46.22
C ALA J 620 94.32 16.62 45.07
N GLY J 621 93.22 15.92 45.35
CA GLY J 621 92.37 15.24 44.35
C GLY J 621 91.74 16.21 43.34
N GLY J 622 91.56 17.47 43.72
CA GLY J 622 91.08 18.55 42.83
C GLY J 622 91.86 18.66 41.53
N GLY J 623 93.11 18.22 41.49
CA GLY J 623 93.95 18.26 40.28
C GLY J 623 93.85 17.00 39.44
N TYR J 624 92.96 16.07 39.76
CA TYR J 624 92.88 14.73 39.13
C TYR J 624 91.44 14.48 38.71
N PHE J 625 91.25 13.74 37.61
CA PHE J 625 89.91 13.56 36.98
C PHE J 625 89.51 12.09 36.89
N SER J 626 90.41 11.17 37.19
CA SER J 626 90.13 9.70 37.19
C SER J 626 91.02 9.00 38.23
N ALA J 627 90.68 7.75 38.52
CA ALA J 627 91.46 6.86 39.40
C ALA J 627 92.83 6.60 38.79
N ALA J 628 92.92 6.46 37.47
CA ALA J 628 94.18 6.18 36.76
C ALA J 628 95.15 7.35 36.92
N GLY J 629 94.66 8.57 36.73
CA GLY J 629 95.49 9.78 36.83
C GLY J 629 95.95 10.01 38.26
N MET J 630 95.08 9.78 39.25
CA MET J 630 95.45 9.93 40.68
C MET J 630 96.39 8.78 41.08
N THR J 631 96.17 7.56 40.57
CA THR J 631 97.05 6.40 40.84
C THR J 631 98.48 6.67 40.39
N ALA J 632 98.67 7.25 39.21
CA ALA J 632 99.99 7.60 38.64
C ALA J 632 100.69 8.64 39.53
N ALA J 633 99.92 9.58 40.07
CA ALA J 633 100.44 10.66 40.94
C ALA J 633 100.86 10.05 42.28
N ILE J 634 100.00 9.23 42.85
CA ILE J 634 100.30 8.50 44.13
C ILE J 634 101.56 7.66 43.94
N ASP J 635 101.64 6.86 42.88
CA ASP J 635 102.81 6.00 42.57
C ASP J 635 104.05 6.88 42.41
N SER J 636 103.91 8.08 41.85
CA SER J 636 105.04 9.03 41.71
C SER J 636 105.43 9.53 43.10
N VAL J 637 104.47 9.80 43.99
CA VAL J 637 104.83 10.24 45.37
C VAL J 637 105.57 9.08 46.03
N VAL J 638 104.98 7.88 46.03
CA VAL J 638 105.55 6.69 46.71
C VAL J 638 106.98 6.44 46.21
N SER J 639 107.26 6.57 44.91
CA SER J 639 108.62 6.40 44.35
C SER J 639 109.61 7.42 44.91
N GLN J 640 109.18 8.63 45.26
CA GLN J 640 110.08 9.75 45.64
C GLN J 640 110.22 9.86 47.16
N ILE J 641 109.33 9.27 47.97
CA ILE J 641 109.43 9.36 49.45
C ILE J 641 110.22 8.17 49.98
N GLU J 642 110.84 8.34 51.14
CA GLU J 642 111.63 7.31 51.84
C GLU J 642 110.70 6.22 52.36
N LYS J 643 111.18 4.97 52.43
CA LYS J 643 110.49 3.85 53.11
C LYS J 643 110.07 4.28 54.51
N GLY J 644 108.82 4.00 54.86
CA GLY J 644 108.22 4.34 56.17
C GLY J 644 107.56 5.71 56.19
N SER J 645 107.77 6.57 55.18
CA SER J 645 107.06 7.86 55.05
C SER J 645 105.62 7.62 54.56
N THR J 646 104.73 8.56 54.90
CA THR J 646 103.30 8.53 54.56
C THR J 646 102.88 9.93 54.10
N PHE J 647 101.68 10.01 53.57
CA PHE J 647 101.07 11.27 53.08
C PHE J 647 99.59 11.04 53.07
N GLY J 648 98.83 12.13 52.96
CA GLY J 648 97.37 12.05 52.91
C GLY J 648 96.82 12.44 51.54
N ILE J 649 95.52 12.27 51.40
CA ILE J 649 94.77 12.66 50.19
C ILE J 649 93.65 13.59 50.60
N ASN J 650 93.51 14.70 49.88
CA ASN J 650 92.42 15.67 50.03
C ASN J 650 91.44 15.44 48.88
N LEU J 651 90.20 15.09 49.20
CA LEU J 651 89.08 15.01 48.23
C LEU J 651 88.04 16.08 48.59
N ILE J 652 87.27 16.51 47.58
CA ILE J 652 86.31 17.64 47.65
C ILE J 652 84.92 17.04 47.74
N TYR J 653 84.17 17.34 48.80
CA TYR J 653 82.88 16.70 49.07
C TYR J 653 81.79 17.17 48.08
N VAL J 654 81.94 18.39 47.54
CA VAL J 654 80.96 19.00 46.57
C VAL J 654 81.36 18.64 45.14
N ASN J 655 82.19 17.61 44.96
CA ASN J 655 82.57 17.04 43.65
C ASN J 655 82.22 15.55 43.70
N PRO J 656 80.91 15.21 43.59
CA PRO J 656 80.45 13.84 43.74
C PRO J 656 81.18 12.84 42.82
N PHE J 657 81.62 13.32 41.65
CA PHE J 657 82.36 12.51 40.66
C PHE J 657 83.71 12.12 41.27
N MET J 658 84.45 13.09 41.79
CA MET J 658 85.75 12.86 42.47
C MET J 658 85.55 11.83 43.58
N LEU J 659 84.55 11.98 44.43
CA LEU J 659 84.29 11.00 45.52
C LEU J 659 84.03 9.62 44.93
N GLN J 660 83.31 9.56 43.81
CA GLN J 660 82.80 8.29 43.24
C GLN J 660 83.98 7.42 42.79
N TRP J 661 85.02 8.00 42.19
CA TRP J 661 86.26 7.27 41.83
C TRP J 661 87.30 7.37 42.97
N GLY J 662 87.22 8.40 43.82
CA GLY J 662 88.27 8.75 44.80
C GLY J 662 88.28 7.81 45.98
N ILE J 663 87.11 7.52 46.56
CA ILE J 663 86.92 6.68 47.77
C ILE J 663 87.24 5.22 47.44
N PRO J 664 86.66 4.61 46.37
CA PRO J 664 87.10 3.28 45.95
C PRO J 664 88.59 3.17 45.66
N LEU J 665 89.19 4.21 45.10
CA LEU J 665 90.64 4.17 44.84
C LEU J 665 91.40 4.06 46.16
N ILE J 666 91.05 4.89 47.15
CA ILE J 666 91.79 4.91 48.45
C ILE J 666 91.62 3.53 49.11
N LYS J 667 90.39 3.03 49.16
CA LYS J 667 90.09 1.68 49.70
C LYS J 667 91.02 0.65 49.07
N GLU J 668 91.11 0.66 47.75
CA GLU J 668 91.87 -0.32 46.94
C GLU J 668 93.36 -0.15 47.20
N LEU J 669 93.87 1.08 47.15
CA LEU J 669 95.32 1.32 47.41
C LEU J 669 95.64 0.96 48.87
N ARG J 670 94.76 1.26 49.83
CA ARG J 670 95.05 0.94 51.26
C ARG J 670 95.12 -0.58 51.41
N SER J 671 94.18 -1.32 50.80
CA SER J 671 94.14 -2.80 50.76
C SER J 671 95.46 -3.35 50.18
N LYS J 672 96.10 -2.64 49.25
CA LYS J 672 97.43 -3.05 48.71
C LYS J 672 98.55 -2.54 49.62
N GLY J 673 98.20 -1.84 50.71
CA GLY J 673 99.15 -1.34 51.71
C GLY J 673 99.83 -0.06 51.29
N TYR J 674 99.21 0.80 50.47
CA TYR J 674 99.86 2.08 50.06
C TYR J 674 99.93 3.00 51.27
N PRO J 675 101.00 3.79 51.38
CA PRO J 675 101.24 4.62 52.56
C PRO J 675 100.41 5.90 52.55
N ILE J 676 99.10 5.71 52.60
CA ILE J 676 98.11 6.81 52.70
C ILE J 676 97.65 6.83 54.15
N GLN J 677 98.12 7.81 54.89
CA GLN J 677 97.92 7.87 56.35
C GLN J 677 96.51 8.34 56.63
N PHE J 678 96.01 9.25 55.83
CA PHE J 678 94.71 9.88 56.13
C PHE J 678 94.08 10.41 54.84
N LEU J 679 92.81 10.72 54.97
CA LEU J 679 91.96 11.38 53.98
C LEU J 679 91.43 12.65 54.61
N THR J 680 91.62 13.78 53.96
CA THR J 680 90.91 15.03 54.35
C THR J 680 89.80 15.27 53.33
N ILE J 681 88.59 15.48 53.81
CA ILE J 681 87.43 15.90 52.99
C ILE J 681 87.35 17.41 53.09
N GLY J 682 87.55 18.12 51.97
CA GLY J 682 87.41 19.59 51.88
C GLY J 682 86.01 19.98 51.44
N ALA J 683 85.63 21.23 51.70
CA ALA J 683 84.48 21.92 51.09
C ALA J 683 83.17 21.20 51.43
N GLY J 684 83.01 20.80 52.69
CA GLY J 684 81.81 20.12 53.19
C GLY J 684 82.18 19.00 54.11
N VAL J 685 81.27 18.64 55.01
CA VAL J 685 81.44 17.54 55.99
C VAL J 685 80.49 16.43 55.60
N PRO J 686 80.95 15.17 55.46
CA PRO J 686 80.04 14.10 55.09
C PRO J 686 78.96 13.88 56.17
N SER J 687 77.89 13.20 55.77
CA SER J 687 76.85 12.66 56.67
C SER J 687 77.49 11.61 57.59
N LEU J 688 76.79 11.27 58.67
CA LEU J 688 77.21 10.19 59.61
C LEU J 688 77.41 8.87 58.86
N GLU J 689 76.56 8.55 57.88
CA GLU J 689 76.57 7.23 57.20
C GLU J 689 77.83 7.17 56.32
N VAL J 690 78.09 8.26 55.58
CA VAL J 690 79.25 8.36 54.66
C VAL J 690 80.52 8.36 55.50
N ALA J 691 80.59 9.19 56.55
CA ALA J 691 81.76 9.30 57.44
C ALA J 691 82.08 7.92 58.02
N SER J 692 81.05 7.16 58.42
CA SER J 692 81.20 5.79 58.97
C SER J 692 81.88 4.90 57.93
N GLU J 693 81.37 4.94 56.68
CA GLU J 693 81.95 4.20 55.53
C GLU J 693 83.44 4.55 55.41
N TYR J 694 83.81 5.84 55.46
CA TYR J 694 85.21 6.32 55.33
C TYR J 694 86.05 5.80 56.49
N ILE J 695 85.52 5.90 57.72
CA ILE J 695 86.25 5.47 58.96
C ILE J 695 86.47 3.95 58.93
N GLU J 696 85.44 3.16 58.60
CA GLU J 696 85.45 1.69 58.80
C GLU J 696 86.09 0.95 57.62
N THR J 697 86.00 1.46 56.38
CA THR J 697 86.37 0.70 55.16
C THR J 697 87.69 1.16 54.56
N LEU J 698 88.17 2.38 54.79
CA LEU J 698 89.29 2.91 53.98
C LEU J 698 90.65 2.55 54.58
N GLY J 699 90.68 1.94 55.76
CA GLY J 699 91.96 1.56 56.41
C GLY J 699 92.86 2.75 56.67
N LEU J 700 92.28 3.87 57.12
CA LEU J 700 93.05 5.11 57.39
C LEU J 700 93.41 5.20 58.87
N LYS J 701 94.52 5.88 59.19
CA LYS J 701 94.89 6.22 60.57
C LYS J 701 93.89 7.26 61.12
N TYR J 702 93.64 8.32 60.36
CA TYR J 702 92.67 9.37 60.79
C TYR J 702 91.96 9.98 59.60
N LEU J 703 90.92 10.73 59.92
CA LEU J 703 90.04 11.41 58.95
C LEU J 703 90.09 12.90 59.23
N GLY J 704 90.50 13.66 58.23
CA GLY J 704 90.53 15.13 58.24
C GLY J 704 89.19 15.67 57.79
N LEU J 705 88.58 16.53 58.57
CA LEU J 705 87.32 17.21 58.23
C LEU J 705 87.56 18.71 58.32
N LYS J 706 86.93 19.49 57.44
CA LYS J 706 87.17 20.96 57.32
C LYS J 706 85.83 21.65 57.46
N PRO J 707 85.27 21.74 58.68
CA PRO J 707 83.98 22.39 58.85
C PRO J 707 84.13 23.87 58.52
N GLY J 708 83.14 24.45 57.85
CA GLY J 708 83.12 25.87 57.49
C GLY J 708 82.45 26.74 58.56
N SER J 709 81.50 26.19 59.33
CA SER J 709 80.60 26.94 60.24
C SER J 709 80.37 26.16 61.54
N ILE J 710 79.60 26.73 62.47
CA ILE J 710 79.10 26.08 63.71
C ILE J 710 78.41 24.75 63.37
N ASP J 711 77.48 24.75 62.44
CA ASP J 711 76.66 23.54 62.10
C ASP J 711 77.57 22.41 61.63
N ALA J 712 78.58 22.73 60.83
CA ALA J 712 79.53 21.75 60.27
C ALA J 712 80.40 21.23 61.44
N ILE J 713 80.79 22.10 62.36
CA ILE J 713 81.60 21.73 63.57
C ILE J 713 80.77 20.75 64.41
N SER J 714 79.48 21.04 64.59
CA SER J 714 78.52 20.11 65.23
C SER J 714 78.47 18.76 64.50
N GLN J 715 78.53 18.75 63.17
CA GLN J 715 78.48 17.49 62.37
C GLN J 715 79.79 16.71 62.57
N VAL J 716 80.91 17.41 62.66
CA VAL J 716 82.23 16.79 62.94
C VAL J 716 82.12 16.13 64.32
N ILE J 717 81.61 16.86 65.30
CA ILE J 717 81.47 16.35 66.69
C ILE J 717 80.61 15.08 66.62
N ASN J 718 79.50 15.09 65.89
CA ASN J 718 78.57 13.93 65.81
C ASN J 718 79.34 12.72 65.25
N ILE J 719 80.21 12.93 64.26
CA ILE J 719 81.03 11.84 63.64
C ILE J 719 82.03 11.33 64.68
N ALA J 720 82.68 12.23 65.42
CA ALA J 720 83.65 11.86 66.48
C ALA J 720 82.92 11.05 67.57
N LYS J 721 81.72 11.46 67.96
CA LYS J 721 80.88 10.77 68.98
C LYS J 721 80.60 9.33 68.53
N ALA J 722 80.29 9.14 67.25
CA ALA J 722 79.87 7.86 66.64
C ALA J 722 81.04 6.89 66.51
N HIS J 723 82.27 7.40 66.49
CA HIS J 723 83.53 6.61 66.31
C HIS J 723 84.53 7.11 67.34
N PRO J 724 84.27 6.85 68.64
CA PRO J 724 85.00 7.53 69.70
C PRO J 724 86.47 7.12 69.79
N ASN J 725 86.86 6.00 69.18
CA ASN J 725 88.27 5.52 69.17
C ASN J 725 89.01 5.98 67.92
N PHE J 726 88.33 6.55 66.93
CA PHE J 726 88.97 6.90 65.64
C PHE J 726 89.41 8.35 65.66
N PRO J 727 90.69 8.66 65.40
CA PRO J 727 91.15 10.04 65.41
C PRO J 727 90.52 10.89 64.29
N ILE J 728 89.87 11.99 64.65
CA ILE J 728 89.31 12.97 63.70
C ILE J 728 90.16 14.22 63.78
N ALA J 729 90.80 14.64 62.69
CA ALA J 729 91.50 15.93 62.58
C ALA J 729 90.48 16.98 62.12
N LEU J 730 89.98 17.76 63.06
CA LEU J 730 89.08 18.91 62.76
C LEU J 730 89.97 20.08 62.36
N GLN J 731 90.01 20.36 61.06
CA GLN J 731 90.86 21.44 60.51
C GLN J 731 89.95 22.65 60.40
N TRP J 732 90.07 23.57 61.31
CA TRP J 732 89.20 24.74 61.37
C TRP J 732 89.89 25.88 60.63
N THR J 733 89.19 26.49 59.67
CA THR J 733 89.67 27.69 58.94
C THR J 733 88.55 28.72 58.98
N GLY J 734 88.91 29.98 59.06
CA GLY J 734 87.96 31.08 58.86
C GLY J 734 87.92 31.49 57.40
N GLY J 735 87.01 32.39 57.10
CA GLY J 735 86.81 32.93 55.74
C GLY J 735 88.06 33.60 55.19
N ARG J 736 88.99 33.99 56.04
CA ARG J 736 90.21 34.68 55.67
C ARG J 736 91.21 33.75 54.96
N GLY J 737 90.95 32.45 54.87
CA GLY J 737 91.86 31.51 54.21
C GLY J 737 91.91 31.74 52.70
N GLY J 738 93.03 31.40 52.08
CA GLY J 738 93.16 31.31 50.61
C GLY J 738 92.16 30.34 49.99
N GLY J 739 91.90 30.49 48.70
CA GLY J 739 91.09 29.54 47.93
C GLY J 739 89.62 29.73 48.25
N HIS J 740 88.84 28.67 48.10
CA HIS J 740 87.41 28.67 48.41
C HIS J 740 87.30 28.93 49.91
N HIS J 741 86.49 29.91 50.28
CA HIS J 741 86.43 30.42 51.67
C HIS J 741 85.00 30.67 52.10
N SER J 742 84.77 30.64 53.41
CA SER J 742 83.46 30.86 54.05
C SER J 742 83.32 32.36 54.32
N PHE J 743 82.21 32.73 54.94
CA PHE J 743 81.95 34.10 55.43
C PHE J 743 82.32 34.20 56.91
N GLU J 744 82.90 33.14 57.50
CA GLU J 744 83.00 32.97 58.98
C GLU J 744 84.23 33.71 59.50
N ASP J 745 84.08 34.30 60.68
CA ASP J 745 85.22 34.78 61.51
C ASP J 745 86.07 33.55 61.87
N ALA J 746 87.37 33.73 62.07
CA ALA J 746 88.30 32.67 62.49
C ALA J 746 88.06 32.31 63.98
N HIS J 747 87.77 33.29 64.84
CA HIS J 747 87.82 33.17 66.32
C HIS J 747 86.47 32.79 66.89
N THR J 748 85.44 33.53 66.54
CA THR J 748 84.12 33.47 67.19
C THR J 748 83.61 32.02 67.23
N PRO J 749 83.59 31.28 66.10
CA PRO J 749 83.08 29.91 66.13
C PRO J 749 83.91 28.95 67.00
N MET J 750 85.22 29.22 67.17
CA MET J 750 86.09 28.40 68.05
C MET J 750 85.74 28.73 69.50
N LEU J 751 85.62 30.02 69.84
CA LEU J 751 85.16 30.45 71.19
C LEU J 751 83.86 29.78 71.54
N GLN J 752 82.93 29.61 70.60
CA GLN J 752 81.60 29.00 70.89
C GLN J 752 81.72 27.49 70.99
N MET J 753 82.63 26.85 70.25
CA MET J 753 82.55 25.39 70.05
C MET J 753 83.72 24.65 70.73
N TYR J 754 84.74 25.38 71.13
CA TYR J 754 85.96 24.77 71.71
C TYR J 754 85.63 23.79 72.82
N SER J 755 84.81 24.21 73.78
CA SER J 755 84.39 23.35 74.92
C SER J 755 83.76 22.06 74.39
N LYS J 756 82.83 22.14 73.46
CA LYS J 756 82.10 20.96 72.94
C LYS J 756 83.06 20.07 72.17
N ILE J 757 84.00 20.65 71.42
CA ILE J 757 85.02 19.86 70.68
C ILE J 757 85.83 19.09 71.73
N ARG J 758 86.35 19.79 72.75
CA ARG J 758 87.29 19.19 73.74
C ARG J 758 86.62 18.15 74.64
N ARG J 759 85.32 17.91 74.49
CA ARG J 759 84.61 16.81 75.20
C ARG J 759 84.87 15.49 74.47
N HIS J 760 85.43 15.56 73.26
CA HIS J 760 85.70 14.38 72.40
C HIS J 760 87.22 14.23 72.25
N PRO J 761 87.85 13.33 73.03
CA PRO J 761 89.31 13.25 73.04
C PRO J 761 89.88 12.78 71.70
N ASN J 762 89.07 12.10 70.87
CA ASN J 762 89.50 11.64 69.54
C ASN J 762 89.59 12.81 68.55
N ILE J 763 89.07 14.00 68.85
CA ILE J 763 89.18 15.15 67.91
C ILE J 763 90.49 15.87 68.16
N MET J 764 91.32 15.93 67.12
CA MET J 764 92.57 16.69 67.11
C MET J 764 92.26 18.01 66.40
N LEU J 765 92.40 19.11 67.13
CA LEU J 765 91.89 20.42 66.70
C LEU J 765 93.02 21.20 66.02
N ILE J 766 92.91 21.35 64.71
CA ILE J 766 93.91 22.04 63.88
C ILE J 766 93.34 23.42 63.51
N PHE J 767 94.10 24.46 63.73
CA PHE J 767 93.77 25.84 63.35
C PHE J 767 94.53 26.19 62.06
N GLY J 768 93.79 26.59 61.05
CA GLY J 768 94.36 27.15 59.84
C GLY J 768 93.72 28.48 59.49
N SER J 769 94.18 29.03 58.37
CA SER J 769 93.76 30.33 57.78
C SER J 769 94.58 31.40 58.43
N GLY J 770 95.28 32.17 57.61
CA GLY J 770 95.89 33.43 58.02
C GLY J 770 97.25 33.23 58.63
N PHE J 771 97.75 32.00 58.74
CA PHE J 771 99.02 31.74 59.49
C PHE J 771 100.17 31.69 58.53
N GLY J 772 101.31 32.25 58.92
CA GLY J 772 102.55 32.08 58.16
C GLY J 772 103.81 31.94 59.00
N SER J 773 103.75 31.92 60.32
CA SER J 773 104.98 31.85 61.15
C SER J 773 104.73 31.25 62.53
N ALA J 774 105.81 31.05 63.28
CA ALA J 774 105.80 30.62 64.69
C ALA J 774 105.13 31.71 65.54
N ASP J 775 105.51 32.97 65.31
CA ASP J 775 105.07 34.15 66.11
C ASP J 775 103.54 34.22 66.10
N ASP J 776 102.92 34.10 64.93
CA ASP J 776 101.46 34.33 64.81
C ASP J 776 100.69 33.08 65.24
N THR J 777 101.30 31.89 65.23
CA THR J 777 100.62 30.64 65.64
C THR J 777 100.82 30.37 67.14
N TYR J 778 101.91 30.86 67.73
CA TYR J 778 102.27 30.50 69.13
C TYR J 778 101.10 30.76 70.09
N PRO J 779 100.42 31.92 70.06
CA PRO J 779 99.28 32.12 70.96
C PRO J 779 98.15 31.09 70.82
N TYR J 780 98.07 30.39 69.68
CA TYR J 780 97.00 29.38 69.45
C TYR J 780 97.47 28.07 70.04
N LEU J 781 98.76 27.85 69.98
CA LEU J 781 99.41 26.67 70.58
C LEU J 781 99.32 26.73 72.12
N THR J 782 99.66 27.86 72.73
CA THR J 782 99.63 28.02 74.21
C THR J 782 98.21 28.22 74.72
N GLY J 783 97.29 28.66 73.86
CA GLY J 783 95.90 28.92 74.23
C GLY J 783 95.69 30.36 74.68
N GLU J 784 96.72 31.19 74.71
CA GLU J 784 96.61 32.58 75.23
C GLU J 784 95.75 33.44 74.29
N TRP J 785 95.59 33.06 73.02
CA TRP J 785 94.78 33.76 72.00
C TRP J 785 93.39 34.09 72.56
N SER J 786 92.78 33.13 73.25
CA SER J 786 91.36 33.21 73.67
C SER J 786 91.22 34.17 74.86
N THR J 787 92.31 34.55 75.53
CA THR J 787 92.34 35.43 76.72
C THR J 787 92.01 36.88 76.32
N LYS J 788 92.37 37.31 75.10
CA LYS J 788 92.05 38.66 74.56
C LYS J 788 90.53 38.86 74.50
N PHE J 789 89.78 37.77 74.39
CA PHE J 789 88.29 37.74 74.32
C PHE J 789 87.66 37.41 75.68
N ASP J 790 88.43 37.47 76.79
CA ASP J 790 87.95 37.20 78.18
C ASP J 790 87.42 35.76 78.30
N TYR J 791 88.03 34.81 77.60
CA TYR J 791 87.76 33.35 77.74
C TYR J 791 88.99 32.73 78.39
N PRO J 792 88.86 31.54 78.99
CA PRO J 792 90.03 30.82 79.49
C PRO J 792 90.92 30.40 78.31
N PRO J 793 92.22 30.13 78.53
CA PRO J 793 93.09 29.68 77.44
C PRO J 793 92.55 28.45 76.71
N MET J 794 92.74 28.42 75.39
CA MET J 794 92.15 27.39 74.51
C MET J 794 93.24 26.86 73.57
N PRO J 795 94.18 26.01 74.03
CA PRO J 795 95.26 25.56 73.18
C PRO J 795 94.75 24.70 72.02
N PHE J 796 95.43 24.79 70.89
CA PHE J 796 95.16 23.96 69.69
C PHE J 796 96.24 22.89 69.52
N ASP J 797 95.86 21.84 68.83
CA ASP J 797 96.69 20.64 68.60
C ASP J 797 97.62 20.81 67.41
N GLY J 798 97.36 21.74 66.50
CA GLY J 798 98.30 22.01 65.39
C GLY J 798 97.78 23.01 64.40
N PHE J 799 98.55 23.23 63.35
CA PHE J 799 98.35 24.36 62.41
C PHE J 799 98.42 23.86 60.99
N LEU J 800 97.63 24.48 60.13
CA LEU J 800 97.84 24.25 58.69
C LEU J 800 98.22 25.57 58.03
N PHE J 801 99.02 25.45 56.97
CA PHE J 801 99.66 26.53 56.20
C PHE J 801 99.42 26.28 54.71
N GLY J 802 98.37 26.90 54.18
CA GLY J 802 98.05 26.85 52.74
C GLY J 802 98.85 27.90 52.01
N SER J 803 98.36 29.13 52.04
CA SER J 803 98.90 30.30 51.30
C SER J 803 100.40 30.41 51.52
N ARG J 804 100.85 30.26 52.76
CA ARG J 804 102.25 30.48 53.20
C ARG J 804 103.24 29.73 52.31
N VAL J 805 102.91 28.53 51.86
CA VAL J 805 103.91 27.64 51.19
C VAL J 805 103.84 27.76 49.66
N MET J 806 103.01 28.66 49.13
CA MET J 806 102.76 28.75 47.67
C MET J 806 103.98 29.30 46.91
N ILE J 807 104.94 29.92 47.58
CA ILE J 807 106.17 30.45 46.95
C ILE J 807 107.39 29.65 47.38
N ALA J 808 107.20 28.47 47.97
CA ALA J 808 108.31 27.56 48.31
C ALA J 808 108.99 27.10 47.02
N LYS J 809 110.24 26.69 47.12
CA LYS J 809 111.06 26.23 45.96
C LYS J 809 110.34 25.11 45.23
N GLU J 810 109.85 24.10 45.95
CA GLU J 810 109.41 22.82 45.34
C GLU J 810 107.97 22.94 44.83
N VAL J 811 107.27 24.05 45.09
CA VAL J 811 105.90 24.26 44.55
C VAL J 811 106.06 24.62 43.08
N LYS J 812 105.14 24.15 42.24
CA LYS J 812 105.21 24.29 40.76
C LYS J 812 104.76 25.69 40.30
N THR J 813 104.21 26.51 41.20
CA THR J 813 103.87 27.95 40.94
C THR J 813 104.96 28.57 40.05
N SER J 814 104.59 29.12 38.91
CA SER J 814 105.50 29.76 37.92
C SER J 814 106.26 30.89 38.61
N PRO J 815 107.54 31.13 38.24
CA PRO J 815 108.29 32.23 38.85
C PRO J 815 107.55 33.57 38.97
N ASP J 816 106.84 33.98 37.93
CA ASP J 816 106.16 35.31 37.92
C ASP J 816 104.92 35.27 38.81
N ALA J 817 104.28 34.12 38.95
CA ALA J 817 103.17 33.93 39.91
C ALA J 817 103.74 34.05 41.35
N LYS J 818 104.94 33.52 41.61
CA LYS J 818 105.61 33.67 42.94
C LYS J 818 105.92 35.14 43.20
N LYS J 819 106.41 35.87 42.20
CA LYS J 819 106.64 37.33 42.33
C LYS J 819 105.34 38.05 42.62
N CYS J 820 104.25 37.64 41.97
CA CYS J 820 102.91 38.25 42.13
C CYS J 820 102.41 38.00 43.55
N ILE J 821 102.51 36.76 44.04
CA ILE J 821 102.17 36.35 45.45
C ILE J 821 102.98 37.18 46.43
N ALA J 822 104.31 37.21 46.27
CA ALA J 822 105.26 37.90 47.18
C ALA J 822 104.91 39.38 47.31
N ALA J 823 104.45 40.01 46.21
CA ALA J 823 104.15 41.46 46.11
C ALA J 823 102.81 41.78 46.82
N CYS J 824 101.92 40.81 47.00
CA CYS J 824 100.68 41.00 47.81
C CYS J 824 101.07 41.33 49.25
N THR J 825 100.64 42.48 49.76
CA THR J 825 101.01 42.99 51.11
C THR J 825 100.23 42.21 52.16
N GLY J 826 99.04 41.77 51.81
CA GLY J 826 98.05 41.20 52.74
C GLY J 826 97.52 42.27 53.67
N VAL J 827 96.55 41.90 54.49
CA VAL J 827 95.99 42.76 55.55
C VAL J 827 95.90 41.94 56.84
N PRO J 828 95.85 42.61 58.01
CA PRO J 828 95.51 41.96 59.27
C PRO J 828 94.09 41.38 59.25
N ASP J 829 93.82 40.47 60.18
CA ASP J 829 92.51 39.81 60.31
C ASP J 829 91.34 40.82 60.36
N ASP J 830 91.50 41.99 60.96
CA ASP J 830 90.36 42.94 61.15
C ASP J 830 89.81 43.42 59.78
N LYS J 831 90.65 43.48 58.74
CA LYS J 831 90.31 44.06 57.41
C LYS J 831 89.98 43.00 56.36
N TRP J 832 89.98 41.70 56.66
CA TRP J 832 89.97 40.68 55.59
C TRP J 832 88.65 40.76 54.81
N GLU J 833 87.57 41.14 55.46
CA GLU J 833 86.21 41.11 54.85
C GLU J 833 86.07 42.17 53.74
N GLN J 834 87.03 43.05 53.59
CA GLN J 834 87.04 44.03 52.47
C GLN J 834 87.27 43.32 51.13
N THR J 835 87.76 42.08 51.12
CA THR J 835 87.99 41.29 49.88
C THR J 835 86.68 41.12 49.12
N TYR J 836 85.54 41.04 49.80
CA TYR J 836 84.20 40.92 49.19
C TYR J 836 83.86 42.15 48.32
N LYS J 837 84.48 43.31 48.55
CA LYS J 837 84.11 44.60 47.90
C LYS J 837 85.16 45.01 46.87
N LYS J 838 86.44 45.01 47.28
CA LYS J 838 87.54 45.60 46.50
C LYS J 838 88.84 44.86 46.82
N PRO J 839 89.90 45.01 46.01
CA PRO J 839 91.22 44.48 46.34
C PRO J 839 91.70 44.96 47.72
N THR J 840 91.99 43.99 48.59
CA THR J 840 92.44 44.18 49.99
C THR J 840 93.75 43.41 50.15
N GLY J 841 94.88 44.11 50.23
CA GLY J 841 96.21 43.53 50.36
C GLY J 841 96.66 42.82 49.09
N GLY J 842 96.03 43.17 47.96
CA GLY J 842 96.29 42.57 46.64
C GLY J 842 95.40 41.37 46.38
N ILE J 843 94.38 41.15 47.19
CA ILE J 843 93.52 39.94 47.14
C ILE J 843 92.08 40.40 47.07
N VAL J 844 91.26 39.62 46.40
CA VAL J 844 89.83 39.93 46.23
C VAL J 844 89.08 38.61 46.28
N THR J 845 87.81 38.68 46.61
CA THR J 845 86.86 37.56 46.54
C THR J 845 86.11 37.65 45.22
N VAL J 846 86.07 36.52 44.51
CA VAL J 846 85.24 36.30 43.29
C VAL J 846 84.45 35.04 43.51
N ARG J 847 83.47 34.79 42.64
CA ARG J 847 82.55 33.65 42.77
C ARG J 847 83.00 32.59 41.77
N SER J 848 83.00 31.34 42.21
CA SER J 848 83.20 30.15 41.38
C SER J 848 82.00 30.00 40.42
N GLU J 849 82.06 29.04 39.50
CA GLU J 849 80.93 28.62 38.63
C GLU J 849 79.68 28.36 39.48
N MET J 850 79.86 27.78 40.68
CA MET J 850 78.78 27.33 41.60
C MET J 850 78.40 28.43 42.62
N GLY J 851 78.95 29.63 42.50
CA GLY J 851 78.60 30.79 43.34
C GLY J 851 79.38 30.85 44.64
N GLU J 852 80.43 30.02 44.77
CA GLU J 852 81.22 29.88 46.02
C GLU J 852 82.30 30.95 46.04
N PRO J 853 82.51 31.65 47.16
CA PRO J 853 83.57 32.63 47.22
C PRO J 853 84.93 31.97 47.16
N ILE J 854 85.84 32.66 46.48
CA ILE J 854 87.24 32.25 46.31
C ILE J 854 88.08 33.49 46.52
N HIS J 855 89.17 33.34 47.26
CA HIS J 855 90.17 34.40 47.49
C HIS J 855 91.26 34.23 46.46
N LYS J 856 91.42 35.22 45.59
CA LYS J 856 92.37 35.16 44.48
C LYS J 856 93.18 36.42 44.53
N ILE J 857 94.40 36.38 44.02
CA ILE J 857 95.17 37.63 43.84
C ILE J 857 94.42 38.48 42.82
N ALA J 858 94.30 39.79 43.08
CA ALA J 858 93.58 40.80 42.26
C ALA J 858 94.41 41.14 41.02
N THR J 859 94.61 40.17 40.13
CA THR J 859 95.28 40.36 38.81
C THR J 859 94.23 40.97 37.86
N ARG J 860 94.65 41.45 36.70
CA ARG J 860 93.71 41.99 35.67
C ARG J 860 92.67 40.91 35.37
N GLY J 861 93.13 39.67 35.19
CA GLY J 861 92.25 38.54 34.94
C GLY J 861 91.18 38.42 35.97
N VAL J 862 91.58 38.50 37.25
CA VAL J 862 90.63 38.25 38.37
C VAL J 862 89.74 39.48 38.51
N MET J 863 90.29 40.67 38.31
CA MET J 863 89.49 41.92 38.34
C MET J 863 88.46 41.95 37.20
N LEU J 864 88.79 41.33 36.06
CA LEU J 864 87.78 41.12 35.00
C LEU J 864 86.71 40.14 35.47
N TRP J 865 87.14 39.05 36.07
CA TRP J 865 86.21 38.05 36.65
C TRP J 865 85.29 38.72 37.65
N LYS J 866 85.85 39.53 38.53
CA LYS J 866 85.02 40.23 39.54
C LYS J 866 83.96 41.08 38.83
N GLU J 867 84.39 41.92 37.88
CA GLU J 867 83.47 42.80 37.11
C GLU J 867 82.34 42.01 36.46
N PHE J 868 82.65 40.88 35.83
CA PHE J 868 81.65 40.06 35.12
C PHE J 868 80.70 39.38 36.10
N ASP J 869 81.17 39.06 37.32
CA ASP J 869 80.31 38.51 38.40
C ASP J 869 79.22 39.52 38.77
N GLU J 870 79.60 40.79 38.81
CA GLU J 870 78.70 41.92 39.21
C GLU J 870 77.76 42.30 38.06
N THR J 871 78.19 42.20 36.79
CA THR J 871 77.52 42.83 35.62
C THR J 871 76.98 41.83 34.60
N ILE J 872 77.37 40.56 34.63
CA ILE J 872 76.98 39.54 33.60
C ILE J 872 76.47 38.28 34.27
N PHE J 873 77.27 37.66 35.15
CA PHE J 873 76.97 36.29 35.66
C PHE J 873 75.81 36.35 36.66
N ASN J 874 75.59 37.51 37.30
CA ASN J 874 74.48 37.71 38.26
C ASN J 874 73.12 37.88 37.55
N LEU J 875 73.12 38.33 36.28
CA LEU J 875 71.87 38.59 35.51
C LEU J 875 71.05 37.30 35.42
N PRO J 876 69.70 37.37 35.37
CA PRO J 876 68.89 36.21 35.03
C PRO J 876 69.12 35.77 33.57
N LYS J 877 68.74 34.53 33.25
CA LYS J 877 69.02 33.85 31.95
C LYS J 877 68.43 34.65 30.78
N ASN J 878 67.21 35.17 30.93
CA ASN J 878 66.49 35.94 29.87
C ASN J 878 67.28 37.20 29.49
N LYS J 879 68.04 37.81 30.42
CA LYS J 879 68.80 39.08 30.19
C LYS J 879 70.27 38.82 29.87
N LEU J 880 70.76 37.58 29.95
CA LEU J 880 72.20 37.26 29.77
C LEU J 880 72.61 37.47 28.30
N VAL J 881 71.99 36.73 27.39
CA VAL J 881 72.36 36.75 25.93
C VAL J 881 72.21 38.17 25.37
N PRO J 882 71.10 38.91 25.64
CA PRO J 882 71.02 40.32 25.25
C PRO J 882 72.17 41.20 25.77
N THR J 883 72.56 41.03 27.04
CA THR J 883 73.68 41.80 27.64
C THR J 883 74.99 41.45 26.93
N LEU J 884 75.21 40.18 26.64
CA LEU J 884 76.45 39.74 25.93
C LEU J 884 76.49 40.42 24.55
N GLU J 885 75.39 40.31 23.78
CA GLU J 885 75.27 40.94 22.44
C GLU J 885 75.61 42.44 22.55
N ALA J 886 75.02 43.13 23.52
CA ALA J 886 75.18 44.60 23.71
C ALA J 886 76.62 44.95 24.07
N LYS J 887 77.24 44.20 24.99
CA LYS J 887 78.60 44.50 25.51
C LYS J 887 79.66 43.72 24.73
N ARG J 888 79.26 43.01 23.66
CA ARG J 888 80.10 42.09 22.88
C ARG J 888 81.49 42.65 22.65
N ASP J 889 81.62 43.83 22.07
CA ASP J 889 82.94 44.38 21.66
C ASP J 889 83.77 44.65 22.91
N TYR J 890 83.11 45.12 23.98
CA TYR J 890 83.79 45.43 25.27
C TYR J 890 84.32 44.11 25.86
N ILE J 891 83.44 43.13 26.00
CA ILE J 891 83.78 41.79 26.54
C ILE J 891 84.97 41.23 25.76
N ILE J 892 84.94 41.29 24.43
CA ILE J 892 86.03 40.73 23.59
C ILE J 892 87.31 41.48 23.91
N SER J 893 87.29 42.80 23.98
CA SER J 893 88.53 43.59 24.21
C SER J 893 89.14 43.24 25.57
N ARG J 894 88.30 43.04 26.60
CA ARG J 894 88.75 42.72 27.99
C ARG J 894 89.35 41.31 28.03
N LEU J 895 88.69 40.35 27.41
CA LEU J 895 89.19 38.96 27.32
C LEU J 895 90.59 39.00 26.73
N ASN J 896 90.76 39.75 25.65
CA ASN J 896 92.03 39.75 24.90
C ASN J 896 93.10 40.50 25.68
N ALA J 897 92.73 41.58 26.38
CA ALA J 897 93.71 42.39 27.12
C ALA J 897 94.12 41.69 28.44
N ASP J 898 93.16 41.11 29.16
CA ASP J 898 93.26 40.92 30.63
C ASP J 898 93.10 39.46 31.08
N PHE J 899 92.53 38.56 30.28
CA PHE J 899 92.13 37.22 30.73
C PHE J 899 93.01 36.11 30.16
N GLN J 900 92.99 34.97 30.85
CA GLN J 900 93.81 33.78 30.55
C GLN J 900 93.17 32.94 29.44
N LYS J 901 91.87 33.10 29.25
CA LYS J 901 91.11 32.56 28.10
C LYS J 901 90.80 33.74 27.18
N PRO J 902 91.64 34.08 26.19
CA PRO J 902 91.31 35.16 25.25
C PRO J 902 90.15 34.80 24.33
N TRP J 903 89.72 35.78 23.55
CA TRP J 903 88.68 35.58 22.52
C TRP J 903 89.30 34.75 21.39
N PHE J 904 88.76 33.58 21.09
CA PHE J 904 89.41 32.72 20.08
C PHE J 904 89.57 33.49 18.75
N ALA J 905 88.48 34.08 18.26
CA ALA J 905 88.40 34.65 16.89
C ALA J 905 88.99 36.03 16.89
N THR J 906 90.30 36.08 17.05
CA THR J 906 91.14 37.30 17.06
C THR J 906 92.31 36.97 16.15
N VAL J 907 92.44 37.70 15.04
CA VAL J 907 93.46 37.45 13.98
C VAL J 907 94.31 38.71 13.90
N ASN J 908 95.60 38.62 14.24
CA ASN J 908 96.58 39.75 14.24
C ASN J 908 96.02 40.92 15.06
N GLY J 909 95.42 40.66 16.22
CA GLY J 909 94.91 41.70 17.14
C GLY J 909 93.54 42.22 16.76
N GLN J 910 92.93 41.71 15.70
CA GLN J 910 91.62 42.19 15.20
C GLN J 910 90.55 41.19 15.65
N ALA J 911 89.60 41.65 16.44
CA ALA J 911 88.43 40.87 16.88
C ALA J 911 87.62 40.49 15.65
N ARG J 912 87.28 39.21 15.56
CA ARG J 912 86.43 38.62 14.52
C ARG J 912 85.38 37.81 15.25
N ASP J 913 84.77 36.91 14.52
CA ASP J 913 83.89 35.85 15.02
C ASP J 913 84.38 34.59 14.33
N LEU J 914 83.99 33.43 14.80
CA LEU J 914 84.31 32.21 14.05
C LEU J 914 83.76 32.34 12.62
N ALA J 915 82.59 32.94 12.46
CA ALA J 915 81.91 33.02 11.15
C ALA J 915 82.72 33.85 10.16
N THR J 916 83.65 34.68 10.62
CA THR J 916 84.45 35.58 9.77
C THR J 916 85.90 35.23 9.90
N MET J 917 86.19 33.97 10.17
CA MET J 917 87.58 33.49 10.05
C MET J 917 87.66 32.48 8.94
N THR J 918 88.78 32.46 8.26
CA THR J 918 89.10 31.39 7.30
C THR J 918 89.48 30.12 8.05
N TYR J 919 89.35 28.98 7.39
CA TYR J 919 89.82 27.69 7.92
C TYR J 919 91.29 27.79 8.33
N GLU J 920 92.10 28.44 7.54
CA GLU J 920 93.56 28.55 7.84
C GLU J 920 93.76 29.42 9.09
N GLU J 921 93.02 30.52 9.21
CA GLU J 921 93.11 31.40 10.40
C GLU J 921 92.72 30.61 11.66
N VAL J 922 91.72 29.74 11.57
CA VAL J 922 91.26 28.92 12.69
C VAL J 922 92.40 27.96 13.07
N ALA J 923 92.97 27.25 12.09
CA ALA J 923 94.02 26.23 12.31
C ALA J 923 95.20 26.91 13.02
N LYS J 924 95.64 28.05 12.51
CA LYS J 924 96.80 28.81 13.03
C LYS J 924 96.53 29.37 14.43
N ARG J 925 95.30 29.75 14.71
CA ARG J 925 94.94 30.31 16.03
C ARG J 925 94.98 29.13 17.01
N LEU J 926 94.48 27.96 16.62
CA LEU J 926 94.52 26.75 17.49
C LEU J 926 95.97 26.46 17.90
N VAL J 927 96.91 26.53 16.96
CA VAL J 927 98.35 26.26 17.21
C VAL J 927 98.94 27.36 18.10
N GLU J 928 98.54 28.61 17.89
CA GLU J 928 99.04 29.79 18.65
C GLU J 928 98.65 29.64 20.13
N LEU J 929 97.49 29.06 20.42
CA LEU J 929 96.93 29.07 21.79
C LEU J 929 97.19 27.74 22.49
N MET J 930 97.38 26.65 21.75
CA MET J 930 97.43 25.28 22.31
C MET J 930 98.82 24.65 22.16
N PHE J 931 99.70 25.20 21.34
CA PHE J 931 101.05 24.63 21.09
C PHE J 931 102.06 25.61 21.66
N ILE J 932 102.95 25.09 22.50
CA ILE J 932 103.92 25.90 23.27
C ILE J 932 105.22 25.90 22.47
N ARG J 933 105.62 27.04 21.95
CA ARG J 933 106.85 27.18 21.12
C ARG J 933 108.09 26.96 21.99
N SER J 934 108.10 27.47 23.22
CA SER J 934 109.26 27.41 24.17
C SER J 934 109.66 25.96 24.45
N THR J 935 108.70 25.05 24.62
CA THR J 935 108.91 23.59 24.90
C THR J 935 108.69 22.75 23.63
N ASN J 936 108.30 23.38 22.51
CA ASN J 936 108.07 22.74 21.19
C ASN J 936 107.11 21.55 21.31
N SER J 937 106.04 21.69 22.08
CA SER J 937 105.05 20.61 22.30
C SER J 937 103.64 21.17 22.46
N TRP J 938 102.66 20.29 22.29
CA TRP J 938 101.25 20.54 22.65
C TRP J 938 101.11 20.49 24.17
N PHE J 939 100.52 21.51 24.74
CA PHE J 939 100.35 21.61 26.20
C PHE J 939 99.56 20.42 26.73
N ASP J 940 98.58 19.95 25.97
CA ASP J 940 97.77 18.75 26.30
C ASP J 940 97.57 17.99 25.00
N VAL J 941 97.63 16.67 25.06
CA VAL J 941 97.45 15.81 23.85
C VAL J 941 96.04 16.02 23.29
N THR J 942 95.05 16.27 24.14
CA THR J 942 93.63 16.39 23.72
C THR J 942 93.45 17.66 22.88
N TRP J 943 94.31 18.66 23.10
CA TRP J 943 94.37 19.90 22.29
C TRP J 943 94.99 19.60 20.93
N ARG J 944 95.99 18.73 20.88
CA ARG J 944 96.52 18.25 19.60
C ARG J 944 95.43 17.51 18.83
N THR J 945 94.59 16.76 19.52
CA THR J 945 93.53 15.96 18.88
C THR J 945 92.43 16.91 18.36
N PHE J 946 92.15 17.95 19.13
CA PHE J 946 91.20 19.01 18.72
C PHE J 946 91.67 19.52 17.36
N THR J 947 92.91 19.95 17.27
CA THR J 947 93.50 20.58 16.07
C THR J 947 93.57 19.60 14.91
N GLY J 948 93.92 18.33 15.15
CA GLY J 948 93.95 17.30 14.10
C GLY J 948 92.54 17.01 13.59
N ASP J 949 91.56 16.93 14.49
CA ASP J 949 90.13 16.73 14.14
C ASP J 949 89.59 17.91 13.30
N PHE J 950 90.11 19.10 13.54
CA PHE J 950 89.76 20.31 12.78
C PHE J 950 90.38 20.20 11.38
N LEU J 951 91.66 19.86 11.31
CA LEU J 951 92.36 19.73 10.00
C LEU J 951 91.71 18.63 9.15
N ARG J 952 91.17 17.59 9.72
CA ARG J 952 90.47 16.55 8.95
C ARG J 952 89.15 17.11 8.41
N ARG J 953 88.49 17.97 9.16
CA ARG J 953 87.23 18.61 8.77
C ARG J 953 87.51 19.49 7.55
N VAL J 954 88.61 20.22 7.57
CA VAL J 954 89.08 21.04 6.45
C VAL J 954 89.18 20.17 5.20
N GLU J 955 89.85 19.03 5.31
CA GLU J 955 90.05 18.15 4.13
C GLU J 955 88.68 17.68 3.66
N GLU J 956 87.82 17.31 4.57
CA GLU J 956 86.49 16.78 4.23
C GLU J 956 85.70 17.89 3.49
N ARG J 957 85.81 19.14 3.93
CA ARG J 957 84.99 20.25 3.40
C ARG J 957 85.51 20.58 1.99
N PHE J 958 86.82 20.44 1.73
CA PHE J 958 87.46 21.00 0.53
C PHE J 958 87.84 19.92 -0.50
N THR J 959 87.74 18.64 -0.17
CA THR J 959 88.05 17.55 -1.12
C THR J 959 86.83 17.29 -2.02
N LYS J 960 87.10 16.97 -3.29
CA LYS J 960 86.06 16.72 -4.32
C LYS J 960 85.69 15.24 -4.29
N SER J 961 86.62 14.39 -3.84
CA SER J 961 86.47 12.92 -3.85
C SER J 961 87.08 12.31 -2.59
N LYS J 962 86.61 11.11 -2.24
CA LYS J 962 87.22 10.20 -1.25
C LYS J 962 88.72 10.17 -1.50
N THR J 963 89.52 10.57 -0.52
CA THR J 963 91.02 10.59 -0.56
C THR J 963 91.56 10.14 0.79
N LEU J 964 92.89 9.99 0.86
CA LEU J 964 93.63 9.71 2.12
C LEU J 964 93.83 11.03 2.86
N SER J 965 93.61 11.04 4.16
CA SER J 965 94.01 12.17 5.02
C SER J 965 95.49 12.44 4.84
N LEU J 966 95.88 13.70 4.69
CA LEU J 966 97.29 14.17 4.73
C LEU J 966 97.82 14.18 6.16
N ILE J 967 96.96 13.96 7.16
CA ILE J 967 97.35 13.78 8.58
C ILE J 967 96.84 12.39 8.98
N GLN J 968 97.67 11.37 8.77
CA GLN J 968 97.32 9.96 9.06
C GLN J 968 97.35 9.74 10.57
N SER J 969 98.31 10.34 11.25
CA SER J 969 98.43 10.28 12.72
C SER J 969 98.58 11.71 13.24
N TYR J 970 97.97 12.02 14.38
CA TYR J 970 98.08 13.37 14.98
C TYR J 970 99.51 13.63 15.45
N SER J 971 100.37 12.60 15.57
CA SER J 971 101.82 12.77 15.86
C SER J 971 102.48 13.73 14.87
N LEU J 972 102.01 13.77 13.62
CA LEU J 972 102.46 14.75 12.58
C LEU J 972 102.30 16.19 13.08
N LEU J 973 101.34 16.44 13.98
CA LEU J 973 101.12 17.82 14.51
C LEU J 973 102.22 18.26 15.47
N ASP J 974 103.14 17.37 15.88
CA ASP J 974 104.31 17.75 16.72
C ASP J 974 105.26 18.70 15.96
N LYS J 975 105.08 18.87 14.64
CA LYS J 975 105.61 20.02 13.83
C LYS J 975 104.42 20.76 13.22
N PRO J 976 103.69 21.58 14.00
CA PRO J 976 102.34 22.02 13.61
C PRO J 976 102.30 22.92 12.36
N ASP J 977 103.28 23.79 12.16
CA ASP J 977 103.34 24.71 10.99
C ASP J 977 103.40 23.88 9.70
N GLU J 978 104.21 22.82 9.69
CA GLU J 978 104.43 21.94 8.51
C GLU J 978 103.15 21.17 8.19
N ALA J 979 102.39 20.74 9.20
CA ALA J 979 101.10 20.03 9.02
C ALA J 979 100.07 20.99 8.44
N ILE J 980 99.99 22.19 9.00
CA ILE J 980 99.07 23.25 8.50
C ILE J 980 99.43 23.55 7.04
N GLU J 981 100.69 23.83 6.74
CA GLU J 981 101.18 24.13 5.37
C GLU J 981 100.76 22.99 4.44
N LYS J 982 100.91 21.75 4.88
CA LYS J 982 100.61 20.56 4.05
C LYS J 982 99.11 20.46 3.74
N VAL J 983 98.24 20.75 4.70
CA VAL J 983 96.77 20.63 4.51
C VAL J 983 96.30 21.80 3.64
N PHE J 984 96.77 23.00 3.90
CA PHE J 984 96.28 24.21 3.19
C PHE J 984 96.95 24.35 1.82
N ASN J 985 97.96 23.54 1.51
CA ASN J 985 98.56 23.50 0.14
C ASN J 985 97.73 22.57 -0.71
N ALA J 986 97.23 21.49 -0.13
CA ALA J 986 96.30 20.56 -0.78
C ALA J 986 94.94 21.22 -1.03
N TYR J 987 94.51 22.11 -0.14
CA TYR J 987 93.15 22.72 -0.14
C TYR J 987 93.29 24.21 0.00
N PRO J 988 93.88 24.88 -0.99
CA PRO J 988 94.18 26.30 -0.86
C PRO J 988 92.91 27.20 -0.84
N ALA J 989 91.75 26.67 -1.23
CA ALA J 989 90.46 27.40 -1.13
C ALA J 989 90.15 27.66 0.34
N ALA J 990 90.65 26.79 1.22
CA ALA J 990 90.42 26.88 2.67
C ALA J 990 91.19 28.05 3.26
N ARG J 991 92.13 28.64 2.53
CA ARG J 991 92.82 29.87 2.98
C ARG J 991 91.95 31.12 2.76
N GLU J 992 90.95 31.04 1.91
CA GLU J 992 90.21 32.24 1.45
C GLU J 992 88.75 32.19 1.90
N GLN J 993 88.24 31.04 2.28
CA GLN J 993 86.81 30.89 2.60
C GLN J 993 86.59 30.95 4.12
N PHE J 994 85.55 31.64 4.57
CA PHE J 994 85.16 31.62 6.00
C PHE J 994 84.58 30.26 6.28
N LEU J 995 84.62 29.89 7.55
CA LEU J 995 84.04 28.62 8.00
C LEU J 995 82.63 28.48 7.44
N ASN J 996 82.36 27.37 6.79
CA ASN J 996 80.99 26.91 6.58
C ASN J 996 80.28 26.97 7.95
N ALA J 997 79.04 27.43 8.00
CA ALA J 997 78.22 27.52 9.23
C ALA J 997 78.18 26.14 9.93
N GLN J 998 78.21 25.06 9.16
CA GLN J 998 78.26 23.69 9.72
C GLN J 998 79.55 23.44 10.51
N ASP J 999 80.65 23.97 10.03
CA ASP J 999 81.99 23.80 10.62
C ASP J 999 82.13 24.73 11.83
N ILE J 1000 81.34 25.80 11.93
CA ILE J 1000 81.33 26.65 13.13
C ILE J 1000 80.69 25.83 14.25
N ASP J 1001 79.55 25.23 13.97
CA ASP J 1001 78.79 24.40 14.91
C ASP J 1001 79.64 23.21 15.36
N HIS J 1002 80.30 22.55 14.43
CA HIS J 1002 81.18 21.41 14.74
C HIS J 1002 82.32 21.85 15.65
N PHE J 1003 82.98 22.94 15.31
CA PHE J 1003 84.04 23.52 16.15
C PHE J 1003 83.52 23.80 17.56
N LEU J 1004 82.35 24.40 17.69
CA LEU J 1004 81.81 24.72 19.04
C LEU J 1004 81.41 23.44 19.76
N SER J 1005 80.95 22.42 19.04
CA SER J 1005 80.60 21.09 19.62
C SER J 1005 81.86 20.42 20.18
N MET J 1006 82.98 20.58 19.48
CA MET J 1006 84.31 20.05 19.86
C MET J 1006 84.84 20.79 21.08
N CYS J 1007 84.45 22.05 21.30
CA CYS J 1007 84.91 22.87 22.45
C CYS J 1007 84.23 22.39 23.74
N GLN J 1008 83.14 21.65 23.63
CA GLN J 1008 82.31 21.13 24.74
C GLN J 1008 82.51 19.62 24.91
N ASN J 1009 83.48 19.03 24.21
CA ASN J 1009 83.85 17.60 24.37
C ASN J 1009 84.29 17.41 25.82
N PRO J 1010 83.57 16.61 26.63
CA PRO J 1010 83.92 16.47 28.06
C PRO J 1010 85.21 15.65 28.29
N MET J 1011 85.61 14.80 27.35
CA MET J 1011 86.81 13.92 27.44
C MET J 1011 88.04 14.65 26.86
N GLN J 1012 88.26 15.88 27.31
CA GLN J 1012 89.23 16.81 26.68
C GLN J 1012 89.53 17.90 27.70
N LYS J 1013 90.76 18.38 27.75
CA LYS J 1013 91.05 19.52 28.61
C LYS J 1013 90.28 20.73 28.07
N PRO J 1014 89.57 21.52 28.90
CA PRO J 1014 88.83 22.69 28.40
C PRO J 1014 89.72 23.59 27.55
N VAL J 1015 89.16 24.01 26.42
CA VAL J 1015 89.92 24.83 25.45
C VAL J 1015 90.36 26.09 26.18
N PRO J 1016 91.58 26.59 25.92
CA PRO J 1016 92.08 27.77 26.59
C PRO J 1016 91.70 29.07 25.85
N PHE J 1017 90.41 29.20 25.56
CA PHE J 1017 89.89 30.42 24.91
C PHE J 1017 88.41 30.45 25.05
N VAL J 1018 87.84 31.61 24.75
CA VAL J 1018 86.36 31.74 24.65
C VAL J 1018 86.00 31.76 23.17
N PRO J 1019 85.32 30.76 22.62
CA PRO J 1019 85.04 30.71 21.18
C PRO J 1019 83.72 31.35 20.71
N VAL J 1020 82.85 31.70 21.65
CA VAL J 1020 81.51 32.27 21.37
C VAL J 1020 81.02 33.01 22.63
N LEU J 1021 80.18 34.03 22.46
CA LEU J 1021 79.40 34.65 23.57
C LEU J 1021 77.96 34.18 23.48
N ASP J 1022 77.58 33.24 24.32
CA ASP J 1022 76.21 32.67 24.34
C ASP J 1022 75.91 32.27 25.79
N ARG J 1023 74.92 31.41 26.00
CA ARG J 1023 74.39 31.07 27.34
C ARG J 1023 75.48 30.39 28.20
N ARG J 1024 76.47 29.74 27.56
CA ARG J 1024 77.55 28.96 28.22
C ARG J 1024 78.78 29.82 28.50
N PHE J 1025 78.69 31.14 28.40
CA PHE J 1025 79.84 32.04 28.55
C PHE J 1025 80.49 31.90 29.94
N GLU J 1026 79.69 31.73 30.99
CA GLU J 1026 80.21 31.63 32.39
C GLU J 1026 81.09 30.39 32.49
N ILE J 1027 80.62 29.28 31.93
CA ILE J 1027 81.36 27.98 31.86
C ILE J 1027 82.64 28.15 31.05
N PHE J 1028 82.59 28.79 29.87
CA PHE J 1028 83.81 28.99 29.05
C PHE J 1028 84.78 29.86 29.83
N PHE J 1029 84.26 30.86 30.54
CA PHE J 1029 85.08 31.90 31.20
C PHE J 1029 85.79 31.27 32.43
N LYS J 1030 85.04 30.54 33.25
CA LYS J 1030 85.46 30.15 34.63
C LYS J 1030 86.04 28.73 34.68
N LYS J 1031 85.66 27.85 33.77
CA LYS J 1031 86.05 26.42 33.91
C LYS J 1031 87.59 26.33 33.80
N ASP J 1032 88.17 25.40 34.55
CA ASP J 1032 89.61 25.01 34.48
C ASP J 1032 90.49 26.23 34.52
N SER J 1033 90.31 27.03 35.56
CA SER J 1033 90.93 28.36 35.70
C SER J 1033 92.18 28.33 36.60
N LEU J 1034 92.61 27.17 37.12
CA LEU J 1034 93.65 27.16 38.22
C LEU J 1034 95.04 26.72 37.76
N TRP J 1035 95.17 26.01 36.63
CA TRP J 1035 96.46 25.43 36.20
C TRP J 1035 97.39 26.49 35.61
N GLN J 1036 96.86 27.62 35.16
CA GLN J 1036 97.61 28.58 34.35
C GLN J 1036 98.73 29.21 35.18
N SER J 1037 98.52 29.43 36.48
CA SER J 1037 99.50 30.07 37.41
C SER J 1037 100.74 29.19 37.58
N GLU J 1038 100.63 27.88 37.32
CA GLU J 1038 101.77 26.92 37.35
C GLU J 1038 102.37 26.69 35.95
N HIS J 1039 101.76 27.22 34.89
CA HIS J 1039 102.14 26.92 33.48
C HIS J 1039 102.02 28.19 32.67
N LEU J 1040 102.71 29.25 33.08
CA LEU J 1040 102.62 30.58 32.43
C LEU J 1040 103.14 30.49 31.00
N GLU J 1041 103.96 29.49 30.66
CA GLU J 1041 104.42 29.25 29.26
C GLU J 1041 103.24 29.00 28.30
N ALA J 1042 102.08 28.53 28.79
CA ALA J 1042 100.87 28.21 27.99
C ALA J 1042 99.82 29.32 28.08
N VAL J 1043 100.20 30.49 28.55
CA VAL J 1043 99.29 31.66 28.70
C VAL J 1043 99.76 32.71 27.71
N VAL J 1044 98.83 33.48 27.17
CA VAL J 1044 99.02 34.28 25.92
C VAL J 1044 100.41 34.93 25.90
N ASP J 1045 100.69 35.87 26.79
CA ASP J 1045 101.96 36.66 26.77
C ASP J 1045 102.88 36.14 27.88
N GLN J 1046 102.72 34.87 28.29
CA GLN J 1046 103.28 34.31 29.55
C GLN J 1046 102.97 35.26 30.71
N ASP J 1047 101.82 35.94 30.63
CA ASP J 1047 101.48 37.11 31.47
C ASP J 1047 100.72 36.62 32.71
N VAL J 1048 101.35 36.75 33.87
CA VAL J 1048 100.78 36.32 35.18
C VAL J 1048 99.48 37.07 35.43
N GLN J 1049 99.41 38.34 35.01
CA GLN J 1049 98.26 39.25 35.30
C GLN J 1049 96.96 38.76 34.65
N ARG J 1050 97.03 37.77 33.76
CA ARG J 1050 95.82 37.17 33.14
C ARG J 1050 95.23 36.06 34.03
N THR J 1051 95.97 35.61 35.05
CA THR J 1051 95.73 34.29 35.69
C THR J 1051 95.07 34.44 37.07
N CYS J 1052 94.51 33.33 37.52
CA CYS J 1052 93.82 33.13 38.81
C CYS J 1052 94.80 32.44 39.75
N ILE J 1053 95.31 33.16 40.75
CA ILE J 1053 96.20 32.61 41.83
C ILE J 1053 95.41 32.66 43.14
N LEU J 1054 95.15 31.50 43.74
CA LEU J 1054 94.40 31.39 45.01
C LEU J 1054 95.37 31.74 46.12
N HIS J 1055 94.99 32.67 46.99
CA HIS J 1055 95.85 33.16 48.08
C HIS J 1055 95.00 33.90 49.09
N GLY J 1056 95.38 33.78 50.36
CA GLY J 1056 94.55 34.30 51.45
C GLY J 1056 95.02 35.67 51.83
N PRO J 1057 94.11 36.60 52.16
CA PRO J 1057 94.48 37.98 52.43
C PRO J 1057 95.30 38.18 53.70
N VAL J 1058 95.11 37.32 54.70
CA VAL J 1058 95.81 37.46 56.01
C VAL J 1058 97.15 36.74 55.91
N ALA J 1059 97.14 35.49 55.44
CA ALA J 1059 98.37 34.72 55.17
C ALA J 1059 99.33 35.50 54.25
N ALA J 1060 98.81 36.33 53.34
CA ALA J 1060 99.63 37.10 52.37
C ALA J 1060 100.62 38.04 53.09
N GLN J 1061 100.38 38.44 54.35
CA GLN J 1061 101.29 39.32 55.13
C GLN J 1061 102.67 38.67 55.32
N PHE J 1062 102.77 37.33 55.25
CA PHE J 1062 103.97 36.52 55.61
C PHE J 1062 104.64 35.87 54.39
N THR J 1063 103.99 35.83 53.22
CA THR J 1063 104.58 35.27 51.97
C THR J 1063 105.43 36.36 51.31
N LYS J 1064 106.73 36.37 51.62
CA LYS J 1064 107.67 37.47 51.25
C LYS J 1064 108.88 36.91 50.49
N VAL J 1065 109.46 35.81 50.96
CA VAL J 1065 110.74 35.24 50.44
C VAL J 1065 110.41 34.16 49.43
N ILE J 1066 110.74 34.42 48.16
CA ILE J 1066 110.47 33.52 47.01
C ILE J 1066 111.52 32.40 47.04
N ASP J 1067 111.07 31.15 46.87
CA ASP J 1067 111.89 29.93 46.64
C ASP J 1067 112.66 29.53 47.91
N GLU J 1068 112.17 29.92 49.09
CA GLU J 1068 112.54 29.28 50.38
C GLU J 1068 112.18 27.79 50.27
N PRO J 1069 113.10 26.85 50.54
CA PRO J 1069 112.78 25.42 50.56
C PRO J 1069 111.67 25.08 51.56
N ILE J 1070 110.77 24.17 51.22
CA ILE J 1070 109.59 23.86 52.08
C ILE J 1070 110.10 23.44 53.46
N LYS J 1071 111.24 22.76 53.51
CA LYS J 1071 111.88 22.31 54.76
C LYS J 1071 112.24 23.54 55.62
N SER J 1072 112.84 24.57 55.05
CA SER J 1072 113.18 25.81 55.79
C SER J 1072 111.92 26.49 56.32
N ILE J 1073 110.82 26.43 55.59
CA ILE J 1073 109.57 27.12 55.99
C ILE J 1073 108.98 26.36 57.19
N MET J 1074 108.80 25.05 57.03
CA MET J 1074 108.11 24.22 58.04
C MET J 1074 109.02 24.12 59.27
N ASP J 1075 110.31 23.80 59.12
CA ASP J 1075 111.32 23.81 60.21
C ASP J 1075 111.34 25.15 60.92
N GLY J 1076 111.37 26.24 60.18
CA GLY J 1076 111.37 27.61 60.72
C GLY J 1076 110.21 27.83 61.67
N ILE J 1077 109.05 27.27 61.34
CA ILE J 1077 107.84 27.41 62.19
C ILE J 1077 108.00 26.51 63.41
N HIS J 1078 108.35 25.24 63.21
CA HIS J 1078 108.50 24.27 64.29
C HIS J 1078 109.61 24.71 65.26
N ASP J 1079 110.77 25.10 64.72
CA ASP J 1079 111.94 25.57 65.52
C ASP J 1079 111.59 26.85 66.28
N GLY J 1080 110.75 27.70 65.70
CA GLY J 1080 110.22 28.91 66.36
C GLY J 1080 109.37 28.52 67.54
N HIS J 1081 108.47 27.55 67.36
CA HIS J 1081 107.62 27.04 68.46
C HIS J 1081 108.51 26.43 69.55
N ILE J 1082 109.48 25.61 69.18
CA ILE J 1082 110.38 24.92 70.14
C ILE J 1082 111.07 25.99 70.99
N LYS J 1083 111.78 26.92 70.37
CA LYS J 1083 112.48 28.06 71.02
C LYS J 1083 111.57 28.75 72.04
N LYS J 1084 110.32 29.03 71.69
CA LYS J 1084 109.39 29.84 72.53
C LYS J 1084 108.91 28.97 73.71
N LEU J 1085 108.61 27.70 73.46
CA LEU J 1085 108.21 26.77 74.53
C LEU J 1085 109.39 26.53 75.46
N LEU J 1086 110.59 26.44 74.91
CA LEU J 1086 111.80 26.15 75.71
C LEU J 1086 111.98 27.30 76.70
N HIS J 1087 111.85 28.54 76.24
CA HIS J 1087 111.98 29.77 77.06
C HIS J 1087 110.86 29.81 78.10
N GLN J 1088 109.61 29.64 77.68
CA GLN J 1088 108.43 29.85 78.55
C GLN J 1088 108.29 28.73 79.59
N TYR J 1089 108.53 27.47 79.21
CA TYR J 1089 108.11 26.30 80.03
C TYR J 1089 109.27 25.38 80.43
N TYR J 1090 110.48 25.58 79.94
CA TYR J 1090 111.62 24.66 80.23
C TYR J 1090 112.88 25.46 80.62
N GLY J 1091 112.72 26.71 81.09
CA GLY J 1091 113.81 27.59 81.55
C GLY J 1091 115.03 27.60 80.63
N ASP J 1092 114.82 27.68 79.31
CA ASP J 1092 115.87 27.77 78.26
C ASP J 1092 116.83 26.56 78.31
N ASP J 1093 116.43 25.44 78.93
CA ASP J 1093 117.31 24.27 79.19
C ASP J 1093 116.76 23.03 78.44
N GLU J 1094 117.49 22.56 77.42
CA GLU J 1094 117.12 21.37 76.60
C GLU J 1094 117.19 20.08 77.43
N SER J 1095 117.98 20.06 78.51
CA SER J 1095 118.14 18.89 79.42
C SER J 1095 116.84 18.56 80.15
N LYS J 1096 115.95 19.54 80.33
CA LYS J 1096 114.64 19.35 81.01
C LYS J 1096 113.60 18.75 80.05
N ILE J 1097 113.88 18.68 78.74
CA ILE J 1097 112.95 18.07 77.76
C ILE J 1097 112.99 16.57 78.00
N PRO J 1098 111.87 15.92 78.36
CA PRO J 1098 111.83 14.46 78.49
C PRO J 1098 112.21 13.76 77.18
N ALA J 1099 112.90 12.62 77.28
CA ALA J 1099 113.30 11.76 76.15
C ALA J 1099 112.39 10.54 76.12
N VAL J 1100 112.07 10.08 74.92
CA VAL J 1100 111.43 8.75 74.64
C VAL J 1100 112.24 8.11 73.53
N GLU J 1101 112.14 6.80 73.32
CA GLU J 1101 112.97 6.14 72.27
C GLU J 1101 112.48 6.65 70.91
N TYR J 1102 111.17 6.57 70.69
CA TYR J 1102 110.53 7.10 69.46
C TYR J 1102 109.31 7.90 69.87
N PHE J 1103 109.02 8.88 69.04
CA PHE J 1103 107.88 9.80 69.25
C PHE J 1103 106.82 9.48 68.21
N GLY J 1104 105.60 9.17 68.63
CA GLY J 1104 104.51 8.87 67.70
C GLY J 1104 103.77 7.61 68.09
N GLY J 1105 102.64 7.39 67.42
CA GLY J 1105 101.84 6.16 67.49
C GLY J 1105 100.89 6.16 68.66
N GLU J 1106 100.77 7.28 69.38
CA GLU J 1106 99.88 7.42 70.56
C GLU J 1106 98.51 7.91 70.07
N SER J 1107 97.50 7.05 70.11
CA SER J 1107 96.08 7.42 69.83
C SER J 1107 95.66 8.53 70.79
N PRO J 1108 94.92 9.56 70.31
CA PRO J 1108 94.48 10.64 71.19
C PRO J 1108 93.47 10.25 72.30
N VAL J 1109 92.90 9.04 72.25
CA VAL J 1109 92.03 8.46 73.32
C VAL J 1109 92.91 7.66 74.31
N GLU J 1122 107.44 -4.69 86.09
CA GLU J 1122 107.85 -6.05 86.56
C GLU J 1122 108.81 -6.69 85.54
N ASP J 1123 109.83 -7.40 86.03
CA ASP J 1123 110.93 -8.00 85.21
C ASP J 1123 110.46 -9.33 84.60
N SER J 1124 110.06 -10.27 85.46
CA SER J 1124 109.50 -11.59 85.09
C SER J 1124 107.99 -11.57 85.31
N ALA J 1125 107.21 -11.70 84.23
CA ALA J 1125 105.73 -11.72 84.25
C ALA J 1125 105.21 -12.87 83.38
N VAL J 1126 103.97 -13.27 83.60
CA VAL J 1126 103.22 -14.35 82.91
C VAL J 1126 101.78 -13.89 82.74
N PHE J 1127 101.28 -13.96 81.52
CA PHE J 1127 99.90 -13.55 81.13
C PHE J 1127 99.21 -14.76 80.52
N LYS J 1128 97.96 -14.98 80.89
CA LYS J 1128 97.14 -16.12 80.44
C LYS J 1128 95.91 -15.53 79.76
N ALA J 1129 95.77 -15.81 78.48
CA ALA J 1129 94.60 -15.40 77.68
C ALA J 1129 93.46 -16.35 78.03
N THR J 1130 92.24 -15.80 78.05
CA THR J 1130 90.96 -16.53 78.19
C THR J 1130 90.05 -16.09 77.03
N SER J 1131 88.85 -16.65 76.93
CA SER J 1131 87.82 -16.27 75.92
C SER J 1131 87.39 -14.81 76.12
N SER J 1132 87.37 -14.33 77.37
CA SER J 1132 86.86 -13.00 77.77
C SER J 1132 87.99 -11.95 77.85
N THR J 1133 89.26 -12.34 77.67
CA THR J 1133 90.44 -11.42 77.72
C THR J 1133 90.19 -10.25 76.76
N ASP J 1134 90.36 -9.02 77.25
CA ASP J 1134 90.22 -7.77 76.46
C ASP J 1134 91.50 -7.58 75.64
N GLU J 1135 91.34 -7.32 74.35
CA GLU J 1135 92.44 -7.26 73.34
C GLU J 1135 93.35 -6.06 73.62
N GLU J 1136 92.77 -4.88 73.87
CA GLU J 1136 93.52 -3.61 74.13
C GLU J 1136 94.33 -3.74 75.43
N SER J 1137 93.73 -4.29 76.49
CA SER J 1137 94.37 -4.49 77.82
C SER J 1137 95.49 -5.53 77.68
N TRP J 1138 95.24 -6.59 76.91
CA TRP J 1138 96.22 -7.67 76.63
C TRP J 1138 97.47 -7.07 75.98
N PHE J 1139 97.32 -6.26 74.94
CA PHE J 1139 98.45 -5.71 74.17
C PHE J 1139 99.18 -4.64 74.99
N LYS J 1140 98.45 -3.82 75.77
CA LYS J 1140 99.07 -2.86 76.71
C LYS J 1140 99.99 -3.62 77.66
N ALA J 1141 99.48 -4.70 78.26
CA ALA J 1141 100.24 -5.56 79.20
C ALA J 1141 101.49 -6.12 78.53
N LEU J 1142 101.36 -6.68 77.31
CA LEU J 1142 102.54 -7.25 76.59
C LEU J 1142 103.49 -6.13 76.19
N ALA J 1143 102.97 -4.99 75.74
CA ALA J 1143 103.74 -3.80 75.34
C ALA J 1143 104.67 -3.34 76.47
N GLY J 1144 104.16 -3.33 77.71
CA GLY J 1144 104.82 -2.67 78.84
C GLY J 1144 104.55 -1.17 78.85
N SER J 1145 105.19 -0.46 79.79
CA SER J 1145 105.00 1.00 80.04
C SER J 1145 106.01 1.79 79.22
N GLU J 1146 107.27 1.32 79.20
CA GLU J 1146 108.40 2.04 78.56
C GLU J 1146 108.23 2.03 77.04
N ILE J 1147 108.62 3.12 76.38
CA ILE J 1147 108.59 3.26 74.90
C ILE J 1147 109.89 2.61 74.39
N ASN J 1148 109.80 1.48 73.72
CA ASN J 1148 110.97 0.70 73.23
C ASN J 1148 110.48 -0.21 72.12
N TRP J 1149 111.34 -1.09 71.61
CA TRP J 1149 111.00 -2.07 70.54
C TRP J 1149 109.75 -2.86 70.91
N ARG J 1150 109.56 -3.18 72.18
CA ARG J 1150 108.48 -4.09 72.62
C ARG J 1150 107.15 -3.36 72.65
N HIS J 1151 107.18 -2.09 73.00
CA HIS J 1151 106.01 -1.19 72.96
C HIS J 1151 105.53 -1.07 71.50
N ALA J 1152 106.45 -0.76 70.59
CA ALA J 1152 106.19 -0.68 69.13
C ALA J 1152 105.65 -2.03 68.66
N SER J 1153 106.28 -3.14 69.04
CA SER J 1153 105.91 -4.49 68.56
C SER J 1153 104.44 -4.76 68.85
N PHE J 1154 103.93 -4.35 70.01
CA PHE J 1154 102.60 -4.76 70.49
C PHE J 1154 101.57 -3.68 70.26
N LEU J 1155 101.95 -2.44 69.94
CA LEU J 1155 100.97 -1.32 69.86
C LEU J 1155 100.92 -0.64 68.49
N CYS J 1156 101.99 -0.67 67.69
CA CYS J 1156 101.91 -0.23 66.27
C CYS J 1156 100.83 -1.05 65.58
N SER J 1157 99.84 -0.40 64.98
CA SER J 1157 98.77 -1.06 64.20
C SER J 1157 99.37 -1.57 62.89
N PHE J 1158 100.38 -0.88 62.38
CA PHE J 1158 101.01 -1.15 61.07
C PHE J 1158 102.49 -1.40 61.25
N ILE J 1159 103.03 -2.20 60.35
CA ILE J 1159 104.49 -2.21 60.05
C ILE J 1159 104.67 -1.91 58.57
N THR J 1160 105.92 -1.68 58.19
CA THR J 1160 106.38 -1.34 56.83
C THR J 1160 106.93 -2.62 56.18
N GLN J 1161 106.58 -2.85 54.90
CA GLN J 1161 107.17 -3.85 53.98
C GLN J 1161 107.61 -3.07 52.73
N ASP J 1162 108.89 -2.71 52.66
CA ASP J 1162 109.44 -1.72 51.69
C ASP J 1162 108.71 -0.39 51.94
N LYS J 1163 107.79 0.04 51.08
CA LYS J 1163 107.09 1.35 51.26
C LYS J 1163 105.65 1.10 51.64
N MET J 1164 105.22 -0.15 51.65
CA MET J 1164 103.83 -0.49 51.99
C MET J 1164 103.70 -0.53 53.53
N PHE J 1165 102.48 -0.35 53.99
CA PHE J 1165 102.06 -0.32 55.41
C PHE J 1165 101.03 -1.42 55.56
N VAL J 1166 101.42 -2.53 56.18
CA VAL J 1166 100.55 -3.72 56.38
C VAL J 1166 100.25 -3.83 57.87
N SER J 1167 99.26 -4.64 58.20
CA SER J 1167 98.84 -4.92 59.59
C SER J 1167 100.03 -5.51 60.35
N ASN J 1168 100.24 -5.06 61.58
CA ASN J 1168 101.30 -5.57 62.48
C ASN J 1168 101.12 -7.08 62.66
N PRO J 1169 102.04 -7.91 62.16
CA PRO J 1169 101.91 -9.37 62.29
C PRO J 1169 102.12 -9.87 63.73
N ILE J 1170 102.91 -9.15 64.51
CA ILE J 1170 103.15 -9.46 65.95
C ILE J 1170 101.82 -9.39 66.70
N ARG J 1171 101.00 -8.38 66.44
CA ARG J 1171 99.66 -8.29 67.07
C ARG J 1171 98.78 -9.45 66.61
N LYS J 1172 98.82 -9.84 65.33
CA LYS J 1172 98.01 -10.95 64.79
C LYS J 1172 98.37 -12.25 65.52
N VAL J 1173 99.66 -12.51 65.67
CA VAL J 1173 100.22 -13.77 66.25
C VAL J 1173 99.89 -13.86 67.75
N PHE J 1174 99.97 -12.73 68.46
CA PHE J 1174 99.70 -12.64 69.92
C PHE J 1174 98.27 -12.19 70.20
N LYS J 1175 97.38 -12.16 69.20
CA LYS J 1175 95.92 -11.98 69.42
C LYS J 1175 95.48 -13.04 70.44
N PRO J 1176 94.87 -12.63 71.58
CA PRO J 1176 94.62 -13.56 72.69
C PRO J 1176 93.45 -14.50 72.44
N SER J 1177 93.63 -15.76 72.84
CA SER J 1177 92.64 -16.86 72.78
C SER J 1177 92.99 -17.87 73.88
N GLN J 1178 91.98 -18.61 74.36
CA GLN J 1178 92.11 -19.59 75.46
C GLN J 1178 93.28 -20.54 75.19
N GLY J 1179 94.21 -20.64 76.14
CA GLY J 1179 95.33 -21.61 76.12
C GLY J 1179 96.66 -20.92 75.92
N MET J 1180 96.65 -19.68 75.43
CA MET J 1180 97.87 -18.89 75.18
C MET J 1180 98.43 -18.40 76.52
N VAL J 1181 99.73 -18.61 76.70
CA VAL J 1181 100.49 -18.20 77.89
C VAL J 1181 101.71 -17.41 77.40
N VAL J 1182 101.78 -16.13 77.75
CA VAL J 1182 102.93 -15.25 77.40
C VAL J 1182 103.77 -15.00 78.65
N GLU J 1183 105.01 -15.47 78.62
CA GLU J 1183 106.03 -15.21 79.64
C GLU J 1183 106.93 -14.09 79.14
N ILE J 1184 106.97 -12.95 79.85
CA ILE J 1184 107.96 -11.88 79.61
C ILE J 1184 109.10 -12.04 80.61
N SER J 1185 110.33 -12.10 80.12
CA SER J 1185 111.57 -12.25 80.92
C SER J 1185 112.46 -11.05 80.62
N ASN J 1186 113.09 -10.50 81.66
CA ASN J 1186 113.92 -9.27 81.63
C ASN J 1186 113.09 -8.09 81.10
N GLY J 1187 111.81 -8.02 81.48
CA GLY J 1187 110.87 -6.97 81.04
C GLY J 1187 111.38 -5.54 81.25
N ASN J 1188 112.29 -5.32 82.21
CA ASN J 1188 112.77 -3.97 82.61
C ASN J 1188 113.99 -3.55 81.78
N THR J 1189 114.77 -4.50 81.26
CA THR J 1189 115.93 -4.23 80.36
C THR J 1189 115.53 -4.59 78.93
N SER J 1190 115.26 -3.58 78.09
CA SER J 1190 114.71 -3.74 76.72
C SER J 1190 115.65 -4.60 75.88
N SER J 1191 116.96 -4.35 75.93
CA SER J 1191 118.00 -5.07 75.12
C SER J 1191 117.94 -6.60 75.34
N LYS J 1192 117.42 -7.06 76.49
CA LYS J 1192 117.45 -8.48 76.93
C LYS J 1192 116.04 -9.05 77.03
N THR J 1193 115.01 -8.22 76.92
CA THR J 1193 113.62 -8.68 77.11
C THR J 1193 113.37 -9.81 76.11
N VAL J 1194 112.70 -10.86 76.57
CA VAL J 1194 112.25 -11.98 75.70
C VAL J 1194 110.78 -12.21 75.99
N VAL J 1195 109.95 -12.15 74.96
CA VAL J 1195 108.50 -12.47 75.07
C VAL J 1195 108.32 -13.84 74.43
N THR J 1196 107.82 -14.80 75.20
CA THR J 1196 107.70 -16.21 74.80
C THR J 1196 106.24 -16.58 74.91
N LEU J 1197 105.62 -16.87 73.77
CA LEU J 1197 104.24 -17.39 73.68
C LEU J 1197 104.34 -18.90 73.73
N SER J 1198 103.54 -19.50 74.58
CA SER J 1198 103.42 -20.97 74.73
C SER J 1198 101.93 -21.28 74.57
N GLU J 1199 101.64 -22.36 73.85
CA GLU J 1199 100.25 -22.79 73.56
C GLU J 1199 100.23 -24.30 73.77
N PRO J 1200 99.03 -24.88 73.95
CA PRO J 1200 98.88 -26.34 73.92
C PRO J 1200 99.22 -26.93 72.54
N VAL J 1201 100.12 -27.90 72.51
CA VAL J 1201 100.52 -28.69 71.31
C VAL J 1201 100.46 -30.17 71.68
N GLN J 1202 99.43 -30.89 71.20
CA GLN J 1202 99.19 -32.34 71.46
C GLN J 1202 99.07 -32.54 72.98
N GLY J 1203 98.16 -31.79 73.61
CA GLY J 1203 97.92 -31.81 75.06
C GLY J 1203 98.80 -30.82 75.80
N GLU J 1204 100.12 -31.05 75.80
CA GLU J 1204 101.09 -30.30 76.66
C GLU J 1204 101.38 -28.92 76.09
N LEU J 1205 101.92 -28.02 76.92
CA LEU J 1205 102.16 -26.58 76.62
C LEU J 1205 103.61 -26.40 76.15
N LYS J 1206 103.81 -25.89 74.94
CA LYS J 1206 105.14 -25.74 74.29
C LYS J 1206 105.30 -24.31 73.78
N PRO J 1207 106.55 -23.81 73.67
CA PRO J 1207 106.81 -22.49 73.07
C PRO J 1207 106.44 -22.47 71.57
N THR J 1208 105.57 -21.55 71.17
CA THR J 1208 105.15 -21.37 69.75
C THR J 1208 105.86 -20.15 69.14
N VAL J 1209 105.98 -19.05 69.88
CA VAL J 1209 106.63 -17.81 69.37
C VAL J 1209 107.64 -17.31 70.39
N ILE J 1210 108.80 -16.87 69.94
CA ILE J 1210 109.79 -16.15 70.79
C ILE J 1210 110.15 -14.84 70.11
N LEU J 1211 109.78 -13.75 70.79
CA LEU J 1211 110.01 -12.36 70.34
C LEU J 1211 111.14 -11.78 71.17
N LYS J 1212 112.25 -11.41 70.55
CA LYS J 1212 113.34 -10.67 71.23
C LYS J 1212 114.06 -9.75 70.25
N LEU J 1213 115.03 -8.98 70.76
CA LEU J 1213 115.98 -8.15 69.99
C LEU J 1213 117.19 -9.02 69.70
N LEU J 1214 117.47 -9.24 68.42
CA LEU J 1214 118.63 -10.05 67.99
C LEU J 1214 119.87 -9.18 68.18
N LYS J 1215 119.85 -8.01 67.54
CA LYS J 1215 120.89 -6.95 67.58
C LYS J 1215 120.17 -5.69 68.11
N GLU J 1216 120.86 -4.55 68.21
CA GLU J 1216 120.30 -3.26 68.70
C GLU J 1216 118.97 -2.91 67.99
N ASN J 1217 118.87 -3.14 66.67
CA ASN J 1217 117.78 -2.60 65.82
C ASN J 1217 116.98 -3.72 65.14
N ILE J 1218 117.24 -4.99 65.47
CA ILE J 1218 116.63 -6.13 64.75
C ILE J 1218 115.76 -6.91 65.71
N ILE J 1219 114.46 -6.84 65.50
CA ILE J 1219 113.46 -7.64 66.24
C ILE J 1219 113.33 -8.99 65.54
N GLN J 1220 113.48 -10.07 66.28
CA GLN J 1220 113.26 -11.43 65.75
C GLN J 1220 112.00 -12.00 66.36
N MET J 1221 111.01 -12.32 65.53
CA MET J 1221 109.84 -13.11 65.93
C MET J 1221 110.05 -14.52 65.39
N GLU J 1222 110.50 -15.42 66.27
CA GLU J 1222 110.77 -16.83 65.94
C GLU J 1222 109.45 -17.58 66.02
N MET J 1223 108.92 -18.00 64.88
CA MET J 1223 107.67 -18.81 64.81
C MET J 1223 108.13 -20.26 64.85
N ILE J 1224 107.60 -21.03 65.79
CA ILE J 1224 108.10 -22.41 66.05
C ILE J 1224 106.99 -23.38 65.63
N GLU J 1225 107.36 -24.38 64.83
CA GLU J 1225 106.47 -25.53 64.56
C GLU J 1225 107.00 -26.70 65.39
N ASN J 1226 106.12 -27.33 66.16
CA ASN J 1226 106.44 -28.45 67.08
C ASN J 1226 106.10 -29.78 66.41
N ARG J 1227 105.11 -29.81 65.52
CA ARG J 1227 104.68 -31.02 64.77
C ARG J 1227 105.58 -31.15 63.53
N THR J 1228 106.65 -31.91 63.64
CA THR J 1228 107.71 -32.02 62.61
C THR J 1228 107.91 -33.48 62.19
N MET J 1229 108.85 -33.73 61.28
CA MET J 1229 109.17 -35.08 60.75
C MET J 1229 109.86 -35.91 61.83
N ASP J 1230 110.88 -35.34 62.49
CA ASP J 1230 111.78 -36.05 63.45
C ASP J 1230 111.41 -35.74 64.91
N GLY J 1231 110.43 -34.86 65.17
CA GLY J 1231 110.00 -34.49 66.53
C GLY J 1231 110.73 -33.26 67.08
N LYS J 1232 111.92 -32.93 66.55
CA LYS J 1232 112.67 -31.68 66.89
C LYS J 1232 111.87 -30.47 66.39
N PRO J 1233 111.67 -29.40 67.19
CA PRO J 1233 110.96 -28.22 66.70
C PRO J 1233 111.72 -27.54 65.54
N VAL J 1234 110.97 -26.93 64.63
CA VAL J 1234 111.50 -26.17 63.47
C VAL J 1234 111.08 -24.72 63.70
N SER J 1235 112.01 -23.78 63.52
CA SER J 1235 111.84 -22.33 63.79
C SER J 1235 112.00 -21.52 62.51
N LEU J 1236 111.02 -20.66 62.23
CA LEU J 1236 111.05 -19.61 61.17
C LEU J 1236 111.40 -18.27 61.81
N PRO J 1237 112.63 -17.75 61.63
CA PRO J 1237 112.97 -16.42 62.12
C PRO J 1237 112.47 -15.30 61.18
N LEU J 1238 111.34 -14.71 61.52
CA LEU J 1238 110.85 -13.44 60.93
C LEU J 1238 111.62 -12.29 61.56
N LEU J 1239 112.25 -11.45 60.75
CA LEU J 1239 113.11 -10.33 61.19
C LEU J 1239 112.45 -9.00 60.85
N TYR J 1240 112.58 -8.03 61.77
CA TYR J 1240 112.01 -6.68 61.62
C TYR J 1240 113.06 -5.67 62.05
N ASN J 1241 113.27 -4.63 61.26
CA ASN J 1241 114.08 -3.46 61.66
C ASN J 1241 113.24 -2.66 62.65
N PHE J 1242 113.91 -2.15 63.67
CA PHE J 1242 113.36 -1.18 64.63
C PHE J 1242 114.13 0.11 64.39
N ASN J 1243 113.41 1.13 63.92
CA ASN J 1243 113.98 2.46 63.59
C ASN J 1243 113.18 3.48 64.39
N PRO J 1244 113.68 3.90 65.57
CA PRO J 1244 112.93 4.80 66.44
C PRO J 1244 112.88 6.25 65.93
N ASP J 1245 113.64 6.59 64.88
CA ASP J 1245 113.50 7.89 64.16
C ASP J 1245 112.17 7.98 63.41
N ASN J 1246 111.53 6.86 63.08
CA ASN J 1246 110.22 6.87 62.41
C ASN J 1246 109.18 6.45 63.43
N GLY J 1247 108.73 7.41 64.25
CA GLY J 1247 107.84 7.14 65.38
C GLY J 1247 106.49 6.61 64.97
N PHE J 1248 106.02 6.98 63.79
CA PHE J 1248 104.68 6.57 63.35
C PHE J 1248 104.70 5.09 62.97
N ALA J 1249 105.78 4.62 62.35
CA ALA J 1249 105.91 3.19 61.95
C ALA J 1249 107.37 2.78 62.13
N PRO J 1250 107.81 2.59 63.37
CA PRO J 1250 109.21 2.30 63.65
C PRO J 1250 109.64 0.89 63.22
N ILE J 1251 108.69 -0.03 63.00
CA ILE J 1251 109.01 -1.44 62.65
C ILE J 1251 108.78 -1.65 61.15
N SER J 1252 109.81 -2.14 60.48
CA SER J 1252 109.80 -2.53 59.05
C SER J 1252 110.29 -3.96 58.93
N GLU J 1253 109.61 -4.78 58.14
CA GLU J 1253 110.01 -6.19 57.90
C GLU J 1253 111.29 -6.20 57.07
N VAL J 1254 112.21 -7.11 57.40
CA VAL J 1254 113.43 -7.40 56.59
C VAL J 1254 112.99 -8.34 55.49
N MET J 1255 112.84 -7.81 54.27
CA MET J 1255 112.23 -8.53 53.12
C MET J 1255 113.31 -9.31 52.38
N GLU J 1256 114.58 -8.95 52.57
CA GLU J 1256 115.74 -9.64 51.95
C GLU J 1256 115.81 -11.06 52.53
N ASP J 1257 115.78 -12.06 51.66
CA ASP J 1257 115.95 -13.49 52.02
C ASP J 1257 114.71 -14.01 52.75
N ARG J 1258 113.61 -13.26 52.80
CA ARG J 1258 112.41 -13.65 53.58
C ARG J 1258 111.78 -14.90 52.95
N ASN J 1259 111.70 -14.99 51.62
CA ASN J 1259 111.11 -16.18 50.93
C ASN J 1259 112.02 -17.38 51.13
N GLN J 1260 113.34 -17.16 51.18
CA GLN J 1260 114.35 -18.21 51.44
C GLN J 1260 114.17 -18.75 52.87
N ARG J 1261 113.92 -17.87 53.84
CA ARG J 1261 113.80 -18.28 55.26
C ARG J 1261 112.56 -19.15 55.40
N ILE J 1262 111.46 -18.72 54.78
CA ILE J 1262 110.19 -19.49 54.79
C ILE J 1262 110.42 -20.83 54.11
N LYS J 1263 111.09 -20.85 52.96
CA LYS J 1263 111.33 -22.10 52.21
C LYS J 1263 112.16 -23.06 53.06
N GLU J 1264 113.16 -22.56 53.76
CA GLU J 1264 114.03 -23.37 54.63
C GLU J 1264 113.19 -24.07 55.70
N MET J 1265 112.19 -23.40 56.26
CA MET J 1265 111.30 -24.02 57.27
C MET J 1265 110.52 -25.12 56.57
N TYR J 1266 109.85 -24.77 55.47
CA TYR J 1266 108.95 -25.72 54.78
C TYR J 1266 109.79 -26.89 54.27
N TRP J 1267 111.03 -26.64 53.89
CA TRP J 1267 111.91 -27.75 53.44
C TRP J 1267 112.07 -28.78 54.55
N LYS J 1268 112.39 -28.33 55.78
CA LYS J 1268 112.59 -29.20 56.96
C LYS J 1268 111.29 -29.97 57.24
N LEU J 1269 110.13 -29.36 57.01
CA LEU J 1269 108.84 -29.98 57.35
C LEU J 1269 108.43 -30.98 56.27
N TRP J 1270 108.81 -30.75 55.02
CA TRP J 1270 108.25 -31.52 53.88
C TRP J 1270 109.26 -32.47 53.27
N ILE J 1271 110.51 -32.05 53.13
CA ILE J 1271 111.53 -32.79 52.34
C ILE J 1271 112.55 -33.40 53.32
N ASP J 1272 112.97 -34.64 53.09
CA ASP J 1272 113.95 -35.38 53.92
C ASP J 1272 115.29 -35.41 53.17
N GLU J 1273 115.74 -34.25 52.71
CA GLU J 1273 116.98 -34.07 51.89
C GLU J 1273 117.75 -32.86 52.40
N PRO J 1274 119.02 -32.67 52.00
CA PRO J 1274 119.73 -31.41 52.26
C PRO J 1274 119.06 -30.21 51.57
N PHE J 1275 118.91 -29.10 52.30
CA PHE J 1275 118.28 -27.84 51.82
C PHE J 1275 119.14 -27.24 50.70
N ASN J 1276 118.63 -27.29 49.47
CA ASN J 1276 119.28 -26.70 48.27
C ASN J 1276 118.18 -26.28 47.29
N LEU J 1277 117.99 -24.97 47.14
CA LEU J 1277 116.99 -24.33 46.25
C LEU J 1277 117.59 -24.08 44.85
N ASP J 1278 118.88 -24.34 44.67
CA ASP J 1278 119.60 -24.19 43.38
C ASP J 1278 119.47 -25.50 42.58
N PHE J 1279 118.30 -25.73 42.00
CA PHE J 1279 118.03 -26.76 40.98
C PHE J 1279 117.11 -26.14 39.91
N ASP J 1280 117.09 -26.74 38.71
CA ASP J 1280 116.39 -26.16 37.54
C ASP J 1280 114.93 -26.62 37.59
N PRO J 1281 113.94 -25.69 37.55
CA PRO J 1281 112.54 -26.07 37.43
C PRO J 1281 112.14 -26.84 36.17
N ARG J 1282 113.01 -26.91 35.17
CA ARG J 1282 112.83 -27.71 33.93
C ARG J 1282 113.20 -29.17 34.19
N ASP J 1283 114.11 -29.43 35.13
CA ASP J 1283 114.64 -30.79 35.40
C ASP J 1283 113.55 -31.66 36.06
N VAL J 1284 113.67 -32.97 35.86
CA VAL J 1284 112.79 -33.99 36.49
C VAL J 1284 113.16 -34.06 37.98
N ILE J 1285 112.16 -34.16 38.85
CA ILE J 1285 112.39 -34.38 40.31
C ILE J 1285 112.17 -35.87 40.57
N LYS J 1286 113.19 -36.55 41.08
CA LYS J 1286 113.16 -38.01 41.38
C LYS J 1286 112.82 -38.18 42.86
N GLY J 1287 111.60 -38.61 43.17
CA GLY J 1287 111.22 -39.03 44.54
C GLY J 1287 111.79 -40.40 44.87
N LYS J 1288 112.00 -40.68 46.16
CA LYS J 1288 112.56 -41.97 46.64
C LYS J 1288 111.47 -43.04 46.57
N ASP J 1289 111.88 -44.31 46.40
CA ASP J 1289 110.98 -45.48 46.32
C ASP J 1289 110.17 -45.56 47.61
N PHE J 1290 108.88 -45.87 47.48
CA PHE J 1290 107.90 -45.98 48.57
C PHE J 1290 107.32 -47.38 48.57
N GLU J 1291 107.40 -48.08 49.71
CA GLU J 1291 106.76 -49.41 49.90
C GLU J 1291 105.41 -49.17 50.58
N ILE J 1292 104.33 -49.62 49.94
CA ILE J 1292 102.95 -49.51 50.47
C ILE J 1292 102.76 -50.64 51.48
N THR J 1293 102.67 -50.28 52.77
CA THR J 1293 102.45 -51.22 53.90
C THR J 1293 100.97 -51.18 54.27
N ALA J 1294 100.45 -52.29 54.81
CA ALA J 1294 99.08 -52.38 55.37
C ALA J 1294 98.87 -51.25 56.38
N LYS J 1295 99.87 -50.98 57.22
CA LYS J 1295 99.76 -49.98 58.31
C LYS J 1295 99.49 -48.59 57.74
N GLU J 1296 100.22 -48.19 56.70
CA GLU J 1296 100.03 -46.86 56.04
C GLU J 1296 98.62 -46.80 55.44
N VAL J 1297 98.15 -47.89 54.83
CA VAL J 1297 96.82 -47.87 54.18
C VAL J 1297 95.73 -47.71 55.24
N TYR J 1298 95.82 -48.52 56.29
CA TYR J 1298 94.95 -48.44 57.49
C TYR J 1298 94.88 -46.99 57.99
N ASP J 1299 96.04 -46.42 58.29
CA ASP J 1299 96.14 -45.06 58.89
C ASP J 1299 95.55 -44.04 57.92
N PHE J 1300 95.88 -44.16 56.63
CA PHE J 1300 95.44 -43.21 55.59
C PHE J 1300 93.91 -43.28 55.49
N THR J 1301 93.37 -44.47 55.32
CA THR J 1301 91.91 -44.67 55.09
C THR J 1301 91.13 -44.18 56.30
N HIS J 1302 91.65 -44.38 57.51
CA HIS J 1302 90.99 -43.88 58.76
C HIS J 1302 91.06 -42.36 58.78
N ALA J 1303 92.22 -41.77 58.49
CA ALA J 1303 92.43 -40.32 58.45
C ALA J 1303 91.43 -39.65 57.50
N VAL J 1304 91.09 -40.28 56.37
CA VAL J 1304 90.22 -39.62 55.34
C VAL J 1304 88.80 -40.16 55.40
N GLY J 1305 88.52 -41.15 56.25
CA GLY J 1305 87.16 -41.68 56.39
C GLY J 1305 86.74 -42.49 55.18
N ASN J 1306 87.64 -43.31 54.63
CA ASN J 1306 87.39 -44.21 53.48
C ASN J 1306 87.20 -45.62 54.03
N ASN J 1307 85.96 -46.09 54.10
CA ASN J 1307 85.55 -47.38 54.71
C ASN J 1307 85.35 -48.46 53.64
N CYS J 1308 85.81 -48.25 52.41
CA CYS J 1308 85.72 -49.21 51.28
C CYS J 1308 86.49 -50.47 51.64
N GLU J 1309 85.87 -51.64 51.44
CA GLU J 1309 86.38 -52.97 51.84
C GLU J 1309 87.68 -53.31 51.10
N ASP J 1310 87.92 -52.78 49.89
CA ASP J 1310 89.15 -53.10 49.11
C ASP J 1310 90.40 -52.69 49.86
N PHE J 1311 90.31 -51.71 50.77
CA PHE J 1311 91.48 -51.16 51.49
C PHE J 1311 91.63 -51.78 52.88
N VAL J 1312 90.77 -52.73 53.22
CA VAL J 1312 90.70 -53.36 54.57
C VAL J 1312 91.25 -54.78 54.44
N SER J 1313 92.16 -55.15 55.33
CA SER J 1313 92.68 -56.53 55.41
C SER J 1313 91.49 -57.48 55.59
N ARG J 1314 91.37 -58.45 54.70
CA ARG J 1314 90.36 -59.53 54.73
C ARG J 1314 91.10 -60.83 54.42
N PRO J 1315 90.65 -61.98 54.97
CA PRO J 1315 91.33 -63.26 54.73
C PRO J 1315 91.29 -63.67 53.26
N ASP J 1316 92.38 -64.25 52.75
CA ASP J 1316 92.49 -64.90 51.41
C ASP J 1316 92.20 -63.85 50.32
N ARG J 1317 92.79 -62.65 50.47
CA ARG J 1317 92.46 -61.46 49.64
C ARG J 1317 93.57 -60.40 49.83
N THR J 1318 93.97 -59.75 48.73
CA THR J 1318 95.08 -58.76 48.71
C THR J 1318 94.49 -57.37 48.96
N MET J 1319 95.12 -56.62 49.87
CA MET J 1319 94.66 -55.28 50.30
C MET J 1319 95.15 -54.24 49.25
N LEU J 1320 94.23 -53.43 48.74
CA LEU J 1320 94.56 -52.34 47.78
C LEU J 1320 94.87 -51.07 48.56
N ALA J 1321 95.52 -50.13 47.88
CA ALA J 1321 95.64 -48.74 48.37
C ALA J 1321 94.66 -47.89 47.57
N PRO J 1322 94.02 -46.89 48.18
CA PRO J 1322 93.19 -45.94 47.43
C PRO J 1322 94.06 -45.08 46.50
N MET J 1323 93.52 -44.59 45.39
CA MET J 1323 94.32 -43.76 44.43
C MET J 1323 94.79 -42.47 45.12
N ASP J 1324 94.04 -41.94 46.08
CA ASP J 1324 94.43 -40.80 46.97
C ASP J 1324 95.79 -41.05 47.60
N PHE J 1325 96.11 -42.30 47.88
CA PHE J 1325 97.40 -42.72 48.46
C PHE J 1325 98.55 -42.28 47.56
N ALA J 1326 98.30 -41.98 46.28
CA ALA J 1326 99.30 -41.46 45.31
C ALA J 1326 99.92 -40.15 45.81
N ILE J 1327 99.13 -39.31 46.47
CA ILE J 1327 99.65 -38.00 46.98
C ILE J 1327 100.62 -38.26 48.12
N VAL J 1328 100.44 -39.36 48.86
CA VAL J 1328 101.31 -39.72 50.01
C VAL J 1328 102.66 -40.13 49.44
N VAL J 1329 102.62 -40.97 48.41
CA VAL J 1329 103.83 -41.52 47.73
C VAL J 1329 104.56 -40.38 47.04
N GLY J 1330 103.80 -39.46 46.42
CA GLY J 1330 104.35 -38.47 45.48
C GLY J 1330 104.52 -37.08 46.05
N TRP J 1331 103.99 -36.80 47.24
CA TRP J 1331 103.99 -35.45 47.85
C TRP J 1331 105.37 -34.83 47.78
N ARG J 1332 106.40 -35.56 48.21
CA ARG J 1332 107.77 -34.99 48.37
C ARG J 1332 108.32 -34.57 47.01
N ALA J 1333 108.15 -35.42 45.98
CA ALA J 1333 108.57 -35.13 44.60
C ALA J 1333 107.78 -33.92 44.08
N ILE J 1334 106.46 -34.00 44.17
CA ILE J 1334 105.53 -32.97 43.65
C ILE J 1334 105.81 -31.63 44.33
N ILE J 1335 105.86 -31.59 45.66
CA ILE J 1335 105.93 -30.30 46.38
C ILE J 1335 107.32 -29.69 46.17
N LYS J 1336 108.34 -30.50 45.93
CA LYS J 1336 109.71 -30.01 45.69
C LYS J 1336 109.76 -29.09 44.47
N ALA J 1337 108.77 -29.17 43.59
CA ALA J 1337 108.68 -28.38 42.34
C ALA J 1337 108.45 -26.91 42.63
N ILE J 1338 107.73 -26.55 43.69
CA ILE J 1338 107.47 -25.12 44.02
C ILE J 1338 108.64 -24.48 44.77
N PHE J 1339 109.77 -25.16 44.96
CA PHE J 1339 110.91 -24.65 45.79
C PHE J 1339 112.07 -23.99 45.06
N PRO J 1340 112.39 -24.30 43.79
CA PRO J 1340 113.61 -23.77 43.20
C PRO J 1340 113.68 -22.24 43.35
N ASN J 1341 114.91 -21.73 43.43
CA ASN J 1341 115.21 -20.28 43.52
C ASN J 1341 114.44 -19.49 42.46
N THR J 1342 114.41 -19.99 41.22
CA THR J 1342 113.77 -19.30 40.05
C THR J 1342 112.24 -19.32 40.16
N VAL J 1343 111.68 -20.20 40.96
CA VAL J 1343 110.22 -20.18 41.32
C VAL J 1343 110.11 -19.49 42.69
N ASP J 1344 110.42 -18.21 42.72
CA ASP J 1344 110.51 -17.40 43.97
C ASP J 1344 109.11 -16.96 44.36
N GLY J 1345 108.61 -17.48 45.47
CA GLY J 1345 107.31 -17.10 46.05
C GLY J 1345 107.32 -17.32 47.55
N ASP J 1346 106.32 -16.78 48.22
CA ASP J 1346 106.13 -16.86 49.69
C ASP J 1346 105.25 -18.08 49.97
N LEU J 1347 105.81 -19.13 50.56
CA LEU J 1347 105.05 -20.39 50.82
C LEU J 1347 103.93 -20.17 51.83
N LEU J 1348 103.98 -19.15 52.68
CA LEU J 1348 102.85 -18.84 53.60
C LEU J 1348 101.63 -18.36 52.80
N LYS J 1349 101.82 -17.86 51.58
CA LYS J 1349 100.74 -17.41 50.67
C LYS J 1349 100.48 -18.45 49.58
N LEU J 1350 101.02 -19.66 49.71
CA LEU J 1350 100.83 -20.74 48.72
C LEU J 1350 99.38 -21.22 48.82
N VAL J 1351 98.68 -21.23 47.69
CA VAL J 1351 97.33 -21.85 47.55
C VAL J 1351 97.50 -23.08 46.66
N HIS J 1352 96.96 -24.21 47.10
CA HIS J 1352 96.76 -25.45 46.28
C HIS J 1352 95.46 -25.28 45.48
N LEU J 1353 95.54 -25.10 44.17
CA LEU J 1353 94.34 -24.76 43.34
C LEU J 1353 93.56 -26.02 43.00
N SER J 1354 94.27 -27.10 42.74
CA SER J 1354 93.66 -28.28 42.09
C SER J 1354 94.60 -29.47 42.23
N ASN J 1355 93.98 -30.61 42.32
CA ASN J 1355 94.70 -31.90 42.31
C ASN J 1355 93.90 -32.84 41.44
N GLY J 1356 94.58 -33.81 40.85
CA GLY J 1356 93.93 -34.76 39.94
C GLY J 1356 94.75 -35.99 39.84
N TYR J 1357 94.09 -37.13 39.75
CA TYR J 1357 94.73 -38.44 39.53
C TYR J 1357 94.23 -39.00 38.20
N LYS J 1358 95.06 -39.77 37.53
CA LYS J 1358 94.69 -40.43 36.26
C LYS J 1358 95.39 -41.78 36.22
N MET J 1359 94.61 -42.85 36.25
CA MET J 1359 95.19 -44.20 36.09
C MET J 1359 95.60 -44.31 34.62
N ILE J 1360 96.79 -44.81 34.40
CA ILE J 1360 97.27 -45.16 33.04
C ILE J 1360 96.47 -46.37 32.57
N PRO J 1361 95.85 -46.32 31.37
CA PRO J 1361 95.07 -47.46 30.84
C PRO J 1361 95.87 -48.77 30.92
N GLY J 1362 95.21 -49.83 31.39
CA GLY J 1362 95.81 -51.16 31.61
C GLY J 1362 96.37 -51.34 33.01
N ALA J 1363 96.78 -50.26 33.68
CA ALA J 1363 97.48 -50.32 34.98
C ALA J 1363 96.49 -50.70 36.09
N LYS J 1364 96.84 -51.68 36.91
CA LYS J 1364 96.02 -52.13 38.06
C LYS J 1364 96.24 -51.16 39.21
N PRO J 1365 95.25 -50.99 40.10
CA PRO J 1365 95.40 -50.09 41.25
C PRO J 1365 96.56 -50.48 42.16
N LEU J 1366 97.06 -49.50 42.93
CA LEU J 1366 98.16 -49.72 43.92
C LEU J 1366 97.71 -50.75 44.96
N GLN J 1367 98.63 -51.61 45.39
CA GLN J 1367 98.39 -52.70 46.36
C GLN J 1367 99.40 -52.59 47.49
N VAL J 1368 99.04 -53.11 48.66
CA VAL J 1368 100.01 -53.39 49.75
C VAL J 1368 101.11 -54.27 49.16
N GLY J 1369 102.37 -53.93 49.44
CA GLY J 1369 103.57 -54.66 48.99
C GLY J 1369 104.25 -53.96 47.82
N ASP J 1370 103.48 -53.27 46.97
CA ASP J 1370 103.99 -52.54 45.77
C ASP J 1370 105.09 -51.56 46.19
N VAL J 1371 106.23 -51.63 45.52
CA VAL J 1371 107.30 -50.61 45.59
C VAL J 1371 107.06 -49.62 44.44
N VAL J 1372 106.67 -48.39 44.81
CA VAL J 1372 106.25 -47.34 43.86
C VAL J 1372 107.34 -46.28 43.81
N SER J 1373 107.86 -46.01 42.62
CA SER J 1373 108.79 -44.90 42.32
C SER J 1373 107.97 -43.73 41.79
N THR J 1374 108.42 -42.51 42.04
CA THR J 1374 107.71 -41.28 41.67
C THR J 1374 108.70 -40.35 40.98
N THR J 1375 108.23 -39.73 39.91
CA THR J 1375 108.92 -38.67 39.16
C THR J 1375 107.95 -37.51 39.15
N ALA J 1376 108.45 -36.29 39.17
CA ALA J 1376 107.60 -35.09 39.03
C ALA J 1376 108.30 -34.12 38.08
N VAL J 1377 107.51 -33.45 37.28
CA VAL J 1377 108.04 -32.41 36.36
C VAL J 1377 107.14 -31.19 36.49
N ILE J 1378 107.71 -30.00 36.41
CA ILE J 1378 106.89 -28.77 36.26
C ILE J 1378 106.44 -28.67 34.80
N GLU J 1379 105.15 -28.81 34.55
CA GLU J 1379 104.52 -28.67 33.22
C GLU J 1379 104.64 -27.19 32.84
N SER J 1380 104.20 -26.31 33.72
CA SER J 1380 104.03 -24.86 33.49
C SER J 1380 104.35 -24.07 34.78
N VAL J 1381 105.03 -22.93 34.64
CA VAL J 1381 105.08 -21.86 35.68
C VAL J 1381 104.87 -20.54 34.97
N VAL J 1382 103.76 -19.86 35.23
CA VAL J 1382 103.35 -18.63 34.51
C VAL J 1382 102.96 -17.56 35.53
N ASN J 1383 103.44 -16.34 35.29
CA ASN J 1383 103.09 -15.12 36.04
C ASN J 1383 101.75 -14.61 35.53
N GLN J 1384 100.75 -14.67 36.38
CA GLN J 1384 99.41 -14.09 36.15
C GLN J 1384 99.37 -12.76 36.89
N PRO J 1385 98.41 -11.86 36.58
CA PRO J 1385 98.27 -10.62 37.31
C PRO J 1385 98.31 -10.77 38.84
N THR J 1386 97.61 -11.78 39.40
CA THR J 1386 97.36 -11.95 40.86
C THR J 1386 98.38 -12.88 41.54
N GLY J 1387 99.32 -13.46 40.79
CA GLY J 1387 100.24 -14.48 41.33
C GLY J 1387 100.79 -15.42 40.27
N LYS J 1388 101.70 -16.29 40.69
CA LYS J 1388 102.43 -17.27 39.87
C LYS J 1388 101.75 -18.63 40.01
N ILE J 1389 101.32 -19.23 38.91
CA ILE J 1389 100.73 -20.60 38.89
C ILE J 1389 101.87 -21.56 38.59
N VAL J 1390 101.95 -22.66 39.34
CA VAL J 1390 102.90 -23.78 39.08
C VAL J 1390 102.05 -25.02 38.88
N ASP J 1391 102.21 -25.66 37.71
CA ASP J 1391 101.47 -26.89 37.32
C ASP J 1391 102.50 -28.00 37.34
N VAL J 1392 102.25 -29.03 38.16
CA VAL J 1392 103.22 -30.12 38.42
C VAL J 1392 102.54 -31.39 37.97
N VAL J 1393 103.29 -32.29 37.36
CA VAL J 1393 102.79 -33.61 36.92
C VAL J 1393 103.69 -34.64 37.57
N GLY J 1394 103.11 -35.47 38.43
CA GLY J 1394 103.82 -36.59 39.05
C GLY J 1394 103.47 -37.84 38.31
N THR J 1395 104.42 -38.75 38.16
CA THR J 1395 104.19 -40.08 37.55
C THR J 1395 104.62 -41.12 38.57
N LEU J 1396 103.68 -41.95 39.00
CA LEU J 1396 103.95 -43.10 39.88
C LEU J 1396 104.15 -44.31 38.98
N SER J 1397 105.19 -45.04 39.25
CA SER J 1397 105.62 -46.23 38.48
C SER J 1397 105.87 -47.39 39.44
N ARG J 1398 105.69 -48.59 38.94
CA ARG J 1398 105.85 -49.84 39.69
C ARG J 1398 106.36 -50.89 38.71
N ASN J 1399 107.44 -51.59 39.06
CA ASN J 1399 108.09 -52.62 38.20
C ASN J 1399 108.45 -52.01 36.84
N GLY J 1400 108.93 -50.76 36.82
CA GLY J 1400 109.32 -50.04 35.60
C GLY J 1400 108.16 -49.39 34.86
N LYS J 1401 106.92 -49.94 34.95
CA LYS J 1401 105.74 -49.46 34.20
C LYS J 1401 105.07 -48.31 34.96
N PRO J 1402 104.60 -47.24 34.28
CA PRO J 1402 103.86 -46.17 34.94
C PRO J 1402 102.45 -46.63 35.32
N VAL J 1403 102.02 -46.29 36.54
CA VAL J 1403 100.70 -46.69 37.12
C VAL J 1403 99.73 -45.52 36.99
N MET J 1404 100.13 -44.34 37.42
CA MET J 1404 99.19 -43.20 37.46
C MET J 1404 99.92 -41.86 37.40
N GLU J 1405 99.20 -40.84 36.92
CA GLU J 1405 99.69 -39.44 36.90
C GLU J 1405 98.93 -38.63 37.95
N VAL J 1406 99.66 -37.93 38.81
CA VAL J 1406 99.12 -36.94 39.78
C VAL J 1406 99.37 -35.55 39.20
N THR J 1407 98.32 -34.75 39.00
CA THR J 1407 98.42 -33.34 38.52
C THR J 1407 98.08 -32.42 39.67
N SER J 1408 99.00 -31.53 40.03
CA SER J 1408 98.80 -30.53 41.11
C SER J 1408 99.05 -29.16 40.54
N SER J 1409 98.12 -28.23 40.77
CA SER J 1409 98.29 -26.80 40.46
C SER J 1409 98.42 -25.99 41.77
N PHE J 1410 99.54 -25.27 41.91
CA PHE J 1410 99.87 -24.40 43.06
C PHE J 1410 99.96 -22.96 42.60
N PHE J 1411 99.57 -22.06 43.49
CA PHE J 1411 99.47 -20.60 43.24
C PHE J 1411 100.21 -19.84 44.34
N TYR J 1412 101.33 -19.24 43.98
CA TYR J 1412 102.01 -18.22 44.80
C TYR J 1412 101.32 -16.88 44.59
N ARG J 1413 100.39 -16.52 45.47
CA ARG J 1413 99.76 -15.18 45.50
C ARG J 1413 100.85 -14.12 45.63
N GLY J 1414 100.80 -13.10 44.78
CA GLY J 1414 101.83 -12.05 44.77
C GLY J 1414 101.92 -11.34 43.45
N ASN J 1415 102.90 -10.45 43.35
CA ASN J 1415 103.21 -9.68 42.13
C ASN J 1415 104.56 -10.17 41.65
N TYR J 1416 104.58 -10.90 40.53
CA TYR J 1416 105.79 -11.52 39.95
C TYR J 1416 105.94 -10.99 38.52
N THR J 1417 107.16 -10.60 38.16
CA THR J 1417 107.51 -9.95 36.87
C THR J 1417 108.78 -10.58 36.30
N ASP J 1418 109.15 -11.77 36.78
CA ASP J 1418 110.39 -12.51 36.43
C ASP J 1418 110.03 -13.45 35.26
N PHE J 1419 109.68 -12.88 34.11
CA PHE J 1419 109.12 -13.63 32.96
C PHE J 1419 110.16 -14.58 32.35
N GLU J 1420 111.45 -14.34 32.57
CA GLU J 1420 112.55 -15.20 32.05
C GLU J 1420 112.51 -16.60 32.70
N ASN J 1421 111.83 -16.74 33.83
CA ASN J 1421 111.77 -18.03 34.59
C ASN J 1421 110.46 -18.75 34.31
N THR J 1422 109.58 -18.14 33.53
CA THR J 1422 108.25 -18.72 33.22
C THR J 1422 108.29 -19.54 31.92
N PHE J 1423 107.32 -20.43 31.77
CA PHE J 1423 107.16 -21.34 30.62
C PHE J 1423 105.84 -22.06 30.78
N GLN J 1424 105.28 -22.52 29.67
CA GLN J 1424 103.99 -23.19 29.67
C GLN J 1424 104.00 -24.24 28.58
N LYS J 1425 103.72 -25.48 28.96
CA LYS J 1425 103.47 -26.60 28.04
C LYS J 1425 101.97 -26.88 28.08
N THR J 1426 101.31 -26.87 26.93
CA THR J 1426 99.87 -27.21 26.76
C THR J 1426 99.80 -28.41 25.82
N VAL J 1427 99.07 -29.46 26.20
CA VAL J 1427 98.59 -30.51 25.26
C VAL J 1427 97.31 -29.96 24.63
N GLU J 1428 97.35 -29.68 23.33
CA GLU J 1428 96.23 -29.02 22.63
C GLU J 1428 95.14 -30.07 22.45
N PRO J 1429 93.86 -29.65 22.33
CA PRO J 1429 92.82 -30.59 21.92
C PRO J 1429 93.15 -31.12 20.51
N VAL J 1430 92.77 -32.36 20.22
CA VAL J 1430 92.96 -32.96 18.87
C VAL J 1430 92.03 -32.21 17.91
N TYR J 1431 92.61 -31.66 16.84
CA TYR J 1431 91.86 -30.99 15.74
C TYR J 1431 91.76 -31.95 14.56
N GLN J 1432 90.60 -31.98 13.93
CA GLN J 1432 90.28 -32.83 12.76
C GLN J 1432 89.94 -31.93 11.57
N MET J 1433 90.56 -32.19 10.42
CA MET J 1433 90.17 -31.58 9.12
C MET J 1433 89.77 -32.68 8.14
N HIS J 1434 88.55 -32.56 7.59
CA HIS J 1434 88.11 -33.31 6.39
C HIS J 1434 88.58 -32.53 5.16
N ILE J 1435 89.60 -33.03 4.44
CA ILE J 1435 90.12 -32.38 3.20
C ILE J 1435 89.18 -32.76 2.04
N LYS J 1436 88.27 -31.86 1.67
CA LYS J 1436 87.19 -32.11 0.67
C LYS J 1436 87.67 -31.68 -0.72
N THR J 1437 88.37 -30.54 -0.83
CA THR J 1437 88.76 -29.88 -2.10
C THR J 1437 90.29 -29.74 -2.20
N SER J 1438 90.77 -29.34 -3.37
CA SER J 1438 92.20 -29.08 -3.69
C SER J 1438 92.63 -27.70 -3.17
N LYS J 1439 91.67 -26.84 -2.81
CA LYS J 1439 91.92 -25.52 -2.20
C LYS J 1439 92.46 -25.74 -0.76
N ASP J 1440 91.74 -26.57 0.01
CA ASP J 1440 92.12 -27.04 1.37
C ASP J 1440 93.55 -27.58 1.37
N ILE J 1441 93.91 -28.37 0.37
CA ILE J 1441 95.27 -28.97 0.21
C ILE J 1441 96.29 -27.85 0.02
N ALA J 1442 95.98 -26.87 -0.82
CA ALA J 1442 96.89 -25.76 -1.19
C ALA J 1442 97.11 -24.88 0.05
N VAL J 1443 96.03 -24.60 0.78
CA VAL J 1443 96.05 -23.80 2.05
C VAL J 1443 96.94 -24.51 3.08
N LEU J 1444 96.89 -25.85 3.16
CA LEU J 1444 97.75 -26.63 4.10
C LEU J 1444 99.20 -26.60 3.62
N ARG J 1445 99.46 -26.78 2.32
CA ARG J 1445 100.84 -26.77 1.77
C ARG J 1445 101.44 -25.35 1.88
N SER J 1446 100.63 -24.31 1.99
CA SER J 1446 101.12 -22.92 2.17
C SER J 1446 101.74 -22.72 3.57
N LYS J 1447 101.38 -23.57 4.55
CA LYS J 1447 101.90 -23.57 5.95
C LYS J 1447 103.21 -24.34 6.00
N GLU J 1448 104.29 -23.68 6.40
CA GLU J 1448 105.64 -24.29 6.55
C GLU J 1448 105.60 -25.41 7.60
N TRP J 1449 104.81 -25.21 8.66
CA TRP J 1449 104.71 -26.13 9.81
C TRP J 1449 104.09 -27.47 9.43
N PHE J 1450 103.25 -27.49 8.38
CA PHE J 1450 102.64 -28.73 7.84
C PHE J 1450 103.66 -29.53 7.03
N GLN J 1451 104.13 -30.65 7.56
CA GLN J 1451 105.31 -31.37 7.05
C GLN J 1451 105.02 -32.86 6.87
N LEU J 1452 104.53 -33.22 5.70
CA LEU J 1452 104.26 -34.64 5.35
C LEU J 1452 105.59 -35.37 5.26
N ASP J 1453 105.59 -36.65 5.65
CA ASP J 1453 106.73 -37.59 5.53
C ASP J 1453 106.95 -37.85 4.03
N ASP J 1454 105.88 -38.22 3.32
CA ASP J 1454 105.81 -38.39 1.84
C ASP J 1454 105.12 -37.17 1.25
N GLU J 1455 105.89 -36.26 0.62
CA GLU J 1455 105.37 -34.98 0.05
C GLU J 1455 104.28 -35.26 -1.00
N ASP J 1456 104.35 -36.39 -1.72
CA ASP J 1456 103.39 -36.75 -2.80
C ASP J 1456 102.16 -37.49 -2.24
N PHE J 1457 101.97 -37.52 -0.91
CA PHE J 1457 100.80 -38.14 -0.23
C PHE J 1457 99.54 -37.46 -0.76
N ASP J 1458 98.48 -38.23 -1.02
CA ASP J 1458 97.19 -37.76 -1.60
C ASP J 1458 96.24 -37.43 -0.44
N LEU J 1459 96.03 -36.14 -0.18
CA LEU J 1459 95.22 -35.65 0.96
C LEU J 1459 93.74 -35.62 0.59
N LEU J 1460 93.38 -35.64 -0.69
CA LEU J 1460 91.99 -35.40 -1.14
C LEU J 1460 91.07 -36.50 -0.56
N ASN J 1461 89.95 -36.09 0.06
CA ASN J 1461 88.89 -36.94 0.65
C ASN J 1461 89.35 -37.59 1.97
N LYS J 1462 90.57 -37.29 2.44
CA LYS J 1462 91.11 -37.84 3.70
C LYS J 1462 90.68 -36.99 4.89
N THR J 1463 90.54 -37.62 6.04
CA THR J 1463 90.32 -36.97 7.36
C THR J 1463 91.67 -36.94 8.08
N LEU J 1464 92.15 -35.77 8.41
CA LEU J 1464 93.44 -35.58 9.10
C LEU J 1464 93.13 -35.23 10.55
N THR J 1465 93.99 -35.70 11.45
CA THR J 1465 93.94 -35.30 12.88
C THR J 1465 95.32 -34.76 13.24
N PHE J 1466 95.31 -33.65 13.98
CA PHE J 1466 96.50 -32.94 14.47
C PHE J 1466 96.55 -33.07 15.98
N GLU J 1467 97.54 -33.77 16.50
CA GLU J 1467 97.77 -33.99 17.96
C GLU J 1467 99.00 -33.17 18.36
N THR J 1468 98.78 -31.90 18.67
CA THR J 1468 99.84 -30.90 18.89
C THR J 1468 100.01 -30.65 20.40
N GLU J 1469 101.24 -30.28 20.78
CA GLU J 1469 101.63 -29.72 22.08
C GLU J 1469 102.30 -28.38 21.81
N THR J 1470 101.96 -27.36 22.59
CA THR J 1470 102.52 -25.99 22.50
C THR J 1470 103.42 -25.75 23.71
N GLU J 1471 104.71 -25.55 23.48
CA GLU J 1471 105.69 -25.03 24.46
C GLU J 1471 105.86 -23.54 24.21
N VAL J 1472 105.68 -22.74 25.25
CA VAL J 1472 105.78 -21.25 25.22
C VAL J 1472 106.77 -20.81 26.31
N THR J 1473 107.56 -19.77 26.02
CA THR J 1473 108.32 -18.96 27.02
C THR J 1473 107.88 -17.52 26.88
N PHE J 1474 107.84 -16.77 27.99
CA PHE J 1474 107.24 -15.42 28.06
C PHE J 1474 108.36 -14.38 28.04
N LYS J 1475 108.09 -13.27 27.35
CA LYS J 1475 108.89 -12.01 27.42
C LYS J 1475 108.23 -11.12 28.47
N ASN J 1476 106.90 -11.05 28.41
CA ASN J 1476 106.04 -10.32 29.39
C ASN J 1476 104.68 -11.00 29.42
N ALA J 1477 103.69 -10.39 30.09
CA ALA J 1477 102.35 -10.96 30.35
C ALA J 1477 101.67 -11.43 29.04
N ASN J 1478 101.74 -10.62 27.97
CA ASN J 1478 100.94 -10.78 26.72
C ASN J 1478 101.76 -11.37 25.58
N ILE J 1479 103.03 -10.99 25.45
CA ILE J 1479 103.93 -11.41 24.33
C ILE J 1479 104.75 -12.62 24.77
N PHE J 1480 104.74 -13.68 23.95
CA PHE J 1480 105.62 -14.87 24.09
C PHE J 1480 106.98 -14.49 23.54
N SER J 1481 108.05 -15.02 24.14
CA SER J 1481 109.45 -14.88 23.68
C SER J 1481 109.80 -16.05 22.78
N SER J 1482 109.00 -17.11 22.82
CA SER J 1482 109.18 -18.31 21.97
C SER J 1482 107.86 -19.07 21.91
N VAL J 1483 107.58 -19.67 20.76
CA VAL J 1483 106.43 -20.61 20.57
C VAL J 1483 106.97 -21.81 19.83
N LYS J 1484 106.71 -23.00 20.37
CA LYS J 1484 106.92 -24.30 19.72
C LYS J 1484 105.55 -24.95 19.68
N CYS J 1485 105.13 -25.44 18.51
CA CYS J 1485 103.92 -26.25 18.32
C CYS J 1485 104.36 -27.42 17.47
N PHE J 1486 104.25 -28.65 17.99
CA PHE J 1486 104.79 -29.88 17.37
C PHE J 1486 103.85 -31.03 17.71
N GLY J 1487 103.95 -32.11 16.96
CA GLY J 1487 103.14 -33.32 17.17
C GLY J 1487 102.75 -33.97 15.86
N PRO J 1488 102.28 -35.22 15.91
CA PRO J 1488 101.92 -35.96 14.71
C PRO J 1488 100.67 -35.45 13.99
N ILE J 1489 100.70 -35.55 12.67
CA ILE J 1489 99.53 -35.44 11.76
C ILE J 1489 99.20 -36.88 11.38
N LYS J 1490 97.94 -37.24 11.53
CA LYS J 1490 97.52 -38.64 11.31
C LYS J 1490 96.40 -38.62 10.28
N VAL J 1491 96.41 -39.59 9.38
CA VAL J 1491 95.28 -39.79 8.43
C VAL J 1491 94.41 -40.91 8.98
N GLU J 1492 93.09 -40.76 8.88
CA GLU J 1492 92.12 -41.85 9.16
C GLU J 1492 92.13 -42.85 8.00
N LEU J 1493 92.38 -44.12 8.30
CA LEU J 1493 92.32 -45.26 7.35
C LEU J 1493 90.87 -45.69 7.20
N PRO J 1494 90.52 -46.54 6.21
CA PRO J 1494 89.16 -47.06 6.05
C PRO J 1494 88.57 -47.79 7.27
N THR J 1495 89.42 -48.41 8.09
CA THR J 1495 89.04 -49.10 9.36
C THR J 1495 88.80 -48.09 10.51
N LYS J 1496 88.91 -46.78 10.26
CA LYS J 1496 88.78 -45.68 11.26
C LYS J 1496 90.00 -45.64 12.19
N GLU J 1497 90.99 -46.52 12.02
CA GLU J 1497 92.32 -46.39 12.66
C GLU J 1497 92.99 -45.12 12.11
N THR J 1498 93.78 -44.43 12.92
CA THR J 1498 94.60 -43.26 12.48
C THR J 1498 96.07 -43.65 12.53
N VAL J 1499 96.81 -43.29 11.49
CA VAL J 1499 98.27 -43.56 11.34
C VAL J 1499 98.96 -42.24 10.99
N GLU J 1500 100.21 -42.11 11.40
CA GLU J 1500 101.03 -40.90 11.25
C GLU J 1500 101.47 -40.79 9.80
N ILE J 1501 101.17 -39.64 9.16
CA ILE J 1501 101.65 -39.29 7.80
C ILE J 1501 102.57 -38.08 7.81
N GLY J 1502 102.75 -37.41 8.94
CA GLY J 1502 103.68 -36.26 9.03
C GLY J 1502 103.69 -35.64 10.41
N ILE J 1503 104.29 -34.45 10.52
CA ILE J 1503 104.33 -33.70 11.81
C ILE J 1503 103.87 -32.27 11.57
N VAL J 1504 103.22 -31.68 12.57
CA VAL J 1504 103.26 -30.22 12.82
C VAL J 1504 104.66 -29.93 13.38
N ASP J 1505 105.35 -28.90 12.87
CA ASP J 1505 106.65 -28.44 13.40
C ASP J 1505 106.75 -26.92 13.20
N TYR J 1506 106.17 -26.17 14.14
CA TYR J 1506 106.20 -24.70 14.20
C TYR J 1506 107.12 -24.23 15.32
N GLU J 1507 107.97 -23.25 15.00
CA GLU J 1507 109.00 -22.68 15.90
C GLU J 1507 109.14 -21.20 15.58
N ALA J 1508 108.73 -20.33 16.49
CA ALA J 1508 108.82 -18.85 16.38
C ALA J 1508 109.52 -18.27 17.61
N GLY J 1509 110.17 -17.10 17.45
CA GLY J 1509 110.57 -16.22 18.56
C GLY J 1509 109.39 -15.39 19.02
N ALA J 1510 109.61 -14.10 19.27
CA ALA J 1510 108.62 -13.15 19.82
C ALA J 1510 107.32 -13.23 19.01
N SER J 1511 106.19 -13.39 19.68
CA SER J 1511 104.86 -13.65 19.08
C SER J 1511 103.77 -13.29 20.07
N HIS J 1512 102.55 -13.07 19.59
CA HIS J 1512 101.35 -12.73 20.39
C HIS J 1512 100.41 -13.94 20.42
N GLY J 1513 100.80 -15.05 19.81
CA GLY J 1513 99.85 -16.15 19.58
C GLY J 1513 100.48 -17.34 18.87
N ASN J 1514 99.72 -18.41 18.83
CA ASN J 1514 100.08 -19.67 18.14
C ASN J 1514 99.24 -19.69 16.87
N PRO J 1515 99.83 -19.49 15.68
CA PRO J 1515 99.06 -19.51 14.44
C PRO J 1515 98.61 -20.93 14.04
N VAL J 1516 99.40 -21.96 14.38
CA VAL J 1516 99.01 -23.38 14.13
C VAL J 1516 97.61 -23.64 14.69
N VAL J 1517 97.43 -23.41 15.99
CA VAL J 1517 96.17 -23.74 16.71
C VAL J 1517 95.08 -22.80 16.20
N ASP J 1518 95.41 -21.54 15.91
CA ASP J 1518 94.42 -20.57 15.39
C ASP J 1518 93.87 -21.11 14.06
N PHE J 1519 94.76 -21.51 13.16
CA PHE J 1519 94.41 -22.17 11.87
C PHE J 1519 93.50 -23.38 12.13
N LEU J 1520 93.96 -24.33 12.95
CA LEU J 1520 93.20 -25.59 13.19
C LEU J 1520 91.85 -25.31 13.84
N LYS J 1521 91.74 -24.29 14.70
CA LYS J 1521 90.44 -23.93 15.33
C LYS J 1521 89.45 -23.46 14.25
N ARG J 1522 89.90 -22.55 13.38
CA ARG J 1522 89.06 -21.89 12.35
C ARG J 1522 88.63 -22.93 11.31
N ASN J 1523 89.58 -23.76 10.85
CA ASN J 1523 89.41 -24.64 9.67
C ASN J 1523 88.97 -26.06 10.06
N GLY J 1524 89.56 -26.62 11.11
CA GLY J 1524 89.22 -27.97 11.59
C GLY J 1524 88.10 -27.94 12.60
N SER J 1525 87.72 -29.11 13.11
CA SER J 1525 86.82 -29.30 14.26
C SER J 1525 87.63 -29.87 15.43
N THR J 1526 87.26 -29.52 16.65
CA THR J 1526 87.84 -30.07 17.91
C THR J 1526 87.24 -31.46 18.14
N LEU J 1527 88.08 -32.49 18.31
CA LEU J 1527 87.62 -33.83 18.75
C LEU J 1527 87.55 -33.81 20.28
N GLU J 1528 86.35 -33.89 20.83
CA GLU J 1528 86.10 -33.89 22.30
C GLU J 1528 85.92 -35.36 22.71
N GLN J 1529 86.81 -35.88 23.57
CA GLN J 1529 86.70 -37.23 24.19
C GLN J 1529 85.46 -37.31 25.08
N LYS J 1530 85.13 -36.23 25.82
CA LYS J 1530 83.98 -36.19 26.75
C LYS J 1530 82.71 -35.89 25.97
N VAL J 1531 81.67 -36.67 26.20
CA VAL J 1531 80.35 -36.55 25.52
C VAL J 1531 79.29 -36.46 26.62
N ASN J 1532 78.53 -35.38 26.62
CA ASN J 1532 77.53 -35.11 27.67
C ASN J 1532 76.32 -36.00 27.39
N LEU J 1533 75.73 -36.54 28.44
CA LEU J 1533 74.41 -37.19 28.35
C LEU J 1533 73.39 -36.12 27.99
N GLU J 1534 72.25 -36.55 27.47
CA GLU J 1534 71.06 -35.71 27.19
C GLU J 1534 70.75 -34.87 28.44
N ASN J 1535 70.65 -35.53 29.60
CA ASN J 1535 70.36 -34.90 30.91
C ASN J 1535 71.26 -35.52 31.98
N PRO J 1536 71.81 -34.73 32.93
CA PRO J 1536 72.60 -35.29 34.02
C PRO J 1536 71.71 -36.20 34.88
N ILE J 1537 72.26 -37.33 35.32
CA ILE J 1537 71.57 -38.30 36.21
C ILE J 1537 72.07 -38.07 37.62
N PRO J 1538 71.26 -37.47 38.52
CA PRO J 1538 71.60 -37.40 39.95
C PRO J 1538 71.97 -38.78 40.50
N ILE J 1539 73.10 -38.87 41.19
CA ILE J 1539 73.56 -40.11 41.88
C ILE J 1539 73.26 -40.02 43.39
N ALA J 1540 73.66 -38.92 44.04
CA ALA J 1540 73.53 -38.78 45.51
C ALA J 1540 73.81 -37.35 45.97
N VAL J 1541 73.19 -36.95 47.08
CA VAL J 1541 73.55 -35.73 47.84
C VAL J 1541 73.98 -36.20 49.22
N LEU J 1542 75.28 -36.11 49.51
CA LEU J 1542 75.91 -36.79 50.66
C LEU J 1542 76.50 -35.78 51.63
N ASP J 1543 76.21 -35.94 52.92
CA ASP J 1543 76.81 -35.13 54.02
C ASP J 1543 78.13 -35.79 54.40
N SER J 1544 79.12 -34.97 54.68
CA SER J 1544 80.41 -35.38 55.29
C SER J 1544 80.87 -34.28 56.26
N TYR J 1545 81.87 -34.59 57.06
CA TYR J 1545 82.42 -33.67 58.08
C TYR J 1545 83.93 -33.60 57.89
N THR J 1546 84.51 -32.43 58.09
CA THR J 1546 85.97 -32.29 58.26
C THR J 1546 86.30 -32.60 59.71
N PRO J 1547 87.44 -33.25 59.98
CA PRO J 1547 87.77 -33.65 61.34
C PRO J 1547 88.03 -32.42 62.22
N SER J 1548 87.95 -32.59 63.54
CA SER J 1548 88.17 -31.55 64.58
C SER J 1548 89.64 -31.11 64.57
N THR J 1549 90.53 -32.00 64.13
CA THR J 1549 92.00 -31.82 64.13
C THR J 1549 92.52 -32.23 62.74
N ASN J 1550 93.56 -31.56 62.27
CA ASN J 1550 94.22 -31.84 60.97
C ASN J 1550 95.53 -32.57 61.19
N GLU J 1551 95.84 -32.99 62.43
CA GLU J 1551 97.10 -33.71 62.73
C GLU J 1551 97.09 -35.13 62.19
N PRO J 1552 95.97 -35.90 62.28
CA PRO J 1552 95.93 -37.25 61.73
C PRO J 1552 96.25 -37.24 60.22
N TYR J 1553 95.57 -36.37 59.44
CA TYR J 1553 95.80 -36.29 57.97
C TYR J 1553 97.23 -35.83 57.75
N ALA J 1554 97.70 -34.84 58.50
CA ALA J 1554 99.08 -34.31 58.42
C ALA J 1554 100.06 -35.47 58.59
N ARG J 1555 99.78 -36.40 59.52
CA ARG J 1555 100.75 -37.48 59.85
C ARG J 1555 100.85 -38.50 58.71
N VAL J 1556 99.72 -38.96 58.20
CA VAL J 1556 99.67 -40.01 57.14
C VAL J 1556 100.14 -39.42 55.80
N SER J 1557 99.75 -38.18 55.48
CA SER J 1557 100.07 -37.49 54.20
C SER J 1557 101.52 -36.97 54.14
N GLY J 1558 102.13 -36.65 55.26
CA GLY J 1558 103.45 -35.97 55.30
C GLY J 1558 103.31 -34.47 55.01
N ASP J 1559 102.09 -33.95 54.94
CA ASP J 1559 101.82 -32.50 54.72
C ASP J 1559 101.77 -31.82 56.09
N LEU J 1560 102.95 -31.50 56.60
CA LEU J 1560 103.16 -30.86 57.92
C LEU J 1560 103.12 -29.34 57.77
N ASN J 1561 102.31 -28.82 56.83
CA ASN J 1561 102.17 -27.37 56.64
C ASN J 1561 101.60 -26.77 57.94
N PRO J 1562 102.32 -25.86 58.61
CA PRO J 1562 101.84 -25.32 59.89
C PRO J 1562 100.45 -24.68 59.87
N ILE J 1563 99.99 -24.20 58.72
CA ILE J 1563 98.71 -23.45 58.63
C ILE J 1563 97.54 -24.37 58.98
N HIS J 1564 97.71 -25.69 58.89
CA HIS J 1564 96.61 -26.65 59.16
C HIS J 1564 96.56 -27.00 60.65
N VAL J 1565 97.65 -26.82 61.39
CA VAL J 1565 97.79 -27.35 62.78
C VAL J 1565 98.09 -26.24 63.82
N SER J 1566 98.78 -25.16 63.44
CA SER J 1566 99.34 -24.14 64.37
C SER J 1566 98.59 -22.82 64.18
N ARG J 1567 97.76 -22.45 65.17
CA ARG J 1567 97.00 -21.18 65.23
C ARG J 1567 97.89 -20.00 64.82
N HIS J 1568 99.14 -19.95 65.28
CA HIS J 1568 99.99 -18.74 65.07
C HIS J 1568 100.33 -18.58 63.58
N PHE J 1569 100.70 -19.65 62.90
CA PHE J 1569 101.04 -19.63 61.45
C PHE J 1569 99.79 -19.30 60.65
N ALA J 1570 98.67 -19.91 61.00
CA ALA J 1570 97.41 -19.64 60.29
C ALA J 1570 97.06 -18.15 60.42
N SER J 1571 97.24 -17.57 61.60
CA SER J 1571 97.02 -16.13 61.90
C SER J 1571 97.99 -15.28 61.08
N TYR J 1572 99.27 -15.62 61.10
CA TYR J 1572 100.31 -14.86 60.38
C TYR J 1572 100.00 -14.87 58.86
N ALA J 1573 99.46 -15.97 58.36
CA ALA J 1573 99.15 -16.21 56.92
C ALA J 1573 97.78 -15.63 56.56
N ASN J 1574 97.09 -15.02 57.52
CA ASN J 1574 95.83 -14.25 57.35
C ASN J 1574 94.69 -15.21 57.00
N LEU J 1575 94.75 -16.45 57.48
CA LEU J 1575 93.68 -17.45 57.24
C LEU J 1575 92.62 -17.31 58.31
N PRO J 1576 91.39 -17.81 58.06
CA PRO J 1576 90.32 -17.77 59.05
C PRO J 1576 90.50 -18.73 60.25
N GLY J 1577 91.59 -19.49 60.28
CA GLY J 1577 91.90 -20.46 61.34
C GLY J 1577 92.77 -21.55 60.77
N THR J 1578 92.95 -22.65 61.50
CA THR J 1578 93.77 -23.82 61.09
C THR J 1578 92.96 -24.66 60.10
N ILE J 1579 93.01 -24.26 58.84
CA ILE J 1579 92.11 -24.77 57.76
C ILE J 1579 92.37 -26.26 57.54
N THR J 1580 91.31 -26.99 57.19
CA THR J 1580 91.40 -28.39 56.72
C THR J 1580 92.31 -28.44 55.49
N HIS J 1581 93.22 -29.41 55.46
CA HIS J 1581 93.97 -29.84 54.24
C HIS J 1581 92.98 -29.96 53.07
N GLY J 1582 93.20 -29.25 51.97
CA GLY J 1582 92.44 -29.45 50.73
C GLY J 1582 92.45 -30.91 50.33
N MET J 1583 93.59 -31.57 50.49
CA MET J 1583 93.79 -32.99 50.13
C MET J 1583 93.00 -33.93 51.03
N PHE J 1584 92.60 -33.49 52.23
CA PHE J 1584 91.70 -34.28 53.09
C PHE J 1584 90.33 -34.26 52.42
N SER J 1585 89.85 -33.07 52.08
CA SER J 1585 88.52 -32.88 51.43
C SER J 1585 88.48 -33.66 50.10
N SER J 1586 89.60 -33.71 49.37
CA SER J 1586 89.75 -34.45 48.10
C SER J 1586 89.51 -35.94 48.36
N ALA J 1587 90.30 -36.50 49.27
CA ALA J 1587 90.26 -37.93 49.61
C ALA J 1587 88.89 -38.30 50.19
N SER J 1588 88.27 -37.36 50.91
CA SER J 1588 87.00 -37.58 51.61
C SER J 1588 85.87 -37.63 50.59
N VAL J 1589 85.83 -36.68 49.67
CA VAL J 1589 84.78 -36.63 48.62
C VAL J 1589 85.04 -37.79 47.65
N ARG J 1590 86.29 -38.12 47.37
CA ARG J 1590 86.59 -39.26 46.49
C ARG J 1590 86.04 -40.56 47.09
N ALA J 1591 86.06 -40.73 48.41
CA ALA J 1591 85.56 -41.94 49.12
C ALA J 1591 84.06 -42.06 48.92
N LEU J 1592 83.36 -40.93 48.92
CA LEU J 1592 81.91 -40.86 48.64
C LEU J 1592 81.64 -41.27 47.19
N ILE J 1593 82.41 -40.75 46.23
CA ILE J 1593 82.25 -41.05 44.78
C ILE J 1593 82.40 -42.57 44.63
N GLU J 1594 83.54 -43.08 45.09
CA GLU J 1594 83.91 -44.51 45.08
C GLU J 1594 82.76 -45.35 45.64
N ASN J 1595 82.15 -44.91 46.74
CA ASN J 1595 81.06 -45.66 47.42
C ASN J 1595 79.81 -45.63 46.54
N TRP J 1596 79.36 -44.45 46.17
CA TRP J 1596 78.07 -44.24 45.47
C TRP J 1596 78.20 -44.50 43.97
N ALA J 1597 79.06 -43.76 43.27
CA ALA J 1597 79.15 -43.82 41.78
C ALA J 1597 79.74 -45.15 41.34
N ALA J 1598 80.78 -45.63 42.02
CA ALA J 1598 81.48 -46.89 41.69
C ALA J 1598 80.94 -48.08 42.48
N ASP J 1599 79.88 -47.91 43.29
CA ASP J 1599 79.27 -49.01 44.10
C ASP J 1599 80.34 -49.72 44.93
N SER J 1600 81.31 -48.96 45.45
CA SER J 1600 82.39 -49.43 46.34
C SER J 1600 83.30 -50.45 45.67
N VAL J 1601 83.37 -50.48 44.34
CA VAL J 1601 84.43 -51.23 43.60
C VAL J 1601 85.52 -50.21 43.26
N SER J 1602 86.57 -50.14 44.07
CA SER J 1602 87.57 -49.05 44.00
C SER J 1602 88.26 -49.07 42.63
N SER J 1603 88.46 -50.25 42.04
CA SER J 1603 89.16 -50.44 40.74
C SER J 1603 88.46 -49.65 39.62
N ARG J 1604 87.14 -49.45 39.73
CA ARG J 1604 86.36 -48.73 38.70
C ARG J 1604 86.78 -47.27 38.61
N VAL J 1605 87.38 -46.67 39.64
CA VAL J 1605 87.68 -45.21 39.62
C VAL J 1605 89.01 -45.04 38.90
N ARG J 1606 88.99 -44.39 37.74
CA ARG J 1606 90.18 -44.38 36.85
C ARG J 1606 90.77 -42.99 36.79
N GLY J 1607 89.95 -41.99 37.02
CA GLY J 1607 90.43 -40.62 37.14
C GLY J 1607 89.57 -39.86 38.14
N TYR J 1608 90.18 -38.86 38.75
CA TYR J 1608 89.54 -38.01 39.77
C TYR J 1608 90.28 -36.69 39.73
N THR J 1609 89.56 -35.60 39.56
CA THR J 1609 90.13 -34.23 39.63
C THR J 1609 89.28 -33.44 40.61
N CYS J 1610 89.92 -32.58 41.40
CA CYS J 1610 89.19 -31.66 42.32
C CYS J 1610 89.81 -30.26 42.19
N GLN J 1611 88.95 -29.26 42.16
CA GLN J 1611 89.29 -27.83 42.23
C GLN J 1611 88.95 -27.36 43.65
N PHE J 1612 89.95 -26.88 44.35
CA PHE J 1612 89.83 -26.31 45.73
C PHE J 1612 89.37 -24.88 45.57
N VAL J 1613 88.07 -24.69 45.68
CA VAL J 1613 87.43 -23.39 45.36
C VAL J 1613 87.58 -22.46 46.57
N ASP J 1614 87.43 -22.99 47.78
CA ASP J 1614 87.40 -22.19 49.02
C ASP J 1614 87.87 -23.04 50.19
N MET J 1615 88.39 -22.38 51.22
CA MET J 1615 89.04 -23.01 52.39
C MET J 1615 87.97 -23.59 53.30
N VAL J 1616 88.31 -24.66 54.01
CA VAL J 1616 87.38 -25.34 54.94
C VAL J 1616 88.00 -25.29 56.33
N LEU J 1617 87.19 -24.99 57.33
CA LEU J 1617 87.60 -25.03 58.75
C LEU J 1617 87.27 -26.41 59.31
N PRO J 1618 88.02 -26.86 60.34
CA PRO J 1618 87.67 -28.09 61.06
C PRO J 1618 86.22 -28.05 61.57
N ASN J 1619 85.60 -29.22 61.72
CA ASN J 1619 84.20 -29.39 62.21
C ASN J 1619 83.24 -28.62 61.29
N THR J 1620 83.45 -28.73 59.98
CA THR J 1620 82.51 -28.23 58.95
C THR J 1620 81.70 -29.43 58.44
N ALA J 1621 80.40 -29.22 58.26
CA ALA J 1621 79.46 -30.14 57.58
C ALA J 1621 79.43 -29.78 56.09
N LEU J 1622 79.96 -30.67 55.26
CA LEU J 1622 80.02 -30.50 53.77
C LEU J 1622 78.90 -31.33 53.15
N LYS J 1623 78.20 -30.76 52.16
CA LYS J 1623 77.18 -31.43 51.33
C LYS J 1623 77.71 -31.58 49.89
N THR J 1624 77.94 -32.82 49.44
CA THR J 1624 78.45 -33.16 48.09
C THR J 1624 77.32 -33.70 47.21
N SER J 1625 76.94 -32.96 46.17
CA SER J 1625 76.03 -33.40 45.07
C SER J 1625 76.88 -34.11 44.02
N ILE J 1626 76.56 -35.36 43.72
CA ILE J 1626 77.26 -36.21 42.71
C ILE J 1626 76.27 -36.47 41.57
N GLN J 1627 76.70 -36.26 40.33
CA GLN J 1627 75.87 -36.43 39.11
C GLN J 1627 76.67 -37.20 38.05
N HIS J 1628 76.01 -38.10 37.32
CA HIS J 1628 76.51 -38.67 36.03
C HIS J 1628 76.17 -37.68 34.92
N VAL J 1629 77.17 -37.05 34.32
CA VAL J 1629 76.94 -35.94 33.36
C VAL J 1629 77.32 -36.36 31.93
N GLY J 1630 78.15 -37.38 31.77
CA GLY J 1630 78.60 -37.78 30.42
C GLY J 1630 79.37 -39.06 30.41
N MET J 1631 80.03 -39.32 29.27
CA MET J 1631 80.87 -40.51 29.07
C MET J 1631 82.20 -40.05 28.51
N ILE J 1632 83.25 -40.81 28.76
CA ILE J 1632 84.53 -40.62 28.06
C ILE J 1632 85.14 -42.01 27.89
N ASN J 1633 85.21 -42.51 26.66
CA ASN J 1633 85.91 -43.78 26.30
C ASN J 1633 85.37 -44.93 27.12
N GLY J 1634 84.06 -45.03 27.23
CA GLY J 1634 83.41 -46.12 27.96
C GLY J 1634 83.28 -45.87 29.46
N ARG J 1635 83.96 -44.87 30.00
CA ARG J 1635 83.90 -44.51 31.45
C ARG J 1635 82.80 -43.49 31.64
N LYS J 1636 82.10 -43.57 32.77
CA LYS J 1636 81.11 -42.56 33.17
C LYS J 1636 81.85 -41.32 33.65
N LEU J 1637 81.31 -40.16 33.33
CA LEU J 1637 81.89 -38.88 33.79
C LEU J 1637 80.99 -38.36 34.90
N ILE J 1638 81.51 -38.39 36.12
CA ILE J 1638 80.79 -37.97 37.35
C ILE J 1638 81.23 -36.55 37.65
N LYS J 1639 80.31 -35.63 37.83
CA LYS J 1639 80.62 -34.26 38.34
C LYS J 1639 80.19 -34.21 39.80
N PHE J 1640 80.96 -33.54 40.64
CA PHE J 1640 80.56 -33.29 42.05
C PHE J 1640 80.79 -31.84 42.39
N GLU J 1641 80.02 -31.36 43.35
CA GLU J 1641 80.12 -30.00 43.92
C GLU J 1641 79.87 -30.11 45.42
N THR J 1642 80.89 -29.82 46.22
CA THR J 1642 80.81 -29.83 47.69
C THR J 1642 80.56 -28.39 48.17
N ARG J 1643 79.50 -28.20 48.93
CA ARG J 1643 79.15 -26.91 49.58
C ARG J 1643 79.32 -27.03 51.09
N ASN J 1644 79.63 -25.93 51.76
CA ASN J 1644 79.68 -25.82 53.25
C ASN J 1644 78.28 -25.44 53.76
N GLU J 1645 78.16 -25.27 55.09
CA GLU J 1645 76.89 -24.95 55.81
C GLU J 1645 76.30 -23.62 55.30
N ASP J 1646 77.14 -22.68 54.87
CA ASP J 1646 76.73 -21.37 54.31
C ASP J 1646 76.34 -21.50 52.82
N ASP J 1647 76.25 -22.73 52.29
CA ASP J 1647 75.87 -23.05 50.87
C ASP J 1647 76.93 -22.47 49.91
N VAL J 1648 78.19 -22.30 50.37
CA VAL J 1648 79.33 -21.76 49.57
C VAL J 1648 80.06 -22.96 48.95
N VAL J 1649 80.36 -22.90 47.65
CA VAL J 1649 81.07 -24.00 46.96
C VAL J 1649 82.53 -23.98 47.42
N VAL J 1650 82.96 -25.12 47.93
CA VAL J 1650 84.26 -25.33 48.59
C VAL J 1650 85.13 -26.25 47.73
N LEU J 1651 84.50 -27.16 47.01
CA LEU J 1651 85.18 -28.19 46.20
C LEU J 1651 84.30 -28.54 45.01
N THR J 1652 84.85 -28.50 43.81
CA THR J 1652 84.21 -29.02 42.58
C THR J 1652 85.16 -30.02 41.95
N GLY J 1653 84.62 -30.95 41.20
CA GLY J 1653 85.51 -31.78 40.37
C GLY J 1653 84.75 -32.79 39.55
N GLU J 1654 85.46 -33.81 39.15
CA GLU J 1654 84.87 -34.87 38.31
C GLU J 1654 85.67 -36.14 38.49
N ALA J 1655 85.01 -37.26 38.30
CA ALA J 1655 85.64 -38.58 38.30
C ALA J 1655 85.24 -39.28 37.02
N GLU J 1656 86.06 -40.25 36.63
CA GLU J 1656 85.86 -41.13 35.47
C GLU J 1656 85.76 -42.53 36.05
N ILE J 1657 84.57 -43.09 35.99
CA ILE J 1657 84.26 -44.41 36.59
C ILE J 1657 84.05 -45.42 35.47
N GLU J 1658 84.79 -46.52 35.50
CA GLU J 1658 84.60 -47.69 34.61
C GLU J 1658 83.14 -48.14 34.73
N GLN J 1659 82.48 -48.44 33.61
CA GLN J 1659 81.15 -49.08 33.59
C GLN J 1659 81.28 -50.50 34.16
N PRO J 1660 80.17 -51.10 34.64
CA PRO J 1660 80.15 -52.53 34.97
C PRO J 1660 80.71 -53.39 33.84
N VAL J 1661 81.33 -54.52 34.17
CA VAL J 1661 81.93 -55.43 33.16
C VAL J 1661 80.84 -55.73 32.12
N THR J 1662 81.19 -55.54 30.85
CA THR J 1662 80.22 -55.53 29.73
C THR J 1662 80.64 -56.55 28.71
N THR J 1663 79.65 -57.20 28.11
CA THR J 1663 79.83 -58.04 26.89
C THR J 1663 78.89 -57.50 25.83
N PHE J 1664 79.39 -57.37 24.62
CA PHE J 1664 78.51 -57.12 23.44
C PHE J 1664 78.32 -58.42 22.71
N VAL J 1665 77.06 -58.71 22.41
CA VAL J 1665 76.71 -59.92 21.63
C VAL J 1665 75.92 -59.45 20.42
N PHE J 1666 76.34 -59.92 19.26
CA PHE J 1666 75.82 -59.48 17.93
C PHE J 1666 74.96 -60.62 17.39
N THR J 1667 73.68 -60.34 17.19
CA THR J 1667 72.68 -61.25 16.60
C THR J 1667 73.12 -61.66 15.19
N GLY J 1668 72.69 -62.85 14.75
CA GLY J 1668 72.91 -63.39 13.40
C GLY J 1668 71.61 -63.34 12.61
N GLN J 1669 71.52 -64.18 11.58
CA GLN J 1669 70.38 -64.19 10.62
C GLN J 1669 69.14 -64.75 11.31
N GLY J 1670 67.97 -64.35 10.82
CA GLY J 1670 66.65 -64.70 11.34
C GLY J 1670 65.99 -63.49 11.94
N SER J 1671 66.81 -62.58 12.48
CA SER J 1671 66.41 -61.39 13.25
C SER J 1671 65.99 -60.22 12.34
N GLN J 1672 66.42 -60.20 11.07
CA GLN J 1672 66.24 -59.05 10.13
C GLN J 1672 64.74 -58.80 9.90
N GLU J 1673 64.37 -57.52 9.82
CA GLU J 1673 63.03 -57.07 9.36
C GLU J 1673 63.19 -55.81 8.51
N GLN J 1674 62.21 -55.54 7.66
CA GLN J 1674 62.13 -54.32 6.84
C GLN J 1674 62.21 -53.11 7.78
N GLY J 1675 63.05 -52.14 7.43
CA GLY J 1675 63.17 -50.85 8.13
C GLY J 1675 64.16 -50.89 9.28
N MET J 1676 64.82 -52.02 9.52
CA MET J 1676 65.75 -52.15 10.67
C MET J 1676 66.90 -51.14 10.53
N GLY J 1677 67.16 -50.39 11.61
CA GLY J 1677 68.25 -49.40 11.67
C GLY J 1677 67.91 -48.07 11.03
N MET J 1678 66.71 -47.91 10.49
CA MET J 1678 66.37 -46.73 9.65
C MET J 1678 66.02 -45.52 10.51
N ASP J 1679 65.52 -45.73 11.74
CA ASP J 1679 65.34 -44.64 12.75
C ASP J 1679 66.70 -44.10 13.13
N LEU J 1680 67.64 -44.98 13.45
CA LEU J 1680 69.00 -44.56 13.82
C LEU J 1680 69.65 -43.83 12.65
N TYR J 1681 69.47 -44.32 11.42
CA TYR J 1681 70.04 -43.73 10.19
C TYR J 1681 69.58 -42.28 10.04
N LYS J 1682 68.31 -41.98 10.33
CA LYS J 1682 67.77 -40.60 10.29
C LYS J 1682 68.52 -39.69 11.29
N THR J 1683 68.75 -40.16 12.52
CA THR J 1683 69.17 -39.31 13.67
C THR J 1683 70.69 -39.21 13.78
N SER J 1684 71.40 -40.33 13.62
CA SER J 1684 72.83 -40.49 14.00
C SER J 1684 73.76 -40.25 12.81
N LYS J 1685 74.75 -39.39 12.98
CA LYS J 1685 75.81 -39.12 11.98
C LYS J 1685 76.70 -40.36 11.84
N ALA J 1686 76.96 -41.08 12.93
CA ALA J 1686 77.81 -42.29 12.92
C ALA J 1686 77.15 -43.39 12.07
N ALA J 1687 75.85 -43.62 12.28
CA ALA J 1687 75.04 -44.62 11.57
C ALA J 1687 74.94 -44.23 10.08
N GLN J 1688 74.72 -42.95 9.79
CA GLN J 1688 74.67 -42.41 8.41
C GLN J 1688 75.97 -42.74 7.69
N ASP J 1689 77.12 -42.47 8.30
CA ASP J 1689 78.43 -42.75 7.67
C ASP J 1689 78.58 -44.26 7.35
N VAL J 1690 78.07 -45.13 8.20
CA VAL J 1690 78.19 -46.60 8.00
C VAL J 1690 77.35 -46.98 6.78
N TRP J 1691 76.06 -46.68 6.84
CA TRP J 1691 75.11 -47.03 5.77
C TRP J 1691 75.54 -46.39 4.46
N ASN J 1692 75.89 -45.12 4.45
CA ASN J 1692 76.16 -44.37 3.20
C ASN J 1692 77.41 -44.96 2.56
N ARG J 1693 78.44 -45.22 3.33
CA ARG J 1693 79.65 -45.87 2.80
C ARG J 1693 79.34 -47.25 2.18
N ALA J 1694 78.48 -48.02 2.81
CA ALA J 1694 78.13 -49.37 2.32
C ALA J 1694 77.20 -49.21 1.10
N ASP J 1695 76.23 -48.31 1.18
CA ASP J 1695 75.27 -48.10 0.07
C ASP J 1695 76.03 -47.66 -1.18
N ASN J 1696 76.98 -46.75 -1.02
CA ASN J 1696 77.81 -46.24 -2.14
C ASN J 1696 78.61 -47.37 -2.74
N HIS J 1697 79.20 -48.20 -1.91
CA HIS J 1697 80.03 -49.33 -2.36
C HIS J 1697 79.18 -50.31 -3.18
N PHE J 1698 78.00 -50.66 -2.68
CA PHE J 1698 77.05 -51.54 -3.37
C PHE J 1698 76.53 -50.93 -4.68
N LYS J 1699 76.05 -49.69 -4.66
CA LYS J 1699 75.57 -48.96 -5.86
C LYS J 1699 76.68 -48.95 -6.90
N ASP J 1700 77.90 -48.55 -6.51
CA ASP J 1700 79.01 -48.35 -7.46
C ASP J 1700 79.53 -49.69 -7.98
N THR J 1701 79.45 -50.76 -7.19
CA THR J 1701 80.10 -52.05 -7.52
C THR J 1701 79.09 -53.03 -8.10
N TYR J 1702 77.94 -53.18 -7.48
CA TYR J 1702 76.95 -54.21 -7.86
C TYR J 1702 75.64 -53.60 -8.36
N GLY J 1703 75.53 -52.27 -8.42
CA GLY J 1703 74.36 -51.61 -8.98
C GLY J 1703 73.12 -51.75 -8.16
N PHE J 1704 73.21 -51.98 -6.85
CA PHE J 1704 71.99 -51.96 -6.02
C PHE J 1704 72.29 -51.22 -4.72
N SER J 1705 71.24 -50.73 -4.10
CA SER J 1705 71.29 -50.00 -2.81
C SER J 1705 70.89 -50.99 -1.74
N ILE J 1706 71.78 -51.26 -0.80
CA ILE J 1706 71.45 -52.07 0.40
C ILE J 1706 70.41 -51.31 1.24
N LEU J 1707 70.48 -49.97 1.27
CA LEU J 1707 69.44 -49.13 1.93
C LEU J 1707 68.07 -49.38 1.29
N ASP J 1708 68.00 -49.44 -0.04
CA ASP J 1708 66.71 -49.64 -0.76
C ASP J 1708 66.10 -50.98 -0.34
N ILE J 1709 66.92 -52.01 -0.26
CA ILE J 1709 66.47 -53.38 0.11
C ILE J 1709 65.98 -53.38 1.56
N VAL J 1710 66.68 -52.70 2.47
CA VAL J 1710 66.27 -52.62 3.90
C VAL J 1710 64.94 -51.87 3.98
N ILE J 1711 64.81 -50.74 3.31
CA ILE J 1711 63.62 -49.85 3.44
C ILE J 1711 62.39 -50.46 2.75
N ASN J 1712 62.55 -51.03 1.56
CA ASN J 1712 61.42 -51.39 0.65
C ASN J 1712 61.27 -52.90 0.55
N ASN J 1713 62.29 -53.68 0.91
CA ASN J 1713 62.27 -55.17 0.84
C ASN J 1713 61.60 -55.62 -0.46
N PRO J 1714 62.19 -55.30 -1.64
CA PRO J 1714 61.56 -55.68 -2.91
C PRO J 1714 61.61 -57.19 -3.05
N VAL J 1715 60.64 -57.75 -3.77
CA VAL J 1715 60.52 -59.21 -4.03
C VAL J 1715 61.59 -59.58 -5.06
N ASN J 1716 61.73 -58.78 -6.12
CA ASN J 1716 62.81 -58.99 -7.11
C ASN J 1716 63.60 -57.70 -7.30
N LEU J 1717 64.82 -57.86 -7.79
CA LEU J 1717 65.71 -56.73 -8.07
C LEU J 1717 66.44 -57.06 -9.35
N THR J 1718 66.23 -56.23 -10.36
CA THR J 1718 66.96 -56.36 -11.62
C THR J 1718 68.06 -55.32 -11.62
N ILE J 1719 69.24 -55.79 -11.93
CA ILE J 1719 70.48 -55.03 -12.14
C ILE J 1719 70.65 -54.90 -13.65
N HIS J 1720 70.78 -53.66 -14.14
CA HIS J 1720 70.97 -53.39 -15.59
C HIS J 1720 72.42 -53.08 -15.87
N PHE J 1721 72.95 -53.64 -16.94
CA PHE J 1721 74.37 -53.55 -17.36
C PHE J 1721 74.53 -52.64 -18.56
N GLY J 1722 73.66 -51.64 -18.68
CA GLY J 1722 73.71 -50.72 -19.83
C GLY J 1722 74.68 -49.61 -19.59
N GLY J 1723 75.30 -49.13 -20.66
CA GLY J 1723 76.20 -47.98 -20.61
C GLY J 1723 77.53 -48.37 -20.03
N GLU J 1724 78.45 -47.42 -19.93
CA GLU J 1724 79.83 -47.66 -19.43
C GLU J 1724 79.75 -48.12 -17.97
N LYS J 1725 78.98 -47.42 -17.13
CA LYS J 1725 78.88 -47.78 -15.70
C LYS J 1725 78.33 -49.20 -15.56
N GLY J 1726 77.36 -49.57 -16.40
CA GLY J 1726 76.73 -50.89 -16.37
C GLY J 1726 77.66 -51.99 -16.74
N LYS J 1727 78.59 -51.73 -17.67
CA LYS J 1727 79.58 -52.73 -18.12
C LYS J 1727 80.58 -52.96 -17.00
N ARG J 1728 80.95 -51.90 -16.29
CA ARG J 1728 81.87 -51.96 -15.12
C ARG J 1728 81.22 -52.78 -14.01
N ILE J 1729 79.94 -52.54 -13.73
CA ILE J 1729 79.18 -53.34 -12.73
C ILE J 1729 79.07 -54.79 -13.21
N ARG J 1730 78.85 -55.01 -14.49
CA ARG J 1730 78.75 -56.39 -15.01
C ARG J 1730 80.09 -57.10 -14.79
N GLU J 1731 81.20 -56.45 -15.13
CA GLU J 1731 82.58 -56.99 -14.90
C GLU J 1731 82.68 -57.42 -13.43
N ASN J 1732 82.32 -56.56 -12.48
CA ASN J 1732 82.40 -56.87 -11.03
C ASN J 1732 81.64 -58.17 -10.77
N TYR J 1733 80.45 -58.37 -11.34
CA TYR J 1733 79.66 -59.62 -11.11
C TYR J 1733 80.38 -60.83 -11.71
N SER J 1734 81.08 -60.63 -12.83
CA SER J 1734 81.79 -61.69 -13.60
C SER J 1734 83.10 -62.06 -12.89
N ALA J 1735 83.86 -61.04 -12.49
CA ALA J 1735 85.12 -61.11 -11.70
C ALA J 1735 84.88 -61.69 -10.29
N MET J 1736 83.63 -61.72 -9.81
CA MET J 1736 83.20 -62.44 -8.59
C MET J 1736 83.33 -63.95 -8.84
N ILE J 1737 84.38 -64.58 -8.29
CA ILE J 1737 84.82 -65.97 -8.61
C ILE J 1737 85.14 -66.73 -7.33
N PHE J 1738 84.87 -68.05 -7.32
CA PHE J 1738 85.40 -69.01 -6.32
C PHE J 1738 86.81 -69.41 -6.71
N GLU J 1739 87.78 -69.19 -5.81
CA GLU J 1739 89.23 -69.51 -5.99
C GLU J 1739 89.57 -70.74 -5.13
N THR J 1740 89.47 -71.94 -5.72
CA THR J 1740 89.77 -73.25 -5.08
C THR J 1740 91.14 -73.75 -5.57
N ILE J 1741 91.85 -74.52 -4.74
CA ILE J 1741 93.11 -75.26 -5.08
C ILE J 1741 92.77 -76.75 -5.18
N VAL J 1742 92.88 -77.34 -6.38
CA VAL J 1742 92.66 -78.79 -6.65
C VAL J 1742 93.94 -79.35 -7.32
N ASP J 1743 94.64 -80.26 -6.62
CA ASP J 1743 95.88 -80.95 -7.08
C ASP J 1743 96.97 -79.91 -7.40
N GLY J 1744 97.16 -78.92 -6.52
CA GLY J 1744 98.14 -77.82 -6.68
C GLY J 1744 97.88 -76.97 -7.92
N LYS J 1745 96.61 -76.78 -8.28
CA LYS J 1745 96.15 -76.02 -9.49
C LYS J 1745 94.99 -75.10 -9.09
N LEU J 1746 95.06 -73.81 -9.46
CA LEU J 1746 94.01 -72.79 -9.19
C LEU J 1746 92.85 -73.00 -10.17
N LYS J 1747 91.73 -73.56 -9.70
CA LYS J 1747 90.49 -73.81 -10.49
C LYS J 1747 89.46 -72.73 -10.11
N THR J 1748 89.49 -71.58 -10.81
CA THR J 1748 88.57 -70.43 -10.62
C THR J 1748 87.21 -70.76 -11.24
N GLU J 1749 86.17 -70.80 -10.43
CA GLU J 1749 84.75 -70.99 -10.85
C GLU J 1749 84.03 -69.63 -10.73
N LYS J 1750 82.89 -69.47 -11.41
CA LYS J 1750 82.09 -68.22 -11.45
C LYS J 1750 80.83 -68.38 -10.58
N ILE J 1751 80.60 -67.43 -9.66
CA ILE J 1751 79.24 -67.15 -9.10
C ILE J 1751 78.53 -66.33 -10.17
N PHE J 1752 77.22 -66.49 -10.33
CA PHE J 1752 76.47 -65.86 -11.44
C PHE J 1752 77.03 -66.44 -12.74
N LYS J 1753 76.64 -67.69 -13.02
CA LYS J 1753 76.98 -68.40 -14.30
C LYS J 1753 76.23 -67.72 -15.45
N GLU J 1754 74.95 -67.35 -15.22
CA GLU J 1754 74.05 -66.75 -16.24
C GLU J 1754 74.54 -65.36 -16.67
N ILE J 1755 75.47 -64.72 -15.96
CA ILE J 1755 76.04 -63.40 -16.33
C ILE J 1755 77.28 -63.63 -17.19
N ASN J 1756 77.19 -63.24 -18.46
CA ASN J 1756 78.30 -63.26 -19.46
C ASN J 1756 78.41 -61.84 -20.06
N GLU J 1757 79.34 -61.65 -21.01
CA GLU J 1757 79.61 -60.36 -21.71
C GLU J 1757 78.43 -59.90 -22.60
N HIS J 1758 77.40 -60.72 -22.84
CA HIS J 1758 76.19 -60.37 -23.64
C HIS J 1758 74.96 -60.18 -22.75
N SER J 1759 75.11 -60.22 -21.42
CA SER J 1759 73.99 -60.06 -20.48
C SER J 1759 73.71 -58.57 -20.37
N THR J 1760 72.44 -58.20 -20.40
CA THR J 1760 72.04 -56.79 -20.28
C THR J 1760 71.46 -56.56 -18.89
N SER J 1761 71.08 -57.62 -18.22
CA SER J 1761 70.50 -57.54 -16.87
C SER J 1761 70.72 -58.86 -16.11
N TYR J 1762 70.51 -58.78 -14.80
CA TYR J 1762 70.47 -59.93 -13.88
C TYR J 1762 69.41 -59.64 -12.85
N THR J 1763 68.46 -60.54 -12.66
CA THR J 1763 67.40 -60.44 -11.64
C THR J 1763 67.72 -61.39 -10.49
N PHE J 1764 67.90 -60.82 -9.29
CA PHE J 1764 67.79 -61.50 -7.98
C PHE J 1764 66.32 -61.76 -7.68
N ARG J 1765 66.02 -62.97 -7.23
CA ARG J 1765 64.62 -63.46 -7.06
C ARG J 1765 64.41 -63.87 -5.60
N SER J 1766 63.21 -63.63 -5.10
CA SER J 1766 62.74 -64.09 -3.76
C SER J 1766 61.24 -64.30 -3.84
N GLU J 1767 60.72 -65.15 -2.95
CA GLU J 1767 59.27 -65.45 -2.83
C GLU J 1767 58.59 -64.25 -2.16
N LYS J 1768 59.16 -63.72 -1.06
CA LYS J 1768 58.49 -62.77 -0.13
C LYS J 1768 59.20 -61.41 -0.11
N GLY J 1769 60.53 -61.39 -0.21
CA GLY J 1769 61.33 -60.16 -0.18
C GLY J 1769 62.80 -60.48 -0.09
N LEU J 1770 63.65 -59.65 -0.70
CA LEU J 1770 65.10 -59.94 -0.81
C LEU J 1770 65.83 -59.73 0.51
N LEU J 1771 65.25 -59.04 1.48
CA LEU J 1771 65.86 -58.93 2.82
C LEU J 1771 65.97 -60.33 3.45
N SER J 1772 65.13 -61.28 3.04
CA SER J 1772 65.18 -62.71 3.49
C SER J 1772 66.21 -63.54 2.72
N ALA J 1773 66.68 -63.10 1.54
CA ALA J 1773 67.72 -63.80 0.76
C ALA J 1773 69.07 -63.50 1.40
N THR J 1774 69.87 -64.53 1.65
CA THR J 1774 71.01 -64.45 2.59
C THR J 1774 72.10 -63.53 2.04
N GLN J 1775 72.18 -63.27 0.74
CA GLN J 1775 73.27 -62.41 0.21
C GLN J 1775 72.95 -60.95 0.55
N PHE J 1776 71.68 -60.63 0.81
CA PHE J 1776 71.21 -59.29 1.22
C PHE J 1776 71.03 -59.20 2.73
N THR J 1777 70.50 -60.26 3.36
CA THR J 1777 70.30 -60.35 4.83
C THR J 1777 71.64 -60.08 5.51
N GLN J 1778 72.70 -60.71 5.03
CA GLN J 1778 74.01 -60.67 5.72
C GLN J 1778 74.55 -59.26 5.76
N PRO J 1779 74.74 -58.56 4.62
CA PRO J 1779 75.15 -57.16 4.63
C PRO J 1779 74.19 -56.27 5.45
N ALA J 1780 72.89 -56.43 5.28
CA ALA J 1780 71.88 -55.59 5.93
C ALA J 1780 72.00 -55.70 7.46
N LEU J 1781 72.09 -56.93 7.99
CA LEU J 1781 72.17 -57.18 9.45
C LEU J 1781 73.52 -56.64 9.94
N THR J 1782 74.56 -56.97 9.22
CA THR J 1782 75.92 -56.53 9.60
C THR J 1782 75.98 -55.01 9.68
N LEU J 1783 75.25 -54.31 8.82
CA LEU J 1783 75.30 -52.83 8.78
C LEU J 1783 74.46 -52.25 9.90
N MET J 1784 73.27 -52.81 10.13
CA MET J 1784 72.37 -52.37 11.22
C MET J 1784 73.15 -52.47 12.54
N GLU J 1785 73.95 -53.52 12.70
CA GLU J 1785 74.70 -53.80 13.95
C GLU J 1785 75.90 -52.86 14.06
N LYS J 1786 76.65 -52.72 12.97
CA LYS J 1786 77.81 -51.81 12.93
C LYS J 1786 77.35 -50.35 13.08
N ALA J 1787 76.19 -49.98 12.56
CA ALA J 1787 75.69 -48.59 12.66
C ALA J 1787 75.28 -48.32 14.12
N ALA J 1788 74.57 -49.26 14.75
CA ALA J 1788 74.20 -49.19 16.19
C ALA J 1788 75.47 -49.03 17.01
N PHE J 1789 76.45 -49.89 16.78
CA PHE J 1789 77.70 -49.86 17.55
C PHE J 1789 78.47 -48.56 17.33
N GLU J 1790 78.57 -48.08 16.09
CA GLU J 1790 79.29 -46.83 15.80
C GLU J 1790 78.57 -45.66 16.50
N ASP J 1791 77.24 -45.72 16.66
CA ASP J 1791 76.50 -44.65 17.37
C ASP J 1791 76.89 -44.68 18.86
N LEU J 1792 76.87 -45.88 19.47
CA LEU J 1792 77.30 -46.10 20.87
C LEU J 1792 78.71 -45.53 21.06
N LYS J 1793 79.64 -45.89 20.17
CA LYS J 1793 81.05 -45.47 20.21
C LYS J 1793 81.12 -43.94 20.15
N SER J 1794 80.29 -43.31 19.34
CA SER J 1794 80.28 -41.83 19.16
C SER J 1794 79.86 -41.15 20.48
N LYS J 1795 79.02 -41.82 21.28
CA LYS J 1795 78.43 -41.30 22.54
C LYS J 1795 79.34 -41.63 23.73
N GLY J 1796 80.49 -42.26 23.49
CA GLY J 1796 81.49 -42.67 24.50
C GLY J 1796 81.07 -43.89 25.32
N LEU J 1797 80.16 -44.73 24.81
CA LEU J 1797 79.51 -45.79 25.61
C LEU J 1797 80.22 -47.14 25.61
N ILE J 1798 81.37 -47.27 24.95
CA ILE J 1798 82.02 -48.59 24.74
C ILE J 1798 83.20 -48.68 25.70
N PRO J 1799 83.13 -49.58 26.72
CA PRO J 1799 84.26 -49.83 27.61
C PRO J 1799 85.45 -50.34 26.81
N ALA J 1800 86.64 -49.79 27.11
CA ALA J 1800 87.92 -50.12 26.45
C ALA J 1800 88.24 -51.62 26.49
N ASP J 1801 87.72 -52.36 27.48
CA ASP J 1801 88.07 -53.79 27.74
C ASP J 1801 86.83 -54.70 27.65
N ALA J 1802 85.76 -54.26 26.98
CA ALA J 1802 84.54 -55.04 26.74
C ALA J 1802 84.90 -56.33 26.02
N THR J 1803 84.21 -57.41 26.36
CA THR J 1803 84.30 -58.69 25.63
C THR J 1803 83.20 -58.68 24.58
N PHE J 1804 83.31 -59.58 23.61
CA PHE J 1804 82.28 -59.64 22.55
C PHE J 1804 82.31 -60.99 21.85
N ALA J 1805 81.14 -61.31 21.35
CA ALA J 1805 80.89 -62.51 20.55
C ALA J 1805 79.74 -62.18 19.62
N GLY J 1806 79.72 -62.83 18.47
CA GLY J 1806 78.56 -62.76 17.62
C GLY J 1806 78.05 -64.13 17.32
N HIS J 1807 76.75 -64.26 17.25
CA HIS J 1807 76.06 -65.52 16.93
C HIS J 1807 76.03 -65.64 15.40
N J8W J 1808 76.90 -66.49 14.86
CA J8W J 1808 76.89 -66.83 13.43
CB J8W J 1808 75.50 -67.44 13.14
OG J8W J 1808 75.31 -67.47 11.73
C J8W J 1808 77.36 -65.62 12.59
O J8W J 1808 78.54 -65.27 12.61
C1 J8W J 1808 73.93 -67.63 9.66
C2 J8W J 1808 74.10 -67.05 11.03
C3 J8W J 1808 75.23 -67.26 9.01
O7 J8W J 1808 73.30 -66.24 11.50
O8 J8W J 1808 75.30 -66.20 8.33
O9 J8W J 1808 76.25 -67.98 9.19
N LEU J 1809 76.44 -64.97 11.88
CA LEU J 1809 76.76 -63.81 11.05
C LEU J 1809 77.26 -62.69 11.96
N GLY J 1810 76.60 -62.54 13.13
CA GLY J 1810 76.94 -61.60 14.20
C GLY J 1810 78.43 -61.51 14.43
N GLU J 1811 79.15 -62.60 14.29
CA GLU J 1811 80.63 -62.61 14.49
C GLU J 1811 81.31 -61.55 13.62
N TYR J 1812 80.79 -61.27 12.41
CA TYR J 1812 81.45 -60.36 11.43
C TYR J 1812 81.27 -58.91 11.90
N ALA J 1813 80.04 -58.56 12.27
CA ALA J 1813 79.70 -57.24 12.82
C ALA J 1813 80.50 -56.98 14.10
N ALA J 1814 80.55 -57.98 14.97
CA ALA J 1814 81.29 -57.94 16.26
C ALA J 1814 82.74 -57.58 16.01
N LEU J 1815 83.37 -58.25 15.05
CA LEU J 1815 84.80 -58.08 14.75
C LEU J 1815 85.09 -56.73 14.10
N ALA J 1816 84.22 -56.27 13.21
CA ALA J 1816 84.33 -54.94 12.57
C ALA J 1816 84.08 -53.86 13.64
N SER J 1817 83.11 -54.11 14.52
CA SER J 1817 82.66 -53.16 15.56
C SER J 1817 83.76 -53.00 16.61
N LEU J 1818 84.08 -54.07 17.34
CA LEU J 1818 84.94 -54.01 18.54
C LEU J 1818 86.42 -54.01 18.15
N ALA J 1819 86.81 -54.62 17.02
CA ALA J 1819 88.23 -54.78 16.66
C ALA J 1819 88.65 -54.02 15.39
N ASP J 1820 87.70 -53.48 14.59
CA ASP J 1820 87.96 -52.74 13.34
C ASP J 1820 88.96 -53.53 12.48
N VAL J 1821 88.64 -54.80 12.26
CA VAL J 1821 89.45 -55.78 11.48
C VAL J 1821 89.23 -55.50 9.99
N MET J 1822 88.03 -55.04 9.64
CA MET J 1822 87.60 -54.72 8.25
C MET J 1822 87.02 -53.31 8.26
N SER J 1823 87.24 -52.57 7.18
CA SER J 1823 86.46 -51.36 6.81
C SER J 1823 85.01 -51.76 6.57
N ILE J 1824 84.08 -50.80 6.63
CA ILE J 1824 82.66 -50.99 6.21
C ILE J 1824 82.64 -51.70 4.84
N GLU J 1825 83.49 -51.28 3.91
CA GLU J 1825 83.41 -51.70 2.49
C GLU J 1825 83.81 -53.17 2.44
N SER J 1826 84.98 -53.49 2.99
CA SER J 1826 85.53 -54.86 3.19
C SER J 1826 84.49 -55.75 3.86
N LEU J 1827 83.83 -55.25 4.89
CA LEU J 1827 82.86 -55.99 5.70
C LEU J 1827 81.70 -56.45 4.81
N VAL J 1828 81.03 -55.49 4.18
CA VAL J 1828 79.80 -55.78 3.39
C VAL J 1828 80.16 -56.65 2.20
N GLU J 1829 81.32 -56.44 1.60
CA GLU J 1829 81.85 -57.27 0.48
C GLU J 1829 82.01 -58.71 0.99
N VAL J 1830 82.68 -58.89 2.13
CA VAL J 1830 82.98 -60.22 2.71
C VAL J 1830 81.65 -60.93 2.96
N VAL J 1831 80.69 -60.27 3.58
CA VAL J 1831 79.43 -60.96 3.96
C VAL J 1831 78.52 -61.13 2.74
N PHE J 1832 78.65 -60.26 1.74
CA PHE J 1832 77.87 -60.42 0.49
C PHE J 1832 78.32 -61.71 -0.20
N TYR J 1833 79.63 -61.89 -0.30
CA TYR J 1833 80.30 -63.07 -0.87
C TYR J 1833 79.92 -64.32 -0.06
N ARG J 1834 80.06 -64.25 1.25
CA ARG J 1834 79.68 -65.32 2.19
C ARG J 1834 78.25 -65.75 1.90
N GLY J 1835 77.34 -64.79 1.75
CA GLY J 1835 75.94 -65.05 1.44
C GLY J 1835 75.79 -65.66 0.06
N MET J 1836 76.57 -65.20 -0.93
CA MET J 1836 76.46 -65.71 -2.32
C MET J 1836 76.95 -67.17 -2.34
N THR J 1837 78.10 -67.45 -1.70
CA THR J 1837 78.68 -68.80 -1.49
C THR J 1837 77.61 -69.77 -0.96
N MET J 1838 76.80 -69.32 0.00
CA MET J 1838 75.72 -70.14 0.61
C MET J 1838 74.57 -70.32 -0.38
N GLN J 1839 74.19 -69.28 -1.11
CA GLN J 1839 73.10 -69.31 -2.13
C GLN J 1839 73.43 -70.27 -3.28
N VAL J 1840 74.69 -70.27 -3.75
CA VAL J 1840 75.22 -71.15 -4.83
C VAL J 1840 75.16 -72.62 -4.40
N ALA J 1841 75.52 -72.90 -3.14
CA ALA J 1841 75.59 -74.27 -2.55
C ALA J 1841 74.20 -74.92 -2.51
N VAL J 1842 73.10 -74.15 -2.56
CA VAL J 1842 71.70 -74.65 -2.36
C VAL J 1842 70.90 -74.50 -3.66
N PRO J 1843 70.38 -75.61 -4.25
CA PRO J 1843 69.42 -75.53 -5.35
C PRO J 1843 68.16 -74.71 -5.02
N ARG J 1844 67.69 -73.89 -5.96
CA ARG J 1844 66.52 -72.99 -5.80
C ARG J 1844 65.58 -73.20 -6.98
N ASP J 1845 64.29 -72.90 -6.78
CA ASP J 1845 63.24 -72.98 -7.82
C ASP J 1845 63.14 -71.59 -8.50
N GLU J 1846 62.11 -71.37 -9.32
CA GLU J 1846 61.90 -70.13 -10.10
C GLU J 1846 61.65 -68.95 -9.15
N LEU J 1847 60.91 -69.18 -8.06
CA LEU J 1847 60.49 -68.15 -7.06
C LEU J 1847 61.62 -67.87 -6.03
N GLY J 1848 62.69 -68.67 -6.02
CA GLY J 1848 63.85 -68.50 -5.13
C GLY J 1848 63.74 -69.30 -3.83
N ARG J 1849 62.87 -70.32 -3.79
CA ARG J 1849 62.62 -71.22 -2.62
C ARG J 1849 63.53 -72.44 -2.70
N SER J 1850 64.15 -72.84 -1.59
CA SER J 1850 65.02 -74.03 -1.45
C SER J 1850 64.26 -75.18 -0.77
N ASN J 1851 64.89 -76.34 -0.68
CA ASN J 1851 64.37 -77.52 0.09
C ASN J 1851 65.16 -77.68 1.39
N TYR J 1852 65.46 -76.58 2.08
CA TYR J 1852 66.33 -76.57 3.29
C TYR J 1852 65.82 -75.49 4.23
N GLY J 1853 66.07 -75.68 5.52
CA GLY J 1853 65.49 -74.85 6.59
C GLY J 1853 66.16 -75.12 7.92
N MET J 1854 65.58 -74.58 8.98
CA MET J 1854 66.07 -74.75 10.36
C MET J 1854 64.89 -74.80 11.33
N ILE J 1855 64.98 -75.66 12.35
CA ILE J 1855 64.00 -75.73 13.47
C ILE J 1855 64.75 -75.54 14.79
N ALA J 1856 64.23 -74.68 15.66
CA ALA J 1856 64.62 -74.57 17.08
C ALA J 1856 63.88 -75.67 17.85
N ILE J 1857 64.63 -76.61 18.44
CA ILE J 1857 64.10 -77.74 19.25
C ILE J 1857 64.37 -77.48 20.73
N ASN J 1858 63.30 -77.48 21.54
CA ASN J 1858 63.35 -77.43 23.03
C ASN J 1858 63.21 -78.86 23.55
N PRO J 1859 64.30 -79.56 23.94
CA PRO J 1859 64.21 -80.92 24.48
C PRO J 1859 63.39 -81.03 25.78
N GLY J 1860 63.19 -79.94 26.51
CA GLY J 1860 62.36 -79.88 27.73
C GLY J 1860 60.87 -79.84 27.42
N ARG J 1861 60.47 -79.52 26.19
CA ARG J 1861 59.05 -79.38 25.77
C ARG J 1861 58.48 -80.73 25.30
N VAL J 1862 59.34 -81.75 25.12
CA VAL J 1862 58.92 -83.13 24.68
C VAL J 1862 58.72 -84.00 25.93
N ALA J 1863 59.72 -84.08 26.80
CA ALA J 1863 59.71 -84.85 28.07
C ALA J 1863 60.82 -84.32 28.99
N ALA J 1864 60.55 -84.26 30.30
CA ALA J 1864 61.47 -83.75 31.34
C ALA J 1864 62.76 -84.58 31.37
N SER J 1865 62.68 -85.87 31.03
CA SER J 1865 63.83 -86.82 30.99
C SER J 1865 64.55 -86.78 29.63
N PHE J 1866 63.93 -86.19 28.61
CA PHE J 1866 64.51 -86.03 27.23
C PHE J 1866 65.64 -84.98 27.27
N SER J 1867 66.89 -85.45 27.31
CA SER J 1867 68.12 -84.62 27.43
C SER J 1867 68.63 -84.25 26.04
N GLN J 1868 69.74 -83.50 25.98
CA GLN J 1868 70.39 -83.11 24.69
C GLN J 1868 71.08 -84.32 24.06
N GLU J 1869 71.48 -85.34 24.86
CA GLU J 1869 72.07 -86.61 24.37
C GLU J 1869 70.98 -87.45 23.69
N ALA J 1870 69.76 -87.42 24.22
CA ALA J 1870 68.56 -88.05 23.63
C ALA J 1870 68.23 -87.37 22.29
N LEU J 1871 68.24 -86.03 22.25
CA LEU J 1871 68.01 -85.24 21.01
C LEU J 1871 69.08 -85.57 19.98
N GLN J 1872 70.36 -85.55 20.37
CA GLN J 1872 71.51 -85.87 19.48
C GLN J 1872 71.27 -87.25 18.85
N TYR J 1873 70.99 -88.25 19.69
CA TYR J 1873 70.66 -89.65 19.30
C TYR J 1873 69.54 -89.65 18.25
N VAL J 1874 68.37 -89.10 18.59
CA VAL J 1874 67.15 -89.10 17.71
C VAL J 1874 67.51 -88.47 16.35
N VAL J 1875 68.09 -87.26 16.36
CA VAL J 1875 68.42 -86.45 15.13
C VAL J 1875 69.38 -87.26 14.25
N GLU J 1876 70.43 -87.87 14.83
CA GLU J 1876 71.43 -88.68 14.11
C GLU J 1876 70.75 -89.91 13.47
N ARG J 1877 69.79 -90.53 14.16
CA ARG J 1877 69.03 -91.72 13.67
C ARG J 1877 68.11 -91.31 12.53
N VAL J 1878 67.41 -90.17 12.63
CA VAL J 1878 66.47 -89.67 11.58
C VAL J 1878 67.30 -89.31 10.33
N GLY J 1879 68.52 -88.82 10.51
CA GLY J 1879 69.49 -88.54 9.43
C GLY J 1879 69.89 -89.80 8.68
N LYS J 1880 70.30 -90.84 9.42
CA LYS J 1880 70.85 -92.12 8.89
C LYS J 1880 69.76 -92.94 8.20
N ARG J 1881 68.58 -93.02 8.82
CA ARG J 1881 67.43 -93.84 8.32
C ARG J 1881 66.95 -93.31 6.97
N THR J 1882 66.55 -92.03 6.91
CA THR J 1882 65.98 -91.36 5.71
C THR J 1882 67.06 -91.12 4.65
N GLY J 1883 68.33 -90.96 5.06
CA GLY J 1883 69.45 -90.58 4.17
C GLY J 1883 69.47 -89.10 3.85
N TRP J 1884 68.43 -88.36 4.27
CA TRP J 1884 68.29 -86.88 4.12
C TRP J 1884 69.28 -86.18 5.07
N LEU J 1885 69.46 -84.86 4.89
CA LEU J 1885 70.34 -84.01 5.74
C LEU J 1885 69.54 -83.50 6.94
N VAL J 1886 70.02 -83.79 8.16
CA VAL J 1886 69.61 -83.10 9.41
C VAL J 1886 70.75 -83.23 10.42
N GLU J 1887 71.20 -82.10 10.97
CA GLU J 1887 72.26 -82.01 12.01
C GLU J 1887 71.86 -80.95 13.03
N ILE J 1888 72.29 -81.12 14.28
CA ILE J 1888 72.23 -80.07 15.33
C ILE J 1888 73.40 -79.12 15.02
N VAL J 1889 73.10 -77.85 14.79
CA VAL J 1889 74.14 -76.89 14.28
C VAL J 1889 74.32 -75.73 15.26
N ASN J 1890 73.25 -75.19 15.84
CA ASN J 1890 73.34 -74.15 16.89
C ASN J 1890 72.94 -74.77 18.24
N TYR J 1891 73.88 -74.74 19.19
CA TYR J 1891 73.69 -74.98 20.65
C TYR J 1891 73.45 -73.63 21.35
N ASN J 1892 72.19 -73.27 21.57
CA ASN J 1892 71.77 -71.89 21.96
C ASN J 1892 71.50 -71.76 23.47
N VAL J 1893 70.64 -72.59 24.04
CA VAL J 1893 70.30 -72.59 25.49
C VAL J 1893 70.30 -74.04 25.96
N GLU J 1894 71.12 -74.36 26.96
CA GLU J 1894 71.35 -75.76 27.43
C GLU J 1894 70.00 -76.31 27.84
N ASN J 1895 69.63 -77.46 27.27
CA ASN J 1895 68.38 -78.23 27.51
C ASN J 1895 67.12 -77.39 27.21
N GLN J 1896 67.21 -76.35 26.38
CA GLN J 1896 66.05 -75.46 26.07
C GLN J 1896 66.02 -75.01 24.60
N GLN J 1897 67.14 -74.97 23.87
CA GLN J 1897 67.15 -74.49 22.46
C GLN J 1897 68.40 -74.98 21.74
N TYR J 1898 68.19 -75.95 20.86
CA TYR J 1898 69.15 -76.51 19.89
C TYR J 1898 68.50 -76.33 18.51
N VAL J 1899 69.29 -75.92 17.53
CA VAL J 1899 68.77 -75.65 16.15
C VAL J 1899 69.23 -76.81 15.26
N ALA J 1900 68.26 -77.47 14.64
CA ALA J 1900 68.51 -78.51 13.62
C ALA J 1900 68.41 -77.84 12.25
N ALA J 1901 69.46 -77.97 11.44
CA ALA J 1901 69.51 -77.53 10.03
C ALA J 1901 69.49 -78.76 9.12
N GLY J 1902 68.76 -78.63 8.02
CA GLY J 1902 68.97 -79.49 6.84
C GLY J 1902 67.71 -79.59 6.01
N ASP J 1903 67.61 -80.72 5.31
CA ASP J 1903 66.49 -81.06 4.39
C ASP J 1903 65.17 -80.77 5.10
N LEU J 1904 64.29 -80.02 4.44
CA LEU J 1904 62.97 -79.59 4.97
C LEU J 1904 62.12 -80.83 5.31
N ARG J 1905 62.29 -81.94 4.58
CA ARG J 1905 61.58 -83.22 4.83
C ARG J 1905 62.13 -83.84 6.13
N ALA J 1906 63.45 -83.97 6.27
CA ALA J 1906 64.13 -84.48 7.49
C ALA J 1906 63.71 -83.66 8.74
N LEU J 1907 63.54 -82.35 8.59
CA LEU J 1907 63.13 -81.43 9.69
C LEU J 1907 61.66 -81.67 10.04
N ASP J 1908 60.80 -81.94 9.06
CA ASP J 1908 59.36 -82.25 9.28
C ASP J 1908 59.23 -83.64 9.94
N THR J 1909 60.05 -84.60 9.51
CA THR J 1909 60.16 -85.96 10.11
C THR J 1909 60.55 -85.84 11.59
N VAL J 1910 61.64 -85.11 11.89
CA VAL J 1910 62.14 -84.87 13.29
C VAL J 1910 61.01 -84.23 14.11
N THR J 1911 60.30 -83.23 13.58
CA THR J 1911 59.16 -82.55 14.26
C THR J 1911 58.08 -83.58 14.63
N ASN J 1912 57.73 -84.47 13.69
CA ASN J 1912 56.64 -85.48 13.83
C ASN J 1912 57.05 -86.58 14.80
N VAL J 1913 58.32 -87.05 14.70
CA VAL J 1913 58.91 -88.06 15.63
C VAL J 1913 58.83 -87.53 17.08
N LEU J 1914 59.27 -86.29 17.31
CA LEU J 1914 59.28 -85.65 18.66
C LEU J 1914 57.84 -85.39 19.14
N ASN J 1915 56.93 -85.03 18.23
CA ASN J 1915 55.47 -84.90 18.52
C ASN J 1915 54.92 -86.25 18.99
N PHE J 1916 55.31 -87.35 18.32
CA PHE J 1916 54.88 -88.74 18.64
C PHE J 1916 55.47 -89.15 20.00
N ILE J 1917 56.77 -88.92 20.23
CA ILE J 1917 57.49 -89.28 21.50
C ILE J 1917 56.85 -88.55 22.69
N LYS J 1918 56.47 -87.27 22.52
CA LYS J 1918 55.81 -86.45 23.57
C LYS J 1918 54.44 -87.03 23.92
N LEU J 1919 53.64 -87.40 22.91
CA LEU J 1919 52.25 -87.93 23.07
C LEU J 1919 52.27 -89.34 23.68
N GLN J 1920 53.28 -90.16 23.37
CA GLN J 1920 53.45 -91.54 23.90
C GLN J 1920 54.09 -91.51 25.30
N LYS J 1921 54.78 -90.42 25.67
CA LYS J 1921 55.44 -90.20 26.99
C LYS J 1921 56.50 -91.29 27.22
N ILE J 1922 57.19 -91.70 26.15
CA ILE J 1922 58.19 -92.81 26.14
C ILE J 1922 59.60 -92.21 26.13
N ASP J 1923 60.45 -92.63 27.09
CA ASP J 1923 61.86 -92.19 27.23
C ASP J 1923 62.74 -93.09 26.36
N ILE J 1924 63.85 -92.55 25.82
CA ILE J 1924 64.85 -93.29 25.00
C ILE J 1924 66.00 -93.75 25.91
N ILE J 1925 66.49 -92.89 26.82
CA ILE J 1925 67.69 -93.14 27.68
C ILE J 1925 67.38 -94.21 28.73
N GLU J 1926 66.17 -94.21 29.30
CA GLU J 1926 65.70 -95.19 30.31
C GLU J 1926 65.62 -96.59 29.67
N LEU J 1927 65.05 -96.68 28.45
CA LEU J 1927 64.89 -97.95 27.70
C LEU J 1927 66.26 -98.48 27.25
N GLN J 1928 67.18 -97.62 26.79
CA GLN J 1928 68.49 -98.03 26.19
C GLN J 1928 69.44 -98.58 27.28
N LYS J 1929 69.25 -98.18 28.54
CA LYS J 1929 70.16 -98.51 29.69
C LYS J 1929 69.53 -99.59 30.58
N SER J 1930 68.26 -99.44 30.97
CA SER J 1930 67.59 -100.23 32.04
C SER J 1930 66.67 -101.33 31.48
N LEU J 1931 66.31 -101.31 30.18
CA LEU J 1931 65.35 -102.27 29.57
C LEU J 1931 66.06 -103.14 28.53
N SER J 1932 66.63 -102.55 27.47
CA SER J 1932 67.17 -103.28 26.29
C SER J 1932 68.38 -102.57 25.68
N LEU J 1933 69.32 -103.33 25.13
CA LEU J 1933 70.59 -102.86 24.52
C LEU J 1933 70.47 -102.93 22.98
N GLU J 1934 70.43 -101.76 22.31
CA GLU J 1934 70.39 -101.56 20.83
C GLU J 1934 69.01 -101.93 20.23
N GLU J 1935 68.04 -102.36 21.03
CA GLU J 1935 66.63 -102.58 20.61
C GLU J 1935 65.95 -101.23 20.36
N VAL J 1936 66.27 -100.22 21.19
CA VAL J 1936 65.78 -98.81 21.06
C VAL J 1936 66.08 -98.27 19.65
N GLU J 1937 67.25 -98.62 19.09
CA GLU J 1937 67.72 -98.19 17.74
C GLU J 1937 66.70 -98.69 16.70
N GLY J 1938 66.44 -100.01 16.70
CA GLY J 1938 65.43 -100.67 15.85
C GLY J 1938 64.03 -100.13 16.11
N HIS J 1939 63.67 -99.91 17.38
CA HIS J 1939 62.34 -99.39 17.82
C HIS J 1939 62.12 -97.97 17.28
N LEU J 1940 63.17 -97.13 17.27
CA LEU J 1940 63.11 -95.72 16.79
C LEU J 1940 63.01 -95.70 15.25
N PHE J 1941 63.60 -96.68 14.56
CA PHE J 1941 63.62 -96.79 13.07
C PHE J 1941 62.19 -96.79 12.52
N GLU J 1942 61.24 -97.53 13.11
CA GLU J 1942 59.85 -97.63 12.61
C GLU J 1942 59.06 -96.34 12.90
N ILE J 1943 59.39 -95.63 13.98
CA ILE J 1943 58.78 -94.32 14.36
C ILE J 1943 59.25 -93.27 13.34
N ILE J 1944 60.53 -93.31 12.95
CA ILE J 1944 61.15 -92.43 11.90
C ILE J 1944 60.47 -92.72 10.55
N ASP J 1945 60.27 -94.00 10.22
CA ASP J 1945 59.67 -94.47 8.94
C ASP J 1945 58.24 -93.97 8.80
N GLU J 1946 57.44 -94.04 9.86
CA GLU J 1946 56.04 -93.54 9.90
C GLU J 1946 56.04 -92.05 9.47
N ALA J 1947 56.91 -91.24 10.08
CA ALA J 1947 57.02 -89.78 9.83
C ALA J 1947 57.64 -89.50 8.45
N SER J 1948 58.64 -90.29 8.01
CA SER J 1948 59.35 -90.12 6.72
C SER J 1948 58.41 -90.37 5.52
N LYS J 1949 57.53 -91.38 5.63
CA LYS J 1949 56.52 -91.74 4.58
C LYS J 1949 55.56 -90.56 4.36
N LYS J 1950 55.11 -89.92 5.44
CA LYS J 1950 54.14 -88.78 5.39
C LYS J 1950 54.85 -87.51 4.90
N SER J 1951 56.16 -87.35 5.18
CA SER J 1951 56.98 -86.17 4.79
C SER J 1951 57.32 -86.22 3.29
N ALA J 1952 57.70 -87.39 2.77
CA ALA J 1952 58.12 -87.60 1.35
C ALA J 1952 56.95 -87.35 0.40
N VAL J 1953 55.72 -87.70 0.79
CA VAL J 1953 54.45 -87.50 0.02
C VAL J 1953 54.21 -86.00 -0.20
N LYS J 1954 54.41 -85.16 0.83
CA LYS J 1954 54.18 -83.69 0.79
C LYS J 1954 55.01 -83.08 -0.35
N PRO J 1955 54.51 -82.01 -1.03
CA PRO J 1955 55.25 -81.38 -2.13
C PRO J 1955 56.60 -80.80 -1.68
N ARG J 1956 57.52 -80.53 -2.61
CA ARG J 1956 58.95 -80.22 -2.32
C ARG J 1956 59.06 -78.95 -1.48
N PRO J 1957 58.38 -77.83 -1.82
CA PRO J 1957 58.41 -76.64 -0.95
C PRO J 1957 57.41 -76.73 0.21
N LEU J 1958 57.55 -77.74 1.09
CA LEU J 1958 56.57 -78.05 2.17
C LEU J 1958 56.76 -77.02 3.30
N LYS J 1959 55.65 -76.47 3.81
CA LYS J 1959 55.63 -75.51 4.94
C LYS J 1959 55.85 -76.29 6.24
N LEU J 1960 57.01 -76.10 6.87
CA LEU J 1960 57.37 -76.68 8.19
C LEU J 1960 56.35 -76.21 9.22
N GLU J 1961 55.79 -77.14 10.01
CA GLU J 1961 54.72 -76.87 11.00
C GLU J 1961 55.33 -76.77 12.40
N ARG J 1962 54.75 -75.90 13.24
CA ARG J 1962 55.14 -75.69 14.65
C ARG J 1962 54.67 -76.90 15.49
N GLY J 1963 55.61 -77.73 15.96
CA GLY J 1963 55.34 -78.87 16.83
C GLY J 1963 55.11 -78.45 18.27
N PHE J 1964 55.23 -79.39 19.20
CA PHE J 1964 55.20 -79.14 20.67
C PHE J 1964 56.60 -78.76 21.14
N ALA J 1965 57.63 -79.43 20.61
CA ALA J 1965 59.06 -79.26 20.97
C ALA J 1965 59.87 -78.64 19.83
N CYS J 1966 59.23 -78.20 18.74
CA CYS J 1966 59.91 -77.67 17.51
C CYS J 1966 59.18 -76.43 16.99
N ILE J 1967 59.95 -75.40 16.61
CA ILE J 1967 59.44 -74.19 15.92
C ILE J 1967 60.36 -73.92 14.73
N PRO J 1968 59.84 -73.75 13.50
CA PRO J 1968 60.67 -73.45 12.33
C PRO J 1968 61.17 -72.00 12.37
N LEU J 1969 62.43 -71.77 11.99
CA LEU J 1969 63.03 -70.42 11.91
C LEU J 1969 62.55 -69.75 10.61
N VAL J 1970 61.71 -68.72 10.73
CA VAL J 1970 61.14 -67.94 9.59
C VAL J 1970 62.28 -67.19 8.87
N GLY J 1971 62.24 -67.18 7.53
CA GLY J 1971 63.18 -66.45 6.67
C GLY J 1971 64.56 -67.09 6.66
N ILE J 1972 64.65 -68.40 6.91
CA ILE J 1972 65.89 -69.22 6.79
C ILE J 1972 65.62 -70.31 5.76
N SER J 1973 66.49 -70.42 4.75
CA SER J 1973 66.35 -71.31 3.57
C SER J 1973 67.64 -72.11 3.30
N VAL J 1974 68.74 -71.75 3.97
CA VAL J 1974 70.05 -72.44 3.84
C VAL J 1974 70.23 -73.27 5.11
N PRO J 1975 70.86 -74.47 5.03
CA PRO J 1975 71.24 -75.23 6.23
C PRO J 1975 72.56 -74.69 6.82
N PHE J 1976 72.50 -73.52 7.45
CA PHE J 1976 73.66 -72.81 8.03
C PHE J 1976 74.38 -73.71 9.04
N HIS J 1977 75.71 -73.80 8.98
CA HIS J 1977 76.56 -74.43 10.02
C HIS J 1977 76.51 -75.96 9.96
N SER J 1978 75.86 -76.53 8.94
CA SER J 1978 75.87 -77.99 8.64
C SER J 1978 77.11 -78.32 7.81
N THR J 1979 77.40 -79.61 7.63
CA THR J 1979 78.57 -80.12 6.85
C THR J 1979 78.30 -79.97 5.35
N TYR J 1980 77.04 -79.81 4.96
CA TYR J 1980 76.58 -79.46 3.59
C TYR J 1980 77.36 -78.26 3.03
N LEU J 1981 77.77 -77.31 3.88
CA LEU J 1981 78.44 -76.06 3.44
C LEU J 1981 79.97 -76.20 3.48
N MET J 1982 80.52 -77.38 3.73
CA MET J 1982 81.99 -77.58 3.93
C MET J 1982 82.77 -77.31 2.63
N ASN J 1983 82.16 -77.52 1.46
CA ASN J 1983 82.78 -77.25 0.13
C ASN J 1983 83.04 -75.74 -0.01
N GLY J 1984 82.14 -74.92 0.56
CA GLY J 1984 82.24 -73.44 0.58
C GLY J 1984 83.44 -72.92 1.35
N VAL J 1985 84.04 -73.72 2.25
CA VAL J 1985 85.09 -73.24 3.21
C VAL J 1985 86.35 -72.80 2.45
N LYS J 1986 86.85 -73.61 1.52
CA LYS J 1986 88.13 -73.35 0.81
C LYS J 1986 88.06 -72.08 -0.03
N PRO J 1987 87.02 -71.87 -0.89
CA PRO J 1987 86.92 -70.62 -1.64
C PRO J 1987 86.73 -69.43 -0.68
N PHE J 1988 85.87 -69.57 0.32
CA PHE J 1988 85.60 -68.50 1.32
C PHE J 1988 86.90 -68.17 2.07
N LYS J 1989 87.66 -69.18 2.49
CA LYS J 1989 88.98 -68.98 3.16
C LYS J 1989 89.88 -68.12 2.26
N SER J 1990 90.00 -68.44 0.97
CA SER J 1990 90.88 -67.72 0.01
C SER J 1990 90.40 -66.27 -0.13
N PHE J 1991 89.08 -66.08 -0.14
CA PHE J 1991 88.45 -64.74 -0.22
C PHE J 1991 88.74 -63.96 1.07
N LEU J 1992 88.55 -64.59 2.25
CA LEU J 1992 88.85 -63.94 3.56
C LEU J 1992 90.33 -63.52 3.58
N LYS J 1993 91.25 -64.39 3.17
CA LYS J 1993 92.72 -64.12 3.19
C LYS J 1993 93.03 -62.87 2.34
N LYS J 1994 92.25 -62.58 1.31
CA LYS J 1994 92.46 -61.42 0.40
C LYS J 1994 91.89 -60.13 1.01
N ASN J 1995 90.77 -60.21 1.73
CA ASN J 1995 89.95 -59.04 2.16
C ASN J 1995 90.18 -58.68 3.63
N ILE J 1996 90.67 -59.60 4.48
CA ILE J 1996 91.18 -59.29 5.85
C ILE J 1996 92.69 -59.09 5.74
N ILE J 1997 93.13 -57.83 5.75
CA ILE J 1997 94.57 -57.46 5.63
C ILE J 1997 95.18 -57.63 7.03
N LYS J 1998 96.38 -58.20 7.14
CA LYS J 1998 96.99 -58.56 8.45
C LYS J 1998 97.34 -57.29 9.25
N GLU J 1999 97.59 -56.16 8.59
CA GLU J 1999 97.94 -54.85 9.24
C GLU J 1999 96.74 -54.29 10.02
N ASN J 2000 95.52 -54.72 9.72
CA ASN J 2000 94.26 -54.29 10.39
C ASN J 2000 93.91 -55.21 11.58
N VAL J 2001 94.62 -56.33 11.76
CA VAL J 2001 94.42 -57.27 12.89
C VAL J 2001 95.24 -56.78 14.08
N LYS J 2002 94.59 -56.14 15.05
CA LYS J 2002 95.20 -55.64 16.31
C LYS J 2002 94.96 -56.70 17.39
N VAL J 2003 95.99 -57.44 17.76
CA VAL J 2003 95.88 -58.59 18.70
C VAL J 2003 95.28 -58.08 20.03
N ALA J 2004 95.72 -56.92 20.53
CA ALA J 2004 95.22 -56.28 21.77
C ALA J 2004 93.69 -56.14 21.75
N ARG J 2005 93.09 -55.92 20.58
CA ARG J 2005 91.63 -55.70 20.44
C ARG J 2005 90.88 -57.04 20.38
N LEU J 2006 91.60 -58.15 20.11
CA LEU J 2006 91.01 -59.51 20.04
C LEU J 2006 91.37 -60.31 21.29
N ALA J 2007 92.66 -60.39 21.64
CA ALA J 2007 93.24 -61.25 22.71
C ALA J 2007 92.44 -61.11 24.01
N GLY J 2008 91.75 -62.17 24.40
CA GLY J 2008 90.99 -62.28 25.65
C GLY J 2008 89.60 -61.72 25.56
N LYS J 2009 89.24 -61.10 24.44
CA LYS J 2009 88.02 -60.27 24.35
C LYS J 2009 87.03 -60.92 23.39
N TYR J 2010 87.52 -61.37 22.24
CA TYR J 2010 86.72 -62.00 21.16
C TYR J 2010 86.53 -63.48 21.47
N ILE J 2011 85.29 -63.93 21.61
CA ILE J 2011 84.96 -65.37 21.77
C ILE J 2011 84.41 -65.90 20.44
N PRO J 2012 85.23 -66.58 19.61
CA PRO J 2012 84.72 -67.16 18.36
C PRO J 2012 83.65 -68.24 18.56
N ASN J 2013 82.73 -68.38 17.61
CA ASN J 2013 81.69 -69.44 17.57
C ASN J 2013 82.32 -70.82 17.40
N LEU J 2014 83.44 -70.93 16.71
CA LEU J 2014 84.05 -72.24 16.35
C LEU J 2014 84.63 -72.86 17.63
N THR J 2015 85.61 -72.16 18.20
CA THR J 2015 86.29 -72.44 19.48
C THR J 2015 85.66 -71.54 20.53
N ALA J 2016 84.71 -72.00 21.34
CA ALA J 2016 83.92 -71.09 22.21
C ALA J 2016 84.77 -70.57 23.37
N LYS J 2017 86.04 -70.24 23.11
CA LYS J 2017 87.07 -69.83 24.10
C LYS J 2017 87.63 -68.46 23.72
N PRO J 2018 87.88 -67.54 24.69
CA PRO J 2018 88.41 -66.22 24.36
C PRO J 2018 89.67 -66.31 23.50
N PHE J 2019 89.68 -65.54 22.41
CA PHE J 2019 90.75 -65.54 21.38
C PHE J 2019 92.08 -65.35 22.08
N GLN J 2020 93.06 -66.18 21.76
CA GLN J 2020 94.46 -66.04 22.20
C GLN J 2020 95.36 -66.57 21.08
N VAL J 2021 96.54 -65.97 20.93
CA VAL J 2021 97.59 -66.40 19.96
C VAL J 2021 98.58 -67.28 20.73
N THR J 2022 98.14 -68.49 21.11
CA THR J 2022 98.91 -69.53 21.84
C THR J 2022 98.81 -70.87 21.11
N LYS J 2023 99.86 -71.70 21.21
CA LYS J 2023 99.92 -73.09 20.68
C LYS J 2023 98.67 -73.87 21.11
N GLU J 2024 98.21 -73.67 22.35
CA GLU J 2024 97.04 -74.37 22.93
C GLU J 2024 95.79 -74.03 22.11
N TYR J 2025 95.62 -72.73 21.78
CA TYR J 2025 94.46 -72.20 21.02
C TYR J 2025 94.48 -72.79 19.60
N PHE J 2026 95.62 -72.67 18.91
CA PHE J 2026 95.86 -73.21 17.54
C PHE J 2026 95.57 -74.71 17.51
N GLN J 2027 96.12 -75.46 18.47
CA GLN J 2027 95.94 -76.92 18.59
C GLN J 2027 94.44 -77.22 18.73
N ASP J 2028 93.71 -76.46 19.55
CA ASP J 2028 92.25 -76.68 19.77
C ASP J 2028 91.49 -76.41 18.47
N VAL J 2029 91.89 -75.38 17.72
CA VAL J 2029 91.23 -75.03 16.42
C VAL J 2029 91.49 -76.17 15.43
N TYR J 2030 92.73 -76.68 15.38
CA TYR J 2030 93.12 -77.82 14.50
C TYR J 2030 92.29 -79.06 14.83
N ASP J 2031 92.07 -79.38 16.11
CA ASP J 2031 91.25 -80.53 16.57
C ASP J 2031 89.80 -80.39 16.11
N LEU J 2032 89.25 -79.17 16.10
CA LEU J 2032 87.86 -78.89 15.68
C LEU J 2032 87.72 -79.01 14.16
N THR J 2033 88.67 -78.41 13.43
CA THR J 2033 88.68 -78.33 11.94
C THR J 2033 90.12 -78.40 11.43
N GLY J 2034 90.56 -79.59 11.04
CA GLY J 2034 91.92 -79.87 10.54
C GLY J 2034 92.23 -78.99 9.34
N SER J 2035 93.28 -78.18 9.43
CA SER J 2035 93.71 -77.21 8.39
C SER J 2035 95.23 -77.17 8.31
N GLU J 2036 95.77 -77.24 7.09
CA GLU J 2036 97.23 -77.33 6.81
C GLU J 2036 97.94 -76.09 7.35
N PRO J 2037 97.42 -74.86 7.13
CA PRO J 2037 98.09 -73.64 7.63
C PRO J 2037 98.26 -73.63 9.16
N ILE J 2038 97.22 -74.04 9.91
CA ILE J 2038 97.22 -74.08 11.40
C ILE J 2038 98.18 -75.19 11.86
N LYS J 2039 98.12 -76.39 11.25
CA LYS J 2039 99.01 -77.53 11.58
C LYS J 2039 100.47 -77.10 11.38
N GLU J 2040 100.76 -76.43 10.26
CA GLU J 2040 102.12 -75.90 9.94
C GLU J 2040 102.55 -74.92 11.02
N ILE J 2041 101.65 -74.05 11.49
CA ILE J 2041 101.93 -73.04 12.57
C ILE J 2041 102.28 -73.79 13.87
N ILE J 2042 101.51 -74.82 14.24
CA ILE J 2042 101.70 -75.62 15.50
C ILE J 2042 103.09 -76.28 15.46
N ASP J 2043 103.39 -76.99 14.37
CA ASP J 2043 104.65 -77.76 14.17
C ASP J 2043 105.85 -76.80 14.25
N ASN J 2044 105.75 -75.64 13.62
CA ASN J 2044 106.86 -74.66 13.45
C ASN J 2044 106.73 -73.53 14.48
N TRP J 2045 106.00 -73.74 15.58
CA TRP J 2045 105.68 -72.70 16.60
C TRP J 2045 106.97 -72.11 17.19
N GLU J 2046 108.03 -72.93 17.30
CA GLU J 2046 109.30 -72.58 17.98
C GLU J 2046 110.02 -71.45 17.22
N LYS J 2047 110.04 -71.48 15.87
CA LYS J 2047 110.75 -70.44 15.08
C LYS J 2047 110.01 -69.10 15.15
N TYR J 2048 108.68 -69.12 15.33
CA TYR J 2048 107.83 -67.91 15.47
C TYR J 2048 108.09 -67.23 16.83
N GLU J 2049 108.35 -68.02 17.87
CA GLU J 2049 108.69 -67.50 19.24
C GLU J 2049 110.02 -66.75 19.22
N GLN J 2050 110.96 -67.10 18.33
CA GLN J 2050 112.28 -66.42 18.15
C GLN J 2050 112.58 -66.24 16.66
N SER K 5 -48.76 11.39 -124.34
CA SER K 5 -48.10 12.16 -123.23
C SER K 5 -48.58 11.64 -121.88
N THR K 6 -47.65 11.38 -120.95
CA THR K 6 -47.89 10.80 -119.60
C THR K 6 -47.04 11.56 -118.57
N ARG K 7 -47.48 11.59 -117.30
CA ARG K 7 -46.68 12.10 -116.15
C ARG K 7 -46.50 11.00 -115.11
N PRO K 8 -45.27 10.82 -114.55
CA PRO K 8 -45.05 9.85 -113.47
C PRO K 8 -45.82 10.20 -112.19
N LEU K 9 -46.58 9.25 -111.65
CA LEU K 9 -47.29 9.33 -110.35
C LEU K 9 -46.66 8.31 -109.40
N THR K 10 -46.09 8.78 -108.28
CA THR K 10 -45.41 7.96 -107.25
C THR K 10 -46.42 7.64 -106.15
N LEU K 11 -46.70 6.34 -105.94
CA LEU K 11 -47.46 5.82 -104.77
C LEU K 11 -46.48 4.98 -103.94
N SER K 12 -46.33 5.33 -102.66
CA SER K 12 -45.23 4.88 -101.78
C SER K 12 -45.73 4.58 -100.37
N HIS K 13 -44.91 3.86 -99.60
CA HIS K 13 -45.14 3.52 -98.17
C HIS K 13 -43.77 3.25 -97.52
N GLY K 14 -43.18 4.26 -96.88
CA GLY K 14 -41.81 4.21 -96.37
C GLY K 14 -40.81 4.10 -97.50
N SER K 15 -39.85 3.18 -97.41
CA SER K 15 -38.75 2.97 -98.40
C SER K 15 -39.33 2.51 -99.73
N LEU K 16 -40.21 1.50 -99.73
CA LEU K 16 -40.77 0.89 -100.97
C LEU K 16 -41.72 1.87 -101.64
N GLU K 17 -41.71 1.90 -102.97
CA GLU K 17 -42.52 2.80 -103.83
C GLU K 17 -42.73 2.14 -105.20
N HIS K 18 -43.69 2.64 -105.96
CA HIS K 18 -43.94 2.29 -107.37
C HIS K 18 -44.34 3.56 -108.13
N VAL K 19 -43.76 3.76 -109.32
CA VAL K 19 -44.03 4.91 -110.22
C VAL K 19 -44.92 4.41 -111.36
N LEU K 20 -46.03 5.08 -111.61
CA LEU K 20 -47.04 4.73 -112.64
C LEU K 20 -47.11 5.87 -113.67
N LEU K 21 -46.82 5.56 -114.94
CA LEU K 21 -46.92 6.53 -116.07
C LEU K 21 -48.41 6.71 -116.41
N VAL K 22 -49.07 7.66 -115.72
CA VAL K 22 -50.51 7.97 -115.90
C VAL K 22 -50.64 8.88 -117.12
N PRO K 23 -51.60 8.63 -118.05
CA PRO K 23 -51.92 9.60 -119.10
C PRO K 23 -52.29 10.97 -118.52
N THR K 24 -51.85 12.06 -119.15
CA THR K 24 -52.09 13.46 -118.72
C THR K 24 -53.60 13.76 -118.72
N ALA K 25 -54.37 13.14 -119.62
CA ALA K 25 -55.84 13.30 -119.78
C ALA K 25 -56.60 12.91 -118.51
N SER K 26 -56.11 11.92 -117.74
CA SER K 26 -56.76 11.39 -116.51
C SER K 26 -55.83 11.51 -115.28
N PHE K 27 -54.70 12.24 -115.38
CA PHE K 27 -53.71 12.42 -114.28
C PHE K 27 -54.37 13.15 -113.10
N PHE K 28 -55.27 14.08 -113.40
CA PHE K 28 -56.03 14.90 -112.42
C PHE K 28 -56.81 13.97 -111.47
N ILE K 29 -57.58 13.02 -112.02
CA ILE K 29 -58.43 12.07 -111.25
C ILE K 29 -57.54 11.02 -110.56
N ALA K 30 -56.42 10.64 -111.19
CA ALA K 30 -55.44 9.68 -110.63
C ALA K 30 -54.73 10.29 -109.41
N SER K 31 -54.42 11.59 -109.46
CA SER K 31 -53.78 12.35 -108.35
C SER K 31 -54.77 12.47 -107.18
N GLN K 32 -56.05 12.70 -107.49
CA GLN K 32 -57.18 12.68 -106.52
C GLN K 32 -57.13 11.35 -105.75
N LEU K 33 -57.24 10.22 -106.46
CA LEU K 33 -57.25 8.83 -105.91
C LEU K 33 -55.95 8.57 -105.14
N GLN K 34 -54.80 8.99 -105.69
CA GLN K 34 -53.47 8.91 -105.03
C GLN K 34 -53.53 9.56 -103.65
N GLU K 35 -54.07 10.77 -103.56
CA GLU K 35 -54.19 11.56 -102.31
C GLU K 35 -55.10 10.80 -101.34
N GLN K 36 -56.28 10.38 -101.81
CA GLN K 36 -57.28 9.61 -101.01
C GLN K 36 -56.65 8.30 -100.49
N PHE K 37 -55.97 7.53 -101.36
CA PHE K 37 -55.33 6.23 -101.02
C PHE K 37 -54.21 6.44 -100.00
N ASN K 38 -53.40 7.49 -100.17
CA ASN K 38 -52.25 7.80 -99.27
C ASN K 38 -52.79 8.19 -97.88
N LYS K 39 -53.99 8.79 -97.81
CA LYS K 39 -54.71 9.11 -96.55
C LYS K 39 -55.18 7.81 -95.88
N ILE K 40 -55.85 6.93 -96.63
CA ILE K 40 -56.42 5.61 -96.19
C ILE K 40 -55.29 4.72 -95.65
N LEU K 41 -54.16 4.66 -96.37
CA LEU K 41 -53.00 3.79 -96.03
C LEU K 41 -52.50 4.14 -94.63
N PRO K 42 -52.15 3.15 -93.77
CA PRO K 42 -51.61 3.43 -92.44
C PRO K 42 -50.17 3.96 -92.49
N GLU K 43 -49.62 4.29 -91.33
CA GLU K 43 -48.27 4.92 -91.20
C GLU K 43 -47.20 3.84 -91.40
N PRO K 44 -46.11 4.11 -92.17
CA PRO K 44 -45.01 3.14 -92.30
C PRO K 44 -44.34 2.80 -90.96
N THR K 45 -43.86 1.56 -90.83
CA THR K 45 -43.05 1.07 -89.68
C THR K 45 -41.84 0.28 -90.20
N GLU K 46 -40.85 0.08 -89.35
CA GLU K 46 -39.64 -0.78 -89.58
C GLU K 46 -40.08 -2.19 -90.01
N GLY K 47 -39.54 -2.68 -91.14
CA GLY K 47 -39.75 -4.06 -91.66
C GLY K 47 -41.15 -4.30 -92.22
N PHE K 48 -42.06 -3.33 -92.12
CA PHE K 48 -43.49 -3.40 -92.54
C PHE K 48 -44.20 -4.60 -91.86
N ALA K 49 -43.81 -4.90 -90.62
CA ALA K 49 -44.25 -6.11 -89.87
C ALA K 49 -45.71 -5.98 -89.43
N ALA K 50 -46.22 -4.76 -89.22
CA ALA K 50 -47.61 -4.47 -88.82
C ALA K 50 -48.58 -4.90 -89.93
N ASP K 51 -49.85 -5.15 -89.57
CA ASP K 51 -50.90 -5.67 -90.48
C ASP K 51 -51.55 -4.52 -91.26
N ASP K 52 -52.14 -4.85 -92.41
CA ASP K 52 -52.88 -3.93 -93.33
C ASP K 52 -51.93 -2.84 -93.88
N GLU K 53 -50.62 -3.10 -93.94
CA GLU K 53 -49.62 -2.25 -94.64
C GLU K 53 -48.72 -3.12 -95.52
N PRO K 54 -48.42 -2.70 -96.77
CA PRO K 54 -47.70 -3.55 -97.71
C PRO K 54 -46.23 -3.73 -97.34
N THR K 55 -45.64 -4.87 -97.70
CA THR K 55 -44.21 -5.23 -97.48
C THR K 55 -43.41 -5.10 -98.77
N THR K 56 -44.04 -5.17 -99.95
CA THR K 56 -43.40 -5.09 -101.29
C THR K 56 -44.18 -4.12 -102.17
N PRO K 57 -43.55 -3.57 -103.24
CA PRO K 57 -44.26 -2.68 -104.18
C PRO K 57 -45.50 -3.35 -104.83
N ALA K 58 -45.42 -4.66 -105.08
CA ALA K 58 -46.54 -5.48 -105.62
C ALA K 58 -47.76 -5.39 -104.70
N GLU K 59 -47.57 -5.58 -103.39
CA GLU K 59 -48.63 -5.49 -102.35
C GLU K 59 -49.23 -4.08 -102.37
N LEU K 60 -48.37 -3.06 -102.38
CA LEU K 60 -48.77 -1.62 -102.32
C LEU K 60 -49.65 -1.29 -103.53
N VAL K 61 -49.27 -1.73 -104.73
CA VAL K 61 -50.06 -1.49 -105.97
C VAL K 61 -51.36 -2.30 -105.89
N GLY K 62 -51.31 -3.50 -105.29
CA GLY K 62 -52.49 -4.33 -104.99
C GLY K 62 -53.50 -3.57 -104.15
N LYS K 63 -53.07 -3.05 -102.99
CA LYS K 63 -53.89 -2.25 -102.04
C LYS K 63 -54.49 -1.04 -102.76
N PHE K 64 -53.72 -0.37 -103.62
CA PHE K 64 -54.18 0.81 -104.40
C PHE K 64 -55.26 0.34 -105.38
N LEU K 65 -54.99 -0.76 -106.09
CA LEU K 65 -55.97 -1.45 -107.00
C LEU K 65 -57.24 -1.78 -106.20
N GLY K 66 -57.07 -2.37 -105.02
CA GLY K 66 -58.15 -2.71 -104.07
C GLY K 66 -59.00 -1.49 -103.76
N TYR K 67 -58.36 -0.40 -103.35
CA TYR K 67 -59.01 0.86 -102.94
C TYR K 67 -59.83 1.44 -104.10
N VAL K 68 -59.24 1.56 -105.29
CA VAL K 68 -59.90 2.11 -106.51
C VAL K 68 -61.11 1.22 -106.88
N SER K 69 -60.94 -0.10 -106.83
CA SER K 69 -61.99 -1.11 -107.16
C SER K 69 -63.17 -1.00 -106.19
N SER K 70 -62.91 -0.62 -104.93
CA SER K 70 -63.94 -0.40 -103.88
C SER K 70 -64.87 0.74 -104.28
N LEU K 71 -64.32 1.82 -104.86
CA LEU K 71 -65.08 3.05 -105.23
C LEU K 71 -65.86 2.80 -106.53
N VAL K 72 -65.22 2.20 -107.54
CA VAL K 72 -65.84 1.97 -108.88
C VAL K 72 -67.05 1.05 -108.69
N GLU K 73 -68.19 1.44 -109.27
CA GLU K 73 -69.45 0.65 -109.29
C GLU K 73 -69.46 -0.17 -110.59
N PRO K 74 -69.87 -1.46 -110.56
CA PRO K 74 -69.90 -2.28 -111.78
C PRO K 74 -71.01 -1.84 -112.75
N SER K 75 -72.18 -1.49 -112.25
CA SER K 75 -73.37 -1.07 -113.06
C SER K 75 -73.12 0.30 -113.69
N LYS K 76 -72.87 1.33 -112.88
CA LYS K 76 -72.72 2.75 -113.33
C LYS K 76 -71.28 2.99 -113.79
N VAL K 77 -71.10 3.58 -114.98
CA VAL K 77 -69.78 4.03 -115.50
C VAL K 77 -69.37 5.27 -114.69
N GLY K 78 -68.17 5.23 -114.10
CA GLY K 78 -67.60 6.28 -113.24
C GLY K 78 -66.32 6.85 -113.81
N GLN K 79 -65.81 7.90 -113.18
CA GLN K 79 -64.56 8.61 -113.58
C GLN K 79 -63.34 7.72 -113.28
N PHE K 80 -63.42 6.90 -112.24
CA PHE K 80 -62.28 6.12 -111.67
C PHE K 80 -62.03 4.85 -112.51
N ASP K 81 -62.99 4.46 -113.37
CA ASP K 81 -62.94 3.26 -114.25
C ASP K 81 -61.66 3.25 -115.08
N GLN K 82 -61.35 4.38 -115.75
CA GLN K 82 -60.19 4.50 -116.68
C GLN K 82 -58.89 4.36 -115.88
N VAL K 83 -58.83 4.94 -114.67
CA VAL K 83 -57.64 4.84 -113.77
C VAL K 83 -57.51 3.41 -113.26
N LEU K 84 -58.64 2.72 -112.99
CA LEU K 84 -58.64 1.29 -112.57
C LEU K 84 -57.97 0.45 -113.67
N ASN K 85 -58.52 0.49 -114.89
CA ASN K 85 -58.01 -0.26 -116.08
C ASN K 85 -56.52 0.02 -116.30
N LEU K 86 -56.11 1.29 -116.14
CA LEU K 86 -54.72 1.75 -116.40
C LEU K 86 -53.76 1.14 -115.36
N CYS K 87 -54.06 1.25 -114.06
CA CYS K 87 -53.21 0.75 -112.96
C CYS K 87 -53.27 -0.79 -112.87
N LEU K 88 -54.35 -1.39 -113.36
CA LEU K 88 -54.50 -2.86 -113.49
C LEU K 88 -53.50 -3.36 -114.54
N THR K 89 -53.57 -2.79 -115.75
CA THR K 89 -52.64 -3.04 -116.89
C THR K 89 -51.19 -2.88 -116.40
N GLU K 90 -50.88 -1.82 -115.63
CA GLU K 90 -49.52 -1.57 -115.10
C GLU K 90 -49.10 -2.71 -114.16
N PHE K 91 -49.99 -3.14 -113.25
CA PHE K 91 -49.75 -4.24 -112.27
C PHE K 91 -49.45 -5.54 -113.03
N GLU K 92 -50.28 -5.87 -114.01
CA GLU K 92 -50.12 -7.05 -114.90
C GLU K 92 -48.72 -7.03 -115.54
N ASN K 93 -48.36 -5.94 -116.23
CA ASN K 93 -47.12 -5.86 -117.06
C ASN K 93 -45.88 -5.77 -116.16
N CYS K 94 -46.02 -5.30 -114.91
CA CYS K 94 -44.89 -5.07 -113.97
C CYS K 94 -44.59 -6.31 -113.11
N TYR K 95 -45.62 -7.04 -112.65
CA TYR K 95 -45.50 -8.11 -111.61
C TYR K 95 -46.00 -9.47 -112.11
N LEU K 96 -47.07 -9.52 -112.93
CA LEU K 96 -47.56 -10.76 -113.58
C LEU K 96 -46.86 -10.92 -114.94
N GLU K 97 -45.63 -11.40 -114.95
CA GLU K 97 -44.85 -11.72 -116.19
C GLU K 97 -45.56 -12.88 -116.92
N GLY K 98 -46.72 -12.59 -117.51
CA GLY K 98 -47.62 -13.56 -118.17
C GLY K 98 -48.25 -14.55 -117.19
N ASN K 99 -47.74 -14.66 -115.97
CA ASN K 99 -48.05 -15.74 -115.00
C ASN K 99 -49.38 -15.39 -114.31
N ASP K 100 -49.88 -16.29 -113.46
CA ASP K 100 -51.14 -16.12 -112.69
C ASP K 100 -50.82 -15.36 -111.39
N ILE K 101 -51.83 -14.68 -110.84
CA ILE K 101 -51.76 -13.94 -109.54
C ILE K 101 -51.27 -14.87 -108.41
N HIS K 102 -51.65 -16.15 -108.44
CA HIS K 102 -51.23 -17.17 -107.45
C HIS K 102 -49.73 -17.42 -107.56
N ALA K 103 -49.21 -17.52 -108.79
CA ALA K 103 -47.76 -17.72 -109.08
C ALA K 103 -46.97 -16.57 -108.45
N LEU K 104 -47.45 -15.34 -108.64
CA LEU K 104 -46.87 -14.11 -108.02
C LEU K 104 -46.92 -14.24 -106.49
N ALA K 105 -48.13 -14.45 -105.95
CA ALA K 105 -48.39 -14.65 -104.50
C ALA K 105 -47.43 -15.69 -103.92
N ALA K 106 -47.28 -16.84 -104.57
CA ALA K 106 -46.38 -17.94 -104.17
C ALA K 106 -44.91 -17.48 -104.26
N LYS K 107 -44.56 -16.67 -105.27
CA LYS K 107 -43.19 -16.10 -105.45
C LYS K 107 -42.87 -15.21 -104.24
N LEU K 108 -43.76 -14.26 -103.93
CA LEU K 108 -43.62 -13.31 -102.78
C LEU K 108 -43.44 -14.10 -101.47
N LEU K 109 -44.23 -15.16 -101.27
CA LEU K 109 -44.28 -15.96 -100.02
C LEU K 109 -42.90 -16.50 -99.66
N GLN K 110 -42.15 -17.02 -100.64
CA GLN K 110 -40.84 -17.72 -100.43
C GLN K 110 -39.67 -16.75 -100.58
N GLU K 111 -39.79 -15.70 -101.41
CA GLU K 111 -38.72 -14.67 -101.62
C GLU K 111 -38.78 -13.62 -100.50
N ASN K 112 -39.84 -12.82 -100.49
CA ASN K 112 -40.01 -11.59 -99.66
C ASN K 112 -40.57 -11.99 -98.30
N ASP K 113 -40.61 -11.04 -97.35
CA ASP K 113 -41.13 -11.25 -95.96
C ASP K 113 -42.62 -10.88 -95.92
N THR K 114 -43.42 -11.50 -96.79
CA THR K 114 -44.89 -11.35 -96.89
C THR K 114 -45.52 -12.51 -96.12
N THR K 115 -46.53 -12.22 -95.30
CA THR K 115 -47.31 -13.23 -94.54
C THR K 115 -48.41 -13.80 -95.44
N LEU K 116 -49.05 -14.88 -94.98
CA LEU K 116 -50.09 -15.62 -95.74
C LEU K 116 -51.33 -14.73 -95.92
N VAL K 117 -51.71 -13.97 -94.88
CA VAL K 117 -52.90 -13.05 -94.90
C VAL K 117 -52.65 -11.89 -95.88
N LYS K 118 -51.44 -11.30 -95.89
CA LYS K 118 -51.06 -10.19 -96.80
C LYS K 118 -51.14 -10.68 -98.25
N THR K 119 -50.63 -11.89 -98.50
CA THR K 119 -50.62 -12.59 -99.81
C THR K 119 -52.06 -12.82 -100.32
N LYS K 120 -52.94 -13.34 -99.46
CA LYS K 120 -54.37 -13.59 -99.80
C LYS K 120 -55.06 -12.26 -100.11
N GLU K 121 -54.71 -11.20 -99.36
CA GLU K 121 -55.25 -9.84 -99.55
C GLU K 121 -54.86 -9.34 -100.95
N LEU K 122 -53.61 -9.55 -101.34
CA LEU K 122 -53.05 -9.19 -102.69
C LEU K 122 -53.86 -9.90 -103.78
N ILE K 123 -54.10 -11.22 -103.62
CA ILE K 123 -54.88 -12.05 -104.58
C ILE K 123 -56.29 -11.48 -104.69
N LYS K 124 -56.93 -11.18 -103.55
CA LYS K 124 -58.31 -10.65 -103.48
C LYS K 124 -58.39 -9.31 -104.23
N ASN K 125 -57.45 -8.40 -103.92
CA ASN K 125 -57.36 -7.06 -104.57
C ASN K 125 -57.30 -7.26 -106.08
N TYR K 126 -56.31 -8.02 -106.57
CA TYR K 126 -56.10 -8.26 -108.02
C TYR K 126 -57.37 -8.82 -108.66
N ILE K 127 -58.01 -9.82 -108.03
CA ILE K 127 -59.16 -10.57 -108.63
C ILE K 127 -60.40 -9.67 -108.61
N THR K 128 -60.58 -8.88 -107.54
CA THR K 128 -61.71 -7.93 -107.40
C THR K 128 -61.59 -6.85 -108.48
N ALA K 129 -60.41 -6.19 -108.57
CA ALA K 129 -60.04 -5.22 -109.63
C ALA K 129 -60.36 -5.78 -111.02
N ARG K 130 -59.94 -7.02 -111.33
CA ARG K 130 -60.18 -7.67 -112.65
C ARG K 130 -61.68 -7.66 -112.97
N ILE K 131 -62.52 -7.99 -111.99
CA ILE K 131 -64.00 -8.12 -112.18
C ILE K 131 -64.64 -6.73 -112.25
N MET K 132 -64.21 -5.80 -111.40
CA MET K 132 -64.73 -4.40 -111.36
C MET K 132 -64.38 -3.66 -112.65
N ALA K 133 -63.19 -3.92 -113.22
CA ALA K 133 -62.68 -3.31 -114.46
C ALA K 133 -63.32 -3.92 -115.72
N LYS K 134 -64.38 -4.74 -115.58
CA LYS K 134 -65.11 -5.38 -116.72
C LYS K 134 -64.17 -6.29 -117.53
N ARG K 135 -63.16 -6.86 -116.88
CA ARG K 135 -62.16 -7.76 -117.50
C ARG K 135 -62.25 -9.14 -116.84
N PRO K 136 -63.32 -9.93 -117.13
CA PRO K 136 -63.44 -11.27 -116.56
C PRO K 136 -62.30 -12.17 -117.06
N PHE K 137 -62.29 -13.43 -116.63
CA PHE K 137 -61.28 -14.45 -117.04
C PHE K 137 -61.91 -15.30 -118.15
N ASP K 138 -62.34 -14.67 -119.24
CA ASP K 138 -62.99 -15.33 -120.40
C ASP K 138 -61.93 -16.05 -121.24
N LYS K 139 -60.71 -15.51 -121.31
CA LYS K 139 -59.56 -16.14 -121.99
C LYS K 139 -59.16 -17.39 -121.19
N LYS K 140 -59.09 -18.55 -121.85
CA LYS K 140 -58.51 -19.80 -121.28
C LYS K 140 -57.05 -19.51 -120.91
N SER K 141 -56.63 -19.94 -119.72
CA SER K 141 -55.25 -19.71 -119.22
C SER K 141 -54.28 -20.59 -120.01
N ASN K 142 -52.99 -20.28 -119.90
CA ASN K 142 -51.88 -21.08 -120.50
C ASN K 142 -51.21 -21.87 -119.37
N SER K 143 -51.98 -22.36 -118.38
CA SER K 143 -51.46 -23.19 -117.27
C SER K 143 -50.72 -24.38 -117.87
N ALA K 144 -49.49 -24.62 -117.41
CA ALA K 144 -48.64 -25.73 -117.89
C ALA K 144 -49.34 -27.07 -117.67
N LEU K 145 -50.01 -27.21 -116.52
CA LEU K 145 -50.67 -28.48 -116.11
C LEU K 145 -51.72 -28.85 -117.16
N PHE K 146 -52.60 -27.91 -117.50
CA PHE K 146 -53.75 -28.17 -118.40
C PHE K 146 -53.27 -28.25 -119.85
N ARG K 147 -52.19 -27.53 -120.18
CA ARG K 147 -51.48 -27.69 -121.49
C ARG K 147 -51.03 -29.15 -121.58
N ALA K 148 -50.27 -29.63 -120.59
CA ALA K 148 -49.77 -31.03 -120.49
C ALA K 148 -50.91 -32.05 -120.59
N VAL K 149 -52.10 -31.74 -120.08
CA VAL K 149 -53.27 -32.66 -120.13
C VAL K 149 -53.80 -32.75 -121.57
N GLY K 150 -53.97 -31.60 -122.22
CA GLY K 150 -54.35 -31.50 -123.65
C GLY K 150 -53.43 -32.31 -124.54
N GLU K 151 -52.11 -32.19 -124.34
CA GLU K 151 -51.05 -32.88 -125.15
C GLU K 151 -50.96 -34.38 -124.81
N GLY K 152 -51.59 -34.83 -123.71
CA GLY K 152 -51.54 -36.24 -123.25
C GLY K 152 -50.30 -36.56 -122.43
N ASN K 153 -49.62 -35.54 -121.89
CA ASN K 153 -48.41 -35.67 -121.03
C ASN K 153 -48.80 -35.78 -119.54
N ALA K 154 -50.04 -35.45 -119.19
CA ALA K 154 -50.59 -35.52 -117.82
C ALA K 154 -52.02 -36.06 -117.84
N GLN K 155 -52.37 -36.84 -116.81
CA GLN K 155 -53.74 -37.34 -116.56
C GLN K 155 -54.14 -36.85 -115.16
N LEU K 156 -55.26 -36.14 -115.06
CA LEU K 156 -55.76 -35.47 -113.83
C LEU K 156 -56.88 -36.32 -113.25
N VAL K 157 -56.84 -36.56 -111.94
CA VAL K 157 -58.01 -37.08 -111.17
C VAL K 157 -58.30 -36.09 -110.06
N ALA K 158 -59.58 -35.75 -109.90
CA ALA K 158 -60.03 -34.83 -108.84
C ALA K 158 -60.47 -35.69 -107.66
N ILE K 159 -60.06 -35.30 -106.47
CA ILE K 159 -60.52 -35.98 -105.23
C ILE K 159 -61.10 -34.92 -104.32
N PHE K 160 -62.17 -35.32 -103.64
CA PHE K 160 -62.90 -34.49 -102.67
C PHE K 160 -62.79 -35.17 -101.31
N GLY K 161 -62.37 -34.40 -100.32
CA GLY K 161 -62.26 -34.79 -98.91
C GLY K 161 -63.63 -34.98 -98.30
N GLY K 162 -63.66 -35.33 -97.02
CA GLY K 162 -64.92 -35.37 -96.25
C GLY K 162 -64.70 -34.81 -94.87
N GLN K 163 -65.33 -35.44 -93.89
CA GLN K 163 -65.29 -35.06 -92.46
C GLN K 163 -63.91 -35.41 -91.90
N GLY K 164 -63.47 -34.72 -90.85
CA GLY K 164 -62.44 -35.24 -89.92
C GLY K 164 -61.02 -34.93 -90.34
N ASN K 165 -60.82 -33.94 -91.21
CA ASN K 165 -59.48 -33.49 -91.67
C ASN K 165 -59.05 -32.28 -90.86
N THR K 166 -60.01 -31.48 -90.39
CA THR K 166 -59.78 -30.25 -89.60
C THR K 166 -60.98 -30.03 -88.66
N ASP K 167 -60.73 -29.41 -87.51
CA ASP K 167 -61.76 -29.03 -86.51
C ASP K 167 -62.34 -27.65 -86.87
N ASP K 168 -61.63 -26.88 -87.70
CA ASP K 168 -61.98 -25.47 -88.05
C ASP K 168 -62.26 -25.37 -89.56
N TYR K 169 -63.08 -26.28 -90.10
CA TYR K 169 -63.42 -26.32 -91.55
C TYR K 169 -64.06 -24.99 -91.96
N PHE K 170 -64.78 -24.31 -91.05
CA PHE K 170 -65.59 -23.12 -91.39
C PHE K 170 -64.67 -21.95 -91.81
N GLU K 171 -63.45 -21.85 -91.28
CA GLU K 171 -62.48 -20.78 -91.63
C GLU K 171 -62.04 -20.92 -93.11
N GLU K 172 -62.06 -22.14 -93.63
CA GLU K 172 -61.79 -22.40 -95.07
C GLU K 172 -62.88 -21.72 -95.90
N LEU K 173 -64.14 -21.81 -95.49
CA LEU K 173 -65.27 -21.16 -96.19
C LEU K 173 -65.17 -19.64 -96.00
N ARG K 174 -64.74 -19.20 -94.83
CA ARG K 174 -64.57 -17.76 -94.52
C ARG K 174 -63.53 -17.19 -95.49
N ASP K 175 -62.38 -17.87 -95.63
CA ASP K 175 -61.25 -17.46 -96.51
C ASP K 175 -61.70 -17.42 -97.97
N LEU K 176 -62.45 -18.43 -98.43
CA LEU K 176 -63.06 -18.43 -99.79
C LEU K 176 -63.97 -17.21 -100.00
N TYR K 177 -64.78 -16.86 -99.01
CA TYR K 177 -65.75 -15.74 -99.10
C TYR K 177 -65.01 -14.40 -99.12
N GLN K 178 -63.95 -14.26 -98.32
CA GLN K 178 -63.10 -13.03 -98.26
C GLN K 178 -62.41 -12.86 -99.62
N THR K 179 -61.53 -13.79 -99.96
CA THR K 179 -60.57 -13.71 -101.09
C THR K 179 -61.32 -13.73 -102.43
N TYR K 180 -62.26 -14.64 -102.61
CA TYR K 180 -62.87 -14.94 -103.93
C TYR K 180 -64.36 -14.60 -103.91
N HIS K 181 -64.77 -13.59 -103.13
CA HIS K 181 -66.16 -13.06 -103.13
C HIS K 181 -66.66 -12.94 -104.56
N VAL K 182 -65.90 -12.31 -105.46
CA VAL K 182 -66.37 -11.94 -106.83
C VAL K 182 -66.49 -13.19 -107.70
N LEU K 183 -65.84 -14.29 -107.31
CA LEU K 183 -65.88 -15.57 -108.06
C LEU K 183 -66.93 -16.53 -107.47
N VAL K 184 -67.02 -16.66 -106.14
CA VAL K 184 -67.86 -17.69 -105.47
C VAL K 184 -69.02 -17.08 -104.65
N GLY K 185 -69.02 -15.77 -104.39
CA GLY K 185 -70.11 -15.07 -103.69
C GLY K 185 -71.49 -15.56 -104.13
N ASP K 186 -71.71 -15.71 -105.43
CA ASP K 186 -73.00 -16.13 -106.03
C ASP K 186 -73.27 -17.61 -105.72
N LEU K 187 -72.24 -18.45 -105.70
CA LEU K 187 -72.36 -19.88 -105.32
C LEU K 187 -72.80 -19.97 -103.84
N ILE K 188 -72.13 -19.24 -102.97
CA ILE K 188 -72.35 -19.32 -101.49
C ILE K 188 -73.73 -18.75 -101.17
N LYS K 189 -74.18 -17.68 -101.84
CA LYS K 189 -75.54 -17.10 -101.66
C LYS K 189 -76.57 -18.12 -102.13
N PHE K 190 -76.33 -18.76 -103.28
CA PHE K 190 -77.24 -19.80 -103.83
C PHE K 190 -77.35 -20.99 -102.87
N SER K 191 -76.20 -21.40 -102.31
CA SER K 191 -76.10 -22.59 -101.43
C SER K 191 -76.80 -22.29 -100.10
N ALA K 192 -76.56 -21.11 -99.52
CA ALA K 192 -77.25 -20.55 -98.32
C ALA K 192 -78.77 -20.48 -98.52
N GLU K 193 -79.24 -20.03 -99.68
CA GLU K 193 -80.70 -19.93 -99.98
C GLU K 193 -81.29 -21.34 -100.11
N THR K 194 -80.55 -22.26 -100.74
CA THR K 194 -81.00 -23.65 -100.97
C THR K 194 -81.18 -24.35 -99.62
N LEU K 195 -80.22 -24.14 -98.70
CA LEU K 195 -80.22 -24.79 -97.36
C LEU K 195 -81.33 -24.19 -96.50
N SER K 196 -81.49 -22.86 -96.50
CA SER K 196 -82.61 -22.15 -95.82
C SER K 196 -83.95 -22.71 -96.30
N GLU K 197 -84.10 -22.95 -97.59
CA GLU K 197 -85.34 -23.49 -98.19
C GLU K 197 -85.53 -24.95 -97.79
N LEU K 198 -84.45 -25.74 -97.70
CA LEU K 198 -84.56 -27.18 -97.32
C LEU K 198 -84.97 -27.31 -95.85
N ILE K 199 -84.49 -26.42 -94.97
CA ILE K 199 -84.90 -26.34 -93.54
C ILE K 199 -86.40 -26.02 -93.46
N ARG K 200 -86.86 -25.04 -94.24
CA ARG K 200 -88.26 -24.54 -94.26
C ARG K 200 -89.21 -25.68 -94.70
N THR K 201 -88.85 -26.43 -95.74
CA THR K 201 -89.70 -27.46 -96.41
C THR K 201 -89.48 -28.87 -95.84
N THR K 202 -88.57 -29.06 -94.90
CA THR K 202 -88.34 -30.36 -94.22
C THR K 202 -88.95 -30.27 -92.81
N LEU K 203 -89.71 -31.28 -92.42
CA LEU K 203 -90.71 -31.20 -91.32
C LEU K 203 -90.05 -30.72 -90.03
N ASP K 204 -89.12 -31.50 -89.45
CA ASP K 204 -88.54 -31.24 -88.11
C ASP K 204 -87.08 -30.80 -88.21
N ALA K 205 -86.65 -30.30 -89.37
CA ALA K 205 -85.24 -29.92 -89.63
C ALA K 205 -84.82 -28.79 -88.69
N GLU K 206 -85.68 -27.79 -88.46
CA GLU K 206 -85.43 -26.66 -87.51
C GLU K 206 -85.02 -27.18 -86.12
N LYS K 207 -85.56 -28.31 -85.66
CA LYS K 207 -85.24 -28.90 -84.32
C LYS K 207 -83.74 -29.23 -84.25
N VAL K 208 -83.21 -29.71 -85.37
CA VAL K 208 -81.78 -30.13 -85.53
C VAL K 208 -80.88 -28.90 -85.69
N PHE K 209 -81.39 -27.79 -86.26
CA PHE K 209 -80.62 -26.54 -86.52
C PHE K 209 -80.95 -25.51 -85.43
N THR K 210 -80.43 -25.71 -84.22
CA THR K 210 -80.88 -25.01 -82.98
C THR K 210 -80.43 -23.54 -82.99
N GLN K 211 -79.27 -23.24 -83.56
CA GLN K 211 -78.75 -21.86 -83.77
C GLN K 211 -78.86 -21.47 -85.25
N GLY K 212 -79.83 -22.04 -85.98
CA GLY K 212 -80.12 -21.73 -87.40
C GLY K 212 -79.01 -22.16 -88.35
N LEU K 213 -79.14 -21.76 -89.61
CA LEU K 213 -78.15 -21.99 -90.69
C LEU K 213 -78.07 -20.72 -91.57
N ASN K 214 -77.86 -19.57 -90.94
CA ASN K 214 -77.70 -18.28 -91.65
C ASN K 214 -76.21 -18.10 -91.96
N ILE K 215 -75.70 -18.80 -92.96
CA ILE K 215 -74.24 -18.85 -93.24
C ILE K 215 -73.77 -17.47 -93.72
N LEU K 216 -74.60 -16.75 -94.49
CA LEU K 216 -74.28 -15.39 -95.00
C LEU K 216 -74.06 -14.45 -93.81
N GLU K 217 -74.96 -14.46 -92.82
CA GLU K 217 -74.78 -13.73 -91.54
C GLU K 217 -73.44 -14.11 -90.90
N TRP K 218 -73.15 -15.41 -90.78
CA TRP K 218 -71.92 -15.90 -90.11
C TRP K 218 -70.67 -15.39 -90.86
N LEU K 219 -70.71 -15.41 -92.19
CA LEU K 219 -69.57 -14.97 -93.04
C LEU K 219 -69.40 -13.44 -92.95
N GLU K 220 -70.48 -12.67 -92.98
CA GLU K 220 -70.44 -11.18 -92.80
C GLU K 220 -69.84 -10.84 -91.42
N ASN K 221 -70.34 -11.48 -90.35
CA ASN K 221 -70.03 -11.14 -88.92
C ASN K 221 -69.47 -12.37 -88.22
N PRO K 222 -68.12 -12.52 -88.11
CA PRO K 222 -67.52 -13.58 -87.30
C PRO K 222 -68.00 -13.67 -85.84
N SER K 223 -68.43 -12.55 -85.25
CA SER K 223 -69.00 -12.45 -83.88
C SER K 223 -70.29 -13.28 -83.77
N ASN K 224 -71.13 -13.26 -84.81
CA ASN K 224 -72.45 -13.96 -84.85
C ASN K 224 -72.33 -15.42 -85.32
N THR K 225 -71.13 -15.89 -85.67
CA THR K 225 -70.90 -17.32 -86.02
C THR K 225 -71.05 -18.16 -84.76
N PRO K 226 -71.89 -19.21 -84.76
CA PRO K 226 -71.91 -20.20 -83.69
C PRO K 226 -70.55 -20.79 -83.31
N ASP K 227 -70.51 -21.46 -82.16
CA ASP K 227 -69.30 -22.14 -81.59
C ASP K 227 -68.90 -23.29 -82.51
N LYS K 228 -67.65 -23.76 -82.40
CA LYS K 228 -67.10 -24.83 -83.26
C LYS K 228 -67.92 -26.11 -83.16
N ASP K 229 -68.44 -26.47 -81.97
CA ASP K 229 -69.16 -27.75 -81.77
C ASP K 229 -70.40 -27.78 -82.65
N TYR K 230 -71.11 -26.66 -82.71
CA TYR K 230 -72.34 -26.51 -83.52
C TYR K 230 -72.00 -26.59 -85.01
N LEU K 231 -70.97 -25.85 -85.44
CA LEU K 231 -70.47 -25.87 -86.85
C LEU K 231 -70.07 -27.29 -87.22
N LEU K 232 -69.41 -27.99 -86.32
CA LEU K 232 -68.94 -29.37 -86.57
C LEU K 232 -70.10 -30.34 -86.65
N SER K 233 -71.26 -30.05 -86.05
CA SER K 233 -72.39 -31.02 -86.07
C SER K 233 -72.74 -31.28 -87.52
N ILE K 234 -73.12 -32.51 -87.87
CA ILE K 234 -73.15 -32.91 -89.31
C ILE K 234 -74.30 -32.27 -90.08
N PRO K 235 -75.44 -31.86 -89.50
CA PRO K 235 -76.46 -31.15 -90.29
C PRO K 235 -75.90 -29.84 -90.90
N ILE K 236 -74.93 -29.22 -90.23
CA ILE K 236 -74.22 -28.02 -90.71
C ILE K 236 -72.98 -28.46 -91.51
N SER K 237 -72.14 -29.33 -90.97
CA SER K 237 -70.80 -29.60 -91.54
C SER K 237 -70.91 -30.35 -92.85
N CYS K 238 -71.86 -31.28 -92.99
CA CYS K 238 -72.00 -32.06 -94.23
C CYS K 238 -72.22 -31.13 -95.42
N PRO K 239 -73.33 -30.35 -95.51
CA PRO K 239 -73.54 -29.49 -96.66
C PRO K 239 -72.48 -28.40 -96.82
N LEU K 240 -71.95 -27.86 -95.72
CA LEU K 240 -70.99 -26.74 -95.80
C LEU K 240 -69.64 -27.22 -96.33
N ILE K 241 -69.32 -28.51 -96.14
CA ILE K 241 -68.04 -29.08 -96.65
C ILE K 241 -68.23 -29.30 -98.15
N GLY K 242 -69.41 -29.74 -98.58
CA GLY K 242 -69.84 -29.71 -99.98
C GLY K 242 -69.59 -28.34 -100.61
N VAL K 243 -70.04 -27.27 -99.94
CA VAL K 243 -70.02 -25.87 -100.46
C VAL K 243 -68.56 -25.44 -100.60
N ILE K 244 -67.74 -25.74 -99.61
CA ILE K 244 -66.28 -25.42 -99.65
C ILE K 244 -65.66 -26.05 -100.90
N GLN K 245 -65.98 -27.32 -101.18
CA GLN K 245 -65.37 -28.11 -102.26
C GLN K 245 -65.84 -27.56 -103.61
N LEU K 246 -67.15 -27.38 -103.76
CA LEU K 246 -67.73 -26.74 -104.96
C LEU K 246 -67.13 -25.33 -105.17
N ALA K 247 -66.93 -24.55 -104.11
CA ALA K 247 -66.36 -23.20 -104.18
C ALA K 247 -64.93 -23.27 -104.72
N HIS K 248 -64.13 -24.22 -104.21
CA HIS K 248 -62.74 -24.42 -104.69
C HIS K 248 -62.76 -24.84 -106.16
N TYR K 249 -63.72 -25.65 -106.54
CA TYR K 249 -63.86 -26.14 -107.93
C TYR K 249 -64.15 -24.96 -108.86
N VAL K 250 -64.99 -24.03 -108.41
CA VAL K 250 -65.42 -22.82 -109.16
C VAL K 250 -64.26 -21.83 -109.24
N VAL K 251 -63.63 -21.51 -108.13
CA VAL K 251 -62.41 -20.66 -108.14
C VAL K 251 -61.41 -21.25 -109.15
N THR K 252 -61.22 -22.56 -109.16
CA THR K 252 -60.26 -23.23 -110.07
C THR K 252 -60.72 -23.01 -111.51
N ALA K 253 -61.96 -23.34 -111.84
CA ALA K 253 -62.52 -23.26 -113.20
C ALA K 253 -62.46 -21.82 -113.72
N LYS K 254 -62.78 -20.84 -112.87
CA LYS K 254 -62.92 -19.42 -113.30
C LYS K 254 -61.54 -18.82 -113.55
N LEU K 255 -60.57 -19.08 -112.68
CA LEU K 255 -59.19 -18.55 -112.84
C LEU K 255 -58.46 -19.21 -114.01
N LEU K 256 -58.96 -20.34 -114.53
CA LEU K 256 -58.44 -21.01 -115.76
C LEU K 256 -59.27 -20.59 -116.98
N GLY K 257 -60.32 -19.81 -116.77
CA GLY K 257 -61.31 -19.45 -117.81
C GLY K 257 -62.03 -20.65 -118.40
N PHE K 258 -62.24 -21.70 -117.61
CA PHE K 258 -63.04 -22.88 -118.05
C PHE K 258 -64.48 -22.71 -117.56
N THR K 259 -65.41 -23.36 -118.26
CA THR K 259 -66.73 -23.74 -117.73
C THR K 259 -66.49 -24.93 -116.79
N PRO K 260 -67.43 -25.23 -115.87
CA PRO K 260 -67.34 -26.43 -115.04
C PRO K 260 -67.12 -27.70 -115.87
N GLY K 261 -67.89 -27.86 -116.95
CA GLY K 261 -67.79 -29.00 -117.90
C GLY K 261 -66.45 -29.05 -118.58
N GLU K 262 -65.86 -27.90 -118.91
CA GLU K 262 -64.52 -27.85 -119.56
C GLU K 262 -63.49 -28.41 -118.58
N LEU K 263 -63.47 -27.89 -117.34
CA LEU K 263 -62.56 -28.35 -116.27
C LEU K 263 -62.79 -29.85 -116.05
N ARG K 264 -64.05 -30.29 -116.02
CA ARG K 264 -64.44 -31.71 -115.87
C ARG K 264 -63.84 -32.54 -117.00
N SER K 265 -63.80 -32.02 -118.22
CA SER K 265 -63.41 -32.77 -119.45
C SER K 265 -61.89 -33.01 -119.44
N TYR K 266 -61.14 -32.13 -118.78
CA TYR K 266 -59.69 -32.27 -118.55
C TYR K 266 -59.41 -33.38 -117.53
N LEU K 267 -60.40 -33.86 -116.77
CA LEU K 267 -60.22 -34.88 -115.70
C LEU K 267 -60.40 -36.27 -116.31
N LYS K 268 -59.49 -37.18 -116.00
CA LYS K 268 -59.64 -38.62 -116.31
C LYS K 268 -60.74 -39.22 -115.41
N GLY K 269 -60.94 -38.68 -114.21
CA GLY K 269 -61.88 -39.23 -113.22
C GLY K 269 -62.02 -38.35 -112.00
N ALA K 270 -62.98 -38.70 -111.15
CA ALA K 270 -63.22 -38.01 -109.87
C ALA K 270 -63.53 -39.07 -108.82
N THR K 271 -63.17 -38.76 -107.59
CA THR K 271 -63.71 -39.53 -106.46
C THR K 271 -63.59 -38.70 -105.21
N GLY K 272 -64.12 -39.25 -104.14
CA GLY K 272 -64.16 -38.55 -102.86
C GLY K 272 -64.13 -39.54 -101.74
N HIS K 273 -63.65 -39.05 -100.61
CA HIS K 273 -63.44 -39.81 -99.36
C HIS K 273 -64.64 -39.50 -98.49
N SER K 274 -65.48 -40.50 -98.22
CA SER K 274 -66.68 -40.34 -97.39
C SER K 274 -67.62 -39.42 -98.18
N GLN K 275 -68.01 -38.25 -97.66
CA GLN K 275 -69.04 -37.36 -98.27
C GLN K 275 -68.48 -36.59 -99.49
N GLY K 276 -67.16 -36.59 -99.70
CA GLY K 276 -66.53 -36.03 -100.91
C GLY K 276 -67.08 -36.66 -102.18
N LEU K 277 -67.49 -37.91 -102.09
CA LEU K 277 -68.03 -38.70 -103.22
C LEU K 277 -69.29 -38.04 -103.79
N VAL K 278 -70.00 -37.24 -103.01
CA VAL K 278 -71.21 -36.52 -103.49
C VAL K 278 -70.76 -35.38 -104.41
N THR K 279 -69.79 -34.61 -103.95
CA THR K 279 -69.19 -33.49 -104.74
C THR K 279 -68.57 -34.05 -106.02
N ALA K 280 -67.95 -35.24 -105.97
CA ALA K 280 -67.29 -35.87 -107.13
C ALA K 280 -68.34 -36.20 -108.21
N VAL K 281 -69.48 -36.79 -107.84
CA VAL K 281 -70.55 -37.12 -108.81
C VAL K 281 -71.18 -35.82 -109.33
N ALA K 282 -71.33 -34.81 -108.48
CA ALA K 282 -71.96 -33.51 -108.83
C ALA K 282 -71.15 -32.84 -109.94
N ILE K 283 -69.83 -32.68 -109.75
CA ILE K 283 -68.92 -32.03 -110.74
C ILE K 283 -68.79 -32.89 -112.00
N ALA K 284 -68.94 -34.21 -111.89
CA ALA K 284 -68.95 -35.14 -113.04
C ALA K 284 -70.15 -34.88 -113.98
N GLU K 285 -71.25 -34.33 -113.45
CA GLU K 285 -72.48 -34.05 -114.24
C GLU K 285 -72.41 -32.68 -114.91
N THR K 286 -71.54 -31.77 -114.45
CA THR K 286 -71.58 -30.33 -114.80
C THR K 286 -71.24 -30.13 -116.29
N ASP K 287 -71.82 -29.11 -116.93
CA ASP K 287 -71.55 -28.74 -118.34
C ASP K 287 -71.23 -27.23 -118.39
N SER K 288 -72.23 -26.37 -118.24
CA SER K 288 -72.11 -24.90 -118.44
C SER K 288 -72.33 -24.16 -117.11
N TRP K 289 -71.93 -22.89 -117.02
CA TRP K 289 -72.17 -22.01 -115.84
C TRP K 289 -73.67 -21.84 -115.57
N GLU K 290 -74.52 -21.96 -116.59
CA GLU K 290 -75.99 -21.70 -116.47
C GLU K 290 -76.61 -22.84 -115.67
N SER K 291 -76.21 -24.08 -115.97
CA SER K 291 -76.78 -25.33 -115.41
C SER K 291 -75.92 -25.87 -114.26
N PHE K 292 -74.92 -25.11 -113.80
CA PHE K 292 -73.99 -25.54 -112.73
C PHE K 292 -74.72 -25.59 -111.39
N PHE K 293 -75.60 -24.62 -111.16
CA PHE K 293 -76.43 -24.50 -109.94
C PHE K 293 -77.42 -25.65 -109.84
N VAL K 294 -77.69 -26.39 -110.93
CA VAL K 294 -78.50 -27.63 -110.89
C VAL K 294 -77.69 -28.69 -110.15
N SER K 295 -76.43 -28.90 -110.53
CA SER K 295 -75.48 -29.85 -109.91
C SER K 295 -75.20 -29.42 -108.46
N VAL K 296 -75.00 -28.13 -108.20
CA VAL K 296 -74.76 -27.60 -106.83
C VAL K 296 -75.95 -27.97 -105.94
N ARG K 297 -77.18 -27.71 -106.39
CA ARG K 297 -78.42 -28.01 -105.64
C ARG K 297 -78.44 -29.50 -105.26
N LYS K 298 -78.24 -30.39 -106.24
CA LYS K 298 -78.28 -31.86 -106.00
C LYS K 298 -77.28 -32.23 -104.90
N ALA K 299 -76.06 -31.70 -104.96
CA ALA K 299 -74.97 -32.02 -104.02
C ALA K 299 -75.34 -31.52 -102.63
N ILE K 300 -75.67 -30.23 -102.49
CA ILE K 300 -76.11 -29.57 -101.23
C ILE K 300 -77.30 -30.35 -100.65
N THR K 301 -78.22 -30.81 -101.49
CA THR K 301 -79.45 -31.50 -101.04
C THR K 301 -79.09 -32.90 -100.52
N VAL K 302 -78.25 -33.64 -101.21
CA VAL K 302 -77.82 -34.98 -100.72
C VAL K 302 -77.15 -34.77 -99.36
N LEU K 303 -76.26 -33.80 -99.24
CA LEU K 303 -75.44 -33.63 -98.02
C LEU K 303 -76.32 -33.11 -96.89
N PHE K 304 -77.33 -32.32 -97.21
CA PHE K 304 -78.31 -31.80 -96.21
C PHE K 304 -79.00 -32.99 -95.56
N PHE K 305 -79.51 -33.91 -96.36
CA PHE K 305 -80.31 -35.07 -95.87
C PHE K 305 -79.42 -36.09 -95.19
N ILE K 306 -78.19 -36.27 -95.64
CA ILE K 306 -77.22 -37.15 -94.94
C ILE K 306 -76.99 -36.54 -93.54
N GLY K 307 -76.64 -35.27 -93.47
CA GLY K 307 -76.36 -34.55 -92.22
C GLY K 307 -77.53 -34.67 -91.25
N VAL K 308 -78.72 -34.35 -91.74
CA VAL K 308 -79.96 -34.24 -90.92
C VAL K 308 -80.38 -35.64 -90.48
N ARG K 309 -80.45 -36.61 -91.38
CA ARG K 309 -80.98 -37.94 -91.03
C ARG K 309 -80.00 -38.70 -90.15
N CYS K 310 -78.72 -38.61 -90.45
CA CYS K 310 -77.63 -39.30 -89.71
C CYS K 310 -77.54 -38.73 -88.30
N TYR K 311 -77.71 -37.41 -88.16
CA TYR K 311 -77.74 -36.76 -86.83
C TYR K 311 -78.94 -37.27 -86.03
N GLU K 312 -80.10 -37.41 -86.67
CA GLU K 312 -81.35 -37.87 -86.03
C GLU K 312 -81.20 -39.36 -85.63
N ALA K 313 -80.46 -40.15 -86.40
CA ALA K 313 -80.25 -41.60 -86.14
C ALA K 313 -79.26 -41.78 -84.98
N TYR K 314 -78.31 -40.87 -84.82
CA TYR K 314 -77.27 -40.97 -83.78
C TYR K 314 -76.79 -39.61 -83.32
N PRO K 315 -77.62 -38.88 -82.53
CA PRO K 315 -77.18 -37.61 -81.99
C PRO K 315 -76.07 -37.83 -80.95
N ASN K 316 -75.17 -36.86 -80.86
CA ASN K 316 -74.10 -36.86 -79.85
C ASN K 316 -74.78 -36.55 -78.50
N THR K 317 -74.33 -37.23 -77.45
CA THR K 317 -74.76 -37.00 -76.06
C THR K 317 -73.53 -36.61 -75.25
N SER K 318 -73.75 -36.01 -74.08
CA SER K 318 -72.67 -35.64 -73.14
C SER K 318 -71.89 -36.92 -72.79
N LEU K 319 -70.57 -36.80 -72.79
CA LEU K 319 -69.66 -37.90 -72.38
C LEU K 319 -69.32 -37.68 -70.90
N PRO K 320 -69.32 -38.75 -70.08
CA PRO K 320 -68.94 -38.63 -68.67
C PRO K 320 -67.66 -37.82 -68.49
N PRO K 321 -67.67 -36.76 -67.65
CA PRO K 321 -66.47 -35.95 -67.44
C PRO K 321 -65.21 -36.72 -66.99
N SER K 322 -65.39 -37.86 -66.33
CA SER K 322 -64.30 -38.74 -65.84
C SER K 322 -63.55 -39.29 -67.07
N ILE K 323 -64.31 -39.73 -68.08
CA ILE K 323 -63.79 -40.19 -69.41
C ILE K 323 -63.07 -39.04 -70.12
N LEU K 324 -63.64 -37.82 -70.13
CA LEU K 324 -63.02 -36.65 -70.79
C LEU K 324 -61.70 -36.33 -70.09
N GLU K 325 -61.71 -36.30 -68.75
CA GLU K 325 -60.54 -35.95 -67.91
C GLU K 325 -59.41 -36.96 -68.15
N ASP K 326 -59.75 -38.25 -68.17
CA ASP K 326 -58.78 -39.36 -68.40
C ASP K 326 -58.18 -39.22 -69.80
N SER K 327 -58.99 -39.02 -70.84
CA SER K 327 -58.53 -38.87 -72.25
C SER K 327 -57.57 -37.67 -72.38
N LEU K 328 -57.83 -36.55 -71.69
CA LEU K 328 -56.99 -35.33 -71.76
C LEU K 328 -55.68 -35.53 -70.98
N GLU K 329 -55.73 -36.22 -69.83
CA GLU K 329 -54.55 -36.46 -68.96
C GLU K 329 -53.62 -37.51 -69.58
N ASN K 330 -54.16 -38.39 -70.44
CA ASN K 330 -53.38 -39.44 -71.17
C ASN K 330 -53.07 -38.97 -72.60
N ASN K 331 -53.10 -37.66 -72.87
CA ASN K 331 -52.74 -37.03 -74.17
C ASN K 331 -53.40 -37.77 -75.34
N GLU K 332 -54.63 -38.25 -75.14
CA GLU K 332 -55.55 -38.66 -76.24
C GLU K 332 -56.46 -37.47 -76.54
N GLY K 333 -57.20 -37.53 -77.64
CA GLY K 333 -58.10 -36.45 -78.02
C GLY K 333 -59.28 -36.35 -77.07
N VAL K 334 -60.08 -35.32 -77.22
CA VAL K 334 -61.50 -35.30 -76.80
C VAL K 334 -62.20 -36.41 -77.56
N PRO K 335 -62.77 -37.44 -76.89
CA PRO K 335 -63.40 -38.54 -77.61
C PRO K 335 -64.47 -38.07 -78.60
N SER K 336 -64.66 -38.87 -79.63
CA SER K 336 -65.52 -38.60 -80.79
C SER K 336 -65.89 -39.95 -81.36
N PRO K 337 -66.87 -40.00 -82.27
CA PRO K 337 -67.28 -41.27 -82.85
C PRO K 337 -66.36 -41.88 -83.91
N MET K 338 -65.16 -41.35 -84.11
CA MET K 338 -64.23 -41.88 -85.12
C MET K 338 -62.80 -41.74 -84.59
N LEU K 339 -62.14 -42.88 -84.43
CA LEU K 339 -60.77 -42.92 -83.87
C LEU K 339 -59.83 -43.32 -84.99
N SER K 340 -58.79 -42.53 -85.23
CA SER K 340 -57.74 -42.83 -86.23
C SER K 340 -56.58 -43.56 -85.56
N ILE K 341 -56.19 -44.69 -86.12
CA ILE K 341 -55.04 -45.51 -85.63
C ILE K 341 -53.98 -45.58 -86.74
N SER K 342 -52.84 -44.93 -86.52
CA SER K 342 -51.65 -44.88 -87.41
C SER K 342 -50.57 -45.85 -86.93
N ASN K 343 -50.05 -46.67 -87.85
CA ASN K 343 -48.79 -47.47 -87.73
C ASN K 343 -49.12 -48.89 -87.26
N LEU K 344 -50.39 -49.27 -87.32
CA LEU K 344 -50.85 -50.65 -87.14
C LEU K 344 -51.49 -51.12 -88.43
N THR K 345 -51.37 -52.40 -88.70
CA THR K 345 -52.01 -53.08 -89.85
C THR K 345 -53.51 -53.18 -89.57
N GLN K 346 -54.30 -53.36 -90.62
CA GLN K 346 -55.76 -53.61 -90.56
C GLN K 346 -56.04 -54.84 -89.72
N GLU K 347 -55.22 -55.89 -89.82
CA GLU K 347 -55.42 -57.17 -89.09
C GLU K 347 -55.26 -56.89 -87.59
N GLN K 348 -54.23 -56.14 -87.24
CA GLN K 348 -53.88 -55.78 -85.85
C GLN K 348 -55.02 -54.95 -85.24
N VAL K 349 -55.45 -53.90 -85.94
CA VAL K 349 -56.60 -53.04 -85.51
C VAL K 349 -57.84 -53.92 -85.40
N GLN K 350 -58.11 -54.79 -86.37
CA GLN K 350 -59.32 -55.66 -86.39
C GLN K 350 -59.29 -56.65 -85.22
N ASP K 351 -58.11 -57.04 -84.75
CA ASP K 351 -57.93 -57.95 -83.58
C ASP K 351 -58.36 -57.20 -82.32
N TYR K 352 -57.87 -55.98 -82.13
CA TYR K 352 -58.23 -55.10 -80.99
C TYR K 352 -59.71 -54.73 -81.02
N VAL K 353 -60.33 -54.51 -82.19
CA VAL K 353 -61.79 -54.17 -82.23
C VAL K 353 -62.57 -55.45 -81.95
N ASN K 354 -62.04 -56.62 -82.32
CA ASN K 354 -62.72 -57.92 -82.07
C ASN K 354 -62.78 -58.15 -80.54
N LYS K 355 -61.67 -57.91 -79.84
CA LYS K 355 -61.53 -58.05 -78.37
C LYS K 355 -62.55 -57.13 -77.68
N THR K 356 -62.54 -55.84 -78.02
CA THR K 356 -63.49 -54.81 -77.50
C THR K 356 -64.94 -55.21 -77.80
N ASN K 357 -65.23 -55.67 -79.01
CA ASN K 357 -66.62 -55.94 -79.47
C ASN K 357 -67.18 -57.19 -78.80
N SER K 358 -66.32 -58.14 -78.39
CA SER K 358 -66.73 -59.40 -77.71
C SER K 358 -67.49 -59.04 -76.42
N HIS K 359 -66.93 -58.13 -75.62
CA HIS K 359 -67.54 -57.63 -74.35
C HIS K 359 -68.78 -56.78 -74.61
N LEU K 360 -68.73 -55.85 -75.58
CA LEU K 360 -69.82 -54.88 -75.85
C LEU K 360 -71.02 -55.59 -76.48
N PRO K 361 -72.26 -55.09 -76.23
CA PRO K 361 -73.45 -55.52 -76.96
C PRO K 361 -73.48 -54.87 -78.36
N ALA K 362 -74.36 -55.35 -79.25
CA ALA K 362 -74.39 -55.07 -80.71
C ALA K 362 -74.45 -53.57 -81.01
N GLY K 363 -75.34 -52.83 -80.36
CA GLY K 363 -75.59 -51.40 -80.61
C GLY K 363 -74.44 -50.51 -80.13
N LYS K 364 -73.46 -51.06 -79.43
CA LYS K 364 -72.32 -50.30 -78.88
C LYS K 364 -71.01 -50.73 -79.58
N GLN K 365 -71.10 -51.69 -80.51
CA GLN K 365 -69.90 -52.27 -81.17
C GLN K 365 -69.32 -51.24 -82.16
N VAL K 366 -67.99 -51.22 -82.21
CA VAL K 366 -67.16 -50.38 -83.12
C VAL K 366 -66.79 -51.19 -84.37
N GLU K 367 -66.41 -50.51 -85.45
CA GLU K 367 -66.01 -51.21 -86.71
C GLU K 367 -65.03 -50.35 -87.47
N ILE K 368 -64.19 -50.99 -88.27
CA ILE K 368 -63.24 -50.25 -89.14
C ILE K 368 -64.09 -49.55 -90.19
N SER K 369 -64.01 -48.22 -90.23
CA SER K 369 -64.86 -47.34 -91.06
C SER K 369 -64.06 -46.88 -92.30
N LEU K 370 -62.82 -46.46 -92.11
CA LEU K 370 -61.91 -46.00 -93.19
C LEU K 370 -60.62 -46.82 -93.16
N VAL K 371 -60.32 -47.52 -94.25
CA VAL K 371 -58.96 -48.05 -94.54
C VAL K 371 -58.30 -47.04 -95.48
N ASN K 372 -57.59 -46.09 -94.91
CA ASN K 372 -56.99 -44.92 -95.59
C ASN K 372 -55.63 -45.29 -96.20
N GLY K 373 -55.05 -46.41 -95.78
CA GLY K 373 -53.67 -46.83 -96.08
C GLY K 373 -53.39 -48.14 -95.39
N ALA K 374 -52.24 -48.75 -95.66
CA ALA K 374 -51.85 -50.06 -95.10
C ALA K 374 -51.81 -49.98 -93.56
N LYS K 375 -51.36 -48.84 -93.02
CA LYS K 375 -51.20 -48.58 -91.56
C LYS K 375 -51.82 -47.23 -91.19
N ASN K 376 -53.03 -46.97 -91.69
CA ASN K 376 -53.78 -45.71 -91.45
C ASN K 376 -55.27 -46.08 -91.46
N LEU K 377 -55.81 -46.37 -90.28
CA LEU K 377 -57.17 -46.95 -90.15
C LEU K 377 -58.01 -46.00 -89.33
N VAL K 378 -59.31 -46.04 -89.54
CA VAL K 378 -60.28 -45.26 -88.72
C VAL K 378 -61.37 -46.20 -88.28
N VAL K 379 -61.68 -46.12 -86.99
CA VAL K 379 -62.71 -46.95 -86.33
C VAL K 379 -63.83 -46.02 -85.93
N SER K 380 -65.04 -46.41 -86.30
CA SER K 380 -66.30 -45.70 -85.99
C SER K 380 -67.08 -46.49 -84.94
N GLY K 381 -67.75 -45.75 -84.07
CA GLY K 381 -68.76 -46.29 -83.15
C GLY K 381 -68.97 -45.30 -82.02
N PRO K 382 -69.68 -45.72 -80.95
CA PRO K 382 -69.95 -44.81 -79.85
C PRO K 382 -68.66 -44.24 -79.29
N PRO K 383 -68.58 -42.93 -79.02
CA PRO K 383 -67.38 -42.38 -78.42
C PRO K 383 -66.94 -43.14 -77.18
N GLN K 384 -67.86 -43.61 -76.35
CA GLN K 384 -67.52 -44.37 -75.11
C GLN K 384 -66.93 -45.73 -75.49
N SER K 385 -67.52 -46.42 -76.47
CA SER K 385 -67.00 -47.72 -76.98
C SER K 385 -65.58 -47.51 -77.51
N LEU K 386 -65.30 -46.38 -78.17
CA LEU K 386 -63.97 -46.10 -78.78
C LEU K 386 -63.01 -45.68 -77.68
N TYR K 387 -63.51 -45.10 -76.60
CA TYR K 387 -62.66 -44.77 -75.43
C TYR K 387 -62.21 -46.08 -74.80
N GLY K 388 -63.11 -47.07 -74.80
CA GLY K 388 -62.87 -48.46 -74.39
C GLY K 388 -61.80 -49.14 -75.21
N LEU K 389 -61.94 -49.10 -76.53
CA LEU K 389 -60.87 -49.53 -77.47
C LEU K 389 -59.56 -48.82 -77.13
N ASN K 390 -59.61 -47.51 -76.94
CA ASN K 390 -58.40 -46.69 -76.67
C ASN K 390 -57.71 -47.13 -75.37
N LEU K 391 -58.47 -47.59 -74.34
CA LEU K 391 -57.89 -48.08 -73.06
C LEU K 391 -57.11 -49.37 -73.35
N THR K 392 -57.71 -50.29 -74.09
CA THR K 392 -57.05 -51.53 -74.58
C THR K 392 -55.77 -51.19 -75.37
N LEU K 393 -55.81 -50.17 -76.23
CA LEU K 393 -54.65 -49.80 -77.09
C LEU K 393 -53.54 -49.18 -76.25
N ARG K 394 -53.86 -48.38 -75.22
CA ARG K 394 -52.83 -47.56 -74.50
C ARG K 394 -51.96 -48.48 -73.63
N LYS K 395 -52.44 -49.69 -73.32
CA LYS K 395 -51.66 -50.77 -72.68
C LYS K 395 -50.67 -51.35 -73.69
N ALA K 396 -51.16 -51.69 -74.89
CA ALA K 396 -50.39 -52.38 -75.96
C ALA K 396 -49.34 -51.46 -76.59
N LYS K 397 -49.48 -50.13 -76.48
CA LYS K 397 -48.55 -49.17 -77.13
C LYS K 397 -47.40 -48.88 -76.18
N ALA K 398 -46.17 -48.87 -76.71
CA ALA K 398 -44.95 -48.47 -76.00
C ALA K 398 -44.91 -46.95 -75.88
N PRO K 399 -44.34 -46.37 -74.81
CA PRO K 399 -44.13 -44.93 -74.73
C PRO K 399 -43.42 -44.36 -75.97
N SER K 400 -43.74 -43.11 -76.34
CA SER K 400 -43.21 -42.41 -77.54
C SER K 400 -41.68 -42.20 -77.39
N GLY K 401 -41.23 -41.82 -76.20
CA GLY K 401 -39.80 -41.58 -75.88
C GLY K 401 -39.12 -42.79 -75.24
N LEU K 402 -39.48 -44.01 -75.66
CA LEU K 402 -38.79 -45.28 -75.29
C LEU K 402 -37.70 -45.57 -76.33
N ASP K 403 -36.46 -45.78 -75.88
CA ASP K 403 -35.33 -46.24 -76.72
C ASP K 403 -35.41 -47.77 -76.80
N GLN K 404 -35.58 -48.31 -78.01
CA GLN K 404 -35.59 -49.78 -78.29
C GLN K 404 -34.46 -50.12 -79.28
N SER K 405 -33.52 -49.20 -79.51
CA SER K 405 -32.37 -49.38 -80.44
C SER K 405 -31.51 -50.57 -80.00
N ARG K 406 -31.38 -50.81 -78.68
CA ARG K 406 -30.55 -51.89 -78.08
C ARG K 406 -31.37 -53.15 -77.85
N ILE K 407 -32.60 -53.21 -78.36
CA ILE K 407 -33.48 -54.42 -78.30
C ILE K 407 -33.50 -55.03 -79.71
N PRO K 408 -33.38 -56.37 -79.86
CA PRO K 408 -33.55 -57.00 -81.16
C PRO K 408 -34.90 -56.64 -81.80
N PHE K 409 -34.91 -56.45 -83.12
CA PHE K 409 -36.02 -55.86 -83.89
C PHE K 409 -37.35 -56.54 -83.53
N SER K 410 -37.41 -57.88 -83.63
CA SER K 410 -38.63 -58.72 -83.46
C SER K 410 -39.17 -58.68 -82.02
N GLU K 411 -38.32 -58.35 -81.04
CA GLU K 411 -38.69 -58.31 -79.60
C GLU K 411 -39.16 -56.90 -79.20
N ARG K 412 -39.18 -55.94 -80.12
CA ARG K 412 -39.56 -54.54 -79.80
C ARG K 412 -41.07 -54.46 -79.57
N LYS K 413 -41.49 -53.59 -78.66
CA LYS K 413 -42.93 -53.31 -78.42
C LYS K 413 -43.42 -52.38 -79.54
N LEU K 414 -44.43 -52.82 -80.30
CA LEU K 414 -45.00 -52.03 -81.43
C LEU K 414 -45.41 -50.66 -80.91
N LYS K 415 -45.01 -49.60 -81.61
CA LYS K 415 -45.40 -48.21 -81.27
C LYS K 415 -46.26 -47.67 -82.41
N PHE K 416 -47.33 -46.96 -82.03
CA PHE K 416 -48.37 -46.46 -82.96
C PHE K 416 -49.03 -45.23 -82.34
N SER K 417 -49.88 -44.60 -83.15
CA SER K 417 -50.61 -43.36 -82.81
C SER K 417 -52.11 -43.66 -82.85
N ASN K 418 -52.85 -42.97 -82.00
CA ASN K 418 -54.33 -43.04 -81.95
C ASN K 418 -54.79 -41.64 -81.53
N ARG K 419 -55.63 -41.02 -82.34
CA ARG K 419 -56.27 -39.74 -82.01
C ARG K 419 -57.71 -39.83 -82.48
N PHE K 420 -58.60 -39.24 -81.70
CA PHE K 420 -60.00 -39.03 -82.10
C PHE K 420 -60.01 -37.99 -83.23
N LEU K 421 -60.79 -38.25 -84.27
CA LEU K 421 -60.95 -37.28 -85.38
C LEU K 421 -61.90 -36.16 -84.95
N PRO K 422 -61.68 -34.93 -85.45
CA PRO K 422 -62.61 -33.83 -85.25
C PRO K 422 -63.86 -33.97 -86.14
N VAL K 423 -64.73 -34.87 -85.74
CA VAL K 423 -66.00 -35.22 -86.42
C VAL K 423 -67.05 -35.44 -85.32
N ALA K 424 -68.33 -35.42 -85.66
CA ALA K 424 -69.43 -35.44 -84.66
C ALA K 424 -70.40 -36.58 -84.92
N SER K 425 -70.16 -37.43 -85.91
CA SER K 425 -71.04 -38.56 -86.23
C SER K 425 -70.19 -39.76 -86.62
N PRO K 426 -70.65 -40.99 -86.33
CA PRO K 426 -69.93 -42.21 -86.71
C PRO K 426 -70.23 -42.61 -88.16
N PHE K 427 -69.60 -41.96 -89.13
CA PHE K 427 -69.79 -42.34 -90.57
C PHE K 427 -69.33 -43.77 -90.79
N HIS K 428 -69.93 -44.44 -91.77
CA HIS K 428 -69.52 -45.78 -92.24
C HIS K 428 -69.70 -46.79 -91.11
N SER K 429 -70.85 -46.73 -90.40
CA SER K 429 -71.14 -47.56 -89.21
C SER K 429 -72.60 -48.00 -89.18
N HIS K 430 -72.84 -49.15 -88.55
CA HIS K 430 -74.16 -49.77 -88.28
C HIS K 430 -75.07 -48.76 -87.57
N LEU K 431 -74.48 -47.84 -86.80
CA LEU K 431 -75.23 -46.80 -86.05
C LEU K 431 -76.05 -45.91 -86.98
N LEU K 432 -75.61 -45.68 -88.21
CA LEU K 432 -76.27 -44.70 -89.13
C LEU K 432 -77.18 -45.40 -90.12
N VAL K 433 -77.18 -46.73 -90.14
CA VAL K 433 -77.95 -47.58 -91.12
C VAL K 433 -79.44 -47.25 -91.10
N PRO K 434 -80.09 -47.01 -89.92
CA PRO K 434 -81.51 -46.62 -89.90
C PRO K 434 -81.85 -45.40 -90.76
N ALA K 435 -80.90 -44.44 -90.87
CA ALA K 435 -81.05 -43.20 -91.66
C ALA K 435 -81.10 -43.49 -93.17
N SER K 436 -80.62 -44.64 -93.64
CA SER K 436 -80.51 -44.99 -95.09
C SER K 436 -81.83 -44.75 -95.82
N ASP K 437 -82.88 -45.44 -95.40
CA ASP K 437 -84.23 -45.42 -96.05
C ASP K 437 -84.78 -43.99 -96.02
N LEU K 438 -84.56 -43.26 -94.94
CA LEU K 438 -85.09 -41.88 -94.76
C LEU K 438 -84.39 -40.94 -95.74
N ILE K 439 -83.08 -41.09 -95.93
CA ILE K 439 -82.29 -40.26 -96.90
C ILE K 439 -82.79 -40.57 -98.31
N ASN K 440 -82.96 -41.85 -98.67
CA ASN K 440 -83.39 -42.26 -100.03
C ASN K 440 -84.74 -41.60 -100.32
N LYS K 441 -85.72 -41.72 -99.41
CA LYS K 441 -87.10 -41.15 -99.54
C LYS K 441 -87.03 -39.62 -99.67
N ASP K 442 -86.14 -38.96 -98.92
CA ASP K 442 -85.99 -37.48 -98.96
C ASP K 442 -85.45 -37.07 -100.33
N LEU K 443 -84.56 -37.87 -100.92
CA LEU K 443 -83.97 -37.57 -102.25
C LEU K 443 -85.05 -37.73 -103.34
N VAL K 444 -85.88 -38.79 -103.30
CA VAL K 444 -86.96 -38.98 -104.32
C VAL K 444 -87.97 -37.83 -104.17
N LYS K 445 -88.22 -37.37 -102.95
CA LYS K 445 -89.16 -36.26 -102.63
C LYS K 445 -88.62 -34.94 -103.19
N ASN K 446 -87.33 -34.62 -103.00
CA ASN K 446 -86.70 -33.35 -103.45
C ASN K 446 -86.08 -33.50 -104.86
N ASN K 447 -86.42 -34.56 -105.61
CA ASN K 447 -86.10 -34.76 -107.04
C ASN K 447 -84.59 -34.66 -107.25
N VAL K 448 -83.84 -35.44 -106.48
CA VAL K 448 -82.35 -35.56 -106.60
C VAL K 448 -82.05 -37.00 -107.00
N SER K 449 -81.62 -37.17 -108.25
CA SER K 449 -81.05 -38.42 -108.80
C SER K 449 -79.78 -38.07 -109.57
N PHE K 450 -78.94 -39.08 -109.77
CA PHE K 450 -77.73 -39.01 -110.62
C PHE K 450 -77.85 -40.14 -111.65
N ASN K 451 -77.96 -39.77 -112.94
CA ASN K 451 -78.08 -40.71 -114.08
C ASN K 451 -76.69 -40.99 -114.65
N ALA K 452 -76.39 -42.26 -114.92
CA ALA K 452 -75.10 -42.74 -115.47
C ALA K 452 -74.78 -41.97 -116.76
N LYS K 453 -75.76 -41.77 -117.64
CA LYS K 453 -75.60 -41.07 -118.94
C LYS K 453 -75.28 -39.58 -118.76
N ASP K 454 -75.63 -38.97 -117.61
CA ASP K 454 -75.32 -37.54 -117.29
C ASP K 454 -73.91 -37.42 -116.70
N ILE K 455 -73.33 -38.52 -116.20
CA ILE K 455 -72.00 -38.55 -115.53
C ILE K 455 -70.94 -38.81 -116.61
N GLN K 456 -70.14 -37.79 -116.92
CA GLN K 456 -69.34 -37.70 -118.17
C GLN K 456 -67.96 -38.34 -117.95
N ILE K 457 -67.45 -38.28 -116.72
CA ILE K 457 -66.17 -38.95 -116.33
C ILE K 457 -66.48 -40.08 -115.36
N PRO K 458 -65.60 -41.09 -115.26
CA PRO K 458 -65.73 -42.11 -114.21
C PRO K 458 -65.69 -41.47 -112.82
N VAL K 459 -66.55 -41.96 -111.94
CA VAL K 459 -66.56 -41.62 -110.49
C VAL K 459 -66.41 -42.94 -109.74
N TYR K 460 -65.33 -43.08 -108.99
CA TYR K 460 -64.94 -44.37 -108.38
C TYR K 460 -65.65 -44.50 -107.03
N ASP K 461 -66.33 -45.63 -106.85
CA ASP K 461 -66.94 -46.12 -105.58
C ASP K 461 -65.87 -46.17 -104.48
N THR K 462 -66.19 -45.72 -103.26
CA THR K 462 -65.23 -45.72 -102.13
C THR K 462 -65.12 -47.10 -101.47
N PHE K 463 -65.92 -48.09 -101.85
CA PHE K 463 -65.86 -49.45 -101.25
C PHE K 463 -65.06 -50.41 -102.14
N ASP K 464 -65.40 -50.50 -103.43
CA ASP K 464 -64.79 -51.51 -104.37
C ASP K 464 -64.01 -50.83 -105.51
N GLY K 465 -64.00 -49.50 -105.58
CA GLY K 465 -63.23 -48.74 -106.60
C GLY K 465 -63.79 -48.89 -108.01
N SER K 466 -64.99 -49.44 -108.16
CA SER K 466 -65.69 -49.60 -109.46
C SER K 466 -66.22 -48.24 -109.89
N ASP K 467 -66.43 -48.05 -111.19
CA ASP K 467 -67.06 -46.83 -111.74
C ASP K 467 -68.55 -46.88 -111.33
N LEU K 468 -69.07 -45.79 -110.77
CA LEU K 468 -70.49 -45.66 -110.37
C LEU K 468 -71.41 -45.70 -111.60
N ARG K 469 -70.91 -45.32 -112.78
CA ARG K 469 -71.68 -45.26 -114.05
C ARG K 469 -72.11 -46.66 -114.51
N VAL K 470 -71.40 -47.72 -114.12
CA VAL K 470 -71.73 -49.13 -114.52
C VAL K 470 -72.66 -49.80 -113.48
N LEU K 471 -73.24 -49.04 -112.53
CA LEU K 471 -74.23 -49.56 -111.55
C LEU K 471 -75.55 -49.85 -112.26
N SER K 472 -76.16 -51.00 -111.94
CA SER K 472 -77.55 -51.36 -112.32
C SER K 472 -78.53 -50.41 -111.60
N GLY K 473 -78.41 -50.31 -110.27
CA GLY K 473 -79.37 -49.60 -109.39
C GLY K 473 -79.14 -48.10 -109.34
N SER K 474 -79.78 -47.42 -108.39
CA SER K 474 -79.67 -45.97 -108.11
C SER K 474 -78.24 -45.64 -107.67
N ILE K 475 -77.65 -44.62 -108.28
CA ILE K 475 -76.28 -44.14 -107.94
C ILE K 475 -76.38 -43.38 -106.62
N SER K 476 -77.42 -42.56 -106.44
CA SER K 476 -77.71 -41.77 -105.22
C SER K 476 -77.81 -42.70 -104.01
N GLU K 477 -78.47 -43.87 -104.15
CA GLU K 477 -78.63 -44.89 -103.08
C GLU K 477 -77.27 -45.50 -102.76
N ARG K 478 -76.48 -45.81 -103.79
CA ARG K 478 -75.13 -46.39 -103.61
C ARG K 478 -74.24 -45.38 -102.90
N ILE K 479 -74.30 -44.10 -103.29
CA ILE K 479 -73.42 -43.05 -102.74
C ILE K 479 -73.73 -42.88 -101.26
N VAL K 480 -75.02 -42.84 -100.93
CA VAL K 480 -75.53 -42.76 -99.53
C VAL K 480 -74.98 -43.97 -98.76
N ASP K 481 -75.14 -45.15 -99.34
CA ASP K 481 -74.65 -46.41 -98.72
C ASP K 481 -73.15 -46.27 -98.43
N CYS K 482 -72.37 -45.76 -99.38
CA CYS K 482 -70.90 -45.63 -99.26
C CYS K 482 -70.55 -44.69 -98.11
N ILE K 483 -71.36 -43.67 -97.86
CA ILE K 483 -71.07 -42.65 -96.80
C ILE K 483 -71.50 -43.17 -95.42
N ILE K 484 -72.69 -43.73 -95.32
CA ILE K 484 -73.31 -43.98 -93.98
C ILE K 484 -72.95 -45.40 -93.51
N ARG K 485 -72.88 -46.37 -94.42
CA ARG K 485 -72.75 -47.79 -94.00
C ARG K 485 -71.39 -48.37 -94.41
N LEU K 486 -71.09 -48.44 -95.70
CA LEU K 486 -69.92 -49.22 -96.21
C LEU K 486 -68.63 -48.52 -95.83
N PRO K 487 -67.57 -49.28 -95.49
CA PRO K 487 -66.26 -48.68 -95.22
C PRO K 487 -65.61 -48.10 -96.49
N VAL K 488 -64.75 -47.13 -96.29
CA VAL K 488 -63.95 -46.48 -97.36
C VAL K 488 -62.64 -47.28 -97.46
N LYS K 489 -62.43 -47.95 -98.58
CA LYS K 489 -61.17 -48.65 -98.91
C LYS K 489 -60.39 -47.75 -99.87
N TRP K 490 -59.62 -46.83 -99.32
CA TRP K 490 -59.07 -45.66 -100.05
C TRP K 490 -58.06 -46.14 -101.09
N GLU K 491 -57.23 -47.14 -100.79
CA GLU K 491 -56.21 -47.66 -101.74
C GLU K 491 -56.91 -48.43 -102.85
N THR K 492 -58.07 -49.03 -102.58
CA THR K 492 -58.85 -49.76 -103.60
C THR K 492 -59.48 -48.76 -104.58
N THR K 493 -60.01 -47.65 -104.07
CA THR K 493 -60.74 -46.64 -104.90
C THR K 493 -59.73 -45.81 -105.70
N THR K 494 -58.53 -45.59 -105.18
CA THR K 494 -57.45 -44.84 -105.86
C THR K 494 -56.55 -45.78 -106.71
N GLN K 495 -57.03 -46.93 -107.17
CA GLN K 495 -56.26 -47.86 -108.08
C GLN K 495 -56.11 -47.30 -109.51
N PHE K 496 -56.78 -46.19 -109.83
CA PHE K 496 -56.68 -45.48 -111.13
C PHE K 496 -55.23 -45.04 -111.38
N LYS K 497 -54.86 -44.95 -112.66
CA LYS K 497 -53.54 -44.46 -113.14
C LYS K 497 -53.68 -42.96 -113.45
N ALA K 498 -52.89 -42.12 -112.82
CA ALA K 498 -52.91 -40.65 -112.99
C ALA K 498 -51.53 -40.11 -112.67
N THR K 499 -51.13 -39.01 -113.30
CA THR K 499 -49.84 -38.35 -113.00
C THR K 499 -50.09 -37.28 -111.95
N HIS K 500 -51.32 -36.75 -111.95
CA HIS K 500 -51.69 -35.59 -111.12
C HIS K 500 -53.02 -35.89 -110.45
N ILE K 501 -53.14 -35.49 -109.19
CA ILE K 501 -54.37 -35.59 -108.36
C ILE K 501 -54.61 -34.20 -107.79
N LEU K 502 -55.77 -33.61 -108.08
CA LEU K 502 -56.20 -32.30 -107.54
C LEU K 502 -57.09 -32.60 -106.33
N ASP K 503 -56.66 -32.12 -105.17
CA ASP K 503 -57.41 -32.28 -103.90
C ASP K 503 -58.15 -30.97 -103.64
N PHE K 504 -59.44 -30.98 -103.86
CA PHE K 504 -60.30 -29.81 -103.62
C PHE K 504 -60.76 -29.80 -102.15
N GLY K 505 -60.84 -30.98 -101.52
CA GLY K 505 -61.52 -31.21 -100.22
C GLY K 505 -61.01 -30.22 -99.20
N PRO K 506 -61.57 -30.19 -97.99
CA PRO K 506 -61.14 -29.23 -96.98
C PRO K 506 -59.89 -29.77 -96.29
N GLY K 507 -59.18 -28.92 -95.55
CA GLY K 507 -58.08 -29.33 -94.65
C GLY K 507 -56.70 -28.94 -95.17
N GLY K 508 -56.61 -28.42 -96.39
CA GLY K 508 -55.32 -28.08 -97.04
C GLY K 508 -54.33 -29.23 -96.92
N ALA K 509 -53.21 -29.00 -96.23
CA ALA K 509 -52.10 -29.98 -96.09
C ALA K 509 -52.50 -31.11 -95.14
N SER K 510 -53.54 -30.93 -94.31
CA SER K 510 -54.09 -31.96 -93.39
C SER K 510 -55.16 -32.80 -94.08
N GLY K 511 -55.44 -32.51 -95.36
CA GLY K 511 -56.57 -33.12 -96.10
C GLY K 511 -56.23 -34.46 -96.72
N LEU K 512 -57.09 -34.88 -97.63
CA LEU K 512 -57.04 -36.18 -98.33
C LEU K 512 -55.86 -36.21 -99.32
N GLY K 513 -55.44 -35.06 -99.84
CA GLY K 513 -54.35 -35.00 -100.82
C GLY K 513 -53.07 -35.54 -100.22
N VAL K 514 -52.66 -35.00 -99.08
CA VAL K 514 -51.38 -35.40 -98.42
C VAL K 514 -51.46 -36.88 -98.01
N LEU K 515 -52.59 -37.34 -97.48
CA LEU K 515 -52.80 -38.78 -97.21
C LEU K 515 -52.54 -39.57 -98.49
N THR K 516 -53.11 -39.15 -99.61
CA THR K 516 -53.05 -39.87 -100.91
C THR K 516 -51.61 -39.86 -101.41
N HIS K 517 -50.92 -38.72 -101.28
CA HIS K 517 -49.47 -38.61 -101.57
C HIS K 517 -48.72 -39.73 -100.84
N ARG K 518 -48.85 -39.80 -99.51
CA ARG K 518 -48.17 -40.82 -98.66
C ARG K 518 -48.40 -42.22 -99.24
N ASN K 519 -49.61 -42.56 -99.67
CA ASN K 519 -49.93 -43.91 -100.18
C ASN K 519 -49.26 -44.15 -101.54
N LYS K 520 -49.06 -43.10 -102.32
CA LYS K 520 -48.69 -43.23 -103.75
C LYS K 520 -47.23 -42.77 -103.98
N ASP K 521 -46.50 -42.39 -102.93
CA ASP K 521 -45.08 -41.92 -103.03
C ASP K 521 -44.27 -42.94 -103.83
N GLY K 522 -43.51 -42.49 -104.83
CA GLY K 522 -42.60 -43.35 -105.61
C GLY K 522 -43.26 -44.09 -106.77
N THR K 523 -44.53 -43.79 -107.08
CA THR K 523 -45.27 -44.34 -108.25
C THR K 523 -45.37 -43.29 -109.38
N GLY K 524 -44.91 -42.07 -109.16
CA GLY K 524 -44.90 -41.01 -110.20
C GLY K 524 -46.23 -40.27 -110.26
N VAL K 525 -46.84 -40.04 -109.10
CA VAL K 525 -48.10 -39.28 -108.94
C VAL K 525 -47.78 -38.02 -108.15
N ARG K 526 -48.23 -36.89 -108.66
CA ARG K 526 -48.09 -35.57 -108.03
C ARG K 526 -49.48 -35.17 -107.53
N VAL K 527 -49.62 -34.96 -106.23
CA VAL K 527 -50.87 -34.43 -105.63
C VAL K 527 -50.77 -32.91 -105.64
N ILE K 528 -51.86 -32.23 -105.98
CA ILE K 528 -51.95 -30.76 -105.82
C ILE K 528 -53.12 -30.48 -104.87
N VAL K 529 -52.83 -29.74 -103.82
CA VAL K 529 -53.84 -29.27 -102.84
C VAL K 529 -54.43 -27.99 -103.43
N ALA K 530 -55.54 -28.15 -104.15
CA ALA K 530 -56.22 -27.12 -104.96
C ALA K 530 -56.88 -26.02 -104.13
N GLY K 531 -57.06 -26.22 -102.82
CA GLY K 531 -57.88 -25.35 -101.97
C GLY K 531 -57.03 -24.42 -101.11
N THR K 532 -55.72 -24.61 -101.10
CA THR K 532 -54.79 -23.88 -100.19
C THR K 532 -53.64 -23.34 -101.01
N LEU K 533 -53.40 -22.03 -100.90
CA LEU K 533 -52.13 -21.39 -101.33
C LEU K 533 -51.16 -21.45 -100.14
N ASP K 534 -50.05 -22.15 -100.30
CA ASP K 534 -48.97 -22.27 -99.29
C ASP K 534 -47.69 -22.70 -100.02
N ILE K 535 -46.57 -22.81 -99.30
CA ILE K 535 -45.25 -23.24 -99.82
C ILE K 535 -44.89 -24.55 -99.12
N ASN K 536 -44.66 -25.61 -99.91
CA ASN K 536 -44.13 -26.89 -99.42
C ASN K 536 -42.60 -26.81 -99.48
N PRO K 537 -41.87 -26.85 -98.34
CA PRO K 537 -40.40 -26.84 -98.37
C PRO K 537 -39.79 -28.06 -99.08
N ASP K 538 -40.33 -29.26 -98.85
CA ASP K 538 -39.90 -30.54 -99.47
C ASP K 538 -40.30 -30.59 -100.95
N ASP K 539 -41.36 -29.86 -101.35
CA ASP K 539 -41.89 -29.78 -102.73
C ASP K 539 -42.25 -31.19 -103.24
N ASP K 540 -42.74 -32.06 -102.35
CA ASP K 540 -43.16 -33.46 -102.70
C ASP K 540 -44.64 -33.49 -103.11
N TYR K 541 -45.39 -32.42 -102.85
CA TYR K 541 -46.77 -32.20 -103.38
C TYR K 541 -46.94 -30.70 -103.62
N GLY K 542 -47.94 -30.34 -104.42
CA GLY K 542 -48.18 -28.95 -104.83
C GLY K 542 -49.28 -28.28 -104.03
N PHE K 543 -49.35 -26.96 -104.13
CA PHE K 543 -50.46 -26.12 -103.66
C PHE K 543 -51.13 -25.45 -104.85
N LYS K 544 -52.18 -24.67 -104.57
CA LYS K 544 -53.04 -23.92 -105.53
C LYS K 544 -52.21 -23.40 -106.72
N GLN K 545 -51.12 -22.68 -106.44
CA GLN K 545 -50.31 -21.93 -107.44
C GLN K 545 -49.88 -22.82 -108.60
N GLU K 546 -49.62 -24.10 -108.34
CA GLU K 546 -49.16 -25.10 -109.34
C GLU K 546 -50.23 -25.34 -110.42
N ILE K 547 -51.51 -25.15 -110.11
CA ILE K 547 -52.64 -25.39 -111.05
C ILE K 547 -52.61 -24.29 -112.13
N PHE K 548 -52.26 -23.07 -111.74
CA PHE K 548 -52.43 -21.85 -112.57
C PHE K 548 -51.12 -21.44 -113.24
N ASP K 549 -49.98 -21.92 -112.74
CA ASP K 549 -48.63 -21.53 -113.21
C ASP K 549 -48.52 -21.87 -114.69
N VAL K 550 -48.08 -20.91 -115.50
CA VAL K 550 -47.98 -21.02 -117.00
C VAL K 550 -46.55 -21.42 -117.39
N THR K 551 -45.57 -21.19 -116.52
CA THR K 551 -44.15 -21.58 -116.73
C THR K 551 -44.02 -23.10 -116.52
N SER K 552 -42.80 -23.64 -116.55
CA SER K 552 -42.48 -25.08 -116.31
C SER K 552 -42.86 -25.50 -114.88
N ASN K 553 -42.91 -24.56 -113.92
CA ASN K 553 -43.22 -24.82 -112.49
C ASN K 553 -44.61 -25.44 -112.32
N GLY K 554 -45.51 -25.22 -113.27
CA GLY K 554 -46.87 -25.80 -113.29
C GLY K 554 -46.88 -27.29 -113.58
N LEU K 555 -45.90 -27.81 -114.33
CA LEU K 555 -45.81 -29.25 -114.71
C LEU K 555 -44.63 -29.88 -113.97
N LYS K 556 -44.72 -29.97 -112.64
CA LYS K 556 -43.80 -30.78 -111.80
C LYS K 556 -44.31 -32.22 -111.77
N LYS K 557 -43.49 -33.17 -112.19
CA LYS K 557 -43.75 -34.63 -112.04
C LYS K 557 -43.01 -35.14 -110.81
N ASN K 558 -43.67 -35.98 -110.02
CA ASN K 558 -43.06 -36.67 -108.86
C ASN K 558 -42.34 -37.91 -109.36
N PRO K 559 -41.25 -38.32 -108.66
CA PRO K 559 -40.41 -39.42 -109.11
C PRO K 559 -41.16 -40.75 -109.05
N ASN K 560 -41.08 -41.53 -110.13
CA ASN K 560 -41.38 -42.99 -110.15
C ASN K 560 -40.04 -43.74 -109.99
N TRP K 561 -39.82 -44.38 -108.84
CA TRP K 561 -38.49 -44.97 -108.49
C TRP K 561 -38.17 -46.09 -109.46
N LEU K 562 -39.14 -46.87 -109.86
CA LEU K 562 -38.87 -47.98 -110.80
C LEU K 562 -38.25 -47.44 -112.10
N GLU K 563 -38.68 -46.26 -112.57
CA GLU K 563 -38.26 -45.70 -113.87
C GLU K 563 -36.96 -44.92 -113.65
N GLU K 564 -36.92 -44.09 -112.62
CA GLU K 564 -35.79 -43.17 -112.34
C GLU K 564 -34.51 -43.95 -111.96
N TYR K 565 -34.60 -45.09 -111.28
CA TYR K 565 -33.43 -45.84 -110.74
C TYR K 565 -33.42 -47.24 -111.32
N HIS K 566 -34.07 -47.40 -112.47
CA HIS K 566 -34.05 -48.64 -113.26
C HIS K 566 -32.59 -49.02 -113.50
N PRO K 567 -32.15 -50.24 -113.19
CA PRO K 567 -30.84 -50.73 -113.60
C PRO K 567 -30.80 -50.87 -115.13
N LYS K 568 -29.66 -50.56 -115.74
CA LYS K 568 -29.44 -50.64 -117.19
C LYS K 568 -28.17 -51.41 -117.46
N LEU K 569 -28.03 -51.90 -118.68
CA LEU K 569 -26.75 -52.40 -119.20
C LEU K 569 -26.15 -51.32 -120.09
N ILE K 570 -24.83 -51.19 -120.03
CA ILE K 570 -24.05 -50.31 -120.92
C ILE K 570 -22.78 -51.06 -121.27
N LYS K 571 -22.20 -50.79 -122.42
CA LYS K 571 -20.90 -51.40 -122.78
C LYS K 571 -19.94 -50.31 -123.22
N ASN K 572 -18.65 -50.57 -123.06
CA ASN K 572 -17.60 -49.60 -123.46
C ASN K 572 -17.07 -50.04 -124.82
N LYS K 573 -16.15 -49.25 -125.38
CA LYS K 573 -15.50 -49.47 -126.70
C LYS K 573 -14.98 -50.92 -126.79
N SER K 574 -14.37 -51.45 -125.73
CA SER K 574 -13.79 -52.83 -125.70
C SER K 574 -14.86 -53.92 -125.69
N GLY K 575 -16.13 -53.56 -125.44
CA GLY K 575 -17.26 -54.50 -125.47
C GLY K 575 -17.51 -55.11 -124.10
N LYS K 576 -16.91 -54.53 -123.06
CA LYS K 576 -17.16 -54.94 -121.65
C LYS K 576 -18.54 -54.43 -121.27
N ILE K 577 -19.41 -55.31 -120.77
CA ILE K 577 -20.77 -54.91 -120.30
C ILE K 577 -20.69 -54.57 -118.80
N PHE K 578 -21.34 -53.47 -118.41
CA PHE K 578 -21.51 -53.06 -116.99
C PHE K 578 -22.99 -52.96 -116.67
N VAL K 579 -23.35 -53.45 -115.50
CA VAL K 579 -24.59 -53.01 -114.82
C VAL K 579 -24.42 -51.54 -114.51
N GLU K 580 -25.36 -50.73 -114.98
CA GLU K 580 -25.32 -49.25 -114.91
C GLU K 580 -26.31 -48.83 -113.84
N THR K 581 -25.79 -48.22 -112.79
CA THR K 581 -26.55 -47.63 -111.69
C THR K 581 -25.87 -46.31 -111.38
N LYS K 582 -26.50 -45.51 -110.55
CA LYS K 582 -25.93 -44.26 -110.01
C LYS K 582 -24.50 -44.52 -109.52
N PHE K 583 -24.24 -45.67 -108.89
CA PHE K 583 -22.93 -46.00 -108.29
C PHE K 583 -21.95 -46.35 -109.39
N SER K 584 -22.27 -47.33 -110.25
CA SER K 584 -21.35 -47.81 -111.30
C SER K 584 -21.02 -46.67 -112.27
N LYS K 585 -21.96 -45.76 -112.52
CA LYS K 585 -21.74 -44.60 -113.42
C LYS K 585 -20.67 -43.68 -112.82
N LEU K 586 -20.64 -43.51 -111.50
CA LEU K 586 -19.60 -42.70 -110.83
C LEU K 586 -18.25 -43.39 -110.97
N ILE K 587 -18.14 -44.66 -110.60
CA ILE K 587 -16.81 -45.28 -110.35
C ILE K 587 -16.32 -46.03 -111.58
N GLY K 588 -17.16 -46.28 -112.58
CA GLY K 588 -16.71 -46.93 -113.83
C GLY K 588 -16.34 -48.39 -113.61
N ARG K 589 -16.98 -49.03 -112.65
CA ARG K 589 -16.75 -50.45 -112.29
C ARG K 589 -18.10 -51.03 -111.91
N PRO K 590 -18.25 -52.35 -111.85
CA PRO K 590 -19.51 -52.94 -111.40
C PRO K 590 -19.93 -52.39 -110.04
N PRO K 591 -21.25 -52.22 -109.79
CA PRO K 591 -21.69 -51.59 -108.54
C PRO K 591 -21.68 -52.56 -107.35
N LEU K 592 -20.55 -53.23 -107.14
CA LEU K 592 -20.38 -54.35 -106.18
C LEU K 592 -19.12 -54.01 -105.40
N LEU K 593 -19.23 -53.91 -104.09
CA LEU K 593 -18.02 -53.58 -103.31
C LEU K 593 -17.79 -54.58 -102.19
N VAL K 594 -16.50 -54.77 -101.91
CA VAL K 594 -16.02 -55.50 -100.71
C VAL K 594 -15.81 -54.43 -99.67
N PRO K 595 -16.61 -54.43 -98.59
CA PRO K 595 -16.51 -53.43 -97.55
C PRO K 595 -15.25 -53.70 -96.71
N GLY K 596 -14.86 -52.70 -95.94
CA GLY K 596 -13.74 -52.81 -94.99
C GLY K 596 -14.08 -53.89 -93.98
N MET K 597 -13.18 -54.84 -93.81
CA MET K 597 -13.30 -55.91 -92.78
C MET K 597 -11.96 -56.08 -92.07
N THR K 598 -11.97 -55.86 -90.76
CA THR K 598 -10.89 -56.33 -89.87
C THR K 598 -11.22 -57.76 -89.48
N PRO K 599 -10.42 -58.78 -89.85
CA PRO K 599 -9.13 -58.60 -90.51
C PRO K 599 -9.02 -58.82 -92.03
N CYS K 600 -10.08 -59.28 -92.71
CA CYS K 600 -10.04 -59.77 -94.12
C CYS K 600 -9.48 -58.74 -95.12
N THR K 601 -9.79 -57.46 -94.99
CA THR K 601 -9.30 -56.44 -95.97
C THR K 601 -8.23 -55.58 -95.31
N VAL K 602 -7.58 -56.07 -94.25
CA VAL K 602 -6.38 -55.34 -93.75
C VAL K 602 -5.23 -55.73 -94.68
N SER K 603 -5.26 -56.94 -95.23
CA SER K 603 -4.20 -57.48 -96.10
C SER K 603 -4.06 -56.64 -97.36
N PRO K 604 -2.90 -56.00 -97.62
CA PRO K 604 -2.66 -55.33 -98.90
C PRO K 604 -2.82 -56.25 -100.12
N ASP K 605 -2.52 -57.53 -99.96
CA ASP K 605 -2.59 -58.54 -101.05
C ASP K 605 -4.05 -58.77 -101.47
N PHE K 606 -4.98 -58.79 -100.53
CA PHE K 606 -6.42 -59.01 -100.84
C PHE K 606 -7.00 -57.74 -101.44
N VAL K 607 -6.62 -56.59 -100.90
CA VAL K 607 -7.07 -55.26 -101.41
C VAL K 607 -6.61 -55.10 -102.86
N ALA K 608 -5.37 -55.48 -103.15
CA ALA K 608 -4.77 -55.42 -104.50
C ALA K 608 -5.43 -56.44 -105.41
N ALA K 609 -5.65 -57.68 -104.97
CA ALA K 609 -6.25 -58.74 -105.80
C ALA K 609 -7.66 -58.34 -106.23
N THR K 610 -8.43 -57.69 -105.35
CA THR K 610 -9.83 -57.31 -105.59
C THR K 610 -9.86 -56.10 -106.53
N THR K 611 -9.01 -55.11 -106.28
CA THR K 611 -8.80 -53.94 -107.17
C THR K 611 -8.43 -54.44 -108.57
N ASN K 612 -7.47 -55.35 -108.68
CA ASN K 612 -7.00 -55.91 -109.97
C ASN K 612 -8.09 -56.75 -110.64
N ALA K 613 -9.01 -57.34 -109.85
CA ALA K 613 -10.17 -58.11 -110.38
C ALA K 613 -11.19 -57.15 -111.03
N GLY K 614 -11.11 -55.86 -110.67
CA GLY K 614 -11.94 -54.78 -111.23
C GLY K 614 -13.05 -54.36 -110.28
N TYR K 615 -12.90 -54.54 -108.96
CA TYR K 615 -13.96 -54.28 -107.96
C TYR K 615 -13.45 -53.34 -106.87
N THR K 616 -14.35 -52.55 -106.31
CA THR K 616 -14.02 -51.58 -105.24
C THR K 616 -13.90 -52.34 -103.92
N ILE K 617 -12.86 -52.00 -103.18
CA ILE K 617 -12.53 -52.61 -101.86
C ILE K 617 -11.96 -51.52 -100.99
N GLU K 618 -12.27 -51.59 -99.70
CA GLU K 618 -11.79 -50.68 -98.64
C GLU K 618 -10.66 -51.42 -97.91
N LEU K 619 -9.50 -50.78 -97.79
CA LEU K 619 -8.44 -51.20 -96.85
C LEU K 619 -8.93 -50.90 -95.44
N ALA K 620 -8.99 -51.91 -94.56
CA ALA K 620 -9.54 -51.78 -93.19
C ALA K 620 -8.50 -51.17 -92.26
N GLY K 621 -8.72 -49.94 -91.81
CA GLY K 621 -7.90 -49.25 -90.79
C GLY K 621 -7.92 -49.96 -89.44
N GLY K 622 -8.96 -50.74 -89.14
CA GLY K 622 -9.06 -51.58 -87.93
C GLY K 622 -7.86 -52.49 -87.72
N GLY K 623 -7.13 -52.84 -88.77
CA GLY K 623 -5.93 -53.70 -88.68
C GLY K 623 -4.64 -52.92 -88.49
N TYR K 624 -4.70 -51.60 -88.29
CA TYR K 624 -3.52 -50.71 -88.27
C TYR K 624 -3.59 -49.84 -87.01
N PHE K 625 -2.43 -49.50 -86.44
CA PHE K 625 -2.35 -48.82 -85.12
C PHE K 625 -1.62 -47.48 -85.22
N SER K 626 -1.02 -47.16 -86.36
CA SER K 626 -0.31 -45.87 -86.59
C SER K 626 -0.37 -45.50 -88.07
N ALA K 627 -0.03 -44.25 -88.37
CA ALA K 627 0.08 -43.72 -89.74
C ALA K 627 1.19 -44.45 -90.49
N ALA K 628 2.29 -44.80 -89.82
CA ALA K 628 3.44 -45.49 -90.44
C ALA K 628 3.02 -46.88 -90.90
N GLY K 629 2.32 -47.62 -90.05
CA GLY K 629 1.88 -48.99 -90.37
C GLY K 629 0.85 -48.99 -91.49
N MET K 630 -0.09 -48.03 -91.48
CA MET K 630 -1.11 -47.91 -92.56
C MET K 630 -0.43 -47.42 -93.85
N THR K 631 0.54 -46.51 -93.75
CA THR K 631 1.30 -46.00 -94.92
C THR K 631 2.02 -47.13 -95.65
N ALA K 632 2.65 -48.04 -94.93
CA ALA K 632 3.37 -49.22 -95.48
C ALA K 632 2.38 -50.14 -96.21
N ALA K 633 1.19 -50.29 -95.67
CA ALA K 633 0.12 -51.15 -96.24
C ALA K 633 -0.39 -50.50 -97.52
N ILE K 634 -0.69 -49.21 -97.46
CA ILE K 634 -1.14 -48.43 -98.65
C ILE K 634 -0.07 -48.53 -99.74
N ASP K 635 1.19 -48.27 -99.42
CA ASP K 635 2.33 -48.34 -100.38
C ASP K 635 2.41 -49.74 -100.96
N SER K 636 2.13 -50.77 -100.15
CA SER K 636 2.12 -52.18 -100.63
C SER K 636 0.95 -52.36 -101.60
N VAL K 637 -0.22 -51.78 -101.32
CA VAL K 637 -1.37 -51.90 -102.26
C VAL K 637 -0.96 -51.20 -103.56
N VAL K 638 -0.51 -49.95 -103.46
CA VAL K 638 -0.16 -49.13 -104.66
C VAL K 638 0.88 -49.87 -105.51
N SER K 639 1.89 -50.51 -104.92
CA SER K 639 2.90 -51.30 -105.67
C SER K 639 2.27 -52.47 -106.44
N GLN K 640 1.19 -53.07 -105.95
CA GLN K 640 0.61 -54.32 -106.52
C GLN K 640 -0.54 -54.03 -107.48
N ILE K 641 -1.14 -52.83 -107.45
CA ILE K 641 -2.26 -52.50 -108.38
C ILE K 641 -1.72 -51.85 -109.64
N GLU K 642 -2.47 -51.97 -110.73
CA GLU K 642 -2.13 -51.40 -112.06
C GLU K 642 -2.26 -49.88 -111.99
N LYS K 643 -1.46 -49.15 -112.77
CA LYS K 643 -1.59 -47.69 -112.99
C LYS K 643 -3.04 -47.38 -113.36
N GLY K 644 -3.61 -46.36 -112.72
CA GLY K 644 -4.99 -45.91 -112.93
C GLY K 644 -6.01 -46.61 -112.03
N SER K 645 -5.64 -47.69 -111.34
CA SER K 645 -6.51 -48.35 -110.33
C SER K 645 -6.55 -47.53 -109.05
N THR K 646 -7.64 -47.66 -108.29
CA THR K 646 -7.89 -46.95 -107.02
C THR K 646 -8.46 -47.94 -106.02
N PHE K 647 -8.55 -47.51 -104.78
CA PHE K 647 -9.10 -48.30 -103.66
C PHE K 647 -9.50 -47.32 -102.60
N GLY K 648 -10.30 -47.78 -101.64
CA GLY K 648 -10.75 -46.92 -100.53
C GLY K 648 -10.14 -47.34 -99.21
N ILE K 649 -10.42 -46.54 -98.20
CA ILE K 649 -9.99 -46.79 -96.81
C ILE K 649 -11.23 -46.78 -95.92
N ASN K 650 -11.34 -47.78 -95.06
CA ASN K 650 -12.39 -47.89 -94.03
C ASN K 650 -11.76 -47.52 -92.69
N LEU K 651 -12.26 -46.47 -92.06
CA LEU K 651 -11.90 -46.09 -90.67
C LEU K 651 -13.14 -46.24 -89.77
N ILE K 652 -12.90 -46.45 -88.48
CA ILE K 652 -13.92 -46.79 -87.46
C ILE K 652 -14.17 -45.53 -86.64
N TYR K 653 -15.40 -45.03 -86.61
CA TYR K 653 -15.72 -43.72 -85.99
C TYR K 653 -15.65 -43.80 -84.45
N VAL K 654 -15.85 -45.00 -83.88
CA VAL K 654 -15.81 -45.23 -82.40
C VAL K 654 -14.40 -45.60 -81.96
N ASN K 655 -13.39 -45.31 -82.79
CA ASN K 655 -11.96 -45.47 -82.49
C ASN K 655 -11.30 -44.11 -82.70
N PRO K 656 -11.51 -43.16 -81.75
CA PRO K 656 -11.04 -41.79 -81.91
C PRO K 656 -9.54 -41.70 -82.21
N PHE K 657 -8.76 -42.66 -81.72
CA PHE K 657 -7.30 -42.74 -81.93
C PHE K 657 -7.04 -42.99 -83.42
N MET K 658 -7.71 -44.00 -84.00
CA MET K 658 -7.61 -44.32 -85.44
C MET K 658 -7.94 -43.08 -86.25
N LEU K 659 -9.03 -42.38 -85.95
CA LEU K 659 -9.41 -41.15 -86.70
C LEU K 659 -8.30 -40.11 -86.57
N GLN K 660 -7.69 -40.01 -85.39
CA GLN K 660 -6.75 -38.91 -85.06
C GLN K 660 -5.50 -39.02 -85.94
N TRP K 661 -4.99 -40.22 -86.19
CA TRP K 661 -3.88 -40.44 -87.14
C TRP K 661 -4.40 -40.75 -88.56
N GLY K 662 -5.63 -41.25 -88.69
CA GLY K 662 -6.18 -41.81 -89.94
C GLY K 662 -6.55 -40.72 -90.94
N ILE K 663 -7.24 -39.68 -90.48
CA ILE K 663 -7.76 -38.55 -91.30
C ILE K 663 -6.58 -37.70 -91.78
N PRO K 664 -5.67 -37.23 -90.91
CA PRO K 664 -4.46 -36.55 -91.39
C PRO K 664 -3.64 -37.37 -92.38
N LEU K 665 -3.57 -38.69 -92.18
CA LEU K 665 -2.82 -39.53 -93.13
C LEU K 665 -3.48 -39.47 -94.51
N ILE K 666 -4.80 -39.62 -94.58
CA ILE K 666 -5.52 -39.65 -95.88
C ILE K 666 -5.32 -38.28 -96.56
N LYS K 667 -5.53 -37.20 -95.83
CA LYS K 667 -5.31 -35.82 -96.32
C LYS K 667 -3.92 -35.71 -96.96
N GLU K 668 -2.91 -36.19 -96.25
CA GLU K 668 -1.48 -36.06 -96.64
C GLU K 668 -1.22 -36.95 -97.87
N LEU K 669 -1.67 -38.20 -97.85
CA LEU K 669 -1.48 -39.11 -99.01
C LEU K 669 -2.25 -38.56 -100.22
N ARG K 670 -3.47 -38.02 -100.04
CA ARG K 670 -4.25 -37.50 -101.18
C ARG K 670 -3.51 -36.31 -101.78
N SER K 671 -2.98 -35.40 -100.95
CA SER K 671 -2.16 -34.24 -101.34
C SER K 671 -0.93 -34.71 -102.16
N LYS K 672 -0.39 -35.89 -101.88
CA LYS K 672 0.72 -36.47 -102.68
C LYS K 672 0.18 -37.21 -103.91
N GLY K 673 -1.16 -37.23 -104.07
CA GLY K 673 -1.84 -37.84 -105.22
C GLY K 673 -1.98 -39.35 -105.09
N TYR K 674 -2.06 -39.91 -103.89
CA TYR K 674 -2.21 -41.38 -103.75
C TYR K 674 -3.61 -41.78 -104.23
N PRO K 675 -3.74 -42.95 -104.86
CA PRO K 675 -4.98 -43.37 -105.48
C PRO K 675 -5.99 -43.92 -104.47
N ILE K 676 -6.40 -43.04 -103.57
CA ILE K 676 -7.44 -43.32 -102.56
C ILE K 676 -8.71 -42.64 -103.06
N GLN K 677 -9.64 -43.44 -103.54
CA GLN K 677 -10.84 -42.94 -104.24
C GLN K 677 -11.82 -42.44 -103.19
N PHE K 678 -11.91 -43.12 -102.08
CA PHE K 678 -12.95 -42.80 -101.08
C PHE K 678 -12.50 -43.26 -99.70
N LEU K 679 -13.24 -42.76 -98.73
CA LEU K 679 -13.16 -43.10 -97.31
C LEU K 679 -14.53 -43.61 -96.90
N THR K 680 -14.60 -44.80 -96.30
CA THR K 680 -15.83 -45.26 -95.63
C THR K 680 -15.61 -45.14 -94.12
N ILE K 681 -16.53 -44.50 -93.43
CA ILE K 681 -16.57 -44.44 -91.96
C ILE K 681 -17.50 -45.54 -91.49
N GLY K 682 -16.98 -46.54 -90.77
CA GLY K 682 -17.77 -47.63 -90.18
C GLY K 682 -18.17 -47.29 -88.75
N ALA K 683 -19.19 -47.98 -88.24
CA ALA K 683 -19.53 -48.07 -86.80
C ALA K 683 -19.87 -46.68 -86.24
N GLY K 684 -20.66 -45.91 -86.98
CA GLY K 684 -21.09 -44.57 -86.58
C GLY K 684 -21.03 -43.62 -87.74
N VAL K 685 -21.83 -42.58 -87.69
CA VAL K 685 -21.91 -41.51 -88.73
C VAL K 685 -21.35 -40.24 -88.11
N PRO K 686 -20.39 -39.55 -88.76
CA PRO K 686 -19.85 -38.33 -88.19
C PRO K 686 -20.94 -37.25 -88.07
N SER K 687 -20.66 -36.25 -87.24
CA SER K 687 -21.42 -34.98 -87.15
C SER K 687 -21.30 -34.24 -88.49
N LEU K 688 -22.17 -33.26 -88.70
CA LEU K 688 -22.14 -32.36 -89.89
C LEU K 688 -20.77 -31.67 -90.00
N GLU K 689 -20.17 -31.26 -88.89
CA GLU K 689 -18.92 -30.44 -88.89
C GLU K 689 -17.77 -31.35 -89.34
N VAL K 690 -17.72 -32.56 -88.78
CA VAL K 690 -16.66 -33.56 -89.07
C VAL K 690 -16.83 -34.01 -90.52
N ALA K 691 -18.05 -34.37 -90.94
CA ALA K 691 -18.35 -34.83 -92.30
C ALA K 691 -17.91 -33.76 -93.31
N SER K 692 -18.17 -32.48 -93.00
CA SER K 692 -17.77 -31.33 -93.85
C SER K 692 -16.25 -31.32 -94.01
N GLU K 693 -15.53 -31.45 -92.89
CA GLU K 693 -14.04 -31.54 -92.87
C GLU K 693 -13.60 -32.67 -93.82
N TYR K 694 -14.21 -33.86 -93.73
CA TYR K 694 -13.87 -35.05 -94.56
C TYR K 694 -14.14 -34.75 -96.03
N ILE K 695 -15.32 -34.17 -96.32
CA ILE K 695 -15.74 -33.86 -97.73
C ILE K 695 -14.81 -32.80 -98.33
N GLU K 696 -14.50 -31.73 -97.61
CA GLU K 696 -13.84 -30.52 -98.18
C GLU K 696 -12.31 -30.65 -98.19
N THR K 697 -11.70 -31.37 -97.24
CA THR K 697 -10.23 -31.35 -97.03
C THR K 697 -9.54 -32.62 -97.54
N LEU K 698 -10.21 -33.77 -97.65
CA LEU K 698 -9.48 -35.05 -97.86
C LEU K 698 -9.24 -35.33 -99.34
N GLY K 699 -9.79 -34.52 -100.25
CA GLY K 699 -9.59 -34.73 -101.70
C GLY K 699 -10.11 -36.07 -102.17
N LEU K 700 -11.28 -36.49 -101.66
CA LEU K 700 -11.88 -37.79 -102.02
C LEU K 700 -12.91 -37.61 -103.14
N LYS K 701 -13.12 -38.66 -103.94
CA LYS K 701 -14.21 -38.71 -104.94
C LYS K 701 -15.55 -38.80 -104.19
N TYR K 702 -15.66 -39.72 -103.24
CA TYR K 702 -16.91 -39.87 -102.45
C TYR K 702 -16.62 -40.33 -101.03
N LEU K 703 -17.65 -40.23 -100.20
CA LEU K 703 -17.62 -40.57 -98.77
C LEU K 703 -18.63 -41.67 -98.53
N GLY K 704 -18.15 -42.79 -98.02
CA GLY K 704 -18.95 -43.95 -97.60
C GLY K 704 -19.40 -43.77 -96.16
N LEU K 705 -20.68 -43.87 -95.90
CA LEU K 705 -21.26 -43.81 -94.55
C LEU K 705 -22.06 -45.08 -94.33
N LYS K 706 -22.07 -45.61 -93.11
CA LYS K 706 -22.69 -46.91 -92.77
C LYS K 706 -23.67 -46.68 -91.63
N PRO K 707 -24.84 -46.06 -91.91
CA PRO K 707 -25.80 -45.81 -90.84
C PRO K 707 -26.31 -47.16 -90.32
N GLY K 708 -26.49 -47.26 -89.00
CA GLY K 708 -27.01 -48.46 -88.35
C GLY K 708 -28.53 -48.45 -88.21
N SER K 709 -29.15 -47.27 -88.12
CA SER K 709 -30.58 -47.08 -87.75
C SER K 709 -31.21 -45.96 -88.57
N ILE K 710 -32.50 -45.70 -88.37
CA ILE K 710 -33.26 -44.54 -88.92
C ILE K 710 -32.53 -43.22 -88.60
N ASP K 711 -32.16 -42.99 -87.35
CA ASP K 711 -31.55 -41.70 -86.91
C ASP K 711 -30.24 -41.47 -87.66
N ALA K 712 -29.44 -42.52 -87.84
CA ALA K 712 -28.14 -42.44 -88.53
C ALA K 712 -28.41 -42.16 -90.03
N ILE K 713 -29.44 -42.78 -90.60
CA ILE K 713 -29.85 -42.56 -92.03
C ILE K 713 -30.25 -41.10 -92.19
N SER K 714 -31.01 -40.56 -91.25
CA SER K 714 -31.33 -39.10 -91.18
C SER K 714 -30.06 -38.25 -91.12
N GLN K 715 -29.03 -38.68 -90.39
CA GLN K 715 -27.76 -37.91 -90.26
C GLN K 715 -27.00 -37.97 -91.60
N VAL K 716 -27.04 -39.10 -92.28
CA VAL K 716 -26.43 -39.26 -93.62
C VAL K 716 -27.14 -38.27 -94.55
N ILE K 717 -28.46 -38.26 -94.52
CA ILE K 717 -29.27 -37.35 -95.39
C ILE K 717 -28.85 -35.92 -95.08
N ASN K 718 -28.71 -35.54 -93.81
CA ASN K 718 -28.35 -34.15 -93.43
C ASN K 718 -26.98 -33.80 -94.04
N ILE K 719 -26.03 -34.75 -94.05
CA ILE K 719 -24.67 -34.53 -94.63
C ILE K 719 -24.81 -34.37 -96.14
N ALA K 720 -25.62 -35.21 -96.80
CA ALA K 720 -25.86 -35.13 -98.26
C ALA K 720 -26.50 -33.77 -98.60
N LYS K 721 -27.46 -33.31 -97.80
CA LYS K 721 -28.14 -32.00 -97.98
C LYS K 721 -27.12 -30.86 -97.94
N ALA K 722 -26.16 -30.93 -97.01
CA ALA K 722 -25.16 -29.89 -96.72
C ALA K 722 -24.10 -29.81 -97.82
N HIS K 723 -23.91 -30.89 -98.58
CA HIS K 723 -22.89 -31.03 -99.65
C HIS K 723 -23.56 -31.65 -100.86
N PRO K 724 -24.50 -30.92 -101.51
CA PRO K 724 -25.40 -31.53 -102.47
C PRO K 724 -24.71 -31.99 -103.75
N ASN K 725 -23.49 -31.52 -104.02
CA ASN K 725 -22.70 -31.92 -105.22
C ASN K 725 -21.74 -33.06 -104.90
N PHE K 726 -21.56 -33.43 -103.64
CA PHE K 726 -20.55 -34.45 -103.26
C PHE K 726 -21.20 -35.81 -103.17
N PRO K 727 -20.71 -36.84 -103.88
CA PRO K 727 -21.31 -38.16 -103.81
C PRO K 727 -21.17 -38.81 -102.42
N ILE K 728 -22.28 -39.20 -101.82
CA ILE K 728 -22.31 -39.94 -100.54
C ILE K 728 -22.75 -41.36 -100.85
N ALA K 729 -21.93 -42.37 -100.56
CA ALA K 729 -22.30 -43.79 -100.63
C ALA K 729 -22.90 -44.19 -99.28
N LEU K 730 -24.22 -44.24 -99.22
CA LEU K 730 -24.95 -44.73 -98.02
C LEU K 730 -24.97 -46.25 -98.10
N GLN K 731 -24.14 -46.88 -97.29
CA GLN K 731 -24.01 -48.36 -97.28
C GLN K 731 -24.92 -48.84 -96.16
N TRP K 732 -26.06 -49.34 -96.51
CA TRP K 732 -27.07 -49.76 -95.53
C TRP K 732 -26.89 -51.25 -95.27
N THR K 733 -26.76 -51.62 -94.00
CA THR K 733 -26.70 -53.04 -93.57
C THR K 733 -27.70 -53.23 -92.44
N GLY K 734 -28.33 -54.38 -92.38
CA GLY K 734 -29.13 -54.77 -91.23
C GLY K 734 -28.27 -55.50 -90.20
N GLY K 735 -28.87 -55.80 -89.07
CA GLY K 735 -28.22 -56.52 -87.96
C GLY K 735 -27.72 -57.89 -88.37
N ARG K 736 -28.23 -58.45 -89.45
CA ARG K 736 -27.89 -59.77 -89.94
C ARG K 736 -26.48 -59.81 -90.56
N GLY K 737 -25.80 -58.69 -90.70
CA GLY K 737 -24.45 -58.66 -91.28
C GLY K 737 -23.42 -59.32 -90.36
N GLY K 738 -22.36 -59.85 -90.93
CA GLY K 738 -21.16 -60.30 -90.21
C GLY K 738 -20.52 -59.18 -89.39
N GLY K 739 -19.73 -59.55 -88.38
CA GLY K 739 -18.93 -58.59 -87.60
C GLY K 739 -19.81 -57.84 -86.64
N HIS K 740 -19.40 -56.63 -86.28
CA HIS K 740 -20.16 -55.75 -85.39
C HIS K 740 -21.47 -55.44 -86.11
N HIS K 741 -22.58 -55.64 -85.43
CA HIS K 741 -23.93 -55.59 -86.04
C HIS K 741 -24.91 -54.86 -85.14
N SER K 742 -25.96 -54.32 -85.75
CA SER K 742 -27.04 -53.58 -85.07
C SER K 742 -28.12 -54.59 -84.67
N PHE K 743 -29.19 -54.08 -84.09
CA PHE K 743 -30.41 -54.84 -83.77
C PHE K 743 -31.45 -54.69 -84.89
N GLU K 744 -31.09 -54.00 -85.99
CA GLU K 744 -32.06 -53.48 -86.98
C GLU K 744 -32.42 -54.57 -87.99
N ASP K 745 -33.69 -54.59 -88.39
CA ASP K 745 -34.15 -55.34 -89.59
C ASP K 745 -33.44 -54.74 -90.82
N ALA K 746 -33.21 -55.54 -91.86
CA ALA K 746 -32.60 -55.09 -93.12
C ALA K 746 -33.62 -54.23 -93.92
N HIS K 747 -34.90 -54.57 -93.91
CA HIS K 747 -35.93 -54.06 -94.85
C HIS K 747 -36.64 -52.85 -94.29
N THR K 748 -37.16 -52.97 -93.09
CA THR K 748 -38.11 -51.99 -92.49
C THR K 748 -37.52 -50.58 -92.57
N PRO K 749 -36.27 -50.33 -92.12
CA PRO K 749 -35.73 -48.98 -92.16
C PRO K 749 -35.56 -48.42 -93.60
N MET K 750 -35.34 -49.30 -94.59
CA MET K 750 -35.24 -48.88 -96.01
C MET K 750 -36.64 -48.50 -96.50
N LEU K 751 -37.64 -49.34 -96.22
CA LEU K 751 -39.07 -49.01 -96.54
C LEU K 751 -39.43 -47.66 -95.97
N GLN K 752 -38.97 -47.31 -94.77
CA GLN K 752 -39.34 -46.01 -94.13
C GLN K 752 -38.54 -44.88 -94.74
N MET K 753 -37.30 -45.10 -95.18
CA MET K 753 -36.38 -43.98 -95.45
C MET K 753 -36.06 -43.85 -96.93
N TYR K 754 -36.39 -44.85 -97.72
CA TYR K 754 -36.04 -44.88 -99.16
C TYR K 754 -36.46 -43.58 -99.86
N SER K 755 -37.71 -43.17 -99.68
CA SER K 755 -38.24 -41.93 -100.29
C SER K 755 -37.36 -40.74 -99.90
N LYS K 756 -37.05 -40.57 -98.63
CA LYS K 756 -36.28 -39.41 -98.13
C LYS K 756 -34.86 -39.48 -98.68
N ILE K 757 -34.28 -40.68 -98.77
CA ILE K 757 -32.91 -40.84 -99.34
C ILE K 757 -32.98 -40.37 -100.79
N ARG K 758 -33.94 -40.89 -101.57
CA ARG K 758 -34.01 -40.65 -103.03
C ARG K 758 -34.36 -39.19 -103.38
N ARG K 759 -34.59 -38.33 -102.39
CA ARG K 759 -34.78 -36.87 -102.60
C ARG K 759 -33.40 -36.21 -102.76
N HIS K 760 -32.33 -36.94 -102.46
CA HIS K 760 -30.93 -36.43 -102.51
C HIS K 760 -30.19 -37.19 -103.61
N PRO K 761 -30.05 -36.60 -104.81
CA PRO K 761 -29.48 -37.34 -105.94
C PRO K 761 -28.00 -37.69 -105.72
N ASN K 762 -27.31 -36.97 -104.83
CA ASN K 762 -25.89 -37.25 -104.52
C ASN K 762 -25.75 -38.50 -103.65
N ILE K 763 -26.83 -39.06 -103.07
CA ILE K 763 -26.72 -40.29 -102.26
C ILE K 763 -26.83 -41.50 -103.17
N MET K 764 -25.77 -42.32 -103.16
CA MET K 764 -25.72 -43.61 -103.87
C MET K 764 -26.03 -44.67 -102.82
N LEU K 765 -27.13 -45.39 -103.02
CA LEU K 765 -27.72 -46.26 -101.99
C LEU K 765 -27.22 -47.69 -102.20
N ILE K 766 -26.36 -48.14 -101.31
CA ILE K 766 -25.75 -49.48 -101.36
C ILE K 766 -26.44 -50.35 -100.30
N PHE K 767 -26.90 -51.52 -100.69
CA PHE K 767 -27.49 -52.52 -99.79
C PHE K 767 -26.44 -53.61 -99.51
N GLY K 768 -26.17 -53.81 -98.23
CA GLY K 768 -25.36 -54.94 -97.77
C GLY K 768 -26.06 -55.72 -96.69
N SER K 769 -25.36 -56.74 -96.21
CA SER K 769 -25.78 -57.70 -95.16
C SER K 769 -26.56 -58.79 -95.83
N GLY K 770 -26.11 -60.02 -95.64
CA GLY K 770 -26.89 -61.21 -95.97
C GLY K 770 -26.73 -61.62 -97.41
N PHE K 771 -25.96 -60.90 -98.22
CA PHE K 771 -25.92 -61.18 -99.69
C PHE K 771 -24.74 -62.05 -100.01
N GLY K 772 -24.94 -63.00 -100.92
CA GLY K 772 -23.82 -63.78 -101.46
C GLY K 772 -23.91 -64.12 -102.93
N SER K 773 -24.92 -63.67 -103.67
CA SER K 773 -25.04 -64.04 -105.11
C SER K 773 -25.85 -63.01 -105.91
N ALA K 774 -25.90 -63.23 -107.22
CA ALA K 774 -26.73 -62.45 -108.17
C ALA K 774 -28.21 -62.68 -107.84
N ASP K 775 -28.59 -63.94 -107.61
CA ASP K 775 -30.00 -64.38 -107.38
C ASP K 775 -30.59 -63.59 -106.21
N ASP K 776 -29.88 -63.51 -105.10
CA ASP K 776 -30.44 -62.92 -103.86
C ASP K 776 -30.36 -61.39 -103.91
N THR K 777 -29.47 -60.81 -104.72
CA THR K 777 -29.35 -59.34 -104.83
C THR K 777 -30.25 -58.78 -105.95
N TYR K 778 -30.57 -59.58 -106.96
CA TYR K 778 -31.29 -59.08 -108.16
C TYR K 778 -32.57 -58.35 -107.77
N PRO K 779 -33.44 -58.89 -106.89
CA PRO K 779 -34.64 -58.14 -106.50
C PRO K 779 -34.39 -56.76 -105.88
N TYR K 780 -33.18 -56.52 -105.36
CA TYR K 780 -32.84 -55.22 -104.73
C TYR K 780 -32.39 -54.27 -105.83
N LEU K 781 -31.75 -54.83 -106.84
CA LEU K 781 -31.32 -54.08 -108.03
C LEU K 781 -32.53 -53.62 -108.84
N THR K 782 -33.49 -54.50 -109.12
CA THR K 782 -34.70 -54.16 -109.91
C THR K 782 -35.72 -53.38 -109.08
N GLY K 783 -35.64 -53.47 -107.76
CA GLY K 783 -36.58 -52.81 -106.85
C GLY K 783 -37.78 -53.67 -106.53
N GLU K 784 -37.89 -54.87 -107.06
CA GLU K 784 -39.08 -55.74 -106.87
C GLU K 784 -39.16 -56.23 -105.40
N TRP K 785 -38.06 -56.23 -104.66
CA TRP K 785 -37.98 -56.64 -103.23
C TRP K 785 -39.08 -55.95 -102.42
N SER K 786 -39.30 -54.66 -102.66
CA SER K 786 -40.18 -53.82 -101.82
C SER K 786 -41.65 -54.13 -102.11
N THR K 787 -41.96 -54.82 -103.22
CA THR K 787 -43.33 -55.16 -103.67
C THR K 787 -43.95 -56.23 -102.75
N LYS K 788 -43.14 -57.13 -102.17
CA LYS K 788 -43.59 -58.17 -101.20
C LYS K 788 -44.21 -57.51 -99.97
N PHE K 789 -43.80 -56.28 -99.67
CA PHE K 789 -44.28 -55.46 -98.52
C PHE K 789 -45.35 -54.45 -98.95
N ASP K 790 -45.94 -54.58 -100.15
CA ASP K 790 -47.01 -53.69 -100.69
C ASP K 790 -46.50 -52.23 -100.81
N TYR K 791 -45.22 -52.04 -101.13
CA TYR K 791 -44.63 -50.72 -101.46
C TYR K 791 -44.32 -50.72 -102.95
N PRO K 792 -44.16 -49.53 -103.56
CA PRO K 792 -43.72 -49.47 -104.95
C PRO K 792 -42.28 -49.99 -105.06
N PRO K 793 -41.82 -50.43 -106.25
CA PRO K 793 -40.44 -50.88 -106.39
C PRO K 793 -39.41 -49.84 -105.93
N MET K 794 -38.33 -50.32 -105.31
CA MET K 794 -37.32 -49.47 -104.66
C MET K 794 -35.92 -49.93 -105.09
N PRO K 795 -35.46 -49.66 -106.32
CA PRO K 795 -34.18 -50.16 -106.77
C PRO K 795 -33.02 -49.56 -105.96
N PHE K 796 -31.97 -50.34 -105.79
CA PHE K 796 -30.71 -49.91 -105.13
C PHE K 796 -29.60 -49.72 -106.16
N ASP K 797 -28.64 -48.91 -105.79
CA ASP K 797 -27.51 -48.49 -106.65
C ASP K 797 -26.37 -49.50 -106.59
N GLY K 798 -26.29 -50.36 -105.58
CA GLY K 798 -25.26 -51.41 -105.55
C GLY K 798 -25.26 -52.21 -104.27
N PHE K 799 -24.31 -53.13 -104.17
CA PHE K 799 -24.30 -54.18 -103.13
C PHE K 799 -22.93 -54.26 -102.50
N LEU K 800 -22.91 -54.56 -101.22
CA LEU K 800 -21.63 -54.94 -100.59
C LEU K 800 -21.72 -56.37 -100.09
N PHE K 801 -20.57 -57.04 -100.11
CA PHE K 801 -20.35 -58.47 -99.81
C PHE K 801 -19.18 -58.59 -98.83
N GLY K 802 -19.50 -58.65 -97.54
CA GLY K 802 -18.51 -58.88 -96.47
C GLY K 802 -18.24 -60.35 -96.32
N SER K 803 -19.13 -61.04 -95.60
CA SER K 803 -19.02 -62.47 -95.21
C SER K 803 -18.69 -63.30 -96.45
N ARG K 804 -19.39 -63.06 -97.56
CA ARG K 804 -19.32 -63.87 -98.80
C ARG K 804 -17.88 -64.10 -99.25
N VAL K 805 -17.00 -63.11 -99.10
CA VAL K 805 -15.64 -63.18 -99.72
C VAL K 805 -14.59 -63.70 -98.74
N MET K 806 -14.99 -64.10 -97.53
CA MET K 806 -14.03 -64.47 -96.46
C MET K 806 -13.31 -65.80 -96.76
N ILE K 807 -13.81 -66.61 -97.69
CA ILE K 807 -13.17 -67.90 -98.07
C ILE K 807 -12.61 -67.81 -99.49
N ALA K 808 -12.48 -66.60 -100.05
CA ALA K 808 -11.83 -66.41 -101.36
C ALA K 808 -10.36 -66.81 -101.25
N LYS K 809 -9.75 -67.15 -102.38
CA LYS K 809 -8.33 -67.59 -102.45
C LYS K 809 -7.42 -66.54 -101.82
N GLU K 810 -7.59 -65.28 -102.18
CA GLU K 810 -6.59 -64.23 -101.88
C GLU K 810 -6.80 -63.68 -100.46
N VAL K 811 -7.86 -64.08 -99.76
CA VAL K 811 -8.08 -63.65 -98.34
C VAL K 811 -7.10 -64.46 -97.49
N LYS K 812 -6.56 -63.84 -96.45
CA LYS K 812 -5.49 -64.44 -95.60
C LYS K 812 -6.09 -65.42 -94.56
N THR K 813 -7.41 -65.49 -94.42
CA THR K 813 -8.13 -66.49 -93.59
C THR K 813 -7.40 -67.84 -93.70
N SER K 814 -6.98 -68.42 -92.58
CA SER K 814 -6.26 -69.72 -92.49
C SER K 814 -7.12 -70.81 -93.12
N PRO K 815 -6.52 -71.81 -93.78
CA PRO K 815 -7.30 -72.89 -94.38
C PRO K 815 -8.39 -73.49 -93.50
N ASP K 816 -8.10 -73.74 -92.22
CA ASP K 816 -9.07 -74.40 -91.31
C ASP K 816 -10.17 -73.42 -90.91
N ALA K 817 -9.88 -72.13 -90.86
CA ALA K 817 -10.90 -71.08 -90.65
C ALA K 817 -11.84 -71.05 -91.88
N LYS K 818 -11.31 -71.22 -93.10
CA LYS K 818 -12.14 -71.31 -94.34
C LYS K 818 -13.04 -72.53 -94.28
N LYS K 819 -12.50 -73.68 -93.83
CA LYS K 819 -13.32 -74.90 -93.65
C LYS K 819 -14.41 -74.67 -92.62
N CYS K 820 -14.10 -73.94 -91.54
CA CYS K 820 -15.04 -73.63 -90.44
C CYS K 820 -16.15 -72.73 -90.98
N ILE K 821 -15.80 -71.67 -91.72
CA ILE K 821 -16.76 -70.74 -92.41
C ILE K 821 -17.66 -71.54 -93.35
N ALA K 822 -17.07 -72.34 -94.25
CA ALA K 822 -17.78 -73.12 -95.28
C ALA K 822 -18.82 -74.05 -94.64
N ALA K 823 -18.51 -74.61 -93.47
CA ALA K 823 -19.35 -75.61 -92.74
C ALA K 823 -20.54 -74.91 -92.06
N CYS K 824 -20.46 -73.60 -91.79
CA CYS K 824 -21.63 -72.82 -91.28
C CYS K 824 -22.75 -72.87 -92.32
N THR K 825 -23.92 -73.37 -91.94
CA THR K 825 -25.08 -73.56 -92.86
C THR K 825 -25.73 -72.21 -93.14
N GLY K 826 -25.65 -71.30 -92.16
CA GLY K 826 -26.40 -70.05 -92.12
C GLY K 826 -27.89 -70.31 -91.95
N VAL K 827 -28.65 -69.24 -91.81
CA VAL K 827 -30.13 -69.27 -91.76
C VAL K 827 -30.68 -68.20 -92.70
N PRO K 828 -31.95 -68.35 -93.15
CA PRO K 828 -32.66 -67.26 -93.83
C PRO K 828 -32.84 -66.04 -92.93
N ASP K 829 -33.14 -64.91 -93.55
CA ASP K 829 -33.36 -63.63 -92.84
C ASP K 829 -34.37 -63.75 -91.68
N ASP K 830 -35.41 -64.58 -91.80
CA ASP K 830 -36.50 -64.63 -90.77
C ASP K 830 -35.93 -65.10 -89.41
N LYS K 831 -34.87 -65.93 -89.41
CA LYS K 831 -34.32 -66.61 -88.20
C LYS K 831 -33.06 -65.92 -87.66
N TRP K 832 -32.58 -64.81 -88.23
CA TRP K 832 -31.22 -64.34 -87.90
C TRP K 832 -31.16 -63.91 -86.43
N GLU K 833 -32.25 -63.42 -85.87
CA GLU K 833 -32.27 -62.83 -84.51
C GLU K 833 -32.07 -63.91 -83.43
N GLN K 834 -32.09 -65.17 -83.80
CA GLN K 834 -31.79 -66.28 -82.85
C GLN K 834 -30.31 -66.26 -82.46
N THR K 835 -29.44 -65.56 -83.19
CA THR K 835 -27.99 -65.45 -82.88
C THR K 835 -27.80 -64.83 -81.50
N TYR K 836 -28.69 -63.93 -81.06
CA TYR K 836 -28.65 -63.29 -79.73
C TYR K 836 -28.80 -64.32 -78.60
N LYS K 837 -29.38 -65.50 -78.85
CA LYS K 837 -29.74 -66.49 -77.80
C LYS K 837 -28.81 -67.70 -77.86
N LYS K 838 -28.64 -68.28 -79.06
CA LYS K 838 -27.98 -69.58 -79.25
C LYS K 838 -27.35 -69.62 -80.65
N PRO K 839 -26.42 -70.57 -80.91
CA PRO K 839 -25.91 -70.78 -82.26
C PRO K 839 -27.03 -71.00 -83.28
N THR K 840 -27.04 -70.14 -84.30
CA THR K 840 -28.03 -70.12 -85.41
C THR K 840 -27.25 -70.18 -86.72
N GLY K 841 -27.28 -71.33 -87.40
CA GLY K 841 -26.57 -71.57 -88.67
C GLY K 841 -25.07 -71.65 -88.46
N GLY K 842 -24.64 -71.92 -87.22
CA GLY K 842 -23.22 -71.99 -86.82
C GLY K 842 -22.69 -70.65 -86.35
N ILE K 843 -23.56 -69.66 -86.14
CA ILE K 843 -23.16 -68.27 -85.84
C ILE K 843 -23.89 -67.86 -84.57
N VAL K 844 -23.26 -67.00 -83.80
CA VAL K 844 -23.82 -66.51 -82.53
C VAL K 844 -23.42 -65.05 -82.39
N THR K 845 -24.16 -64.31 -81.61
CA THR K 845 -23.84 -62.93 -81.20
C THR K 845 -23.17 -62.98 -79.83
N VAL K 846 -22.03 -62.31 -79.71
CA VAL K 846 -21.30 -62.05 -78.45
C VAL K 846 -21.07 -60.56 -78.36
N ARG K 847 -20.63 -60.09 -77.21
CA ARG K 847 -20.44 -58.66 -76.92
C ARG K 847 -18.94 -58.38 -76.99
N SER K 848 -18.58 -57.28 -77.64
CA SER K 848 -17.23 -56.71 -77.66
C SER K 848 -16.87 -56.23 -76.23
N GLU K 849 -15.62 -55.79 -76.03
CA GLU K 849 -15.15 -55.09 -74.79
C GLU K 849 -16.10 -53.96 -74.44
N MET K 850 -16.62 -53.24 -75.45
CA MET K 850 -17.46 -52.01 -75.32
C MET K 850 -18.97 -52.36 -75.30
N GLY K 851 -19.34 -53.64 -75.28
CA GLY K 851 -20.74 -54.09 -75.16
C GLY K 851 -21.46 -54.18 -76.49
N GLU K 852 -20.72 -54.06 -77.61
CA GLU K 852 -21.29 -54.01 -78.98
C GLU K 852 -21.50 -55.43 -79.48
N PRO K 853 -22.65 -55.75 -80.08
CA PRO K 853 -22.85 -57.08 -80.61
C PRO K 853 -21.93 -57.34 -81.80
N ILE K 854 -21.47 -58.58 -81.87
CA ILE K 854 -20.61 -59.08 -82.95
C ILE K 854 -21.14 -60.44 -83.32
N HIS K 855 -21.22 -60.71 -84.63
CA HIS K 855 -21.60 -62.01 -85.19
C HIS K 855 -20.34 -62.78 -85.45
N LYS K 856 -20.18 -63.91 -84.78
CA LYS K 856 -18.96 -64.72 -84.85
C LYS K 856 -19.39 -66.13 -85.11
N ILE K 857 -18.54 -66.92 -85.74
CA ILE K 857 -18.82 -68.38 -85.83
C ILE K 857 -18.79 -68.93 -84.40
N ALA K 858 -19.75 -69.81 -84.07
CA ALA K 858 -19.96 -70.45 -82.75
C ALA K 858 -18.90 -71.54 -82.54
N THR K 859 -17.63 -71.17 -82.46
CA THR K 859 -16.49 -72.08 -82.13
C THR K 859 -16.50 -72.27 -80.60
N ARG K 860 -15.74 -73.22 -80.09
CA ARG K 860 -15.61 -73.43 -78.62
C ARG K 860 -15.17 -72.12 -77.98
N GLY K 861 -14.19 -71.46 -78.60
CA GLY K 861 -13.69 -70.17 -78.13
C GLY K 861 -14.80 -69.18 -77.98
N VAL K 862 -15.65 -69.07 -79.00
CA VAL K 862 -16.71 -68.02 -79.02
C VAL K 862 -17.82 -68.44 -78.06
N MET K 863 -18.12 -69.73 -78.00
CA MET K 863 -19.12 -70.26 -77.03
C MET K 863 -18.65 -70.05 -75.59
N LEU K 864 -17.34 -70.10 -75.35
CA LEU K 864 -16.80 -69.70 -74.03
C LEU K 864 -17.00 -68.21 -73.80
N TRP K 865 -16.70 -67.41 -74.81
CA TRP K 865 -16.92 -65.95 -74.75
C TRP K 865 -18.38 -65.67 -74.45
N LYS K 866 -19.28 -66.34 -75.13
CA LYS K 866 -20.73 -66.11 -74.89
C LYS K 866 -21.05 -66.41 -73.42
N GLU K 867 -20.64 -67.58 -72.93
CA GLU K 867 -20.89 -68.00 -71.53
C GLU K 867 -20.37 -66.96 -70.55
N PHE K 868 -19.16 -66.44 -70.74
CA PHE K 868 -18.54 -65.46 -69.81
C PHE K 868 -19.25 -64.12 -69.89
N ASP K 869 -19.82 -63.76 -71.05
CA ASP K 869 -20.65 -62.53 -71.21
C ASP K 869 -21.87 -62.61 -70.30
N GLU K 870 -22.47 -63.80 -70.23
CA GLU K 870 -23.72 -64.06 -69.45
C GLU K 870 -23.41 -64.19 -67.95
N THR K 871 -22.24 -64.72 -67.55
CA THR K 871 -21.96 -65.21 -66.17
C THR K 871 -20.84 -64.44 -65.47
N ILE K 872 -20.01 -63.65 -66.17
CA ILE K 872 -18.83 -62.96 -65.57
C ILE K 872 -18.82 -61.49 -65.97
N PHE K 873 -18.85 -61.18 -67.27
CA PHE K 873 -18.59 -59.80 -67.76
C PHE K 873 -19.81 -58.91 -67.46
N ASN K 874 -21.00 -59.49 -67.32
CA ASN K 874 -22.23 -58.73 -66.99
C ASN K 874 -22.29 -58.35 -65.50
N LEU K 875 -21.59 -59.07 -64.62
CA LEU K 875 -21.61 -58.83 -63.15
C LEU K 875 -21.13 -57.40 -62.87
N PRO K 876 -21.63 -56.73 -61.81
CA PRO K 876 -21.02 -55.48 -61.34
C PRO K 876 -19.61 -55.71 -60.80
N LYS K 877 -18.81 -54.62 -60.70
CA LYS K 877 -17.37 -54.65 -60.35
C LYS K 877 -17.15 -55.29 -58.98
N ASN K 878 -17.99 -54.98 -57.99
CA ASN K 878 -17.88 -55.51 -56.60
C ASN K 878 -18.00 -57.04 -56.59
N LYS K 879 -18.76 -57.66 -57.52
CA LYS K 879 -19.00 -59.13 -57.57
C LYS K 879 -18.08 -59.84 -58.57
N LEU K 880 -17.28 -59.12 -59.36
CA LEU K 880 -16.44 -59.71 -60.43
C LEU K 880 -15.31 -60.54 -59.81
N VAL K 881 -14.44 -59.90 -59.03
CA VAL K 881 -13.23 -60.56 -58.45
C VAL K 881 -13.64 -61.75 -57.58
N PRO K 882 -14.65 -61.64 -56.68
CA PRO K 882 -15.16 -62.81 -55.97
C PRO K 882 -15.62 -63.97 -56.87
N THR K 883 -16.34 -63.67 -57.96
CA THR K 883 -16.80 -64.70 -58.92
C THR K 883 -15.60 -65.37 -59.59
N LEU K 884 -14.59 -64.58 -59.97
CA LEU K 884 -13.37 -65.14 -60.61
C LEU K 884 -12.69 -66.10 -59.63
N GLU K 885 -12.46 -65.65 -58.39
CA GLU K 885 -11.84 -66.49 -57.32
C GLU K 885 -12.62 -67.80 -57.18
N ALA K 886 -13.95 -67.72 -57.10
CA ALA K 886 -14.84 -68.90 -56.89
C ALA K 886 -14.78 -69.85 -58.08
N LYS K 887 -14.83 -69.33 -59.31
CA LYS K 887 -14.89 -70.16 -60.54
C LYS K 887 -13.47 -70.37 -61.12
N ARG K 888 -12.44 -69.92 -60.41
CA ARG K 888 -11.04 -69.89 -60.86
C ARG K 888 -10.66 -71.18 -61.60
N ASP K 889 -10.83 -72.33 -60.99
CA ASP K 889 -10.34 -73.60 -61.58
C ASP K 889 -11.13 -73.90 -62.85
N TYR K 890 -12.43 -73.59 -62.85
CA TYR K 890 -13.32 -73.80 -64.02
C TYR K 890 -12.84 -72.89 -65.17
N ILE K 891 -12.73 -71.60 -64.88
CA ILE K 891 -12.27 -70.58 -65.86
C ILE K 891 -10.94 -71.03 -66.46
N ILE K 892 -9.99 -71.47 -65.64
CA ILE K 892 -8.66 -71.89 -66.15
C ILE K 892 -8.84 -73.07 -67.06
N SER K 893 -9.63 -74.06 -66.70
CA SER K 893 -9.78 -75.29 -67.51
C SER K 893 -10.39 -74.95 -68.88
N ARG K 894 -11.35 -74.02 -68.91
CA ARG K 894 -12.06 -73.60 -70.17
C ARG K 894 -11.09 -72.82 -71.06
N LEU K 895 -10.33 -71.89 -70.49
CA LEU K 895 -9.32 -71.12 -71.24
C LEU K 895 -8.39 -72.10 -71.93
N ASN K 896 -7.93 -73.10 -71.20
CA ASN K 896 -6.90 -74.03 -71.71
C ASN K 896 -7.51 -74.96 -72.74
N ALA K 897 -8.76 -75.38 -72.55
CA ALA K 897 -9.41 -76.33 -73.48
C ALA K 897 -9.86 -75.61 -74.77
N ASP K 898 -10.44 -74.41 -74.65
CA ASP K 898 -11.40 -73.88 -75.64
C ASP K 898 -10.99 -72.52 -76.23
N PHE K 899 -10.11 -71.75 -75.60
CA PHE K 899 -9.86 -70.34 -75.97
C PHE K 899 -8.49 -70.14 -76.63
N GLN K 900 -8.39 -69.03 -77.37
CA GLN K 900 -7.21 -68.64 -78.17
C GLN K 900 -6.15 -67.97 -77.29
N LYS K 901 -6.57 -67.44 -76.15
CA LYS K 901 -5.69 -66.96 -75.07
C LYS K 901 -5.77 -67.98 -73.94
N PRO K 902 -4.89 -69.00 -73.89
CA PRO K 902 -4.91 -69.95 -72.76
C PRO K 902 -4.44 -69.31 -71.45
N TRP K 903 -4.55 -70.07 -70.38
CA TRP K 903 -4.05 -69.66 -69.05
C TRP K 903 -2.52 -69.69 -69.11
N PHE K 904 -1.85 -68.57 -68.89
CA PHE K 904 -0.38 -68.57 -69.04
C PHE K 904 0.25 -69.66 -68.14
N ALA K 905 -0.10 -69.66 -66.86
CA ALA K 905 0.58 -70.48 -65.82
C ALA K 905 0.04 -71.88 -65.85
N THR K 906 0.37 -72.59 -66.91
CA THR K 906 0.00 -74.00 -67.18
C THR K 906 1.29 -74.66 -67.63
N VAL K 907 1.78 -75.64 -66.85
CA VAL K 907 3.08 -76.33 -67.07
C VAL K 907 2.76 -77.80 -67.28
N ASN K 908 3.03 -78.33 -68.48
CA ASN K 908 2.76 -79.75 -68.87
C ASN K 908 1.30 -80.12 -68.57
N GLY K 909 0.36 -79.22 -68.88
CA GLY K 909 -1.09 -79.47 -68.73
C GLY K 909 -1.60 -79.24 -67.31
N GLN K 910 -0.74 -78.83 -66.38
CA GLN K 910 -1.11 -78.63 -64.96
C GLN K 910 -1.29 -77.13 -64.72
N ALA K 911 -2.49 -76.73 -64.34
CA ALA K 911 -2.82 -75.34 -63.96
C ALA K 911 -1.98 -74.97 -62.74
N ARG K 912 -1.33 -73.82 -62.82
CA ARG K 912 -0.54 -73.20 -61.75
C ARG K 912 -1.02 -71.78 -61.63
N ASP K 913 -0.20 -70.96 -61.02
CA ASP K 913 -0.32 -69.50 -60.99
C ASP K 913 1.08 -69.00 -61.32
N LEU K 914 1.22 -67.74 -61.65
CA LEU K 914 2.57 -67.19 -61.83
C LEU K 914 3.37 -67.42 -60.53
N ALA K 915 2.73 -67.30 -59.38
CA ALA K 915 3.42 -67.38 -58.07
C ALA K 915 4.01 -68.77 -57.85
N THR K 916 3.54 -69.79 -58.56
CA THR K 916 3.97 -71.19 -58.39
C THR K 916 4.60 -71.67 -59.67
N MET K 917 5.20 -70.77 -60.43
CA MET K 917 6.06 -71.19 -61.55
C MET K 917 7.48 -70.79 -61.25
N THR K 918 8.41 -71.59 -61.71
CA THR K 918 9.84 -71.23 -61.71
C THR K 918 10.11 -70.22 -62.82
N TYR K 919 11.18 -69.46 -62.68
CA TYR K 919 11.67 -68.56 -63.73
C TYR K 919 11.84 -69.31 -65.04
N GLU K 920 12.38 -70.51 -65.00
CA GLU K 920 12.63 -71.31 -66.22
C GLU K 920 11.28 -71.71 -66.85
N GLU K 921 10.32 -72.12 -66.04
CA GLU K 921 8.98 -72.50 -66.53
C GLU K 921 8.32 -71.29 -67.22
N VAL K 922 8.50 -70.10 -66.67
CA VAL K 922 7.94 -68.86 -67.24
C VAL K 922 8.60 -68.63 -68.60
N ALA K 923 9.93 -68.68 -68.67
CA ALA K 923 10.71 -68.40 -69.90
C ALA K 923 10.24 -69.36 -71.00
N LYS K 924 10.15 -70.64 -70.68
CA LYS K 924 9.76 -71.72 -71.64
C LYS K 924 8.31 -71.59 -72.08
N ARG K 925 7.44 -71.11 -71.22
CA ARG K 925 6.02 -70.96 -71.54
C ARG K 925 5.94 -69.76 -72.50
N LEU K 926 6.70 -68.70 -72.25
CA LEU K 926 6.72 -67.52 -73.16
C LEU K 926 7.10 -67.96 -74.58
N VAL K 927 8.11 -68.81 -74.71
CA VAL K 927 8.60 -69.32 -76.02
C VAL K 927 7.54 -70.23 -76.65
N GLU K 928 6.87 -71.05 -75.85
CA GLU K 928 5.84 -72.01 -76.32
C GLU K 928 4.66 -71.24 -76.94
N LEU K 929 4.33 -70.06 -76.41
CA LEU K 929 3.09 -69.34 -76.79
C LEU K 929 3.39 -68.24 -77.80
N MET K 930 4.62 -67.72 -77.84
CA MET K 930 4.97 -66.51 -78.62
C MET K 930 5.94 -66.83 -79.77
N PHE K 931 6.58 -67.98 -79.78
CA PHE K 931 7.57 -68.36 -80.81
C PHE K 931 6.98 -69.51 -81.62
N ILE K 932 6.95 -69.34 -82.93
CA ILE K 932 6.28 -70.27 -83.87
C ILE K 932 7.36 -71.23 -84.38
N ARG K 933 7.27 -72.50 -84.03
CA ARG K 933 8.26 -73.53 -84.42
C ARG K 933 8.20 -73.78 -85.94
N SER K 934 6.99 -73.81 -86.51
CA SER K 934 6.73 -74.11 -87.95
C SER K 934 7.47 -73.13 -88.86
N THR K 935 7.48 -71.83 -88.51
CA THR K 935 8.15 -70.72 -89.27
C THR K 935 9.49 -70.33 -88.61
N ASN K 936 9.85 -70.95 -87.48
CA ASN K 936 11.10 -70.72 -86.72
C ASN K 936 11.31 -69.23 -86.43
N SER K 937 10.26 -68.52 -86.03
CA SER K 937 10.34 -67.07 -85.75
C SER K 937 9.39 -66.68 -84.61
N TRP K 938 9.64 -65.51 -84.05
CA TRP K 938 8.72 -64.81 -83.12
C TRP K 938 7.56 -64.24 -83.92
N PHE K 939 6.35 -64.54 -83.50
CA PHE K 939 5.14 -64.09 -84.21
C PHE K 939 5.10 -62.57 -84.28
N ASP K 940 5.57 -61.88 -83.25
CA ASP K 940 5.69 -60.41 -83.19
C ASP K 940 7.01 -60.10 -82.50
N VAL K 941 7.72 -59.09 -82.99
CA VAL K 941 9.03 -58.69 -82.41
C VAL K 941 8.82 -58.24 -80.96
N THR K 942 7.69 -57.63 -80.63
CA THR K 942 7.42 -57.07 -79.28
C THR K 942 7.28 -58.22 -78.27
N TRP K 943 6.89 -59.41 -78.74
CA TRP K 943 6.82 -60.65 -77.94
C TRP K 943 8.24 -61.16 -77.69
N ARG K 944 9.12 -61.05 -78.68
CA ARG K 944 10.55 -61.35 -78.47
C ARG K 944 11.12 -60.42 -77.42
N THR K 945 10.73 -59.16 -77.43
CA THR K 945 11.25 -58.14 -76.50
C THR K 945 10.71 -58.44 -75.08
N PHE K 946 9.46 -58.86 -74.99
CA PHE K 946 8.85 -59.30 -73.73
C PHE K 946 9.76 -60.36 -73.12
N THR K 947 10.04 -61.41 -73.88
CA THR K 947 10.80 -62.58 -73.43
C THR K 947 12.25 -62.20 -73.09
N GLY K 948 12.90 -61.34 -73.89
CA GLY K 948 14.25 -60.87 -73.59
C GLY K 948 14.28 -60.01 -72.33
N ASP K 949 13.29 -59.15 -72.14
CA ASP K 949 13.13 -58.31 -70.92
C ASP K 949 12.93 -59.19 -69.67
N PHE K 950 12.28 -60.33 -69.84
CA PHE K 950 12.06 -61.32 -68.77
C PHE K 950 13.39 -61.99 -68.45
N LEU K 951 14.11 -62.45 -69.47
CA LEU K 951 15.42 -63.12 -69.26
C LEU K 951 16.42 -62.17 -68.61
N ARG K 952 16.36 -60.89 -68.86
CA ARG K 952 17.26 -59.93 -68.19
C ARG K 952 16.87 -59.80 -66.70
N ARG K 953 15.59 -59.88 -66.40
CA ARG K 953 15.07 -59.81 -65.02
C ARG K 953 15.61 -61.02 -64.26
N VAL K 954 15.59 -62.18 -64.87
CA VAL K 954 16.16 -63.42 -64.32
C VAL K 954 17.61 -63.17 -63.93
N GLU K 955 18.40 -62.62 -64.83
CA GLU K 955 19.84 -62.40 -64.56
C GLU K 955 19.95 -61.42 -63.39
N GLU K 956 19.16 -60.38 -63.40
CA GLU K 956 19.22 -59.34 -62.36
C GLU K 956 18.88 -60.00 -60.99
N ARG K 957 17.91 -60.90 -60.96
CA ARG K 957 17.39 -61.47 -59.70
C ARG K 957 18.46 -62.44 -59.16
N PHE K 958 19.20 -63.13 -60.03
CA PHE K 958 20.03 -64.28 -59.64
C PHE K 958 21.54 -63.96 -59.64
N THR K 959 21.96 -62.81 -60.15
CA THR K 959 23.39 -62.42 -60.16
C THR K 959 23.76 -61.83 -58.79
N LYS K 960 24.98 -62.10 -58.35
CA LYS K 960 25.52 -61.64 -57.03
C LYS K 960 26.18 -60.28 -57.23
N SER K 961 26.64 -59.99 -58.44
CA SER K 961 27.40 -58.77 -58.76
C SER K 961 27.02 -58.26 -60.15
N LYS K 962 27.24 -56.96 -60.36
CA LYS K 962 27.23 -56.27 -61.68
C LYS K 962 27.98 -57.16 -62.67
N THR K 963 27.31 -57.61 -63.73
CA THR K 963 27.88 -58.46 -64.81
C THR K 963 27.31 -58.00 -66.16
N LEU K 964 27.83 -58.59 -67.24
CA LEU K 964 27.31 -58.41 -68.62
C LEU K 964 26.10 -59.32 -68.80
N SER K 965 25.03 -58.81 -69.40
CA SER K 965 23.92 -59.65 -69.85
C SER K 965 24.44 -60.73 -70.79
N LEU K 966 24.00 -61.98 -70.61
CA LEU K 966 24.23 -63.10 -71.55
C LEU K 966 23.34 -62.96 -72.79
N ILE K 967 22.40 -62.02 -72.79
CA ILE K 967 21.58 -61.66 -73.98
C ILE K 967 21.86 -60.18 -74.24
N GLN K 968 22.88 -59.91 -75.05
CA GLN K 968 23.30 -58.53 -75.38
C GLN K 968 22.31 -57.92 -76.36
N SER K 969 21.82 -58.71 -77.31
CA SER K 969 20.78 -58.28 -78.27
C SER K 969 19.67 -59.32 -78.26
N TYR K 970 18.42 -58.88 -78.37
CA TYR K 970 17.26 -59.81 -78.41
C TYR K 970 17.30 -60.66 -79.68
N SER K 971 18.08 -60.29 -80.70
CA SER K 971 18.30 -61.13 -81.91
C SER K 971 18.76 -62.54 -81.54
N LEU K 972 19.50 -62.70 -80.43
CA LEU K 972 19.91 -64.02 -79.87
C LEU K 972 18.68 -64.90 -79.60
N LEU K 973 17.52 -64.30 -79.34
CA LEU K 973 16.29 -65.09 -79.07
C LEU K 973 15.72 -65.75 -80.33
N ASP K 974 16.24 -65.43 -81.52
CA ASP K 974 15.83 -66.12 -82.77
C ASP K 974 16.22 -67.61 -82.76
N LYS K 975 17.05 -68.04 -81.80
CA LYS K 975 17.22 -69.46 -81.37
C LYS K 975 16.84 -69.59 -79.89
N PRO K 976 15.54 -69.58 -79.56
CA PRO K 976 15.10 -69.30 -78.19
C PRO K 976 15.52 -70.36 -77.14
N ASP K 977 15.55 -71.64 -77.50
CA ASP K 977 15.95 -72.74 -76.59
C ASP K 977 17.39 -72.51 -76.13
N GLU K 978 18.28 -72.14 -77.04
CA GLU K 978 19.73 -71.93 -76.79
C GLU K 978 19.93 -70.72 -75.86
N ALA K 979 19.12 -69.67 -76.01
CA ALA K 979 19.18 -68.46 -75.16
C ALA K 979 18.71 -68.82 -73.75
N ILE K 980 17.60 -69.54 -73.65
CA ILE K 980 17.06 -70.01 -72.36
C ILE K 980 18.12 -70.88 -71.68
N GLU K 981 18.65 -71.88 -72.37
CA GLU K 981 19.70 -72.80 -71.83
C GLU K 981 20.87 -71.96 -71.32
N LYS K 982 21.27 -70.94 -72.07
CA LYS K 982 22.44 -70.10 -71.72
C LYS K 982 22.18 -69.30 -70.44
N VAL K 983 20.98 -68.76 -70.26
CA VAL K 983 20.66 -67.91 -69.08
C VAL K 983 20.49 -68.82 -67.86
N PHE K 984 19.81 -69.94 -68.00
CA PHE K 984 19.50 -70.83 -66.86
C PHE K 984 20.69 -71.72 -66.51
N ASN K 985 21.75 -71.74 -67.33
CA ASN K 985 23.01 -72.45 -66.99
C ASN K 985 23.86 -71.53 -66.14
N ALA K 986 23.83 -70.24 -66.43
CA ALA K 986 24.49 -69.20 -65.64
C ALA K 986 23.82 -69.04 -64.27
N TYR K 987 22.50 -69.22 -64.20
CA TYR K 987 21.68 -68.95 -63.00
C TYR K 987 20.80 -70.15 -62.74
N PRO K 988 21.39 -71.30 -62.40
CA PRO K 988 20.62 -72.52 -62.26
C PRO K 988 19.65 -72.52 -61.06
N ALA K 989 19.81 -71.58 -60.11
CA ALA K 989 18.86 -71.42 -58.98
C ALA K 989 17.50 -71.00 -59.54
N ALA K 990 17.50 -70.34 -60.69
CA ALA K 990 16.27 -69.85 -61.34
C ALA K 990 15.47 -71.00 -61.91
N ARG K 991 16.04 -72.20 -62.01
CA ARG K 991 15.28 -73.40 -62.42
C ARG K 991 14.44 -73.95 -61.26
N GLU K 992 14.76 -73.60 -60.03
CA GLU K 992 14.17 -74.27 -58.84
C GLU K 992 13.32 -73.29 -58.03
N GLN K 993 13.48 -72.00 -58.22
CA GLN K 993 12.81 -71.00 -57.39
C GLN K 993 11.55 -70.47 -58.08
N PHE K 994 10.45 -70.29 -57.36
CA PHE K 994 9.24 -69.63 -57.91
C PHE K 994 9.57 -68.17 -58.06
N LEU K 995 8.84 -67.52 -58.94
CA LEU K 995 8.99 -66.07 -59.15
C LEU K 995 8.97 -65.35 -57.81
N ASN K 996 9.97 -64.55 -57.56
CA ASN K 996 9.87 -63.50 -56.55
C ASN K 996 8.55 -62.74 -56.80
N ALA K 997 7.81 -62.40 -55.76
CA ALA K 997 6.54 -61.65 -55.84
C ALA K 997 6.75 -60.34 -56.63
N GLN K 998 7.94 -59.75 -56.54
CA GLN K 998 8.29 -58.54 -57.32
C GLN K 998 8.31 -58.81 -58.82
N ASP K 999 8.78 -59.97 -59.20
CA ASP K 999 8.92 -60.41 -60.61
C ASP K 999 7.55 -60.84 -61.14
N ILE K 1000 6.61 -61.21 -60.29
CA ILE K 1000 5.22 -61.50 -60.72
C ILE K 1000 4.60 -60.17 -61.15
N ASP K 1001 4.72 -59.17 -60.31
CA ASP K 1001 4.19 -57.82 -60.54
C ASP K 1001 4.83 -57.22 -61.80
N HIS K 1002 6.13 -57.35 -61.96
CA HIS K 1002 6.85 -56.85 -63.14
C HIS K 1002 6.33 -57.55 -64.40
N PHE K 1003 6.23 -58.86 -64.36
CA PHE K 1003 5.67 -59.64 -65.47
C PHE K 1003 4.27 -59.15 -65.84
N LEU K 1004 3.41 -58.93 -64.85
CA LEU K 1004 2.03 -58.48 -65.14
C LEU K 1004 2.04 -57.03 -65.65
N SER K 1005 2.97 -56.21 -65.19
CA SER K 1005 3.14 -54.81 -65.67
C SER K 1005 3.55 -54.81 -67.15
N MET K 1006 4.40 -55.76 -67.53
CA MET K 1006 4.89 -55.97 -68.90
C MET K 1006 3.76 -56.46 -69.80
N CYS K 1007 2.76 -57.17 -69.26
CA CYS K 1007 1.62 -57.71 -70.03
C CYS K 1007 0.66 -56.57 -70.42
N GLN K 1008 0.75 -55.43 -69.76
CA GLN K 1008 -0.10 -54.23 -69.95
C GLN K 1008 0.68 -53.12 -70.66
N ASN K 1009 1.88 -53.40 -71.15
CA ASN K 1009 2.68 -52.45 -71.95
C ASN K 1009 1.86 -52.11 -73.19
N PRO K 1010 1.42 -50.84 -73.38
CA PRO K 1010 0.56 -50.48 -74.51
C PRO K 1010 1.31 -50.49 -75.87
N MET K 1011 2.63 -50.33 -75.87
CA MET K 1011 3.48 -50.28 -77.10
C MET K 1011 3.97 -51.69 -77.45
N GLN K 1012 3.04 -52.63 -77.51
CA GLN K 1012 3.35 -54.08 -77.59
C GLN K 1012 2.10 -54.80 -78.08
N LYS K 1013 2.24 -55.83 -78.89
CA LYS K 1013 1.07 -56.61 -79.27
C LYS K 1013 0.53 -57.30 -78.00
N PRO K 1014 -0.78 -57.27 -77.72
CA PRO K 1014 -1.32 -57.93 -76.52
C PRO K 1014 -0.85 -59.37 -76.41
N VAL K 1015 -0.44 -59.73 -75.20
CA VAL K 1015 0.11 -61.08 -74.96
C VAL K 1015 -0.97 -62.09 -75.34
N PRO K 1016 -0.60 -63.22 -75.95
CA PRO K 1016 -1.56 -64.22 -76.36
C PRO K 1016 -1.86 -65.23 -75.26
N PHE K 1017 -2.19 -64.72 -74.07
CA PHE K 1017 -2.57 -65.59 -72.93
C PHE K 1017 -3.23 -64.74 -71.89
N VAL K 1018 -3.84 -65.43 -70.92
CA VAL K 1018 -4.38 -64.75 -69.72
C VAL K 1018 -3.42 -65.02 -68.58
N PRO K 1019 -2.70 -64.03 -68.05
CA PRO K 1019 -1.70 -64.27 -67.01
C PRO K 1019 -2.18 -64.18 -65.55
N VAL K 1020 -3.39 -63.70 -65.34
CA VAL K 1020 -3.98 -63.48 -64.00
C VAL K 1020 -5.51 -63.41 -64.15
N LEU K 1021 -6.26 -63.80 -63.11
CA LEU K 1021 -7.73 -63.51 -63.00
C LEU K 1021 -7.91 -62.39 -62.00
N ASP K 1022 -8.18 -61.19 -62.47
CA ASP K 1022 -8.38 -59.98 -61.64
C ASP K 1022 -9.36 -59.07 -62.39
N ARG K 1023 -9.39 -57.79 -62.03
CA ARG K 1023 -10.42 -56.83 -62.52
C ARG K 1023 -10.28 -56.64 -64.05
N ARG K 1024 -9.09 -56.87 -64.61
CA ARG K 1024 -8.75 -56.66 -66.05
C ARG K 1024 -8.99 -57.92 -66.88
N PHE K 1025 -9.67 -58.92 -66.35
CA PHE K 1025 -9.87 -60.22 -67.03
C PHE K 1025 -10.59 -60.04 -68.38
N GLU K 1026 -11.58 -59.15 -68.44
CA GLU K 1026 -12.38 -58.94 -69.68
C GLU K 1026 -11.46 -58.41 -70.78
N ILE K 1027 -10.60 -57.47 -70.44
CA ILE K 1027 -9.56 -56.89 -71.34
C ILE K 1027 -8.58 -57.97 -71.77
N PHE K 1028 -8.06 -58.80 -70.86
CA PHE K 1028 -7.11 -59.88 -71.23
C PHE K 1028 -7.82 -60.85 -72.15
N PHE K 1029 -9.09 -61.13 -71.87
CA PHE K 1029 -9.86 -62.18 -72.57
C PHE K 1029 -10.18 -61.71 -74.01
N LYS K 1030 -10.67 -60.49 -74.15
CA LYS K 1030 -11.34 -60.00 -75.39
C LYS K 1030 -10.38 -59.19 -76.28
N LYS K 1031 -9.35 -58.57 -75.73
CA LYS K 1031 -8.53 -57.64 -76.54
C LYS K 1031 -7.83 -58.44 -77.66
N ASP K 1032 -7.67 -57.81 -78.82
CA ASP K 1032 -6.88 -58.32 -79.97
C ASP K 1032 -7.26 -59.74 -80.29
N SER K 1033 -8.55 -59.95 -80.52
CA SER K 1033 -9.16 -61.28 -80.68
C SER K 1033 -9.35 -61.68 -82.14
N LEU K 1034 -8.95 -60.86 -83.13
CA LEU K 1034 -9.39 -61.08 -84.55
C LEU K 1034 -8.29 -61.65 -85.46
N TRP K 1035 -7.01 -61.51 -85.10
CA TRP K 1035 -5.89 -61.90 -86.00
C TRP K 1035 -5.70 -63.41 -86.03
N GLN K 1036 -6.17 -64.13 -85.02
CA GLN K 1036 -5.82 -65.54 -84.82
C GLN K 1036 -6.38 -66.40 -85.96
N SER K 1037 -7.55 -66.05 -86.50
CA SER K 1037 -8.24 -66.82 -87.59
C SER K 1037 -7.43 -66.76 -88.89
N GLU K 1038 -6.56 -65.76 -89.05
CA GLU K 1038 -5.63 -65.63 -90.21
C GLU K 1038 -4.24 -66.20 -89.91
N HIS K 1039 -3.96 -66.60 -88.67
CA HIS K 1039 -2.59 -66.99 -88.21
C HIS K 1039 -2.73 -68.17 -87.26
N LEU K 1040 -3.37 -69.25 -87.70
CA LEU K 1040 -3.64 -70.43 -86.86
C LEU K 1040 -2.33 -71.08 -86.43
N GLU K 1041 -1.23 -70.86 -87.15
CA GLU K 1041 0.12 -71.35 -86.75
C GLU K 1041 0.55 -70.79 -85.37
N ALA K 1042 0.02 -69.64 -84.93
CA ALA K 1042 0.36 -68.97 -83.66
C ALA K 1042 -0.71 -69.23 -82.58
N VAL K 1043 -1.57 -70.20 -82.79
CA VAL K 1043 -2.66 -70.57 -81.84
C VAL K 1043 -2.32 -71.94 -81.30
N VAL K 1044 -2.67 -72.20 -80.04
CA VAL K 1044 -2.11 -73.30 -79.21
C VAL K 1044 -1.94 -74.58 -80.04
N ASP K 1045 -3.03 -75.20 -80.49
CA ASP K 1045 -2.98 -76.51 -81.20
C ASP K 1045 -3.19 -76.28 -82.70
N GLN K 1046 -2.85 -75.08 -83.20
CA GLN K 1046 -3.29 -74.57 -84.53
C GLN K 1046 -4.80 -74.78 -84.69
N ASP K 1047 -5.54 -74.71 -83.58
CA ASP K 1047 -6.93 -75.18 -83.46
C ASP K 1047 -7.87 -74.01 -83.77
N VAL K 1048 -8.58 -74.10 -84.89
CA VAL K 1048 -9.54 -73.06 -85.35
C VAL K 1048 -10.62 -72.85 -84.30
N GLN K 1049 -11.02 -73.92 -83.61
CA GLN K 1049 -12.16 -73.92 -82.64
C GLN K 1049 -11.88 -73.02 -81.43
N ARG K 1050 -10.64 -72.55 -81.26
CA ARG K 1050 -10.29 -71.60 -80.17
C ARG K 1050 -10.56 -70.15 -80.59
N THR K 1051 -10.81 -69.90 -81.88
CA THR K 1051 -10.65 -68.55 -82.48
C THR K 1051 -12.01 -67.88 -82.74
N CYS K 1052 -11.94 -66.58 -82.92
CA CYS K 1052 -13.05 -65.65 -83.22
C CYS K 1052 -13.02 -65.36 -84.72
N ILE K 1053 -13.98 -65.90 -85.47
CA ILE K 1053 -14.17 -65.64 -86.94
C ILE K 1053 -15.47 -64.84 -87.10
N LEU K 1054 -15.37 -63.62 -87.60
CA LEU K 1054 -16.54 -62.74 -87.82
C LEU K 1054 -17.21 -63.21 -89.10
N HIS K 1055 -18.52 -63.46 -89.04
CA HIS K 1055 -19.29 -63.98 -90.18
C HIS K 1055 -20.77 -63.79 -89.91
N GLY K 1056 -21.52 -63.52 -90.98
CA GLY K 1056 -22.92 -63.14 -90.83
C GLY K 1056 -23.79 -64.35 -91.00
N PRO K 1057 -24.88 -64.47 -90.23
CA PRO K 1057 -25.71 -65.67 -90.24
C PRO K 1057 -26.48 -65.89 -91.54
N VAL K 1058 -26.82 -64.81 -92.25
CA VAL K 1058 -27.62 -64.91 -93.50
C VAL K 1058 -26.66 -65.12 -94.66
N ALA K 1059 -25.63 -64.29 -94.77
CA ALA K 1059 -24.55 -64.45 -95.76
C ALA K 1059 -23.93 -65.85 -95.70
N ALA K 1060 -23.90 -66.49 -94.53
CA ALA K 1060 -23.30 -67.84 -94.35
C ALA K 1060 -23.99 -68.89 -95.23
N GLN K 1061 -25.24 -68.69 -95.66
CA GLN K 1061 -25.98 -69.64 -96.55
C GLN K 1061 -25.26 -69.83 -97.88
N PHE K 1062 -24.44 -68.87 -98.32
CA PHE K 1062 -23.82 -68.79 -99.68
C PHE K 1062 -22.30 -69.02 -99.66
N THR K 1063 -21.64 -68.99 -98.50
CA THR K 1063 -20.18 -69.25 -98.38
C THR K 1063 -19.97 -70.77 -98.30
N LYS K 1064 -19.73 -71.40 -99.45
CA LYS K 1064 -19.72 -72.88 -99.62
C LYS K 1064 -18.40 -73.35 -100.24
N VAL K 1065 -17.93 -72.66 -101.29
CA VAL K 1065 -16.76 -73.08 -102.12
C VAL K 1065 -15.53 -72.36 -101.60
N ILE K 1066 -14.60 -73.13 -101.02
CA ILE K 1066 -13.34 -72.63 -100.42
C ILE K 1066 -12.36 -72.33 -101.57
N ASP K 1067 -11.71 -71.15 -101.51
CA ASP K 1067 -10.56 -70.72 -102.36
C ASP K 1067 -11.02 -70.46 -103.80
N GLU K 1068 -12.30 -70.13 -104.00
CA GLU K 1068 -12.78 -69.45 -105.23
C GLU K 1068 -12.01 -68.12 -105.35
N PRO K 1069 -11.35 -67.82 -106.49
CA PRO K 1069 -10.71 -66.52 -106.69
C PRO K 1069 -11.68 -65.34 -106.54
N ILE K 1070 -11.25 -64.24 -105.95
CA ILE K 1070 -12.15 -63.09 -105.66
C ILE K 1070 -12.77 -62.63 -106.97
N LYS K 1071 -12.02 -62.71 -108.07
CA LYS K 1071 -12.48 -62.33 -109.42
C LYS K 1071 -13.67 -63.22 -109.82
N SER K 1072 -13.59 -64.53 -109.62
CA SER K 1072 -14.70 -65.46 -109.94
C SER K 1072 -15.93 -65.14 -109.10
N ILE K 1073 -15.75 -64.70 -107.86
CA ILE K 1073 -16.89 -64.44 -106.96
C ILE K 1073 -17.59 -63.16 -107.45
N MET K 1074 -16.82 -62.09 -107.61
CA MET K 1074 -17.37 -60.77 -107.94
C MET K 1074 -17.91 -60.81 -109.37
N ASP K 1075 -17.15 -61.32 -110.34
CA ASP K 1075 -17.60 -61.54 -111.75
C ASP K 1075 -18.87 -62.39 -111.77
N GLY K 1076 -18.90 -63.47 -111.03
CA GLY K 1076 -20.06 -64.38 -110.93
C GLY K 1076 -21.31 -63.62 -110.55
N ILE K 1077 -21.18 -62.65 -109.66
CA ILE K 1077 -22.34 -61.83 -109.20
C ILE K 1077 -22.71 -60.86 -110.31
N HIS K 1078 -21.73 -60.13 -110.83
CA HIS K 1078 -21.95 -59.12 -111.89
C HIS K 1078 -22.51 -59.79 -113.14
N ASP K 1079 -21.90 -60.88 -113.59
CA ASP K 1079 -22.33 -61.65 -114.79
C ASP K 1079 -23.74 -62.23 -114.60
N GLY K 1080 -24.07 -62.60 -113.37
CA GLY K 1080 -25.41 -63.05 -112.99
C GLY K 1080 -26.41 -61.93 -113.16
N HIS K 1081 -26.07 -60.73 -112.67
CA HIS K 1081 -26.92 -59.53 -112.83
C HIS K 1081 -27.08 -59.21 -114.33
N ILE K 1082 -26.00 -59.22 -115.08
CA ILE K 1082 -26.02 -58.89 -116.54
C ILE K 1082 -26.99 -59.84 -117.22
N LYS K 1083 -26.77 -61.15 -117.12
CA LYS K 1083 -27.63 -62.22 -117.68
C LYS K 1083 -29.11 -61.95 -117.38
N LYS K 1084 -29.46 -61.59 -116.15
CA LYS K 1084 -30.87 -61.45 -115.71
C LYS K 1084 -31.45 -60.16 -116.30
N LEU K 1085 -30.69 -59.08 -116.31
CA LEU K 1085 -31.12 -57.80 -116.92
C LEU K 1085 -31.25 -57.99 -118.43
N LEU K 1086 -30.35 -58.75 -119.03
CA LEU K 1086 -30.36 -58.94 -120.50
C LEU K 1086 -31.67 -59.64 -120.87
N HIS K 1087 -32.04 -60.67 -120.12
CA HIS K 1087 -33.29 -61.45 -120.33
C HIS K 1087 -34.51 -60.55 -120.09
N GLN K 1088 -34.56 -59.86 -118.95
CA GLN K 1088 -35.75 -59.11 -118.50
C GLN K 1088 -35.97 -57.85 -119.35
N TYR K 1089 -34.90 -57.12 -119.69
CA TYR K 1089 -35.03 -55.73 -120.21
C TYR K 1089 -34.40 -55.52 -121.60
N TYR K 1090 -33.70 -56.50 -122.16
CA TYR K 1090 -33.00 -56.31 -123.46
C TYR K 1090 -33.27 -57.52 -124.40
N GLY K 1091 -34.37 -58.26 -124.18
CA GLY K 1091 -34.80 -59.41 -125.00
C GLY K 1091 -33.67 -60.36 -125.37
N ASP K 1092 -32.80 -60.71 -124.41
CA ASP K 1092 -31.67 -61.67 -124.56
C ASP K 1092 -30.69 -61.24 -125.67
N ASP K 1093 -30.69 -59.97 -126.08
CA ASP K 1093 -29.91 -59.45 -127.24
C ASP K 1093 -28.87 -58.42 -126.77
N GLU K 1094 -27.58 -58.75 -126.86
CA GLU K 1094 -26.44 -57.88 -126.46
C GLU K 1094 -26.34 -56.66 -127.39
N SER K 1095 -26.85 -56.75 -128.62
CA SER K 1095 -26.83 -55.66 -129.63
C SER K 1095 -27.68 -54.46 -129.18
N LYS K 1096 -28.67 -54.69 -128.32
CA LYS K 1096 -29.56 -53.61 -127.79
C LYS K 1096 -28.88 -52.86 -126.63
N ILE K 1097 -27.76 -53.36 -126.10
CA ILE K 1097 -27.03 -52.66 -125.01
C ILE K 1097 -26.36 -51.45 -125.63
N PRO K 1098 -26.69 -50.21 -125.20
CA PRO K 1098 -26.00 -49.02 -125.68
C PRO K 1098 -24.49 -49.08 -125.41
N ALA K 1099 -23.69 -48.54 -126.34
CA ALA K 1099 -22.22 -48.43 -126.23
C ALA K 1099 -21.86 -46.99 -125.91
N VAL K 1100 -20.82 -46.81 -125.09
CA VAL K 1100 -20.12 -45.52 -124.85
C VAL K 1100 -18.64 -45.81 -125.01
N GLU K 1101 -17.79 -44.79 -125.20
CA GLU K 1101 -16.34 -45.05 -125.40
C GLU K 1101 -15.78 -45.58 -124.08
N TYR K 1102 -16.05 -44.88 -123.00
CA TYR K 1102 -15.65 -45.30 -121.64
C TYR K 1102 -16.84 -45.13 -120.71
N PHE K 1103 -16.86 -45.99 -119.70
CA PHE K 1103 -17.94 -46.01 -118.71
C PHE K 1103 -17.37 -45.49 -117.39
N GLY K 1104 -17.96 -44.46 -116.82
CA GLY K 1104 -17.50 -43.90 -115.55
C GLY K 1104 -17.37 -42.40 -115.60
N GLY K 1105 -17.16 -41.81 -114.42
CA GLY K 1105 -16.83 -40.39 -114.23
C GLY K 1105 -18.06 -39.51 -114.21
N GLU K 1106 -19.26 -40.10 -114.20
CA GLU K 1106 -20.55 -39.36 -114.18
C GLU K 1106 -20.95 -39.14 -112.72
N SER K 1107 -20.87 -37.89 -112.24
CA SER K 1107 -21.38 -37.49 -110.91
C SER K 1107 -22.87 -37.84 -110.81
N PRO K 1108 -23.35 -38.38 -109.67
CA PRO K 1108 -24.77 -38.71 -109.53
C PRO K 1108 -25.74 -37.52 -109.53
N VAL K 1109 -25.26 -36.27 -109.45
CA VAL K 1109 -26.06 -35.02 -109.61
C VAL K 1109 -26.04 -34.59 -111.08
N GLU K 1122 -22.78 -29.40 -132.64
CA GLU K 1122 -22.24 -28.42 -133.63
C GLU K 1122 -20.77 -28.76 -133.95
N ASP K 1123 -20.38 -28.62 -135.23
CA ASP K 1123 -19.03 -29.01 -135.75
C ASP K 1123 -18.01 -27.89 -135.44
N SER K 1124 -18.28 -26.68 -135.92
CA SER K 1124 -17.48 -25.45 -135.69
C SER K 1124 -18.21 -24.58 -134.67
N ALA K 1125 -17.62 -24.37 -133.50
CA ALA K 1125 -18.16 -23.54 -132.40
C ALA K 1125 -17.06 -22.61 -131.86
N VAL K 1126 -17.47 -21.56 -131.17
CA VAL K 1126 -16.62 -20.51 -130.53
C VAL K 1126 -17.28 -20.13 -129.21
N PHE K 1127 -16.51 -20.17 -128.13
CA PHE K 1127 -16.94 -19.85 -126.75
C PHE K 1127 -16.07 -18.72 -126.24
N LYS K 1128 -16.69 -17.75 -125.59
CA LYS K 1128 -16.02 -16.54 -125.04
C LYS K 1128 -16.29 -16.53 -123.55
N ALA K 1129 -15.22 -16.63 -122.77
CA ALA K 1129 -15.27 -16.54 -121.30
C ALA K 1129 -15.43 -15.06 -120.94
N THR K 1130 -16.20 -14.81 -119.87
CA THR K 1130 -16.37 -13.50 -119.21
C THR K 1130 -16.07 -13.69 -117.71
N SER K 1131 -16.13 -12.63 -116.92
CA SER K 1131 -15.95 -12.66 -115.45
C SER K 1131 -17.06 -13.50 -114.79
N SER K 1132 -18.27 -13.49 -115.37
CA SER K 1132 -19.50 -14.14 -114.81
C SER K 1132 -19.71 -15.54 -115.39
N THR K 1133 -18.90 -15.99 -116.35
CA THR K 1133 -19.01 -17.33 -116.99
C THR K 1133 -19.02 -18.40 -115.89
N ASP K 1134 -20.00 -19.30 -115.93
CA ASP K 1134 -20.16 -20.44 -114.99
C ASP K 1134 -19.18 -21.54 -115.41
N GLU K 1135 -18.41 -22.05 -114.45
CA GLU K 1135 -17.28 -23.00 -114.67
C GLU K 1135 -17.82 -24.35 -115.15
N GLU K 1136 -18.87 -24.88 -114.51
CA GLU K 1136 -19.48 -26.20 -114.84
C GLU K 1136 -20.09 -26.15 -116.25
N SER K 1137 -20.81 -25.07 -116.58
CA SER K 1137 -21.46 -24.87 -117.91
C SER K 1137 -20.38 -24.71 -118.99
N TRP K 1138 -19.31 -23.98 -118.66
CA TRP K 1138 -18.14 -23.77 -119.56
C TRP K 1138 -17.53 -25.11 -119.94
N PHE K 1139 -17.25 -25.98 -118.97
CA PHE K 1139 -16.56 -27.27 -119.20
C PHE K 1139 -17.50 -28.24 -119.91
N LYS K 1140 -18.79 -28.26 -119.56
CA LYS K 1140 -19.81 -29.06 -120.30
C LYS K 1140 -19.77 -28.68 -121.78
N ALA K 1141 -19.81 -27.38 -122.07
CA ALA K 1141 -19.77 -26.84 -123.45
C ALA K 1141 -18.49 -27.29 -124.17
N LEU K 1142 -17.32 -27.16 -123.52
CA LEU K 1142 -16.04 -27.58 -124.15
C LEU K 1142 -16.00 -29.09 -124.30
N ALA K 1143 -16.48 -29.83 -123.30
CA ALA K 1143 -16.55 -31.31 -123.28
C ALA K 1143 -17.32 -31.83 -124.50
N GLY K 1144 -18.43 -31.19 -124.84
CA GLY K 1144 -19.41 -31.72 -125.81
C GLY K 1144 -20.33 -32.74 -125.16
N SER K 1145 -21.20 -33.36 -125.97
CA SER K 1145 -22.26 -34.31 -125.54
C SER K 1145 -21.71 -35.73 -125.58
N GLU K 1146 -20.98 -36.07 -126.65
CA GLU K 1146 -20.48 -37.44 -126.91
C GLU K 1146 -19.40 -37.80 -125.89
N ILE K 1147 -19.35 -39.06 -125.46
CA ILE K 1147 -18.33 -39.60 -124.54
C ILE K 1147 -17.11 -39.97 -125.40
N ASN K 1148 -16.02 -39.23 -125.29
CA ASN K 1148 -14.80 -39.42 -126.12
C ASN K 1148 -13.65 -38.78 -125.37
N TRP K 1149 -12.46 -38.73 -125.98
CA TRP K 1149 -11.25 -38.10 -125.39
C TRP K 1149 -11.54 -36.68 -124.90
N ARG K 1150 -12.40 -35.94 -125.61
CA ARG K 1150 -12.61 -34.50 -125.34
C ARG K 1150 -13.53 -34.34 -124.13
N HIS K 1151 -14.48 -35.25 -123.99
CA HIS K 1151 -15.37 -35.30 -122.80
C HIS K 1151 -14.51 -35.57 -121.55
N ALA K 1152 -13.67 -36.60 -121.61
CA ALA K 1152 -12.71 -36.96 -120.54
C ALA K 1152 -11.81 -35.75 -120.26
N SER K 1153 -11.25 -35.12 -121.29
CA SER K 1153 -10.29 -34.01 -121.15
C SER K 1153 -10.90 -32.91 -120.29
N PHE K 1154 -12.18 -32.61 -120.46
CA PHE K 1154 -12.80 -31.40 -119.88
C PHE K 1154 -13.59 -31.74 -118.63
N LEU K 1155 -13.90 -33.01 -118.36
CA LEU K 1155 -14.81 -33.37 -117.23
C LEU K 1155 -14.17 -34.28 -116.19
N CYS K 1156 -13.17 -35.09 -116.53
CA CYS K 1156 -12.37 -35.82 -115.51
C CYS K 1156 -11.80 -34.79 -114.54
N SER K 1157 -12.07 -34.95 -113.25
CA SER K 1157 -11.51 -34.07 -112.19
C SER K 1157 -10.03 -34.40 -112.02
N PHE K 1158 -9.66 -35.66 -112.27
CA PHE K 1158 -8.29 -36.18 -112.05
C PHE K 1158 -7.75 -36.75 -113.35
N ILE K 1159 -6.43 -36.70 -113.47
CA ILE K 1159 -5.67 -37.58 -114.38
C ILE K 1159 -4.65 -38.36 -113.56
N THR K 1160 -4.05 -39.34 -114.21
CA THR K 1160 -3.04 -40.26 -113.67
C THR K 1160 -1.65 -39.77 -114.07
N GLN K 1161 -0.70 -39.78 -113.14
CA GLN K 1161 0.77 -39.61 -113.33
C GLN K 1161 1.44 -40.83 -112.70
N ASP K 1162 1.76 -41.84 -113.50
CA ASP K 1162 2.15 -43.21 -113.05
C ASP K 1162 0.96 -43.77 -112.25
N LYS K 1163 1.04 -43.86 -110.92
CA LYS K 1163 -0.08 -44.44 -110.10
C LYS K 1163 -0.75 -43.33 -109.32
N MET K 1164 -0.23 -42.12 -109.39
CA MET K 1164 -0.81 -40.99 -108.65
C MET K 1164 -1.99 -40.43 -109.46
N PHE K 1165 -2.87 -39.75 -108.76
CA PHE K 1165 -4.11 -39.12 -109.27
C PHE K 1165 -4.00 -37.65 -108.92
N VAL K 1166 -3.71 -36.81 -109.90
CA VAL K 1166 -3.53 -35.35 -109.74
C VAL K 1166 -4.69 -34.65 -110.41
N SER K 1167 -4.86 -33.37 -110.11
CA SER K 1167 -5.91 -32.50 -110.69
C SER K 1167 -5.71 -32.46 -112.21
N ASN K 1168 -6.81 -32.56 -112.95
CA ASN K 1168 -6.82 -32.47 -114.44
C ASN K 1168 -6.19 -31.14 -114.86
N PRO K 1169 -5.01 -31.15 -115.51
CA PRO K 1169 -4.36 -29.91 -115.93
C PRO K 1169 -5.09 -29.20 -117.08
N ILE K 1170 -5.79 -29.96 -117.92
CA ILE K 1170 -6.59 -29.41 -119.04
C ILE K 1170 -7.69 -28.51 -118.46
N ARG K 1171 -8.35 -28.93 -117.39
CA ARG K 1171 -9.36 -28.07 -116.73
C ARG K 1171 -8.71 -26.82 -116.14
N LYS K 1172 -7.51 -26.93 -115.54
CA LYS K 1172 -6.80 -25.78 -114.94
C LYS K 1172 -6.50 -24.74 -116.04
N VAL K 1173 -5.99 -25.19 -117.18
CA VAL K 1173 -5.53 -24.35 -118.32
C VAL K 1173 -6.73 -23.65 -118.98
N PHE K 1174 -7.85 -24.36 -119.12
CA PHE K 1174 -9.10 -23.84 -119.74
C PHE K 1174 -10.08 -23.32 -118.69
N LYS K 1175 -9.67 -23.16 -117.43
CA LYS K 1175 -10.46 -22.43 -116.41
C LYS K 1175 -10.81 -21.05 -117.00
N PRO K 1176 -12.12 -20.69 -117.09
CA PRO K 1176 -12.53 -19.50 -117.83
C PRO K 1176 -12.25 -18.19 -117.08
N SER K 1177 -11.79 -17.20 -117.84
CA SER K 1177 -11.51 -15.81 -117.40
C SER K 1177 -11.65 -14.88 -118.61
N GLN K 1178 -11.98 -13.61 -118.36
CA GLN K 1178 -12.22 -12.57 -119.40
C GLN K 1178 -11.06 -12.57 -120.40
N GLY K 1179 -11.37 -12.71 -121.70
CA GLY K 1179 -10.41 -12.59 -122.82
C GLY K 1179 -10.16 -13.91 -123.49
N MET K 1180 -10.48 -15.02 -122.81
CA MET K 1180 -10.28 -16.38 -123.34
C MET K 1180 -11.34 -16.67 -124.40
N VAL K 1181 -10.90 -17.15 -125.55
CA VAL K 1181 -11.74 -17.54 -126.69
C VAL K 1181 -11.36 -18.97 -127.08
N VAL K 1182 -12.30 -19.90 -126.95
CA VAL K 1182 -12.10 -21.32 -127.34
C VAL K 1182 -12.87 -21.59 -128.63
N GLU K 1183 -12.13 -21.93 -129.69
CA GLU K 1183 -12.67 -22.38 -130.98
C GLU K 1183 -12.58 -23.90 -131.02
N ILE K 1184 -13.73 -24.59 -131.12
CA ILE K 1184 -13.77 -26.05 -131.40
C ILE K 1184 -14.02 -26.24 -132.89
N SER K 1185 -13.17 -27.02 -133.55
CA SER K 1185 -13.23 -27.34 -134.99
C SER K 1185 -13.35 -28.85 -135.13
N ASN K 1186 -14.20 -29.32 -136.05
CA ASN K 1186 -14.54 -30.74 -136.27
C ASN K 1186 -15.10 -31.36 -134.98
N GLY K 1187 -15.89 -30.60 -134.22
CA GLY K 1187 -16.50 -31.03 -132.95
C GLY K 1187 -17.25 -32.36 -133.02
N ASN K 1188 -17.76 -32.75 -134.20
CA ASN K 1188 -18.61 -33.94 -134.39
C ASN K 1188 -17.77 -35.19 -134.69
N THR K 1189 -16.58 -35.04 -135.25
CA THR K 1189 -15.63 -36.15 -135.51
C THR K 1189 -14.50 -36.09 -134.48
N SER K 1190 -14.53 -36.98 -133.48
CA SER K 1190 -13.61 -36.97 -132.31
C SER K 1190 -12.16 -37.07 -132.79
N SER K 1191 -11.85 -37.97 -133.72
CA SER K 1191 -10.47 -38.21 -134.25
C SER K 1191 -9.82 -36.94 -134.80
N LYS K 1192 -10.61 -35.95 -135.22
CA LYS K 1192 -10.16 -34.72 -135.93
C LYS K 1192 -10.45 -33.47 -135.10
N THR K 1193 -11.19 -33.59 -134.01
CA THR K 1193 -11.58 -32.40 -133.21
C THR K 1193 -10.30 -31.68 -132.78
N VAL K 1194 -10.31 -30.35 -132.87
CA VAL K 1194 -9.21 -29.51 -132.36
C VAL K 1194 -9.84 -28.43 -131.50
N VAL K 1195 -9.40 -28.34 -130.25
CA VAL K 1195 -9.84 -27.25 -129.32
C VAL K 1195 -8.68 -26.28 -129.22
N THR K 1196 -8.91 -25.03 -129.59
CA THR K 1196 -7.88 -23.98 -129.69
C THR K 1196 -8.28 -22.86 -128.77
N LEU K 1197 -7.50 -22.64 -127.72
CA LEU K 1197 -7.66 -21.51 -126.79
C LEU K 1197 -6.82 -20.36 -127.35
N SER K 1198 -7.42 -19.20 -127.44
CA SER K 1198 -6.77 -17.95 -127.87
C SER K 1198 -7.02 -16.93 -126.76
N GLU K 1199 -6.00 -16.15 -126.44
CA GLU K 1199 -6.05 -15.14 -125.37
C GLU K 1199 -5.38 -13.89 -125.92
N PRO K 1200 -5.64 -12.72 -125.32
CA PRO K 1200 -4.87 -11.51 -125.61
C PRO K 1200 -3.38 -11.66 -125.24
N VAL K 1201 -2.50 -11.41 -126.19
CA VAL K 1201 -1.02 -11.37 -126.03
C VAL K 1201 -0.50 -10.08 -126.65
N GLN K 1202 -0.13 -9.10 -125.82
CA GLN K 1202 0.39 -7.76 -126.23
C GLN K 1202 -0.68 -7.08 -127.09
N GLY K 1203 -1.90 -6.97 -126.54
CA GLY K 1203 -3.07 -6.39 -127.21
C GLY K 1203 -3.85 -7.41 -128.01
N GLU K 1204 -3.24 -7.96 -129.07
CA GLU K 1204 -3.94 -8.81 -130.09
C GLU K 1204 -4.17 -10.22 -129.54
N LEU K 1205 -5.09 -10.97 -130.17
CA LEU K 1205 -5.56 -12.32 -129.74
C LEU K 1205 -4.78 -13.40 -130.50
N LYS K 1206 -4.07 -14.27 -129.78
CA LYS K 1206 -3.19 -15.31 -130.36
C LYS K 1206 -3.53 -16.67 -129.74
N PRO K 1207 -3.27 -17.78 -130.46
CA PRO K 1207 -3.45 -19.12 -129.90
C PRO K 1207 -2.47 -19.39 -128.75
N THR K 1208 -2.99 -19.76 -127.58
CA THR K 1208 -2.18 -20.09 -126.37
C THR K 1208 -2.14 -21.62 -126.18
N VAL K 1209 -3.25 -22.32 -126.37
CA VAL K 1209 -3.31 -23.80 -126.18
C VAL K 1209 -3.98 -24.43 -127.39
N ILE K 1210 -3.46 -25.55 -127.86
CA ILE K 1210 -4.13 -26.39 -128.89
C ILE K 1210 -4.21 -27.81 -128.36
N LEU K 1211 -5.45 -28.26 -128.16
CA LEU K 1211 -5.79 -29.60 -127.64
C LEU K 1211 -6.33 -30.42 -128.81
N LYS K 1212 -5.66 -31.51 -129.16
CA LYS K 1212 -6.18 -32.48 -130.16
C LYS K 1212 -5.68 -33.89 -129.84
N LEU K 1213 -6.13 -34.86 -130.64
CA LEU K 1213 -5.66 -36.25 -130.65
C LEU K 1213 -4.52 -36.34 -131.65
N LEU K 1214 -3.34 -36.70 -131.18
CA LEU K 1214 -2.15 -36.84 -132.04
C LEU K 1214 -2.31 -38.16 -132.82
N LYS K 1215 -2.49 -39.24 -132.08
CA LYS K 1215 -2.72 -40.63 -132.56
C LYS K 1215 -4.07 -41.04 -131.95
N GLU K 1216 -4.52 -42.29 -132.18
CA GLU K 1216 -5.80 -42.84 -131.65
C GLU K 1216 -5.96 -42.59 -130.13
N ASN K 1217 -4.88 -42.76 -129.35
CA ASN K 1217 -4.93 -42.84 -127.87
C ASN K 1217 -4.10 -41.73 -127.21
N ILE K 1218 -3.55 -40.78 -127.99
CA ILE K 1218 -2.60 -39.78 -127.45
C ILE K 1218 -3.21 -38.41 -127.60
N ILE K 1219 -3.57 -37.81 -126.48
CA ILE K 1219 -4.06 -36.42 -126.41
C ILE K 1219 -2.83 -35.50 -126.30
N GLN K 1220 -2.74 -34.52 -127.17
CA GLN K 1220 -1.67 -33.50 -127.11
C GLN K 1220 -2.28 -32.17 -126.70
N MET K 1221 -1.85 -31.64 -125.56
CA MET K 1221 -2.14 -30.26 -125.15
C MET K 1221 -0.88 -29.44 -125.43
N GLU K 1222 -0.88 -28.72 -126.55
CA GLU K 1222 0.24 -27.86 -126.98
C GLU K 1222 0.11 -26.53 -126.26
N MET K 1223 1.00 -26.26 -125.33
CA MET K 1223 1.05 -24.97 -124.58
C MET K 1223 1.97 -24.08 -125.39
N ILE K 1224 1.51 -22.90 -125.79
CA ILE K 1224 2.25 -22.02 -126.73
C ILE K 1224 2.70 -20.78 -125.95
N GLU K 1225 3.98 -20.45 -126.05
CA GLU K 1225 4.49 -19.15 -125.58
C GLU K 1225 4.71 -18.27 -126.81
N ASN K 1226 4.15 -17.07 -126.79
CA ASN K 1226 4.19 -16.11 -127.91
C ASN K 1226 5.30 -15.07 -127.68
N ARG K 1227 5.62 -14.77 -126.41
CA ARG K 1227 6.69 -13.83 -126.01
C ARG K 1227 8.03 -14.59 -126.00
N THR K 1228 8.75 -14.56 -127.11
CA THR K 1228 9.97 -15.37 -127.33
C THR K 1228 11.17 -14.47 -127.66
N MET K 1229 12.33 -15.08 -127.92
CA MET K 1229 13.59 -14.35 -128.25
C MET K 1229 13.49 -13.75 -129.66
N ASP K 1230 13.06 -14.56 -130.64
CA ASP K 1230 13.05 -14.21 -132.09
C ASP K 1230 11.65 -13.81 -132.58
N GLY K 1231 10.61 -13.88 -131.73
CA GLY K 1231 9.23 -13.52 -132.10
C GLY K 1231 8.41 -14.71 -132.59
N LYS K 1232 9.06 -15.78 -133.07
CA LYS K 1232 8.39 -17.06 -133.46
C LYS K 1232 7.80 -17.71 -132.20
N PRO K 1233 6.54 -18.20 -132.20
CA PRO K 1233 6.00 -18.88 -131.02
C PRO K 1233 6.78 -20.17 -130.70
N VAL K 1234 6.85 -20.51 -129.42
CA VAL K 1234 7.49 -21.75 -128.91
C VAL K 1234 6.37 -22.58 -128.29
N SER K 1235 6.34 -23.88 -128.60
CA SER K 1235 5.27 -24.83 -128.19
C SER K 1235 5.85 -25.93 -127.31
N LEU K 1236 5.23 -26.15 -126.15
CA LEU K 1236 5.46 -27.30 -125.24
C LEU K 1236 4.37 -28.34 -125.47
N PRO K 1237 4.66 -29.48 -126.13
CA PRO K 1237 3.69 -30.55 -126.27
C PRO K 1237 3.60 -31.43 -125.00
N LEU K 1238 2.60 -31.16 -124.18
CA LEU K 1238 2.17 -32.07 -123.08
C LEU K 1238 1.34 -33.20 -123.67
N LEU K 1239 1.72 -34.44 -123.41
CA LEU K 1239 1.09 -35.66 -123.98
C LEU K 1239 0.38 -36.43 -122.89
N TYR K 1240 -0.80 -36.98 -123.23
CA TYR K 1240 -1.64 -37.76 -122.31
C TYR K 1240 -2.14 -38.99 -123.05
N ASN K 1241 -2.04 -40.16 -122.42
CA ASN K 1241 -2.69 -41.39 -122.91
C ASN K 1241 -4.18 -41.25 -122.62
N PHE K 1242 -4.98 -41.71 -123.57
CA PHE K 1242 -6.43 -41.87 -123.43
C PHE K 1242 -6.69 -43.37 -123.47
N ASN K 1243 -7.15 -43.91 -122.35
CA ASN K 1243 -7.43 -45.36 -122.18
C ASN K 1243 -8.88 -45.48 -121.74
N PRO K 1244 -9.80 -45.72 -122.69
CA PRO K 1244 -11.24 -45.74 -122.36
C PRO K 1244 -11.67 -47.00 -121.58
N ASP K 1245 -10.79 -48.00 -121.43
CA ASP K 1245 -11.02 -49.15 -120.51
C ASP K 1245 -10.99 -48.72 -119.04
N ASN K 1246 -10.36 -47.60 -118.72
CA ASN K 1246 -10.34 -47.09 -117.33
C ASN K 1246 -11.26 -45.88 -117.28
N GLY K 1247 -12.56 -46.14 -117.13
CA GLY K 1247 -13.59 -45.09 -117.20
C GLY K 1247 -13.49 -44.06 -116.12
N PHE K 1248 -12.98 -44.45 -114.95
CA PHE K 1248 -12.90 -43.52 -113.81
C PHE K 1248 -11.80 -42.50 -114.05
N ALA K 1249 -10.69 -42.91 -114.64
CA ALA K 1249 -9.55 -41.99 -114.94
C ALA K 1249 -8.92 -42.42 -116.26
N PRO K 1250 -9.59 -42.13 -117.38
CA PRO K 1250 -9.13 -42.60 -118.69
C PRO K 1250 -7.87 -41.86 -119.19
N ILE K 1251 -7.55 -40.70 -118.61
CA ILE K 1251 -6.39 -39.88 -119.07
C ILE K 1251 -5.24 -40.04 -118.08
N SER K 1252 -4.09 -40.43 -118.61
CA SER K 1252 -2.81 -40.56 -117.89
C SER K 1252 -1.74 -39.75 -118.62
N GLU K 1253 -0.95 -38.97 -117.89
CA GLU K 1253 0.15 -38.16 -118.48
C GLU K 1253 1.25 -39.11 -118.95
N VAL K 1254 1.84 -38.81 -120.11
CA VAL K 1254 3.05 -39.50 -120.65
C VAL K 1254 4.24 -38.85 -119.95
N MET K 1255 4.80 -39.55 -118.96
CA MET K 1255 5.84 -39.01 -118.04
C MET K 1255 7.22 -39.22 -118.65
N GLU K 1256 7.34 -40.14 -119.61
CA GLU K 1256 8.61 -40.43 -120.33
C GLU K 1256 8.99 -39.18 -121.15
N ASP K 1257 10.18 -38.65 -120.91
CA ASP K 1257 10.76 -37.53 -121.69
C ASP K 1257 10.04 -36.21 -121.35
N ARG K 1258 9.19 -36.18 -120.32
CA ARG K 1258 8.38 -34.98 -120.00
C ARG K 1258 9.31 -33.85 -119.54
N ASN K 1259 10.32 -34.14 -118.72
CA ASN K 1259 11.28 -33.10 -118.23
C ASN K 1259 12.12 -32.60 -119.40
N GLN K 1260 12.45 -33.49 -120.33
CA GLN K 1260 13.20 -33.15 -121.58
C GLN K 1260 12.36 -32.20 -122.44
N ARG K 1261 11.05 -32.45 -122.56
CA ARG K 1261 10.17 -31.63 -123.43
C ARG K 1261 10.09 -30.23 -122.84
N ILE K 1262 9.91 -30.15 -121.52
CA ILE K 1262 9.86 -28.85 -120.80
C ILE K 1262 11.20 -28.14 -120.99
N LYS K 1263 12.32 -28.84 -120.82
CA LYS K 1263 13.65 -28.22 -120.94
C LYS K 1263 13.85 -27.68 -122.35
N GLU K 1264 13.42 -28.41 -123.36
CA GLU K 1264 13.53 -27.98 -124.77
C GLU K 1264 12.80 -26.66 -124.97
N MET K 1265 11.64 -26.46 -124.35
CA MET K 1265 10.90 -25.18 -124.46
C MET K 1265 11.75 -24.11 -123.80
N TYR K 1266 12.14 -24.35 -122.54
CA TYR K 1266 12.85 -23.32 -121.75
C TYR K 1266 14.18 -23.03 -122.44
N TRP K 1267 14.78 -24.02 -123.07
CA TRP K 1267 16.05 -23.78 -123.80
C TRP K 1267 15.84 -22.72 -124.89
N LYS K 1268 14.79 -22.88 -125.70
CA LYS K 1268 14.45 -21.95 -126.82
C LYS K 1268 14.19 -20.56 -126.24
N LEU K 1269 13.60 -20.46 -125.05
CA LEU K 1269 13.22 -19.17 -124.47
C LEU K 1269 14.43 -18.49 -123.83
N TRP K 1270 15.38 -19.25 -123.31
CA TRP K 1270 16.45 -18.69 -122.45
C TRP K 1270 17.80 -18.70 -123.14
N ILE K 1271 18.13 -19.75 -123.87
CA ILE K 1271 19.51 -19.97 -124.40
C ILE K 1271 19.48 -19.76 -125.92
N ASP K 1272 20.49 -19.09 -126.47
CA ASP K 1272 20.63 -18.81 -127.92
C ASP K 1272 21.70 -19.74 -128.51
N GLU K 1273 21.58 -21.04 -128.22
CA GLU K 1273 22.54 -22.10 -128.61
C GLU K 1273 21.77 -23.32 -129.12
N PRO K 1274 22.44 -24.29 -129.78
CA PRO K 1274 21.81 -25.58 -130.08
C PRO K 1274 21.42 -26.35 -128.82
N PHE K 1275 20.21 -26.92 -128.80
CA PHE K 1275 19.65 -27.69 -127.66
C PHE K 1275 20.46 -28.97 -127.48
N ASN K 1276 21.23 -29.02 -126.38
CA ASN K 1276 22.04 -30.20 -125.98
C ASN K 1276 22.15 -30.23 -124.45
N LEU K 1277 21.48 -31.20 -123.83
CA LEU K 1277 21.43 -31.40 -122.36
C LEU K 1277 22.56 -32.34 -121.91
N ASP K 1278 23.31 -32.91 -122.86
CA ASP K 1278 24.46 -33.82 -122.59
C ASP K 1278 25.73 -32.97 -122.43
N PHE K 1279 25.86 -32.32 -121.27
CA PHE K 1279 27.11 -31.68 -120.78
C PHE K 1279 27.23 -31.97 -119.28
N ASP K 1280 28.45 -31.86 -118.74
CA ASP K 1280 28.75 -32.28 -117.35
C ASP K 1280 28.44 -31.11 -116.42
N PRO K 1281 27.59 -31.30 -115.38
CA PRO K 1281 27.38 -30.27 -114.37
C PRO K 1281 28.60 -29.82 -113.56
N ARG K 1282 29.71 -30.56 -113.65
CA ARG K 1282 31.02 -30.21 -113.03
C ARG K 1282 31.76 -29.20 -113.90
N ASP K 1283 31.53 -29.20 -115.21
CA ASP K 1283 32.27 -28.36 -116.19
C ASP K 1283 31.85 -26.89 -116.01
N VAL K 1284 32.76 -25.99 -116.38
CA VAL K 1284 32.53 -24.52 -116.40
C VAL K 1284 31.58 -24.22 -117.57
N ILE K 1285 30.62 -23.33 -117.36
CA ILE K 1285 29.74 -22.85 -118.46
C ILE K 1285 30.28 -21.48 -118.90
N LYS K 1286 30.64 -21.36 -120.17
CA LYS K 1286 31.20 -20.11 -120.76
C LYS K 1286 30.06 -19.35 -121.43
N GLY K 1287 29.62 -18.25 -120.83
CA GLY K 1287 28.68 -17.30 -121.47
C GLY K 1287 29.40 -16.45 -122.51
N LYS K 1288 28.66 -15.96 -123.50
CA LYS K 1288 29.21 -15.11 -124.60
C LYS K 1288 29.45 -13.70 -124.07
N ASP K 1289 30.44 -13.00 -124.66
CA ASP K 1289 30.80 -11.61 -124.29
C ASP K 1289 29.58 -10.71 -124.46
N PHE K 1290 29.38 -9.80 -123.50
CA PHE K 1290 28.26 -8.85 -123.45
C PHE K 1290 28.82 -7.44 -123.44
N GLU K 1291 28.38 -6.59 -124.38
CA GLU K 1291 28.73 -5.15 -124.40
C GLU K 1291 27.60 -4.39 -123.72
N ILE K 1292 27.93 -3.64 -122.67
CA ILE K 1292 26.97 -2.80 -121.90
C ILE K 1292 26.77 -1.51 -122.70
N THR K 1293 25.56 -1.35 -123.28
CA THR K 1293 25.15 -0.16 -124.06
C THR K 1293 24.31 0.74 -123.16
N ALA K 1294 24.33 2.05 -123.42
CA ALA K 1294 23.45 3.04 -122.74
C ALA K 1294 21.99 2.59 -122.84
N LYS K 1295 21.58 2.08 -124.01
CA LYS K 1295 20.17 1.69 -124.27
C LYS K 1295 19.74 0.58 -123.30
N GLU K 1296 20.57 -0.45 -123.12
CA GLU K 1296 20.26 -1.57 -122.18
C GLU K 1296 20.16 -1.03 -120.75
N VAL K 1297 21.04 -0.11 -120.37
CA VAL K 1297 21.04 0.42 -118.99
C VAL K 1297 19.76 1.21 -118.75
N TYR K 1298 19.44 2.11 -119.67
CA TYR K 1298 18.18 2.89 -119.70
C TYR K 1298 16.99 1.95 -119.50
N ASP K 1299 16.87 0.95 -120.38
CA ASP K 1299 15.71 0.03 -120.40
C ASP K 1299 15.66 -0.74 -119.08
N PHE K 1300 16.81 -1.22 -118.60
CA PHE K 1300 16.91 -2.03 -117.37
C PHE K 1300 16.47 -1.17 -116.19
N THR K 1301 17.06 0.01 -116.04
CA THR K 1301 16.80 0.90 -114.87
C THR K 1301 15.33 1.31 -114.85
N HIS K 1302 14.73 1.54 -116.01
CA HIS K 1302 13.28 1.90 -116.09
C HIS K 1302 12.45 0.69 -115.70
N ALA K 1303 12.77 -0.50 -116.22
CA ALA K 1303 12.07 -1.76 -115.91
C ALA K 1303 12.05 -2.02 -114.41
N VAL K 1304 13.13 -1.68 -113.68
CA VAL K 1304 13.22 -2.03 -112.22
C VAL K 1304 12.96 -0.81 -111.35
N GLY K 1305 12.76 0.37 -111.94
CA GLY K 1305 12.44 1.58 -111.16
C GLY K 1305 13.65 2.07 -110.38
N ASN K 1306 14.83 2.04 -110.99
CA ASN K 1306 16.10 2.54 -110.39
C ASN K 1306 16.39 3.91 -111.00
N ASN K 1307 16.15 4.98 -110.25
CA ASN K 1307 16.25 6.39 -110.69
C ASN K 1307 17.58 7.02 -110.23
N CYS K 1308 18.55 6.23 -109.80
CA CYS K 1308 19.90 6.69 -109.36
C CYS K 1308 20.60 7.35 -110.53
N GLU K 1309 21.16 8.54 -110.30
CA GLU K 1309 21.78 9.42 -111.32
C GLU K 1309 23.00 8.74 -111.96
N ASP K 1310 23.71 7.84 -111.27
CA ASP K 1310 24.92 7.17 -111.83
C ASP K 1310 24.59 6.39 -113.10
N PHE K 1311 23.33 5.95 -113.26
CA PHE K 1311 22.92 5.10 -114.40
C PHE K 1311 22.27 5.92 -115.51
N VAL K 1312 22.22 7.24 -115.35
CA VAL K 1312 21.53 8.17 -116.29
C VAL K 1312 22.61 8.93 -117.04
N SER K 1313 22.48 8.99 -118.37
CA SER K 1313 23.37 9.81 -119.22
C SER K 1313 23.32 11.25 -118.73
N ARG K 1314 24.48 11.80 -118.40
CA ARG K 1314 24.69 13.21 -117.99
C ARG K 1314 25.89 13.72 -118.75
N PRO K 1315 25.95 15.03 -119.08
CA PRO K 1315 27.08 15.58 -119.86
C PRO K 1315 28.40 15.47 -119.07
N ASP K 1316 29.50 15.18 -119.77
CA ASP K 1316 30.90 15.21 -119.25
C ASP K 1316 31.04 14.22 -118.08
N ARG K 1317 30.48 13.01 -118.25
CA ARG K 1317 30.33 12.02 -117.16
C ARG K 1317 30.00 10.64 -117.78
N THR K 1318 30.62 9.59 -117.26
CA THR K 1318 30.49 8.20 -117.76
C THR K 1318 29.33 7.52 -117.05
N MET K 1319 28.47 6.86 -117.82
CA MET K 1319 27.24 6.19 -117.33
C MET K 1319 27.63 4.81 -116.77
N LEU K 1320 27.24 4.52 -115.53
CA LEU K 1320 27.48 3.20 -114.88
C LEU K 1320 26.31 2.28 -115.19
N ALA K 1321 26.53 0.98 -114.99
CA ALA K 1321 25.45 -0.02 -114.95
C ALA K 1321 25.23 -0.38 -113.49
N PRO K 1322 23.98 -0.62 -113.07
CA PRO K 1322 23.72 -1.13 -111.71
C PRO K 1322 24.27 -2.56 -111.57
N MET K 1323 24.63 -2.99 -110.36
CA MET K 1323 25.18 -4.36 -110.15
C MET K 1323 24.13 -5.42 -110.52
N ASP K 1324 22.84 -5.12 -110.35
CA ASP K 1324 21.69 -5.95 -110.82
C ASP K 1324 21.85 -6.32 -112.29
N PHE K 1325 22.45 -5.44 -113.07
CA PHE K 1325 22.72 -5.64 -114.51
C PHE K 1325 23.57 -6.89 -114.71
N ALA K 1326 24.28 -7.37 -113.68
CA ALA K 1326 25.08 -8.62 -113.71
C ALA K 1326 24.22 -9.83 -114.06
N ILE K 1327 22.97 -9.86 -113.61
CA ILE K 1327 22.06 -11.00 -113.90
C ILE K 1327 21.69 -10.99 -115.38
N VAL K 1328 21.67 -9.81 -116.01
CA VAL K 1328 21.33 -9.67 -117.45
C VAL K 1328 22.48 -10.26 -118.25
N VAL K 1329 23.70 -9.89 -117.87
CA VAL K 1329 24.95 -10.33 -118.55
C VAL K 1329 25.11 -11.83 -118.34
N GLY K 1330 24.79 -12.32 -117.14
CA GLY K 1330 25.16 -13.67 -116.69
C GLY K 1330 24.03 -14.67 -116.74
N TRP K 1331 22.79 -14.25 -116.95
CA TRP K 1331 21.58 -15.11 -116.90
C TRP K 1331 21.80 -16.38 -117.71
N ARG K 1332 22.26 -16.25 -118.95
CA ARG K 1332 22.33 -17.39 -119.91
C ARG K 1332 23.32 -18.43 -119.39
N ALA K 1333 24.49 -17.99 -118.92
CA ALA K 1333 25.53 -18.87 -118.34
C ALA K 1333 24.96 -19.53 -117.07
N ILE K 1334 24.45 -18.71 -116.16
CA ILE K 1334 23.94 -19.16 -114.85
C ILE K 1334 22.80 -20.15 -115.05
N ILE K 1335 21.80 -19.82 -115.86
CA ILE K 1335 20.57 -20.63 -115.94
C ILE K 1335 20.90 -21.93 -116.67
N LYS K 1336 21.89 -21.94 -117.54
CA LYS K 1336 22.31 -23.15 -118.28
C LYS K 1336 22.74 -24.26 -117.32
N ALA K 1337 23.08 -23.91 -116.09
CA ALA K 1337 23.55 -24.86 -115.05
C ALA K 1337 22.44 -25.80 -114.61
N ILE K 1338 21.18 -25.35 -114.59
CA ILE K 1338 20.05 -26.22 -114.14
C ILE K 1338 19.57 -27.15 -115.27
N PHE K 1339 20.21 -27.18 -116.43
CA PHE K 1339 19.71 -27.95 -117.61
C PHE K 1339 20.33 -29.32 -117.87
N PRO K 1340 21.58 -29.64 -117.45
CA PRO K 1340 22.18 -30.91 -117.86
C PRO K 1340 21.24 -32.08 -117.55
N ASN K 1341 21.36 -33.13 -118.36
CA ASN K 1341 20.60 -34.41 -118.20
C ASN K 1341 20.68 -34.91 -116.76
N THR K 1342 21.87 -34.89 -116.15
CA THR K 1342 22.14 -35.42 -114.79
C THR K 1342 21.51 -34.54 -113.70
N VAL K 1343 21.18 -33.29 -114.02
CA VAL K 1343 20.37 -32.40 -113.13
C VAL K 1343 18.93 -32.46 -113.65
N ASP K 1344 18.31 -33.63 -113.51
CA ASP K 1344 16.96 -33.92 -114.06
C ASP K 1344 15.92 -33.37 -113.11
N GLY K 1345 15.18 -32.36 -113.54
CA GLY K 1345 14.06 -31.77 -112.79
C GLY K 1345 13.06 -31.15 -113.74
N ASP K 1346 11.89 -30.82 -113.23
CA ASP K 1346 10.76 -30.21 -113.97
C ASP K 1346 10.90 -28.69 -113.85
N LEU K 1347 11.26 -28.00 -114.93
CA LEU K 1347 11.46 -26.52 -114.89
C LEU K 1347 10.17 -25.77 -114.57
N LEU K 1348 8.99 -26.34 -114.80
CA LEU K 1348 7.72 -25.67 -114.40
C LEU K 1348 7.61 -25.63 -112.87
N LYS K 1349 8.33 -26.49 -112.14
CA LYS K 1349 8.36 -26.52 -110.66
C LYS K 1349 9.65 -25.89 -110.14
N LEU K 1350 10.43 -25.22 -111.00
CA LEU K 1350 11.69 -24.56 -110.59
C LEU K 1350 11.35 -23.37 -109.71
N VAL K 1351 11.95 -23.31 -108.52
CA VAL K 1351 11.89 -22.13 -107.61
C VAL K 1351 13.31 -21.53 -107.59
N HIS K 1352 13.41 -20.22 -107.78
CA HIS K 1352 14.62 -19.40 -107.53
C HIS K 1352 14.66 -19.05 -106.03
N LEU K 1353 15.57 -19.64 -105.26
CA LEU K 1353 15.56 -19.49 -103.77
C LEU K 1353 16.23 -18.18 -103.37
N SER K 1354 17.28 -17.81 -104.08
CA SER K 1354 18.19 -16.75 -103.60
C SER K 1354 19.09 -16.31 -104.74
N ASN K 1355 19.42 -15.05 -104.67
CA ASN K 1355 20.39 -14.45 -105.60
C ASN K 1355 21.28 -13.53 -104.77
N GLY K 1356 22.50 -13.33 -105.22
CA GLY K 1356 23.47 -12.52 -104.50
C GLY K 1356 24.52 -12.03 -105.43
N TYR K 1357 24.98 -10.81 -105.21
CA TYR K 1357 26.10 -10.21 -105.97
C TYR K 1357 27.21 -9.90 -104.98
N LYS K 1358 28.45 -9.96 -105.44
CA LYS K 1358 29.63 -9.62 -104.62
C LYS K 1358 30.66 -8.97 -105.53
N MET K 1359 30.94 -7.70 -105.29
CA MET K 1359 32.01 -7.02 -106.03
C MET K 1359 33.32 -7.60 -105.52
N ILE K 1360 34.20 -7.93 -106.43
CA ILE K 1360 35.59 -8.34 -106.09
C ILE K 1360 36.32 -7.09 -105.59
N PRO K 1361 36.96 -7.16 -104.40
CA PRO K 1361 37.70 -6.00 -103.85
C PRO K 1361 38.66 -5.39 -104.89
N GLY K 1362 38.64 -4.06 -105.00
CA GLY K 1362 39.43 -3.30 -105.98
C GLY K 1362 38.68 -3.04 -107.27
N ALA K 1363 37.73 -3.91 -107.65
CA ALA K 1363 37.04 -3.85 -108.96
C ALA K 1363 36.06 -2.67 -108.97
N LYS K 1364 36.12 -1.85 -110.02
CA LYS K 1364 35.20 -0.70 -110.21
C LYS K 1364 33.88 -1.23 -110.76
N PRO K 1365 32.75 -0.55 -110.49
CA PRO K 1365 31.45 -0.98 -111.00
C PRO K 1365 31.41 -1.04 -112.53
N LEU K 1366 30.47 -1.85 -113.06
CA LEU K 1366 30.25 -1.99 -114.53
C LEU K 1366 29.87 -0.63 -115.11
N GLN K 1367 30.36 -0.33 -116.32
CA GLN K 1367 30.14 0.95 -117.03
C GLN K 1367 29.61 0.65 -118.43
N VAL K 1368 28.88 1.61 -119.00
CA VAL K 1368 28.57 1.61 -120.45
C VAL K 1368 29.90 1.52 -121.18
N GLY K 1369 29.96 0.65 -122.21
CA GLY K 1369 31.14 0.42 -123.06
C GLY K 1369 31.88 -0.85 -122.67
N ASP K 1370 31.86 -1.23 -121.39
CA ASP K 1370 32.54 -2.44 -120.85
C ASP K 1370 32.10 -3.68 -121.62
N VAL K 1371 33.06 -4.45 -122.10
CA VAL K 1371 32.83 -5.82 -122.64
C VAL K 1371 33.06 -6.80 -121.49
N VAL K 1372 31.97 -7.43 -121.05
CA VAL K 1372 31.95 -8.30 -119.85
C VAL K 1372 31.80 -9.74 -120.32
N SER K 1373 32.74 -10.60 -119.93
CA SER K 1373 32.69 -12.07 -120.12
C SER K 1373 32.14 -12.69 -118.83
N THR K 1374 31.46 -13.81 -118.96
CA THR K 1374 30.79 -14.49 -117.83
C THR K 1374 31.16 -15.96 -117.89
N THR K 1375 31.46 -16.51 -116.72
CA THR K 1375 31.69 -17.94 -116.48
C THR K 1375 30.69 -18.32 -115.39
N ALA K 1376 30.19 -19.54 -115.41
CA ALA K 1376 29.33 -20.04 -114.32
C ALA K 1376 29.76 -21.47 -114.00
N VAL K 1377 29.71 -21.80 -112.74
CA VAL K 1377 30.02 -23.18 -112.28
C VAL K 1377 28.93 -23.59 -111.31
N ILE K 1378 28.54 -24.86 -111.32
CA ILE K 1378 27.67 -25.41 -110.25
C ILE K 1378 28.55 -25.69 -109.04
N GLU K 1379 28.35 -24.94 -107.96
CA GLU K 1379 29.04 -25.11 -106.66
C GLU K 1379 28.56 -26.44 -106.08
N SER K 1380 27.24 -26.61 -106.00
CA SER K 1380 26.56 -27.73 -105.30
C SER K 1380 25.27 -28.12 -106.05
N VAL K 1381 25.00 -29.43 -106.15
CA VAL K 1381 23.65 -29.97 -106.47
C VAL K 1381 23.38 -31.10 -105.49
N VAL K 1382 22.41 -30.94 -104.60
CA VAL K 1382 22.13 -31.90 -103.51
C VAL K 1382 20.62 -32.20 -103.49
N ASN K 1383 20.31 -33.49 -103.34
CA ASN K 1383 18.95 -34.02 -103.14
C ASN K 1383 18.56 -33.83 -101.69
N GLN K 1384 17.59 -32.98 -101.45
CA GLN K 1384 16.95 -32.76 -100.14
C GLN K 1384 15.65 -33.56 -100.14
N PRO K 1385 15.05 -33.81 -98.96
CA PRO K 1385 13.75 -34.49 -98.91
C PRO K 1385 12.70 -33.93 -99.89
N THR K 1386 12.59 -32.59 -99.99
CA THR K 1386 11.49 -31.88 -100.71
C THR K 1386 11.87 -31.52 -102.16
N GLY K 1387 13.08 -31.80 -102.60
CA GLY K 1387 13.58 -31.35 -103.91
C GLY K 1387 15.09 -31.24 -104.00
N LYS K 1388 15.59 -30.94 -105.19
CA LYS K 1388 17.01 -30.83 -105.54
C LYS K 1388 17.41 -29.35 -105.53
N ILE K 1389 18.40 -28.97 -104.74
CA ILE K 1389 18.96 -27.59 -104.71
C ILE K 1389 20.13 -27.56 -105.67
N VAL K 1390 20.20 -26.53 -106.51
CA VAL K 1390 21.35 -26.25 -107.40
C VAL K 1390 21.88 -24.88 -107.02
N ASP K 1391 23.16 -24.82 -106.65
CA ASP K 1391 23.86 -23.58 -106.24
C ASP K 1391 24.84 -23.27 -107.37
N VAL K 1392 24.70 -22.09 -107.96
CA VAL K 1392 25.45 -21.70 -109.17
C VAL K 1392 26.24 -20.46 -108.78
N VAL K 1393 27.47 -20.36 -109.26
CA VAL K 1393 28.35 -19.18 -109.03
C VAL K 1393 28.75 -18.68 -110.40
N GLY K 1394 28.35 -17.46 -110.71
CA GLY K 1394 28.76 -16.79 -111.96
C GLY K 1394 29.88 -15.85 -111.64
N THR K 1395 30.83 -15.71 -112.54
CA THR K 1395 31.94 -14.73 -112.41
C THR K 1395 31.90 -13.85 -113.64
N LEU K 1396 31.69 -12.57 -113.43
CA LEU K 1396 31.77 -11.55 -114.51
C LEU K 1396 33.17 -10.99 -114.49
N SER K 1397 33.77 -10.90 -115.66
CA SER K 1397 35.15 -10.45 -115.89
C SER K 1397 35.15 -9.39 -116.99
N ARG K 1398 36.13 -8.51 -116.92
CA ARG K 1398 36.30 -7.39 -117.86
C ARG K 1398 37.81 -7.15 -117.98
N ASN K 1399 38.33 -7.10 -119.21
CA ASN K 1399 39.77 -6.92 -119.51
C ASN K 1399 40.59 -8.00 -118.79
N GLY K 1400 40.09 -9.24 -118.77
CA GLY K 1400 40.76 -10.39 -118.12
C GLY K 1400 40.53 -10.48 -116.62
N LYS K 1401 40.31 -9.34 -115.91
CA LYS K 1401 40.18 -9.30 -114.43
C LYS K 1401 38.73 -9.59 -114.04
N PRO K 1402 38.49 -10.36 -112.96
CA PRO K 1402 37.13 -10.59 -112.48
C PRO K 1402 36.58 -9.35 -111.77
N VAL K 1403 35.32 -9.01 -112.06
CA VAL K 1403 34.62 -7.79 -111.53
C VAL K 1403 33.72 -8.21 -110.38
N MET K 1404 32.89 -9.23 -110.57
CA MET K 1404 31.90 -9.59 -109.54
C MET K 1404 31.47 -11.04 -109.65
N GLU K 1405 31.01 -11.59 -108.52
CA GLU K 1405 30.43 -12.95 -108.44
C GLU K 1405 28.92 -12.85 -108.25
N VAL K 1406 28.15 -13.54 -109.10
CA VAL K 1406 26.68 -13.72 -108.95
C VAL K 1406 26.45 -15.11 -108.38
N THR K 1407 25.78 -15.21 -107.24
CA THR K 1407 25.41 -16.51 -106.60
C THR K 1407 23.90 -16.69 -106.75
N SER K 1408 23.48 -17.79 -107.38
CA SER K 1408 22.05 -18.12 -107.56
C SER K 1408 21.81 -19.51 -107.00
N SER K 1409 20.79 -19.64 -106.16
CA SER K 1409 20.29 -20.95 -105.67
C SER K 1409 18.92 -21.26 -106.29
N PHE K 1410 18.82 -22.39 -107.00
CA PHE K 1410 17.60 -22.90 -107.65
C PHE K 1410 17.18 -24.20 -107.02
N PHE K 1411 15.88 -24.43 -106.98
CA PHE K 1411 15.23 -25.58 -106.31
C PHE K 1411 14.26 -26.25 -107.28
N TYR K 1412 14.60 -27.44 -107.73
CA TYR K 1412 13.68 -28.36 -108.41
C TYR K 1412 12.85 -29.10 -107.36
N ARG K 1413 11.64 -28.59 -107.08
CA ARG K 1413 10.65 -29.28 -106.22
C ARG K 1413 10.38 -30.66 -106.79
N GLY K 1414 10.44 -31.69 -105.95
CA GLY K 1414 10.24 -33.08 -106.39
C GLY K 1414 10.87 -34.08 -105.47
N ASN K 1415 10.82 -35.34 -105.88
CA ASN K 1415 11.42 -36.49 -105.16
C ASN K 1415 12.55 -36.99 -106.05
N TYR K 1416 13.80 -36.77 -105.63
CA TYR K 1416 15.02 -37.13 -106.38
C TYR K 1416 15.86 -38.05 -105.50
N THR K 1417 16.36 -39.14 -106.08
CA THR K 1417 17.10 -40.22 -105.39
C THR K 1417 18.34 -40.61 -106.20
N ASP K 1418 18.76 -39.74 -107.12
CA ASP K 1418 19.89 -39.95 -108.06
C ASP K 1418 21.15 -39.37 -107.39
N PHE K 1419 21.57 -39.97 -106.29
CA PHE K 1419 22.65 -39.43 -105.41
C PHE K 1419 24.01 -39.44 -106.12
N GLU K 1420 24.18 -40.27 -107.15
CA GLU K 1420 25.45 -40.35 -107.93
C GLU K 1420 25.72 -39.05 -108.71
N ASN K 1421 24.70 -38.23 -108.90
CA ASN K 1421 24.80 -36.97 -109.70
C ASN K 1421 24.94 -35.77 -108.76
N THR K 1422 24.87 -35.99 -107.45
CA THR K 1422 24.93 -34.90 -106.45
C THR K 1422 26.37 -34.68 -105.97
N PHE K 1423 26.62 -33.50 -105.42
CA PHE K 1423 27.93 -33.06 -104.90
C PHE K 1423 27.71 -31.72 -104.22
N GLN K 1424 28.60 -31.38 -103.30
CA GLN K 1424 28.49 -30.15 -102.52
C GLN K 1424 29.90 -29.67 -102.21
N LYS K 1425 30.19 -28.44 -102.60
CA LYS K 1425 31.41 -27.70 -102.20
C LYS K 1425 30.97 -26.65 -101.19
N THR K 1426 31.60 -26.65 -100.01
CA THR K 1426 31.38 -25.64 -98.94
C THR K 1426 32.73 -24.95 -98.69
N VAL K 1427 32.75 -23.62 -98.68
CA VAL K 1427 33.86 -22.82 -98.09
C VAL K 1427 33.56 -22.73 -96.60
N GLU K 1428 34.40 -23.37 -95.78
CA GLU K 1428 34.15 -23.47 -94.32
C GLU K 1428 34.47 -22.11 -93.72
N PRO K 1429 33.86 -21.77 -92.56
CA PRO K 1429 34.30 -20.60 -91.82
C PRO K 1429 35.77 -20.80 -91.41
N VAL K 1430 36.53 -19.70 -91.33
CA VAL K 1430 37.95 -19.75 -90.85
C VAL K 1430 37.92 -20.11 -89.37
N TYR K 1431 38.62 -21.18 -89.00
CA TYR K 1431 38.81 -21.62 -87.60
C TYR K 1431 40.19 -21.18 -87.12
N GLN K 1432 40.25 -20.70 -85.88
CA GLN K 1432 41.48 -20.22 -85.22
C GLN K 1432 41.76 -21.10 -83.99
N MET K 1433 42.99 -21.59 -83.86
CA MET K 1433 43.48 -22.24 -82.62
C MET K 1433 44.68 -21.46 -82.07
N HIS K 1434 44.59 -21.04 -80.80
CA HIS K 1434 45.74 -20.58 -79.99
C HIS K 1434 46.41 -21.82 -79.39
N ILE K 1435 47.59 -22.21 -79.88
CA ILE K 1435 48.36 -23.37 -79.34
C ILE K 1435 49.10 -22.91 -78.07
N LYS K 1436 48.55 -23.21 -76.90
CA LYS K 1436 49.04 -22.74 -75.58
C LYS K 1436 50.02 -23.76 -74.99
N THR K 1437 49.73 -25.07 -75.11
CA THR K 1437 50.46 -26.18 -74.46
C THR K 1437 51.02 -27.15 -75.50
N SER K 1438 51.86 -28.09 -75.05
CA SER K 1438 52.47 -29.17 -75.87
C SER K 1438 51.48 -30.33 -76.08
N LYS K 1439 50.39 -30.36 -75.31
CA LYS K 1439 49.30 -31.34 -75.45
C LYS K 1439 48.53 -31.03 -76.76
N ASP K 1440 48.14 -29.76 -76.93
CA ASP K 1440 47.51 -29.19 -78.15
C ASP K 1440 48.35 -29.56 -79.39
N ILE K 1441 49.66 -29.43 -79.31
CA ILE K 1441 50.60 -29.76 -80.43
C ILE K 1441 50.51 -31.26 -80.75
N ALA K 1442 50.49 -32.10 -79.72
CA ALA K 1442 50.48 -33.58 -79.85
C ALA K 1442 49.15 -34.01 -80.47
N VAL K 1443 48.05 -33.42 -80.01
CA VAL K 1443 46.67 -33.67 -80.53
C VAL K 1443 46.61 -33.29 -82.02
N LEU K 1444 47.27 -32.20 -82.43
CA LEU K 1444 47.31 -31.78 -83.86
C LEU K 1444 48.17 -32.74 -84.66
N ARG K 1445 49.34 -33.14 -84.14
CA ARG K 1445 50.25 -34.07 -84.86
C ARG K 1445 49.63 -35.47 -84.95
N SER K 1446 48.67 -35.81 -84.09
CA SER K 1446 47.95 -37.10 -84.14
C SER K 1446 47.02 -37.17 -85.37
N LYS K 1447 46.61 -36.01 -85.92
CA LYS K 1447 45.76 -35.88 -87.13
C LYS K 1447 46.61 -35.98 -88.39
N GLU K 1448 46.35 -36.97 -89.24
CA GLU K 1448 47.07 -37.19 -90.52
C GLU K 1448 46.88 -35.98 -91.44
N TRP K 1449 45.68 -35.39 -91.42
CA TRP K 1449 45.29 -34.26 -92.29
C TRP K 1449 46.09 -33.00 -92.01
N PHE K 1450 46.58 -32.84 -90.77
CA PHE K 1450 47.45 -31.70 -90.35
C PHE K 1450 48.86 -31.88 -90.89
N GLN K 1451 49.25 -31.11 -91.90
CA GLN K 1451 50.47 -31.35 -92.71
C GLN K 1451 51.30 -30.08 -92.83
N LEU K 1452 52.21 -29.89 -91.88
CA LEU K 1452 53.15 -28.74 -91.91
C LEU K 1452 54.11 -28.93 -93.07
N ASP K 1453 54.52 -27.82 -93.70
CA ASP K 1453 55.55 -27.75 -94.76
C ASP K 1453 56.90 -28.12 -94.12
N ASP K 1454 57.24 -27.46 -93.02
CA ASP K 1454 58.42 -27.73 -92.15
C ASP K 1454 57.93 -28.49 -90.91
N GLU K 1455 58.19 -29.80 -90.85
CA GLU K 1455 57.73 -30.69 -89.73
C GLU K 1455 58.27 -30.19 -88.38
N ASP K 1456 59.46 -29.57 -88.35
CA ASP K 1456 60.11 -29.08 -87.09
C ASP K 1456 59.65 -27.66 -86.74
N PHE K 1457 58.60 -27.13 -87.39
CA PHE K 1457 58.01 -25.80 -87.09
C PHE K 1457 57.57 -25.80 -85.62
N ASP K 1458 57.80 -24.69 -84.91
CA ASP K 1458 57.50 -24.53 -83.46
C ASP K 1458 56.11 -23.91 -83.33
N LEU K 1459 55.12 -24.72 -82.94
CA LEU K 1459 53.70 -24.31 -82.85
C LEU K 1459 53.41 -23.63 -81.51
N LEU K 1460 54.27 -23.81 -80.50
CA LEU K 1460 53.96 -23.36 -79.12
C LEU K 1460 53.79 -21.83 -79.09
N ASN K 1461 52.69 -21.34 -78.49
CA ASN K 1461 52.33 -19.92 -78.31
C ASN K 1461 51.86 -19.27 -79.62
N LYS K 1462 51.79 -20.03 -80.72
CA LYS K 1462 51.35 -19.52 -82.03
C LYS K 1462 49.83 -19.59 -82.15
N THR K 1463 49.25 -18.67 -82.91
CA THR K 1463 47.83 -18.65 -83.32
C THR K 1463 47.77 -19.20 -84.75
N LEU K 1464 47.05 -20.28 -84.95
CA LEU K 1464 46.90 -20.92 -86.28
C LEU K 1464 45.51 -20.59 -86.79
N THR K 1465 45.40 -20.43 -88.10
CA THR K 1465 44.09 -20.28 -88.78
C THR K 1465 44.01 -21.34 -89.86
N PHE K 1466 42.85 -21.98 -89.95
CA PHE K 1466 42.54 -23.05 -90.92
C PHE K 1466 41.48 -22.51 -91.88
N GLU K 1467 41.84 -22.36 -93.15
CA GLU K 1467 40.96 -21.87 -94.24
C GLU K 1467 40.66 -23.06 -95.15
N THR K 1468 39.65 -23.84 -94.78
CA THR K 1468 39.31 -25.13 -95.41
C THR K 1468 38.11 -24.96 -96.34
N GLU K 1469 38.07 -25.81 -97.38
CA GLU K 1469 36.93 -26.07 -98.27
C GLU K 1469 36.64 -27.56 -98.21
N THR K 1470 35.36 -27.93 -98.10
CA THR K 1470 34.88 -29.33 -98.06
C THR K 1470 34.17 -29.65 -99.37
N GLU K 1471 34.71 -30.59 -100.14
CA GLU K 1471 34.04 -31.23 -101.30
C GLU K 1471 33.47 -32.56 -100.83
N VAL K 1472 32.18 -32.77 -101.06
CA VAL K 1472 31.43 -33.99 -100.67
C VAL K 1472 30.73 -34.55 -101.92
N THR K 1473 30.66 -35.88 -102.02
CA THR K 1473 29.75 -36.63 -102.94
C THR K 1473 28.89 -37.56 -102.09
N PHE K 1474 27.63 -37.77 -102.48
CA PHE K 1474 26.62 -38.48 -101.67
C PHE K 1474 26.47 -39.91 -102.18
N LYS K 1475 26.28 -40.84 -101.24
CA LYS K 1475 25.83 -42.24 -101.50
C LYS K 1475 24.31 -42.24 -101.35
N ASN K 1476 23.83 -41.59 -100.29
CA ASN K 1476 22.38 -41.39 -100.01
C ASN K 1476 22.23 -40.09 -99.21
N ALA K 1477 21.03 -39.83 -98.68
CA ALA K 1477 20.66 -38.57 -97.99
C ALA K 1477 21.65 -38.23 -96.85
N ASN K 1478 22.03 -39.21 -96.03
CA ASN K 1478 22.77 -39.03 -94.74
C ASN K 1478 24.25 -39.37 -94.87
N ILE K 1479 24.60 -40.41 -95.63
CA ILE K 1479 26.01 -40.91 -95.78
C ILE K 1479 26.64 -40.28 -97.02
N PHE K 1480 27.84 -39.69 -96.86
CA PHE K 1480 28.71 -39.22 -97.96
C PHE K 1480 29.41 -40.43 -98.54
N SER K 1481 29.64 -40.42 -99.85
CA SER K 1481 30.42 -41.44 -100.59
C SER K 1481 31.87 -40.99 -100.68
N SER K 1482 32.13 -39.72 -100.42
CA SER K 1482 33.49 -39.14 -100.43
C SER K 1482 33.47 -37.83 -99.63
N VAL K 1483 34.57 -37.56 -98.93
CA VAL K 1483 34.80 -36.27 -98.23
C VAL K 1483 36.21 -35.85 -98.57
N LYS K 1484 36.36 -34.62 -99.05
CA LYS K 1484 37.65 -33.91 -99.22
C LYS K 1484 37.54 -32.66 -98.36
N CYS K 1485 38.53 -32.41 -97.51
CA CYS K 1485 38.68 -31.16 -96.73
C CYS K 1485 40.12 -30.75 -96.91
N PHE K 1486 40.36 -29.58 -97.50
CA PHE K 1486 41.70 -29.11 -97.92
C PHE K 1486 41.74 -27.59 -97.76
N GLY K 1487 42.93 -27.03 -97.74
CA GLY K 1487 43.14 -25.58 -97.61
C GLY K 1487 44.34 -25.27 -96.74
N PRO K 1488 44.82 -24.01 -96.80
CA PRO K 1488 45.99 -23.60 -96.05
C PRO K 1488 45.79 -23.52 -94.53
N ILE K 1489 46.85 -23.87 -93.80
CA ILE K 1489 47.05 -23.58 -92.36
C ILE K 1489 48.01 -22.39 -92.32
N LYS K 1490 47.63 -21.37 -91.58
CA LYS K 1490 48.41 -20.12 -91.55
C LYS K 1490 48.77 -19.82 -90.10
N VAL K 1491 49.98 -19.35 -89.87
CA VAL K 1491 50.39 -18.87 -88.53
C VAL K 1491 50.28 -17.34 -88.54
N GLU K 1492 49.78 -16.76 -87.45
CA GLU K 1492 49.81 -15.30 -87.21
C GLU K 1492 51.24 -14.88 -86.83
N LEU K 1493 51.81 -13.94 -87.59
CA LEU K 1493 53.13 -13.31 -87.33
C LEU K 1493 52.95 -12.21 -86.28
N PRO K 1494 54.04 -11.66 -85.69
CA PRO K 1494 53.93 -10.56 -84.73
C PRO K 1494 53.21 -9.29 -85.23
N THR K 1495 53.24 -9.03 -86.54
CA THR K 1495 52.53 -7.90 -87.20
C THR K 1495 51.03 -8.21 -87.40
N LYS K 1496 50.53 -9.36 -86.93
CA LYS K 1496 49.12 -9.85 -87.09
C LYS K 1496 48.86 -10.27 -88.54
N GLU K 1497 49.83 -10.18 -89.45
CA GLU K 1497 49.76 -10.82 -90.79
C GLU K 1497 49.72 -12.34 -90.58
N THR K 1498 49.02 -13.07 -91.44
CA THR K 1498 49.00 -14.56 -91.46
C THR K 1498 49.73 -15.05 -92.70
N VAL K 1499 50.57 -16.06 -92.53
CA VAL K 1499 51.37 -16.69 -93.62
C VAL K 1499 51.16 -18.21 -93.54
N GLU K 1500 51.24 -18.87 -94.68
CA GLU K 1500 50.99 -20.31 -94.84
C GLU K 1500 52.18 -21.08 -94.29
N ILE K 1501 51.91 -22.00 -93.34
CA ILE K 1501 52.93 -22.95 -92.78
C ILE K 1501 52.58 -24.39 -93.13
N GLY K 1502 51.42 -24.67 -93.71
CA GLY K 1502 51.07 -26.05 -94.13
C GLY K 1502 49.69 -26.12 -94.76
N ILE K 1503 49.18 -27.34 -94.91
CA ILE K 1503 47.82 -27.57 -95.46
C ILE K 1503 47.03 -28.48 -94.55
N VAL K 1504 45.72 -28.29 -94.47
CA VAL K 1504 44.75 -29.38 -94.20
C VAL K 1504 44.68 -30.20 -95.50
N ASP K 1505 44.74 -31.53 -95.40
CA ASP K 1505 44.57 -32.45 -96.55
C ASP K 1505 43.92 -33.75 -96.05
N TYR K 1506 42.60 -33.73 -95.94
CA TYR K 1506 41.75 -34.87 -95.55
C TYR K 1506 40.99 -35.41 -96.76
N GLU K 1507 41.00 -36.73 -96.92
CA GLU K 1507 40.39 -37.47 -98.05
C GLU K 1507 39.87 -38.80 -97.51
N ALA K 1508 38.55 -38.98 -97.48
CA ALA K 1508 37.85 -40.21 -97.03
C ALA K 1508 36.87 -40.68 -98.11
N GLY K 1509 36.58 -41.99 -98.15
CA GLY K 1509 35.41 -42.56 -98.83
C GLY K 1509 34.18 -42.42 -97.97
N ALA K 1510 33.36 -43.47 -97.89
CA ALA K 1510 32.06 -43.49 -97.18
C ALA K 1510 32.25 -42.96 -95.76
N SER K 1511 31.41 -42.01 -95.34
CA SER K 1511 31.52 -41.26 -94.07
C SER K 1511 30.18 -40.64 -93.72
N HIS K 1512 29.97 -40.30 -92.46
CA HIS K 1512 28.75 -39.65 -91.93
C HIS K 1512 29.05 -38.19 -91.60
N GLY K 1513 30.26 -37.72 -91.88
CA GLY K 1513 30.69 -36.41 -91.37
C GLY K 1513 32.11 -36.05 -91.78
N ASN K 1514 32.45 -34.81 -91.50
CA ASN K 1514 33.79 -34.23 -91.75
C ASN K 1514 34.45 -34.14 -90.38
N PRO K 1515 35.45 -34.98 -90.07
CA PRO K 1515 36.11 -34.92 -88.76
C PRO K 1515 37.02 -33.69 -88.63
N VAL K 1516 37.62 -33.21 -89.73
CA VAL K 1516 38.45 -31.97 -89.71
C VAL K 1516 37.66 -30.82 -89.08
N VAL K 1517 36.49 -30.51 -89.63
CA VAL K 1517 35.68 -29.34 -89.21
C VAL K 1517 35.14 -29.63 -87.80
N ASP K 1518 34.79 -30.88 -87.50
CA ASP K 1518 34.28 -31.25 -86.16
C ASP K 1518 35.37 -30.93 -85.13
N PHE K 1519 36.60 -31.38 -85.39
CA PHE K 1519 37.80 -31.07 -84.57
C PHE K 1519 37.93 -29.55 -84.41
N LEU K 1520 38.01 -28.81 -85.52
CA LEU K 1520 38.25 -27.33 -85.47
C LEU K 1520 37.11 -26.63 -84.75
N LYS K 1521 35.86 -27.09 -84.87
CA LYS K 1521 34.72 -26.47 -84.15
C LYS K 1521 34.91 -26.62 -82.63
N ARG K 1522 35.22 -27.83 -82.18
CA ARG K 1522 35.32 -28.20 -80.75
C ARG K 1522 36.52 -27.46 -80.13
N ASN K 1523 37.68 -27.48 -80.82
CA ASN K 1523 38.99 -27.06 -80.27
C ASN K 1523 39.31 -25.59 -80.60
N GLY K 1524 39.04 -25.16 -81.82
CA GLY K 1524 39.31 -23.78 -82.26
C GLY K 1524 38.12 -22.88 -82.00
N SER K 1525 38.24 -21.61 -82.37
CA SER K 1525 37.15 -20.62 -82.42
C SER K 1525 36.88 -20.26 -83.89
N THR K 1526 35.64 -19.95 -84.23
CA THR K 1526 35.21 -19.47 -85.57
C THR K 1526 35.57 -17.99 -85.67
N LEU K 1527 36.32 -17.60 -86.71
CA LEU K 1527 36.56 -16.17 -87.04
C LEU K 1527 35.37 -15.68 -87.88
N GLU K 1528 34.55 -14.79 -87.31
CA GLU K 1528 33.38 -14.21 -87.99
C GLU K 1528 33.80 -12.85 -88.55
N GLN K 1529 33.77 -12.67 -89.88
CA GLN K 1529 34.01 -11.37 -90.57
C GLN K 1529 32.93 -10.36 -90.18
N LYS K 1530 31.67 -10.79 -90.04
CA LYS K 1530 30.52 -9.91 -89.70
C LYS K 1530 30.48 -9.68 -88.21
N VAL K 1531 30.35 -8.43 -87.80
CA VAL K 1531 30.31 -8.01 -86.37
C VAL K 1531 29.05 -7.17 -86.19
N ASN K 1532 28.18 -7.59 -85.30
CA ASN K 1532 26.87 -6.93 -85.08
C ASN K 1532 27.14 -5.66 -84.28
N LEU K 1533 26.43 -4.59 -84.61
CA LEU K 1533 26.36 -3.39 -83.76
C LEU K 1533 25.68 -3.77 -82.47
N GLU K 1534 25.89 -2.97 -81.42
CA GLU K 1534 25.20 -3.06 -80.12
C GLU K 1534 23.69 -3.15 -80.37
N ASN K 1535 23.14 -2.23 -81.17
CA ASN K 1535 21.71 -2.17 -81.54
C ASN K 1535 21.57 -1.86 -83.02
N PRO K 1536 20.63 -2.49 -83.75
CA PRO K 1536 20.41 -2.16 -85.16
C PRO K 1536 19.93 -0.70 -85.27
N ILE K 1537 20.43 0.01 -86.28
CA ILE K 1537 20.04 1.42 -86.58
C ILE K 1537 19.04 1.39 -87.72
N PRO K 1538 17.73 1.64 -87.46
CA PRO K 1538 16.75 1.83 -88.53
C PRO K 1538 17.23 2.87 -89.55
N ILE K 1539 17.17 2.53 -90.83
CA ILE K 1539 17.51 3.45 -91.95
C ILE K 1539 16.21 3.99 -92.59
N ALA K 1540 15.27 3.12 -92.94
CA ALA K 1540 14.03 3.53 -93.66
C ALA K 1540 13.01 2.39 -93.70
N VAL K 1541 11.73 2.76 -93.77
CA VAL K 1541 10.62 1.84 -94.12
C VAL K 1541 9.99 2.38 -95.40
N LEU K 1542 10.21 1.69 -96.52
CA LEU K 1542 9.94 2.22 -97.88
C LEU K 1542 8.87 1.39 -98.58
N ASP K 1543 7.89 2.07 -99.17
CA ASP K 1543 6.83 1.45 -100.01
C ASP K 1543 7.40 1.35 -101.43
N SER K 1544 7.10 0.25 -102.10
CA SER K 1544 7.35 0.04 -103.55
C SER K 1544 6.18 -0.77 -104.12
N TYR K 1545 6.10 -0.84 -105.43
CA TYR K 1545 5.04 -1.55 -106.18
C TYR K 1545 5.69 -2.48 -107.18
N THR K 1546 5.11 -3.65 -107.37
CA THR K 1546 5.44 -4.52 -108.52
C THR K 1546 4.65 -4.02 -109.72
N PRO K 1547 5.22 -4.06 -110.93
CA PRO K 1547 4.54 -3.52 -112.10
C PRO K 1547 3.30 -4.35 -112.43
N SER K 1548 2.37 -3.77 -113.21
CA SER K 1548 1.09 -4.39 -113.66
C SER K 1548 1.39 -5.54 -114.63
N THR K 1549 2.54 -5.47 -115.31
CA THR K 1549 2.98 -6.42 -116.35
C THR K 1549 4.44 -6.81 -116.06
N ASN K 1550 4.80 -8.05 -116.36
CA ASN K 1550 6.18 -8.59 -116.18
C ASN K 1550 6.89 -8.67 -117.51
N GLU K 1551 6.30 -8.14 -118.59
CA GLU K 1551 6.94 -8.18 -119.94
C GLU K 1551 8.12 -7.23 -120.04
N PRO K 1552 8.07 -5.99 -119.49
CA PRO K 1552 9.21 -5.09 -119.54
C PRO K 1552 10.45 -5.72 -118.89
N TYR K 1553 10.31 -6.26 -117.66
CA TYR K 1553 11.45 -6.89 -116.95
C TYR K 1553 11.89 -8.11 -117.75
N ALA K 1554 10.95 -8.91 -118.25
CA ALA K 1554 11.22 -10.10 -119.08
C ALA K 1554 12.10 -9.68 -120.26
N ARG K 1555 11.81 -8.53 -120.88
CA ARG K 1555 12.51 -8.12 -122.12
C ARG K 1555 13.96 -7.74 -121.84
N VAL K 1556 14.18 -6.90 -120.83
CA VAL K 1556 15.54 -6.38 -120.49
C VAL K 1556 16.39 -7.50 -119.88
N SER K 1557 15.80 -8.35 -119.02
CA SER K 1557 16.51 -9.45 -118.30
C SER K 1557 16.80 -10.66 -119.20
N GLY K 1558 16.00 -10.92 -120.22
CA GLY K 1558 16.08 -12.16 -121.02
C GLY K 1558 15.42 -13.33 -120.29
N ASP K 1559 14.74 -13.09 -119.18
CA ASP K 1559 14.02 -14.14 -118.41
C ASP K 1559 12.59 -14.23 -118.97
N LEU K 1560 12.46 -14.96 -120.06
CA LEU K 1560 11.19 -15.18 -120.80
C LEU K 1560 10.46 -16.40 -120.21
N ASN K 1561 10.58 -16.64 -118.91
CA ASN K 1561 9.88 -17.75 -118.25
C ASN K 1561 8.37 -17.51 -118.41
N PRO K 1562 7.62 -18.41 -119.06
CA PRO K 1562 6.18 -18.17 -119.29
C PRO K 1562 5.34 -17.92 -118.05
N ILE K 1563 5.77 -18.39 -116.88
CA ILE K 1563 4.96 -18.29 -115.63
C ILE K 1563 4.78 -16.83 -115.24
N HIS K 1564 5.63 -15.92 -115.71
CA HIS K 1564 5.55 -14.49 -115.35
C HIS K 1564 4.62 -13.74 -116.28
N VAL K 1565 4.35 -14.25 -117.48
CA VAL K 1565 3.65 -13.50 -118.56
C VAL K 1565 2.38 -14.21 -119.06
N SER K 1566 2.32 -15.54 -119.03
CA SER K 1566 1.26 -16.37 -119.68
C SER K 1566 0.40 -17.04 -118.62
N ARG K 1567 -0.84 -16.58 -118.46
CA ARG K 1567 -1.87 -17.13 -117.54
C ARG K 1567 -1.88 -18.65 -117.61
N HIS K 1568 -1.80 -19.24 -118.81
CA HIS K 1568 -2.00 -20.72 -118.95
C HIS K 1568 -0.84 -21.48 -118.29
N PHE K 1569 0.39 -21.05 -118.49
CA PHE K 1569 1.59 -21.69 -117.89
C PHE K 1569 1.56 -21.51 -116.38
N ALA K 1570 1.22 -20.31 -115.92
CA ALA K 1570 1.15 -20.03 -114.48
C ALA K 1570 0.10 -20.97 -113.85
N SER K 1571 -1.04 -21.17 -114.50
CA SER K 1571 -2.14 -22.07 -114.07
C SER K 1571 -1.64 -23.52 -114.06
N TYR K 1572 -1.00 -23.94 -115.14
CA TYR K 1572 -0.49 -25.33 -115.26
C TYR K 1572 0.54 -25.61 -114.14
N ALA K 1573 1.32 -24.61 -113.78
CA ALA K 1573 2.43 -24.68 -112.78
C ALA K 1573 1.88 -24.50 -111.36
N ASN K 1574 0.57 -24.30 -111.22
CA ASN K 1574 -0.19 -24.26 -109.94
C ASN K 1574 0.19 -22.99 -109.18
N LEU K 1575 0.53 -21.91 -109.87
CA LEU K 1575 0.88 -20.63 -109.23
C LEU K 1575 -0.40 -19.82 -109.02
N PRO K 1576 -0.39 -18.83 -108.10
CA PRO K 1576 -1.54 -17.97 -107.87
C PRO K 1576 -1.86 -16.97 -109.00
N GLY K 1577 -1.06 -16.97 -110.06
CA GLY K 1577 -1.20 -16.06 -111.21
C GLY K 1577 0.14 -15.86 -111.86
N THR K 1578 0.26 -14.88 -112.75
CA THR K 1578 1.51 -14.54 -113.49
C THR K 1578 2.42 -13.74 -112.55
N ILE K 1579 3.17 -14.47 -111.73
CA ILE K 1579 3.93 -13.90 -110.57
C ILE K 1579 5.01 -12.94 -111.08
N THR K 1580 5.28 -11.90 -110.32
CA THR K 1580 6.44 -11.00 -110.51
C THR K 1580 7.72 -11.83 -110.50
N HIS K 1581 8.62 -11.58 -111.46
CA HIS K 1581 10.04 -12.04 -111.43
C HIS K 1581 10.62 -11.76 -110.04
N GLY K 1582 11.13 -12.76 -109.34
CA GLY K 1582 11.90 -12.56 -108.10
C GLY K 1582 13.01 -11.55 -108.32
N MET K 1583 13.67 -11.62 -109.47
CA MET K 1583 14.79 -10.73 -109.83
C MET K 1583 14.34 -9.29 -110.05
N PHE K 1584 13.06 -9.05 -110.33
CA PHE K 1584 12.52 -7.68 -110.40
C PHE K 1584 12.50 -7.15 -108.97
N SER K 1585 11.93 -7.91 -108.04
CA SER K 1585 11.83 -7.53 -106.61
C SER K 1585 13.24 -7.30 -106.04
N SER K 1586 14.23 -8.09 -106.46
CA SER K 1586 15.64 -7.98 -106.05
C SER K 1586 16.17 -6.62 -106.48
N ALA K 1587 16.10 -6.34 -107.77
CA ALA K 1587 16.61 -5.09 -108.37
C ALA K 1587 15.87 -3.89 -107.79
N SER K 1588 14.59 -4.06 -107.47
CA SER K 1588 13.72 -2.97 -106.99
C SER K 1588 14.10 -2.62 -105.56
N VAL K 1589 14.25 -3.62 -104.71
CA VAL K 1589 14.63 -3.39 -103.28
C VAL K 1589 16.09 -2.93 -103.26
N ARG K 1590 16.94 -3.45 -104.14
CA ARG K 1590 18.34 -2.99 -104.19
C ARG K 1590 18.41 -1.50 -104.53
N ALA K 1591 17.51 -0.97 -105.36
CA ALA K 1591 17.46 0.45 -105.77
C ALA K 1591 17.13 1.32 -104.57
N LEU K 1592 16.25 0.82 -103.70
CA LEU K 1592 15.90 1.48 -102.42
C LEU K 1592 17.11 1.51 -101.49
N ILE K 1593 17.82 0.39 -101.35
CA ILE K 1593 19.02 0.28 -100.47
C ILE K 1593 20.03 1.32 -100.95
N GLU K 1594 20.38 1.24 -102.23
CA GLU K 1594 21.30 2.15 -102.94
C GLU K 1594 20.92 3.60 -102.66
N ASN K 1595 19.63 3.93 -102.72
CA ASN K 1595 19.14 5.31 -102.52
C ASN K 1595 19.32 5.72 -101.05
N TRP K 1596 18.79 4.92 -100.14
CA TRP K 1596 18.73 5.26 -98.70
C TRP K 1596 20.05 4.94 -97.99
N ALA K 1597 20.48 3.68 -98.00
CA ALA K 1597 21.66 3.22 -97.22
C ALA K 1597 22.94 3.81 -97.80
N ALA K 1598 23.08 3.82 -99.12
CA ALA K 1598 24.27 4.31 -99.85
C ALA K 1598 24.14 5.78 -100.26
N ASP K 1599 23.05 6.47 -99.89
CA ASP K 1599 22.82 7.90 -100.23
C ASP K 1599 22.97 8.12 -101.74
N SER K 1600 22.53 7.15 -102.54
CA SER K 1600 22.51 7.19 -104.02
C SER K 1600 23.91 7.28 -104.62
N VAL K 1601 24.95 6.86 -103.90
CA VAL K 1601 26.30 6.64 -104.48
C VAL K 1601 26.40 5.15 -104.80
N SER K 1602 26.13 4.76 -106.04
CA SER K 1602 25.95 3.34 -106.43
C SER K 1602 27.24 2.56 -106.14
N SER K 1603 28.41 3.19 -106.31
CA SER K 1603 29.75 2.56 -106.12
C SER K 1603 29.89 2.00 -104.70
N ARG K 1604 29.22 2.59 -103.71
CA ARG K 1604 29.31 2.16 -102.31
C ARG K 1604 28.73 0.76 -102.13
N VAL K 1605 27.84 0.27 -103.00
CA VAL K 1605 27.16 -1.04 -102.77
C VAL K 1605 28.10 -2.11 -103.29
N ARG K 1606 28.61 -2.96 -102.41
CA ARG K 1606 29.71 -3.89 -102.77
C ARG K 1606 29.20 -5.31 -102.76
N GLY K 1607 28.18 -5.58 -101.98
CA GLY K 1607 27.51 -6.87 -101.99
C GLY K 1607 26.03 -6.69 -101.71
N TYR K 1608 25.24 -7.62 -102.22
CA TYR K 1608 23.78 -7.62 -102.08
C TYR K 1608 23.35 -9.06 -102.22
N THR K 1609 22.62 -9.57 -101.24
CA THR K 1609 22.02 -10.92 -101.30
C THR K 1609 20.54 -10.77 -101.00
N CYS K 1610 19.70 -11.56 -101.68
CA CYS K 1610 18.25 -11.60 -101.40
C CYS K 1610 17.80 -13.06 -101.36
N GLN K 1611 16.96 -13.38 -100.39
CA GLN K 1611 16.24 -14.66 -100.26
C GLN K 1611 14.79 -14.41 -100.69
N PHE K 1612 14.37 -15.12 -101.72
CA PHE K 1612 12.98 -15.08 -102.26
C PHE K 1612 12.14 -15.99 -101.38
N VAL K 1613 11.48 -15.39 -100.41
CA VAL K 1613 10.77 -16.15 -99.36
C VAL K 1613 9.40 -16.59 -99.90
N ASP K 1614 8.74 -15.73 -100.66
CA ASP K 1614 7.35 -15.96 -101.12
C ASP K 1614 7.11 -15.20 -102.42
N MET K 1615 6.16 -15.69 -103.22
CA MET K 1615 5.87 -15.20 -104.58
C MET K 1615 5.11 -13.89 -104.49
N VAL K 1616 5.29 -13.03 -105.49
CA VAL K 1616 4.63 -11.70 -105.53
C VAL K 1616 3.79 -11.67 -106.80
N LEU K 1617 2.57 -11.15 -106.69
CA LEU K 1617 1.67 -10.92 -107.84
C LEU K 1617 1.89 -9.49 -108.34
N PRO K 1618 1.64 -9.24 -109.65
CA PRO K 1618 1.64 -7.87 -110.17
C PRO K 1618 0.71 -6.96 -109.37
N ASN K 1619 1.02 -5.65 -109.35
CA ASN K 1619 0.23 -4.61 -108.64
C ASN K 1619 0.15 -4.96 -107.15
N THR K 1620 1.27 -5.38 -106.57
CA THR K 1620 1.43 -5.57 -105.11
C THR K 1620 2.17 -4.34 -104.56
N ALA K 1621 1.72 -3.84 -103.42
CA ALA K 1621 2.39 -2.82 -102.59
C ALA K 1621 3.30 -3.53 -101.58
N LEU K 1622 4.61 -3.38 -101.76
CA LEU K 1622 5.65 -4.00 -100.89
C LEU K 1622 6.16 -2.92 -99.93
N LYS K 1623 6.34 -3.28 -98.65
CA LYS K 1623 6.96 -2.44 -97.59
C LYS K 1623 8.32 -3.06 -97.19
N THR K 1624 9.42 -2.36 -97.48
CA THR K 1624 10.81 -2.78 -97.17
C THR K 1624 11.35 -2.00 -95.97
N SER K 1625 11.59 -2.69 -94.85
CA SER K 1625 12.32 -2.18 -93.65
C SER K 1625 13.81 -2.41 -93.89
N ILE K 1626 14.60 -1.34 -93.85
CA ILE K 1626 16.09 -1.38 -94.04
C ILE K 1626 16.73 -0.97 -92.71
N GLN K 1627 17.70 -1.75 -92.24
CA GLN K 1627 18.41 -1.53 -90.95
C GLN K 1627 19.91 -1.69 -91.16
N HIS K 1628 20.72 -0.84 -90.51
CA HIS K 1628 22.18 -1.07 -90.30
C HIS K 1628 22.35 -1.98 -89.10
N VAL K 1629 22.81 -3.22 -89.30
CA VAL K 1629 22.85 -4.24 -88.23
C VAL K 1629 24.28 -4.56 -87.80
N GLY K 1630 25.28 -4.27 -88.64
CA GLY K 1630 26.67 -4.60 -88.31
C GLY K 1630 27.67 -4.04 -89.27
N MET K 1631 28.90 -4.54 -89.17
CA MET K 1631 30.02 -4.14 -90.06
C MET K 1631 30.68 -5.40 -90.58
N ILE K 1632 31.28 -5.31 -91.74
CA ILE K 1632 32.18 -6.38 -92.23
C ILE K 1632 33.29 -5.67 -93.02
N ASN K 1633 34.52 -5.68 -92.49
CA ASN K 1633 35.74 -5.21 -93.19
C ASN K 1633 35.56 -3.76 -93.62
N GLY K 1634 35.05 -2.93 -92.72
CA GLY K 1634 34.86 -1.50 -93.00
C GLY K 1634 33.55 -1.18 -93.70
N ARG K 1635 32.84 -2.17 -94.23
CA ARG K 1635 31.54 -1.97 -94.92
C ARG K 1635 30.43 -2.10 -93.90
N LYS K 1636 29.37 -1.31 -94.06
CA LYS K 1636 28.15 -1.43 -93.25
C LYS K 1636 27.38 -2.66 -93.72
N LEU K 1637 26.79 -3.36 -92.78
CA LEU K 1637 25.95 -4.54 -93.08
C LEU K 1637 24.50 -4.11 -92.91
N ILE K 1638 23.79 -4.01 -94.03
CA ILE K 1638 22.37 -3.57 -94.08
C ILE K 1638 21.53 -4.82 -94.16
N LYS K 1639 20.55 -4.99 -93.29
CA LYS K 1639 19.53 -6.07 -93.41
C LYS K 1639 18.24 -5.42 -93.93
N PHE K 1640 17.53 -6.11 -94.80
CA PHE K 1640 16.18 -5.67 -95.25
C PHE K 1640 15.22 -6.82 -95.18
N GLU K 1641 13.95 -6.48 -95.02
CA GLU K 1641 12.81 -7.42 -95.02
C GLU K 1641 11.66 -6.74 -95.75
N THR K 1642 11.27 -7.28 -96.90
CA THR K 1642 10.12 -6.78 -97.71
C THR K 1642 8.90 -7.63 -97.37
N ARG K 1643 7.83 -6.96 -96.95
CA ARG K 1643 6.51 -7.58 -96.68
C ARG K 1643 5.50 -7.12 -97.73
N ASN K 1644 4.51 -7.95 -98.03
CA ASN K 1644 3.35 -7.62 -98.91
C ASN K 1644 2.23 -6.99 -98.04
N GLU K 1645 1.11 -6.65 -98.67
CA GLU K 1645 -0.08 -5.99 -98.05
C GLU K 1645 -0.64 -6.84 -96.90
N ASP K 1646 -0.52 -8.17 -96.99
CA ASP K 1646 -0.98 -9.14 -95.96
C ASP K 1646 0.08 -9.27 -94.84
N ASP K 1647 1.11 -8.41 -94.83
CA ASP K 1647 2.21 -8.40 -93.81
C ASP K 1647 3.01 -9.72 -93.87
N VAL K 1648 3.03 -10.40 -95.03
CA VAL K 1648 3.75 -11.69 -95.26
C VAL K 1648 5.14 -11.35 -95.80
N VAL K 1649 6.19 -11.96 -95.24
CA VAL K 1649 7.58 -11.69 -95.70
C VAL K 1649 7.76 -12.37 -97.07
N VAL K 1650 8.15 -11.57 -98.03
CA VAL K 1650 8.25 -11.92 -99.47
C VAL K 1650 9.72 -11.94 -99.89
N LEU K 1651 10.53 -11.10 -99.26
CA LEU K 1651 11.95 -10.92 -99.61
C LEU K 1651 12.72 -10.52 -98.35
N THR K 1652 13.80 -11.22 -98.05
CA THR K 1652 14.77 -10.83 -97.01
C THR K 1652 16.15 -10.76 -97.66
N GLY K 1653 17.02 -9.98 -97.09
CA GLY K 1653 18.43 -10.06 -97.53
C GLY K 1653 19.32 -9.11 -96.78
N GLU K 1654 20.44 -8.83 -97.39
CA GLU K 1654 21.44 -7.93 -96.77
C GLU K 1654 22.30 -7.33 -97.86
N ALA K 1655 22.81 -6.15 -97.59
CA ALA K 1655 23.77 -5.47 -98.46
C ALA K 1655 24.97 -5.09 -97.62
N GLU K 1656 26.09 -4.91 -98.31
CA GLU K 1656 27.38 -4.47 -97.74
C GLU K 1656 27.67 -3.15 -98.43
N ILE K 1657 27.60 -2.07 -97.66
CA ILE K 1657 27.75 -0.69 -98.19
C ILE K 1657 29.08 -0.13 -97.67
N GLU K 1658 29.93 0.33 -98.58
CA GLU K 1658 31.17 1.08 -98.27
C GLU K 1658 30.80 2.28 -97.38
N GLN K 1659 31.55 2.52 -96.32
CA GLN K 1659 31.43 3.75 -95.50
C GLN K 1659 31.83 4.95 -96.36
N PRO K 1660 31.40 6.17 -96.00
CA PRO K 1660 31.93 7.40 -96.60
C PRO K 1660 33.46 7.42 -96.62
N VAL K 1661 34.06 8.06 -97.62
CA VAL K 1661 35.54 8.14 -97.75
C VAL K 1661 36.09 8.65 -96.41
N THR K 1662 37.06 7.93 -95.87
CA THR K 1662 37.54 8.11 -94.48
C THR K 1662 39.03 8.37 -94.51
N THR K 1663 39.47 9.23 -93.61
CA THR K 1663 40.91 9.43 -93.29
C THR K 1663 41.07 9.21 -91.79
N PHE K 1664 42.09 8.46 -91.42
CA PHE K 1664 42.51 8.39 -89.99
C PHE K 1664 43.71 9.29 -89.81
N VAL K 1665 43.63 10.11 -88.78
CA VAL K 1665 44.76 11.01 -88.42
C VAL K 1665 45.12 10.71 -86.98
N PHE K 1666 46.40 10.49 -86.75
CA PHE K 1666 46.97 10.04 -85.45
C PHE K 1666 47.69 11.24 -84.83
N THR K 1667 47.21 11.66 -83.67
CA THR K 1667 47.79 12.74 -82.84
C THR K 1667 49.24 12.39 -82.47
N GLY K 1668 50.07 13.42 -82.25
CA GLY K 1668 51.46 13.31 -81.78
C GLY K 1668 51.55 13.75 -80.33
N GLN K 1669 52.75 14.15 -79.91
CA GLN K 1669 53.06 14.49 -78.49
C GLN K 1669 52.40 15.81 -78.14
N GLY K 1670 52.12 16.00 -76.85
CA GLY K 1670 51.44 17.16 -76.27
C GLY K 1670 50.08 16.76 -75.76
N SER K 1671 49.47 15.76 -76.42
CA SER K 1671 48.09 15.28 -76.21
C SER K 1671 47.98 14.34 -75.01
N GLN K 1672 49.08 13.70 -74.58
CA GLN K 1672 49.08 12.62 -73.55
C GLN K 1672 48.57 13.18 -72.21
N GLU K 1673 47.80 12.36 -71.50
CA GLU K 1673 47.40 12.61 -70.08
C GLU K 1673 47.40 11.28 -69.33
N GLN K 1674 47.55 11.35 -68.01
CA GLN K 1674 47.44 10.20 -67.10
C GLN K 1674 46.11 9.49 -67.34
N GLY K 1675 46.15 8.18 -67.47
CA GLY K 1675 44.95 7.32 -67.59
C GLY K 1675 44.47 7.15 -69.01
N MET K 1676 45.16 7.74 -70.00
CA MET K 1676 44.70 7.67 -71.41
C MET K 1676 44.67 6.22 -71.88
N GLY K 1677 43.55 5.81 -72.49
CA GLY K 1677 43.35 4.46 -73.04
C GLY K 1677 42.98 3.42 -72.01
N MET K 1678 42.86 3.79 -70.74
CA MET K 1678 42.72 2.81 -69.64
C MET K 1678 41.27 2.32 -69.51
N ASP K 1679 40.29 3.12 -69.92
CA ASP K 1679 38.87 2.69 -70.05
C ASP K 1679 38.78 1.63 -71.13
N LEU K 1680 39.37 1.89 -72.29
CA LEU K 1680 39.35 0.94 -73.40
C LEU K 1680 40.07 -0.36 -72.98
N TYR K 1681 41.20 -0.24 -72.27
CA TYR K 1681 42.01 -1.39 -71.80
C TYR K 1681 41.15 -2.31 -70.93
N LYS K 1682 40.31 -1.75 -70.06
CA LYS K 1682 39.38 -2.54 -69.21
C LYS K 1682 38.41 -3.36 -70.08
N THR K 1683 37.82 -2.75 -71.12
CA THR K 1683 36.64 -3.30 -71.85
C THR K 1683 37.06 -4.17 -73.03
N SER K 1684 38.05 -3.75 -73.81
CA SER K 1684 38.38 -4.29 -75.15
C SER K 1684 39.48 -5.35 -75.08
N LYS K 1685 39.25 -6.51 -75.67
CA LYS K 1685 40.24 -7.60 -75.79
C LYS K 1685 41.35 -7.17 -76.76
N ALA K 1686 41.02 -6.43 -77.81
CA ALA K 1686 42.01 -5.95 -78.80
C ALA K 1686 43.00 -4.99 -78.14
N ALA K 1687 42.50 -4.03 -77.35
CA ALA K 1687 43.29 -3.02 -76.64
C ALA K 1687 44.15 -3.72 -75.57
N GLN K 1688 43.58 -4.69 -74.84
CA GLN K 1688 44.31 -5.49 -73.83
C GLN K 1688 45.51 -6.17 -74.48
N ASP K 1689 45.33 -6.83 -75.63
CA ASP K 1689 46.43 -7.52 -76.32
C ASP K 1689 47.55 -6.53 -76.70
N VAL K 1690 47.20 -5.31 -77.09
CA VAL K 1690 48.21 -4.29 -77.50
C VAL K 1690 49.03 -3.92 -76.27
N TRP K 1691 48.35 -3.41 -75.25
CA TRP K 1691 48.99 -2.94 -74.01
C TRP K 1691 49.78 -4.07 -73.37
N ASN K 1692 49.22 -5.26 -73.25
CA ASN K 1692 49.84 -6.36 -72.49
C ASN K 1692 51.11 -6.78 -73.21
N ARG K 1693 51.05 -6.90 -74.53
CA ARG K 1693 52.25 -7.23 -75.33
C ARG K 1693 53.35 -6.18 -75.15
N ALA K 1694 53.00 -4.92 -75.11
CA ALA K 1694 53.97 -3.82 -74.96
C ALA K 1694 54.47 -3.81 -73.50
N ASP K 1695 53.56 -3.94 -72.54
CA ASP K 1695 53.92 -3.92 -71.10
C ASP K 1695 54.89 -5.06 -70.81
N ASN K 1696 54.62 -6.24 -71.34
CA ASN K 1696 55.48 -7.43 -71.15
C ASN K 1696 56.85 -7.17 -71.74
N HIS K 1697 56.90 -6.59 -72.93
CA HIS K 1697 58.17 -6.32 -73.62
C HIS K 1697 59.00 -5.34 -72.80
N PHE K 1698 58.39 -4.26 -72.32
CA PHE K 1698 59.05 -3.26 -71.46
C PHE K 1698 59.50 -3.85 -70.12
N LYS K 1699 58.63 -4.54 -69.40
CA LYS K 1699 58.96 -5.21 -68.11
C LYS K 1699 60.14 -6.14 -68.33
N ASP K 1700 60.07 -7.00 -69.35
CA ASP K 1700 61.08 -8.06 -69.58
C ASP K 1700 62.41 -7.46 -70.05
N THR K 1701 62.37 -6.34 -70.79
CA THR K 1701 63.56 -5.79 -71.47
C THR K 1701 64.16 -4.65 -70.68
N TYR K 1702 63.36 -3.72 -70.22
CA TYR K 1702 63.85 -2.48 -69.56
C TYR K 1702 63.42 -2.39 -68.09
N GLY K 1703 62.68 -3.38 -67.58
CA GLY K 1703 62.32 -3.43 -66.17
C GLY K 1703 61.33 -2.37 -65.77
N PHE K 1704 60.50 -1.86 -66.67
CA PHE K 1704 59.42 -0.95 -66.24
C PHE K 1704 58.14 -1.30 -67.00
N SER K 1705 57.03 -0.91 -66.43
CA SER K 1705 55.67 -1.12 -67.00
C SER K 1705 55.26 0.20 -67.63
N ILE K 1706 55.03 0.20 -68.93
CA ILE K 1706 54.45 1.37 -69.63
C ILE K 1706 53.03 1.61 -69.12
N LEU K 1707 52.30 0.54 -68.78
CA LEU K 1707 50.96 0.66 -68.13
C LEU K 1707 51.07 1.41 -66.81
N ASP K 1708 52.08 1.09 -66.00
CA ASP K 1708 52.26 1.74 -64.66
C ASP K 1708 52.46 3.24 -64.85
N ILE K 1709 53.26 3.62 -65.83
CA ILE K 1709 53.58 5.05 -66.13
C ILE K 1709 52.30 5.75 -66.60
N VAL K 1710 51.51 5.11 -67.46
CA VAL K 1710 50.24 5.70 -67.96
C VAL K 1710 49.28 5.88 -66.79
N ILE K 1711 49.11 4.87 -65.95
CA ILE K 1711 48.09 4.86 -64.87
C ILE K 1711 48.50 5.81 -63.72
N ASN K 1712 49.76 5.80 -63.32
CA ASN K 1712 50.23 6.43 -62.05
C ASN K 1712 51.08 7.67 -62.33
N ASN K 1713 51.61 7.82 -63.54
CA ASN K 1713 52.48 8.97 -63.94
C ASN K 1713 53.46 9.29 -62.81
N PRO K 1714 54.38 8.37 -62.46
CA PRO K 1714 55.31 8.62 -61.36
C PRO K 1714 56.27 9.74 -61.76
N VAL K 1715 56.75 10.48 -60.78
CA VAL K 1715 57.71 11.60 -60.98
C VAL K 1715 59.08 10.99 -61.29
N ASN K 1716 59.49 9.97 -60.54
CA ASN K 1716 60.75 9.24 -60.83
C ASN K 1716 60.47 7.74 -60.92
N LEU K 1717 61.37 7.05 -61.59
CA LEU K 1717 61.28 5.60 -61.76
C LEU K 1717 62.69 5.06 -61.65
N THR K 1718 62.91 4.23 -60.66
CA THR K 1718 64.21 3.54 -60.49
C THR K 1718 64.03 2.13 -61.02
N ILE K 1719 64.96 1.76 -61.87
CA ILE K 1719 65.15 0.42 -62.44
C ILE K 1719 66.27 -0.24 -61.64
N HIS K 1720 66.01 -1.42 -61.08
CA HIS K 1720 67.02 -2.17 -60.28
C HIS K 1720 67.58 -3.30 -61.11
N PHE K 1721 68.90 -3.47 -61.06
CA PHE K 1721 69.68 -4.45 -61.85
C PHE K 1721 70.13 -5.61 -60.99
N GLY K 1722 69.36 -5.95 -59.96
CA GLY K 1722 69.73 -7.04 -59.05
C GLY K 1722 69.29 -8.37 -59.59
N GLY K 1723 70.07 -9.40 -59.28
CA GLY K 1723 69.72 -10.77 -59.64
C GLY K 1723 69.99 -11.02 -61.08
N GLU K 1724 69.72 -12.24 -61.56
CA GLU K 1724 69.98 -12.66 -62.95
C GLU K 1724 69.11 -11.81 -63.89
N LYS K 1725 67.82 -11.69 -63.59
CA LYS K 1725 66.90 -10.92 -64.47
C LYS K 1725 67.38 -9.48 -64.57
N GLY K 1726 67.85 -8.91 -63.46
CA GLY K 1726 68.33 -7.52 -63.39
C GLY K 1726 69.56 -7.28 -64.21
N LYS K 1727 70.45 -8.28 -64.28
CA LYS K 1727 71.70 -8.19 -65.07
C LYS K 1727 71.35 -8.21 -66.54
N ARG K 1728 70.37 -9.03 -66.92
CA ARG K 1728 69.86 -9.14 -68.31
C ARG K 1728 69.24 -7.81 -68.73
N ILE K 1729 68.44 -7.20 -67.86
CA ILE K 1729 67.84 -5.86 -68.11
C ILE K 1729 68.96 -4.82 -68.19
N ARG K 1730 69.96 -4.91 -67.34
CA ARG K 1730 71.08 -3.94 -67.38
C ARG K 1730 71.79 -4.06 -68.72
N GLU K 1731 72.10 -5.28 -69.16
CA GLU K 1731 72.72 -5.54 -70.50
C GLU K 1731 71.89 -4.82 -71.56
N ASN K 1732 70.58 -5.01 -71.58
CA ASN K 1732 69.69 -4.37 -72.60
C ASN K 1732 69.93 -2.86 -72.57
N TYR K 1733 70.03 -2.21 -71.40
CA TYR K 1733 70.26 -0.74 -71.32
C TYR K 1733 71.64 -0.37 -71.88
N SER K 1734 72.62 -1.25 -71.69
CA SER K 1734 74.04 -1.05 -72.09
C SER K 1734 74.19 -1.27 -73.60
N ALA K 1735 73.60 -2.37 -74.10
CA ALA K 1735 73.52 -2.76 -75.54
C ALA K 1735 72.69 -1.75 -76.35
N MET K 1736 71.89 -0.90 -75.70
CA MET K 1736 71.21 0.27 -76.32
C MET K 1736 72.27 1.29 -76.72
N ILE K 1737 72.59 1.37 -78.01
CA ILE K 1737 73.75 2.11 -78.58
C ILE K 1737 73.33 2.92 -79.82
N PHE K 1738 73.95 4.10 -80.01
CA PHE K 1738 73.92 4.86 -81.28
C PHE K 1738 74.95 4.27 -82.24
N GLU K 1739 74.51 3.84 -83.43
CA GLU K 1739 75.35 3.24 -84.49
C GLU K 1739 75.50 4.26 -85.64
N THR K 1740 76.57 5.07 -85.58
CA THR K 1740 76.92 6.12 -86.58
C THR K 1740 78.07 5.60 -87.47
N ILE K 1741 78.11 6.04 -88.74
CA ILE K 1741 79.23 5.81 -89.71
C ILE K 1741 79.99 7.13 -89.86
N VAL K 1742 81.25 7.17 -89.42
CA VAL K 1742 82.19 8.34 -89.55
C VAL K 1742 83.46 7.88 -90.29
N ASP K 1743 83.68 8.39 -91.50
CA ASP K 1743 84.86 8.11 -92.38
C ASP K 1743 84.95 6.60 -92.68
N GLY K 1744 83.81 5.98 -93.02
CA GLY K 1744 83.68 4.54 -93.32
C GLY K 1744 84.06 3.66 -92.14
N LYS K 1745 83.77 4.11 -90.91
CA LYS K 1745 84.08 3.42 -89.63
C LYS K 1745 82.85 3.46 -88.71
N LEU K 1746 82.45 2.31 -88.15
CA LEU K 1746 81.30 2.18 -87.20
C LEU K 1746 81.74 2.69 -85.82
N LYS K 1747 81.27 3.89 -85.43
CA LYS K 1747 81.55 4.53 -84.12
C LYS K 1747 80.30 4.37 -83.24
N THR K 1748 80.20 3.26 -82.50
CA THR K 1748 79.09 2.92 -81.58
C THR K 1748 79.24 3.73 -80.29
N GLU K 1749 78.27 4.59 -79.99
CA GLU K 1749 78.17 5.39 -78.74
C GLU K 1749 77.07 4.76 -77.85
N LYS K 1750 77.08 5.07 -76.55
CA LYS K 1750 76.13 4.52 -75.55
C LYS K 1750 75.10 5.59 -75.16
N ILE K 1751 73.81 5.26 -75.24
CA ILE K 1751 72.74 5.96 -74.47
C ILE K 1751 72.83 5.39 -73.05
N PHE K 1752 72.55 6.19 -72.03
CA PHE K 1752 72.77 5.77 -70.62
C PHE K 1752 74.28 5.52 -70.44
N LYS K 1753 75.03 6.62 -70.38
CA LYS K 1753 76.49 6.60 -70.10
C LYS K 1753 76.71 6.15 -68.65
N GLU K 1754 75.87 6.62 -67.72
CA GLU K 1754 75.98 6.34 -66.26
C GLU K 1754 75.72 4.86 -65.95
N ILE K 1755 75.17 4.07 -66.88
CA ILE K 1755 74.93 2.60 -66.68
C ILE K 1755 76.16 1.85 -67.18
N ASN K 1756 76.87 1.21 -66.25
CA ASN K 1756 78.03 0.31 -66.50
C ASN K 1756 77.73 -1.03 -65.81
N GLU K 1757 78.70 -1.98 -65.87
CA GLU K 1757 78.60 -3.34 -65.29
C GLU K 1757 78.59 -3.33 -63.74
N HIS K 1758 78.84 -2.19 -63.07
CA HIS K 1758 78.81 -2.04 -61.59
C HIS K 1758 77.58 -1.24 -61.13
N SER K 1759 76.67 -0.89 -62.04
CA SER K 1759 75.46 -0.12 -61.70
C SER K 1759 74.46 -1.09 -61.10
N THR K 1760 73.81 -0.68 -60.02
CA THR K 1760 72.80 -1.53 -59.37
C THR K 1760 71.42 -0.97 -59.67
N SER K 1761 71.36 0.27 -60.10
CA SER K 1761 70.09 0.93 -60.43
C SER K 1761 70.32 2.07 -61.45
N TYR K 1762 69.22 2.51 -62.03
CA TYR K 1762 69.15 3.71 -62.89
C TYR K 1762 67.83 4.38 -62.61
N THR K 1763 67.83 5.66 -62.28
CA THR K 1763 66.62 6.48 -62.05
C THR K 1763 66.39 7.39 -63.26
N PHE K 1764 65.25 7.21 -63.93
CA PHE K 1764 64.60 8.19 -64.82
C PHE K 1764 63.98 9.30 -63.96
N ARG K 1765 64.20 10.54 -64.37
CA ARG K 1765 63.83 11.74 -63.57
C ARG K 1765 62.88 12.62 -64.40
N SER K 1766 61.93 13.24 -63.72
CA SER K 1766 61.01 14.27 -64.28
C SER K 1766 60.63 15.24 -63.18
N GLU K 1767 60.24 16.45 -63.57
CA GLU K 1767 59.78 17.51 -62.65
C GLU K 1767 58.37 17.15 -62.15
N LYS K 1768 57.48 16.76 -63.08
CA LYS K 1768 56.00 16.67 -62.83
C LYS K 1768 55.49 15.22 -62.96
N GLY K 1769 56.04 14.45 -63.90
CA GLY K 1769 55.64 13.06 -64.14
C GLY K 1769 56.28 12.52 -65.40
N LEU K 1770 56.60 11.23 -65.42
CA LEU K 1770 57.38 10.62 -66.53
C LEU K 1770 56.53 10.45 -67.79
N LEU K 1771 55.21 10.54 -67.72
CA LEU K 1771 54.37 10.52 -68.94
C LEU K 1771 54.72 11.74 -69.81
N SER K 1772 55.23 12.82 -69.22
CA SER K 1772 55.70 14.04 -69.95
C SER K 1772 57.11 13.88 -70.53
N ALA K 1773 57.92 12.93 -70.06
CA ALA K 1773 59.27 12.67 -70.59
C ALA K 1773 59.13 11.88 -71.89
N THR K 1774 59.80 12.32 -72.95
CA THR K 1774 59.46 11.92 -74.33
C THR K 1774 59.76 10.43 -74.55
N GLN K 1775 60.63 9.80 -73.77
CA GLN K 1775 60.95 8.36 -74.01
C GLN K 1775 59.78 7.51 -73.53
N PHE K 1776 58.95 8.03 -72.64
CA PHE K 1776 57.73 7.37 -72.12
C PHE K 1776 56.47 7.86 -72.85
N THR K 1777 56.39 9.16 -73.13
CA THR K 1777 55.27 9.79 -73.87
C THR K 1777 55.09 9.05 -75.19
N GLN K 1778 56.19 8.81 -75.91
CA GLN K 1778 56.14 8.27 -77.28
C GLN K 1778 55.52 6.89 -77.28
N PRO K 1779 56.07 5.89 -76.55
CA PRO K 1779 55.43 4.58 -76.43
C PRO K 1779 53.98 4.67 -75.93
N ALA K 1780 53.72 5.46 -74.91
CA ALA K 1780 52.40 5.55 -74.27
C ALA K 1780 51.35 6.03 -75.29
N LEU K 1781 51.67 7.10 -76.04
CA LEU K 1781 50.74 7.69 -77.03
C LEU K 1781 50.57 6.68 -78.17
N THR K 1782 51.67 6.14 -78.63
CA THR K 1782 51.63 5.17 -79.74
C THR K 1782 50.76 3.98 -79.37
N LEU K 1783 50.75 3.57 -78.10
CA LEU K 1783 49.99 2.38 -77.67
C LEU K 1783 48.52 2.73 -77.53
N MET K 1784 48.22 3.89 -76.94
CA MET K 1784 46.84 4.37 -76.76
C MET K 1784 46.18 4.42 -78.16
N GLU K 1785 46.93 4.85 -79.17
CA GLU K 1785 46.42 5.03 -80.56
C GLU K 1785 46.27 3.67 -81.23
N LYS K 1786 47.27 2.82 -81.11
CA LYS K 1786 47.23 1.47 -81.69
C LYS K 1786 46.15 0.62 -80.99
N ALA K 1787 45.91 0.81 -79.70
CA ALA K 1787 44.89 0.04 -78.97
C ALA K 1787 43.50 0.50 -79.43
N ALA K 1788 43.28 1.81 -79.55
CA ALA K 1788 42.02 2.39 -80.09
C ALA K 1788 41.79 1.82 -81.49
N PHE K 1789 42.79 1.87 -82.35
CA PHE K 1789 42.65 1.40 -83.73
C PHE K 1789 42.39 -0.10 -83.78
N GLU K 1790 43.09 -0.90 -82.98
CA GLU K 1790 42.87 -2.37 -82.99
C GLU K 1790 41.45 -2.66 -82.50
N ASP K 1791 40.87 -1.84 -81.61
CA ASP K 1791 39.49 -2.06 -81.15
C ASP K 1791 38.52 -1.79 -82.32
N LEU K 1792 38.71 -0.67 -83.03
CA LEU K 1792 37.94 -0.31 -84.24
C LEU K 1792 38.00 -1.47 -85.24
N LYS K 1793 39.21 -1.96 -85.52
CA LYS K 1793 39.46 -3.06 -86.48
C LYS K 1793 38.69 -4.30 -86.04
N SER K 1794 38.65 -4.58 -84.74
CA SER K 1794 37.97 -5.78 -84.19
C SER K 1794 36.45 -5.69 -84.44
N LYS K 1795 35.91 -4.46 -84.47
CA LYS K 1795 34.47 -4.15 -84.61
C LYS K 1795 34.09 -4.04 -86.10
N GLY K 1796 35.03 -4.25 -87.01
CA GLY K 1796 34.86 -4.17 -88.48
C GLY K 1796 34.77 -2.75 -89.02
N LEU K 1797 35.28 -1.75 -88.29
CA LEU K 1797 35.02 -0.32 -88.59
C LEU K 1797 36.03 0.33 -89.53
N ILE K 1798 37.01 -0.39 -90.04
CA ILE K 1798 38.13 0.22 -90.81
C ILE K 1798 37.89 -0.07 -92.29
N PRO K 1799 37.60 0.96 -93.10
CA PRO K 1799 37.48 0.82 -94.55
C PRO K 1799 38.79 0.31 -95.13
N ALA K 1800 38.71 -0.67 -96.03
CA ALA K 1800 39.85 -1.33 -96.70
C ALA K 1800 40.74 -0.30 -97.43
N ASP K 1801 40.23 0.85 -97.85
CA ASP K 1801 40.95 1.84 -98.69
C ASP K 1801 41.05 3.21 -97.98
N ALA K 1802 40.93 3.24 -96.65
CA ALA K 1802 41.09 4.46 -95.83
C ALA K 1802 42.49 5.05 -96.07
N THR K 1803 42.57 6.37 -96.07
CA THR K 1803 43.85 7.09 -96.10
C THR K 1803 44.23 7.37 -94.66
N PHE K 1804 45.50 7.72 -94.44
CA PHE K 1804 45.95 8.01 -93.06
C PHE K 1804 47.23 8.83 -93.08
N ALA K 1805 47.35 9.58 -92.01
CA ALA K 1805 48.52 10.41 -91.71
C ALA K 1805 48.62 10.50 -90.20
N GLY K 1806 49.83 10.67 -89.71
CA GLY K 1806 50.01 10.99 -88.31
C GLY K 1806 50.80 12.25 -88.17
N HIS K 1807 50.44 13.05 -87.19
CA HIS K 1807 51.13 14.31 -86.87
C HIS K 1807 52.33 13.95 -85.99
N J8W K 1808 53.53 13.98 -86.58
CA J8W K 1808 54.78 13.81 -85.83
CB J8W K 1808 54.83 14.96 -84.81
OG J8W K 1808 55.83 14.67 -83.84
C J8W K 1808 54.92 12.36 -85.33
O J8W K 1808 55.14 11.44 -86.12
C1 J8W K 1808 56.96 14.92 -81.63
C2 J8W K 1808 55.68 14.79 -82.39
C3 J8W K 1808 57.72 13.72 -82.12
O7 J8W K 1808 54.60 14.74 -81.83
O8 J8W K 1808 58.36 13.78 -83.21
O9 J8W K 1808 57.68 12.66 -81.45
N LEU K 1809 54.75 12.15 -84.02
CA LEU K 1809 54.86 10.82 -83.43
C LEU K 1809 53.73 9.95 -84.00
N GLY K 1810 52.54 10.55 -84.14
CA GLY K 1810 51.34 9.94 -84.74
C GLY K 1810 51.67 9.13 -85.96
N GLU K 1811 52.64 9.54 -86.75
CA GLU K 1811 53.03 8.79 -87.98
C GLU K 1811 53.35 7.33 -87.66
N TYR K 1812 53.92 7.03 -86.48
CA TYR K 1812 54.39 5.66 -86.12
C TYR K 1812 53.18 4.78 -85.83
N ALA K 1813 52.26 5.29 -85.02
CA ALA K 1813 50.99 4.62 -84.68
C ALA K 1813 50.18 4.36 -85.96
N ALA K 1814 50.09 5.38 -86.81
CA ALA K 1814 49.37 5.33 -88.11
C ALA K 1814 49.90 4.18 -88.95
N LEU K 1815 51.21 4.06 -89.05
CA LEU K 1815 51.87 3.05 -89.90
C LEU K 1815 51.72 1.64 -89.33
N ALA K 1816 51.81 1.49 -88.01
CA ALA K 1816 51.61 0.21 -87.32
C ALA K 1816 50.12 -0.17 -87.43
N SER K 1817 49.24 0.82 -87.30
CA SER K 1817 47.77 0.64 -87.28
C SER K 1817 47.30 0.23 -88.68
N LEU K 1818 47.46 1.10 -89.66
CA LEU K 1818 46.84 0.94 -91.00
C LEU K 1818 47.67 0.01 -91.88
N ALA K 1819 48.99 -0.06 -91.70
CA ALA K 1819 49.87 -0.83 -92.60
C ALA K 1819 50.55 -2.03 -91.93
N ASP K 1820 50.52 -2.17 -90.59
CA ASP K 1820 51.15 -3.27 -89.83
C ASP K 1820 52.59 -3.46 -90.32
N VAL K 1821 53.34 -2.36 -90.33
CA VAL K 1821 54.76 -2.28 -90.79
C VAL K 1821 55.64 -2.83 -89.66
N MET K 1822 55.21 -2.64 -88.40
CA MET K 1822 55.92 -3.07 -87.17
C MET K 1822 54.93 -3.84 -86.31
N SER K 1823 55.42 -4.87 -85.62
CA SER K 1823 54.74 -5.50 -84.46
C SER K 1823 54.61 -4.46 -83.34
N ILE K 1824 53.70 -4.68 -82.40
CA ILE K 1824 53.60 -3.87 -81.14
C ILE K 1824 55.01 -3.73 -80.54
N GLU K 1825 55.79 -4.80 -80.50
CA GLU K 1825 57.06 -4.86 -79.73
C GLU K 1825 58.06 -3.95 -80.44
N SER K 1826 58.24 -4.18 -81.74
CA SER K 1826 59.05 -3.35 -82.68
C SER K 1826 58.65 -1.88 -82.57
N LEU K 1827 57.36 -1.60 -82.53
CA LEU K 1827 56.81 -0.24 -82.50
C LEU K 1827 57.30 0.48 -81.25
N VAL K 1828 57.00 -0.08 -80.08
CA VAL K 1828 57.30 0.58 -78.78
C VAL K 1828 58.81 0.69 -78.62
N GLU K 1829 59.57 -0.29 -79.08
CA GLU K 1829 61.06 -0.27 -79.07
C GLU K 1829 61.53 0.92 -79.92
N VAL K 1830 61.02 1.02 -81.15
CA VAL K 1830 61.43 2.08 -82.12
C VAL K 1830 61.14 3.44 -81.48
N VAL K 1831 59.96 3.64 -80.92
CA VAL K 1831 59.59 4.98 -80.40
C VAL K 1831 60.26 5.25 -79.07
N PHE K 1832 60.59 4.20 -78.30
CA PHE K 1832 61.33 4.37 -77.03
C PHE K 1832 62.72 4.92 -77.36
N TYR K 1833 63.38 4.30 -78.33
CA TYR K 1833 64.70 4.69 -78.86
C TYR K 1833 64.65 6.12 -79.42
N ARG K 1834 63.66 6.38 -80.28
CA ARG K 1834 63.41 7.70 -80.87
C ARG K 1834 63.35 8.74 -79.76
N GLY K 1835 62.59 8.45 -78.70
CA GLY K 1835 62.46 9.33 -77.54
C GLY K 1835 63.78 9.46 -76.80
N MET K 1836 64.55 8.38 -76.67
CA MET K 1836 65.83 8.42 -75.93
C MET K 1836 66.83 9.27 -76.73
N THR K 1837 66.92 9.05 -78.05
CA THR K 1837 67.72 9.86 -79.01
C THR K 1837 67.46 11.35 -78.81
N MET K 1838 66.20 11.74 -78.63
CA MET K 1838 65.80 13.16 -78.43
C MET K 1838 66.22 13.64 -77.04
N GLN K 1839 66.06 12.82 -76.01
CA GLN K 1839 66.44 13.13 -74.60
C GLN K 1839 67.96 13.34 -74.46
N VAL K 1840 68.76 12.51 -75.14
CA VAL K 1840 70.25 12.57 -75.16
C VAL K 1840 70.72 13.88 -75.82
N ALA K 1841 70.06 14.28 -76.91
CA ALA K 1841 70.39 15.49 -77.72
C ALA K 1841 70.21 16.77 -76.90
N VAL K 1842 69.42 16.76 -75.81
CA VAL K 1842 69.04 17.98 -75.03
C VAL K 1842 69.64 17.91 -73.62
N PRO K 1843 70.51 18.88 -73.22
CA PRO K 1843 70.93 19.02 -71.82
C PRO K 1843 69.77 19.17 -70.83
N ARG K 1844 69.86 18.50 -69.68
CA ARG K 1844 68.82 18.49 -68.62
C ARG K 1844 69.48 18.83 -67.28
N ASP K 1845 68.69 19.36 -66.35
CA ASP K 1845 69.13 19.68 -64.96
C ASP K 1845 68.84 18.45 -64.07
N GLU K 1846 68.95 18.60 -62.75
CA GLU K 1846 68.79 17.51 -61.75
C GLU K 1846 67.33 17.02 -61.77
N LEU K 1847 66.36 17.94 -61.93
CA LEU K 1847 64.90 17.66 -61.89
C LEU K 1847 64.38 17.14 -63.25
N GLY K 1848 65.21 17.17 -64.31
CA GLY K 1848 64.86 16.67 -65.65
C GLY K 1848 64.29 17.75 -66.57
N ARG K 1849 64.50 19.04 -66.25
CA ARG K 1849 64.02 20.22 -67.02
C ARG K 1849 65.10 20.65 -68.03
N SER K 1850 64.70 20.96 -69.26
CA SER K 1850 65.58 21.45 -70.36
C SER K 1850 65.41 22.97 -70.53
N ASN K 1851 66.22 23.55 -71.41
CA ASN K 1851 66.10 24.99 -71.83
C ASN K 1851 65.50 25.07 -73.24
N TYR K 1852 64.50 24.25 -73.53
CA TYR K 1852 63.89 24.14 -74.89
C TYR K 1852 62.40 23.86 -74.73
N GLY K 1853 61.64 24.26 -75.75
CA GLY K 1853 60.16 24.26 -75.68
C GLY K 1853 59.56 24.50 -77.05
N MET K 1854 58.25 24.72 -77.07
CA MET K 1854 57.49 25.00 -78.32
C MET K 1854 56.35 25.97 -78.00
N ILE K 1855 56.09 26.91 -78.92
CA ILE K 1855 54.93 27.84 -78.87
C ILE K 1855 54.11 27.68 -80.16
N ALA K 1856 52.79 27.56 -80.01
CA ALA K 1856 51.81 27.69 -81.12
C ALA K 1856 51.56 29.18 -81.34
N ILE K 1857 51.92 29.68 -82.53
CA ILE K 1857 51.74 31.10 -82.95
C ILE K 1857 50.58 31.20 -83.95
N ASN K 1858 49.58 32.02 -83.62
CA ASN K 1858 48.46 32.42 -84.52
C ASN K 1858 48.80 33.76 -85.15
N PRO K 1859 49.29 33.82 -86.41
CA PRO K 1859 49.60 35.09 -87.06
C PRO K 1859 48.39 36.04 -87.25
N GLY K 1860 47.16 35.50 -87.20
CA GLY K 1860 45.91 36.29 -87.27
C GLY K 1860 45.57 37.00 -85.96
N ARG K 1861 46.18 36.58 -84.84
CA ARG K 1861 45.90 37.12 -83.49
C ARG K 1861 46.78 38.35 -83.20
N VAL K 1862 47.79 38.61 -84.03
CA VAL K 1862 48.72 39.78 -83.88
C VAL K 1862 48.20 40.95 -84.72
N ALA K 1863 47.95 40.72 -86.02
CA ALA K 1863 47.42 41.72 -86.99
C ALA K 1863 46.84 40.97 -88.19
N ALA K 1864 45.73 41.47 -88.74
CA ALA K 1864 45.00 40.88 -89.89
C ALA K 1864 45.92 40.82 -91.14
N SER K 1865 46.85 41.77 -91.27
CA SER K 1865 47.82 41.87 -92.39
C SER K 1865 49.08 41.03 -92.13
N PHE K 1866 49.31 40.59 -90.87
CA PHE K 1866 50.46 39.75 -90.45
C PHE K 1866 50.26 38.33 -91.01
N SER K 1867 50.95 38.01 -92.10
CA SER K 1867 50.85 36.73 -92.86
C SER K 1867 51.88 35.72 -92.31
N GLN K 1868 51.92 34.52 -92.87
CA GLN K 1868 52.91 33.46 -92.49
C GLN K 1868 54.31 33.84 -93.01
N GLU K 1869 54.40 34.65 -94.08
CA GLU K 1869 55.70 35.16 -94.62
C GLU K 1869 56.28 36.21 -93.66
N ALA K 1870 55.40 37.03 -93.05
CA ALA K 1870 55.75 38.00 -91.98
C ALA K 1870 56.26 37.24 -90.74
N LEU K 1871 55.56 36.18 -90.33
CA LEU K 1871 55.97 35.32 -89.18
C LEU K 1871 57.32 34.68 -89.48
N GLN K 1872 57.48 34.08 -90.67
CA GLN K 1872 58.74 33.42 -91.11
C GLN K 1872 59.89 34.43 -90.97
N TYR K 1873 59.71 35.63 -91.55
CA TYR K 1873 60.65 36.78 -91.51
C TYR K 1873 61.03 37.07 -90.04
N VAL K 1874 60.05 37.39 -89.19
CA VAL K 1874 60.25 37.80 -87.76
C VAL K 1874 61.05 36.70 -87.04
N VAL K 1875 60.59 35.44 -87.11
CA VAL K 1875 61.19 34.26 -86.41
C VAL K 1875 62.66 34.10 -86.86
N GLU K 1876 62.93 34.17 -88.15
CA GLU K 1876 64.30 34.03 -88.74
C GLU K 1876 65.21 35.17 -88.23
N ARG K 1877 64.68 36.39 -88.10
CA ARG K 1877 65.42 37.59 -87.61
C ARG K 1877 65.71 37.43 -86.10
N VAL K 1878 64.75 36.97 -85.30
CA VAL K 1878 64.92 36.76 -83.81
C VAL K 1878 65.96 35.66 -83.60
N GLY K 1879 66.00 34.66 -84.49
CA GLY K 1879 67.01 33.58 -84.48
C GLY K 1879 68.42 34.11 -84.74
N LYS K 1880 68.59 34.92 -85.79
CA LYS K 1880 69.90 35.45 -86.28
C LYS K 1880 70.47 36.48 -85.30
N ARG K 1881 69.62 37.39 -84.80
CA ARG K 1881 70.01 38.50 -83.89
C ARG K 1881 70.56 37.94 -82.57
N THR K 1882 69.75 37.15 -81.86
CA THR K 1882 70.08 36.58 -80.52
C THR K 1882 71.14 35.48 -80.64
N GLY K 1883 71.20 34.77 -81.78
CA GLY K 1883 72.08 33.60 -82.00
C GLY K 1883 71.50 32.33 -81.37
N TRP K 1884 70.41 32.45 -80.60
CA TRP K 1884 69.66 31.34 -79.97
C TRP K 1884 68.92 30.53 -81.05
N LEU K 1885 68.39 29.36 -80.68
CA LEU K 1885 67.61 28.47 -81.59
C LEU K 1885 66.13 28.87 -81.54
N VAL K 1886 65.56 29.20 -82.71
CA VAL K 1886 64.08 29.27 -82.91
C VAL K 1886 63.81 29.05 -84.41
N GLU K 1887 62.94 28.09 -84.73
CA GLU K 1887 62.51 27.75 -86.12
C GLU K 1887 61.01 27.45 -86.10
N ILE K 1888 60.33 27.72 -87.20
CA ILE K 1888 58.93 27.25 -87.45
C ILE K 1888 59.07 25.78 -87.87
N VAL K 1889 58.44 24.88 -87.12
CA VAL K 1889 58.67 23.42 -87.31
C VAL K 1889 57.37 22.71 -87.68
N ASN K 1890 56.25 23.05 -87.05
CA ASN K 1890 54.91 22.52 -87.42
C ASN K 1890 54.09 23.62 -88.09
N TYR K 1891 53.70 23.37 -89.35
CA TYR K 1891 52.68 24.10 -90.15
C TYR K 1891 51.32 23.39 -89.96
N ASN K 1892 50.49 23.87 -89.03
CA ASN K 1892 49.29 23.15 -88.54
C ASN K 1892 47.99 23.65 -89.19
N VAL K 1893 47.70 24.95 -89.12
CA VAL K 1893 46.48 25.57 -89.72
C VAL K 1893 46.93 26.84 -90.44
N GLU K 1894 46.66 26.94 -91.74
CA GLU K 1894 47.16 28.04 -92.61
C GLU K 1894 46.66 29.36 -92.00
N ASN K 1895 47.60 30.28 -91.74
CA ASN K 1895 47.38 31.63 -91.16
C ASN K 1895 46.68 31.58 -89.80
N GLN K 1896 46.76 30.46 -89.06
CA GLN K 1896 46.08 30.32 -87.74
C GLN K 1896 46.92 29.53 -86.71
N GLN K 1897 47.86 28.67 -87.11
CA GLN K 1897 48.65 27.86 -86.15
C GLN K 1897 49.92 27.35 -86.81
N TYR K 1898 51.03 27.95 -86.42
CA TYR K 1898 52.43 27.56 -86.74
C TYR K 1898 53.12 27.35 -85.40
N VAL K 1899 53.93 26.30 -85.28
CA VAL K 1899 54.63 25.97 -84.01
C VAL K 1899 56.09 26.35 -84.17
N ALA K 1900 56.57 27.21 -83.28
CA ALA K 1900 58.00 27.58 -83.19
C ALA K 1900 58.63 26.69 -82.10
N ALA K 1901 59.68 25.97 -82.45
CA ALA K 1901 60.53 25.17 -81.54
C ALA K 1901 61.87 25.87 -81.35
N GLY K 1902 62.36 25.83 -80.12
CA GLY K 1902 63.79 26.03 -79.84
C GLY K 1902 64.02 26.55 -78.44
N ASP K 1903 65.12 27.28 -78.29
CA ASP K 1903 65.59 27.88 -77.02
C ASP K 1903 64.42 28.60 -76.35
N LEU K 1904 64.17 28.30 -75.08
CA LEU K 1904 63.07 28.84 -74.26
C LEU K 1904 63.17 30.38 -74.20
N ARG K 1905 64.39 30.93 -74.24
CA ARG K 1905 64.65 32.40 -74.24
C ARG K 1905 64.22 32.97 -75.60
N ALA K 1906 64.66 32.38 -76.72
CA ALA K 1906 64.28 32.77 -78.10
C ALA K 1906 62.74 32.75 -78.26
N LEU K 1907 62.07 31.77 -77.65
CA LEU K 1907 60.59 31.62 -77.72
C LEU K 1907 59.91 32.72 -76.89
N ASP K 1908 60.49 33.10 -75.75
CA ASP K 1908 59.96 34.20 -74.90
C ASP K 1908 60.19 35.55 -75.60
N THR K 1909 61.34 35.72 -76.26
CA THR K 1909 61.68 36.90 -77.10
C THR K 1909 60.64 37.04 -78.23
N VAL K 1910 60.41 35.97 -79.00
CA VAL K 1910 59.42 35.93 -80.12
C VAL K 1910 58.03 36.29 -79.57
N THR K 1911 57.62 35.75 -78.42
CA THR K 1911 56.31 36.05 -77.76
C THR K 1911 56.21 37.55 -77.48
N ASN K 1912 57.28 38.16 -76.93
CA ASN K 1912 57.33 39.59 -76.49
C ASN K 1912 57.37 40.51 -77.71
N VAL K 1913 58.15 40.16 -78.75
CA VAL K 1913 58.23 40.89 -80.04
C VAL K 1913 56.83 40.96 -80.68
N LEU K 1914 56.12 39.83 -80.77
CA LEU K 1914 54.76 39.73 -81.37
C LEU K 1914 53.74 40.46 -80.49
N ASN K 1915 53.88 40.41 -79.16
CA ASN K 1915 53.06 41.20 -78.21
C ASN K 1915 53.25 42.69 -78.48
N PHE K 1916 54.49 43.13 -78.70
CA PHE K 1916 54.85 44.54 -78.99
C PHE K 1916 54.28 44.95 -80.35
N ILE K 1917 54.47 44.13 -81.40
CA ILE K 1917 53.98 44.40 -82.79
C ILE K 1917 52.44 44.55 -82.78
N LYS K 1918 51.73 43.71 -82.02
CA LYS K 1918 50.24 43.74 -81.89
C LYS K 1918 49.80 45.06 -81.24
N LEU K 1919 50.47 45.48 -80.16
CA LEU K 1919 50.13 46.70 -79.38
C LEU K 1919 50.45 47.98 -80.18
N GLN K 1920 51.52 47.96 -81.00
CA GLN K 1920 51.93 49.11 -81.86
C GLN K 1920 51.10 49.14 -83.15
N LYS K 1921 50.48 48.03 -83.55
CA LYS K 1921 49.61 47.90 -84.76
C LYS K 1921 50.43 48.24 -86.02
N ILE K 1922 51.71 47.86 -86.03
CA ILE K 1922 52.69 48.17 -87.12
C ILE K 1922 52.89 46.92 -87.99
N ASP K 1923 52.70 47.07 -89.31
CA ASP K 1923 52.87 45.99 -90.31
C ASP K 1923 54.34 45.95 -90.74
N ILE K 1924 54.85 44.76 -91.09
CA ILE K 1924 56.25 44.53 -91.59
C ILE K 1924 56.24 44.53 -93.13
N ILE K 1925 55.26 43.87 -93.77
CA ILE K 1925 55.19 43.66 -95.25
C ILE K 1925 54.88 44.98 -95.96
N GLU K 1926 54.01 45.82 -95.38
CA GLU K 1926 53.62 47.15 -95.92
C GLU K 1926 54.84 48.09 -95.89
N LEU K 1927 55.59 48.10 -94.79
CA LEU K 1927 56.80 48.95 -94.61
C LEU K 1927 57.93 48.48 -95.54
N GLN K 1928 58.13 47.17 -95.70
CA GLN K 1928 59.29 46.58 -96.46
C GLN K 1928 59.12 46.82 -97.96
N LYS K 1929 57.89 46.98 -98.46
CA LYS K 1929 57.55 47.09 -99.90
C LYS K 1929 57.24 48.55 -100.29
N SER K 1930 56.39 49.25 -99.51
CA SER K 1930 55.78 50.56 -99.88
C SER K 1930 56.47 51.75 -99.20
N LEU K 1931 57.30 51.54 -98.16
CA LEU K 1931 57.94 52.62 -97.37
C LEU K 1931 59.46 52.61 -97.54
N SER K 1932 60.14 51.51 -97.18
CA SER K 1932 61.62 51.43 -97.10
C SER K 1932 62.12 50.01 -97.44
N LEU K 1933 63.31 49.93 -98.05
CA LEU K 1933 63.98 48.67 -98.51
C LEU K 1933 65.12 48.33 -97.53
N GLU K 1934 64.97 47.24 -96.75
CA GLU K 1934 65.95 46.66 -95.79
C GLU K 1934 66.10 47.51 -94.52
N GLU K 1935 65.37 48.63 -94.39
CA GLU K 1935 65.30 49.46 -93.15
C GLU K 1935 64.51 48.68 -92.09
N VAL K 1936 63.44 47.99 -92.50
CA VAL K 1936 62.58 47.12 -91.64
C VAL K 1936 63.45 46.11 -90.88
N GLU K 1937 64.49 45.57 -91.53
CA GLU K 1937 65.45 44.57 -90.96
C GLU K 1937 66.13 45.21 -89.73
N GLY K 1938 66.76 46.38 -89.93
CA GLY K 1938 67.39 47.19 -88.87
C GLY K 1938 66.38 47.63 -87.82
N HIS K 1939 65.18 48.03 -88.24
CA HIS K 1939 64.08 48.49 -87.34
C HIS K 1939 63.61 47.34 -86.42
N LEU K 1940 63.55 46.11 -86.95
CA LEU K 1940 63.12 44.90 -86.18
C LEU K 1940 64.23 44.47 -85.21
N PHE K 1941 65.50 44.70 -85.55
CA PHE K 1941 66.67 44.32 -84.72
C PHE K 1941 66.57 44.95 -83.31
N GLU K 1942 66.18 46.22 -83.17
CA GLU K 1942 66.11 46.92 -81.85
C GLU K 1942 64.89 46.43 -81.05
N ILE K 1943 63.81 46.03 -81.73
CA ILE K 1943 62.59 45.45 -81.09
C ILE K 1943 62.94 44.07 -80.52
N ILE K 1944 63.72 43.28 -81.27
CA ILE K 1944 64.25 41.94 -80.86
C ILE K 1944 65.18 42.12 -79.64
N ASP K 1945 66.05 43.14 -79.68
CA ASP K 1945 67.06 43.45 -78.62
C ASP K 1945 66.36 43.80 -77.30
N GLU K 1946 65.31 44.62 -77.35
CA GLU K 1946 64.49 45.00 -76.18
C GLU K 1946 64.00 43.72 -75.48
N ALA K 1947 63.41 42.79 -76.23
CA ALA K 1947 62.83 41.52 -75.74
C ALA K 1947 63.95 40.55 -75.30
N SER K 1948 65.08 40.48 -76.04
CA SER K 1948 66.22 39.56 -75.76
C SER K 1948 66.90 39.92 -74.43
N LYS K 1949 67.07 41.21 -74.13
CA LYS K 1949 67.67 41.73 -72.88
C LYS K 1949 66.84 41.28 -71.66
N LYS K 1950 65.51 41.36 -71.77
CA LYS K 1950 64.57 40.98 -70.67
C LYS K 1950 64.49 39.45 -70.53
N SER K 1951 64.67 38.70 -71.62
CA SER K 1951 64.62 37.21 -71.66
C SER K 1951 65.90 36.61 -71.05
N ALA K 1952 67.08 37.15 -71.38
CA ALA K 1952 68.41 36.66 -70.93
C ALA K 1952 68.55 36.81 -69.39
N VAL K 1953 68.00 37.89 -68.82
CA VAL K 1953 68.00 38.19 -67.35
C VAL K 1953 67.26 37.09 -66.59
N LYS K 1954 66.10 36.64 -67.10
CA LYS K 1954 65.24 35.60 -66.46
C LYS K 1954 66.06 34.34 -66.22
N PRO K 1955 65.79 33.56 -65.13
CA PRO K 1955 66.54 32.34 -64.85
C PRO K 1955 66.39 31.28 -65.95
N ARG K 1956 67.28 30.28 -66.01
CA ARG K 1956 67.41 29.34 -67.16
C ARG K 1956 66.12 28.53 -67.36
N PRO K 1957 65.51 27.95 -66.30
CA PRO K 1957 64.21 27.27 -66.47
C PRO K 1957 63.02 28.24 -66.44
N LEU K 1958 62.98 29.20 -67.36
CA LEU K 1958 61.97 30.30 -67.36
C LEU K 1958 60.62 29.76 -67.84
N LYS K 1959 59.54 30.09 -67.13
CA LYS K 1959 58.15 29.68 -67.49
C LYS K 1959 57.67 30.57 -68.65
N LEU K 1960 57.52 29.98 -69.83
CA LEU K 1960 56.98 30.62 -71.06
C LEU K 1960 55.57 31.12 -70.75
N GLU K 1961 55.29 32.39 -71.09
CA GLU K 1961 54.00 33.08 -70.78
C GLU K 1961 53.12 33.10 -72.04
N ARG K 1962 51.81 32.99 -71.84
CA ARG K 1962 50.78 33.04 -72.90
C ARG K 1962 50.65 34.48 -73.40
N GLY K 1963 51.10 34.75 -74.63
CA GLY K 1963 50.96 36.07 -75.29
C GLY K 1963 49.57 36.30 -75.84
N PHE K 1964 49.44 37.25 -76.77
CA PHE K 1964 48.18 37.51 -77.53
C PHE K 1964 48.13 36.58 -78.74
N ALA K 1965 49.28 36.38 -79.41
CA ALA K 1965 49.43 35.58 -80.64
C ALA K 1965 50.25 34.29 -80.39
N CYS K 1966 50.59 33.98 -79.14
CA CYS K 1966 51.47 32.83 -78.75
C CYS K 1966 50.91 32.10 -77.54
N ILE K 1967 50.92 30.76 -77.57
CA ILE K 1967 50.58 29.89 -76.41
C ILE K 1967 51.66 28.81 -76.34
N PRO K 1968 52.30 28.60 -75.16
CA PRO K 1968 53.31 27.55 -75.02
C PRO K 1968 52.68 26.16 -74.97
N LEU K 1969 53.30 25.18 -75.63
CA LEU K 1969 52.82 23.77 -75.62
C LEU K 1969 53.26 23.12 -74.29
N VAL K 1970 52.29 22.82 -73.43
CA VAL K 1970 52.51 22.18 -72.09
C VAL K 1970 53.06 20.76 -72.30
N GLY K 1971 54.04 20.36 -71.47
CA GLY K 1971 54.63 19.01 -71.46
C GLY K 1971 55.50 18.74 -72.68
N ILE K 1972 56.06 19.80 -73.28
CA ILE K 1972 57.05 19.72 -74.40
C ILE K 1972 58.33 20.41 -73.92
N SER K 1973 59.47 19.70 -74.02
CA SER K 1973 60.80 20.12 -73.49
C SER K 1973 61.90 19.95 -74.53
N VAL K 1974 61.61 19.27 -75.65
CA VAL K 1974 62.56 19.04 -76.78
C VAL K 1974 62.13 19.98 -77.89
N PRO K 1975 63.09 20.54 -78.69
CA PRO K 1975 62.75 21.28 -79.91
C PRO K 1975 62.48 20.32 -81.08
N PHE K 1976 61.34 19.63 -81.05
CA PHE K 1976 60.95 18.61 -82.06
C PHE K 1976 60.94 19.22 -83.45
N HIS K 1977 61.52 18.54 -84.44
CA HIS K 1977 61.40 18.88 -85.88
C HIS K 1977 62.27 20.08 -86.27
N SER K 1978 63.12 20.57 -85.36
CA SER K 1978 64.14 21.61 -85.63
C SER K 1978 65.41 20.93 -86.17
N THR K 1979 66.36 21.72 -86.67
CA THR K 1979 67.65 21.24 -87.26
C THR K 1979 68.60 20.81 -86.12
N TYR K 1980 68.33 21.28 -84.90
CA TYR K 1980 69.00 20.84 -83.64
C TYR K 1980 69.05 19.31 -83.54
N LEU K 1981 68.03 18.60 -84.05
CA LEU K 1981 67.93 17.12 -83.93
C LEU K 1981 68.52 16.40 -85.14
N MET K 1982 69.19 17.10 -86.06
CA MET K 1982 69.69 16.50 -87.34
C MET K 1982 70.80 15.47 -87.08
N ASN K 1983 71.58 15.63 -85.99
CA ASN K 1983 72.65 14.66 -85.60
C ASN K 1983 72.02 13.30 -85.25
N GLY K 1984 70.82 13.33 -84.67
CA GLY K 1984 70.03 12.13 -84.31
C GLY K 1984 69.59 11.30 -85.51
N VAL K 1985 69.58 11.86 -86.72
CA VAL K 1985 68.98 11.21 -87.92
C VAL K 1985 69.77 9.94 -88.29
N LYS K 1986 71.09 10.02 -88.37
CA LYS K 1986 71.95 8.89 -88.83
C LYS K 1986 71.85 7.68 -87.90
N PRO K 1987 72.00 7.83 -86.57
CA PRO K 1987 71.85 6.68 -85.67
C PRO K 1987 70.41 6.15 -85.73
N PHE K 1988 69.41 7.04 -85.71
CA PHE K 1988 67.98 6.65 -85.77
C PHE K 1988 67.70 5.91 -87.09
N LYS K 1989 68.22 6.41 -88.21
CA LYS K 1989 68.09 5.73 -89.53
C LYS K 1989 68.62 4.30 -89.42
N SER K 1990 69.81 4.09 -88.85
CA SER K 1990 70.45 2.75 -88.73
C SER K 1990 69.59 1.85 -87.85
N PHE K 1991 69.01 2.42 -86.79
CA PHE K 1991 68.10 1.69 -85.87
C PHE K 1991 66.81 1.33 -86.61
N LEU K 1992 66.21 2.27 -87.35
CA LEU K 1992 64.97 1.99 -88.15
C LEU K 1992 65.27 0.87 -89.14
N LYS K 1993 66.39 0.92 -89.86
CA LYS K 1993 66.77 -0.10 -90.88
C LYS K 1993 66.83 -1.50 -90.25
N LYS K 1994 67.16 -1.61 -88.96
CA LYS K 1994 67.29 -2.90 -88.24
C LYS K 1994 65.91 -3.41 -87.77
N ASN K 1995 65.00 -2.51 -87.38
CA ASN K 1995 63.73 -2.84 -86.67
C ASN K 1995 62.51 -2.80 -87.59
N ILE K 1996 62.56 -2.10 -88.74
CA ILE K 1996 61.55 -2.20 -89.83
C ILE K 1996 62.07 -3.22 -90.84
N ILE K 1997 61.54 -4.45 -90.80
CA ILE K 1997 61.95 -5.56 -91.70
C ILE K 1997 61.21 -5.35 -93.03
N LYS K 1998 61.88 -5.52 -94.16
CA LYS K 1998 61.32 -5.18 -95.51
C LYS K 1998 60.14 -6.13 -95.86
N GLU K 1999 60.11 -7.35 -95.31
CA GLU K 1999 59.04 -8.35 -95.55
C GLU K 1999 57.70 -7.89 -94.96
N ASN K 2000 57.72 -6.98 -93.98
CA ASN K 2000 56.51 -6.42 -93.30
C ASN K 2000 56.00 -5.15 -94.01
N VAL K 2001 56.74 -4.63 -95.00
CA VAL K 2001 56.34 -3.43 -95.79
C VAL K 2001 55.48 -3.90 -96.97
N LYS K 2002 54.16 -3.75 -96.84
CA LYS K 2002 53.16 -4.10 -97.89
C LYS K 2002 52.84 -2.81 -98.66
N VAL K 2003 53.35 -2.69 -99.87
CA VAL K 2003 53.23 -1.45 -100.69
C VAL K 2003 51.74 -1.11 -100.88
N ALA K 2004 50.89 -2.11 -101.14
CA ALA K 2004 49.42 -1.96 -101.30
C ALA K 2004 48.80 -1.23 -100.10
N ARG K 2005 49.33 -1.43 -98.90
CA ARG K 2005 48.78 -0.84 -97.65
C ARG K 2005 49.29 0.60 -97.47
N LEU K 2006 50.36 0.98 -98.18
CA LEU K 2006 50.95 2.35 -98.11
C LEU K 2006 50.58 3.16 -99.35
N ALA K 2007 50.84 2.61 -100.55
CA ALA K 2007 50.72 3.29 -101.87
C ALA K 2007 49.38 4.00 -101.99
N GLY K 2008 49.42 5.33 -102.02
CA GLY K 2008 48.26 6.21 -102.22
C GLY K 2008 47.50 6.51 -100.95
N LYS K 2009 47.88 5.90 -99.84
CA LYS K 2009 47.05 5.88 -98.62
C LYS K 2009 47.76 6.64 -97.50
N TYR K 2010 49.05 6.38 -97.34
CA TYR K 2010 49.91 6.98 -96.29
C TYR K 2010 50.42 8.34 -96.78
N ILE K 2011 50.12 9.41 -96.07
CA ILE K 2011 50.66 10.76 -96.35
C ILE K 2011 51.75 11.08 -95.32
N PRO K 2012 53.05 10.90 -95.64
CA PRO K 2012 54.12 11.25 -94.71
C PRO K 2012 54.17 12.75 -94.35
N ASN K 2013 54.63 13.08 -93.14
CA ASN K 2013 54.86 14.46 -92.66
C ASN K 2013 55.98 15.14 -93.45
N LEU K 2014 56.97 14.40 -93.92
CA LEU K 2014 58.18 14.98 -94.56
C LEU K 2014 57.77 15.53 -95.93
N THR K 2015 57.32 14.61 -96.79
CA THR K 2015 56.77 14.84 -98.15
C THR K 2015 55.25 14.80 -98.02
N ALA K 2016 54.54 15.93 -97.91
CA ALA K 2016 53.10 15.92 -97.55
C ALA K 2016 52.25 15.40 -98.72
N LYS K 2017 52.73 14.36 -99.42
CA LYS K 2017 52.14 13.78 -100.64
C LYS K 2017 51.87 12.29 -100.43
N PRO K 2018 50.74 11.73 -100.91
CA PRO K 2018 50.45 10.31 -100.72
C PRO K 2018 51.61 9.43 -101.18
N PHE K 2019 52.01 8.49 -100.32
CA PHE K 2019 53.17 7.60 -100.52
C PHE K 2019 53.02 6.92 -101.87
N GLN K 2020 54.08 6.94 -102.67
CA GLN K 2020 54.19 6.18 -103.94
C GLN K 2020 55.64 5.77 -104.12
N VAL K 2021 55.86 4.61 -104.73
CA VAL K 2021 57.20 4.07 -105.08
C VAL K 2021 57.48 4.44 -106.55
N THR K 2022 57.69 5.74 -106.80
CA THR K 2022 58.01 6.35 -108.12
C THR K 2022 59.26 7.22 -108.03
N LYS K 2023 60.02 7.32 -109.12
CA LYS K 2023 61.21 8.21 -109.28
C LYS K 2023 60.86 9.63 -108.82
N GLU K 2024 59.65 10.10 -109.15
CA GLU K 2024 59.16 11.48 -108.82
C GLU K 2024 59.13 11.64 -107.30
N TYR K 2025 58.60 10.64 -106.59
CA TYR K 2025 58.46 10.62 -105.11
C TYR K 2025 59.86 10.64 -104.47
N PHE K 2026 60.73 9.71 -104.88
CA PHE K 2026 62.13 9.58 -104.42
C PHE K 2026 62.88 10.91 -104.64
N GLN K 2027 62.77 11.47 -105.84
CA GLN K 2027 63.41 12.76 -106.22
C GLN K 2027 62.93 13.86 -105.26
N ASP K 2028 61.63 13.91 -104.97
CA ASP K 2028 61.06 14.95 -104.07
C ASP K 2028 61.60 14.77 -102.64
N VAL K 2029 61.75 13.52 -102.20
CA VAL K 2029 62.28 13.20 -100.84
C VAL K 2029 63.75 13.65 -100.79
N TYR K 2030 64.53 13.37 -101.85
CA TYR K 2030 65.95 13.77 -101.97
C TYR K 2030 66.09 15.30 -101.91
N ASP K 2031 65.21 16.04 -102.60
CA ASP K 2031 65.20 17.53 -102.60
C ASP K 2031 64.95 18.08 -101.19
N LEU K 2032 64.08 17.42 -100.41
CA LEU K 2032 63.73 17.84 -99.03
C LEU K 2032 64.89 17.55 -98.08
N THR K 2033 65.45 16.34 -98.18
CA THR K 2033 66.54 15.83 -97.29
C THR K 2033 67.48 14.94 -98.09
N GLY K 2034 68.60 15.51 -98.56
CA GLY K 2034 69.62 14.82 -99.36
C GLY K 2034 70.15 13.61 -98.62
N SER K 2035 70.02 12.42 -99.22
CA SER K 2035 70.42 11.11 -98.63
C SER K 2035 71.02 10.22 -99.72
N GLU K 2036 72.17 9.61 -99.44
CA GLU K 2036 72.96 8.80 -100.40
C GLU K 2036 72.13 7.60 -100.87
N PRO K 2037 71.43 6.86 -99.98
CA PRO K 2037 70.64 5.70 -100.41
C PRO K 2037 69.54 6.07 -101.43
N ILE K 2038 68.82 7.17 -101.21
CA ILE K 2038 67.73 7.65 -102.11
C ILE K 2038 68.34 8.14 -103.43
N LYS K 2039 69.43 8.92 -103.38
CA LYS K 2039 70.14 9.42 -104.60
C LYS K 2039 70.58 8.22 -105.44
N GLU K 2040 71.16 7.19 -104.80
CA GLU K 2040 71.61 5.94 -105.47
C GLU K 2040 70.41 5.26 -106.13
N ILE K 2041 69.25 5.22 -105.46
CA ILE K 2041 67.99 4.61 -106.01
C ILE K 2041 67.56 5.40 -107.25
N ILE K 2042 67.56 6.73 -107.21
CA ILE K 2042 67.13 7.62 -108.33
C ILE K 2042 68.03 7.37 -109.54
N ASP K 2043 69.35 7.42 -109.36
CA ASP K 2043 70.40 7.27 -110.41
C ASP K 2043 70.25 5.89 -111.08
N ASN K 2044 70.03 4.85 -110.28
CA ASN K 2044 70.03 3.43 -110.71
C ASN K 2044 68.59 2.94 -110.88
N TRP K 2045 67.61 3.84 -111.05
CA TRP K 2045 66.16 3.50 -111.09
C TRP K 2045 65.87 2.51 -112.23
N GLU K 2046 66.61 2.60 -113.32
CA GLU K 2046 66.38 1.83 -114.57
C GLU K 2046 66.59 0.33 -114.33
N LYS K 2047 67.62 -0.06 -113.56
CA LYS K 2047 67.91 -1.51 -113.31
C LYS K 2047 66.84 -2.12 -112.39
N TYR K 2048 66.23 -1.32 -111.52
CA TYR K 2048 65.15 -1.76 -110.59
C TYR K 2048 63.85 -2.01 -111.37
N GLU K 2049 63.59 -1.23 -112.42
CA GLU K 2049 62.41 -1.40 -113.32
C GLU K 2049 62.49 -2.73 -114.09
N GLN K 2050 63.71 -3.24 -114.37
CA GLN K 2050 63.95 -4.55 -115.06
C GLN K 2050 65.09 -5.30 -114.36
N SER L 5 -69.15 18.48 -113.33
CA SER L 5 -68.01 17.72 -112.73
C SER L 5 -67.28 18.59 -111.70
N THR L 6 -67.03 18.02 -110.51
CA THR L 6 -66.39 18.71 -109.34
C THR L 6 -65.35 17.78 -108.71
N ARG L 7 -64.34 18.34 -108.04
CA ARG L 7 -63.37 17.58 -107.20
C ARG L 7 -63.41 18.09 -105.76
N PRO L 8 -63.43 17.19 -104.74
CA PRO L 8 -63.35 17.60 -103.34
C PRO L 8 -62.02 18.30 -103.00
N LEU L 9 -62.11 19.50 -102.39
CA LEU L 9 -60.97 20.26 -101.83
C LEU L 9 -61.12 20.33 -100.32
N THR L 10 -60.15 19.78 -99.58
CA THR L 10 -60.13 19.72 -98.10
C THR L 10 -59.33 20.93 -97.59
N LEU L 11 -59.99 21.80 -96.80
CA LEU L 11 -59.35 22.88 -96.01
C LEU L 11 -59.53 22.54 -94.53
N SER L 12 -58.43 22.44 -93.79
CA SER L 12 -58.36 21.81 -92.44
C SER L 12 -57.45 22.62 -91.51
N HIS L 13 -57.57 22.34 -90.21
CA HIS L 13 -56.74 22.92 -89.12
C HIS L 13 -56.78 21.95 -87.93
N GLY L 14 -55.79 21.06 -87.82
CA GLY L 14 -55.77 19.97 -86.84
C GLY L 14 -56.88 18.96 -87.15
N SER L 15 -57.65 18.57 -86.12
CA SER L 15 -58.73 17.55 -86.21
C SER L 15 -59.86 18.06 -87.12
N LEU L 16 -60.32 19.30 -86.91
CA LEU L 16 -61.48 19.90 -87.64
C LEU L 16 -61.08 20.16 -89.09
N GLU L 17 -62.01 19.94 -90.02
CA GLU L 17 -61.82 20.11 -91.48
C GLU L 17 -63.19 20.38 -92.13
N HIS L 18 -63.16 20.87 -93.37
CA HIS L 18 -64.35 21.03 -94.24
C HIS L 18 -63.94 20.69 -95.68
N VAL L 19 -64.79 19.90 -96.36
CA VAL L 19 -64.59 19.47 -97.78
C VAL L 19 -65.53 20.30 -98.65
N LEU L 20 -64.99 20.93 -99.69
CA LEU L 20 -65.73 21.81 -100.63
C LEU L 20 -65.68 21.20 -102.03
N LEU L 21 -66.85 20.89 -102.61
CA LEU L 21 -66.98 20.36 -104.00
C LEU L 21 -66.76 21.53 -104.97
N VAL L 22 -65.49 21.78 -105.33
CA VAL L 22 -65.08 22.87 -106.26
C VAL L 22 -65.29 22.37 -107.68
N PRO L 23 -65.90 23.19 -108.59
CA PRO L 23 -65.92 22.86 -110.02
C PRO L 23 -64.50 22.65 -110.58
N THR L 24 -64.33 21.66 -111.46
CA THR L 24 -63.03 21.29 -112.08
C THR L 24 -62.48 22.47 -112.90
N ALA L 25 -63.36 23.30 -113.49
CA ALA L 25 -63.02 24.48 -114.32
C ALA L 25 -62.21 25.52 -113.53
N SER L 26 -62.45 25.67 -112.23
CA SER L 26 -61.78 26.66 -111.34
C SER L 26 -61.05 25.98 -110.16
N PHE L 27 -60.89 24.65 -110.18
CA PHE L 27 -60.21 23.87 -109.11
C PHE L 27 -58.74 24.29 -108.98
N PHE L 28 -58.12 24.59 -110.12
CA PHE L 28 -56.70 25.04 -110.25
C PHE L 28 -56.49 26.28 -109.39
N ILE L 29 -57.34 27.31 -109.55
CA ILE L 29 -57.23 28.61 -108.83
C ILE L 29 -57.64 28.43 -107.36
N ALA L 30 -58.60 27.53 -107.09
CA ALA L 30 -59.08 27.19 -105.72
C ALA L 30 -57.98 26.47 -104.93
N SER L 31 -57.21 25.60 -105.59
CA SER L 31 -56.06 24.87 -104.99
C SER L 31 -54.92 25.85 -104.68
N GLN L 32 -54.69 26.81 -105.58
CA GLN L 32 -53.76 27.96 -105.37
C GLN L 32 -54.11 28.64 -104.04
N LEU L 33 -55.35 29.16 -103.93
CA LEU L 33 -55.89 29.89 -102.75
C LEU L 33 -55.82 28.99 -101.50
N GLN L 34 -56.18 27.70 -101.64
CA GLN L 34 -56.09 26.67 -100.56
C GLN L 34 -54.66 26.64 -100.01
N GLU L 35 -53.65 26.57 -100.90
CA GLU L 35 -52.22 26.50 -100.54
C GLU L 35 -51.82 27.79 -99.82
N GLN L 36 -52.18 28.95 -100.40
CA GLN L 36 -51.90 30.30 -99.82
C GLN L 36 -52.55 30.41 -98.43
N PHE L 37 -53.83 30.05 -98.30
CA PHE L 37 -54.61 30.15 -97.02
C PHE L 37 -54.00 29.22 -95.96
N ASN L 38 -53.60 28.01 -96.34
CA ASN L 38 -53.02 27.00 -95.42
C ASN L 38 -51.66 27.50 -94.91
N LYS L 39 -50.93 28.29 -95.73
CA LYS L 39 -49.66 28.96 -95.36
C LYS L 39 -49.94 30.07 -94.33
N ILE L 40 -50.92 30.95 -94.63
CA ILE L 40 -51.35 32.12 -93.80
C ILE L 40 -51.83 31.62 -92.42
N LEU L 41 -52.63 30.55 -92.39
CA LEU L 41 -53.24 29.99 -91.16
C LEU L 41 -52.13 29.60 -90.18
N PRO L 42 -52.27 29.89 -88.87
CA PRO L 42 -51.26 29.49 -87.88
C PRO L 42 -51.28 27.97 -87.61
N GLU L 43 -50.36 27.50 -86.76
CA GLU L 43 -50.16 26.05 -86.46
C GLU L 43 -51.26 25.60 -85.52
N PRO L 44 -51.88 24.41 -85.73
CA PRO L 44 -52.87 23.88 -84.79
C PRO L 44 -52.30 23.64 -83.38
N THR L 45 -53.15 23.81 -82.36
CA THR L 45 -52.85 23.50 -80.93
C THR L 45 -54.03 22.74 -80.32
N GLU L 46 -53.79 22.09 -79.18
CA GLU L 46 -54.81 21.40 -78.33
C GLU L 46 -55.95 22.37 -77.99
N GLY L 47 -57.20 21.96 -78.25
CA GLY L 47 -58.44 22.70 -77.89
C GLY L 47 -58.68 23.95 -78.74
N PHE L 48 -57.74 24.31 -79.63
CA PHE L 48 -57.76 25.53 -80.49
C PHE L 48 -57.92 26.79 -79.63
N ALA L 49 -57.34 26.79 -78.42
CA ALA L 49 -57.51 27.84 -77.39
C ALA L 49 -56.77 29.14 -77.79
N ALA L 50 -55.69 29.04 -78.58
CA ALA L 50 -54.89 30.19 -79.06
C ALA L 50 -55.74 31.06 -79.99
N ASP L 51 -55.37 32.34 -80.15
CA ASP L 51 -56.12 33.36 -80.92
C ASP L 51 -55.74 33.27 -82.41
N ASP L 52 -56.65 33.77 -83.27
CA ASP L 52 -56.51 33.84 -84.75
C ASP L 52 -56.39 32.44 -85.36
N GLU L 53 -56.92 31.40 -84.69
CA GLU L 53 -57.08 30.02 -85.25
C GLU L 53 -58.48 29.51 -84.95
N PRO L 54 -59.16 28.87 -85.94
CA PRO L 54 -60.55 28.49 -85.78
C PRO L 54 -60.75 27.33 -84.78
N THR L 55 -61.90 27.30 -84.12
CA THR L 55 -62.32 26.25 -83.14
C THR L 55 -63.33 25.28 -83.77
N THR L 56 -64.06 25.70 -84.81
CA THR L 56 -65.10 24.90 -85.50
C THR L 56 -64.90 24.99 -87.01
N PRO L 57 -65.44 24.02 -87.80
CA PRO L 57 -65.34 24.09 -89.26
C PRO L 57 -65.96 25.37 -89.85
N ALA L 58 -67.04 25.88 -89.23
CA ALA L 58 -67.71 27.15 -89.60
C ALA L 58 -66.72 28.32 -89.54
N GLU L 59 -65.96 28.44 -88.45
CA GLU L 59 -64.92 29.48 -88.25
C GLU L 59 -63.85 29.35 -89.33
N LEU L 60 -63.37 28.12 -89.57
CA LEU L 60 -62.28 27.82 -90.54
C LEU L 60 -62.70 28.26 -91.94
N VAL L 61 -63.94 27.94 -92.35
CA VAL L 61 -64.48 28.34 -93.69
C VAL L 61 -64.67 29.85 -93.71
N GLY L 62 -65.06 30.45 -92.58
CA GLY L 62 -65.13 31.92 -92.39
C GLY L 62 -63.80 32.58 -92.69
N LYS L 63 -62.73 32.14 -92.00
CA LYS L 63 -61.34 32.64 -92.16
C LYS L 63 -60.89 32.49 -93.62
N PHE L 64 -61.23 31.39 -94.28
CA PHE L 64 -60.89 31.12 -95.71
C PHE L 64 -61.66 32.13 -96.57
N LEU L 65 -62.96 32.29 -96.31
CA LEU L 65 -63.83 33.32 -96.94
C LEU L 65 -63.20 34.71 -96.76
N GLY L 66 -62.80 35.01 -95.51
CA GLY L 66 -62.10 36.26 -95.12
C GLY L 66 -60.88 36.50 -95.98
N TYR L 67 -60.01 35.49 -96.06
CA TYR L 67 -58.71 35.54 -96.79
C TYR L 67 -58.97 35.82 -98.28
N VAL L 68 -59.86 35.06 -98.91
CA VAL L 68 -60.19 35.21 -100.37
C VAL L 68 -60.78 36.61 -100.62
N SER L 69 -61.67 37.08 -99.74
CA SER L 69 -62.34 38.41 -99.83
C SER L 69 -61.31 39.55 -99.72
N SER L 70 -60.22 39.33 -98.97
CA SER L 70 -59.09 40.29 -98.80
C SER L 70 -58.40 40.52 -100.15
N LEU L 71 -58.21 39.45 -100.95
CA LEU L 71 -57.48 39.48 -102.24
C LEU L 71 -58.39 40.08 -103.33
N VAL L 72 -59.67 39.66 -103.39
CA VAL L 72 -60.64 40.14 -104.42
C VAL L 72 -60.80 41.65 -104.29
N GLU L 73 -60.67 42.37 -105.41
CA GLU L 73 -60.87 43.85 -105.50
C GLU L 73 -62.32 44.10 -105.89
N PRO L 74 -63.01 45.09 -105.29
CA PRO L 74 -64.40 45.40 -105.64
C PRO L 74 -64.52 46.01 -107.04
N SER L 75 -63.62 46.91 -107.44
CA SER L 75 -63.63 47.60 -108.75
C SER L 75 -63.29 46.60 -109.88
N LYS L 76 -62.11 45.99 -109.81
CA LYS L 76 -61.55 45.11 -110.88
C LYS L 76 -62.09 43.69 -110.71
N VAL L 77 -62.60 43.10 -111.80
CA VAL L 77 -63.00 41.65 -111.85
C VAL L 77 -61.72 40.83 -111.85
N GLY L 78 -61.59 39.88 -110.91
CA GLY L 78 -60.41 39.02 -110.71
C GLY L 78 -60.74 37.55 -110.90
N GLN L 79 -59.71 36.71 -110.87
CA GLN L 79 -59.81 35.23 -111.03
C GLN L 79 -60.46 34.61 -109.79
N PHE L 80 -60.25 35.21 -108.61
CA PHE L 80 -60.64 34.66 -107.28
C PHE L 80 -62.14 34.89 -107.02
N ASP L 81 -62.79 35.78 -107.78
CA ASP L 81 -64.23 36.15 -107.67
C ASP L 81 -65.11 34.90 -107.71
N GLN L 82 -64.90 34.01 -108.68
CA GLN L 82 -65.74 32.80 -108.90
C GLN L 82 -65.56 31.84 -107.71
N VAL L 83 -64.33 31.72 -107.19
CA VAL L 83 -64.03 30.86 -106.01
C VAL L 83 -64.66 31.49 -104.76
N LEU L 84 -64.67 32.83 -104.66
CA LEU L 84 -65.33 33.55 -103.53
C LEU L 84 -66.82 33.18 -103.51
N ASN L 85 -67.53 33.45 -104.62
CA ASN L 85 -68.99 33.19 -104.78
C ASN L 85 -69.30 31.72 -104.46
N LEU L 86 -68.45 30.80 -104.91
CA LEU L 86 -68.63 29.32 -104.77
C LEU L 86 -68.52 28.93 -103.28
N CYS L 87 -67.46 29.34 -102.58
CA CYS L 87 -67.20 29.00 -101.15
C CYS L 87 -68.16 29.76 -100.23
N LEU L 88 -68.66 30.92 -100.68
CA LEU L 88 -69.71 31.71 -99.97
C LEU L 88 -71.01 30.89 -99.98
N THR L 89 -71.47 30.51 -101.17
CA THR L 89 -72.65 29.64 -101.41
C THR L 89 -72.53 28.37 -100.55
N GLU L 90 -71.36 27.74 -100.51
CA GLU L 90 -71.12 26.50 -99.70
C GLU L 90 -71.32 26.81 -98.21
N PHE L 91 -70.76 27.93 -97.72
CA PHE L 91 -70.85 28.38 -96.30
C PHE L 91 -72.32 28.59 -95.92
N GLU L 92 -73.05 29.32 -96.76
CA GLU L 92 -74.50 29.59 -96.62
C GLU L 92 -75.27 28.27 -96.47
N ASN L 93 -75.12 27.34 -97.43
CA ASN L 93 -75.93 26.09 -97.52
C ASN L 93 -75.50 25.10 -96.43
N CYS L 94 -74.29 25.20 -95.89
CA CYS L 94 -73.72 24.25 -94.89
C CYS L 94 -74.01 24.69 -93.45
N TYR L 95 -73.93 26.00 -93.15
CA TYR L 95 -73.94 26.54 -91.76
C TYR L 95 -75.09 27.53 -91.53
N LEU L 96 -75.45 28.36 -92.51
CA LEU L 96 -76.64 29.27 -92.45
C LEU L 96 -77.87 28.52 -92.99
N GLU L 97 -78.48 27.67 -92.18
CA GLU L 97 -79.75 26.95 -92.53
C GLU L 97 -80.86 27.99 -92.66
N GLY L 98 -80.84 28.78 -93.74
CA GLY L 98 -81.74 29.92 -94.00
C GLY L 98 -81.58 31.08 -93.03
N ASN L 99 -80.89 30.85 -91.90
CA ASN L 99 -80.86 31.78 -90.73
C ASN L 99 -79.83 32.88 -91.02
N ASP L 100 -79.72 33.86 -90.13
CA ASP L 100 -78.77 35.00 -90.24
C ASP L 100 -77.41 34.58 -89.64
N ILE L 101 -76.33 35.23 -90.10
CA ILE L 101 -74.94 35.02 -89.60
C ILE L 101 -74.87 35.20 -88.07
N HIS L 102 -75.68 36.12 -87.51
CA HIS L 102 -75.74 36.37 -86.05
C HIS L 102 -76.35 35.15 -85.33
N ALA L 103 -77.39 34.56 -85.91
CA ALA L 103 -78.06 33.35 -85.37
C ALA L 103 -77.03 32.21 -85.27
N LEU L 104 -76.22 32.04 -86.32
CA LEU L 104 -75.10 31.05 -86.36
C LEU L 104 -74.09 31.40 -85.26
N ALA L 105 -73.58 32.63 -85.27
CA ALA L 105 -72.63 33.16 -84.27
C ALA L 105 -73.13 32.89 -82.84
N ALA L 106 -74.40 33.20 -82.56
CA ALA L 106 -75.06 32.98 -81.25
C ALA L 106 -75.16 31.47 -80.96
N LYS L 107 -75.40 30.64 -81.99
CA LYS L 107 -75.45 29.14 -81.86
C LYS L 107 -74.08 28.63 -81.41
N LEU L 108 -73.02 29.02 -82.12
CA LEU L 108 -71.60 28.66 -81.83
C LEU L 108 -71.25 29.05 -80.38
N LEU L 109 -71.64 30.26 -79.96
CA LEU L 109 -71.27 30.86 -78.64
C LEU L 109 -71.70 29.94 -77.49
N GLN L 110 -72.92 29.38 -77.55
CA GLN L 110 -73.53 28.57 -76.45
C GLN L 110 -73.25 27.07 -76.63
N GLU L 111 -73.10 26.58 -77.86
CA GLU L 111 -72.81 25.14 -78.16
C GLU L 111 -71.30 24.89 -78.04
N ASN L 112 -70.51 25.47 -78.95
CA ASN L 112 -69.06 25.18 -79.13
C ASN L 112 -68.25 26.06 -78.18
N ASP L 113 -66.93 25.81 -78.08
CA ASP L 113 -65.98 26.57 -77.23
C ASP L 113 -65.35 27.69 -78.08
N THR L 114 -66.20 28.54 -78.65
CA THR L 114 -65.81 29.75 -79.43
C THR L 114 -65.90 30.97 -78.50
N THR L 115 -64.89 31.83 -78.53
CA THR L 115 -64.85 33.11 -77.76
C THR L 115 -65.62 34.18 -78.52
N LEU L 116 -65.88 35.31 -77.86
CA LEU L 116 -66.68 36.44 -78.39
C LEU L 116 -65.93 37.08 -79.58
N VAL L 117 -64.60 37.24 -79.46
CA VAL L 117 -63.73 37.85 -80.51
C VAL L 117 -63.69 36.95 -81.76
N LYS L 118 -63.58 35.63 -81.59
CA LYS L 118 -63.57 34.63 -82.71
C LYS L 118 -64.91 34.70 -83.46
N THR L 119 -66.02 34.77 -82.71
CA THR L 119 -67.41 34.89 -83.20
C THR L 119 -67.60 36.17 -84.02
N LYS L 120 -67.14 37.31 -83.51
CA LYS L 120 -67.22 38.62 -84.21
C LYS L 120 -66.38 38.56 -85.49
N GLU L 121 -65.24 37.88 -85.44
CA GLU L 121 -64.33 37.71 -86.61
C GLU L 121 -65.07 36.92 -87.69
N LEU L 122 -65.78 35.85 -87.30
CA LEU L 122 -66.62 35.01 -88.20
C LEU L 122 -67.69 35.88 -88.89
N ILE L 123 -68.39 36.71 -88.11
CA ILE L 123 -69.46 37.63 -88.62
C ILE L 123 -68.83 38.59 -89.63
N LYS L 124 -67.68 39.18 -89.30
CA LYS L 124 -66.96 40.16 -90.16
C LYS L 124 -66.57 39.49 -91.49
N ASN L 125 -65.96 38.31 -91.41
CA ASN L 125 -65.55 37.51 -92.59
C ASN L 125 -66.77 37.31 -93.49
N TYR L 126 -67.85 36.73 -92.95
CA TYR L 126 -69.07 36.44 -93.73
C TYR L 126 -69.62 37.72 -94.39
N ILE L 127 -69.70 38.82 -93.64
CA ILE L 127 -70.36 40.08 -94.11
C ILE L 127 -69.45 40.74 -95.15
N THR L 128 -68.14 40.70 -94.95
CA THR L 128 -67.13 41.28 -95.90
C THR L 128 -67.22 40.50 -97.23
N ALA L 129 -67.10 39.17 -97.16
CA ALA L 129 -67.29 38.22 -98.30
C ALA L 129 -68.58 38.55 -99.07
N ARG L 130 -69.71 38.71 -98.38
CA ARG L 130 -71.03 39.01 -99.01
C ARG L 130 -70.91 40.27 -99.88
N ILE L 131 -70.24 41.31 -99.39
CA ILE L 131 -70.13 42.63 -100.06
C ILE L 131 -69.12 42.54 -101.21
N MET L 132 -67.99 41.85 -100.98
CA MET L 132 -66.90 41.68 -101.99
C MET L 132 -67.40 40.82 -103.17
N ALA L 133 -68.25 39.82 -102.88
CA ALA L 133 -68.83 38.89 -103.88
C ALA L 133 -70.00 39.54 -104.65
N LYS L 134 -70.21 40.86 -104.55
CA LYS L 134 -71.28 41.62 -105.26
C LYS L 134 -72.67 41.10 -104.89
N ARG L 135 -72.82 40.58 -103.68
CA ARG L 135 -74.10 40.03 -103.15
C ARG L 135 -74.51 40.86 -101.93
N PRO L 136 -75.00 42.11 -102.13
CA PRO L 136 -75.47 42.93 -101.00
C PRO L 136 -76.68 42.27 -100.33
N PHE L 137 -77.22 42.90 -99.28
CA PHE L 137 -78.42 42.44 -98.55
C PHE L 137 -79.62 43.22 -99.08
N ASP L 138 -79.87 43.13 -100.39
CA ASP L 138 -80.99 43.85 -101.09
C ASP L 138 -82.31 43.13 -100.79
N LYS L 139 -82.28 41.81 -100.64
CA LYS L 139 -83.44 40.98 -100.24
C LYS L 139 -83.80 41.32 -98.79
N LYS L 140 -85.06 41.70 -98.54
CA LYS L 140 -85.63 41.85 -97.17
C LYS L 140 -85.51 40.49 -96.46
N SER L 141 -85.05 40.50 -95.21
CA SER L 141 -84.86 39.27 -94.40
C SER L 141 -86.22 38.71 -94.03
N ASN L 142 -86.24 37.45 -93.58
CA ASN L 142 -87.45 36.76 -93.05
C ASN L 142 -87.33 36.71 -91.52
N SER L 143 -86.78 37.75 -90.89
CA SER L 143 -86.66 37.85 -89.41
C SER L 143 -88.05 37.66 -88.80
N ALA L 144 -88.18 36.76 -87.83
CA ALA L 144 -89.45 36.46 -87.14
C ALA L 144 -90.02 37.73 -86.52
N LEU L 145 -89.15 38.54 -85.92
CA LEU L 145 -89.56 39.77 -85.19
C LEU L 145 -90.31 40.70 -86.13
N PHE L 146 -89.72 40.99 -87.29
CA PHE L 146 -90.27 41.97 -88.25
C PHE L 146 -91.46 41.36 -89.01
N ARG L 147 -91.47 40.04 -89.20
CA ARG L 147 -92.65 39.30 -89.70
C ARG L 147 -93.80 39.56 -88.73
N ALA L 148 -93.59 39.28 -87.43
CA ALA L 148 -94.57 39.49 -86.34
C ALA L 148 -95.06 40.95 -86.30
N VAL L 149 -94.22 41.92 -86.63
CA VAL L 149 -94.60 43.36 -86.62
C VAL L 149 -95.56 43.64 -87.79
N GLY L 150 -95.21 43.17 -89.00
CA GLY L 150 -96.06 43.24 -90.19
C GLY L 150 -97.45 42.67 -89.94
N GLU L 151 -97.53 41.50 -89.31
CA GLU L 151 -98.80 40.77 -89.02
C GLU L 151 -99.58 41.43 -87.89
N GLY L 152 -98.98 42.35 -87.12
CA GLY L 152 -99.60 43.02 -85.96
C GLY L 152 -99.52 42.20 -84.68
N ASN L 153 -98.61 41.22 -84.60
CA ASN L 153 -98.37 40.36 -83.42
C ASN L 153 -97.31 40.98 -82.49
N ALA L 154 -96.55 41.96 -82.97
CA ALA L 154 -95.50 42.68 -82.21
C ALA L 154 -95.56 44.18 -82.53
N GLN L 155 -95.27 45.01 -81.52
CA GLN L 155 -95.12 46.48 -81.62
C GLN L 155 -93.71 46.83 -81.12
N LEU L 156 -92.94 47.52 -81.94
CA LEU L 156 -91.50 47.79 -81.71
C LEU L 156 -91.34 49.24 -81.31
N VAL L 157 -90.59 49.52 -80.23
CA VAL L 157 -90.14 50.90 -79.90
C VAL L 157 -88.62 50.87 -79.85
N ALA L 158 -87.98 51.86 -80.47
CA ALA L 158 -86.52 51.99 -80.46
C ALA L 158 -86.15 52.95 -79.34
N ILE L 159 -85.15 52.60 -78.57
CA ILE L 159 -84.63 53.50 -77.51
C ILE L 159 -83.13 53.65 -77.75
N PHE L 160 -82.68 54.87 -77.51
CA PHE L 160 -81.26 55.28 -77.63
C PHE L 160 -80.78 55.70 -76.25
N GLY L 161 -79.66 55.13 -75.84
CA GLY L 161 -78.95 55.43 -74.59
C GLY L 161 -78.33 56.81 -74.65
N GLY L 162 -77.65 57.20 -73.57
CA GLY L 162 -76.85 58.43 -73.55
C GLY L 162 -75.55 58.19 -72.84
N GLN L 163 -75.14 59.18 -72.05
CA GLN L 163 -73.87 59.18 -71.28
C GLN L 163 -74.03 58.22 -70.09
N GLY L 164 -72.92 57.68 -69.59
CA GLY L 164 -72.85 57.17 -68.20
C GLY L 164 -73.27 55.71 -68.07
N ASN L 165 -73.27 54.94 -69.16
CA ASN L 165 -73.60 53.49 -69.16
C ASN L 165 -72.31 52.69 -69.13
N THR L 166 -71.23 53.23 -69.68
CA THR L 166 -69.90 52.59 -69.75
C THR L 166 -68.81 53.67 -69.75
N ASP L 167 -67.65 53.34 -69.21
CA ASP L 167 -66.45 54.23 -69.18
C ASP L 167 -65.64 54.04 -70.48
N ASP L 168 -65.89 52.94 -71.21
CA ASP L 168 -65.11 52.54 -72.42
C ASP L 168 -66.05 52.52 -73.64
N TYR L 169 -66.84 53.56 -73.83
CA TYR L 169 -67.81 53.66 -74.96
C TYR L 169 -67.07 53.55 -76.28
N PHE L 170 -65.82 54.01 -76.36
CA PHE L 170 -65.07 54.10 -77.64
C PHE L 170 -64.80 52.70 -78.22
N GLU L 171 -64.63 51.67 -77.38
CA GLU L 171 -64.39 50.27 -77.84
C GLU L 171 -65.62 49.73 -78.59
N GLU L 172 -66.81 50.23 -78.26
CA GLU L 172 -68.06 49.90 -78.98
C GLU L 172 -67.95 50.41 -80.41
N LEU L 173 -67.42 51.62 -80.61
CA LEU L 173 -67.23 52.20 -81.96
C LEU L 173 -66.10 51.44 -82.68
N ARG L 174 -65.08 51.03 -81.95
CA ARG L 174 -63.94 50.27 -82.48
C ARG L 174 -64.48 48.95 -83.05
N ASP L 175 -65.30 48.24 -82.27
CA ASP L 175 -65.90 46.93 -82.62
C ASP L 175 -66.81 47.09 -83.84
N LEU L 176 -67.63 48.13 -83.90
CA LEU L 176 -68.47 48.45 -85.08
C LEU L 176 -67.59 48.65 -86.33
N TYR L 177 -66.47 49.36 -86.21
CA TYR L 177 -65.56 49.69 -87.35
C TYR L 177 -64.85 48.41 -87.82
N GLN L 178 -64.44 47.55 -86.90
CA GLN L 178 -63.76 46.25 -87.21
C GLN L 178 -64.76 45.35 -87.94
N THR L 179 -65.83 44.96 -87.26
CA THR L 179 -66.79 43.91 -87.68
C THR L 179 -67.57 44.36 -88.91
N TYR L 180 -68.11 45.59 -88.91
CA TYR L 180 -69.09 46.06 -89.90
C TYR L 180 -68.52 47.20 -90.73
N HIS L 181 -67.20 47.21 -90.95
CA HIS L 181 -66.52 48.18 -91.86
C HIS L 181 -67.34 48.35 -93.14
N VAL L 182 -67.72 47.24 -93.80
CA VAL L 182 -68.33 47.28 -95.16
C VAL L 182 -69.76 47.84 -95.08
N LEU L 183 -70.38 47.83 -93.89
CA LEU L 183 -71.76 48.35 -93.67
C LEU L 183 -71.74 49.79 -93.15
N VAL L 184 -70.85 50.13 -92.20
CA VAL L 184 -70.88 51.46 -91.49
C VAL L 184 -69.63 52.31 -91.78
N GLY L 185 -68.57 51.74 -92.38
CA GLY L 185 -67.35 52.48 -92.77
C GLY L 185 -67.67 53.84 -93.37
N ASP L 186 -68.65 53.91 -94.27
CA ASP L 186 -69.04 55.14 -94.99
C ASP L 186 -69.76 56.11 -94.03
N LEU L 187 -70.55 55.60 -93.08
CA LEU L 187 -71.20 56.43 -92.03
C LEU L 187 -70.12 57.07 -91.15
N ILE L 188 -69.16 56.27 -90.69
CA ILE L 188 -68.13 56.72 -89.72
C ILE L 188 -67.20 57.73 -90.42
N LYS L 189 -66.85 57.52 -91.70
CA LYS L 189 -66.03 58.47 -92.49
C LYS L 189 -66.81 59.77 -92.67
N PHE L 190 -68.10 59.68 -92.98
CA PHE L 190 -68.97 60.87 -93.15
C PHE L 190 -69.07 61.66 -91.83
N SER L 191 -69.20 60.94 -90.72
CA SER L 191 -69.41 61.53 -89.37
C SER L 191 -68.11 62.21 -88.93
N ALA L 192 -66.95 61.54 -89.11
CA ALA L 192 -65.58 62.06 -88.91
C ALA L 192 -65.32 63.33 -89.74
N GLU L 193 -65.74 63.37 -91.00
CA GLU L 193 -65.55 64.54 -91.89
C GLU L 193 -66.45 65.68 -91.41
N THR L 194 -67.68 65.37 -90.99
CA THR L 194 -68.67 66.37 -90.53
C THR L 194 -68.14 67.05 -89.26
N LEU L 195 -67.57 66.27 -88.35
CA LEU L 195 -67.05 66.75 -87.04
C LEU L 195 -65.79 67.59 -87.27
N SER L 196 -64.86 67.11 -88.11
CA SER L 196 -63.65 67.87 -88.54
C SER L 196 -64.05 69.23 -89.11
N GLU L 197 -65.10 69.27 -89.93
CA GLU L 197 -65.59 70.51 -90.56
C GLU L 197 -66.25 71.42 -89.51
N LEU L 198 -66.95 70.85 -88.53
CA LEU L 198 -67.63 71.66 -87.47
C LEU L 198 -66.57 72.30 -86.56
N ILE L 199 -65.47 71.61 -86.27
CA ILE L 199 -64.32 72.15 -85.49
C ILE L 199 -63.71 73.32 -86.27
N ARG L 200 -63.49 73.15 -87.57
CA ARG L 200 -62.84 74.15 -88.47
C ARG L 200 -63.69 75.44 -88.52
N THR L 201 -65.03 75.31 -88.65
CA THR L 201 -65.99 76.42 -88.88
C THR L 201 -66.58 76.97 -87.57
N THR L 202 -66.25 76.41 -86.42
CA THR L 202 -66.70 76.91 -85.09
C THR L 202 -65.50 77.61 -84.44
N LEU L 203 -65.73 78.81 -83.91
CA LEU L 203 -64.67 79.81 -83.61
C LEU L 203 -63.59 79.20 -82.71
N ASP L 204 -63.91 78.84 -81.47
CA ASP L 204 -62.92 78.42 -80.44
C ASP L 204 -63.03 76.92 -80.15
N ALA L 205 -63.62 76.13 -81.05
CA ALA L 205 -63.87 74.69 -80.86
C ALA L 205 -62.54 73.94 -80.68
N GLU L 206 -61.51 74.28 -81.47
CA GLU L 206 -60.15 73.68 -81.38
C GLU L 206 -59.60 73.76 -79.94
N LYS L 207 -59.91 74.83 -79.19
CA LYS L 207 -59.43 75.02 -77.78
C LYS L 207 -59.94 73.88 -76.90
N VAL L 208 -61.18 73.45 -77.17
CA VAL L 208 -61.90 72.38 -76.42
C VAL L 208 -61.40 71.00 -76.87
N PHE L 209 -60.95 70.86 -78.12
CA PHE L 209 -60.46 69.57 -78.71
C PHE L 209 -58.93 69.54 -78.70
N THR L 210 -58.33 69.37 -77.53
CA THR L 210 -56.88 69.63 -77.26
C THR L 210 -56.01 68.56 -77.94
N GLN L 211 -56.48 67.31 -78.02
CA GLN L 211 -55.82 66.19 -78.74
C GLN L 211 -56.58 65.88 -80.04
N GLY L 212 -57.25 66.88 -80.62
CA GLY L 212 -57.98 66.78 -81.90
C GLY L 212 -59.19 65.86 -81.84
N LEU L 213 -59.79 65.60 -83.00
CA LEU L 213 -60.94 64.66 -83.19
C LEU L 213 -60.73 63.88 -84.49
N ASN L 214 -59.57 63.28 -84.65
CA ASN L 214 -59.23 62.42 -85.82
C ASN L 214 -59.67 60.99 -85.50
N ILE L 215 -60.98 60.72 -85.57
CA ILE L 215 -61.54 59.42 -85.11
C ILE L 215 -61.06 58.31 -86.04
N LEU L 216 -60.94 58.58 -87.35
CA LEU L 216 -60.46 57.60 -88.35
C LEU L 216 -59.05 57.13 -87.99
N GLU L 217 -58.15 58.08 -87.69
CA GLU L 217 -56.79 57.79 -87.16
C GLU L 217 -56.89 56.90 -85.93
N TRP L 218 -57.75 57.26 -84.95
CA TRP L 218 -57.88 56.50 -83.68
C TRP L 218 -58.36 55.07 -83.96
N LEU L 219 -59.31 54.91 -84.88
CA LEU L 219 -59.87 53.58 -85.23
C LEU L 219 -58.83 52.74 -85.98
N GLU L 220 -58.08 53.33 -86.93
CA GLU L 220 -56.97 52.63 -87.65
C GLU L 220 -55.90 52.16 -86.64
N ASN L 221 -55.45 53.05 -85.75
CA ASN L 221 -54.30 52.85 -84.82
C ASN L 221 -54.75 53.03 -83.38
N PRO L 222 -55.08 51.94 -82.64
CA PRO L 222 -55.35 52.02 -81.21
C PRO L 222 -54.27 52.70 -80.35
N SER L 223 -53.01 52.65 -80.79
CA SER L 223 -51.84 53.32 -80.14
C SER L 223 -52.02 54.84 -80.13
N ASN L 224 -52.55 55.41 -81.22
CA ASN L 224 -52.74 56.88 -81.40
C ASN L 224 -54.08 57.37 -80.82
N THR L 225 -54.92 56.49 -80.28
CA THR L 225 -56.17 56.89 -79.59
C THR L 225 -55.81 57.61 -78.29
N PRO L 226 -56.33 58.83 -78.04
CA PRO L 226 -56.21 59.47 -76.73
C PRO L 226 -56.66 58.60 -75.54
N ASP L 227 -56.30 59.05 -74.34
CA ASP L 227 -56.62 58.39 -73.04
C ASP L 227 -58.14 58.43 -72.82
N LYS L 228 -58.66 57.57 -71.94
CA LYS L 228 -60.12 57.45 -71.67
C LYS L 228 -60.71 58.78 -71.21
N ASP L 229 -59.98 59.57 -70.40
CA ASP L 229 -60.54 60.83 -69.82
C ASP L 229 -60.89 61.79 -70.94
N TYR L 230 -60.03 61.89 -71.94
CA TYR L 230 -60.22 62.77 -73.12
C TYR L 230 -61.40 62.28 -73.95
N LEU L 231 -61.46 60.97 -74.23
CA LEU L 231 -62.58 60.33 -74.99
C LEU L 231 -63.88 60.58 -74.24
N LEU L 232 -63.86 60.47 -72.92
CA LEU L 232 -65.07 60.64 -72.09
C LEU L 232 -65.50 62.11 -72.08
N SER L 233 -64.62 63.07 -72.33
CA SER L 233 -65.03 64.50 -72.26
C SER L 233 -66.16 64.71 -73.27
N ILE L 234 -67.13 65.56 -72.96
CA ILE L 234 -68.40 65.55 -73.72
C ILE L 234 -68.26 66.14 -75.13
N PRO L 235 -67.31 67.04 -75.44
CA PRO L 235 -67.16 67.48 -76.83
C PRO L 235 -66.85 66.30 -77.78
N ILE L 236 -66.19 65.26 -77.26
CA ILE L 236 -65.88 64.02 -77.99
C ILE L 236 -67.03 63.01 -77.76
N SER L 237 -67.43 62.76 -76.52
CA SER L 237 -68.31 61.62 -76.18
C SER L 237 -69.71 61.87 -76.70
N CYS L 238 -70.21 63.10 -76.66
CA CYS L 238 -71.59 63.39 -77.11
C CYS L 238 -71.76 62.98 -78.58
N PRO L 239 -71.04 63.58 -79.56
CA PRO L 239 -71.23 63.20 -80.97
C PRO L 239 -70.86 61.74 -81.24
N LEU L 240 -69.84 61.19 -80.58
CA LEU L 240 -69.37 59.83 -80.87
C LEU L 240 -70.37 58.79 -80.38
N ILE L 241 -71.17 59.13 -79.37
CA ILE L 241 -72.21 58.20 -78.84
C ILE L 241 -73.38 58.23 -79.82
N GLY L 242 -73.70 59.40 -80.37
CA GLY L 242 -74.57 59.56 -81.54
C GLY L 242 -74.16 58.60 -82.66
N VAL L 243 -72.88 58.61 -83.02
CA VAL L 243 -72.31 57.87 -84.18
C VAL L 243 -72.46 56.38 -83.91
N ILE L 244 -72.14 55.94 -82.70
CA ILE L 244 -72.29 54.51 -82.29
C ILE L 244 -73.74 54.07 -82.52
N GLN L 245 -74.70 54.89 -82.11
CA GLN L 245 -76.14 54.56 -82.14
C GLN L 245 -76.63 54.51 -83.58
N LEU L 246 -76.31 55.55 -84.36
CA LEU L 246 -76.59 55.58 -85.81
C LEU L 246 -75.94 54.38 -86.52
N ALA L 247 -74.72 54.00 -86.15
CA ALA L 247 -73.99 52.87 -86.74
C ALA L 247 -74.75 51.58 -86.46
N HIS L 248 -75.22 51.39 -85.22
CA HIS L 248 -76.00 50.18 -84.83
C HIS L 248 -77.32 50.17 -85.62
N TYR L 249 -77.91 51.34 -85.82
CA TYR L 249 -79.19 51.47 -86.55
C TYR L 249 -78.99 51.04 -88.00
N VAL L 250 -77.86 51.42 -88.59
CA VAL L 250 -77.48 51.12 -90.00
C VAL L 250 -77.14 49.64 -90.14
N VAL L 251 -76.28 49.11 -89.29
CA VAL L 251 -76.01 47.64 -89.27
C VAL L 251 -77.34 46.89 -89.20
N THR L 252 -78.27 47.33 -88.36
CA THR L 252 -79.58 46.66 -88.18
C THR L 252 -80.35 46.73 -89.51
N ALA L 253 -80.51 47.93 -90.07
CA ALA L 253 -81.30 48.18 -91.29
C ALA L 253 -80.71 47.38 -92.47
N LYS L 254 -79.38 47.33 -92.59
CA LYS L 254 -78.70 46.74 -93.77
C LYS L 254 -78.80 45.22 -93.70
N LEU L 255 -78.58 44.61 -92.53
CA LEU L 255 -78.66 43.15 -92.36
C LEU L 255 -80.11 42.64 -92.48
N LEU L 256 -81.11 43.51 -92.39
CA LEU L 256 -82.54 43.19 -92.62
C LEU L 256 -82.93 43.52 -94.07
N GLY L 257 -82.02 44.11 -94.83
CA GLY L 257 -82.28 44.66 -96.18
C GLY L 257 -83.34 45.74 -96.19
N PHE L 258 -83.44 46.55 -95.13
CA PHE L 258 -84.35 47.72 -95.09
C PHE L 258 -83.56 48.97 -95.46
N THR L 259 -84.28 49.97 -95.96
CA THR L 259 -83.86 51.39 -95.94
C THR L 259 -84.04 51.87 -94.49
N PRO L 260 -83.37 52.96 -94.09
CA PRO L 260 -83.61 53.57 -92.77
C PRO L 260 -85.10 53.84 -92.51
N GLY L 261 -85.80 54.42 -93.50
CA GLY L 261 -87.24 54.72 -93.44
C GLY L 261 -88.08 53.45 -93.30
N GLU L 262 -87.67 52.36 -93.95
CA GLU L 262 -88.41 51.07 -93.86
C GLU L 262 -88.32 50.58 -92.42
N LEU L 263 -87.11 50.51 -91.85
CA LEU L 263 -86.86 50.08 -90.45
C LEU L 263 -87.66 51.01 -89.52
N ARG L 264 -87.63 52.32 -89.79
CA ARG L 264 -88.39 53.33 -89.03
C ARG L 264 -89.88 53.02 -89.05
N SER L 265 -90.40 52.57 -90.20
CA SER L 265 -91.87 52.38 -90.43
C SER L 265 -92.37 51.18 -89.64
N TYR L 266 -91.50 50.21 -89.38
CA TYR L 266 -91.76 49.04 -88.51
C TYR L 266 -91.84 49.46 -87.04
N LEU L 267 -91.40 50.67 -86.67
CA LEU L 267 -91.37 51.13 -85.25
C LEU L 267 -92.68 51.85 -84.94
N LYS L 268 -93.28 51.51 -83.80
CA LYS L 268 -94.42 52.27 -83.24
C LYS L 268 -93.95 53.63 -82.74
N GLY L 269 -92.68 53.74 -82.31
CA GLY L 269 -92.14 54.97 -81.71
C GLY L 269 -90.65 54.87 -81.45
N ALA L 270 -90.06 56.00 -81.06
CA ALA L 270 -88.64 56.08 -80.68
C ALA L 270 -88.53 57.00 -79.48
N THR L 271 -87.54 56.74 -78.65
CA THR L 271 -87.13 57.74 -77.65
C THR L 271 -85.71 57.45 -77.23
N GLY L 272 -85.21 58.32 -76.40
CA GLY L 272 -83.83 58.22 -75.93
C GLY L 272 -83.70 58.82 -74.57
N HIS L 273 -82.69 58.35 -73.87
CA HIS L 273 -82.35 58.71 -72.48
C HIS L 273 -81.25 59.75 -72.57
N SER L 274 -81.55 60.98 -72.15
CA SER L 274 -80.57 62.09 -72.19
C SER L 274 -80.30 62.37 -73.67
N GLN L 275 -79.06 62.24 -74.16
CA GLN L 275 -78.67 62.65 -75.55
C GLN L 275 -79.15 61.61 -76.59
N GLY L 276 -79.60 60.43 -76.18
CA GLY L 276 -80.21 59.43 -77.08
C GLY L 276 -81.40 60.01 -77.82
N LEU L 277 -82.09 60.96 -77.20
CA LEU L 277 -83.30 61.63 -77.75
C LEU L 277 -82.96 62.34 -79.07
N VAL L 278 -81.71 62.71 -79.30
CA VAL L 278 -81.30 63.36 -80.57
C VAL L 278 -81.29 62.30 -81.68
N THR L 279 -80.68 61.16 -81.40
CA THR L 279 -80.63 60.01 -82.33
C THR L 279 -82.05 59.53 -82.63
N ALA L 280 -82.94 59.54 -81.64
CA ALA L 280 -84.34 59.08 -81.78
C ALA L 280 -85.08 59.98 -82.78
N VAL L 281 -84.95 61.30 -82.67
CA VAL L 281 -85.61 62.24 -83.61
C VAL L 281 -84.97 62.12 -85.00
N ALA L 282 -83.65 61.91 -85.07
CA ALA L 282 -82.90 61.81 -86.33
C ALA L 282 -83.41 60.62 -87.15
N ILE L 283 -83.48 59.43 -86.54
CA ILE L 283 -83.95 58.18 -87.22
C ILE L 283 -85.45 58.28 -87.52
N ALA L 284 -86.22 59.03 -86.75
CA ALA L 284 -87.66 59.29 -87.00
C ALA L 284 -87.86 60.07 -88.31
N GLU L 285 -86.88 60.86 -88.74
CA GLU L 285 -86.96 61.70 -89.97
C GLU L 285 -86.54 60.90 -91.21
N THR L 286 -85.80 59.79 -91.04
CA THR L 286 -85.08 59.11 -92.15
C THR L 286 -86.08 58.49 -93.14
N ASP L 287 -85.71 58.43 -94.43
CA ASP L 287 -86.52 57.81 -95.51
C ASP L 287 -85.63 56.83 -96.28
N SER L 288 -84.71 57.33 -97.11
CA SER L 288 -83.90 56.52 -98.05
C SER L 288 -82.41 56.57 -97.67
N TRP L 289 -81.60 55.65 -98.18
CA TRP L 289 -80.12 55.63 -97.97
C TRP L 289 -79.47 56.90 -98.53
N GLU L 290 -80.07 57.55 -99.52
CA GLU L 290 -79.48 58.73 -100.22
C GLU L 290 -79.53 59.93 -99.27
N SER L 291 -80.67 60.10 -98.59
CA SER L 291 -80.98 61.26 -97.71
C SER L 291 -80.72 60.93 -96.23
N PHE L 292 -80.13 59.77 -95.93
CA PHE L 292 -79.85 59.31 -94.55
C PHE L 292 -78.78 60.19 -93.90
N PHE L 293 -77.77 60.54 -94.69
CA PHE L 293 -76.62 61.40 -94.27
C PHE L 293 -77.10 62.82 -93.96
N VAL L 294 -78.30 63.21 -94.39
CA VAL L 294 -78.92 64.51 -93.98
C VAL L 294 -79.29 64.41 -92.50
N SER L 295 -79.98 63.33 -92.12
CA SER L 295 -80.40 63.05 -90.72
C SER L 295 -79.16 62.82 -89.84
N VAL L 296 -78.15 62.09 -90.34
CA VAL L 296 -76.89 61.84 -89.60
C VAL L 296 -76.23 63.20 -89.27
N ARG L 297 -76.09 64.07 -90.27
CA ARG L 297 -75.48 65.41 -90.11
C ARG L 297 -76.20 66.17 -88.98
N LYS L 298 -77.53 66.27 -89.05
CA LYS L 298 -78.34 67.01 -88.05
C LYS L 298 -78.03 66.47 -86.64
N ALA L 299 -78.00 65.15 -86.47
CA ALA L 299 -77.80 64.49 -85.17
C ALA L 299 -76.40 64.80 -84.66
N ILE L 300 -75.37 64.50 -85.46
CA ILE L 300 -73.93 64.78 -85.16
C ILE L 300 -73.76 66.27 -84.82
N THR L 301 -74.45 67.16 -85.52
CA THR L 301 -74.32 68.62 -85.33
C THR L 301 -74.96 69.03 -84.00
N VAL L 302 -76.14 68.53 -83.69
CA VAL L 302 -76.78 68.85 -82.38
C VAL L 302 -75.84 68.37 -81.28
N LEU L 303 -75.31 67.17 -81.39
CA LEU L 303 -74.53 66.56 -80.30
C LEU L 303 -73.18 67.26 -80.19
N PHE L 304 -72.63 67.73 -81.31
CA PHE L 304 -71.37 68.49 -81.34
C PHE L 304 -71.53 69.75 -80.49
N PHE L 305 -72.61 70.49 -80.72
CA PHE L 305 -72.86 71.80 -80.05
C PHE L 305 -73.26 71.60 -78.60
N ILE L 306 -73.98 70.54 -78.28
CA ILE L 306 -74.29 70.20 -76.87
C ILE L 306 -72.95 69.93 -76.17
N GLY L 307 -72.13 69.04 -76.71
CA GLY L 307 -70.82 68.67 -76.14
C GLY L 307 -69.95 69.90 -75.91
N VAL L 308 -69.81 70.71 -76.94
CA VAL L 308 -68.88 71.87 -76.96
C VAL L 308 -69.40 72.95 -76.02
N ARG L 309 -70.67 73.32 -76.11
CA ARG L 309 -71.20 74.45 -75.32
C ARG L 309 -71.30 74.08 -73.85
N CYS L 310 -71.75 72.86 -73.56
CA CYS L 310 -71.94 72.34 -72.18
C CYS L 310 -70.58 72.23 -71.51
N TYR L 311 -69.56 71.79 -72.25
CA TYR L 311 -68.18 71.70 -71.72
C TYR L 311 -67.67 73.12 -71.39
N GLU L 312 -67.95 74.09 -72.24
CA GLU L 312 -67.53 75.51 -72.06
C GLU L 312 -68.27 76.11 -70.86
N ALA L 313 -69.51 75.72 -70.61
CA ALA L 313 -70.35 76.24 -69.49
C ALA L 313 -69.87 75.63 -68.17
N TYR L 314 -69.37 74.40 -68.18
CA TYR L 314 -68.93 73.70 -66.96
C TYR L 314 -67.81 72.72 -67.24
N PRO L 315 -66.59 73.24 -67.46
CA PRO L 315 -65.45 72.35 -67.64
C PRO L 315 -65.11 71.63 -66.33
N ASN L 316 -64.62 70.41 -66.45
CA ASN L 316 -64.13 69.64 -65.29
C ASN L 316 -62.82 70.28 -64.83
N THR L 317 -62.64 70.37 -63.51
CA THR L 317 -61.40 70.84 -62.87
C THR L 317 -60.85 69.73 -62.02
N SER L 318 -59.57 69.82 -61.65
CA SER L 318 -58.90 68.85 -60.76
C SER L 318 -59.68 68.80 -59.44
N LEU L 319 -59.92 67.59 -58.94
CA LEU L 319 -60.56 67.37 -57.63
C LEU L 319 -59.45 67.19 -56.59
N PRO L 320 -59.58 67.81 -55.40
CA PRO L 320 -58.60 67.64 -54.33
C PRO L 320 -58.22 66.18 -54.13
N PRO L 321 -56.91 65.82 -54.18
CA PRO L 321 -56.50 64.43 -53.99
C PRO L 321 -56.99 63.75 -52.69
N SER L 322 -57.24 64.54 -51.65
CA SER L 322 -57.74 64.06 -50.34
C SER L 322 -59.14 63.48 -50.53
N ILE L 323 -59.98 64.19 -51.30
CA ILE L 323 -61.34 63.74 -51.73
C ILE L 323 -61.24 62.48 -52.59
N LEU L 324 -60.31 62.42 -53.55
CA LEU L 324 -60.14 61.22 -54.42
C LEU L 324 -59.72 60.03 -53.55
N GLU L 325 -58.75 60.22 -52.66
CA GLU L 325 -58.19 59.17 -51.78
C GLU L 325 -59.30 58.62 -50.87
N ASP L 326 -60.10 59.51 -50.28
CA ASP L 326 -61.23 59.13 -49.39
C ASP L 326 -62.26 58.32 -50.16
N SER L 327 -62.68 58.79 -51.35
CA SER L 327 -63.68 58.11 -52.21
C SER L 327 -63.19 56.69 -52.59
N LEU L 328 -61.89 56.51 -52.88
CA LEU L 328 -61.32 55.20 -53.28
C LEU L 328 -61.20 54.27 -52.07
N GLU L 329 -60.85 54.80 -50.89
CA GLU L 329 -60.65 54.01 -49.65
C GLU L 329 -62.01 53.58 -49.06
N ASN L 330 -63.08 54.33 -49.37
CA ASN L 330 -64.47 54.03 -48.93
C ASN L 330 -65.25 53.33 -50.06
N ASN L 331 -64.55 52.70 -51.02
CA ASN L 331 -65.14 51.90 -52.13
C ASN L 331 -66.30 52.65 -52.79
N GLU L 332 -66.21 53.97 -52.91
CA GLU L 332 -67.04 54.79 -53.81
C GLU L 332 -66.25 54.99 -55.11
N GLY L 333 -66.90 55.50 -56.14
CA GLY L 333 -66.23 55.73 -57.43
C GLY L 333 -65.24 56.86 -57.33
N VAL L 334 -64.46 57.06 -58.38
CA VAL L 334 -63.82 58.37 -58.72
C VAL L 334 -64.95 59.37 -58.88
N PRO L 335 -65.04 60.44 -58.06
CA PRO L 335 -66.13 61.39 -58.19
C PRO L 335 -66.27 61.96 -59.60
N SER L 336 -67.50 62.34 -59.92
CA SER L 336 -67.93 62.80 -61.25
C SER L 336 -69.15 63.65 -61.02
N PRO L 337 -69.61 64.40 -62.04
CA PRO L 337 -70.77 65.25 -61.87
C PRO L 337 -72.14 64.56 -61.85
N MET L 338 -72.20 63.25 -61.78
CA MET L 338 -73.49 62.52 -61.77
C MET L 338 -73.35 61.29 -60.88
N LEU L 339 -74.14 61.26 -59.83
CA LEU L 339 -74.09 60.17 -58.83
C LEU L 339 -75.37 59.35 -58.97
N SER L 340 -75.25 58.05 -59.14
CA SER L 340 -76.41 57.11 -59.22
C SER L 340 -76.67 56.54 -57.84
N ILE L 341 -77.92 56.63 -57.38
CA ILE L 341 -78.39 56.08 -56.08
C ILE L 341 -79.46 55.02 -56.35
N SER L 342 -79.13 53.75 -56.09
CA SER L 342 -79.99 52.55 -56.22
C SER L 342 -80.56 52.12 -54.87
N ASN L 343 -81.88 51.92 -54.79
CA ASN L 343 -82.62 51.21 -53.71
C ASN L 343 -83.16 52.21 -52.71
N LEU L 344 -83.16 53.48 -53.06
CA LEU L 344 -83.86 54.55 -52.32
C LEU L 344 -84.93 55.13 -53.22
N THR L 345 -86.01 55.58 -52.61
CA THR L 345 -87.12 56.28 -53.27
C THR L 345 -86.65 57.67 -53.67
N GLN L 346 -87.33 58.29 -54.64
CA GLN L 346 -87.11 59.69 -55.07
C GLN L 346 -87.29 60.64 -53.88
N GLU L 347 -88.25 60.38 -52.99
CA GLU L 347 -88.54 61.26 -51.83
C GLU L 347 -87.32 61.22 -50.89
N GLN L 348 -86.82 60.02 -50.64
CA GLN L 348 -85.67 59.76 -49.75
C GLN L 348 -84.42 60.47 -50.29
N VAL L 349 -84.11 60.26 -51.58
CA VAL L 349 -82.98 60.93 -52.28
C VAL L 349 -83.21 62.43 -52.20
N GLN L 350 -84.42 62.92 -52.49
CA GLN L 350 -84.72 64.38 -52.51
C GLN L 350 -84.56 65.00 -51.11
N ASP L 351 -84.76 64.20 -50.05
CA ASP L 351 -84.59 64.65 -48.64
C ASP L 351 -83.09 64.88 -48.39
N TYR L 352 -82.26 63.91 -48.76
CA TYR L 352 -80.78 64.00 -48.64
C TYR L 352 -80.21 65.12 -49.51
N VAL L 353 -80.75 65.39 -50.71
CA VAL L 353 -80.22 66.49 -51.55
C VAL L 353 -80.70 67.81 -50.96
N ASN L 354 -81.87 67.83 -50.30
CA ASN L 354 -82.39 69.06 -49.66
C ASN L 354 -81.46 69.44 -48.50
N LYS L 355 -81.05 68.46 -47.68
CA LYS L 355 -80.13 68.64 -46.53
C LYS L 355 -78.81 69.21 -47.02
N THR L 356 -78.18 68.55 -48.01
CA THR L 356 -76.91 68.98 -48.65
C THR L 356 -77.06 70.40 -49.25
N ASN L 357 -78.15 70.68 -49.94
CA ASN L 357 -78.34 71.94 -50.69
C ASN L 357 -78.57 73.12 -49.74
N SER L 358 -79.11 72.87 -48.54
CA SER L 358 -79.37 73.91 -47.51
C SER L 358 -78.05 74.60 -47.14
N HIS L 359 -77.01 73.82 -46.89
CA HIS L 359 -75.63 74.30 -46.57
C HIS L 359 -74.97 74.96 -47.78
N LEU L 360 -75.05 74.34 -48.96
CA LEU L 360 -74.34 74.81 -50.19
C LEU L 360 -74.98 76.08 -50.72
N PRO L 361 -74.18 76.97 -51.37
CA PRO L 361 -74.72 78.11 -52.13
C PRO L 361 -75.26 77.62 -53.49
N ALA L 362 -76.02 78.48 -54.19
CA ALA L 362 -76.86 78.15 -55.38
C ALA L 362 -76.05 77.46 -56.50
N GLY L 363 -74.88 78.00 -56.85
CA GLY L 363 -74.06 77.52 -57.96
C GLY L 363 -73.39 76.19 -57.67
N LYS L 364 -73.48 75.68 -56.44
CA LYS L 364 -72.85 74.41 -56.03
C LYS L 364 -73.92 73.37 -55.69
N GLN L 365 -75.21 73.74 -55.81
CA GLN L 365 -76.34 72.86 -55.42
C GLN L 365 -76.48 71.73 -56.44
N VAL L 366 -76.81 70.55 -55.93
CA VAL L 366 -77.08 69.30 -56.68
C VAL L 366 -78.60 69.16 -56.92
N GLU L 367 -79.00 68.35 -57.91
CA GLU L 367 -80.44 68.14 -58.20
C GLU L 367 -80.63 66.76 -58.80
N ILE L 368 -81.82 66.21 -58.61
CA ILE L 368 -82.15 64.89 -59.24
C ILE L 368 -82.23 65.16 -60.74
N SER L 369 -81.39 64.47 -61.50
CA SER L 369 -81.20 64.68 -62.96
C SER L 369 -81.95 63.59 -63.74
N LEU L 370 -81.81 62.33 -63.33
CA LEU L 370 -82.49 61.17 -63.95
C LEU L 370 -83.29 60.42 -62.90
N VAL L 371 -84.60 60.31 -63.11
CA VAL L 371 -85.48 59.32 -62.43
C VAL L 371 -85.63 58.14 -63.38
N ASN L 372 -84.74 57.16 -63.24
CA ASN L 372 -84.58 56.00 -64.13
C ASN L 372 -85.57 54.88 -63.76
N GLY L 373 -86.16 54.97 -62.57
CA GLY L 373 -86.96 53.90 -61.94
C GLY L 373 -87.42 54.36 -60.57
N ALA L 374 -88.28 53.60 -59.92
CA ALA L 374 -88.85 53.95 -58.59
C ALA L 374 -87.72 54.11 -57.57
N LYS L 375 -86.68 53.27 -57.66
CA LYS L 375 -85.51 53.24 -56.73
C LYS L 375 -84.20 53.22 -57.53
N ASN L 376 -84.11 54.07 -58.54
CA ASN L 376 -82.93 54.19 -59.43
C ASN L 376 -82.83 55.65 -59.87
N LEU L 377 -82.07 56.45 -59.12
CA LEU L 377 -82.06 57.91 -59.28
C LEU L 377 -80.64 58.34 -59.61
N VAL L 378 -80.53 59.47 -60.30
CA VAL L 378 -79.20 60.07 -60.61
C VAL L 378 -79.27 61.53 -60.22
N VAL L 379 -78.22 61.96 -59.51
CA VAL L 379 -78.07 63.34 -59.00
C VAL L 379 -76.91 63.95 -59.76
N SER L 380 -77.16 65.14 -60.29
CA SER L 380 -76.19 65.96 -61.03
C SER L 380 -75.78 67.16 -60.19
N GLY L 381 -74.52 67.54 -60.30
CA GLY L 381 -74.00 68.81 -59.78
C GLY L 381 -72.50 68.71 -59.66
N PRO L 382 -71.86 69.69 -58.98
CA PRO L 382 -70.40 69.68 -58.87
C PRO L 382 -69.92 68.37 -58.27
N PRO L 383 -68.87 67.74 -58.82
CA PRO L 383 -68.35 66.51 -58.21
C PRO L 383 -68.09 66.67 -56.71
N GLN L 384 -67.60 67.83 -56.27
CA GLN L 384 -67.31 68.07 -54.82
C GLN L 384 -68.63 68.11 -54.04
N SER L 385 -69.65 68.80 -54.56
CA SER L 385 -70.99 68.87 -53.93
C SER L 385 -71.56 67.45 -53.82
N LEU L 386 -71.33 66.59 -54.81
CA LEU L 386 -71.88 65.20 -54.83
C LEU L 386 -71.05 64.33 -53.91
N TYR L 387 -69.78 64.67 -53.71
CA TYR L 387 -68.92 63.95 -52.73
C TYR L 387 -69.45 64.27 -51.33
N GLY L 388 -69.92 65.50 -51.14
CA GLY L 388 -70.61 66.00 -49.94
C GLY L 388 -71.89 65.25 -49.66
N LEU L 389 -72.77 65.15 -50.65
CA LEU L 389 -73.96 64.28 -50.61
C LEU L 389 -73.54 62.85 -50.23
N ASN L 390 -72.53 62.32 -50.87
CA ASN L 390 -72.05 60.93 -50.64
C ASN L 390 -71.60 60.73 -49.19
N LEU L 391 -71.01 61.74 -48.55
CA LEU L 391 -70.55 61.66 -47.12
C LEU L 391 -71.79 61.54 -46.24
N THR L 392 -72.81 62.37 -46.47
CA THR L 392 -74.13 62.30 -45.80
C THR L 392 -74.75 60.90 -46.00
N LEU L 393 -74.67 60.33 -47.20
CA LEU L 393 -75.30 59.01 -47.53
C LEU L 393 -74.54 57.88 -46.82
N ARG L 394 -73.21 57.95 -46.72
CA ARG L 394 -72.39 56.79 -46.26
C ARG L 394 -72.59 56.58 -44.76
N LYS L 395 -73.06 57.60 -44.03
CA LYS L 395 -73.51 57.51 -42.62
C LYS L 395 -74.84 56.76 -42.56
N ALA L 396 -75.80 57.16 -43.40
CA ALA L 396 -77.19 56.65 -43.41
C ALA L 396 -77.26 55.21 -43.93
N LYS L 397 -76.27 54.74 -44.69
CA LYS L 397 -76.31 53.39 -45.31
C LYS L 397 -75.70 52.39 -44.34
N ALA L 398 -76.35 51.23 -44.18
CA ALA L 398 -75.86 50.08 -43.40
C ALA L 398 -74.78 49.37 -44.20
N PRO L 399 -73.76 48.76 -43.54
CA PRO L 399 -72.78 47.92 -44.25
C PRO L 399 -73.44 46.85 -45.14
N SER L 400 -72.80 46.52 -46.25
CA SER L 400 -73.30 45.53 -47.26
C SER L 400 -73.41 44.14 -46.64
N GLY L 401 -72.41 43.74 -45.83
CA GLY L 401 -72.35 42.43 -45.15
C GLY L 401 -72.87 42.49 -43.72
N LEU L 402 -73.91 43.30 -43.46
CA LEU L 402 -74.65 43.34 -42.16
C LEU L 402 -75.84 42.37 -42.25
N ASP L 403 -75.94 41.44 -41.29
CA ASP L 403 -77.10 40.54 -41.11
C ASP L 403 -78.15 41.30 -40.29
N GLN L 404 -79.33 41.51 -40.88
CA GLN L 404 -80.50 42.15 -40.22
C GLN L 404 -81.69 41.18 -40.20
N SER L 405 -81.46 39.90 -40.51
CA SER L 405 -82.50 38.83 -40.54
C SER L 405 -83.18 38.69 -39.18
N ARG L 406 -82.44 38.89 -38.08
CA ARG L 406 -82.92 38.75 -36.67
C ARG L 406 -83.42 40.10 -36.13
N ILE L 407 -83.54 41.11 -36.97
CA ILE L 407 -84.10 42.45 -36.60
C ILE L 407 -85.50 42.54 -37.22
N PRO L 408 -86.53 43.03 -36.49
CA PRO L 408 -87.83 43.26 -37.09
C PRO L 408 -87.73 44.19 -38.32
N PHE L 409 -88.54 43.90 -39.35
CA PHE L 409 -88.44 44.49 -40.70
C PHE L 409 -88.33 46.03 -40.62
N SER L 410 -89.27 46.68 -39.94
CA SER L 410 -89.44 48.15 -39.85
C SER L 410 -88.27 48.83 -39.11
N GLU L 411 -87.55 48.08 -38.26
CA GLU L 411 -86.42 48.60 -37.45
C GLU L 411 -85.08 48.41 -38.20
N ARG L 412 -85.09 47.85 -39.41
CA ARG L 412 -83.84 47.59 -40.17
C ARG L 412 -83.29 48.92 -40.71
N LYS L 413 -81.97 49.02 -40.77
CA LYS L 413 -81.29 50.18 -41.36
C LYS L 413 -81.34 50.02 -42.88
N LEU L 414 -81.93 51.00 -43.59
CA LEU L 414 -82.08 50.96 -45.08
C LEU L 414 -80.70 50.76 -45.70
N LYS L 415 -80.60 49.81 -46.63
CA LYS L 415 -79.35 49.53 -47.38
C LYS L 415 -79.58 49.90 -48.85
N PHE L 416 -78.59 50.54 -49.44
CA PHE L 416 -78.66 51.10 -50.82
C PHE L 416 -77.26 51.19 -51.40
N SER L 417 -77.21 51.53 -52.68
CA SER L 417 -75.97 51.64 -53.49
C SER L 417 -75.85 53.09 -53.99
N ASN L 418 -74.62 53.55 -54.11
CA ASN L 418 -74.29 54.87 -54.68
C ASN L 418 -72.95 54.70 -55.40
N ARG L 419 -72.92 55.03 -56.69
CA ARG L 419 -71.68 55.04 -57.48
C ARG L 419 -71.74 56.28 -58.36
N PHE L 420 -70.59 56.90 -58.55
CA PHE L 420 -70.41 57.96 -59.55
C PHE L 420 -70.51 57.32 -60.94
N LEU L 421 -71.25 57.96 -61.84
CA LEU L 421 -71.34 57.50 -63.24
C LEU L 421 -70.08 57.87 -64.01
N PRO L 422 -69.65 57.03 -64.97
CA PRO L 422 -68.56 57.37 -65.88
C PRO L 422 -69.01 58.39 -66.94
N VAL L 423 -69.12 59.64 -66.51
CA VAL L 423 -69.56 60.80 -67.32
C VAL L 423 -68.68 61.99 -66.88
N ALA L 424 -68.61 63.05 -67.68
CA ALA L 424 -67.67 64.16 -67.44
C ALA L 424 -68.38 65.51 -67.37
N SER L 425 -69.70 65.53 -67.46
CA SER L 425 -70.50 66.77 -67.39
C SER L 425 -71.76 66.52 -66.60
N PRO L 426 -72.27 67.54 -65.88
CA PRO L 426 -73.52 67.40 -65.13
C PRO L 426 -74.74 67.63 -66.02
N PHE L 427 -75.15 66.64 -66.80
CA PHE L 427 -76.37 66.76 -67.65
C PHE L 427 -77.58 66.98 -66.77
N HIS L 428 -78.59 67.66 -67.31
CA HIS L 428 -79.92 67.86 -66.68
C HIS L 428 -79.75 68.67 -65.38
N SER L 429 -78.94 69.73 -65.42
CA SER L 429 -78.58 70.56 -64.24
C SER L 429 -78.53 72.04 -64.60
N HIS L 430 -78.80 72.87 -63.58
CA HIS L 430 -78.72 74.36 -63.60
C HIS L 430 -77.33 74.80 -64.09
N LEU L 431 -76.31 73.98 -63.84
CA LEU L 431 -74.91 74.26 -64.26
C LEU L 431 -74.78 74.43 -65.77
N LEU L 432 -75.61 73.75 -66.57
CA LEU L 432 -75.45 73.73 -68.04
C LEU L 432 -76.41 74.70 -68.71
N VAL L 433 -77.32 75.32 -67.96
CA VAL L 433 -78.39 76.22 -68.46
C VAL L 433 -77.81 77.39 -69.27
N PRO L 434 -76.68 78.01 -68.88
CA PRO L 434 -76.08 79.08 -69.69
C PRO L 434 -75.78 78.68 -71.15
N ALA L 435 -75.44 77.40 -71.38
CA ALA L 435 -75.14 76.83 -72.72
C ALA L 435 -76.39 76.78 -73.61
N SER L 436 -77.60 76.83 -73.06
CA SER L 436 -78.88 76.67 -73.80
C SER L 436 -78.93 77.60 -75.01
N ASP L 437 -78.87 78.91 -74.77
CA ASP L 437 -78.99 79.97 -75.81
C ASP L 437 -77.90 79.80 -76.86
N LEU L 438 -76.69 79.44 -76.44
CA LEU L 438 -75.52 79.29 -77.35
C LEU L 438 -75.75 78.10 -78.28
N ILE L 439 -76.28 76.98 -77.77
CA ILE L 439 -76.58 75.77 -78.58
C ILE L 439 -77.69 76.13 -79.59
N ASN L 440 -78.74 76.82 -79.16
CA ASN L 440 -79.89 77.19 -80.04
C ASN L 440 -79.35 78.01 -81.20
N LYS L 441 -78.57 79.06 -80.92
CA LYS L 441 -77.96 79.97 -81.94
C LYS L 441 -77.04 79.19 -82.89
N ASP L 442 -76.27 78.23 -82.38
CA ASP L 442 -75.34 77.41 -83.20
C ASP L 442 -76.16 76.54 -84.16
N LEU L 443 -77.32 76.04 -83.72
CA LEU L 443 -78.19 75.19 -84.56
C LEU L 443 -78.82 76.05 -85.67
N VAL L 444 -79.32 77.26 -85.39
CA VAL L 444 -79.92 78.13 -86.44
C VAL L 444 -78.81 78.51 -87.45
N LYS L 445 -77.58 78.70 -86.98
CA LYS L 445 -76.40 79.07 -87.81
C LYS L 445 -76.03 77.90 -88.73
N ASN L 446 -75.99 76.66 -88.23
CA ASN L 446 -75.59 75.44 -89.02
C ASN L 446 -76.83 74.77 -89.64
N ASN L 447 -78.00 75.43 -89.68
CA ASN L 447 -79.22 75.02 -90.42
C ASN L 447 -79.65 73.62 -89.97
N VAL L 448 -79.80 73.44 -88.67
CA VAL L 448 -80.29 72.19 -88.05
C VAL L 448 -81.61 72.51 -87.35
N SER L 449 -82.71 72.03 -87.94
CA SER L 449 -84.07 72.04 -87.34
C SER L 449 -84.67 70.65 -87.52
N PHE L 450 -85.68 70.35 -86.72
CA PHE L 450 -86.51 69.13 -86.82
C PHE L 450 -87.97 69.59 -86.93
N ASN L 451 -88.60 69.33 -88.08
CA ASN L 451 -90.02 69.69 -88.37
C ASN L 451 -90.91 68.51 -88.01
N ALA L 452 -92.03 68.79 -87.32
CA ALA L 452 -93.04 67.81 -86.88
C ALA L 452 -93.52 66.97 -88.07
N LYS L 453 -93.78 67.61 -89.21
CA LYS L 453 -94.27 66.94 -90.45
C LYS L 453 -93.21 66.01 -91.06
N ASP L 454 -91.91 66.21 -90.78
CA ASP L 454 -90.81 65.32 -91.25
C ASP L 454 -90.63 64.13 -90.31
N ILE L 455 -91.14 64.20 -89.08
CA ILE L 455 -90.99 63.15 -88.03
C ILE L 455 -92.17 62.18 -88.17
N GLN L 456 -91.90 60.97 -88.65
CA GLN L 456 -92.90 60.04 -89.21
C GLN L 456 -93.48 59.15 -88.11
N ILE L 457 -92.70 58.87 -87.06
CA ILE L 457 -93.16 58.12 -85.86
C ILE L 457 -93.16 59.05 -84.66
N PRO L 458 -93.97 58.77 -83.62
CA PRO L 458 -93.88 59.51 -82.37
C PRO L 458 -92.47 59.39 -81.76
N VAL L 459 -91.98 60.50 -81.23
CA VAL L 459 -90.73 60.58 -80.43
C VAL L 459 -91.11 61.18 -79.08
N TYR L 460 -90.93 60.40 -78.02
CA TYR L 460 -91.44 60.75 -76.68
C TYR L 460 -90.41 61.63 -75.98
N ASP L 461 -90.88 62.78 -75.48
CA ASP L 461 -90.17 63.74 -74.58
C ASP L 461 -89.67 62.99 -73.34
N THR L 462 -88.44 63.24 -72.89
CA THR L 462 -87.85 62.57 -71.71
C THR L 462 -88.33 63.22 -70.40
N PHE L 463 -89.08 64.31 -70.42
CA PHE L 463 -89.59 64.98 -69.19
C PHE L 463 -91.04 64.59 -68.90
N ASP L 464 -91.94 64.73 -69.88
CA ASP L 464 -93.40 64.53 -69.68
C ASP L 464 -93.94 63.36 -70.54
N GLY L 465 -93.11 62.71 -71.36
CA GLY L 465 -93.50 61.55 -72.17
C GLY L 465 -94.47 61.88 -73.29
N SER L 466 -94.67 63.18 -73.59
CA SER L 466 -95.53 63.65 -74.70
C SER L 466 -94.80 63.42 -76.02
N ASP L 467 -95.55 63.32 -77.11
CA ASP L 467 -94.98 63.24 -78.48
C ASP L 467 -94.39 64.61 -78.80
N LEU L 468 -93.14 64.65 -79.28
CA LEU L 468 -92.44 65.90 -79.67
C LEU L 468 -93.12 66.54 -80.89
N ARG L 469 -93.82 65.74 -81.71
CA ARG L 469 -94.50 66.20 -82.96
C ARG L 469 -95.67 67.15 -82.65
N VAL L 470 -96.26 67.07 -81.45
CA VAL L 470 -97.41 67.94 -81.04
C VAL L 470 -96.91 69.22 -80.34
N LEU L 471 -95.61 69.52 -80.37
CA LEU L 471 -95.04 70.78 -79.81
C LEU L 471 -95.43 71.97 -80.71
N SER L 472 -95.83 73.07 -80.08
CA SER L 472 -96.02 74.39 -80.74
C SER L 472 -94.65 74.92 -81.20
N GLY L 473 -93.67 74.97 -80.29
CA GLY L 473 -92.35 75.62 -80.51
C GLY L 473 -91.36 74.72 -81.25
N SER L 474 -90.09 75.13 -81.26
CA SER L 474 -88.94 74.40 -81.87
C SER L 474 -88.73 73.07 -81.14
N ILE L 475 -88.62 71.99 -81.90
CA ILE L 475 -88.38 70.63 -81.36
C ILE L 475 -86.91 70.56 -80.94
N SER L 476 -86.00 71.12 -81.74
CA SER L 476 -84.54 71.21 -81.48
C SER L 476 -84.29 71.91 -80.14
N GLU L 477 -85.02 72.98 -79.84
CA GLU L 477 -84.89 73.76 -78.58
C GLU L 477 -85.40 72.91 -77.41
N ARG L 478 -86.51 72.21 -77.61
CA ARG L 478 -87.08 71.33 -76.56
C ARG L 478 -86.11 70.17 -76.29
N ILE L 479 -85.52 69.59 -77.33
CA ILE L 479 -84.63 68.41 -77.18
C ILE L 479 -83.39 68.84 -76.39
N VAL L 480 -82.84 69.99 -76.74
CA VAL L 480 -81.67 70.60 -76.04
C VAL L 480 -82.07 70.80 -74.57
N ASP L 481 -83.23 71.40 -74.34
CA ASP L 481 -83.74 71.65 -72.98
C ASP L 481 -83.79 70.31 -72.22
N CYS L 482 -84.30 69.25 -72.84
CA CYS L 482 -84.47 67.93 -72.19
C CYS L 482 -83.10 67.36 -71.80
N ILE L 483 -82.05 67.64 -72.58
CA ILE L 483 -80.70 67.07 -72.32
C ILE L 483 -79.98 67.91 -71.25
N ILE L 484 -79.99 69.22 -71.35
CA ILE L 484 -79.07 70.07 -70.55
C ILE L 484 -79.77 70.49 -69.24
N ARG L 485 -81.08 70.73 -69.27
CA ARG L 485 -81.77 71.34 -68.10
C ARG L 485 -82.75 70.36 -67.46
N LEU L 486 -83.79 69.92 -68.18
CA LEU L 486 -84.93 69.19 -67.58
C LEU L 486 -84.50 67.79 -67.17
N PRO L 487 -85.01 67.27 -66.04
CA PRO L 487 -84.71 65.90 -65.66
C PRO L 487 -85.37 64.86 -66.58
N VAL L 488 -84.78 63.69 -66.65
CA VAL L 488 -85.29 62.53 -67.42
C VAL L 488 -86.19 61.74 -66.47
N LYS L 489 -87.49 61.70 -66.75
CA LYS L 489 -88.47 60.87 -66.04
C LYS L 489 -88.72 59.63 -66.90
N TRP L 490 -87.89 58.61 -66.72
CA TRP L 490 -87.76 57.49 -67.67
C TRP L 490 -89.05 56.66 -67.69
N GLU L 491 -89.70 56.45 -66.53
CA GLU L 491 -90.94 55.64 -66.45
C GLU L 491 -92.09 56.44 -67.07
N THR L 492 -92.03 57.77 -67.02
CA THR L 492 -93.06 58.64 -67.64
C THR L 492 -92.94 58.58 -69.17
N THR L 493 -91.72 58.61 -69.70
CA THR L 493 -91.46 58.66 -71.16
C THR L 493 -91.71 57.27 -71.77
N THR L 494 -91.46 56.19 -71.02
CA THR L 494 -91.70 54.80 -71.46
C THR L 494 -93.13 54.32 -71.13
N GLN L 495 -94.12 55.20 -70.97
CA GLN L 495 -95.55 54.81 -70.72
C GLN L 495 -96.22 54.21 -71.98
N PHE L 496 -95.56 54.24 -73.13
CA PHE L 496 -96.02 53.61 -74.40
C PHE L 496 -96.24 52.11 -74.21
N LYS L 497 -97.17 51.55 -74.98
CA LYS L 497 -97.48 50.09 -75.04
C LYS L 497 -96.67 49.48 -76.18
N ALA L 498 -95.83 48.49 -75.89
CA ALA L 498 -94.98 47.80 -76.88
C ALA L 498 -94.70 46.40 -76.38
N THR L 499 -94.51 45.44 -77.29
CA THR L 499 -94.15 44.06 -76.91
C THR L 499 -92.63 43.95 -76.94
N HIS L 500 -92.00 44.78 -77.76
CA HIS L 500 -90.55 44.70 -78.04
C HIS L 500 -89.97 46.11 -77.97
N ILE L 501 -88.78 46.21 -77.38
CA ILE L 501 -87.98 47.46 -77.28
C ILE L 501 -86.59 47.12 -77.80
N LEU L 502 -86.14 47.81 -78.84
CA LEU L 502 -84.79 47.68 -79.40
C LEU L 502 -83.92 48.77 -78.77
N ASP L 503 -82.88 48.35 -78.07
CA ASP L 503 -81.92 49.28 -77.42
C ASP L 503 -80.69 49.35 -78.33
N PHE L 504 -80.56 50.46 -79.02
CA PHE L 504 -79.41 50.71 -79.91
C PHE L 504 -78.25 51.32 -79.10
N GLY L 505 -78.57 52.03 -78.01
CA GLY L 505 -77.66 52.93 -77.26
C GLY L 505 -76.40 52.18 -76.92
N PRO L 506 -75.38 52.85 -76.34
CA PRO L 506 -74.13 52.18 -76.03
C PRO L 506 -74.29 51.44 -74.69
N GLY L 507 -73.36 50.55 -74.38
CA GLY L 507 -73.24 49.91 -73.06
C GLY L 507 -73.67 48.45 -73.05
N GLY L 508 -74.22 47.93 -74.15
CA GLY L 508 -74.74 46.55 -74.24
C GLY L 508 -75.65 46.24 -73.07
N ALA L 509 -75.26 45.26 -72.25
CA ALA L 509 -76.07 44.76 -71.11
C ALA L 509 -76.06 45.78 -69.96
N SER L 510 -75.12 46.73 -69.95
CA SER L 510 -75.03 47.82 -68.93
C SER L 510 -75.84 49.04 -69.38
N GLY L 511 -76.48 48.96 -70.55
CA GLY L 511 -77.16 50.10 -71.19
C GLY L 511 -78.57 50.33 -70.69
N LEU L 512 -79.29 51.15 -71.44
CA LEU L 512 -80.67 51.59 -71.16
C LEU L 512 -81.66 50.43 -71.30
N GLY L 513 -81.36 49.45 -72.15
CA GLY L 513 -82.26 48.32 -72.40
C GLY L 513 -82.49 47.55 -71.12
N VAL L 514 -81.42 47.11 -70.47
CA VAL L 514 -81.51 46.28 -69.24
C VAL L 514 -82.18 47.09 -68.14
N LEU L 515 -81.86 48.37 -67.98
CA LEU L 515 -82.59 49.25 -67.05
C LEU L 515 -84.09 49.19 -67.35
N THR L 516 -84.47 49.33 -68.63
CA THR L 516 -85.88 49.42 -69.06
C THR L 516 -86.56 48.07 -68.80
N HIS L 517 -85.86 46.97 -69.08
CA HIS L 517 -86.32 45.60 -68.72
C HIS L 517 -86.72 45.57 -67.25
N ARG L 518 -85.80 45.93 -66.34
CA ARG L 518 -86.05 45.92 -64.87
C ARG L 518 -87.33 46.69 -64.55
N ASN L 519 -87.57 47.84 -65.17
CA ASN L 519 -88.78 48.66 -64.88
C ASN L 519 -90.05 47.99 -65.38
N LYS L 520 -89.95 47.20 -66.45
CA LYS L 520 -91.13 46.71 -67.21
C LYS L 520 -91.32 45.21 -67.00
N ASP L 521 -90.49 44.55 -66.19
CA ASP L 521 -90.58 43.08 -65.93
C ASP L 521 -92.02 42.71 -65.53
N GLY L 522 -92.59 41.69 -66.16
CA GLY L 522 -93.93 41.17 -65.81
C GLY L 522 -95.09 41.91 -66.45
N THR L 523 -94.82 42.84 -67.39
CA THR L 523 -95.84 43.55 -68.19
C THR L 523 -95.92 43.00 -69.63
N GLY L 524 -95.05 42.06 -70.00
CA GLY L 524 -95.08 41.40 -71.33
C GLY L 524 -94.32 42.21 -72.36
N VAL L 525 -93.20 42.81 -71.96
CA VAL L 525 -92.30 43.60 -72.84
C VAL L 525 -90.97 42.85 -72.89
N ARG L 526 -90.47 42.66 -74.09
CA ARG L 526 -89.17 42.02 -74.36
C ARG L 526 -88.23 43.13 -74.85
N VAL L 527 -87.15 43.35 -74.14
CA VAL L 527 -86.09 44.28 -74.56
C VAL L 527 -85.09 43.50 -75.42
N ILE L 528 -84.64 44.08 -76.51
CA ILE L 528 -83.51 43.51 -77.29
C ILE L 528 -82.39 44.54 -77.31
N VAL L 529 -81.22 44.11 -76.90
CA VAL L 529 -79.98 44.92 -76.92
C VAL L 529 -79.40 44.77 -78.33
N ALA L 530 -79.76 45.70 -79.21
CA ALA L 530 -79.49 45.69 -80.66
C ALA L 530 -78.02 45.90 -81.01
N GLY L 531 -77.19 46.34 -80.06
CA GLY L 531 -75.80 46.77 -80.33
C GLY L 531 -74.77 45.74 -79.93
N THR L 532 -75.19 44.68 -79.24
CA THR L 532 -74.27 43.68 -78.65
C THR L 532 -74.76 42.29 -79.04
N LEU L 533 -73.87 41.49 -79.62
CA LEU L 533 -74.03 40.03 -79.74
C LEU L 533 -73.45 39.39 -78.48
N ASP L 534 -74.30 38.72 -77.70
CA ASP L 534 -73.91 37.98 -76.47
C ASP L 534 -75.00 36.94 -76.19
N ILE L 535 -74.82 36.13 -75.14
CA ILE L 535 -75.79 35.09 -74.68
C ILE L 535 -76.25 35.50 -73.28
N ASN L 536 -77.56 35.66 -73.10
CA ASN L 536 -78.19 35.86 -71.78
C ASN L 536 -78.54 34.48 -71.23
N PRO L 537 -77.93 34.04 -70.10
CA PRO L 537 -78.27 32.74 -69.51
C PRO L 537 -79.73 32.66 -69.02
N ASP L 538 -80.24 33.73 -68.40
CA ASP L 538 -81.65 33.84 -67.89
C ASP L 538 -82.64 33.99 -69.05
N ASP L 539 -82.17 34.51 -70.20
CA ASP L 539 -82.98 34.74 -71.43
C ASP L 539 -84.19 35.63 -71.11
N ASP L 540 -84.05 36.59 -70.20
CA ASP L 540 -85.12 37.54 -69.81
C ASP L 540 -85.10 38.79 -70.71
N TYR L 541 -84.02 39.00 -71.48
CA TYR L 541 -83.94 40.02 -72.56
C TYR L 541 -83.07 39.44 -73.67
N GLY L 542 -83.16 40.02 -74.87
CA GLY L 542 -82.47 39.53 -76.06
C GLY L 542 -81.20 40.30 -76.37
N PHE L 543 -80.38 39.74 -77.23
CA PHE L 543 -79.22 40.39 -77.88
C PHE L 543 -79.46 40.49 -79.39
N LYS L 544 -78.50 41.09 -80.09
CA LYS L 544 -78.49 41.35 -81.56
C LYS L 544 -79.17 40.21 -82.32
N GLN L 545 -78.74 38.96 -82.07
CA GLN L 545 -79.13 37.75 -82.87
C GLN L 545 -80.65 37.62 -82.97
N GLU L 546 -81.38 38.02 -81.93
CA GLU L 546 -82.85 37.93 -81.84
C GLU L 546 -83.54 38.81 -82.90
N ILE L 547 -82.89 39.88 -83.34
CA ILE L 547 -83.46 40.83 -84.34
C ILE L 547 -83.50 40.15 -85.71
N PHE L 548 -82.49 39.34 -86.01
CA PHE L 548 -82.22 38.80 -87.37
C PHE L 548 -82.72 37.36 -87.51
N ASP L 549 -82.94 36.66 -86.39
CA ASP L 549 -83.33 35.22 -86.37
C ASP L 549 -84.64 35.06 -87.14
N VAL L 550 -84.67 34.10 -88.08
CA VAL L 550 -85.81 33.85 -88.99
C VAL L 550 -86.69 32.72 -88.43
N THR L 551 -86.15 31.89 -87.54
CA THR L 551 -86.88 30.80 -86.85
C THR L 551 -87.77 31.41 -85.76
N SER L 552 -88.44 30.58 -84.95
CA SER L 552 -89.30 31.01 -83.81
C SER L 552 -88.49 31.75 -82.74
N ASN L 553 -87.17 31.52 -82.65
CA ASN L 553 -86.27 32.11 -81.63
C ASN L 553 -86.23 33.65 -81.74
N GLY L 554 -86.55 34.20 -82.93
CA GLY L 554 -86.65 35.64 -83.18
C GLY L 554 -87.85 36.30 -82.50
N LEU L 555 -88.95 35.56 -82.31
CA LEU L 555 -90.20 36.09 -81.69
C LEU L 555 -90.37 35.46 -80.30
N LYS L 556 -89.47 35.78 -79.38
CA LYS L 556 -89.62 35.48 -77.93
C LYS L 556 -90.45 36.59 -77.29
N LYS L 557 -91.58 36.25 -76.67
CA LYS L 557 -92.38 37.18 -75.83
C LYS L 557 -92.02 36.95 -74.37
N ASN L 558 -91.87 38.04 -73.61
CA ASN L 558 -91.66 38.00 -72.15
C ASN L 558 -93.00 37.86 -71.45
N PRO L 559 -93.03 37.20 -70.27
CA PRO L 559 -94.28 36.91 -69.58
C PRO L 559 -94.95 38.19 -69.08
N ASN L 560 -96.25 38.32 -69.34
CA ASN L 560 -97.17 39.24 -68.63
C ASN L 560 -97.87 38.45 -67.51
N TRP L 561 -97.54 38.72 -66.25
CA TRP L 561 -97.99 37.88 -65.10
C TRP L 561 -99.50 37.97 -64.97
N LEU L 562 -100.09 39.12 -65.21
CA LEU L 562 -101.55 39.25 -65.09
C LEU L 562 -102.25 38.27 -66.04
N GLU L 563 -101.70 38.03 -67.23
CA GLU L 563 -102.33 37.19 -68.28
C GLU L 563 -101.96 35.74 -68.03
N GLU L 564 -100.67 35.48 -67.79
CA GLU L 564 -100.13 34.11 -67.65
C GLU L 564 -100.67 33.40 -66.38
N TYR L 565 -100.94 34.11 -65.29
CA TYR L 565 -101.32 33.52 -63.97
C TYR L 565 -102.66 34.07 -63.56
N HIS L 566 -103.44 34.53 -64.53
CA HIS L 566 -104.83 34.96 -64.35
C HIS L 566 -105.60 33.82 -63.68
N PRO L 567 -106.29 34.07 -62.55
CA PRO L 567 -107.21 33.07 -62.00
C PRO L 567 -108.40 32.87 -62.94
N LYS L 568 -108.87 31.64 -63.06
CA LYS L 568 -110.01 31.25 -63.92
C LYS L 568 -111.00 30.47 -63.11
N LEU L 569 -112.22 30.38 -63.61
CA LEU L 569 -113.23 29.42 -63.14
C LEU L 569 -113.27 28.25 -64.11
N ILE L 570 -113.45 27.06 -63.58
CA ILE L 570 -113.66 25.82 -64.38
C ILE L 570 -114.71 25.01 -63.64
N LYS L 571 -115.48 24.21 -64.35
CA LYS L 571 -116.44 23.30 -63.68
C LYS L 571 -116.24 21.89 -64.21
N ASN L 572 -116.59 20.90 -63.39
CA ASN L 572 -116.47 19.48 -63.79
C ASN L 572 -117.84 19.01 -64.25
N LYS L 573 -117.92 17.75 -64.70
CA LYS L 573 -119.15 17.09 -65.20
C LYS L 573 -120.30 17.28 -64.20
N SER L 574 -120.05 17.17 -62.89
CA SER L 574 -121.08 17.29 -61.82
C SER L 574 -121.55 18.73 -61.63
N GLY L 575 -120.86 19.71 -62.21
CA GLY L 575 -121.24 21.13 -62.17
C GLY L 575 -120.62 21.83 -60.98
N LYS L 576 -119.63 21.21 -60.33
CA LYS L 576 -118.86 21.82 -59.24
C LYS L 576 -117.92 22.85 -59.86
N ILE L 577 -117.97 24.09 -59.37
CA ILE L 577 -117.05 25.17 -59.86
C ILE L 577 -115.78 25.17 -59.00
N PHE L 578 -114.63 25.30 -59.64
CA PHE L 578 -113.30 25.47 -58.98
C PHE L 578 -112.67 26.76 -59.45
N VAL L 579 -112.10 27.49 -58.51
CA VAL L 579 -111.03 28.47 -58.82
C VAL L 579 -109.86 27.69 -59.40
N GLU L 580 -109.44 28.07 -60.60
CA GLU L 580 -108.42 27.37 -61.39
C GLU L 580 -107.15 28.20 -61.33
N THR L 581 -106.11 27.63 -60.74
CA THR L 581 -104.76 28.18 -60.64
C THR L 581 -103.82 27.03 -60.91
N LYS L 582 -102.55 27.34 -61.08
CA LYS L 582 -101.47 26.34 -61.19
C LYS L 582 -101.62 25.29 -60.08
N PHE L 583 -102.01 25.69 -58.87
CA PHE L 583 -102.10 24.79 -57.70
C PHE L 583 -103.35 23.92 -57.83
N SER L 584 -104.53 24.51 -57.99
CA SER L 584 -105.81 23.77 -58.04
C SER L 584 -105.80 22.81 -59.24
N LYS L 585 -105.15 23.17 -60.35
CA LYS L 585 -105.07 22.31 -61.55
C LYS L 585 -104.28 21.05 -61.21
N LEU L 586 -103.23 21.15 -60.39
CA LEU L 586 -102.45 19.97 -59.95
C LEU L 586 -103.34 19.08 -59.07
N ILE L 587 -103.94 19.63 -58.03
CA ILE L 587 -104.49 18.79 -56.92
C ILE L 587 -105.97 18.52 -57.13
N GLY L 588 -106.66 19.21 -58.03
CA GLY L 588 -108.07 18.94 -58.31
C GLY L 588 -108.97 19.32 -57.17
N ARG L 589 -108.58 20.32 -56.39
CA ARG L 589 -109.33 20.82 -55.22
C ARG L 589 -109.13 22.32 -55.20
N PRO L 590 -109.94 23.08 -54.45
CA PRO L 590 -109.73 24.52 -54.34
C PRO L 590 -108.31 24.85 -53.91
N PRO L 591 -107.70 25.95 -54.39
CA PRO L 591 -106.31 26.25 -54.09
C PRO L 591 -106.12 26.86 -52.69
N LEU L 592 -106.67 26.22 -51.67
CA LEU L 592 -106.78 26.72 -50.28
C LEU L 592 -106.28 25.59 -49.41
N LEU L 593 -105.27 25.84 -48.60
CA LEU L 593 -104.78 24.74 -47.74
C LEU L 593 -104.71 25.18 -46.28
N VAL L 594 -104.92 24.19 -45.43
CA VAL L 594 -104.68 24.27 -43.97
C VAL L 594 -103.27 23.76 -43.79
N PRO L 595 -102.33 24.62 -43.38
CA PRO L 595 -100.96 24.23 -43.21
C PRO L 595 -100.83 23.38 -41.94
N GLY L 596 -99.69 22.69 -41.81
CA GLY L 596 -99.36 21.91 -40.61
C GLY L 596 -99.28 22.86 -39.43
N MET L 597 -100.00 22.54 -38.37
CA MET L 597 -99.97 23.29 -37.10
C MET L 597 -99.88 22.30 -35.93
N THR L 598 -98.81 22.41 -35.16
CA THR L 598 -98.73 21.81 -33.81
C THR L 598 -99.34 22.82 -32.84
N PRO L 599 -100.46 22.54 -32.17
CA PRO L 599 -101.11 21.23 -32.17
C PRO L 599 -102.36 21.00 -33.05
N CYS L 600 -102.90 22.04 -33.70
CA CYS L 600 -104.24 22.00 -34.37
C CYS L 600 -104.39 20.89 -35.42
N THR L 601 -103.36 20.60 -36.21
CA THR L 601 -103.49 19.55 -37.27
C THR L 601 -102.70 18.31 -36.86
N VAL L 602 -102.42 18.14 -35.57
CA VAL L 602 -101.86 16.83 -35.13
C VAL L 602 -103.04 15.87 -35.06
N SER L 603 -104.23 16.37 -34.74
CA SER L 603 -105.45 15.55 -34.57
C SER L 603 -105.81 14.85 -35.88
N PRO L 604 -105.82 13.50 -35.93
CA PRO L 604 -106.34 12.79 -37.11
C PRO L 604 -107.78 13.17 -37.47
N ASP L 605 -108.60 13.52 -36.49
CA ASP L 605 -110.02 13.88 -36.69
C ASP L 605 -110.15 15.19 -37.47
N PHE L 606 -109.28 16.17 -37.20
CA PHE L 606 -109.32 17.48 -37.90
C PHE L 606 -108.76 17.31 -39.31
N VAL L 607 -107.70 16.54 -39.45
CA VAL L 607 -107.06 16.24 -40.76
C VAL L 607 -108.08 15.53 -41.66
N ALA L 608 -108.83 14.58 -41.11
CA ALA L 608 -109.88 13.82 -41.82
C ALA L 608 -111.06 14.74 -42.14
N ALA L 609 -111.53 15.56 -41.20
CA ALA L 609 -112.69 16.46 -41.41
C ALA L 609 -112.40 17.43 -42.55
N THR L 610 -111.16 17.93 -42.64
CA THR L 610 -110.76 18.96 -43.63
C THR L 610 -110.60 18.28 -45.00
N THR L 611 -109.97 17.12 -45.04
CA THR L 611 -109.87 16.25 -46.25
C THR L 611 -111.27 15.95 -46.77
N ASN L 612 -112.17 15.52 -45.90
CA ASN L 612 -113.57 15.17 -46.26
C ASN L 612 -114.36 16.41 -46.69
N ALA L 613 -113.99 17.60 -46.22
CA ALA L 613 -114.60 18.89 -46.62
C ALA L 613 -114.18 19.23 -48.06
N GLY L 614 -113.09 18.63 -48.53
CA GLY L 614 -112.56 18.77 -49.89
C GLY L 614 -111.36 19.69 -49.97
N TYR L 615 -110.59 19.84 -48.89
CA TYR L 615 -109.46 20.81 -48.80
C TYR L 615 -108.18 20.10 -48.39
N THR L 616 -107.04 20.61 -48.85
CA THR L 616 -105.72 20.03 -48.53
C THR L 616 -105.32 20.48 -47.12
N ILE L 617 -104.81 19.52 -46.36
CA ILE L 617 -104.36 19.72 -44.96
C ILE L 617 -103.15 18.84 -44.75
N GLU L 618 -102.21 19.34 -43.95
CA GLU L 618 -100.96 18.67 -43.55
C GLU L 618 -101.20 18.12 -42.13
N LEU L 619 -100.95 16.83 -41.92
CA LEU L 619 -100.81 16.25 -40.56
C LEU L 619 -99.50 16.76 -39.98
N ALA L 620 -99.54 17.41 -38.81
CA ALA L 620 -98.36 18.03 -38.18
C ALA L 620 -97.53 16.98 -37.45
N GLY L 621 -96.34 16.69 -37.95
CA GLY L 621 -95.34 15.81 -37.29
C GLY L 621 -94.86 16.34 -35.95
N GLY L 622 -94.92 17.66 -35.74
CA GLY L 622 -94.60 18.32 -34.46
C GLY L 622 -95.35 17.72 -33.27
N GLY L 623 -96.49 17.09 -33.48
CA GLY L 623 -97.28 16.45 -32.40
C GLY L 623 -96.91 15.00 -32.18
N TYR L 624 -95.87 14.48 -32.83
CA TYR L 624 -95.53 13.03 -32.84
C TYR L 624 -94.05 12.89 -32.50
N PHE L 625 -93.68 11.79 -31.82
CA PHE L 625 -92.31 11.61 -31.27
C PHE L 625 -91.65 10.34 -31.80
N SER L 626 -92.39 9.49 -32.51
CA SER L 626 -91.85 8.25 -33.12
C SER L 626 -92.63 7.90 -34.39
N ALA L 627 -92.08 6.99 -35.18
CA ALA L 627 -92.73 6.43 -36.39
C ALA L 627 -94.01 5.69 -36.00
N ALA L 628 -94.01 4.99 -34.87
CA ALA L 628 -95.17 4.21 -34.40
C ALA L 628 -96.34 5.14 -34.09
N GLY L 629 -96.08 6.23 -33.37
CA GLY L 629 -97.11 7.20 -32.98
C GLY L 629 -97.67 7.93 -34.19
N MET L 630 -96.81 8.30 -35.15
CA MET L 630 -97.26 8.98 -36.39
C MET L 630 -98.00 7.97 -37.28
N THR L 631 -97.54 6.71 -37.33
CA THR L 631 -98.20 5.62 -38.11
C THR L 631 -99.64 5.41 -37.64
N ALA L 632 -99.88 5.39 -36.33
CA ALA L 632 -101.22 5.22 -35.73
C ALA L 632 -102.13 6.39 -36.12
N ALA L 633 -101.56 7.60 -36.17
CA ALA L 633 -102.31 8.84 -36.51
C ALA L 633 -102.66 8.79 -38.00
N ILE L 634 -101.69 8.47 -38.84
CA ILE L 634 -101.91 8.32 -40.31
C ILE L 634 -102.98 7.27 -40.55
N ASP L 635 -102.87 6.08 -39.93
CA ASP L 635 -103.86 4.98 -40.08
C ASP L 635 -105.23 5.47 -39.62
N SER L 636 -105.29 6.31 -38.58
CA SER L 636 -106.55 6.89 -38.10
C SER L 636 -107.10 7.85 -39.16
N VAL L 637 -106.24 8.64 -39.80
CA VAL L 637 -106.72 9.57 -40.88
C VAL L 637 -107.27 8.68 -42.00
N VAL L 638 -106.47 7.73 -42.48
CA VAL L 638 -106.85 6.86 -43.63
C VAL L 638 -108.19 6.17 -43.34
N SER L 639 -108.42 5.68 -42.13
CA SER L 639 -109.71 5.04 -41.76
C SER L 639 -110.90 6.01 -41.86
N GLN L 640 -110.70 7.30 -41.65
CA GLN L 640 -111.80 8.29 -41.55
C GLN L 640 -112.03 9.03 -42.88
N ILE L 641 -111.07 9.00 -43.81
CA ILE L 641 -111.25 9.70 -45.13
C ILE L 641 -111.83 8.73 -46.15
N GLU L 642 -112.52 9.27 -47.15
CA GLU L 642 -113.15 8.50 -48.26
C GLU L 642 -112.05 7.94 -49.15
N LYS L 643 -112.29 6.78 -49.76
CA LYS L 643 -111.45 6.20 -50.83
C LYS L 643 -111.17 7.26 -51.89
N GLY L 644 -109.91 7.38 -52.28
CA GLY L 644 -109.44 8.35 -53.28
C GLY L 644 -109.03 9.69 -52.69
N SER L 645 -109.36 9.98 -51.42
CA SER L 645 -108.89 11.21 -50.72
C SER L 645 -107.41 11.04 -50.33
N THR L 646 -106.72 12.17 -50.19
CA THR L 646 -105.29 12.26 -49.84
C THR L 646 -105.11 13.38 -48.81
N PHE L 647 -103.92 13.45 -48.24
CA PHE L 647 -103.54 14.46 -47.24
C PHE L 647 -102.04 14.52 -47.26
N GLY L 648 -101.48 15.57 -46.68
CA GLY L 648 -100.03 15.74 -46.60
C GLY L 648 -99.50 15.59 -45.18
N ILE L 649 -98.19 15.62 -45.07
CA ILE L 649 -97.48 15.58 -43.78
C ILE L 649 -96.56 16.79 -43.70
N ASN L 650 -96.60 17.49 -42.57
CA ASN L 650 -95.70 18.62 -42.25
C ASN L 650 -94.64 18.09 -41.27
N LEU L 651 -93.38 18.15 -41.66
CA LEU L 651 -92.23 17.86 -40.77
C LEU L 651 -91.41 19.14 -40.59
N ILE L 652 -90.69 19.23 -39.47
CA ILE L 652 -89.95 20.45 -39.01
C ILE L 652 -88.48 20.20 -39.28
N TYR L 653 -87.84 21.05 -40.08
CA TYR L 653 -86.46 20.83 -40.56
C TYR L 653 -85.45 21.03 -39.41
N VAL L 654 -85.78 21.84 -38.41
CA VAL L 654 -84.91 22.14 -37.23
C VAL L 654 -85.18 21.14 -36.11
N ASN L 655 -85.79 20.01 -36.42
CA ASN L 655 -86.01 18.87 -35.50
C ASN L 655 -85.39 17.64 -36.17
N PRO L 656 -84.04 17.53 -36.16
CA PRO L 656 -83.35 16.46 -36.86
C PRO L 656 -83.84 15.05 -36.49
N PHE L 657 -84.32 14.90 -35.25
CA PHE L 657 -84.85 13.62 -34.73
C PHE L 657 -86.14 13.29 -35.50
N MET L 658 -87.07 14.25 -35.59
CA MET L 658 -88.33 14.09 -36.35
C MET L 658 -87.99 13.68 -37.79
N LEU L 659 -87.07 14.36 -38.46
CA LEU L 659 -86.69 14.01 -39.85
C LEU L 659 -86.16 12.59 -39.89
N GLN L 660 -85.39 12.18 -38.88
CA GLN L 660 -84.63 10.90 -38.90
C GLN L 660 -85.63 9.73 -38.89
N TRP L 661 -86.72 9.80 -38.15
CA TRP L 661 -87.79 8.78 -38.20
C TRP L 661 -88.88 9.16 -39.22
N GLY L 662 -89.02 10.45 -39.55
CA GLY L 662 -90.16 10.99 -40.32
C GLY L 662 -90.05 10.67 -41.80
N ILE L 663 -88.87 10.86 -42.39
CA ILE L 663 -88.59 10.68 -43.83
C ILE L 663 -88.62 9.18 -44.17
N PRO L 664 -87.90 8.29 -43.44
CA PRO L 664 -88.06 6.85 -43.66
C PRO L 664 -89.50 6.35 -43.51
N LEU L 665 -90.26 6.93 -42.57
CA LEU L 665 -91.67 6.53 -42.41
C LEU L 665 -92.44 6.86 -43.69
N ILE L 666 -92.30 8.08 -44.21
CA ILE L 666 -93.07 8.51 -45.40
C ILE L 666 -92.69 7.61 -46.58
N LYS L 667 -91.39 7.40 -46.79
CA LYS L 667 -90.87 6.50 -47.85
C LYS L 667 -91.57 5.15 -47.76
N GLU L 668 -91.62 4.58 -46.56
CA GLU L 668 -92.14 3.23 -46.29
C GLU L 668 -93.66 3.21 -46.51
N LEU L 669 -94.38 4.18 -45.95
CA LEU L 669 -95.85 4.26 -46.15
C LEU L 669 -96.16 4.50 -47.63
N ARG L 670 -95.39 5.34 -48.34
CA ARG L 670 -95.68 5.62 -49.77
C ARG L 670 -95.47 4.32 -50.56
N SER L 671 -94.40 3.58 -50.28
CA SER L 671 -94.09 2.25 -50.89
C SER L 671 -95.26 1.28 -50.65
N LYS L 672 -95.98 1.39 -49.53
CA LYS L 672 -97.19 0.56 -49.28
C LYS L 672 -98.43 1.20 -49.92
N GLY L 673 -98.25 2.34 -50.59
CA GLY L 673 -99.31 3.05 -51.32
C GLY L 673 -100.20 3.89 -50.42
N TYR L 674 -99.71 4.40 -49.29
CA TYR L 674 -100.55 5.23 -48.40
C TYR L 674 -100.84 6.56 -49.10
N PRO L 675 -102.04 7.12 -48.91
CA PRO L 675 -102.48 8.31 -49.62
C PRO L 675 -101.89 9.59 -49.03
N ILE L 676 -100.57 9.69 -49.11
CA ILE L 676 -99.81 10.87 -48.69
C ILE L 676 -99.42 11.60 -49.96
N GLN L 677 -100.09 12.71 -50.23
CA GLN L 677 -99.96 13.42 -51.52
C GLN L 677 -98.66 14.21 -51.51
N PHE L 678 -98.31 14.76 -50.37
CA PHE L 678 -97.15 15.68 -50.33
C PHE L 678 -96.58 15.70 -48.91
N LEU L 679 -95.40 16.27 -48.84
CA LEU L 679 -94.64 16.57 -47.64
C LEU L 679 -94.37 18.07 -47.64
N THR L 680 -94.74 18.77 -46.56
CA THR L 680 -94.28 20.16 -46.36
C THR L 680 -93.19 20.14 -45.29
N ILE L 681 -92.06 20.76 -45.58
CA ILE L 681 -90.97 20.98 -44.61
C ILE L 681 -91.15 22.39 -44.06
N GLY L 682 -91.43 22.49 -42.75
CA GLY L 682 -91.55 23.77 -42.04
C GLY L 682 -90.23 24.18 -41.42
N ALA L 683 -90.10 25.48 -41.10
CA ALA L 683 -89.06 26.03 -40.20
C ALA L 683 -87.67 25.77 -40.77
N GLY L 684 -87.49 25.99 -42.07
CA GLY L 684 -86.21 25.82 -42.76
C GLY L 684 -86.41 25.15 -44.09
N VAL L 685 -85.49 25.38 -45.02
CA VAL L 685 -85.49 24.80 -46.39
C VAL L 685 -84.33 23.82 -46.47
N PRO L 686 -84.56 22.57 -46.90
CA PRO L 686 -83.45 21.61 -46.99
C PRO L 686 -82.41 22.08 -48.00
N SER L 687 -81.21 21.51 -47.89
CA SER L 687 -80.13 21.60 -48.90
C SER L 687 -80.61 20.95 -50.20
N LEU L 688 -79.91 21.23 -51.29
CA LEU L 688 -80.15 20.61 -52.62
C LEU L 688 -80.08 19.07 -52.52
N GLU L 689 -79.15 18.52 -51.74
CA GLU L 689 -78.90 17.06 -51.68
C GLU L 689 -80.09 16.41 -50.98
N VAL L 690 -80.51 17.00 -49.85
CA VAL L 690 -81.63 16.49 -49.02
C VAL L 690 -82.92 16.63 -49.83
N ALA L 691 -83.18 17.79 -50.42
CA ALA L 691 -84.39 18.06 -51.23
C ALA L 691 -84.47 17.03 -52.36
N SER L 692 -83.33 16.71 -53.00
CA SER L 692 -83.26 15.71 -54.09
C SER L 692 -83.72 14.36 -53.55
N GLU L 693 -83.18 13.94 -52.40
CA GLU L 693 -83.57 12.70 -51.70
C GLU L 693 -85.10 12.68 -51.50
N TYR L 694 -85.69 13.78 -51.01
CA TYR L 694 -87.15 13.89 -50.74
C TYR L 694 -87.93 13.78 -52.05
N ILE L 695 -87.48 14.49 -53.09
CA ILE L 695 -88.16 14.51 -54.42
C ILE L 695 -88.10 13.11 -55.05
N GLU L 696 -86.94 12.46 -55.05
CA GLU L 696 -86.69 11.24 -55.86
C GLU L 696 -87.13 9.96 -55.14
N THR L 697 -87.09 9.90 -53.80
CA THR L 697 -87.26 8.64 -53.04
C THR L 697 -88.63 8.55 -52.36
N LEU L 698 -89.32 9.64 -52.06
CA LEU L 698 -90.49 9.57 -51.14
C LEU L 698 -91.78 9.26 -51.90
N GLY L 699 -91.76 9.23 -53.23
CA GLY L 699 -92.97 8.92 -54.03
C GLY L 699 -94.07 9.94 -53.79
N LEU L 700 -93.73 11.22 -53.69
CA LEU L 700 -94.72 12.30 -53.44
C LEU L 700 -95.16 12.94 -54.75
N LYS L 701 -96.38 13.48 -54.79
CA LYS L 701 -96.86 14.31 -55.91
C LYS L 701 -96.08 15.64 -55.92
N TYR L 702 -95.99 16.30 -54.77
CA TYR L 702 -95.25 17.58 -54.67
C TYR L 702 -94.63 17.75 -53.30
N LEU L 703 -93.73 18.74 -53.22
CA LEU L 703 -92.96 19.08 -52.03
C LEU L 703 -93.29 20.51 -51.65
N GLY L 704 -93.79 20.69 -50.44
CA GLY L 704 -94.08 21.99 -49.82
C GLY L 704 -92.85 22.50 -49.12
N LEU L 705 -92.42 23.72 -49.44
CA LEU L 705 -91.30 24.41 -48.78
C LEU L 705 -91.81 25.72 -48.23
N LYS L 706 -91.30 26.16 -47.07
CA LYS L 706 -91.79 27.36 -46.35
C LYS L 706 -90.60 28.27 -46.13
N PRO L 707 -90.12 28.98 -47.17
CA PRO L 707 -88.97 29.86 -47.00
C PRO L 707 -89.39 31.01 -46.06
N GLY L 708 -88.49 31.40 -45.18
CA GLY L 708 -88.71 32.52 -44.24
C GLY L 708 -88.25 33.86 -44.81
N SER L 709 -87.25 33.88 -45.70
CA SER L 709 -86.54 35.09 -46.16
C SER L 709 -86.22 35.00 -47.66
N ILE L 710 -85.61 36.04 -48.22
CA ILE L 710 -85.05 36.09 -49.60
C ILE L 710 -84.12 34.89 -49.83
N ASP L 711 -83.17 34.65 -48.95
CA ASP L 711 -82.12 33.59 -49.14
C ASP L 711 -82.80 32.22 -49.23
N ALA L 712 -83.82 31.98 -48.40
CA ALA L 712 -84.55 30.70 -48.37
C ALA L 712 -85.36 30.58 -49.68
N ILE L 713 -85.94 31.68 -50.15
CA ILE L 713 -86.71 31.73 -51.44
C ILE L 713 -85.76 31.37 -52.58
N SER L 714 -84.54 31.93 -52.57
CA SER L 714 -83.46 31.56 -53.51
C SER L 714 -83.14 30.06 -53.42
N GLN L 715 -83.14 29.47 -52.23
CA GLN L 715 -82.83 28.03 -52.04
C GLN L 715 -83.99 27.18 -52.61
N VAL L 716 -85.22 27.63 -52.43
CA VAL L 716 -86.41 26.96 -53.01
C VAL L 716 -86.26 26.99 -54.53
N ILE L 717 -85.92 28.15 -55.08
CA ILE L 717 -85.74 28.32 -56.56
C ILE L 717 -84.66 27.32 -57.00
N ASN L 718 -83.55 27.22 -56.28
CA ASN L 718 -82.43 26.32 -56.67
C ASN L 718 -82.94 24.88 -56.72
N ILE L 719 -83.79 24.48 -55.77
CA ILE L 719 -84.37 23.10 -55.72
C ILE L 719 -85.30 22.91 -56.91
N ALA L 720 -86.14 23.90 -57.22
CA ALA L 720 -87.07 23.86 -58.38
C ALA L 720 -86.25 23.74 -59.68
N LYS L 721 -85.15 24.49 -59.81
CA LYS L 721 -84.25 24.46 -60.98
C LYS L 721 -83.70 23.05 -61.19
N ALA L 722 -83.31 22.38 -60.09
CA ALA L 722 -82.63 21.07 -60.08
C ALA L 722 -83.60 19.93 -60.43
N HIS L 723 -84.91 20.15 -60.24
CA HIS L 723 -85.99 19.16 -60.46
C HIS L 723 -87.12 19.85 -61.21
N PRO L 724 -86.87 20.23 -62.49
CA PRO L 724 -87.74 21.16 -63.19
C PRO L 724 -89.12 20.56 -63.51
N ASN L 725 -89.27 19.25 -63.45
CA ASN L 725 -90.57 18.57 -63.71
C ASN L 725 -91.33 18.29 -62.41
N PHE L 726 -90.73 18.50 -61.24
CA PHE L 726 -91.37 18.14 -59.95
C PHE L 726 -92.06 19.37 -59.37
N PRO L 727 -93.37 19.29 -59.05
CA PRO L 727 -94.07 20.43 -58.49
C PRO L 727 -93.55 20.82 -57.09
N ILE L 728 -93.13 22.06 -56.93
CA ILE L 728 -92.71 22.63 -55.62
C ILE L 728 -93.78 23.63 -55.19
N ALA L 729 -94.44 23.40 -54.06
CA ALA L 729 -95.36 24.38 -53.43
C ALA L 729 -94.52 25.29 -52.53
N LEU L 730 -94.22 26.49 -53.01
CA LEU L 730 -93.53 27.53 -52.22
C LEU L 730 -94.60 28.23 -51.39
N GLN L 731 -94.63 27.92 -50.11
CA GLN L 731 -95.64 28.49 -49.19
C GLN L 731 -94.96 29.66 -48.52
N TRP L 732 -95.29 30.86 -48.96
CA TRP L 732 -94.63 32.09 -48.47
C TRP L 732 -95.50 32.64 -47.34
N THR L 733 -94.88 32.90 -46.20
CA THR L 733 -95.53 33.56 -45.04
C THR L 733 -94.63 34.69 -44.58
N GLY L 734 -95.21 35.77 -44.14
CA GLY L 734 -94.47 36.84 -43.46
C GLY L 734 -94.43 36.58 -41.96
N GLY L 735 -93.71 37.42 -41.25
CA GLY L 735 -93.54 37.35 -39.79
C GLY L 735 -94.86 37.48 -39.06
N ARG L 736 -95.88 38.03 -39.70
CA ARG L 736 -97.20 38.26 -39.13
C ARG L 736 -97.98 36.95 -38.91
N GLY L 737 -97.48 35.82 -39.38
CA GLY L 737 -98.18 34.53 -39.22
C GLY L 737 -98.22 34.08 -37.76
N GLY L 738 -99.23 33.31 -37.38
CA GLY L 738 -99.27 32.57 -36.12
C GLY L 738 -98.10 31.63 -35.94
N GLY L 739 -97.81 31.26 -34.68
CA GLY L 739 -96.81 30.24 -34.37
C GLY L 739 -95.42 30.81 -34.51
N HIS L 740 -94.45 29.94 -34.79
CA HIS L 740 -93.06 30.34 -35.02
C HIS L 740 -93.06 31.23 -36.25
N HIS L 741 -92.45 32.40 -36.15
CA HIS L 741 -92.54 33.46 -37.18
C HIS L 741 -91.20 34.11 -37.40
N SER L 742 -91.03 34.69 -38.58
CA SER L 742 -89.81 35.40 -39.01
C SER L 742 -89.94 36.87 -38.61
N PHE L 743 -88.95 37.66 -38.96
CA PHE L 743 -88.95 39.13 -38.81
C PHE L 743 -89.40 39.79 -40.12
N GLU L 744 -89.81 39.00 -41.13
CA GLU L 744 -89.94 39.46 -42.54
C GLU L 744 -91.30 40.12 -42.74
N ASP L 745 -91.31 41.17 -43.56
CA ASP L 745 -92.54 41.74 -44.14
C ASP L 745 -93.18 40.65 -45.04
N ALA L 746 -94.50 40.68 -45.18
CA ALA L 746 -95.23 39.74 -46.06
C ALA L 746 -94.99 40.10 -47.55
N HIS L 747 -94.92 41.39 -47.88
CA HIS L 747 -95.01 41.90 -49.28
C HIS L 747 -93.63 42.06 -49.90
N THR L 748 -92.74 42.75 -49.23
CA THR L 748 -91.45 43.21 -49.79
C THR L 748 -90.71 42.03 -50.42
N PRO L 749 -90.50 40.90 -49.72
CA PRO L 749 -89.74 39.79 -50.31
C PRO L 749 -90.43 39.17 -51.55
N MET L 750 -91.77 39.24 -51.63
CA MET L 750 -92.52 38.74 -52.81
C MET L 750 -92.29 39.72 -53.97
N LEU L 751 -92.42 41.02 -53.71
CA LEU L 751 -92.10 42.06 -54.73
C LEU L 751 -90.71 41.85 -55.29
N GLN L 752 -89.74 41.46 -54.46
CA GLN L 752 -88.33 41.30 -54.94
C GLN L 752 -88.17 39.97 -55.68
N MET L 753 -88.93 38.93 -55.32
CA MET L 753 -88.58 37.56 -55.77
C MET L 753 -89.61 36.99 -56.74
N TYR L 754 -90.78 37.63 -56.84
CA TYR L 754 -91.89 37.11 -57.66
C TYR L 754 -91.42 36.78 -59.08
N SER L 755 -90.73 37.71 -59.73
CA SER L 755 -90.21 37.51 -61.11
C SER L 755 -89.34 36.25 -61.15
N LYS L 756 -88.40 36.09 -60.24
CA LYS L 756 -87.45 34.96 -60.25
C LYS L 756 -88.21 33.66 -59.97
N ILE L 757 -89.21 33.70 -59.09
CA ILE L 757 -90.03 32.49 -58.80
C ILE L 757 -90.73 32.12 -60.11
N ARG L 758 -91.41 33.08 -60.76
CA ARG L 758 -92.26 32.80 -61.94
C ARG L 758 -91.45 32.38 -63.17
N ARG L 759 -90.13 32.34 -63.09
CA ARG L 759 -89.26 31.80 -64.17
C ARG L 759 -89.25 30.28 -64.08
N HIS L 760 -89.77 29.72 -62.99
CA HIS L 760 -89.79 28.25 -62.72
C HIS L 760 -91.24 27.77 -62.72
N PRO L 761 -91.73 27.21 -63.83
CA PRO L 761 -93.14 26.88 -63.94
C PRO L 761 -93.56 25.78 -62.95
N ASN L 762 -92.61 24.98 -62.46
CA ASN L 762 -92.91 23.92 -61.47
C ASN L 762 -93.17 24.51 -60.08
N ILE L 763 -92.87 25.79 -59.82
CA ILE L 763 -93.15 26.39 -58.49
C ILE L 763 -94.59 26.89 -58.45
N MET L 764 -95.36 26.36 -57.52
CA MET L 764 -96.73 26.80 -57.24
C MET L 764 -96.64 27.72 -56.02
N LEU L 765 -97.00 28.97 -56.22
CA LEU L 765 -96.72 30.04 -55.25
C LEU L 765 -97.94 30.24 -54.35
N ILE L 766 -97.81 29.82 -53.10
CA ILE L 766 -98.89 29.91 -52.08
C ILE L 766 -98.55 31.07 -51.14
N PHE L 767 -99.50 31.95 -50.94
CA PHE L 767 -99.41 33.08 -49.98
C PHE L 767 -100.17 32.69 -48.70
N GLY L 768 -99.46 32.75 -47.59
CA GLY L 768 -100.09 32.63 -46.27
C GLY L 768 -99.68 33.77 -45.36
N SER L 769 -100.18 33.70 -44.13
CA SER L 769 -99.98 34.66 -43.03
C SER L 769 -101.01 35.76 -43.19
N GLY L 770 -101.80 35.95 -42.15
CA GLY L 770 -102.64 37.13 -42.01
C GLY L 770 -103.97 36.96 -42.70
N PHE L 771 -104.25 35.83 -43.35
CA PHE L 771 -105.47 35.71 -44.19
C PHE L 771 -106.56 35.02 -43.39
N GLY L 772 -107.80 35.49 -43.54
CA GLY L 772 -108.96 34.79 -42.98
C GLY L 772 -110.21 34.79 -43.85
N SER L 773 -110.19 35.37 -45.05
CA SER L 773 -111.43 35.43 -45.88
C SER L 773 -111.12 35.54 -47.37
N ALA L 774 -112.18 35.49 -48.18
CA ALA L 774 -112.14 35.71 -49.64
C ALA L 774 -111.72 37.16 -49.91
N ASP L 775 -112.31 38.11 -49.18
CA ASP L 775 -112.12 39.57 -49.38
C ASP L 775 -110.64 39.91 -49.27
N ASP L 776 -109.95 39.41 -48.25
CA ASP L 776 -108.55 39.83 -47.98
C ASP L 776 -107.59 39.04 -48.87
N THR L 777 -107.97 37.87 -49.39
CA THR L 777 -107.10 37.08 -50.28
C THR L 777 -107.32 37.43 -51.75
N TYR L 778 -108.49 37.92 -52.13
CA TYR L 778 -108.84 38.14 -53.54
C TYR L 778 -107.78 38.99 -54.26
N PRO L 779 -107.32 40.13 -53.71
CA PRO L 779 -106.27 40.89 -54.38
C PRO L 779 -104.97 40.13 -54.65
N TYR L 780 -104.71 39.04 -53.93
CA TYR L 780 -103.47 38.24 -54.10
C TYR L 780 -103.72 37.24 -55.22
N LEU L 781 -104.95 36.78 -55.32
CA LEU L 781 -105.40 35.88 -56.39
C LEU L 781 -105.38 36.61 -57.74
N THR L 782 -105.95 37.81 -57.82
CA THR L 782 -106.01 38.59 -59.10
C THR L 782 -104.67 39.25 -59.41
N GLY L 783 -103.81 39.42 -58.41
CA GLY L 783 -102.50 40.07 -58.57
C GLY L 783 -102.58 41.57 -58.36
N GLU L 784 -103.75 42.13 -58.08
CA GLU L 784 -103.91 43.61 -57.94
C GLU L 784 -103.17 44.13 -56.69
N TRP L 785 -102.90 43.28 -55.70
CA TRP L 785 -102.18 43.61 -54.44
C TRP L 785 -100.91 44.38 -54.76
N SER L 786 -100.16 43.93 -55.76
CA SER L 786 -98.81 44.45 -56.04
C SER L 786 -98.88 45.85 -56.70
N THR L 787 -100.05 46.26 -57.19
CA THR L 787 -100.27 47.56 -57.89
C THR L 787 -100.20 48.72 -56.89
N LYS L 788 -100.59 48.51 -55.62
CA LYS L 788 -100.49 49.53 -54.54
C LYS L 788 -99.03 49.95 -54.35
N PHE L 789 -98.09 49.08 -54.68
CA PHE L 789 -96.63 49.30 -54.56
C PHE L 789 -96.00 49.70 -55.91
N ASP L 790 -96.81 50.09 -56.91
CA ASP L 790 -96.34 50.53 -58.27
C ASP L 790 -95.57 49.40 -58.98
N TYR L 791 -95.97 48.15 -58.77
CA TYR L 791 -95.46 46.97 -59.50
C TYR L 791 -96.57 46.47 -60.41
N PRO L 792 -96.25 45.70 -61.46
CA PRO L 792 -97.29 45.06 -62.26
C PRO L 792 -98.05 44.02 -61.42
N PRO L 793 -99.28 43.65 -61.79
CA PRO L 793 -100.00 42.63 -61.03
C PRO L 793 -99.22 41.32 -60.88
N MET L 794 -99.35 40.69 -59.71
CA MET L 794 -98.56 39.51 -59.33
C MET L 794 -99.48 38.44 -58.75
N PRO L 795 -100.27 37.71 -59.57
CA PRO L 795 -101.23 36.76 -59.03
C PRO L 795 -100.52 35.59 -58.33
N PHE L 796 -101.16 35.06 -57.31
CA PHE L 796 -100.70 33.87 -56.56
C PHE L 796 -101.56 32.65 -56.91
N ASP L 797 -100.97 31.49 -56.72
CA ASP L 797 -101.56 30.18 -57.07
C ASP L 797 -102.45 29.66 -55.95
N GLY L 798 -102.33 30.14 -54.72
CA GLY L 798 -103.25 29.74 -53.65
C GLY L 798 -102.88 30.30 -52.30
N PHE L 799 -103.63 29.91 -51.29
CA PHE L 799 -103.61 30.53 -49.95
C PHE L 799 -103.53 29.48 -48.89
N LEU L 800 -102.83 29.79 -47.81
CA LEU L 800 -102.94 28.94 -46.61
C LEU L 800 -103.51 29.75 -45.47
N PHE L 801 -104.23 29.05 -44.60
CA PHE L 801 -105.03 29.56 -43.47
C PHE L 801 -104.69 28.75 -42.22
N GLY L 802 -103.75 29.25 -41.43
CA GLY L 802 -103.37 28.65 -40.15
C GLY L 802 -104.31 29.13 -39.06
N SER L 803 -104.05 30.32 -38.54
CA SER L 803 -104.76 30.94 -37.40
C SER L 803 -106.27 30.86 -37.61
N ARG L 804 -106.73 31.18 -38.83
CA ARG L 804 -108.17 31.31 -39.17
C ARG L 804 -108.97 30.08 -38.74
N VAL L 805 -108.41 28.88 -38.83
CA VAL L 805 -109.20 27.62 -38.64
C VAL L 805 -109.08 27.11 -37.21
N MET L 806 -108.41 27.82 -36.31
CA MET L 806 -108.13 27.31 -34.94
C MET L 806 -109.39 27.25 -34.07
N ILE L 807 -110.47 27.93 -34.46
CA ILE L 807 -111.76 27.90 -33.70
C ILE L 807 -112.84 27.15 -34.49
N ALA L 808 -112.45 26.39 -35.52
CA ALA L 808 -113.39 25.53 -36.26
C ALA L 808 -113.92 24.45 -35.32
N LYS L 809 -115.09 23.90 -35.64
CA LYS L 809 -115.75 22.86 -34.82
C LYS L 809 -114.81 21.67 -34.61
N GLU L 810 -114.18 21.18 -35.67
CA GLU L 810 -113.50 19.87 -35.65
C GLU L 810 -112.08 20.02 -35.08
N VAL L 811 -111.61 21.23 -34.82
CA VAL L 811 -110.27 21.44 -34.18
C VAL L 811 -110.44 21.10 -32.70
N LYS L 812 -109.41 20.49 -32.12
CA LYS L 812 -109.45 19.98 -30.72
C LYS L 812 -109.24 21.10 -29.68
N THR L 813 -108.88 22.31 -30.12
CA THR L 813 -108.79 23.53 -29.26
C THR L 813 -109.95 23.50 -28.25
N SER L 814 -109.62 23.56 -26.95
CA SER L 814 -110.61 23.54 -25.82
C SER L 814 -111.58 24.70 -25.99
N PRO L 815 -112.87 24.53 -25.61
CA PRO L 815 -113.84 25.63 -25.71
C PRO L 815 -113.35 26.99 -25.23
N ASP L 816 -112.68 27.04 -24.08
CA ASP L 816 -112.26 28.34 -23.47
C ASP L 816 -111.06 28.91 -24.24
N ALA L 817 -110.23 28.06 -24.84
CA ALA L 817 -109.16 28.51 -25.74
C ALA L 817 -109.79 29.13 -27.01
N LYS L 818 -110.88 28.55 -27.52
CA LYS L 818 -111.62 29.14 -28.68
C LYS L 818 -112.20 30.49 -28.31
N LYS L 819 -112.77 30.62 -27.10
CA LYS L 819 -113.27 31.92 -26.61
C LYS L 819 -112.13 32.93 -26.51
N CYS L 820 -110.96 32.48 -26.06
CA CYS L 820 -109.76 33.33 -25.88
C CYS L 820 -109.29 33.81 -27.26
N ILE L 821 -109.18 32.90 -28.23
CA ILE L 821 -108.82 33.20 -29.66
C ILE L 821 -109.82 34.22 -30.23
N ALA L 822 -111.12 33.93 -30.13
CA ALA L 822 -112.21 34.76 -30.69
C ALA L 822 -112.14 36.18 -30.16
N ALA L 823 -111.77 36.36 -28.89
CA ALA L 823 -111.72 37.66 -28.17
C ALA L 823 -110.50 38.49 -28.61
N CYS L 824 -109.45 37.86 -29.14
CA CYS L 824 -108.30 38.60 -29.75
C CYS L 824 -108.82 39.44 -30.92
N THR L 825 -108.61 40.76 -30.87
CA THR L 825 -109.12 41.71 -31.88
C THR L 825 -108.26 41.61 -33.14
N GLY L 826 -106.99 41.29 -32.96
CA GLY L 826 -105.95 41.36 -34.00
C GLY L 826 -105.66 42.80 -34.36
N VAL L 827 -104.67 43.00 -35.22
CA VAL L 827 -104.31 44.31 -35.79
C VAL L 827 -104.14 44.17 -37.30
N PRO L 828 -104.27 45.27 -38.06
CA PRO L 828 -103.86 45.29 -39.47
C PRO L 828 -102.36 45.02 -39.64
N ASP L 829 -101.97 44.66 -40.85
CA ASP L 829 -100.57 44.37 -41.21
C ASP L 829 -99.61 45.50 -40.77
N ASP L 830 -100.00 46.77 -40.82
CA ASP L 830 -99.05 47.90 -40.54
C ASP L 830 -98.54 47.82 -39.08
N LYS L 831 -99.34 47.29 -38.14
CA LYS L 831 -99.06 47.28 -36.68
C LYS L 831 -98.50 45.96 -36.17
N TRP L 832 -98.27 44.94 -37.00
CA TRP L 832 -98.05 43.58 -36.47
C TRP L 832 -96.73 43.56 -35.68
N GLU L 833 -95.75 44.37 -36.05
CA GLU L 833 -94.40 44.32 -35.46
C GLU L 833 -94.40 44.82 -34.01
N GLN L 834 -95.50 45.35 -33.52
CA GLN L 834 -95.63 45.74 -32.10
C GLN L 834 -95.69 44.49 -31.19
N THR L 835 -95.93 43.30 -31.76
CA THR L 835 -95.97 42.03 -30.97
C THR L 835 -94.62 41.79 -30.30
N TYR L 836 -93.51 42.23 -30.91
CA TYR L 836 -92.15 42.10 -30.34
C TYR L 836 -92.00 42.87 -29.03
N LYS L 837 -92.83 43.89 -28.76
CA LYS L 837 -92.68 44.81 -27.60
C LYS L 837 -93.75 44.54 -26.55
N LYS L 838 -95.01 44.49 -26.96
CA LYS L 838 -96.17 44.48 -26.05
C LYS L 838 -97.33 43.73 -26.72
N PRO L 839 -98.36 43.33 -25.96
CA PRO L 839 -99.58 42.75 -26.54
C PRO L 839 -100.18 43.69 -27.60
N THR L 840 -100.33 43.15 -28.81
CA THR L 840 -100.87 43.83 -30.01
C THR L 840 -102.03 42.98 -30.55
N GLY L 841 -103.26 43.44 -30.36
CA GLY L 841 -104.49 42.73 -30.79
C GLY L 841 -104.73 41.49 -29.95
N GLY L 842 -104.13 41.42 -28.76
CA GLY L 842 -104.23 40.28 -27.84
C GLY L 842 -103.12 39.26 -28.07
N ILE L 843 -102.11 39.61 -28.87
CA ILE L 843 -101.05 38.67 -29.30
C ILE L 843 -99.71 39.31 -28.98
N VAL L 844 -98.74 38.48 -28.67
CA VAL L 844 -97.38 38.94 -28.33
C VAL L 844 -96.41 37.93 -28.91
N THR L 845 -95.18 38.36 -29.13
CA THR L 845 -94.05 37.50 -29.50
C THR L 845 -93.27 37.15 -28.25
N VAL L 846 -93.00 35.85 -28.08
CA VAL L 846 -92.10 35.30 -27.05
C VAL L 846 -91.09 34.41 -27.75
N ARG L 847 -90.07 33.99 -27.03
CA ARG L 847 -88.95 33.21 -27.60
C ARG L 847 -89.15 31.76 -27.18
N SER L 848 -88.96 30.85 -28.11
CA SER L 848 -88.90 29.40 -27.86
C SER L 848 -87.65 29.07 -27.01
N GLU L 849 -87.49 27.82 -26.60
CA GLU L 849 -86.28 27.27 -25.94
C GLU L 849 -85.04 27.63 -26.77
N MET L 850 -85.15 27.60 -28.10
CA MET L 850 -84.05 27.80 -29.08
C MET L 850 -83.92 29.28 -29.52
N GLY L 851 -84.68 30.19 -28.92
CA GLY L 851 -84.58 31.65 -29.17
C GLY L 851 -85.41 32.10 -30.35
N GLU L 852 -86.29 31.24 -30.87
CA GLU L 852 -87.09 31.51 -32.09
C GLU L 852 -88.35 32.26 -31.70
N PRO L 853 -88.73 33.32 -32.42
CA PRO L 853 -89.95 34.03 -32.09
C PRO L 853 -91.17 33.17 -32.37
N ILE L 854 -92.16 33.32 -31.50
CA ILE L 854 -93.46 32.64 -31.59
C ILE L 854 -94.51 33.67 -31.27
N HIS L 855 -95.59 33.66 -32.05
CA HIS L 855 -96.77 34.52 -31.85
C HIS L 855 -97.77 33.73 -31.03
N LYS L 856 -98.07 34.21 -29.85
CA LYS L 856 -98.95 33.50 -28.89
C LYS L 856 -99.98 34.49 -28.44
N ILE L 857 -101.14 34.02 -28.05
CA ILE L 857 -102.12 34.91 -27.37
C ILE L 857 -101.48 35.37 -26.05
N ALA L 858 -101.62 36.65 -25.72
CA ALA L 858 -101.06 37.34 -24.53
C ALA L 858 -101.90 36.95 -23.29
N THR L 859 -101.88 35.67 -22.92
CA THR L 859 -102.50 35.15 -21.67
C THR L 859 -101.55 35.48 -20.51
N ARG L 860 -102.00 35.33 -19.27
CA ARG L 860 -101.13 35.53 -18.08
C ARG L 860 -99.90 34.64 -18.22
N GLY L 861 -100.13 33.38 -18.61
CA GLY L 861 -99.05 32.43 -18.83
C GLY L 861 -98.02 32.97 -19.77
N VAL L 862 -98.47 33.51 -20.90
CA VAL L 862 -97.55 33.94 -21.98
C VAL L 862 -96.90 35.25 -21.55
N MET L 863 -97.64 36.11 -20.89
CA MET L 863 -97.08 37.38 -20.34
C MET L 863 -96.03 37.10 -19.26
N LEU L 864 -96.19 36.02 -18.50
CA LEU L 864 -95.12 35.56 -17.59
C LEU L 864 -93.91 35.08 -18.39
N TRP L 865 -94.16 34.30 -19.43
CA TRP L 865 -93.10 33.81 -20.33
C TRP L 865 -92.35 35.02 -20.92
N LYS L 866 -93.08 36.01 -21.39
CA LYS L 866 -92.43 37.21 -21.97
C LYS L 866 -91.51 37.85 -20.92
N GLU L 867 -92.05 38.11 -19.73
CA GLU L 867 -91.29 38.72 -18.61
C GLU L 867 -90.01 37.95 -18.32
N PHE L 868 -90.07 36.62 -18.24
CA PHE L 868 -88.90 35.78 -17.91
C PHE L 868 -87.89 35.76 -19.05
N ASP L 869 -88.35 35.92 -20.30
CA ASP L 869 -87.45 36.04 -21.49
C ASP L 869 -86.58 37.29 -21.33
N GLU L 870 -87.18 38.38 -20.84
CA GLU L 870 -86.52 39.70 -20.70
C GLU L 870 -85.62 39.72 -19.44
N THR L 871 -85.97 39.01 -18.37
CA THR L 871 -85.37 39.19 -17.00
C THR L 871 -84.62 37.96 -16.49
N ILE L 872 -84.78 36.77 -17.07
CA ILE L 872 -84.17 35.51 -16.56
C ILE L 872 -83.46 34.77 -17.70
N PHE L 873 -84.17 34.45 -18.78
CA PHE L 873 -83.65 33.52 -19.82
C PHE L 873 -82.57 34.21 -20.65
N ASN L 874 -82.58 35.54 -20.72
CA ASN L 874 -81.56 36.34 -21.47
C ASN L 874 -80.24 36.43 -20.68
N LEU L 875 -80.26 36.28 -19.35
CA LEU L 875 -79.05 36.42 -18.50
C LEU L 875 -78.01 35.39 -18.92
N PRO L 876 -76.70 35.68 -18.80
CA PRO L 876 -75.66 34.66 -18.95
C PRO L 876 -75.74 33.60 -17.84
N LYS L 877 -75.12 32.44 -18.06
CA LYS L 877 -75.23 31.22 -17.21
C LYS L 877 -74.75 31.52 -15.78
N ASN L 878 -73.65 32.27 -15.63
CA ASN L 878 -73.05 32.62 -14.33
C ASN L 878 -74.04 33.43 -13.47
N LYS L 879 -74.93 34.24 -14.07
CA LYS L 879 -75.90 35.12 -13.34
C LYS L 879 -77.29 34.48 -13.23
N LEU L 880 -77.55 33.33 -13.87
CA LEU L 880 -78.90 32.72 -13.90
C LEU L 880 -79.27 32.21 -12.50
N VAL L 881 -78.50 31.26 -11.96
CA VAL L 881 -78.80 30.59 -10.66
C VAL L 881 -78.89 31.63 -9.53
N PRO L 882 -77.95 32.60 -9.41
CA PRO L 882 -78.10 33.69 -8.45
C PRO L 882 -79.41 34.49 -8.60
N THR L 883 -79.82 34.81 -9.82
CA THR L 883 -81.08 35.55 -10.09
C THR L 883 -82.29 34.70 -9.65
N LEU L 884 -82.26 33.41 -9.94
CA LEU L 884 -83.37 32.50 -9.53
C LEU L 884 -83.46 32.49 -8.00
N GLU L 885 -82.34 32.27 -7.32
CA GLU L 885 -82.28 32.28 -5.82
C GLU L 885 -82.88 33.59 -5.30
N ALA L 886 -82.48 34.73 -5.86
CA ALA L 886 -82.90 36.07 -5.40
C ALA L 886 -84.40 36.28 -5.64
N LYS L 887 -84.90 35.91 -6.81
CA LYS L 887 -86.32 36.14 -7.20
C LYS L 887 -87.19 34.92 -6.88
N ARG L 888 -86.62 33.92 -6.21
CA ARG L 888 -87.25 32.61 -5.93
C ARG L 888 -88.71 32.76 -5.53
N ASP L 889 -89.02 33.53 -4.51
CA ASP L 889 -90.40 33.60 -3.97
C ASP L 889 -91.31 34.23 -5.01
N TYR L 890 -90.80 35.22 -5.75
CA TYR L 890 -91.57 35.92 -6.80
C TYR L 890 -91.89 34.92 -7.92
N ILE L 891 -90.85 34.27 -8.44
CA ILE L 891 -90.96 33.25 -9.51
C ILE L 891 -92.00 32.19 -9.09
N ILE L 892 -91.92 31.70 -7.86
CA ILE L 892 -92.86 30.64 -7.40
C ILE L 892 -94.27 31.20 -7.42
N SER L 893 -94.49 32.41 -6.91
CA SER L 893 -95.85 32.99 -6.83
C SER L 893 -96.45 33.15 -8.23
N ARG L 894 -95.64 33.56 -9.21
CA ARG L 894 -96.08 33.80 -10.63
C ARG L 894 -96.40 32.46 -11.29
N LEU L 895 -95.56 31.46 -11.11
CA LEU L 895 -95.80 30.10 -11.64
C LEU L 895 -97.16 29.62 -11.15
N ASN L 896 -97.42 29.80 -9.86
CA ASN L 896 -98.64 29.26 -9.23
C ASN L 896 -99.86 30.05 -9.67
N ALA L 897 -99.71 31.37 -9.82
CA ALA L 897 -100.85 32.24 -10.19
C ALA L 897 -101.18 32.11 -11.69
N ASP L 898 -100.16 32.07 -12.56
CA ASP L 898 -100.28 32.52 -13.97
C ASP L 898 -99.90 31.44 -14.98
N PHE L 899 -99.13 30.41 -14.63
CA PHE L 899 -98.51 29.48 -15.59
C PHE L 899 -99.15 28.10 -15.59
N GLN L 900 -98.96 27.39 -16.69
CA GLN L 900 -99.54 26.05 -16.97
C GLN L 900 -98.70 24.96 -16.30
N LYS L 901 -97.45 25.25 -16.01
CA LYS L 901 -96.57 24.41 -15.16
C LYS L 901 -96.43 25.13 -13.82
N PRO L 902 -97.28 24.84 -12.81
CA PRO L 902 -97.10 25.46 -11.49
C PRO L 902 -95.85 24.96 -10.77
N TRP L 903 -95.58 25.57 -9.62
CA TRP L 903 -94.48 25.14 -8.74
C TRP L 903 -94.90 23.81 -8.10
N PHE L 904 -94.15 22.75 -8.31
CA PHE L 904 -94.59 21.44 -7.79
C PHE L 904 -94.83 21.52 -6.26
N ALA L 905 -93.85 22.02 -5.53
CA ALA L 905 -93.81 21.96 -4.05
C ALA L 905 -94.64 23.08 -3.47
N THR L 906 -95.94 22.96 -3.66
CA THR L 906 -96.99 23.88 -3.18
C THR L 906 -98.06 22.99 -2.54
N VAL L 907 -98.27 23.14 -1.24
CA VAL L 907 -99.18 22.28 -0.43
C VAL L 907 -100.23 23.20 0.16
N ASN L 908 -101.51 23.04 -0.25
CA ASN L 908 -102.67 23.86 0.20
C ASN L 908 -102.37 25.35 -0.01
N GLY L 909 -101.77 25.72 -1.15
CA GLY L 909 -101.50 27.12 -1.52
C GLY L 909 -100.23 27.68 -0.89
N GLN L 910 -99.49 26.88 -0.12
CA GLN L 910 -98.26 27.33 0.59
C GLN L 910 -97.06 26.83 -0.20
N ALA L 911 -96.24 27.75 -0.69
CA ALA L 911 -94.97 27.46 -1.37
C ALA L 911 -94.05 26.74 -0.40
N ARG L 912 -93.49 25.62 -0.84
CA ARG L 912 -92.49 24.82 -0.13
C ARG L 912 -91.35 24.60 -1.08
N ASP L 913 -90.56 23.60 -0.79
CA ASP L 913 -89.53 23.04 -1.67
C ASP L 913 -89.75 21.53 -1.59
N LEU L 914 -89.18 20.78 -2.50
CA LEU L 914 -89.25 19.31 -2.36
C LEU L 914 -88.67 18.92 -0.99
N ALA L 915 -87.62 19.60 -0.53
CA ALA L 915 -86.91 19.24 0.71
C ALA L 915 -87.82 19.39 1.93
N THR L 916 -88.90 20.16 1.83
CA THR L 916 -89.81 20.45 2.95
C THR L 916 -91.18 19.93 2.62
N MET L 917 -91.26 18.89 1.82
CA MET L 917 -92.52 18.15 1.66
C MET L 917 -92.38 16.76 2.24
N THR L 918 -93.45 16.26 2.79
CA THR L 918 -93.53 14.84 3.20
C THR L 918 -93.70 13.98 1.95
N TYR L 919 -93.34 12.70 2.07
CA TYR L 919 -93.60 11.70 1.02
C TYR L 919 -95.07 11.70 0.63
N GLU L 920 -95.96 11.79 1.59
CA GLU L 920 -97.41 11.75 1.31
C GLU L 920 -97.82 13.02 0.54
N GLU L 921 -97.30 14.17 0.93
CA GLU L 921 -97.59 15.44 0.24
C GLU L 921 -97.11 15.36 -1.23
N VAL L 922 -95.98 14.74 -1.47
CA VAL L 922 -95.42 14.56 -2.82
C VAL L 922 -96.38 13.68 -3.62
N ALA L 923 -96.78 12.53 -3.06
CA ALA L 923 -97.63 11.53 -3.75
C ALA L 923 -98.94 12.22 -4.14
N LYS L 924 -99.56 12.93 -3.21
CA LYS L 924 -100.87 13.63 -3.40
C LYS L 924 -100.76 14.77 -4.41
N ARG L 925 -99.62 15.44 -4.46
CA ARG L 925 -99.42 16.57 -5.39
C ARG L 925 -99.28 15.94 -6.78
N LEU L 926 -98.57 14.82 -6.91
CA LEU L 926 -98.44 14.12 -8.21
C LEU L 926 -99.82 13.77 -8.77
N VAL L 927 -100.72 13.27 -7.93
CA VAL L 927 -102.10 12.87 -8.33
C VAL L 927 -102.91 14.13 -8.68
N GLU L 928 -102.74 15.22 -7.94
CA GLU L 928 -103.47 16.48 -8.15
C GLU L 928 -103.11 17.06 -9.54
N LEU L 929 -101.89 16.88 -9.99
CA LEU L 929 -101.39 17.58 -11.21
C LEU L 929 -101.44 16.65 -12.42
N MET L 930 -101.40 15.34 -12.22
CA MET L 930 -101.22 14.36 -13.32
C MET L 930 -102.47 13.48 -13.51
N PHE L 931 -103.40 13.45 -12.57
CA PHE L 931 -104.61 12.60 -12.64
C PHE L 931 -105.81 13.52 -12.78
N ILE L 932 -106.62 13.27 -13.79
CA ILE L 932 -107.76 14.15 -14.17
C ILE L 932 -108.99 13.55 -13.51
N ARG L 933 -109.58 14.28 -12.57
CA ARG L 933 -110.77 13.83 -11.81
C ARG L 933 -111.99 13.77 -12.73
N SER L 934 -112.15 14.75 -13.64
CA SER L 934 -113.32 14.90 -14.56
C SER L 934 -113.46 13.66 -15.46
N THR L 935 -112.35 13.10 -15.97
CA THR L 935 -112.30 11.89 -16.84
C THR L 935 -111.89 10.64 -16.04
N ASN L 936 -111.58 10.80 -14.75
CA ASN L 936 -111.18 9.70 -13.83
C ASN L 936 -110.01 8.88 -14.40
N SER L 937 -109.03 9.52 -15.00
CA SER L 937 -107.87 8.83 -15.62
C SER L 937 -106.58 9.65 -15.47
N TRP L 938 -105.47 8.98 -15.65
CA TRP L 938 -104.14 9.61 -15.81
C TRP L 938 -104.06 10.24 -17.19
N PHE L 939 -103.68 11.50 -17.25
CA PHE L 939 -103.59 12.24 -18.52
C PHE L 939 -102.62 11.56 -19.47
N ASP L 940 -101.55 10.99 -18.95
CA ASP L 940 -100.54 10.22 -19.73
C ASP L 940 -100.15 9.02 -18.86
N VAL L 941 -99.99 7.87 -19.48
CA VAL L 941 -99.61 6.62 -18.76
C VAL L 941 -98.23 6.81 -18.11
N THR L 942 -97.33 7.58 -18.73
CA THR L 942 -95.94 7.76 -18.23
C THR L 942 -95.95 8.57 -16.93
N TRP L 943 -97.00 9.38 -16.73
CA TRP L 943 -97.25 10.13 -15.47
C TRP L 943 -97.74 9.18 -14.40
N ARG L 944 -98.57 8.20 -14.77
CA ARG L 944 -98.95 7.13 -13.84
C ARG L 944 -97.71 6.35 -13.41
N THR L 945 -96.79 6.12 -14.32
CA THR L 945 -95.56 5.33 -14.05
C THR L 945 -94.64 6.15 -13.13
N PHE L 946 -94.57 7.45 -13.35
CA PHE L 946 -93.82 8.38 -12.50
C PHE L 946 -94.32 8.17 -11.06
N THR L 947 -95.62 8.29 -10.86
CA THR L 947 -96.26 8.22 -9.53
C THR L 947 -96.10 6.84 -8.91
N GLY L 948 -96.23 5.77 -9.68
CA GLY L 948 -96.02 4.40 -9.17
C GLY L 948 -94.57 4.17 -8.79
N ASP L 949 -93.62 4.66 -9.59
CA ASP L 949 -92.17 4.61 -9.30
C ASP L 949 -91.82 5.38 -8.01
N PHE L 950 -92.55 6.45 -7.74
CA PHE L 950 -92.41 7.25 -6.52
C PHE L 950 -92.94 6.45 -5.33
N LEU L 951 -94.13 5.89 -5.46
CA LEU L 951 -94.72 5.08 -4.37
C LEU L 951 -93.86 3.86 -4.05
N ARG L 952 -93.16 3.28 -4.99
CA ARG L 952 -92.25 2.16 -4.71
C ARG L 952 -91.04 2.66 -3.91
N ARG L 953 -90.59 3.87 -4.21
CA ARG L 953 -89.44 4.49 -3.53
C ARG L 953 -89.83 4.69 -2.06
N VAL L 954 -91.04 5.16 -1.81
CA VAL L 954 -91.60 5.32 -0.47
C VAL L 954 -91.50 4.00 0.28
N GLU L 955 -91.95 2.90 -0.33
CA GLU L 955 -91.93 1.60 0.35
C GLU L 955 -90.49 1.22 0.63
N GLU L 956 -89.61 1.43 -0.32
CA GLU L 956 -88.20 1.07 -0.18
C GLU L 956 -87.59 1.87 1.00
N ARG L 957 -87.95 3.14 1.13
CA ARG L 957 -87.32 4.04 2.11
C ARG L 957 -87.83 3.63 3.51
N PHE L 958 -89.07 3.18 3.63
CA PHE L 958 -89.76 3.03 4.93
C PHE L 958 -89.89 1.57 5.38
N THR L 959 -89.59 0.60 4.54
CA THR L 959 -89.65 -0.83 4.92
C THR L 959 -88.38 -1.22 5.67
N LYS L 960 -88.52 -2.09 6.66
CA LYS L 960 -87.41 -2.57 7.53
C LYS L 960 -86.79 -3.80 6.88
N SER L 961 -87.56 -4.53 6.08
CA SER L 961 -87.14 -5.81 5.47
C SER L 961 -87.69 -5.92 4.04
N LYS L 962 -87.02 -6.74 3.24
CA LYS L 962 -87.50 -7.24 1.92
C LYS L 962 -88.97 -7.65 2.08
N THR L 963 -89.86 -7.01 1.32
CA THR L 963 -91.33 -7.29 1.31
C THR L 963 -91.85 -7.21 -0.12
N LEU L 964 -93.11 -7.55 -0.31
CA LEU L 964 -93.85 -7.39 -1.59
C LEU L 964 -94.32 -5.95 -1.70
N SER L 965 -94.15 -5.35 -2.87
CA SER L 965 -94.78 -4.03 -3.18
C SER L 965 -96.29 -4.15 -2.96
N LEU L 966 -96.89 -3.16 -2.29
CA LEU L 966 -98.36 -2.99 -2.19
C LEU L 966 -98.93 -2.46 -3.51
N ILE L 967 -98.10 -2.07 -4.46
CA ILE L 967 -98.50 -1.69 -5.84
C ILE L 967 -97.78 -2.67 -6.76
N GLN L 968 -98.40 -3.81 -7.05
CA GLN L 968 -97.81 -4.87 -7.90
C GLN L 968 -97.86 -4.42 -9.37
N SER L 969 -98.94 -3.78 -9.76
CA SER L 969 -99.10 -3.21 -11.13
C SER L 969 -99.54 -1.75 -10.98
N TYR L 970 -99.03 -0.88 -11.85
CA TYR L 970 -99.42 0.55 -11.82
C TYR L 970 -100.89 0.72 -12.19
N SER L 971 -101.55 -0.29 -12.78
CA SER L 971 -103.01 -0.28 -13.03
C SER L 971 -103.80 0.02 -11.75
N LEU L 972 -103.29 -0.39 -10.58
CA LEU L 972 -103.87 -0.05 -9.24
C LEU L 972 -103.99 1.48 -9.07
N LEU L 973 -103.13 2.26 -9.74
CA LEU L 973 -103.18 3.73 -9.62
C LEU L 973 -104.38 4.33 -10.34
N ASP L 974 -105.14 3.56 -11.13
CA ASP L 974 -106.39 4.06 -11.77
C ASP L 974 -107.46 4.39 -10.72
N LYS L 975 -107.27 4.01 -9.45
CA LYS L 975 -107.96 4.58 -8.25
C LYS L 975 -106.90 5.20 -7.32
N PRO L 976 -106.36 6.39 -7.65
CA PRO L 976 -105.11 6.85 -7.06
C PRO L 976 -105.17 7.12 -5.54
N ASP L 977 -106.28 7.63 -5.03
CA ASP L 977 -106.46 7.93 -3.58
C ASP L 977 -106.32 6.63 -2.78
N GLU L 978 -106.93 5.55 -3.25
CA GLU L 978 -106.94 4.22 -2.58
C GLU L 978 -105.51 3.63 -2.55
N ALA L 979 -104.74 3.83 -3.62
CA ALA L 979 -103.34 3.35 -3.72
C ALA L 979 -102.47 4.14 -2.73
N ILE L 980 -102.63 5.46 -2.72
CA ILE L 980 -101.90 6.35 -1.78
C ILE L 980 -102.25 5.92 -0.35
N GLU L 981 -103.53 5.82 -0.01
CA GLU L 981 -104.00 5.41 1.34
C GLU L 981 -103.35 4.07 1.70
N LYS L 982 -103.28 3.14 0.76
CA LYS L 982 -102.75 1.78 1.01
C LYS L 982 -101.24 1.84 1.33
N VAL L 983 -100.48 2.66 0.61
CA VAL L 983 -99.01 2.73 0.79
C VAL L 983 -98.72 3.48 2.09
N PHE L 984 -99.41 4.57 2.36
CA PHE L 984 -99.12 5.42 3.54
C PHE L 984 -99.74 4.84 4.82
N ASN L 985 -100.58 3.81 4.71
CA ASN L 985 -101.11 3.08 5.89
C ASN L 985 -100.09 2.04 6.30
N ALA L 986 -99.41 1.43 5.33
CA ALA L 986 -98.31 0.49 5.57
C ALA L 986 -97.08 1.21 6.12
N TYR L 987 -96.86 2.47 5.72
CA TYR L 987 -95.63 3.24 6.03
C TYR L 987 -96.05 4.60 6.54
N PRO L 988 -96.71 4.66 7.71
CA PRO L 988 -97.25 5.93 8.17
C PRO L 988 -96.19 6.96 8.59
N ALA L 989 -94.93 6.53 8.77
CA ALA L 989 -93.80 7.45 9.05
C ALA L 989 -93.60 8.37 7.84
N ALA L 990 -93.98 7.88 6.65
CA ALA L 990 -93.83 8.63 5.39
C ALA L 990 -94.82 9.79 5.33
N ARG L 991 -95.82 9.81 6.20
CA ARG L 991 -96.74 10.98 6.29
C ARG L 991 -96.10 12.14 7.06
N GLU L 992 -95.05 11.88 7.83
CA GLU L 992 -94.53 12.89 8.80
C GLU L 992 -93.11 13.30 8.43
N GLN L 993 -92.41 12.54 7.61
CA GLN L 993 -91.00 12.80 7.31
C GLN L 993 -90.85 13.55 5.98
N PHE L 994 -89.96 14.53 5.91
CA PHE L 994 -89.64 15.20 4.64
C PHE L 994 -88.84 14.22 3.81
N LEU L 995 -88.86 14.43 2.51
CA LEU L 995 -88.08 13.61 1.58
C LEU L 995 -86.64 13.49 2.08
N ASN L 996 -86.16 12.29 2.21
CA ASN L 996 -84.72 12.04 2.26
C ASN L 996 -84.09 12.80 1.07
N ALA L 997 -82.95 13.46 1.28
CA ALA L 997 -82.22 14.20 0.25
C ALA L 997 -81.96 13.29 -0.97
N GLN L 998 -81.77 12.00 -0.75
CA GLN L 998 -81.58 11.02 -1.85
C GLN L 998 -82.84 10.90 -2.72
N ASP L 999 -83.99 10.96 -2.10
CA ASP L 999 -85.30 10.83 -2.76
C ASP L 999 -85.66 12.15 -3.46
N ILE L 1000 -85.08 13.27 -3.06
CA ILE L 1000 -85.27 14.55 -3.78
C ILE L 1000 -84.55 14.40 -5.12
N ASP L 1001 -83.30 13.97 -5.07
CA ASP L 1001 -82.44 13.77 -6.25
C ASP L 1001 -83.08 12.75 -7.20
N HIS L 1002 -83.57 11.66 -6.67
CA HIS L 1002 -84.24 10.61 -7.47
C HIS L 1002 -85.48 11.20 -8.14
N PHE L 1003 -86.31 11.90 -7.40
CA PHE L 1003 -87.49 12.57 -7.95
C PHE L 1003 -87.09 13.52 -9.10
N LEU L 1004 -86.05 14.31 -8.91
CA LEU L 1004 -85.64 15.28 -9.96
C LEU L 1004 -85.04 14.52 -11.15
N SER L 1005 -84.38 13.39 -10.92
CA SER L 1005 -83.82 12.53 -11.99
C SER L 1005 -84.95 11.94 -12.84
N MET L 1006 -86.06 11.59 -12.18
CA MET L 1006 -87.28 11.04 -12.80
C MET L 1006 -87.99 12.12 -13.61
N CYS L 1007 -87.85 13.40 -13.25
CA CYS L 1007 -88.49 14.53 -13.96
C CYS L 1007 -87.79 14.78 -15.30
N GLN L 1008 -86.57 14.27 -15.47
CA GLN L 1008 -85.70 14.44 -16.66
C GLN L 1008 -85.65 13.15 -17.47
N ASN L 1009 -86.46 12.15 -17.13
CA ASN L 1009 -86.57 10.88 -17.89
C ASN L 1009 -87.03 11.25 -19.30
N PRO L 1010 -86.22 11.02 -20.36
CA PRO L 1010 -86.59 11.44 -21.72
C PRO L 1010 -87.72 10.59 -22.34
N MET L 1011 -87.92 9.36 -21.87
CA MET L 1011 -88.96 8.40 -22.37
C MET L 1011 -90.26 8.58 -21.59
N GLN L 1012 -90.73 9.82 -21.47
CA GLN L 1012 -91.82 10.20 -20.55
C GLN L 1012 -92.35 11.54 -21.01
N LYS L 1013 -93.65 11.77 -20.90
CA LYS L 1013 -94.17 13.10 -21.21
C LYS L 1013 -93.62 14.08 -20.16
N PRO L 1014 -93.08 15.26 -20.55
CA PRO L 1014 -92.56 16.22 -19.58
C PRO L 1014 -93.56 16.49 -18.45
N VAL L 1015 -93.03 16.48 -17.22
CA VAL L 1015 -93.89 16.65 -16.04
C VAL L 1015 -94.58 18.00 -16.17
N PRO L 1016 -95.85 18.10 -15.78
CA PRO L 1016 -96.60 19.35 -15.89
C PRO L 1016 -96.42 20.25 -14.66
N PHE L 1017 -95.17 20.48 -14.29
CA PHE L 1017 -94.85 21.37 -13.16
C PHE L 1017 -93.40 21.72 -13.21
N VAL L 1018 -93.03 22.72 -12.41
CA VAL L 1018 -91.60 23.07 -12.21
C VAL L 1018 -91.20 22.53 -10.85
N PRO L 1019 -90.32 21.52 -10.75
CA PRO L 1019 -89.99 20.91 -9.46
C PRO L 1019 -88.78 21.52 -8.72
N VAL L 1020 -88.04 22.39 -9.37
CA VAL L 1020 -86.81 23.01 -8.83
C VAL L 1020 -86.51 24.29 -9.62
N LEU L 1021 -85.86 25.28 -9.01
CA LEU L 1021 -85.25 26.44 -9.72
C LEU L 1021 -83.75 26.24 -9.76
N ASP L 1022 -83.23 25.85 -10.91
CA ASP L 1022 -81.79 25.60 -11.12
C ASP L 1022 -81.49 25.92 -12.58
N ARG L 1023 -80.36 25.41 -13.10
CA ARG L 1023 -79.84 25.80 -14.44
C ARG L 1023 -80.81 25.35 -15.55
N ARG L 1024 -81.64 24.33 -15.30
CA ARG L 1024 -82.60 23.73 -16.26
C ARG L 1024 -83.97 24.39 -16.20
N PHE L 1025 -84.11 25.53 -15.53
CA PHE L 1025 -85.42 26.19 -15.33
C PHE L 1025 -86.08 26.54 -16.68
N GLU L 1026 -85.31 26.98 -17.67
CA GLU L 1026 -85.85 27.40 -18.99
C GLU L 1026 -86.50 26.18 -19.65
N ILE L 1027 -85.82 25.04 -19.60
CA ILE L 1027 -86.32 23.74 -20.13
C ILE L 1027 -87.56 23.31 -19.37
N PHE L 1028 -87.59 23.37 -18.04
CA PHE L 1028 -88.79 22.99 -17.26
C PHE L 1028 -89.93 23.91 -17.62
N PHE L 1029 -89.63 25.20 -17.82
CA PHE L 1029 -90.65 26.24 -18.00
C PHE L 1029 -91.28 26.09 -19.41
N LYS L 1030 -90.44 25.93 -20.44
CA LYS L 1030 -90.85 26.10 -21.86
C LYS L 1030 -91.16 24.76 -22.54
N LYS L 1031 -90.59 23.65 -22.08
CA LYS L 1031 -90.73 22.39 -22.83
C LYS L 1031 -92.21 21.97 -22.84
N ASP L 1032 -92.65 21.37 -23.94
CA ASP L 1032 -93.98 20.73 -24.10
C ASP L 1032 -95.07 21.68 -23.65
N SER L 1033 -95.08 22.87 -24.24
CA SER L 1033 -95.94 23.99 -23.83
C SER L 1033 -97.20 24.12 -24.70
N LEU L 1034 -97.44 23.25 -25.68
CA LEU L 1034 -98.50 23.51 -26.72
C LEU L 1034 -99.76 22.67 -26.54
N TRP L 1035 -99.72 21.54 -25.83
CA TRP L 1035 -100.86 20.59 -25.75
C TRP L 1035 -101.95 21.12 -24.80
N GLN L 1036 -101.60 22.02 -23.89
CA GLN L 1036 -102.49 22.40 -22.77
C GLN L 1036 -103.74 23.10 -23.31
N SER L 1037 -103.61 23.90 -24.38
CA SER L 1037 -104.74 24.68 -24.98
C SER L 1037 -105.81 23.75 -25.56
N GLU L 1038 -105.46 22.51 -25.89
CA GLU L 1038 -106.41 21.46 -26.36
C GLU L 1038 -106.90 20.55 -25.23
N HIS L 1039 -106.35 20.66 -24.02
CA HIS L 1039 -106.60 19.73 -22.89
C HIS L 1039 -106.68 20.53 -21.61
N LEU L 1040 -107.57 21.52 -21.55
CA LEU L 1040 -107.69 22.44 -20.40
C LEU L 1040 -108.13 21.65 -19.16
N GLU L 1041 -108.74 20.48 -19.32
CA GLU L 1041 -109.10 19.59 -18.18
C GLU L 1041 -107.84 19.17 -17.37
N ALA L 1042 -106.65 19.16 -17.97
CA ALA L 1042 -105.37 18.76 -17.33
C ALA L 1042 -104.54 19.97 -16.90
N VAL L 1043 -105.13 21.14 -16.84
CA VAL L 1043 -104.45 22.40 -16.44
C VAL L 1043 -105.08 22.82 -15.11
N VAL L 1044 -104.28 23.45 -14.24
CA VAL L 1044 -104.56 23.58 -12.78
C VAL L 1044 -106.04 23.90 -12.55
N ASP L 1045 -106.51 25.07 -12.96
CA ASP L 1045 -107.90 25.52 -12.67
C ASP L 1045 -108.76 25.37 -13.92
N GLN L 1046 -108.40 24.45 -14.83
CA GLN L 1046 -108.89 24.39 -16.23
C GLN L 1046 -108.80 25.79 -16.86
N ASP L 1047 -107.81 26.57 -16.45
CA ASP L 1047 -107.71 28.02 -16.70
C ASP L 1047 -106.93 28.25 -17.99
N VAL L 1048 -107.62 28.74 -19.01
CA VAL L 1048 -107.04 29.03 -20.35
C VAL L 1048 -105.90 30.04 -20.20
N GLN L 1049 -106.04 31.00 -19.28
CA GLN L 1049 -105.09 32.13 -19.10
C GLN L 1049 -103.70 31.65 -18.67
N ARG L 1050 -103.55 30.39 -18.29
CA ARG L 1050 -102.23 29.80 -17.94
C ARG L 1050 -101.49 29.32 -19.19
N THR L 1051 -102.18 29.22 -20.34
CA THR L 1051 -101.74 28.36 -21.47
C THR L 1051 -101.17 29.20 -22.62
N CYS L 1052 -100.43 28.51 -23.48
CA CYS L 1052 -99.78 29.02 -24.70
C CYS L 1052 -100.65 28.63 -25.89
N ILE L 1053 -101.33 29.61 -26.50
CA ILE L 1053 -102.14 29.43 -27.75
C ILE L 1053 -101.42 30.16 -28.88
N LEU L 1054 -100.98 29.43 -29.91
CA LEU L 1054 -100.28 30.03 -31.07
C LEU L 1054 -101.34 30.63 -31.97
N HIS L 1055 -101.17 31.90 -32.34
CA HIS L 1055 -102.16 32.64 -33.14
C HIS L 1055 -101.50 33.88 -33.70
N GLY L 1056 -101.89 34.25 -34.91
CA GLY L 1056 -101.21 35.33 -35.65
C GLY L 1056 -101.94 36.62 -35.42
N PRO L 1057 -101.23 37.75 -35.29
CA PRO L 1057 -101.85 39.02 -34.95
C PRO L 1057 -102.74 39.59 -36.05
N VAL L 1058 -102.44 39.29 -37.31
CA VAL L 1058 -103.22 39.85 -38.47
C VAL L 1058 -104.40 38.93 -38.74
N ALA L 1059 -104.15 37.63 -38.85
CA ALA L 1059 -105.20 36.60 -38.98
C ALA L 1059 -106.25 36.72 -37.86
N ALA L 1060 -105.85 37.17 -36.66
CA ALA L 1060 -106.76 37.29 -35.49
C ALA L 1060 -107.93 38.25 -35.77
N GLN L 1061 -107.80 39.18 -36.73
CA GLN L 1061 -108.91 40.14 -37.11
C GLN L 1061 -110.15 39.39 -37.61
N PHE L 1062 -110.00 38.16 -38.13
CA PHE L 1062 -111.04 37.38 -38.84
C PHE L 1062 -111.53 36.16 -38.04
N THR L 1063 -110.84 35.74 -36.97
CA THR L 1063 -111.27 34.60 -36.11
C THR L 1063 -112.27 35.13 -35.09
N LYS L 1064 -113.57 35.04 -35.40
CA LYS L 1064 -114.68 35.68 -34.65
C LYS L 1064 -115.73 34.65 -34.24
N VAL L 1065 -116.12 33.77 -35.17
CA VAL L 1065 -117.25 32.82 -34.99
C VAL L 1065 -116.69 31.48 -34.53
N ILE L 1066 -117.01 31.11 -33.29
CA ILE L 1066 -116.54 29.86 -32.63
C ILE L 1066 -117.37 28.69 -33.17
N ASP L 1067 -116.70 27.61 -33.53
CA ASP L 1067 -117.27 26.27 -33.88
C ASP L 1067 -118.00 26.32 -35.23
N GLU L 1068 -117.65 27.26 -36.11
CA GLU L 1068 -117.94 27.18 -37.57
C GLU L 1068 -117.31 25.88 -38.09
N PRO L 1069 -118.07 25.00 -38.78
CA PRO L 1069 -117.50 23.79 -39.39
C PRO L 1069 -116.38 24.13 -40.39
N ILE L 1070 -115.32 23.33 -40.44
CA ILE L 1070 -114.13 23.63 -41.30
C ILE L 1070 -114.62 23.77 -42.74
N LYS L 1071 -115.62 22.97 -43.13
CA LYS L 1071 -116.21 23.01 -44.48
C LYS L 1071 -116.82 24.40 -44.74
N SER L 1072 -117.57 24.96 -43.81
CA SER L 1072 -118.17 26.31 -43.96
C SER L 1072 -117.07 27.36 -44.10
N ILE L 1073 -115.95 27.19 -43.42
CA ILE L 1073 -114.87 28.21 -43.44
C ILE L 1073 -114.20 28.14 -44.82
N MET L 1074 -113.78 26.96 -45.22
CA MET L 1074 -113.00 26.78 -46.46
C MET L 1074 -113.92 27.06 -47.65
N ASP L 1075 -115.13 26.47 -47.70
CA ASP L 1075 -116.17 26.76 -48.74
C ASP L 1075 -116.45 28.26 -48.80
N GLY L 1076 -116.65 28.90 -47.67
CA GLY L 1076 -116.92 30.34 -47.57
C GLY L 1076 -115.86 31.14 -48.28
N ILE L 1077 -114.60 30.73 -48.18
CA ILE L 1077 -113.47 31.42 -48.84
C ILE L 1077 -113.52 31.13 -50.34
N HIS L 1078 -113.62 29.85 -50.69
CA HIS L 1078 -113.64 29.43 -52.11
C HIS L 1078 -114.85 30.03 -52.83
N ASP L 1079 -116.03 29.94 -52.23
CA ASP L 1079 -117.31 30.48 -52.79
C ASP L 1079 -117.23 32.00 -52.93
N GLY L 1080 -116.53 32.67 -52.01
CA GLY L 1080 -116.25 34.11 -52.05
C GLY L 1080 -115.40 34.42 -53.25
N HIS L 1081 -114.33 33.65 -53.47
CA HIS L 1081 -113.45 33.82 -54.65
C HIS L 1081 -114.26 33.59 -55.93
N ILE L 1082 -115.05 32.52 -55.98
CA ILE L 1082 -115.85 32.17 -57.19
C ILE L 1082 -116.74 33.36 -57.53
N LYS L 1083 -117.60 33.78 -56.59
CA LYS L 1083 -118.51 34.94 -56.73
C LYS L 1083 -117.78 36.17 -57.31
N LYS L 1084 -116.59 36.48 -56.82
CA LYS L 1084 -115.87 37.72 -57.21
C LYS L 1084 -115.28 37.54 -58.61
N LEU L 1085 -114.75 36.38 -58.92
CA LEU L 1085 -114.22 36.08 -60.27
C LEU L 1085 -115.38 36.05 -61.26
N LEU L 1086 -116.52 35.50 -60.85
CA LEU L 1086 -117.69 35.38 -61.75
C LEU L 1086 -118.12 36.79 -62.16
N HIS L 1087 -118.20 37.71 -61.20
CA HIS L 1087 -118.57 39.14 -61.42
C HIS L 1087 -117.52 39.81 -62.30
N GLN L 1088 -116.25 39.72 -61.95
CA GLN L 1088 -115.16 40.49 -62.59
C GLN L 1088 -114.87 39.96 -63.99
N TYR L 1089 -114.86 38.64 -64.21
CA TYR L 1089 -114.27 38.03 -65.42
C TYR L 1089 -115.25 37.17 -66.23
N TYR L 1090 -116.47 36.93 -65.75
CA TYR L 1090 -117.43 36.04 -66.46
C TYR L 1090 -118.83 36.68 -66.52
N GLY L 1091 -118.92 38.01 -66.40
CA GLY L 1091 -120.17 38.79 -66.48
C GLY L 1091 -121.33 38.18 -65.70
N ASP L 1092 -121.08 37.73 -64.46
CA ASP L 1092 -122.10 37.17 -63.52
C ASP L 1092 -122.81 35.95 -64.12
N ASP L 1093 -122.24 35.30 -65.15
CA ASP L 1093 -122.91 34.21 -65.90
C ASP L 1093 -122.13 32.89 -65.74
N GLU L 1094 -122.71 31.90 -65.06
CA GLU L 1094 -122.09 30.56 -64.81
C GLU L 1094 -121.96 29.77 -66.11
N SER L 1095 -122.78 30.07 -67.13
CA SER L 1095 -122.77 29.39 -68.46
C SER L 1095 -121.45 29.66 -69.21
N LYS L 1096 -120.77 30.77 -68.91
CA LYS L 1096 -119.47 31.12 -69.55
C LYS L 1096 -118.30 30.36 -68.90
N ILE L 1097 -118.52 29.69 -67.76
CA ILE L 1097 -117.45 28.89 -67.10
C ILE L 1097 -117.23 27.65 -67.96
N PRO L 1098 -116.02 27.44 -68.52
CA PRO L 1098 -115.72 26.22 -69.25
C PRO L 1098 -115.92 24.96 -68.39
N ALA L 1099 -116.39 23.87 -69.00
CA ALA L 1099 -116.59 22.55 -68.36
C ALA L 1099 -115.48 21.62 -68.82
N VAL L 1100 -115.02 20.76 -67.92
CA VAL L 1100 -114.15 19.59 -68.22
C VAL L 1100 -114.79 18.40 -67.51
N GLU L 1101 -114.44 17.17 -67.88
CA GLU L 1101 -115.09 15.98 -67.26
C GLU L 1101 -114.64 15.94 -65.79
N TYR L 1102 -113.33 16.02 -65.56
CA TYR L 1102 -112.75 16.07 -64.20
C TYR L 1102 -111.71 17.17 -64.18
N PHE L 1103 -111.56 17.75 -62.99
CA PHE L 1103 -110.62 18.85 -62.75
C PHE L 1103 -109.48 18.30 -61.90
N GLY L 1104 -108.25 18.42 -62.37
CA GLY L 1104 -107.08 17.97 -61.61
C GLY L 1104 -106.14 17.15 -62.47
N GLY L 1105 -104.97 16.87 -61.91
CA GLY L 1105 -103.96 15.96 -62.47
C GLY L 1105 -103.07 16.63 -63.49
N GLU L 1106 -103.19 17.95 -63.65
CA GLU L 1106 -102.39 18.74 -64.62
C GLU L 1106 -101.10 19.20 -63.92
N SER L 1107 -99.95 18.65 -64.28
CA SER L 1107 -98.62 19.11 -63.81
C SER L 1107 -98.44 20.58 -64.18
N PRO L 1108 -97.88 21.43 -63.28
CA PRO L 1108 -97.68 22.84 -63.59
C PRO L 1108 -96.67 23.15 -64.71
N VAL L 1109 -95.89 22.17 -65.17
CA VAL L 1109 -94.98 22.27 -66.36
C VAL L 1109 -95.73 21.81 -67.62
N GLU L 1122 -108.27 13.30 -84.13
CA GLU L 1122 -108.44 12.22 -85.16
C GLU L 1122 -109.23 11.05 -84.55
N ASP L 1123 -110.13 10.44 -85.34
CA ASP L 1123 -111.06 9.36 -84.91
C ASP L 1123 -110.33 8.01 -84.90
N SER L 1124 -109.80 7.61 -86.06
CA SER L 1124 -109.00 6.38 -86.27
C SER L 1124 -107.53 6.77 -86.40
N ALA L 1125 -106.69 6.34 -85.45
CA ALA L 1125 -105.23 6.59 -85.41
C ALA L 1125 -104.49 5.28 -85.11
N VAL L 1126 -103.20 5.27 -85.42
CA VAL L 1126 -102.25 4.14 -85.23
C VAL L 1126 -100.91 4.74 -84.82
N PHE L 1127 -100.35 4.25 -83.72
CA PHE L 1127 -99.05 4.70 -83.14
C PHE L 1127 -98.13 3.48 -83.08
N LYS L 1128 -96.89 3.67 -83.46
CA LYS L 1128 -95.85 2.62 -83.50
C LYS L 1128 -94.72 3.07 -82.59
N ALA L 1129 -94.48 2.30 -81.54
CA ALA L 1129 -93.37 2.53 -80.60
C ALA L 1129 -92.09 2.05 -81.28
N THR L 1130 -91.00 2.77 -81.02
CA THR L 1130 -89.60 2.41 -81.40
C THR L 1130 -88.75 2.46 -80.12
N SER L 1131 -87.46 2.14 -80.23
CA SER L 1131 -86.48 2.22 -79.12
C SER L 1131 -86.32 3.68 -78.65
N SER L 1132 -86.44 4.65 -79.57
CA SER L 1132 -86.20 6.10 -79.34
C SER L 1132 -87.49 6.86 -79.01
N THR L 1133 -88.67 6.20 -79.06
CA THR L 1133 -89.99 6.82 -78.77
C THR L 1133 -89.93 7.49 -77.38
N ASP L 1134 -90.33 8.76 -77.31
CA ASP L 1134 -90.39 9.56 -76.06
C ASP L 1134 -91.65 9.15 -75.28
N GLU L 1135 -91.49 8.86 -74.00
CA GLU L 1135 -92.54 8.27 -73.11
C GLU L 1135 -93.66 9.29 -72.88
N GLU L 1136 -93.32 10.54 -72.59
CA GLU L 1136 -94.29 11.64 -72.30
C GLU L 1136 -95.11 11.94 -73.57
N SER L 1137 -94.46 12.02 -74.74
CA SER L 1137 -95.12 12.30 -76.04
C SER L 1137 -96.02 11.11 -76.41
N TRP L 1138 -95.55 9.89 -76.16
CA TRP L 1138 -96.31 8.64 -76.41
C TRP L 1138 -97.62 8.65 -75.63
N PHE L 1139 -97.57 8.96 -74.32
CA PHE L 1139 -98.76 8.92 -73.43
C PHE L 1139 -99.70 10.09 -73.76
N LYS L 1140 -99.17 11.27 -74.07
CA LYS L 1140 -99.98 12.43 -74.55
C LYS L 1140 -100.79 11.99 -75.77
N ALA L 1141 -100.12 11.38 -76.74
CA ALA L 1141 -100.75 10.89 -77.99
C ALA L 1141 -101.85 9.87 -77.68
N LEU L 1142 -101.57 8.89 -76.81
CA LEU L 1142 -102.59 7.85 -76.44
C LEU L 1142 -103.72 8.50 -75.65
N ALA L 1143 -103.38 9.41 -74.74
CA ALA L 1143 -104.35 10.15 -73.90
C ALA L 1143 -105.39 10.88 -74.75
N GLY L 1144 -104.94 11.51 -75.85
CA GLY L 1144 -105.77 12.46 -76.62
C GLY L 1144 -105.76 13.84 -75.98
N SER L 1145 -106.56 14.76 -76.54
CA SER L 1145 -106.64 16.18 -76.14
C SER L 1145 -107.75 16.35 -75.10
N GLU L 1146 -108.90 15.71 -75.34
CA GLU L 1146 -110.12 15.87 -74.50
C GLU L 1146 -109.88 15.24 -73.12
N ILE L 1147 -110.43 15.85 -72.07
CA ILE L 1147 -110.38 15.34 -70.68
C ILE L 1147 -111.52 14.32 -70.54
N ASN L 1148 -111.18 13.04 -70.43
CA ASN L 1148 -112.18 11.94 -70.36
C ASN L 1148 -111.49 10.74 -69.74
N TRP L 1149 -112.16 9.59 -69.68
CA TRP L 1149 -111.60 8.32 -69.12
C TRP L 1149 -110.24 8.00 -69.74
N ARG L 1150 -110.05 8.30 -71.02
CA ARG L 1150 -108.84 7.87 -71.76
C ARG L 1150 -107.67 8.77 -71.42
N HIS L 1151 -107.95 10.05 -71.20
CA HIS L 1151 -106.95 11.03 -70.72
C HIS L 1151 -106.44 10.61 -69.34
N ALA L 1152 -107.36 10.34 -68.42
CA ALA L 1152 -107.07 9.82 -67.06
C ALA L 1152 -106.27 8.52 -67.19
N SER L 1153 -106.71 7.58 -68.03
CA SER L 1153 -106.08 6.25 -68.17
C SER L 1153 -104.60 6.40 -68.47
N PHE L 1154 -104.23 7.36 -69.33
CA PHE L 1154 -102.86 7.43 -69.89
C PHE L 1154 -102.02 8.48 -69.17
N LEU L 1155 -102.62 9.37 -68.36
CA LEU L 1155 -101.84 10.51 -67.77
C LEU L 1155 -101.87 10.53 -66.24
N CYS L 1156 -102.89 9.98 -65.58
CA CYS L 1156 -102.83 9.76 -64.11
C CYS L 1156 -101.59 8.94 -63.79
N SER L 1157 -100.71 9.44 -62.93
CA SER L 1157 -99.51 8.71 -62.47
C SER L 1157 -99.96 7.59 -61.52
N PHE L 1158 -101.05 7.81 -60.81
CA PHE L 1158 -101.56 6.89 -59.76
C PHE L 1158 -102.98 6.48 -60.09
N ILE L 1159 -103.33 5.27 -59.65
CA ILE L 1159 -104.75 4.88 -59.44
C ILE L 1159 -104.92 4.48 -57.98
N THR L 1160 -106.16 4.31 -57.60
CA THR L 1160 -106.63 3.94 -56.26
C THR L 1160 -106.91 2.42 -56.22
N GLN L 1161 -106.47 1.74 -55.17
CA GLN L 1161 -106.84 0.35 -54.77
C GLN L 1161 -107.36 0.43 -53.33
N ASP L 1162 -108.68 0.49 -53.16
CA ASP L 1162 -109.35 0.85 -51.89
C ASP L 1162 -108.90 2.26 -51.51
N LYS L 1163 -108.02 2.44 -50.52
CA LYS L 1163 -107.58 3.80 -50.09
C LYS L 1163 -106.14 4.00 -50.48
N MET L 1164 -105.50 2.98 -51.01
CA MET L 1164 -104.08 3.07 -51.41
C MET L 1164 -104.02 3.72 -52.80
N PHE L 1165 -102.86 4.29 -53.09
CA PHE L 1165 -102.52 5.01 -54.34
C PHE L 1165 -101.31 4.29 -54.91
N VAL L 1166 -101.51 3.49 -55.96
CA VAL L 1166 -100.46 2.68 -56.63
C VAL L 1166 -100.21 3.28 -58.00
N SER L 1167 -99.09 2.90 -58.60
CA SER L 1167 -98.69 3.32 -59.96
C SER L 1167 -99.78 2.89 -60.95
N ASN L 1168 -100.12 3.78 -61.87
CA ASN L 1168 -101.11 3.52 -62.95
C ASN L 1168 -100.66 2.30 -63.74
N PRO L 1169 -101.40 1.18 -63.69
CA PRO L 1169 -101.02 -0.04 -64.42
C PRO L 1169 -101.18 0.10 -65.95
N ILE L 1170 -102.13 0.94 -66.37
CA ILE L 1170 -102.37 1.23 -67.81
C ILE L 1170 -101.11 1.85 -68.41
N ARG L 1171 -100.47 2.78 -67.71
CA ARG L 1171 -99.20 3.37 -68.19
C ARG L 1171 -98.10 2.31 -68.23
N LYS L 1172 -98.02 1.42 -67.24
CA LYS L 1172 -96.99 0.34 -67.19
C LYS L 1172 -97.14 -0.56 -68.43
N VAL L 1173 -98.37 -0.96 -68.73
CA VAL L 1173 -98.71 -1.93 -69.82
C VAL L 1173 -98.44 -1.30 -71.19
N PHE L 1174 -98.75 -0.02 -71.36
CA PHE L 1174 -98.56 0.74 -72.63
C PHE L 1174 -97.24 1.51 -72.62
N LYS L 1175 -96.34 1.27 -71.67
CA LYS L 1175 -94.95 1.79 -71.73
C LYS L 1175 -94.36 1.37 -73.09
N PRO L 1176 -93.89 2.32 -73.93
CA PRO L 1176 -93.52 2.02 -75.31
C PRO L 1176 -92.18 1.30 -75.43
N SER L 1177 -92.16 0.32 -76.35
CA SER L 1177 -90.98 -0.51 -76.73
C SER L 1177 -91.19 -0.99 -78.16
N GLN L 1178 -90.09 -1.25 -78.87
CA GLN L 1178 -90.08 -1.68 -80.30
C GLN L 1178 -91.05 -2.85 -80.50
N GLY L 1179 -91.98 -2.70 -81.44
CA GLY L 1179 -92.91 -3.77 -81.87
C GLY L 1179 -94.34 -3.49 -81.46
N MET L 1180 -94.51 -2.59 -80.48
CA MET L 1180 -95.86 -2.21 -79.96
C MET L 1180 -96.55 -1.31 -80.98
N VAL L 1181 -97.79 -1.66 -81.30
CA VAL L 1181 -98.68 -0.91 -82.23
C VAL L 1181 -99.98 -0.65 -81.50
N VAL L 1182 -100.30 0.62 -81.27
CA VAL L 1182 -101.57 1.04 -80.63
C VAL L 1182 -102.49 1.64 -81.68
N GLU L 1183 -103.62 0.99 -81.91
CA GLU L 1183 -104.72 1.48 -82.76
C GLU L 1183 -105.79 2.10 -81.86
N ILE L 1184 -106.06 3.39 -82.02
CA ILE L 1184 -107.22 4.06 -81.38
C ILE L 1184 -108.34 4.15 -82.40
N SER L 1185 -109.52 3.66 -82.04
CA SER L 1185 -110.74 3.65 -82.87
C SER L 1185 -111.83 4.43 -82.13
N ASN L 1186 -112.59 5.24 -82.86
CA ASN L 1186 -113.62 6.16 -82.33
C ASN L 1186 -112.99 7.13 -81.32
N GLY L 1187 -111.77 7.59 -81.58
CA GLY L 1187 -111.02 8.51 -80.70
C GLY L 1187 -111.78 9.76 -80.30
N ASN L 1188 -112.76 10.21 -81.10
CA ASN L 1188 -113.50 11.49 -80.90
C ASN L 1188 -114.73 11.29 -80.02
N THR L 1189 -115.31 10.08 -79.99
CA THR L 1189 -116.45 9.72 -79.12
C THR L 1189 -115.94 8.87 -77.96
N SER L 1190 -115.82 9.45 -76.76
CA SER L 1190 -115.19 8.83 -75.57
C SER L 1190 -115.94 7.52 -75.21
N SER L 1191 -117.26 7.52 -75.21
CA SER L 1191 -118.13 6.36 -74.85
C SER L 1191 -117.79 5.11 -75.68
N LYS L 1192 -117.25 5.29 -76.89
CA LYS L 1192 -117.05 4.22 -77.90
C LYS L 1192 -115.56 4.01 -78.18
N THR L 1193 -114.69 4.89 -77.69
CA THR L 1193 -113.25 4.80 -77.99
C THR L 1193 -112.75 3.43 -77.56
N VAL L 1194 -111.93 2.80 -78.40
CA VAL L 1194 -111.26 1.52 -78.07
C VAL L 1194 -109.78 1.71 -78.37
N VAL L 1195 -108.93 1.47 -77.38
CA VAL L 1195 -107.45 1.50 -77.56
C VAL L 1195 -107.01 0.05 -77.56
N THR L 1196 -106.38 -0.38 -78.65
CA THR L 1196 -105.98 -1.78 -78.89
C THR L 1196 -104.48 -1.79 -79.08
N LEU L 1197 -103.77 -2.44 -78.15
CA LEU L 1197 -102.32 -2.67 -78.24
C LEU L 1197 -102.15 -4.01 -78.93
N SER L 1198 -101.29 -4.04 -79.93
CA SER L 1198 -100.90 -5.26 -80.68
C SER L 1198 -99.39 -5.33 -80.61
N GLU L 1199 -98.87 -6.54 -80.41
CA GLU L 1199 -97.43 -6.80 -80.28
C GLU L 1199 -97.14 -8.03 -81.11
N PRO L 1200 -95.86 -8.26 -81.48
CA PRO L 1200 -95.44 -9.53 -82.06
C PRO L 1200 -95.62 -10.71 -81.08
N VAL L 1201 -96.33 -11.74 -81.51
CA VAL L 1201 -96.52 -13.03 -80.78
C VAL L 1201 -96.21 -14.17 -81.75
N GLN L 1202 -95.04 -14.82 -81.58
CA GLN L 1202 -94.55 -15.94 -82.43
C GLN L 1202 -94.45 -15.45 -83.87
N GLY L 1203 -93.73 -14.35 -84.09
CA GLY L 1203 -93.54 -13.69 -85.39
C GLY L 1203 -94.63 -12.67 -85.69
N GLU L 1204 -95.88 -13.12 -85.82
CA GLU L 1204 -97.01 -12.28 -86.33
C GLU L 1204 -97.52 -11.34 -85.22
N LEU L 1205 -98.26 -10.30 -85.61
CA LEU L 1205 -98.75 -9.19 -84.73
C LEU L 1205 -100.18 -9.49 -84.30
N LYS L 1206 -100.42 -9.59 -82.99
CA LYS L 1206 -101.72 -9.97 -82.40
C LYS L 1206 -102.12 -8.95 -81.33
N PRO L 1207 -103.43 -8.78 -81.07
CA PRO L 1207 -103.90 -7.93 -79.97
C PRO L 1207 -103.48 -8.47 -78.60
N THR L 1208 -102.77 -7.67 -77.80
CA THR L 1208 -102.34 -8.06 -76.43
C THR L 1208 -103.22 -7.36 -75.39
N VAL L 1209 -103.58 -6.09 -75.58
CA VAL L 1209 -104.42 -5.33 -74.61
C VAL L 1209 -105.53 -4.63 -75.37
N ILE L 1210 -106.75 -4.64 -74.82
CA ILE L 1210 -107.87 -3.83 -75.32
C ILE L 1210 -108.44 -3.01 -74.16
N LEU L 1211 -108.31 -1.69 -74.29
CA LEU L 1211 -108.77 -0.70 -73.30
C LEU L 1211 -110.01 -0.03 -73.85
N LYS L 1212 -111.14 -0.16 -73.18
CA LYS L 1212 -112.37 0.58 -73.53
C LYS L 1212 -113.21 0.84 -72.27
N LEU L 1213 -114.31 1.57 -72.44
CA LEU L 1213 -115.38 1.80 -71.43
C LEU L 1213 -116.39 0.68 -71.59
N LEU L 1214 -116.57 -0.11 -70.54
CA LEU L 1214 -117.54 -1.22 -70.54
C LEU L 1214 -118.94 -0.60 -70.39
N LYS L 1215 -119.10 0.18 -69.32
CA LYS L 1215 -120.32 0.94 -68.94
C LYS L 1215 -119.86 2.41 -68.86
N GLU L 1216 -120.74 3.35 -68.48
CA GLU L 1216 -120.45 4.80 -68.35
C GLU L 1216 -119.18 5.05 -67.50
N ASN L 1217 -118.98 4.30 -66.41
CA ASN L 1217 -117.97 4.62 -65.36
C ASN L 1217 -116.96 3.48 -65.20
N ILE L 1218 -117.00 2.45 -66.05
CA ILE L 1218 -116.16 1.23 -65.85
C ILE L 1218 -115.20 1.11 -67.03
N ILE L 1219 -113.93 1.31 -66.75
CA ILE L 1219 -112.84 1.11 -67.73
C ILE L 1219 -112.43 -0.36 -67.66
N GLN L 1220 -112.42 -1.04 -68.80
CA GLN L 1220 -111.94 -2.43 -68.90
C GLN L 1220 -110.62 -2.44 -69.64
N MET L 1221 -109.56 -2.90 -68.99
CA MET L 1221 -108.28 -3.22 -69.63
C MET L 1221 -108.20 -4.73 -69.76
N GLU L 1222 -108.52 -5.23 -70.96
CA GLU L 1222 -108.53 -6.68 -71.27
C GLU L 1222 -107.09 -7.07 -71.61
N MET L 1223 -106.45 -7.83 -70.75
CA MET L 1223 -105.07 -8.36 -70.97
C MET L 1223 -105.26 -9.70 -71.65
N ILE L 1224 -104.65 -9.89 -72.81
CA ILE L 1224 -104.89 -11.09 -73.65
C ILE L 1224 -103.62 -11.93 -73.65
N GLU L 1225 -103.76 -13.22 -73.36
CA GLU L 1225 -102.68 -14.20 -73.58
C GLU L 1225 -103.01 -14.98 -74.85
N ASN L 1226 -102.07 -15.04 -75.77
CA ASN L 1226 -102.21 -15.69 -77.10
C ASN L 1226 -101.62 -17.10 -77.05
N ARG L 1227 -100.59 -17.33 -76.23
CA ARG L 1227 -99.93 -18.65 -76.04
C ARG L 1227 -100.73 -19.45 -75.02
N THR L 1228 -101.67 -20.27 -75.48
CA THR L 1228 -102.64 -21.00 -74.65
C THR L 1228 -102.55 -22.51 -74.90
N MET L 1229 -103.40 -23.28 -74.22
CA MET L 1229 -103.45 -24.77 -74.33
C MET L 1229 -104.02 -25.18 -75.69
N ASP L 1230 -105.14 -24.56 -76.09
CA ASP L 1230 -105.94 -24.94 -77.29
C ASP L 1230 -105.70 -23.97 -78.46
N GLY L 1231 -104.91 -22.91 -78.28
CA GLY L 1231 -104.61 -21.92 -79.33
C GLY L 1231 -105.57 -20.73 -79.33
N LYS L 1232 -106.78 -20.88 -78.76
CA LYS L 1232 -107.75 -19.77 -78.57
C LYS L 1232 -107.16 -18.77 -77.57
N PRO L 1233 -107.19 -17.43 -77.83
CA PRO L 1233 -106.68 -16.47 -76.84
C PRO L 1233 -107.50 -16.49 -75.54
N VAL L 1234 -106.84 -16.22 -74.43
CA VAL L 1234 -107.45 -16.13 -73.07
C VAL L 1234 -107.31 -14.67 -72.64
N SER L 1235 -108.39 -14.10 -72.11
CA SER L 1235 -108.49 -12.66 -71.74
C SER L 1235 -108.74 -12.52 -70.23
N LEU L 1236 -107.93 -11.70 -69.57
CA LEU L 1236 -108.11 -11.24 -68.17
C LEU L 1236 -108.71 -9.83 -68.19
N PRO L 1237 -110.01 -9.67 -67.84
CA PRO L 1237 -110.60 -8.35 -67.74
C PRO L 1237 -110.27 -7.66 -66.39
N LEU L 1238 -109.28 -6.79 -66.40
CA LEU L 1238 -109.01 -5.84 -65.30
C LEU L 1238 -109.99 -4.68 -65.41
N LEU L 1239 -110.73 -4.40 -64.34
CA LEU L 1239 -111.80 -3.37 -64.30
C LEU L 1239 -111.38 -2.22 -63.39
N TYR L 1240 -111.71 -1.00 -63.82
CA TYR L 1240 -111.40 0.24 -63.08
C TYR L 1240 -112.63 1.13 -63.09
N ASN L 1241 -112.98 1.68 -61.93
CA ASN L 1241 -114.01 2.74 -61.82
C ASN L 1241 -113.38 4.02 -62.34
N PHE L 1242 -114.16 4.79 -63.07
CA PHE L 1242 -113.84 6.16 -63.51
C PHE L 1242 -114.81 7.06 -62.77
N ASN L 1243 -114.27 7.89 -61.87
CA ASN L 1243 -115.05 8.83 -61.03
C ASN L 1243 -114.50 10.22 -61.28
N PRO L 1244 -115.11 11.00 -62.19
CA PRO L 1244 -114.57 12.30 -62.56
C PRO L 1244 -114.76 13.38 -61.48
N ASP L 1245 -115.52 13.09 -60.42
CA ASP L 1245 -115.59 13.96 -59.20
C ASP L 1245 -114.27 13.96 -58.43
N ASN L 1246 -113.43 12.94 -58.58
CA ASN L 1246 -112.11 12.91 -57.92
C ASN L 1246 -111.06 13.17 -58.98
N GLY L 1247 -110.82 14.44 -59.29
CA GLY L 1247 -109.94 14.84 -60.39
C GLY L 1247 -108.51 14.45 -60.20
N PHE L 1248 -108.07 14.35 -58.95
CA PHE L 1248 -106.65 14.04 -58.67
C PHE L 1248 -106.39 12.56 -58.96
N ALA L 1249 -107.35 11.68 -58.65
CA ALA L 1249 -107.20 10.22 -58.91
C ALA L 1249 -108.57 9.68 -59.30
N PRO L 1250 -109.01 9.96 -60.53
CA PRO L 1250 -110.35 9.56 -60.96
C PRO L 1250 -110.49 8.06 -61.20
N ILE L 1251 -109.39 7.33 -61.34
CA ILE L 1251 -109.43 5.87 -61.64
C ILE L 1251 -109.11 5.08 -60.37
N SER L 1252 -110.01 4.17 -60.01
CA SER L 1252 -109.87 3.22 -58.89
C SER L 1252 -110.08 1.81 -59.42
N GLU L 1253 -109.23 0.87 -59.03
CA GLU L 1253 -109.37 -0.55 -59.43
C GLU L 1253 -110.59 -1.16 -58.74
N VAL L 1254 -111.33 -1.98 -59.46
CA VAL L 1254 -112.45 -2.80 -58.92
C VAL L 1254 -111.79 -4.04 -58.29
N MET L 1255 -111.71 -4.06 -56.97
CA MET L 1255 -110.93 -5.06 -56.21
C MET L 1255 -111.82 -6.28 -55.91
N GLU L 1256 -113.13 -6.10 -55.98
CA GLU L 1256 -114.13 -7.19 -55.76
C GLU L 1256 -113.95 -8.21 -56.90
N ASP L 1257 -113.70 -9.46 -56.53
CA ASP L 1257 -113.64 -10.60 -57.47
C ASP L 1257 -112.36 -10.54 -58.32
N ARG L 1258 -111.41 -9.65 -57.99
CA ARG L 1258 -110.20 -9.45 -58.82
C ARG L 1258 -109.33 -10.71 -58.77
N ASN L 1259 -109.17 -11.34 -57.60
CA ASN L 1259 -108.35 -12.58 -57.46
C ASN L 1259 -109.05 -13.73 -58.19
N GLN L 1260 -110.37 -13.76 -58.18
CA GLN L 1260 -111.20 -14.75 -58.92
C GLN L 1260 -110.97 -14.59 -60.43
N ARG L 1261 -110.94 -13.34 -60.93
CA ARG L 1261 -110.80 -13.08 -62.38
C ARG L 1261 -109.43 -13.57 -62.82
N ILE L 1262 -108.40 -13.24 -62.04
CA ILE L 1262 -107.02 -13.69 -62.32
C ILE L 1262 -106.97 -15.21 -62.29
N LYS L 1263 -107.57 -15.85 -61.29
CA LYS L 1263 -107.55 -17.32 -61.16
C LYS L 1263 -108.23 -17.96 -62.37
N GLU L 1264 -109.34 -17.39 -62.83
CA GLU L 1264 -110.08 -17.91 -63.99
C GLU L 1264 -109.17 -17.92 -65.23
N MET L 1265 -108.33 -16.89 -65.41
CA MET L 1265 -107.39 -16.85 -66.53
C MET L 1265 -106.39 -17.99 -66.34
N TYR L 1266 -105.75 -18.03 -65.18
CA TYR L 1266 -104.68 -19.00 -64.92
C TYR L 1266 -105.26 -20.40 -65.00
N TRP L 1267 -106.52 -20.58 -64.59
CA TRP L 1267 -107.16 -21.91 -64.71
C TRP L 1267 -107.18 -22.37 -66.16
N LYS L 1268 -107.61 -21.50 -67.08
CA LYS L 1268 -107.70 -21.81 -68.54
C LYS L 1268 -106.30 -22.12 -69.06
N LEU L 1269 -105.27 -21.47 -68.55
CA LEU L 1269 -103.90 -21.65 -69.07
C LEU L 1269 -103.27 -22.92 -68.51
N TRP L 1270 -103.64 -23.33 -67.30
CA TRP L 1270 -102.89 -24.39 -66.57
C TRP L 1270 -103.70 -25.68 -66.48
N ILE L 1271 -105.00 -25.59 -66.22
CA ILE L 1271 -105.83 -26.77 -65.86
C ILE L 1271 -106.77 -27.07 -67.04
N ASP L 1272 -106.95 -28.34 -67.38
CA ASP L 1272 -107.81 -28.83 -68.49
C ASP L 1272 -109.08 -29.43 -67.88
N GLU L 1273 -109.72 -28.68 -66.98
CA GLU L 1273 -110.93 -29.10 -66.21
C GLU L 1273 -111.93 -27.93 -66.19
N PRO L 1274 -113.20 -28.17 -65.79
CA PRO L 1274 -114.13 -27.06 -65.53
C PRO L 1274 -113.66 -26.17 -64.37
N PHE L 1275 -113.75 -24.85 -64.55
CA PHE L 1275 -113.34 -23.83 -63.55
C PHE L 1275 -114.25 -23.92 -62.32
N ASN L 1276 -113.68 -24.40 -61.21
CA ASN L 1276 -114.37 -24.51 -59.90
C ASN L 1276 -113.34 -24.36 -58.78
N LEU L 1277 -113.38 -23.23 -58.08
CA LEU L 1277 -112.47 -22.87 -56.96
C LEU L 1277 -113.04 -23.35 -55.62
N ASP L 1278 -114.27 -23.90 -55.62
CA ASP L 1278 -114.95 -24.45 -54.41
C ASP L 1278 -114.55 -25.93 -54.25
N PHE L 1279 -113.33 -26.16 -53.78
CA PHE L 1279 -112.85 -27.47 -53.28
C PHE L 1279 -112.00 -27.21 -52.02
N ASP L 1280 -111.82 -28.24 -51.20
CA ASP L 1280 -111.19 -28.10 -49.85
C ASP L 1280 -109.68 -28.23 -50.03
N PRO L 1281 -108.87 -27.25 -49.56
CA PRO L 1281 -107.43 -27.38 -49.56
C PRO L 1281 -106.83 -28.53 -48.74
N ARG L 1282 -107.65 -29.18 -47.90
CA ARG L 1282 -107.28 -30.39 -47.11
C ARG L 1282 -107.38 -31.63 -47.99
N ASP L 1283 -108.26 -31.62 -48.99
CA ASP L 1283 -108.55 -32.81 -49.83
C ASP L 1283 -107.36 -33.10 -50.76
N VAL L 1284 -107.22 -34.36 -51.14
CA VAL L 1284 -106.21 -34.84 -52.12
C VAL L 1284 -106.62 -34.33 -53.50
N ILE L 1285 -105.65 -33.86 -54.28
CA ILE L 1285 -105.90 -33.49 -55.71
C ILE L 1285 -105.42 -34.65 -56.57
N LYS L 1286 -106.32 -35.23 -57.36
CA LYS L 1286 -106.04 -36.38 -58.26
C LYS L 1286 -105.73 -35.81 -59.66
N GLY L 1287 -104.47 -35.86 -60.08
CA GLY L 1287 -104.06 -35.59 -61.47
C GLY L 1287 -104.40 -36.75 -62.37
N LYS L 1288 -104.60 -36.48 -63.66
CA LYS L 1288 -104.94 -37.52 -64.68
C LYS L 1288 -103.67 -38.30 -65.04
N ASP L 1289 -103.86 -39.57 -65.44
CA ASP L 1289 -102.75 -40.49 -65.83
C ASP L 1289 -101.99 -39.85 -67.00
N PHE L 1290 -100.67 -39.96 -66.97
CA PHE L 1290 -99.73 -39.39 -67.96
C PHE L 1290 -98.91 -40.55 -68.54
N GLU L 1291 -98.91 -40.69 -69.86
CA GLU L 1291 -98.04 -41.66 -70.57
C GLU L 1291 -96.78 -40.91 -71.02
N ILE L 1292 -95.62 -41.40 -70.60
CA ILE L 1292 -94.30 -40.82 -70.97
C ILE L 1292 -93.95 -41.36 -72.36
N THR L 1293 -93.99 -40.47 -73.37
CA THR L 1293 -93.64 -40.78 -74.78
C THR L 1293 -92.21 -40.32 -75.04
N ALA L 1294 -91.52 -40.98 -75.98
CA ALA L 1294 -90.18 -40.57 -76.46
C ALA L 1294 -90.23 -39.10 -76.89
N LYS L 1295 -91.29 -38.69 -77.56
CA LYS L 1295 -91.40 -37.31 -78.13
C LYS L 1295 -91.36 -36.27 -77.00
N GLU L 1296 -92.11 -36.49 -75.92
CA GLU L 1296 -92.13 -35.56 -74.75
C GLU L 1296 -90.74 -35.52 -74.12
N VAL L 1297 -90.06 -36.66 -74.02
CA VAL L 1297 -88.72 -36.68 -73.36
C VAL L 1297 -87.73 -35.89 -74.22
N TYR L 1298 -87.71 -36.17 -75.51
CA TYR L 1298 -86.92 -35.43 -76.53
C TYR L 1298 -87.14 -33.92 -76.35
N ASP L 1299 -88.39 -33.49 -76.43
CA ASP L 1299 -88.76 -32.05 -76.40
C ASP L 1299 -88.32 -31.45 -75.05
N PHE L 1300 -88.58 -32.17 -73.96
CA PHE L 1300 -88.27 -31.69 -72.59
C PHE L 1300 -86.76 -31.54 -72.47
N THR L 1301 -85.99 -32.57 -72.81
CA THR L 1301 -84.52 -32.58 -72.62
C THR L 1301 -83.88 -31.47 -73.47
N HIS L 1302 -84.41 -31.23 -74.67
CA HIS L 1302 -83.90 -30.14 -75.56
C HIS L 1302 -84.23 -28.79 -74.92
N ALA L 1303 -85.48 -28.61 -74.46
CA ALA L 1303 -85.95 -27.36 -73.81
C ALA L 1303 -85.05 -27.01 -72.63
N VAL L 1304 -84.55 -27.99 -71.87
CA VAL L 1304 -83.78 -27.69 -70.62
C VAL L 1304 -82.28 -27.88 -70.84
N GLY L 1305 -81.87 -28.34 -72.02
CA GLY L 1305 -80.43 -28.51 -72.32
C GLY L 1305 -79.83 -29.67 -71.55
N ASN L 1306 -80.55 -30.79 -71.44
CA ASN L 1306 -80.09 -32.03 -70.79
C ASN L 1306 -79.66 -33.02 -71.89
N ASN L 1307 -78.36 -33.17 -72.09
CA ASN L 1307 -77.76 -33.99 -73.17
C ASN L 1307 -77.33 -35.38 -72.66
N CYS L 1308 -77.78 -35.79 -71.48
CA CYS L 1308 -77.46 -37.12 -70.87
C CYS L 1308 -78.00 -38.21 -71.78
N GLU L 1309 -77.18 -39.22 -72.06
CA GLU L 1309 -77.46 -40.32 -73.02
C GLU L 1309 -78.64 -41.17 -72.54
N ASP L 1310 -78.92 -41.25 -71.23
CA ASP L 1310 -80.03 -42.11 -70.71
C ASP L 1310 -81.37 -41.64 -71.28
N PHE L 1311 -81.50 -40.37 -71.66
CA PHE L 1311 -82.78 -39.79 -72.13
C PHE L 1311 -82.87 -39.77 -73.66
N VAL L 1312 -81.87 -40.31 -74.34
CA VAL L 1312 -81.74 -40.28 -75.81
C VAL L 1312 -82.01 -41.68 -76.33
N SER L 1313 -82.88 -41.80 -77.33
CA SER L 1313 -83.15 -43.08 -78.02
C SER L 1313 -81.81 -43.63 -78.54
N ARG L 1314 -81.48 -44.85 -78.15
CA ARG L 1314 -80.29 -45.61 -78.60
C ARG L 1314 -80.76 -47.02 -78.90
N PRO L 1315 -80.14 -47.73 -79.87
CA PRO L 1315 -80.58 -49.07 -80.24
C PRO L 1315 -80.41 -50.07 -79.08
N ASP L 1316 -81.36 -51.00 -78.93
CA ASP L 1316 -81.30 -52.16 -78.00
C ASP L 1316 -81.18 -51.65 -76.56
N ARG L 1317 -81.98 -50.65 -76.20
CA ARG L 1317 -81.81 -49.89 -74.92
C ARG L 1317 -83.03 -49.02 -74.65
N THR L 1318 -83.54 -49.02 -73.42
CA THR L 1318 -84.81 -48.35 -73.02
C THR L 1318 -84.51 -46.90 -72.62
N MET L 1319 -85.29 -45.97 -73.14
CA MET L 1319 -85.12 -44.52 -72.94
C MET L 1319 -85.74 -44.13 -71.58
N LEU L 1320 -84.96 -43.46 -70.73
CA LEU L 1320 -85.43 -42.97 -69.41
C LEU L 1320 -86.00 -41.57 -69.58
N ALA L 1321 -86.78 -41.13 -68.59
CA ALA L 1321 -87.17 -39.72 -68.45
C ALA L 1321 -86.34 -39.14 -67.32
N PRO L 1322 -85.90 -37.87 -67.42
CA PRO L 1322 -85.22 -37.21 -66.30
C PRO L 1322 -86.21 -37.00 -65.13
N MET L 1323 -85.72 -36.94 -63.89
CA MET L 1323 -86.60 -36.76 -62.71
C MET L 1323 -87.34 -35.41 -62.80
N ASP L 1324 -86.73 -34.39 -63.41
CA ASP L 1324 -87.36 -33.07 -63.74
C ASP L 1324 -88.68 -33.26 -64.46
N PHE L 1325 -88.77 -34.32 -65.26
CA PHE L 1325 -89.99 -34.67 -66.02
C PHE L 1325 -91.16 -34.87 -65.08
N ALA L 1326 -90.91 -35.11 -63.78
CA ALA L 1326 -91.96 -35.25 -62.72
C ALA L 1326 -92.82 -33.99 -62.63
N ILE L 1327 -92.22 -32.81 -62.84
CA ILE L 1327 -92.98 -31.53 -62.76
C ILE L 1327 -93.94 -31.44 -63.95
N VAL L 1328 -93.60 -32.06 -65.08
CA VAL L 1328 -94.45 -32.05 -66.30
C VAL L 1328 -95.67 -32.91 -66.02
N VAL L 1329 -95.43 -34.08 -65.45
CA VAL L 1329 -96.50 -35.08 -65.13
C VAL L 1329 -97.40 -34.49 -64.03
N GLY L 1330 -96.79 -33.81 -63.05
CA GLY L 1330 -97.47 -33.46 -61.80
C GLY L 1330 -97.91 -32.00 -61.72
N TRP L 1331 -97.50 -31.15 -62.66
CA TRP L 1331 -97.75 -29.68 -62.62
C TRP L 1331 -99.23 -29.42 -62.36
N ARG L 1332 -100.13 -30.06 -63.09
CA ARG L 1332 -101.58 -29.74 -63.05
C ARG L 1332 -102.13 -30.06 -61.68
N ALA L 1333 -101.78 -31.21 -61.10
CA ALA L 1333 -102.19 -31.63 -59.75
C ALA L 1333 -101.60 -30.63 -58.73
N ILE L 1334 -100.29 -30.42 -58.79
CA ILE L 1334 -99.54 -29.56 -57.84
C ILE L 1334 -100.10 -28.14 -57.89
N ILE L 1335 -100.20 -27.55 -59.07
CA ILE L 1335 -100.53 -26.10 -59.19
C ILE L 1335 -101.99 -25.90 -58.79
N LYS L 1336 -102.84 -26.90 -58.96
CA LYS L 1336 -104.27 -26.82 -58.59
C LYS L 1336 -104.44 -26.53 -57.09
N ALA L 1337 -103.41 -26.82 -56.29
CA ALA L 1337 -103.41 -26.64 -54.82
C ALA L 1337 -103.47 -25.16 -54.45
N ILE L 1338 -102.86 -24.26 -55.23
CA ILE L 1338 -102.88 -22.81 -54.90
C ILE L 1338 -104.19 -22.13 -55.33
N PHE L 1339 -105.18 -22.85 -55.85
CA PHE L 1339 -106.41 -22.24 -56.43
C PHE L 1339 -107.64 -22.19 -55.55
N PRO L 1340 -107.86 -23.07 -54.54
CA PRO L 1340 -109.13 -23.07 -53.82
C PRO L 1340 -109.48 -21.66 -53.32
N ASN L 1341 -110.78 -21.39 -53.22
CA ASN L 1341 -111.35 -20.13 -52.69
C ASN L 1341 -110.68 -19.75 -51.37
N THR L 1342 -110.50 -20.70 -50.45
CA THR L 1342 -109.96 -20.49 -49.08
C THR L 1342 -108.47 -20.18 -49.12
N VAL L 1343 -107.77 -20.51 -50.21
CA VAL L 1343 -106.37 -20.09 -50.46
C VAL L 1343 -106.44 -18.86 -51.40
N ASP L 1344 -106.98 -17.77 -50.88
CA ASP L 1344 -107.27 -16.53 -51.67
C ASP L 1344 -105.98 -15.74 -51.78
N GLY L 1345 -105.44 -15.62 -52.98
CA GLY L 1345 -104.27 -14.80 -53.29
C GLY L 1345 -104.29 -14.36 -54.74
N ASP L 1346 -103.44 -13.41 -55.07
CA ASP L 1346 -103.29 -12.82 -56.43
C ASP L 1346 -102.22 -13.62 -57.17
N LEU L 1347 -102.60 -14.41 -58.17
CA LEU L 1347 -101.64 -15.26 -58.92
C LEU L 1347 -100.61 -14.44 -59.69
N LEU L 1348 -100.89 -13.18 -60.02
CA LEU L 1348 -99.87 -12.31 -60.67
C LEU L 1348 -98.72 -12.01 -59.69
N LYS L 1349 -98.96 -12.13 -58.38
CA LYS L 1349 -97.93 -11.90 -57.33
C LYS L 1349 -97.44 -13.25 -56.78
N LEU L 1350 -97.77 -14.37 -57.44
CA LEU L 1350 -97.33 -15.71 -56.99
C LEU L 1350 -95.84 -15.84 -57.23
N VAL L 1351 -95.11 -16.20 -56.18
CA VAL L 1351 -93.67 -16.56 -56.27
C VAL L 1351 -93.57 -18.07 -56.00
N HIS L 1352 -92.85 -18.79 -56.85
CA HIS L 1352 -92.39 -20.19 -56.64
C HIS L 1352 -91.11 -20.15 -55.80
N LEU L 1353 -91.16 -20.57 -54.53
CA LEU L 1353 -90.01 -20.40 -53.59
C LEU L 1353 -89.00 -21.53 -53.80
N SER L 1354 -89.50 -22.72 -54.05
CA SER L 1354 -88.66 -23.94 -53.95
C SER L 1354 -89.37 -25.09 -54.61
N ASN L 1355 -88.57 -25.96 -55.15
CA ASN L 1355 -89.04 -27.24 -55.73
C ASN L 1355 -88.04 -28.30 -55.32
N GLY L 1356 -88.51 -29.53 -55.22
CA GLY L 1356 -87.67 -30.64 -54.78
C GLY L 1356 -88.25 -31.92 -55.25
N TYR L 1357 -87.38 -32.86 -55.62
CA TYR L 1357 -87.78 -34.23 -56.02
C TYR L 1357 -87.12 -35.19 -55.04
N LYS L 1358 -87.78 -36.31 -54.81
CA LYS L 1358 -87.24 -37.38 -53.92
C LYS L 1358 -87.69 -38.71 -54.49
N MET L 1359 -86.74 -39.51 -54.95
CA MET L 1359 -87.05 -40.88 -55.40
C MET L 1359 -87.37 -41.68 -54.14
N ILE L 1360 -88.45 -42.43 -54.20
CA ILE L 1360 -88.79 -43.40 -53.14
C ILE L 1360 -87.78 -44.54 -53.20
N PRO L 1361 -87.12 -44.89 -52.07
CA PRO L 1361 -86.13 -45.99 -52.05
C PRO L 1361 -86.68 -47.26 -52.71
N GLY L 1362 -85.85 -47.88 -53.58
CA GLY L 1362 -86.22 -49.07 -54.36
C GLY L 1362 -86.79 -48.73 -55.72
N ALA L 1363 -87.42 -47.56 -55.88
CA ALA L 1363 -88.15 -47.19 -57.12
C ALA L 1363 -87.15 -46.87 -58.23
N LYS L 1364 -87.35 -47.45 -59.41
CA LYS L 1364 -86.51 -47.21 -60.61
C LYS L 1364 -86.95 -45.90 -61.24
N PRO L 1365 -86.04 -45.19 -61.94
CA PRO L 1365 -86.40 -43.92 -62.59
C PRO L 1365 -87.52 -44.09 -63.63
N LEU L 1366 -88.22 -42.98 -63.92
CA LEU L 1366 -89.30 -42.95 -64.95
C LEU L 1366 -88.71 -43.33 -66.31
N GLN L 1367 -89.47 -44.08 -67.10
CA GLN L 1367 -89.08 -44.58 -68.44
C GLN L 1367 -90.14 -44.19 -69.45
N VAL L 1368 -89.74 -44.09 -70.72
CA VAL L 1368 -90.68 -44.04 -71.85
C VAL L 1368 -91.58 -45.27 -71.74
N GLY L 1369 -92.90 -45.08 -71.91
CA GLY L 1369 -93.92 -46.14 -71.85
C GLY L 1369 -94.67 -46.13 -70.53
N ASP L 1370 -94.01 -45.75 -69.44
CA ASP L 1370 -94.58 -45.70 -68.07
C ASP L 1370 -95.86 -44.86 -68.07
N VAL L 1371 -96.95 -45.41 -67.54
CA VAL L 1371 -98.18 -44.67 -67.21
C VAL L 1371 -98.08 -44.24 -65.76
N VAL L 1372 -97.94 -42.93 -65.54
CA VAL L 1372 -97.67 -42.32 -64.21
C VAL L 1372 -98.94 -41.60 -63.77
N SER L 1373 -99.44 -41.96 -62.58
CA SER L 1373 -100.54 -41.27 -61.89
C SER L 1373 -99.92 -40.31 -60.88
N THR L 1374 -100.59 -39.21 -60.60
CA THR L 1374 -100.11 -38.15 -59.70
C THR L 1374 -101.23 -37.83 -58.71
N THR L 1375 -100.83 -37.66 -57.47
CA THR L 1375 -101.68 -37.15 -56.36
C THR L 1375 -100.92 -35.95 -55.82
N ALA L 1376 -101.63 -34.94 -55.34
CA ALA L 1376 -101.01 -33.79 -54.66
C ALA L 1376 -101.83 -33.46 -53.42
N VAL L 1377 -101.14 -33.08 -52.38
CA VAL L 1377 -101.81 -32.64 -51.13
C VAL L 1377 -101.15 -31.34 -50.68
N ILE L 1378 -101.92 -30.42 -50.11
CA ILE L 1378 -101.34 -29.24 -49.43
C ILE L 1378 -100.85 -29.71 -48.05
N GLU L 1379 -99.55 -29.70 -47.84
CA GLU L 1379 -98.90 -30.04 -46.55
C GLU L 1379 -99.26 -28.91 -45.56
N SER L 1380 -99.02 -27.67 -45.98
CA SER L 1380 -99.11 -26.45 -45.14
C SER L 1380 -99.63 -25.26 -45.97
N VAL L 1381 -100.50 -24.44 -45.39
CA VAL L 1381 -100.77 -23.05 -45.88
C VAL L 1381 -100.78 -22.15 -44.66
N VAL L 1382 -99.82 -21.23 -44.55
CA VAL L 1382 -99.62 -20.38 -43.36
C VAL L 1382 -99.47 -18.93 -43.81
N ASN L 1383 -100.15 -18.04 -43.10
CA ASN L 1383 -100.06 -16.57 -43.22
C ASN L 1383 -98.82 -16.10 -42.50
N GLN L 1384 -97.86 -15.60 -43.26
CA GLN L 1384 -96.64 -14.94 -42.74
C GLN L 1384 -96.87 -13.45 -42.83
N PRO L 1385 -96.08 -12.62 -42.13
CA PRO L 1385 -96.19 -11.17 -42.26
C PRO L 1385 -96.26 -10.65 -43.71
N THR L 1386 -95.43 -11.19 -44.62
CA THR L 1386 -95.20 -10.67 -45.99
C THR L 1386 -96.07 -11.38 -47.04
N GLY L 1387 -96.85 -12.38 -46.66
CA GLY L 1387 -97.59 -13.23 -47.61
C GLY L 1387 -97.92 -14.61 -47.09
N LYS L 1388 -98.67 -15.36 -47.88
CA LYS L 1388 -99.18 -16.71 -47.58
C LYS L 1388 -98.27 -17.74 -48.26
N ILE L 1389 -97.68 -18.67 -47.51
CA ILE L 1389 -96.87 -19.78 -48.06
C ILE L 1389 -97.80 -20.97 -48.24
N VAL L 1390 -97.72 -21.63 -49.39
CA VAL L 1390 -98.43 -22.90 -49.67
C VAL L 1390 -97.37 -23.94 -49.99
N ASP L 1391 -97.36 -25.03 -49.21
CA ASP L 1391 -96.40 -26.15 -49.36
C ASP L 1391 -97.20 -27.32 -49.90
N VAL L 1392 -96.81 -27.83 -51.06
CA VAL L 1392 -97.58 -28.86 -51.80
C VAL L 1392 -96.66 -30.06 -51.92
N VAL L 1393 -97.21 -31.25 -51.78
CA VAL L 1393 -96.46 -32.52 -51.93
C VAL L 1393 -97.18 -33.31 -53.00
N GLY L 1394 -96.50 -33.57 -54.10
CA GLY L 1394 -97.02 -34.42 -55.17
C GLY L 1394 -96.43 -35.80 -55.02
N THR L 1395 -97.20 -36.83 -55.31
CA THR L 1395 -96.70 -38.23 -55.32
C THR L 1395 -96.98 -38.79 -56.70
N LEU L 1396 -95.91 -39.16 -57.41
CA LEU L 1396 -96.01 -39.86 -58.71
C LEU L 1396 -95.95 -41.34 -58.42
N SER L 1397 -96.86 -42.08 -59.02
CA SER L 1397 -97.04 -43.54 -58.85
C SER L 1397 -97.10 -44.18 -60.23
N ARG L 1398 -96.69 -45.43 -60.29
CA ARG L 1398 -96.66 -46.25 -61.51
C ARG L 1398 -96.93 -47.69 -61.09
N ASN L 1399 -97.89 -48.35 -61.75
CA ASN L 1399 -98.31 -49.75 -61.45
C ASN L 1399 -98.72 -49.84 -59.97
N GLY L 1400 -99.41 -48.83 -59.45
CA GLY L 1400 -99.89 -48.77 -58.06
C GLY L 1400 -98.83 -48.30 -57.06
N LYS L 1401 -97.54 -48.52 -57.33
CA LYS L 1401 -96.42 -48.24 -56.38
C LYS L 1401 -95.97 -46.80 -56.55
N PRO L 1402 -95.68 -46.05 -55.45
CA PRO L 1402 -95.17 -44.68 -55.57
C PRO L 1402 -93.71 -44.67 -56.04
N VAL L 1403 -93.39 -43.77 -56.98
CA VAL L 1403 -92.06 -43.64 -57.62
C VAL L 1403 -91.31 -42.49 -56.97
N MET L 1404 -91.94 -41.32 -56.86
CA MET L 1404 -91.21 -40.13 -56.36
C MET L 1404 -92.17 -39.10 -55.77
N GLU L 1405 -91.63 -38.27 -54.86
CA GLU L 1405 -92.36 -37.13 -54.27
C GLU L 1405 -91.81 -35.82 -54.85
N VAL L 1406 -92.69 -34.97 -55.35
CA VAL L 1406 -92.36 -33.58 -55.77
C VAL L 1406 -92.84 -32.64 -54.67
N THR L 1407 -91.96 -31.83 -54.11
CA THR L 1407 -92.28 -30.81 -53.07
C THR L 1407 -92.16 -29.43 -53.71
N SER L 1408 -93.23 -28.66 -53.69
CA SER L 1408 -93.26 -27.27 -54.23
C SER L 1408 -93.74 -26.34 -53.14
N SER L 1409 -93.00 -25.27 -52.92
CA SER L 1409 -93.41 -24.15 -52.04
C SER L 1409 -93.74 -22.91 -52.86
N PHE L 1410 -94.97 -22.42 -52.74
CA PHE L 1410 -95.50 -21.21 -53.41
C PHE L 1410 -95.84 -20.14 -52.39
N PHE L 1411 -95.65 -18.90 -52.79
CA PHE L 1411 -95.80 -17.69 -51.94
C PHE L 1411 -96.72 -16.68 -52.63
N TYR L 1412 -97.92 -16.50 -52.09
CA TYR L 1412 -98.79 -15.37 -52.42
C TYR L 1412 -98.36 -14.15 -51.62
N ARG L 1413 -97.55 -13.28 -52.25
CA ARG L 1413 -97.16 -11.97 -51.66
C ARG L 1413 -98.42 -11.18 -51.37
N GLY L 1414 -98.53 -10.63 -50.16
CA GLY L 1414 -99.74 -9.89 -49.75
C GLY L 1414 -99.89 -9.84 -48.26
N ASN L 1415 -101.01 -9.27 -47.83
CA ASN L 1415 -101.41 -9.17 -46.40
C ASN L 1415 -102.63 -10.06 -46.24
N TYR L 1416 -102.48 -11.18 -45.54
CA TYR L 1416 -103.53 -12.20 -45.34
C TYR L 1416 -103.71 -12.37 -43.82
N THR L 1417 -104.97 -12.39 -43.38
CA THR L 1417 -105.38 -12.44 -41.95
C THR L 1417 -106.49 -13.47 -41.75
N ASP L 1418 -106.66 -14.39 -42.71
CA ASP L 1418 -107.72 -15.42 -42.77
C ASP L 1418 -107.14 -16.68 -42.10
N PHE L 1419 -106.87 -16.61 -40.81
CA PHE L 1419 -106.13 -17.66 -40.06
C PHE L 1419 -106.94 -18.95 -39.96
N GLU L 1420 -108.27 -18.89 -40.11
CA GLU L 1420 -109.17 -20.07 -40.06
C GLU L 1420 -108.91 -21.01 -41.23
N ASN L 1421 -108.26 -20.54 -42.29
CA ASN L 1421 -108.00 -21.33 -43.53
C ASN L 1421 -106.58 -21.86 -43.52
N THR L 1422 -105.78 -21.50 -42.51
CA THR L 1422 -104.36 -21.90 -42.44
C THR L 1422 -104.20 -23.19 -41.62
N PHE L 1423 -103.08 -23.87 -41.83
CA PHE L 1423 -102.72 -25.13 -41.16
C PHE L 1423 -101.29 -25.47 -41.57
N GLN L 1424 -100.62 -26.25 -40.74
CA GLN L 1424 -99.21 -26.60 -40.97
C GLN L 1424 -99.00 -28.01 -40.44
N LYS L 1425 -98.51 -28.90 -41.30
CA LYS L 1425 -98.03 -30.24 -40.94
C LYS L 1425 -96.50 -30.19 -41.04
N THR L 1426 -95.81 -30.55 -39.96
CA THR L 1426 -94.34 -30.67 -39.90
C THR L 1426 -94.01 -32.13 -39.56
N VAL L 1427 -93.11 -32.75 -40.32
CA VAL L 1427 -92.41 -34.00 -39.91
C VAL L 1427 -91.23 -33.55 -39.05
N GLU L 1428 -91.27 -33.87 -37.76
CA GLU L 1428 -90.25 -33.38 -36.80
C GLU L 1428 -88.99 -34.19 -37.04
N PRO L 1429 -87.80 -33.65 -36.70
CA PRO L 1429 -86.59 -34.45 -36.68
C PRO L 1429 -86.77 -35.59 -35.65
N VAL L 1430 -86.16 -36.75 -35.91
CA VAL L 1430 -86.17 -37.89 -34.95
C VAL L 1430 -85.36 -37.48 -33.73
N TYR L 1431 -85.98 -37.54 -32.55
CA TYR L 1431 -85.32 -37.29 -31.24
C TYR L 1431 -85.00 -38.63 -30.58
N GLN L 1432 -83.83 -38.71 -29.98
CA GLN L 1432 -83.32 -39.91 -29.27
C GLN L 1432 -83.10 -39.55 -27.79
N MET L 1433 -83.62 -40.39 -26.89
CA MET L 1433 -83.29 -40.33 -25.45
C MET L 1433 -82.65 -41.65 -25.01
N HIS L 1434 -81.46 -41.57 -24.42
CA HIS L 1434 -80.84 -42.66 -23.62
C HIS L 1434 -81.39 -42.59 -22.20
N ILE L 1435 -82.26 -43.52 -21.81
CA ILE L 1435 -82.85 -43.56 -20.44
C ILE L 1435 -81.81 -44.24 -19.51
N LYS L 1436 -81.05 -43.44 -18.77
CA LYS L 1436 -79.92 -43.88 -17.91
C LYS L 1436 -80.41 -44.18 -16.49
N THR L 1437 -81.29 -43.35 -15.94
CA THR L 1437 -81.75 -43.37 -14.51
C THR L 1437 -83.26 -43.56 -14.43
N SER L 1438 -83.77 -43.80 -13.23
CA SER L 1438 -85.22 -43.97 -12.89
C SER L 1438 -85.91 -42.61 -12.79
N LYS L 1439 -85.14 -41.52 -12.70
CA LYS L 1439 -85.64 -40.13 -12.70
C LYS L 1439 -86.18 -39.81 -14.10
N ASP L 1440 -85.37 -40.07 -15.13
CA ASP L 1440 -85.71 -39.97 -16.58
C ASP L 1440 -87.01 -40.72 -16.87
N ILE L 1441 -87.18 -41.92 -16.32
CA ILE L 1441 -88.41 -42.75 -16.49
C ILE L 1441 -89.61 -42.04 -15.88
N ALA L 1442 -89.45 -41.48 -14.69
CA ALA L 1442 -90.52 -40.81 -13.92
C ALA L 1442 -90.94 -39.54 -14.67
N VAL L 1443 -89.97 -38.78 -15.16
CA VAL L 1443 -90.19 -37.54 -15.97
C VAL L 1443 -90.97 -37.88 -17.24
N LEU L 1444 -90.69 -39.02 -17.88
CA LEU L 1444 -91.42 -39.46 -19.10
C LEU L 1444 -92.83 -39.91 -18.72
N ARG L 1445 -93.00 -40.66 -17.63
CA ARG L 1445 -94.34 -41.14 -17.19
C ARG L 1445 -95.20 -39.96 -16.70
N SER L 1446 -94.59 -38.84 -16.33
CA SER L 1446 -95.33 -37.61 -15.91
C SER L 1446 -96.03 -36.96 -17.12
N LYS L 1447 -95.55 -37.22 -18.35
CA LYS L 1447 -96.12 -36.71 -19.62
C LYS L 1447 -97.28 -37.61 -20.07
N GLU L 1448 -98.48 -37.05 -20.19
CA GLU L 1448 -99.70 -37.78 -20.64
C GLU L 1448 -99.50 -38.31 -22.06
N TRP L 1449 -98.81 -37.52 -22.90
CA TRP L 1449 -98.58 -37.84 -24.34
C TRP L 1449 -97.72 -39.09 -24.53
N PHE L 1450 -96.85 -39.40 -23.57
CA PHE L 1450 -95.99 -40.61 -23.57
C PHE L 1450 -96.82 -41.85 -23.23
N GLN L 1451 -97.10 -42.70 -24.21
CA GLN L 1451 -98.12 -43.77 -24.11
C GLN L 1451 -97.55 -45.11 -24.57
N LEU L 1452 -96.95 -45.85 -23.64
CA LEU L 1452 -96.42 -47.20 -23.93
C LEU L 1452 -97.60 -48.14 -24.21
N ASP L 1453 -97.38 -49.09 -25.12
CA ASP L 1453 -98.33 -50.19 -25.45
C ASP L 1453 -98.44 -51.09 -24.21
N ASP L 1454 -97.29 -51.53 -23.70
CA ASP L 1454 -97.13 -52.31 -22.44
C ASP L 1454 -96.65 -51.35 -21.34
N GLU L 1455 -97.53 -50.96 -20.42
CA GLU L 1455 -97.24 -49.99 -19.33
C GLU L 1455 -96.07 -50.48 -18.45
N ASP L 1456 -95.91 -51.80 -18.29
CA ASP L 1456 -94.85 -52.40 -17.43
C ASP L 1456 -93.54 -52.60 -18.21
N PHE L 1457 -93.40 -52.02 -19.42
CA PHE L 1457 -92.16 -52.06 -20.24
C PHE L 1457 -91.02 -51.47 -19.41
N ASP L 1458 -89.83 -52.08 -19.47
CA ASP L 1458 -88.63 -51.66 -18.70
C ASP L 1458 -87.80 -50.70 -19.56
N LEU L 1459 -87.85 -49.41 -19.24
CA LEU L 1459 -87.18 -48.35 -20.02
C LEU L 1459 -85.71 -48.20 -19.62
N LEU L 1460 -85.31 -48.71 -18.46
CA LEU L 1460 -83.96 -48.44 -17.89
C LEU L 1460 -82.89 -49.00 -18.84
N ASN L 1461 -81.89 -48.16 -19.18
CA ASN L 1461 -80.71 -48.48 -20.03
C ASN L 1461 -81.10 -48.56 -21.52
N LYS L 1462 -82.37 -48.33 -21.87
CA LYS L 1462 -82.86 -48.37 -23.27
C LYS L 1462 -82.64 -47.02 -23.96
N THR L 1463 -82.43 -47.06 -25.26
CA THR L 1463 -82.40 -45.89 -26.16
C THR L 1463 -83.75 -45.80 -26.86
N LEU L 1464 -84.46 -44.70 -26.67
CA LEU L 1464 -85.78 -44.48 -27.28
C LEU L 1464 -85.60 -43.50 -28.42
N THR L 1465 -86.38 -43.67 -29.47
CA THR L 1465 -86.48 -42.70 -30.58
C THR L 1465 -87.93 -42.31 -30.74
N PHE L 1466 -88.16 -41.01 -30.92
CA PHE L 1466 -89.48 -40.39 -31.11
C PHE L 1466 -89.55 -39.87 -32.54
N GLU L 1467 -90.44 -40.45 -33.35
CA GLU L 1467 -90.68 -40.06 -34.77
C GLU L 1467 -92.05 -39.39 -34.83
N THR L 1468 -92.08 -38.10 -34.56
CA THR L 1468 -93.31 -37.30 -34.36
C THR L 1468 -93.58 -36.46 -35.63
N GLU L 1469 -94.86 -36.19 -35.86
CA GLU L 1469 -95.42 -35.21 -36.82
C GLU L 1469 -96.31 -34.26 -36.03
N THR L 1470 -96.18 -32.96 -36.28
CA THR L 1470 -96.98 -31.89 -35.64
C THR L 1470 -97.95 -31.32 -36.67
N GLU L 1471 -99.25 -31.49 -36.42
CA GLU L 1471 -100.35 -30.78 -37.13
C GLU L 1471 -100.78 -29.60 -36.27
N VAL L 1472 -100.78 -28.41 -36.85
CA VAL L 1472 -101.15 -27.13 -36.20
C VAL L 1472 -102.25 -26.45 -37.02
N THR L 1473 -103.20 -25.77 -36.36
CA THR L 1473 -104.13 -24.79 -36.95
C THR L 1473 -103.96 -23.49 -36.19
N PHE L 1474 -104.09 -22.34 -36.87
CA PHE L 1474 -103.76 -21.01 -36.33
C PHE L 1474 -105.05 -20.29 -35.91
N LYS L 1475 -104.95 -19.55 -34.80
CA LYS L 1475 -105.97 -18.56 -34.36
C LYS L 1475 -105.52 -17.21 -34.90
N ASN L 1476 -104.22 -16.91 -34.76
CA ASN L 1476 -103.56 -15.71 -35.29
C ASN L 1476 -102.09 -16.05 -35.56
N ALA L 1477 -101.27 -15.04 -35.86
CA ALA L 1477 -99.85 -15.19 -36.28
C ALA L 1477 -99.05 -16.04 -35.28
N ASN L 1478 -99.22 -15.79 -33.97
CA ASN L 1478 -98.34 -16.32 -32.88
C ASN L 1478 -99.00 -17.49 -32.13
N ILE L 1479 -100.32 -17.43 -31.90
CA ILE L 1479 -101.07 -18.45 -31.12
C ILE L 1479 -101.68 -19.49 -32.06
N PHE L 1480 -101.44 -20.77 -31.78
CA PHE L 1480 -102.10 -21.92 -32.45
C PHE L 1480 -103.48 -22.07 -31.84
N SER L 1481 -104.46 -22.46 -32.65
CA SER L 1481 -105.84 -22.79 -32.23
C SER L 1481 -105.93 -24.28 -31.93
N SER L 1482 -104.96 -25.05 -32.38
CA SER L 1482 -104.89 -26.52 -32.15
C SER L 1482 -103.45 -26.98 -32.37
N VAL L 1483 -103.02 -27.96 -31.57
CA VAL L 1483 -101.71 -28.65 -31.75
C VAL L 1483 -102.00 -30.14 -31.62
N LYS L 1484 -101.55 -30.91 -32.61
CA LYS L 1484 -101.50 -32.38 -32.59
C LYS L 1484 -100.03 -32.73 -32.78
N CYS L 1485 -99.49 -33.57 -31.91
CA CYS L 1485 -98.14 -34.17 -32.03
C CYS L 1485 -98.32 -35.65 -31.79
N PHE L 1486 -98.01 -36.48 -32.77
CA PHE L 1486 -98.30 -37.94 -32.76
C PHE L 1486 -97.18 -38.64 -33.52
N GLY L 1487 -97.06 -39.94 -33.31
CA GLY L 1487 -96.05 -40.76 -33.99
C GLY L 1487 -95.50 -41.83 -33.06
N PRO L 1488 -94.81 -42.83 -33.63
CA PRO L 1488 -94.27 -43.95 -32.85
C PRO L 1488 -93.10 -43.56 -31.93
N ILE L 1489 -93.06 -44.24 -30.78
CA ILE L 1489 -91.89 -44.31 -29.87
C ILE L 1489 -91.29 -45.69 -30.12
N LYS L 1490 -90.00 -45.72 -30.36
CA LYS L 1490 -89.32 -46.97 -30.74
C LYS L 1490 -88.17 -47.21 -29.76
N VAL L 1491 -87.98 -48.44 -29.36
CA VAL L 1491 -86.79 -48.82 -28.53
C VAL L 1491 -85.75 -49.43 -29.48
N GLU L 1492 -84.49 -49.09 -29.28
CA GLU L 1492 -83.35 -49.75 -29.95
C GLU L 1492 -83.12 -51.15 -29.34
N LEU L 1493 -83.16 -52.20 -30.16
CA LEU L 1493 -82.86 -53.60 -29.79
C LEU L 1493 -81.34 -53.79 -29.78
N PRO L 1494 -80.81 -54.91 -29.22
CA PRO L 1494 -79.38 -55.18 -29.25
C PRO L 1494 -78.72 -55.20 -30.64
N THR L 1495 -79.47 -55.55 -31.69
CA THR L 1495 -79.02 -55.55 -33.11
C THR L 1495 -79.02 -54.13 -33.71
N LYS L 1496 -79.35 -53.09 -32.93
CA LYS L 1496 -79.46 -51.67 -33.36
C LYS L 1496 -80.72 -51.45 -34.22
N GLU L 1497 -81.52 -52.48 -34.49
CA GLU L 1497 -82.87 -52.32 -35.07
C GLU L 1497 -83.73 -51.56 -34.05
N THR L 1498 -84.68 -50.75 -34.52
CA THR L 1498 -85.66 -50.04 -33.66
C THR L 1498 -87.04 -50.63 -33.93
N VAL L 1499 -87.79 -50.90 -32.86
CA VAL L 1499 -89.16 -51.46 -32.90
C VAL L 1499 -90.08 -50.56 -32.04
N GLU L 1500 -91.35 -50.50 -32.42
CA GLU L 1500 -92.36 -49.63 -31.80
C GLU L 1500 -92.75 -50.24 -30.45
N ILE L 1501 -92.64 -49.44 -29.38
CA ILE L 1501 -93.11 -49.81 -28.01
C ILE L 1501 -94.25 -48.89 -27.55
N GLY L 1502 -94.59 -47.84 -28.29
CA GLY L 1502 -95.71 -46.96 -27.92
C GLY L 1502 -95.89 -45.82 -28.90
N ILE L 1503 -96.70 -44.83 -28.52
CA ILE L 1503 -96.92 -43.62 -29.35
C ILE L 1503 -96.71 -42.37 -28.50
N VAL L 1504 -96.23 -41.31 -29.14
CA VAL L 1504 -96.55 -39.91 -28.73
C VAL L 1504 -97.99 -39.67 -29.18
N ASP L 1505 -98.83 -39.10 -28.30
CA ASP L 1505 -100.22 -38.69 -28.64
C ASP L 1505 -100.59 -37.46 -27.81
N TYR L 1506 -100.19 -36.29 -28.31
CA TYR L 1506 -100.49 -34.96 -27.74
C TYR L 1506 -101.52 -34.24 -28.59
N GLU L 1507 -102.53 -33.67 -27.93
CA GLU L 1507 -103.68 -32.95 -28.54
C GLU L 1507 -104.05 -31.81 -27.60
N ALA L 1508 -103.86 -30.56 -28.04
CA ALA L 1508 -104.20 -29.32 -27.32
C ALA L 1508 -105.06 -28.41 -28.20
N GLY L 1509 -105.89 -27.57 -27.60
CA GLY L 1509 -106.49 -26.38 -28.23
C GLY L 1509 -105.50 -25.23 -28.25
N ALA L 1510 -105.96 -24.02 -27.92
CA ALA L 1510 -105.18 -22.77 -27.98
C ALA L 1510 -103.86 -22.96 -27.23
N SER L 1511 -102.74 -22.60 -27.85
CA SER L 1511 -101.36 -22.86 -27.36
C SER L 1511 -100.39 -21.91 -28.06
N HIS L 1512 -99.22 -21.69 -27.48
CA HIS L 1512 -98.13 -20.84 -28.01
C HIS L 1512 -97.00 -21.72 -28.51
N GLY L 1513 -97.15 -23.04 -28.46
CA GLY L 1513 -96.02 -23.95 -28.69
C GLY L 1513 -96.38 -25.41 -28.57
N ASN L 1514 -95.44 -26.25 -28.96
CA ASN L 1514 -95.54 -27.71 -28.90
C ASN L 1514 -94.65 -28.12 -27.72
N PRO L 1515 -95.23 -28.57 -26.58
CA PRO L 1515 -94.42 -28.97 -25.43
C PRO L 1515 -93.70 -30.31 -25.67
N VAL L 1516 -94.31 -31.23 -26.45
CA VAL L 1516 -93.66 -32.52 -26.82
C VAL L 1516 -92.26 -32.27 -27.38
N VAL L 1517 -92.17 -31.47 -28.45
CA VAL L 1517 -90.91 -31.23 -29.19
C VAL L 1517 -89.98 -30.42 -28.28
N ASP L 1518 -90.53 -29.49 -27.49
CA ASP L 1518 -89.70 -28.67 -26.57
C ASP L 1518 -89.01 -29.61 -25.58
N PHE L 1519 -89.77 -30.52 -24.97
CA PHE L 1519 -89.26 -31.59 -24.08
C PHE L 1519 -88.16 -32.39 -24.79
N LEU L 1520 -88.47 -32.96 -25.96
CA LEU L 1520 -87.51 -33.84 -26.68
C LEU L 1520 -86.26 -33.06 -27.09
N LYS L 1521 -86.37 -31.78 -27.43
CA LYS L 1521 -85.18 -30.96 -27.79
C LYS L 1521 -84.26 -30.82 -26.58
N ARG L 1522 -84.82 -30.46 -25.41
CA ARG L 1522 -84.07 -30.17 -24.17
C ARG L 1522 -83.42 -31.46 -23.66
N ASN L 1523 -84.18 -32.57 -23.63
CA ASN L 1523 -83.81 -33.83 -22.94
C ASN L 1523 -83.14 -34.82 -23.87
N GLY L 1524 -83.66 -34.98 -25.09
CA GLY L 1524 -83.11 -35.91 -26.09
C GLY L 1524 -82.05 -35.24 -26.94
N SER L 1525 -81.49 -36.00 -27.89
CA SER L 1525 -80.61 -35.51 -28.97
C SER L 1525 -81.35 -35.66 -30.30
N THR L 1526 -81.09 -34.76 -31.24
CA THR L 1526 -81.63 -34.81 -32.63
C THR L 1526 -80.80 -35.84 -33.42
N LEU L 1527 -81.45 -36.83 -34.04
CA LEU L 1527 -80.77 -37.75 -35.00
C LEU L 1527 -80.77 -37.07 -36.37
N GLU L 1528 -79.58 -36.67 -36.84
CA GLU L 1528 -79.40 -36.01 -38.17
C GLU L 1528 -78.98 -37.11 -39.16
N GLN L 1529 -79.80 -37.36 -40.20
CA GLN L 1529 -79.47 -38.27 -41.32
C GLN L 1529 -78.27 -37.73 -42.12
N LYS L 1530 -78.17 -36.41 -42.31
CA LYS L 1530 -77.09 -35.76 -43.08
C LYS L 1530 -75.86 -35.60 -42.19
N VAL L 1531 -74.71 -36.00 -42.69
CA VAL L 1531 -73.40 -35.95 -41.98
C VAL L 1531 -72.44 -35.21 -42.88
N ASN L 1532 -71.88 -34.10 -42.39
CA ASN L 1532 -70.98 -33.25 -43.19
C ASN L 1532 -69.63 -33.94 -43.26
N LEU L 1533 -68.98 -33.85 -44.42
CA LEU L 1533 -67.57 -34.23 -44.56
C LEU L 1533 -66.75 -33.26 -43.73
N GLU L 1534 -65.52 -33.67 -43.40
CA GLU L 1534 -64.49 -32.81 -42.73
C GLU L 1534 -64.38 -31.49 -43.50
N ASN L 1535 -64.22 -31.55 -44.82
CA ASN L 1535 -64.11 -30.38 -45.73
C ASN L 1535 -64.93 -30.63 -46.99
N PRO L 1536 -65.65 -29.62 -47.53
CA PRO L 1536 -66.37 -29.80 -48.79
C PRO L 1536 -65.37 -30.07 -49.91
N ILE L 1537 -65.71 -30.98 -50.82
CA ILE L 1537 -64.90 -31.34 -52.01
C ILE L 1537 -65.50 -30.62 -53.21
N PRO L 1538 -64.85 -29.56 -53.74
CA PRO L 1538 -65.25 -28.95 -55.01
C PRO L 1538 -65.38 -30.00 -56.10
N ILE L 1539 -66.49 -29.99 -56.82
CA ILE L 1539 -66.76 -30.87 -57.98
C ILE L 1539 -66.55 -30.09 -59.29
N ALA L 1540 -67.17 -28.91 -59.44
CA ALA L 1540 -67.13 -28.13 -60.70
C ALA L 1540 -67.67 -26.73 -60.50
N VAL L 1541 -67.17 -25.78 -61.31
CA VAL L 1541 -67.79 -24.44 -61.50
C VAL L 1541 -68.19 -24.34 -62.96
N LEU L 1542 -69.49 -24.38 -63.24
CA LEU L 1542 -70.03 -24.61 -64.60
C LEU L 1542 -70.84 -23.40 -65.06
N ASP L 1543 -70.58 -22.94 -66.29
CA ASP L 1543 -71.35 -21.85 -66.95
C ASP L 1543 -72.54 -22.51 -67.64
N SER L 1544 -73.69 -21.84 -67.58
CA SER L 1544 -74.91 -22.19 -68.35
C SER L 1544 -75.59 -20.88 -68.77
N TYR L 1545 -76.56 -20.99 -69.67
CA TYR L 1545 -77.30 -19.82 -70.23
C TYR L 1545 -78.79 -20.13 -70.09
N THR L 1546 -79.57 -19.12 -69.79
CA THR L 1546 -81.05 -19.18 -69.94
C THR L 1546 -81.37 -18.89 -71.40
N PRO L 1547 -82.38 -19.56 -71.96
CA PRO L 1547 -82.70 -19.39 -73.38
C PRO L 1547 -83.21 -17.98 -73.65
N SER L 1548 -83.15 -17.55 -74.92
CA SER L 1548 -83.59 -16.22 -75.42
C SER L 1548 -85.11 -16.09 -75.28
N THR L 1549 -85.81 -17.22 -75.31
CA THR L 1549 -87.29 -17.33 -75.27
C THR L 1549 -87.68 -18.40 -74.24
N ASN L 1550 -88.80 -18.18 -73.55
CA ASN L 1550 -89.35 -19.11 -72.53
C ASN L 1550 -90.51 -19.90 -73.10
N GLU L 1551 -90.78 -19.79 -74.41
CA GLU L 1551 -91.91 -20.53 -75.04
C GLU L 1551 -91.61 -22.03 -75.16
N PRO L 1552 -90.38 -22.46 -75.53
CA PRO L 1552 -90.08 -23.89 -75.60
C PRO L 1552 -90.33 -24.57 -74.25
N TYR L 1553 -89.79 -24.03 -73.15
CA TYR L 1553 -89.97 -24.62 -71.80
C TYR L 1553 -91.45 -24.57 -71.46
N ALA L 1554 -92.12 -23.44 -71.73
CA ALA L 1554 -93.56 -23.26 -71.49
C ALA L 1554 -94.33 -24.40 -72.18
N ARG L 1555 -93.93 -24.77 -73.40
CA ARG L 1555 -94.70 -25.76 -74.20
C ARG L 1555 -94.57 -27.17 -73.61
N VAL L 1556 -93.35 -27.59 -73.30
CA VAL L 1556 -93.07 -28.97 -72.80
C VAL L 1556 -93.58 -29.10 -71.35
N SER L 1557 -93.40 -28.07 -70.52
CA SER L 1557 -93.80 -28.07 -69.08
C SER L 1557 -95.30 -27.90 -68.86
N GLY L 1558 -96.02 -27.25 -69.76
CA GLY L 1558 -97.43 -26.86 -69.55
C GLY L 1558 -97.55 -25.63 -68.65
N ASP L 1559 -96.44 -24.98 -68.32
CA ASP L 1559 -96.44 -23.76 -67.48
C ASP L 1559 -96.57 -22.54 -68.42
N LEU L 1560 -97.80 -22.25 -68.81
CA LEU L 1560 -98.18 -21.15 -69.73
C LEU L 1560 -98.40 -19.88 -68.93
N ASN L 1561 -97.67 -19.67 -67.84
CA ASN L 1561 -97.78 -18.44 -67.03
C ASN L 1561 -97.39 -17.26 -67.93
N PRO L 1562 -98.28 -16.28 -68.18
CA PRO L 1562 -97.96 -15.18 -69.08
C PRO L 1562 -96.71 -14.36 -68.73
N ILE L 1563 -96.30 -14.34 -67.47
CA ILE L 1563 -95.18 -13.49 -67.01
C ILE L 1563 -93.88 -13.95 -67.68
N HIS L 1564 -93.80 -15.19 -68.16
CA HIS L 1564 -92.55 -15.72 -68.78
C HIS L 1564 -92.50 -15.39 -70.27
N VAL L 1565 -93.64 -15.10 -70.91
CA VAL L 1565 -93.73 -15.00 -72.39
C VAL L 1565 -94.28 -13.63 -72.86
N SER L 1566 -95.13 -12.96 -72.09
CA SER L 1566 -95.89 -11.75 -72.52
C SER L 1566 -95.40 -10.54 -71.76
N ARG L 1567 -94.69 -9.64 -72.45
CA ARG L 1567 -94.18 -8.34 -71.93
C ARG L 1567 -95.25 -7.64 -71.09
N HIS L 1568 -96.50 -7.62 -71.54
CA HIS L 1568 -97.54 -6.79 -70.87
C HIS L 1568 -97.85 -7.36 -69.47
N PHE L 1569 -97.99 -8.67 -69.33
CA PHE L 1569 -98.26 -9.32 -68.02
C PHE L 1569 -97.06 -9.15 -67.11
N ALA L 1570 -95.87 -9.34 -67.63
CA ALA L 1570 -94.64 -9.17 -66.83
C ALA L 1570 -94.58 -7.74 -66.29
N SER L 1571 -94.91 -6.74 -67.12
CA SER L 1571 -94.96 -5.30 -66.76
C SER L 1571 -96.04 -5.07 -65.70
N TYR L 1572 -97.24 -5.60 -65.92
CA TYR L 1572 -98.37 -5.43 -64.98
C TYR L 1572 -98.00 -6.02 -63.60
N ALA L 1573 -97.24 -7.13 -63.59
CA ALA L 1573 -96.84 -7.89 -62.39
C ALA L 1573 -95.58 -7.28 -61.76
N ASN L 1574 -95.05 -6.20 -62.35
CA ASN L 1574 -93.95 -5.38 -61.80
C ASN L 1574 -92.64 -6.17 -61.85
N LEU L 1575 -92.50 -7.07 -62.82
CA LEU L 1575 -91.26 -7.87 -62.98
C LEU L 1575 -90.28 -7.09 -63.85
N PRO L 1576 -88.97 -7.42 -63.78
CA PRO L 1576 -87.96 -6.77 -64.63
C PRO L 1576 -88.02 -7.13 -66.12
N GLY L 1577 -88.96 -7.98 -66.52
CA GLY L 1577 -89.13 -8.45 -67.90
C GLY L 1577 -89.77 -9.83 -67.89
N THR L 1578 -89.77 -10.51 -69.02
CA THR L 1578 -90.35 -11.87 -69.20
C THR L 1578 -89.36 -12.89 -68.63
N ILE L 1579 -89.43 -13.09 -67.32
CA ILE L 1579 -88.42 -13.84 -66.52
C ILE L 1579 -88.39 -15.31 -66.97
N THR L 1580 -87.21 -15.91 -66.93
CA THR L 1580 -87.01 -17.37 -67.10
C THR L 1580 -87.86 -18.11 -66.06
N HIS L 1581 -88.58 -19.14 -66.48
CA HIS L 1581 -89.18 -20.17 -65.59
C HIS L 1581 -88.14 -20.60 -64.55
N GLY L 1582 -88.44 -20.48 -63.26
CA GLY L 1582 -87.60 -21.05 -62.19
C GLY L 1582 -87.33 -22.52 -62.46
N MET L 1583 -88.34 -23.25 -62.93
CA MET L 1583 -88.27 -24.69 -63.22
C MET L 1583 -87.35 -25.00 -64.41
N PHE L 1584 -87.09 -24.02 -65.29
CA PHE L 1584 -86.10 -24.19 -66.36
C PHE L 1584 -84.73 -24.20 -65.69
N SER L 1585 -84.46 -23.21 -64.86
CA SER L 1585 -83.16 -23.09 -64.13
C SER L 1585 -82.93 -24.34 -63.26
N SER L 1586 -83.98 -24.89 -62.67
CA SER L 1586 -83.95 -26.13 -61.84
C SER L 1586 -83.46 -27.28 -62.72
N ALA L 1587 -84.17 -27.54 -63.80
CA ALA L 1587 -83.88 -28.65 -64.73
C ALA L 1587 -82.49 -28.48 -65.35
N SER L 1588 -82.09 -27.23 -65.57
CA SER L 1588 -80.82 -26.89 -66.25
C SER L 1588 -79.67 -27.17 -65.30
N VAL L 1589 -79.77 -26.71 -64.06
CA VAL L 1589 -78.70 -26.94 -63.05
C VAL L 1589 -78.70 -28.42 -62.68
N ARG L 1590 -79.86 -29.05 -62.62
CA ARG L 1590 -79.92 -30.50 -62.33
C ARG L 1590 -79.17 -31.30 -63.40
N ALA L 1591 -79.20 -30.88 -64.67
CA ALA L 1591 -78.52 -31.56 -65.80
C ALA L 1591 -77.02 -31.49 -65.60
N LEU L 1592 -76.53 -30.35 -65.10
CA LEU L 1592 -75.11 -30.15 -64.76
C LEU L 1592 -74.71 -31.09 -63.61
N ILE L 1593 -75.52 -31.18 -62.56
CA ILE L 1593 -75.25 -32.04 -61.37
C ILE L 1593 -75.13 -33.47 -61.87
N GLU L 1594 -76.16 -33.93 -62.56
CA GLU L 1594 -76.27 -35.26 -63.19
C GLU L 1594 -75.01 -35.57 -64.00
N ASN L 1595 -74.54 -34.60 -64.79
CA ASN L 1595 -73.36 -34.77 -65.68
C ASN L 1595 -72.10 -34.89 -64.82
N TRP L 1596 -71.86 -33.92 -63.95
CA TRP L 1596 -70.61 -33.81 -63.18
C TRP L 1596 -70.63 -34.70 -61.94
N ALA L 1597 -71.56 -34.50 -61.02
CA ALA L 1597 -71.59 -35.20 -59.72
C ALA L 1597 -71.90 -36.68 -59.91
N ALA L 1598 -72.87 -37.01 -60.77
CA ALA L 1598 -73.32 -38.39 -61.04
C ALA L 1598 -72.60 -39.01 -62.25
N ASP L 1599 -71.62 -38.33 -62.85
CA ASP L 1599 -70.85 -38.84 -64.03
C ASP L 1599 -71.82 -39.30 -65.14
N SER L 1600 -72.93 -38.58 -65.32
CA SER L 1600 -73.95 -38.80 -66.37
C SER L 1600 -74.63 -40.16 -66.23
N VAL L 1601 -74.63 -40.78 -65.05
CA VAL L 1601 -75.51 -41.94 -64.74
C VAL L 1601 -76.76 -41.40 -64.05
N SER L 1602 -77.82 -41.16 -64.80
CA SER L 1602 -79.01 -40.42 -64.31
C SER L 1602 -79.63 -41.14 -63.10
N SER L 1603 -79.59 -42.48 -63.07
CA SER L 1603 -80.19 -43.33 -62.01
C SER L 1603 -79.60 -42.97 -60.64
N ARG L 1604 -78.34 -42.51 -60.60
CA ARG L 1604 -77.66 -42.17 -59.33
C ARG L 1604 -78.33 -40.99 -58.64
N VAL L 1605 -79.07 -40.13 -59.35
CA VAL L 1605 -79.63 -38.90 -58.71
C VAL L 1605 -80.93 -39.30 -58.04
N ARG L 1606 -80.99 -39.22 -56.71
CA ARG L 1606 -82.11 -39.81 -55.96
C ARG L 1606 -82.95 -38.71 -55.33
N GLY L 1607 -82.34 -37.57 -55.08
CA GLY L 1607 -83.06 -36.39 -54.62
C GLY L 1607 -82.40 -35.15 -55.16
N TYR L 1608 -83.20 -34.11 -55.31
CA TYR L 1608 -82.76 -32.80 -55.84
C TYR L 1608 -83.72 -31.79 -55.28
N THR L 1609 -83.21 -30.76 -54.61
CA THR L 1609 -84.02 -29.62 -54.13
C THR L 1609 -83.36 -28.34 -54.64
N CYS L 1610 -84.18 -27.37 -55.01
CA CYS L 1610 -83.67 -26.03 -55.42
C CYS L 1610 -84.53 -24.95 -54.72
N GLN L 1611 -83.85 -23.93 -54.23
CA GLN L 1611 -84.46 -22.68 -53.69
C GLN L 1611 -84.26 -21.60 -54.76
N PHE L 1612 -85.37 -21.05 -55.23
CA PHE L 1612 -85.41 -19.95 -56.22
C PHE L 1612 -85.20 -18.66 -55.45
N VAL L 1613 -83.97 -18.20 -55.42
CA VAL L 1613 -83.55 -17.07 -54.54
C VAL L 1613 -83.92 -15.76 -55.24
N ASP L 1614 -83.73 -15.70 -56.56
CA ASP L 1614 -83.90 -14.44 -57.34
C ASP L 1614 -84.25 -14.78 -58.78
N MET L 1615 -84.92 -13.84 -59.44
CA MET L 1615 -85.49 -14.03 -60.80
C MET L 1615 -84.37 -13.95 -61.83
N VAL L 1616 -84.55 -14.66 -62.94
CA VAL L 1616 -83.55 -14.70 -64.03
C VAL L 1616 -84.22 -14.16 -65.28
N LEU L 1617 -83.52 -13.32 -66.03
CA LEU L 1617 -83.97 -12.83 -67.35
C LEU L 1617 -83.44 -13.75 -68.42
N PRO L 1618 -84.12 -13.84 -69.58
CA PRO L 1618 -83.59 -14.56 -70.74
C PRO L 1618 -82.18 -14.05 -71.13
N ASN L 1619 -81.37 -14.91 -71.74
CA ASN L 1619 -79.99 -14.59 -72.19
C ASN L 1619 -79.15 -14.14 -71.00
N THR L 1620 -79.28 -14.84 -69.87
CA THR L 1620 -78.41 -14.67 -68.69
C THR L 1620 -77.37 -15.80 -68.70
N ALA L 1621 -76.13 -15.47 -68.40
CA ALA L 1621 -75.00 -16.39 -68.14
C ALA L 1621 -74.97 -16.71 -66.64
N LEU L 1622 -75.31 -17.95 -66.29
CA LEU L 1622 -75.34 -18.44 -64.88
C LEU L 1622 -74.06 -19.24 -64.63
N LYS L 1623 -73.44 -19.02 -63.46
CA LYS L 1623 -72.27 -19.79 -62.95
C LYS L 1623 -72.70 -20.65 -61.75
N THR L 1624 -72.70 -21.97 -61.89
CA THR L 1624 -73.09 -22.95 -60.83
C THR L 1624 -71.83 -23.60 -60.22
N SER L 1625 -71.56 -23.33 -58.94
CA SER L 1625 -70.53 -24.01 -58.11
C SER L 1625 -71.19 -25.24 -57.49
N ILE L 1626 -70.65 -26.41 -57.75
CA ILE L 1626 -71.13 -27.72 -57.22
C ILE L 1626 -70.06 -28.27 -56.27
N GLN L 1627 -70.49 -28.68 -55.07
CA GLN L 1627 -69.59 -29.22 -54.01
C GLN L 1627 -70.18 -30.49 -53.41
N HIS L 1628 -69.35 -31.49 -53.11
CA HIS L 1628 -69.68 -32.63 -52.21
C HIS L 1628 -69.48 -32.17 -50.78
N VAL L 1629 -70.55 -32.05 -50.00
CA VAL L 1629 -70.49 -31.44 -48.65
C VAL L 1629 -70.73 -32.48 -47.56
N GLY L 1630 -71.35 -33.61 -47.88
CA GLY L 1630 -71.67 -34.62 -46.86
C GLY L 1630 -72.19 -35.90 -47.42
N MET L 1631 -72.74 -36.74 -46.54
CA MET L 1631 -73.36 -38.03 -46.91
C MET L 1631 -74.73 -38.10 -46.24
N ILE L 1632 -75.63 -38.86 -46.84
CA ILE L 1632 -76.89 -39.22 -46.18
C ILE L 1632 -77.23 -40.63 -46.65
N ASN L 1633 -77.15 -41.62 -45.76
CA ASN L 1633 -77.60 -43.02 -46.00
C ASN L 1633 -76.89 -43.59 -47.22
N GLY L 1634 -75.59 -43.40 -47.30
CA GLY L 1634 -74.79 -43.93 -48.40
C GLY L 1634 -74.76 -43.04 -49.64
N ARG L 1635 -75.65 -42.05 -49.73
CA ARG L 1635 -75.71 -41.10 -50.88
C ARG L 1635 -74.81 -39.91 -50.57
N LYS L 1636 -74.16 -39.37 -51.59
CA LYS L 1636 -73.38 -38.13 -51.48
C LYS L 1636 -74.36 -36.96 -51.42
N LEU L 1637 -74.03 -35.97 -50.61
CA LEU L 1637 -74.83 -34.75 -50.50
C LEU L 1637 -74.10 -33.65 -51.25
N ILE L 1638 -74.66 -33.25 -52.38
CA ILE L 1638 -74.07 -32.23 -53.28
C ILE L 1638 -74.78 -30.92 -52.96
N LYS L 1639 -74.04 -29.85 -52.69
CA LYS L 1639 -74.62 -28.48 -52.58
C LYS L 1639 -74.25 -27.74 -53.86
N PHE L 1640 -75.17 -26.92 -54.37
CA PHE L 1640 -74.88 -26.03 -55.51
C PHE L 1640 -75.39 -24.62 -55.20
N GLU L 1641 -74.74 -23.66 -55.84
CA GLU L 1641 -75.12 -22.23 -55.77
C GLU L 1641 -74.92 -21.64 -57.17
N THR L 1642 -76.00 -21.23 -57.81
CA THR L 1642 -75.98 -20.59 -59.14
C THR L 1642 -76.02 -19.07 -58.95
N ARG L 1643 -75.03 -18.38 -59.50
CA ARG L 1643 -74.96 -16.90 -59.52
C ARG L 1643 -75.16 -16.39 -60.95
N ASN L 1644 -75.69 -15.18 -61.09
CA ASN L 1644 -75.82 -14.46 -62.38
C ASN L 1644 -74.54 -13.65 -62.63
N GLU L 1645 -74.50 -12.91 -63.75
CA GLU L 1645 -73.35 -12.08 -64.22
C GLU L 1645 -72.97 -11.04 -63.16
N ASP L 1646 -73.96 -10.53 -62.40
CA ASP L 1646 -73.78 -9.54 -61.32
C ASP L 1646 -73.31 -10.22 -60.01
N ASP L 1647 -72.97 -11.52 -60.07
CA ASP L 1647 -72.48 -12.32 -58.91
C ASP L 1647 -73.59 -12.42 -57.83
N VAL L 1648 -74.87 -12.30 -58.22
CA VAL L 1648 -76.06 -12.37 -57.32
C VAL L 1648 -76.54 -13.83 -57.30
N VAL L 1649 -76.79 -14.39 -56.11
CA VAL L 1649 -77.26 -15.79 -55.99
C VAL L 1649 -78.71 -15.84 -56.46
N VAL L 1650 -78.95 -16.70 -57.42
CA VAL L 1650 -80.23 -16.85 -58.17
C VAL L 1650 -80.87 -18.18 -57.82
N LEU L 1651 -80.07 -19.19 -57.52
CA LEU L 1651 -80.52 -20.57 -57.27
C LEU L 1651 -79.53 -21.23 -56.31
N THR L 1652 -80.03 -21.80 -55.23
CA THR L 1652 -79.27 -22.67 -54.31
C THR L 1652 -79.99 -24.00 -54.21
N GLY L 1653 -79.26 -25.04 -53.90
CA GLY L 1653 -79.94 -26.31 -53.56
C GLY L 1653 -78.99 -27.40 -53.22
N GLU L 1654 -79.49 -28.61 -53.32
CA GLU L 1654 -78.68 -29.81 -52.99
C GLU L 1654 -79.25 -31.00 -53.72
N ALA L 1655 -78.38 -31.95 -54.00
CA ALA L 1655 -78.77 -33.23 -54.60
C ALA L 1655 -78.20 -34.33 -53.73
N GLU L 1656 -78.80 -35.49 -53.83
CA GLU L 1656 -78.41 -36.74 -53.14
C GLU L 1656 -78.08 -37.71 -54.26
N ILE L 1657 -76.81 -38.02 -54.40
CA ILE L 1657 -76.29 -38.87 -55.49
C ILE L 1657 -75.85 -40.22 -54.90
N GLU L 1658 -76.37 -41.30 -55.43
CA GLU L 1658 -75.95 -42.70 -55.12
C GLU L 1658 -74.44 -42.78 -55.37
N GLN L 1659 -73.69 -43.40 -54.46
CA GLN L 1659 -72.26 -43.74 -54.66
C GLN L 1659 -72.16 -44.77 -55.78
N PRO L 1660 -70.99 -44.90 -56.43
CA PRO L 1660 -70.73 -46.01 -57.34
C PRO L 1660 -71.07 -47.37 -56.71
N VAL L 1661 -71.49 -48.33 -57.51
CA VAL L 1661 -71.87 -49.70 -57.01
C VAL L 1661 -70.70 -50.21 -56.16
N THR L 1662 -71.01 -50.63 -54.94
CA THR L 1662 -70.02 -50.92 -53.89
C THR L 1662 -70.22 -52.35 -53.42
N THR L 1663 -69.10 -53.00 -53.12
CA THR L 1663 -69.08 -54.30 -52.39
C THR L 1663 -68.21 -54.11 -51.17
N PHE L 1664 -68.66 -54.60 -50.03
CA PHE L 1664 -67.81 -54.72 -48.83
C PHE L 1664 -67.34 -56.16 -48.71
N VAL L 1665 -66.06 -56.32 -48.52
CA VAL L 1665 -65.45 -57.66 -48.32
C VAL L 1665 -64.72 -57.61 -46.99
N PHE L 1666 -65.00 -58.60 -46.16
CA PHE L 1666 -64.52 -58.69 -44.75
C PHE L 1666 -63.44 -59.77 -44.71
N THR L 1667 -62.22 -59.37 -44.37
CA THR L 1667 -61.05 -60.25 -44.17
C THR L 1667 -61.36 -61.31 -43.10
N GLY L 1668 -60.70 -62.46 -43.19
CA GLY L 1668 -60.75 -63.55 -42.21
C GLY L 1668 -59.46 -63.62 -41.43
N GLN L 1669 -59.16 -64.80 -40.85
CA GLN L 1669 -58.01 -65.00 -39.94
C GLN L 1669 -56.72 -64.98 -40.75
N GLY L 1670 -55.63 -64.62 -40.09
CA GLY L 1670 -54.27 -64.47 -40.66
C GLY L 1670 -53.87 -63.02 -40.64
N SER L 1671 -54.87 -62.14 -40.79
CA SER L 1671 -54.72 -60.68 -40.95
C SER L 1671 -54.48 -59.97 -39.61
N GLN L 1672 -54.87 -60.57 -38.48
CA GLN L 1672 -54.84 -59.91 -37.14
C GLN L 1672 -53.42 -59.52 -36.76
N GLU L 1673 -53.28 -58.35 -36.12
CA GLU L 1673 -52.02 -57.91 -35.45
C GLU L 1673 -52.38 -57.18 -34.16
N GLN L 1674 -51.44 -57.14 -33.23
CA GLN L 1674 -51.54 -56.38 -31.97
C GLN L 1674 -51.87 -54.93 -32.30
N GLY L 1675 -52.86 -54.37 -31.60
CA GLY L 1675 -53.23 -52.94 -31.69
C GLY L 1675 -54.24 -52.67 -32.79
N MET L 1676 -54.70 -53.69 -33.52
CA MET L 1676 -55.64 -53.48 -34.65
C MET L 1676 -56.94 -52.85 -34.14
N GLY L 1677 -57.39 -51.77 -34.78
CA GLY L 1677 -58.64 -51.07 -34.48
C GLY L 1677 -58.52 -50.10 -33.31
N MET L 1678 -57.34 -49.98 -32.71
CA MET L 1678 -57.19 -49.23 -31.43
C MET L 1678 -57.08 -47.71 -31.68
N ASP L 1679 -56.61 -47.29 -32.85
CA ASP L 1679 -56.67 -45.87 -33.29
C ASP L 1679 -58.13 -45.46 -33.45
N LEU L 1680 -58.91 -46.28 -34.16
CA LEU L 1680 -60.34 -46.00 -34.37
C LEU L 1680 -61.06 -45.97 -33.02
N TYR L 1681 -60.74 -46.90 -32.12
CA TYR L 1681 -61.36 -47.01 -30.78
C TYR L 1681 -61.15 -45.69 -30.00
N LYS L 1682 -59.98 -45.08 -30.09
CA LYS L 1682 -59.70 -43.77 -29.44
C LYS L 1682 -60.63 -42.68 -29.98
N THR L 1683 -60.84 -42.61 -31.31
CA THR L 1683 -61.45 -41.44 -32.00
C THR L 1683 -62.97 -41.58 -32.11
N SER L 1684 -63.47 -42.77 -32.48
CA SER L 1684 -64.84 -43.01 -32.95
C SER L 1684 -65.76 -43.47 -31.80
N LYS L 1685 -66.90 -42.83 -31.63
CA LYS L 1685 -67.95 -43.22 -30.66
C LYS L 1685 -68.59 -44.53 -31.10
N ALA L 1686 -68.76 -44.74 -32.41
CA ALA L 1686 -69.37 -45.98 -32.95
C ALA L 1686 -68.48 -47.19 -32.63
N ALA L 1687 -67.18 -47.07 -32.86
CA ALA L 1687 -66.17 -48.11 -32.62
C ALA L 1687 -66.08 -48.38 -31.10
N GLN L 1688 -66.09 -47.33 -30.29
CA GLN L 1688 -66.07 -47.44 -28.80
C GLN L 1688 -67.26 -48.27 -28.34
N ASP L 1689 -68.46 -47.98 -28.83
CA ASP L 1689 -69.68 -48.75 -28.43
C ASP L 1689 -69.53 -50.24 -28.79
N VAL L 1690 -68.91 -50.56 -29.92
CA VAL L 1690 -68.76 -51.97 -30.36
C VAL L 1690 -67.81 -52.66 -29.39
N TRP L 1691 -66.61 -52.15 -29.27
CA TRP L 1691 -65.56 -52.73 -28.41
C TRP L 1691 -66.05 -52.81 -26.97
N ASN L 1692 -66.63 -51.75 -26.43
CA ASN L 1692 -66.97 -51.67 -25.00
C ASN L 1692 -68.05 -52.70 -24.71
N ARG L 1693 -69.06 -52.79 -25.58
CA ARG L 1693 -70.11 -53.80 -25.43
C ARG L 1693 -69.53 -55.23 -25.44
N ALA L 1694 -68.58 -55.49 -26.31
CA ALA L 1694 -67.95 -56.83 -26.42
C ALA L 1694 -67.04 -57.04 -25.21
N ASP L 1695 -66.24 -56.05 -24.86
CA ASP L 1695 -65.29 -56.16 -23.73
C ASP L 1695 -66.07 -56.43 -22.44
N ASN L 1696 -67.17 -55.73 -22.24
CA ASN L 1696 -68.03 -55.91 -21.04
C ASN L 1696 -68.58 -57.31 -21.02
N HIS L 1697 -69.06 -57.80 -22.15
CA HIS L 1697 -69.65 -59.14 -22.25
C HIS L 1697 -68.60 -60.20 -21.89
N PHE L 1698 -67.41 -60.08 -22.45
CA PHE L 1698 -66.28 -60.99 -22.17
C PHE L 1698 -65.82 -60.91 -20.70
N LYS L 1699 -65.57 -59.72 -20.17
CA LYS L 1699 -65.19 -59.50 -18.75
C LYS L 1699 -66.24 -60.15 -17.86
N ASP L 1700 -67.52 -59.84 -18.09
CA ASP L 1700 -68.63 -60.27 -17.20
C ASP L 1700 -68.86 -61.78 -17.31
N THR L 1701 -68.62 -62.37 -18.49
CA THR L 1701 -69.02 -63.77 -18.76
C THR L 1701 -67.82 -64.71 -18.63
N TYR L 1702 -66.69 -64.37 -19.19
CA TYR L 1702 -65.51 -65.26 -19.26
C TYR L 1702 -64.31 -64.69 -18.48
N GLY L 1703 -64.45 -63.52 -17.86
CA GLY L 1703 -63.40 -62.97 -17.01
C GLY L 1703 -62.19 -62.52 -17.77
N PHE L 1704 -62.28 -62.18 -19.06
CA PHE L 1704 -61.12 -61.58 -19.75
C PHE L 1704 -61.60 -60.43 -20.62
N SER L 1705 -60.68 -59.54 -20.92
CA SER L 1705 -60.91 -58.34 -21.77
C SER L 1705 -60.38 -58.68 -23.16
N ILE L 1706 -61.25 -58.68 -24.16
CA ILE L 1706 -60.83 -58.83 -25.58
C ILE L 1706 -59.98 -57.62 -25.97
N LEU L 1707 -60.29 -56.43 -25.42
CA LEU L 1707 -59.45 -55.23 -25.62
C LEU L 1707 -58.04 -55.46 -25.08
N ASP L 1708 -57.91 -56.07 -23.91
CA ASP L 1708 -56.58 -56.33 -23.29
C ASP L 1708 -55.75 -57.21 -24.21
N ILE L 1709 -56.36 -58.25 -24.76
CA ILE L 1709 -55.69 -59.23 -25.67
C ILE L 1709 -55.27 -58.52 -26.96
N VAL L 1710 -56.12 -57.65 -27.52
CA VAL L 1710 -55.79 -56.88 -28.75
C VAL L 1710 -54.62 -55.94 -28.45
N ILE L 1711 -54.67 -55.21 -27.34
CA ILE L 1711 -53.66 -54.15 -27.04
C ILE L 1711 -52.33 -54.76 -26.63
N ASN L 1712 -52.33 -55.81 -25.79
CA ASN L 1712 -51.12 -56.32 -25.09
C ASN L 1712 -50.68 -57.67 -25.64
N ASN L 1713 -51.56 -58.39 -26.34
CA ASN L 1713 -51.27 -59.74 -26.92
C ASN L 1713 -50.48 -60.56 -25.91
N PRO L 1714 -51.06 -60.89 -24.73
CA PRO L 1714 -50.33 -61.66 -23.72
C PRO L 1714 -50.09 -63.07 -24.24
N VAL L 1715 -49.00 -63.69 -23.79
CA VAL L 1715 -48.62 -65.08 -24.18
C VAL L 1715 -49.57 -66.04 -23.45
N ASN L 1716 -49.81 -65.81 -22.16
CA ASN L 1716 -50.79 -66.62 -21.39
C ASN L 1716 -51.79 -65.70 -20.70
N LEU L 1717 -52.93 -66.27 -20.38
CA LEU L 1717 -54.01 -65.55 -19.69
C LEU L 1717 -54.61 -66.51 -18.70
N THR L 1718 -54.51 -66.17 -17.43
CA THR L 1718 -55.15 -66.96 -16.36
C THR L 1718 -56.43 -66.25 -15.97
N ILE L 1719 -57.48 -67.01 -15.95
CA ILE L 1719 -58.84 -66.65 -15.47
C ILE L 1719 -58.97 -67.20 -14.06
N HIS L 1720 -59.30 -66.35 -13.10
CA HIS L 1720 -59.46 -66.76 -11.68
C HIS L 1720 -60.95 -66.86 -11.35
N PHE L 1721 -61.31 -67.92 -10.65
CA PHE L 1721 -62.70 -68.28 -10.30
C PHE L 1721 -62.98 -68.01 -8.83
N GLY L 1722 -62.31 -67.03 -8.25
CA GLY L 1722 -62.46 -66.70 -6.83
C GLY L 1722 -63.64 -65.78 -6.60
N GLY L 1723 -64.29 -65.95 -5.46
CA GLY L 1723 -65.39 -65.07 -5.05
C GLY L 1723 -66.63 -65.40 -5.79
N GLU L 1724 -67.72 -64.67 -5.52
CA GLU L 1724 -69.04 -64.92 -6.13
C GLU L 1724 -68.96 -64.70 -7.64
N LYS L 1725 -68.36 -63.58 -8.06
CA LYS L 1725 -68.25 -63.26 -9.51
C LYS L 1725 -67.46 -64.37 -10.22
N GLY L 1726 -66.41 -64.87 -9.58
CA GLY L 1726 -65.54 -65.92 -10.14
C GLY L 1726 -66.25 -67.22 -10.31
N LYS L 1727 -67.18 -67.55 -9.40
CA LYS L 1727 -67.95 -68.81 -9.46
C LYS L 1727 -68.93 -68.72 -10.62
N ARG L 1728 -69.52 -67.54 -10.82
CA ARG L 1728 -70.46 -67.25 -11.95
C ARG L 1728 -69.71 -67.40 -13.27
N ILE L 1729 -68.51 -66.84 -13.36
CA ILE L 1729 -67.65 -66.98 -14.57
C ILE L 1729 -67.27 -68.43 -14.76
N ARG L 1730 -66.96 -69.15 -13.68
CA ARG L 1730 -66.60 -70.58 -13.81
C ARG L 1730 -67.80 -71.35 -14.35
N GLU L 1731 -68.99 -71.12 -13.82
CA GLU L 1731 -70.24 -71.75 -14.31
C GLU L 1731 -70.33 -71.52 -15.83
N ASN L 1732 -70.17 -70.28 -16.29
CA ASN L 1732 -70.25 -69.96 -17.75
C ASN L 1732 -69.29 -70.85 -18.51
N TYR L 1733 -68.05 -71.07 -18.04
CA TYR L 1733 -67.06 -71.93 -18.75
C TYR L 1733 -67.53 -73.39 -18.75
N SER L 1734 -68.21 -73.82 -17.68
CA SER L 1734 -68.68 -75.21 -17.47
C SER L 1734 -69.93 -75.47 -18.33
N ALA L 1735 -70.89 -74.52 -18.28
CA ALA L 1735 -72.14 -74.49 -19.08
C ALA L 1735 -71.86 -74.35 -20.57
N MET L 1736 -70.64 -73.95 -20.97
CA MET L 1736 -70.14 -73.99 -22.37
C MET L 1736 -69.98 -75.45 -22.79
N ILE L 1737 -70.92 -75.96 -23.60
CA ILE L 1737 -71.10 -77.41 -23.92
C ILE L 1737 -71.33 -77.60 -25.43
N PHE L 1738 -70.82 -78.71 -25.99
CA PHE L 1738 -71.20 -79.23 -27.33
C PHE L 1738 -72.52 -80.00 -27.20
N GLU L 1739 -73.55 -79.59 -27.96
CA GLU L 1739 -74.90 -80.22 -27.98
C GLU L 1739 -75.05 -80.99 -29.30
N THR L 1740 -74.71 -82.29 -29.28
CA THR L 1740 -74.80 -83.23 -30.43
C THR L 1740 -76.03 -84.13 -30.26
N ILE L 1741 -76.64 -84.56 -31.37
CA ILE L 1741 -77.74 -85.58 -31.43
C ILE L 1741 -77.14 -86.88 -31.99
N VAL L 1742 -77.08 -87.95 -31.18
CA VAL L 1742 -76.60 -89.31 -31.54
C VAL L 1742 -77.72 -90.32 -31.25
N ASP L 1743 -78.29 -90.94 -32.29
CA ASP L 1743 -79.36 -91.98 -32.23
C ASP L 1743 -80.59 -91.41 -31.52
N GLY L 1744 -81.00 -90.18 -31.89
CA GLY L 1744 -82.15 -89.45 -31.31
C GLY L 1744 -81.99 -89.19 -29.81
N LYS L 1745 -80.76 -88.96 -29.35
CA LYS L 1745 -80.40 -88.72 -27.93
C LYS L 1745 -79.43 -87.52 -27.84
N LEU L 1746 -79.72 -86.56 -26.95
CA LEU L 1746 -78.88 -85.35 -26.71
C LEU L 1746 -77.66 -85.76 -25.87
N LYS L 1747 -76.48 -85.84 -26.49
CA LYS L 1747 -75.19 -86.17 -25.83
C LYS L 1747 -74.39 -84.87 -25.66
N THR L 1748 -74.60 -84.17 -24.55
CA THR L 1748 -73.92 -82.90 -24.18
C THR L 1748 -72.49 -83.21 -23.70
N GLU L 1749 -71.47 -82.71 -24.41
CA GLU L 1749 -70.03 -82.80 -24.05
C GLU L 1749 -69.58 -81.42 -23.55
N LYS L 1750 -68.46 -81.36 -22.82
CA LYS L 1750 -67.89 -80.12 -22.22
C LYS L 1750 -66.66 -79.67 -23.02
N ILE L 1751 -66.65 -78.40 -23.43
CA ILE L 1751 -65.39 -77.67 -23.77
C ILE L 1751 -64.78 -77.26 -22.42
N PHE L 1752 -63.46 -77.23 -22.29
CA PHE L 1752 -62.79 -77.03 -20.99
C PHE L 1752 -63.17 -78.20 -20.08
N LYS L 1753 -62.57 -79.35 -20.35
CA LYS L 1753 -62.71 -80.58 -19.53
C LYS L 1753 -62.05 -80.35 -18.16
N GLU L 1754 -60.88 -79.69 -18.16
CA GLU L 1754 -60.05 -79.43 -16.94
C GLU L 1754 -60.77 -78.47 -15.98
N ILE L 1755 -61.83 -77.77 -16.39
CA ILE L 1755 -62.61 -76.86 -15.51
C ILE L 1755 -63.76 -77.66 -14.88
N ASN L 1756 -63.68 -77.84 -13.56
CA ASN L 1756 -64.73 -78.48 -12.71
C ASN L 1756 -65.08 -77.50 -11.57
N GLU L 1757 -65.97 -77.88 -10.67
CA GLU L 1757 -66.45 -77.11 -9.50
C GLU L 1757 -65.34 -76.87 -8.44
N HIS L 1758 -64.17 -77.51 -8.53
CA HIS L 1758 -63.01 -77.33 -7.62
C HIS L 1758 -61.87 -76.55 -8.29
N SER L 1759 -62.08 -76.06 -9.50
CA SER L 1759 -61.04 -75.31 -10.24
C SER L 1759 -61.03 -73.89 -9.69
N THR L 1760 -59.84 -73.35 -9.46
CA THR L 1760 -59.71 -71.97 -8.95
C THR L 1760 -59.24 -71.07 -10.07
N SER L 1761 -58.70 -71.66 -11.12
CA SER L 1761 -58.21 -70.91 -12.28
C SER L 1761 -58.22 -71.78 -13.54
N TYR L 1762 -58.08 -71.11 -14.68
CA TYR L 1762 -57.87 -71.73 -16.00
C TYR L 1762 -56.92 -70.84 -16.76
N THR L 1763 -55.83 -71.38 -17.28
CA THR L 1763 -54.85 -70.67 -18.11
C THR L 1763 -55.04 -71.07 -19.58
N PHE L 1764 -55.36 -70.10 -20.41
CA PHE L 1764 -55.19 -70.12 -21.89
C PHE L 1764 -53.71 -69.95 -22.20
N ARG L 1765 -53.21 -70.78 -23.13
CA ARG L 1765 -51.76 -70.88 -23.43
C ARG L 1765 -51.54 -70.58 -24.92
N SER L 1766 -50.42 -69.93 -25.22
CA SER L 1766 -49.93 -69.69 -26.60
C SER L 1766 -48.41 -69.64 -26.57
N GLU L 1767 -47.78 -69.92 -27.71
CA GLU L 1767 -46.31 -69.86 -27.88
C GLU L 1767 -45.88 -68.38 -27.94
N LYS L 1768 -46.58 -67.56 -28.73
CA LYS L 1768 -46.14 -66.19 -29.12
C LYS L 1768 -47.08 -65.10 -28.60
N GLY L 1769 -48.39 -65.38 -28.56
CA GLY L 1769 -49.41 -64.42 -28.10
C GLY L 1769 -50.80 -64.93 -28.38
N LEU L 1770 -51.75 -64.61 -27.51
CA LEU L 1770 -53.12 -65.18 -27.57
C LEU L 1770 -53.93 -64.56 -28.71
N LEU L 1771 -53.52 -63.43 -29.27
CA LEU L 1771 -54.20 -62.86 -30.47
C LEU L 1771 -54.08 -63.86 -31.63
N SER L 1772 -53.07 -64.73 -31.64
CA SER L 1772 -52.87 -65.80 -32.65
C SER L 1772 -53.71 -67.05 -32.36
N ALA L 1773 -54.20 -67.25 -31.12
CA ALA L 1773 -55.07 -68.40 -30.76
C ALA L 1773 -56.47 -68.10 -31.27
N THR L 1774 -57.08 -69.05 -31.97
CA THR L 1774 -58.25 -68.78 -32.82
C THR L 1774 -59.48 -68.40 -31.98
N GLN L 1775 -59.54 -68.74 -30.70
CA GLN L 1775 -60.75 -68.40 -29.89
C GLN L 1775 -60.70 -66.90 -29.56
N PHE L 1776 -59.53 -66.28 -29.61
CA PHE L 1776 -59.33 -64.84 -29.38
C PHE L 1776 -59.23 -64.07 -30.71
N THR L 1777 -58.54 -64.65 -31.70
CA THR L 1777 -58.40 -64.07 -33.05
C THR L 1777 -59.78 -63.77 -33.61
N GLN L 1778 -60.70 -64.73 -33.50
CA GLN L 1778 -62.02 -64.65 -34.16
C GLN L 1778 -62.79 -63.47 -33.61
N PRO L 1779 -63.07 -63.38 -32.29
CA PRO L 1779 -63.72 -62.20 -31.73
C PRO L 1779 -62.98 -60.89 -32.04
N ALA L 1780 -61.67 -60.87 -31.90
CA ALA L 1780 -60.84 -59.67 -32.09
C ALA L 1780 -61.01 -59.13 -33.53
N LEU L 1781 -60.89 -60.00 -34.53
CA LEU L 1781 -61.00 -59.62 -35.96
C LEU L 1781 -62.42 -59.18 -36.22
N THR L 1782 -63.37 -59.96 -35.76
CA THR L 1782 -64.79 -59.65 -35.97
C THR L 1782 -65.14 -58.29 -35.39
N LEU L 1783 -64.50 -57.89 -34.28
CA LEU L 1783 -64.82 -56.62 -33.61
C LEU L 1783 -64.15 -55.47 -34.35
N MET L 1784 -62.89 -55.65 -34.75
CA MET L 1784 -62.13 -54.63 -35.50
C MET L 1784 -62.92 -54.29 -36.78
N GLU L 1785 -63.53 -55.30 -37.40
CA GLU L 1785 -64.27 -55.15 -38.67
C GLU L 1785 -65.62 -54.49 -38.43
N LYS L 1786 -66.34 -54.96 -37.42
CA LYS L 1786 -67.64 -54.40 -37.04
C LYS L 1786 -67.47 -52.95 -36.52
N ALA L 1787 -66.37 -52.63 -35.85
CA ALA L 1787 -66.13 -51.28 -35.33
C ALA L 1787 -65.84 -50.33 -36.51
N ALA L 1788 -65.00 -50.77 -37.45
CA ALA L 1788 -64.70 -50.03 -38.71
C ALA L 1788 -66.02 -49.76 -39.43
N PHE L 1789 -66.81 -50.80 -39.63
CA PHE L 1789 -68.08 -50.67 -40.36
C PHE L 1789 -69.06 -49.75 -39.64
N GLU L 1790 -69.18 -49.88 -38.32
CA GLU L 1790 -70.12 -49.01 -37.56
C GLU L 1790 -69.65 -47.55 -37.66
N ASP L 1791 -68.34 -47.30 -37.78
CA ASP L 1791 -67.84 -45.92 -37.92
C ASP L 1791 -68.26 -45.38 -39.31
N LEU L 1792 -68.06 -46.17 -40.36
CA LEU L 1792 -68.50 -45.84 -41.73
C LEU L 1792 -70.00 -45.51 -41.72
N LYS L 1793 -70.80 -46.38 -41.12
CA LYS L 1793 -72.27 -46.24 -41.03
C LYS L 1793 -72.63 -44.93 -40.33
N SER L 1794 -71.88 -44.57 -39.29
CA SER L 1794 -72.13 -43.34 -38.50
C SER L 1794 -71.90 -42.09 -39.38
N LYS L 1795 -70.98 -42.19 -40.34
CA LYS L 1795 -70.54 -41.09 -41.24
C LYS L 1795 -71.42 -41.03 -42.49
N GLY L 1796 -72.43 -41.90 -42.59
CA GLY L 1796 -73.38 -42.02 -43.72
C GLY L 1796 -72.79 -42.66 -44.96
N LEU L 1797 -71.72 -43.47 -44.83
CA LEU L 1797 -70.91 -43.95 -45.98
C LEU L 1797 -71.38 -45.26 -46.58
N ILE L 1798 -72.45 -45.88 -46.09
CA ILE L 1798 -72.84 -47.25 -46.50
C ILE L 1798 -74.02 -47.12 -47.45
N PRO L 1799 -73.84 -47.48 -48.75
CA PRO L 1799 -74.94 -47.52 -49.70
C PRO L 1799 -75.99 -48.52 -49.25
N ALA L 1800 -77.26 -48.13 -49.34
CA ALA L 1800 -78.43 -48.93 -48.93
C ALA L 1800 -78.48 -50.30 -49.64
N ASP L 1801 -77.87 -50.44 -50.82
CA ASP L 1801 -77.98 -51.66 -51.67
C ASP L 1801 -76.59 -52.27 -51.93
N ALA L 1802 -75.60 -51.97 -51.09
CA ALA L 1802 -74.24 -52.56 -51.17
C ALA L 1802 -74.33 -54.08 -51.08
N THR L 1803 -73.46 -54.76 -51.82
CA THR L 1803 -73.30 -56.22 -51.71
C THR L 1803 -72.17 -56.47 -50.71
N PHE L 1804 -72.09 -57.70 -50.22
CA PHE L 1804 -71.03 -58.02 -49.25
C PHE L 1804 -70.78 -59.51 -49.20
N ALA L 1805 -69.55 -59.80 -48.84
CA ALA L 1805 -69.05 -61.17 -48.62
C ALA L 1805 -67.95 -61.06 -47.59
N GLY L 1806 -67.77 -62.12 -46.83
CA GLY L 1806 -66.58 -62.21 -45.98
C GLY L 1806 -65.84 -63.48 -46.28
N HIS L 1807 -64.53 -63.38 -46.21
CA HIS L 1807 -63.62 -64.50 -46.44
C HIS L 1807 -63.50 -65.26 -45.11
N J8W L 1808 -64.18 -66.41 -45.01
CA J8W L 1808 -64.05 -67.30 -43.87
CB J8W L 1808 -62.57 -67.72 -43.82
OG J8W L 1808 -62.32 -68.32 -42.55
C J8W L 1808 -64.70 -66.68 -42.62
O J8W L 1808 -65.92 -66.58 -42.54
C1 J8W L 1808 -60.84 -69.09 -40.69
C2 J8W L 1808 -61.17 -68.02 -41.69
C3 J8W L 1808 -62.16 -69.28 -40.00
O7 J8W L 1808 -60.55 -66.97 -41.73
O8 J8W L 1808 -63.03 -70.03 -40.52
O9 J8W L 1808 -62.39 -68.65 -38.94
N LEU L 1809 -63.88 -66.25 -41.67
CA LEU L 1809 -64.37 -65.63 -40.44
C LEU L 1809 -65.10 -64.33 -40.80
N GLY L 1810 -64.52 -63.60 -41.76
CA GLY L 1810 -65.08 -62.36 -42.33
C GLY L 1810 -66.56 -62.45 -42.56
N GLU L 1811 -67.07 -63.61 -42.93
CA GLU L 1811 -68.52 -63.78 -43.18
C GLU L 1811 -69.35 -63.36 -41.97
N TYR L 1812 -68.85 -63.54 -40.74
CA TYR L 1812 -69.61 -63.27 -39.49
C TYR L 1812 -69.72 -61.75 -39.29
N ALA L 1813 -68.59 -61.06 -39.42
CA ALA L 1813 -68.52 -59.58 -39.34
C ALA L 1813 -69.40 -58.96 -40.42
N ALA L 1814 -69.30 -59.48 -41.64
CA ALA L 1814 -70.09 -59.01 -42.81
C ALA L 1814 -71.58 -59.07 -42.49
N LEU L 1815 -72.02 -60.19 -41.93
CA LEU L 1815 -73.46 -60.43 -41.65
C LEU L 1815 -73.96 -59.55 -40.50
N ALA L 1816 -73.15 -59.37 -39.46
CA ALA L 1816 -73.47 -58.49 -38.31
C ALA L 1816 -73.46 -57.04 -38.81
N SER L 1817 -72.50 -56.70 -39.67
CA SER L 1817 -72.27 -55.34 -40.19
C SER L 1817 -73.42 -54.94 -41.12
N LEU L 1818 -73.58 -55.64 -42.23
CA LEU L 1818 -74.49 -55.22 -43.33
C LEU L 1818 -75.92 -55.66 -43.04
N ALA L 1819 -76.14 -56.74 -42.30
CA ALA L 1819 -77.50 -57.31 -42.11
C ALA L 1819 -77.99 -57.25 -40.65
N ASP L 1820 -77.12 -56.94 -39.66
CA ASP L 1820 -77.47 -56.87 -38.21
C ASP L 1820 -78.27 -58.13 -37.82
N VAL L 1821 -77.71 -59.28 -38.15
CA VAL L 1821 -78.30 -60.62 -37.90
C VAL L 1821 -78.08 -60.97 -36.43
N MET L 1822 -76.96 -60.50 -35.87
CA MET L 1822 -76.55 -60.73 -34.46
C MET L 1822 -76.23 -59.38 -33.83
N SER L 1823 -76.54 -59.23 -32.55
CA SER L 1823 -75.98 -58.17 -31.67
C SER L 1823 -74.46 -58.36 -31.56
N ILE L 1824 -73.73 -57.33 -31.17
CA ILE L 1824 -72.29 -57.41 -30.81
C ILE L 1824 -72.08 -58.63 -29.88
N GLU L 1825 -72.96 -58.81 -28.89
CA GLU L 1825 -72.74 -59.78 -27.79
C GLU L 1825 -72.86 -61.18 -28.38
N SER L 1826 -73.98 -61.43 -29.07
CA SER L 1826 -74.27 -62.65 -29.85
C SER L 1826 -73.12 -62.97 -30.81
N LEU L 1827 -72.62 -61.96 -31.49
CA LEU L 1827 -71.55 -62.10 -32.51
C LEU L 1827 -70.30 -62.67 -31.85
N VAL L 1828 -69.79 -61.98 -30.85
CA VAL L 1828 -68.49 -62.34 -30.20
C VAL L 1828 -68.64 -63.70 -29.50
N GLU L 1829 -69.80 -63.97 -28.92
CA GLU L 1829 -70.11 -65.27 -28.30
C GLU L 1829 -70.03 -66.37 -29.38
N VAL L 1830 -70.71 -66.17 -30.51
CA VAL L 1830 -70.79 -67.14 -31.62
C VAL L 1830 -69.37 -67.42 -32.09
N VAL L 1831 -68.56 -66.40 -32.33
CA VAL L 1831 -67.21 -66.63 -32.92
C VAL L 1831 -66.25 -67.14 -31.85
N PHE L 1832 -66.48 -66.82 -30.58
CA PHE L 1832 -65.64 -67.34 -29.48
C PHE L 1832 -65.82 -68.87 -29.43
N TYR L 1833 -67.07 -69.31 -29.47
CA TYR L 1833 -67.49 -70.72 -29.49
C TYR L 1833 -66.93 -71.42 -30.73
N ARG L 1834 -67.12 -70.80 -31.90
CA ARG L 1834 -66.60 -71.30 -33.20
C ARG L 1834 -65.11 -71.54 -33.06
N GLY L 1835 -64.38 -70.58 -32.48
CA GLY L 1835 -62.93 -70.70 -32.25
C GLY L 1835 -62.62 -71.80 -31.25
N MET L 1836 -63.44 -71.96 -30.20
CA MET L 1836 -63.19 -72.99 -29.15
C MET L 1836 -63.41 -74.37 -29.78
N THR L 1837 -64.50 -74.54 -30.52
CA THR L 1837 -64.84 -75.76 -31.32
C THR L 1837 -63.64 -76.20 -32.16
N MET L 1838 -62.96 -75.25 -32.80
CA MET L 1838 -61.78 -75.51 -33.67
C MET L 1838 -60.57 -75.90 -32.81
N GLN L 1839 -60.35 -75.22 -31.68
CA GLN L 1839 -59.23 -75.48 -30.73
C GLN L 1839 -59.35 -76.88 -30.12
N VAL L 1840 -60.57 -77.31 -29.75
CA VAL L 1840 -60.89 -78.65 -29.17
C VAL L 1840 -60.58 -79.75 -30.18
N ALA L 1841 -60.93 -79.54 -31.45
CA ALA L 1841 -60.78 -80.50 -32.57
C ALA L 1841 -59.29 -80.80 -32.83
N VAL L 1842 -58.35 -79.95 -32.41
CA VAL L 1842 -56.89 -80.05 -32.75
C VAL L 1842 -56.08 -80.33 -31.48
N PRO L 1843 -55.34 -81.47 -31.40
CA PRO L 1843 -54.36 -81.69 -30.33
C PRO L 1843 -53.29 -80.60 -30.24
N ARG L 1844 -52.95 -80.20 -29.02
CA ARG L 1844 -51.95 -79.13 -28.73
C ARG L 1844 -50.93 -79.65 -27.72
N ASP L 1845 -49.74 -79.06 -27.72
CA ASP L 1845 -48.64 -79.38 -26.76
C ASP L 1845 -48.77 -78.43 -25.55
N GLU L 1846 -47.76 -78.40 -24.68
CA GLU L 1846 -47.75 -77.59 -23.42
C GLU L 1846 -47.76 -76.09 -23.77
N LEU L 1847 -47.04 -75.70 -24.83
CA LEU L 1847 -46.86 -74.28 -25.26
C LEU L 1847 -48.04 -73.80 -26.13
N GLY L 1848 -48.96 -74.70 -26.53
CA GLY L 1848 -50.16 -74.37 -27.31
C GLY L 1848 -49.96 -74.51 -28.82
N ARG L 1849 -48.93 -75.23 -29.25
CA ARG L 1849 -48.57 -75.47 -30.68
C ARG L 1849 -49.24 -76.77 -31.17
N SER L 1850 -49.82 -76.75 -32.37
CA SER L 1850 -50.47 -77.91 -33.03
C SER L 1850 -49.54 -78.50 -34.11
N ASN L 1851 -49.96 -79.60 -34.72
CA ASN L 1851 -49.27 -80.22 -35.89
C ASN L 1851 -50.07 -79.96 -37.18
N TYR L 1852 -50.60 -78.75 -37.32
CA TYR L 1852 -51.50 -78.37 -38.45
C TYR L 1852 -51.23 -76.92 -38.82
N GLY L 1853 -51.50 -76.59 -40.08
CA GLY L 1853 -51.12 -75.30 -40.67
C GLY L 1853 -51.79 -75.08 -42.01
N MET L 1854 -51.36 -74.04 -42.71
CA MET L 1854 -51.87 -73.68 -44.05
C MET L 1854 -50.73 -73.10 -44.89
N ILE L 1855 -50.71 -73.44 -46.19
CA ILE L 1855 -49.77 -72.85 -47.19
C ILE L 1855 -50.60 -72.26 -48.34
N ALA L 1856 -50.28 -71.03 -48.73
CA ALA L 1856 -50.74 -70.39 -49.98
C ALA L 1856 -49.85 -70.89 -51.12
N ILE L 1857 -50.44 -71.62 -52.07
CA ILE L 1857 -49.74 -72.19 -53.27
C ILE L 1857 -50.11 -71.36 -54.51
N ASN L 1858 -49.10 -70.82 -55.20
CA ASN L 1858 -49.22 -70.15 -56.52
C ASN L 1858 -48.84 -71.16 -57.60
N PRO L 1859 -49.81 -71.80 -58.30
CA PRO L 1859 -49.48 -72.76 -59.36
C PRO L 1859 -48.71 -72.16 -60.56
N GLY L 1860 -48.75 -70.83 -60.73
CA GLY L 1860 -47.99 -70.11 -61.77
C GLY L 1860 -46.52 -69.94 -61.42
N ARG L 1861 -46.14 -70.12 -60.14
CA ARG L 1861 -44.75 -69.92 -59.64
C ARG L 1861 -43.93 -71.21 -59.77
N VAL L 1862 -44.57 -72.35 -60.08
CA VAL L 1862 -43.90 -73.68 -60.26
C VAL L 1862 -43.60 -73.87 -61.75
N ALA L 1863 -44.60 -73.75 -62.61
CA ALA L 1863 -44.50 -73.89 -64.09
C ALA L 1863 -45.72 -73.23 -64.75
N ALA L 1864 -45.52 -72.56 -65.89
CA ALA L 1864 -46.56 -71.83 -66.65
C ALA L 1864 -47.69 -72.80 -67.09
N SER L 1865 -47.35 -74.07 -67.32
CA SER L 1865 -48.30 -75.14 -67.75
C SER L 1865 -48.97 -75.81 -66.53
N PHE L 1866 -48.43 -75.62 -65.33
CA PHE L 1866 -48.97 -76.17 -64.05
C PHE L 1866 -50.26 -75.41 -63.69
N SER L 1867 -51.40 -76.05 -63.96
CA SER L 1867 -52.77 -75.48 -63.78
C SER L 1867 -53.30 -75.84 -62.38
N GLN L 1868 -54.51 -75.41 -62.04
CA GLN L 1868 -55.18 -75.72 -60.74
C GLN L 1868 -55.61 -77.20 -60.73
N GLU L 1869 -55.84 -77.81 -61.90
CA GLU L 1869 -56.18 -79.26 -62.02
C GLU L 1869 -54.93 -80.11 -61.73
N ALA L 1870 -53.75 -79.63 -62.15
CA ALA L 1870 -52.43 -80.23 -61.82
C ALA L 1870 -52.18 -80.13 -60.31
N LEU L 1871 -52.44 -78.97 -59.70
CA LEU L 1871 -52.29 -78.76 -58.23
C LEU L 1871 -53.25 -79.69 -57.49
N GLN L 1872 -54.53 -79.73 -57.89
CA GLN L 1872 -55.56 -80.60 -57.28
C GLN L 1872 -55.06 -82.05 -57.28
N TYR L 1873 -54.63 -82.53 -58.46
CA TYR L 1873 -54.04 -83.88 -58.69
C TYR L 1873 -52.90 -84.13 -57.70
N VAL L 1874 -51.86 -83.28 -57.72
CA VAL L 1874 -50.63 -83.43 -56.87
C VAL L 1874 -51.04 -83.52 -55.39
N VAL L 1875 -51.82 -82.55 -54.90
CA VAL L 1875 -52.26 -82.43 -53.47
C VAL L 1875 -53.02 -83.70 -53.05
N GLU L 1876 -53.95 -84.16 -53.88
CA GLU L 1876 -54.77 -85.39 -53.62
C GLU L 1876 -53.86 -86.62 -53.54
N ARG L 1877 -52.83 -86.70 -54.40
CA ARG L 1877 -51.85 -87.82 -54.44
C ARG L 1877 -50.96 -87.79 -53.18
N VAL L 1878 -50.48 -86.61 -52.76
CA VAL L 1878 -49.61 -86.45 -51.55
C VAL L 1878 -50.44 -86.81 -50.30
N GLY L 1879 -51.74 -86.52 -50.31
CA GLY L 1879 -52.69 -86.91 -49.26
C GLY L 1879 -52.84 -88.42 -49.14
N LYS L 1880 -53.08 -89.10 -50.26
CA LYS L 1880 -53.38 -90.56 -50.35
C LYS L 1880 -52.12 -91.38 -50.04
N ARG L 1881 -50.97 -90.98 -50.58
CA ARG L 1881 -49.67 -91.70 -50.44
C ARG L 1881 -49.24 -91.73 -48.97
N THR L 1882 -49.08 -90.55 -48.36
CA THR L 1882 -48.59 -90.37 -46.95
C THR L 1882 -49.67 -90.81 -45.95
N GLY L 1883 -50.95 -90.72 -46.30
CA GLY L 1883 -52.08 -90.97 -45.39
C GLY L 1883 -52.36 -89.79 -44.46
N TRP L 1884 -51.48 -88.77 -44.47
CA TRP L 1884 -51.61 -87.50 -43.69
C TRP L 1884 -52.75 -86.66 -44.29
N LEU L 1885 -53.15 -85.60 -43.58
CA LEU L 1885 -54.20 -84.64 -44.01
C LEU L 1885 -53.55 -83.52 -44.85
N VAL L 1886 -54.03 -83.34 -46.08
CA VAL L 1886 -53.80 -82.12 -46.90
C VAL L 1886 -54.94 -82.02 -47.93
N GLU L 1887 -55.60 -80.86 -47.96
CA GLU L 1887 -56.71 -80.53 -48.90
C GLU L 1887 -56.55 -79.08 -49.35
N ILE L 1888 -56.98 -78.77 -50.57
CA ILE L 1888 -57.15 -77.37 -51.07
C ILE L 1888 -58.46 -76.89 -50.43
N VAL L 1889 -58.40 -75.80 -49.66
CA VAL L 1889 -59.57 -75.36 -48.83
C VAL L 1889 -60.00 -73.96 -49.24
N ASN L 1890 -59.06 -73.03 -49.48
CA ASN L 1890 -59.37 -71.67 -50.00
C ASN L 1890 -58.92 -71.56 -51.46
N TYR L 1891 -59.90 -71.30 -52.34
CA TYR L 1891 -59.73 -70.86 -53.75
C TYR L 1891 -59.76 -69.33 -53.80
N ASN L 1892 -58.60 -68.68 -53.79
CA ASN L 1892 -58.45 -67.22 -53.54
C ASN L 1892 -58.28 -66.41 -54.83
N VAL L 1893 -57.30 -66.74 -55.66
CA VAL L 1893 -57.02 -66.06 -56.96
C VAL L 1893 -56.77 -67.13 -58.00
N GLU L 1894 -57.57 -67.14 -59.08
CA GLU L 1894 -57.56 -68.22 -60.12
C GLU L 1894 -56.14 -68.28 -60.67
N ASN L 1895 -55.54 -69.49 -60.62
CA ASN L 1895 -54.19 -69.84 -61.12
C ASN L 1895 -53.10 -68.99 -60.43
N GLN L 1896 -53.34 -68.44 -59.24
CA GLN L 1896 -52.35 -67.57 -58.53
C GLN L 1896 -52.34 -67.80 -57.00
N GLN L 1897 -53.41 -68.28 -56.38
CA GLN L 1897 -53.46 -68.47 -54.90
C GLN L 1897 -54.58 -69.44 -54.52
N TYR L 1898 -54.14 -70.64 -54.13
CA TYR L 1898 -54.95 -71.72 -53.53
C TYR L 1898 -54.30 -72.03 -52.19
N VAL L 1899 -55.11 -72.24 -51.15
CA VAL L 1899 -54.59 -72.50 -49.78
C VAL L 1899 -54.79 -73.98 -49.48
N ALA L 1900 -53.70 -74.66 -49.17
CA ALA L 1900 -53.71 -76.06 -48.70
C ALA L 1900 -53.67 -76.04 -47.17
N ALA L 1901 -54.65 -76.70 -46.55
CA ALA L 1901 -54.73 -76.91 -45.09
C ALA L 1901 -54.44 -78.38 -44.79
N GLY L 1902 -53.71 -78.62 -43.71
CA GLY L 1902 -53.71 -79.91 -43.02
C GLY L 1902 -52.43 -80.14 -42.26
N ASP L 1903 -52.09 -81.41 -42.11
CA ASP L 1903 -50.90 -81.90 -41.38
C ASP L 1903 -49.68 -81.12 -41.84
N LEU L 1904 -48.92 -80.56 -40.89
CA LEU L 1904 -47.72 -79.73 -41.13
C LEU L 1904 -46.68 -80.52 -41.93
N ARG L 1905 -46.62 -81.84 -41.75
CA ARG L 1905 -45.70 -82.75 -42.50
C ARG L 1905 -46.18 -82.85 -43.96
N ALA L 1906 -47.46 -83.13 -44.19
CA ALA L 1906 -48.10 -83.17 -45.54
C ALA L 1906 -47.87 -81.85 -46.30
N LEU L 1907 -47.94 -80.72 -45.59
CA LEU L 1907 -47.74 -79.36 -46.17
C LEU L 1907 -46.26 -79.15 -46.55
N ASP L 1908 -45.33 -79.67 -45.74
CA ASP L 1908 -43.88 -79.58 -46.01
C ASP L 1908 -43.53 -80.51 -47.19
N THR L 1909 -44.15 -81.69 -47.25
CA THR L 1909 -44.02 -82.66 -48.38
C THR L 1909 -44.49 -81.98 -49.68
N VAL L 1910 -45.70 -81.41 -49.68
CA VAL L 1910 -46.29 -80.68 -50.85
C VAL L 1910 -45.32 -79.57 -51.28
N THR L 1911 -44.78 -78.78 -50.34
CA THR L 1911 -43.82 -77.68 -50.63
C THR L 1911 -42.59 -78.23 -51.34
N ASN L 1912 -42.04 -79.37 -50.87
CA ASN L 1912 -40.80 -80.00 -51.37
C ASN L 1912 -41.05 -80.65 -52.74
N VAL L 1913 -42.19 -81.32 -52.91
CA VAL L 1913 -42.64 -81.93 -54.21
C VAL L 1913 -42.72 -80.83 -55.29
N LEU L 1914 -43.37 -79.70 -54.98
CA LEU L 1914 -43.56 -78.56 -55.93
C LEU L 1914 -42.21 -77.88 -56.19
N ASN L 1915 -41.34 -77.77 -55.17
CA ASN L 1915 -39.95 -77.26 -55.31
C ASN L 1915 -39.18 -78.17 -56.30
N PHE L 1916 -39.33 -79.50 -56.18
CA PHE L 1916 -38.68 -80.51 -57.06
C PHE L 1916 -39.24 -80.40 -58.48
N ILE L 1917 -40.57 -80.33 -58.64
CA ILE L 1917 -41.26 -80.24 -59.96
C ILE L 1917 -40.81 -78.97 -60.70
N LYS L 1918 -40.66 -77.84 -59.99
CA LYS L 1918 -40.20 -76.54 -60.56
C LYS L 1918 -38.75 -76.66 -61.07
N LEU L 1919 -37.87 -77.28 -60.28
CA LEU L 1919 -36.42 -77.42 -60.59
C LEU L 1919 -36.21 -78.42 -61.75
N GLN L 1920 -37.04 -79.47 -61.86
CA GLN L 1920 -36.98 -80.48 -62.95
C GLN L 1920 -37.68 -79.97 -64.22
N LYS L 1921 -38.56 -78.97 -64.11
CA LYS L 1921 -39.30 -78.34 -65.23
C LYS L 1921 -40.15 -79.39 -65.95
N ILE L 1922 -40.72 -80.33 -65.19
CA ILE L 1922 -41.50 -81.50 -65.70
C ILE L 1922 -43.00 -81.24 -65.50
N ASP L 1923 -43.78 -81.34 -66.57
CA ASP L 1923 -45.26 -81.14 -66.57
C ASP L 1923 -45.93 -82.48 -66.22
N ILE L 1924 -47.08 -82.43 -65.53
CA ILE L 1924 -47.91 -83.61 -65.15
C ILE L 1924 -48.99 -83.84 -66.22
N ILE L 1925 -49.66 -82.78 -66.69
CA ILE L 1925 -50.84 -82.86 -67.62
C ILE L 1925 -50.39 -83.30 -69.02
N GLU L 1926 -49.22 -82.83 -69.48
CA GLU L 1926 -48.62 -83.19 -70.80
C GLU L 1926 -48.27 -84.68 -70.80
N LEU L 1927 -47.64 -85.17 -69.73
CA LEU L 1927 -47.22 -86.60 -69.58
C LEU L 1927 -48.46 -87.51 -69.47
N GLN L 1928 -49.49 -87.11 -68.71
CA GLN L 1928 -50.68 -87.97 -68.40
C GLN L 1928 -51.56 -88.16 -69.66
N LYS L 1929 -51.51 -87.22 -70.62
CA LYS L 1929 -52.39 -87.20 -71.83
C LYS L 1929 -51.61 -87.67 -73.07
N SER L 1930 -50.40 -87.13 -73.31
CA SER L 1930 -49.65 -87.24 -74.59
C SER L 1930 -48.52 -88.29 -74.52
N LEU L 1931 -48.12 -88.76 -73.32
CA LEU L 1931 -46.98 -89.70 -73.14
C LEU L 1931 -47.46 -91.06 -72.61
N SER L 1932 -48.09 -91.08 -71.43
CA SER L 1932 -48.43 -92.34 -70.68
C SER L 1932 -49.74 -92.17 -69.87
N LEU L 1933 -50.49 -93.27 -69.74
CA LEU L 1933 -51.81 -93.35 -69.04
C LEU L 1933 -51.60 -94.04 -67.68
N GLU L 1934 -51.76 -93.29 -66.58
CA GLU L 1934 -51.69 -93.73 -65.16
C GLU L 1934 -50.25 -94.06 -64.72
N GLU L 1935 -49.24 -93.92 -65.59
CA GLU L 1935 -47.79 -94.05 -65.23
C GLU L 1935 -47.37 -92.83 -64.39
N VAL L 1936 -47.90 -91.65 -64.72
CA VAL L 1936 -47.66 -90.36 -64.00
C VAL L 1936 -48.01 -90.54 -62.51
N GLU L 1937 -49.07 -91.30 -62.20
CA GLU L 1937 -49.55 -91.59 -60.81
C GLU L 1937 -48.42 -92.29 -60.04
N GLY L 1938 -47.92 -93.41 -60.59
CA GLY L 1938 -46.77 -94.17 -60.07
C GLY L 1938 -45.51 -93.34 -60.02
N HIS L 1939 -45.25 -92.54 -61.05
CA HIS L 1939 -44.06 -91.65 -61.17
C HIS L 1939 -44.08 -90.58 -60.07
N LEU L 1940 -45.25 -90.03 -59.74
CA LEU L 1940 -45.43 -88.98 -58.70
C LEU L 1940 -45.27 -89.60 -57.30
N PHE L 1941 -45.65 -90.87 -57.13
CA PHE L 1941 -45.59 -91.61 -55.83
C PHE L 1941 -44.16 -91.59 -55.26
N GLU L 1942 -43.12 -91.82 -56.08
CA GLU L 1942 -41.71 -91.87 -55.61
C GLU L 1942 -41.18 -90.46 -55.29
N ILE L 1943 -41.68 -89.43 -55.98
CA ILE L 1943 -41.33 -88.00 -55.73
C ILE L 1943 -41.93 -87.58 -54.37
N ILE L 1944 -43.17 -88.01 -54.10
CA ILE L 1944 -43.90 -87.81 -52.80
C ILE L 1944 -43.13 -88.52 -51.67
N ASP L 1945 -42.68 -89.75 -51.92
CA ASP L 1945 -41.96 -90.62 -50.94
C ASP L 1945 -40.63 -89.97 -50.53
N GLU L 1946 -39.88 -89.43 -51.49
CA GLU L 1946 -38.59 -88.71 -51.26
C GLU L 1946 -38.84 -87.60 -50.24
N ALA L 1947 -39.86 -86.77 -50.46
CA ALA L 1947 -40.23 -85.60 -49.63
C ALA L 1947 -40.82 -86.07 -48.29
N SER L 1948 -41.66 -87.12 -48.27
CA SER L 1948 -42.34 -87.66 -47.05
C SER L 1948 -41.32 -88.22 -46.05
N LYS L 1949 -40.28 -88.92 -46.53
CA LYS L 1949 -39.19 -89.49 -45.70
C LYS L 1949 -38.44 -88.38 -44.96
N LYS L 1950 -38.16 -87.26 -45.64
CA LYS L 1950 -37.41 -86.10 -45.07
C LYS L 1950 -38.32 -85.30 -44.11
N SER L 1951 -39.63 -85.28 -44.35
CA SER L 1951 -40.65 -84.56 -43.54
C SER L 1951 -40.90 -85.30 -42.21
N ALA L 1952 -41.05 -86.64 -42.25
CA ALA L 1952 -41.36 -87.49 -41.09
C ALA L 1952 -40.22 -87.47 -40.06
N VAL L 1953 -38.96 -87.39 -40.52
CA VAL L 1953 -37.72 -87.31 -39.68
C VAL L 1953 -37.76 -86.03 -38.83
N LYS L 1954 -38.14 -84.89 -39.43
CA LYS L 1954 -38.19 -83.56 -38.75
C LYS L 1954 -39.05 -83.66 -37.48
N PRO L 1955 -38.74 -82.90 -36.40
CA PRO L 1955 -39.53 -82.95 -35.16
C PRO L 1955 -40.98 -82.49 -35.38
N ARG L 1956 -41.89 -82.82 -34.44
CA ARG L 1956 -43.36 -82.68 -34.64
C ARG L 1956 -43.75 -81.21 -34.86
N PRO L 1957 -43.25 -80.23 -34.06
CA PRO L 1957 -43.53 -78.82 -34.32
C PRO L 1957 -42.57 -78.22 -35.37
N LEU L 1958 -42.57 -78.77 -36.60
CA LEU L 1958 -41.61 -78.40 -37.67
C LEU L 1958 -42.00 -77.04 -38.26
N LYS L 1959 -41.03 -76.14 -38.43
CA LYS L 1959 -41.23 -74.79 -39.04
C LYS L 1959 -41.35 -74.96 -40.55
N LEU L 1960 -42.55 -74.74 -41.08
CA LEU L 1960 -42.86 -74.74 -42.54
C LEU L 1960 -41.99 -73.69 -43.23
N GLU L 1961 -41.30 -74.08 -44.31
CA GLU L 1961 -40.33 -73.22 -45.04
C GLU L 1961 -41.01 -72.65 -46.30
N ARG L 1962 -40.64 -71.42 -46.66
CA ARG L 1962 -41.13 -70.71 -47.88
C ARG L 1962 -40.47 -71.34 -49.12
N GLY L 1963 -41.26 -72.04 -49.93
CA GLY L 1963 -40.82 -72.64 -51.20
C GLY L 1963 -40.74 -71.60 -52.31
N PHE L 1964 -40.73 -72.07 -53.57
CA PHE L 1964 -40.79 -71.22 -54.79
C PHE L 1964 -42.27 -70.93 -55.10
N ALA L 1965 -43.14 -71.94 -54.96
CA ALA L 1965 -44.58 -71.89 -55.27
C ALA L 1965 -45.46 -71.97 -54.00
N CYS L 1966 -44.86 -71.94 -52.80
CA CYS L 1966 -45.56 -72.11 -51.50
C CYS L 1966 -45.05 -71.10 -50.47
N ILE L 1967 -45.98 -70.50 -49.72
CA ILE L 1967 -45.67 -69.62 -48.55
C ILE L 1967 -46.58 -70.06 -47.40
N PRO L 1968 -46.04 -70.34 -46.19
CA PRO L 1968 -46.87 -70.72 -45.05
C PRO L 1968 -47.63 -69.51 -44.47
N LEU L 1969 -48.89 -69.70 -44.10
CA LEU L 1969 -49.71 -68.64 -43.47
C LEU L 1969 -49.31 -68.52 -41.99
N VAL L 1970 -48.68 -67.40 -41.62
CA VAL L 1970 -48.21 -67.10 -40.23
C VAL L 1970 -49.44 -66.96 -39.32
N GLY L 1971 -49.34 -67.50 -38.11
CA GLY L 1971 -50.37 -67.39 -37.04
C GLY L 1971 -51.61 -68.22 -37.35
N ILE L 1972 -51.47 -69.28 -38.16
CA ILE L 1972 -52.54 -70.28 -38.45
C ILE L 1972 -52.02 -71.65 -37.98
N SER L 1973 -52.82 -72.33 -37.15
CA SER L 1973 -52.48 -73.60 -36.46
C SER L 1973 -53.59 -74.65 -36.61
N VAL L 1974 -54.77 -74.25 -37.11
CA VAL L 1974 -55.93 -75.14 -37.34
C VAL L 1974 -56.00 -75.38 -38.85
N PRO L 1975 -56.40 -76.58 -39.32
CA PRO L 1975 -56.69 -76.81 -40.73
C PRO L 1975 -58.11 -76.32 -41.09
N PHE L 1976 -58.28 -75.00 -41.16
CA PHE L 1976 -59.58 -74.34 -41.42
C PHE L 1976 -60.16 -74.83 -42.75
N HIS L 1977 -61.45 -75.17 -42.79
CA HIS L 1977 -62.21 -75.44 -44.04
C HIS L 1977 -61.89 -76.81 -44.63
N SER L 1978 -61.11 -77.65 -43.93
CA SER L 1978 -60.84 -79.06 -44.28
C SER L 1978 -61.97 -79.94 -43.73
N THR L 1979 -62.01 -81.21 -44.13
CA THR L 1979 -63.04 -82.20 -43.70
C THR L 1979 -62.74 -82.66 -42.27
N TYR L 1980 -61.51 -82.46 -41.80
CA TYR L 1980 -61.08 -82.65 -40.39
C TYR L 1980 -62.03 -81.97 -39.40
N LEU L 1981 -62.64 -80.84 -39.78
CA LEU L 1981 -63.52 -80.04 -38.87
C LEU L 1981 -64.99 -80.42 -39.04
N MET L 1982 -65.33 -81.46 -39.79
CA MET L 1982 -66.74 -81.83 -40.11
C MET L 1982 -67.51 -82.27 -38.85
N ASN L 1983 -66.81 -82.86 -37.85
CA ASN L 1983 -67.41 -83.30 -36.56
C ASN L 1983 -67.93 -82.06 -35.80
N GLY L 1984 -67.22 -80.93 -35.92
CA GLY L 1984 -67.59 -79.63 -35.32
C GLY L 1984 -68.90 -79.06 -35.85
N VAL L 1985 -69.38 -79.49 -37.02
CA VAL L 1985 -70.53 -78.85 -37.72
C VAL L 1985 -71.82 -79.01 -36.91
N LYS L 1986 -72.13 -80.21 -36.43
CA LYS L 1986 -73.41 -80.52 -35.72
C LYS L 1986 -73.53 -79.73 -34.42
N PRO L 1987 -72.52 -79.73 -33.51
CA PRO L 1987 -72.62 -78.92 -32.30
C PRO L 1987 -72.68 -77.43 -32.65
N PHE L 1988 -71.85 -76.96 -33.58
CA PHE L 1988 -71.82 -75.55 -34.01
C PHE L 1988 -73.18 -75.16 -34.60
N LYS L 1989 -73.77 -76.01 -35.44
CA LYS L 1989 -75.12 -75.79 -36.00
C LYS L 1989 -76.13 -75.57 -34.88
N SER L 1990 -76.13 -76.43 -33.85
CA SER L 1990 -77.09 -76.35 -32.71
C SER L 1990 -76.88 -75.05 -31.95
N PHE L 1991 -75.62 -74.64 -31.80
CA PHE L 1991 -75.23 -73.38 -31.12
C PHE L 1991 -75.70 -72.19 -31.97
N LEU L 1992 -75.46 -72.21 -33.30
CA LEU L 1992 -75.93 -71.13 -34.21
C LEU L 1992 -77.45 -71.01 -34.12
N LYS L 1993 -78.18 -72.13 -34.16
CA LYS L 1993 -79.67 -72.14 -34.12
C LYS L 1993 -80.18 -71.46 -32.83
N LYS L 1994 -79.41 -71.50 -31.73
CA LYS L 1994 -79.79 -70.90 -30.42
C LYS L 1994 -79.49 -69.40 -30.40
N ASN L 1995 -78.40 -68.95 -31.04
CA ASN L 1995 -77.83 -67.59 -30.90
C ASN L 1995 -78.18 -66.67 -32.08
N ILE L 1996 -78.54 -67.22 -33.26
CA ILE L 1996 -79.14 -66.45 -34.38
C ILE L 1996 -80.66 -66.60 -34.27
N ILE L 1997 -81.32 -65.56 -33.75
CA ILE L 1997 -82.80 -65.54 -33.55
C ILE L 1997 -83.41 -65.20 -34.91
N LYS L 1998 -84.50 -65.88 -35.31
CA LYS L 1998 -85.09 -65.75 -36.67
C LYS L 1998 -85.70 -64.34 -36.86
N GLU L 1999 -86.12 -63.66 -35.79
CA GLU L 1999 -86.72 -62.30 -35.83
C GLU L 1999 -85.68 -61.25 -36.26
N ASN L 2000 -84.39 -61.54 -36.11
CA ASN L 2000 -83.25 -60.65 -36.48
C ASN L 2000 -82.79 -60.89 -37.93
N VAL L 2001 -83.31 -61.93 -38.60
CA VAL L 2001 -82.97 -62.25 -40.02
C VAL L 2001 -83.92 -61.45 -40.92
N LYS L 2002 -83.44 -60.34 -41.49
CA LYS L 2002 -84.18 -59.47 -42.44
C LYS L 2002 -83.79 -59.90 -43.84
N VAL L 2003 -84.69 -60.59 -44.55
CA VAL L 2003 -84.41 -61.18 -45.89
C VAL L 2003 -83.98 -60.07 -46.85
N ALA L 2004 -84.64 -58.90 -46.81
CA ALA L 2004 -84.31 -57.71 -47.64
C ALA L 2004 -82.83 -57.32 -47.50
N ARG L 2005 -82.24 -57.51 -46.33
CA ARG L 2005 -80.83 -57.12 -46.05
C ARG L 2005 -79.85 -58.19 -46.53
N LEU L 2006 -80.34 -59.41 -46.79
CA LEU L 2006 -79.52 -60.55 -47.29
C LEU L 2006 -79.78 -60.80 -48.78
N ALA L 2007 -81.05 -60.94 -49.18
CA ALA L 2007 -81.50 -61.35 -50.54
C ALA L 2007 -80.80 -60.52 -51.61
N GLY L 2008 -79.94 -61.18 -52.39
CA GLY L 2008 -79.24 -60.60 -53.54
C GLY L 2008 -77.96 -59.89 -53.16
N LYS L 2009 -77.67 -59.76 -51.87
CA LYS L 2009 -76.62 -58.84 -51.38
C LYS L 2009 -75.49 -59.65 -50.75
N TYR L 2010 -75.85 -60.62 -49.93
CA TYR L 2010 -74.90 -61.49 -49.19
C TYR L 2010 -74.47 -62.64 -50.10
N ILE L 2011 -73.17 -62.76 -50.36
CA ILE L 2011 -72.58 -63.90 -51.11
C ILE L 2011 -71.89 -64.85 -50.12
N PRO L 2012 -72.53 -65.96 -49.69
CA PRO L 2012 -71.88 -66.91 -48.79
C PRO L 2012 -70.64 -67.58 -49.40
N ASN L 2013 -69.67 -67.95 -48.55
CA ASN L 2013 -68.46 -68.71 -48.93
C ASN L 2013 -68.82 -70.13 -49.40
N LEU L 2014 -69.88 -70.73 -48.87
CA LEU L 2014 -70.22 -72.15 -49.13
C LEU L 2014 -70.73 -72.25 -50.57
N THR L 2015 -71.84 -71.57 -50.82
CA THR L 2015 -72.53 -71.39 -52.12
C THR L 2015 -72.11 -70.03 -52.66
N ALA L 2016 -71.12 -69.92 -53.55
CA ALA L 2016 -70.55 -68.59 -53.91
C ALA L 2016 -71.53 -67.79 -54.78
N LYS L 2017 -72.82 -67.84 -54.45
CA LYS L 2017 -73.95 -67.24 -55.21
C LYS L 2017 -74.73 -66.29 -54.31
N PRO L 2018 -75.19 -65.11 -54.79
CA PRO L 2018 -75.92 -64.17 -53.96
C PRO L 2018 -77.10 -64.86 -53.26
N PHE L 2019 -77.21 -64.64 -51.96
CA PHE L 2019 -78.22 -65.28 -51.08
C PHE L 2019 -79.59 -65.04 -51.68
N GLN L 2020 -80.39 -66.10 -51.78
CA GLN L 2020 -81.81 -66.03 -52.17
C GLN L 2020 -82.56 -67.14 -51.43
N VAL L 2021 -83.82 -66.88 -51.09
CA VAL L 2021 -84.73 -67.87 -50.44
C VAL L 2021 -85.59 -68.50 -51.55
N THR L 2022 -84.95 -69.33 -52.38
CA THR L 2022 -85.55 -70.07 -53.52
C THR L 2022 -85.19 -71.55 -53.43
N LYS L 2023 -86.08 -72.43 -53.91
CA LYS L 2023 -85.86 -73.91 -54.03
C LYS L 2023 -84.50 -74.19 -54.69
N GLU L 2024 -84.14 -73.40 -55.71
CA GLU L 2024 -82.88 -73.56 -56.50
C GLU L 2024 -81.69 -73.38 -55.55
N TYR L 2025 -81.74 -72.35 -54.70
CA TYR L 2025 -80.66 -71.99 -53.74
C TYR L 2025 -80.53 -73.12 -52.71
N PHE L 2026 -81.63 -73.52 -52.08
CA PHE L 2026 -81.71 -74.62 -51.08
C PHE L 2026 -81.15 -75.91 -51.68
N GLN L 2027 -81.60 -76.26 -52.90
CA GLN L 2027 -81.16 -77.47 -53.64
C GLN L 2027 -79.64 -77.41 -53.82
N ASP L 2028 -79.09 -76.26 -54.20
CA ASP L 2028 -77.63 -76.10 -54.44
C ASP L 2028 -76.88 -76.28 -53.12
N VAL L 2029 -77.42 -75.75 -52.01
CA VAL L 2029 -76.79 -75.87 -50.66
C VAL L 2029 -76.80 -77.35 -50.27
N TYR L 2030 -77.91 -78.06 -50.49
CA TYR L 2030 -78.06 -79.51 -50.20
C TYR L 2030 -77.04 -80.33 -50.99
N ASP L 2031 -76.83 -80.02 -52.27
CA ASP L 2031 -75.83 -80.69 -53.15
C ASP L 2031 -74.40 -80.51 -52.61
N LEU L 2032 -74.09 -79.33 -52.06
CA LEU L 2032 -72.74 -79.01 -51.51
C LEU L 2032 -72.54 -79.74 -50.18
N THR L 2033 -73.55 -79.69 -49.30
CA THR L 2033 -73.51 -80.27 -47.92
C THR L 2033 -74.88 -80.79 -47.55
N GLY L 2034 -75.09 -82.10 -47.73
CA GLY L 2034 -76.35 -82.80 -47.43
C GLY L 2034 -76.76 -82.60 -45.99
N SER L 2035 -77.94 -82.02 -45.77
CA SER L 2035 -78.49 -81.69 -44.44
C SER L 2035 -80.00 -81.96 -44.41
N GLU L 2036 -80.47 -82.65 -43.37
CA GLU L 2036 -81.88 -83.11 -43.21
C GLU L 2036 -82.81 -81.91 -43.20
N PRO L 2037 -82.53 -80.81 -42.45
CA PRO L 2037 -83.43 -79.65 -42.42
C PRO L 2037 -83.65 -79.02 -43.80
N ILE L 2038 -82.59 -78.86 -44.60
CA ILE L 2038 -82.65 -78.27 -45.96
C ILE L 2038 -83.41 -79.23 -46.90
N LYS L 2039 -83.09 -80.52 -46.86
CA LYS L 2039 -83.77 -81.55 -47.70
C LYS L 2039 -85.28 -81.53 -47.39
N GLU L 2040 -85.65 -81.47 -46.10
CA GLU L 2040 -87.06 -81.39 -45.64
C GLU L 2040 -87.71 -80.13 -46.21
N ILE L 2041 -87.00 -78.99 -46.22
CA ILE L 2041 -87.51 -77.70 -46.77
C ILE L 2041 -87.77 -77.87 -48.28
N ILE L 2042 -86.83 -78.46 -49.02
CA ILE L 2042 -86.93 -78.67 -50.51
C ILE L 2042 -88.18 -79.52 -50.81
N ASP L 2043 -88.29 -80.68 -50.15
CA ASP L 2043 -89.39 -81.67 -50.35
C ASP L 2043 -90.74 -81.03 -50.07
N ASN L 2044 -90.83 -80.24 -49.00
CA ASN L 2044 -92.09 -79.66 -48.46
C ASN L 2044 -92.21 -78.19 -48.90
N TRP L 2045 -91.51 -77.77 -49.96
CA TRP L 2045 -91.44 -76.35 -50.41
C TRP L 2045 -92.83 -75.81 -50.74
N GLU L 2046 -93.71 -76.68 -51.24
CA GLU L 2046 -95.06 -76.32 -51.75
C GLU L 2046 -95.94 -75.79 -50.62
N LYS L 2047 -95.90 -76.39 -49.42
CA LYS L 2047 -96.76 -75.98 -48.27
C LYS L 2047 -96.29 -74.61 -47.73
N TYR L 2048 -94.99 -74.30 -47.85
CA TYR L 2048 -94.39 -73.01 -47.40
C TYR L 2048 -94.83 -71.87 -48.35
N GLU L 2049 -94.98 -72.17 -49.64
CA GLU L 2049 -95.46 -71.19 -50.66
C GLU L 2049 -96.92 -70.78 -50.38
N GLN L 2050 -97.73 -71.65 -49.78
CA GLN L 2050 -99.15 -71.38 -49.39
C GLN L 2050 -99.42 -71.93 -47.98
PA NAP M . -19.97 70.04 30.78
O1A NAP M . -20.96 70.19 31.89
O2A NAP M . -18.62 69.41 30.79
O5B NAP M . -20.83 69.25 29.66
C5B NAP M . -20.31 68.78 28.46
C4B NAP M . -21.11 67.55 28.05
O4B NAP M . -20.57 67.06 26.82
C3B NAP M . -20.82 66.39 29.02
O3B NAP M . -21.69 66.46 30.12
C2B NAP M . -21.12 65.22 28.16
O2B NAP M . -22.50 64.95 28.24
C1B NAP M . -20.90 65.70 26.72
N9A NAP M . -19.87 65.03 26.00
C8A NAP M . -18.69 64.66 26.48
N7A NAP M . -17.96 64.07 25.55
C5A NAP M . -18.74 64.02 24.46
C6A NAP M . -18.63 63.46 23.21
N6A NAP M . -17.55 62.85 22.80
N1A NAP M . -19.59 63.63 22.34
C2A NAP M . -20.73 64.19 22.76
N3A NAP M . -20.93 64.72 23.95
C4A NAP M . -19.97 64.62 24.79
O3 NAP M . -19.69 71.42 30.06
PN NAP M . -20.35 72.77 30.46
O1N NAP M . -19.53 73.34 31.59
O2N NAP M . -21.86 72.73 30.50
O5D NAP M . -19.93 73.63 29.22
C5D NAP M . -20.59 73.57 28.00
C4D NAP M . -19.93 74.40 26.96
O4D NAP M . -19.87 75.65 27.58
C3D NAP M . -18.53 73.88 26.60
O3D NAP M . -18.26 73.99 25.21
C2D NAP M . -17.70 74.78 27.49
O2D NAP M . -16.39 74.95 27.03
C1D NAP M . -18.52 76.04 27.52
N1N NAP M . -18.18 76.94 28.57
C2N NAP M . -18.46 76.58 29.81
C3N NAP M . -18.14 77.45 30.83
C7N NAP M . -18.44 77.05 32.23
O7N NAP M . -18.95 75.96 32.58
N7N NAP M . -18.14 77.93 33.14
C4N NAP M . -17.55 78.68 30.50
C5N NAP M . -17.26 79.03 29.17
C6N NAP M . -17.60 78.15 28.17
P2B NAP M . -23.01 63.42 28.07
O1X NAP M . -22.34 62.78 29.25
O2X NAP M . -24.48 63.48 28.09
O3X NAP M . -22.45 62.91 26.79
N1A COA N . 61.12 62.55 44.44
C2A COA N . 61.05 61.63 43.48
N3A COA N . 60.22 60.60 43.36
C4A COA N . 59.36 60.55 44.40
C5A COA N . 59.32 61.43 45.46
C6A COA N . 60.25 62.48 45.48
N6A COA N . 60.29 63.42 46.42
N7A COA N . 58.28 61.07 46.33
C8A COA N . 57.75 60.00 45.78
N9A COA N . 58.37 59.64 44.60
C1B COA N . 58.03 58.53 43.71
C2B COA N . 58.91 57.29 43.90
O2B COA N . 59.07 56.55 42.71
C3B COA N . 58.13 56.54 44.97
O3B COA N . 58.47 55.15 45.02
P3B COA N . 59.50 54.76 46.21
O7A COA N . 58.66 54.62 47.47
O8A COA N . 60.55 55.86 46.34
O9A COA N . 60.12 53.44 45.80
C4B COA N . 56.69 56.76 44.48
O4B COA N . 56.70 58.11 43.95
C5B COA N . 55.61 56.63 45.54
O5B COA N . 56.20 56.72 46.87
P1A COA N . 55.63 57.65 48.06
O1A COA N . 56.74 58.46 48.63
O2A COA N . 54.82 56.80 48.99
O3A COA N . 54.66 58.64 47.28
P2A COA N . 53.12 59.06 47.47
O4A COA N . 52.50 59.16 46.11
O5A COA N . 52.48 58.17 48.48
O6A COA N . 53.27 60.52 48.12
CBP COA N . 53.43 62.77 47.20
CCP COA N . 54.20 61.49 47.56
CDP COA N . 52.69 62.54 45.87
CEP COA N . 54.43 63.91 47.02
CAP COA N . 52.42 63.10 48.33
OAP COA N . 53.01 62.91 49.60
C9P COA N . 51.83 64.50 48.26
O9P COA N . 50.86 64.72 47.54
N8P COA N . 52.39 65.42 49.03
C7P COA N . 52.24 66.86 48.81
C6P COA N . 51.11 67.42 49.61
C5P COA N . 51.09 68.94 49.48
O5P COA N . 51.95 69.61 50.02
N4P COA N . 50.12 69.47 48.72
C3P COA N . 49.47 70.74 49.02
C2P COA N . 49.69 71.76 47.95
S1P COA N . 49.33 73.42 48.60
C9A FNR O . -23.10 21.73 103.63
N10 FNR O . -21.93 20.93 103.49
CAA FNR O . -20.88 21.38 102.71
N1 FNR O . -19.63 20.81 102.78
C2 FNR O . -18.57 21.31 102.11
O2 FNR O . -17.46 20.77 102.20
N3 FNR O . -18.78 22.41 101.34
C4 FNR O . -19.99 23.07 101.22
O4 FNR O . -20.06 24.04 100.48
C4A FNR O . -21.07 22.52 101.92
N5 FNR O . -22.30 23.07 101.83
C5A FNR O . -23.26 22.83 102.78
C6 FNR O . -24.36 23.65 102.91
C7 FNR O . -25.27 23.44 103.90
C7M FNR O . -26.41 24.37 104.11
C8 FNR O . -25.10 22.32 104.77
C8M FNR O . -26.10 22.03 105.85
C9 FNR O . -24.03 21.48 104.61
C1' FNR O . -21.72 19.84 104.46
C2' FNR O . -21.23 20.42 105.82
O2' FNR O . -19.95 21.02 105.67
C3' FNR O . -21.19 19.34 106.89
O3' FNR O . -20.39 18.26 106.44
C4' FNR O . -22.58 18.82 107.27
O4' FNR O . -23.52 19.90 107.36
C5' FNR O . -22.56 18.12 108.60
O5' FNR O . -23.83 17.51 108.86
P FNR O . -24.94 18.27 109.70
O1P FNR O . -25.51 19.22 108.65
O2P FNR O . -25.87 17.17 110.11
O3P FNR O . -24.38 19.05 110.86
PA NAP P . -24.20 25.44 90.69
O1A NAP P . -25.69 25.58 90.80
O2A NAP P . -23.58 24.70 89.51
O5B NAP P . -23.33 26.77 90.92
C5B NAP P . -23.74 28.10 90.68
C4B NAP P . -23.06 28.43 89.37
O4B NAP P . -23.73 29.56 88.80
C3B NAP P . -21.57 28.79 89.48
O3B NAP P . -20.69 27.66 89.37
C2B NAP P . -21.40 29.76 88.33
O2B NAP P . -21.23 28.98 87.15
C1B NAP P . -22.76 30.45 88.23
N9A NAP P . -22.93 31.77 88.89
C8A NAP P . -23.61 32.07 90.03
N7A NAP P . -23.59 33.42 90.26
C5A NAP P . -22.88 33.98 89.26
C6A NAP P . -22.47 35.34 88.87
N6A NAP P . -22.85 36.37 89.68
N1A NAP P . -21.77 35.51 87.74
C2A NAP P . -21.39 34.47 86.95
N3A NAP P . -21.71 33.19 87.23
C4A NAP P . -22.46 32.90 88.34
O3 NAP P . -23.76 24.79 92.11
PN NAP P . -24.24 25.38 93.56
O1N NAP P . -25.26 24.38 94.06
O2N NAP P . -24.61 26.85 93.56
O5D NAP P . -22.91 25.28 94.47
C5D NAP P . -21.63 25.82 94.12
C4D NAP P . -20.53 24.85 94.55
O4D NAP P . -20.67 24.56 95.96
C3D NAP P . -20.62 23.50 93.80
O3D NAP P . -19.33 23.06 93.34
C2D NAP P . -21.27 22.55 94.81
O2D NAP P . -20.90 21.17 94.62
C1D NAP P . -20.78 23.14 96.15
N1N NAP P . -21.65 22.78 97.27
C2N NAP P . -21.31 21.68 97.99
C3N NAP P . -22.09 21.27 99.08
C7N NAP P . -21.74 20.04 99.89
O7N NAP P . -22.56 19.62 100.71
N7N NAP P . -20.57 19.40 99.71
C4N NAP P . -23.25 22.00 99.40
C5N NAP P . -23.57 23.14 98.66
C6N NAP P . -22.76 23.49 97.58
P2B NAP P . -20.23 29.32 85.94
O1X NAP P . -18.92 29.59 86.63
O2X NAP P . -20.30 28.02 85.13
O3X NAP P . -20.82 30.50 85.21
PA NAP Q . -43.50 -63.59 17.77
O1A NAP Q . -42.92 -64.97 17.85
O2A NAP Q . -43.25 -62.41 18.64
O5B NAP Q . -43.08 -63.15 16.27
C5B NAP Q . -43.31 -61.88 15.73
C4B NAP Q . -42.22 -61.61 14.70
O4B NAP Q . -42.44 -60.31 14.16
C3B NAP Q . -40.87 -61.45 15.40
O3B NAP Q . -40.25 -62.72 15.52
C2B NAP Q . -40.14 -60.61 14.41
O2B NAP Q . -39.55 -61.47 13.45
C1B NAP Q . -41.22 -59.84 13.63
N9A NAP Q . -41.19 -58.43 13.78
C8A NAP Q . -40.92 -57.75 14.88
N7A NAP Q . -40.97 -56.45 14.67
C5A NAP Q . -41.22 -56.31 13.36
C6A NAP Q . -41.29 -55.24 12.49
N6A NAP Q . -41.18 -54.00 12.88
N1A NAP Q . -41.58 -55.47 11.23
C2A NAP Q . -41.63 -56.72 10.79
N3A NAP Q . -41.53 -57.79 11.55
C4A NAP Q . -41.32 -57.60 12.81
O3 NAP Q . -45.08 -63.62 17.67
PN NAP Q . -45.93 -64.92 17.70
O1N NAP Q . -46.13 -65.28 19.14
O2N NAP Q . -45.54 -65.94 16.66
O5D NAP Q . -47.31 -64.32 17.25
C5D NAP Q . -47.62 -64.00 15.94
C4D NAP Q . -48.95 -63.35 15.82
O4D NAP Q . -49.78 -64.25 16.48
C3D NAP Q . -48.97 -61.97 16.48
O3D NAP Q . -49.71 -61.02 15.73
C2D NAP Q . -49.56 -62.33 17.82
O2D NAP Q . -50.22 -61.27 18.45
C1D NAP Q . -50.46 -63.48 17.46
N1N NAP Q . -50.88 -64.29 18.56
C2N NAP Q . -49.96 -65.02 19.16
C3N NAP Q . -50.37 -65.81 20.23
C7N NAP Q . -49.35 -66.65 20.92
O7N NAP Q . -48.13 -66.69 20.65
N7N NAP Q . -49.81 -67.43 21.87
C4N NAP Q . -51.72 -65.78 20.60
C5N NAP Q . -52.67 -64.97 19.95
C6N NAP Q . -52.25 -64.23 18.87
P2B NAP Q . -38.16 -60.99 12.74
O1X NAP Q . -37.26 -60.95 13.93
O2X NAP Q . -37.88 -62.03 11.72
O3X NAP Q . -38.40 -59.63 12.18
PA NAP R . 73.18 -10.14 -28.18
O1A NAP R . 74.29 -9.16 -27.92
O2A NAP R . 72.46 -11.03 -27.23
O5B NAP R . 72.05 -9.19 -28.86
C5B NAP R . 70.76 -9.62 -29.19
C4B NAP R . 69.84 -8.42 -29.09
O4B NAP R . 68.52 -8.83 -29.43
C3B NAP R . 69.69 -7.99 -27.62
O3B NAP R . 70.72 -7.07 -27.29
C2B NAP R . 68.37 -7.31 -27.67
O2B NAP R . 68.57 -5.96 -28.04
C1B NAP R . 67.61 -7.94 -28.84
N9A NAP R . 66.43 -8.65 -28.51
C8A NAP R . 66.24 -9.43 -27.45
N7A NAP R . 65.03 -9.94 -27.44
C5A NAP R . 64.41 -9.41 -28.50
C6A NAP R . 63.11 -9.43 -28.99
N6A NAP R . 62.17 -10.16 -28.46
N1A NAP R . 62.84 -8.79 -30.10
C2A NAP R . 63.76 -7.98 -30.62
N3A NAP R . 65.01 -7.87 -30.20
C4A NAP R . 65.32 -8.55 -29.15
O3 NAP R . 73.53 -11.13 -29.36
PN NAP R . 74.86 -11.12 -30.15
O1N NAP R . 75.84 -11.92 -29.35
O2N NAP R . 75.23 -9.77 -30.74
O5D NAP R . 74.47 -12.06 -31.34
C5D NAP R . 73.71 -11.65 -32.42
C4D NAP R . 73.39 -12.76 -33.34
O4D NAP R . 74.66 -13.29 -33.61
C3D NAP R . 72.46 -13.80 -32.70
O3D NAP R . 71.49 -14.30 -33.61
C2D NAP R . 73.49 -14.80 -32.24
O2D NAP R . 72.98 -16.10 -32.10
C1D NAP R . 74.56 -14.67 -33.30
N1N NAP R . 75.83 -15.23 -32.96
C2N NAP R . 76.51 -14.62 -32.02
C3N NAP R . 77.75 -15.16 -31.69
C7N NAP R . 78.55 -14.49 -30.62
O7N NAP R . 78.19 -13.50 -29.95
N7N NAP R . 79.73 -14.99 -30.41
C4N NAP R . 78.19 -16.28 -32.38
C5N NAP R . 77.42 -16.91 -33.38
C6N NAP R . 76.21 -16.36 -33.70
P2B NAP R . 67.53 -4.84 -27.48
O1X NAP R . 67.79 -4.95 -26.01
O2X NAP R . 67.94 -3.58 -28.13
O3X NAP R . 66.16 -5.28 -27.84
PA NAP S . 53.50 -40.87 -41.48
O1A NAP S . 53.17 -42.16 -42.16
O2A NAP S . 53.01 -39.49 -41.76
O5B NAP S . 53.07 -41.19 -39.94
C5B NAP S . 53.09 -40.25 -38.91
C4B NAP S . 52.01 -40.65 -37.91
O4B NAP S . 52.01 -39.70 -36.85
C3B NAP S . 50.62 -40.45 -38.54
O3B NAP S . 50.24 -41.63 -39.23
C2B NAP S . 49.80 -40.26 -37.31
O2B NAP S . 49.42 -41.54 -36.83
C1B NAP S . 50.75 -39.72 -36.24
N9A NAP S . 50.46 -38.41 -35.77
C8A NAP S . 50.02 -37.38 -36.48
N7A NAP S . 49.85 -36.32 -35.72
C5A NAP S . 50.13 -36.71 -34.48
C6A NAP S . 50.03 -36.12 -33.23
N6A NAP S . 49.69 -34.88 -33.05
N1A NAP S . 50.42 -36.82 -32.18
C2A NAP S . 50.70 -38.10 -32.32
N3A NAP S . 50.78 -38.75 -33.47
C4A NAP S . 50.48 -38.08 -34.52
O3 NAP S . 55.05 -40.64 -41.35
PN NAP S . 56.13 -41.63 -41.88
O1N NAP S . 56.32 -41.30 -43.33
O2N NAP S . 55.96 -43.05 -41.40
O5D NAP S . 57.40 -41.04 -41.17
C5D NAP S . 57.71 -41.27 -39.84
C4D NAP S . 58.89 -40.50 -39.40
O4D NAP S . 59.86 -40.86 -40.35
C3D NAP S . 58.64 -38.99 -39.39
O3D NAP S . 59.24 -38.33 -38.28
C2D NAP S . 59.22 -38.64 -40.74
O2D NAP S . 59.64 -37.30 -40.83
C1D NAP S . 60.33 -39.64 -40.88
N1N NAP S . 60.85 -39.80 -42.20
C2N NAP S . 60.06 -40.37 -43.08
C3N NAP S . 60.56 -40.54 -44.37
C7N NAP S . 59.68 -41.17 -45.39
O7N NAP S . 58.50 -41.53 -45.21
N7N NAP S . 60.24 -41.36 -46.55
C4N NAP S . 61.86 -40.11 -44.63
C5N NAP S . 62.67 -39.50 -43.66
C6N NAP S . 62.17 -39.36 -42.40
P2B NAP S . 47.99 -41.67 -36.04
O1X NAP S . 47.04 -41.28 -37.14
O2X NAP S . 47.94 -43.08 -35.59
O3X NAP S . 48.00 -40.69 -34.94
PA NAP T . -68.93 -34.25 18.11
O1A NAP T . -70.21 -33.48 18.24
O2A NAP T . -68.10 -34.49 16.89
O5B NAP T . -67.97 -33.49 19.17
C5B NAP T . -66.62 -33.78 19.34
C4B NAP T . -65.92 -32.50 19.81
O4B NAP T . -64.53 -32.79 19.99
C3B NAP T . -65.91 -31.47 18.67
O3B NAP T . -67.10 -30.71 18.70
C2B NAP T . -64.74 -30.66 19.05
O2B NAP T . -65.16 -29.66 19.96
C1B NAP T . -63.83 -31.58 19.87
N9A NAP T . -62.55 -31.85 19.32
C8A NAP T . -62.27 -32.05 18.04
N7A NAP T . -60.98 -32.28 17.86
C5A NAP T . -60.43 -32.16 19.07
C6A NAP T . -59.14 -32.15 19.54
N6A NAP T . -58.10 -32.40 18.80
N1A NAP T . -58.93 -32.02 20.84
C2A NAP T . -59.96 -31.68 21.61
N3A NAP T . -61.22 -31.64 21.23
C4A NAP T . -61.45 -31.84 19.99
O3 NAP T . -69.05 -35.69 18.73
PN NAP T . -70.33 -36.26 19.40
O1N NAP T . -71.19 -36.81 18.29
O2N NAP T . -70.89 -35.39 20.50
O5D NAP T . -69.72 -37.53 20.09
C5D NAP T . -69.00 -37.49 21.27
C4D NAP T . -68.44 -38.82 21.64
O4D NAP T . -69.57 -39.63 21.60
C3D NAP T . -67.38 -39.29 20.64
O3D NAP T . -66.29 -39.94 21.28
C2D NAP T . -68.23 -40.16 19.77
O2D NAP T . -67.50 -41.17 19.10
C1D NAP T . -69.25 -40.69 20.74
N1N NAP T . -70.42 -41.27 20.15
C2N NAP T . -71.25 -40.46 19.52
C3N NAP T . -72.38 -41.01 18.94
C7N NAP T . -73.31 -40.10 18.23
O7N NAP T . -73.17 -38.87 18.07
N7N NAP T . -74.38 -40.68 17.72
C4N NAP T . -72.58 -42.39 19.07
C5N NAP T . -71.68 -43.23 19.73
C6N NAP T . -70.57 -42.66 20.31
P2B NAP T . -64.37 -28.24 19.97
O1X NAP T . -64.66 -27.75 18.58
O2X NAP T . -64.95 -27.48 21.08
O3X NAP T . -62.93 -28.54 20.15
PA NAP U . 5.72 78.81 3.01
O1A NAP U . 6.62 79.58 2.11
O2A NAP U . 4.51 78.00 2.65
O5B NAP U . 6.76 77.79 3.71
C5B NAP U . 6.37 76.75 4.58
C4B NAP U . 7.40 75.63 4.45
O4B NAP U . 7.01 74.58 5.32
C3B NAP U . 7.29 74.98 3.07
O3B NAP U . 8.11 75.66 2.14
C2B NAP U . 7.83 73.62 3.35
O2B NAP U . 9.24 73.66 3.22
C1B NAP U . 7.60 73.39 4.86
N9A NAP U . 6.72 72.31 5.17
C8A NAP U . 5.61 71.96 4.52
N7A NAP U . 5.04 70.91 5.09
C5A NAP U . 5.85 70.55 6.08
C6A NAP U . 5.89 69.49 6.97
N6A NAP U . 4.97 68.58 7.04
N1A NAP U . 6.86 69.45 7.86
C2A NAP U . 7.87 70.32 7.78
N3A NAP U . 7.92 71.32 6.93
C4A NAP U . 6.95 71.45 6.09
O3 NAP U . 5.23 79.66 4.24
PN NAP U . 5.61 81.16 4.47
O1N NAP U . 4.65 81.98 3.67
O2N NAP U . 7.09 81.42 4.48
O5D NAP U . 5.11 81.31 5.95
C5D NAP U . 5.81 80.84 7.05
C4D NAP U . 5.06 81.02 8.32
O4D NAP U . 4.74 82.38 8.29
C3D NAP U . 3.79 80.16 8.36
O3D NAP U . 3.57 79.60 9.65
C2D NAP U . 2.77 81.17 7.91
O2D NAP U . 1.47 80.90 8.36
C1D NAP U . 3.35 82.46 8.45
N1N NAP U . 2.81 83.65 7.88
C2N NAP U . 3.10 83.90 6.62
C3N NAP U . 2.58 85.06 6.05
C7N NAP U . 2.89 85.36 4.63
O7N NAP U . 3.56 84.63 3.86
N7N NAP U . 2.44 86.51 4.18
C4N NAP U . 1.78 85.89 6.85
C5N NAP U . 1.49 85.58 8.20
C6N NAP U . 2.04 84.44 8.73
P2B NAP U . 10.02 72.33 2.74
O1X NAP U . 9.43 72.15 1.37
O2X NAP U . 11.45 72.67 2.81
O3X NAP U . 9.61 71.23 3.65
N1A COA V . -73.08 62.87 -15.81
C2A COA V . -72.70 61.66 -15.32
N3A COA V . -71.61 60.95 -15.61
C4A COA V . -70.85 61.58 -16.51
C5A COA V . -71.11 62.80 -17.11
C6A COA V . -72.29 63.47 -16.73
N6A COA V . -72.66 64.66 -17.20
N7A COA V . -70.08 63.13 -18.00
C8A COA V . -69.25 62.13 -17.92
N9A COA V . -69.65 61.15 -17.04
C1B COA V . -68.96 59.89 -16.69
C2B COA V . -69.60 58.64 -17.29
O2B COA V . -69.26 57.46 -16.60
C3B COA V . -68.99 58.67 -18.68
O3B COA V . -69.12 57.43 -19.37
P3B COA V . -70.02 57.48 -20.73
O7A COA V . -69.11 57.97 -21.82
O8A COA V . -71.21 58.40 -20.50
O9A COA V . -70.46 56.04 -20.96
C4B COA V . -67.53 58.99 -18.31
O4B COA V . -67.65 59.92 -17.21
C5B COA V . -66.67 59.58 -19.40
O5B COA V . -67.51 60.28 -20.37
P1A COA V . -67.08 61.66 -21.06
O1A COA V . -68.31 62.49 -21.30
O2A COA V . -66.15 61.40 -22.20
O3A COA V . -66.28 62.36 -19.86
P2A COA V . -64.84 63.04 -19.74
O4A COA V . -64.24 62.63 -18.44
O5A COA V . -64.05 62.79 -21.00
O6A COA V . -65.24 64.59 -19.71
CBP COA V . -65.76 66.17 -17.94
CCP COA V . -66.31 65.06 -18.84
CDP COA V . -64.93 65.53 -16.81
CEP COA V . -66.95 66.93 -17.30
CAP COA V . -64.88 67.13 -18.77
OAP COA V . -65.50 67.41 -20.03
C9P COA V . -64.56 68.44 -18.07
O9P COA V . -63.63 68.49 -17.28
N8P COA V . -65.31 69.49 -18.40
C7P COA V . -65.41 70.70 -17.59
C6P COA V . -64.42 71.75 -18.01
C5P COA V . -64.66 73.03 -17.26
O5P COA V . -65.67 73.70 -17.49
N4P COA V . -63.76 73.38 -16.32
C3P COA V . -63.40 74.76 -16.03
C2P COA V . -63.75 75.16 -14.62
S1P COA V . -63.74 76.96 -14.48
C9A FNR W . 14.52 67.75 -83.31
N10 FNR W . 13.53 66.78 -83.58
CAA FNR W . 12.45 66.65 -82.73
N1 FNR W . 11.33 65.95 -83.09
C2 FNR W . 10.20 65.92 -82.32
O2 FNR W . 9.22 65.28 -82.67
N3 FNR W . 10.25 66.59 -81.13
C4 FNR W . 11.33 67.35 -80.70
O4 FNR W . 11.26 67.91 -79.60
C4A FNR W . 12.46 67.36 -81.52
N5 FNR W . 13.58 68.03 -81.15
C5A FNR W . 14.52 68.39 -82.08
C6 FNR W . 15.45 69.36 -81.78
C7 FNR W . 16.34 69.78 -82.74
C7M FNR W . 17.29 70.90 -82.47
C8 FNR W . 16.33 69.12 -84.01
C8M FNR W . 17.33 69.51 -85.07
C9 FNR W . 15.44 68.13 -84.26
C1' FNR W . 13.47 66.20 -84.94
C2' FNR W . 12.85 67.20 -85.93
O2' FNR W . 11.48 67.43 -85.59
C3' FNR W . 12.96 66.69 -87.37
O3' FNR W . 12.39 65.39 -87.44
C4' FNR W . 14.40 66.65 -87.87
O4' FNR W . 15.12 67.82 -87.45
C5' FNR W . 14.45 66.60 -89.36
O5' FNR W . 15.79 66.39 -89.82
P FNR W . 16.71 67.64 -90.20
O1P FNR W . 17.14 68.12 -88.82
O2P FNR W . 17.81 67.00 -91.00
O3P FNR W . 15.98 68.71 -90.95
PA NAP X . 15.47 65.71 -69.99
O1A NAP X . 16.91 66.15 -69.97
O2A NAP X . 15.02 64.45 -69.30
O5B NAP X . 14.38 66.85 -69.68
C5B NAP X . 14.54 67.98 -68.87
C4B NAP X . 13.86 67.59 -67.58
O4B NAP X . 14.34 68.44 -66.55
C3B NAP X . 12.32 67.69 -67.59
O3B NAP X . 11.66 66.49 -68.01
C2B NAP X . 12.04 68.02 -66.13
O2B NAP X . 12.09 66.78 -65.43
C1B NAP X . 13.26 68.82 -65.70
N9A NAP X . 13.16 70.30 -65.73
C8A NAP X . 13.74 71.18 -66.59
N7A NAP X . 13.47 72.47 -66.23
C5A NAP X . 12.70 72.40 -65.11
C6A NAP X . 12.07 73.36 -64.21
N6A NAP X . 12.22 74.69 -64.48
N1A NAP X . 11.39 72.91 -63.14
C2A NAP X . 11.23 71.58 -62.89
N3A NAP X . 11.77 70.62 -63.67
C4A NAP X . 12.51 70.98 -64.76
O3 NAP X . 15.10 65.68 -71.58
PN NAP X . 15.41 66.92 -72.61
O1N NAP X . 16.58 66.43 -73.45
O2N NAP X . 15.51 68.28 -71.96
O5D NAP X . 14.08 66.95 -73.54
C5D NAP X . 12.75 67.06 -73.04
C4D NAP X . 11.82 66.18 -73.89
O4D NAP X . 11.95 66.56 -75.28
C3D NAP X . 12.17 64.69 -73.78
O3D NAP X . 10.98 63.88 -73.62
C2D NAP X . 12.94 64.39 -75.07
O2D NAP X . 12.82 63.02 -75.52
C1D NAP X . 12.31 65.40 -76.04
N1N NAP X . 13.18 65.71 -77.19
C2N NAP X . 13.02 64.99 -78.32
C3N NAP X . 13.81 65.22 -79.44
C7N NAP X . 13.65 64.43 -80.71
O7N NAP X . 14.50 64.56 -81.60
N7N NAP X . 12.63 63.55 -80.87
C4N NAP X . 14.81 66.21 -79.37
C5N NAP X . 14.95 66.97 -78.19
C6N NAP X . 14.13 66.68 -77.11
P2B NAP X . 11.08 66.32 -64.26
O1X NAP X . 9.72 66.53 -64.89
O2X NAP X . 11.51 64.88 -64.06
O3X NAP X . 11.37 67.22 -63.07
N1A COA Y . -49.48 -13.57 83.23
C2A COA Y . -49.06 -12.70 82.30
N3A COA Y . -48.05 -12.82 81.42
C4A COA Y . -47.43 -14.00 81.57
C5A COA Y . -47.74 -14.99 82.48
C6A COA Y . -48.83 -14.76 83.35
N6A COA Y . -49.25 -15.62 84.27
N7A COA Y . -46.88 -16.08 82.33
C8A COA Y . -46.09 -15.72 81.34
N9A COA Y . -46.38 -14.47 80.84
C1B COA Y . -45.71 -13.76 79.73
C2B COA Y . -44.83 -12.59 80.18
O2B COA Y . -44.61 -11.65 79.15
C3B COA Y . -43.55 -13.35 80.53
O3B COA Y . -42.42 -12.48 80.65
P3B COA Y . -41.69 -12.47 82.10
O7A COA Y . -40.77 -13.69 82.12
O8A COA Y . -42.73 -12.52 83.19
O9A COA Y . -40.89 -11.18 82.13
C4B COA Y . -43.47 -14.29 79.33
O4B COA Y . -44.84 -14.66 79.06
C5B COA Y . -42.62 -15.53 79.51
O5B COA Y . -42.65 -15.94 80.91
P1A COA Y . -42.65 -17.49 81.35
O1A COA Y . -43.34 -17.63 82.67
O2A COA Y . -41.27 -18.05 81.18
O3A COA Y . -43.61 -18.12 80.24
P2A COA Y . -43.55 -19.43 79.34
O4A COA Y . -44.09 -19.09 77.98
O5A COA Y . -42.19 -20.05 79.44
O6A COA Y . -44.58 -20.38 80.12
CBP COA Y . -46.97 -20.78 79.93
CCP COA Y . -45.88 -19.89 80.53
CDP COA Y . -47.16 -20.40 78.45
CEP COA Y . -48.29 -20.52 80.67
CAP COA Y . -46.55 -22.26 80.04
OAP COA Y . -45.98 -22.53 81.32
C9P COA Y . -47.67 -23.25 79.79
O9P COA Y . -47.96 -23.56 78.63
N8P COA Y . -48.28 -23.76 80.86
C7P COA Y . -49.58 -24.40 80.82
C6P COA Y . -49.47 -25.89 80.64
C5P COA Y . -50.84 -26.53 80.78
O5P COA Y . -51.40 -26.56 81.86
N4P COA Y . -51.40 -27.01 79.65
C3P COA Y . -52.25 -28.19 79.62
C2P COA Y . -53.65 -27.88 79.19
S1P COA Y . -54.75 -29.25 79.65
C9A FNR Z . 30.63 -85.93 58.49
N10 FNR Z . 30.99 -84.70 59.09
CAA FNR Z . 30.04 -83.75 59.37
N1 FNR Z . 30.27 -82.70 60.21
C2 FNR Z . 29.31 -81.82 60.59
O2 FNR Z . 29.56 -80.90 61.35
N3 FNR Z . 28.06 -82.02 60.07
C4 FNR Z . 27.71 -83.07 59.23
O4 FNR Z . 26.55 -83.13 58.81
C4A FNR Z . 28.72 -83.94 58.86
N5 FNR Z . 28.50 -84.98 58.02
C5A FNR Z . 29.34 -86.05 57.96
C6 FNR Z . 28.92 -87.24 57.39
C7 FNR Z . 29.74 -88.33 57.40
C7M FNR Z . 29.26 -89.64 56.88
C8 FNR Z . 31.05 -88.20 57.95
C8M FNR Z . 32.00 -89.37 57.94
C9 FNR Z . 31.46 -87.01 58.47
C1' FNR Z . 32.31 -84.62 59.76
C2' FNR Z . 32.27 -85.36 61.11
O2' FNR Z . 31.39 -84.70 62.02
C3' FNR Z . 33.67 -85.48 61.72
O3' FNR Z . 34.23 -84.18 61.81
C4' FNR Z . 34.60 -86.38 60.92
O4' FNR Z . 33.91 -87.56 60.49
C5' FNR Z . 35.77 -86.82 61.75
O5' FNR Z . 36.71 -87.53 60.94
P FNR Z . 36.66 -89.11 60.85
O1P FNR Z . 35.51 -89.32 59.87
O2P FNR Z . 38.01 -89.46 60.31
O3P FNR Z . 36.36 -89.78 62.16
PA NAP AA . 22.07 -80.84 49.36
O1A NAP AA . 22.36 -81.95 48.38
O2A NAP AA . 22.06 -79.39 48.91
O5B NAP AA . 20.81 -81.04 50.34
C5B NAP AA . 19.64 -81.77 50.07
C4B NAP AA . 18.65 -80.68 49.71
O4B NAP AA . 17.57 -81.30 48.99
C3B NAP AA . 18.04 -79.92 50.88
O3B NAP AA . 18.79 -78.76 51.28
C2B NAP AA . 16.68 -79.55 50.33
O2B NAP AA . 16.84 -78.41 49.50
C1B NAP AA . 16.33 -80.74 49.43
N9A NAP AA . 15.50 -81.84 49.96
C8A NAP AA . 15.88 -83.11 50.30
N7A NAP AA . 14.80 -83.86 50.69
C5A NAP AA . 13.73 -83.05 50.58
C6A NAP AA . 12.28 -83.18 50.82
N6A NAP AA . 11.81 -84.38 51.26
N1A NAP AA . 11.48 -82.12 50.56
C2A NAP AA . 11.97 -80.92 50.13
N3A NAP AA . 13.28 -80.72 49.89
C4A NAP AA . 14.18 -81.73 50.09
O3 NAP AA . 23.15 -81.07 50.56
PN NAP AA . 23.37 -82.51 51.30
O1N NAP AA . 24.71 -82.99 50.78
O2N NAP AA . 22.18 -83.46 51.22
O5D NAP AA . 23.53 -82.12 52.85
C5D NAP AA . 22.62 -81.29 53.59
C4D NAP AA . 23.41 -80.36 54.52
O4D NAP AA . 24.30 -81.16 55.33
C3D NAP AA . 24.29 -79.36 53.73
O3D NAP AA . 24.18 -78.03 54.28
C2D NAP AA . 25.70 -79.95 53.82
O2D NAP AA . 26.74 -78.95 53.75
C1D NAP AA . 25.65 -80.68 55.17
N1N NAP AA . 26.65 -81.75 55.27
C2N NAP AA . 27.84 -81.44 55.85
C3N NAP AA . 28.85 -82.39 55.99
C7N NAP AA . 30.18 -82.06 56.62
O7N NAP AA . 31.09 -82.90 56.55
N7N NAP AA . 30.39 -80.87 57.22
C4N NAP AA . 28.61 -83.70 55.49
C5N NAP AA . 27.37 -84.01 54.92
C6N NAP AA . 26.41 -83.00 54.81
P2B NAP AA . 15.84 -77.16 49.41
O1X NAP AA . 15.69 -76.73 50.86
O2X NAP AA . 16.61 -76.21 48.51
O3X NAP AA . 14.56 -77.68 48.79
N1A COA BA . 58.91 -75.45 20.40
C2A COA BA . 57.66 -75.05 20.19
N3A COA BA . 57.14 -73.82 20.27
C4A COA BA . 58.08 -72.93 20.62
C5A COA BA . 59.42 -73.20 20.87
C6A COA BA . 59.85 -74.53 20.76
N6A COA BA . 61.09 -74.92 20.93
N7A COA BA . 60.08 -72.02 21.19
C8A COA BA . 59.16 -71.08 21.13
N9A COA BA . 57.92 -71.58 20.79
C1B COA BA . 56.66 -70.84 20.59
C2B COA BA . 55.62 -71.02 21.69
O2B COA BA . 54.30 -70.80 21.21
C3B COA BA . 56.10 -69.96 22.66
O3B COA BA . 55.14 -69.66 23.68
P3B COA BA . 55.61 -70.03 25.20
O7A COA BA . 56.45 -68.86 25.68
O8A COA BA . 56.39 -71.33 25.18
O9A COA BA . 54.32 -70.16 25.99
C4B COA BA . 56.32 -68.81 21.69
O4B COA BA . 56.94 -69.46 20.55
C5B COA BA . 57.19 -67.66 22.16
O5B COA BA . 58.13 -68.13 23.18
P1A COA BA . 59.71 -67.88 23.12
O1A COA BA . 60.41 -69.17 23.37
O2A COA BA . 60.06 -66.71 23.98
O3A COA BA . 59.96 -67.49 21.59
P2A COA BA . 60.90 -66.39 20.89
O4A COA BA . 60.32 -66.08 19.55
O5A COA BA . 61.14 -65.28 21.84
O6A COA BA . 62.28 -67.20 20.71
CBP COA BA . 63.10 -68.48 18.80
CCP COA BA . 62.31 -68.53 20.11
CDP COA BA . 62.19 -67.93 17.68
CEP COA BA . 63.51 -69.92 18.42
CAP COA BA . 64.34 -67.59 18.96
OAP COA BA . 64.99 -67.83 20.21
C9P COA BA . 65.36 -67.71 17.84
O9P COA BA . 65.19 -67.09 16.80
N8P COA BA . 66.41 -68.49 18.07
C7P COA BA . 67.24 -69.07 17.02
C6P COA BA . 68.45 -68.24 16.74
C5P COA BA . 69.37 -68.95 15.76
O5P COA BA . 70.02 -69.91 16.11
N4P COA BA . 69.40 -68.48 14.51
C3P COA BA . 70.61 -68.42 13.70
C2P COA BA . 70.51 -69.26 12.45
S1P COA BA . 72.16 -69.57 11.79
C9A FNR CA . 93.12 25.93 48.97
N10 FNR CA . 92.23 25.26 49.84
CAA FNR CA . 91.74 24.02 49.49
N1 FNR CA . 91.12 23.20 50.39
C2 FNR CA . 90.74 21.93 50.11
O2 FNR CA . 90.19 21.24 50.95
N3 FNR CA . 90.98 21.49 48.83
C4 FNR CA . 91.61 22.23 47.85
O4 FNR CA . 91.75 21.73 46.73
C4A FNR CA . 91.99 23.53 48.19
N5 FNR CA . 92.58 24.35 47.28
C5A FNR CA . 93.31 25.45 47.66
C6 FNR CA . 94.18 26.05 46.80
C7 FNR CA . 94.96 27.09 47.23
C7M FNR CA . 95.99 27.70 46.33
C8 FNR CA . 94.79 27.59 48.55
C8M FNR CA . 95.58 28.76 49.03
C9 FNR CA . 93.87 27.01 49.38
C1' FNR CA . 92.14 25.73 51.24
C2' FNR CA . 93.38 25.24 52.04
O2' FNR CA . 93.38 23.82 52.14
C3' FNR CA . 93.40 25.87 53.43
O3' FNR CA . 92.18 25.60 54.09
C4' FNR CA . 93.64 27.37 53.40
O4' FNR CA . 94.65 27.71 52.43
C5' FNR CA . 94.12 27.88 54.73
O5' FNR CA . 94.18 29.31 54.74
P FNR CA . 95.54 30.06 54.37
O1P FNR CA . 95.56 29.95 52.86
O2P FNR CA . 95.31 31.45 54.90
O3P FNR CA . 96.75 29.40 54.97
PA NAP DA . 86.74 23.17 37.39
O1A NAP DA . 87.19 24.47 36.76
O2A NAP DA . 85.32 22.68 37.29
O5B NAP DA . 87.70 21.90 37.15
C5B NAP DA . 88.44 21.58 36.00
C4B NAP DA . 87.53 20.65 35.23
O4B NAP DA . 88.01 20.64 33.88
C3B NAP DA . 87.49 19.19 35.73
O3B NAP DA . 86.45 18.96 36.69
C2B NAP DA . 87.27 18.44 34.43
O2B NAP DA . 85.87 18.52 34.13
C1B NAP DA . 88.00 19.29 33.40
N9A NAP DA . 89.38 18.93 33.01
C8A NAP DA . 90.55 19.57 33.31
N7A NAP DA . 91.61 18.96 32.69
C5A NAP DA . 91.10 17.92 31.99
C6A NAP DA . 91.65 16.87 31.11
N6A NAP DA . 93.00 16.85 30.90
N1A NAP DA . 90.80 16.00 30.53
C2A NAP DA . 89.46 16.03 30.76
N3A NAP DA . 88.87 16.96 31.55
C4A NAP DA . 89.63 17.91 32.17
O3 NAP DA . 87.19 23.34 38.95
PN NAP DA . 88.72 23.73 39.40
O1N NAP DA . 88.60 25.15 39.92
O2N NAP DA . 89.80 23.42 38.39
O5D NAP DA . 89.01 22.74 40.66
C5D NAP DA . 88.80 21.32 40.64
C4D NAP DA . 88.21 20.87 41.98
O4D NAP DA . 89.05 21.34 43.05
C3D NAP DA . 86.80 21.46 42.20
O3D NAP DA . 85.87 20.46 42.70
C2D NAP DA . 87.03 22.61 43.19
O2D NAP DA . 85.90 22.89 44.03
C1D NAP DA . 88.26 22.12 43.96
N1N NAP DA . 89.01 23.22 44.58
C2N NAP DA . 88.71 23.54 45.86
C3N NAP DA . 89.37 24.58 46.53
C7N NAP DA . 89.04 24.95 47.96
O7N NAP DA . 89.53 25.98 48.42
N7N NAP DA . 88.20 24.20 48.70
C4N NAP DA . 90.35 25.32 45.83
C5N NAP DA . 90.66 24.97 44.50
C6N NAP DA . 89.96 23.92 43.90
P2B NAP DA . 84.96 17.31 33.62
O1X NAP DA . 85.25 16.21 34.63
O2X NAP DA . 83.57 17.92 33.71
O3X NAP DA . 85.40 16.99 32.21
N1A COA EA . 47.74 32.48 -79.05
C2A COA EA . 47.24 32.80 -77.84
N3A COA EA . 46.29 32.17 -77.13
C4A COA EA . 45.85 31.08 -77.78
C5A COA EA . 46.27 30.63 -79.03
C6A COA EA . 47.26 31.39 -79.68
N6A COA EA . 47.78 31.05 -80.86
N7A COA EA . 45.59 29.47 -79.37
C8A COA EA . 44.79 29.23 -78.35
N9A COA EA . 44.90 30.19 -77.36
C1B COA EA . 44.21 30.24 -76.06
C2B COA EA . 43.11 31.30 -75.94
O2B COA EA . 42.85 31.64 -74.60
C3B COA EA . 41.97 30.53 -76.61
O3B COA EA . 40.69 31.15 -76.39
P3B COA EA . 39.89 31.59 -77.73
O7A COA EA . 39.22 30.34 -78.26
O8A COA EA . 40.87 32.17 -78.73
O9A COA EA . 38.88 32.63 -77.27
C4B COA EA . 42.11 29.19 -75.92
O4B COA EA . 43.55 29.01 -75.84
C5B COA EA . 41.48 28.00 -76.59
O5B COA EA . 41.46 28.21 -78.04
P1A COA EA . 41.73 27.03 -79.09
O1A COA EA . 42.35 27.61 -80.33
O2A COA EA . 40.51 26.20 -79.24
O3A COA EA . 42.86 26.18 -78.33
P2A COA EA . 43.08 24.62 -78.08
O4A COA EA . 43.65 24.45 -76.71
O5A COA EA . 41.84 23.86 -78.45
O6A COA EA . 44.20 24.30 -79.19
CBP COA EA . 46.63 24.30 -79.13
CCP COA EA . 45.37 25.15 -79.33
CDP COA EA . 46.84 24.03 -77.62
CEP COA EA . 47.85 25.08 -79.66
CAP COA EA . 46.47 22.96 -79.88
OAP COA EA . 45.91 23.17 -81.17
C9P COA EA . 47.76 22.16 -80.03
O9P COA EA . 48.13 21.45 -79.10
N8P COA EA . 48.39 22.27 -81.19
C7P COA EA . 49.80 21.94 -81.37
C6P COA EA . 49.99 20.55 -81.88
C5P COA EA . 51.45 20.30 -82.19
O5P COA EA . 51.95 20.80 -83.19
N4P COA EA . 52.15 19.53 -81.34
C3P COA EA . 53.17 18.59 -81.76
C2P COA EA . 54.52 18.92 -81.20
S1P COA EA . 55.80 18.05 -82.14
C9A FNR FA . -16.98 -56.59 -90.84
N10 FNR FA . -17.59 -55.31 -90.88
CAA FNR FA . -16.82 -54.18 -90.68
N1 FNR FA . -17.28 -52.93 -91.00
C2 FNR FA . -16.50 -51.82 -90.93
O2 FNR FA . -16.96 -50.72 -91.22
N3 FNR FA . -15.22 -51.99 -90.49
C4 FNR FA . -14.66 -53.21 -90.17
O4 FNR FA . -13.49 -53.24 -89.76
C4A FNR FA . -15.49 -54.34 -90.26
N5 FNR FA . -15.04 -55.58 -89.92
C5A FNR FA . -15.67 -56.70 -90.36
C6 FNR FA . -15.03 -57.92 -90.33
C7 FNR FA . -15.63 -59.03 -90.85
C7M FNR FA . -14.92 -60.34 -90.91
C8 FNR FA . -16.97 -58.92 -91.35
C8M FNR FA . -17.69 -60.13 -91.86
C9 FNR FA . -17.61 -57.72 -91.31
C1' FNR FA . -18.93 -55.20 -91.50
C2' FNR FA . -18.81 -55.27 -93.04
O2' FNR FA . -18.10 -54.13 -93.53
C3' FNR FA . -20.20 -55.34 -93.68
O3' FNR FA . -20.98 -54.26 -93.24
C4' FNR FA . -20.91 -56.66 -93.39
O4' FNR FA . -20.01 -57.76 -93.47
C5' FNR FA . -22.02 -56.92 -94.38
O5' FNR FA . -22.79 -58.06 -94.00
P FNR FA . -22.42 -59.50 -94.58
O1P FNR FA . -21.23 -59.88 -93.72
O2P FNR FA . -23.67 -60.30 -94.30
O3P FNR FA . -22.07 -59.47 -96.04
PA NAP GA . -9.11 -54.44 -80.07
O1A NAP GA . -9.17 -55.89 -79.66
O2A NAP GA . -9.31 -53.32 -79.08
O5B NAP GA . -7.87 -54.02 -81.02
C5B NAP GA . -6.57 -54.54 -81.02
C4B NAP GA . -5.80 -53.55 -80.16
O4B NAP GA . -4.60 -54.22 -79.74
C3B NAP GA . -5.39 -52.26 -80.87
O3B NAP GA . -6.35 -51.20 -80.74
C2B NAP GA . -4.08 -51.93 -80.18
O2B NAP GA . -4.40 -51.31 -78.93
C1B NAP GA . -3.50 -53.32 -79.85
N9A NAP GA . -2.50 -53.90 -80.78
C8A NAP GA . -2.66 -54.95 -81.63
N7A NAP GA . -1.47 -55.25 -82.25
C5A NAP GA . -0.56 -54.37 -81.77
C6A NAP GA . 0.87 -54.12 -81.99
N6A NAP GA . 1.53 -54.91 -82.88
N1A NAP GA . 1.48 -53.16 -81.27
C2A NAP GA . 0.81 -52.37 -80.39
N3A NAP GA . -0.51 -52.54 -80.14
C4A NAP GA . -1.22 -53.51 -80.79
O3 NAP GA . -10.18 -54.35 -81.29
PN NAP GA . -10.18 -55.35 -82.59
O1N NAP GA . -11.38 -56.25 -82.38
O2N NAP GA . -8.84 -55.99 -82.90
O5D NAP GA . -10.49 -54.36 -83.83
C5D NAP GA . -9.76 -53.15 -84.10
C4D NAP GA . -10.74 -52.06 -84.59
O4D NAP GA . -11.50 -52.58 -85.70
C3D NAP GA . -11.76 -51.67 -83.48
O3D NAP GA . -11.91 -50.25 -83.39
C2D NAP GA . -13.04 -52.40 -83.88
O2D NAP GA . -14.24 -51.74 -83.43
C1D NAP GA . -12.90 -52.47 -85.40
N1N NAP GA . -13.70 -53.56 -85.99
C2N NAP GA . -14.95 -53.24 -86.42
C3N NAP GA . -15.78 -54.21 -87.00
C7N NAP GA . -17.18 -53.89 -87.47
O7N NAP GA . -17.91 -54.83 -87.81
N7N NAP GA . -17.63 -52.62 -87.51
C4N NAP GA . -15.30 -55.55 -87.09
C5N NAP GA . -13.99 -55.84 -86.66
C6N NAP GA . -13.22 -54.81 -86.09
P2B NAP GA . -3.70 -50.00 -78.32
O1X NAP GA . -3.70 -49.04 -79.49
O2X NAP GA . -4.63 -49.68 -77.18
O3X NAP GA . -2.31 -50.43 -77.87
N1A COA HA . -45.41 -68.88 -53.09
C2A COA HA . -44.20 -68.42 -52.75
N3A COA HA . -43.84 -67.19 -52.36
C4A COA HA . -44.91 -66.38 -52.32
C5A COA HA . -46.21 -66.71 -52.65
C6A COA HA . -46.46 -68.03 -53.05
N6A COA HA . -47.67 -68.49 -53.36
N7A COA HA . -47.03 -65.59 -52.49
C8A COA HA . -46.23 -64.64 -52.07
N9A COA HA . -44.92 -65.06 -51.96
C1B COA HA . -43.75 -64.29 -51.53
C2B COA HA . -42.92 -63.73 -52.68
O2B COA HA . -41.55 -63.61 -52.33
C3B COA HA . -43.59 -62.40 -52.93
O3B COA HA . -42.75 -61.48 -53.63
P3B COA HA . -43.06 -61.39 -55.23
O7A COA HA . -44.24 -60.43 -55.37
O8A COA HA . -43.38 -62.78 -55.75
O9A COA HA . -41.80 -60.83 -55.85
C4B COA HA . -43.86 -61.94 -51.50
O4B COA HA . -44.19 -63.16 -50.79
C5B COA HA . -44.97 -60.93 -51.32
O5B COA HA . -45.80 -60.88 -52.53
P1A COA HA . -47.41 -60.97 -52.55
O1A COA HA . -47.82 -62.07 -53.47
O2A COA HA . -47.98 -59.60 -52.78
O3A COA HA . -47.75 -61.42 -51.06
P2A COA HA . -48.68 -60.83 -49.91
O4A COA HA . -47.96 -60.98 -48.60
O5A COA HA . -49.19 -59.49 -50.30
O6A COA HA . -49.92 -61.86 -49.96
CBP COA HA . -50.42 -63.97 -48.85
CCP COA HA . -49.71 -63.30 -50.03
CDP COA HA . -49.56 -63.79 -47.59
CEP COA HA . -50.53 -65.47 -49.15
CAP COA HA . -51.82 -63.34 -48.65
OAP COA HA . -52.46 -63.14 -49.91
C9P COA HA . -52.75 -64.14 -47.75
O9P COA HA . -52.67 -64.00 -46.53
N8P COA HA . -53.63 -64.92 -48.35
C7P COA HA . -54.31 -66.02 -47.68
C6P COA HA . -55.64 -65.61 -47.12
C5P COA HA . -56.38 -66.81 -46.57
O5P COA HA . -56.85 -67.65 -47.33
N4P COA HA . -56.46 -66.91 -45.23
C3P COA HA . -57.62 -67.46 -44.54
C2P COA HA . -57.30 -68.70 -43.76
S1P COA HA . -58.83 -69.59 -43.38
C9A FNR IA . -98.21 27.12 -36.93
N10 FNR IA . -97.24 27.06 -37.96
CAA FNR IA . -96.52 25.90 -38.15
N1 FNR IA . -95.80 25.68 -39.30
C2 FNR IA . -95.18 24.49 -39.57
O2 FNR IA . -94.55 24.33 -40.60
N3 FNR IA . -95.29 23.52 -38.61
C4 FNR IA . -96.02 23.64 -37.45
O4 FNR IA . -96.01 22.69 -36.66
C4A FNR IA . -96.62 24.87 -37.20
N5 FNR IA . -97.32 25.09 -36.05
C5A FNR IA . -98.24 26.10 -35.97
C6 FNR IA . -99.19 26.10 -34.97
C7 FNR IA . -100.15 27.07 -34.93
C7M FNR IA . -101.24 27.03 -33.91
C8 FNR IA . -100.13 28.10 -35.91
C8M FNR IA . -101.14 29.22 -35.88
C9 FNR IA . -99.16 28.12 -36.87
C1' FNR IA . -97.29 28.08 -39.02
C2' FNR IA . -98.45 27.77 -40.00
O2' FNR IA . -98.20 26.56 -40.70
C3' FNR IA . -98.64 28.92 -40.99
O3' FNR IA . -97.42 29.18 -41.64
C4' FNR IA . -99.16 30.20 -40.33
O4' FNR IA . -100.17 29.90 -39.35
C5' FNR IA . -99.77 31.13 -41.34
O5' FNR IA . -100.09 32.39 -40.72
P FNR IA . -101.54 32.66 -40.15
O1P FNR IA . -101.48 31.91 -38.82
O2P FNR IA . -101.59 34.15 -40.02
O3P FNR IA . -102.64 32.10 -41.02
PA NAP JA . -90.95 20.89 -27.38
O1A NAP JA . -91.60 21.67 -26.28
O2A NAP JA . -89.45 20.70 -27.44
O5B NAP JA . -91.62 19.47 -27.76
C5B NAP JA . -92.25 18.57 -26.89
C4B NAP JA . -91.18 17.56 -26.56
O4B NAP JA . -91.59 16.88 -25.37
C3B NAP JA . -90.91 16.49 -27.64
O3B NAP JA . -89.89 16.87 -28.56
C2B NAP JA . -90.52 15.30 -26.78
O2B NAP JA . -89.14 15.46 -26.45
C1B NAP JA . -91.32 15.48 -25.51
N9A NAP JA . -92.60 14.76 -25.36
C8A NAP JA . -93.87 15.24 -25.42
N7A NAP JA . -94.78 14.25 -25.17
C5A NAP JA . -94.07 13.12 -24.95
C6A NAP JA . -94.39 11.72 -24.62
N6A NAP JA . -95.70 11.37 -24.50
N1A NAP JA . -93.38 10.86 -24.43
C2A NAP JA . -92.07 11.22 -24.56
N3A NAP JA . -91.69 12.47 -24.86
C4A NAP JA . -92.64 13.45 -25.05
O3 NAP JA . -91.50 21.60 -28.75
PN NAP JA . -93.08 21.86 -29.05
O1N NAP JA . -93.24 23.37 -28.92
O2N NAP JA . -94.03 20.95 -28.31
O5D NAP JA . -93.23 21.47 -30.62
C5D NAP JA . -92.79 20.24 -31.20
C4D NAP JA . -92.17 20.53 -32.58
O4D NAP JA . -93.13 21.26 -33.38
C3D NAP JA . -90.91 21.41 -32.49
O3D NAP JA . -89.86 20.90 -33.33
C2D NAP JA . -91.38 22.81 -32.87
O2D NAP JA . -90.35 23.62 -33.46
C1D NAP JA . -92.53 22.48 -33.84
N1N NAP JA . -93.50 23.59 -33.95
C2N NAP JA . -93.31 24.47 -34.96
C3N NAP JA . -94.18 25.55 -35.14
C7N NAP JA . -93.99 26.55 -36.26
O7N NAP JA . -94.68 27.58 -36.25
N7N NAP JA . -93.07 26.35 -37.23
C4N NAP JA . -95.25 25.72 -34.24
C5N NAP JA . -95.43 24.78 -33.22
C6N NAP JA . -94.51 23.73 -33.09
P2B NAP JA . -88.02 14.31 -26.43
O1X NAP JA . -88.21 13.62 -27.76
O2X NAP JA . -86.76 15.12 -26.28
O3X NAP JA . -88.32 13.43 -25.23
#